data_9D47
#
_entry.id   9D47
#
_cell.length_a   1.00
_cell.length_b   1.00
_cell.length_c   1.00
_cell.angle_alpha   90.00
_cell.angle_beta   90.00
_cell.angle_gamma   90.00
#
_symmetry.space_group_name_H-M   'P 1'
#
loop_
_entity.id
_entity.type
_entity.pdbx_description
1 polymer 'Fatty acid synthase subunit beta'
2 polymer 'Fatty acid synthase subunit alpha'
3 non-polymer 'FLAVIN MONONUCLEOTIDE'
4 non-polymer Palmitoyl-CoA
5 water water
#
loop_
_entity_poly.entity_id
_entity_poly.type
_entity_poly.pdbx_seq_one_letter_code
_entity_poly.pdbx_strand_id
1 'polypeptide(L)'
;MSTHRPFQLTHGSIEHTLLVPNDLFFNYSQLKDEFIKTLPEPTEGFAGDDEPSSPAELYGKFIGFISNAQFPQIVELSLK
DFESRFLDNNNDNIHSFAVKLLDDETYPTTIAKVKENIVKNYYKAVKSINKVESNLLYHCKHDAKLVAIFGGQGNTDDYF
EELRELYTLYQGLIEDLLVSIAEKLNQLHPSFDKIYTQGLNILSWLKHPETTPDQDYLLSVPVSCPVICVIQLCHYTITC
KVLGLTPGEFRNSLKWSTGHSQGLVTAVTIAASDSWDSFLKNSLTAVSLLLFIGSRCLSTYPRTSLPPTMLQDSLDNGEG
RPSPMLSVRDLSIKQVEKFIEQTNSHLPREKHIAISLINGARNLVLSGPPESLYGFNLNLRNQKAPMGLDQSRVPFSERK
LKCSNRFLPIFAPFHSHLLADATELILDDVKEHGLSFEGLKIPVYDTFDGSDFQALKEPIIDRVVKLITELPVHWEEATN
HKATHILDFGPGGVSGLGVLTHRNKEGTGARIILAGTLDSNPIDDEYGFKHEIFQTSADKAIKWAPDWLKELRPTLVKNS
EGKIYVKTKFSQLLGRAPLMVAGMTPTTVNTDIVSASLNAGYHIELAGGGYFSPVMMTRAIDDIVSRIKPGYGLGINLIY
VNPFMLQWGIPLIKDLREKGYPIQSLTIGAGVPSIEVATEYIEDLGLTHLGLKPGSVDAISQVIAIAKAHPTFPIVLQWT
GGRGGGHHSFEDFHQPIIQMYSKIRRCSNIVLVAGSGFGSDEDTYPYLSGYWSEKFNYPPMPFDGVLFGSRVMTSKESHT
SLAAKKLIVECKGVPDQQWEQTYKKPTGGIITVRSEMGEPIHKIATRGVMFWKELDDTIFNLPKNKLLDALNKKRDHIIK
KLNNDFQKPWFGKNANGVCDLQEMTYKEVANRLVELMYVKKSHRWIDVSLRNMYGDFLRRVEERFTSSAGTVSLLQNFNQ
LNEPEQFTADFFEKFPQAGKQLISEEDCDYFLMLAARPGQKPVPFVPVLDERFEFFFKKDSLWQSEDLESVVDEDVQRTC
ILHGPVASQYTSKVDEPIGDILNSIHEGHIARLIKEEYAGDESKIPVVEYFGGKKPASVSATSVNIIDGNQVVYEIDSEL
PNKQEWLDLLAGTELNWLQAFISTDRIVQGSKHVSNPLHDILTPAKHSKVTIDKKTKKLTAFENIKGDLLPVVEIELVKP
NTIQLSLIEHRTADTNPVALPFLYKYNPADGFAPILEIMEDRNERIKEFYWKLWFGSSVPYSNDINVEKAILGDEITISS
QTISEFTHAIGNKCDAFVDRPGKATLAPMDFAIVIGWKAIIKAIFPKSVDGDLLKLVHLSNGYKMITGAAPLKKGDVVST
KAEIKAVLNQPSGKLVEVVGTIYREGKPVMEVTSQFLYRGEYNDYCNTFQKVTETPVQVAFKSAKDLAVLRSKEWFHLEK
DVQFDVLTFRCESTYKFKSANVYSSIKTTGQVLLELPTKEVIQVGSVDYEAGTSYGNPVTDYLSRNGKTIEESVIFENAI
PLSSGEELTSKAPGTNEPYAIVSGDYNPIHVSRVFAAYAKLPGTITHGMYSSASIRALVEEWAANNVAARVRAFKCDFVG
MVLPNDTLQTTMEHVGMINGRKIIKVETRNVETELPVLIGEAEIEQPTTTYVFTGQGSQEQGMGMELYNSSEVAREVWDK
ADRHFVNNYGFSILDIVQNNPNELTIHFGGAKGRAIRDNYIGMMFETIGEDGALKSEKIFKDIDETTTSYTFVSPTGLLS
ATQFTQPALTLMEKAAYEDIKSKGLIPSDIMFAGHSLGEYSALSSLANVMPIESLVDVVFYRGMTMQVAVPRDELGRSNY
GMVAVNPSRVSATFDDSALRFVVDEVANKTKWLLEIVNYNVENQQYVAAGDLRALDTLTNVLNVLKINKIDIVKLQEQMS
IEKVKEHLYEIVDEVAAKSLAKPQPIDLERGFAVIPLKGISVPFHSSYLMSGVKPFQRFLCKKIPKSSVKPQDLIGKYIP
NLTAKPFELTKEYFQSVYDLTKSEKIKSILDNWEQYE
;
A,E,I,M,Q,U
2 'polypeptide(L)'
;MKPEIEQELSHTLLTELLAYQFASPVRWIETQDVFLKQHNTERIIEIGPSPTLAGMANRTIKAKYESYDAALSLQRQVLC
YSKDAKEIYYKPDPADLAPKETPKQEESTPSAPAAATPTPAAAAAPTPAPAPASAGPVESIPDEPVKANLLIHVLVAQKL
KKPLDAVPMTKAIKDLVNGKSTVQNEILGDLGKEFGSTPEKPEDTPLEELAEQFQDSFSGQLGKTSTSLIGRLMSSKMPG
GFSITTARKYLESRFGLGAGRQDSVLLMALTNEPANRLGSEADAKTFFDGIAQKYASSAGISLSSGAGSGAGAANSGGAV
VDSAALDALTAENKKLAKQQLEVLARYLQSRLKQGSLKSFIKEKEASAVLQKELDLWEAEHGEFYAKGIQPTFSALKSRT
YDSYWNWARQDVLSMYFDIIFGKLTSVDRETINQCIQIMNRANPTLIKFMQYHIDHCPEYKGETYKLAKRLGQQLIDNCK
QVLTEDPVYKDVSRITGPKTKVSAKGNIEYEETQKDSVRKFEQYVYEMAQGGAMTKVSQPTIQEDLARVYKAISKQASKD
SKLELQRVYEDLLKVVESSKEIETEQLTKDILQAATVPTTPTEEVDDPCTPSSDDEIASLPDKTSIIQPVSSTIPSQTIP
FLHIQKKTKDGWEYNKKLSSLYLDGLESAAINGLTFKDKYVLVTGAGAGSIGAEILQGLISGGAKVIVTTSRFSKKVTEY
YQNMYARYGAAGSTLIVVPFNQGSKQDVDALVQYIYDEPKKGGLGWDLDAIIPFAAIPENGNGLDNIDSKSEFAHRIMLT
NLLRLLGAVKSKKPTDTRPAQCILPLSPNHGTFGFDGLYSESKISLETLFNRWYSEDWGSKLTVCGAVIGWTRGTGLMSA
NNIIAEGIEKLGVRTFSQKEMAFNILGLLTPEIVQLCQEEPVMADLNGGLQFIDNLKDFTSKLRTDLLETADIRRAVSIE
SAIEQKVVNGDNVDANYSKVMVEPRANMKFDFPTLKSYDEIKQIAPELEGMLDLENVVVVTGFAEVGPWGNSRTRWEMEA
YGEFSLEGAIEMAWIMGFIKYHNGNLQGKPYSGWVDAKTQTPIDEKDIKSKYEEEILEHSGIRLIEPELFNGYDPKKKQM
IQEIVVQHDLEPFECSKETAEQYKHEHGEKCEIFEIEESGEYTVRILKGATLYVPKALRFDRLVAGQIPTGWDARTYGIP
EDTISQVDPITLYVLVATVEALLSAGITDPYEFYKYVHVSEVGNCSGSGMGGVSALRGMFKDRYADKPVQNDILQESFIN
TMSAWVNMLLLSSSGPIKTPVGACATAVESVDIGIETILSGKAKVVLVGGYDDFQEEGSYEFANMNATSNSIEEFKHGRT
PKEMSRPTTTTRNGFMEAQGSGIQVIMTADLALKMGVPIHAVLAMTATATDKIGRSVPAPGKGILTTAREHHGNLKYPSP
LLNIKYRKRQLNKRLEQIKSWEETELSYLQEEAELAKEEFGDEFSMHEFLKERTEEVYRESKRQVSDAKKQWGNSFYKSD
PRIAPLRGALAAFNLTIDDIGVASFHGTSTVANDKNESATINNMMKHLGRSEGNPVFGVFQKYLTGHPKGAAGAWMLNGA
IQILESGLVPGNRNADNVDKLLEQYEYVLYPSRSIQTDGIKAVSVTSFGFGQKGAQAVVVHPDYLFAVLDRSTYEEYATK
VSARNKKTYRYMHNAITRNTMFVAKDKAPYSDELEQPVYLDPLARVEENKKKLVFSDKTIQSNQSYVGEVAQKTAKALST
LNKSSKGVGVDVELLSAINIDNETFIERNFTGNEVEYCLNTAHPQASFTGTWSAKEAVFKALGVESKGAGASLIDIEITR
DVNGAPKVILHGEAKKAAAKAGVKNVNISISHDDFQATAVALSEF
;
C,G,K,O,S,X
#
# COMPACT_ATOMS: atom_id res chain seq x y z
N PHE A 7 -27.44 -1.98 116.64
CA PHE A 7 -27.98 -1.06 115.65
C PHE A 7 -27.08 -1.05 114.40
N GLN A 8 -27.65 -0.62 113.28
CA GLN A 8 -26.99 -0.68 111.97
C GLN A 8 -27.05 0.66 111.27
N LEU A 9 -26.69 1.74 111.98
CA LEU A 9 -26.55 3.03 111.32
C LEU A 9 -25.46 2.94 110.27
N THR A 10 -25.83 3.03 109.00
CA THR A 10 -24.88 2.80 107.93
C THR A 10 -25.30 3.57 106.69
N HIS A 11 -24.32 3.81 105.81
CA HIS A 11 -24.58 4.44 104.51
C HIS A 11 -23.40 4.07 103.63
N GLY A 12 -23.66 3.26 102.59
CA GLY A 12 -22.57 2.69 101.83
C GLY A 12 -21.85 1.60 102.62
N SER A 13 -20.55 1.50 102.41
CA SER A 13 -19.73 0.50 103.09
C SER A 13 -19.13 1.03 104.39
N ILE A 14 -19.96 1.63 105.23
CA ILE A 14 -19.57 2.05 106.58
C ILE A 14 -20.75 1.80 107.49
N GLU A 15 -20.47 1.41 108.74
CA GLU A 15 -21.52 1.13 109.70
C GLU A 15 -21.01 1.39 111.11
N HIS A 16 -21.94 1.62 112.02
CA HIS A 16 -21.66 1.80 113.44
C HIS A 16 -22.65 0.98 114.26
N THR A 17 -22.15 0.36 115.32
CA THR A 17 -22.96 -0.49 116.19
C THR A 17 -23.26 0.25 117.48
N LEU A 18 -24.54 0.27 117.87
CA LEU A 18 -24.99 0.92 119.09
C LEU A 18 -25.84 -0.06 119.88
N LEU A 19 -25.50 -0.22 121.16
CA LEU A 19 -26.26 -1.07 122.08
C LEU A 19 -27.36 -0.22 122.72
N VAL A 20 -28.60 -0.46 122.30
CA VAL A 20 -29.73 0.37 122.72
C VAL A 20 -30.66 -0.44 123.62
N PRO A 21 -31.28 0.17 124.64
CA PRO A 21 -32.35 -0.53 125.36
C PRO A 21 -33.54 -0.81 124.44
N ASN A 22 -34.42 -1.69 124.91
CA ASN A 22 -35.49 -2.22 124.04
C ASN A 22 -36.41 -1.10 123.55
N ASP A 23 -37.10 -0.43 124.46
CA ASP A 23 -37.95 0.69 124.05
C ASP A 23 -37.11 1.79 123.42
N LEU A 24 -35.94 2.04 124.00
CA LEU A 24 -35.00 2.95 123.35
C LEU A 24 -34.60 2.44 121.97
N PHE A 25 -34.54 1.12 121.77
CA PHE A 25 -34.21 0.60 120.45
C PHE A 25 -35.33 0.88 119.46
N PHE A 26 -36.59 0.77 119.90
CA PHE A 26 -37.69 1.12 119.02
C PHE A 26 -37.65 2.60 118.66
N ASN A 27 -37.41 3.47 119.64
CA ASN A 27 -37.33 4.90 119.37
C ASN A 27 -36.15 5.22 118.45
N TYR A 28 -35.01 4.55 118.67
CA TYR A 28 -33.85 4.75 117.81
C TYR A 28 -34.10 4.24 116.41
N SER A 29 -34.88 3.16 116.27
CA SER A 29 -35.25 2.70 114.94
C SER A 29 -36.13 3.73 114.22
N GLN A 30 -37.06 4.34 114.95
CA GLN A 30 -37.86 5.42 114.39
C GLN A 30 -36.96 6.55 113.90
N LEU A 31 -36.05 7.01 114.77
CA LEU A 31 -35.17 8.09 114.38
C LEU A 31 -34.23 7.66 113.25
N LYS A 32 -33.92 6.37 113.16
CA LYS A 32 -33.02 5.88 112.12
C LYS A 32 -33.68 5.87 110.75
N ASP A 33 -34.93 5.37 110.64
CA ASP A 33 -35.56 5.43 109.33
C ASP A 33 -35.85 6.87 108.96
N GLU A 34 -36.19 7.72 109.94
CA GLU A 34 -36.33 9.14 109.66
C GLU A 34 -35.02 9.73 109.14
N PHE A 35 -33.89 9.30 109.69
CA PHE A 35 -32.60 9.86 109.32
C PHE A 35 -32.19 9.43 107.91
N ILE A 36 -32.34 8.14 107.59
CA ILE A 36 -32.03 7.69 106.23
C ILE A 36 -33.03 8.28 105.24
N LYS A 37 -34.21 8.69 105.71
CA LYS A 37 -35.09 9.47 104.84
C LYS A 37 -34.46 10.78 104.39
N THR A 38 -33.47 11.28 105.13
CA THR A 38 -32.79 12.52 104.80
C THR A 38 -31.39 12.33 104.21
N LEU A 39 -30.73 11.22 104.54
CA LEU A 39 -29.37 11.02 104.05
C LEU A 39 -29.36 10.84 102.53
N PRO A 40 -28.26 11.16 101.85
CA PRO A 40 -28.16 10.90 100.42
C PRO A 40 -27.66 9.48 100.15
N GLU A 41 -27.70 9.11 98.88
CA GLU A 41 -27.24 7.79 98.47
C GLU A 41 -25.71 7.74 98.44
N PRO A 42 -25.10 6.55 98.55
CA PRO A 42 -23.64 6.48 98.38
C PRO A 42 -23.18 7.03 97.04
N THR A 43 -22.03 7.72 97.06
CA THR A 43 -21.46 8.34 95.86
C THR A 43 -20.34 7.50 95.25
N GLU A 44 -20.17 6.25 95.69
CA GLU A 44 -19.12 5.37 95.18
C GLU A 44 -17.74 5.94 95.48
N GLY A 45 -17.51 6.18 96.77
CA GLY A 45 -16.26 6.77 97.23
C GLY A 45 -16.47 7.81 98.31
N PHE A 46 -17.72 8.22 98.53
CA PHE A 46 -18.05 9.24 99.52
C PHE A 46 -17.30 10.54 99.24
N ALA A 47 -17.16 10.87 97.95
CA ALA A 47 -16.52 12.10 97.51
C ALA A 47 -17.53 13.20 97.20
N GLY A 48 -18.80 13.01 97.53
CA GLY A 48 -19.81 14.01 97.29
C GLY A 48 -19.75 15.15 98.28
N ASP A 49 -20.92 15.68 98.66
CA ASP A 49 -21.00 16.80 99.58
C ASP A 49 -21.57 16.37 100.93
N ASP A 50 -22.77 15.77 100.94
CA ASP A 50 -23.42 15.35 102.17
C ASP A 50 -23.19 13.89 102.51
N GLU A 51 -22.46 13.15 101.68
CA GLU A 51 -22.21 11.74 101.93
C GLU A 51 -21.09 11.59 102.96
N PRO A 52 -21.34 10.99 104.13
CA PRO A 52 -20.23 10.78 105.07
C PRO A 52 -19.19 9.82 104.50
N SER A 53 -17.93 10.08 104.85
CA SER A 53 -16.81 9.28 104.38
C SER A 53 -16.19 8.43 105.47
N SER A 54 -16.73 8.44 106.69
CA SER A 54 -16.24 7.64 107.79
C SER A 54 -17.41 7.19 108.64
N PRO A 55 -17.27 6.06 109.36
CA PRO A 55 -18.37 5.64 110.24
C PRO A 55 -18.72 6.67 111.29
N ALA A 56 -17.72 7.37 111.82
CA ALA A 56 -18.00 8.41 112.80
C ALA A 56 -18.52 9.68 112.15
N GLU A 57 -18.17 9.93 110.89
CA GLU A 57 -18.83 11.00 110.16
C GLU A 57 -20.32 10.70 110.01
N LEU A 58 -20.65 9.43 109.73
CA LEU A 58 -22.06 9.03 109.70
C LEU A 58 -22.70 9.20 111.07
N TYR A 59 -21.99 8.83 112.13
CA TYR A 59 -22.52 9.00 113.47
C TYR A 59 -22.78 10.46 113.78
N GLY A 60 -21.87 11.35 113.35
CA GLY A 60 -22.08 12.78 113.52
C GLY A 60 -23.28 13.29 112.75
N LYS A 61 -23.45 12.81 111.52
CA LYS A 61 -24.64 13.19 110.76
C LYS A 61 -25.91 12.75 111.48
N PHE A 62 -25.90 11.54 112.03
CA PHE A 62 -27.07 11.01 112.74
C PHE A 62 -27.37 11.84 113.99
N ILE A 63 -26.34 12.14 114.78
CA ILE A 63 -26.57 12.89 116.01
C ILE A 63 -26.98 14.32 115.70
N GLY A 64 -26.42 14.90 114.64
CA GLY A 64 -26.86 16.22 114.22
C GLY A 64 -28.31 16.23 113.74
N PHE A 65 -28.73 15.15 113.07
CA PHE A 65 -30.12 15.02 112.69
C PHE A 65 -31.02 15.01 113.92
N ILE A 66 -30.65 14.20 114.92
CA ILE A 66 -31.44 14.18 116.15
C ILE A 66 -31.42 15.53 116.86
N SER A 67 -30.34 16.30 116.70
CA SER A 67 -30.21 17.57 117.40
C SER A 67 -31.26 18.60 116.95
N ASN A 68 -31.96 18.36 115.85
CA ASN A 68 -32.98 19.29 115.38
C ASN A 68 -34.21 19.23 116.27
N GLN A 73 -33.30 11.35 124.87
CA GLN A 73 -32.79 10.13 125.49
C GLN A 73 -31.85 9.38 124.55
N ILE A 74 -32.21 9.38 123.26
CA ILE A 74 -31.40 8.68 122.27
C ILE A 74 -30.20 9.53 121.86
N VAL A 75 -30.35 10.85 121.90
CA VAL A 75 -29.23 11.72 121.57
C VAL A 75 -28.10 11.57 122.58
N GLU A 76 -28.43 11.40 123.85
CA GLU A 76 -27.41 11.18 124.86
C GLU A 76 -26.71 9.84 124.64
N LEU A 77 -27.47 8.80 124.30
CA LEU A 77 -26.85 7.50 124.04
C LEU A 77 -25.89 7.58 122.86
N SER A 78 -26.33 8.22 121.78
CA SER A 78 -25.46 8.34 120.61
C SER A 78 -24.24 9.19 120.91
N LEU A 79 -24.41 10.27 121.68
CA LEU A 79 -23.27 11.09 122.11
C LEU A 79 -22.25 10.26 122.86
N LYS A 80 -22.72 9.49 123.84
CA LYS A 80 -21.81 8.74 124.69
C LYS A 80 -21.12 7.64 123.91
N ASP A 81 -21.86 6.95 123.04
CA ASP A 81 -21.27 5.90 122.23
C ASP A 81 -20.22 6.47 121.29
N PHE A 82 -20.53 7.60 120.64
CA PHE A 82 -19.58 8.24 119.74
C PHE A 82 -18.31 8.64 120.49
N GLU A 83 -18.48 9.27 121.66
CA GLU A 83 -17.32 9.72 122.43
C GLU A 83 -16.46 8.54 122.87
N SER A 84 -17.09 7.46 123.35
CA SER A 84 -16.33 6.31 123.78
C SER A 84 -15.61 5.64 122.61
N ARG A 85 -16.30 5.52 121.45
CA ARG A 85 -15.73 4.77 120.34
C ARG A 85 -14.58 5.52 119.69
N PHE A 86 -14.77 6.82 119.41
CA PHE A 86 -13.85 7.57 118.55
C PHE A 86 -13.04 8.62 119.30
N LEU A 87 -13.67 9.38 120.19
CA LEU A 87 -12.97 10.39 120.98
C LEU A 87 -12.39 9.74 122.22
N ASP A 88 -11.24 9.06 122.03
CA ASP A 88 -10.56 8.42 123.14
C ASP A 88 -9.90 9.47 124.02
N ASN A 89 -10.63 9.92 125.05
CA ASN A 89 -10.24 10.97 125.99
C ASN A 89 -10.29 12.36 125.36
N ASN A 90 -10.58 12.48 124.07
CA ASN A 90 -10.65 13.76 123.38
C ASN A 90 -12.09 14.23 123.22
N ASN A 91 -12.93 13.99 124.24
CA ASN A 91 -14.35 14.31 124.15
C ASN A 91 -14.56 15.78 123.82
N ASP A 92 -13.92 16.68 124.57
CA ASP A 92 -13.97 18.09 124.25
C ASP A 92 -13.15 18.44 123.02
N ASN A 93 -12.20 17.59 122.64
CA ASN A 93 -11.32 17.84 121.50
C ASN A 93 -11.85 17.13 120.25
N ILE A 94 -13.00 17.59 119.78
CA ILE A 94 -13.53 17.08 118.52
C ILE A 94 -12.70 17.58 117.34
N HIS A 95 -12.03 18.72 117.50
CA HIS A 95 -11.17 19.24 116.45
C HIS A 95 -10.01 18.31 116.17
N SER A 96 -9.42 17.74 117.22
CA SER A 96 -8.35 16.76 117.06
C SER A 96 -8.81 15.58 116.21
N PHE A 97 -10.02 15.09 116.48
CA PHE A 97 -10.57 13.99 115.69
C PHE A 97 -10.78 14.43 114.25
N ALA A 98 -11.32 15.63 114.05
CA ALA A 98 -11.56 16.12 112.70
C ALA A 98 -10.29 16.12 111.89
N VAL A 99 -9.20 16.61 112.48
CA VAL A 99 -7.95 16.65 111.73
C VAL A 99 -7.27 15.31 111.67
N LYS A 100 -7.56 14.40 112.61
CA LYS A 100 -7.13 13.02 112.45
C LYS A 100 -7.76 12.40 111.22
N LEU A 101 -9.05 12.67 111.00
CA LEU A 101 -9.70 12.23 109.77
C LEU A 101 -9.05 12.87 108.55
N LEU A 102 -8.77 14.17 108.62
CA LEU A 102 -8.19 14.87 107.48
C LEU A 102 -6.83 14.28 107.11
N ASP A 103 -5.99 13.99 108.11
CA ASP A 103 -4.66 13.46 107.85
C ASP A 103 -4.70 12.00 107.43
N ASP A 104 -5.52 11.19 108.10
CA ASP A 104 -5.57 9.75 107.83
C ASP A 104 -6.68 9.41 106.84
N GLU A 105 -7.92 9.75 107.18
CA GLU A 105 -9.06 9.43 106.32
C GLU A 105 -9.17 10.43 105.17
N ILE A 111 -13.29 16.25 103.09
CA ILE A 111 -12.22 17.20 103.34
C ILE A 111 -12.62 18.08 104.55
N ALA A 112 -12.11 19.32 104.58
CA ALA A 112 -12.37 20.20 105.72
C ALA A 112 -13.85 20.48 105.89
N LYS A 113 -14.63 20.41 104.81
CA LYS A 113 -16.06 20.62 104.92
C LYS A 113 -16.70 19.57 105.82
N VAL A 114 -16.44 18.29 105.55
CA VAL A 114 -17.04 17.25 106.38
C VAL A 114 -16.42 17.25 107.77
N LYS A 115 -15.14 17.60 107.90
CA LYS A 115 -14.54 17.71 109.23
C LYS A 115 -15.26 18.77 110.06
N GLU A 116 -15.47 19.94 109.47
CA GLU A 116 -16.17 20.99 110.18
C GLU A 116 -17.62 20.61 110.42
N ASN A 117 -18.20 19.77 109.55
CA ASN A 117 -19.57 19.30 109.76
C ASN A 117 -19.68 18.37 110.97
N ILE A 118 -18.74 17.44 111.11
CA ILE A 118 -18.76 16.58 112.30
C ILE A 118 -18.57 17.42 113.56
N VAL A 119 -17.67 18.41 113.48
CA VAL A 119 -17.48 19.31 114.62
C VAL A 119 -18.80 20.00 114.97
N LYS A 120 -19.49 20.53 113.95
CA LYS A 120 -20.74 21.25 114.19
C LYS A 120 -21.79 20.34 114.80
N ASN A 121 -21.94 19.12 114.26
CA ASN A 121 -22.96 18.22 114.77
C ASN A 121 -22.68 17.85 116.22
N TYR A 122 -21.42 17.57 116.55
CA TYR A 122 -21.08 17.25 117.93
C TYR A 122 -21.43 18.43 118.84
N TYR A 123 -21.08 19.65 118.42
CA TYR A 123 -21.30 20.79 119.30
C TYR A 123 -22.78 21.12 119.43
N LYS A 124 -23.56 20.83 118.39
CA LYS A 124 -25.01 20.90 118.51
C LYS A 124 -25.51 19.91 119.56
N ALA A 125 -24.94 18.71 119.56
CA ALA A 125 -25.44 17.66 120.44
C ALA A 125 -25.09 17.86 121.91
N VAL A 126 -23.93 18.46 122.20
CA VAL A 126 -23.45 18.47 123.59
C VAL A 126 -24.42 19.26 124.47
N LYS A 127 -24.45 18.90 125.75
CA LYS A 127 -25.05 19.71 126.80
C LYS A 127 -24.08 20.83 127.17
N SER A 128 -24.30 21.49 128.29
CA SER A 128 -23.38 22.52 128.76
C SER A 128 -21.96 21.97 128.87
N ILE A 129 -21.00 22.72 128.35
CA ILE A 129 -19.61 22.29 128.28
C ILE A 129 -18.77 22.93 129.38
N ASN A 130 -19.39 23.32 130.50
CA ASN A 130 -18.68 23.95 131.61
C ASN A 130 -17.90 22.89 132.38
N LYS A 131 -16.83 22.40 131.74
CA LYS A 131 -15.93 21.42 132.32
C LYS A 131 -14.52 21.71 131.85
N VAL A 132 -13.59 21.85 132.80
CA VAL A 132 -12.21 22.20 132.47
C VAL A 132 -11.59 21.07 131.67
N GLU A 133 -11.26 21.34 130.42
CA GLU A 133 -10.64 20.33 129.56
C GLU A 133 -9.15 20.21 129.87
N SER A 134 -8.67 18.97 129.89
CA SER A 134 -7.25 18.70 130.16
C SER A 134 -6.46 18.83 128.86
N ASN A 135 -6.21 20.07 128.47
CA ASN A 135 -5.45 20.37 127.27
C ASN A 135 -3.95 20.35 127.55
N LEU A 136 -3.47 19.28 128.18
CA LEU A 136 -2.10 19.25 128.69
C LEU A 136 -1.86 20.41 129.64
N LEU A 137 -2.76 20.54 130.62
CA LEU A 137 -2.76 21.68 131.54
C LEU A 137 -2.96 23.00 130.78
N TYR A 138 -3.75 22.95 129.71
CA TYR A 138 -3.87 24.06 128.76
C TYR A 138 -2.49 24.58 128.36
N HIS A 139 -1.75 23.70 127.72
CA HIS A 139 -0.40 24.01 127.22
C HIS A 139 0.52 24.44 128.36
N CYS A 140 0.44 23.74 129.49
CA CYS A 140 1.30 23.99 130.65
C CYS A 140 1.12 25.41 131.19
N LYS A 141 -0.10 25.69 131.62
CA LYS A 141 -0.44 26.98 132.22
C LYS A 141 -0.22 28.12 131.24
N LYS A 145 4.63 29.84 128.32
CA LYS A 145 3.90 31.08 128.55
C LYS A 145 2.83 31.28 127.47
N LEU A 146 1.59 31.41 127.91
CA LEU A 146 0.46 31.54 127.00
C LEU A 146 0.31 33.00 126.56
N VAL A 147 0.20 33.23 125.26
CA VAL A 147 0.13 34.59 124.73
C VAL A 147 -0.98 34.63 123.68
N ALA A 148 -1.77 35.72 123.69
CA ALA A 148 -2.90 35.85 122.77
C ALA A 148 -2.69 37.05 121.85
N ILE A 149 -2.38 36.79 120.58
CA ILE A 149 -2.28 37.84 119.59
C ILE A 149 -3.55 37.86 118.76
N PHE A 150 -3.93 39.05 118.30
CA PHE A 150 -5.11 39.27 117.48
C PHE A 150 -4.69 39.87 116.15
N GLY A 151 -5.25 39.36 115.07
CA GLY A 151 -4.92 39.84 113.75
C GLY A 151 -5.51 41.20 113.47
N GLY A 152 -5.18 41.73 112.29
CA GLY A 152 -5.63 43.04 111.89
C GLY A 152 -6.35 43.06 110.56
N GLN A 153 -6.45 44.24 109.96
CA GLN A 153 -7.08 44.39 108.66
C GLN A 153 -6.10 44.04 107.55
N GLY A 154 -6.64 43.51 106.45
CA GLY A 154 -5.83 43.15 105.31
C GLY A 154 -5.17 41.80 105.39
N ASN A 155 -5.48 40.99 106.40
CA ASN A 155 -4.90 39.66 106.49
C ASN A 155 -5.35 38.76 105.35
N THR A 156 -6.61 38.91 104.93
CA THR A 156 -7.16 38.10 103.85
C THR A 156 -8.19 38.91 103.08
N ASP A 157 -8.43 38.49 101.84
CA ASP A 157 -9.40 39.18 101.00
C ASP A 157 -10.82 38.72 101.28
N ASP A 158 -11.05 37.41 101.24
CA ASP A 158 -12.38 36.84 101.46
C ASP A 158 -12.57 36.51 102.94
N TYR A 159 -12.43 37.56 103.76
CA TYR A 159 -12.48 37.36 105.21
C TYR A 159 -13.87 36.95 105.68
N PHE A 160 -14.94 37.39 104.98
CA PHE A 160 -16.28 37.20 105.51
C PHE A 160 -16.69 35.74 105.51
N GLU A 161 -16.16 34.93 104.58
CA GLU A 161 -16.47 33.52 104.60
C GLU A 161 -15.95 32.84 105.87
N GLU A 162 -14.89 33.40 106.47
CA GLU A 162 -14.43 32.90 107.75
C GLU A 162 -15.54 33.00 108.80
N LEU A 163 -16.14 34.19 108.91
CA LEU A 163 -17.25 34.34 109.86
C LEU A 163 -18.46 33.52 109.42
N ARG A 164 -18.66 33.33 108.12
CA ARG A 164 -19.76 32.49 107.66
C ARG A 164 -19.62 31.07 108.22
N GLU A 165 -18.45 30.46 108.01
CA GLU A 165 -18.22 29.12 108.54
C GLU A 165 -18.29 29.12 110.06
N LEU A 166 -17.74 30.15 110.68
CA LEU A 166 -17.76 30.24 112.14
C LEU A 166 -19.19 30.22 112.67
N TYR A 167 -20.06 31.05 112.11
CA TYR A 167 -21.46 31.09 112.50
C TYR A 167 -22.17 29.78 112.21
N THR A 168 -21.93 29.21 111.02
CA THR A 168 -22.65 28.00 110.63
C THR A 168 -22.28 26.82 111.52
N LEU A 169 -21.01 26.69 111.88
CA LEU A 169 -20.51 25.48 112.49
C LEU A 169 -20.37 25.56 114.01
N TYR A 170 -20.23 26.75 114.58
CA TYR A 170 -20.15 26.94 116.02
C TYR A 170 -21.36 27.72 116.52
N GLN A 171 -22.54 27.34 116.03
CA GLN A 171 -23.76 28.09 116.34
C GLN A 171 -24.01 28.13 117.84
N GLY A 172 -23.92 26.97 118.51
CA GLY A 172 -24.24 26.91 119.92
C GLY A 172 -23.33 27.74 120.81
N LEU A 173 -22.15 28.11 120.31
CA LEU A 173 -21.15 28.80 121.13
C LEU A 173 -21.12 30.31 120.92
N ILE A 174 -21.31 30.79 119.69
CA ILE A 174 -21.12 32.21 119.38
C ILE A 174 -22.34 32.82 118.69
N GLU A 175 -23.46 32.09 118.64
CA GLU A 175 -24.68 32.69 118.13
C GLU A 175 -25.14 33.83 119.03
N ASP A 176 -25.04 33.64 120.35
CA ASP A 176 -25.42 34.69 121.28
C ASP A 176 -24.54 35.91 121.05
N LEU A 177 -23.23 35.71 120.88
CA LEU A 177 -22.33 36.83 120.66
C LEU A 177 -22.66 37.55 119.36
N LEU A 178 -22.91 36.79 118.27
CA LEU A 178 -23.22 37.44 117.00
C LEU A 178 -24.52 38.22 117.08
N VAL A 179 -25.53 37.66 117.75
CA VAL A 179 -26.80 38.38 117.91
C VAL A 179 -26.55 39.66 118.70
N SER A 180 -25.76 39.59 119.75
CA SER A 180 -25.45 40.78 120.53
C SER A 180 -24.74 41.81 119.68
N ILE A 181 -23.80 41.39 118.83
CA ILE A 181 -23.08 42.35 117.99
C ILE A 181 -24.03 42.99 116.99
N ALA A 182 -24.94 42.20 116.43
CA ALA A 182 -25.89 42.73 115.45
C ALA A 182 -26.76 43.82 116.09
N GLU A 183 -27.32 43.54 117.26
CA GLU A 183 -28.07 44.59 117.95
C GLU A 183 -27.19 45.78 118.29
N LYS A 184 -25.95 45.53 118.74
CA LYS A 184 -25.08 46.63 119.12
C LYS A 184 -24.78 47.54 117.94
N LEU A 185 -24.54 46.97 116.77
CA LEU A 185 -24.20 47.78 115.60
C LEU A 185 -25.43 48.50 115.05
N ASN A 186 -26.58 47.80 115.01
CA ASN A 186 -27.80 48.45 114.55
C ASN A 186 -28.25 49.54 115.52
N GLN A 187 -27.83 49.48 116.77
CA GLN A 187 -28.04 50.57 117.72
C GLN A 187 -26.97 51.65 117.60
N LEU A 188 -25.77 51.27 117.16
CA LEU A 188 -24.68 52.23 117.05
C LEU A 188 -24.89 53.16 115.86
N HIS A 189 -25.50 52.66 114.79
CA HIS A 189 -25.74 53.52 113.63
C HIS A 189 -26.62 54.72 113.96
N PRO A 190 -27.74 54.59 114.69
CA PRO A 190 -28.46 55.79 115.14
C PRO A 190 -27.62 56.74 115.98
N SER A 191 -26.57 56.26 116.65
CA SER A 191 -25.80 57.10 117.54
C SER A 191 -25.28 58.34 116.83
N PHE A 192 -24.63 58.15 115.67
CA PHE A 192 -24.15 59.25 114.86
C PHE A 192 -24.81 59.29 113.48
N ASP A 193 -24.68 58.23 112.69
CA ASP A 193 -24.96 58.32 111.26
C ASP A 193 -24.69 56.96 110.65
N LYS A 194 -25.27 56.74 109.46
CA LYS A 194 -25.07 55.50 108.70
C LYS A 194 -24.39 55.85 107.38
N ILE A 195 -23.12 55.45 107.24
CA ILE A 195 -22.48 55.41 105.92
C ILE A 195 -22.87 54.18 105.14
N TYR A 196 -23.68 53.30 105.72
CA TYR A 196 -23.83 51.92 105.26
C TYR A 196 -24.94 51.87 104.22
N THR A 197 -24.54 51.93 102.96
CA THR A 197 -25.51 51.90 101.86
C THR A 197 -26.32 50.61 101.86
N GLN A 198 -25.78 49.53 102.43
CA GLN A 198 -26.45 48.23 102.47
C GLN A 198 -26.60 47.71 103.89
N GLY A 199 -26.49 48.57 104.90
CA GLY A 199 -26.70 48.17 106.27
C GLY A 199 -25.50 47.42 106.85
N LEU A 200 -25.68 46.96 108.09
CA LEU A 200 -24.67 46.15 108.77
C LEU A 200 -25.31 44.99 109.53
N ASN A 201 -26.53 44.61 109.21
CA ASN A 201 -27.16 43.46 109.86
C ASN A 201 -26.39 42.20 109.47
N ILE A 202 -25.63 41.66 110.42
CA ILE A 202 -24.77 40.53 110.10
C ILE A 202 -25.58 39.23 110.11
N LEU A 203 -26.61 39.16 110.94
CA LEU A 203 -27.39 37.92 111.03
C LEU A 203 -28.11 37.64 109.71
N SER A 204 -28.70 38.67 109.10
CA SER A 204 -29.38 38.49 107.83
C SER A 204 -28.40 38.05 106.75
N TRP A 205 -27.23 38.67 106.70
CA TRP A 205 -26.23 38.29 105.71
C TRP A 205 -25.80 36.83 105.91
N LEU A 206 -25.56 36.44 107.16
CA LEU A 206 -25.06 35.09 107.43
C LEU A 206 -26.11 34.04 107.11
N LYS A 207 -27.35 34.25 107.56
CA LYS A 207 -28.38 33.23 107.38
C LYS A 207 -28.92 33.20 105.96
N HIS A 208 -28.92 34.34 105.26
CA HIS A 208 -29.37 34.42 103.88
C HIS A 208 -28.19 34.78 102.99
N PRO A 209 -27.58 33.83 102.27
CA PRO A 209 -26.44 34.19 101.42
C PRO A 209 -26.75 35.23 100.36
N GLU A 210 -27.98 35.25 99.83
CA GLU A 210 -28.31 36.20 98.78
C GLU A 210 -28.32 37.63 99.29
N THR A 211 -28.75 37.84 100.54
CA THR A 211 -28.85 39.20 101.07
C THR A 211 -27.49 39.87 101.25
N THR A 212 -26.41 39.09 101.33
CA THR A 212 -25.11 39.67 101.62
C THR A 212 -24.62 40.49 100.43
N PRO A 213 -24.11 41.72 100.64
CA PRO A 213 -23.50 42.44 99.52
C PRO A 213 -22.19 41.84 99.05
N ASP A 214 -21.55 42.51 98.09
CA ASP A 214 -20.34 41.98 97.48
C ASP A 214 -19.13 42.20 98.38
N GLN A 215 -18.03 41.55 98.01
CA GLN A 215 -16.84 41.54 98.85
C GLN A 215 -16.26 42.94 99.01
N ASP A 216 -16.44 43.82 98.02
CA ASP A 216 -15.93 45.18 98.17
C ASP A 216 -16.64 45.91 99.32
N TYR A 217 -17.97 45.85 99.34
CA TYR A 217 -18.70 46.50 100.42
C TYR A 217 -18.42 45.83 101.75
N LEU A 218 -18.29 44.50 101.76
CA LEU A 218 -17.93 43.83 103.02
C LEU A 218 -16.56 44.27 103.51
N LEU A 219 -15.62 44.47 102.58
CA LEU A 219 -14.26 44.87 102.91
C LEU A 219 -14.15 46.34 103.26
N SER A 220 -15.15 47.16 102.94
CA SER A 220 -15.14 48.56 103.35
C SER A 220 -15.01 48.65 104.86
N VAL A 221 -14.14 49.57 105.31
CA VAL A 221 -13.64 49.51 106.68
C VAL A 221 -14.73 49.66 107.72
N PRO A 222 -15.68 50.60 107.61
CA PRO A 222 -16.73 50.70 108.64
C PRO A 222 -17.51 49.41 108.82
N VAL A 223 -17.71 48.66 107.73
CA VAL A 223 -18.30 47.33 107.84
C VAL A 223 -17.30 46.35 108.41
N SER A 224 -16.11 46.26 107.79
CA SER A 224 -15.23 45.13 108.04
C SER A 224 -14.65 45.15 109.45
N CYS A 225 -14.36 46.33 109.99
CA CYS A 225 -13.75 46.40 111.31
C CYS A 225 -14.62 45.75 112.38
N PRO A 226 -15.91 46.07 112.48
CA PRO A 226 -16.78 45.29 113.38
C PRO A 226 -16.78 43.80 113.08
N VAL A 227 -16.75 43.39 111.82
CA VAL A 227 -16.80 41.96 111.51
C VAL A 227 -15.50 41.27 111.88
N ILE A 228 -14.37 41.95 111.72
CA ILE A 228 -13.10 41.37 112.16
C ILE A 228 -13.07 41.25 113.68
N CYS A 229 -13.59 42.26 114.37
CA CYS A 229 -13.76 42.14 115.81
C CYS A 229 -14.66 40.97 116.15
N VAL A 230 -15.70 40.75 115.35
CA VAL A 230 -16.61 39.63 115.57
C VAL A 230 -15.84 38.31 115.45
N ILE A 231 -15.00 38.19 114.43
CA ILE A 231 -14.26 36.95 114.22
C ILE A 231 -13.32 36.71 115.40
N GLN A 232 -12.62 37.75 115.83
CA GLN A 232 -11.69 37.59 116.96
C GLN A 232 -12.41 37.20 118.24
N LEU A 233 -13.50 37.92 118.56
CA LEU A 233 -14.26 37.62 119.77
C LEU A 233 -14.92 36.26 119.69
N CYS A 234 -15.34 35.84 118.51
CA CYS A 234 -15.92 34.51 118.35
C CYS A 234 -14.89 33.43 118.62
N HIS A 235 -13.68 33.60 118.09
CA HIS A 235 -12.64 32.61 118.34
C HIS A 235 -12.28 32.56 119.82
N TYR A 236 -12.22 33.72 120.48
CA TYR A 236 -11.97 33.74 121.92
C TYR A 236 -13.10 33.05 122.68
N THR A 237 -14.35 33.32 122.30
CA THR A 237 -15.49 32.69 122.96
C THR A 237 -15.49 31.19 122.77
N ILE A 238 -15.12 30.72 121.58
CA ILE A 238 -15.02 29.28 121.34
C ILE A 238 -13.92 28.69 122.21
N THR A 239 -12.76 29.34 122.26
CA THR A 239 -11.67 28.81 123.08
C THR A 239 -12.06 28.76 124.55
N CYS A 240 -12.94 29.67 124.99
CA CYS A 240 -13.45 29.60 126.35
C CYS A 240 -14.43 28.44 126.52
N LYS A 241 -15.49 28.43 125.72
CA LYS A 241 -16.60 27.51 125.95
C LYS A 241 -16.18 26.06 125.73
N VAL A 242 -15.34 25.80 124.72
CA VAL A 242 -14.92 24.44 124.43
C VAL A 242 -14.16 23.84 125.61
N LEU A 243 -13.21 24.60 126.16
CA LEU A 243 -12.49 24.16 127.34
C LEU A 243 -13.29 24.32 128.63
N GLY A 244 -14.49 24.90 128.56
CA GLY A 244 -15.25 25.13 129.76
C GLY A 244 -14.63 26.16 130.67
N LEU A 245 -13.86 27.08 130.09
CA LEU A 245 -13.13 28.10 130.84
C LEU A 245 -13.87 29.41 130.69
N THR A 246 -14.19 30.05 131.82
CA THR A 246 -14.74 31.39 131.77
C THR A 246 -13.67 32.35 131.26
N PRO A 247 -14.05 33.45 130.59
CA PRO A 247 -13.02 34.41 130.17
C PRO A 247 -12.18 34.94 131.32
N GLY A 248 -12.79 35.12 132.50
CA GLY A 248 -12.04 35.67 133.62
C GLY A 248 -10.84 34.83 134.01
N GLU A 249 -10.90 33.52 133.76
CA GLU A 249 -9.81 32.61 134.09
C GLU A 249 -8.97 32.21 132.88
N PHE A 250 -9.57 32.11 131.70
CA PHE A 250 -8.78 31.94 130.49
C PHE A 250 -7.79 33.08 130.36
N ARG A 251 -8.28 34.32 130.46
CA ARG A 251 -7.40 35.48 130.36
C ARG A 251 -6.30 35.41 131.40
N ASN A 252 -6.61 34.94 132.61
CA ASN A 252 -5.58 34.76 133.63
C ASN A 252 -4.53 33.77 133.17
N SER A 253 -4.95 32.72 132.46
CA SER A 253 -3.99 31.73 131.95
C SER A 253 -3.01 32.36 130.96
N LEU A 254 -3.38 33.47 130.32
CA LEU A 254 -2.51 34.09 129.33
C LEU A 254 -1.43 34.94 129.99
N LYS A 255 -0.19 34.78 129.53
CA LYS A 255 0.89 35.64 130.01
C LYS A 255 0.64 37.09 129.61
N TRP A 256 0.21 37.31 128.38
CA TRP A 256 -0.18 38.65 127.91
C TRP A 256 -0.91 38.51 126.58
N SER A 257 -1.31 39.65 126.03
CA SER A 257 -2.06 39.66 124.78
C SER A 257 -1.81 40.97 124.05
N THR A 258 -1.82 40.92 122.72
CA THR A 258 -1.75 42.14 121.92
C THR A 258 -2.44 41.95 120.57
N GLY A 259 -2.27 42.93 119.67
CA GLY A 259 -2.92 42.86 118.39
C GLY A 259 -2.18 43.63 117.32
N HIS A 260 -2.60 43.38 116.09
CA HIS A 260 -2.05 44.04 114.91
C HIS A 260 -2.71 45.41 114.78
N SER A 261 -2.59 46.01 113.59
CA SER A 261 -3.19 47.29 113.23
C SER A 261 -4.60 47.47 113.78
N GLN A 262 -5.40 46.40 113.79
CA GLN A 262 -6.79 46.47 114.23
C GLN A 262 -7.09 45.65 115.48
N GLY A 263 -6.38 44.56 115.72
CA GLY A 263 -6.74 43.65 116.80
C GLY A 263 -6.34 44.08 118.19
N LEU A 264 -5.62 45.20 118.33
CA LEU A 264 -5.15 45.63 119.64
C LEU A 264 -6.31 45.96 120.56
N VAL A 265 -7.39 46.52 120.01
CA VAL A 265 -8.57 46.81 120.82
C VAL A 265 -9.15 45.53 121.38
N THR A 266 -9.23 44.48 120.55
CA THR A 266 -9.68 43.19 121.05
C THR A 266 -8.73 42.65 122.10
N ALA A 267 -7.43 42.89 121.95
CA ALA A 267 -6.46 42.43 122.94
C ALA A 267 -6.71 43.08 124.29
N VAL A 268 -6.86 44.41 124.31
CA VAL A 268 -7.08 45.11 125.58
C VAL A 268 -8.44 44.72 126.16
N THR A 269 -9.44 44.50 125.30
CA THR A 269 -10.74 44.07 125.79
C THR A 269 -10.67 42.70 126.45
N ILE A 270 -9.99 41.76 125.80
CA ILE A 270 -9.80 40.43 126.39
C ILE A 270 -9.05 40.54 127.70
N ALA A 271 -8.05 41.43 127.77
CA ALA A 271 -7.38 41.68 129.03
C ALA A 271 -8.36 42.21 130.08
N ALA A 272 -9.40 42.93 129.64
CA ALA A 272 -10.44 43.44 130.53
C ALA A 272 -11.60 42.45 130.71
N SER A 273 -11.49 41.23 130.18
CA SER A 273 -12.55 40.25 130.28
C SER A 273 -12.93 39.96 131.73
N ASP A 274 -14.06 39.27 131.90
CA ASP A 274 -14.55 38.85 133.21
C ASP A 274 -15.52 37.70 132.99
N SER A 275 -16.33 37.39 134.01
CA SER A 275 -17.39 36.39 133.88
C SER A 275 -18.25 36.69 132.66
N TRP A 276 -18.97 35.68 132.14
CA TRP A 276 -19.60 35.77 130.82
C TRP A 276 -20.50 37.02 130.69
N ASP A 277 -21.21 37.36 131.77
CA ASP A 277 -22.07 38.53 131.71
C ASP A 277 -21.27 39.80 131.48
N SER A 278 -20.11 39.92 132.14
CA SER A 278 -19.24 41.05 131.90
C SER A 278 -18.49 40.93 130.58
N PHE A 279 -18.29 39.69 130.10
CA PHE A 279 -17.65 39.49 128.81
C PHE A 279 -18.51 40.05 127.69
N LEU A 280 -19.82 39.91 127.80
CA LEU A 280 -20.68 40.50 126.78
C LEU A 280 -20.57 42.02 126.78
N LYS A 281 -20.47 42.63 127.96
CA LYS A 281 -20.25 44.07 128.03
C LYS A 281 -18.90 44.46 127.42
N ASN A 282 -17.87 43.66 127.69
CA ASN A 282 -16.56 43.90 127.10
C ASN A 282 -16.63 43.83 125.58
N SER A 283 -17.34 42.82 125.06
CA SER A 283 -17.52 42.70 123.62
C SER A 283 -18.28 43.89 123.05
N LEU A 284 -19.29 44.37 123.77
CA LEU A 284 -19.98 45.58 123.36
C LEU A 284 -19.01 46.73 123.24
N THR A 285 -18.14 46.89 124.25
CA THR A 285 -17.18 48.00 124.23
C THR A 285 -16.26 47.90 123.02
N ALA A 286 -15.70 46.72 122.79
CA ALA A 286 -14.79 46.54 121.66
C ALA A 286 -15.48 46.79 120.34
N VAL A 287 -16.70 46.26 120.18
CA VAL A 287 -17.43 46.43 118.93
C VAL A 287 -17.78 47.89 118.70
N SER A 288 -18.26 48.59 119.73
CA SER A 288 -18.59 49.99 119.56
C SER A 288 -17.36 50.81 119.20
N LEU A 289 -16.23 50.52 119.85
CA LEU A 289 -15.01 51.24 119.54
C LEU A 289 -14.58 51.01 118.10
N LEU A 290 -14.64 49.76 117.63
CA LEU A 290 -14.22 49.50 116.25
C LEU A 290 -15.21 50.09 115.26
N LEU A 291 -16.49 50.09 115.60
CA LEU A 291 -17.48 50.73 114.74
C LEU A 291 -17.18 52.21 114.59
N PHE A 292 -16.89 52.89 115.71
CA PHE A 292 -16.54 54.30 115.65
C PHE A 292 -15.26 54.52 114.85
N ILE A 293 -14.25 53.68 115.08
CA ILE A 293 -12.99 53.84 114.35
C ILE A 293 -13.23 53.72 112.86
N GLY A 294 -13.93 52.66 112.43
CA GLY A 294 -14.15 52.46 111.02
C GLY A 294 -14.97 53.57 110.39
N SER A 295 -16.08 53.94 111.03
CA SER A 295 -16.95 54.96 110.46
C SER A 295 -16.22 56.30 110.37
N ARG A 296 -15.51 56.69 111.43
CA ARG A 296 -14.80 57.96 111.42
C ARG A 296 -13.67 57.95 110.39
N CYS A 297 -12.94 56.84 110.28
CA CYS A 297 -11.86 56.77 109.31
C CYS A 297 -12.37 56.86 107.88
N LEU A 298 -13.47 56.16 107.59
CA LEU A 298 -14.04 56.24 106.25
C LEU A 298 -14.58 57.63 105.95
N SER A 299 -15.25 58.25 106.94
CA SER A 299 -15.77 59.60 106.74
C SER A 299 -14.64 60.58 106.49
N THR A 300 -13.52 60.42 107.20
CA THR A 300 -12.40 61.34 107.05
C THR A 300 -11.69 61.12 105.71
N TYR A 301 -11.51 59.86 105.30
CA TYR A 301 -10.85 59.53 104.03
C TYR A 301 -11.69 58.49 103.29
N PRO A 302 -12.79 58.90 102.68
CA PRO A 302 -13.56 57.96 101.85
C PRO A 302 -12.79 57.63 100.57
N ARG A 303 -12.67 56.34 100.28
CA ARG A 303 -11.97 55.94 99.07
C ARG A 303 -12.79 56.33 97.84
N THR A 304 -12.10 56.69 96.77
CA THR A 304 -12.70 57.25 95.57
C THR A 304 -12.58 56.29 94.40
N SER A 305 -13.16 56.68 93.27
CA SER A 305 -12.96 55.89 92.05
C SER A 305 -11.50 55.90 91.70
N LEU A 306 -11.06 54.84 91.02
CA LEU A 306 -9.66 54.63 90.73
C LEU A 306 -9.50 54.60 89.21
N PRO A 307 -8.62 55.39 88.59
CA PRO A 307 -8.61 55.45 87.11
C PRO A 307 -8.42 54.08 86.49
N PRO A 308 -9.30 53.66 85.58
CA PRO A 308 -9.18 52.29 85.05
C PRO A 308 -7.89 52.06 84.28
N THR A 309 -7.40 53.06 83.55
CA THR A 309 -6.10 52.90 82.89
C THR A 309 -5.01 52.62 83.91
N MET A 310 -5.09 53.25 85.09
CA MET A 310 -4.05 53.07 86.10
C MET A 310 -4.10 51.67 86.69
N LEU A 311 -5.29 51.18 87.06
CA LEU A 311 -5.35 49.82 87.58
C LEU A 311 -5.03 48.81 86.50
N GLN A 312 -5.33 49.12 85.23
CA GLN A 312 -4.97 48.23 84.14
C GLN A 312 -3.44 48.13 84.00
N ASP A 313 -2.77 49.28 84.09
CA ASP A 313 -1.31 49.28 84.05
C ASP A 313 -0.75 48.50 85.24
N SER A 314 -1.33 48.68 86.42
CA SER A 314 -0.89 47.90 87.58
C SER A 314 -1.10 46.42 87.35
N LEU A 315 -2.25 46.04 86.80
CA LEU A 315 -2.62 44.64 86.70
C LEU A 315 -1.77 43.91 85.66
N ASP A 316 -1.48 44.56 84.53
CA ASP A 316 -0.74 43.91 83.45
C ASP A 316 0.78 43.86 83.70
N ASN A 317 1.24 44.18 84.91
CA ASN A 317 2.63 43.98 85.34
C ASN A 317 2.67 43.10 86.58
N GLY A 318 1.84 42.07 86.62
CA GLY A 318 1.87 41.12 87.71
C GLY A 318 1.60 41.74 89.06
N GLU A 319 0.62 42.63 89.14
CA GLU A 319 0.26 43.33 90.37
C GLU A 319 -1.24 43.22 90.58
N GLY A 320 -1.66 43.33 91.85
CA GLY A 320 -3.05 43.26 92.21
C GLY A 320 -3.74 44.61 92.09
N ARG A 321 -4.97 44.64 92.56
CA ARG A 321 -5.73 45.88 92.56
C ARG A 321 -5.09 46.88 93.52
N PRO A 322 -4.89 48.14 93.13
CA PRO A 322 -4.34 49.11 94.08
C PRO A 322 -5.23 49.28 95.29
N SER A 323 -4.60 49.45 96.45
CA SER A 323 -5.28 49.61 97.73
C SER A 323 -4.55 50.69 98.52
N PRO A 324 -5.19 51.24 99.56
CA PRO A 324 -4.50 52.26 100.37
C PRO A 324 -3.29 51.74 101.13
N MET A 325 -3.09 50.42 101.20
CA MET A 325 -1.89 49.84 101.78
C MET A 325 -1.16 48.98 100.76
N LEU A 326 0.16 49.14 100.71
CA LEU A 326 1.04 48.40 99.82
C LEU A 326 2.05 47.63 100.68
N SER A 327 1.99 46.30 100.62
CA SER A 327 2.94 45.45 101.30
C SER A 327 4.16 45.22 100.41
N VAL A 328 5.34 45.39 100.98
CA VAL A 328 6.61 45.16 100.30
C VAL A 328 7.43 44.18 101.13
N ARG A 329 7.92 43.13 100.49
CA ARG A 329 8.66 42.07 101.16
C ARG A 329 10.07 41.97 100.58
N ASP A 330 10.95 41.32 101.35
CA ASP A 330 12.33 41.06 100.95
C ASP A 330 13.19 42.34 100.90
N LEU A 331 12.72 43.42 101.53
CA LEU A 331 13.48 44.66 101.60
C LEU A 331 13.48 45.18 103.03
N SER A 332 14.56 45.88 103.37
CA SER A 332 14.71 46.42 104.71
C SER A 332 13.88 47.70 104.87
N ILE A 333 13.62 48.04 106.14
CA ILE A 333 12.94 49.30 106.44
C ILE A 333 13.71 50.47 105.88
N LYS A 334 15.04 50.41 105.86
CA LYS A 334 15.80 51.56 105.40
C LYS A 334 15.65 51.75 103.89
N GLN A 335 15.71 50.67 103.12
CA GLN A 335 15.54 50.76 101.68
C GLN A 335 14.12 51.21 101.34
N VAL A 336 13.13 50.57 101.96
CA VAL A 336 11.74 50.94 101.72
C VAL A 336 11.53 52.40 102.11
N GLU A 337 12.16 52.84 103.20
CA GLU A 337 12.03 54.23 103.63
C GLU A 337 12.62 55.18 102.61
N LYS A 338 13.80 54.86 102.08
CA LYS A 338 14.40 55.73 101.06
C LYS A 338 13.48 55.87 99.86
N PHE A 339 12.85 54.76 99.45
CA PHE A 339 11.91 54.85 98.33
C PHE A 339 10.72 55.73 98.70
N ILE A 340 10.21 55.63 99.94
CA ILE A 340 9.10 56.50 100.31
C ILE A 340 9.55 57.95 100.30
N GLU A 341 10.80 58.22 100.69
CA GLU A 341 11.26 59.60 100.70
C GLU A 341 11.34 60.16 99.29
N GLN A 342 11.77 59.35 98.33
CA GLN A 342 11.71 59.78 96.93
C GLN A 342 10.28 60.11 96.52
N THR A 343 9.35 59.17 96.75
CA THR A 343 7.98 59.38 96.32
C THR A 343 7.34 60.57 97.04
N ASN A 344 7.65 60.74 98.33
CA ASN A 344 7.10 61.85 99.09
C ASN A 344 7.67 63.18 98.62
N SER A 345 8.97 63.22 98.33
CA SER A 345 9.58 64.43 97.81
C SER A 345 8.91 64.86 96.52
N HIS A 346 8.51 63.89 95.68
CA HIS A 346 7.84 64.20 94.42
C HIS A 346 6.31 64.18 94.52
N LEU A 347 5.75 64.00 95.71
CA LEU A 347 4.32 64.16 95.93
C LEU A 347 4.09 65.33 96.89
N PRO A 348 2.90 65.94 96.87
CA PRO A 348 2.56 66.90 97.94
C PRO A 348 2.35 66.19 99.27
N ARG A 349 2.40 66.99 100.34
CA ARG A 349 2.32 66.45 101.70
C ARG A 349 1.02 65.72 101.93
N GLU A 350 -0.05 66.11 101.24
CA GLU A 350 -1.38 65.62 101.59
C GLU A 350 -1.67 64.27 100.97
N LYS A 351 -0.87 63.86 99.98
CA LYS A 351 -0.93 62.52 99.40
C LYS A 351 0.40 61.79 99.56
N HIS A 352 1.06 62.03 100.70
CA HIS A 352 2.35 61.42 101.00
C HIS A 352 2.18 59.96 101.38
N ILE A 353 3.30 59.23 101.38
CA ILE A 353 3.37 57.84 101.81
C ILE A 353 4.20 57.78 103.08
N ALA A 354 3.71 57.04 104.07
CA ALA A 354 4.40 56.89 105.33
C ALA A 354 4.40 55.42 105.73
N ILE A 355 5.40 55.04 106.54
CA ILE A 355 5.46 53.68 107.05
C ILE A 355 4.24 53.42 107.91
N SER A 356 3.39 52.49 107.48
CA SER A 356 2.19 52.16 108.22
C SER A 356 2.46 51.08 109.27
N LEU A 357 3.14 50.00 108.88
CA LEU A 357 3.48 48.97 109.84
C LEU A 357 4.68 48.18 109.35
N ILE A 358 5.51 47.75 110.30
CA ILE A 358 6.73 46.99 110.03
C ILE A 358 6.54 45.57 110.55
N ASN A 359 6.05 44.68 109.69
CA ASN A 359 5.76 43.32 110.14
C ASN A 359 7.03 42.54 110.48
N GLY A 360 8.17 42.96 109.94
CA GLY A 360 9.42 42.29 110.19
C GLY A 360 10.55 43.04 109.52
N ALA A 361 11.73 42.45 109.59
CA ALA A 361 12.89 43.06 108.94
C ALA A 361 12.70 43.14 107.44
N ARG A 362 12.16 42.09 106.84
CA ARG A 362 11.94 41.99 105.40
C ARG A 362 10.46 41.87 105.08
N ASN A 363 9.63 42.58 105.83
CA ASN A 363 8.19 42.59 105.58
C ASN A 363 7.62 43.90 106.10
N LEU A 364 7.09 44.72 105.19
CA LEU A 364 6.60 46.05 105.54
C LEU A 364 5.30 46.30 104.81
N VAL A 365 4.51 47.23 105.35
CA VAL A 365 3.30 47.70 104.69
C VAL A 365 3.23 49.20 104.85
N LEU A 366 2.89 49.88 103.76
CA LEU A 366 2.96 51.34 103.65
C LEU A 366 1.59 51.88 103.30
N SER A 367 1.17 52.92 104.02
CA SER A 367 -0.16 53.49 103.87
C SER A 367 -0.10 54.79 103.09
N GLY A 368 -1.22 55.12 102.45
CA GLY A 368 -1.33 56.33 101.67
C GLY A 368 -2.40 56.17 100.60
N PRO A 369 -2.56 57.19 99.76
CA PRO A 369 -3.56 57.09 98.70
C PRO A 369 -3.20 55.97 97.75
N PRO A 370 -4.21 55.29 97.17
CA PRO A 370 -3.89 54.25 96.18
C PRO A 370 -3.12 54.77 94.99
N GLU A 371 -3.38 56.00 94.54
CA GLU A 371 -2.61 56.56 93.43
C GLU A 371 -1.15 56.77 93.81
N SER A 372 -0.91 57.31 95.01
CA SER A 372 0.46 57.49 95.47
C SER A 372 1.18 56.15 95.59
N LEU A 373 0.50 55.13 96.10
CA LEU A 373 1.13 53.82 96.21
C LEU A 373 1.30 53.15 94.85
N TYR A 374 0.45 53.49 93.87
CA TYR A 374 0.69 52.99 92.51
C TYR A 374 1.93 53.60 91.92
N GLY A 375 2.12 54.92 92.08
CA GLY A 375 3.35 55.53 91.64
C GLY A 375 4.56 54.95 92.36
N PHE A 376 4.40 54.71 93.65
CA PHE A 376 5.39 53.97 94.44
C PHE A 376 5.73 52.64 93.78
N ASN A 377 4.71 51.88 93.40
CA ASN A 377 4.95 50.56 92.81
C ASN A 377 5.56 50.67 91.42
N LEU A 378 5.24 51.73 90.68
CA LEU A 378 5.93 51.99 89.42
C LEU A 378 7.42 52.18 89.65
N ASN A 379 7.76 52.99 90.64
CA ASN A 379 9.18 53.21 90.96
C ASN A 379 9.83 51.90 91.37
N LEU A 380 9.15 51.11 92.20
CA LEU A 380 9.73 49.87 92.69
C LEU A 380 9.89 48.85 91.58
N ARG A 381 8.95 48.81 90.63
CA ARG A 381 9.08 47.92 89.48
C ARG A 381 10.21 48.36 88.57
N ASN A 382 10.38 49.68 88.40
CA ASN A 382 11.51 50.16 87.61
C ASN A 382 12.83 49.77 88.25
N GLN A 383 12.92 49.85 89.58
CA GLN A 383 14.18 49.57 90.26
C GLN A 383 14.44 48.09 90.44
N LYS A 384 13.41 47.26 90.53
CA LYS A 384 13.58 45.85 90.81
C LYS A 384 13.90 45.08 89.53
N ALA A 385 14.05 43.78 89.65
CA ALA A 385 14.35 42.86 88.56
C ALA A 385 13.37 41.70 88.60
N PRO A 386 13.18 41.00 87.48
CA PRO A 386 12.23 39.87 87.48
C PRO A 386 12.60 38.77 88.47
N LEU A 389 15.43 36.29 87.21
CA LEU A 389 16.51 36.79 86.36
C LEU A 389 17.66 35.80 86.26
N ASP A 390 17.70 34.82 87.16
CA ASP A 390 18.76 33.82 87.19
C ASP A 390 20.13 34.48 87.37
N GLN A 391 20.29 35.13 88.51
CA GLN A 391 21.52 35.82 88.87
C GLN A 391 22.55 34.90 89.52
N SER A 392 22.35 33.59 89.46
CA SER A 392 23.29 32.66 90.09
C SER A 392 24.70 32.80 89.51
N ARG A 393 24.81 33.23 88.26
CA ARG A 393 26.09 33.43 87.61
C ARG A 393 26.66 34.84 87.82
N VAL A 394 26.08 35.61 88.75
CA VAL A 394 26.49 36.99 89.01
C VAL A 394 27.02 37.06 90.44
N PRO A 395 28.12 37.79 90.71
CA PRO A 395 28.58 37.88 92.11
C PRO A 395 27.52 38.48 93.02
N PHE A 396 27.49 37.99 94.26
CA PHE A 396 26.47 38.40 95.21
C PHE A 396 26.49 39.90 95.49
N SER A 397 27.69 40.50 95.50
CA SER A 397 27.79 41.91 95.83
C SER A 397 27.13 42.80 94.78
N GLU A 398 27.10 42.34 93.52
CA GLU A 398 26.54 43.11 92.42
C GLU A 398 25.24 42.51 91.89
N ARG A 399 24.50 41.80 92.74
CA ARG A 399 23.25 41.18 92.36
C ARG A 399 22.08 42.13 92.63
N LYS A 400 21.19 42.23 91.66
CA LYS A 400 19.99 43.05 91.82
C LYS A 400 19.07 42.43 92.85
N LEU A 401 18.40 43.30 93.60
CA LEU A 401 17.52 42.87 94.69
C LEU A 401 16.18 42.42 94.15
N LYS A 402 15.66 41.34 94.72
CA LYS A 402 14.36 40.80 94.37
C LYS A 402 13.35 41.13 95.46
N CYS A 403 12.09 41.26 95.06
CA CYS A 403 11.02 41.56 96.01
C CYS A 403 9.68 41.23 95.37
N SER A 404 8.71 40.90 96.22
CA SER A 404 7.35 40.57 95.81
C SER A 404 6.40 41.49 96.57
N ASN A 405 6.13 42.66 95.99
CA ASN A 405 5.25 43.65 96.61
C ASN A 405 3.86 43.56 95.99
N ARG A 406 2.84 43.71 96.84
CA ARG A 406 1.46 43.63 96.41
C ARG A 406 0.60 44.42 97.39
N PHE A 407 -0.57 44.85 96.92
CA PHE A 407 -1.47 45.62 97.75
C PHE A 407 -2.34 44.68 98.59
N LEU A 408 -2.50 45.02 99.87
CA LEU A 408 -3.30 44.20 100.75
C LEU A 408 -4.78 44.38 100.44
N PRO A 409 -5.63 43.40 100.81
CA PRO A 409 -7.09 43.63 100.69
C PRO A 409 -7.62 44.53 101.82
N ILE A 410 -7.55 45.84 101.60
CA ILE A 410 -8.05 46.81 102.55
C ILE A 410 -8.51 48.04 101.79
N PHE A 411 -9.45 48.79 102.39
CA PHE A 411 -9.99 50.02 101.83
C PHE A 411 -9.86 51.17 102.82
N ALA A 412 -8.68 51.35 103.41
CA ALA A 412 -8.39 52.47 104.28
C ALA A 412 -6.89 52.55 104.56
N PRO A 413 -6.27 53.74 104.55
CA PRO A 413 -4.84 53.82 104.91
C PRO A 413 -4.61 53.96 106.41
N PHE A 414 -4.68 52.85 107.11
CA PHE A 414 -4.47 52.87 108.56
C PHE A 414 -3.01 53.19 108.89
N HIS A 415 -2.81 53.86 110.02
CA HIS A 415 -1.49 54.30 110.45
C HIS A 415 -0.87 55.25 109.44
N SER A 416 -1.59 56.35 109.19
CA SER A 416 -1.12 57.38 108.28
C SER A 416 -1.74 58.71 108.68
N HIS A 417 -1.14 59.78 108.17
CA HIS A 417 -1.62 61.13 108.46
C HIS A 417 -3.01 61.38 107.89
N LEU A 418 -3.45 60.58 106.92
CA LEU A 418 -4.76 60.81 106.30
C LEU A 418 -5.88 60.66 107.33
N LEU A 419 -5.77 59.68 108.21
CA LEU A 419 -6.75 59.45 109.26
C LEU A 419 -6.39 60.14 110.57
N ALA A 420 -5.34 60.95 110.59
CA ALA A 420 -4.95 61.63 111.82
C ALA A 420 -6.03 62.61 112.28
N ASP A 421 -6.66 63.30 111.33
CA ASP A 421 -7.74 64.22 111.70
C ASP A 421 -9.00 63.49 112.15
N ALA A 422 -9.11 62.19 111.86
CA ALA A 422 -10.22 61.40 112.40
C ALA A 422 -10.02 61.08 113.88
N THR A 423 -8.81 61.23 114.41
CA THR A 423 -8.52 60.82 115.77
C THR A 423 -9.39 61.57 116.77
N GLU A 424 -9.24 62.90 116.81
CA GLU A 424 -9.96 63.71 117.78
C GLU A 424 -11.46 63.48 117.72
N LEU A 425 -12.00 63.29 116.51
CA LEU A 425 -13.41 62.97 116.38
C LEU A 425 -13.73 61.62 117.00
N ILE A 426 -12.85 60.63 116.81
CA ILE A 426 -13.09 59.31 117.40
C ILE A 426 -13.11 59.40 118.93
N LEU A 427 -12.15 60.13 119.52
CA LEU A 427 -12.15 60.27 120.97
C LEU A 427 -13.37 61.05 121.46
N ASP A 428 -13.75 62.11 120.76
CA ASP A 428 -14.91 62.89 121.17
C ASP A 428 -16.17 62.04 121.15
N ASP A 429 -16.31 61.19 120.12
CA ASP A 429 -17.47 60.32 120.03
C ASP A 429 -17.42 59.22 121.07
N VAL A 430 -16.22 58.72 121.37
CA VAL A 430 -16.07 57.69 122.40
C VAL A 430 -16.47 58.23 123.76
N LYS A 431 -16.08 59.47 124.06
CA LYS A 431 -16.35 60.03 125.38
C LYS A 431 -17.84 60.12 125.69
N GLU A 432 -18.70 60.08 124.67
CA GLU A 432 -20.13 60.16 124.86
C GLU A 432 -20.75 58.83 125.26
N HIS A 433 -20.15 57.71 124.88
CA HIS A 433 -20.72 56.39 125.13
C HIS A 433 -20.12 55.69 126.35
N GLY A 434 -19.33 56.40 127.15
CA GLY A 434 -18.78 55.78 128.34
C GLY A 434 -17.73 54.71 128.07
N LEU A 435 -17.16 54.69 126.87
CA LEU A 435 -16.17 53.68 126.53
C LEU A 435 -14.85 54.00 127.23
N SER A 436 -14.39 53.06 128.06
CA SER A 436 -13.19 53.27 128.87
C SER A 436 -12.66 51.92 129.32
N PHE A 437 -11.39 51.62 128.99
CA PHE A 437 -10.71 50.44 129.48
C PHE A 437 -9.74 50.88 130.57
N GLU A 438 -10.02 50.48 131.81
CA GLU A 438 -9.17 50.80 132.96
C GLU A 438 -8.64 49.57 133.67
N GLY A 439 -9.49 48.60 133.97
CA GLY A 439 -9.10 47.45 134.76
C GLY A 439 -8.54 46.31 133.94
N LEU A 440 -7.30 46.47 133.45
CA LEU A 440 -6.63 45.43 132.69
C LEU A 440 -5.84 44.54 133.64
N LYS A 441 -6.05 43.23 133.52
CA LYS A 441 -5.40 42.27 134.40
C LYS A 441 -4.05 41.83 133.85
N ILE A 442 -4.05 41.26 132.64
CA ILE A 442 -2.80 40.82 132.01
C ILE A 442 -2.14 42.00 131.33
N PRO A 443 -0.83 41.98 131.09
CA PRO A 443 -0.22 43.06 130.32
C PRO A 443 -0.72 43.05 128.89
N VAL A 444 -0.80 44.24 128.30
CA VAL A 444 -1.16 44.42 126.90
C VAL A 444 -0.03 45.20 126.27
N TYR A 445 0.78 44.53 125.46
CA TYR A 445 1.96 45.16 124.88
C TYR A 445 1.54 46.25 123.90
N ASP A 446 2.13 47.42 124.07
CA ASP A 446 1.82 48.55 123.20
C ASP A 446 2.29 48.25 121.79
N THR A 447 1.41 48.46 120.81
CA THR A 447 1.69 48.07 119.43
C THR A 447 2.76 48.94 118.80
N PHE A 448 2.99 50.14 119.32
CA PHE A 448 4.02 51.05 118.82
C PHE A 448 5.22 51.15 119.75
N ASP A 449 4.99 51.48 121.01
CA ASP A 449 6.07 51.69 121.96
C ASP A 449 6.52 50.40 122.64
N GLY A 450 5.69 49.36 122.62
CA GLY A 450 6.04 48.07 123.19
C GLY A 450 5.72 47.89 124.65
N SER A 451 5.39 48.96 125.37
CA SER A 451 5.19 48.89 126.80
C SER A 451 3.77 48.39 127.13
N ASP A 452 3.51 48.21 128.41
CA ASP A 452 2.19 47.80 128.89
C ASP A 452 1.26 49.01 128.92
N PHE A 453 0.00 48.78 128.52
CA PHE A 453 -0.99 49.85 128.60
C PHE A 453 -1.35 50.19 130.04
N GLN A 454 -1.07 49.30 130.99
CA GLN A 454 -1.41 49.57 132.38
C GLN A 454 -0.68 50.80 132.90
N ALA A 455 0.59 50.96 132.53
CA ALA A 455 1.41 52.10 132.96
C ALA A 455 1.33 53.21 131.92
N LEU A 456 0.15 53.82 131.83
CA LEU A 456 -0.08 54.94 130.94
C LEU A 456 -0.85 56.03 131.68
N LYS A 457 -0.38 57.27 131.55
CA LYS A 457 -1.09 58.40 132.16
C LYS A 457 -2.38 58.69 131.40
N GLU A 458 -2.32 58.68 130.07
CA GLU A 458 -3.50 58.98 129.26
C GLU A 458 -4.45 57.79 129.23
N PRO A 459 -5.70 57.99 128.83
CA PRO A 459 -6.63 56.86 128.75
C PRO A 459 -6.17 55.80 127.77
N ILE A 460 -6.45 54.56 128.12
CA ILE A 460 -6.04 53.43 127.28
C ILE A 460 -6.69 53.53 125.92
N ILE A 461 -7.97 53.93 125.87
CA ILE A 461 -8.66 54.01 124.59
C ILE A 461 -8.08 55.14 123.76
N ASP A 462 -7.75 56.26 124.40
CA ASP A 462 -7.10 57.34 123.68
C ASP A 462 -5.81 56.87 123.02
N ARG A 463 -4.97 56.18 123.80
CA ARG A 463 -3.70 55.69 123.26
C ARG A 463 -3.94 54.70 122.12
N VAL A 464 -4.90 53.79 122.28
CA VAL A 464 -5.13 52.76 121.28
C VAL A 464 -5.70 53.36 120.00
N VAL A 465 -6.61 54.32 120.13
CA VAL A 465 -7.18 54.97 118.94
C VAL A 465 -6.08 55.73 118.20
N LYS A 466 -5.25 56.47 118.95
CA LYS A 466 -4.15 57.18 118.31
C LYS A 466 -3.22 56.22 117.60
N LEU A 467 -2.98 55.05 118.20
CA LEU A 467 -2.19 54.01 117.55
C LEU A 467 -2.82 53.56 116.24
N ILE A 468 -4.11 53.19 116.27
CA ILE A 468 -4.73 52.60 115.09
C ILE A 468 -4.84 53.61 113.97
N THR A 469 -5.08 54.88 114.30
CA THR A 469 -5.27 55.90 113.28
C THR A 469 -3.95 56.47 112.77
N GLU A 470 -3.12 57.01 113.67
CA GLU A 470 -1.97 57.81 113.28
C GLU A 470 -0.65 57.04 113.35
N LEU A 471 -0.29 56.51 114.53
CA LEU A 471 1.06 56.05 114.74
C LEU A 471 1.34 54.79 113.93
N PRO A 472 2.61 54.54 113.57
CA PRO A 472 2.95 53.30 112.86
C PRO A 472 2.94 52.12 113.82
N VAL A 473 3.30 50.95 113.28
CA VAL A 473 3.39 49.72 114.05
C VAL A 473 4.76 49.11 113.81
N HIS A 474 5.60 49.10 114.84
CA HIS A 474 6.82 48.28 114.86
C HIS A 474 6.40 46.94 115.44
N TRP A 475 5.97 46.03 114.56
CA TRP A 475 5.32 44.81 115.02
C TRP A 475 6.24 43.96 115.87
N GLU A 476 7.48 43.76 115.40
CA GLU A 476 8.43 42.92 116.13
C GLU A 476 8.73 43.50 117.51
N GLU A 477 8.98 44.80 117.58
CA GLU A 477 9.25 45.45 118.84
C GLU A 477 8.05 45.34 119.77
N ALA A 478 6.84 45.45 119.21
CA ALA A 478 5.63 45.30 120.02
C ALA A 478 5.51 43.89 120.58
N THR A 479 5.81 42.89 119.76
CA THR A 479 5.71 41.49 120.16
C THR A 479 7.08 40.93 120.54
N ASN A 480 7.90 41.75 121.18
CA ASN A 480 9.14 41.25 121.80
C ASN A 480 8.75 40.26 122.91
N HIS A 481 8.33 39.10 122.55
CA HIS A 481 7.80 38.24 123.60
C HIS A 481 8.91 37.48 124.32
N LYS A 482 8.64 37.13 125.59
CA LYS A 482 9.40 36.13 126.32
C LYS A 482 8.38 35.06 126.72
N ALA A 483 8.14 34.13 125.82
CA ALA A 483 7.09 33.13 126.01
C ALA A 483 7.34 31.97 125.05
N THR A 484 6.65 30.86 125.31
CA THR A 484 6.79 29.66 124.52
C THR A 484 5.62 29.41 123.58
N HIS A 485 4.41 29.81 123.97
CA HIS A 485 3.20 29.54 123.20
C HIS A 485 2.48 30.84 122.88
N ILE A 486 2.27 31.09 121.60
CA ILE A 486 1.54 32.24 121.09
C ILE A 486 0.38 31.69 120.27
N LEU A 487 -0.78 32.33 120.37
CA LEU A 487 -1.95 31.93 119.60
C LEU A 487 -2.60 33.14 118.94
N ASP A 488 -2.86 33.02 117.64
CA ASP A 488 -3.50 34.06 116.86
C ASP A 488 -4.99 33.77 116.72
N PHE A 489 -5.80 34.76 117.10
CA PHE A 489 -7.26 34.65 116.99
C PHE A 489 -7.84 35.48 115.85
N GLY A 490 -7.01 36.07 115.00
CA GLY A 490 -7.50 37.00 114.01
C GLY A 490 -7.98 36.34 112.73
N PRO A 491 -8.40 37.16 111.76
CA PRO A 491 -8.76 36.61 110.44
C PRO A 491 -7.55 36.10 109.68
N GLY A 492 -7.78 35.53 108.52
CA GLY A 492 -6.69 35.03 107.68
C GLY A 492 -6.29 33.60 107.98
N GLY A 493 -6.05 33.29 109.25
CA GLY A 493 -5.61 31.96 109.62
C GLY A 493 -4.24 31.63 109.04
N VAL A 494 -4.22 30.76 108.03
CA VAL A 494 -2.95 30.43 107.37
C VAL A 494 -2.35 31.68 106.74
N SER A 495 -3.18 32.59 106.24
CA SER A 495 -2.71 33.84 105.69
C SER A 495 -2.73 34.99 106.70
N GLY A 496 -2.99 34.68 107.97
CA GLY A 496 -3.17 35.70 108.99
C GLY A 496 -1.88 36.09 109.68
N LEU A 497 -2.03 36.61 110.90
CA LEU A 497 -0.91 37.16 111.65
C LEU A 497 -0.02 36.08 112.25
N GLY A 498 -0.59 34.91 112.57
CA GLY A 498 0.19 33.88 113.23
C GLY A 498 1.34 33.37 112.37
N VAL A 499 1.05 33.05 111.12
CA VAL A 499 2.09 32.56 110.23
C VAL A 499 3.13 33.66 109.99
N LEU A 500 2.68 34.91 109.93
CA LEU A 500 3.61 36.02 109.69
C LEU A 500 4.59 36.17 110.85
N THR A 501 4.10 36.12 112.09
CA THR A 501 4.99 36.25 113.24
C THR A 501 5.78 34.97 113.51
N HIS A 502 5.31 33.82 113.01
CA HIS A 502 6.08 32.59 113.13
C HIS A 502 7.42 32.72 112.43
N ARG A 503 7.43 33.35 111.26
CA ARG A 503 8.69 33.55 110.54
C ARG A 503 9.65 34.41 111.36
N ASN A 504 9.13 35.45 112.02
CA ASN A 504 9.97 36.30 112.85
C ASN A 504 10.49 35.57 114.08
N LYS A 505 9.75 34.58 114.59
CA LYS A 505 10.16 33.82 115.78
C LYS A 505 10.30 32.33 115.48
N GLU A 506 10.93 31.99 114.35
CA GLU A 506 11.11 30.59 114.00
C GLU A 506 12.00 29.88 115.02
N GLY A 507 13.18 30.43 115.29
CA GLY A 507 14.20 29.78 116.09
C GLY A 507 14.35 30.27 117.51
N THR A 508 13.40 31.04 118.02
CA THR A 508 13.45 31.58 119.38
C THR A 508 12.67 30.73 120.37
N GLY A 509 12.19 29.56 119.97
CA GLY A 509 11.41 28.73 120.86
C GLY A 509 9.95 29.09 120.94
N ALA A 510 9.43 29.85 119.99
CA ALA A 510 8.05 30.29 119.97
C ALA A 510 7.22 29.37 119.09
N ARG A 511 6.10 28.89 119.62
CA ARG A 511 5.17 28.02 118.90
C ARG A 511 3.91 28.82 118.64
N ILE A 512 3.62 29.08 117.36
CA ILE A 512 2.42 29.82 116.98
C ILE A 512 1.30 28.83 116.70
N ILE A 513 0.13 29.09 117.28
CA ILE A 513 -1.06 28.26 117.14
C ILE A 513 -2.15 29.12 116.52
N LEU A 514 -2.69 28.67 115.40
CA LEU A 514 -3.69 29.44 114.66
C LEU A 514 -5.07 29.08 115.22
N ALA A 515 -5.46 29.73 116.31
CA ALA A 515 -6.71 29.41 116.98
C ALA A 515 -7.88 30.15 116.36
N GLY A 516 -7.98 30.07 115.04
CA GLY A 516 -9.07 30.70 114.30
C GLY A 516 -9.53 29.91 113.10
N THR A 517 -8.95 28.72 112.88
CA THR A 517 -9.30 27.92 111.72
C THR A 517 -8.85 26.48 111.96
N LEU A 518 -9.63 25.55 111.44
CA LEU A 518 -9.30 24.12 111.45
C LEU A 518 -8.87 23.72 110.05
N ASP A 519 -7.68 23.15 109.93
CA ASP A 519 -7.16 22.68 108.66
C ASP A 519 -6.12 21.62 108.95
N SER A 520 -5.77 20.87 107.90
CA SER A 520 -4.67 19.93 108.01
C SER A 520 -3.41 20.66 108.45
N ASN A 521 -2.69 20.08 109.41
CA ASN A 521 -1.53 20.74 109.96
C ASN A 521 -0.48 20.93 108.87
N PRO A 522 0.45 21.89 109.05
CA PRO A 522 1.45 22.12 108.01
C PRO A 522 2.26 20.86 107.73
N ILE A 523 2.55 20.65 106.45
CA ILE A 523 3.31 19.46 106.04
C ILE A 523 4.69 19.42 106.69
N ASP A 524 5.22 20.57 107.10
CA ASP A 524 6.48 20.63 107.84
C ASP A 524 6.28 20.84 109.33
N ASP A 525 5.04 20.99 109.80
CA ASP A 525 4.72 21.08 111.22
C ASP A 525 5.48 22.22 111.88
N GLU A 526 5.17 23.44 111.44
CA GLU A 526 5.84 24.65 111.88
C GLU A 526 5.01 25.48 112.84
N TYR A 527 3.73 25.71 112.53
CA TYR A 527 2.80 26.41 113.39
C TYR A 527 1.61 25.52 113.69
N GLY A 528 1.04 25.69 114.89
CA GLY A 528 -0.08 24.89 115.31
C GLY A 528 -1.40 25.33 114.71
N PHE A 529 -2.50 24.93 115.32
CA PHE A 529 -3.82 25.22 114.78
C PHE A 529 -4.85 25.07 115.92
N LYS A 530 -6.11 25.29 115.57
CA LYS A 530 -7.20 25.10 116.51
C LYS A 530 -7.16 23.70 117.11
N HIS A 531 -6.84 22.71 116.27
CA HIS A 531 -6.72 21.34 116.74
C HIS A 531 -5.59 21.22 117.76
N GLU A 532 -4.57 22.08 117.66
CA GLU A 532 -3.41 21.95 118.52
C GLU A 532 -3.67 22.58 119.87
N ILE A 533 -4.36 23.73 119.89
CA ILE A 533 -4.78 24.27 121.18
C ILE A 533 -5.75 23.31 121.86
N PHE A 534 -6.66 22.71 121.09
CA PHE A 534 -7.72 21.92 121.71
C PHE A 534 -7.35 20.45 121.95
N GLN A 535 -6.17 20.00 121.53
CA GLN A 535 -5.78 18.62 121.85
C GLN A 535 -5.57 18.45 123.34
N THR A 536 -5.81 17.22 123.81
CA THR A 536 -5.68 16.88 125.23
C THR A 536 -4.49 15.97 125.53
N SER A 537 -4.10 15.11 124.59
CA SER A 537 -2.91 14.30 124.79
C SER A 537 -1.67 15.19 124.74
N ALA A 538 -0.82 15.06 125.77
CA ALA A 538 0.36 15.91 125.90
C ALA A 538 1.54 15.38 125.09
N ASP A 539 1.29 15.08 123.82
CA ASP A 539 2.32 14.84 122.82
C ASP A 539 2.10 15.70 121.59
N LYS A 540 0.83 15.89 121.21
CA LYS A 540 0.45 16.86 120.17
C LYS A 540 -0.16 18.13 120.75
N ALA A 541 -0.67 18.08 121.98
CA ALA A 541 -1.15 19.31 122.63
C ALA A 541 0.02 20.20 123.03
N ILE A 542 1.06 19.61 123.62
CA ILE A 542 2.28 20.32 123.96
C ILE A 542 3.25 20.12 122.81
N LYS A 543 3.44 21.15 122.01
CA LYS A 543 4.41 21.16 120.92
C LYS A 543 5.23 22.43 121.01
N TRP A 544 6.55 22.28 121.08
CA TRP A 544 7.46 23.41 121.21
C TRP A 544 8.25 23.56 119.93
N ALA A 545 8.29 24.77 119.39
CA ALA A 545 9.09 25.02 118.21
C ALA A 545 10.57 24.87 118.54
N PRO A 546 11.41 24.52 117.56
CA PRO A 546 12.84 24.37 117.86
C PRO A 546 13.45 25.66 118.37
N ASP A 547 14.23 25.55 119.44
CA ASP A 547 15.04 26.63 119.98
C ASP A 547 16.49 26.24 119.69
N TRP A 548 17.03 26.78 118.60
CA TRP A 548 18.31 26.30 118.08
C TRP A 548 19.43 26.49 119.09
N LEU A 549 19.41 27.59 119.86
CA LEU A 549 20.45 27.81 120.86
C LEU A 549 20.47 26.70 121.89
N LYS A 550 19.30 26.18 122.27
CA LYS A 550 19.21 25.14 123.29
C LYS A 550 19.43 23.75 122.72
N GLU A 551 18.75 23.42 121.61
CA GLU A 551 18.79 22.07 121.09
C GLU A 551 19.99 21.79 120.18
N LEU A 552 20.73 22.83 119.77
CA LEU A 552 21.96 22.67 119.01
C LEU A 552 23.10 23.40 119.69
N ARG A 553 23.02 23.52 121.01
CA ARG A 553 24.08 24.18 121.77
C ARG A 553 25.38 23.41 121.63
N PRO A 554 26.52 24.08 121.39
CA PRO A 554 27.80 23.34 121.42
C PRO A 554 28.17 22.94 122.83
N THR A 555 28.08 21.65 123.14
CA THR A 555 28.33 21.15 124.48
C THR A 555 29.76 20.64 124.57
N LEU A 556 30.21 20.36 125.78
CA LEU A 556 31.47 19.66 126.02
C LEU A 556 31.21 18.30 126.62
N VAL A 557 32.14 17.37 126.37
CA VAL A 557 32.07 16.03 126.92
C VAL A 557 33.50 15.55 127.14
N LYS A 558 33.65 14.52 127.97
CA LYS A 558 34.96 13.95 128.26
C LYS A 558 34.93 12.44 128.05
N ASN A 559 36.07 11.90 127.63
CA ASN A 559 36.22 10.47 127.41
C ASN A 559 36.72 9.79 128.68
N SER A 560 36.81 8.46 128.64
CA SER A 560 37.39 7.74 129.77
C SER A 560 38.85 8.11 129.97
N GLU A 561 39.59 8.28 128.88
CA GLU A 561 40.98 8.71 128.95
C GLU A 561 41.13 10.14 129.46
N GLY A 562 40.05 10.91 129.51
CA GLY A 562 40.07 12.28 129.97
C GLY A 562 40.10 13.32 128.88
N LYS A 563 40.22 12.91 127.62
CA LYS A 563 40.24 13.87 126.52
C LYS A 563 38.90 14.58 126.43
N ILE A 564 38.96 15.88 126.20
CA ILE A 564 37.76 16.73 126.12
C ILE A 564 37.39 16.89 124.65
N TYR A 565 36.13 16.62 124.33
CA TYR A 565 35.59 16.74 122.99
C TYR A 565 34.42 17.71 122.99
N VAL A 566 34.16 18.30 121.83
CA VAL A 566 33.06 19.23 121.66
C VAL A 566 31.86 18.46 121.13
N LYS A 567 30.90 18.18 122.01
CA LYS A 567 29.72 17.40 121.67
C LYS A 567 28.77 18.26 120.85
N THR A 568 28.56 17.86 119.59
CA THR A 568 27.58 18.45 118.70
C THR A 568 26.95 17.34 117.88
N LYS A 569 25.96 17.71 117.05
CA LYS A 569 25.32 16.75 116.16
C LYS A 569 26.32 16.14 115.18
N PHE A 570 27.41 16.83 114.87
CA PHE A 570 28.45 16.35 113.97
C PHE A 570 29.53 15.56 114.70
N SER A 571 30.04 16.08 115.81
CA SER A 571 31.05 15.36 116.56
C SER A 571 30.51 14.06 117.15
N GLN A 572 29.20 14.01 117.44
CA GLN A 572 28.63 12.80 118.02
C GLN A 572 28.73 11.62 117.06
N LEU A 573 28.45 11.86 115.78
CA LEU A 573 28.52 10.78 114.80
C LEU A 573 29.96 10.33 114.58
N LEU A 574 30.88 11.26 114.38
CA LEU A 574 32.27 10.90 114.07
C LEU A 574 32.99 10.32 115.26
N GLY A 575 32.59 10.67 116.48
CA GLY A 575 33.34 10.27 117.65
C GLY A 575 34.64 11.02 117.84
N ARG A 576 34.86 12.09 117.09
CA ARG A 576 36.07 12.91 117.21
C ARG A 576 35.65 14.37 117.08
N ALA A 577 36.64 15.26 117.04
CA ALA A 577 36.35 16.69 117.06
C ALA A 577 35.55 17.09 115.82
N PRO A 578 34.69 18.14 115.92
CA PRO A 578 33.89 18.58 114.77
C PRO A 578 34.65 19.56 113.87
N LEU A 579 35.89 19.23 113.54
CA LEU A 579 36.78 20.10 112.77
C LEU A 579 37.43 19.23 111.69
N MET A 580 36.86 19.25 110.50
CA MET A 580 37.28 18.40 109.41
C MET A 580 38.17 19.15 108.43
N VAL A 581 38.86 18.38 107.60
CA VAL A 581 39.64 18.90 106.48
C VAL A 581 38.93 18.47 105.20
N ALA A 582 38.41 19.43 104.46
CA ALA A 582 37.60 19.11 103.29
C ALA A 582 38.48 18.56 102.17
N GLY A 583 37.80 17.92 101.21
CA GLY A 583 38.53 17.34 100.09
C GLY A 583 39.17 18.41 99.23
N MET A 584 40.36 18.10 98.71
CA MET A 584 41.14 19.05 97.93
C MET A 584 41.93 18.29 96.88
N THR A 585 41.63 18.57 95.61
CA THR A 585 42.34 17.87 94.53
C THR A 585 43.84 18.11 94.56
N PRO A 586 44.35 19.33 94.72
CA PRO A 586 45.80 19.49 94.80
C PRO A 586 46.34 19.13 96.19
N THR A 587 45.66 19.58 97.24
CA THR A 587 46.25 19.54 98.57
C THR A 587 45.97 18.24 99.31
N THR A 588 44.84 17.59 99.03
CA THR A 588 44.42 16.42 99.80
C THR A 588 44.33 15.23 98.84
N VAL A 589 45.36 15.05 98.03
CA VAL A 589 45.57 13.82 97.27
C VAL A 589 46.78 13.06 97.74
N ASN A 590 47.60 13.64 98.61
CA ASN A 590 48.78 12.95 99.10
C ASN A 590 48.36 11.93 100.15
N THR A 591 49.04 10.79 100.15
CA THR A 591 48.75 9.78 101.15
C THR A 591 49.08 10.29 102.55
N ASP A 592 50.19 11.03 102.68
CA ASP A 592 50.66 11.43 104.00
C ASP A 592 49.75 12.47 104.64
N ILE A 593 49.29 13.46 103.87
CA ILE A 593 48.44 14.49 104.47
C ILE A 593 47.17 13.87 105.03
N VAL A 594 46.57 12.94 104.29
CA VAL A 594 45.37 12.29 104.79
C VAL A 594 45.68 11.41 105.99
N SER A 595 46.72 10.59 105.88
CA SER A 595 47.00 9.62 106.95
C SER A 595 47.36 10.31 108.26
N ALA A 596 48.27 11.28 108.21
CA ALA A 596 48.72 11.93 109.43
C ALA A 596 47.66 12.88 109.98
N SER A 597 46.94 13.57 109.11
CA SER A 597 45.82 14.39 109.57
C SER A 597 44.77 13.54 110.28
N LEU A 598 44.55 12.32 109.77
CA LEU A 598 43.62 11.41 110.41
C LEU A 598 44.19 10.92 111.75
N ASN A 599 45.48 10.57 111.76
CA ASN A 599 46.10 10.09 112.99
C ASN A 599 46.09 11.16 114.08
N ALA A 600 46.08 12.43 113.69
CA ALA A 600 45.89 13.51 114.65
C ALA A 600 44.51 13.43 115.30
N GLY A 601 43.55 12.77 114.68
CA GLY A 601 42.23 12.57 115.25
C GLY A 601 41.20 13.51 114.67
N TYR A 602 41.32 13.81 113.38
CA TYR A 602 40.43 14.75 112.70
C TYR A 602 40.07 14.19 111.33
N HIS A 603 38.79 14.28 110.99
CA HIS A 603 38.31 13.66 109.76
C HIS A 603 38.80 14.43 108.54
N ILE A 604 39.32 13.69 107.56
CA ILE A 604 39.81 14.26 106.31
C ILE A 604 39.38 13.34 105.18
N GLU A 605 38.95 13.93 104.08
CA GLU A 605 38.47 13.18 102.92
C GLU A 605 39.47 13.28 101.78
N LEU A 606 40.11 12.15 101.47
CA LEU A 606 41.06 12.08 100.36
C LEU A 606 40.35 12.42 99.05
N ALA A 607 40.90 13.39 98.32
CA ALA A 607 40.30 13.82 97.06
C ALA A 607 40.67 12.85 95.95
N GLY A 608 39.72 12.56 95.07
CA GLY A 608 39.99 11.77 93.90
C GLY A 608 40.53 12.53 92.71
N GLY A 609 40.58 13.87 92.79
CA GLY A 609 40.91 14.66 91.62
C GLY A 609 42.30 14.38 91.10
N GLY A 610 43.23 14.06 91.99
CA GLY A 610 44.57 13.67 91.59
C GLY A 610 44.68 12.23 91.16
N TYR A 611 43.59 11.48 91.19
CA TYR A 611 43.56 10.09 90.78
C TYR A 611 42.62 9.95 89.59
N PHE A 612 43.12 9.35 88.52
CA PHE A 612 42.41 9.26 87.26
C PHE A 612 41.99 7.84 86.90
N SER A 613 42.18 6.87 87.80
CA SER A 613 41.69 5.53 87.56
C SER A 613 41.56 4.80 88.90
N PRO A 614 40.72 3.76 88.96
CA PRO A 614 40.54 3.03 90.20
C PRO A 614 41.81 2.43 90.73
N VAL A 615 42.78 2.08 89.89
CA VAL A 615 44.00 1.48 90.42
C VAL A 615 44.79 2.51 91.23
N MET A 616 44.88 3.75 90.72
CA MET A 616 45.56 4.78 91.51
C MET A 616 44.80 5.07 92.79
N MET A 617 43.46 5.18 92.69
CA MET A 617 42.69 5.46 93.89
C MET A 617 42.83 4.34 94.91
N THR A 618 42.82 3.08 94.46
CA THR A 618 42.96 1.95 95.36
C THR A 618 44.35 1.93 96.00
N ARG A 619 45.39 2.25 95.23
CA ARG A 619 46.73 2.28 95.80
C ARG A 619 46.82 3.36 96.88
N ALA A 620 46.26 4.54 96.62
CA ALA A 620 46.31 5.60 97.61
C ALA A 620 45.53 5.21 98.87
N ILE A 621 44.34 4.63 98.68
CA ILE A 621 43.54 4.21 99.83
C ILE A 621 44.26 3.14 100.63
N ASP A 622 44.89 2.18 99.93
CA ASP A 622 45.63 1.13 100.63
C ASP A 622 46.81 1.71 101.41
N ASP A 623 47.53 2.65 100.82
CA ASP A 623 48.66 3.26 101.51
C ASP A 623 48.19 3.99 102.77
N ILE A 624 47.10 4.75 102.66
CA ILE A 624 46.58 5.47 103.82
C ILE A 624 46.12 4.49 104.88
N VAL A 625 45.43 3.41 104.48
CA VAL A 625 44.94 2.42 105.42
C VAL A 625 46.11 1.76 106.15
N SER A 626 47.18 1.46 105.42
CA SER A 626 48.35 0.86 106.05
C SER A 626 49.03 1.83 107.01
N ARG A 627 49.06 3.12 106.68
CA ARG A 627 49.76 4.10 107.49
C ARG A 627 48.95 4.62 108.66
N ILE A 628 47.63 4.38 108.70
CA ILE A 628 46.81 4.78 109.85
C ILE A 628 46.70 3.60 110.81
N LYS A 629 46.39 3.92 112.06
CA LYS A 629 46.27 2.94 113.12
C LYS A 629 44.95 2.18 113.00
N PRO A 630 44.82 1.05 113.71
CA PRO A 630 43.55 0.33 113.69
C PRO A 630 42.46 1.09 114.44
N GLY A 631 41.21 0.74 114.15
CA GLY A 631 40.08 1.44 114.72
C GLY A 631 39.80 2.78 114.10
N TYR A 632 40.45 3.10 112.98
CA TYR A 632 40.39 4.41 112.37
C TYR A 632 39.52 4.38 111.12
N GLY A 633 39.22 5.57 110.61
CA GLY A 633 38.36 5.69 109.44
C GLY A 633 38.57 6.99 108.69
N LEU A 634 38.64 6.90 107.36
CA LEU A 634 38.85 8.03 106.48
C LEU A 634 37.62 8.28 105.62
N GLY A 635 37.69 9.34 104.80
CA GLY A 635 36.66 9.62 103.84
C GLY A 635 37.27 9.83 102.46
N ILE A 636 36.39 9.92 101.47
CA ILE A 636 36.78 10.17 100.08
C ILE A 636 35.94 11.32 99.56
N ASN A 637 36.51 12.11 98.66
CA ASN A 637 35.85 13.23 98.01
C ASN A 637 35.85 13.01 96.50
N LEU A 638 34.66 13.12 95.90
CA LEU A 638 34.45 12.92 94.48
C LEU A 638 33.76 14.15 93.90
N ILE A 639 34.16 14.55 92.69
CA ILE A 639 33.62 15.70 92.00
C ILE A 639 32.49 15.23 91.10
N TYR A 640 31.34 15.90 91.19
CA TYR A 640 30.17 15.54 90.41
C TYR A 640 30.17 16.12 89.01
N VAL A 641 31.04 17.08 88.72
CA VAL A 641 31.03 17.73 87.41
C VAL A 641 31.46 16.75 86.31
N ASN A 642 32.42 15.88 86.61
CA ASN A 642 32.96 14.96 85.62
C ASN A 642 32.32 13.59 85.78
N PRO A 643 31.51 13.12 84.83
CA PRO A 643 30.89 11.81 84.97
C PRO A 643 31.88 10.65 85.02
N PHE A 644 33.07 10.81 84.42
CA PHE A 644 34.06 9.75 84.47
C PHE A 644 34.50 9.47 85.90
N MET A 645 34.72 10.53 86.68
CA MET A 645 35.09 10.36 88.07
C MET A 645 34.05 9.52 88.79
N LEU A 646 32.77 9.87 88.62
CA LEU A 646 31.71 9.14 89.31
C LEU A 646 31.68 7.68 88.85
N GLN A 647 31.74 7.46 87.53
CA GLN A 647 31.54 6.10 87.03
C GLN A 647 32.69 5.18 87.39
N TRP A 648 33.91 5.71 87.60
CA TRP A 648 34.99 4.85 88.09
C TRP A 648 35.13 4.85 89.61
N GLY A 649 34.59 5.85 90.31
CA GLY A 649 34.80 5.94 91.74
C GLY A 649 33.70 5.31 92.58
N ILE A 650 32.44 5.46 92.17
CA ILE A 650 31.34 4.87 92.92
C ILE A 650 31.44 3.35 92.96
N PRO A 651 31.65 2.65 91.83
CA PRO A 651 31.87 1.20 91.94
C PRO A 651 33.06 0.84 92.79
N LEU A 652 34.14 1.63 92.73
CA LEU A 652 35.30 1.34 93.54
C LEU A 652 35.00 1.52 95.02
N ILE A 653 34.26 2.57 95.37
CA ILE A 653 33.90 2.78 96.78
C ILE A 653 33.00 1.65 97.26
N LYS A 654 32.06 1.21 96.41
CA LYS A 654 31.22 0.09 96.78
C LYS A 654 32.04 -1.18 97.00
N ASP A 655 33.01 -1.44 96.11
CA ASP A 655 33.86 -2.61 96.25
C ASP A 655 34.69 -2.54 97.53
N LEU A 656 35.28 -1.37 97.82
CA LEU A 656 36.10 -1.24 99.01
C LEU A 656 35.26 -1.35 100.28
N ARG A 657 34.01 -0.88 100.22
CA ARG A 657 33.13 -1.00 101.37
C ARG A 657 32.72 -2.46 101.60
N GLU A 658 32.39 -3.18 100.52
CA GLU A 658 32.06 -4.59 100.69
C GLU A 658 33.27 -5.39 101.15
N LYS A 659 34.47 -4.95 100.78
CA LYS A 659 35.68 -5.53 101.38
C LYS A 659 35.75 -5.21 102.86
N GLY A 660 35.39 -3.99 103.24
CA GLY A 660 35.36 -3.58 104.63
C GLY A 660 36.39 -2.52 104.96
N TYR A 661 36.74 -1.68 103.98
CA TYR A 661 37.77 -0.69 104.19
C TYR A 661 37.28 0.41 105.12
N PRO A 662 38.19 1.21 105.69
CA PRO A 662 37.76 2.23 106.66
C PRO A 662 37.15 3.47 106.04
N ILE A 663 36.78 3.41 104.76
CA ILE A 663 36.09 4.54 104.13
C ILE A 663 34.80 4.81 104.88
N GLN A 664 34.70 6.02 105.43
CA GLN A 664 33.59 6.42 106.29
C GLN A 664 32.64 7.38 105.61
N SER A 665 33.13 8.25 104.72
CA SER A 665 32.34 9.31 104.15
C SER A 665 32.62 9.43 102.67
N LEU A 666 31.62 9.90 101.93
CA LEU A 666 31.74 10.27 100.51
C LEU A 666 31.27 11.71 100.41
N THR A 667 32.18 12.63 100.10
CA THR A 667 31.87 14.05 99.96
C THR A 667 31.76 14.35 98.47
N ILE A 668 30.54 14.64 98.03
CA ILE A 668 30.32 15.00 96.63
C ILE A 668 30.49 16.52 96.48
N GLY A 669 31.37 16.92 95.57
CA GLY A 669 31.79 18.29 95.46
C GLY A 669 30.77 19.18 94.78
N ALA A 670 31.24 20.09 93.93
CA ALA A 670 30.36 21.03 93.27
C ALA A 670 29.31 20.29 92.44
N GLY A 671 28.05 20.44 92.83
CA GLY A 671 26.94 19.78 92.15
C GLY A 671 26.31 18.69 93.00
N VAL A 672 25.17 19.00 93.60
CA VAL A 672 24.45 18.00 94.40
C VAL A 672 23.80 16.99 93.46
N PRO A 673 23.92 15.66 93.70
CA PRO A 673 23.33 14.71 92.76
C PRO A 673 21.81 14.70 92.78
N SER A 674 21.21 13.96 91.85
CA SER A 674 19.77 13.80 91.81
C SER A 674 19.32 12.89 92.95
N ILE A 675 18.00 12.78 93.12
CA ILE A 675 17.46 11.95 94.20
C ILE A 675 17.82 10.49 93.97
N GLU A 676 17.77 10.01 92.72
CA GLU A 676 18.13 8.62 92.44
C GLU A 676 19.60 8.37 92.75
N VAL A 677 20.47 9.31 92.37
CA VAL A 677 21.90 9.15 92.62
C VAL A 677 22.18 9.14 94.12
N ALA A 678 21.55 10.04 94.87
CA ALA A 678 21.72 10.05 96.31
C ALA A 678 21.18 8.75 96.92
N THR A 679 20.06 8.25 96.39
CA THR A 679 19.47 7.01 96.89
C THR A 679 20.42 5.84 96.74
N GLU A 680 20.97 5.66 95.54
CA GLU A 680 21.90 4.54 95.35
C GLU A 680 23.20 4.76 96.11
N TYR A 681 23.68 6.00 96.25
CA TYR A 681 24.87 6.25 97.05
C TYR A 681 24.62 5.97 98.53
N ILE A 682 23.40 6.15 99.00
CA ILE A 682 23.13 5.96 100.42
C ILE A 682 22.90 4.49 100.74
N GLU A 683 22.26 3.74 99.83
CA GLU A 683 21.97 2.34 100.12
C GLU A 683 23.08 1.40 99.69
N ASP A 684 23.55 1.50 98.43
CA ASP A 684 24.43 0.48 97.88
C ASP A 684 25.76 0.41 98.63
N LEU A 685 26.41 1.57 98.79
CA LEU A 685 27.70 1.64 99.47
C LEU A 685 27.46 2.06 100.92
N GLY A 686 27.92 1.23 101.86
CA GLY A 686 27.62 1.42 103.26
C GLY A 686 28.50 2.43 103.97
N LEU A 687 28.26 3.72 103.72
CA LEU A 687 28.95 4.78 104.42
C LEU A 687 28.22 5.16 105.69
N THR A 688 28.95 5.79 106.61
CA THR A 688 28.33 6.31 107.82
C THR A 688 27.54 7.59 107.53
N HIS A 689 28.11 8.49 106.73
CA HIS A 689 27.42 9.72 106.35
C HIS A 689 27.89 10.13 104.95
N LEU A 690 27.10 10.99 104.33
CA LEU A 690 27.30 11.42 102.95
C LEU A 690 27.51 12.93 102.94
N GLY A 691 28.76 13.36 102.76
CA GLY A 691 29.04 14.77 102.59
C GLY A 691 28.41 15.28 101.32
N LEU A 692 27.60 16.33 101.42
CA LEU A 692 26.78 16.78 100.30
C LEU A 692 26.85 18.30 100.15
N LYS A 693 28.06 18.85 100.16
CA LYS A 693 28.30 20.29 100.06
C LYS A 693 27.55 20.93 98.91
N PRO A 694 26.50 21.75 99.17
CA PRO A 694 25.89 22.53 98.09
C PRO A 694 26.54 23.90 97.96
N GLY A 695 26.22 24.63 96.90
CA GLY A 695 26.79 25.94 96.66
C GLY A 695 25.76 26.98 96.32
N SER A 696 24.50 26.71 96.62
CA SER A 696 23.42 27.65 96.32
C SER A 696 22.19 27.28 97.13
N VAL A 697 21.22 28.18 97.12
CA VAL A 697 19.96 27.94 97.83
C VAL A 697 19.24 26.73 97.22
N ASP A 698 19.21 26.66 95.90
CA ASP A 698 18.59 25.51 95.24
C ASP A 698 19.30 24.22 95.60
N ALA A 699 20.63 24.24 95.63
CA ALA A 699 21.39 23.03 95.97
C ALA A 699 21.12 22.61 97.41
N ILE A 700 20.99 23.58 98.32
CA ILE A 700 20.60 23.26 99.68
C ILE A 700 19.23 22.60 99.70
N SER A 701 18.32 23.09 98.86
CA SER A 701 16.99 22.48 98.77
C SER A 701 17.08 21.04 98.29
N GLN A 702 17.94 20.77 97.30
CA GLN A 702 18.14 19.40 96.85
C GLN A 702 18.68 18.52 97.98
N VAL A 703 19.62 19.04 98.77
CA VAL A 703 20.15 18.25 99.88
C VAL A 703 19.05 17.98 100.90
N ILE A 704 18.19 18.97 101.16
CA ILE A 704 17.09 18.78 102.10
C ILE A 704 16.14 17.71 101.58
N ALA A 705 15.86 17.73 100.27
CA ALA A 705 14.98 16.72 99.69
C ALA A 705 15.59 15.33 99.82
N ILE A 706 16.91 15.22 99.61
CA ILE A 706 17.58 13.93 99.76
C ILE A 706 17.48 13.45 101.20
N ALA A 707 17.68 14.36 102.16
CA ALA A 707 17.59 13.99 103.57
C ALA A 707 16.17 13.56 103.93
N LYS A 708 15.16 14.22 103.36
CA LYS A 708 13.79 13.79 103.56
C LYS A 708 13.57 12.38 102.99
N ALA A 709 14.14 12.12 101.82
CA ALA A 709 14.04 10.78 101.23
C ALA A 709 14.69 9.74 102.13
N HIS A 710 15.73 10.12 102.87
CA HIS A 710 16.45 9.22 103.78
C HIS A 710 16.49 9.84 105.17
N PRO A 711 15.36 9.81 105.90
CA PRO A 711 15.32 10.51 107.20
C PRO A 711 16.27 9.95 108.24
N THR A 712 16.75 8.72 108.08
CA THR A 712 17.59 8.07 109.08
C THR A 712 19.07 8.11 108.75
N PHE A 713 19.44 8.22 107.47
CA PHE A 713 20.84 8.20 107.10
C PHE A 713 21.47 9.56 107.38
N PRO A 714 22.54 9.64 108.19
CA PRO A 714 23.15 10.95 108.43
C PRO A 714 23.68 11.56 107.15
N ILE A 715 23.47 12.88 107.00
CA ILE A 715 23.96 13.60 105.84
C ILE A 715 24.59 14.90 106.32
N VAL A 716 25.91 14.95 106.32
CA VAL A 716 26.62 16.18 106.65
C VAL A 716 26.65 17.07 105.41
N LEU A 717 26.26 18.33 105.60
CA LEU A 717 26.10 19.26 104.49
C LEU A 717 27.47 19.69 103.95
N GLN A 718 28.25 20.35 104.79
CA GLN A 718 29.53 20.97 104.38
C GLN A 718 29.28 22.13 103.42
N TRP A 719 28.31 22.98 103.76
CA TRP A 719 27.96 24.06 102.84
C TRP A 719 29.03 25.15 102.87
N THR A 720 29.44 25.58 101.69
CA THR A 720 30.51 26.54 101.52
C THR A 720 29.96 27.77 100.81
N GLY A 721 30.24 28.95 101.37
CA GLY A 721 29.73 30.19 100.81
C GLY A 721 30.41 30.63 99.54
N GLY A 722 31.52 30.00 99.16
CA GLY A 722 32.27 30.42 98.01
C GLY A 722 33.14 31.62 98.22
N ARG A 723 33.23 32.13 99.45
CA ARG A 723 34.12 33.26 99.73
C ARG A 723 35.57 32.82 99.76
N GLY A 724 35.83 31.57 100.13
CA GLY A 724 37.17 31.03 100.09
C GLY A 724 37.14 29.60 99.57
N GLY A 725 38.26 29.18 99.02
CA GLY A 725 38.41 27.84 98.52
C GLY A 725 39.19 27.84 97.23
N GLY A 726 38.93 26.81 96.42
CA GLY A 726 39.41 26.75 95.05
C GLY A 726 38.26 27.07 94.12
N HIS A 727 37.66 26.04 93.53
N HIS A 727 37.66 26.04 93.53
CA HIS A 727 36.43 26.22 92.76
CA HIS A 727 36.43 26.22 92.76
C HIS A 727 35.32 26.67 93.70
C HIS A 727 35.32 26.67 93.70
N HIS A 728 34.93 27.93 93.60
CA HIS A 728 33.95 28.52 94.51
C HIS A 728 32.66 28.79 93.74
N SER A 729 31.57 28.19 94.21
CA SER A 729 30.23 28.52 93.75
C SER A 729 29.84 29.82 94.44
N PHE A 730 30.26 30.92 93.81
CA PHE A 730 30.26 32.24 94.45
C PHE A 730 28.87 32.60 94.99
N GLU A 731 28.80 32.69 96.31
CA GLU A 731 27.62 33.17 97.02
C GLU A 731 28.13 33.93 98.25
N ASP A 732 27.21 34.37 99.08
CA ASP A 732 27.55 34.87 100.39
C ASP A 732 27.56 33.72 101.39
N PHE A 733 28.44 33.79 102.38
CA PHE A 733 28.50 32.73 103.39
C PHE A 733 27.37 32.82 104.40
N HIS A 734 26.64 33.93 104.44
CA HIS A 734 25.68 34.21 105.50
C HIS A 734 24.24 34.15 105.03
N GLN A 735 23.90 34.85 103.96
CA GLN A 735 22.50 34.98 103.57
C GLN A 735 21.87 33.65 103.20
N PRO A 736 22.45 32.81 102.34
CA PRO A 736 21.79 31.52 102.03
C PRO A 736 21.60 30.66 103.26
N ILE A 737 22.61 30.56 104.12
CA ILE A 737 22.50 29.81 105.36
C ILE A 737 21.78 30.60 106.45
N ILE A 738 21.40 31.84 106.18
CA ILE A 738 20.47 32.56 107.05
C ILE A 738 19.03 32.21 106.72
N GLN A 739 18.70 32.13 105.42
CA GLN A 739 17.33 31.87 105.02
C GLN A 739 17.01 30.38 104.86
N MET A 740 18.02 29.50 104.88
CA MET A 740 17.79 28.07 104.74
C MET A 740 18.08 27.28 106.02
N TYR A 741 18.63 27.93 107.06
CA TYR A 741 18.86 27.23 108.32
C TYR A 741 17.57 26.66 108.88
N SER A 742 16.49 27.44 108.83
CA SER A 742 15.22 26.99 109.36
C SER A 742 14.74 25.74 108.64
N LYS A 743 14.84 25.73 107.31
CA LYS A 743 14.48 24.58 106.50
C LYS A 743 15.53 23.47 106.56
N ILE A 744 16.77 23.78 106.94
CA ILE A 744 17.80 22.77 107.11
C ILE A 744 17.55 21.94 108.38
N ARG A 745 17.15 22.60 109.47
CA ARG A 745 17.02 21.93 110.76
C ARG A 745 15.69 21.22 110.93
N ARG A 746 14.79 21.28 109.95
CA ARG A 746 13.59 20.44 109.98
C ARG A 746 13.89 19.08 109.38
N CYS A 747 14.99 18.47 109.82
CA CYS A 747 15.47 17.22 109.25
C CYS A 747 16.38 16.58 110.29
N SER A 748 15.94 15.46 110.86
CA SER A 748 16.65 14.86 111.98
C SER A 748 18.05 14.40 111.60
N ASN A 749 18.30 14.11 110.33
CA ASN A 749 19.57 13.54 109.89
C ASN A 749 20.50 14.51 109.19
N ILE A 750 20.05 15.72 108.89
CA ILE A 750 20.96 16.71 108.31
C ILE A 750 21.87 17.25 109.40
N VAL A 751 23.18 17.16 109.17
CA VAL A 751 24.18 17.71 110.05
C VAL A 751 24.77 18.92 109.35
N LEU A 752 24.87 20.04 110.06
CA LEU A 752 25.19 21.34 109.45
C LEU A 752 26.62 21.72 109.81
N VAL A 753 27.51 21.66 108.83
CA VAL A 753 28.87 22.16 108.95
C VAL A 753 29.16 23.06 107.77
N ALA A 754 30.03 24.05 107.96
CA ALA A 754 30.30 25.04 106.93
C ALA A 754 31.73 25.55 107.09
N GLY A 755 32.38 25.80 105.96
CA GLY A 755 33.74 26.33 105.94
C GLY A 755 33.84 27.70 105.31
N SER A 756 34.50 27.75 104.15
CA SER A 756 34.58 28.95 103.32
C SER A 756 35.17 30.13 104.11
N GLY A 757 36.45 29.99 104.45
CA GLY A 757 37.19 31.10 105.03
C GLY A 757 37.30 31.04 106.53
N PHE A 758 37.52 29.85 107.07
CA PHE A 758 37.74 29.65 108.50
C PHE A 758 39.16 29.16 108.72
N GLY A 759 39.84 29.76 109.69
CA GLY A 759 41.20 29.35 110.01
C GLY A 759 41.58 29.42 111.47
N SER A 760 40.65 29.81 112.35
CA SER A 760 41.02 29.96 113.75
C SER A 760 39.79 29.89 114.65
N ASP A 761 40.06 29.58 115.92
CA ASP A 761 39.00 29.53 116.92
C ASP A 761 38.27 30.86 117.02
N GLU A 762 38.98 31.99 116.89
CA GLU A 762 38.34 33.29 117.02
C GLU A 762 37.22 33.46 116.00
N ASP A 763 37.46 33.06 114.76
CA ASP A 763 36.49 33.24 113.69
C ASP A 763 35.55 32.06 113.53
N THR A 764 35.78 30.94 114.21
CA THR A 764 34.89 29.79 114.13
C THR A 764 33.98 29.63 115.33
N TYR A 765 34.37 30.11 116.51
CA TYR A 765 33.52 29.95 117.70
C TYR A 765 32.17 30.65 117.57
N PRO A 766 32.07 31.87 117.04
CA PRO A 766 30.74 32.47 116.87
C PRO A 766 29.80 31.62 116.03
N TYR A 767 30.33 30.96 114.99
CA TYR A 767 29.49 30.11 114.16
C TYR A 767 29.13 28.82 114.89
N LEU A 768 30.06 28.30 115.70
CA LEU A 768 29.77 27.11 116.49
C LEU A 768 28.66 27.37 117.50
N SER A 769 28.72 28.52 118.18
CA SER A 769 27.76 28.85 119.22
C SER A 769 26.52 29.57 118.71
N GLY A 770 26.48 29.93 117.43
CA GLY A 770 25.32 30.58 116.85
C GLY A 770 25.27 32.08 117.06
N TYR A 771 26.23 32.68 117.74
CA TYR A 771 26.24 34.12 117.95
C TYR A 771 26.47 34.90 116.65
N TRP A 772 26.87 34.23 115.57
CA TRP A 772 27.12 34.92 114.31
C TRP A 772 25.85 35.58 113.76
N SER A 773 24.68 35.07 114.13
CA SER A 773 23.42 35.59 113.61
C SER A 773 22.90 36.79 114.39
N GLU A 774 23.52 37.13 115.53
CA GLU A 774 23.07 38.30 116.29
C GLU A 774 23.24 39.57 115.47
N LYS A 775 24.32 39.67 114.71
CA LYS A 775 24.51 40.83 113.84
C LYS A 775 23.43 40.95 112.79
N PHE A 776 22.87 39.82 112.34
CA PHE A 776 21.78 39.81 111.36
C PHE A 776 20.41 39.87 112.03
N ASN A 777 20.35 39.83 113.36
CA ASN A 777 19.08 39.98 114.09
C ASN A 777 18.18 38.76 113.86
N TYR A 778 18.81 37.61 113.67
CA TYR A 778 18.15 36.31 113.61
C TYR A 778 18.40 35.58 114.91
N PRO A 779 17.63 34.54 115.22
CA PRO A 779 17.91 33.77 116.43
C PRO A 779 19.28 33.12 116.32
N PRO A 780 19.92 32.82 117.45
CA PRO A 780 21.21 32.12 117.40
C PRO A 780 21.13 30.84 116.58
N MET A 781 22.17 30.60 115.78
CA MET A 781 22.15 29.61 114.71
C MET A 781 23.41 28.74 114.81
N PRO A 782 23.47 27.86 115.80
CA PRO A 782 24.70 27.09 116.00
C PRO A 782 25.00 26.16 114.83
N PHE A 783 26.29 25.97 114.57
CA PHE A 783 26.77 25.08 113.51
C PHE A 783 27.41 23.85 114.15
N ASP A 784 27.13 22.69 113.58
CA ASP A 784 27.64 21.44 114.16
C ASP A 784 29.15 21.34 114.02
N GLY A 785 29.71 21.81 112.92
CA GLY A 785 31.14 21.73 112.70
C GLY A 785 31.59 22.76 111.68
N VAL A 786 32.88 22.73 111.39
CA VAL A 786 33.49 23.64 110.43
C VAL A 786 34.61 22.91 109.71
N LEU A 787 34.75 23.19 108.41
CA LEU A 787 35.80 22.60 107.58
C LEU A 787 36.82 23.66 107.21
N PHE A 788 38.09 23.27 107.23
CA PHE A 788 39.22 24.16 106.98
C PHE A 788 39.99 23.65 105.77
N GLY A 789 39.86 24.34 104.64
CA GLY A 789 40.52 23.94 103.42
C GLY A 789 41.80 24.70 103.15
N SER A 790 41.77 26.02 103.25
CA SER A 790 42.92 26.85 102.93
C SER A 790 43.86 27.07 104.10
N ARG A 791 43.39 26.84 105.33
CA ARG A 791 44.25 27.02 106.50
C ARG A 791 45.24 25.87 106.69
N VAL A 792 45.00 24.72 106.07
CA VAL A 792 45.81 23.52 106.29
C VAL A 792 46.86 23.32 105.21
N MET A 793 47.06 24.29 104.34
CA MET A 793 48.05 24.17 103.27
C MET A 793 49.45 24.24 103.82
N THR A 794 49.69 25.19 104.73
CA THR A 794 51.00 25.37 105.31
C THR A 794 51.38 24.25 106.26
N SER A 795 50.47 23.32 106.53
CA SER A 795 50.75 22.25 107.48
C SER A 795 51.93 21.40 106.99
N LYS A 796 52.74 20.96 107.96
CA LYS A 796 53.93 20.19 107.63
C LYS A 796 53.58 18.90 106.89
N GLU A 797 52.43 18.31 107.21
CA GLU A 797 52.06 17.04 106.60
C GLU A 797 51.76 17.20 105.11
N SER A 798 51.26 18.35 104.70
CA SER A 798 50.94 18.57 103.29
C SER A 798 52.21 18.56 102.45
N HIS A 799 52.15 17.90 101.31
CA HIS A 799 53.29 17.76 100.42
C HIS A 799 53.42 18.92 99.43
N THR A 800 52.59 19.95 99.54
CA THR A 800 52.76 21.13 98.71
C THR A 800 54.16 21.69 98.91
N SER A 801 54.74 22.20 97.81
CA SER A 801 56.14 22.60 97.83
C SER A 801 56.37 23.73 98.83
N LEU A 802 57.59 23.80 99.34
CA LEU A 802 57.89 24.76 100.40
C LEU A 802 57.84 26.19 99.89
N ALA A 803 58.24 26.42 98.64
CA ALA A 803 58.08 27.75 98.06
C ALA A 803 56.60 28.11 97.92
N ALA A 804 55.77 27.14 97.54
CA ALA A 804 54.33 27.37 97.48
C ALA A 804 53.79 27.72 98.86
N LYS A 805 54.27 27.03 99.89
CA LYS A 805 53.82 27.33 101.25
C LYS A 805 54.26 28.73 101.68
N LYS A 806 55.49 29.12 101.35
CA LYS A 806 55.94 30.48 101.64
C LYS A 806 55.07 31.51 100.94
N LEU A 807 54.74 31.26 99.68
CA LEU A 807 53.85 32.18 98.96
C LEU A 807 52.48 32.26 99.61
N ILE A 808 51.94 31.10 99.99
CA ILE A 808 50.63 31.07 100.66
C ILE A 808 50.67 31.92 101.93
N VAL A 809 51.74 31.76 102.72
CA VAL A 809 51.84 32.48 103.98
C VAL A 809 52.00 33.97 103.73
N GLU A 810 52.88 34.34 102.79
CA GLU A 810 53.19 35.75 102.58
C GLU A 810 52.02 36.49 101.95
N CYS A 811 51.17 35.80 101.21
CA CYS A 811 49.98 36.46 100.69
C CYS A 811 49.04 36.79 101.84
N LYS A 812 48.66 38.06 101.94
CA LYS A 812 47.82 38.50 103.04
C LYS A 812 46.38 38.05 102.81
N GLY A 813 45.51 38.39 103.76
CA GLY A 813 44.12 38.02 103.70
C GLY A 813 43.19 39.21 103.48
N VAL A 814 41.90 38.90 103.50
CA VAL A 814 40.85 39.86 103.15
C VAL A 814 39.70 39.65 104.13
N PRO A 815 39.27 40.68 104.91
CA PRO A 815 38.01 40.54 105.65
C PRO A 815 36.86 40.09 104.77
N ASP A 816 35.82 39.51 105.39
CA ASP A 816 34.75 38.88 104.63
C ASP A 816 34.07 39.86 103.69
N GLN A 817 33.82 41.09 104.15
CA GLN A 817 33.07 42.06 103.34
C GLN A 817 33.78 42.36 102.03
N GLN A 818 35.10 42.23 101.98
CA GLN A 818 35.90 42.61 100.82
C GLN A 818 36.31 41.44 99.94
N TRP A 819 35.80 40.22 100.22
CA TRP A 819 36.23 39.07 99.44
C TRP A 819 35.76 39.16 98.00
N GLU A 820 34.55 39.67 97.78
CA GLU A 820 33.88 39.49 96.50
C GLU A 820 34.40 40.43 95.41
N GLN A 821 35.23 41.41 95.76
CA GLN A 821 35.89 42.24 94.75
C GLN A 821 37.20 41.61 94.25
N THR A 822 37.38 40.30 94.44
CA THR A 822 38.56 39.62 93.94
C THR A 822 38.46 39.32 92.45
N TYR A 823 37.28 39.48 91.86
CA TYR A 823 37.14 39.30 90.42
C TYR A 823 37.90 40.35 89.62
N LYS A 824 38.14 41.52 90.21
CA LYS A 824 38.70 42.66 89.50
C LYS A 824 40.19 42.85 89.76
N LYS A 825 40.67 42.52 90.95
CA LYS A 825 42.07 42.75 91.31
C LYS A 825 42.46 41.75 92.39
N PRO A 826 43.77 41.64 92.69
CA PRO A 826 44.20 40.68 93.72
C PRO A 826 43.85 41.11 95.14
N THR A 827 42.63 40.78 95.58
CA THR A 827 42.26 41.01 96.97
C THR A 827 43.10 40.12 97.87
N GLY A 828 44.04 40.71 98.61
CA GLY A 828 44.90 39.92 99.47
C GLY A 828 45.75 38.92 98.71
N GLY A 829 46.11 39.23 97.47
CA GLY A 829 46.93 38.32 96.69
C GLY A 829 46.21 37.14 96.12
N ILE A 830 44.88 37.17 96.06
CA ILE A 830 44.08 36.10 95.49
C ILE A 830 43.06 36.69 94.54
N ILE A 831 42.90 36.06 93.37
CA ILE A 831 41.98 36.51 92.34
C ILE A 831 41.19 35.31 91.82
N THR A 832 40.06 35.60 91.20
CA THR A 832 39.20 34.59 90.60
C THR A 832 39.53 34.46 89.12
N VAL A 833 39.74 33.21 88.66
CA VAL A 833 40.05 32.92 87.27
C VAL A 833 39.01 31.95 86.74
N ARG A 834 38.78 32.02 85.43
CA ARG A 834 37.80 31.14 84.78
C ARG A 834 38.46 29.80 84.50
N SER A 835 37.66 28.73 84.57
CA SER A 835 38.16 27.39 84.33
C SER A 835 38.08 27.06 82.84
N GLU A 836 38.56 25.87 82.48
CA GLU A 836 38.31 25.36 81.14
C GLU A 836 36.82 25.17 80.92
N MET A 837 36.11 24.71 81.94
CA MET A 837 34.66 24.52 81.88
C MET A 837 33.88 25.78 82.27
N GLY A 838 34.57 26.87 82.61
CA GLY A 838 33.92 28.13 82.92
C GLY A 838 33.69 28.39 84.40
N GLU A 839 33.89 27.40 85.27
CA GLU A 839 33.66 27.60 86.69
C GLU A 839 34.73 28.54 87.25
N PRO A 840 34.43 29.40 88.22
CA PRO A 840 35.47 30.26 88.79
C PRO A 840 36.28 29.53 89.85
N ILE A 841 37.59 29.80 89.86
CA ILE A 841 38.53 29.24 90.82
C ILE A 841 39.20 30.40 91.53
N HIS A 842 39.23 30.35 92.86
CA HIS A 842 40.06 31.26 93.64
C HIS A 842 41.49 30.76 93.60
N LYS A 843 42.41 31.58 93.08
CA LYS A 843 43.81 31.22 92.98
C LYS A 843 44.66 32.38 93.47
N ILE A 844 45.80 32.08 94.08
CA ILE A 844 46.69 33.13 94.54
C ILE A 844 47.21 33.88 93.33
N ALA A 845 47.27 35.20 93.44
CA ALA A 845 47.62 36.04 92.31
C ALA A 845 49.11 35.94 91.99
N THR A 846 49.53 34.78 91.51
CA THR A 846 50.88 34.60 91.01
C THR A 846 51.00 35.24 89.63
N ARG A 847 52.22 35.23 89.09
CA ARG A 847 52.38 35.69 87.71
C ARG A 847 51.63 34.78 86.74
N GLY A 848 51.69 33.47 86.97
CA GLY A 848 50.93 32.56 86.13
C GLY A 848 49.43 32.73 86.27
N VAL A 849 48.95 32.94 87.49
CA VAL A 849 47.52 33.12 87.71
C VAL A 849 47.04 34.43 87.10
N MET A 850 47.88 35.47 87.19
CA MET A 850 47.53 36.75 86.58
C MET A 850 47.52 36.65 85.07
N PHE A 851 48.45 35.88 84.50
CA PHE A 851 48.43 35.61 83.07
C PHE A 851 47.16 34.85 82.69
N TRP A 852 46.77 33.88 83.51
CA TRP A 852 45.53 33.14 83.30
C TRP A 852 44.34 34.10 83.28
N LYS A 853 44.28 35.02 84.25
CA LYS A 853 43.17 35.96 84.30
C LYS A 853 43.18 36.89 83.09
N GLU A 854 44.36 37.36 82.69
CA GLU A 854 44.45 38.21 81.51
C GLU A 854 43.93 37.47 80.28
N LEU A 855 44.31 36.21 80.13
CA LEU A 855 43.88 35.45 78.95
C LEU A 855 42.39 35.14 78.99
N ASP A 856 41.84 34.75 80.14
CA ASP A 856 40.42 34.42 80.15
C ASP A 856 39.55 35.67 80.18
N ASP A 857 40.15 36.85 80.35
CA ASP A 857 39.44 38.12 80.21
C ASP A 857 39.57 38.73 78.81
N THR A 858 40.64 38.43 78.07
CA THR A 858 40.91 39.08 76.80
C THR A 858 40.84 38.18 75.57
N ILE A 859 41.04 36.87 75.72
CA ILE A 859 41.20 35.96 74.58
C ILE A 859 40.14 34.87 74.61
N PHE A 860 40.07 34.11 75.71
CA PHE A 860 39.16 32.98 75.75
C PHE A 860 37.70 33.41 75.75
N ASN A 861 37.40 34.66 76.08
CA ASN A 861 36.03 35.15 76.08
C ASN A 861 35.53 35.52 74.68
N LEU A 862 36.40 35.58 73.69
CA LEU A 862 36.01 35.99 72.36
C LEU A 862 35.42 34.82 71.58
N PRO A 863 34.62 35.09 70.54
CA PRO A 863 34.10 34.00 69.71
C PRO A 863 35.22 33.30 68.96
N LYS A 864 34.85 32.21 68.29
CA LYS A 864 35.85 31.32 67.71
C LYS A 864 36.64 32.01 66.61
N ASN A 865 35.95 32.69 65.70
CA ASN A 865 36.63 33.38 64.61
C ASN A 865 37.53 34.48 65.13
N LYS A 866 37.02 35.30 66.06
CA LYS A 866 37.84 36.34 66.66
C LYS A 866 38.93 35.74 67.56
N LEU A 867 38.66 34.57 68.13
CA LEU A 867 39.64 33.95 69.02
C LEU A 867 40.93 33.62 68.27
N LEU A 868 40.81 33.06 67.06
CA LEU A 868 42.00 32.64 66.34
C LEU A 868 42.81 33.82 65.82
N ASP A 869 42.12 34.84 65.29
CA ASP A 869 42.83 36.03 64.80
C ASP A 869 43.53 36.76 65.94
N ALA A 870 42.78 37.05 67.01
CA ALA A 870 43.38 37.60 68.21
C ALA A 870 44.46 36.67 68.74
N LEU A 871 44.27 35.36 68.59
CA LEU A 871 45.28 34.42 69.07
C LEU A 871 46.61 34.63 68.38
N ASN A 872 46.61 34.83 67.05
CA ASN A 872 47.86 35.11 66.35
C ASN A 872 48.45 36.46 66.74
N LYS A 873 47.60 37.50 66.66
CA LYS A 873 48.07 38.87 66.86
C LYS A 873 48.68 39.04 68.24
N LYS A 874 48.06 38.41 69.25
CA LYS A 874 48.62 38.39 70.59
C LYS A 874 49.45 37.14 70.87
N ARG A 875 49.62 36.24 69.89
CA ARG A 875 50.52 35.10 70.04
C ARG A 875 51.95 35.58 70.02
N ASP A 876 52.19 36.54 69.13
CA ASP A 876 53.47 37.26 69.16
C ASP A 876 53.87 37.70 70.57
N HIS A 877 52.89 38.00 71.44
CA HIS A 877 53.11 38.40 72.82
C HIS A 877 52.93 37.29 73.83
N ILE A 878 52.06 36.31 73.54
CA ILE A 878 51.77 35.21 74.45
C ILE A 878 52.95 34.28 74.57
N ILE A 879 53.70 34.07 73.48
CA ILE A 879 54.84 33.17 73.55
C ILE A 879 55.82 33.63 74.62
N LYS A 880 56.10 34.94 74.67
CA LYS A 880 56.96 35.46 75.73
C LYS A 880 56.30 35.29 77.09
N LYS A 881 55.03 35.65 77.22
CA LYS A 881 54.38 35.59 78.52
C LYS A 881 54.35 34.16 79.06
N LEU A 882 54.03 33.18 78.20
CA LEU A 882 54.12 31.79 78.62
C LEU A 882 55.52 31.43 79.08
N ASN A 883 56.53 31.95 78.38
CA ASN A 883 57.91 31.62 78.72
C ASN A 883 58.30 32.17 80.09
N ASN A 884 57.82 33.36 80.44
CA ASN A 884 58.31 34.07 81.61
C ASN A 884 57.35 33.98 82.81
N ASP A 885 56.09 33.61 82.60
CA ASP A 885 55.07 33.79 83.64
C ASP A 885 54.23 32.56 83.96
N PHE A 886 54.16 31.55 83.09
CA PHE A 886 53.19 30.46 83.25
C PHE A 886 53.87 29.12 83.46
N GLN A 887 53.08 28.20 84.04
CA GLN A 887 53.52 26.82 84.24
C GLN A 887 54.01 26.19 82.96
N LYS A 888 53.22 26.32 81.89
CA LYS A 888 53.52 25.72 80.61
C LYS A 888 54.22 26.76 79.74
N PRO A 889 55.52 26.64 79.46
CA PRO A 889 56.15 27.60 78.55
C PRO A 889 55.82 27.27 77.10
N TRP A 890 56.28 28.14 76.22
CA TRP A 890 56.21 27.86 74.80
C TRP A 890 57.23 26.77 74.47
N PHE A 891 56.74 25.64 73.93
CA PHE A 891 57.66 24.55 73.61
C PHE A 891 58.65 24.93 72.53
N GLY A 892 58.27 25.82 71.61
CA GLY A 892 59.11 26.17 70.49
C GLY A 892 60.41 26.88 70.85
N LYS A 893 60.53 27.39 72.07
CA LYS A 893 61.69 28.18 72.44
C LYS A 893 62.95 27.32 72.47
N ASN A 894 64.08 27.91 72.04
CA ASN A 894 65.37 27.23 71.99
C ASN A 894 66.42 28.16 72.58
N ALA A 895 66.83 27.88 73.82
CA ALA A 895 67.91 28.57 74.53
C ALA A 895 67.55 29.98 74.99
N ASN A 896 66.38 30.49 74.57
CA ASN A 896 65.89 31.85 74.81
C ASN A 896 65.05 32.31 73.64
N GLY A 897 65.59 32.16 72.43
CA GLY A 897 64.94 32.69 71.25
C GLY A 897 63.58 32.07 71.00
N VAL A 898 62.60 32.92 70.73
CA VAL A 898 61.27 32.46 70.37
C VAL A 898 61.33 31.81 68.99
N CYS A 899 60.86 30.58 68.90
CA CYS A 899 60.70 29.89 67.64
C CYS A 899 59.36 29.17 67.66
N ASP A 900 58.82 28.91 66.48
CA ASP A 900 57.65 28.07 66.37
C ASP A 900 58.07 26.60 66.48
N LEU A 901 57.09 25.72 66.67
CA LEU A 901 57.36 24.29 66.65
C LEU A 901 57.91 23.84 65.29
N GLN A 902 57.71 24.64 64.24
CA GLN A 902 58.20 24.27 62.91
C GLN A 902 59.66 24.64 62.76
N GLU A 903 60.01 25.80 63.34
CA GLU A 903 61.42 26.18 63.55
C GLU A 903 62.01 25.39 64.66
N MET A 904 62.19 24.08 64.40
CA MET A 904 62.78 23.23 65.43
C MET A 904 63.40 22.02 64.76
N THR A 905 64.67 21.78 65.02
CA THR A 905 65.30 20.52 64.64
C THR A 905 64.89 19.42 65.60
N TYR A 906 65.03 18.18 65.12
CA TYR A 906 64.70 17.03 65.95
C TYR A 906 65.57 16.98 67.20
N LYS A 907 66.85 17.33 67.06
CA LYS A 907 67.74 17.34 68.21
C LYS A 907 67.27 18.32 69.27
N GLU A 908 66.90 19.54 68.86
CA GLU A 908 66.51 20.52 69.86
C GLU A 908 65.09 20.27 70.37
N VAL A 909 64.23 19.60 69.61
CA VAL A 909 62.97 19.13 70.17
C VAL A 909 63.22 18.12 71.28
N ALA A 910 64.11 17.16 71.03
CA ALA A 910 64.42 16.18 72.07
C ALA A 910 65.06 16.85 73.28
N ASN A 911 65.96 17.80 73.04
CA ASN A 911 66.58 18.52 74.15
C ASN A 911 65.56 19.28 74.96
N ARG A 912 64.61 19.94 74.28
CA ARG A 912 63.56 20.67 74.99
C ARG A 912 62.67 19.72 75.78
N LEU A 913 62.36 18.55 75.22
CA LEU A 913 61.55 17.59 75.95
C LEU A 913 62.27 17.09 77.19
N VAL A 914 63.59 16.86 77.10
CA VAL A 914 64.36 16.52 78.28
C VAL A 914 64.28 17.66 79.30
N GLU A 915 64.45 18.89 78.82
CA GLU A 915 64.52 20.03 79.73
C GLU A 915 63.21 20.26 80.46
N LEU A 916 62.08 20.00 79.78
CA LEU A 916 60.77 20.37 80.30
C LEU A 916 59.99 19.19 80.89
N MET A 917 60.38 17.96 80.59
CA MET A 917 59.69 16.77 81.09
C MET A 917 60.53 15.91 82.01
N TYR A 918 61.85 16.08 82.03
CA TYR A 918 62.75 15.31 82.88
C TYR A 918 63.42 16.24 83.87
N VAL A 919 63.34 15.90 85.14
CA VAL A 919 63.90 16.72 86.21
C VAL A 919 65.37 16.33 86.39
N LYS A 920 66.27 17.29 86.19
CA LYS A 920 67.70 17.01 86.28
C LYS A 920 68.13 16.79 87.72
N LYS A 921 67.70 17.66 88.64
CA LYS A 921 68.16 17.57 90.01
C LYS A 921 67.70 16.28 90.68
N SER A 922 66.45 15.88 90.44
CA SER A 922 65.92 14.65 91.02
C SER A 922 66.30 13.40 90.24
N HIS A 923 66.92 13.56 89.07
CA HIS A 923 67.39 12.42 88.26
C HIS A 923 66.25 11.48 87.90
N ARG A 924 65.10 12.04 87.56
CA ARG A 924 63.93 11.24 87.22
C ARG A 924 63.02 12.07 86.31
N TRP A 925 62.15 11.37 85.60
CA TRP A 925 61.13 12.01 84.79
C TRP A 925 59.98 12.47 85.68
N ILE A 926 59.29 13.53 85.22
CA ILE A 926 58.09 13.97 85.90
C ILE A 926 57.07 12.84 85.95
N ASP A 927 56.93 12.11 84.85
CA ASP A 927 55.89 11.09 84.76
C ASP A 927 56.26 10.09 83.67
N VAL A 928 55.91 8.83 83.93
CA VAL A 928 56.28 7.73 83.04
C VAL A 928 55.62 7.93 81.68
N SER A 929 54.41 8.49 81.64
CA SER A 929 53.75 8.73 80.36
C SER A 929 54.47 9.81 79.56
N LEU A 930 55.01 10.82 80.23
CA LEU A 930 55.83 11.81 79.54
C LEU A 930 57.11 11.18 79.00
N ARG A 931 57.72 10.28 79.79
CA ARG A 931 58.87 9.55 79.31
C ARG A 931 58.53 8.71 78.08
N ASN A 932 57.36 8.08 78.09
CA ASN A 932 56.91 7.29 76.95
C ASN A 932 56.68 8.16 75.73
N MET A 933 56.12 9.35 75.92
CA MET A 933 55.95 10.28 74.82
C MET A 933 57.30 10.66 74.21
N TYR A 934 58.28 10.93 75.07
CA TYR A 934 59.62 11.24 74.58
C TYR A 934 60.19 10.07 73.78
N GLY A 935 60.05 8.84 74.29
CA GLY A 935 60.57 7.70 73.58
C GLY A 935 59.86 7.49 72.25
N ASP A 936 58.55 7.75 72.21
CA ASP A 936 57.82 7.67 70.95
C ASP A 936 58.34 8.68 69.95
N PHE A 937 58.64 9.90 70.42
CA PHE A 937 59.21 10.90 69.52
C PHE A 937 60.57 10.43 68.99
N LEU A 938 61.39 9.83 69.85
CA LEU A 938 62.69 9.33 69.39
C LEU A 938 62.50 8.22 68.36
N ARG A 939 61.53 7.34 68.57
CA ARG A 939 61.24 6.32 67.56
C ARG A 939 60.84 6.97 66.24
N ARG A 940 60.03 8.02 66.30
CA ARG A 940 59.63 8.73 65.08
C ARG A 940 60.83 9.34 64.38
N VAL A 941 61.77 9.91 65.14
CA VAL A 941 62.96 10.50 64.53
C VAL A 941 63.80 9.41 63.87
N GLU A 942 63.96 8.28 64.56
CA GLU A 942 64.65 7.13 63.96
C GLU A 942 64.03 6.75 62.64
N GLU A 943 62.71 6.61 62.61
CA GLU A 943 62.03 6.24 61.38
C GLU A 943 62.21 7.29 60.31
N ARG A 944 62.20 8.57 60.70
CA ARG A 944 62.36 9.66 59.73
C ARG A 944 63.72 9.59 59.06
N PHE A 945 64.78 9.32 59.83
CA PHE A 945 66.15 9.46 59.35
C PHE A 945 66.86 8.13 59.14
N THR A 946 66.13 7.02 59.12
CA THR A 946 66.68 5.73 58.68
C THR A 946 66.47 5.60 57.18
N SER A 947 67.53 5.26 56.46
CA SER A 947 67.55 5.36 55.00
C SER A 947 66.87 4.16 54.36
N SER A 948 65.55 4.12 54.54
CA SER A 948 64.70 3.09 53.93
C SER A 948 65.18 1.68 54.32
N ALA A 949 65.74 1.57 55.51
CA ALA A 949 66.32 0.31 55.98
C ALA A 949 65.90 0.09 57.43
N GLY A 950 65.08 -0.94 57.65
CA GLY A 950 64.71 -1.32 59.00
C GLY A 950 65.91 -1.81 59.77
N THR A 951 66.37 -1.01 60.72
CA THR A 951 67.56 -1.30 61.52
C THR A 951 67.14 -1.54 62.97
N VAL A 952 68.14 -1.73 63.83
CA VAL A 952 67.89 -1.92 65.26
C VAL A 952 67.63 -0.56 65.89
N SER A 953 66.49 -0.43 66.56
CA SER A 953 66.19 0.80 67.29
C SER A 953 67.21 1.01 68.40
N LEU A 954 67.67 2.25 68.56
CA LEU A 954 68.53 2.55 69.70
C LEU A 954 67.74 2.47 70.99
N LEU A 955 66.47 2.89 70.97
CA LEU A 955 65.59 2.83 72.14
C LEU A 955 64.73 1.58 72.04
N GLN A 956 65.34 0.44 72.41
CA GLN A 956 64.60 -0.81 72.40
C GLN A 956 63.58 -0.89 73.54
N ASN A 957 63.85 -0.20 74.64
CA ASN A 957 62.91 -0.13 75.75
C ASN A 957 63.01 1.25 76.39
N PHE A 958 61.91 1.69 76.98
CA PHE A 958 61.85 3.04 77.53
C PHE A 958 62.68 3.21 78.80
N ASN A 959 63.00 2.13 79.50
CA ASN A 959 63.65 2.26 80.80
C ASN A 959 65.05 2.87 80.68
N GLN A 960 65.73 2.64 79.55
CA GLN A 960 67.07 3.17 79.40
C GLN A 960 67.09 4.68 79.13
N LEU A 961 65.93 5.31 78.96
CA LEU A 961 65.84 6.75 78.82
C LEU A 961 65.90 7.48 80.15
N ASN A 962 66.06 6.77 81.27
CA ASN A 962 66.10 7.42 82.57
C ASN A 962 67.30 8.36 82.69
N GLU A 963 68.33 8.15 81.88
CA GLU A 963 69.42 9.11 81.72
C GLU A 963 69.37 9.64 80.30
N PRO A 964 68.46 10.57 80.00
CA PRO A 964 68.16 10.88 78.59
C PRO A 964 69.23 11.67 77.87
N GLU A 965 70.10 12.39 78.57
CA GLU A 965 71.09 13.22 77.88
C GLU A 965 72.04 12.38 77.04
N GLN A 966 72.65 11.35 77.66
CA GLN A 966 73.59 10.51 76.94
C GLN A 966 72.89 9.74 75.83
N PHE A 967 71.69 9.25 76.08
CA PHE A 967 70.99 8.48 75.07
C PHE A 967 70.62 9.35 73.87
N THR A 968 70.15 10.57 74.13
CA THR A 968 69.86 11.49 73.04
C THR A 968 71.13 11.83 72.26
N ALA A 969 72.25 11.98 72.96
CA ALA A 969 73.52 12.22 72.29
C ALA A 969 73.86 11.08 71.34
N ASP A 970 73.77 9.83 71.83
CA ASP A 970 74.06 8.68 70.97
C ASP A 970 73.07 8.60 69.81
N PHE A 971 71.81 8.90 70.09
CA PHE A 971 70.76 8.84 69.07
C PHE A 971 71.05 9.80 67.93
N PHE A 972 71.30 11.06 68.25
CA PHE A 972 71.55 12.06 67.23
C PHE A 972 72.98 12.04 66.72
N GLU A 973 73.86 11.24 67.33
CA GLU A 973 75.11 10.89 66.68
C GLU A 973 74.91 9.82 65.61
N LYS A 974 74.01 8.87 65.85
CA LYS A 974 73.59 7.96 64.78
C LYS A 974 72.96 8.75 63.64
N PHE A 975 72.11 9.72 63.97
CA PHE A 975 71.52 10.61 62.97
C PHE A 975 72.03 12.04 63.14
N PRO A 976 73.22 12.38 62.61
CA PRO A 976 73.67 13.78 62.69
C PRO A 976 72.79 14.75 61.92
N GLN A 977 72.15 14.29 60.84
CA GLN A 977 71.37 15.19 60.01
C GLN A 977 70.07 15.60 60.69
N ALA A 978 69.62 14.84 61.70
CA ALA A 978 68.44 15.22 62.44
C ALA A 978 68.70 16.46 63.30
N GLY A 979 69.96 16.73 63.63
CA GLY A 979 70.30 17.94 64.36
C GLY A 979 70.34 19.18 63.51
N LYS A 980 70.32 19.03 62.18
CA LYS A 980 70.29 20.13 61.24
C LYS A 980 68.97 20.25 60.50
N GLN A 981 68.20 19.18 60.43
CA GLN A 981 66.91 19.18 59.74
C GLN A 981 65.82 19.62 60.70
N LEU A 982 65.05 20.63 60.31
CA LEU A 982 63.88 21.04 61.06
C LEU A 982 62.85 19.92 61.05
N ILE A 983 61.95 19.96 62.02
CA ILE A 983 60.92 18.94 62.16
C ILE A 983 60.05 18.94 60.91
N SER A 984 60.05 17.82 60.19
CA SER A 984 59.09 17.62 59.11
C SER A 984 57.69 17.63 59.71
N GLU A 985 56.70 18.19 58.99
CA GLU A 985 55.44 18.42 59.69
C GLU A 985 54.64 17.15 59.87
N GLU A 986 54.93 16.08 59.14
CA GLU A 986 54.31 14.81 59.53
C GLU A 986 54.68 14.49 60.97
N ASP A 987 55.95 14.71 61.31
CA ASP A 987 56.39 14.53 62.68
C ASP A 987 55.88 15.64 63.59
N CYS A 988 55.63 16.84 63.05
CA CYS A 988 55.06 17.91 63.87
C CYS A 988 53.63 17.59 64.28
N ASP A 989 52.80 17.17 63.33
CA ASP A 989 51.45 16.75 63.64
C ASP A 989 51.45 15.52 64.55
N TYR A 990 52.40 14.60 64.33
CA TYR A 990 52.55 13.48 65.24
C TYR A 990 52.88 13.95 66.65
N PHE A 991 53.75 14.95 66.77
CA PHE A 991 54.08 15.53 68.07
C PHE A 991 52.85 16.17 68.70
N LEU A 992 52.05 16.86 67.90
CA LEU A 992 50.86 17.54 68.44
C LEU A 992 49.85 16.53 68.95
N MET A 993 49.60 15.45 68.19
CA MET A 993 48.67 14.45 68.67
C MET A 993 49.25 13.59 69.79
N LEU A 994 50.57 13.47 69.88
CA LEU A 994 51.19 12.90 71.07
C LEU A 994 50.95 13.78 72.29
N ALA A 995 51.05 15.11 72.12
CA ALA A 995 50.76 16.02 73.21
C ALA A 995 49.29 15.95 73.61
N ALA A 996 48.41 15.72 72.64
CA ALA A 996 46.98 15.62 72.88
C ALA A 996 46.50 14.17 73.05
N ARG A 997 47.42 13.24 73.29
CA ARG A 997 47.04 11.84 73.50
C ARG A 997 46.24 11.73 74.79
N PRO A 998 45.01 11.19 74.76
CA PRO A 998 44.20 11.14 76.00
C PRO A 998 44.46 9.87 76.80
N GLY A 999 44.43 10.02 78.11
CA GLY A 999 44.91 8.98 79.00
C GLY A 999 46.39 9.06 79.23
N GLN A 1000 46.97 10.25 79.11
CA GLN A 1000 48.38 10.51 79.34
C GLN A 1000 48.46 11.80 80.14
N LYS A 1001 49.47 11.91 80.99
CA LYS A 1001 49.64 13.14 81.75
C LYS A 1001 49.84 14.27 80.77
N PRO A 1002 49.00 15.32 80.78
CA PRO A 1002 49.18 16.39 79.79
C PRO A 1002 50.55 17.05 79.92
N VAL A 1003 51.14 17.35 78.77
CA VAL A 1003 52.53 17.78 78.70
C VAL A 1003 52.69 19.13 79.39
N PRO A 1004 53.86 19.44 79.99
CA PRO A 1004 54.06 20.72 80.68
C PRO A 1004 54.53 21.85 79.76
N PHE A 1005 53.84 22.02 78.63
CA PHE A 1005 54.15 23.10 77.71
C PHE A 1005 52.99 23.27 76.74
N VAL A 1006 52.96 24.42 76.08
CA VAL A 1006 52.01 24.70 75.02
C VAL A 1006 52.74 24.47 73.68
N PRO A 1007 52.37 23.45 72.89
CA PRO A 1007 53.09 23.22 71.64
C PRO A 1007 52.56 24.05 70.48
N VAL A 1008 51.31 24.53 70.59
CA VAL A 1008 50.64 25.21 69.49
C VAL A 1008 49.60 26.14 70.06
N LEU A 1009 49.27 27.18 69.30
CA LEU A 1009 48.26 28.17 69.68
C LEU A 1009 47.07 28.13 68.73
N ASP A 1010 46.62 26.92 68.39
CA ASP A 1010 45.47 26.74 67.51
C ASP A 1010 44.19 26.93 68.31
N GLU A 1011 43.06 26.50 67.73
CA GLU A 1011 41.76 26.71 68.38
C GLU A 1011 41.70 26.09 69.77
N ARG A 1012 42.39 24.96 69.98
CA ARG A 1012 42.38 24.28 71.27
C ARG A 1012 43.54 24.77 72.14
N PHE A 1013 43.66 26.09 72.29
CA PHE A 1013 44.69 26.66 73.13
C PHE A 1013 44.27 26.68 74.60
N GLU A 1014 42.98 26.90 74.88
CA GLU A 1014 42.51 26.84 76.25
C GLU A 1014 42.69 25.45 76.83
N PHE A 1015 42.44 24.41 76.03
CA PHE A 1015 42.61 23.03 76.47
C PHE A 1015 44.05 22.78 76.90
N PHE A 1016 45.02 23.35 76.18
CA PHE A 1016 46.42 23.18 76.55
C PHE A 1016 46.79 24.06 77.73
N PHE A 1017 46.21 25.26 77.81
CA PHE A 1017 46.63 26.25 78.80
C PHE A 1017 46.12 25.90 80.19
N LYS A 1018 44.87 25.44 80.29
CA LYS A 1018 44.21 25.32 81.59
C LYS A 1018 44.22 23.91 82.16
N LYS A 1019 44.30 22.88 81.32
CA LYS A 1019 44.17 21.51 81.79
C LYS A 1019 45.34 21.12 82.69
N ASP A 1020 45.04 20.35 83.73
CA ASP A 1020 46.04 19.72 84.59
C ASP A 1020 47.05 20.73 85.11
N SER A 1021 46.52 21.75 85.77
CA SER A 1021 47.30 22.86 86.30
C SER A 1021 47.50 22.78 87.81
N LEU A 1022 47.00 21.73 88.46
CA LEU A 1022 46.95 21.68 89.91
C LEU A 1022 48.16 21.03 90.54
N TRP A 1023 48.83 20.12 89.82
CA TRP A 1023 49.94 19.36 90.39
C TRP A 1023 51.23 20.17 90.49
N GLN A 1024 51.32 21.30 89.77
CA GLN A 1024 52.57 22.06 89.75
C GLN A 1024 52.90 22.61 91.13
N SER A 1025 51.88 23.09 91.85
CA SER A 1025 52.10 23.61 93.20
C SER A 1025 52.59 22.53 94.16
N GLU A 1026 52.30 21.26 93.87
CA GLU A 1026 52.78 20.16 94.69
C GLU A 1026 54.19 19.74 94.30
N ASP A 1027 54.48 19.69 93.00
CA ASP A 1027 55.80 19.32 92.50
C ASP A 1027 56.39 20.54 91.79
N LEU A 1028 57.02 21.41 92.57
CA LEU A 1028 57.66 22.61 92.04
C LEU A 1028 59.10 22.39 91.62
N GLU A 1029 59.72 21.27 92.02
CA GLU A 1029 61.09 21.00 91.59
C GLU A 1029 61.20 20.73 90.10
N SER A 1030 60.08 20.54 89.40
CA SER A 1030 60.07 20.23 87.98
C SER A 1030 59.71 21.41 87.08
N VAL A 1031 59.00 22.42 87.60
CA VAL A 1031 58.47 23.47 86.75
C VAL A 1031 59.61 24.44 86.39
N VAL A 1032 60.01 24.41 85.12
CA VAL A 1032 60.96 25.34 84.50
C VAL A 1032 62.17 25.61 85.40
N ASP A 1033 62.04 26.55 86.34
CA ASP A 1033 63.15 26.95 87.21
C ASP A 1033 62.72 26.95 88.68
N GLU A 1034 61.73 26.13 89.03
CA GLU A 1034 61.26 26.00 90.41
C GLU A 1034 60.77 27.34 90.95
N ASP A 1035 60.23 28.18 90.08
CA ASP A 1035 59.75 29.51 90.44
C ASP A 1035 58.27 29.39 90.81
N VAL A 1036 57.93 29.86 92.01
CA VAL A 1036 56.56 29.75 92.49
C VAL A 1036 55.62 30.66 91.71
N GLN A 1037 56.09 31.84 91.30
CA GLN A 1037 55.21 32.80 90.64
C GLN A 1037 54.67 32.28 89.32
N ARG A 1038 55.35 31.29 88.73
CA ARG A 1038 54.85 30.70 87.49
C ARG A 1038 53.77 29.66 87.75
N THR A 1039 53.74 29.11 88.95
CA THR A 1039 52.77 28.08 89.32
C THR A 1039 51.51 28.73 89.89
N CYS A 1040 50.38 28.07 89.65
CA CYS A 1040 49.09 28.52 90.17
C CYS A 1040 48.74 27.73 91.42
N ILE A 1041 48.45 28.44 92.50
CA ILE A 1041 48.13 27.83 93.79
C ILE A 1041 46.73 28.29 94.18
N LEU A 1042 45.85 27.33 94.42
CA LEU A 1042 44.48 27.62 94.83
C LEU A 1042 44.47 27.97 96.30
N HIS A 1043 43.67 28.96 96.69
CA HIS A 1043 43.64 29.42 98.07
C HIS A 1043 42.44 30.32 98.28
N GLY A 1044 42.15 30.61 99.55
CA GLY A 1044 41.00 31.40 99.93
C GLY A 1044 41.37 32.79 100.45
N PRO A 1045 40.81 33.86 99.87
CA PRO A 1045 41.16 35.20 100.35
C PRO A 1045 40.79 35.44 101.81
N VAL A 1046 39.68 34.87 102.28
CA VAL A 1046 39.25 35.11 103.65
C VAL A 1046 40.02 34.26 104.64
N ALA A 1047 40.56 33.12 104.22
CA ALA A 1047 41.35 32.26 105.09
C ALA A 1047 42.84 32.59 105.06
N SER A 1048 43.30 33.37 104.09
CA SER A 1048 44.72 33.71 104.02
C SER A 1048 45.17 34.56 105.21
N GLN A 1049 44.29 35.37 105.78
CA GLN A 1049 44.67 36.14 106.96
C GLN A 1049 45.00 35.22 108.13
N TYR A 1050 44.20 34.16 108.30
CA TYR A 1050 44.45 33.23 109.40
C TYR A 1050 45.63 32.32 109.08
N THR A 1051 45.84 31.98 107.81
CA THR A 1051 46.99 31.16 107.41
C THR A 1051 48.24 32.03 107.41
N SER A 1052 49.10 31.83 108.42
CA SER A 1052 50.27 32.68 108.60
C SER A 1052 51.56 31.92 108.92
N LYS A 1053 51.52 30.67 109.36
CA LYS A 1053 52.68 29.96 109.88
C LYS A 1053 53.13 28.86 108.94
N VAL A 1054 54.44 28.79 108.72
CA VAL A 1054 55.07 27.88 107.78
C VAL A 1054 55.48 26.61 108.52
N ASP A 1055 55.11 25.45 107.95
CA ASP A 1055 55.69 24.16 108.33
C ASP A 1055 55.42 23.85 109.81
N GLU A 1056 54.14 23.74 110.13
CA GLU A 1056 53.68 23.31 111.44
C GLU A 1056 52.75 22.10 111.27
N PRO A 1057 52.68 21.21 112.26
CA PRO A 1057 51.89 19.99 112.06
C PRO A 1057 50.41 20.27 111.85
N ILE A 1058 49.80 19.48 110.96
CA ILE A 1058 48.35 19.56 110.77
C ILE A 1058 47.64 19.19 112.05
N GLY A 1059 48.15 18.18 112.75
CA GLY A 1059 47.60 17.85 114.05
C GLY A 1059 47.70 19.02 115.01
N ASP A 1060 48.80 19.77 114.93
CA ASP A 1060 48.95 20.94 115.78
C ASP A 1060 47.91 22.01 115.43
N ILE A 1061 47.68 22.24 114.14
CA ILE A 1061 46.68 23.24 113.73
C ILE A 1061 45.31 22.86 114.26
N LEU A 1062 44.89 21.62 114.00
CA LEU A 1062 43.56 21.20 114.41
C LEU A 1062 43.44 21.12 115.92
N ASN A 1063 44.52 20.74 116.61
CA ASN A 1063 44.53 20.76 118.07
C ASN A 1063 44.37 22.17 118.59
N SER A 1064 45.03 23.14 117.96
CA SER A 1064 44.90 24.53 118.40
C SER A 1064 43.46 24.99 118.24
N ILE A 1065 42.83 24.68 117.11
CA ILE A 1065 41.44 25.09 116.89
C ILE A 1065 40.53 24.43 117.92
N HIS A 1066 40.69 23.12 118.12
CA HIS A 1066 39.83 22.39 119.05
C HIS A 1066 40.02 22.87 120.47
N GLU A 1067 41.27 23.10 120.88
CA GLU A 1067 41.55 23.56 122.24
C GLU A 1067 41.03 24.98 122.44
N GLY A 1068 41.13 25.84 121.42
CA GLY A 1068 40.53 27.16 121.53
C GLY A 1068 39.04 27.09 121.72
N HIS A 1069 38.36 26.25 120.93
CA HIS A 1069 36.92 26.08 121.09
C HIS A 1069 36.57 25.55 122.47
N ILE A 1070 37.35 24.59 122.96
CA ILE A 1070 37.12 24.05 124.29
C ILE A 1070 37.31 25.13 125.35
N ALA A 1071 38.29 26.01 125.16
CA ALA A 1071 38.50 27.10 126.09
C ALA A 1071 37.31 28.05 126.10
N ARG A 1072 36.80 28.40 124.92
CA ARG A 1072 35.62 29.26 124.86
C ARG A 1072 34.44 28.61 125.58
N LEU A 1073 34.21 27.32 125.30
CA LEU A 1073 33.06 26.65 125.87
C LEU A 1073 33.20 26.48 127.38
N ILE A 1074 34.40 26.16 127.85
CA ILE A 1074 34.61 25.96 129.28
C ILE A 1074 34.46 27.29 130.02
N LYS A 1075 34.92 28.38 129.42
CA LYS A 1075 34.75 29.69 130.05
C LYS A 1075 33.29 30.12 130.05
N GLU A 1076 32.54 29.84 128.99
CA GLU A 1076 31.19 30.38 128.84
C GLU A 1076 30.16 29.53 129.57
N GLU A 1077 30.05 28.25 129.22
CA GLU A 1077 28.93 27.42 129.63
C GLU A 1077 29.24 26.51 130.82
N TYR A 1078 30.44 26.60 131.40
CA TYR A 1078 30.79 25.74 132.53
C TYR A 1078 31.56 26.48 133.63
N ALA A 1079 31.65 27.81 133.58
CA ALA A 1079 32.36 28.59 134.59
C ALA A 1079 33.83 28.21 134.69
N GLY A 1080 34.42 27.69 133.62
CA GLY A 1080 35.84 27.41 133.61
C GLY A 1080 36.28 26.22 134.43
N ASP A 1081 35.37 25.28 134.72
CA ASP A 1081 35.67 24.09 135.50
C ASP A 1081 35.56 22.86 134.61
N GLU A 1082 36.67 22.15 134.44
CA GLU A 1082 36.66 20.94 133.63
C GLU A 1082 35.88 19.81 134.30
N SER A 1083 35.81 19.81 135.63
CA SER A 1083 35.07 18.77 136.34
C SER A 1083 33.59 18.82 136.04
N LYS A 1084 33.07 19.94 135.53
CA LYS A 1084 31.66 20.06 135.19
C LYS A 1084 31.31 19.44 133.86
N ILE A 1085 32.29 19.03 133.06
CA ILE A 1085 32.02 18.45 131.75
C ILE A 1085 31.39 17.06 131.94
N PRO A 1086 30.29 16.74 131.26
CA PRO A 1086 29.76 15.36 131.36
C PRO A 1086 30.77 14.37 130.83
N VAL A 1087 30.83 13.19 131.47
CA VAL A 1087 31.83 12.18 131.19
C VAL A 1087 31.15 10.95 130.62
N VAL A 1088 31.70 10.41 129.53
CA VAL A 1088 31.27 9.15 128.96
C VAL A 1088 32.50 8.30 128.75
N GLU A 1089 32.31 6.97 128.76
CA GLU A 1089 33.45 6.08 128.56
C GLU A 1089 34.03 6.24 127.17
N TYR A 1090 33.17 6.32 126.15
CA TYR A 1090 33.58 6.50 124.76
C TYR A 1090 32.72 7.58 124.14
N PHE A 1091 33.33 8.37 123.26
CA PHE A 1091 32.66 9.48 122.59
C PHE A 1091 32.51 9.12 121.10
N GLY A 1092 31.29 8.82 120.69
CA GLY A 1092 31.00 8.53 119.29
C GLY A 1092 29.89 7.54 119.07
N GLY A 1093 29.58 7.26 117.81
CA GLY A 1093 28.64 6.22 117.45
C GLY A 1093 27.18 6.58 117.62
N LYS A 1094 26.86 7.82 117.96
CA LYS A 1094 25.48 8.24 118.18
C LYS A 1094 24.96 8.85 116.88
N LYS A 1095 23.88 8.28 116.36
CA LYS A 1095 23.30 8.78 115.13
C LYS A 1095 22.68 10.16 115.38
N PRO A 1096 22.87 11.14 114.49
CA PRO A 1096 22.22 12.43 114.71
C PRO A 1096 20.70 12.35 114.72
N ALA A 1097 20.12 11.43 113.95
CA ALA A 1097 18.67 11.30 113.85
C ALA A 1097 18.15 10.30 114.89
N SER A 1098 18.51 10.56 116.15
CA SER A 1098 18.09 9.71 117.26
C SER A 1098 18.36 10.40 118.59
N GLY A 1109 16.24 -2.87 134.94
CA GLY A 1109 17.23 -2.75 136.00
C GLY A 1109 18.43 -3.65 135.77
N ASN A 1110 19.04 -4.11 136.88
CA ASN A 1110 20.19 -4.99 136.77
C ASN A 1110 19.81 -6.32 136.14
N GLN A 1111 18.67 -6.89 136.54
CA GLN A 1111 18.19 -8.17 136.05
C GLN A 1111 16.96 -7.91 135.19
N VAL A 1112 17.10 -8.07 133.88
CA VAL A 1112 16.03 -7.86 132.92
C VAL A 1112 15.95 -9.06 132.00
N VAL A 1113 14.74 -9.35 131.51
CA VAL A 1113 14.49 -10.44 130.58
C VAL A 1113 13.58 -9.92 129.48
N TYR A 1114 14.01 -10.07 128.22
CA TYR A 1114 13.23 -9.67 127.05
C TYR A 1114 12.84 -10.92 126.28
N GLU A 1115 11.54 -11.19 126.22
CA GLU A 1115 11.01 -12.29 125.42
C GLU A 1115 10.64 -11.76 124.05
N ILE A 1116 11.52 -11.98 123.08
CA ILE A 1116 11.34 -11.46 121.73
C ILE A 1116 10.21 -12.23 121.07
N ASP A 1117 9.41 -11.51 120.26
CA ASP A 1117 8.34 -12.13 119.49
C ASP A 1117 8.50 -11.79 118.01
N SER A 1118 7.49 -12.10 117.21
CA SER A 1118 7.50 -11.78 115.78
C SER A 1118 6.47 -10.73 115.39
N GLU A 1119 5.68 -10.23 116.34
CA GLU A 1119 4.64 -9.26 116.02
C GLU A 1119 5.24 -7.98 115.46
N LEU A 1120 5.98 -7.24 116.29
CA LEU A 1120 6.73 -6.10 115.79
C LEU A 1120 7.78 -5.61 116.79
N PRO A 1121 8.82 -6.41 117.09
CA PRO A 1121 9.97 -5.85 117.81
C PRO A 1121 10.89 -5.12 116.85
N ASN A 1122 10.88 -3.79 116.93
CA ASN A 1122 11.76 -3.00 116.08
C ASN A 1122 13.20 -3.38 116.34
N LYS A 1123 13.99 -3.54 115.27
CA LYS A 1123 15.39 -3.91 115.43
C LYS A 1123 16.14 -2.83 116.21
N GLN A 1124 15.91 -1.55 115.86
CA GLN A 1124 16.59 -0.47 116.56
C GLN A 1124 16.19 -0.40 118.02
N GLU A 1125 14.89 -0.52 118.31
CA GLU A 1125 14.44 -0.45 119.70
C GLU A 1125 14.95 -1.62 120.52
N TRP A 1126 14.93 -2.83 119.93
CA TRP A 1126 15.43 -4.00 120.63
C TRP A 1126 16.93 -3.88 120.91
N LEU A 1127 17.69 -3.41 119.93
CA LEU A 1127 19.13 -3.25 120.14
C LEU A 1127 19.41 -2.16 121.16
N ASP A 1128 18.62 -1.08 121.15
CA ASP A 1128 18.79 -0.04 122.16
C ASP A 1128 18.50 -0.57 123.56
N LEU A 1129 17.43 -1.36 123.70
CA LEU A 1129 17.10 -1.91 125.00
C LEU A 1129 18.19 -2.85 125.50
N LEU A 1130 18.71 -3.70 124.62
CA LEU A 1130 19.82 -4.58 125.01
C LEU A 1130 21.06 -3.78 125.34
N ALA A 1131 21.34 -2.72 124.58
CA ALA A 1131 22.52 -1.91 124.79
C ALA A 1131 22.48 -1.20 126.14
N GLY A 1132 21.31 -0.67 126.51
CA GLY A 1132 21.14 0.05 127.76
C GLY A 1132 21.29 1.54 127.59
N THR A 1133 21.25 2.23 128.73
CA THR A 1133 21.30 3.69 128.75
C THR A 1133 22.73 4.22 128.91
N GLU A 1134 23.50 3.65 129.82
CA GLU A 1134 24.85 4.14 130.06
C GLU A 1134 25.75 3.86 128.86
N LEU A 1135 26.66 4.79 128.60
CA LEU A 1135 27.62 4.66 127.50
C LEU A 1135 28.77 3.73 127.91
N ASN A 1136 28.42 2.47 128.14
CA ASN A 1136 29.35 1.49 128.68
C ASN A 1136 29.81 0.54 127.58
N TRP A 1137 30.62 -0.46 127.98
CA TRP A 1137 31.18 -1.39 127.02
C TRP A 1137 30.09 -2.15 126.27
N LEU A 1138 29.07 -2.63 127.00
CA LEU A 1138 28.02 -3.40 126.35
C LEU A 1138 27.13 -2.50 125.49
N GLN A 1139 26.92 -1.25 125.93
CA GLN A 1139 26.18 -0.31 125.10
C GLN A 1139 26.86 -0.11 123.77
N ALA A 1140 28.18 0.16 123.80
CA ALA A 1140 28.94 0.28 122.55
C ALA A 1140 28.84 -0.99 121.74
N PHE A 1141 29.05 -2.13 122.40
CA PHE A 1141 29.26 -3.41 121.73
C PHE A 1141 27.95 -3.98 121.17
N ILE A 1142 26.80 -3.46 121.57
CA ILE A 1142 25.52 -3.83 120.99
C ILE A 1142 25.04 -2.78 119.99
N SER A 1143 25.08 -1.49 120.36
CA SER A 1143 24.49 -0.47 119.50
C SER A 1143 25.37 -0.15 118.30
N THR A 1144 26.68 -0.38 118.38
CA THR A 1144 27.56 -0.07 117.27
C THR A 1144 27.21 -0.95 116.07
N ASP A 1145 27.12 -0.32 114.89
CA ASP A 1145 26.66 -0.98 113.68
C ASP A 1145 27.80 -1.58 112.86
N ARG A 1146 29.05 -1.40 113.27
CA ARG A 1146 30.21 -1.86 112.52
C ARG A 1146 31.24 -2.42 113.48
N ILE A 1147 32.04 -3.37 113.00
CA ILE A 1147 33.10 -4.00 113.78
C ILE A 1147 34.41 -3.85 113.03
N VAL A 1148 35.51 -3.64 113.75
CA VAL A 1148 36.83 -3.50 113.17
C VAL A 1148 37.59 -4.81 113.31
N GLN A 1149 38.15 -5.29 112.20
CA GLN A 1149 38.94 -6.52 112.15
C GLN A 1149 40.32 -6.17 111.60
N GLY A 1150 41.23 -5.77 112.50
CA GLY A 1150 42.57 -5.40 112.09
C GLY A 1150 42.58 -4.20 111.16
N SER A 1151 41.87 -3.13 111.55
CA SER A 1151 41.71 -1.94 110.71
C SER A 1151 40.91 -2.28 109.46
N LYS A 1152 39.75 -2.91 109.66
CA LYS A 1152 38.86 -3.29 108.57
C LYS A 1152 37.43 -3.23 109.08
N HIS A 1153 36.67 -2.26 108.59
CA HIS A 1153 35.31 -2.01 109.07
C HIS A 1153 34.34 -2.94 108.36
N VAL A 1154 33.93 -4.01 109.03
CA VAL A 1154 32.94 -4.94 108.49
C VAL A 1154 31.70 -4.91 109.39
N SER A 1155 30.64 -5.60 108.96
CA SER A 1155 29.37 -5.52 109.65
C SER A 1155 29.48 -6.05 111.07
N ASN A 1156 28.71 -5.46 111.98
CA ASN A 1156 28.72 -5.88 113.37
C ASN A 1156 28.10 -7.27 113.48
N PRO A 1157 28.81 -8.28 114.00
CA PRO A 1157 28.18 -9.60 114.13
C PRO A 1157 27.00 -9.62 115.08
N LEU A 1158 26.89 -8.65 115.98
CA LEU A 1158 25.80 -8.66 116.94
C LEU A 1158 24.48 -8.26 116.31
N HIS A 1159 24.50 -7.34 115.34
CA HIS A 1159 23.26 -7.01 114.65
C HIS A 1159 22.72 -8.19 113.86
N ASP A 1160 23.53 -9.23 113.63
CA ASP A 1160 23.07 -10.49 113.07
C ASP A 1160 22.66 -11.48 114.15
N ILE A 1161 23.46 -11.61 115.21
CA ILE A 1161 23.19 -12.61 116.24
C ILE A 1161 21.93 -12.24 117.03
N LEU A 1162 21.83 -11.00 117.48
CA LEU A 1162 20.72 -10.54 118.31
C LEU A 1162 19.53 -10.09 117.48
N THR A 1163 19.50 -10.38 116.18
CA THR A 1163 18.39 -9.98 115.35
C THR A 1163 17.11 -10.65 115.85
N PRO A 1164 15.96 -9.96 115.78
CA PRO A 1164 14.70 -10.62 116.17
C PRO A 1164 14.46 -11.90 115.41
N ALA A 1165 14.26 -13.00 116.15
CA ALA A 1165 13.96 -14.30 115.56
C ALA A 1165 12.55 -14.76 115.92
N LYS A 1166 12.25 -14.91 117.22
CA LYS A 1166 10.96 -15.35 117.75
C LYS A 1166 11.14 -15.86 119.17
N HIS A 1167 12.29 -16.49 119.46
CA HIS A 1167 12.53 -17.11 120.76
C HIS A 1167 13.90 -16.76 121.33
N SER A 1168 14.55 -15.72 120.79
CA SER A 1168 15.85 -15.28 121.31
C SER A 1168 15.62 -14.46 122.58
N LYS A 1169 15.29 -15.17 123.66
CA LYS A 1169 15.15 -14.52 124.96
C LYS A 1169 16.53 -14.10 125.46
N VAL A 1170 16.64 -12.85 125.89
CA VAL A 1170 17.91 -12.26 126.32
C VAL A 1170 17.80 -11.85 127.79
N THR A 1171 18.93 -11.89 128.49
CA THR A 1171 18.96 -11.58 129.91
C THR A 1171 20.30 -10.93 130.26
N ILE A 1172 20.25 -9.79 130.93
CA ILE A 1172 21.44 -9.14 131.50
C ILE A 1172 21.45 -9.40 133.00
N ASP A 1173 22.59 -9.88 133.51
CA ASP A 1173 22.70 -10.21 134.92
C ASP A 1173 22.81 -8.95 135.78
N LYS A 1174 23.56 -7.96 135.30
CA LYS A 1174 23.76 -6.73 136.06
C LYS A 1174 24.14 -5.62 135.09
N LYS A 1175 24.13 -4.38 135.60
CA LYS A 1175 24.36 -3.21 134.75
C LYS A 1175 25.69 -3.28 134.02
N THR A 1176 26.70 -3.92 134.62
CA THR A 1176 28.01 -4.06 133.98
C THR A 1176 28.62 -5.44 134.22
N LYS A 1177 27.77 -6.45 134.48
CA LYS A 1177 28.27 -7.78 134.80
C LYS A 1177 28.33 -8.69 133.58
N LYS A 1178 27.17 -8.95 132.95
CA LYS A 1178 27.13 -9.90 131.84
C LYS A 1178 25.76 -9.97 131.19
N LEU A 1179 25.67 -10.63 130.03
CA LEU A 1179 24.45 -10.75 129.26
C LEU A 1179 24.37 -12.17 128.72
N THR A 1180 23.15 -12.68 128.56
CA THR A 1180 22.96 -14.03 128.05
C THR A 1180 21.70 -14.08 127.21
N ALA A 1181 21.78 -14.82 126.10
CA ALA A 1181 20.66 -15.03 125.20
C ALA A 1181 20.40 -16.52 125.03
N PHE A 1182 19.14 -16.90 125.24
CA PHE A 1182 18.69 -18.28 125.23
C PHE A 1182 17.74 -18.49 124.06
N GLU A 1183 17.66 -19.74 123.61
CA GLU A 1183 16.72 -20.14 122.57
C GLU A 1183 16.19 -21.53 122.86
N ASN A 1184 14.97 -21.79 122.41
CA ASN A 1184 14.31 -23.07 122.64
C ASN A 1184 14.81 -24.09 121.61
N ILE A 1185 16.05 -24.52 121.82
CA ILE A 1185 16.69 -25.49 120.93
C ILE A 1185 16.20 -26.89 121.28
N LYS A 1186 15.82 -27.64 120.24
CA LYS A 1186 15.17 -28.95 120.36
C LYS A 1186 14.09 -28.97 121.44
N GLY A 1187 13.29 -27.90 121.50
CA GLY A 1187 12.25 -27.81 122.51
C GLY A 1187 12.79 -27.69 123.93
N ASP A 1188 13.87 -26.94 124.11
CA ASP A 1188 14.45 -26.74 125.43
C ASP A 1188 15.16 -25.40 125.44
N LEU A 1189 14.78 -24.54 126.38
CA LEU A 1189 15.36 -23.21 126.48
C LEU A 1189 16.72 -23.31 127.14
N LEU A 1190 17.78 -23.12 126.36
CA LEU A 1190 19.16 -23.18 126.82
C LEU A 1190 19.93 -21.99 126.27
N PRO A 1191 21.03 -21.59 126.92
CA PRO A 1191 21.79 -20.43 126.43
C PRO A 1191 22.52 -20.73 125.14
N VAL A 1192 22.32 -19.87 124.14
CA VAL A 1192 23.04 -19.97 122.89
C VAL A 1192 24.06 -18.86 122.71
N VAL A 1193 23.94 -17.75 123.45
CA VAL A 1193 24.94 -16.68 123.43
C VAL A 1193 25.21 -16.28 124.87
N GLU A 1194 26.49 -16.08 125.21
CA GLU A 1194 26.90 -15.63 126.54
C GLU A 1194 27.94 -14.54 126.36
N ILE A 1195 27.58 -13.30 126.70
CA ILE A 1195 28.44 -12.14 126.54
C ILE A 1195 28.90 -11.71 127.92
N GLU A 1196 30.20 -11.45 128.05
CA GLU A 1196 30.69 -10.95 129.34
C GLU A 1196 32.04 -10.29 129.15
N LEU A 1197 32.36 -9.37 130.06
CA LEU A 1197 33.66 -8.69 130.05
C LEU A 1197 34.62 -9.55 130.87
N VAL A 1198 35.34 -10.43 130.18
CA VAL A 1198 36.25 -11.35 130.87
C VAL A 1198 37.35 -10.56 131.59
N LYS A 1199 37.86 -9.51 130.96
CA LYS A 1199 38.84 -8.64 131.56
C LYS A 1199 38.58 -7.23 131.03
N PRO A 1200 39.15 -6.20 131.67
CA PRO A 1200 38.88 -4.83 131.22
C PRO A 1200 39.25 -4.64 129.76
N ASN A 1201 38.35 -3.99 129.02
CA ASN A 1201 38.54 -3.71 127.60
C ASN A 1201 38.47 -4.99 126.75
N THR A 1202 37.96 -6.07 127.33
CA THR A 1202 37.92 -7.36 126.64
C THR A 1202 36.54 -7.96 126.81
N ILE A 1203 35.83 -8.15 125.69
CA ILE A 1203 34.47 -8.67 125.66
C ILE A 1203 34.50 -10.04 125.01
N GLN A 1204 34.08 -11.06 125.76
CA GLN A 1204 33.95 -12.41 125.24
C GLN A 1204 32.50 -12.61 124.81
N LEU A 1205 32.31 -12.92 123.53
CA LEU A 1205 31.03 -13.35 122.97
C LEU A 1205 31.16 -14.84 122.73
N SER A 1206 30.58 -15.64 123.64
CA SER A 1206 30.67 -17.09 123.57
C SER A 1206 29.41 -17.61 122.89
N LEU A 1207 29.57 -18.17 121.69
CA LEU A 1207 28.47 -18.80 120.97
C LEU A 1207 28.40 -20.25 121.41
N ILE A 1208 27.36 -20.59 122.18
CA ILE A 1208 27.23 -21.92 122.78
C ILE A 1208 26.50 -22.83 121.81
N GLU A 1209 26.95 -24.08 121.71
CA GLU A 1209 26.29 -25.10 120.92
C GLU A 1209 26.04 -26.30 121.81
N HIS A 1210 24.80 -26.80 121.77
CA HIS A 1210 24.38 -27.94 122.58
C HIS A 1210 24.10 -29.19 121.76
N ARG A 1211 23.92 -29.05 120.44
CA ARG A 1211 23.73 -30.20 119.55
C ARG A 1211 25.09 -30.83 119.22
N THR A 1212 25.72 -31.34 120.27
CA THR A 1212 27.08 -31.86 120.22
C THR A 1212 27.07 -33.38 120.19
N ALA A 1213 28.27 -33.97 120.12
CA ALA A 1213 28.39 -35.43 120.09
C ALA A 1213 28.06 -36.05 121.45
N ASP A 1214 28.60 -35.46 122.52
CA ASP A 1214 28.40 -35.98 123.87
C ASP A 1214 27.22 -35.33 124.59
N THR A 1215 26.54 -34.38 123.96
CA THR A 1215 25.42 -33.59 124.46
C THR A 1215 25.89 -32.49 125.43
N ASN A 1216 27.16 -32.46 125.80
CA ASN A 1216 27.64 -31.39 126.66
C ASN A 1216 27.71 -30.08 125.87
N PRO A 1217 27.45 -28.94 126.51
CA PRO A 1217 27.56 -27.66 125.80
C PRO A 1217 29.01 -27.32 125.53
N VAL A 1218 29.25 -26.71 124.37
CA VAL A 1218 30.58 -26.27 123.99
C VAL A 1218 30.50 -24.85 123.44
N ALA A 1219 31.39 -23.99 123.91
CA ALA A 1219 31.39 -22.57 123.57
C ALA A 1219 32.40 -22.28 122.48
N LEU A 1220 32.08 -21.27 121.67
CA LEU A 1220 33.00 -20.68 120.71
C LEU A 1220 33.26 -19.27 121.21
N PRO A 1221 34.38 -19.05 121.91
CA PRO A 1221 34.71 -17.68 122.33
C PRO A 1221 35.03 -16.81 121.13
N PHE A 1222 34.60 -15.55 121.21
CA PHE A 1222 34.99 -14.50 120.27
C PHE A 1222 35.40 -13.32 121.14
N LEU A 1223 36.71 -13.11 121.26
CA LEU A 1223 37.21 -12.01 122.06
C LEU A 1223 37.24 -10.73 121.24
N TYR A 1224 36.92 -9.61 121.89
CA TYR A 1224 36.79 -8.31 121.24
C TYR A 1224 37.40 -7.26 122.15
N LYS A 1225 38.37 -6.52 121.63
CA LYS A 1225 38.98 -5.42 122.39
C LYS A 1225 37.99 -4.26 122.41
N TYR A 1226 37.62 -3.79 123.60
CA TYR A 1226 36.85 -2.57 123.73
C TYR A 1226 37.80 -1.39 123.90
N ASN A 1227 37.68 -0.41 123.01
CA ASN A 1227 38.59 0.74 122.91
C ASN A 1227 37.79 2.00 123.24
N PRO A 1228 37.84 2.50 124.48
CA PRO A 1228 37.15 3.76 124.77
C PRO A 1228 37.75 4.96 124.07
N ALA A 1229 38.98 4.85 123.54
CA ALA A 1229 39.65 6.02 122.98
C ALA A 1229 38.89 6.58 121.78
N ASP A 1230 38.42 5.70 120.88
CA ASP A 1230 37.68 6.10 119.69
C ASP A 1230 36.27 5.52 119.77
N GLY A 1231 35.26 6.39 119.70
CA GLY A 1231 33.88 5.97 119.74
C GLY A 1231 33.28 5.64 118.40
N PHE A 1232 33.97 5.95 117.30
CA PHE A 1232 33.49 5.51 115.99
C PHE A 1232 33.61 4.00 115.85
N ALA A 1233 34.74 3.44 116.28
CA ALA A 1233 35.00 2.01 116.23
C ALA A 1233 35.41 1.56 117.64
N PRO A 1234 34.48 1.57 118.58
CA PRO A 1234 34.85 1.24 119.97
C PRO A 1234 35.12 -0.24 120.20
N ILE A 1235 35.02 -1.09 119.18
CA ILE A 1235 35.26 -2.51 119.31
C ILE A 1235 36.14 -2.98 118.16
N LEU A 1236 37.22 -3.69 118.49
CA LEU A 1236 38.16 -4.25 117.53
C LEU A 1236 38.24 -5.75 117.75
N GLU A 1237 37.95 -6.53 116.72
CA GLU A 1237 37.97 -7.98 116.87
C GLU A 1237 39.42 -8.47 117.00
N ILE A 1238 39.64 -9.37 117.95
CA ILE A 1238 40.92 -10.06 118.05
C ILE A 1238 40.96 -11.10 116.94
N MET A 1239 41.65 -10.79 115.85
CA MET A 1239 41.80 -11.77 114.79
C MET A 1239 42.77 -12.83 115.26
N GLU A 1240 43.59 -12.48 116.24
CA GLU A 1240 44.58 -13.42 116.76
C GLU A 1240 43.92 -14.73 117.18
N ASP A 1241 44.47 -15.84 116.72
CA ASP A 1241 43.93 -17.16 117.08
C ASP A 1241 42.44 -17.31 116.80
N ARG A 1242 41.86 -16.37 116.05
CA ARG A 1242 40.46 -16.48 115.71
C ARG A 1242 40.24 -17.81 115.03
N ASN A 1243 41.00 -18.08 113.96
CA ASN A 1243 40.79 -19.31 113.24
C ASN A 1243 41.11 -20.53 114.10
N GLU A 1244 42.15 -20.42 114.94
CA GLU A 1244 42.48 -21.52 115.84
C GLU A 1244 41.38 -21.77 116.85
N ARG A 1245 40.79 -20.70 117.40
CA ARG A 1245 39.69 -20.86 118.35
C ARG A 1245 38.47 -21.50 117.68
N ILE A 1246 38.14 -21.04 116.46
CA ILE A 1246 37.02 -21.62 115.75
C ILE A 1246 37.30 -23.08 115.42
N LYS A 1247 38.56 -23.39 115.09
CA LYS A 1247 38.94 -24.78 114.85
C LYS A 1247 38.79 -25.63 116.09
N GLU A 1248 39.15 -25.07 117.26
CA GLU A 1248 38.96 -25.81 118.51
C GLU A 1248 37.49 -26.10 118.75
N PHE A 1249 36.64 -25.10 118.52
CA PHE A 1249 35.19 -25.31 118.68
C PHE A 1249 34.68 -26.39 117.74
N TYR A 1250 35.07 -26.31 116.46
CA TYR A 1250 34.61 -27.30 115.48
C TYR A 1250 35.17 -28.69 115.78
N TRP A 1251 36.40 -28.75 116.30
CA TRP A 1251 37.00 -30.03 116.66
C TRP A 1251 36.26 -30.66 117.82
N LYS A 1252 35.91 -29.87 118.84
CA LYS A 1252 35.12 -30.40 119.94
C LYS A 1252 33.76 -30.86 119.45
N LEU A 1253 33.18 -30.15 118.48
CA LEU A 1253 31.88 -30.56 117.94
C LEU A 1253 31.99 -31.88 117.19
N TRP A 1254 32.93 -31.97 116.25
CA TRP A 1254 33.01 -33.14 115.38
C TRP A 1254 33.69 -34.31 116.08
N PHE A 1255 34.95 -34.13 116.46
CA PHE A 1255 35.74 -35.19 117.07
C PHE A 1255 35.65 -35.10 118.59
N SER A 1258 36.10 -37.65 120.25
CA SER A 1258 36.57 -38.76 119.43
C SER A 1258 38.10 -38.78 119.36
N VAL A 1259 38.68 -37.61 119.11
CA VAL A 1259 40.13 -37.48 118.99
C VAL A 1259 40.57 -36.30 119.87
N PRO A 1260 41.74 -36.38 120.54
CA PRO A 1260 42.23 -35.21 121.27
C PRO A 1260 42.56 -34.06 120.33
N TYR A 1261 42.45 -32.84 120.84
CA TYR A 1261 42.74 -31.67 120.02
C TYR A 1261 44.23 -31.62 119.70
N SER A 1262 44.56 -31.78 118.42
CA SER A 1262 45.94 -31.72 117.96
C SER A 1262 45.92 -31.33 116.49
N ASN A 1263 46.19 -30.05 116.21
CA ASN A 1263 46.26 -29.55 114.85
C ASN A 1263 47.65 -29.69 114.24
N ASP A 1264 48.60 -30.30 114.96
CA ASP A 1264 49.94 -30.54 114.43
C ASP A 1264 49.95 -31.79 113.55
N ILE A 1265 49.19 -31.70 112.45
CA ILE A 1265 49.04 -32.79 111.50
C ILE A 1265 49.67 -32.35 110.18
N ASN A 1266 50.41 -33.26 109.55
CA ASN A 1266 50.97 -32.98 108.24
C ASN A 1266 49.85 -32.96 107.20
N VAL A 1267 49.84 -31.91 106.38
CA VAL A 1267 48.82 -31.81 105.33
C VAL A 1267 49.01 -32.92 104.30
N GLU A 1268 50.26 -33.26 104.00
CA GLU A 1268 50.56 -34.28 103.00
C GLU A 1268 50.45 -35.70 103.55
N LYS A 1269 50.25 -35.86 104.86
CA LYS A 1269 50.12 -37.18 105.45
C LYS A 1269 48.71 -37.72 105.23
N ALA A 1270 48.49 -38.96 105.67
CA ALA A 1270 47.22 -39.65 105.50
C ALA A 1270 46.52 -39.74 106.85
N ILE A 1271 45.25 -39.36 106.88
CA ILE A 1271 44.43 -39.46 108.07
C ILE A 1271 43.79 -40.83 108.12
N LEU A 1272 43.95 -41.53 109.24
CA LEU A 1272 43.32 -42.83 109.46
C LEU A 1272 42.07 -42.62 110.31
N GLY A 1273 40.92 -42.97 109.75
CA GLY A 1273 39.67 -42.86 110.46
C GLY A 1273 39.45 -44.01 111.43
N ASP A 1274 38.40 -43.88 112.22
CA ASP A 1274 38.03 -44.93 113.16
C ASP A 1274 37.41 -46.11 112.43
N GLU A 1275 37.54 -47.30 113.02
CA GLU A 1275 36.94 -48.52 112.49
C GLU A 1275 35.49 -48.58 112.94
N ILE A 1276 34.56 -48.56 111.98
CA ILE A 1276 33.13 -48.56 112.26
C ILE A 1276 32.50 -49.80 111.63
N THR A 1277 31.56 -50.40 112.36
CA THR A 1277 30.82 -51.57 111.89
C THR A 1277 29.42 -51.12 111.50
N ILE A 1278 29.02 -51.45 110.28
CA ILE A 1278 27.73 -51.01 109.74
C ILE A 1278 26.62 -51.81 110.40
N SER A 1279 25.56 -51.12 110.81
CA SER A 1279 24.43 -51.73 111.51
C SER A 1279 23.12 -51.34 110.84
N SER A 1280 22.16 -52.27 110.94
CA SER A 1280 20.85 -52.04 110.34
C SER A 1280 20.17 -50.83 110.95
N GLN A 1281 20.35 -50.60 112.25
CA GLN A 1281 19.78 -49.42 112.88
C GLN A 1281 20.34 -48.15 112.25
N THR A 1282 21.66 -48.09 112.06
CA THR A 1282 22.28 -46.89 111.52
C THR A 1282 21.84 -46.65 110.09
N ILE A 1283 21.77 -47.73 109.29
CA ILE A 1283 21.28 -47.59 107.91
C ILE A 1283 19.84 -47.13 107.89
N SER A 1284 19.01 -47.66 108.80
CA SER A 1284 17.63 -47.23 108.87
C SER A 1284 17.53 -45.75 109.19
N GLU A 1285 18.25 -45.29 110.22
CA GLU A 1285 18.21 -43.88 110.57
C GLU A 1285 18.67 -43.02 109.41
N PHE A 1286 19.75 -43.42 108.74
CA PHE A 1286 20.27 -42.62 107.63
C PHE A 1286 19.27 -42.55 106.48
N THR A 1287 18.70 -43.70 106.10
CA THR A 1287 17.77 -43.72 104.98
C THR A 1287 16.52 -42.90 105.29
N HIS A 1288 15.98 -43.02 106.50
CA HIS A 1288 14.82 -42.22 106.86
C HIS A 1288 15.17 -40.74 106.91
N ALA A 1289 16.40 -40.41 107.31
CA ALA A 1289 16.81 -39.01 107.33
C ALA A 1289 16.84 -38.42 105.92
N ILE A 1290 17.50 -39.10 104.98
CA ILE A 1290 17.66 -38.53 103.64
C ILE A 1290 16.47 -38.83 102.73
N GLY A 1291 15.47 -39.58 103.20
CA GLY A 1291 14.33 -39.88 102.37
C GLY A 1291 14.54 -41.01 101.39
N ASN A 1292 15.60 -41.80 101.55
CA ASN A 1292 15.82 -42.96 100.69
C ASN A 1292 14.90 -44.09 101.10
N LYS A 1293 13.99 -44.46 100.20
CA LYS A 1293 13.01 -45.53 100.44
C LYS A 1293 13.38 -46.81 99.70
N CYS A 1294 14.61 -46.93 99.23
CA CYS A 1294 14.97 -48.06 98.38
C CYS A 1294 14.87 -49.38 99.14
N ASP A 1295 14.48 -50.44 98.42
CA ASP A 1295 14.27 -51.74 99.06
C ASP A 1295 15.58 -52.35 99.54
N ALA A 1296 16.68 -52.12 98.83
CA ALA A 1296 17.95 -52.77 99.16
C ALA A 1296 18.45 -52.37 100.54
N PHE A 1297 18.00 -51.24 101.08
CA PHE A 1297 18.49 -50.70 102.33
C PHE A 1297 17.50 -50.90 103.49
N VAL A 1298 16.43 -51.65 103.27
CA VAL A 1298 15.45 -51.96 104.31
C VAL A 1298 15.56 -53.45 104.63
N ASP A 1299 15.59 -53.77 105.91
CA ASP A 1299 15.71 -55.16 106.34
C ASP A 1299 14.51 -55.97 105.87
N ARG A 1300 14.78 -57.01 105.10
CA ARG A 1300 13.77 -57.96 104.66
C ARG A 1300 14.26 -59.37 104.90
N PRO A 1301 13.37 -60.34 105.13
CA PRO A 1301 13.84 -61.72 105.28
C PRO A 1301 14.42 -62.25 103.99
N GLY A 1302 15.39 -63.16 104.13
CA GLY A 1302 15.98 -63.79 102.96
C GLY A 1302 16.66 -62.84 102.01
N LYS A 1303 17.12 -61.68 102.49
CA LYS A 1303 17.77 -60.69 101.67
C LYS A 1303 18.93 -60.08 102.46
N ALA A 1304 20.03 -59.84 101.76
CA ALA A 1304 21.21 -59.21 102.36
C ALA A 1304 20.99 -57.70 102.33
N THR A 1305 20.52 -57.16 103.44
CA THR A 1305 20.29 -55.72 103.52
C THR A 1305 21.59 -54.96 103.27
N LEU A 1306 21.52 -53.99 102.37
CA LEU A 1306 22.69 -53.21 101.96
C LEU A 1306 22.64 -51.84 102.63
N ALA A 1307 23.65 -51.02 102.32
CA ALA A 1307 23.76 -49.66 102.83
C ALA A 1307 24.00 -48.71 101.68
N PRO A 1308 23.48 -47.48 101.74
CA PRO A 1308 23.66 -46.55 100.62
C PRO A 1308 25.09 -46.09 100.49
N MET A 1309 25.44 -45.66 99.28
CA MET A 1309 26.78 -45.09 99.07
C MET A 1309 26.95 -43.81 99.87
N ASP A 1310 25.85 -43.06 100.06
CA ASP A 1310 25.91 -41.86 100.88
C ASP A 1310 26.28 -42.16 102.32
N PHE A 1311 26.14 -43.41 102.75
CA PHE A 1311 26.68 -43.81 104.04
C PHE A 1311 28.20 -43.79 104.08
N ALA A 1312 28.85 -43.72 102.92
CA ALA A 1312 30.30 -43.61 102.88
C ALA A 1312 30.77 -42.32 103.53
N ILE A 1313 30.05 -41.22 103.31
CA ILE A 1313 30.45 -39.96 103.93
C ILE A 1313 30.23 -40.03 105.44
N VAL A 1314 29.22 -40.78 105.89
CA VAL A 1314 29.02 -40.97 107.32
C VAL A 1314 30.19 -41.76 107.90
N ILE A 1315 30.62 -42.82 107.20
CA ILE A 1315 31.73 -43.63 107.70
C ILE A 1315 33.01 -42.82 107.74
N GLY A 1316 33.29 -42.05 106.69
CA GLY A 1316 34.52 -41.32 106.53
C GLY A 1316 34.47 -39.85 106.87
N TRP A 1317 33.45 -39.39 107.59
CA TRP A 1317 33.37 -37.97 107.92
C TRP A 1317 34.55 -37.53 108.78
N LYS A 1318 34.91 -38.37 109.77
CA LYS A 1318 36.02 -38.03 110.65
C LYS A 1318 37.29 -37.79 109.86
N ALA A 1319 37.68 -38.76 109.03
CA ALA A 1319 38.94 -38.66 108.29
C ALA A 1319 38.89 -37.54 107.26
N ILE A 1320 37.79 -37.43 106.52
CA ILE A 1320 37.71 -36.44 105.46
C ILE A 1320 37.73 -35.03 106.05
N ILE A 1321 36.96 -34.80 107.12
CA ILE A 1321 36.87 -33.45 107.68
C ILE A 1321 38.07 -33.11 108.54
N LYS A 1322 38.85 -34.11 108.97
CA LYS A 1322 40.10 -33.81 109.66
C LYS A 1322 41.15 -33.19 108.75
N ALA A 1323 40.93 -33.19 107.43
CA ALA A 1323 41.91 -32.69 106.48
C ALA A 1323 42.04 -31.17 106.46
N ILE A 1324 40.98 -30.44 106.85
CA ILE A 1324 40.99 -28.98 106.74
C ILE A 1324 41.45 -28.30 108.02
N PHE A 1325 41.73 -29.05 109.08
CA PHE A 1325 42.16 -28.52 110.36
C PHE A 1325 43.63 -28.09 110.47
N PRO A 1326 44.59 -28.77 109.83
CA PRO A 1326 46.02 -28.49 110.12
C PRO A 1326 46.38 -27.02 109.97
N LYS A 1327 47.46 -26.62 110.65
CA LYS A 1327 47.89 -25.23 110.62
C LYS A 1327 48.28 -24.79 109.22
N SER A 1328 49.00 -25.65 108.49
CA SER A 1328 49.45 -25.30 107.14
C SER A 1328 48.29 -25.06 106.19
N VAL A 1329 47.10 -25.59 106.49
CA VAL A 1329 45.88 -25.22 105.79
C VAL A 1329 45.02 -24.43 106.77
N ASP A 1330 45.21 -23.11 106.78
CA ASP A 1330 44.56 -22.22 107.73
C ASP A 1330 43.45 -21.45 107.05
N GLY A 1331 42.32 -21.32 107.72
CA GLY A 1331 41.21 -20.56 107.19
C GLY A 1331 40.07 -20.53 108.18
N ASP A 1332 39.08 -19.69 107.85
CA ASP A 1332 37.91 -19.52 108.70
C ASP A 1332 36.93 -20.65 108.44
N LEU A 1333 36.73 -21.50 109.45
CA LEU A 1333 35.81 -22.63 109.28
C LEU A 1333 34.37 -22.17 109.17
N LEU A 1334 34.04 -21.03 109.80
CA LEU A 1334 32.69 -20.49 109.67
C LEU A 1334 32.40 -20.04 108.24
N LYS A 1335 33.42 -19.60 107.52
CA LYS A 1335 33.30 -19.27 106.11
C LYS A 1335 33.53 -20.46 105.20
N LEU A 1336 33.71 -21.66 105.76
CA LEU A 1336 33.95 -22.84 104.95
C LEU A 1336 32.74 -23.13 104.08
N VAL A 1337 33.00 -23.45 102.81
CA VAL A 1337 31.97 -23.75 101.82
C VAL A 1337 32.30 -25.10 101.20
N HIS A 1338 31.42 -26.08 101.37
CA HIS A 1338 31.57 -27.35 100.69
C HIS A 1338 31.27 -27.14 99.21
N LEU A 1339 32.29 -27.24 98.35
CA LEU A 1339 32.11 -26.94 96.94
C LEU A 1339 31.54 -28.14 96.19
N SER A 1340 32.06 -29.33 96.46
CA SER A 1340 31.61 -30.52 95.76
C SER A 1340 31.95 -31.76 96.58
N ASN A 1341 31.14 -32.79 96.40
CA ASN A 1341 31.41 -34.10 96.96
C ASN A 1341 31.07 -35.15 95.92
N GLY A 1342 31.79 -36.26 95.96
CA GLY A 1342 31.59 -37.32 94.99
C GLY A 1342 32.04 -38.65 95.54
N TYR A 1343 31.51 -39.69 94.92
CA TYR A 1343 31.84 -41.07 95.27
C TYR A 1343 32.32 -41.78 94.00
N LYS A 1344 33.07 -42.86 94.21
CA LYS A 1344 33.59 -43.67 93.11
C LYS A 1344 33.82 -45.08 93.63
N MET A 1345 33.01 -46.02 93.19
CA MET A 1345 33.21 -47.42 93.55
C MET A 1345 34.40 -47.99 92.78
N ILE A 1346 35.19 -48.83 93.44
CA ILE A 1346 36.28 -49.52 92.78
C ILE A 1346 35.71 -50.63 91.91
N THR A 1347 36.35 -50.90 90.78
CA THR A 1347 35.88 -51.93 89.88
C THR A 1347 35.90 -53.29 90.57
N GLY A 1348 34.77 -54.00 90.49
CA GLY A 1348 34.65 -55.30 91.10
C GLY A 1348 34.35 -55.31 92.58
N ALA A 1349 34.19 -54.13 93.21
CA ALA A 1349 33.92 -54.04 94.63
C ALA A 1349 32.41 -53.97 94.85
N ALA A 1350 31.90 -54.86 95.70
CA ALA A 1350 30.48 -54.90 95.98
C ALA A 1350 30.07 -53.75 96.88
N PRO A 1351 28.78 -53.38 96.89
CA PRO A 1351 28.35 -52.29 97.76
C PRO A 1351 28.44 -52.65 99.23
N LEU A 1352 28.51 -51.62 100.07
CA LEU A 1352 28.53 -51.82 101.51
C LEU A 1352 27.24 -52.48 101.97
N LYS A 1353 27.35 -53.33 102.99
CA LYS A 1353 26.22 -54.07 103.51
C LYS A 1353 26.29 -54.16 105.03
N LYS A 1354 25.19 -54.62 105.61
CA LYS A 1354 25.09 -54.75 107.07
C LYS A 1354 26.17 -55.69 107.59
N GLY A 1355 26.72 -55.34 108.76
CA GLY A 1355 27.74 -56.15 109.39
C GLY A 1355 29.14 -55.91 108.88
N ASP A 1356 29.32 -55.10 107.85
CA ASP A 1356 30.65 -54.82 107.33
C ASP A 1356 31.45 -54.03 108.34
N VAL A 1357 32.64 -54.53 108.67
CA VAL A 1357 33.59 -53.81 109.51
C VAL A 1357 34.51 -53.04 108.58
N VAL A 1358 34.42 -51.71 108.62
CA VAL A 1358 34.98 -50.86 107.59
C VAL A 1358 35.83 -49.77 108.22
N SER A 1359 36.99 -49.51 107.62
CA SER A 1359 37.89 -48.45 108.05
C SER A 1359 38.00 -47.42 106.93
N THR A 1360 38.51 -46.24 107.29
CA THR A 1360 38.67 -45.14 106.35
C THR A 1360 40.08 -44.58 106.42
N LYS A 1361 40.63 -44.27 105.26
CA LYS A 1361 41.87 -43.51 105.15
C LYS A 1361 41.53 -42.26 104.37
N ALA A 1362 42.17 -41.14 104.70
CA ALA A 1362 41.94 -39.89 103.97
C ALA A 1362 43.27 -39.20 103.72
N GLU A 1363 43.41 -38.66 102.51
CA GLU A 1363 44.60 -37.92 102.10
C GLU A 1363 44.17 -36.62 101.46
N ILE A 1364 45.05 -35.63 101.51
CA ILE A 1364 44.79 -34.31 100.95
C ILE A 1364 45.46 -34.27 99.58
N LYS A 1365 44.66 -34.27 98.52
CA LYS A 1365 45.20 -34.31 97.17
C LYS A 1365 45.79 -32.97 96.76
N ALA A 1366 45.17 -31.87 97.17
CA ALA A 1366 45.62 -30.55 96.74
C ALA A 1366 45.20 -29.51 97.77
N VAL A 1367 46.05 -28.50 97.95
CA VAL A 1367 45.70 -27.30 98.69
C VAL A 1367 46.15 -26.12 97.83
N LEU A 1368 45.19 -25.26 97.46
CA LEU A 1368 45.41 -24.20 96.49
C LEU A 1368 45.00 -22.86 97.08
N ASN A 1369 45.60 -21.79 96.55
CA ASN A 1369 45.21 -20.41 96.86
C ASN A 1369 44.66 -19.79 95.59
N GLN A 1370 43.34 -19.62 95.53
CA GLN A 1370 42.61 -19.00 94.44
C GLN A 1370 42.09 -17.64 94.87
N PRO A 1371 41.73 -16.76 93.93
CA PRO A 1371 41.24 -15.44 94.33
C PRO A 1371 40.04 -15.49 95.25
N SER A 1372 39.14 -16.47 95.07
CA SER A 1372 37.98 -16.58 95.95
C SER A 1372 38.35 -17.09 97.33
N GLY A 1373 39.43 -17.87 97.45
CA GLY A 1373 39.80 -18.43 98.73
C GLY A 1373 40.74 -19.60 98.57
N LYS A 1374 40.88 -20.38 99.63
CA LYS A 1374 41.78 -21.51 99.65
C LYS A 1374 41.01 -22.79 99.38
N LEU A 1375 41.39 -23.49 98.32
CA LEU A 1375 40.77 -24.76 97.96
C LEU A 1375 41.49 -25.91 98.66
N VAL A 1376 40.71 -26.88 99.13
CA VAL A 1376 41.24 -28.09 99.76
C VAL A 1376 40.56 -29.28 99.12
N GLU A 1377 41.35 -30.25 98.66
CA GLU A 1377 40.85 -31.47 98.04
C GLU A 1377 41.22 -32.66 98.92
N VAL A 1378 40.22 -33.47 99.25
CA VAL A 1378 40.40 -34.62 100.12
C VAL A 1378 39.88 -35.85 99.39
N VAL A 1379 40.65 -36.93 99.42
CA VAL A 1379 40.24 -38.21 98.88
C VAL A 1379 40.25 -39.21 100.03
N GLY A 1380 39.09 -39.82 100.31
CA GLY A 1380 38.95 -40.78 101.37
C GLY A 1380 38.64 -42.16 100.85
N THR A 1381 39.58 -43.08 101.00
CA THR A 1381 39.40 -44.45 100.56
C THR A 1381 38.78 -45.27 101.67
N ILE A 1382 37.76 -46.05 101.31
CA ILE A 1382 37.02 -46.90 102.23
C ILE A 1382 37.56 -48.31 102.10
N TYR A 1383 38.08 -48.87 103.20
CA TYR A 1383 38.69 -50.18 103.21
C TYR A 1383 37.81 -51.16 103.96
N ARG A 1384 37.57 -52.32 103.35
CA ARG A 1384 36.82 -53.42 103.96
C ARG A 1384 37.65 -54.69 103.84
N GLU A 1385 37.95 -55.30 104.98
CA GLU A 1385 38.75 -56.53 105.02
C GLU A 1385 40.12 -56.32 104.38
N GLY A 1386 40.66 -55.10 104.48
CA GLY A 1386 41.95 -54.79 103.91
C GLY A 1386 41.96 -54.43 102.44
N LYS A 1387 40.79 -54.45 101.77
CA LYS A 1387 40.68 -54.12 100.37
C LYS A 1387 39.85 -52.85 100.18
N PRO A 1388 40.18 -51.99 99.21
CA PRO A 1388 39.38 -50.78 99.00
C PRO A 1388 38.01 -51.12 98.46
N VAL A 1389 37.00 -50.39 98.95
CA VAL A 1389 35.63 -50.55 98.51
C VAL A 1389 35.18 -49.37 97.65
N MET A 1390 35.63 -48.17 97.97
CA MET A 1390 35.27 -46.98 97.21
C MET A 1390 36.15 -45.82 97.63
N GLU A 1391 35.96 -44.70 96.93
CA GLU A 1391 36.68 -43.45 97.20
C GLU A 1391 35.69 -42.31 97.27
N VAL A 1392 35.91 -41.41 98.22
CA VAL A 1392 35.05 -40.25 98.45
C VAL A 1392 35.88 -39.01 98.23
N THR A 1393 35.58 -38.25 97.18
CA THR A 1393 36.26 -37.01 96.86
C THR A 1393 35.46 -35.86 97.45
N SER A 1394 36.15 -34.93 98.10
CA SER A 1394 35.51 -33.78 98.72
C SER A 1394 36.34 -32.53 98.44
N GLN A 1395 35.67 -31.42 98.15
CA GLN A 1395 36.32 -30.15 97.90
C GLN A 1395 35.74 -29.12 98.86
N PHE A 1396 36.62 -28.40 99.54
CA PHE A 1396 36.24 -27.38 100.51
C PHE A 1396 36.89 -26.06 100.13
N LEU A 1397 36.21 -24.96 100.43
CA LEU A 1397 36.68 -23.62 100.13
C LEU A 1397 36.72 -22.82 101.42
N TYR A 1398 37.88 -22.26 101.72
CA TYR A 1398 38.08 -21.35 102.84
C TYR A 1398 38.08 -19.95 102.23
N ARG A 1399 36.92 -19.28 102.26
CA ARG A 1399 36.84 -17.94 101.69
C ARG A 1399 37.74 -16.99 102.46
N GLY A 1400 38.54 -16.22 101.74
CA GLY A 1400 39.44 -15.27 102.36
C GLY A 1400 40.68 -15.07 101.50
N GLU A 1401 41.63 -14.32 102.06
CA GLU A 1401 42.89 -14.03 101.41
C GLU A 1401 44.00 -14.75 102.16
N TYR A 1402 44.79 -15.55 101.43
CA TYR A 1402 45.86 -16.32 102.01
C TYR A 1402 47.12 -16.21 101.15
N ASN A 1403 48.24 -15.91 101.79
CA ASN A 1403 49.53 -15.78 101.12
C ASN A 1403 50.50 -16.90 101.47
N ASP A 1404 50.04 -17.93 102.17
CA ASP A 1404 50.91 -19.03 102.59
C ASP A 1404 51.05 -20.04 101.45
N TYR A 1405 51.69 -19.58 100.38
CA TYR A 1405 51.89 -20.43 99.21
C TYR A 1405 52.84 -21.59 99.48
N CYS A 1406 53.64 -21.51 100.54
CA CYS A 1406 54.54 -22.62 100.86
C CYS A 1406 53.77 -23.87 101.26
N ASN A 1407 52.54 -23.71 101.75
CA ASN A 1407 51.73 -24.83 102.21
C ASN A 1407 50.76 -25.34 101.14
N THR A 1408 50.76 -24.74 99.95
CA THR A 1408 49.85 -25.14 98.88
C THR A 1408 50.51 -26.18 97.99
N PHE A 1409 49.70 -27.10 97.48
CA PHE A 1409 50.18 -28.13 96.56
C PHE A 1409 49.00 -28.63 95.74
N GLN A 1410 49.32 -29.25 94.61
CA GLN A 1410 48.31 -29.81 93.73
C GLN A 1410 48.79 -31.14 93.17
N LYS A 1411 47.92 -32.15 93.20
CA LYS A 1411 48.17 -33.43 92.57
C LYS A 1411 47.07 -33.66 91.54
N VAL A 1412 47.41 -33.47 90.26
CA VAL A 1412 46.48 -33.61 89.15
C VAL A 1412 46.77 -34.93 88.45
N THR A 1413 45.74 -35.77 88.31
CA THR A 1413 45.84 -37.00 87.53
C THR A 1413 45.57 -36.63 86.08
N GLU A 1414 46.64 -36.33 85.35
CA GLU A 1414 46.51 -36.00 83.93
C GLU A 1414 45.94 -37.19 83.18
N THR A 1415 45.05 -36.90 82.26
CA THR A 1415 44.42 -37.95 81.51
C THR A 1415 45.45 -38.64 80.61
N PRO A 1416 45.37 -39.97 80.43
CA PRO A 1416 46.11 -40.64 79.37
C PRO A 1416 45.88 -39.97 78.03
N VAL A 1417 46.98 -39.64 77.36
CA VAL A 1417 46.95 -38.99 76.07
C VAL A 1417 47.61 -39.91 75.06
N GLN A 1418 46.99 -40.01 73.88
CA GLN A 1418 47.40 -40.94 72.84
C GLN A 1418 48.18 -40.19 71.76
N VAL A 1419 49.31 -40.76 71.36
CA VAL A 1419 50.11 -40.22 70.26
C VAL A 1419 50.50 -41.37 69.33
N ALA A 1420 50.48 -41.09 68.04
CA ALA A 1420 50.88 -42.03 66.99
C ALA A 1420 52.04 -41.46 66.19
N PHE A 1421 52.97 -42.33 65.81
CA PHE A 1421 54.13 -41.98 65.00
C PHE A 1421 53.95 -42.50 63.58
N LYS A 1422 53.75 -41.58 62.65
CA LYS A 1422 53.71 -41.85 61.23
C LYS A 1422 55.02 -41.47 60.53
N SER A 1423 56.03 -41.07 61.30
CA SER A 1423 57.32 -40.68 60.74
C SER A 1423 58.37 -40.73 61.83
N ALA A 1424 59.64 -40.75 61.42
CA ALA A 1424 60.74 -40.74 62.37
C ALA A 1424 60.92 -39.39 63.04
N LYS A 1425 60.29 -38.34 62.52
CA LYS A 1425 60.36 -37.03 63.16
C LYS A 1425 59.76 -37.07 64.56
N ASP A 1426 58.63 -37.74 64.71
CA ASP A 1426 58.02 -37.88 66.04
C ASP A 1426 58.95 -38.63 66.99
N LEU A 1427 59.58 -39.69 66.49
CA LEU A 1427 60.51 -40.46 67.32
C LEU A 1427 61.67 -39.59 67.79
N ALA A 1428 62.24 -38.80 66.89
CA ALA A 1428 63.35 -37.93 67.27
C ALA A 1428 62.90 -36.87 68.28
N VAL A 1429 61.72 -36.28 68.05
CA VAL A 1429 61.22 -35.25 68.96
C VAL A 1429 61.01 -35.83 70.36
N LEU A 1430 60.39 -37.00 70.45
CA LEU A 1430 60.22 -37.65 71.75
C LEU A 1430 61.56 -38.03 72.39
N ARG A 1431 62.49 -38.57 71.62
CA ARG A 1431 63.76 -38.97 72.22
C ARG A 1431 64.55 -37.76 72.70
N SER A 1432 64.29 -36.59 72.11
CA SER A 1432 64.92 -35.36 72.60
C SER A 1432 64.46 -35.00 74.01
N LYS A 1433 63.26 -35.43 74.43
CA LYS A 1433 62.77 -35.11 75.76
C LYS A 1433 63.53 -35.89 76.82
N GLU A 1434 63.98 -35.19 77.86
CA GLU A 1434 64.73 -35.84 78.94
C GLU A 1434 63.83 -36.67 79.85
N TRP A 1435 62.52 -36.46 79.80
CA TRP A 1435 61.59 -37.16 80.69
C TRP A 1435 61.04 -38.45 80.10
N PHE A 1436 61.47 -38.81 78.89
CA PHE A 1436 60.95 -39.97 78.16
C PHE A 1436 61.92 -41.12 78.36
N HIS A 1437 61.50 -42.16 79.10
CA HIS A 1437 62.33 -43.31 79.42
C HIS A 1437 61.67 -44.53 78.78
N LEU A 1438 62.06 -44.84 77.55
CA LEU A 1438 61.39 -45.86 76.74
C LEU A 1438 62.28 -47.06 76.45
N GLU A 1439 63.43 -46.86 75.80
CA GLU A 1439 64.33 -47.94 75.40
C GLU A 1439 63.61 -48.97 74.52
N LYS A 1440 63.11 -48.50 73.37
CA LYS A 1440 62.58 -49.41 72.36
C LYS A 1440 62.37 -48.62 71.07
N ASP A 1441 62.17 -49.36 69.97
CA ASP A 1441 61.85 -48.78 68.67
C ASP A 1441 60.34 -48.62 68.53
N VAL A 1442 59.91 -47.44 68.09
CA VAL A 1442 58.49 -47.11 68.05
C VAL A 1442 58.08 -46.63 66.67
N GLN A 1443 58.70 -47.15 65.62
CA GLN A 1443 58.21 -46.85 64.28
C GLN A 1443 56.80 -47.40 64.14
N PHE A 1444 55.91 -46.60 63.55
CA PHE A 1444 54.47 -46.86 63.60
C PHE A 1444 54.09 -46.77 65.07
N ASP A 1445 53.32 -47.72 65.62
CA ASP A 1445 53.05 -47.80 67.06
C ASP A 1445 52.26 -46.60 67.59
N VAL A 1446 51.58 -46.79 68.72
CA VAL A 1446 50.75 -45.76 69.34
C VAL A 1446 50.92 -45.87 70.85
N LEU A 1447 51.47 -44.82 71.47
CA LEU A 1447 51.60 -44.84 72.93
C LEU A 1447 50.45 -44.10 73.60
N THR A 1448 50.39 -44.29 74.92
CA THR A 1448 49.40 -43.65 75.79
C THR A 1448 50.13 -43.28 77.08
N PHE A 1449 50.12 -42.00 77.42
CA PHE A 1449 50.87 -41.48 78.57
C PHE A 1449 49.93 -41.28 79.75
N ARG A 1450 49.80 -42.32 80.58
CA ARG A 1450 49.00 -42.21 81.80
C ARG A 1450 49.85 -41.47 82.84
N CYS A 1451 49.65 -40.16 82.94
CA CYS A 1451 50.54 -39.28 83.69
C CYS A 1451 49.81 -38.66 84.87
N GLU A 1452 50.55 -38.43 85.96
CA GLU A 1452 50.09 -37.66 87.10
C GLU A 1452 51.11 -36.56 87.37
N SER A 1453 50.61 -35.38 87.71
CA SER A 1453 51.45 -34.20 87.94
C SER A 1453 51.24 -33.71 89.36
N THR A 1454 52.34 -33.56 90.10
CA THR A 1454 52.36 -32.99 91.43
C THR A 1454 52.97 -31.60 91.34
N TYR A 1455 52.28 -30.61 91.91
CA TYR A 1455 52.68 -29.21 91.80
C TYR A 1455 53.00 -28.63 93.17
N LYS A 1456 53.84 -27.61 93.16
CA LYS A 1456 54.14 -26.81 94.34
C LYS A 1456 54.25 -25.36 93.93
N PHE A 1457 53.55 -24.50 94.66
CA PHE A 1457 53.42 -23.08 94.34
C PHE A 1457 54.42 -22.28 95.15
N LYS A 1458 54.96 -21.23 94.55
CA LYS A 1458 55.61 -20.16 95.28
C LYS A 1458 54.80 -18.88 95.28
N SER A 1459 53.99 -18.67 94.25
CA SER A 1459 53.07 -17.53 94.17
C SER A 1459 51.81 -18.00 93.45
N ALA A 1460 50.94 -17.05 93.12
CA ALA A 1460 49.68 -17.42 92.45
C ALA A 1460 49.93 -18.00 91.07
N ASN A 1461 50.88 -17.42 90.31
CA ASN A 1461 51.08 -17.77 88.91
C ASN A 1461 52.36 -18.55 88.66
N VAL A 1462 53.26 -18.65 89.63
CA VAL A 1462 54.56 -19.31 89.46
C VAL A 1462 54.59 -20.55 90.34
N TYR A 1463 55.11 -21.64 89.79
CA TYR A 1463 55.13 -22.95 90.43
C TYR A 1463 56.49 -23.16 91.10
N SER A 1464 56.47 -23.43 92.41
CA SER A 1464 57.72 -23.69 93.13
C SER A 1464 58.42 -24.92 92.60
N SER A 1465 57.66 -25.98 92.30
CA SER A 1465 58.25 -27.17 91.72
C SER A 1465 57.18 -27.94 90.98
N ILE A 1466 57.62 -28.79 90.05
CA ILE A 1466 56.72 -29.63 89.26
C ILE A 1466 57.35 -31.01 89.19
N LYS A 1467 56.52 -32.04 89.39
CA LYS A 1467 56.95 -33.43 89.32
C LYS A 1467 55.89 -34.21 88.57
N THR A 1468 56.11 -34.45 87.29
CA THR A 1468 55.16 -35.15 86.43
C THR A 1468 55.74 -36.51 86.08
N THR A 1469 55.07 -37.58 86.50
CA THR A 1469 55.52 -38.92 86.18
C THR A 1469 54.33 -39.77 85.75
N GLY A 1470 54.62 -40.76 84.91
CA GLY A 1470 53.54 -41.51 84.31
C GLY A 1470 54.02 -42.82 83.71
N GLN A 1471 53.06 -43.69 83.42
CA GLN A 1471 53.34 -44.91 82.66
C GLN A 1471 53.15 -44.65 81.18
N VAL A 1472 54.15 -44.98 80.38
CA VAL A 1472 54.09 -44.90 78.92
C VAL A 1472 53.73 -46.29 78.44
N LEU A 1473 52.46 -46.49 78.07
CA LEU A 1473 51.96 -47.76 77.57
C LEU A 1473 51.97 -47.73 76.05
N LEU A 1474 52.15 -48.89 75.44
CA LEU A 1474 52.11 -49.07 73.99
C LEU A 1474 50.92 -49.95 73.66
N GLU A 1475 50.20 -49.59 72.59
CA GLU A 1475 49.09 -50.39 72.11
C GLU A 1475 49.62 -51.57 71.29
N LEU A 1476 49.41 -52.78 71.81
CA LEU A 1476 49.77 -54.01 71.12
C LEU A 1476 48.78 -54.31 70.01
N PRO A 1477 49.10 -55.25 69.12
CA PRO A 1477 48.14 -55.63 68.07
C PRO A 1477 46.82 -56.12 68.63
N THR A 1478 46.80 -56.69 69.83
CA THR A 1478 45.58 -57.19 70.46
C THR A 1478 44.78 -56.09 71.16
N LYS A 1479 45.06 -54.81 70.89
CA LYS A 1479 44.37 -53.67 71.48
C LYS A 1479 44.64 -53.50 72.98
N GLU A 1480 45.54 -54.31 73.54
CA GLU A 1480 45.95 -54.18 74.94
C GLU A 1480 46.99 -53.07 75.03
N VAL A 1481 47.14 -52.49 76.21
CA VAL A 1481 48.15 -51.46 76.47
C VAL A 1481 49.12 -52.02 77.49
N ILE A 1482 50.41 -52.06 77.13
CA ILE A 1482 51.45 -52.61 77.98
C ILE A 1482 52.51 -51.55 78.25
N GLN A 1483 52.90 -51.42 79.51
CA GLN A 1483 53.86 -50.39 79.90
C GLN A 1483 55.22 -50.69 79.27
N VAL A 1484 55.57 -49.92 78.23
CA VAL A 1484 56.89 -50.02 77.62
C VAL A 1484 57.86 -49.01 78.19
N GLY A 1485 57.39 -47.97 78.87
CA GLY A 1485 58.30 -46.99 79.42
C GLY A 1485 57.65 -46.14 80.49
N SER A 1486 58.34 -45.06 80.83
CA SER A 1486 57.87 -44.17 81.87
C SER A 1486 58.15 -42.71 81.50
N VAL A 1487 57.32 -41.83 82.05
CA VAL A 1487 57.54 -40.40 82.06
C VAL A 1487 58.07 -40.04 83.42
N ASP A 1488 59.16 -39.27 83.46
CA ASP A 1488 59.74 -38.79 84.71
C ASP A 1488 60.31 -37.40 84.46
N TYR A 1489 59.61 -36.39 84.98
CA TYR A 1489 59.97 -34.98 84.80
C TYR A 1489 59.95 -34.30 86.15
N GLU A 1490 61.04 -33.58 86.46
CA GLU A 1490 61.15 -32.84 87.71
C GLU A 1490 61.79 -31.49 87.42
N ALA A 1491 61.21 -30.44 87.99
CA ALA A 1491 61.70 -29.09 87.78
C ALA A 1491 61.44 -28.26 89.02
N GLY A 1492 62.28 -27.25 89.22
CA GLY A 1492 62.11 -26.31 90.31
C GLY A 1492 61.17 -25.18 89.93
N THR A 1493 61.62 -23.94 90.09
CA THR A 1493 60.80 -22.79 89.73
C THR A 1493 60.41 -22.87 88.26
N SER A 1494 59.12 -23.10 88.00
CA SER A 1494 58.61 -23.26 86.65
C SER A 1494 57.32 -22.47 86.51
N TYR A 1495 56.96 -22.17 85.26
CA TYR A 1495 55.76 -21.41 84.94
C TYR A 1495 54.69 -22.26 84.29
N GLY A 1496 54.92 -23.55 84.13
CA GLY A 1496 53.95 -24.43 83.51
C GLY A 1496 54.51 -25.84 83.44
N ASN A 1497 53.71 -26.74 82.87
CA ASN A 1497 54.07 -28.14 82.73
C ASN A 1497 54.42 -28.43 81.26
N PRO A 1498 55.71 -28.49 80.89
CA PRO A 1498 56.02 -28.77 79.48
C PRO A 1498 55.54 -30.13 79.02
N VAL A 1499 55.55 -31.12 79.89
CA VAL A 1499 55.06 -32.45 79.50
C VAL A 1499 53.60 -32.36 79.07
N THR A 1500 52.76 -31.75 79.91
CA THR A 1500 51.34 -31.64 79.58
C THR A 1500 51.13 -30.76 78.36
N ASP A 1501 51.88 -29.65 78.25
CA ASP A 1501 51.73 -28.77 77.09
C ASP A 1501 52.03 -29.51 75.80
N TYR A 1502 53.20 -30.18 75.73
CA TYR A 1502 53.56 -30.90 74.52
C TYR A 1502 52.56 -32.02 74.23
N LEU A 1503 52.15 -32.74 75.28
CA LEU A 1503 51.24 -33.85 75.08
C LEU A 1503 49.90 -33.37 74.54
N SER A 1504 49.40 -32.26 75.08
CA SER A 1504 48.15 -31.70 74.56
C SER A 1504 48.29 -31.27 73.12
N ARG A 1505 49.44 -30.69 72.76
CA ARG A 1505 49.60 -30.19 71.40
C ARG A 1505 49.76 -31.32 70.39
N ASN A 1506 50.51 -32.38 70.74
CA ASN A 1506 50.90 -33.40 69.77
C ASN A 1506 50.03 -34.66 69.81
N GLY A 1507 49.46 -35.01 70.97
CA GLY A 1507 48.63 -36.18 71.09
C GLY A 1507 47.15 -35.84 71.12
N LYS A 1508 46.35 -36.88 71.38
CA LYS A 1508 44.90 -36.75 71.49
C LYS A 1508 44.44 -37.38 72.79
N THR A 1509 43.58 -36.67 73.52
CA THR A 1509 43.05 -37.19 74.77
C THR A 1509 42.11 -38.36 74.49
N ILE A 1510 42.19 -39.38 75.35
CA ILE A 1510 41.38 -40.58 75.16
C ILE A 1510 39.90 -40.25 75.33
N GLU A 1511 39.56 -39.47 76.37
CA GLU A 1511 38.18 -39.07 76.65
C GLU A 1511 37.30 -40.32 76.87
N GLU A 1512 37.59 -41.00 77.98
CA GLU A 1512 36.88 -42.22 78.32
C GLU A 1512 35.37 -42.00 78.37
N SER A 1513 34.94 -40.85 78.88
CA SER A 1513 33.52 -40.51 78.84
C SER A 1513 33.12 -40.15 77.41
N VAL A 1514 32.03 -40.74 76.94
CA VAL A 1514 31.54 -40.56 75.58
C VAL A 1514 30.12 -40.02 75.64
N ILE A 1515 29.89 -38.90 74.96
CA ILE A 1515 28.58 -38.27 74.88
C ILE A 1515 27.94 -38.71 73.56
N PHE A 1516 26.73 -39.27 73.65
CA PHE A 1516 26.03 -39.73 72.45
C PHE A 1516 25.22 -38.57 71.86
N GLU A 1517 24.43 -38.85 70.83
CA GLU A 1517 23.87 -37.83 69.95
C GLU A 1517 23.08 -36.77 70.69
N ASN A 1518 21.97 -37.16 71.32
CA ASN A 1518 21.07 -36.23 71.98
C ASN A 1518 20.77 -36.72 73.38
N ALA A 1519 20.76 -35.78 74.34
CA ALA A 1519 20.42 -36.14 75.71
C ALA A 1519 18.99 -36.65 75.80
N ILE A 1520 18.82 -37.74 76.53
CA ILE A 1520 17.54 -38.40 76.72
C ILE A 1520 16.97 -37.94 78.06
N PRO A 1521 15.81 -37.25 78.11
CA PRO A 1521 15.15 -37.02 79.40
C PRO A 1521 15.07 -38.28 80.24
N LEU A 1522 15.24 -38.17 81.56
CA LEU A 1522 15.28 -39.30 82.45
C LEU A 1522 14.37 -39.04 83.65
N SER A 1523 13.12 -38.70 83.34
CA SER A 1523 12.09 -38.34 84.31
C SER A 1523 12.21 -36.91 84.80
N SER A 1524 12.79 -36.04 83.98
CA SER A 1524 12.88 -34.63 84.31
C SER A 1524 11.46 -34.06 84.40
N GLY A 1525 10.99 -33.81 85.62
CA GLY A 1525 9.63 -33.37 85.80
C GLY A 1525 9.26 -33.25 87.26
N GLU A 1526 7.96 -33.08 87.50
CA GLU A 1526 7.46 -32.80 88.84
C GLU A 1526 7.66 -33.98 89.78
N GLU A 1527 7.52 -35.22 89.29
CA GLU A 1527 7.73 -36.40 90.13
C GLU A 1527 9.16 -36.47 90.66
N LEU A 1528 10.10 -35.78 90.03
CA LEU A 1528 11.49 -35.71 90.47
C LEU A 1528 11.72 -34.66 91.54
N THR A 1529 10.66 -34.05 92.08
CA THR A 1529 10.83 -33.00 93.08
C THR A 1529 11.29 -33.60 94.41
N SER A 1530 12.24 -32.92 95.04
CA SER A 1530 12.74 -33.30 96.36
C SER A 1530 12.58 -32.12 97.30
N LYS A 1531 12.19 -32.39 98.55
CA LYS A 1531 11.92 -31.36 99.53
C LYS A 1531 12.95 -31.44 100.66
N ALA A 1532 13.60 -30.31 100.93
CA ALA A 1532 14.56 -30.24 102.02
C ALA A 1532 13.83 -30.41 103.36
N PRO A 1533 14.51 -30.94 104.37
CA PRO A 1533 13.80 -31.26 105.62
C PRO A 1533 13.42 -30.01 106.38
N GLY A 1534 12.40 -30.15 107.23
CA GLY A 1534 12.01 -29.04 108.08
C GLY A 1534 13.10 -28.62 109.04
N THR A 1535 13.85 -29.59 109.55
CA THR A 1535 14.99 -29.33 110.43
C THR A 1535 16.16 -30.20 109.99
N ASN A 1536 17.37 -29.71 110.26
CA ASN A 1536 18.60 -30.42 109.91
C ASN A 1536 19.13 -31.26 111.06
N GLU A 1537 18.46 -31.28 112.20
CA GLU A 1537 18.90 -32.09 113.33
C GLU A 1537 19.01 -33.57 113.01
N PRO A 1538 18.03 -34.23 112.37
CA PRO A 1538 18.18 -35.67 112.15
C PRO A 1538 19.36 -36.02 111.25
N TYR A 1539 19.55 -35.29 110.16
CA TYR A 1539 20.71 -35.56 109.31
C TYR A 1539 22.01 -35.27 110.04
N ALA A 1540 22.07 -34.18 110.81
CA ALA A 1540 23.27 -33.89 111.57
C ALA A 1540 23.58 -35.01 112.55
N ILE A 1541 22.55 -35.52 113.23
CA ILE A 1541 22.76 -36.59 114.21
C ILE A 1541 23.28 -37.84 113.51
N VAL A 1542 22.62 -38.24 112.41
CA VAL A 1542 22.96 -39.51 111.79
C VAL A 1542 24.32 -39.44 111.10
N SER A 1543 24.63 -38.32 110.45
CA SER A 1543 25.85 -38.21 109.67
C SER A 1543 27.06 -37.79 110.51
N GLY A 1544 26.83 -37.23 111.70
CA GLY A 1544 27.93 -36.77 112.52
C GLY A 1544 28.43 -35.38 112.16
N ASP A 1545 27.91 -34.76 111.10
CA ASP A 1545 28.31 -33.42 110.71
C ASP A 1545 27.50 -32.43 111.54
N TYR A 1546 28.08 -31.99 112.66
CA TYR A 1546 27.43 -31.08 113.59
C TYR A 1546 27.78 -29.63 113.31
N ASN A 1547 27.99 -29.28 112.05
CA ASN A 1547 28.30 -27.91 111.69
C ASN A 1547 27.16 -27.00 112.15
N PRO A 1548 27.42 -26.00 113.01
CA PRO A 1548 26.30 -25.21 113.54
C PRO A 1548 25.53 -24.42 112.50
N ILE A 1549 26.11 -24.17 111.32
CA ILE A 1549 25.39 -23.34 110.34
C ILE A 1549 24.12 -24.04 109.85
N HIS A 1550 24.02 -25.35 110.05
CA HIS A 1550 22.85 -26.10 109.57
C HIS A 1550 21.73 -26.16 110.60
N VAL A 1551 22.06 -26.15 111.89
CA VAL A 1551 21.10 -26.40 112.94
C VAL A 1551 20.90 -25.19 113.84
N SER A 1552 21.96 -24.45 114.14
CA SER A 1552 21.92 -23.31 115.05
C SER A 1552 21.65 -22.04 114.25
N ARG A 1553 20.61 -21.30 114.66
CA ARG A 1553 20.30 -20.04 114.00
C ARG A 1553 21.38 -19.00 114.26
N VAL A 1554 21.91 -18.97 115.50
CA VAL A 1554 22.88 -17.93 115.86
C VAL A 1554 24.14 -18.04 115.00
N PHE A 1555 24.64 -19.26 114.81
CA PHE A 1555 25.88 -19.42 114.05
C PHE A 1555 25.68 -19.09 112.58
N ALA A 1556 24.52 -19.44 112.02
CA ALA A 1556 24.24 -19.06 110.65
C ALA A 1556 24.18 -17.53 110.50
N ALA A 1557 23.52 -16.87 111.45
CA ALA A 1557 23.47 -15.41 111.40
C ALA A 1557 24.86 -14.80 111.51
N TYR A 1558 25.71 -15.35 112.38
CA TYR A 1558 27.07 -14.87 112.48
C TYR A 1558 27.84 -15.09 111.19
N ALA A 1559 27.69 -16.28 110.59
CA ALA A 1559 28.38 -16.60 109.35
C ALA A 1559 27.86 -15.81 108.16
N LYS A 1560 26.72 -15.13 108.30
CA LYS A 1560 26.12 -14.22 107.32
C LYS A 1560 25.41 -15.00 106.21
N LEU A 1561 25.48 -16.33 106.19
CA LEU A 1561 24.70 -17.11 105.25
C LEU A 1561 23.22 -17.02 105.61
N PRO A 1562 22.32 -17.18 104.63
CA PRO A 1562 20.89 -16.92 104.87
C PRO A 1562 20.17 -18.02 105.65
N GLY A 1563 20.27 -17.94 106.97
CA GLY A 1563 19.54 -18.85 107.83
C GLY A 1563 20.19 -20.21 107.93
N THR A 1564 19.50 -21.11 108.62
CA THR A 1564 20.00 -22.47 108.88
C THR A 1564 19.79 -23.31 107.62
N ILE A 1565 20.66 -23.07 106.64
CA ILE A 1565 20.54 -23.78 105.37
C ILE A 1565 20.78 -25.28 105.58
N THR A 1566 20.19 -26.09 104.71
CA THR A 1566 20.29 -27.53 104.83
C THR A 1566 21.69 -28.01 104.45
N HIS A 1567 22.03 -29.22 104.89
CA HIS A 1567 23.31 -29.81 104.56
C HIS A 1567 23.42 -30.03 103.05
N GLY A 1568 24.53 -29.57 102.48
CA GLY A 1568 24.82 -29.91 101.09
C GLY A 1568 24.93 -31.40 100.91
N MET A 1569 25.45 -32.11 101.90
CA MET A 1569 25.47 -33.56 101.84
C MET A 1569 24.07 -34.15 101.91
N TYR A 1570 23.16 -33.53 102.67
CA TYR A 1570 21.77 -33.97 102.61
C TYR A 1570 21.22 -33.82 101.20
N SER A 1571 21.48 -32.68 100.56
CA SER A 1571 20.99 -32.49 99.20
C SER A 1571 21.58 -33.54 98.26
N SER A 1572 22.89 -33.78 98.38
CA SER A 1572 23.55 -34.76 97.53
C SER A 1572 22.92 -36.13 97.69
N ALA A 1573 22.71 -36.56 98.94
CA ALA A 1573 22.14 -37.88 99.18
C ALA A 1573 20.68 -37.93 98.77
N SER A 1574 19.94 -36.83 98.95
CA SER A 1574 18.52 -36.83 98.62
C SER A 1574 18.29 -36.90 97.13
N ILE A 1575 19.18 -36.30 96.34
CA ILE A 1575 19.05 -36.38 94.88
C ILE A 1575 19.72 -37.65 94.34
N ARG A 1576 20.74 -38.18 95.01
CA ARG A 1576 21.21 -39.50 94.63
C ARG A 1576 20.17 -40.57 94.94
N ALA A 1577 19.31 -40.31 95.93
CA ALA A 1577 18.15 -41.17 96.14
C ALA A 1577 17.24 -41.16 94.93
N LEU A 1578 17.02 -39.97 94.34
CA LEU A 1578 16.24 -39.89 93.11
C LEU A 1578 16.93 -40.64 91.97
N VAL A 1579 18.26 -40.55 91.90
CA VAL A 1579 18.98 -41.26 90.85
C VAL A 1579 18.83 -42.78 91.03
N GLU A 1580 19.07 -43.25 92.25
CA GLU A 1580 18.94 -44.68 92.56
C GLU A 1580 17.51 -45.17 92.38
N GLU A 1581 16.52 -44.30 92.59
CA GLU A 1581 15.12 -44.65 92.39
C GLU A 1581 14.77 -44.73 90.91
N TRP A 1582 15.01 -43.65 90.16
CA TRP A 1582 14.48 -43.55 88.81
C TRP A 1582 15.47 -44.07 87.77
N ALA A 1583 16.74 -43.68 87.89
CA ALA A 1583 17.72 -44.08 86.89
C ALA A 1583 18.02 -45.57 86.99
N ALA A 1584 18.07 -46.10 88.21
CA ALA A 1584 18.13 -47.54 88.44
C ALA A 1584 16.70 -48.05 88.67
N ASN A 1585 16.57 -49.29 89.14
CA ASN A 1585 15.30 -49.93 89.43
C ASN A 1585 15.29 -50.47 90.86
N ASN A 1586 15.70 -49.62 91.79
CA ASN A 1586 15.97 -50.03 93.18
C ASN A 1586 17.10 -51.05 93.24
N VAL A 1587 17.91 -51.11 92.20
CA VAL A 1587 18.98 -52.08 92.06
C VAL A 1587 20.25 -51.46 92.62
N ALA A 1588 20.78 -52.05 93.68
CA ALA A 1588 22.00 -51.55 94.30
C ALA A 1588 23.25 -51.87 93.50
N ALA A 1589 23.17 -52.75 92.50
CA ALA A 1589 24.31 -53.00 91.63
C ALA A 1589 24.67 -51.79 90.77
N ARG A 1590 23.75 -50.85 90.59
CA ARG A 1590 23.98 -49.69 89.75
C ARG A 1590 24.63 -48.53 90.49
N VAL A 1591 24.84 -48.65 91.79
CA VAL A 1591 25.42 -47.55 92.57
C VAL A 1591 26.91 -47.49 92.26
N ARG A 1592 27.33 -46.41 91.60
CA ARG A 1592 28.71 -46.25 91.17
C ARG A 1592 29.04 -44.76 91.20
N ALA A 1593 30.11 -44.37 90.51
CA ALA A 1593 30.65 -43.02 90.63
C ALA A 1593 29.59 -41.94 90.49
N PHE A 1594 29.39 -41.19 91.57
CA PHE A 1594 28.37 -40.15 91.67
C PHE A 1594 29.08 -38.86 92.06
N LYS A 1595 29.32 -38.00 91.08
CA LYS A 1595 29.91 -36.69 91.33
C LYS A 1595 28.79 -35.70 91.58
N CYS A 1596 29.04 -34.71 92.44
CA CYS A 1596 28.02 -33.72 92.75
C CYS A 1596 28.71 -32.44 93.22
N ASP A 1597 28.15 -31.29 92.83
CA ASP A 1597 28.66 -29.99 93.20
C ASP A 1597 27.53 -29.17 93.79
N PHE A 1598 27.82 -28.53 94.92
CA PHE A 1598 26.88 -27.67 95.63
C PHE A 1598 27.09 -26.24 95.11
N VAL A 1599 26.54 -25.98 93.92
CA VAL A 1599 26.77 -24.70 93.27
C VAL A 1599 26.03 -23.58 94.01
N GLY A 1600 24.81 -23.86 94.45
CA GLY A 1600 23.98 -22.86 95.11
C GLY A 1600 23.82 -23.12 96.59
N MET A 1601 22.61 -22.89 97.10
CA MET A 1601 22.32 -23.04 98.52
C MET A 1601 20.84 -23.29 98.70
N VAL A 1602 20.49 -24.07 99.72
CA VAL A 1602 19.12 -24.55 99.93
C VAL A 1602 18.72 -24.28 101.36
N LEU A 1603 17.52 -23.74 101.55
CA LEU A 1603 16.92 -23.50 102.85
C LEU A 1603 16.07 -24.69 103.27
N PRO A 1604 15.77 -24.84 104.57
CA PRO A 1604 14.82 -25.88 104.97
C PRO A 1604 13.43 -25.60 104.41
N ASN A 1605 12.66 -26.68 104.23
CA ASN A 1605 11.31 -26.59 103.67
C ASN A 1605 11.33 -25.98 102.27
N ASP A 1606 12.37 -26.32 101.51
CA ASP A 1606 12.56 -25.82 100.14
C ASP A 1606 12.22 -26.96 99.19
N THR A 1607 11.36 -26.67 98.21
CA THR A 1607 11.02 -27.63 97.17
C THR A 1607 11.93 -27.42 95.97
N LEU A 1608 12.54 -28.49 95.49
CA LEU A 1608 13.59 -28.44 94.48
C LEU A 1608 13.20 -29.34 93.32
N GLN A 1609 13.15 -28.76 92.12
CA GLN A 1609 12.78 -29.51 90.91
C GLN A 1609 14.06 -30.07 90.31
N THR A 1610 14.40 -31.31 90.68
CA THR A 1610 15.53 -31.98 90.09
C THR A 1610 15.24 -32.32 88.64
N THR A 1611 16.30 -32.37 87.84
CA THR A 1611 16.21 -32.76 86.44
C THR A 1611 17.45 -33.58 86.10
N MET A 1612 17.24 -34.76 85.52
CA MET A 1612 18.34 -35.59 85.07
C MET A 1612 18.04 -36.17 83.70
N GLU A 1613 19.10 -36.33 82.91
CA GLU A 1613 19.00 -36.82 81.54
C GLU A 1613 20.23 -37.63 81.22
N HIS A 1614 20.02 -38.75 80.55
CA HIS A 1614 21.12 -39.56 80.05
C HIS A 1614 21.83 -38.81 78.93
N VAL A 1615 23.08 -38.41 79.17
CA VAL A 1615 23.83 -37.61 78.22
C VAL A 1615 24.93 -38.43 77.54
N GLY A 1616 25.58 -39.33 78.26
CA GLY A 1616 26.74 -40.01 77.75
C GLY A 1616 26.97 -41.40 78.31
N MET A 1617 28.22 -41.86 78.26
CA MET A 1617 28.55 -43.22 78.64
C MET A 1617 30.05 -43.29 78.93
N ILE A 1618 30.39 -44.10 79.93
CA ILE A 1618 31.79 -44.29 80.32
C ILE A 1618 32.03 -45.76 80.66
N ASN A 1619 32.64 -46.49 79.72
CA ASN A 1619 33.04 -47.88 79.94
C ASN A 1619 31.87 -48.74 80.38
N GLY A 1620 30.73 -48.57 79.71
CA GLY A 1620 29.54 -49.34 79.99
C GLY A 1620 28.62 -48.75 81.03
N ARG A 1621 29.11 -47.81 81.83
CA ARG A 1621 28.27 -47.11 82.80
C ARG A 1621 27.61 -45.92 82.12
N LYS A 1622 26.37 -45.63 82.52
CA LYS A 1622 25.60 -44.56 81.89
C LYS A 1622 25.87 -43.26 82.63
N ILE A 1623 26.51 -42.31 81.95
CA ILE A 1623 26.77 -40.99 82.52
C ILE A 1623 25.49 -40.18 82.43
N ILE A 1624 25.01 -39.70 83.58
CA ILE A 1624 23.75 -38.98 83.69
C ILE A 1624 24.02 -37.67 84.42
N LYS A 1625 23.76 -36.55 83.76
CA LYS A 1625 23.76 -35.28 84.46
C LYS A 1625 22.60 -35.25 85.44
N VAL A 1626 22.86 -34.78 86.66
CA VAL A 1626 21.82 -34.48 87.63
C VAL A 1626 21.95 -33.00 88.00
N GLU A 1627 20.87 -32.26 87.77
CA GLU A 1627 20.83 -30.83 88.03
C GLU A 1627 19.58 -30.54 88.86
N THR A 1628 19.77 -29.83 89.98
CA THR A 1628 18.69 -29.48 90.88
C THR A 1628 18.59 -27.96 90.97
N ARG A 1629 17.39 -27.45 90.73
CA ARG A 1629 17.10 -26.02 90.81
C ARG A 1629 15.90 -25.83 91.71
N ASN A 1630 16.02 -24.90 92.67
CA ASN A 1630 14.92 -24.64 93.59
C ASN A 1630 13.69 -24.15 92.82
N VAL A 1631 12.53 -24.66 93.20
CA VAL A 1631 11.29 -24.35 92.49
C VAL A 1631 10.97 -22.87 92.60
N GLU A 1632 11.13 -22.30 93.81
CA GLU A 1632 10.71 -20.92 94.03
C GLU A 1632 11.51 -19.94 93.18
N THR A 1633 12.81 -20.20 93.01
CA THR A 1633 13.71 -19.27 92.35
C THR A 1633 14.31 -19.80 91.06
N GLU A 1634 14.36 -21.12 90.88
CA GLU A 1634 14.79 -21.72 89.62
C GLU A 1634 16.26 -21.41 89.31
N LEU A 1635 17.10 -21.55 90.33
CA LEU A 1635 18.55 -21.42 90.19
C LEU A 1635 19.20 -22.76 90.48
N PRO A 1636 20.17 -23.26 89.62
CA PRO A 1636 20.79 -24.56 89.97
C PRO A 1636 21.48 -24.55 91.32
N VAL A 1637 21.03 -25.41 92.25
CA VAL A 1637 21.71 -25.53 93.54
C VAL A 1637 22.66 -26.73 93.57
N LEU A 1638 22.29 -27.82 92.89
CA LEU A 1638 23.15 -28.98 92.75
C LEU A 1638 23.35 -29.29 91.27
N ILE A 1639 24.60 -29.54 90.89
CA ILE A 1639 24.91 -30.02 89.54
C ILE A 1639 25.83 -31.23 89.66
N GLY A 1640 25.48 -32.32 88.98
CA GLY A 1640 26.22 -33.55 89.22
C GLY A 1640 26.21 -34.49 88.03
N GLU A 1641 27.00 -35.53 88.16
CA GLU A 1641 27.04 -36.66 87.25
C GLU A 1641 26.77 -37.93 88.02
N ALA A 1642 26.09 -38.88 87.39
CA ALA A 1642 25.84 -40.19 87.97
C ALA A 1642 26.27 -41.26 86.98
N GLU A 1643 26.88 -42.33 87.48
CA GLU A 1643 27.28 -43.47 86.68
C GLU A 1643 26.54 -44.71 87.19
N ILE A 1644 25.61 -45.21 86.37
CA ILE A 1644 24.82 -46.38 86.71
C ILE A 1644 25.11 -47.47 85.69
N GLU A 1645 25.26 -48.69 86.16
CA GLU A 1645 25.45 -49.82 85.26
C GLU A 1645 24.20 -50.03 84.40
N GLN A 1646 24.41 -50.52 83.19
CA GLN A 1646 23.30 -50.99 82.38
C GLN A 1646 22.74 -52.27 83.00
N PRO A 1647 21.54 -52.67 82.60
CA PRO A 1647 21.02 -53.97 83.08
C PRO A 1647 21.95 -55.10 82.69
N THR A 1648 21.95 -56.14 83.51
CA THR A 1648 22.86 -57.28 83.34
C THR A 1648 22.83 -57.78 81.91
N THR A 1649 23.98 -57.69 81.24
CA THR A 1649 24.06 -57.81 79.79
C THR A 1649 24.96 -58.97 79.39
N THR A 1650 24.55 -59.68 78.35
CA THR A 1650 25.39 -60.64 77.65
C THR A 1650 25.45 -60.25 76.18
N TYR A 1651 26.65 -60.30 75.61
CA TYR A 1651 26.88 -59.98 74.21
C TYR A 1651 27.01 -61.29 73.46
N VAL A 1652 25.93 -61.71 72.80
CA VAL A 1652 25.92 -62.94 72.03
C VAL A 1652 26.37 -62.63 70.61
N PHE A 1653 27.06 -63.59 69.99
CA PHE A 1653 27.65 -63.40 68.68
C PHE A 1653 27.12 -64.43 67.69
N THR A 1654 26.83 -63.95 66.48
CA THR A 1654 26.10 -64.72 65.48
C THR A 1654 26.99 -65.74 64.79
N GLY A 1655 26.39 -66.87 64.43
CA GLY A 1655 27.06 -67.90 63.66
C GLY A 1655 26.77 -67.80 62.18
N GLN A 1656 27.23 -68.81 61.45
CA GLN A 1656 27.16 -68.78 60.00
C GLN A 1656 25.71 -68.83 59.51
N GLY A 1657 25.52 -68.46 58.24
CA GLY A 1657 24.24 -68.55 57.57
C GLY A 1657 23.51 -67.23 57.42
N SER A 1658 23.88 -66.21 58.19
CA SER A 1658 23.20 -64.92 58.15
C SER A 1658 23.91 -63.90 57.26
N GLN A 1659 24.97 -64.29 56.56
CA GLN A 1659 25.74 -63.35 55.77
C GLN A 1659 24.91 -62.76 54.65
N GLU A 1660 25.15 -61.48 54.34
CA GLU A 1660 24.52 -60.81 53.22
C GLU A 1660 25.53 -59.86 52.58
N GLN A 1661 25.28 -59.52 51.32
CA GLN A 1661 26.16 -58.61 50.60
C GLN A 1661 26.09 -57.21 51.21
N GLY A 1662 27.25 -56.59 51.35
CA GLY A 1662 27.32 -55.24 51.89
C GLY A 1662 27.04 -55.13 53.37
N MET A 1663 27.23 -56.22 54.13
CA MET A 1663 26.98 -56.18 55.55
C MET A 1663 28.05 -55.36 56.27
N GLY A 1664 27.63 -54.48 57.17
CA GLY A 1664 28.54 -53.63 57.90
C GLY A 1664 29.03 -52.42 57.14
N MET A 1665 28.55 -52.17 55.94
CA MET A 1665 29.07 -51.06 55.14
C MET A 1665 28.56 -49.71 55.65
N GLU A 1666 27.34 -49.65 56.16
CA GLU A 1666 26.85 -48.41 56.76
C GLU A 1666 27.72 -48.01 57.95
N LEU A 1667 28.01 -48.96 58.84
CA LEU A 1667 28.90 -48.67 59.96
C LEU A 1667 30.31 -48.37 59.47
N TYR A 1668 30.73 -49.02 58.38
CA TYR A 1668 32.04 -48.72 57.81
C TYR A 1668 32.14 -47.27 57.36
N ASN A 1669 31.10 -46.76 56.71
CA ASN A 1669 31.11 -45.35 56.34
C ASN A 1669 31.04 -44.44 57.55
N SER A 1670 30.21 -44.76 58.56
CA SER A 1670 29.96 -43.83 59.65
C SER A 1670 31.07 -43.82 60.71
N SER A 1671 31.34 -44.96 61.35
CA SER A 1671 32.16 -44.97 62.56
C SER A 1671 33.62 -45.22 62.24
N GLU A 1672 34.50 -44.34 62.75
CA GLU A 1672 35.92 -44.41 62.43
C GLU A 1672 36.55 -45.70 62.93
N VAL A 1673 36.11 -46.20 64.09
CA VAL A 1673 36.71 -47.40 64.65
C VAL A 1673 36.37 -48.61 63.78
N ALA A 1674 35.16 -48.64 63.23
CA ALA A 1674 34.82 -49.69 62.27
C ALA A 1674 35.67 -49.58 61.01
N ARG A 1675 35.94 -48.35 60.56
CA ARG A 1675 36.90 -48.17 59.47
C ARG A 1675 38.24 -48.79 59.83
N GLU A 1676 38.73 -48.53 61.05
CA GLU A 1676 40.02 -49.07 61.44
C GLU A 1676 40.01 -50.60 61.39
N VAL A 1677 38.98 -51.22 61.97
CA VAL A 1677 38.92 -52.68 62.02
C VAL A 1677 38.89 -53.24 60.60
N TRP A 1678 37.94 -52.76 59.79
CA TRP A 1678 37.77 -53.31 58.45
C TRP A 1678 38.99 -53.07 57.58
N ASP A 1679 39.59 -51.88 57.67
CA ASP A 1679 40.74 -51.57 56.83
C ASP A 1679 41.95 -52.37 57.27
N LYS A 1680 42.18 -52.53 58.56
CA LYS A 1680 43.29 -53.36 58.98
C LYS A 1680 43.14 -54.79 58.47
N ALA A 1681 41.94 -55.36 58.63
CA ALA A 1681 41.70 -56.71 58.13
C ALA A 1681 41.89 -56.80 56.63
N ASP A 1682 41.33 -55.84 55.89
CA ASP A 1682 41.39 -55.88 54.44
C ASP A 1682 42.82 -55.78 53.96
N ARG A 1683 43.63 -54.92 54.58
CA ARG A 1683 45.01 -54.73 54.16
C ARG A 1683 45.81 -55.97 54.46
N HIS A 1684 45.57 -56.60 55.60
CA HIS A 1684 46.21 -57.88 55.86
C HIS A 1684 45.83 -58.90 54.79
N PHE A 1685 44.56 -58.94 54.41
CA PHE A 1685 44.13 -59.91 53.40
C PHE A 1685 44.80 -59.67 52.06
N VAL A 1686 44.86 -58.41 51.61
CA VAL A 1686 45.49 -58.14 50.32
C VAL A 1686 46.98 -58.45 50.38
N ASN A 1687 47.64 -58.09 51.48
CA ASN A 1687 49.09 -58.28 51.55
C ASN A 1687 49.45 -59.75 51.63
N ASN A 1688 48.64 -60.56 52.31
CA ASN A 1688 49.00 -61.95 52.57
C ASN A 1688 48.42 -62.90 51.53
N TYR A 1689 47.13 -62.77 51.21
CA TYR A 1689 46.43 -63.72 50.35
C TYR A 1689 46.07 -63.15 48.98
N GLY A 1690 46.22 -61.84 48.78
CA GLY A 1690 46.02 -61.26 47.47
C GLY A 1690 44.58 -60.96 47.09
N PHE A 1691 43.69 -60.79 48.06
CA PHE A 1691 42.32 -60.41 47.77
C PHE A 1691 41.83 -59.44 48.84
N SER A 1692 40.75 -58.73 48.50
CA SER A 1692 40.15 -57.73 49.37
C SER A 1692 38.84 -58.26 49.94
N ILE A 1693 38.81 -58.47 51.25
CA ILE A 1693 37.59 -58.92 51.91
C ILE A 1693 36.51 -57.86 51.80
N LEU A 1694 36.88 -56.58 51.83
CA LEU A 1694 35.91 -55.52 51.61
C LEU A 1694 35.31 -55.63 50.22
N ASP A 1695 36.13 -55.92 49.21
CA ASP A 1695 35.61 -56.11 47.87
C ASP A 1695 34.65 -57.29 47.80
N ILE A 1696 35.00 -58.39 48.46
CA ILE A 1696 34.14 -59.57 48.45
C ILE A 1696 32.80 -59.26 49.10
N VAL A 1697 32.83 -58.56 50.24
CA VAL A 1697 31.59 -58.26 50.95
C VAL A 1697 30.74 -57.29 50.13
N GLN A 1698 31.36 -56.25 49.59
CA GLN A 1698 30.60 -55.22 48.88
C GLN A 1698 30.00 -55.76 47.58
N ASN A 1699 30.80 -56.49 46.80
CA ASN A 1699 30.40 -56.92 45.46
C ASN A 1699 29.95 -58.37 45.40
N ASN A 1700 30.49 -59.24 46.27
CA ASN A 1700 30.17 -60.66 46.28
C ASN A 1700 30.42 -61.24 44.88
N PRO A 1701 31.65 -61.14 44.37
CA PRO A 1701 31.91 -61.61 43.01
C PRO A 1701 31.75 -63.10 42.88
N ASN A 1702 31.20 -63.53 41.75
CA ASN A 1702 31.06 -64.96 41.49
C ASN A 1702 32.41 -65.64 41.35
N GLU A 1703 33.35 -64.98 40.67
CA GLU A 1703 34.69 -65.51 40.45
C GLU A 1703 35.71 -64.53 41.01
N LEU A 1704 36.86 -65.06 41.44
CA LEU A 1704 37.95 -64.23 41.95
C LEU A 1704 39.26 -64.94 41.65
N THR A 1705 40.10 -64.31 40.84
CA THR A 1705 41.40 -64.86 40.47
C THR A 1705 42.48 -64.12 41.25
N ILE A 1706 43.27 -64.87 42.01
CA ILE A 1706 44.46 -64.36 42.68
C ILE A 1706 45.63 -64.63 41.75
N HIS A 1707 46.44 -63.61 41.49
CA HIS A 1707 47.55 -63.72 40.56
C HIS A 1707 48.86 -63.70 41.33
N PHE A 1708 49.85 -64.43 40.83
CA PHE A 1708 51.12 -64.65 41.51
C PHE A 1708 52.30 -64.12 40.70
N GLY A 1709 52.12 -62.95 40.10
CA GLY A 1709 53.21 -62.29 39.39
C GLY A 1709 53.96 -61.31 40.26
N GLY A 1710 55.27 -61.24 40.06
CA GLY A 1710 56.12 -60.37 40.86
C GLY A 1710 56.40 -60.97 42.22
N ALA A 1711 57.27 -60.29 42.97
CA ALA A 1711 57.73 -60.82 44.26
C ALA A 1711 56.58 -60.95 45.25
N LYS A 1712 55.67 -59.96 45.28
CA LYS A 1712 54.50 -60.07 46.13
C LYS A 1712 53.65 -61.26 45.72
N GLY A 1713 53.54 -61.50 44.42
CA GLY A 1713 52.82 -62.68 43.95
C GLY A 1713 53.48 -63.98 44.42
N ARG A 1714 54.82 -64.02 44.40
CA ARG A 1714 55.51 -65.21 44.89
C ARG A 1714 55.26 -65.42 46.38
N ALA A 1715 55.27 -64.33 47.16
CA ALA A 1715 54.99 -64.46 48.59
C ALA A 1715 53.58 -64.96 48.84
N ILE A 1716 52.60 -64.43 48.09
CA ILE A 1716 51.22 -64.87 48.24
C ILE A 1716 51.08 -66.33 47.85
N ARG A 1717 51.72 -66.73 46.75
CA ARG A 1717 51.72 -68.14 46.35
C ARG A 1717 52.36 -69.01 47.41
N ASP A 1718 53.42 -68.51 48.06
CA ASP A 1718 54.05 -69.27 49.13
C ASP A 1718 53.09 -69.46 50.30
N ASN A 1719 52.31 -68.43 50.63
CA ASN A 1719 51.30 -68.58 51.68
C ASN A 1719 50.29 -69.64 51.30
N TYR A 1720 49.78 -69.58 50.06
CA TYR A 1720 48.79 -70.56 49.61
C TYR A 1720 49.37 -71.97 49.63
N ILE A 1721 50.64 -72.12 49.25
CA ILE A 1721 51.27 -73.43 49.23
C ILE A 1721 51.49 -73.95 50.64
N GLY A 1722 51.94 -73.08 51.55
CA GLY A 1722 52.17 -73.47 52.92
C GLY A 1722 50.93 -73.80 53.70
N MET A 1723 49.78 -73.28 53.29
CA MET A 1723 48.52 -73.72 53.88
C MET A 1723 48.37 -75.22 53.72
N MET A 1724 48.28 -75.94 54.84
CA MET A 1724 48.18 -77.40 54.86
C MET A 1724 46.99 -77.84 55.69
N PHE A 1725 46.37 -78.95 55.28
CA PHE A 1725 45.27 -79.58 56.00
C PHE A 1725 45.82 -80.82 56.68
N GLU A 1726 46.32 -80.65 57.89
CA GLU A 1726 46.81 -81.78 58.67
C GLU A 1726 45.64 -82.53 59.31
N THR A 1727 45.74 -83.86 59.33
CA THR A 1727 44.66 -84.71 59.82
C THR A 1727 45.28 -86.00 60.33
N ILE A 1728 44.48 -86.77 61.07
CA ILE A 1728 44.93 -88.08 61.56
C ILE A 1728 43.98 -89.15 61.03
N LEU A 1734 49.56 -89.51 60.65
CA LEU A 1734 49.23 -88.11 60.45
C LEU A 1734 49.45 -87.70 59.00
N LYS A 1735 48.34 -87.44 58.30
CA LYS A 1735 48.39 -87.02 56.91
C LYS A 1735 48.49 -85.50 56.82
N SER A 1736 49.17 -85.03 55.77
CA SER A 1736 49.48 -83.61 55.57
C SER A 1736 49.09 -83.17 54.17
N GLU A 1737 47.88 -83.54 53.74
CA GLU A 1737 47.40 -83.14 52.42
C GLU A 1737 47.22 -81.64 52.35
N LYS A 1738 47.61 -81.04 51.22
CA LYS A 1738 47.57 -79.60 51.04
C LYS A 1738 46.17 -79.14 50.66
N ILE A 1739 45.81 -77.95 51.14
CA ILE A 1739 44.50 -77.38 50.81
C ILE A 1739 44.41 -77.08 49.31
N PHE A 1740 45.43 -76.44 48.77
CA PHE A 1740 45.51 -76.09 47.35
C PHE A 1740 46.52 -77.02 46.70
N LYS A 1741 46.06 -78.20 46.29
CA LYS A 1741 46.92 -79.14 45.59
C LYS A 1741 47.26 -78.66 44.19
N ASP A 1742 46.46 -77.78 43.61
CA ASP A 1742 46.67 -77.28 42.26
C ASP A 1742 47.55 -76.05 42.20
N ILE A 1743 48.08 -75.58 43.33
CA ILE A 1743 49.02 -74.46 43.38
C ILE A 1743 50.41 -75.03 43.62
N ASP A 1744 51.35 -74.65 42.77
CA ASP A 1744 52.74 -75.05 42.91
C ASP A 1744 53.61 -73.88 42.47
N GLU A 1745 54.92 -74.13 42.33
CA GLU A 1745 55.83 -73.06 41.95
C GLU A 1745 55.58 -72.55 40.53
N THR A 1746 54.99 -73.36 39.67
CA THR A 1746 54.80 -73.01 38.26
C THR A 1746 53.44 -72.40 37.96
N THR A 1747 52.59 -72.21 38.97
CA THR A 1747 51.26 -71.65 38.74
C THR A 1747 51.29 -70.13 38.83
N THR A 1748 50.68 -69.48 37.85
CA THR A 1748 50.61 -68.02 37.78
C THR A 1748 49.34 -67.45 38.40
N SER A 1749 48.33 -68.27 38.66
CA SER A 1749 47.11 -67.78 39.27
C SER A 1749 46.32 -68.93 39.87
N TYR A 1750 45.34 -68.56 40.70
CA TYR A 1750 44.39 -69.48 41.28
C TYR A 1750 43.03 -68.82 41.32
N THR A 1751 42.00 -69.53 40.88
CA THR A 1751 40.64 -68.99 40.78
C THR A 1751 39.73 -69.66 41.79
N PHE A 1752 39.07 -68.86 42.62
CA PHE A 1752 38.00 -69.34 43.47
C PHE A 1752 36.70 -69.39 42.67
N VAL A 1753 35.92 -70.45 42.88
CA VAL A 1753 34.71 -70.71 42.11
C VAL A 1753 33.54 -70.85 43.08
N SER A 1754 32.45 -70.17 42.77
CA SER A 1754 31.21 -70.25 43.53
C SER A 1754 30.05 -70.37 42.54
N PRO A 1755 28.90 -70.90 42.98
CA PRO A 1755 27.76 -70.95 42.05
C PRO A 1755 27.14 -69.58 41.79
N THR A 1756 26.92 -68.79 42.83
CA THR A 1756 26.25 -67.49 42.72
C THR A 1756 27.09 -66.35 43.27
N GLY A 1757 27.86 -66.58 44.33
CA GLY A 1757 28.70 -65.55 44.90
C GLY A 1757 29.72 -66.10 45.86
N LEU A 1758 30.89 -65.48 45.90
CA LEU A 1758 31.95 -65.96 46.79
C LEU A 1758 31.71 -65.62 48.25
N LEU A 1759 30.87 -64.62 48.53
CA LEU A 1759 30.56 -64.28 49.91
C LEU A 1759 29.88 -65.44 50.62
N SER A 1760 29.21 -66.33 49.89
CA SER A 1760 28.63 -67.53 50.47
C SER A 1760 29.65 -68.64 50.70
N ALA A 1761 30.85 -68.52 50.15
CA ALA A 1761 31.88 -69.53 50.36
C ALA A 1761 32.35 -69.51 51.80
N THR A 1762 32.70 -70.70 52.31
CA THR A 1762 33.09 -70.81 53.70
C THR A 1762 34.35 -70.02 54.00
N GLN A 1763 35.32 -70.04 53.09
CA GLN A 1763 36.60 -69.37 53.36
C GLN A 1763 36.44 -67.86 53.44
N PHE A 1764 35.46 -67.30 52.71
CA PHE A 1764 35.21 -65.86 52.72
C PHE A 1764 34.03 -65.47 53.60
N THR A 1765 33.06 -66.37 53.80
CA THR A 1765 31.94 -66.06 54.68
C THR A 1765 32.41 -65.89 56.12
N GLN A 1766 33.24 -66.81 56.60
CA GLN A 1766 33.65 -66.77 58.00
C GLN A 1766 34.45 -65.52 58.34
N PRO A 1767 35.50 -65.16 57.60
CA PRO A 1767 36.17 -63.88 57.90
C PRO A 1767 35.25 -62.68 57.80
N ALA A 1768 34.36 -62.65 56.80
CA ALA A 1768 33.47 -61.51 56.64
C ALA A 1768 32.53 -61.36 57.83
N LEU A 1769 31.95 -62.48 58.28
CA LEU A 1769 31.03 -62.42 59.40
C LEU A 1769 31.75 -62.09 60.72
N THR A 1770 32.88 -62.78 60.96
CA THR A 1770 33.69 -62.46 62.13
C THR A 1770 34.07 -60.99 62.13
N LEU A 1771 34.39 -60.43 60.96
CA LEU A 1771 34.83 -59.05 60.90
C LEU A 1771 33.68 -58.07 61.08
N MET A 1772 32.51 -58.36 60.52
CA MET A 1772 31.39 -57.44 60.74
C MET A 1772 31.02 -57.42 62.22
N GLU A 1773 31.04 -58.59 62.87
CA GLU A 1773 30.74 -58.62 64.30
C GLU A 1773 31.82 -57.90 65.11
N LYS A 1774 33.09 -58.12 64.78
CA LYS A 1774 34.16 -57.45 65.49
C LYS A 1774 34.09 -55.94 65.30
N ALA A 1775 33.81 -55.48 64.08
CA ALA A 1775 33.72 -54.05 63.81
C ALA A 1775 32.56 -53.42 64.56
N ALA A 1776 31.39 -54.09 64.55
CA ALA A 1776 30.26 -53.58 65.30
C ALA A 1776 30.58 -53.50 66.78
N TYR A 1777 31.21 -54.54 67.33
CA TYR A 1777 31.52 -54.53 68.75
C TYR A 1777 32.58 -53.48 69.09
N GLU A 1778 33.52 -53.22 68.17
CA GLU A 1778 34.53 -52.21 68.44
C GLU A 1778 33.97 -50.80 68.35
N ASP A 1779 33.04 -50.55 67.42
CA ASP A 1779 32.35 -49.26 67.43
C ASP A 1779 31.55 -49.10 68.72
N ILE A 1780 30.91 -50.19 69.16
CA ILE A 1780 30.18 -50.15 70.42
C ILE A 1780 31.13 -49.85 71.58
N LYS A 1781 32.31 -50.47 71.57
CA LYS A 1781 33.31 -50.19 72.59
C LYS A 1781 33.75 -48.74 72.56
N SER A 1782 33.97 -48.20 71.35
CA SER A 1782 34.35 -46.81 71.22
C SER A 1782 33.28 -45.89 71.79
N LYS A 1783 32.02 -46.29 71.68
CA LYS A 1783 30.93 -45.55 72.31
C LYS A 1783 30.76 -45.88 73.78
N GLY A 1784 31.47 -46.91 74.28
CA GLY A 1784 31.50 -47.17 75.70
C GLY A 1784 30.32 -47.93 76.27
N LEU A 1785 29.64 -48.73 75.44
CA LEU A 1785 28.44 -49.45 75.85
C LEU A 1785 28.74 -50.87 76.33
N ILE A 1786 29.92 -51.11 76.88
CA ILE A 1786 30.34 -52.43 77.32
C ILE A 1786 30.50 -52.41 78.84
N PRO A 1787 29.51 -52.90 79.58
CA PRO A 1787 29.70 -53.04 81.03
C PRO A 1787 30.87 -53.97 81.33
N SER A 1788 31.56 -53.68 82.44
CA SER A 1788 32.76 -54.42 82.77
C SER A 1788 32.46 -55.90 83.04
N ASP A 1789 31.33 -56.19 83.69
CA ASP A 1789 30.99 -57.55 84.11
C ASP A 1789 30.02 -58.22 83.14
N ILE A 1790 30.17 -57.96 81.85
CA ILE A 1790 29.28 -58.55 80.86
C ILE A 1790 29.47 -60.08 80.83
N MET A 1791 28.50 -60.75 80.22
CA MET A 1791 28.67 -62.12 79.76
C MET A 1791 28.84 -62.11 78.25
N PHE A 1792 29.29 -63.23 77.69
CA PHE A 1792 29.32 -63.30 76.24
C PHE A 1792 29.44 -64.75 75.80
N ALA A 1793 28.85 -65.03 74.64
CA ALA A 1793 28.90 -66.34 74.02
C ALA A 1793 28.71 -66.13 72.52
N GLY A 1794 28.74 -67.22 71.77
CA GLY A 1794 28.52 -67.12 70.35
C GLY A 1794 28.22 -68.48 69.74
N HIS A 1795 27.62 -68.43 68.56
CA HIS A 1795 27.19 -69.64 67.86
C HIS A 1795 28.26 -70.00 66.85
N SER A 1796 29.00 -71.08 67.12
CA SER A 1796 30.03 -71.59 66.21
C SER A 1796 31.07 -70.53 65.89
N LEU A 1797 30.92 -69.83 64.76
CA LEU A 1797 31.86 -68.78 64.40
C LEU A 1797 31.71 -67.57 65.32
N GLY A 1798 30.49 -67.34 65.79
CA GLY A 1798 30.26 -66.27 66.73
C GLY A 1798 31.09 -66.41 67.99
N GLU A 1799 31.44 -67.64 68.36
CA GLU A 1799 32.29 -67.84 69.54
C GLU A 1799 33.68 -67.23 69.32
N TYR A 1800 34.29 -67.50 68.17
CA TYR A 1800 35.58 -66.90 67.87
C TYR A 1800 35.46 -65.39 67.79
N SER A 1801 34.40 -64.90 67.14
CA SER A 1801 34.20 -63.46 67.05
C SER A 1801 34.05 -62.84 68.43
N ALA A 1802 33.31 -63.51 69.33
CA ALA A 1802 33.09 -62.99 70.67
C ALA A 1802 34.38 -62.95 71.47
N LEU A 1803 35.19 -64.01 71.38
CA LEU A 1803 36.45 -64.03 72.11
C LEU A 1803 37.38 -62.94 71.62
N SER A 1804 37.44 -62.74 70.30
CA SER A 1804 38.26 -61.64 69.78
C SER A 1804 37.71 -60.28 70.20
N SER A 1805 36.39 -60.14 70.26
CA SER A 1805 35.78 -58.83 70.52
C SER A 1805 35.85 -58.44 72.00
N LEU A 1806 35.72 -59.40 72.91
CA LEU A 1806 35.64 -59.13 74.34
C LEU A 1806 36.94 -59.43 75.07
N ALA A 1807 37.49 -60.62 74.87
CA ALA A 1807 38.75 -60.98 75.51
C ALA A 1807 39.97 -60.47 74.75
N ASN A 1808 39.81 -60.13 73.47
CA ASN A 1808 40.93 -59.64 72.65
C ASN A 1808 42.10 -60.61 72.68
N VAL A 1809 41.79 -61.91 72.59
CA VAL A 1809 42.83 -62.93 72.62
C VAL A 1809 43.73 -62.85 71.40
N MET A 1810 43.26 -62.27 70.30
CA MET A 1810 43.98 -62.23 69.04
C MET A 1810 43.83 -60.84 68.41
N PRO A 1811 44.80 -60.41 67.61
CA PRO A 1811 44.61 -59.18 66.83
C PRO A 1811 43.67 -59.42 65.66
N ILE A 1812 43.32 -58.33 64.98
CA ILE A 1812 42.46 -58.43 63.81
C ILE A 1812 43.12 -59.29 62.74
N GLU A 1813 44.41 -59.06 62.48
CA GLU A 1813 45.10 -59.81 61.43
C GLU A 1813 45.12 -61.29 61.72
N SER A 1814 45.50 -61.68 62.93
CA SER A 1814 45.51 -63.09 63.28
C SER A 1814 44.11 -63.69 63.28
N LEU A 1815 43.11 -62.93 63.76
CA LEU A 1815 41.74 -63.42 63.75
C LEU A 1815 41.28 -63.75 62.34
N VAL A 1816 41.46 -62.80 61.41
CA VAL A 1816 41.01 -63.04 60.04
C VAL A 1816 41.82 -64.16 59.41
N ASP A 1817 43.12 -64.23 59.72
CA ASP A 1817 43.95 -65.29 59.16
C ASP A 1817 43.46 -66.66 59.60
N VAL A 1818 43.17 -66.82 60.90
CA VAL A 1818 42.77 -68.14 61.39
C VAL A 1818 41.39 -68.51 60.87
N VAL A 1819 40.46 -67.57 60.85
CA VAL A 1819 39.11 -67.92 60.38
C VAL A 1819 39.14 -68.24 58.88
N PHE A 1820 39.96 -67.53 58.10
CA PHE A 1820 40.10 -67.88 56.69
C PHE A 1820 40.74 -69.25 56.52
N TYR A 1821 41.80 -69.53 57.30
CA TYR A 1821 42.47 -70.81 57.24
C TYR A 1821 41.49 -71.95 57.51
N ARG A 1822 40.67 -71.79 58.54
CA ARG A 1822 39.75 -72.87 58.90
C ARG A 1822 38.54 -72.93 57.98
N GLY A 1823 38.14 -71.81 57.37
CA GLY A 1823 37.12 -71.89 56.34
C GLY A 1823 37.59 -72.69 55.14
N MET A 1824 38.81 -72.44 54.67
CA MET A 1824 39.35 -73.25 53.58
C MET A 1824 39.55 -74.70 54.02
N THR A 1825 39.97 -74.91 55.27
CA THR A 1825 40.12 -76.27 55.79
C THR A 1825 38.78 -77.00 55.78
N MET A 1826 37.70 -76.31 56.17
CA MET A 1826 36.38 -76.92 56.14
C MET A 1826 35.93 -77.16 54.70
N GLN A 1827 36.34 -76.30 53.77
CA GLN A 1827 36.05 -76.54 52.37
C GLN A 1827 36.67 -77.84 51.89
N VAL A 1828 37.94 -78.09 52.26
CA VAL A 1828 38.61 -79.32 51.84
C VAL A 1828 38.33 -80.50 52.78
N ALA A 1829 37.60 -80.28 53.87
CA ALA A 1829 37.33 -81.35 54.82
C ALA A 1829 36.50 -82.48 54.22
N VAL A 1830 35.59 -82.18 53.30
CA VAL A 1830 34.64 -83.15 52.77
C VAL A 1830 35.10 -83.54 51.36
N PRO A 1831 35.26 -84.82 51.04
CA PRO A 1831 35.53 -85.19 49.64
C PRO A 1831 34.39 -84.77 48.73
N ARG A 1832 34.70 -83.86 47.81
CA ARG A 1832 33.71 -83.32 46.89
C ARG A 1832 33.70 -84.11 45.59
N ASP A 1833 32.64 -83.91 44.80
CA ASP A 1833 32.52 -84.54 43.49
C ASP A 1833 33.25 -83.69 42.46
N GLU A 1834 33.05 -84.01 41.17
CA GLU A 1834 33.70 -83.26 40.11
C GLU A 1834 33.21 -81.83 40.02
N LEU A 1835 31.99 -81.54 40.51
CA LEU A 1835 31.41 -80.21 40.48
C LEU A 1835 31.41 -79.54 41.85
N GLY A 1836 32.32 -79.96 42.73
CA GLY A 1836 32.37 -79.39 44.06
C GLY A 1836 31.14 -79.70 44.90
N ARG A 1837 30.58 -80.90 44.73
CA ARG A 1837 29.41 -81.35 45.49
C ARG A 1837 29.80 -82.56 46.32
N SER A 1838 29.50 -82.50 47.61
CA SER A 1838 29.81 -83.58 48.54
C SER A 1838 28.52 -84.24 49.01
N ASN A 1839 28.69 -85.33 49.77
CA ASN A 1839 27.58 -86.11 50.29
C ASN A 1839 27.26 -85.76 51.75
N TYR A 1840 27.43 -84.49 52.12
CA TYR A 1840 27.21 -84.05 53.49
C TYR A 1840 26.46 -82.71 53.46
N GLY A 1841 25.72 -82.46 54.53
CA GLY A 1841 24.92 -81.25 54.62
C GLY A 1841 24.30 -81.14 56.00
N MET A 1842 23.48 -80.10 56.15
CA MET A 1842 22.85 -79.79 57.44
C MET A 1842 21.37 -79.49 57.26
N VAL A 1843 20.58 -79.94 58.25
CA VAL A 1843 19.14 -79.78 58.23
C VAL A 1843 18.66 -79.35 59.61
N ALA A 1844 17.80 -78.35 59.67
CA ALA A 1844 17.24 -77.86 60.92
C ALA A 1844 15.84 -78.41 61.11
N VAL A 1845 15.62 -79.12 62.22
CA VAL A 1845 14.41 -79.89 62.46
C VAL A 1845 13.69 -79.30 63.67
N ASN A 1846 12.43 -79.70 63.83
CA ASN A 1846 11.55 -79.17 64.87
C ASN A 1846 10.72 -80.32 65.45
N PRO A 1847 11.10 -80.85 66.61
CA PRO A 1847 10.29 -81.94 67.20
C PRO A 1847 8.84 -81.57 67.45
N SER A 1848 8.56 -80.32 67.81
CA SER A 1848 7.18 -79.91 68.00
C SER A 1848 6.41 -79.98 66.68
N ARG A 1849 7.05 -79.65 65.57
CA ARG A 1849 6.39 -79.76 64.27
C ARG A 1849 6.19 -81.22 63.89
N VAL A 1850 7.10 -82.11 64.33
CA VAL A 1850 6.83 -83.54 64.17
C VAL A 1850 5.58 -83.93 64.96
N SER A 1851 5.53 -83.55 66.23
CA SER A 1851 4.36 -83.71 67.08
C SER A 1851 4.63 -83.08 68.44
N ALA A 1852 3.58 -82.79 69.20
CA ALA A 1852 3.77 -82.22 70.52
C ALA A 1852 4.52 -83.18 71.45
N THR A 1853 4.31 -84.49 71.27
CA THR A 1853 4.98 -85.45 72.13
C THR A 1853 6.46 -85.57 71.78
N PHE A 1854 6.80 -85.49 70.50
CA PHE A 1854 8.19 -85.61 70.07
C PHE A 1854 9.03 -84.50 70.70
N ASP A 1855 10.03 -84.89 71.48
CA ASP A 1855 10.88 -83.97 72.22
C ASP A 1855 12.33 -84.14 71.80
N ASP A 1856 13.22 -83.46 72.52
CA ASP A 1856 14.65 -83.54 72.22
C ASP A 1856 15.17 -84.96 72.40
N SER A 1857 14.71 -85.64 73.46
CA SER A 1857 15.15 -87.02 73.68
C SER A 1857 14.69 -87.94 72.55
N ALA A 1858 13.45 -87.77 72.09
CA ALA A 1858 12.96 -88.60 71.00
C ALA A 1858 13.72 -88.33 69.72
N LEU A 1859 13.97 -87.05 69.42
CA LEU A 1859 14.74 -86.71 68.22
C LEU A 1859 16.15 -87.30 68.30
N ARG A 1860 16.78 -87.20 69.48
CA ARG A 1860 18.10 -87.81 69.64
C ARG A 1860 18.04 -89.30 69.36
N PHE A 1861 17.15 -90.01 70.07
CA PHE A 1861 17.03 -91.46 69.89
C PHE A 1861 16.88 -91.83 68.43
N VAL A 1862 15.99 -91.12 67.71
CA VAL A 1862 15.84 -91.37 66.28
C VAL A 1862 17.16 -91.12 65.54
N VAL A 1863 17.90 -90.08 65.89
CA VAL A 1863 19.14 -89.74 65.20
C VAL A 1863 20.19 -90.85 65.38
N ASP A 1864 20.47 -91.22 66.63
CA ASP A 1864 21.46 -92.26 66.88
C ASP A 1864 21.03 -93.60 66.30
N GLU A 1865 19.73 -93.93 66.36
CA GLU A 1865 19.32 -95.21 65.80
C GLU A 1865 19.41 -95.22 64.28
N VAL A 1866 19.10 -94.10 63.62
CA VAL A 1866 19.32 -94.02 62.18
C VAL A 1866 20.79 -94.23 61.86
N ALA A 1867 21.67 -93.52 62.57
CA ALA A 1867 23.10 -93.62 62.31
C ALA A 1867 23.59 -95.04 62.52
N ASN A 1868 23.18 -95.68 63.60
CA ASN A 1868 23.65 -97.03 63.89
C ASN A 1868 23.09 -98.04 62.89
N LYS A 1869 21.80 -97.93 62.56
CA LYS A 1869 21.18 -98.89 61.67
C LYS A 1869 21.78 -98.82 60.27
N THR A 1870 21.98 -97.63 59.74
CA THR A 1870 22.48 -97.47 58.37
C THR A 1870 24.00 -97.35 58.29
N LYS A 1871 24.71 -97.32 59.42
CA LYS A 1871 26.16 -97.24 59.42
C LYS A 1871 26.66 -95.98 58.71
N TRP A 1872 25.88 -94.92 58.79
CA TRP A 1872 26.19 -93.64 58.18
C TRP A 1872 26.28 -92.57 59.24
N LEU A 1873 27.15 -91.58 59.00
CA LEU A 1873 27.30 -90.46 59.93
C LEU A 1873 26.01 -89.66 59.96
N LEU A 1874 25.46 -89.47 61.16
CA LEU A 1874 24.27 -88.65 61.35
C LEU A 1874 24.18 -88.30 62.82
N GLU A 1875 24.30 -87.01 63.14
CA GLU A 1875 24.29 -86.56 64.53
C GLU A 1875 23.58 -85.22 64.62
N ILE A 1876 23.21 -84.87 65.85
CA ILE A 1876 22.69 -83.54 66.14
C ILE A 1876 23.86 -82.62 66.43
N VAL A 1877 24.03 -81.60 65.59
CA VAL A 1877 25.18 -80.71 65.70
C VAL A 1877 24.89 -79.55 66.64
N ASN A 1878 23.70 -78.94 66.54
CA ASN A 1878 23.32 -77.79 67.35
C ASN A 1878 22.09 -78.12 68.17
N TYR A 1879 22.19 -77.92 69.48
CA TYR A 1879 21.06 -78.05 70.39
C TYR A 1879 20.53 -76.64 70.67
N ASN A 1880 19.74 -76.12 69.72
CA ASN A 1880 19.17 -74.79 69.81
C ASN A 1880 17.98 -74.83 70.76
N VAL A 1881 17.14 -73.78 70.70
CA VAL A 1881 15.94 -73.64 71.52
C VAL A 1881 15.21 -74.98 71.61
N GLU A 1882 14.81 -75.35 72.83
CA GLU A 1882 14.30 -76.69 73.07
C GLU A 1882 12.97 -76.91 72.36
N ASN A 1883 12.82 -78.09 71.76
CA ASN A 1883 11.61 -78.55 71.09
C ASN A 1883 11.17 -77.64 69.95
N GLN A 1884 12.04 -76.75 69.47
CA GLN A 1884 11.67 -75.82 68.40
C GLN A 1884 12.72 -75.77 67.30
N GLN A 1885 13.99 -76.02 67.62
CA GLN A 1885 15.07 -75.96 66.64
C GLN A 1885 16.18 -76.92 67.04
N TYR A 1886 16.56 -77.80 66.12
CA TYR A 1886 17.73 -78.66 66.31
C TYR A 1886 18.37 -78.91 64.95
N VAL A 1887 19.62 -78.50 64.80
CA VAL A 1887 20.36 -78.70 63.56
C VAL A 1887 21.05 -80.06 63.64
N ALA A 1888 21.01 -80.80 62.53
CA ALA A 1888 21.64 -82.11 62.41
C ALA A 1888 22.50 -82.13 61.16
N ALA A 1889 23.61 -82.88 61.24
CA ALA A 1889 24.55 -83.01 60.13
C ALA A 1889 25.01 -84.45 60.01
N GLY A 1890 25.37 -84.83 58.78
CA GLY A 1890 25.83 -86.16 58.51
C GLY A 1890 25.83 -86.42 57.01
N ASP A 1891 25.99 -87.69 56.67
CA ASP A 1891 25.89 -88.10 55.27
C ASP A 1891 24.53 -87.69 54.72
N LEU A 1892 24.51 -87.21 53.47
CA LEU A 1892 23.28 -86.70 52.90
C LEU A 1892 22.23 -87.80 52.81
N ARG A 1893 22.65 -89.04 52.56
CA ARG A 1893 21.72 -90.17 52.61
C ARG A 1893 21.05 -90.24 53.98
N ALA A 1894 21.83 -90.12 55.05
CA ALA A 1894 21.28 -90.22 56.39
C ALA A 1894 20.41 -89.01 56.71
N LEU A 1895 20.75 -87.85 56.18
CA LEU A 1895 19.93 -86.67 56.43
C LEU A 1895 18.56 -86.80 55.76
N ASP A 1896 18.55 -87.28 54.51
CA ASP A 1896 17.26 -87.58 53.86
C ASP A 1896 16.52 -88.67 54.61
N THR A 1897 17.26 -89.66 55.14
CA THR A 1897 16.63 -90.72 55.90
C THR A 1897 15.93 -90.17 57.14
N LEU A 1898 16.61 -89.28 57.86
CA LEU A 1898 16.00 -88.63 59.02
C LEU A 1898 14.79 -87.80 58.62
N THR A 1899 14.88 -87.09 57.49
CA THR A 1899 13.74 -86.32 56.99
C THR A 1899 12.52 -87.21 56.83
N ASN A 1900 12.67 -88.33 56.11
CA ASN A 1900 11.51 -89.17 55.85
C ASN A 1900 11.05 -89.91 57.11
N VAL A 1901 11.97 -90.26 58.01
CA VAL A 1901 11.56 -90.90 59.26
C VAL A 1901 10.70 -89.97 60.08
N LEU A 1902 11.12 -88.71 60.19
CA LEU A 1902 10.33 -87.74 60.96
C LEU A 1902 9.00 -87.44 60.25
N ASN A 1903 8.99 -87.46 58.91
CA ASN A 1903 7.73 -87.31 58.21
C ASN A 1903 6.79 -88.47 58.48
N VAL A 1904 7.32 -89.69 58.51
CA VAL A 1904 6.51 -90.86 58.83
C VAL A 1904 5.93 -90.73 60.22
N LEU A 1905 6.75 -90.28 61.18
CA LEU A 1905 6.22 -90.07 62.53
C LEU A 1905 5.15 -88.98 62.53
N LYS A 1906 5.37 -87.91 61.76
CA LYS A 1906 4.39 -86.83 61.70
C LYS A 1906 3.03 -87.32 61.22
N ILE A 1907 3.02 -88.13 60.16
CA ILE A 1907 1.75 -88.56 59.59
C ILE A 1907 1.13 -89.69 60.42
N ASN A 1908 1.92 -90.70 60.78
CA ASN A 1908 1.36 -91.84 61.49
C ASN A 1908 0.97 -91.49 62.92
N LYS A 1909 1.54 -90.44 63.49
CA LYS A 1909 1.22 -90.00 64.85
C LYS A 1909 1.61 -91.07 65.88
N ILE A 1910 2.87 -91.50 65.82
CA ILE A 1910 3.43 -92.48 66.74
C ILE A 1910 4.52 -91.80 67.55
N ASP A 1911 4.47 -91.99 68.87
CA ASP A 1911 5.36 -91.30 69.80
C ASP A 1911 6.38 -92.26 70.38
N ILE A 1912 7.66 -91.87 70.31
CA ILE A 1912 8.75 -92.72 70.80
C ILE A 1912 8.59 -92.98 72.30
N VAL A 1913 8.19 -91.95 73.06
CA VAL A 1913 8.02 -92.12 74.50
C VAL A 1913 6.86 -93.06 74.77
N LYS A 1914 5.79 -92.98 73.96
CA LYS A 1914 4.68 -93.91 74.12
C LYS A 1914 5.11 -95.34 73.86
N LEU A 1915 5.96 -95.55 72.84
CA LEU A 1915 6.49 -96.89 72.62
C LEU A 1915 7.36 -97.33 73.79
N GLN A 1916 8.20 -96.44 74.31
CA GLN A 1916 9.00 -96.75 75.49
C GLN A 1916 8.13 -97.17 76.67
N GLU A 1917 6.97 -96.54 76.84
CA GLU A 1917 6.05 -96.89 77.92
C GLU A 1917 5.38 -98.24 77.68
N GLN A 1918 4.89 -98.50 76.47
CA GLN A 1918 4.04 -99.65 76.22
C GLN A 1918 4.78 -100.91 75.75
N MET A 1919 6.07 -100.83 75.45
CA MET A 1919 6.85 -102.03 75.19
C MET A 1919 8.30 -101.77 75.56
N SER A 1920 9.07 -102.87 75.61
CA SER A 1920 10.45 -102.80 76.05
C SER A 1920 11.31 -102.03 75.05
N ILE A 1921 12.48 -101.59 75.53
CA ILE A 1921 13.35 -100.74 74.73
C ILE A 1921 13.82 -101.50 73.49
N GLU A 1922 14.00 -102.81 73.61
CA GLU A 1922 14.38 -103.61 72.44
C GLU A 1922 13.29 -103.57 71.38
N LYS A 1923 12.02 -103.66 71.79
CA LYS A 1923 10.93 -103.60 70.84
C LYS A 1923 10.81 -102.20 70.22
N VAL A 1924 11.07 -101.16 71.02
CA VAL A 1924 11.10 -99.80 70.47
C VAL A 1924 12.18 -99.70 69.41
N LYS A 1925 13.36 -100.24 69.70
CA LYS A 1925 14.43 -100.27 68.71
C LYS A 1925 13.98 -101.01 67.46
N GLU A 1926 13.31 -102.14 67.62
CA GLU A 1926 12.88 -102.92 66.45
C GLU A 1926 11.90 -102.14 65.58
N HIS A 1927 10.93 -101.46 66.20
CA HIS A 1927 9.98 -100.66 65.44
C HIS A 1927 10.69 -99.55 64.66
N LEU A 1928 11.53 -98.79 65.36
CA LEU A 1928 12.23 -97.71 64.68
C LEU A 1928 13.19 -98.26 63.62
N TYR A 1929 13.73 -99.45 63.82
CA TYR A 1929 14.58 -100.06 62.81
C TYR A 1929 13.78 -100.45 61.58
N GLU A 1930 12.54 -100.91 61.77
CA GLU A 1930 11.69 -101.16 60.61
C GLU A 1930 11.49 -99.90 59.79
N ILE A 1931 11.15 -98.80 60.48
CA ILE A 1931 10.96 -97.53 59.77
C ILE A 1931 12.25 -97.11 59.06
N VAL A 1932 13.37 -97.19 59.79
CA VAL A 1932 14.64 -96.73 59.26
C VAL A 1932 15.08 -97.60 58.09
N ASP A 1933 14.79 -98.90 58.14
CA ASP A 1933 15.18 -99.79 57.05
C ASP A 1933 14.38 -99.50 55.80
N GLU A 1934 13.06 -99.28 55.94
CA GLU A 1934 12.28 -98.83 54.79
C GLU A 1934 12.88 -97.58 54.17
N VAL A 1935 13.14 -96.57 55.00
CA VAL A 1935 13.63 -95.30 54.47
C VAL A 1935 15.03 -95.47 53.89
N ALA A 1936 15.86 -96.32 54.47
CA ALA A 1936 17.22 -96.51 53.96
C ALA A 1936 17.21 -97.21 52.61
N ALA A 1937 16.36 -98.23 52.46
CA ALA A 1937 16.21 -98.86 51.16
C ALA A 1937 15.73 -97.84 50.13
N LYS A 1938 14.87 -96.91 50.54
CA LYS A 1938 14.50 -95.82 49.63
C LYS A 1938 15.69 -94.91 49.33
N SER A 1939 16.50 -94.62 50.35
CA SER A 1939 17.61 -93.69 50.17
C SER A 1939 18.67 -94.24 49.24
N LEU A 1940 18.79 -95.57 49.16
CA LEU A 1940 19.74 -96.16 48.21
C LEU A 1940 19.47 -95.69 46.79
N ALA A 1941 18.20 -95.51 46.43
CA ALA A 1941 17.86 -95.04 45.09
C ALA A 1941 18.38 -93.64 44.84
N LYS A 1942 18.30 -92.76 45.84
CA LYS A 1942 18.70 -91.37 45.71
C LYS A 1942 20.18 -91.28 45.31
N PRO A 1943 20.53 -90.85 44.10
CA PRO A 1943 21.93 -90.86 43.70
C PRO A 1943 22.69 -89.65 44.25
N GLN A 1944 24.01 -89.83 44.34
CA GLN A 1944 24.87 -88.76 44.84
C GLN A 1944 25.10 -87.72 43.76
N PRO A 1945 25.00 -86.41 44.06
CA PRO A 1945 24.59 -85.77 45.31
C PRO A 1945 23.07 -85.78 45.45
N ILE A 1946 22.56 -85.79 46.68
CA ILE A 1946 21.12 -85.85 46.94
C ILE A 1946 20.63 -84.44 47.28
N ASP A 1947 19.70 -83.93 46.49
CA ASP A 1947 19.09 -82.64 46.77
C ASP A 1947 17.95 -82.86 47.77
N LEU A 1948 18.17 -82.45 49.02
CA LEU A 1948 17.22 -82.74 50.08
C LEU A 1948 15.89 -82.03 49.83
N GLU A 1949 14.80 -82.71 50.17
CA GLU A 1949 13.46 -82.16 50.04
C GLU A 1949 12.96 -81.70 51.40
N ARG A 1950 12.41 -80.50 51.44
CA ARG A 1950 11.89 -79.95 52.69
C ARG A 1950 10.74 -80.81 53.20
N GLY A 1951 10.89 -81.31 54.42
CA GLY A 1951 9.86 -82.11 55.06
C GLY A 1951 8.91 -81.27 55.88
N PHE A 1952 8.19 -81.94 56.78
CA PHE A 1952 7.26 -81.24 57.66
C PHE A 1952 7.99 -80.46 58.74
N ALA A 1953 8.82 -81.17 59.51
CA ALA A 1953 9.60 -80.55 60.57
C ALA A 1953 10.99 -80.11 60.13
N VAL A 1954 11.56 -80.79 59.13
CA VAL A 1954 12.94 -80.56 58.72
C VAL A 1954 12.97 -79.55 57.58
N ILE A 1955 13.93 -78.63 57.63
CA ILE A 1955 14.18 -77.65 56.59
C ILE A 1955 15.66 -77.75 56.24
N PRO A 1956 16.06 -77.81 54.96
CA PRO A 1956 17.49 -77.92 54.65
C PRO A 1956 18.17 -76.57 54.75
N LEU A 1957 19.38 -76.57 55.34
CA LEU A 1957 20.18 -75.35 55.42
C LEU A 1957 21.03 -75.28 54.15
N LYS A 1958 20.52 -74.56 53.16
CA LYS A 1958 21.16 -74.51 51.86
C LYS A 1958 22.49 -73.78 51.93
N GLY A 1959 23.38 -74.13 51.00
CA GLY A 1959 24.67 -73.50 50.93
C GLY A 1959 25.71 -74.05 51.88
N ILE A 1960 25.40 -75.13 52.60
CA ILE A 1960 26.31 -75.74 53.56
C ILE A 1960 26.51 -77.19 53.15
N SER A 1961 27.78 -77.60 53.05
CA SER A 1961 28.14 -78.97 52.69
C SER A 1961 29.04 -79.64 53.71
N VAL A 1962 29.60 -78.90 54.66
CA VAL A 1962 30.49 -79.47 55.67
C VAL A 1962 29.66 -79.93 56.86
N PRO A 1963 29.81 -81.16 57.36
CA PRO A 1963 29.12 -81.55 58.61
C PRO A 1963 29.94 -81.19 59.85
N PHE A 1964 29.87 -79.91 60.24
CA PHE A 1964 30.71 -79.42 61.33
C PHE A 1964 29.94 -79.48 62.64
N HIS A 1965 30.71 -79.49 63.74
CA HIS A 1965 30.20 -79.85 65.07
C HIS A 1965 29.69 -81.29 65.09
N SER A 1966 30.34 -82.18 64.34
CA SER A 1966 30.04 -83.60 64.32
C SER A 1966 31.33 -84.38 64.60
N SER A 1967 31.19 -85.70 64.71
CA SER A 1967 32.36 -86.55 64.91
C SER A 1967 33.25 -86.62 63.67
N TYR A 1968 32.79 -86.10 62.53
CA TYR A 1968 33.58 -86.16 61.30
C TYR A 1968 34.89 -85.42 61.44
N LEU A 1969 34.88 -84.26 62.10
CA LEU A 1969 36.04 -83.37 62.15
C LEU A 1969 36.96 -83.64 63.34
N MET A 1970 36.70 -84.69 64.12
CA MET A 1970 37.57 -85.00 65.25
C MET A 1970 39.00 -85.25 64.80
N SER A 1971 39.18 -85.80 63.59
CA SER A 1971 40.53 -86.05 63.09
C SER A 1971 41.28 -84.73 62.89
N GLY A 1972 40.61 -83.72 62.34
CA GLY A 1972 41.24 -82.43 62.16
C GLY A 1972 41.30 -81.55 63.39
N VAL A 1973 40.56 -81.90 64.43
CA VAL A 1973 40.52 -81.05 65.62
C VAL A 1973 41.90 -80.96 66.28
N LYS A 1974 42.61 -82.08 66.37
CA LYS A 1974 43.91 -82.05 67.03
C LYS A 1974 44.93 -81.20 66.29
N PRO A 1975 45.14 -81.32 64.97
CA PRO A 1975 45.96 -80.32 64.28
C PRO A 1975 45.38 -78.92 64.43
N PHE A 1976 44.06 -78.79 64.49
CA PHE A 1976 43.46 -77.50 64.80
C PHE A 1976 43.81 -77.04 66.21
N GLN A 1977 43.94 -77.95 67.17
CA GLN A 1977 44.43 -77.55 68.48
C GLN A 1977 45.84 -77.00 68.38
N ARG A 1978 46.72 -77.65 67.62
CA ARG A 1978 48.08 -77.15 67.46
C ARG A 1978 48.08 -75.77 66.80
N PHE A 1979 47.26 -75.60 65.75
CA PHE A 1979 47.17 -74.32 65.07
C PHE A 1979 46.66 -73.23 66.02
N LEU A 1980 45.66 -73.55 66.84
CA LEU A 1980 45.14 -72.60 67.81
C LEU A 1980 46.21 -72.24 68.84
N CYS A 1981 46.97 -73.22 69.30
CA CYS A 1981 48.03 -72.96 70.27
C CYS A 1981 49.06 -72.01 69.69
N LYS A 1982 49.42 -72.18 68.41
CA LYS A 1982 50.39 -71.28 67.81
C LYS A 1982 49.79 -69.89 67.59
N LYS A 1983 48.53 -69.81 67.15
CA LYS A 1983 47.97 -68.54 66.71
C LYS A 1983 47.37 -67.72 67.85
N ILE A 1984 47.13 -68.32 69.01
CA ILE A 1984 46.61 -67.60 70.17
C ILE A 1984 47.75 -67.39 71.14
N PRO A 1985 48.43 -66.23 71.13
CA PRO A 1985 49.56 -66.04 72.06
C PRO A 1985 49.11 -66.14 73.51
N LYS A 1986 49.96 -66.78 74.32
CA LYS A 1986 49.64 -67.02 75.72
C LYS A 1986 49.50 -65.71 76.50
N SER A 1987 50.39 -64.75 76.24
CA SER A 1987 50.35 -63.50 76.99
C SER A 1987 49.09 -62.70 76.70
N SER A 1988 48.53 -62.84 75.51
CA SER A 1988 47.33 -62.09 75.14
C SER A 1988 46.06 -62.66 75.73
N VAL A 1989 46.10 -63.86 76.31
CA VAL A 1989 44.92 -64.47 76.90
C VAL A 1989 44.80 -63.95 78.34
N LYS A 1990 43.87 -63.03 78.56
CA LYS A 1990 43.63 -62.46 79.88
C LYS A 1990 42.51 -63.23 80.55
N PRO A 1991 42.76 -63.97 81.64
CA PRO A 1991 41.66 -64.69 82.29
C PRO A 1991 40.57 -63.78 82.81
N GLN A 1992 40.91 -62.58 83.28
CA GLN A 1992 39.91 -61.69 83.87
C GLN A 1992 38.79 -61.36 82.90
N ASP A 1993 39.06 -61.42 81.60
CA ASP A 1993 38.05 -61.20 80.57
C ASP A 1993 37.21 -62.45 80.30
N LEU A 1994 37.55 -63.58 80.92
CA LEU A 1994 36.90 -64.86 80.64
C LEU A 1994 36.23 -65.50 81.85
N ILE A 1995 36.84 -65.40 83.03
CA ILE A 1995 36.31 -66.12 84.20
C ILE A 1995 34.92 -65.59 84.52
N GLY A 1996 33.94 -66.50 84.54
CA GLY A 1996 32.57 -66.14 84.85
C GLY A 1996 31.89 -65.25 83.82
N LYS A 1997 32.52 -65.04 82.66
CA LYS A 1997 31.97 -64.17 81.63
C LYS A 1997 31.91 -64.84 80.26
N TYR A 1998 32.59 -65.97 80.07
CA TYR A 1998 32.67 -66.65 78.79
C TYR A 1998 31.95 -67.99 78.90
N ILE A 1999 31.03 -68.25 77.97
CA ILE A 1999 30.26 -69.48 77.95
C ILE A 1999 30.67 -70.25 76.69
N PRO A 2000 31.58 -71.21 76.77
CA PRO A 2000 32.04 -71.87 75.53
C PRO A 2000 30.95 -72.72 74.90
N ASN A 2001 31.07 -72.89 73.59
CA ASN A 2001 30.14 -73.75 72.86
C ASN A 2001 30.27 -75.20 73.32
N LEU A 2002 31.50 -75.63 73.61
CA LEU A 2002 31.74 -77.01 73.99
C LEU A 2002 31.04 -77.34 75.30
N THR A 2003 31.28 -76.56 76.34
CA THR A 2003 30.77 -76.84 77.68
C THR A 2003 29.46 -76.12 77.97
N ALA A 2004 29.27 -74.93 77.41
CA ALA A 2004 28.05 -74.15 77.61
C ALA A 2004 27.85 -73.78 79.08
N LYS A 2005 28.95 -73.61 79.81
CA LYS A 2005 28.95 -73.14 81.18
C LYS A 2005 29.90 -71.96 81.32
N PRO A 2006 29.71 -71.10 82.33
CA PRO A 2006 30.67 -70.01 82.51
C PRO A 2006 32.11 -70.51 82.59
N PHE A 2007 32.99 -69.85 81.85
CA PHE A 2007 34.40 -70.24 81.82
C PHE A 2007 35.01 -70.12 83.21
N GLU A 2008 35.66 -71.19 83.66
CA GLU A 2008 36.29 -71.22 84.97
C GLU A 2008 37.54 -72.08 84.90
N LEU A 2009 38.56 -71.67 85.66
CA LEU A 2009 39.82 -72.40 85.74
C LEU A 2009 39.81 -73.23 87.02
N THR A 2010 39.08 -74.34 86.97
CA THR A 2010 38.91 -75.21 88.12
C THR A 2010 39.01 -76.67 87.69
N LYS A 2011 39.29 -77.53 88.67
CA LYS A 2011 39.42 -78.95 88.39
C LYS A 2011 38.11 -79.51 87.86
N GLU A 2012 36.97 -79.05 88.39
CA GLU A 2012 35.68 -79.52 87.89
C GLU A 2012 35.47 -79.14 86.43
N TYR A 2013 35.84 -77.91 86.06
CA TYR A 2013 35.67 -77.48 84.68
C TYR A 2013 36.58 -78.26 83.75
N PHE A 2014 37.85 -78.46 84.15
CA PHE A 2014 38.75 -79.26 83.34
C PHE A 2014 38.26 -80.70 83.21
N GLN A 2015 37.67 -81.24 84.28
CA GLN A 2015 37.10 -82.57 84.23
C GLN A 2015 35.93 -82.64 83.25
N SER A 2016 35.09 -81.61 83.25
CA SER A 2016 33.98 -81.58 82.28
C SER A 2016 34.51 -81.53 80.85
N VAL A 2017 35.56 -80.73 80.62
CA VAL A 2017 36.16 -80.69 79.30
C VAL A 2017 36.70 -82.06 78.91
N TYR A 2018 37.31 -82.77 79.85
CA TYR A 2018 37.76 -84.13 79.55
C TYR A 2018 36.58 -85.04 79.25
N ASP A 2019 35.48 -84.90 79.99
CA ASP A 2019 34.32 -85.74 79.73
C ASP A 2019 33.81 -85.54 78.32
N LEU A 2020 33.87 -84.29 77.83
CA LEU A 2020 33.36 -84.01 76.49
C LEU A 2020 34.40 -84.20 75.38
N THR A 2021 35.69 -84.37 75.69
CA THR A 2021 36.73 -84.43 74.66
C THR A 2021 37.61 -85.67 74.69
N LYS A 2022 37.78 -86.34 75.83
CA LYS A 2022 38.70 -87.47 75.96
C LYS A 2022 40.13 -87.05 75.65
N SER A 2023 40.51 -85.85 76.08
CA SER A 2023 41.83 -85.30 75.80
C SER A 2023 42.80 -85.71 76.90
N GLU A 2024 43.91 -86.34 76.51
CA GLU A 2024 44.92 -86.75 77.49
C GLU A 2024 45.68 -85.55 78.04
N LYS A 2025 45.78 -84.46 77.27
CA LYS A 2025 46.41 -83.26 77.79
C LYS A 2025 45.63 -82.70 78.98
N ILE A 2026 44.29 -82.71 78.89
CA ILE A 2026 43.48 -82.25 80.00
C ILE A 2026 43.65 -83.16 81.20
N LYS A 2027 43.82 -84.46 80.97
CA LYS A 2027 44.06 -85.39 82.08
C LYS A 2027 45.41 -85.12 82.74
N SER A 2028 46.43 -84.82 81.94
CA SER A 2028 47.71 -84.44 82.54
C SER A 2028 47.55 -83.18 83.38
N ILE A 2029 46.83 -82.18 82.86
CA ILE A 2029 46.62 -80.95 83.62
C ILE A 2029 45.86 -81.25 84.90
N LEU A 2030 44.85 -82.12 84.84
CA LEU A 2030 44.08 -82.45 86.03
C LEU A 2030 44.93 -83.18 87.06
N ASP A 2031 45.73 -84.15 86.62
CA ASP A 2031 46.56 -84.91 87.56
C ASP A 2031 47.59 -84.01 88.23
N ASN A 2032 48.21 -83.13 87.47
CA ASN A 2032 49.16 -82.16 88.03
C ASN A 2032 48.50 -80.88 88.53
N TRP A 2033 47.18 -80.82 88.62
CA TRP A 2033 46.51 -79.62 89.13
C TRP A 2033 46.95 -79.27 90.54
N GLU A 2034 47.07 -80.27 91.41
CA GLU A 2034 47.47 -80.02 92.79
C GLU A 2034 48.86 -79.39 92.84
N GLN A 2035 49.78 -79.85 91.99
CA GLN A 2035 51.09 -79.24 91.89
C GLN A 2035 51.06 -77.88 91.20
N TYR A 2036 50.10 -77.68 90.29
CA TYR A 2036 49.95 -76.38 89.63
C TYR A 2036 49.57 -75.30 90.63
N GLU A 2037 48.60 -75.60 91.50
CA GLU A 2037 48.16 -74.65 92.50
C GLU A 2037 49.11 -74.65 93.71
N PHE B 7 -46.06 6.53 110.51
CA PHE B 7 -46.16 5.40 109.60
C PHE B 7 -45.85 5.83 108.17
N GLN B 8 -45.47 4.88 107.32
CA GLN B 8 -45.03 5.14 105.96
C GLN B 8 -45.74 4.25 104.96
N LEU B 9 -47.06 4.17 105.05
CA LEU B 9 -47.84 3.49 104.02
C LEU B 9 -47.62 4.20 102.69
N THR B 10 -46.93 3.54 101.77
CA THR B 10 -46.55 4.19 100.52
C THR B 10 -46.44 3.15 99.42
N HIS B 11 -46.56 3.61 98.18
CA HIS B 11 -46.38 2.77 97.00
C HIS B 11 -46.02 3.70 95.85
N GLY B 12 -44.76 3.69 95.43
CA GLY B 12 -44.29 4.66 94.47
C GLY B 12 -44.02 6.00 95.14
N SER B 13 -44.29 7.08 94.42
CA SER B 13 -44.08 8.43 94.93
C SER B 13 -45.35 8.98 95.59
N ILE B 14 -45.95 8.18 96.47
CA ILE B 14 -47.09 8.61 97.28
C ILE B 14 -46.93 7.98 98.66
N GLU B 15 -47.35 8.71 99.69
CA GLU B 15 -47.23 8.20 101.05
C GLU B 15 -48.31 8.84 101.92
N HIS B 16 -48.61 8.17 103.03
CA HIS B 16 -49.55 8.67 104.03
C HIS B 16 -48.96 8.45 105.42
N THR B 17 -49.17 9.43 106.29
CA THR B 17 -48.63 9.41 107.65
C THR B 17 -49.75 9.10 108.62
N LEU B 18 -49.51 8.13 109.50
CA LEU B 18 -50.47 7.71 110.51
C LEU B 18 -49.80 7.70 111.88
N LEU B 19 -50.40 8.38 112.84
CA LEU B 19 -49.90 8.41 114.22
C LEU B 19 -50.52 7.23 114.97
N VAL B 20 -49.71 6.21 115.25
CA VAL B 20 -50.19 4.96 115.82
C VAL B 20 -49.68 4.80 117.25
N PRO B 21 -50.45 4.23 118.19
CA PRO B 21 -49.87 3.86 119.48
C PRO B 21 -48.80 2.79 119.33
N ASN B 22 -48.01 2.60 120.39
CA ASN B 22 -46.81 1.77 120.30
C ASN B 22 -47.15 0.33 119.93
N ASP B 23 -47.90 -0.36 120.79
CA ASP B 23 -48.32 -1.72 120.46
C ASP B 23 -49.17 -1.73 119.20
N LEU B 24 -50.06 -0.74 119.07
CA LEU B 24 -50.79 -0.56 117.83
C LEU B 24 -49.85 -0.30 116.66
N PHE B 25 -48.70 0.35 116.91
CA PHE B 25 -47.74 0.57 115.83
C PHE B 25 -47.12 -0.75 115.39
N PHE B 26 -46.81 -1.63 116.35
CA PHE B 26 -46.29 -2.95 115.98
C PHE B 26 -47.31 -3.73 115.18
N ASN B 27 -48.57 -3.72 115.62
CA ASN B 27 -49.62 -4.45 114.89
C ASN B 27 -49.83 -3.84 113.50
N TYR B 28 -49.80 -2.51 113.40
CA TYR B 28 -49.94 -1.86 112.10
C TYR B 28 -48.75 -2.15 111.20
N SER B 29 -47.56 -2.28 111.78
CA SER B 29 -46.39 -2.67 110.99
C SER B 29 -46.57 -4.08 110.44
N GLN B 30 -47.09 -4.99 111.26
CA GLN B 30 -47.40 -6.34 110.79
C GLN B 30 -48.37 -6.28 109.61
N LEU B 31 -49.47 -5.57 109.79
CA LEU B 31 -50.45 -5.46 108.70
C LEU B 31 -49.86 -4.74 107.50
N LYS B 32 -48.89 -3.86 107.71
CA LYS B 32 -48.29 -3.11 106.61
C LYS B 32 -47.38 -3.99 105.75
N ASP B 33 -46.53 -4.81 106.37
CA ASP B 33 -45.71 -5.69 105.54
C ASP B 33 -46.61 -6.72 104.85
N GLU B 34 -47.66 -7.19 105.54
CA GLU B 34 -48.62 -8.07 104.89
C GLU B 34 -49.28 -7.39 103.70
N PHE B 35 -49.57 -6.10 103.81
CA PHE B 35 -50.26 -5.38 102.74
C PHE B 35 -49.36 -5.17 101.54
N ILE B 36 -48.12 -4.74 101.76
CA ILE B 36 -47.19 -4.61 100.63
C ILE B 36 -46.88 -5.97 100.03
N LYS B 37 -47.03 -7.04 100.81
CA LYS B 37 -46.92 -8.38 100.23
C LYS B 37 -47.96 -8.63 99.15
N THR B 38 -49.06 -7.88 99.15
CA THR B 38 -50.12 -8.02 98.17
C THR B 38 -50.16 -6.90 97.14
N LEU B 39 -49.67 -5.71 97.49
CA LEU B 39 -49.73 -4.59 96.55
C LEU B 39 -48.83 -4.87 95.34
N PRO B 40 -49.14 -4.29 94.18
CA PRO B 40 -48.26 -4.42 93.02
C PRO B 40 -47.14 -3.38 93.06
N GLU B 41 -46.20 -3.53 92.14
CA GLU B 41 -45.11 -2.58 92.03
C GLU B 41 -45.58 -1.30 91.34
N PRO B 42 -44.88 -0.17 91.53
CA PRO B 42 -45.24 1.04 90.79
C PRO B 42 -45.21 0.82 89.29
N THR B 43 -46.16 1.44 88.59
CA THR B 43 -46.28 1.33 87.13
C THR B 43 -45.69 2.52 86.39
N GLU B 44 -44.94 3.38 87.09
CA GLU B 44 -44.36 4.58 86.47
C GLU B 44 -45.44 5.50 85.92
N GLY B 45 -46.32 5.94 86.83
CA GLY B 45 -47.45 6.77 86.47
C GLY B 45 -48.74 6.33 87.13
N PHE B 46 -48.74 5.14 87.73
CA PHE B 46 -49.94 4.59 88.38
C PHE B 46 -51.09 4.49 87.39
N ALA B 47 -50.77 4.13 86.15
CA ALA B 47 -51.76 3.95 85.10
C ALA B 47 -52.16 2.49 84.91
N GLY B 48 -51.74 1.60 85.82
CA GLY B 48 -52.09 0.20 85.72
C GLY B 48 -53.51 -0.07 86.16
N ASP B 49 -53.73 -1.21 86.81
CA ASP B 49 -55.04 -1.61 87.29
C ASP B 49 -55.14 -1.56 88.81
N ASP B 50 -54.25 -2.25 89.51
CA ASP B 50 -54.24 -2.30 90.98
C ASP B 50 -53.28 -1.31 91.61
N GLU B 51 -52.62 -0.48 90.81
CA GLU B 51 -51.69 0.50 91.35
C GLU B 51 -52.46 1.75 91.79
N PRO B 52 -52.45 2.12 93.08
CA PRO B 52 -53.13 3.36 93.47
C PRO B 52 -52.44 4.57 92.86
N SER B 53 -53.26 5.57 92.51
CA SER B 53 -52.77 6.80 91.89
C SER B 53 -52.84 8.01 92.81
N SER B 54 -53.25 7.83 94.06
CA SER B 54 -53.31 8.91 95.03
C SER B 54 -52.97 8.38 96.41
N PRO B 55 -52.47 9.23 97.32
CA PRO B 55 -52.18 8.74 98.68
C PRO B 55 -53.42 8.20 99.37
N ALA B 56 -54.57 8.83 99.16
CA ALA B 56 -55.80 8.34 99.77
C ALA B 56 -56.32 7.12 99.05
N GLU B 57 -56.02 6.98 97.75
CA GLU B 57 -56.29 5.71 97.07
C GLU B 57 -55.49 4.59 97.73
N LEU B 58 -54.23 4.84 98.04
CA LEU B 58 -53.41 3.87 98.75
C LEU B 58 -53.99 3.56 100.12
N TYR B 59 -54.44 4.59 100.84
CA TYR B 59 -55.07 4.38 102.14
C TYR B 59 -56.31 3.51 102.00
N GLY B 60 -57.09 3.72 100.95
CA GLY B 60 -58.25 2.88 100.71
C GLY B 60 -57.87 1.44 100.44
N LYS B 61 -56.81 1.22 99.67
CA LYS B 61 -56.36 -0.15 99.43
C LYS B 61 -55.91 -0.80 100.73
N PHE B 62 -55.22 -0.05 101.58
CA PHE B 62 -54.74 -0.59 102.86
C PHE B 62 -55.92 -0.95 103.77
N ILE B 63 -56.90 -0.06 103.88
CA ILE B 63 -58.03 -0.31 104.76
C ILE B 63 -58.89 -1.44 104.19
N GLY B 64 -58.98 -1.54 102.86
CA GLY B 64 -59.69 -2.64 102.25
C GLY B 64 -59.02 -3.98 102.52
N PHE B 65 -57.68 -4.00 102.50
CA PHE B 65 -56.97 -5.20 102.92
C PHE B 65 -57.39 -5.56 104.34
N ILE B 66 -57.30 -4.60 105.27
CA ILE B 66 -57.61 -4.94 106.66
C ILE B 66 -59.06 -5.36 106.82
N SER B 67 -59.95 -4.92 105.93
CA SER B 67 -61.35 -5.31 106.00
C SER B 67 -61.57 -6.80 105.76
N ASN B 68 -60.59 -7.52 105.23
CA ASN B 68 -60.74 -8.95 105.01
C ASN B 68 -60.67 -9.71 106.33
N GLN B 73 -58.85 -3.00 115.63
CA GLN B 73 -58.37 -1.79 116.31
C GLN B 73 -57.63 -0.88 115.34
N ILE B 74 -56.84 -1.48 114.45
CA ILE B 74 -56.07 -0.69 113.49
C ILE B 74 -56.97 -0.22 112.36
N VAL B 75 -58.00 -1.00 112.02
CA VAL B 75 -58.91 -0.60 110.96
C VAL B 75 -59.66 0.66 111.35
N GLU B 76 -60.05 0.77 112.63
CA GLU B 76 -60.71 1.99 113.09
C GLU B 76 -59.78 3.18 113.03
N LEU B 77 -58.52 3.00 113.41
CA LEU B 77 -57.56 4.09 113.35
C LEU B 77 -57.36 4.56 111.91
N SER B 78 -57.20 3.62 110.99
CA SER B 78 -57.02 3.99 109.59
C SER B 78 -58.27 4.67 109.03
N LEU B 79 -59.45 4.17 109.41
CA LEU B 79 -60.70 4.81 109.01
C LEU B 79 -60.73 6.26 109.46
N LYS B 80 -60.46 6.49 110.75
CA LYS B 80 -60.55 7.83 111.30
C LYS B 80 -59.52 8.75 110.67
N ASP B 81 -58.30 8.26 110.48
CA ASP B 81 -57.26 9.07 109.85
C ASP B 81 -57.62 9.43 108.43
N PHE B 82 -58.12 8.46 107.65
CA PHE B 82 -58.52 8.72 106.27
C PHE B 82 -59.64 9.74 106.22
N GLU B 83 -60.66 9.58 107.08
CA GLU B 83 -61.77 10.51 107.08
C GLU B 83 -61.33 11.91 107.45
N SER B 84 -60.48 12.04 108.48
CA SER B 84 -60.01 13.36 108.89
C SER B 84 -59.15 14.00 107.81
N ARG B 85 -58.26 13.23 107.19
CA ARG B 85 -57.32 13.80 106.24
C ARG B 85 -58.00 14.22 104.95
N PHE B 86 -58.85 13.36 104.39
CA PHE B 86 -59.35 13.54 103.04
C PHE B 86 -60.85 13.85 102.98
N LEU B 87 -61.67 13.14 103.76
CA LEU B 87 -63.11 13.39 103.77
C LEU B 87 -63.39 14.52 104.76
N ASP B 88 -63.13 15.74 104.31
CA ASP B 88 -63.37 16.92 105.14
C ASP B 88 -64.86 17.17 105.25
N ASN B 89 -65.49 16.61 106.29
CA ASN B 89 -66.92 16.65 106.54
C ASN B 89 -67.72 15.75 105.61
N ASN B 90 -67.08 15.13 104.61
CA ASN B 90 -67.73 14.26 103.64
C ASN B 90 -67.53 12.79 104.01
N ASN B 91 -67.55 12.47 105.30
CA ASN B 91 -67.28 11.11 105.76
C ASN B 91 -68.22 10.12 105.09
N ASP B 92 -69.52 10.40 105.13
CA ASP B 92 -70.49 9.58 104.40
C ASP B 92 -70.44 9.82 102.89
N ASN B 93 -69.90 10.96 102.46
CA ASN B 93 -69.85 11.31 101.04
C ASN B 93 -68.50 10.94 100.44
N ILE B 94 -68.22 9.64 100.44
CA ILE B 94 -67.02 9.13 99.77
C ILE B 94 -67.16 9.27 98.26
N HIS B 95 -68.39 9.27 97.75
CA HIS B 95 -68.59 9.46 96.31
C HIS B 95 -68.09 10.83 95.86
N SER B 96 -68.35 11.86 96.67
CA SER B 96 -67.85 13.19 96.38
C SER B 96 -66.33 13.19 96.27
N PHE B 97 -65.66 12.49 97.20
CA PHE B 97 -64.20 12.39 97.15
C PHE B 97 -63.77 11.64 95.89
N ALA B 98 -64.45 10.56 95.55
CA ALA B 98 -64.08 9.79 94.37
C ALA B 98 -64.14 10.63 93.12
N VAL B 99 -65.20 11.44 92.98
CA VAL B 99 -65.30 12.27 91.78
C VAL B 99 -64.41 13.50 91.87
N LYS B 100 -64.05 13.95 93.07
CA LYS B 100 -63.01 14.96 93.20
C LYS B 100 -61.69 14.42 92.65
N LEU B 101 -61.38 13.16 92.95
CA LEU B 101 -60.21 12.54 92.37
C LEU B 101 -60.33 12.45 90.85
N LEU B 102 -61.51 12.05 90.36
CA LEU B 102 -61.70 11.91 88.92
C LEU B 102 -61.50 13.26 88.21
N ASP B 103 -62.06 14.33 88.76
CA ASP B 103 -61.98 15.63 88.11
C ASP B 103 -60.59 16.24 88.24
N ASP B 104 -59.98 16.14 89.42
CA ASP B 104 -58.67 16.76 89.67
C ASP B 104 -57.53 15.77 89.46
N GLU B 105 -57.56 14.65 90.16
CA GLU B 105 -56.50 13.65 90.07
C GLU B 105 -56.68 12.78 88.84
N ILE B 111 -58.94 5.93 86.98
CA ILE B 111 -60.19 6.41 86.43
C ILE B 111 -61.35 5.93 87.34
N ALA B 112 -62.54 5.74 86.75
CA ALA B 112 -63.70 5.36 87.52
C ALA B 112 -63.49 4.02 88.22
N LYS B 113 -62.63 3.16 87.67
CA LYS B 113 -62.36 1.88 88.32
C LYS B 113 -61.74 2.08 89.70
N VAL B 114 -60.68 2.89 89.78
CA VAL B 114 -60.04 3.11 91.08
C VAL B 114 -60.93 3.96 91.98
N LYS B 115 -61.69 4.90 91.42
CA LYS B 115 -62.64 5.65 92.25
C LYS B 115 -63.66 4.72 92.90
N GLU B 116 -64.20 3.81 92.12
CA GLU B 116 -65.17 2.86 92.65
C GLU B 116 -64.49 1.89 93.63
N ASN B 117 -63.20 1.61 93.42
CA ASN B 117 -62.46 0.76 94.35
C ASN B 117 -62.29 1.43 95.71
N ILE B 118 -61.92 2.72 95.73
CA ILE B 118 -61.81 3.41 97.02
C ILE B 118 -63.17 3.48 97.69
N VAL B 119 -64.23 3.70 96.91
CA VAL B 119 -65.58 3.70 97.49
C VAL B 119 -65.87 2.35 98.14
N LYS B 120 -65.58 1.25 97.44
CA LYS B 120 -65.84 -0.08 97.96
C LYS B 120 -65.05 -0.32 99.23
N ASN B 121 -63.76 0.03 99.24
CA ASN B 121 -62.93 -0.24 100.39
C ASN B 121 -63.41 0.56 101.61
N TYR B 122 -63.75 1.83 101.40
CA TYR B 122 -64.26 2.63 102.51
C TYR B 122 -65.54 2.01 103.06
N TYR B 123 -66.45 1.58 102.20
CA TYR B 123 -67.69 1.01 102.71
C TYR B 123 -67.44 -0.32 103.40
N LYS B 124 -66.46 -1.08 102.94
CA LYS B 124 -66.07 -2.30 103.65
C LYS B 124 -65.58 -1.97 105.05
N ALA B 125 -64.85 -0.86 105.18
CA ALA B 125 -64.30 -0.52 106.50
C ALA B 125 -65.36 0.01 107.46
N VAL B 126 -66.35 0.78 106.97
CA VAL B 126 -67.24 1.49 107.89
C VAL B 126 -68.03 0.50 108.74
N LYS B 127 -68.36 0.94 109.96
CA LYS B 127 -69.30 0.24 110.83
C LYS B 127 -70.72 0.56 110.37
N SER B 128 -71.71 0.29 111.22
CA SER B 128 -73.09 0.63 110.90
C SER B 128 -73.21 2.12 110.57
N ILE B 129 -73.87 2.41 109.46
CA ILE B 129 -73.96 3.76 108.93
C ILE B 129 -75.32 4.40 109.28
N ASN B 130 -75.95 3.96 110.36
CA ASN B 130 -77.25 4.51 110.78
C ASN B 130 -77.03 5.88 111.42
N LYS B 131 -76.69 6.85 110.56
CA LYS B 131 -76.49 8.24 110.98
C LYS B 131 -76.99 9.14 109.86
N VAL B 132 -77.85 10.10 110.21
CA VAL B 132 -78.46 10.99 109.23
C VAL B 132 -77.37 11.88 108.65
N GLU B 133 -77.08 11.71 107.36
CA GLU B 133 -76.08 12.51 106.69
C GLU B 133 -76.62 13.89 106.34
N SER B 134 -75.80 14.91 106.55
CA SER B 134 -76.19 16.29 106.24
C SER B 134 -75.92 16.58 104.77
N ASN B 135 -76.83 16.09 103.93
CA ASN B 135 -76.73 16.28 102.49
C ASN B 135 -77.36 17.60 102.08
N LEU B 136 -76.99 18.69 102.75
CA LEU B 136 -77.66 19.97 102.58
C LEU B 136 -79.15 19.81 102.90
N LEU B 137 -79.44 19.24 104.07
CA LEU B 137 -80.79 18.88 104.46
C LEU B 137 -81.41 17.88 103.50
N TYR B 138 -80.59 16.99 102.96
CA TYR B 138 -80.95 16.10 101.87
C TYR B 138 -81.65 16.88 100.74
N HIS B 139 -80.87 17.79 100.16
CA HIS B 139 -81.33 18.62 99.05
C HIS B 139 -82.56 19.44 99.45
N CYS B 140 -82.52 20.00 100.66
CA CYS B 140 -83.58 20.88 101.17
C CYS B 140 -84.92 20.15 101.23
N LYS B 141 -84.95 19.11 102.05
CA LYS B 141 -86.17 18.33 102.28
C LYS B 141 -86.66 17.69 101.00
N LYS B 145 -88.22 20.17 95.92
CA LYS B 145 -89.08 19.01 96.07
C LYS B 145 -88.41 17.76 95.52
N LEU B 146 -88.32 16.74 96.38
CA LEU B 146 -87.59 15.53 96.05
C LEU B 146 -88.49 14.58 95.28
N VAL B 147 -87.99 14.02 94.18
CA VAL B 147 -88.80 13.12 93.34
C VAL B 147 -87.94 11.93 92.92
N ALA B 148 -88.54 10.74 92.93
CA ALA B 148 -87.83 9.51 92.59
C ALA B 148 -88.43 8.88 91.34
N ILE B 149 -87.71 8.97 90.22
CA ILE B 149 -88.10 8.30 89.00
C ILE B 149 -87.28 7.03 88.85
N PHE B 150 -87.89 6.00 88.26
CA PHE B 150 -87.25 4.72 88.03
C PHE B 150 -87.23 4.44 86.54
N GLY B 151 -86.08 4.00 86.05
CA GLY B 151 -85.93 3.72 84.65
C GLY B 151 -86.66 2.46 84.23
N GLY B 152 -86.65 2.22 82.92
CA GLY B 152 -87.35 1.09 82.35
C GLY B 152 -86.47 0.15 81.55
N GLN B 153 -87.10 -0.66 80.72
CA GLN B 153 -86.41 -1.62 79.88
C GLN B 153 -85.93 -0.95 78.59
N GLY B 154 -84.76 -1.39 78.12
CA GLY B 154 -84.19 -0.84 76.91
C GLY B 154 -83.37 0.41 77.09
N ASN B 155 -83.10 0.83 78.33
CA ASN B 155 -82.29 2.04 78.55
C ASN B 155 -80.85 1.82 78.10
N THR B 156 -80.31 0.63 78.28
CA THR B 156 -78.95 0.32 77.88
C THR B 156 -78.88 -1.13 77.41
N ASP B 157 -77.86 -1.43 76.61
CA ASP B 157 -77.67 -2.77 76.10
C ASP B 157 -76.96 -3.66 77.11
N ASP B 158 -75.82 -3.20 77.62
CA ASP B 158 -75.01 -3.98 78.56
C ASP B 158 -75.38 -3.61 80.00
N TYR B 159 -76.66 -3.85 80.31
CA TYR B 159 -77.20 -3.45 81.61
C TYR B 159 -76.65 -4.30 82.75
N PHE B 160 -76.29 -5.56 82.47
CA PHE B 160 -75.92 -6.47 83.56
C PHE B 160 -74.61 -6.06 84.23
N GLU B 161 -73.69 -5.45 83.48
CA GLU B 161 -72.45 -4.99 84.10
C GLU B 161 -72.72 -3.91 85.14
N GLU B 162 -73.82 -3.17 84.99
CA GLU B 162 -74.21 -2.21 86.03
C GLU B 162 -74.43 -2.92 87.36
N LEU B 163 -75.24 -3.99 87.35
CA LEU B 163 -75.44 -4.76 88.57
C LEU B 163 -74.17 -5.45 89.01
N ARG B 164 -73.30 -5.83 88.07
CA ARG B 164 -72.03 -6.43 88.45
C ARG B 164 -71.21 -5.48 89.31
N GLU B 165 -71.01 -4.25 88.81
CA GLU B 165 -70.26 -3.27 89.59
C GLU B 165 -70.99 -2.95 90.89
N LEU B 166 -72.32 -2.87 90.83
CA LEU B 166 -73.10 -2.59 92.03
C LEU B 166 -72.84 -3.63 93.12
N TYR B 167 -72.90 -4.91 92.75
CA TYR B 167 -72.65 -5.99 93.72
C TYR B 167 -71.20 -6.00 94.18
N THR B 168 -70.26 -5.84 93.26
CA THR B 168 -68.85 -5.93 93.62
C THR B 168 -68.45 -4.81 94.57
N LEU B 169 -69.01 -3.62 94.38
CA LEU B 169 -68.53 -2.41 95.04
C LEU B 169 -69.36 -2.00 96.25
N TYR B 170 -70.65 -2.32 96.27
CA TYR B 170 -71.54 -1.99 97.38
C TYR B 170 -72.02 -3.25 98.07
N GLN B 171 -71.08 -4.17 98.33
CA GLN B 171 -71.43 -5.48 98.87
C GLN B 171 -72.18 -5.36 100.20
N GLY B 172 -71.66 -4.55 101.12
CA GLY B 172 -72.26 -4.50 102.44
C GLY B 172 -73.65 -3.93 102.48
N LEU B 173 -74.06 -3.19 101.46
CA LEU B 173 -75.34 -2.50 101.46
C LEU B 173 -76.45 -3.26 100.75
N ILE B 174 -76.13 -4.02 99.71
CA ILE B 174 -77.14 -4.65 98.87
C ILE B 174 -76.85 -6.13 98.64
N GLU B 175 -75.85 -6.69 99.31
CA GLU B 175 -75.65 -8.14 99.23
C GLU B 175 -76.83 -8.88 99.83
N ASP B 176 -77.34 -8.39 100.98
CA ASP B 176 -78.52 -8.99 101.56
C ASP B 176 -79.67 -8.92 100.58
N LEU B 177 -79.84 -7.77 99.92
CA LEU B 177 -80.94 -7.61 98.98
C LEU B 177 -80.80 -8.59 97.81
N LEU B 178 -79.61 -8.70 97.21
CA LEU B 178 -79.44 -9.62 96.09
C LEU B 178 -79.64 -11.07 96.52
N VAL B 179 -79.16 -11.43 97.71
CA VAL B 179 -79.38 -12.79 98.20
C VAL B 179 -80.88 -13.05 98.34
N SER B 180 -81.60 -12.09 98.91
CA SER B 180 -83.04 -12.23 99.03
C SER B 180 -83.69 -12.38 97.66
N ILE B 181 -83.24 -11.60 96.68
CA ILE B 181 -83.86 -11.66 95.36
C ILE B 181 -83.58 -13.01 94.72
N ALA B 182 -82.37 -13.52 94.90
CA ALA B 182 -82.00 -14.81 94.31
C ALA B 182 -82.88 -15.93 94.88
N GLU B 183 -83.03 -15.98 96.20
CA GLU B 183 -83.97 -16.96 96.77
C GLU B 183 -85.40 -16.72 96.28
N LYS B 184 -85.82 -15.45 96.19
CA LYS B 184 -87.18 -15.17 95.77
C LYS B 184 -87.45 -15.67 94.36
N LEU B 185 -86.50 -15.46 93.45
CA LEU B 185 -86.69 -15.87 92.07
C LEU B 185 -86.58 -17.38 91.90
N ASN B 186 -85.60 -18.00 92.57
CA ASN B 186 -85.49 -19.45 92.51
C ASN B 186 -86.66 -20.15 93.16
N GLN B 187 -87.37 -19.47 94.07
CA GLN B 187 -88.62 -19.98 94.62
C GLN B 187 -89.82 -19.62 93.75
N LEU B 188 -89.72 -18.55 92.97
CA LEU B 188 -90.80 -18.15 92.08
C LEU B 188 -90.92 -19.07 90.88
N HIS B 189 -89.79 -19.57 90.38
CA HIS B 189 -89.84 -20.48 89.23
C HIS B 189 -90.66 -21.73 89.50
N PRO B 190 -90.53 -22.42 90.64
CA PRO B 190 -91.46 -23.52 90.95
C PRO B 190 -92.92 -23.11 90.99
N SER B 191 -93.22 -21.83 91.23
CA SER B 191 -94.62 -21.41 91.36
C SER B 191 -95.42 -21.77 90.13
N PHE B 192 -94.92 -21.40 88.95
CA PHE B 192 -95.57 -21.75 87.68
C PHE B 192 -94.70 -22.63 86.81
N ASP B 193 -93.49 -22.18 86.44
CA ASP B 193 -92.78 -22.81 85.34
C ASP B 193 -91.46 -22.05 85.15
N LYS B 194 -90.51 -22.70 84.50
CA LYS B 194 -89.22 -22.10 84.16
C LYS B 194 -89.09 -22.03 82.65
N ILE B 195 -89.12 -20.81 82.10
CA ILE B 195 -88.68 -20.58 80.72
C ILE B 195 -87.16 -20.49 80.63
N TYR B 196 -86.47 -20.57 81.76
CA TYR B 196 -85.09 -20.10 81.89
C TYR B 196 -84.17 -21.26 81.52
N THR B 197 -83.73 -21.28 80.26
CA THR B 197 -82.85 -22.34 79.78
C THR B 197 -81.54 -22.38 80.57
N GLN B 198 -81.12 -21.26 81.15
CA GLN B 198 -79.87 -21.17 81.89
C GLN B 198 -80.08 -20.69 83.32
N GLY B 199 -81.31 -20.77 83.84
CA GLY B 199 -81.58 -20.40 85.22
C GLY B 199 -81.66 -18.90 85.41
N LEU B 200 -81.87 -18.51 86.68
CA LEU B 200 -81.90 -17.11 87.06
C LEU B 200 -81.13 -16.87 88.36
N ASN B 201 -80.22 -17.76 88.74
CA ASN B 201 -79.42 -17.54 89.94
C ASN B 201 -78.48 -16.36 89.69
N ILE B 202 -78.82 -15.21 90.26
CA ILE B 202 -78.04 -14.00 89.99
C ILE B 202 -76.73 -14.04 90.77
N LEU B 203 -76.73 -14.63 91.95
CA LEU B 203 -75.52 -14.65 92.77
C LEU B 203 -74.39 -15.41 92.07
N SER B 204 -74.71 -16.58 91.52
CA SER B 204 -73.68 -17.37 90.84
C SER B 204 -73.11 -16.63 89.64
N TRP B 205 -73.98 -15.98 88.86
CA TRP B 205 -73.52 -15.21 87.73
C TRP B 205 -72.60 -14.08 88.18
N LEU B 206 -72.98 -13.39 89.26
CA LEU B 206 -72.18 -12.24 89.71
C LEU B 206 -70.83 -12.68 90.23
N LYS B 207 -70.78 -13.71 91.08
CA LYS B 207 -69.52 -14.08 91.71
C LYS B 207 -68.62 -14.88 90.78
N HIS B 208 -69.20 -15.58 89.79
CA HIS B 208 -68.44 -16.34 88.81
C HIS B 208 -68.66 -15.76 87.42
N PRO B 209 -67.73 -14.94 86.90
CA PRO B 209 -67.96 -14.34 85.58
C PRO B 209 -68.07 -15.36 84.45
N GLU B 210 -67.59 -16.59 84.64
CA GLU B 210 -67.72 -17.60 83.58
C GLU B 210 -69.12 -18.18 83.52
N THR B 211 -69.80 -18.30 84.67
CA THR B 211 -71.11 -18.95 84.72
C THR B 211 -72.20 -18.12 84.04
N THR B 212 -72.00 -16.82 83.86
CA THR B 212 -73.07 -15.99 83.30
C THR B 212 -73.35 -16.40 81.86
N PRO B 213 -74.60 -16.42 81.42
CA PRO B 213 -74.84 -16.55 79.97
C PRO B 213 -74.55 -15.29 79.21
N ASP B 214 -74.84 -15.30 77.91
CA ASP B 214 -74.52 -14.18 77.04
C ASP B 214 -75.51 -13.04 77.23
N GLN B 215 -75.16 -11.90 76.64
CA GLN B 215 -75.97 -10.69 76.80
C GLN B 215 -77.38 -10.87 76.23
N ASP B 216 -77.54 -11.70 75.19
CA ASP B 216 -78.87 -11.93 74.65
C ASP B 216 -79.77 -12.60 75.68
N TYR B 217 -79.29 -13.68 76.32
CA TYR B 217 -80.08 -14.35 77.33
C TYR B 217 -80.30 -13.45 78.54
N LEU B 218 -79.29 -12.67 78.93
CA LEU B 218 -79.48 -11.74 80.03
C LEU B 218 -80.54 -10.70 79.69
N LEU B 219 -80.57 -10.25 78.44
CA LEU B 219 -81.52 -9.24 77.99
C LEU B 219 -82.91 -9.80 77.75
N SER B 220 -83.07 -11.12 77.66
CA SER B 220 -84.39 -11.71 77.54
C SER B 220 -85.26 -11.27 78.72
N VAL B 221 -86.50 -10.91 78.41
CA VAL B 221 -87.30 -10.11 79.35
C VAL B 221 -87.57 -10.85 80.67
N PRO B 222 -87.94 -12.13 80.69
CA PRO B 222 -88.17 -12.79 81.99
C PRO B 222 -86.96 -12.76 82.89
N VAL B 223 -85.76 -12.79 82.31
CA VAL B 223 -84.54 -12.58 83.08
C VAL B 223 -84.38 -11.10 83.44
N SER B 224 -84.41 -10.24 82.42
CA SER B 224 -83.94 -8.87 82.59
C SER B 224 -84.85 -8.06 83.51
N CYS B 225 -86.15 -8.32 83.48
CA CYS B 225 -87.06 -7.53 84.31
C CYS B 225 -86.74 -7.66 85.80
N PRO B 226 -86.60 -8.87 86.36
CA PRO B 226 -86.12 -8.98 87.74
C PRO B 226 -84.78 -8.31 87.98
N VAL B 227 -83.84 -8.39 87.03
CA VAL B 227 -82.52 -7.80 87.26
C VAL B 227 -82.59 -6.28 87.23
N ILE B 228 -83.44 -5.72 86.37
CA ILE B 228 -83.61 -4.27 86.37
C ILE B 228 -84.28 -3.82 87.67
N CYS B 229 -85.24 -4.59 88.16
CA CYS B 229 -85.79 -4.34 89.48
C CYS B 229 -84.71 -4.40 90.54
N VAL B 230 -83.79 -5.35 90.41
CA VAL B 230 -82.68 -5.48 91.35
C VAL B 230 -81.84 -4.21 91.34
N ILE B 231 -81.53 -3.71 90.15
CA ILE B 231 -80.69 -2.51 90.05
C ILE B 231 -81.40 -1.33 90.70
N GLN B 232 -82.69 -1.15 90.42
CA GLN B 232 -83.43 -0.03 91.00
C GLN B 232 -83.49 -0.14 92.52
N LEU B 233 -83.86 -1.32 93.03
CA LEU B 233 -83.96 -1.51 94.47
C LEU B 233 -82.60 -1.38 95.14
N CYS B 234 -81.53 -1.79 94.46
CA CYS B 234 -80.20 -1.63 95.00
C CYS B 234 -79.82 -0.16 95.14
N HIS B 235 -80.12 0.63 94.11
CA HIS B 235 -79.79 2.04 94.19
C HIS B 235 -80.60 2.72 95.28
N TYR B 236 -81.88 2.33 95.43
CA TYR B 236 -82.67 2.86 96.54
C TYR B 236 -82.10 2.45 97.89
N THR B 237 -81.70 1.18 98.02
CA THR B 237 -81.14 0.69 99.28
C THR B 237 -79.85 1.42 99.61
N ILE B 238 -79.01 1.67 98.62
CA ILE B 238 -77.78 2.42 98.83
C ILE B 238 -78.11 3.84 99.28
N THR B 239 -79.06 4.50 98.59
CA THR B 239 -79.43 5.85 98.98
C THR B 239 -79.99 5.90 100.39
N CYS B 240 -80.59 4.80 100.85
CA CYS B 240 -81.01 4.73 102.25
C CYS B 240 -79.82 4.57 103.18
N LYS B 241 -79.06 3.49 103.00
CA LYS B 241 -78.05 3.09 103.97
C LYS B 241 -76.94 4.11 104.08
N VAL B 242 -76.52 4.69 102.95
CA VAL B 242 -75.41 5.65 102.97
C VAL B 242 -75.77 6.86 103.83
N LEU B 243 -76.95 7.42 103.62
CA LEU B 243 -77.41 8.54 104.43
C LEU B 243 -77.91 8.09 105.80
N GLY B 244 -77.95 6.79 106.07
CA GLY B 244 -78.46 6.32 107.35
C GLY B 244 -79.95 6.53 107.48
N LEU B 245 -80.65 6.65 106.36
CA LEU B 245 -82.07 6.91 106.33
C LEU B 245 -82.80 5.61 106.08
N THR B 246 -83.70 5.24 106.99
CA THR B 246 -84.57 4.11 106.74
C THR B 246 -85.46 4.44 105.54
N PRO B 247 -85.89 3.43 104.77
CA PRO B 247 -86.88 3.74 103.71
C PRO B 247 -88.13 4.40 104.27
N GLY B 248 -88.51 4.03 105.50
CA GLY B 248 -89.69 4.60 106.12
C GLY B 248 -89.72 6.12 106.11
N GLU B 249 -88.54 6.74 106.13
CA GLU B 249 -88.41 8.19 106.18
C GLU B 249 -87.80 8.78 104.90
N PHE B 250 -86.94 8.03 104.20
CA PHE B 250 -86.47 8.47 102.90
C PHE B 250 -87.66 8.67 101.96
N ARG B 251 -88.56 7.69 101.90
CA ARG B 251 -89.72 7.84 101.03
C ARG B 251 -90.54 9.07 101.44
N ASN B 252 -90.66 9.33 102.74
CA ASN B 252 -91.36 10.53 103.20
C ASN B 252 -90.68 11.79 102.68
N SER B 253 -89.34 11.77 102.61
CA SER B 253 -88.63 12.93 102.07
C SER B 253 -88.98 13.20 100.61
N LEU B 254 -89.46 12.19 99.88
CA LEU B 254 -89.77 12.35 98.46
C LEU B 254 -91.14 12.99 98.27
N LYS B 255 -91.22 13.99 97.40
CA LYS B 255 -92.51 14.58 97.05
C LYS B 255 -93.39 13.55 96.34
N TRP B 256 -92.83 12.78 95.42
CA TRP B 256 -93.53 11.68 94.76
C TRP B 256 -92.52 10.82 94.01
N SER B 257 -93.02 9.77 93.37
CA SER B 257 -92.16 8.84 92.66
C SER B 257 -92.94 8.20 91.52
N THR B 258 -92.25 7.90 90.43
CA THR B 258 -92.88 7.16 89.33
C THR B 258 -91.84 6.34 88.57
N GLY B 259 -92.23 5.77 87.44
CA GLY B 259 -91.33 4.96 86.67
C GLY B 259 -91.68 4.92 85.20
N HIS B 260 -90.73 4.41 84.42
CA HIS B 260 -90.86 4.26 82.98
C HIS B 260 -91.68 3.00 82.70
N SER B 261 -91.61 2.53 81.46
CA SER B 261 -92.26 1.30 81.00
C SER B 261 -92.21 0.16 82.02
N GLN B 262 -91.08 0.03 82.73
CA GLN B 262 -90.88 -1.05 83.68
C GLN B 262 -90.74 -0.60 85.12
N GLY B 263 -90.20 0.59 85.38
CA GLY B 263 -89.87 1.01 86.73
C GLY B 263 -91.03 1.44 87.59
N LEU B 264 -92.24 1.53 87.03
CA LEU B 264 -93.38 2.03 87.79
C LEU B 264 -93.70 1.12 88.97
N VAL B 265 -93.52 -0.19 88.79
CA VAL B 265 -93.76 -1.12 89.88
C VAL B 265 -92.81 -0.84 91.04
N THR B 266 -91.54 -0.57 90.72
CA THR B 266 -90.60 -0.19 91.76
C THR B 266 -91.00 1.13 92.39
N ALA B 267 -91.56 2.05 91.60
CA ALA B 267 -91.99 3.33 92.16
C ALA B 267 -93.10 3.14 93.19
N VAL B 268 -94.13 2.35 92.84
CA VAL B 268 -95.22 2.13 93.77
C VAL B 268 -94.74 1.33 94.98
N THR B 269 -93.80 0.41 94.78
CA THR B 269 -93.25 -0.33 95.91
C THR B 269 -92.51 0.59 96.86
N ILE B 270 -91.69 1.50 96.33
CA ILE B 270 -90.99 2.46 97.17
C ILE B 270 -91.99 3.38 97.87
N ALA B 271 -93.09 3.70 97.20
CA ALA B 271 -94.16 4.44 97.87
C ALA B 271 -94.77 3.61 99.00
N ALA B 272 -94.72 2.28 98.89
CA ALA B 272 -95.18 1.38 99.94
C ALA B 272 -94.08 1.00 100.93
N SER B 273 -92.90 1.59 100.80
CA SER B 273 -91.77 1.25 101.68
C SER B 273 -92.11 1.49 103.15
N ASP B 274 -91.27 0.92 104.01
CA ASP B 274 -91.41 1.00 105.46
C ASP B 274 -90.04 0.71 106.07
N SER B 275 -90.02 0.38 107.37
CA SER B 275 -88.78 -0.03 108.05
C SER B 275 -88.13 -1.18 107.28
N TRP B 276 -86.84 -1.43 107.53
CA TRP B 276 -86.06 -2.33 106.68
C TRP B 276 -86.69 -3.72 106.56
N ASP B 277 -87.25 -4.23 107.66
CA ASP B 277 -87.87 -5.55 107.63
C ASP B 277 -89.05 -5.57 106.66
N SER B 278 -89.85 -4.51 106.67
CA SER B 278 -90.95 -4.42 105.71
C SER B 278 -90.45 -4.06 104.31
N PHE B 279 -89.30 -3.40 104.22
CA PHE B 279 -88.72 -3.08 102.91
C PHE B 279 -88.32 -4.35 102.18
N LEU B 280 -87.82 -5.35 102.91
CA LEU B 280 -87.50 -6.62 102.26
C LEU B 280 -88.76 -7.27 101.70
N LYS B 281 -89.87 -7.22 102.43
CA LYS B 281 -91.13 -7.75 101.90
C LYS B 281 -91.60 -6.95 100.68
N ASN B 282 -91.44 -5.63 100.73
CA ASN B 282 -91.78 -4.80 99.58
C ASN B 282 -90.96 -5.18 98.36
N SER B 283 -89.66 -5.40 98.57
CA SER B 283 -88.80 -5.83 97.47
C SER B 283 -89.21 -7.19 96.95
N LEU B 284 -89.62 -8.10 97.84
CA LEU B 284 -90.15 -9.38 97.41
C LEU B 284 -91.35 -9.18 96.50
N THR B 285 -92.26 -8.30 96.91
CA THR B 285 -93.47 -8.05 96.11
C THR B 285 -93.10 -7.52 94.72
N ALA B 286 -92.22 -6.52 94.68
CA ALA B 286 -91.84 -5.94 93.40
C ALA B 286 -91.16 -6.96 92.49
N VAL B 287 -90.24 -7.75 93.06
CA VAL B 287 -89.53 -8.76 92.28
C VAL B 287 -90.50 -9.81 91.76
N SER B 288 -91.40 -10.30 92.60
CA SER B 288 -92.33 -11.33 92.16
C SER B 288 -93.22 -10.80 91.06
N LEU B 289 -93.69 -9.56 91.20
CA LEU B 289 -94.54 -8.99 90.17
C LEU B 289 -93.79 -8.84 88.84
N LEU B 290 -92.55 -8.39 88.89
CA LEU B 290 -91.79 -8.24 87.65
C LEU B 290 -91.45 -9.59 87.05
N LEU B 291 -91.19 -10.59 87.89
CA LEU B 291 -90.95 -11.94 87.41
C LEU B 291 -92.17 -12.45 86.65
N PHE B 292 -93.35 -12.26 87.23
CA PHE B 292 -94.57 -12.70 86.56
C PHE B 292 -94.78 -11.93 85.26
N ILE B 293 -94.58 -10.61 85.29
CA ILE B 293 -94.76 -9.81 84.08
C ILE B 293 -93.85 -10.33 82.97
N GLY B 294 -92.56 -10.50 83.28
CA GLY B 294 -91.62 -10.93 82.26
C GLY B 294 -91.93 -12.32 81.73
N SER B 295 -92.17 -13.26 82.64
CA SER B 295 -92.43 -14.64 82.22
C SER B 295 -93.70 -14.73 81.38
N ARG B 296 -94.78 -14.08 81.83
CA ARG B 296 -96.03 -14.13 81.10
C ARG B 296 -95.90 -13.44 79.75
N CYS B 297 -95.21 -12.30 79.70
CA CYS B 297 -95.05 -11.60 78.42
C CYS B 297 -94.25 -12.43 77.44
N LEU B 298 -93.16 -13.06 77.90
CA LEU B 298 -92.38 -13.90 77.00
C LEU B 298 -93.16 -15.12 76.55
N SER B 299 -93.92 -15.74 77.46
CA SER B 299 -94.73 -16.89 77.07
C SER B 299 -95.78 -16.50 76.05
N THR B 300 -96.37 -15.32 76.21
CA THR B 300 -97.42 -14.88 75.29
C THR B 300 -96.84 -14.51 73.93
N TYR B 301 -95.68 -13.84 73.91
CA TYR B 301 -95.01 -13.43 72.67
C TYR B 301 -93.53 -13.79 72.75
N PRO B 302 -93.19 -15.06 72.60
CA PRO B 302 -91.76 -15.43 72.55
C PRO B 302 -91.14 -14.94 71.25
N ARG B 303 -89.99 -14.28 71.36
CA ARG B 303 -89.33 -13.79 70.16
C ARG B 303 -88.76 -14.97 69.36
N THR B 304 -88.78 -14.84 68.05
CA THR B 304 -88.44 -15.92 67.14
C THR B 304 -87.12 -15.61 66.42
N SER B 305 -86.68 -16.56 65.59
CA SER B 305 -85.54 -16.30 64.73
C SER B 305 -85.87 -15.15 63.79
N LEU B 306 -84.84 -14.40 63.42
CA LEU B 306 -85.00 -13.23 62.59
C LEU B 306 -84.28 -13.51 61.27
N PRO B 307 -84.90 -13.34 60.10
CA PRO B 307 -84.22 -13.73 58.85
C PRO B 307 -82.89 -13.00 58.70
N PRO B 308 -81.80 -13.70 58.40
CA PRO B 308 -80.49 -13.02 58.38
C PRO B 308 -80.38 -12.02 57.26
N THR B 309 -81.01 -12.25 56.11
CA THR B 309 -81.00 -11.25 55.06
C THR B 309 -81.66 -9.96 55.53
N MET B 310 -82.71 -10.08 56.35
CA MET B 310 -83.41 -8.90 56.82
C MET B 310 -82.53 -8.08 57.78
N LEU B 311 -81.91 -8.73 58.77
CA LEU B 311 -81.05 -7.99 59.66
C LEU B 311 -79.80 -7.49 58.95
N GLN B 312 -79.33 -8.21 57.93
CA GLN B 312 -78.20 -7.73 57.15
C GLN B 312 -78.57 -6.46 56.39
N ASP B 313 -79.76 -6.44 55.79
CA ASP B 313 -80.23 -5.23 55.12
C ASP B 313 -80.37 -4.08 56.12
N SER B 314 -80.91 -4.37 57.30
CA SER B 314 -81.00 -3.32 58.32
C SER B 314 -79.62 -2.82 58.71
N LEU B 315 -78.67 -3.73 58.89
CA LEU B 315 -77.34 -3.36 59.39
C LEU B 315 -76.56 -2.55 58.37
N ASP B 316 -76.67 -2.89 57.09
CA ASP B 316 -75.86 -2.24 56.06
C ASP B 316 -76.40 -0.86 55.66
N ASN B 317 -77.45 -0.36 56.32
CA ASN B 317 -77.95 0.99 56.12
C ASN B 317 -77.88 1.79 57.42
N GLY B 318 -76.79 1.61 58.17
CA GLY B 318 -76.58 2.39 59.38
C GLY B 318 -77.64 2.18 60.44
N GLU B 319 -78.03 0.93 60.67
CA GLU B 319 -79.07 0.58 61.62
C GLU B 319 -78.58 -0.56 62.51
N GLY B 320 -79.15 -0.64 63.71
CA GLY B 320 -78.80 -1.69 64.64
C GLY B 320 -79.59 -2.96 64.40
N ARG B 321 -79.43 -3.90 65.33
CA ARG B 321 -80.17 -5.15 65.24
C ARG B 321 -81.66 -4.88 65.43
N PRO B 322 -82.54 -5.46 64.62
CA PRO B 322 -83.98 -5.25 64.86
C PRO B 322 -84.41 -5.77 66.22
N SER B 323 -85.34 -5.06 66.84
CA SER B 323 -85.88 -5.39 68.14
C SER B 323 -87.37 -5.13 68.14
N PRO B 324 -88.11 -5.68 69.11
CA PRO B 324 -89.55 -5.41 69.16
C PRO B 324 -89.90 -3.96 69.45
N MET B 325 -88.94 -3.12 69.83
CA MET B 325 -89.16 -1.69 70.05
C MET B 325 -88.21 -0.88 69.19
N LEU B 326 -88.77 0.11 68.49
CA LEU B 326 -88.05 0.99 67.59
C LEU B 326 -88.18 2.42 68.10
N SER B 327 -87.07 3.03 68.49
CA SER B 327 -87.03 4.42 68.91
C SER B 327 -86.83 5.32 67.71
N VAL B 328 -87.67 6.34 67.58
CA VAL B 328 -87.57 7.35 66.54
C VAL B 328 -87.46 8.71 67.21
N ARG B 329 -86.47 9.50 66.79
CA ARG B 329 -86.20 10.81 67.37
C ARG B 329 -86.32 11.88 66.29
N ASP B 330 -86.47 13.12 66.75
CA ASP B 330 -86.54 14.30 65.89
C ASP B 330 -87.82 14.38 65.07
N LEU B 331 -88.84 13.61 65.44
CA LEU B 331 -90.14 13.64 64.76
C LEU B 331 -91.25 13.75 65.78
N SER B 332 -92.34 14.39 65.36
CA SER B 332 -93.49 14.55 66.23
C SER B 332 -94.29 13.25 66.30
N ILE B 333 -95.10 13.15 67.36
CA ILE B 333 -95.96 12.01 67.55
C ILE B 333 -96.94 11.92 66.38
N LYS B 334 -97.38 13.06 65.86
CA LYS B 334 -98.34 13.05 64.76
C LYS B 334 -97.71 12.46 63.49
N GLN B 335 -96.52 12.93 63.12
CA GLN B 335 -95.86 12.41 61.93
C GLN B 335 -95.54 10.93 62.07
N VAL B 336 -94.98 10.56 63.23
CA VAL B 336 -94.70 9.15 63.49
C VAL B 336 -95.98 8.35 63.36
N GLU B 337 -97.05 8.79 64.03
CA GLU B 337 -98.31 8.09 64.00
C GLU B 337 -98.82 7.93 62.58
N LYS B 338 -98.67 8.94 61.73
CA LYS B 338 -99.07 8.78 60.34
C LYS B 338 -98.29 7.66 59.66
N PHE B 339 -96.98 7.60 59.92
CA PHE B 339 -96.20 6.48 59.39
C PHE B 339 -96.73 5.15 59.92
N ILE B 340 -97.15 5.13 61.19
CA ILE B 340 -97.60 3.88 61.78
C ILE B 340 -98.89 3.47 61.09
N GLU B 341 -99.75 4.43 60.81
CA GLU B 341 -101.02 4.13 60.14
C GLU B 341 -100.78 3.57 58.75
N GLN B 342 -99.79 4.11 58.03
CA GLN B 342 -99.43 3.51 56.75
C GLN B 342 -99.00 2.05 56.91
N THR B 343 -98.04 1.81 57.82
CA THR B 343 -97.53 0.46 58.00
C THR B 343 -98.62 -0.50 58.47
N ASN B 344 -99.47 -0.04 59.38
CA ASN B 344 -100.56 -0.88 59.88
C ASN B 344 -101.58 -1.18 58.79
N SER B 345 -101.89 -0.18 57.96
CA SER B 345 -102.81 -0.40 56.85
C SER B 345 -102.26 -1.47 55.90
N HIS B 346 -100.94 -1.49 55.70
CA HIS B 346 -100.33 -2.49 54.85
C HIS B 346 -99.98 -3.79 55.59
N LEU B 347 -100.19 -3.86 56.90
CA LEU B 347 -99.95 -5.07 57.68
C LEU B 347 -101.28 -5.60 58.19
N PRO B 348 -101.35 -6.90 58.54
CA PRO B 348 -102.52 -7.40 59.28
C PRO B 348 -102.53 -6.90 60.72
N ARG B 349 -103.70 -7.01 61.33
CA ARG B 349 -103.90 -6.49 62.69
C ARG B 349 -102.97 -7.17 63.69
N GLU B 350 -102.62 -8.43 63.46
CA GLU B 350 -101.94 -9.22 64.48
C GLU B 350 -100.45 -8.94 64.52
N LYS B 351 -99.91 -8.29 63.49
CA LYS B 351 -98.54 -7.82 63.47
C LYS B 351 -98.49 -6.31 63.27
N HIS B 352 -99.46 -5.60 63.83
CA HIS B 352 -99.55 -4.16 63.73
C HIS B 352 -98.49 -3.48 64.60
N ILE B 353 -98.28 -2.19 64.34
CA ILE B 353 -97.40 -1.34 65.13
C ILE B 353 -98.28 -0.33 65.86
N ALA B 354 -97.96 -0.09 67.14
CA ALA B 354 -98.68 0.88 67.94
C ALA B 354 -97.69 1.73 68.73
N ILE B 355 -98.11 2.93 69.08
CA ILE B 355 -97.30 3.80 69.92
C ILE B 355 -97.09 3.12 71.26
N SER B 356 -95.84 2.75 71.56
CA SER B 356 -95.55 2.11 72.83
C SER B 356 -95.31 3.13 73.93
N LEU B 357 -94.50 4.15 73.65
CA LEU B 357 -94.29 5.19 74.65
C LEU B 357 -93.81 6.47 73.96
N ILE B 358 -94.20 7.60 74.54
CA ILE B 358 -93.85 8.92 74.02
C ILE B 358 -92.88 9.58 74.99
N ASN B 359 -91.58 9.39 74.75
CA ASN B 359 -90.57 9.90 75.67
C ASN B 359 -90.48 11.42 75.63
N GLY B 360 -90.95 12.05 74.55
CA GLY B 360 -90.92 13.50 74.46
C GLY B 360 -91.64 13.92 73.19
N ALA B 361 -91.61 15.23 72.95
CA ALA B 361 -92.20 15.76 71.72
C ALA B 361 -91.49 15.21 70.49
N ARG B 362 -90.17 15.11 70.55
CA ARG B 362 -89.33 14.63 69.46
C ARG B 362 -88.61 13.35 69.86
N ASN B 363 -89.26 12.50 70.64
CA ASN B 363 -88.67 11.23 71.06
C ASN B 363 -89.79 10.24 71.32
N LEU B 364 -89.83 9.16 70.55
CA LEU B 364 -90.90 8.18 70.66
C LEU B 364 -90.30 6.80 70.52
N VAL B 365 -90.99 5.80 71.05
CA VAL B 365 -90.63 4.40 70.84
C VAL B 365 -91.90 3.61 70.55
N LEU B 366 -91.79 2.69 69.60
CA LEU B 366 -92.94 1.98 69.05
C LEU B 366 -92.72 0.48 69.15
N SER B 367 -93.76 -0.23 69.57
CA SER B 367 -93.70 -1.65 69.85
C SER B 367 -94.40 -2.42 68.73
N GLY B 368 -93.98 -3.67 68.57
CA GLY B 368 -94.52 -4.53 67.56
C GLY B 368 -93.52 -5.59 67.18
N PRO B 369 -93.85 -6.44 66.21
CA PRO B 369 -92.91 -7.47 65.79
C PRO B 369 -91.67 -6.84 65.20
N PRO B 370 -90.50 -7.47 65.39
CA PRO B 370 -89.28 -6.91 64.76
C PRO B 370 -89.39 -6.82 63.24
N GLU B 371 -90.07 -7.76 62.58
CA GLU B 371 -90.23 -7.67 61.14
C GLU B 371 -91.09 -6.48 60.75
N SER B 372 -92.19 -6.25 61.47
CA SER B 372 -93.03 -5.09 61.20
C SER B 372 -92.26 -3.80 61.42
N LEU B 373 -91.45 -3.73 62.47
CA LEU B 373 -90.67 -2.53 62.72
C LEU B 373 -89.53 -2.38 61.71
N TYR B 374 -89.05 -3.49 61.14
CA TYR B 374 -88.07 -3.37 60.07
C TYR B 374 -88.70 -2.79 58.81
N GLY B 375 -89.90 -3.25 58.46
CA GLY B 375 -90.60 -2.65 57.35
C GLY B 375 -90.90 -1.18 57.59
N PHE B 376 -91.30 -0.87 58.81
CA PHE B 376 -91.40 0.51 59.26
C PHE B 376 -90.12 1.29 58.98
N ASN B 377 -88.98 0.71 59.38
CA ASN B 377 -87.72 1.44 59.24
C ASN B 377 -87.32 1.56 57.78
N LEU B 378 -87.70 0.59 56.95
CA LEU B 378 -87.51 0.72 55.50
C LEU B 378 -88.27 1.93 54.98
N ASN B 379 -89.54 2.06 55.39
CA ASN B 379 -90.33 3.21 54.96
C ASN B 379 -89.71 4.52 55.44
N LEU B 380 -89.25 4.55 56.69
CA LEU B 380 -88.66 5.77 57.25
C LEU B 380 -87.34 6.11 56.57
N ARG B 381 -86.54 5.10 56.22
CA ARG B 381 -85.31 5.38 55.50
C ARG B 381 -85.60 5.88 54.10
N ASN B 382 -86.65 5.35 53.46
CA ASN B 382 -87.05 5.86 52.15
C ASN B 382 -87.49 7.31 52.24
N GLN B 383 -88.23 7.67 53.28
CA GLN B 383 -88.78 9.03 53.38
C GLN B 383 -87.76 10.03 53.91
N LYS B 384 -86.79 9.59 54.71
CA LYS B 384 -85.84 10.51 55.33
C LYS B 384 -84.71 10.84 54.36
N ALA B 385 -83.78 11.67 54.82
CA ALA B 385 -82.63 12.11 54.07
C ALA B 385 -81.37 11.89 54.91
N PRO B 386 -80.19 11.78 54.28
CA PRO B 386 -78.97 11.56 55.07
C PRO B 386 -78.69 12.66 56.10
N LEU B 389 -77.04 15.95 54.59
CA LEU B 389 -77.40 16.40 53.25
C LEU B 389 -76.94 17.82 52.97
N ASP B 390 -76.60 18.56 54.03
CA ASP B 390 -76.16 19.95 53.91
C ASP B 390 -77.25 20.80 53.25
N GLN B 391 -78.38 20.90 53.92
CA GLN B 391 -79.52 21.67 53.45
C GLN B 391 -79.46 23.14 53.85
N SER B 392 -78.30 23.62 54.30
CA SER B 392 -78.19 25.01 54.72
C SER B 392 -78.49 25.97 53.58
N ARG B 393 -78.27 25.54 52.34
CA ARG B 393 -78.55 26.35 51.15
C ARG B 393 -79.97 26.15 50.63
N VAL B 394 -80.85 25.52 51.41
CA VAL B 394 -82.22 25.23 51.00
C VAL B 394 -83.16 26.00 51.94
N PRO B 395 -84.25 26.60 51.46
CA PRO B 395 -85.16 27.28 52.38
C PRO B 395 -85.74 26.33 53.41
N PHE B 396 -85.94 26.85 54.63
CA PHE B 396 -86.38 26.01 55.74
C PHE B 396 -87.73 25.37 55.48
N SER B 397 -88.63 26.07 54.79
CA SER B 397 -89.97 25.53 54.57
C SER B 397 -89.94 24.28 53.70
N GLU B 398 -88.96 24.17 52.79
CA GLU B 398 -88.85 23.07 51.85
C GLU B 398 -87.68 22.14 52.19
N ARG B 399 -87.27 22.12 53.45
CA ARG B 399 -86.15 21.29 53.89
C ARG B 399 -86.65 19.91 54.33
N LYS B 400 -85.93 18.87 53.92
CA LYS B 400 -86.28 17.52 54.30
C LYS B 400 -86.02 17.30 55.80
N LEU B 401 -86.87 16.48 56.41
CA LEU B 401 -86.78 16.20 57.83
C LEU B 401 -85.68 15.19 58.10
N LYS B 402 -84.90 15.44 59.15
CA LYS B 402 -83.84 14.55 59.60
C LYS B 402 -84.29 13.79 60.84
N CYS B 403 -83.74 12.59 61.02
CA CYS B 403 -84.08 11.79 62.19
C CYS B 403 -83.04 10.69 62.34
N SER B 404 -82.88 10.23 63.58
CA SER B 404 -81.94 9.17 63.94
C SER B 404 -82.73 8.10 64.70
N ASN B 405 -83.27 7.14 63.97
CA ASN B 405 -84.07 6.07 64.54
C ASN B 405 -83.24 4.79 64.67
N ARG B 406 -83.41 4.10 65.79
CA ARG B 406 -82.68 2.87 66.05
C ARG B 406 -83.52 2.00 66.98
N PHE B 407 -83.23 0.70 66.97
CA PHE B 407 -83.96 -0.23 67.81
C PHE B 407 -83.33 -0.29 69.19
N LEU B 408 -84.18 -0.26 70.22
CA LEU B 408 -83.68 -0.32 71.59
C LEU B 408 -83.14 -1.72 71.90
N PRO B 409 -82.25 -1.83 72.89
CA PRO B 409 -81.85 -3.18 73.34
C PRO B 409 -82.93 -3.82 74.20
N ILE B 410 -83.89 -4.48 73.54
CA ILE B 410 -84.99 -5.13 74.24
C ILE B 410 -85.47 -6.31 73.40
N PHE B 411 -86.03 -7.31 74.08
CA PHE B 411 -86.58 -8.51 73.46
C PHE B 411 -88.02 -8.73 73.87
N ALA B 412 -88.82 -7.65 73.87
CA ALA B 412 -90.26 -7.80 74.07
C ALA B 412 -90.98 -6.52 73.62
N PRO B 413 -92.16 -6.63 72.96
CA PRO B 413 -92.90 -5.40 72.60
C PRO B 413 -93.83 -4.91 73.71
N PHE B 414 -93.25 -4.21 74.69
CA PHE B 414 -94.04 -3.69 75.80
C PHE B 414 -94.95 -2.57 75.33
N HIS B 415 -96.10 -2.45 76.00
CA HIS B 415 -97.11 -1.46 75.66
C HIS B 415 -97.62 -1.67 74.22
N SER B 416 -98.12 -2.88 73.98
CA SER B 416 -98.65 -3.23 72.68
C SER B 416 -99.72 -4.30 72.85
N HIS B 417 -100.53 -4.46 71.81
CA HIS B 417 -101.59 -5.47 71.82
C HIS B 417 -101.04 -6.88 71.87
N LEU B 418 -99.77 -7.09 71.51
CA LEU B 418 -99.23 -8.44 71.50
C LEU B 418 -99.22 -9.04 72.89
N LEU B 419 -98.90 -8.25 73.91
CA LEU B 419 -98.88 -8.70 75.30
C LEU B 419 -100.21 -8.43 76.01
N ALA B 420 -101.22 -7.94 75.31
CA ALA B 420 -102.50 -7.67 75.95
C ALA B 420 -103.15 -8.94 76.48
N ASP B 421 -103.03 -10.04 75.75
CA ASP B 421 -103.59 -11.30 76.23
C ASP B 421 -102.80 -11.88 77.39
N ALA B 422 -101.57 -11.40 77.63
CA ALA B 422 -100.82 -11.80 78.82
C ALA B 422 -101.35 -11.12 80.08
N THR B 423 -102.15 -10.06 79.94
CA THR B 423 -102.58 -9.28 81.09
C THR B 423 -103.38 -10.14 82.06
N GLU B 424 -104.52 -10.67 81.60
CA GLU B 424 -105.40 -11.45 82.46
C GLU B 424 -104.66 -12.59 83.14
N LEU B 425 -103.73 -13.22 82.42
CA LEU B 425 -102.92 -14.28 83.03
C LEU B 425 -102.04 -13.72 84.13
N ILE B 426 -101.45 -12.53 83.92
CA ILE B 426 -100.60 -11.94 84.95
C ILE B 426 -101.42 -11.66 86.21
N LEU B 427 -102.60 -11.06 86.04
CA LEU B 427 -103.43 -10.79 87.22
C LEU B 427 -103.89 -12.08 87.90
N ASP B 428 -104.25 -13.09 87.13
CA ASP B 428 -104.68 -14.35 87.74
C ASP B 428 -103.54 -14.97 88.55
N ASP B 429 -102.32 -14.92 88.01
CA ASP B 429 -101.16 -15.43 88.74
C ASP B 429 -100.90 -14.60 89.98
N VAL B 430 -101.03 -13.28 89.87
CA VAL B 430 -100.76 -12.39 91.00
C VAL B 430 -101.74 -12.67 92.13
N LYS B 431 -103.02 -12.87 91.80
CA LYS B 431 -104.04 -13.03 92.84
C LYS B 431 -103.79 -14.24 93.73
N GLU B 432 -102.98 -15.20 93.27
CA GLU B 432 -102.69 -16.39 94.05
C GLU B 432 -101.64 -16.14 95.14
N HIS B 433 -100.73 -15.21 94.93
CA HIS B 433 -99.59 -15.01 95.82
C HIS B 433 -99.78 -13.83 96.78
N GLY B 434 -100.98 -13.26 96.87
CA GLY B 434 -101.21 -12.18 97.81
C GLY B 434 -100.54 -10.87 97.45
N LEU B 435 -100.14 -10.71 96.18
CA LEU B 435 -99.49 -9.46 95.76
C LEU B 435 -100.52 -8.35 95.67
N SER B 436 -100.34 -7.31 96.48
CA SER B 436 -101.31 -6.21 96.54
C SER B 436 -100.63 -4.99 97.13
N PHE B 437 -100.69 -3.87 96.41
CA PHE B 437 -100.21 -2.58 96.89
C PHE B 437 -101.41 -1.73 97.24
N GLU B 438 -101.60 -1.47 98.54
CA GLU B 438 -102.72 -0.66 99.02
C GLU B 438 -102.26 0.58 99.79
N GLY B 439 -101.33 0.41 100.73
CA GLY B 439 -100.92 1.50 101.60
C GLY B 439 -99.81 2.35 101.02
N LEU B 440 -100.12 3.16 100.02
CA LEU B 440 -99.14 4.06 99.42
C LEU B 440 -99.17 5.40 100.15
N LYS B 441 -97.98 5.85 100.58
CA LYS B 441 -97.87 7.10 101.33
C LYS B 441 -97.67 8.29 100.41
N ILE B 442 -96.59 8.29 99.63
CA ILE B 442 -96.32 9.38 98.70
C ILE B 442 -97.17 9.16 97.44
N PRO B 443 -97.48 10.21 96.69
CA PRO B 443 -98.20 10.00 95.43
C PRO B 443 -97.32 9.26 94.43
N VAL B 444 -97.98 8.45 93.60
CA VAL B 444 -97.32 7.72 92.52
C VAL B 444 -98.03 8.12 91.24
N TYR B 445 -97.36 8.93 90.42
CA TYR B 445 -97.99 9.44 89.22
C TYR B 445 -98.23 8.31 88.22
N ASP B 446 -99.46 8.24 87.71
CA ASP B 446 -99.82 7.21 86.74
C ASP B 446 -99.06 7.44 85.44
N THR B 447 -98.45 6.37 84.92
CA THR B 447 -97.56 6.54 83.76
C THR B 447 -98.32 6.82 82.48
N PHE B 448 -99.62 6.55 82.43
CA PHE B 448 -100.46 6.81 81.27
C PHE B 448 -101.41 7.97 81.49
N ASP B 449 -102.20 7.92 82.55
CA ASP B 449 -103.20 8.96 82.81
C ASP B 449 -102.63 10.12 83.60
N GLY B 450 -101.52 9.93 84.30
CA GLY B 450 -100.88 10.99 85.06
C GLY B 450 -101.37 11.17 86.48
N SER B 451 -102.48 10.56 86.86
CA SER B 451 -103.07 10.76 88.17
C SER B 451 -102.32 9.92 89.22
N ASP B 452 -102.74 10.08 90.48
CA ASP B 452 -102.17 9.31 91.58
C ASP B 452 -102.85 7.96 91.68
N PHE B 453 -102.05 6.91 91.93
CA PHE B 453 -102.60 5.58 92.10
C PHE B 453 -103.45 5.46 93.34
N GLN B 454 -103.29 6.37 94.32
CA GLN B 454 -104.08 6.29 95.53
C GLN B 454 -105.57 6.42 95.24
N ALA B 455 -105.94 7.32 94.33
CA ALA B 455 -107.34 7.53 93.96
C ALA B 455 -107.70 6.66 92.76
N LEU B 456 -107.75 5.35 93.01
CA LEU B 456 -108.14 4.37 92.00
C LEU B 456 -109.10 3.38 92.61
N LYS B 457 -110.20 3.11 91.90
CA LYS B 457 -111.15 2.10 92.36
C LYS B 457 -110.59 0.70 92.19
N GLU B 458 -109.96 0.42 91.05
CA GLU B 458 -109.40 -0.89 90.78
C GLU B 458 -108.10 -1.09 91.56
N PRO B 459 -107.65 -2.34 91.70
CA PRO B 459 -106.39 -2.57 92.42
C PRO B 459 -105.21 -1.89 91.73
N ILE B 460 -104.28 -1.42 92.55
CA ILE B 460 -103.12 -0.71 92.04
C ILE B 460 -102.29 -1.62 91.14
N ILE B 461 -102.12 -2.88 91.55
CA ILE B 461 -101.31 -3.80 90.76
C ILE B 461 -102.02 -4.12 89.45
N ASP B 462 -103.35 -4.24 89.48
CA ASP B 462 -104.10 -4.40 88.24
C ASP B 462 -103.83 -3.25 87.28
N ARG B 463 -103.95 -2.01 87.77
CA ARG B 463 -103.73 -0.87 86.91
C ARG B 463 -102.30 -0.85 86.37
N VAL B 464 -101.33 -1.17 87.23
CA VAL B 464 -99.92 -1.10 86.83
C VAL B 464 -99.59 -2.18 85.81
N VAL B 465 -100.12 -3.40 86.00
CA VAL B 465 -99.88 -4.48 85.06
C VAL B 465 -100.51 -4.16 83.71
N LYS B 466 -101.76 -3.68 83.73
CA LYS B 466 -102.40 -3.26 82.48
C LYS B 466 -101.57 -2.18 81.80
N LEU B 467 -101.00 -1.28 82.58
CA LEU B 467 -100.16 -0.21 82.04
C LEU B 467 -98.92 -0.78 81.36
N ILE B 468 -98.20 -1.66 82.05
CA ILE B 468 -96.93 -2.17 81.53
C ILE B 468 -97.16 -3.04 80.30
N THR B 469 -98.26 -3.79 80.28
CA THR B 469 -98.51 -4.72 79.18
C THR B 469 -99.16 -4.04 77.98
N GLU B 470 -100.32 -3.41 78.18
CA GLU B 470 -101.15 -2.93 77.08
C GLU B 470 -101.02 -1.43 76.82
N LEU B 471 -101.31 -0.61 77.82
CA LEU B 471 -101.50 0.81 77.56
C LEU B 471 -100.18 1.50 77.19
N PRO B 472 -100.22 2.57 76.42
CA PRO B 472 -99.00 3.30 76.08
C PRO B 472 -98.52 4.13 77.28
N VAL B 473 -97.44 4.88 77.05
CA VAL B 473 -96.87 5.75 78.07
C VAL B 473 -96.69 7.14 77.46
N HIS B 474 -97.49 8.10 77.94
CA HIS B 474 -97.24 9.52 77.68
C HIS B 474 -96.30 9.99 78.80
N TRP B 475 -95.00 9.90 78.53
CA TRP B 475 -94.02 10.07 79.60
C TRP B 475 -94.05 11.49 80.16
N GLU B 476 -94.13 12.49 79.28
CA GLU B 476 -94.12 13.87 79.75
C GLU B 476 -95.36 14.17 80.59
N GLU B 477 -96.52 13.73 80.11
CA GLU B 477 -97.76 13.95 80.86
C GLU B 477 -97.71 13.22 82.19
N ALA B 478 -97.14 12.02 82.21
CA ALA B 478 -97.01 11.27 83.45
C ALA B 478 -96.10 12.00 84.44
N THR B 479 -94.97 12.50 83.96
CA THR B 479 -94.01 13.22 84.79
C THR B 479 -94.21 14.73 84.72
N ASN B 480 -95.46 15.17 84.61
CA ASN B 480 -95.79 16.59 84.76
C ASN B 480 -95.47 16.98 86.23
N HIS B 481 -94.25 17.26 86.51
CA HIS B 481 -93.88 17.49 87.89
C HIS B 481 -94.08 18.96 88.26
N LYS B 482 -94.19 19.23 89.56
CA LYS B 482 -94.02 20.58 90.12
C LYS B 482 -93.02 20.43 91.26
N ALA B 483 -91.73 20.43 90.92
CA ALA B 483 -90.68 20.12 91.87
C ALA B 483 -89.36 20.61 91.30
N THR B 484 -88.33 20.61 92.14
CA THR B 484 -87.01 21.10 91.78
C THR B 484 -85.97 20.01 91.59
N HIS B 485 -86.07 18.91 92.33
CA HIS B 485 -85.07 17.85 92.33
C HIS B 485 -85.71 16.54 91.93
N ILE B 486 -85.20 15.95 90.85
CA ILE B 486 -85.62 14.65 90.36
C ILE B 486 -84.39 13.76 90.38
N LEU B 487 -84.57 12.49 90.75
CA LEU B 487 -83.48 11.53 90.76
C LEU B 487 -83.89 10.22 90.12
N ASP B 488 -83.06 9.75 89.20
CA ASP B 488 -83.30 8.51 88.47
C ASP B 488 -82.50 7.38 89.10
N PHE B 489 -83.21 6.31 89.46
CA PHE B 489 -82.59 5.12 90.05
C PHE B 489 -82.49 3.94 89.08
N GLY B 490 -82.83 4.13 87.81
CA GLY B 490 -82.92 3.02 86.89
C GLY B 490 -81.59 2.65 86.24
N PRO B 491 -81.64 1.66 85.34
CA PRO B 491 -80.44 1.32 84.57
C PRO B 491 -80.08 2.41 83.57
N GLY B 492 -78.95 2.26 82.91
CA GLY B 492 -78.51 3.22 81.91
C GLY B 492 -77.65 4.35 82.43
N GLY B 493 -78.12 5.03 83.47
CA GLY B 493 -77.38 6.15 84.02
C GLY B 493 -77.29 7.29 83.02
N VAL B 494 -76.10 7.47 82.45
CA VAL B 494 -75.92 8.49 81.42
C VAL B 494 -76.80 8.19 80.21
N SER B 495 -77.03 6.91 79.93
CA SER B 495 -77.91 6.49 78.85
C SER B 495 -79.32 6.16 79.32
N GLY B 496 -79.63 6.43 80.59
CA GLY B 496 -80.88 6.05 81.19
C GLY B 496 -81.97 7.09 81.08
N LEU B 497 -82.93 7.01 82.00
CA LEU B 497 -84.12 7.85 81.95
C LEU B 497 -83.84 9.28 82.40
N GLY B 498 -82.88 9.47 83.31
CA GLY B 498 -82.64 10.80 83.85
C GLY B 498 -82.18 11.79 82.80
N VAL B 499 -81.21 11.39 81.98
CA VAL B 499 -80.74 12.28 80.93
C VAL B 499 -81.84 12.53 79.90
N LEU B 500 -82.66 11.51 79.64
CA LEU B 500 -83.77 11.69 78.71
C LEU B 500 -84.74 12.76 79.21
N THR B 501 -85.18 12.65 80.47
CA THR B 501 -86.14 13.62 80.99
C THR B 501 -85.52 14.98 81.27
N HIS B 502 -84.19 15.05 81.45
CA HIS B 502 -83.54 16.34 81.60
C HIS B 502 -83.74 17.21 80.37
N ARG B 503 -83.70 16.60 79.18
CA ARG B 503 -83.92 17.37 77.97
C ARG B 503 -85.33 17.94 77.92
N ASN B 504 -86.32 17.14 78.32
CA ASN B 504 -87.69 17.63 78.37
C ASN B 504 -87.85 18.73 79.41
N LYS B 505 -87.04 18.74 80.46
CA LYS B 505 -87.16 19.66 81.59
C LYS B 505 -85.89 20.47 81.78
N GLU B 506 -85.31 20.93 80.67
CA GLU B 506 -84.08 21.72 80.73
C GLU B 506 -84.31 23.06 81.43
N GLY B 507 -85.30 23.82 80.99
CA GLY B 507 -85.51 25.19 81.42
C GLY B 507 -86.64 25.41 82.40
N THR B 508 -87.19 24.36 83.00
CA THR B 508 -88.30 24.47 83.94
C THR B 508 -87.83 24.47 85.39
N GLY B 509 -86.53 24.56 85.64
CA GLY B 509 -86.03 24.54 86.99
C GLY B 509 -85.87 23.16 87.59
N ALA B 510 -85.86 22.12 86.76
CA ALA B 510 -85.75 20.75 87.23
C ALA B 510 -84.30 20.29 87.12
N ARG B 511 -83.77 19.74 88.21
CA ARG B 511 -82.41 19.22 88.29
C ARG B 511 -82.50 17.71 88.37
N ILE B 512 -81.97 17.03 87.37
CA ILE B 512 -81.98 15.56 87.33
C ILE B 512 -80.67 15.06 87.90
N ILE B 513 -80.75 14.10 88.82
CA ILE B 513 -79.61 13.50 89.48
C ILE B 513 -79.63 12.01 89.19
N LEU B 514 -78.56 11.51 88.59
CA LEU B 514 -78.50 10.10 88.20
C LEU B 514 -78.00 9.30 89.39
N ALA B 515 -78.92 8.92 90.27
CA ALA B 515 -78.54 8.21 91.49
C ALA B 515 -78.43 6.70 91.24
N GLY B 516 -77.69 6.34 90.21
CA GLY B 516 -77.47 4.96 89.85
C GLY B 516 -76.09 4.65 89.31
N THR B 517 -75.21 5.66 89.28
CA THR B 517 -73.87 5.45 88.75
C THR B 517 -72.99 6.61 89.18
N LEU B 518 -71.71 6.32 89.39
CA LEU B 518 -70.69 7.31 89.71
C LEU B 518 -69.81 7.52 88.48
N ASP B 519 -69.64 8.78 88.10
CA ASP B 519 -68.76 9.13 86.99
C ASP B 519 -68.41 10.61 87.11
N SER B 520 -67.47 11.04 86.27
CA SER B 520 -67.18 12.46 86.17
C SER B 520 -68.44 13.21 85.74
N ASN B 521 -68.70 14.34 86.40
CA ASN B 521 -69.92 15.09 86.13
C ASN B 521 -69.89 15.61 84.69
N PRO B 522 -71.05 15.95 84.13
CA PRO B 522 -71.07 16.43 82.74
C PRO B 522 -70.19 17.66 82.57
N ILE B 523 -69.50 17.72 81.44
CA ILE B 523 -68.60 18.84 81.16
C ILE B 523 -69.35 20.16 81.13
N ASP B 524 -70.66 20.13 80.84
CA ASP B 524 -71.50 21.33 80.89
C ASP B 524 -72.32 21.42 82.17
N ASP B 525 -72.26 20.42 83.05
CA ASP B 525 -72.92 20.46 84.35
C ASP B 525 -74.43 20.68 84.19
N GLU B 526 -75.07 19.69 83.58
CA GLU B 526 -76.50 19.77 83.25
C GLU B 526 -77.35 18.89 84.14
N TYR B 527 -76.95 17.64 84.36
CA TYR B 527 -77.65 16.72 85.25
C TYR B 527 -76.68 16.24 86.33
N GLY B 528 -77.21 16.02 87.52
CA GLY B 528 -76.39 15.58 88.64
C GLY B 528 -76.03 14.12 88.56
N PHE B 529 -75.56 13.55 89.67
CA PHE B 529 -75.09 12.18 89.69
C PHE B 529 -75.14 11.67 91.13
N LYS B 530 -74.69 10.43 91.32
CA LYS B 530 -74.65 9.83 92.65
C LYS B 530 -73.83 10.70 93.61
N HIS B 531 -72.71 11.23 93.11
CA HIS B 531 -71.91 12.16 93.92
C HIS B 531 -72.71 13.40 94.29
N GLU B 532 -73.63 13.83 93.42
CA GLU B 532 -74.37 15.05 93.69
C GLU B 532 -75.43 14.81 94.75
N ILE B 533 -76.12 13.67 94.70
CA ILE B 533 -77.06 13.37 95.79
C ILE B 533 -76.30 13.22 97.10
N PHE B 534 -75.14 12.57 97.07
CA PHE B 534 -74.46 12.23 98.33
C PHE B 534 -73.52 13.32 98.83
N GLN B 535 -73.38 14.44 98.11
CA GLN B 535 -72.56 15.53 98.63
C GLN B 535 -73.22 16.16 99.86
N THR B 536 -72.39 16.69 100.74
CA THR B 536 -72.84 17.32 101.99
C THR B 536 -72.67 18.82 102.02
N SER B 537 -71.65 19.35 101.34
CA SER B 537 -71.50 20.79 101.25
C SER B 537 -72.62 21.38 100.39
N ALA B 538 -73.29 22.39 100.91
CA ALA B 538 -74.45 22.98 100.23
C ALA B 538 -74.04 24.04 99.21
N ASP B 539 -73.09 23.67 98.35
CA ASP B 539 -72.76 24.40 97.13
C ASP B 539 -72.77 23.49 95.93
N LYS B 540 -72.30 22.24 96.10
CA LYS B 540 -72.43 21.19 95.10
C LYS B 540 -73.54 20.20 95.42
N ALA B 541 -73.94 20.10 96.69
CA ALA B 541 -75.07 19.24 97.03
C ALA B 541 -76.39 19.87 96.55
N ILE B 542 -76.55 21.17 96.79
CA ILE B 542 -77.71 21.92 96.31
C ILE B 542 -77.30 22.55 94.99
N LYS B 543 -77.83 22.01 93.89
CA LYS B 543 -77.61 22.54 92.56
C LYS B 543 -78.96 22.61 91.85
N TRP B 544 -79.34 23.80 91.42
CA TRP B 544 -80.62 24.02 90.76
C TRP B 544 -80.38 24.29 89.28
N ALA B 545 -81.10 23.58 88.43
CA ALA B 545 -80.99 23.82 87.00
C ALA B 545 -81.53 25.22 86.68
N PRO B 546 -81.05 25.85 85.60
CA PRO B 546 -81.55 27.19 85.27
C PRO B 546 -83.05 27.17 84.98
N ASP B 547 -83.76 28.11 85.61
CA ASP B 547 -85.16 28.37 85.33
C ASP B 547 -85.19 29.70 84.59
N TRP B 548 -85.29 29.62 83.26
CA TRP B 548 -85.07 30.80 82.43
C TRP B 548 -86.10 31.89 82.71
N LEU B 549 -87.35 31.51 83.01
CA LEU B 549 -88.37 32.51 83.32
C LEU B 549 -87.98 33.33 84.54
N LYS B 550 -87.35 32.70 85.54
CA LYS B 550 -86.99 33.38 86.77
C LYS B 550 -85.66 34.13 86.66
N GLU B 551 -84.63 33.47 86.12
CA GLU B 551 -83.29 34.05 86.10
C GLU B 551 -83.05 34.97 84.91
N LEU B 552 -83.93 34.97 83.91
CA LEU B 552 -83.85 35.89 82.78
C LEU B 552 -85.16 36.63 82.62
N ARG B 553 -85.87 36.84 83.73
CA ARG B 553 -87.12 37.57 83.69
C ARG B 553 -86.88 39.01 83.25
N PRO B 554 -87.68 39.58 82.34
CA PRO B 554 -87.52 41.01 82.04
C PRO B 554 -88.03 41.87 83.19
N THR B 555 -87.11 42.51 83.89
CA THR B 555 -87.45 43.31 85.06
C THR B 555 -87.58 44.77 84.67
N LEU B 556 -88.09 45.58 85.60
CA LEU B 556 -88.09 47.03 85.45
C LEU B 556 -87.19 47.65 86.51
N VAL B 557 -86.61 48.80 86.18
CA VAL B 557 -85.78 49.55 87.11
C VAL B 557 -86.01 51.03 86.82
N LYS B 558 -85.62 51.88 87.79
CA LYS B 558 -85.76 53.32 87.64
C LYS B 558 -84.43 54.00 87.98
N ASN B 559 -84.20 55.13 87.31
CA ASN B 559 -83.00 55.92 87.51
C ASN B 559 -83.24 56.98 88.57
N SER B 560 -82.18 57.70 88.95
CA SER B 560 -82.32 58.82 89.87
C SER B 560 -83.21 59.90 89.27
N GLU B 561 -83.06 60.16 87.96
CA GLU B 561 -83.91 61.13 87.27
C GLU B 561 -85.36 60.66 87.17
N GLY B 562 -85.64 59.39 87.46
CA GLY B 562 -86.98 58.85 87.40
C GLY B 562 -87.30 58.08 86.14
N LYS B 563 -86.40 58.08 85.15
CA LYS B 563 -86.66 57.35 83.92
C LYS B 563 -86.72 55.86 84.20
N ILE B 564 -87.71 55.21 83.58
CA ILE B 564 -87.93 53.78 83.75
C ILE B 564 -87.21 53.04 82.62
N TYR B 565 -86.42 52.03 82.99
CA TYR B 565 -85.69 51.20 82.06
C TYR B 565 -86.07 49.74 82.26
N VAL B 566 -85.83 48.94 81.23
CA VAL B 566 -86.12 47.51 81.24
C VAL B 566 -84.83 46.78 81.57
N LYS B 567 -84.72 46.30 82.81
CA LYS B 567 -83.53 45.63 83.29
C LYS B 567 -83.51 44.19 82.76
N THR B 568 -82.51 43.90 81.92
CA THR B 568 -82.22 42.57 81.44
C THR B 568 -80.71 42.40 81.36
N LYS B 569 -80.28 41.19 81.01
CA LYS B 569 -78.85 40.91 80.85
C LYS B 569 -78.22 41.79 79.78
N PHE B 570 -79.01 42.29 78.83
CA PHE B 570 -78.56 43.15 77.75
C PHE B 570 -78.57 44.62 78.13
N SER B 571 -79.69 45.09 78.68
CA SER B 571 -79.81 46.49 79.09
C SER B 571 -78.87 46.82 80.24
N GLN B 572 -78.56 45.86 81.10
CA GLN B 572 -77.68 46.14 82.23
C GLN B 572 -76.29 46.57 81.76
N LEU B 573 -75.76 45.91 80.73
CA LEU B 573 -74.43 46.25 80.25
C LEU B 573 -74.41 47.65 79.62
N LEU B 574 -75.41 47.97 78.81
CA LEU B 574 -75.40 49.23 78.07
C LEU B 574 -75.82 50.41 78.94
N GLY B 575 -76.59 50.17 79.99
CA GLY B 575 -77.15 51.28 80.75
C GLY B 575 -78.25 52.02 80.04
N ARG B 576 -78.76 51.47 78.94
CA ARG B 576 -79.84 52.06 78.20
C ARG B 576 -80.82 50.95 77.79
N ALA B 577 -81.87 51.31 77.04
CA ALA B 577 -82.95 50.38 76.76
C ALA B 577 -82.40 49.23 75.92
N PRO B 578 -82.99 48.01 76.04
CA PRO B 578 -82.51 46.86 75.28
C PRO B 578 -83.13 46.78 73.88
N LEU B 579 -83.15 47.91 73.18
CA LEU B 579 -83.78 48.02 71.86
C LEU B 579 -82.78 48.73 70.95
N MET B 580 -82.01 47.96 70.22
CA MET B 580 -80.91 48.45 69.41
C MET B 580 -81.33 48.57 67.95
N VAL B 581 -80.55 49.34 67.20
CA VAL B 581 -80.68 49.45 65.75
C VAL B 581 -79.47 48.76 65.14
N ALA B 582 -79.72 47.69 64.39
CA ALA B 582 -78.64 46.87 63.87
C ALA B 582 -77.93 47.58 62.72
N GLY B 583 -76.73 47.10 62.40
CA GLY B 583 -75.96 47.71 61.33
C GLY B 583 -76.61 47.51 59.98
N MET B 584 -76.51 48.54 59.14
CA MET B 584 -77.14 48.53 57.83
C MET B 584 -76.27 49.32 56.87
N THR B 585 -75.78 48.64 55.84
CA THR B 585 -74.93 49.32 54.86
C THR B 585 -75.66 50.45 54.15
N PRO B 586 -76.89 50.27 53.65
CA PRO B 586 -77.58 51.42 53.05
C PRO B 586 -78.12 52.40 54.09
N THR B 587 -78.77 51.87 55.12
CA THR B 587 -79.59 52.71 55.99
C THR B 587 -78.80 53.30 57.16
N THR B 588 -77.76 52.60 57.63
CA THR B 588 -77.05 53.02 58.84
C THR B 588 -75.60 53.30 58.47
N VAL B 589 -75.40 54.05 57.39
CA VAL B 589 -74.11 54.66 57.06
C VAL B 589 -74.14 56.17 57.19
N ASN B 590 -75.30 56.77 57.39
CA ASN B 590 -75.40 58.21 57.51
C ASN B 590 -74.93 58.63 58.90
N THR B 591 -74.25 59.77 58.95
CA THR B 591 -73.82 60.29 60.24
C THR B 591 -75.03 60.66 61.10
N ASP B 592 -76.05 61.27 60.48
CA ASP B 592 -77.18 61.78 61.25
C ASP B 592 -78.02 60.66 61.85
N ILE B 593 -78.28 59.59 61.09
CA ILE B 593 -79.12 58.51 61.61
C ILE B 593 -78.47 57.88 62.82
N VAL B 594 -77.16 57.67 62.79
CA VAL B 594 -76.47 57.11 63.94
C VAL B 594 -76.46 58.11 65.09
N SER B 595 -76.12 59.36 64.82
CA SER B 595 -75.96 60.33 65.90
C SER B 595 -77.28 60.59 66.61
N ALA B 596 -78.34 60.86 65.87
CA ALA B 596 -79.62 61.21 66.49
C ALA B 596 -80.28 59.99 67.11
N SER B 597 -80.16 58.82 66.47
CA SER B 597 -80.67 57.60 67.08
C SER B 597 -79.97 57.32 68.40
N LEU B 598 -78.67 57.58 68.45
CA LEU B 598 -77.94 57.44 69.71
C LEU B 598 -78.39 58.47 70.74
N ASN B 599 -78.56 59.72 70.30
CA ASN B 599 -78.99 60.78 71.21
C ASN B 599 -80.37 60.49 71.79
N ALA B 600 -81.20 59.75 71.05
CA ALA B 600 -82.46 59.28 71.59
C ALA B 600 -82.27 58.33 72.78
N GLY B 601 -81.08 57.74 72.90
CA GLY B 601 -80.78 56.88 74.03
C GLY B 601 -80.89 55.41 73.69
N TYR B 602 -80.59 55.05 72.44
CA TYR B 602 -80.70 53.69 71.96
C TYR B 602 -79.46 53.34 71.15
N HIS B 603 -78.90 52.17 71.42
CA HIS B 603 -77.63 51.80 70.80
C HIS B 603 -77.83 51.55 69.31
N ILE B 604 -76.96 52.15 68.50
CA ILE B 604 -76.98 51.98 67.05
C ILE B 604 -75.54 51.80 66.59
N GLU B 605 -75.37 50.95 65.57
CA GLU B 605 -74.04 50.54 65.13
C GLU B 605 -73.83 50.99 63.69
N LEU B 606 -72.98 52.00 63.51
CA LEU B 606 -72.68 52.54 62.19
C LEU B 606 -72.09 51.45 61.30
N ALA B 607 -72.69 51.25 60.13
CA ALA B 607 -72.22 50.23 59.20
C ALA B 607 -71.03 50.76 58.41
N GLY B 608 -70.04 49.89 58.20
CA GLY B 608 -68.92 50.24 57.36
C GLY B 608 -69.14 50.01 55.88
N GLY B 609 -70.27 49.41 55.49
CA GLY B 609 -70.44 49.02 54.09
C GLY B 609 -70.44 50.20 53.13
N GLY B 610 -70.93 51.34 53.59
CA GLY B 610 -70.87 52.55 52.80
C GLY B 610 -69.55 53.26 52.85
N TYR B 611 -68.58 52.75 53.61
CA TYR B 611 -67.26 53.31 53.73
C TYR B 611 -66.24 52.31 53.21
N PHE B 612 -65.33 52.78 52.37
CA PHE B 612 -64.39 51.93 51.66
C PHE B 612 -62.95 52.20 52.03
N SER B 613 -62.69 52.99 53.07
CA SER B 613 -61.31 53.13 53.54
C SER B 613 -61.31 53.65 54.99
N PRO B 614 -60.25 53.50 55.78
CA PRO B 614 -60.25 54.25 57.01
C PRO B 614 -60.59 55.75 56.95
N VAL B 615 -60.16 56.49 55.93
CA VAL B 615 -60.34 57.93 55.98
C VAL B 615 -61.83 58.27 55.98
N MET B 616 -62.62 57.58 55.16
CA MET B 616 -64.06 57.79 55.18
C MET B 616 -64.67 57.30 56.49
N MET B 617 -64.23 56.13 56.97
CA MET B 617 -64.80 55.62 58.22
C MET B 617 -64.46 56.55 59.38
N THR B 618 -63.24 57.06 59.43
CA THR B 618 -62.82 57.97 60.49
C THR B 618 -63.57 59.29 60.40
N ARG B 619 -63.79 59.80 59.18
CA ARG B 619 -64.55 61.05 59.06
C ARG B 619 -65.97 60.85 59.57
N ALA B 620 -66.60 59.73 59.21
CA ALA B 620 -67.96 59.48 59.69
C ALA B 620 -67.99 59.33 61.21
N ILE B 621 -67.03 58.59 61.77
CA ILE B 621 -66.98 58.41 63.21
C ILE B 621 -66.74 59.74 63.91
N ASP B 622 -65.85 60.57 63.37
CA ASP B 622 -65.60 61.89 63.95
C ASP B 622 -66.84 62.77 63.91
N ASP B 623 -67.56 62.75 62.79
CA ASP B 623 -68.78 63.55 62.68
C ASP B 623 -69.82 63.10 63.70
N ILE B 624 -70.00 61.79 63.85
CA ILE B 624 -70.97 61.28 64.82
C ILE B 624 -70.53 61.65 66.23
N VAL B 625 -69.24 61.51 66.53
CA VAL B 625 -68.73 61.83 67.85
C VAL B 625 -68.95 63.30 68.17
N SER B 626 -68.72 64.17 67.19
CA SER B 626 -68.96 65.59 67.40
C SER B 626 -70.44 65.89 67.61
N ARG B 627 -71.32 65.20 66.88
CA ARG B 627 -72.74 65.50 66.93
C ARG B 627 -73.47 64.84 68.11
N ILE B 628 -72.86 63.86 68.77
CA ILE B 628 -73.46 63.25 69.95
C ILE B 628 -72.97 63.99 71.19
N LYS B 629 -73.76 63.88 72.26
CA LYS B 629 -73.45 64.53 73.52
C LYS B 629 -72.33 63.79 74.24
N PRO B 630 -71.71 64.41 75.24
CA PRO B 630 -70.67 63.72 76.01
C PRO B 630 -71.26 62.62 76.88
N GLY B 631 -70.39 61.71 77.30
CA GLY B 631 -70.82 60.57 78.08
C GLY B 631 -71.51 59.49 77.26
N TYR B 632 -71.45 59.59 75.94
CA TYR B 632 -72.19 58.74 75.03
C TYR B 632 -71.25 57.72 74.39
N GLY B 633 -71.84 56.74 73.71
CA GLY B 633 -71.07 55.70 73.05
C GLY B 633 -71.81 55.04 71.91
N LEU B 634 -71.11 54.82 70.80
CA LEU B 634 -71.68 54.21 69.60
C LEU B 634 -71.01 52.87 69.32
N GLY B 635 -71.52 52.19 68.30
CA GLY B 635 -70.93 50.95 67.84
C GLY B 635 -70.66 51.00 66.35
N ILE B 636 -69.96 49.97 65.87
CA ILE B 636 -69.61 49.83 64.46
C ILE B 636 -70.00 48.44 64.02
N ASN B 637 -70.36 48.30 62.75
CA ASN B 637 -70.72 47.03 62.13
C ASN B 637 -69.81 46.78 60.94
N LEU B 638 -69.18 45.61 60.93
CA LEU B 638 -68.24 45.20 59.88
C LEU B 638 -68.71 43.88 59.29
N ILE B 639 -68.59 43.75 57.97
CA ILE B 639 -69.00 42.54 57.26
C ILE B 639 -67.79 41.61 57.16
N TYR B 640 -68.00 40.34 57.52
CA TYR B 640 -66.93 39.36 57.50
C TYR B 640 -66.71 38.73 56.13
N VAL B 641 -67.65 38.90 55.20
CA VAL B 641 -67.53 38.23 53.90
C VAL B 641 -66.36 38.81 53.10
N ASN B 642 -66.11 40.12 53.24
CA ASN B 642 -65.08 40.79 52.46
C ASN B 642 -63.84 40.98 53.32
N PRO B 643 -62.73 40.30 53.02
CA PRO B 643 -61.53 40.47 53.85
C PRO B 643 -60.95 41.87 53.82
N PHE B 644 -61.20 42.64 52.75
CA PHE B 644 -60.70 44.01 52.70
C PHE B 644 -61.33 44.84 53.81
N MET B 645 -62.64 44.69 54.02
CA MET B 645 -63.32 45.40 55.09
C MET B 645 -62.63 45.14 56.41
N LEU B 646 -62.37 43.86 56.71
CA LEU B 646 -61.75 43.51 57.99
C LEU B 646 -60.35 44.09 58.09
N GLN B 647 -59.54 43.90 57.05
CA GLN B 647 -58.13 44.30 57.15
C GLN B 647 -57.97 45.80 57.25
N TRP B 648 -58.92 46.59 56.73
CA TRP B 648 -58.83 48.04 56.91
C TRP B 648 -59.61 48.55 58.13
N GLY B 649 -60.58 47.79 58.64
CA GLY B 649 -61.41 48.29 59.71
C GLY B 649 -60.95 47.89 61.09
N ILE B 650 -60.44 46.67 61.26
CA ILE B 650 -59.97 46.24 62.57
C ILE B 650 -58.79 47.08 63.05
N PRO B 651 -57.75 47.34 62.24
CA PRO B 651 -56.69 48.26 62.71
C PRO B 651 -57.23 49.65 63.02
N LEU B 652 -58.19 50.13 62.24
CA LEU B 652 -58.77 51.44 62.51
C LEU B 652 -59.53 51.45 63.84
N ILE B 653 -60.30 50.39 64.11
CA ILE B 653 -61.03 50.35 65.37
C ILE B 653 -60.05 50.28 66.53
N LYS B 654 -58.97 49.52 66.38
CA LYS B 654 -57.95 49.47 67.42
C LYS B 654 -57.32 50.83 67.64
N ASP B 655 -57.01 51.55 66.56
CA ASP B 655 -56.44 52.88 66.69
C ASP B 655 -57.40 53.84 67.37
N LEU B 656 -58.66 53.83 66.97
CA LEU B 656 -59.63 54.73 67.57
C LEU B 656 -59.88 54.39 69.03
N ARG B 657 -59.79 53.10 69.39
CA ARG B 657 -59.97 52.72 70.78
C ARG B 657 -58.78 53.15 71.62
N GLU B 658 -57.56 52.98 71.10
CA GLU B 658 -56.40 53.46 71.84
C GLU B 658 -56.41 54.98 71.96
N LYS B 659 -56.98 55.67 70.97
CA LYS B 659 -57.22 57.11 71.12
C LYS B 659 -58.24 57.37 72.22
N GLY B 660 -59.28 56.54 72.30
CA GLY B 660 -60.28 56.66 73.35
C GLY B 660 -61.64 57.06 72.82
N TYR B 661 -61.94 56.71 71.59
CA TYR B 661 -63.19 57.12 70.98
C TYR B 661 -64.36 56.39 71.63
N PRO B 662 -65.61 56.90 71.44
CA PRO B 662 -66.75 56.27 72.12
C PRO B 662 -67.23 54.98 71.46
N ILE B 663 -66.43 54.39 70.56
CA ILE B 663 -66.78 53.10 69.98
C ILE B 663 -66.94 52.08 71.09
N GLN B 664 -68.13 51.50 71.19
CA GLN B 664 -68.50 50.58 72.25
C GLN B 664 -68.58 49.14 71.79
N SER B 665 -69.07 48.91 70.56
CA SER B 665 -69.37 47.57 70.09
C SER B 665 -68.82 47.40 68.68
N LEU B 666 -68.48 46.16 68.34
CA LEU B 666 -68.12 45.74 66.99
C LEU B 666 -69.05 44.58 66.67
N THR B 667 -69.94 44.78 65.70
CA THR B 667 -70.88 43.75 65.26
C THR B 667 -70.34 43.15 63.97
N ILE B 668 -69.97 41.87 64.01
CA ILE B 668 -69.51 41.18 62.82
C ILE B 668 -70.71 40.55 62.13
N GLY B 669 -70.90 40.88 60.85
CA GLY B 669 -72.11 40.53 60.15
C GLY B 669 -72.18 39.07 59.74
N ALA B 670 -72.66 38.82 58.52
CA ALA B 670 -72.80 37.46 58.05
C ALA B 670 -71.46 36.75 58.04
N GLY B 671 -71.34 35.72 58.88
CA GLY B 671 -70.11 34.96 59.02
C GLY B 671 -69.43 35.17 60.35
N VAL B 672 -69.58 34.22 61.26
CA VAL B 672 -68.91 34.31 62.56
C VAL B 672 -67.42 34.06 62.37
N PRO B 673 -66.52 34.88 62.95
CA PRO B 673 -65.08 34.62 62.74
C PRO B 673 -64.59 33.35 63.44
N SER B 674 -63.34 32.99 63.17
CA SER B 674 -62.71 31.86 63.83
C SER B 674 -62.34 32.24 65.27
N ILE B 675 -61.86 31.26 66.02
CA ILE B 675 -61.55 31.48 67.43
C ILE B 675 -60.40 32.47 67.56
N GLU B 676 -59.37 32.34 66.71
CA GLU B 676 -58.26 33.28 66.77
C GLU B 676 -58.70 34.70 66.46
N VAL B 677 -59.56 34.86 65.46
CA VAL B 677 -60.05 36.19 65.09
C VAL B 677 -60.87 36.79 66.22
N ALA B 678 -61.74 35.98 66.83
CA ALA B 678 -62.50 36.49 67.97
C ALA B 678 -61.58 36.83 69.14
N THR B 679 -60.54 36.02 69.35
CA THR B 679 -59.59 36.28 70.43
C THR B 679 -58.90 37.63 70.26
N GLU B 680 -58.36 37.88 69.07
CA GLU B 680 -57.69 39.16 68.86
C GLU B 680 -58.68 40.32 68.86
N TYR B 681 -59.89 40.14 68.35
CA TYR B 681 -60.90 41.19 68.43
C TYR B 681 -61.31 41.49 69.86
N ILE B 682 -61.27 40.49 70.74
CA ILE B 682 -61.71 40.71 72.11
C ILE B 682 -60.60 41.33 72.95
N GLU B 683 -59.35 40.95 72.71
CA GLU B 683 -58.27 41.47 73.53
C GLU B 683 -57.66 42.76 72.98
N ASP B 684 -57.30 42.79 71.70
CA ASP B 684 -56.50 43.90 71.19
C ASP B 684 -57.27 45.22 71.25
N LEU B 685 -58.50 45.24 70.73
CA LEU B 685 -59.33 46.45 70.72
C LEU B 685 -60.29 46.38 71.90
N GLY B 686 -60.24 47.40 72.75
CA GLY B 686 -60.98 47.39 74.00
C GLY B 686 -62.43 47.79 73.87
N LEU B 687 -63.26 46.88 73.35
CA LEU B 687 -64.69 47.08 73.28
C LEU B 687 -65.36 46.57 74.56
N THR B 688 -66.56 47.09 74.82
CA THR B 688 -67.36 46.59 75.93
C THR B 688 -67.97 45.23 75.61
N HIS B 689 -68.51 45.08 74.40
CA HIS B 689 -69.08 43.81 73.97
C HIS B 689 -68.89 43.66 72.47
N LEU B 690 -69.03 42.42 72.00
CA LEU B 690 -68.77 42.05 70.61
C LEU B 690 -70.04 41.46 70.01
N GLY B 691 -70.72 42.24 69.16
CA GLY B 691 -71.85 41.73 68.42
C GLY B 691 -71.41 40.63 67.49
N LEU B 692 -72.04 39.46 67.58
CA LEU B 692 -71.57 38.28 66.85
C LEU B 692 -72.74 37.54 66.22
N LYS B 693 -73.61 38.29 65.52
CA LYS B 693 -74.81 37.76 64.87
C LYS B 693 -74.50 36.53 64.01
N PRO B 694 -74.94 35.32 64.44
CA PRO B 694 -74.83 34.16 63.55
C PRO B 694 -76.09 34.00 62.71
N GLY B 695 -76.05 33.07 61.75
CA GLY B 695 -77.19 32.84 60.88
C GLY B 695 -77.52 31.38 60.71
N SER B 696 -77.02 30.53 61.60
CA SER B 696 -77.27 29.10 61.53
C SER B 696 -76.93 28.47 62.87
N VAL B 697 -77.34 27.21 63.02
CA VAL B 697 -77.06 26.47 64.25
C VAL B 697 -75.55 26.33 64.43
N ASP B 698 -74.84 26.01 63.36
CA ASP B 698 -73.38 25.89 63.44
C ASP B 698 -72.76 27.22 63.84
N ALA B 699 -73.24 28.32 63.27
CA ALA B 699 -72.68 29.63 63.61
C ALA B 699 -72.95 29.98 65.07
N ILE B 700 -74.13 29.63 65.57
CA ILE B 700 -74.40 29.81 67.00
C ILE B 700 -73.41 28.98 67.83
N SER B 701 -73.08 27.79 67.34
CA SER B 701 -72.09 26.97 68.05
C SER B 701 -70.73 27.64 68.06
N GLN B 702 -70.34 28.28 66.95
CA GLN B 702 -69.07 29.02 66.95
C GLN B 702 -69.10 30.16 67.96
N VAL B 703 -70.23 30.88 68.03
CA VAL B 703 -70.34 31.97 68.99
C VAL B 703 -70.22 31.43 70.41
N ILE B 704 -70.87 30.30 70.69
CA ILE B 704 -70.79 29.70 72.02
C ILE B 704 -69.36 29.30 72.34
N ALA B 705 -68.64 28.74 71.37
CA ALA B 705 -67.25 28.37 71.58
C ALA B 705 -66.40 29.60 71.88
N ILE B 706 -66.65 30.69 71.17
CA ILE B 706 -65.91 31.93 71.41
C ILE B 706 -66.20 32.44 72.83
N ALA B 707 -67.47 32.39 73.24
CA ALA B 707 -67.83 32.83 74.58
C ALA B 707 -67.19 31.95 75.64
N LYS B 708 -67.09 30.64 75.38
CA LYS B 708 -66.37 29.77 76.30
C LYS B 708 -64.90 30.15 76.38
N ALA B 709 -64.30 30.48 75.23
CA ALA B 709 -62.91 30.93 75.22
C ALA B 709 -62.73 32.20 76.04
N HIS B 710 -63.75 33.06 76.06
CA HIS B 710 -63.72 34.32 76.80
C HIS B 710 -64.92 34.37 77.74
N PRO B 711 -64.87 33.65 78.86
CA PRO B 711 -66.06 33.57 79.74
C PRO B 711 -66.44 34.90 80.37
N THR B 712 -65.53 35.86 80.43
CA THR B 712 -65.80 37.13 81.11
C THR B 712 -66.17 38.26 80.17
N PHE B 713 -65.73 38.21 78.91
CA PHE B 713 -66.00 39.29 77.98
C PHE B 713 -67.45 39.21 77.51
N PRO B 714 -68.27 40.25 77.68
CA PRO B 714 -69.65 40.16 77.19
C PRO B 714 -69.68 39.97 75.68
N ILE B 715 -70.58 39.12 75.21
CA ILE B 715 -70.76 38.87 73.79
C ILE B 715 -72.24 38.87 73.49
N VAL B 716 -72.73 39.93 72.86
CA VAL B 716 -74.12 39.99 72.43
C VAL B 716 -74.25 39.27 71.10
N LEU B 717 -75.23 38.36 71.03
CA LEU B 717 -75.39 37.50 69.88
C LEU B 717 -75.95 38.27 68.69
N GLN B 718 -77.16 38.81 68.84
CA GLN B 718 -77.89 39.46 67.74
C GLN B 718 -78.27 38.45 66.67
N TRP B 719 -78.81 37.30 67.10
CA TRP B 719 -79.11 36.26 66.14
C TRP B 719 -80.37 36.61 65.34
N THR B 720 -80.27 36.46 64.02
CA THR B 720 -81.34 36.82 63.11
C THR B 720 -81.79 35.59 62.35
N GLY B 721 -83.11 35.36 62.33
CA GLY B 721 -83.66 34.18 61.69
C GLY B 721 -83.63 34.22 60.18
N GLY B 722 -83.31 35.38 59.58
CA GLY B 722 -83.33 35.50 58.15
C GLY B 722 -84.70 35.72 57.54
N ARG B 723 -85.75 35.83 58.37
CA ARG B 723 -87.07 36.10 57.83
C ARG B 723 -87.22 37.54 57.38
N GLY B 724 -86.41 38.44 57.92
CA GLY B 724 -86.44 39.82 57.50
C GLY B 724 -85.04 40.41 57.51
N GLY B 725 -84.87 41.47 56.73
CA GLY B 725 -83.63 42.20 56.65
C GLY B 725 -83.22 42.42 55.21
N GLY B 726 -81.90 42.48 55.00
CA GLY B 726 -81.33 42.53 53.68
C GLY B 726 -80.74 41.19 53.31
N HIS B 727 -79.42 41.06 53.43
N HIS B 727 -79.42 41.06 53.42
CA HIS B 727 -78.78 39.76 53.25
CA HIS B 727 -78.77 39.76 53.25
C HIS B 727 -79.21 38.84 54.39
C HIS B 727 -79.21 38.85 54.39
N HIS B 728 -80.06 37.87 54.08
CA HIS B 728 -80.65 36.99 55.07
C HIS B 728 -80.06 35.59 54.92
N SER B 729 -79.43 35.11 56.00
CA SER B 729 -79.03 33.70 56.09
C SER B 729 -80.29 32.91 56.41
N PHE B 730 -81.01 32.56 55.35
CA PHE B 730 -82.38 32.06 55.46
C PHE B 730 -82.47 30.86 56.40
N GLU B 731 -83.18 31.07 57.51
CA GLU B 731 -83.50 30.02 58.46
C GLU B 731 -84.87 30.35 59.03
N ASP B 732 -85.31 29.53 59.98
CA ASP B 732 -86.48 29.87 60.78
C ASP B 732 -86.04 30.69 61.98
N PHE B 733 -86.87 31.65 62.38
CA PHE B 733 -86.53 32.47 63.54
C PHE B 733 -86.70 31.73 64.85
N HIS B 734 -87.35 30.57 64.85
CA HIS B 734 -87.76 29.89 66.07
C HIS B 734 -87.00 28.61 66.34
N GLN B 735 -86.92 27.71 65.35
CA GLN B 735 -86.34 26.39 65.59
C GLN B 735 -84.88 26.44 66.00
N PRO B 736 -83.99 27.17 65.31
CA PRO B 736 -82.59 27.20 65.77
C PRO B 736 -82.44 27.78 67.16
N ILE B 737 -83.12 28.89 67.44
CA ILE B 737 -83.10 29.47 68.77
C ILE B 737 -84.01 28.75 69.75
N ILE B 738 -84.76 27.75 69.29
CA ILE B 738 -85.45 26.83 70.18
C ILE B 738 -84.50 25.75 70.66
N GLN B 739 -83.71 25.18 69.75
CA GLN B 739 -82.84 24.05 70.08
C GLN B 739 -81.47 24.48 70.59
N MET B 740 -81.09 25.75 70.45
CA MET B 740 -79.80 26.24 70.94
C MET B 740 -79.91 27.18 72.13
N TYR B 741 -81.12 27.53 72.57
CA TYR B 741 -81.27 28.40 73.74
C TYR B 741 -80.64 27.77 74.97
N SER B 742 -80.86 26.47 75.17
CA SER B 742 -80.26 25.78 76.31
C SER B 742 -78.75 25.86 76.25
N LYS B 743 -78.17 25.62 75.07
CA LYS B 743 -76.73 25.71 74.90
C LYS B 743 -76.22 27.14 74.86
N ILE B 744 -77.09 28.11 74.57
CA ILE B 744 -76.70 29.52 74.60
C ILE B 744 -76.58 30.02 76.04
N ARG B 745 -77.51 29.63 76.91
CA ARG B 745 -77.55 30.17 78.27
C ARG B 745 -76.61 29.46 79.23
N ARG B 746 -75.88 28.44 78.78
CA ARG B 746 -74.81 27.86 79.60
C ARG B 746 -73.53 28.66 79.40
N CYS B 747 -73.63 29.98 79.50
CA CYS B 747 -72.50 30.87 79.22
C CYS B 747 -72.81 32.19 79.90
N SER B 748 -72.04 32.53 80.94
CA SER B 748 -72.34 33.70 81.75
C SER B 748 -72.26 35.00 80.97
N ASN B 749 -71.50 35.04 79.88
CA ASN B 749 -71.24 36.27 79.16
C ASN B 749 -72.00 36.41 77.84
N ILE B 750 -72.69 35.36 77.38
CA ILE B 750 -73.49 35.49 76.17
C ILE B 750 -74.76 36.25 76.50
N VAL B 751 -75.02 37.31 75.76
CA VAL B 751 -76.24 38.10 75.87
C VAL B 751 -77.08 37.77 74.64
N LEU B 752 -78.34 37.44 74.84
CA LEU B 752 -79.19 36.91 73.79
C LEU B 752 -80.17 37.98 73.33
N VAL B 753 -79.94 38.51 72.13
CA VAL B 753 -80.87 39.43 71.48
C VAL B 753 -81.11 38.93 70.06
N ALA B 754 -82.29 39.23 69.52
CA ALA B 754 -82.68 38.72 68.21
C ALA B 754 -83.65 39.69 67.56
N GLY B 755 -83.53 39.82 66.24
CA GLY B 755 -84.41 40.68 65.46
C GLY B 755 -85.24 39.92 64.45
N SER B 756 -84.96 40.16 63.17
CA SER B 756 -85.55 39.42 62.06
C SER B 756 -87.07 39.52 62.08
N GLY B 757 -87.56 40.73 61.83
CA GLY B 757 -88.98 40.95 61.64
C GLY B 757 -89.71 41.42 62.88
N PHE B 758 -89.09 42.35 63.60
CA PHE B 758 -89.69 42.98 64.77
C PHE B 758 -89.88 44.46 64.49
N GLY B 759 -91.08 44.97 64.81
CA GLY B 759 -91.35 46.38 64.62
C GLY B 759 -92.25 47.02 65.66
N SER B 760 -92.68 46.27 66.67
CA SER B 760 -93.62 46.83 67.64
C SER B 760 -93.57 46.07 68.95
N ASP B 761 -94.04 46.75 69.99
CA ASP B 761 -94.13 46.14 71.32
C ASP B 761 -94.99 44.88 71.30
N GLU B 762 -96.07 44.88 70.51
CA GLU B 762 -96.96 43.73 70.48
C GLU B 762 -96.24 42.47 70.05
N ASP B 763 -95.38 42.57 69.03
CA ASP B 763 -94.68 41.41 68.50
C ASP B 763 -93.32 41.18 69.15
N THR B 764 -92.84 42.11 69.99
CA THR B 764 -91.58 41.91 70.70
C THR B 764 -91.73 41.50 72.16
N TYR B 765 -92.81 41.90 72.83
CA TYR B 765 -92.97 41.56 74.23
C TYR B 765 -93.01 40.06 74.50
N PRO B 766 -93.70 39.22 73.71
CA PRO B 766 -93.64 37.78 73.97
C PRO B 766 -92.23 37.23 73.94
N TYR B 767 -91.36 37.75 73.07
CA TYR B 767 -89.99 37.29 73.03
C TYR B 767 -89.20 37.81 74.22
N LEU B 768 -89.49 39.04 74.65
CA LEU B 768 -88.82 39.58 75.83
C LEU B 768 -89.16 38.78 77.08
N SER B 769 -90.43 38.40 77.24
CA SER B 769 -90.89 37.69 78.42
C SER B 769 -90.78 36.18 78.30
N GLY B 770 -90.45 35.66 77.13
CA GLY B 770 -90.29 34.23 76.95
C GLY B 770 -91.57 33.48 76.65
N TYR B 771 -92.72 34.16 76.59
CA TYR B 771 -93.98 33.49 76.29
C TYR B 771 -94.06 32.99 74.85
N TRP B 772 -93.11 33.38 74.00
CA TRP B 772 -93.14 32.95 72.60
C TRP B 772 -92.99 31.44 72.47
N SER B 773 -92.37 30.79 73.44
CA SER B 773 -92.11 29.35 73.38
C SER B 773 -93.28 28.51 73.90
N GLU B 774 -94.31 29.13 74.48
CA GLU B 774 -95.46 28.37 74.95
C GLU B 774 -96.16 27.68 73.78
N LYS B 775 -96.22 28.33 72.63
CA LYS B 775 -96.80 27.70 71.44
C LYS B 775 -96.02 26.48 71.01
N PHE B 776 -94.70 26.47 71.23
CA PHE B 776 -93.86 25.32 70.91
C PHE B 776 -93.76 24.31 72.03
N ASN B 777 -94.36 24.61 73.19
CA ASN B 777 -94.38 23.67 74.32
C ASN B 777 -92.99 23.47 74.90
N TYR B 778 -92.19 24.53 74.85
CA TYR B 778 -90.88 24.60 75.51
C TYR B 778 -91.02 25.49 76.74
N PRO B 779 -90.06 25.44 77.66
CA PRO B 779 -90.11 26.36 78.78
C PRO B 779 -90.00 27.79 78.30
N PRO B 780 -90.55 28.75 79.05
CA PRO B 780 -90.40 30.16 78.65
C PRO B 780 -88.94 30.54 78.43
N MET B 781 -88.72 31.30 77.35
CA MET B 781 -87.38 31.54 76.82
C MET B 781 -87.18 33.04 76.63
N PRO B 782 -86.98 33.79 77.72
CA PRO B 782 -86.88 35.25 77.60
C PRO B 782 -85.66 35.67 76.79
N PHE B 783 -85.81 36.78 76.07
CA PHE B 783 -84.75 37.36 75.26
C PHE B 783 -84.30 38.66 75.90
N ASP B 784 -82.98 38.87 75.94
CA ASP B 784 -82.45 40.04 76.61
C ASP B 784 -82.78 41.33 75.87
N GLY B 785 -82.80 41.29 74.54
CA GLY B 785 -83.12 42.46 73.76
C GLY B 785 -83.59 42.07 72.37
N VAL B 786 -83.89 43.09 71.58
CA VAL B 786 -84.37 42.91 70.21
C VAL B 786 -83.80 44.03 69.34
N LEU B 787 -83.42 43.69 68.12
CA LEU B 787 -82.90 44.65 67.14
C LEU B 787 -83.92 44.88 66.04
N PHE B 788 -84.05 46.14 65.63
CA PHE B 788 -85.04 46.57 64.63
C PHE B 788 -84.28 47.15 63.45
N GLY B 789 -84.25 46.41 62.34
CA GLY B 789 -83.54 46.85 61.15
C GLY B 789 -84.45 47.51 60.13
N SER B 790 -85.56 46.86 59.80
CA SER B 790 -86.45 47.35 58.75
C SER B 790 -87.53 48.31 59.25
N ARG B 791 -87.81 48.32 60.56
CA ARG B 791 -88.81 49.23 61.11
C ARG B 791 -88.32 50.66 61.21
N VAL B 792 -86.99 50.87 61.20
CA VAL B 792 -86.42 52.19 61.41
C VAL B 792 -86.09 52.90 60.10
N MET B 793 -86.52 52.33 58.96
CA MET B 793 -86.18 52.90 57.67
C MET B 793 -87.02 54.14 57.38
N THR B 794 -88.27 54.15 57.83
CA THR B 794 -89.14 55.30 57.66
C THR B 794 -88.82 56.42 58.62
N SER B 795 -87.87 56.23 59.53
CA SER B 795 -87.57 57.23 60.54
C SER B 795 -87.12 58.53 59.90
N LYS B 796 -87.50 59.65 60.51
CA LYS B 796 -87.13 60.96 59.99
C LYS B 796 -85.62 61.14 59.96
N GLU B 797 -84.91 60.54 60.92
CA GLU B 797 -83.46 60.71 60.98
C GLU B 797 -82.76 60.03 59.83
N SER B 798 -83.32 58.93 59.31
CA SER B 798 -82.70 58.22 58.21
C SER B 798 -82.71 59.08 56.95
N HIS B 799 -81.59 59.08 56.24
CA HIS B 799 -81.43 59.89 55.04
C HIS B 799 -81.92 59.18 53.78
N THR B 800 -82.52 58.00 53.91
CA THR B 800 -83.11 57.35 52.75
C THR B 800 -84.15 58.28 52.11
N SER B 801 -84.22 58.24 50.78
CA SER B 801 -85.03 59.20 50.05
C SER B 801 -86.50 59.07 50.42
N LEU B 802 -87.21 60.19 50.32
CA LEU B 802 -88.60 60.23 50.78
C LEU B 802 -89.50 59.38 49.90
N ALA B 803 -89.22 59.30 48.60
CA ALA B 803 -89.95 58.39 47.73
C ALA B 803 -89.69 56.93 48.13
N ALA B 804 -88.43 56.61 48.48
CA ALA B 804 -88.12 55.27 48.96
C ALA B 804 -88.86 54.96 50.25
N LYS B 805 -88.96 55.94 51.15
CA LYS B 805 -89.72 55.75 52.38
C LYS B 805 -91.21 55.55 52.09
N LYS B 806 -91.75 56.31 51.14
CA LYS B 806 -93.15 56.11 50.75
C LYS B 806 -93.35 54.70 50.23
N LEU B 807 -92.43 54.22 49.39
CA LEU B 807 -92.54 52.86 48.88
C LEU B 807 -92.44 51.82 49.99
N ILE B 808 -91.51 52.03 50.94
CA ILE B 808 -91.37 51.13 52.08
C ILE B 808 -92.69 51.06 52.84
N VAL B 809 -93.30 52.21 53.11
CA VAL B 809 -94.52 52.23 53.89
C VAL B 809 -95.66 51.57 53.12
N GLU B 810 -95.80 51.91 51.83
CA GLU B 810 -96.94 51.40 51.06
C GLU B 810 -96.83 49.91 50.81
N CYS B 811 -95.62 49.36 50.81
CA CYS B 811 -95.49 47.91 50.67
C CYS B 811 -96.01 47.24 51.94
N LYS B 812 -96.93 46.30 51.78
CA LYS B 812 -97.55 45.65 52.92
C LYS B 812 -96.59 44.61 53.50
N GLY B 813 -97.04 43.96 54.57
CA GLY B 813 -96.24 42.96 55.26
C GLY B 813 -96.79 41.55 55.13
N VAL B 814 -96.11 40.63 55.80
CA VAL B 814 -96.35 39.20 55.68
C VAL B 814 -96.24 38.58 57.06
N PRO B 815 -97.29 37.90 57.58
CA PRO B 815 -97.12 37.08 58.77
C PRO B 815 -95.92 36.14 58.69
N ASP B 816 -95.39 35.72 59.84
CA ASP B 816 -94.14 34.98 59.85
C ASP B 816 -94.23 33.68 59.07
N GLN B 817 -95.36 32.98 59.17
CA GLN B 817 -95.49 31.69 58.51
C GLN B 817 -95.34 31.79 57.00
N GLN B 818 -95.68 32.95 56.42
CA GLN B 818 -95.69 33.12 54.97
C GLN B 818 -94.45 33.83 54.43
N TRP B 819 -93.46 34.09 55.27
CA TRP B 819 -92.29 34.84 54.80
C TRP B 819 -91.51 34.06 53.76
N GLU B 820 -91.40 32.74 53.93
CA GLU B 820 -90.40 31.97 53.21
C GLU B 820 -90.80 31.68 51.76
N GLN B 821 -92.05 31.96 51.38
CA GLN B 821 -92.45 31.87 49.99
C GLN B 821 -92.15 33.14 49.20
N THR B 822 -91.22 33.97 49.69
CA THR B 822 -90.81 35.16 48.96
C THR B 822 -89.80 34.85 47.87
N TYR B 823 -89.27 33.63 47.83
CA TYR B 823 -88.38 33.23 46.74
C TYR B 823 -89.10 33.14 45.41
N LYS B 824 -90.42 32.94 45.43
CA LYS B 824 -91.19 32.67 44.21
C LYS B 824 -91.97 33.89 43.72
N LYS B 825 -92.45 34.74 44.62
CA LYS B 825 -93.24 35.88 44.23
C LYS B 825 -93.14 36.94 45.32
N PRO B 826 -93.64 38.17 45.06
CA PRO B 826 -93.48 39.24 46.05
C PRO B 826 -94.38 39.10 47.27
N THR B 827 -93.90 38.38 48.29
CA THR B 827 -94.59 38.32 49.56
C THR B 827 -94.64 39.70 50.19
N GLY B 828 -95.81 40.33 50.20
CA GLY B 828 -95.92 41.67 50.77
C GLY B 828 -95.06 42.69 50.06
N GLY B 829 -94.83 42.52 48.77
CA GLY B 829 -93.99 43.45 48.03
C GLY B 829 -92.51 43.30 48.27
N ILE B 830 -92.05 42.16 48.79
CA ILE B 830 -90.63 41.90 49.01
C ILE B 830 -90.30 40.52 48.45
N ILE B 831 -89.18 40.42 47.75
CA ILE B 831 -88.71 39.19 47.14
C ILE B 831 -87.23 39.01 47.47
N THR B 832 -86.79 37.75 47.37
CA THR B 832 -85.38 37.40 47.55
C THR B 832 -84.69 37.40 46.19
N VAL B 833 -83.52 38.03 46.12
CA VAL B 833 -82.72 38.09 44.91
C VAL B 833 -81.32 37.58 45.23
N ARG B 834 -80.65 37.06 44.21
CA ARG B 834 -79.28 36.57 44.37
C ARG B 834 -78.32 37.73 44.22
N SER B 835 -77.30 37.78 45.09
CA SER B 835 -76.29 38.82 45.02
C SER B 835 -75.19 38.40 44.04
N GLU B 836 -74.22 39.30 43.88
CA GLU B 836 -73.07 38.98 43.03
C GLU B 836 -72.31 37.77 43.56
N MET B 837 -72.19 37.66 44.88
CA MET B 837 -71.51 36.54 45.52
C MET B 837 -72.43 35.36 45.76
N GLY B 838 -73.71 35.44 45.37
CA GLY B 838 -74.64 34.33 45.50
C GLY B 838 -75.51 34.37 46.73
N GLU B 839 -75.21 35.22 47.71
CA GLU B 839 -75.99 35.28 48.93
C GLU B 839 -77.38 35.83 48.63
N PRO B 840 -78.45 35.37 49.29
CA PRO B 840 -79.76 35.96 49.04
C PRO B 840 -79.96 37.25 49.81
N ILE B 841 -80.65 38.19 49.17
CA ILE B 841 -80.95 39.51 49.73
C ILE B 841 -82.45 39.71 49.65
N HIS B 842 -83.05 40.11 50.76
CA HIS B 842 -84.45 40.54 50.77
C HIS B 842 -84.52 41.97 50.27
N LYS B 843 -85.25 42.18 49.16
CA LYS B 843 -85.39 43.51 48.58
C LYS B 843 -86.86 43.75 48.24
N ILE B 844 -87.30 45.00 48.37
CA ILE B 844 -88.68 45.32 48.03
C ILE B 844 -88.87 45.09 46.54
N ALA B 845 -90.04 44.54 46.18
CA ALA B 845 -90.30 44.14 44.81
C ALA B 845 -90.53 45.35 43.92
N THR B 846 -89.49 46.15 43.72
CA THR B 846 -89.54 47.23 42.76
C THR B 846 -89.38 46.67 41.35
N ARG B 847 -89.55 47.54 40.35
CA ARG B 847 -89.33 47.10 38.98
C ARG B 847 -87.88 46.68 38.77
N GLY B 848 -86.94 47.44 39.33
CA GLY B 848 -85.54 47.05 39.25
C GLY B 848 -85.25 45.75 39.98
N VAL B 849 -85.87 45.56 41.14
CA VAL B 849 -85.63 44.33 41.91
C VAL B 849 -86.22 43.13 41.18
N MET B 850 -87.38 43.30 40.55
CA MET B 850 -87.98 42.20 39.81
C MET B 850 -87.16 41.89 38.56
N PHE B 851 -86.60 42.92 37.92
CA PHE B 851 -85.67 42.68 36.83
C PHE B 851 -84.43 41.93 37.31
N TRP B 852 -83.93 42.29 38.50
CA TRP B 852 -82.81 41.58 39.11
C TRP B 852 -83.16 40.11 39.30
N LYS B 853 -84.34 39.84 39.86
CA LYS B 853 -84.73 38.45 40.09
C LYS B 853 -84.87 37.69 38.78
N GLU B 854 -85.48 38.31 37.78
CA GLU B 854 -85.62 37.68 36.47
C GLU B 854 -84.26 37.32 35.89
N LEU B 855 -83.30 38.25 35.99
CA LEU B 855 -81.97 38.00 35.42
C LEU B 855 -81.22 36.93 36.22
N ASP B 856 -81.30 36.97 37.55
CA ASP B 856 -80.59 35.95 38.31
C ASP B 856 -81.28 34.59 38.22
N ASP B 857 -82.52 34.53 37.74
CA ASP B 857 -83.20 33.25 37.52
C ASP B 857 -83.07 32.75 36.09
N THR B 858 -82.81 33.62 35.12
CA THR B 858 -82.81 33.23 33.71
C THR B 858 -81.46 33.34 33.02
N ILE B 859 -80.54 34.16 33.51
CA ILE B 859 -79.31 34.50 32.78
C ILE B 859 -78.09 34.16 33.63
N PHE B 860 -78.02 34.73 34.83
CA PHE B 860 -76.82 34.55 35.64
C PHE B 860 -76.67 33.12 36.16
N ASN B 861 -77.74 32.33 36.14
CA ASN B 861 -77.66 30.95 36.59
C ASN B 861 -77.12 30.00 35.52
N LEU B 862 -76.98 30.46 34.28
CA LEU B 862 -76.52 29.60 33.19
C LEU B 862 -75.00 29.52 33.18
N PRO B 863 -74.43 28.46 32.59
CA PRO B 863 -72.97 28.37 32.47
C PRO B 863 -72.43 29.48 31.58
N LYS B 864 -71.10 29.55 31.54
CA LYS B 864 -70.44 30.70 30.91
C LYS B 864 -70.71 30.74 29.41
N ASN B 865 -70.59 29.60 28.73
CA ASN B 865 -70.83 29.57 27.29
C ASN B 865 -72.28 29.89 26.97
N LYS B 866 -73.22 29.27 27.70
CA LYS B 866 -74.62 29.57 27.50
C LYS B 866 -74.96 30.98 27.96
N LEU B 867 -74.22 31.50 28.95
CA LEU B 867 -74.50 32.84 29.46
C LEU B 867 -74.31 33.89 28.37
N LEU B 868 -73.22 33.79 27.60
CA LEU B 868 -72.93 34.82 26.61
C LEU B 868 -73.90 34.76 25.44
N ASP B 869 -74.25 33.57 24.97
CA ASP B 869 -75.20 33.44 23.87
C ASP B 869 -76.58 33.93 24.28
N ALA B 870 -77.08 33.41 25.41
CA ALA B 870 -78.31 33.93 25.97
C ALA B 870 -78.18 35.42 26.25
N LEU B 871 -76.99 35.88 26.64
CA LEU B 871 -76.82 37.30 26.90
C LEU B 871 -77.09 38.13 25.65
N ASN B 872 -76.61 37.70 24.48
CA ASN B 872 -76.90 38.44 23.25
C ASN B 872 -78.38 38.35 22.88
N LYS B 873 -78.90 37.11 22.85
CA LYS B 873 -80.26 36.89 22.37
C LYS B 873 -81.27 37.65 23.21
N LYS B 874 -81.05 37.69 24.52
CA LYS B 874 -81.87 38.49 25.42
C LYS B 874 -81.27 39.86 25.69
N ARG B 875 -80.13 40.21 25.10
CA ARG B 875 -79.60 41.58 25.20
C ARG B 875 -80.45 42.51 24.39
N ASP B 876 -80.88 42.02 23.22
CA ASP B 876 -81.90 42.73 22.45
C ASP B 876 -83.08 43.17 23.33
N HIS B 877 -83.41 42.41 24.38
CA HIS B 877 -84.49 42.72 25.31
C HIS B 877 -84.02 43.40 26.60
N ILE B 878 -82.80 43.11 27.05
CA ILE B 878 -82.27 43.64 28.29
C ILE B 878 -81.98 45.13 28.16
N ILE B 879 -81.55 45.57 26.99
CA ILE B 879 -81.25 47.00 26.82
C ILE B 879 -82.48 47.84 27.15
N LYS B 880 -83.65 47.42 26.66
CA LYS B 880 -84.88 48.11 27.00
C LYS B 880 -85.18 48.00 28.49
N LYS B 881 -85.07 46.79 29.05
CA LYS B 881 -85.42 46.59 30.45
C LYS B 881 -84.52 47.41 31.37
N LEU B 882 -83.22 47.45 31.09
CA LEU B 882 -82.33 48.32 31.85
C LEU B 882 -82.74 49.78 31.71
N ASN B 883 -83.17 50.18 30.52
CA ASN B 883 -83.53 51.58 30.29
C ASN B 883 -84.77 51.97 31.08
N ASN B 884 -85.73 51.05 31.22
CA ASN B 884 -87.03 51.37 31.78
C ASN B 884 -87.22 50.92 33.22
N ASP B 885 -86.41 49.98 33.71
CA ASP B 885 -86.72 49.30 34.97
C ASP B 885 -85.60 49.29 36.00
N PHE B 886 -84.33 49.49 35.62
CA PHE B 886 -83.22 49.26 36.54
C PHE B 886 -82.47 50.54 36.86
N GLN B 887 -81.75 50.48 37.99
CA GLN B 887 -80.89 51.58 38.44
C GLN B 887 -79.92 52.00 37.34
N LYS B 888 -79.23 51.03 36.75
CA LYS B 888 -78.22 51.27 35.74
C LYS B 888 -78.86 51.13 34.37
N PRO B 889 -79.09 52.20 33.62
CA PRO B 889 -79.63 52.03 32.27
C PRO B 889 -78.57 51.55 31.30
N TRP B 890 -79.00 51.27 30.08
CA TRP B 890 -78.06 51.00 29.01
C TRP B 890 -77.37 52.30 28.61
N PHE B 891 -76.05 52.35 28.77
CA PHE B 891 -75.32 53.59 28.47
C PHE B 891 -75.43 53.98 27.01
N GLY B 892 -75.59 53.01 26.11
CA GLY B 892 -75.62 53.30 24.69
C GLY B 892 -76.82 54.07 24.21
N LYS B 893 -77.86 54.20 25.02
CA LYS B 893 -79.08 54.87 24.59
C LYS B 893 -78.83 56.34 24.31
N ASN B 894 -79.44 56.86 23.25
CA ASN B 894 -79.31 58.26 22.83
C ASN B 894 -80.69 58.83 22.57
N ALA B 895 -81.19 59.62 23.52
CA ALA B 895 -82.45 60.36 23.42
C ALA B 895 -83.69 59.47 23.53
N ASN B 896 -83.51 58.14 23.52
CA ASN B 896 -84.56 57.13 23.49
C ASN B 896 -84.06 55.92 22.70
N GLY B 897 -83.51 56.16 21.52
CA GLY B 897 -83.13 55.08 20.63
C GLY B 897 -82.05 54.19 21.23
N VAL B 898 -82.27 52.90 21.14
CA VAL B 898 -81.26 51.93 21.58
C VAL B 898 -80.10 51.97 20.61
N CYS B 899 -78.90 52.20 21.15
CA CYS B 899 -77.67 52.11 20.37
C CYS B 899 -76.65 51.36 21.21
N ASP B 900 -75.68 50.76 20.52
CA ASP B 900 -74.56 50.12 21.20
C ASP B 900 -73.48 51.17 21.47
N LEU B 901 -72.57 50.85 22.38
CA LEU B 901 -71.49 51.79 22.68
C LEU B 901 -70.63 52.08 21.47
N GLN B 902 -70.70 51.23 20.44
CA GLN B 902 -69.99 51.48 19.19
C GLN B 902 -70.75 52.48 18.29
N GLU B 903 -72.09 52.42 18.27
CA GLU B 903 -72.88 53.48 17.63
C GLU B 903 -72.99 54.65 18.60
N MET B 904 -71.88 55.33 18.85
CA MET B 904 -71.91 56.50 19.72
C MET B 904 -70.83 57.47 19.30
N THR B 905 -71.22 58.72 19.04
CA THR B 905 -70.25 59.77 18.85
C THR B 905 -69.70 60.24 20.18
N TYR B 906 -68.54 60.87 20.14
CA TYR B 906 -67.90 61.35 21.36
C TYR B 906 -68.77 62.40 22.04
N LYS B 907 -69.41 63.27 21.26
CA LYS B 907 -70.28 64.30 21.81
C LYS B 907 -71.43 63.67 22.59
N GLU B 908 -72.08 62.65 22.02
CA GLU B 908 -73.23 62.07 22.70
C GLU B 908 -72.80 61.15 23.84
N VAL B 909 -71.59 60.58 23.79
CA VAL B 909 -71.07 59.87 24.96
C VAL B 909 -70.88 60.85 26.11
N ALA B 910 -70.29 62.02 25.83
CA ALA B 910 -70.11 63.02 26.87
C ALA B 910 -71.45 63.51 27.39
N ASN B 911 -72.41 63.73 26.49
CA ASN B 911 -73.74 64.16 26.92
C ASN B 911 -74.39 63.12 27.80
N ARG B 912 -74.28 61.84 27.45
CA ARG B 912 -74.83 60.78 28.26
C ARG B 912 -74.16 60.71 29.62
N LEU B 913 -72.84 60.91 29.66
CA LEU B 913 -72.14 60.90 30.94
C LEU B 913 -72.60 62.06 31.83
N VAL B 914 -72.82 63.23 31.24
CA VAL B 914 -73.39 64.35 32.00
C VAL B 914 -74.77 63.95 32.52
N GLU B 915 -75.59 63.35 31.65
CA GLU B 915 -76.97 63.07 32.00
C GLU B 915 -77.06 62.04 33.12
N LEU B 916 -76.14 61.07 33.14
CA LEU B 916 -76.24 59.93 34.04
C LEU B 916 -75.30 60.00 35.24
N MET B 917 -74.32 60.90 35.24
CA MET B 917 -73.36 61.03 36.34
C MET B 917 -73.40 62.38 37.02
N TYR B 918 -74.02 63.39 36.40
CA TYR B 918 -74.11 64.74 36.96
C TYR B 918 -75.58 65.07 37.21
N VAL B 919 -75.90 65.51 38.42
CA VAL B 919 -77.27 65.81 38.80
C VAL B 919 -77.54 67.26 38.43
N LYS B 920 -78.53 67.47 37.56
CA LYS B 920 -78.83 68.81 37.08
C LYS B 920 -79.51 69.65 38.16
N LYS B 921 -80.52 69.08 38.83
CA LYS B 921 -81.28 69.86 39.80
C LYS B 921 -80.42 70.29 40.98
N SER B 922 -79.55 69.40 41.46
CA SER B 922 -78.70 69.72 42.60
C SER B 922 -77.41 70.43 42.20
N HIS B 923 -77.14 70.58 40.90
CA HIS B 923 -76.00 71.34 40.40
C HIS B 923 -74.68 70.76 40.92
N ARG B 924 -74.58 69.44 40.94
CA ARG B 924 -73.36 68.78 41.40
C ARG B 924 -73.27 67.41 40.76
N TRP B 925 -72.06 66.86 40.80
CA TRP B 925 -71.85 65.50 40.35
C TRP B 925 -72.26 64.51 41.44
N ILE B 926 -72.66 63.31 41.02
CA ILE B 926 -72.95 62.26 41.99
C ILE B 926 -71.73 61.99 42.85
N ASP B 927 -70.55 61.97 42.23
CA ASP B 927 -69.33 61.60 42.94
C ASP B 927 -68.11 62.12 42.19
N VAL B 928 -67.11 62.54 42.96
CA VAL B 928 -65.93 63.18 42.41
C VAL B 928 -65.19 62.23 41.48
N SER B 929 -65.20 60.93 41.80
CA SER B 929 -64.53 59.97 40.93
C SER B 929 -65.26 59.81 39.61
N LEU B 930 -66.59 59.89 39.61
CA LEU B 930 -67.33 59.91 38.36
C LEU B 930 -67.00 61.15 37.54
N ARG B 931 -66.89 62.30 38.22
CA ARG B 931 -66.47 63.52 37.53
C ARG B 931 -65.09 63.34 36.92
N ASN B 932 -64.17 62.70 37.66
CA ASN B 932 -62.83 62.45 37.15
C ASN B 932 -62.86 61.53 35.95
N MET B 933 -63.71 60.50 35.98
CA MET B 933 -63.84 59.61 34.83
C MET B 933 -64.31 60.37 33.61
N TYR B 934 -65.29 61.27 33.79
CA TYR B 934 -65.74 62.10 32.69
C TYR B 934 -64.60 62.96 32.16
N GLY B 935 -63.82 63.56 33.05
CA GLY B 935 -62.72 64.39 32.60
C GLY B 935 -61.66 63.59 31.85
N ASP B 936 -61.40 62.37 32.30
CA ASP B 936 -60.47 61.50 31.58
C ASP B 936 -60.99 61.18 30.19
N PHE B 937 -62.31 60.93 30.06
CA PHE B 937 -62.87 60.70 28.74
C PHE B 937 -62.70 61.93 27.85
N LEU B 938 -62.91 63.12 28.41
CA LEU B 938 -62.71 64.35 27.62
C LEU B 938 -61.26 64.49 27.20
N ARG B 939 -60.31 64.18 28.09
CA ARG B 939 -58.91 64.21 27.71
C ARG B 939 -58.63 63.25 26.57
N ARG B 940 -59.23 62.05 26.63
CA ARG B 940 -59.06 61.08 25.55
C ARG B 940 -59.62 61.60 24.24
N VAL B 941 -60.77 62.29 24.29
CA VAL B 941 -61.34 62.85 23.06
C VAL B 941 -60.42 63.93 22.49
N GLU B 942 -59.89 64.79 23.36
CA GLU B 942 -58.90 65.78 22.95
C GLU B 942 -57.74 65.12 22.22
N GLU B 943 -57.17 64.08 22.83
CA GLU B 943 -56.05 63.38 22.22
C GLU B 943 -56.44 62.76 20.89
N ARG B 944 -57.66 62.21 20.81
CA ARG B 944 -58.11 61.57 19.58
C ARG B 944 -58.20 62.56 18.44
N PHE B 945 -58.73 63.76 18.71
CA PHE B 945 -59.08 64.71 17.65
C PHE B 945 -58.15 65.92 17.56
N THR B 946 -57.01 65.88 18.24
CA THR B 946 -55.96 66.86 18.02
C THR B 946 -55.10 66.39 16.86
N SER B 947 -54.78 67.31 15.94
CA SER B 947 -54.14 66.96 14.67
C SER B 947 -52.63 66.81 14.85
N SER B 948 -52.26 65.77 15.61
CA SER B 948 -50.85 65.42 15.82
C SER B 948 -50.06 66.60 16.38
N ALA B 949 -50.73 67.43 17.19
CA ALA B 949 -50.12 68.63 17.74
C ALA B 949 -50.52 68.73 19.20
N GLY B 950 -49.53 68.64 20.08
CA GLY B 950 -49.77 68.84 21.50
C GLY B 950 -50.19 70.27 21.78
N THR B 951 -51.46 70.46 22.11
CA THR B 951 -52.04 71.78 22.34
C THR B 951 -52.46 71.89 23.80
N VAL B 952 -53.00 73.06 24.15
CA VAL B 952 -53.45 73.30 25.51
C VAL B 952 -54.78 72.56 25.72
N SER B 953 -54.81 71.71 26.74
CA SER B 953 -56.05 71.02 27.10
C SER B 953 -57.10 72.04 27.54
N LEU B 954 -58.32 71.87 27.06
CA LEU B 954 -59.41 72.71 27.54
C LEU B 954 -59.71 72.41 29.01
N LEU B 955 -59.60 71.13 29.40
CA LEU B 955 -59.80 70.70 30.78
C LEU B 955 -58.44 70.59 31.46
N GLN B 956 -57.91 71.74 31.87
CA GLN B 956 -56.65 71.74 32.61
C GLN B 956 -56.81 71.21 34.03
N ASN B 957 -57.99 71.37 34.62
CA ASN B 957 -58.28 70.82 35.93
C ASN B 957 -59.73 70.37 35.96
N PHE B 958 -60.02 69.40 36.83
CA PHE B 958 -61.35 68.81 36.88
C PHE B 958 -62.38 69.73 37.51
N ASN B 959 -61.97 70.70 38.32
CA ASN B 959 -62.94 71.50 39.08
C ASN B 959 -63.82 72.32 38.16
N GLN B 960 -63.32 72.72 37.00
CA GLN B 960 -64.13 73.54 36.09
C GLN B 960 -65.21 72.73 35.38
N LEU B 961 -65.23 71.41 35.55
CA LEU B 961 -66.30 70.59 34.99
C LEU B 961 -67.56 70.60 35.84
N ASN B 962 -67.58 71.35 36.95
CA ASN B 962 -68.77 71.38 37.81
C ASN B 962 -69.98 71.93 37.08
N GLU B 963 -69.77 72.68 36.00
CA GLU B 963 -70.84 73.07 35.09
C GLU B 963 -70.56 72.41 33.74
N PRO B 964 -70.85 71.11 33.60
CA PRO B 964 -70.31 70.38 32.44
C PRO B 964 -70.96 70.69 31.11
N GLU B 965 -72.18 71.22 31.09
CA GLU B 965 -72.85 71.48 29.81
C GLU B 965 -72.07 72.48 28.97
N GLN B 966 -71.76 73.65 29.55
CA GLN B 966 -71.05 74.67 28.81
C GLN B 966 -69.64 74.21 28.43
N PHE B 967 -68.97 73.50 29.33
CA PHE B 967 -67.62 73.07 29.04
C PHE B 967 -67.59 72.02 27.93
N THR B 968 -68.52 71.06 27.97
CA THR B 968 -68.63 70.09 26.89
C THR B 968 -68.95 70.78 25.58
N ALA B 969 -69.81 71.81 25.64
CA ALA B 969 -70.11 72.58 24.43
C ALA B 969 -68.84 73.18 23.85
N ASP B 970 -68.06 73.89 24.67
CA ASP B 970 -66.83 74.52 24.19
C ASP B 970 -65.85 73.47 23.68
N PHE B 971 -65.75 72.34 24.38
CA PHE B 971 -64.86 71.26 24.00
C PHE B 971 -65.19 70.74 22.60
N PHE B 972 -66.46 70.44 22.36
CA PHE B 972 -66.85 69.88 21.07
C PHE B 972 -67.08 70.96 20.00
N GLU B 973 -67.05 72.25 20.36
CA GLU B 973 -66.86 73.27 19.34
C GLU B 973 -65.40 73.36 18.92
N LYS B 974 -64.46 73.14 19.85
CA LYS B 974 -63.08 73.01 19.43
C LYS B 974 -62.97 71.80 18.49
N PHE B 975 -63.58 70.68 18.84
CA PHE B 975 -63.58 69.52 17.96
C PHE B 975 -64.98 69.25 17.40
N PRO B 976 -65.38 69.92 16.31
CA PRO B 976 -66.69 69.61 15.72
C PRO B 976 -66.79 68.21 15.16
N GLN B 977 -65.69 67.65 14.67
CA GLN B 977 -65.74 66.33 14.05
C GLN B 977 -65.94 65.22 15.07
N ALA B 978 -65.68 65.49 16.35
CA ALA B 978 -65.96 64.50 17.38
C ALA B 978 -67.46 64.29 17.57
N GLY B 979 -68.26 65.30 17.22
CA GLY B 979 -69.71 65.14 17.28
C GLY B 979 -70.29 64.33 16.15
N LYS B 980 -69.53 64.10 15.09
CA LYS B 980 -69.96 63.30 13.95
C LYS B 980 -69.25 61.96 13.87
N GLN B 981 -68.10 61.81 14.51
CA GLN B 981 -67.33 60.58 14.47
C GLN B 981 -67.76 59.66 15.60
N LEU B 982 -68.11 58.42 15.26
CA LEU B 982 -68.41 57.43 16.28
C LEU B 982 -67.15 57.12 17.10
N ILE B 983 -67.38 56.56 18.28
CA ILE B 983 -66.28 56.25 19.19
C ILE B 983 -65.36 55.23 18.52
N SER B 984 -64.13 55.64 18.25
CA SER B 984 -63.12 54.68 17.86
C SER B 984 -62.95 53.66 18.98
N GLU B 985 -62.78 52.39 18.61
CA GLU B 985 -62.90 51.37 19.62
C GLU B 985 -61.73 51.35 20.58
N GLU B 986 -60.59 51.94 20.20
CA GLU B 986 -59.53 52.13 21.20
C GLU B 986 -60.07 52.98 22.34
N ASP B 987 -60.79 54.04 21.99
CA ASP B 987 -61.45 54.85 23.01
C ASP B 987 -62.60 54.10 23.65
N CYS B 988 -63.23 53.16 22.94
CA CYS B 988 -64.30 52.35 23.54
C CYS B 988 -63.74 51.43 24.63
N ASP B 989 -62.65 50.73 24.33
CA ASP B 989 -62.00 49.89 25.33
C ASP B 989 -61.46 50.74 26.48
N TYR B 990 -60.94 51.93 26.17
CA TYR B 990 -60.53 52.85 27.22
C TYR B 990 -61.71 53.23 28.11
N PHE B 991 -62.87 53.48 27.49
CA PHE B 991 -64.08 53.79 28.25
C PHE B 991 -64.49 52.60 29.13
N LEU B 992 -64.38 51.40 28.59
CA LEU B 992 -64.78 50.21 29.34
C LEU B 992 -63.87 49.99 30.54
N MET B 993 -62.56 50.14 30.36
CA MET B 993 -61.64 49.98 31.48
C MET B 993 -61.70 51.17 32.44
N LEU B 994 -62.12 52.35 31.97
CA LEU B 994 -62.46 53.43 32.89
C LEU B 994 -63.67 53.06 33.74
N ALA B 995 -64.70 52.48 33.13
CA ALA B 995 -65.89 52.06 33.87
C ALA B 995 -65.54 50.96 34.85
N ALA B 996 -64.57 50.11 34.52
CA ALA B 996 -64.12 49.03 35.38
C ALA B 996 -62.89 49.40 36.20
N ARG B 997 -62.53 50.67 36.26
CA ARG B 997 -61.38 51.10 37.03
C ARG B 997 -61.63 50.85 38.52
N PRO B 998 -60.77 50.10 39.21
CA PRO B 998 -61.02 49.86 40.64
C PRO B 998 -60.59 51.05 41.48
N GLY B 999 -61.08 51.06 42.72
CA GLY B 999 -60.91 52.23 43.56
C GLY B 999 -61.65 53.44 43.04
N GLN B 1000 -62.82 53.22 42.45
CA GLN B 1000 -63.64 54.29 41.89
C GLN B 1000 -65.09 53.90 42.13
N LYS B 1001 -65.94 54.91 42.35
CA LYS B 1001 -67.35 54.62 42.51
C LYS B 1001 -67.85 54.00 41.22
N PRO B 1002 -68.42 52.77 41.25
CA PRO B 1002 -68.85 52.16 39.99
C PRO B 1002 -69.91 53.01 39.29
N VAL B 1003 -69.80 53.07 37.96
CA VAL B 1003 -70.60 53.99 37.15
C VAL B 1003 -72.07 53.60 37.24
N PRO B 1004 -73.03 54.56 37.12
CA PRO B 1004 -74.46 54.24 37.21
C PRO B 1004 -75.08 53.83 35.87
N PHE B 1005 -74.41 52.92 35.16
CA PHE B 1005 -74.93 52.42 33.90
C PHE B 1005 -74.20 51.13 33.54
N VAL B 1006 -74.79 50.39 32.61
CA VAL B 1006 -74.18 49.19 32.04
C VAL B 1006 -73.60 49.58 30.68
N PRO B 1007 -72.26 49.61 30.50
CA PRO B 1007 -71.72 50.01 29.20
C PRO B 1007 -71.66 48.87 28.20
N VAL B 1008 -71.59 47.63 28.69
CA VAL B 1008 -71.38 46.47 27.84
C VAL B 1008 -72.08 45.28 28.49
N LEU B 1009 -72.44 44.30 27.66
CA LEU B 1009 -73.08 43.06 28.09
C LEU B 1009 -72.18 41.86 27.83
N ASP B 1010 -70.90 42.01 28.15
CA ASP B 1010 -69.93 40.93 27.99
C ASP B 1010 -70.04 39.97 29.17
N GLU B 1011 -69.03 39.11 29.33
CA GLU B 1011 -69.07 38.10 30.38
C GLU B 1011 -69.25 38.69 31.77
N ARG B 1012 -68.68 39.88 32.01
CA ARG B 1012 -68.77 40.51 33.33
C ARG B 1012 -70.01 41.40 33.44
N PHE B 1013 -71.15 40.87 32.98
CA PHE B 1013 -72.38 41.65 33.06
C PHE B 1013 -72.95 41.66 34.47
N GLU B 1014 -72.81 40.55 35.21
CA GLU B 1014 -73.27 40.53 36.59
C GLU B 1014 -72.50 41.51 37.44
N PHE B 1015 -71.19 41.63 37.21
CA PHE B 1015 -70.36 42.57 37.95
C PHE B 1015 -70.86 44.00 37.74
N PHE B 1016 -71.28 44.33 36.53
CA PHE B 1016 -71.82 45.67 36.28
C PHE B 1016 -73.23 45.83 36.82
N PHE B 1017 -74.02 44.75 36.77
CA PHE B 1017 -75.45 44.84 37.09
C PHE B 1017 -75.68 44.93 38.59
N LYS B 1018 -74.92 44.17 39.38
CA LYS B 1018 -75.23 43.99 40.79
C LYS B 1018 -74.37 44.85 41.73
N LYS B 1019 -73.16 45.21 41.32
CA LYS B 1019 -72.26 45.91 42.22
C LYS B 1019 -72.78 47.30 42.58
N ASP B 1020 -72.57 47.69 43.83
CA ASP B 1020 -72.83 49.05 44.30
C ASP B 1020 -74.25 49.49 43.97
N SER B 1021 -75.20 48.70 44.46
CA SER B 1021 -76.62 48.91 44.20
C SER B 1021 -77.37 49.48 45.39
N LEU B 1022 -76.67 49.78 46.49
CA LEU B 1022 -77.33 50.11 47.75
C LEU B 1022 -77.51 51.61 47.96
N TRP B 1023 -76.66 52.44 47.35
CA TRP B 1023 -76.70 53.88 47.58
C TRP B 1023 -77.83 54.57 46.83
N GLN B 1024 -78.40 53.92 45.82
CA GLN B 1024 -79.43 54.57 45.02
C GLN B 1024 -80.66 54.89 45.86
N SER B 1025 -81.03 54.00 46.77
CA SER B 1025 -82.16 54.24 47.65
C SER B 1025 -81.94 55.45 48.55
N GLU B 1026 -80.69 55.77 48.84
CA GLU B 1026 -80.38 56.94 49.67
C GLU B 1026 -80.33 58.22 48.86
N ASP B 1027 -79.75 58.16 47.66
CA ASP B 1027 -79.67 59.31 46.77
C ASP B 1027 -80.51 59.00 45.53
N LEU B 1028 -81.82 59.25 45.63
CA LEU B 1028 -82.74 59.06 44.52
C LEU B 1028 -82.85 60.27 43.61
N GLU B 1029 -82.34 61.43 44.03
CA GLU B 1029 -82.38 62.61 43.17
C GLU B 1029 -81.46 62.48 41.95
N SER B 1030 -80.61 61.45 41.89
CA SER B 1030 -79.66 61.26 40.81
C SER B 1030 -80.03 60.14 39.85
N VAL B 1031 -80.88 59.20 40.26
CA VAL B 1031 -81.13 58.02 39.44
C VAL B 1031 -82.12 58.39 38.32
N VAL B 1032 -81.60 58.46 37.10
CA VAL B 1032 -82.38 58.63 35.87
C VAL B 1032 -83.44 59.72 36.00
N ASP B 1033 -84.61 59.38 36.56
CA ASP B 1033 -85.73 60.30 36.67
C ASP B 1033 -86.31 60.30 38.08
N GLU B 1034 -85.48 59.97 39.08
CA GLU B 1034 -85.90 59.98 40.48
C GLU B 1034 -87.08 59.04 40.72
N ASP B 1035 -87.13 57.95 39.96
CA ASP B 1035 -88.20 56.97 40.07
C ASP B 1035 -87.78 55.88 41.05
N VAL B 1036 -88.61 55.66 42.08
CA VAL B 1036 -88.27 54.70 43.12
C VAL B 1036 -88.31 53.27 42.56
N GLN B 1037 -89.23 52.99 41.64
CA GLN B 1037 -89.40 51.62 41.15
C GLN B 1037 -88.15 51.12 40.45
N ARG B 1038 -87.29 52.01 39.97
CA ARG B 1038 -86.06 51.60 39.33
C ARG B 1038 -84.98 51.26 40.37
N THR B 1039 -85.10 51.82 41.56
CA THR B 1039 -84.11 51.59 42.61
C THR B 1039 -84.50 50.36 43.44
N CYS B 1040 -83.49 49.67 43.97
CA CYS B 1040 -83.70 48.51 44.81
C CYS B 1040 -83.55 48.92 46.28
N ILE B 1041 -84.52 48.54 47.09
CA ILE B 1041 -84.57 48.88 48.50
C ILE B 1041 -84.62 47.60 49.30
N LEU B 1042 -83.69 47.44 50.23
CA LEU B 1042 -83.63 46.25 51.08
C LEU B 1042 -84.62 46.41 52.23
N HIS B 1043 -85.41 45.38 52.49
CA HIS B 1043 -86.43 45.47 53.52
C HIS B 1043 -86.88 44.06 53.92
N GLY B 1044 -87.58 43.98 55.05
CA GLY B 1044 -88.02 42.72 55.61
C GLY B 1044 -89.51 42.47 55.42
N PRO B 1045 -89.88 41.33 54.83
CA PRO B 1045 -91.32 41.07 54.64
C PRO B 1045 -92.10 40.99 55.94
N VAL B 1046 -91.49 40.49 57.01
CA VAL B 1046 -92.20 40.34 58.27
C VAL B 1046 -92.26 41.65 59.05
N ALA B 1047 -91.34 42.58 58.81
CA ALA B 1047 -91.34 43.88 59.46
C ALA B 1047 -92.10 44.95 58.69
N SER B 1048 -92.41 44.69 57.41
CA SER B 1048 -93.14 45.69 56.63
C SER B 1048 -94.55 45.93 57.14
N GLN B 1049 -95.17 44.92 57.77
CA GLN B 1049 -96.51 45.14 58.33
C GLN B 1049 -96.45 46.15 59.48
N TYR B 1050 -95.41 46.07 60.32
CA TYR B 1050 -95.29 47.02 61.42
C TYR B 1050 -94.82 48.38 60.93
N THR B 1051 -94.01 48.42 59.87
CA THR B 1051 -93.54 49.68 59.32
C THR B 1051 -94.68 50.31 58.51
N SER B 1052 -95.30 51.37 59.06
CA SER B 1052 -96.45 52.00 58.42
C SER B 1052 -96.43 53.52 58.40
N LYS B 1053 -95.69 54.19 59.27
CA LYS B 1053 -95.74 55.64 59.42
C LYS B 1053 -94.59 56.29 58.65
N VAL B 1054 -94.89 57.42 58.00
CA VAL B 1054 -93.92 58.15 57.19
C VAL B 1054 -93.36 59.30 58.02
N ASP B 1055 -92.03 59.41 58.05
CA ASP B 1055 -91.34 60.61 58.53
C ASP B 1055 -91.69 60.90 60.00
N GLU B 1056 -91.31 59.96 60.85
CA GLU B 1056 -91.44 60.11 62.29
C GLU B 1056 -90.08 59.89 62.94
N PRO B 1057 -89.81 60.52 64.09
CA PRO B 1057 -88.45 60.43 64.65
C PRO B 1057 -88.07 59.00 65.04
N ILE B 1058 -86.79 58.68 64.83
CA ILE B 1058 -86.27 57.40 65.28
C ILE B 1058 -86.36 57.31 66.81
N GLY B 1059 -86.06 58.41 67.50
CA GLY B 1059 -86.25 58.43 68.92
C GLY B 1059 -87.69 58.17 69.30
N ASP B 1060 -88.63 58.68 68.51
CA ASP B 1060 -90.04 58.43 68.77
C ASP B 1060 -90.38 56.95 68.60
N ILE B 1061 -89.84 56.33 67.55
CA ILE B 1061 -90.12 54.90 67.32
C ILE B 1061 -89.60 54.08 68.49
N LEU B 1062 -88.33 54.29 68.86
CA LEU B 1062 -87.74 53.49 69.92
C LEU B 1062 -88.38 53.80 71.26
N ASN B 1063 -88.77 55.06 71.48
CA ASN B 1063 -89.50 55.41 72.70
C ASN B 1063 -90.85 54.71 72.75
N SER B 1064 -91.55 54.62 71.62
CA SER B 1064 -92.82 53.92 71.60
C SER B 1064 -92.63 52.46 71.94
N ILE B 1065 -91.61 51.81 71.37
CA ILE B 1065 -91.37 50.41 71.67
C ILE B 1065 -91.03 50.22 73.15
N HIS B 1066 -90.13 51.05 73.66
CA HIS B 1066 -89.70 50.93 75.06
C HIS B 1066 -90.85 51.20 76.01
N GLU B 1067 -91.65 52.23 75.73
CA GLU B 1067 -92.78 52.55 76.59
C GLU B 1067 -93.84 51.45 76.53
N GLY B 1068 -94.05 50.87 75.35
CA GLY B 1068 -94.96 49.74 75.26
C GLY B 1068 -94.51 48.58 76.13
N HIS B 1069 -93.21 48.23 76.02
CA HIS B 1069 -92.68 47.15 76.84
C HIS B 1069 -92.81 47.47 78.33
N ILE B 1070 -92.54 48.72 78.71
CA ILE B 1070 -92.67 49.12 80.10
C ILE B 1070 -94.13 49.00 80.54
N ALA B 1071 -95.07 49.30 79.65
CA ALA B 1071 -96.49 49.16 79.98
C ALA B 1071 -96.84 47.69 80.21
N ARG B 1072 -96.36 46.80 79.35
CA ARG B 1072 -96.64 45.38 79.54
C ARG B 1072 -96.07 44.90 80.87
N LEU B 1073 -94.84 45.30 81.17
CA LEU B 1073 -94.19 44.81 82.39
C LEU B 1073 -94.85 45.41 83.63
N ILE B 1074 -95.20 46.70 83.59
CA ILE B 1074 -95.80 47.35 84.75
C ILE B 1074 -97.18 46.75 85.02
N LYS B 1075 -97.92 46.40 83.96
CA LYS B 1075 -99.21 45.73 84.16
C LYS B 1075 -99.03 44.31 84.69
N GLU B 1076 -98.05 43.57 84.16
CA GLU B 1076 -97.97 42.14 84.46
C GLU B 1076 -97.29 41.86 85.80
N GLU B 1077 -96.05 42.32 85.96
CA GLU B 1077 -95.20 41.89 87.06
C GLU B 1077 -95.18 42.87 88.23
N TYR B 1078 -95.95 43.96 88.18
CA TYR B 1078 -95.93 44.95 89.26
C TYR B 1078 -97.31 45.49 89.61
N ALA B 1079 -98.39 44.92 89.08
CA ALA B 1079 -99.75 45.37 89.35
C ALA B 1079 -99.97 46.82 88.91
N GLY B 1080 -99.20 47.30 87.94
CA GLY B 1080 -99.43 48.61 87.38
C GLY B 1080 -99.06 49.78 88.27
N ASP B 1081 -98.16 49.58 89.23
CA ASP B 1081 -97.72 50.62 90.15
C ASP B 1081 -96.25 50.93 89.89
N GLU B 1082 -95.98 52.16 89.42
CA GLU B 1082 -94.61 52.56 89.14
C GLU B 1082 -93.77 52.63 90.41
N SER B 1083 -94.40 52.89 91.55
CA SER B 1083 -93.65 52.97 92.80
C SER B 1083 -93.01 51.63 93.19
N LYS B 1084 -93.48 50.53 92.62
CA LYS B 1084 -92.92 49.22 92.94
C LYS B 1084 -91.64 48.91 92.16
N ILE B 1085 -91.28 49.74 91.19
CA ILE B 1085 -90.08 49.48 90.39
C ILE B 1085 -88.85 49.69 91.27
N PRO B 1086 -87.88 48.77 91.32
CA PRO B 1086 -86.65 49.05 92.07
C PRO B 1086 -85.92 50.26 91.50
N VAL B 1087 -85.33 51.04 92.39
CA VAL B 1087 -84.72 52.32 92.04
C VAL B 1087 -83.21 52.23 92.27
N VAL B 1088 -82.44 52.68 91.30
CA VAL B 1088 -80.99 52.80 91.41
C VAL B 1088 -80.61 54.21 90.98
N GLU B 1089 -79.50 54.70 91.52
CA GLU B 1089 -79.06 56.05 91.14
C GLU B 1089 -78.70 56.11 89.67
N TYR B 1090 -77.99 55.10 89.17
CA TYR B 1090 -77.60 55.04 87.76
C TYR B 1090 -77.83 53.62 87.26
N PHE B 1091 -78.32 53.53 86.03
CA PHE B 1091 -78.62 52.26 85.38
C PHE B 1091 -77.54 51.96 84.34
N GLY B 1092 -76.72 50.95 84.62
CA GLY B 1092 -75.72 50.51 83.66
C GLY B 1092 -74.42 50.05 84.28
N GLY B 1093 -73.48 49.62 83.45
CA GLY B 1093 -72.15 49.26 83.89
C GLY B 1093 -72.01 47.91 84.55
N LYS B 1094 -73.07 47.11 84.57
CA LYS B 1094 -73.04 45.79 85.21
C LYS B 1094 -72.70 44.75 84.15
N LYS B 1095 -71.62 44.01 84.36
CA LYS B 1095 -71.23 42.99 83.42
C LYS B 1095 -72.25 41.85 83.47
N PRO B 1096 -72.67 41.30 82.32
CA PRO B 1096 -73.59 40.16 82.37
C PRO B 1096 -73.01 38.95 83.07
N ALA B 1097 -71.70 38.74 82.99
CA ALA B 1097 -71.05 37.59 83.60
C ALA B 1097 -70.58 37.93 85.03
N SER B 1098 -71.53 38.40 85.82
CA SER B 1098 -71.25 38.74 87.21
C SER B 1098 -72.55 38.94 87.98
N GLY B 1109 -69.23 47.79 106.93
CA GLY B 1109 -70.15 48.83 107.35
C GLY B 1109 -69.72 50.22 106.93
N ASN B 1110 -70.08 51.23 107.73
CA ASN B 1110 -69.70 52.60 107.41
C ASN B 1110 -68.19 52.78 107.48
N GLN B 1111 -67.55 52.22 108.52
CA GLN B 1111 -66.11 52.34 108.74
C GLN B 1111 -65.49 50.96 108.48
N VAL B 1112 -64.81 50.84 107.34
CA VAL B 1112 -64.17 49.58 106.93
C VAL B 1112 -62.72 49.89 106.58
N VAL B 1113 -61.86 48.89 106.77
CA VAL B 1113 -60.43 49.00 106.48
C VAL B 1113 -60.02 47.73 105.73
N TYR B 1114 -59.40 47.91 104.57
CA TYR B 1114 -58.87 46.80 103.78
C TYR B 1114 -57.35 46.89 103.74
N GLU B 1115 -56.67 45.91 104.34
CA GLU B 1115 -55.22 45.81 104.28
C GLU B 1115 -54.87 44.91 103.10
N ILE B 1116 -54.44 45.51 102.01
CA ILE B 1116 -54.14 44.78 100.79
C ILE B 1116 -52.82 44.04 100.99
N ASP B 1117 -52.72 42.84 100.43
CA ASP B 1117 -51.50 42.06 100.46
C ASP B 1117 -51.09 41.68 99.04
N SER B 1118 -50.12 40.78 98.90
CA SER B 1118 -49.67 40.29 97.61
C SER B 1118 -49.98 38.82 97.39
N GLU B 1119 -50.57 38.13 98.37
CA GLU B 1119 -50.83 36.70 98.24
C GLU B 1119 -51.80 36.43 97.09
N LEU B 1120 -53.04 36.87 97.22
CA LEU B 1120 -53.98 36.78 96.11
C LEU B 1120 -55.20 37.68 96.33
N PRO B 1121 -55.06 39.01 96.39
CA PRO B 1121 -56.25 39.87 96.30
C PRO B 1121 -56.66 40.03 94.85
N ASN B 1122 -57.77 39.39 94.48
CA ASN B 1122 -58.29 39.53 93.13
C ASN B 1122 -58.59 40.99 92.84
N LYS B 1123 -58.17 41.46 91.67
CA LYS B 1123 -58.43 42.85 91.30
C LYS B 1123 -59.93 43.12 91.28
N GLN B 1124 -60.69 42.21 90.66
CA GLN B 1124 -62.14 42.39 90.59
C GLN B 1124 -62.77 42.38 91.98
N GLU B 1125 -62.42 41.41 92.81
CA GLU B 1125 -63.02 41.31 94.13
C GLU B 1125 -62.67 42.53 94.98
N TRP B 1126 -61.41 42.97 94.91
CA TRP B 1126 -60.98 44.15 95.66
C TRP B 1126 -61.74 45.38 95.20
N LEU B 1127 -61.91 45.56 93.89
CA LEU B 1127 -62.61 46.72 93.38
C LEU B 1127 -64.09 46.69 93.76
N ASP B 1128 -64.72 45.51 93.70
CA ASP B 1128 -66.12 45.41 94.16
C ASP B 1128 -66.24 45.71 95.65
N LEU B 1129 -65.32 45.20 96.46
CA LEU B 1129 -65.36 45.46 97.90
C LEU B 1129 -65.25 46.95 98.18
N LEU B 1130 -64.33 47.64 97.49
CA LEU B 1130 -64.21 49.08 97.66
C LEU B 1130 -65.43 49.80 97.13
N ALA B 1131 -65.99 49.32 96.01
CA ALA B 1131 -67.15 49.96 95.41
C ALA B 1131 -68.36 49.92 96.35
N GLY B 1132 -68.58 48.79 97.00
CA GLY B 1132 -69.71 48.60 97.88
C GLY B 1132 -70.88 47.95 97.17
N THR B 1133 -71.98 47.85 97.90
CA THR B 1133 -73.19 47.18 97.42
C THR B 1133 -74.16 48.14 96.73
N GLU B 1134 -74.39 49.30 97.34
CA GLU B 1134 -75.35 50.24 96.79
C GLU B 1134 -74.84 50.82 95.47
N LEU B 1135 -75.77 51.07 94.55
CA LEU B 1135 -75.45 51.66 93.25
C LEU B 1135 -75.29 53.18 93.39
N ASN B 1136 -74.28 53.57 94.16
CA ASN B 1136 -74.06 54.95 94.52
C ASN B 1136 -72.92 55.55 93.70
N TRP B 1137 -72.60 56.81 94.01
CA TRP B 1137 -71.57 57.52 93.24
C TRP B 1137 -70.24 56.81 93.34
N LEU B 1138 -69.85 56.38 94.54
CA LEU B 1138 -68.55 55.73 94.71
C LEU B 1138 -68.56 54.34 94.09
N GLN B 1139 -69.70 53.64 94.15
CA GLN B 1139 -69.79 52.34 93.50
C GLN B 1139 -69.55 52.48 92.01
N ALA B 1140 -70.24 53.42 91.36
CA ALA B 1140 -70.00 53.67 89.94
C ALA B 1140 -68.54 54.06 89.71
N PHE B 1141 -68.04 54.98 90.52
CA PHE B 1141 -66.77 55.64 90.29
C PHE B 1141 -65.58 54.73 90.55
N ILE B 1142 -65.79 53.60 91.23
CA ILE B 1142 -64.74 52.59 91.39
C ILE B 1142 -64.95 51.42 90.44
N SER B 1143 -66.16 50.88 90.34
CA SER B 1143 -66.36 49.67 89.56
C SER B 1143 -66.33 49.95 88.05
N THR B 1144 -66.60 51.19 87.63
CA THR B 1144 -66.61 51.50 86.21
C THR B 1144 -65.21 51.34 85.62
N ASP B 1145 -65.12 50.68 84.48
CA ASP B 1145 -63.85 50.35 83.85
C ASP B 1145 -63.38 51.38 82.84
N ARG B 1146 -64.19 52.38 82.51
CA ARG B 1146 -63.82 53.43 81.57
C ARG B 1146 -64.24 54.78 82.12
N ILE B 1147 -63.47 55.80 81.77
CA ILE B 1147 -63.73 57.18 82.16
C ILE B 1147 -63.93 57.99 80.89
N VAL B 1148 -64.74 59.03 80.97
CA VAL B 1148 -65.01 59.92 79.83
C VAL B 1148 -64.28 61.23 80.05
N GLN B 1149 -63.54 61.67 79.04
CA GLN B 1149 -62.80 62.94 79.06
C GLN B 1149 -63.29 63.76 77.88
N GLY B 1150 -64.36 64.54 78.10
CA GLY B 1150 -64.90 65.37 77.05
C GLY B 1150 -65.40 64.56 75.87
N SER B 1151 -66.21 63.53 76.15
CA SER B 1151 -66.68 62.60 75.13
C SER B 1151 -65.51 61.80 74.55
N LYS B 1152 -64.77 61.13 75.43
CA LYS B 1152 -63.62 60.32 75.02
C LYS B 1152 -63.44 59.23 76.07
N HIS B 1153 -63.73 57.98 75.69
CA HIS B 1153 -63.70 56.86 76.61
C HIS B 1153 -62.28 56.35 76.73
N VAL B 1154 -61.60 56.73 77.82
CA VAL B 1154 -60.24 56.26 78.09
C VAL B 1154 -60.28 55.43 79.38
N SER B 1155 -59.17 54.78 79.69
CA SER B 1155 -59.13 53.85 80.81
C SER B 1155 -59.44 54.55 82.13
N ASN B 1156 -60.10 53.83 83.02
CA ASN B 1156 -60.43 54.38 84.33
C ASN B 1156 -59.16 54.58 85.13
N PRO B 1157 -58.84 55.81 85.58
CA PRO B 1157 -57.62 55.97 86.38
C PRO B 1157 -57.66 55.24 87.71
N LEU B 1158 -58.84 54.87 88.20
CA LEU B 1158 -58.91 54.22 89.50
C LEU B 1158 -58.48 52.77 89.44
N HIS B 1159 -58.77 52.08 88.33
CA HIS B 1159 -58.28 50.72 88.20
C HIS B 1159 -56.75 50.68 88.15
N ASP B 1160 -56.10 51.81 87.92
CA ASP B 1160 -54.65 51.94 88.05
C ASP B 1160 -54.24 52.34 89.47
N ILE B 1161 -54.92 53.34 90.04
CA ILE B 1161 -54.49 53.86 91.34
C ILE B 1161 -54.77 52.85 92.44
N LEU B 1162 -55.98 52.29 92.49
CA LEU B 1162 -56.37 51.33 93.52
C LEU B 1162 -55.93 49.90 93.19
N THR B 1163 -55.06 49.73 92.20
CA THR B 1163 -54.60 48.39 91.85
C THR B 1163 -53.88 47.77 93.05
N PRO B 1164 -54.03 46.46 93.28
CA PRO B 1164 -53.26 45.83 94.37
C PRO B 1164 -51.77 46.07 94.24
N ALA B 1165 -51.18 46.62 95.31
CA ALA B 1165 -49.75 46.86 95.38
C ALA B 1165 -49.08 45.99 96.44
N LYS B 1166 -49.48 46.15 97.71
CA LYS B 1166 -48.96 45.43 98.87
C LYS B 1166 -49.30 46.18 100.15
N HIS B 1167 -49.34 47.52 100.09
CA HIS B 1167 -49.56 48.35 101.27
C HIS B 1167 -50.58 49.45 101.02
N SER B 1168 -51.36 49.37 99.94
CA SER B 1168 -52.41 50.35 99.66
C SER B 1168 -53.59 50.08 100.59
N LYS B 1169 -53.41 50.45 101.86
CA LYS B 1169 -54.48 50.34 102.84
C LYS B 1169 -55.57 51.36 102.55
N VAL B 1170 -56.82 50.89 102.43
CA VAL B 1170 -57.95 51.73 102.04
C VAL B 1170 -58.94 51.79 103.21
N THR B 1171 -59.64 52.91 103.30
CA THR B 1171 -60.61 53.14 104.37
C THR B 1171 -61.75 53.99 103.85
N ILE B 1172 -62.99 53.54 104.09
CA ILE B 1172 -64.20 54.32 103.80
C ILE B 1172 -64.73 54.85 105.12
N ASP B 1173 -64.96 56.16 105.18
CA ASP B 1173 -65.43 56.78 106.42
C ASP B 1173 -66.91 56.46 106.68
N LYS B 1174 -67.73 56.49 105.65
CA LYS B 1174 -69.15 56.21 105.80
C LYS B 1174 -69.70 55.72 104.46
N LYS B 1175 -70.95 55.26 104.49
CA LYS B 1175 -71.56 54.66 103.31
C LYS B 1175 -71.59 55.62 102.13
N THR B 1176 -71.71 56.94 102.40
CA THR B 1176 -71.73 57.94 101.34
C THR B 1176 -70.94 59.18 101.73
N LYS B 1177 -69.98 59.05 102.64
CA LYS B 1177 -69.21 60.19 103.12
C LYS B 1177 -67.91 60.38 102.36
N LYS B 1178 -67.01 59.39 102.42
CA LYS B 1178 -65.69 59.55 101.81
C LYS B 1178 -64.87 58.26 101.87
N LEU B 1179 -63.72 58.26 101.20
CA LEU B 1179 -62.84 57.12 101.12
C LEU B 1179 -61.40 57.64 101.17
N THR B 1180 -60.50 56.83 101.73
CA THR B 1180 -59.10 57.22 101.82
C THR B 1180 -58.21 56.00 101.67
N ALA B 1181 -57.11 56.17 100.94
CA ALA B 1181 -56.13 55.11 100.73
C ALA B 1181 -54.75 55.59 101.18
N PHE B 1182 -54.11 54.76 101.99
CA PHE B 1182 -52.85 55.09 102.65
C PHE B 1182 -51.77 54.14 102.15
N GLU B 1183 -50.52 54.60 102.27
CA GLU B 1183 -49.37 53.78 101.92
C GLU B 1183 -48.21 54.13 102.85
N ASN B 1184 -47.36 53.13 103.10
CA ASN B 1184 -46.22 53.28 104.01
C ASN B 1184 -45.06 53.94 103.25
N ILE B 1185 -45.23 55.24 103.00
CA ILE B 1185 -44.22 56.01 102.28
C ILE B 1185 -43.12 56.42 103.25
N LYS B 1186 -41.87 56.23 102.82
CA LYS B 1186 -40.66 56.37 103.64
C LYS B 1186 -40.84 55.72 105.02
N GLY B 1187 -41.48 54.56 105.06
CA GLY B 1187 -41.72 53.87 106.31
C GLY B 1187 -42.67 54.60 107.23
N ASP B 1188 -43.74 55.17 106.69
CA ASP B 1188 -44.74 55.87 107.48
C ASP B 1188 -46.07 55.81 106.75
N LEU B 1189 -47.09 55.28 107.43
CA LEU B 1189 -48.41 55.11 106.82
C LEU B 1189 -49.13 56.46 106.83
N LEU B 1190 -49.22 57.08 105.66
CA LEU B 1190 -49.89 58.36 105.47
C LEU B 1190 -50.82 58.27 104.28
N PRO B 1191 -51.84 59.14 104.21
CA PRO B 1191 -52.79 59.03 103.09
C PRO B 1191 -52.15 59.48 101.78
N VAL B 1192 -52.30 58.64 100.75
CA VAL B 1192 -51.83 58.98 99.42
C VAL B 1192 -52.98 59.25 98.44
N VAL B 1193 -54.19 58.76 98.73
CA VAL B 1193 -55.37 59.08 97.94
C VAL B 1193 -56.49 59.45 98.90
N GLU B 1194 -57.25 60.48 98.55
CA GLU B 1194 -58.40 60.90 99.35
C GLU B 1194 -59.54 61.19 98.38
N ILE B 1195 -60.59 60.38 98.45
CA ILE B 1195 -61.73 60.47 97.55
C ILE B 1195 -62.92 60.97 98.36
N GLU B 1196 -63.64 61.95 97.82
CA GLU B 1196 -64.87 62.37 98.47
C GLU B 1196 -65.80 62.98 97.43
N LEU B 1197 -67.02 63.29 97.86
CA LEU B 1197 -67.99 64.02 97.05
C LEU B 1197 -68.04 65.44 97.57
N VAL B 1198 -67.23 66.31 96.97
CA VAL B 1198 -67.16 67.71 97.43
C VAL B 1198 -68.50 68.38 97.30
N LYS B 1199 -69.24 68.08 96.24
CA LYS B 1199 -70.58 68.59 96.02
C LYS B 1199 -71.35 67.55 95.22
N PRO B 1200 -72.68 67.65 95.18
CA PRO B 1200 -73.45 66.67 94.39
C PRO B 1200 -73.00 66.67 92.94
N ASN B 1201 -72.85 65.46 92.39
CA ASN B 1201 -72.33 65.28 91.04
C ASN B 1201 -70.92 65.86 90.92
N THR B 1202 -70.10 65.67 91.96
CA THR B 1202 -68.71 66.12 91.89
C THR B 1202 -67.89 65.25 92.84
N ILE B 1203 -67.00 64.44 92.27
CA ILE B 1203 -66.13 63.54 93.02
C ILE B 1203 -64.71 64.09 92.93
N GLN B 1204 -64.14 64.45 94.08
CA GLN B 1204 -62.75 64.88 94.15
C GLN B 1204 -61.90 63.66 94.47
N LEU B 1205 -61.01 63.32 93.54
CA LEU B 1205 -59.96 62.33 93.74
C LEU B 1205 -58.68 63.13 93.96
N SER B 1206 -58.30 63.28 95.23
CA SER B 1206 -57.16 64.10 95.61
C SER B 1206 -55.97 63.19 95.84
N LEU B 1207 -54.96 63.29 94.96
CA LEU B 1207 -53.74 62.50 95.08
C LEU B 1207 -52.76 63.27 95.95
N ILE B 1208 -52.48 62.75 97.15
CA ILE B 1208 -51.63 63.42 98.12
C ILE B 1208 -50.19 63.05 97.84
N GLU B 1209 -49.28 64.01 98.03
CA GLU B 1209 -47.85 63.79 97.96
C GLU B 1209 -47.22 64.38 99.20
N HIS B 1210 -46.40 63.58 99.89
CA HIS B 1210 -45.73 64.00 101.11
C HIS B 1210 -44.23 64.20 100.94
N ARG B 1211 -43.64 63.68 99.87
CA ARG B 1211 -42.22 63.88 99.57
C ARG B 1211 -42.03 65.25 98.91
N THR B 1212 -42.33 66.29 99.69
CA THR B 1212 -42.35 67.67 99.22
C THR B 1212 -41.11 68.41 99.68
N ALA B 1213 -41.00 69.68 99.28
CA ALA B 1213 -39.85 70.48 99.66
C ALA B 1213 -39.91 70.87 101.14
N ASP B 1214 -41.07 71.30 101.62
CA ASP B 1214 -41.24 71.74 102.99
C ASP B 1214 -41.67 70.63 103.92
N THR B 1215 -41.92 69.42 103.41
CA THR B 1215 -42.43 68.22 104.07
C THR B 1215 -43.94 68.28 104.31
N ASN B 1216 -44.59 69.40 104.02
CA ASN B 1216 -46.04 69.48 104.19
C ASN B 1216 -46.73 68.68 103.08
N PRO B 1217 -47.83 67.99 103.39
CA PRO B 1217 -48.55 67.30 102.31
C PRO B 1217 -49.14 68.29 101.32
N VAL B 1218 -49.19 67.88 100.05
CA VAL B 1218 -49.80 68.69 99.00
C VAL B 1218 -50.66 67.80 98.13
N ALA B 1219 -51.87 68.26 97.84
CA ALA B 1219 -52.87 67.49 97.11
C ALA B 1219 -52.91 67.90 95.65
N LEU B 1220 -53.26 66.92 94.81
CA LEU B 1220 -53.56 67.13 93.40
C LEU B 1220 -55.04 66.77 93.25
N PRO B 1221 -55.94 67.74 93.27
CA PRO B 1221 -57.35 67.43 93.03
C PRO B 1221 -57.58 66.94 91.60
N PHE B 1222 -58.54 66.03 91.45
CA PHE B 1222 -59.05 65.62 90.15
C PHE B 1222 -60.57 65.59 90.31
N LEU B 1223 -61.24 66.59 89.77
CA LEU B 1223 -62.69 66.67 89.86
C LEU B 1223 -63.33 65.84 88.77
N TYR B 1224 -64.42 65.14 89.12
CA TYR B 1224 -65.11 64.24 88.22
C TYR B 1224 -66.61 64.45 88.34
N LYS B 1225 -67.25 64.86 87.26
CA LYS B 1225 -68.71 64.97 87.20
C LYS B 1225 -69.30 63.56 87.31
N TYR B 1226 -70.16 63.35 88.29
CA TYR B 1226 -70.93 62.12 88.36
C TYR B 1226 -72.29 62.32 87.71
N ASN B 1227 -72.59 61.49 86.71
CA ASN B 1227 -73.77 61.62 85.85
C ASN B 1227 -74.67 60.41 86.06
N PRO B 1228 -75.68 60.50 86.93
CA PRO B 1228 -76.61 59.37 87.07
C PRO B 1228 -77.43 59.10 85.83
N ALA B 1229 -77.52 60.05 84.89
CA ALA B 1229 -78.40 59.90 83.75
C ALA B 1229 -78.01 58.71 82.88
N ASP B 1230 -76.72 58.56 82.60
CA ASP B 1230 -76.21 57.45 81.79
C ASP B 1230 -75.29 56.60 82.65
N GLY B 1231 -75.62 55.32 82.79
CA GLY B 1231 -74.82 54.42 83.58
C GLY B 1231 -73.70 53.73 82.84
N PHE B 1232 -73.66 53.84 81.51
CA PHE B 1232 -72.50 53.36 80.76
C PHE B 1232 -71.26 54.17 81.09
N ALA B 1233 -71.40 55.49 81.14
CA ALA B 1233 -70.30 56.41 81.45
C ALA B 1233 -70.77 57.31 82.57
N PRO B 1234 -70.92 56.77 83.79
CA PRO B 1234 -71.45 57.57 84.89
C PRO B 1234 -70.45 58.58 85.44
N ILE B 1235 -69.24 58.67 84.90
CA ILE B 1235 -68.24 59.60 85.38
C ILE B 1235 -67.62 60.30 84.17
N LEU B 1236 -67.58 61.64 84.22
CA LEU B 1236 -67.01 62.49 83.20
C LEU B 1236 -65.93 63.34 83.82
N GLU B 1237 -64.69 63.19 83.35
CA GLU B 1237 -63.60 63.98 83.91
C GLU B 1237 -63.77 65.45 83.54
N ILE B 1238 -63.58 66.32 84.54
CA ILE B 1238 -63.55 67.75 84.30
C ILE B 1238 -62.18 68.08 83.72
N MET B 1239 -62.09 68.17 82.40
CA MET B 1239 -60.84 68.55 81.78
C MET B 1239 -60.58 70.01 82.08
N GLU B 1240 -61.62 70.73 82.46
CA GLU B 1240 -61.48 72.14 82.76
C GLU B 1240 -60.39 72.35 83.79
N ASP B 1241 -59.46 73.27 83.52
CA ASP B 1241 -58.38 73.57 84.45
C ASP B 1241 -57.61 72.33 84.90
N ARG B 1242 -57.79 71.21 84.21
CA ARG B 1242 -57.05 70.02 84.55
C ARG B 1242 -55.57 70.33 84.51
N ASN B 1243 -55.10 70.85 83.39
CA ASN B 1243 -53.68 71.12 83.27
C ASN B 1243 -53.25 72.21 84.24
N GLU B 1244 -54.09 73.21 84.46
CA GLU B 1244 -53.77 74.26 85.42
C GLU B 1244 -53.68 73.70 86.83
N ARG B 1245 -54.59 72.80 87.20
CA ARG B 1245 -54.55 72.21 88.53
C ARG B 1245 -53.29 71.37 88.70
N ILE B 1246 -52.97 70.55 87.70
CA ILE B 1246 -51.76 69.74 87.77
C ILE B 1246 -50.53 70.63 87.85
N LYS B 1247 -50.54 71.75 87.12
CA LYS B 1247 -49.44 72.70 87.18
C LYS B 1247 -49.31 73.32 88.55
N GLU B 1248 -50.43 73.67 89.18
CA GLU B 1248 -50.37 74.23 90.53
C GLU B 1248 -49.79 73.22 91.51
N PHE B 1249 -50.19 71.95 91.37
CA PHE B 1249 -49.66 70.92 92.26
C PHE B 1249 -48.16 70.73 92.04
N TYR B 1250 -47.73 70.66 90.78
CA TYR B 1250 -46.30 70.50 90.48
C TYR B 1250 -45.51 71.73 90.92
N TRP B 1251 -46.13 72.91 90.84
CA TRP B 1251 -45.47 74.14 91.28
C TRP B 1251 -45.27 74.12 92.79
N LYS B 1252 -46.29 73.69 93.54
CA LYS B 1252 -46.11 73.57 94.98
C LYS B 1252 -45.05 72.52 95.31
N LEU B 1253 -44.97 71.46 94.50
CA LEU B 1253 -43.96 70.43 94.75
C LEU B 1253 -42.55 70.94 94.50
N TRP B 1254 -42.33 71.57 93.34
CA TRP B 1254 -40.99 72.01 92.97
C TRP B 1254 -40.62 73.33 93.65
N PHE B 1255 -41.36 74.39 93.34
CA PHE B 1255 -41.07 75.71 93.87
C PHE B 1255 -41.86 75.95 95.15
N SER B 1258 -40.81 78.07 97.13
CA SER B 1258 -39.67 78.80 96.61
C SER B 1258 -40.12 80.07 95.90
N VAL B 1259 -41.13 79.95 95.05
CA VAL B 1259 -41.65 81.07 94.28
C VAL B 1259 -43.18 81.06 94.43
N PRO B 1260 -43.86 82.21 94.51
CA PRO B 1260 -45.32 82.18 94.55
C PRO B 1260 -45.89 81.67 93.23
N TYR B 1261 -47.08 81.07 93.31
CA TYR B 1261 -47.72 80.54 92.13
C TYR B 1261 -48.13 81.66 91.19
N SER B 1262 -47.48 81.72 90.02
CA SER B 1262 -47.79 82.74 89.03
C SER B 1262 -47.38 82.18 87.66
N ASN B 1263 -48.36 81.73 86.88
CA ASN B 1263 -48.11 81.22 85.55
C ASN B 1263 -48.14 82.32 84.49
N ASP B 1264 -48.25 83.59 84.89
CA ASP B 1264 -48.23 84.71 83.96
C ASP B 1264 -46.78 85.09 83.62
N ILE B 1265 -46.10 84.13 83.00
CA ILE B 1265 -44.71 84.29 82.57
C ILE B 1265 -44.67 84.27 81.06
N ASN B 1266 -43.93 85.19 80.47
CA ASN B 1266 -43.73 85.18 79.03
C ASN B 1266 -42.85 84.01 78.63
N VAL B 1267 -43.27 83.26 77.62
CA VAL B 1267 -42.49 82.11 77.16
C VAL B 1267 -41.16 82.57 76.59
N GLU B 1268 -41.17 83.71 75.89
CA GLU B 1268 -39.97 84.23 75.27
C GLU B 1268 -39.05 84.96 76.25
N LYS B 1269 -39.50 85.19 77.48
CA LYS B 1269 -38.68 85.89 78.47
C LYS B 1269 -37.65 84.95 79.08
N ALA B 1270 -36.80 85.50 79.94
CA ALA B 1270 -35.73 84.76 80.59
C ALA B 1270 -36.08 84.54 82.06
N ILE B 1271 -35.95 83.29 82.51
CA ILE B 1271 -36.18 82.95 83.91
C ILE B 1271 -34.87 83.12 84.66
N LEU B 1272 -34.92 83.87 85.76
CA LEU B 1272 -33.77 84.05 86.64
C LEU B 1272 -33.93 83.11 87.83
N GLY B 1273 -32.98 82.18 87.98
CA GLY B 1273 -33.00 81.27 89.09
C GLY B 1273 -32.48 81.89 90.37
N ASP B 1274 -32.60 81.13 91.46
CA ASP B 1274 -32.11 81.59 92.74
C ASP B 1274 -30.59 81.48 92.80
N GLU B 1275 -29.97 82.36 93.58
CA GLU B 1275 -28.54 82.32 93.83
C GLU B 1275 -28.25 81.23 94.85
N ILE B 1276 -27.43 80.25 94.46
CA ILE B 1276 -27.09 79.12 95.33
C ILE B 1276 -25.58 79.06 95.49
N THR B 1277 -25.14 78.77 96.70
CA THR B 1277 -23.73 78.62 97.02
C THR B 1277 -23.41 77.14 97.16
N ILE B 1278 -22.39 76.68 96.44
CA ILE B 1278 -22.04 75.28 96.40
C ILE B 1278 -21.34 74.89 97.70
N SER B 1279 -21.73 73.76 98.27
CA SER B 1279 -21.22 73.30 99.55
C SER B 1279 -20.81 71.84 99.47
N SER B 1280 -19.75 71.51 100.22
CA SER B 1280 -19.20 70.16 100.20
C SER B 1280 -20.24 69.13 100.61
N GLN B 1281 -21.12 69.49 101.55
CA GLN B 1281 -22.18 68.57 101.95
C GLN B 1281 -23.10 68.26 100.77
N THR B 1282 -23.47 69.28 99.99
CA THR B 1282 -24.35 69.06 98.85
C THR B 1282 -23.68 68.21 97.79
N ILE B 1283 -22.40 68.48 97.50
CA ILE B 1283 -21.69 67.66 96.52
C ILE B 1283 -21.55 66.22 97.01
N SER B 1284 -21.30 66.04 98.31
CA SER B 1284 -21.22 64.69 98.86
C SER B 1284 -22.53 63.95 98.66
N GLU B 1285 -23.65 64.58 99.05
CA GLU B 1285 -24.94 63.93 98.90
C GLU B 1285 -25.23 63.59 97.45
N PHE B 1286 -24.95 64.52 96.54
CA PHE B 1286 -25.24 64.30 95.13
C PHE B 1286 -24.39 63.17 94.56
N THR B 1287 -23.10 63.15 94.89
CA THR B 1287 -22.21 62.12 94.39
C THR B 1287 -22.59 60.74 94.92
N HIS B 1288 -22.88 60.64 96.22
CA HIS B 1288 -23.31 59.36 96.77
C HIS B 1288 -24.65 58.93 96.16
N ALA B 1289 -25.52 59.89 95.86
CA ALA B 1289 -26.79 59.56 95.24
C ALA B 1289 -26.58 58.92 93.87
N ILE B 1290 -25.81 59.58 93.00
CA ILE B 1290 -25.67 59.08 91.62
C ILE B 1290 -24.61 58.01 91.48
N GLY B 1291 -23.86 57.70 92.54
CA GLY B 1291 -22.82 56.70 92.45
C GLY B 1291 -21.51 57.20 91.89
N ASN B 1292 -21.31 58.51 91.83
CA ASN B 1292 -20.03 59.06 91.41
C ASN B 1292 -19.01 58.94 92.52
N LYS B 1293 -17.93 58.20 92.26
CA LYS B 1293 -16.86 57.99 93.22
C LYS B 1293 -15.58 58.74 92.85
N CYS B 1294 -15.67 59.68 91.92
CA CYS B 1294 -14.47 60.34 91.41
C CYS B 1294 -13.77 61.12 92.51
N ASP B 1295 -12.43 61.14 92.46
CA ASP B 1295 -11.66 61.78 93.51
C ASP B 1295 -11.86 63.28 93.55
N ALA B 1296 -12.11 63.90 92.39
CA ALA B 1296 -12.19 65.36 92.32
C ALA B 1296 -13.34 65.91 93.16
N PHE B 1297 -14.37 65.10 93.42
CA PHE B 1297 -15.56 65.56 94.12
C PHE B 1297 -15.62 65.10 95.57
N VAL B 1298 -14.53 64.55 96.10
CA VAL B 1298 -14.44 64.13 97.50
C VAL B 1298 -13.45 65.05 98.20
N ASP B 1299 -13.83 65.53 99.37
CA ASP B 1299 -12.97 66.44 100.13
C ASP B 1299 -11.68 65.74 100.53
N ARG B 1300 -10.55 66.30 100.10
CA ARG B 1300 -9.23 65.83 100.49
C ARG B 1300 -8.38 67.02 100.92
N PRO B 1301 -7.42 66.81 101.82
CA PRO B 1301 -6.54 67.93 102.19
C PRO B 1301 -5.70 68.39 101.01
N GLY B 1302 -5.39 69.69 101.00
CA GLY B 1302 -4.52 70.23 99.97
C GLY B 1302 -5.05 70.09 98.56
N LYS B 1303 -6.36 69.97 98.40
CA LYS B 1303 -6.98 69.81 97.09
C LYS B 1303 -8.25 70.64 97.05
N ALA B 1304 -8.47 71.31 95.91
CA ALA B 1304 -9.66 72.12 95.69
C ALA B 1304 -10.78 71.17 95.27
N THR B 1305 -11.60 70.77 96.24
CA THR B 1305 -12.71 69.87 95.94
C THR B 1305 -13.63 70.51 94.91
N LEU B 1306 -13.96 69.75 93.88
CA LEU B 1306 -14.77 70.21 92.76
C LEU B 1306 -16.19 69.64 92.89
N ALA B 1307 -17.06 70.04 91.96
CA ALA B 1307 -18.42 69.57 91.90
C ALA B 1307 -18.72 69.01 90.51
N PRO B 1308 -19.50 67.94 90.41
CA PRO B 1308 -19.75 67.36 89.09
C PRO B 1308 -20.60 68.26 88.22
N MET B 1309 -20.46 68.12 86.92
CA MET B 1309 -21.25 68.93 86.00
C MET B 1309 -22.72 68.55 86.04
N ASP B 1310 -23.03 67.34 86.50
CA ASP B 1310 -24.43 66.98 86.76
C ASP B 1310 -25.02 67.80 87.90
N PHE B 1311 -24.18 68.42 88.74
CA PHE B 1311 -24.68 69.36 89.73
C PHE B 1311 -25.24 70.62 89.06
N ALA B 1312 -24.95 70.84 87.78
CA ALA B 1312 -25.51 71.99 87.07
C ALA B 1312 -27.02 71.90 87.00
N ILE B 1313 -27.56 70.71 86.77
CA ILE B 1313 -29.01 70.55 86.71
C ILE B 1313 -29.62 70.77 88.10
N VAL B 1314 -28.89 70.41 89.16
CA VAL B 1314 -29.38 70.70 90.50
C VAL B 1314 -29.42 72.21 90.73
N ILE B 1315 -28.38 72.92 90.30
CA ILE B 1315 -28.33 74.36 90.49
C ILE B 1315 -29.44 75.03 89.70
N GLY B 1316 -29.64 74.63 88.45
CA GLY B 1316 -30.58 75.26 87.54
C GLY B 1316 -31.91 74.56 87.38
N TRP B 1317 -32.28 73.66 88.28
CA TRP B 1317 -33.55 72.95 88.15
C TRP B 1317 -34.72 73.92 88.23
N LYS B 1318 -34.65 74.89 89.14
CA LYS B 1318 -35.73 75.85 89.29
C LYS B 1318 -35.98 76.60 87.98
N ALA B 1319 -34.93 77.20 87.43
CA ALA B 1319 -35.08 78.01 86.23
C ALA B 1319 -35.46 77.16 85.02
N ILE B 1320 -34.81 76.01 84.85
CA ILE B 1320 -35.07 75.18 83.68
C ILE B 1320 -36.49 74.64 83.71
N ILE B 1321 -36.94 74.15 84.86
CA ILE B 1321 -38.26 73.54 84.93
C ILE B 1321 -39.36 74.58 85.02
N LYS B 1322 -39.05 75.82 85.38
CA LYS B 1322 -40.05 76.88 85.31
C LYS B 1322 -40.45 77.23 83.87
N ALA B 1323 -39.72 76.73 82.88
CA ALA B 1323 -39.99 77.08 81.48
C ALA B 1323 -41.23 76.42 80.91
N ILE B 1324 -41.65 75.26 81.46
CA ILE B 1324 -42.77 74.51 80.88
C ILE B 1324 -44.11 74.88 81.52
N PHE B 1325 -44.11 75.74 82.53
CA PHE B 1325 -45.33 76.14 83.24
C PHE B 1325 -46.22 77.16 82.55
N PRO B 1326 -45.70 78.15 81.81
CA PRO B 1326 -46.56 79.25 81.33
C PRO B 1326 -47.78 78.77 80.55
N LYS B 1327 -48.82 79.62 80.53
CA LYS B 1327 -50.06 79.26 79.86
C LYS B 1327 -49.85 79.04 78.37
N SER B 1328 -49.06 79.90 77.73
CA SER B 1328 -48.84 79.78 76.30
C SER B 1328 -48.16 78.46 75.93
N VAL B 1329 -47.48 77.82 76.87
CA VAL B 1329 -47.01 76.45 76.71
C VAL B 1329 -47.84 75.56 77.64
N ASP B 1330 -48.97 75.07 77.14
CA ASP B 1330 -49.93 74.32 77.94
C ASP B 1330 -49.83 72.85 77.61
N GLY B 1331 -49.91 72.02 78.64
CA GLY B 1331 -49.88 70.58 78.44
C GLY B 1331 -50.01 69.86 79.75
N ASP B 1332 -50.18 68.55 79.66
CA ASP B 1332 -50.35 67.70 80.83
C ASP B 1332 -48.97 67.38 81.41
N LEU B 1333 -48.70 67.90 82.61
CA LEU B 1333 -47.40 67.67 83.23
C LEU B 1333 -47.22 66.20 83.64
N LEU B 1334 -48.32 65.51 83.93
CA LEU B 1334 -48.22 64.08 84.24
C LEU B 1334 -47.80 63.27 83.03
N LYS B 1335 -48.14 63.73 81.84
CA LYS B 1335 -47.69 63.12 80.59
C LYS B 1335 -46.36 63.69 80.11
N LEU B 1336 -45.73 64.57 80.89
CA LEU B 1336 -44.47 65.15 80.49
C LEU B 1336 -43.40 64.08 80.38
N VAL B 1337 -42.58 64.18 79.33
CA VAL B 1337 -41.52 63.22 79.04
C VAL B 1337 -40.25 64.03 78.83
N HIS B 1338 -39.23 63.78 79.65
CA HIS B 1338 -37.92 64.38 79.43
C HIS B 1338 -37.26 63.66 78.25
N LEU B 1339 -37.14 64.36 77.11
CA LEU B 1339 -36.62 63.72 75.92
C LEU B 1339 -35.10 63.67 75.93
N SER B 1340 -34.46 64.77 76.28
CA SER B 1340 -33.01 64.83 76.26
C SER B 1340 -32.53 65.93 77.20
N ASN B 1341 -31.31 65.74 77.71
CA ASN B 1341 -30.63 66.74 78.51
C ASN B 1341 -29.16 66.72 78.15
N GLY B 1342 -28.51 67.86 78.28
CA GLY B 1342 -27.11 67.95 77.95
C GLY B 1342 -26.45 69.15 78.62
N TYR B 1343 -25.14 69.06 78.73
CA TYR B 1343 -24.32 70.12 79.29
C TYR B 1343 -23.32 70.57 78.23
N LYS B 1344 -22.81 71.79 78.40
CA LYS B 1344 -21.81 72.35 77.50
C LYS B 1344 -20.99 73.37 78.28
N MET B 1345 -19.73 73.06 78.56
CA MET B 1345 -18.86 74.01 79.23
C MET B 1345 -18.40 75.08 78.25
N ILE B 1346 -18.33 76.32 78.72
CA ILE B 1346 -17.83 77.42 77.90
C ILE B 1346 -16.33 77.29 77.80
N THR B 1347 -15.78 77.69 76.64
CA THR B 1347 -14.34 77.61 76.44
C THR B 1347 -13.61 78.47 77.45
N GLY B 1348 -12.61 77.89 78.11
CA GLY B 1348 -11.83 78.60 79.10
C GLY B 1348 -12.46 78.70 80.47
N ALA B 1349 -13.65 78.13 80.68
CA ALA B 1349 -14.34 78.20 81.95
C ALA B 1349 -14.00 76.97 82.79
N ALA B 1350 -13.53 77.20 84.00
CA ALA B 1350 -13.15 76.12 84.89
C ALA B 1350 -14.37 75.41 85.45
N PRO B 1351 -14.24 74.16 85.89
CA PRO B 1351 -15.39 73.45 86.46
C PRO B 1351 -15.84 74.07 87.78
N LEU B 1352 -17.10 73.81 88.11
CA LEU B 1352 -17.65 74.28 89.38
C LEU B 1352 -16.91 73.65 90.55
N LYS B 1353 -16.80 74.41 91.64
CA LYS B 1353 -16.05 73.96 92.80
C LYS B 1353 -16.75 74.44 94.07
N LYS B 1354 -16.27 73.92 95.20
CA LYS B 1354 -16.85 74.26 96.50
C LYS B 1354 -16.71 75.75 96.77
N GLY B 1355 -17.74 76.31 97.42
CA GLY B 1355 -17.74 77.71 97.76
C GLY B 1355 -18.17 78.64 96.65
N ASP B 1356 -18.42 78.12 95.46
CA ASP B 1356 -18.81 78.96 94.34
C ASP B 1356 -20.23 79.48 94.54
N VAL B 1357 -20.38 80.80 94.47
CA VAL B 1357 -21.69 81.45 94.51
C VAL B 1357 -22.15 81.59 93.07
N VAL B 1358 -23.21 80.86 92.71
CA VAL B 1358 -23.59 80.65 91.33
C VAL B 1358 -25.06 80.97 91.13
N SER B 1359 -25.37 81.65 90.03
CA SER B 1359 -26.72 81.98 89.64
C SER B 1359 -27.05 81.26 88.34
N THR B 1360 -28.34 81.19 88.02
CA THR B 1360 -28.83 80.55 86.82
C THR B 1360 -29.78 81.47 86.08
N LYS B 1361 -29.65 81.50 84.75
CA LYS B 1361 -30.62 82.12 83.87
C LYS B 1361 -31.14 81.03 82.95
N ALA B 1362 -32.41 81.08 82.61
CA ALA B 1362 -32.98 80.10 81.68
C ALA B 1362 -33.85 80.79 80.66
N GLU B 1363 -33.75 80.34 79.41
CA GLU B 1363 -34.56 80.85 78.31
C GLU B 1363 -35.14 79.68 77.53
N ILE B 1364 -36.26 79.92 76.88
CA ILE B 1364 -36.95 78.90 76.10
C ILE B 1364 -36.54 79.09 74.65
N LYS B 1365 -35.77 78.14 74.12
CA LYS B 1365 -35.24 78.28 72.76
C LYS B 1365 -36.31 78.03 71.72
N ALA B 1366 -37.20 77.06 71.95
CA ALA B 1366 -38.18 76.66 70.96
C ALA B 1366 -39.39 76.04 71.64
N VAL B 1367 -40.57 76.34 71.12
CA VAL B 1367 -41.79 75.64 71.49
C VAL B 1367 -42.47 75.21 70.20
N LEU B 1368 -42.68 73.91 70.03
CA LEU B 1368 -43.15 73.32 68.79
C LEU B 1368 -44.38 72.46 69.04
N ASN B 1369 -45.19 72.30 68.00
CA ASN B 1369 -46.30 71.35 67.99
C ASN B 1369 -45.99 70.28 66.95
N GLN B 1370 -45.66 69.08 67.43
CA GLN B 1370 -45.36 67.90 66.63
C GLN B 1370 -46.49 66.90 66.79
N PRO B 1371 -46.61 65.94 65.86
CA PRO B 1371 -47.71 64.95 65.98
C PRO B 1371 -47.71 64.21 67.30
N SER B 1372 -46.53 63.91 67.85
CA SER B 1372 -46.47 63.21 69.13
C SER B 1372 -46.89 64.11 70.29
N GLY B 1373 -46.65 65.42 70.17
CA GLY B 1373 -46.96 66.31 71.28
C GLY B 1373 -46.25 67.64 71.11
N LYS B 1374 -46.20 68.41 72.19
CA LYS B 1374 -45.60 69.73 72.17
C LYS B 1374 -44.17 69.66 72.71
N LEU B 1375 -43.22 70.06 71.88
CA LEU B 1375 -41.82 70.10 72.26
C LEU B 1375 -41.48 71.44 72.90
N VAL B 1376 -40.66 71.39 73.96
CA VAL B 1376 -40.17 72.58 74.64
C VAL B 1376 -38.67 72.45 74.80
N GLU B 1377 -37.93 73.48 74.39
CA GLU B 1377 -36.48 73.52 74.47
C GLU B 1377 -36.08 74.62 75.44
N VAL B 1378 -35.25 74.28 76.42
CA VAL B 1378 -34.81 75.22 77.45
C VAL B 1378 -33.28 75.22 77.46
N VAL B 1379 -32.69 76.41 77.50
CA VAL B 1379 -31.25 76.57 77.65
C VAL B 1379 -31.03 77.37 78.92
N GLY B 1380 -30.28 76.78 79.86
CA GLY B 1380 -29.98 77.40 81.13
C GLY B 1380 -28.50 77.72 81.26
N THR B 1381 -28.16 79.00 81.26
CA THR B 1381 -26.78 79.43 81.41
C THR B 1381 -26.45 79.60 82.89
N ILE B 1382 -25.31 79.05 83.29
CA ILE B 1382 -24.83 79.07 84.66
C ILE B 1382 -23.83 80.22 84.78
N TYR B 1383 -24.13 81.18 85.64
CA TYR B 1383 -23.29 82.36 85.82
C TYR B 1383 -22.54 82.27 87.14
N ARG B 1384 -21.24 82.51 87.10
CA ARG B 1384 -20.39 82.59 88.27
C ARG B 1384 -19.60 83.88 88.21
N GLU B 1385 -19.75 84.72 89.23
CA GLU B 1385 -19.05 86.00 89.30
C GLU B 1385 -19.38 86.89 88.10
N GLY B 1386 -20.61 86.76 87.58
CA GLY B 1386 -21.04 87.55 86.45
C GLY B 1386 -20.64 87.02 85.09
N LYS B 1387 -19.95 85.87 85.03
CA LYS B 1387 -19.50 85.27 83.77
C LYS B 1387 -20.15 83.90 83.57
N PRO B 1388 -20.54 83.55 82.34
CA PRO B 1388 -21.07 82.21 82.11
C PRO B 1388 -20.04 81.13 82.38
N VAL B 1389 -20.50 80.04 83.00
CA VAL B 1389 -19.66 78.88 83.30
C VAL B 1389 -20.02 77.70 82.41
N MET B 1390 -21.30 77.55 82.08
CA MET B 1390 -21.74 76.46 81.22
C MET B 1390 -23.18 76.70 80.80
N GLU B 1391 -23.67 75.82 79.94
CA GLU B 1391 -25.03 75.86 79.44
C GLU B 1391 -25.65 74.46 79.55
N VAL B 1392 -26.90 74.42 79.99
CA VAL B 1392 -27.64 73.19 80.20
C VAL B 1392 -28.82 73.20 79.24
N THR B 1393 -28.81 72.31 78.25
CA THR B 1393 -29.88 72.17 77.28
C THR B 1393 -30.82 71.07 77.75
N SER B 1394 -32.13 71.34 77.70
CA SER B 1394 -33.14 70.38 78.11
C SER B 1394 -34.29 70.39 77.11
N GLN B 1395 -34.82 69.22 76.82
CA GLN B 1395 -35.94 69.05 75.91
C GLN B 1395 -37.05 68.29 76.63
N PHE B 1396 -38.27 68.83 76.57
CA PHE B 1396 -39.43 68.24 77.22
C PHE B 1396 -40.52 68.04 76.19
N LEU B 1397 -41.31 66.98 76.38
CA LEU B 1397 -42.40 66.62 75.50
C LEU B 1397 -43.70 66.57 76.30
N TYR B 1398 -44.67 67.36 75.89
CA TYR B 1398 -46.02 67.35 76.43
C TYR B 1398 -46.86 66.51 75.47
N ARG B 1399 -47.02 65.23 75.79
CA ARG B 1399 -47.78 64.35 74.91
C ARG B 1399 -49.24 64.80 74.85
N GLY B 1400 -49.77 64.92 73.64
CA GLY B 1400 -51.15 65.33 73.45
C GLY B 1400 -51.30 66.05 72.13
N GLU B 1401 -52.50 66.59 71.93
CA GLU B 1401 -52.86 67.35 70.74
C GLU B 1401 -53.00 68.81 71.11
N TYR B 1402 -52.30 69.69 70.40
CA TYR B 1402 -52.32 71.12 70.67
C TYR B 1402 -52.42 71.88 69.36
N ASN B 1403 -53.34 72.84 69.31
CA ASN B 1403 -53.55 73.68 68.14
C ASN B 1403 -53.14 75.13 68.37
N ASP B 1404 -52.52 75.45 69.51
CA ASP B 1404 -52.13 76.82 69.83
C ASP B 1404 -50.81 77.15 69.14
N TYR B 1405 -50.88 77.21 67.81
CA TYR B 1405 -49.70 77.50 67.01
C TYR B 1405 -49.21 78.94 67.21
N CYS B 1406 -50.06 79.83 67.72
CA CYS B 1406 -49.62 81.20 67.95
C CYS B 1406 -48.56 81.28 69.03
N ASN B 1407 -48.50 80.29 69.92
CA ASN B 1407 -47.55 80.27 71.02
C ASN B 1407 -46.30 79.46 70.72
N THR B 1408 -46.19 78.87 69.54
CA THR B 1408 -45.05 78.04 69.16
C THR B 1408 -43.99 78.89 68.47
N PHE B 1409 -42.73 78.55 68.70
CA PHE B 1409 -41.62 79.24 68.06
C PHE B 1409 -40.41 78.32 68.05
N GLN B 1410 -39.46 78.63 67.17
CA GLN B 1410 -38.24 77.86 67.05
C GLN B 1410 -37.08 78.80 66.80
N LYS B 1411 -35.97 78.59 67.53
CA LYS B 1411 -34.72 79.30 67.31
C LYS B 1411 -33.64 78.26 67.01
N VAL B 1412 -33.31 78.12 65.72
CA VAL B 1412 -32.34 77.15 65.25
C VAL B 1412 -31.03 77.88 64.96
N THR B 1413 -29.95 77.40 65.56
CA THR B 1413 -28.60 77.89 65.25
C THR B 1413 -28.12 77.09 64.05
N GLU B 1414 -28.32 77.66 62.86
CA GLU B 1414 -27.92 76.98 61.63
C GLU B 1414 -26.41 76.77 61.62
N THR B 1415 -25.98 75.62 61.14
CA THR B 1415 -24.55 75.32 61.10
C THR B 1415 -23.87 76.27 60.13
N PRO B 1416 -22.61 76.65 60.37
CA PRO B 1416 -21.94 77.56 59.42
C PRO B 1416 -21.65 76.84 58.12
N VAL B 1417 -22.02 77.50 57.03
CA VAL B 1417 -21.88 76.95 55.68
C VAL B 1417 -20.81 77.73 54.94
N GLN B 1418 -19.91 76.99 54.30
CA GLN B 1418 -18.78 77.55 53.55
C GLN B 1418 -19.11 77.54 52.07
N VAL B 1419 -18.83 78.66 51.40
CA VAL B 1419 -19.03 78.78 49.96
C VAL B 1419 -17.84 79.51 49.35
N ALA B 1420 -17.38 79.02 48.20
CA ALA B 1420 -16.24 79.58 47.49
C ALA B 1420 -16.70 80.11 46.14
N PHE B 1421 -16.13 81.25 45.73
CA PHE B 1421 -16.46 81.90 44.46
C PHE B 1421 -15.32 81.67 43.49
N LYS B 1422 -15.54 80.77 42.53
CA LYS B 1422 -14.60 80.53 41.44
C LYS B 1422 -14.99 81.25 40.17
N SER B 1423 -16.06 82.05 40.19
CA SER B 1423 -16.50 82.79 39.01
C SER B 1423 -17.36 83.96 39.46
N ALA B 1424 -17.53 84.93 38.56
CA ALA B 1424 -18.39 86.08 38.84
C ALA B 1424 -19.87 85.70 38.89
N LYS B 1425 -20.22 84.52 38.39
CA LYS B 1425 -21.61 84.07 38.47
C LYS B 1425 -22.07 83.94 39.91
N ASP B 1426 -21.21 83.36 40.77
CA ASP B 1426 -21.54 83.24 42.18
C ASP B 1426 -21.72 84.62 42.82
N LEU B 1427 -20.83 85.56 42.48
CA LEU B 1427 -20.94 86.90 43.01
C LEU B 1427 -22.26 87.55 42.62
N ALA B 1428 -22.64 87.43 41.35
CA ALA B 1428 -23.90 88.01 40.90
C ALA B 1428 -25.09 87.35 41.59
N VAL B 1429 -25.06 86.02 41.71
CA VAL B 1429 -26.18 85.31 42.34
C VAL B 1429 -26.35 85.77 43.79
N LEU B 1430 -25.25 85.86 44.54
CA LEU B 1430 -25.34 86.34 45.92
C LEU B 1430 -25.78 87.79 45.99
N ARG B 1431 -25.23 88.67 45.14
CA ARG B 1431 -25.62 90.07 45.20
C ARG B 1431 -27.09 90.25 44.85
N SER B 1432 -27.66 89.30 44.09
CA SER B 1432 -29.10 89.32 43.85
C SER B 1432 -29.92 89.09 45.10
N LYS B 1433 -29.35 88.43 46.12
CA LYS B 1433 -30.09 88.17 47.34
C LYS B 1433 -30.24 89.43 48.17
N GLU B 1434 -31.48 89.75 48.55
CA GLU B 1434 -31.75 90.94 49.35
C GLU B 1434 -31.22 90.83 50.78
N TRP B 1435 -30.92 89.62 51.25
CA TRP B 1435 -30.49 89.40 52.63
C TRP B 1435 -28.98 89.46 52.80
N PHE B 1436 -28.23 89.71 51.73
CA PHE B 1436 -26.77 89.67 51.73
C PHE B 1436 -26.27 91.12 51.85
N HIS B 1437 -25.65 91.44 52.98
CA HIS B 1437 -25.16 92.80 53.27
C HIS B 1437 -23.65 92.70 53.42
N LEU B 1438 -22.93 92.88 52.31
CA LEU B 1438 -21.48 92.64 52.27
C LEU B 1438 -20.68 93.93 52.03
N GLU B 1439 -20.92 94.61 50.91
CA GLU B 1439 -20.15 95.80 50.52
C GLU B 1439 -18.65 95.50 50.44
N LYS B 1440 -18.30 94.58 49.55
CA LYS B 1440 -16.89 94.33 49.22
C LYS B 1440 -16.82 93.44 47.98
N ASP B 1441 -15.63 93.36 47.40
CA ASP B 1441 -15.35 92.49 46.26
C ASP B 1441 -14.89 91.13 46.77
N VAL B 1442 -15.47 90.07 46.21
CA VAL B 1442 -15.23 88.71 46.70
C VAL B 1442 -14.79 87.78 45.57
N GLN B 1443 -14.12 88.32 44.56
CA GLN B 1443 -13.53 87.44 43.54
C GLN B 1443 -12.53 86.51 44.20
N PHE B 1444 -12.60 85.23 43.85
CA PHE B 1444 -11.91 84.17 44.60
C PHE B 1444 -12.56 84.17 45.98
N ASP B 1445 -11.80 84.14 47.08
CA ASP B 1445 -12.33 84.30 48.44
C ASP B 1445 -13.27 83.17 48.84
N VAL B 1446 -13.45 82.99 50.15
CA VAL B 1446 -14.30 81.93 50.70
C VAL B 1446 -15.06 82.52 51.88
N LEU B 1447 -16.40 82.54 51.79
CA LEU B 1447 -17.21 83.04 52.88
C LEU B 1447 -17.73 81.90 53.74
N THR B 1448 -18.15 82.27 54.95
CA THR B 1448 -18.72 81.35 55.92
C THR B 1448 -19.89 82.06 56.59
N PHE B 1449 -21.07 81.46 56.52
CA PHE B 1449 -22.31 82.10 56.99
C PHE B 1449 -22.70 81.48 58.33
N ARG B 1450 -22.27 82.12 59.42
CA ARG B 1450 -22.68 81.69 60.76
C ARG B 1450 -24.05 82.28 61.02
N CYS B 1451 -25.09 81.50 60.76
CA CYS B 1451 -26.47 81.98 60.72
C CYS B 1451 -27.29 81.36 61.84
N GLU B 1452 -28.25 82.14 62.35
CA GLU B 1452 -29.28 81.64 63.25
C GLU B 1452 -30.64 82.01 62.67
N SER B 1453 -31.58 81.07 62.78
CA SER B 1453 -32.92 81.24 62.23
C SER B 1453 -33.94 81.18 63.36
N THR B 1454 -34.79 82.19 63.43
CA THR B 1454 -35.91 82.25 64.36
C THR B 1454 -37.20 82.04 63.56
N TYR B 1455 -38.05 81.14 64.04
CA TYR B 1455 -39.24 80.74 63.32
C TYR B 1455 -40.50 81.06 64.13
N LYS B 1456 -41.60 81.24 63.42
CA LYS B 1456 -42.92 81.37 64.01
C LYS B 1456 -43.91 80.64 63.14
N PHE B 1457 -44.77 79.84 63.78
CA PHE B 1457 -45.67 78.93 63.10
C PHE B 1457 -47.09 79.50 63.14
N LYS B 1458 -47.82 79.32 62.03
CA LYS B 1458 -49.27 79.50 62.01
C LYS B 1458 -50.01 78.17 61.96
N SER B 1459 -49.40 77.15 61.37
CA SER B 1459 -49.95 75.81 61.33
C SER B 1459 -48.80 74.82 61.43
N ALA B 1460 -49.10 73.54 61.22
CA ALA B 1460 -48.07 72.51 61.33
C ALA B 1460 -47.00 72.68 60.26
N ASN B 1461 -47.40 72.99 59.03
CA ASN B 1461 -46.51 73.00 57.88
C ASN B 1461 -46.17 74.38 57.36
N VAL B 1462 -46.88 75.42 57.80
CA VAL B 1462 -46.70 76.79 57.31
C VAL B 1462 -46.15 77.63 58.45
N TYR B 1463 -45.16 78.47 58.13
CA TYR B 1463 -44.48 79.30 59.11
C TYR B 1463 -45.11 80.69 59.12
N SER B 1464 -45.52 81.13 60.32
CA SER B 1464 -46.09 82.47 60.44
C SER B 1464 -45.07 83.54 60.07
N SER B 1465 -43.82 83.37 60.49
CA SER B 1465 -42.77 84.30 60.12
C SER B 1465 -41.42 83.61 60.23
N ILE B 1466 -40.44 84.17 59.54
CA ILE B 1466 -39.06 83.65 59.55
C ILE B 1466 -38.11 84.83 59.63
N LYS B 1467 -37.13 84.74 60.52
CA LYS B 1467 -36.13 85.78 60.72
C LYS B 1467 -34.77 85.10 60.82
N THR B 1468 -34.03 85.08 59.71
CA THR B 1468 -32.72 84.44 59.65
C THR B 1468 -31.66 85.51 59.54
N THR B 1469 -30.78 85.61 60.54
CA THR B 1469 -29.69 86.57 60.49
C THR B 1469 -28.40 85.89 60.92
N GLY B 1470 -27.29 86.40 60.42
CA GLY B 1470 -26.02 85.73 60.62
C GLY B 1470 -24.85 86.64 60.33
N GLN B 1471 -23.68 86.21 60.79
CA GLN B 1471 -22.43 86.87 60.43
C GLN B 1471 -21.85 86.22 59.18
N VAL B 1472 -21.51 87.03 58.18
CA VAL B 1472 -20.84 86.58 56.97
C VAL B 1472 -19.36 86.86 57.17
N LEU B 1473 -18.60 85.82 57.47
CA LEU B 1473 -17.16 85.92 57.68
C LEU B 1473 -16.44 85.54 56.41
N LEU B 1474 -15.28 86.14 56.19
CA LEU B 1474 -14.41 85.84 55.06
C LEU B 1474 -13.13 85.21 55.61
N GLU B 1475 -12.68 84.14 54.95
CA GLU B 1475 -11.41 83.52 55.29
C GLU B 1475 -10.26 84.35 54.72
N LEU B 1476 -9.41 84.85 55.61
CA LEU B 1476 -8.23 85.60 55.25
C LEU B 1476 -7.10 84.67 54.81
N PRO B 1477 -6.02 85.21 54.26
CA PRO B 1477 -4.86 84.34 53.96
C PRO B 1477 -4.31 83.62 55.18
N THR B 1478 -4.45 84.19 56.37
CA THR B 1478 -3.95 83.59 57.61
C THR B 1478 -4.90 82.55 58.19
N LYS B 1479 -5.91 82.10 57.43
CA LYS B 1479 -6.90 81.10 57.87
C LYS B 1479 -7.85 81.62 58.93
N GLU B 1480 -7.76 82.89 59.29
CA GLU B 1480 -8.69 83.52 60.23
C GLU B 1480 -9.97 83.86 59.49
N VAL B 1481 -11.08 83.98 60.23
CA VAL B 1481 -12.37 84.36 59.67
C VAL B 1481 -12.76 85.70 60.27
N ILE B 1482 -13.01 86.69 59.41
CA ILE B 1482 -13.34 88.05 59.86
C ILE B 1482 -14.68 88.44 59.27
N GLN B 1483 -15.55 89.00 60.10
CA GLN B 1483 -16.89 89.38 59.67
C GLN B 1483 -16.80 90.51 58.65
N VAL B 1484 -16.99 90.17 57.37
CA VAL B 1484 -17.06 91.16 56.30
C VAL B 1484 -18.49 91.60 56.01
N GLY B 1485 -19.49 90.86 56.47
CA GLY B 1485 -20.85 91.25 56.20
C GLY B 1485 -21.82 90.55 57.12
N SER B 1486 -23.11 90.67 56.76
CA SER B 1486 -24.17 90.09 57.55
C SER B 1486 -25.25 89.51 56.65
N VAL B 1487 -25.93 88.51 57.18
CA VAL B 1487 -27.17 87.98 56.63
C VAL B 1487 -28.31 88.58 57.43
N ASP B 1488 -29.31 89.11 56.72
CA ASP B 1488 -30.51 89.66 57.35
C ASP B 1488 -31.69 89.35 56.45
N TYR B 1489 -32.52 88.40 56.86
CA TYR B 1489 -33.68 87.96 56.10
C TYR B 1489 -34.89 87.93 57.02
N GLU B 1490 -35.98 88.57 56.58
CA GLU B 1490 -37.22 88.59 57.34
C GLU B 1490 -38.38 88.38 56.38
N ALA B 1491 -39.31 87.51 56.77
CA ALA B 1491 -40.46 87.20 55.94
C ALA B 1491 -41.65 86.85 56.83
N GLY B 1492 -42.84 87.11 56.31
CA GLY B 1492 -44.07 86.76 56.99
C GLY B 1492 -44.47 85.33 56.71
N THR B 1493 -45.70 85.11 56.25
CA THR B 1493 -46.17 83.78 55.94
C THR B 1493 -45.26 83.13 54.90
N SER B 1494 -44.52 82.11 55.32
CA SER B 1494 -43.53 81.45 54.47
C SER B 1494 -43.63 79.94 54.68
N TYR B 1495 -43.18 79.19 53.67
CA TYR B 1495 -43.23 77.74 53.67
C TYR B 1495 -41.86 77.11 53.88
N GLY B 1496 -40.82 77.92 54.08
CA GLY B 1496 -39.48 77.40 54.27
C GLY B 1496 -38.50 78.55 54.39
N ASN B 1497 -37.23 78.19 54.57
CA ASN B 1497 -36.16 79.16 54.74
C ASN B 1497 -35.34 79.24 53.46
N PRO B 1498 -35.53 80.25 52.59
CA PRO B 1498 -34.74 80.31 51.37
C PRO B 1498 -33.25 80.47 51.62
N VAL B 1499 -32.88 81.18 52.70
CA VAL B 1499 -31.45 81.35 53.00
C VAL B 1499 -30.81 79.99 53.26
N THR B 1500 -31.43 79.19 54.13
CA THR B 1500 -30.88 77.88 54.45
C THR B 1500 -30.93 76.96 53.23
N ASP B 1501 -32.00 77.03 52.44
CA ASP B 1501 -32.09 76.19 51.25
C ASP B 1501 -30.95 76.49 50.28
N TYR B 1502 -30.76 77.78 49.95
CA TYR B 1502 -29.71 78.15 49.01
C TYR B 1502 -28.34 77.79 49.57
N LEU B 1503 -28.14 78.04 50.87
CA LEU B 1503 -26.84 77.76 51.47
C LEU B 1503 -26.54 76.27 51.44
N SER B 1504 -27.53 75.43 51.74
CA SER B 1504 -27.32 73.99 51.67
C SER B 1504 -27.02 73.55 50.25
N ARG B 1505 -27.69 74.14 49.26
CA ARG B 1505 -27.48 73.70 47.88
C ARG B 1505 -26.12 74.15 47.33
N ASN B 1506 -25.70 75.37 47.64
CA ASN B 1506 -24.54 75.97 46.99
C ASN B 1506 -23.25 75.90 47.80
N GLY B 1507 -23.34 75.90 49.14
CA GLY B 1507 -22.17 75.81 49.99
C GLY B 1507 -21.96 74.42 50.55
N LYS B 1508 -20.99 74.33 51.45
CA LYS B 1508 -20.65 73.08 52.13
C LYS B 1508 -20.63 73.33 53.63
N THR B 1509 -21.25 72.43 54.40
CA THR B 1509 -21.26 72.56 55.85
C THR B 1509 -19.87 72.29 56.42
N ILE B 1510 -19.49 73.08 57.42
CA ILE B 1510 -18.15 72.95 58.00
C ILE B 1510 -18.01 71.60 58.69
N GLU B 1511 -19.02 71.19 59.46
CA GLU B 1511 -19.01 69.90 60.17
C GLU B 1511 -17.82 69.84 61.14
N GLU B 1512 -17.92 70.69 62.17
CA GLU B 1512 -16.85 70.78 63.16
C GLU B 1512 -16.55 69.42 63.79
N SER B 1513 -17.59 68.62 64.04
CA SER B 1513 -17.37 67.26 64.52
C SER B 1513 -16.83 66.39 63.39
N VAL B 1514 -15.75 65.68 63.66
CA VAL B 1514 -15.07 64.85 62.67
C VAL B 1514 -15.05 63.42 63.17
N ILE B 1515 -15.54 62.50 62.34
CA ILE B 1515 -15.56 61.07 62.64
C ILE B 1515 -14.34 60.45 61.96
N PHE B 1516 -13.53 59.74 62.73
CA PHE B 1516 -12.34 59.10 62.18
C PHE B 1516 -12.71 57.71 61.66
N GLU B 1517 -11.70 56.94 61.23
CA GLU B 1517 -11.90 55.75 60.42
C GLU B 1517 -12.84 54.73 61.06
N ASN B 1518 -12.45 54.17 62.19
CA ASN B 1518 -13.22 53.12 62.85
C ASN B 1518 -13.40 53.45 64.32
N ALA B 1519 -14.61 53.21 64.82
CA ALA B 1519 -14.89 53.45 66.23
C ALA B 1519 -14.03 52.54 67.10
N ILE B 1520 -13.46 53.11 68.15
CA ILE B 1520 -12.60 52.39 69.09
C ILE B 1520 -13.45 52.05 70.32
N PRO B 1521 -13.72 50.76 70.61
CA PRO B 1521 -14.26 50.39 71.92
C PRO B 1521 -13.58 51.13 73.07
N LEU B 1522 -14.36 51.59 74.05
CA LEU B 1522 -13.86 52.40 75.15
C LEU B 1522 -14.39 51.86 76.46
N SER B 1523 -14.13 50.56 76.69
CA SER B 1523 -14.62 49.80 77.84
C SER B 1523 -16.08 49.41 77.70
N SER B 1524 -16.50 49.15 76.46
CA SER B 1524 -17.81 48.54 76.23
C SER B 1524 -17.80 47.12 76.78
N GLY B 1525 -18.41 46.92 77.95
CA GLY B 1525 -18.36 45.61 78.56
C GLY B 1525 -19.05 45.58 79.91
N GLU B 1526 -18.87 44.45 80.59
CA GLU B 1526 -19.58 44.20 81.84
C GLU B 1526 -19.16 45.16 82.96
N GLU B 1527 -17.88 45.54 83.00
CA GLU B 1527 -17.43 46.49 84.01
C GLU B 1527 -18.10 47.85 83.88
N LEU B 1528 -18.71 48.13 82.74
CA LEU B 1528 -19.44 49.36 82.50
C LEU B 1528 -20.90 49.28 82.94
N THR B 1529 -21.31 48.21 83.60
CA THR B 1529 -22.70 48.08 84.03
C THR B 1529 -23.02 49.08 85.13
N SER B 1530 -24.18 49.73 85.00
CA SER B 1530 -24.69 50.66 85.99
C SER B 1530 -26.04 50.17 86.48
N LYS B 1531 -26.28 50.27 87.77
CA LYS B 1531 -27.51 49.77 88.39
C LYS B 1531 -28.35 50.93 88.91
N ALA B 1532 -29.60 50.98 88.47
CA ALA B 1532 -30.51 52.01 88.95
C ALA B 1532 -30.78 51.81 90.43
N PRO B 1533 -31.08 52.88 91.17
CA PRO B 1533 -31.18 52.75 92.62
C PRO B 1533 -32.44 52.00 93.03
N GLY B 1534 -32.38 51.42 94.24
CA GLY B 1534 -33.56 50.75 94.76
C GLY B 1534 -34.73 51.69 94.95
N THR B 1535 -34.45 52.92 95.36
CA THR B 1535 -35.46 53.95 95.51
C THR B 1535 -34.95 55.26 94.92
N ASN B 1536 -35.89 56.08 94.46
CA ASN B 1536 -35.59 57.37 93.85
C ASN B 1536 -35.65 58.52 94.84
N GLU B 1537 -35.96 58.25 96.10
CA GLU B 1537 -36.02 59.31 97.11
C GLU B 1537 -34.71 60.06 97.26
N PRO B 1538 -33.53 59.41 97.38
CA PRO B 1538 -32.32 60.21 97.58
C PRO B 1538 -32.00 61.14 96.42
N TYR B 1539 -32.12 60.67 95.18
CA TYR B 1539 -31.88 61.56 94.05
C TYR B 1539 -32.91 62.67 94.01
N ALA B 1540 -34.18 62.36 94.28
CA ALA B 1540 -35.20 63.41 94.30
C ALA B 1540 -34.86 64.46 95.34
N ILE B 1541 -34.44 64.03 96.53
CA ILE B 1541 -34.14 64.96 97.60
C ILE B 1541 -32.95 65.85 97.20
N VAL B 1542 -31.88 65.25 96.71
CA VAL B 1542 -30.67 66.03 96.46
C VAL B 1542 -30.87 66.96 95.27
N SER B 1543 -31.52 66.48 94.21
CA SER B 1543 -31.65 67.26 92.98
C SER B 1543 -32.80 68.27 93.04
N GLY B 1544 -33.76 68.08 93.94
CA GLY B 1544 -34.92 68.94 94.00
C GLY B 1544 -36.02 68.58 93.02
N ASP B 1545 -35.81 67.58 92.16
CA ASP B 1545 -36.83 67.14 91.22
C ASP B 1545 -37.75 66.17 91.95
N TYR B 1546 -38.85 66.69 92.48
CA TYR B 1546 -39.81 65.90 93.25
C TYR B 1546 -40.96 65.39 92.39
N ASN B 1547 -40.68 65.10 91.12
CA ASN B 1547 -41.73 64.60 90.24
C ASN B 1547 -42.29 63.30 90.81
N PRO B 1548 -43.59 63.21 91.10
CA PRO B 1548 -44.10 62.02 91.79
C PRO B 1548 -43.96 60.74 91.00
N ILE B 1549 -43.82 60.81 89.67
CA ILE B 1549 -43.76 59.57 88.89
C ILE B 1549 -42.52 58.76 89.24
N HIS B 1550 -41.53 59.37 89.90
CA HIS B 1550 -40.31 58.66 90.26
C HIS B 1550 -40.40 58.01 91.64
N VAL B 1551 -41.16 58.59 92.57
CA VAL B 1551 -41.14 58.18 93.97
C VAL B 1551 -42.49 57.62 94.41
N SER B 1552 -43.58 58.24 94.00
CA SER B 1552 -44.92 57.84 94.40
C SER B 1552 -45.45 56.79 93.43
N ARG B 1553 -45.92 55.66 93.98
CA ARG B 1553 -46.50 54.61 93.16
C ARG B 1553 -47.83 55.05 92.55
N VAL B 1554 -48.64 55.77 93.33
CA VAL B 1554 -49.98 56.15 92.87
C VAL B 1554 -49.90 57.05 91.64
N PHE B 1555 -49.00 58.03 91.66
CA PHE B 1555 -48.92 58.96 90.55
C PHE B 1555 -48.41 58.29 89.29
N ALA B 1556 -47.45 57.37 89.42
CA ALA B 1556 -47.00 56.61 88.25
C ALA B 1556 -48.13 55.76 87.68
N ALA B 1557 -48.91 55.11 88.56
CA ALA B 1557 -50.03 54.31 88.09
C ALA B 1557 -51.05 55.18 87.37
N TYR B 1558 -51.33 56.38 87.90
CA TYR B 1558 -52.23 57.30 87.21
C TYR B 1558 -51.67 57.73 85.86
N ALA B 1559 -50.38 58.05 85.82
CA ALA B 1559 -49.75 58.48 84.58
C ALA B 1559 -49.62 57.37 83.55
N LYS B 1560 -49.86 56.11 83.95
CA LYS B 1560 -49.91 54.93 83.09
C LYS B 1560 -48.51 54.45 82.73
N LEU B 1561 -47.47 55.15 83.13
CA LEU B 1561 -46.11 54.67 82.93
C LEU B 1561 -45.83 53.50 83.86
N PRO B 1562 -44.90 52.60 83.50
CA PRO B 1562 -44.74 51.34 84.25
C PRO B 1562 -43.98 51.47 85.57
N GLY B 1563 -44.72 51.83 86.62
CA GLY B 1563 -44.16 51.87 87.95
C GLY B 1563 -43.31 53.10 88.19
N THR B 1564 -42.73 53.15 89.39
CA THR B 1564 -41.93 54.30 89.83
C THR B 1564 -40.57 54.24 89.14
N ILE B 1565 -40.58 54.59 87.84
CA ILE B 1565 -39.35 54.55 87.06
C ILE B 1565 -38.33 55.53 87.62
N THR B 1566 -37.05 55.22 87.42
CA THR B 1566 -35.97 56.05 87.94
C THR B 1566 -35.88 57.36 87.15
N HIS B 1567 -35.27 58.35 87.78
CA HIS B 1567 -35.06 59.64 87.11
C HIS B 1567 -34.18 59.45 85.88
N GLY B 1568 -34.65 59.98 84.74
CA GLY B 1568 -33.80 60.04 83.57
C GLY B 1568 -32.54 60.83 83.84
N MET B 1569 -32.64 61.86 84.67
CA MET B 1569 -31.45 62.62 85.07
C MET B 1569 -30.52 61.77 85.94
N TYR B 1570 -31.07 60.91 86.79
CA TYR B 1570 -30.22 59.95 87.50
C TYR B 1570 -29.48 59.07 86.50
N SER B 1571 -30.19 58.57 85.49
CA SER B 1571 -29.52 57.73 84.50
C SER B 1571 -28.40 58.49 83.80
N SER B 1572 -28.67 59.74 83.40
CA SER B 1572 -27.68 60.54 82.71
C SER B 1572 -26.45 60.74 83.59
N ALA B 1573 -26.67 61.12 84.86
CA ALA B 1573 -25.55 61.37 85.75
C ALA B 1573 -24.79 60.09 86.07
N SER B 1574 -25.51 58.97 86.20
CA SER B 1574 -24.86 57.71 86.54
C SER B 1574 -23.98 57.22 85.38
N ILE B 1575 -24.41 57.44 84.15
CA ILE B 1575 -23.61 57.02 83.00
C ILE B 1575 -22.53 58.05 82.66
N ARG B 1576 -22.76 59.33 82.97
CA ARG B 1576 -21.69 60.30 82.86
C ARG B 1576 -20.62 60.07 83.93
N ALA B 1577 -21.01 59.47 85.06
CA ALA B 1577 -20.02 58.99 86.02
C ALA B 1577 -19.13 57.94 85.38
N LEU B 1578 -19.73 57.02 84.61
CA LEU B 1578 -18.93 56.04 83.88
C LEU B 1578 -18.02 56.72 82.87
N VAL B 1579 -18.51 57.76 82.20
CA VAL B 1579 -17.67 58.48 81.25
C VAL B 1579 -16.50 59.15 81.95
N GLU B 1580 -16.79 59.89 83.03
CA GLU B 1580 -15.74 60.56 83.79
C GLU B 1580 -14.76 59.58 84.40
N GLU B 1581 -15.21 58.36 84.72
CA GLU B 1581 -14.33 57.36 85.30
C GLU B 1581 -13.46 56.70 84.24
N TRP B 1582 -14.07 56.21 83.17
CA TRP B 1582 -13.33 55.39 82.20
C TRP B 1582 -12.74 56.23 81.08
N ALA B 1583 -13.53 57.10 80.46
CA ALA B 1583 -13.02 57.89 79.35
C ALA B 1583 -11.94 58.87 79.82
N ALA B 1584 -12.15 59.49 80.98
CA ALA B 1584 -11.13 60.28 81.63
C ALA B 1584 -10.38 59.39 82.62
N ASN B 1585 -9.58 60.01 83.49
CA ASN B 1585 -8.80 59.33 84.52
C ASN B 1585 -9.10 59.92 85.88
N ASN B 1586 -10.40 60.08 86.17
CA ASN B 1586 -10.86 60.84 87.33
C ASN B 1586 -10.41 62.30 87.23
N VAL B 1587 -10.14 62.76 86.02
CA VAL B 1587 -9.63 64.11 85.78
C VAL B 1587 -10.82 65.01 85.48
N ALA B 1588 -11.02 66.03 86.31
CA ALA B 1588 -12.13 66.95 86.15
C ALA B 1588 -11.91 67.95 85.01
N ALA B 1589 -10.68 68.08 84.51
CA ALA B 1589 -10.44 68.93 83.35
C ALA B 1589 -11.12 68.41 82.09
N ARG B 1590 -11.48 67.13 82.06
CA ARG B 1590 -12.08 66.53 80.87
C ARG B 1590 -13.59 66.68 80.82
N VAL B 1591 -14.21 67.22 81.86
CA VAL B 1591 -15.66 67.36 81.87
C VAL B 1591 -16.04 68.50 80.93
N ARG B 1592 -16.72 68.16 79.85
CA ARG B 1592 -17.13 69.13 78.84
C ARG B 1592 -18.45 68.64 78.25
N ALA B 1593 -18.81 69.18 77.09
CA ALA B 1593 -20.16 69.01 76.55
C ALA B 1593 -20.58 67.55 76.51
N PHE B 1594 -21.65 67.25 77.24
CA PHE B 1594 -22.17 65.90 77.42
C PHE B 1594 -23.64 65.95 77.01
N LYS B 1595 -23.92 65.52 75.79
CA LYS B 1595 -25.29 65.41 75.31
C LYS B 1595 -25.83 64.03 75.68
N CYS B 1596 -27.13 63.97 75.98
CA CYS B 1596 -27.74 62.71 76.36
C CYS B 1596 -29.22 62.77 76.04
N ASP B 1597 -29.78 61.63 75.62
CA ASP B 1597 -31.18 61.52 75.26
C ASP B 1597 -31.75 60.28 75.92
N PHE B 1598 -32.88 60.47 76.61
CA PHE B 1598 -33.58 59.42 77.33
C PHE B 1598 -34.54 58.74 76.36
N VAL B 1599 -34.00 57.87 75.52
CA VAL B 1599 -34.79 57.27 74.46
C VAL B 1599 -35.81 56.29 75.04
N GLY B 1600 -35.40 55.52 76.05
CA GLY B 1600 -36.25 54.49 76.63
C GLY B 1600 -36.71 54.84 78.03
N MET B 1601 -36.72 53.86 78.92
CA MET B 1601 -37.19 54.04 80.29
C MET B 1601 -36.57 52.96 81.16
N VAL B 1602 -36.30 53.31 82.41
CA VAL B 1602 -35.57 52.44 83.34
C VAL B 1602 -36.34 52.32 84.63
N LEU B 1603 -36.50 51.09 85.12
CA LEU B 1603 -37.13 50.79 86.39
C LEU B 1603 -36.08 50.79 87.51
N PRO B 1604 -36.50 50.93 88.77
CA PRO B 1604 -35.56 50.76 89.87
C PRO B 1604 -35.03 49.33 89.92
N ASN B 1605 -33.82 49.19 90.47
CA ASN B 1605 -33.15 47.89 90.56
C ASN B 1605 -32.97 47.27 89.18
N ASP B 1606 -32.67 48.11 88.19
CA ASP B 1606 -32.46 47.68 86.81
C ASP B 1606 -30.96 47.74 86.52
N THR B 1607 -30.44 46.65 85.97
CA THR B 1607 -29.03 46.60 85.58
C THR B 1607 -28.92 46.95 84.09
N LEU B 1608 -28.08 47.92 83.77
CA LEU B 1608 -27.99 48.51 82.45
C LEU B 1608 -26.57 48.35 81.95
N GLN B 1609 -26.41 47.75 80.78
CA GLN B 1609 -25.08 47.53 80.19
C GLN B 1609 -24.75 48.73 79.31
N THR B 1610 -24.03 49.68 79.87
CA THR B 1610 -23.59 50.83 79.11
C THR B 1610 -22.48 50.43 78.15
N THR B 1611 -22.43 51.12 77.01
CA THR B 1611 -21.41 50.91 75.99
C THR B 1611 -21.00 52.27 75.46
N MET B 1612 -19.69 52.54 75.40
CA MET B 1612 -19.19 53.75 74.77
C MET B 1612 -17.96 53.45 73.94
N GLU B 1613 -17.81 54.19 72.86
CA GLU B 1613 -16.70 54.02 71.94
C GLU B 1613 -16.30 55.39 71.39
N HIS B 1614 -15.00 55.62 71.32
CA HIS B 1614 -14.47 56.82 70.68
C HIS B 1614 -14.77 56.74 69.19
N VAL B 1615 -15.63 57.62 68.69
CA VAL B 1615 -16.06 57.61 67.30
C VAL B 1615 -15.45 58.75 66.50
N GLY B 1616 -15.31 59.93 67.11
CA GLY B 1616 -14.90 61.10 66.36
C GLY B 1616 -14.16 62.13 67.18
N MET B 1617 -14.18 63.38 66.72
CA MET B 1617 -13.38 64.43 67.33
C MET B 1617 -13.98 65.78 66.97
N ILE B 1618 -13.90 66.71 67.93
CA ILE B 1618 -14.41 68.07 67.72
C ILE B 1618 -13.48 69.08 68.39
N ASN B 1619 -12.65 69.74 67.59
CA ASN B 1619 -11.79 70.83 68.05
C ASN B 1619 -10.90 70.39 69.22
N GLY B 1620 -10.36 69.18 69.10
CA GLY B 1620 -9.48 68.64 70.11
C GLY B 1620 -10.14 67.81 71.18
N ARG B 1621 -11.46 67.97 71.35
CA ARG B 1621 -12.21 67.16 72.31
C ARG B 1621 -12.62 65.85 71.64
N LYS B 1622 -12.58 64.77 72.40
CA LYS B 1622 -12.86 63.45 71.87
C LYS B 1622 -14.36 63.18 71.96
N ILE B 1623 -15.02 63.09 70.81
CA ILE B 1623 -16.45 62.79 70.76
C ILE B 1623 -16.63 61.30 70.98
N ILE B 1624 -17.41 60.95 72.00
CA ILE B 1624 -17.63 59.57 72.40
C ILE B 1624 -19.14 59.34 72.45
N LYS B 1625 -19.62 58.39 71.65
CA LYS B 1625 -21.00 57.94 71.81
C LYS B 1625 -21.14 57.20 73.12
N VAL B 1626 -22.19 57.50 73.87
CA VAL B 1626 -22.55 56.73 75.05
C VAL B 1626 -23.95 56.17 74.82
N GLU B 1627 -24.07 54.84 74.88
CA GLU B 1627 -25.33 54.14 74.67
C GLU B 1627 -25.52 53.15 75.81
N THR B 1628 -26.69 53.21 76.43
CA THR B 1628 -27.05 52.33 77.53
C THR B 1628 -28.29 51.53 77.16
N ARG B 1629 -28.20 50.21 77.30
CA ARG B 1629 -29.29 49.30 77.04
C ARG B 1629 -29.49 48.42 78.28
N ASN B 1630 -30.75 48.30 78.72
CA ASN B 1630 -31.03 47.47 79.89
C ASN B 1630 -30.64 46.03 79.63
N VAL B 1631 -30.01 45.41 80.64
CA VAL B 1631 -29.50 44.05 80.48
C VAL B 1631 -30.64 43.07 80.24
N GLU B 1632 -31.73 43.21 81.00
CA GLU B 1632 -32.80 42.24 80.95
C GLU B 1632 -33.46 42.18 79.58
N THR B 1633 -33.63 43.34 78.93
CA THR B 1633 -34.36 43.43 77.67
C THR B 1633 -33.50 43.87 76.49
N GLU B 1634 -32.38 44.55 76.72
CA GLU B 1634 -31.45 44.95 75.66
C GLU B 1634 -32.10 45.93 74.68
N LEU B 1635 -32.69 46.98 75.24
CA LEU B 1635 -33.25 48.07 74.45
C LEU B 1635 -32.52 49.36 74.77
N PRO B 1636 -31.97 50.24 73.69
CA PRO B 1636 -31.29 51.45 74.23
C PRO B 1636 -32.18 52.31 75.14
N VAL B 1637 -31.77 52.60 76.39
CA VAL B 1637 -32.53 53.55 77.23
C VAL B 1637 -31.90 54.94 77.19
N LEU B 1638 -30.58 55.04 77.12
CA LEU B 1638 -29.88 56.31 76.97
C LEU B 1638 -28.98 56.25 75.74
N ILE B 1639 -29.01 57.32 74.95
CA ILE B 1639 -28.07 57.50 73.83
C ILE B 1639 -27.52 58.91 73.90
N GLY B 1640 -26.21 59.05 73.79
CA GLY B 1640 -25.65 60.37 73.94
C GLY B 1640 -24.24 60.49 73.42
N GLU B 1641 -23.71 61.70 73.51
CA GLU B 1641 -22.36 62.05 73.11
C GLU B 1641 -21.63 62.64 74.30
N ALA B 1642 -20.33 62.41 74.37
CA ALA B 1642 -19.47 62.98 75.40
C ALA B 1642 -18.27 63.62 74.74
N GLU B 1643 -17.86 64.78 75.23
CA GLU B 1643 -16.65 65.47 74.76
C GLU B 1643 -15.68 65.59 75.93
N ILE B 1644 -14.56 64.90 75.83
CA ILE B 1644 -13.55 64.87 76.88
C ILE B 1644 -12.21 65.28 76.27
N GLU B 1645 -11.51 66.18 76.96
CA GLU B 1645 -10.25 66.70 76.46
C GLU B 1645 -9.20 65.61 76.38
N GLN B 1646 -8.33 65.71 75.39
CA GLN B 1646 -7.16 64.84 75.35
C GLN B 1646 -6.26 65.17 76.53
N PRO B 1647 -5.33 64.29 76.87
CA PRO B 1647 -4.35 64.63 77.91
C PRO B 1647 -3.58 65.88 77.53
N THR B 1648 -3.14 66.62 78.55
CA THR B 1648 -2.45 67.89 78.36
C THR B 1648 -1.33 67.75 77.33
N THR B 1649 -1.47 68.47 76.23
CA THR B 1649 -0.67 68.24 75.02
C THR B 1649 0.13 69.47 74.65
N THR B 1650 1.34 69.22 74.14
CA THR B 1650 2.17 70.24 73.52
C THR B 1650 2.61 69.76 72.16
N TYR B 1651 2.47 70.63 71.17
CA TYR B 1651 2.82 70.32 69.78
C TYR B 1651 4.20 70.91 69.51
N VAL B 1652 5.22 70.07 69.67
CA VAL B 1652 6.60 70.49 69.43
C VAL B 1652 6.91 70.36 67.95
N PHE B 1653 7.73 71.27 67.44
CA PHE B 1653 8.03 71.35 66.01
C PHE B 1653 9.52 71.16 65.76
N THR B 1654 9.82 70.37 64.73
CA THR B 1654 11.17 69.91 64.46
C THR B 1654 12.03 70.99 63.82
N GLY B 1655 13.31 70.99 64.16
CA GLY B 1655 14.28 71.88 63.56
C GLY B 1655 15.00 71.23 62.39
N GLN B 1656 16.05 71.92 61.94
CA GLN B 1656 16.74 71.50 60.73
C GLN B 1656 17.52 70.21 60.96
N GLY B 1657 17.92 69.59 59.85
CA GLY B 1657 18.74 68.40 59.86
C GLY B 1657 18.00 67.10 59.63
N SER B 1658 16.67 67.09 59.79
CA SER B 1658 15.86 65.89 59.62
C SER B 1658 15.25 65.77 58.22
N GLN B 1659 15.55 66.71 57.32
CA GLN B 1659 14.93 66.71 56.00
C GLN B 1659 15.28 65.43 55.24
N GLU B 1660 14.30 64.92 54.50
CA GLU B 1660 14.47 63.73 53.68
C GLU B 1660 13.68 63.92 52.38
N GLN B 1661 14.13 63.22 51.34
CA GLN B 1661 13.47 63.31 50.04
C GLN B 1661 12.07 62.71 50.11
N GLY B 1662 11.11 63.38 49.49
CA GLY B 1662 9.75 62.89 49.48
C GLY B 1662 9.03 63.00 50.81
N MET B 1663 9.50 63.87 51.70
CA MET B 1663 8.88 64.00 53.01
C MET B 1663 7.51 64.66 52.88
N GLY B 1664 6.53 64.13 53.61
CA GLY B 1664 5.18 64.65 53.57
C GLY B 1664 4.40 64.26 52.34
N MET B 1665 4.97 63.48 51.43
CA MET B 1665 4.26 63.14 50.20
C MET B 1665 3.06 62.27 50.47
N GLU B 1666 3.21 61.19 51.24
CA GLU B 1666 2.07 60.32 51.53
C GLU B 1666 0.87 61.12 52.03
N LEU B 1667 1.12 62.09 52.92
CA LEU B 1667 0.04 62.95 53.37
C LEU B 1667 -0.43 63.86 52.23
N TYR B 1668 0.47 64.26 51.33
CA TYR B 1668 0.04 65.07 50.19
C TYR B 1668 -0.95 64.32 49.30
N ASN B 1669 -0.66 63.03 49.03
CA ASN B 1669 -1.62 62.21 48.28
C ASN B 1669 -2.91 61.97 49.05
N SER B 1670 -2.85 61.75 50.37
CA SER B 1670 -4.05 61.34 51.10
C SER B 1670 -4.94 62.52 51.51
N SER B 1671 -4.39 63.50 52.25
CA SER B 1671 -5.22 64.48 52.93
C SER B 1671 -5.41 65.72 52.06
N GLU B 1672 -6.68 66.10 51.84
CA GLU B 1672 -6.99 67.24 50.98
C GLU B 1672 -6.44 68.54 51.54
N VAL B 1673 -6.47 68.71 52.86
CA VAL B 1673 -5.97 69.95 53.45
C VAL B 1673 -4.46 70.03 53.28
N ALA B 1674 -3.78 68.89 53.36
CA ALA B 1674 -2.35 68.87 53.05
C ALA B 1674 -2.10 69.24 51.60
N ARG B 1675 -2.95 68.74 50.68
CA ARG B 1675 -2.87 69.18 49.30
C ARG B 1675 -2.99 70.70 49.22
N GLU B 1676 -3.95 71.28 49.94
CA GLU B 1676 -4.15 72.72 49.87
C GLU B 1676 -2.91 73.47 50.34
N VAL B 1677 -2.36 73.07 51.49
CA VAL B 1677 -1.18 73.75 52.02
C VAL B 1677 -0.02 73.67 51.03
N TRP B 1678 0.29 72.45 50.59
CA TRP B 1678 1.45 72.24 49.73
C TRP B 1678 1.26 72.97 48.40
N ASP B 1679 0.04 72.92 47.85
CA ASP B 1679 -0.20 73.57 46.56
C ASP B 1679 -0.13 75.08 46.69
N LYS B 1680 -0.70 75.65 47.73
CA LYS B 1680 -0.63 77.10 47.89
C LYS B 1680 0.84 77.54 47.99
N ALA B 1681 1.62 76.85 48.82
CA ALA B 1681 3.04 77.18 48.94
C ALA B 1681 3.77 77.02 47.61
N ASP B 1682 3.59 75.87 46.95
CA ASP B 1682 4.33 75.58 45.74
C ASP B 1682 3.99 76.57 44.65
N ARG B 1683 2.71 76.89 44.48
CA ARG B 1683 2.30 77.82 43.43
C ARG B 1683 2.84 79.21 43.70
N HIS B 1684 2.84 79.65 44.96
CA HIS B 1684 3.53 80.90 45.28
C HIS B 1684 5.00 80.83 44.88
N PHE B 1685 5.66 79.70 45.15
CA PHE B 1685 7.06 79.58 44.82
C PHE B 1685 7.31 79.68 43.32
N VAL B 1686 6.52 78.97 42.50
CA VAL B 1686 6.70 79.05 41.05
C VAL B 1686 6.40 80.46 40.56
N ASN B 1687 5.32 81.07 41.05
CA ASN B 1687 4.93 82.37 40.52
C ASN B 1687 5.96 83.44 40.86
N ASN B 1688 6.57 83.38 42.04
CA ASN B 1688 7.39 84.49 42.53
C ASN B 1688 8.89 84.24 42.39
N TYR B 1689 9.37 83.04 42.73
CA TYR B 1689 10.79 82.71 42.58
C TYR B 1689 11.11 81.85 41.38
N GLY B 1690 10.10 81.25 40.74
CA GLY B 1690 10.34 80.48 39.53
C GLY B 1690 10.81 79.06 39.73
N PHE B 1691 10.51 78.44 40.86
CA PHE B 1691 10.82 77.03 41.07
C PHE B 1691 9.70 76.37 41.86
N SER B 1692 9.70 75.04 41.84
CA SER B 1692 8.67 74.24 42.50
C SER B 1692 9.26 73.55 43.72
N ILE B 1693 8.78 73.94 44.91
CA ILE B 1693 9.24 73.31 46.14
C ILE B 1693 8.80 71.85 46.17
N LEU B 1694 7.62 71.55 45.62
CA LEU B 1694 7.21 70.15 45.52
C LEU B 1694 8.18 69.36 44.65
N ASP B 1695 8.63 69.95 43.54
CA ASP B 1695 9.61 69.29 42.70
C ASP B 1695 10.92 69.06 43.45
N ILE B 1696 11.36 70.06 44.20
CA ILE B 1696 12.61 69.92 44.94
C ILE B 1696 12.50 68.81 45.99
N VAL B 1697 11.37 68.78 46.71
CA VAL B 1697 11.20 67.76 47.74
C VAL B 1697 11.11 66.37 47.13
N GLN B 1698 10.32 66.23 46.05
CA GLN B 1698 10.10 64.92 45.47
C GLN B 1698 11.36 64.37 44.81
N ASN B 1699 12.05 65.21 44.03
CA ASN B 1699 13.19 64.77 43.23
C ASN B 1699 14.54 65.11 43.85
N ASN B 1700 14.63 66.19 44.63
CA ASN B 1700 15.89 66.62 45.23
C ASN B 1700 16.95 66.78 44.14
N PRO B 1701 16.71 67.63 43.14
CA PRO B 1701 17.66 67.75 42.04
C PRO B 1701 18.98 68.34 42.50
N ASN B 1702 20.07 67.81 41.91
CA ASN B 1702 21.39 68.34 42.23
C ASN B 1702 21.53 69.77 41.73
N GLU B 1703 21.03 70.05 40.53
CA GLU B 1703 21.10 71.37 39.91
C GLU B 1703 19.70 71.86 39.62
N LEU B 1704 19.53 73.18 39.68
CA LEU B 1704 18.24 73.80 39.36
C LEU B 1704 18.51 75.17 38.76
N THR B 1705 18.08 75.38 37.51
CA THR B 1705 18.28 76.64 36.81
C THR B 1705 16.94 77.38 36.74
N ILE B 1706 16.91 78.58 37.27
CA ILE B 1706 15.79 79.50 37.14
C ILE B 1706 16.07 80.37 35.94
N HIS B 1707 15.12 80.44 35.02
CA HIS B 1707 15.27 81.19 33.79
C HIS B 1707 14.44 82.46 33.86
N PHE B 1708 14.92 83.53 33.22
CA PHE B 1708 14.33 84.85 33.31
C PHE B 1708 13.89 85.36 31.93
N GLY B 1709 13.25 84.50 31.16
CA GLY B 1709 12.71 84.89 29.87
C GLY B 1709 11.24 85.24 29.96
N GLY B 1710 10.84 86.25 29.20
CA GLY B 1710 9.48 86.73 29.22
C GLY B 1710 9.21 87.63 30.41
N ALA B 1711 8.01 88.20 30.45
CA ALA B 1711 7.66 89.15 31.50
C ALA B 1711 7.67 88.50 32.87
N LYS B 1712 7.17 87.27 32.97
CA LYS B 1712 7.24 86.54 34.24
C LYS B 1712 8.69 86.33 34.65
N GLY B 1713 9.55 86.03 33.68
CA GLY B 1713 10.98 85.92 33.97
C GLY B 1713 11.56 87.21 34.50
N ARG B 1714 11.15 88.35 33.92
CA ARG B 1714 11.64 89.63 34.42
C ARG B 1714 11.15 89.88 35.84
N ALA B 1715 9.90 89.53 36.14
CA ALA B 1715 9.40 89.72 37.50
C ALA B 1715 10.16 88.85 38.49
N ILE B 1716 10.41 87.59 38.12
CA ILE B 1716 11.16 86.69 39.01
C ILE B 1716 12.58 87.22 39.21
N ARG B 1717 13.21 87.68 38.13
CA ARG B 1717 14.54 88.28 38.25
C ARG B 1717 14.51 89.50 39.16
N ASP B 1718 13.45 90.31 39.07
CA ASP B 1718 13.32 91.48 39.93
C ASP B 1718 13.23 91.06 41.38
N ASN B 1719 12.49 90.00 41.67
CA ASN B 1719 12.44 89.48 43.04
C ASN B 1719 13.82 89.07 43.52
N TYR B 1720 14.55 88.31 42.69
CA TYR B 1720 15.89 87.87 43.07
C TYR B 1720 16.82 89.06 43.29
N ILE B 1721 16.71 90.10 42.45
CA ILE B 1721 17.56 91.27 42.58
C ILE B 1721 17.21 92.04 43.84
N GLY B 1722 15.92 92.22 44.11
CA GLY B 1722 15.48 92.94 45.28
C GLY B 1722 15.79 92.27 46.59
N MET B 1723 15.96 90.94 46.58
CA MET B 1723 16.45 90.26 47.77
C MET B 1723 17.79 90.84 48.19
N MET B 1724 17.86 91.37 49.41
CA MET B 1724 19.05 92.04 49.92
C MET B 1724 19.42 91.49 51.31
N PHE B 1725 20.72 91.41 51.55
CA PHE B 1725 21.28 91.07 52.87
C PHE B 1725 21.70 92.40 53.51
N GLU B 1726 20.86 92.87 54.43
CA GLU B 1726 21.18 94.05 55.22
C GLU B 1726 21.87 93.63 56.52
N THR B 1727 22.86 94.42 56.93
CA THR B 1727 23.63 94.12 58.13
C THR B 1727 24.21 95.41 58.69
N ILE B 1728 24.89 95.29 59.83
CA ILE B 1728 25.54 96.41 60.48
C ILE B 1728 26.97 96.04 60.84
N LEU B 1734 25.45 100.73 58.08
CA LEU B 1734 24.53 99.69 57.64
C LEU B 1734 24.86 99.28 56.20
N LYS B 1735 25.32 98.04 56.04
CA LYS B 1735 25.67 97.51 54.73
C LYS B 1735 24.45 96.84 54.10
N SER B 1736 24.38 96.91 52.77
CA SER B 1736 23.25 96.43 51.99
C SER B 1736 23.73 95.55 50.85
N GLU B 1737 24.64 94.62 51.12
CA GLU B 1737 25.13 93.72 50.09
C GLU B 1737 24.02 92.79 49.62
N LYS B 1738 23.97 92.55 48.32
CA LYS B 1738 22.90 91.76 47.72
C LYS B 1738 23.20 90.27 47.86
N ILE B 1739 22.14 89.48 48.03
CA ILE B 1739 22.29 88.03 48.14
C ILE B 1739 22.80 87.45 46.84
N PHE B 1740 22.19 87.84 45.71
CA PHE B 1740 22.57 87.36 44.38
C PHE B 1740 23.30 88.50 43.69
N LYS B 1741 24.61 88.59 43.93
CA LYS B 1741 25.42 89.63 43.29
C LYS B 1741 25.59 89.39 41.80
N ASP B 1742 25.45 88.14 41.34
CA ASP B 1742 25.65 87.81 39.94
C ASP B 1742 24.37 87.85 39.12
N ILE B 1743 23.25 88.26 39.71
CA ILE B 1743 22.00 88.50 38.99
C ILE B 1743 21.89 90.01 38.77
N ASP B 1744 21.53 90.39 37.56
CA ASP B 1744 21.35 91.78 37.19
C ASP B 1744 20.37 91.83 36.02
N GLU B 1745 20.23 93.00 35.40
CA GLU B 1745 19.27 93.15 34.31
C GLU B 1745 19.63 92.31 33.09
N THR B 1746 20.92 92.01 32.89
CA THR B 1746 21.38 91.35 31.67
C THR B 1746 21.50 89.84 31.80
N THR B 1747 21.15 89.26 32.95
CA THR B 1747 21.28 87.82 33.14
C THR B 1747 20.00 87.10 32.75
N THR B 1748 20.15 86.00 32.00
CA THR B 1748 19.03 85.21 31.53
C THR B 1748 18.72 84.01 32.42
N SER B 1749 19.61 83.64 33.33
CA SER B 1749 19.32 82.52 34.22
C SER B 1749 20.23 82.57 35.43
N TYR B 1750 19.85 81.81 36.45
CA TYR B 1750 20.62 81.61 37.67
C TYR B 1750 20.54 80.15 38.07
N THR B 1751 21.68 79.55 38.39
CA THR B 1751 21.75 78.14 38.72
C THR B 1751 22.10 77.95 40.20
N PHE B 1752 21.29 77.17 40.91
CA PHE B 1752 21.60 76.75 42.26
C PHE B 1752 22.50 75.51 42.21
N VAL B 1753 23.52 75.49 43.06
CA VAL B 1753 24.54 74.45 43.05
C VAL B 1753 24.54 73.76 44.42
N SER B 1754 24.51 72.43 44.40
CA SER B 1754 24.62 71.61 45.60
C SER B 1754 25.57 70.47 45.30
N PRO B 1755 26.16 69.86 46.34
CA PRO B 1755 27.05 68.72 46.08
C PRO B 1755 26.29 67.46 45.69
N THR B 1756 25.21 67.14 46.40
CA THR B 1756 24.45 65.91 46.20
C THR B 1756 22.97 66.18 45.93
N GLY B 1757 22.39 67.20 46.54
CA GLY B 1757 20.99 67.51 46.33
C GLY B 1757 20.62 68.88 46.86
N LEU B 1758 19.69 69.55 46.18
CA LEU B 1758 19.29 70.89 46.60
C LEU B 1758 18.38 70.87 47.82
N LEU B 1759 17.72 69.75 48.09
CA LEU B 1759 16.89 69.65 49.29
C LEU B 1759 17.70 69.83 50.56
N SER B 1760 19.01 69.53 50.51
CA SER B 1760 19.90 69.77 51.63
C SER B 1760 20.31 71.23 51.75
N ALA B 1761 20.09 72.04 50.72
CA ALA B 1761 20.45 73.45 50.78
C ALA B 1761 19.57 74.17 51.79
N THR B 1762 20.15 75.18 52.45
CA THR B 1762 19.44 75.90 53.49
C THR B 1762 18.20 76.59 52.95
N GLN B 1763 18.30 77.17 51.75
CA GLN B 1763 17.19 77.95 51.21
C GLN B 1763 16.00 77.07 50.83
N PHE B 1764 16.26 75.82 50.46
CA PHE B 1764 15.19 74.89 50.11
C PHE B 1764 14.85 73.92 51.23
N THR B 1765 15.80 73.63 52.11
CA THR B 1765 15.51 72.79 53.26
C THR B 1765 14.50 73.46 54.20
N GLN B 1766 14.73 74.73 54.52
CA GLN B 1766 13.88 75.40 55.50
C GLN B 1766 12.44 75.52 55.04
N PRO B 1767 12.13 76.05 53.85
CA PRO B 1767 10.72 76.04 53.40
C PRO B 1767 10.14 74.65 53.32
N ALA B 1768 10.91 73.66 52.87
CA ALA B 1768 10.37 72.31 52.74
C ALA B 1768 9.99 71.73 54.10
N LEU B 1769 10.87 71.91 55.09
CA LEU B 1769 10.58 71.38 56.43
C LEU B 1769 9.45 72.14 57.09
N THR B 1770 9.49 73.48 57.02
CA THR B 1770 8.39 74.28 57.55
C THR B 1770 7.07 73.86 56.92
N LEU B 1771 7.10 73.54 55.62
CA LEU B 1771 5.86 73.21 54.92
C LEU B 1771 5.37 71.81 55.25
N MET B 1772 6.28 70.85 55.40
CA MET B 1772 5.83 69.53 55.81
C MET B 1772 5.20 69.60 57.18
N GLU B 1773 5.82 70.35 58.10
CA GLU B 1773 5.25 70.49 59.43
C GLU B 1773 3.91 71.20 59.39
N LYS B 1774 3.81 72.29 58.62
CA LYS B 1774 2.56 73.02 58.51
C LYS B 1774 1.46 72.16 57.90
N ALA B 1775 1.79 71.39 56.86
CA ALA B 1775 0.79 70.54 56.23
C ALA B 1775 0.31 69.43 57.15
N ALA B 1776 1.25 68.80 57.87
CA ALA B 1776 0.86 67.78 58.83
C ALA B 1776 -0.03 68.37 59.92
N TYR B 1777 0.33 69.54 60.43
CA TYR B 1777 -0.48 70.16 61.48
C TYR B 1777 -1.84 70.59 60.94
N GLU B 1778 -1.92 70.99 59.68
CA GLU B 1778 -3.20 71.44 59.13
C GLU B 1778 -4.11 70.24 58.84
N ASP B 1779 -3.55 69.12 58.41
CA ASP B 1779 -4.36 67.91 58.30
C ASP B 1779 -4.83 67.47 59.68
N ILE B 1780 -3.96 67.57 60.68
CA ILE B 1780 -4.36 67.26 62.06
C ILE B 1780 -5.48 68.19 62.50
N LYS B 1781 -5.39 69.47 62.16
CA LYS B 1781 -6.47 70.42 62.45
C LYS B 1781 -7.76 70.01 61.77
N SER B 1782 -7.68 69.63 60.50
CA SER B 1782 -8.86 69.21 59.76
C SER B 1782 -9.51 67.99 60.41
N LYS B 1783 -8.70 67.14 61.04
CA LYS B 1783 -9.23 66.02 61.81
C LYS B 1783 -9.61 66.42 63.23
N GLY B 1784 -9.30 67.63 63.66
CA GLY B 1784 -9.79 68.15 64.93
C GLY B 1784 -9.06 67.66 66.15
N LEU B 1785 -7.77 67.33 66.04
CA LEU B 1785 -6.99 66.79 67.14
C LEU B 1785 -6.18 67.87 67.86
N ILE B 1786 -6.67 69.10 67.90
CA ILE B 1786 -5.98 70.23 68.52
C ILE B 1786 -6.80 70.67 69.73
N PRO B 1787 -6.40 70.31 70.94
CA PRO B 1787 -7.05 70.89 72.12
C PRO B 1787 -6.87 72.40 72.15
N SER B 1788 -7.88 73.09 72.66
CA SER B 1788 -7.84 74.55 72.67
C SER B 1788 -6.69 75.09 73.51
N ASP B 1789 -6.38 74.44 74.62
CA ASP B 1789 -5.37 74.92 75.57
C ASP B 1789 -4.03 74.21 75.39
N ILE B 1790 -3.66 73.89 74.15
CA ILE B 1790 -2.39 73.22 73.90
C ILE B 1790 -1.22 74.12 74.29
N MET B 1791 -0.05 73.51 74.42
CA MET B 1791 1.22 74.23 74.40
C MET B 1791 1.89 73.99 73.06
N PHE B 1792 2.90 74.80 72.76
CA PHE B 1792 3.67 74.52 71.55
C PHE B 1792 5.01 75.24 71.62
N ALA B 1793 6.00 74.61 71.01
CA ALA B 1793 7.35 75.16 70.89
C ALA B 1793 7.98 74.53 69.66
N GLY B 1794 9.20 74.93 69.37
CA GLY B 1794 9.88 74.38 68.22
C GLY B 1794 11.36 74.67 68.28
N HIS B 1795 12.12 73.85 67.55
CA HIS B 1795 13.58 73.92 67.54
C HIS B 1795 14.01 74.72 66.31
N SER B 1796 14.54 75.92 66.55
CA SER B 1796 15.03 76.80 65.50
C SER B 1796 13.96 77.06 64.45
N LEU B 1797 13.99 76.32 63.34
CA LEU B 1797 12.98 76.50 62.30
C LEU B 1797 11.62 76.00 62.75
N GLY B 1798 11.62 74.99 63.63
CA GLY B 1798 10.38 74.51 64.18
C GLY B 1798 9.60 75.57 64.91
N GLU B 1799 10.28 76.58 65.46
CA GLU B 1799 9.57 77.68 66.09
C GLU B 1799 8.70 78.43 65.09
N TYR B 1800 9.27 78.79 63.95
CA TYR B 1800 8.50 79.49 62.93
C TYR B 1800 7.37 78.62 62.43
N SER B 1801 7.66 77.33 62.20
CA SER B 1801 6.61 76.42 61.77
C SER B 1801 5.49 76.33 62.80
N ALA B 1802 5.85 76.26 64.08
CA ALA B 1802 4.86 76.14 65.14
C ALA B 1802 3.99 77.38 65.23
N LEU B 1803 4.61 78.56 65.13
CA LEU B 1803 3.83 79.79 65.22
C LEU B 1803 2.89 79.91 64.04
N SER B 1804 3.34 79.55 62.84
CA SER B 1804 2.44 79.57 61.70
C SER B 1804 1.32 78.54 61.84
N SER B 1805 1.62 77.37 62.42
CA SER B 1805 0.65 76.28 62.48
C SER B 1805 -0.40 76.50 63.57
N LEU B 1806 -0.02 77.08 64.70
CA LEU B 1806 -0.91 77.24 65.85
C LEU B 1806 -1.46 78.64 65.98
N ALA B 1807 -0.60 79.65 65.97
CA ALA B 1807 -1.04 81.04 66.06
C ALA B 1807 -1.50 81.61 64.73
N ASN B 1808 -1.10 81.00 63.61
CA ASN B 1808 -1.47 81.47 62.28
C ASN B 1808 -1.10 82.94 62.10
N VAL B 1809 0.09 83.30 62.58
CA VAL B 1809 0.55 84.69 62.48
C VAL B 1809 0.78 85.11 61.04
N MET B 1810 1.01 84.16 60.14
CA MET B 1810 1.34 84.44 58.75
C MET B 1810 0.59 83.48 57.84
N PRO B 1811 0.31 83.87 56.60
CA PRO B 1811 -0.24 82.92 55.63
C PRO B 1811 0.85 81.96 55.14
N ILE B 1812 0.42 80.97 54.36
CA ILE B 1812 1.37 80.01 53.81
C ILE B 1812 2.36 80.72 52.89
N GLU B 1813 1.87 81.62 52.04
CA GLU B 1813 2.74 82.31 51.09
C GLU B 1813 3.80 83.14 51.81
N SER B 1814 3.38 83.94 52.78
CA SER B 1814 4.34 84.74 53.54
C SER B 1814 5.29 83.86 54.33
N LEU B 1815 4.79 82.77 54.93
CA LEU B 1815 5.65 81.88 55.68
C LEU B 1815 6.77 81.32 54.81
N VAL B 1816 6.40 80.79 53.63
CA VAL B 1816 7.41 80.19 52.77
C VAL B 1816 8.35 81.27 52.24
N ASP B 1817 7.82 82.46 51.95
CA ASP B 1817 8.66 83.54 51.46
C ASP B 1817 9.70 83.94 52.50
N VAL B 1818 9.29 84.08 53.76
CA VAL B 1818 10.24 84.52 54.78
C VAL B 1818 11.27 83.44 55.07
N VAL B 1819 10.83 82.18 55.16
CA VAL B 1819 11.81 81.13 55.46
C VAL B 1819 12.78 80.96 54.32
N PHE B 1820 12.32 81.08 53.07
CA PHE B 1820 13.24 81.03 51.93
C PHE B 1820 14.20 82.20 51.94
N TYR B 1821 13.69 83.40 52.23
CA TYR B 1821 14.53 84.59 52.30
C TYR B 1821 15.63 84.42 53.32
N ARG B 1822 15.28 83.94 54.52
CA ARG B 1822 16.28 83.79 55.56
C ARG B 1822 17.19 82.59 55.33
N GLY B 1823 16.73 81.58 54.59
CA GLY B 1823 17.64 80.51 54.19
C GLY B 1823 18.72 81.01 53.26
N MET B 1824 18.33 81.79 52.25
CA MET B 1824 19.34 82.41 51.39
C MET B 1824 20.23 83.38 52.17
N THR B 1825 19.63 84.11 53.11
CA THR B 1825 20.41 85.04 53.94
C THR B 1825 21.45 84.29 54.75
N MET B 1826 21.08 83.14 55.31
CA MET B 1826 22.04 82.33 56.05
C MET B 1826 23.08 81.72 55.12
N GLN B 1827 22.69 81.40 53.89
CA GLN B 1827 23.68 80.93 52.92
C GLN B 1827 24.76 81.98 52.66
N VAL B 1828 24.35 83.24 52.49
CA VAL B 1828 25.31 84.30 52.21
C VAL B 1828 25.89 84.93 53.47
N ALA B 1829 25.43 84.50 54.66
CA ALA B 1829 25.93 85.08 55.91
C ALA B 1829 27.40 84.79 56.15
N VAL B 1830 27.90 83.64 55.71
CA VAL B 1830 29.26 83.20 56.00
C VAL B 1830 30.11 83.42 54.74
N PRO B 1831 31.26 84.10 54.82
CA PRO B 1831 32.14 84.16 53.66
C PRO B 1831 32.63 82.77 53.26
N ARG B 1832 32.25 82.36 52.05
CA ARG B 1832 32.60 81.04 51.54
C ARG B 1832 33.88 81.12 50.71
N ASP B 1833 34.46 79.95 50.46
CA ASP B 1833 35.65 79.83 49.62
C ASP B 1833 35.23 79.79 48.15
N GLU B 1834 36.17 79.46 47.27
CA GLU B 1834 35.87 79.38 45.85
C GLU B 1834 34.92 78.23 45.52
N LEU B 1835 34.87 77.19 46.37
CA LEU B 1835 34.02 76.03 46.15
C LEU B 1835 32.82 76.03 47.10
N GLY B 1836 32.41 77.20 47.57
CA GLY B 1836 31.28 77.28 48.48
C GLY B 1836 31.53 76.63 49.82
N ARG B 1837 32.76 76.71 50.32
CA ARG B 1837 33.14 76.15 51.61
C ARG B 1837 33.58 77.28 52.53
N SER B 1838 33.02 77.31 53.73
CA SER B 1838 33.33 78.33 54.73
C SER B 1838 34.07 77.70 55.90
N ASN B 1839 34.53 78.56 56.80
CA ASN B 1839 35.27 78.16 57.99
C ASN B 1839 34.38 78.06 59.23
N TYR B 1840 33.12 77.67 59.05
CA TYR B 1840 32.17 77.60 60.15
C TYR B 1840 31.35 76.32 60.02
N GLY B 1841 30.88 75.82 61.16
CA GLY B 1841 30.13 74.58 61.19
C GLY B 1841 29.57 74.35 62.58
N MET B 1842 28.96 73.17 62.75
CA MET B 1842 28.29 72.80 63.98
C MET B 1842 28.64 71.38 64.40
N VAL B 1843 28.79 71.19 65.72
CA VAL B 1843 29.16 69.90 66.28
C VAL B 1843 28.30 69.64 67.51
N ALA B 1844 27.77 68.42 67.62
CA ALA B 1844 26.95 68.02 68.75
C ALA B 1844 27.78 67.17 69.71
N VAL B 1845 27.90 67.63 70.96
CA VAL B 1845 28.80 67.06 71.94
C VAL B 1845 27.99 66.47 73.09
N ASN B 1846 28.66 65.67 73.91
CA ASN B 1846 28.02 64.93 75.00
C ASN B 1846 28.95 64.95 76.22
N PRO B 1847 28.67 65.81 77.21
CA PRO B 1847 29.52 65.82 78.41
C PRO B 1847 29.59 64.48 79.12
N SER B 1848 28.50 63.72 79.13
CA SER B 1848 28.54 62.40 79.76
C SER B 1848 29.51 61.48 79.04
N ARG B 1849 29.57 61.58 77.71
CA ARG B 1849 30.52 60.77 76.96
C ARG B 1849 31.95 61.24 77.19
N VAL B 1850 32.14 62.54 77.45
CA VAL B 1850 33.46 63.00 77.89
C VAL B 1850 33.81 62.34 79.22
N SER B 1851 32.91 62.42 80.19
CA SER B 1851 33.02 61.74 81.48
C SER B 1851 31.76 61.99 82.29
N ALA B 1852 31.51 61.15 83.30
CA ALA B 1852 30.34 61.34 84.13
C ALA B 1852 30.40 62.66 84.89
N THR B 1853 31.60 63.11 85.27
CA THR B 1853 31.74 64.36 86.00
C THR B 1853 31.50 65.56 85.10
N PHE B 1854 31.92 65.49 83.85
CA PHE B 1854 31.76 66.60 82.91
C PHE B 1854 30.29 66.90 82.71
N ASP B 1855 29.88 68.11 83.05
CA ASP B 1855 28.49 68.54 83.00
C ASP B 1855 28.33 69.73 82.06
N ASP B 1856 27.13 70.30 82.06
CA ASP B 1856 26.86 71.46 81.20
C ASP B 1856 27.75 72.64 81.59
N SER B 1857 27.92 72.87 82.90
CA SER B 1857 28.78 73.96 83.34
C SER B 1857 30.21 73.77 82.89
N ALA B 1858 30.74 72.55 83.00
CA ALA B 1858 32.10 72.29 82.58
C ALA B 1858 32.26 72.47 81.07
N LEU B 1859 31.30 71.96 80.29
CA LEU B 1859 31.34 72.15 78.85
C LEU B 1859 31.30 73.63 78.49
N ARG B 1860 30.42 74.39 79.15
CA ARG B 1860 30.37 75.82 78.91
C ARG B 1860 31.72 76.46 79.19
N PHE B 1861 32.26 76.25 80.40
CA PHE B 1861 33.55 76.84 80.77
C PHE B 1861 34.61 76.54 79.74
N VAL B 1862 34.70 75.28 79.29
CA VAL B 1862 35.65 74.93 78.25
C VAL B 1862 35.37 75.72 76.97
N VAL B 1863 34.10 75.90 76.60
CA VAL B 1863 33.76 76.60 75.36
C VAL B 1863 34.20 78.06 75.42
N ASP B 1864 33.79 78.78 76.47
CA ASP B 1864 34.17 80.19 76.57
C ASP B 1864 35.68 80.36 76.72
N GLU B 1865 36.36 79.46 77.42
CA GLU B 1865 37.80 79.61 77.57
C GLU B 1865 38.52 79.33 76.25
N VAL B 1866 38.04 78.35 75.46
CA VAL B 1866 38.60 78.14 74.14
C VAL B 1866 38.43 79.39 73.29
N ALA B 1867 37.21 79.94 73.28
CA ALA B 1867 36.93 81.11 72.46
C ALA B 1867 37.81 82.29 72.87
N ASN B 1868 37.95 82.53 74.18
CA ASN B 1868 38.73 83.67 74.65
C ASN B 1868 40.22 83.46 74.38
N LYS B 1869 40.73 82.25 74.63
CA LYS B 1869 42.15 82.00 74.47
C LYS B 1869 42.57 82.13 73.01
N THR B 1870 41.79 81.56 72.08
CA THR B 1870 42.16 81.56 70.68
C THR B 1870 41.60 82.76 69.91
N LYS B 1871 40.79 83.60 70.54
CA LYS B 1871 40.23 84.78 69.87
C LYS B 1871 39.39 84.40 68.65
N TRP B 1872 38.76 83.22 68.71
CA TRP B 1872 37.92 82.71 67.64
C TRP B 1872 36.51 82.51 68.15
N LEU B 1873 35.55 82.67 67.25
CA LEU B 1873 34.14 82.45 67.59
C LEU B 1873 33.93 80.99 67.93
N LEU B 1874 33.37 80.73 69.12
CA LEU B 1874 33.03 79.38 69.53
C LEU B 1874 32.06 79.47 70.69
N GLU B 1875 30.82 79.02 70.49
CA GLU B 1875 29.79 79.12 71.50
C GLU B 1875 28.91 77.88 71.47
N ILE B 1876 28.17 77.67 72.55
CA ILE B 1876 27.15 76.64 72.61
C ILE B 1876 25.87 77.23 72.04
N VAL B 1877 25.41 76.70 70.90
CA VAL B 1877 24.25 77.24 70.21
C VAL B 1877 22.95 76.64 70.76
N ASN B 1878 22.91 75.33 70.98
CA ASN B 1878 21.72 74.65 71.46
C ASN B 1878 22.01 73.99 72.80
N TYR B 1879 21.16 74.28 73.80
CA TYR B 1879 21.21 73.60 75.10
C TYR B 1879 20.11 72.53 75.09
N ASN B 1880 20.43 71.40 74.47
CA ASN B 1880 19.50 70.27 74.37
C ASN B 1880 19.47 69.53 75.69
N VAL B 1881 18.95 68.29 75.68
CA VAL B 1881 18.84 67.42 76.85
C VAL B 1881 20.11 67.49 77.68
N GLU B 1882 19.95 67.65 78.99
CA GLU B 1882 21.08 67.95 79.86
C GLU B 1882 22.05 66.78 79.91
N ASN B 1883 23.34 67.11 79.87
CA ASN B 1883 24.45 66.16 80.00
C ASN B 1883 24.44 65.07 78.92
N GLN B 1884 23.66 65.23 77.86
CA GLN B 1884 23.56 64.21 76.82
C GLN B 1884 23.71 64.79 75.42
N GLN B 1885 23.30 66.04 75.21
CA GLN B 1885 23.37 66.66 73.90
C GLN B 1885 23.57 68.15 74.06
N TYR B 1886 24.60 68.69 73.40
CA TYR B 1886 24.81 70.13 73.33
C TYR B 1886 25.46 70.47 72.00
N VAL B 1887 24.78 71.29 71.18
CA VAL B 1887 25.30 71.69 69.88
C VAL B 1887 26.14 72.96 70.08
N ALA B 1888 27.28 73.03 69.40
CA ALA B 1888 28.17 74.17 69.45
C ALA B 1888 28.51 74.60 68.03
N ALA B 1889 28.69 75.91 67.86
CA ALA B 1889 29.00 76.50 66.57
C ALA B 1889 30.08 77.56 66.72
N GLY B 1890 30.84 77.75 65.65
CA GLY B 1890 31.90 78.74 65.66
C GLY B 1890 32.83 78.50 64.48
N ASP B 1891 33.97 79.18 64.53
CA ASP B 1891 35.01 78.96 63.54
C ASP B 1891 35.42 77.49 63.55
N LEU B 1892 35.63 76.93 62.34
CA LEU B 1892 35.93 75.50 62.26
C LEU B 1892 37.22 75.16 62.99
N ARG B 1893 38.19 76.08 62.99
CA ARG B 1893 39.39 75.89 63.82
C ARG B 1893 39.00 75.70 65.28
N ALA B 1894 38.13 76.56 65.79
CA ALA B 1894 37.74 76.46 67.20
C ALA B 1894 36.90 75.23 67.47
N LEU B 1895 36.11 74.79 66.49
CA LEU B 1895 35.31 73.58 66.67
C LEU B 1895 36.21 72.34 66.76
N ASP B 1896 37.21 72.26 65.87
CA ASP B 1896 38.20 71.19 65.98
C ASP B 1896 38.98 71.30 67.29
N THR B 1897 39.25 72.53 67.73
CA THR B 1897 39.95 72.73 68.99
C THR B 1897 39.15 72.18 70.15
N LEU B 1898 37.84 72.47 70.17
CA LEU B 1898 36.96 71.93 71.20
C LEU B 1898 36.91 70.41 71.13
N THR B 1899 36.84 69.86 69.92
CA THR B 1899 36.86 68.41 69.75
C THR B 1899 38.07 67.80 70.44
N ASN B 1900 39.27 68.30 70.13
CA ASN B 1900 40.46 67.69 70.69
C ASN B 1900 40.61 67.99 72.18
N VAL B 1901 40.13 69.15 72.66
CA VAL B 1901 40.17 69.43 74.09
C VAL B 1901 39.32 68.44 74.85
N LEU B 1902 38.10 68.19 74.37
CA LEU B 1902 37.22 67.23 75.03
C LEU B 1902 37.77 65.82 74.91
N ASN B 1903 38.46 65.51 73.81
CA ASN B 1903 39.11 64.19 73.70
C ASN B 1903 40.23 64.06 74.74
N VAL B 1904 41.01 65.12 74.92
CA VAL B 1904 42.07 65.10 75.94
C VAL B 1904 41.47 64.89 77.32
N LEU B 1905 40.37 65.58 77.62
CA LEU B 1905 39.71 65.36 78.90
C LEU B 1905 39.20 63.93 79.03
N LYS B 1906 38.64 63.38 77.94
CA LYS B 1906 38.13 62.02 77.95
C LYS B 1906 39.23 61.02 78.31
N ILE B 1907 40.40 61.16 77.70
CA ILE B 1907 41.45 60.18 77.91
C ILE B 1907 42.16 60.42 79.25
N ASN B 1908 42.55 61.67 79.53
CA ASN B 1908 43.31 61.95 80.74
C ASN B 1908 42.45 61.79 81.99
N LYS B 1909 41.13 61.89 81.88
CA LYS B 1909 40.23 61.73 83.02
C LYS B 1909 40.45 62.83 84.05
N ILE B 1910 40.39 64.08 83.59
CA ILE B 1910 40.54 65.26 84.43
C ILE B 1910 39.23 66.02 84.42
N ASP B 1911 38.75 66.40 85.61
CA ASP B 1911 37.44 67.03 85.76
C ASP B 1911 37.59 68.50 86.11
N ILE B 1912 36.86 69.35 85.38
CA ILE B 1912 36.93 70.79 85.59
C ILE B 1912 36.47 71.15 86.99
N VAL B 1913 35.40 70.51 87.47
CA VAL B 1913 34.90 70.79 88.81
C VAL B 1913 35.92 70.36 89.86
N LYS B 1914 36.60 69.24 89.62
CA LYS B 1914 37.65 68.81 90.53
C LYS B 1914 38.79 69.83 90.59
N LEU B 1915 39.17 70.38 89.43
CA LEU B 1915 40.18 71.44 89.44
C LEU B 1915 39.66 72.68 90.19
N GLN B 1916 38.40 73.05 89.97
CA GLN B 1916 37.80 74.16 90.71
C GLN B 1916 37.86 73.93 92.22
N GLU B 1917 37.69 72.69 92.66
CA GLU B 1917 37.77 72.36 94.07
C GLU B 1917 39.19 72.43 94.61
N GLN B 1918 40.15 71.85 93.88
CA GLN B 1918 41.49 71.65 94.40
C GLN B 1918 42.47 72.78 94.09
N MET B 1919 42.08 73.77 93.28
CA MET B 1919 42.94 74.95 93.10
C MET B 1919 42.06 76.12 92.68
N SER B 1920 42.65 77.32 92.76
CA SER B 1920 41.90 78.54 92.50
C SER B 1920 41.49 78.63 91.03
N ILE B 1921 40.51 79.49 90.78
CA ILE B 1921 39.92 79.59 89.45
C ILE B 1921 40.96 80.06 88.45
N GLU B 1922 41.89 80.90 88.89
CA GLU B 1922 42.98 81.32 88.01
C GLU B 1922 43.84 80.13 87.59
N LYS B 1923 44.14 79.24 88.52
CA LYS B 1923 44.93 78.05 88.18
C LYS B 1923 44.15 77.11 87.27
N VAL B 1924 42.84 77.00 87.48
CA VAL B 1924 42.00 76.21 86.58
C VAL B 1924 42.08 76.79 85.17
N LYS B 1925 41.96 78.12 85.07
CA LYS B 1925 42.10 78.79 83.79
C LYS B 1925 43.46 78.48 83.17
N GLU B 1926 44.52 78.51 83.96
CA GLU B 1926 45.86 78.27 83.43
C GLU B 1926 45.98 76.85 82.88
N HIS B 1927 45.47 75.86 83.61
CA HIS B 1927 45.53 74.48 83.12
C HIS B 1927 44.77 74.32 81.80
N LEU B 1928 43.53 74.82 81.77
CA LEU B 1928 42.76 74.70 80.55
C LEU B 1928 43.39 75.50 79.41
N TYR B 1929 44.07 76.60 79.73
CA TYR B 1929 44.76 77.38 78.70
C TYR B 1929 45.95 76.60 78.15
N GLU B 1930 46.64 75.85 79.00
CA GLU B 1930 47.71 74.99 78.49
C GLU B 1930 47.15 73.99 77.48
N ILE B 1931 46.06 73.32 77.84
CA ILE B 1931 45.45 72.35 76.93
C ILE B 1931 45.02 73.04 75.63
N VAL B 1932 44.34 74.19 75.77
CA VAL B 1932 43.80 74.90 74.61
C VAL B 1932 44.93 75.42 73.73
N ASP B 1933 46.04 75.83 74.33
CA ASP B 1933 47.15 76.34 73.53
C ASP B 1933 47.81 75.22 72.74
N GLU B 1934 48.00 74.05 73.35
CA GLU B 1934 48.48 72.90 72.61
C GLU B 1934 47.57 72.63 71.41
N VAL B 1935 46.27 72.54 71.67
CA VAL B 1935 45.34 72.18 70.60
C VAL B 1935 45.28 73.29 69.54
N ALA B 1936 45.41 74.55 69.95
CA ALA B 1936 45.34 75.65 68.98
C ALA B 1936 46.57 75.65 68.09
N ALA B 1937 47.75 75.42 68.66
CA ALA B 1937 48.94 75.28 67.84
C ALA B 1937 48.80 74.14 66.85
N LYS B 1938 48.13 73.06 67.28
CA LYS B 1938 47.83 71.99 66.33
C LYS B 1938 46.84 72.45 65.26
N SER B 1939 45.83 73.23 65.65
CA SER B 1939 44.79 73.65 64.72
C SER B 1939 45.34 74.58 63.65
N LEU B 1940 46.41 75.31 63.96
CA LEU B 1940 47.02 76.18 62.95
C LEU B 1940 47.43 75.36 61.72
N ALA B 1941 47.89 74.13 61.92
CA ALA B 1941 48.29 73.28 60.80
C ALA B 1941 47.11 72.95 59.90
N LYS B 1942 45.94 72.69 60.50
CA LYS B 1942 44.74 72.31 59.74
C LYS B 1942 44.38 73.40 58.75
N PRO B 1943 44.49 73.17 57.43
CA PRO B 1943 44.21 74.25 56.48
C PRO B 1943 42.72 74.41 56.22
N GLN B 1944 42.37 75.61 55.78
CA GLN B 1944 40.97 75.93 55.47
C GLN B 1944 40.60 75.34 54.12
N PRO B 1945 39.44 74.66 53.98
CA PRO B 1945 38.44 74.29 55.01
C PRO B 1945 38.90 73.08 55.80
N ILE B 1946 38.49 72.96 57.06
CA ILE B 1946 38.88 71.86 57.94
C ILE B 1946 37.74 70.85 57.97
N ASP B 1947 38.04 69.62 57.58
CA ASP B 1947 37.06 68.53 57.66
C ASP B 1947 37.14 67.92 59.06
N LEU B 1948 36.13 68.22 59.88
CA LEU B 1948 36.18 67.83 61.28
C LEU B 1948 36.17 66.31 61.43
N GLU B 1949 36.92 65.82 62.41
CA GLU B 1949 37.02 64.41 62.72
C GLU B 1949 36.14 64.09 63.93
N ARG B 1950 35.35 63.03 63.81
CA ARG B 1950 34.47 62.63 64.91
C ARG B 1950 35.30 62.23 66.13
N GLY B 1951 35.05 62.88 67.25
CA GLY B 1951 35.72 62.57 68.50
C GLY B 1951 34.94 61.56 69.32
N PHE B 1952 35.30 61.47 70.60
CA PHE B 1952 34.61 60.56 71.51
C PHE B 1952 33.21 61.07 71.83
N ALA B 1953 33.13 62.31 72.33
CA ALA B 1953 31.86 62.92 72.69
C ALA B 1953 31.26 63.76 71.57
N VAL B 1954 32.10 64.31 70.69
CA VAL B 1954 31.65 65.26 69.67
C VAL B 1954 31.39 64.51 68.37
N ILE B 1955 30.30 64.86 67.70
CA ILE B 1955 29.93 64.31 66.40
C ILE B 1955 29.68 65.51 65.48
N PRO B 1956 30.23 65.56 64.26
CA PRO B 1956 29.98 66.73 63.41
C PRO B 1956 28.60 66.65 62.76
N LEU B 1957 27.91 67.79 62.73
CA LEU B 1957 26.62 67.89 62.05
C LEU B 1957 26.89 68.25 60.60
N LYS B 1958 26.98 67.22 59.75
CA LYS B 1958 27.37 67.42 58.37
C LYS B 1958 26.30 68.19 57.60
N GLY B 1959 26.74 68.88 56.55
CA GLY B 1959 25.83 69.63 55.71
C GLY B 1959 25.45 70.99 56.23
N ILE B 1960 26.06 71.45 57.32
CA ILE B 1960 25.76 72.75 57.92
C ILE B 1960 27.06 73.55 57.97
N SER B 1961 27.00 74.78 57.45
CA SER B 1961 28.14 75.68 57.42
C SER B 1961 27.87 77.02 58.10
N VAL B 1962 26.63 77.33 58.43
CA VAL B 1962 26.27 78.60 59.07
C VAL B 1962 26.34 78.42 60.59
N PRO B 1963 27.07 79.27 61.33
CA PRO B 1963 27.01 79.17 62.81
C PRO B 1963 25.84 79.98 63.39
N PHE B 1964 24.65 79.41 63.29
CA PHE B 1964 23.44 80.12 63.67
C PHE B 1964 23.10 79.83 65.13
N HIS B 1965 22.33 80.75 65.72
CA HIS B 1965 22.14 80.84 67.17
C HIS B 1965 23.46 81.12 67.89
N SER B 1966 24.31 81.93 67.27
CA SER B 1966 25.56 82.39 67.84
C SER B 1966 25.61 83.91 67.77
N SER B 1967 26.66 84.49 68.36
CA SER B 1967 26.84 85.94 68.29
C SER B 1967 27.21 86.41 66.88
N TYR B 1968 27.50 85.49 65.96
CA TYR B 1968 27.89 85.88 64.60
C TYR B 1968 26.78 86.63 63.89
N LEU B 1969 25.53 86.20 64.06
CA LEU B 1969 24.41 86.74 63.31
C LEU B 1969 23.73 87.93 63.98
N MET B 1970 24.28 88.43 65.08
CA MET B 1970 23.69 89.60 65.74
C MET B 1970 23.65 90.80 64.81
N SER B 1971 24.60 90.91 63.89
CA SER B 1971 24.58 92.01 62.92
C SER B 1971 23.33 91.93 62.04
N GLY B 1972 23.00 90.74 61.56
CA GLY B 1972 21.82 90.58 60.72
C GLY B 1972 20.51 90.50 61.46
N VAL B 1973 20.55 90.31 62.78
CA VAL B 1973 19.30 90.15 63.53
C VAL B 1973 18.45 91.41 63.44
N LYS B 1974 19.07 92.59 63.57
CA LYS B 1974 18.29 93.83 63.54
C LYS B 1974 17.59 94.04 62.19
N PRO B 1975 18.27 93.96 61.04
CA PRO B 1975 17.52 93.96 59.78
C PRO B 1975 16.52 92.82 59.69
N PHE B 1976 16.85 91.66 60.28
CA PHE B 1976 15.87 90.58 60.35
C PHE B 1976 14.69 90.97 61.21
N GLN B 1977 14.91 91.77 62.25
CA GLN B 1977 13.79 92.29 63.02
C GLN B 1977 12.89 93.17 62.17
N ARG B 1978 13.49 94.05 61.35
CA ARG B 1978 12.67 94.88 60.47
C ARG B 1978 11.90 94.03 59.47
N PHE B 1979 12.57 93.02 58.90
CA PHE B 1979 11.92 92.12 57.96
C PHE B 1979 10.74 91.40 58.61
N LEU B 1980 10.94 90.92 59.84
CA LEU B 1980 9.87 90.27 60.57
C LEU B 1980 8.72 91.22 60.84
N CYS B 1981 9.05 92.47 61.20
CA CYS B 1981 8.00 93.46 61.47
C CYS B 1981 7.14 93.70 60.23
N LYS B 1982 7.76 93.79 59.06
CA LYS B 1982 6.95 94.02 57.86
C LYS B 1982 6.20 92.76 57.43
N LYS B 1983 6.79 91.58 57.63
CA LYS B 1983 6.19 90.35 57.11
C LYS B 1983 5.19 89.71 58.06
N ILE B 1984 5.17 90.11 59.33
CA ILE B 1984 4.21 89.58 60.30
C ILE B 1984 3.17 90.67 60.54
N PRO B 1985 2.02 90.66 59.86
CA PRO B 1985 1.03 91.73 60.08
C PRO B 1985 0.56 91.76 61.53
N LYS B 1986 0.39 92.98 62.03
CA LYS B 1986 0.01 93.16 63.43
C LYS B 1986 -1.37 92.60 63.72
N SER B 1987 -2.32 92.78 62.80
CA SER B 1987 -3.68 92.31 63.03
C SER B 1987 -3.75 90.79 63.07
N SER B 1988 -2.85 90.10 62.38
CA SER B 1988 -2.87 88.64 62.35
C SER B 1988 -2.27 88.01 63.60
N VAL B 1989 -1.60 88.79 64.46
CA VAL B 1989 -1.00 88.26 65.67
C VAL B 1989 -2.08 88.25 66.75
N LYS B 1990 -2.60 87.05 67.05
CA LYS B 1990 -3.63 86.90 68.08
C LYS B 1990 -2.96 86.52 69.39
N PRO B 1991 -2.98 87.36 70.43
CA PRO B 1991 -2.36 86.96 71.70
C PRO B 1991 -2.98 85.72 72.30
N GLN B 1992 -4.30 85.54 72.16
CA GLN B 1992 -4.97 84.41 72.80
C GLN B 1992 -4.38 83.08 72.37
N ASP B 1993 -3.80 83.01 71.17
CA ASP B 1993 -3.13 81.81 70.70
C ASP B 1993 -1.71 81.67 71.23
N LEU B 1994 -1.20 82.66 71.98
CA LEU B 1994 0.17 82.69 72.44
C LEU B 1994 0.32 82.75 73.96
N ILE B 1995 -0.54 83.49 74.66
CA ILE B 1995 -0.36 83.70 76.09
C ILE B 1995 -0.46 82.36 76.80
N GLY B 1996 0.60 81.99 77.53
CA GLY B 1996 0.61 80.76 78.28
C GLY B 1996 0.64 79.50 77.45
N LYS B 1997 0.78 79.61 76.13
CA LYS B 1997 0.79 78.48 75.22
C LYS B 1997 2.01 78.44 74.32
N TYR B 1998 2.75 79.53 74.21
CA TYR B 1998 3.91 79.64 73.34
C TYR B 1998 5.16 79.75 74.19
N ILE B 1999 6.13 78.87 73.95
CA ILE B 1999 7.39 78.85 74.67
C ILE B 1999 8.46 79.33 73.69
N PRO B 2000 8.80 80.61 73.64
CA PRO B 2000 9.72 81.08 72.59
C PRO B 2000 11.10 80.48 72.76
N ASN B 2001 11.79 80.35 71.63
CA ASN B 2001 13.09 79.69 71.62
C ASN B 2001 14.11 80.54 72.37
N LEU B 2002 13.96 81.86 72.30
CA LEU B 2002 14.86 82.80 72.96
C LEU B 2002 14.76 82.69 74.48
N THR B 2003 13.54 82.78 75.02
CA THR B 2003 13.33 82.82 76.46
C THR B 2003 13.05 81.46 77.07
N ALA B 2004 12.41 80.56 76.31
CA ALA B 2004 12.11 79.22 76.78
C ALA B 2004 11.18 79.22 78.00
N LYS B 2005 10.30 80.22 78.08
CA LYS B 2005 9.27 80.32 79.10
C LYS B 2005 7.93 80.54 78.42
N PRO B 2006 6.79 80.17 79.06
CA PRO B 2006 5.51 80.50 78.44
C PRO B 2006 5.39 81.98 78.04
N PHE B 2007 4.91 82.22 76.83
CA PHE B 2007 4.78 83.57 76.29
C PHE B 2007 3.79 84.36 77.14
N GLU B 2008 4.22 85.55 77.57
CA GLU B 2008 3.39 86.40 78.41
C GLU B 2008 3.69 87.85 78.07
N LEU B 2009 2.65 88.70 78.11
CA LEU B 2009 2.78 90.12 77.87
C LEU B 2009 2.83 90.83 79.21
N THR B 2010 3.99 90.75 79.87
CA THR B 2010 4.19 91.31 81.19
C THR B 2010 5.55 92.01 81.25
N LYS B 2011 5.66 92.93 82.21
CA LYS B 2011 6.90 93.68 82.37
C LYS B 2011 8.06 92.74 82.69
N GLU B 2012 7.82 91.71 83.50
CA GLU B 2012 8.87 90.75 83.81
C GLU B 2012 9.35 90.03 82.55
N TYR B 2013 8.41 89.63 81.69
CA TYR B 2013 8.80 88.95 80.45
C TYR B 2013 9.58 89.87 79.53
N PHE B 2014 9.13 91.12 79.38
CA PHE B 2014 9.86 92.07 78.54
C PHE B 2014 11.25 92.33 79.13
N GLN B 2015 11.35 92.39 80.46
CA GLN B 2015 12.64 92.58 81.10
C GLN B 2015 13.57 91.41 80.82
N SER B 2016 13.05 90.19 80.86
CA SER B 2016 13.86 89.03 80.52
C SER B 2016 14.33 89.09 79.07
N VAL B 2017 13.44 89.49 78.16
CA VAL B 2017 13.82 89.62 76.76
C VAL B 2017 14.95 90.64 76.61
N TYR B 2018 14.86 91.76 77.33
CA TYR B 2018 15.96 92.72 77.28
C TYR B 2018 17.24 92.12 77.88
N ASP B 2019 17.11 91.36 78.97
CA ASP B 2019 18.28 90.74 79.57
C ASP B 2019 19.00 89.86 78.55
N LEU B 2020 18.25 89.20 77.68
CA LEU B 2020 18.84 88.32 76.69
C LEU B 2020 19.22 89.00 75.37
N THR B 2021 18.72 90.21 75.11
CA THR B 2021 18.90 90.85 73.80
C THR B 2021 19.62 92.20 73.81
N LYS B 2022 19.59 92.96 74.90
CA LYS B 2022 20.17 94.30 74.94
C LYS B 2022 19.46 95.23 73.96
N SER B 2023 18.15 95.07 73.84
CA SER B 2023 17.37 95.83 72.86
C SER B 2023 16.79 97.09 73.50
N GLU B 2024 17.06 98.24 72.86
CA GLU B 2024 16.58 99.51 73.39
C GLU B 2024 15.10 99.71 73.14
N LYS B 2025 14.55 99.09 72.09
CA LYS B 2025 13.11 99.16 71.86
C LYS B 2025 12.34 98.53 73.01
N ILE B 2026 12.84 97.40 73.51
CA ILE B 2026 12.21 96.75 74.66
C ILE B 2026 12.28 97.66 75.88
N LYS B 2027 13.36 98.43 76.01
CA LYS B 2027 13.44 99.37 77.14
C LYS B 2027 12.46 100.52 76.98
N SER B 2028 12.28 101.01 75.76
CA SER B 2028 11.25 102.03 75.54
C SER B 2028 9.88 101.49 75.94
N ILE B 2029 9.58 100.25 75.53
CA ILE B 2029 8.30 99.64 75.88
C ILE B 2029 8.20 99.47 77.40
N LEU B 2030 9.27 99.01 78.04
CA LEU B 2030 9.24 98.79 79.49
C LEU B 2030 9.04 100.09 80.24
N ASP B 2031 9.78 101.14 79.87
CA ASP B 2031 9.66 102.43 80.55
C ASP B 2031 8.26 103.00 80.37
N ASN B 2032 7.69 102.85 79.17
CA ASN B 2032 6.34 103.34 78.92
C ASN B 2032 5.25 102.36 79.31
N TRP B 2033 5.61 101.20 79.87
CA TRP B 2033 4.62 100.17 80.20
C TRP B 2033 3.49 100.70 81.07
N GLU B 2034 3.82 101.52 82.06
CA GLU B 2034 2.80 102.06 82.94
C GLU B 2034 1.78 102.89 82.16
N GLN B 2035 2.25 103.65 81.17
CA GLN B 2035 1.35 104.39 80.30
C GLN B 2035 0.63 103.49 79.31
N TYR B 2036 1.28 102.42 78.85
CA TYR B 2036 0.66 101.48 77.94
C TYR B 2036 -0.56 100.84 78.58
N GLU B 2037 -0.44 100.44 79.85
CA GLU B 2037 -1.55 99.83 80.57
C GLU B 2037 -2.44 100.91 81.17
N PHE C 7 -43.59 -14.77 110.68
CA PHE C 7 -42.21 -14.50 110.33
C PHE C 7 -41.96 -14.82 108.86
N GLN C 8 -40.90 -14.24 108.29
CA GLN C 8 -40.62 -14.31 106.86
C GLN C 8 -39.17 -14.70 106.61
N LEU C 9 -38.70 -15.75 107.29
CA LEU C 9 -37.37 -16.29 107.00
C LEU C 9 -37.33 -16.78 105.56
N THR C 10 -36.58 -16.09 104.70
CA THR C 10 -36.61 -16.39 103.28
C THR C 10 -35.29 -16.01 102.63
N HIS C 11 -35.01 -16.63 101.49
CA HIS C 11 -33.86 -16.30 100.66
C HIS C 11 -34.17 -16.81 99.26
N GLY C 12 -34.37 -15.89 98.32
CA GLY C 12 -34.87 -16.28 97.02
C GLY C 12 -36.37 -16.55 97.08
N SER C 13 -36.80 -17.49 96.23
CA SER C 13 -38.22 -17.85 96.16
C SER C 13 -38.55 -19.02 97.09
N ILE C 14 -38.13 -18.92 98.35
CA ILE C 14 -38.49 -19.87 99.39
C ILE C 14 -38.70 -19.10 100.68
N GLU C 15 -39.65 -19.54 101.49
CA GLU C 15 -39.96 -18.86 102.75
C GLU C 15 -40.54 -19.86 103.74
N HIS C 16 -40.43 -19.51 105.02
CA HIS C 16 -41.00 -20.30 106.10
C HIS C 16 -41.70 -19.36 107.09
N THR C 17 -42.84 -19.81 107.59
CA THR C 17 -43.66 -19.03 108.50
C THR C 17 -43.51 -19.56 109.92
N LEU C 18 -43.23 -18.66 110.86
CA LEU C 18 -43.07 -19.01 112.27
C LEU C 18 -43.96 -18.11 113.11
N LEU C 19 -44.77 -18.73 113.97
CA LEU C 19 -45.63 -17.99 114.89
C LEU C 19 -44.84 -17.74 116.17
N VAL C 20 -44.44 -16.48 116.38
CA VAL C 20 -43.55 -16.12 117.48
C VAL C 20 -44.30 -15.26 118.49
N PRO C 21 -44.04 -15.39 119.80
CA PRO C 21 -44.57 -14.41 120.76
C PRO C 21 -43.99 -13.03 120.50
N ASN C 22 -44.63 -12.02 121.11
CA ASN C 22 -44.32 -10.63 120.78
C ASN C 22 -42.87 -10.27 121.07
N ASP C 23 -42.48 -10.34 122.35
CA ASP C 23 -41.09 -10.08 122.69
C ASP C 23 -40.17 -11.10 122.02
N LEU C 24 -40.61 -12.36 121.99
CA LEU C 24 -39.90 -13.37 121.22
C LEU C 24 -39.84 -12.98 119.75
N PHE C 25 -40.88 -12.31 119.23
CA PHE C 25 -40.84 -11.89 117.83
C PHE C 25 -39.79 -10.82 117.62
N PHE C 26 -39.65 -9.89 118.57
CA PHE C 26 -38.59 -8.88 118.46
C PHE C 26 -37.21 -9.54 118.50
N ASN C 27 -37.01 -10.49 119.42
CA ASN C 27 -35.73 -11.17 119.51
C ASN C 27 -35.46 -11.98 118.24
N TYR C 28 -36.49 -12.64 117.71
CA TYR C 28 -36.33 -13.41 116.47
C TYR C 28 -36.06 -12.50 115.30
N SER C 29 -36.63 -11.28 115.28
CA SER C 29 -36.30 -10.32 114.24
C SER C 29 -34.84 -9.90 114.33
N GLN C 30 -34.34 -9.70 115.54
CA GLN C 30 -32.91 -9.40 115.73
C GLN C 30 -32.06 -10.53 115.16
N LEU C 31 -32.37 -11.77 115.56
CA LEU C 31 -31.61 -12.90 115.05
C LEU C 31 -31.78 -13.05 113.53
N LYS C 32 -32.92 -12.64 113.00
CA LYS C 32 -33.18 -12.80 111.57
C LYS C 32 -32.37 -11.81 110.74
N ASP C 33 -32.32 -10.53 111.13
CA ASP C 33 -31.50 -9.61 110.37
C ASP C 33 -30.02 -9.96 110.54
N GLU C 34 -29.63 -10.44 111.73
CA GLU C 34 -28.27 -10.94 111.89
C GLU C 34 -28.00 -12.12 110.95
N PHE C 35 -29.00 -12.97 110.74
CA PHE C 35 -28.81 -14.17 109.91
C PHE C 35 -28.68 -13.81 108.44
N ILE C 36 -29.55 -12.92 107.94
CA ILE C 36 -29.40 -12.50 106.54
C ILE C 36 -28.13 -11.66 106.38
N LYS C 37 -27.60 -11.11 107.48
CA LYS C 37 -26.27 -10.52 107.44
C LYS C 37 -25.20 -11.53 107.04
N THR C 38 -25.47 -12.83 107.22
CA THR C 38 -24.52 -13.88 106.90
C THR C 38 -24.91 -14.69 105.67
N LEU C 39 -26.19 -14.80 105.36
CA LEU C 39 -26.60 -15.64 104.24
C LEU C 39 -26.11 -15.06 102.91
N PRO C 40 -25.90 -15.89 101.90
CA PRO C 40 -25.53 -15.38 100.57
C PRO C 40 -26.77 -14.97 99.77
N GLU C 41 -26.52 -14.34 98.64
CA GLU C 41 -27.59 -13.93 97.75
C GLU C 41 -28.12 -15.14 96.97
N PRO C 42 -29.35 -15.06 96.45
CA PRO C 42 -29.85 -16.15 95.60
C PRO C 42 -28.95 -16.37 94.39
N THR C 43 -28.78 -17.64 94.02
CA THR C 43 -27.94 -18.04 92.90
C THR C 43 -28.73 -18.31 91.63
N GLU C 44 -30.02 -17.95 91.60
CA GLU C 44 -30.88 -18.19 90.44
C GLU C 44 -31.00 -19.68 90.15
N GLY C 45 -31.46 -20.41 91.16
CA GLY C 45 -31.59 -21.85 91.09
C GLY C 45 -31.12 -22.56 92.35
N PHE C 46 -30.46 -21.83 93.24
CA PHE C 46 -29.94 -22.39 94.49
C PHE C 46 -28.97 -23.55 94.21
N ALA C 47 -28.19 -23.40 93.15
CA ALA C 47 -27.19 -24.38 92.76
C ALA C 47 -25.79 -24.02 93.24
N GLY C 48 -25.66 -23.02 94.12
CA GLY C 48 -24.36 -22.64 94.62
C GLY C 48 -23.86 -23.56 95.70
N ASP C 49 -23.22 -22.99 96.74
CA ASP C 49 -22.65 -23.78 97.83
C ASP C 49 -23.41 -23.56 99.13
N ASP C 50 -23.54 -22.30 99.58
CA ASP C 50 -24.21 -21.97 100.83
C ASP C 50 -25.65 -21.53 100.64
N GLU C 51 -26.15 -21.51 99.41
CA GLU C 51 -27.52 -21.07 99.16
C GLU C 51 -28.48 -22.23 99.44
N PRO C 52 -29.41 -22.12 100.39
CA PRO C 52 -30.36 -23.21 100.58
C PRO C 52 -31.27 -23.38 99.38
N SER C 53 -31.61 -24.63 99.09
CA SER C 53 -32.46 -24.99 97.96
C SER C 53 -33.86 -25.43 98.37
N SER C 54 -34.19 -25.37 99.66
CA SER C 54 -35.52 -25.73 100.15
C SER C 54 -35.86 -24.85 101.34
N PRO C 55 -37.16 -24.65 101.61
CA PRO C 55 -37.53 -23.84 102.78
C PRO C 55 -37.02 -24.42 104.09
N ALA C 56 -37.00 -25.74 104.20
CA ALA C 56 -36.49 -26.37 105.42
C ALA C 56 -34.97 -26.34 105.47
N GLU C 57 -34.31 -26.38 104.31
CA GLU C 57 -32.86 -26.13 104.30
C GLU C 57 -32.56 -24.73 104.80
N LEU C 58 -33.38 -23.75 104.40
CA LEU C 58 -33.25 -22.40 104.94
C LEU C 58 -33.48 -22.37 106.45
N TYR C 59 -34.52 -23.07 106.92
CA TYR C 59 -34.78 -23.12 108.35
C TYR C 59 -33.61 -23.74 109.10
N GLY C 60 -32.98 -24.76 108.52
CA GLY C 60 -31.82 -25.34 109.14
C GLY C 60 -30.62 -24.41 109.15
N LYS C 61 -30.43 -23.65 108.08
CA LYS C 61 -29.37 -22.65 108.09
C LYS C 61 -29.61 -21.63 109.21
N PHE C 62 -30.87 -21.22 109.38
CA PHE C 62 -31.21 -20.26 110.42
C PHE C 62 -30.96 -20.84 111.81
N ILE C 63 -31.39 -22.08 112.05
CA ILE C 63 -31.24 -22.67 113.36
C ILE C 63 -29.76 -22.96 113.65
N GLY C 64 -29.01 -23.36 112.63
CA GLY C 64 -27.58 -23.53 112.82
C GLY C 64 -26.87 -22.23 113.11
N PHE C 65 -27.30 -21.14 112.48
CA PHE C 65 -26.78 -19.83 112.82
C PHE C 65 -27.02 -19.52 114.28
N ILE C 66 -28.26 -19.74 114.76
CA ILE C 66 -28.55 -19.45 116.16
C ILE C 66 -27.77 -20.39 117.08
N SER C 67 -27.43 -21.60 116.63
CA SER C 67 -26.72 -22.54 117.47
C SER C 67 -25.31 -22.07 117.84
N ASN C 68 -24.78 -21.05 117.19
CA ASN C 68 -23.45 -20.54 117.52
C ASN C 68 -23.47 -19.81 118.85
N GLN C 73 -34.13 -19.40 123.70
CA GLN C 73 -35.58 -19.41 123.68
C GLN C 73 -36.12 -19.47 122.25
N ILE C 74 -35.44 -18.77 121.34
CA ILE C 74 -35.87 -18.75 119.94
C ILE C 74 -35.39 -20.00 119.23
N VAL C 75 -34.24 -20.55 119.65
CA VAL C 75 -33.74 -21.76 119.03
C VAL C 75 -34.70 -22.91 119.28
N GLU C 76 -35.29 -22.98 120.47
CA GLU C 76 -36.28 -24.01 120.76
C GLU C 76 -37.52 -23.84 119.90
N LEU C 77 -37.98 -22.60 119.74
CA LEU C 77 -39.16 -22.36 118.91
C LEU C 77 -38.90 -22.81 117.47
N SER C 78 -37.75 -22.43 116.93
CA SER C 78 -37.42 -22.81 115.56
C SER C 78 -37.27 -24.32 115.43
N LEU C 79 -36.65 -24.96 116.42
CA LEU C 79 -36.53 -26.42 116.42
C LEU C 79 -37.90 -27.08 116.34
N LYS C 80 -38.81 -26.66 117.21
CA LYS C 80 -40.12 -27.29 117.30
C LYS C 80 -40.91 -27.03 116.03
N ASP C 81 -40.84 -25.81 115.50
CA ASP C 81 -41.54 -25.50 114.26
C ASP C 81 -41.02 -26.33 113.10
N PHE C 82 -39.68 -26.45 112.99
CA PHE C 82 -39.09 -27.24 111.92
C PHE C 82 -39.51 -28.71 112.03
N GLU C 83 -39.45 -29.26 113.25
CA GLU C 83 -39.82 -30.65 113.45
C GLU C 83 -41.27 -30.89 113.10
N SER C 84 -42.17 -30.01 113.55
CA SER C 84 -43.59 -30.18 113.26
C SER C 84 -43.87 -30.04 111.77
N ARG C 85 -43.23 -29.06 111.11
CA ARG C 85 -43.55 -28.79 109.72
C ARG C 85 -43.03 -29.88 108.79
N PHE C 86 -41.78 -30.30 108.97
CA PHE C 86 -41.10 -31.15 108.00
C PHE C 86 -40.82 -32.55 108.51
N LEU C 87 -40.31 -32.69 109.73
CA LEU C 87 -40.03 -34.01 110.31
C LEU C 87 -41.33 -34.57 110.90
N ASP C 88 -42.19 -35.06 110.01
CA ASP C 88 -43.46 -35.64 110.43
C ASP C 88 -43.23 -36.98 111.09
N ASN C 89 -43.07 -36.98 112.42
CA ASN C 89 -42.75 -38.13 113.25
C ASN C 89 -41.30 -38.58 113.11
N ASN C 90 -40.54 -37.98 112.19
CA ASN C 90 -39.13 -38.33 111.96
C ASN C 90 -38.20 -37.35 112.64
N ASN C 91 -38.57 -36.89 113.85
CA ASN C 91 -37.78 -35.87 114.55
C ASN C 91 -36.34 -36.32 114.74
N ASP C 92 -36.14 -37.53 115.25
CA ASP C 92 -34.79 -38.09 115.34
C ASP C 92 -34.26 -38.52 113.98
N ASN C 93 -35.12 -38.75 113.00
CA ASN C 93 -34.73 -39.22 111.68
C ASN C 93 -34.57 -38.05 110.70
N ILE C 94 -33.58 -37.20 111.00
CA ILE C 94 -33.26 -36.11 110.08
C ILE C 94 -32.61 -36.65 108.82
N HIS C 95 -31.96 -37.81 108.91
CA HIS C 95 -31.36 -38.42 107.73
C HIS C 95 -32.42 -38.79 106.70
N SER C 96 -33.56 -39.30 107.17
CA SER C 96 -34.66 -39.61 106.26
C SER C 96 -35.13 -38.37 105.51
N PHE C 97 -35.25 -37.25 106.22
CA PHE C 97 -35.63 -36.01 105.57
C PHE C 97 -34.55 -35.59 104.56
N ALA C 98 -33.29 -35.69 104.94
CA ALA C 98 -32.22 -35.28 104.04
C ALA C 98 -32.27 -36.06 102.74
N VAL C 99 -32.49 -37.37 102.83
CA VAL C 99 -32.54 -38.16 101.60
C VAL C 99 -33.88 -38.02 100.88
N LYS C 100 -34.95 -37.65 101.58
CA LYS C 100 -36.17 -37.25 100.91
C LYS C 100 -35.92 -36.03 100.04
N LEU C 101 -35.16 -35.06 100.56
CA LEU C 101 -34.77 -33.91 99.76
C LEU C 101 -33.91 -34.34 98.57
N LEU C 102 -32.96 -35.25 98.81
CA LEU C 102 -32.09 -35.70 97.72
C LEU C 102 -32.89 -36.36 96.61
N ASP C 103 -33.84 -37.23 96.97
CA ASP C 103 -34.60 -37.97 95.97
C ASP C 103 -35.62 -37.08 95.27
N ASP C 104 -36.33 -36.24 96.02
CA ASP C 104 -37.39 -35.41 95.48
C ASP C 104 -36.87 -34.02 95.10
N GLU C 105 -36.32 -33.29 96.07
CA GLU C 105 -35.83 -31.94 95.82
C GLU C 105 -34.45 -31.96 95.18
N ILE C 111 -27.29 -30.89 96.86
CA ILE C 111 -26.96 -32.31 96.78
C ILE C 111 -26.62 -32.81 98.20
N ALA C 112 -25.78 -33.84 98.28
CA ALA C 112 -25.45 -34.44 99.57
C ALA C 112 -24.79 -33.43 100.50
N LYS C 113 -24.12 -32.43 99.96
CA LYS C 113 -23.51 -31.40 100.80
C LYS C 113 -24.57 -30.67 101.62
N VAL C 114 -25.62 -30.18 100.96
CA VAL C 114 -26.65 -29.45 101.70
C VAL C 114 -27.47 -30.41 102.55
N LYS C 115 -27.65 -31.66 102.12
CA LYS C 115 -28.32 -32.63 102.96
C LYS C 115 -27.56 -32.85 104.26
N GLU C 116 -26.24 -33.01 104.16
CA GLU C 116 -25.44 -33.19 105.35
C GLU C 116 -25.39 -31.93 106.18
N ASN C 117 -25.51 -30.76 105.53
CA ASN C 117 -25.56 -29.49 106.26
C ASN C 117 -26.84 -29.36 107.08
N ILE C 118 -27.99 -29.71 106.51
CA ILE C 118 -29.23 -29.68 107.29
C ILE C 118 -29.15 -30.66 108.45
N VAL C 119 -28.57 -31.83 108.22
CA VAL C 119 -28.39 -32.79 109.32
C VAL C 119 -27.53 -32.18 110.42
N LYS C 120 -26.41 -31.56 110.03
CA LYS C 120 -25.49 -30.98 111.01
C LYS C 120 -26.17 -29.88 111.82
N ASN C 121 -26.89 -28.98 111.14
CA ASN C 121 -27.52 -27.86 111.84
C ASN C 121 -28.58 -28.36 112.81
N TYR C 122 -29.39 -29.33 112.38
CA TYR C 122 -30.38 -29.88 113.29
C TYR C 122 -29.72 -30.48 114.52
N TYR C 123 -28.66 -31.27 114.32
CA TYR C 123 -28.03 -31.94 115.46
C TYR C 123 -27.33 -30.93 116.34
N LYS C 124 -26.93 -29.81 115.75
CA LYS C 124 -26.44 -28.69 116.54
C LYS C 124 -27.49 -28.13 117.44
N ALA C 125 -28.68 -28.02 116.91
CA ALA C 125 -29.75 -27.40 117.64
C ALA C 125 -30.29 -28.29 118.75
N VAL C 126 -30.35 -29.62 118.54
CA VAL C 126 -31.07 -30.48 119.47
C VAL C 126 -30.43 -30.44 120.86
N LYS C 127 -31.28 -30.62 121.88
CA LYS C 127 -30.83 -30.86 123.25
C LYS C 127 -30.37 -32.31 123.36
N SER C 128 -30.24 -32.80 124.60
CA SER C 128 -29.89 -34.20 124.81
C SER C 128 -30.88 -35.11 124.10
N ILE C 129 -30.36 -36.10 123.37
CA ILE C 129 -31.17 -36.97 122.52
C ILE C 129 -31.39 -38.33 123.20
N ASN C 130 -31.35 -38.38 124.53
CA ASN C 130 -31.56 -39.62 125.27
C ASN C 130 -33.05 -39.97 125.26
N LYS C 131 -33.52 -40.39 124.09
CA LYS C 131 -34.90 -40.81 123.90
C LYS C 131 -34.91 -41.95 122.88
N VAL C 132 -35.54 -43.07 123.26
CA VAL C 132 -35.58 -44.25 122.40
C VAL C 132 -36.37 -43.92 121.14
N GLU C 133 -35.70 -43.93 120.00
CA GLU C 133 -36.36 -43.64 118.73
C GLU C 133 -37.11 -44.87 118.24
N SER C 134 -38.32 -44.64 117.72
CA SER C 134 -39.15 -45.72 117.19
C SER C 134 -38.76 -46.00 115.74
N ASN C 135 -37.64 -46.72 115.60
CA ASN C 135 -37.14 -47.08 114.28
C ASN C 135 -37.79 -48.36 113.78
N LEU C 136 -39.12 -48.42 113.83
CA LEU C 136 -39.84 -49.67 113.58
C LEU C 136 -39.36 -50.75 114.54
N LEU C 137 -39.37 -50.43 115.83
CA LEU C 137 -38.81 -51.29 116.87
C LEU C 137 -37.33 -51.54 116.64
N TYR C 138 -36.63 -50.53 116.12
CA TYR C 138 -35.25 -50.66 115.65
C TYR C 138 -35.09 -51.90 114.77
N HIS C 139 -35.80 -51.84 113.65
CA HIS C 139 -35.79 -52.92 112.64
C HIS C 139 -36.24 -54.25 113.25
N CYS C 140 -37.29 -54.20 114.08
CA CYS C 140 -37.88 -55.39 114.67
C CYS C 140 -36.86 -56.14 115.55
N LYS C 141 -36.39 -55.44 116.57
CA LYS C 141 -35.45 -56.02 117.54
C LYS C 141 -34.16 -56.43 116.85
N LYS C 145 -33.18 -60.23 112.68
CA LYS C 145 -31.95 -60.35 113.46
C LYS C 145 -30.95 -59.26 113.08
N LEU C 146 -30.67 -58.39 114.04
CA LEU C 146 -29.74 -57.29 113.80
C LEU C 146 -28.30 -57.80 113.88
N VAL C 147 -27.47 -57.38 112.93
CA VAL C 147 -26.07 -57.79 112.90
C VAL C 147 -25.23 -56.55 112.61
N ALA C 148 -24.04 -56.49 113.19
CA ALA C 148 -23.12 -55.36 113.00
C ALA C 148 -21.79 -55.84 112.43
N ILE C 149 -21.55 -55.57 111.16
CA ILE C 149 -20.27 -55.85 110.54
C ILE C 149 -19.46 -54.56 110.47
N PHE C 150 -18.13 -54.71 110.58
CA PHE C 150 -17.21 -53.60 110.53
C PHE C 150 -16.25 -53.80 109.36
N GLY C 151 -16.01 -52.74 108.61
CA GLY C 151 -15.16 -52.81 107.45
C GLY C 151 -13.70 -52.90 107.83
N GLY C 152 -12.87 -53.08 106.80
CA GLY C 152 -11.43 -53.24 106.98
C GLY C 152 -10.59 -52.23 106.23
N GLN C 153 -9.30 -52.54 106.10
CA GLN C 153 -8.39 -51.68 105.38
C GLN C 153 -8.48 -51.94 103.88
N GLY C 154 -8.30 -50.87 103.10
CA GLY C 154 -8.35 -50.98 101.66
C GLY C 154 -9.74 -50.88 101.05
N ASN C 155 -10.76 -50.56 101.85
CA ASN C 155 -12.10 -50.41 101.31
C ASN C 155 -12.19 -49.23 100.35
N THR C 156 -11.50 -48.13 100.66
CA THR C 156 -11.51 -46.94 99.82
C THR C 156 -10.16 -46.27 99.88
N ASP C 157 -9.88 -45.46 98.84
CA ASP C 157 -8.60 -44.76 98.77
C ASP C 157 -8.63 -43.48 99.60
N ASP C 158 -9.62 -42.63 99.36
CA ASP C 158 -9.74 -41.35 100.07
C ASP C 158 -10.59 -41.51 101.32
N TYR C 159 -10.12 -42.40 102.20
CA TYR C 159 -10.88 -42.74 103.40
C TYR C 159 -10.94 -41.59 104.38
N PHE C 160 -9.94 -40.71 104.39
CA PHE C 160 -9.87 -39.68 105.43
C PHE C 160 -10.95 -38.62 105.27
N GLU C 161 -11.38 -38.35 104.03
CA GLU C 161 -12.47 -37.40 103.84
C GLU C 161 -13.76 -37.90 104.49
N GLU C 162 -13.93 -39.22 104.61
CA GLU C 162 -15.07 -39.75 105.34
C GLU C 162 -15.07 -39.26 106.77
N LEU C 163 -13.93 -39.40 107.47
CA LEU C 163 -13.85 -38.90 108.84
C LEU C 163 -13.93 -37.38 108.88
N ARG C 164 -13.44 -36.70 107.83
CA ARG C 164 -13.56 -35.25 107.78
C ARG C 164 -15.02 -34.82 107.83
N GLU C 165 -15.83 -35.37 106.93
CA GLU C 165 -17.25 -35.05 106.94
C GLU C 165 -17.90 -35.49 108.24
N LEU C 166 -17.53 -36.67 108.73
CA LEU C 166 -18.08 -37.18 109.97
C LEU C 166 -17.86 -36.21 111.13
N TYR C 167 -16.63 -35.73 111.29
CA TYR C 167 -16.30 -34.77 112.33
C TYR C 167 -17.02 -33.44 112.10
N THR C 168 -17.04 -32.95 110.85
CA THR C 168 -17.63 -31.65 110.60
C THR C 168 -19.12 -31.64 110.86
N LEU C 169 -19.82 -32.73 110.54
CA LEU C 169 -21.27 -32.73 110.52
C LEU C 169 -21.90 -33.36 111.74
N TYR C 170 -21.19 -34.27 112.44
CA TYR C 170 -21.69 -34.90 113.65
C TYR C 170 -20.85 -34.50 114.86
N GLN C 171 -20.56 -33.20 114.96
CA GLN C 171 -19.66 -32.71 115.99
C GLN C 171 -20.18 -33.05 117.39
N GLY C 172 -21.45 -32.77 117.65
CA GLY C 172 -21.97 -32.98 119.00
C GLY C 172 -21.99 -34.42 119.45
N LEU C 173 -21.93 -35.38 118.51
CA LEU C 173 -22.06 -36.79 118.85
C LEU C 173 -20.73 -37.51 119.00
N ILE C 174 -19.70 -37.12 118.24
CA ILE C 174 -18.44 -37.86 118.20
C ILE C 174 -17.23 -36.94 118.36
N GLU C 175 -17.45 -35.66 118.68
CA GLU C 175 -16.31 -34.81 118.99
C GLU C 175 -15.61 -35.29 120.26
N ASP C 176 -16.38 -35.68 121.27
CA ASP C 176 -15.77 -36.22 122.48
C ASP C 176 -14.95 -37.46 122.16
N LEU C 177 -15.51 -38.34 121.31
CA LEU C 177 -14.77 -39.55 120.95
C LEU C 177 -13.49 -39.21 120.19
N LEU C 178 -13.56 -38.28 119.24
CA LEU C 178 -12.36 -37.90 118.50
C LEU C 178 -11.31 -37.30 119.41
N VAL C 179 -11.73 -36.43 120.34
CA VAL C 179 -10.78 -35.82 121.27
C VAL C 179 -10.14 -36.91 122.13
N SER C 180 -10.93 -37.86 122.60
CA SER C 180 -10.40 -38.97 123.37
C SER C 180 -9.39 -39.78 122.56
N ILE C 181 -9.69 -40.05 121.30
CA ILE C 181 -8.78 -40.85 120.48
C ILE C 181 -7.49 -40.07 120.25
N ALA C 182 -7.59 -38.76 120.05
CA ALA C 182 -6.39 -37.96 119.82
C ALA C 182 -5.47 -38.01 121.03
N GLU C 183 -6.02 -37.81 122.24
CA GLU C 183 -5.18 -37.95 123.42
C GLU C 183 -4.64 -39.37 123.57
N LYS C 184 -5.47 -40.37 123.28
CA LYS C 184 -5.04 -41.76 123.42
C LYS C 184 -3.85 -42.07 122.51
N LEU C 185 -3.90 -41.60 121.27
CA LEU C 185 -2.83 -41.88 120.33
C LEU C 185 -1.57 -41.08 120.64
N ASN C 186 -1.74 -39.79 120.99
CA ASN C 186 -0.59 -38.99 121.36
C ASN C 186 0.06 -39.48 122.65
N GLN C 187 -0.69 -40.20 123.49
CA GLN C 187 -0.13 -40.87 124.66
C GLN C 187 0.45 -42.24 124.30
N LEU C 188 -0.08 -42.88 123.25
CA LEU C 188 0.41 -44.18 122.85
C LEU C 188 1.78 -44.09 122.19
N HIS C 189 2.03 -43.00 121.47
CA HIS C 189 3.34 -42.87 120.81
C HIS C 189 4.49 -42.88 121.82
N PRO C 190 4.44 -42.15 122.94
CA PRO C 190 5.49 -42.31 123.97
C PRO C 190 5.61 -43.72 124.51
N SER C 191 4.56 -44.55 124.42
CA SER C 191 4.61 -45.87 125.01
C SER C 191 5.78 -46.68 124.45
N PHE C 192 5.89 -46.73 123.12
CA PHE C 192 7.02 -47.41 122.48
C PHE C 192 7.87 -46.46 121.65
N ASP C 193 7.29 -45.77 120.67
CA ASP C 193 8.11 -45.12 119.64
C ASP C 193 7.15 -44.46 118.66
N LYS C 194 7.67 -43.49 117.89
CA LYS C 194 6.91 -42.80 116.86
C LYS C 194 7.55 -43.10 115.50
N ILE C 195 6.85 -43.86 114.66
CA ILE C 195 7.18 -43.94 113.24
C ILE C 195 6.64 -42.75 112.47
N TYR C 196 5.94 -41.85 113.14
CA TYR C 196 5.02 -40.91 112.49
C TYR C 196 5.81 -39.65 112.16
N THR C 197 6.29 -39.57 110.91
CA THR C 197 7.08 -38.43 110.47
C THR C 197 6.28 -37.13 110.55
N GLN C 198 4.96 -37.20 110.49
CA GLN C 198 4.10 -36.03 110.54
C GLN C 198 3.08 -36.10 111.68
N GLY C 199 3.32 -36.94 112.69
CA GLY C 199 2.44 -37.02 113.83
C GLY C 199 1.17 -37.79 113.55
N LEU C 200 0.31 -37.85 114.57
CA LEU C 200 -1.00 -38.48 114.45
C LEU C 200 -2.09 -37.65 115.12
N ASN C 201 -1.86 -36.36 115.34
CA ASN C 201 -2.91 -35.51 115.91
C ASN C 201 -4.05 -35.40 114.91
N ILE C 202 -5.13 -36.14 115.16
CA ILE C 202 -6.23 -36.17 114.21
C ILE C 202 -7.01 -34.87 114.27
N LEU C 203 -7.14 -34.29 115.47
CA LEU C 203 -7.92 -33.07 115.61
C LEU C 203 -7.37 -31.96 114.73
N SER C 204 -6.07 -31.67 114.86
CA SER C 204 -5.45 -30.60 114.10
C SER C 204 -5.64 -30.80 112.60
N TRP C 205 -5.47 -32.03 112.12
CA TRP C 205 -5.71 -32.32 110.70
C TRP C 205 -7.15 -32.00 110.33
N LEU C 206 -8.10 -32.38 111.19
CA LEU C 206 -9.51 -32.16 110.85
C LEU C 206 -9.87 -30.68 110.84
N LYS C 207 -9.47 -29.95 111.89
CA LYS C 207 -9.90 -28.55 112.00
C LYS C 207 -9.12 -27.64 111.06
N HIS C 208 -7.89 -28.02 110.72
CA HIS C 208 -7.05 -27.26 109.80
C HIS C 208 -6.77 -28.10 108.56
N PRO C 209 -7.46 -27.88 107.44
CA PRO C 209 -7.17 -28.71 106.24
C PRO C 209 -5.74 -28.63 105.77
N GLU C 210 -5.07 -27.48 105.93
CA GLU C 210 -3.71 -27.34 105.44
C GLU C 210 -2.74 -28.22 106.22
N THR C 211 -2.94 -28.38 107.53
CA THR C 211 -2.02 -29.15 108.34
C THR C 211 -1.99 -30.62 107.98
N THR C 212 -3.04 -31.13 107.34
CA THR C 212 -3.13 -32.56 107.08
C THR C 212 -2.09 -32.98 106.04
N PRO C 213 -1.34 -34.07 106.27
CA PRO C 213 -0.44 -34.56 105.20
C PRO C 213 -1.19 -35.16 104.02
N ASP C 214 -0.44 -35.71 103.07
CA ASP C 214 -1.02 -36.22 101.85
C ASP C 214 -1.65 -37.59 102.06
N GLN C 215 -2.39 -38.04 101.05
CA GLN C 215 -3.16 -39.27 101.17
C GLN C 215 -2.25 -40.47 101.36
N ASP C 216 -1.03 -40.44 100.84
CA ASP C 216 -0.12 -41.56 101.04
C ASP C 216 0.22 -41.72 102.52
N TYR C 217 0.61 -40.62 103.19
CA TYR C 217 0.91 -40.70 104.61
C TYR C 217 -0.33 -41.04 105.42
N LEU C 218 -1.48 -40.50 105.05
CA LEU C 218 -2.71 -40.85 105.76
C LEU C 218 -3.02 -42.33 105.60
N LEU C 219 -2.75 -42.90 104.42
CA LEU C 219 -3.02 -44.30 104.12
C LEU C 219 -1.98 -45.24 104.72
N SER C 220 -0.83 -44.72 105.13
CA SER C 220 0.15 -45.56 105.81
C SER C 220 -0.49 -46.21 107.04
N VAL C 221 -0.20 -47.51 107.22
CA VAL C 221 -1.03 -48.33 108.10
C VAL C 221 -1.01 -47.86 109.55
N PRO C 222 0.15 -47.54 110.15
CA PRO C 222 0.12 -47.08 111.56
C PRO C 222 -0.76 -45.86 111.77
N VAL C 223 -0.82 -44.98 110.77
CA VAL C 223 -1.78 -43.88 110.82
C VAL C 223 -3.19 -44.37 110.55
N SER C 224 -3.37 -45.10 109.44
CA SER C 224 -4.72 -45.36 108.93
C SER C 224 -5.53 -46.26 109.85
N CYS C 225 -4.89 -47.25 110.46
CA CYS C 225 -5.64 -48.19 111.28
C CYS C 225 -6.36 -47.50 112.43
N PRO C 226 -5.70 -46.65 113.24
CA PRO C 226 -6.45 -45.86 114.22
C PRO C 226 -7.57 -45.01 113.61
N VAL C 227 -7.35 -44.42 112.45
CA VAL C 227 -8.40 -43.56 111.86
C VAL C 227 -9.58 -44.40 111.38
N ILE C 228 -9.32 -45.60 110.85
CA ILE C 228 -10.43 -46.47 110.47
C ILE C 228 -11.19 -46.92 111.70
N CYS C 229 -10.47 -47.21 112.79
CA CYS C 229 -11.14 -47.48 114.07
C CYS C 229 -11.98 -46.28 114.50
N VAL C 230 -11.46 -45.08 114.29
CA VAL C 230 -12.21 -43.87 114.63
C VAL C 230 -13.50 -43.81 113.85
N ILE C 231 -13.42 -44.09 112.54
CA ILE C 231 -14.62 -44.02 111.71
C ILE C 231 -15.66 -45.04 112.17
N GLN C 232 -15.22 -46.27 112.45
CA GLN C 232 -16.15 -47.30 112.89
C GLN C 232 -16.79 -46.94 114.22
N LEU C 233 -15.96 -46.55 115.21
CA LEU C 233 -16.49 -46.19 116.51
C LEU C 233 -17.38 -44.96 116.43
N CYS C 234 -17.07 -44.03 115.52
CA CYS C 234 -17.91 -42.86 115.33
C CYS C 234 -19.29 -43.25 114.81
N HIS C 235 -19.32 -44.13 113.82
CA HIS C 235 -20.61 -44.55 113.29
C HIS C 235 -21.42 -45.28 114.34
N TYR C 236 -20.75 -46.11 115.15
CA TYR C 236 -21.45 -46.78 116.26
C TYR C 236 -21.96 -45.77 117.27
N THR C 237 -21.15 -44.77 117.61
CA THR C 237 -21.55 -43.75 118.58
C THR C 237 -22.74 -42.95 118.06
N ILE C 238 -22.74 -42.62 116.77
CA ILE C 238 -23.87 -41.91 116.19
C ILE C 238 -25.12 -42.78 116.24
N THR C 239 -24.98 -44.06 115.88
CA THR C 239 -26.14 -44.94 115.90
C THR C 239 -26.68 -45.11 117.32
N CYS C 240 -25.82 -44.96 118.32
CA CYS C 240 -26.29 -44.94 119.70
C CYS C 240 -27.02 -43.65 120.02
N LYS C 241 -26.33 -42.51 119.87
CA LYS C 241 -26.82 -41.24 120.39
C LYS C 241 -28.08 -40.80 119.64
N VAL C 242 -28.14 -41.00 118.33
CA VAL C 242 -29.28 -40.54 117.55
C VAL C 242 -30.55 -41.24 118.00
N LEU C 243 -30.49 -42.56 118.18
CA LEU C 243 -31.63 -43.30 118.71
C LEU C 243 -31.77 -43.17 120.21
N GLY C 244 -30.84 -42.50 120.88
CA GLY C 244 -30.92 -42.38 122.33
C GLY C 244 -30.67 -43.69 123.02
N LEU C 245 -29.94 -44.60 122.38
CA LEU C 245 -29.67 -45.93 122.90
C LEU C 245 -28.25 -45.95 123.43
N THR C 246 -28.11 -46.31 124.70
CA THR C 246 -26.79 -46.53 125.25
C THR C 246 -26.15 -47.73 124.56
N PRO C 247 -24.82 -47.76 124.42
CA PRO C 247 -24.19 -48.96 123.82
C PRO C 247 -24.54 -50.24 124.56
N GLY C 248 -24.70 -50.17 125.89
CA GLY C 248 -25.01 -51.36 126.65
C GLY C 248 -26.26 -52.07 126.20
N GLU C 249 -27.21 -51.33 125.63
CA GLU C 249 -28.47 -51.88 125.14
C GLU C 249 -28.55 -51.98 123.62
N PHE C 250 -27.89 -51.07 122.90
CA PHE C 250 -27.77 -51.23 121.46
C PHE C 250 -27.08 -52.56 121.15
N ARG C 251 -25.94 -52.81 121.77
CA ARG C 251 -25.25 -54.08 121.53
C ARG C 251 -26.12 -55.27 121.88
N ASN C 252 -26.96 -55.14 122.91
CA ASN C 252 -27.92 -56.20 123.20
C ASN C 252 -28.89 -56.39 122.03
N SER C 253 -29.29 -55.30 121.40
CA SER C 253 -30.21 -55.39 120.26
C SER C 253 -29.60 -56.16 119.10
N LEU C 254 -28.27 -56.22 119.00
CA LEU C 254 -27.62 -56.90 117.89
C LEU C 254 -27.59 -58.41 118.12
N LYS C 255 -27.95 -59.17 117.09
CA LYS C 255 -27.81 -60.62 117.17
C LYS C 255 -26.34 -61.02 117.31
N TRP C 256 -25.45 -60.38 116.56
CA TRP C 256 -24.01 -60.60 116.67
C TRP C 256 -23.29 -59.54 115.86
N SER C 257 -21.96 -59.59 115.90
CA SER C 257 -21.15 -58.59 115.21
C SER C 257 -19.82 -59.21 114.82
N THR C 258 -19.27 -58.75 113.70
CA THR C 258 -17.94 -59.18 113.28
C THR C 258 -17.26 -58.10 112.45
N GLY C 259 -16.11 -58.43 111.86
CA GLY C 259 -15.36 -57.45 111.10
C GLY C 259 -14.50 -58.08 110.04
N HIS C 260 -14.03 -57.22 109.14
CA HIS C 260 -13.14 -57.61 108.06
C HIS C 260 -11.72 -57.73 108.59
N SER C 261 -10.75 -57.73 107.67
CA SER C 261 -9.33 -57.78 107.98
C SER C 261 -8.93 -56.91 109.17
N GLN C 262 -9.55 -55.73 109.31
CA GLN C 262 -9.22 -54.79 110.36
C GLN C 262 -10.34 -54.55 111.36
N GLY C 263 -11.59 -54.62 110.94
CA GLY C 263 -12.71 -54.23 111.79
C GLY C 263 -13.08 -55.21 112.88
N LEU C 264 -12.47 -56.39 112.91
CA LEU C 264 -12.86 -57.40 113.89
C LEU C 264 -12.58 -56.94 115.31
N VAL C 265 -11.50 -56.17 115.51
CA VAL C 265 -11.21 -55.64 116.83
C VAL C 265 -12.33 -54.71 117.29
N THR C 266 -12.81 -53.86 116.37
CA THR C 266 -13.95 -53.02 116.70
C THR C 266 -15.19 -53.86 116.99
N ALA C 267 -15.36 -54.97 116.27
CA ALA C 267 -16.50 -55.84 116.52
C ALA C 267 -16.47 -56.41 117.93
N VAL C 268 -15.31 -56.95 118.34
CA VAL C 268 -15.22 -57.54 119.67
C VAL C 268 -15.33 -56.44 120.74
N THR C 269 -14.80 -55.25 120.46
CA THR C 269 -14.94 -54.15 121.41
C THR C 269 -16.41 -53.76 121.59
N ILE C 270 -17.14 -53.63 120.48
CA ILE C 270 -18.56 -53.33 120.57
C ILE C 270 -19.29 -54.44 121.31
N ALA C 271 -18.89 -55.69 121.09
CA ALA C 271 -19.45 -56.79 121.87
C ALA C 271 -19.15 -56.61 123.36
N ALA C 272 -18.04 -55.95 123.69
CA ALA C 272 -17.67 -55.63 125.07
C ALA C 272 -18.22 -54.29 125.54
N SER C 273 -19.03 -53.61 124.72
CA SER C 273 -19.56 -52.30 125.07
C SER C 273 -20.34 -52.34 126.39
N ASP C 274 -20.59 -51.14 126.92
CA ASP C 274 -21.33 -50.95 128.17
C ASP C 274 -21.85 -49.52 128.18
N SER C 275 -22.24 -49.02 129.36
CA SER C 275 -22.66 -47.62 129.51
C SER C 275 -21.59 -46.69 128.97
N TRP C 276 -21.94 -45.43 128.68
CA TRP C 276 -21.07 -44.54 127.92
C TRP C 276 -19.68 -44.40 128.55
N ASP C 277 -19.62 -44.34 129.88
CA ASP C 277 -18.33 -44.21 130.55
C ASP C 277 -17.44 -45.42 130.27
N SER C 278 -18.02 -46.62 130.28
CA SER C 278 -17.26 -47.81 129.93
C SER C 278 -17.03 -47.91 128.42
N PHE C 279 -17.92 -47.30 127.63
CA PHE C 279 -17.73 -47.29 126.18
C PHE C 279 -16.49 -46.51 125.81
N LEU C 280 -16.21 -45.42 126.52
CA LEU C 280 -14.98 -44.67 126.25
C LEU C 280 -13.75 -45.53 126.55
N LYS C 281 -13.79 -46.31 127.63
CA LYS C 281 -12.68 -47.23 127.91
C LYS C 281 -12.56 -48.30 126.84
N ASN C 282 -13.70 -48.82 126.37
CA ASN C 282 -13.67 -49.80 125.30
C ASN C 282 -13.05 -49.21 124.03
N SER C 283 -13.43 -47.98 123.70
CA SER C 283 -12.85 -47.31 122.55
C SER C 283 -11.36 -47.09 122.72
N LEU C 284 -10.93 -46.73 123.94
CA LEU C 284 -9.51 -46.63 124.22
C LEU C 284 -8.82 -47.95 123.92
N THR C 285 -9.41 -49.06 124.37
CA THR C 285 -8.79 -50.36 124.17
C THR C 285 -8.67 -50.68 122.68
N ALA C 286 -9.75 -50.48 121.93
CA ALA C 286 -9.72 -50.78 120.51
C ALA C 286 -8.69 -49.92 119.79
N VAL C 287 -8.66 -48.63 120.10
CA VAL C 287 -7.71 -47.72 119.46
C VAL C 287 -6.28 -48.10 119.79
N SER C 288 -6.00 -48.40 121.06
CA SER C 288 -4.64 -48.77 121.43
C SER C 288 -4.21 -50.06 120.72
N LEU C 289 -5.11 -51.03 120.63
CA LEU C 289 -4.78 -52.28 119.96
C LEU C 289 -4.50 -52.04 118.48
N LEU C 290 -5.32 -51.21 117.82
CA LEU C 290 -5.09 -50.96 116.40
C LEU C 290 -3.83 -50.14 116.18
N LEU C 291 -3.54 -49.21 117.08
CA LEU C 291 -2.29 -48.45 117.01
C LEU C 291 -1.11 -49.39 117.08
N PHE C 292 -1.15 -50.34 118.03
CA PHE C 292 -0.04 -51.28 118.17
C PHE C 292 0.07 -52.17 116.94
N ILE C 293 -1.06 -52.66 116.44
CA ILE C 293 -1.04 -53.52 115.25
C ILE C 293 -0.40 -52.78 114.08
N GLY C 294 -0.86 -51.55 113.83
CA GLY C 294 -0.33 -50.81 112.69
C GLY C 294 1.15 -50.50 112.83
N SER C 295 1.54 -50.00 114.01
CA SER C 295 2.94 -49.63 114.21
C SER C 295 3.85 -50.85 114.10
N ARG C 296 3.46 -51.96 114.74
CA ARG C 296 4.29 -53.16 114.69
C ARG C 296 4.36 -53.72 113.28
N CYS C 297 3.24 -53.74 112.56
CA CYS C 297 3.23 -54.26 111.20
C CYS C 297 4.12 -53.41 110.29
N LEU C 298 4.03 -52.08 110.41
CA LEU C 298 4.88 -51.22 109.58
C LEU C 298 6.36 -51.39 109.94
N SER C 299 6.66 -51.49 111.24
CA SER C 299 8.05 -51.68 111.65
C SER C 299 8.59 -53.00 111.12
N THR C 300 7.76 -54.05 111.13
CA THR C 300 8.22 -55.35 110.67
C THR C 300 8.38 -55.39 109.16
N TYR C 301 7.46 -54.76 108.42
CA TYR C 301 7.51 -54.71 106.96
C TYR C 301 7.27 -53.28 106.49
N PRO C 302 8.25 -52.40 106.63
CA PRO C 302 8.10 -51.05 106.08
C PRO C 302 8.13 -51.08 104.55
N ARG C 303 7.13 -50.46 103.93
CA ARG C 303 7.08 -50.46 102.47
C ARG C 303 8.18 -49.57 101.92
N THR C 304 8.77 -49.99 100.81
CA THR C 304 9.95 -49.37 100.24
C THR C 304 9.59 -48.62 98.96
N SER C 305 10.60 -47.96 98.38
CA SER C 305 10.39 -47.32 97.09
C SER C 305 10.07 -48.38 96.04
N LEU C 306 9.29 -47.97 95.04
CA LEU C 306 8.79 -48.90 94.05
C LEU C 306 9.39 -48.51 92.70
N PRO C 307 10.05 -49.40 91.96
CA PRO C 307 10.77 -48.96 90.75
C PRO C 307 9.85 -48.25 89.78
N PRO C 308 10.20 -47.03 89.33
CA PRO C 308 9.24 -46.28 88.49
C PRO C 308 8.95 -46.95 87.17
N THR C 309 9.94 -47.63 86.57
CA THR C 309 9.65 -48.37 85.35
C THR C 309 8.60 -49.44 85.60
N MET C 310 8.63 -50.05 86.79
CA MET C 310 7.68 -51.11 87.09
C MET C 310 6.26 -50.55 87.26
N LEU C 311 6.10 -49.47 88.03
CA LEU C 311 4.76 -48.90 88.15
C LEU C 311 4.29 -48.29 86.84
N GLN C 312 5.21 -47.79 86.01
CA GLN C 312 4.82 -47.29 84.71
C GLN C 312 4.28 -48.43 83.85
N ASP C 313 4.99 -49.56 83.85
CA ASP C 313 4.50 -50.73 83.12
C ASP C 313 3.15 -51.17 83.63
N SER C 314 2.98 -51.23 84.95
CA SER C 314 1.69 -51.60 85.51
C SER C 314 0.61 -50.63 85.08
N LEU C 315 0.92 -49.32 85.09
CA LEU C 315 -0.06 -48.31 84.76
C LEU C 315 -0.50 -48.40 83.31
N ASP C 316 0.46 -48.62 82.39
CA ASP C 316 0.15 -48.51 80.97
C ASP C 316 -0.59 -49.72 80.41
N ASN C 317 -0.97 -50.69 81.23
CA ASN C 317 -1.86 -51.77 80.83
C ASN C 317 -3.14 -51.76 81.69
N GLY C 318 -3.69 -50.57 81.92
CA GLY C 318 -4.96 -50.47 82.62
C GLY C 318 -4.94 -51.01 84.04
N GLU C 319 -3.90 -50.67 84.80
CA GLU C 319 -3.73 -51.13 86.17
C GLU C 319 -3.40 -49.93 87.06
N GLY C 320 -3.73 -50.06 88.34
CA GLY C 320 -3.48 -49.02 89.31
C GLY C 320 -2.07 -49.09 89.88
N ARG C 321 -1.84 -48.29 90.90
CA ARG C 321 -0.55 -48.30 91.58
C ARG C 321 -0.34 -49.64 92.27
N PRO C 322 0.82 -50.27 92.16
CA PRO C 322 1.05 -51.50 92.91
C PRO C 322 0.95 -51.27 94.41
N SER C 323 0.39 -52.25 95.10
CA SER C 323 0.18 -52.21 96.54
C SER C 323 0.46 -53.59 97.11
N PRO C 324 0.67 -53.70 98.43
CA PRO C 324 0.93 -55.02 99.02
C PRO C 324 -0.24 -55.98 98.94
N MET C 325 -1.44 -55.50 98.58
CA MET C 325 -2.60 -56.36 98.37
C MET C 325 -3.13 -56.18 96.96
N LEU C 326 -3.40 -57.30 96.30
CA LEU C 326 -3.93 -57.34 94.94
C LEU C 326 -5.27 -58.07 94.97
N SER C 327 -6.34 -57.38 94.59
CA SER C 327 -7.66 -57.97 94.51
C SER C 327 -7.89 -58.51 93.10
N VAL C 328 -8.39 -59.74 93.03
CA VAL C 328 -8.73 -60.40 91.78
C VAL C 328 -10.19 -60.83 91.85
N ARG C 329 -10.96 -60.48 90.82
CA ARG C 329 -12.38 -60.77 90.76
C ARG C 329 -12.68 -61.67 89.58
N ASP C 330 -13.84 -62.30 89.63
CA ASP C 330 -14.35 -63.16 88.56
C ASP C 330 -13.57 -64.46 88.42
N LEU C 331 -12.77 -64.83 89.42
CA LEU C 331 -12.03 -66.08 89.42
C LEU C 331 -12.22 -66.79 90.75
N SER C 332 -12.13 -68.12 90.70
CA SER C 332 -12.32 -68.94 91.88
C SER C 332 -11.06 -68.96 92.74
N ILE C 333 -11.25 -69.35 94.01
CA ILE C 333 -10.10 -69.54 94.89
C ILE C 333 -9.14 -70.57 94.31
N LYS C 334 -9.66 -71.61 93.66
CA LYS C 334 -8.78 -72.66 93.15
C LYS C 334 -7.89 -72.14 92.03
N GLN C 335 -8.48 -71.42 91.07
CA GLN C 335 -7.69 -70.87 89.96
C GLN C 335 -6.70 -69.83 90.47
N VAL C 336 -7.16 -68.90 91.31
CA VAL C 336 -6.28 -67.89 91.87
C VAL C 336 -5.16 -68.57 92.65
N GLU C 337 -5.49 -69.65 93.37
CA GLU C 337 -4.48 -70.35 94.15
C GLU C 337 -3.44 -70.98 93.26
N LYS C 338 -3.86 -71.60 92.15
CA LYS C 338 -2.90 -72.19 91.24
C LYS C 338 -1.96 -71.13 90.68
N PHE C 339 -2.49 -69.94 90.38
CA PHE C 339 -1.62 -68.88 89.91
C PHE C 339 -0.64 -68.45 91.01
N ILE C 340 -1.09 -68.40 92.28
CA ILE C 340 -0.15 -68.06 93.34
C ILE C 340 0.91 -69.13 93.47
N GLU C 341 0.54 -70.40 93.26
CA GLU C 341 1.53 -71.47 93.37
C GLU C 341 2.59 -71.34 92.29
N GLN C 342 2.18 -70.96 91.08
CA GLN C 342 3.18 -70.68 90.03
C GLN C 342 4.11 -69.55 90.45
N THR C 343 3.54 -68.43 90.88
CA THR C 343 4.37 -67.28 91.24
C THR C 343 5.28 -67.59 92.43
N ASN C 344 4.75 -68.31 93.42
CA ASN C 344 5.54 -68.68 94.59
C ASN C 344 6.66 -69.65 94.22
N SER C 345 6.37 -70.61 93.34
CA SER C 345 7.41 -71.52 92.89
C SER C 345 8.54 -70.77 92.21
N HIS C 346 8.20 -69.72 91.45
CA HIS C 346 9.24 -68.91 90.80
C HIS C 346 9.81 -67.81 91.70
N LEU C 347 9.28 -67.63 92.91
CA LEU C 347 9.79 -66.64 93.85
C LEU C 347 10.43 -67.35 95.03
N PRO C 348 11.31 -66.68 95.77
CA PRO C 348 11.76 -67.22 97.06
C PRO C 348 10.66 -67.13 98.11
N ARG C 349 10.84 -67.90 99.19
CA ARG C 349 9.83 -67.99 100.23
C ARG C 349 9.56 -66.65 100.89
N GLU C 350 10.58 -65.78 100.94
CA GLU C 350 10.46 -64.57 101.76
C GLU C 350 9.72 -63.45 101.04
N LYS C 351 9.52 -63.60 99.73
CA LYS C 351 8.68 -62.68 98.96
C LYS C 351 7.54 -63.45 98.28
N HIS C 352 7.02 -64.47 98.95
CA HIS C 352 5.94 -65.29 98.44
C HIS C 352 4.62 -64.54 98.48
N ILE C 353 3.65 -65.08 97.75
CA ILE C 353 2.27 -64.59 97.73
C ILE C 353 1.39 -65.64 98.39
N ALA C 354 0.50 -65.19 99.27
CA ALA C 354 -0.43 -66.08 99.96
C ALA C 354 -1.83 -65.49 99.91
N ILE C 355 -2.82 -66.37 100.00
CA ILE C 355 -4.21 -65.93 100.06
C ILE C 355 -4.40 -65.12 101.32
N SER C 356 -4.74 -63.84 101.16
CA SER C 356 -4.94 -62.95 102.30
C SER C 356 -6.38 -62.97 102.78
N LEU C 357 -7.34 -62.80 101.86
CA LEU C 357 -8.74 -62.85 102.27
C LEU C 357 -9.60 -63.25 101.07
N ILE C 358 -10.61 -64.06 101.35
CA ILE C 358 -11.54 -64.55 100.33
C ILE C 358 -12.87 -63.86 100.53
N ASN C 359 -13.08 -62.73 99.83
CA ASN C 359 -14.30 -61.97 100.03
C ASN C 359 -15.52 -62.70 99.49
N GLY C 360 -15.32 -63.63 98.56
CA GLY C 360 -16.43 -64.39 98.01
C GLY C 360 -15.89 -65.46 97.08
N ALA C 361 -16.81 -66.14 96.41
CA ALA C 361 -16.42 -67.17 95.47
C ALA C 361 -15.62 -66.58 94.32
N ARG C 362 -16.04 -65.41 93.82
CA ARG C 362 -15.41 -64.74 92.70
C ARG C 362 -14.82 -63.39 93.12
N ASN C 363 -14.30 -63.31 94.33
CA ASN C 363 -13.70 -62.08 94.83
C ASN C 363 -12.64 -62.45 95.86
N LEU C 364 -11.38 -62.14 95.56
CA LEU C 364 -10.28 -62.53 96.42
C LEU C 364 -9.29 -61.37 96.51
N VAL C 365 -8.50 -61.37 97.58
CA VAL C 365 -7.40 -60.43 97.72
C VAL C 365 -6.20 -61.19 98.26
N LEU C 366 -5.03 -60.89 97.70
CA LEU C 366 -3.80 -61.63 97.95
C LEU C 366 -2.72 -60.66 98.41
N SER C 367 -2.03 -61.04 99.49
CA SER C 367 -1.00 -60.20 100.09
C SER C 367 0.39 -60.66 99.66
N GLY C 368 1.35 -59.77 99.84
CA GLY C 368 2.72 -60.02 99.49
C GLY C 368 3.42 -58.73 99.12
N PRO C 369 4.69 -58.81 98.74
CA PRO C 369 5.40 -57.61 98.33
C PRO C 369 4.76 -57.02 97.08
N PRO C 370 4.78 -55.68 96.93
CA PRO C 370 4.24 -55.10 95.69
C PRO C 370 4.94 -55.61 94.44
N GLU C 371 6.25 -55.88 94.50
CA GLU C 371 6.93 -56.42 93.32
C GLU C 371 6.44 -57.82 93.00
N SER C 372 6.28 -58.67 94.01
CA SER C 372 5.77 -60.01 93.77
C SER C 372 4.36 -59.96 93.19
N LEU C 373 3.52 -59.07 93.71
CA LEU C 373 2.16 -58.96 93.17
C LEU C 373 2.15 -58.32 91.79
N TYR C 374 3.14 -57.48 91.46
CA TYR C 374 3.24 -56.98 90.10
C TYR C 374 3.59 -58.10 89.13
N GLY C 375 4.55 -58.94 89.50
CA GLY C 375 4.84 -60.10 88.66
C GLY C 375 3.64 -61.01 88.55
N PHE C 376 2.91 -61.17 89.66
CA PHE C 376 1.63 -61.87 89.65
C PHE C 376 0.68 -61.28 88.62
N ASN C 377 0.56 -59.96 88.59
CA ASN C 377 -0.37 -59.31 87.67
C ASN C 377 0.13 -59.40 86.24
N LEU C 378 1.44 -59.44 86.03
CA LEU C 378 1.97 -59.70 84.70
C LEU C 378 1.53 -61.08 84.21
N ASN C 379 1.65 -62.09 85.07
CA ASN C 379 1.20 -63.43 84.71
C ASN C 379 -0.29 -63.42 84.41
N LEU C 380 -1.08 -62.74 85.24
CA LEU C 380 -2.52 -62.75 85.07
C LEU C 380 -2.93 -62.00 83.81
N ARG C 381 -2.22 -60.92 83.47
CA ARG C 381 -2.51 -60.21 82.23
C ARG C 381 -2.12 -61.04 81.02
N ASN C 382 -1.02 -61.78 81.11
CA ASN C 382 -0.66 -62.68 80.02
C ASN C 382 -1.72 -63.75 79.81
N GLN C 383 -2.26 -64.29 80.91
CA GLN C 383 -3.21 -65.40 80.78
C GLN C 383 -4.62 -64.92 80.44
N LYS C 384 -4.99 -63.71 80.84
CA LYS C 384 -6.35 -63.23 80.65
C LYS C 384 -6.53 -62.70 79.22
N ALA C 385 -7.73 -62.22 78.94
CA ALA C 385 -8.12 -61.65 77.66
C ALA C 385 -8.77 -60.29 77.90
N PRO C 386 -8.79 -59.42 76.87
CA PRO C 386 -9.40 -58.10 77.06
C PRO C 386 -10.88 -58.16 77.46
N LEU C 389 -13.37 -58.81 74.39
CA LEU C 389 -12.94 -59.65 73.27
C LEU C 389 -14.12 -60.05 72.38
N ASP C 390 -15.34 -59.87 72.87
CA ASP C 390 -16.55 -60.24 72.13
C ASP C 390 -16.54 -61.72 71.77
N GLN C 391 -16.56 -62.55 72.81
CA GLN C 391 -16.56 -64.00 72.67
C GLN C 391 -17.95 -64.58 72.50
N SER C 392 -18.96 -63.75 72.22
CA SER C 392 -20.32 -64.24 72.06
C SER C 392 -20.43 -65.25 70.92
N ARG C 393 -19.55 -65.13 69.92
CA ARG C 393 -19.52 -66.06 68.79
C ARG C 393 -18.63 -67.26 69.04
N VAL C 394 -18.18 -67.47 70.27
CA VAL C 394 -17.29 -68.58 70.64
C VAL C 394 -18.04 -69.51 71.58
N PRO C 395 -17.90 -70.83 71.47
CA PRO C 395 -18.59 -71.72 72.42
C PRO C 395 -18.12 -71.47 73.85
N PHE C 396 -19.06 -71.61 74.79
CA PHE C 396 -18.79 -71.28 76.18
C PHE C 396 -17.68 -72.12 76.79
N SER C 397 -17.48 -73.35 76.30
CA SER C 397 -16.53 -74.26 76.92
C SER C 397 -15.10 -73.87 76.56
N GLU C 398 -14.92 -73.23 75.41
CA GLU C 398 -13.61 -72.79 74.94
C GLU C 398 -13.47 -71.26 75.00
N ARG C 399 -14.24 -70.62 75.88
CA ARG C 399 -14.18 -69.18 76.05
C ARG C 399 -13.13 -68.82 77.09
N LYS C 400 -12.33 -67.80 76.77
CA LYS C 400 -11.31 -67.34 77.70
C LYS C 400 -11.97 -66.65 78.90
N LEU C 401 -11.34 -66.82 80.07
CA LEU C 401 -11.85 -66.26 81.31
C LEU C 401 -11.54 -64.77 81.39
N LYS C 402 -12.52 -63.99 81.82
CA LYS C 402 -12.38 -62.56 82.02
C LYS C 402 -12.23 -62.25 83.51
N CYS C 403 -11.54 -61.16 83.80
CA CYS C 403 -11.34 -60.75 85.19
C CYS C 403 -10.89 -59.30 85.22
N SER C 404 -11.18 -58.63 86.33
CA SER C 404 -10.81 -57.23 86.57
C SER C 404 -10.06 -57.19 87.90
N ASN C 405 -8.75 -57.33 87.83
CA ASN C 405 -7.90 -57.32 89.00
C ASN C 405 -7.22 -55.96 89.18
N ARG C 406 -7.13 -55.51 90.41
CA ARG C 406 -6.53 -54.22 90.71
C ARG C 406 -6.03 -54.24 92.15
N PHE C 407 -5.06 -53.37 92.44
CA PHE C 407 -4.49 -53.28 93.77
C PHE C 407 -5.36 -52.41 94.67
N LEU C 408 -5.56 -52.87 95.90
CA LEU C 408 -6.36 -52.10 96.84
C LEU C 408 -5.57 -50.88 97.33
N PRO C 409 -6.25 -49.84 97.81
CA PRO C 409 -5.53 -48.73 98.47
C PRO C 409 -5.07 -49.10 99.88
N ILE C 410 -3.90 -49.72 99.97
CA ILE C 410 -3.36 -50.17 101.25
C ILE C 410 -1.84 -50.15 101.14
N PHE C 411 -1.17 -49.96 102.28
CA PHE C 411 0.29 -49.96 102.37
C PHE C 411 0.77 -50.95 103.41
N ALA C 412 0.22 -52.17 103.39
CA ALA C 412 0.70 -53.25 104.24
C ALA C 412 0.13 -54.58 103.77
N PRO C 413 0.93 -55.67 103.74
CA PRO C 413 0.36 -56.99 103.35
C PRO C 413 -0.26 -57.74 104.53
N PHE C 414 -1.49 -57.36 104.88
CA PHE C 414 -2.18 -58.00 105.99
C PHE C 414 -2.54 -59.43 105.64
N HIS C 415 -2.57 -60.28 106.66
CA HIS C 415 -2.85 -61.72 106.50
C HIS C 415 -1.81 -62.37 105.60
N SER C 416 -0.54 -62.24 106.01
CA SER C 416 0.57 -62.79 105.26
C SER C 416 1.69 -63.13 106.23
N HIS C 417 2.60 -63.99 105.76
CA HIS C 417 3.77 -64.38 106.55
C HIS C 417 4.70 -63.20 106.82
N LEU C 418 4.60 -62.13 106.02
CA LEU C 418 5.50 -61.00 106.20
C LEU C 418 5.31 -60.36 107.57
N LEU C 419 4.07 -60.24 108.01
CA LEU C 419 3.74 -59.67 109.31
C LEU C 419 3.61 -60.72 110.40
N ALA C 420 3.89 -62.00 110.10
CA ALA C 420 3.78 -63.04 111.11
C ALA C 420 4.76 -62.80 112.25
N ASP C 421 5.99 -62.43 111.94
CA ASP C 421 6.97 -62.16 112.99
C ASP C 421 6.60 -60.93 113.81
N ALA C 422 5.72 -60.07 113.29
CA ALA C 422 5.26 -58.93 114.08
C ALA C 422 4.29 -59.35 115.18
N THR C 423 3.71 -60.55 115.09
CA THR C 423 2.65 -60.92 116.02
C THR C 423 3.17 -61.00 117.45
N GLU C 424 4.28 -61.72 117.68
CA GLU C 424 4.76 -61.94 119.03
C GLU C 424 5.10 -60.61 119.70
N LEU C 425 5.67 -59.68 118.93
CA LEU C 425 5.92 -58.34 119.45
C LEU C 425 4.60 -57.64 119.78
N ILE C 426 3.57 -57.80 118.94
CA ILE C 426 2.28 -57.17 119.22
C ILE C 426 1.71 -57.69 120.54
N LEU C 427 1.67 -59.02 120.71
CA LEU C 427 1.12 -59.57 121.95
C LEU C 427 1.96 -59.18 123.16
N ASP C 428 3.29 -59.19 123.03
CA ASP C 428 4.13 -58.79 124.16
C ASP C 428 3.84 -57.34 124.55
N ASP C 429 3.69 -56.46 123.56
CA ASP C 429 3.45 -55.05 123.84
C ASP C 429 2.03 -54.84 124.37
N VAL C 430 1.07 -55.63 123.90
CA VAL C 430 -0.29 -55.58 124.43
C VAL C 430 -0.32 -56.00 125.89
N LYS C 431 0.46 -57.02 126.26
CA LYS C 431 0.42 -57.51 127.63
C LYS C 431 0.86 -56.46 128.65
N GLU C 432 1.55 -55.41 128.21
CA GLU C 432 2.03 -54.37 129.11
C GLU C 432 0.97 -53.34 129.47
N HIS C 433 -0.02 -53.13 128.59
CA HIS C 433 -1.02 -52.08 128.78
C HIS C 433 -2.35 -52.61 129.31
N GLY C 434 -2.40 -53.85 129.79
CA GLY C 434 -3.64 -54.36 130.37
C GLY C 434 -4.75 -54.58 129.37
N LEU C 435 -4.45 -54.60 128.08
CA LEU C 435 -5.46 -54.80 127.06
C LEU C 435 -5.94 -56.24 127.07
N SER C 436 -7.24 -56.42 127.28
CA SER C 436 -7.82 -57.77 127.39
C SER C 436 -9.32 -57.67 127.19
N PHE C 437 -9.85 -58.44 126.24
CA PHE C 437 -11.29 -58.57 126.01
C PHE C 437 -11.72 -59.92 126.56
N GLU C 438 -12.51 -59.89 127.65
CA GLU C 438 -13.02 -61.11 128.28
C GLU C 438 -14.54 -61.14 128.32
N GLY C 439 -15.18 -60.06 128.75
CA GLY C 439 -16.62 -60.06 128.94
C GLY C 439 -17.40 -59.68 127.69
N LEU C 440 -17.47 -60.60 126.73
CA LEU C 440 -18.22 -60.39 125.50
C LEU C 440 -19.64 -60.89 125.68
N LYS C 441 -20.61 -60.02 125.37
CA LYS C 441 -22.03 -60.36 125.55
C LYS C 441 -22.60 -61.03 124.31
N ILE C 442 -22.56 -60.34 123.18
CA ILE C 442 -23.08 -60.88 121.92
C ILE C 442 -22.03 -61.80 121.31
N PRO C 443 -22.40 -62.76 120.47
CA PRO C 443 -21.38 -63.55 119.78
C PRO C 443 -20.57 -62.69 118.82
N VAL C 444 -19.30 -63.04 118.67
CA VAL C 444 -18.40 -62.37 117.74
C VAL C 444 -17.85 -63.47 116.83
N TYR C 445 -18.32 -63.51 115.59
CA TYR C 445 -17.93 -64.58 114.69
C TYR C 445 -16.45 -64.44 114.33
N ASP C 446 -15.72 -65.54 114.47
CA ASP C 446 -14.30 -65.57 114.14
C ASP C 446 -14.13 -65.38 112.62
N THR C 447 -13.22 -64.47 112.25
CA THR C 447 -13.12 -64.11 110.83
C THR C 447 -12.45 -65.19 110.00
N PHE C 448 -11.79 -66.16 110.64
CA PHE C 448 -11.15 -67.27 109.96
C PHE C 448 -11.86 -68.60 110.21
N ASP C 449 -12.03 -68.97 111.47
CA ASP C 449 -12.65 -70.24 111.82
C ASP C 449 -14.17 -70.16 111.88
N GLY C 450 -14.74 -68.95 111.99
CA GLY C 450 -16.17 -68.77 111.99
C GLY C 450 -16.84 -68.91 113.34
N SER C 451 -16.15 -69.42 114.35
CA SER C 451 -16.77 -69.69 115.64
C SER C 451 -16.84 -68.42 116.48
N ASP C 452 -17.47 -68.54 117.65
CA ASP C 452 -17.57 -67.43 118.59
C ASP C 452 -16.28 -67.28 119.37
N PHE C 453 -15.85 -66.04 119.58
CA PHE C 453 -14.68 -65.78 120.40
C PHE C 453 -14.91 -66.14 121.87
N GLN C 454 -16.17 -66.23 122.30
CA GLN C 454 -16.45 -66.55 123.69
C GLN C 454 -15.89 -67.92 124.06
N ALA C 455 -16.04 -68.89 123.17
CA ALA C 455 -15.56 -70.26 123.42
C ALA C 455 -14.14 -70.41 122.84
N LEU C 456 -13.20 -69.74 123.50
CA LEU C 456 -11.78 -69.82 123.14
C LEU C 456 -10.96 -69.99 124.40
N LYS C 457 -10.02 -70.94 124.37
CA LYS C 457 -9.11 -71.12 125.50
C LYS C 457 -8.09 -69.99 125.57
N GLU C 458 -7.53 -69.60 124.42
CA GLU C 458 -6.53 -68.55 124.37
C GLU C 458 -7.19 -67.18 124.52
N PRO C 459 -6.42 -66.15 124.85
CA PRO C 459 -7.01 -64.81 124.97
C PRO C 459 -7.62 -64.33 123.65
N ILE C 460 -8.72 -63.60 123.79
CA ILE C 460 -9.45 -63.11 122.62
C ILE C 460 -8.55 -62.20 121.80
N ILE C 461 -7.80 -61.32 122.48
CA ILE C 461 -6.95 -60.38 121.77
C ILE C 461 -5.81 -61.12 121.08
N ASP C 462 -5.27 -62.16 121.72
CA ASP C 462 -4.25 -62.96 121.07
C ASP C 462 -4.78 -63.57 119.77
N ARG C 463 -5.97 -64.17 119.84
CA ARG C 463 -6.55 -64.78 118.65
C ARG C 463 -6.80 -63.73 117.58
N VAL C 464 -7.29 -62.55 117.96
CA VAL C 464 -7.63 -61.52 116.99
C VAL C 464 -6.38 -60.94 116.33
N VAL C 465 -5.32 -60.71 117.13
CA VAL C 465 -4.07 -60.20 116.57
C VAL C 465 -3.47 -61.21 115.62
N LYS C 466 -3.45 -62.49 116.01
CA LYS C 466 -2.96 -63.54 115.12
C LYS C 466 -3.77 -63.54 113.82
N LEU C 467 -5.08 -63.38 113.95
CA LEU C 467 -5.97 -63.31 112.79
C LEU C 467 -5.60 -62.18 111.86
N ILE C 468 -5.45 -60.97 112.41
CA ILE C 468 -5.22 -59.80 111.57
C ILE C 468 -3.84 -59.86 110.92
N THR C 469 -2.85 -60.39 111.64
CA THR C 469 -1.48 -60.39 111.11
C THR C 469 -1.23 -61.55 110.16
N GLU C 470 -1.42 -62.79 110.63
CA GLU C 470 -0.99 -63.95 109.86
C GLU C 470 -2.16 -64.60 109.11
N LEU C 471 -3.18 -65.06 109.82
CA LEU C 471 -4.12 -66.01 109.25
C LEU C 471 -4.94 -65.35 108.14
N PRO C 472 -5.41 -66.12 107.16
CA PRO C 472 -6.25 -65.56 106.11
C PRO C 472 -7.66 -65.28 106.63
N VAL C 473 -8.52 -64.83 105.72
CA VAL C 473 -9.91 -64.54 106.04
C VAL C 473 -10.79 -65.24 105.01
N HIS C 474 -11.53 -66.26 105.46
CA HIS C 474 -12.63 -66.81 104.67
C HIS C 474 -13.86 -66.01 105.06
N TRP C 475 -14.12 -64.94 104.30
CA TRP C 475 -15.10 -63.96 104.72
C TRP C 475 -16.50 -64.57 104.76
N GLU C 476 -16.88 -65.31 103.73
CA GLU C 476 -18.22 -65.89 103.68
C GLU C 476 -18.43 -66.87 104.83
N GLU C 477 -17.44 -67.75 105.05
CA GLU C 477 -17.54 -68.73 106.14
C GLU C 477 -17.62 -68.01 107.49
N ALA C 478 -16.89 -66.91 107.64
CA ALA C 478 -16.97 -66.13 108.86
C ALA C 478 -18.35 -65.53 109.05
N THR C 479 -18.93 -64.99 107.99
CA THR C 479 -20.24 -64.32 108.02
C THR C 479 -21.34 -65.23 107.52
N ASN C 480 -21.25 -66.53 107.85
CA ASN C 480 -22.35 -67.47 107.58
C ASN C 480 -23.58 -67.07 108.43
N HIS C 481 -24.13 -65.95 108.16
CA HIS C 481 -25.15 -65.45 109.08
C HIS C 481 -26.46 -66.23 108.98
N LYS C 482 -27.20 -66.22 110.09
CA LYS C 482 -28.62 -66.58 110.12
C LYS C 482 -29.32 -65.36 110.68
N ALA C 483 -29.66 -64.42 109.81
CA ALA C 483 -30.21 -63.14 110.22
C ALA C 483 -30.84 -62.46 109.02
N THR C 484 -31.60 -61.41 109.28
CA THR C 484 -32.30 -60.66 108.25
C THR C 484 -31.68 -59.30 107.96
N HIS C 485 -31.09 -58.65 108.96
CA HIS C 485 -30.58 -57.29 108.82
C HIS C 485 -29.12 -57.25 109.22
N ILE C 486 -28.28 -56.75 108.32
CA ILE C 486 -26.84 -56.60 108.54
C ILE C 486 -26.51 -55.12 108.34
N LEU C 487 -25.65 -54.58 109.19
CA LEU C 487 -25.30 -53.16 109.17
C LEU C 487 -23.79 -53.00 109.12
N ASP C 488 -23.30 -52.32 108.10
CA ASP C 488 -21.87 -52.08 107.94
C ASP C 488 -21.51 -50.70 108.47
N PHE C 489 -20.57 -50.68 109.43
CA PHE C 489 -20.11 -49.43 110.03
C PHE C 489 -18.72 -49.00 109.55
N GLY C 490 -18.14 -49.68 108.57
CA GLY C 490 -16.78 -49.44 108.19
C GLY C 490 -16.60 -48.29 107.21
N PRO C 491 -15.34 -48.05 106.80
CA PRO C 491 -15.10 -47.06 105.74
C PRO C 491 -15.62 -47.54 104.39
N GLY C 492 -15.54 -46.70 103.39
CA GLY C 492 -15.97 -47.06 102.04
C GLY C 492 -17.42 -46.78 101.74
N GLY C 493 -18.33 -47.26 102.58
CA GLY C 493 -19.74 -47.08 102.35
C GLY C 493 -20.20 -47.80 101.09
N VAL C 494 -20.48 -47.03 100.03
CA VAL C 494 -20.85 -47.63 98.76
C VAL C 494 -19.72 -48.50 98.22
N SER C 495 -18.48 -48.17 98.55
CA SER C 495 -17.32 -48.96 98.17
C SER C 495 -16.81 -49.84 99.30
N GLY C 496 -17.55 -49.94 100.40
CA GLY C 496 -17.10 -50.64 101.58
C GLY C 496 -17.50 -52.09 101.63
N LEU C 497 -17.57 -52.62 102.86
CA LEU C 497 -17.81 -54.03 103.08
C LEU C 497 -19.28 -54.42 102.88
N GLY C 498 -20.20 -53.49 103.17
CA GLY C 498 -21.61 -53.83 103.09
C GLY C 498 -22.05 -54.20 101.69
N VAL C 499 -21.65 -53.40 100.71
CA VAL C 499 -22.01 -53.70 99.32
C VAL C 499 -21.33 -54.98 98.86
N LEU C 500 -20.12 -55.23 99.34
CA LEU C 500 -19.41 -56.43 98.94
C LEU C 500 -20.13 -57.69 99.46
N THR C 501 -20.56 -57.68 100.72
CA THR C 501 -21.27 -58.83 101.28
C THR C 501 -22.72 -58.92 100.79
N HIS C 502 -23.29 -57.81 100.34
CA HIS C 502 -24.63 -57.85 99.77
C HIS C 502 -24.68 -58.77 98.55
N ARG C 503 -23.64 -58.72 97.72
CA ARG C 503 -23.59 -59.59 96.55
C ARG C 503 -23.55 -61.05 96.97
N ASN C 504 -22.80 -61.37 98.03
CA ASN C 504 -22.75 -62.74 98.52
C ASN C 504 -24.08 -63.18 99.13
N LYS C 505 -24.87 -62.26 99.67
CA LYS C 505 -26.16 -62.59 100.27
C LYS C 505 -27.30 -61.86 99.59
N GLU C 506 -27.31 -61.85 98.25
CA GLU C 506 -28.38 -61.20 97.51
C GLU C 506 -29.72 -61.88 97.76
N GLY C 507 -29.78 -63.19 97.58
CA GLY C 507 -31.02 -63.94 97.60
C GLY C 507 -31.28 -64.75 98.85
N THR C 508 -30.54 -64.54 99.93
CA THR C 508 -30.71 -65.29 101.16
C THR C 508 -31.58 -64.56 102.18
N GLY C 509 -32.23 -63.47 101.78
CA GLY C 509 -33.05 -62.72 102.71
C GLY C 509 -32.29 -61.74 103.58
N ALA C 510 -31.06 -61.39 103.19
CA ALA C 510 -30.22 -60.49 103.98
C ALA C 510 -30.32 -59.09 103.40
N ARG C 511 -30.60 -58.12 104.28
CA ARG C 511 -30.68 -56.71 103.92
C ARG C 511 -29.46 -56.02 104.51
N ILE C 512 -28.57 -55.53 103.65
CA ILE C 512 -27.39 -54.82 104.08
C ILE C 512 -27.71 -53.33 104.12
N ILE C 513 -27.38 -52.68 105.24
CA ILE C 513 -27.59 -51.26 105.45
C ILE C 513 -26.23 -50.64 105.72
N LEU C 514 -25.89 -49.59 104.97
CA LEU C 514 -24.59 -48.95 105.08
C LEU C 514 -24.71 -47.84 106.13
N ALA C 515 -24.51 -48.19 107.39
CA ALA C 515 -24.66 -47.23 108.48
C ALA C 515 -23.37 -46.45 108.71
N GLY C 516 -22.81 -45.91 107.62
CA GLY C 516 -21.61 -45.11 107.68
C GLY C 516 -21.59 -43.95 106.71
N THR C 517 -22.66 -43.76 105.95
CA THR C 517 -22.70 -42.70 104.97
C THR C 517 -24.16 -42.44 104.59
N LEU C 518 -24.45 -41.16 104.32
CA LEU C 518 -25.75 -40.73 103.82
C LEU C 518 -25.62 -40.42 102.34
N ASP C 519 -26.45 -41.06 101.53
CA ASP C 519 -26.43 -40.86 100.09
C ASP C 519 -27.79 -41.27 99.56
N SER C 520 -28.11 -40.80 98.36
CA SER C 520 -29.33 -41.24 97.68
C SER C 520 -29.33 -42.75 97.58
N ASN C 521 -30.47 -43.36 97.90
CA ASN C 521 -30.54 -44.81 97.96
C ASN C 521 -30.27 -45.39 96.57
N PRO C 522 -29.84 -46.66 96.50
CA PRO C 522 -29.53 -47.25 95.20
C PRO C 522 -30.74 -47.19 94.27
N ILE C 523 -30.47 -46.91 93.00
CA ILE C 523 -31.53 -46.78 92.01
C ILE C 523 -32.32 -48.08 91.87
N ASP C 524 -31.72 -49.21 92.23
CA ASP C 524 -32.41 -50.51 92.24
C ASP C 524 -32.81 -50.93 93.65
N ASP C 525 -32.47 -50.17 94.68
CA ASP C 525 -32.91 -50.41 96.06
C ASP C 525 -32.52 -51.82 96.52
N GLU C 526 -31.20 -52.03 96.61
CA GLU C 526 -30.63 -53.33 96.93
C GLU C 526 -30.04 -53.39 98.33
N TYR C 527 -29.32 -52.35 98.74
CA TYR C 527 -28.78 -52.24 100.09
C TYR C 527 -29.25 -50.94 100.71
N GLY C 528 -29.44 -50.95 102.03
CA GLY C 528 -29.92 -49.78 102.72
C GLY C 528 -28.84 -48.74 102.95
N PHE C 529 -29.08 -47.81 103.87
CA PHE C 529 -28.16 -46.74 104.15
C PHE C 529 -28.43 -46.20 105.54
N LYS C 530 -27.65 -45.18 105.93
CA LYS C 530 -27.84 -44.53 107.22
C LYS C 530 -29.27 -44.05 107.38
N HIS C 531 -29.84 -43.48 106.31
CA HIS C 531 -31.24 -43.08 106.35
C HIS C 531 -32.15 -44.27 106.59
N GLU C 532 -31.76 -45.45 106.11
CA GLU C 532 -32.62 -46.62 106.27
C GLU C 532 -32.62 -47.13 107.69
N ILE C 533 -31.45 -47.13 108.35
CA ILE C 533 -31.46 -47.50 109.77
C ILE C 533 -32.25 -46.45 110.56
N PHE C 534 -32.03 -45.17 110.27
CA PHE C 534 -32.62 -44.15 111.14
C PHE C 534 -34.05 -43.79 110.78
N GLN C 535 -34.64 -44.39 109.75
CA GLN C 535 -36.05 -44.16 109.46
C GLN C 535 -36.93 -44.72 110.58
N THR C 536 -38.09 -44.10 110.78
CA THR C 536 -39.04 -44.49 111.82
C THR C 536 -40.33 -45.09 111.28
N SER C 537 -40.77 -44.67 110.09
CA SER C 537 -41.94 -45.28 109.49
C SER C 537 -41.61 -46.70 109.06
N ALA C 538 -42.45 -47.66 109.48
CA ALA C 538 -42.20 -49.07 109.23
C ALA C 538 -42.69 -49.51 107.85
N ASP C 539 -42.29 -48.74 106.82
CA ASP C 539 -42.40 -49.14 105.43
C ASP C 539 -41.06 -48.98 104.71
N LYS C 540 -40.30 -47.93 105.05
CA LYS C 540 -38.93 -47.77 104.61
C LYS C 540 -37.92 -48.09 105.70
N ALA C 541 -38.32 -48.06 106.97
CA ALA C 541 -37.43 -48.49 108.04
C ALA C 541 -37.26 -50.01 108.02
N ILE C 542 -38.35 -50.74 107.86
CA ILE C 542 -38.33 -52.20 107.73
C ILE C 542 -38.31 -52.49 106.23
N LYS C 543 -37.16 -52.90 105.73
CA LYS C 543 -36.99 -53.34 104.36
C LYS C 543 -36.26 -54.66 104.36
N TRP C 544 -36.84 -55.66 103.72
CA TRP C 544 -36.27 -57.00 103.65
C TRP C 544 -35.85 -57.30 102.22
N ALA C 545 -34.62 -57.76 102.05
CA ALA C 545 -34.16 -58.13 100.72
C ALA C 545 -34.94 -59.35 100.24
N PRO C 546 -35.10 -59.53 98.93
CA PRO C 546 -35.84 -60.69 98.44
C PRO C 546 -35.17 -62.00 98.86
N ASP C 547 -35.99 -62.90 99.40
CA ASP C 547 -35.58 -64.28 99.69
C ASP C 547 -36.28 -65.14 98.64
N TRP C 548 -35.54 -65.47 97.59
CA TRP C 548 -36.15 -66.10 96.41
C TRP C 548 -36.79 -67.43 96.77
N LEU C 549 -36.17 -68.20 97.67
CA LEU C 549 -36.76 -69.48 98.08
C LEU C 549 -38.15 -69.29 98.67
N LYS C 550 -38.36 -68.19 99.39
CA LYS C 550 -39.64 -67.95 100.07
C LYS C 550 -40.65 -67.26 99.17
N GLU C 551 -40.24 -66.19 98.49
CA GLU C 551 -41.17 -65.40 97.69
C GLU C 551 -41.41 -65.95 96.30
N LEU C 552 -40.61 -66.92 95.84
CA LEU C 552 -40.82 -67.59 94.57
C LEU C 552 -40.89 -69.11 94.76
N ARG C 553 -41.36 -69.55 95.92
CA ARG C 553 -41.53 -70.96 96.17
C ARG C 553 -42.53 -71.53 95.17
N PRO C 554 -42.28 -72.73 94.60
CA PRO C 554 -43.33 -73.38 93.81
C PRO C 554 -44.41 -73.95 94.71
N THR C 555 -45.58 -73.32 94.71
CA THR C 555 -46.67 -73.71 95.60
C THR C 555 -47.63 -74.62 94.85
N LEU C 556 -48.57 -75.21 95.59
CA LEU C 556 -49.67 -75.97 95.01
C LEU C 556 -50.99 -75.28 95.31
N VAL C 557 -51.95 -75.48 94.42
CA VAL C 557 -53.29 -74.94 94.59
C VAL C 557 -54.28 -75.92 93.96
N LYS C 558 -55.55 -75.80 94.33
CA LYS C 558 -56.59 -76.67 93.80
C LYS C 558 -57.75 -75.83 93.27
N ASN C 559 -58.40 -76.36 92.24
CA ASN C 559 -59.55 -75.70 91.62
C ASN C 559 -60.84 -76.18 92.28
N SER C 560 -61.96 -75.56 91.89
CA SER C 560 -63.26 -76.02 92.37
C SER C 560 -63.53 -77.45 91.90
N GLU C 561 -63.15 -77.77 90.66
CA GLU C 561 -63.30 -79.11 90.14
C GLU C 561 -62.38 -80.11 90.84
N GLY C 562 -61.40 -79.64 91.62
CA GLY C 562 -60.48 -80.51 92.34
C GLY C 562 -59.15 -80.70 91.66
N LYS C 563 -58.97 -80.19 90.45
CA LYS C 563 -57.70 -80.33 89.76
C LYS C 563 -56.61 -79.57 90.50
N ILE C 564 -55.44 -80.20 90.61
CA ILE C 564 -54.31 -79.63 91.32
C ILE C 564 -53.40 -78.93 90.31
N TYR C 565 -53.03 -77.69 90.60
CA TYR C 565 -52.17 -76.88 89.76
C TYR C 565 -50.96 -76.42 90.58
N VAL C 566 -49.88 -76.11 89.87
CA VAL C 566 -48.65 -75.62 90.48
C VAL C 566 -48.66 -74.10 90.43
N LYS C 567 -48.95 -73.48 91.56
CA LYS C 567 -49.04 -72.02 91.66
C LYS C 567 -47.64 -71.43 91.65
N THR C 568 -47.34 -70.67 90.60
CA THR C 568 -46.11 -69.88 90.49
C THR C 568 -46.47 -68.55 89.82
N LYS C 569 -45.46 -67.68 89.71
CA LYS C 569 -45.65 -66.39 89.04
C LYS C 569 -46.06 -66.56 87.58
N PHE C 570 -45.76 -67.70 86.97
CA PHE C 570 -46.11 -68.01 85.59
C PHE C 570 -47.44 -68.74 85.47
N SER C 571 -47.68 -69.74 86.31
CA SER C 571 -48.94 -70.45 86.26
C SER C 571 -50.11 -69.56 86.69
N GLN C 572 -49.85 -68.59 87.57
CA GLN C 572 -50.93 -67.72 88.03
C GLN C 572 -51.50 -66.88 86.90
N LEU C 573 -50.63 -66.36 86.02
CA LEU C 573 -51.12 -65.56 84.90
C LEU C 573 -51.89 -66.41 83.90
N LEU C 574 -51.34 -67.58 83.54
CA LEU C 574 -51.96 -68.40 82.51
C LEU C 574 -53.23 -69.08 83.00
N GLY C 575 -53.34 -69.33 84.30
CA GLY C 575 -54.45 -70.11 84.81
C GLY C 575 -54.35 -71.59 84.52
N ARG C 576 -53.20 -72.06 84.05
CA ARG C 576 -52.98 -73.47 83.75
C ARG C 576 -51.57 -73.81 84.20
N ALA C 577 -51.13 -75.04 83.90
CA ALA C 577 -49.86 -75.52 84.41
C ALA C 577 -48.71 -74.69 83.85
N PRO C 578 -47.58 -74.54 84.60
CA PRO C 578 -46.44 -73.76 84.13
C PRO C 578 -45.49 -74.56 83.25
N LEU C 579 -46.04 -75.31 82.31
CA LEU C 579 -45.28 -76.22 81.44
C LEU C 579 -45.75 -75.97 80.01
N MET C 580 -44.99 -75.15 79.29
CA MET C 580 -45.36 -74.69 77.96
C MET C 580 -44.61 -75.45 76.88
N VAL C 581 -45.13 -75.35 75.66
CA VAL C 581 -44.47 -75.86 74.46
C VAL C 581 -44.04 -74.65 73.64
N ALA C 582 -42.73 -74.49 73.47
CA ALA C 582 -42.21 -73.29 72.83
C ALA C 582 -42.43 -73.34 71.33
N GLY C 583 -42.28 -72.18 70.70
CA GLY C 583 -42.53 -72.08 69.27
C GLY C 583 -41.48 -72.84 68.46
N MET C 584 -41.95 -73.48 67.39
CA MET C 584 -41.10 -74.35 66.58
C MET C 584 -41.53 -74.22 65.13
N THR C 585 -40.64 -73.71 64.28
CA THR C 585 -40.99 -73.59 62.86
C THR C 585 -41.32 -74.94 62.23
N PRO C 586 -40.53 -76.00 62.41
CA PRO C 586 -40.93 -77.29 61.82
C PRO C 586 -42.02 -77.99 62.61
N THR C 587 -41.88 -78.01 63.94
CA THR C 587 -42.69 -78.89 64.76
C THR C 587 -44.01 -78.26 65.20
N THR C 588 -44.05 -76.94 65.35
CA THR C 588 -45.22 -76.27 65.92
C THR C 588 -45.76 -75.28 64.89
N VAL C 589 -45.90 -75.76 63.65
CA VAL C 589 -46.68 -75.07 62.62
C VAL C 589 -47.95 -75.81 62.27
N ASN C 590 -48.12 -77.03 62.75
CA ASN C 590 -49.31 -77.80 62.44
C ASN C 590 -50.48 -77.28 63.25
N THR C 591 -51.65 -77.27 62.62
CA THR C 591 -52.85 -76.87 63.35
C THR C 591 -53.16 -77.86 64.47
N ASP C 592 -53.00 -79.16 64.20
CA ASP C 592 -53.40 -80.17 65.17
C ASP C 592 -52.51 -80.16 66.40
N ILE C 593 -51.19 -80.02 66.22
CA ILE C 593 -50.30 -80.07 67.38
C ILE C 593 -50.60 -78.91 68.32
N VAL C 594 -50.86 -77.73 67.78
CA VAL C 594 -51.21 -76.60 68.64
C VAL C 594 -52.57 -76.81 69.29
N SER C 595 -53.57 -77.21 68.48
CA SER C 595 -54.93 -77.31 69.00
C SER C 595 -55.03 -78.36 70.10
N ALA C 596 -54.50 -79.57 69.86
CA ALA C 596 -54.65 -80.65 70.83
C ALA C 596 -53.73 -80.44 72.03
N SER C 597 -52.53 -79.91 71.81
CA SER C 597 -51.67 -79.58 72.93
C SER C 597 -52.33 -78.55 73.84
N LEU C 598 -53.02 -77.58 73.24
CA LEU C 598 -53.75 -76.60 74.03
C LEU C 598 -54.94 -77.24 74.73
N ASN C 599 -55.67 -78.11 74.02
CA ASN C 599 -56.83 -78.77 74.63
C ASN C 599 -56.42 -79.63 75.80
N ALA C 600 -55.19 -80.14 75.79
CA ALA C 600 -54.66 -80.82 76.97
C ALA C 600 -54.56 -79.89 78.17
N GLY C 601 -54.51 -78.58 77.94
CA GLY C 601 -54.49 -77.61 79.02
C GLY C 601 -53.10 -77.04 79.27
N TYR C 602 -52.31 -76.89 78.20
CA TYR C 602 -50.94 -76.42 78.30
C TYR C 602 -50.68 -75.42 77.19
N HIS C 603 -50.05 -74.30 77.55
CA HIS C 603 -49.88 -73.22 76.60
C HIS C 603 -48.88 -73.60 75.53
N ILE C 604 -49.27 -73.42 74.27
CA ILE C 604 -48.42 -73.70 73.12
C ILE C 604 -48.54 -72.53 72.16
N GLU C 605 -47.43 -72.20 71.50
CA GLU C 605 -47.33 -71.01 70.66
C GLU C 605 -47.06 -71.43 69.22
N LEU C 606 -48.09 -71.28 68.37
CA LEU C 606 -47.96 -71.61 66.95
C LEU C 606 -46.86 -70.78 66.31
N ALA C 607 -45.93 -71.46 65.65
CA ALA C 607 -44.81 -70.78 65.00
C ALA C 607 -45.24 -70.23 63.65
N GLY C 608 -44.77 -69.02 63.33
CA GLY C 608 -45.00 -68.45 62.03
C GLY C 608 -44.03 -68.88 60.95
N GLY C 609 -42.98 -69.62 61.32
CA GLY C 609 -41.92 -69.91 60.36
C GLY C 609 -42.41 -70.71 59.16
N GLY C 610 -43.37 -71.60 59.39
CA GLY C 610 -43.98 -72.35 58.31
C GLY C 610 -45.02 -71.59 57.52
N TYR C 611 -45.32 -70.36 57.92
CA TYR C 611 -46.29 -69.51 57.24
C TYR C 611 -45.56 -68.30 56.67
N PHE C 612 -45.73 -68.06 55.38
CA PHE C 612 -45.00 -67.04 54.66
C PHE C 612 -45.88 -65.88 54.22
N SER C 613 -47.15 -65.86 54.62
CA SER C 613 -48.00 -64.70 54.32
C SER C 613 -49.14 -64.65 55.34
N PRO C 614 -49.72 -63.46 55.58
CA PRO C 614 -50.82 -63.38 56.54
C PRO C 614 -51.99 -64.29 56.21
N VAL C 615 -52.25 -64.62 54.94
CA VAL C 615 -53.40 -65.48 54.65
C VAL C 615 -53.17 -66.89 55.19
N MET C 616 -51.95 -67.42 55.04
CA MET C 616 -51.67 -68.74 55.61
C MET C 616 -51.71 -68.68 57.13
N MET C 617 -51.13 -67.62 57.71
CA MET C 617 -51.15 -67.51 59.17
C MET C 617 -52.58 -67.41 59.69
N THR C 618 -53.43 -66.63 59.01
CA THR C 618 -54.82 -66.47 59.42
C THR C 618 -55.58 -67.78 59.27
N ARG C 619 -55.35 -68.52 58.19
CA ARG C 619 -56.03 -69.80 58.02
C ARG C 619 -55.64 -70.76 59.13
N ALA C 620 -54.35 -70.82 59.47
CA ALA C 620 -53.92 -71.69 60.56
C ALA C 620 -54.55 -71.27 61.87
N ILE C 621 -54.53 -69.97 62.18
CA ILE C 621 -55.10 -69.50 63.43
C ILE C 621 -56.60 -69.82 63.49
N ASP C 622 -57.30 -69.63 62.37
CA ASP C 622 -58.73 -69.92 62.33
C ASP C 622 -58.98 -71.41 62.56
N ASP C 623 -58.17 -72.27 61.96
CA ASP C 623 -58.36 -73.71 62.13
C ASP C 623 -58.17 -74.12 63.58
N ILE C 624 -57.11 -73.60 64.22
CA ILE C 624 -56.89 -73.90 65.63
C ILE C 624 -58.02 -73.35 66.50
N VAL C 625 -58.47 -72.13 66.20
CA VAL C 625 -59.56 -71.53 66.98
C VAL C 625 -60.81 -72.38 66.86
N SER C 626 -61.11 -72.87 65.66
CA SER C 626 -62.27 -73.72 65.48
C SER C 626 -62.12 -75.06 66.20
N ARG C 627 -60.91 -75.62 66.20
CA ARG C 627 -60.69 -76.93 66.79
C ARG C 627 -60.53 -76.89 68.30
N ILE C 628 -60.35 -75.71 68.90
CA ILE C 628 -60.36 -75.57 70.35
C ILE C 628 -61.74 -75.11 70.79
N LYS C 629 -62.05 -75.43 72.03
CA LYS C 629 -63.30 -75.09 72.57
C LYS C 629 -63.26 -73.67 72.96
N PRO C 630 -64.41 -73.31 73.33
CA PRO C 630 -64.73 -71.90 73.95
C PRO C 630 -63.93 -71.68 75.32
N GLY C 631 -63.59 -70.42 75.68
CA GLY C 631 -62.86 -70.10 76.90
C GLY C 631 -61.39 -70.41 76.85
N TYR C 632 -60.85 -70.70 75.68
CA TYR C 632 -59.48 -71.15 75.49
C TYR C 632 -58.65 -70.05 74.85
N GLY C 633 -57.33 -70.24 74.86
CA GLY C 633 -56.41 -69.27 74.31
C GLY C 633 -55.09 -69.87 73.87
N LEU C 634 -54.54 -69.36 72.77
CA LEU C 634 -53.28 -69.82 72.21
C LEU C 634 -52.30 -68.66 72.13
N GLY C 635 -51.08 -68.99 71.68
CA GLY C 635 -50.05 -67.99 71.45
C GLY C 635 -49.45 -68.14 70.07
N ILE C 636 -48.64 -67.15 69.70
CA ILE C 636 -47.96 -67.13 68.41
C ILE C 636 -46.48 -66.86 68.67
N ASN C 637 -45.63 -67.43 67.83
CA ASN C 637 -44.19 -67.22 67.86
C ASN C 637 -43.73 -66.61 66.54
N LEU C 638 -42.98 -65.51 66.63
CA LEU C 638 -42.44 -64.80 65.49
C LEU C 638 -40.93 -64.69 65.64
N ILE C 639 -40.21 -64.77 64.52
CA ILE C 639 -38.76 -64.68 64.51
C ILE C 639 -38.36 -63.25 64.20
N TYR C 640 -37.44 -62.69 64.99
CA TYR C 640 -37.00 -61.32 64.82
C TYR C 640 -35.89 -61.16 63.78
N VAL C 641 -35.28 -62.25 63.33
CA VAL C 641 -34.15 -62.14 62.40
C VAL C 641 -34.64 -61.66 61.03
N ASN C 642 -35.82 -62.09 60.61
CA ASN C 642 -36.33 -61.75 59.29
C ASN C 642 -37.33 -60.60 59.41
N PRO C 643 -37.02 -59.41 58.89
CA PRO C 643 -37.97 -58.30 59.01
C PRO C 643 -39.29 -58.53 58.28
N PHE C 644 -39.30 -59.37 57.23
CA PHE C 644 -40.54 -59.64 56.53
C PHE C 644 -41.55 -60.32 57.45
N MET C 645 -41.09 -61.27 58.27
CA MET C 645 -42.00 -61.94 59.18
C MET C 645 -42.64 -60.94 60.12
N LEU C 646 -41.84 -60.03 60.67
CA LEU C 646 -42.38 -59.03 61.58
C LEU C 646 -43.37 -58.13 60.87
N GLN C 647 -43.01 -57.63 59.68
CA GLN C 647 -43.84 -56.62 59.04
C GLN C 647 -45.15 -57.20 58.55
N TRP C 648 -45.22 -58.51 58.25
CA TRP C 648 -46.52 -59.10 57.92
C TRP C 648 -47.24 -59.69 59.13
N GLY C 649 -46.54 -60.02 60.22
CA GLY C 649 -47.17 -60.69 61.34
C GLY C 649 -47.68 -59.77 62.42
N ILE C 650 -46.95 -58.70 62.72
CA ILE C 650 -47.40 -57.77 63.76
C ILE C 650 -48.72 -57.11 63.36
N PRO C 651 -48.87 -56.56 62.14
CA PRO C 651 -50.20 -56.05 61.77
C PRO C 651 -51.27 -57.11 61.82
N LEU C 652 -50.95 -58.35 61.44
CA LEU C 652 -51.94 -59.41 61.49
C LEU C 652 -52.33 -59.74 62.92
N ILE C 653 -51.37 -59.77 63.84
CA ILE C 653 -51.69 -60.04 65.23
C ILE C 653 -52.54 -58.91 65.79
N LYS C 654 -52.22 -57.66 65.45
CA LYS C 654 -53.03 -56.54 65.89
C LYS C 654 -54.45 -56.65 65.35
N ASP C 655 -54.60 -57.02 64.08
CA ASP C 655 -55.93 -57.17 63.49
C ASP C 655 -56.71 -58.29 64.18
N LEU C 656 -56.07 -59.43 64.42
CA LEU C 656 -56.77 -60.54 65.05
C LEU C 656 -57.12 -60.21 66.50
N ARG C 657 -56.29 -59.40 67.16
CA ARG C 657 -56.61 -59.00 68.53
C ARG C 657 -57.76 -58.00 68.57
N GLU C 658 -57.79 -57.06 67.64
CA GLU C 658 -58.92 -56.14 67.61
C GLU C 658 -60.21 -56.87 67.21
N LYS C 659 -60.09 -57.94 66.42
CA LYS C 659 -61.23 -58.83 66.21
C LYS C 659 -61.61 -59.53 67.50
N GLY C 660 -60.62 -59.92 68.29
CA GLY C 660 -60.84 -60.52 69.59
C GLY C 660 -60.40 -61.97 69.69
N TYR C 661 -59.47 -62.37 68.83
CA TYR C 661 -59.10 -63.77 68.72
C TYR C 661 -58.42 -64.24 70.00
N PRO C 662 -58.36 -65.58 70.23
CA PRO C 662 -57.80 -66.07 71.50
C PRO C 662 -56.28 -66.02 71.57
N ILE C 663 -55.63 -65.30 70.66
CA ILE C 663 -54.20 -65.08 70.74
C ILE C 663 -53.86 -64.42 72.07
N GLN C 664 -53.07 -65.12 72.88
CA GLN C 664 -52.72 -64.70 74.23
C GLN C 664 -51.31 -64.17 74.35
N SER C 665 -50.37 -64.73 73.59
CA SER C 665 -48.95 -64.43 73.75
C SER C 665 -48.31 -64.23 72.38
N LEU C 666 -47.27 -63.40 72.37
CA LEU C 666 -46.40 -63.23 71.20
C LEU C 666 -44.99 -63.51 71.71
N THR C 667 -44.37 -64.57 71.21
CA THR C 667 -43.02 -64.96 71.60
C THR C 667 -42.07 -64.54 70.48
N ILE C 668 -41.20 -63.58 70.78
CA ILE C 668 -40.21 -63.15 69.82
C ILE C 668 -38.95 -64.00 69.98
N GLY C 669 -38.52 -64.62 68.89
CA GLY C 669 -37.47 -65.62 68.95
C GLY C 669 -36.09 -65.05 69.10
N ALA C 670 -35.13 -65.61 68.36
CA ALA C 670 -33.75 -65.16 68.46
C ALA C 670 -33.64 -63.68 68.09
N GLY C 671 -33.27 -62.87 69.07
CA GLY C 671 -33.15 -61.44 68.89
C GLY C 671 -34.21 -60.66 69.65
N VAL C 672 -33.82 -60.07 70.78
CA VAL C 672 -34.77 -59.25 71.54
C VAL C 672 -34.98 -57.93 70.82
N PRO C 673 -36.23 -57.45 70.65
CA PRO C 673 -36.41 -56.18 69.92
C PRO C 673 -35.91 -54.97 70.69
N SER C 674 -35.92 -53.81 70.03
CA SER C 674 -35.55 -52.56 70.66
C SER C 674 -36.67 -52.11 71.60
N ILE C 675 -36.40 -51.04 72.35
CA ILE C 675 -37.39 -50.54 73.32
C ILE C 675 -38.62 -50.05 72.59
N GLU C 676 -38.45 -49.35 71.47
CA GLU C 676 -39.61 -48.87 70.72
C GLU C 676 -40.45 -50.03 70.19
N VAL C 677 -39.79 -51.07 69.69
CA VAL C 677 -40.52 -52.23 69.16
C VAL C 677 -41.28 -52.93 70.27
N ALA C 678 -40.63 -53.11 71.43
CA ALA C 678 -41.33 -53.72 72.56
C ALA C 678 -42.49 -52.84 73.02
N THR C 679 -42.30 -51.52 73.00
CA THR C 679 -43.35 -50.59 73.42
C THR C 679 -44.59 -50.72 72.53
N GLU C 680 -44.39 -50.69 71.21
CA GLU C 680 -45.55 -50.82 70.33
C GLU C 680 -46.14 -52.21 70.39
N TYR C 681 -45.33 -53.27 70.56
CA TYR C 681 -45.87 -54.61 70.72
C TYR C 681 -46.68 -54.75 72.00
N ILE C 682 -46.32 -54.01 73.05
CA ILE C 682 -47.01 -54.14 74.32
C ILE C 682 -48.30 -53.34 74.33
N GLU C 683 -48.29 -52.15 73.72
CA GLU C 683 -49.49 -51.30 73.75
C GLU C 683 -50.47 -51.61 72.62
N ASP C 684 -49.99 -51.62 71.37
CA ASP C 684 -50.90 -51.65 70.23
C ASP C 684 -51.73 -52.93 70.20
N LEU C 685 -51.07 -54.08 70.29
CA LEU C 685 -51.75 -55.38 70.24
C LEU C 685 -51.95 -55.87 71.67
N GLY C 686 -53.21 -56.12 72.04
CA GLY C 686 -53.57 -56.43 73.40
C GLY C 686 -53.32 -57.87 73.80
N LEU C 687 -52.07 -58.23 74.04
CA LEU C 687 -51.72 -59.55 74.54
C LEU C 687 -51.71 -59.54 76.07
N THR C 688 -51.84 -60.74 76.64
CA THR C 688 -51.72 -60.87 78.09
C THR C 688 -50.26 -60.79 78.52
N HIS C 689 -49.36 -61.44 77.80
CA HIS C 689 -47.94 -61.38 78.10
C HIS C 689 -47.15 -61.49 76.81
N LEU C 690 -45.87 -61.12 76.88
CA LEU C 690 -44.98 -61.06 75.73
C LEU C 690 -43.79 -61.98 75.98
N GLY C 691 -43.77 -63.13 75.31
CA GLY C 691 -42.62 -64.01 75.37
C GLY C 691 -41.42 -63.33 74.75
N LEU C 692 -40.32 -63.23 75.49
CA LEU C 692 -39.18 -62.44 75.04
C LEU C 692 -37.87 -63.21 75.26
N LYS C 693 -37.84 -64.46 74.80
CA LYS C 693 -36.68 -65.35 74.96
C LYS C 693 -35.38 -64.69 74.52
N PRO C 694 -34.47 -64.35 75.46
CA PRO C 694 -33.14 -63.89 75.05
C PRO C 694 -32.16 -65.04 74.94
N GLY C 695 -30.97 -64.78 74.42
CA GLY C 695 -29.97 -65.81 74.24
C GLY C 695 -28.59 -65.40 74.71
N SER C 696 -28.51 -64.34 75.53
CA SER C 696 -27.24 -63.87 76.02
C SER C 696 -27.50 -62.95 77.22
N VAL C 697 -26.41 -62.61 77.93
CA VAL C 697 -26.51 -61.71 79.06
C VAL C 697 -27.00 -60.34 78.61
N ASP C 698 -26.46 -59.84 77.49
CA ASP C 698 -26.92 -58.56 76.96
C ASP C 698 -28.39 -58.63 76.58
N ALA C 699 -28.81 -59.74 75.96
CA ALA C 699 -30.22 -59.88 75.59
C ALA C 699 -31.13 -59.88 76.81
N ILE C 700 -30.71 -60.56 77.89
CA ILE C 700 -31.46 -60.52 79.13
C ILE C 700 -31.52 -59.08 79.65
N SER C 701 -30.44 -58.32 79.49
CA SER C 701 -30.45 -56.94 79.92
C SER C 701 -31.47 -56.12 79.13
N GLN C 702 -31.57 -56.36 77.83
CA GLN C 702 -32.59 -55.65 77.05
C GLN C 702 -33.99 -56.03 77.50
N VAL C 703 -34.21 -57.31 77.81
CA VAL C 703 -35.52 -57.73 78.29
C VAL C 703 -35.84 -57.04 79.62
N ILE C 704 -34.84 -56.95 80.50
CA ILE C 704 -35.05 -56.27 81.78
C ILE C 704 -35.39 -54.80 81.54
N ALA C 705 -34.69 -54.15 80.61
CA ALA C 705 -34.98 -52.75 80.31
C ALA C 705 -36.40 -52.58 79.79
N ILE C 706 -36.85 -53.51 78.94
CA ILE C 706 -38.22 -53.46 78.42
C ILE C 706 -39.21 -53.61 79.57
N ALA C 707 -38.94 -54.54 80.48
CA ALA C 707 -39.83 -54.74 81.62
C ALA C 707 -39.85 -53.51 82.52
N LYS C 708 -38.70 -52.85 82.70
CA LYS C 708 -38.70 -51.58 83.42
C LYS C 708 -39.56 -50.54 82.70
N ALA C 709 -39.46 -50.48 81.38
CA ALA C 709 -40.27 -49.54 80.61
C ALA C 709 -41.77 -49.83 80.79
N HIS C 710 -42.12 -51.10 81.01
CA HIS C 710 -43.52 -51.51 81.19
C HIS C 710 -43.63 -52.30 82.49
N PRO C 711 -43.59 -51.63 83.64
CA PRO C 711 -43.57 -52.36 84.91
C PRO C 711 -44.81 -53.18 85.19
N THR C 712 -45.93 -52.89 84.53
CA THR C 712 -47.20 -53.56 84.79
C THR C 712 -47.52 -54.66 83.80
N PHE C 713 -46.97 -54.60 82.60
CA PHE C 713 -47.29 -55.60 81.57
C PHE C 713 -46.50 -56.88 81.83
N PRO C 714 -47.14 -58.04 82.01
CA PRO C 714 -46.36 -59.26 82.24
C PRO C 714 -45.46 -59.57 81.05
N ILE C 715 -44.25 -60.03 81.35
CA ILE C 715 -43.29 -60.40 80.32
C ILE C 715 -42.63 -61.71 80.72
N VAL C 716 -43.06 -62.80 80.10
CA VAL C 716 -42.42 -64.09 80.31
C VAL C 716 -41.14 -64.14 79.48
N LEU C 717 -40.04 -64.52 80.13
CA LEU C 717 -38.73 -64.48 79.50
C LEU C 717 -38.58 -65.62 78.50
N GLN C 718 -38.66 -66.87 78.97
CA GLN C 718 -38.39 -68.06 78.16
C GLN C 718 -36.93 -68.12 77.76
N TRP C 719 -36.04 -67.90 78.72
CA TRP C 719 -34.62 -67.86 78.38
C TRP C 719 -34.09 -69.26 78.15
N THR C 720 -33.35 -69.43 77.07
CA THR C 720 -32.83 -70.71 76.64
C THR C 720 -31.31 -70.65 76.61
N GLY C 721 -30.67 -71.62 77.23
CA GLY C 721 -29.22 -71.64 77.31
C GLY C 721 -28.53 -72.00 76.02
N GLY C 722 -29.28 -72.46 75.01
CA GLY C 722 -28.68 -72.90 73.78
C GLY C 722 -28.10 -74.30 73.82
N ARG C 723 -28.26 -75.03 74.93
CA ARG C 723 -27.75 -76.39 74.99
C ARG C 723 -28.63 -77.36 74.22
N GLY C 724 -29.92 -77.05 74.09
CA GLY C 724 -30.81 -77.85 73.27
C GLY C 724 -31.73 -76.94 72.49
N GLY C 725 -32.22 -77.46 71.37
CA GLY C 725 -33.16 -76.74 70.54
C GLY C 725 -32.84 -76.94 69.09
N GLY C 726 -33.24 -75.95 68.29
CA GLY C 726 -32.85 -75.86 66.89
C GLY C 726 -31.78 -74.79 66.76
N HIS C 727 -32.17 -73.61 66.31
N HIS C 727 -32.17 -73.61 66.31
CA HIS C 727 -31.27 -72.46 66.31
CA HIS C 727 -31.27 -72.46 66.31
C HIS C 727 -30.94 -72.10 67.75
C HIS C 727 -30.94 -72.10 67.75
N HIS C 728 -29.71 -72.39 68.17
CA HIS C 728 -29.29 -72.19 69.55
C HIS C 728 -28.29 -71.04 69.62
N SER C 729 -28.64 -70.00 70.39
CA SER C 729 -27.70 -68.95 70.73
C SER C 729 -26.79 -69.51 71.81
N PHE C 730 -25.74 -70.19 71.35
CA PHE C 730 -24.92 -71.05 72.21
C PHE C 730 -24.40 -70.30 73.42
N GLU C 731 -24.89 -70.72 74.59
CA GLU C 731 -24.41 -70.24 75.88
C GLU C 731 -24.48 -71.42 76.83
N ASP C 732 -24.16 -71.16 78.10
CA ASP C 732 -24.42 -72.12 79.15
C ASP C 732 -25.82 -71.87 79.70
N PHE C 733 -26.50 -72.95 80.11
CA PHE C 733 -27.83 -72.79 80.67
C PHE C 733 -27.80 -72.25 82.09
N HIS C 734 -26.65 -72.23 82.75
CA HIS C 734 -26.57 -71.95 84.17
C HIS C 734 -25.93 -70.61 84.48
N GLN C 735 -24.75 -70.33 83.92
CA GLN C 735 -24.02 -69.13 84.34
C GLN C 735 -24.76 -67.83 84.02
N PRO C 736 -25.25 -67.59 82.80
CA PRO C 736 -25.97 -66.33 82.55
C PRO C 736 -27.17 -66.14 83.45
N ILE C 737 -27.96 -67.19 83.65
CA ILE C 737 -29.10 -67.13 84.57
C ILE C 737 -28.68 -67.29 86.02
N ILE C 738 -27.40 -67.53 86.29
CA ILE C 738 -26.87 -67.43 87.64
C ILE C 738 -26.52 -65.99 87.98
N GLN C 739 -25.94 -65.25 87.03
CA GLN C 739 -25.49 -63.89 87.30
C GLN C 739 -26.54 -62.84 86.96
N MET C 740 -27.62 -63.20 86.27
CA MET C 740 -28.68 -62.24 85.94
C MET C 740 -29.99 -62.51 86.67
N TYR C 741 -30.08 -63.57 87.47
CA TYR C 741 -31.30 -63.85 88.21
C TYR C 741 -31.62 -62.72 89.18
N SER C 742 -30.60 -62.22 89.89
CA SER C 742 -30.81 -61.10 90.80
C SER C 742 -31.35 -59.89 90.06
N LYS C 743 -30.77 -59.57 88.91
CA LYS C 743 -31.25 -58.47 88.09
C LYS C 743 -32.55 -58.78 87.37
N ILE C 744 -32.89 -60.05 87.19
CA ILE C 744 -34.17 -60.43 86.60
C ILE C 744 -35.32 -60.23 87.58
N ARG C 745 -35.12 -60.59 88.85
CA ARG C 745 -36.19 -60.56 89.83
C ARG C 745 -36.41 -59.19 90.46
N ARG C 746 -35.63 -58.18 90.08
CA ARG C 746 -35.92 -56.81 90.49
C ARG C 746 -36.90 -56.18 89.51
N CYS C 747 -37.98 -56.90 89.21
CA CYS C 747 -38.94 -56.48 88.19
C CYS C 747 -40.23 -57.22 88.47
N SER C 748 -41.26 -56.49 88.89
CA SER C 748 -42.50 -57.13 89.34
C SER C 748 -43.20 -57.90 88.23
N ASN C 749 -42.94 -57.56 86.96
CA ASN C 749 -43.66 -58.15 85.84
C ASN C 749 -42.86 -59.16 85.04
N ILE C 750 -41.55 -59.29 85.28
CA ILE C 750 -40.79 -60.33 84.60
C ILE C 750 -41.14 -61.68 85.21
N VAL C 751 -41.52 -62.62 84.35
CA VAL C 751 -41.79 -64.00 84.72
C VAL C 751 -40.67 -64.84 84.14
N LEU C 752 -40.09 -65.71 84.96
CA LEU C 752 -38.85 -66.40 84.62
C LEU C 752 -39.17 -67.87 84.31
N VAL C 753 -39.09 -68.23 83.04
CA VAL C 753 -39.19 -69.62 82.60
C VAL C 753 -38.02 -69.91 81.67
N ALA C 754 -37.59 -71.17 81.65
CA ALA C 754 -36.41 -71.56 80.89
C ALA C 754 -36.53 -73.01 80.46
N GLY C 755 -36.05 -73.30 79.25
CA GLY C 755 -36.06 -74.65 78.71
C GLY C 755 -34.67 -75.19 78.46
N SER C 756 -34.32 -75.37 77.19
CA SER C 756 -32.98 -75.75 76.78
C SER C 756 -32.56 -77.08 77.42
N GLY C 757 -33.25 -78.15 77.03
CA GLY C 757 -32.84 -79.48 77.42
C GLY C 757 -33.60 -80.03 78.61
N PHE C 758 -34.90 -79.80 78.65
CA PHE C 758 -35.77 -80.33 79.70
C PHE C 758 -36.76 -81.30 79.06
N GLY C 759 -36.92 -82.46 79.68
CA GLY C 759 -37.86 -83.45 79.19
C GLY C 759 -38.57 -84.26 80.25
N SER C 760 -38.32 -83.99 81.53
CA SER C 760 -38.93 -84.82 82.57
C SER C 760 -38.97 -84.08 83.89
N ASP C 761 -39.87 -84.55 84.76
CA ASP C 761 -39.99 -84.00 86.10
C ASP C 761 -38.68 -84.11 86.88
N GLU C 762 -37.94 -85.20 86.68
CA GLU C 762 -36.70 -85.38 87.42
C GLU C 762 -35.72 -84.25 87.16
N ASP C 763 -35.58 -83.84 85.91
CA ASP C 763 -34.63 -82.80 85.54
C ASP C 763 -35.23 -81.40 85.57
N THR C 764 -36.55 -81.26 85.75
CA THR C 764 -37.18 -79.95 85.84
C THR C 764 -37.54 -79.52 87.26
N TYR C 765 -37.78 -80.46 88.17
CA TYR C 765 -38.13 -80.08 89.54
C TYR C 765 -37.03 -79.30 90.25
N PRO C 766 -35.74 -79.66 90.16
CA PRO C 766 -34.73 -78.82 90.82
C PRO C 766 -34.75 -77.38 90.36
N TYR C 767 -35.04 -77.14 89.08
CA TYR C 767 -35.11 -75.76 88.59
C TYR C 767 -36.38 -75.08 89.07
N LEU C 768 -37.48 -75.83 89.17
CA LEU C 768 -38.72 -75.26 89.69
C LEU C 768 -38.58 -74.83 91.14
N SER C 769 -37.93 -75.67 91.95
CA SER C 769 -37.79 -75.40 93.38
C SER C 769 -36.54 -74.59 93.72
N GLY C 770 -35.65 -74.35 92.76
CA GLY C 770 -34.46 -73.55 93.00
C GLY C 770 -33.29 -74.31 93.58
N TYR C 771 -33.42 -75.62 93.81
CA TYR C 771 -32.31 -76.40 94.32
C TYR C 771 -31.18 -76.56 93.32
N TRP C 772 -31.40 -76.19 92.05
CA TRP C 772 -30.36 -76.33 91.04
C TRP C 772 -29.13 -75.47 91.34
N SER C 773 -29.31 -74.40 92.11
CA SER C 773 -28.20 -73.48 92.41
C SER C 773 -27.40 -73.90 93.63
N GLU C 774 -27.83 -74.93 94.36
CA GLU C 774 -27.05 -75.40 95.51
C GLU C 774 -25.68 -75.91 95.05
N LYS C 775 -25.63 -76.57 93.89
CA LYS C 775 -24.35 -77.02 93.35
C LYS C 775 -23.43 -75.84 93.04
N PHE C 776 -23.98 -74.70 92.65
CA PHE C 776 -23.19 -73.50 92.38
C PHE C 776 -22.96 -72.64 93.61
N ASN C 777 -23.54 -73.00 94.75
CA ASN C 777 -23.31 -72.29 96.01
C ASN C 777 -23.91 -70.88 95.96
N TYR C 778 -25.00 -70.74 95.20
CA TYR C 778 -25.81 -69.54 95.17
C TYR C 778 -27.08 -69.78 95.97
N PRO C 779 -27.81 -68.74 96.36
CA PRO C 779 -29.09 -68.96 97.02
C PRO C 779 -30.03 -69.70 96.10
N PRO C 780 -30.96 -70.49 96.65
CA PRO C 780 -31.93 -71.19 95.80
C PRO C 780 -32.65 -70.25 94.85
N MET C 781 -32.85 -70.70 93.62
CA MET C 781 -33.22 -69.85 92.49
C MET C 781 -34.41 -70.47 91.77
N PRO C 782 -35.62 -70.38 92.35
CA PRO C 782 -36.76 -71.04 91.72
C PRO C 782 -37.11 -70.43 90.37
N PHE C 783 -37.63 -71.28 89.49
CA PHE C 783 -38.07 -70.87 88.15
C PHE C 783 -39.58 -70.98 88.06
N ASP C 784 -40.21 -69.98 87.44
CA ASP C 784 -41.66 -69.96 87.37
C ASP C 784 -42.20 -71.08 86.49
N GLY C 785 -41.51 -71.40 85.41
CA GLY C 785 -41.96 -72.44 84.51
C GLY C 785 -40.81 -72.99 83.70
N VAL C 786 -41.14 -73.93 82.81
CA VAL C 786 -40.16 -74.57 81.94
C VAL C 786 -40.82 -74.88 80.61
N LEU C 787 -40.08 -74.67 79.52
CA LEU C 787 -40.56 -74.95 78.17
C LEU C 787 -39.85 -76.19 77.63
N PHE C 788 -40.62 -77.03 76.95
CA PHE C 788 -40.13 -78.31 76.42
C PHE C 788 -40.27 -78.30 74.90
N GLY C 789 -39.14 -78.15 74.21
CA GLY C 789 -39.15 -78.10 72.75
C GLY C 789 -38.85 -79.44 72.11
N SER C 790 -37.76 -80.08 72.49
CA SER C 790 -37.34 -81.31 71.83
C SER C 790 -38.01 -82.57 72.41
N ARG C 791 -38.64 -82.47 73.58
CA ARG C 791 -39.29 -83.62 74.19
C ARG C 791 -40.66 -83.91 73.58
N VAL C 792 -41.26 -82.95 72.88
CA VAL C 792 -42.64 -83.08 72.40
C VAL C 792 -42.69 -83.49 70.94
N MET C 793 -41.54 -83.78 70.31
CA MET C 793 -41.56 -84.20 68.91
C MET C 793 -42.22 -85.56 68.73
N THR C 794 -41.91 -86.49 69.62
CA THR C 794 -42.47 -87.83 69.54
C THR C 794 -43.95 -87.88 69.87
N SER C 795 -44.54 -86.76 70.28
CA SER C 795 -45.94 -86.74 70.66
C SER C 795 -46.81 -87.16 69.48
N LYS C 796 -47.87 -87.92 69.78
CA LYS C 796 -48.78 -88.39 68.74
C LYS C 796 -49.41 -87.23 67.99
N GLU C 797 -49.64 -86.11 68.66
CA GLU C 797 -50.29 -84.97 68.03
C GLU C 797 -49.41 -84.33 66.96
N SER C 798 -48.10 -84.37 67.15
CA SER C 798 -47.20 -83.75 66.19
C SER C 798 -47.24 -84.48 64.86
N HIS C 799 -47.29 -83.72 63.78
CA HIS C 799 -47.40 -84.27 62.43
C HIS C 799 -46.06 -84.63 61.83
N THR C 800 -44.97 -84.54 62.59
CA THR C 800 -43.67 -84.99 62.08
C THR C 800 -43.76 -86.46 61.71
N SER C 801 -43.06 -86.83 60.65
CA SER C 801 -43.21 -88.16 60.07
C SER C 801 -42.79 -89.24 61.06
N LEU C 802 -43.39 -90.43 60.90
CA LEU C 802 -43.16 -91.50 61.87
C LEU C 802 -41.71 -91.99 61.83
N ALA C 803 -41.12 -92.04 60.64
CA ALA C 803 -39.70 -92.38 60.55
C ALA C 803 -38.83 -91.34 61.23
N ALA C 804 -39.18 -90.06 61.08
CA ALA C 804 -38.46 -89.01 61.78
C ALA C 804 -38.59 -89.16 63.28
N LYS C 805 -39.78 -89.53 63.77
CA LYS C 805 -39.97 -89.75 65.19
C LYS C 805 -39.15 -90.93 65.68
N LYS C 806 -39.10 -92.01 64.88
CA LYS C 806 -38.25 -93.15 65.24
C LYS C 806 -36.79 -92.75 65.32
N LEU C 807 -36.33 -91.93 64.37
CA LEU C 807 -34.95 -91.46 64.41
C LEU C 807 -34.70 -90.61 65.65
N ILE C 808 -35.63 -89.71 65.96
CA ILE C 808 -35.51 -88.88 67.16
C ILE C 808 -35.37 -89.76 68.39
N VAL C 809 -36.23 -90.77 68.52
CA VAL C 809 -36.21 -91.62 69.71
C VAL C 809 -34.91 -92.42 69.77
N GLU C 810 -34.51 -93.01 68.64
CA GLU C 810 -33.36 -93.89 68.66
C GLU C 810 -32.06 -93.12 68.86
N CYS C 811 -32.04 -91.83 68.52
CA CYS C 811 -30.87 -91.02 68.82
C CYS C 811 -30.79 -90.82 70.33
N LYS C 812 -29.63 -91.17 70.91
CA LYS C 812 -29.46 -91.07 72.35
C LYS C 812 -29.24 -89.61 72.76
N GLY C 813 -29.05 -89.40 74.06
CA GLY C 813 -28.88 -88.07 74.60
C GLY C 813 -27.48 -87.85 75.16
N VAL C 814 -27.30 -86.67 75.74
CA VAL C 814 -26.01 -86.19 76.19
C VAL C 814 -26.21 -85.46 77.53
N PRO C 815 -25.55 -85.88 78.63
CA PRO C 815 -25.55 -85.04 79.84
C PRO C 815 -25.15 -83.60 79.55
N ASP C 816 -25.55 -82.67 80.42
CA ASP C 816 -25.37 -81.25 80.13
C ASP C 816 -23.91 -80.89 79.94
N GLN C 817 -23.02 -81.45 80.75
CA GLN C 817 -21.62 -81.07 80.68
C GLN C 817 -21.01 -81.38 79.31
N GLN C 818 -21.54 -82.37 78.59
CA GLN C 818 -20.96 -82.83 77.33
C GLN C 818 -21.67 -82.28 76.10
N TRP C 819 -22.64 -81.38 76.28
CA TRP C 819 -23.42 -80.93 75.12
C TRP C 819 -22.58 -80.08 74.18
N GLU C 820 -21.59 -79.38 74.70
CA GLU C 820 -20.94 -78.32 73.95
C GLU C 820 -19.84 -78.80 73.02
N GLN C 821 -19.49 -80.09 73.09
CA GLN C 821 -18.60 -80.71 72.11
C GLN C 821 -19.36 -81.27 70.92
N THR C 822 -20.60 -80.81 70.68
CA THR C 822 -21.36 -81.23 69.52
C THR C 822 -20.93 -80.51 68.25
N TYR C 823 -20.13 -79.46 68.37
CA TYR C 823 -19.59 -78.79 67.19
C TYR C 823 -18.61 -79.66 66.42
N LYS C 824 -18.00 -80.65 67.08
CA LYS C 824 -16.94 -81.45 66.48
C LYS C 824 -17.40 -82.82 66.01
N LYS C 825 -18.36 -83.42 66.70
CA LYS C 825 -18.80 -84.77 66.37
C LYS C 825 -20.25 -84.93 66.84
N PRO C 826 -20.91 -86.02 66.43
CA PRO C 826 -22.31 -86.22 66.84
C PRO C 826 -22.46 -86.62 68.31
N THR C 827 -22.51 -85.62 69.20
CA THR C 827 -22.81 -85.88 70.60
C THR C 827 -24.23 -86.42 70.72
N GLY C 828 -24.38 -87.71 71.04
CA GLY C 828 -25.70 -88.29 71.13
C GLY C 828 -26.48 -88.24 69.85
N GLY C 829 -25.80 -88.26 68.71
CA GLY C 829 -26.47 -88.23 67.43
C GLY C 829 -26.98 -86.86 67.01
N ILE C 830 -26.48 -85.79 67.62
CA ILE C 830 -26.86 -84.43 67.26
C ILE C 830 -25.59 -83.60 67.10
N ILE C 831 -25.55 -82.78 66.06
CA ILE C 831 -24.42 -81.92 65.74
C ILE C 831 -24.93 -80.53 65.41
N THR C 832 -24.04 -79.55 65.53
CA THR C 832 -24.33 -78.16 65.18
C THR C 832 -23.89 -77.89 63.74
N VAL C 833 -24.77 -77.27 62.97
CA VAL C 833 -24.50 -76.93 61.58
C VAL C 833 -24.75 -75.43 61.39
N ARG C 834 -24.02 -74.85 60.46
CA ARG C 834 -24.16 -73.44 60.13
C ARG C 834 -25.35 -73.26 59.21
N SER C 835 -26.16 -72.23 59.45
CA SER C 835 -27.30 -71.94 58.60
C SER C 835 -26.88 -71.04 57.44
N GLU C 836 -27.84 -70.69 56.59
CA GLU C 836 -27.57 -69.79 55.47
C GLU C 836 -27.11 -68.43 55.99
N MET C 837 -27.72 -67.96 57.08
CA MET C 837 -27.36 -66.68 57.68
C MET C 837 -26.21 -66.80 58.67
N GLY C 838 -25.66 -68.00 58.87
CA GLY C 838 -24.52 -68.20 59.74
C GLY C 838 -24.86 -68.63 61.16
N GLU C 839 -26.13 -68.59 61.55
CA GLU C 839 -26.51 -68.98 62.91
C GLU C 839 -26.31 -70.48 63.09
N PRO C 840 -25.92 -70.96 64.26
CA PRO C 840 -25.81 -72.41 64.44
C PRO C 840 -27.15 -73.04 64.76
N ILE C 841 -27.36 -74.24 64.23
CA ILE C 841 -28.58 -75.01 64.41
C ILE C 841 -28.20 -76.39 64.93
N HIS C 842 -28.85 -76.81 66.01
CA HIS C 842 -28.72 -78.19 66.48
C HIS C 842 -29.60 -79.09 65.61
N LYS C 843 -29.00 -80.05 64.95
CA LYS C 843 -29.72 -80.98 64.10
C LYS C 843 -29.25 -82.39 64.36
N ILE C 844 -30.17 -83.35 64.27
CA ILE C 844 -29.80 -84.74 64.47
C ILE C 844 -28.82 -85.16 63.38
N ALA C 845 -27.79 -85.89 63.77
CA ALA C 845 -26.71 -86.23 62.86
C ALA C 845 -27.15 -87.26 61.84
N THR C 846 -28.07 -86.88 60.96
CA THR C 846 -28.45 -87.73 59.84
C THR C 846 -27.37 -87.66 58.77
N ARG C 847 -27.54 -88.45 57.71
CA ARG C 847 -26.60 -88.38 56.60
C ARG C 847 -26.66 -87.01 55.93
N GLY C 848 -27.87 -86.47 55.75
CA GLY C 848 -28.00 -85.13 55.20
C GLY C 848 -27.41 -84.06 56.09
N VAL C 849 -27.61 -84.18 57.40
CA VAL C 849 -27.07 -83.18 58.33
C VAL C 849 -25.55 -83.26 58.37
N MET C 850 -24.99 -84.47 58.30
CA MET C 850 -23.55 -84.61 58.29
C MET C 850 -22.96 -84.09 56.99
N PHE C 851 -23.66 -84.28 55.87
CA PHE C 851 -23.25 -83.66 54.62
C PHE C 851 -23.30 -82.13 54.73
N TRP C 852 -24.33 -81.61 55.38
CA TRP C 852 -24.43 -80.18 55.62
C TRP C 852 -23.23 -79.68 56.41
N LYS C 853 -22.88 -80.39 57.49
CA LYS C 853 -21.74 -79.97 58.31
C LYS C 853 -20.43 -80.05 57.52
N GLU C 854 -20.26 -81.11 56.73
CA GLU C 854 -19.06 -81.24 55.90
C GLU C 854 -18.95 -80.06 54.94
N LEU C 855 -20.07 -79.70 54.30
CA LEU C 855 -20.04 -78.60 53.34
C LEU C 855 -19.82 -77.26 54.01
N ASP C 856 -20.47 -77.02 55.15
CA ASP C 856 -20.28 -75.73 55.81
C ASP C 856 -18.94 -75.63 56.53
N ASP C 857 -18.22 -76.74 56.66
CA ASP C 857 -16.86 -76.72 57.18
C ASP C 857 -15.79 -76.70 56.08
N THR C 858 -16.10 -77.17 54.87
CA THR C 858 -15.10 -77.31 53.82
C THR C 858 -15.29 -76.40 52.61
N ILE C 859 -16.51 -75.93 52.35
CA ILE C 859 -16.82 -75.25 51.10
C ILE C 859 -17.39 -73.86 51.38
N PHE C 860 -18.46 -73.79 52.17
CA PHE C 860 -19.13 -72.51 52.39
C PHE C 860 -18.28 -71.54 53.21
N ASN C 861 -17.27 -72.05 53.93
CA ASN C 861 -16.40 -71.18 54.72
C ASN C 861 -15.31 -70.51 53.89
N LEU C 862 -15.12 -70.92 52.64
CA LEU C 862 -14.06 -70.37 51.81
C LEU C 862 -14.49 -69.06 51.16
N PRO C 863 -13.55 -68.22 50.75
CA PRO C 863 -13.91 -66.99 50.03
C PRO C 863 -14.55 -67.30 48.69
N LYS C 864 -15.05 -66.24 48.04
CA LYS C 864 -15.88 -66.42 46.86
C LYS C 864 -15.09 -67.04 45.71
N ASN C 865 -13.88 -66.52 45.45
CA ASN C 865 -13.07 -67.06 44.36
C ASN C 865 -12.68 -68.50 44.63
N LYS C 866 -12.22 -68.79 45.85
CA LYS C 866 -11.89 -70.17 46.20
C LYS C 866 -13.14 -71.03 46.29
N LEU C 867 -14.29 -70.43 46.62
CA LEU C 867 -15.52 -71.20 46.73
C LEU C 867 -15.90 -71.83 45.41
N LEU C 868 -15.81 -71.06 44.32
CA LEU C 868 -16.25 -71.58 43.02
C LEU C 868 -15.29 -72.63 42.48
N ASP C 869 -13.99 -72.42 42.62
CA ASP C 869 -13.02 -73.42 42.17
C ASP C 869 -13.14 -74.70 42.98
N ALA C 870 -13.09 -74.58 44.31
CA ALA C 870 -13.35 -75.72 45.17
C ALA C 870 -14.72 -76.30 44.90
N LEU C 871 -15.70 -75.44 44.56
CA LEU C 871 -17.02 -75.95 44.25
C LEU C 871 -16.98 -76.92 43.08
N ASN C 872 -16.30 -76.57 41.98
CA ASN C 872 -16.20 -77.50 40.84
C ASN C 872 -15.42 -78.77 41.22
N LYS C 873 -14.23 -78.57 41.77
CA LYS C 873 -13.35 -79.71 42.02
C LYS C 873 -14.03 -80.73 42.94
N LYS C 874 -14.81 -80.25 43.91
CA LYS C 874 -15.62 -81.13 44.73
C LYS C 874 -17.04 -81.29 44.20
N ARG C 875 -17.40 -80.68 43.07
CA ARG C 875 -18.73 -80.87 42.50
C ARG C 875 -18.80 -82.27 41.93
N ASP C 876 -17.68 -82.68 41.35
CA ASP C 876 -17.53 -84.06 40.91
C ASP C 876 -17.93 -85.05 42.00
N HIS C 877 -17.72 -84.69 43.27
CA HIS C 877 -18.09 -85.51 44.42
C HIS C 877 -19.43 -85.13 45.05
N ILE C 878 -19.79 -83.85 44.99
CA ILE C 878 -21.01 -83.35 45.65
C ILE C 878 -22.24 -83.86 44.93
N ILE C 879 -22.17 -84.04 43.60
CA ILE C 879 -23.33 -84.54 42.88
C ILE C 879 -23.75 -85.90 43.42
N LYS C 880 -22.77 -86.78 43.66
CA LYS C 880 -23.08 -88.08 44.25
C LYS C 880 -23.61 -87.90 45.67
N LYS C 881 -22.93 -87.10 46.49
CA LYS C 881 -23.34 -86.95 47.88
C LYS C 881 -24.75 -86.39 48.00
N LEU C 882 -25.09 -85.39 47.18
CA LEU C 882 -26.46 -84.89 47.16
C LEU C 882 -27.43 -85.99 46.76
N ASN C 883 -27.05 -86.82 45.80
CA ASN C 883 -27.94 -87.86 45.31
C ASN C 883 -28.22 -88.92 46.37
N ASN C 884 -27.23 -89.22 47.21
CA ASN C 884 -27.31 -90.33 48.15
C ASN C 884 -27.62 -89.90 49.58
N ASP C 885 -27.32 -88.65 49.96
CA ASP C 885 -27.29 -88.27 51.37
C ASP C 885 -28.16 -87.09 51.76
N PHE C 886 -28.59 -86.23 50.82
CA PHE C 886 -29.22 -84.96 51.18
C PHE C 886 -30.67 -84.89 50.70
N GLN C 887 -31.40 -83.98 51.34
CA GLN C 887 -32.79 -83.70 50.99
C GLN C 887 -32.92 -83.37 49.51
N LYS C 888 -32.10 -82.46 49.03
CA LYS C 888 -32.15 -81.99 47.65
C LYS C 888 -31.14 -82.78 46.84
N PRO C 889 -31.56 -83.68 45.95
CA PRO C 889 -30.58 -84.38 45.11
C PRO C 889 -30.10 -83.49 43.98
N TRP C 890 -29.11 -83.99 43.25
CA TRP C 890 -28.69 -83.32 42.03
C TRP C 890 -29.78 -83.50 40.98
N PHE C 891 -30.31 -82.39 40.48
CA PHE C 891 -31.40 -82.47 39.53
C PHE C 891 -30.99 -83.13 38.22
N GLY C 892 -29.73 -82.97 37.82
CA GLY C 892 -29.28 -83.50 36.55
C GLY C 892 -29.29 -85.01 36.43
N LYS C 893 -29.38 -85.73 37.54
CA LYS C 893 -29.28 -87.18 37.50
C LYS C 893 -30.43 -87.78 36.69
N ASN C 894 -30.12 -88.82 35.92
CA ASN C 894 -31.08 -89.50 35.05
C ASN C 894 -30.95 -91.00 35.26
N ALA C 895 -31.88 -91.59 36.02
CA ALA C 895 -31.99 -93.03 36.24
C ALA C 895 -30.90 -93.60 37.16
N ASN C 896 -29.90 -92.78 37.50
CA ASN C 896 -28.71 -93.16 38.26
C ASN C 896 -27.52 -92.33 37.79
N GLY C 897 -27.32 -92.28 36.47
CA GLY C 897 -26.14 -91.64 35.94
C GLY C 897 -26.09 -90.16 36.25
N VAL C 898 -24.92 -89.72 36.70
CA VAL C 898 -24.68 -88.31 36.96
C VAL C 898 -24.66 -87.57 35.62
N CYS C 899 -25.47 -86.53 35.50
CA CYS C 899 -25.47 -85.66 34.33
C CYS C 899 -25.62 -84.23 34.80
N ASP C 900 -25.15 -83.30 33.97
CA ASP C 900 -25.38 -81.89 34.23
C ASP C 900 -26.74 -81.48 33.68
N LEU C 901 -27.22 -80.32 34.13
CA LEU C 901 -28.49 -79.81 33.61
C LEU C 901 -28.41 -79.53 32.12
N GLN C 902 -27.20 -79.37 31.60
CA GLN C 902 -27.03 -79.23 30.17
C GLN C 902 -27.10 -80.56 29.43
N GLU C 903 -26.62 -81.64 30.04
CA GLU C 903 -26.79 -82.99 29.47
C GLU C 903 -28.15 -83.49 29.94
N MET C 904 -29.21 -82.91 29.40
CA MET C 904 -30.55 -83.31 29.78
C MET C 904 -31.50 -82.98 28.64
N THR C 905 -32.34 -83.93 28.26
CA THR C 905 -33.40 -83.67 27.30
C THR C 905 -34.63 -83.11 28.02
N TYR C 906 -35.51 -82.49 27.23
CA TYR C 906 -36.73 -81.92 27.80
C TYR C 906 -37.60 -83.00 28.42
N LYS C 907 -37.70 -84.15 27.75
CA LYS C 907 -38.51 -85.25 28.27
C LYS C 907 -37.99 -85.71 29.63
N GLU C 908 -36.68 -85.88 29.76
CA GLU C 908 -36.16 -86.38 31.03
C GLU C 908 -36.11 -85.30 32.10
N VAL C 909 -36.04 -84.02 31.71
CA VAL C 909 -36.23 -82.96 32.70
C VAL C 909 -37.65 -83.01 33.26
N ALA C 910 -38.64 -83.16 32.37
CA ALA C 910 -40.02 -83.25 32.83
C ALA C 910 -40.23 -84.49 33.71
N ASN C 911 -39.62 -85.61 33.31
CA ASN C 911 -39.72 -86.84 34.11
C ASN C 911 -39.10 -86.64 35.48
N ARG C 912 -37.93 -86.00 35.54
CA ARG C 912 -37.28 -85.74 36.81
C ARG C 912 -38.13 -84.83 37.68
N LEU C 913 -38.76 -83.83 37.07
CA LEU C 913 -39.62 -82.94 37.85
C LEU C 913 -40.82 -83.68 38.41
N VAL C 914 -41.42 -84.58 37.62
CA VAL C 914 -42.47 -85.44 38.17
C VAL C 914 -41.93 -86.26 39.33
N GLU C 915 -40.74 -86.83 39.17
CA GLU C 915 -40.21 -87.76 40.17
C GLU C 915 -39.89 -87.03 41.47
N LEU C 916 -39.44 -85.80 41.39
CA LEU C 916 -38.92 -85.09 42.55
C LEU C 916 -39.88 -84.07 43.14
N MET C 917 -40.94 -83.68 42.42
CA MET C 917 -41.91 -82.71 42.91
C MET C 917 -43.31 -83.26 43.06
N TYR C 918 -43.63 -84.40 42.43
CA TYR C 918 -44.95 -85.00 42.51
C TYR C 918 -44.84 -86.33 43.25
N VAL C 919 -45.67 -86.51 44.27
CA VAL C 919 -45.65 -87.71 45.09
C VAL C 919 -46.54 -88.75 44.43
N LYS C 920 -45.95 -89.88 44.07
CA LYS C 920 -46.71 -90.92 43.37
C LYS C 920 -47.67 -91.64 44.30
N LYS C 921 -47.20 -92.02 45.49
CA LYS C 921 -48.03 -92.81 46.40
C LYS C 921 -49.24 -92.01 46.87
N SER C 922 -49.06 -90.73 47.19
CA SER C 922 -50.17 -89.90 47.64
C SER C 922 -50.96 -89.29 46.50
N HIS C 923 -50.54 -89.47 45.25
CA HIS C 923 -51.29 -89.03 44.07
C HIS C 923 -51.52 -87.52 44.10
N ARG C 924 -50.50 -86.77 44.50
CA ARG C 924 -50.62 -85.32 44.59
C ARG C 924 -49.24 -84.70 44.47
N TRP C 925 -49.22 -83.41 44.17
CA TRP C 925 -47.99 -82.65 44.13
C TRP C 925 -47.60 -82.23 45.55
N ILE C 926 -46.29 -82.06 45.75
CA ILE C 926 -45.81 -81.54 47.03
C ILE C 926 -46.43 -80.17 47.29
N ASP C 927 -46.49 -79.33 46.26
CA ASP C 927 -46.95 -77.97 46.43
C ASP C 927 -47.44 -77.41 45.11
N VAL C 928 -48.48 -76.59 45.18
CA VAL C 928 -49.13 -76.06 43.99
C VAL C 928 -48.15 -75.18 43.20
N SER C 929 -47.26 -74.48 43.90
CA SER C 929 -46.28 -73.66 43.20
C SER C 929 -45.28 -74.52 42.44
N LEU C 930 -44.89 -75.66 42.99
CA LEU C 930 -44.04 -76.60 42.24
C LEU C 930 -44.77 -77.13 41.02
N ARG C 931 -46.06 -77.46 41.18
CA ARG C 931 -46.85 -77.89 40.02
C ARG C 931 -46.90 -76.79 38.96
N ASN C 932 -47.07 -75.53 39.39
CA ASN C 932 -47.10 -74.42 38.45
C ASN C 932 -45.76 -74.26 37.75
N MET C 933 -44.66 -74.43 38.47
CA MET C 933 -43.34 -74.31 37.85
C MET C 933 -43.15 -75.38 36.79
N TYR C 934 -43.60 -76.61 37.09
CA TYR C 934 -43.56 -77.67 36.09
C TYR C 934 -44.41 -77.30 34.87
N GLY C 935 -45.59 -76.74 35.10
CA GLY C 935 -46.44 -76.34 33.99
C GLY C 935 -45.79 -75.26 33.13
N ASP C 936 -45.12 -74.31 33.77
CA ASP C 936 -44.39 -73.28 33.02
C ASP C 936 -43.26 -73.91 32.21
N PHE C 937 -42.57 -74.90 32.76
CA PHE C 937 -41.54 -75.59 31.98
C PHE C 937 -42.15 -76.28 30.76
N LEU C 938 -43.31 -76.92 30.93
CA LEU C 938 -43.97 -77.56 29.80
C LEU C 938 -44.36 -76.52 28.75
N ARG C 939 -44.86 -75.37 29.18
CA ARG C 939 -45.18 -74.30 28.24
C ARG C 939 -43.93 -73.88 27.47
N ARG C 940 -42.80 -73.78 28.18
CA ARG C 940 -41.56 -73.40 27.51
C ARG C 940 -41.14 -74.45 26.49
N VAL C 941 -41.30 -75.73 26.83
CA VAL C 941 -40.95 -76.79 25.87
C VAL C 941 -41.85 -76.71 24.64
N GLU C 942 -43.15 -76.48 24.86
CA GLU C 942 -44.08 -76.27 23.76
C GLU C 942 -43.61 -75.15 22.86
N GLU C 943 -43.27 -74.01 23.44
CA GLU C 943 -42.82 -72.87 22.66
C GLU C 943 -41.53 -73.19 21.92
N ARG C 944 -40.63 -73.93 22.56
CA ARG C 944 -39.36 -74.27 21.94
C ARG C 944 -39.56 -75.12 20.70
N PHE C 945 -40.47 -76.10 20.76
CA PHE C 945 -40.60 -77.12 19.72
C PHE C 945 -41.84 -76.97 18.85
N THR C 946 -42.54 -75.84 18.95
CA THR C 946 -43.61 -75.53 18.01
C THR C 946 -43.01 -74.80 16.81
N SER C 947 -43.32 -75.27 15.61
CA SER C 947 -42.63 -74.86 14.39
C SER C 947 -43.12 -73.49 13.92
N SER C 948 -42.78 -72.47 14.70
CA SER C 948 -43.09 -71.08 14.36
C SER C 948 -44.58 -70.88 14.10
N ALA C 949 -45.40 -71.66 14.79
CA ALA C 949 -46.85 -71.65 14.60
C ALA C 949 -47.51 -71.67 15.96
N GLY C 950 -48.20 -70.58 16.30
CA GLY C 950 -48.98 -70.54 17.52
C GLY C 950 -50.13 -71.51 17.46
N THR C 951 -50.03 -72.60 18.21
CA THR C 951 -51.02 -73.66 18.24
C THR C 951 -51.71 -73.69 19.60
N VAL C 952 -52.58 -74.67 19.79
CA VAL C 952 -53.28 -74.84 21.06
C VAL C 952 -52.35 -75.52 22.05
N SER C 953 -52.14 -74.87 23.20
CA SER C 953 -51.35 -75.49 24.26
C SER C 953 -52.02 -76.75 24.75
N LEU C 954 -51.22 -77.81 24.95
CA LEU C 954 -51.75 -79.01 25.56
C LEU C 954 -52.13 -78.75 27.02
N LEU C 955 -51.34 -77.94 27.71
CA LEU C 955 -51.60 -77.57 29.10
C LEU C 955 -52.29 -76.21 29.12
N GLN C 956 -53.60 -76.24 28.86
CA GLN C 956 -54.38 -75.01 28.91
C GLN C 956 -54.58 -74.52 30.34
N ASN C 957 -54.58 -75.42 31.32
CA ASN C 957 -54.68 -75.05 32.71
C ASN C 957 -53.87 -76.05 33.54
N PHE C 958 -53.43 -75.60 34.72
CA PHE C 958 -52.53 -76.41 35.53
C PHE C 958 -53.21 -77.58 36.22
N ASN C 959 -54.53 -77.54 36.40
CA ASN C 959 -55.20 -78.56 37.20
C ASN C 959 -55.10 -79.93 36.55
N GLN C 960 -55.05 -79.99 35.22
CA GLN C 960 -54.99 -81.29 34.54
C GLN C 960 -53.63 -81.95 34.67
N LEU C 961 -52.64 -81.28 35.25
CA LEU C 961 -51.34 -81.89 35.52
C LEU C 961 -51.33 -82.73 36.78
N ASN C 962 -52.47 -82.87 37.48
CA ASN C 962 -52.51 -83.66 38.71
C ASN C 962 -52.18 -85.12 38.45
N GLU C 963 -52.34 -85.58 37.21
CA GLU C 963 -51.84 -86.89 36.78
C GLU C 963 -50.75 -86.65 35.74
N PRO C 964 -49.53 -86.28 36.17
CA PRO C 964 -48.57 -85.73 35.21
C PRO C 964 -47.95 -86.76 34.28
N GLU C 965 -47.96 -88.05 34.63
CA GLU C 965 -47.31 -89.04 33.76
C GLU C 965 -47.97 -89.10 32.40
N GLN C 966 -49.30 -89.28 32.37
CA GLN C 966 -50.00 -89.38 31.10
C GLN C 966 -49.93 -88.08 30.32
N PHE C 967 -50.02 -86.94 31.00
CA PHE C 967 -49.98 -85.68 30.30
C PHE C 967 -48.61 -85.41 29.70
N THR C 968 -47.54 -85.72 30.44
CA THR C 968 -46.20 -85.59 29.89
C THR C 968 -46.01 -86.53 28.71
N ALA C 969 -46.59 -87.74 28.79
CA ALA C 969 -46.52 -88.66 27.66
C ALA C 969 -47.16 -88.06 26.42
N ASP C 970 -48.38 -87.53 26.57
CA ASP C 970 -49.05 -86.91 25.42
C ASP C 970 -48.28 -85.71 24.90
N PHE C 971 -47.74 -84.92 25.82
CA PHE C 971 -46.98 -83.72 25.46
C PHE C 971 -45.78 -84.06 24.60
N PHE C 972 -44.95 -85.00 25.07
CA PHE C 972 -43.76 -85.36 24.34
C PHE C 972 -44.02 -86.35 23.21
N GLU C 973 -45.26 -86.86 23.09
CA GLU C 973 -45.66 -87.50 21.85
C GLU C 973 -46.02 -86.47 20.79
N LYS C 974 -46.61 -85.33 21.19
CA LYS C 974 -46.74 -84.22 20.25
C LYS C 974 -45.37 -83.75 19.82
N PHE C 975 -44.43 -83.62 20.76
CA PHE C 975 -43.04 -83.27 20.43
C PHE C 975 -42.10 -84.46 20.66
N PRO C 976 -41.96 -85.39 19.70
CA PRO C 976 -40.96 -86.46 19.89
C PRO C 976 -39.53 -85.96 19.93
N GLN C 977 -39.22 -84.89 19.19
CA GLN C 977 -37.84 -84.42 19.12
C GLN C 977 -37.39 -83.76 20.42
N ALA C 978 -38.33 -83.35 21.28
CA ALA C 978 -37.97 -82.84 22.59
C ALA C 978 -37.39 -83.93 23.47
N GLY C 979 -37.76 -85.19 23.21
CA GLY C 979 -37.18 -86.30 23.95
C GLY C 979 -35.78 -86.68 23.51
N LYS C 980 -35.32 -86.14 22.39
CA LYS C 980 -33.99 -86.40 21.88
C LYS C 980 -33.09 -85.16 21.92
N GLN C 981 -33.67 -83.98 22.02
CA GLN C 981 -32.91 -82.73 22.06
C GLN C 981 -32.56 -82.37 23.49
N LEU C 982 -31.29 -82.10 23.75
CA LEU C 982 -30.90 -81.60 25.05
C LEU C 982 -31.48 -80.21 25.28
N ILE C 983 -31.57 -79.81 26.55
CA ILE C 983 -32.11 -78.51 26.91
C ILE C 983 -31.24 -77.41 26.30
N SER C 984 -31.82 -76.62 25.41
CA SER C 984 -31.17 -75.39 24.94
C SER C 984 -30.96 -74.46 26.13
N GLU C 985 -29.81 -73.76 26.18
CA GLU C 985 -29.54 -73.09 27.46
C GLU C 985 -30.45 -71.90 27.68
N GLU C 986 -31.12 -71.41 26.64
CA GLU C 986 -32.14 -70.39 26.93
C GLU C 986 -33.18 -70.98 27.86
N ASP C 987 -33.60 -72.22 27.58
CA ASP C 987 -34.51 -72.92 28.46
C ASP C 987 -33.81 -73.35 29.76
N CYS C 988 -32.50 -73.57 29.73
CA CYS C 988 -31.79 -73.92 30.96
C CYS C 988 -31.76 -72.75 31.93
N ASP C 989 -31.40 -71.56 31.43
CA ASP C 989 -31.45 -70.36 32.26
C ASP C 989 -32.87 -70.05 32.69
N TYR C 990 -33.86 -70.28 31.83
CA TYR C 990 -35.25 -70.13 32.23
C TYR C 990 -35.59 -71.08 33.36
N PHE C 991 -35.09 -72.33 33.29
CA PHE C 991 -35.30 -73.29 34.36
C PHE C 991 -34.64 -72.83 35.65
N LEU C 992 -33.44 -72.26 35.55
CA LEU C 992 -32.72 -71.82 36.73
C LEU C 992 -33.44 -70.67 37.42
N MET C 993 -33.92 -69.70 36.64
CA MET C 993 -34.66 -68.59 37.25
C MET C 993 -36.06 -69.01 37.68
N LEU C 994 -36.63 -70.06 37.08
CA LEU C 994 -37.84 -70.66 37.63
C LEU C 994 -37.56 -71.29 38.99
N ALA C 995 -36.43 -71.98 39.13
CA ALA C 995 -36.05 -72.57 40.41
C ALA C 995 -35.80 -71.48 41.45
N ALA C 996 -35.24 -70.34 41.01
CA ALA C 996 -34.95 -69.22 41.89
C ALA C 996 -36.07 -68.17 41.91
N ARG C 997 -37.24 -68.51 41.40
CA ARG C 997 -38.35 -67.56 41.41
C ARG C 997 -38.75 -67.29 42.86
N PRO C 998 -38.79 -66.04 43.30
CA PRO C 998 -39.23 -65.77 44.68
C PRO C 998 -40.74 -65.82 44.88
N GLY C 999 -41.16 -65.93 46.10
CA GLY C 999 -42.58 -66.16 46.33
C GLY C 999 -43.06 -67.50 45.81
N GLN C 1000 -42.20 -68.52 45.89
CA GLN C 1000 -42.53 -69.87 45.45
C GLN C 1000 -41.84 -70.83 46.41
N LYS C 1001 -42.46 -71.98 46.65
CA LYS C 1001 -41.83 -72.98 47.49
C LYS C 1001 -40.52 -73.40 46.83
N PRO C 1002 -39.37 -73.26 47.49
CA PRO C 1002 -38.11 -73.61 46.82
C PRO C 1002 -38.09 -75.08 46.43
N VAL C 1003 -37.53 -75.34 45.25
CA VAL C 1003 -37.60 -76.65 44.62
C VAL C 1003 -36.81 -77.66 45.45
N PRO C 1004 -37.20 -78.96 45.46
CA PRO C 1004 -36.49 -79.98 46.26
C PRO C 1004 -35.30 -80.60 45.54
N PHE C 1005 -34.47 -79.76 44.93
CA PHE C 1005 -33.27 -80.25 44.28
C PHE C 1005 -32.30 -79.09 44.08
N VAL C 1006 -31.04 -79.44 43.82
CA VAL C 1006 -30.01 -78.46 43.47
C VAL C 1006 -29.86 -78.50 41.94
N PRO C 1007 -30.26 -77.46 41.21
CA PRO C 1007 -30.15 -77.53 39.74
C PRO C 1007 -28.77 -77.15 39.23
N VAL C 1008 -28.01 -76.39 40.03
CA VAL C 1008 -26.73 -75.85 39.60
C VAL C 1008 -25.85 -75.67 40.82
N LEU C 1009 -24.55 -75.69 40.60
CA LEU C 1009 -23.54 -75.50 41.64
C LEU C 1009 -22.76 -74.20 41.40
N ASP C 1010 -23.48 -73.14 41.07
CA ASP C 1010 -22.88 -71.83 40.85
C ASP C 1010 -22.64 -71.15 42.20
N GLU C 1011 -22.39 -69.83 42.17
CA GLU C 1011 -22.05 -69.11 43.39
C GLU C 1011 -23.14 -69.22 44.45
N ARG C 1012 -24.41 -69.26 44.03
CA ARG C 1012 -25.52 -69.35 44.97
C ARG C 1012 -25.87 -70.80 45.30
N PHE C 1013 -24.84 -71.60 45.63
CA PHE C 1013 -25.09 -72.99 45.98
C PHE C 1013 -25.57 -73.12 47.42
N GLU C 1014 -25.09 -72.26 48.32
CA GLU C 1014 -25.57 -72.29 49.69
C GLU C 1014 -27.05 -71.94 49.74
N PHE C 1015 -27.47 -70.96 48.94
CA PHE C 1015 -28.87 -70.57 48.89
C PHE C 1015 -29.76 -71.73 48.47
N PHE C 1016 -29.29 -72.56 47.53
CA PHE C 1016 -30.06 -73.72 47.11
C PHE C 1016 -29.98 -74.85 48.14
N PHE C 1017 -28.82 -75.00 48.78
CA PHE C 1017 -28.58 -76.14 49.65
C PHE C 1017 -29.31 -76.02 50.97
N LYS C 1018 -29.31 -74.81 51.56
CA LYS C 1018 -29.76 -74.63 52.94
C LYS C 1018 -31.18 -74.12 53.07
N LYS C 1019 -31.70 -73.40 52.07
CA LYS C 1019 -33.01 -72.78 52.21
C LYS C 1019 -34.12 -73.82 52.28
N ASP C 1020 -35.11 -73.54 53.13
CA ASP C 1020 -36.35 -74.30 53.19
C ASP C 1020 -36.06 -75.80 53.38
N SER C 1021 -35.34 -76.09 54.47
CA SER C 1021 -34.90 -77.43 54.80
C SER C 1021 -35.65 -78.04 55.97
N LEU C 1022 -36.70 -77.37 56.45
CA LEU C 1022 -37.37 -77.77 57.69
C LEU C 1022 -38.61 -78.62 57.46
N TRP C 1023 -39.27 -78.47 56.30
CA TRP C 1023 -40.53 -79.15 56.04
C TRP C 1023 -40.34 -80.63 55.70
N GLN C 1024 -39.13 -81.04 55.32
CA GLN C 1024 -38.91 -82.41 54.89
C GLN C 1024 -39.18 -83.39 56.03
N SER C 1025 -38.77 -83.01 57.26
CA SER C 1025 -39.01 -83.85 58.42
C SER C 1025 -40.50 -84.07 58.67
N GLU C 1026 -41.35 -83.13 58.25
CA GLU C 1026 -42.78 -83.26 58.44
C GLU C 1026 -43.43 -84.04 57.31
N ASP C 1027 -42.98 -83.82 56.08
CA ASP C 1027 -43.49 -84.52 54.92
C ASP C 1027 -42.36 -85.37 54.35
N LEU C 1028 -42.19 -86.56 54.90
CA LEU C 1028 -41.17 -87.51 54.45
C LEU C 1028 -41.66 -88.42 53.35
N GLU C 1029 -42.97 -88.49 53.10
CA GLU C 1029 -43.48 -89.31 52.01
C GLU C 1029 -43.08 -88.78 50.64
N SER C 1030 -42.54 -87.56 50.56
CA SER C 1030 -42.18 -86.95 49.30
C SER C 1030 -40.67 -86.93 49.01
N VAL C 1031 -39.83 -87.05 50.04
CA VAL C 1031 -38.39 -86.88 49.85
C VAL C 1031 -37.82 -88.15 49.22
N VAL C 1032 -37.45 -88.06 47.95
CA VAL C 1032 -36.72 -89.08 47.19
C VAL C 1032 -37.29 -90.48 47.42
N ASP C 1033 -36.89 -91.14 48.52
CA ASP C 1033 -37.31 -92.52 48.80
C ASP C 1033 -37.80 -92.65 50.25
N GLU C 1034 -38.30 -91.56 50.83
CA GLU C 1034 -38.85 -91.57 52.18
C GLU C 1034 -37.82 -92.03 53.19
N ASP C 1035 -36.55 -91.71 52.94
CA ASP C 1035 -35.45 -92.10 53.81
C ASP C 1035 -35.19 -90.97 54.81
N VAL C 1036 -35.23 -91.31 56.10
CA VAL C 1036 -35.07 -90.30 57.14
C VAL C 1036 -33.65 -89.75 57.16
N GLN C 1037 -32.65 -90.59 56.87
CA GLN C 1037 -31.26 -90.15 56.97
C GLN C 1037 -30.94 -89.02 56.01
N ARG C 1038 -31.72 -88.89 54.94
CA ARG C 1038 -31.49 -87.80 53.99
C ARG C 1038 -32.09 -86.50 54.49
N THR C 1039 -33.09 -86.58 55.37
CA THR C 1039 -33.76 -85.39 55.89
C THR C 1039 -33.04 -84.89 57.14
N CYS C 1040 -33.08 -83.58 57.35
CA CYS C 1040 -32.50 -82.95 58.52
C CYS C 1040 -33.59 -82.67 59.55
N ILE C 1041 -33.39 -83.18 60.76
CA ILE C 1041 -34.34 -83.03 61.86
C ILE C 1041 -33.65 -82.25 62.96
N LEU C 1042 -34.27 -81.14 63.36
CA LEU C 1042 -33.75 -80.33 64.45
C LEU C 1042 -34.11 -80.98 65.78
N HIS C 1043 -33.18 -80.93 66.74
CA HIS C 1043 -33.41 -81.59 68.03
C HIS C 1043 -32.33 -81.14 69.01
N GLY C 1044 -32.55 -81.46 70.28
CA GLY C 1044 -31.66 -81.05 71.35
C GLY C 1044 -30.86 -82.20 71.94
N PRO C 1045 -29.52 -82.09 71.99
CA PRO C 1045 -28.73 -83.20 72.56
C PRO C 1045 -29.03 -83.49 74.01
N VAL C 1046 -29.36 -82.47 74.81
CA VAL C 1046 -29.61 -82.68 76.23
C VAL C 1046 -31.01 -83.22 76.49
N ALA C 1047 -31.96 -82.96 75.59
CA ALA C 1047 -33.32 -83.45 75.73
C ALA C 1047 -33.55 -84.80 75.05
N SER C 1048 -32.63 -85.24 74.19
CA SER C 1048 -32.81 -86.51 73.52
C SER C 1048 -32.77 -87.69 74.49
N GLN C 1049 -32.05 -87.58 75.60
CA GLN C 1049 -32.06 -88.66 76.58
C GLN C 1049 -33.45 -88.83 77.19
N TYR C 1050 -34.14 -87.73 77.47
CA TYR C 1050 -35.47 -87.83 78.03
C TYR C 1050 -36.49 -88.22 76.98
N THR C 1051 -36.29 -87.83 75.72
CA THR C 1051 -37.19 -88.21 74.64
C THR C 1051 -36.91 -89.66 74.26
N SER C 1052 -37.80 -90.58 74.66
CA SER C 1052 -37.60 -92.01 74.43
C SER C 1052 -38.82 -92.75 73.91
N LYS C 1053 -40.04 -92.26 74.11
CA LYS C 1053 -41.26 -93.00 73.78
C LYS C 1053 -41.80 -92.54 72.43
N VAL C 1054 -42.31 -93.51 71.66
CA VAL C 1054 -42.84 -93.25 70.32
C VAL C 1054 -44.35 -93.17 70.39
N ASP C 1055 -44.91 -92.12 69.79
CA ASP C 1055 -46.34 -92.03 69.50
C ASP C 1055 -47.18 -92.12 70.77
N GLU C 1056 -46.97 -91.13 71.64
CA GLU C 1056 -47.75 -90.95 72.85
C GLU C 1056 -48.37 -89.56 72.86
N PRO C 1057 -49.52 -89.37 73.52
CA PRO C 1057 -50.18 -88.06 73.42
C PRO C 1057 -49.35 -86.93 74.04
N ILE C 1058 -49.42 -85.77 73.41
CA ILE C 1058 -48.77 -84.57 73.96
C ILE C 1058 -49.40 -84.23 75.30
N GLY C 1059 -50.73 -84.35 75.40
CA GLY C 1059 -51.38 -84.18 76.68
C GLY C 1059 -50.87 -85.16 77.71
N ASP C 1060 -50.57 -86.39 77.29
CA ASP C 1060 -50.02 -87.37 78.20
C ASP C 1060 -48.63 -86.98 78.68
N ILE C 1061 -47.79 -86.47 77.79
CA ILE C 1061 -46.44 -86.05 78.18
C ILE C 1061 -46.52 -84.91 79.19
N LEU C 1062 -47.31 -83.89 78.87
CA LEU C 1062 -47.38 -82.73 79.75
C LEU C 1062 -48.08 -83.08 81.07
N ASN C 1063 -49.07 -83.98 81.02
CA ASN C 1063 -49.70 -84.47 82.25
C ASN C 1063 -48.70 -85.22 83.11
N SER C 1064 -47.84 -86.03 82.49
CA SER C 1064 -46.83 -86.75 83.25
C SER C 1064 -45.88 -85.79 83.94
N ILE C 1065 -45.44 -84.75 83.23
CA ILE C 1065 -44.52 -83.78 83.83
C ILE C 1065 -45.21 -83.05 84.97
N HIS C 1066 -46.45 -82.58 84.74
CA HIS C 1066 -47.17 -81.83 85.76
C HIS C 1066 -47.46 -82.68 86.98
N GLU C 1067 -47.88 -83.93 86.76
CA GLU C 1067 -48.19 -84.82 87.88
C GLU C 1067 -46.93 -85.19 88.65
N GLY C 1068 -45.80 -85.35 87.95
CA GLY C 1068 -44.55 -85.57 88.65
C GLY C 1068 -44.20 -84.40 89.54
N HIS C 1069 -44.30 -83.18 88.99
CA HIS C 1069 -44.01 -81.99 89.80
C HIS C 1069 -44.95 -81.89 90.99
N ILE C 1070 -46.24 -82.20 90.79
CA ILE C 1070 -47.19 -82.15 91.89
C ILE C 1070 -46.82 -83.19 92.94
N ALA C 1071 -46.35 -84.36 92.51
CA ALA C 1071 -45.92 -85.37 93.47
C ALA C 1071 -44.74 -84.88 94.29
N ARG C 1072 -43.76 -84.26 93.64
CA ARG C 1072 -42.61 -83.74 94.38
C ARG C 1072 -43.06 -82.69 95.39
N LEU C 1073 -43.92 -81.77 94.95
CA LEU C 1073 -44.34 -80.68 95.82
C LEU C 1073 -45.19 -81.19 96.98
N ILE C 1074 -46.07 -82.16 96.72
CA ILE C 1074 -46.91 -82.69 97.79
C ILE C 1074 -46.07 -83.47 98.79
N LYS C 1075 -45.05 -84.20 98.32
CA LYS C 1075 -44.19 -84.92 99.24
C LYS C 1075 -43.33 -83.96 100.06
N GLU C 1076 -42.86 -82.87 99.48
CA GLU C 1076 -41.91 -82.00 100.15
C GLU C 1076 -42.59 -80.97 101.04
N GLU C 1077 -43.47 -80.15 100.46
CA GLU C 1077 -44.01 -78.97 101.13
C GLU C 1077 -45.38 -79.18 101.77
N TYR C 1078 -45.96 -80.39 101.68
CA TYR C 1078 -47.28 -80.63 102.23
C TYR C 1078 -47.40 -81.98 102.94
N ALA C 1079 -46.30 -82.67 103.20
CA ALA C 1079 -46.30 -83.94 103.91
C ALA C 1079 -47.14 -85.00 103.20
N GLY C 1080 -47.29 -84.88 101.88
CA GLY C 1080 -48.02 -85.88 101.12
C GLY C 1080 -49.52 -85.88 101.30
N ASP C 1081 -50.09 -84.75 101.75
CA ASP C 1081 -51.53 -84.63 101.97
C ASP C 1081 -52.10 -83.66 100.94
N GLU C 1082 -53.06 -84.14 100.14
CA GLU C 1082 -53.71 -83.28 99.16
C GLU C 1082 -54.67 -82.30 99.83
N SER C 1083 -55.23 -82.67 100.98
CA SER C 1083 -56.15 -81.79 101.68
C SER C 1083 -55.48 -80.51 102.16
N LYS C 1084 -54.15 -80.49 102.27
CA LYS C 1084 -53.42 -79.32 102.71
C LYS C 1084 -53.24 -78.29 101.61
N ILE C 1085 -53.57 -78.62 100.36
CA ILE C 1085 -53.39 -77.68 99.26
C ILE C 1085 -54.41 -76.55 99.39
N PRO C 1086 -54.01 -75.28 99.27
CA PRO C 1086 -55.02 -74.21 99.29
C PRO C 1086 -55.97 -74.35 98.09
N VAL C 1087 -57.23 -74.03 98.33
CA VAL C 1087 -58.30 -74.24 97.35
C VAL C 1087 -58.84 -72.89 96.92
N VAL C 1088 -58.99 -72.71 95.61
CA VAL C 1088 -59.63 -71.54 95.03
C VAL C 1088 -60.68 -72.04 94.04
N GLU C 1089 -61.72 -71.23 93.83
CA GLU C 1089 -62.76 -71.63 92.89
C GLU C 1089 -62.21 -71.72 91.48
N TYR C 1090 -61.41 -70.73 91.06
CA TYR C 1090 -60.80 -70.70 89.74
C TYR C 1090 -59.34 -70.30 89.87
N PHE C 1091 -58.50 -70.94 89.07
CA PHE C 1091 -57.05 -70.73 89.09
C PHE C 1091 -56.66 -69.95 87.84
N GLY C 1092 -56.29 -68.68 88.03
CA GLY C 1092 -55.80 -67.86 86.93
C GLY C 1092 -56.18 -66.40 87.05
N GLY C 1093 -55.75 -65.60 86.08
CA GLY C 1093 -56.14 -64.21 86.01
C GLY C 1093 -55.41 -63.26 86.94
N LYS C 1094 -54.40 -63.75 87.67
CA LYS C 1094 -53.66 -62.92 88.60
C LYS C 1094 -52.42 -62.38 87.89
N LYS C 1095 -52.29 -61.06 87.86
CA LYS C 1095 -51.13 -60.45 87.25
C LYS C 1095 -49.89 -60.72 88.09
N PRO C 1096 -48.75 -61.09 87.49
CA PRO C 1096 -47.54 -61.29 88.30
C PRO C 1096 -47.11 -60.02 89.03
N ALA C 1097 -47.36 -58.85 88.45
CA ALA C 1097 -46.95 -57.57 89.06
C ALA C 1097 -48.07 -57.01 89.92
N SER C 1098 -48.52 -57.84 90.87
CA SER C 1098 -49.56 -57.43 91.80
C SER C 1098 -49.66 -58.43 92.96
N GLY C 1109 -67.16 -55.47 104.48
CA GLY C 1109 -67.89 -56.65 104.91
C GLY C 1109 -68.94 -57.09 103.92
N ASN C 1110 -70.01 -57.71 104.43
CA ASN C 1110 -71.10 -58.16 103.55
C ASN C 1110 -71.79 -56.98 102.89
N GLN C 1111 -72.06 -55.91 103.64
CA GLN C 1111 -72.73 -54.72 103.16
C GLN C 1111 -71.72 -53.59 103.10
N VAL C 1112 -71.31 -53.21 101.89
CA VAL C 1112 -70.33 -52.15 101.68
C VAL C 1112 -70.90 -51.19 100.65
N VAL C 1113 -70.51 -49.91 100.78
CA VAL C 1113 -70.93 -48.85 99.88
C VAL C 1113 -69.70 -48.05 99.49
N TYR C 1114 -69.47 -47.90 98.19
CA TYR C 1114 -68.36 -47.12 97.66
C TYR C 1114 -68.92 -45.92 96.92
N GLU C 1115 -68.66 -44.72 97.44
CA GLU C 1115 -69.05 -43.48 96.78
C GLU C 1115 -67.88 -43.00 95.93
N ILE C 1116 -67.96 -43.24 94.63
CA ILE C 1116 -66.88 -42.91 93.71
C ILE C 1116 -66.83 -41.40 93.53
N ASP C 1117 -65.62 -40.86 93.42
CA ASP C 1117 -65.42 -39.44 93.15
C ASP C 1117 -64.57 -39.26 91.90
N SER C 1118 -64.11 -38.03 91.64
CA SER C 1118 -63.24 -37.74 90.52
C SER C 1118 -61.84 -37.31 90.95
N GLU C 1119 -61.57 -37.22 92.24
CA GLU C 1119 -60.26 -36.76 92.72
C GLU C 1119 -59.16 -37.71 92.27
N LEU C 1120 -59.17 -38.93 92.79
CA LEU C 1120 -58.24 -39.94 92.30
C LEU C 1120 -58.63 -41.35 92.73
N PRO C 1121 -59.79 -41.88 92.28
CA PRO C 1121 -60.03 -43.33 92.45
C PRO C 1121 -59.31 -44.11 91.38
N ASN C 1122 -58.23 -44.80 91.77
CA ASN C 1122 -57.50 -45.62 90.83
C ASN C 1122 -58.43 -46.68 90.24
N LYS C 1123 -58.34 -46.88 88.93
CA LYS C 1123 -59.19 -47.89 88.29
C LYS C 1123 -58.89 -49.27 88.84
N GLN C 1124 -57.61 -49.61 88.97
CA GLN C 1124 -57.23 -50.92 89.48
C GLN C 1124 -57.69 -51.11 90.92
N GLU C 1125 -57.47 -50.11 91.77
CA GLU C 1125 -57.86 -50.23 93.17
C GLU C 1125 -59.37 -50.33 93.32
N TRP C 1126 -60.10 -49.52 92.56
CA TRP C 1126 -61.56 -49.56 92.60
C TRP C 1126 -62.10 -50.91 92.14
N LEU C 1127 -61.54 -51.44 91.05
CA LEU C 1127 -61.99 -52.74 90.56
C LEU C 1127 -61.62 -53.84 91.53
N ASP C 1128 -60.45 -53.75 92.17
CA ASP C 1128 -60.09 -54.74 93.18
C ASP C 1128 -61.03 -54.70 94.37
N LEU C 1129 -61.38 -53.49 94.83
CA LEU C 1129 -62.29 -53.37 95.96
C LEU C 1129 -63.66 -53.94 95.62
N LEU C 1130 -64.17 -53.66 94.41
CA LEU C 1130 -65.44 -54.24 94.00
C LEU C 1130 -65.33 -55.75 93.86
N ALA C 1131 -64.21 -56.24 93.34
CA ALA C 1131 -64.03 -57.67 93.14
C ALA C 1131 -64.02 -58.42 94.47
N GLY C 1132 -63.36 -57.87 95.47
CA GLY C 1132 -63.25 -58.49 96.77
C GLY C 1132 -61.99 -59.31 96.92
N THR C 1133 -61.90 -60.00 98.06
CA THR C 1133 -60.71 -60.77 98.42
C THR C 1133 -60.82 -62.22 97.97
N GLU C 1134 -61.96 -62.86 98.22
CA GLU C 1134 -62.12 -64.26 97.89
C GLU C 1134 -62.14 -64.46 96.37
N LEU C 1135 -61.54 -65.57 95.93
CA LEU C 1135 -61.49 -65.92 94.51
C LEU C 1135 -62.83 -66.51 94.07
N ASN C 1136 -63.86 -65.67 94.13
CA ASN C 1136 -65.23 -66.09 93.89
C ASN C 1136 -65.70 -65.64 92.51
N TRP C 1137 -66.97 -65.91 92.22
CA TRP C 1137 -67.52 -65.60 90.90
C TRP C 1137 -67.46 -64.11 90.63
N LEU C 1138 -67.83 -63.28 91.61
CA LEU C 1138 -67.82 -61.84 91.38
C LEU C 1138 -66.40 -61.31 91.34
N GLN C 1139 -65.48 -61.89 92.12
CA GLN C 1139 -64.08 -61.49 92.03
C GLN C 1139 -63.56 -61.70 90.62
N ALA C 1140 -63.78 -62.90 90.06
CA ALA C 1140 -63.37 -63.13 88.68
C ALA C 1140 -64.08 -62.18 87.72
N PHE C 1141 -65.39 -62.04 87.90
CA PHE C 1141 -66.24 -61.35 86.94
C PHE C 1141 -66.01 -59.84 86.93
N ILE C 1142 -65.38 -59.30 87.96
CA ILE C 1142 -65.00 -57.88 87.99
C ILE C 1142 -63.52 -57.69 87.66
N SER C 1143 -62.63 -58.50 88.24
CA SER C 1143 -61.19 -58.25 88.07
C SER C 1143 -60.70 -58.69 86.69
N THR C 1144 -61.35 -59.68 86.08
CA THR C 1144 -60.88 -60.19 84.79
C THR C 1144 -60.98 -59.09 83.72
N ASP C 1145 -59.91 -58.96 82.94
CA ASP C 1145 -59.79 -57.88 81.97
C ASP C 1145 -60.29 -58.26 80.58
N ARG C 1146 -60.64 -59.52 80.35
CA ARG C 1146 -61.16 -59.96 79.06
C ARG C 1146 -62.38 -60.86 79.27
N ILE C 1147 -63.30 -60.79 78.30
CA ILE C 1147 -64.50 -61.60 78.28
C ILE C 1147 -64.43 -62.48 77.03
N VAL C 1148 -65.05 -63.66 77.10
CA VAL C 1148 -65.11 -64.58 75.98
C VAL C 1148 -66.53 -64.60 75.44
N GLN C 1149 -66.66 -64.45 74.12
CA GLN C 1149 -67.95 -64.46 73.42
C GLN C 1149 -67.91 -65.58 72.38
N GLY C 1150 -68.21 -66.80 72.81
CA GLY C 1150 -68.16 -67.93 71.89
C GLY C 1150 -66.77 -68.16 71.35
N SER C 1151 -65.78 -68.28 72.25
CA SER C 1151 -64.38 -68.43 71.87
C SER C 1151 -63.87 -67.18 71.15
N LYS C 1152 -64.02 -66.03 71.80
CA LYS C 1152 -63.55 -64.77 71.23
C LYS C 1152 -63.23 -63.83 72.38
N HIS C 1153 -61.95 -63.57 72.61
CA HIS C 1153 -61.51 -62.76 73.74
C HIS C 1153 -61.65 -61.28 73.40
N VAL C 1154 -62.72 -60.65 73.87
CA VAL C 1154 -62.95 -59.22 73.67
C VAL C 1154 -62.87 -58.52 75.03
N SER C 1155 -62.91 -57.20 75.01
CA SER C 1155 -62.71 -56.43 76.24
C SER C 1155 -63.82 -56.71 77.24
N ASN C 1156 -63.45 -56.68 78.52
CA ASN C 1156 -64.41 -56.93 79.58
C ASN C 1156 -65.41 -55.78 79.65
N PRO C 1157 -66.72 -56.01 79.50
CA PRO C 1157 -67.67 -54.88 79.60
C PRO C 1157 -67.71 -54.24 80.97
N LEU C 1158 -67.25 -54.94 82.01
CA LEU C 1158 -67.32 -54.36 83.34
C LEU C 1158 -66.26 -53.29 83.54
N HIS C 1159 -65.08 -53.45 82.94
CA HIS C 1159 -64.08 -52.40 83.03
C HIS C 1159 -64.53 -51.13 82.33
N ASP C 1160 -65.58 -51.20 81.51
CA ASP C 1160 -66.22 -50.01 80.95
C ASP C 1160 -67.38 -49.53 81.81
N ILE C 1161 -68.23 -50.45 82.29
CA ILE C 1161 -69.42 -50.05 83.02
C ILE C 1161 -69.04 -49.49 84.40
N LEU C 1162 -68.22 -50.21 85.15
CA LEU C 1162 -67.82 -49.83 86.50
C LEU C 1162 -66.68 -48.80 86.50
N THR C 1163 -66.33 -48.24 85.35
CA THR C 1163 -65.24 -47.27 85.29
C THR C 1163 -65.58 -46.07 86.16
N PRO C 1164 -64.59 -45.46 86.81
CA PRO C 1164 -64.88 -44.24 87.60
C PRO C 1164 -65.54 -43.16 86.75
N ALA C 1165 -66.70 -42.69 87.21
CA ALA C 1165 -67.42 -41.61 86.57
C ALA C 1165 -67.48 -40.35 87.44
N LYS C 1166 -68.07 -40.47 88.63
CA LYS C 1166 -68.23 -39.39 89.61
C LYS C 1166 -69.35 -39.74 90.59
N HIS C 1167 -70.38 -40.45 90.12
CA HIS C 1167 -71.55 -40.76 90.94
C HIS C 1167 -71.96 -42.22 90.83
N SER C 1168 -71.10 -43.09 90.31
CA SER C 1168 -71.40 -44.52 90.21
C SER C 1168 -71.21 -45.15 91.59
N LYS C 1169 -72.17 -44.88 92.47
CA LYS C 1169 -72.19 -45.49 93.79
C LYS C 1169 -72.50 -46.97 93.65
N VAL C 1170 -71.66 -47.82 94.27
CA VAL C 1170 -71.76 -49.27 94.16
C VAL C 1170 -72.04 -49.85 95.54
N THR C 1171 -72.74 -50.99 95.55
CA THR C 1171 -73.13 -51.63 96.80
C THR C 1171 -73.19 -53.14 96.60
N ILE C 1172 -72.50 -53.88 97.47
CA ILE C 1172 -72.59 -55.34 97.53
C ILE C 1172 -73.49 -55.70 98.71
N ASP C 1173 -74.49 -56.53 98.44
CA ASP C 1173 -75.43 -56.91 99.49
C ASP C 1173 -74.81 -57.91 100.46
N LYS C 1174 -74.05 -58.87 99.95
CA LYS C 1174 -73.43 -59.89 100.79
C LYS C 1174 -72.20 -60.43 100.07
N LYS C 1175 -71.41 -61.23 100.81
CA LYS C 1175 -70.15 -61.73 100.28
C LYS C 1175 -70.33 -62.52 98.99
N THR C 1176 -71.47 -63.20 98.84
CA THR C 1176 -71.75 -63.98 97.64
C THR C 1176 -73.20 -63.85 97.20
N LYS C 1177 -73.87 -62.76 97.58
CA LYS C 1177 -75.29 -62.59 97.27
C LYS C 1177 -75.50 -61.78 95.99
N LYS C 1178 -75.05 -60.52 95.98
CA LYS C 1178 -75.33 -59.65 94.84
C LYS C 1178 -74.60 -58.32 94.94
N LEU C 1179 -74.67 -57.52 93.87
CA LEU C 1179 -74.01 -56.23 93.79
C LEU C 1179 -74.93 -55.29 93.03
N THR C 1180 -74.86 -54.00 93.36
CA THR C 1180 -75.69 -53.01 92.69
C THR C 1180 -74.94 -51.68 92.59
N ALA C 1181 -75.10 -51.03 91.43
CA ALA C 1181 -74.48 -49.74 91.17
C ALA C 1181 -75.55 -48.73 90.80
N PHE C 1182 -75.50 -47.58 91.47
CA PHE C 1182 -76.50 -46.54 91.37
C PHE C 1182 -75.88 -45.29 90.77
N GLU C 1183 -76.71 -44.45 90.17
CA GLU C 1183 -76.28 -43.16 89.66
C GLU C 1183 -77.40 -42.14 89.82
N ASN C 1184 -77.01 -40.88 89.97
CA ASN C 1184 -77.95 -39.78 90.17
C ASN C 1184 -78.51 -39.33 88.82
N ILE C 1185 -79.34 -40.19 88.26
CA ILE C 1185 -79.96 -39.91 86.96
C ILE C 1185 -81.12 -38.95 87.16
N LYS C 1186 -81.19 -37.92 86.31
CA LYS C 1186 -82.12 -36.80 86.42
C LYS C 1186 -82.23 -36.28 87.86
N GLY C 1187 -81.11 -36.22 88.56
CA GLY C 1187 -81.11 -35.76 89.94
C GLY C 1187 -81.82 -36.71 90.90
N ASP C 1188 -81.64 -38.02 90.71
CA ASP C 1188 -82.26 -39.00 91.58
C ASP C 1188 -81.39 -40.25 91.57
N LEU C 1189 -80.96 -40.68 92.76
CA LEU C 1189 -80.07 -41.83 92.89
C LEU C 1189 -80.91 -43.10 92.78
N LEU C 1190 -80.81 -43.77 91.64
CA LEU C 1190 -81.53 -45.01 91.36
C LEU C 1190 -80.56 -46.03 90.78
N PRO C 1191 -80.88 -47.33 90.89
CA PRO C 1191 -79.94 -48.34 90.40
C PRO C 1191 -79.85 -48.34 88.88
N VAL C 1192 -78.63 -48.32 88.36
CA VAL C 1192 -78.40 -48.41 86.93
C VAL C 1192 -77.75 -49.74 86.54
N VAL C 1193 -77.09 -50.43 87.46
CA VAL C 1193 -76.55 -51.76 87.21
C VAL C 1193 -76.94 -52.64 88.38
N GLU C 1194 -77.31 -53.88 88.09
CA GLU C 1194 -77.68 -54.85 89.12
C GLU C 1194 -77.07 -56.19 88.73
N ILE C 1195 -76.08 -56.64 89.50
CA ILE C 1195 -75.33 -57.85 89.23
C ILE C 1195 -75.73 -58.90 90.26
N GLU C 1196 -76.00 -60.11 89.80
CA GLU C 1196 -76.24 -61.20 90.75
C GLU C 1196 -75.91 -62.53 90.09
N LEU C 1197 -75.95 -63.58 90.89
CA LEU C 1197 -75.83 -64.95 90.41
C LEU C 1197 -77.22 -65.56 90.42
N VAL C 1198 -77.91 -65.46 89.28
CA VAL C 1198 -79.27 -65.99 89.17
C VAL C 1198 -79.28 -67.49 89.43
N LYS C 1199 -78.26 -68.19 88.95
CA LYS C 1199 -78.10 -69.62 89.18
C LYS C 1199 -76.62 -69.93 89.13
N PRO C 1200 -76.20 -71.10 89.64
CA PRO C 1200 -74.78 -71.44 89.62
C PRO C 1200 -74.24 -71.43 88.20
N ASN C 1201 -73.03 -70.88 88.04
CA ASN C 1201 -72.40 -70.73 86.74
C ASN C 1201 -73.23 -69.84 85.82
N THR C 1202 -73.88 -68.84 86.41
CA THR C 1202 -74.69 -67.90 85.62
C THR C 1202 -74.73 -66.57 86.37
N ILE C 1203 -74.17 -65.52 85.77
CA ILE C 1203 -74.13 -64.19 86.34
C ILE C 1203 -75.01 -63.30 85.47
N GLN C 1204 -76.04 -62.69 86.07
CA GLN C 1204 -76.89 -61.74 85.39
C GLN C 1204 -76.36 -60.34 85.68
N LEU C 1205 -76.00 -59.62 84.62
CA LEU C 1205 -75.65 -58.21 84.67
C LEU C 1205 -76.84 -57.48 84.04
N SER C 1206 -77.70 -56.91 84.88
CA SER C 1206 -78.90 -56.22 84.43
C SER C 1206 -78.59 -54.74 84.35
N LEU C 1207 -78.60 -54.20 83.14
CA LEU C 1207 -78.44 -52.76 82.93
C LEU C 1207 -79.82 -52.13 82.98
N ILE C 1208 -80.08 -51.37 84.03
CA ILE C 1208 -81.40 -50.80 84.28
C ILE C 1208 -81.49 -49.43 83.61
N GLU C 1209 -82.63 -49.14 83.01
CA GLU C 1209 -82.91 -47.84 82.42
C GLU C 1209 -84.22 -47.32 82.99
N HIS C 1210 -84.19 -46.07 83.47
CA HIS C 1210 -85.36 -45.42 84.05
C HIS C 1210 -85.94 -44.32 83.18
N ARG C 1211 -85.18 -43.82 82.20
CA ARG C 1211 -85.68 -42.82 81.26
C ARG C 1211 -86.51 -43.50 80.18
N THR C 1212 -87.65 -44.05 80.60
CA THR C 1212 -88.50 -44.88 79.78
C THR C 1212 -89.77 -44.11 79.39
N ALA C 1213 -90.62 -44.77 78.61
CA ALA C 1213 -91.85 -44.13 78.16
C ALA C 1213 -92.86 -44.00 79.30
N ASP C 1214 -93.03 -45.06 80.08
CA ASP C 1214 -93.98 -45.08 81.18
C ASP C 1214 -93.37 -44.67 82.52
N THR C 1215 -92.06 -44.38 82.56
CA THR C 1215 -91.25 -44.05 83.72
C THR C 1215 -90.91 -45.29 84.55
N ASN C 1216 -91.47 -46.46 84.25
CA ASN C 1216 -91.12 -47.65 85.00
C ASN C 1216 -89.71 -48.11 84.62
N PRO C 1217 -88.96 -48.68 85.56
CA PRO C 1217 -87.62 -49.16 85.21
C PRO C 1217 -87.71 -50.41 84.34
N VAL C 1218 -86.78 -50.52 83.40
CA VAL C 1218 -86.68 -51.71 82.55
C VAL C 1218 -85.24 -52.18 82.52
N ALA C 1219 -85.04 -53.48 82.67
CA ALA C 1219 -83.73 -54.08 82.74
C ALA C 1219 -83.34 -54.70 81.40
N LEU C 1220 -82.04 -54.67 81.12
CA LEU C 1220 -81.43 -55.38 80.01
C LEU C 1220 -80.56 -56.46 80.65
N PRO C 1221 -81.06 -57.70 80.75
CA PRO C 1221 -80.21 -58.78 81.27
C PRO C 1221 -79.05 -59.08 80.33
N PHE C 1222 -77.91 -59.44 80.93
CA PHE C 1222 -76.77 -59.98 80.20
C PHE C 1222 -76.31 -61.19 81.01
N LEU C 1223 -76.61 -62.39 80.50
CA LEU C 1223 -76.21 -63.60 81.20
C LEU C 1223 -74.78 -63.98 80.81
N TYR C 1224 -74.04 -64.45 81.81
CA TYR C 1224 -72.63 -64.79 81.65
C TYR C 1224 -72.34 -66.10 82.36
N LYS C 1225 -71.94 -67.12 81.61
CA LYS C 1225 -71.55 -68.41 82.18
C LYS C 1225 -70.26 -68.23 82.96
N TYR C 1226 -70.28 -68.54 84.25
CA TYR C 1226 -69.05 -68.56 85.04
C TYR C 1226 -68.44 -69.95 85.01
N ASN C 1227 -67.17 -70.02 84.59
CA ASN C 1227 -66.45 -71.27 84.35
C ASN C 1227 -65.28 -71.35 85.32
N PRO C 1228 -65.44 -72.03 86.45
CA PRO C 1228 -64.28 -72.22 87.35
C PRO C 1228 -63.17 -73.06 86.75
N ALA C 1229 -63.45 -73.83 85.69
CA ALA C 1229 -62.47 -74.77 85.18
C ALA C 1229 -61.23 -74.07 84.66
N ASP C 1230 -61.40 -72.97 83.93
CA ASP C 1230 -60.29 -72.20 83.37
C ASP C 1230 -60.33 -70.79 83.95
N GLY C 1231 -59.26 -70.40 84.64
CA GLY C 1231 -59.18 -69.09 85.24
C GLY C 1231 -58.64 -68.01 84.35
N PHE C 1232 -58.12 -68.35 83.17
CA PHE C 1232 -57.75 -67.34 82.20
C PHE C 1232 -58.97 -66.63 81.65
N ALA C 1233 -60.02 -67.38 81.33
CA ALA C 1233 -61.28 -66.86 80.81
C ALA C 1233 -62.41 -67.41 81.66
N PRO C 1234 -62.49 -66.98 82.93
CA PRO C 1234 -63.51 -67.55 83.83
C PRO C 1234 -64.92 -67.12 83.53
N ILE C 1235 -65.15 -66.27 82.52
CA ILE C 1235 -66.48 -65.80 82.18
C ILE C 1235 -66.68 -65.94 80.68
N LEU C 1236 -67.81 -66.52 80.28
CA LEU C 1236 -68.18 -66.74 78.89
C LEU C 1236 -69.54 -66.11 78.64
N GLU C 1237 -69.60 -65.12 77.76
CA GLU C 1237 -70.87 -64.47 77.49
C GLU C 1237 -71.81 -65.44 76.78
N ILE C 1238 -73.05 -65.48 77.26
CA ILE C 1238 -74.11 -66.22 76.59
C ILE C 1238 -74.54 -65.39 75.39
N MET C 1239 -73.96 -65.66 74.23
CA MET C 1239 -74.35 -64.94 73.04
C MET C 1239 -75.73 -65.40 72.63
N GLU C 1240 -76.17 -66.50 73.20
CA GLU C 1240 -77.49 -67.05 72.86
C GLU C 1240 -78.58 -66.02 73.06
N ASP C 1241 -79.40 -65.82 72.04
CA ASP C 1241 -80.51 -64.88 72.14
C ASP C 1241 -80.09 -63.54 72.74
N ARG C 1242 -78.80 -63.26 72.70
CA ARG C 1242 -78.35 -61.96 73.20
C ARG C 1242 -79.00 -60.82 72.42
N ASN C 1243 -79.00 -60.93 71.09
CA ASN C 1243 -79.65 -59.91 70.27
C ASN C 1243 -81.14 -59.87 70.54
N GLU C 1244 -81.77 -61.01 70.76
CA GLU C 1244 -83.19 -61.04 71.09
C GLU C 1244 -83.47 -60.35 72.42
N ARG C 1245 -82.62 -60.57 73.42
CA ARG C 1245 -82.80 -59.91 74.71
C ARG C 1245 -82.63 -58.41 74.58
N ILE C 1246 -81.60 -57.97 73.86
CA ILE C 1246 -81.40 -56.54 73.66
C ILE C 1246 -82.57 -55.95 72.88
N LYS C 1247 -83.11 -56.70 71.92
CA LYS C 1247 -84.27 -56.24 71.17
C LYS C 1247 -85.49 -56.10 72.07
N GLU C 1248 -85.70 -57.07 72.97
CA GLU C 1248 -86.82 -56.95 73.90
C GLU C 1248 -86.68 -55.73 74.79
N PHE C 1249 -85.46 -55.48 75.27
CA PHE C 1249 -85.24 -54.31 76.11
C PHE C 1249 -85.49 -53.02 75.33
N TYR C 1250 -84.97 -52.93 74.10
CA TYR C 1250 -85.19 -51.74 73.28
C TYR C 1250 -86.67 -51.59 72.91
N TRP C 1251 -87.36 -52.72 72.72
CA TRP C 1251 -88.79 -52.66 72.42
C TRP C 1251 -89.58 -52.12 73.60
N LYS C 1252 -89.25 -52.56 74.81
CA LYS C 1252 -89.90 -52.00 75.99
C LYS C 1252 -89.58 -50.52 76.13
N LEU C 1253 -88.37 -50.12 75.75
CA LEU C 1253 -87.99 -48.71 75.87
C LEU C 1253 -88.75 -47.85 74.86
N TRP C 1254 -88.78 -48.27 73.60
CA TRP C 1254 -89.41 -47.46 72.56
C TRP C 1254 -90.92 -47.64 72.54
N PHE C 1255 -91.37 -48.87 72.26
CA PHE C 1255 -92.79 -49.16 72.15
C PHE C 1255 -93.35 -49.61 73.49
N SER C 1258 -96.38 -49.27 74.00
CA SER C 1258 -97.10 -48.83 72.82
C SER C 1258 -97.61 -50.02 72.01
N VAL C 1259 -96.73 -50.99 71.79
CA VAL C 1259 -97.05 -52.19 71.03
C VAL C 1259 -96.63 -53.42 71.83
N PRO C 1260 -97.37 -54.53 71.80
CA PRO C 1260 -96.89 -55.75 72.46
C PRO C 1260 -95.64 -56.28 71.79
N TYR C 1261 -94.79 -56.95 72.57
CA TYR C 1261 -93.56 -57.51 72.04
C TYR C 1261 -93.89 -58.65 71.07
N SER C 1262 -93.58 -58.43 69.79
CA SER C 1262 -93.81 -59.45 68.77
C SER C 1262 -92.84 -59.15 67.62
N ASN C 1263 -91.75 -59.90 67.55
CA ASN C 1263 -90.76 -59.76 66.48
C ASN C 1263 -91.10 -60.60 65.26
N ASP C 1264 -92.27 -61.24 65.23
CA ASP C 1264 -92.72 -61.99 64.06
C ASP C 1264 -93.36 -61.06 63.03
N ILE C 1265 -92.53 -60.15 62.52
CA ILE C 1265 -92.94 -59.21 61.47
C ILE C 1265 -92.19 -59.57 60.20
N ASN C 1266 -92.90 -59.55 59.07
CA ASN C 1266 -92.25 -59.72 57.79
C ASN C 1266 -91.42 -58.49 57.46
N VAL C 1267 -90.17 -58.70 57.04
CA VAL C 1267 -89.30 -57.58 56.70
C VAL C 1267 -89.84 -56.86 55.47
N GLU C 1268 -90.41 -57.59 54.52
CA GLU C 1268 -90.93 -57.00 53.30
C GLU C 1268 -92.31 -56.37 53.49
N LYS C 1269 -92.94 -56.55 54.64
CA LYS C 1269 -94.25 -55.98 54.89
C LYS C 1269 -94.13 -54.50 55.26
N ALA C 1270 -95.28 -53.84 55.41
CA ALA C 1270 -95.35 -52.43 55.72
C ALA C 1270 -95.78 -52.26 57.17
N ILE C 1271 -95.05 -51.43 57.91
CA ILE C 1271 -95.38 -51.11 59.30
C ILE C 1271 -96.33 -49.92 59.31
N LEU C 1272 -97.45 -50.08 60.00
CA LEU C 1272 -98.42 -48.99 60.18
C LEU C 1272 -98.19 -48.36 61.54
N GLY C 1273 -97.85 -47.08 61.55
CA GLY C 1273 -97.64 -46.37 62.80
C GLY C 1273 -98.95 -45.94 63.43
N ASP C 1274 -98.82 -45.40 64.64
CA ASP C 1274 -99.99 -44.90 65.35
C ASP C 1274 -100.44 -43.57 64.76
N GLU C 1275 -101.73 -43.30 64.87
CA GLU C 1275 -102.31 -42.03 64.44
C GLU C 1275 -102.06 -40.99 65.52
N ILE C 1276 -101.33 -39.93 65.18
CA ILE C 1276 -100.98 -38.88 66.12
C ILE C 1276 -101.54 -37.55 65.61
N THR C 1277 -102.07 -36.75 66.53
CA THR C 1277 -102.60 -35.44 66.23
C THR C 1277 -101.58 -34.39 66.68
N ILE C 1278 -101.26 -33.46 65.79
CA ILE C 1278 -100.21 -32.48 66.03
C ILE C 1278 -100.76 -31.39 66.95
N SER C 1279 -99.97 -31.01 67.95
CA SER C 1279 -100.38 -30.05 68.96
C SER C 1279 -99.29 -29.01 69.20
N SER C 1280 -99.74 -27.78 69.46
CA SER C 1280 -98.83 -26.66 69.65
C SER C 1280 -97.85 -26.91 70.78
N GLN C 1281 -98.30 -27.58 71.84
CA GLN C 1281 -97.39 -27.91 72.94
C GLN C 1281 -96.26 -28.80 72.45
N THR C 1282 -96.58 -29.80 71.63
CA THR C 1282 -95.55 -30.70 71.13
C THR C 1282 -94.57 -29.97 70.23
N ILE C 1283 -95.07 -29.09 69.36
CA ILE C 1283 -94.16 -28.33 68.50
C ILE C 1283 -93.30 -27.38 69.33
N SER C 1284 -93.88 -26.76 70.36
CA SER C 1284 -93.09 -25.91 71.23
C SER C 1284 -91.95 -26.69 71.87
N GLU C 1285 -92.28 -27.83 72.47
CA GLU C 1285 -91.25 -28.64 73.12
C GLU C 1285 -90.17 -29.06 72.14
N PHE C 1286 -90.58 -29.51 70.95
CA PHE C 1286 -89.62 -29.99 69.95
C PHE C 1286 -88.71 -28.85 69.48
N THR C 1287 -89.29 -27.69 69.17
CA THR C 1287 -88.50 -26.56 68.70
C THR C 1287 -87.53 -26.07 69.77
N HIS C 1288 -87.99 -25.94 71.02
CA HIS C 1288 -87.08 -25.52 72.08
C HIS C 1288 -86.00 -26.56 72.32
N ALA C 1289 -86.33 -27.84 72.13
CA ALA C 1289 -85.32 -28.88 72.29
C ALA C 1289 -84.21 -28.72 71.26
N ILE C 1290 -84.55 -28.60 69.98
CA ILE C 1290 -83.52 -28.57 68.94
C ILE C 1290 -82.97 -27.17 68.69
N GLY C 1291 -83.49 -26.15 69.36
CA GLY C 1291 -83.01 -24.81 69.14
C GLY C 1291 -83.59 -24.11 67.93
N ASN C 1292 -84.67 -24.64 67.34
CA ASN C 1292 -85.33 -23.96 66.24
C ASN C 1292 -86.14 -22.78 66.76
N LYS C 1293 -85.78 -21.58 66.32
CA LYS C 1293 -86.45 -20.35 66.73
C LYS C 1293 -87.29 -19.75 65.61
N CYS C 1294 -87.60 -20.52 64.57
CA CYS C 1294 -88.27 -19.98 63.41
C CYS C 1294 -89.67 -19.49 63.77
N ASP C 1295 -90.10 -18.41 63.13
CA ASP C 1295 -91.39 -17.81 63.46
C ASP C 1295 -92.55 -18.71 63.10
N ALA C 1296 -92.41 -19.49 62.02
CA ALA C 1296 -93.53 -20.30 61.53
C ALA C 1296 -93.97 -21.35 62.54
N PHE C 1297 -93.11 -21.71 63.49
CA PHE C 1297 -93.39 -22.77 64.45
C PHE C 1297 -93.70 -22.25 65.85
N VAL C 1298 -93.91 -20.94 66.00
CA VAL C 1298 -94.29 -20.32 67.26
C VAL C 1298 -95.70 -19.79 67.12
N ASP C 1299 -96.55 -20.08 68.11
CA ASP C 1299 -97.93 -19.63 68.07
C ASP C 1299 -97.99 -18.11 68.06
N ARG C 1300 -98.62 -17.55 67.02
CA ARG C 1300 -98.88 -16.13 66.91
C ARG C 1300 -100.33 -15.91 66.53
N PRO C 1301 -100.94 -14.79 66.93
CA PRO C 1301 -102.32 -14.52 66.49
C PRO C 1301 -102.38 -14.32 64.98
N GLY C 1302 -103.52 -14.70 64.40
CA GLY C 1302 -103.75 -14.50 62.99
C GLY C 1302 -102.76 -15.20 62.09
N LYS C 1303 -102.16 -16.30 62.57
CA LYS C 1303 -101.19 -17.06 61.79
C LYS C 1303 -101.43 -18.53 62.03
N ALA C 1304 -101.29 -19.32 60.97
CA ALA C 1304 -101.43 -20.77 61.04
C ALA C 1304 -100.10 -21.34 61.48
N THR C 1305 -99.96 -21.57 62.79
CA THR C 1305 -98.72 -22.11 63.32
C THR C 1305 -98.42 -23.47 62.68
N LEU C 1306 -97.20 -23.61 62.18
CA LEU C 1306 -96.76 -24.80 61.45
C LEU C 1306 -95.88 -25.66 62.35
N ALA C 1307 -95.40 -26.77 61.80
CA ALA C 1307 -94.52 -27.70 62.48
C ALA C 1307 -93.31 -27.98 61.61
N PRO C 1308 -92.13 -28.17 62.21
CA PRO C 1308 -90.94 -28.43 61.40
C PRO C 1308 -90.99 -29.80 60.76
N MET C 1309 -90.25 -29.94 59.66
CA MET C 1309 -90.17 -31.25 59.01
C MET C 1309 -89.49 -32.26 59.91
N ASP C 1310 -88.60 -31.80 60.79
CA ASP C 1310 -87.96 -32.70 61.74
C ASP C 1310 -88.96 -33.32 62.71
N PHE C 1311 -90.14 -32.72 62.84
CA PHE C 1311 -91.23 -33.37 63.56
C PHE C 1311 -91.74 -34.61 62.84
N ALA C 1312 -91.37 -34.78 61.56
CA ALA C 1312 -91.77 -36.00 60.84
C ALA C 1312 -91.13 -37.24 61.47
N ILE C 1313 -89.87 -37.14 61.91
CA ILE C 1313 -89.24 -38.28 62.55
C ILE C 1313 -89.88 -38.56 63.89
N VAL C 1314 -90.37 -37.52 64.57
CA VAL C 1314 -91.10 -37.73 65.82
C VAL C 1314 -92.40 -38.47 65.54
N ILE C 1315 -93.11 -38.06 64.49
CA ILE C 1315 -94.39 -38.70 64.16
C ILE C 1315 -94.16 -40.15 63.76
N GLY C 1316 -93.15 -40.41 62.94
CA GLY C 1316 -92.89 -41.73 62.38
C GLY C 1316 -91.80 -42.52 63.06
N TRP C 1317 -91.39 -42.16 64.27
CA TRP C 1317 -90.33 -42.90 64.94
C TRP C 1317 -90.75 -44.35 65.20
N LYS C 1318 -91.99 -44.54 65.63
CA LYS C 1318 -92.48 -45.89 65.91
C LYS C 1318 -92.35 -46.79 64.69
N ALA C 1319 -92.94 -46.35 63.57
CA ALA C 1319 -92.95 -47.16 62.37
C ALA C 1319 -91.55 -47.35 61.80
N ILE C 1320 -90.76 -46.28 61.73
CA ILE C 1320 -89.43 -46.37 61.13
C ILE C 1320 -88.53 -47.28 61.96
N ILE C 1321 -88.55 -47.12 63.28
CA ILE C 1321 -87.64 -47.90 64.12
C ILE C 1321 -88.14 -49.32 64.33
N LYS C 1322 -89.42 -49.59 64.09
CA LYS C 1322 -89.91 -50.97 64.13
C LYS C 1322 -89.35 -51.82 63.00
N ALA C 1323 -88.71 -51.21 62.00
CA ALA C 1323 -88.22 -51.94 60.83
C ALA C 1323 -86.99 -52.79 61.12
N ILE C 1324 -86.20 -52.45 62.14
CA ILE C 1324 -84.93 -53.14 62.39
C ILE C 1324 -85.08 -54.27 63.41
N PHE C 1325 -86.26 -54.46 63.97
CA PHE C 1325 -86.52 -55.49 64.98
C PHE C 1325 -86.70 -56.92 64.46
N PRO C 1326 -87.31 -57.16 63.29
CA PRO C 1326 -87.67 -58.54 62.91
C PRO C 1326 -86.49 -59.50 62.95
N LYS C 1327 -86.81 -60.80 63.09
CA LYS C 1327 -85.77 -61.82 63.19
C LYS C 1327 -84.94 -61.87 61.92
N SER C 1328 -85.58 -61.80 60.76
CA SER C 1328 -84.86 -61.90 59.49
C SER C 1328 -83.85 -60.77 59.31
N VAL C 1329 -84.03 -59.66 60.02
CA VAL C 1329 -83.00 -58.63 60.12
C VAL C 1329 -82.48 -58.65 61.55
N ASP C 1330 -81.45 -59.45 61.79
CA ASP C 1330 -80.91 -59.69 63.12
C ASP C 1330 -79.59 -58.95 63.28
N GLY C 1331 -79.39 -58.37 64.45
CA GLY C 1331 -78.14 -57.68 64.73
C GLY C 1331 -78.17 -57.10 66.13
N ASP C 1332 -77.01 -56.61 66.55
CA ASP C 1332 -76.84 -56.04 67.88
C ASP C 1332 -77.35 -54.60 67.85
N LEU C 1333 -78.42 -54.33 68.59
CA LEU C 1333 -78.98 -52.99 68.61
C LEU C 1333 -78.08 -52.01 69.34
N LEU C 1334 -77.27 -52.50 70.29
CA LEU C 1334 -76.33 -51.62 70.98
C LEU C 1334 -75.22 -51.17 70.03
N LYS C 1335 -74.89 -51.98 69.03
CA LYS C 1335 -73.94 -51.61 67.99
C LYS C 1335 -74.61 -50.89 66.82
N LEU C 1336 -75.91 -50.63 66.92
CA LEU C 1336 -76.62 -49.95 65.83
C LEU C 1336 -76.06 -48.56 65.61
N VAL C 1337 -75.90 -48.19 64.35
CA VAL C 1337 -75.35 -46.90 63.95
C VAL C 1337 -76.31 -46.29 62.95
N HIS C 1338 -76.88 -45.13 63.29
CA HIS C 1338 -77.69 -44.39 62.33
C HIS C 1338 -76.76 -43.78 61.29
N LEU C 1339 -76.82 -44.28 60.06
CA LEU C 1339 -75.89 -43.82 59.03
C LEU C 1339 -76.37 -42.53 58.39
N SER C 1340 -77.66 -42.44 58.07
CA SER C 1340 -78.18 -41.25 57.43
C SER C 1340 -79.69 -41.17 57.64
N ASN C 1341 -80.18 -39.94 57.62
CA ASN C 1341 -81.62 -39.68 57.66
C ASN C 1341 -81.92 -38.54 56.71
N GLY C 1342 -83.12 -38.56 56.15
CA GLY C 1342 -83.50 -37.54 55.19
C GLY C 1342 -85.00 -37.44 55.07
N TYR C 1343 -85.45 -36.31 54.55
CA TYR C 1343 -86.84 -36.03 54.32
C TYR C 1343 -87.03 -35.65 52.86
N LYS C 1344 -88.26 -35.81 52.37
CA LYS C 1344 -88.62 -35.39 51.02
C LYS C 1344 -90.10 -35.05 51.02
N MET C 1345 -90.44 -33.79 50.77
CA MET C 1345 -91.83 -33.37 50.67
C MET C 1345 -92.38 -33.75 49.30
N ILE C 1346 -93.62 -34.25 49.30
CA ILE C 1346 -94.30 -34.60 48.06
C ILE C 1346 -94.65 -33.31 47.34
N THR C 1347 -94.59 -33.34 46.01
CA THR C 1347 -94.89 -32.15 45.22
C THR C 1347 -96.33 -31.70 45.46
N GLY C 1348 -96.50 -30.42 45.75
CA GLY C 1348 -97.80 -29.85 46.01
C GLY C 1348 -98.35 -30.09 47.40
N ALA C 1349 -97.60 -30.76 48.27
CA ALA C 1349 -98.04 -31.06 49.63
C ALA C 1349 -97.57 -29.95 50.58
N ALA C 1350 -98.51 -29.37 51.30
CA ALA C 1350 -98.18 -28.29 52.22
C ALA C 1350 -97.48 -28.82 53.47
N PRO C 1351 -96.75 -27.98 54.19
CA PRO C 1351 -96.07 -28.46 55.40
C PRO C 1351 -97.06 -28.82 56.49
N LEU C 1352 -96.58 -29.66 57.42
CA LEU C 1352 -97.39 -30.05 58.56
C LEU C 1352 -97.72 -28.84 59.42
N LYS C 1353 -98.90 -28.84 60.03
CA LYS C 1353 -99.37 -27.71 60.82
C LYS C 1353 -100.13 -28.23 62.03
N LYS C 1354 -100.43 -27.29 62.94
CA LYS C 1354 -101.15 -27.62 64.16
C LYS C 1354 -102.52 -28.19 63.84
N GLY C 1355 -102.93 -29.17 64.64
CA GLY C 1355 -104.24 -29.79 64.49
C GLY C 1355 -104.30 -30.87 63.43
N ASP C 1356 -103.22 -31.11 62.71
CA ASP C 1356 -103.22 -32.13 61.68
C ASP C 1356 -103.26 -33.52 62.31
N VAL C 1357 -104.21 -34.33 61.88
CA VAL C 1357 -104.30 -35.73 62.29
C VAL C 1357 -103.53 -36.55 61.26
N VAL C 1358 -102.41 -37.13 61.66
CA VAL C 1358 -101.43 -37.67 60.73
C VAL C 1358 -101.10 -39.11 61.12
N SER C 1359 -101.02 -39.97 60.11
CA SER C 1359 -100.63 -41.36 60.27
C SER C 1359 -99.31 -41.60 59.55
N THR C 1360 -98.66 -42.70 59.88
CA THR C 1360 -97.38 -43.08 59.28
C THR C 1360 -97.44 -44.51 58.80
N LYS C 1361 -96.86 -44.74 57.61
CA LYS C 1361 -96.61 -46.08 57.10
C LYS C 1361 -95.10 -46.18 56.92
N ALA C 1362 -94.53 -47.35 57.16
CA ALA C 1362 -93.10 -47.57 56.97
C ALA C 1362 -92.86 -48.89 56.27
N GLU C 1363 -91.92 -48.88 55.32
CA GLU C 1363 -91.53 -50.05 54.58
C GLU C 1363 -90.01 -50.16 54.57
N ILE C 1364 -89.52 -51.38 54.42
CA ILE C 1364 -88.09 -51.64 54.39
C ILE C 1364 -87.68 -51.76 52.92
N LYS C 1365 -86.93 -50.76 52.43
CA LYS C 1365 -86.57 -50.73 51.02
C LYS C 1365 -85.49 -51.75 50.70
N ALA C 1366 -84.52 -51.94 51.61
CA ALA C 1366 -83.39 -52.80 51.33
C ALA C 1366 -82.79 -53.32 52.63
N VAL C 1367 -82.39 -54.59 52.63
CA VAL C 1367 -81.59 -55.16 53.70
C VAL C 1367 -80.39 -55.83 53.04
N LEU C 1368 -79.18 -55.48 53.50
CA LEU C 1368 -77.95 -55.86 52.82
C LEU C 1368 -76.92 -56.33 53.83
N ASN C 1369 -75.99 -57.16 53.37
CA ASN C 1369 -74.84 -57.61 54.16
C ASN C 1369 -73.58 -57.06 53.51
N GLN C 1370 -72.99 -56.04 54.13
CA GLN C 1370 -71.75 -55.41 53.72
C GLN C 1370 -70.64 -55.82 54.66
N PRO C 1371 -69.37 -55.67 54.26
CA PRO C 1371 -68.27 -56.06 55.17
C PRO C 1371 -68.31 -55.37 56.52
N SER C 1372 -68.75 -54.11 56.56
CA SER C 1372 -68.83 -53.41 57.83
C SER C 1372 -69.99 -53.89 58.68
N GLY C 1373 -71.05 -54.41 58.07
CA GLY C 1373 -72.21 -54.84 58.83
C GLY C 1373 -73.43 -54.96 57.95
N LYS C 1374 -74.59 -55.05 58.59
CA LYS C 1374 -75.85 -55.21 57.88
C LYS C 1374 -76.53 -53.85 57.72
N LEU C 1375 -76.78 -53.47 56.47
CA LEU C 1375 -77.46 -52.23 56.15
C LEU C 1375 -78.96 -52.45 56.10
N VAL C 1376 -79.71 -51.50 56.66
CA VAL C 1376 -81.17 -51.53 56.64
C VAL C 1376 -81.66 -50.17 56.14
N GLU C 1377 -82.56 -50.20 55.16
CA GLU C 1377 -83.14 -49.01 54.55
C GLU C 1377 -84.61 -48.98 54.94
N VAL C 1378 -85.08 -47.84 55.43
CA VAL C 1378 -86.48 -47.66 55.81
C VAL C 1378 -86.99 -46.41 55.13
N VAL C 1379 -88.18 -46.50 54.53
CA VAL C 1379 -88.88 -45.36 53.96
C VAL C 1379 -90.22 -45.25 54.67
N GLY C 1380 -90.45 -44.11 55.32
CA GLY C 1380 -91.67 -43.86 56.05
C GLY C 1380 -92.50 -42.75 55.43
N THR C 1381 -93.65 -43.10 54.86
CA THR C 1381 -94.53 -42.13 54.24
C THR C 1381 -95.49 -41.58 55.28
N ILE C 1382 -95.63 -40.25 55.29
CA ILE C 1382 -96.49 -39.53 56.21
C ILE C 1382 -97.80 -39.22 55.49
N TYR C 1383 -98.90 -39.73 56.01
CA TYR C 1383 -100.22 -39.58 55.40
C TYR C 1383 -101.06 -38.63 56.23
N ARG C 1384 -101.68 -37.67 55.55
CA ARG C 1384 -102.60 -36.71 56.16
C ARG C 1384 -103.89 -36.70 55.36
N GLU C 1385 -105.01 -37.00 56.01
CA GLU C 1385 -106.32 -37.05 55.35
C GLU C 1385 -106.33 -38.03 54.20
N GLY C 1386 -105.54 -39.11 54.31
CA GLY C 1386 -105.47 -40.12 53.28
C GLY C 1386 -104.53 -39.82 52.14
N LYS C 1387 -103.84 -38.66 52.15
CA LYS C 1387 -102.91 -38.27 51.11
C LYS C 1387 -101.49 -38.19 51.65
N PRO C 1388 -100.47 -38.55 50.88
CA PRO C 1388 -99.10 -38.44 51.40
C PRO C 1388 -98.66 -36.98 51.53
N VAL C 1389 -97.92 -36.71 52.60
CA VAL C 1389 -97.40 -35.37 52.86
C VAL C 1389 -95.89 -35.31 52.67
N MET C 1390 -95.18 -36.37 53.02
CA MET C 1390 -93.73 -36.42 52.84
C MET C 1390 -93.27 -37.86 53.06
N GLU C 1391 -91.97 -38.07 52.84
CA GLU C 1391 -91.35 -39.37 53.07
C GLU C 1391 -90.06 -39.16 53.85
N VAL C 1392 -89.77 -40.10 54.75
CA VAL C 1392 -88.62 -40.05 55.63
C VAL C 1392 -87.76 -41.28 55.34
N THR C 1393 -86.56 -41.05 54.79
CA THR C 1393 -85.62 -42.11 54.48
C THR C 1393 -84.63 -42.24 55.64
N SER C 1394 -84.41 -43.47 56.10
CA SER C 1394 -83.52 -43.73 57.22
C SER C 1394 -82.64 -44.92 56.89
N GLN C 1395 -81.37 -44.83 57.28
CA GLN C 1395 -80.38 -45.86 57.05
C GLN C 1395 -79.79 -46.27 58.39
N PHE C 1396 -79.77 -47.58 58.66
CA PHE C 1396 -79.24 -48.11 59.90
C PHE C 1396 -78.18 -49.17 59.58
N LEU C 1397 -77.16 -49.25 60.43
CA LEU C 1397 -76.07 -50.19 60.27
C LEU C 1397 -75.97 -51.05 61.53
N TYR C 1398 -76.07 -52.36 61.35
CA TYR C 1398 -75.87 -53.34 62.41
C TYR C 1398 -74.44 -53.84 62.24
N ARG C 1399 -73.49 -53.27 62.99
CA ARG C 1399 -72.11 -53.68 62.88
C ARG C 1399 -71.96 -55.12 63.32
N GLY C 1400 -71.30 -55.93 62.51
CA GLY C 1400 -71.08 -57.32 62.82
C GLY C 1400 -70.97 -58.14 61.54
N GLU C 1401 -70.85 -59.45 61.73
CA GLU C 1401 -70.76 -60.41 60.64
C GLU C 1401 -72.07 -61.19 60.55
N TYR C 1402 -72.67 -61.18 59.36
CA TYR C 1402 -73.94 -61.85 59.13
C TYR C 1402 -73.87 -62.64 57.83
N ASN C 1403 -74.34 -63.88 57.88
CA ASN C 1403 -74.37 -64.77 56.72
C ASN C 1403 -75.78 -65.09 56.26
N ASP C 1404 -76.80 -64.43 56.83
CA ASP C 1404 -78.20 -64.71 56.47
C ASP C 1404 -78.57 -63.94 55.22
N TYR C 1405 -77.94 -64.33 54.12
CA TYR C 1405 -78.19 -63.68 52.83
C TYR C 1405 -79.60 -63.93 52.32
N CYS C 1406 -80.28 -64.99 52.81
CA CYS C 1406 -81.64 -65.26 52.37
C CYS C 1406 -82.60 -64.15 52.79
N ASN C 1407 -82.28 -63.43 53.86
CA ASN C 1407 -83.13 -62.36 54.37
C ASN C 1407 -82.76 -60.99 53.82
N THR C 1408 -81.73 -60.90 52.98
CA THR C 1408 -81.25 -59.63 52.46
C THR C 1408 -81.90 -59.34 51.11
N PHE C 1409 -82.20 -58.08 50.86
CA PHE C 1409 -82.79 -57.65 49.59
C PHE C 1409 -82.46 -56.19 49.37
N GLN C 1410 -82.57 -55.77 48.10
CA GLN C 1410 -82.32 -54.39 47.72
C GLN C 1410 -83.36 -53.95 46.71
N LYS C 1411 -83.92 -52.75 46.91
CA LYS C 1411 -84.81 -52.11 45.95
C LYS C 1411 -84.18 -50.78 45.56
N VAL C 1412 -83.59 -50.74 44.36
CA VAL C 1412 -82.91 -49.54 43.86
C VAL C 1412 -83.80 -48.89 42.82
N THR C 1413 -84.08 -47.61 43.00
CA THR C 1413 -84.79 -46.81 42.00
C THR C 1413 -83.74 -46.31 41.02
N GLU C 1414 -83.54 -47.06 39.95
CA GLU C 1414 -82.57 -46.67 38.93
C GLU C 1414 -82.97 -45.35 38.31
N THR C 1415 -81.98 -44.49 38.06
CA THR C 1415 -82.27 -43.22 37.46
C THR C 1415 -82.82 -43.45 36.05
N PRO C 1416 -83.85 -42.67 35.62
CA PRO C 1416 -84.21 -42.65 34.17
C PRO C 1416 -83.01 -42.31 33.27
N VAL C 1417 -82.80 -43.16 32.28
CA VAL C 1417 -81.69 -43.04 31.35
C VAL C 1417 -82.29 -42.74 29.98
N GLN C 1418 -81.68 -41.79 29.28
CA GLN C 1418 -82.12 -41.33 27.98
C GLN C 1418 -81.29 -41.99 26.89
N VAL C 1419 -81.96 -42.47 25.84
CA VAL C 1419 -81.27 -43.05 24.68
C VAL C 1419 -81.97 -42.56 23.42
N ALA C 1420 -81.16 -42.23 22.41
CA ALA C 1420 -81.65 -41.73 21.13
C ALA C 1420 -81.26 -42.70 20.02
N PHE C 1421 -82.17 -42.90 19.07
CA PHE C 1421 -81.97 -43.80 17.94
C PHE C 1421 -81.70 -42.96 16.69
N LYS C 1422 -80.44 -42.94 16.27
CA LYS C 1422 -80.04 -42.29 15.03
C LYS C 1422 -79.85 -43.28 13.89
N SER C 1423 -80.14 -44.56 14.11
CA SER C 1423 -80.01 -45.58 13.08
C SER C 1423 -80.87 -46.77 13.46
N ALA C 1424 -81.15 -47.61 12.46
CA ALA C 1424 -81.92 -48.84 12.69
C ALA C 1424 -81.14 -49.86 13.50
N LYS C 1425 -79.82 -49.68 13.62
CA LYS C 1425 -79.03 -50.59 14.45
C LYS C 1425 -79.48 -50.54 15.91
N ASP C 1426 -79.73 -49.34 16.43
CA ASP C 1426 -80.22 -49.22 17.80
C ASP C 1426 -81.58 -49.88 17.96
N LEU C 1427 -82.46 -49.70 16.98
CA LEU C 1427 -83.77 -50.33 17.03
C LEU C 1427 -83.66 -51.85 17.08
N ALA C 1428 -82.80 -52.41 16.21
CA ALA C 1428 -82.62 -53.86 16.20
C ALA C 1428 -82.03 -54.36 17.52
N VAL C 1429 -81.04 -53.64 18.05
CA VAL C 1429 -80.41 -54.04 19.30
C VAL C 1429 -81.42 -54.04 20.43
N LEU C 1430 -82.25 -53.00 20.51
CA LEU C 1430 -83.24 -52.93 21.58
C LEU C 1430 -84.32 -53.99 21.41
N ARG C 1431 -84.79 -54.21 20.18
CA ARG C 1431 -85.80 -55.23 19.96
C ARG C 1431 -85.27 -56.63 20.27
N SER C 1432 -83.95 -56.82 20.16
CA SER C 1432 -83.37 -58.09 20.56
C SER C 1432 -83.51 -58.35 22.05
N LYS C 1433 -83.68 -57.31 22.87
CA LYS C 1433 -83.79 -57.49 24.30
C LYS C 1433 -85.17 -58.05 24.67
N GLU C 1434 -85.17 -59.18 25.37
CA GLU C 1434 -86.41 -59.81 25.79
C GLU C 1434 -87.20 -58.96 26.79
N TRP C 1435 -86.57 -58.00 27.45
CA TRP C 1435 -87.21 -57.21 28.49
C TRP C 1435 -87.85 -55.93 27.96
N PHE C 1436 -87.79 -55.70 26.66
CA PHE C 1436 -88.26 -54.46 26.02
C PHE C 1436 -89.64 -54.72 25.43
N HIS C 1437 -90.67 -54.09 26.00
CA HIS C 1437 -92.07 -54.29 25.59
C HIS C 1437 -92.56 -52.94 25.08
N LEU C 1438 -92.43 -52.70 23.77
CA LEU C 1438 -92.70 -51.41 23.17
C LEU C 1438 -93.88 -51.42 22.21
N GLU C 1439 -93.82 -52.24 21.16
CA GLU C 1439 -94.86 -52.28 20.12
C GLU C 1439 -95.08 -50.90 19.49
N LYS C 1440 -94.01 -50.37 18.88
CA LYS C 1440 -94.13 -49.15 18.07
C LYS C 1440 -92.84 -48.96 17.30
N ASP C 1441 -92.89 -48.06 16.32
CA ASP C 1441 -91.72 -47.68 15.53
C ASP C 1441 -91.02 -46.49 16.19
N VAL C 1442 -89.70 -46.59 16.33
CA VAL C 1442 -88.92 -45.62 17.08
C VAL C 1442 -87.76 -45.07 16.25
N GLN C 1443 -87.94 -44.98 14.94
CA GLN C 1443 -86.94 -44.31 14.12
C GLN C 1443 -86.85 -42.85 14.54
N PHE C 1444 -85.63 -42.33 14.63
CA PHE C 1444 -85.36 -41.05 15.29
C PHE C 1444 -85.78 -41.26 16.75
N ASP C 1445 -86.56 -40.36 17.35
CA ASP C 1445 -87.18 -40.59 18.66
C ASP C 1445 -86.16 -40.70 19.79
N VAL C 1446 -86.59 -40.42 21.02
CA VAL C 1446 -85.73 -40.46 22.20
C VAL C 1446 -86.54 -41.07 23.34
N LEU C 1447 -86.09 -42.24 23.82
CA LEU C 1447 -86.77 -42.91 24.92
C LEU C 1447 -86.07 -42.61 26.24
N THR C 1448 -86.81 -42.82 27.34
CA THR C 1448 -86.36 -42.61 28.69
C THR C 1448 -86.87 -43.77 29.52
N PHE C 1449 -85.95 -44.48 30.19
CA PHE C 1449 -86.27 -45.72 30.90
C PHE C 1449 -86.30 -45.45 32.40
N ARG C 1450 -87.46 -45.07 32.91
CA ARG C 1450 -87.64 -44.87 34.34
C ARG C 1450 -87.79 -46.24 34.98
N CYS C 1451 -86.69 -46.78 35.48
CA CYS C 1451 -86.59 -48.17 35.91
C CYS C 1451 -86.36 -48.28 37.40
N GLU C 1452 -86.87 -49.35 38.00
CA GLU C 1452 -86.56 -49.75 39.37
C GLU C 1452 -86.09 -51.19 39.35
N SER C 1453 -85.11 -51.49 40.19
CA SER C 1453 -84.50 -52.82 40.26
C SER C 1453 -84.66 -53.36 41.67
N THR C 1454 -85.24 -54.56 41.78
CA THR C 1454 -85.36 -55.29 43.03
C THR C 1454 -84.37 -56.43 43.00
N TYR C 1455 -83.59 -56.59 44.06
CA TYR C 1455 -82.52 -57.56 44.12
C TYR C 1455 -82.76 -58.55 45.25
N LYS C 1456 -82.17 -59.74 45.10
CA LYS C 1456 -82.13 -60.76 46.12
C LYS C 1456 -80.78 -61.44 46.08
N PHE C 1457 -80.13 -61.54 47.23
CA PHE C 1457 -78.76 -62.03 47.33
C PHE C 1457 -78.77 -63.48 47.78
N LYS C 1458 -77.85 -64.27 47.24
CA LYS C 1458 -77.51 -65.57 47.79
C LYS C 1458 -76.16 -65.56 48.50
N SER C 1459 -75.25 -64.67 48.09
CA SER C 1459 -73.97 -64.49 48.73
C SER C 1459 -73.62 -63.01 48.65
N ALA C 1460 -72.37 -62.68 49.02
CA ALA C 1460 -71.95 -61.28 48.98
C ALA C 1460 -71.92 -60.73 47.56
N ASN C 1461 -71.45 -61.53 46.60
CA ASN C 1461 -71.19 -61.07 45.25
C ASN C 1461 -72.16 -61.61 44.21
N VAL C 1462 -72.97 -62.61 44.55
CA VAL C 1462 -73.89 -63.26 43.62
C VAL C 1462 -75.32 -62.95 44.05
N TYR C 1463 -76.16 -62.62 43.08
CA TYR C 1463 -77.54 -62.23 43.34
C TYR C 1463 -78.45 -63.44 43.18
N SER C 1464 -79.26 -63.71 44.21
CA SER C 1464 -80.20 -64.82 44.14
C SER C 1464 -81.23 -64.60 43.04
N SER C 1465 -81.72 -63.36 42.90
CA SER C 1465 -82.65 -63.06 41.82
C SER C 1465 -82.61 -61.55 41.55
N ILE C 1466 -83.03 -61.18 40.35
CA ILE C 1466 -83.09 -59.77 39.94
C ILE C 1466 -84.39 -59.56 39.19
N LYS C 1467 -85.09 -58.48 39.55
CA LYS C 1467 -86.36 -58.11 38.93
C LYS C 1467 -86.32 -56.62 38.64
N THR C 1468 -86.03 -56.27 37.39
CA THR C 1468 -85.93 -54.86 36.97
C THR C 1468 -87.10 -54.54 36.07
N THR C 1469 -87.95 -53.61 36.49
CA THR C 1469 -89.06 -53.19 35.66
C THR C 1469 -89.17 -51.68 35.68
N GLY C 1470 -89.71 -51.13 34.60
CA GLY C 1470 -89.72 -49.69 34.44
C GLY C 1470 -90.70 -49.24 33.38
N GLN C 1471 -90.99 -47.94 33.40
CA GLN C 1471 -91.77 -47.32 32.34
C GLN C 1471 -90.83 -46.82 31.24
N VAL C 1472 -91.11 -47.19 30.00
CA VAL C 1472 -90.38 -46.71 28.84
C VAL C 1472 -91.20 -45.57 28.26
N LEU C 1473 -90.77 -44.34 28.53
CA LEU C 1473 -91.42 -43.14 28.05
C LEU C 1473 -90.73 -42.68 26.77
N LEU C 1474 -91.51 -42.04 25.89
CA LEU C 1474 -90.99 -41.46 24.66
C LEU C 1474 -91.19 -39.96 24.73
N GLU C 1475 -90.17 -39.21 24.30
CA GLU C 1475 -90.28 -37.76 24.23
C GLU C 1475 -91.07 -37.35 23.01
N LEU C 1476 -92.22 -36.72 23.24
CA LEU C 1476 -93.07 -36.19 22.19
C LEU C 1476 -92.49 -34.88 21.66
N PRO C 1477 -92.99 -34.38 20.54
CA PRO C 1477 -92.53 -33.08 20.04
C PRO C 1477 -92.73 -31.94 21.03
N THR C 1478 -93.73 -32.05 21.91
CA THR C 1478 -94.00 -31.03 22.91
C THR C 1478 -93.10 -31.12 24.14
N LYS C 1479 -92.03 -31.92 24.10
CA LYS C 1479 -91.11 -32.13 25.21
C LYS C 1479 -91.72 -32.91 26.36
N GLU C 1480 -92.94 -33.40 26.22
CA GLU C 1480 -93.58 -34.26 27.21
C GLU C 1480 -93.05 -35.67 27.04
N VAL C 1481 -93.15 -36.47 28.10
CA VAL C 1481 -92.76 -37.87 28.07
C VAL C 1481 -94.00 -38.72 28.30
N ILE C 1482 -94.29 -39.61 27.37
CA ILE C 1482 -95.49 -40.45 27.44
C ILE C 1482 -95.07 -41.91 27.42
N GLN C 1483 -95.65 -42.70 28.32
CA GLN C 1483 -95.29 -44.12 28.43
C GLN C 1483 -95.72 -44.86 27.18
N VAL C 1484 -94.75 -45.19 26.32
CA VAL C 1484 -95.01 -45.99 25.13
C VAL C 1484 -94.74 -47.48 25.37
N GLY C 1485 -94.02 -47.82 26.43
CA GLY C 1485 -93.74 -49.22 26.68
C GLY C 1485 -93.30 -49.47 28.10
N SER C 1486 -92.78 -50.68 28.32
CA SER C 1486 -92.35 -51.09 29.64
C SER C 1486 -91.09 -51.94 29.55
N VAL C 1487 -90.27 -51.82 30.58
CA VAL C 1487 -89.15 -52.73 30.84
C VAL C 1487 -89.65 -53.78 31.82
N ASP C 1488 -89.40 -55.06 31.49
CA ASP C 1488 -89.75 -56.16 32.38
C ASP C 1488 -88.65 -57.22 32.23
N TYR C 1489 -87.81 -57.34 33.26
CA TYR C 1489 -86.69 -58.26 33.27
C TYR C 1489 -86.72 -59.04 34.58
N GLU C 1490 -86.62 -60.37 34.48
CA GLU C 1490 -86.59 -61.22 35.66
C GLU C 1490 -85.56 -62.33 35.43
N ALA C 1491 -84.74 -62.57 36.45
CA ALA C 1491 -83.70 -63.59 36.37
C ALA C 1491 -83.46 -64.18 37.74
N GLY C 1492 -83.00 -65.43 37.75
CA GLY C 1492 -82.64 -66.11 38.98
C GLY C 1492 -81.22 -65.80 39.38
N THR C 1493 -80.40 -66.84 39.60
CA THR C 1493 -79.01 -66.63 39.99
C THR C 1493 -78.30 -65.80 38.93
N SER C 1494 -77.94 -64.57 39.28
CA SER C 1494 -77.32 -63.63 38.36
C SER C 1494 -76.17 -62.92 39.06
N TYR C 1495 -75.24 -62.40 38.25
CA TYR C 1495 -74.05 -61.73 38.76
C TYR C 1495 -74.10 -60.22 38.53
N GLY C 1496 -75.18 -59.71 37.96
CA GLY C 1496 -75.31 -58.28 37.70
C GLY C 1496 -76.63 -58.02 37.01
N ASN C 1497 -76.85 -56.73 36.72
CA ASN C 1497 -78.08 -56.29 36.07
C ASN C 1497 -77.80 -55.94 34.61
N PRO C 1498 -78.12 -56.82 33.65
CA PRO C 1498 -77.84 -56.48 32.25
C PRO C 1498 -78.62 -55.27 31.77
N VAL C 1499 -79.83 -55.05 32.26
CA VAL C 1499 -80.61 -53.88 31.85
C VAL C 1499 -79.86 -52.61 32.22
N THR C 1500 -79.43 -52.51 33.48
CA THR C 1500 -78.71 -51.33 33.93
C THR C 1500 -77.37 -51.19 33.22
N ASP C 1501 -76.67 -52.30 33.00
CA ASP C 1501 -75.38 -52.24 32.31
C ASP C 1501 -75.54 -51.69 30.90
N TYR C 1502 -76.47 -52.26 30.14
CA TYR C 1502 -76.69 -51.80 28.77
C TYR C 1502 -77.16 -50.35 28.75
N LEU C 1503 -78.06 -49.99 29.66
CA LEU C 1503 -78.58 -48.63 29.68
C LEU C 1503 -77.46 -47.64 30.00
N SER C 1504 -76.60 -47.97 30.95
CA SER C 1504 -75.48 -47.09 31.28
C SER C 1504 -74.53 -46.95 30.10
N ARG C 1505 -74.29 -48.05 29.38
CA ARG C 1505 -73.32 -47.98 28.29
C ARG C 1505 -73.86 -47.22 27.09
N ASN C 1506 -75.15 -47.40 26.76
CA ASN C 1506 -75.70 -46.88 25.52
C ASN C 1506 -76.48 -45.58 25.67
N GLY C 1507 -77.10 -45.34 26.81
CA GLY C 1507 -77.85 -44.13 27.04
C GLY C 1507 -77.08 -43.11 27.87
N LYS C 1508 -77.77 -42.03 28.22
CA LYS C 1508 -77.22 -40.96 29.04
C LYS C 1508 -78.16 -40.71 30.22
N THR C 1509 -77.59 -40.59 31.42
CA THR C 1509 -78.40 -40.33 32.59
C THR C 1509 -78.94 -38.89 32.56
N ILE C 1510 -80.19 -38.73 32.98
CA ILE C 1510 -80.83 -37.41 32.92
C ILE C 1510 -80.12 -36.45 33.87
N GLU C 1511 -79.82 -36.90 35.09
CA GLU C 1511 -79.15 -36.08 36.09
C GLU C 1511 -79.96 -34.82 36.41
N GLU C 1512 -81.13 -35.06 37.03
CA GLU C 1512 -82.04 -33.99 37.38
C GLU C 1512 -81.35 -32.91 38.21
N SER C 1513 -80.48 -33.31 39.13
CA SER C 1513 -79.70 -32.34 39.88
C SER C 1513 -78.63 -31.72 38.97
N VAL C 1514 -78.56 -30.40 38.95
CA VAL C 1514 -77.65 -29.66 38.09
C VAL C 1514 -76.74 -28.81 38.97
N ILE C 1515 -75.43 -28.98 38.80
CA ILE C 1515 -74.43 -28.21 39.52
C ILE C 1515 -74.01 -27.04 38.63
N PHE C 1516 -74.09 -25.82 39.14
CA PHE C 1516 -73.73 -24.65 38.37
C PHE C 1516 -72.23 -24.38 38.55
N GLU C 1517 -71.75 -23.27 38.00
CA GLU C 1517 -70.32 -23.05 37.77
C GLU C 1517 -69.48 -23.17 39.05
N ASN C 1518 -69.70 -22.30 40.02
CA ASN C 1518 -68.91 -22.26 41.24
C ASN C 1518 -69.84 -22.24 42.45
N ALA C 1519 -69.46 -23.01 43.47
CA ALA C 1519 -70.24 -23.03 44.70
C ALA C 1519 -70.23 -21.65 45.35
N ILE C 1520 -71.39 -21.22 45.81
CA ILE C 1520 -71.57 -19.91 46.42
C ILE C 1520 -71.61 -20.11 47.93
N PRO C 1521 -70.60 -19.60 48.72
CA PRO C 1521 -70.79 -19.57 50.18
C PRO C 1521 -72.16 -19.07 50.63
N LEU C 1522 -72.75 -19.71 51.64
CA LEU C 1522 -74.11 -19.45 52.08
C LEU C 1522 -74.15 -19.30 53.59
N SER C 1523 -73.32 -18.38 54.08
CA SER C 1523 -73.12 -18.13 55.51
C SER C 1523 -72.23 -19.17 56.16
N SER C 1524 -71.26 -19.68 55.40
CA SER C 1524 -70.21 -20.53 55.96
C SER C 1524 -69.34 -19.68 56.88
N GLY C 1525 -69.56 -19.78 58.19
CA GLY C 1525 -68.82 -18.94 59.11
C GLY C 1525 -69.22 -19.18 60.55
N GLU C 1526 -68.72 -18.29 61.42
CA GLU C 1526 -68.89 -18.46 62.85
C GLU C 1526 -70.34 -18.32 63.29
N GLU C 1527 -71.11 -17.44 62.63
CA GLU C 1527 -72.53 -17.30 62.96
C GLU C 1527 -73.30 -18.58 62.74
N LEU C 1528 -72.77 -19.52 61.95
CA LEU C 1528 -73.38 -20.80 61.68
C LEU C 1528 -73.02 -21.87 62.71
N THR C 1529 -72.38 -21.49 63.81
CA THR C 1529 -72.00 -22.47 64.81
C THR C 1529 -73.23 -22.98 65.57
N SER C 1530 -73.28 -24.30 65.75
CA SER C 1530 -74.34 -24.95 66.50
C SER C 1530 -73.73 -25.73 67.65
N LYS C 1531 -74.35 -25.66 68.82
CA LYS C 1531 -73.83 -26.28 70.02
C LYS C 1531 -74.72 -27.43 70.44
N ALA C 1532 -74.14 -28.61 70.61
CA ALA C 1532 -74.88 -29.76 71.07
C ALA C 1532 -75.35 -29.52 72.50
N PRO C 1533 -76.48 -30.12 72.89
CA PRO C 1533 -77.07 -29.78 74.19
C PRO C 1533 -76.25 -30.34 75.34
N GLY C 1534 -76.41 -29.72 76.51
CA GLY C 1534 -75.74 -30.23 77.69
C GLY C 1534 -76.17 -31.63 78.05
N THR C 1535 -77.46 -31.92 77.89
CA THR C 1535 -78.02 -33.23 78.12
C THR C 1535 -78.95 -33.60 76.97
N ASN C 1536 -79.06 -34.91 76.72
CA ASN C 1536 -79.90 -35.43 75.65
C ASN C 1536 -81.29 -35.83 76.13
N GLU C 1537 -81.59 -35.65 77.42
CA GLU C 1537 -82.90 -35.98 77.95
C GLU C 1537 -84.03 -35.22 77.27
N PRO C 1538 -83.96 -33.90 77.06
CA PRO C 1538 -85.11 -33.22 76.43
C PRO C 1538 -85.42 -33.71 75.03
N TYR C 1539 -84.39 -33.88 74.19
CA TYR C 1539 -84.64 -34.41 72.86
C TYR C 1539 -85.16 -35.83 72.91
N ALA C 1540 -84.60 -36.66 73.80
CA ALA C 1540 -85.11 -38.02 73.92
C ALA C 1540 -86.58 -38.01 74.31
N ILE C 1541 -86.96 -37.16 75.25
CA ILE C 1541 -88.34 -37.12 75.72
C ILE C 1541 -89.25 -36.67 74.58
N VAL C 1542 -88.88 -35.60 73.88
CA VAL C 1542 -89.78 -35.02 72.89
C VAL C 1542 -89.89 -35.93 71.66
N SER C 1543 -88.77 -36.52 71.22
CA SER C 1543 -88.76 -37.31 70.00
C SER C 1543 -89.18 -38.76 70.23
N GLY C 1544 -89.17 -39.25 71.47
CA GLY C 1544 -89.50 -40.62 71.74
C GLY C 1544 -88.37 -41.60 71.51
N ASP C 1545 -87.21 -41.13 71.04
CA ASP C 1545 -86.04 -41.99 70.84
C ASP C 1545 -85.31 -42.09 72.17
N TYR C 1546 -85.62 -43.14 72.94
CA TYR C 1546 -85.05 -43.35 74.25
C TYR C 1546 -83.82 -44.26 74.19
N ASN C 1547 -83.06 -44.20 73.10
CA ASN C 1547 -81.87 -45.03 72.98
C ASN C 1547 -80.92 -44.70 74.13
N PRO C 1548 -80.55 -45.67 74.98
CA PRO C 1548 -79.75 -45.31 76.17
C PRO C 1548 -78.38 -44.74 75.84
N ILE C 1549 -77.83 -44.98 74.65
CA ILE C 1549 -76.49 -44.50 74.38
C ILE C 1549 -76.42 -42.97 74.40
N HIS C 1550 -77.57 -42.31 74.32
CA HIS C 1550 -77.61 -40.85 74.32
C HIS C 1550 -77.71 -40.27 75.73
N VAL C 1551 -78.37 -40.97 76.65
CA VAL C 1551 -78.73 -40.42 77.95
C VAL C 1551 -78.04 -41.16 79.09
N SER C 1552 -77.97 -42.48 79.02
CA SER C 1552 -77.40 -43.31 80.08
C SER C 1552 -75.90 -43.49 79.84
N ARG C 1553 -75.11 -43.13 80.85
CA ARG C 1553 -73.65 -43.31 80.77
C ARG C 1553 -73.28 -44.79 80.69
N VAL C 1554 -73.97 -45.64 81.46
CA VAL C 1554 -73.60 -47.05 81.54
C VAL C 1554 -73.74 -47.72 80.19
N PHE C 1555 -74.84 -47.46 79.48
CA PHE C 1555 -75.05 -48.12 78.20
C PHE C 1555 -74.05 -47.66 77.15
N ALA C 1556 -73.70 -46.37 77.15
CA ALA C 1556 -72.67 -45.90 76.23
C ALA C 1556 -71.33 -46.56 76.53
N ALA C 1557 -70.99 -46.68 77.81
CA ALA C 1557 -69.73 -47.33 78.17
C ALA C 1557 -69.74 -48.79 77.72
N TYR C 1558 -70.87 -49.48 77.90
CA TYR C 1558 -70.96 -50.86 77.43
C TYR C 1558 -70.84 -50.94 75.92
N ALA C 1559 -71.51 -50.04 75.19
CA ALA C 1559 -71.46 -50.02 73.75
C ALA C 1559 -70.11 -49.61 73.19
N LYS C 1560 -69.21 -49.09 74.04
CA LYS C 1560 -67.82 -48.77 73.74
C LYS C 1560 -67.72 -47.44 72.98
N LEU C 1561 -68.83 -46.81 72.63
CA LEU C 1561 -68.79 -45.50 72.01
C LEU C 1561 -68.42 -44.45 73.05
N PRO C 1562 -67.84 -43.31 72.62
CA PRO C 1562 -67.24 -42.36 73.59
C PRO C 1562 -68.26 -41.48 74.32
N GLY C 1563 -68.81 -42.01 75.40
CA GLY C 1563 -69.68 -41.23 76.25
C GLY C 1563 -71.09 -41.07 75.69
N THR C 1564 -71.90 -40.33 76.42
CA THR C 1564 -73.31 -40.14 76.07
C THR C 1564 -73.39 -39.15 74.92
N ILE C 1565 -73.03 -39.64 73.72
CA ILE C 1565 -73.05 -38.79 72.54
C ILE C 1565 -74.46 -38.31 72.25
N THR C 1566 -74.56 -37.16 71.59
CA THR C 1566 -75.86 -36.57 71.28
C THR C 1566 -76.55 -37.34 70.16
N HIS C 1567 -77.87 -37.17 70.09
CA HIS C 1567 -78.64 -37.81 69.04
C HIS C 1567 -78.20 -37.30 67.67
N GLY C 1568 -77.95 -38.24 66.76
CA GLY C 1568 -77.74 -37.85 65.37
C GLY C 1568 -78.94 -37.13 64.81
N MET C 1569 -80.15 -37.51 65.23
CA MET C 1569 -81.34 -36.79 64.81
C MET C 1569 -81.40 -35.39 65.43
N TYR C 1570 -80.94 -35.24 66.68
CA TYR C 1570 -80.81 -33.88 67.21
C TYR C 1570 -79.88 -33.05 66.33
N SER C 1571 -78.73 -33.61 65.95
CA SER C 1571 -77.86 -32.88 65.05
C SER C 1571 -78.61 -32.50 63.78
N SER C 1572 -79.13 -33.49 63.06
CA SER C 1572 -79.78 -33.25 61.78
C SER C 1572 -80.82 -32.14 61.89
N ALA C 1573 -81.63 -32.17 62.94
CA ALA C 1573 -82.62 -31.12 63.13
C ALA C 1573 -81.97 -29.78 63.47
N SER C 1574 -80.86 -29.80 64.23
CA SER C 1574 -80.24 -28.55 64.68
C SER C 1574 -79.56 -27.81 63.53
N ILE C 1575 -78.97 -28.55 62.59
CA ILE C 1575 -78.42 -27.92 61.39
C ILE C 1575 -79.47 -27.69 60.30
N ARG C 1576 -80.56 -28.48 60.26
CA ARG C 1576 -81.66 -28.09 59.39
C ARG C 1576 -82.33 -26.83 59.89
N ALA C 1577 -82.25 -26.56 61.20
CA ALA C 1577 -82.67 -25.27 61.72
C ALA C 1577 -81.82 -24.15 61.12
N LEU C 1578 -80.50 -24.36 61.04
CA LEU C 1578 -79.65 -23.36 60.41
C LEU C 1578 -80.00 -23.20 58.94
N VAL C 1579 -80.32 -24.29 58.25
CA VAL C 1579 -80.72 -24.19 56.84
C VAL C 1579 -82.00 -23.37 56.72
N GLU C 1580 -83.02 -23.73 57.51
CA GLU C 1580 -84.30 -23.02 57.48
C GLU C 1580 -84.16 -21.55 57.88
N GLU C 1581 -83.17 -21.22 58.72
CA GLU C 1581 -82.99 -19.85 59.16
C GLU C 1581 -82.20 -19.05 58.13
N TRP C 1582 -81.02 -19.53 57.73
CA TRP C 1582 -80.17 -18.73 56.85
C TRP C 1582 -80.50 -18.93 55.37
N ALA C 1583 -80.63 -20.18 54.93
CA ALA C 1583 -80.85 -20.44 53.52
C ALA C 1583 -82.22 -19.96 53.07
N ALA C 1584 -83.22 -20.15 53.93
CA ALA C 1584 -84.53 -19.54 53.74
C ALA C 1584 -84.58 -18.22 54.51
N ASN C 1585 -85.76 -17.65 54.67
CA ASN C 1585 -85.98 -16.40 55.40
C ASN C 1585 -87.03 -16.62 56.47
N ASN C 1586 -86.86 -17.69 57.26
CA ASN C 1586 -87.89 -18.18 58.19
C ASN C 1586 -89.17 -18.55 57.44
N VAL C 1587 -89.05 -18.85 56.15
CA VAL C 1587 -90.18 -19.15 55.31
C VAL C 1587 -90.36 -20.67 55.28
N ALA C 1588 -91.52 -21.13 55.73
CA ALA C 1588 -91.81 -22.55 55.78
C ALA C 1588 -92.14 -23.14 54.41
N ALA C 1589 -92.40 -22.30 53.41
CA ALA C 1589 -92.62 -22.81 52.05
C ALA C 1589 -91.36 -23.44 51.45
N ARG C 1590 -90.18 -23.11 51.98
CA ARG C 1590 -88.93 -23.61 51.44
C ARG C 1590 -88.53 -24.97 52.03
N VAL C 1591 -89.27 -25.49 53.00
CA VAL C 1591 -88.92 -26.76 53.63
C VAL C 1591 -89.23 -27.87 52.64
N ARG C 1592 -88.17 -28.49 52.12
CA ARG C 1592 -88.30 -29.56 51.13
C ARG C 1592 -87.17 -30.55 51.40
N ALA C 1593 -86.91 -31.43 50.43
CA ALA C 1593 -86.05 -32.58 50.62
C ALA C 1593 -84.73 -32.23 51.26
N PHE C 1594 -84.50 -32.77 52.46
CA PHE C 1594 -83.31 -32.51 53.27
C PHE C 1594 -82.65 -33.85 53.55
N LYS C 1595 -81.58 -34.14 52.81
CA LYS C 1595 -80.80 -35.35 53.03
C LYS C 1595 -79.70 -35.03 54.03
N CYS C 1596 -79.35 -36.00 54.86
CA CYS C 1596 -78.29 -35.81 55.86
C CYS C 1596 -77.68 -37.16 56.19
N ASP C 1597 -76.37 -37.17 56.40
CA ASP C 1597 -75.64 -38.36 56.84
C ASP C 1597 -74.87 -38.01 58.10
N PHE C 1598 -74.89 -38.94 59.05
CA PHE C 1598 -74.17 -38.83 60.31
C PHE C 1598 -72.82 -39.53 60.13
N VAL C 1599 -71.90 -38.83 59.45
CA VAL C 1599 -70.62 -39.45 59.11
C VAL C 1599 -69.78 -39.66 60.35
N GLY C 1600 -69.78 -38.68 61.26
CA GLY C 1600 -68.96 -38.74 62.46
C GLY C 1600 -69.77 -38.95 63.72
N MET C 1601 -69.39 -38.26 64.79
CA MET C 1601 -70.04 -38.41 66.08
C MET C 1601 -69.82 -37.14 66.89
N VAL C 1602 -70.81 -36.79 67.72
CA VAL C 1602 -70.83 -35.52 68.44
C VAL C 1602 -71.10 -35.79 69.92
N LEU C 1603 -70.29 -35.17 70.78
CA LEU C 1603 -70.46 -35.22 72.22
C LEU C 1603 -71.36 -34.10 72.70
N PRO C 1604 -71.95 -34.21 73.89
CA PRO C 1604 -72.67 -33.07 74.46
C PRO C 1604 -71.73 -31.90 74.74
N ASN C 1605 -72.29 -30.68 74.71
CA ASN C 1605 -71.53 -29.46 74.93
C ASN C 1605 -70.40 -29.31 73.92
N ASP C 1606 -70.65 -29.77 72.69
CA ASP C 1606 -69.66 -29.70 71.61
C ASP C 1606 -70.09 -28.63 70.63
N THR C 1607 -69.16 -27.75 70.26
CA THR C 1607 -69.43 -26.67 69.33
C THR C 1607 -69.03 -27.11 67.92
N LEU C 1608 -69.94 -26.96 66.97
CA LEU C 1608 -69.79 -27.48 65.63
C LEU C 1608 -69.90 -26.32 64.65
N GLN C 1609 -68.89 -26.18 63.79
CA GLN C 1609 -68.86 -25.12 62.79
C GLN C 1609 -69.50 -25.66 61.51
N THR C 1610 -70.79 -25.38 61.35
CA THR C 1610 -71.47 -25.74 60.12
C THR C 1610 -71.00 -24.86 58.97
N THR C 1611 -70.99 -25.43 57.78
CA THR C 1611 -70.70 -24.72 56.54
C THR C 1611 -71.69 -25.20 55.49
N MET C 1612 -72.34 -24.26 54.80
CA MET C 1612 -73.19 -24.62 53.67
C MET C 1612 -72.96 -23.65 52.52
N GLU C 1613 -73.08 -24.17 51.31
CA GLU C 1613 -72.88 -23.39 50.10
C GLU C 1613 -73.84 -23.88 49.03
N HIS C 1614 -74.43 -22.93 48.33
CA HIS C 1614 -75.26 -23.26 47.17
C HIS C 1614 -74.39 -23.81 46.06
N VAL C 1615 -74.57 -25.09 45.74
CA VAL C 1615 -73.74 -25.77 44.76
C VAL C 1615 -74.48 -26.02 43.45
N GLY C 1616 -75.77 -26.33 43.52
CA GLY C 1616 -76.51 -26.74 42.33
C GLY C 1616 -77.98 -26.42 42.34
N MET C 1617 -78.75 -27.16 41.55
CA MET C 1617 -80.17 -26.87 41.37
C MET C 1617 -80.87 -28.14 40.86
N ILE C 1618 -82.09 -28.34 41.33
CA ILE C 1618 -82.89 -29.50 40.95
C ILE C 1618 -84.35 -29.08 40.78
N ASN C 1619 -84.79 -28.91 39.54
CA ASN C 1619 -86.19 -28.64 39.23
C ASN C 1619 -86.70 -27.40 39.98
N GLY C 1620 -85.86 -26.37 40.01
CA GLY C 1620 -86.22 -25.11 40.65
C GLY C 1620 -85.85 -25.02 42.11
N ARG C 1621 -85.61 -26.14 42.79
CA ARG C 1621 -85.18 -26.13 44.18
C ARG C 1621 -83.67 -25.99 44.23
N LYS C 1622 -83.18 -25.24 45.20
CA LYS C 1622 -81.75 -24.94 45.31
C LYS C 1622 -81.09 -26.04 46.12
N ILE C 1623 -80.20 -26.80 45.49
CA ILE C 1623 -79.45 -27.85 46.18
C ILE C 1623 -78.30 -27.19 46.93
N ILE C 1624 -78.25 -27.40 48.24
CA ILE C 1624 -77.26 -26.79 49.11
C ILE C 1624 -76.59 -27.91 49.90
N LYS C 1625 -75.28 -28.03 49.75
CA LYS C 1625 -74.52 -28.92 50.62
C LYS C 1625 -74.52 -28.34 52.03
N VAL C 1626 -74.76 -29.18 53.03
CA VAL C 1626 -74.59 -28.83 54.42
C VAL C 1626 -73.55 -29.77 55.01
N GLU C 1627 -72.48 -29.19 55.55
CA GLU C 1627 -71.39 -29.95 56.14
C GLU C 1627 -71.10 -29.36 57.51
N THR C 1628 -71.06 -30.21 58.52
CA THR C 1628 -70.83 -29.81 59.91
C THR C 1628 -69.58 -30.51 60.42
N ARG C 1629 -68.63 -29.72 60.91
CA ARG C 1629 -67.37 -30.21 61.45
C ARG C 1629 -67.20 -29.66 62.86
N ASN C 1630 -66.89 -30.54 63.80
CA ASN C 1630 -66.69 -30.10 65.18
C ASN C 1630 -65.54 -29.10 65.26
N VAL C 1631 -65.76 -28.02 66.01
CA VAL C 1631 -64.76 -26.95 66.09
C VAL C 1631 -63.47 -27.46 66.72
N GLU C 1632 -63.58 -28.26 67.79
CA GLU C 1632 -62.39 -28.67 68.53
C GLU C 1632 -61.47 -29.52 67.67
N THR C 1633 -62.03 -30.39 66.84
CA THR C 1633 -61.25 -31.36 66.08
C THR C 1633 -61.33 -31.19 64.57
N GLU C 1634 -62.38 -30.55 64.06
CA GLU C 1634 -62.47 -30.18 62.64
C GLU C 1634 -62.59 -31.43 61.75
N LEU C 1635 -63.43 -32.37 62.18
CA LEU C 1635 -63.77 -33.55 61.40
C LEU C 1635 -65.24 -33.49 61.00
N PRO C 1636 -65.62 -33.66 59.71
CA PRO C 1636 -67.06 -33.64 59.37
C PRO C 1636 -67.87 -34.64 60.19
N VAL C 1637 -68.84 -34.15 60.95
CA VAL C 1637 -69.74 -35.05 61.67
C VAL C 1637 -71.04 -35.26 60.91
N LEU C 1638 -71.53 -34.23 60.22
CA LEU C 1638 -72.73 -34.32 59.41
C LEU C 1638 -72.44 -33.81 58.01
N ILE C 1639 -72.89 -34.55 57.00
CA ILE C 1639 -72.80 -34.11 55.60
C ILE C 1639 -74.14 -34.32 54.94
N GLY C 1640 -74.66 -33.30 54.26
CA GLY C 1640 -76.03 -33.39 53.80
C GLY C 1640 -76.28 -32.50 52.60
N GLU C 1641 -77.49 -32.63 52.07
CA GLU C 1641 -78.02 -31.79 51.00
C GLU C 1641 -79.32 -31.17 51.49
N ALA C 1642 -79.60 -29.96 51.05
CA ALA C 1642 -80.85 -29.28 51.35
C ALA C 1642 -81.45 -28.77 50.05
N GLU C 1643 -82.77 -28.91 49.89
CA GLU C 1643 -83.49 -28.38 48.75
C GLU C 1643 -84.49 -27.35 49.24
N ILE C 1644 -84.25 -26.08 48.92
CA ILE C 1644 -85.11 -24.97 49.30
C ILE C 1644 -85.66 -24.33 48.03
N GLU C 1645 -86.94 -23.99 48.05
CA GLU C 1645 -87.53 -23.29 46.93
C GLU C 1645 -86.92 -21.90 46.77
N GLN C 1646 -86.88 -21.43 45.54
CA GLN C 1646 -86.54 -20.05 45.29
C GLN C 1646 -87.68 -19.16 45.75
N PRO C 1647 -87.43 -17.85 45.90
CA PRO C 1647 -88.54 -16.95 46.23
C PRO C 1647 -89.63 -17.01 45.16
N THR C 1648 -90.86 -16.78 45.59
CA THR C 1648 -92.02 -16.90 44.72
C THR C 1648 -91.82 -16.12 43.42
N THR C 1649 -91.82 -16.85 42.30
CA THR C 1649 -91.31 -16.35 41.04
C THR C 1649 -92.39 -16.39 39.96
N THR C 1650 -92.35 -15.39 39.08
CA THR C 1650 -93.10 -15.40 37.84
C THR C 1650 -92.15 -15.15 36.68
N TYR C 1651 -92.35 -15.91 35.61
CA TYR C 1651 -91.54 -15.80 34.40
C TYR C 1651 -92.35 -15.00 33.38
N VAL C 1652 -92.11 -13.70 33.34
CA VAL C 1652 -92.80 -12.81 32.41
C VAL C 1652 -92.08 -12.84 31.07
N PHE C 1653 -92.85 -12.75 30.00
CA PHE C 1653 -92.33 -12.90 28.64
C PHE C 1653 -92.57 -11.62 27.83
N THR C 1654 -91.52 -11.23 27.10
CA THR C 1654 -91.48 -9.94 26.45
C THR C 1654 -92.33 -9.92 25.17
N GLY C 1655 -92.91 -8.76 24.89
CA GLY C 1655 -93.67 -8.54 23.67
C GLY C 1655 -92.83 -7.89 22.60
N GLN C 1656 -93.50 -7.53 21.51
CA GLN C 1656 -92.81 -7.02 20.33
C GLN C 1656 -92.16 -5.68 20.62
N GLY C 1657 -91.24 -5.29 19.73
CA GLY C 1657 -90.57 -4.01 19.78
C GLY C 1657 -89.17 -4.04 20.34
N SER C 1658 -88.80 -5.10 21.06
CA SER C 1658 -87.47 -5.21 21.66
C SER C 1658 -86.49 -5.97 20.78
N GLN C 1659 -86.90 -6.40 19.58
CA GLN C 1659 -86.05 -7.23 18.74
C GLN C 1659 -84.76 -6.50 18.36
N GLU C 1660 -83.66 -7.24 18.32
CA GLU C 1660 -82.36 -6.71 17.94
C GLU C 1660 -81.62 -7.77 17.14
N GLN C 1661 -80.69 -7.31 16.30
CA GLN C 1661 -79.91 -8.21 15.48
C GLN C 1661 -78.99 -9.05 16.36
N GLY C 1662 -78.89 -10.34 16.04
CA GLY C 1662 -78.03 -11.23 16.79
C GLY C 1662 -78.53 -11.55 18.18
N MET C 1663 -79.83 -11.42 18.43
CA MET C 1663 -80.36 -11.69 19.76
C MET C 1663 -80.35 -13.18 20.05
N GLY C 1664 -79.95 -13.55 21.26
CA GLY C 1664 -79.89 -14.94 21.66
C GLY C 1664 -78.72 -15.70 21.11
N MET C 1665 -77.84 -15.06 20.32
CA MET C 1665 -76.74 -15.79 19.73
C MET C 1665 -75.76 -16.29 20.77
N GLU C 1666 -75.31 -15.44 21.70
CA GLU C 1666 -74.36 -15.87 22.72
C GLU C 1666 -74.84 -17.13 23.41
N LEU C 1667 -76.13 -17.20 23.74
CA LEU C 1667 -76.68 -18.43 24.29
C LEU C 1667 -76.68 -19.55 23.25
N TYR C 1668 -76.88 -19.22 21.98
CA TYR C 1668 -76.84 -20.26 20.95
C TYR C 1668 -75.44 -20.90 20.87
N ASN C 1669 -74.38 -20.10 20.92
CA ASN C 1669 -73.04 -20.67 20.98
C ASN C 1669 -72.79 -21.43 22.28
N SER C 1670 -73.25 -20.93 23.43
CA SER C 1670 -72.86 -21.54 24.70
C SER C 1670 -73.67 -22.78 25.05
N SER C 1671 -74.99 -22.66 25.15
CA SER C 1671 -75.80 -23.70 25.78
C SER C 1671 -76.37 -24.66 24.74
N GLU C 1672 -76.18 -25.96 24.97
CA GLU C 1672 -76.58 -26.98 24.00
C GLU C 1672 -78.09 -27.00 23.80
N VAL C 1673 -78.86 -26.79 24.86
CA VAL C 1673 -80.31 -26.85 24.74
C VAL C 1673 -80.82 -25.69 23.90
N ALA C 1674 -80.20 -24.52 24.01
CA ALA C 1674 -80.53 -23.41 23.12
C ALA C 1674 -80.17 -23.75 21.67
N ARG C 1675 -79.04 -24.43 21.46
CA ARG C 1675 -78.74 -24.95 20.13
C ARG C 1675 -79.87 -25.84 19.63
N GLU C 1676 -80.37 -26.74 20.47
CA GLU C 1676 -81.42 -27.64 20.03
C GLU C 1676 -82.67 -26.87 19.64
N VAL C 1677 -83.08 -25.91 20.48
CA VAL C 1677 -84.30 -25.15 20.20
C VAL C 1677 -84.14 -24.39 18.89
N TRP C 1678 -83.06 -23.61 18.78
CA TRP C 1678 -82.87 -22.77 17.60
C TRP C 1678 -82.72 -23.60 16.35
N ASP C 1679 -82.00 -24.72 16.43
CA ASP C 1679 -81.80 -25.56 15.25
C ASP C 1679 -83.10 -26.22 14.82
N LYS C 1680 -83.89 -26.73 15.77
CA LYS C 1680 -85.15 -27.34 15.40
C LYS C 1680 -86.05 -26.33 14.70
N ALA C 1681 -86.16 -25.13 15.28
CA ALA C 1681 -86.96 -24.09 14.64
C ALA C 1681 -86.43 -23.71 13.27
N ASP C 1682 -85.13 -23.45 13.17
CA ASP C 1682 -84.55 -23.00 11.91
C ASP C 1682 -84.70 -24.04 10.81
N ARG C 1683 -84.45 -25.30 11.13
CA ARG C 1683 -84.54 -26.37 10.15
C ARG C 1683 -85.97 -26.55 9.69
N HIS C 1684 -86.94 -26.45 10.60
CA HIS C 1684 -88.34 -26.43 10.17
C HIS C 1684 -88.59 -25.28 9.22
N PHE C 1685 -88.04 -24.10 9.51
CA PHE C 1685 -88.25 -22.94 8.65
C PHE C 1685 -87.68 -23.18 7.25
N VAL C 1686 -86.46 -23.70 7.16
CA VAL C 1686 -85.88 -23.93 5.84
C VAL C 1686 -86.67 -25.00 5.09
N ASN C 1687 -87.07 -26.06 5.79
CA ASN C 1687 -87.75 -27.15 5.09
C ASN C 1687 -89.13 -26.73 4.60
N ASN C 1688 -89.85 -25.91 5.37
CA ASN C 1688 -91.23 -25.60 5.05
C ASN C 1688 -91.37 -24.30 4.24
N TYR C 1689 -90.74 -23.22 4.70
CA TYR C 1689 -90.90 -21.91 4.08
C TYR C 1689 -89.71 -21.48 3.23
N GLY C 1690 -88.58 -22.18 3.32
CA GLY C 1690 -87.46 -21.89 2.45
C GLY C 1690 -86.56 -20.75 2.89
N PHE C 1691 -86.55 -20.43 4.19
CA PHE C 1691 -85.63 -19.41 4.71
C PHE C 1691 -85.11 -19.85 6.07
N SER C 1692 -84.02 -19.21 6.49
CA SER C 1692 -83.36 -19.51 7.75
C SER C 1692 -83.62 -18.38 8.74
N ILE C 1693 -84.35 -18.69 9.81
CA ILE C 1693 -84.60 -17.69 10.85
C ILE C 1693 -83.31 -17.32 11.54
N LEU C 1694 -82.38 -18.28 11.70
CA LEU C 1694 -81.08 -17.95 12.24
C LEU C 1694 -80.35 -16.97 11.34
N ASP C 1695 -80.43 -17.16 10.02
CA ASP C 1695 -79.83 -16.21 9.09
C ASP C 1695 -80.46 -14.84 9.23
N ILE C 1696 -81.78 -14.77 9.34
CA ILE C 1696 -82.46 -13.48 9.45
C ILE C 1696 -82.04 -12.77 10.73
N VAL C 1697 -81.98 -13.51 11.84
CA VAL C 1697 -81.61 -12.90 13.12
C VAL C 1697 -80.15 -12.43 13.09
N GLN C 1698 -79.26 -13.28 12.58
CA GLN C 1698 -77.84 -12.95 12.61
C GLN C 1698 -77.50 -11.80 11.68
N ASN C 1699 -78.04 -11.82 10.46
CA ASN C 1699 -77.67 -10.85 9.43
C ASN C 1699 -78.70 -9.74 9.26
N ASN C 1700 -79.98 -10.01 9.51
CA ASN C 1700 -81.04 -9.03 9.32
C ASN C 1700 -81.00 -8.49 7.89
N PRO C 1701 -81.12 -9.36 6.89
CA PRO C 1701 -81.01 -8.89 5.50
C PRO C 1701 -82.14 -7.96 5.12
N ASN C 1702 -81.80 -6.93 4.33
CA ASN C 1702 -82.83 -6.02 3.83
C ASN C 1702 -83.79 -6.73 2.89
N GLU C 1703 -83.27 -7.60 2.02
CA GLU C 1703 -84.06 -8.34 1.06
C GLU C 1703 -83.81 -9.84 1.25
N LEU C 1704 -84.85 -10.62 0.96
CA LEU C 1704 -84.75 -12.07 1.05
C LEU C 1704 -85.66 -12.68 -0.01
N THR C 1705 -85.05 -13.39 -0.96
CA THR C 1705 -85.78 -14.03 -2.05
C THR C 1705 -85.89 -15.53 -1.75
N ILE C 1706 -87.13 -16.00 -1.60
CA ILE C 1706 -87.43 -17.42 -1.54
C ILE C 1706 -87.68 -17.88 -2.97
N HIS C 1707 -86.95 -18.90 -3.41
CA HIS C 1707 -87.09 -19.42 -4.76
C HIS C 1707 -87.96 -20.68 -4.70
N PHE C 1708 -88.45 -21.11 -5.86
CA PHE C 1708 -89.37 -22.24 -5.95
C PHE C 1708 -88.98 -23.21 -7.07
N GLY C 1709 -87.69 -23.51 -7.17
CA GLY C 1709 -87.21 -24.48 -8.14
C GLY C 1709 -86.97 -25.84 -7.50
N GLY C 1710 -87.31 -26.89 -8.24
CA GLY C 1710 -87.19 -28.25 -7.75
C GLY C 1710 -88.37 -28.63 -6.87
N ALA C 1711 -88.45 -29.93 -6.57
CA ALA C 1711 -89.62 -30.45 -5.85
C ALA C 1711 -89.78 -29.79 -4.49
N LYS C 1712 -88.67 -29.54 -3.79
CA LYS C 1712 -88.74 -28.81 -2.53
C LYS C 1712 -89.26 -27.40 -2.77
N GLY C 1713 -88.86 -26.77 -3.87
CA GLY C 1713 -89.41 -25.47 -4.21
C GLY C 1713 -90.90 -25.51 -4.44
N ARG C 1714 -91.39 -26.56 -5.08
CA ARG C 1714 -92.82 -26.69 -5.31
C ARG C 1714 -93.56 -26.88 -3.99
N ALA C 1715 -93.00 -27.68 -3.08
CA ALA C 1715 -93.63 -27.85 -1.77
C ALA C 1715 -93.68 -26.53 -1.00
N ILE C 1716 -92.58 -25.77 -1.03
CA ILE C 1716 -92.55 -24.49 -0.32
C ILE C 1716 -93.55 -23.52 -0.94
N ARG C 1717 -93.61 -23.48 -2.28
CA ARG C 1717 -94.60 -22.65 -2.95
C ARG C 1717 -96.01 -23.08 -2.59
N ASP C 1718 -96.26 -24.38 -2.45
CA ASP C 1718 -97.57 -24.85 -2.04
C ASP C 1718 -97.91 -24.35 -0.64
N ASN C 1719 -96.94 -24.37 0.27
CA ASN C 1719 -97.18 -23.82 1.60
C ASN C 1719 -97.54 -22.35 1.53
N TYR C 1720 -96.78 -21.57 0.75
CA TYR C 1720 -97.06 -20.15 0.61
C TYR C 1720 -98.44 -19.91 0.01
N ILE C 1721 -98.82 -20.73 -0.98
CA ILE C 1721 -100.12 -20.57 -1.63
C ILE C 1721 -101.24 -20.93 -0.66
N GLY C 1722 -101.09 -22.02 0.08
CA GLY C 1722 -102.10 -22.47 1.02
C GLY C 1722 -102.28 -21.54 2.20
N MET C 1723 -101.27 -20.76 2.55
CA MET C 1723 -101.46 -19.72 3.57
C MET C 1723 -102.59 -18.79 3.13
N MET C 1724 -103.64 -18.71 3.94
CA MET C 1724 -104.83 -17.92 3.63
C MET C 1724 -105.18 -17.00 4.79
N PHE C 1725 -105.67 -15.81 4.45
CA PHE C 1725 -106.23 -14.86 5.42
C PHE C 1725 -107.75 -15.00 5.36
N GLU C 1726 -108.29 -15.75 6.32
CA GLU C 1726 -109.73 -15.87 6.46
C GLU C 1726 -110.26 -14.79 7.38
N THR C 1727 -111.42 -14.24 7.04
CA THR C 1727 -112.02 -13.16 7.81
C THR C 1727 -113.53 -13.17 7.61
N ILE C 1728 -114.21 -12.28 8.32
CA ILE C 1728 -115.66 -12.13 8.21
C ILE C 1728 -116.02 -10.66 8.02
N LEU C 1734 -117.97 -14.93 4.87
CA LEU C 1734 -116.61 -15.31 5.23
C LEU C 1734 -115.69 -15.20 4.00
N LYS C 1735 -114.78 -14.22 4.05
CA LYS C 1735 -113.83 -14.01 2.97
C LYS C 1735 -112.57 -14.82 3.20
N SER C 1736 -111.95 -15.25 2.09
CA SER C 1736 -110.80 -16.14 2.10
C SER C 1736 -109.69 -15.58 1.21
N GLU C 1737 -109.41 -14.29 1.33
CA GLU C 1737 -108.35 -13.68 0.54
C GLU C 1737 -106.99 -14.24 0.95
N LYS C 1738 -106.14 -14.49 -0.05
CA LYS C 1738 -104.85 -15.13 0.19
C LYS C 1738 -103.82 -14.11 0.65
N ILE C 1739 -102.90 -14.56 1.52
CA ILE C 1739 -101.85 -13.68 2.02
C ILE C 1739 -100.91 -13.29 0.88
N PHE C 1740 -100.44 -14.26 0.10
CA PHE C 1740 -99.54 -14.03 -1.03
C PHE C 1740 -100.38 -14.17 -2.31
N LYS C 1741 -101.04 -13.08 -2.69
CA LYS C 1741 -101.80 -13.08 -3.93
C LYS C 1741 -100.91 -13.13 -5.16
N ASP C 1742 -99.63 -12.77 -5.02
CA ASP C 1742 -98.71 -12.74 -6.15
C ASP C 1742 -97.91 -14.03 -6.31
N ILE C 1743 -98.23 -15.07 -5.54
CA ILE C 1743 -97.62 -16.38 -5.69
C ILE C 1743 -98.67 -17.30 -6.30
N ASP C 1744 -98.31 -17.95 -7.40
CA ASP C 1744 -99.17 -18.93 -8.07
C ASP C 1744 -98.30 -20.07 -8.55
N GLU C 1745 -98.88 -20.97 -9.34
CA GLU C 1745 -98.14 -22.12 -9.85
C GLU C 1745 -97.01 -21.70 -10.79
N THR C 1746 -97.13 -20.55 -11.44
CA THR C 1746 -96.16 -20.11 -12.44
C THR C 1746 -95.06 -19.23 -11.85
N THR C 1747 -95.06 -18.97 -10.55
CA THR C 1747 -94.07 -18.09 -9.95
C THR C 1747 -92.83 -18.87 -9.53
N THR C 1748 -91.67 -18.37 -9.93
CA THR C 1748 -90.40 -19.01 -9.61
C THR C 1748 -89.76 -18.45 -8.34
N SER C 1749 -90.25 -17.32 -7.82
CA SER C 1749 -89.69 -16.79 -6.58
C SER C 1749 -90.63 -15.74 -6.00
N TYR C 1750 -90.37 -15.41 -4.73
CA TYR C 1750 -91.05 -14.35 -4.00
C TYR C 1750 -90.01 -13.62 -3.16
N THR C 1751 -90.07 -12.29 -3.15
CA THR C 1751 -89.10 -11.47 -2.45
C THR C 1751 -89.79 -10.73 -1.31
N PHE C 1752 -89.26 -10.88 -0.10
CA PHE C 1752 -89.67 -10.08 1.04
C PHE C 1752 -88.93 -8.74 1.00
N VAL C 1753 -89.65 -7.66 1.27
CA VAL C 1753 -89.13 -6.30 1.17
C VAL C 1753 -89.26 -5.62 2.51
N SER C 1754 -88.19 -4.97 2.96
CA SER C 1754 -88.16 -4.19 4.18
C SER C 1754 -87.42 -2.89 3.90
N PRO C 1755 -87.67 -1.84 4.70
CA PRO C 1755 -86.93 -0.59 4.45
C PRO C 1755 -85.48 -0.66 4.89
N THR C 1756 -85.21 -1.25 6.06
CA THR C 1756 -83.86 -1.32 6.63
C THR C 1756 -83.43 -2.75 6.95
N GLY C 1757 -84.36 -3.58 7.40
CA GLY C 1757 -84.04 -4.96 7.72
C GLY C 1757 -85.26 -5.83 7.89
N LEU C 1758 -85.17 -7.10 7.50
CA LEU C 1758 -86.30 -7.99 7.60
C LEU C 1758 -86.58 -8.46 9.01
N LEU C 1759 -85.58 -8.37 9.90
CA LEU C 1759 -85.80 -8.72 11.30
C LEU C 1759 -86.85 -7.83 11.95
N SER C 1760 -87.02 -6.60 11.44
CA SER C 1760 -88.06 -5.71 11.92
C SER C 1760 -89.43 -6.06 11.36
N ALA C 1761 -89.51 -6.89 10.33
CA ALA C 1761 -90.80 -7.28 9.78
C ALA C 1761 -91.58 -8.13 10.77
N THR C 1762 -92.90 -7.98 10.74
CA THR C 1762 -93.75 -8.69 11.70
C THR C 1762 -93.62 -10.21 11.54
N GLN C 1763 -93.54 -10.70 10.30
CA GLN C 1763 -93.51 -12.14 10.09
C GLN C 1763 -92.22 -12.78 10.58
N PHE C 1764 -91.12 -12.03 10.58
CA PHE C 1764 -89.83 -12.53 11.04
C PHE C 1764 -89.49 -12.07 12.45
N THR C 1765 -90.00 -10.92 12.88
CA THR C 1765 -89.80 -10.46 14.24
C THR C 1765 -90.45 -11.41 15.24
N GLN C 1766 -91.69 -11.78 14.99
CA GLN C 1766 -92.43 -12.59 15.97
C GLN C 1766 -91.82 -13.95 16.18
N PRO C 1767 -91.55 -14.76 15.13
CA PRO C 1767 -90.85 -16.02 15.38
C PRO C 1767 -89.48 -15.84 16.03
N ALA C 1768 -88.73 -14.81 15.63
CA ALA C 1768 -87.39 -14.61 16.19
C ALA C 1768 -87.48 -14.30 17.68
N LEU C 1769 -88.40 -13.43 18.08
CA LEU C 1769 -88.53 -13.08 19.48
C LEU C 1769 -89.07 -14.24 20.30
N THR C 1770 -90.13 -14.89 19.79
CA THR C 1770 -90.66 -16.08 20.46
C THR C 1770 -89.57 -17.13 20.64
N LEU C 1771 -88.69 -17.27 19.65
CA LEU C 1771 -87.67 -18.31 19.72
C LEU C 1771 -86.54 -17.92 20.66
N MET C 1772 -86.15 -16.65 20.69
CA MET C 1772 -85.13 -16.25 21.65
C MET C 1772 -85.64 -16.46 23.07
N GLU C 1773 -86.91 -16.15 23.32
CA GLU C 1773 -87.48 -16.35 24.65
C GLU C 1773 -87.58 -17.84 24.97
N LYS C 1774 -88.05 -18.65 24.02
CA LYS C 1774 -88.16 -20.08 24.24
C LYS C 1774 -86.80 -20.71 24.49
N ALA C 1775 -85.78 -20.30 23.73
CA ALA C 1775 -84.45 -20.87 23.90
C ALA C 1775 -83.85 -20.47 25.24
N ALA C 1776 -84.01 -19.21 25.65
CA ALA C 1776 -83.53 -18.79 26.96
C ALA C 1776 -84.23 -19.57 28.06
N TYR C 1777 -85.55 -19.73 27.96
CA TYR C 1777 -86.27 -20.46 28.99
C TYR C 1777 -85.90 -21.93 28.98
N GLU C 1778 -85.59 -22.50 27.82
CA GLU C 1778 -85.25 -23.92 27.75
C GLU C 1778 -83.85 -24.17 28.32
N ASP C 1779 -82.92 -23.25 28.08
CA ASP C 1779 -81.62 -23.36 28.75
C ASP C 1779 -81.77 -23.21 30.26
N ILE C 1780 -82.64 -22.29 30.68
CA ILE C 1780 -82.93 -22.13 32.11
C ILE C 1780 -83.52 -23.44 32.66
N LYS C 1781 -84.41 -24.07 31.89
CA LYS C 1781 -84.96 -25.37 32.30
C LYS C 1781 -83.87 -26.41 32.43
N SER C 1782 -82.94 -26.45 31.46
CA SER C 1782 -81.85 -27.40 31.52
C SER C 1782 -80.99 -27.18 32.75
N LYS C 1783 -80.87 -25.93 33.19
CA LYS C 1783 -80.16 -25.63 34.43
C LYS C 1783 -81.04 -25.81 35.67
N GLY C 1784 -82.34 -26.00 35.49
CA GLY C 1784 -83.21 -26.37 36.60
C GLY C 1784 -83.68 -25.22 37.46
N LEU C 1785 -83.75 -24.01 36.91
CA LEU C 1785 -84.12 -22.81 37.67
C LEU C 1785 -85.61 -22.50 37.59
N ILE C 1786 -86.45 -23.51 37.42
CA ILE C 1786 -87.90 -23.34 37.28
C ILE C 1786 -88.57 -23.98 38.50
N PRO C 1787 -88.99 -23.16 39.48
CA PRO C 1787 -89.82 -23.72 40.56
C PRO C 1787 -91.10 -24.31 40.00
N SER C 1788 -91.58 -25.37 40.65
CA SER C 1788 -92.76 -26.07 40.16
C SER C 1788 -94.00 -25.18 40.17
N ASP C 1789 -94.15 -24.33 41.19
CA ASP C 1789 -95.33 -23.51 41.38
C ASP C 1789 -95.15 -22.09 40.88
N ILE C 1790 -94.41 -21.92 39.78
CA ILE C 1790 -94.16 -20.58 39.25
C ILE C 1790 -95.47 -19.96 38.76
N MET C 1791 -95.43 -18.65 38.53
CA MET C 1791 -96.42 -17.96 37.73
C MET C 1791 -95.81 -17.59 36.39
N PHE C 1792 -96.65 -17.22 35.44
CA PHE C 1792 -96.11 -16.73 34.18
C PHE C 1792 -97.16 -15.96 33.42
N ALA C 1793 -96.71 -14.95 32.70
CA ALA C 1793 -97.55 -14.13 31.84
C ALA C 1793 -96.66 -13.61 30.72
N GLY C 1794 -97.26 -12.88 29.79
CA GLY C 1794 -96.49 -12.32 28.70
C GLY C 1794 -97.25 -11.23 28.01
N HIS C 1795 -96.48 -10.33 27.38
CA HIS C 1795 -97.03 -9.16 26.72
C HIS C 1795 -97.21 -9.48 25.24
N SER C 1796 -98.45 -9.56 24.79
CA SER C 1796 -98.78 -9.79 23.39
C SER C 1796 -98.16 -11.09 22.88
N LEU C 1797 -97.01 -11.01 22.21
CA LEU C 1797 -96.33 -12.20 21.71
C LEU C 1797 -95.69 -12.98 22.85
N GLY C 1798 -95.30 -12.27 23.91
CA GLY C 1798 -94.74 -12.94 25.06
C GLY C 1798 -95.70 -13.95 25.66
N GLU C 1799 -97.01 -13.73 25.50
CA GLU C 1799 -97.98 -14.70 26.03
C GLU C 1799 -97.84 -16.05 25.33
N TYR C 1800 -97.76 -16.04 24.00
CA TYR C 1800 -97.56 -17.27 23.26
C TYR C 1800 -96.23 -17.90 23.61
N SER C 1801 -95.18 -17.08 23.71
CA SER C 1801 -93.87 -17.60 24.08
C SER C 1801 -93.91 -18.24 25.47
N ALA C 1802 -94.61 -17.61 26.42
CA ALA C 1802 -94.69 -18.12 27.77
C ALA C 1802 -95.44 -19.44 27.81
N LEU C 1803 -96.55 -19.53 27.09
CA LEU C 1803 -97.32 -20.77 27.08
C LEU C 1803 -96.52 -21.90 26.47
N SER C 1804 -95.78 -21.62 25.40
CA SER C 1804 -94.93 -22.66 24.83
C SER C 1804 -93.80 -23.03 25.78
N SER C 1805 -93.25 -22.07 26.51
CA SER C 1805 -92.08 -22.32 27.34
C SER C 1805 -92.43 -23.06 28.63
N LEU C 1806 -93.57 -22.76 29.24
CA LEU C 1806 -93.95 -23.31 30.54
C LEU C 1806 -94.96 -24.44 30.43
N ALA C 1807 -96.07 -24.22 29.72
CA ALA C 1807 -97.07 -25.26 29.54
C ALA C 1807 -96.72 -26.24 28.44
N ASN C 1808 -95.82 -25.88 27.52
CA ASN C 1808 -95.43 -26.75 26.42
C ASN C 1808 -96.65 -27.21 25.62
N VAL C 1809 -97.56 -26.27 25.34
CA VAL C 1809 -98.77 -26.60 24.60
C VAL C 1809 -98.46 -26.95 23.14
N MET C 1810 -97.30 -26.53 22.63
CA MET C 1810 -96.90 -26.78 21.25
C MET C 1810 -95.46 -27.25 21.19
N PRO C 1811 -95.07 -27.95 20.13
CA PRO C 1811 -93.65 -28.14 19.83
C PRO C 1811 -93.06 -26.86 19.24
N ILE C 1812 -91.73 -26.87 19.10
CA ILE C 1812 -91.05 -25.70 18.53
C ILE C 1812 -91.51 -25.45 17.11
N GLU C 1813 -91.64 -26.53 16.32
CA GLU C 1813 -92.03 -26.38 14.92
C GLU C 1813 -93.41 -25.74 14.79
N SER C 1814 -94.39 -26.26 15.53
CA SER C 1814 -95.73 -25.68 15.49
C SER C 1814 -95.74 -24.26 16.02
N LEU C 1815 -94.98 -23.98 17.08
CA LEU C 1815 -94.92 -22.62 17.62
C LEU C 1815 -94.42 -21.63 16.58
N VAL C 1816 -93.30 -21.95 15.94
CA VAL C 1816 -92.75 -21.03 14.96
C VAL C 1816 -93.68 -20.92 13.75
N ASP C 1817 -94.32 -22.03 13.37
CA ASP C 1817 -95.23 -22.00 12.24
C ASP C 1817 -96.40 -21.06 12.52
N VAL C 1818 -97.01 -21.17 13.71
CA VAL C 1818 -98.18 -20.35 14.00
C VAL C 1818 -97.79 -18.88 14.15
N VAL C 1819 -96.68 -18.60 14.82
CA VAL C 1819 -96.32 -17.19 14.99
C VAL C 1819 -95.95 -16.56 13.65
N PHE C 1820 -95.29 -17.32 12.77
CA PHE C 1820 -95.00 -16.81 11.42
C PHE C 1820 -96.28 -16.60 10.63
N TYR C 1821 -97.21 -17.56 10.71
CA TYR C 1821 -98.48 -17.43 10.01
C TYR C 1821 -99.21 -16.17 10.44
N ARG C 1822 -99.27 -15.92 11.74
CA ARG C 1822 -100.00 -14.75 12.23
C ARG C 1822 -99.23 -13.46 12.03
N GLY C 1823 -97.90 -13.52 11.95
CA GLY C 1823 -97.16 -12.33 11.55
C GLY C 1823 -97.48 -11.90 10.13
N MET C 1824 -97.49 -12.87 9.19
CA MET C 1824 -97.93 -12.55 7.84
C MET C 1824 -99.39 -12.10 7.81
N THR C 1825 -100.24 -12.74 8.61
CA THR C 1825 -101.63 -12.36 8.66
C THR C 1825 -101.79 -10.91 9.12
N MET C 1826 -101.01 -10.51 10.14
CA MET C 1826 -101.05 -9.13 10.60
C MET C 1826 -100.47 -8.19 9.56
N GLN C 1827 -99.48 -8.64 8.80
CA GLN C 1827 -98.95 -7.82 7.72
C GLN C 1827 -100.03 -7.51 6.69
N VAL C 1828 -100.82 -8.52 6.30
CA VAL C 1828 -101.87 -8.31 5.30
C VAL C 1828 -103.18 -7.83 5.91
N ALA C 1829 -103.27 -7.71 7.24
CA ALA C 1829 -104.50 -7.28 7.89
C ALA C 1829 -104.89 -5.85 7.53
N VAL C 1830 -103.92 -4.97 7.33
CA VAL C 1830 -104.17 -3.54 7.11
C VAL C 1830 -104.02 -3.26 5.63
N PRO C 1831 -105.00 -2.63 4.97
CA PRO C 1831 -104.78 -2.21 3.57
C PRO C 1831 -103.64 -1.21 3.47
N ARG C 1832 -102.59 -1.61 2.76
CA ARG C 1832 -101.40 -0.78 2.61
C ARG C 1832 -101.48 0.04 1.32
N ASP C 1833 -100.62 1.04 1.24
CA ASP C 1833 -100.52 1.88 0.05
C ASP C 1833 -99.62 1.20 -0.98
N GLU C 1834 -99.26 1.92 -2.03
CA GLU C 1834 -98.39 1.37 -3.06
C GLU C 1834 -96.99 1.08 -2.54
N LEU C 1835 -96.55 1.76 -1.48
CA LEU C 1835 -95.23 1.59 -0.90
C LEU C 1835 -95.28 0.82 0.42
N GLY C 1836 -96.31 0.00 0.62
CA GLY C 1836 -96.43 -0.75 1.84
C GLY C 1836 -96.63 0.11 3.07
N ARG C 1837 -97.37 1.22 2.91
CA ARG C 1837 -97.67 2.14 4.01
C ARG C 1837 -99.17 2.17 4.22
N SER C 1838 -99.60 1.96 5.46
CA SER C 1838 -101.01 1.94 5.83
C SER C 1838 -101.34 3.17 6.69
N ASN C 1839 -102.63 3.34 6.97
CA ASN C 1839 -103.13 4.45 7.76
C ASN C 1839 -103.36 4.06 9.21
N TYR C 1840 -102.54 3.17 9.75
CA TYR C 1840 -102.69 2.68 11.12
C TYR C 1840 -101.32 2.63 11.79
N GLY C 1841 -101.32 2.75 13.11
CA GLY C 1841 -100.09 2.77 13.86
C GLY C 1841 -100.37 2.74 15.35
N MET C 1842 -99.31 2.83 16.14
CA MET C 1842 -99.39 2.75 17.60
C MET C 1842 -98.57 3.85 18.26
N VAL C 1843 -99.11 4.40 19.34
CA VAL C 1843 -98.48 5.48 20.08
C VAL C 1843 -98.58 5.19 21.57
N ALA C 1844 -97.46 5.39 22.29
CA ALA C 1844 -97.42 5.19 23.74
C ALA C 1844 -97.52 6.54 24.43
N VAL C 1845 -98.50 6.68 25.31
CA VAL C 1845 -98.86 7.95 25.91
C VAL C 1845 -98.67 7.87 27.43
N ASN C 1846 -98.63 9.04 28.06
CA ASN C 1846 -98.35 9.16 29.49
C ASN C 1846 -99.29 10.20 30.10
N PRO C 1847 -100.37 9.79 30.77
CA PRO C 1847 -101.25 10.77 31.41
C PRO C 1847 -100.55 11.68 32.40
N SER C 1848 -99.56 11.16 33.14
CA SER C 1848 -98.83 12.01 34.07
C SER C 1848 -98.07 13.09 33.34
N ARG C 1849 -97.51 12.77 32.17
CA ARG C 1849 -96.82 13.79 31.38
C ARG C 1849 -97.81 14.81 30.82
N VAL C 1850 -99.03 14.37 30.51
CA VAL C 1850 -100.06 15.35 30.16
C VAL C 1850 -100.31 16.28 31.34
N SER C 1851 -100.54 15.72 32.51
CA SER C 1851 -100.65 16.46 33.77
C SER C 1851 -100.81 15.48 34.92
N ALA C 1852 -100.55 15.94 36.15
CA ALA C 1852 -100.71 15.06 37.31
C ALA C 1852 -102.16 14.64 37.48
N THR C 1853 -103.10 15.52 37.12
CA THR C 1853 -104.52 15.19 37.27
C THR C 1853 -104.96 14.16 36.23
N PHE C 1854 -104.44 14.25 35.01
CA PHE C 1854 -104.84 13.33 33.95
C PHE C 1854 -104.47 11.91 34.32
N ASP C 1855 -105.48 11.04 34.40
CA ASP C 1855 -105.32 9.66 34.83
C ASP C 1855 -105.76 8.71 33.73
N ASP C 1856 -105.80 7.42 34.06
CA ASP C 1856 -106.23 6.42 33.10
C ASP C 1856 -107.67 6.65 32.65
N SER C 1857 -108.55 7.02 33.58
CA SER C 1857 -109.94 7.29 33.23
C SER C 1857 -110.05 8.47 32.28
N ALA C 1858 -109.30 9.54 32.55
CA ALA C 1858 -109.35 10.71 31.67
C ALA C 1858 -108.81 10.38 30.29
N LEU C 1859 -107.70 9.64 30.22
CA LEU C 1859 -107.16 9.24 28.93
C LEU C 1859 -108.15 8.37 28.18
N ARG C 1860 -108.80 7.43 28.87
CA ARG C 1860 -109.80 6.60 28.22
C ARG C 1860 -110.92 7.47 27.65
N PHE C 1861 -111.51 8.32 28.49
CA PHE C 1861 -112.61 9.19 28.05
C PHE C 1861 -112.21 9.98 26.80
N VAL C 1862 -111.02 10.58 26.81
CA VAL C 1862 -110.55 11.28 25.63
C VAL C 1862 -110.47 10.35 24.42
N VAL C 1863 -110.02 9.10 24.62
CA VAL C 1863 -109.86 8.16 23.52
C VAL C 1863 -111.21 7.83 22.88
N ASP C 1864 -112.17 7.39 23.70
CA ASP C 1864 -113.47 7.02 23.14
C ASP C 1864 -114.18 8.22 22.56
N GLU C 1865 -114.03 9.40 23.16
CA GLU C 1865 -114.71 10.57 22.59
C GLU C 1865 -114.09 10.99 21.28
N VAL C 1866 -112.76 10.89 21.14
CA VAL C 1866 -112.14 11.15 19.85
C VAL C 1866 -112.67 10.18 18.80
N ALA C 1867 -112.70 8.88 19.16
CA ALA C 1867 -113.13 7.87 18.21
C ALA C 1867 -114.58 8.10 17.79
N ASN C 1868 -115.45 8.42 18.75
CA ASN C 1868 -116.86 8.63 18.43
C ASN C 1868 -117.07 9.90 17.63
N LYS C 1869 -116.40 10.99 18.00
CA LYS C 1869 -116.60 12.26 17.31
C LYS C 1869 -116.13 12.19 15.87
N THR C 1870 -114.96 11.60 15.63
CA THR C 1870 -114.40 11.56 14.28
C THR C 1870 -114.78 10.31 13.49
N LYS C 1871 -115.50 9.37 14.10
CA LYS C 1871 -115.94 8.16 13.42
C LYS C 1871 -114.76 7.35 12.88
N TRP C 1872 -113.63 7.42 13.59
CA TRP C 1872 -112.40 6.72 13.22
C TRP C 1872 -112.00 5.77 14.34
N LEU C 1873 -111.37 4.67 13.95
CA LEU C 1873 -110.89 3.69 14.92
C LEU C 1873 -109.80 4.32 15.78
N LEU C 1874 -109.99 4.28 17.09
CA LEU C 1874 -108.98 4.77 18.04
C LEU C 1874 -109.31 4.19 19.40
N GLU C 1875 -108.43 3.34 19.91
CA GLU C 1875 -108.66 2.67 21.19
C GLU C 1875 -107.34 2.55 21.94
N ILE C 1876 -107.46 2.27 23.24
CA ILE C 1876 -106.30 1.94 24.06
C ILE C 1876 -106.06 0.45 23.94
N VAL C 1877 -104.91 0.07 23.40
CA VAL C 1877 -104.60 -1.33 23.15
C VAL C 1877 -103.94 -1.98 24.37
N ASN C 1878 -103.00 -1.29 25.01
CA ASN C 1878 -102.28 -1.82 26.16
C ASN C 1878 -102.49 -0.93 27.37
N TYR C 1879 -102.93 -1.54 28.47
CA TYR C 1879 -103.04 -0.87 29.76
C TYR C 1879 -101.81 -1.24 30.58
N ASN C 1880 -100.71 -0.56 30.31
CA ASN C 1880 -99.45 -0.80 30.99
C ASN C 1880 -99.48 -0.13 32.36
N VAL C 1881 -98.31 0.04 32.98
CA VAL C 1881 -98.13 0.67 34.29
C VAL C 1881 -99.03 1.90 34.40
N GLU C 1882 -99.74 2.02 35.51
CA GLU C 1882 -100.79 3.01 35.63
C GLU C 1882 -100.22 4.43 35.63
N ASN C 1883 -100.90 5.32 34.93
CA ASN C 1883 -100.59 6.74 34.86
C ASN C 1883 -99.19 7.04 34.30
N GLN C 1884 -98.53 6.05 33.70
CA GLN C 1884 -97.18 6.26 33.17
C GLN C 1884 -97.05 5.77 31.72
N GLN C 1885 -97.75 4.70 31.36
CA GLN C 1885 -97.64 4.12 30.03
C GLN C 1885 -99.00 3.58 29.61
N TYR C 1886 -99.46 4.01 28.43
CA TYR C 1886 -100.65 3.43 27.81
C TYR C 1886 -100.48 3.49 26.31
N VAL C 1887 -100.50 2.33 25.66
CA VAL C 1887 -100.36 2.23 24.21
C VAL C 1887 -101.76 2.35 23.61
N ALA C 1888 -101.86 3.08 22.50
CA ALA C 1888 -103.11 3.28 21.79
C ALA C 1888 -102.89 3.02 20.31
N ALA C 1889 -103.92 2.48 19.66
CA ALA C 1889 -103.87 2.12 18.25
C ALA C 1889 -105.16 2.53 17.56
N GLY C 1890 -105.06 2.81 16.27
CA GLY C 1890 -106.20 3.21 15.49
C GLY C 1890 -105.75 3.81 14.18
N ASP C 1891 -106.71 4.44 13.49
CA ASP C 1891 -106.40 5.17 12.28
C ASP C 1891 -105.36 6.24 12.58
N LEU C 1892 -104.41 6.40 11.66
CA LEU C 1892 -103.31 7.34 11.91
C LEU C 1892 -103.82 8.76 12.07
N ARG C 1893 -104.90 9.12 11.36
CA ARG C 1893 -105.54 10.41 11.58
C ARG C 1893 -105.97 10.54 13.03
N ALA C 1894 -106.62 9.51 13.58
CA ALA C 1894 -107.10 9.57 14.95
C ALA C 1894 -105.95 9.56 15.95
N LEU C 1895 -104.85 8.87 15.62
CA LEU C 1895 -103.70 8.86 16.51
C LEU C 1895 -103.05 10.24 16.59
N ASP C 1896 -102.90 10.90 15.44
CA ASP C 1896 -102.42 12.29 15.44
C ASP C 1896 -103.41 13.20 16.17
N THR C 1897 -104.71 12.92 16.01
CA THR C 1897 -105.72 13.70 16.70
C THR C 1897 -105.57 13.59 18.21
N LEU C 1898 -105.37 12.37 18.70
CA LEU C 1898 -105.15 12.16 20.12
C LEU C 1898 -103.86 12.86 20.58
N THR C 1899 -102.81 12.78 19.77
CA THR C 1899 -101.56 13.48 20.09
C THR C 1899 -101.82 14.97 20.35
N ASN C 1900 -102.49 15.63 19.40
CA ASN C 1900 -102.68 17.06 19.54
C ASN C 1900 -103.69 17.40 20.63
N VAL C 1901 -104.69 16.54 20.85
CA VAL C 1901 -105.64 16.78 21.94
C VAL C 1901 -104.92 16.74 23.29
N LEU C 1902 -104.07 15.74 23.49
CA LEU C 1902 -103.33 15.65 24.74
C LEU C 1902 -102.33 16.79 24.86
N ASN C 1903 -101.75 17.25 23.74
CA ASN C 1903 -100.87 18.41 23.81
C ASN C 1903 -101.65 19.67 24.21
N VAL C 1904 -102.86 19.84 23.68
CA VAL C 1904 -103.70 20.97 24.06
C VAL C 1904 -104.00 20.91 25.55
N LEU C 1905 -104.34 19.73 26.06
CA LEU C 1905 -104.57 19.60 27.50
C LEU C 1905 -103.30 19.93 28.29
N LYS C 1906 -102.14 19.46 27.80
CA LYS C 1906 -100.88 19.72 28.48
C LYS C 1906 -100.63 21.22 28.63
N ILE C 1907 -100.83 21.98 27.54
CA ILE C 1907 -100.51 23.40 27.58
C ILE C 1907 -101.59 24.19 28.31
N ASN C 1908 -102.87 23.95 27.98
CA ASN C 1908 -103.94 24.73 28.57
C ASN C 1908 -104.14 24.42 30.05
N LYS C 1909 -103.71 23.24 30.50
CA LYS C 1909 -103.84 22.85 31.91
C LYS C 1909 -105.30 22.74 32.32
N ILE C 1910 -106.06 21.94 31.55
CA ILE C 1910 -107.47 21.69 31.81
C ILE C 1910 -107.63 20.20 32.12
N ASP C 1911 -108.36 19.89 33.19
CA ASP C 1911 -108.49 18.54 33.70
C ASP C 1911 -109.90 18.01 33.45
N ILE C 1912 -109.98 16.80 32.89
CA ILE C 1912 -111.26 16.19 32.56
C ILE C 1912 -112.07 15.97 33.82
N VAL C 1913 -111.42 15.52 34.90
CA VAL C 1913 -112.14 15.28 36.15
C VAL C 1913 -112.65 16.60 36.72
N LYS C 1914 -111.87 17.67 36.58
CA LYS C 1914 -112.33 18.99 37.02
C LYS C 1914 -113.56 19.43 36.23
N LEU C 1915 -113.57 19.20 34.92
CA LEU C 1915 -114.76 19.50 34.15
C LEU C 1915 -115.95 18.65 34.61
N GLN C 1916 -115.72 17.35 34.85
CA GLN C 1916 -116.77 16.49 35.37
C GLN C 1916 -117.34 17.02 36.68
N GLU C 1917 -116.50 17.60 37.53
CA GLU C 1917 -116.96 18.16 38.79
C GLU C 1917 -117.74 19.45 38.60
N GLN C 1918 -117.25 20.36 37.74
CA GLN C 1918 -117.80 21.70 37.66
C GLN C 1918 -118.88 21.88 36.59
N MET C 1919 -119.17 20.87 35.79
CA MET C 1919 -120.30 20.94 34.87
C MET C 1919 -120.75 19.52 34.51
N SER C 1920 -121.94 19.44 33.94
CA SER C 1920 -122.55 18.15 33.65
C SER C 1920 -121.76 17.40 32.58
N ILE C 1921 -121.99 16.08 32.52
CA ILE C 1921 -121.22 15.22 31.63
C ILE C 1921 -121.47 15.61 30.18
N GLU C 1922 -122.68 16.09 29.87
CA GLU C 1922 -122.96 16.57 28.52
C GLU C 1922 -122.09 17.77 28.18
N LYS C 1923 -121.91 18.69 29.12
CA LYS C 1923 -121.07 19.86 28.86
C LYS C 1923 -119.60 19.46 28.75
N VAL C 1924 -119.17 18.47 29.55
CA VAL C 1924 -117.81 17.95 29.40
C VAL C 1924 -117.62 17.37 28.01
N LYS C 1925 -118.60 16.59 27.54
CA LYS C 1925 -118.56 16.08 26.18
C LYS C 1925 -118.47 17.20 25.18
N GLU C 1926 -119.25 18.27 25.37
CA GLU C 1926 -119.24 19.37 24.41
C GLU C 1926 -117.87 20.05 24.35
N HIS C 1927 -117.25 20.29 25.50
CA HIS C 1927 -115.94 20.91 25.52
C HIS C 1927 -114.91 20.04 24.79
N LEU C 1928 -114.86 18.75 25.15
CA LEU C 1928 -113.91 17.87 24.49
C LEU C 1928 -114.21 17.72 23.02
N TYR C 1929 -115.49 17.81 22.63
CA TYR C 1929 -115.84 17.76 21.22
C TYR C 1929 -115.36 19.00 20.48
N GLU C 1930 -115.41 20.16 21.13
CA GLU C 1930 -114.83 21.35 20.51
C GLU C 1930 -113.34 21.14 20.24
N ILE C 1931 -112.60 20.65 21.24
CA ILE C 1931 -111.17 20.40 21.05
C ILE C 1931 -110.95 19.39 19.93
N VAL C 1932 -111.71 18.28 19.97
CA VAL C 1932 -111.54 17.21 19.01
C VAL C 1932 -111.90 17.67 17.60
N ASP C 1933 -112.90 18.54 17.48
CA ASP C 1933 -113.29 19.02 16.17
C ASP C 1933 -112.23 19.94 15.58
N GLU C 1934 -111.66 20.83 16.40
CA GLU C 1934 -110.52 21.61 15.92
C GLU C 1934 -109.41 20.70 15.41
N VAL C 1935 -109.03 19.71 16.23
CA VAL C 1935 -107.91 18.87 15.85
C VAL C 1935 -108.25 18.00 14.64
N ALA C 1936 -109.51 17.58 14.51
CA ALA C 1936 -109.89 16.74 13.38
C ALA C 1936 -109.87 17.53 12.09
N ALA C 1937 -110.38 18.78 12.12
CA ALA C 1937 -110.27 19.64 10.95
C ALA C 1937 -108.82 19.85 10.57
N LYS C 1938 -107.93 19.94 11.56
CA LYS C 1938 -106.50 19.99 11.25
C LYS C 1938 -106.01 18.68 10.64
N SER C 1939 -106.50 17.55 11.15
CA SER C 1939 -106.02 16.24 10.69
C SER C 1939 -106.44 15.97 9.26
N LEU C 1940 -107.54 16.57 8.81
CA LEU C 1940 -107.94 16.41 7.41
C LEU C 1940 -106.82 16.85 6.46
N ALA C 1941 -106.08 17.89 6.84
CA ALA C 1941 -105.00 18.37 5.99
C ALA C 1941 -103.88 17.34 5.87
N LYS C 1942 -103.57 16.63 6.96
CA LYS C 1942 -102.49 15.66 6.99
C LYS C 1942 -102.74 14.55 5.95
N PRO C 1943 -101.97 14.45 4.87
CA PRO C 1943 -102.28 13.45 3.85
C PRO C 1943 -101.77 12.07 4.22
N GLN C 1944 -102.41 11.06 3.62
CA GLN C 1944 -102.05 9.68 3.88
C GLN C 1944 -100.78 9.32 3.11
N PRO C 1945 -99.78 8.66 3.73
CA PRO C 1945 -99.67 8.28 5.15
C PRO C 1945 -99.22 9.46 6.00
N ILE C 1946 -99.58 9.46 7.29
CA ILE C 1946 -99.26 10.56 8.19
C ILE C 1946 -98.07 10.13 9.05
N ASP C 1947 -96.99 10.89 8.98
CA ASP C 1947 -95.82 10.64 9.82
C ASP C 1947 -96.05 11.35 11.15
N LEU C 1948 -96.34 10.58 12.20
CA LEU C 1948 -96.72 11.15 13.48
C LEU C 1948 -95.57 11.94 14.09
N GLU C 1949 -95.92 13.04 14.74
CA GLU C 1949 -94.96 13.91 15.42
C GLU C 1949 -95.00 13.62 16.91
N ARG C 1950 -93.83 13.45 17.51
CA ARG C 1950 -93.75 13.19 18.94
C ARG C 1950 -94.28 14.38 19.72
N GLY C 1951 -95.29 14.13 20.55
CA GLY C 1951 -95.88 15.15 21.40
C GLY C 1951 -95.23 15.21 22.76
N PHE C 1952 -95.93 15.83 23.70
CA PHE C 1952 -95.41 15.95 25.05
C PHE C 1952 -95.50 14.61 25.79
N ALA C 1953 -96.70 14.05 25.87
CA ALA C 1953 -96.92 12.77 26.53
C ALA C 1953 -96.85 11.58 25.58
N VAL C 1954 -97.09 11.79 24.29
CA VAL C 1954 -97.21 10.71 23.33
C VAL C 1954 -95.89 10.55 22.57
N ILE C 1955 -95.45 9.30 22.43
CA ILE C 1955 -94.27 8.94 21.65
C ILE C 1955 -94.73 7.91 20.61
N PRO C 1956 -94.37 8.04 19.33
CA PRO C 1956 -94.82 7.04 18.36
C PRO C 1956 -93.96 5.78 18.44
N LEU C 1957 -94.62 4.62 18.35
CA LEU C 1957 -93.91 3.34 18.31
C LEU C 1957 -93.60 3.04 16.85
N LYS C 1958 -92.40 3.44 16.42
CA LYS C 1958 -92.02 3.34 15.02
C LYS C 1958 -91.89 1.87 14.61
N GLY C 1959 -92.07 1.62 13.31
CA GLY C 1959 -91.95 0.29 12.77
C GLY C 1959 -93.17 -0.59 12.94
N ILE C 1960 -94.28 -0.04 13.43
CA ILE C 1960 -95.51 -0.78 13.65
C ILE C 1960 -96.62 -0.11 12.86
N SER C 1961 -97.34 -0.90 12.06
CA SER C 1961 -98.45 -0.41 11.24
C SER C 1961 -99.76 -1.13 11.51
N VAL C 1962 -99.75 -2.25 12.21
CA VAL C 1962 -100.96 -3.02 12.49
C VAL C 1962 -101.57 -2.52 13.79
N PRO C 1963 -102.87 -2.15 13.83
CA PRO C 1963 -103.48 -1.79 15.12
C PRO C 1963 -104.02 -3.01 15.86
N PHE C 1964 -103.11 -3.76 16.48
CA PHE C 1964 -103.46 -5.02 17.11
C PHE C 1964 -103.82 -4.80 18.58
N HIS C 1965 -104.58 -5.74 19.12
CA HIS C 1965 -105.31 -5.58 20.37
C HIS C 1965 -106.34 -4.45 20.29
N SER C 1966 -106.98 -4.31 19.13
CA SER C 1966 -108.05 -3.35 18.91
C SER C 1966 -109.26 -4.09 18.33
N SER C 1967 -110.36 -3.36 18.18
CA SER C 1967 -111.56 -3.93 17.57
C SER C 1967 -111.38 -4.19 16.08
N TYR C 1968 -110.29 -3.72 15.48
CA TYR C 1968 -110.06 -3.92 14.05
C TYR C 1968 -109.96 -5.41 13.71
N LEU C 1969 -109.28 -6.19 14.54
CA LEU C 1969 -108.96 -7.57 14.23
C LEU C 1969 -110.01 -8.57 14.70
N MET C 1970 -111.14 -8.11 15.22
CA MET C 1970 -112.20 -9.03 15.64
C MET C 1970 -112.68 -9.90 14.49
N SER C 1971 -112.65 -9.37 13.26
CA SER C 1971 -113.04 -10.18 12.10
C SER C 1971 -112.12 -11.37 11.93
N GLY C 1972 -110.81 -11.16 12.05
CA GLY C 1972 -109.85 -12.25 11.93
C GLY C 1972 -109.70 -13.13 13.15
N VAL C 1973 -110.20 -12.68 14.30
CA VAL C 1973 -110.03 -13.46 15.52
C VAL C 1973 -110.71 -14.82 15.42
N LYS C 1974 -111.92 -14.87 14.87
CA LYS C 1974 -112.63 -16.15 14.78
C LYS C 1974 -111.91 -17.16 13.89
N PRO C 1975 -111.52 -16.84 12.66
CA PRO C 1975 -110.65 -17.78 11.93
C PRO C 1975 -109.35 -18.05 12.65
N PHE C 1976 -108.84 -17.07 13.39
CA PHE C 1976 -107.70 -17.33 14.26
C PHE C 1976 -108.06 -18.31 15.38
N GLN C 1977 -109.29 -18.26 15.89
CA GLN C 1977 -109.70 -19.28 16.85
C GLN C 1977 -109.68 -20.67 16.22
N ARG C 1978 -110.18 -20.79 14.98
CA ARG C 1978 -110.14 -22.09 14.32
C ARG C 1978 -108.71 -22.56 14.09
N PHE C 1979 -107.85 -21.65 13.66
CA PHE C 1979 -106.44 -21.99 13.45
C PHE C 1979 -105.78 -22.43 14.74
N LEU C 1980 -106.07 -21.73 15.85
CA LEU C 1980 -105.54 -22.11 17.15
C LEU C 1980 -106.06 -23.47 17.58
N CYS C 1981 -107.33 -23.75 17.33
CA CYS C 1981 -107.89 -25.04 17.69
C CYS C 1981 -107.18 -26.16 16.94
N LYS C 1982 -106.89 -25.95 15.66
CA LYS C 1982 -106.19 -26.99 14.91
C LYS C 1982 -104.74 -27.13 15.36
N LYS C 1983 -104.06 -26.00 15.64
CA LYS C 1983 -102.62 -26.03 15.90
C LYS C 1983 -102.28 -26.29 17.35
N ILE C 1984 -103.25 -26.23 18.26
CA ILE C 1984 -103.05 -26.54 19.67
C ILE C 1984 -103.63 -27.94 19.88
N PRO C 1985 -102.84 -29.01 19.85
CA PRO C 1985 -103.42 -30.33 20.13
C PRO C 1985 -103.99 -30.39 21.54
N LYS C 1986 -105.16 -31.02 21.64
CA LYS C 1986 -105.87 -31.08 22.91
C LYS C 1986 -105.09 -31.87 23.95
N SER C 1987 -104.47 -32.98 23.55
CA SER C 1987 -103.74 -33.81 24.51
C SER C 1987 -102.52 -33.10 25.07
N SER C 1988 -101.93 -32.17 24.31
CA SER C 1988 -100.75 -31.46 24.77
C SER C 1988 -101.06 -30.34 25.76
N VAL C 1989 -102.32 -29.97 25.92
CA VAL C 1989 -102.70 -28.91 26.85
C VAL C 1989 -102.85 -29.53 28.24
N LYS C 1990 -101.86 -29.31 29.10
CA LYS C 1990 -101.87 -29.85 30.45
C LYS C 1990 -102.44 -28.79 31.39
N PRO C 1991 -103.61 -28.98 31.99
CA PRO C 1991 -104.12 -27.94 32.91
C PRO C 1991 -103.22 -27.69 34.09
N GLN C 1992 -102.53 -28.72 34.61
CA GLN C 1992 -101.72 -28.56 35.81
C GLN C 1992 -100.64 -27.50 35.63
N ASP C 1993 -100.20 -27.28 34.39
CA ASP C 1993 -99.24 -26.23 34.09
C ASP C 1993 -99.88 -24.85 33.95
N LEU C 1994 -101.21 -24.75 34.03
CA LEU C 1994 -101.93 -23.50 33.81
C LEU C 1994 -102.76 -23.05 35.00
N ILE C 1995 -103.42 -23.97 35.70
CA ILE C 1995 -104.34 -23.57 36.77
C ILE C 1995 -103.57 -22.83 37.85
N GLY C 1996 -104.00 -21.58 38.12
CA GLY C 1996 -103.36 -20.77 39.15
C GLY C 1996 -101.95 -20.33 38.83
N LYS C 1997 -101.48 -20.56 37.60
CA LYS C 1997 -100.12 -20.21 37.21
C LYS C 1997 -100.05 -19.39 35.93
N TYR C 1998 -101.12 -19.32 35.16
CA TYR C 1998 -101.17 -18.62 33.89
C TYR C 1998 -102.08 -17.41 34.01
N ILE C 1999 -101.56 -16.24 33.63
CA ILE C 1999 -102.31 -14.98 33.70
C ILE C 1999 -102.53 -14.52 32.26
N PRO C 2000 -103.68 -14.79 31.64
CA PRO C 2000 -103.84 -14.42 30.23
C PRO C 2000 -103.91 -12.91 30.03
N ASN C 2001 -103.52 -12.49 28.84
CA ASN C 2001 -103.57 -11.08 28.46
C ASN C 2001 -105.05 -10.62 28.41
N LEU C 2002 -105.94 -11.51 27.95
CA LEU C 2002 -107.35 -11.15 27.80
C LEU C 2002 -107.99 -10.85 29.14
N THR C 2003 -107.87 -11.77 30.10
CA THR C 2003 -108.51 -11.65 31.40
C THR C 2003 -107.59 -11.04 32.46
N ALA C 2004 -106.29 -11.30 32.39
CA ALA C 2004 -105.33 -10.76 33.35
C ALA C 2004 -105.61 -11.26 34.76
N LYS C 2005 -106.14 -12.47 34.88
CA LYS C 2005 -106.37 -13.15 36.15
C LYS C 2005 -105.74 -14.54 36.08
N PRO C 2006 -105.44 -15.16 37.22
CA PRO C 2006 -104.91 -16.53 37.17
C PRO C 2006 -105.85 -17.47 36.43
N PHE C 2007 -105.27 -18.27 35.53
CA PHE C 2007 -106.07 -19.19 34.72
C PHE C 2007 -106.79 -20.19 35.62
N GLU C 2008 -108.09 -20.33 35.41
CA GLU C 2008 -108.91 -21.24 36.20
C GLU C 2008 -110.02 -21.79 35.31
N LEU C 2009 -110.36 -23.07 35.54
CA LEU C 2009 -111.44 -23.74 34.81
C LEU C 2009 -112.68 -23.73 35.69
N THR C 2010 -113.33 -22.56 35.75
CA THR C 2010 -114.49 -22.37 36.60
C THR C 2010 -115.55 -21.58 35.84
N LYS C 2011 -116.80 -21.71 36.31
CA LYS C 2011 -117.91 -21.01 35.69
C LYS C 2011 -117.70 -19.51 35.72
N GLU C 2012 -117.17 -18.99 36.83
CA GLU C 2012 -116.90 -17.55 36.92
C GLU C 2012 -115.88 -17.11 35.90
N TYR C 2013 -114.82 -17.89 35.71
CA TYR C 2013 -113.80 -17.53 34.73
C TYR C 2013 -114.34 -17.57 33.31
N PHE C 2014 -115.11 -18.61 32.98
CA PHE C 2014 -115.72 -18.67 31.66
C PHE C 2014 -116.70 -17.52 31.45
N GLN C 2015 -117.42 -17.13 32.51
CA GLN C 2015 -118.33 -16.00 32.42
C GLN C 2015 -117.56 -14.71 32.16
N SER C 2016 -116.41 -14.54 32.81
CA SER C 2016 -115.59 -13.35 32.54
C SER C 2016 -115.10 -13.33 31.10
N VAL C 2017 -114.68 -14.50 30.59
CA VAL C 2017 -114.25 -14.58 29.20
C VAL C 2017 -115.40 -14.19 28.27
N TYR C 2018 -116.62 -14.65 28.58
CA TYR C 2018 -117.76 -14.24 27.77
C TYR C 2018 -118.01 -12.74 27.90
N ASP C 2019 -117.83 -12.18 29.09
CA ASP C 2019 -118.02 -10.74 29.26
C ASP C 2019 -117.06 -9.97 28.38
N LEU C 2020 -115.84 -10.47 28.20
CA LEU C 2020 -114.84 -9.78 27.39
C LEU C 2020 -114.88 -10.14 25.91
N THR C 2021 -115.58 -11.21 25.51
CA THR C 2021 -115.53 -11.68 24.12
C THR C 2021 -116.88 -11.79 23.42
N LYS C 2022 -117.99 -11.96 24.13
CA LYS C 2022 -119.31 -12.17 23.52
C LYS C 2022 -119.32 -13.43 22.65
N SER C 2023 -118.63 -14.48 23.12
CA SER C 2023 -118.50 -15.72 22.37
C SER C 2023 -119.65 -16.65 22.71
N GLU C 2024 -120.37 -17.12 21.69
CA GLU C 2024 -121.48 -18.04 21.91
C GLU C 2024 -120.99 -19.43 22.30
N LYS C 2025 -119.78 -19.81 21.88
CA LYS C 2025 -119.23 -21.10 22.31
C LYS C 2025 -119.04 -21.12 23.83
N ILE C 2026 -118.55 -20.01 24.39
CA ILE C 2026 -118.38 -19.95 25.84
C ILE C 2026 -119.74 -20.01 26.53
N LYS C 2027 -120.76 -19.40 25.92
CA LYS C 2027 -122.10 -19.49 26.51
C LYS C 2027 -122.63 -20.92 26.47
N SER C 2028 -122.37 -21.65 25.39
CA SER C 2028 -122.77 -23.05 25.33
C SER C 2028 -122.05 -23.85 26.42
N ILE C 2029 -120.75 -23.60 26.60
CA ILE C 2029 -120.00 -24.29 27.63
C ILE C 2029 -120.54 -23.94 29.01
N LEU C 2030 -120.87 -22.66 29.23
CA LEU C 2030 -121.40 -22.25 30.52
C LEU C 2030 -122.75 -22.89 30.81
N ASP C 2031 -123.64 -22.92 29.81
CA ASP C 2031 -124.95 -23.54 29.99
C ASP C 2031 -124.82 -25.02 30.27
N ASN C 2032 -123.88 -25.69 29.60
CA ASN C 2032 -123.67 -27.12 29.80
C ASN C 2032 -122.65 -27.42 30.90
N TRP C 2033 -122.20 -26.41 31.65
CA TRP C 2033 -121.21 -26.62 32.70
C TRP C 2033 -121.69 -27.62 33.74
N GLU C 2034 -122.95 -27.51 34.16
CA GLU C 2034 -123.48 -28.42 35.17
C GLU C 2034 -123.45 -29.87 34.68
N GLN C 2035 -123.79 -30.09 33.41
CA GLN C 2035 -123.69 -31.42 32.84
C GLN C 2035 -122.24 -31.83 32.59
N TYR C 2036 -121.35 -30.87 32.37
CA TYR C 2036 -119.94 -31.17 32.15
C TYR C 2036 -119.31 -31.72 33.43
N GLU C 2037 -119.61 -31.09 34.56
CA GLU C 2037 -119.08 -31.54 35.85
C GLU C 2037 -119.93 -32.69 36.40
N PHE D 7 43.27 -8.16 -111.52
CA PHE D 7 41.89 -7.87 -111.15
C PHE D 7 41.64 -8.28 -109.70
N GLN D 8 40.60 -7.71 -109.09
CA GLN D 8 40.31 -7.88 -107.67
C GLN D 8 38.84 -8.24 -107.46
N LEU D 9 38.34 -9.22 -108.23
CA LEU D 9 37.02 -9.75 -107.96
C LEU D 9 36.99 -10.35 -106.56
N THR D 10 36.27 -9.71 -105.65
CA THR D 10 36.30 -10.12 -104.25
C THR D 10 34.97 -9.79 -103.59
N HIS D 11 34.68 -10.51 -102.51
CA HIS D 11 33.50 -10.23 -101.70
C HIS D 11 33.77 -10.78 -100.31
N GLY D 12 34.02 -9.89 -99.35
CA GLY D 12 34.48 -10.34 -98.04
C GLY D 12 35.96 -10.66 -98.08
N SER D 13 36.35 -11.67 -97.29
CA SER D 13 37.75 -12.09 -97.23
C SER D 13 38.05 -13.21 -98.23
N ILE D 14 37.64 -13.00 -99.49
CA ILE D 14 37.97 -13.89 -100.60
C ILE D 14 38.21 -13.03 -101.83
N GLU D 15 39.15 -13.45 -102.67
CA GLU D 15 39.47 -12.70 -103.88
C GLU D 15 40.01 -13.65 -104.94
N HIS D 16 39.93 -13.21 -106.19
CA HIS D 16 40.47 -13.93 -107.33
C HIS D 16 41.20 -12.96 -108.23
N THR D 17 42.34 -13.39 -108.77
CA THR D 17 43.18 -12.57 -109.63
C THR D 17 43.01 -13.00 -111.08
N LEU D 18 42.77 -12.03 -111.96
CA LEU D 18 42.59 -12.26 -113.38
C LEU D 18 43.52 -11.33 -114.17
N LEU D 19 44.31 -11.91 -115.06
CA LEU D 19 45.19 -11.13 -115.93
C LEU D 19 44.41 -10.76 -117.19
N VAL D 20 44.05 -9.49 -117.31
CA VAL D 20 43.17 -9.03 -118.38
C VAL D 20 43.94 -8.12 -119.33
N PRO D 21 43.68 -8.16 -120.64
CA PRO D 21 44.25 -7.12 -121.52
C PRO D 21 43.71 -5.74 -121.17
N ASN D 22 44.38 -4.72 -121.70
CA ASN D 22 44.12 -3.34 -121.28
C ASN D 22 42.68 -2.92 -121.55
N ASP D 23 42.28 -2.89 -122.83
CA ASP D 23 40.90 -2.57 -123.15
C ASP D 23 39.95 -3.61 -122.54
N LEU D 24 40.35 -4.87 -122.59
CA LEU D 24 39.60 -5.90 -121.90
C LEU D 24 39.57 -5.64 -120.40
N PHE D 25 40.62 -5.02 -119.85
CA PHE D 25 40.61 -4.69 -118.42
C PHE D 25 39.58 -3.60 -118.13
N PHE D 26 39.47 -2.61 -119.02
CA PHE D 26 38.45 -1.59 -118.83
C PHE D 26 37.05 -2.20 -118.91
N ASN D 27 36.82 -3.07 -119.89
CA ASN D 27 35.51 -3.70 -120.01
C ASN D 27 35.22 -4.60 -118.81
N TYR D 28 36.22 -5.33 -118.33
CA TYR D 28 36.05 -6.17 -117.16
C TYR D 28 35.81 -5.34 -115.91
N SER D 29 36.42 -4.16 -115.82
CA SER D 29 36.14 -3.26 -114.71
C SER D 29 34.70 -2.78 -114.75
N GLN D 30 34.19 -2.46 -115.95
CA GLN D 30 32.78 -2.10 -116.11
C GLN D 30 31.89 -3.23 -115.61
N LEU D 31 32.14 -4.45 -116.09
CA LEU D 31 31.34 -5.59 -115.66
C LEU D 31 31.52 -5.85 -114.17
N LYS D 32 32.67 -5.50 -113.61
CA LYS D 32 32.94 -5.76 -112.20
C LYS D 32 32.15 -4.82 -111.30
N ASP D 33 32.13 -3.51 -111.62
CA ASP D 33 31.31 -2.64 -110.78
C ASP D 33 29.84 -2.98 -110.95
N GLU D 34 29.43 -3.35 -112.17
CA GLU D 34 28.06 -3.81 -112.37
C GLU D 34 27.76 -5.05 -111.53
N PHE D 35 28.73 -5.94 -111.40
CA PHE D 35 28.52 -7.18 -110.66
C PHE D 35 28.41 -6.94 -109.16
N ILE D 36 29.31 -6.13 -108.60
CA ILE D 36 29.19 -5.80 -107.18
C ILE D 36 27.93 -4.97 -106.92
N LYS D 37 27.41 -4.28 -107.95
CA LYS D 37 26.12 -3.62 -107.80
C LYS D 37 25.01 -4.63 -107.50
N THR D 38 25.19 -5.91 -107.85
CA THR D 38 24.20 -6.94 -107.60
C THR D 38 24.56 -7.88 -106.45
N LEU D 39 25.85 -8.05 -106.15
CA LEU D 39 26.24 -8.97 -105.09
C LEU D 39 25.76 -8.46 -103.74
N PRO D 40 25.51 -9.35 -102.77
CA PRO D 40 25.17 -8.91 -101.42
C PRO D 40 26.41 -8.59 -100.60
N GLU D 41 26.18 -8.03 -99.43
CA GLU D 41 27.27 -7.73 -98.51
C GLU D 41 27.75 -9.00 -97.81
N PRO D 42 28.99 -9.01 -97.30
CA PRO D 42 29.45 -10.16 -96.53
C PRO D 42 28.53 -10.46 -95.35
N THR D 43 28.33 -11.74 -95.07
CA THR D 43 27.48 -12.20 -93.98
C THR D 43 28.26 -12.59 -92.73
N GLU D 44 29.56 -12.28 -92.68
CA GLU D 44 30.41 -12.63 -91.55
C GLU D 44 30.46 -14.15 -91.37
N GLY D 45 30.94 -14.82 -92.43
CA GLY D 45 31.01 -16.27 -92.46
C GLY D 45 30.52 -16.86 -93.76
N PHE D 46 29.89 -16.04 -94.59
CA PHE D 46 29.33 -16.49 -95.87
C PHE D 46 28.34 -17.62 -95.68
N ALA D 47 27.56 -17.54 -94.60
CA ALA D 47 26.53 -18.52 -94.28
C ALA D 47 25.14 -18.08 -94.74
N GLY D 48 25.06 -17.02 -95.53
CA GLY D 48 23.78 -16.55 -96.03
C GLY D 48 23.26 -17.39 -97.17
N ASP D 49 22.60 -16.76 -98.14
CA ASP D 49 22.05 -17.44 -99.30
C ASP D 49 22.81 -17.11 -100.58
N ASP D 50 22.94 -15.82 -100.90
CA ASP D 50 23.62 -15.39 -102.11
C ASP D 50 25.07 -14.97 -101.87
N GLU D 51 25.58 -15.15 -100.66
CA GLU D 51 26.96 -14.79 -100.36
C GLU D 51 27.88 -15.95 -100.74
N PRO D 52 28.81 -15.78 -101.68
CA PRO D 52 29.74 -16.88 -101.99
C PRO D 52 30.64 -17.17 -100.80
N SER D 53 30.95 -18.45 -100.62
CA SER D 53 31.78 -18.92 -99.52
C SER D 53 33.17 -19.38 -99.97
N SER D 54 33.50 -19.24 -101.24
CA SER D 54 34.82 -19.61 -101.76
C SER D 54 35.20 -18.64 -102.87
N PRO D 55 36.51 -18.46 -103.12
CA PRO D 55 36.91 -17.58 -104.24
C PRO D 55 36.37 -18.05 -105.58
N ALA D 56 36.35 -19.37 -105.80
CA ALA D 56 35.81 -19.89 -107.05
C ALA D 56 34.29 -19.83 -107.05
N GLU D 57 33.65 -19.90 -105.89
CA GLU D 57 32.22 -19.62 -105.84
C GLU D 57 31.95 -18.19 -106.30
N LEU D 58 32.77 -17.24 -105.84
CA LEU D 58 32.64 -15.86 -106.30
C LEU D 58 32.88 -15.76 -107.80
N TYR D 59 33.89 -16.47 -108.31
CA TYR D 59 34.14 -16.48 -109.75
C TYR D 59 32.93 -17.01 -110.51
N GLY D 60 32.29 -18.05 -109.97
CA GLY D 60 31.08 -18.57 -110.60
C GLY D 60 29.95 -17.56 -110.61
N LYS D 61 29.79 -16.83 -109.51
CA LYS D 61 28.76 -15.80 -109.48
C LYS D 61 29.05 -14.72 -110.52
N PHE D 62 30.32 -14.34 -110.66
CA PHE D 62 30.70 -13.30 -111.62
C PHE D 62 30.44 -13.77 -113.05
N ILE D 63 30.85 -14.99 -113.37
CA ILE D 63 30.66 -15.50 -114.74
C ILE D 63 29.18 -15.72 -115.00
N GLY D 64 28.41 -16.13 -113.99
CA GLY D 64 26.97 -16.24 -114.15
C GLY D 64 26.31 -14.92 -114.42
N PHE D 65 26.79 -13.86 -113.76
CA PHE D 65 26.30 -12.53 -114.10
C PHE D 65 26.56 -12.24 -115.57
N ILE D 66 27.80 -12.42 -116.01
CA ILE D 66 28.12 -12.07 -117.39
C ILE D 66 27.33 -12.95 -118.36
N SER D 67 26.92 -14.15 -117.94
CA SER D 67 26.14 -15.02 -118.81
C SER D 67 24.76 -14.45 -119.16
N ASN D 68 24.28 -13.42 -118.44
CA ASN D 68 22.98 -12.83 -118.76
C ASN D 68 23.08 -11.99 -120.02
N GLN D 73 33.65 -11.55 -124.79
CA GLN D 73 35.11 -11.64 -124.77
C GLN D 73 35.62 -11.83 -123.35
N ILE D 74 35.00 -11.14 -122.41
CA ILE D 74 35.42 -11.23 -121.01
C ILE D 74 34.90 -12.52 -120.39
N VAL D 75 33.74 -13.00 -120.84
CA VAL D 75 33.20 -14.24 -120.31
C VAL D 75 34.12 -15.42 -120.65
N GLU D 76 34.69 -15.41 -121.86
CA GLU D 76 35.63 -16.47 -122.22
C GLU D 76 36.88 -16.41 -121.35
N LEU D 77 37.39 -15.20 -121.11
CA LEU D 77 38.57 -15.06 -120.26
C LEU D 77 38.30 -15.58 -118.85
N SER D 78 37.16 -15.20 -118.28
CA SER D 78 36.82 -15.66 -116.94
C SER D 78 36.62 -17.17 -116.91
N LEU D 79 35.99 -17.72 -117.94
CA LEU D 79 35.82 -19.17 -118.06
C LEU D 79 37.18 -19.86 -118.03
N LYS D 80 38.10 -19.40 -118.88
CA LYS D 80 39.40 -20.05 -119.00
C LYS D 80 40.18 -19.92 -117.70
N ASP D 81 40.16 -18.74 -117.08
CA ASP D 81 40.87 -18.55 -115.82
C ASP D 81 40.30 -19.43 -114.72
N PHE D 82 38.97 -19.52 -114.62
CA PHE D 82 38.35 -20.37 -113.62
C PHE D 82 38.72 -21.83 -113.83
N GLU D 83 38.65 -22.29 -115.09
CA GLU D 83 38.97 -23.67 -115.38
C GLU D 83 40.43 -23.99 -115.06
N SER D 84 41.35 -23.10 -115.44
CA SER D 84 42.76 -23.33 -115.16
C SER D 84 43.05 -23.32 -113.68
N ARG D 85 42.45 -22.37 -112.94
CA ARG D 85 42.78 -22.20 -111.53
C ARG D 85 42.22 -23.34 -110.69
N PHE D 86 40.94 -23.70 -110.90
CA PHE D 86 40.24 -24.59 -109.99
C PHE D 86 39.89 -25.94 -110.59
N LEU D 87 39.43 -25.99 -111.85
CA LEU D 87 39.11 -27.24 -112.50
C LEU D 87 40.39 -27.80 -113.14
N ASP D 88 41.23 -28.39 -112.28
CA ASP D 88 42.48 -28.98 -112.74
C ASP D 88 42.18 -30.27 -113.50
N ASN D 89 42.03 -30.16 -114.82
CA ASN D 89 41.66 -31.24 -115.74
C ASN D 89 40.19 -31.64 -115.62
N ASN D 90 39.45 -31.09 -114.66
CA ASN D 90 38.04 -31.40 -114.45
C ASN D 90 37.14 -30.33 -115.07
N ASN D 91 37.53 -29.81 -116.23
CA ASN D 91 36.78 -28.73 -116.86
C ASN D 91 35.33 -29.11 -117.07
N ASP D 92 35.09 -30.28 -117.66
CA ASP D 92 33.72 -30.79 -117.78
C ASP D 92 33.18 -31.32 -116.46
N ASN D 93 34.06 -31.64 -115.51
CA ASN D 93 33.64 -32.20 -114.22
C ASN D 93 33.52 -31.09 -113.17
N ILE D 94 32.59 -30.17 -113.41
CA ILE D 94 32.30 -29.14 -112.42
C ILE D 94 31.62 -29.76 -111.21
N HIS D 95 30.92 -30.88 -111.38
CA HIS D 95 30.29 -31.55 -110.25
C HIS D 95 31.33 -32.03 -109.25
N SER D 96 32.46 -32.56 -109.75
CA SER D 96 33.54 -32.98 -108.86
C SER D 96 34.05 -31.82 -108.02
N PHE D 97 34.21 -30.66 -108.65
CA PHE D 97 34.63 -29.46 -107.92
C PHE D 97 33.57 -29.07 -106.88
N ALA D 98 32.30 -29.13 -107.26
CA ALA D 98 31.24 -28.74 -106.33
C ALA D 98 31.27 -29.62 -105.09
N VAL D 99 31.44 -30.93 -105.27
CA VAL D 99 31.47 -31.80 -104.10
C VAL D 99 32.80 -31.75 -103.37
N LYS D 100 33.88 -31.36 -104.05
CA LYS D 100 35.12 -31.06 -103.35
C LYS D 100 34.90 -29.89 -102.41
N LEU D 101 34.19 -28.86 -102.86
CA LEU D 101 33.82 -27.77 -101.96
C LEU D 101 32.96 -28.25 -100.82
N LEU D 102 31.97 -29.11 -101.11
CA LEU D 102 31.08 -29.60 -100.06
C LEU D 102 31.85 -30.37 -99.00
N ASP D 103 32.77 -31.24 -99.43
CA ASP D 103 33.50 -32.08 -98.48
C ASP D 103 34.55 -31.27 -97.71
N ASP D 104 35.28 -30.40 -98.41
CA ASP D 104 36.38 -29.64 -97.79
C ASP D 104 35.91 -28.26 -97.33
N GLU D 105 35.36 -27.47 -98.25
CA GLU D 105 34.92 -26.12 -97.92
C GLU D 105 33.55 -26.13 -97.25
N ILE D 111 26.41 -24.70 -98.82
CA ILE D 111 26.05 -26.12 -98.86
C ILE D 111 25.71 -26.50 -100.31
N ALA D 112 24.83 -27.50 -100.47
CA ALA D 112 24.50 -27.99 -101.79
C ALA D 112 23.87 -26.90 -102.64
N LYS D 113 23.22 -25.92 -102.01
CA LYS D 113 22.64 -24.81 -102.77
C LYS D 113 23.71 -24.04 -103.54
N VAL D 114 24.77 -23.61 -102.85
CA VAL D 114 25.82 -22.86 -103.53
C VAL D 114 26.61 -23.76 -104.47
N LYS D 115 26.79 -25.04 -104.12
CA LYS D 115 27.46 -25.96 -105.05
C LYS D 115 26.68 -26.06 -106.36
N GLU D 116 25.37 -26.23 -106.25
CA GLU D 116 24.54 -26.31 -107.44
C GLU D 116 24.51 -24.98 -108.18
N ASN D 117 24.66 -23.87 -107.45
CA ASN D 117 24.72 -22.55 -108.08
C ASN D 117 25.98 -22.40 -108.92
N ILE D 118 27.15 -22.80 -108.39
CA ILE D 118 28.37 -22.71 -109.19
C ILE D 118 28.26 -23.64 -110.41
N VAL D 119 27.66 -24.82 -110.22
CA VAL D 119 27.45 -25.71 -111.36
C VAL D 119 26.61 -25.02 -112.43
N LYS D 120 25.50 -24.40 -112.01
CA LYS D 120 24.61 -23.73 -112.95
C LYS D 120 25.33 -22.60 -113.69
N ASN D 121 26.07 -21.78 -112.95
CA ASN D 121 26.75 -20.65 -113.58
C ASN D 121 27.79 -21.12 -114.59
N TYR D 122 28.56 -22.14 -114.22
CA TYR D 122 29.56 -22.66 -115.17
C TYR D 122 28.89 -23.18 -116.42
N TYR D 123 27.79 -23.93 -116.27
CA TYR D 123 27.13 -24.48 -117.44
C TYR D 123 26.47 -23.40 -118.28
N LYS D 124 25.98 -22.33 -117.65
CA LYS D 124 25.50 -21.18 -118.39
C LYS D 124 26.61 -20.59 -119.24
N ALA D 125 27.82 -20.51 -118.67
CA ALA D 125 28.93 -19.87 -119.35
C ALA D 125 29.49 -20.69 -120.50
N VAL D 126 29.52 -22.02 -120.37
CA VAL D 126 30.24 -22.84 -121.35
C VAL D 126 29.61 -22.68 -122.73
N LYS D 127 30.45 -22.81 -123.77
CA LYS D 127 30.01 -22.92 -125.14
C LYS D 127 29.52 -24.36 -125.38
N SER D 128 29.36 -24.74 -126.65
CA SER D 128 28.97 -26.11 -126.97
C SER D 128 29.93 -27.11 -126.33
N ILE D 129 29.36 -28.11 -125.67
CA ILE D 129 30.14 -29.07 -124.89
C ILE D 129 30.31 -30.38 -125.65
N ASN D 130 30.28 -30.34 -126.99
CA ASN D 130 30.44 -31.53 -127.81
C ASN D 130 31.92 -31.93 -127.83
N LYS D 131 32.38 -32.44 -126.69
CA LYS D 131 33.74 -32.91 -126.53
C LYS D 131 33.73 -34.12 -125.61
N VAL D 132 34.34 -35.21 -126.06
CA VAL D 132 34.33 -36.46 -125.29
C VAL D 132 35.14 -36.25 -124.02
N GLU D 133 34.47 -36.32 -122.87
CA GLU D 133 35.14 -36.14 -121.60
C GLU D 133 35.85 -37.42 -121.19
N SER D 134 37.06 -37.28 -120.66
CA SER D 134 37.85 -38.41 -120.20
C SER D 134 37.44 -38.79 -118.78
N ASN D 135 36.31 -39.48 -118.69
CA ASN D 135 35.79 -39.91 -117.40
C ASN D 135 36.39 -41.26 -117.00
N LEU D 136 37.71 -41.36 -117.05
CA LEU D 136 38.40 -42.64 -116.89
C LEU D 136 37.89 -43.64 -117.93
N LEU D 137 37.90 -43.21 -119.19
CA LEU D 137 37.32 -43.98 -120.29
C LEU D 137 35.82 -44.19 -120.09
N TYR D 138 35.17 -43.20 -119.49
CA TYR D 138 33.77 -43.31 -119.02
C TYR D 138 33.58 -44.62 -118.23
N HIS D 139 34.30 -44.68 -117.12
CA HIS D 139 34.24 -45.81 -116.20
C HIS D 139 34.64 -47.11 -116.90
N CYS D 140 35.69 -47.04 -117.71
CA CYS D 140 36.25 -48.21 -118.39
C CYS D 140 35.21 -48.85 -119.33
N LYS D 141 34.79 -48.06 -120.31
CA LYS D 141 33.85 -48.53 -121.33
C LYS D 141 32.52 -48.93 -120.71
N LYS D 145 31.36 -52.97 -116.61
CA LYS D 145 30.19 -53.00 -117.48
C LYS D 145 29.19 -51.93 -117.05
N LEU D 146 28.87 -51.05 -118.01
CA LEU D 146 28.03 -49.90 -117.72
C LEU D 146 26.56 -50.30 -117.83
N VAL D 147 25.76 -49.94 -116.83
CA VAL D 147 24.34 -50.32 -116.80
C VAL D 147 23.52 -49.11 -116.38
N ALA D 148 22.36 -48.94 -117.02
CA ALA D 148 21.48 -47.80 -116.74
C ALA D 148 20.14 -48.29 -116.19
N ILE D 149 19.92 -48.09 -114.90
CA ILE D 149 18.65 -48.38 -114.29
C ILE D 149 17.87 -47.08 -114.12
N PHE D 150 16.55 -47.18 -114.23
CA PHE D 150 15.65 -46.04 -114.10
C PHE D 150 14.70 -46.30 -112.95
N GLY D 151 14.54 -45.30 -112.09
CA GLY D 151 13.67 -45.42 -110.95
C GLY D 151 12.22 -45.42 -111.33
N GLY D 152 11.37 -45.67 -110.33
CA GLY D 152 9.95 -45.77 -110.54
C GLY D 152 9.12 -44.81 -109.72
N GLN D 153 7.84 -45.12 -109.58
CA GLN D 153 6.91 -44.30 -108.83
C GLN D 153 6.98 -44.63 -107.34
N GLY D 154 6.83 -43.61 -106.51
CA GLY D 154 6.86 -43.78 -105.07
C GLY D 154 8.23 -43.77 -104.45
N ASN D 155 9.28 -43.43 -105.21
CA ASN D 155 10.63 -43.39 -104.64
C ASN D 155 10.77 -42.28 -103.62
N THR D 156 10.11 -41.14 -103.85
CA THR D 156 10.16 -40.02 -102.92
C THR D 156 8.82 -39.30 -102.92
N ASP D 157 8.57 -38.56 -101.84
CA ASP D 157 7.32 -37.83 -101.71
C ASP D 157 7.39 -36.49 -102.45
N ASP D 158 8.41 -35.70 -102.16
CA ASP D 158 8.57 -34.37 -102.76
C ASP D 158 9.43 -34.45 -104.01
N TYR D 159 8.93 -35.24 -104.98
CA TYR D 159 9.69 -35.51 -106.19
C TYR D 159 9.79 -34.28 -107.09
N PHE D 160 8.81 -33.39 -107.05
CA PHE D 160 8.76 -32.30 -108.01
C PHE D 160 9.88 -31.29 -107.80
N GLU D 161 10.33 -31.12 -106.54
CA GLU D 161 11.45 -30.22 -106.30
C GLU D 161 12.72 -30.71 -106.99
N GLU D 162 12.84 -32.03 -107.20
CA GLU D 162 13.96 -32.55 -107.97
C GLU D 162 13.98 -31.96 -109.37
N LEU D 163 12.84 -32.02 -110.07
CA LEU D 163 12.76 -31.41 -111.40
C LEU D 163 12.90 -29.89 -111.32
N ARG D 164 12.45 -29.28 -110.23
CA ARG D 164 12.63 -27.84 -110.07
C ARG D 164 14.10 -27.47 -110.09
N GLU D 165 14.89 -28.12 -109.23
CA GLU D 165 16.33 -27.85 -109.21
C GLU D 165 16.96 -28.22 -110.55
N LEU D 166 16.50 -29.32 -111.16
CA LEU D 166 17.04 -29.75 -112.45
C LEU D 166 16.86 -28.66 -113.50
N TYR D 167 15.64 -28.10 -113.60
CA TYR D 167 15.36 -27.04 -114.56
C TYR D 167 16.12 -25.76 -114.21
N THR D 168 16.13 -25.37 -112.93
CA THR D 168 16.77 -24.11 -112.55
C THR D 168 18.27 -24.14 -112.82
N LEU D 169 18.91 -25.30 -112.62
CA LEU D 169 20.36 -25.39 -112.56
C LEU D 169 20.98 -25.92 -113.84
N TYR D 170 20.26 -26.75 -114.61
CA TYR D 170 20.75 -27.31 -115.86
C TYR D 170 19.93 -26.78 -117.03
N GLN D 171 19.65 -25.47 -117.01
CA GLN D 171 18.79 -24.86 -118.02
C GLN D 171 19.33 -25.08 -119.43
N GLY D 172 20.64 -24.84 -119.63
CA GLY D 172 21.20 -24.93 -120.96
C GLY D 172 21.17 -26.32 -121.56
N LEU D 173 20.97 -27.35 -120.74
CA LEU D 173 21.06 -28.74 -121.20
C LEU D 173 19.70 -29.39 -121.41
N ILE D 174 18.69 -29.09 -120.59
CA ILE D 174 17.42 -29.82 -120.63
C ILE D 174 16.22 -28.88 -120.75
N GLU D 175 16.47 -27.58 -120.95
CA GLU D 175 15.35 -26.67 -121.20
C GLU D 175 14.63 -27.03 -122.48
N ASP D 176 15.39 -27.37 -123.52
CA ASP D 176 14.78 -27.79 -124.77
C ASP D 176 13.92 -29.02 -124.52
N LEU D 177 14.44 -29.98 -123.74
CA LEU D 177 13.69 -31.20 -123.49
C LEU D 177 12.39 -30.90 -122.75
N LEU D 178 12.44 -30.08 -121.70
CA LEU D 178 11.21 -29.76 -120.97
C LEU D 178 10.22 -29.00 -121.83
N VAL D 179 10.70 -28.07 -122.66
CA VAL D 179 9.80 -27.36 -123.54
C VAL D 179 9.10 -28.35 -124.48
N SER D 180 9.88 -29.29 -125.04
CA SER D 180 9.30 -30.31 -125.88
C SER D 180 8.28 -31.14 -125.13
N ILE D 181 8.57 -31.50 -123.87
CA ILE D 181 7.63 -32.33 -123.12
C ILE D 181 6.36 -31.55 -122.84
N ALA D 182 6.49 -30.27 -122.54
CA ALA D 182 5.31 -29.46 -122.24
C ALA D 182 4.40 -29.38 -123.46
N GLU D 183 4.95 -29.09 -124.64
CA GLU D 183 4.12 -29.13 -125.83
C GLU D 183 3.55 -30.51 -126.07
N LYS D 184 4.34 -31.57 -125.86
CA LYS D 184 3.87 -32.92 -126.11
C LYS D 184 2.67 -33.25 -125.22
N LEU D 185 2.73 -32.88 -123.95
CA LEU D 185 1.66 -33.21 -123.02
C LEU D 185 0.42 -32.35 -123.26
N ASN D 186 0.62 -31.05 -123.51
CA ASN D 186 -0.50 -30.17 -123.82
C ASN D 186 -1.16 -30.53 -125.14
N GLN D 187 -0.44 -31.20 -126.04
CA GLN D 187 -1.02 -31.75 -127.26
C GLN D 187 -1.61 -33.14 -127.04
N LEU D 188 -1.12 -33.86 -126.02
CA LEU D 188 -1.64 -35.19 -125.73
C LEU D 188 -3.00 -35.12 -125.07
N HIS D 189 -3.24 -34.10 -124.24
CA HIS D 189 -4.53 -33.98 -123.59
C HIS D 189 -5.69 -33.87 -124.59
N PRO D 190 -5.61 -33.06 -125.65
CA PRO D 190 -6.66 -33.11 -126.68
C PRO D 190 -6.84 -34.47 -127.31
N SER D 191 -5.83 -35.34 -127.29
CA SER D 191 -5.93 -36.63 -127.96
C SER D 191 -7.13 -37.42 -127.46
N PHE D 192 -7.25 -37.56 -126.14
CA PHE D 192 -8.40 -38.24 -125.54
C PHE D 192 -9.21 -37.32 -124.63
N ASP D 193 -8.59 -36.73 -123.61
CA ASP D 193 -9.38 -36.13 -122.53
C ASP D 193 -8.40 -35.57 -121.52
N LYS D 194 -8.88 -34.65 -120.68
CA LYS D 194 -8.11 -34.06 -119.60
C LYS D 194 -8.76 -34.43 -118.27
N ILE D 195 -8.09 -35.28 -117.49
CA ILE D 195 -8.42 -35.45 -116.08
C ILE D 195 -7.83 -34.34 -115.22
N TYR D 196 -7.09 -33.43 -115.83
CA TYR D 196 -6.16 -32.55 -115.12
C TYR D 196 -6.91 -31.30 -114.69
N THR D 197 -7.40 -31.31 -113.45
CA THR D 197 -8.14 -30.17 -112.93
C THR D 197 -7.32 -28.90 -112.92
N GLN D 198 -5.99 -29.01 -112.87
CA GLN D 198 -5.09 -27.86 -112.83
C GLN D 198 -4.08 -27.88 -113.97
N GLY D 199 -4.32 -28.65 -115.02
CA GLY D 199 -3.45 -28.67 -116.17
C GLY D 199 -2.19 -29.49 -115.95
N LEU D 200 -1.35 -29.51 -116.98
CA LEU D 200 -0.05 -30.19 -116.90
C LEU D 200 1.06 -29.35 -117.53
N ASN D 201 0.89 -28.03 -117.62
CA ASN D 201 1.94 -27.17 -118.14
C ASN D 201 3.10 -27.15 -117.14
N ILE D 202 4.16 -27.89 -117.44
CA ILE D 202 5.26 -28.01 -116.49
C ILE D 202 6.08 -26.73 -116.48
N LEU D 203 6.20 -26.07 -117.64
CA LEU D 203 7.01 -24.87 -117.71
C LEU D 203 6.48 -23.81 -116.79
N SER D 204 5.16 -23.54 -116.83
CA SER D 204 4.59 -22.49 -115.99
C SER D 204 4.79 -22.78 -114.51
N TRP D 205 4.60 -24.04 -114.12
CA TRP D 205 4.83 -24.43 -112.73
C TRP D 205 6.27 -24.19 -112.33
N LEU D 206 7.22 -24.57 -113.18
CA LEU D 206 8.63 -24.44 -112.84
C LEU D 206 9.03 -22.98 -112.72
N LYS D 207 8.67 -22.16 -113.70
CA LYS D 207 9.16 -20.77 -113.70
C LYS D 207 8.38 -19.90 -112.72
N HIS D 208 7.13 -20.25 -112.42
CA HIS D 208 6.32 -19.51 -111.46
C HIS D 208 6.02 -20.41 -110.26
N PRO D 209 6.74 -20.28 -109.13
CA PRO D 209 6.46 -21.17 -107.99
C PRO D 209 5.04 -21.05 -107.44
N GLU D 210 4.38 -19.91 -107.65
CA GLU D 210 3.02 -19.77 -107.13
C GLU D 210 2.01 -20.56 -107.96
N THR D 211 2.24 -20.71 -109.26
CA THR D 211 1.27 -21.36 -110.14
C THR D 211 1.16 -22.86 -109.88
N THR D 212 2.16 -23.47 -109.27
CA THR D 212 2.15 -24.92 -109.10
C THR D 212 1.02 -25.33 -108.17
N PRO D 213 0.32 -26.44 -108.45
CA PRO D 213 -0.59 -26.98 -107.44
C PRO D 213 0.14 -27.65 -106.29
N ASP D 214 -0.62 -28.25 -105.38
CA ASP D 214 -0.06 -28.85 -104.19
C ASP D 214 0.57 -30.21 -104.50
N GLN D 215 1.31 -30.72 -103.52
CA GLN D 215 2.04 -31.97 -103.70
C GLN D 215 1.11 -33.14 -104.00
N ASP D 216 -0.11 -33.12 -103.46
CA ASP D 216 -1.04 -34.19 -103.75
C ASP D 216 -1.40 -34.24 -105.23
N TYR D 217 -1.75 -33.09 -105.82
CA TYR D 217 -2.07 -33.07 -107.24
C TYR D 217 -0.84 -33.38 -108.08
N LEU D 218 0.33 -32.89 -107.67
CA LEU D 218 1.56 -33.23 -108.40
C LEU D 218 1.83 -34.73 -108.35
N LEU D 219 1.52 -35.36 -107.22
CA LEU D 219 1.75 -36.79 -107.02
C LEU D 219 0.69 -37.65 -107.68
N SER D 220 -0.45 -37.07 -108.06
CA SER D 220 -1.45 -37.83 -108.80
C SER D 220 -0.84 -38.41 -110.06
N VAL D 221 -1.16 -39.68 -110.33
CA VAL D 221 -0.36 -40.47 -111.27
C VAL D 221 -0.38 -39.90 -112.68
N PRO D 222 -1.52 -39.49 -113.26
CA PRO D 222 -1.47 -38.94 -114.63
C PRO D 222 -0.56 -37.74 -114.75
N VAL D 223 -0.44 -36.95 -113.70
CA VAL D 223 0.54 -35.87 -113.67
C VAL D 223 1.94 -36.44 -113.46
N SER D 224 2.12 -37.23 -112.39
CA SER D 224 3.46 -37.55 -111.92
C SER D 224 4.22 -38.44 -112.89
N CYS D 225 3.53 -39.35 -113.57
CA CYS D 225 4.23 -40.27 -114.47
C CYS D 225 4.98 -39.52 -115.57
N PRO D 226 4.35 -38.59 -116.31
CA PRO D 226 5.13 -37.75 -117.23
C PRO D 226 6.27 -37.00 -116.57
N VAL D 227 6.08 -36.49 -115.35
CA VAL D 227 7.14 -35.71 -114.70
C VAL D 227 8.29 -36.61 -114.28
N ILE D 228 8.00 -37.83 -113.84
CA ILE D 228 9.07 -38.75 -113.50
C ILE D 228 9.83 -39.15 -114.76
N CYS D 229 9.11 -39.36 -115.87
CA CYS D 229 9.78 -39.56 -117.15
C CYS D 229 10.65 -38.35 -117.50
N VAL D 230 10.16 -37.15 -117.21
CA VAL D 230 10.94 -35.94 -117.46
C VAL D 230 12.23 -35.97 -116.68
N ILE D 231 12.16 -36.34 -115.41
CA ILE D 231 13.35 -36.36 -114.56
C ILE D 231 14.36 -37.36 -115.11
N GLN D 232 13.88 -38.56 -115.47
CA GLN D 232 14.78 -39.58 -116.00
C GLN D 232 15.43 -39.15 -117.30
N LEU D 233 14.62 -38.65 -118.24
CA LEU D 233 15.15 -38.21 -119.52
C LEU D 233 16.08 -37.02 -119.36
N CYS D 234 15.82 -36.16 -118.38
CA CYS D 234 16.71 -35.04 -118.12
C CYS D 234 18.06 -35.52 -117.61
N HIS D 235 18.06 -36.48 -116.69
CA HIS D 235 19.34 -36.97 -116.18
C HIS D 235 20.13 -37.66 -117.29
N TYR D 236 19.42 -38.39 -118.16
CA TYR D 236 20.09 -39.00 -119.31
C TYR D 236 20.65 -37.91 -120.26
N THR D 237 19.87 -36.87 -120.52
CA THR D 237 20.31 -35.80 -121.42
C THR D 237 21.52 -35.08 -120.85
N ILE D 238 21.52 -34.85 -119.54
CA ILE D 238 22.67 -34.22 -118.89
C ILE D 238 23.89 -35.12 -119.00
N THR D 239 23.73 -36.42 -118.74
CA THR D 239 24.84 -37.34 -118.85
C THR D 239 25.38 -37.40 -120.27
N CYS D 240 24.52 -37.16 -121.26
CA CYS D 240 25.00 -37.06 -122.64
C CYS D 240 25.77 -35.75 -122.85
N LYS D 241 25.12 -34.63 -122.61
CA LYS D 241 25.66 -33.33 -123.03
C LYS D 241 26.92 -32.97 -122.26
N VAL D 242 26.98 -33.28 -120.97
CA VAL D 242 28.14 -32.91 -120.16
C VAL D 242 29.38 -33.61 -120.67
N LEU D 243 29.29 -34.91 -120.95
CA LEU D 243 30.39 -35.65 -121.53
C LEU D 243 30.54 -35.42 -123.02
N GLY D 244 29.63 -34.66 -123.64
CA GLY D 244 29.71 -34.44 -125.07
C GLY D 244 29.41 -35.69 -125.86
N LEU D 245 28.69 -36.63 -125.26
CA LEU D 245 28.37 -37.90 -125.88
C LEU D 245 26.95 -37.83 -126.41
N THR D 246 26.79 -38.08 -127.70
CA THR D 246 25.45 -38.23 -128.27
C THR D 246 24.79 -39.46 -127.63
N PRO D 247 23.46 -39.47 -127.50
CA PRO D 247 22.82 -40.71 -127.04
C PRO D 247 23.16 -41.89 -127.92
N GLY D 248 23.33 -41.65 -129.22
CA GLY D 248 23.66 -42.71 -130.16
C GLY D 248 24.84 -43.56 -129.73
N GLU D 249 25.78 -42.97 -128.99
CA GLU D 249 26.98 -43.64 -128.54
C GLU D 249 27.04 -43.85 -127.03
N PHE D 250 26.41 -42.97 -126.25
CA PHE D 250 26.28 -43.20 -124.82
C PHE D 250 25.55 -44.52 -124.58
N ARG D 251 24.41 -44.72 -125.26
CA ARG D 251 23.68 -45.97 -125.08
C ARG D 251 24.55 -47.15 -125.47
N ASN D 252 25.36 -47.02 -126.52
CA ASN D 252 26.26 -48.09 -126.90
C ASN D 252 27.25 -48.40 -125.78
N SER D 253 27.69 -47.36 -125.06
CA SER D 253 28.59 -47.58 -123.94
C SER D 253 27.95 -48.42 -122.83
N LEU D 254 26.62 -48.44 -122.76
CA LEU D 254 25.94 -49.19 -121.71
C LEU D 254 25.84 -50.67 -122.06
N LYS D 255 26.16 -51.53 -121.09
CA LYS D 255 25.98 -52.96 -121.29
C LYS D 255 24.50 -53.30 -121.44
N TRP D 256 23.65 -52.71 -120.61
CA TRP D 256 22.20 -52.86 -120.73
C TRP D 256 21.52 -51.81 -119.86
N SER D 257 20.19 -51.82 -119.88
CA SER D 257 19.41 -50.84 -119.14
C SER D 257 18.06 -51.45 -118.78
N THR D 258 17.53 -51.03 -117.63
CA THR D 258 16.17 -51.43 -117.25
C THR D 258 15.53 -50.39 -116.35
N GLY D 259 14.36 -50.71 -115.79
CA GLY D 259 13.67 -49.77 -114.94
C GLY D 259 12.79 -50.45 -113.92
N HIS D 260 12.34 -49.64 -112.97
CA HIS D 260 11.46 -50.08 -111.90
C HIS D 260 10.03 -50.12 -112.43
N SER D 261 9.06 -50.16 -111.51
CA SER D 261 7.63 -50.14 -111.82
C SER D 261 7.27 -49.18 -112.94
N GLN D 262 7.93 -48.02 -113.01
CA GLN D 262 7.62 -46.99 -113.99
C GLN D 262 8.75 -46.72 -114.98
N GLY D 263 10.01 -46.87 -114.58
CA GLY D 263 11.13 -46.46 -115.41
C GLY D 263 11.47 -47.36 -116.56
N LEU D 264 10.82 -48.52 -116.68
CA LEU D 264 11.18 -49.48 -117.72
C LEU D 264 10.92 -48.91 -119.10
N VAL D 265 9.87 -48.09 -119.25
CA VAL D 265 9.60 -47.46 -120.53
C VAL D 265 10.74 -46.53 -120.91
N THR D 266 11.25 -45.77 -119.95
CA THR D 266 12.42 -44.93 -120.22
C THR D 266 13.63 -45.78 -120.57
N ALA D 267 13.75 -46.95 -119.92
CA ALA D 267 14.87 -47.83 -120.23
C ALA D 267 14.83 -48.30 -121.68
N VAL D 268 13.67 -48.78 -122.13
CA VAL D 268 13.56 -49.25 -123.50
C VAL D 268 13.71 -48.10 -124.48
N THR D 269 13.23 -46.91 -124.12
CA THR D 269 13.40 -45.75 -124.97
C THR D 269 14.88 -45.39 -125.13
N ILE D 270 15.62 -45.40 -124.02
CA ILE D 270 17.06 -45.13 -124.08
C ILE D 270 17.76 -46.22 -124.89
N ALA D 271 17.27 -47.45 -124.80
CA ALA D 271 17.79 -48.51 -125.68
C ALA D 271 17.49 -48.21 -127.14
N ALA D 272 16.40 -47.48 -127.39
CA ALA D 272 16.04 -47.05 -128.75
C ALA D 272 16.64 -45.69 -129.12
N SER D 273 17.48 -45.11 -128.26
CA SER D 273 18.06 -43.79 -128.51
C SER D 273 18.85 -43.76 -129.82
N ASP D 274 19.13 -42.54 -130.27
CA ASP D 274 19.87 -42.29 -131.51
C ASP D 274 20.45 -40.87 -131.40
N SER D 275 20.84 -40.30 -132.55
CA SER D 275 21.30 -38.91 -132.60
C SER D 275 20.26 -37.99 -132.00
N TRP D 276 20.65 -36.77 -131.62
CA TRP D 276 19.80 -35.90 -130.80
C TRP D 276 18.42 -35.68 -131.42
N ASP D 277 18.37 -35.52 -132.74
CA ASP D 277 17.08 -35.30 -133.39
C ASP D 277 16.16 -36.50 -133.20
N SER D 278 16.69 -37.71 -133.30
CA SER D 278 15.90 -38.90 -133.03
C SER D 278 15.66 -39.10 -131.54
N PHE D 279 16.56 -38.58 -130.70
CA PHE D 279 16.36 -38.67 -129.26
C PHE D 279 15.15 -37.87 -128.82
N LEU D 280 14.91 -36.73 -129.46
CA LEU D 280 13.72 -35.97 -129.13
C LEU D 280 12.46 -36.76 -129.47
N LYS D 281 12.45 -37.46 -130.62
CA LYS D 281 11.32 -38.31 -130.97
C LYS D 281 11.17 -39.46 -129.97
N ASN D 282 12.29 -40.05 -129.55
CA ASN D 282 12.23 -41.11 -128.55
C ASN D 282 11.63 -40.60 -127.25
N SER D 283 12.04 -39.40 -126.83
CA SER D 283 11.48 -38.80 -125.63
C SER D 283 9.99 -38.53 -125.80
N LEU D 284 9.57 -38.10 -126.99
CA LEU D 284 8.14 -37.94 -127.26
C LEU D 284 7.42 -39.27 -127.06
N THR D 285 7.99 -40.35 -127.60
CA THR D 285 7.36 -41.66 -127.46
C THR D 285 7.21 -42.05 -125.99
N ALA D 286 8.30 -41.92 -125.23
CA ALA D 286 8.25 -42.30 -123.81
C ALA D 286 7.24 -41.47 -123.05
N VAL D 287 7.24 -40.16 -123.27
CA VAL D 287 6.32 -39.27 -122.57
C VAL D 287 4.88 -39.60 -122.93
N SER D 288 4.58 -39.80 -124.22
CA SER D 288 3.21 -40.09 -124.61
C SER D 288 2.75 -41.40 -123.99
N LEU D 289 3.62 -42.41 -123.98
CA LEU D 289 3.26 -43.69 -123.40
C LEU D 289 2.98 -43.56 -121.90
N LEU D 290 3.83 -42.82 -121.18
CA LEU D 290 3.59 -42.66 -119.76
C LEU D 290 2.35 -41.82 -119.48
N LEU D 291 2.09 -40.83 -120.33
CA LEU D 291 0.87 -40.04 -120.20
C LEU D 291 -0.35 -40.94 -120.33
N PHE D 292 -0.35 -41.80 -121.34
CA PHE D 292 -1.47 -42.72 -121.52
C PHE D 292 -1.58 -43.68 -120.35
N ILE D 293 -0.46 -44.22 -119.88
CA ILE D 293 -0.50 -45.16 -118.76
C ILE D 293 -1.11 -44.48 -117.55
N GLY D 294 -0.63 -43.28 -117.20
CA GLY D 294 -1.14 -42.61 -116.02
C GLY D 294 -2.60 -42.24 -116.14
N SER D 295 -2.99 -41.65 -117.28
CA SER D 295 -4.37 -41.22 -117.46
C SER D 295 -5.32 -42.41 -117.43
N ARG D 296 -4.98 -43.48 -118.16
CA ARG D 296 -5.84 -44.65 -118.19
C ARG D 296 -5.93 -45.31 -116.83
N CYS D 297 -4.80 -45.41 -116.11
CA CYS D 297 -4.82 -46.03 -114.79
C CYS D 297 -5.67 -45.23 -113.81
N LEU D 298 -5.55 -43.90 -113.83
CA LEU D 298 -6.36 -43.07 -112.95
C LEU D 298 -7.83 -43.16 -113.32
N SER D 299 -8.15 -43.16 -114.62
CA SER D 299 -9.54 -43.27 -115.04
C SER D 299 -10.13 -44.61 -114.61
N THR D 300 -9.33 -45.67 -114.69
CA THR D 300 -9.83 -46.99 -114.33
C THR D 300 -9.99 -47.14 -112.83
N TYR D 301 -9.06 -46.59 -112.04
CA TYR D 301 -9.11 -46.65 -110.58
C TYR D 301 -8.80 -45.26 -110.02
N PRO D 302 -9.76 -44.34 -110.09
CA PRO D 302 -9.55 -43.03 -109.44
C PRO D 302 -9.58 -43.18 -107.92
N ARG D 303 -8.59 -42.62 -107.25
CA ARG D 303 -8.56 -42.70 -105.80
C ARG D 303 -9.67 -41.84 -105.21
N THR D 304 -10.25 -42.31 -104.11
CA THR D 304 -11.42 -41.71 -103.49
C THR D 304 -11.05 -41.06 -102.17
N SER D 305 -12.05 -40.44 -101.52
CA SER D 305 -11.83 -39.91 -100.19
C SER D 305 -11.51 -41.06 -99.23
N LEU D 306 -10.70 -40.76 -98.21
CA LEU D 306 -10.27 -41.75 -97.26
C LEU D 306 -10.89 -41.41 -95.91
N PRO D 307 -11.57 -42.33 -95.22
CA PRO D 307 -12.26 -41.95 -93.96
C PRO D 307 -11.28 -41.35 -92.97
N PRO D 308 -11.59 -40.18 -92.41
CA PRO D 308 -10.59 -39.53 -91.54
C PRO D 308 -10.31 -40.31 -90.28
N THR D 309 -11.30 -41.02 -89.74
CA THR D 309 -11.03 -41.87 -88.58
C THR D 309 -10.03 -42.96 -88.93
N MET D 310 -10.10 -43.49 -90.16
CA MET D 310 -9.18 -44.55 -90.55
C MET D 310 -7.76 -44.03 -90.66
N LEU D 311 -7.56 -42.90 -91.35
CA LEU D 311 -6.21 -42.37 -91.47
C LEU D 311 -5.70 -41.86 -90.12
N GLN D 312 -6.60 -41.40 -89.24
CA GLN D 312 -6.19 -40.98 -87.91
C GLN D 312 -5.71 -42.18 -87.10
N ASP D 313 -6.43 -43.30 -87.19
CA ASP D 313 -5.98 -44.51 -86.53
C ASP D 313 -4.64 -44.96 -87.07
N SER D 314 -4.46 -44.90 -88.40
CA SER D 314 -3.17 -45.25 -88.97
C SER D 314 -2.07 -44.32 -88.46
N LEU D 315 -2.37 -43.02 -88.39
CA LEU D 315 -1.34 -42.03 -88.04
C LEU D 315 -0.92 -42.16 -86.59
N ASP D 316 -1.87 -42.43 -85.68
CA ASP D 316 -1.56 -42.44 -84.27
C ASP D 316 -0.87 -43.72 -83.80
N ASN D 317 -0.54 -44.64 -84.72
CA ASN D 317 0.25 -45.83 -84.42
C ASN D 317 1.55 -45.82 -85.22
N GLY D 318 2.18 -44.67 -85.33
CA GLY D 318 3.47 -44.58 -86.00
C GLY D 318 3.44 -45.00 -87.45
N GLU D 319 2.42 -44.55 -88.19
CA GLU D 319 2.25 -44.91 -89.60
C GLU D 319 1.97 -43.65 -90.39
N GLY D 320 2.29 -43.70 -91.68
CA GLY D 320 2.07 -42.59 -92.58
C GLY D 320 0.65 -42.59 -93.14
N ARG D 321 0.43 -41.69 -94.10
CA ARG D 321 -0.86 -41.60 -94.74
C ARG D 321 -1.10 -42.88 -95.56
N PRO D 322 -2.27 -43.49 -95.50
CA PRO D 322 -2.52 -44.66 -96.36
C PRO D 322 -2.41 -44.33 -97.83
N SER D 323 -1.90 -45.28 -98.59
CA SER D 323 -1.68 -45.14 -100.03
C SER D 323 -2.02 -46.47 -100.70
N PRO D 324 -2.24 -46.46 -102.01
CA PRO D 324 -2.54 -47.73 -102.69
C PRO D 324 -1.39 -48.72 -102.69
N MET D 325 -0.18 -48.32 -102.29
CA MET D 325 0.96 -49.22 -102.16
C MET D 325 1.52 -49.15 -100.75
N LEU D 326 1.75 -50.34 -100.17
CA LEU D 326 2.27 -50.49 -98.82
C LEU D 326 3.59 -51.23 -98.89
N SER D 327 4.67 -50.57 -98.48
CA SER D 327 5.99 -51.18 -98.42
C SER D 327 6.17 -51.86 -97.07
N VAL D 328 6.61 -53.11 -97.09
CA VAL D 328 6.92 -53.89 -95.89
C VAL D 328 8.36 -54.36 -96.00
N ARG D 329 9.14 -54.12 -94.94
CA ARG D 329 10.56 -54.46 -94.90
C ARG D 329 10.82 -55.45 -93.78
N ASP D 330 11.97 -56.12 -93.87
CA ASP D 330 12.46 -57.05 -92.87
C ASP D 330 11.63 -58.34 -92.80
N LEU D 331 10.84 -58.62 -93.83
CA LEU D 331 10.06 -59.85 -93.91
C LEU D 331 10.24 -60.50 -95.27
N SER D 332 10.15 -61.82 -95.29
CA SER D 332 10.29 -62.57 -96.53
C SER D 332 9.02 -62.47 -97.37
N ILE D 333 9.18 -62.72 -98.67
CA ILE D 333 8.03 -62.75 -99.58
C ILE D 333 7.03 -63.80 -99.12
N LYS D 334 7.51 -64.93 -98.58
CA LYS D 334 6.59 -65.98 -98.16
C LYS D 334 5.73 -65.54 -96.98
N GLN D 335 6.35 -64.96 -95.94
CA GLN D 335 5.59 -64.50 -94.78
C GLN D 335 4.61 -63.40 -95.18
N VAL D 336 5.10 -62.43 -95.95
CA VAL D 336 4.22 -61.37 -96.43
C VAL D 336 3.06 -61.97 -97.19
N GLU D 337 3.35 -62.86 -98.15
CA GLU D 337 2.32 -63.48 -98.96
C GLU D 337 1.30 -64.20 -98.09
N LYS D 338 1.73 -64.87 -97.03
CA LYS D 338 0.76 -65.51 -96.13
C LYS D 338 -0.17 -64.47 -95.51
N PHE D 339 0.39 -63.33 -95.10
CA PHE D 339 -0.46 -62.26 -94.59
C PHE D 339 -1.44 -61.79 -95.68
N ILE D 340 -0.98 -61.75 -96.92
CA ILE D 340 -1.85 -61.27 -98.00
C ILE D 340 -2.98 -62.25 -98.19
N GLU D 341 -2.68 -63.55 -98.10
CA GLU D 341 -3.70 -64.57 -98.27
C GLU D 341 -4.75 -64.47 -97.17
N GLN D 342 -4.32 -64.18 -95.94
CA GLN D 342 -5.30 -63.94 -94.88
C GLN D 342 -6.20 -62.75 -95.22
N THR D 343 -5.59 -61.61 -95.55
CA THR D 343 -6.38 -60.41 -95.82
C THR D 343 -7.30 -60.62 -97.03
N ASN D 344 -6.80 -61.28 -98.07
CA ASN D 344 -7.61 -61.54 -99.26
C ASN D 344 -8.75 -62.49 -98.95
N SER D 345 -8.50 -63.52 -98.14
CA SER D 345 -9.56 -64.42 -97.75
C SER D 345 -10.67 -63.69 -97.02
N HIS D 346 -10.30 -62.70 -96.20
CA HIS D 346 -11.30 -61.90 -95.49
C HIS D 346 -11.82 -60.71 -96.30
N LEU D 347 -11.30 -60.47 -97.50
CA LEU D 347 -11.78 -59.40 -98.36
C LEU D 347 -12.43 -60.01 -99.59
N PRO D 348 -13.29 -59.25 -100.28
CA PRO D 348 -13.75 -59.69 -101.60
C PRO D 348 -12.65 -59.56 -102.65
N ARG D 349 -12.86 -60.24 -103.78
CA ARG D 349 -11.84 -60.28 -104.83
C ARG D 349 -11.53 -58.90 -105.39
N GLU D 350 -12.53 -58.01 -105.39
CA GLU D 350 -12.38 -56.75 -106.11
C GLU D 350 -11.60 -55.71 -105.32
N LYS D 351 -11.41 -55.94 -104.02
CA LYS D 351 -10.54 -55.12 -103.18
C LYS D 351 -9.43 -55.97 -102.56
N HIS D 352 -8.95 -56.96 -103.31
CA HIS D 352 -7.90 -57.85 -102.86
C HIS D 352 -6.55 -57.13 -102.85
N ILE D 353 -5.59 -57.74 -102.17
CA ILE D 353 -4.20 -57.29 -102.13
C ILE D 353 -3.37 -58.32 -102.87
N ALA D 354 -2.42 -57.84 -103.68
CA ALA D 354 -1.52 -58.70 -104.42
C ALA D 354 -0.11 -58.16 -104.34
N ILE D 355 0.86 -59.05 -104.48
CA ILE D 355 2.26 -58.64 -104.51
C ILE D 355 2.47 -57.72 -105.71
N SER D 356 2.78 -56.45 -105.44
CA SER D 356 3.01 -55.50 -106.52
C SER D 356 4.45 -55.55 -107.01
N LEU D 357 5.42 -55.56 -106.09
CA LEU D 357 6.80 -55.67 -106.49
C LEU D 357 7.64 -56.20 -105.33
N ILE D 358 8.68 -56.95 -105.67
CA ILE D 358 9.59 -57.55 -104.69
C ILE D 358 10.93 -56.86 -104.82
N ASN D 359 11.15 -55.81 -104.03
CA ASN D 359 12.38 -55.03 -104.13
C ASN D 359 13.59 -55.79 -103.63
N GLY D 360 13.38 -56.81 -102.80
CA GLY D 360 14.47 -57.61 -102.29
C GLY D 360 13.92 -58.77 -101.49
N ALA D 361 14.84 -59.53 -100.89
CA ALA D 361 14.44 -60.64 -100.04
C ALA D 361 13.64 -60.13 -98.84
N ARG D 362 14.08 -59.02 -98.25
CA ARG D 362 13.47 -58.41 -97.08
C ARG D 362 12.92 -57.03 -97.40
N ASN D 363 12.40 -56.85 -98.62
CA ASN D 363 11.83 -55.58 -99.03
C ASN D 363 10.78 -55.85 -100.09
N LEU D 364 9.52 -55.51 -99.79
CA LEU D 364 8.41 -55.79 -100.69
C LEU D 364 7.48 -54.59 -100.68
N VAL D 365 6.70 -54.44 -101.75
CA VAL D 365 5.63 -53.45 -101.79
C VAL D 365 4.40 -54.10 -102.41
N LEU D 366 3.24 -53.79 -101.84
CA LEU D 366 1.98 -54.46 -102.15
C LEU D 366 0.93 -53.45 -102.56
N SER D 367 0.22 -53.75 -103.63
CA SER D 367 -0.75 -52.85 -104.23
C SER D 367 -2.16 -53.30 -103.89
N GLY D 368 -3.08 -52.34 -103.92
CA GLY D 368 -4.45 -52.59 -103.60
C GLY D 368 -5.11 -51.32 -103.10
N PRO D 369 -6.39 -51.42 -102.71
CA PRO D 369 -7.07 -50.23 -102.19
C PRO D 369 -6.40 -49.75 -100.92
N PRO D 370 -6.38 -48.44 -100.67
CA PRO D 370 -5.82 -47.97 -99.39
C PRO D 370 -6.53 -48.53 -98.17
N GLU D 371 -7.85 -48.74 -98.24
CA GLU D 371 -8.56 -49.33 -97.11
C GLU D 371 -8.12 -50.77 -96.87
N SER D 372 -7.98 -51.55 -97.94
CA SER D 372 -7.52 -52.93 -97.80
C SER D 372 -6.11 -52.96 -97.23
N LEU D 373 -5.24 -52.06 -97.68
CA LEU D 373 -3.89 -52.04 -97.14
C LEU D 373 -3.86 -51.50 -95.71
N TYR D 374 -4.83 -50.68 -95.32
CA TYR D 374 -4.92 -50.28 -93.92
C TYR D 374 -5.31 -51.45 -93.04
N GLY D 375 -6.29 -52.25 -93.48
CA GLY D 375 -6.63 -53.45 -92.73
C GLY D 375 -5.46 -54.42 -92.66
N PHE D 376 -4.75 -54.56 -93.78
CA PHE D 376 -3.48 -55.26 -93.80
C PHE D 376 -2.54 -54.74 -92.71
N ASN D 377 -2.37 -53.42 -92.64
CA ASN D 377 -1.41 -52.87 -91.69
C ASN D 377 -1.90 -53.04 -90.25
N LEU D 378 -3.22 -53.07 -90.05
CA LEU D 378 -3.75 -53.41 -88.74
C LEU D 378 -3.34 -54.82 -88.34
N ASN D 379 -3.47 -55.77 -89.27
CA ASN D 379 -3.07 -57.14 -88.98
C ASN D 379 -1.59 -57.20 -88.68
N LEU D 380 -0.77 -56.48 -89.46
CA LEU D 380 0.67 -56.52 -89.28
C LEU D 380 1.09 -55.87 -87.97
N ARG D 381 0.41 -54.79 -87.57
CA ARG D 381 0.71 -54.18 -86.28
C ARG D 381 0.31 -55.10 -85.14
N ASN D 382 -0.81 -55.82 -85.30
CA ASN D 382 -1.20 -56.78 -84.28
C ASN D 382 -0.16 -57.89 -84.15
N GLN D 383 0.36 -58.38 -85.27
CA GLN D 383 1.27 -59.52 -85.23
C GLN D 383 2.70 -59.11 -84.88
N LYS D 384 3.11 -57.89 -85.18
CA LYS D 384 4.47 -57.46 -84.96
C LYS D 384 4.67 -57.05 -83.50
N ALA D 385 5.88 -56.62 -83.19
CA ALA D 385 6.28 -56.16 -81.87
C ALA D 385 6.97 -54.81 -82.00
N PRO D 386 7.03 -54.01 -80.92
CA PRO D 386 7.68 -52.70 -81.01
C PRO D 386 9.16 -52.80 -81.41
N LEU D 389 11.59 -53.71 -78.41
CA LEU D 389 11.15 -54.63 -77.36
C LEU D 389 12.31 -55.12 -76.50
N ASP D 390 13.54 -54.96 -76.99
CA ASP D 390 14.73 -55.40 -76.27
C ASP D 390 14.68 -56.91 -76.02
N GLN D 391 14.68 -57.67 -77.12
CA GLN D 391 14.63 -59.12 -77.08
C GLN D 391 16.00 -59.76 -76.95
N SER D 392 17.04 -58.97 -76.61
CA SER D 392 18.38 -59.53 -76.49
C SER D 392 18.46 -60.61 -75.43
N ARG D 393 17.58 -60.56 -74.42
CA ARG D 393 17.53 -61.55 -73.37
C ARG D 393 16.59 -62.73 -73.70
N VAL D 394 16.16 -62.84 -74.96
CA VAL D 394 15.24 -63.88 -75.39
C VAL D 394 15.96 -64.77 -76.40
N PRO D 395 15.79 -66.10 -76.37
CA PRO D 395 16.45 -66.93 -77.38
C PRO D 395 16.01 -66.57 -78.80
N PHE D 396 16.95 -66.66 -79.73
CA PHE D 396 16.69 -66.23 -81.11
C PHE D 396 15.55 -67.02 -81.75
N SER D 397 15.43 -68.31 -81.43
CA SER D 397 14.40 -69.13 -82.08
C SER D 397 13.00 -68.67 -81.70
N GLU D 398 12.82 -68.11 -80.51
CA GLU D 398 11.52 -67.68 -80.00
C GLU D 398 11.39 -66.16 -79.97
N ARG D 399 12.16 -65.46 -80.79
CA ARG D 399 12.12 -64.01 -80.84
C ARG D 399 11.09 -63.53 -81.84
N LYS D 400 10.33 -62.51 -81.44
CA LYS D 400 9.32 -61.93 -82.33
C LYS D 400 9.98 -61.17 -83.47
N LEU D 401 9.33 -61.22 -84.63
CA LEU D 401 9.85 -60.59 -85.84
C LEU D 401 9.59 -59.09 -85.80
N LYS D 402 10.60 -58.32 -86.20
CA LYS D 402 10.50 -56.87 -86.30
C LYS D 402 10.36 -56.46 -87.76
N CYS D 403 9.71 -55.32 -87.98
CA CYS D 403 9.52 -54.81 -89.33
C CYS D 403 9.12 -53.35 -89.25
N SER D 404 9.44 -52.61 -90.31
CA SER D 404 9.12 -51.19 -90.46
C SER D 404 8.37 -51.02 -91.77
N ASN D 405 7.05 -51.12 -91.71
CA ASN D 405 6.20 -51.00 -92.89
C ASN D 405 5.56 -49.63 -92.94
N ARG D 406 5.51 -49.06 -94.15
CA ARG D 406 4.94 -47.74 -94.35
C ARG D 406 4.41 -47.65 -95.78
N PHE D 407 3.48 -46.72 -96.00
CA PHE D 407 2.90 -46.54 -97.32
C PHE D 407 3.78 -45.63 -98.16
N LEU D 408 4.00 -46.01 -99.41
CA LEU D 408 4.81 -45.19 -100.30
C LEU D 408 4.06 -43.91 -100.68
N PRO D 409 4.79 -42.86 -101.08
CA PRO D 409 4.09 -41.68 -101.64
C PRO D 409 3.62 -41.93 -103.07
N ILE D 410 2.42 -42.51 -103.19
CA ILE D 410 1.85 -42.81 -104.49
C ILE D 410 0.33 -42.79 -104.38
N PHE D 411 -0.33 -42.49 -105.50
CA PHE D 411 -1.77 -42.45 -105.61
C PHE D 411 -2.25 -43.36 -106.74
N ALA D 412 -1.71 -44.57 -106.83
CA ALA D 412 -2.23 -45.58 -107.74
C ALA D 412 -1.73 -46.96 -107.35
N PRO D 413 -2.56 -48.03 -107.45
CA PRO D 413 -2.06 -49.39 -107.17
C PRO D 413 -1.45 -50.08 -108.39
N PHE D 414 -0.22 -49.71 -108.70
CA PHE D 414 0.47 -50.29 -109.85
C PHE D 414 0.79 -51.76 -109.60
N HIS D 415 0.79 -52.53 -110.69
CA HIS D 415 1.04 -53.98 -110.63
C HIS D 415 -0.02 -54.68 -109.77
N SER D 416 -1.27 -54.48 -110.18
CA SER D 416 -2.39 -55.08 -109.46
C SER D 416 -3.55 -55.27 -110.44
N HIS D 417 -4.48 -56.13 -110.05
CA HIS D 417 -5.65 -56.41 -110.87
C HIS D 417 -6.54 -55.20 -111.05
N LEU D 418 -6.42 -54.19 -110.18
CA LEU D 418 -7.29 -53.03 -110.28
C LEU D 418 -7.07 -52.29 -111.60
N LEU D 419 -5.82 -52.19 -112.04
CA LEU D 419 -5.48 -51.53 -113.29
C LEU D 419 -5.40 -52.50 -114.47
N ALA D 420 -5.73 -53.78 -114.25
CA ALA D 420 -5.67 -54.75 -115.34
C ALA D 420 -6.64 -54.41 -116.46
N ASP D 421 -7.83 -53.92 -116.12
CA ASP D 421 -8.79 -53.54 -117.15
C ASP D 421 -8.38 -52.27 -117.88
N ALA D 422 -7.43 -51.50 -117.32
CA ALA D 422 -6.89 -50.35 -118.04
C ALA D 422 -5.91 -50.77 -119.14
N THR D 423 -5.45 -52.03 -119.11
CA THR D 423 -4.41 -52.47 -120.04
C THR D 423 -4.90 -52.34 -121.49
N GLU D 424 -5.95 -53.09 -121.83
CA GLU D 424 -6.46 -53.10 -123.20
C GLU D 424 -6.76 -51.71 -123.70
N LEU D 425 -7.27 -50.83 -122.84
CA LEU D 425 -7.51 -49.46 -123.24
C LEU D 425 -6.19 -48.75 -123.54
N ILE D 426 -5.15 -48.99 -122.75
CA ILE D 426 -3.86 -48.36 -122.99
C ILE D 426 -3.30 -48.79 -124.34
N LEU D 427 -3.35 -50.10 -124.63
CA LEU D 427 -2.84 -50.57 -125.92
C LEU D 427 -3.69 -50.03 -127.08
N ASP D 428 -5.01 -49.98 -126.92
CA ASP D 428 -5.85 -49.44 -127.99
C ASP D 428 -5.52 -47.98 -128.25
N ASP D 429 -5.30 -47.20 -127.19
CA ASP D 429 -4.94 -45.80 -127.37
C ASP D 429 -3.57 -45.68 -128.01
N VAL D 430 -2.63 -46.54 -127.61
CA VAL D 430 -1.27 -46.49 -128.15
C VAL D 430 -1.28 -46.78 -129.65
N LYS D 431 -2.07 -47.77 -130.07
CA LYS D 431 -2.07 -48.20 -131.47
C LYS D 431 -2.48 -47.08 -132.41
N GLU D 432 -3.17 -46.05 -131.92
CA GLU D 432 -3.61 -44.95 -132.76
C GLU D 432 -2.49 -43.95 -133.06
N HIS D 433 -1.52 -43.80 -132.16
CA HIS D 433 -0.50 -42.77 -132.28
C HIS D 433 0.83 -43.28 -132.81
N GLY D 434 0.89 -44.50 -133.32
CA GLY D 434 2.12 -45.01 -133.89
C GLY D 434 3.21 -45.31 -132.89
N LEU D 435 2.87 -45.42 -131.60
CA LEU D 435 3.86 -45.71 -130.58
C LEU D 435 4.32 -47.16 -130.71
N SER D 436 5.61 -47.36 -130.97
CA SER D 436 6.15 -48.70 -131.19
C SER D 436 7.65 -48.66 -130.98
N PHE D 437 8.15 -49.53 -130.10
CA PHE D 437 9.59 -49.71 -129.89
C PHE D 437 9.99 -51.04 -130.53
N GLU D 438 10.77 -50.95 -131.60
CA GLU D 438 11.24 -52.13 -132.33
C GLU D 438 12.76 -52.22 -132.37
N GLY D 439 13.44 -51.14 -132.73
CA GLY D 439 14.88 -51.16 -132.92
C GLY D 439 15.66 -50.91 -131.66
N LEU D 440 15.70 -51.89 -130.76
CA LEU D 440 16.46 -51.79 -129.52
C LEU D 440 17.86 -52.31 -129.75
N LYS D 441 18.86 -51.51 -129.39
CA LYS D 441 20.26 -51.88 -129.59
C LYS D 441 20.81 -52.64 -128.40
N ILE D 442 20.82 -52.02 -127.22
CA ILE D 442 21.31 -52.66 -126.00
C ILE D 442 20.21 -53.57 -125.47
N PRO D 443 20.55 -54.61 -124.70
CA PRO D 443 19.49 -55.43 -124.09
C PRO D 443 18.73 -54.62 -123.05
N VAL D 444 17.45 -54.93 -122.93
CA VAL D 444 16.57 -54.32 -121.92
C VAL D 444 16.00 -55.47 -121.11
N TYR D 445 16.48 -55.62 -119.88
CA TYR D 445 16.06 -56.74 -119.05
C TYR D 445 14.59 -56.62 -118.69
N ASP D 446 13.84 -57.70 -118.90
CA ASP D 446 12.43 -57.71 -118.60
C ASP D 446 12.21 -57.57 -117.10
N THR D 447 11.31 -56.67 -116.72
CA THR D 447 11.13 -56.33 -115.31
C THR D 447 10.47 -57.45 -114.53
N PHE D 448 9.76 -58.35 -115.21
CA PHE D 448 9.09 -59.49 -114.57
C PHE D 448 9.78 -60.82 -114.87
N ASP D 449 9.98 -61.13 -116.15
CA ASP D 449 10.58 -62.40 -116.54
C ASP D 449 12.10 -62.38 -116.56
N GLY D 450 12.70 -61.19 -116.64
CA GLY D 450 14.15 -61.03 -116.64
C GLY D 450 14.82 -61.14 -117.98
N SER D 451 14.10 -61.52 -119.03
CA SER D 451 14.70 -61.72 -120.34
C SER D 451 14.84 -60.40 -121.08
N ASP D 452 15.45 -60.45 -122.25
CA ASP D 452 15.60 -59.27 -123.09
C ASP D 452 14.33 -59.04 -123.90
N PHE D 453 13.93 -57.76 -124.01
CA PHE D 453 12.76 -57.42 -124.80
C PHE D 453 12.97 -57.67 -126.29
N GLN D 454 14.22 -57.77 -126.74
CA GLN D 454 14.49 -58.00 -128.16
C GLN D 454 13.89 -59.32 -128.63
N ALA D 455 14.01 -60.36 -127.80
CA ALA D 455 13.48 -61.69 -128.14
C ALA D 455 12.07 -61.84 -127.58
N LEU D 456 11.15 -61.09 -128.18
CA LEU D 456 9.73 -61.15 -127.83
C LEU D 456 8.90 -61.20 -129.10
N LYS D 457 7.93 -62.12 -129.14
CA LYS D 457 7.03 -62.18 -130.28
C LYS D 457 6.04 -61.02 -130.26
N GLU D 458 5.49 -60.70 -129.08
CA GLU D 458 4.52 -59.63 -128.96
C GLU D 458 5.22 -58.27 -129.02
N PRO D 459 4.48 -57.20 -129.27
CA PRO D 459 5.11 -55.87 -129.29
C PRO D 459 5.73 -55.51 -127.94
N ILE D 460 6.85 -54.80 -128.03
CA ILE D 460 7.59 -54.43 -126.82
C ILE D 460 6.73 -53.54 -125.93
N ILE D 461 6.01 -52.59 -126.56
CA ILE D 461 5.19 -51.68 -125.78
C ILE D 461 4.04 -52.43 -125.14
N ASP D 462 3.47 -53.42 -125.84
CA ASP D 462 2.42 -54.24 -125.26
C ASP D 462 2.93 -54.94 -124.01
N ARG D 463 4.10 -55.58 -124.11
CA ARG D 463 4.67 -56.28 -122.96
C ARG D 463 4.94 -55.32 -121.81
N VAL D 464 5.47 -54.13 -122.12
CA VAL D 464 5.85 -53.18 -121.08
C VAL D 464 4.61 -52.62 -120.39
N VAL D 465 3.57 -52.31 -121.16
CA VAL D 465 2.33 -51.81 -120.57
C VAL D 465 1.70 -52.87 -119.69
N LYS D 466 1.65 -54.11 -120.18
CA LYS D 466 1.12 -55.20 -119.36
C LYS D 466 1.92 -55.34 -118.08
N LEU D 467 3.24 -55.17 -118.16
CA LEU D 467 4.09 -55.23 -116.97
C LEU D 467 3.72 -54.13 -115.98
N ILE D 468 3.65 -52.88 -116.46
CA ILE D 468 3.46 -51.76 -115.55
C ILE D 468 2.08 -51.81 -114.92
N THR D 469 1.07 -52.28 -115.66
CA THR D 469 -0.30 -52.28 -115.15
C THR D 469 -0.58 -53.52 -114.29
N GLU D 470 -0.42 -54.72 -114.86
CA GLU D 470 -0.90 -55.95 -114.23
C GLU D 470 0.21 -56.72 -113.52
N LEU D 471 1.25 -57.13 -114.25
CA LEU D 471 2.16 -58.13 -113.72
C LEU D 471 3.01 -57.57 -112.58
N PRO D 472 3.45 -58.41 -111.65
CA PRO D 472 4.30 -57.94 -110.55
C PRO D 472 5.72 -57.66 -111.06
N VAL D 473 6.58 -57.31 -110.11
CA VAL D 473 8.00 -57.04 -110.40
C VAL D 473 8.84 -57.85 -109.42
N HIS D 474 9.54 -58.86 -109.94
CA HIS D 474 10.62 -59.50 -109.20
C HIS D 474 11.88 -58.70 -109.52
N TRP D 475 12.14 -57.69 -108.69
CA TRP D 475 13.17 -56.71 -109.02
C TRP D 475 14.55 -57.35 -109.11
N GLU D 476 14.90 -58.19 -108.14
CA GLU D 476 16.22 -58.79 -108.13
C GLU D 476 16.42 -59.69 -109.34
N GLU D 477 15.42 -60.52 -109.65
CA GLU D 477 15.50 -61.40 -110.80
C GLU D 477 15.62 -60.58 -112.08
N ALA D 478 14.88 -59.47 -112.15
CA ALA D 478 14.97 -58.60 -113.32
C ALA D 478 16.36 -58.01 -113.46
N THR D 479 16.95 -57.57 -112.35
CA THR D 479 18.29 -56.96 -112.35
C THR D 479 19.37 -57.97 -111.98
N ASN D 480 19.18 -59.23 -112.38
CA ASN D 480 20.23 -60.23 -112.25
C ASN D 480 21.36 -59.86 -113.21
N HIS D 481 22.20 -58.93 -112.76
CA HIS D 481 23.20 -58.31 -113.62
C HIS D 481 24.49 -59.12 -113.59
N LYS D 482 25.31 -58.97 -114.63
CA LYS D 482 26.71 -59.41 -114.62
C LYS D 482 27.53 -58.20 -115.09
N ALA D 483 27.82 -57.30 -114.16
CA ALA D 483 28.42 -56.02 -114.50
C ALA D 483 29.01 -55.40 -113.24
N THR D 484 29.81 -54.36 -113.44
CA THR D 484 30.51 -53.71 -112.34
C THR D 484 29.95 -52.35 -111.99
N HIS D 485 29.41 -51.61 -112.97
CA HIS D 485 28.94 -50.25 -112.77
C HIS D 485 27.47 -50.15 -113.14
N ILE D 486 26.65 -49.73 -112.17
CA ILE D 486 25.23 -49.49 -112.35
C ILE D 486 24.99 -48.03 -112.02
N LEU D 487 24.11 -47.38 -112.77
CA LEU D 487 23.75 -45.99 -112.51
C LEU D 487 22.25 -45.79 -112.57
N ASP D 488 21.72 -45.16 -111.53
CA ASP D 488 20.30 -44.88 -111.41
C ASP D 488 20.00 -43.45 -111.85
N PHE D 489 19.08 -43.31 -112.80
CA PHE D 489 18.67 -42.01 -113.31
C PHE D 489 17.30 -41.57 -112.81
N GLY D 490 16.69 -42.29 -111.88
CA GLY D 490 15.32 -42.02 -111.50
C GLY D 490 15.19 -40.98 -110.41
N PRO D 491 13.94 -40.72 -109.98
CA PRO D 491 13.73 -39.81 -108.85
C PRO D 491 14.22 -40.42 -107.54
N GLY D 492 14.20 -39.63 -106.49
CA GLY D 492 14.61 -40.09 -105.17
C GLY D 492 16.07 -39.89 -104.84
N GLY D 493 16.96 -40.33 -105.73
CA GLY D 493 18.38 -40.21 -105.49
C GLY D 493 18.82 -41.03 -104.30
N VAL D 494 19.12 -40.37 -103.19
CA VAL D 494 19.47 -41.08 -101.96
C VAL D 494 18.31 -41.95 -101.49
N SER D 495 17.08 -41.51 -101.75
CA SER D 495 15.88 -42.28 -101.42
C SER D 495 15.35 -43.08 -102.62
N GLY D 496 16.09 -43.11 -103.73
CA GLY D 496 15.61 -43.71 -104.95
C GLY D 496 15.99 -45.17 -105.10
N LEU D 497 16.03 -45.62 -106.36
CA LEU D 497 16.24 -47.03 -106.67
C LEU D 497 17.69 -47.46 -106.49
N GLY D 498 18.63 -46.54 -106.70
CA GLY D 498 20.04 -46.92 -106.65
C GLY D 498 20.46 -47.40 -105.28
N VAL D 499 20.08 -46.65 -104.23
CA VAL D 499 20.44 -47.06 -102.88
C VAL D 499 19.72 -48.35 -102.51
N LEU D 500 18.48 -48.52 -102.98
CA LEU D 500 17.76 -49.76 -102.72
C LEU D 500 18.50 -50.96 -103.30
N THR D 501 18.89 -50.88 -104.57
CA THR D 501 19.54 -52.01 -105.21
C THR D 501 20.98 -52.20 -104.74
N HIS D 502 21.62 -51.15 -104.24
CA HIS D 502 22.96 -51.29 -103.67
C HIS D 502 22.95 -52.29 -102.52
N ARG D 503 21.90 -52.27 -101.69
CA ARG D 503 21.83 -53.21 -100.59
C ARG D 503 21.73 -54.65 -101.10
N ASN D 504 20.94 -54.86 -102.15
CA ASN D 504 20.84 -56.20 -102.73
C ASN D 504 22.17 -56.65 -103.36
N LYS D 505 23.01 -55.70 -103.78
CA LYS D 505 24.25 -56.02 -104.48
C LYS D 505 25.46 -55.40 -103.78
N GLU D 506 25.46 -55.48 -102.45
CA GLU D 506 26.56 -54.93 -101.67
C GLU D 506 27.89 -55.62 -101.97
N GLY D 507 27.90 -56.95 -101.87
CA GLY D 507 29.13 -57.73 -101.94
C GLY D 507 29.37 -58.47 -103.24
N THR D 508 28.63 -58.15 -104.31
CA THR D 508 28.78 -58.81 -105.60
C THR D 508 29.68 -58.03 -106.56
N GLY D 509 30.35 -56.98 -106.08
CA GLY D 509 31.19 -56.19 -106.95
C GLY D 509 30.46 -55.14 -107.76
N ALA D 510 29.23 -54.81 -107.38
CA ALA D 510 28.42 -53.83 -108.10
C ALA D 510 28.54 -52.47 -107.42
N ARG D 511 28.84 -51.45 -108.21
CA ARG D 511 28.97 -50.08 -107.75
C ARG D 511 27.78 -49.29 -108.29
N ILE D 512 26.93 -48.79 -107.41
CA ILE D 512 25.76 -48.02 -107.79
C ILE D 512 26.13 -46.54 -107.75
N ILE D 513 25.81 -45.83 -108.83
CA ILE D 513 26.08 -44.40 -108.98
C ILE D 513 24.75 -43.69 -109.17
N LEU D 514 24.45 -42.73 -108.30
CA LEU D 514 23.17 -42.04 -108.34
C LEU D 514 23.30 -40.87 -109.30
N ALA D 515 23.10 -41.13 -110.59
CA ALA D 515 23.29 -40.10 -111.61
C ALA D 515 22.02 -39.26 -111.77
N GLY D 516 21.49 -38.77 -110.66
CA GLY D 516 20.30 -37.94 -110.66
C GLY D 516 20.31 -36.84 -109.62
N THR D 517 21.39 -36.72 -108.86
CA THR D 517 21.47 -35.71 -107.83
C THR D 517 22.92 -35.52 -107.41
N LEU D 518 23.26 -34.29 -107.03
CA LEU D 518 24.57 -33.94 -106.50
C LEU D 518 24.45 -33.71 -105.00
N ASP D 519 25.31 -34.37 -104.24
CA ASP D 519 25.36 -34.18 -102.80
C ASP D 519 26.70 -34.68 -102.29
N SER D 520 26.97 -34.41 -101.01
CA SER D 520 28.14 -34.99 -100.37
C SER D 520 28.05 -36.52 -100.45
N ASN D 521 29.18 -37.15 -100.79
CA ASN D 521 29.19 -38.59 -100.95
C ASN D 521 28.90 -39.26 -99.62
N PRO D 522 28.46 -40.53 -99.64
CA PRO D 522 28.14 -41.20 -98.37
C PRO D 522 29.35 -41.24 -97.44
N ILE D 523 29.08 -41.05 -96.14
CA ILE D 523 30.16 -41.03 -95.16
C ILE D 523 30.90 -42.36 -95.12
N ASP D 524 30.27 -43.45 -95.55
CA ASP D 524 30.92 -44.75 -95.66
C ASP D 524 31.34 -45.09 -97.09
N ASP D 525 31.01 -44.23 -98.06
CA ASP D 525 31.44 -44.40 -99.45
C ASP D 525 30.99 -45.75 -100.01
N GLU D 526 29.68 -45.91 -100.11
CA GLU D 526 29.05 -47.16 -100.51
C GLU D 526 28.49 -47.10 -101.93
N TYR D 527 27.75 -46.03 -102.27
CA TYR D 527 27.23 -45.83 -103.61
C TYR D 527 27.73 -44.49 -104.14
N GLY D 528 27.96 -44.44 -105.46
CA GLY D 528 28.47 -43.24 -106.09
C GLY D 528 27.40 -42.19 -106.26
N PHE D 529 27.69 -41.19 -107.09
CA PHE D 529 26.78 -40.05 -107.28
C PHE D 529 27.08 -39.41 -108.63
N LYS D 530 26.36 -38.33 -108.92
CA LYS D 530 26.56 -37.59 -110.15
C LYS D 530 28.01 -37.14 -110.28
N HIS D 531 28.60 -36.69 -109.17
CA HIS D 531 30.02 -36.33 -109.18
C HIS D 531 30.89 -37.53 -109.51
N GLU D 532 30.47 -38.74 -109.12
CA GLU D 532 31.29 -39.91 -109.38
C GLU D 532 31.25 -40.31 -110.84
N ILE D 533 30.07 -40.24 -111.47
CA ILE D 533 30.05 -40.50 -112.90
C ILE D 533 30.85 -39.45 -113.65
N PHE D 534 30.73 -38.17 -113.24
CA PHE D 534 31.34 -37.11 -114.03
C PHE D 534 32.80 -36.83 -113.66
N GLN D 535 33.37 -37.53 -112.68
CA GLN D 535 34.78 -37.34 -112.38
C GLN D 535 35.65 -37.85 -113.54
N THR D 536 36.81 -37.22 -113.70
CA THR D 536 37.76 -37.55 -114.76
C THR D 536 39.02 -38.24 -114.26
N SER D 537 39.47 -37.93 -113.05
CA SER D 537 40.62 -38.62 -112.50
C SER D 537 40.24 -40.07 -112.17
N ALA D 538 41.05 -41.00 -112.65
CA ALA D 538 40.76 -42.43 -112.50
C ALA D 538 41.24 -42.97 -111.15
N ASP D 539 40.87 -42.27 -110.08
CA ASP D 539 40.96 -42.76 -108.71
C ASP D 539 39.64 -42.61 -107.99
N LYS D 540 38.91 -41.52 -108.25
CA LYS D 540 37.54 -41.34 -107.79
C LYS D 540 36.51 -41.57 -108.90
N ALA D 541 36.92 -41.47 -110.17
CA ALA D 541 36.00 -41.80 -111.25
C ALA D 541 35.78 -43.31 -111.33
N ILE D 542 36.85 -44.08 -111.24
CA ILE D 542 36.79 -45.54 -111.21
C ILE D 542 36.77 -45.94 -109.73
N LYS D 543 35.61 -46.37 -109.26
CA LYS D 543 35.45 -46.88 -107.90
C LYS D 543 34.66 -48.18 -107.98
N TRP D 544 35.24 -49.26 -107.48
CA TRP D 544 34.63 -50.58 -107.50
C TRP D 544 34.19 -50.95 -106.09
N ALA D 545 32.95 -51.39 -105.95
CA ALA D 545 32.46 -51.83 -104.66
C ALA D 545 33.20 -53.12 -104.27
N PRO D 546 33.34 -53.38 -102.97
CA PRO D 546 34.04 -54.61 -102.56
C PRO D 546 33.35 -55.85 -103.07
N ASP D 547 34.14 -56.75 -103.67
CA ASP D 547 33.70 -58.08 -104.06
C ASP D 547 34.36 -59.04 -103.09
N TRP D 548 33.61 -59.45 -102.07
CA TRP D 548 34.19 -60.17 -100.95
C TRP D 548 34.82 -61.49 -101.38
N LEU D 549 34.21 -62.18 -102.35
CA LEU D 549 34.79 -63.43 -102.83
C LEU D 549 36.19 -63.23 -103.40
N LYS D 550 36.40 -62.10 -104.08
CA LYS D 550 37.68 -61.83 -104.71
C LYS D 550 38.70 -61.23 -103.75
N GLU D 551 38.30 -60.21 -102.99
CA GLU D 551 39.23 -59.48 -102.14
C GLU D 551 39.45 -60.14 -100.78
N LEU D 552 38.63 -61.11 -100.39
CA LEU D 552 38.82 -61.88 -99.17
C LEU D 552 38.86 -63.37 -99.47
N ARG D 553 39.31 -63.71 -100.67
CA ARG D 553 39.40 -65.11 -101.05
C ARG D 553 40.41 -65.83 -100.16
N PRO D 554 40.12 -67.03 -99.66
CA PRO D 554 41.14 -67.79 -98.92
C PRO D 554 42.21 -68.31 -99.86
N THR D 555 43.41 -67.74 -99.80
CA THR D 555 44.48 -68.11 -100.71
C THR D 555 45.40 -69.12 -100.03
N LEU D 556 46.30 -69.70 -100.80
CA LEU D 556 47.38 -70.53 -100.27
C LEU D 556 48.72 -69.85 -100.52
N VAL D 557 49.67 -70.13 -99.62
CA VAL D 557 51.02 -69.61 -99.75
C VAL D 557 51.97 -70.68 -99.21
N LYS D 558 53.25 -70.57 -99.56
CA LYS D 558 54.27 -71.50 -99.11
C LYS D 558 55.45 -70.74 -98.52
N ASN D 559 56.10 -71.35 -97.54
CA ASN D 559 57.26 -70.78 -96.88
C ASN D 559 58.54 -71.25 -97.56
N SER D 560 59.67 -70.70 -97.13
CA SER D 560 60.95 -71.16 -97.64
C SER D 560 61.19 -72.62 -97.28
N GLU D 561 60.80 -73.01 -96.07
CA GLU D 561 60.91 -74.41 -95.65
C GLU D 561 59.96 -75.32 -96.41
N GLY D 562 58.99 -74.77 -97.15
CA GLY D 562 58.05 -75.55 -97.92
C GLY D 562 56.71 -75.75 -97.26
N LYS D 563 56.55 -75.33 -96.01
CA LYS D 563 55.27 -75.48 -95.34
C LYS D 563 54.20 -74.64 -96.03
N ILE D 564 53.02 -75.23 -96.19
CA ILE D 564 51.91 -74.57 -96.86
C ILE D 564 51.01 -73.93 -95.79
N TYR D 565 50.69 -72.65 -95.99
CA TYR D 565 49.85 -71.88 -95.10
C TYR D 565 48.66 -71.33 -95.87
N VAL D 566 47.60 -71.00 -95.14
CA VAL D 566 46.39 -70.45 -95.71
C VAL D 566 46.45 -68.93 -95.55
N LYS D 567 46.71 -68.23 -96.64
CA LYS D 567 46.86 -66.79 -96.64
C LYS D 567 45.47 -66.14 -96.60
N THR D 568 45.19 -65.44 -95.50
CA THR D 568 44.00 -64.63 -95.35
C THR D 568 44.38 -63.37 -94.57
N LYS D 569 43.41 -62.48 -94.41
CA LYS D 569 43.64 -61.25 -93.65
C LYS D 569 44.03 -61.52 -92.20
N PHE D 570 43.63 -62.68 -91.68
CA PHE D 570 43.98 -63.12 -90.32
C PHE D 570 45.33 -63.83 -90.26
N SER D 571 45.54 -64.80 -91.14
CA SER D 571 46.79 -65.55 -91.12
C SER D 571 47.99 -64.68 -91.50
N GLN D 572 47.77 -63.64 -92.31
CA GLN D 572 48.88 -62.78 -92.71
C GLN D 572 49.48 -62.05 -91.51
N LEU D 573 48.63 -61.58 -90.60
CA LEU D 573 49.14 -60.87 -89.44
C LEU D 573 49.90 -61.80 -88.50
N LEU D 574 49.34 -62.99 -88.24
CA LEU D 574 49.95 -63.89 -87.27
C LEU D 574 51.19 -64.59 -87.82
N GLY D 575 51.26 -64.77 -89.14
CA GLY D 575 52.33 -65.56 -89.70
C GLY D 575 52.19 -67.05 -89.50
N ARG D 576 51.04 -67.51 -89.04
CA ARG D 576 50.76 -68.93 -88.83
C ARG D 576 49.33 -69.20 -89.30
N ALA D 577 48.87 -70.42 -89.09
CA ALA D 577 47.58 -70.82 -89.64
C ALA D 577 46.45 -70.00 -89.01
N PRO D 578 45.34 -69.75 -89.74
CA PRO D 578 44.22 -68.96 -89.21
C PRO D 578 43.24 -69.81 -88.40
N LEU D 579 43.75 -70.64 -87.50
CA LEU D 579 42.96 -71.58 -86.72
C LEU D 579 43.43 -71.45 -85.27
N MET D 580 42.74 -70.62 -84.51
CA MET D 580 43.14 -70.27 -83.15
C MET D 580 42.35 -71.08 -82.14
N VAL D 581 42.87 -71.09 -80.91
CA VAL D 581 42.19 -71.66 -79.76
C VAL D 581 41.78 -70.51 -78.86
N ALA D 582 40.47 -70.34 -78.67
CA ALA D 582 39.97 -69.19 -77.94
C ALA D 582 40.21 -69.35 -76.44
N GLY D 583 40.11 -68.24 -75.72
CA GLY D 583 40.35 -68.26 -74.30
C GLY D 583 39.28 -69.05 -73.57
N MET D 584 39.71 -69.77 -72.53
CA MET D 584 38.81 -70.64 -71.78
C MET D 584 39.27 -70.67 -70.33
N THR D 585 38.42 -70.20 -69.43
CA THR D 585 38.77 -70.19 -68.01
C THR D 585 39.04 -71.58 -67.47
N PRO D 586 38.21 -72.60 -67.73
CA PRO D 586 38.56 -73.94 -67.25
C PRO D 586 39.64 -74.60 -68.08
N THR D 587 39.51 -74.53 -69.41
CA THR D 587 40.31 -75.39 -70.29
C THR D 587 41.63 -74.75 -70.68
N THR D 588 41.71 -73.42 -70.74
CA THR D 588 42.89 -72.74 -71.27
C THR D 588 43.46 -71.85 -70.16
N VAL D 589 43.59 -72.43 -68.96
CA VAL D 589 44.37 -71.83 -67.89
C VAL D 589 45.61 -72.64 -67.57
N ASN D 590 45.75 -73.83 -68.13
CA ASN D 590 46.92 -74.65 -67.87
C ASN D 590 48.11 -74.11 -68.65
N THR D 591 49.28 -74.18 -68.03
CA THR D 591 50.50 -73.77 -68.73
C THR D 591 50.77 -74.67 -69.93
N ASP D 592 50.57 -75.98 -69.76
CA ASP D 592 50.93 -76.93 -70.80
C ASP D 592 50.04 -76.81 -72.02
N ILE D 593 48.73 -76.65 -71.84
CA ILE D 593 47.83 -76.57 -72.99
C ILE D 593 48.17 -75.36 -73.84
N VAL D 594 48.47 -74.22 -73.22
CA VAL D 594 48.86 -73.05 -73.98
C VAL D 594 50.21 -73.26 -74.64
N SER D 595 51.21 -73.75 -73.89
CA SER D 595 52.56 -73.84 -74.41
C SER D 595 52.64 -74.82 -75.58
N ALA D 596 52.09 -76.02 -75.42
CA ALA D 596 52.21 -77.03 -76.46
C ALA D 596 51.31 -76.71 -77.65
N SER D 597 50.12 -76.17 -77.40
CA SER D 597 49.27 -75.73 -78.50
C SER D 597 49.97 -74.65 -79.31
N LEU D 598 50.68 -73.74 -78.64
CA LEU D 598 51.45 -72.73 -79.34
C LEU D 598 52.60 -73.36 -80.11
N ASN D 599 53.32 -74.30 -79.48
CA ASN D 599 54.44 -74.95 -80.14
C ASN D 599 54.00 -75.71 -81.38
N ALA D 600 52.75 -76.17 -81.40
CA ALA D 600 52.19 -76.76 -82.62
C ALA D 600 52.10 -75.75 -83.75
N GLY D 601 52.12 -74.45 -83.44
CA GLY D 601 52.11 -73.41 -84.45
C GLY D 601 50.74 -72.80 -84.66
N TYR D 602 49.96 -72.72 -83.59
CA TYR D 602 48.60 -72.21 -83.64
C TYR D 602 48.38 -71.28 -82.46
N HIS D 603 47.80 -70.11 -82.74
CA HIS D 603 47.66 -69.10 -81.71
C HIS D 603 46.65 -69.54 -80.65
N ILE D 604 47.05 -69.43 -79.39
CA ILE D 604 46.19 -69.77 -78.26
C ILE D 604 46.33 -68.67 -77.22
N GLU D 605 45.23 -68.35 -76.55
CA GLU D 605 45.16 -67.21 -75.63
C GLU D 605 44.87 -67.71 -74.22
N LEU D 606 45.90 -67.65 -73.37
CA LEU D 606 45.77 -68.07 -71.98
C LEU D 606 44.69 -67.27 -71.27
N ALA D 607 43.72 -67.97 -70.67
CA ALA D 607 42.64 -67.31 -69.97
C ALA D 607 43.09 -66.89 -68.57
N GLY D 608 42.67 -65.69 -68.16
CA GLY D 608 42.93 -65.24 -66.81
C GLY D 608 41.94 -65.73 -65.77
N GLY D 609 40.86 -66.39 -66.19
CA GLY D 609 39.80 -66.71 -65.25
C GLY D 609 40.24 -67.63 -64.13
N GLY D 610 41.19 -68.51 -64.41
CA GLY D 610 41.78 -69.35 -63.38
C GLY D 610 42.84 -68.67 -62.56
N TYR D 611 43.16 -67.42 -62.86
CA TYR D 611 44.16 -66.65 -62.13
C TYR D 611 43.47 -65.44 -61.49
N PHE D 612 43.75 -65.23 -60.21
CA PHE D 612 43.08 -64.22 -59.41
C PHE D 612 44.01 -63.13 -58.92
N SER D 613 45.24 -63.07 -59.42
CA SER D 613 46.09 -61.92 -59.07
C SER D 613 47.22 -61.80 -60.11
N PRO D 614 47.90 -60.65 -60.24
CA PRO D 614 49.06 -60.71 -61.09
C PRO D 614 50.12 -61.80 -60.75
N VAL D 615 50.34 -62.16 -59.49
CA VAL D 615 51.44 -63.09 -59.20
C VAL D 615 51.16 -64.44 -59.86
N MET D 616 49.91 -64.92 -59.77
CA MET D 616 49.57 -66.16 -60.45
C MET D 616 49.62 -65.99 -61.96
N MET D 617 49.09 -64.87 -62.47
CA MET D 617 49.10 -64.69 -63.92
C MET D 617 50.54 -64.60 -64.45
N THR D 618 51.41 -63.89 -63.73
CA THR D 618 52.79 -63.76 -64.13
C THR D 618 53.52 -65.10 -64.04
N ARG D 619 53.24 -65.90 -63.01
CA ARG D 619 53.89 -67.21 -62.93
C ARG D 619 53.46 -68.08 -64.11
N ALA D 620 52.17 -68.06 -64.45
CA ALA D 620 51.72 -68.86 -65.60
C ALA D 620 52.34 -68.36 -66.89
N ILE D 621 52.39 -67.05 -67.09
CA ILE D 621 52.99 -66.50 -68.31
C ILE D 621 54.47 -66.85 -68.38
N ASP D 622 55.17 -66.75 -67.25
CA ASP D 622 56.60 -67.09 -67.23
C ASP D 622 56.81 -68.56 -67.55
N ASP D 623 55.98 -69.44 -67.00
CA ASP D 623 56.12 -70.87 -67.28
C ASP D 623 55.89 -71.15 -68.77
N ILE D 624 54.85 -70.54 -69.35
CA ILE D 624 54.59 -70.74 -70.77
C ILE D 624 55.74 -70.19 -71.60
N VAL D 625 56.25 -69.01 -71.24
CA VAL D 625 57.35 -68.41 -72.00
C VAL D 625 58.58 -69.31 -71.95
N SER D 626 58.86 -69.88 -70.78
CA SER D 626 60.00 -70.78 -70.65
C SER D 626 59.80 -72.04 -71.47
N ARG D 627 58.57 -72.57 -71.51
CA ARG D 627 58.31 -73.84 -72.18
C ARG D 627 58.11 -73.71 -73.69
N ILE D 628 57.89 -72.51 -74.21
CA ILE D 628 57.78 -72.30 -75.65
C ILE D 628 59.16 -71.97 -76.21
N LYS D 629 59.31 -72.24 -77.51
CA LYS D 629 60.56 -71.97 -78.20
C LYS D 629 60.75 -70.48 -78.45
N PRO D 630 61.96 -70.04 -78.78
CA PRO D 630 62.17 -68.63 -79.09
C PRO D 630 61.53 -68.24 -80.41
N GLY D 631 61.35 -66.94 -80.59
CA GLY D 631 60.67 -66.43 -81.77
C GLY D 631 59.17 -66.62 -81.75
N TYR D 632 58.61 -67.01 -80.60
CA TYR D 632 57.21 -67.39 -80.48
C TYR D 632 56.44 -66.27 -79.78
N GLY D 633 55.12 -66.40 -79.79
CA GLY D 633 54.25 -65.41 -79.17
C GLY D 633 52.90 -65.97 -78.79
N LEU D 634 52.41 -65.61 -77.60
CA LEU D 634 51.14 -66.07 -77.07
C LEU D 634 50.20 -64.90 -76.90
N GLY D 635 48.95 -65.22 -76.50
CA GLY D 635 47.96 -64.21 -76.19
C GLY D 635 47.36 -64.45 -74.82
N ILE D 636 46.57 -63.48 -74.38
CA ILE D 636 45.89 -63.53 -73.09
C ILE D 636 44.43 -63.20 -73.32
N ASN D 637 43.55 -63.78 -72.50
CA ASN D 637 42.12 -63.54 -72.53
C ASN D 637 41.67 -63.03 -71.18
N LEU D 638 40.96 -61.90 -71.19
CA LEU D 638 40.46 -61.24 -69.99
C LEU D 638 38.96 -61.04 -70.11
N ILE D 639 38.24 -61.27 -69.01
CA ILE D 639 36.79 -61.14 -68.98
C ILE D 639 36.44 -59.71 -68.57
N TYR D 640 35.56 -59.06 -69.32
CA TYR D 640 35.16 -57.70 -69.06
C TYR D 640 34.06 -57.57 -68.02
N VAL D 641 33.40 -58.67 -67.66
CA VAL D 641 32.27 -58.58 -66.73
C VAL D 641 32.76 -58.22 -65.33
N ASN D 642 33.93 -58.70 -64.94
CA ASN D 642 34.45 -58.47 -63.60
C ASN D 642 35.49 -57.35 -63.63
N PRO D 643 35.21 -56.19 -63.04
CA PRO D 643 36.19 -55.10 -63.07
C PRO D 643 37.49 -55.41 -62.36
N PHE D 644 37.47 -56.33 -61.38
CA PHE D 644 38.71 -56.70 -60.71
C PHE D 644 39.69 -57.34 -61.68
N MET D 645 39.20 -58.23 -62.54
CA MET D 645 40.04 -58.84 -63.56
C MET D 645 40.74 -57.77 -64.39
N LEU D 646 39.98 -56.79 -64.86
CA LEU D 646 40.57 -55.76 -65.70
C LEU D 646 41.58 -54.93 -64.92
N GLN D 647 41.22 -54.48 -63.72
CA GLN D 647 42.08 -53.57 -62.99
C GLN D 647 43.38 -54.22 -62.56
N TRP D 648 43.39 -55.56 -62.37
CA TRP D 648 44.66 -56.23 -62.06
C TRP D 648 45.38 -56.76 -63.30
N GLY D 649 44.68 -56.98 -64.42
CA GLY D 649 45.30 -57.59 -65.58
C GLY D 649 45.85 -56.61 -66.58
N ILE D 650 45.15 -55.50 -66.81
CA ILE D 650 45.64 -54.51 -67.78
C ILE D 650 46.97 -53.91 -67.34
N PRO D 651 47.14 -53.46 -66.09
CA PRO D 651 48.49 -53.01 -65.68
C PRO D 651 49.54 -54.09 -65.82
N LEU D 652 49.18 -55.34 -65.52
CA LEU D 652 50.15 -56.43 -65.65
C LEU D 652 50.53 -56.65 -67.11
N ILE D 653 49.55 -56.61 -68.02
CA ILE D 653 49.87 -56.80 -69.43
C ILE D 653 50.76 -55.66 -69.91
N LYS D 654 50.47 -54.43 -69.47
CA LYS D 654 51.31 -53.29 -69.83
C LYS D 654 52.74 -53.49 -69.31
N ASP D 655 52.87 -53.93 -68.06
CA ASP D 655 54.20 -54.17 -67.49
C ASP D 655 54.95 -55.26 -68.26
N LEU D 656 54.27 -56.35 -68.57
CA LEU D 656 54.92 -57.45 -69.28
C LEU D 656 55.30 -57.03 -70.69
N ARG D 657 54.49 -56.18 -71.31
CA ARG D 657 54.82 -55.70 -72.66
C ARG D 657 56.01 -54.76 -72.62
N GLU D 658 56.06 -53.86 -71.62
CA GLU D 658 57.22 -52.99 -71.51
C GLU D 658 58.48 -53.78 -71.17
N LYS D 659 58.33 -54.91 -70.48
CA LYS D 659 59.45 -55.83 -70.30
C LYS D 659 59.84 -56.46 -71.64
N GLY D 660 58.85 -56.80 -72.46
CA GLY D 660 59.09 -57.35 -73.78
C GLY D 660 58.65 -58.80 -73.91
N TYR D 661 57.65 -59.20 -73.14
CA TYR D 661 57.21 -60.58 -73.14
C TYR D 661 56.53 -60.93 -74.47
N PRO D 662 56.39 -62.23 -74.79
CA PRO D 662 55.80 -62.60 -76.09
C PRO D 662 54.29 -62.46 -76.16
N ILE D 663 53.68 -61.76 -75.21
CA ILE D 663 52.25 -61.51 -75.26
C ILE D 663 51.93 -60.76 -76.55
N GLN D 664 51.09 -61.35 -77.38
CA GLN D 664 50.75 -60.84 -78.70
C GLN D 664 49.36 -60.25 -78.78
N SER D 665 48.39 -60.84 -78.08
CA SER D 665 46.99 -60.48 -78.22
C SER D 665 46.35 -60.37 -76.85
N LEU D 666 45.34 -59.50 -76.76
CA LEU D 666 44.47 -59.39 -75.59
C LEU D 666 43.06 -59.59 -76.12
N THR D 667 42.41 -60.67 -75.71
CA THR D 667 41.04 -60.96 -76.12
C THR D 667 40.12 -60.61 -74.97
N ILE D 668 39.27 -59.60 -75.18
CA ILE D 668 38.30 -59.21 -74.18
C ILE D 668 37.02 -60.00 -74.40
N GLY D 669 36.58 -60.70 -73.35
CA GLY D 669 35.51 -61.66 -73.47
C GLY D 669 34.14 -61.04 -73.58
N ALA D 670 33.15 -61.62 -72.89
CA ALA D 670 31.79 -61.13 -72.97
C ALA D 670 31.72 -59.68 -72.50
N GLY D 671 31.38 -58.78 -73.43
CA GLY D 671 31.29 -57.36 -73.15
C GLY D 671 32.37 -56.57 -73.85
N VAL D 672 32.01 -55.89 -74.92
CA VAL D 672 32.98 -55.05 -75.63
C VAL D 672 33.23 -53.78 -74.82
N PRO D 673 34.49 -53.36 -74.60
CA PRO D 673 34.71 -52.15 -73.79
C PRO D 673 34.24 -50.88 -74.48
N SER D 674 34.28 -49.77 -73.75
CA SER D 674 33.95 -48.47 -74.30
C SER D 674 35.10 -47.98 -75.18
N ILE D 675 34.87 -46.84 -75.85
CA ILE D 675 35.86 -46.32 -76.78
C ILE D 675 37.12 -45.91 -76.04
N GLU D 676 36.98 -45.28 -74.86
CA GLU D 676 38.15 -44.89 -74.08
C GLU D 676 38.95 -46.11 -73.64
N VAL D 677 38.26 -47.17 -73.20
CA VAL D 677 38.94 -48.37 -72.76
C VAL D 677 39.68 -49.02 -73.92
N ALA D 678 39.04 -49.10 -75.09
CA ALA D 678 39.72 -49.65 -76.25
C ALA D 678 40.91 -48.78 -76.65
N THR D 679 40.76 -47.46 -76.55
CA THR D 679 41.84 -46.54 -76.89
C THR D 679 43.06 -46.78 -76.02
N GLU D 680 42.87 -46.84 -74.70
CA GLU D 680 44.01 -47.05 -73.83
C GLU D 680 44.58 -48.47 -73.98
N TYR D 681 43.73 -49.47 -74.24
CA TYR D 681 44.24 -50.81 -74.48
C TYR D 681 45.03 -50.90 -75.78
N ILE D 682 44.70 -50.06 -76.77
CA ILE D 682 45.39 -50.13 -78.05
C ILE D 682 46.70 -49.37 -78.00
N GLU D 683 46.73 -48.24 -77.30
CA GLU D 683 47.95 -47.43 -77.27
C GLU D 683 48.92 -47.81 -76.17
N ASP D 684 48.44 -47.91 -74.92
CA ASP D 684 49.35 -48.05 -73.78
C ASP D 684 50.14 -49.36 -73.84
N LEU D 685 49.44 -50.47 -74.02
CA LEU D 685 50.08 -51.79 -74.08
C LEU D 685 50.26 -52.17 -75.54
N GLY D 686 51.51 -52.46 -75.93
CA GLY D 686 51.85 -52.68 -77.31
C GLY D 686 51.57 -54.08 -77.81
N LEU D 687 50.30 -54.38 -78.07
CA LEU D 687 49.91 -55.64 -78.67
C LEU D 687 49.91 -55.54 -80.19
N THR D 688 50.00 -56.70 -80.84
CA THR D 688 49.87 -56.74 -82.29
C THR D 688 48.43 -56.57 -82.72
N HIS D 689 47.50 -57.24 -82.04
CA HIS D 689 46.08 -57.11 -82.33
C HIS D 689 45.28 -57.30 -81.05
N LEU D 690 44.02 -56.87 -81.09
CA LEU D 690 43.13 -56.87 -79.94
C LEU D 690 41.91 -57.71 -80.25
N GLY D 691 41.85 -58.91 -79.67
CA GLY D 691 40.66 -59.74 -79.77
C GLY D 691 39.49 -59.05 -79.10
N LEU D 692 38.39 -58.88 -79.84
CA LEU D 692 37.27 -58.08 -79.34
C LEU D 692 35.94 -58.80 -79.61
N LYS D 693 35.87 -60.08 -79.25
CA LYS D 693 34.69 -60.92 -79.47
C LYS D 693 33.41 -60.25 -78.98
N PRO D 694 32.51 -59.82 -79.88
CA PRO D 694 31.19 -59.35 -79.43
C PRO D 694 30.19 -60.49 -79.41
N GLY D 695 28.99 -60.23 -78.89
CA GLY D 695 27.97 -61.26 -78.80
C GLY D 695 26.61 -60.76 -79.24
N SER D 696 26.57 -59.65 -79.97
CA SER D 696 25.32 -59.08 -80.43
C SER D 696 25.60 -58.09 -81.55
N VAL D 697 24.54 -57.68 -82.25
CA VAL D 697 24.68 -56.70 -83.31
C VAL D 697 25.20 -55.39 -82.76
N ASP D 698 24.67 -54.95 -81.61
CA ASP D 698 25.16 -53.72 -80.99
C ASP D 698 26.63 -53.84 -80.63
N ALA D 699 27.04 -54.98 -80.08
CA ALA D 699 28.44 -55.16 -79.71
C ALA D 699 29.35 -55.15 -80.94
N ILE D 700 28.89 -55.74 -82.05
CA ILE D 700 29.64 -55.64 -83.30
C ILE D 700 29.76 -54.17 -83.71
N SER D 701 28.70 -53.40 -83.49
CA SER D 701 28.76 -51.98 -83.82
C SER D 701 29.80 -51.26 -82.96
N GLN D 702 29.89 -51.62 -81.67
CA GLN D 702 30.94 -51.03 -80.82
C GLN D 702 32.32 -51.40 -81.34
N VAL D 703 32.51 -52.65 -81.76
CA VAL D 703 33.81 -53.05 -82.28
C VAL D 703 34.14 -52.27 -83.55
N ILE D 704 33.14 -52.07 -84.41
CA ILE D 704 33.36 -51.30 -85.64
C ILE D 704 33.72 -49.86 -85.31
N ALA D 705 33.06 -49.28 -84.31
CA ALA D 705 33.39 -47.91 -83.90
C ALA D 705 34.81 -47.83 -83.37
N ILE D 706 35.24 -48.83 -82.59
CA ILE D 706 36.61 -48.86 -82.08
C ILE D 706 37.59 -48.96 -83.24
N ALA D 707 37.30 -49.80 -84.22
CA ALA D 707 38.18 -49.95 -85.37
C ALA D 707 38.26 -48.65 -86.18
N LYS D 708 37.13 -47.94 -86.29
CA LYS D 708 37.16 -46.63 -86.93
C LYS D 708 38.03 -45.66 -86.15
N ALA D 709 37.95 -45.70 -84.82
CA ALA D 709 38.80 -44.86 -84.00
C ALA D 709 40.26 -45.17 -84.21
N HIS D 710 40.59 -46.43 -84.49
CA HIS D 710 41.96 -46.89 -84.72
C HIS D 710 42.03 -47.59 -86.06
N PRO D 711 42.03 -46.83 -87.18
CA PRO D 711 41.97 -47.48 -88.50
C PRO D 711 43.19 -48.32 -88.83
N THR D 712 44.32 -48.12 -88.16
CA THR D 712 45.56 -48.82 -88.48
C THR D 712 45.84 -50.00 -87.56
N PHE D 713 45.34 -49.98 -86.33
CA PHE D 713 45.64 -51.07 -85.40
C PHE D 713 44.79 -52.29 -85.75
N PRO D 714 45.40 -53.46 -86.01
CA PRO D 714 44.58 -54.64 -86.31
C PRO D 714 43.68 -55.00 -85.14
N ILE D 715 42.44 -55.37 -85.46
CA ILE D 715 41.47 -55.78 -84.44
C ILE D 715 40.78 -57.04 -84.93
N VAL D 716 41.14 -58.17 -84.36
CA VAL D 716 40.47 -59.44 -84.68
C VAL D 716 39.18 -59.52 -83.87
N LEU D 717 38.08 -59.81 -84.56
CA LEU D 717 36.77 -59.80 -83.93
C LEU D 717 36.58 -61.00 -83.02
N GLN D 718 36.64 -62.21 -83.58
CA GLN D 718 36.33 -63.45 -82.86
C GLN D 718 34.86 -63.50 -82.47
N TRP D 719 33.99 -63.18 -83.41
CA TRP D 719 32.56 -63.12 -83.09
C TRP D 719 31.99 -64.53 -82.95
N THR D 720 31.26 -64.76 -81.87
CA THR D 720 30.71 -66.05 -81.53
C THR D 720 29.19 -65.95 -81.50
N GLY D 721 28.52 -66.86 -82.20
CA GLY D 721 27.08 -66.83 -82.28
C GLY D 721 26.36 -67.27 -81.02
N GLY D 722 27.08 -67.83 -80.06
CA GLY D 722 26.46 -68.32 -78.85
C GLY D 722 25.83 -69.68 -78.98
N ARG D 723 25.95 -70.34 -80.13
CA ARG D 723 25.40 -71.68 -80.28
C ARG D 723 26.26 -72.72 -79.57
N GLY D 724 27.54 -72.42 -79.35
CA GLY D 724 28.41 -73.31 -78.62
C GLY D 724 29.38 -72.53 -77.76
N GLY D 725 29.89 -73.20 -76.74
CA GLY D 725 30.89 -72.64 -75.84
C GLY D 725 30.50 -72.85 -74.41
N GLY D 726 30.91 -71.91 -73.56
CA GLY D 726 30.51 -71.86 -72.17
C GLY D 726 29.48 -70.77 -71.97
N HIS D 727 29.92 -69.64 -71.44
N HIS D 727 29.92 -69.64 -71.44
CA HIS D 727 29.05 -68.46 -71.35
CA HIS D 727 29.05 -68.46 -71.35
C HIS D 727 28.73 -67.99 -72.76
C HIS D 727 28.73 -67.99 -72.77
N HIS D 728 27.50 -68.22 -73.21
CA HIS D 728 27.09 -67.90 -74.57
C HIS D 728 26.12 -66.72 -74.55
N SER D 729 26.50 -65.65 -75.26
CA SER D 729 25.60 -64.54 -75.54
C SER D 729 24.68 -65.01 -76.65
N PHE D 730 23.60 -65.69 -76.24
CA PHE D 730 22.76 -66.45 -77.16
C PHE D 730 22.25 -65.59 -78.31
N GLU D 731 22.70 -65.95 -79.51
CA GLU D 731 22.24 -65.35 -80.75
C GLU D 731 22.26 -66.46 -81.79
N ASP D 732 21.95 -66.10 -83.03
CA ASP D 732 22.21 -66.99 -84.16
C ASP D 732 23.62 -66.74 -84.66
N PHE D 733 24.25 -67.80 -85.18
CA PHE D 733 25.60 -67.63 -85.72
C PHE D 733 25.59 -66.99 -87.09
N HIS D 734 24.43 -66.86 -87.74
CA HIS D 734 24.34 -66.48 -89.14
C HIS D 734 23.74 -65.10 -89.35
N GLN D 735 22.56 -64.84 -88.78
CA GLN D 735 21.87 -63.58 -89.06
C GLN D 735 22.66 -62.34 -88.64
N PRO D 736 23.22 -62.25 -87.43
CA PRO D 736 23.98 -61.04 -87.10
C PRO D 736 25.18 -60.83 -88.00
N ILE D 737 25.95 -61.89 -88.26
CA ILE D 737 27.09 -61.80 -89.17
C ILE D 737 26.66 -61.85 -90.62
N ILE D 738 25.37 -62.03 -90.90
CA ILE D 738 24.84 -61.81 -92.24
C ILE D 738 24.57 -60.33 -92.47
N GLN D 739 23.96 -59.66 -91.50
CA GLN D 739 23.57 -58.27 -91.66
C GLN D 739 24.65 -57.27 -91.27
N MET D 740 25.72 -57.71 -90.60
CA MET D 740 26.82 -56.82 -90.22
C MET D 740 28.11 -57.07 -90.98
N TYR D 741 28.16 -58.09 -91.84
CA TYR D 741 29.37 -58.35 -92.61
C TYR D 741 29.72 -57.16 -93.50
N SER D 742 28.72 -56.56 -94.15
CA SER D 742 28.96 -55.40 -94.98
C SER D 742 29.54 -54.26 -94.15
N LYS D 743 28.98 -54.01 -92.97
CA LYS D 743 29.48 -52.98 -92.09
C LYS D 743 30.78 -53.36 -91.40
N ILE D 744 31.09 -54.66 -91.31
CA ILE D 744 32.35 -55.11 -90.75
C ILE D 744 33.51 -54.88 -91.72
N ARG D 745 33.30 -55.16 -93.01
CA ARG D 745 34.38 -55.09 -93.98
C ARG D 745 34.63 -53.69 -94.51
N ARG D 746 33.88 -52.68 -94.06
CA ARG D 746 34.22 -51.30 -94.37
C ARG D 746 35.21 -50.77 -93.34
N CYS D 747 36.27 -51.54 -93.09
CA CYS D 747 37.24 -51.23 -92.05
C CYS D 747 38.51 -51.99 -92.38
N SER D 748 39.57 -51.27 -92.75
CA SER D 748 40.77 -51.91 -93.24
C SER D 748 41.45 -52.78 -92.18
N ASN D 749 41.21 -52.52 -90.89
CA ASN D 749 41.92 -53.20 -89.82
C ASN D 749 41.10 -54.24 -89.08
N ILE D 750 39.79 -54.35 -89.34
CA ILE D 750 39.00 -55.39 -88.72
C ILE D 750 39.30 -56.72 -89.41
N VAL D 751 39.68 -57.71 -88.62
CA VAL D 751 39.89 -59.07 -89.09
C VAL D 751 38.73 -59.90 -88.59
N LEU D 752 38.12 -60.67 -89.48
CA LEU D 752 36.85 -61.35 -89.20
C LEU D 752 37.12 -62.84 -88.99
N VAL D 753 37.02 -63.28 -87.75
CA VAL D 753 37.08 -64.70 -87.41
C VAL D 753 35.90 -65.02 -86.51
N ALA D 754 35.43 -66.27 -86.57
CA ALA D 754 34.24 -66.68 -85.85
C ALA D 754 34.32 -68.16 -85.51
N GLY D 755 33.81 -68.52 -84.34
CA GLY D 755 33.78 -69.90 -83.89
C GLY D 755 32.37 -70.42 -83.69
N SER D 756 32.03 -70.70 -82.43
CA SER D 756 30.67 -71.09 -82.03
C SER D 756 30.21 -72.34 -82.77
N GLY D 757 30.88 -73.45 -82.47
CA GLY D 757 30.42 -74.75 -82.95
C GLY D 757 31.16 -75.22 -84.19
N PHE D 758 32.47 -75.03 -84.22
CA PHE D 758 33.32 -75.51 -85.30
C PHE D 758 34.28 -76.55 -84.73
N GLY D 759 34.40 -77.67 -85.43
CA GLY D 759 35.31 -78.72 -85.01
C GLY D 759 36.00 -79.48 -86.13
N SER D 760 35.76 -79.11 -87.39
CA SER D 760 36.35 -79.88 -88.48
C SER D 760 36.42 -79.05 -89.75
N ASP D 761 37.31 -79.49 -90.65
CA ASP D 761 37.45 -78.85 -91.95
C ASP D 761 36.13 -78.85 -92.73
N GLU D 762 35.34 -79.93 -92.62
CA GLU D 762 34.10 -80.01 -93.37
C GLU D 762 33.16 -78.87 -93.01
N ASP D 763 33.04 -78.55 -91.73
CA ASP D 763 32.13 -77.51 -91.28
C ASP D 763 32.76 -76.13 -91.20
N THR D 764 34.08 -76.02 -91.38
CA THR D 764 34.74 -74.71 -91.39
C THR D 764 35.08 -74.19 -92.78
N TYR D 765 35.34 -75.07 -93.74
CA TYR D 765 35.71 -74.61 -95.08
C TYR D 765 34.64 -73.74 -95.74
N PRO D 766 33.35 -74.05 -95.67
CA PRO D 766 32.36 -73.14 -96.27
C PRO D 766 32.43 -71.74 -95.71
N TYR D 767 32.72 -71.60 -94.42
CA TYR D 767 32.84 -70.27 -93.83
C TYR D 767 34.14 -69.59 -94.27
N LEU D 768 35.20 -70.37 -94.42
CA LEU D 768 36.47 -69.80 -94.89
C LEU D 768 36.33 -69.27 -96.31
N SER D 769 35.65 -70.03 -97.18
CA SER D 769 35.51 -69.66 -98.58
C SER D 769 34.29 -68.78 -98.87
N GLY D 770 33.43 -68.56 -97.88
CA GLY D 770 32.26 -67.72 -98.07
C GLY D 770 31.06 -68.40 -98.68
N TYR D 771 31.15 -69.69 -99.00
CA TYR D 771 30.01 -70.41 -99.58
C TYR D 771 28.88 -70.60 -98.58
N TRP D 772 29.10 -70.32 -97.30
CA TRP D 772 28.06 -70.51 -96.28
C TRP D 772 26.86 -69.60 -96.54
N SER D 773 27.05 -68.48 -97.23
CA SER D 773 25.99 -67.51 -97.46
C SER D 773 25.15 -67.83 -98.70
N GLU D 774 25.56 -68.80 -99.51
CA GLU D 774 24.77 -69.16 -100.69
C GLU D 774 23.39 -69.67 -100.28
N LYS D 775 23.32 -70.41 -99.17
CA LYS D 775 22.03 -70.86 -98.67
C LYS D 775 21.13 -69.69 -98.28
N PHE D 776 21.70 -68.60 -97.82
CA PHE D 776 20.96 -67.41 -97.45
C PHE D 776 20.75 -66.45 -98.62
N ASN D 777 21.34 -66.74 -99.78
CA ASN D 777 21.15 -65.93 -100.98
C ASN D 777 21.79 -64.55 -100.82
N TYR D 778 22.90 -64.51 -100.08
CA TYR D 778 23.75 -63.35 -99.95
C TYR D 778 25.01 -63.58 -100.76
N PRO D 779 25.78 -62.54 -101.06
CA PRO D 779 27.05 -62.75 -101.74
C PRO D 779 27.98 -63.58 -100.89
N PRO D 780 28.91 -64.33 -101.50
CA PRO D 780 29.87 -65.09 -100.69
C PRO D 780 30.58 -64.23 -99.67
N MET D 781 30.73 -64.76 -98.47
CA MET D 781 31.14 -64.00 -97.28
C MET D 781 32.31 -64.72 -96.61
N PRO D 782 33.51 -64.65 -97.18
CA PRO D 782 34.64 -65.40 -96.61
C PRO D 782 35.01 -64.90 -95.22
N PHE D 783 35.47 -65.83 -94.40
CA PHE D 783 35.92 -65.54 -93.04
C PHE D 783 37.42 -65.71 -92.96
N ASP D 784 38.09 -64.78 -92.27
CA ASP D 784 39.55 -64.80 -92.22
C ASP D 784 40.07 -65.99 -91.41
N GLY D 785 39.36 -66.36 -90.35
CA GLY D 785 39.79 -67.47 -89.52
C GLY D 785 38.62 -68.02 -88.74
N VAL D 786 38.92 -69.06 -87.94
CA VAL D 786 37.92 -69.72 -87.11
C VAL D 786 38.57 -70.14 -85.80
N LEU D 787 37.83 -70.01 -84.71
CA LEU D 787 38.29 -70.38 -83.38
C LEU D 787 37.55 -71.64 -82.92
N PHE D 788 38.29 -72.55 -82.29
CA PHE D 788 37.77 -73.84 -81.84
C PHE D 788 37.92 -73.91 -80.32
N GLY D 789 36.80 -73.81 -79.61
CA GLY D 789 36.81 -73.82 -78.17
C GLY D 789 36.50 -75.18 -77.57
N SER D 790 35.43 -75.81 -78.05
CA SER D 790 34.96 -77.08 -77.49
C SER D 790 35.57 -78.29 -78.17
N ARG D 791 36.12 -78.15 -79.37
CA ARG D 791 36.74 -79.28 -80.06
C ARG D 791 38.10 -79.64 -79.49
N VAL D 792 38.75 -78.73 -78.77
CA VAL D 792 40.10 -78.93 -78.27
C VAL D 792 40.11 -79.43 -76.82
N MET D 793 38.95 -79.79 -76.28
CA MET D 793 38.89 -80.21 -74.88
C MET D 793 39.41 -81.63 -74.71
N THR D 794 39.18 -82.49 -75.71
CA THR D 794 39.70 -83.85 -75.65
C THR D 794 41.18 -83.93 -75.96
N SER D 795 41.82 -82.80 -76.28
CA SER D 795 43.22 -82.83 -76.68
C SER D 795 44.10 -83.36 -75.55
N LYS D 796 45.14 -84.11 -75.92
CA LYS D 796 46.05 -84.69 -74.94
C LYS D 796 46.73 -83.60 -74.11
N GLU D 797 46.99 -82.44 -74.71
CA GLU D 797 47.68 -81.38 -74.01
C GLU D 797 46.83 -80.78 -72.90
N SER D 798 45.51 -80.77 -73.08
CA SER D 798 44.62 -80.21 -72.07
C SER D 798 44.65 -81.05 -70.80
N HIS D 799 44.72 -80.37 -69.66
CA HIS D 799 44.82 -81.02 -68.36
C HIS D 799 43.45 -81.38 -67.78
N THR D 800 42.37 -81.18 -68.52
CA THR D 800 41.07 -81.63 -68.05
C THR D 800 41.11 -83.12 -67.77
N SER D 801 40.38 -83.54 -66.75
CA SER D 801 40.48 -84.91 -66.27
C SER D 801 40.03 -85.90 -67.33
N LEU D 802 40.59 -87.10 -67.28
CA LEU D 802 40.35 -88.07 -68.33
C LEU D 802 38.91 -88.56 -68.31
N ALA D 803 38.31 -88.68 -67.12
CA ALA D 803 36.89 -89.01 -67.04
C ALA D 803 36.04 -87.89 -67.65
N ALA D 804 36.41 -86.64 -67.41
CA ALA D 804 35.72 -85.52 -68.03
C ALA D 804 35.85 -85.57 -69.54
N LYS D 805 37.03 -85.93 -70.05
CA LYS D 805 37.21 -86.06 -71.49
C LYS D 805 36.37 -87.20 -72.06
N LYS D 806 36.29 -88.31 -71.34
CA LYS D 806 35.44 -89.42 -71.75
C LYS D 806 33.99 -88.97 -71.84
N LEU D 807 33.52 -88.22 -70.83
CA LEU D 807 32.16 -87.70 -70.86
C LEU D 807 31.94 -86.74 -72.02
N ILE D 808 32.91 -85.85 -72.26
CA ILE D 808 32.81 -84.92 -73.39
C ILE D 808 32.66 -85.69 -74.69
N VAL D 809 33.49 -86.73 -74.89
CA VAL D 809 33.44 -87.50 -76.12
C VAL D 809 32.12 -88.24 -76.24
N GLU D 810 31.69 -88.89 -75.16
CA GLU D 810 30.50 -89.74 -75.25
C GLU D 810 29.24 -88.91 -75.42
N CYS D 811 29.24 -87.66 -74.97
CA CYS D 811 28.07 -86.81 -75.21
C CYS D 811 28.00 -86.48 -76.70
N LYS D 812 26.84 -86.76 -77.29
CA LYS D 812 26.67 -86.55 -78.72
C LYS D 812 26.50 -85.07 -79.01
N GLY D 813 26.33 -84.76 -80.30
CA GLY D 813 26.19 -83.39 -80.75
C GLY D 813 24.81 -83.08 -81.31
N VAL D 814 24.68 -81.85 -81.79
CA VAL D 814 23.40 -81.30 -82.21
C VAL D 814 23.62 -80.48 -83.48
N PRO D 815 22.93 -80.78 -84.61
CA PRO D 815 22.98 -79.86 -85.75
C PRO D 815 22.64 -78.43 -85.35
N ASP D 816 23.07 -77.46 -86.16
CA ASP D 816 22.96 -76.06 -85.77
C ASP D 816 21.51 -75.65 -85.55
N GLN D 817 20.59 -76.13 -86.39
CA GLN D 817 19.20 -75.71 -86.28
C GLN D 817 18.59 -76.09 -84.93
N GLN D 818 19.09 -77.15 -84.30
CA GLN D 818 18.50 -77.68 -83.08
C GLN D 818 19.24 -77.24 -81.81
N TRP D 819 20.24 -76.36 -81.93
CA TRP D 819 21.02 -75.98 -80.75
C TRP D 819 20.17 -75.23 -79.73
N GLU D 820 19.25 -74.39 -80.20
CA GLU D 820 18.66 -73.38 -79.33
C GLU D 820 17.57 -73.94 -78.44
N GLN D 821 17.13 -75.18 -78.66
CA GLN D 821 16.22 -75.85 -77.74
C GLN D 821 16.94 -76.53 -76.57
N THR D 822 18.17 -76.11 -76.28
CA THR D 822 18.91 -76.65 -75.14
C THR D 822 18.49 -76.01 -73.83
N TYR D 823 17.69 -74.93 -73.88
CA TYR D 823 17.17 -74.33 -72.66
C TYR D 823 16.16 -75.23 -71.95
N LYS D 824 15.54 -76.16 -72.69
CA LYS D 824 14.45 -76.96 -72.15
C LYS D 824 14.87 -78.38 -71.79
N LYS D 825 15.81 -78.96 -72.52
CA LYS D 825 16.23 -80.33 -72.27
C LYS D 825 17.64 -80.51 -72.80
N PRO D 826 18.30 -81.64 -72.48
CA PRO D 826 19.69 -81.83 -72.91
C PRO D 826 19.87 -82.10 -74.39
N THR D 827 19.97 -81.04 -75.20
CA THR D 827 20.30 -81.19 -76.61
C THR D 827 21.70 -81.80 -76.74
N GLY D 828 21.76 -83.06 -77.15
CA GLY D 828 23.05 -83.72 -77.29
C GLY D 828 23.82 -83.80 -75.99
N GLY D 829 23.13 -83.89 -74.86
CA GLY D 829 23.80 -83.95 -73.58
C GLY D 829 24.34 -82.64 -73.07
N ILE D 830 23.88 -81.51 -73.60
CA ILE D 830 24.29 -80.18 -73.15
C ILE D 830 23.05 -79.33 -72.93
N ILE D 831 23.04 -78.59 -71.82
CA ILE D 831 21.93 -77.72 -71.45
C ILE D 831 22.49 -76.37 -71.03
N THR D 832 21.62 -75.36 -71.09
CA THR D 832 21.94 -74.01 -70.64
C THR D 832 21.52 -73.85 -69.19
N VAL D 833 22.41 -73.30 -68.36
CA VAL D 833 22.14 -73.05 -66.96
C VAL D 833 22.40 -71.57 -66.68
N ARG D 834 21.75 -71.06 -65.64
CA ARG D 834 21.93 -69.68 -65.24
C ARG D 834 23.12 -69.58 -64.31
N SER D 835 23.96 -68.56 -64.51
CA SER D 835 25.12 -68.35 -63.65
C SER D 835 24.71 -67.55 -62.43
N GLU D 836 25.69 -67.30 -61.55
CA GLU D 836 25.43 -66.48 -60.37
C GLU D 836 25.02 -65.07 -60.77
N MET D 837 25.63 -64.53 -61.82
CA MET D 837 25.32 -63.20 -62.33
C MET D 837 24.17 -63.21 -63.34
N GLY D 838 23.57 -64.37 -63.62
CA GLY D 838 22.44 -64.47 -64.51
C GLY D 838 22.76 -64.82 -65.94
N GLU D 839 24.02 -64.76 -66.34
CA GLU D 839 24.38 -65.07 -67.71
C GLU D 839 24.16 -66.55 -68.00
N PRO D 840 23.74 -66.94 -69.20
CA PRO D 840 23.60 -68.37 -69.49
C PRO D 840 24.93 -69.02 -69.84
N ILE D 841 25.09 -70.25 -69.39
CA ILE D 841 26.30 -71.05 -69.62
C ILE D 841 25.87 -72.37 -70.24
N HIS D 842 26.52 -72.74 -71.34
CA HIS D 842 26.35 -74.06 -71.91
C HIS D 842 27.20 -75.05 -71.13
N LYS D 843 26.57 -76.05 -70.53
CA LYS D 843 27.26 -77.06 -69.74
C LYS D 843 26.75 -78.43 -70.12
N ILE D 844 27.64 -79.43 -70.08
CA ILE D 844 27.22 -80.79 -70.40
C ILE D 844 26.22 -81.24 -69.34
N ALA D 845 25.19 -81.96 -69.78
CA ALA D 845 24.10 -82.34 -68.91
C ALA D 845 24.51 -83.44 -67.94
N THR D 846 25.42 -83.12 -67.04
CA THR D 846 25.79 -84.02 -65.96
C THR D 846 24.70 -84.00 -64.89
N ARG D 847 24.82 -84.89 -63.91
CA ARG D 847 23.88 -84.87 -62.80
C ARG D 847 23.98 -83.56 -62.03
N GLY D 848 25.20 -83.07 -61.81
CA GLY D 848 25.37 -81.78 -61.16
C GLY D 848 24.81 -80.63 -61.97
N VAL D 849 25.00 -80.67 -63.30
CA VAL D 849 24.51 -79.60 -64.15
C VAL D 849 22.99 -79.62 -64.20
N MET D 850 22.38 -80.80 -64.22
CA MET D 850 20.93 -80.89 -64.22
C MET D 850 20.36 -80.44 -62.87
N PHE D 851 21.06 -80.74 -61.77
CA PHE D 851 20.67 -80.19 -60.48
C PHE D 851 20.77 -78.67 -60.48
N TRP D 852 21.83 -78.14 -61.10
CA TRP D 852 21.97 -76.70 -61.25
C TRP D 852 20.79 -76.10 -62.01
N LYS D 853 20.42 -76.72 -63.13
CA LYS D 853 19.30 -76.21 -63.92
C LYS D 853 18.00 -76.28 -63.13
N GLU D 854 17.78 -77.39 -62.42
CA GLU D 854 16.58 -77.52 -61.61
C GLU D 854 16.51 -76.43 -60.55
N LEU D 855 17.63 -76.15 -59.89
CA LEU D 855 17.63 -75.13 -58.85
C LEU D 855 17.46 -73.73 -59.43
N ASP D 856 18.12 -73.43 -60.55
CA ASP D 856 17.95 -72.10 -61.12
C ASP D 856 16.60 -71.92 -61.77
N ASP D 857 15.86 -73.00 -62.02
CA ASP D 857 14.50 -72.90 -62.53
C ASP D 857 13.43 -72.94 -61.45
N THR D 858 13.72 -73.49 -60.26
CA THR D 858 12.72 -73.68 -59.22
C THR D 858 12.95 -72.87 -57.95
N ILE D 859 14.18 -72.45 -57.66
CA ILE D 859 14.52 -71.89 -56.36
C ILE D 859 15.13 -70.49 -56.54
N PHE D 860 16.21 -70.40 -57.33
CA PHE D 860 16.91 -69.14 -57.46
C PHE D 860 16.09 -68.09 -58.21
N ASN D 861 15.07 -68.50 -58.96
CA ASN D 861 14.23 -67.56 -59.68
C ASN D 861 13.16 -66.91 -58.81
N LEU D 862 12.96 -67.41 -57.59
CA LEU D 862 11.91 -66.89 -56.72
C LEU D 862 12.38 -65.65 -55.98
N PRO D 863 11.46 -64.80 -55.51
CA PRO D 863 11.87 -63.63 -54.72
C PRO D 863 12.50 -64.06 -53.39
N LYS D 864 13.02 -63.07 -52.67
CA LYS D 864 13.85 -63.36 -51.50
C LYS D 864 13.03 -64.03 -50.41
N ASN D 865 11.85 -63.50 -50.11
CA ASN D 865 11.02 -64.08 -49.07
C ASN D 865 10.58 -65.50 -49.43
N LYS D 866 10.12 -65.68 -50.68
CA LYS D 866 9.74 -67.02 -51.12
C LYS D 866 10.96 -67.92 -51.27
N LEU D 867 12.12 -67.33 -51.54
CA LEU D 867 13.33 -68.13 -51.72
C LEU D 867 13.68 -68.88 -50.45
N LEU D 868 13.63 -68.18 -49.30
CA LEU D 868 14.05 -68.80 -48.04
C LEU D 868 13.06 -69.87 -47.58
N ASP D 869 11.76 -69.63 -47.73
CA ASP D 869 10.77 -70.62 -47.32
C ASP D 869 10.85 -71.86 -48.21
N ALA D 870 10.82 -71.64 -49.52
CA ALA D 870 11.07 -72.73 -50.45
C ALA D 870 12.42 -73.37 -50.19
N LEU D 871 13.41 -72.57 -49.78
CA LEU D 871 14.73 -73.13 -49.50
C LEU D 871 14.66 -74.16 -48.38
N ASN D 872 13.91 -73.88 -47.30
CA ASN D 872 13.78 -74.87 -46.23
C ASN D 872 12.99 -76.09 -46.68
N LYS D 873 11.80 -75.83 -47.27
CA LYS D 873 10.89 -76.92 -47.62
C LYS D 873 11.55 -77.88 -48.59
N LYS D 874 12.31 -77.36 -49.55
CA LYS D 874 13.09 -78.18 -50.46
C LYS D 874 14.52 -78.39 -49.99
N ARG D 875 14.91 -77.86 -48.83
CA ARG D 875 16.23 -78.14 -48.26
C ARG D 875 16.25 -79.56 -47.76
N ASP D 876 15.13 -79.96 -47.16
CA ASP D 876 14.93 -81.37 -46.84
C ASP D 876 15.28 -82.30 -48.01
N HIS D 877 15.09 -81.83 -49.25
CA HIS D 877 15.41 -82.59 -50.46
C HIS D 877 16.76 -82.22 -51.08
N ILE D 878 17.19 -80.97 -50.92
CA ILE D 878 18.43 -80.48 -51.53
C ILE D 878 19.63 -81.11 -50.87
N ILE D 879 19.56 -81.35 -49.55
CA ILE D 879 20.70 -81.94 -48.86
C ILE D 879 21.08 -83.28 -49.50
N LYS D 880 20.08 -84.10 -49.80
CA LYS D 880 20.35 -85.35 -50.49
C LYS D 880 20.89 -85.10 -51.90
N LYS D 881 20.25 -84.19 -52.64
CA LYS D 881 20.66 -83.96 -54.02
C LYS D 881 22.09 -83.44 -54.09
N LEU D 882 22.46 -82.52 -53.20
CA LEU D 882 23.85 -82.07 -53.14
C LEU D 882 24.78 -83.23 -52.82
N ASN D 883 24.35 -84.13 -51.93
CA ASN D 883 25.20 -85.24 -51.52
C ASN D 883 25.45 -86.21 -52.67
N ASN D 884 24.45 -86.42 -53.52
CA ASN D 884 24.50 -87.46 -54.54
C ASN D 884 24.80 -86.94 -55.94
N ASP D 885 24.59 -85.65 -56.21
CA ASP D 885 24.58 -85.16 -57.59
C ASP D 885 25.49 -83.97 -57.88
N PHE D 886 25.91 -83.19 -56.89
CA PHE D 886 26.59 -81.94 -57.15
C PHE D 886 28.05 -81.95 -56.68
N GLN D 887 28.81 -81.02 -57.26
CA GLN D 887 30.20 -80.82 -56.88
C GLN D 887 30.35 -80.61 -55.39
N LYS D 888 29.54 -79.70 -54.84
CA LYS D 888 29.61 -79.32 -53.44
C LYS D 888 28.58 -80.15 -52.68
N PRO D 889 28.96 -81.13 -51.86
CA PRO D 889 27.96 -81.85 -51.08
C PRO D 889 27.50 -81.03 -49.89
N TRP D 890 26.51 -81.56 -49.18
CA TRP D 890 26.11 -80.98 -47.92
C TRP D 890 27.18 -81.26 -46.89
N PHE D 891 27.79 -80.20 -46.33
CA PHE D 891 28.87 -80.39 -45.38
C PHE D 891 28.42 -81.11 -44.13
N GLY D 892 27.15 -80.97 -43.74
CA GLY D 892 26.66 -81.55 -42.52
C GLY D 892 26.61 -83.06 -42.48
N LYS D 893 26.72 -83.72 -43.64
CA LYS D 893 26.58 -85.16 -43.70
C LYS D 893 27.71 -85.85 -42.93
N ASN D 894 27.36 -86.92 -42.21
CA ASN D 894 28.30 -87.69 -41.40
C ASN D 894 28.12 -89.17 -41.70
N ALA D 895 29.03 -89.72 -42.51
CA ALA D 895 29.10 -91.14 -42.84
C ALA D 895 28.00 -91.61 -43.80
N ASN D 896 27.02 -90.74 -44.08
CA ASN D 896 25.81 -91.03 -44.87
C ASN D 896 24.66 -90.20 -44.33
N GLY D 897 24.45 -90.24 -43.01
CA GLY D 897 23.30 -89.61 -42.42
C GLY D 897 23.29 -88.10 -42.62
N VAL D 898 22.15 -87.59 -43.04
CA VAL D 898 21.97 -86.15 -43.18
C VAL D 898 21.95 -85.53 -41.79
N CYS D 899 22.82 -84.54 -41.59
CA CYS D 899 22.83 -83.75 -40.37
C CYS D 899 23.03 -82.29 -40.74
N ASP D 900 22.59 -81.41 -39.86
CA ASP D 900 22.82 -79.98 -40.02
C ASP D 900 24.17 -79.63 -39.39
N LEU D 901 24.70 -78.46 -39.79
CA LEU D 901 25.99 -78.04 -39.25
C LEU D 901 25.93 -77.86 -37.74
N GLN D 902 24.74 -77.71 -37.18
CA GLN D 902 24.58 -77.66 -35.73
C GLN D 902 24.64 -79.05 -35.10
N GLU D 903 24.11 -80.08 -35.76
CA GLU D 903 24.28 -81.46 -35.30
C GLU D 903 25.63 -81.96 -35.81
N MET D 904 26.70 -81.39 -35.28
CA MET D 904 28.03 -81.82 -35.67
C MET D 904 28.98 -81.62 -34.51
N THR D 905 29.71 -82.66 -34.15
CA THR D 905 30.80 -82.53 -33.20
C THR D 905 32.04 -81.97 -33.90
N TYR D 906 32.94 -81.41 -33.09
CA TYR D 906 34.16 -80.83 -33.64
C TYR D 906 35.01 -81.89 -34.33
N LYS D 907 35.07 -83.09 -33.74
CA LYS D 907 35.83 -84.17 -34.34
C LYS D 907 35.31 -84.51 -35.73
N GLU D 908 33.99 -84.63 -35.87
CA GLU D 908 33.46 -85.03 -37.17
C GLU D 908 33.45 -83.86 -38.16
N VAL D 909 33.41 -82.61 -37.68
CA VAL D 909 33.63 -81.48 -38.58
C VAL D 909 35.04 -81.54 -39.16
N ALA D 910 36.03 -81.79 -38.29
CA ALA D 910 37.40 -81.90 -38.77
C ALA D 910 37.57 -83.07 -39.72
N ASN D 911 36.93 -84.21 -39.41
CA ASN D 911 37.01 -85.37 -40.28
C ASN D 911 36.38 -85.06 -41.63
N ARG D 912 35.25 -84.37 -41.65
CA ARG D 912 34.61 -83.99 -42.90
C ARG D 912 35.48 -83.04 -43.69
N LEU D 913 36.13 -82.10 -43.02
CA LEU D 913 37.02 -81.17 -43.73
C LEU D 913 38.21 -81.91 -44.34
N VAL D 914 38.76 -82.89 -43.62
CA VAL D 914 39.80 -83.73 -44.22
C VAL D 914 39.25 -84.45 -45.44
N GLU D 915 38.05 -85.03 -45.31
CA GLU D 915 37.50 -85.85 -46.37
C GLU D 915 37.21 -85.04 -47.63
N LEU D 916 36.80 -83.77 -47.47
CA LEU D 916 36.31 -82.98 -48.57
C LEU D 916 37.29 -81.94 -49.07
N MET D 917 38.36 -81.66 -48.32
CA MET D 917 39.35 -80.66 -48.72
C MET D 917 40.75 -81.23 -48.90
N TYR D 918 41.01 -82.45 -48.41
CA TYR D 918 42.32 -83.09 -48.54
C TYR D 918 42.16 -84.36 -49.36
N VAL D 919 42.99 -84.50 -50.39
CA VAL D 919 42.93 -85.63 -51.29
C VAL D 919 43.78 -86.75 -50.72
N LYS D 920 43.15 -87.89 -50.43
CA LYS D 920 43.87 -89.00 -49.80
C LYS D 920 44.81 -89.69 -50.79
N LYS D 921 44.33 -89.97 -52.00
CA LYS D 921 45.14 -90.73 -52.96
C LYS D 921 46.38 -89.93 -53.36
N SER D 922 46.24 -88.63 -53.58
CA SER D 922 47.37 -87.81 -53.99
C SER D 922 48.20 -87.29 -52.82
N HIS D 923 47.76 -87.54 -51.59
CA HIS D 923 48.53 -87.19 -50.39
C HIS D 923 48.82 -85.69 -50.32
N ARG D 924 47.83 -84.88 -50.66
CA ARG D 924 47.98 -83.43 -50.63
C ARG D 924 46.62 -82.80 -50.45
N TRP D 925 46.63 -81.53 -50.04
CA TRP D 925 45.42 -80.75 -49.96
C TRP D 925 45.04 -80.22 -51.34
N ILE D 926 43.74 -80.00 -51.54
CA ILE D 926 43.28 -79.38 -52.78
C ILE D 926 43.95 -78.02 -52.95
N ASP D 927 44.06 -77.26 -51.86
CA ASP D 927 44.56 -75.90 -51.96
C ASP D 927 45.04 -75.45 -50.58
N VAL D 928 46.12 -74.67 -50.60
CA VAL D 928 46.77 -74.24 -49.37
C VAL D 928 45.84 -73.41 -48.52
N SER D 929 44.98 -72.61 -49.15
CA SER D 929 44.04 -71.80 -48.38
C SER D 929 42.98 -72.68 -47.71
N LEU D 930 42.56 -73.77 -48.36
CA LEU D 930 41.68 -74.72 -47.69
C LEU D 930 42.37 -75.37 -46.51
N ARG D 931 43.65 -75.72 -46.67
CA ARG D 931 44.43 -76.25 -45.54
C ARG D 931 44.50 -75.23 -44.41
N ASN D 932 44.68 -73.96 -44.75
CA ASN D 932 44.72 -72.91 -43.73
C ASN D 932 43.39 -72.77 -43.02
N MET D 933 42.28 -72.87 -43.77
CA MET D 933 40.96 -72.81 -43.16
C MET D 933 40.78 -73.96 -42.17
N TYR D 934 41.22 -75.16 -42.55
CA TYR D 934 41.17 -76.29 -41.64
C TYR D 934 41.99 -76.01 -40.38
N GLY D 935 43.19 -75.47 -40.55
CA GLY D 935 44.03 -75.18 -39.39
C GLY D 935 43.41 -74.13 -38.48
N ASP D 936 42.77 -73.12 -39.07
CA ASP D 936 42.07 -72.13 -38.26
C ASP D 936 40.93 -72.76 -37.48
N PHE D 937 40.20 -73.69 -38.10
CA PHE D 937 39.15 -74.39 -37.37
C PHE D 937 39.74 -75.18 -36.20
N LEU D 938 40.88 -75.84 -36.43
CA LEU D 938 41.52 -76.58 -35.34
C LEU D 938 41.96 -75.64 -34.22
N ARG D 939 42.49 -74.47 -34.57
CA ARG D 939 42.85 -73.49 -33.54
C ARG D 939 41.62 -73.07 -32.75
N ARG D 940 40.49 -72.88 -33.45
CA ARG D 940 39.25 -72.52 -32.75
C ARG D 940 38.82 -73.62 -31.80
N VAL D 941 38.96 -74.88 -32.22
CA VAL D 941 38.57 -75.99 -31.33
C VAL D 941 39.48 -76.01 -30.10
N GLU D 942 40.78 -75.82 -30.31
CA GLU D 942 41.72 -75.70 -29.20
C GLU D 942 41.26 -74.63 -28.21
N GLU D 943 40.95 -73.45 -28.73
CA GLU D 943 40.50 -72.36 -27.86
C GLU D 943 39.21 -72.71 -27.16
N ARG D 944 38.30 -73.39 -27.85
CA ARG D 944 37.02 -73.74 -27.25
C ARG D 944 37.19 -74.69 -26.08
N PHE D 945 38.08 -75.68 -26.21
CA PHE D 945 38.17 -76.78 -25.25
C PHE D 945 39.43 -76.73 -24.37
N THR D 946 40.14 -75.62 -24.37
CA THR D 946 41.20 -75.38 -23.39
C THR D 946 40.56 -74.78 -22.14
N SER D 947 40.95 -75.30 -20.97
CA SER D 947 40.26 -74.97 -19.72
C SER D 947 40.80 -73.65 -19.16
N SER D 948 40.49 -72.57 -19.88
CA SER D 948 40.84 -71.20 -19.47
C SER D 948 42.33 -71.07 -19.19
N ALA D 949 43.13 -71.82 -19.94
CA ALA D 949 44.58 -71.84 -19.76
C ALA D 949 45.24 -71.78 -21.11
N GLY D 950 45.97 -70.70 -21.38
CA GLY D 950 46.75 -70.60 -22.60
C GLY D 950 47.85 -71.64 -22.62
N THR D 951 47.70 -72.65 -23.46
CA THR D 951 48.64 -73.75 -23.56
C THR D 951 49.30 -73.73 -24.94
N VAL D 952 50.19 -74.70 -25.16
CA VAL D 952 50.89 -74.80 -26.43
C VAL D 952 49.95 -75.37 -27.48
N SER D 953 49.76 -74.64 -28.57
CA SER D 953 48.95 -75.14 -29.67
C SER D 953 49.59 -76.39 -30.26
N LEU D 954 48.76 -77.39 -30.53
CA LEU D 954 49.27 -78.57 -31.23
C LEU D 954 49.66 -78.22 -32.66
N LEU D 955 48.89 -77.32 -33.29
CA LEU D 955 49.17 -76.86 -34.65
C LEU D 955 49.90 -75.52 -34.56
N GLN D 956 51.21 -75.61 -34.30
CA GLN D 956 52.04 -74.41 -34.27
C GLN D 956 52.26 -73.85 -35.67
N ASN D 957 52.25 -74.69 -36.70
CA ASN D 957 52.37 -74.24 -38.07
C ASN D 957 51.50 -75.12 -38.95
N PHE D 958 51.06 -74.58 -40.08
CA PHE D 958 50.13 -75.29 -40.95
C PHE D 958 50.80 -76.42 -41.73
N ASN D 959 52.12 -76.39 -41.91
CA ASN D 959 52.77 -77.37 -42.77
C ASN D 959 52.64 -78.79 -42.23
N GLN D 960 52.57 -78.95 -40.91
CA GLN D 960 52.46 -80.28 -40.34
C GLN D 960 51.08 -80.89 -40.51
N LEU D 961 50.11 -80.15 -41.05
CA LEU D 961 48.79 -80.70 -41.36
C LEU D 961 48.76 -81.45 -42.68
N ASN D 962 49.90 -81.56 -43.37
CA ASN D 962 49.92 -82.26 -44.66
C ASN D 962 49.55 -83.73 -44.52
N GLU D 963 49.68 -84.29 -43.30
CA GLU D 963 49.14 -85.60 -42.98
C GLU D 963 48.05 -85.40 -41.92
N PRO D 964 46.86 -84.96 -42.32
CA PRO D 964 45.89 -84.47 -41.32
C PRO D 964 45.24 -85.54 -40.47
N GLU D 965 45.21 -86.80 -40.90
CA GLU D 965 44.53 -87.83 -40.12
C GLU D 965 45.19 -88.01 -38.76
N GLN D 966 46.50 -88.23 -38.74
CA GLN D 966 47.20 -88.43 -37.48
C GLN D 966 47.16 -87.19 -36.61
N PHE D 967 47.30 -86.01 -37.21
CA PHE D 967 47.31 -84.80 -36.42
C PHE D 967 45.94 -84.53 -35.81
N THR D 968 44.87 -84.72 -36.58
CA THR D 968 43.53 -84.58 -36.02
C THR D 968 43.30 -85.59 -34.91
N ALA D 969 43.82 -86.81 -35.09
CA ALA D 969 43.72 -87.81 -34.03
C ALA D 969 44.36 -87.31 -32.75
N ASP D 970 45.61 -86.84 -32.85
CA ASP D 970 46.32 -86.36 -31.65
C ASP D 970 45.60 -85.16 -31.04
N PHE D 971 45.09 -84.27 -31.89
CA PHE D 971 44.37 -83.09 -31.45
C PHE D 971 43.15 -83.48 -30.61
N PHE D 972 42.33 -84.37 -31.13
CA PHE D 972 41.12 -84.75 -30.42
C PHE D 972 41.33 -85.82 -29.36
N GLU D 973 42.55 -86.39 -29.28
CA GLU D 973 42.92 -87.09 -28.05
C GLU D 973 43.31 -86.11 -26.95
N LYS D 974 43.95 -84.99 -27.31
CA LYS D 974 44.13 -83.94 -26.32
C LYS D 974 42.76 -83.48 -25.82
N PHE D 975 41.82 -83.24 -26.73
CA PHE D 975 40.46 -82.84 -26.38
C PHE D 975 39.50 -83.97 -26.70
N PRO D 976 39.32 -84.95 -25.80
CA PRO D 976 38.31 -85.99 -26.06
C PRO D 976 36.89 -85.48 -26.04
N GLN D 977 36.60 -84.44 -25.26
CA GLN D 977 35.23 -83.94 -25.15
C GLN D 977 34.79 -83.20 -26.41
N ALA D 978 35.73 -82.77 -27.24
CA ALA D 978 35.36 -82.15 -28.52
C ALA D 978 34.76 -83.17 -29.47
N GLY D 979 35.07 -84.45 -29.29
CA GLY D 979 34.47 -85.49 -30.10
C GLY D 979 33.04 -85.82 -29.71
N LYS D 980 32.62 -85.40 -28.52
CA LYS D 980 31.25 -85.63 -28.03
C LYS D 980 30.42 -84.37 -27.99
N GLN D 981 31.06 -83.19 -28.00
CA GLN D 981 30.35 -81.93 -27.93
C GLN D 981 30.02 -81.44 -29.34
N LEU D 982 28.75 -81.14 -29.58
CA LEU D 982 28.38 -80.55 -30.86
C LEU D 982 29.00 -79.16 -30.99
N ILE D 983 29.08 -78.70 -32.24
CA ILE D 983 29.68 -77.41 -32.53
C ILE D 983 28.90 -76.32 -31.81
N SER D 984 29.56 -75.63 -30.87
CA SER D 984 28.96 -74.43 -30.32
C SER D 984 28.75 -73.42 -31.44
N GLU D 985 27.59 -72.77 -31.42
CA GLU D 985 27.19 -72.05 -32.63
C GLU D 985 28.03 -70.80 -32.83
N GLU D 986 28.69 -70.31 -31.79
CA GLU D 986 29.72 -69.29 -32.02
C GLU D 986 30.77 -69.84 -32.97
N ASP D 987 31.20 -71.07 -32.72
CA ASP D 987 32.13 -71.72 -33.64
C ASP D 987 31.46 -72.05 -34.97
N CYS D 988 30.14 -72.24 -34.98
CA CYS D 988 29.43 -72.45 -36.24
C CYS D 988 29.45 -71.20 -37.10
N ASP D 989 29.15 -70.04 -36.52
CA ASP D 989 29.24 -68.78 -37.23
C ASP D 989 30.66 -68.49 -37.66
N TYR D 990 31.63 -68.83 -36.81
CA TYR D 990 33.03 -68.71 -37.20
C TYR D 990 33.35 -69.60 -38.39
N PHE D 991 32.82 -70.82 -38.40
CA PHE D 991 33.01 -71.72 -39.54
C PHE D 991 32.37 -71.14 -40.79
N LEU D 992 31.18 -70.56 -40.65
CA LEU D 992 30.49 -70.01 -41.81
C LEU D 992 31.25 -68.83 -42.40
N MET D 993 31.75 -67.94 -41.54
CA MET D 993 32.52 -66.80 -42.07
C MET D 993 33.90 -67.22 -42.54
N LEU D 994 34.45 -68.33 -42.03
CA LEU D 994 35.63 -68.92 -42.64
C LEU D 994 35.32 -69.43 -44.04
N ALA D 995 34.18 -70.09 -44.21
CA ALA D 995 33.79 -70.58 -45.52
C ALA D 995 33.54 -69.43 -46.48
N ALA D 996 33.06 -68.30 -45.97
CA ALA D 996 32.80 -67.10 -46.77
C ALA D 996 33.95 -66.11 -46.73
N ARG D 997 35.12 -66.50 -46.22
CA ARG D 997 36.26 -65.60 -46.17
C ARG D 997 36.70 -65.24 -47.58
N PRO D 998 36.77 -63.95 -47.95
CA PRO D 998 37.20 -63.62 -49.30
C PRO D 998 38.72 -63.69 -49.45
N GLY D 999 39.17 -63.71 -50.69
CA GLY D 999 40.57 -63.97 -50.97
C GLY D 999 40.99 -65.37 -50.57
N GLN D 1000 40.10 -66.34 -50.71
CA GLN D 1000 40.35 -67.73 -50.36
C GLN D 1000 39.65 -68.59 -51.39
N LYS D 1001 40.23 -69.75 -51.70
CA LYS D 1001 39.58 -70.66 -52.61
C LYS D 1001 38.25 -71.08 -51.98
N PRO D 1002 37.10 -70.86 -52.64
CA PRO D 1002 35.83 -71.22 -52.00
C PRO D 1002 35.77 -72.71 -51.71
N VAL D 1003 35.21 -73.04 -50.56
CA VAL D 1003 35.23 -74.41 -50.03
C VAL D 1003 34.42 -75.33 -50.93
N PRO D 1004 34.77 -76.64 -51.04
CA PRO D 1004 34.05 -77.56 -51.91
C PRO D 1004 32.83 -78.21 -51.24
N PHE D 1005 32.01 -77.40 -50.58
CA PHE D 1005 30.79 -77.90 -49.96
C PHE D 1005 29.86 -76.72 -49.67
N VAL D 1006 28.60 -77.05 -49.42
CA VAL D 1006 27.60 -76.07 -48.99
C VAL D 1006 27.45 -76.22 -47.48
N PRO D 1007 27.86 -75.23 -46.67
CA PRO D 1007 27.73 -75.40 -45.22
C PRO D 1007 26.36 -75.03 -44.69
N VAL D 1008 25.65 -74.15 -45.41
CA VAL D 1008 24.39 -73.59 -44.94
C VAL D 1008 23.52 -73.30 -46.16
N LEU D 1009 22.20 -73.30 -45.94
CA LEU D 1009 21.22 -72.99 -46.97
C LEU D 1009 20.47 -71.70 -46.65
N ASP D 1010 21.22 -70.68 -46.23
CA ASP D 1010 20.64 -69.38 -45.92
C ASP D 1010 20.43 -68.60 -47.22
N GLU D 1011 20.21 -67.29 -47.11
CA GLU D 1011 19.91 -66.47 -48.27
C GLU D 1011 21.01 -66.53 -49.33
N ARG D 1012 22.26 -66.67 -48.90
CA ARG D 1012 23.38 -66.71 -49.85
C ARG D 1012 23.69 -68.14 -50.29
N PHE D 1013 22.63 -68.88 -50.65
CA PHE D 1013 22.84 -70.25 -51.10
C PHE D 1013 23.33 -70.30 -52.54
N GLU D 1014 22.88 -69.36 -53.38
CA GLU D 1014 23.37 -69.31 -54.75
C GLU D 1014 24.86 -69.00 -54.78
N PHE D 1015 25.31 -68.11 -53.90
CA PHE D 1015 26.71 -67.76 -53.83
C PHE D 1015 27.57 -68.98 -53.50
N PHE D 1016 27.06 -69.85 -52.63
CA PHE D 1016 27.80 -71.07 -52.29
C PHE D 1016 27.67 -72.12 -53.40
N PHE D 1017 26.51 -72.17 -54.06
CA PHE D 1017 26.23 -73.24 -55.00
C PHE D 1017 26.96 -73.05 -56.32
N LYS D 1018 27.03 -71.81 -56.81
CA LYS D 1018 27.48 -71.55 -58.18
C LYS D 1018 28.92 -71.07 -58.27
N LYS D 1019 29.46 -70.44 -57.22
CA LYS D 1019 30.79 -69.84 -57.32
C LYS D 1019 31.86 -70.91 -57.47
N ASP D 1020 32.87 -70.61 -58.28
CA ASP D 1020 34.09 -71.42 -58.40
C ASP D 1020 33.74 -72.87 -58.72
N SER D 1021 33.02 -73.05 -59.82
CA SER D 1021 32.53 -74.36 -60.25
C SER D 1021 33.31 -74.91 -61.44
N LEU D 1022 34.34 -74.21 -61.91
CA LEU D 1022 34.99 -74.55 -63.16
C LEU D 1022 36.20 -75.45 -62.99
N TRP D 1023 36.86 -75.41 -61.83
CA TRP D 1023 38.09 -76.16 -61.63
C TRP D 1023 37.85 -77.65 -61.38
N GLN D 1024 36.63 -78.03 -61.03
CA GLN D 1024 36.37 -79.42 -60.69
C GLN D 1024 36.60 -80.32 -61.89
N SER D 1025 36.21 -79.86 -63.08
CA SER D 1025 36.42 -80.64 -64.29
C SER D 1025 37.90 -80.87 -64.57
N GLU D 1026 38.77 -79.97 -64.09
CA GLU D 1026 40.20 -80.12 -64.30
C GLU D 1026 40.82 -81.02 -63.24
N ASP D 1027 40.39 -80.88 -61.99
CA ASP D 1027 40.88 -81.69 -60.88
C ASP D 1027 39.72 -82.54 -60.38
N LEU D 1028 39.51 -83.68 -61.03
CA LEU D 1028 38.46 -84.63 -60.65
C LEU D 1028 38.92 -85.63 -59.60
N GLU D 1029 40.22 -85.73 -59.35
CA GLU D 1029 40.71 -86.66 -58.33
C GLU D 1029 40.34 -86.22 -56.92
N SER D 1030 39.81 -85.01 -56.75
CA SER D 1030 39.47 -84.47 -55.44
C SER D 1030 37.98 -84.41 -55.15
N VAL D 1031 37.13 -84.45 -56.18
CA VAL D 1031 35.70 -84.24 -55.98
C VAL D 1031 35.07 -85.54 -55.45
N VAL D 1032 34.71 -85.52 -54.17
CA VAL D 1032 33.95 -86.58 -53.49
C VAL D 1032 34.49 -87.97 -53.82
N ASP D 1033 34.07 -88.55 -54.95
CA ASP D 1033 34.45 -89.91 -55.34
C ASP D 1033 34.93 -89.95 -56.78
N GLU D 1034 35.46 -88.84 -57.28
CA GLU D 1034 36.02 -88.77 -58.63
C GLU D 1034 34.98 -89.13 -59.68
N ASP D 1035 33.72 -88.77 -59.41
CA ASP D 1035 32.61 -89.06 -60.31
C ASP D 1035 32.39 -87.85 -61.22
N VAL D 1036 32.43 -88.08 -62.52
CA VAL D 1036 32.30 -87.00 -63.49
C VAL D 1036 30.90 -86.41 -63.46
N GLN D 1037 29.88 -87.25 -63.25
CA GLN D 1037 28.50 -86.76 -63.33
C GLN D 1037 28.20 -85.71 -62.27
N ARG D 1038 28.98 -85.68 -61.19
CA ARG D 1038 28.79 -84.64 -60.18
C ARG D 1038 29.42 -83.33 -60.57
N THR D 1039 30.40 -83.37 -61.46
CA THR D 1039 31.11 -82.17 -61.90
C THR D 1039 30.43 -81.57 -63.13
N CYS D 1040 30.51 -80.25 -63.25
CA CYS D 1040 29.95 -79.53 -64.38
C CYS D 1040 31.05 -79.22 -65.38
N ILE D 1041 30.80 -79.55 -66.64
CA ILE D 1041 31.77 -79.37 -67.73
C ILE D 1041 31.12 -78.48 -68.79
N LEU D 1042 31.80 -77.39 -69.12
CA LEU D 1042 31.30 -76.46 -70.12
C LEU D 1042 31.64 -76.97 -71.51
N HIS D 1043 30.66 -76.97 -72.41
CA HIS D 1043 30.88 -77.53 -73.74
C HIS D 1043 29.80 -77.00 -74.69
N GLY D 1044 30.05 -77.19 -75.99
CA GLY D 1044 29.17 -76.68 -77.03
C GLY D 1044 28.35 -77.77 -77.69
N PRO D 1045 27.01 -77.62 -77.71
CA PRO D 1045 26.19 -78.66 -78.36
C PRO D 1045 26.49 -78.86 -79.83
N VAL D 1046 26.84 -77.79 -80.54
CA VAL D 1046 27.10 -77.90 -81.98
C VAL D 1046 28.49 -78.45 -82.26
N ALA D 1047 29.44 -78.29 -81.34
CA ALA D 1047 30.79 -78.82 -81.50
C ALA D 1047 30.96 -80.23 -80.94
N SER D 1048 30.03 -80.70 -80.13
CA SER D 1048 30.15 -82.03 -79.55
C SER D 1048 30.08 -83.13 -80.61
N GLN D 1049 29.37 -82.89 -81.72
CA GLN D 1049 29.34 -83.90 -82.78
C GLN D 1049 30.72 -84.08 -83.40
N TYR D 1050 31.45 -82.99 -83.59
CA TYR D 1050 32.79 -83.09 -84.16
C TYR D 1050 33.79 -83.60 -83.14
N THR D 1051 33.59 -83.28 -81.86
CA THR D 1051 34.48 -83.77 -80.81
C THR D 1051 34.18 -85.24 -80.53
N SER D 1052 35.04 -86.14 -80.99
CA SER D 1052 34.81 -87.57 -80.87
C SER D 1052 36.00 -88.40 -80.40
N LYS D 1053 37.24 -87.92 -80.56
CA LYS D 1053 38.43 -88.72 -80.28
C LYS D 1053 38.98 -88.39 -78.89
N VAL D 1054 39.44 -89.42 -78.19
CA VAL D 1054 39.96 -89.30 -76.83
C VAL D 1054 41.48 -89.24 -76.90
N ASP D 1055 42.07 -88.25 -76.23
CA ASP D 1055 43.51 -88.22 -75.95
C ASP D 1055 44.33 -88.24 -77.23
N GLU D 1056 44.15 -87.18 -78.02
CA GLU D 1056 44.94 -86.94 -79.23
C GLU D 1056 45.59 -85.57 -79.14
N PRO D 1057 46.75 -85.37 -79.76
CA PRO D 1057 47.46 -84.09 -79.57
C PRO D 1057 46.67 -82.91 -80.11
N ILE D 1058 46.78 -81.78 -79.39
CA ILE D 1058 46.18 -80.53 -79.87
C ILE D 1058 46.83 -80.12 -81.19
N GLY D 1059 48.14 -80.29 -81.29
CA GLY D 1059 48.81 -80.04 -82.55
C GLY D 1059 48.27 -80.92 -83.65
N ASP D 1060 47.93 -82.18 -83.32
CA ASP D 1060 47.36 -83.08 -84.31
C ASP D 1060 45.98 -82.58 -84.76
N ILE D 1061 45.15 -82.12 -83.81
CA ILE D 1061 43.83 -81.62 -84.17
C ILE D 1061 43.94 -80.43 -85.10
N LEU D 1062 44.75 -79.44 -84.71
CA LEU D 1062 44.87 -78.23 -85.52
C LEU D 1062 45.54 -78.52 -86.85
N ASN D 1063 46.50 -79.46 -86.87
CA ASN D 1063 47.11 -79.87 -88.12
C ASN D 1063 46.10 -80.53 -89.03
N SER D 1064 45.22 -81.36 -88.48
CA SER D 1064 44.19 -81.99 -89.30
C SER D 1064 43.27 -80.94 -89.91
N ILE D 1065 42.86 -79.96 -89.11
CA ILE D 1065 41.98 -78.91 -89.65
C ILE D 1065 42.69 -78.12 -90.74
N HIS D 1066 43.94 -77.71 -90.47
CA HIS D 1066 44.68 -76.91 -91.44
C HIS D 1066 44.96 -77.69 -92.72
N GLU D 1067 45.34 -78.96 -92.60
CA GLU D 1067 45.61 -79.78 -93.77
C GLU D 1067 44.33 -80.04 -94.56
N GLY D 1068 43.20 -80.21 -93.86
CA GLY D 1068 41.94 -80.34 -94.57
C GLY D 1068 41.62 -79.10 -95.37
N HIS D 1069 41.77 -77.93 -94.75
CA HIS D 1069 41.52 -76.68 -95.47
C HIS D 1069 42.45 -76.52 -96.66
N ILE D 1070 43.73 -76.89 -96.47
CA ILE D 1070 44.68 -76.82 -97.57
C ILE D 1070 44.27 -77.77 -98.69
N ALA D 1071 43.73 -78.93 -98.33
CA ALA D 1071 43.26 -79.88 -99.35
C ALA D 1071 42.10 -79.29 -100.14
N ARG D 1072 41.14 -78.68 -99.44
CA ARG D 1072 40.01 -78.06 -100.15
C ARG D 1072 40.51 -76.98 -101.09
N LEU D 1073 41.41 -76.13 -100.62
CA LEU D 1073 41.87 -75.01 -101.43
C LEU D 1073 42.73 -75.49 -102.60
N ILE D 1074 43.60 -76.48 -102.37
CA ILE D 1074 44.46 -76.98 -103.43
C ILE D 1074 43.62 -77.66 -104.51
N LYS D 1075 42.55 -78.36 -104.11
CA LYS D 1075 41.66 -78.94 -105.12
C LYS D 1075 40.88 -77.87 -105.86
N GLU D 1076 40.38 -76.85 -105.16
CA GLU D 1076 39.43 -75.92 -105.77
C GLU D 1076 40.13 -74.86 -106.61
N GLU D 1077 41.02 -74.08 -105.99
CA GLU D 1077 41.54 -72.86 -106.60
C GLU D 1077 42.90 -73.04 -107.26
N TYR D 1078 43.45 -74.26 -107.28
CA TYR D 1078 44.77 -74.47 -107.87
C TYR D 1078 44.87 -75.76 -108.69
N ALA D 1079 43.76 -76.44 -108.96
CA ALA D 1079 43.76 -77.69 -109.73
C ALA D 1079 44.58 -78.78 -109.06
N GLY D 1080 44.78 -78.71 -107.75
CA GLY D 1080 45.45 -79.77 -107.02
C GLY D 1080 46.94 -79.86 -107.24
N ASP D 1081 47.59 -78.76 -107.64
CA ASP D 1081 49.03 -78.73 -107.87
C ASP D 1081 49.68 -77.81 -106.84
N GLU D 1082 50.51 -78.41 -105.97
CA GLU D 1082 51.18 -77.62 -104.94
C GLU D 1082 52.18 -76.63 -105.54
N SER D 1083 52.73 -76.94 -106.71
CA SER D 1083 53.68 -76.04 -107.35
C SER D 1083 53.06 -74.70 -107.73
N LYS D 1084 51.73 -74.62 -107.82
CA LYS D 1084 51.05 -73.39 -108.17
C LYS D 1084 50.89 -72.43 -107.00
N ILE D 1085 51.19 -72.88 -105.79
CA ILE D 1085 51.03 -72.02 -104.61
C ILE D 1085 52.09 -70.91 -104.66
N PRO D 1086 51.73 -69.63 -104.46
CA PRO D 1086 52.77 -68.60 -104.40
C PRO D 1086 53.71 -68.86 -103.23
N VAL D 1087 54.99 -68.55 -103.43
CA VAL D 1087 56.05 -68.87 -102.48
C VAL D 1087 56.64 -67.57 -101.95
N VAL D 1088 56.80 -67.49 -100.62
CA VAL D 1088 57.47 -66.38 -99.96
C VAL D 1088 58.50 -66.97 -99.02
N GLU D 1089 59.56 -66.22 -98.76
CA GLU D 1089 60.60 -66.71 -97.85
C GLU D 1089 60.04 -66.89 -96.44
N TYR D 1090 59.26 -65.92 -95.97
CA TYR D 1090 58.65 -65.97 -94.65
C TYR D 1090 57.19 -65.53 -94.75
N PHE D 1091 56.34 -66.21 -94.01
CA PHE D 1091 54.90 -65.95 -94.00
C PHE D 1091 54.54 -65.23 -92.69
N GLY D 1092 54.20 -63.95 -92.81
CA GLY D 1092 53.74 -63.21 -91.65
C GLY D 1092 54.16 -61.75 -91.64
N GLY D 1093 53.74 -61.02 -90.62
CA GLY D 1093 54.17 -59.65 -90.43
C GLY D 1093 53.48 -58.62 -91.28
N LYS D 1094 52.48 -59.00 -92.07
CA LYS D 1094 51.77 -58.08 -92.94
C LYS D 1094 50.54 -57.55 -92.21
N LYS D 1095 50.47 -56.24 -92.06
CA LYS D 1095 49.32 -55.63 -91.38
C LYS D 1095 48.08 -55.80 -92.25
N PRO D 1096 46.92 -56.17 -91.68
CA PRO D 1096 45.71 -56.25 -92.52
C PRO D 1096 45.32 -54.92 -93.15
N ALA D 1097 45.60 -53.80 -92.48
CA ALA D 1097 45.24 -52.49 -93.00
C ALA D 1097 46.39 -51.90 -93.82
N SER D 1098 46.81 -52.67 -94.82
CA SER D 1098 47.87 -52.24 -95.72
C SER D 1098 47.94 -53.15 -96.94
N GLY D 1109 65.53 -49.95 -108.26
CA GLY D 1109 66.23 -51.12 -108.78
C GLY D 1109 67.26 -51.65 -107.81
N ASN D 1110 68.32 -52.25 -108.36
CA ASN D 1110 69.38 -52.79 -107.52
C ASN D 1110 70.12 -51.68 -106.78
N GLN D 1111 70.42 -50.59 -107.47
CA GLN D 1111 71.14 -49.44 -106.90
C GLN D 1111 70.16 -48.28 -106.76
N VAL D 1112 69.75 -48.00 -105.54
CA VAL D 1112 68.79 -46.93 -105.24
C VAL D 1112 69.38 -46.06 -104.14
N VAL D 1113 69.01 -44.78 -104.16
CA VAL D 1113 69.46 -43.81 -103.19
C VAL D 1113 68.25 -43.00 -102.72
N TYR D 1114 68.04 -42.95 -101.41
CA TYR D 1114 66.97 -42.16 -100.80
C TYR D 1114 67.58 -41.02 -100.01
N GLU D 1115 67.35 -39.79 -100.45
CA GLU D 1115 67.76 -38.60 -99.71
C GLU D 1115 66.58 -38.17 -98.83
N ILE D 1116 66.69 -38.46 -97.54
CA ILE D 1116 65.61 -38.17 -96.60
C ILE D 1116 65.62 -36.67 -96.32
N ASP D 1117 64.42 -36.10 -96.17
CA ASP D 1117 64.27 -34.70 -95.81
C ASP D 1117 63.42 -34.58 -94.55
N SER D 1118 62.99 -33.36 -94.21
CA SER D 1118 62.13 -33.12 -93.07
C SER D 1118 60.74 -32.61 -93.46
N GLU D 1119 60.48 -32.42 -94.75
CA GLU D 1119 59.19 -31.89 -95.19
C GLU D 1119 58.05 -32.83 -94.80
N LEU D 1120 58.01 -34.01 -95.40
CA LEU D 1120 57.05 -35.03 -94.98
C LEU D 1120 57.41 -36.41 -95.51
N PRO D 1121 58.55 -37.01 -95.11
CA PRO D 1121 58.74 -38.44 -95.38
C PRO D 1121 57.99 -39.28 -94.35
N ASN D 1122 56.90 -39.91 -94.79
CA ASN D 1122 56.15 -40.77 -93.89
C ASN D 1122 57.05 -41.88 -93.39
N LYS D 1123 56.99 -42.15 -92.08
CA LYS D 1123 57.81 -43.22 -91.53
C LYS D 1123 57.46 -44.56 -92.17
N GLN D 1124 56.17 -44.83 -92.30
CA GLN D 1124 55.73 -46.09 -92.91
C GLN D 1124 56.19 -46.19 -94.36
N GLU D 1125 55.97 -45.13 -95.15
CA GLU D 1125 56.33 -45.18 -96.56
C GLU D 1125 57.84 -45.33 -96.73
N TRP D 1126 58.62 -44.60 -95.93
CA TRP D 1126 60.07 -44.69 -95.98
C TRP D 1126 60.54 -46.10 -95.62
N LEU D 1127 59.96 -46.69 -94.58
CA LEU D 1127 60.37 -48.03 -94.19
C LEU D 1127 59.98 -49.07 -95.24
N ASP D 1128 58.80 -48.94 -95.86
CA ASP D 1128 58.45 -49.85 -96.94
C ASP D 1128 59.37 -49.69 -98.14
N LEU D 1129 59.71 -48.44 -98.49
CA LEU D 1129 60.62 -48.22 -99.62
C LEU D 1129 61.98 -48.85 -99.37
N LEU D 1130 62.50 -48.70 -98.15
CA LEU D 1130 63.76 -49.34 -97.81
C LEU D 1130 63.62 -50.86 -97.78
N ALA D 1131 62.48 -51.36 -97.29
CA ALA D 1131 62.27 -52.79 -97.19
C ALA D 1131 62.26 -53.45 -98.55
N GLY D 1132 61.62 -52.81 -99.53
CA GLY D 1132 61.50 -53.37 -100.87
C GLY D 1132 60.20 -54.13 -101.05
N THR D 1133 60.08 -54.73 -102.23
CA THR D 1133 58.87 -55.44 -102.62
C THR D 1133 58.94 -56.93 -102.27
N GLU D 1134 60.07 -57.57 -102.55
CA GLU D 1134 60.20 -59.00 -102.31
C GLU D 1134 60.19 -59.30 -100.81
N LEU D 1135 59.58 -60.43 -100.45
CA LEU D 1135 59.51 -60.87 -99.06
C LEU D 1135 60.82 -61.53 -98.65
N ASN D 1136 61.89 -60.73 -98.66
CA ASN D 1136 63.25 -61.22 -98.46
C ASN D 1136 63.72 -60.88 -97.05
N TRP D 1137 64.99 -61.23 -96.77
CA TRP D 1137 65.53 -61.02 -95.44
C TRP D 1137 65.51 -59.54 -95.05
N LEU D 1138 65.91 -58.66 -95.97
CA LEU D 1138 65.95 -57.24 -95.65
C LEU D 1138 64.54 -56.66 -95.54
N GLN D 1139 63.62 -57.16 -96.37
CA GLN D 1139 62.23 -56.72 -96.24
C GLN D 1139 61.69 -57.03 -94.86
N ALA D 1140 61.85 -58.27 -94.40
CA ALA D 1140 61.43 -58.62 -93.05
C ALA D 1140 62.16 -57.76 -92.02
N PHE D 1141 63.47 -57.63 -92.19
CA PHE D 1141 64.34 -57.06 -91.17
C PHE D 1141 64.18 -55.55 -91.05
N ILE D 1142 63.56 -54.90 -92.03
CA ILE D 1142 63.24 -53.48 -91.94
C ILE D 1142 61.76 -53.26 -91.59
N SER D 1143 60.84 -53.96 -92.28
CA SER D 1143 59.42 -53.69 -92.07
C SER D 1143 58.91 -54.24 -90.74
N THR D 1144 59.58 -55.25 -90.18
CA THR D 1144 59.10 -55.83 -88.93
C THR D 1144 59.20 -54.81 -87.80
N ASP D 1145 58.14 -54.72 -87.01
CA ASP D 1145 58.03 -53.70 -85.97
C ASP D 1145 58.51 -54.20 -84.60
N ARG D 1146 58.84 -55.48 -84.46
CA ARG D 1146 59.34 -56.02 -83.20
C ARG D 1146 60.53 -56.93 -83.48
N ILE D 1147 61.43 -57.00 -82.51
CA ILE D 1147 62.61 -57.83 -82.57
C ILE D 1147 62.55 -58.80 -81.39
N VAL D 1148 63.13 -59.99 -81.56
CA VAL D 1148 63.15 -61.00 -80.51
C VAL D 1148 64.57 -61.09 -79.95
N GLN D 1149 64.67 -61.02 -78.62
CA GLN D 1149 65.94 -61.13 -77.90
C GLN D 1149 65.84 -62.31 -76.95
N GLY D 1150 66.17 -63.50 -77.43
CA GLY D 1150 66.09 -64.69 -76.60
C GLY D 1150 64.69 -64.98 -76.13
N SER D 1151 63.73 -64.97 -77.05
CA SER D 1151 62.31 -65.12 -76.71
C SER D 1151 61.83 -63.94 -75.88
N LYS D 1152 62.01 -62.74 -76.43
CA LYS D 1152 61.59 -61.51 -75.76
C LYS D 1152 61.31 -60.47 -76.83
N HIS D 1153 60.03 -60.13 -77.02
CA HIS D 1153 59.62 -59.23 -78.09
C HIS D 1153 59.80 -57.79 -77.62
N VAL D 1154 60.88 -57.15 -78.05
CA VAL D 1154 61.13 -55.74 -77.75
C VAL D 1154 61.11 -54.96 -79.05
N SER D 1155 61.16 -53.63 -78.95
CA SER D 1155 60.99 -52.78 -80.12
C SER D 1155 62.10 -53.03 -81.15
N ASN D 1156 61.73 -52.90 -82.42
CA ASN D 1156 62.69 -53.09 -83.50
C ASN D 1156 63.72 -51.96 -83.46
N PRO D 1157 65.02 -52.25 -83.33
CA PRO D 1157 66.00 -51.15 -83.33
C PRO D 1157 66.07 -50.40 -84.64
N LEU D 1158 65.59 -50.99 -85.74
CA LEU D 1158 65.70 -50.32 -87.03
C LEU D 1158 64.67 -49.21 -87.18
N HIS D 1159 63.48 -49.38 -86.61
CA HIS D 1159 62.52 -48.28 -86.64
C HIS D 1159 63.03 -47.06 -85.87
N ASP D 1160 64.04 -47.24 -85.02
CA ASP D 1160 64.73 -46.13 -84.38
C ASP D 1160 65.91 -45.63 -85.21
N ILE D 1161 66.73 -46.54 -85.74
CA ILE D 1161 67.94 -46.12 -86.44
C ILE D 1161 67.59 -45.46 -87.77
N LEU D 1162 66.73 -46.09 -88.57
CA LEU D 1162 66.34 -45.59 -89.88
C LEU D 1162 65.22 -44.56 -89.81
N THR D 1163 64.90 -44.07 -88.61
CA THR D 1163 63.85 -43.07 -88.48
C THR D 1163 64.22 -41.81 -89.27
N PRO D 1164 63.25 -41.15 -89.92
CA PRO D 1164 63.57 -39.89 -90.61
C PRO D 1164 64.24 -38.88 -89.70
N ALA D 1165 65.42 -38.42 -90.11
CA ALA D 1165 66.16 -37.40 -89.39
C ALA D 1165 66.26 -36.10 -90.18
N LYS D 1166 66.86 -36.14 -91.37
CA LYS D 1166 67.06 -35.00 -92.27
C LYS D 1166 68.17 -35.31 -93.28
N HIS D 1167 69.18 -36.09 -92.86
CA HIS D 1167 70.34 -36.38 -93.69
C HIS D 1167 70.70 -37.86 -93.69
N SER D 1168 69.81 -38.73 -93.21
CA SER D 1168 70.07 -40.17 -93.23
C SER D 1168 69.88 -40.69 -94.65
N LYS D 1169 70.86 -40.39 -95.49
CA LYS D 1169 70.87 -40.89 -96.86
C LYS D 1169 71.15 -42.39 -96.86
N VAL D 1170 70.27 -43.15 -97.52
CA VAL D 1170 70.32 -44.60 -97.53
C VAL D 1170 70.58 -45.08 -98.95
N THR D 1171 71.27 -46.22 -99.07
CA THR D 1171 71.62 -46.79 -100.36
C THR D 1171 71.62 -48.32 -100.26
N ILE D 1172 70.93 -48.97 -101.19
CA ILE D 1172 70.95 -50.43 -101.33
C ILE D 1172 71.82 -50.77 -102.53
N ASP D 1173 72.81 -51.65 -102.32
CA ASP D 1173 73.74 -51.99 -103.38
C ASP D 1173 73.08 -52.90 -104.42
N LYS D 1174 72.29 -53.87 -103.98
CA LYS D 1174 71.63 -54.79 -104.89
C LYS D 1174 70.38 -55.34 -104.22
N LYS D 1175 69.58 -56.06 -104.99
CA LYS D 1175 68.29 -56.56 -104.49
C LYS D 1175 68.45 -57.45 -103.26
N THR D 1176 69.58 -58.18 -103.17
CA THR D 1176 69.83 -59.04 -102.03
C THR D 1176 71.29 -58.99 -101.60
N LYS D 1177 71.99 -57.90 -101.89
CA LYS D 1177 73.41 -57.79 -101.59
C LYS D 1177 73.65 -57.08 -100.25
N LYS D 1178 73.24 -55.82 -100.14
CA LYS D 1178 73.54 -55.04 -98.94
C LYS D 1178 72.86 -53.68 -98.96
N LEU D 1179 72.94 -52.96 -97.83
CA LEU D 1179 72.32 -51.66 -97.65
C LEU D 1179 73.27 -50.80 -96.83
N THR D 1180 73.25 -49.49 -97.08
CA THR D 1180 74.12 -48.58 -96.34
C THR D 1180 73.40 -47.25 -96.14
N ALA D 1181 73.57 -46.68 -94.95
CA ALA D 1181 73.00 -45.40 -94.58
C ALA D 1181 74.10 -44.45 -94.13
N PHE D 1182 74.08 -43.25 -94.71
CA PHE D 1182 75.12 -42.25 -94.53
C PHE D 1182 74.53 -41.02 -93.86
N GLU D 1183 75.39 -40.26 -93.20
CA GLU D 1183 75.00 -39.00 -92.58
C GLU D 1183 76.15 -38.01 -92.67
N ASN D 1184 75.80 -36.72 -92.73
CA ASN D 1184 76.79 -35.65 -92.86
C ASN D 1184 77.36 -35.32 -91.48
N ILE D 1185 78.20 -36.23 -90.99
CA ILE D 1185 78.81 -36.06 -89.67
C ILE D 1185 80.01 -35.15 -89.80
N LYS D 1186 80.11 -34.17 -88.89
CA LYS D 1186 81.06 -33.07 -88.93
C LYS D 1186 81.18 -32.45 -90.32
N GLY D 1187 80.04 -32.32 -91.01
CA GLY D 1187 80.05 -31.77 -92.35
C GLY D 1187 80.74 -32.65 -93.37
N ASP D 1188 80.52 -33.96 -93.29
CA ASP D 1188 81.11 -34.91 -94.23
C ASP D 1188 80.20 -36.13 -94.31
N LEU D 1189 79.75 -36.45 -95.52
CA LEU D 1189 78.84 -37.57 -95.73
C LEU D 1189 79.64 -38.87 -95.71
N LEU D 1190 79.52 -39.61 -94.62
CA LEU D 1190 80.19 -40.90 -94.44
C LEU D 1190 79.18 -41.93 -93.94
N PRO D 1191 79.46 -43.21 -94.15
CA PRO D 1191 78.47 -44.24 -93.74
C PRO D 1191 78.39 -44.34 -92.22
N VAL D 1192 77.18 -44.31 -91.69
CA VAL D 1192 76.95 -44.51 -90.27
C VAL D 1192 76.26 -45.85 -89.98
N VAL D 1193 75.61 -46.46 -90.95
CA VAL D 1193 75.02 -47.79 -90.80
C VAL D 1193 75.39 -48.61 -92.04
N GLU D 1194 75.78 -49.86 -91.82
CA GLU D 1194 76.08 -50.78 -92.91
C GLU D 1194 75.39 -52.11 -92.61
N ILE D 1195 74.36 -52.43 -93.39
CA ILE D 1195 73.57 -53.64 -93.21
C ILE D 1195 73.94 -54.61 -94.32
N GLU D 1196 74.15 -55.87 -93.96
CA GLU D 1196 74.41 -56.88 -94.98
C GLU D 1196 74.06 -58.24 -94.42
N LEU D 1197 74.07 -59.23 -95.31
CA LEU D 1197 73.86 -60.63 -94.92
C LEU D 1197 75.22 -61.32 -94.97
N VAL D 1198 75.91 -61.33 -93.82
CA VAL D 1198 77.26 -61.89 -93.76
C VAL D 1198 77.23 -63.37 -94.12
N LYS D 1199 76.19 -64.08 -93.70
CA LYS D 1199 76.00 -65.48 -94.04
C LYS D 1199 74.50 -65.74 -94.06
N PRO D 1200 74.07 -66.85 -94.66
CA PRO D 1200 72.63 -67.15 -94.68
C PRO D 1200 72.07 -67.21 -93.28
N ASN D 1201 70.90 -66.60 -93.10
CA ASN D 1201 70.28 -66.48 -91.79
C ASN D 1201 71.18 -65.71 -90.82
N THR D 1202 71.85 -64.67 -91.32
CA THR D 1202 72.68 -63.84 -90.44
C THR D 1202 72.76 -62.45 -91.05
N ILE D 1203 72.17 -61.47 -90.38
CA ILE D 1203 72.15 -60.07 -90.82
C ILE D 1203 73.05 -59.29 -89.88
N GLN D 1204 74.13 -58.72 -90.42
CA GLN D 1204 75.01 -57.83 -89.68
C GLN D 1204 74.51 -56.41 -89.87
N LEU D 1205 74.09 -55.78 -88.78
CA LEU D 1205 73.79 -54.35 -88.70
C LEU D 1205 75.02 -53.73 -88.02
N SER D 1206 75.90 -53.14 -88.82
CA SER D 1206 77.15 -52.58 -88.34
C SER D 1206 76.99 -51.07 -88.18
N LEU D 1207 76.98 -50.59 -86.94
CA LEU D 1207 76.86 -49.17 -86.66
C LEU D 1207 78.27 -48.57 -86.67
N ILE D 1208 78.54 -47.72 -87.64
CA ILE D 1208 79.87 -47.14 -87.82
C ILE D 1208 79.97 -45.86 -86.99
N GLU D 1209 81.14 -45.63 -86.42
CA GLU D 1209 81.45 -44.40 -85.71
C GLU D 1209 82.78 -43.87 -86.24
N HIS D 1210 82.79 -42.59 -86.63
CA HIS D 1210 83.97 -41.95 -87.17
C HIS D 1210 84.59 -40.92 -86.23
N ARG D 1211 83.86 -40.48 -85.21
CA ARG D 1211 84.40 -39.57 -84.20
C ARG D 1211 85.21 -40.34 -83.17
N THR D 1212 86.30 -40.94 -83.66
CA THR D 1212 87.14 -41.83 -82.89
C THR D 1212 88.42 -41.12 -82.44
N ALA D 1213 89.26 -41.85 -81.70
CA ALA D 1213 90.51 -41.28 -81.21
C ALA D 1213 91.52 -41.11 -82.33
N ASP D 1214 91.67 -42.14 -83.18
CA ASP D 1214 92.64 -42.11 -84.26
C ASP D 1214 92.09 -41.56 -85.57
N THR D 1215 90.79 -41.26 -85.62
CA THR D 1215 89.98 -40.81 -86.75
C THR D 1215 89.60 -41.96 -87.67
N ASN D 1216 90.09 -43.17 -87.44
CA ASN D 1216 89.71 -44.29 -88.27
C ASN D 1216 88.28 -44.72 -87.95
N PRO D 1217 87.48 -45.13 -88.94
CA PRO D 1217 86.14 -45.62 -88.62
C PRO D 1217 86.21 -46.91 -87.82
N VAL D 1218 85.23 -47.09 -86.93
CA VAL D 1218 85.13 -48.31 -86.13
C VAL D 1218 83.68 -48.76 -86.11
N ALA D 1219 83.46 -50.04 -86.34
CA ALA D 1219 82.13 -50.62 -86.46
C ALA D 1219 81.71 -51.29 -85.16
N LEU D 1220 80.40 -51.27 -84.93
CA LEU D 1220 79.75 -52.04 -83.87
C LEU D 1220 78.85 -53.04 -84.58
N PRO D 1221 79.31 -54.29 -84.76
CA PRO D 1221 78.41 -55.30 -85.36
C PRO D 1221 77.25 -55.62 -84.44
N PHE D 1222 76.10 -55.91 -85.05
CA PHE D 1222 74.93 -56.46 -84.36
C PHE D 1222 74.45 -57.59 -85.26
N LEU D 1223 74.71 -58.83 -84.85
CA LEU D 1223 74.29 -59.98 -85.64
C LEU D 1223 72.86 -60.35 -85.30
N TYR D 1224 72.10 -60.72 -86.32
CA TYR D 1224 70.68 -61.03 -86.19
C TYR D 1224 70.36 -62.29 -86.97
N LYS D 1225 69.91 -63.33 -86.28
CA LYS D 1225 69.43 -64.56 -86.92
C LYS D 1225 68.17 -64.23 -87.71
N TYR D 1226 68.18 -64.49 -89.02
CA TYR D 1226 66.96 -64.41 -89.81
C TYR D 1226 66.30 -65.78 -89.87
N ASN D 1227 65.04 -65.85 -89.46
CA ASN D 1227 64.30 -67.10 -89.30
C ASN D 1227 63.12 -67.08 -90.27
N PRO D 1228 63.25 -67.68 -91.46
CA PRO D 1228 62.09 -67.76 -92.36
C PRO D 1228 60.96 -68.62 -91.82
N ALA D 1229 61.22 -69.47 -90.82
CA ALA D 1229 60.19 -70.41 -90.36
C ALA D 1229 58.98 -69.70 -89.81
N ASP D 1230 59.18 -68.69 -88.98
CA ASP D 1230 58.09 -67.91 -88.38
C ASP D 1230 58.19 -66.48 -88.87
N GLY D 1231 57.12 -66.00 -89.52
CA GLY D 1231 57.08 -64.65 -90.03
C GLY D 1231 56.60 -63.60 -89.05
N PHE D 1232 56.05 -64.01 -87.91
CA PHE D 1232 55.71 -63.04 -86.88
C PHE D 1232 56.97 -62.42 -86.28
N ALA D 1233 57.98 -63.24 -86.01
CA ALA D 1233 59.26 -62.80 -85.46
C ALA D 1233 60.36 -63.34 -86.35
N PRO D 1234 60.48 -62.80 -87.58
CA PRO D 1234 61.47 -63.34 -88.52
C PRO D 1234 62.89 -62.95 -88.19
N ILE D 1235 63.14 -62.21 -87.11
CA ILE D 1235 64.49 -61.79 -86.74
C ILE D 1235 64.67 -62.01 -85.24
N LEU D 1236 65.74 -62.71 -84.88
CA LEU D 1236 66.11 -63.02 -83.52
C LEU D 1236 67.49 -62.44 -83.24
N GLU D 1237 67.59 -61.53 -82.29
CA GLU D 1237 68.88 -60.94 -81.97
C GLU D 1237 69.80 -61.98 -81.34
N ILE D 1238 71.04 -62.03 -81.81
CA ILE D 1238 72.07 -62.84 -81.19
C ILE D 1238 72.54 -62.11 -79.94
N MET D 1239 71.94 -62.44 -78.80
CA MET D 1239 72.35 -61.83 -77.56
C MET D 1239 73.70 -62.39 -77.21
N GLU D 1240 74.04 -63.53 -77.82
CA GLU D 1240 75.32 -64.15 -77.57
C GLU D 1240 76.44 -63.15 -77.80
N ASP D 1241 77.36 -63.06 -76.85
CA ASP D 1241 78.49 -62.15 -77.00
C ASP D 1241 78.05 -60.78 -77.51
N ARG D 1242 76.85 -60.34 -77.14
CA ARG D 1242 76.44 -59.00 -77.53
C ARG D 1242 77.13 -57.94 -76.67
N ASN D 1243 77.13 -58.15 -75.35
CA ASN D 1243 77.81 -57.20 -74.47
C ASN D 1243 79.30 -57.18 -74.74
N GLU D 1244 79.89 -58.35 -75.05
CA GLU D 1244 81.31 -58.38 -75.37
C GLU D 1244 81.62 -57.60 -76.65
N ARG D 1245 80.76 -57.73 -77.66
CA ARG D 1245 80.97 -56.98 -78.90
C ARG D 1245 80.84 -55.48 -78.67
N ILE D 1246 79.82 -55.07 -77.91
CA ILE D 1246 79.66 -53.65 -77.60
C ILE D 1246 80.85 -53.15 -76.79
N LYS D 1247 81.36 -53.98 -75.89
CA LYS D 1247 82.54 -53.62 -75.11
C LYS D 1247 83.76 -53.46 -75.99
N GLU D 1248 83.94 -54.36 -76.96
CA GLU D 1248 85.07 -54.22 -77.88
C GLU D 1248 84.98 -52.93 -78.68
N PHE D 1249 83.76 -52.59 -79.13
CA PHE D 1249 83.58 -51.36 -79.89
C PHE D 1249 83.88 -50.14 -79.02
N TYR D 1250 83.35 -50.12 -77.79
CA TYR D 1250 83.60 -48.99 -76.89
C TYR D 1250 85.07 -48.93 -76.50
N TRP D 1251 85.74 -50.08 -76.40
CA TRP D 1251 87.16 -50.10 -76.09
C TRP D 1251 87.97 -49.50 -77.23
N LYS D 1252 87.63 -49.85 -78.47
CA LYS D 1252 88.31 -49.23 -79.60
C LYS D 1252 88.04 -47.73 -79.65
N LEU D 1253 86.84 -47.31 -79.24
CA LEU D 1253 86.51 -45.89 -79.25
C LEU D 1253 87.31 -45.13 -78.19
N TRP D 1254 87.32 -45.64 -76.96
CA TRP D 1254 87.96 -44.92 -75.86
C TRP D 1254 89.48 -45.16 -75.86
N PHE D 1255 89.89 -46.40 -75.67
CA PHE D 1255 91.29 -46.75 -75.57
C PHE D 1255 91.84 -47.14 -76.95
N SER D 1258 94.87 -46.89 -77.44
CA SER D 1258 95.61 -46.54 -76.23
C SER D 1258 96.09 -47.80 -75.51
N VAL D 1259 95.20 -48.76 -75.36
CA VAL D 1259 95.51 -50.01 -74.67
C VAL D 1259 95.02 -51.16 -75.54
N PRO D 1260 95.72 -52.29 -75.61
CA PRO D 1260 95.18 -53.43 -76.38
C PRO D 1260 93.91 -53.97 -75.73
N TYR D 1261 93.06 -54.57 -76.56
CA TYR D 1261 91.80 -55.12 -76.06
C TYR D 1261 92.08 -56.33 -75.18
N SER D 1262 91.78 -56.19 -73.88
CA SER D 1262 91.96 -57.27 -72.93
C SER D 1262 91.00 -57.02 -71.77
N ASN D 1263 89.90 -57.77 -71.75
CA ASN D 1263 88.92 -57.68 -70.68
C ASN D 1263 89.23 -58.60 -69.51
N ASP D 1264 90.38 -59.29 -69.54
CA ASP D 1264 90.80 -60.15 -68.44
C ASP D 1264 91.47 -59.32 -67.34
N ILE D 1265 90.66 -58.44 -66.75
CA ILE D 1265 91.09 -57.55 -65.68
C ILE D 1265 90.34 -57.94 -64.42
N ASN D 1266 91.06 -58.02 -63.30
CA ASN D 1266 90.40 -58.27 -62.02
C ASN D 1266 89.61 -57.04 -61.60
N VAL D 1267 88.35 -57.26 -61.20
CA VAL D 1267 87.51 -56.14 -60.77
C VAL D 1267 88.07 -55.52 -59.50
N GLU D 1268 88.62 -56.34 -58.60
CA GLU D 1268 89.16 -55.86 -57.34
C GLU D 1268 90.56 -55.26 -57.48
N LYS D 1269 91.19 -55.37 -58.66
CA LYS D 1269 92.53 -54.84 -58.85
C LYS D 1269 92.46 -53.34 -59.12
N ALA D 1270 93.63 -52.72 -59.23
CA ALA D 1270 93.76 -51.28 -59.45
C ALA D 1270 94.20 -51.02 -60.88
N ILE D 1271 93.49 -50.11 -61.54
CA ILE D 1271 93.82 -49.70 -62.91
C ILE D 1271 94.81 -48.55 -62.83
N LEU D 1272 95.93 -48.68 -63.54
CA LEU D 1272 96.94 -47.63 -63.64
C LEU D 1272 96.72 -46.89 -64.95
N GLY D 1273 96.41 -45.59 -64.87
CA GLY D 1273 96.24 -44.79 -66.05
C GLY D 1273 97.56 -44.36 -66.67
N ASP D 1274 97.45 -43.72 -67.83
CA ASP D 1274 98.63 -43.22 -68.51
C ASP D 1274 99.13 -41.95 -67.83
N GLU D 1275 100.44 -41.73 -67.92
CA GLU D 1275 101.05 -40.50 -67.42
C GLU D 1275 100.81 -39.38 -68.42
N ILE D 1276 100.14 -38.31 -67.97
CA ILE D 1276 99.80 -37.18 -68.84
C ILE D 1276 100.37 -35.92 -68.23
N THR D 1277 100.92 -35.06 -69.10
CA THR D 1277 101.47 -33.77 -68.69
C THR D 1277 100.48 -32.68 -69.07
N ILE D 1278 100.14 -31.83 -68.11
CA ILE D 1278 99.15 -30.80 -68.31
C ILE D 1278 99.75 -29.66 -69.14
N SER D 1279 98.99 -29.20 -70.13
CA SER D 1279 99.46 -28.17 -71.05
C SER D 1279 98.41 -27.08 -71.19
N SER D 1280 98.92 -25.85 -71.39
CA SER D 1280 98.05 -24.68 -71.49
C SER D 1280 97.06 -24.82 -72.63
N GLN D 1281 97.48 -25.44 -73.73
CA GLN D 1281 96.57 -25.66 -74.85
C GLN D 1281 95.41 -26.55 -74.42
N THR D 1282 95.68 -27.62 -73.68
CA THR D 1282 94.63 -28.53 -73.25
C THR D 1282 93.68 -27.83 -72.29
N ILE D 1283 94.22 -27.07 -71.33
CA ILE D 1283 93.34 -26.34 -70.41
C ILE D 1283 92.51 -25.30 -71.16
N SER D 1284 93.10 -24.63 -72.15
CA SER D 1284 92.34 -23.68 -72.95
C SER D 1284 91.18 -24.37 -73.65
N GLU D 1285 91.45 -25.47 -74.35
CA GLU D 1285 90.40 -26.17 -75.05
C GLU D 1285 89.30 -26.64 -74.10
N PHE D 1286 89.69 -27.18 -72.95
CA PHE D 1286 88.71 -27.69 -72.00
C PHE D 1286 87.84 -26.56 -71.44
N THR D 1287 88.48 -25.44 -71.07
CA THR D 1287 87.73 -24.32 -70.51
C THR D 1287 86.77 -23.72 -71.54
N HIS D 1288 87.24 -23.53 -72.77
CA HIS D 1288 86.34 -23.01 -73.80
C HIS D 1288 85.22 -23.99 -74.09
N ALA D 1289 85.50 -25.29 -74.00
CA ALA D 1289 84.46 -26.28 -74.23
C ALA D 1289 83.36 -26.16 -73.19
N ILE D 1290 83.72 -26.18 -71.90
CA ILE D 1290 82.70 -26.20 -70.84
C ILE D 1290 82.18 -24.82 -70.49
N GLY D 1291 82.74 -23.74 -71.06
CA GLY D 1291 82.29 -22.41 -70.73
C GLY D 1291 82.88 -21.84 -69.46
N ASN D 1292 83.95 -22.43 -68.94
CA ASN D 1292 84.62 -21.86 -67.78
C ASN D 1292 85.48 -20.68 -68.20
N LYS D 1293 85.17 -19.51 -67.63
CA LYS D 1293 85.86 -18.26 -67.96
C LYS D 1293 86.67 -17.74 -66.77
N CYS D 1294 86.92 -18.58 -65.77
CA CYS D 1294 87.64 -18.12 -64.58
C CYS D 1294 89.05 -17.69 -64.95
N ASP D 1295 89.53 -16.63 -64.29
CA ASP D 1295 90.83 -16.07 -64.62
C ASP D 1295 91.96 -17.04 -64.33
N ALA D 1296 91.79 -17.93 -63.35
CA ALA D 1296 92.89 -18.78 -62.92
C ALA D 1296 93.33 -19.75 -64.02
N PHE D 1297 92.45 -20.03 -64.98
CA PHE D 1297 92.71 -21.03 -66.01
C PHE D 1297 93.05 -20.42 -67.36
N VAL D 1298 93.29 -19.11 -67.42
CA VAL D 1298 93.70 -18.42 -68.64
C VAL D 1298 95.13 -17.93 -68.45
N ASP D 1299 95.95 -18.16 -69.46
CA ASP D 1299 97.36 -17.77 -69.39
C ASP D 1299 97.46 -16.25 -69.28
N ARG D 1300 98.10 -15.79 -68.20
CA ARG D 1300 98.41 -14.38 -68.00
C ARG D 1300 99.87 -14.24 -67.60
N PRO D 1301 100.52 -13.11 -67.92
CA PRO D 1301 101.89 -12.93 -67.46
C PRO D 1301 101.97 -12.83 -65.95
N GLY D 1302 103.09 -13.29 -65.40
CA GLY D 1302 103.33 -13.19 -63.97
C GLY D 1302 102.32 -13.93 -63.13
N LYS D 1303 101.68 -14.96 -63.68
CA LYS D 1303 100.69 -15.75 -62.96
C LYS D 1303 100.87 -17.21 -63.32
N ALA D 1304 100.72 -18.06 -62.30
CA ALA D 1304 100.82 -19.51 -62.48
C ALA D 1304 99.47 -20.01 -62.97
N THR D 1305 99.32 -20.15 -64.28
CA THR D 1305 98.07 -20.63 -64.85
C THR D 1305 97.72 -22.00 -64.28
N LEU D 1306 96.48 -22.15 -63.82
CA LEU D 1306 96.00 -23.36 -63.18
C LEU D 1306 95.09 -24.13 -64.13
N ALA D 1307 94.62 -25.28 -63.69
CA ALA D 1307 93.71 -26.12 -64.44
C ALA D 1307 92.47 -26.45 -63.60
N PRO D 1308 91.29 -26.51 -64.20
CA PRO D 1308 90.08 -26.76 -63.41
C PRO D 1308 90.07 -28.17 -62.86
N MET D 1309 89.29 -28.39 -61.79
CA MET D 1309 89.24 -29.74 -61.25
C MET D 1309 88.56 -30.69 -62.22
N ASP D 1310 87.64 -30.16 -63.03
CA ASP D 1310 86.97 -30.97 -64.04
C ASP D 1310 87.96 -31.53 -65.05
N PHE D 1311 89.16 -30.96 -65.15
CA PHE D 1311 90.24 -31.59 -65.89
C PHE D 1311 90.70 -32.90 -65.26
N ALA D 1312 90.33 -33.14 -63.99
CA ALA D 1312 90.67 -34.41 -63.36
C ALA D 1312 90.01 -35.58 -64.07
N ILE D 1313 88.75 -35.41 -64.49
CA ILE D 1313 88.08 -36.50 -65.20
C ILE D 1313 88.71 -36.69 -66.57
N VAL D 1314 89.22 -35.63 -67.18
CA VAL D 1314 89.94 -35.77 -68.44
C VAL D 1314 91.22 -36.57 -68.22
N ILE D 1315 91.95 -36.26 -67.15
CA ILE D 1315 93.20 -36.95 -66.86
C ILE D 1315 92.93 -38.43 -66.58
N GLY D 1316 91.91 -38.71 -65.76
CA GLY D 1316 91.63 -40.05 -65.31
C GLY D 1316 90.50 -40.77 -66.03
N TRP D 1317 90.11 -40.31 -67.22
CA TRP D 1317 89.03 -40.96 -67.94
C TRP D 1317 89.40 -42.40 -68.30
N LYS D 1318 90.64 -42.60 -68.75
CA LYS D 1318 91.07 -43.95 -69.13
C LYS D 1318 90.92 -44.91 -67.97
N ALA D 1319 91.51 -44.57 -66.81
CA ALA D 1319 91.49 -45.47 -65.67
C ALA D 1319 90.08 -45.66 -65.13
N ILE D 1320 89.33 -44.56 -64.98
CA ILE D 1320 88.00 -44.65 -64.39
C ILE D 1320 87.07 -45.48 -65.28
N ILE D 1321 87.10 -45.23 -66.59
CA ILE D 1321 86.17 -45.91 -67.49
C ILE D 1321 86.62 -47.33 -67.80
N LYS D 1322 87.90 -47.66 -67.57
CA LYS D 1322 88.34 -49.04 -67.71
C LYS D 1322 87.75 -49.95 -66.64
N ALA D 1323 87.13 -49.39 -65.60
CA ALA D 1323 86.61 -50.19 -64.49
C ALA D 1323 85.35 -50.98 -64.84
N ILE D 1324 84.56 -50.52 -65.82
CA ILE D 1324 83.28 -51.15 -66.13
C ILE D 1324 83.39 -52.22 -67.20
N PHE D 1325 84.57 -52.41 -67.80
CA PHE D 1325 84.80 -53.37 -68.87
C PHE D 1325 84.94 -54.84 -68.45
N PRO D 1326 85.55 -55.18 -67.30
CA PRO D 1326 85.86 -56.59 -67.02
C PRO D 1326 84.65 -57.51 -67.13
N LYS D 1327 84.94 -58.80 -67.38
CA LYS D 1327 83.88 -59.78 -67.56
C LYS D 1327 83.03 -59.92 -66.30
N SER D 1328 83.67 -59.95 -65.13
CA SER D 1328 82.94 -60.13 -63.88
C SER D 1328 81.95 -58.99 -63.63
N VAL D 1329 82.17 -57.82 -64.23
CA VAL D 1329 81.18 -56.75 -64.25
C VAL D 1329 80.65 -56.66 -65.68
N ASP D 1330 79.61 -57.41 -65.97
CA ASP D 1330 79.06 -57.54 -67.32
C ASP D 1330 77.76 -56.75 -67.42
N GLY D 1331 77.59 -56.06 -68.53
CA GLY D 1331 76.36 -55.32 -68.77
C GLY D 1331 76.41 -54.65 -70.12
N ASP D 1332 75.27 -54.09 -70.51
CA ASP D 1332 75.12 -53.43 -71.80
C ASP D 1332 75.67 -52.01 -71.66
N LEU D 1333 76.75 -51.72 -72.39
CA LEU D 1333 77.36 -50.39 -72.31
C LEU D 1333 76.48 -49.33 -72.97
N LEU D 1334 75.66 -49.73 -73.97
CA LEU D 1334 74.75 -48.78 -74.58
C LEU D 1334 73.65 -48.36 -73.60
N LYS D 1335 73.30 -49.23 -72.66
CA LYS D 1335 72.37 -48.89 -71.60
C LYS D 1335 73.06 -48.29 -70.39
N LEU D 1336 74.36 -48.06 -70.46
CA LEU D 1336 75.09 -47.49 -69.33
C LEU D 1336 74.58 -46.10 -69.01
N VAL D 1337 74.43 -45.81 -67.72
CA VAL D 1337 73.93 -44.53 -67.23
C VAL D 1337 74.92 -44.03 -66.19
N HIS D 1338 75.50 -42.86 -66.43
CA HIS D 1338 76.34 -42.23 -65.42
C HIS D 1338 75.43 -41.65 -64.34
N LEU D 1339 75.46 -42.27 -63.16
CA LEU D 1339 74.55 -41.85 -62.09
C LEU D 1339 75.07 -40.62 -61.37
N SER D 1340 76.36 -40.62 -61.02
CA SER D 1340 76.92 -39.51 -60.27
C SER D 1340 78.42 -39.46 -60.48
N ASN D 1341 78.97 -38.25 -60.34
CA ASN D 1341 80.41 -38.03 -60.37
C ASN D 1341 80.75 -36.96 -59.35
N GLY D 1342 81.95 -37.04 -58.82
CA GLY D 1342 82.37 -36.09 -57.81
C GLY D 1342 83.87 -36.04 -57.70
N TYR D 1343 84.35 -34.93 -57.14
CA TYR D 1343 85.76 -34.70 -56.89
C TYR D 1343 85.96 -34.45 -55.41
N LYS D 1344 87.19 -34.67 -54.94
CA LYS D 1344 87.55 -34.44 -53.54
C LYS D 1344 89.04 -34.13 -53.49
N MET D 1345 89.40 -32.89 -53.18
CA MET D 1345 90.79 -32.53 -53.03
C MET D 1345 91.32 -33.04 -51.69
N ILE D 1346 92.55 -33.55 -51.70
CA ILE D 1346 93.20 -34.00 -50.48
C ILE D 1346 93.60 -32.76 -49.67
N THR D 1347 93.53 -32.88 -48.35
CA THR D 1347 93.87 -31.76 -47.49
C THR D 1347 95.33 -31.36 -47.70
N GLY D 1348 95.55 -30.07 -47.90
CA GLY D 1348 96.89 -29.54 -48.12
C GLY D 1348 97.42 -29.70 -49.53
N ALA D 1349 96.64 -30.26 -50.44
CA ALA D 1349 97.08 -30.48 -51.82
C ALA D 1349 96.65 -29.29 -52.67
N ALA D 1350 97.61 -28.71 -53.38
CA ALA D 1350 97.33 -27.55 -54.22
C ALA D 1350 96.60 -27.98 -55.49
N PRO D 1351 95.90 -27.06 -56.15
CA PRO D 1351 95.20 -27.41 -57.39
C PRO D 1351 96.18 -27.73 -58.51
N LEU D 1352 95.67 -28.48 -59.49
CA LEU D 1352 96.48 -28.82 -60.66
C LEU D 1352 96.83 -27.56 -61.43
N LYS D 1353 98.01 -27.56 -62.05
CA LYS D 1353 98.51 -26.40 -62.77
C LYS D 1353 99.27 -26.84 -64.02
N LYS D 1354 99.59 -25.87 -64.85
CA LYS D 1354 100.29 -26.12 -66.10
C LYS D 1354 101.65 -26.76 -65.84
N GLY D 1355 102.04 -27.69 -66.69
CA GLY D 1355 103.31 -28.36 -66.58
C GLY D 1355 103.33 -29.52 -65.61
N ASP D 1356 102.24 -29.77 -64.91
CA ASP D 1356 102.21 -30.87 -63.95
C ASP D 1356 102.20 -32.21 -64.68
N VAL D 1357 103.15 -33.07 -64.32
CA VAL D 1357 103.21 -34.44 -64.82
C VAL D 1357 102.43 -35.31 -63.84
N VAL D 1358 101.29 -35.83 -64.27
CA VAL D 1358 100.29 -36.40 -63.37
C VAL D 1358 99.92 -37.80 -63.86
N SER D 1359 99.79 -38.72 -62.91
CA SER D 1359 99.36 -40.09 -63.16
C SER D 1359 98.02 -40.32 -62.47
N THR D 1360 97.34 -41.38 -62.88
CA THR D 1360 96.05 -41.75 -62.31
C THR D 1360 96.07 -43.22 -61.92
N LYS D 1361 95.48 -43.53 -60.77
CA LYS D 1361 95.18 -44.88 -60.35
C LYS D 1361 93.68 -44.96 -60.16
N ALA D 1362 93.08 -46.09 -60.50
CA ALA D 1362 91.64 -46.26 -60.32
C ALA D 1362 91.36 -47.64 -59.71
N GLU D 1363 90.41 -47.66 -58.77
CA GLU D 1363 89.98 -48.88 -58.11
C GLU D 1363 88.47 -48.93 -58.10
N ILE D 1364 87.91 -50.14 -58.05
CA ILE D 1364 86.47 -50.34 -58.06
C ILE D 1364 86.04 -50.54 -56.61
N LYS D 1365 85.32 -49.56 -56.07
CA LYS D 1365 84.95 -49.61 -54.66
C LYS D 1365 83.85 -50.61 -54.41
N ALA D 1366 82.88 -50.71 -55.32
CA ALA D 1366 81.71 -51.56 -55.10
C ALA D 1366 81.12 -51.97 -56.43
N VAL D 1367 80.66 -53.22 -56.51
CA VAL D 1367 79.85 -53.70 -57.62
C VAL D 1367 78.62 -54.37 -57.02
N LEU D 1368 77.44 -53.87 -57.37
CA LEU D 1368 76.19 -54.28 -56.75
C LEU D 1368 75.19 -54.69 -57.81
N ASN D 1369 74.24 -55.55 -57.41
CA ASN D 1369 73.09 -55.92 -58.22
C ASN D 1369 71.83 -55.38 -57.54
N GLN D 1370 71.26 -54.31 -58.10
CA GLN D 1370 70.05 -53.67 -57.64
C GLN D 1370 68.92 -53.96 -58.61
N PRO D 1371 67.66 -53.81 -58.19
CA PRO D 1371 66.55 -54.11 -59.11
C PRO D 1371 66.61 -53.31 -60.41
N SER D 1372 67.07 -52.07 -60.36
CA SER D 1372 67.19 -51.27 -61.58
C SER D 1372 68.32 -51.76 -62.47
N GLY D 1373 69.37 -52.32 -61.90
CA GLY D 1373 70.52 -52.73 -62.69
C GLY D 1373 71.73 -52.95 -61.82
N LYS D 1374 72.89 -53.02 -62.47
CA LYS D 1374 74.15 -53.27 -61.77
C LYS D 1374 74.87 -51.95 -61.52
N LEU D 1375 75.13 -51.66 -60.24
CA LEU D 1375 75.86 -50.47 -59.85
C LEU D 1375 77.35 -50.76 -59.83
N VAL D 1376 78.14 -49.79 -60.30
CA VAL D 1376 79.60 -49.86 -60.27
C VAL D 1376 80.11 -48.55 -59.69
N GLU D 1377 81.00 -48.65 -58.70
CA GLU D 1377 81.61 -47.50 -58.04
C GLU D 1377 83.10 -47.51 -58.31
N VAL D 1378 83.62 -46.38 -58.80
CA VAL D 1378 85.03 -46.25 -59.15
C VAL D 1378 85.59 -45.05 -58.40
N VAL D 1379 86.76 -45.22 -57.79
CA VAL D 1379 87.49 -44.14 -57.16
C VAL D 1379 88.83 -44.02 -57.87
N GLY D 1380 89.10 -42.84 -58.44
CA GLY D 1380 90.33 -42.59 -59.14
C GLY D 1380 91.19 -41.56 -58.43
N THR D 1381 92.32 -41.99 -57.90
CA THR D 1381 93.23 -41.09 -57.21
C THR D 1381 94.22 -40.50 -58.20
N ILE D 1382 94.39 -39.19 -58.12
CA ILE D 1382 95.27 -38.43 -58.99
C ILE D 1382 96.59 -38.22 -58.24
N TYR D 1383 97.69 -38.72 -58.82
CA TYR D 1383 99.01 -38.65 -58.19
C TYR D 1383 99.88 -37.66 -58.95
N ARG D 1384 100.53 -36.77 -58.20
CA ARG D 1384 101.48 -35.81 -58.75
C ARG D 1384 102.77 -35.90 -57.95
N GLU D 1385 103.87 -36.19 -58.62
CA GLU D 1385 105.18 -36.32 -57.98
C GLU D 1385 105.17 -37.41 -56.89
N GLY D 1386 104.35 -38.43 -57.08
CA GLY D 1386 104.24 -39.52 -56.14
C GLY D 1386 103.30 -39.27 -54.97
N LYS D 1387 102.66 -38.08 -54.89
CA LYS D 1387 101.74 -37.75 -53.82
C LYS D 1387 100.32 -37.58 -54.37
N PRO D 1388 99.28 -37.98 -53.63
CA PRO D 1388 97.92 -37.79 -54.12
C PRO D 1388 97.55 -36.32 -54.17
N VAL D 1389 96.81 -35.94 -55.22
CA VAL D 1389 96.32 -34.58 -55.40
C VAL D 1389 94.82 -34.51 -55.18
N MET D 1390 94.08 -35.54 -55.58
CA MET D 1390 92.64 -35.55 -55.39
C MET D 1390 92.10 -36.95 -55.69
N GLU D 1391 90.80 -37.10 -55.49
CA GLU D 1391 90.08 -38.34 -55.74
C GLU D 1391 88.83 -38.03 -56.54
N VAL D 1392 88.54 -38.87 -57.53
CA VAL D 1392 87.40 -38.72 -58.42
C VAL D 1392 86.50 -39.93 -58.22
N THR D 1393 85.33 -39.71 -57.67
CA THR D 1393 84.34 -40.76 -57.44
C THR D 1393 83.37 -40.78 -58.60
N SER D 1394 83.07 -41.95 -59.13
CA SER D 1394 82.16 -42.11 -60.25
C SER D 1394 81.25 -43.31 -59.99
N GLN D 1395 79.98 -43.17 -60.37
CA GLN D 1395 78.99 -44.23 -60.23
C GLN D 1395 78.34 -44.48 -61.58
N PHE D 1396 78.30 -45.74 -61.98
CA PHE D 1396 77.74 -46.15 -63.26
C PHE D 1396 76.66 -47.20 -63.03
N LEU D 1397 75.64 -47.18 -63.88
CA LEU D 1397 74.52 -48.11 -63.80
C LEU D 1397 74.41 -48.87 -65.11
N TYR D 1398 74.47 -50.19 -65.02
CA TYR D 1398 74.24 -51.08 -66.16
C TYR D 1398 72.80 -51.55 -66.03
N ARG D 1399 71.88 -50.90 -66.74
CA ARG D 1399 70.47 -51.28 -66.63
C ARG D 1399 70.27 -52.67 -67.19
N GLY D 1400 69.58 -53.50 -66.43
CA GLY D 1400 69.30 -54.87 -66.83
C GLY D 1400 69.15 -55.77 -65.63
N GLU D 1401 69.04 -57.06 -65.91
CA GLU D 1401 68.91 -58.09 -64.88
C GLU D 1401 70.20 -58.90 -64.85
N TYR D 1402 70.79 -59.03 -63.67
CA TYR D 1402 72.03 -59.75 -63.48
C TYR D 1402 71.95 -60.62 -62.23
N ASN D 1403 72.37 -61.88 -62.38
CA ASN D 1403 72.36 -62.85 -61.29
C ASN D 1403 73.76 -63.26 -60.86
N ASP D 1404 74.80 -62.60 -61.38
CA ASP D 1404 76.19 -62.96 -61.07
C ASP D 1404 76.58 -62.29 -59.75
N TYR D 1405 75.94 -62.76 -58.67
CA TYR D 1405 76.21 -62.21 -57.35
C TYR D 1405 77.62 -62.55 -56.85
N CYS D 1406 78.26 -63.57 -57.44
CA CYS D 1406 79.61 -63.91 -57.02
C CYS D 1406 80.61 -62.80 -57.36
N ASN D 1407 80.29 -61.96 -58.35
CA ASN D 1407 81.16 -60.89 -58.78
C ASN D 1407 80.83 -59.54 -58.15
N THR D 1408 79.81 -59.48 -57.28
CA THR D 1408 79.40 -58.24 -56.65
C THR D 1408 80.11 -58.06 -55.31
N PHE D 1409 80.41 -56.82 -54.97
CA PHE D 1409 81.04 -56.51 -53.69
C PHE D 1409 80.75 -55.05 -53.35
N GLN D 1410 80.91 -54.73 -52.06
CA GLN D 1410 80.68 -53.38 -51.58
C GLN D 1410 81.73 -53.05 -50.53
N LYS D 1411 82.32 -51.86 -50.64
CA LYS D 1411 83.23 -51.32 -49.63
C LYS D 1411 82.65 -50.00 -49.15
N VAL D 1412 82.03 -50.02 -47.97
CA VAL D 1412 81.39 -48.86 -47.38
C VAL D 1412 82.29 -48.32 -46.29
N THR D 1413 82.60 -47.03 -46.37
CA THR D 1413 83.33 -46.33 -45.31
C THR D 1413 82.28 -45.85 -44.31
N GLU D 1414 82.05 -46.67 -43.28
CA GLU D 1414 81.07 -46.32 -42.27
C GLU D 1414 81.45 -45.03 -41.57
N THR D 1415 80.46 -44.19 -41.30
CA THR D 1415 80.73 -42.93 -40.64
C THR D 1415 81.25 -43.19 -39.22
N PRO D 1416 82.12 -42.33 -38.69
CA PRO D 1416 82.61 -42.57 -37.33
C PRO D 1416 81.50 -42.32 -36.31
N VAL D 1417 81.34 -43.28 -35.41
CA VAL D 1417 80.29 -43.26 -34.41
C VAL D 1417 80.93 -43.05 -33.05
N GLN D 1418 80.35 -42.12 -32.28
CA GLN D 1418 80.83 -41.76 -30.96
C GLN D 1418 79.96 -42.44 -29.90
N VAL D 1419 80.62 -43.02 -28.89
CA VAL D 1419 79.93 -43.66 -27.78
C VAL D 1419 80.64 -43.29 -26.47
N ALA D 1420 79.84 -43.00 -25.45
CA ALA D 1420 80.33 -42.61 -24.13
C ALA D 1420 79.93 -43.65 -23.10
N PHE D 1421 80.83 -43.93 -22.16
CA PHE D 1421 80.58 -44.92 -21.10
C PHE D 1421 80.34 -44.16 -19.80
N LYS D 1422 79.08 -44.13 -19.38
CA LYS D 1422 78.69 -43.56 -18.10
C LYS D 1422 78.48 -44.64 -17.03
N SER D 1423 78.74 -45.91 -17.36
CA SER D 1423 78.57 -46.99 -16.40
C SER D 1423 79.39 -48.18 -16.86
N ALA D 1424 79.65 -49.10 -15.93
CA ALA D 1424 80.38 -50.32 -16.25
C ALA D 1424 79.57 -51.27 -17.13
N LYS D 1425 78.26 -51.04 -17.24
CA LYS D 1425 77.44 -51.88 -18.12
C LYS D 1425 77.89 -51.74 -19.57
N ASP D 1426 78.17 -50.52 -20.01
CA ASP D 1426 78.66 -50.31 -21.37
C ASP D 1426 79.99 -51.01 -21.59
N LEU D 1427 80.88 -50.92 -20.60
CA LEU D 1427 82.18 -51.59 -20.70
C LEU D 1427 82.01 -53.09 -20.84
N ALA D 1428 81.14 -53.68 -20.03
CA ALA D 1428 80.91 -55.12 -20.12
C ALA D 1428 80.30 -55.51 -21.47
N VAL D 1429 79.33 -54.72 -21.94
CA VAL D 1429 78.68 -55.03 -23.21
C VAL D 1429 79.68 -55.00 -24.36
N LEU D 1430 80.53 -53.97 -24.39
CA LEU D 1430 81.57 -53.92 -25.43
C LEU D 1430 82.59 -55.03 -25.29
N ARG D 1431 83.05 -55.32 -24.08
CA ARG D 1431 84.05 -56.38 -23.92
C ARG D 1431 83.47 -57.73 -24.31
N SER D 1432 82.15 -57.88 -24.24
CA SER D 1432 81.51 -59.09 -24.75
C SER D 1432 81.66 -59.24 -26.26
N LYS D 1433 81.85 -58.15 -26.99
CA LYS D 1433 81.99 -58.24 -28.44
C LYS D 1433 83.34 -58.82 -28.82
N GLU D 1434 83.32 -59.85 -29.66
CA GLU D 1434 84.56 -60.48 -30.11
C GLU D 1434 85.37 -59.59 -31.05
N TRP D 1435 84.76 -58.57 -31.63
CA TRP D 1435 85.44 -57.71 -32.61
C TRP D 1435 86.11 -56.50 -31.99
N PHE D 1436 86.05 -56.36 -30.66
CA PHE D 1436 86.56 -55.19 -29.94
C PHE D 1436 87.93 -55.55 -29.38
N HIS D 1437 88.98 -54.92 -29.91
CA HIS D 1437 90.36 -55.19 -29.51
C HIS D 1437 90.91 -53.90 -28.91
N LEU D 1438 90.78 -53.75 -27.60
CA LEU D 1438 91.09 -52.50 -26.91
C LEU D 1438 92.27 -52.63 -25.95
N GLU D 1439 92.17 -53.51 -24.95
CA GLU D 1439 93.19 -53.66 -23.91
C GLU D 1439 93.46 -52.34 -23.18
N LYS D 1440 92.43 -51.82 -22.54
CA LYS D 1440 92.58 -50.67 -21.64
C LYS D 1440 91.29 -50.50 -20.85
N ASP D 1441 91.38 -49.67 -19.80
CA ASP D 1441 90.23 -49.30 -18.99
C ASP D 1441 89.57 -48.06 -19.56
N VAL D 1442 88.25 -48.09 -19.70
CA VAL D 1442 87.50 -47.03 -20.37
C VAL D 1442 86.38 -46.49 -19.49
N GLN D 1443 86.54 -46.54 -18.17
CA GLN D 1443 85.55 -45.90 -17.30
C GLN D 1443 85.52 -44.41 -17.62
N PHE D 1444 84.31 -43.87 -17.72
CA PHE D 1444 84.10 -42.53 -18.31
C PHE D 1444 84.55 -42.64 -19.76
N ASP D 1445 85.35 -41.71 -20.28
CA ASP D 1445 85.95 -41.84 -21.61
C ASP D 1445 84.92 -41.84 -22.73
N VAL D 1446 85.36 -41.51 -23.95
CA VAL D 1446 84.49 -41.45 -25.12
C VAL D 1446 85.26 -42.02 -26.30
N LEU D 1447 84.76 -43.11 -26.88
CA LEU D 1447 85.39 -43.71 -28.05
C LEU D 1447 84.73 -43.25 -29.34
N THR D 1448 85.46 -43.44 -30.43
CA THR D 1448 85.03 -43.11 -31.78
C THR D 1448 85.50 -44.23 -32.69
N PHE D 1449 84.55 -44.85 -33.39
CA PHE D 1449 84.84 -46.03 -34.21
C PHE D 1449 84.87 -45.62 -35.68
N ARG D 1450 86.07 -45.32 -36.17
CA ARG D 1450 86.25 -45.02 -37.59
C ARG D 1450 86.35 -46.35 -38.32
N CYS D 1451 85.22 -46.81 -38.85
CA CYS D 1451 85.08 -48.17 -39.37
C CYS D 1451 84.85 -48.17 -40.87
N GLU D 1452 85.36 -49.20 -41.55
CA GLU D 1452 85.04 -49.48 -42.93
C GLU D 1452 84.55 -50.91 -43.02
N SER D 1453 83.53 -51.12 -43.86
CA SER D 1453 82.89 -52.42 -44.03
C SER D 1453 83.03 -52.86 -45.48
N THR D 1454 83.56 -54.07 -45.66
CA THR D 1454 83.66 -54.71 -46.96
C THR D 1454 82.63 -55.84 -47.00
N TYR D 1455 81.85 -55.88 -48.08
CA TYR D 1455 80.74 -56.82 -48.20
C TYR D 1455 80.94 -57.74 -49.39
N LYS D 1456 80.31 -58.92 -49.31
CA LYS D 1456 80.24 -59.85 -50.42
C LYS D 1456 78.86 -60.49 -50.41
N PHE D 1457 78.24 -60.54 -51.58
CA PHE D 1457 76.85 -60.95 -51.73
C PHE D 1457 76.80 -62.37 -52.30
N LYS D 1458 75.84 -63.16 -51.82
CA LYS D 1458 75.45 -64.40 -52.47
C LYS D 1458 74.11 -64.29 -53.18
N SER D 1459 73.24 -63.40 -52.68
CA SER D 1459 71.95 -63.13 -53.31
C SER D 1459 71.65 -61.65 -53.10
N ALA D 1460 70.43 -61.24 -53.44
CA ALA D 1460 70.04 -59.84 -53.32
C ALA D 1460 70.04 -59.40 -51.86
N ASN D 1461 69.54 -60.24 -50.96
CA ASN D 1461 69.29 -59.87 -49.57
C ASN D 1461 70.24 -60.51 -48.58
N VAL D 1462 71.02 -61.51 -49.00
CA VAL D 1462 71.92 -62.24 -48.11
C VAL D 1462 73.35 -61.95 -48.53
N TYR D 1463 74.21 -61.73 -47.54
CA TYR D 1463 75.61 -61.36 -47.76
C TYR D 1463 76.47 -62.62 -47.70
N SER D 1464 77.27 -62.83 -48.74
CA SER D 1464 78.18 -63.98 -48.75
C SER D 1464 79.21 -63.86 -47.63
N SER D 1465 79.73 -62.66 -47.40
CA SER D 1465 80.67 -62.46 -46.31
C SER D 1465 80.67 -60.98 -45.93
N ILE D 1466 81.12 -60.70 -44.71
CA ILE D 1466 81.21 -59.34 -44.19
C ILE D 1466 82.52 -59.21 -43.44
N LYS D 1467 83.26 -58.14 -43.71
CA LYS D 1467 84.54 -57.86 -43.08
C LYS D 1467 84.55 -56.39 -42.68
N THR D 1468 84.27 -56.12 -41.41
CA THR D 1468 84.21 -54.75 -40.90
C THR D 1468 85.39 -54.53 -39.97
N THR D 1469 86.27 -53.59 -40.32
CA THR D 1469 87.39 -53.27 -39.45
C THR D 1469 87.55 -51.77 -39.37
N GLY D 1470 88.10 -51.31 -38.25
CA GLY D 1470 88.15 -49.89 -37.98
C GLY D 1470 89.14 -49.54 -36.90
N GLN D 1471 89.47 -48.25 -36.82
CA GLN D 1471 90.26 -47.74 -35.73
C GLN D 1471 89.34 -47.29 -34.59
N VAL D 1472 89.61 -47.75 -33.38
CA VAL D 1472 88.89 -47.33 -32.18
C VAL D 1472 89.75 -46.26 -31.53
N LEU D 1473 89.36 -45.00 -31.70
CA LEU D 1473 90.06 -43.87 -31.14
C LEU D 1473 89.39 -43.46 -29.83
N LEU D 1474 90.18 -42.93 -28.90
CA LEU D 1474 89.70 -42.41 -27.64
C LEU D 1474 89.94 -40.91 -27.62
N GLU D 1475 88.93 -40.16 -27.17
CA GLU D 1475 89.09 -38.72 -26.99
C GLU D 1475 89.88 -38.43 -25.72
N LEU D 1476 91.02 -37.77 -25.88
CA LEU D 1476 91.87 -37.36 -24.78
C LEU D 1476 91.32 -36.09 -24.14
N PRO D 1477 91.88 -35.68 -22.99
CA PRO D 1477 91.46 -34.39 -22.41
C PRO D 1477 91.69 -33.21 -23.34
N THR D 1478 92.69 -33.29 -24.23
CA THR D 1478 93.01 -32.22 -25.16
C THR D 1478 92.13 -32.24 -26.41
N LYS D 1479 91.04 -33.00 -26.43
CA LYS D 1479 90.11 -33.10 -27.55
C LYS D 1479 90.70 -33.84 -28.76
N GLU D 1480 91.92 -34.36 -28.65
CA GLU D 1480 92.54 -35.16 -29.68
C GLU D 1480 91.96 -36.57 -29.62
N VAL D 1481 92.03 -37.28 -30.74
CA VAL D 1481 91.57 -38.67 -30.82
C VAL D 1481 92.79 -39.54 -31.12
N ILE D 1482 93.05 -40.52 -30.25
CA ILE D 1482 94.21 -41.39 -30.39
C ILE D 1482 93.74 -42.84 -30.47
N GLN D 1483 94.28 -43.60 -31.42
CA GLN D 1483 93.87 -44.98 -31.63
C GLN D 1483 94.29 -45.81 -30.42
N VAL D 1484 93.31 -46.15 -29.57
CA VAL D 1484 93.55 -47.04 -28.44
C VAL D 1484 93.22 -48.48 -28.78
N GLY D 1485 92.50 -48.74 -29.87
CA GLY D 1485 92.19 -50.11 -30.22
C GLY D 1485 91.73 -50.23 -31.65
N SER D 1486 91.19 -51.40 -31.96
CA SER D 1486 90.72 -51.70 -33.31
C SER D 1486 89.43 -52.49 -33.27
N VAL D 1487 88.65 -52.33 -34.33
CA VAL D 1487 87.51 -53.18 -34.64
C VAL D 1487 87.96 -54.17 -35.69
N ASP D 1488 87.67 -55.45 -35.46
CA ASP D 1488 87.99 -56.51 -36.42
C ASP D 1488 86.86 -57.54 -36.35
N TYR D 1489 86.00 -57.55 -37.37
CA TYR D 1489 84.85 -58.44 -37.45
C TYR D 1489 84.85 -59.12 -38.81
N GLU D 1490 84.74 -60.45 -38.81
CA GLU D 1490 84.69 -61.23 -40.04
C GLU D 1490 83.62 -62.30 -39.90
N ALA D 1491 82.79 -62.44 -40.94
CA ALA D 1491 81.70 -63.42 -40.91
C ALA D 1491 81.44 -63.90 -42.32
N GLY D 1492 80.95 -65.14 -42.42
CA GLY D 1492 80.58 -65.71 -43.70
C GLY D 1492 79.16 -65.33 -44.07
N THR D 1493 78.32 -66.32 -44.36
CA THR D 1493 76.93 -66.04 -44.73
C THR D 1493 76.25 -65.27 -43.61
N SER D 1494 75.93 -64.00 -43.88
CA SER D 1494 75.34 -63.11 -42.89
C SER D 1494 74.21 -62.31 -43.53
N TYR D 1495 73.29 -61.85 -42.69
CA TYR D 1495 72.13 -61.09 -43.15
C TYR D 1495 72.24 -59.61 -42.82
N GLY D 1496 73.33 -59.17 -42.21
CA GLY D 1496 73.52 -57.78 -41.86
C GLY D 1496 74.84 -57.60 -41.15
N ASN D 1497 75.10 -56.35 -40.77
CA ASN D 1497 76.35 -55.99 -40.09
C ASN D 1497 76.07 -55.75 -38.61
N PRO D 1498 76.36 -56.70 -37.71
CA PRO D 1498 76.09 -56.45 -36.30
C PRO D 1498 76.90 -55.30 -35.72
N VAL D 1499 78.13 -55.08 -36.21
CA VAL D 1499 78.93 -53.98 -35.71
C VAL D 1499 78.22 -52.66 -35.98
N THR D 1500 77.81 -52.45 -37.24
CA THR D 1500 77.12 -51.21 -37.60
C THR D 1500 75.78 -51.10 -36.89
N ASP D 1501 75.04 -52.20 -36.76
CA ASP D 1501 73.76 -52.15 -36.06
C ASP D 1501 73.94 -51.70 -34.62
N TYR D 1502 74.85 -52.35 -33.89
CA TYR D 1502 75.06 -51.99 -32.48
C TYR D 1502 75.55 -50.56 -32.36
N LEU D 1503 76.47 -50.16 -33.25
CA LEU D 1503 77.02 -48.82 -33.19
C LEU D 1503 75.95 -47.77 -33.44
N SER D 1504 75.07 -48.01 -34.41
CA SER D 1504 73.98 -47.08 -34.67
C SER D 1504 73.04 -47.01 -33.48
N ARG D 1505 72.77 -48.14 -32.83
CA ARG D 1505 71.81 -48.14 -31.73
C ARG D 1505 72.38 -47.47 -30.48
N ASN D 1506 73.66 -47.71 -30.16
CA ASN D 1506 74.23 -47.31 -28.88
C ASN D 1506 75.04 -46.03 -28.94
N GLY D 1507 75.67 -45.71 -30.07
CA GLY D 1507 76.46 -44.50 -30.20
C GLY D 1507 75.72 -43.41 -30.97
N LYS D 1508 76.45 -42.34 -31.25
CA LYS D 1508 75.94 -41.19 -31.99
C LYS D 1508 76.89 -40.88 -33.13
N THR D 1509 76.33 -40.67 -34.33
CA THR D 1509 77.14 -40.33 -35.48
C THR D 1509 77.73 -38.93 -35.33
N ILE D 1510 78.98 -38.77 -35.74
CA ILE D 1510 79.65 -37.49 -35.60
C ILE D 1510 78.99 -36.43 -36.47
N GLU D 1511 78.67 -36.79 -37.73
CA GLU D 1511 78.02 -35.88 -38.66
C GLU D 1511 78.89 -34.63 -38.89
N GLU D 1512 80.03 -34.87 -39.54
CA GLU D 1512 80.99 -33.79 -39.81
C GLU D 1512 80.33 -32.63 -40.56
N SER D 1513 79.45 -32.94 -41.50
CA SER D 1513 78.69 -31.90 -42.18
C SER D 1513 77.64 -31.33 -41.23
N VAL D 1514 77.61 -29.99 -41.11
CA VAL D 1514 76.72 -29.29 -40.21
C VAL D 1514 75.84 -28.36 -41.02
N ILE D 1515 74.53 -28.48 -40.85
CA ILE D 1515 73.55 -27.62 -41.51
C ILE D 1515 73.16 -26.53 -40.53
N PHE D 1516 73.29 -25.27 -40.96
CA PHE D 1516 72.94 -24.14 -40.10
C PHE D 1516 71.46 -23.83 -40.26
N GLU D 1517 71.01 -22.74 -39.62
CA GLU D 1517 69.59 -22.47 -39.40
C GLU D 1517 68.77 -22.48 -40.68
N ASN D 1518 69.03 -21.54 -41.59
CA ASN D 1518 68.25 -21.38 -42.81
C ASN D 1518 69.18 -21.29 -44.00
N ALA D 1519 68.79 -21.96 -45.08
CA ALA D 1519 69.58 -21.91 -46.31
C ALA D 1519 69.60 -20.49 -46.85
N ILE D 1520 70.78 -20.05 -47.27
CA ILE D 1520 71.00 -18.72 -47.82
C ILE D 1520 71.03 -18.84 -49.34
N PRO D 1521 70.05 -18.27 -50.08
CA PRO D 1521 70.23 -18.11 -51.53
C PRO D 1521 71.63 -17.66 -51.92
N LEU D 1522 72.20 -18.23 -52.98
CA LEU D 1522 73.56 -17.97 -53.40
C LEU D 1522 73.60 -17.71 -54.90
N SER D 1523 72.78 -16.74 -55.32
CA SER D 1523 72.58 -16.38 -56.73
C SER D 1523 71.67 -17.35 -57.44
N SER D 1524 70.70 -17.90 -56.73
CA SER D 1524 69.62 -18.66 -57.36
C SER D 1524 68.79 -17.73 -58.21
N GLY D 1525 68.98 -17.76 -59.52
CA GLY D 1525 68.27 -16.83 -60.38
C GLY D 1525 68.67 -16.98 -61.83
N GLU D 1526 68.19 -16.02 -62.63
CA GLU D 1526 68.35 -16.07 -64.08
C GLU D 1526 69.81 -15.94 -64.50
N GLU D 1527 70.60 -15.14 -63.79
CA GLU D 1527 72.02 -15.00 -64.12
C GLU D 1527 72.77 -16.32 -63.97
N LEU D 1528 72.20 -17.29 -63.25
CA LEU D 1528 72.80 -18.61 -63.07
C LEU D 1528 72.42 -19.58 -64.18
N THR D 1529 71.75 -19.12 -65.23
CA THR D 1529 71.35 -20.02 -66.31
C THR D 1529 72.57 -20.51 -67.08
N SER D 1530 72.59 -21.81 -67.36
CA SER D 1530 73.63 -22.44 -68.16
C SER D 1530 72.99 -23.09 -69.37
N LYS D 1531 73.63 -22.97 -70.53
CA LYS D 1531 73.09 -23.48 -71.78
C LYS D 1531 73.96 -24.62 -72.29
N ALA D 1532 73.33 -25.77 -72.53
CA ALA D 1532 74.04 -26.91 -73.08
C ALA D 1532 74.52 -26.59 -74.50
N PRO D 1533 75.62 -27.19 -74.95
CA PRO D 1533 76.20 -26.78 -76.22
C PRO D 1533 75.36 -27.24 -77.40
N GLY D 1534 75.53 -26.55 -78.53
CA GLY D 1534 74.83 -26.95 -79.73
C GLY D 1534 75.24 -28.33 -80.20
N THR D 1535 76.51 -28.67 -80.04
CA THR D 1535 77.03 -29.99 -80.37
C THR D 1535 77.94 -30.47 -79.25
N ASN D 1536 78.02 -31.79 -79.10
CA ASN D 1536 78.84 -32.42 -78.09
C ASN D 1536 80.22 -32.83 -78.59
N GLU D 1537 80.52 -32.57 -79.87
CA GLU D 1537 81.83 -32.89 -80.42
C GLU D 1537 82.98 -32.22 -79.68
N PRO D 1538 82.95 -30.91 -79.38
CA PRO D 1538 84.12 -30.33 -78.70
C PRO D 1538 84.40 -30.92 -77.33
N TYR D 1539 83.37 -31.12 -76.52
CA TYR D 1539 83.58 -31.74 -75.21
C TYR D 1539 84.06 -33.17 -75.37
N ALA D 1540 83.50 -33.92 -76.31
CA ALA D 1540 83.96 -35.28 -76.52
C ALA D 1540 85.44 -35.30 -76.91
N ILE D 1541 85.83 -34.39 -77.80
CA ILE D 1541 87.21 -34.35 -78.26
C ILE D 1541 88.15 -34.03 -77.10
N VAL D 1542 87.83 -32.98 -76.33
CA VAL D 1542 88.76 -32.54 -75.31
C VAL D 1542 88.82 -33.53 -74.15
N SER D 1543 87.68 -34.10 -73.76
CA SER D 1543 87.64 -34.98 -72.59
C SER D 1543 88.05 -36.41 -72.92
N GLY D 1544 87.98 -36.82 -74.19
CA GLY D 1544 88.26 -38.18 -74.56
C GLY D 1544 87.09 -39.13 -74.41
N ASP D 1545 85.97 -38.67 -73.89
CA ASP D 1545 84.77 -39.49 -73.75
C ASP D 1545 84.04 -39.47 -75.08
N TYR D 1546 84.31 -40.48 -75.93
CA TYR D 1546 83.73 -40.58 -77.26
C TYR D 1546 82.47 -41.44 -77.26
N ASN D 1547 81.71 -41.44 -76.17
CA ASN D 1547 80.50 -42.24 -76.10
C ASN D 1547 79.56 -41.81 -77.23
N PRO D 1548 79.17 -42.71 -78.15
CA PRO D 1548 78.38 -42.25 -79.30
C PRO D 1548 77.03 -41.67 -78.94
N ILE D 1549 76.47 -41.98 -77.77
CA ILE D 1549 75.13 -41.48 -77.47
C ILE D 1549 75.12 -39.96 -77.36
N HIS D 1550 76.28 -39.33 -77.24
CA HIS D 1550 76.35 -37.87 -77.13
C HIS D 1550 76.48 -37.20 -78.49
N VAL D 1551 77.14 -37.84 -79.46
CA VAL D 1551 77.52 -37.21 -80.71
C VAL D 1551 76.80 -37.83 -81.90
N SER D 1552 76.68 -39.15 -81.93
CA SER D 1552 76.08 -39.87 -83.05
C SER D 1552 74.58 -39.99 -82.82
N ARG D 1553 73.80 -39.60 -83.82
CA ARG D 1553 72.35 -39.72 -83.75
C ARG D 1553 71.91 -41.18 -83.78
N VAL D 1554 72.56 -41.99 -84.61
CA VAL D 1554 72.14 -43.37 -84.80
C VAL D 1554 72.27 -44.16 -83.49
N PHE D 1555 73.38 -43.97 -82.78
CA PHE D 1555 73.60 -44.74 -81.55
C PHE D 1555 72.61 -44.33 -80.46
N ALA D 1556 72.31 -43.04 -80.35
CA ALA D 1556 71.30 -42.60 -79.40
C ALA D 1556 69.94 -43.19 -79.73
N ALA D 1557 69.57 -43.19 -81.02
CA ALA D 1557 68.31 -43.79 -81.43
C ALA D 1557 68.26 -45.27 -81.08
N TYR D 1558 69.36 -45.98 -81.32
CA TYR D 1558 69.42 -47.40 -80.95
C TYR D 1558 69.29 -47.57 -79.44
N ALA D 1559 69.99 -46.75 -78.67
CA ALA D 1559 69.95 -46.84 -77.21
C ALA D 1559 68.61 -46.43 -76.64
N LYS D 1560 67.72 -45.82 -77.43
CA LYS D 1560 66.35 -45.46 -77.09
C LYS D 1560 66.30 -44.19 -76.25
N LEU D 1561 67.44 -43.64 -75.85
CA LEU D 1561 67.46 -42.38 -75.15
C LEU D 1561 67.10 -41.24 -76.11
N PRO D 1562 66.56 -40.13 -75.60
CA PRO D 1562 65.98 -39.09 -76.50
C PRO D 1562 67.02 -38.20 -77.17
N GLY D 1563 67.55 -38.67 -78.29
CA GLY D 1563 68.45 -37.86 -79.09
C GLY D 1563 69.85 -37.80 -78.52
N THR D 1564 70.70 -37.02 -79.20
CA THR D 1564 72.11 -36.89 -78.83
C THR D 1564 72.21 -35.99 -77.60
N ILE D 1565 71.85 -36.56 -76.45
CA ILE D 1565 71.86 -35.79 -75.21
C ILE D 1565 73.30 -35.36 -74.89
N THR D 1566 73.41 -34.25 -74.17
CA THR D 1566 74.72 -33.71 -73.82
C THR D 1566 75.40 -34.58 -72.76
N HIS D 1567 76.72 -34.45 -72.68
CA HIS D 1567 77.47 -35.18 -71.66
C HIS D 1567 77.03 -34.74 -70.26
N GLY D 1568 76.71 -35.72 -69.42
CA GLY D 1568 76.49 -35.42 -68.01
C GLY D 1568 77.71 -34.79 -67.38
N MET D 1569 78.90 -35.19 -67.82
CA MET D 1569 80.11 -34.56 -67.33
C MET D 1569 80.22 -33.12 -67.82
N TYR D 1570 79.76 -32.83 -69.05
CA TYR D 1570 79.67 -31.43 -69.48
C TYR D 1570 78.76 -30.65 -68.54
N SER D 1571 77.60 -31.23 -68.21
CA SER D 1571 76.69 -30.53 -67.31
C SER D 1571 77.36 -30.27 -65.96
N SER D 1572 78.03 -31.28 -65.41
CA SER D 1572 78.69 -31.12 -64.12
C SER D 1572 79.73 -30.01 -64.17
N ALA D 1573 80.58 -30.03 -65.21
CA ALA D 1573 81.63 -29.02 -65.32
C ALA D 1573 81.05 -27.64 -65.57
N SER D 1574 79.97 -27.55 -66.34
CA SER D 1574 79.38 -26.26 -66.67
C SER D 1574 78.73 -25.63 -65.43
N ILE D 1575 78.14 -26.44 -64.57
CA ILE D 1575 77.54 -25.91 -63.36
C ILE D 1575 78.58 -25.72 -62.24
N ARG D 1576 79.65 -26.51 -62.24
CA ARG D 1576 80.76 -26.22 -61.34
C ARG D 1576 81.49 -24.95 -61.77
N ALA D 1577 81.43 -24.61 -63.05
CA ALA D 1577 81.91 -23.30 -63.48
C ALA D 1577 81.07 -22.20 -62.82
N LEU D 1578 79.76 -22.39 -62.73
CA LEU D 1578 78.91 -21.45 -62.03
C LEU D 1578 79.28 -21.38 -60.55
N VAL D 1579 79.59 -22.53 -59.95
CA VAL D 1579 79.99 -22.53 -58.54
C VAL D 1579 81.29 -21.78 -58.34
N GLU D 1580 82.30 -22.10 -59.15
CA GLU D 1580 83.59 -21.42 -59.07
C GLU D 1580 83.47 -19.93 -59.37
N GLU D 1581 82.52 -19.54 -60.20
CA GLU D 1581 82.34 -18.14 -60.54
C GLU D 1581 81.61 -17.39 -59.42
N TRP D 1582 80.46 -17.90 -58.98
CA TRP D 1582 79.62 -17.15 -58.06
C TRP D 1582 79.92 -17.46 -56.61
N ALA D 1583 80.01 -18.75 -56.25
CA ALA D 1583 80.27 -19.10 -54.85
C ALA D 1583 81.65 -18.67 -54.43
N ALA D 1584 82.64 -18.83 -55.29
CA ALA D 1584 83.97 -18.27 -55.08
C ALA D 1584 84.05 -16.92 -55.79
N ASN D 1585 85.25 -16.35 -55.86
CA ASN D 1585 85.51 -15.08 -56.51
C ASN D 1585 86.54 -15.25 -57.63
N ASN D 1586 86.32 -16.28 -58.46
CA ASN D 1586 87.32 -16.75 -59.42
C ASN D 1586 88.60 -17.19 -58.72
N VAL D 1587 88.48 -17.56 -57.45
CA VAL D 1587 89.61 -17.96 -56.62
C VAL D 1587 89.75 -19.47 -56.71
N ALA D 1588 90.91 -19.93 -57.20
CA ALA D 1588 91.16 -21.36 -57.34
C ALA D 1588 91.49 -22.03 -56.02
N ALA D 1589 91.72 -21.28 -54.94
CA ALA D 1589 91.91 -21.90 -53.64
C ALA D 1589 90.63 -22.52 -53.09
N ARG D 1590 89.46 -22.11 -53.59
CA ARG D 1590 88.19 -22.62 -53.10
C ARG D 1590 87.77 -23.91 -53.78
N VAL D 1591 88.56 -24.41 -54.73
CA VAL D 1591 88.18 -25.59 -55.49
C VAL D 1591 88.41 -26.82 -54.62
N ARG D 1592 87.33 -27.44 -54.18
CA ARG D 1592 87.40 -28.58 -53.26
C ARG D 1592 86.21 -29.49 -53.56
N ALA D 1593 85.96 -30.43 -52.65
CA ALA D 1593 85.07 -31.56 -52.92
C ALA D 1593 83.74 -31.12 -53.51
N PHE D 1594 83.46 -31.60 -54.72
CA PHE D 1594 82.29 -31.22 -55.51
C PHE D 1594 81.60 -32.52 -55.89
N LYS D 1595 80.54 -32.85 -55.16
CA LYS D 1595 79.71 -34.01 -55.48
C LYS D 1595 78.61 -33.59 -56.44
N CYS D 1596 78.24 -34.48 -57.35
CA CYS D 1596 77.22 -34.17 -58.33
C CYS D 1596 76.57 -35.46 -58.79
N ASP D 1597 75.26 -35.40 -59.06
CA ASP D 1597 74.48 -36.55 -59.48
C ASP D 1597 73.62 -36.14 -60.66
N PHE D 1598 73.70 -36.93 -61.73
CA PHE D 1598 72.98 -36.69 -62.97
C PHE D 1598 71.62 -37.37 -62.85
N VAL D 1599 70.71 -36.71 -62.14
CA VAL D 1599 69.41 -37.31 -61.84
C VAL D 1599 68.57 -37.40 -63.10
N GLY D 1600 68.60 -36.37 -63.94
CA GLY D 1600 67.78 -36.31 -65.14
C GLY D 1600 68.58 -36.47 -66.42
N MET D 1601 68.24 -35.68 -67.44
CA MET D 1601 68.89 -35.76 -68.73
C MET D 1601 68.70 -34.43 -69.45
N VAL D 1602 69.70 -34.05 -70.25
CA VAL D 1602 69.75 -32.73 -70.88
C VAL D 1602 70.01 -32.91 -72.37
N LEU D 1603 69.22 -32.21 -73.19
CA LEU D 1603 69.39 -32.18 -74.63
C LEU D 1603 70.32 -31.04 -75.04
N PRO D 1604 70.91 -31.10 -76.23
CA PRO D 1604 71.67 -29.93 -76.71
C PRO D 1604 70.76 -28.72 -76.90
N ASN D 1605 71.37 -27.54 -76.78
CA ASN D 1605 70.63 -26.28 -76.90
C ASN D 1605 69.52 -26.19 -75.85
N ASP D 1606 69.80 -26.69 -74.66
CA ASP D 1606 68.86 -26.70 -73.56
C ASP D 1606 69.30 -25.64 -72.55
N THR D 1607 68.37 -24.79 -72.14
CA THR D 1607 68.63 -23.76 -71.14
C THR D 1607 68.21 -24.28 -69.78
N LEU D 1608 69.14 -24.26 -68.82
CA LEU D 1608 68.97 -24.88 -67.52
C LEU D 1608 69.12 -23.81 -66.45
N GLN D 1609 68.12 -23.70 -65.58
CA GLN D 1609 68.13 -22.70 -64.50
C GLN D 1609 68.75 -23.35 -63.27
N THR D 1610 70.06 -23.14 -63.11
CA THR D 1610 70.75 -23.65 -61.93
C THR D 1610 70.36 -22.82 -60.70
N THR D 1611 70.35 -23.49 -59.55
CA THR D 1611 70.06 -22.85 -58.27
C THR D 1611 71.01 -23.43 -57.23
N MET D 1612 71.67 -22.56 -56.47
CA MET D 1612 72.48 -23.02 -55.35
C MET D 1612 72.30 -22.11 -54.15
N GLU D 1613 72.39 -22.71 -52.97
CA GLU D 1613 72.21 -22.01 -51.71
C GLU D 1613 73.15 -22.60 -50.68
N HIS D 1614 73.78 -21.72 -49.91
CA HIS D 1614 74.59 -22.15 -48.77
C HIS D 1614 73.68 -22.76 -47.72
N VAL D 1615 73.82 -24.07 -47.49
CA VAL D 1615 72.95 -24.80 -46.57
C VAL D 1615 73.68 -25.16 -45.28
N GLY D 1616 74.96 -25.52 -45.37
CA GLY D 1616 75.67 -26.06 -44.22
C GLY D 1616 77.15 -25.80 -44.23
N MET D 1617 77.89 -26.63 -43.51
CA MET D 1617 79.32 -26.40 -43.31
C MET D 1617 79.99 -27.70 -42.92
N ILE D 1618 81.22 -27.88 -43.40
CA ILE D 1618 82.01 -29.08 -43.09
C ILE D 1618 83.46 -28.71 -42.89
N ASN D 1619 83.90 -28.66 -41.63
CA ASN D 1619 85.30 -28.44 -41.27
C ASN D 1619 85.85 -27.17 -41.91
N GLY D 1620 85.05 -26.10 -41.89
CA GLY D 1620 85.44 -24.82 -42.43
C GLY D 1620 85.08 -24.60 -43.88
N ARG D 1621 84.81 -25.66 -44.63
CA ARG D 1621 84.37 -25.54 -46.02
C ARG D 1621 82.86 -25.34 -46.05
N LYS D 1622 82.40 -24.50 -46.97
CA LYS D 1622 80.99 -24.15 -47.05
C LYS D 1622 80.28 -25.17 -47.94
N ILE D 1623 79.40 -25.96 -47.35
CA ILE D 1623 78.62 -26.95 -48.11
C ILE D 1623 77.49 -26.21 -48.80
N ILE D 1624 77.44 -26.34 -50.13
CA ILE D 1624 76.46 -25.65 -50.97
C ILE D 1624 75.75 -26.68 -51.82
N LYS D 1625 74.43 -26.78 -51.68
CA LYS D 1625 73.65 -27.57 -52.62
C LYS D 1625 73.67 -26.90 -53.98
N VAL D 1626 73.90 -27.68 -55.03
CA VAL D 1626 73.76 -27.21 -56.41
C VAL D 1626 72.69 -28.06 -57.07
N GLU D 1627 71.64 -27.42 -57.56
CA GLU D 1627 70.51 -28.08 -58.20
C GLU D 1627 70.23 -27.38 -59.52
N THR D 1628 70.15 -28.15 -60.60
CA THR D 1628 69.88 -27.62 -61.93
C THR D 1628 68.61 -28.28 -62.47
N ARG D 1629 67.68 -27.44 -62.91
CA ARG D 1629 66.43 -27.88 -63.52
C ARG D 1629 66.29 -27.21 -64.87
N ASN D 1630 65.95 -28.00 -65.89
CA ASN D 1630 65.78 -27.45 -67.24
C ASN D 1630 64.65 -26.42 -67.24
N VAL D 1631 64.89 -25.30 -67.92
CA VAL D 1631 63.93 -24.19 -67.94
C VAL D 1631 62.63 -24.63 -68.59
N GLU D 1632 62.72 -25.34 -69.71
CA GLU D 1632 61.53 -25.67 -70.48
C GLU D 1632 60.56 -26.55 -69.69
N THR D 1633 61.10 -27.49 -68.92
CA THR D 1633 60.28 -28.49 -68.23
C THR D 1633 60.35 -28.39 -66.71
N GLU D 1634 61.41 -27.82 -66.15
CA GLU D 1634 61.54 -27.61 -64.70
C GLU D 1634 61.58 -28.93 -63.94
N LEU D 1635 62.47 -29.82 -64.38
CA LEU D 1635 62.73 -31.08 -63.71
C LEU D 1635 64.18 -31.12 -63.24
N PRO D 1636 64.53 -31.47 -61.84
CA PRO D 1636 66.00 -31.43 -61.58
C PRO D 1636 66.80 -32.34 -62.52
N VAL D 1637 67.81 -31.82 -63.27
CA VAL D 1637 68.69 -32.70 -64.06
C VAL D 1637 70.00 -32.98 -63.30
N LEU D 1638 70.52 -32.01 -62.56
CA LEU D 1638 71.70 -32.19 -61.73
C LEU D 1638 71.37 -31.82 -60.30
N ILE D 1639 71.81 -32.64 -59.35
CA ILE D 1639 71.74 -32.31 -57.93
C ILE D 1639 73.08 -32.63 -57.29
N GLY D 1640 73.61 -31.70 -56.51
CA GLY D 1640 74.94 -31.94 -55.98
C GLY D 1640 75.28 -31.04 -54.82
N GLU D 1641 76.47 -31.28 -54.29
CA GLU D 1641 77.04 -30.52 -53.19
C GLU D 1641 78.36 -29.91 -53.63
N ALA D 1642 78.70 -28.75 -53.10
CA ALA D 1642 79.98 -28.10 -53.36
C ALA D 1642 80.58 -27.67 -52.03
N GLU D 1643 81.89 -27.85 -51.90
CA GLU D 1643 82.64 -27.41 -50.73
C GLU D 1643 83.67 -26.38 -51.16
N ILE D 1644 83.48 -25.14 -50.72
CA ILE D 1644 84.35 -24.03 -51.08
C ILE D 1644 84.86 -23.38 -49.81
N GLU D 1645 86.17 -23.12 -49.77
CA GLU D 1645 86.79 -22.55 -48.57
C GLU D 1645 86.26 -21.14 -48.31
N GLN D 1646 86.17 -20.80 -47.03
CA GLN D 1646 85.90 -19.43 -46.67
C GLN D 1646 87.08 -18.55 -47.09
N PRO D 1647 86.89 -17.24 -47.16
CA PRO D 1647 88.02 -16.36 -47.42
C PRO D 1647 89.10 -16.54 -46.37
N THR D 1648 90.36 -16.32 -46.77
CA THR D 1648 91.52 -16.52 -45.91
C THR D 1648 91.31 -15.85 -44.56
N THR D 1649 91.29 -16.66 -43.51
CA THR D 1649 90.79 -16.24 -42.21
C THR D 1649 91.87 -16.39 -41.14
N THR D 1650 91.86 -15.46 -40.18
CA THR D 1650 92.62 -15.59 -38.95
C THR D 1650 91.68 -15.38 -37.76
N TYR D 1651 91.85 -16.23 -36.76
CA TYR D 1651 91.06 -16.18 -35.53
C TYR D 1651 91.90 -15.48 -34.47
N VAL D 1652 91.69 -14.17 -34.35
CA VAL D 1652 92.40 -13.38 -33.35
C VAL D 1652 91.68 -13.47 -32.02
N PHE D 1653 92.44 -13.47 -30.93
CA PHE D 1653 91.91 -13.67 -29.60
C PHE D 1653 92.20 -12.47 -28.71
N THR D 1654 91.16 -12.06 -27.96
CA THR D 1654 91.18 -10.82 -27.22
C THR D 1654 92.00 -10.93 -25.94
N GLY D 1655 92.65 -9.84 -25.58
CA GLY D 1655 93.40 -9.76 -24.34
C GLY D 1655 92.58 -9.17 -23.21
N GLN D 1656 93.27 -8.85 -22.13
CA GLN D 1656 92.60 -8.43 -20.91
C GLN D 1656 91.98 -7.05 -21.07
N GLY D 1657 91.08 -6.72 -20.15
CA GLY D 1657 90.45 -5.41 -20.09
C GLY D 1657 89.04 -5.37 -20.64
N SER D 1658 88.64 -6.35 -21.44
CA SER D 1658 87.31 -6.38 -22.04
C SER D 1658 86.30 -7.19 -21.24
N GLN D 1659 86.69 -7.72 -20.08
CA GLN D 1659 85.81 -8.59 -19.31
C GLN D 1659 84.56 -7.84 -18.88
N GLU D 1660 83.42 -8.55 -18.89
CA GLU D 1660 82.15 -8.00 -18.47
C GLU D 1660 81.36 -9.09 -17.76
N GLN D 1661 80.45 -8.66 -16.88
CA GLN D 1661 79.64 -9.60 -16.13
C GLN D 1661 78.69 -10.35 -17.05
N GLY D 1662 78.57 -11.66 -16.84
CA GLY D 1662 77.69 -12.47 -17.64
C GLY D 1662 78.17 -12.70 -19.06
N MET D 1663 79.47 -12.55 -19.32
CA MET D 1663 79.99 -12.75 -20.67
C MET D 1663 79.94 -14.22 -21.04
N GLY D 1664 79.53 -14.50 -22.28
CA GLY D 1664 79.42 -15.86 -22.76
C GLY D 1664 78.21 -16.62 -22.26
N MET D 1665 77.35 -15.99 -21.45
CA MET D 1665 76.23 -16.71 -20.88
C MET D 1665 75.18 -17.06 -21.92
N GLU D 1666 74.85 -16.15 -22.85
CA GLU D 1666 73.89 -16.50 -23.88
C GLU D 1666 74.32 -17.76 -24.63
N LEU D 1667 75.62 -17.83 -24.98
CA LEU D 1667 76.12 -19.03 -25.63
C LEU D 1667 76.10 -20.23 -24.68
N TYR D 1668 76.29 -19.99 -23.37
CA TYR D 1668 76.21 -21.10 -22.42
C TYR D 1668 74.81 -21.71 -22.40
N ASN D 1669 73.77 -20.88 -22.38
CA ASN D 1669 72.40 -21.40 -22.50
C ASN D 1669 72.12 -22.06 -23.84
N SER D 1670 72.62 -21.50 -24.96
CA SER D 1670 72.22 -22.02 -26.28
C SER D 1670 73.02 -23.24 -26.70
N SER D 1671 74.36 -23.14 -26.77
CA SER D 1671 75.17 -24.15 -27.44
C SER D 1671 75.64 -25.22 -26.46
N GLU D 1672 75.37 -26.49 -26.80
CA GLU D 1672 75.73 -27.60 -25.93
C GLU D 1672 77.24 -27.70 -25.74
N VAL D 1673 78.02 -27.46 -26.79
CA VAL D 1673 79.47 -27.55 -26.67
C VAL D 1673 80.00 -26.46 -25.76
N ALA D 1674 79.39 -25.27 -25.81
CA ALA D 1674 79.73 -24.22 -24.86
C ALA D 1674 79.39 -24.65 -23.44
N ARG D 1675 78.24 -25.30 -23.24
CA ARG D 1675 77.93 -25.90 -21.95
C ARG D 1675 79.04 -26.83 -21.51
N GLU D 1676 79.51 -27.70 -22.41
CA GLU D 1676 80.54 -28.67 -22.04
C GLU D 1676 81.82 -27.97 -21.61
N VAL D 1677 82.27 -26.97 -22.37
CA VAL D 1677 83.51 -26.27 -22.04
C VAL D 1677 83.37 -25.59 -20.68
N TRP D 1678 82.30 -24.80 -20.52
CA TRP D 1678 82.14 -24.04 -19.28
C TRP D 1678 81.97 -24.96 -18.09
N ASP D 1679 81.21 -26.05 -18.23
CA ASP D 1679 81.00 -26.97 -17.13
C ASP D 1679 82.28 -27.70 -16.76
N LYS D 1680 83.05 -28.16 -17.75
CA LYS D 1680 84.29 -28.85 -17.41
C LYS D 1680 85.21 -27.92 -16.64
N ALA D 1681 85.37 -26.68 -17.13
CA ALA D 1681 86.20 -25.71 -16.43
C ALA D 1681 85.69 -25.41 -15.02
N ASP D 1682 84.39 -25.12 -14.91
CA ASP D 1682 83.82 -24.73 -13.63
C ASP D 1682 83.95 -25.85 -12.61
N ARG D 1683 83.63 -27.08 -13.02
CA ARG D 1683 83.70 -28.21 -12.10
C ARG D 1683 85.13 -28.48 -11.66
N HIS D 1684 86.11 -28.34 -12.56
CA HIS D 1684 87.49 -28.39 -12.13
C HIS D 1684 87.77 -27.33 -11.07
N PHE D 1685 87.26 -26.11 -11.30
CA PHE D 1685 87.51 -25.02 -10.35
C PHE D 1685 86.93 -25.32 -8.98
N VAL D 1686 85.68 -25.78 -8.91
CA VAL D 1686 85.09 -26.09 -7.62
C VAL D 1686 85.83 -27.24 -6.95
N ASN D 1687 86.17 -28.28 -7.71
CA ASN D 1687 86.79 -29.45 -7.11
C ASN D 1687 88.18 -29.12 -6.54
N ASN D 1688 88.95 -28.29 -7.25
CA ASN D 1688 90.36 -28.12 -6.91
C ASN D 1688 90.66 -26.83 -6.15
N TYR D 1689 90.05 -25.70 -6.52
CA TYR D 1689 90.23 -24.45 -5.79
C TYR D 1689 89.07 -24.08 -4.89
N GLY D 1690 87.91 -24.72 -5.05
CA GLY D 1690 86.80 -24.46 -4.16
C GLY D 1690 85.94 -23.25 -4.49
N PHE D 1691 85.91 -22.82 -5.75
CA PHE D 1691 85.02 -21.74 -6.16
C PHE D 1691 84.48 -22.05 -7.56
N SER D 1692 83.42 -21.33 -7.92
CA SER D 1692 82.74 -21.51 -9.20
C SER D 1692 83.03 -20.32 -10.10
N ILE D 1693 83.75 -20.57 -11.20
CA ILE D 1693 84.03 -19.51 -12.17
C ILE D 1693 82.74 -19.04 -12.82
N LEU D 1694 81.79 -19.97 -13.05
CA LEU D 1694 80.49 -19.56 -13.57
C LEU D 1694 79.79 -18.61 -12.60
N ASP D 1695 79.87 -18.91 -11.30
CA ASP D 1695 79.29 -18.01 -10.31
C ASP D 1695 79.95 -16.64 -10.35
N ILE D 1696 81.29 -16.62 -10.45
CA ILE D 1696 82.00 -15.34 -10.49
C ILE D 1696 81.60 -14.53 -11.71
N VAL D 1697 81.52 -15.19 -12.87
CA VAL D 1697 81.17 -14.48 -14.09
C VAL D 1697 79.74 -13.97 -14.03
N GLN D 1698 78.80 -14.81 -13.58
CA GLN D 1698 77.40 -14.45 -13.59
C GLN D 1698 77.11 -13.34 -12.58
N ASN D 1699 77.64 -13.47 -11.36
CA ASN D 1699 77.31 -12.57 -10.26
C ASN D 1699 78.37 -11.51 -10.01
N ASN D 1700 79.64 -11.81 -10.29
CA ASN D 1700 80.74 -10.88 -10.03
C ASN D 1700 80.71 -10.45 -8.56
N PRO D 1701 80.79 -11.39 -7.62
CA PRO D 1701 80.69 -11.01 -6.20
C PRO D 1701 81.87 -10.16 -5.76
N ASN D 1702 81.56 -9.19 -4.89
CA ASN D 1702 82.61 -8.35 -4.33
C ASN D 1702 83.55 -9.16 -3.44
N GLU D 1703 82.98 -10.05 -2.63
CA GLU D 1703 83.74 -10.90 -1.71
C GLU D 1703 83.46 -12.36 -2.03
N LEU D 1704 84.46 -13.20 -1.79
CA LEU D 1704 84.33 -14.65 -1.98
C LEU D 1704 85.21 -15.35 -0.98
N THR D 1705 84.60 -16.15 -0.11
CA THR D 1705 85.31 -16.90 0.92
C THR D 1705 85.36 -18.36 0.53
N ILE D 1706 86.58 -18.89 0.43
CA ILE D 1706 86.81 -20.31 0.23
C ILE D 1706 87.02 -20.92 1.61
N HIS D 1707 86.26 -21.96 1.91
CA HIS D 1707 86.29 -22.61 3.22
C HIS D 1707 87.02 -23.93 3.11
N PHE D 1708 87.73 -24.32 4.17
CA PHE D 1708 88.60 -25.48 4.19
C PHE D 1708 88.15 -26.50 5.23
N GLY D 1709 86.84 -26.74 5.32
CA GLY D 1709 86.31 -27.75 6.22
C GLY D 1709 86.10 -29.07 5.50
N GLY D 1710 86.37 -30.16 6.21
CA GLY D 1710 86.27 -31.49 5.65
C GLY D 1710 87.48 -31.84 4.80
N ALA D 1711 87.50 -33.09 4.35
CA ALA D 1711 88.64 -33.60 3.59
C ALA D 1711 88.82 -32.84 2.28
N LYS D 1712 87.71 -32.53 1.60
CA LYS D 1712 87.81 -31.72 0.39
C LYS D 1712 88.36 -30.34 0.71
N GLY D 1713 87.97 -29.77 1.85
CA GLY D 1713 88.54 -28.52 2.27
C GLY D 1713 90.03 -28.61 2.50
N ARG D 1714 90.50 -29.71 3.11
CA ARG D 1714 91.93 -29.89 3.30
C ARG D 1714 92.66 -29.99 1.97
N ALA D 1715 92.08 -30.70 1.01
CA ALA D 1715 92.71 -30.82 -0.30
C ALA D 1715 92.79 -29.46 -0.99
N ILE D 1716 91.72 -28.68 -0.92
CA ILE D 1716 91.72 -27.35 -1.53
C ILE D 1716 92.76 -26.45 -0.85
N ARG D 1717 92.82 -26.51 0.48
CA ARG D 1717 93.83 -25.77 1.23
C ARG D 1717 95.23 -26.21 0.82
N ASP D 1718 95.43 -27.50 0.60
CA ASP D 1718 96.74 -27.99 0.17
C ASP D 1718 97.10 -27.42 -1.19
N ASN D 1719 96.13 -27.34 -2.11
CA ASN D 1719 96.39 -26.70 -3.40
C ASN D 1719 96.81 -25.25 -3.22
N TYR D 1720 96.07 -24.51 -2.40
CA TYR D 1720 96.40 -23.10 -2.16
C TYR D 1720 97.79 -22.96 -1.54
N ILE D 1721 98.13 -23.85 -0.61
CA ILE D 1721 99.44 -23.77 0.03
C ILE D 1721 100.55 -24.12 -0.96
N GLY D 1722 100.35 -25.15 -1.77
CA GLY D 1722 101.34 -25.56 -2.73
C GLY D 1722 101.57 -24.57 -3.85
N MET D 1723 100.58 -23.71 -4.13
CA MET D 1723 100.81 -22.62 -5.07
C MET D 1723 101.97 -21.76 -4.56
N MET D 1724 103.02 -21.64 -5.38
CA MET D 1724 104.23 -20.92 -5.03
C MET D 1724 104.62 -19.93 -6.12
N PHE D 1725 105.16 -18.79 -5.70
CA PHE D 1725 105.74 -17.79 -6.60
C PHE D 1725 107.26 -18.00 -6.55
N GLU D 1726 107.79 -18.67 -7.57
CA GLU D 1726 109.22 -18.82 -7.72
C GLU D 1726 109.79 -17.68 -8.55
N THR D 1727 110.97 -17.21 -8.17
CA THR D 1727 111.62 -16.10 -8.86
C THR D 1727 113.12 -16.19 -8.67
N ILE D 1728 113.84 -15.26 -9.29
CA ILE D 1728 115.29 -15.17 -9.18
C ILE D 1728 115.69 -13.73 -8.88
N LEU D 1734 117.47 -18.28 -6.02
CA LEU D 1734 116.09 -18.56 -6.41
C LEU D 1734 115.17 -18.51 -5.20
N LYS D 1735 114.30 -17.51 -5.18
CA LYS D 1735 113.35 -17.33 -4.10
C LYS D 1735 112.06 -18.09 -4.38
N SER D 1736 111.43 -18.56 -3.30
CA SER D 1736 110.24 -19.42 -3.36
C SER D 1736 109.16 -18.89 -2.44
N GLU D 1737 108.90 -17.58 -2.48
CA GLU D 1737 107.86 -17.00 -1.65
C GLU D 1737 106.49 -17.50 -2.08
N LYS D 1738 105.63 -17.79 -1.11
CA LYS D 1738 104.32 -18.37 -1.38
C LYS D 1738 103.32 -17.28 -1.77
N ILE D 1739 102.40 -17.64 -2.67
CA ILE D 1739 101.37 -16.69 -3.10
C ILE D 1739 100.46 -16.35 -1.94
N PHE D 1740 99.98 -17.36 -1.21
CA PHE D 1740 99.09 -17.18 -0.08
C PHE D 1740 99.90 -17.44 1.19
N LYS D 1741 100.58 -16.39 1.67
CA LYS D 1741 101.36 -16.50 2.89
C LYS D 1741 100.49 -16.66 4.13
N ASP D 1742 99.23 -16.22 4.07
CA ASP D 1742 98.35 -16.28 5.22
C ASP D 1742 97.51 -17.55 5.26
N ILE D 1743 97.72 -18.49 4.34
CA ILE D 1743 97.09 -19.80 4.38
C ILE D 1743 98.13 -20.77 4.93
N ASP D 1744 97.70 -21.62 5.87
CA ASP D 1744 98.55 -22.63 6.49
C ASP D 1744 97.64 -23.75 6.97
N GLU D 1745 98.20 -24.68 7.74
CA GLU D 1745 97.43 -25.82 8.20
C GLU D 1745 96.29 -25.43 9.14
N THR D 1746 96.42 -24.32 9.85
CA THR D 1746 95.46 -23.94 10.89
C THR D 1746 94.38 -22.99 10.41
N THR D 1747 94.37 -22.62 9.13
CA THR D 1747 93.38 -21.67 8.63
C THR D 1747 92.15 -22.40 8.11
N THR D 1748 90.98 -21.90 8.48
CA THR D 1748 89.70 -22.49 8.08
C THR D 1748 89.09 -21.82 6.85
N SER D 1749 89.58 -20.66 6.43
CA SER D 1749 89.03 -20.01 5.25
C SER D 1749 90.00 -18.98 4.72
N TYR D 1750 89.78 -18.58 3.47
CA TYR D 1750 90.51 -17.50 2.82
C TYR D 1750 89.53 -16.66 2.02
N THR D 1751 89.63 -15.34 2.14
CA THR D 1751 88.70 -14.42 1.50
C THR D 1751 89.43 -13.63 0.42
N PHE D 1752 88.86 -13.63 -0.78
CA PHE D 1752 89.32 -12.76 -1.87
C PHE D 1752 88.65 -11.41 -1.73
N VAL D 1753 89.42 -10.34 -1.93
CA VAL D 1753 88.97 -8.97 -1.71
C VAL D 1753 89.11 -8.20 -3.02
N SER D 1754 88.04 -7.51 -3.41
CA SER D 1754 88.03 -6.64 -4.57
C SER D 1754 87.32 -5.35 -4.20
N PRO D 1755 87.59 -4.25 -4.91
CA PRO D 1755 86.88 -2.99 -4.58
C PRO D 1755 85.42 -3.01 -5.01
N THR D 1756 85.13 -3.49 -6.21
CA THR D 1756 83.78 -3.48 -6.77
C THR D 1756 83.31 -4.87 -7.21
N GLY D 1757 84.21 -5.70 -7.72
CA GLY D 1757 83.84 -7.04 -8.14
C GLY D 1757 85.05 -7.92 -8.37
N LEU D 1758 84.91 -9.22 -8.09
CA LEU D 1758 86.02 -10.14 -8.24
C LEU D 1758 86.27 -10.51 -9.69
N LEU D 1759 85.28 -10.32 -10.57
CA LEU D 1759 85.49 -10.58 -11.99
C LEU D 1759 86.56 -9.67 -12.58
N SER D 1760 86.78 -8.50 -11.97
CA SER D 1760 87.86 -7.61 -12.38
C SER D 1760 89.22 -8.05 -11.85
N ALA D 1761 89.26 -8.96 -10.89
CA ALA D 1761 90.53 -9.43 -10.36
C ALA D 1761 91.29 -10.22 -11.41
N THR D 1762 92.62 -10.13 -11.37
CA THR D 1762 93.45 -10.78 -12.37
C THR D 1762 93.27 -12.30 -12.34
N GLN D 1763 93.17 -12.88 -11.15
CA GLN D 1763 93.10 -14.33 -11.03
C GLN D 1763 91.79 -14.89 -11.57
N PHE D 1764 90.71 -14.11 -11.51
CA PHE D 1764 89.41 -14.55 -12.00
C PHE D 1764 89.09 -13.97 -13.37
N THR D 1765 89.66 -12.81 -13.71
CA THR D 1765 89.45 -12.25 -15.04
C THR D 1765 90.07 -13.13 -16.10
N GLN D 1766 91.32 -13.57 -15.90
CA GLN D 1766 92.03 -14.32 -16.92
C GLN D 1766 91.36 -15.66 -17.24
N PRO D 1767 91.07 -16.53 -16.25
CA PRO D 1767 90.33 -17.75 -16.59
C PRO D 1767 88.98 -17.48 -17.22
N ALA D 1768 88.25 -16.46 -16.75
CA ALA D 1768 86.93 -16.18 -17.30
C ALA D 1768 87.01 -15.77 -18.76
N LEU D 1769 87.97 -14.90 -19.09
CA LEU D 1769 88.11 -14.45 -20.46
C LEU D 1769 88.62 -15.57 -21.36
N THR D 1770 89.66 -16.28 -20.91
CA THR D 1770 90.15 -17.44 -21.65
C THR D 1770 89.03 -18.42 -21.91
N LEU D 1771 88.14 -18.60 -20.93
CA LEU D 1771 87.08 -19.60 -21.06
C LEU D 1771 85.97 -19.12 -21.97
N MET D 1772 85.61 -17.84 -21.92
CA MET D 1772 84.61 -17.36 -22.86
C MET D 1772 85.12 -17.49 -24.28
N GLU D 1773 86.40 -17.15 -24.51
CA GLU D 1773 86.95 -17.29 -25.84
C GLU D 1773 87.02 -18.75 -26.27
N LYS D 1774 87.45 -19.64 -25.37
CA LYS D 1774 87.50 -21.06 -25.70
C LYS D 1774 86.13 -21.64 -26.00
N ALA D 1775 85.12 -21.26 -25.20
CA ALA D 1775 83.77 -21.76 -25.42
C ALA D 1775 83.20 -21.26 -26.73
N ALA D 1776 83.40 -19.97 -27.04
CA ALA D 1776 82.94 -19.45 -28.32
C ALA D 1776 83.61 -20.16 -29.47
N TYR D 1777 84.93 -20.37 -29.38
CA TYR D 1777 85.63 -21.04 -30.46
C TYR D 1777 85.20 -22.50 -30.58
N GLU D 1778 84.87 -23.15 -29.46
CA GLU D 1778 84.47 -24.56 -29.52
C GLU D 1778 83.06 -24.70 -30.09
N ASP D 1779 82.16 -23.76 -29.78
CA ASP D 1779 80.87 -23.76 -30.44
C ASP D 1779 81.03 -23.52 -31.93
N ILE D 1780 81.93 -22.59 -32.30
CA ILE D 1780 82.21 -22.35 -33.71
C ILE D 1780 82.76 -23.62 -34.36
N LYS D 1781 83.63 -24.34 -33.66
CA LYS D 1781 84.14 -25.62 -34.16
C LYS D 1781 83.01 -26.61 -34.36
N SER D 1782 82.10 -26.70 -33.38
CA SER D 1782 80.97 -27.62 -33.49
C SER D 1782 80.11 -27.28 -34.69
N LYS D 1783 80.04 -25.99 -35.05
CA LYS D 1783 79.34 -25.58 -36.26
C LYS D 1783 80.23 -25.70 -37.51
N GLY D 1784 81.51 -25.98 -37.35
CA GLY D 1784 82.36 -26.29 -38.49
C GLY D 1784 82.86 -25.10 -39.27
N LEU D 1785 83.01 -23.93 -38.64
CA LEU D 1785 83.42 -22.71 -39.31
C LEU D 1785 84.92 -22.45 -39.20
N ILE D 1786 85.73 -23.49 -39.10
CA ILE D 1786 87.18 -23.39 -38.94
C ILE D 1786 87.83 -23.94 -40.20
N PRO D 1787 88.29 -23.07 -41.11
CA PRO D 1787 89.09 -23.56 -42.23
C PRO D 1787 90.36 -24.24 -41.73
N SER D 1788 90.80 -25.27 -42.47
CA SER D 1788 91.96 -26.03 -42.03
C SER D 1788 93.23 -25.18 -41.98
N ASP D 1789 93.38 -24.25 -42.93
CA ASP D 1789 94.60 -23.45 -43.07
C ASP D 1789 94.43 -22.06 -42.45
N ILE D 1790 93.71 -21.95 -41.35
CA ILE D 1790 93.52 -20.65 -40.71
C ILE D 1790 94.85 -20.12 -40.19
N MET D 1791 94.85 -18.84 -39.86
CA MET D 1791 95.87 -18.24 -39.02
C MET D 1791 95.27 -17.96 -37.65
N PHE D 1792 96.12 -17.68 -36.68
CA PHE D 1792 95.58 -17.27 -35.39
C PHE D 1792 96.66 -16.59 -34.57
N ALA D 1793 96.24 -15.63 -33.76
CA ALA D 1793 97.10 -14.91 -32.84
C ALA D 1793 96.22 -14.42 -31.70
N GLY D 1794 96.84 -13.76 -30.74
CA GLY D 1794 96.08 -13.25 -29.62
C GLY D 1794 96.88 -12.23 -28.85
N HIS D 1795 96.14 -11.40 -28.11
CA HIS D 1795 96.73 -10.29 -27.36
C HIS D 1795 96.91 -10.74 -25.91
N SER D 1796 98.17 -10.91 -25.49
CA SER D 1796 98.52 -11.31 -24.14
C SER D 1796 97.81 -12.60 -23.74
N LEU D 1797 96.69 -12.49 -23.02
CA LEU D 1797 95.94 -13.68 -22.62
C LEU D 1797 95.27 -14.34 -23.81
N GLY D 1798 94.93 -13.54 -24.83
CA GLY D 1798 94.36 -14.09 -26.04
C GLY D 1798 95.28 -15.08 -26.70
N GLU D 1799 96.59 -14.94 -26.53
CA GLU D 1799 97.52 -15.92 -27.09
C GLU D 1799 97.29 -17.29 -26.50
N TYR D 1800 97.21 -17.37 -25.16
CA TYR D 1800 96.98 -18.66 -24.51
C TYR D 1800 95.62 -19.21 -24.91
N SER D 1801 94.61 -18.35 -24.95
CA SER D 1801 93.28 -18.80 -25.38
C SER D 1801 93.31 -19.34 -26.80
N ALA D 1802 94.03 -18.64 -27.70
CA ALA D 1802 94.09 -19.06 -29.10
C ALA D 1802 94.81 -20.39 -29.24
N LEU D 1803 95.91 -20.58 -28.52
CA LEU D 1803 96.64 -21.83 -28.62
C LEU D 1803 95.81 -22.98 -28.08
N SER D 1804 95.09 -22.77 -26.98
CA SER D 1804 94.21 -23.82 -26.49
C SER D 1804 93.06 -24.09 -27.46
N SER D 1805 92.54 -23.05 -28.12
CA SER D 1805 91.37 -23.20 -28.96
C SER D 1805 91.68 -23.84 -30.31
N LEU D 1806 92.85 -23.55 -30.88
CA LEU D 1806 93.21 -23.99 -32.22
C LEU D 1806 94.19 -25.17 -32.21
N ALA D 1807 95.30 -25.03 -31.48
CA ALA D 1807 96.27 -26.11 -31.38
C ALA D 1807 95.88 -27.16 -30.34
N ASN D 1808 95.00 -26.83 -29.40
CA ASN D 1808 94.57 -27.77 -28.36
C ASN D 1808 95.78 -28.33 -27.61
N VAL D 1809 96.73 -27.45 -27.31
CA VAL D 1809 97.94 -27.87 -26.60
C VAL D 1809 97.65 -28.33 -25.18
N MET D 1810 96.53 -27.90 -24.61
CA MET D 1810 96.18 -28.19 -23.22
C MET D 1810 94.70 -28.52 -23.13
N PRO D 1811 94.29 -29.30 -22.14
CA PRO D 1811 92.86 -29.50 -21.89
C PRO D 1811 92.26 -28.26 -21.22
N ILE D 1812 90.94 -28.27 -21.08
CA ILE D 1812 90.25 -27.17 -20.43
C ILE D 1812 90.71 -27.03 -18.98
N GLU D 1813 90.82 -28.16 -18.27
CA GLU D 1813 91.20 -28.12 -16.87
C GLU D 1813 92.59 -27.53 -16.69
N SER D 1814 93.57 -28.02 -17.47
CA SER D 1814 94.92 -27.49 -17.38
C SER D 1814 94.97 -26.03 -17.82
N LEU D 1815 94.23 -25.66 -18.86
CA LEU D 1815 94.21 -24.27 -19.30
C LEU D 1815 93.73 -23.34 -18.19
N VAL D 1816 92.61 -23.67 -17.57
CA VAL D 1816 92.08 -22.81 -16.53
C VAL D 1816 93.00 -22.81 -15.32
N ASP D 1817 93.61 -23.96 -15.01
CA ASP D 1817 94.52 -24.02 -13.88
C ASP D 1817 95.72 -23.12 -14.10
N VAL D 1818 96.32 -23.16 -15.29
CA VAL D 1818 97.53 -22.37 -15.53
C VAL D 1818 97.18 -20.88 -15.57
N VAL D 1819 96.08 -20.51 -16.22
CA VAL D 1819 95.75 -19.08 -16.28
C VAL D 1819 95.41 -18.54 -14.90
N PHE D 1820 94.72 -19.34 -14.08
CA PHE D 1820 94.45 -18.91 -12.71
C PHE D 1820 95.73 -18.79 -11.90
N TYR D 1821 96.62 -19.77 -12.04
CA TYR D 1821 97.90 -19.74 -11.34
C TYR D 1821 98.68 -18.48 -11.68
N ARG D 1822 98.76 -18.16 -12.98
CA ARG D 1822 99.54 -16.99 -13.37
C ARG D 1822 98.81 -15.69 -13.08
N GLY D 1823 97.47 -15.70 -13.00
CA GLY D 1823 96.77 -14.52 -12.52
C GLY D 1823 97.09 -14.20 -11.08
N MET D 1824 97.05 -15.23 -10.21
CA MET D 1824 97.49 -15.02 -8.84
C MET D 1824 98.96 -14.63 -8.76
N THR D 1825 99.79 -15.23 -9.61
CA THR D 1825 101.21 -14.88 -9.63
C THR D 1825 101.40 -13.41 -9.99
N MET D 1826 100.64 -12.92 -10.97
CA MET D 1826 100.72 -11.51 -11.34
C MET D 1826 100.17 -10.63 -10.23
N GLN D 1827 99.17 -11.11 -9.50
CA GLN D 1827 98.67 -10.36 -8.36
C GLN D 1827 99.75 -10.16 -7.31
N VAL D 1828 100.52 -11.22 -7.00
CA VAL D 1828 101.57 -11.12 -5.99
C VAL D 1828 102.90 -10.65 -6.56
N ALA D 1829 102.99 -10.43 -7.88
CA ALA D 1829 104.24 -10.00 -8.49
C ALA D 1829 104.67 -8.60 -8.05
N VAL D 1830 103.72 -7.71 -7.76
CA VAL D 1830 104.02 -6.32 -7.45
C VAL D 1830 103.88 -6.13 -5.95
N PRO D 1831 104.88 -5.57 -5.25
CA PRO D 1831 104.66 -5.25 -3.83
C PRO D 1831 103.55 -4.22 -3.66
N ARG D 1832 102.49 -4.63 -2.97
CA ARG D 1832 101.33 -3.78 -2.76
C ARG D 1832 101.44 -3.05 -1.42
N ASP D 1833 100.61 -2.03 -1.26
CA ASP D 1833 100.53 -1.28 -0.01
C ASP D 1833 99.61 -2.00 0.96
N GLU D 1834 99.26 -1.33 2.06
CA GLU D 1834 98.37 -1.95 3.05
C GLU D 1834 96.97 -2.15 2.51
N LEU D 1835 96.56 -1.39 1.51
CA LEU D 1835 95.22 -1.48 0.91
C LEU D 1835 95.25 -2.15 -0.45
N GLY D 1836 96.25 -2.98 -0.70
CA GLY D 1836 96.36 -3.65 -1.99
C GLY D 1836 96.60 -2.71 -3.15
N ARG D 1837 97.37 -1.64 -2.92
CA ARG D 1837 97.70 -0.66 -3.95
C ARG D 1837 99.21 -0.67 -4.16
N SER D 1838 99.63 -0.80 -5.41
CA SER D 1838 101.04 -0.82 -5.78
C SER D 1838 101.40 0.44 -6.55
N ASN D 1839 102.70 0.59 -6.82
CA ASN D 1839 103.24 1.74 -7.54
C ASN D 1839 103.45 1.44 -9.02
N TYR D 1840 102.60 0.61 -9.62
CA TYR D 1840 102.74 0.22 -11.01
C TYR D 1840 101.37 0.25 -11.67
N GLY D 1841 101.38 0.47 -12.99
CA GLY D 1841 100.15 0.58 -13.74
C GLY D 1841 100.44 0.66 -15.22
N MET D 1842 99.37 0.86 -16.00
CA MET D 1842 99.45 0.88 -17.45
C MET D 1842 98.67 2.05 -18.03
N VAL D 1843 99.22 2.64 -19.09
CA VAL D 1843 98.63 3.80 -19.75
C VAL D 1843 98.71 3.62 -21.25
N ALA D 1844 97.62 3.90 -21.95
CA ALA D 1844 97.56 3.80 -23.41
C ALA D 1844 97.68 5.19 -24.01
N VAL D 1845 98.70 5.39 -24.85
CA VAL D 1845 99.07 6.71 -25.36
C VAL D 1845 98.87 6.70 -26.88
N ASN D 1846 98.90 7.91 -27.45
CA ASN D 1846 98.63 8.13 -28.87
C ASN D 1846 99.59 9.19 -29.40
N PRO D 1847 100.66 8.79 -30.10
CA PRO D 1847 101.57 9.80 -30.66
C PRO D 1847 100.90 10.79 -31.59
N SER D 1848 99.90 10.35 -32.36
CA SER D 1848 99.20 11.29 -33.24
C SER D 1848 98.46 12.35 -32.43
N ARG D 1849 97.90 11.96 -31.28
CA ARG D 1849 97.23 12.93 -30.42
C ARG D 1849 98.25 13.87 -29.78
N VAL D 1850 99.46 13.38 -29.51
CA VAL D 1850 100.53 14.29 -29.09
C VAL D 1850 100.80 15.31 -30.19
N SER D 1851 101.01 14.82 -31.42
CA SER D 1851 101.15 15.66 -32.60
C SER D 1851 101.29 14.76 -33.82
N ALA D 1852 101.04 15.31 -35.01
CA ALA D 1852 101.18 14.52 -36.24
C ALA D 1852 102.62 14.06 -36.44
N THR D 1853 103.60 14.89 -36.03
CA THR D 1853 104.99 14.52 -36.20
C THR D 1853 105.41 13.42 -35.23
N PHE D 1854 104.87 13.43 -34.01
CA PHE D 1854 105.24 12.43 -33.01
C PHE D 1854 104.83 11.05 -33.49
N ASP D 1855 105.81 10.16 -33.62
CA ASP D 1855 105.61 8.82 -34.16
C ASP D 1855 106.03 7.78 -33.12
N ASP D 1856 106.05 6.51 -33.55
CA ASP D 1856 106.43 5.43 -32.65
C ASP D 1856 107.87 5.58 -32.20
N SER D 1857 108.77 5.98 -33.11
CA SER D 1857 110.17 6.18 -32.73
C SER D 1857 110.31 7.29 -31.70
N ALA D 1858 109.60 8.40 -31.89
CA ALA D 1858 109.67 9.49 -30.94
C ALA D 1858 109.13 9.08 -29.57
N LEU D 1859 107.99 8.39 -29.56
CA LEU D 1859 107.43 7.91 -28.30
C LEU D 1859 108.40 6.96 -27.60
N ARG D 1860 109.02 6.04 -28.37
CA ARG D 1860 110.01 5.16 -27.78
C ARG D 1860 111.14 5.95 -27.16
N PHE D 1861 111.78 6.83 -27.94
CA PHE D 1861 112.89 7.62 -27.44
C PHE D 1861 112.52 8.34 -26.14
N VAL D 1862 111.35 8.97 -26.11
CA VAL D 1862 110.90 9.60 -24.87
C VAL D 1862 110.78 8.58 -23.73
N VAL D 1863 110.28 7.38 -24.02
CA VAL D 1863 110.09 6.38 -22.97
C VAL D 1863 111.44 5.94 -22.38
N ASP D 1864 112.37 5.54 -23.23
CA ASP D 1864 113.67 5.10 -22.73
C ASP D 1864 114.43 6.23 -22.04
N GLU D 1865 114.31 7.46 -22.55
CA GLU D 1865 115.03 8.55 -21.90
C GLU D 1865 114.42 8.89 -20.55
N VAL D 1866 113.09 8.82 -20.43
CA VAL D 1866 112.46 9.01 -19.11
C VAL D 1866 112.97 7.94 -18.14
N ALA D 1867 112.95 6.68 -18.58
CA ALA D 1867 113.36 5.58 -17.72
C ALA D 1867 114.81 5.75 -17.29
N ASN D 1868 115.70 6.10 -18.22
CA ASN D 1868 117.11 6.24 -17.88
C ASN D 1868 117.36 7.44 -16.99
N LYS D 1869 116.72 8.58 -17.29
CA LYS D 1869 116.96 9.79 -16.51
C LYS D 1869 116.48 9.62 -15.08
N THR D 1870 115.30 9.05 -14.88
CA THR D 1870 114.74 8.94 -13.53
C THR D 1870 115.08 7.63 -12.84
N LYS D 1871 115.77 6.70 -13.52
CA LYS D 1871 116.17 5.43 -12.92
C LYS D 1871 114.95 4.63 -12.43
N TRP D 1872 113.82 4.80 -13.14
CA TRP D 1872 112.58 4.11 -12.82
C TRP D 1872 112.16 3.26 -13.99
N LEU D 1873 111.49 2.15 -13.69
CA LEU D 1873 110.97 1.26 -14.73
C LEU D 1873 109.92 1.99 -15.54
N LEU D 1874 110.10 2.03 -16.86
CA LEU D 1874 109.11 2.62 -17.76
C LEU D 1874 109.41 2.13 -19.16
N GLU D 1875 108.50 1.36 -19.75
CA GLU D 1875 108.71 0.77 -21.06
C GLU D 1875 107.39 0.74 -21.82
N ILE D 1876 107.50 0.59 -23.13
CA ILE D 1876 106.35 0.36 -23.99
C ILE D 1876 106.06 -1.14 -23.98
N VAL D 1877 104.91 -1.52 -23.44
CA VAL D 1877 104.56 -2.93 -23.30
C VAL D 1877 103.90 -3.48 -24.57
N ASN D 1878 102.96 -2.74 -25.15
CA ASN D 1878 102.22 -3.15 -26.33
C ASN D 1878 102.48 -2.18 -27.47
N TYR D 1879 102.90 -2.72 -28.62
CA TYR D 1879 103.01 -1.95 -29.85
C TYR D 1879 101.77 -2.22 -30.70
N ASN D 1880 100.69 -1.53 -30.36
CA ASN D 1880 99.42 -1.68 -31.05
C ASN D 1880 99.48 -0.91 -32.38
N VAL D 1881 98.31 -0.66 -32.97
CA VAL D 1881 98.16 0.06 -34.24
C VAL D 1881 99.10 1.26 -34.26
N GLU D 1882 99.82 1.42 -35.37
CA GLU D 1882 100.89 2.40 -35.43
C GLU D 1882 100.35 3.83 -35.34
N ASN D 1883 101.06 4.65 -34.56
CA ASN D 1883 100.78 6.07 -34.38
C ASN D 1883 99.39 6.35 -33.83
N GLN D 1884 98.69 5.34 -33.29
CA GLN D 1884 97.34 5.53 -32.78
C GLN D 1884 97.15 4.94 -31.39
N GLN D 1885 97.88 3.86 -31.08
CA GLN D 1885 97.75 3.20 -29.78
C GLN D 1885 99.08 2.59 -29.38
N TYR D 1886 99.55 2.93 -28.18
CA TYR D 1886 100.72 2.27 -27.60
C TYR D 1886 100.56 2.22 -26.09
N VAL D 1887 100.56 1.02 -25.53
CA VAL D 1887 100.43 0.82 -24.10
C VAL D 1887 101.82 0.85 -23.48
N ALA D 1888 101.95 1.51 -22.34
CA ALA D 1888 103.21 1.60 -21.60
C ALA D 1888 102.96 1.24 -20.14
N ALA D 1889 103.97 0.62 -19.54
CA ALA D 1889 103.91 0.17 -18.15
C ALA D 1889 105.21 0.48 -17.44
N GLY D 1890 105.11 0.67 -16.13
CA GLY D 1890 106.28 0.97 -15.33
C GLY D 1890 105.84 1.50 -13.97
N ASP D 1891 106.82 2.04 -13.26
CA ASP D 1891 106.52 2.69 -11.98
C ASP D 1891 105.52 3.80 -12.21
N LEU D 1892 104.57 3.94 -11.29
CA LEU D 1892 103.50 4.93 -11.47
C LEU D 1892 104.07 6.35 -11.53
N ARG D 1893 105.15 6.60 -10.79
CA ARG D 1893 105.84 7.88 -10.92
C ARG D 1893 106.28 8.11 -12.36
N ALA D 1894 106.90 7.09 -12.97
CA ALA D 1894 107.38 7.24 -14.34
C ALA D 1894 106.22 7.34 -15.33
N LEU D 1895 105.11 6.66 -15.05
CA LEU D 1895 103.96 6.76 -15.95
C LEU D 1895 103.36 8.16 -15.92
N ASP D 1896 103.22 8.74 -14.72
CA ASP D 1896 102.79 10.14 -14.63
C ASP D 1896 103.81 11.06 -15.29
N THR D 1897 105.10 10.73 -15.15
CA THR D 1897 106.13 11.54 -15.79
C THR D 1897 105.99 11.53 -17.30
N LEU D 1898 105.75 10.35 -17.87
CA LEU D 1898 105.52 10.26 -19.31
C LEU D 1898 104.27 11.02 -19.71
N THR D 1899 103.20 10.93 -18.91
CA THR D 1899 101.98 11.68 -19.18
C THR D 1899 102.28 13.16 -19.32
N ASN D 1900 102.97 13.74 -18.33
CA ASN D 1900 103.20 15.19 -18.37
C ASN D 1900 104.23 15.56 -19.44
N VAL D 1901 105.20 14.68 -19.72
CA VAL D 1901 106.15 14.98 -20.79
C VAL D 1901 105.44 15.06 -22.14
N LEU D 1902 104.56 14.09 -22.41
CA LEU D 1902 103.81 14.13 -23.66
C LEU D 1902 102.84 15.30 -23.70
N ASN D 1903 102.30 15.69 -22.54
CA ASN D 1903 101.45 16.88 -22.51
C ASN D 1903 102.26 18.14 -22.84
N VAL D 1904 103.48 18.23 -22.30
CA VAL D 1904 104.36 19.36 -22.60
C VAL D 1904 104.66 19.41 -24.10
N LEU D 1905 104.94 18.25 -24.69
CA LEU D 1905 105.17 18.22 -26.14
C LEU D 1905 103.92 18.64 -26.90
N LYS D 1906 102.75 18.17 -26.44
CA LYS D 1906 101.49 18.52 -27.10
C LYS D 1906 101.28 20.04 -27.13
N ILE D 1907 101.52 20.70 -26.00
CA ILE D 1907 101.23 22.14 -25.94
C ILE D 1907 102.35 22.94 -26.61
N ASN D 1908 103.60 22.64 -26.29
CA ASN D 1908 104.71 23.43 -26.82
C ASN D 1908 104.90 23.21 -28.32
N LYS D 1909 104.43 22.08 -28.86
CA LYS D 1909 104.54 21.79 -30.29
C LYS D 1909 106.00 21.67 -30.71
N ILE D 1910 106.74 20.80 -30.00
CA ILE D 1910 108.15 20.52 -30.29
C ILE D 1910 108.25 19.06 -30.71
N ASP D 1911 108.99 18.81 -31.78
CA ASP D 1911 109.07 17.49 -32.40
C ASP D 1911 110.46 16.89 -32.19
N ILE D 1912 110.49 15.65 -31.72
CA ILE D 1912 111.76 14.98 -31.44
C ILE D 1912 112.57 14.81 -32.71
N VAL D 1913 111.90 14.47 -33.82
CA VAL D 1913 112.62 14.30 -35.08
C VAL D 1913 113.17 15.64 -35.55
N LYS D 1914 112.42 16.72 -35.34
CA LYS D 1914 112.92 18.04 -35.69
C LYS D 1914 114.16 18.40 -34.88
N LEU D 1915 114.16 18.07 -33.59
CA LEU D 1915 115.37 18.28 -32.79
C LEU D 1915 116.53 17.43 -33.31
N GLN D 1916 116.25 16.16 -33.64
CA GLN D 1916 117.28 15.30 -34.23
C GLN D 1916 117.87 15.90 -35.50
N GLU D 1917 117.05 16.56 -36.30
CA GLU D 1917 117.52 17.21 -37.52
C GLU D 1917 118.35 18.46 -37.23
N GLN D 1918 117.88 19.31 -36.32
CA GLN D 1918 118.48 20.63 -36.14
C GLN D 1918 119.57 20.69 -35.07
N MET D 1919 119.82 19.62 -34.32
CA MET D 1919 120.96 19.59 -33.41
C MET D 1919 121.35 18.14 -33.16
N SER D 1920 122.54 17.98 -32.59
CA SER D 1920 123.11 16.65 -32.40
C SER D 1920 122.30 15.85 -31.38
N ILE D 1921 122.49 14.53 -31.41
CA ILE D 1921 121.69 13.64 -30.59
C ILE D 1921 121.95 13.91 -29.11
N GLU D 1922 123.17 14.32 -28.77
CA GLU D 1922 123.47 14.69 -27.39
C GLU D 1922 122.63 15.89 -26.95
N LYS D 1923 122.49 16.89 -27.83
CA LYS D 1923 121.68 18.06 -27.49
C LYS D 1923 120.20 17.70 -27.41
N VAL D 1924 119.74 16.79 -28.27
CA VAL D 1924 118.37 16.30 -28.17
C VAL D 1924 118.15 15.63 -26.82
N LYS D 1925 119.10 14.79 -26.41
CA LYS D 1925 119.04 14.17 -25.09
C LYS D 1925 118.98 15.23 -24.00
N GLU D 1926 119.80 16.27 -24.12
CA GLU D 1926 119.83 17.31 -23.08
C GLU D 1926 118.48 18.02 -22.98
N HIS D 1927 117.88 18.37 -24.11
CA HIS D 1927 116.57 19.03 -24.08
C HIS D 1927 115.52 18.14 -23.42
N LEU D 1928 115.44 16.88 -23.87
CA LEU D 1928 114.44 15.99 -23.29
C LEU D 1928 114.75 15.72 -21.81
N TYR D 1929 116.02 15.74 -21.42
CA TYR D 1929 116.37 15.58 -20.01
C TYR D 1929 115.92 16.77 -19.19
N GLU D 1930 116.01 17.98 -19.76
CA GLU D 1930 115.46 19.14 -19.06
C GLU D 1930 113.97 18.96 -18.80
N ILE D 1931 113.23 18.56 -19.84
CA ILE D 1931 111.79 18.35 -19.66
C ILE D 1931 111.54 17.26 -18.61
N VAL D 1932 112.26 16.15 -18.73
CA VAL D 1932 112.04 15.01 -17.86
C VAL D 1932 112.41 15.35 -16.43
N ASP D 1933 113.45 16.17 -16.23
CA ASP D 1933 113.86 16.54 -14.88
C ASP D 1933 112.83 17.44 -14.23
N GLU D 1934 112.28 18.41 -14.98
CA GLU D 1934 111.18 19.20 -14.45
C GLU D 1934 110.04 18.30 -14.01
N VAL D 1935 109.62 17.39 -14.89
CA VAL D 1935 108.47 16.55 -14.57
C VAL D 1935 108.79 15.59 -13.42
N ALA D 1936 110.03 15.12 -13.33
CA ALA D 1936 110.39 14.19 -12.26
C ALA D 1936 110.39 14.89 -10.92
N ALA D 1937 110.93 16.11 -10.86
CA ALA D 1937 110.85 16.89 -9.64
C ALA D 1937 109.40 17.12 -9.24
N LYS D 1938 108.52 17.31 -10.22
CA LYS D 1938 107.09 17.39 -9.91
C LYS D 1938 106.56 16.05 -9.38
N SER D 1939 107.02 14.95 -9.98
CA SER D 1939 106.50 13.63 -9.61
C SER D 1939 106.90 13.24 -8.20
N LEU D 1940 108.03 13.77 -7.70
CA LEU D 1940 108.42 13.50 -6.33
C LEU D 1940 107.32 13.91 -5.35
N ALA D 1941 106.61 15.00 -5.65
CA ALA D 1941 105.54 15.45 -4.77
C ALA D 1941 104.39 14.45 -4.72
N LYS D 1942 104.06 13.83 -5.86
CA LYS D 1942 102.95 12.90 -5.95
C LYS D 1942 103.18 11.71 -5.00
N PRO D 1943 102.39 11.57 -3.93
CA PRO D 1943 102.66 10.48 -2.98
C PRO D 1943 102.12 9.14 -3.47
N GLN D 1944 102.73 8.08 -2.94
CA GLN D 1944 102.31 6.73 -3.28
C GLN D 1944 101.03 6.37 -2.53
N PRO D 1945 100.02 5.78 -3.20
CA PRO D 1945 99.87 5.49 -4.63
C PRO D 1945 99.47 6.73 -5.41
N ILE D 1946 99.85 6.83 -6.67
CA ILE D 1946 99.56 8.00 -7.51
C ILE D 1946 98.36 7.66 -8.39
N ASP D 1947 97.31 8.46 -8.29
CA ASP D 1947 96.14 8.31 -9.14
C ASP D 1947 96.38 9.10 -10.42
N LEU D 1948 96.65 8.38 -11.51
CA LEU D 1948 97.06 9.02 -12.75
C LEU D 1948 95.94 9.89 -13.31
N GLU D 1949 96.33 11.03 -13.89
CA GLU D 1949 95.40 11.97 -14.49
C GLU D 1949 95.43 11.80 -16.01
N ARG D 1950 94.25 11.73 -16.62
CA ARG D 1950 94.16 11.57 -18.06
C ARG D 1950 94.75 12.80 -18.75
N GLY D 1951 95.73 12.55 -19.62
CA GLY D 1951 96.35 13.61 -20.41
C GLY D 1951 95.68 13.79 -21.75
N PHE D 1952 96.37 14.48 -22.64
CA PHE D 1952 95.85 14.70 -23.99
C PHE D 1952 95.91 13.42 -24.81
N ALA D 1953 97.10 12.82 -24.89
CA ALA D 1953 97.30 11.58 -25.64
C ALA D 1953 97.19 10.33 -24.78
N VAL D 1954 97.49 10.43 -23.49
CA VAL D 1954 97.56 9.28 -22.61
C VAL D 1954 96.23 9.11 -21.88
N ILE D 1955 95.78 7.86 -21.79
CA ILE D 1955 94.57 7.49 -21.05
C ILE D 1955 94.95 6.38 -20.08
N PRO D 1956 94.60 6.44 -18.80
CA PRO D 1956 95.00 5.37 -17.89
C PRO D 1956 94.12 4.14 -18.07
N LEU D 1957 94.74 2.95 -18.05
CA LEU D 1957 94.01 1.69 -18.12
C LEU D 1957 93.67 1.30 -16.68
N LYS D 1958 92.48 1.68 -16.24
CA LYS D 1958 92.09 1.48 -14.85
C LYS D 1958 91.92 0.00 -14.54
N GLY D 1959 92.09 -0.34 -13.27
CA GLY D 1959 91.94 -1.70 -12.81
C GLY D 1959 93.13 -2.60 -13.05
N ILE D 1960 94.25 -2.05 -13.50
CA ILE D 1960 95.47 -2.81 -13.77
C ILE D 1960 96.59 -2.21 -12.94
N SER D 1961 97.29 -3.06 -12.19
CA SER D 1961 98.41 -2.66 -11.35
C SER D 1961 99.70 -3.41 -11.64
N VAL D 1962 99.65 -4.47 -12.44
CA VAL D 1962 100.84 -5.26 -12.77
C VAL D 1962 101.48 -4.68 -14.03
N PRO D 1963 102.78 -4.37 -14.03
CA PRO D 1963 103.42 -3.94 -15.30
C PRO D 1963 103.90 -5.13 -16.13
N PHE D 1964 102.98 -5.78 -16.81
CA PHE D 1964 103.29 -7.01 -17.51
C PHE D 1964 103.66 -6.71 -18.96
N HIS D 1965 104.40 -7.64 -19.56
CA HIS D 1965 105.11 -7.44 -20.82
C HIS D 1965 106.17 -6.35 -20.67
N SER D 1966 106.81 -6.28 -19.50
CA SER D 1966 107.92 -5.39 -19.22
C SER D 1966 109.10 -6.20 -18.70
N SER D 1967 110.24 -5.53 -18.50
CA SER D 1967 111.39 -6.19 -17.93
C SER D 1967 111.20 -6.56 -16.47
N TYR D 1968 110.13 -6.09 -15.83
CA TYR D 1968 109.90 -6.39 -14.42
C TYR D 1968 109.74 -7.88 -14.18
N LEU D 1969 109.03 -8.57 -15.06
CA LEU D 1969 108.67 -9.97 -14.83
C LEU D 1969 109.69 -10.96 -15.37
N MET D 1970 110.85 -10.49 -15.86
CA MET D 1970 111.87 -11.40 -16.36
C MET D 1970 112.34 -12.36 -15.28
N SER D 1971 112.32 -11.92 -14.02
CA SER D 1971 112.69 -12.82 -12.92
C SER D 1971 111.75 -14.00 -12.84
N GLY D 1972 110.44 -13.76 -12.95
CA GLY D 1972 109.47 -14.83 -12.88
C GLY D 1972 109.29 -15.61 -14.17
N VAL D 1973 109.80 -15.11 -15.29
CA VAL D 1973 109.59 -15.79 -16.56
C VAL D 1973 110.24 -17.17 -16.55
N LYS D 1974 111.45 -17.30 -16.01
CA LYS D 1974 112.13 -18.58 -16.01
C LYS D 1974 111.37 -19.64 -15.21
N PRO D 1975 110.98 -19.41 -13.95
CA PRO D 1975 110.08 -20.36 -13.28
C PRO D 1975 108.78 -20.53 -14.04
N PHE D 1976 108.29 -19.48 -14.68
CA PHE D 1976 107.12 -19.64 -15.54
C PHE D 1976 107.43 -20.53 -16.73
N GLN D 1977 108.66 -20.49 -17.24
CA GLN D 1977 109.04 -21.44 -18.28
C GLN D 1977 108.98 -22.87 -17.78
N ARG D 1978 109.47 -23.12 -16.56
CA ARG D 1978 109.40 -24.47 -16.01
C ARG D 1978 107.95 -24.89 -15.81
N PHE D 1979 107.11 -23.99 -15.30
CA PHE D 1979 105.70 -24.29 -15.11
C PHE D 1979 105.03 -24.62 -16.44
N LEU D 1980 105.33 -23.85 -17.48
CA LEU D 1980 104.79 -24.13 -18.81
C LEU D 1980 105.27 -25.48 -19.32
N CYS D 1981 106.53 -25.80 -19.10
CA CYS D 1981 107.06 -27.08 -19.55
C CYS D 1981 106.33 -28.24 -18.91
N LYS D 1982 106.04 -28.14 -17.61
CA LYS D 1982 105.34 -29.25 -16.97
C LYS D 1982 103.86 -29.28 -17.35
N LYS D 1983 103.24 -28.11 -17.55
CA LYS D 1983 101.80 -28.07 -17.77
C LYS D 1983 101.40 -28.22 -19.23
N ILE D 1984 102.33 -28.09 -20.17
CA ILE D 1984 102.05 -28.29 -21.59
C ILE D 1984 102.64 -29.63 -22.00
N PRO D 1985 101.88 -30.72 -22.01
CA PRO D 1985 102.47 -32.02 -22.38
C PRO D 1985 103.03 -32.00 -23.79
N LYS D 1986 104.18 -32.66 -23.94
CA LYS D 1986 104.89 -32.66 -25.22
C LYS D 1986 104.08 -33.35 -26.30
N SER D 1987 103.43 -34.47 -25.97
CA SER D 1987 102.68 -35.21 -26.98
C SER D 1987 101.48 -34.43 -27.47
N SER D 1988 100.92 -33.54 -26.65
CA SER D 1988 99.75 -32.77 -27.06
C SER D 1988 100.10 -31.60 -27.97
N VAL D 1989 101.36 -31.25 -28.11
CA VAL D 1989 101.77 -30.13 -28.97
C VAL D 1989 101.90 -30.66 -30.39
N LYS D 1990 100.92 -30.34 -31.24
CA LYS D 1990 100.94 -30.76 -32.63
C LYS D 1990 101.53 -29.66 -33.48
N PRO D 1991 102.72 -29.84 -34.09
CA PRO D 1991 103.25 -28.76 -34.95
C PRO D 1991 102.35 -28.40 -36.11
N GLN D 1992 101.65 -29.38 -36.69
CA GLN D 1992 100.84 -29.11 -37.88
C GLN D 1992 99.79 -28.04 -37.62
N ASP D 1993 99.36 -27.89 -36.37
CA ASP D 1993 98.42 -26.85 -35.99
C ASP D 1993 99.10 -25.49 -35.77
N LEU D 1994 100.43 -25.44 -35.84
CA LEU D 1994 101.18 -24.22 -35.52
C LEU D 1994 102.03 -23.71 -36.67
N ILE D 1995 102.66 -24.59 -37.46
CA ILE D 1995 103.60 -24.15 -38.48
C ILE D 1995 102.86 -23.29 -39.51
N GLY D 1996 103.31 -22.06 -39.67
CA GLY D 1996 102.72 -21.15 -40.63
C GLY D 1996 101.33 -20.68 -40.31
N LYS D 1997 100.82 -21.01 -39.12
CA LYS D 1997 99.47 -20.65 -38.70
C LYS D 1997 99.43 -19.92 -37.36
N TYR D 1998 100.51 -19.97 -36.59
CA TYR D 1998 100.58 -19.36 -35.26
C TYR D 1998 101.55 -18.19 -35.32
N ILE D 1999 101.09 -17.03 -34.89
CA ILE D 1999 101.90 -15.81 -34.86
C ILE D 1999 102.18 -15.50 -33.39
N PRO D 2000 103.29 -15.96 -32.81
CA PRO D 2000 103.47 -15.79 -31.37
C PRO D 2000 103.58 -14.32 -30.98
N ASN D 2001 103.17 -14.04 -29.75
CA ASN D 2001 103.13 -12.66 -29.29
C ASN D 2001 104.54 -12.10 -29.15
N LEU D 2002 105.49 -12.98 -28.80
CA LEU D 2002 106.88 -12.59 -28.62
C LEU D 2002 107.52 -12.17 -29.94
N THR D 2003 107.42 -13.02 -30.97
CA THR D 2003 108.09 -12.79 -32.24
C THR D 2003 107.21 -12.09 -33.27
N ALA D 2004 105.90 -12.32 -33.23
CA ALA D 2004 104.96 -11.68 -34.14
C ALA D 2004 105.23 -12.08 -35.59
N LYS D 2005 105.73 -13.29 -35.81
CA LYS D 2005 105.95 -13.86 -37.13
C LYS D 2005 105.28 -15.24 -37.18
N PRO D 2006 104.91 -15.75 -38.37
CA PRO D 2006 104.38 -17.11 -38.41
C PRO D 2006 105.31 -18.12 -37.72
N PHE D 2007 104.72 -18.97 -36.89
CA PHE D 2007 105.46 -19.97 -36.13
C PHE D 2007 106.15 -20.94 -37.09
N GLU D 2008 107.45 -21.13 -36.90
CA GLU D 2008 108.25 -22.02 -37.74
C GLU D 2008 109.33 -22.66 -36.91
N LEU D 2009 109.64 -23.92 -37.22
CA LEU D 2009 110.69 -24.67 -36.54
C LEU D 2009 111.94 -24.63 -37.42
N THR D 2010 112.61 -23.48 -37.41
CA THR D 2010 113.79 -23.26 -38.23
C THR D 2010 114.85 -22.54 -37.42
N LYS D 2011 116.10 -22.69 -37.87
CA LYS D 2011 117.22 -22.08 -37.16
C LYS D 2011 117.08 -20.57 -37.12
N GLU D 2012 116.56 -19.96 -38.20
CA GLU D 2012 116.34 -18.52 -38.19
C GLU D 2012 115.34 -18.12 -37.13
N TYR D 2013 114.25 -18.88 -36.99
CA TYR D 2013 113.24 -18.55 -36.00
C TYR D 2013 113.79 -18.70 -34.58
N PHE D 2014 114.52 -19.79 -34.33
CA PHE D 2014 115.14 -19.97 -33.01
C PHE D 2014 116.14 -18.87 -32.73
N GLN D 2015 116.88 -18.43 -33.75
CA GLN D 2015 117.82 -17.34 -33.58
C GLN D 2015 117.10 -16.04 -33.22
N SER D 2016 115.96 -15.78 -33.87
CA SER D 2016 115.18 -14.58 -33.51
C SER D 2016 114.67 -14.68 -32.08
N VAL D 2017 114.22 -15.85 -31.66
CA VAL D 2017 113.77 -16.02 -30.29
C VAL D 2017 114.91 -15.73 -29.31
N TYR D 2018 116.12 -16.21 -29.63
CA TYR D 2018 117.25 -15.87 -28.77
C TYR D 2018 117.53 -14.38 -28.80
N ASP D 2019 117.43 -13.75 -29.97
CA ASP D 2019 117.66 -12.31 -30.05
C ASP D 2019 116.73 -11.56 -29.13
N LEU D 2020 115.50 -12.05 -28.97
CA LEU D 2020 114.52 -11.39 -28.12
C LEU D 2020 114.54 -11.84 -26.66
N THR D 2021 115.19 -12.97 -26.33
CA THR D 2021 115.12 -13.54 -24.99
C THR D 2021 116.44 -13.70 -24.25
N LYS D 2022 117.57 -13.83 -24.94
CA LYS D 2022 118.86 -14.10 -24.30
C LYS D 2022 118.85 -15.44 -23.58
N SER D 2023 118.18 -16.43 -24.18
CA SER D 2023 118.01 -17.73 -23.55
C SER D 2023 119.12 -18.69 -23.99
N GLU D 2024 119.80 -19.29 -23.01
CA GLU D 2024 120.89 -20.21 -23.32
C GLU D 2024 120.38 -21.57 -23.79
N LYS D 2025 119.17 -21.96 -23.39
CA LYS D 2025 118.58 -23.20 -23.89
C LYS D 2025 118.37 -23.12 -25.40
N ILE D 2026 117.92 -21.96 -25.88
CA ILE D 2026 117.75 -21.79 -27.33
C ILE D 2026 119.09 -21.88 -28.03
N LYS D 2027 120.17 -21.41 -27.39
CA LYS D 2027 121.49 -21.54 -28.00
C LYS D 2027 121.96 -22.99 -28.02
N SER D 2028 121.67 -23.74 -26.97
CA SER D 2028 121.98 -25.17 -27.01
C SER D 2028 121.25 -25.84 -28.17
N ILE D 2029 119.97 -25.52 -28.34
CA ILE D 2029 119.20 -26.09 -29.44
C ILE D 2029 119.78 -25.64 -30.78
N LEU D 2030 120.14 -24.37 -30.90
CA LEU D 2030 120.67 -23.86 -32.17
C LEU D 2030 122.00 -24.50 -32.51
N ASP D 2031 122.90 -24.60 -31.53
CA ASP D 2031 124.21 -25.20 -31.79
C ASP D 2031 124.07 -26.66 -32.17
N ASN D 2032 123.16 -27.38 -31.52
CA ASN D 2032 122.92 -28.78 -31.84
C ASN D 2032 121.95 -29.00 -32.99
N TRP D 2033 121.43 -27.93 -33.60
CA TRP D 2033 120.42 -28.04 -34.65
C TRP D 2033 120.85 -28.98 -35.77
N GLU D 2034 122.12 -28.87 -36.19
CA GLU D 2034 122.61 -29.73 -37.26
C GLU D 2034 122.52 -31.20 -36.89
N GLN D 2035 122.78 -31.52 -35.62
CA GLN D 2035 122.61 -32.89 -35.15
C GLN D 2035 121.15 -33.26 -34.95
N TYR D 2036 120.31 -32.29 -34.57
CA TYR D 2036 118.88 -32.54 -34.41
C TYR D 2036 118.26 -32.96 -35.74
N GLU D 2037 118.61 -32.28 -36.81
CA GLU D 2037 118.10 -32.62 -38.13
C GLU D 2037 118.92 -33.75 -38.76
N PHE E 7 27.48 5.49 -116.53
CA PHE E 7 28.03 6.33 -115.48
C PHE E 7 27.14 6.27 -114.24
N GLN E 8 27.70 6.62 -113.09
CA GLN E 8 27.04 6.48 -111.80
C GLN E 8 27.13 7.77 -110.98
N LEU E 9 26.81 8.91 -111.60
CA LEU E 9 26.73 10.16 -110.86
C LEU E 9 25.64 10.04 -109.80
N THR E 10 26.03 10.01 -108.53
CA THR E 10 25.08 9.74 -107.46
C THR E 10 25.54 10.39 -106.17
N HIS E 11 24.58 10.62 -105.28
CA HIS E 11 24.86 11.10 -103.93
C HIS E 11 23.65 10.74 -103.08
N GLY E 12 23.83 9.81 -102.14
CA GLY E 12 22.69 9.26 -101.43
C GLY E 12 21.96 8.25 -102.31
N SER E 13 20.64 8.18 -102.10
CA SER E 13 19.80 7.24 -102.86
C SER E 13 19.22 7.88 -104.12
N ILE E 14 20.09 8.51 -104.91
CA ILE E 14 19.73 9.06 -106.21
C ILE E 14 20.90 8.83 -107.15
N GLU E 15 20.60 8.55 -108.42
CA GLU E 15 21.65 8.31 -109.40
C GLU E 15 21.14 8.68 -110.79
N HIS E 16 22.09 8.93 -111.69
CA HIS E 16 21.79 9.23 -113.08
C HIS E 16 22.77 8.45 -113.96
N THR E 17 22.25 7.93 -115.08
CA THR E 17 23.03 7.12 -116.00
C THR E 17 23.37 7.94 -117.24
N LEU E 18 24.65 7.94 -117.62
CA LEU E 18 25.13 8.67 -118.79
C LEU E 18 25.94 7.72 -119.66
N LEU E 19 25.58 7.66 -120.95
CA LEU E 19 26.30 6.84 -121.92
C LEU E 19 27.43 7.69 -122.50
N VAL E 20 28.66 7.39 -122.11
CA VAL E 20 29.82 8.21 -122.47
C VAL E 20 30.72 7.44 -123.43
N PRO E 21 31.36 8.10 -124.40
CA PRO E 21 32.42 7.42 -125.17
C PRO E 21 33.59 7.05 -124.28
N ASN E 22 34.45 6.16 -124.80
CA ASN E 22 35.50 5.55 -123.98
C ASN E 22 36.46 6.58 -123.39
N ASP E 23 37.17 7.29 -124.27
CA ASP E 23 38.06 8.35 -123.78
C ASP E 23 37.26 9.44 -123.07
N LEU E 24 36.09 9.77 -123.62
CA LEU E 24 35.17 10.65 -122.92
C LEU E 24 34.76 10.06 -121.59
N PHE E 25 34.66 8.73 -121.48
CA PHE E 25 34.31 8.13 -120.19
C PHE E 25 35.44 8.31 -119.18
N PHE E 26 36.69 8.19 -119.63
CA PHE E 26 37.81 8.45 -118.73
C PHE E 26 37.82 9.90 -118.26
N ASN E 27 37.61 10.83 -119.19
CA ASN E 27 37.57 12.25 -118.81
C ASN E 27 36.40 12.54 -117.88
N TYR E 28 35.24 11.94 -118.15
CA TYR E 28 34.08 12.12 -117.28
C TYR E 28 34.31 11.51 -115.91
N SER E 29 35.06 10.39 -115.84
CA SER E 29 35.41 9.82 -114.55
C SER E 29 36.32 10.77 -113.76
N GLN E 30 37.27 11.40 -114.46
CA GLN E 30 38.11 12.41 -113.82
C GLN E 30 37.24 13.55 -113.26
N LEU E 31 36.36 14.09 -114.08
CA LEU E 31 35.48 15.16 -113.61
C LEU E 31 34.56 14.68 -112.51
N LYS E 32 34.21 13.39 -112.51
CA LYS E 32 33.29 12.85 -111.51
C LYS E 32 33.95 12.73 -110.15
N ASP E 33 35.17 12.18 -110.08
CA ASP E 33 35.81 12.11 -108.77
C ASP E 33 36.16 13.51 -108.29
N GLU E 34 36.52 14.42 -109.21
CA GLU E 34 36.70 15.81 -108.81
C GLU E 34 35.40 16.41 -108.24
N PHE E 35 34.26 16.02 -108.81
CA PHE E 35 32.98 16.57 -108.39
C PHE E 35 32.57 16.07 -107.01
N ILE E 36 32.70 14.76 -106.78
CA ILE E 36 32.39 14.23 -105.44
C ILE E 36 33.43 14.73 -104.44
N LYS E 37 34.60 15.17 -104.92
CA LYS E 37 35.53 15.88 -104.04
C LYS E 37 34.93 17.16 -103.48
N THR E 38 33.91 17.71 -104.14
CA THR E 38 33.26 18.94 -103.70
C THR E 38 31.87 18.72 -103.12
N LEU E 39 31.15 17.68 -103.53
CA LEU E 39 29.79 17.50 -103.06
C LEU E 39 29.78 17.18 -101.56
N PRO E 40 28.68 17.50 -100.86
CA PRO E 40 28.57 17.13 -99.45
C PRO E 40 28.04 15.72 -99.30
N GLU E 41 28.08 15.24 -98.05
CA GLU E 41 27.57 13.92 -97.74
C GLU E 41 26.04 13.93 -97.69
N PRO E 42 25.39 12.78 -97.87
CA PRO E 42 23.93 12.73 -97.73
C PRO E 42 23.47 13.22 -96.36
N THR E 43 22.35 13.94 -96.34
CA THR E 43 21.79 14.49 -95.12
C THR E 43 20.65 13.65 -94.55
N GLU E 44 20.45 12.44 -95.07
CA GLU E 44 19.38 11.56 -94.61
C GLU E 44 18.01 12.19 -94.87
N GLY E 45 17.77 12.53 -96.13
CA GLY E 45 16.55 13.19 -96.55
C GLY E 45 16.79 14.31 -97.55
N PHE E 46 18.05 14.68 -97.75
CA PHE E 46 18.41 15.75 -98.67
C PHE E 46 17.71 17.05 -98.29
N ALA E 47 17.59 17.30 -96.98
CA ALA E 47 16.99 18.51 -96.46
C ALA E 47 18.02 19.56 -96.06
N GLY E 48 19.29 19.35 -96.43
CA GLY E 48 20.33 20.31 -96.08
C GLY E 48 20.32 21.52 -96.99
N ASP E 49 21.50 22.02 -97.34
CA ASP E 49 21.63 23.20 -98.19
C ASP E 49 22.19 22.85 -99.56
N ASP E 50 23.36 22.21 -99.63
CA ASP E 50 23.99 21.87 -100.88
C ASP E 50 23.70 20.43 -101.33
N GLU E 51 22.94 19.67 -100.55
CA GLU E 51 22.65 18.28 -100.91
C GLU E 51 21.53 18.24 -101.94
N PRO E 52 21.76 17.70 -103.14
CA PRO E 52 20.66 17.58 -104.10
C PRO E 52 19.59 16.63 -103.60
N SER E 53 18.34 16.97 -103.91
CA SER E 53 17.18 16.17 -103.51
C SER E 53 16.53 15.42 -104.66
N SER E 54 17.08 15.51 -105.88
CA SER E 54 16.56 14.81 -107.03
C SER E 54 17.72 14.39 -107.93
N PRO E 55 17.55 13.34 -108.73
CA PRO E 55 18.63 12.94 -109.65
C PRO E 55 19.00 14.04 -110.62
N ALA E 56 18.03 14.81 -111.10
CA ALA E 56 18.33 15.90 -112.01
C ALA E 56 18.92 17.10 -111.29
N GLU E 57 18.56 17.32 -110.02
CA GLU E 57 19.28 18.30 -109.21
C GLU E 57 20.74 17.92 -109.09
N LEU E 58 21.02 16.63 -108.89
CA LEU E 58 22.39 16.15 -108.89
C LEU E 58 23.08 16.39 -110.23
N TYR E 59 22.38 16.10 -111.33
CA TYR E 59 22.96 16.33 -112.64
C TYR E 59 23.27 17.80 -112.85
N GLY E 60 22.41 18.69 -112.35
CA GLY E 60 22.67 20.11 -112.44
C GLY E 60 23.86 20.54 -111.59
N LYS E 61 23.99 19.96 -110.40
CA LYS E 61 25.18 20.24 -109.59
C LYS E 61 26.45 19.82 -110.33
N PHE E 62 26.40 18.66 -110.99
CA PHE E 62 27.55 18.16 -111.74
C PHE E 62 27.87 19.09 -112.92
N ILE E 63 26.86 19.48 -113.68
CA ILE E 63 27.10 20.30 -114.86
C ILE E 63 27.56 21.70 -114.44
N GLY E 64 27.01 22.23 -113.34
CA GLY E 64 27.48 23.50 -112.83
C GLY E 64 28.91 23.43 -112.34
N PHE E 65 29.30 22.30 -111.74
CA PHE E 65 30.70 22.09 -111.37
C PHE E 65 31.58 22.16 -112.61
N ILE E 66 31.19 21.45 -113.67
CA ILE E 66 32.01 21.46 -114.88
C ILE E 66 32.02 22.85 -115.51
N SER E 67 30.96 23.64 -115.32
CA SER E 67 30.90 24.97 -115.92
C SER E 67 31.96 25.92 -115.40
N ASN E 68 32.64 25.59 -114.30
CA ASN E 68 33.68 26.47 -113.77
C ASN E 68 34.92 26.42 -114.67
N GLN E 73 33.76 19.21 -123.80
CA GLN E 73 33.21 18.06 -124.53
C GLN E 73 32.26 17.26 -123.63
N ILE E 74 32.61 17.15 -122.35
CA ILE E 74 31.76 16.39 -121.43
C ILE E 74 30.60 17.25 -120.96
N VAL E 75 30.80 18.57 -120.90
CA VAL E 75 29.71 19.46 -120.49
C VAL E 75 28.57 19.40 -121.50
N GLU E 76 28.91 19.33 -122.79
CA GLU E 76 27.87 19.19 -123.80
C GLU E 76 27.13 17.87 -123.67
N LEU E 77 27.86 16.78 -123.42
CA LEU E 77 27.20 15.49 -123.25
C LEU E 77 26.24 15.52 -122.07
N SER E 78 26.69 16.07 -120.94
CA SER E 78 25.83 16.14 -119.76
C SER E 78 24.63 17.05 -120.00
N LEU E 79 24.84 18.17 -120.70
CA LEU E 79 23.73 19.06 -121.06
C LEU E 79 22.69 18.32 -121.87
N LYS E 80 23.12 17.63 -122.92
CA LYS E 80 22.19 16.96 -123.82
C LYS E 80 21.46 15.83 -123.10
N ASP E 81 22.19 15.06 -122.28
CA ASP E 81 21.55 13.98 -121.52
C ASP E 81 20.52 14.52 -120.54
N PHE E 82 20.86 15.60 -119.83
CA PHE E 82 19.92 16.20 -118.89
C PHE E 82 18.67 16.70 -119.60
N GLU E 83 18.87 17.39 -120.73
CA GLU E 83 17.74 17.92 -121.48
C GLU E 83 16.83 16.81 -121.98
N SER E 84 17.43 15.75 -122.55
CA SER E 84 16.64 14.64 -123.06
C SER E 84 15.90 13.92 -121.93
N ARG E 85 16.58 13.70 -120.80
CA ARG E 85 15.98 12.90 -119.74
C ARG E 85 14.85 13.64 -119.04
N PHE E 86 15.07 14.91 -118.68
CA PHE E 86 14.17 15.63 -117.79
C PHE E 86 13.42 16.76 -118.46
N LEU E 87 14.10 17.57 -119.28
CA LEU E 87 13.45 18.68 -119.98
C LEU E 87 12.83 18.13 -121.27
N ASP E 88 11.69 17.47 -121.10
CA ASP E 88 10.97 16.90 -122.25
C ASP E 88 10.33 18.02 -123.06
N ASN E 89 11.05 18.52 -124.07
CA ASN E 89 10.68 19.64 -124.92
C ASN E 89 10.78 20.98 -124.21
N ASN E 90 11.07 21.00 -122.91
CA ASN E 90 11.19 22.23 -122.12
C ASN E 90 12.65 22.62 -121.93
N ASN E 91 13.48 22.42 -122.97
CA ASN E 91 14.91 22.69 -122.86
C ASN E 91 15.18 24.13 -122.42
N ASP E 92 14.55 25.09 -123.09
CA ASP E 92 14.65 26.48 -122.66
C ASP E 92 13.83 26.74 -121.40
N ASN E 93 12.85 25.90 -121.10
CA ASN E 93 11.96 26.10 -119.95
C ASN E 93 12.46 25.31 -118.74
N ILE E 94 13.63 25.70 -118.25
CA ILE E 94 14.15 25.10 -117.02
C ILE E 94 13.33 25.55 -115.82
N HIS E 95 12.70 26.72 -115.90
CA HIS E 95 11.85 27.19 -114.81
C HIS E 95 10.67 26.26 -114.60
N SER E 96 10.07 25.78 -115.70
CA SER E 96 8.98 24.82 -115.60
C SER E 96 9.41 23.56 -114.86
N PHE E 97 10.60 23.06 -115.18
CA PHE E 97 11.12 21.89 -114.48
C PHE E 97 11.34 22.21 -113.00
N ALA E 98 11.92 23.38 -112.71
CA ALA E 98 12.19 23.73 -111.32
C ALA E 98 10.90 23.73 -110.50
N VAL E 99 9.83 24.30 -111.06
CA VAL E 99 8.58 24.35 -110.31
C VAL E 99 7.85 23.01 -110.34
N LYS E 100 8.10 22.18 -111.35
CA LYS E 100 7.63 20.79 -111.29
C LYS E 100 8.26 20.08 -110.10
N LEU E 101 9.56 20.29 -109.88
CA LEU E 101 10.21 19.74 -108.69
C LEU E 101 9.60 20.31 -107.42
N LEU E 102 9.34 21.62 -107.40
CA LEU E 102 8.76 22.24 -106.20
C LEU E 102 7.39 21.65 -105.88
N ASP E 103 6.55 21.49 -106.90
CA ASP E 103 5.19 21.01 -106.66
C ASP E 103 5.17 19.51 -106.34
N ASP E 104 5.95 18.72 -107.08
CA ASP E 104 5.94 17.27 -106.92
C ASP E 104 7.04 16.81 -105.95
N GLU E 105 8.29 17.12 -106.26
CA GLU E 105 9.41 16.70 -105.43
C GLU E 105 9.58 17.62 -104.22
N ILE E 111 13.87 23.17 -101.75
CA ILE E 111 12.83 24.17 -101.92
C ILE E 111 13.26 25.11 -103.05
N ALA E 112 12.80 26.37 -102.99
CA ALA E 112 13.09 27.32 -104.06
C ALA E 112 14.58 27.56 -104.21
N LYS E 113 15.35 27.37 -103.14
CA LYS E 113 16.81 27.54 -103.23
C LYS E 113 17.40 26.54 -104.22
N VAL E 114 17.07 25.25 -104.06
CA VAL E 114 17.64 24.25 -104.97
C VAL E 114 17.01 24.37 -106.35
N LYS E 115 15.75 24.78 -106.44
CA LYS E 115 15.14 25.02 -107.75
C LYS E 115 15.91 26.13 -108.50
N GLU E 116 16.20 27.21 -107.81
CA GLU E 116 16.94 28.29 -108.43
C GLU E 116 18.38 27.87 -108.72
N ASN E 117 18.92 26.96 -107.92
CA ASN E 117 20.27 26.44 -108.17
C ASN E 117 20.33 25.61 -109.44
N ILE E 118 19.35 24.71 -109.65
CA ILE E 118 19.31 23.95 -110.89
C ILE E 118 19.15 24.89 -112.08
N VAL E 119 18.31 25.92 -111.94
CA VAL E 119 18.17 26.90 -113.02
C VAL E 119 19.51 27.56 -113.32
N LYS E 120 20.22 27.99 -112.26
CA LYS E 120 21.49 28.68 -112.45
C LYS E 120 22.52 27.79 -113.13
N ASN E 121 22.62 26.54 -112.67
CA ASN E 121 23.62 25.63 -113.24
C ASN E 121 23.34 25.36 -114.71
N TYR E 122 22.06 25.12 -115.05
CA TYR E 122 21.71 24.90 -116.44
C TYR E 122 22.09 26.11 -117.28
N TYR E 123 21.76 27.32 -116.81
CA TYR E 123 22.00 28.50 -117.62
C TYR E 123 23.48 28.81 -117.73
N LYS E 124 24.25 28.42 -116.70
CA LYS E 124 25.70 28.48 -116.82
C LYS E 124 26.19 27.57 -117.94
N ALA E 125 25.62 26.36 -118.01
CA ALA E 125 26.09 25.37 -118.97
C ALA E 125 25.71 25.70 -120.41
N VAL E 126 24.55 26.31 -120.64
CA VAL E 126 24.05 26.46 -122.02
C VAL E 126 25.00 27.33 -122.82
N LYS E 127 25.06 27.06 -124.12
CA LYS E 127 25.72 27.92 -125.10
C LYS E 127 24.80 29.11 -125.39
N SER E 128 25.07 29.84 -126.47
CA SER E 128 24.20 30.93 -126.88
C SER E 128 22.76 30.44 -127.04
N ILE E 129 21.82 31.19 -126.47
CA ILE E 129 20.42 30.78 -126.42
C ILE E 129 19.60 31.54 -127.47
N ASN E 130 20.24 31.98 -128.56
CA ASN E 130 19.55 32.70 -129.62
C ASN E 130 18.73 31.72 -130.47
N LYS E 131 17.65 31.25 -129.85
CA LYS E 131 16.72 30.33 -130.49
C LYS E 131 15.31 30.65 -130.00
N VAL E 132 14.39 30.87 -130.94
CA VAL E 132 13.02 31.24 -130.59
C VAL E 132 12.36 30.08 -129.87
N GLU E 133 12.03 30.27 -128.60
CA GLU E 133 11.38 29.25 -127.81
C GLU E 133 9.91 29.18 -128.14
N SER E 134 9.38 27.95 -128.24
CA SER E 134 7.96 27.74 -128.54
C SER E 134 7.17 27.79 -127.23
N ASN E 135 6.93 29.01 -126.77
CA ASN E 135 6.19 29.23 -125.54
C ASN E 135 4.69 29.28 -125.82
N LEU E 136 4.18 28.28 -126.54
CA LEU E 136 2.81 28.31 -127.04
C LEU E 136 2.60 29.56 -127.90
N LEU E 137 3.51 29.74 -128.88
CA LEU E 137 3.55 30.95 -129.70
C LEU E 137 3.78 32.19 -128.86
N TYR E 138 4.56 32.04 -127.79
CA TYR E 138 4.73 33.06 -126.75
C TYR E 138 3.37 33.60 -126.31
N HIS E 139 2.60 32.70 -125.71
CA HIS E 139 1.27 33.01 -125.20
C HIS E 139 0.36 33.56 -126.30
N CYS E 140 0.42 32.94 -127.48
CA CYS E 140 -0.44 33.30 -128.61
C CYS E 140 -0.21 34.75 -129.03
N LYS E 141 1.02 35.04 -129.44
CA LYS E 141 1.38 36.36 -129.92
C LYS E 141 1.20 37.42 -128.84
N LYS E 145 -3.53 39.06 -126.02
CA LYS E 145 -2.79 40.32 -126.09
C LYS E 145 -1.75 40.40 -124.97
N LEU E 146 -0.48 40.42 -125.37
CA LEU E 146 0.60 40.49 -124.40
C LEU E 146 0.77 41.92 -123.90
N VAL E 147 0.94 42.08 -122.58
CA VAL E 147 1.11 43.39 -121.98
C VAL E 147 2.24 43.29 -120.96
N ALA E 148 3.02 44.38 -120.83
CA ALA E 148 4.14 44.42 -119.90
C ALA E 148 3.96 45.57 -118.91
N ILE E 149 3.63 45.24 -117.67
CA ILE E 149 3.57 46.22 -116.60
C ILE E 149 4.84 46.14 -115.77
N PHE E 150 5.26 47.29 -115.25
CA PHE E 150 6.46 47.40 -114.42
C PHE E 150 6.06 47.92 -113.05
N GLY E 151 6.63 47.33 -112.01
CA GLY E 151 6.30 47.71 -110.65
C GLY E 151 6.94 49.02 -110.27
N GLY E 152 6.59 49.47 -109.06
CA GLY E 152 7.06 50.74 -108.55
C GLY E 152 7.80 50.64 -107.24
N GLN E 153 7.98 51.78 -106.58
CA GLN E 153 8.64 51.84 -105.29
C GLN E 153 7.66 51.48 -104.17
N GLY E 154 8.17 50.80 -103.15
CA GLY E 154 7.35 50.40 -102.02
C GLY E 154 6.63 49.09 -102.19
N ASN E 155 6.90 48.33 -103.25
CA ASN E 155 6.26 47.04 -103.43
C ASN E 155 6.67 46.05 -102.35
N THR E 156 7.94 46.09 -101.94
CA THR E 156 8.45 45.18 -100.91
C THR E 156 9.50 45.90 -100.09
N ASP E 157 9.73 45.38 -98.88
CA ASP E 157 10.71 45.98 -97.99
C ASP E 157 12.12 45.50 -98.31
N ASP E 158 12.32 44.19 -98.34
CA ASP E 158 13.63 43.59 -98.60
C ASP E 158 13.81 43.37 -100.10
N TYR E 159 13.71 44.47 -100.86
CA TYR E 159 13.76 44.38 -102.30
C TYR E 159 15.14 43.99 -102.82
N PHE E 160 16.20 44.33 -102.08
CA PHE E 160 17.55 44.12 -102.62
C PHE E 160 17.90 42.65 -102.73
N GLU E 161 17.35 41.80 -101.86
CA GLU E 161 17.62 40.37 -101.98
C GLU E 161 17.09 39.82 -103.29
N GLU E 162 16.05 40.44 -103.85
CA GLU E 162 15.57 40.05 -105.17
C GLU E 162 16.68 40.19 -106.21
N LEU E 163 17.33 41.36 -106.25
CA LEU E 163 18.44 41.54 -107.17
C LEU E 163 19.62 40.67 -106.80
N ARG E 164 19.81 40.38 -105.52
CA ARG E 164 20.88 39.48 -105.12
C ARG E 164 20.71 38.11 -105.76
N GLU E 165 19.52 37.51 -105.59
CA GLU E 165 19.26 36.22 -106.21
C GLU E 165 19.33 36.33 -107.72
N LEU E 166 18.79 37.41 -108.28
CA LEU E 166 18.81 37.61 -109.73
C LEU E 166 20.23 37.56 -110.26
N TYR E 167 21.14 38.31 -109.64
CA TYR E 167 22.54 38.32 -110.07
C TYR E 167 23.19 36.96 -109.84
N THR E 168 22.94 36.34 -108.68
CA THR E 168 23.61 35.07 -108.37
C THR E 168 23.20 33.97 -109.34
N LEU E 169 21.93 33.94 -109.73
CA LEU E 169 21.38 32.79 -110.44
C LEU E 169 21.27 33.00 -111.94
N TYR E 170 21.16 34.23 -112.41
CA TYR E 170 21.10 34.55 -113.83
C TYR E 170 22.34 35.32 -114.27
N GLN E 171 23.51 34.86 -113.82
CA GLN E 171 24.76 35.56 -114.08
C GLN E 171 25.02 35.70 -115.58
N GLY E 172 24.84 34.62 -116.33
CA GLY E 172 25.16 34.64 -117.74
C GLY E 172 24.27 35.55 -118.57
N LEU E 173 23.12 35.97 -118.03
CA LEU E 173 22.14 36.73 -118.80
C LEU E 173 22.15 38.22 -118.48
N ILE E 174 22.38 38.62 -117.23
CA ILE E 174 22.23 40.01 -116.81
C ILE E 174 23.47 40.53 -116.08
N GLU E 175 24.55 39.76 -116.07
CA GLU E 175 25.80 40.28 -115.51
C GLU E 175 26.31 41.45 -116.33
N ASP E 176 26.22 41.35 -117.66
CA ASP E 176 26.62 42.47 -118.51
C ASP E 176 25.77 43.69 -118.20
N LEU E 177 24.46 43.49 -118.02
CA LEU E 177 23.58 44.61 -117.72
C LEU E 177 23.95 45.26 -116.39
N LEU E 178 24.16 44.46 -115.34
CA LEU E 178 24.52 45.03 -114.03
C LEU E 178 25.85 45.75 -114.09
N VAL E 179 26.83 45.19 -114.81
CA VAL E 179 28.12 45.84 -114.94
C VAL E 179 27.94 47.19 -115.63
N SER E 180 27.15 47.22 -116.70
CA SER E 180 26.86 48.48 -117.38
C SER E 180 26.19 49.48 -116.44
N ILE E 181 25.24 49.01 -115.62
CA ILE E 181 24.54 49.93 -114.74
C ILE E 181 25.50 50.48 -113.69
N ALA E 182 26.39 49.63 -113.18
CA ALA E 182 27.34 50.07 -112.17
C ALA E 182 28.25 51.17 -112.72
N GLU E 183 28.80 50.97 -113.93
CA GLU E 183 29.58 52.04 -114.53
C GLU E 183 28.73 53.27 -114.78
N LYS E 184 27.49 53.09 -115.24
CA LYS E 184 26.63 54.24 -115.54
C LYS E 184 26.37 55.06 -114.29
N LEU E 185 26.10 54.41 -113.17
CA LEU E 185 25.79 55.15 -111.94
C LEU E 185 27.04 55.79 -111.33
N ASN E 186 28.16 55.05 -111.32
CA ASN E 186 29.40 55.63 -110.83
C ASN E 186 29.89 56.77 -111.71
N GLN E 187 29.48 56.81 -112.97
CA GLN E 187 29.74 57.96 -113.84
C GLN E 187 28.69 59.05 -113.67
N LEU E 188 27.47 58.68 -113.26
CA LEU E 188 26.42 59.68 -113.07
C LEU E 188 26.67 60.51 -111.82
N HIS E 189 27.26 59.91 -110.78
CA HIS E 189 27.51 60.67 -109.56
C HIS E 189 28.44 61.87 -109.79
N PRO E 190 29.55 61.76 -110.52
CA PRO E 190 30.31 62.97 -110.88
C PRO E 190 29.51 64.01 -111.65
N SER E 191 28.45 63.60 -112.36
CA SER E 191 27.72 64.52 -113.22
C SER E 191 27.20 65.71 -112.42
N PHE E 192 26.55 65.46 -111.29
CA PHE E 192 26.11 66.53 -110.39
C PHE E 192 26.74 66.44 -109.02
N ASP E 193 26.59 65.33 -108.30
CA ASP E 193 26.89 65.32 -106.88
C ASP E 193 26.57 63.93 -106.35
N LYS E 194 27.14 63.59 -105.20
CA LYS E 194 26.90 62.32 -104.52
C LYS E 194 26.23 62.59 -103.18
N ILE E 195 24.95 62.21 -103.06
CA ILE E 195 24.30 62.11 -101.75
C ILE E 195 24.66 60.81 -101.05
N TYR E 196 25.43 59.95 -101.69
CA TYR E 196 25.53 58.54 -101.35
C TYR E 196 26.64 58.38 -100.31
N THR E 197 26.24 58.36 -99.03
CA THR E 197 27.21 58.22 -97.95
C THR E 197 28.00 56.92 -98.05
N GLN E 198 27.42 55.90 -98.68
CA GLN E 198 28.06 54.60 -98.81
C GLN E 198 28.20 54.16 -100.26
N GLY E 199 28.13 55.09 -101.21
CA GLY E 199 28.31 54.77 -102.61
C GLY E 199 27.10 54.11 -103.23
N LEU E 200 27.25 53.76 -104.51
CA LEU E 200 26.22 53.03 -105.24
C LEU E 200 26.82 51.92 -106.09
N ASN E 201 28.03 51.46 -105.79
CA ASN E 201 28.60 50.34 -106.53
C ASN E 201 27.78 49.09 -106.25
N ILE E 202 26.93 48.71 -107.20
CA ILE E 202 26.04 47.58 -106.97
C ILE E 202 26.80 46.27 -107.04
N LEU E 203 27.82 46.19 -107.91
CA LEU E 203 28.57 44.96 -108.07
C LEU E 203 29.24 44.56 -106.77
N SER E 204 29.91 45.51 -106.11
CA SER E 204 30.61 45.18 -104.87
C SER E 204 29.64 44.69 -103.80
N TRP E 205 28.49 45.35 -103.68
CA TRP E 205 27.48 44.90 -102.73
C TRP E 205 27.02 43.48 -103.06
N LEU E 206 26.80 43.19 -104.34
CA LEU E 206 26.28 41.89 -104.72
C LEU E 206 27.31 40.79 -104.48
N LYS E 207 28.55 41.00 -104.92
CA LYS E 207 29.55 39.94 -104.82
C LYS E 207 30.09 39.79 -103.41
N HIS E 208 30.07 40.85 -102.61
CA HIS E 208 30.53 40.82 -101.23
C HIS E 208 29.35 41.15 -100.31
N PRO E 209 28.72 40.16 -99.67
CA PRO E 209 27.59 40.49 -98.78
C PRO E 209 27.93 41.45 -97.65
N GLU E 210 29.16 41.38 -97.13
CA GLU E 210 29.52 42.25 -96.02
C GLU E 210 29.58 43.72 -96.42
N THR E 211 30.02 44.02 -97.64
CA THR E 211 30.16 45.40 -98.07
C THR E 211 28.82 46.12 -98.19
N THR E 212 27.73 45.39 -98.32
CA THR E 212 26.44 46.03 -98.57
C THR E 212 25.97 46.76 -97.32
N PRO E 213 25.50 48.03 -97.45
CA PRO E 213 24.91 48.69 -96.27
C PRO E 213 23.58 48.09 -95.86
N ASP E 214 22.95 48.70 -94.85
CA ASP E 214 21.73 48.16 -94.28
C ASP E 214 20.52 48.49 -95.18
N GLN E 215 19.40 47.85 -94.83
CA GLN E 215 18.21 47.96 -95.67
C GLN E 215 17.68 49.39 -95.72
N ASP E 216 17.89 50.19 -94.67
CA ASP E 216 17.46 51.58 -94.71
C ASP E 216 18.18 52.35 -95.82
N TYR E 217 19.51 52.24 -95.85
CA TYR E 217 20.27 52.94 -96.88
C TYR E 217 19.95 52.38 -98.26
N LEU E 218 19.78 51.06 -98.36
CA LEU E 218 19.40 50.49 -99.65
C LEU E 218 18.04 51.00 -100.11
N LEU E 219 17.12 51.19 -99.17
CA LEU E 219 15.77 51.66 -99.47
C LEU E 219 15.70 53.15 -99.71
N SER E 220 16.74 53.90 -99.33
CA SER E 220 16.77 55.32 -99.65
C SER E 220 16.63 55.53 -101.15
N VAL E 221 15.80 56.51 -101.52
CA VAL E 221 15.30 56.57 -102.90
C VAL E 221 16.40 56.75 -103.93
N PRO E 222 17.37 57.66 -103.76
CA PRO E 222 18.42 57.79 -104.79
C PRO E 222 19.17 56.50 -105.05
N VAL E 223 19.34 55.68 -104.03
CA VAL E 223 19.89 54.35 -104.22
C VAL E 223 18.86 53.44 -104.87
N SER E 224 17.68 53.35 -104.25
CA SER E 224 16.75 52.27 -104.56
C SER E 224 16.18 52.39 -105.98
N CYS E 225 15.92 53.61 -106.43
CA CYS E 225 15.30 53.78 -107.74
C CYS E 225 16.15 53.18 -108.85
N PRO E 226 17.46 53.47 -108.94
CA PRO E 226 18.30 52.73 -109.90
C PRO E 226 18.25 51.23 -109.72
N VAL E 227 18.20 50.73 -108.48
CA VAL E 227 18.22 49.28 -108.28
C VAL E 227 16.89 48.65 -108.70
N ILE E 228 15.78 49.35 -108.48
CA ILE E 228 14.51 48.84 -108.96
C ILE E 228 14.47 48.84 -110.49
N CYS E 229 15.04 49.88 -111.11
CA CYS E 229 15.20 49.86 -112.55
C CYS E 229 16.06 48.68 -112.98
N VAL E 230 17.10 48.37 -112.21
CA VAL E 230 17.96 47.23 -112.50
C VAL E 230 17.15 45.94 -112.49
N ILE E 231 16.31 45.78 -111.47
CA ILE E 231 15.51 44.55 -111.35
C ILE E 231 14.58 44.43 -112.54
N GLN E 232 13.90 45.52 -112.90
CA GLN E 232 12.97 45.47 -114.02
C GLN E 232 13.68 45.16 -115.33
N LEU E 233 14.78 45.87 -115.61
CA LEU E 233 15.53 45.64 -116.84
C LEU E 233 16.14 44.24 -116.86
N CYS E 234 16.53 43.71 -115.70
CA CYS E 234 17.06 42.36 -115.63
C CYS E 234 15.99 41.35 -115.99
N HIS E 235 14.78 41.52 -115.45
CA HIS E 235 13.72 40.57 -115.77
C HIS E 235 13.37 40.65 -117.25
N TYR E 236 13.35 41.86 -117.82
CA TYR E 236 13.12 41.99 -119.26
C TYR E 236 14.24 41.31 -120.06
N THR E 237 15.49 41.51 -119.64
CA THR E 237 16.62 40.91 -120.35
C THR E 237 16.57 39.39 -120.29
N ILE E 238 16.18 38.84 -119.13
CA ILE E 238 16.04 37.40 -118.99
C ILE E 238 14.94 36.90 -119.91
N THR E 239 13.79 37.60 -119.92
CA THR E 239 12.69 37.18 -120.78
C THR E 239 13.07 37.26 -122.24
N CYS E 240 14.00 38.14 -122.59
CA CYS E 240 14.52 38.16 -123.96
C CYS E 240 15.43 36.97 -124.21
N LYS E 241 16.50 36.86 -123.42
CA LYS E 241 17.58 35.92 -123.73
C LYS E 241 17.11 34.47 -123.61
N VAL E 242 16.28 34.16 -122.62
CA VAL E 242 15.83 32.79 -122.43
C VAL E 242 15.04 32.29 -123.64
N LEU E 243 14.11 33.12 -124.12
CA LEU E 243 13.37 32.77 -125.32
C LEU E 243 14.17 33.02 -126.60
N GLY E 244 15.37 33.58 -126.49
CA GLY E 244 16.15 33.86 -127.68
C GLY E 244 15.56 34.97 -128.50
N LEU E 245 14.79 35.85 -127.87
CA LEU E 245 14.09 36.95 -128.55
C LEU E 245 14.87 38.23 -128.29
N THR E 246 15.27 38.90 -129.36
CA THR E 246 15.86 40.23 -129.21
C THR E 246 14.80 41.18 -128.66
N PRO E 247 15.18 42.20 -127.89
CA PRO E 247 14.18 43.19 -127.46
C PRO E 247 13.43 43.81 -128.62
N GLY E 248 14.09 43.99 -129.76
CA GLY E 248 13.45 44.61 -130.92
C GLY E 248 12.19 43.91 -131.35
N GLU E 249 12.10 42.60 -131.11
CA GLU E 249 10.96 41.79 -131.51
C GLU E 249 10.11 41.35 -130.32
N PHE E 250 10.71 41.18 -129.14
CA PHE E 250 9.90 40.95 -127.94
C PHE E 250 8.95 42.13 -127.72
N ARG E 251 9.48 43.35 -127.76
CA ARG E 251 8.61 44.51 -127.57
C ARG E 251 7.52 44.54 -128.62
N ASN E 252 7.83 44.12 -129.85
CA ASN E 252 6.79 44.03 -130.87
C ASN E 252 5.71 43.04 -130.46
N SER E 253 6.11 41.93 -129.82
CA SER E 253 5.13 40.94 -129.38
C SER E 253 4.18 41.50 -128.33
N LEU E 254 4.56 42.56 -127.62
CA LEU E 254 3.72 43.11 -126.58
C LEU E 254 2.65 44.03 -127.19
N LYS E 255 1.40 43.86 -126.73
CA LYS E 255 0.35 44.80 -127.14
C LYS E 255 0.65 46.20 -126.64
N TRP E 256 1.10 46.34 -125.40
CA TRP E 256 1.51 47.63 -124.85
C TRP E 256 2.21 47.39 -123.52
N SER E 257 2.67 48.47 -122.90
CA SER E 257 3.41 48.37 -121.65
C SER E 257 3.21 49.64 -120.85
N THR E 258 3.21 49.50 -119.52
CA THR E 258 3.16 50.66 -118.64
C THR E 258 3.85 50.38 -117.32
N GLY E 259 3.71 51.28 -116.36
CA GLY E 259 4.38 51.12 -115.08
C GLY E 259 3.67 51.84 -113.96
N HIS E 260 4.07 51.48 -112.75
CA HIS E 260 3.55 52.08 -111.53
C HIS E 260 4.25 53.42 -111.29
N SER E 261 4.14 53.92 -110.06
CA SER E 261 4.78 55.16 -109.61
C SER E 261 6.20 55.33 -110.14
N GLN E 262 6.96 54.24 -110.23
CA GLN E 262 8.35 54.30 -110.65
C GLN E 262 8.63 53.57 -111.95
N GLY E 263 7.91 52.51 -112.27
CA GLY E 263 8.24 51.67 -113.41
C GLY E 263 7.85 52.20 -114.76
N LEU E 264 7.18 53.35 -114.83
CA LEU E 264 6.72 53.87 -116.10
C LEU E 264 7.89 54.25 -117.01
N VAL E 265 8.98 54.72 -116.41
CA VAL E 265 10.17 55.04 -117.20
C VAL E 265 10.72 53.78 -117.85
N THR E 266 10.76 52.68 -117.11
CA THR E 266 11.17 51.41 -117.70
C THR E 266 10.20 50.98 -118.79
N ALA E 267 8.90 51.26 -118.60
CA ALA E 267 7.92 50.90 -119.62
C ALA E 267 8.18 51.64 -120.92
N VAL E 268 8.38 52.95 -120.85
CA VAL E 268 8.62 53.73 -122.06
C VAL E 268 9.96 53.35 -122.68
N THR E 269 10.96 53.04 -121.84
CA THR E 269 12.25 52.60 -122.38
C THR E 269 12.11 51.28 -123.13
N ILE E 270 11.39 50.32 -122.56
CA ILE E 270 11.16 49.06 -123.24
C ILE E 270 10.39 49.30 -124.53
N ALA E 271 9.44 50.24 -124.52
CA ALA E 271 8.77 50.62 -125.76
C ALA E 271 9.76 51.19 -126.78
N ALA E 272 10.84 51.80 -126.30
CA ALA E 272 11.91 52.32 -127.15
C ALA E 272 13.01 51.29 -127.41
N SER E 273 12.84 50.05 -126.96
CA SER E 273 13.85 49.02 -127.13
C SER E 273 14.19 48.79 -128.61
N ASP E 274 15.31 48.10 -128.83
CA ASP E 274 15.81 47.77 -130.16
C ASP E 274 16.75 46.58 -130.02
N SER E 275 17.58 46.35 -131.03
CA SER E 275 18.60 45.30 -130.96
C SER E 275 19.46 45.48 -129.72
N TRP E 276 20.19 44.43 -129.31
CA TRP E 276 20.83 44.42 -127.99
C TRP E 276 21.75 45.61 -127.78
N ASP E 277 22.48 46.01 -128.81
CA ASP E 277 23.39 47.15 -128.69
C ASP E 277 22.62 48.43 -128.36
N SER E 278 21.47 48.63 -129.01
CA SER E 278 20.63 49.78 -128.67
C SER E 278 19.89 49.57 -127.36
N PHE E 279 19.66 48.32 -126.97
CA PHE E 279 19.01 48.05 -125.69
C PHE E 279 19.89 48.50 -124.54
N LEU E 280 21.21 48.32 -124.68
CA LEU E 280 22.09 48.81 -123.62
C LEU E 280 22.02 50.32 -123.51
N LYS E 281 21.93 51.04 -124.64
CA LYS E 281 21.76 52.48 -124.58
C LYS E 281 20.43 52.86 -123.95
N ASN E 282 19.37 52.12 -124.29
CA ASN E 282 18.06 52.36 -123.67
C ASN E 282 18.12 52.17 -122.16
N SER E 283 18.80 51.11 -121.73
CA SER E 283 18.98 50.87 -120.30
C SER E 283 19.78 51.99 -119.64
N LEU E 284 20.80 52.49 -120.33
CA LEU E 284 21.54 53.64 -119.82
C LEU E 284 20.59 54.82 -119.62
N THR E 285 19.73 55.08 -120.61
CA THR E 285 18.81 56.21 -120.50
C THR E 285 17.88 56.04 -119.31
N ALA E 286 17.29 54.86 -119.16
CA ALA E 286 16.36 54.63 -118.06
C ALA E 286 17.06 54.76 -116.72
N VAL E 287 18.26 54.19 -116.59
CA VAL E 287 18.99 54.25 -115.34
C VAL E 287 19.37 55.68 -115.01
N SER E 288 19.87 56.43 -115.99
CA SER E 288 20.26 57.82 -115.71
C SER E 288 19.05 58.65 -115.30
N LEU E 289 17.92 58.44 -115.97
CA LEU E 289 16.72 59.18 -115.60
C LEU E 289 16.27 58.85 -114.18
N LEU E 290 16.29 57.57 -113.80
CA LEU E 290 15.88 57.21 -112.46
C LEU E 290 16.87 57.71 -111.42
N LEU E 291 18.16 57.69 -111.75
CA LEU E 291 19.17 58.24 -110.86
C LEU E 291 18.91 59.71 -110.60
N PHE E 292 18.64 60.47 -111.66
CA PHE E 292 18.34 61.88 -111.50
C PHE E 292 17.07 62.08 -110.69
N ILE E 293 16.02 61.31 -110.98
CA ILE E 293 14.77 61.45 -110.24
C ILE E 293 15.00 61.22 -108.75
N GLY E 294 15.67 60.11 -108.41
CA GLY E 294 15.89 59.79 -107.01
C GLY E 294 16.74 60.83 -106.31
N SER E 295 17.86 61.21 -106.92
CA SER E 295 18.77 62.16 -106.30
C SER E 295 18.08 63.51 -106.09
N ARG E 296 17.38 64.00 -107.12
CA ARG E 296 16.71 65.28 -107.02
C ARG E 296 15.58 65.25 -105.99
N CYS E 297 14.81 64.15 -105.96
CA CYS E 297 13.72 64.05 -105.00
C CYS E 297 14.26 64.02 -103.58
N LEU E 298 15.33 63.26 -103.33
CA LEU E 298 15.91 63.23 -101.99
C LEU E 298 16.50 64.58 -101.61
N SER E 299 17.17 65.24 -102.54
CA SER E 299 17.73 66.56 -102.24
C SER E 299 16.64 67.56 -101.92
N THR E 300 15.51 67.48 -102.63
CA THR E 300 14.42 68.42 -102.41
C THR E 300 13.70 68.14 -101.10
N TYR E 301 13.49 66.85 -100.77
CA TYR E 301 12.82 66.45 -99.54
C TYR E 301 13.62 65.34 -98.87
N PRO E 302 14.75 65.67 -98.24
CA PRO E 302 15.48 64.66 -97.47
C PRO E 302 14.71 64.27 -96.22
N ARG E 303 14.52 62.97 -96.03
CA ARG E 303 13.78 62.51 -94.86
C ARG E 303 14.60 62.73 -93.61
N THR E 304 13.93 63.12 -92.53
CA THR E 304 14.58 63.54 -91.29
C THR E 304 14.40 62.49 -90.21
N SER E 305 14.99 62.75 -89.05
CA SER E 305 14.78 61.87 -87.91
C SER E 305 13.32 61.89 -87.51
N LEU E 306 12.85 60.78 -86.97
CA LEU E 306 11.45 60.60 -86.66
C LEU E 306 11.31 60.47 -85.15
N PRO E 307 10.48 61.27 -84.46
CA PRO E 307 10.48 61.24 -82.99
C PRO E 307 10.23 59.85 -82.44
N PRO E 308 11.09 59.33 -81.57
CA PRO E 308 10.91 57.94 -81.13
C PRO E 308 9.62 57.69 -80.39
N THR E 309 9.15 58.65 -79.60
CA THR E 309 7.85 58.49 -78.96
C THR E 309 6.75 58.31 -80.00
N MET E 310 6.88 59.01 -81.13
CA MET E 310 5.84 58.92 -82.16
C MET E 310 5.85 57.55 -82.82
N LEU E 311 7.02 57.05 -83.23
CA LEU E 311 7.05 55.73 -83.83
C LEU E 311 6.70 54.65 -82.82
N GLN E 312 7.03 54.86 -81.54
CA GLN E 312 6.62 53.90 -80.53
C GLN E 312 5.10 53.86 -80.42
N ASP E 313 4.46 55.03 -80.38
CA ASP E 313 3.01 55.07 -80.36
C ASP E 313 2.43 54.39 -81.58
N SER E 314 2.97 54.69 -82.76
CA SER E 314 2.48 54.04 -83.97
C SER E 314 2.63 52.52 -83.89
N LEU E 315 3.78 52.06 -83.38
CA LEU E 315 4.05 50.63 -83.30
C LEU E 315 3.09 49.93 -82.34
N ASP E 316 2.83 50.53 -81.18
CA ASP E 316 2.11 49.81 -80.13
C ASP E 316 0.60 49.74 -80.38
N ASN E 317 0.11 50.19 -81.53
CA ASN E 317 -1.27 49.97 -81.95
C ASN E 317 -1.30 49.21 -83.28
N GLY E 318 -0.45 48.19 -83.41
CA GLY E 318 -0.48 47.32 -84.58
C GLY E 318 -0.19 48.04 -85.88
N GLU E 319 0.83 48.89 -85.89
CA GLU E 319 1.21 49.66 -87.07
C GLU E 319 2.71 49.53 -87.30
N GLY E 320 3.12 49.71 -88.55
CA GLY E 320 4.52 49.63 -88.90
C GLY E 320 5.25 50.95 -88.70
N ARG E 321 6.48 50.98 -89.18
CA ARG E 321 7.27 52.19 -89.09
C ARG E 321 6.63 53.28 -89.95
N PRO E 322 6.51 54.52 -89.46
CA PRO E 322 6.00 55.59 -90.32
C PRO E 322 6.89 55.79 -91.55
N SER E 323 6.26 56.10 -92.67
CA SER E 323 6.92 56.31 -93.93
C SER E 323 6.22 57.46 -94.65
N PRO E 324 6.87 58.06 -95.66
CA PRO E 324 6.21 59.16 -96.39
C PRO E 324 5.00 58.72 -97.18
N MET E 325 4.74 57.43 -97.35
CA MET E 325 3.55 56.92 -98.01
C MET E 325 2.79 56.00 -97.07
N LEU E 326 1.49 56.21 -96.99
CA LEU E 326 0.58 55.42 -96.15
C LEU E 326 -0.46 54.77 -97.04
N SER E 327 -0.48 53.43 -97.06
CA SER E 327 -1.47 52.69 -97.82
C SER E 327 -2.67 52.41 -96.93
N VAL E 328 -3.86 52.68 -97.48
CA VAL E 328 -5.13 52.41 -96.81
C VAL E 328 -5.96 51.52 -97.72
N ARG E 329 -6.48 50.42 -97.15
CA ARG E 329 -7.25 49.44 -97.90
C ARG E 329 -8.66 49.36 -97.33
N ASP E 330 -9.56 48.81 -98.13
CA ASP E 330 -10.95 48.57 -97.76
C ASP E 330 -11.76 49.85 -97.63
N LEU E 331 -11.26 50.97 -98.16
CA LEU E 331 -11.97 52.23 -98.15
C LEU E 331 -11.94 52.86 -99.54
N SER E 332 -12.99 53.63 -99.84
CA SER E 332 -13.11 54.27 -101.13
C SER E 332 -12.24 55.52 -101.21
N ILE E 333 -11.98 55.95 -102.44
CA ILE E 333 -11.28 57.21 -102.65
C ILE E 333 -12.02 58.36 -102.00
N LYS E 334 -13.35 58.34 -102.02
CA LYS E 334 -14.12 59.46 -101.47
C LYS E 334 -13.94 59.55 -99.96
N GLN E 335 -14.06 58.42 -99.26
CA GLN E 335 -13.89 58.42 -97.81
C GLN E 335 -12.46 58.78 -97.42
N VAL E 336 -11.48 58.14 -98.08
CA VAL E 336 -10.09 58.46 -97.81
C VAL E 336 -9.82 59.93 -98.09
N GLU E 337 -10.43 60.47 -99.15
CA GLU E 337 -10.23 61.86 -99.49
C GLU E 337 -10.80 62.78 -98.42
N LYS E 338 -11.99 62.46 -97.91
CA LYS E 338 -12.56 63.28 -96.83
C LYS E 338 -11.65 63.29 -95.62
N PHE E 339 -11.07 62.13 -95.29
CA PHE E 339 -10.13 62.10 -94.16
C PHE E 339 -8.90 62.96 -94.46
N ILE E 340 -8.39 62.94 -95.70
CA ILE E 340 -7.24 63.80 -96.00
C ILE E 340 -7.64 65.26 -95.89
N GLU E 341 -8.88 65.60 -96.27
CA GLU E 341 -9.30 66.99 -96.17
C GLU E 341 -9.36 67.44 -94.73
N GLN E 342 -9.81 66.56 -93.83
CA GLN E 342 -9.75 66.89 -92.40
C GLN E 342 -8.31 67.14 -91.96
N THR E 343 -7.41 66.20 -92.27
CA THR E 343 -6.02 66.33 -91.83
C THR E 343 -5.36 67.56 -92.44
N ASN E 344 -5.63 67.82 -93.72
CA ASN E 344 -5.05 68.97 -94.40
C ASN E 344 -5.58 70.28 -93.82
N SER E 345 -6.88 70.33 -93.52
CA SER E 345 -7.44 71.52 -92.89
C SER E 345 -6.78 71.79 -91.55
N HIS E 346 -6.44 70.75 -90.80
CA HIS E 346 -5.76 70.92 -89.52
C HIS E 346 -4.24 71.01 -89.66
N LEU E 347 -3.69 70.86 -90.86
CA LEU E 347 -2.25 70.99 -91.09
C LEU E 347 -1.99 72.22 -91.94
N PRO E 348 -0.77 72.77 -91.92
CA PRO E 348 -0.39 73.78 -92.91
C PRO E 348 -0.20 73.16 -94.29
N ARG E 349 -0.20 74.04 -95.29
CA ARG E 349 -0.14 73.59 -96.69
C ARG E 349 1.15 72.83 -96.97
N GLU E 350 2.24 73.16 -96.26
CA GLU E 350 3.55 72.66 -96.65
C GLU E 350 3.81 71.26 -96.11
N LYS E 351 2.98 70.80 -95.18
CA LYS E 351 2.99 69.42 -94.69
C LYS E 351 1.65 68.75 -94.92
N HIS E 352 0.99 69.10 -96.02
CA HIS E 352 -0.31 68.55 -96.37
C HIS E 352 -0.19 67.11 -96.85
N ILE E 353 -1.33 66.42 -96.89
CA ILE E 353 -1.45 65.07 -97.40
C ILE E 353 -2.26 65.13 -98.69
N ALA E 354 -1.80 64.43 -99.72
CA ALA E 354 -2.50 64.39 -101.00
C ALA E 354 -2.55 62.95 -101.49
N ILE E 355 -3.56 62.67 -102.32
CA ILE E 355 -3.68 61.35 -102.93
C ILE E 355 -2.47 61.12 -103.82
N SER E 356 -1.65 60.13 -103.46
CA SER E 356 -0.46 59.82 -104.24
C SER E 356 -0.76 58.83 -105.36
N LEU E 357 -1.47 57.75 -105.05
CA LEU E 357 -1.84 56.78 -106.08
C LEU E 357 -3.06 55.99 -105.65
N ILE E 358 -3.91 55.68 -106.62
CA ILE E 358 -5.15 54.93 -106.40
C ILE E 358 -4.99 53.55 -107.02
N ASN E 359 -4.54 52.58 -106.24
CA ASN E 359 -4.29 51.26 -106.78
C ASN E 359 -5.58 50.54 -107.15
N GLY E 360 -6.70 50.95 -106.58
CA GLY E 360 -7.98 50.34 -106.88
C GLY E 360 -9.08 51.07 -106.16
N ALA E 361 -10.30 50.52 -106.27
CA ALA E 361 -11.44 51.12 -105.59
C ALA E 361 -11.25 51.09 -104.07
N ARG E 362 -10.73 49.99 -103.55
CA ARG E 362 -10.53 49.78 -102.12
C ARG E 362 -9.05 49.62 -101.79
N ASN E 363 -8.19 50.34 -102.51
CA ASN E 363 -6.75 50.29 -102.26
C ASN E 363 -6.14 51.61 -102.69
N LEU E 364 -5.59 52.35 -101.73
CA LEU E 364 -5.06 53.68 -101.99
C LEU E 364 -3.74 53.84 -101.24
N VAL E 365 -2.92 54.77 -101.72
CA VAL E 365 -1.71 55.17 -101.03
C VAL E 365 -1.60 56.68 -101.08
N LEU E 366 -1.24 57.27 -99.95
CA LEU E 366 -1.26 58.71 -99.75
C LEU E 366 0.13 59.18 -99.35
N SER E 367 0.58 60.25 -99.98
CA SER E 367 1.92 60.78 -99.78
C SER E 367 1.89 61.99 -98.86
N GLY E 368 3.04 62.26 -98.25
CA GLY E 368 3.19 63.40 -97.36
C GLY E 368 4.26 63.13 -96.33
N PRO E 369 4.47 64.08 -95.41
CA PRO E 369 5.47 63.86 -94.38
C PRO E 369 5.08 62.68 -93.50
N PRO E 370 6.07 61.94 -92.98
CA PRO E 370 5.71 60.85 -92.06
C PRO E 370 4.95 61.32 -90.83
N GLU E 371 5.24 62.50 -90.30
CA GLU E 371 4.49 63.01 -89.16
C GLU E 371 3.04 63.29 -89.53
N SER E 372 2.82 63.92 -90.69
CA SER E 372 1.45 64.18 -91.13
C SER E 372 0.69 62.88 -91.34
N LEU E 373 1.35 61.87 -91.92
CA LEU E 373 0.67 60.60 -92.13
C LEU E 373 0.49 59.84 -90.82
N TYR E 374 1.33 60.07 -89.82
CA TYR E 374 1.08 59.49 -88.50
C TYR E 374 -0.15 60.09 -87.85
N GLY E 375 -0.28 61.42 -87.93
CA GLY E 375 -1.50 62.04 -87.45
C GLY E 375 -2.72 61.55 -88.21
N PHE E 376 -2.55 61.39 -89.51
CA PHE E 376 -3.56 60.76 -90.35
C PHE E 376 -3.97 59.40 -89.80
N ASN E 377 -2.98 58.58 -89.46
CA ASN E 377 -3.26 57.23 -88.99
C ASN E 377 -3.86 57.26 -87.58
N LEU E 378 -3.52 58.25 -86.77
CA LEU E 378 -4.20 58.43 -85.49
C LEU E 378 -5.68 58.69 -85.71
N ASN E 379 -6.00 59.58 -86.65
CA ASN E 379 -7.41 59.85 -86.94
C ASN E 379 -8.10 58.60 -87.44
N LEU E 380 -7.43 57.85 -88.33
CA LEU E 380 -8.05 56.65 -88.89
C LEU E 380 -8.23 55.56 -87.85
N ARG E 381 -7.29 55.43 -86.91
CA ARG E 381 -7.45 54.47 -85.83
C ARG E 381 -8.57 54.88 -84.88
N ASN E 382 -8.71 56.19 -84.63
CA ASN E 382 -9.82 56.65 -83.81
C ASN E 382 -11.15 56.33 -84.48
N GLN E 383 -11.24 56.51 -85.80
CA GLN E 383 -12.52 56.33 -86.48
C GLN E 383 -12.82 54.87 -86.78
N LYS E 384 -11.81 54.02 -86.93
CA LYS E 384 -12.02 52.63 -87.31
C LYS E 384 -12.38 51.80 -86.09
N ALA E 385 -12.58 50.51 -86.32
CA ALA E 385 -12.91 49.52 -85.30
C ALA E 385 -11.96 48.35 -85.42
N PRO E 386 -11.79 47.55 -84.35
CA PRO E 386 -10.88 46.40 -84.43
C PRO E 386 -11.27 45.40 -85.51
N LEU E 389 -14.21 42.90 -84.41
CA LEU E 389 -15.27 43.38 -83.53
C LEU E 389 -16.46 42.41 -83.49
N ASP E 390 -16.52 41.50 -84.46
CA ASP E 390 -17.62 40.53 -84.55
C ASP E 390 -18.97 41.25 -84.68
N GLN E 391 -19.10 41.98 -85.78
CA GLN E 391 -20.32 42.74 -86.07
C GLN E 391 -21.36 41.90 -86.80
N SER E 392 -21.22 40.57 -86.82
CA SER E 392 -22.19 39.74 -87.52
C SER E 392 -23.58 39.87 -86.92
N ARG E 393 -23.67 40.21 -85.64
CA ARG E 393 -24.95 40.41 -84.97
C ARG E 393 -25.46 41.84 -85.08
N VAL E 394 -24.84 42.66 -85.93
CA VAL E 394 -25.22 44.07 -86.10
C VAL E 394 -25.76 44.24 -87.52
N PRO E 395 -26.80 45.04 -87.74
CA PRO E 395 -27.26 45.26 -89.12
C PRO E 395 -26.17 45.89 -89.99
N PHE E 396 -26.15 45.48 -91.26
CA PHE E 396 -25.11 45.92 -92.18
C PHE E 396 -25.06 47.43 -92.35
N SER E 397 -26.21 48.11 -92.20
CA SER E 397 -26.28 49.53 -92.51
C SER E 397 -25.63 50.36 -91.40
N GLU E 398 -25.63 49.83 -90.18
CA GLU E 398 -25.05 50.49 -89.01
C GLU E 398 -23.77 49.78 -88.55
N ARG E 399 -23.09 49.09 -89.47
CA ARG E 399 -21.85 48.39 -89.16
C ARG E 399 -20.67 49.32 -89.38
N LYS E 400 -19.74 49.31 -88.44
CA LYS E 400 -18.54 50.12 -88.56
C LYS E 400 -17.63 49.59 -89.67
N LEU E 401 -16.97 50.50 -90.35
CA LEU E 401 -16.08 50.15 -91.45
C LEU E 401 -14.76 49.61 -90.94
N LYS E 402 -14.29 48.53 -91.57
CA LYS E 402 -13.01 47.93 -91.25
C LYS E 402 -11.97 48.30 -92.30
N CYS E 403 -10.72 48.32 -91.89
CA CYS E 403 -9.64 48.66 -92.80
C CYS E 403 -8.31 48.24 -92.19
N SER E 404 -7.34 47.95 -93.06
CA SER E 404 -5.99 47.55 -92.67
C SER E 404 -5.02 48.49 -93.36
N ASN E 405 -4.68 49.59 -92.70
CA ASN E 405 -3.78 50.60 -93.24
C ASN E 405 -2.38 50.44 -92.65
N ARG E 406 -1.38 50.60 -93.50
CA ARG E 406 0.01 50.46 -93.07
C ARG E 406 0.89 51.28 -94.00
N PHE E 407 2.07 51.64 -93.51
CA PHE E 407 3.01 52.43 -94.29
C PHE E 407 3.83 51.54 -95.21
N LEU E 408 4.00 51.97 -96.45
CA LEU E 408 4.79 51.21 -97.40
C LEU E 408 6.28 51.30 -97.06
N PRO E 409 7.09 50.32 -97.50
CA PRO E 409 8.55 50.49 -97.36
C PRO E 409 9.13 51.46 -98.40
N ILE E 410 9.12 52.74 -98.05
CA ILE E 410 9.58 53.79 -98.95
C ILE E 410 10.09 54.94 -98.10
N PHE E 411 11.07 55.67 -98.64
CA PHE E 411 11.65 56.85 -98.00
C PHE E 411 11.56 58.07 -98.90
N ALA E 412 10.39 58.29 -99.50
CA ALA E 412 10.14 59.51 -100.27
C ALA E 412 8.65 59.64 -100.55
N PRO E 413 8.06 60.85 -100.45
CA PRO E 413 6.62 61.01 -100.78
C PRO E 413 6.37 61.27 -102.26
N PHE E 414 6.41 60.21 -103.05
CA PHE E 414 6.21 60.33 -104.49
C PHE E 414 4.77 60.74 -104.79
N HIS E 415 4.60 61.46 -105.89
CA HIS E 415 3.29 61.98 -106.32
C HIS E 415 2.71 62.89 -105.24
N SER E 416 3.46 63.95 -104.94
CA SER E 416 3.05 64.91 -103.93
C SER E 416 3.69 66.25 -104.25
N HIS E 417 3.12 67.31 -103.65
CA HIS E 417 3.63 68.65 -103.85
C HIS E 417 5.03 68.82 -103.26
N LEU E 418 5.45 67.94 -102.35
CA LEU E 418 6.77 68.08 -101.73
C LEU E 418 7.87 67.97 -102.76
N LEU E 419 7.73 67.05 -103.71
CA LEU E 419 8.71 66.86 -104.77
C LEU E 419 8.38 67.65 -106.03
N ALA E 420 7.34 68.47 -106.02
CA ALA E 420 6.98 69.25 -107.20
C ALA E 420 8.09 70.21 -107.59
N ASP E 421 8.68 70.90 -106.60
CA ASP E 421 9.78 71.81 -106.90
C ASP E 421 11.02 71.08 -107.41
N ALA E 422 11.13 69.78 -107.15
CA ALA E 422 12.24 69.00 -107.70
C ALA E 422 12.10 68.78 -109.20
N THR E 423 10.89 68.96 -109.76
CA THR E 423 10.66 68.59 -111.15
C THR E 423 11.51 69.45 -112.09
N GLU E 424 11.45 70.79 -111.94
CA GLU E 424 12.14 71.66 -112.88
C GLU E 424 13.63 71.40 -112.88
N LEU E 425 14.17 71.08 -111.70
CA LEU E 425 15.58 70.70 -111.63
C LEU E 425 15.82 69.36 -112.34
N ILE E 426 14.88 68.42 -112.23
CA ILE E 426 15.06 67.13 -112.90
C ILE E 426 15.09 67.33 -114.41
N LEU E 427 14.14 68.09 -114.95
CA LEU E 427 14.13 68.34 -116.40
C LEU E 427 15.36 69.13 -116.85
N ASP E 428 15.78 70.13 -116.07
CA ASP E 428 16.97 70.88 -116.44
C ASP E 428 18.20 69.97 -116.48
N ASP E 429 18.33 69.09 -115.49
CA ASP E 429 19.47 68.19 -115.46
C ASP E 429 19.39 67.16 -116.59
N VAL E 430 18.18 66.71 -116.91
CA VAL E 430 18.00 65.77 -118.01
C VAL E 430 18.42 66.42 -119.33
N LYS E 431 18.07 67.68 -119.53
CA LYS E 431 18.34 68.34 -120.80
C LYS E 431 19.83 68.41 -121.11
N GLU E 432 20.70 68.26 -120.10
CA GLU E 432 22.14 68.32 -120.32
C GLU E 432 22.71 67.00 -120.83
N HIS E 433 22.07 65.87 -120.52
CA HIS E 433 22.60 64.56 -120.85
C HIS E 433 21.98 63.95 -122.11
N GLY E 434 21.19 64.72 -122.86
CA GLY E 434 20.61 64.19 -124.08
C GLY E 434 19.54 63.14 -123.87
N LEU E 435 19.00 63.04 -122.66
CA LEU E 435 17.97 62.05 -122.37
C LEU E 435 16.67 62.45 -123.06
N SER E 436 16.19 61.59 -123.97
CA SER E 436 14.98 61.90 -124.74
C SER E 436 14.41 60.61 -125.29
N PHE E 437 13.13 60.35 -125.01
CA PHE E 437 12.40 59.23 -125.58
C PHE E 437 11.45 59.78 -126.64
N GLU E 438 11.72 59.45 -127.91
CA GLU E 438 10.89 59.90 -129.03
C GLU E 438 10.33 58.74 -129.83
N GLY E 439 11.16 57.76 -130.19
CA GLY E 439 10.73 56.68 -131.06
C GLY E 439 10.12 55.50 -130.32
N LEU E 440 8.90 55.66 -129.83
CA LEU E 440 8.19 54.60 -129.13
C LEU E 440 7.37 53.80 -130.14
N LYS E 441 7.55 52.48 -130.12
CA LYS E 441 6.86 51.60 -131.06
C LYS E 441 5.50 51.16 -130.52
N ILE E 442 5.49 50.49 -129.37
CA ILE E 442 4.25 50.02 -128.76
C ILE E 442 3.61 51.17 -128.00
N PRO E 443 2.29 51.14 -127.77
CA PRO E 443 1.69 52.18 -126.92
C PRO E 443 2.18 52.07 -125.49
N VAL E 444 2.31 53.23 -124.85
CA VAL E 444 2.69 53.32 -123.44
C VAL E 444 1.58 54.09 -122.75
N TYR E 445 0.76 53.39 -121.97
CA TYR E 445 -0.38 54.02 -121.33
C TYR E 445 0.08 55.01 -120.27
N ASP E 446 -0.45 56.23 -120.34
CA ASP E 446 -0.12 57.25 -119.36
C ASP E 446 -0.65 56.85 -117.99
N THR E 447 0.20 56.97 -116.96
CA THR E 447 -0.17 56.44 -115.66
C THR E 447 -1.20 57.32 -114.95
N PHE E 448 -1.40 58.55 -115.43
CA PHE E 448 -2.40 59.47 -114.87
C PHE E 448 -3.56 59.70 -115.80
N ASP E 449 -3.30 60.13 -117.03
CA ASP E 449 -4.36 60.44 -117.99
C ASP E 449 -4.81 59.21 -118.78
N GLY E 450 -4.02 58.14 -118.80
CA GLY E 450 -4.39 56.91 -119.47
C GLY E 450 -4.06 56.85 -120.94
N SER E 451 -3.71 57.96 -121.57
CA SER E 451 -3.51 57.99 -123.02
C SER E 451 -2.12 57.49 -123.38
N ASP E 452 -1.87 57.39 -124.68
CA ASP E 452 -0.57 57.00 -125.18
C ASP E 452 0.41 58.16 -125.11
N PHE E 453 1.66 57.86 -124.73
CA PHE E 453 2.69 58.88 -124.74
C PHE E 453 3.06 59.30 -126.16
N GLN E 454 2.74 58.50 -127.16
CA GLN E 454 3.08 58.85 -128.54
C GLN E 454 2.39 60.14 -128.96
N ALA E 455 1.13 60.31 -128.58
CA ALA E 455 0.35 61.50 -128.93
C ALA E 455 0.45 62.53 -127.80
N LEU E 456 1.66 63.10 -127.68
CA LEU E 456 1.93 64.15 -126.70
C LEU E 456 2.73 65.25 -127.38
N LYS E 457 2.30 66.51 -127.16
CA LYS E 457 3.05 67.64 -127.68
C LYS E 457 4.34 67.85 -126.91
N GLU E 458 4.29 67.75 -125.58
CA GLU E 458 5.46 67.94 -124.74
C GLU E 458 6.36 66.72 -124.80
N PRO E 459 7.63 66.86 -124.38
CA PRO E 459 8.52 65.70 -124.39
C PRO E 459 8.02 64.58 -123.48
N ILE E 460 8.27 63.35 -123.92
CA ILE E 460 7.81 62.18 -123.18
C ILE E 460 8.45 62.15 -121.80
N ILE E 461 9.75 62.46 -121.74
CA ILE E 461 10.45 62.41 -120.47
C ILE E 461 9.94 63.52 -119.55
N ASP E 462 9.62 64.69 -120.10
CA ASP E 462 9.03 65.75 -119.30
C ASP E 462 7.73 65.29 -118.68
N ARG E 463 6.85 64.71 -119.50
CA ARG E 463 5.57 64.23 -118.98
C ARG E 463 5.78 63.16 -117.91
N VAL E 464 6.71 62.23 -118.15
CA VAL E 464 6.92 61.13 -117.22
C VAL E 464 7.51 61.62 -115.90
N VAL E 465 8.45 62.56 -115.96
CA VAL E 465 9.04 63.11 -114.74
C VAL E 465 7.98 63.86 -113.94
N LYS E 466 7.19 64.70 -114.61
CA LYS E 466 6.10 65.38 -113.94
C LYS E 466 5.14 64.39 -113.30
N LEU E 467 4.89 63.27 -113.99
CA LEU E 467 4.04 62.21 -113.46
C LEU E 467 4.61 61.62 -112.19
N ILE E 468 5.88 61.22 -112.22
CA ILE E 468 6.47 60.52 -111.08
C ILE E 468 6.60 61.45 -109.90
N THR E 469 6.91 62.73 -110.13
CA THR E 469 7.13 63.66 -109.04
C THR E 469 5.83 64.23 -108.47
N GLU E 470 5.03 64.88 -109.32
CA GLU E 470 3.90 65.68 -108.85
C GLU E 470 2.57 64.95 -108.99
N LEU E 471 2.20 64.56 -110.21
CA LEU E 471 0.83 64.15 -110.46
C LEU E 471 0.51 62.83 -109.77
N PRO E 472 -0.76 62.58 -109.42
CA PRO E 472 -1.14 61.32 -108.80
C PRO E 472 -1.18 60.19 -109.85
N VAL E 473 -1.59 59.01 -109.40
CA VAL E 473 -1.72 57.84 -110.27
C VAL E 473 -3.11 57.25 -110.06
N HIS E 474 -3.95 57.33 -111.08
CA HIS E 474 -5.18 56.55 -111.13
C HIS E 474 -4.81 55.24 -111.84
N TRP E 475 -4.45 54.25 -111.02
CA TRP E 475 -3.82 53.05 -111.58
C TRP E 475 -4.78 52.29 -112.50
N GLU E 476 -6.02 52.10 -112.06
CA GLU E 476 -6.99 51.34 -112.86
C GLU E 476 -7.26 52.05 -114.18
N GLU E 477 -7.50 53.36 -114.12
CA GLU E 477 -7.76 54.13 -115.33
C GLU E 477 -6.56 54.07 -116.27
N ALA E 478 -5.35 54.12 -115.71
CA ALA E 478 -4.15 53.97 -116.52
C ALA E 478 -4.10 52.62 -117.20
N THR E 479 -4.43 51.56 -116.47
CA THR E 479 -4.37 50.18 -116.97
C THR E 479 -5.74 49.65 -117.38
N ASN E 480 -6.56 50.50 -117.99
CA ASN E 480 -7.83 50.04 -118.56
C ASN E 480 -7.63 49.13 -119.78
N HIS E 481 -6.93 48.01 -119.55
CA HIS E 481 -6.43 47.16 -120.61
C HIS E 481 -7.58 46.50 -121.38
N LYS E 482 -7.34 46.24 -122.66
CA LYS E 482 -8.14 45.35 -123.49
C LYS E 482 -7.15 44.30 -123.97
N ALA E 483 -6.94 43.28 -123.15
CA ALA E 483 -5.93 42.27 -123.39
C ALA E 483 -6.23 41.06 -122.52
N THR E 484 -5.54 39.96 -122.81
CA THR E 484 -5.74 38.71 -122.09
C THR E 484 -4.58 38.37 -121.16
N HIS E 485 -3.36 38.76 -121.49
CA HIS E 485 -2.17 38.40 -120.73
C HIS E 485 -1.40 39.65 -120.32
N ILE E 486 -1.17 39.78 -119.02
CA ILE E 486 -0.42 40.89 -118.44
C ILE E 486 0.77 40.29 -117.69
N LEU E 487 1.93 40.92 -117.80
CA LEU E 487 3.15 40.41 -117.19
C LEU E 487 3.81 41.49 -116.36
N ASP E 488 4.02 41.23 -115.08
CA ASP E 488 4.65 42.17 -114.18
C ASP E 488 6.14 41.85 -114.04
N PHE E 489 6.98 42.84 -114.36
CA PHE E 489 8.43 42.70 -114.26
C PHE E 489 9.03 43.42 -113.07
N GLY E 490 8.22 43.96 -112.16
CA GLY E 490 8.73 44.81 -111.10
C GLY E 490 9.20 44.04 -109.89
N PRO E 491 9.65 44.77 -108.85
CA PRO E 491 9.99 44.11 -107.58
C PRO E 491 8.75 43.60 -106.87
N GLY E 492 8.94 42.90 -105.78
CA GLY E 492 7.84 42.37 -104.98
C GLY E 492 7.38 40.99 -105.37
N GLY E 493 7.09 40.79 -106.65
CA GLY E 493 6.60 39.50 -107.12
C GLY E 493 5.25 39.17 -106.52
N VAL E 494 5.23 38.23 -105.57
CA VAL E 494 3.98 37.90 -104.88
C VAL E 494 3.44 39.11 -104.14
N SER E 495 4.32 40.01 -103.69
CA SER E 495 3.92 41.24 -103.03
C SER E 495 3.98 42.44 -103.96
N GLY E 496 4.18 42.23 -105.26
CA GLY E 496 4.39 43.30 -106.21
C GLY E 496 3.11 43.79 -106.87
N LEU E 497 3.29 44.39 -108.05
CA LEU E 497 2.19 45.03 -108.76
C LEU E 497 1.26 44.02 -109.43
N GLY E 498 1.78 42.88 -109.86
CA GLY E 498 0.97 41.92 -110.59
C GLY E 498 -0.18 41.38 -109.77
N VAL E 499 0.11 40.98 -108.54
CA VAL E 499 -0.94 40.45 -107.67
C VAL E 499 -1.93 41.55 -107.32
N LEU E 500 -1.45 42.79 -107.18
CA LEU E 500 -2.34 43.89 -106.85
C LEU E 500 -3.33 44.16 -107.98
N THR E 501 -2.85 44.18 -109.23
CA THR E 501 -3.74 44.40 -110.36
C THR E 501 -4.57 43.18 -110.72
N HIS E 502 -4.14 41.97 -110.31
CA HIS E 502 -4.95 40.79 -110.53
C HIS E 502 -6.29 40.90 -109.81
N ARG E 503 -6.29 41.46 -108.60
CA ARG E 503 -7.54 41.63 -107.87
C ARG E 503 -8.46 42.59 -108.61
N ASN E 504 -7.91 43.65 -109.20
CA ASN E 504 -8.72 44.58 -109.97
C ASN E 504 -9.26 43.95 -111.25
N LYS E 505 -8.56 42.98 -111.83
CA LYS E 505 -8.99 42.33 -113.06
C LYS E 505 -9.17 40.82 -112.86
N GLU E 506 -9.82 40.44 -111.76
CA GLU E 506 -10.06 39.02 -111.50
C GLU E 506 -10.97 38.41 -112.57
N GLY E 507 -12.12 39.02 -112.82
CA GLY E 507 -13.14 38.45 -113.67
C GLY E 507 -13.27 39.05 -115.05
N THR E 508 -12.29 39.84 -115.50
CA THR E 508 -12.32 40.46 -116.82
C THR E 508 -11.57 39.67 -117.87
N GLY E 509 -11.14 38.44 -117.56
CA GLY E 509 -10.39 37.65 -118.50
C GLY E 509 -8.91 37.97 -118.56
N ALA E 510 -8.38 38.65 -117.54
CA ALA E 510 -6.98 39.04 -117.50
C ALA E 510 -6.19 38.03 -116.68
N ARG E 511 -5.10 37.54 -117.26
CA ARG E 511 -4.19 36.59 -116.61
C ARG E 511 -2.91 37.35 -116.29
N ILE E 512 -2.63 37.54 -115.00
CA ILE E 512 -1.42 38.20 -114.56
C ILE E 512 -0.35 37.14 -114.33
N ILE E 513 0.83 37.37 -114.90
CA ILE E 513 1.99 36.49 -114.76
C ILE E 513 3.11 37.31 -114.13
N LEU E 514 3.68 36.79 -113.05
CA LEU E 514 4.72 37.49 -112.31
C LEU E 514 6.06 37.09 -112.90
N ALA E 515 6.49 37.80 -113.94
CA ALA E 515 7.74 37.48 -114.63
C ALA E 515 8.93 38.13 -113.94
N GLY E 516 9.02 37.96 -112.62
CA GLY E 516 10.12 38.49 -111.84
C GLY E 516 10.56 37.60 -110.70
N THR E 517 9.94 36.43 -110.57
CA THR E 517 10.26 35.53 -109.47
C THR E 517 9.76 34.14 -109.80
N LEU E 518 10.52 33.13 -109.37
CA LEU E 518 10.15 31.73 -109.48
C LEU E 518 9.69 31.24 -108.12
N ASP E 519 8.49 30.70 -108.05
CA ASP E 519 7.93 30.19 -106.81
C ASP E 519 6.85 29.19 -107.17
N SER E 520 6.51 28.34 -106.21
CA SER E 520 5.39 27.44 -106.39
C SER E 520 4.14 28.23 -106.75
N ASN E 521 3.41 27.76 -107.74
CA ASN E 521 2.27 28.50 -108.24
C ASN E 521 1.22 28.64 -107.14
N PRO E 522 0.34 29.65 -107.23
CA PRO E 522 -0.66 29.83 -106.18
C PRO E 522 -1.51 28.59 -106.00
N ILE E 523 -1.83 28.28 -104.73
CA ILE E 523 -2.61 27.09 -104.43
C ILE E 523 -3.99 27.14 -105.07
N ASP E 524 -4.48 28.34 -105.40
CA ASP E 524 -5.74 28.50 -106.11
C ASP E 524 -5.53 28.82 -107.59
N ASP E 525 -4.29 28.97 -108.04
CA ASP E 525 -3.96 29.14 -109.46
C ASP E 525 -4.69 30.36 -110.05
N GLU E 526 -4.33 31.53 -109.53
CA GLU E 526 -4.99 32.79 -109.87
C GLU E 526 -4.13 33.67 -110.76
N TYR E 527 -2.84 33.80 -110.43
CA TYR E 527 -1.89 34.55 -111.25
C TYR E 527 -0.73 33.65 -111.61
N GLY E 528 -0.14 33.88 -112.78
CA GLY E 528 0.95 33.07 -113.26
C GLY E 528 2.27 33.41 -112.61
N PHE E 529 3.36 32.98 -113.22
CA PHE E 529 4.69 33.21 -112.67
C PHE E 529 5.72 33.10 -113.80
N LYS E 530 6.99 33.26 -113.44
CA LYS E 530 8.08 33.14 -114.40
C LYS E 530 8.02 31.78 -115.11
N HIS E 531 7.72 30.73 -114.35
CA HIS E 531 7.54 29.41 -114.96
C HIS E 531 6.39 29.43 -115.96
N GLU E 532 5.38 30.25 -115.73
CA GLU E 532 4.22 30.25 -116.62
C GLU E 532 4.53 30.96 -117.93
N ILE E 533 5.28 32.06 -117.88
CA ILE E 533 5.72 32.65 -119.14
C ILE E 533 6.63 31.67 -119.88
N PHE E 534 7.57 31.05 -119.17
CA PHE E 534 8.58 30.28 -119.87
C PHE E 534 8.17 28.85 -120.19
N GLN E 535 6.96 28.42 -119.82
CA GLN E 535 6.49 27.11 -120.21
C GLN E 535 6.28 27.05 -121.73
N THR E 536 6.45 25.85 -122.29
CA THR E 536 6.31 25.61 -123.72
C THR E 536 5.10 24.77 -124.08
N SER E 537 4.68 23.86 -123.22
CA SER E 537 3.47 23.09 -123.48
C SER E 537 2.26 24.01 -123.38
N ALA E 538 1.41 23.99 -124.40
CA ALA E 538 0.26 24.89 -124.49
C ALA E 538 -0.95 24.34 -123.71
N ASP E 539 -0.71 23.95 -122.47
CA ASP E 539 -1.75 23.68 -121.48
C ASP E 539 -1.50 24.44 -120.20
N LYS E 540 -0.23 24.56 -119.80
CA LYS E 540 0.19 25.42 -118.70
C LYS E 540 0.84 26.71 -119.18
N ALA E 541 1.35 26.74 -120.42
CA ALA E 541 1.86 27.99 -120.97
C ALA E 541 0.72 28.95 -121.31
N ILE E 542 -0.33 28.43 -121.94
CA ILE E 542 -1.52 29.21 -122.23
C ILE E 542 -2.50 28.95 -121.08
N LYS E 543 -2.65 29.94 -120.20
CA LYS E 543 -3.63 29.91 -119.13
C LYS E 543 -4.40 31.21 -119.14
N TRP E 544 -5.71 31.12 -119.20
CA TRP E 544 -6.60 32.28 -119.25
C TRP E 544 -7.38 32.36 -117.95
N ALA E 545 -7.39 33.53 -117.32
CA ALA E 545 -8.18 33.71 -116.12
C ALA E 545 -9.67 33.62 -116.47
N PRO E 546 -10.51 33.22 -115.51
CA PRO E 546 -11.94 33.14 -115.82
C PRO E 546 -12.51 34.48 -116.21
N ASP E 547 -13.25 34.50 -117.31
CA ASP E 547 -14.05 35.65 -117.76
C ASP E 547 -15.50 35.27 -117.47
N TRP E 548 -16.01 35.72 -116.34
CA TRP E 548 -17.31 35.26 -115.87
C TRP E 548 -18.42 35.58 -116.86
N LEU E 549 -18.35 36.75 -117.51
CA LEU E 549 -19.37 37.09 -118.50
C LEU E 549 -19.43 36.06 -119.62
N LYS E 550 -18.28 35.51 -120.01
CA LYS E 550 -18.23 34.58 -121.13
C LYS E 550 -18.51 33.15 -120.70
N GLU E 551 -17.85 32.70 -119.63
CA GLU E 551 -17.95 31.29 -119.21
C GLU E 551 -19.17 31.01 -118.35
N LEU E 552 -19.87 32.04 -117.85
CA LEU E 552 -21.11 31.86 -117.11
C LEU E 552 -22.23 32.69 -117.73
N ARG E 553 -22.17 32.89 -119.04
CA ARG E 553 -23.22 33.61 -119.74
C ARG E 553 -24.54 32.84 -119.58
N PRO E 554 -25.67 33.53 -119.33
CA PRO E 554 -26.95 32.82 -119.39
C PRO E 554 -27.35 32.55 -120.83
N THR E 555 -27.28 31.28 -121.24
CA THR E 555 -27.55 30.89 -122.61
C THR E 555 -28.98 30.42 -122.74
N LEU E 556 -29.42 30.22 -123.98
CA LEU E 556 -30.72 29.59 -124.26
C LEU E 556 -30.50 28.27 -124.97
N VAL E 557 -31.45 27.36 -124.78
CA VAL E 557 -31.43 26.05 -125.43
C VAL E 557 -32.87 25.65 -125.68
N LYS E 558 -33.06 24.68 -126.59
CA LYS E 558 -34.38 24.18 -126.92
C LYS E 558 -34.40 22.66 -126.82
N ASN E 559 -35.57 22.14 -126.46
CA ASN E 559 -35.78 20.70 -126.32
C ASN E 559 -36.31 20.13 -127.65
N SER E 560 -36.42 18.80 -127.71
CA SER E 560 -37.02 18.17 -128.87
C SER E 560 -38.48 18.60 -129.04
N GLU E 561 -39.20 18.71 -127.92
CA GLU E 561 -40.58 19.19 -127.96
C GLU E 561 -40.68 20.65 -128.36
N GLY E 562 -39.58 21.39 -128.38
CA GLY E 562 -39.57 22.79 -128.76
C GLY E 562 -39.56 23.76 -127.59
N LYS E 563 -39.70 23.27 -126.37
CA LYS E 563 -39.69 24.15 -125.20
C LYS E 563 -38.33 24.81 -125.06
N ILE E 564 -38.33 26.10 -124.75
CA ILE E 564 -37.12 26.88 -124.59
C ILE E 564 -36.75 26.92 -123.11
N TYR E 565 -35.48 26.63 -122.82
CA TYR E 565 -34.94 26.62 -121.47
C TYR E 565 -33.74 27.56 -121.41
N VAL E 566 -33.45 28.04 -120.20
CA VAL E 566 -32.32 28.93 -119.95
C VAL E 566 -31.15 28.07 -119.48
N LYS E 567 -30.20 27.82 -120.37
CA LYS E 567 -29.05 26.98 -120.08
C LYS E 567 -28.07 27.75 -119.21
N THR E 568 -27.88 27.28 -117.98
CA THR E 568 -26.87 27.77 -117.05
C THR E 568 -26.28 26.58 -116.30
N LYS E 569 -25.29 26.87 -115.46
CA LYS E 569 -24.68 25.82 -114.64
C LYS E 569 -25.68 25.17 -113.69
N PHE E 570 -26.77 25.86 -113.37
CA PHE E 570 -27.83 25.35 -112.50
C PHE E 570 -28.94 24.66 -113.27
N SER E 571 -29.40 25.26 -114.37
CA SER E 571 -30.44 24.64 -115.17
C SER E 571 -29.95 23.36 -115.84
N GLN E 572 -28.65 23.27 -116.15
CA GLN E 572 -28.14 22.09 -116.83
C GLN E 572 -28.25 20.86 -115.93
N LEU E 573 -27.96 21.01 -114.63
CA LEU E 573 -28.07 19.87 -113.73
C LEU E 573 -29.52 19.45 -113.53
N LEU E 574 -30.40 20.41 -113.29
CA LEU E 574 -31.80 20.08 -112.99
C LEU E 574 -32.55 19.58 -114.22
N GLY E 575 -32.15 20.00 -115.41
CA GLY E 575 -32.92 19.70 -116.60
C GLY E 575 -34.19 20.50 -116.74
N ARG E 576 -34.38 21.53 -115.91
CA ARG E 576 -35.55 22.39 -115.98
C ARG E 576 -35.09 23.82 -115.73
N ALA E 577 -36.04 24.74 -115.63
CA ALA E 577 -35.71 26.16 -115.55
C ALA E 577 -34.91 26.45 -114.28
N PRO E 578 -34.00 27.48 -114.30
CA PRO E 578 -33.19 27.80 -113.12
C PRO E 578 -33.92 28.74 -112.16
N LEU E 579 -35.18 28.44 -111.87
CA LEU E 579 -36.04 29.29 -111.05
C LEU E 579 -36.73 28.38 -110.03
N MET E 580 -36.17 28.33 -108.83
CA MET E 580 -36.61 27.40 -107.79
C MET E 580 -37.47 28.10 -106.76
N VAL E 581 -38.18 27.29 -105.98
CA VAL E 581 -38.94 27.74 -104.82
C VAL E 581 -38.24 27.18 -103.59
N ALA E 582 -37.72 28.07 -102.75
CA ALA E 582 -36.90 27.65 -101.63
C ALA E 582 -37.77 27.06 -100.52
N GLY E 583 -37.11 26.37 -99.58
CA GLY E 583 -37.84 25.72 -98.51
C GLY E 583 -38.46 26.73 -97.56
N MET E 584 -39.66 26.40 -97.10
CA MET E 584 -40.44 27.31 -96.26
C MET E 584 -41.22 26.48 -95.26
N THR E 585 -40.92 26.66 -93.97
CA THR E 585 -41.65 25.91 -92.94
C THR E 585 -43.15 26.21 -92.97
N PRO E 586 -43.60 27.46 -93.03
CA PRO E 586 -45.06 27.68 -93.12
C PRO E 586 -45.62 27.43 -94.50
N THR E 587 -44.92 27.94 -95.53
CA THR E 587 -45.50 28.01 -96.86
C THR E 587 -45.27 26.75 -97.70
N THR E 588 -44.16 26.05 -97.46
CA THR E 588 -43.78 24.92 -98.32
C THR E 588 -43.72 23.66 -97.46
N VAL E 589 -44.77 23.46 -96.65
CA VAL E 589 -45.02 22.18 -95.99
C VAL E 589 -46.26 21.50 -96.54
N ASN E 590 -47.03 22.16 -97.40
CA ASN E 590 -48.22 21.55 -97.95
C ASN E 590 -47.83 20.58 -99.04
N THR E 591 -48.56 19.46 -99.10
CA THR E 591 -48.32 18.51 -100.18
C THR E 591 -48.66 19.12 -101.53
N ASP E 592 -49.75 19.88 -101.60
CA ASP E 592 -50.21 20.40 -102.89
C ASP E 592 -49.26 21.46 -103.45
N ILE E 593 -48.77 22.37 -102.60
CA ILE E 593 -47.90 23.42 -103.13
C ILE E 593 -46.64 22.82 -103.71
N VAL E 594 -46.06 21.82 -103.05
CA VAL E 594 -44.87 21.17 -103.61
C VAL E 594 -45.22 20.40 -104.87
N SER E 595 -46.30 19.60 -104.84
CA SER E 595 -46.61 18.73 -105.95
C SER E 595 -46.92 19.53 -107.22
N ALA E 596 -47.80 20.53 -107.10
CA ALA E 596 -48.23 21.28 -108.27
C ALA E 596 -47.14 22.24 -108.74
N SER E 597 -46.40 22.83 -107.82
CA SER E 597 -45.26 23.66 -108.22
C SER E 597 -44.23 22.84 -108.99
N LEU E 598 -44.01 21.60 -108.56
CA LEU E 598 -43.12 20.70 -109.28
C LEU E 598 -43.71 20.31 -110.63
N ASN E 599 -45.01 20.01 -110.67
CA ASN E 599 -45.65 19.64 -111.93
C ASN E 599 -45.59 20.77 -112.94
N ALA E 600 -45.56 22.01 -112.47
CA ALA E 600 -45.32 23.13 -113.36
C ALA E 600 -43.95 23.06 -114.02
N GLY E 601 -43.01 22.31 -113.44
CA GLY E 601 -41.70 22.11 -114.03
C GLY E 601 -40.63 22.96 -113.39
N TYR E 602 -40.76 23.21 -112.08
CA TYR E 602 -39.84 24.06 -111.35
C TYR E 602 -39.51 23.40 -110.02
N HIS E 603 -38.22 23.39 -109.68
CA HIS E 603 -37.77 22.65 -108.51
C HIS E 603 -38.24 23.34 -107.25
N ILE E 604 -38.86 22.57 -106.35
CA ILE E 604 -39.35 23.07 -105.07
C ILE E 604 -38.95 22.06 -104.00
N GLU E 605 -38.60 22.57 -102.83
CA GLU E 605 -38.06 21.75 -101.75
C GLU E 605 -39.00 21.78 -100.55
N LEU E 606 -39.68 20.64 -100.32
CA LEU E 606 -40.59 20.51 -99.20
C LEU E 606 -39.87 20.75 -97.88
N ALA E 607 -40.37 21.67 -97.08
CA ALA E 607 -39.76 21.98 -95.80
C ALA E 607 -40.17 20.95 -94.75
N GLY E 608 -39.22 20.57 -93.90
CA GLY E 608 -39.51 19.70 -92.79
C GLY E 608 -40.03 20.39 -91.55
N GLY E 609 -40.03 21.73 -91.54
CA GLY E 609 -40.34 22.44 -90.31
C GLY E 609 -41.74 22.16 -89.79
N GLY E 610 -42.68 21.96 -90.71
CA GLY E 610 -44.03 21.58 -90.33
C GLY E 610 -44.20 20.12 -90.00
N TYR E 611 -43.13 19.33 -90.11
CA TYR E 611 -43.15 17.91 -89.79
C TYR E 611 -42.22 17.66 -88.63
N PHE E 612 -42.74 17.02 -87.58
CA PHE E 612 -42.02 16.83 -86.33
C PHE E 612 -41.65 15.37 -86.08
N SER E 613 -41.90 14.47 -87.04
CA SER E 613 -41.46 13.10 -86.88
C SER E 613 -41.32 12.46 -88.26
N PRO E 614 -40.48 11.42 -88.40
CA PRO E 614 -40.33 10.79 -89.72
C PRO E 614 -41.64 10.27 -90.29
N VAL E 615 -42.63 9.87 -89.48
CA VAL E 615 -43.87 9.36 -90.05
C VAL E 615 -44.63 10.47 -90.79
N MET E 616 -44.67 11.67 -90.21
CA MET E 616 -45.33 12.78 -90.92
C MET E 616 -44.53 13.14 -92.16
N MET E 617 -43.21 13.19 -92.05
CA MET E 617 -42.40 13.54 -93.22
C MET E 617 -42.59 12.50 -94.33
N THR E 618 -42.62 11.22 -93.97
CA THR E 618 -42.80 10.16 -94.95
C THR E 618 -44.17 10.23 -95.59
N ARG E 619 -45.22 10.51 -94.80
CA ARG E 619 -46.55 10.63 -95.37
C ARG E 619 -46.61 11.78 -96.37
N ALA E 620 -46.02 12.92 -96.02
CA ALA E 620 -46.01 14.05 -96.95
C ALA E 620 -45.25 13.72 -98.23
N ILE E 621 -44.08 13.09 -98.08
CA ILE E 621 -43.29 12.74 -99.26
C ILE E 621 -44.05 11.74 -100.13
N ASP E 622 -44.71 10.76 -99.51
CA ASP E 622 -45.48 9.79 -100.27
C ASP E 622 -46.64 10.45 -101.01
N ASP E 623 -47.33 11.38 -100.35
CA ASP E 623 -48.44 12.07 -101.00
C ASP E 623 -47.96 12.87 -102.20
N ILE E 624 -46.85 13.59 -102.04
CA ILE E 624 -46.31 14.36 -103.16
C ILE E 624 -45.87 13.43 -104.28
N VAL E 625 -45.22 12.31 -103.93
CA VAL E 625 -44.76 11.38 -104.94
C VAL E 625 -45.93 10.80 -105.72
N SER E 626 -47.03 10.51 -105.02
CA SER E 626 -48.22 10.00 -105.70
C SER E 626 -48.85 11.06 -106.59
N ARG E 627 -48.84 12.32 -106.16
CA ARG E 627 -49.51 13.38 -106.89
C ARG E 627 -48.68 13.96 -108.03
N ILE E 628 -47.38 13.70 -108.08
CA ILE E 628 -46.55 14.15 -109.20
C ILE E 628 -46.49 13.04 -110.26
N LYS E 629 -46.15 13.38 -111.51
CA LYS E 629 -46.16 12.38 -112.71
C LYS E 629 -44.97 11.32 -112.65
N PRO E 630 -44.86 10.01 -113.37
CA PRO E 630 -43.44 9.56 -113.34
C PRO E 630 -42.39 10.55 -113.98
N GLY E 631 -41.12 10.18 -113.77
CA GLY E 631 -39.95 10.86 -114.34
C GLY E 631 -39.60 12.14 -113.64
N TYR E 632 -40.21 12.41 -112.48
CA TYR E 632 -40.12 13.68 -111.79
C TYR E 632 -39.26 13.54 -110.54
N GLY E 633 -38.93 14.69 -109.95
CA GLY E 633 -38.13 14.71 -108.74
C GLY E 633 -38.35 15.95 -107.89
N LEU E 634 -38.33 15.78 -106.57
CA LEU E 634 -38.51 16.86 -105.62
C LEU E 634 -37.28 16.98 -104.72
N GLY E 635 -37.32 18.00 -103.85
CA GLY E 635 -36.27 18.19 -102.88
C GLY E 635 -36.86 18.34 -101.48
N ILE E 636 -35.97 18.33 -100.49
CA ILE E 636 -36.34 18.49 -99.09
C ILE E 636 -35.47 19.57 -98.49
N ASN E 637 -36.03 20.32 -97.54
CA ASN E 637 -35.32 21.35 -96.80
C ASN E 637 -35.33 21.00 -95.32
N LEU E 638 -34.15 21.00 -94.72
CA LEU E 638 -33.94 20.71 -93.30
C LEU E 638 -33.24 21.89 -92.65
N ILE E 639 -33.58 22.16 -91.38
CA ILE E 639 -33.00 23.26 -90.63
C ILE E 639 -31.89 22.71 -89.76
N TYR E 640 -30.73 23.37 -89.80
CA TYR E 640 -29.57 22.92 -89.05
C TYR E 640 -29.55 23.40 -87.60
N VAL E 641 -30.40 24.36 -87.24
CA VAL E 641 -30.38 24.91 -85.89
C VAL E 641 -30.84 23.88 -84.87
N ASN E 642 -31.83 23.06 -85.23
CA ASN E 642 -32.40 22.09 -84.31
C ASN E 642 -31.81 20.71 -84.58
N PRO E 643 -31.02 20.16 -83.65
CA PRO E 643 -30.43 18.84 -83.90
C PRO E 643 -31.45 17.72 -84.02
N PHE E 644 -32.63 17.87 -83.41
CA PHE E 644 -33.66 16.84 -83.54
C PHE E 644 -34.10 16.68 -84.99
N MET E 645 -34.28 17.80 -85.69
CA MET E 645 -34.67 17.73 -87.09
C MET E 645 -33.66 16.94 -87.88
N LEU E 646 -32.37 17.22 -87.68
CA LEU E 646 -31.33 16.51 -88.41
C LEU E 646 -31.34 15.03 -88.06
N GLN E 647 -31.40 14.70 -86.77
CA GLN E 647 -31.23 13.32 -86.36
C GLN E 647 -32.41 12.45 -86.78
N TRP E 648 -33.61 13.03 -86.95
CA TRP E 648 -34.71 12.24 -87.49
C TRP E 648 -34.84 12.34 -89.01
N GLY E 649 -34.31 13.38 -89.64
CA GLY E 649 -34.51 13.57 -91.06
C GLY E 649 -33.44 12.97 -91.94
N ILE E 650 -32.17 13.06 -91.52
CA ILE E 650 -31.09 12.49 -92.33
C ILE E 650 -31.24 10.98 -92.46
N PRO E 651 -31.48 10.21 -91.39
CA PRO E 651 -31.74 8.78 -91.60
C PRO E 651 -32.95 8.51 -92.48
N LEU E 652 -33.99 9.34 -92.36
CA LEU E 652 -35.17 9.16 -93.20
C LEU E 652 -34.85 9.43 -94.66
N ILE E 653 -34.07 10.48 -94.94
CA ILE E 653 -33.70 10.78 -96.31
C ILE E 653 -32.85 9.65 -96.88
N LYS E 654 -31.92 9.13 -96.06
CA LYS E 654 -31.12 8.00 -96.52
C LYS E 654 -31.98 6.78 -96.81
N ASP E 655 -32.95 6.50 -95.95
CA ASP E 655 -33.85 5.37 -96.17
C ASP E 655 -34.67 5.55 -97.44
N LEU E 656 -35.22 6.74 -97.65
CA LEU E 656 -36.04 6.98 -98.84
C LEU E 656 -35.19 6.93 -100.10
N ARG E 657 -33.93 7.36 -100.01
CA ARG E 657 -33.05 7.29 -101.17
C ARG E 657 -32.68 5.84 -101.49
N GLU E 658 -32.40 5.03 -100.46
CA GLU E 658 -32.10 3.62 -100.74
C GLU E 658 -33.34 2.90 -101.27
N LYS E 659 -34.53 3.35 -100.87
CA LYS E 659 -35.75 2.86 -101.50
C LYS E 659 -35.81 3.29 -102.96
N GLY E 660 -35.40 4.53 -103.26
CA GLY E 660 -35.37 5.04 -104.62
C GLY E 660 -36.37 6.15 -104.87
N TYR E 661 -36.69 6.91 -103.82
CA TYR E 661 -37.69 7.95 -103.96
C TYR E 661 -37.17 9.10 -104.81
N PRO E 662 -38.06 9.96 -105.33
CA PRO E 662 -37.60 11.04 -106.22
C PRO E 662 -36.94 12.22 -105.52
N ILE E 663 -36.58 12.05 -104.24
CA ILE E 663 -35.86 13.11 -103.53
C ILE E 663 -34.55 13.39 -104.27
N GLN E 664 -34.40 14.63 -104.72
CA GLN E 664 -33.28 15.06 -105.53
C GLN E 664 -32.29 15.93 -104.78
N SER E 665 -32.76 16.76 -103.85
CA SER E 665 -31.93 17.76 -103.20
C SER E 665 -32.23 17.77 -101.70
N LEU E 666 -31.20 18.12 -100.93
CA LEU E 666 -31.32 18.39 -99.49
C LEU E 666 -30.78 19.80 -99.29
N THR E 667 -31.64 20.72 -98.88
CA THR E 667 -31.25 22.11 -98.63
C THR E 667 -31.14 22.30 -97.13
N ILE E 668 -29.91 22.56 -96.66
CA ILE E 668 -29.69 22.82 -95.24
C ILE E 668 -29.82 24.32 -95.01
N GLY E 669 -30.69 24.69 -94.07
CA GLY E 669 -31.07 26.08 -93.90
C GLY E 669 -30.04 26.90 -93.16
N ALA E 670 -30.50 27.74 -92.24
CA ALA E 670 -29.59 28.61 -91.50
C ALA E 670 -28.57 27.78 -90.74
N GLY E 671 -27.30 27.92 -91.12
CA GLY E 671 -26.22 27.18 -90.50
C GLY E 671 -25.62 26.14 -91.42
N VAL E 672 -24.46 26.44 -91.98
CA VAL E 672 -23.77 25.47 -92.85
C VAL E 672 -23.16 24.37 -91.98
N PRO E 673 -23.33 23.08 -92.32
CA PRO E 673 -22.76 22.04 -91.45
C PRO E 673 -21.25 21.99 -91.48
N SER E 674 -20.67 21.16 -90.61
CA SER E 674 -19.23 20.94 -90.59
C SER E 674 -18.81 20.09 -91.79
N ILE E 675 -17.50 19.94 -91.97
CA ILE E 675 -16.99 19.19 -93.10
C ILE E 675 -17.41 17.72 -92.99
N GLU E 676 -17.35 17.15 -91.78
CA GLU E 676 -17.77 15.77 -91.60
C GLU E 676 -19.25 15.58 -91.92
N VAL E 677 -20.08 16.51 -91.47
CA VAL E 677 -21.51 16.42 -91.72
C VAL E 677 -21.80 16.53 -93.21
N ALA E 678 -21.14 17.47 -93.90
CA ALA E 678 -21.32 17.58 -95.34
C ALA E 678 -20.81 16.33 -96.05
N THR E 679 -19.72 15.75 -95.57
CA THR E 679 -19.17 14.54 -96.16
C THR E 679 -20.15 13.39 -96.09
N GLU E 680 -20.71 13.15 -94.89
CA GLU E 680 -21.68 12.06 -94.78
C GLU E 680 -22.96 12.35 -95.54
N TYR E 681 -23.40 13.61 -95.59
CA TYR E 681 -24.59 13.96 -96.37
C TYR E 681 -24.35 13.78 -97.86
N ILE E 682 -23.11 13.95 -98.33
CA ILE E 682 -22.83 13.85 -99.75
C ILE E 682 -22.66 12.39 -100.16
N GLU E 683 -22.03 11.57 -99.32
CA GLU E 683 -21.78 10.19 -99.70
C GLU E 683 -22.94 9.26 -99.33
N ASP E 684 -23.41 9.28 -98.09
CA ASP E 684 -24.32 8.25 -97.61
C ASP E 684 -25.64 8.29 -98.35
N LEU E 685 -26.27 9.47 -98.44
CA LEU E 685 -27.55 9.62 -99.11
C LEU E 685 -27.31 10.13 -100.52
N GLY E 686 -27.79 9.39 -101.52
CA GLY E 686 -27.49 9.67 -102.91
C GLY E 686 -28.34 10.76 -103.53
N LEU E 687 -28.05 12.01 -103.20
CA LEU E 687 -28.70 13.15 -103.81
C LEU E 687 -27.93 13.60 -105.06
N THR E 688 -28.64 14.31 -105.94
CA THR E 688 -27.98 14.89 -107.10
C THR E 688 -27.16 16.12 -106.71
N HIS E 689 -27.71 16.98 -105.84
CA HIS E 689 -26.99 18.14 -105.37
C HIS E 689 -27.44 18.46 -103.95
N LEU E 690 -26.65 19.28 -103.28
CA LEU E 690 -26.85 19.62 -101.86
C LEU E 690 -27.00 21.13 -101.74
N GLY E 691 -28.24 21.59 -101.52
CA GLY E 691 -28.48 22.99 -101.25
C GLY E 691 -27.82 23.39 -99.95
N LEU E 692 -26.98 24.41 -99.98
CA LEU E 692 -26.16 24.75 -98.82
C LEU E 692 -26.17 26.26 -98.57
N LYS E 693 -27.37 26.85 -98.53
CA LYS E 693 -27.58 28.28 -98.34
C LYS E 693 -26.80 28.82 -97.14
N PRO E 694 -25.73 29.62 -97.36
CA PRO E 694 -25.09 30.30 -96.24
C PRO E 694 -25.70 31.66 -95.99
N GLY E 695 -25.31 32.31 -94.90
CA GLY E 695 -25.85 33.61 -94.55
C GLY E 695 -24.79 34.61 -94.13
N SER E 696 -23.52 34.33 -94.46
CA SER E 696 -22.43 35.21 -94.10
C SER E 696 -21.22 34.85 -94.94
N VAL E 697 -20.21 35.72 -94.88
CA VAL E 697 -18.96 35.48 -95.61
C VAL E 697 -18.29 34.21 -95.09
N ASP E 698 -18.25 34.04 -93.77
CA ASP E 698 -17.68 32.84 -93.19
C ASP E 698 -18.46 31.60 -93.62
N ALA E 699 -19.78 31.69 -93.65
CA ALA E 699 -20.60 30.56 -94.08
C ALA E 699 -20.33 30.20 -95.53
N ILE E 700 -20.17 31.21 -96.39
CA ILE E 700 -19.80 30.95 -97.78
C ILE E 700 -18.43 30.27 -97.83
N SER E 701 -17.52 30.66 -96.94
CA SER E 701 -16.21 30.02 -96.90
C SER E 701 -16.33 28.54 -96.53
N GLN E 702 -17.21 28.22 -95.58
CA GLN E 702 -17.41 26.81 -95.24
C GLN E 702 -18.00 26.05 -96.42
N VAL E 703 -18.94 26.66 -97.14
CA VAL E 703 -19.50 25.99 -98.32
C VAL E 703 -18.41 25.74 -99.36
N ILE E 704 -17.54 26.73 -99.56
CA ILE E 704 -16.44 26.56 -100.51
C ILE E 704 -15.52 25.43 -100.07
N ALA E 705 -15.23 25.35 -98.76
CA ALA E 705 -14.38 24.28 -98.26
C ALA E 705 -15.03 22.92 -98.49
N ILE E 706 -16.34 22.82 -98.28
CA ILE E 706 -17.06 21.57 -98.53
C ILE E 706 -16.97 21.20 -100.01
N ALA E 707 -17.14 22.18 -100.89
CA ALA E 707 -17.06 21.92 -102.32
C ALA E 707 -15.65 21.48 -102.72
N LYS E 708 -14.62 22.06 -102.11
CA LYS E 708 -13.26 21.59 -102.35
C LYS E 708 -13.11 20.14 -101.88
N ALA E 709 -13.68 19.81 -100.73
CA ALA E 709 -13.62 18.44 -100.24
C ALA E 709 -14.30 17.48 -101.20
N HIS E 710 -15.33 17.94 -101.91
CA HIS E 710 -16.07 17.14 -102.88
C HIS E 710 -16.10 17.85 -104.23
N PRO E 711 -14.98 17.84 -104.96
CA PRO E 711 -14.92 18.63 -106.20
C PRO E 711 -15.88 18.17 -107.28
N THR E 712 -16.38 16.94 -107.21
CA THR E 712 -17.24 16.39 -108.25
C THR E 712 -18.72 16.44 -107.91
N PHE E 713 -19.08 16.49 -106.63
CA PHE E 713 -20.48 16.50 -106.24
C PHE E 713 -21.07 17.90 -106.43
N PRO E 714 -22.13 18.08 -107.22
CA PRO E 714 -22.69 19.42 -107.37
C PRO E 714 -23.21 19.96 -106.04
N ILE E 715 -22.97 21.24 -105.82
CA ILE E 715 -23.42 21.92 -104.60
C ILE E 715 -24.02 23.26 -104.98
N VAL E 716 -25.34 23.34 -104.99
CA VAL E 716 -26.02 24.61 -105.22
C VAL E 716 -26.00 25.41 -103.90
N LEU E 717 -25.58 26.66 -104.00
CA LEU E 717 -25.38 27.50 -102.83
C LEU E 717 -26.72 27.95 -102.27
N GLN E 718 -27.49 28.71 -103.05
CA GLN E 718 -28.74 29.33 -102.60
C GLN E 718 -28.46 30.40 -101.55
N TRP E 719 -27.48 31.26 -101.83
CA TRP E 719 -27.10 32.25 -100.85
C TRP E 719 -28.12 33.37 -100.80
N THR E 720 -28.51 33.74 -99.59
CA THR E 720 -29.56 34.72 -99.34
C THR E 720 -28.97 35.88 -98.54
N GLY E 721 -29.20 37.10 -99.02
CA GLY E 721 -28.65 38.27 -98.37
C GLY E 721 -29.32 38.63 -97.07
N GLY E 722 -30.45 38.02 -96.75
CA GLY E 722 -31.20 38.36 -95.57
C GLY E 722 -32.06 39.59 -95.71
N ARG E 723 -32.14 40.18 -96.91
CA ARG E 723 -32.99 41.35 -97.10
C ARG E 723 -34.46 40.97 -97.17
N GLY E 724 -34.75 39.75 -97.62
CA GLY E 724 -36.11 39.24 -97.61
C GLY E 724 -36.12 37.80 -97.18
N GLY E 725 -37.27 37.37 -96.65
CA GLY E 725 -37.46 36.01 -96.25
C GLY E 725 -38.22 35.95 -94.95
N GLY E 726 -37.99 34.86 -94.22
CA GLY E 726 -38.46 34.72 -92.86
C GLY E 726 -37.31 34.93 -91.90
N HIS E 727 -36.74 33.84 -91.39
N HIS E 727 -36.74 33.84 -91.39
CA HIS E 727 -35.51 33.93 -90.61
CA HIS E 727 -35.51 33.93 -90.61
C HIS E 727 -34.38 34.40 -91.52
C HIS E 727 -34.38 34.41 -91.53
N HIS E 728 -33.96 35.65 -91.35
CA HIS E 728 -32.95 36.28 -92.21
C HIS E 728 -31.66 36.44 -91.44
N SER E 729 -30.59 35.83 -91.94
CA SER E 729 -29.24 36.10 -91.45
C SER E 729 -28.82 37.44 -92.05
N PHE E 730 -29.19 38.51 -91.33
CA PHE E 730 -29.15 39.86 -91.88
C PHE E 730 -27.76 40.21 -92.41
N GLU E 731 -27.69 40.39 -93.72
CA GLU E 731 -26.50 40.87 -94.39
C GLU E 731 -26.97 41.73 -95.56
N ASP E 732 -26.03 42.21 -96.35
CA ASP E 732 -26.35 42.84 -97.63
C ASP E 732 -26.40 41.75 -98.69
N PHE E 733 -27.28 41.93 -99.67
CA PHE E 733 -27.37 40.95 -100.75
C PHE E 733 -26.22 41.07 -101.76
N HIS E 734 -25.46 42.16 -101.70
CA HIS E 734 -24.50 42.49 -102.75
C HIS E 734 -23.05 42.34 -102.30
N GLN E 735 -22.68 42.95 -101.18
CA GLN E 735 -21.26 43.00 -100.81
C GLN E 735 -20.67 41.62 -100.55
N PRO E 736 -21.28 40.75 -99.73
CA PRO E 736 -20.67 39.43 -99.51
C PRO E 736 -20.50 38.63 -100.79
N ILE E 737 -21.53 38.64 -101.65
CA ILE E 737 -21.44 37.96 -102.95
C ILE E 737 -20.69 38.79 -103.97
N ILE E 738 -20.29 40.02 -103.64
CA ILE E 738 -19.34 40.78 -104.45
C ILE E 738 -17.91 40.35 -104.15
N GLN E 739 -17.59 40.16 -102.87
CA GLN E 739 -16.22 39.83 -102.49
C GLN E 739 -15.94 38.34 -102.43
N MET E 740 -16.97 37.48 -102.49
CA MET E 740 -16.76 36.03 -102.47
C MET E 740 -17.07 35.35 -103.80
N TYR E 741 -17.57 36.09 -104.80
CA TYR E 741 -17.85 35.48 -106.10
C TYR E 741 -16.58 34.90 -106.72
N SER E 742 -15.47 35.64 -106.65
CA SER E 742 -14.21 35.13 -107.18
C SER E 742 -13.82 33.83 -106.50
N LYS E 743 -13.95 33.78 -105.17
CA LYS E 743 -13.65 32.57 -104.41
C LYS E 743 -14.73 31.50 -104.57
N ILE E 744 -15.94 31.88 -104.96
CA ILE E 744 -17.00 30.92 -105.22
C ILE E 744 -16.77 30.18 -106.53
N ARG E 745 -16.35 30.89 -107.58
CA ARG E 745 -16.24 30.31 -108.90
C ARG E 745 -14.93 29.57 -109.14
N ARG E 746 -14.03 29.53 -108.15
CA ARG E 746 -12.85 28.68 -108.24
C ARG E 746 -13.21 27.28 -107.73
N CYS E 747 -14.31 26.73 -108.23
CA CYS E 747 -14.84 25.46 -107.75
C CYS E 747 -15.75 24.92 -108.84
N SER E 748 -15.35 23.84 -109.49
CA SER E 748 -16.07 23.34 -110.65
C SER E 748 -17.49 22.89 -110.31
N ASN E 749 -17.76 22.54 -109.04
CA ASN E 749 -19.05 21.98 -108.66
C ASN E 749 -19.95 22.93 -107.89
N ILE E 750 -19.45 24.10 -107.49
CA ILE E 750 -20.33 25.07 -106.84
C ILE E 750 -21.22 25.71 -107.90
N VAL E 751 -22.52 25.67 -107.66
CA VAL E 751 -23.53 26.32 -108.49
C VAL E 751 -24.07 27.50 -107.70
N LEU E 752 -24.13 28.66 -108.33
CA LEU E 752 -24.40 29.91 -107.64
C LEU E 752 -25.82 30.38 -107.97
N VAL E 753 -26.71 30.27 -106.99
CA VAL E 753 -28.06 30.82 -107.08
C VAL E 753 -28.31 31.64 -105.82
N ALA E 754 -29.17 32.66 -105.94
CA ALA E 754 -29.42 33.58 -104.85
C ALA E 754 -30.82 34.16 -104.97
N GLY E 755 -31.47 34.33 -103.82
CA GLY E 755 -32.81 34.91 -103.76
C GLY E 755 -32.84 36.23 -103.03
N SER E 756 -33.49 36.24 -101.86
CA SER E 756 -33.53 37.39 -100.97
C SER E 756 -34.09 38.63 -101.67
N GLY E 757 -35.37 38.55 -102.01
CA GLY E 757 -36.08 39.72 -102.50
C GLY E 757 -36.19 39.77 -104.01
N PHE E 758 -36.47 38.63 -104.63
CA PHE E 758 -36.68 38.53 -106.07
C PHE E 758 -38.11 38.10 -106.32
N GLY E 759 -38.79 38.78 -107.23
CA GLY E 759 -40.16 38.43 -107.58
C GLY E 759 -40.52 38.62 -109.03
N SER E 760 -39.59 39.04 -109.88
CA SER E 760 -39.95 39.31 -111.27
C SER E 760 -38.72 39.25 -112.17
N ASP E 761 -38.99 39.05 -113.46
CA ASP E 761 -37.94 39.04 -114.47
C ASP E 761 -37.16 40.35 -114.49
N GLU E 762 -37.85 41.48 -114.26
CA GLU E 762 -37.17 42.77 -114.32
C GLU E 762 -36.05 42.85 -113.29
N ASP E 763 -36.29 42.38 -112.08
CA ASP E 763 -35.31 42.45 -111.00
C ASP E 763 -34.41 41.22 -110.93
N THR E 764 -34.70 40.16 -111.69
CA THR E 764 -33.85 38.97 -111.70
C THR E 764 -32.93 38.86 -112.91
N TYR E 765 -33.30 39.44 -114.04
CA TYR E 765 -32.46 39.35 -115.24
C TYR E 765 -31.08 39.99 -115.06
N PRO E 766 -30.95 41.17 -114.43
CA PRO E 766 -29.59 41.71 -114.23
C PRO E 766 -28.69 40.77 -113.46
N TYR E 767 -29.24 40.04 -112.49
CA TYR E 767 -28.43 39.08 -111.73
C TYR E 767 -28.11 37.85 -112.57
N LEU E 768 -29.05 37.42 -113.40
CA LEU E 768 -28.81 36.29 -114.28
C LEU E 768 -27.70 36.59 -115.28
N SER E 769 -27.72 37.79 -115.85
CA SER E 769 -26.74 38.18 -116.87
C SER E 769 -25.48 38.81 -116.30
N GLY E 770 -25.44 39.09 -114.99
CA GLY E 770 -24.27 39.66 -114.37
C GLY E 770 -24.15 41.16 -114.47
N TYR E 771 -25.11 41.84 -115.10
CA TYR E 771 -25.07 43.30 -115.20
C TYR E 771 -25.27 43.99 -113.85
N TRP E 772 -25.69 43.25 -112.82
CA TRP E 772 -25.93 43.86 -111.51
C TRP E 772 -24.65 44.44 -110.91
N SER E 773 -23.49 43.94 -111.32
CA SER E 773 -22.22 44.39 -110.76
C SER E 773 -21.64 45.61 -111.48
N GLU E 774 -22.26 46.04 -112.59
CA GLU E 774 -21.77 47.24 -113.26
C GLU E 774 -21.90 48.46 -112.36
N LYS E 775 -22.97 48.53 -111.57
CA LYS E 775 -23.13 49.63 -110.62
C LYS E 775 -22.02 49.63 -109.57
N PHE E 776 -21.51 48.46 -109.21
CA PHE E 776 -20.42 48.34 -108.24
C PHE E 776 -19.04 48.40 -108.89
N ASN E 777 -18.98 48.46 -110.22
CA ASN E 777 -17.71 48.61 -110.93
C ASN E 777 -16.84 47.37 -110.79
N TYR E 778 -17.50 46.22 -110.66
CA TYR E 778 -16.87 44.91 -110.69
C TYR E 778 -17.13 44.29 -112.05
N PRO E 779 -16.39 43.24 -112.42
CA PRO E 779 -16.70 42.55 -113.67
C PRO E 779 -18.08 41.95 -113.59
N PRO E 780 -18.77 41.80 -114.75
CA PRO E 780 -20.09 41.19 -114.72
C PRO E 780 -20.08 39.83 -114.03
N MET E 781 -21.12 39.57 -113.25
CA MET E 781 -21.15 38.48 -112.27
C MET E 781 -22.44 37.67 -112.46
N PRO E 782 -22.51 36.85 -113.51
CA PRO E 782 -23.76 36.12 -113.75
C PRO E 782 -24.08 35.12 -112.64
N PHE E 783 -25.37 34.92 -112.42
CA PHE E 783 -25.88 33.98 -111.42
C PHE E 783 -26.56 32.83 -112.13
N ASP E 784 -26.31 31.61 -111.66
CA ASP E 784 -26.86 30.43 -112.31
C ASP E 784 -28.38 30.36 -112.18
N GLY E 785 -28.91 30.77 -111.03
CA GLY E 785 -30.35 30.72 -110.83
C GLY E 785 -30.76 31.69 -109.74
N VAL E 786 -32.06 31.70 -109.45
CA VAL E 786 -32.63 32.57 -108.44
C VAL E 786 -33.79 31.84 -107.76
N LEU E 787 -33.89 31.99 -106.45
CA LEU E 787 -34.96 31.39 -105.65
C LEU E 787 -35.93 32.45 -105.22
N PHE E 788 -37.23 32.12 -105.27
CA PHE E 788 -38.31 33.05 -104.97
C PHE E 788 -39.10 32.49 -103.79
N GLY E 789 -38.93 33.10 -102.62
CA GLY E 789 -39.62 32.65 -101.43
C GLY E 789 -40.88 33.43 -101.12
N SER E 790 -40.80 34.75 -101.08
CA SER E 790 -41.94 35.56 -100.69
C SER E 790 -42.88 35.89 -101.84
N ARG E 791 -42.46 35.68 -103.10
CA ARG E 791 -43.29 35.97 -104.25
C ARG E 791 -44.33 34.89 -104.51
N VAL E 792 -44.14 33.68 -103.98
CA VAL E 792 -44.98 32.53 -104.30
C VAL E 792 -46.06 32.30 -103.25
N MET E 793 -46.17 33.18 -102.25
CA MET E 793 -47.20 33.00 -101.23
C MET E 793 -48.59 33.17 -101.80
N THR E 794 -48.79 34.16 -102.65
CA THR E 794 -50.10 34.43 -103.23
C THR E 794 -50.50 33.38 -104.25
N SER E 795 -49.62 32.43 -104.57
CA SER E 795 -49.93 31.42 -105.56
C SER E 795 -51.16 30.63 -105.15
N LYS E 796 -52.00 30.29 -106.14
CA LYS E 796 -53.22 29.55 -105.87
C LYS E 796 -52.91 28.20 -105.24
N GLU E 797 -51.76 27.60 -105.58
CA GLU E 797 -51.43 26.28 -105.06
C GLU E 797 -51.13 26.32 -103.56
N SER E 798 -50.59 27.43 -103.08
CA SER E 798 -50.25 27.53 -101.67
C SER E 798 -51.51 27.50 -100.81
N HIS E 799 -51.46 26.75 -99.72
CA HIS E 799 -52.60 26.58 -98.84
C HIS E 799 -52.70 27.66 -97.77
N THR E 800 -51.85 28.68 -97.82
CA THR E 800 -51.99 29.80 -96.91
C THR E 800 -53.38 30.42 -97.07
N SER E 801 -53.94 30.88 -95.95
CA SER E 801 -55.33 31.32 -95.93
C SER E 801 -55.53 32.52 -96.85
N LEU E 802 -56.76 32.66 -97.36
CA LEU E 802 -57.04 33.70 -98.34
C LEU E 802 -56.91 35.09 -97.72
N ALA E 803 -57.33 35.25 -96.47
CA ALA E 803 -57.13 36.52 -95.78
C ALA E 803 -55.65 36.83 -95.61
N ALA E 804 -54.85 35.81 -95.30
CA ALA E 804 -53.40 36.00 -95.22
C ALA E 804 -52.83 36.42 -96.56
N LYS E 805 -53.31 35.82 -97.65
CA LYS E 805 -52.84 36.21 -98.98
C LYS E 805 -53.24 37.65 -99.30
N LYS E 806 -54.45 38.04 -98.94
CA LYS E 806 -54.88 39.42 -99.14
C LYS E 806 -53.98 40.38 -98.36
N LEU E 807 -53.65 40.03 -97.12
CA LEU E 807 -52.75 40.86 -96.32
C LEU E 807 -51.37 40.95 -96.97
N ILE E 808 -50.86 39.82 -97.45
CA ILE E 808 -49.56 39.80 -98.12
C ILE E 808 -49.58 40.75 -99.31
N VAL E 809 -50.62 40.66 -100.12
CA VAL E 809 -50.70 41.48 -101.33
C VAL E 809 -50.82 42.95 -100.98
N GLU E 810 -51.72 43.27 -100.03
CA GLU E 810 -51.97 44.67 -99.72
C GLU E 810 -50.78 45.32 -99.03
N CYS E 811 -49.93 44.54 -98.35
CA CYS E 811 -48.72 45.11 -97.79
C CYS E 811 -47.78 45.49 -98.93
N LYS E 812 -47.34 46.75 -98.93
CA LYS E 812 -46.49 47.26 -99.99
C LYS E 812 -45.06 46.75 -99.80
N GLY E 813 -44.18 47.15 -100.71
CA GLY E 813 -42.79 46.73 -100.69
C GLY E 813 -41.84 47.86 -100.40
N VAL E 814 -40.55 47.52 -100.46
CA VAL E 814 -39.47 48.41 -100.05
C VAL E 814 -38.30 48.23 -101.02
N PRO E 815 -37.85 49.28 -101.74
CA PRO E 815 -36.59 49.18 -102.46
C PRO E 815 -35.45 48.62 -101.61
N ASP E 816 -34.43 48.06 -102.26
CA ASP E 816 -33.39 47.33 -101.53
C ASP E 816 -32.68 48.23 -100.53
N GLN E 817 -32.40 49.48 -100.92
CA GLN E 817 -31.62 50.36 -100.05
C GLN E 817 -32.31 50.61 -98.72
N GLN E 818 -33.65 50.53 -98.67
CA GLN E 818 -34.42 50.87 -97.49
C GLN E 818 -34.85 49.66 -96.68
N TRP E 819 -34.41 48.45 -97.04
CA TRP E 819 -34.92 47.26 -96.36
C TRP E 819 -34.44 47.19 -94.92
N GLU E 820 -33.24 47.71 -94.66
CA GLU E 820 -32.55 47.44 -93.39
C GLU E 820 -33.03 48.31 -92.24
N GLN E 821 -33.85 49.32 -92.50
CA GLN E 821 -34.50 50.07 -91.43
C GLN E 821 -35.82 49.44 -91.00
N THR E 822 -36.02 48.16 -91.28
CA THR E 822 -37.21 47.44 -90.82
C THR E 822 -37.11 47.02 -89.36
N TYR E 823 -35.93 47.13 -88.76
CA TYR E 823 -35.79 46.84 -87.33
C TYR E 823 -36.50 47.87 -86.47
N LYS E 824 -36.73 49.08 -86.99
CA LYS E 824 -37.27 50.18 -86.19
C LYS E 824 -38.75 50.43 -86.45
N LYS E 825 -39.23 50.20 -87.66
CA LYS E 825 -40.62 50.49 -87.99
C LYS E 825 -41.04 49.58 -89.13
N PRO E 826 -42.34 49.53 -89.45
CA PRO E 826 -42.81 48.66 -90.54
C PRO E 826 -42.44 49.17 -91.93
N THR E 827 -41.23 48.84 -92.39
CA THR E 827 -40.85 49.15 -93.76
C THR E 827 -41.73 48.36 -94.73
N GLY E 828 -42.63 49.04 -95.42
CA GLY E 828 -43.54 48.35 -96.33
C GLY E 828 -44.42 47.33 -95.65
N GLY E 829 -44.76 47.56 -94.39
CA GLY E 829 -45.61 46.63 -93.66
C GLY E 829 -44.93 45.38 -93.18
N ILE E 830 -43.59 45.36 -93.12
CA ILE E 830 -42.84 44.21 -92.63
C ILE E 830 -41.80 44.71 -91.63
N ILE E 831 -41.67 43.99 -90.51
CA ILE E 831 -40.73 44.33 -89.45
C ILE E 831 -39.98 43.06 -89.05
N THR E 832 -38.83 43.27 -88.42
CA THR E 832 -38.01 42.19 -87.88
C THR E 832 -38.37 41.97 -86.42
N VAL E 833 -38.59 40.71 -86.05
CA VAL E 833 -38.91 40.34 -84.67
C VAL E 833 -37.94 39.28 -84.21
N ARG E 834 -37.66 39.29 -82.91
CA ARG E 834 -36.78 38.31 -82.30
C ARG E 834 -37.52 37.01 -82.08
N SER E 835 -36.87 35.89 -82.36
CA SER E 835 -37.45 34.57 -82.16
C SER E 835 -37.19 34.10 -80.74
N GLU E 836 -37.69 32.89 -80.45
CA GLU E 836 -37.42 32.29 -79.14
C GLU E 836 -35.94 32.05 -78.94
N MET E 837 -35.24 31.62 -79.99
CA MET E 837 -33.81 31.35 -79.93
C MET E 837 -32.96 32.58 -80.20
N GLY E 838 -33.58 33.75 -80.46
CA GLY E 838 -32.86 34.98 -80.66
C GLY E 838 -32.60 35.35 -82.11
N GLU E 839 -32.93 34.49 -83.07
CA GLU E 839 -32.72 34.81 -84.47
C GLU E 839 -33.73 35.85 -84.93
N PRO E 840 -33.38 36.76 -85.84
CA PRO E 840 -34.40 37.67 -86.37
C PRO E 840 -35.24 37.01 -87.45
N ILE E 841 -36.52 37.39 -87.48
CA ILE E 841 -37.48 36.89 -88.45
C ILE E 841 -38.16 38.09 -89.09
N HIS E 842 -38.21 38.11 -90.42
CA HIS E 842 -39.00 39.11 -91.12
C HIS E 842 -40.46 38.66 -91.12
N LYS E 843 -41.33 39.48 -90.55
CA LYS E 843 -42.75 39.16 -90.48
C LYS E 843 -43.56 40.39 -90.87
N ILE E 844 -44.69 40.16 -91.52
CA ILE E 844 -45.56 41.27 -91.90
C ILE E 844 -46.06 41.95 -90.64
N ALA E 845 -46.07 43.28 -90.65
CA ALA E 845 -46.39 44.05 -89.46
C ALA E 845 -47.88 43.98 -89.14
N THR E 846 -48.35 42.79 -88.77
CA THR E 846 -49.70 42.63 -88.28
C THR E 846 -49.79 43.13 -86.84
N ARG E 847 -51.01 43.14 -86.30
CA ARG E 847 -51.16 43.51 -84.90
C ARG E 847 -50.43 42.52 -83.99
N GLY E 848 -50.54 41.23 -84.29
CA GLY E 848 -49.81 40.23 -83.52
C GLY E 848 -48.30 40.38 -83.65
N VAL E 849 -47.82 40.66 -84.86
CA VAL E 849 -46.38 40.81 -85.07
C VAL E 849 -45.86 42.05 -84.36
N MET E 850 -46.65 43.13 -84.38
CA MET E 850 -46.23 44.35 -83.68
C MET E 850 -46.26 44.16 -82.18
N PHE E 851 -47.22 43.38 -81.67
CA PHE E 851 -47.20 43.00 -80.25
C PHE E 851 -45.97 42.16 -79.94
N TRP E 852 -45.61 41.25 -80.84
CA TRP E 852 -44.40 40.46 -80.67
C TRP E 852 -43.17 41.36 -80.58
N LYS E 853 -43.06 42.34 -81.49
CA LYS E 853 -41.92 43.24 -81.47
C LYS E 853 -41.90 44.09 -80.20
N GLU E 854 -43.07 44.58 -79.78
CA GLU E 854 -43.13 45.35 -78.54
C GLU E 854 -42.65 44.52 -77.36
N LEU E 855 -43.08 43.26 -77.28
CA LEU E 855 -42.69 42.40 -76.17
C LEU E 855 -41.21 42.04 -76.23
N ASP E 856 -40.69 41.72 -77.41
CA ASP E 856 -39.28 41.36 -77.48
C ASP E 856 -38.36 42.56 -77.38
N ASP E 857 -38.90 43.78 -77.45
CA ASP E 857 -38.13 44.99 -77.19
C ASP E 857 -38.27 45.50 -75.76
N THR E 858 -39.36 45.17 -75.06
CA THR E 858 -39.63 45.74 -73.73
C THR E 858 -39.58 44.74 -72.58
N ILE E 859 -39.78 43.44 -72.83
CA ILE E 859 -39.99 42.47 -71.77
C ILE E 859 -38.96 41.34 -71.88
N PHE E 860 -38.91 40.70 -73.04
CA PHE E 860 -38.02 39.53 -73.19
C PHE E 860 -36.55 39.92 -73.16
N ASN E 861 -36.22 41.19 -73.39
CA ASN E 861 -34.83 41.63 -73.35
C ASN E 861 -34.33 41.88 -71.94
N LEU E 862 -35.20 41.89 -70.94
CA LEU E 862 -34.79 42.19 -69.57
C LEU E 862 -34.24 40.95 -68.88
N PRO E 863 -33.43 41.12 -67.83
CA PRO E 863 -32.95 39.96 -67.09
C PRO E 863 -34.10 39.24 -66.39
N LYS E 864 -33.77 38.08 -65.81
CA LYS E 864 -34.80 37.19 -65.29
C LYS E 864 -35.57 37.81 -64.14
N ASN E 865 -34.85 38.41 -63.18
CA ASN E 865 -35.52 39.03 -62.04
C ASN E 865 -36.38 40.20 -62.48
N LYS E 866 -35.84 41.07 -63.33
CA LYS E 866 -36.63 42.18 -63.86
C LYS E 866 -37.72 41.69 -64.79
N LEU E 867 -37.50 40.56 -65.46
CA LEU E 867 -38.49 40.04 -66.39
C LEU E 867 -39.80 39.70 -65.67
N LEU E 868 -39.70 39.03 -64.52
CA LEU E 868 -40.90 38.60 -63.81
C LEU E 868 -41.66 39.78 -63.21
N ASP E 869 -40.94 40.74 -62.61
CA ASP E 869 -41.60 41.91 -62.05
C ASP E 869 -42.26 42.75 -63.14
N ALA E 870 -41.48 43.10 -64.17
CA ALA E 870 -42.05 43.77 -65.33
C ALA E 870 -43.13 42.91 -65.95
N LEU E 871 -42.98 41.58 -65.92
CA LEU E 871 -44.02 40.73 -66.46
C LEU E 871 -45.35 40.97 -65.76
N ASN E 872 -45.38 40.99 -64.43
CA ASN E 872 -46.63 41.26 -63.70
C ASN E 872 -47.15 42.68 -63.99
N LYS E 873 -46.28 43.66 -63.80
CA LYS E 873 -46.74 45.04 -63.90
C LYS E 873 -47.33 45.33 -65.27
N LYS E 874 -46.76 44.75 -66.32
CA LYS E 874 -47.33 44.82 -67.64
C LYS E 874 -48.24 43.65 -67.97
N ARG E 875 -48.47 42.72 -67.03
CA ARG E 875 -49.37 41.61 -67.28
C ARG E 875 -50.79 42.13 -67.26
N ASP E 876 -50.99 43.08 -66.33
CA ASP E 876 -52.25 43.81 -66.30
C ASP E 876 -52.63 44.35 -67.67
N HIS E 877 -51.64 44.68 -68.52
CA HIS E 877 -51.86 45.15 -69.88
C HIS E 877 -51.73 44.07 -70.94
N ILE E 878 -50.88 43.07 -70.72
CA ILE E 878 -50.61 42.04 -71.70
C ILE E 878 -51.81 41.14 -71.88
N ILE E 879 -52.58 40.90 -70.81
CA ILE E 879 -53.76 40.05 -70.94
C ILE E 879 -54.72 40.63 -71.97
N LYS E 880 -54.94 41.95 -71.95
CA LYS E 880 -55.77 42.58 -72.96
C LYS E 880 -55.13 42.48 -74.34
N LYS E 881 -53.84 42.80 -74.43
CA LYS E 881 -53.17 42.80 -75.73
C LYS E 881 -53.20 41.42 -76.37
N LEU E 882 -52.93 40.38 -75.58
CA LEU E 882 -53.04 39.01 -76.10
C LEU E 882 -54.47 38.73 -76.57
N ASN E 883 -55.46 39.21 -75.82
CA ASN E 883 -56.86 38.93 -76.18
C ASN E 883 -57.25 39.60 -77.48
N ASN E 884 -56.72 40.79 -77.76
CA ASN E 884 -57.16 41.59 -78.89
C ASN E 884 -56.22 41.53 -80.09
N ASP E 885 -54.94 41.19 -79.89
CA ASP E 885 -53.93 41.42 -80.93
C ASP E 885 -53.13 40.19 -81.33
N PHE E 886 -53.08 39.12 -80.54
CA PHE E 886 -52.13 38.03 -80.78
C PHE E 886 -52.84 36.72 -81.09
N GLN E 887 -52.07 35.83 -81.72
CA GLN E 887 -52.53 34.48 -82.04
C GLN E 887 -53.06 33.77 -80.81
N LYS E 888 -52.28 33.79 -79.73
CA LYS E 888 -52.61 33.10 -78.50
C LYS E 888 -53.27 34.09 -77.56
N PRO E 889 -54.57 34.00 -77.30
CA PRO E 889 -55.18 34.91 -76.33
C PRO E 889 -54.87 34.47 -74.91
N TRP E 890 -55.26 35.32 -73.96
CA TRP E 890 -55.19 34.93 -72.56
C TRP E 890 -56.24 33.88 -72.28
N PHE E 891 -55.80 32.70 -71.83
CA PHE E 891 -56.75 31.61 -71.62
C PHE E 891 -57.76 31.91 -70.53
N GLY E 892 -57.39 32.71 -69.53
CA GLY E 892 -58.27 32.98 -68.42
C GLY E 892 -59.51 33.77 -68.75
N LYS E 893 -59.56 34.41 -69.91
CA LYS E 893 -60.69 35.26 -70.25
C LYS E 893 -61.98 34.46 -70.33
N ASN E 894 -63.07 35.06 -69.83
CA ASN E 894 -64.39 34.42 -69.80
C ASN E 894 -65.41 35.41 -70.33
N ALA E 895 -65.83 35.21 -71.59
CA ALA E 895 -66.90 35.98 -72.24
C ALA E 895 -66.50 37.39 -72.62
N ASN E 896 -65.32 37.85 -72.16
CA ASN E 896 -64.81 39.21 -72.30
C ASN E 896 -63.96 39.55 -71.09
N GLY E 897 -64.50 39.31 -69.90
CA GLY E 897 -63.83 39.73 -68.69
C GLY E 897 -62.49 39.06 -68.50
N VAL E 898 -61.49 39.87 -68.16
CA VAL E 898 -60.17 39.35 -67.85
C VAL E 898 -60.25 38.59 -66.53
N CYS E 899 -59.78 37.35 -66.53
CA CYS E 899 -59.68 36.54 -65.34
C CYS E 899 -58.37 35.77 -65.38
N ASP E 900 -57.87 35.41 -64.21
CA ASP E 900 -56.72 34.53 -64.13
C ASP E 900 -57.18 33.08 -64.26
N LEU E 901 -56.21 32.20 -64.53
CA LEU E 901 -56.52 30.77 -64.57
C LEU E 901 -57.02 30.27 -63.24
N GLN E 902 -56.71 30.99 -62.17
CA GLN E 902 -57.22 30.63 -60.86
C GLN E 902 -58.68 31.08 -60.67
N GLU E 903 -59.06 32.22 -61.24
CA GLU E 903 -60.46 32.66 -61.24
C GLU E 903 -61.13 32.01 -62.43
N MET E 904 -61.33 30.69 -62.34
CA MET E 904 -61.95 29.96 -63.44
C MET E 904 -62.59 28.70 -62.88
N THR E 905 -63.83 28.44 -63.27
CA THR E 905 -64.49 27.19 -62.94
C THR E 905 -64.14 26.12 -63.97
N TYR E 906 -64.36 24.87 -63.59
CA TYR E 906 -64.06 23.76 -64.49
C TYR E 906 -64.93 23.83 -65.74
N LYS E 907 -66.21 24.19 -65.57
CA LYS E 907 -67.11 24.30 -66.72
C LYS E 907 -66.62 25.35 -67.71
N GLU E 908 -66.20 26.52 -67.21
CA GLU E 908 -65.79 27.57 -68.14
C GLU E 908 -64.40 27.31 -68.68
N VAL E 909 -63.55 26.57 -67.97
CA VAL E 909 -62.29 26.12 -68.56
C VAL E 909 -62.56 25.19 -69.74
N ALA E 910 -63.48 24.24 -69.55
CA ALA E 910 -63.83 23.35 -70.64
C ALA E 910 -64.44 24.10 -71.81
N ASN E 911 -65.31 25.08 -71.51
CA ASN E 911 -65.91 25.88 -72.56
C ASN E 911 -64.84 26.68 -73.32
N ARG E 912 -63.89 27.25 -72.60
CA ARG E 912 -62.81 27.99 -73.25
C ARG E 912 -61.96 27.07 -74.11
N LEU E 913 -61.72 25.85 -73.65
CA LEU E 913 -60.93 24.92 -74.46
C LEU E 913 -61.69 24.53 -75.73
N VAL E 914 -63.00 24.34 -75.64
CA VAL E 914 -63.80 24.13 -76.85
C VAL E 914 -63.66 25.34 -77.77
N GLU E 915 -63.77 26.54 -77.21
CA GLU E 915 -63.81 27.74 -78.02
C GLU E 915 -62.47 27.98 -78.73
N LEU E 916 -61.36 27.63 -78.08
CA LEU E 916 -60.04 27.99 -78.58
C LEU E 916 -59.29 26.84 -79.24
N MET E 917 -59.73 25.59 -79.06
CA MET E 917 -59.08 24.44 -79.68
C MET E 917 -59.96 23.68 -80.66
N TYR E 918 -61.27 23.87 -80.62
CA TYR E 918 -62.19 23.18 -81.51
C TYR E 918 -62.83 24.20 -82.44
N VAL E 919 -62.77 23.94 -83.74
CA VAL E 919 -63.30 24.85 -84.75
C VAL E 919 -64.77 24.53 -84.96
N LYS E 920 -65.64 25.51 -84.68
CA LYS E 920 -67.08 25.28 -84.79
C LYS E 920 -67.52 25.18 -86.24
N LYS E 921 -67.05 26.10 -87.09
CA LYS E 921 -67.53 26.14 -88.47
C LYS E 921 -67.12 24.89 -89.23
N SER E 922 -65.90 24.41 -89.02
CA SER E 922 -65.42 23.23 -89.72
C SER E 922 -65.79 21.93 -89.00
N HIS E 923 -66.39 22.02 -87.81
CA HIS E 923 -66.89 20.84 -87.09
C HIS E 923 -65.78 19.84 -86.82
N ARG E 924 -64.62 20.34 -86.42
CA ARG E 924 -63.47 19.48 -86.13
C ARG E 924 -62.55 20.20 -85.17
N TRP E 925 -61.67 19.42 -84.54
CA TRP E 925 -60.64 19.97 -83.68
C TRP E 925 -59.47 20.46 -84.52
N ILE E 926 -58.75 21.45 -83.99
CA ILE E 926 -57.53 21.91 -84.65
C ILE E 926 -56.56 20.76 -84.78
N ASP E 927 -56.42 19.95 -83.73
CA ASP E 927 -55.43 18.89 -83.70
C ASP E 927 -55.84 17.83 -82.69
N VAL E 928 -55.53 16.57 -83.05
CA VAL E 928 -55.93 15.43 -82.24
C VAL E 928 -55.29 15.50 -80.86
N SER E 929 -54.06 16.03 -80.78
CA SER E 929 -53.40 16.15 -79.48
C SER E 929 -54.10 17.19 -78.60
N LEU E 930 -54.59 18.28 -79.20
CA LEU E 930 -55.37 19.23 -78.43
C LEU E 930 -56.67 18.60 -77.95
N ARG E 931 -57.33 17.82 -78.80
CA ARG E 931 -58.52 17.09 -78.38
C ARG E 931 -58.20 16.15 -77.22
N ASN E 932 -57.07 15.46 -77.30
CA ASN E 932 -56.66 14.55 -76.22
C ASN E 932 -56.40 15.31 -74.94
N MET E 933 -55.76 16.48 -75.03
CA MET E 933 -55.50 17.27 -73.84
C MET E 933 -56.81 17.72 -73.18
N TYR E 934 -57.79 18.11 -74.00
CA TYR E 934 -59.10 18.43 -73.46
C TYR E 934 -59.72 17.21 -72.78
N GLY E 935 -59.61 16.04 -73.40
CA GLY E 935 -60.16 14.84 -72.79
C GLY E 935 -59.50 14.52 -71.46
N ASP E 936 -58.18 14.71 -71.38
CA ASP E 936 -57.48 14.51 -70.11
C ASP E 936 -57.96 15.50 -69.06
N PHE E 937 -58.22 16.75 -69.46
CA PHE E 937 -58.77 17.70 -68.50
C PHE E 937 -60.14 17.26 -68.00
N LEU E 938 -60.98 16.74 -68.90
CA LEU E 938 -62.29 16.26 -68.48
C LEU E 938 -62.15 15.07 -67.52
N ARG E 939 -61.20 14.18 -67.79
CA ARG E 939 -60.95 13.08 -66.87
C ARG E 939 -60.53 13.60 -65.51
N ARG E 940 -59.70 14.63 -65.49
CA ARG E 940 -59.28 15.23 -64.22
C ARG E 940 -60.46 15.84 -63.47
N VAL E 941 -61.36 16.50 -64.20
CA VAL E 941 -62.53 17.07 -63.55
C VAL E 941 -63.41 15.97 -62.96
N GLU E 942 -63.61 14.89 -63.73
CA GLU E 942 -64.32 13.72 -63.23
C GLU E 942 -63.72 13.23 -61.93
N GLU E 943 -62.41 13.03 -61.92
CA GLU E 943 -61.73 12.55 -60.72
C GLU E 943 -61.88 13.53 -59.57
N ARG E 944 -61.81 14.82 -59.85
CA ARG E 944 -61.93 15.84 -58.81
C ARG E 944 -63.30 15.78 -58.15
N PHE E 945 -64.36 15.61 -58.94
CA PHE E 945 -65.72 15.78 -58.44
C PHE E 945 -66.49 14.47 -58.29
N THR E 946 -65.82 13.32 -58.40
CA THR E 946 -66.42 12.04 -58.07
C THR E 946 -66.22 11.77 -56.58
N SER E 947 -67.31 11.43 -55.88
CA SER E 947 -67.34 11.41 -54.42
C SER E 947 -66.68 10.14 -53.89
N SER E 948 -65.36 10.07 -54.07
CA SER E 948 -64.54 8.97 -53.55
C SER E 948 -65.06 7.62 -54.01
N ALA E 949 -65.63 7.59 -55.22
CA ALA E 949 -66.24 6.40 -55.77
C ALA E 949 -65.82 6.27 -57.22
N GLY E 950 -65.04 5.23 -57.53
CA GLY E 950 -64.69 4.95 -58.90
C GLY E 950 -65.90 4.56 -59.70
N THR E 951 -66.36 5.44 -60.59
CA THR E 951 -67.54 5.25 -61.40
C THR E 951 -67.13 5.11 -62.86
N VAL E 952 -68.14 5.02 -63.74
CA VAL E 952 -67.89 4.92 -65.17
C VAL E 952 -67.59 6.32 -65.71
N SER E 953 -66.43 6.45 -66.37
CA SER E 953 -66.10 7.71 -67.02
C SER E 953 -67.10 8.03 -68.12
N LEU E 954 -67.55 9.28 -68.18
CA LEU E 954 -68.39 9.69 -69.30
C LEU E 954 -67.59 9.66 -70.60
N LEU E 955 -66.31 10.05 -70.54
CA LEU E 955 -65.43 10.06 -71.70
C LEU E 955 -64.61 8.76 -71.67
N GLN E 956 -65.23 7.67 -72.13
CA GLN E 956 -64.53 6.40 -72.22
C GLN E 956 -63.52 6.39 -73.35
N ASN E 957 -63.76 7.15 -74.42
CA ASN E 957 -62.82 7.27 -75.52
C ASN E 957 -62.87 8.70 -76.03
N PHE E 958 -61.77 9.14 -76.64
CA PHE E 958 -61.66 10.52 -77.08
C PHE E 958 -62.48 10.81 -78.34
N ASN E 959 -62.84 9.79 -79.12
CA ASN E 959 -63.49 10.04 -80.40
C ASN E 959 -64.86 10.69 -80.22
N GLN E 960 -65.56 10.39 -79.12
CA GLN E 960 -66.88 10.95 -78.91
C GLN E 960 -66.86 12.43 -78.53
N LEU E 961 -65.67 13.01 -78.32
CA LEU E 961 -65.54 14.43 -78.08
C LEU E 961 -65.57 15.27 -79.35
N ASN E 962 -65.76 14.64 -80.52
CA ASN E 962 -65.78 15.40 -81.77
C ASN E 962 -66.94 16.39 -81.82
N GLU E 963 -67.98 16.15 -81.01
CA GLU E 963 -69.03 17.14 -80.79
C GLU E 963 -68.96 17.57 -79.33
N PRO E 964 -68.02 18.45 -78.96
CA PRO E 964 -67.71 18.64 -77.54
C PRO E 964 -68.76 19.42 -76.77
N GLU E 965 -69.61 20.21 -77.42
CA GLU E 965 -70.58 21.03 -76.68
C GLU E 965 -71.55 20.15 -75.91
N GLN E 966 -72.18 19.20 -76.59
CA GLN E 966 -73.15 18.33 -75.94
C GLN E 966 -72.49 17.45 -74.88
N PHE E 967 -71.29 16.96 -75.17
CA PHE E 967 -70.62 16.08 -74.21
C PHE E 967 -70.22 16.86 -72.96
N THR E 968 -69.71 18.07 -73.12
CA THR E 968 -69.39 18.90 -71.96
C THR E 968 -70.65 19.22 -71.17
N ALA E 969 -71.76 19.45 -71.87
CA ALA E 969 -73.02 19.69 -71.18
C ALA E 969 -73.40 18.50 -70.31
N ASP E 970 -73.35 17.29 -70.88
CA ASP E 970 -73.69 16.09 -70.10
C ASP E 970 -72.71 15.90 -68.95
N PHE E 971 -71.44 16.16 -69.21
CA PHE E 971 -70.40 15.99 -68.20
C PHE E 971 -70.66 16.89 -66.99
N PHE E 972 -70.86 18.17 -67.23
CA PHE E 972 -71.07 19.10 -66.13
C PHE E 972 -72.50 19.11 -65.63
N GLU E 973 -73.42 18.40 -66.30
CA GLU E 973 -74.69 18.06 -65.66
C GLU E 973 -74.53 16.91 -64.67
N LYS E 974 -73.66 15.94 -64.98
CA LYS E 974 -73.30 14.97 -63.95
C LYS E 974 -72.63 15.66 -62.77
N PHE E 975 -71.72 16.60 -63.04
CA PHE E 975 -71.12 17.41 -61.99
C PHE E 975 -71.58 18.86 -62.04
N PRO E 976 -72.74 19.21 -61.45
CA PRO E 976 -73.13 20.63 -61.43
C PRO E 976 -72.19 21.49 -60.60
N GLN E 977 -71.60 20.96 -59.53
CA GLN E 977 -70.76 21.76 -58.66
C GLN E 977 -69.44 22.12 -59.31
N ALA E 978 -69.04 21.41 -60.37
CA ALA E 978 -67.84 21.79 -61.11
C ALA E 978 -68.06 23.08 -61.86
N GLY E 979 -69.31 23.42 -62.19
CA GLY E 979 -69.61 24.68 -62.83
C GLY E 979 -69.62 25.86 -61.88
N LYS E 980 -69.58 25.62 -60.58
CA LYS E 980 -69.54 26.67 -59.57
C LYS E 980 -68.23 26.71 -58.80
N GLN E 981 -67.45 25.63 -58.83
CA GLN E 981 -66.18 25.56 -58.12
C GLN E 981 -65.07 26.05 -59.02
N LEU E 982 -64.25 26.98 -58.52
CA LEU E 982 -63.07 27.39 -59.25
C LEU E 982 -62.09 26.21 -59.34
N ILE E 983 -61.18 26.30 -60.31
CA ILE E 983 -60.19 25.25 -60.50
C ILE E 983 -59.33 25.14 -59.24
N SER E 984 -59.38 23.99 -58.58
CA SER E 984 -58.42 23.70 -57.53
C SER E 984 -57.01 23.72 -58.13
N GLU E 985 -56.05 24.29 -57.40
CA GLU E 985 -54.78 24.59 -58.04
C GLU E 985 -54.02 23.34 -58.41
N GLU E 986 -54.28 22.22 -57.74
CA GLU E 986 -53.68 20.98 -58.18
C GLU E 986 -54.08 20.71 -59.62
N ASP E 987 -55.35 20.93 -59.93
CA ASP E 987 -55.83 20.86 -61.30
C ASP E 987 -55.27 22.00 -62.14
N CYS E 988 -54.99 23.16 -61.55
CA CYS E 988 -54.38 24.25 -62.29
C CYS E 988 -52.97 23.89 -62.75
N ASP E 989 -52.16 23.38 -61.84
CA ASP E 989 -50.82 22.91 -62.19
C ASP E 989 -50.87 21.75 -63.17
N TYR E 990 -51.85 20.86 -63.01
CA TYR E 990 -52.04 19.79 -63.98
C TYR E 990 -52.38 20.37 -65.35
N PHE E 991 -53.22 21.40 -65.40
CA PHE E 991 -53.52 22.06 -66.66
C PHE E 991 -52.27 22.71 -67.25
N LEU E 992 -51.44 23.31 -66.41
CA LEU E 992 -50.24 23.98 -66.90
C LEU E 992 -49.26 22.97 -67.50
N MET E 993 -49.06 21.84 -66.82
CA MET E 993 -48.15 20.84 -67.37
C MET E 993 -48.77 20.07 -68.54
N LEU E 994 -50.10 20.02 -68.63
CA LEU E 994 -50.74 19.56 -69.86
C LEU E 994 -50.46 20.51 -71.01
N ALA E 995 -50.52 21.82 -70.75
CA ALA E 995 -50.20 22.81 -71.79
C ALA E 995 -48.74 22.71 -72.19
N ALA E 996 -47.87 22.40 -71.24
CA ALA E 996 -46.43 22.27 -71.49
C ALA E 996 -46.01 20.83 -71.77
N ARG E 997 -46.95 19.93 -72.03
CA ARG E 997 -46.61 18.55 -72.31
C ARG E 997 -45.82 18.50 -73.63
N PRO E 998 -44.62 17.92 -73.65
CA PRO E 998 -43.89 17.83 -74.93
C PRO E 998 -44.38 16.72 -75.85
N GLY E 999 -44.02 16.79 -77.10
CA GLY E 999 -44.60 15.87 -78.05
C GLY E 999 -46.08 16.08 -78.26
N GLN E 1000 -46.53 17.32 -78.19
CA GLN E 1000 -47.94 17.68 -78.38
C GLN E 1000 -47.96 19.02 -79.10
N LYS E 1001 -48.97 19.22 -79.93
CA LYS E 1001 -49.12 20.50 -80.60
C LYS E 1001 -49.29 21.57 -79.52
N PRO E 1002 -48.43 22.59 -79.45
CA PRO E 1002 -48.58 23.59 -78.38
C PRO E 1002 -49.93 24.29 -78.46
N VAL E 1003 -50.52 24.54 -77.30
CA VAL E 1003 -51.89 25.02 -77.20
C VAL E 1003 -51.99 26.43 -77.77
N PRO E 1004 -53.15 26.84 -78.35
CA PRO E 1004 -53.28 28.17 -78.94
C PRO E 1004 -53.71 29.25 -77.94
N PHE E 1005 -53.05 29.28 -76.79
CA PHE E 1005 -53.32 30.30 -75.79
C PHE E 1005 -52.15 30.36 -74.83
N VAL E 1006 -52.09 31.47 -74.07
CA VAL E 1006 -51.13 31.65 -72.99
C VAL E 1006 -51.85 31.35 -71.69
N PRO E 1007 -51.55 30.25 -70.99
CA PRO E 1007 -52.28 29.95 -69.75
C PRO E 1007 -51.74 30.69 -68.54
N VAL E 1008 -50.47 31.10 -68.61
CA VAL E 1008 -49.78 31.68 -67.46
C VAL E 1008 -48.70 32.62 -67.98
N LEU E 1009 -48.33 33.60 -67.16
CA LEU E 1009 -47.29 34.58 -67.45
C LEU E 1009 -46.12 34.42 -66.50
N ASP E 1010 -45.71 33.18 -66.26
CA ASP E 1010 -44.58 32.88 -65.40
C ASP E 1010 -43.29 33.08 -66.20
N GLU E 1011 -42.17 32.57 -65.67
CA GLU E 1011 -40.87 32.79 -66.29
C GLU E 1011 -40.84 32.29 -67.73
N ARG E 1012 -41.55 31.21 -68.04
CA ARG E 1012 -41.57 30.65 -69.38
C ARG E 1012 -42.68 31.26 -70.24
N PHE E 1013 -42.77 32.59 -70.23
CA PHE E 1013 -43.78 33.26 -71.03
C PHE E 1013 -43.36 33.37 -72.49
N GLU E 1014 -42.05 33.55 -72.73
CA GLU E 1014 -41.57 33.57 -74.11
C GLU E 1014 -41.80 32.23 -74.79
N PHE E 1015 -41.58 31.13 -74.06
CA PHE E 1015 -41.80 29.80 -74.60
C PHE E 1015 -43.25 29.60 -75.04
N PHE E 1016 -44.19 30.16 -74.28
CA PHE E 1016 -45.60 30.06 -74.65
C PHE E 1016 -45.95 31.04 -75.77
N PHE E 1017 -45.33 32.22 -75.76
CA PHE E 1017 -45.71 33.28 -76.69
C PHE E 1017 -45.21 33.01 -78.10
N LYS E 1018 -43.98 32.53 -78.24
CA LYS E 1018 -43.31 32.48 -79.53
C LYS E 1018 -43.36 31.11 -80.20
N LYS E 1019 -43.49 30.02 -79.44
CA LYS E 1019 -43.39 28.69 -80.00
C LYS E 1019 -44.58 28.41 -80.92
N ASP E 1020 -44.30 27.71 -82.02
CA ASP E 1020 -45.31 27.16 -82.92
C ASP E 1020 -46.28 28.26 -83.37
N SER E 1021 -45.72 29.30 -83.96
CA SER E 1021 -46.45 30.47 -84.40
C SER E 1021 -46.65 30.51 -85.91
N LEU E 1022 -46.23 29.48 -86.64
CA LEU E 1022 -46.18 29.54 -88.09
C LEU E 1022 -47.42 28.96 -88.76
N TRP E 1023 -48.12 28.03 -88.10
CA TRP E 1023 -49.25 27.35 -88.72
C TRP E 1023 -50.51 28.20 -88.77
N GLN E 1024 -50.58 29.27 -87.97
CA GLN E 1024 -51.79 30.07 -87.91
C GLN E 1024 -52.09 30.72 -89.26
N SER E 1025 -51.05 31.19 -89.94
CA SER E 1025 -51.22 31.80 -91.25
C SER E 1025 -51.80 30.82 -92.27
N GLU E 1026 -51.56 29.51 -92.08
CA GLU E 1026 -52.10 28.50 -92.98
C GLU E 1026 -53.52 28.11 -92.61
N ASP E 1027 -53.79 27.98 -91.31
CA ASP E 1027 -55.12 27.63 -90.80
C ASP E 1027 -55.66 28.83 -90.02
N LEU E 1028 -56.25 29.77 -90.74
CA LEU E 1028 -56.85 30.95 -90.14
C LEU E 1028 -58.30 30.74 -89.73
N GLU E 1029 -58.96 29.68 -90.20
CA GLU E 1029 -60.33 29.42 -89.80
C GLU E 1029 -60.45 29.05 -88.33
N SER E 1030 -59.33 28.79 -87.64
CA SER E 1030 -59.33 28.37 -86.25
C SER E 1030 -58.92 29.46 -85.27
N VAL E 1031 -58.19 30.49 -85.73
CA VAL E 1031 -57.63 31.47 -84.79
C VAL E 1031 -58.74 32.45 -84.37
N VAL E 1032 -59.16 32.33 -83.11
CA VAL E 1032 -60.07 33.24 -82.43
C VAL E 1032 -61.28 33.62 -83.30
N ASP E 1033 -61.11 34.60 -84.20
CA ASP E 1033 -62.20 35.10 -85.02
C ASP E 1033 -61.77 35.20 -86.48
N GLU E 1034 -60.80 34.38 -86.89
CA GLU E 1034 -60.33 34.34 -88.28
C GLU E 1034 -59.81 35.70 -88.73
N ASP E 1035 -59.22 36.45 -87.81
CA ASP E 1035 -58.69 37.77 -88.08
C ASP E 1035 -57.22 37.64 -88.45
N VAL E 1036 -56.86 38.18 -89.63
CA VAL E 1036 -55.49 38.05 -90.11
C VAL E 1036 -54.53 38.87 -89.25
N GLN E 1037 -54.98 40.03 -88.77
CA GLN E 1037 -54.07 40.92 -88.04
C GLN E 1037 -53.55 40.28 -86.76
N ARG E 1038 -54.26 39.29 -86.22
CA ARG E 1038 -53.78 38.60 -85.03
C ARG E 1038 -52.74 37.56 -85.36
N THR E 1039 -52.73 37.06 -86.58
CA THR E 1039 -51.77 36.05 -87.01
C THR E 1039 -50.50 36.70 -87.54
N CYS E 1040 -49.37 36.01 -87.37
CA CYS E 1040 -48.09 36.48 -87.86
C CYS E 1040 -47.76 35.76 -89.17
N ILE E 1041 -47.47 36.55 -90.20
CA ILE E 1041 -47.15 36.03 -91.52
C ILE E 1041 -45.73 36.46 -91.87
N LEU E 1042 -44.89 35.48 -92.17
CA LEU E 1042 -43.52 35.76 -92.58
C LEU E 1042 -43.50 36.21 -94.03
N HIS E 1043 -42.66 37.18 -94.35
CA HIS E 1043 -42.61 37.73 -95.70
C HIS E 1043 -41.38 38.61 -95.84
N GLY E 1044 -41.08 38.98 -97.09
CA GLY E 1044 -39.90 39.77 -97.40
C GLY E 1044 -40.22 41.20 -97.82
N PRO E 1045 -39.62 42.20 -97.17
CA PRO E 1045 -39.92 43.59 -97.54
C PRO E 1045 -39.55 43.92 -98.97
N VAL E 1046 -38.47 43.34 -99.49
CA VAL E 1046 -38.02 43.67 -100.84
C VAL E 1046 -38.82 42.93 -101.90
N ALA E 1047 -39.41 41.78 -101.57
CA ALA E 1047 -40.22 41.03 -102.51
C ALA E 1047 -41.71 41.39 -102.44
N SER E 1048 -42.14 42.10 -101.41
CA SER E 1048 -43.55 42.46 -101.30
C SER E 1048 -43.99 43.41 -102.42
N GLN E 1049 -43.08 44.24 -102.95
CA GLN E 1049 -43.45 45.11 -104.07
C GLN E 1049 -43.78 44.28 -105.30
N TYR E 1050 -43.01 43.22 -105.55
CA TYR E 1050 -43.30 42.37 -106.71
C TYR E 1050 -44.52 41.49 -106.46
N THR E 1051 -44.75 41.09 -105.22
CA THR E 1051 -45.93 40.27 -104.89
C THR E 1051 -47.15 41.17 -104.86
N SER E 1052 -48.00 41.08 -105.89
CA SER E 1052 -49.16 41.95 -106.02
C SER E 1052 -50.45 41.25 -106.41
N LYS E 1053 -50.41 40.08 -107.04
CA LYS E 1053 -51.61 39.43 -107.58
C LYS E 1053 -52.12 38.36 -106.61
N VAL E 1054 -53.44 38.26 -106.51
CA VAL E 1054 -54.10 37.33 -105.59
C VAL E 1054 -54.56 36.11 -106.38
N ASP E 1055 -54.22 34.93 -105.88
CA ASP E 1055 -54.82 33.67 -106.32
C ASP E 1055 -54.56 33.43 -107.81
N GLU E 1056 -53.28 33.30 -108.13
CA GLU E 1056 -52.82 32.93 -109.47
C GLU E 1056 -51.94 31.69 -109.38
N PRO E 1057 -51.89 30.86 -110.42
CA PRO E 1057 -51.15 29.60 -110.31
C PRO E 1057 -49.66 29.81 -110.08
N ILE E 1058 -49.07 28.95 -109.26
CA ILE E 1058 -47.63 28.96 -109.06
C ILE E 1058 -46.91 28.67 -110.37
N GLY E 1059 -47.45 27.71 -111.14
CA GLY E 1059 -46.91 27.48 -112.46
C GLY E 1059 -46.98 28.71 -113.33
N ASP E 1060 -48.05 29.49 -113.19
CA ASP E 1060 -48.18 30.73 -113.95
C ASP E 1060 -47.11 31.74 -113.53
N ILE E 1061 -46.86 31.87 -112.23
CA ILE E 1061 -45.84 32.81 -111.76
C ILE E 1061 -44.47 32.42 -112.31
N LEU E 1062 -44.10 31.14 -112.14
CA LEU E 1062 -42.78 30.71 -112.58
C LEU E 1062 -42.66 30.74 -114.09
N ASN E 1063 -43.75 30.44 -114.80
CA ASN E 1063 -43.75 30.56 -116.26
C ASN E 1063 -43.55 32.00 -116.68
N SER E 1064 -44.19 32.94 -115.98
CA SER E 1064 -44.01 34.35 -116.32
C SER E 1064 -42.55 34.76 -116.13
N ILE E 1065 -41.94 34.35 -115.02
CA ILE E 1065 -40.54 34.70 -114.79
C ILE E 1065 -39.65 34.09 -115.87
N HIS E 1066 -39.85 32.79 -116.15
CA HIS E 1066 -39.01 32.11 -117.12
C HIS E 1066 -39.19 32.69 -118.52
N GLU E 1067 -40.43 32.98 -118.91
CA GLU E 1067 -40.69 33.55 -120.23
C GLU E 1067 -40.13 34.95 -120.34
N GLY E 1068 -40.21 35.74 -119.26
CA GLY E 1068 -39.57 37.05 -119.27
C GLY E 1068 -38.07 36.94 -119.48
N HIS E 1069 -37.42 36.04 -118.74
CA HIS E 1069 -35.98 35.84 -118.90
C HIS E 1069 -35.65 35.40 -120.31
N ILE E 1070 -36.46 34.49 -120.88
CA ILE E 1070 -36.23 34.04 -122.24
C ILE E 1070 -36.39 35.20 -123.21
N ALA E 1071 -37.34 36.08 -122.96
CA ALA E 1071 -37.52 37.25 -123.82
C ALA E 1071 -36.29 38.16 -123.78
N ARG E 1072 -35.77 38.42 -122.57
CA ARG E 1072 -34.56 39.25 -122.48
C ARG E 1072 -33.40 38.59 -123.22
N LEU E 1073 -33.22 37.29 -123.02
CA LEU E 1073 -32.08 36.60 -123.63
C LEU E 1073 -32.21 36.54 -125.14
N ILE E 1074 -33.42 36.31 -125.65
CA ILE E 1074 -33.61 36.24 -127.09
C ILE E 1074 -33.42 37.62 -127.72
N LYS E 1075 -33.87 38.67 -127.03
CA LYS E 1075 -33.66 40.02 -127.56
C LYS E 1075 -32.18 40.41 -127.55
N GLU E 1076 -31.45 40.00 -126.51
CA GLU E 1076 -30.07 40.47 -126.34
C GLU E 1076 -29.06 39.63 -127.12
N GLU E 1077 -29.03 38.32 -126.85
CA GLU E 1077 -27.97 37.45 -127.32
C GLU E 1077 -28.32 36.67 -128.59
N TYR E 1078 -29.53 36.84 -129.14
CA TYR E 1078 -29.92 36.10 -130.33
C TYR E 1078 -30.66 36.94 -131.35
N ALA E 1079 -30.68 38.26 -131.22
CA ALA E 1079 -31.33 39.16 -132.17
C ALA E 1079 -32.83 38.88 -132.31
N GLY E 1080 -33.45 38.31 -131.27
CA GLY E 1080 -34.87 38.07 -131.29
C GLY E 1080 -35.32 36.93 -132.18
N ASP E 1081 -34.44 36.00 -132.51
CA ASP E 1081 -34.74 34.86 -133.37
C ASP E 1081 -34.70 33.59 -132.54
N GLU E 1082 -35.83 32.87 -132.49
CA GLU E 1082 -35.88 31.61 -131.76
C GLU E 1082 -35.13 30.51 -132.52
N SER E 1083 -35.05 30.60 -133.84
CA SER E 1083 -34.34 29.59 -134.62
C SER E 1083 -32.85 29.55 -134.32
N LYS E 1084 -32.30 30.63 -133.73
CA LYS E 1084 -30.88 30.68 -133.40
C LYS E 1084 -30.55 29.94 -132.10
N ILE E 1085 -31.56 29.51 -131.35
CA ILE E 1085 -31.31 28.82 -130.08
C ILE E 1085 -30.71 27.45 -130.37
N PRO E 1086 -29.63 27.03 -129.72
CA PRO E 1086 -29.15 25.65 -129.92
C PRO E 1086 -30.19 24.65 -129.46
N VAL E 1087 -30.29 23.54 -130.19
CA VAL E 1087 -31.33 22.54 -129.98
C VAL E 1087 -30.68 21.24 -129.51
N VAL E 1088 -31.24 20.65 -128.46
CA VAL E 1088 -30.84 19.34 -127.97
C VAL E 1088 -32.10 18.51 -127.82
N GLU E 1089 -31.95 17.19 -127.93
CA GLU E 1089 -33.11 16.32 -127.79
C GLU E 1089 -33.69 16.39 -126.38
N TYR E 1090 -32.82 16.36 -125.37
CA TYR E 1090 -33.24 16.45 -123.97
C TYR E 1090 -32.32 17.42 -123.24
N PHE E 1091 -32.91 18.21 -122.35
CA PHE E 1091 -32.22 19.23 -121.58
C PHE E 1091 -32.08 18.76 -120.15
N GLY E 1092 -30.86 18.41 -119.74
CA GLY E 1092 -30.58 18.02 -118.38
C GLY E 1092 -29.51 16.96 -118.24
N GLY E 1093 -29.20 16.59 -117.00
CA GLY E 1093 -28.29 15.50 -116.74
C GLY E 1093 -26.81 15.83 -116.86
N LYS E 1094 -26.47 17.09 -117.11
CA LYS E 1094 -25.08 17.50 -117.26
C LYS E 1094 -24.54 17.97 -115.92
N LYS E 1095 -23.48 17.34 -115.45
CA LYS E 1095 -22.88 17.75 -114.18
C LYS E 1095 -22.23 19.12 -114.34
N PRO E 1096 -22.41 20.04 -113.39
CA PRO E 1096 -21.70 21.33 -113.51
C PRO E 1096 -20.19 21.19 -113.53
N ALA E 1097 -19.64 20.21 -112.83
CA ALA E 1097 -18.20 20.00 -112.76
C ALA E 1097 -17.72 19.06 -113.87
N SER E 1098 -18.06 19.43 -115.10
CA SER E 1098 -17.67 18.66 -116.27
C SER E 1098 -17.91 19.46 -117.54
N GLY E 1109 -16.24 7.35 -134.84
CA GLY E 1109 -17.22 7.55 -135.89
C GLY E 1109 -18.45 6.67 -135.73
N ASN E 1110 -19.07 6.32 -136.85
CA ASN E 1110 -20.25 5.46 -136.80
C ASN E 1110 -19.90 4.08 -136.27
N GLN E 1111 -18.79 3.50 -136.72
CA GLN E 1111 -18.34 2.18 -136.31
C GLN E 1111 -17.10 2.35 -135.43
N VAL E 1112 -17.26 2.12 -134.13
CA VAL E 1112 -16.17 2.25 -133.17
C VAL E 1112 -16.13 0.98 -132.34
N VAL E 1113 -14.92 0.63 -131.87
CA VAL E 1113 -14.69 -0.54 -131.05
C VAL E 1113 -13.80 -0.12 -129.89
N TYR E 1114 -14.25 -0.39 -128.65
CA TYR E 1114 -13.49 -0.10 -127.45
C TYR E 1114 -13.12 -1.41 -126.77
N GLU E 1115 -11.83 -1.71 -126.73
CA GLU E 1115 -11.31 -2.88 -126.03
C GLU E 1115 -10.93 -2.46 -124.61
N ILE E 1116 -11.79 -2.77 -123.66
CA ILE E 1116 -11.60 -2.35 -122.27
C ILE E 1116 -10.48 -3.20 -121.67
N ASP E 1117 -9.68 -2.58 -120.81
CA ASP E 1117 -8.62 -3.28 -120.10
C ASP E 1117 -8.78 -3.06 -118.60
N SER E 1118 -7.78 -3.44 -117.81
CA SER E 1118 -7.79 -3.23 -116.37
C SER E 1118 -6.72 -2.24 -115.91
N GLU E 1119 -5.91 -1.70 -116.81
CA GLU E 1119 -4.84 -0.80 -116.42
C GLU E 1119 -5.40 0.46 -115.77
N LEU E 1120 -6.12 1.28 -116.54
CA LEU E 1120 -6.82 2.41 -115.97
C LEU E 1120 -7.86 2.99 -116.92
N PRO E 1121 -8.92 2.26 -117.28
CA PRO E 1121 -10.05 2.90 -117.96
C PRO E 1121 -10.94 3.59 -116.95
N ASN E 1122 -10.90 4.92 -116.93
CA ASN E 1122 -11.75 5.68 -116.03
C ASN E 1122 -13.21 5.36 -116.31
N LYS E 1123 -13.99 5.15 -115.26
CA LYS E 1123 -15.41 4.85 -115.44
C LYS E 1123 -16.12 6.00 -116.14
N GLN E 1124 -15.85 7.23 -115.70
CA GLN E 1124 -16.50 8.39 -116.31
C GLN E 1124 -16.09 8.55 -117.77
N GLU E 1125 -14.79 8.42 -118.07
CA GLU E 1125 -14.35 8.58 -119.45
C GLU E 1125 -14.90 7.48 -120.35
N TRP E 1126 -14.91 6.24 -119.86
CA TRP E 1126 -15.45 5.13 -120.63
C TRP E 1126 -16.93 5.32 -120.91
N LEU E 1127 -17.69 5.73 -119.89
CA LEU E 1127 -19.12 5.95 -120.08
C LEU E 1127 -19.38 7.12 -121.01
N ASP E 1128 -18.56 8.17 -120.93
CA ASP E 1128 -18.70 9.29 -121.86
C ASP E 1128 -18.42 8.87 -123.29
N LEU E 1129 -17.37 8.06 -123.50
CA LEU E 1129 -17.05 7.59 -124.83
C LEU E 1129 -18.17 6.74 -125.40
N LEU E 1130 -18.72 5.84 -124.58
CA LEU E 1130 -19.85 5.03 -125.04
C LEU E 1130 -21.07 5.90 -125.31
N ALA E 1131 -21.30 6.90 -124.46
CA ALA E 1131 -22.46 7.77 -124.62
C ALA E 1131 -22.40 8.57 -125.92
N GLY E 1132 -21.21 9.08 -126.26
CA GLY E 1132 -21.03 9.87 -127.45
C GLY E 1132 -21.13 11.36 -127.18
N THR E 1133 -21.07 12.13 -128.26
CA THR E 1133 -21.08 13.58 -128.19
C THR E 1133 -22.48 14.17 -128.29
N GLU E 1134 -23.27 13.69 -129.24
CA GLU E 1134 -24.61 14.23 -129.46
C GLU E 1134 -25.52 13.90 -128.27
N LEU E 1135 -26.39 14.85 -127.94
CA LEU E 1135 -27.35 14.67 -126.85
C LEU E 1135 -28.52 13.81 -127.32
N ASN E 1136 -28.21 12.56 -127.64
CA ASN E 1136 -29.17 11.65 -128.25
C ASN E 1136 -29.66 10.62 -127.22
N TRP E 1137 -30.49 9.69 -127.69
CA TRP E 1137 -31.09 8.71 -126.80
C TRP E 1137 -30.03 7.87 -126.11
N LEU E 1138 -29.03 7.40 -126.86
CA LEU E 1138 -28.01 6.56 -126.25
C LEU E 1138 -27.09 7.38 -125.36
N GLN E 1139 -26.83 8.63 -125.72
CA GLN E 1139 -26.05 9.49 -124.84
C GLN E 1139 -26.73 9.62 -123.47
N ALA E 1140 -28.02 9.94 -123.47
CA ALA E 1140 -28.75 10.01 -122.20
C ALA E 1140 -28.73 8.66 -121.50
N PHE E 1141 -28.99 7.59 -122.24
CA PHE E 1141 -29.24 6.27 -121.68
C PHE E 1141 -27.97 5.63 -121.14
N ILE E 1142 -26.80 6.11 -121.52
CA ILE E 1142 -25.54 5.65 -120.96
C ILE E 1142 -25.00 6.61 -119.90
N SER E 1143 -25.01 7.92 -120.17
CA SER E 1143 -24.40 8.86 -119.24
C SER E 1143 -25.25 9.09 -117.99
N THR E 1144 -26.57 8.92 -118.09
CA THR E 1144 -27.44 9.18 -116.96
C THR E 1144 -27.13 8.22 -115.82
N ASP E 1145 -27.05 8.77 -114.60
CA ASP E 1145 -26.64 8.01 -113.43
C ASP E 1145 -27.81 7.42 -112.64
N ARG E 1146 -29.04 7.75 -113.01
CA ARG E 1146 -30.22 7.22 -112.34
C ARG E 1146 -31.26 6.82 -113.38
N ILE E 1147 -32.04 5.79 -113.03
CA ILE E 1147 -33.13 5.31 -113.86
C ILE E 1147 -34.42 5.43 -113.06
N VAL E 1148 -35.53 5.66 -113.76
CA VAL E 1148 -36.84 5.81 -113.13
C VAL E 1148 -37.64 4.53 -113.38
N GLN E 1149 -38.19 3.97 -112.31
CA GLN E 1149 -39.02 2.77 -112.34
C GLN E 1149 -40.38 3.13 -111.77
N GLY E 1150 -41.28 3.61 -112.64
CA GLY E 1150 -42.61 3.99 -112.20
C GLY E 1150 -42.58 5.10 -111.17
N SER E 1151 -41.84 6.17 -111.47
CA SER E 1151 -41.64 7.28 -110.53
C SER E 1151 -40.85 6.81 -109.31
N LYS E 1152 -39.67 6.23 -109.56
CA LYS E 1152 -38.79 5.75 -108.50
C LYS E 1152 -37.37 5.80 -109.01
N HIS E 1153 -36.57 6.72 -108.47
CA HIS E 1153 -35.21 6.95 -108.95
C HIS E 1153 -34.27 5.94 -108.30
N VAL E 1154 -33.94 4.88 -109.04
CA VAL E 1154 -32.98 3.88 -108.57
C VAL E 1154 -31.74 3.95 -109.45
N SER E 1155 -30.70 3.19 -109.09
CA SER E 1155 -29.42 3.28 -109.78
C SER E 1155 -29.55 2.87 -111.23
N ASN E 1156 -28.76 3.49 -112.08
CA ASN E 1156 -28.76 3.19 -113.51
C ASN E 1156 -28.19 1.78 -113.72
N PRO E 1157 -28.93 0.85 -114.32
CA PRO E 1157 -28.35 -0.50 -114.54
C PRO E 1157 -27.18 -0.49 -115.50
N LEU E 1158 -27.04 0.55 -116.33
CA LEU E 1158 -25.94 0.57 -117.29
C LEU E 1158 -24.61 0.87 -116.61
N HIS E 1159 -24.61 1.72 -115.59
CA HIS E 1159 -23.36 1.96 -114.86
C HIS E 1159 -22.87 0.70 -114.15
N ASP E 1160 -23.73 -0.31 -114.01
CA ASP E 1160 -23.31 -1.63 -113.54
C ASP E 1160 -22.91 -2.55 -114.68
N ILE E 1161 -23.70 -2.58 -115.75
CA ILE E 1161 -23.45 -3.53 -116.84
C ILE E 1161 -22.19 -3.14 -117.61
N LEU E 1162 -22.09 -1.87 -118.02
CA LEU E 1162 -20.96 -1.38 -118.81
C LEU E 1162 -19.75 -1.05 -117.96
N THR E 1163 -19.76 -1.40 -116.67
CA THR E 1163 -18.63 -1.10 -115.80
C THR E 1163 -17.38 -1.78 -116.34
N PRO E 1164 -16.19 -1.15 -116.22
CA PRO E 1164 -14.97 -1.82 -116.66
C PRO E 1164 -14.78 -3.17 -115.98
N ALA E 1165 -14.60 -4.21 -116.80
CA ALA E 1165 -14.32 -5.55 -116.32
C ALA E 1165 -12.93 -6.02 -116.71
N LYS E 1166 -12.64 -6.08 -118.01
CA LYS E 1166 -11.36 -6.53 -118.59
C LYS E 1166 -11.55 -6.93 -120.04
N HIS E 1167 -12.72 -7.50 -120.37
CA HIS E 1167 -12.99 -8.01 -121.71
C HIS E 1167 -14.34 -7.57 -122.24
N SER E 1168 -14.97 -6.56 -121.64
CA SER E 1168 -16.25 -6.04 -122.12
C SER E 1168 -15.99 -5.16 -123.34
N LYS E 1169 -15.69 -5.81 -124.45
CA LYS E 1169 -15.52 -5.11 -125.72
C LYS E 1169 -16.88 -4.58 -126.19
N VAL E 1170 -16.93 -3.29 -126.52
CA VAL E 1170 -18.17 -2.62 -126.90
C VAL E 1170 -18.04 -2.12 -128.33
N THR E 1171 -19.17 -2.05 -129.02
CA THR E 1171 -19.21 -1.63 -130.42
C THR E 1171 -20.51 -0.92 -130.71
N ILE E 1172 -20.42 0.28 -131.29
CA ILE E 1172 -21.56 1.02 -131.80
C ILE E 1172 -21.60 0.85 -133.32
N ASP E 1173 -22.76 0.43 -133.84
CA ASP E 1173 -22.88 0.20 -135.28
C ASP E 1173 -22.95 1.52 -136.05
N LYS E 1174 -23.67 2.50 -135.52
CA LYS E 1174 -23.83 3.78 -136.19
C LYS E 1174 -24.17 4.83 -135.15
N LYS E 1175 -24.15 6.10 -135.59
CA LYS E 1175 -24.34 7.22 -134.67
C LYS E 1175 -25.67 7.13 -133.94
N THR E 1176 -26.70 6.57 -134.57
CA THR E 1176 -28.01 6.43 -133.95
C THR E 1176 -28.66 5.09 -134.26
N LYS E 1177 -27.86 4.08 -134.61
CA LYS E 1177 -28.39 2.79 -135.01
C LYS E 1177 -28.46 1.80 -133.84
N LYS E 1178 -27.33 1.47 -133.25
CA LYS E 1178 -27.30 0.44 -132.20
C LYS E 1178 -25.93 0.32 -131.54
N LEU E 1179 -25.86 -0.47 -130.48
CA LEU E 1179 -24.65 -0.69 -129.71
C LEU E 1179 -24.62 -2.14 -129.27
N THR E 1180 -23.42 -2.70 -129.14
CA THR E 1180 -23.28 -4.09 -128.72
C THR E 1180 -22.01 -4.25 -127.88
N ALA E 1181 -22.12 -5.06 -126.82
CA ALA E 1181 -21.01 -5.35 -125.93
C ALA E 1181 -20.80 -6.85 -125.87
N PHE E 1182 -19.53 -7.24 -126.07
CA PHE E 1182 -19.13 -8.64 -126.18
C PHE E 1182 -18.21 -8.99 -125.02
N GLU E 1183 -18.15 -10.28 -124.71
CA GLU E 1183 -17.24 -10.79 -123.70
C GLU E 1183 -16.77 -12.19 -124.08
N ASN E 1184 -15.55 -12.52 -123.66
CA ASN E 1184 -14.93 -13.80 -123.98
C ASN E 1184 -15.45 -14.87 -123.02
N ILE E 1185 -16.71 -15.22 -123.22
CA ILE E 1185 -17.36 -16.23 -122.39
C ILE E 1185 -16.93 -17.61 -122.86
N LYS E 1186 -16.56 -18.47 -121.91
CA LYS E 1186 -15.96 -19.79 -122.14
C LYS E 1186 -14.89 -19.74 -123.23
N GLY E 1187 -14.07 -18.69 -123.22
CA GLY E 1187 -13.03 -18.54 -124.22
C GLY E 1187 -13.56 -18.31 -125.62
N ASP E 1188 -14.61 -17.51 -125.75
CA ASP E 1188 -15.20 -17.21 -127.06
C ASP E 1188 -15.86 -15.84 -126.98
N LEU E 1189 -15.45 -14.93 -127.86
CA LEU E 1189 -15.97 -13.56 -127.86
C LEU E 1189 -17.32 -13.55 -128.54
N LEU E 1190 -18.38 -13.45 -127.75
CA LEU E 1190 -19.76 -13.43 -128.24
C LEU E 1190 -20.50 -12.28 -127.57
N PRO E 1191 -21.58 -11.79 -128.19
CA PRO E 1191 -22.29 -10.63 -127.61
C PRO E 1191 -23.00 -11.01 -126.32
N VAL E 1192 -22.80 -10.20 -125.29
CA VAL E 1192 -23.51 -10.38 -124.03
C VAL E 1192 -24.51 -9.27 -123.75
N VAL E 1193 -24.36 -8.10 -124.39
CA VAL E 1193 -25.33 -7.01 -124.29
C VAL E 1193 -25.58 -6.50 -125.69
N GLU E 1194 -26.84 -6.21 -126.01
CA GLU E 1194 -27.22 -5.66 -127.31
C GLU E 1194 -28.24 -4.57 -127.07
N ILE E 1195 -27.85 -3.32 -127.34
CA ILE E 1195 -28.68 -2.15 -127.09
C ILE E 1195 -29.13 -1.60 -128.43
N GLU E 1196 -30.41 -1.28 -128.54
CA GLU E 1196 -30.89 -0.61 -129.75
C GLU E 1196 -32.14 0.19 -129.42
N LEU E 1197 -32.58 0.97 -130.40
CA LEU E 1197 -33.86 1.67 -130.34
C LEU E 1197 -34.84 0.91 -131.21
N VAL E 1198 -35.58 -0.01 -130.58
CA VAL E 1198 -36.54 -0.83 -131.33
C VAL E 1198 -37.60 0.06 -131.98
N LYS E 1199 -38.02 1.11 -131.28
CA LYS E 1199 -38.97 2.08 -131.80
C LYS E 1199 -38.70 3.41 -131.11
N PRO E 1200 -39.21 4.51 -131.66
CA PRO E 1200 -38.98 5.81 -131.02
C PRO E 1200 -39.48 5.82 -129.59
N ASN E 1201 -38.69 6.42 -128.71
CA ASN E 1201 -39.00 6.47 -127.28
C ASN E 1201 -39.04 5.07 -126.68
N THR E 1202 -38.20 4.17 -127.21
CA THR E 1202 -38.15 2.80 -126.70
C THR E 1202 -36.74 2.25 -126.96
N ILE E 1203 -36.02 1.96 -125.89
CA ILE E 1203 -34.67 1.42 -125.94
C ILE E 1203 -34.72 -0.01 -125.41
N GLN E 1204 -34.31 -0.97 -126.24
CA GLN E 1204 -34.21 -2.36 -125.84
C GLN E 1204 -32.77 -2.62 -125.41
N LEU E 1205 -32.60 -3.02 -124.16
CA LEU E 1205 -31.34 -3.51 -123.62
C LEU E 1205 -31.52 -5.03 -123.48
N SER E 1206 -30.97 -5.78 -124.44
CA SER E 1206 -31.09 -7.23 -124.47
C SER E 1206 -29.84 -7.82 -123.82
N LEU E 1207 -30.02 -8.47 -122.68
CA LEU E 1207 -28.93 -9.19 -122.01
C LEU E 1207 -28.92 -10.60 -122.56
N ILE E 1208 -27.89 -10.93 -123.34
CA ILE E 1208 -27.80 -12.21 -124.02
C ILE E 1208 -27.09 -13.21 -123.13
N GLU E 1209 -27.57 -14.45 -123.13
CA GLU E 1209 -26.95 -15.55 -122.41
C GLU E 1209 -26.72 -16.70 -123.38
N HIS E 1210 -25.49 -17.21 -123.39
CA HIS E 1210 -25.10 -18.32 -124.27
C HIS E 1210 -24.88 -19.62 -123.52
N ARG E 1211 -24.70 -19.58 -122.20
CA ARG E 1211 -24.56 -20.80 -121.39
C ARG E 1211 -25.95 -21.39 -121.11
N THR E 1212 -26.57 -21.85 -122.18
CA THR E 1212 -27.96 -22.31 -122.17
C THR E 1212 -28.00 -23.83 -122.27
N ALA E 1213 -29.22 -24.37 -122.24
CA ALA E 1213 -29.40 -25.82 -122.30
C ALA E 1213 -29.10 -26.36 -123.70
N ASP E 1214 -29.60 -25.69 -124.73
CA ASP E 1214 -29.41 -26.11 -126.12
C ASP E 1214 -28.21 -25.46 -126.78
N THR E 1215 -27.48 -24.59 -126.08
CA THR E 1215 -26.35 -23.79 -126.54
C THR E 1215 -26.78 -22.61 -127.41
N ASN E 1216 -28.06 -22.50 -127.76
CA ASN E 1216 -28.51 -21.36 -128.55
C ASN E 1216 -28.54 -20.11 -127.67
N PRO E 1217 -28.26 -18.93 -128.23
CA PRO E 1217 -28.32 -17.72 -127.41
C PRO E 1217 -29.77 -17.36 -127.10
N VAL E 1218 -29.99 -16.84 -125.89
CA VAL E 1218 -31.30 -16.37 -125.46
C VAL E 1218 -31.16 -14.98 -124.87
N ALA E 1219 -32.03 -14.08 -125.28
CA ALA E 1219 -32.00 -12.68 -124.87
C ALA E 1219 -33.00 -12.42 -123.76
N LEU E 1220 -32.63 -11.49 -122.88
CA LEU E 1220 -33.54 -10.93 -121.87
C LEU E 1220 -33.74 -9.49 -122.27
N PRO E 1221 -34.86 -9.17 -122.95
CA PRO E 1221 -35.14 -7.77 -123.26
C PRO E 1221 -35.42 -6.96 -122.00
N PHE E 1222 -35.00 -5.70 -122.03
CA PHE E 1222 -35.36 -4.71 -121.01
C PHE E 1222 -35.75 -3.46 -121.80
N LEU E 1223 -37.04 -3.18 -121.88
CA LEU E 1223 -37.51 -2.01 -122.60
C LEU E 1223 -37.48 -0.78 -121.68
N TYR E 1224 -37.09 0.35 -122.25
CA TYR E 1224 -36.91 1.60 -121.53
C TYR E 1224 -37.50 2.73 -122.34
N LYS E 1225 -38.52 3.40 -121.81
CA LYS E 1225 -39.11 4.56 -122.45
C LYS E 1225 -38.11 5.71 -122.40
N TYR E 1226 -37.72 6.24 -123.55
CA TYR E 1226 -36.89 7.43 -123.61
C TYR E 1226 -37.78 8.66 -123.67
N ASN E 1227 -37.58 9.58 -122.73
CA ASN E 1227 -38.43 10.76 -122.53
C ASN E 1227 -37.59 12.00 -122.76
N PRO E 1228 -37.62 12.58 -123.97
CA PRO E 1228 -36.89 13.85 -124.18
C PRO E 1228 -37.45 15.02 -123.38
N ALA E 1229 -38.69 14.91 -122.87
CA ALA E 1229 -39.34 16.04 -122.23
C ALA E 1229 -38.57 16.49 -120.98
N ASP E 1230 -38.13 15.55 -120.16
CA ASP E 1230 -37.40 15.84 -118.93
C ASP E 1230 -36.02 15.21 -119.03
N GLY E 1231 -34.97 16.04 -118.95
CA GLY E 1231 -33.61 15.55 -119.02
C GLY E 1231 -33.01 15.12 -117.71
N PHE E 1232 -33.67 15.40 -116.59
CA PHE E 1232 -33.21 14.85 -115.31
C PHE E 1232 -33.37 13.34 -115.28
N ALA E 1233 -34.52 12.84 -115.74
CA ALA E 1233 -34.82 11.40 -115.79
C ALA E 1233 -35.25 11.07 -117.20
N PRO E 1234 -34.32 11.11 -118.17
CA PRO E 1234 -34.69 10.88 -119.57
C PRO E 1234 -35.01 9.44 -119.88
N ILE E 1235 -34.93 8.52 -118.92
CA ILE E 1235 -35.19 7.11 -119.15
C ILE E 1235 -36.13 6.60 -118.06
N LEU E 1236 -37.22 5.95 -118.47
CA LEU E 1236 -38.22 5.37 -117.59
C LEU E 1236 -38.35 3.89 -117.89
N GLU E 1237 -38.00 3.04 -116.93
CA GLU E 1237 -38.09 1.61 -117.15
C GLU E 1237 -39.55 1.19 -117.33
N ILE E 1238 -39.80 0.37 -118.34
CA ILE E 1238 -41.10 -0.25 -118.53
C ILE E 1238 -41.20 -1.39 -117.53
N MET E 1239 -41.78 -1.11 -116.36
CA MET E 1239 -41.92 -2.14 -115.35
C MET E 1239 -43.02 -3.11 -115.75
N GLU E 1240 -43.88 -2.68 -116.66
CA GLU E 1240 -44.96 -3.54 -117.12
C GLU E 1240 -44.42 -4.84 -117.66
N ASP E 1241 -45.05 -5.95 -117.28
CA ASP E 1241 -44.60 -7.26 -117.77
C ASP E 1241 -43.10 -7.46 -117.65
N ARG E 1242 -42.41 -6.68 -116.83
CA ARG E 1242 -40.98 -6.88 -116.64
C ARG E 1242 -40.70 -8.23 -115.99
N ASN E 1243 -41.46 -8.57 -114.94
CA ASN E 1243 -41.29 -9.87 -114.30
C ASN E 1243 -41.67 -10.99 -115.25
N GLU E 1244 -42.69 -10.80 -116.08
CA GLU E 1244 -43.06 -11.81 -117.06
C GLU E 1244 -41.95 -12.02 -118.09
N ARG E 1245 -41.32 -10.94 -118.55
CA ARG E 1245 -40.23 -11.07 -119.50
C ARG E 1245 -39.05 -11.80 -118.88
N ILE E 1246 -38.69 -11.43 -117.65
CA ILE E 1246 -37.59 -12.11 -116.97
C ILE E 1246 -37.93 -13.58 -116.75
N LYS E 1247 -39.19 -13.87 -116.46
CA LYS E 1247 -39.63 -15.25 -116.29
C LYS E 1247 -39.52 -16.02 -117.60
N GLU E 1248 -39.90 -15.40 -118.72
CA GLU E 1248 -39.76 -16.06 -120.00
C GLU E 1248 -38.30 -16.36 -120.30
N PHE E 1249 -37.42 -15.41 -120.00
CA PHE E 1249 -36.00 -15.64 -120.22
C PHE E 1249 -35.48 -16.78 -119.36
N TYR E 1250 -35.82 -16.78 -118.07
CA TYR E 1250 -35.38 -17.85 -117.17
C TYR E 1250 -35.99 -19.18 -117.57
N TRP E 1251 -37.22 -19.17 -118.09
CA TRP E 1251 -37.85 -20.41 -118.53
C TRP E 1251 -37.14 -20.98 -119.74
N LYS E 1252 -36.77 -20.13 -120.70
CA LYS E 1252 -35.99 -20.62 -121.83
C LYS E 1252 -34.64 -21.14 -121.37
N LEU E 1253 -34.05 -20.51 -120.34
CA LEU E 1253 -32.74 -20.94 -119.87
C LEU E 1253 -32.82 -22.28 -119.16
N TRP E 1254 -33.79 -22.45 -118.25
CA TRP E 1254 -33.89 -23.68 -117.47
C TRP E 1254 -34.60 -24.77 -118.26
N PHE E 1255 -35.87 -24.55 -118.60
CA PHE E 1255 -36.68 -25.55 -119.29
C PHE E 1255 -36.56 -25.36 -120.80
N SER E 1258 -37.17 -27.77 -122.63
CA SER E 1258 -37.67 -28.92 -121.89
C SER E 1258 -39.19 -28.90 -121.82
N VAL E 1259 -39.74 -27.74 -121.49
CA VAL E 1259 -41.19 -27.56 -121.36
C VAL E 1259 -41.61 -26.32 -122.15
N PRO E 1260 -42.76 -26.31 -122.82
CA PRO E 1260 -43.22 -25.07 -123.47
C PRO E 1260 -43.51 -23.99 -122.44
N TYR E 1261 -43.34 -22.73 -122.86
CA TYR E 1261 -43.61 -21.61 -121.96
C TYR E 1261 -45.09 -21.53 -121.65
N SER E 1262 -45.43 -21.78 -120.39
CA SER E 1262 -46.82 -21.69 -119.95
C SER E 1262 -46.81 -21.43 -118.44
N ASN E 1263 -47.05 -20.18 -118.05
CA ASN E 1263 -47.12 -19.80 -116.65
C ASN E 1263 -48.51 -19.95 -116.06
N ASP E 1264 -49.45 -20.51 -116.82
CA ASP E 1264 -50.80 -20.80 -116.32
C ASP E 1264 -50.81 -22.10 -115.52
N ILE E 1265 -50.06 -22.09 -114.42
CA ILE E 1265 -49.95 -23.22 -113.50
C ILE E 1265 -50.59 -22.81 -112.18
N ASN E 1266 -51.38 -23.70 -111.61
CA ASN E 1266 -51.93 -23.47 -110.28
C ASN E 1266 -50.83 -23.58 -109.25
N VAL E 1267 -50.76 -22.60 -108.35
CA VAL E 1267 -49.73 -22.63 -107.31
C VAL E 1267 -49.96 -23.80 -106.37
N GLU E 1268 -51.22 -24.12 -106.09
CA GLU E 1268 -51.55 -25.21 -105.17
C GLU E 1268 -51.46 -26.59 -105.83
N LYS E 1269 -51.27 -26.65 -107.14
CA LYS E 1269 -51.17 -27.92 -107.84
C LYS E 1269 -49.79 -28.53 -107.65
N ALA E 1270 -49.60 -29.74 -108.16
CA ALA E 1270 -48.36 -30.49 -108.05
C ALA E 1270 -47.66 -30.51 -109.40
N ILE E 1271 -46.37 -30.16 -109.40
CA ILE E 1271 -45.56 -30.20 -110.61
C ILE E 1271 -44.96 -31.59 -110.75
N LEU E 1272 -45.15 -32.20 -111.91
CA LEU E 1272 -44.56 -33.49 -112.24
C LEU E 1272 -43.31 -33.27 -113.05
N GLY E 1273 -42.16 -33.70 -112.52
CA GLY E 1273 -40.91 -33.56 -113.24
C GLY E 1273 -40.73 -34.65 -114.28
N ASP E 1274 -39.67 -34.49 -115.06
CA ASP E 1274 -39.34 -35.49 -116.08
C ASP E 1274 -38.75 -36.73 -115.43
N GLU E 1275 -38.95 -37.87 -116.10
CA GLU E 1275 -38.38 -39.14 -115.67
C GLU E 1275 -36.93 -39.20 -116.13
N ILE E 1276 -36.00 -39.30 -115.19
CA ILE E 1276 -34.57 -39.33 -115.48
C ILE E 1276 -33.99 -40.63 -114.96
N THR E 1277 -33.10 -41.23 -115.75
CA THR E 1277 -32.40 -42.44 -115.38
C THR E 1277 -30.99 -42.08 -114.94
N ILE E 1278 -30.58 -42.60 -113.79
CA ILE E 1278 -29.30 -42.24 -113.20
C ILE E 1278 -28.18 -43.00 -113.89
N SER E 1279 -27.10 -42.30 -114.23
CA SER E 1279 -25.99 -42.86 -114.97
C SER E 1279 -24.66 -42.49 -114.34
N SER E 1280 -23.72 -43.45 -114.42
CA SER E 1280 -22.41 -43.29 -113.80
C SER E 1280 -21.69 -42.05 -114.31
N GLN E 1281 -21.85 -41.74 -115.60
CA GLN E 1281 -21.23 -40.53 -116.14
C GLN E 1281 -21.76 -39.30 -115.43
N THR E 1282 -23.08 -39.24 -115.21
CA THR E 1282 -23.67 -38.08 -114.54
C THR E 1282 -23.18 -37.97 -113.10
N ILE E 1283 -23.10 -39.09 -112.38
CA ILE E 1283 -22.59 -39.03 -111.01
C ILE E 1283 -21.13 -38.64 -110.99
N SER E 1284 -20.34 -39.14 -111.94
CA SER E 1284 -18.93 -38.73 -112.02
C SER E 1284 -18.83 -37.23 -112.21
N GLU E 1285 -19.55 -36.68 -113.19
CA GLU E 1285 -19.48 -35.25 -113.44
C GLU E 1285 -19.92 -34.45 -112.22
N PHE E 1286 -21.01 -34.87 -111.57
CA PHE E 1286 -21.53 -34.13 -110.42
C PHE E 1286 -20.54 -34.17 -109.26
N THR E 1287 -19.98 -35.35 -108.96
CA THR E 1287 -19.05 -35.48 -107.86
C THR E 1287 -17.77 -34.68 -108.11
N HIS E 1288 -17.22 -34.76 -109.32
CA HIS E 1288 -16.02 -33.97 -109.61
C HIS E 1288 -16.34 -32.48 -109.57
N ALA E 1289 -17.55 -32.09 -109.95
CA ALA E 1289 -17.93 -30.68 -109.87
C ALA E 1289 -17.90 -30.19 -108.43
N ILE E 1290 -18.58 -30.90 -107.51
CA ILE E 1290 -18.69 -30.39 -106.14
C ILE E 1290 -17.52 -30.80 -105.26
N GLY E 1291 -16.57 -31.58 -105.78
CA GLY E 1291 -15.45 -32.00 -104.98
C GLY E 1291 -15.71 -33.18 -104.08
N ASN E 1292 -16.80 -33.91 -104.28
CA ASN E 1292 -17.06 -35.12 -103.52
C ASN E 1292 -16.17 -36.24 -104.01
N LYS E 1293 -15.31 -36.74 -103.12
CA LYS E 1293 -14.38 -37.82 -103.43
C LYS E 1293 -14.77 -39.13 -102.77
N CYS E 1294 -16.01 -39.25 -102.30
CA CYS E 1294 -16.42 -40.42 -101.53
C CYS E 1294 -16.35 -41.67 -102.39
N ASP E 1295 -15.97 -42.79 -101.75
CA ASP E 1295 -15.81 -44.04 -102.49
C ASP E 1295 -17.13 -44.56 -103.02
N ALA E 1296 -18.22 -44.33 -102.31
CA ALA E 1296 -19.50 -44.92 -102.69
C ALA E 1296 -19.99 -44.41 -104.04
N PHE E 1297 -19.49 -43.27 -104.50
CA PHE E 1297 -19.96 -42.63 -105.72
C PHE E 1297 -18.97 -42.77 -106.88
N VAL E 1298 -17.92 -43.58 -106.72
CA VAL E 1298 -16.96 -43.86 -107.77
C VAL E 1298 -17.12 -45.31 -108.20
N ASP E 1299 -17.16 -45.53 -109.51
CA ASP E 1299 -17.34 -46.88 -110.04
C ASP E 1299 -16.16 -47.76 -109.63
N ARG E 1300 -16.46 -48.85 -108.93
CA ARG E 1300 -15.49 -49.86 -108.56
C ARG E 1300 -16.05 -51.24 -108.90
N PRO E 1301 -15.18 -52.22 -109.21
CA PRO E 1301 -15.69 -53.57 -109.45
C PRO E 1301 -16.31 -54.16 -108.20
N GLY E 1302 -17.31 -55.02 -108.40
CA GLY E 1302 -17.94 -55.71 -107.30
C GLY E 1302 -18.59 -54.81 -106.28
N LYS E 1303 -18.98 -53.60 -106.67
CA LYS E 1303 -19.62 -52.65 -105.78
C LYS E 1303 -20.75 -51.95 -106.51
N ALA E 1304 -21.85 -51.73 -105.80
CA ALA E 1304 -23.00 -51.03 -106.35
C ALA E 1304 -22.75 -49.54 -106.21
N THR E 1305 -22.22 -48.92 -107.28
CA THR E 1305 -21.94 -47.50 -107.26
C THR E 1305 -23.22 -46.71 -106.97
N LEU E 1306 -23.14 -45.80 -105.99
CA LEU E 1306 -24.27 -45.02 -105.52
C LEU E 1306 -24.18 -43.61 -106.07
N ALA E 1307 -25.17 -42.79 -105.69
CA ALA E 1307 -25.24 -41.39 -106.09
C ALA E 1307 -25.45 -40.53 -104.85
N PRO E 1308 -24.87 -39.33 -104.82
CA PRO E 1308 -25.04 -38.48 -103.63
C PRO E 1308 -26.46 -37.95 -103.53
N MET E 1309 -26.86 -37.62 -102.29
CA MET E 1309 -28.17 -37.02 -102.09
C MET E 1309 -28.27 -35.68 -102.80
N ASP E 1310 -27.15 -34.96 -102.92
CA ASP E 1310 -27.14 -33.70 -103.64
C ASP E 1310 -27.50 -33.88 -105.11
N PHE E 1311 -27.41 -35.10 -105.64
CA PHE E 1311 -27.96 -35.39 -106.95
C PHE E 1311 -29.48 -35.32 -106.97
N ALA E 1312 -30.12 -35.30 -105.79
CA ALA E 1312 -31.57 -35.16 -105.75
C ALA E 1312 -32.00 -33.81 -106.31
N ILE E 1313 -31.25 -32.74 -106.00
CA ILE E 1313 -31.60 -31.44 -106.54
C ILE E 1313 -31.39 -31.40 -108.04
N VAL E 1314 -30.41 -32.16 -108.54
CA VAL E 1314 -30.23 -32.26 -109.98
C VAL E 1314 -31.42 -32.96 -110.62
N ILE E 1315 -31.87 -34.05 -110.00
CA ILE E 1315 -33.00 -34.79 -110.54
C ILE E 1315 -34.27 -33.94 -110.52
N GLY E 1316 -34.52 -33.24 -109.41
CA GLY E 1316 -35.73 -32.48 -109.21
C GLY E 1316 -35.62 -30.99 -109.44
N TRP E 1317 -34.58 -30.51 -110.14
CA TRP E 1317 -34.45 -29.08 -110.37
C TRP E 1317 -35.60 -28.55 -111.20
N LYS E 1318 -36.00 -29.30 -112.24
CA LYS E 1318 -37.10 -28.86 -113.09
C LYS E 1318 -38.37 -28.63 -112.28
N ALA E 1319 -38.78 -29.65 -111.53
CA ALA E 1319 -40.04 -29.56 -110.78
C ALA E 1319 -39.96 -28.52 -109.68
N ILE E 1320 -38.86 -28.50 -108.92
CA ILE E 1320 -38.75 -27.58 -107.80
C ILE E 1320 -38.72 -26.14 -108.28
N ILE E 1321 -37.95 -25.86 -109.33
CA ILE E 1321 -37.81 -24.48 -109.79
C ILE E 1321 -39.00 -24.03 -110.62
N LYS E 1322 -39.80 -24.96 -111.14
CA LYS E 1322 -41.04 -24.58 -111.80
C LYS E 1322 -42.07 -24.01 -110.84
N ALA E 1323 -41.86 -24.13 -109.53
CA ALA E 1323 -42.83 -23.67 -108.54
C ALA E 1323 -42.91 -22.16 -108.41
N ILE E 1324 -41.85 -21.43 -108.76
CA ILE E 1324 -41.81 -19.98 -108.54
C ILE E 1324 -42.24 -19.19 -109.76
N PHE E 1325 -42.55 -19.85 -110.87
CA PHE E 1325 -42.95 -19.20 -112.12
C PHE E 1325 -44.40 -18.72 -112.20
N PRO E 1326 -45.39 -19.40 -111.61
CA PRO E 1326 -46.80 -19.04 -111.86
C PRO E 1326 -47.11 -17.58 -111.59
N LYS E 1327 -48.17 -17.08 -112.23
CA LYS E 1327 -48.55 -15.68 -112.09
C LYS E 1327 -48.91 -15.35 -110.65
N SER E 1328 -49.67 -16.24 -110.00
CA SER E 1328 -50.11 -15.97 -108.64
C SER E 1328 -48.95 -15.85 -107.66
N VAL E 1329 -47.79 -16.39 -108.02
CA VAL E 1329 -46.55 -16.11 -107.28
C VAL E 1329 -45.67 -15.28 -108.21
N ASP E 1330 -45.81 -13.96 -108.12
CA ASP E 1330 -45.14 -13.03 -109.01
C ASP E 1330 -44.00 -12.34 -108.27
N GLY E 1331 -42.88 -12.18 -108.97
CA GLY E 1331 -41.74 -11.49 -108.39
C GLY E 1331 -40.60 -11.42 -109.38
N ASP E 1332 -39.59 -10.65 -109.00
CA ASP E 1332 -38.41 -10.45 -109.85
C ASP E 1332 -37.48 -11.63 -109.66
N LEU E 1333 -37.30 -12.42 -110.72
CA LEU E 1333 -36.44 -13.60 -110.63
C LEU E 1333 -34.98 -13.20 -110.48
N LEU E 1334 -34.58 -12.04 -111.03
CA LEU E 1334 -33.22 -11.58 -110.86
C LEU E 1334 -32.92 -11.23 -109.40
N LYS E 1335 -33.94 -10.80 -108.66
CA LYS E 1335 -33.80 -10.55 -107.23
C LYS E 1335 -34.07 -11.81 -106.39
N LEU E 1336 -34.29 -12.95 -107.04
CA LEU E 1336 -34.56 -14.19 -106.31
C LEU E 1336 -33.36 -14.57 -105.46
N VAL E 1337 -33.64 -15.00 -104.22
CA VAL E 1337 -32.62 -15.39 -103.27
C VAL E 1337 -32.99 -16.77 -102.76
N HIS E 1338 -32.11 -17.75 -102.99
CA HIS E 1338 -32.31 -19.07 -102.38
C HIS E 1338 -32.00 -18.98 -100.90
N LEU E 1339 -33.03 -19.11 -100.06
CA LEU E 1339 -32.84 -18.91 -98.63
C LEU E 1339 -32.32 -20.17 -97.96
N SER E 1340 -32.88 -21.33 -98.32
CA SER E 1340 -32.45 -22.57 -97.70
C SER E 1340 -32.82 -23.74 -98.60
N ASN E 1341 -32.06 -24.81 -98.47
CA ASN E 1341 -32.36 -26.07 -99.14
C ASN E 1341 -32.03 -27.22 -98.18
N GLY E 1342 -32.78 -28.30 -98.33
CA GLY E 1342 -32.60 -29.43 -97.44
C GLY E 1342 -33.12 -30.70 -98.06
N TYR E 1343 -32.63 -31.81 -97.54
CA TYR E 1343 -33.03 -33.14 -97.97
C TYR E 1343 -33.52 -33.91 -96.76
N LYS E 1344 -34.34 -34.93 -97.02
CA LYS E 1344 -34.83 -35.83 -95.97
C LYS E 1344 -35.10 -37.18 -96.61
N MET E 1345 -34.34 -38.21 -96.20
CA MET E 1345 -34.58 -39.55 -96.69
C MET E 1345 -35.76 -40.19 -95.96
N ILE E 1346 -36.61 -40.88 -96.71
CA ILE E 1346 -37.74 -41.59 -96.14
C ILE E 1346 -37.21 -42.78 -95.35
N THR E 1347 -37.87 -43.09 -94.23
CA THR E 1347 -37.43 -44.19 -93.40
C THR E 1347 -37.49 -45.50 -94.19
N GLY E 1348 -36.39 -46.25 -94.15
CA GLY E 1348 -36.31 -47.52 -94.84
C GLY E 1348 -35.99 -47.42 -96.32
N ALA E 1349 -35.81 -46.21 -96.85
CA ALA E 1349 -35.53 -46.01 -98.26
C ALA E 1349 -34.03 -45.97 -98.49
N ALA E 1350 -33.54 -46.82 -99.39
CA ALA E 1350 -32.12 -46.89 -99.66
C ALA E 1350 -31.67 -45.69 -100.49
N PRO E 1351 -30.38 -45.36 -100.47
CA PRO E 1351 -29.90 -44.22 -101.26
C PRO E 1351 -30.01 -44.49 -102.75
N LEU E 1352 -30.04 -43.39 -103.52
CA LEU E 1352 -30.08 -43.49 -104.97
C LEU E 1352 -28.80 -44.16 -105.48
N LYS E 1353 -28.94 -44.91 -106.58
CA LYS E 1353 -27.83 -45.66 -107.14
C LYS E 1353 -27.91 -45.65 -108.66
N LYS E 1354 -26.84 -46.13 -109.27
CA LYS E 1354 -26.74 -46.16 -110.73
C LYS E 1354 -27.85 -47.03 -111.32
N GLY E 1355 -28.38 -46.59 -112.46
CA GLY E 1355 -29.41 -47.32 -113.15
C GLY E 1355 -30.82 -47.08 -112.63
N ASP E 1356 -30.97 -46.30 -111.56
CA ASP E 1356 -32.29 -46.04 -111.01
C ASP E 1356 -33.07 -45.12 -111.94
N VAL E 1357 -34.27 -45.56 -112.31
CA VAL E 1357 -35.21 -44.75 -113.09
C VAL E 1357 -36.08 -44.01 -112.09
N VAL E 1358 -35.93 -42.68 -112.04
CA VAL E 1358 -36.45 -41.88 -110.94
C VAL E 1358 -37.27 -40.73 -111.51
N SER E 1359 -38.43 -40.49 -110.89
CA SER E 1359 -39.30 -39.37 -111.23
C SER E 1359 -39.37 -38.42 -110.04
N THR E 1360 -39.85 -37.21 -110.30
CA THR E 1360 -39.97 -36.17 -109.29
C THR E 1360 -41.36 -35.57 -109.33
N LYS E 1361 -41.91 -35.32 -108.13
CA LYS E 1361 -43.13 -34.54 -107.97
C LYS E 1361 -42.76 -33.35 -107.10
N ALA E 1362 -43.35 -32.19 -107.36
CA ALA E 1362 -43.09 -31.01 -106.56
C ALA E 1362 -44.40 -30.30 -106.24
N GLU E 1363 -44.51 -29.83 -105.00
CA GLU E 1363 -45.67 -29.10 -104.53
C GLU E 1363 -45.20 -27.86 -103.79
N ILE E 1364 -46.06 -26.84 -103.78
CA ILE E 1364 -45.76 -25.58 -103.11
C ILE E 1364 -46.42 -25.60 -101.75
N LYS E 1365 -45.61 -25.70 -100.70
CA LYS E 1365 -46.16 -25.84 -99.34
C LYS E 1365 -46.72 -24.52 -98.83
N ALA E 1366 -46.06 -23.41 -99.14
CA ALA E 1366 -46.47 -22.12 -98.61
C ALA E 1366 -46.02 -21.00 -99.54
N VAL E 1367 -46.87 -20.00 -99.69
CA VAL E 1367 -46.50 -18.74 -100.32
C VAL E 1367 -46.91 -17.62 -99.39
N LEU E 1368 -45.97 -16.74 -99.04
CA LEU E 1368 -46.16 -15.76 -97.99
C LEU E 1368 -45.65 -14.40 -98.45
N ASN E 1369 -46.20 -13.36 -97.83
CA ASN E 1369 -45.74 -11.98 -98.04
C ASN E 1369 -45.17 -11.47 -96.72
N GLN E 1370 -43.85 -11.35 -96.66
CA GLN E 1370 -43.10 -10.84 -95.53
C GLN E 1370 -42.53 -9.46 -95.87
N PRO E 1371 -42.16 -8.66 -94.86
CA PRO E 1371 -41.63 -7.33 -95.18
C PRO E 1371 -40.42 -7.36 -96.10
N SER E 1372 -39.57 -8.38 -95.99
CA SER E 1372 -38.41 -8.46 -96.87
C SER E 1372 -38.79 -8.87 -98.29
N GLY E 1373 -39.89 -9.60 -98.46
CA GLY E 1373 -40.28 -10.06 -99.78
C GLY E 1373 -41.25 -11.21 -99.69
N LYS E 1374 -41.43 -11.89 -100.83
CA LYS E 1374 -42.37 -12.99 -100.92
C LYS E 1374 -41.62 -14.32 -100.72
N LEU E 1375 -42.04 -15.08 -99.73
CA LEU E 1375 -41.46 -16.38 -99.44
C LEU E 1375 -42.21 -17.47 -100.21
N VAL E 1376 -41.46 -18.42 -100.76
CA VAL E 1376 -42.02 -19.55 -101.48
C VAL E 1376 -41.38 -20.82 -100.92
N GLU E 1377 -42.23 -21.79 -100.57
CA GLU E 1377 -41.82 -23.08 -100.03
C GLU E 1377 -42.12 -24.12 -101.10
N VAL E 1378 -41.14 -24.99 -101.38
CA VAL E 1378 -41.33 -26.07 -102.33
C VAL E 1378 -40.87 -27.37 -101.67
N VAL E 1379 -41.67 -28.41 -101.81
CA VAL E 1379 -41.30 -29.75 -101.36
C VAL E 1379 -41.35 -30.66 -102.57
N GLY E 1380 -40.22 -31.29 -102.88
CA GLY E 1380 -40.11 -32.17 -104.02
C GLY E 1380 -39.85 -33.60 -103.61
N THR E 1381 -40.82 -34.47 -103.80
CA THR E 1381 -40.69 -35.88 -103.46
C THR E 1381 -40.09 -36.64 -104.63
N ILE E 1382 -39.09 -37.47 -104.33
CA ILE E 1382 -38.38 -38.27 -105.32
C ILE E 1382 -38.96 -39.69 -105.29
N TYR E 1383 -39.52 -40.12 -106.41
CA TYR E 1383 -40.18 -41.42 -106.51
C TYR E 1383 -39.31 -42.37 -107.34
N ARG E 1384 -39.13 -43.58 -106.82
CA ARG E 1384 -38.41 -44.64 -107.51
C ARG E 1384 -39.26 -45.90 -107.47
N GLU E 1385 -39.59 -46.42 -108.66
CA GLU E 1385 -40.43 -47.61 -108.78
C GLU E 1385 -41.79 -47.42 -108.13
N GLY E 1386 -42.29 -46.18 -108.14
CA GLY E 1386 -43.57 -45.87 -107.55
C GLY E 1386 -43.55 -45.61 -106.05
N LYS E 1387 -42.38 -45.70 -105.40
CA LYS E 1387 -42.27 -45.48 -103.96
C LYS E 1387 -41.40 -44.26 -103.69
N PRO E 1388 -41.70 -43.47 -102.64
CA PRO E 1388 -40.86 -42.31 -102.35
C PRO E 1388 -39.49 -42.72 -101.84
N VAL E 1389 -38.47 -41.99 -102.25
CA VAL E 1389 -37.10 -42.22 -101.83
C VAL E 1389 -36.60 -41.13 -100.90
N MET E 1390 -37.00 -39.88 -101.14
CA MET E 1390 -36.60 -38.77 -100.29
C MET E 1390 -37.44 -37.56 -100.65
N GLU E 1391 -37.26 -36.49 -99.89
CA GLU E 1391 -37.93 -35.22 -100.13
C GLU E 1391 -36.91 -34.10 -100.08
N VAL E 1392 -37.10 -33.10 -100.94
CA VAL E 1392 -36.20 -31.96 -101.07
C VAL E 1392 -37.00 -30.70 -100.76
N THR E 1393 -36.66 -30.04 -99.65
CA THR E 1393 -37.31 -28.81 -99.23
C THR E 1393 -36.47 -27.63 -99.74
N SER E 1394 -37.12 -26.65 -100.36
CA SER E 1394 -36.46 -25.49 -100.91
C SER E 1394 -37.23 -24.23 -100.54
N GLN E 1395 -36.49 -23.18 -100.21
CA GLN E 1395 -37.05 -21.90 -99.82
C GLN E 1395 -36.51 -20.82 -100.75
N PHE E 1396 -37.40 -20.02 -101.32
CA PHE E 1396 -37.02 -18.96 -102.22
C PHE E 1396 -37.63 -17.64 -101.75
N LEU E 1397 -36.89 -16.56 -101.95
CA LEU E 1397 -37.31 -15.22 -101.54
C LEU E 1397 -37.32 -14.32 -102.77
N TYR E 1398 -38.48 -13.73 -103.05
CA TYR E 1398 -38.64 -12.73 -104.09
C TYR E 1398 -38.61 -11.38 -103.39
N ARG E 1399 -37.44 -10.74 -103.37
CA ARG E 1399 -37.32 -9.45 -102.70
C ARG E 1399 -38.18 -8.42 -103.42
N GLY E 1400 -38.97 -7.69 -102.64
CA GLY E 1400 -39.83 -6.67 -103.20
C GLY E 1400 -41.07 -6.50 -102.33
N GLU E 1401 -41.97 -5.64 -102.80
CA GLU E 1401 -43.23 -5.35 -102.14
C GLU E 1401 -44.37 -5.99 -102.94
N TYR E 1402 -45.17 -6.81 -102.26
CA TYR E 1402 -46.27 -7.51 -102.90
C TYR E 1402 -47.51 -7.40 -102.03
N ASN E 1403 -48.65 -7.08 -102.65
CA ASN E 1403 -49.93 -6.94 -101.97
C ASN E 1403 -50.93 -8.01 -102.39
N ASP E 1404 -50.50 -9.01 -103.16
CA ASP E 1404 -51.40 -10.05 -103.67
C ASP E 1404 -51.56 -11.14 -102.60
N TYR E 1405 -52.18 -10.74 -101.49
CA TYR E 1405 -52.40 -11.66 -100.38
C TYR E 1405 -53.36 -12.78 -100.74
N CYS E 1406 -54.19 -12.59 -101.77
CA CYS E 1406 -55.12 -13.64 -102.16
C CYS E 1406 -54.40 -14.89 -102.67
N ASN E 1407 -53.18 -14.72 -103.19
CA ASN E 1407 -52.40 -15.83 -103.71
C ASN E 1407 -51.45 -16.44 -102.69
N THR E 1408 -51.42 -15.92 -101.47
CA THR E 1408 -50.51 -16.39 -100.43
C THR E 1408 -51.20 -17.44 -99.57
N PHE E 1409 -50.44 -18.44 -99.15
CA PHE E 1409 -50.95 -19.50 -98.29
C PHE E 1409 -49.79 -20.11 -97.52
N GLN E 1410 -50.13 -20.78 -96.42
CA GLN E 1410 -49.13 -21.45 -95.59
C GLN E 1410 -49.66 -22.80 -95.14
N LYS E 1411 -48.83 -23.83 -95.24
CA LYS E 1411 -49.13 -25.16 -94.71
C LYS E 1411 -48.05 -25.50 -93.70
N VAL E 1412 -48.39 -25.41 -92.42
CA VAL E 1412 -47.45 -25.66 -91.32
C VAL E 1412 -47.78 -27.02 -90.72
N THR E 1413 -46.78 -27.88 -90.64
CA THR E 1413 -46.91 -29.17 -89.94
C THR E 1413 -46.61 -28.91 -88.48
N GLU E 1414 -47.67 -28.64 -87.71
CA GLU E 1414 -47.51 -28.38 -86.29
C GLU E 1414 -46.93 -29.59 -85.60
N THR E 1415 -46.01 -29.35 -84.66
CA THR E 1415 -45.41 -30.45 -83.95
C THR E 1415 -46.49 -31.16 -83.12
N PRO E 1416 -46.47 -32.53 -83.06
CA PRO E 1416 -47.31 -33.22 -82.05
C PRO E 1416 -47.05 -32.72 -80.62
N VAL E 1417 -48.14 -32.38 -79.95
CA VAL E 1417 -48.11 -31.86 -78.60
C VAL E 1417 -48.76 -32.87 -77.70
N GLN E 1418 -48.14 -33.11 -76.54
CA GLN E 1418 -48.59 -34.09 -75.57
C GLN E 1418 -49.33 -33.38 -74.45
N VAL E 1419 -50.49 -33.94 -74.06
CA VAL E 1419 -51.27 -33.43 -72.95
C VAL E 1419 -51.75 -34.60 -72.12
N ALA E 1420 -51.71 -34.44 -70.79
CA ALA E 1420 -52.13 -35.46 -69.84
C ALA E 1420 -53.31 -34.94 -69.02
N PHE E 1421 -54.26 -35.83 -68.74
CA PHE E 1421 -55.46 -35.49 -67.97
C PHE E 1421 -55.33 -36.09 -66.58
N LYS E 1422 -55.05 -35.24 -65.61
CA LYS E 1422 -55.01 -35.63 -64.21
C LYS E 1422 -56.29 -35.27 -63.46
N SER E 1423 -57.30 -34.74 -64.16
CA SER E 1423 -58.56 -34.37 -63.54
C SER E 1423 -59.63 -34.30 -64.61
N ALA E 1424 -60.89 -34.34 -64.17
CA ALA E 1424 -62.02 -34.22 -65.09
C ALA E 1424 -62.13 -32.81 -65.66
N LYS E 1425 -61.46 -31.83 -65.07
CA LYS E 1425 -61.47 -30.47 -65.61
C LYS E 1425 -60.87 -30.44 -67.01
N ASP E 1426 -59.76 -31.15 -67.21
CA ASP E 1426 -59.15 -31.20 -68.54
C ASP E 1426 -60.08 -31.86 -69.54
N LEU E 1427 -60.77 -32.94 -69.12
CA LEU E 1427 -61.70 -33.61 -70.01
C LEU E 1427 -62.83 -32.68 -70.41
N ALA E 1428 -63.40 -31.94 -69.45
CA ALA E 1428 -64.48 -31.01 -69.77
C ALA E 1428 -64.00 -29.90 -70.69
N VAL E 1429 -62.81 -29.35 -70.43
CA VAL E 1429 -62.27 -28.28 -71.25
C VAL E 1429 -62.08 -28.75 -72.68
N LEU E 1430 -61.52 -29.95 -72.86
CA LEU E 1430 -61.29 -30.45 -74.20
C LEU E 1430 -62.60 -30.79 -74.91
N ARG E 1431 -63.56 -31.38 -74.19
CA ARG E 1431 -64.84 -31.69 -74.81
C ARG E 1431 -65.59 -30.43 -75.21
N SER E 1432 -65.33 -29.31 -74.51
CA SER E 1432 -65.92 -28.05 -74.91
C SER E 1432 -65.44 -27.58 -76.28
N LYS E 1433 -64.28 -28.05 -76.73
CA LYS E 1433 -63.75 -27.63 -78.03
C LYS E 1433 -64.51 -28.30 -79.16
N GLU E 1434 -65.05 -27.49 -80.06
CA GLU E 1434 -65.79 -28.01 -81.22
C GLU E 1434 -64.92 -28.80 -82.17
N TRP E 1435 -63.60 -28.64 -82.13
CA TRP E 1435 -62.70 -29.29 -83.07
C TRP E 1435 -62.18 -30.63 -82.59
N PHE E 1436 -62.63 -31.10 -81.42
CA PHE E 1436 -62.14 -32.31 -80.78
C PHE E 1436 -63.13 -33.42 -81.06
N HIS E 1437 -62.73 -34.42 -81.86
CA HIS E 1437 -63.60 -35.52 -82.27
C HIS E 1437 -62.97 -36.80 -81.71
N LEU E 1438 -63.39 -37.20 -80.50
CA LEU E 1438 -62.76 -38.28 -79.78
C LEU E 1438 -63.68 -39.48 -79.58
N GLU E 1439 -64.83 -39.30 -78.93
CA GLU E 1439 -65.75 -40.38 -78.60
C GLU E 1439 -65.07 -41.50 -77.80
N LYS E 1440 -64.56 -41.12 -76.62
CA LYS E 1440 -64.05 -42.10 -75.67
C LYS E 1440 -63.82 -41.42 -74.33
N ASP E 1441 -63.59 -42.23 -73.31
CA ASP E 1441 -63.27 -41.74 -71.97
C ASP E 1441 -61.76 -41.65 -71.82
N VAL E 1442 -61.28 -40.51 -71.30
CA VAL E 1442 -59.85 -40.21 -71.25
C VAL E 1442 -59.41 -39.85 -69.85
N GLN E 1443 -60.06 -40.40 -68.83
CA GLN E 1443 -59.57 -40.23 -67.47
C GLN E 1443 -58.18 -40.84 -67.34
N PHE E 1444 -57.28 -40.13 -66.66
CA PHE E 1444 -55.84 -40.43 -66.71
C PHE E 1444 -55.44 -40.23 -68.17
N ASP E 1445 -54.71 -41.16 -68.80
CA ASP E 1445 -54.47 -41.15 -70.24
C ASP E 1445 -53.64 -39.95 -70.69
N VAL E 1446 -52.95 -40.10 -71.83
CA VAL E 1446 -52.09 -39.06 -72.38
C VAL E 1446 -52.30 -39.02 -73.89
N LEU E 1447 -52.81 -37.90 -74.40
CA LEU E 1447 -53.04 -37.76 -75.83
C LEU E 1447 -51.89 -36.99 -76.48
N THR E 1448 -51.79 -37.15 -77.80
CA THR E 1448 -50.79 -36.51 -78.63
C THR E 1448 -51.49 -36.03 -79.88
N PHE E 1449 -51.37 -34.74 -80.18
CA PHE E 1449 -52.10 -34.12 -81.27
C PHE E 1449 -51.15 -33.85 -82.44
N ARG E 1450 -51.02 -34.84 -83.33
CA ARG E 1450 -50.22 -34.68 -84.53
C ARG E 1450 -51.03 -33.85 -85.53
N CYS E 1451 -50.79 -32.55 -85.56
CA CYS E 1451 -51.65 -31.60 -86.25
C CYS E 1451 -50.91 -30.92 -87.39
N GLU E 1452 -51.65 -30.57 -88.44
CA GLU E 1452 -51.17 -29.73 -89.52
C GLU E 1452 -52.15 -28.58 -89.71
N SER E 1453 -51.62 -27.40 -89.96
CA SER E 1453 -52.41 -26.18 -90.12
C SER E 1453 -52.19 -25.60 -91.50
N THR E 1454 -53.28 -25.36 -92.23
CA THR E 1454 -53.28 -24.70 -93.53
C THR E 1454 -53.85 -23.31 -93.34
N TYR E 1455 -53.15 -22.31 -93.86
CA TYR E 1455 -53.50 -20.91 -93.65
C TYR E 1455 -53.79 -20.23 -94.98
N LYS E 1456 -54.59 -19.16 -94.89
CA LYS E 1456 -54.87 -18.28 -96.01
C LYS E 1456 -54.94 -16.86 -95.49
N PHE E 1457 -54.21 -15.96 -96.14
CA PHE E 1457 -54.04 -14.59 -95.68
C PHE E 1457 -54.96 -13.68 -96.47
N LYS E 1458 -55.52 -12.67 -95.78
CA LYS E 1458 -56.14 -11.52 -96.45
C LYS E 1458 -55.28 -10.27 -96.36
N SER E 1459 -54.46 -10.17 -95.32
CA SER E 1459 -53.53 -9.07 -95.15
C SER E 1459 -52.28 -9.62 -94.48
N ALA E 1460 -51.38 -8.72 -94.07
CA ALA E 1460 -50.15 -9.16 -93.43
C ALA E 1460 -50.41 -9.84 -92.10
N ASN E 1461 -51.34 -9.31 -91.31
CA ASN E 1461 -51.55 -9.75 -89.93
C ASN E 1461 -52.85 -10.52 -89.73
N VAL E 1462 -53.77 -10.51 -90.69
CA VAL E 1462 -55.08 -11.15 -90.57
C VAL E 1462 -55.14 -12.32 -91.54
N TYR E 1463 -55.66 -13.45 -91.08
CA TYR E 1463 -55.74 -14.67 -91.86
C TYR E 1463 -57.10 -14.77 -92.53
N SER E 1464 -57.10 -14.96 -93.86
CA SER E 1464 -58.35 -15.12 -94.58
C SER E 1464 -59.10 -16.36 -94.12
N SER E 1465 -58.37 -17.46 -93.90
CA SER E 1465 -59.00 -18.68 -93.39
C SER E 1465 -57.94 -19.54 -92.73
N ILE E 1466 -58.39 -20.42 -91.85
CA ILE E 1466 -57.52 -21.34 -91.13
C ILE E 1466 -58.19 -22.70 -91.11
N LYS E 1467 -57.41 -23.75 -91.43
CA LYS E 1467 -57.90 -25.12 -91.45
C LYS E 1467 -56.86 -25.99 -90.76
N THR E 1468 -57.09 -26.32 -89.50
CA THR E 1468 -56.16 -27.11 -88.70
C THR E 1468 -56.79 -28.47 -88.44
N THR E 1469 -56.16 -29.53 -88.96
CA THR E 1469 -56.65 -30.87 -88.71
C THR E 1469 -55.48 -31.77 -88.34
N GLY E 1470 -55.79 -32.81 -87.58
CA GLY E 1470 -54.73 -33.65 -87.03
C GLY E 1470 -55.25 -34.97 -86.53
N GLN E 1471 -54.33 -35.90 -86.32
CA GLN E 1471 -54.65 -37.16 -85.65
C GLN E 1471 -54.45 -37.00 -84.15
N VAL E 1472 -55.47 -37.37 -83.38
CA VAL E 1472 -55.41 -37.40 -81.92
C VAL E 1472 -55.10 -38.84 -81.53
N LEU E 1473 -53.84 -39.09 -81.18
CA LEU E 1473 -53.38 -40.40 -80.77
C LEU E 1473 -53.40 -40.47 -79.25
N LEU E 1474 -53.60 -41.68 -78.72
CA LEU E 1474 -53.56 -41.95 -77.30
C LEU E 1474 -52.41 -42.90 -77.01
N GLU E 1475 -51.66 -42.63 -75.94
CA GLU E 1475 -50.60 -43.53 -75.52
C GLU E 1475 -51.18 -44.73 -74.80
N LEU E 1476 -50.99 -45.91 -75.38
CA LEU E 1476 -51.39 -47.16 -74.79
C LEU E 1476 -50.42 -47.57 -73.69
N PRO E 1477 -50.77 -48.57 -72.87
CA PRO E 1477 -49.82 -49.05 -71.86
C PRO E 1477 -48.51 -49.54 -72.45
N THR E 1478 -48.51 -50.03 -73.70
CA THR E 1478 -47.31 -50.52 -74.35
C THR E 1478 -46.46 -49.41 -74.96
N LYS E 1479 -46.71 -48.14 -74.62
CA LYS E 1479 -45.97 -46.99 -75.13
C LYS E 1479 -46.25 -46.70 -76.60
N GLU E 1480 -47.15 -47.45 -77.23
CA GLU E 1480 -47.57 -47.20 -78.60
C GLU E 1480 -48.57 -46.05 -78.60
N VAL E 1481 -48.71 -45.38 -79.75
CA VAL E 1481 -49.68 -44.32 -79.93
C VAL E 1481 -50.69 -44.77 -80.98
N ILE E 1482 -51.97 -44.78 -80.62
CA ILE E 1482 -53.03 -45.24 -81.51
C ILE E 1482 -54.04 -44.13 -81.71
N GLN E 1483 -54.43 -43.89 -82.96
CA GLN E 1483 -55.35 -42.81 -83.28
C GLN E 1483 -56.71 -43.11 -82.69
N VAL E 1484 -57.06 -42.42 -81.59
CA VAL E 1484 -58.38 -42.51 -81.01
C VAL E 1484 -59.33 -41.43 -81.50
N GLY E 1485 -58.81 -40.36 -82.09
CA GLY E 1485 -59.68 -39.31 -82.55
C GLY E 1485 -59.01 -38.41 -83.57
N SER E 1486 -59.66 -37.27 -83.83
CA SER E 1486 -59.16 -36.32 -84.82
C SER E 1486 -59.42 -34.89 -84.34
N VAL E 1487 -58.53 -34.01 -84.77
CA VAL E 1487 -58.70 -32.58 -84.68
C VAL E 1487 -59.23 -32.11 -86.02
N ASP E 1488 -60.30 -31.31 -86.00
CA ASP E 1488 -60.86 -30.73 -87.21
C ASP E 1488 -61.36 -29.33 -86.86
N TYR E 1489 -60.64 -28.31 -87.31
CA TYR E 1489 -60.96 -26.91 -87.02
C TYR E 1489 -60.93 -26.14 -88.33
N GLU E 1490 -61.98 -25.36 -88.59
CA GLU E 1490 -62.06 -24.54 -89.78
C GLU E 1490 -62.67 -23.19 -89.41
N ALA E 1491 -62.06 -22.12 -89.90
CA ALA E 1491 -62.52 -20.78 -89.60
C ALA E 1491 -62.21 -19.86 -90.78
N GLY E 1492 -63.03 -18.81 -90.91
CA GLY E 1492 -62.82 -17.81 -91.94
C GLY E 1492 -61.86 -16.75 -91.47
N THR E 1493 -62.26 -15.48 -91.54
CA THR E 1493 -61.40 -14.39 -91.11
C THR E 1493 -61.02 -14.58 -89.64
N SER E 1494 -59.74 -14.88 -89.41
CA SER E 1494 -59.23 -15.16 -88.08
C SER E 1494 -57.91 -14.45 -87.87
N TYR E 1495 -57.56 -14.23 -86.60
CA TYR E 1495 -56.35 -13.51 -86.24
C TYR E 1495 -55.30 -14.43 -85.63
N GLY E 1496 -55.56 -15.73 -85.58
CA GLY E 1496 -54.62 -16.68 -85.01
C GLY E 1496 -55.23 -18.07 -85.02
N ASN E 1497 -54.45 -19.02 -84.52
CA ASN E 1497 -54.87 -20.43 -84.48
C ASN E 1497 -55.22 -20.80 -83.04
N PRO E 1498 -56.50 -20.86 -82.66
CA PRO E 1498 -56.82 -21.23 -81.28
C PRO E 1498 -56.40 -22.64 -80.91
N VAL E 1499 -56.42 -23.57 -81.87
CA VAL E 1499 -56.00 -24.93 -81.58
C VAL E 1499 -54.53 -24.93 -81.15
N THR E 1500 -53.67 -24.28 -81.94
CA THR E 1500 -52.25 -24.24 -81.61
C THR E 1500 -52.02 -23.47 -80.33
N ASP E 1501 -52.75 -22.36 -80.11
CA ASP E 1501 -52.57 -21.59 -78.88
C ASP E 1501 -52.89 -22.42 -77.66
N TYR E 1502 -54.06 -23.06 -77.65
CA TYR E 1502 -54.46 -23.89 -76.51
C TYR E 1502 -53.49 -25.04 -76.31
N LEU E 1503 -53.07 -25.68 -77.41
CA LEU E 1503 -52.18 -26.82 -77.31
C LEU E 1503 -50.83 -26.39 -76.73
N SER E 1504 -50.31 -25.25 -77.16
CA SER E 1504 -49.05 -24.76 -76.63
C SER E 1504 -49.18 -24.43 -75.15
N ARG E 1505 -50.31 -23.84 -74.75
CA ARG E 1505 -50.45 -23.42 -73.36
C ARG E 1505 -50.65 -24.62 -72.42
N ASN E 1506 -51.42 -25.63 -72.84
CA ASN E 1506 -51.83 -26.69 -71.94
C ASN E 1506 -51.02 -27.98 -72.08
N GLY E 1507 -50.49 -28.28 -73.27
CA GLY E 1507 -49.69 -29.47 -73.49
C GLY E 1507 -48.20 -29.17 -73.49
N LYS E 1508 -47.43 -30.21 -73.81
CA LYS E 1508 -45.98 -30.13 -73.89
C LYS E 1508 -45.54 -30.67 -75.24
N THR E 1509 -44.65 -29.93 -75.92
CA THR E 1509 -44.14 -30.38 -77.20
C THR E 1509 -43.23 -31.59 -77.03
N ILE E 1510 -43.35 -32.54 -77.96
CA ILE E 1510 -42.57 -33.78 -77.85
C ILE E 1510 -41.08 -33.48 -78.01
N GLU E 1511 -40.72 -32.65 -78.99
CA GLU E 1511 -39.33 -32.28 -79.23
C GLU E 1511 -38.48 -33.52 -79.53
N GLU E 1512 -38.79 -34.12 -80.69
CA GLU E 1512 -38.09 -35.33 -81.11
C GLU E 1512 -36.58 -35.14 -81.15
N SER E 1513 -36.13 -33.97 -81.59
CA SER E 1513 -34.70 -33.67 -81.53
C SER E 1513 -34.28 -33.42 -80.08
N VAL E 1514 -33.23 -34.10 -79.64
CA VAL E 1514 -32.74 -34.02 -78.28
C VAL E 1514 -31.30 -33.53 -78.30
N ILE E 1515 -31.03 -32.46 -77.56
CA ILE E 1515 -29.71 -31.88 -77.44
C ILE E 1515 -29.09 -32.44 -76.16
N PHE E 1516 -27.89 -33.03 -76.28
CA PHE E 1516 -27.22 -33.59 -75.12
C PHE E 1516 -26.38 -32.51 -74.45
N GLU E 1517 -25.59 -32.89 -73.44
CA GLU E 1517 -25.01 -31.95 -72.48
C GLU E 1517 -24.17 -30.86 -73.14
N ASN E 1518 -23.08 -31.24 -73.80
CA ASN E 1518 -22.15 -30.29 -74.40
C ASN E 1518 -21.88 -30.68 -75.84
N ALA E 1519 -21.83 -29.68 -76.72
CA ALA E 1519 -21.52 -29.93 -78.12
C ALA E 1519 -20.11 -30.49 -78.24
N ILE E 1520 -19.97 -31.51 -79.07
CA ILE E 1520 -18.70 -32.19 -79.28
C ILE E 1520 -18.11 -31.67 -80.59
N PRO E 1521 -16.95 -30.94 -80.59
CA PRO E 1521 -16.27 -30.69 -81.87
C PRO E 1521 -16.17 -31.90 -82.78
N LEU E 1522 -16.38 -31.72 -84.09
CA LEU E 1522 -16.47 -32.82 -85.05
C LEU E 1522 -15.61 -32.47 -86.27
N SER E 1523 -14.33 -32.17 -86.00
CA SER E 1523 -13.35 -31.75 -86.99
C SER E 1523 -13.52 -30.29 -87.37
N SER E 1524 -13.96 -29.47 -86.42
CA SER E 1524 -13.94 -28.02 -86.60
C SER E 1524 -12.51 -27.55 -86.68
N GLY E 1525 -12.02 -27.26 -87.88
CA GLY E 1525 -10.63 -26.89 -88.03
C GLY E 1525 -10.25 -26.65 -89.48
N GLU E 1526 -8.94 -26.50 -89.68
CA GLU E 1526 -8.41 -26.14 -90.99
C GLU E 1526 -8.62 -27.23 -92.03
N GLU E 1527 -8.53 -28.50 -91.63
CA GLU E 1527 -8.77 -29.60 -92.56
C GLU E 1527 -10.18 -29.57 -93.13
N LEU E 1528 -11.11 -28.87 -92.49
CA LEU E 1528 -12.48 -28.73 -92.94
C LEU E 1528 -12.68 -27.59 -93.91
N THR E 1529 -11.60 -26.96 -94.38
CA THR E 1529 -11.72 -25.84 -95.30
C THR E 1529 -12.20 -26.31 -96.66
N SER E 1530 -13.17 -25.59 -97.22
CA SER E 1530 -13.70 -25.85 -98.56
C SER E 1530 -13.52 -24.61 -99.41
N LYS E 1531 -13.11 -24.80 -100.66
CA LYS E 1531 -12.81 -23.70 -101.56
C LYS E 1531 -13.84 -23.66 -102.69
N ALA E 1532 -14.47 -22.50 -102.86
CA ALA E 1532 -15.42 -22.33 -103.95
C ALA E 1532 -14.69 -22.43 -105.29
N PRO E 1533 -15.38 -22.88 -106.33
CA PRO E 1533 -14.68 -23.16 -107.59
C PRO E 1533 -14.25 -21.87 -108.28
N GLY E 1534 -13.24 -22.00 -109.14
CA GLY E 1534 -12.81 -20.86 -109.92
C GLY E 1534 -13.89 -20.33 -110.84
N THR E 1535 -14.67 -21.24 -111.42
CA THR E 1535 -15.80 -20.88 -112.27
C THR E 1535 -17.00 -21.75 -111.90
N ASN E 1536 -18.19 -21.20 -112.12
CA ASN E 1536 -19.44 -21.87 -111.82
C ASN E 1536 -20.02 -22.62 -113.01
N GLU E 1537 -19.34 -22.57 -114.16
CA GLU E 1537 -19.82 -23.29 -115.35
C GLU E 1537 -19.96 -24.79 -115.14
N PRO E 1538 -19.01 -25.51 -114.54
CA PRO E 1538 -19.20 -26.96 -114.42
C PRO E 1538 -20.40 -27.34 -113.55
N TYR E 1539 -20.58 -26.68 -112.41
CA TYR E 1539 -21.74 -26.98 -111.58
C TYR E 1539 -23.03 -26.60 -112.29
N ALA E 1540 -23.04 -25.45 -112.98
CA ALA E 1540 -24.23 -25.07 -113.73
C ALA E 1540 -24.58 -26.12 -114.77
N ILE E 1541 -23.57 -26.61 -115.50
CA ILE E 1541 -23.81 -27.60 -116.54
C ILE E 1541 -24.35 -28.88 -115.94
N VAL E 1542 -23.71 -29.37 -114.88
CA VAL E 1542 -24.09 -30.67 -114.35
C VAL E 1542 -25.44 -30.61 -113.66
N SER E 1543 -25.73 -29.54 -112.92
CA SER E 1543 -26.95 -29.45 -112.14
C SER E 1543 -28.14 -28.94 -112.95
N GLY E 1544 -27.90 -28.29 -114.09
CA GLY E 1544 -28.97 -27.72 -114.86
C GLY E 1544 -29.43 -26.36 -114.39
N ASP E 1545 -28.89 -25.86 -113.29
CA ASP E 1545 -29.22 -24.53 -112.78
C ASP E 1545 -28.38 -23.51 -113.54
N TYR E 1546 -28.94 -22.98 -114.62
CA TYR E 1546 -28.25 -22.02 -115.48
C TYR E 1546 -28.55 -20.58 -115.09
N ASN E 1547 -28.75 -20.32 -113.80
CA ASN E 1547 -29.04 -18.97 -113.36
C ASN E 1547 -27.87 -18.06 -113.73
N PRO E 1548 -28.08 -16.99 -114.52
CA PRO E 1548 -26.93 -16.22 -115.00
C PRO E 1548 -26.13 -15.54 -113.91
N ILE E 1549 -26.71 -15.32 -112.73
CA ILE E 1549 -25.98 -14.59 -111.70
C ILE E 1549 -24.74 -15.37 -111.25
N HIS E 1550 -24.68 -16.67 -111.55
CA HIS E 1550 -23.56 -17.49 -111.14
C HIS E 1550 -22.43 -17.48 -112.18
N VAL E 1551 -22.76 -17.36 -113.47
CA VAL E 1551 -21.81 -17.57 -114.54
C VAL E 1551 -21.57 -16.29 -115.35
N SER E 1552 -22.62 -15.54 -115.64
CA SER E 1552 -22.53 -14.33 -116.46
C SER E 1552 -22.24 -13.13 -115.57
N ARG E 1553 -21.17 -12.41 -115.90
CA ARG E 1553 -20.82 -11.19 -115.17
C ARG E 1553 -21.89 -10.12 -115.33
N VAL E 1554 -22.42 -9.97 -116.55
CA VAL E 1554 -23.36 -8.89 -116.83
C VAL E 1554 -24.62 -9.02 -115.98
N PHE E 1555 -25.16 -10.24 -115.87
CA PHE E 1555 -26.40 -10.42 -115.13
C PHE E 1555 -26.19 -10.19 -113.64
N ALA E 1556 -25.05 -10.61 -113.10
CA ALA E 1556 -24.77 -10.32 -111.70
C ALA E 1556 -24.65 -8.81 -111.47
N ALA E 1557 -23.97 -8.11 -112.37
CA ALA E 1557 -23.86 -6.66 -112.25
C ALA E 1557 -25.22 -6.00 -112.30
N TYR E 1558 -26.10 -6.46 -113.20
CA TYR E 1558 -27.45 -5.92 -113.26
C TYR E 1558 -28.22 -6.21 -111.98
N ALA E 1559 -28.10 -7.44 -111.47
CA ALA E 1559 -28.79 -7.83 -110.25
C ALA E 1559 -28.25 -7.14 -109.01
N LYS E 1560 -27.10 -6.47 -109.11
CA LYS E 1560 -26.47 -5.65 -108.06
C LYS E 1560 -25.78 -6.50 -107.01
N LEU E 1561 -25.87 -7.83 -107.10
CA LEU E 1561 -25.12 -8.69 -106.19
C LEU E 1561 -23.64 -8.67 -106.56
N PRO E 1562 -22.75 -8.95 -105.60
CA PRO E 1562 -21.30 -8.72 -105.82
C PRO E 1562 -20.61 -9.79 -106.66
N GLY E 1563 -20.70 -9.63 -107.98
CA GLY E 1563 -19.98 -10.50 -108.89
C GLY E 1563 -20.64 -11.85 -109.07
N THR E 1564 -19.99 -12.69 -109.89
CA THR E 1564 -20.53 -14.00 -110.24
C THR E 1564 -20.36 -14.94 -109.04
N ILE E 1565 -21.21 -14.73 -108.04
CA ILE E 1565 -21.15 -15.54 -106.82
C ILE E 1565 -21.42 -17.01 -107.16
N THR E 1566 -20.88 -17.90 -106.33
CA THR E 1566 -21.04 -19.32 -106.56
C THR E 1566 -22.45 -19.78 -106.20
N HIS E 1567 -22.84 -20.93 -106.75
CA HIS E 1567 -24.14 -21.49 -106.45
C HIS E 1567 -24.26 -21.81 -104.97
N GLY E 1568 -25.37 -21.38 -104.37
CA GLY E 1568 -25.68 -21.81 -103.02
C GLY E 1568 -25.82 -23.32 -102.94
N MET E 1569 -26.35 -23.93 -103.99
CA MET E 1569 -26.43 -25.39 -104.04
C MET E 1569 -25.04 -26.01 -104.17
N TYR E 1570 -24.13 -25.38 -104.92
CA TYR E 1570 -22.74 -25.86 -104.90
C TYR E 1570 -22.20 -25.84 -103.48
N SER E 1571 -22.41 -24.74 -102.76
CA SER E 1571 -21.95 -24.70 -101.38
C SER E 1571 -22.56 -25.85 -100.60
N SER E 1572 -23.89 -25.94 -100.57
CA SER E 1572 -24.57 -26.96 -99.78
C SER E 1572 -24.01 -28.35 -100.07
N ALA E 1573 -23.81 -28.68 -101.34
CA ALA E 1573 -23.24 -29.98 -101.68
C ALA E 1573 -21.79 -30.09 -101.24
N SER E 1574 -21.03 -29.00 -101.32
CA SER E 1574 -19.60 -29.06 -101.02
C SER E 1574 -19.34 -29.26 -99.54
N ILE E 1575 -20.16 -28.64 -98.68
CA ILE E 1575 -20.06 -28.89 -97.24
C ILE E 1575 -20.80 -30.17 -96.82
N ARG E 1576 -21.83 -30.60 -97.54
CA ARG E 1576 -22.37 -31.92 -97.26
C ARG E 1576 -21.36 -33.00 -97.64
N ALA E 1577 -20.49 -32.71 -98.59
CA ALA E 1577 -19.36 -33.61 -98.86
C ALA E 1577 -18.45 -33.71 -97.64
N LEU E 1578 -18.19 -32.59 -96.97
CA LEU E 1578 -17.40 -32.64 -95.74
C LEU E 1578 -18.13 -33.42 -94.66
N VAL E 1579 -19.46 -33.27 -94.57
CA VAL E 1579 -20.22 -34.05 -93.59
C VAL E 1579 -20.10 -35.54 -93.89
N GLU E 1580 -20.36 -35.92 -95.14
CA GLU E 1580 -20.27 -37.32 -95.55
C GLU E 1580 -18.88 -37.89 -95.40
N GLU E 1581 -17.85 -37.05 -95.53
CA GLU E 1581 -16.46 -37.50 -95.37
C GLU E 1581 -16.10 -37.66 -93.90
N TRP E 1582 -16.25 -36.60 -93.11
CA TRP E 1582 -15.74 -36.61 -91.74
C TRP E 1582 -16.75 -37.18 -90.76
N ALA E 1583 -18.00 -36.72 -90.83
CA ALA E 1583 -18.99 -37.15 -89.85
C ALA E 1583 -19.33 -38.62 -90.04
N ALA E 1584 -19.41 -39.07 -91.28
CA ALA E 1584 -19.51 -40.48 -91.61
C ALA E 1584 -18.10 -41.01 -91.89
N ASN E 1585 -18.00 -42.21 -92.45
CA ASN E 1585 -16.74 -42.86 -92.80
C ASN E 1585 -16.75 -43.27 -94.27
N ASN E 1586 -17.14 -42.32 -95.14
CA ASN E 1586 -17.44 -42.60 -96.54
C ASN E 1586 -18.57 -43.62 -96.68
N VAL E 1587 -19.40 -43.73 -95.63
CA VAL E 1587 -20.49 -44.70 -95.60
C VAL E 1587 -21.75 -44.01 -96.10
N ALA E 1588 -22.32 -44.54 -97.19
CA ALA E 1588 -23.52 -43.97 -97.77
C ALA E 1588 -24.77 -44.31 -96.98
N ALA E 1589 -24.72 -45.26 -96.04
CA ALA E 1589 -25.86 -45.53 -95.20
C ALA E 1589 -26.20 -44.38 -94.26
N ARG E 1590 -25.25 -43.48 -94.00
CA ARG E 1590 -25.46 -42.38 -93.09
C ARG E 1590 -26.09 -41.15 -93.75
N VAL E 1591 -26.29 -41.18 -95.06
CA VAL E 1591 -26.85 -40.03 -95.76
C VAL E 1591 -28.33 -39.95 -95.43
N ARG E 1592 -28.70 -38.91 -94.69
CA ARG E 1592 -30.08 -38.71 -94.24
C ARG E 1592 -30.33 -37.21 -94.17
N ALA E 1593 -31.38 -36.81 -93.46
CA ALA E 1593 -31.88 -35.44 -93.54
C ALA E 1593 -30.79 -34.42 -93.31
N PHE E 1594 -30.55 -33.60 -94.33
CA PHE E 1594 -29.49 -32.58 -94.33
C PHE E 1594 -30.17 -31.25 -94.62
N LYS E 1595 -30.40 -30.46 -93.57
CA LYS E 1595 -30.95 -29.12 -93.70
C LYS E 1595 -29.79 -28.15 -93.89
N CYS E 1596 -30.02 -27.09 -94.68
CA CYS E 1596 -28.98 -26.09 -94.91
C CYS E 1596 -29.65 -24.77 -95.26
N ASP E 1597 -29.08 -23.67 -94.80
CA ASP E 1597 -29.52 -22.33 -95.13
C ASP E 1597 -28.35 -21.55 -95.68
N PHE E 1598 -28.62 -20.79 -96.74
CA PHE E 1598 -27.64 -19.91 -97.37
C PHE E 1598 -27.80 -18.52 -96.75
N VAL E 1599 -27.25 -18.37 -95.55
CA VAL E 1599 -27.44 -17.13 -94.80
C VAL E 1599 -26.67 -15.98 -95.47
N GLY E 1600 -25.46 -16.26 -95.93
CA GLY E 1600 -24.60 -15.25 -96.53
C GLY E 1600 -24.44 -15.40 -98.02
N MET E 1601 -23.23 -15.18 -98.51
CA MET E 1601 -22.94 -15.24 -99.93
C MET E 1601 -21.45 -15.52 -100.12
N VAL E 1602 -21.14 -16.26 -101.19
CA VAL E 1602 -19.78 -16.76 -101.42
C VAL E 1602 -19.36 -16.41 -102.84
N LEU E 1603 -18.15 -15.85 -102.97
CA LEU E 1603 -17.55 -15.54 -104.26
C LEU E 1603 -16.74 -16.73 -104.77
N PRO E 1604 -16.45 -16.79 -106.07
CA PRO E 1604 -15.54 -17.81 -106.56
C PRO E 1604 -14.14 -17.64 -105.99
N ASN E 1605 -13.41 -18.75 -105.89
CA ASN E 1605 -12.04 -18.76 -105.36
C ASN E 1605 -12.02 -18.23 -103.92
N ASP E 1606 -13.07 -18.53 -103.17
CA ASP E 1606 -13.20 -18.10 -101.78
C ASP E 1606 -13.00 -19.31 -100.88
N THR E 1607 -12.15 -19.16 -99.87
CA THR E 1607 -11.86 -20.23 -98.92
C THR E 1607 -12.76 -20.07 -97.70
N LEU E 1608 -13.44 -21.15 -97.34
CA LEU E 1608 -14.47 -21.13 -96.31
C LEU E 1608 -14.08 -22.13 -95.23
N GLN E 1609 -14.04 -21.66 -93.98
CA GLN E 1609 -13.69 -22.50 -92.84
C GLN E 1609 -14.97 -23.07 -92.26
N THR E 1610 -15.30 -24.29 -92.69
CA THR E 1610 -16.45 -24.98 -92.12
C THR E 1610 -16.14 -25.43 -90.70
N THR E 1611 -17.20 -25.45 -89.88
CA THR E 1611 -17.14 -25.95 -88.52
C THR E 1611 -18.40 -26.78 -88.29
N MET E 1612 -18.23 -28.01 -87.78
CA MET E 1612 -19.39 -28.80 -87.38
C MET E 1612 -19.12 -29.48 -86.05
N GLU E 1613 -20.18 -29.64 -85.27
CA GLU E 1613 -20.09 -30.24 -83.95
C GLU E 1613 -21.36 -31.05 -83.69
N HIS E 1614 -21.18 -32.24 -83.13
CA HIS E 1614 -22.31 -33.05 -82.70
C HIS E 1614 -22.98 -32.36 -81.51
N VAL E 1615 -24.21 -31.91 -81.71
CA VAL E 1615 -24.94 -31.16 -80.69
C VAL E 1615 -26.05 -31.98 -80.06
N GLY E 1616 -26.73 -32.82 -80.84
CA GLY E 1616 -27.90 -33.51 -80.34
C GLY E 1616 -28.19 -34.85 -80.99
N MET E 1617 -29.45 -35.28 -80.94
CA MET E 1617 -29.84 -36.59 -81.42
C MET E 1617 -31.33 -36.59 -81.71
N ILE E 1618 -31.70 -37.31 -82.76
CA ILE E 1618 -33.10 -37.42 -83.17
C ILE E 1618 -33.39 -38.85 -83.66
N ASN E 1619 -34.04 -39.64 -82.80
CA ASN E 1619 -34.48 -40.98 -83.16
C ASN E 1619 -33.32 -41.84 -83.67
N GLY E 1620 -32.18 -41.75 -82.99
CA GLY E 1620 -31.01 -42.52 -83.33
C GLY E 1620 -30.07 -41.87 -84.31
N ARG E 1621 -30.54 -40.87 -85.07
CA ARG E 1621 -29.68 -40.14 -85.99
C ARG E 1621 -29.01 -39.01 -85.25
N LYS E 1622 -27.75 -38.75 -85.58
CA LYS E 1622 -26.94 -37.76 -84.88
C LYS E 1622 -27.16 -36.40 -85.52
N ILE E 1623 -27.74 -35.47 -84.77
CA ILE E 1623 -27.94 -34.10 -85.25
C ILE E 1623 -26.62 -33.35 -85.11
N ILE E 1624 -26.12 -32.83 -86.24
CA ILE E 1624 -24.85 -32.12 -86.29
C ILE E 1624 -25.09 -30.76 -86.92
N LYS E 1625 -24.79 -29.70 -86.18
CA LYS E 1625 -24.78 -28.37 -86.78
C LYS E 1625 -23.62 -28.29 -87.76
N VAL E 1626 -23.89 -27.73 -88.94
CA VAL E 1626 -22.84 -27.40 -89.90
C VAL E 1626 -22.92 -25.89 -90.14
N GLU E 1627 -21.81 -25.21 -89.87
CA GLU E 1627 -21.71 -23.76 -90.03
C GLU E 1627 -20.45 -23.47 -90.84
N THR E 1628 -20.62 -22.68 -91.90
CA THR E 1628 -19.53 -22.32 -92.80
C THR E 1628 -19.37 -20.80 -92.79
N ARG E 1629 -18.15 -20.34 -92.50
CA ARG E 1629 -17.82 -18.93 -92.46
C ARG E 1629 -16.62 -18.70 -93.37
N ASN E 1630 -16.72 -17.70 -94.24
CA ASN E 1630 -15.62 -17.39 -95.14
C ASN E 1630 -14.38 -17.00 -94.35
N VAL E 1631 -13.23 -17.54 -94.77
CA VAL E 1631 -11.98 -17.32 -94.04
C VAL E 1631 -11.61 -15.84 -94.05
N GLU E 1632 -11.74 -15.19 -95.21
CA GLU E 1632 -11.26 -13.82 -95.34
C GLU E 1632 -12.02 -12.87 -94.42
N THR E 1633 -13.33 -13.08 -94.27
CA THR E 1633 -14.18 -12.16 -93.54
C THR E 1633 -14.82 -12.74 -92.29
N GLU E 1634 -14.96 -14.08 -92.21
CA GLU E 1634 -15.42 -14.75 -90.99
C GLU E 1634 -16.87 -14.43 -90.68
N LEU E 1635 -17.71 -14.45 -91.71
CA LEU E 1635 -19.16 -14.29 -91.58
C LEU E 1635 -19.84 -15.60 -91.97
N PRO E 1636 -20.75 -16.18 -91.15
CA PRO E 1636 -21.43 -17.41 -91.58
C PRO E 1636 -22.10 -17.27 -92.94
N VAL E 1637 -21.70 -18.08 -93.91
CA VAL E 1637 -22.38 -18.10 -95.21
C VAL E 1637 -23.39 -19.22 -95.29
N LEU E 1638 -23.11 -20.38 -94.67
CA LEU E 1638 -24.02 -21.51 -94.63
C LEU E 1638 -24.20 -21.95 -93.19
N ILE E 1639 -25.45 -22.20 -92.80
CA ILE E 1639 -25.77 -22.75 -91.48
C ILE E 1639 -26.75 -23.90 -91.68
N GLY E 1640 -26.47 -25.05 -91.09
CA GLY E 1640 -27.27 -26.21 -91.41
C GLY E 1640 -27.26 -27.25 -90.30
N GLU E 1641 -28.06 -28.28 -90.51
CA GLU E 1641 -28.15 -29.46 -89.65
C GLU E 1641 -27.88 -30.68 -90.52
N ALA E 1642 -27.24 -31.69 -89.95
CA ALA E 1642 -27.02 -32.96 -90.62
C ALA E 1642 -27.48 -34.08 -89.70
N GLU E 1643 -28.15 -35.08 -90.27
CA GLU E 1643 -28.56 -36.27 -89.54
C GLU E 1643 -27.88 -37.48 -90.14
N ILE E 1644 -26.95 -38.07 -89.40
CA ILE E 1644 -26.20 -39.24 -89.82
C ILE E 1644 -26.52 -40.38 -88.87
N GLU E 1645 -26.71 -41.58 -89.43
CA GLU E 1645 -26.93 -42.75 -88.60
C GLU E 1645 -25.70 -43.07 -87.77
N GLN E 1646 -25.93 -43.66 -86.61
CA GLN E 1646 -24.84 -44.21 -85.83
C GLN E 1646 -24.32 -45.46 -86.53
N PRO E 1647 -23.13 -45.94 -86.16
CA PRO E 1647 -22.65 -47.21 -86.71
C PRO E 1647 -23.62 -48.33 -86.40
N THR E 1648 -23.68 -49.32 -87.29
CA THR E 1648 -24.64 -50.41 -87.19
C THR E 1648 -24.60 -51.04 -85.81
N THR E 1649 -25.73 -50.97 -85.11
CA THR E 1649 -25.78 -51.20 -83.67
C THR E 1649 -26.73 -52.34 -83.34
N THR E 1650 -26.38 -53.10 -82.31
CA THR E 1650 -27.28 -54.05 -81.67
C THR E 1650 -27.31 -53.77 -80.17
N TYR E 1651 -28.51 -53.80 -79.61
CA TYR E 1651 -28.72 -53.59 -78.18
C TYR E 1651 -28.90 -54.95 -77.54
N VAL E 1652 -27.81 -55.49 -77.00
CA VAL E 1652 -27.82 -56.78 -76.33
C VAL E 1652 -28.25 -56.58 -74.89
N PHE E 1653 -29.01 -57.55 -74.36
CA PHE E 1653 -29.60 -57.45 -73.03
C PHE E 1653 -29.08 -58.56 -72.12
N THR E 1654 -28.76 -58.17 -70.90
CA THR E 1654 -28.05 -59.03 -69.96
C THR E 1654 -28.97 -60.06 -69.35
N GLY E 1655 -28.41 -61.24 -69.08
CA GLY E 1655 -29.11 -62.31 -68.39
C GLY E 1655 -28.84 -62.30 -66.90
N GLN E 1656 -29.34 -63.34 -66.25
CA GLN E 1656 -29.27 -63.41 -64.79
C GLN E 1656 -27.83 -63.55 -64.31
N GLY E 1657 -27.63 -63.29 -63.02
CA GLY E 1657 -26.35 -63.45 -62.36
C GLY E 1657 -25.60 -62.17 -62.12
N SER E 1658 -25.93 -61.09 -62.84
CA SER E 1658 -25.24 -59.81 -62.70
C SER E 1658 -25.93 -58.87 -61.71
N GLN E 1659 -27.00 -59.30 -61.06
CA GLN E 1659 -27.76 -58.42 -60.18
C GLN E 1659 -26.91 -57.92 -59.03
N GLU E 1660 -27.12 -56.66 -58.66
CA GLU E 1660 -26.40 -56.04 -57.54
C GLU E 1660 -27.36 -55.11 -56.81
N GLN E 1661 -27.07 -54.88 -55.54
CA GLN E 1661 -27.92 -53.99 -54.74
C GLN E 1661 -27.80 -52.56 -55.23
N GLY E 1662 -28.94 -51.88 -55.29
CA GLY E 1662 -28.95 -50.49 -55.74
C GLY E 1662 -28.69 -50.31 -57.21
N MET E 1663 -28.93 -51.34 -58.02
CA MET E 1663 -28.68 -51.23 -59.46
C MET E 1663 -29.71 -50.32 -60.11
N GLY E 1664 -29.25 -49.46 -61.01
CA GLY E 1664 -30.13 -48.55 -61.71
C GLY E 1664 -30.59 -47.37 -60.89
N MET E 1665 -30.15 -47.24 -59.63
CA MET E 1665 -30.61 -46.14 -58.80
C MET E 1665 -30.14 -44.80 -59.32
N GLU E 1666 -28.84 -44.65 -59.61
CA GLU E 1666 -28.33 -43.37 -60.10
C GLU E 1666 -29.17 -42.87 -61.28
N LEU E 1667 -29.53 -43.77 -62.19
CA LEU E 1667 -30.41 -43.38 -63.28
C LEU E 1667 -31.81 -43.08 -62.76
N TYR E 1668 -32.24 -43.76 -61.69
CA TYR E 1668 -33.55 -43.44 -61.12
C TYR E 1668 -33.59 -42.02 -60.56
N ASN E 1669 -32.54 -41.59 -59.86
CA ASN E 1669 -32.47 -40.21 -59.41
C ASN E 1669 -32.36 -39.23 -60.58
N SER E 1670 -31.59 -39.54 -61.62
CA SER E 1670 -31.30 -38.55 -62.66
C SER E 1670 -32.40 -38.45 -63.71
N SER E 1671 -32.73 -39.55 -64.39
CA SER E 1671 -33.53 -39.50 -65.61
C SER E 1671 -35.01 -39.66 -65.30
N GLU E 1672 -35.81 -38.68 -65.75
CA GLU E 1672 -37.24 -38.69 -65.46
C GLU E 1672 -37.90 -39.94 -66.04
N VAL E 1673 -37.52 -40.33 -67.25
CA VAL E 1673 -38.17 -41.48 -67.89
C VAL E 1673 -37.84 -42.75 -67.12
N ALA E 1674 -36.62 -42.82 -66.56
CA ALA E 1674 -36.28 -43.92 -65.67
C ALA E 1674 -37.15 -43.89 -64.42
N ARG E 1675 -37.40 -42.71 -63.86
CA ARG E 1675 -38.36 -42.59 -62.76
C ARG E 1675 -39.71 -43.15 -63.17
N GLU E 1676 -40.18 -42.81 -64.36
CA GLU E 1676 -41.50 -43.27 -64.80
C GLU E 1676 -41.54 -44.80 -64.88
N VAL E 1677 -40.51 -45.40 -65.50
CA VAL E 1677 -40.50 -46.85 -65.64
C VAL E 1677 -40.49 -47.52 -64.27
N TRP E 1678 -39.53 -47.11 -63.42
CA TRP E 1678 -39.38 -47.76 -62.13
C TRP E 1678 -40.61 -47.56 -61.27
N ASP E 1679 -41.19 -46.36 -61.28
CA ASP E 1679 -42.36 -46.09 -60.46
C ASP E 1679 -43.57 -46.87 -60.96
N LYS E 1680 -43.79 -46.93 -62.26
CA LYS E 1680 -44.92 -47.70 -62.76
C LYS E 1680 -44.79 -49.16 -62.34
N ALA E 1681 -43.60 -49.74 -62.53
CA ALA E 1681 -43.39 -51.13 -62.11
C ALA E 1681 -43.59 -51.30 -60.60
N ASP E 1682 -42.96 -50.44 -59.80
CA ASP E 1682 -43.01 -50.59 -58.35
C ASP E 1682 -44.43 -50.47 -57.84
N ARG E 1683 -45.18 -49.48 -58.35
CA ARG E 1683 -46.54 -49.27 -57.88
C ARG E 1683 -47.44 -50.42 -58.27
N HIS E 1684 -47.26 -50.99 -59.47
CA HIS E 1684 -47.97 -52.21 -59.82
C HIS E 1684 -47.64 -53.32 -58.83
N PHE E 1685 -46.36 -53.44 -58.45
CA PHE E 1685 -45.96 -54.49 -57.52
C PHE E 1685 -46.62 -54.31 -56.16
N VAL E 1686 -46.64 -53.09 -55.63
CA VAL E 1686 -47.26 -52.87 -54.32
C VAL E 1686 -48.76 -53.14 -54.40
N ASN E 1687 -49.40 -52.68 -55.48
CA ASN E 1687 -50.85 -52.81 -55.56
C ASN E 1687 -51.27 -54.27 -55.72
N ASN E 1688 -50.50 -55.06 -56.47
CA ASN E 1688 -50.91 -56.42 -56.81
C ASN E 1688 -50.35 -57.46 -55.85
N TYR E 1689 -49.04 -57.42 -55.59
CA TYR E 1689 -48.37 -58.45 -54.79
C TYR E 1689 -48.03 -57.98 -53.38
N GLY E 1690 -48.12 -56.69 -53.08
CA GLY E 1690 -47.91 -56.21 -51.74
C GLY E 1690 -46.47 -56.00 -51.34
N PHE E 1691 -45.56 -55.80 -52.29
CA PHE E 1691 -44.18 -55.49 -51.97
C PHE E 1691 -43.65 -54.45 -52.95
N SER E 1692 -42.55 -53.82 -52.57
CA SER E 1692 -41.90 -52.77 -53.36
C SER E 1692 -40.62 -53.31 -53.97
N ILE E 1693 -40.60 -53.40 -55.31
CA ILE E 1693 -39.39 -53.85 -56.00
C ILE E 1693 -38.27 -52.84 -55.81
N LEU E 1694 -38.63 -51.54 -55.76
CA LEU E 1694 -37.62 -50.53 -55.46
C LEU E 1694 -37.02 -50.76 -54.08
N ASP E 1695 -37.87 -51.10 -53.10
CA ASP E 1695 -37.36 -51.40 -51.76
C ASP E 1695 -36.43 -52.61 -51.79
N ILE E 1696 -36.82 -53.66 -52.52
CA ILE E 1696 -35.99 -54.86 -52.57
C ILE E 1696 -34.64 -54.55 -53.22
N VAL E 1697 -34.64 -53.79 -54.31
CA VAL E 1697 -33.39 -53.46 -54.99
C VAL E 1697 -32.52 -52.58 -54.12
N GLN E 1698 -33.11 -51.55 -53.48
CA GLN E 1698 -32.32 -50.60 -52.72
C GLN E 1698 -31.74 -51.23 -51.46
N ASN E 1699 -32.56 -52.00 -50.72
CA ASN E 1699 -32.18 -52.53 -49.43
C ASN E 1699 -31.77 -53.99 -49.47
N ASN E 1700 -32.32 -54.78 -50.40
CA ASN E 1700 -32.04 -56.21 -50.48
C ASN E 1700 -32.31 -56.88 -49.14
N PRO E 1701 -33.54 -56.79 -48.63
CA PRO E 1701 -33.80 -57.36 -47.30
C PRO E 1701 -33.68 -58.86 -47.29
N ASN E 1702 -33.14 -59.38 -46.18
CA ASN E 1702 -33.04 -60.83 -46.02
C ASN E 1702 -34.42 -61.47 -45.93
N GLU E 1703 -35.34 -60.84 -45.21
CA GLU E 1703 -36.70 -61.33 -45.02
C GLU E 1703 -37.68 -60.27 -45.49
N LEU E 1704 -38.83 -60.74 -46.00
CA LEU E 1704 -39.90 -59.84 -46.44
C LEU E 1704 -41.23 -60.53 -46.19
N THR E 1705 -42.04 -59.95 -45.31
CA THR E 1705 -43.35 -60.48 -44.97
C THR E 1705 -44.42 -59.67 -45.69
N ILE E 1706 -45.16 -60.33 -46.56
CA ILE E 1706 -46.36 -59.78 -47.17
C ILE E 1706 -47.53 -60.13 -46.26
N HIS E 1707 -48.28 -59.14 -45.82
CA HIS E 1707 -49.42 -59.35 -44.94
C HIS E 1707 -50.68 -59.33 -45.78
N PHE E 1708 -51.78 -59.81 -45.21
CA PHE E 1708 -53.05 -59.95 -45.91
C PHE E 1708 -54.22 -59.43 -45.08
N GLY E 1709 -54.04 -58.29 -44.43
CA GLY E 1709 -55.11 -57.66 -43.68
C GLY E 1709 -55.79 -56.55 -44.47
N GLY E 1710 -57.11 -56.45 -44.30
CA GLY E 1710 -57.89 -55.49 -45.04
C GLY E 1710 -58.24 -56.00 -46.44
N ALA E 1711 -59.09 -55.24 -47.12
CA ALA E 1711 -59.57 -55.64 -48.43
C ALA E 1711 -58.43 -55.74 -49.44
N LYS E 1712 -57.49 -54.79 -49.40
CA LYS E 1712 -56.32 -54.89 -50.26
C LYS E 1712 -55.51 -56.14 -49.93
N GLY E 1713 -55.41 -56.47 -48.65
CA GLY E 1713 -54.76 -57.71 -48.26
C GLY E 1713 -55.46 -58.94 -48.83
N ARG E 1714 -56.79 -58.93 -48.84
CA ARG E 1714 -57.51 -60.05 -49.43
C ARG E 1714 -57.26 -60.16 -50.93
N ALA E 1715 -57.22 -59.01 -51.61
CA ALA E 1715 -56.95 -59.04 -53.05
C ALA E 1715 -55.55 -59.57 -53.33
N ILE E 1716 -54.56 -59.13 -52.54
CA ILE E 1716 -53.19 -59.59 -52.74
C ILE E 1716 -53.10 -61.09 -52.45
N ARG E 1717 -53.76 -61.54 -51.39
CA ARG E 1717 -53.80 -62.96 -51.07
C ARG E 1717 -54.46 -63.75 -52.20
N ASP E 1718 -55.51 -63.18 -52.80
CA ASP E 1718 -56.15 -63.85 -53.93
C ASP E 1718 -55.21 -63.98 -55.11
N ASN E 1719 -54.41 -62.94 -55.37
CA ASN E 1719 -53.40 -63.06 -56.42
C ASN E 1719 -52.41 -64.18 -56.12
N TYR E 1720 -51.90 -64.22 -54.88
CA TYR E 1720 -50.95 -65.26 -54.51
C TYR E 1720 -51.57 -66.65 -54.63
N ILE E 1721 -52.85 -66.78 -54.25
CA ILE E 1721 -53.52 -68.07 -54.32
C ILE E 1721 -53.73 -68.48 -55.77
N GLY E 1722 -54.16 -67.54 -56.61
CA GLY E 1722 -54.42 -67.83 -58.01
C GLY E 1722 -53.17 -68.14 -58.80
N MET E 1723 -52.00 -67.68 -58.36
CA MET E 1723 -50.76 -68.10 -58.98
C MET E 1723 -50.65 -69.62 -58.93
N MET E 1724 -50.56 -70.26 -60.09
CA MET E 1724 -50.53 -71.72 -60.20
C MET E 1724 -49.36 -72.17 -61.07
N PHE E 1725 -48.78 -73.31 -60.69
CA PHE E 1725 -47.74 -73.99 -61.49
C PHE E 1725 -48.44 -75.12 -62.24
N GLU E 1726 -48.75 -74.86 -63.50
CA GLU E 1726 -49.30 -75.88 -64.38
C GLU E 1726 -48.18 -76.62 -65.08
N THR E 1727 -48.34 -77.94 -65.21
CA THR E 1727 -47.33 -78.78 -65.84
C THR E 1727 -47.99 -80.01 -66.42
N ILE E 1728 -47.19 -80.84 -67.08
CA ILE E 1728 -47.66 -82.09 -67.67
C ILE E 1728 -46.73 -83.23 -67.27
N LEU E 1734 -52.35 -83.34 -66.89
CA LEU E 1734 -51.98 -81.96 -66.62
C LEU E 1734 -52.17 -81.65 -65.13
N LYS E 1735 -51.05 -81.45 -64.44
CA LYS E 1735 -51.06 -81.14 -63.01
C LYS E 1735 -51.13 -79.62 -62.81
N SER E 1736 -51.79 -79.23 -61.71
CA SER E 1736 -52.06 -77.83 -61.40
C SER E 1736 -51.66 -77.52 -59.96
N GLU E 1737 -50.47 -77.97 -59.56
CA GLU E 1737 -50.00 -77.69 -58.20
C GLU E 1737 -49.76 -76.19 -58.03
N LYS E 1738 -50.14 -75.68 -56.86
CA LYS E 1738 -50.05 -74.25 -56.59
C LYS E 1738 -48.64 -73.86 -56.17
N ILE E 1739 -48.24 -72.64 -56.55
CA ILE E 1739 -46.92 -72.14 -56.18
C ILE E 1739 -46.82 -71.96 -54.67
N PHE E 1740 -47.80 -71.28 -54.09
CA PHE E 1740 -47.86 -71.02 -52.65
C PHE E 1740 -48.90 -71.95 -52.05
N LYS E 1741 -48.48 -73.19 -51.74
CA LYS E 1741 -49.37 -74.14 -51.12
C LYS E 1741 -49.70 -73.77 -49.67
N ASP E 1742 -48.88 -72.92 -49.05
CA ASP E 1742 -49.07 -72.53 -47.66
C ASP E 1742 -49.89 -71.25 -47.50
N ILE E 1743 -50.43 -70.71 -48.60
CA ILE E 1743 -51.32 -69.55 -48.55
C ILE E 1743 -52.74 -70.06 -48.82
N ASP E 1744 -53.66 -69.72 -47.94
CA ASP E 1744 -55.07 -70.07 -48.10
C ASP E 1744 -55.90 -68.90 -47.59
N GLU E 1745 -57.21 -69.10 -47.50
CA GLU E 1745 -58.10 -68.03 -47.04
C GLU E 1745 -57.83 -67.64 -45.59
N THR E 1746 -57.28 -68.54 -44.78
CA THR E 1746 -57.08 -68.29 -43.36
C THR E 1746 -55.70 -67.76 -43.03
N THR E 1747 -54.84 -67.52 -44.03
CA THR E 1747 -53.49 -67.05 -43.77
C THR E 1747 -53.45 -65.53 -43.73
N THR E 1748 -52.83 -65.00 -42.68
CA THR E 1748 -52.71 -63.56 -42.51
C THR E 1748 -51.40 -63.00 -43.05
N SER E 1749 -50.43 -63.85 -43.40
CA SER E 1749 -49.19 -63.35 -43.98
C SER E 1749 -48.41 -64.49 -44.61
N TYR E 1750 -47.44 -64.11 -45.45
CA TYR E 1750 -46.50 -65.02 -46.07
C TYR E 1750 -45.13 -64.35 -46.04
N THR E 1751 -44.10 -65.12 -45.69
CA THR E 1751 -42.74 -64.61 -45.56
C THR E 1751 -41.85 -65.22 -46.63
N PHE E 1752 -41.17 -64.38 -47.39
CA PHE E 1752 -40.12 -64.81 -48.29
C PHE E 1752 -38.81 -64.97 -47.52
N VAL E 1753 -38.09 -66.04 -47.79
CA VAL E 1753 -36.88 -66.40 -47.05
C VAL E 1753 -35.72 -66.50 -48.02
N SER E 1754 -34.61 -65.87 -47.66
CA SER E 1754 -33.37 -65.94 -48.43
C SER E 1754 -32.22 -66.14 -47.46
N PRO E 1755 -31.09 -66.68 -47.93
CA PRO E 1755 -29.95 -66.84 -47.01
C PRO E 1755 -29.27 -65.53 -46.67
N THR E 1756 -29.04 -64.68 -47.66
CA THR E 1756 -28.32 -63.41 -47.48
C THR E 1756 -29.13 -62.20 -47.94
N GLY E 1757 -29.91 -62.34 -49.00
CA GLY E 1757 -30.72 -61.24 -49.49
C GLY E 1757 -31.76 -61.70 -50.49
N LEU E 1758 -32.92 -61.03 -50.49
CA LEU E 1758 -33.99 -61.42 -51.39
C LEU E 1758 -33.74 -60.95 -52.82
N LEU E 1759 -32.86 -59.97 -53.02
CA LEU E 1759 -32.52 -59.54 -54.37
C LEU E 1759 -31.85 -60.66 -55.16
N SER E 1760 -31.24 -61.63 -54.48
CA SER E 1760 -30.69 -62.81 -55.14
C SER E 1760 -31.73 -63.85 -55.47
N ALA E 1761 -32.94 -63.75 -54.91
CA ALA E 1761 -33.98 -64.72 -55.20
C ALA E 1761 -34.44 -64.58 -56.65
N THR E 1762 -34.83 -65.71 -57.24
CA THR E 1762 -35.22 -65.71 -58.65
C THR E 1762 -36.43 -64.82 -58.90
N GLN E 1763 -37.41 -64.86 -57.99
CA GLN E 1763 -38.64 -64.11 -58.21
C GLN E 1763 -38.43 -62.61 -58.14
N PHE E 1764 -37.44 -62.15 -57.38
CA PHE E 1764 -37.13 -60.73 -57.28
C PHE E 1764 -35.93 -60.31 -58.11
N THR E 1765 -35.03 -61.24 -58.42
CA THR E 1765 -33.91 -60.94 -59.30
C THR E 1765 -34.40 -60.63 -60.70
N GLN E 1766 -35.27 -61.49 -61.25
CA GLN E 1766 -35.69 -61.34 -62.64
C GLN E 1766 -36.44 -60.05 -62.89
N PRO E 1767 -37.49 -59.69 -62.13
CA PRO E 1767 -38.10 -58.37 -62.34
C PRO E 1767 -37.13 -57.22 -62.14
N ALA E 1768 -36.25 -57.30 -61.13
CA ALA E 1768 -35.33 -56.21 -60.88
C ALA E 1768 -34.37 -56.00 -62.04
N LEU E 1769 -33.82 -57.09 -62.57
CA LEU E 1769 -32.89 -56.98 -63.70
C LEU E 1769 -33.61 -56.53 -64.96
N THR E 1770 -34.75 -57.15 -65.26
CA THR E 1770 -35.55 -56.74 -66.41
C THR E 1770 -35.89 -55.25 -66.31
N LEU E 1771 -36.18 -54.77 -65.11
CA LEU E 1771 -36.59 -53.39 -64.95
C LEU E 1771 -35.41 -52.43 -65.06
N MET E 1772 -34.24 -52.82 -64.53
CA MET E 1772 -33.08 -51.96 -64.69
C MET E 1772 -32.72 -51.83 -66.17
N GLU E 1773 -32.81 -52.94 -66.91
CA GLU E 1773 -32.53 -52.88 -68.34
C GLU E 1773 -33.58 -52.06 -69.09
N LYS E 1774 -34.86 -52.26 -68.77
CA LYS E 1774 -35.91 -51.50 -69.43
C LYS E 1774 -35.79 -50.02 -69.13
N ALA E 1775 -35.48 -49.66 -67.88
CA ALA E 1775 -35.35 -48.26 -67.51
C ALA E 1775 -34.16 -47.61 -68.20
N ALA E 1776 -33.02 -48.32 -68.25
CA ALA E 1776 -31.87 -47.78 -68.97
C ALA E 1776 -32.19 -47.59 -70.44
N TYR E 1777 -32.83 -48.58 -71.06
CA TYR E 1777 -33.17 -48.44 -72.47
C TYR E 1777 -34.20 -47.35 -72.71
N GLU E 1778 -35.09 -47.13 -71.75
CA GLU E 1778 -36.12 -46.10 -71.93
C GLU E 1778 -35.54 -44.71 -71.78
N ASP E 1779 -34.58 -44.53 -70.86
CA ASP E 1779 -33.88 -43.27 -70.79
C ASP E 1779 -33.06 -43.04 -72.06
N ILE E 1780 -32.44 -44.11 -72.57
CA ILE E 1780 -31.73 -44.02 -73.84
C ILE E 1780 -32.68 -43.61 -74.96
N LYS E 1781 -33.89 -44.18 -74.96
CA LYS E 1781 -34.90 -43.79 -75.94
C LYS E 1781 -35.26 -42.32 -75.80
N SER E 1782 -35.45 -41.85 -74.56
CA SER E 1782 -35.76 -40.45 -74.33
C SER E 1782 -34.66 -39.54 -74.86
N LYS E 1783 -33.42 -40.00 -74.80
CA LYS E 1783 -32.30 -39.26 -75.37
C LYS E 1783 -32.15 -39.50 -76.87
N GLY E 1784 -32.87 -40.47 -77.44
CA GLY E 1784 -32.92 -40.64 -78.88
C GLY E 1784 -31.76 -41.39 -79.48
N LEU E 1785 -31.10 -42.26 -78.72
CA LEU E 1785 -29.93 -42.98 -79.19
C LEU E 1785 -30.25 -44.36 -79.77
N ILE E 1786 -31.44 -44.52 -80.34
CA ILE E 1786 -31.89 -45.79 -80.90
C ILE E 1786 -32.04 -45.63 -82.41
N PRO E 1787 -31.07 -46.11 -83.20
CA PRO E 1787 -31.28 -46.14 -84.65
C PRO E 1787 -32.48 -47.00 -85.01
N SER E 1788 -33.16 -46.61 -86.08
CA SER E 1788 -34.39 -47.29 -86.46
C SER E 1788 -34.14 -48.76 -86.83
N ASP E 1789 -33.02 -49.03 -87.50
CA ASP E 1789 -32.71 -50.37 -88.02
C ASP E 1789 -31.78 -51.15 -87.10
N ILE E 1790 -31.93 -50.98 -85.79
CA ILE E 1790 -31.04 -51.66 -84.84
C ILE E 1790 -31.27 -53.17 -84.92
N MET E 1791 -30.34 -53.90 -84.32
CA MET E 1791 -30.55 -55.30 -83.96
C MET E 1791 -30.71 -55.40 -82.45
N PHE E 1792 -31.19 -56.55 -81.98
CA PHE E 1792 -31.23 -56.75 -80.54
C PHE E 1792 -31.39 -58.21 -80.22
N ALA E 1793 -30.79 -58.61 -79.11
CA ALA E 1793 -30.88 -59.96 -78.59
C ALA E 1793 -30.71 -59.87 -77.08
N GLY E 1794 -30.80 -61.00 -76.42
CA GLY E 1794 -30.63 -61.02 -74.98
C GLY E 1794 -30.38 -62.42 -74.47
N HIS E 1795 -29.73 -62.48 -73.31
CA HIS E 1795 -29.33 -63.75 -72.71
C HIS E 1795 -30.40 -64.16 -71.70
N SER E 1796 -31.18 -65.18 -72.03
CA SER E 1796 -32.22 -65.72 -71.15
C SER E 1796 -33.22 -64.64 -70.77
N LEU E 1797 -33.05 -64.03 -69.58
CA LEU E 1797 -33.96 -62.97 -69.15
C LEU E 1797 -33.77 -61.71 -69.98
N GLY E 1798 -32.54 -61.49 -70.45
CA GLY E 1798 -32.29 -60.36 -71.31
C GLY E 1798 -33.12 -60.38 -72.57
N GLU E 1799 -33.51 -61.57 -73.03
CA GLU E 1799 -34.36 -61.66 -74.22
C GLU E 1799 -35.73 -61.01 -73.96
N TYR E 1800 -36.35 -61.35 -72.83
CA TYR E 1800 -37.62 -60.73 -72.47
C TYR E 1800 -37.45 -59.22 -72.28
N SER E 1801 -36.37 -58.83 -71.61
CA SER E 1801 -36.12 -57.40 -71.41
C SER E 1801 -35.95 -56.69 -72.75
N ALA E 1802 -35.24 -57.31 -73.69
CA ALA E 1802 -34.99 -56.70 -74.99
C ALA E 1802 -36.29 -56.56 -75.78
N LEU E 1803 -37.12 -57.60 -75.77
CA LEU E 1803 -38.37 -57.53 -76.50
C LEU E 1803 -39.28 -56.44 -75.92
N SER E 1804 -39.33 -56.33 -74.59
CA SER E 1804 -40.11 -55.26 -73.99
C SER E 1804 -39.53 -53.89 -74.32
N SER E 1805 -38.21 -53.77 -74.37
CA SER E 1805 -37.57 -52.48 -74.55
C SER E 1805 -37.63 -51.98 -75.99
N LEU E 1806 -37.51 -52.87 -76.97
CA LEU E 1806 -37.44 -52.49 -78.37
C LEU E 1806 -38.75 -52.71 -79.11
N ALA E 1807 -39.33 -53.91 -79.02
CA ALA E 1807 -40.59 -54.18 -79.66
C ALA E 1807 -41.79 -53.68 -78.87
N ASN E 1808 -41.63 -53.43 -77.57
CA ASN E 1808 -42.71 -52.96 -76.71
C ASN E 1808 -43.92 -53.90 -76.80
N VAL E 1809 -43.64 -55.20 -76.75
CA VAL E 1809 -44.71 -56.19 -76.83
C VAL E 1809 -45.59 -56.18 -75.59
N MET E 1810 -45.11 -55.65 -74.48
CA MET E 1810 -45.85 -55.61 -73.22
C MET E 1810 -45.72 -54.24 -72.58
N PRO E 1811 -46.66 -53.86 -71.72
CA PRO E 1811 -46.45 -52.72 -70.83
C PRO E 1811 -45.50 -53.11 -69.69
N ILE E 1812 -45.09 -52.10 -68.93
CA ILE E 1812 -44.22 -52.33 -67.79
C ILE E 1812 -44.90 -53.25 -66.78
N GLU E 1813 -46.18 -53.00 -66.51
CA GLU E 1813 -46.91 -53.78 -65.51
C GLU E 1813 -46.97 -55.26 -65.92
N SER E 1814 -47.36 -55.53 -67.17
CA SER E 1814 -47.42 -56.91 -67.62
C SER E 1814 -46.05 -57.55 -67.66
N LEU E 1815 -45.02 -56.80 -68.07
CA LEU E 1815 -43.67 -57.34 -68.11
C LEU E 1815 -43.22 -57.79 -66.72
N VAL E 1816 -43.39 -56.92 -65.72
CA VAL E 1816 -42.95 -57.27 -64.38
C VAL E 1816 -43.80 -58.39 -63.82
N ASP E 1817 -45.09 -58.40 -64.14
CA ASP E 1817 -45.96 -59.46 -63.66
C ASP E 1817 -45.52 -60.82 -64.20
N VAL E 1818 -45.23 -60.90 -65.50
CA VAL E 1818 -44.87 -62.18 -66.08
C VAL E 1818 -43.50 -62.64 -65.59
N VAL E 1819 -42.53 -61.73 -65.51
CA VAL E 1819 -41.20 -62.15 -65.06
C VAL E 1819 -41.25 -62.59 -63.60
N PHE E 1820 -42.04 -61.92 -62.76
CA PHE E 1820 -42.20 -62.35 -61.38
C PHE E 1820 -42.89 -63.71 -61.30
N TYR E 1821 -43.95 -63.89 -62.10
CA TYR E 1821 -44.66 -65.16 -62.14
C TYR E 1821 -43.72 -66.30 -62.48
N ARG E 1822 -42.90 -66.11 -63.52
CA ARG E 1822 -42.01 -67.17 -63.94
C ARG E 1822 -40.81 -67.33 -63.01
N GLY E 1823 -40.41 -66.28 -62.30
CA GLY E 1823 -39.40 -66.46 -61.27
C GLY E 1823 -39.89 -67.35 -60.14
N MET E 1824 -41.11 -67.11 -59.66
CA MET E 1824 -41.69 -68.00 -58.68
C MET E 1824 -41.88 -69.41 -59.24
N THR E 1825 -42.30 -69.50 -60.51
CA THR E 1825 -42.48 -70.80 -61.14
C THR E 1825 -41.17 -71.57 -61.18
N MET E 1826 -40.07 -70.90 -61.53
CA MET E 1826 -38.77 -71.55 -61.52
C MET E 1826 -38.33 -71.89 -60.11
N GLN E 1827 -38.71 -71.09 -59.11
CA GLN E 1827 -38.40 -71.42 -57.73
C GLN E 1827 -39.06 -72.73 -57.33
N VAL E 1828 -40.33 -72.92 -57.70
CA VAL E 1828 -41.05 -74.15 -57.34
C VAL E 1828 -40.85 -75.27 -58.36
N ALA E 1829 -40.12 -75.02 -59.45
CA ALA E 1829 -39.92 -76.04 -60.47
C ALA E 1829 -39.11 -77.23 -59.97
N VAL E 1830 -38.16 -77.00 -59.06
CA VAL E 1830 -37.24 -78.05 -58.59
C VAL E 1830 -37.71 -78.51 -57.22
N PRO E 1831 -37.90 -79.81 -56.99
CA PRO E 1831 -38.18 -80.28 -55.62
C PRO E 1831 -37.03 -79.94 -54.69
N ARG E 1832 -37.30 -79.09 -53.70
CA ARG E 1832 -36.29 -78.67 -52.75
C ARG E 1832 -36.31 -79.56 -51.51
N ASP E 1833 -35.26 -79.43 -50.71
CA ASP E 1833 -35.16 -80.16 -49.44
C ASP E 1833 -35.87 -79.36 -48.35
N GLU E 1834 -35.68 -79.78 -47.10
CA GLU E 1834 -36.31 -79.09 -45.98
C GLU E 1834 -35.77 -77.68 -45.79
N LEU E 1835 -34.55 -77.41 -46.26
CA LEU E 1835 -33.92 -76.10 -46.12
C LEU E 1835 -33.89 -75.34 -47.45
N GLY E 1836 -34.81 -75.65 -48.35
CA GLY E 1836 -34.85 -74.99 -49.65
C GLY E 1836 -33.62 -75.27 -50.50
N ARG E 1837 -33.10 -76.49 -50.42
CA ARG E 1837 -31.94 -76.92 -51.20
C ARG E 1837 -32.35 -78.06 -52.12
N SER E 1838 -32.06 -77.92 -53.41
CA SER E 1838 -32.39 -78.92 -54.41
C SER E 1838 -31.13 -79.60 -54.91
N ASN E 1839 -31.33 -80.62 -55.74
CA ASN E 1839 -30.24 -81.40 -56.32
C ASN E 1839 -29.91 -80.95 -57.74
N TYR E 1840 -30.04 -79.66 -58.03
CA TYR E 1840 -29.81 -79.12 -59.36
C TYR E 1840 -29.01 -77.82 -59.24
N GLY E 1841 -28.27 -77.51 -60.29
CA GLY E 1841 -27.42 -76.33 -60.30
C GLY E 1841 -26.81 -76.13 -61.66
N MET E 1842 -25.95 -75.10 -61.76
CA MET E 1842 -25.33 -74.71 -63.02
C MET E 1842 -23.84 -74.48 -62.83
N VAL E 1843 -23.07 -74.89 -63.83
CA VAL E 1843 -21.61 -74.77 -63.80
C VAL E 1843 -21.13 -74.25 -65.15
N ALA E 1844 -20.21 -73.28 -65.14
CA ALA E 1844 -19.64 -72.72 -66.35
C ALA E 1844 -18.26 -73.32 -66.58
N VAL E 1845 -18.08 -73.95 -67.75
CA VAL E 1845 -16.90 -74.75 -68.06
C VAL E 1845 -16.15 -74.11 -69.22
N ASN E 1846 -14.90 -74.55 -69.39
CA ASN E 1846 -13.99 -73.98 -70.38
C ASN E 1846 -13.19 -75.11 -71.05
N PRO E 1847 -13.59 -75.53 -72.26
CA PRO E 1847 -12.82 -76.60 -72.94
C PRO E 1847 -11.36 -76.25 -73.15
N SER E 1848 -11.04 -74.98 -73.41
CA SER E 1848 -9.63 -74.61 -73.58
C SER E 1848 -8.86 -74.81 -72.28
N ARG E 1849 -9.50 -74.52 -71.14
CA ARG E 1849 -8.83 -74.76 -69.86
C ARG E 1849 -8.68 -76.25 -69.58
N VAL E 1850 -9.62 -77.07 -70.07
CA VAL E 1850 -9.41 -78.51 -70.02
C VAL E 1850 -8.18 -78.88 -70.83
N SER E 1851 -8.12 -78.41 -72.08
CA SER E 1851 -6.95 -78.55 -72.95
C SER E 1851 -7.20 -77.81 -74.25
N ALA E 1852 -6.15 -77.49 -74.99
CA ALA E 1852 -6.33 -76.81 -76.27
C ALA E 1852 -7.10 -77.68 -77.25
N THR E 1853 -6.94 -79.00 -77.18
CA THR E 1853 -7.63 -79.89 -78.11
C THR E 1853 -9.12 -79.98 -77.77
N PHE E 1854 -9.46 -79.96 -76.48
CA PHE E 1854 -10.86 -80.08 -76.07
C PHE E 1854 -11.67 -78.91 -76.60
N ASP E 1855 -12.66 -79.20 -77.42
CA ASP E 1855 -13.48 -78.20 -78.09
C ASP E 1855 -14.94 -78.36 -77.68
N ASP E 1856 -15.81 -77.59 -78.35
CA ASP E 1856 -17.23 -77.66 -78.06
C ASP E 1856 -17.78 -79.04 -78.34
N SER E 1857 -17.36 -79.67 -79.44
CA SER E 1857 -17.84 -81.01 -79.76
C SER E 1857 -17.41 -82.02 -78.69
N ALA E 1858 -16.16 -81.94 -78.24
CA ALA E 1858 -15.70 -82.85 -77.20
C ALA E 1858 -16.45 -82.65 -75.90
N LEU E 1859 -16.66 -81.39 -75.50
CA LEU E 1859 -17.42 -81.11 -74.30
C LEU E 1859 -18.85 -81.64 -74.43
N ARG E 1860 -19.47 -81.43 -75.58
CA ARG E 1860 -20.82 -81.96 -75.79
C ARG E 1860 -20.82 -83.47 -75.62
N PHE E 1861 -19.94 -84.17 -76.36
CA PHE E 1861 -19.89 -85.63 -76.29
C PHE E 1861 -19.75 -86.11 -74.85
N VAL E 1862 -18.83 -85.49 -74.09
CA VAL E 1862 -18.70 -85.85 -72.69
C VAL E 1862 -19.99 -85.62 -71.93
N VAL E 1863 -20.71 -84.54 -72.23
CA VAL E 1863 -21.94 -84.21 -71.51
C VAL E 1863 -23.02 -85.27 -71.76
N ASP E 1864 -23.30 -85.54 -73.03
CA ASP E 1864 -24.35 -86.53 -73.34
C ASP E 1864 -23.95 -87.93 -72.86
N GLU E 1865 -22.67 -88.28 -72.93
CA GLU E 1865 -22.27 -89.61 -72.48
C GLU E 1865 -22.37 -89.73 -70.97
N VAL E 1866 -22.04 -88.66 -70.23
CA VAL E 1866 -22.24 -88.68 -68.79
C VAL E 1866 -23.72 -88.87 -68.48
N ALA E 1867 -24.57 -88.08 -69.14
CA ALA E 1867 -26.01 -88.15 -68.88
C ALA E 1867 -26.55 -89.54 -69.18
N ASN E 1868 -26.16 -90.12 -70.31
CA ASN E 1868 -26.66 -91.43 -70.70
C ASN E 1868 -26.14 -92.53 -69.78
N LYS E 1869 -24.84 -92.47 -69.43
CA LYS E 1869 -24.25 -93.52 -68.61
C LYS E 1869 -24.86 -93.53 -67.21
N THR E 1870 -25.02 -92.36 -66.60
CA THR E 1870 -25.51 -92.29 -65.23
C THR E 1870 -27.02 -92.12 -65.13
N LYS E 1871 -27.72 -92.00 -66.26
CA LYS E 1871 -29.18 -91.88 -66.26
C LYS E 1871 -29.65 -90.67 -65.46
N TRP E 1872 -28.83 -89.61 -65.46
CA TRP E 1872 -29.12 -88.38 -64.76
C TRP E 1872 -29.18 -87.22 -65.75
N LEU E 1873 -30.01 -86.24 -65.42
CA LEU E 1873 -30.12 -85.05 -66.26
C LEU E 1873 -28.80 -84.28 -66.25
N LEU E 1874 -28.25 -84.03 -67.43
CA LEU E 1874 -27.03 -83.24 -67.56
C LEU E 1874 -26.92 -82.78 -69.00
N GLU E 1875 -26.99 -81.47 -69.23
CA GLU E 1875 -26.97 -80.93 -70.58
C GLU E 1875 -26.23 -79.61 -70.58
N ILE E 1876 -25.84 -79.18 -71.77
CA ILE E 1876 -25.27 -77.85 -71.97
C ILE E 1876 -26.42 -76.88 -72.18
N VAL E 1877 -26.57 -75.93 -71.26
CA VAL E 1877 -27.70 -75.00 -71.31
C VAL E 1877 -27.37 -73.78 -72.15
N ASN E 1878 -26.17 -73.23 -72.02
CA ASN E 1878 -25.75 -72.03 -72.75
C ASN E 1878 -24.54 -72.34 -73.60
N TYR E 1879 -24.65 -72.08 -74.90
CA TYR E 1879 -23.52 -72.17 -75.82
C TYR E 1879 -22.95 -70.76 -75.98
N ASN E 1880 -22.16 -70.36 -75.00
CA ASN E 1880 -21.51 -69.06 -74.99
C ASN E 1880 -20.30 -69.10 -75.92
N VAL E 1881 -19.39 -68.13 -75.77
CA VAL E 1881 -18.18 -67.98 -76.58
C VAL E 1881 -17.52 -69.33 -76.81
N GLU E 1882 -17.13 -69.60 -78.06
CA GLU E 1882 -16.63 -70.91 -78.42
C GLU E 1882 -15.31 -71.21 -77.74
N ASN E 1883 -15.20 -72.43 -77.20
CA ASN E 1883 -14.00 -72.95 -76.58
C ASN E 1883 -13.55 -72.15 -75.35
N GLN E 1884 -14.39 -71.26 -74.82
CA GLN E 1884 -14.01 -70.45 -73.66
C GLN E 1884 -15.06 -70.49 -72.55
N GLN E 1885 -16.34 -70.55 -72.90
CA GLN E 1885 -17.41 -70.57 -71.91
C GLN E 1885 -18.54 -71.45 -72.39
N TYR E 1886 -18.97 -72.39 -71.54
CA TYR E 1886 -20.17 -73.16 -71.79
C TYR E 1886 -20.82 -73.48 -70.46
N VAL E 1887 -22.07 -73.04 -70.27
CA VAL E 1887 -22.81 -73.30 -69.05
C VAL E 1887 -23.53 -74.63 -69.21
N ALA E 1888 -23.52 -75.44 -68.16
CA ALA E 1888 -24.17 -76.74 -68.14
C ALA E 1888 -25.04 -76.84 -66.89
N ALA E 1889 -26.17 -77.53 -67.02
CA ALA E 1889 -27.12 -77.70 -65.93
C ALA E 1889 -27.63 -79.14 -65.91
N GLY E 1890 -28.01 -79.58 -64.71
CA GLY E 1890 -28.50 -80.93 -64.54
C GLY E 1890 -28.52 -81.29 -63.06
N ASP E 1891 -28.72 -82.57 -62.81
CA ASP E 1891 -28.63 -83.08 -61.44
C ASP E 1891 -27.26 -82.76 -60.87
N LEU E 1892 -27.22 -82.36 -59.59
CA LEU E 1892 -25.96 -81.93 -58.99
C LEU E 1892 -24.95 -83.06 -58.98
N ARG E 1893 -25.42 -84.30 -58.82
CA ARG E 1893 -24.53 -85.46 -58.96
C ARG E 1893 -23.85 -85.45 -60.32
N ALA E 1894 -24.64 -85.24 -61.38
CA ALA E 1894 -24.08 -85.26 -62.72
C ALA E 1894 -23.17 -84.06 -62.97
N LEU E 1895 -23.48 -82.91 -62.35
CA LEU E 1895 -22.62 -81.75 -62.51
C LEU E 1895 -21.26 -81.97 -61.86
N ASP E 1896 -21.25 -82.54 -60.64
CA ASP E 1896 -19.99 -82.91 -60.03
C ASP E 1896 -19.28 -83.99 -60.85
N THR E 1897 -20.05 -84.90 -61.44
CA THR E 1897 -19.45 -85.93 -62.28
C THR E 1897 -18.74 -85.32 -63.48
N LEU E 1898 -19.39 -84.35 -64.13
CA LEU E 1898 -18.76 -83.65 -65.24
C LEU E 1898 -17.52 -82.89 -64.78
N THR E 1899 -17.59 -82.25 -63.61
CA THR E 1899 -16.43 -81.56 -63.06
C THR E 1899 -15.23 -82.50 -62.97
N ASN E 1900 -15.42 -83.65 -62.33
CA ASN E 1900 -14.28 -84.55 -62.13
C ASN E 1900 -13.85 -85.22 -63.43
N VAL E 1901 -14.79 -85.47 -64.36
CA VAL E 1901 -14.40 -86.04 -65.65
C VAL E 1901 -13.50 -85.07 -66.41
N LEU E 1902 -13.88 -83.78 -66.43
CA LEU E 1902 -13.06 -82.80 -67.12
C LEU E 1902 -11.73 -82.59 -66.40
N ASN E 1903 -11.72 -82.71 -65.06
CA ASN E 1903 -10.45 -82.65 -64.35
C ASN E 1903 -9.54 -83.82 -64.70
N VAL E 1904 -10.11 -85.01 -64.82
CA VAL E 1904 -9.34 -86.18 -65.22
C VAL E 1904 -8.75 -85.97 -66.61
N LEU E 1905 -9.56 -85.44 -67.53
CA LEU E 1905 -9.03 -85.13 -68.86
C LEU E 1905 -7.92 -84.09 -68.79
N LYS E 1906 -8.10 -83.06 -67.95
CA LYS E 1906 -7.10 -82.02 -67.80
C LYS E 1906 -5.75 -82.59 -67.36
N ILE E 1907 -5.77 -83.47 -66.36
CA ILE E 1907 -4.51 -83.99 -65.82
C ILE E 1907 -3.93 -85.06 -66.73
N ASN E 1908 -4.75 -86.02 -67.17
CA ASN E 1908 -4.22 -87.13 -67.96
C ASN E 1908 -3.81 -86.69 -69.36
N LYS E 1909 -4.35 -85.58 -69.85
CA LYS E 1909 -4.01 -85.07 -71.18
C LYS E 1909 -4.43 -86.04 -72.27
N ILE E 1910 -5.71 -86.42 -72.25
CA ILE E 1910 -6.30 -87.33 -73.24
C ILE E 1910 -7.37 -86.55 -74.00
N ASP E 1911 -7.34 -86.66 -75.32
CA ASP E 1911 -8.21 -85.87 -76.19
C ASP E 1911 -9.26 -86.75 -76.85
N ILE E 1912 -10.53 -86.32 -76.77
CA ILE E 1912 -11.64 -87.09 -77.31
C ILE E 1912 -11.48 -87.25 -78.82
N VAL E 1913 -11.06 -86.19 -79.50
CA VAL E 1913 -10.88 -86.27 -80.95
C VAL E 1913 -9.75 -87.22 -81.29
N LYS E 1914 -8.70 -87.23 -80.48
CA LYS E 1914 -7.61 -88.19 -80.70
C LYS E 1914 -8.08 -89.62 -80.54
N LEU E 1915 -8.93 -89.88 -79.54
CA LEU E 1915 -9.52 -91.20 -79.40
C LEU E 1915 -10.40 -91.53 -80.62
N GLN E 1916 -11.21 -90.58 -81.07
CA GLN E 1916 -12.01 -90.79 -82.27
C GLN E 1916 -11.16 -91.15 -83.47
N GLU E 1917 -9.97 -90.56 -83.58
CA GLU E 1917 -9.05 -90.86 -84.68
C GLU E 1917 -8.43 -92.24 -84.54
N GLN E 1918 -7.96 -92.59 -83.34
CA GLN E 1918 -7.15 -93.79 -83.16
C GLN E 1918 -7.93 -95.04 -82.78
N MET E 1919 -9.23 -94.95 -82.54
CA MET E 1919 -10.05 -96.14 -82.34
C MET E 1919 -11.50 -95.82 -82.68
N SER E 1920 -12.29 -96.88 -82.82
CA SER E 1920 -13.67 -96.73 -83.26
C SER E 1920 -14.50 -96.02 -82.20
N ILE E 1921 -15.65 -95.49 -82.65
CA ILE E 1921 -16.50 -94.67 -81.78
C ILE E 1921 -16.99 -95.50 -80.60
N GLU E 1922 -17.22 -96.80 -80.82
CA GLU E 1922 -17.61 -97.67 -79.72
C GLU E 1922 -16.52 -97.73 -78.65
N LYS E 1923 -15.26 -97.83 -79.07
CA LYS E 1923 -14.17 -97.88 -78.11
C LYS E 1923 -14.00 -96.54 -77.40
N VAL E 1924 -14.22 -95.43 -78.12
CA VAL E 1924 -14.21 -94.12 -77.48
C VAL E 1924 -15.29 -94.05 -76.41
N LYS E 1925 -16.49 -94.54 -76.73
CA LYS E 1925 -17.56 -94.61 -75.75
C LYS E 1925 -17.14 -95.44 -74.56
N GLU E 1926 -16.49 -96.58 -74.79
CA GLU E 1926 -16.09 -97.46 -73.70
C GLU E 1926 -15.09 -96.76 -72.77
N HIS E 1927 -14.10 -96.07 -73.35
CA HIS E 1927 -13.12 -95.37 -72.52
C HIS E 1927 -13.80 -94.29 -71.67
N LEU E 1928 -14.61 -93.45 -72.30
CA LEU E 1928 -15.28 -92.41 -71.55
C LEU E 1928 -16.25 -92.99 -70.53
N TYR E 1929 -16.83 -94.16 -70.83
CA TYR E 1929 -17.70 -94.82 -69.86
C TYR E 1929 -16.92 -95.31 -68.66
N GLU E 1930 -15.69 -95.80 -68.87
CA GLU E 1930 -14.85 -96.17 -67.73
C GLU E 1930 -14.61 -94.96 -66.84
N ILE E 1931 -14.24 -93.83 -67.44
CA ILE E 1931 -14.00 -92.62 -66.64
C ILE E 1931 -15.28 -92.22 -65.90
N VAL E 1932 -16.40 -92.21 -66.63
CA VAL E 1932 -17.67 -91.75 -66.06
C VAL E 1932 -18.13 -92.69 -64.96
N ASP E 1933 -17.88 -93.99 -65.11
CA ASP E 1933 -18.29 -94.95 -64.08
C ASP E 1933 -17.49 -94.77 -62.81
N GLU E 1934 -16.16 -94.57 -62.94
CA GLU E 1934 -15.37 -94.24 -61.77
C GLU E 1934 -15.94 -93.02 -61.06
N VAL E 1935 -16.17 -91.94 -61.81
CA VAL E 1935 -16.61 -90.70 -61.20
C VAL E 1935 -18.02 -90.85 -60.62
N ALA E 1936 -18.87 -91.65 -61.26
CA ALA E 1936 -20.23 -91.83 -60.77
C ALA E 1936 -20.25 -92.62 -59.47
N ALA E 1937 -19.44 -93.67 -59.40
CA ALA E 1937 -19.29 -94.40 -58.14
C ALA E 1937 -18.79 -93.48 -57.04
N LYS E 1938 -17.91 -92.54 -57.39
CA LYS E 1938 -17.50 -91.54 -56.41
C LYS E 1938 -18.66 -90.61 -56.03
N SER E 1939 -19.46 -90.22 -57.03
CA SER E 1939 -20.54 -89.27 -56.79
C SER E 1939 -21.63 -89.86 -55.89
N LEU E 1940 -21.78 -91.18 -55.90
CA LEU E 1940 -22.75 -91.81 -55.01
C LEU E 1940 -22.47 -91.45 -53.55
N ALA E 1941 -21.19 -91.32 -53.19
CA ALA E 1941 -20.84 -90.97 -51.81
C ALA E 1941 -21.32 -89.57 -51.46
N LYS E 1942 -21.21 -88.63 -52.40
CA LYS E 1942 -21.57 -87.24 -52.16
C LYS E 1942 -23.04 -87.13 -51.77
N PRO E 1943 -23.38 -86.78 -50.52
CA PRO E 1943 -24.78 -86.76 -50.12
C PRO E 1943 -25.50 -85.51 -50.58
N GLN E 1944 -26.82 -85.63 -50.69
CA GLN E 1944 -27.66 -84.52 -51.12
C GLN E 1944 -27.86 -83.55 -49.95
N PRO E 1945 -27.70 -82.22 -50.15
CA PRO E 1945 -27.26 -81.50 -51.37
C PRO E 1945 -25.75 -81.56 -51.51
N ILE E 1946 -25.23 -81.48 -52.74
CA ILE E 1946 -23.80 -81.56 -53.01
C ILE E 1946 -23.30 -80.15 -53.24
N ASP E 1947 -22.32 -79.72 -52.43
CA ASP E 1947 -21.67 -78.43 -52.61
C ASP E 1947 -20.54 -78.61 -53.61
N LEU E 1948 -20.74 -78.12 -54.83
CA LEU E 1948 -19.79 -78.37 -55.90
C LEU E 1948 -18.45 -77.72 -55.61
N GLU E 1949 -17.37 -78.41 -56.00
CA GLU E 1949 -16.01 -77.93 -55.83
C GLU E 1949 -15.50 -77.38 -57.15
N ARG E 1950 -14.91 -76.19 -57.11
CA ARG E 1950 -14.38 -75.57 -58.31
C ARG E 1950 -13.26 -76.43 -58.88
N GLY E 1951 -13.41 -76.84 -60.13
CA GLY E 1951 -12.41 -77.62 -60.83
C GLY E 1951 -11.43 -76.75 -61.59
N PHE E 1952 -10.74 -77.37 -62.54
CA PHE E 1952 -9.77 -76.64 -63.36
C PHE E 1952 -10.50 -75.77 -64.38
N ALA E 1953 -11.34 -76.38 -65.21
CA ALA E 1953 -12.11 -75.67 -66.23
C ALA E 1953 -13.49 -75.24 -65.75
N VAL E 1954 -14.05 -75.92 -64.76
CA VAL E 1954 -15.42 -75.68 -64.34
C VAL E 1954 -15.45 -74.78 -63.12
N ILE E 1955 -16.33 -73.80 -63.13
CA ILE E 1955 -16.57 -72.90 -62.00
C ILE E 1955 -18.06 -72.99 -61.66
N PRO E 1956 -18.47 -73.15 -60.40
CA PRO E 1956 -19.91 -73.23 -60.13
C PRO E 1956 -20.55 -71.85 -60.12
N LEU E 1957 -21.75 -71.76 -60.71
CA LEU E 1957 -22.51 -70.52 -60.70
C LEU E 1957 -23.36 -70.51 -59.43
N LYS E 1958 -22.81 -69.93 -58.37
CA LYS E 1958 -23.45 -69.97 -57.07
C LYS E 1958 -24.76 -69.17 -57.08
N GLY E 1959 -25.67 -69.56 -56.19
CA GLY E 1959 -26.95 -68.89 -56.07
C GLY E 1959 -28.00 -69.33 -57.06
N ILE E 1960 -27.73 -70.37 -57.86
CA ILE E 1960 -28.66 -70.87 -58.85
C ILE E 1960 -28.93 -72.34 -58.56
N SER E 1961 -30.22 -72.69 -58.48
CA SER E 1961 -30.64 -74.06 -58.23
C SER E 1961 -31.56 -74.63 -59.30
N VAL E 1962 -32.07 -73.80 -60.21
CA VAL E 1962 -32.99 -74.26 -61.26
C VAL E 1962 -32.16 -74.64 -62.48
N PRO E 1963 -32.33 -75.85 -63.05
CA PRO E 1963 -31.63 -76.16 -64.32
C PRO E 1963 -32.42 -75.71 -65.53
N PHE E 1964 -32.36 -74.41 -65.81
CA PHE E 1964 -33.19 -73.82 -66.86
C PHE E 1964 -32.40 -73.81 -68.18
N HIS E 1965 -33.16 -73.72 -69.28
CA HIS E 1965 -32.67 -74.02 -70.62
C HIS E 1965 -32.20 -75.47 -70.73
N SER E 1966 -32.90 -76.38 -70.05
CA SER E 1966 -32.65 -77.82 -70.12
C SER E 1966 -33.95 -78.53 -70.47
N SER E 1967 -33.84 -79.84 -70.68
CA SER E 1967 -35.02 -80.65 -70.95
C SER E 1967 -35.92 -80.81 -69.72
N TYR E 1968 -35.46 -80.38 -68.55
CA TYR E 1968 -36.26 -80.48 -67.34
C TYR E 1968 -37.57 -79.70 -67.47
N LEU E 1969 -37.50 -78.49 -68.02
CA LEU E 1969 -38.63 -77.57 -67.99
C LEU E 1969 -39.57 -77.72 -69.18
N MET E 1970 -39.35 -78.72 -70.04
CA MET E 1970 -40.25 -78.93 -71.17
C MET E 1970 -41.68 -79.15 -70.71
N SER E 1971 -41.87 -79.77 -69.55
CA SER E 1971 -43.22 -79.97 -69.02
C SER E 1971 -43.91 -78.64 -68.76
N GLY E 1972 -43.20 -77.69 -68.15
CA GLY E 1972 -43.78 -76.38 -67.87
C GLY E 1972 -43.80 -75.44 -69.05
N VAL E 1973 -43.07 -75.75 -70.13
CA VAL E 1973 -43.00 -74.82 -71.26
C VAL E 1973 -44.38 -74.65 -71.90
N LYS E 1974 -45.13 -75.73 -72.08
CA LYS E 1974 -46.43 -75.61 -72.73
C LYS E 1974 -47.42 -74.76 -71.93
N PRO E 1975 -47.63 -74.98 -70.63
CA PRO E 1975 -48.41 -74.00 -69.86
C PRO E 1975 -47.79 -72.63 -69.89
N PHE E 1976 -46.47 -72.53 -69.96
CA PHE E 1976 -45.83 -71.25 -70.17
C PHE E 1976 -46.16 -70.68 -71.54
N GLN E 1977 -46.34 -71.53 -72.56
CA GLN E 1977 -46.81 -71.01 -73.84
C GLN E 1977 -48.21 -70.42 -73.71
N ARG E 1978 -49.10 -71.10 -72.98
CA ARG E 1978 -50.45 -70.56 -72.80
C ARG E 1978 -50.41 -69.24 -72.04
N PHE E 1979 -49.59 -69.18 -70.98
CA PHE E 1979 -49.44 -67.95 -70.21
C PHE E 1979 -48.91 -66.82 -71.07
N LEU E 1980 -47.92 -67.11 -71.91
CA LEU E 1980 -47.37 -66.11 -72.83
C LEU E 1980 -48.42 -65.66 -73.83
N CYS E 1981 -49.22 -66.59 -74.34
CA CYS E 1981 -50.27 -66.21 -75.29
C CYS E 1981 -51.26 -65.25 -74.64
N LYS E 1982 -51.64 -65.51 -73.39
CA LYS E 1982 -52.57 -64.61 -72.72
C LYS E 1982 -51.92 -63.26 -72.42
N LYS E 1983 -50.67 -63.26 -71.98
CA LYS E 1983 -50.04 -62.04 -71.48
C LYS E 1983 -49.39 -61.20 -72.57
N ILE E 1984 -49.20 -61.74 -73.76
CA ILE E 1984 -48.69 -61.01 -74.92
C ILE E 1984 -49.90 -60.65 -75.77
N PRO E 1985 -50.47 -59.45 -75.66
CA PRO E 1985 -51.58 -59.09 -76.56
C PRO E 1985 -51.14 -59.12 -78.02
N LYS E 1986 -52.02 -59.66 -78.87
CA LYS E 1986 -51.69 -59.82 -80.27
C LYS E 1986 -51.50 -58.47 -80.96
N SER E 1987 -52.35 -57.49 -80.64
CA SER E 1987 -52.27 -56.19 -81.31
C SER E 1987 -50.98 -55.47 -80.95
N SER E 1988 -50.41 -55.74 -79.78
CA SER E 1988 -49.20 -55.05 -79.36
C SER E 1988 -47.94 -55.62 -80.01
N VAL E 1989 -48.03 -56.77 -80.67
CA VAL E 1989 -46.86 -57.39 -81.31
C VAL E 1989 -46.72 -56.77 -82.69
N LYS E 1990 -45.77 -55.85 -82.84
CA LYS E 1990 -45.52 -55.19 -84.11
C LYS E 1990 -44.42 -55.94 -84.85
N PRO E 1991 -44.70 -56.59 -85.99
CA PRO E 1991 -43.62 -57.29 -86.70
C PRO E 1991 -42.49 -56.38 -87.16
N GLN E 1992 -42.81 -55.13 -87.53
CA GLN E 1992 -41.79 -54.23 -88.06
C GLN E 1992 -40.65 -54.02 -87.07
N ASP E 1993 -40.93 -54.15 -85.77
CA ASP E 1993 -39.90 -54.06 -84.75
C ASP E 1993 -39.11 -55.35 -84.57
N LEU E 1994 -39.48 -56.42 -85.26
CA LEU E 1994 -38.87 -57.73 -85.07
C LEU E 1994 -38.23 -58.30 -86.34
N ILE E 1995 -38.83 -58.11 -87.51
CA ILE E 1995 -38.34 -58.75 -88.72
C ILE E 1995 -36.93 -58.24 -89.00
N GLY E 1996 -35.97 -59.17 -89.09
CA GLY E 1996 -34.60 -58.82 -89.37
C GLY E 1996 -33.89 -58.04 -88.29
N LYS E 1997 -34.50 -57.91 -87.11
CA LYS E 1997 -33.94 -57.13 -86.01
C LYS E 1997 -33.90 -57.88 -84.70
N TYR E 1998 -34.62 -59.00 -84.58
CA TYR E 1998 -34.71 -59.78 -83.36
C TYR E 1998 -34.02 -61.12 -83.56
N ILE E 1999 -33.10 -61.46 -82.67
CA ILE E 1999 -32.36 -62.71 -82.74
C ILE E 1999 -32.78 -63.56 -81.53
N PRO E 2000 -33.73 -64.49 -81.67
CA PRO E 2000 -34.20 -65.22 -80.49
C PRO E 2000 -33.14 -66.15 -79.93
N ASN E 2001 -33.27 -66.44 -78.63
CA ASN E 2001 -32.34 -67.33 -77.98
C ASN E 2001 -32.54 -68.75 -78.52
N LEU E 2002 -33.79 -69.11 -78.83
CA LEU E 2002 -34.11 -70.45 -79.31
C LEU E 2002 -33.44 -70.74 -80.65
N THR E 2003 -33.65 -69.86 -81.63
CA THR E 2003 -33.13 -70.07 -82.98
C THR E 2003 -31.81 -69.38 -83.23
N ALA E 2004 -31.56 -68.24 -82.59
CA ALA E 2004 -30.32 -67.49 -82.73
C ALA E 2004 -30.10 -67.03 -84.18
N LYS E 2005 -31.19 -66.76 -84.89
CA LYS E 2005 -31.18 -66.20 -86.23
C LYS E 2005 -32.08 -64.98 -86.26
N PRO E 2006 -31.89 -64.07 -87.22
CA PRO E 2006 -32.80 -62.92 -87.32
C PRO E 2006 -34.25 -63.37 -87.44
N PHE E 2007 -35.11 -62.73 -86.65
CA PHE E 2007 -36.53 -63.07 -86.65
C PHE E 2007 -37.13 -62.85 -88.03
N GLU E 2008 -37.83 -63.86 -88.54
CA GLU E 2008 -38.45 -63.78 -89.86
C GLU E 2008 -39.73 -64.60 -89.84
N LEU E 2009 -40.74 -64.11 -90.56
CA LEU E 2009 -42.02 -64.80 -90.69
C LEU E 2009 -42.03 -65.54 -92.03
N THR E 2010 -41.32 -66.66 -92.07
CA THR E 2010 -41.18 -67.44 -93.28
C THR E 2010 -41.31 -68.92 -92.96
N LYS E 2011 -41.65 -69.70 -94.00
CA LYS E 2011 -41.81 -71.14 -93.84
C LYS E 2011 -40.52 -71.78 -93.34
N GLU E 2012 -39.37 -71.32 -93.83
CA GLU E 2012 -38.10 -71.87 -93.37
C GLU E 2012 -37.88 -71.60 -91.88
N TYR E 2013 -38.21 -70.40 -91.42
CA TYR E 2013 -38.03 -70.07 -90.01
C TYR E 2013 -38.97 -70.89 -89.14
N PHE E 2014 -40.23 -71.02 -89.55
CA PHE E 2014 -41.17 -71.85 -88.79
C PHE E 2014 -40.71 -73.30 -88.77
N GLN E 2015 -40.15 -73.77 -89.89
CA GLN E 2015 -39.63 -75.13 -89.94
C GLN E 2015 -38.46 -75.31 -88.97
N SER E 2016 -37.58 -74.32 -88.88
CA SER E 2016 -36.48 -74.39 -87.92
C SER E 2016 -37.01 -74.42 -86.49
N VAL E 2017 -38.02 -73.61 -86.20
CA VAL E 2017 -38.63 -73.62 -84.87
C VAL E 2017 -39.20 -75.00 -84.57
N TYR E 2018 -39.85 -75.63 -85.56
CA TYR E 2018 -40.34 -76.98 -85.35
C TYR E 2018 -39.19 -77.97 -85.15
N ASP E 2019 -38.09 -77.78 -85.87
CA ASP E 2019 -36.95 -78.66 -85.69
C ASP E 2019 -36.43 -78.60 -84.27
N LEU E 2020 -36.47 -77.41 -83.67
CA LEU E 2020 -35.95 -77.23 -82.31
C LEU E 2020 -37.00 -77.48 -81.21
N THR E 2021 -38.29 -77.57 -81.54
CA THR E 2021 -39.33 -77.67 -80.51
C THR E 2021 -40.27 -78.88 -80.64
N LYS E 2022 -40.45 -79.45 -81.83
CA LYS E 2022 -41.39 -80.55 -82.04
C LYS E 2022 -42.82 -80.11 -81.69
N SER E 2023 -43.16 -78.87 -82.04
CA SER E 2023 -44.46 -78.31 -81.71
C SER E 2023 -45.46 -78.60 -82.83
N GLU E 2024 -46.59 -79.21 -82.48
CA GLU E 2024 -47.61 -79.51 -83.48
C GLU E 2024 -48.33 -78.27 -83.96
N LYS E 2025 -48.40 -77.22 -83.12
CA LYS E 2025 -48.99 -75.97 -83.57
C LYS E 2025 -48.19 -75.36 -84.72
N ILE E 2026 -46.86 -75.41 -84.62
CA ILE E 2026 -46.03 -74.91 -85.72
C ILE E 2026 -46.23 -75.74 -86.97
N LYS E 2027 -46.44 -77.06 -86.81
CA LYS E 2027 -46.70 -77.90 -87.98
C LYS E 2027 -48.03 -77.54 -88.62
N SER E 2028 -49.06 -77.26 -87.81
CA SER E 2028 -50.32 -76.81 -88.36
C SER E 2028 -50.15 -75.50 -89.13
N ILE E 2029 -49.39 -74.56 -88.55
CA ILE E 2029 -49.14 -73.29 -89.22
C ILE E 2029 -48.37 -73.52 -90.52
N LEU E 2030 -47.39 -74.41 -90.50
CA LEU E 2030 -46.61 -74.69 -91.70
C LEU E 2030 -47.48 -75.32 -92.79
N ASP E 2031 -48.31 -76.29 -92.43
CA ASP E 2031 -49.18 -76.92 -93.41
C ASP E 2031 -50.17 -75.93 -94.00
N ASN E 2032 -50.69 -75.02 -93.17
CA ASN E 2032 -51.64 -74.02 -93.64
C ASN E 2032 -50.95 -72.74 -94.12
N TRP E 2033 -49.61 -72.73 -94.22
CA TRP E 2033 -48.90 -71.53 -94.65
C TRP E 2033 -49.35 -71.06 -96.03
N GLU E 2034 -49.51 -72.00 -96.96
CA GLU E 2034 -49.92 -71.62 -98.32
C GLU E 2034 -51.29 -70.95 -98.31
N GLN E 2035 -52.22 -71.47 -97.51
CA GLN E 2035 -53.52 -70.83 -97.36
C GLN E 2035 -53.45 -69.53 -96.56
N TYR E 2036 -52.46 -69.42 -95.67
CA TYR E 2036 -52.29 -68.20 -94.87
C TYR E 2036 -51.86 -67.04 -95.76
N GLU E 2037 -50.92 -67.29 -96.66
CA GLU E 2037 -50.44 -66.26 -97.58
C GLU E 2037 -51.38 -66.14 -98.78
N PHE F 7 46.41 12.96 -109.77
CA PHE F 7 46.45 11.76 -108.95
C PHE F 7 46.15 12.11 -107.49
N GLN F 8 45.75 11.10 -106.71
CA GLN F 8 45.30 11.29 -105.34
C GLN F 8 45.98 10.29 -104.40
N LEU F 9 47.30 10.18 -104.50
CA LEU F 9 48.06 9.41 -103.53
C LEU F 9 47.87 10.00 -102.15
N THR F 10 47.16 9.30 -101.26
CA THR F 10 46.82 9.86 -99.97
C THR F 10 46.66 8.75 -98.94
N HIS F 11 46.78 9.13 -97.68
CA HIS F 11 46.52 8.23 -96.56
C HIS F 11 46.22 9.10 -95.35
N GLY F 12 44.97 9.08 -94.90
CA GLY F 12 44.55 10.03 -93.88
C GLY F 12 44.33 11.41 -94.48
N SER F 13 44.62 12.44 -93.68
CA SER F 13 44.45 13.82 -94.12
C SER F 13 45.74 14.37 -94.74
N ILE F 14 46.32 13.63 -95.67
CA ILE F 14 47.46 14.08 -96.46
C ILE F 14 47.29 13.55 -97.87
N GLU F 15 47.70 14.34 -98.86
CA GLU F 15 47.58 13.94 -100.25
C GLU F 15 48.68 14.61 -101.07
N HIS F 16 48.97 14.00 -102.22
CA HIS F 16 49.93 14.54 -103.18
C HIS F 16 49.33 14.44 -104.58
N THR F 17 49.55 15.47 -105.39
CA THR F 17 49.01 15.55 -106.74
C THR F 17 50.13 15.28 -107.74
N LEU F 18 49.86 14.37 -108.68
CA LEU F 18 50.82 14.00 -109.72
C LEU F 18 50.14 14.10 -111.07
N LEU F 19 50.76 14.83 -112.00
CA LEU F 19 50.28 14.97 -113.36
C LEU F 19 50.86 13.83 -114.20
N VAL F 20 50.02 12.86 -114.55
CA VAL F 20 50.47 11.64 -115.21
C VAL F 20 49.94 11.60 -116.64
N PRO F 21 50.69 11.07 -117.61
CA PRO F 21 50.11 10.82 -118.93
C PRO F 21 49.00 9.77 -118.85
N ASN F 22 48.21 9.69 -119.92
CA ASN F 22 46.98 8.90 -119.90
C ASN F 22 47.28 7.42 -119.63
N ASP F 23 48.01 6.76 -120.53
CA ASP F 23 48.38 5.36 -120.29
C ASP F 23 49.24 5.25 -119.05
N LEU F 24 50.15 6.20 -118.85
CA LEU F 24 50.89 6.26 -117.60
C LEU F 24 49.95 6.45 -116.41
N PHE F 25 48.83 7.16 -116.61
CA PHE F 25 47.88 7.33 -115.50
C PHE F 25 47.20 6.01 -115.17
N PHE F 26 46.86 5.20 -116.19
CA PHE F 26 46.30 3.89 -115.92
C PHE F 26 47.30 3.01 -115.18
N ASN F 27 48.56 3.01 -115.62
CA ASN F 27 49.58 2.21 -114.94
C ASN F 27 49.81 2.70 -113.52
N TYR F 28 49.81 4.02 -113.32
CA TYR F 28 49.97 4.58 -111.98
C TYR F 28 48.78 4.26 -111.10
N SER F 29 47.57 4.18 -111.67
CA SER F 29 46.41 3.76 -110.90
C SER F 29 46.55 2.30 -110.46
N GLN F 30 47.05 1.45 -111.35
CA GLN F 30 47.35 0.07 -110.98
C GLN F 30 48.33 0.02 -109.81
N LEU F 31 49.43 0.75 -109.94
CA LEU F 31 50.42 0.75 -108.86
C LEU F 31 49.86 1.40 -107.60
N LYS F 32 48.91 2.33 -107.74
CA LYS F 32 48.34 3.00 -106.58
C LYS F 32 47.40 2.10 -105.79
N ASP F 33 46.51 1.36 -106.47
CA ASP F 33 45.66 0.46 -105.69
C ASP F 33 46.49 -0.68 -105.12
N GLU F 34 47.53 -1.12 -105.85
CA GLU F 34 48.45 -2.09 -105.27
C GLU F 34 49.14 -1.53 -104.03
N PHE F 35 49.49 -0.24 -104.05
CA PHE F 35 50.22 0.37 -102.93
C PHE F 35 49.32 0.51 -101.70
N ILE F 36 48.10 1.01 -101.89
CA ILE F 36 47.19 1.09 -100.75
C ILE F 36 46.80 -0.30 -100.27
N LYS F 37 46.92 -1.32 -101.13
CA LYS F 37 46.79 -2.68 -100.65
C LYS F 37 47.82 -3.03 -99.59
N THR F 38 48.94 -2.31 -99.55
CA THR F 38 50.01 -2.55 -98.57
C THR F 38 50.06 -1.52 -97.46
N LEU F 39 49.61 -0.29 -97.70
CA LEU F 39 49.71 0.75 -96.68
C LEU F 39 48.80 0.41 -95.49
N PRO F 40 49.14 0.89 -94.29
CA PRO F 40 48.25 0.71 -93.14
C PRO F 40 47.17 1.78 -93.10
N GLU F 41 46.24 1.61 -92.18
CA GLU F 41 45.17 2.58 -91.99
C GLU F 41 45.69 3.80 -91.22
N PRO F 42 45.03 4.94 -91.35
CA PRO F 42 45.42 6.10 -90.53
C PRO F 42 45.35 5.78 -89.04
N THR F 43 46.32 6.32 -88.28
CA THR F 43 46.42 6.10 -86.85
C THR F 43 45.86 7.25 -86.03
N GLU F 44 45.15 8.18 -86.66
CA GLU F 44 44.59 9.35 -85.97
C GLU F 44 45.70 10.19 -85.35
N GLY F 45 46.59 10.66 -86.21
CA GLY F 45 47.75 11.43 -85.80
C GLY F 45 49.03 11.01 -86.48
N PHE F 46 49.00 9.86 -87.17
CA PHE F 46 50.17 9.34 -87.86
C PHE F 46 51.32 9.12 -86.89
N ALA F 47 50.99 8.69 -85.67
CA ALA F 47 51.98 8.40 -84.64
C ALA F 47 52.32 6.92 -84.56
N GLY F 48 51.88 6.12 -85.53
CA GLY F 48 52.18 4.70 -85.53
C GLY F 48 53.59 4.41 -85.99
N ASP F 49 53.77 3.31 -86.72
CA ASP F 49 55.07 2.89 -87.22
C ASP F 49 55.20 3.06 -88.72
N ASP F 50 54.30 2.47 -89.50
CA ASP F 50 54.35 2.54 -90.95
C ASP F 50 53.43 3.61 -91.53
N GLU F 51 52.72 4.36 -90.70
CA GLU F 51 51.81 5.38 -91.19
C GLU F 51 52.60 6.65 -91.53
N PRO F 52 52.60 7.12 -92.77
CA PRO F 52 53.30 8.37 -93.07
C PRO F 52 52.66 9.54 -92.35
N SER F 53 53.51 10.49 -91.93
CA SER F 53 53.07 11.68 -91.21
C SER F 53 53.18 12.96 -92.03
N SER F 54 53.59 12.86 -93.30
CA SER F 54 53.69 14.00 -94.19
C SER F 54 53.33 13.58 -95.59
N PRO F 55 52.86 14.51 -96.44
CA PRO F 55 52.56 14.13 -97.83
C PRO F 55 53.78 13.58 -98.56
N ALA F 56 54.95 14.17 -98.31
CA ALA F 56 56.16 13.68 -98.95
C ALA F 56 56.65 12.37 -98.33
N GLU F 57 56.35 12.14 -97.04
CA GLU F 57 56.58 10.82 -96.47
C GLU F 57 55.73 9.78 -97.18
N LEU F 58 54.47 10.11 -97.47
CA LEU F 58 53.62 9.23 -98.25
C LEU F 58 54.19 9.00 -99.65
N TYR F 59 54.69 10.08 -100.27
CA TYR F 59 55.30 9.94 -101.60
C TYR F 59 56.52 9.02 -101.54
N GLY F 60 57.32 9.15 -100.49
CA GLY F 60 58.46 8.25 -100.32
C GLY F 60 58.03 6.81 -100.13
N LYS F 61 56.97 6.58 -99.35
CA LYS F 61 56.46 5.22 -99.20
C LYS F 61 56.01 4.66 -100.55
N PHE F 62 55.33 5.48 -101.35
CA PHE F 62 54.85 5.05 -102.66
C PHE F 62 56.01 4.72 -103.59
N ILE F 63 57.02 5.59 -103.65
CA ILE F 63 58.13 5.36 -104.56
C ILE F 63 58.95 4.16 -104.08
N GLY F 64 59.08 3.98 -102.77
CA GLY F 64 59.74 2.81 -102.24
C GLY F 64 59.00 1.52 -102.58
N PHE F 65 57.66 1.58 -102.56
CA PHE F 65 56.89 0.44 -103.01
C PHE F 65 57.23 0.11 -104.46
N ILE F 66 57.20 1.13 -105.33
CA ILE F 66 57.48 0.85 -106.73
C ILE F 66 58.92 0.35 -106.92
N SER F 67 59.83 0.73 -106.03
CA SER F 67 61.22 0.32 -106.15
C SER F 67 61.42 -1.19 -106.01
N ASN F 68 60.43 -1.93 -105.53
CA ASN F 68 60.57 -3.39 -105.40
C ASN F 68 60.48 -4.03 -106.77
N GLN F 73 58.85 3.43 -115.61
CA GLN F 73 58.41 4.67 -116.21
C GLN F 73 57.68 5.55 -115.20
N ILE F 74 56.91 4.92 -114.31
CA ILE F 74 56.18 5.65 -113.29
C ILE F 74 57.09 6.03 -112.14
N VAL F 75 58.10 5.20 -111.86
CA VAL F 75 59.03 5.51 -110.77
C VAL F 75 59.80 6.77 -111.09
N GLU F 76 60.20 6.96 -112.35
CA GLU F 76 60.90 8.18 -112.72
C GLU F 76 60.00 9.41 -112.57
N LEU F 77 58.74 9.28 -112.99
CA LEU F 77 57.79 10.39 -112.83
C LEU F 77 57.63 10.76 -111.37
N SER F 78 57.44 9.76 -110.51
CA SER F 78 57.26 10.04 -109.09
C SER F 78 58.52 10.63 -108.49
N LEU F 79 59.68 10.13 -108.89
CA LEU F 79 60.96 10.70 -108.44
C LEU F 79 61.05 12.17 -108.79
N LYS F 80 60.77 12.50 -110.06
CA LYS F 80 60.92 13.88 -110.52
C LYS F 80 59.92 14.78 -109.82
N ASP F 81 58.67 14.33 -109.69
CA ASP F 81 57.66 15.14 -109.02
C ASP F 81 58.02 15.38 -107.55
N PHE F 82 58.48 14.33 -106.86
CA PHE F 82 58.88 14.48 -105.47
C PHE F 82 60.03 15.46 -105.34
N GLU F 83 61.05 15.32 -106.20
CA GLU F 83 62.20 16.21 -106.13
C GLU F 83 61.80 17.65 -106.38
N SER F 84 60.97 17.89 -107.40
CA SER F 84 60.54 19.24 -107.71
C SER F 84 59.70 19.83 -106.59
N ARG F 85 58.80 19.03 -106.03
CA ARG F 85 57.86 19.56 -105.03
C ARG F 85 58.56 19.87 -103.71
N PHE F 86 59.38 18.93 -103.22
CA PHE F 86 59.88 19.02 -101.84
C PHE F 86 61.38 19.27 -101.77
N LEU F 87 62.18 18.58 -102.58
CA LEU F 87 63.63 18.79 -102.58
C LEU F 87 63.95 19.98 -103.49
N ASP F 88 63.73 21.18 -102.96
CA ASP F 88 64.01 22.40 -103.71
C ASP F 88 65.52 22.61 -103.81
N ASN F 89 66.11 22.10 -104.88
CA ASN F 89 67.55 22.12 -105.14
C ASN F 89 68.32 21.14 -104.27
N ASN F 90 67.66 20.46 -103.32
CA ASN F 90 68.30 19.50 -102.42
C ASN F 90 68.04 18.07 -102.88
N ASN F 91 68.06 17.85 -104.20
CA ASN F 91 67.75 16.51 -104.74
C ASN F 91 68.67 15.45 -104.15
N ASP F 92 69.98 15.70 -104.19
CA ASP F 92 70.93 14.79 -103.54
C ASP F 92 70.89 14.91 -102.03
N ASN F 93 70.37 16.01 -101.49
CA ASN F 93 70.33 16.24 -100.05
C ASN F 93 68.97 15.85 -99.48
N ILE F 94 68.67 14.55 -99.56
CA ILE F 94 67.46 14.03 -98.95
C ILE F 94 67.55 14.10 -97.43
N HIS F 95 68.77 14.05 -96.89
CA HIS F 95 68.95 14.13 -95.45
C HIS F 95 68.50 15.49 -94.92
N SER F 96 68.76 16.56 -95.66
CA SER F 96 68.30 17.88 -95.26
C SER F 96 66.78 17.92 -95.15
N PHE F 97 66.08 17.33 -96.12
CA PHE F 97 64.63 17.25 -96.06
C PHE F 97 64.20 16.42 -94.85
N ALA F 98 64.87 15.29 -94.60
CA ALA F 98 64.51 14.44 -93.47
C ALA F 98 64.57 15.22 -92.17
N VAL F 99 65.64 15.97 -91.96
CA VAL F 99 65.77 16.71 -90.72
C VAL F 99 64.92 17.97 -90.71
N LYS F 100 64.56 18.50 -91.89
CA LYS F 100 63.56 19.55 -91.94
C LYS F 100 62.22 19.03 -91.43
N LEU F 101 61.85 17.81 -91.80
CA LEU F 101 60.66 17.19 -91.23
C LEU F 101 60.82 17.02 -89.72
N LEU F 102 61.98 16.55 -89.28
CA LEU F 102 62.18 16.31 -87.85
C LEU F 102 62.03 17.60 -87.05
N ASP F 103 62.61 18.69 -87.54
CA ASP F 103 62.56 19.95 -86.80
C ASP F 103 61.18 20.59 -86.90
N ASP F 104 60.57 20.60 -88.09
CA ASP F 104 59.29 21.26 -88.31
C ASP F 104 58.12 20.29 -88.14
N GLU F 105 58.10 19.22 -88.94
CA GLU F 105 57.00 18.26 -88.91
C GLU F 105 57.17 17.29 -87.74
N ILE F 111 59.22 10.27 -86.40
CA ILE F 111 60.49 10.67 -85.81
C ILE F 111 61.63 10.22 -86.74
N ALA F 112 62.80 9.95 -86.16
CA ALA F 112 63.96 9.58 -86.97
C ALA F 112 63.72 8.31 -87.76
N LYS F 113 62.83 7.43 -87.28
CA LYS F 113 62.53 6.22 -88.03
C LYS F 113 61.92 6.55 -89.39
N VAL F 114 60.87 7.37 -89.41
CA VAL F 114 60.26 7.71 -90.69
C VAL F 114 61.19 8.60 -91.52
N LYS F 115 61.99 9.45 -90.88
CA LYS F 115 62.96 10.24 -91.64
C LYS F 115 63.95 9.34 -92.37
N GLU F 116 64.50 8.36 -91.66
CA GLU F 116 65.41 7.42 -92.28
C GLU F 116 64.70 6.57 -93.33
N ASN F 117 63.40 6.33 -93.13
CA ASN F 117 62.63 5.57 -94.11
C ASN F 117 62.46 6.34 -95.43
N ILE F 118 62.14 7.63 -95.35
CA ILE F 118 62.04 8.43 -96.58
C ILE F 118 63.40 8.49 -97.26
N VAL F 119 64.47 8.61 -96.47
CA VAL F 119 65.82 8.61 -97.06
C VAL F 119 66.07 7.30 -97.80
N LYS F 120 65.72 6.18 -97.17
CA LYS F 120 65.94 4.87 -97.79
C LYS F 120 65.13 4.72 -99.07
N ASN F 121 63.86 5.12 -99.04
CA ASN F 121 63.03 4.97 -100.23
C ASN F 121 63.55 5.82 -101.37
N TYR F 122 63.96 7.05 -101.08
CA TYR F 122 64.52 7.90 -102.13
C TYR F 122 65.77 7.28 -102.73
N TYR F 123 66.66 6.76 -101.88
CA TYR F 123 67.90 6.19 -102.40
C TYR F 123 67.64 4.90 -103.16
N LYS F 124 66.60 4.15 -102.78
CA LYS F 124 66.16 3.02 -103.58
C LYS F 124 65.70 3.48 -104.96
N ALA F 125 64.98 4.60 -105.02
CA ALA F 125 64.42 5.04 -106.28
C ALA F 125 65.47 5.59 -107.24
N VAL F 126 66.51 6.26 -106.72
CA VAL F 126 67.42 7.01 -107.60
C VAL F 126 68.14 6.06 -108.55
N LYS F 127 68.49 6.58 -109.73
CA LYS F 127 69.41 5.95 -110.66
C LYS F 127 70.84 6.19 -110.14
N SER F 128 71.83 5.97 -111.00
CA SER F 128 73.21 6.26 -110.63
C SER F 128 73.35 7.71 -110.19
N ILE F 129 74.07 7.91 -109.09
CA ILE F 129 74.20 9.22 -108.46
C ILE F 129 75.57 9.84 -108.74
N ASN F 130 76.19 9.49 -109.86
CA ASN F 130 77.50 10.02 -110.24
C ASN F 130 77.33 11.43 -110.78
N LYS F 131 77.01 12.35 -109.87
CA LYS F 131 76.85 13.77 -110.18
C LYS F 131 77.36 14.58 -109.01
N VAL F 132 78.29 15.50 -109.28
CA VAL F 132 78.90 16.31 -108.23
C VAL F 132 77.84 17.18 -107.59
N GLU F 133 77.54 16.93 -106.31
CA GLU F 133 76.56 17.72 -105.59
C GLU F 133 77.16 19.04 -105.14
N SER F 134 76.36 20.11 -105.28
CA SER F 134 76.80 21.44 -104.87
C SER F 134 76.54 21.64 -103.38
N ASN F 135 77.42 21.03 -102.58
CA ASN F 135 77.33 21.14 -101.13
C ASN F 135 78.01 22.40 -100.63
N LEU F 136 77.66 23.55 -101.21
CA LEU F 136 78.38 24.79 -100.97
C LEU F 136 79.86 24.62 -101.30
N LEU F 137 80.13 24.12 -102.50
CA LEU F 137 81.48 23.77 -102.93
C LEU F 137 82.07 22.67 -102.04
N TYR F 138 81.22 21.77 -101.57
CA TYR F 138 81.55 20.80 -100.53
C TYR F 138 82.26 21.48 -99.37
N HIS F 139 81.52 22.36 -98.71
CA HIS F 139 82.01 23.10 -97.55
C HIS F 139 83.25 23.92 -97.89
N CYS F 140 83.24 24.55 -99.06
CA CYS F 140 84.32 25.44 -99.49
C CYS F 140 85.64 24.67 -99.62
N LYS F 141 85.64 23.68 -100.50
CA LYS F 141 86.83 22.88 -100.78
C LYS F 141 87.29 22.14 -99.53
N LYS F 145 88.96 24.19 -94.29
CA LYS F 145 89.79 23.00 -94.46
C LYS F 145 89.04 21.75 -94.02
N LEU F 146 88.91 20.82 -94.96
CA LEU F 146 88.13 19.61 -94.75
C LEU F 146 89.00 18.56 -94.08
N VAL F 147 88.51 17.95 -93.00
CA VAL F 147 89.30 17.00 -92.24
C VAL F 147 88.42 15.80 -91.88
N ALA F 148 88.96 14.59 -92.03
CA ALA F 148 88.20 13.37 -91.76
C ALA F 148 88.78 12.63 -90.56
N ILE F 149 88.06 12.66 -89.43
CA ILE F 149 88.43 11.89 -88.27
C ILE F 149 87.56 10.63 -88.21
N PHE F 150 88.14 9.56 -87.68
CA PHE F 150 87.46 8.27 -87.53
C PHE F 150 87.43 7.90 -86.06
N GLY F 151 86.30 7.40 -85.61
CA GLY F 151 86.14 7.03 -84.22
C GLY F 151 86.85 5.73 -83.89
N GLY F 152 86.79 5.38 -82.61
CA GLY F 152 87.47 4.20 -82.11
C GLY F 152 86.54 3.24 -81.38
N GLN F 153 87.13 2.32 -80.62
CA GLN F 153 86.38 1.37 -79.83
C GLN F 153 85.91 2.02 -78.54
N GLY F 154 84.76 1.56 -78.05
CA GLY F 154 84.21 2.06 -76.80
C GLY F 154 83.42 3.35 -76.92
N ASN F 155 83.18 3.84 -78.14
CA ASN F 155 82.40 5.06 -78.29
C ASN F 155 80.95 4.86 -77.85
N THR F 156 80.39 3.69 -78.10
CA THR F 156 79.01 3.39 -77.73
C THR F 156 78.90 1.91 -77.38
N ASP F 157 77.86 1.59 -76.61
CA ASP F 157 77.64 0.21 -76.20
C ASP F 157 76.90 -0.57 -77.27
N ASP F 158 75.75 -0.05 -77.71
CA ASP F 158 74.93 -0.72 -78.73
C ASP F 158 75.35 -0.26 -80.13
N TYR F 159 76.62 -0.49 -80.43
CA TYR F 159 77.17 -0.02 -81.70
C TYR F 159 76.57 -0.76 -82.88
N PHE F 160 76.20 -2.03 -82.71
CA PHE F 160 75.81 -2.84 -83.87
C PHE F 160 74.51 -2.36 -84.49
N GLU F 161 73.63 -1.77 -83.69
CA GLU F 161 72.39 -1.22 -84.26
C GLU F 161 72.69 -0.09 -85.24
N GLU F 162 73.80 0.61 -85.05
CA GLU F 162 74.22 1.62 -86.02
C GLU F 162 74.42 0.99 -87.39
N LEU F 163 75.18 -0.10 -87.45
CA LEU F 163 75.37 -0.79 -88.73
C LEU F 163 74.07 -1.42 -89.21
N ARG F 164 73.20 -1.83 -88.30
CA ARG F 164 71.90 -2.36 -88.71
C ARG F 164 71.12 -1.33 -89.49
N GLU F 165 70.95 -0.14 -88.92
CA GLU F 165 70.24 0.92 -89.62
C GLU F 165 70.97 1.32 -90.90
N LEU F 166 72.31 1.36 -90.84
CA LEU F 166 73.09 1.71 -92.02
C LEU F 166 72.81 0.75 -93.17
N TYR F 167 72.87 -0.56 -92.90
CA TYR F 167 72.59 -1.57 -93.90
C TYR F 167 71.14 -1.49 -94.39
N THR F 168 70.19 -1.32 -93.48
CA THR F 168 68.78 -1.34 -93.86
C THR F 168 68.44 -0.15 -94.74
N LEU F 169 68.98 1.03 -94.43
CA LEU F 169 68.52 2.27 -95.04
C LEU F 169 69.39 2.75 -96.19
N TYR F 170 70.66 2.36 -96.24
CA TYR F 170 71.56 2.74 -97.33
C TYR F 170 72.00 1.51 -98.11
N GLN F 171 71.03 0.64 -98.43
CA GLN F 171 71.34 -0.63 -99.06
C GLN F 171 72.10 -0.44 -100.37
N GLY F 172 71.60 0.44 -101.25
CA GLY F 172 72.19 0.56 -102.56
C GLY F 172 73.60 1.12 -102.58
N LEU F 173 74.01 1.80 -101.49
CA LEU F 173 75.31 2.46 -101.45
C LEU F 173 76.40 1.61 -100.81
N ILE F 174 76.05 0.77 -99.83
CA ILE F 174 77.07 0.05 -99.06
C ILE F 174 76.75 -1.44 -98.94
N GLU F 175 75.73 -1.92 -99.65
CA GLU F 175 75.49 -3.37 -99.67
C GLU F 175 76.67 -4.09 -100.32
N ASP F 176 77.20 -3.53 -101.41
CA ASP F 176 78.36 -4.14 -102.05
C ASP F 176 79.53 -4.18 -101.06
N LEU F 177 79.73 -3.09 -100.33
CA LEU F 177 80.82 -3.04 -99.37
C LEU F 177 80.63 -4.09 -98.28
N LEU F 178 79.43 -4.18 -97.71
CA LEU F 178 79.18 -5.16 -96.65
C LEU F 178 79.37 -6.58 -97.15
N VAL F 179 78.89 -6.87 -98.36
CA VAL F 179 79.07 -8.20 -98.92
C VAL F 179 80.55 -8.50 -99.08
N SER F 180 81.32 -7.53 -99.58
CA SER F 180 82.76 -7.70 -99.72
C SER F 180 83.40 -7.96 -98.36
N ILE F 181 82.96 -7.24 -97.33
CA ILE F 181 83.57 -7.43 -96.01
C ILE F 181 83.23 -8.81 -95.48
N ALA F 182 82.00 -9.27 -95.70
CA ALA F 182 81.60 -10.58 -95.21
C ALA F 182 82.45 -11.68 -95.84
N GLU F 183 82.61 -11.65 -97.17
CA GLU F 183 83.53 -12.60 -97.81
C GLU F 183 84.95 -12.43 -97.30
N LYS F 184 85.42 -11.19 -97.13
CA LYS F 184 86.79 -10.97 -96.68
C LYS F 184 87.03 -11.60 -95.31
N LEU F 185 86.09 -11.43 -94.39
CA LEU F 185 86.27 -11.95 -93.04
C LEU F 185 86.11 -13.47 -92.99
N ASN F 186 85.13 -14.00 -93.73
CA ASN F 186 84.96 -15.45 -93.77
C ASN F 186 86.14 -16.12 -94.47
N GLN F 187 86.87 -15.41 -95.32
CA GLN F 187 88.12 -15.90 -95.88
C GLN F 187 89.29 -15.67 -94.94
N LEU F 188 89.22 -14.64 -94.09
CA LEU F 188 90.32 -14.34 -93.19
C LEU F 188 90.38 -15.35 -92.05
N HIS F 189 89.24 -15.87 -91.62
CA HIS F 189 89.25 -16.86 -90.54
C HIS F 189 90.04 -18.11 -90.90
N PRO F 190 89.89 -18.71 -92.09
CA PRO F 190 90.79 -19.80 -92.48
C PRO F 190 92.27 -19.42 -92.49
N SER F 191 92.59 -18.14 -92.64
CA SER F 191 93.99 -17.74 -92.76
C SER F 191 94.80 -18.21 -91.55
N PHE F 192 94.31 -17.92 -90.34
CA PHE F 192 94.96 -18.38 -89.13
C PHE F 192 94.07 -19.30 -88.31
N ASP F 193 92.88 -18.86 -87.91
CA ASP F 193 92.14 -19.54 -86.85
C ASP F 193 90.86 -18.76 -86.60
N LYS F 194 89.87 -19.43 -85.99
CA LYS F 194 88.61 -18.82 -85.62
C LYS F 194 88.47 -18.85 -84.10
N ILE F 195 88.54 -17.68 -83.47
CA ILE F 195 88.10 -17.53 -82.08
C ILE F 195 86.59 -17.40 -81.97
N TYR F 196 85.89 -17.39 -83.10
CA TYR F 196 84.53 -16.88 -83.20
C TYR F 196 83.57 -18.02 -82.91
N THR F 197 83.13 -18.11 -81.66
CA THR F 197 82.20 -19.17 -81.26
C THR F 197 80.90 -19.11 -82.03
N GLN F 198 80.52 -17.93 -82.54
CA GLN F 198 79.28 -17.75 -83.28
C GLN F 198 79.51 -17.16 -84.66
N GLY F 199 80.74 -17.25 -85.19
CA GLY F 199 81.03 -16.79 -86.53
C GLY F 199 81.15 -15.28 -86.62
N LEU F 200 81.35 -14.82 -87.86
CA LEU F 200 81.42 -13.39 -88.14
C LEU F 200 80.66 -13.02 -89.41
N ASN F 201 79.75 -13.89 -89.87
CA ASN F 201 78.93 -13.57 -91.04
C ASN F 201 78.03 -12.38 -90.70
N ILE F 202 78.37 -11.21 -91.25
CA ILE F 202 77.62 -10.00 -90.89
C ILE F 202 76.32 -9.94 -91.67
N LEU F 203 76.29 -10.47 -92.89
CA LEU F 203 75.08 -10.38 -93.70
C LEU F 203 73.94 -11.17 -93.06
N SER F 204 74.24 -12.38 -92.56
CA SER F 204 73.20 -13.17 -91.92
C SER F 204 72.67 -12.48 -90.67
N TRP F 205 73.57 -11.91 -89.86
CA TRP F 205 73.13 -11.20 -88.66
C TRP F 205 72.24 -10.01 -89.04
N LEU F 206 72.65 -9.24 -90.05
CA LEU F 206 71.91 -8.04 -90.41
C LEU F 206 70.53 -8.38 -90.97
N LYS F 207 70.47 -9.34 -91.90
CA LYS F 207 69.20 -9.65 -92.56
C LYS F 207 68.27 -10.46 -91.68
N HIS F 208 68.83 -11.28 -90.77
CA HIS F 208 68.04 -12.08 -89.84
C HIS F 208 68.32 -11.60 -88.41
N PRO F 209 67.44 -10.81 -87.81
CA PRO F 209 67.71 -10.34 -86.44
C PRO F 209 67.88 -11.47 -85.43
N GLU F 210 67.18 -12.59 -85.60
CA GLU F 210 67.29 -13.67 -84.63
C GLU F 210 68.68 -14.32 -84.65
N THR F 211 69.30 -14.42 -85.82
CA THR F 211 70.60 -15.09 -85.91
C THR F 211 71.70 -14.32 -85.19
N THR F 212 71.52 -13.04 -84.95
CA THR F 212 72.59 -12.23 -84.36
C THR F 212 72.83 -12.64 -82.91
N PRO F 213 74.09 -12.84 -82.48
CA PRO F 213 74.33 -13.09 -81.05
C PRO F 213 74.10 -11.87 -80.18
N ASP F 214 74.39 -12.01 -78.89
CA ASP F 214 74.12 -10.95 -77.93
C ASP F 214 75.17 -9.85 -78.02
N GLN F 215 74.87 -8.73 -77.36
CA GLN F 215 75.72 -7.55 -77.45
C GLN F 215 77.11 -7.81 -76.89
N ASP F 216 77.24 -8.72 -75.92
CA ASP F 216 78.57 -9.02 -75.39
C ASP F 216 79.45 -9.66 -76.46
N TYR F 217 78.92 -10.67 -77.17
CA TYR F 217 79.70 -11.29 -78.23
C TYR F 217 79.95 -10.31 -79.37
N LEU F 218 78.97 -9.47 -79.70
CA LEU F 218 79.19 -8.48 -80.74
C LEU F 218 80.28 -7.49 -80.33
N LEU F 219 80.33 -7.14 -79.05
CA LEU F 219 81.30 -6.19 -78.53
C LEU F 219 82.68 -6.81 -78.33
N SER F 220 82.78 -8.13 -78.32
CA SER F 220 84.09 -8.77 -78.26
C SER F 220 84.97 -8.27 -79.40
N VAL F 221 86.23 -7.97 -79.08
CA VAL F 221 87.05 -7.15 -79.97
C VAL F 221 87.28 -7.79 -81.33
N PRO F 222 87.62 -9.08 -81.45
CA PRO F 222 87.83 -9.65 -82.79
C PRO F 222 86.62 -9.52 -83.68
N VAL F 223 85.42 -9.59 -83.11
CA VAL F 223 84.21 -9.30 -83.86
C VAL F 223 84.09 -7.80 -84.12
N SER F 224 84.15 -7.00 -83.05
CA SER F 224 83.71 -5.62 -83.13
C SER F 224 84.62 -4.77 -84.00
N CYS F 225 85.94 -5.03 -83.96
CA CYS F 225 86.86 -4.20 -84.73
C CYS F 225 86.55 -4.22 -86.22
N PRO F 226 86.38 -5.38 -86.87
CA PRO F 226 85.90 -5.38 -88.25
C PRO F 226 84.58 -4.65 -88.44
N VAL F 227 83.64 -4.77 -87.50
CA VAL F 227 82.34 -4.12 -87.69
C VAL F 227 82.46 -2.61 -87.55
N ILE F 228 83.32 -2.14 -86.65
CA ILE F 228 83.54 -0.70 -86.55
C ILE F 228 84.22 -0.18 -87.82
N CYS F 229 85.17 -0.96 -88.36
CA CYS F 229 85.73 -0.61 -89.66
C CYS F 229 84.64 -0.57 -90.72
N VAL F 230 83.68 -1.50 -90.65
CA VAL F 230 82.57 -1.52 -91.60
C VAL F 230 81.78 -0.22 -91.49
N ILE F 231 81.48 0.19 -90.27
CA ILE F 231 80.68 1.41 -90.09
C ILE F 231 81.42 2.62 -90.65
N GLN F 232 82.72 2.73 -90.36
CA GLN F 232 83.49 3.87 -90.85
C GLN F 232 83.56 3.87 -92.38
N LEU F 233 83.90 2.72 -92.98
CA LEU F 233 83.99 2.64 -94.43
C LEU F 233 82.64 2.85 -95.08
N CYS F 234 81.55 2.42 -94.43
CA CYS F 234 80.22 2.64 -94.96
C CYS F 234 79.89 4.12 -94.98
N HIS F 235 80.21 4.83 -93.89
CA HIS F 235 79.93 6.26 -93.87
C HIS F 235 80.75 6.99 -94.92
N TYR F 236 82.02 6.59 -95.10
CA TYR F 236 82.83 7.17 -96.16
C TYR F 236 82.24 6.88 -97.54
N THR F 237 81.80 5.64 -97.76
CA THR F 237 81.23 5.26 -99.05
C THR F 237 79.95 6.04 -99.34
N ILE F 238 79.13 6.25 -98.31
CA ILE F 238 77.92 7.05 -98.47
C ILE F 238 78.29 8.49 -98.80
N THR F 239 79.24 9.05 -98.07
CA THR F 239 79.67 10.42 -98.35
C THR F 239 80.21 10.56 -99.76
N CYS F 240 80.76 9.49 -100.32
CA CYS F 240 81.21 9.53 -101.70
C CYS F 240 80.04 9.44 -102.67
N LYS F 241 79.23 8.38 -102.53
CA LYS F 241 78.21 8.08 -103.53
C LYS F 241 77.12 9.14 -103.56
N VAL F 242 76.74 9.67 -102.38
CA VAL F 242 75.66 10.65 -102.32
C VAL F 242 76.04 11.92 -103.08
N LEU F 243 77.26 12.40 -102.88
CA LEU F 243 77.75 13.55 -103.63
C LEU F 243 78.24 13.18 -105.02
N GLY F 244 78.23 11.89 -105.38
CA GLY F 244 78.72 11.51 -106.69
C GLY F 244 80.22 11.68 -106.82
N LEU F 245 80.93 11.68 -105.70
CA LEU F 245 82.38 11.90 -105.66
C LEU F 245 83.06 10.55 -105.51
N THR F 246 83.96 10.24 -106.44
CA THR F 246 84.81 9.08 -106.28
C THR F 246 85.71 9.27 -105.06
N PRO F 247 86.11 8.19 -104.38
CA PRO F 247 87.06 8.37 -103.27
C PRO F 247 88.35 9.05 -103.71
N GLY F 248 88.80 8.81 -104.94
CA GLY F 248 90.05 9.38 -105.40
C GLY F 248 90.07 10.90 -105.35
N GLU F 249 88.89 11.52 -105.44
CA GLU F 249 88.76 12.98 -105.40
C GLU F 249 88.15 13.48 -104.09
N PHE F 250 87.28 12.70 -103.47
CA PHE F 250 86.81 13.07 -102.14
C PHE F 250 88.01 13.16 -101.20
N ARG F 251 88.87 12.15 -101.20
CA ARG F 251 90.04 12.22 -100.34
C ARG F 251 90.89 13.45 -100.64
N ASN F 252 91.03 13.80 -101.93
CA ASN F 252 91.77 15.00 -102.28
C ASN F 252 91.13 16.24 -101.67
N SER F 253 89.80 16.25 -101.59
CA SER F 253 89.11 17.39 -100.98
C SER F 253 89.48 17.55 -99.51
N LEU F 254 89.90 16.47 -98.84
CA LEU F 254 90.22 16.54 -97.42
C LEU F 254 91.61 17.13 -97.19
N LYS F 255 91.72 18.05 -96.23
CA LYS F 255 93.02 18.58 -95.86
C LYS F 255 93.89 17.49 -95.24
N TRP F 256 93.30 16.66 -94.37
CA TRP F 256 93.97 15.49 -93.81
C TRP F 256 92.93 14.62 -93.12
N SER F 257 93.39 13.52 -92.54
CA SER F 257 92.52 12.56 -91.88
C SER F 257 93.26 11.83 -90.79
N THR F 258 92.56 11.47 -89.72
CA THR F 258 93.15 10.64 -88.68
C THR F 258 92.10 9.79 -87.97
N GLY F 259 92.47 9.14 -86.88
CA GLY F 259 91.54 8.30 -86.17
C GLY F 259 91.90 8.14 -84.70
N HIS F 260 90.93 7.60 -83.96
CA HIS F 260 91.07 7.33 -82.55
C HIS F 260 91.84 6.02 -82.36
N SER F 261 91.77 5.46 -81.16
CA SER F 261 92.37 4.19 -80.80
C SER F 261 92.28 3.13 -81.90
N GLN F 262 91.15 3.08 -82.61
CA GLN F 262 90.91 2.08 -83.63
C GLN F 262 90.78 2.65 -85.04
N GLY F 263 90.29 3.87 -85.20
CA GLY F 263 89.99 4.41 -86.51
C GLY F 263 91.18 4.87 -87.34
N LEU F 264 92.37 4.86 -86.77
CA LEU F 264 93.54 5.38 -87.49
C LEU F 264 93.84 4.55 -88.72
N VAL F 265 93.60 3.24 -88.65
CA VAL F 265 93.80 2.37 -89.81
C VAL F 265 92.86 2.78 -90.94
N THR F 266 91.60 3.06 -90.60
CA THR F 266 90.66 3.55 -91.61
C THR F 266 91.11 4.89 -92.15
N ALA F 267 91.70 5.74 -91.29
CA ALA F 267 92.18 7.04 -91.75
C ALA F 267 93.28 6.87 -92.80
N VAL F 268 94.27 6.04 -92.51
CA VAL F 268 95.37 5.84 -93.46
C VAL F 268 94.86 5.16 -94.72
N THR F 269 93.90 4.24 -94.59
CA THR F 269 93.33 3.60 -95.76
C THR F 269 92.61 4.60 -96.65
N ILE F 270 91.80 5.47 -96.05
CA ILE F 270 91.14 6.51 -96.82
C ILE F 270 92.17 7.42 -97.47
N ALA F 271 93.26 7.72 -96.76
CA ALA F 271 94.35 8.47 -97.37
C ALA F 271 94.92 7.73 -98.57
N ALA F 272 94.86 6.40 -98.55
CA ALA F 272 95.31 5.57 -99.67
C ALA F 272 94.19 5.29 -100.68
N SER F 273 93.01 5.89 -100.52
CA SER F 273 91.89 5.65 -101.41
C SER F 273 92.24 5.96 -102.87
N ASP F 274 91.39 5.48 -103.76
CA ASP F 274 91.53 5.66 -105.21
C ASP F 274 90.16 5.45 -105.84
N SER F 275 90.12 5.23 -107.15
CA SER F 275 88.88 4.90 -107.86
C SER F 275 88.19 3.72 -107.19
N TRP F 276 86.89 3.54 -107.44
CA TRP F 276 86.08 2.61 -106.66
C TRP F 276 86.66 1.20 -106.63
N ASP F 277 87.20 0.75 -107.77
CA ASP F 277 87.79 -0.59 -107.83
C ASP F 277 88.96 -0.71 -106.87
N SER F 278 89.81 0.32 -106.80
CA SER F 278 90.90 0.32 -105.84
C SER F 278 90.41 0.59 -104.42
N PHE F 279 89.27 1.28 -104.29
CA PHE F 279 88.71 1.52 -102.96
C PHE F 279 88.27 0.22 -102.32
N LEU F 280 87.74 -0.70 -103.11
CA LEU F 280 87.38 -2.00 -102.54
C LEU F 280 88.62 -2.74 -102.04
N LYS F 281 89.73 -2.66 -102.78
CA LYS F 281 90.97 -3.27 -102.30
C LYS F 281 91.47 -2.59 -101.03
N ASN F 282 91.35 -1.25 -100.97
CA ASN F 282 91.72 -0.52 -99.77
C ASN F 282 90.88 -0.97 -98.58
N SER F 283 89.57 -1.13 -98.79
CA SER F 283 88.69 -1.62 -97.74
C SER F 283 89.07 -3.03 -97.31
N LEU F 284 89.44 -3.88 -98.27
CA LEU F 284 89.93 -5.21 -97.92
C LEU F 284 91.14 -5.10 -97.01
N THR F 285 92.08 -4.21 -97.35
CA THR F 285 93.29 -4.07 -96.53
C THR F 285 92.94 -3.63 -95.12
N ALA F 286 92.09 -2.61 -95.00
CA ALA F 286 91.74 -2.10 -93.68
C ALA F 286 91.03 -3.17 -92.86
N VAL F 287 90.08 -3.89 -93.47
CA VAL F 287 89.35 -4.93 -92.76
C VAL F 287 90.28 -6.03 -92.32
N SER F 288 91.15 -6.50 -93.21
CA SER F 288 92.05 -7.59 -92.85
C SER F 288 92.97 -7.18 -91.71
N LEU F 289 93.47 -5.95 -91.76
CA LEU F 289 94.33 -5.47 -90.68
C LEU F 289 93.58 -5.41 -89.35
N LEU F 290 92.34 -4.91 -89.37
CA LEU F 290 91.58 -4.84 -88.12
C LEU F 290 91.21 -6.22 -87.61
N LEU F 291 90.91 -7.14 -88.52
CA LEU F 291 90.62 -8.52 -88.13
C LEU F 291 91.83 -9.13 -87.43
N PHE F 292 93.01 -8.94 -88.01
CA PHE F 292 94.22 -9.45 -87.39
C PHE F 292 94.46 -8.80 -86.04
N ILE F 293 94.29 -7.48 -85.95
CA ILE F 293 94.51 -6.78 -84.69
C ILE F 293 93.58 -7.34 -83.62
N GLY F 294 92.29 -7.44 -83.93
CA GLY F 294 91.35 -7.90 -82.94
C GLY F 294 91.60 -9.34 -82.51
N SER F 295 91.81 -10.22 -83.48
CA SER F 295 92.02 -11.64 -83.17
C SER F 295 93.29 -11.82 -82.33
N ARG F 296 94.38 -11.17 -82.74
CA ARG F 296 95.63 -11.31 -82.01
C ARG F 296 95.53 -10.72 -80.61
N CYS F 297 94.87 -9.56 -80.47
CA CYS F 297 94.74 -8.94 -79.17
C CYS F 297 93.91 -9.82 -78.23
N LEU F 298 92.80 -10.38 -78.73
CA LEU F 298 91.99 -11.25 -77.89
C LEU F 298 92.73 -12.52 -77.53
N SER F 299 93.47 -13.10 -78.48
CA SER F 299 94.24 -14.30 -78.19
C SER F 299 95.31 -14.03 -77.14
N THR F 300 95.95 -12.86 -77.22
CA THR F 300 97.00 -12.52 -76.28
C THR F 300 96.44 -12.22 -74.89
N TYR F 301 95.30 -11.53 -74.83
CA TYR F 301 94.65 -11.18 -73.56
C TYR F 301 93.17 -11.50 -73.66
N PRO F 302 92.78 -12.77 -73.60
CA PRO F 302 91.34 -13.10 -73.56
C PRO F 302 90.74 -12.69 -72.23
N ARG F 303 89.64 -11.95 -72.29
CA ARG F 303 89.00 -11.50 -71.06
C ARG F 303 88.37 -12.70 -70.35
N THR F 304 88.41 -12.69 -69.03
CA THR F 304 87.99 -13.81 -68.22
C THR F 304 86.68 -13.50 -67.49
N SER F 305 86.18 -14.48 -66.75
CA SER F 305 85.04 -14.23 -65.89
C SER F 305 85.41 -13.21 -64.84
N LEU F 306 84.40 -12.49 -64.36
CA LEU F 306 84.60 -11.37 -63.46
C LEU F 306 83.87 -11.69 -62.16
N PRO F 307 84.50 -11.62 -60.98
CA PRO F 307 83.83 -12.08 -59.75
C PRO F 307 82.52 -11.34 -59.53
N PRO F 308 81.40 -12.06 -59.35
CA PRO F 308 80.11 -11.36 -59.26
C PRO F 308 80.02 -10.43 -58.07
N THR F 309 80.64 -10.79 -56.94
CA THR F 309 80.65 -9.87 -55.81
C THR F 309 81.34 -8.56 -56.17
N MET F 310 82.39 -8.64 -57.00
CA MET F 310 83.12 -7.42 -57.35
C MET F 310 82.30 -6.53 -58.27
N LEU F 311 81.67 -7.10 -59.31
CA LEU F 311 80.83 -6.26 -60.16
C LEU F 311 79.61 -5.77 -59.40
N GLN F 312 79.12 -6.53 -58.43
CA GLN F 312 78.00 -6.07 -57.60
C GLN F 312 78.42 -4.86 -56.77
N ASP F 313 79.61 -4.94 -56.16
CA ASP F 313 80.11 -3.80 -55.41
C ASP F 313 80.28 -2.58 -56.30
N SER F 314 80.82 -2.79 -57.50
CA SER F 314 80.95 -1.68 -58.45
C SER F 314 79.57 -1.11 -58.81
N LEU F 315 78.59 -1.98 -59.06
CA LEU F 315 77.30 -1.53 -59.55
C LEU F 315 76.53 -0.76 -58.49
N ASP F 316 76.60 -1.21 -57.23
CA ASP F 316 75.83 -0.57 -56.17
C ASP F 316 76.47 0.73 -55.64
N ASN F 317 77.49 1.24 -56.30
CA ASN F 317 78.06 2.57 -56.02
C ASN F 317 77.97 3.46 -57.26
N GLY F 318 76.86 3.36 -57.99
CA GLY F 318 76.66 4.22 -59.15
C GLY F 318 77.72 4.05 -60.22
N GLU F 319 78.10 2.82 -60.51
CA GLU F 319 79.13 2.50 -61.49
C GLU F 319 78.61 1.44 -62.45
N GLY F 320 79.18 1.42 -63.65
CA GLY F 320 78.79 0.45 -64.66
C GLY F 320 79.55 -0.85 -64.51
N ARG F 321 79.36 -1.72 -65.49
CA ARG F 321 80.06 -2.99 -65.51
C ARG F 321 81.56 -2.75 -65.68
N PRO F 322 82.43 -3.42 -64.93
CA PRO F 322 83.87 -3.23 -65.15
C PRO F 322 84.27 -3.66 -66.56
N SER F 323 85.23 -2.94 -67.12
CA SER F 323 85.74 -3.18 -68.46
C SER F 323 87.24 -2.97 -68.44
N PRO F 324 87.96 -3.48 -69.45
CA PRO F 324 89.42 -3.26 -69.47
C PRO F 324 89.83 -1.81 -69.64
N MET F 325 88.91 -0.91 -69.97
CA MET F 325 89.17 0.52 -70.00
C MET F 325 88.25 1.25 -69.02
N LEU F 326 88.84 2.21 -68.29
CA LEU F 326 88.11 3.05 -67.35
C LEU F 326 88.32 4.50 -67.77
N SER F 327 87.23 5.17 -68.14
CA SER F 327 87.26 6.58 -68.47
C SER F 327 87.06 7.41 -67.20
N VAL F 328 87.91 8.43 -67.04
CA VAL F 328 87.84 9.35 -65.91
C VAL F 328 87.79 10.77 -66.48
N ARG F 329 86.81 11.54 -66.01
CA ARG F 329 86.58 12.90 -66.50
C ARG F 329 86.74 13.89 -65.35
N ASP F 330 86.92 15.15 -65.73
CA ASP F 330 87.03 16.27 -64.79
C ASP F 330 88.31 16.23 -63.96
N LEU F 331 89.30 15.47 -64.39
CA LEU F 331 90.60 15.40 -63.71
C LEU F 331 91.72 15.54 -64.73
N SER F 332 92.83 16.10 -64.28
CA SER F 332 93.99 16.31 -65.15
C SER F 332 94.76 15.00 -65.33
N ILE F 333 95.57 14.98 -66.39
CA ILE F 333 96.44 13.83 -66.62
C ILE F 333 97.36 13.63 -65.42
N LYS F 334 97.80 14.70 -64.77
CA LYS F 334 98.76 14.55 -63.67
C LYS F 334 98.09 13.89 -62.46
N GLN F 335 96.87 14.32 -62.13
CA GLN F 335 96.16 13.71 -61.01
C GLN F 335 95.83 12.25 -61.31
N VAL F 336 95.28 12.00 -62.49
CA VAL F 336 94.95 10.62 -62.89
C VAL F 336 96.22 9.77 -62.89
N GLU F 337 97.34 10.34 -63.34
CA GLU F 337 98.59 9.61 -63.38
C GLU F 337 99.06 9.26 -61.97
N LYS F 338 98.95 10.20 -61.04
CA LYS F 338 99.36 9.91 -59.67
C LYS F 338 98.54 8.77 -59.10
N PHE F 339 97.23 8.76 -59.39
CA PHE F 339 96.41 7.65 -58.94
C PHE F 339 96.86 6.34 -59.57
N ILE F 340 97.23 6.35 -60.87
CA ILE F 340 97.71 5.10 -61.47
C ILE F 340 99.01 4.67 -60.81
N GLU F 341 99.86 5.62 -60.43
CA GLU F 341 101.12 5.25 -59.81
C GLU F 341 100.88 4.60 -58.45
N GLN F 342 99.92 5.10 -57.69
CA GLN F 342 99.55 4.42 -56.44
C GLN F 342 99.07 2.99 -56.73
N THR F 343 98.12 2.84 -57.65
CA THR F 343 97.56 1.52 -57.92
C THR F 343 98.63 0.57 -58.47
N ASN F 344 99.50 1.08 -59.34
CA ASN F 344 100.57 0.27 -59.90
C ASN F 344 101.58 -0.14 -58.85
N SER F 345 101.95 0.79 -57.96
CA SER F 345 102.86 0.44 -56.88
C SER F 345 102.29 -0.68 -56.03
N HIS F 346 100.97 -0.70 -55.83
CA HIS F 346 100.33 -1.72 -55.04
C HIS F 346 99.89 -2.94 -55.85
N LEU F 347 100.09 -2.93 -57.17
CA LEU F 347 99.81 -4.08 -58.02
C LEU F 347 101.12 -4.62 -58.58
N PRO F 348 101.16 -5.88 -59.00
CA PRO F 348 102.32 -6.37 -59.77
C PRO F 348 102.34 -5.77 -61.17
N ARG F 349 103.52 -5.87 -61.80
CA ARG F 349 103.72 -5.24 -63.11
C ARG F 349 102.78 -5.81 -64.16
N GLU F 350 102.38 -7.08 -64.01
CA GLU F 350 101.69 -7.76 -65.10
C GLU F 350 100.20 -7.43 -65.11
N LYS F 351 99.68 -6.84 -64.03
CA LYS F 351 98.32 -6.32 -63.96
C LYS F 351 98.32 -4.83 -63.66
N HIS F 352 99.31 -4.12 -64.18
CA HIS F 352 99.46 -2.69 -63.97
C HIS F 352 98.42 -1.92 -64.78
N ILE F 353 98.25 -0.65 -64.43
CA ILE F 353 97.40 0.29 -65.14
C ILE F 353 98.29 1.34 -65.79
N ALA F 354 98.01 1.66 -67.06
CA ALA F 354 98.78 2.65 -67.80
C ALA F 354 97.80 3.56 -68.53
N ILE F 355 98.26 4.78 -68.80
CA ILE F 355 97.47 5.73 -69.58
C ILE F 355 97.26 5.14 -70.97
N SER F 356 95.99 4.87 -71.31
CA SER F 356 95.68 4.31 -72.62
C SER F 356 95.45 5.41 -73.64
N LEU F 357 94.65 6.43 -73.30
CA LEU F 357 94.44 7.54 -74.21
C LEU F 357 94.01 8.78 -73.44
N ILE F 358 94.45 9.94 -73.93
CA ILE F 358 94.16 11.22 -73.31
C ILE F 358 93.22 11.99 -74.24
N ASN F 359 91.92 11.86 -74.03
CA ASN F 359 90.97 12.50 -74.92
C ASN F 359 90.96 14.01 -74.78
N GLY F 360 91.47 14.52 -73.66
CA GLY F 360 91.53 15.96 -73.44
C GLY F 360 92.19 16.25 -72.12
N ALA F 361 92.19 17.53 -71.76
CA ALA F 361 92.78 17.93 -70.48
C ALA F 361 92.02 17.31 -69.31
N ARG F 362 90.70 17.26 -69.40
CA ARG F 362 89.83 16.74 -68.35
C ARG F 362 89.04 15.54 -68.86
N ASN F 363 89.66 14.71 -69.69
CA ASN F 363 89.02 13.50 -70.20
C ASN F 363 90.11 12.49 -70.52
N LEU F 364 90.10 11.36 -69.82
CA LEU F 364 91.14 10.35 -69.98
C LEU F 364 90.51 8.98 -69.95
N VAL F 365 91.21 8.01 -70.52
CA VAL F 365 90.81 6.60 -70.44
C VAL F 365 92.06 5.78 -70.18
N LEU F 366 91.94 4.85 -69.24
CA LEU F 366 93.06 4.06 -68.72
C LEU F 366 92.79 2.59 -68.96
N SER F 367 93.80 1.89 -69.46
CA SER F 367 93.69 0.49 -69.84
C SER F 367 94.35 -0.40 -68.79
N GLY F 368 93.89 -1.64 -68.74
CA GLY F 368 94.40 -2.61 -67.81
C GLY F 368 93.38 -3.68 -67.51
N PRO F 369 93.70 -4.60 -66.61
CA PRO F 369 92.74 -5.63 -66.26
C PRO F 369 91.51 -5.02 -65.62
N PRO F 370 90.33 -5.61 -65.84
CA PRO F 370 89.13 -5.08 -65.17
C PRO F 370 89.23 -5.08 -63.66
N GLU F 371 89.88 -6.09 -63.07
CA GLU F 371 90.04 -6.10 -61.62
C GLU F 371 90.94 -4.96 -61.14
N SER F 372 92.04 -4.72 -61.85
CA SER F 372 92.91 -3.61 -61.49
C SER F 372 92.18 -2.28 -61.62
N LEU F 373 91.38 -2.12 -62.66
CA LEU F 373 90.63 -0.88 -62.82
C LEU F 373 89.49 -0.78 -61.81
N TYR F 374 88.96 -1.89 -61.34
CA TYR F 374 87.98 -1.83 -60.25
C TYR F 374 88.63 -1.34 -58.97
N GLY F 375 89.82 -1.86 -58.65
CA GLY F 375 90.54 -1.33 -57.50
C GLY F 375 90.88 0.13 -57.67
N PHE F 376 91.27 0.52 -58.88
CA PHE F 376 91.44 1.92 -59.24
C PHE F 376 90.20 2.73 -58.90
N ASN F 377 89.03 2.22 -59.29
CA ASN F 377 87.79 2.95 -59.07
C ASN F 377 87.40 2.97 -57.60
N LEU F 378 87.75 1.92 -56.85
CA LEU F 378 87.56 1.96 -55.40
C LEU F 378 88.37 3.10 -54.80
N ASN F 379 89.64 3.21 -55.20
CA ASN F 379 90.49 4.30 -54.70
C ASN F 379 89.90 5.65 -55.09
N LEU F 380 89.45 5.77 -56.34
CA LEU F 380 88.92 7.05 -56.81
C LEU F 380 87.61 7.41 -56.10
N ARG F 381 86.77 6.42 -55.81
CA ARG F 381 85.54 6.69 -55.07
C ARG F 381 85.86 7.08 -53.64
N ASN F 382 86.87 6.45 -53.03
CA ASN F 382 87.28 6.84 -51.69
C ASN F 382 87.76 8.29 -51.67
N GLN F 383 88.52 8.68 -52.69
CA GLN F 383 89.11 10.02 -52.69
C GLN F 383 88.12 11.10 -53.15
N LYS F 384 87.13 10.75 -53.97
CA LYS F 384 86.22 11.73 -54.52
C LYS F 384 85.11 12.04 -53.52
N ALA F 385 84.19 12.91 -53.94
CA ALA F 385 83.04 13.33 -53.15
C ALA F 385 81.79 13.21 -54.01
N PRO F 386 80.60 13.12 -53.38
CA PRO F 386 79.37 12.99 -54.17
C PRO F 386 79.14 14.16 -55.11
N LEU F 389 77.57 17.38 -53.39
CA LEU F 389 77.95 17.71 -52.02
C LEU F 389 77.52 19.13 -51.64
N ASP F 390 77.21 19.96 -52.64
CA ASP F 390 76.83 21.35 -52.41
C ASP F 390 77.94 22.11 -51.69
N GLN F 391 79.08 22.22 -52.37
CA GLN F 391 80.25 22.91 -51.84
C GLN F 391 80.23 24.40 -52.12
N SER F 392 79.08 24.96 -52.55
CA SER F 392 79.02 26.38 -52.87
C SER F 392 79.35 27.24 -51.65
N ARG F 393 79.11 26.74 -50.44
CA ARG F 393 79.42 27.45 -49.22
C ARG F 393 80.84 27.18 -48.72
N VAL F 394 81.69 26.58 -49.54
CA VAL F 394 83.05 26.21 -49.15
C VAL F 394 84.01 27.01 -50.02
N PRO F 395 85.13 27.54 -49.50
CA PRO F 395 86.07 28.25 -50.36
C PRO F 395 86.61 27.35 -51.48
N PHE F 396 86.83 27.96 -52.65
CA PHE F 396 87.23 27.20 -53.83
C PHE F 396 88.56 26.48 -53.61
N SER F 397 89.49 27.10 -52.87
CA SER F 397 90.81 26.50 -52.68
C SER F 397 90.73 25.19 -51.90
N GLU F 398 89.75 25.05 -51.01
CA GLU F 398 89.60 23.89 -50.15
C GLU F 398 88.39 23.05 -50.55
N ARG F 399 87.98 23.11 -51.81
CA ARG F 399 86.84 22.34 -52.30
C ARG F 399 87.31 20.99 -52.83
N LYS F 400 86.56 19.95 -52.48
CA LYS F 400 86.86 18.61 -52.97
C LYS F 400 86.57 18.51 -54.46
N LEU F 401 87.39 17.73 -55.15
CA LEU F 401 87.27 17.57 -56.59
C LEU F 401 86.15 16.61 -56.94
N LYS F 402 85.39 16.96 -57.97
CA LYS F 402 84.31 16.13 -58.49
C LYS F 402 84.74 15.46 -59.79
N CYS F 403 84.18 14.29 -60.04
CA CYS F 403 84.49 13.55 -61.26
C CYS F 403 83.43 12.49 -61.49
N SER F 404 83.23 12.15 -62.77
CA SER F 404 82.27 11.14 -63.20
C SER F 404 83.02 10.12 -64.03
N ASN F 405 83.55 9.09 -63.36
CA ASN F 405 84.32 8.04 -64.02
C ASN F 405 83.44 6.81 -64.23
N ARG F 406 83.61 6.18 -65.39
CA ARG F 406 82.82 5.01 -65.75
C ARG F 406 83.62 4.18 -66.75
N PHE F 407 83.29 2.89 -66.83
CA PHE F 407 83.99 1.99 -67.75
C PHE F 407 83.35 2.07 -69.13
N LEU F 408 84.20 2.13 -70.16
CA LEU F 408 83.70 2.19 -71.51
C LEU F 408 83.14 0.83 -71.95
N PRO F 409 82.25 0.80 -72.95
CA PRO F 409 81.84 -0.50 -73.52
C PRO F 409 82.90 -1.08 -74.45
N ILE F 410 83.85 -1.80 -73.86
CA ILE F 410 84.92 -2.45 -74.62
C ILE F 410 85.34 -3.70 -73.86
N PHE F 411 85.89 -4.67 -74.59
CA PHE F 411 86.37 -5.93 -74.03
C PHE F 411 87.83 -6.17 -74.45
N ALA F 412 88.68 -5.16 -74.30
CA ALA F 412 90.10 -5.31 -74.55
C ALA F 412 90.85 -4.09 -74.01
N PRO F 413 92.01 -4.26 -73.36
CA PRO F 413 92.79 -3.07 -72.91
C PRO F 413 93.74 -2.54 -73.98
N PHE F 414 93.19 -1.81 -74.94
CA PHE F 414 94.00 -1.25 -76.01
C PHE F 414 94.95 -0.19 -75.46
N HIS F 415 96.10 -0.04 -76.10
CA HIS F 415 97.14 0.89 -75.68
C HIS F 415 97.63 0.56 -74.27
N SER F 416 98.09 -0.67 -74.11
CA SER F 416 98.59 -1.14 -72.83
C SER F 416 99.62 -2.24 -73.08
N HIS F 417 100.44 -2.48 -72.05
CA HIS F 417 101.46 -3.51 -72.13
C HIS F 417 100.87 -4.91 -72.28
N LEU F 418 99.60 -5.10 -71.94
CA LEU F 418 99.00 -6.43 -72.02
C LEU F 418 98.98 -6.94 -73.45
N LEU F 419 98.69 -6.06 -74.41
CA LEU F 419 98.67 -6.42 -75.82
C LEU F 419 100.00 -6.14 -76.53
N ALA F 420 101.03 -5.73 -75.79
CA ALA F 420 102.33 -5.44 -76.40
C ALA F 420 102.93 -6.69 -77.03
N ASP F 421 102.77 -7.85 -76.38
CA ASP F 421 103.29 -9.09 -76.96
C ASP F 421 102.47 -9.56 -78.16
N ALA F 422 101.26 -9.01 -78.35
CA ALA F 422 100.50 -9.31 -79.56
C ALA F 422 101.04 -8.56 -80.77
N THR F 423 101.86 -7.53 -80.55
CA THR F 423 102.32 -6.68 -81.65
C THR F 423 103.10 -7.49 -82.68
N GLU F 424 104.22 -8.08 -82.26
CA GLU F 424 105.09 -8.81 -83.18
C GLU F 424 104.32 -9.88 -83.93
N LEU F 425 103.38 -10.53 -83.26
CA LEU F 425 102.55 -11.53 -83.95
C LEU F 425 101.68 -10.87 -85.01
N ILE F 426 101.13 -9.68 -84.70
CA ILE F 426 100.30 -8.98 -85.69
C ILE F 426 101.12 -8.62 -86.92
N LEU F 427 102.32 -8.09 -86.72
CA LEU F 427 103.16 -7.75 -87.87
C LEU F 427 103.58 -8.99 -88.65
N ASP F 428 103.93 -10.08 -87.96
CA ASP F 428 104.33 -11.29 -88.66
C ASP F 428 103.18 -11.83 -89.50
N ASP F 429 101.96 -11.77 -88.97
CA ASP F 429 100.81 -12.26 -89.72
C ASP F 429 100.47 -11.31 -90.87
N VAL F 430 100.66 -10.00 -90.67
CA VAL F 430 100.42 -9.03 -91.73
C VAL F 430 101.37 -9.26 -92.89
N LYS F 431 102.65 -9.54 -92.59
CA LYS F 431 103.65 -9.67 -93.63
C LYS F 431 103.33 -10.80 -94.61
N GLU F 432 102.48 -11.75 -94.22
CA GLU F 432 102.12 -12.87 -95.09
C GLU F 432 101.05 -12.50 -96.11
N HIS F 433 100.19 -11.53 -95.81
CA HIS F 433 99.07 -11.17 -96.67
C HIS F 433 99.33 -9.96 -97.54
N GLY F 434 100.58 -9.48 -97.60
CA GLY F 434 100.88 -8.36 -98.47
C GLY F 434 100.27 -7.05 -98.03
N LEU F 435 99.87 -6.93 -96.77
CA LEU F 435 99.26 -5.71 -96.27
C LEU F 435 100.33 -4.64 -96.11
N SER F 436 100.18 -3.53 -96.84
CA SER F 436 101.18 -2.47 -96.83
C SER F 436 100.54 -1.18 -97.33
N PHE F 437 100.64 -0.12 -96.53
CA PHE F 437 100.20 1.22 -96.93
C PHE F 437 101.45 2.05 -97.22
N GLU F 438 101.64 2.40 -98.50
CA GLU F 438 102.77 3.22 -98.92
C GLU F 438 102.35 4.51 -99.60
N GLY F 439 101.42 4.45 -100.54
CA GLY F 439 101.04 5.61 -101.32
C GLY F 439 99.95 6.45 -100.69
N LEU F 440 100.30 7.19 -99.64
CA LEU F 440 99.35 8.07 -98.97
C LEU F 440 99.41 9.45 -99.59
N LYS F 441 98.26 9.96 -100.00
CA LYS F 441 98.18 11.27 -100.65
C LYS F 441 98.02 12.39 -99.65
N ILE F 442 96.94 12.37 -98.86
CA ILE F 442 96.69 13.40 -97.86
C ILE F 442 97.54 13.09 -96.63
N PRO F 443 97.86 14.07 -95.80
CA PRO F 443 98.55 13.76 -94.55
C PRO F 443 97.66 12.94 -93.62
N VAL F 444 98.31 12.07 -92.84
CA VAL F 444 97.64 11.27 -91.83
C VAL F 444 98.36 11.56 -90.52
N TYR F 445 97.71 12.34 -89.64
CA TYR F 445 98.36 12.75 -88.41
C TYR F 445 98.58 11.54 -87.50
N ASP F 446 99.80 11.41 -86.99
CA ASP F 446 100.13 10.31 -86.10
C ASP F 446 99.35 10.44 -84.80
N THR F 447 98.72 9.34 -84.38
CA THR F 447 97.84 9.38 -83.23
C THR F 447 98.60 9.55 -81.91
N PHE F 448 99.90 9.25 -81.90
CA PHE F 448 100.74 9.41 -80.71
C PHE F 448 101.72 10.56 -80.85
N ASP F 449 102.53 10.57 -81.91
CA ASP F 449 103.56 11.59 -82.09
C ASP F 449 103.01 12.84 -82.78
N GLY F 450 101.87 12.74 -83.45
CA GLY F 450 101.27 13.89 -84.12
C GLY F 450 101.75 14.15 -85.53
N SER F 451 102.83 13.50 -85.97
CA SER F 451 103.42 13.80 -87.26
C SER F 451 102.68 13.06 -88.37
N ASP F 452 103.11 13.31 -89.61
CA ASP F 452 102.56 12.63 -90.77
C ASP F 452 103.17 11.24 -90.93
N PHE F 453 102.34 10.26 -91.29
CA PHE F 453 102.85 8.92 -91.55
C PHE F 453 103.70 8.86 -92.82
N GLN F 454 103.56 9.85 -93.71
CA GLN F 454 104.35 9.84 -94.95
C GLN F 454 105.84 9.90 -94.65
N ALA F 455 106.24 10.71 -93.67
CA ALA F 455 107.64 10.85 -93.30
C ALA F 455 107.98 9.89 -92.16
N LEU F 456 107.99 8.60 -92.51
CA LEU F 456 108.32 7.54 -91.56
C LEU F 456 109.28 6.56 -92.25
N LYS F 457 110.36 6.21 -91.55
CA LYS F 457 111.28 5.22 -92.08
C LYS F 457 110.67 3.82 -92.02
N GLU F 458 110.04 3.48 -90.89
CA GLU F 458 109.43 2.17 -90.72
C GLU F 458 108.13 2.07 -91.51
N PRO F 459 107.64 0.86 -91.75
CA PRO F 459 106.37 0.72 -92.48
C PRO F 459 105.21 1.38 -91.74
N ILE F 460 104.30 1.93 -92.53
CA ILE F 460 103.15 2.64 -91.96
C ILE F 460 102.31 1.69 -91.13
N ILE F 461 102.11 0.46 -91.63
CA ILE F 461 101.27 -0.49 -90.92
C ILE F 461 101.96 -0.93 -89.63
N ASP F 462 103.29 -1.09 -89.66
CA ASP F 462 104.04 -1.38 -88.44
C ASP F 462 103.80 -0.29 -87.40
N ARG F 463 103.95 0.97 -87.80
CA ARG F 463 103.78 2.07 -86.87
C ARG F 463 102.36 2.11 -86.32
N VAL F 464 101.36 1.89 -87.19
CA VAL F 464 99.97 1.99 -86.77
C VAL F 464 99.60 0.84 -85.84
N VAL F 465 100.09 -0.37 -86.13
CA VAL F 465 99.81 -1.51 -85.26
C VAL F 465 100.44 -1.27 -83.89
N LYS F 466 101.68 -0.80 -83.88
CA LYS F 466 102.35 -0.51 -82.60
C LYS F 466 101.56 0.53 -81.83
N LEU F 467 101.04 1.54 -82.53
CA LEU F 467 100.16 2.53 -81.90
C LEU F 467 98.94 1.89 -81.27
N ILE F 468 98.20 1.10 -82.04
CA ILE F 468 96.91 0.59 -81.56
C ILE F 468 97.11 -0.37 -80.41
N THR F 469 98.19 -1.15 -80.44
CA THR F 469 98.42 -2.15 -79.40
C THR F 469 99.08 -1.55 -78.17
N GLU F 470 100.27 -0.95 -78.33
CA GLU F 470 101.11 -0.59 -77.20
C GLU F 470 101.02 0.89 -76.83
N LEU F 471 101.33 1.79 -77.77
CA LEU F 471 101.57 3.17 -77.40
C LEU F 471 100.27 3.85 -76.96
N PRO F 472 100.36 4.88 -76.11
CA PRO F 472 99.15 5.61 -75.72
C PRO F 472 98.70 6.54 -76.85
N VAL F 473 97.64 7.31 -76.55
CA VAL F 473 97.09 8.28 -77.49
C VAL F 473 97.00 9.62 -76.78
N HIS F 474 97.80 10.59 -77.22
CA HIS F 474 97.60 11.98 -76.86
C HIS F 474 96.68 12.56 -77.94
N TRP F 475 95.38 12.47 -77.69
CA TRP F 475 94.41 12.75 -78.75
C TRP F 475 94.49 14.21 -79.20
N GLU F 476 94.58 15.14 -78.26
CA GLU F 476 94.62 16.56 -78.62
C GLU F 476 95.87 16.87 -79.44
N GLU F 477 97.02 16.37 -79.00
CA GLU F 477 98.26 16.59 -79.73
C GLU F 477 98.17 15.97 -81.12
N ALA F 478 97.57 14.78 -81.23
CA ALA F 478 97.41 14.14 -82.52
C ALA F 478 96.53 14.96 -83.45
N THR F 479 95.43 15.50 -82.93
CA THR F 479 94.50 16.31 -83.70
C THR F 479 94.75 17.80 -83.51
N ASN F 480 96.02 18.19 -83.36
CA ASN F 480 96.37 19.61 -83.40
C ASN F 480 96.02 20.15 -84.80
N HIS F 481 94.81 20.46 -85.03
CA HIS F 481 94.46 20.79 -86.41
C HIS F 481 94.60 22.28 -86.69
N LYS F 482 94.86 22.61 -87.96
CA LYS F 482 94.71 23.97 -88.49
C LYS F 482 93.71 23.83 -89.62
N ALA F 483 92.43 23.87 -89.28
CA ALA F 483 91.36 23.65 -90.23
C ALA F 483 90.07 24.21 -89.65
N THR F 484 89.06 24.34 -90.52
CA THR F 484 87.76 24.88 -90.13
C THR F 484 86.68 23.82 -90.00
N HIS F 485 86.75 22.76 -90.80
CA HIS F 485 85.71 21.74 -90.85
C HIS F 485 86.29 20.37 -90.56
N ILE F 486 85.76 19.71 -89.54
CA ILE F 486 86.14 18.36 -89.14
C ILE F 486 84.89 17.51 -89.24
N LEU F 487 85.02 16.28 -89.72
CA LEU F 487 83.90 15.35 -89.83
C LEU F 487 84.28 14.00 -89.26
N ASP F 488 83.44 13.50 -88.35
CA ASP F 488 83.64 12.21 -87.72
C ASP F 488 82.80 11.15 -88.42
N PHE F 489 83.48 10.08 -88.85
CA PHE F 489 82.82 8.96 -89.53
C PHE F 489 82.69 7.72 -88.65
N GLY F 490 83.02 7.81 -87.36
CA GLY F 490 83.08 6.64 -86.51
C GLY F 490 81.75 6.25 -85.90
N PRO F 491 81.76 5.19 -85.07
CA PRO F 491 80.56 4.83 -84.34
C PRO F 491 80.21 5.83 -83.26
N GLY F 492 79.10 5.64 -82.59
CA GLY F 492 78.67 6.52 -81.51
C GLY F 492 77.85 7.71 -81.95
N GLY F 493 78.33 8.44 -82.96
CA GLY F 493 77.63 9.62 -83.42
C GLY F 493 77.60 10.69 -82.36
N VAL F 494 76.41 10.91 -81.78
CA VAL F 494 76.28 11.89 -80.69
C VAL F 494 77.14 11.49 -79.51
N SER F 495 77.32 10.19 -79.28
CA SER F 495 78.19 9.70 -78.22
C SER F 495 79.59 9.38 -78.73
N GLY F 496 79.90 9.70 -79.98
CA GLY F 496 81.14 9.30 -80.61
C GLY F 496 82.26 10.31 -80.43
N LEU F 497 83.22 10.25 -81.36
CA LEU F 497 84.44 11.05 -81.26
C LEU F 497 84.21 12.51 -81.61
N GLY F 498 83.23 12.80 -82.48
CA GLY F 498 83.04 14.16 -82.94
C GLY F 498 82.63 15.11 -81.83
N VAL F 499 81.67 14.69 -81.02
CA VAL F 499 81.22 15.52 -79.90
C VAL F 499 82.34 15.67 -78.88
N LEU F 500 83.13 14.62 -78.70
CA LEU F 500 84.24 14.67 -77.75
C LEU F 500 85.28 15.70 -78.18
N THR F 501 85.67 15.70 -79.45
CA THR F 501 86.66 16.67 -79.93
C THR F 501 86.07 18.06 -80.10
N HIS F 502 84.75 18.18 -80.25
CA HIS F 502 84.12 19.50 -80.32
C HIS F 502 84.37 20.27 -79.02
N ARG F 503 84.30 19.60 -77.88
CA ARG F 503 84.57 20.27 -76.61
C ARG F 503 86.00 20.78 -76.56
N ASN F 504 86.95 19.99 -77.07
CA ASN F 504 88.33 20.43 -77.09
C ASN F 504 88.57 21.57 -78.07
N LYS F 505 87.75 21.71 -79.10
CA LYS F 505 87.88 22.79 -80.09
C LYS F 505 86.61 23.61 -80.19
N GLU F 506 86.04 23.98 -79.04
CA GLU F 506 84.83 24.80 -79.04
C GLU F 506 85.09 26.18 -79.64
N GLY F 507 86.11 26.88 -79.14
CA GLY F 507 86.36 28.27 -79.48
C GLY F 507 87.50 28.51 -80.45
N THR F 508 88.01 27.48 -81.12
CA THR F 508 89.13 27.63 -82.05
C THR F 508 88.67 27.74 -83.50
N GLY F 509 87.37 27.89 -83.73
CA GLY F 509 86.86 27.98 -85.09
C GLY F 509 86.67 26.66 -85.79
N ALA F 510 86.60 25.56 -85.04
CA ALA F 510 86.44 24.23 -85.61
C ALA F 510 84.97 23.83 -85.55
N ARG F 511 84.44 23.38 -86.68
CA ARG F 511 83.07 22.92 -86.79
C ARG F 511 83.11 21.41 -86.98
N ILE F 512 82.57 20.67 -86.01
CA ILE F 512 82.53 19.22 -86.07
C ILE F 512 81.20 18.80 -86.68
N ILE F 513 81.25 17.93 -87.67
CA ILE F 513 80.10 17.39 -88.37
C ILE F 513 80.09 15.89 -88.17
N LEU F 514 78.98 15.36 -87.68
CA LEU F 514 78.89 13.94 -87.35
C LEU F 514 78.35 13.21 -88.59
N ALA F 515 79.26 12.86 -89.49
CA ALA F 515 78.85 12.25 -90.76
C ALA F 515 78.70 10.73 -90.62
N GLY F 516 77.95 10.32 -89.60
CA GLY F 516 77.67 8.92 -89.35
C GLY F 516 76.28 8.64 -88.82
N THR F 517 75.46 9.68 -88.69
CA THR F 517 74.12 9.52 -88.13
C THR F 517 73.28 10.72 -88.51
N LEU F 518 71.99 10.47 -88.75
CA LEU F 518 71.01 11.50 -89.00
C LEU F 518 70.11 11.65 -87.77
N ASP F 519 69.95 12.88 -87.32
CA ASP F 519 69.07 13.17 -86.19
C ASP F 519 68.77 14.67 -86.20
N SER F 520 67.85 15.07 -85.33
CA SER F 520 67.62 16.49 -85.11
C SER F 520 68.90 17.16 -84.65
N ASN F 521 69.20 18.33 -85.22
CA ASN F 521 70.44 19.01 -84.91
C ASN F 521 70.43 19.42 -83.43
N PRO F 522 71.61 19.68 -82.85
CA PRO F 522 71.64 20.06 -81.44
C PRO F 522 70.81 21.31 -81.17
N ILE F 523 70.12 21.30 -80.02
CA ILE F 523 69.26 22.42 -79.67
C ILE F 523 70.05 23.71 -79.54
N ASP F 524 71.36 23.63 -79.27
CA ASP F 524 72.23 24.80 -79.23
C ASP F 524 73.08 24.95 -80.49
N ASP F 525 72.98 24.02 -81.44
CA ASP F 525 73.64 24.13 -82.73
C ASP F 525 75.15 24.29 -82.57
N GLU F 526 75.77 23.25 -82.03
CA GLU F 526 77.20 23.26 -81.69
C GLU F 526 78.02 22.41 -82.64
N TYR F 527 77.56 21.21 -82.96
CA TYR F 527 78.21 20.34 -83.93
C TYR F 527 77.23 19.97 -85.02
N GLY F 528 77.74 19.80 -86.24
CA GLY F 528 76.92 19.47 -87.38
C GLY F 528 76.52 18.02 -87.41
N PHE F 529 76.05 17.54 -88.55
CA PHE F 529 75.55 16.18 -88.68
C PHE F 529 75.60 15.79 -90.16
N LYS F 530 75.13 14.57 -90.43
CA LYS F 530 75.05 14.09 -91.81
C LYS F 530 74.26 15.06 -92.67
N HIS F 531 73.18 15.61 -92.12
CA HIS F 531 72.40 16.61 -92.83
C HIS F 531 73.23 17.85 -93.15
N GLU F 532 74.23 18.13 -92.32
CA GLU F 532 75.00 19.36 -92.49
C GLU F 532 76.08 19.18 -93.56
N ILE F 533 76.70 18.01 -93.60
CA ILE F 533 77.61 17.74 -94.71
C ILE F 533 76.82 17.71 -96.01
N PHE F 534 75.64 17.09 -96.02
CA PHE F 534 74.93 16.87 -97.27
C PHE F 534 74.03 18.03 -97.69
N GLN F 535 73.91 19.09 -96.89
CA GLN F 535 73.13 20.24 -97.34
C GLN F 535 73.81 20.93 -98.52
N THR F 536 73.01 21.57 -99.36
CA THR F 536 73.49 22.26 -100.56
C THR F 536 73.35 23.78 -100.48
N SER F 537 72.35 24.29 -99.76
CA SER F 537 72.25 25.73 -99.57
C SER F 537 73.38 26.21 -98.67
N ALA F 538 74.10 27.24 -99.12
CA ALA F 538 75.26 27.75 -98.40
C ALA F 538 74.87 28.74 -97.31
N ASP F 539 73.90 28.34 -96.49
CA ASP F 539 73.59 28.98 -95.22
C ASP F 539 73.62 27.98 -94.07
N LYS F 540 73.08 26.78 -94.31
CA LYS F 540 73.19 25.66 -93.38
C LYS F 540 74.26 24.66 -93.79
N ALA F 541 74.66 24.63 -95.08
CA ALA F 541 75.76 23.78 -95.49
C ALA F 541 77.09 24.33 -94.98
N ILE F 542 77.30 25.63 -95.12
CA ILE F 542 78.47 26.30 -94.59
C ILE F 542 78.09 26.85 -93.23
N LYS F 543 78.57 26.19 -92.17
CA LYS F 543 78.39 26.65 -90.80
C LYS F 543 79.75 26.62 -90.11
N TRP F 544 80.15 27.75 -89.55
CA TRP F 544 81.43 27.90 -88.88
C TRP F 544 81.19 28.06 -87.39
N ALA F 545 81.90 27.28 -86.59
CA ALA F 545 81.79 27.43 -85.15
C ALA F 545 82.39 28.78 -84.73
N PRO F 546 81.93 29.34 -83.61
CA PRO F 546 82.48 30.63 -83.18
C PRO F 546 83.97 30.55 -82.92
N ASP F 547 84.70 31.54 -83.45
CA ASP F 547 86.12 31.73 -83.16
C ASP F 547 86.19 33.00 -82.32
N TRP F 548 86.29 32.82 -81.00
CA TRP F 548 86.12 33.94 -80.09
C TRP F 548 87.17 35.02 -80.30
N LEU F 549 88.40 34.62 -80.63
CA LEU F 549 89.46 35.61 -80.87
C LEU F 549 89.10 36.53 -82.02
N LYS F 550 88.45 35.99 -83.06
CA LYS F 550 88.11 36.77 -84.24
C LYS F 550 86.80 37.55 -84.07
N GLU F 551 85.76 36.88 -83.58
CA GLU F 551 84.43 37.50 -83.52
C GLU F 551 84.22 38.34 -82.26
N LEU F 552 85.10 38.23 -81.26
CA LEU F 552 85.04 39.06 -80.07
C LEU F 552 86.39 39.76 -79.85
N ARG F 553 87.11 40.01 -80.93
CA ARG F 553 88.38 40.70 -80.84
C ARG F 553 88.16 42.11 -80.30
N PRO F 554 89.00 42.59 -79.36
CA PRO F 554 88.90 44.00 -78.95
C PRO F 554 89.41 44.92 -80.04
N THR F 555 88.52 45.63 -80.72
CA THR F 555 88.88 46.48 -81.83
C THR F 555 89.04 47.92 -81.34
N LEU F 556 89.58 48.77 -82.19
CA LEU F 556 89.62 50.20 -81.96
C LEU F 556 88.75 50.93 -82.98
N VAL F 557 88.25 52.10 -82.57
CA VAL F 557 87.45 52.93 -83.44
C VAL F 557 87.69 54.38 -83.04
N LYS F 558 87.34 55.31 -83.94
CA LYS F 558 87.51 56.73 -83.69
C LYS F 558 86.21 57.47 -83.96
N ASN F 559 85.99 58.55 -83.22
CA ASN F 559 84.81 59.38 -83.36
C ASN F 559 85.09 60.51 -84.35
N SER F 560 84.06 61.29 -84.66
CA SER F 560 84.25 62.47 -85.50
C SER F 560 85.18 63.47 -84.84
N GLU F 561 85.04 63.65 -83.51
CA GLU F 561 85.92 64.53 -82.77
C GLU F 561 87.35 64.01 -82.69
N GLY F 562 87.59 62.75 -83.07
CA GLY F 562 88.91 62.16 -83.04
C GLY F 562 89.19 61.31 -81.83
N LYS F 563 88.29 61.25 -80.85
CA LYS F 563 88.51 60.43 -79.68
C LYS F 563 88.52 58.96 -80.06
N ILE F 564 89.46 58.22 -79.47
CA ILE F 564 89.65 56.80 -79.75
C ILE F 564 88.91 56.00 -78.69
N TYR F 565 88.07 55.07 -79.13
CA TYR F 565 87.31 54.19 -78.26
C TYR F 565 87.65 52.74 -78.58
N VAL F 566 87.44 51.88 -77.59
CA VAL F 566 87.70 50.44 -77.72
C VAL F 566 86.38 49.77 -78.10
N LYS F 567 86.25 49.44 -79.39
CA LYS F 567 85.04 48.83 -79.92
C LYS F 567 84.97 47.37 -79.47
N THR F 568 83.97 47.06 -78.65
CA THR F 568 83.64 45.71 -78.23
C THR F 568 82.12 45.58 -78.20
N LYS F 569 81.65 44.36 -77.92
CA LYS F 569 80.22 44.13 -77.77
C LYS F 569 79.61 44.95 -76.65
N PHE F 570 80.41 45.31 -75.65
CA PHE F 570 79.97 46.14 -74.53
C PHE F 570 80.07 47.63 -74.82
N SER F 571 81.22 48.08 -75.33
CA SER F 571 81.39 49.49 -75.64
C SER F 571 80.45 49.95 -76.74
N GLN F 572 80.08 49.04 -77.66
CA GLN F 572 79.22 49.43 -78.77
C GLN F 572 77.85 49.87 -78.27
N LEU F 573 77.29 49.16 -77.29
CA LEU F 573 75.98 49.53 -76.78
C LEU F 573 76.02 50.85 -76.03
N LEU F 574 77.02 51.02 -75.15
CA LEU F 574 77.05 52.22 -74.32
C LEU F 574 77.48 53.46 -75.10
N GLY F 575 78.23 53.28 -76.19
CA GLY F 575 78.79 54.41 -76.89
C GLY F 575 79.92 55.09 -76.17
N ARG F 576 80.47 54.48 -75.13
CA ARG F 576 81.60 55.01 -74.39
C ARG F 576 82.52 53.85 -74.05
N ALA F 577 83.57 54.12 -73.28
CA ALA F 577 84.60 53.13 -73.03
C ALA F 577 84.01 51.92 -72.28
N PRO F 578 84.58 50.70 -72.50
CA PRO F 578 84.06 49.49 -71.82
C PRO F 578 84.67 49.29 -70.43
N LEU F 579 84.72 50.36 -69.65
CA LEU F 579 85.35 50.37 -68.33
C LEU F 579 84.37 51.04 -67.37
N MET F 580 83.59 50.22 -66.68
CA MET F 580 82.51 50.70 -65.82
C MET F 580 82.95 50.72 -64.36
N VAL F 581 82.17 51.43 -63.56
CA VAL F 581 82.30 51.44 -62.10
C VAL F 581 81.07 50.75 -61.53
N ALA F 582 81.28 49.61 -60.87
CA ALA F 582 80.16 48.81 -60.42
C ALA F 582 79.48 49.46 -59.22
N GLY F 583 78.27 48.98 -58.93
CA GLY F 583 77.51 49.54 -57.83
C GLY F 583 78.16 49.24 -56.49
N MET F 584 78.08 50.21 -55.59
CA MET F 584 78.71 50.11 -54.28
C MET F 584 77.86 50.83 -53.26
N THR F 585 77.33 50.10 -52.29
CA THR F 585 76.51 50.71 -51.26
C THR F 585 77.27 51.77 -50.46
N PRO F 586 78.50 51.52 -49.99
CA PRO F 586 79.23 52.60 -49.30
C PRO F 586 79.79 53.63 -50.26
N THR F 587 80.43 53.17 -51.34
CA THR F 587 81.27 54.04 -52.14
C THR F 587 80.51 54.75 -53.26
N THR F 588 79.44 54.13 -53.79
CA THR F 588 78.76 54.65 -54.96
C THR F 588 77.31 54.95 -54.58
N VAL F 589 77.14 55.64 -53.45
CA VAL F 589 75.87 56.25 -53.08
C VAL F 589 75.93 57.76 -53.08
N ASN F 590 77.12 58.34 -53.19
CA ASN F 590 77.24 59.79 -53.19
C ASN F 590 76.83 60.32 -54.57
N THR F 591 76.19 61.47 -54.57
CA THR F 591 75.79 62.08 -55.83
C THR F 591 77.01 62.45 -56.67
N ASP F 592 78.06 62.96 -56.01
CA ASP F 592 79.21 63.50 -56.74
C ASP F 592 80.02 62.39 -57.41
N ILE F 593 80.24 61.27 -56.74
CA ILE F 593 81.04 60.21 -57.34
C ILE F 593 80.37 59.72 -58.61
N VAL F 594 79.06 59.53 -58.59
CA VAL F 594 78.34 59.08 -59.78
C VAL F 594 78.37 60.16 -60.85
N SER F 595 78.05 61.41 -60.48
CA SER F 595 77.91 62.46 -61.48
C SER F 595 79.24 62.74 -62.17
N ALA F 596 80.31 62.91 -61.41
CA ALA F 596 81.60 63.27 -62.01
C ALA F 596 82.23 62.08 -62.71
N SER F 597 82.07 60.87 -62.17
CA SER F 597 82.55 59.69 -62.87
C SER F 597 81.84 59.53 -64.21
N LEU F 598 80.54 59.84 -64.25
CA LEU F 598 79.81 59.80 -65.51
C LEU F 598 80.29 60.91 -66.45
N ASN F 599 80.50 62.12 -65.92
CA ASN F 599 80.96 63.22 -66.75
C ASN F 599 82.33 62.94 -67.34
N ALA F 600 83.14 62.14 -66.65
CA ALA F 600 84.39 61.66 -67.24
C ALA F 600 84.16 60.81 -68.48
N GLY F 601 82.97 60.24 -68.63
CA GLY F 601 82.62 59.48 -69.82
C GLY F 601 82.70 57.98 -69.59
N TYR F 602 82.35 57.54 -68.38
CA TYR F 602 82.43 56.13 -68.00
C TYR F 602 81.19 55.76 -67.22
N HIS F 603 80.60 54.62 -67.57
CA HIS F 603 79.33 54.23 -66.99
C HIS F 603 79.50 53.87 -65.52
N ILE F 604 78.65 54.44 -64.67
CA ILE F 604 78.65 54.19 -63.24
C ILE F 604 77.21 54.02 -62.79
N GLU F 605 76.99 53.15 -61.82
CA GLU F 605 75.65 52.75 -61.39
C GLU F 605 75.46 53.10 -59.93
N LEU F 606 74.65 54.13 -59.68
CA LEU F 606 74.36 54.57 -58.32
C LEU F 606 73.74 53.43 -57.52
N ALA F 607 74.34 53.11 -56.38
CA ALA F 607 73.84 52.04 -55.53
C ALA F 607 72.67 52.55 -54.69
N GLY F 608 71.65 51.70 -54.54
CA GLY F 608 70.54 52.01 -53.68
C GLY F 608 70.75 51.67 -52.22
N GLY F 609 71.85 51.01 -51.88
CA GLY F 609 72.01 50.50 -50.51
C GLY F 609 72.04 51.61 -49.47
N GLY F 610 72.59 52.76 -49.83
CA GLY F 610 72.58 53.91 -48.95
C GLY F 610 71.29 54.67 -48.94
N TYR F 611 70.31 54.26 -49.74
CA TYR F 611 69.00 54.88 -49.80
C TYR F 611 67.96 53.87 -49.36
N PHE F 612 67.14 54.28 -48.38
CA PHE F 612 66.18 53.38 -47.74
C PHE F 612 64.74 53.72 -48.07
N SER F 613 64.49 54.66 -48.98
CA SER F 613 63.13 54.93 -49.40
C SER F 613 63.16 55.61 -50.77
N PRO F 614 62.06 55.51 -51.53
CA PRO F 614 62.05 56.13 -52.86
C PRO F 614 62.30 57.63 -52.84
N VAL F 615 61.96 58.33 -51.76
CA VAL F 615 62.19 59.78 -51.76
C VAL F 615 63.69 60.07 -51.74
N MET F 616 64.45 59.34 -50.94
CA MET F 616 65.91 59.55 -50.94
C MET F 616 66.49 59.14 -52.28
N MET F 617 66.03 58.01 -52.83
CA MET F 617 66.57 57.59 -54.13
C MET F 617 66.24 58.62 -55.22
N THR F 618 65.02 59.15 -55.21
CA THR F 618 64.63 60.15 -56.20
C THR F 618 65.43 61.43 -56.03
N ARG F 619 65.67 61.87 -54.79
CA ARG F 619 66.48 63.07 -54.59
C ARG F 619 67.89 62.86 -55.11
N ALA F 620 68.48 61.70 -54.84
CA ALA F 620 69.82 61.42 -55.34
C ALA F 620 69.84 61.40 -56.86
N ILE F 621 68.87 60.72 -57.47
CA ILE F 621 68.84 60.64 -58.94
C ILE F 621 68.65 62.03 -59.53
N ASP F 622 67.79 62.85 -58.93
CA ASP F 622 67.58 64.21 -59.42
C ASP F 622 68.84 65.04 -59.31
N ASP F 623 69.57 64.92 -58.20
CA ASP F 623 70.81 65.68 -58.04
C ASP F 623 71.84 65.28 -59.09
N ILE F 624 71.99 63.97 -59.33
CA ILE F 624 72.93 63.51 -60.35
C ILE F 624 72.50 63.99 -61.73
N VAL F 625 71.19 63.91 -62.02
CA VAL F 625 70.69 64.34 -63.33
C VAL F 625 70.97 65.82 -63.54
N SER F 626 70.78 66.62 -62.49
CA SER F 626 71.06 68.06 -62.59
C SER F 626 72.54 68.33 -62.78
N ARG F 627 73.40 67.55 -62.11
CA ARG F 627 74.84 67.81 -62.15
C ARG F 627 75.53 67.21 -63.38
N ILE F 628 74.89 66.32 -64.11
CA ILE F 628 75.46 65.79 -65.35
C ILE F 628 74.98 66.62 -66.53
N LYS F 629 75.73 66.54 -67.62
CA LYS F 629 75.44 67.29 -68.84
C LYS F 629 74.30 66.65 -69.61
N PRO F 630 73.72 67.36 -70.57
CA PRO F 630 72.68 66.74 -71.41
C PRO F 630 73.26 65.69 -72.34
N GLY F 631 72.37 64.82 -72.81
CA GLY F 631 72.80 63.71 -73.64
C GLY F 631 73.45 62.58 -72.89
N TYR F 632 73.38 62.59 -71.56
CA TYR F 632 74.09 61.66 -70.70
C TYR F 632 73.12 60.64 -70.13
N GLY F 633 73.69 59.60 -69.52
CA GLY F 633 72.88 58.53 -68.94
C GLY F 633 73.61 57.76 -67.86
N LEU F 634 72.91 57.50 -66.75
CA LEU F 634 73.46 56.79 -65.60
C LEU F 634 72.74 55.45 -65.42
N GLY F 635 73.21 54.69 -64.44
CA GLY F 635 72.58 53.43 -64.08
C GLY F 635 72.30 53.37 -62.59
N ILE F 636 71.56 52.34 -62.19
CA ILE F 636 71.21 52.12 -60.80
C ILE F 636 71.55 50.68 -60.46
N ASN F 637 71.92 50.44 -59.20
CA ASN F 637 72.23 49.11 -58.68
C ASN F 637 71.31 48.81 -57.50
N LEU F 638 70.64 47.66 -57.56
CA LEU F 638 69.70 47.20 -56.56
C LEU F 638 70.13 45.82 -56.06
N ILE F 639 70.00 45.59 -54.76
CA ILE F 639 70.37 44.33 -54.14
C ILE F 639 69.14 43.43 -54.10
N TYR F 640 69.30 42.20 -54.54
CA TYR F 640 68.20 41.24 -54.59
C TYR F 640 67.97 40.52 -53.28
N VAL F 641 68.90 40.60 -52.33
CA VAL F 641 68.75 39.85 -51.08
C VAL F 641 67.61 40.41 -50.24
N ASN F 642 67.40 41.73 -50.28
CA ASN F 642 66.38 42.37 -49.46
C ASN F 642 65.16 42.66 -50.31
N PRO F 643 64.01 42.01 -50.06
CA PRO F 643 62.82 42.28 -50.88
C PRO F 643 62.31 43.70 -50.75
N PHE F 644 62.57 44.39 -49.62
CA PHE F 644 62.12 45.76 -49.47
C PHE F 644 62.77 46.66 -50.50
N MET F 645 64.08 46.48 -50.72
CA MET F 645 64.78 47.25 -51.74
C MET F 645 64.09 47.10 -53.08
N LEU F 646 63.80 45.87 -53.48
CA LEU F 646 63.17 45.63 -54.77
C LEU F 646 61.79 46.26 -54.83
N GLN F 647 60.98 46.07 -53.78
CA GLN F 647 59.59 46.50 -53.86
C GLN F 647 59.46 48.02 -53.85
N TRP F 648 60.41 48.75 -53.24
CA TRP F 648 60.37 50.20 -53.35
C TRP F 648 61.17 50.75 -54.53
N GLY F 649 62.11 49.98 -55.09
CA GLY F 649 62.97 50.50 -56.13
C GLY F 649 62.50 50.22 -57.55
N ILE F 650 61.96 49.03 -57.80
CA ILE F 650 61.49 48.70 -59.14
C ILE F 650 60.33 49.62 -59.55
N PRO F 651 59.30 49.84 -58.73
CA PRO F 651 58.28 50.83 -59.13
C PRO F 651 58.86 52.22 -59.34
N LEU F 652 59.84 52.61 -58.52
CA LEU F 652 60.45 53.92 -58.69
C LEU F 652 61.22 54.00 -60.00
N ILE F 653 61.95 52.95 -60.36
CA ILE F 653 62.67 52.96 -61.63
C ILE F 653 61.70 53.01 -62.79
N LYS F 654 60.59 52.27 -62.70
CA LYS F 654 59.57 52.32 -63.74
C LYS F 654 58.99 53.72 -63.86
N ASP F 655 58.70 54.37 -62.73
CA ASP F 655 58.16 55.72 -62.76
C ASP F 655 59.16 56.69 -63.38
N LEU F 656 60.42 56.61 -62.99
CA LEU F 656 61.42 57.52 -63.53
C LEU F 656 61.65 57.28 -65.01
N ARG F 657 61.55 56.02 -65.45
CA ARG F 657 61.70 55.73 -66.87
C ARG F 657 60.52 56.26 -67.67
N GLU F 658 59.29 56.09 -67.16
CA GLU F 658 58.14 56.65 -67.86
C GLU F 658 58.19 58.17 -67.87
N LYS F 659 58.79 58.78 -66.85
CA LYS F 659 59.08 60.21 -66.90
C LYS F 659 60.10 60.53 -67.99
N GLY F 660 61.11 59.67 -68.14
CA GLY F 660 62.12 59.83 -69.17
C GLY F 660 63.49 60.15 -68.62
N TYR F 661 63.78 59.70 -67.40
CA TYR F 661 65.04 60.02 -66.76
C TYR F 661 66.20 59.30 -67.46
N PRO F 662 67.45 59.76 -67.25
CA PRO F 662 68.57 59.15 -67.96
C PRO F 662 69.02 57.80 -67.41
N ILE F 663 68.20 57.17 -66.56
CA ILE F 663 68.52 55.84 -66.07
C ILE F 663 68.64 54.89 -67.24
N GLN F 664 69.83 54.32 -67.41
CA GLN F 664 70.17 53.46 -68.54
C GLN F 664 70.22 51.98 -68.18
N SER F 665 70.64 51.66 -66.96
CA SER F 665 70.90 50.28 -66.57
C SER F 665 70.34 50.03 -65.18
N LEU F 666 69.96 48.77 -64.94
CA LEU F 666 69.60 48.27 -63.62
C LEU F 666 70.49 47.06 -63.38
N THR F 667 71.38 47.16 -62.40
CA THR F 667 72.27 46.05 -62.04
C THR F 667 71.72 45.39 -60.79
N ILE F 668 71.33 44.12 -60.92
CA ILE F 668 70.85 43.36 -59.77
C ILE F 668 72.04 42.64 -59.13
N GLY F 669 72.23 42.88 -57.84
CA GLY F 669 73.44 42.44 -57.16
C GLY F 669 73.45 40.96 -56.85
N ALA F 670 73.91 40.60 -55.66
CA ALA F 670 74.02 39.20 -55.29
C ALA F 670 72.65 38.53 -55.33
N GLY F 671 72.49 37.58 -56.25
CA GLY F 671 71.24 36.87 -56.43
C GLY F 671 70.58 37.20 -57.74
N VAL F 672 70.70 36.31 -58.72
CA VAL F 672 70.04 36.51 -60.01
C VAL F 672 68.53 36.29 -59.85
N PRO F 673 67.66 37.18 -60.36
CA PRO F 673 66.21 36.95 -60.16
C PRO F 673 65.68 35.76 -60.93
N SER F 674 64.41 35.44 -60.70
CA SER F 674 63.73 34.38 -61.43
C SER F 674 63.41 34.87 -62.85
N ILE F 675 62.91 33.93 -63.67
CA ILE F 675 62.60 34.27 -65.06
C ILE F 675 61.48 35.30 -65.11
N GLU F 676 60.45 35.16 -64.26
CA GLU F 676 59.36 36.13 -64.25
C GLU F 676 59.86 37.50 -63.85
N VAL F 677 60.72 37.56 -62.84
CA VAL F 677 61.26 38.84 -62.37
C VAL F 677 62.09 39.50 -63.46
N ALA F 678 62.95 38.72 -64.13
CA ALA F 678 63.72 39.27 -65.23
C ALA F 678 62.82 39.73 -66.36
N THR F 679 61.75 38.97 -66.63
CA THR F 679 60.81 39.32 -67.69
C THR F 679 60.15 40.67 -67.43
N GLU F 680 59.62 40.86 -66.22
CA GLU F 680 58.98 42.14 -65.93
C GLU F 680 59.99 43.27 -65.85
N TYR F 681 61.21 43.01 -65.35
CA TYR F 681 62.24 44.03 -65.35
C TYR F 681 62.66 44.43 -66.76
N ILE F 682 62.60 43.49 -67.71
CA ILE F 682 63.05 43.79 -69.06
C ILE F 682 61.97 44.51 -69.85
N GLU F 683 60.70 44.14 -69.64
CA GLU F 683 59.63 44.76 -70.43
C GLU F 683 59.08 46.03 -69.80
N ASP F 684 58.72 45.99 -68.50
CA ASP F 684 57.96 47.08 -67.91
C ASP F 684 58.77 48.37 -67.88
N LEU F 685 60.00 48.32 -67.37
CA LEU F 685 60.86 49.49 -67.27
C LEU F 685 61.83 49.49 -68.44
N GLY F 686 61.82 50.56 -69.23
CA GLY F 686 62.55 50.62 -70.48
C GLY F 686 64.02 50.96 -70.32
N LEU F 687 64.82 50.00 -69.87
CA LEU F 687 66.26 50.17 -69.79
C LEU F 687 66.92 49.74 -71.09
N THR F 688 68.15 50.25 -71.30
CA THR F 688 68.93 49.81 -72.45
C THR F 688 69.49 48.41 -72.22
N HIS F 689 70.00 48.14 -71.03
CA HIS F 689 70.53 46.83 -70.70
C HIS F 689 70.32 46.57 -69.22
N LEU F 690 70.41 45.29 -68.85
CA LEU F 690 70.14 44.82 -67.48
C LEU F 690 71.39 44.16 -66.94
N GLY F 691 72.08 44.84 -66.02
CA GLY F 691 73.20 44.24 -65.33
C GLY F 691 72.73 43.07 -64.48
N LEU F 692 73.34 41.91 -64.65
CA LEU F 692 72.83 40.69 -64.02
C LEU F 692 73.99 39.88 -63.43
N LYS F 693 74.86 40.54 -62.67
CA LYS F 693 76.05 39.93 -62.07
C LYS F 693 75.71 38.65 -61.31
N PRO F 694 76.11 37.47 -61.81
CA PRO F 694 75.97 36.25 -61.02
C PRO F 694 77.22 35.98 -60.20
N GLY F 695 77.13 35.01 -59.28
CA GLY F 695 78.26 34.68 -58.42
C GLY F 695 78.54 33.20 -58.36
N SER F 696 78.01 32.44 -59.31
CA SER F 696 78.21 31.00 -59.33
C SER F 696 77.86 30.46 -60.71
N VAL F 697 78.21 29.20 -60.94
CA VAL F 697 77.91 28.55 -62.20
C VAL F 697 76.41 28.47 -62.41
N ASP F 698 75.66 28.12 -61.37
CA ASP F 698 74.21 28.06 -61.47
C ASP F 698 73.63 29.43 -61.77
N ALA F 699 74.16 30.47 -61.13
CA ALA F 699 73.66 31.82 -61.39
C ALA F 699 73.94 32.25 -62.82
N ILE F 700 75.12 31.89 -63.35
CA ILE F 700 75.40 32.14 -64.75
C ILE F 700 74.39 31.42 -65.63
N SER F 701 74.02 30.19 -65.26
CA SER F 701 73.01 29.46 -66.02
C SER F 701 71.67 30.17 -66.00
N GLN F 702 71.29 30.73 -64.84
CA GLN F 702 70.05 31.50 -64.76
C GLN F 702 70.12 32.72 -65.68
N VAL F 703 71.27 33.42 -65.70
CA VAL F 703 71.40 34.58 -66.58
C VAL F 703 71.28 34.15 -68.04
N ILE F 704 71.88 33.02 -68.39
CA ILE F 704 71.80 32.53 -69.77
C ILE F 704 70.35 32.19 -70.12
N ALA F 705 69.62 31.59 -69.18
CA ALA F 705 68.21 31.29 -69.43
C ALA F 705 67.40 32.56 -69.63
N ILE F 706 67.68 33.60 -68.84
CA ILE F 706 66.99 34.88 -69.00
C ILE F 706 67.29 35.47 -70.37
N ALA F 707 68.56 35.40 -70.79
CA ALA F 707 68.93 35.94 -72.10
C ALA F 707 68.27 35.16 -73.22
N LYS F 708 68.13 33.84 -73.05
CA LYS F 708 67.38 33.06 -74.04
C LYS F 708 65.92 33.49 -74.08
N ALA F 709 65.34 33.74 -72.90
CA ALA F 709 63.96 34.23 -72.86
C ALA F 709 63.81 35.57 -73.58
N HIS F 710 64.86 36.39 -73.55
CA HIS F 710 64.86 37.70 -74.21
C HIS F 710 66.06 37.79 -75.13
N PRO F 711 65.99 37.15 -76.31
CA PRO F 711 67.17 37.10 -77.18
C PRO F 711 67.59 38.45 -77.73
N THR F 712 66.72 39.46 -77.71
CA THR F 712 67.02 40.75 -78.30
C THR F 712 67.42 41.81 -77.28
N PHE F 713 67.01 41.67 -76.03
CA PHE F 713 67.31 42.67 -75.03
C PHE F 713 68.75 42.52 -74.55
N PRO F 714 69.61 43.54 -74.66
CA PRO F 714 70.98 43.39 -74.17
C PRO F 714 71.01 43.10 -72.69
N ILE F 715 71.87 42.17 -72.29
CA ILE F 715 72.04 41.81 -70.89
C ILE F 715 73.53 41.74 -70.58
N VAL F 716 74.04 42.75 -69.89
CA VAL F 716 75.44 42.75 -69.46
C VAL F 716 75.54 41.92 -68.19
N LEU F 717 76.49 40.99 -68.17
CA LEU F 717 76.62 40.03 -67.08
C LEU F 717 77.20 40.70 -65.84
N GLN F 718 78.43 41.22 -65.95
CA GLN F 718 79.18 41.76 -64.81
C GLN F 718 79.52 40.65 -63.82
N TRP F 719 80.01 39.52 -64.33
CA TRP F 719 80.29 38.40 -63.44
C TRP F 719 81.55 38.66 -62.64
N THR F 720 81.46 38.41 -61.33
CA THR F 720 82.52 38.68 -60.38
C THR F 720 82.93 37.37 -59.72
N GLY F 721 84.24 37.11 -59.71
CA GLY F 721 84.75 35.87 -59.15
C GLY F 721 84.72 35.80 -57.64
N GLY F 722 84.44 36.91 -56.97
CA GLY F 722 84.46 36.94 -55.53
C GLY F 722 85.83 37.04 -54.92
N ARG F 723 86.87 37.19 -55.73
CA ARG F 723 88.22 37.37 -55.19
C ARG F 723 88.42 38.76 -54.62
N GLY F 724 87.68 39.73 -55.11
CA GLY F 724 87.74 41.09 -54.59
C GLY F 724 86.37 41.72 -54.56
N GLY F 725 86.22 42.72 -53.69
CA GLY F 725 85.00 43.48 -53.57
C GLY F 725 84.60 43.62 -52.12
N GLY F 726 83.30 43.71 -51.91
CA GLY F 726 82.71 43.70 -50.58
C GLY F 726 82.08 42.34 -50.32
N HIS F 727 80.75 42.27 -50.43
N HIS F 727 80.75 42.27 -50.43
CA HIS F 727 80.06 40.99 -50.35
CA HIS F 727 80.06 41.00 -50.36
C HIS F 727 80.46 40.15 -51.55
C HIS F 727 80.46 40.15 -51.55
N HIS F 728 81.28 39.12 -51.31
CA HIS F 728 81.84 38.28 -52.37
C HIS F 728 81.20 36.90 -52.32
N SER F 729 80.55 36.51 -53.41
CA SER F 729 80.09 35.14 -53.60
C SER F 729 81.32 34.32 -53.98
N PHE F 730 82.03 33.87 -52.95
CA PHE F 730 83.37 33.33 -53.10
C PHE F 730 83.43 32.20 -54.12
N GLU F 731 84.13 32.47 -55.22
CA GLU F 731 84.44 31.49 -56.24
C GLU F 731 85.83 31.83 -56.77
N ASP F 732 86.27 31.11 -57.79
CA ASP F 732 87.44 31.49 -58.55
C ASP F 732 87.02 32.40 -59.68
N PHE F 733 87.89 33.34 -60.04
CA PHE F 733 87.58 34.25 -61.13
C PHE F 733 87.74 33.59 -62.51
N HIS F 734 88.38 32.43 -62.58
CA HIS F 734 88.78 31.84 -63.85
C HIS F 734 87.97 30.60 -64.20
N GLN F 735 87.86 29.65 -63.28
CA GLN F 735 87.25 28.36 -63.62
C GLN F 735 85.79 28.48 -64.03
N PRO F 736 84.91 29.14 -63.27
CA PRO F 736 83.51 29.23 -63.72
C PRO F 736 83.36 29.91 -65.07
N ILE F 737 84.09 31.00 -65.29
CA ILE F 737 84.06 31.68 -66.58
C ILE F 737 84.96 30.99 -67.61
N ILE F 738 85.69 29.94 -67.22
CA ILE F 738 86.36 29.07 -68.17
C ILE F 738 85.38 28.03 -68.73
N GLN F 739 84.56 27.45 -67.85
CA GLN F 739 83.65 26.38 -68.28
C GLN F 739 82.29 26.89 -68.73
N MET F 740 81.96 28.17 -68.51
CA MET F 740 80.68 28.73 -68.94
C MET F 740 80.80 29.74 -70.07
N TYR F 741 82.02 30.08 -70.50
CA TYR F 741 82.19 31.03 -71.59
C TYR F 741 81.54 30.52 -72.87
N SER F 742 81.73 29.23 -73.18
CA SER F 742 81.12 28.65 -74.38
C SER F 742 79.61 28.77 -74.33
N LYS F 743 79.02 28.45 -73.17
CA LYS F 743 77.58 28.57 -72.99
C LYS F 743 77.12 30.01 -72.83
N ILE F 744 78.01 30.92 -72.45
CA ILE F 744 77.68 32.33 -72.38
C ILE F 744 77.58 32.95 -73.77
N ARG F 745 78.48 32.59 -74.67
CA ARG F 745 78.56 33.23 -75.98
C ARG F 745 77.60 32.62 -77.00
N ARG F 746 76.82 31.59 -76.62
CA ARG F 746 75.74 31.12 -77.48
C ARG F 746 74.49 31.93 -77.22
N CYS F 747 74.63 33.26 -77.23
CA CYS F 747 73.54 34.16 -76.87
C CYS F 747 73.87 35.52 -77.45
N SER F 748 73.12 35.95 -78.46
CA SER F 748 73.47 37.16 -79.19
C SER F 748 73.43 38.41 -78.32
N ASN F 749 72.66 38.39 -77.23
CA ASN F 749 72.44 39.58 -76.42
C ASN F 749 73.20 39.59 -75.10
N ILE F 750 73.85 38.50 -74.71
CA ILE F 750 74.67 38.51 -73.51
C ILE F 750 75.95 39.26 -73.79
N VAL F 751 76.25 40.25 -72.96
CA VAL F 751 77.50 41.00 -73.01
C VAL F 751 78.32 40.56 -71.81
N LEU F 752 79.57 40.23 -72.04
CA LEU F 752 80.41 39.60 -71.02
C LEU F 752 81.42 40.60 -70.49
N VAL F 753 81.20 41.06 -69.26
CA VAL F 753 82.15 41.91 -68.54
C VAL F 753 82.38 41.30 -67.17
N ALA F 754 83.57 41.49 -66.63
CA ALA F 754 83.95 40.88 -65.37
C ALA F 754 84.95 41.75 -64.63
N GLY F 755 84.83 41.80 -63.31
CA GLY F 755 85.72 42.58 -62.48
C GLY F 755 86.52 41.74 -61.51
N SER F 756 86.24 41.90 -60.22
CA SER F 756 86.81 41.06 -59.16
C SER F 756 88.34 41.13 -59.17
N GLY F 757 88.86 42.30 -58.85
CA GLY F 757 90.28 42.45 -58.64
C GLY F 757 91.03 43.00 -59.83
N PHE F 758 90.44 44.00 -60.49
CA PHE F 758 91.07 44.68 -61.62
C PHE F 758 91.31 46.14 -61.24
N GLY F 759 92.52 46.62 -61.50
CA GLY F 759 92.84 48.01 -61.22
C GLY F 759 93.77 48.68 -62.22
N SER F 760 94.17 47.99 -63.28
CA SER F 760 95.12 48.59 -64.20
C SER F 760 95.05 47.92 -65.57
N ASP F 761 95.56 48.66 -66.56
CA ASP F 761 95.63 48.14 -67.93
C ASP F 761 96.45 46.86 -67.99
N GLU F 762 97.53 46.78 -67.20
CA GLU F 762 98.39 45.59 -67.25
C GLU F 762 97.62 44.33 -66.92
N ASP F 763 96.76 44.39 -65.90
CA ASP F 763 96.02 43.22 -65.46
C ASP F 763 94.65 43.07 -66.13
N THR F 764 94.21 44.07 -66.89
CA THR F 764 92.94 43.98 -67.61
C THR F 764 93.07 43.68 -69.10
N TYR F 765 94.17 44.08 -69.73
CA TYR F 765 94.33 43.83 -71.17
C TYR F 765 94.33 42.34 -71.52
N PRO F 766 94.99 41.44 -70.79
CA PRO F 766 94.89 40.02 -71.15
C PRO F 766 93.46 39.51 -71.17
N TYR F 767 92.62 39.98 -70.25
CA TYR F 767 91.23 39.55 -70.23
C TYR F 767 90.45 40.18 -71.38
N LEU F 768 90.78 41.42 -71.73
CA LEU F 768 90.12 42.08 -72.86
C LEU F 768 90.43 41.36 -74.16
N SER F 769 91.69 40.97 -74.36
CA SER F 769 92.13 40.33 -75.59
C SER F 769 91.98 38.82 -75.59
N GLY F 770 91.62 38.22 -74.45
CA GLY F 770 91.42 36.79 -74.37
C GLY F 770 92.68 35.98 -74.14
N TYR F 771 93.85 36.61 -74.04
CA TYR F 771 95.09 35.89 -73.79
C TYR F 771 95.14 35.27 -72.40
N TRP F 772 94.23 35.63 -71.50
CA TRP F 772 94.24 35.09 -70.14
C TRP F 772 94.01 33.59 -70.13
N SER F 773 93.37 33.04 -71.16
CA SER F 773 93.07 31.61 -71.21
C SER F 773 94.21 30.77 -71.78
N GLU F 774 95.26 31.40 -72.31
CA GLU F 774 96.39 30.63 -72.83
C GLU F 774 97.05 29.84 -71.71
N LYS F 775 97.14 30.42 -70.52
CA LYS F 775 97.70 29.70 -69.37
C LYS F 775 96.87 28.46 -69.02
N PHE F 776 95.56 28.52 -69.24
CA PHE F 776 94.67 27.39 -68.99
C PHE F 776 94.54 26.46 -70.19
N ASN F 777 95.16 26.80 -71.33
CA ASN F 777 95.16 25.93 -72.51
C ASN F 777 93.76 25.83 -73.11
N TYR F 778 92.99 26.90 -72.99
CA TYR F 778 91.70 27.07 -73.64
C TYR F 778 91.88 28.05 -74.80
N PRO F 779 90.92 28.11 -75.72
CA PRO F 779 91.02 29.09 -76.79
C PRO F 779 90.96 30.50 -76.22
N PRO F 780 91.52 31.49 -76.91
CA PRO F 780 91.42 32.87 -76.42
C PRO F 780 89.96 33.27 -76.15
N MET F 781 89.77 33.99 -75.05
CA MET F 781 88.45 34.20 -74.45
C MET F 781 88.28 35.70 -74.17
N PRO F 782 88.09 36.51 -75.21
CA PRO F 782 88.02 37.96 -74.97
C PRO F 782 86.82 38.36 -74.13
N PHE F 783 87.01 39.41 -73.33
CA PHE F 783 85.96 39.96 -72.48
C PHE F 783 85.55 41.32 -73.03
N ASP F 784 84.24 41.57 -73.05
CA ASP F 784 83.73 42.80 -73.63
C ASP F 784 84.10 44.01 -72.79
N GLY F 785 84.14 43.87 -71.47
CA GLY F 785 84.48 44.98 -70.61
C GLY F 785 84.96 44.48 -69.26
N VAL F 786 85.27 45.44 -68.39
CA VAL F 786 85.75 45.15 -67.04
C VAL F 786 85.22 46.22 -66.10
N LEU F 787 84.84 45.81 -64.89
CA LEU F 787 84.34 46.71 -63.86
C LEU F 787 85.37 46.84 -62.74
N PHE F 788 85.54 48.06 -62.24
CA PHE F 788 86.53 48.39 -61.22
C PHE F 788 85.80 48.92 -59.99
N GLY F 789 85.74 48.12 -58.94
CA GLY F 789 85.06 48.50 -57.72
C GLY F 789 85.98 49.02 -56.63
N SER F 790 87.07 48.31 -56.36
CA SER F 790 87.98 48.67 -55.28
C SER F 790 89.07 49.63 -55.72
N ARG F 791 89.35 49.74 -57.02
CA ARG F 791 90.38 50.65 -57.52
C ARG F 791 89.92 52.11 -57.52
N VAL F 792 88.62 52.36 -57.50
CA VAL F 792 88.08 53.71 -57.63
C VAL F 792 87.78 54.33 -56.26
N MET F 793 88.19 53.67 -55.17
CA MET F 793 87.86 54.18 -53.84
C MET F 793 88.73 55.36 -53.46
N THR F 794 90.00 55.35 -53.88
CA THR F 794 90.91 56.45 -53.62
C THR F 794 90.63 57.66 -54.50
N SER F 795 89.69 57.56 -55.45
CA SER F 795 89.46 58.64 -56.38
C SER F 795 89.00 59.90 -55.66
N LYS F 796 89.42 61.05 -56.19
CA LYS F 796 89.09 62.32 -55.55
C LYS F 796 87.58 62.55 -55.51
N GLU F 797 86.85 62.06 -56.52
CA GLU F 797 85.41 62.28 -56.56
C GLU F 797 84.68 61.54 -55.45
N SER F 798 85.22 60.40 -55.02
CA SER F 798 84.57 59.63 -53.97
C SER F 798 84.62 60.39 -52.65
N HIS F 799 83.49 60.38 -51.94
CA HIS F 799 83.36 61.09 -50.67
C HIS F 799 83.83 60.29 -49.48
N THR F 800 84.38 59.10 -49.69
CA THR F 800 84.96 58.35 -48.58
C THR F 800 86.01 59.20 -47.88
N SER F 801 86.09 59.06 -46.56
CA SER F 801 86.92 59.94 -45.76
C SER F 801 88.38 59.81 -46.14
N LEU F 802 89.14 60.89 -45.95
CA LEU F 802 90.53 60.90 -46.38
C LEU F 802 91.37 59.91 -45.59
N ALA F 803 91.09 59.76 -44.31
CA ALA F 803 91.80 58.74 -43.52
C ALA F 803 91.47 57.34 -44.04
N ALA F 804 90.22 57.10 -44.41
CA ALA F 804 89.86 55.82 -45.00
C ALA F 804 90.61 55.60 -46.31
N LYS F 805 90.75 56.64 -47.12
CA LYS F 805 91.50 56.52 -48.36
C LYS F 805 92.97 56.22 -48.10
N LYS F 806 93.56 56.89 -47.11
CA LYS F 806 94.94 56.59 -46.73
C LYS F 806 95.09 55.14 -46.30
N LEU F 807 94.15 54.65 -45.49
CA LEU F 807 94.20 53.24 -45.07
C LEU F 807 94.08 52.30 -46.26
N ILE F 808 93.17 52.61 -47.18
CA ILE F 808 93.00 51.80 -48.39
C ILE F 808 94.30 51.75 -49.17
N VAL F 809 94.97 52.89 -49.34
CA VAL F 809 96.20 52.94 -50.10
C VAL F 809 97.31 52.18 -49.39
N GLU F 810 97.45 52.41 -48.09
CA GLU F 810 98.57 51.83 -47.36
C GLU F 810 98.42 50.33 -47.18
N CYS F 811 97.20 49.81 -47.22
CA CYS F 811 97.02 48.37 -47.18
C CYS F 811 97.51 47.78 -48.50
N LYS F 812 98.43 46.81 -48.40
CA LYS F 812 99.02 46.23 -49.59
C LYS F 812 98.02 45.27 -50.26
N GLY F 813 98.45 44.67 -51.37
CA GLY F 813 97.62 43.77 -52.12
C GLY F 813 98.10 42.33 -52.08
N VAL F 814 97.41 41.50 -52.85
CA VAL F 814 97.56 40.05 -52.82
C VAL F 814 97.48 39.53 -54.25
N PRO F 815 98.51 38.84 -54.77
CA PRO F 815 98.32 38.13 -56.04
C PRO F 815 97.11 37.22 -56.03
N ASP F 816 96.57 36.90 -57.21
CA ASP F 816 95.31 36.19 -57.29
C ASP F 816 95.38 34.84 -56.57
N GLN F 817 96.48 34.11 -56.72
CA GLN F 817 96.56 32.76 -56.17
C GLN F 817 96.40 32.75 -54.65
N GLN F 818 96.77 33.84 -53.97
CA GLN F 818 96.80 33.89 -52.52
C GLN F 818 95.51 34.50 -51.92
N TRP F 819 94.59 34.99 -52.76
CA TRP F 819 93.45 35.74 -52.25
C TRP F 819 92.61 34.91 -51.28
N GLU F 820 92.48 33.61 -51.54
CA GLU F 820 91.45 32.82 -50.89
C GLU F 820 91.82 32.41 -49.46
N GLN F 821 93.07 32.62 -49.04
CA GLN F 821 93.45 32.40 -47.66
C GLN F 821 93.19 33.63 -46.79
N THR F 822 92.33 34.54 -47.23
CA THR F 822 91.96 35.70 -46.43
C THR F 822 90.94 35.35 -45.35
N TYR F 823 90.35 34.16 -45.41
CA TYR F 823 89.45 33.73 -44.35
C TYR F 823 90.16 33.52 -43.02
N LYS F 824 91.47 33.26 -43.06
CA LYS F 824 92.22 32.89 -41.86
C LYS F 824 93.04 34.03 -41.28
N LYS F 825 93.56 34.93 -42.11
CA LYS F 825 94.41 36.00 -41.65
C LYS F 825 94.32 37.16 -42.63
N PRO F 826 94.86 38.34 -42.27
CA PRO F 826 94.76 39.49 -43.17
C PRO F 826 95.67 39.40 -44.39
N THR F 827 95.18 38.75 -45.45
CA THR F 827 95.91 38.73 -46.71
C THR F 827 95.97 40.15 -47.27
N GLY F 828 97.15 40.76 -47.23
CA GLY F 828 97.28 42.12 -47.72
C GLY F 828 96.43 43.11 -46.97
N GLY F 829 96.19 42.88 -45.68
CA GLY F 829 95.39 43.79 -44.88
C GLY F 829 93.90 43.70 -45.12
N ILE F 830 93.41 42.62 -45.72
CA ILE F 830 91.98 42.41 -45.96
C ILE F 830 91.61 41.01 -45.50
N ILE F 831 90.48 40.89 -44.81
CA ILE F 831 89.98 39.63 -44.29
C ILE F 831 88.49 39.52 -44.62
N THR F 832 88.00 38.29 -44.59
CA THR F 832 86.59 37.99 -44.82
C THR F 832 85.87 37.90 -43.48
N VAL F 833 84.75 38.61 -43.36
CA VAL F 833 83.93 38.60 -42.15
C VAL F 833 82.51 38.17 -42.52
N ARG F 834 81.83 37.56 -41.55
CA ARG F 834 80.47 37.10 -41.73
C ARG F 834 79.52 38.26 -41.55
N SER F 835 78.42 38.26 -42.32
CA SER F 835 77.42 39.31 -42.27
C SER F 835 76.39 38.99 -41.18
N GLU F 836 75.46 39.92 -40.98
CA GLU F 836 74.30 39.63 -40.16
C GLU F 836 73.49 38.49 -40.78
N MET F 837 73.38 38.47 -42.11
CA MET F 837 72.66 37.43 -42.82
C MET F 837 73.54 36.23 -43.17
N GLY F 838 74.83 36.25 -42.81
CA GLY F 838 75.71 35.13 -43.04
C GLY F 838 76.58 35.22 -44.28
N GLU F 839 76.34 36.19 -45.15
CA GLU F 839 77.14 36.31 -46.37
C GLU F 839 78.55 36.79 -46.02
N PRO F 840 79.60 36.36 -46.73
CA PRO F 840 80.94 36.90 -46.45
C PRO F 840 81.15 38.26 -47.11
N ILE F 841 81.85 39.13 -46.39
CA ILE F 841 82.24 40.45 -46.87
C ILE F 841 83.75 40.54 -46.78
N HIS F 842 84.39 40.98 -47.87
CA HIS F 842 85.80 41.35 -47.83
C HIS F 842 85.91 42.74 -47.23
N LYS F 843 86.62 42.87 -46.11
CA LYS F 843 86.81 44.15 -45.44
C LYS F 843 88.28 44.31 -45.08
N ILE F 844 88.75 45.55 -45.12
CA ILE F 844 90.13 45.82 -44.74
C ILE F 844 90.31 45.48 -43.27
N ALA F 845 91.43 44.82 -42.95
CA ALA F 845 91.65 44.32 -41.61
C ALA F 845 91.96 45.44 -40.64
N THR F 846 90.96 46.28 -40.37
CA THR F 846 91.08 47.30 -39.34
C THR F 846 90.93 46.64 -37.97
N ARG F 847 91.09 47.45 -36.91
CA ARG F 847 90.82 46.93 -35.58
C ARG F 847 89.35 46.55 -35.42
N GLY F 848 88.45 47.38 -35.95
CA GLY F 848 87.04 47.05 -35.91
C GLY F 848 86.69 45.81 -36.72
N VAL F 849 87.30 45.68 -37.90
CA VAL F 849 87.03 44.50 -38.74
C VAL F 849 87.59 43.25 -38.09
N MET F 850 88.75 43.36 -37.45
CA MET F 850 89.34 42.21 -36.77
C MET F 850 88.50 41.82 -35.56
N PHE F 851 87.95 42.81 -34.86
CA PHE F 851 87.02 42.53 -33.77
C PHE F 851 85.77 41.85 -34.30
N TRP F 852 85.27 42.30 -35.45
CA TRP F 852 84.14 41.66 -36.11
C TRP F 852 84.44 40.20 -36.41
N LYS F 853 85.62 39.93 -36.97
CA LYS F 853 85.99 38.55 -37.30
C LYS F 853 86.12 37.71 -36.04
N GLU F 854 86.73 38.26 -34.99
CA GLU F 854 86.84 37.54 -33.73
C GLU F 854 85.46 37.18 -33.19
N LEU F 855 84.52 38.12 -33.24
CA LEU F 855 83.19 37.86 -32.70
C LEU F 855 82.42 36.87 -33.55
N ASP F 856 82.49 36.99 -34.87
CA ASP F 856 81.74 36.05 -35.69
C ASP F 856 82.41 34.69 -35.78
N ASP F 857 83.65 34.56 -35.29
CA ASP F 857 84.29 33.26 -35.16
C ASP F 857 84.13 32.64 -33.77
N THR F 858 83.91 33.44 -32.72
CA THR F 858 83.89 32.93 -31.35
C THR F 858 82.54 33.03 -30.65
N ILE F 859 81.65 33.92 -31.06
CA ILE F 859 80.43 34.22 -30.30
C ILE F 859 79.19 34.00 -31.18
N PHE F 860 79.14 34.67 -32.33
CA PHE F 860 77.92 34.59 -33.15
C PHE F 860 77.74 33.20 -33.77
N ASN F 861 78.78 32.38 -33.80
CA ASN F 861 78.67 31.03 -34.35
C ASN F 861 78.08 30.04 -33.35
N LEU F 862 77.95 30.41 -32.08
CA LEU F 862 77.47 29.49 -31.06
C LEU F 862 75.95 29.43 -31.05
N PRO F 863 75.35 28.36 -30.54
CA PRO F 863 73.89 28.30 -30.42
C PRO F 863 73.37 29.36 -29.45
N LYS F 864 72.04 29.48 -29.41
CA LYS F 864 71.43 30.59 -28.69
C LYS F 864 71.70 30.52 -27.20
N ASN F 865 71.54 29.34 -26.60
CA ASN F 865 71.78 29.19 -25.17
C ASN F 865 73.24 29.45 -24.83
N LYS F 866 74.15 28.85 -25.60
CA LYS F 866 75.57 29.10 -25.38
C LYS F 866 75.94 30.53 -25.76
N LEU F 867 75.20 31.14 -26.69
CA LEU F 867 75.52 32.49 -27.11
C LEU F 867 75.37 33.47 -25.96
N LEU F 868 74.28 33.35 -25.20
CA LEU F 868 74.02 34.30 -24.13
C LEU F 868 74.99 34.13 -22.97
N ASP F 869 75.28 32.89 -22.58
CA ASP F 869 76.22 32.66 -21.50
C ASP F 869 77.63 33.11 -21.89
N ALA F 870 78.11 32.63 -23.04
CA ALA F 870 79.37 33.13 -23.57
C ALA F 870 79.31 34.64 -23.77
N LEU F 871 78.14 35.17 -24.15
CA LEU F 871 78.01 36.62 -24.30
C LEU F 871 78.35 37.34 -23.01
N ASN F 872 77.79 36.91 -21.86
CA ASN F 872 78.11 37.56 -20.59
C ASN F 872 79.60 37.37 -20.22
N LYS F 873 80.03 36.12 -20.23
CA LYS F 873 81.38 35.83 -19.75
C LYS F 873 82.43 36.60 -20.55
N LYS F 874 82.21 36.77 -21.85
CA LYS F 874 83.05 37.61 -22.67
C LYS F 874 82.52 39.04 -22.79
N ARG F 875 81.41 39.38 -22.12
CA ARG F 875 80.91 40.75 -22.16
C ARG F 875 81.83 41.61 -21.32
N ASP F 876 82.27 41.01 -20.22
CA ASP F 876 83.30 41.64 -19.40
C ASP F 876 84.48 42.11 -20.23
N HIS F 877 84.77 41.43 -21.34
CA HIS F 877 85.87 41.77 -22.25
C HIS F 877 85.42 42.51 -23.50
N ILE F 878 84.18 42.29 -23.94
CA ILE F 878 83.66 42.92 -25.16
C ILE F 878 83.42 44.39 -24.95
N ILE F 879 82.99 44.79 -23.74
CA ILE F 879 82.74 46.21 -23.49
C ILE F 879 84.00 47.03 -23.75
N LYS F 880 85.14 46.56 -23.27
CA LYS F 880 86.41 47.23 -23.56
C LYS F 880 86.70 47.20 -25.05
N LYS F 881 86.55 46.03 -25.68
CA LYS F 881 86.91 45.92 -27.10
C LYS F 881 86.04 46.83 -27.95
N LEU F 882 84.73 46.87 -27.69
CA LEU F 882 83.86 47.82 -28.40
C LEU F 882 84.33 49.25 -28.17
N ASN F 883 84.77 49.55 -26.95
CA ASN F 883 85.20 50.91 -26.62
C ASN F 883 86.43 51.32 -27.40
N ASN F 884 87.37 50.40 -27.59
CA ASN F 884 88.69 50.73 -28.11
C ASN F 884 88.86 50.37 -29.59
N ASP F 885 88.00 49.52 -30.15
CA ASP F 885 88.28 48.91 -31.46
C ASP F 885 87.16 49.02 -32.48
N PHE F 886 85.91 49.26 -32.10
CA PHE F 886 84.79 49.14 -33.01
C PHE F 886 84.07 50.47 -33.24
N GLN F 887 83.34 50.51 -34.36
CA GLN F 887 82.53 51.67 -34.71
C GLN F 887 81.57 52.03 -33.59
N LYS F 888 80.86 51.03 -33.08
CA LYS F 888 79.85 51.23 -32.04
C LYS F 888 80.49 50.97 -30.69
N PRO F 889 80.74 51.97 -29.86
CA PRO F 889 81.27 51.69 -28.53
C PRO F 889 80.19 51.21 -27.60
N TRP F 890 80.60 50.83 -26.38
CA TRP F 890 79.64 50.54 -25.34
C TRP F 890 78.99 51.83 -24.89
N PHE F 891 77.66 51.92 -25.01
CA PHE F 891 76.97 53.13 -24.61
C PHE F 891 77.11 53.40 -23.12
N GLY F 892 77.27 52.36 -22.30
CA GLY F 892 77.29 52.52 -20.87
C GLY F 892 78.50 53.25 -20.31
N LYS F 893 79.55 53.44 -21.11
CA LYS F 893 80.78 54.05 -20.61
C LYS F 893 80.53 55.50 -20.22
N ASN F 894 81.19 55.93 -19.14
CA ASN F 894 81.09 57.29 -18.64
C ASN F 894 82.50 57.80 -18.33
N ALA F 895 83.04 58.62 -19.24
CA ALA F 895 84.33 59.28 -19.09
C ALA F 895 85.52 58.36 -19.27
N ASN F 896 85.29 57.04 -19.35
CA ASN F 896 86.29 55.98 -19.41
C ASN F 896 85.76 54.73 -18.73
N GLY F 897 85.25 54.89 -17.51
CA GLY F 897 84.84 53.75 -16.72
C GLY F 897 83.73 52.95 -17.37
N VAL F 898 83.90 51.64 -17.38
CA VAL F 898 82.88 50.74 -17.90
C VAL F 898 81.70 50.73 -16.93
N CYS F 899 80.51 51.00 -17.46
CA CYS F 899 79.27 50.89 -16.71
C CYS F 899 78.23 50.24 -17.60
N ASP F 900 77.26 49.59 -16.97
CA ASP F 900 76.09 49.10 -17.65
C ASP F 900 75.07 50.22 -17.84
N LEU F 901 74.15 50.04 -18.78
CA LEU F 901 73.12 51.04 -19.03
C LEU F 901 72.25 51.26 -17.80
N GLN F 902 72.21 50.28 -16.89
CA GLN F 902 71.42 50.44 -15.66
C GLN F 902 72.13 51.36 -14.67
N GLU F 903 73.45 51.32 -14.63
CA GLU F 903 74.22 52.24 -13.78
C GLU F 903 74.56 53.44 -14.66
N MET F 904 73.54 54.22 -14.99
CA MET F 904 73.73 55.46 -15.73
C MET F 904 72.71 56.45 -15.20
N THR F 905 73.13 57.67 -14.90
CA THR F 905 72.16 58.72 -14.60
C THR F 905 71.63 59.33 -15.90
N TYR F 906 70.47 59.97 -15.80
CA TYR F 906 69.85 60.55 -16.98
C TYR F 906 70.75 61.63 -17.59
N LYS F 907 71.42 62.40 -16.74
CA LYS F 907 72.33 63.44 -17.22
C LYS F 907 73.46 62.83 -18.05
N GLU F 908 74.07 61.76 -17.57
CA GLU F 908 75.20 61.20 -18.32
C GLU F 908 74.73 60.37 -19.51
N VAL F 909 73.49 59.85 -19.49
CA VAL F 909 72.94 59.25 -20.70
C VAL F 909 72.79 60.32 -21.77
N ALA F 910 72.23 61.47 -21.40
CA ALA F 910 72.08 62.56 -22.36
C ALA F 910 73.45 63.04 -22.86
N ASN F 911 74.41 63.17 -21.95
CA ASN F 911 75.75 63.60 -22.34
C ASN F 911 76.38 62.60 -23.30
N ARG F 912 76.22 61.31 -23.03
CA ARG F 912 76.76 60.28 -23.92
C ARG F 912 76.08 60.33 -25.28
N LEU F 913 74.77 60.56 -25.30
CA LEU F 913 74.07 60.65 -26.58
C LEU F 913 74.56 61.86 -27.38
N VAL F 914 74.81 62.99 -26.71
CA VAL F 914 75.42 64.13 -27.40
C VAL F 914 76.79 63.73 -27.95
N GLU F 915 77.58 63.06 -27.12
CA GLU F 915 78.96 62.75 -27.50
C GLU F 915 79.02 61.80 -28.68
N LEU F 916 78.08 60.87 -28.76
CA LEU F 916 78.14 59.79 -29.74
C LEU F 916 77.21 59.98 -30.93
N MET F 917 76.25 60.89 -30.86
CA MET F 917 75.30 61.12 -31.95
C MET F 917 75.38 62.52 -32.54
N TYR F 918 76.01 63.47 -31.83
CA TYR F 918 76.15 64.85 -32.31
C TYR F 918 77.63 65.15 -32.51
N VAL F 919 77.97 65.62 -33.71
CA VAL F 919 79.35 65.94 -34.07
C VAL F 919 79.66 67.35 -33.58
N LYS F 920 80.66 67.48 -32.70
CA LYS F 920 81.00 68.78 -32.16
C LYS F 920 81.69 69.66 -33.18
N LYS F 921 82.68 69.11 -33.91
CA LYS F 921 83.46 69.92 -34.83
C LYS F 921 82.61 70.45 -35.97
N SER F 922 81.72 69.60 -36.51
CA SER F 922 80.85 70.03 -37.61
C SER F 922 79.62 70.78 -37.13
N HIS F 923 79.39 70.86 -35.82
CA HIS F 923 78.27 71.61 -35.25
C HIS F 923 76.93 71.14 -35.79
N ARG F 924 76.77 69.82 -35.91
CA ARG F 924 75.55 69.24 -36.43
C ARG F 924 75.41 67.82 -35.90
N TRP F 925 74.19 67.31 -35.97
CA TRP F 925 73.93 65.92 -35.63
C TRP F 925 74.31 65.01 -36.79
N ILE F 926 74.66 63.78 -36.45
CA ILE F 926 74.91 62.78 -37.50
C ILE F 926 73.68 62.61 -38.36
N ASP F 927 72.50 62.58 -37.74
CA ASP F 927 71.27 62.29 -38.46
C ASP F 927 70.07 62.80 -37.67
N VAL F 928 69.09 63.30 -38.42
CA VAL F 928 67.92 63.92 -37.81
C VAL F 928 67.15 62.91 -36.98
N SER F 929 67.14 61.64 -37.39
CA SER F 929 66.46 60.62 -36.60
C SER F 929 67.17 60.37 -35.28
N LEU F 930 68.50 60.43 -35.27
CA LEU F 930 69.23 60.34 -34.01
C LEU F 930 68.93 61.54 -33.12
N ARG F 931 68.83 62.73 -33.71
CA ARG F 931 68.44 63.91 -32.95
C ARG F 931 67.04 63.74 -32.36
N ASN F 932 66.12 63.15 -33.13
CA ASN F 932 64.77 62.92 -32.64
C ASN F 932 64.77 61.90 -31.51
N MET F 933 65.59 60.86 -31.61
CA MET F 933 65.74 59.91 -30.52
C MET F 933 66.21 60.59 -29.25
N TYR F 934 67.20 61.47 -29.38
CA TYR F 934 67.69 62.22 -28.23
C TYR F 934 66.56 63.05 -27.63
N GLY F 935 65.83 63.77 -28.47
CA GLY F 935 64.75 64.61 -27.95
C GLY F 935 63.67 63.79 -27.27
N ASP F 936 63.38 62.61 -27.82
CA ASP F 936 62.41 61.71 -27.18
C ASP F 936 62.91 61.28 -25.81
N PHE F 937 64.21 60.99 -25.69
CA PHE F 937 64.76 60.64 -24.38
C PHE F 937 64.63 61.81 -23.41
N LEU F 938 64.88 63.03 -23.88
CA LEU F 938 64.73 64.19 -23.01
C LEU F 938 63.28 64.35 -22.56
N ARG F 939 62.33 64.13 -23.48
CA ARG F 939 60.92 64.16 -23.09
C ARG F 939 60.62 63.11 -22.03
N ARG F 940 61.19 61.92 -22.17
CA ARG F 940 60.99 60.87 -21.17
C ARG F 940 61.56 61.28 -19.82
N VAL F 941 62.73 61.93 -19.82
CA VAL F 941 63.32 62.38 -18.55
C VAL F 941 62.43 63.44 -17.91
N GLU F 942 61.93 64.38 -18.72
CA GLU F 942 60.98 65.38 -18.22
C GLU F 942 59.80 64.70 -17.55
N GLU F 943 59.20 63.73 -18.23
CA GLU F 943 58.05 63.03 -17.68
C GLU F 943 58.42 62.29 -16.40
N ARG F 944 59.61 61.70 -16.36
CA ARG F 944 60.05 60.95 -15.19
C ARG F 944 60.16 61.86 -13.98
N PHE F 945 60.73 63.06 -14.15
CA PHE F 945 61.11 63.91 -13.02
C PHE F 945 60.23 65.14 -12.85
N THR F 946 59.09 65.20 -13.53
CA THR F 946 58.06 66.18 -13.23
C THR F 946 57.20 65.65 -12.08
N SER F 947 56.89 66.51 -11.11
CA SER F 947 56.25 66.08 -9.87
C SER F 947 54.73 66.00 -10.07
N SER F 948 54.32 65.05 -10.90
CA SER F 948 52.90 64.76 -11.13
C SER F 948 52.17 66.01 -11.60
N ALA F 949 52.86 66.87 -12.35
CA ALA F 949 52.32 68.13 -12.81
C ALA F 949 52.70 68.32 -14.27
N GLY F 950 51.70 68.30 -15.15
CA GLY F 950 51.94 68.59 -16.55
C GLY F 950 52.38 70.02 -16.74
N THR F 951 53.65 70.21 -17.06
CA THR F 951 54.27 71.53 -17.21
C THR F 951 54.66 71.74 -18.66
N VAL F 952 55.24 72.90 -18.93
CA VAL F 952 55.72 73.22 -20.27
C VAL F 952 57.02 72.46 -20.52
N SER F 953 57.04 71.69 -21.61
CA SER F 953 58.26 70.99 -21.99
C SER F 953 59.35 71.99 -22.35
N LEU F 954 60.57 71.73 -21.89
CA LEU F 954 61.69 72.56 -22.30
C LEU F 954 61.98 72.37 -23.78
N LEU F 955 61.83 71.13 -24.28
CA LEU F 955 62.05 70.81 -25.68
C LEU F 955 60.69 70.79 -26.39
N GLN F 956 60.19 71.98 -26.69
CA GLN F 956 58.93 72.09 -27.42
C GLN F 956 59.08 71.67 -28.88
N ASN F 957 60.27 71.79 -29.46
CA ASN F 957 60.53 71.34 -30.81
C ASN F 957 61.96 70.86 -30.89
N PHE F 958 62.22 69.93 -31.81
CA PHE F 958 63.52 69.30 -31.91
C PHE F 958 64.59 70.23 -32.49
N ASN F 959 64.20 71.28 -33.21
CA ASN F 959 65.19 72.10 -33.91
C ASN F 959 66.11 72.83 -32.95
N GLN F 960 65.63 73.15 -31.75
CA GLN F 960 66.46 73.88 -30.79
C GLN F 960 67.51 72.99 -30.14
N LEU F 961 67.50 71.69 -30.40
CA LEU F 961 68.54 70.80 -29.91
C LEU F 961 69.80 70.82 -30.77
N ASN F 962 69.85 71.66 -31.80
CA ASN F 962 71.03 71.71 -32.67
C ASN F 962 72.26 72.17 -31.89
N GLU F 963 72.07 72.85 -30.76
CA GLU F 963 73.15 73.15 -29.82
C GLU F 963 72.83 72.40 -28.54
N PRO F 964 73.09 71.09 -28.47
CA PRO F 964 72.51 70.29 -27.39
C PRO F 964 73.17 70.50 -26.03
N GLU F 965 74.40 70.99 -25.97
CA GLU F 965 75.08 71.12 -24.68
C GLU F 965 74.35 72.09 -23.76
N GLN F 966 74.07 73.29 -24.26
CA GLN F 966 73.39 74.29 -23.44
C GLN F 966 71.98 73.86 -23.09
N PHE F 967 71.28 73.24 -24.05
CA PHE F 967 69.91 72.82 -23.78
C PHE F 967 69.87 71.71 -22.74
N THR F 968 70.79 70.75 -22.84
CA THR F 968 70.87 69.70 -21.82
C THR F 968 71.20 70.29 -20.46
N ALA F 969 72.08 71.29 -20.43
CA ALA F 969 72.41 71.96 -19.18
C ALA F 969 71.16 72.59 -18.55
N ASP F 970 70.39 73.33 -19.35
CA ASP F 970 69.17 73.94 -18.83
C ASP F 970 68.17 72.88 -18.39
N PHE F 971 68.07 71.80 -19.17
CA PHE F 971 67.13 70.72 -18.87
C PHE F 971 67.44 70.09 -17.52
N PHE F 972 68.68 69.69 -17.30
CA PHE F 972 69.03 69.04 -16.05
C PHE F 972 69.29 70.04 -14.92
N GLU F 973 69.29 71.34 -15.21
CA GLU F 973 69.15 72.33 -14.16
C GLU F 973 67.70 72.45 -13.71
N LYS F 974 66.74 72.33 -14.63
CA LYS F 974 65.35 72.19 -14.21
C LYS F 974 65.16 70.93 -13.37
N PHE F 975 65.78 69.83 -13.78
CA PHE F 975 65.77 68.59 -12.99
C PHE F 975 67.16 68.25 -12.45
N PRO F 976 67.59 68.84 -11.32
CA PRO F 976 68.90 68.46 -10.77
C PRO F 976 68.96 67.03 -10.29
N GLN F 977 67.83 66.46 -9.83
CA GLN F 977 67.85 65.10 -9.31
C GLN F 977 68.05 64.05 -10.40
N ALA F 978 67.76 64.40 -11.66
CA ALA F 978 68.01 63.46 -12.75
C ALA F 978 69.50 63.24 -12.95
N GLY F 979 70.34 64.20 -12.55
CA GLY F 979 71.78 64.01 -12.63
C GLY F 979 72.34 63.12 -11.55
N LYS F 980 71.54 62.78 -10.53
CA LYS F 980 71.95 61.90 -9.46
C LYS F 980 71.20 60.57 -9.45
N GLN F 981 70.06 60.50 -10.11
CA GLN F 981 69.26 59.28 -10.16
C GLN F 981 69.69 58.44 -11.35
N LEU F 982 69.97 57.16 -11.10
CA LEU F 982 70.22 56.24 -12.20
C LEU F 982 68.97 56.11 -13.06
N ILE F 983 69.17 55.68 -14.30
CA ILE F 983 68.05 55.45 -15.21
C ILE F 983 67.10 54.44 -14.59
N SER F 984 65.86 54.87 -14.31
CA SER F 984 64.83 53.90 -13.99
C SER F 984 64.64 52.94 -15.15
N GLU F 985 64.62 51.65 -14.84
CA GLU F 985 64.71 50.65 -15.90
C GLU F 985 63.52 50.68 -16.84
N GLU F 986 62.37 51.20 -16.40
CA GLU F 986 61.31 51.49 -17.37
C GLU F 986 61.85 52.41 -18.45
N ASP F 987 62.57 53.45 -18.05
CA ASP F 987 63.22 54.33 -19.01
C ASP F 987 64.35 53.61 -19.73
N CYS F 988 64.97 52.61 -19.11
CA CYS F 988 66.01 51.83 -19.80
C CYS F 988 65.41 51.00 -20.93
N ASP F 989 64.30 50.33 -20.67
CA ASP F 989 63.61 49.59 -21.72
C ASP F 989 63.09 50.53 -22.79
N TYR F 990 62.61 51.71 -22.41
CA TYR F 990 62.23 52.72 -23.39
C TYR F 990 63.42 53.13 -24.24
N PHE F 991 64.58 53.31 -23.61
CA PHE F 991 65.80 53.63 -24.36
C PHE F 991 66.16 52.51 -25.31
N LEU F 992 66.03 51.26 -24.87
CA LEU F 992 66.39 50.13 -25.71
C LEU F 992 65.48 50.03 -26.92
N MET F 993 64.17 50.20 -26.72
CA MET F 993 63.27 50.13 -27.86
C MET F 993 63.35 51.37 -28.74
N LEU F 994 63.77 52.52 -28.20
CA LEU F 994 64.13 53.65 -29.03
C LEU F 994 65.34 53.32 -29.90
N ALA F 995 66.34 52.65 -29.32
CA ALA F 995 67.51 52.25 -30.10
C ALA F 995 67.12 51.25 -31.18
N ALA F 996 66.13 50.40 -30.89
CA ALA F 996 65.65 49.39 -31.84
C ALA F 996 64.44 49.86 -32.65
N ARG F 997 64.15 51.16 -32.65
CA ARG F 997 63.02 51.68 -33.41
C ARG F 997 63.31 51.48 -34.91
N PRO F 998 62.44 50.79 -35.67
CA PRO F 998 62.73 50.56 -37.08
C PRO F 998 62.24 51.69 -37.97
N GLY F 999 62.97 51.92 -39.04
CA GLY F 999 62.76 53.13 -39.83
C GLY F 999 63.48 54.33 -39.27
N GLN F 1000 64.56 54.09 -38.51
CA GLN F 1000 65.38 55.13 -37.93
C GLN F 1000 66.83 54.72 -38.17
N LYS F 1001 67.70 55.71 -38.34
CA LYS F 1001 69.11 55.39 -38.53
C LYS F 1001 69.60 54.63 -37.29
N PRO F 1002 70.11 53.40 -37.42
CA PRO F 1002 70.53 52.68 -36.21
C PRO F 1002 71.61 53.42 -35.45
N VAL F 1003 71.49 53.41 -34.13
CA VAL F 1003 72.30 54.25 -33.26
C VAL F 1003 73.77 53.83 -33.36
N PRO F 1004 74.75 54.76 -33.17
CA PRO F 1004 76.17 54.41 -33.27
C PRO F 1004 76.77 53.90 -31.97
N PHE F 1005 76.08 52.94 -31.34
CA PHE F 1005 76.59 52.33 -30.12
C PHE F 1005 75.81 51.04 -29.86
N VAL F 1006 76.39 50.20 -29.00
CA VAL F 1006 75.74 48.99 -28.52
C VAL F 1006 75.16 49.30 -27.14
N PRO F 1007 73.83 49.34 -26.96
CA PRO F 1007 73.28 49.68 -25.64
C PRO F 1007 73.18 48.48 -24.72
N VAL F 1008 73.12 47.28 -25.28
CA VAL F 1008 72.87 46.06 -24.52
C VAL F 1008 73.52 44.89 -25.25
N LEU F 1009 73.84 43.84 -24.48
CA LEU F 1009 74.45 42.63 -25.01
C LEU F 1009 73.52 41.43 -24.82
N ASP F 1010 72.24 41.63 -25.14
CA ASP F 1010 71.24 40.57 -25.04
C ASP F 1010 71.32 39.70 -26.30
N GLU F 1011 70.28 38.88 -26.51
CA GLU F 1011 70.27 37.95 -27.63
C GLU F 1011 70.48 38.65 -28.97
N ARG F 1012 69.93 39.85 -29.12
CA ARG F 1012 70.05 40.61 -30.37
C ARG F 1012 71.29 41.50 -30.36
N PHE F 1013 72.44 40.90 -30.05
CA PHE F 1013 73.69 41.64 -30.07
C PHE F 1013 74.28 41.71 -31.48
N GLU F 1014 74.10 40.66 -32.27
CA GLU F 1014 74.56 40.70 -33.66
C GLU F 1014 73.82 41.78 -34.44
N PHE F 1015 72.52 41.92 -34.20
CA PHE F 1015 71.72 42.94 -34.87
C PHE F 1015 72.26 44.34 -34.57
N PHE F 1016 72.70 44.58 -33.34
CA PHE F 1016 73.27 45.87 -32.99
C PHE F 1016 74.68 46.02 -33.52
N PHE F 1017 75.45 44.93 -33.54
CA PHE F 1017 76.87 45.00 -33.85
C PHE F 1017 77.11 45.18 -35.34
N LYS F 1018 76.34 44.50 -36.19
CA LYS F 1018 76.64 44.41 -37.61
C LYS F 1018 75.82 45.36 -38.47
N LYS F 1019 74.62 45.74 -38.05
CA LYS F 1019 73.73 46.53 -38.89
C LYS F 1019 74.30 47.92 -39.15
N ASP F 1020 74.11 48.40 -40.37
CA ASP F 1020 74.40 49.78 -40.75
C ASP F 1020 75.82 50.17 -40.39
N SER F 1021 76.77 49.39 -40.92
CA SER F 1021 78.18 49.55 -40.64
C SER F 1021 78.94 50.17 -41.81
N LEU F 1022 78.26 50.54 -42.89
CA LEU F 1022 78.93 50.94 -44.12
C LEU F 1022 79.16 52.44 -44.22
N TRP F 1023 78.33 53.25 -43.55
CA TRP F 1023 78.42 54.70 -43.67
C TRP F 1023 79.58 55.30 -42.89
N GLN F 1024 80.13 54.55 -41.92
CA GLN F 1024 81.18 55.12 -41.08
C GLN F 1024 82.41 55.47 -41.89
N SER F 1025 82.78 54.62 -42.84
CA SER F 1025 83.94 54.89 -43.70
C SER F 1025 83.75 56.14 -44.54
N GLU F 1026 82.51 56.54 -44.79
CA GLU F 1026 82.23 57.76 -45.53
C GLU F 1026 82.22 58.98 -44.63
N ASP F 1027 81.63 58.86 -43.44
CA ASP F 1027 81.57 59.95 -42.48
C ASP F 1027 82.39 59.53 -41.26
N LEU F 1028 83.70 59.77 -41.34
CA LEU F 1028 84.62 59.47 -40.25
C LEU F 1028 84.76 60.61 -39.26
N GLU F 1029 84.30 61.82 -39.59
CA GLU F 1029 84.37 62.93 -38.65
C GLU F 1029 83.46 62.74 -37.45
N SER F 1030 82.56 61.76 -37.49
CA SER F 1030 81.60 61.51 -36.40
C SER F 1030 81.95 60.33 -35.52
N VAL F 1031 82.74 59.37 -36.01
CA VAL F 1031 82.95 58.13 -35.27
C VAL F 1031 83.95 58.39 -34.14
N VAL F 1032 83.45 58.37 -32.91
CA VAL F 1032 84.22 58.43 -31.66
C VAL F 1032 85.32 59.49 -31.72
N ASP F 1033 86.48 59.16 -32.30
CA ASP F 1033 87.63 60.05 -32.34
C ASP F 1033 88.21 60.14 -33.74
N GLU F 1034 87.37 59.90 -34.76
CA GLU F 1034 87.79 59.99 -36.16
C GLU F 1034 88.94 59.04 -36.46
N ASP F 1035 88.96 57.91 -35.77
CA ASP F 1035 90.01 56.90 -35.94
C ASP F 1035 89.57 55.91 -37.00
N VAL F 1036 90.40 55.72 -38.02
CA VAL F 1036 90.06 54.84 -39.13
C VAL F 1036 90.03 53.38 -38.69
N GLN F 1037 90.93 53.00 -37.78
CA GLN F 1037 91.05 51.59 -37.41
C GLN F 1037 89.78 51.07 -36.74
N ARG F 1038 88.95 51.96 -36.20
CA ARG F 1038 87.70 51.55 -35.59
C ARG F 1038 86.61 51.32 -36.64
N THR F 1039 86.76 51.93 -37.82
CA THR F 1039 85.78 51.83 -38.87
C THR F 1039 86.11 50.66 -39.80
N CYS F 1040 85.07 50.06 -40.37
CA CYS F 1040 85.22 48.95 -41.30
C CYS F 1040 85.08 49.47 -42.72
N ILE F 1041 86.05 49.15 -43.57
CA ILE F 1041 86.10 49.58 -44.96
C ILE F 1041 86.13 48.35 -45.84
N LEU F 1042 85.19 48.26 -46.77
CA LEU F 1042 85.12 47.13 -47.68
C LEU F 1042 86.10 47.35 -48.83
N HIS F 1043 86.86 46.30 -49.17
CA HIS F 1043 87.88 46.43 -50.20
C HIS F 1043 88.27 45.05 -50.71
N GLY F 1044 89.00 45.04 -51.82
CA GLY F 1044 89.39 43.81 -52.49
C GLY F 1044 90.87 43.50 -52.33
N PRO F 1045 91.21 42.30 -51.82
CA PRO F 1045 92.65 41.98 -51.66
C PRO F 1045 93.41 41.98 -52.96
N VAL F 1046 92.80 41.56 -54.06
CA VAL F 1046 93.51 41.49 -55.33
C VAL F 1046 93.61 42.86 -56.01
N ALA F 1047 92.70 43.78 -55.73
CA ALA F 1047 92.74 45.12 -56.28
C ALA F 1047 93.53 46.10 -55.43
N SER F 1048 93.84 45.75 -54.18
CA SER F 1048 94.58 46.68 -53.32
C SER F 1048 96.00 46.92 -53.82
N GLN F 1049 96.61 45.94 -54.50
CA GLN F 1049 97.94 46.16 -55.05
C GLN F 1049 97.92 47.24 -56.12
N TYR F 1050 96.88 47.24 -56.95
CA TYR F 1050 96.78 48.26 -58.00
C TYR F 1050 96.34 49.60 -57.42
N THR F 1051 95.52 49.58 -56.36
CA THR F 1051 95.09 50.82 -55.71
C THR F 1051 96.24 51.35 -54.84
N SER F 1052 96.89 52.42 -55.30
CA SER F 1052 98.07 52.95 -54.63
C SER F 1052 98.11 54.46 -54.47
N LYS F 1053 97.34 55.23 -55.23
CA LYS F 1053 97.47 56.70 -55.27
C LYS F 1053 96.30 57.36 -54.56
N VAL F 1054 96.63 58.36 -53.75
CA VAL F 1054 95.67 59.09 -52.92
C VAL F 1054 95.17 60.31 -53.69
N ASP F 1055 93.85 60.49 -53.74
CA ASP F 1055 93.23 61.74 -54.13
C ASP F 1055 93.61 62.12 -55.57
N GLU F 1056 93.21 61.26 -56.50
CA GLU F 1056 93.35 61.51 -57.92
C GLU F 1056 91.99 61.39 -58.58
N PRO F 1057 91.75 62.11 -59.69
CA PRO F 1057 90.39 62.10 -60.25
C PRO F 1057 89.97 60.73 -60.75
N ILE F 1058 88.67 60.42 -60.55
CA ILE F 1058 88.12 59.19 -61.09
C ILE F 1058 88.20 59.19 -62.61
N GLY F 1059 87.94 60.34 -63.21
CA GLY F 1059 88.13 60.47 -64.65
C GLY F 1059 89.56 60.19 -65.05
N ASP F 1060 90.52 60.61 -64.22
CA ASP F 1060 91.92 60.34 -64.50
C ASP F 1060 92.21 58.84 -64.43
N ILE F 1061 91.66 58.16 -63.43
CA ILE F 1061 91.89 56.71 -63.30
C ILE F 1061 91.34 55.98 -64.52
N LEU F 1062 90.08 56.26 -64.87
CA LEU F 1062 89.47 55.56 -65.98
C LEU F 1062 90.12 55.94 -67.30
N ASN F 1063 90.55 57.20 -67.44
CA ASN F 1063 91.29 57.61 -68.63
C ASN F 1063 92.61 56.88 -68.73
N SER F 1064 93.30 56.69 -67.61
CA SER F 1064 94.55 55.95 -67.64
C SER F 1064 94.33 54.51 -68.09
N ILE F 1065 93.28 53.87 -67.56
CA ILE F 1065 93.00 52.49 -67.97
C ILE F 1065 92.65 52.43 -69.45
N HIS F 1066 91.78 53.33 -69.91
CA HIS F 1066 91.36 53.33 -71.30
C HIS F 1066 92.51 53.62 -72.24
N GLU F 1067 93.34 54.61 -71.89
CA GLU F 1067 94.49 54.95 -72.73
C GLU F 1067 95.52 53.83 -72.75
N GLY F 1068 95.71 53.16 -71.61
CA GLY F 1068 96.58 52.00 -71.61
C GLY F 1068 96.08 50.91 -72.55
N HIS F 1069 94.79 50.59 -72.46
CA HIS F 1069 94.22 49.59 -73.36
C HIS F 1069 94.36 50.00 -74.81
N ILE F 1070 94.12 51.29 -75.11
CA ILE F 1070 94.27 51.77 -76.47
C ILE F 1070 95.71 51.63 -76.92
N ALA F 1071 96.67 51.86 -76.01
CA ALA F 1071 98.08 51.70 -76.36
C ALA F 1071 98.40 50.24 -76.71
N ARG F 1072 97.91 49.30 -75.90
CA ARG F 1072 98.16 47.89 -76.21
C ARG F 1072 97.55 47.53 -77.55
N LEU F 1073 96.31 47.96 -77.80
CA LEU F 1073 95.63 47.59 -79.03
C LEU F 1073 96.30 48.23 -80.24
N ILE F 1074 96.72 49.49 -80.13
CA ILE F 1074 97.35 50.17 -81.26
C ILE F 1074 98.71 49.55 -81.55
N LYS F 1075 99.44 49.14 -80.51
CA LYS F 1075 100.72 48.48 -80.73
C LYS F 1075 100.53 47.10 -81.35
N GLU F 1076 99.51 46.35 -80.92
CA GLU F 1076 99.38 44.96 -81.33
C GLU F 1076 98.70 44.81 -82.69
N GLU F 1077 97.47 45.32 -82.81
CA GLU F 1077 96.62 45.01 -83.95
C GLU F 1077 96.58 46.11 -85.02
N TYR F 1078 97.38 47.16 -84.87
CA TYR F 1078 97.40 48.24 -85.86
C TYR F 1078 98.80 48.77 -86.18
N ALA F 1079 99.86 48.10 -85.72
CA ALA F 1079 101.24 48.51 -85.97
C ALA F 1079 101.53 49.90 -85.43
N GLY F 1080 100.79 50.34 -84.40
CA GLY F 1080 101.09 51.61 -83.76
C GLY F 1080 100.71 52.83 -84.56
N ASP F 1081 99.79 52.70 -85.52
CA ASP F 1081 99.35 53.82 -86.35
C ASP F 1081 97.90 54.15 -86.02
N GLU F 1082 97.65 55.37 -85.56
CA GLU F 1082 96.29 55.79 -85.24
C GLU F 1082 95.46 55.99 -86.50
N SER F 1083 96.10 56.32 -87.62
CA SER F 1083 95.36 56.50 -88.87
C SER F 1083 94.69 55.22 -89.34
N LYS F 1084 95.15 54.06 -88.87
CA LYS F 1084 94.57 52.78 -89.27
C LYS F 1084 93.28 52.46 -88.52
N ILE F 1085 92.93 53.23 -87.50
CA ILE F 1085 91.71 52.96 -86.72
C ILE F 1085 90.50 53.26 -87.59
N PRO F 1086 89.49 52.39 -87.67
CA PRO F 1086 88.27 52.75 -88.41
C PRO F 1086 87.58 53.95 -87.76
N VAL F 1087 87.00 54.81 -88.59
CA VAL F 1087 86.44 56.08 -88.15
C VAL F 1087 84.93 56.04 -88.39
N VAL F 1088 84.18 56.46 -87.38
CA VAL F 1088 82.73 56.64 -87.47
C VAL F 1088 82.39 58.02 -86.93
N GLU F 1089 81.30 58.59 -87.43
CA GLU F 1089 80.91 59.92 -86.95
C GLU F 1089 80.54 59.88 -85.47
N TYR F 1090 79.77 58.88 -85.06
CA TYR F 1090 79.38 58.71 -83.67
C TYR F 1090 79.56 57.25 -83.27
N PHE F 1091 80.02 57.05 -82.03
CA PHE F 1091 80.30 55.72 -81.50
C PHE F 1091 79.25 55.38 -80.46
N GLY F 1092 78.35 54.47 -80.80
CA GLY F 1092 77.34 54.00 -79.86
C GLY F 1092 76.03 53.63 -80.51
N GLY F 1093 75.08 53.15 -79.71
CA GLY F 1093 73.74 52.87 -80.19
C GLY F 1093 73.58 51.57 -80.96
N LYS F 1094 74.62 50.74 -81.05
CA LYS F 1094 74.57 49.49 -81.78
C LYS F 1094 74.20 48.37 -80.81
N LYS F 1095 73.10 47.69 -81.09
CA LYS F 1095 72.67 46.60 -80.22
C LYS F 1095 73.64 45.43 -80.33
N PRO F 1096 74.05 44.80 -79.23
CA PRO F 1096 74.94 43.63 -79.36
C PRO F 1096 74.32 42.49 -80.14
N ALA F 1097 73.00 42.31 -80.07
CA ALA F 1097 72.32 41.22 -80.76
C ALA F 1097 71.86 41.66 -82.16
N SER F 1098 72.82 42.16 -82.93
CA SER F 1098 72.55 42.61 -84.29
C SER F 1098 73.86 42.82 -85.05
N GLY F 1109 70.78 53.09 -103.29
CA GLY F 1109 71.75 54.11 -103.64
C GLY F 1109 71.37 55.49 -103.11
N ASN F 1110 71.77 56.53 -103.84
CA ASN F 1110 71.45 57.89 -103.44
C ASN F 1110 69.94 58.13 -103.48
N GLN F 1111 69.29 57.67 -104.54
CA GLN F 1111 67.85 57.84 -104.75
C GLN F 1111 67.18 56.48 -104.59
N VAL F 1112 66.45 56.31 -103.48
CA VAL F 1112 65.76 55.07 -103.17
C VAL F 1112 64.32 55.40 -102.80
N VAL F 1113 63.43 54.46 -103.08
CA VAL F 1113 62.01 54.60 -102.76
C VAL F 1113 61.54 53.29 -102.15
N TYR F 1114 60.95 53.36 -100.95
CA TYR F 1114 60.41 52.20 -100.25
C TYR F 1114 58.89 52.34 -100.18
N GLU F 1115 58.18 51.43 -100.86
CA GLU F 1115 56.73 51.39 -100.79
C GLU F 1115 56.33 50.41 -99.70
N ILE F 1116 55.97 50.95 -98.54
CA ILE F 1116 55.65 50.13 -97.37
C ILE F 1116 54.30 49.46 -97.62
N ASP F 1117 54.16 48.23 -97.14
CA ASP F 1117 52.91 47.49 -97.23
C ASP F 1117 52.49 47.03 -95.84
N SER F 1118 51.49 46.15 -95.76
CA SER F 1118 51.03 45.58 -94.51
C SER F 1118 51.30 44.09 -94.40
N GLU F 1119 51.89 43.47 -95.42
CA GLU F 1119 52.11 42.03 -95.39
C GLU F 1119 53.05 41.64 -94.27
N LEU F 1120 54.31 42.05 -94.35
CA LEU F 1120 55.24 41.86 -93.24
C LEU F 1120 56.50 42.71 -93.40
N PRO F 1121 56.41 44.05 -93.40
CA PRO F 1121 57.61 44.87 -93.25
C PRO F 1121 58.05 44.92 -91.80
N ASN F 1122 59.13 44.21 -91.48
CA ASN F 1122 59.64 44.23 -90.11
C ASN F 1122 60.00 45.65 -89.72
N LYS F 1123 59.63 46.04 -88.49
CA LYS F 1123 59.95 47.38 -88.03
C LYS F 1123 61.45 47.61 -88.00
N GLN F 1124 62.19 46.64 -87.47
CA GLN F 1124 63.64 46.78 -87.38
C GLN F 1124 64.28 46.85 -88.77
N GLU F 1125 63.87 45.98 -89.68
CA GLU F 1125 64.44 45.97 -91.01
C GLU F 1125 64.11 47.26 -91.77
N TRP F 1126 62.86 47.72 -91.64
CA TRP F 1126 62.46 48.97 -92.31
C TRP F 1126 63.23 50.15 -91.76
N LEU F 1127 63.39 50.21 -90.43
CA LEU F 1127 64.14 51.32 -89.84
C LEU F 1127 65.61 51.25 -90.22
N ASP F 1128 66.19 50.05 -90.30
CA ASP F 1128 67.57 49.92 -90.74
C ASP F 1128 67.74 50.37 -92.18
N LEU F 1129 66.80 49.98 -93.05
CA LEU F 1129 66.87 50.39 -94.45
C LEU F 1129 66.78 51.91 -94.58
N LEU F 1130 65.86 52.53 -93.84
CA LEU F 1130 65.78 53.99 -93.87
C LEU F 1130 67.03 54.63 -93.30
N ALA F 1131 67.59 54.04 -92.24
CA ALA F 1131 68.76 54.60 -91.59
C ALA F 1131 69.98 54.57 -92.51
N GLY F 1132 70.16 53.47 -93.25
CA GLY F 1132 71.29 53.31 -94.14
C GLY F 1132 72.43 52.56 -93.51
N THR F 1133 73.53 52.48 -94.25
CA THR F 1133 74.71 51.73 -93.83
C THR F 1133 75.72 52.60 -93.08
N GLU F 1134 76.01 53.79 -93.61
CA GLU F 1134 77.01 54.65 -93.00
C GLU F 1134 76.53 55.16 -91.66
N LEU F 1135 77.46 55.30 -90.72
CA LEU F 1135 77.17 55.80 -89.38
C LEU F 1135 77.06 57.32 -89.40
N ASN F 1136 76.06 57.80 -90.13
CA ASN F 1136 75.89 59.23 -90.39
C ASN F 1136 74.74 59.79 -89.54
N TRP F 1137 74.45 61.09 -89.76
CA TRP F 1137 73.44 61.76 -88.96
C TRP F 1137 72.09 61.10 -89.11
N LEU F 1138 71.67 60.79 -90.34
CA LEU F 1138 70.37 60.18 -90.55
C LEU F 1138 70.34 58.74 -90.05
N GLN F 1139 71.46 58.02 -90.16
CA GLN F 1139 71.53 56.68 -89.59
C GLN F 1139 71.27 56.72 -88.09
N ALA F 1140 71.98 57.59 -87.38
CA ALA F 1140 71.74 57.74 -85.94
C ALA F 1140 70.30 58.15 -85.68
N PHE F 1141 69.82 59.15 -86.44
CA PHE F 1141 68.56 59.83 -86.16
C PHE F 1141 67.35 58.97 -86.50
N ILE F 1142 67.54 57.90 -87.26
CA ILE F 1142 66.47 56.92 -87.51
C ILE F 1142 66.62 55.68 -86.63
N SER F 1143 67.83 55.12 -86.53
CA SER F 1143 67.99 53.85 -85.82
C SER F 1143 67.94 54.02 -84.31
N THR F 1144 68.29 55.19 -83.79
CA THR F 1144 68.31 55.39 -82.35
C THR F 1144 66.91 55.24 -81.77
N ASP F 1145 66.80 54.50 -80.68
CA ASP F 1145 65.52 54.17 -80.09
C ASP F 1145 65.05 55.15 -79.02
N ARG F 1146 65.90 56.10 -78.61
CA ARG F 1146 65.54 57.09 -77.61
C ARG F 1146 65.99 58.47 -78.07
N ILE F 1147 65.26 59.48 -77.61
CA ILE F 1147 65.56 60.88 -77.91
C ILE F 1147 65.77 61.60 -76.58
N VAL F 1148 66.65 62.60 -76.59
CA VAL F 1148 66.96 63.40 -75.40
C VAL F 1148 66.26 64.74 -75.53
N GLN F 1149 65.54 65.14 -74.48
CA GLN F 1149 64.84 66.41 -74.40
C GLN F 1149 65.36 67.15 -73.17
N GLY F 1150 66.44 67.91 -73.34
CA GLY F 1150 67.01 68.64 -72.22
C GLY F 1150 67.49 67.72 -71.11
N SER F 1151 68.26 66.69 -71.47
CA SER F 1151 68.72 65.68 -70.53
C SER F 1151 67.55 64.86 -69.99
N LYS F 1152 66.75 64.33 -70.92
CA LYS F 1152 65.58 63.52 -70.58
C LYS F 1152 65.35 62.51 -71.69
N HIS F 1153 65.60 61.23 -71.40
CA HIS F 1153 65.54 60.18 -72.41
C HIS F 1153 64.10 59.71 -72.57
N VAL F 1154 63.42 60.21 -73.61
CA VAL F 1154 62.06 59.79 -73.92
C VAL F 1154 62.09 59.04 -75.25
N SER F 1155 60.95 58.46 -75.63
CA SER F 1155 60.90 57.61 -76.81
C SER F 1155 61.22 58.40 -78.07
N ASN F 1156 61.86 57.72 -79.02
CA ASN F 1156 62.22 58.35 -80.29
C ASN F 1156 60.95 58.65 -81.08
N PRO F 1157 60.67 59.91 -81.44
CA PRO F 1157 59.46 60.17 -82.23
C PRO F 1157 59.49 59.54 -83.61
N LEU F 1158 60.66 59.16 -84.13
CA LEU F 1158 60.72 58.59 -85.47
C LEU F 1158 60.24 57.14 -85.48
N HIS F 1159 60.50 56.38 -84.42
CA HIS F 1159 59.95 55.02 -84.36
C HIS F 1159 58.44 55.02 -84.32
N ASP F 1160 57.82 56.17 -84.04
CA ASP F 1160 56.38 56.36 -84.17
C ASP F 1160 55.99 56.88 -85.55
N ILE F 1161 56.72 57.87 -86.07
CA ILE F 1161 56.34 58.48 -87.34
C ILE F 1161 56.57 57.52 -88.50
N LEU F 1162 57.77 56.94 -88.58
CA LEU F 1162 58.14 56.04 -89.67
C LEU F 1162 57.63 54.63 -89.45
N THR F 1163 56.75 54.40 -88.48
CA THR F 1163 56.24 53.07 -88.23
C THR F 1163 55.49 52.56 -89.47
N PRO F 1164 55.56 51.26 -89.78
CA PRO F 1164 54.78 50.75 -90.91
C PRO F 1164 53.30 51.04 -90.76
N ALA F 1165 52.73 51.68 -91.78
CA ALA F 1165 51.31 51.98 -91.83
C ALA F 1165 50.60 51.23 -92.96
N LYS F 1166 51.02 51.45 -94.20
CA LYS F 1166 50.47 50.82 -95.41
C LYS F 1166 50.84 51.65 -96.64
N HIS F 1167 50.91 52.98 -96.48
CA HIS F 1167 51.15 53.88 -97.60
C HIS F 1167 52.23 54.93 -97.30
N SER F 1168 53.00 54.74 -96.23
CA SER F 1168 54.08 55.66 -95.88
C SER F 1168 55.27 55.40 -96.79
N LYS F 1169 55.14 55.83 -98.04
CA LYS F 1169 56.23 55.74 -99.00
C LYS F 1169 57.32 56.73 -98.60
N VAL F 1170 58.55 56.25 -98.55
CA VAL F 1170 59.70 57.04 -98.10
C VAL F 1170 60.70 57.16 -99.23
N THR F 1171 61.44 58.28 -99.24
CA THR F 1171 62.40 58.56 -100.30
C THR F 1171 63.57 59.35 -99.74
N ILE F 1172 64.78 58.87 -99.99
CA ILE F 1172 66.01 59.60 -99.68
C ILE F 1172 66.55 60.19 -100.97
N ASP F 1173 66.83 61.50 -100.96
CA ASP F 1173 67.31 62.16 -102.15
C ASP F 1173 68.77 61.80 -102.44
N LYS F 1174 69.60 61.74 -101.41
CA LYS F 1174 71.01 61.44 -101.58
C LYS F 1174 71.55 60.86 -100.28
N LYS F 1175 72.78 60.33 -100.35
CA LYS F 1175 73.36 59.63 -99.21
C LYS F 1175 73.43 60.50 -97.97
N THR F 1176 73.59 61.82 -98.14
CA THR F 1176 73.64 62.75 -97.01
C THR F 1176 72.89 64.04 -97.30
N LYS F 1177 71.92 64.01 -98.21
CA LYS F 1177 71.20 65.21 -98.62
C LYS F 1177 69.90 65.40 -97.84
N LYS F 1178 68.97 64.45 -97.96
CA LYS F 1178 67.66 64.61 -97.34
C LYS F 1178 66.80 63.37 -97.50
N LEU F 1179 65.66 63.35 -96.80
CA LEU F 1179 64.74 62.23 -96.80
C LEU F 1179 63.32 62.78 -96.82
N THR F 1180 62.39 62.05 -97.44
CA THR F 1180 61.01 62.50 -97.49
C THR F 1180 60.09 61.28 -97.44
N ALA F 1181 58.97 61.44 -96.74
CA ALA F 1181 57.95 60.41 -96.61
C ALA F 1181 56.60 60.96 -97.02
N PHE F 1182 55.95 60.25 -97.92
CA PHE F 1182 54.69 60.65 -98.53
C PHE F 1182 53.59 59.68 -98.12
N GLU F 1183 52.36 60.17 -98.14
CA GLU F 1183 51.18 59.35 -97.87
C GLU F 1183 50.04 59.78 -98.77
N ASN F 1184 49.16 58.83 -99.08
CA ASN F 1184 48.03 59.07 -99.96
C ASN F 1184 46.90 59.72 -99.17
N ILE F 1185 47.12 60.99 -98.86
CA ILE F 1185 46.15 61.78 -98.08
C ILE F 1185 45.04 62.25 -99.01
N LYS F 1186 43.79 62.06 -98.58
CA LYS F 1186 42.59 62.30 -99.37
C LYS F 1186 42.72 61.77 -100.79
N GLY F 1187 43.29 60.58 -100.93
CA GLY F 1187 43.49 60.00 -102.25
C GLY F 1187 44.47 60.77 -103.11
N ASP F 1188 45.56 61.26 -102.51
CA ASP F 1188 46.59 62.00 -103.24
C ASP F 1188 47.91 61.82 -102.51
N LEU F 1189 48.91 61.31 -103.22
CA LEU F 1189 50.23 61.07 -102.63
C LEU F 1189 50.97 62.39 -102.53
N LEU F 1190 51.11 62.90 -101.31
CA LEU F 1190 51.80 64.15 -101.02
C LEU F 1190 52.73 63.95 -99.85
N PRO F 1191 53.78 64.78 -99.71
CA PRO F 1191 54.72 64.59 -98.61
C PRO F 1191 54.10 64.97 -97.27
N VAL F 1192 54.22 64.05 -96.30
CA VAL F 1192 53.78 64.31 -94.94
C VAL F 1192 54.94 64.47 -93.97
N VAL F 1193 56.14 63.98 -94.32
CA VAL F 1193 57.34 64.18 -93.51
C VAL F 1193 58.47 64.59 -94.44
N GLU F 1194 59.26 65.58 -94.01
CA GLU F 1194 60.42 66.04 -94.77
C GLU F 1194 61.57 66.21 -93.79
N ILE F 1195 62.58 65.35 -93.90
CA ILE F 1195 63.73 65.35 -93.01
C ILE F 1195 64.93 65.89 -93.78
N GLU F 1196 65.68 66.79 -93.18
CA GLU F 1196 66.88 67.27 -93.84
C GLU F 1196 67.80 67.93 -92.82
N LEU F 1197 69.09 67.94 -93.15
CA LEU F 1197 70.09 68.59 -92.30
C LEU F 1197 70.19 70.04 -92.73
N VAL F 1198 69.40 70.90 -92.07
CA VAL F 1198 69.36 72.32 -92.44
C VAL F 1198 70.73 72.96 -92.27
N LYS F 1199 71.44 72.58 -91.20
CA LYS F 1199 72.79 73.05 -90.95
C LYS F 1199 73.52 71.93 -90.23
N PRO F 1200 74.86 71.99 -90.18
CA PRO F 1200 75.60 70.92 -89.50
C PRO F 1200 75.14 70.75 -88.06
N ASN F 1201 74.96 69.49 -87.68
CA ASN F 1201 74.51 69.13 -86.34
C ASN F 1201 73.06 69.55 -86.11
N THR F 1202 72.30 69.81 -87.17
CA THR F 1202 70.92 70.28 -87.02
C THR F 1202 70.03 69.56 -88.02
N ILE F 1203 69.12 68.74 -87.50
CA ILE F 1203 68.21 67.92 -88.31
C ILE F 1203 66.81 68.51 -88.15
N GLN F 1204 66.24 68.98 -89.25
CA GLN F 1204 64.86 69.46 -89.28
C GLN F 1204 63.97 68.31 -89.71
N LEU F 1205 63.03 67.95 -88.85
CA LEU F 1205 61.95 67.01 -89.14
C LEU F 1205 60.69 67.86 -89.31
N SER F 1206 60.31 68.10 -90.57
CA SER F 1206 59.17 68.95 -90.89
C SER F 1206 57.96 68.04 -91.09
N LEU F 1207 56.99 68.13 -90.20
CA LEU F 1207 55.73 67.40 -90.34
C LEU F 1207 54.78 68.27 -91.15
N ILE F 1208 54.51 67.85 -92.39
CA ILE F 1208 53.73 68.64 -93.32
C ILE F 1208 52.26 68.28 -93.16
N GLU F 1209 51.39 69.29 -93.22
CA GLU F 1209 49.95 69.10 -93.18
C GLU F 1209 49.34 69.82 -94.39
N HIS F 1210 48.49 69.10 -95.12
CA HIS F 1210 47.83 69.62 -96.31
C HIS F 1210 46.34 69.85 -96.12
N ARG F 1211 45.73 69.27 -95.09
CA ARG F 1211 44.32 69.50 -94.79
C ARG F 1211 44.17 70.83 -94.04
N THR F 1212 44.51 71.90 -94.74
CA THR F 1212 44.56 73.24 -94.18
C THR F 1212 43.34 74.05 -94.61
N ALA F 1213 43.28 75.30 -94.14
CA ALA F 1213 42.17 76.17 -94.48
C ALA F 1213 42.26 76.65 -95.92
N ASP F 1214 43.45 77.07 -96.34
CA ASP F 1214 43.67 77.59 -97.69
C ASP F 1214 44.08 76.50 -98.68
N THR F 1215 44.26 75.26 -98.22
CA THR F 1215 44.73 74.09 -98.97
C THR F 1215 46.24 74.14 -99.21
N ASN F 1216 46.93 75.22 -98.87
CA ASN F 1216 48.37 75.25 -99.02
C ASN F 1216 49.03 74.37 -97.97
N PRO F 1217 50.15 73.72 -98.30
CA PRO F 1217 50.83 72.91 -97.28
C PRO F 1217 51.46 73.79 -96.22
N VAL F 1218 51.46 73.30 -94.97
CA VAL F 1218 52.09 74.00 -93.87
C VAL F 1218 52.92 73.01 -93.06
N ALA F 1219 54.15 73.39 -92.77
CA ALA F 1219 55.10 72.52 -92.10
C ALA F 1219 55.17 72.83 -90.61
N LEU F 1220 55.45 71.80 -89.83
CA LEU F 1220 55.77 71.92 -88.41
C LEU F 1220 57.23 71.50 -88.29
N PRO F 1221 58.16 72.45 -88.24
CA PRO F 1221 59.57 72.09 -88.03
C PRO F 1221 59.77 71.51 -86.64
N PHE F 1222 60.67 70.52 -86.56
CA PHE F 1222 61.17 69.99 -85.29
C PHE F 1222 62.69 69.93 -85.46
N LEU F 1223 63.39 70.86 -84.82
CA LEU F 1223 64.84 70.90 -84.92
C LEU F 1223 65.45 69.96 -83.89
N TYR F 1224 66.54 69.30 -84.28
CA TYR F 1224 67.20 68.30 -83.44
C TYR F 1224 68.71 68.48 -83.55
N LYS F 1225 69.36 68.75 -82.43
CA LYS F 1225 70.81 68.81 -82.37
C LYS F 1225 71.41 67.43 -82.54
N TYR F 1226 72.21 67.25 -83.59
CA TYR F 1226 72.95 66.01 -83.76
C TYR F 1226 74.31 66.14 -83.09
N ASN F 1227 74.59 65.23 -82.15
CA ASN F 1227 75.77 65.27 -81.30
C ASN F 1227 76.63 64.04 -81.60
N PRO F 1228 77.65 64.16 -82.45
CA PRO F 1228 78.54 63.01 -82.67
C PRO F 1228 79.35 62.62 -81.45
N ALA F 1229 79.46 63.50 -80.44
CA ALA F 1229 80.34 63.23 -79.32
C ALA F 1229 79.91 62.00 -78.54
N ASP F 1230 78.62 61.85 -78.28
CA ASP F 1230 78.08 60.71 -77.55
C ASP F 1230 77.13 59.94 -78.46
N GLY F 1231 77.42 58.65 -78.65
CA GLY F 1231 76.60 57.81 -79.49
C GLY F 1231 75.45 57.11 -78.80
N PHE F 1232 75.40 57.17 -77.47
CA PHE F 1232 74.22 56.66 -76.77
C PHE F 1232 73.01 57.54 -77.03
N ALA F 1233 73.20 58.86 -77.01
CA ALA F 1233 72.14 59.84 -77.25
C ALA F 1233 72.64 60.80 -78.32
N PRO F 1234 72.79 60.34 -79.55
CA PRO F 1234 73.35 61.20 -80.60
C PRO F 1234 72.39 62.30 -81.08
N ILE F 1235 71.19 62.40 -80.53
CA ILE F 1235 70.22 63.40 -80.94
C ILE F 1235 69.60 64.03 -79.70
N LEU F 1236 69.62 65.36 -79.63
CA LEU F 1236 69.03 66.12 -78.54
C LEU F 1236 67.97 67.05 -79.11
N GLU F 1237 66.74 66.94 -78.62
CA GLU F 1237 65.67 67.79 -79.13
C GLU F 1237 65.89 69.23 -78.67
N ILE F 1238 65.74 70.16 -79.62
CA ILE F 1238 65.74 71.59 -79.28
C ILE F 1238 64.38 71.90 -78.67
N MET F 1239 64.31 71.90 -77.35
CA MET F 1239 63.06 72.25 -76.69
C MET F 1239 62.85 73.74 -76.82
N GLU F 1240 63.90 74.46 -77.20
CA GLU F 1240 63.81 75.91 -77.35
C GLU F 1240 62.68 76.30 -78.27
N ASP F 1241 61.81 77.18 -77.80
CA ASP F 1241 60.70 77.66 -78.63
C ASP F 1241 59.97 76.53 -79.32
N ARG F 1242 60.12 75.31 -78.80
CA ARG F 1242 59.39 74.19 -79.40
C ARG F 1242 57.89 74.44 -79.32
N ASN F 1243 57.40 74.87 -78.16
CA ASN F 1243 55.98 75.17 -78.02
C ASN F 1243 55.58 76.33 -78.91
N GLU F 1244 56.46 77.33 -79.05
CA GLU F 1244 56.17 78.45 -79.93
C GLU F 1244 56.06 78.01 -81.39
N ARG F 1245 56.95 77.11 -81.83
CA ARG F 1245 56.89 76.61 -83.19
C ARG F 1245 55.62 75.81 -83.43
N ILE F 1246 55.26 74.96 -82.47
CA ILE F 1246 54.03 74.17 -82.61
C ILE F 1246 52.82 75.10 -82.61
N LYS F 1247 52.88 76.17 -81.81
CA LYS F 1247 51.80 77.16 -81.80
C LYS F 1247 51.70 77.87 -83.15
N GLU F 1248 52.83 78.20 -83.76
CA GLU F 1248 52.81 78.82 -85.07
C GLU F 1248 52.18 77.89 -86.10
N PHE F 1249 52.54 76.61 -86.05
CA PHE F 1249 51.93 75.63 -86.97
C PHE F 1249 50.42 75.53 -86.75
N TYR F 1250 49.99 75.43 -85.50
CA TYR F 1250 48.56 75.31 -85.21
C TYR F 1250 47.82 76.61 -85.58
N TRP F 1251 48.49 77.75 -85.42
CA TRP F 1251 47.87 79.02 -85.78
C TRP F 1251 47.69 79.12 -87.29
N LYS F 1252 48.69 78.71 -88.06
CA LYS F 1252 48.53 78.70 -89.50
C LYS F 1252 47.43 77.73 -89.92
N LEU F 1253 47.29 76.62 -89.19
CA LEU F 1253 46.26 75.64 -89.53
C LEU F 1253 44.86 76.18 -89.23
N TRP F 1254 44.66 76.74 -88.03
CA TRP F 1254 43.33 77.19 -87.62
C TRP F 1254 43.02 78.56 -88.20
N PHE F 1255 43.80 79.57 -87.82
CA PHE F 1255 43.55 80.94 -88.24
C PHE F 1255 44.34 81.25 -89.51
N SER F 1258 43.33 83.49 -91.36
CA SER F 1258 42.22 84.23 -90.77
C SER F 1258 42.72 85.43 -89.97
N VAL F 1259 43.72 85.18 -89.12
CA VAL F 1259 44.31 86.21 -88.27
C VAL F 1259 45.82 86.18 -88.44
N PRO F 1260 46.52 87.32 -88.42
CA PRO F 1260 47.99 87.28 -88.45
C PRO F 1260 48.53 86.65 -87.17
N TYR F 1261 49.70 86.02 -87.30
CA TYR F 1261 50.33 85.36 -86.15
C TYR F 1261 50.75 86.42 -85.13
N SER F 1262 50.10 86.42 -83.97
CA SER F 1262 50.43 87.36 -82.91
C SER F 1262 49.98 86.72 -81.59
N ASN F 1263 50.95 86.21 -80.82
CA ASN F 1263 50.68 85.63 -79.52
C ASN F 1263 50.75 86.66 -78.39
N ASP F 1264 50.88 87.94 -78.72
CA ASP F 1264 50.87 89.02 -77.73
C ASP F 1264 49.42 89.39 -77.38
N ILE F 1265 48.74 88.43 -76.77
CA ILE F 1265 47.34 88.56 -76.37
C ILE F 1265 47.29 88.42 -74.86
N ASN F 1266 46.58 89.34 -74.21
CA ASN F 1266 46.40 89.23 -72.76
C ASN F 1266 45.49 88.04 -72.45
N VAL F 1267 45.93 87.20 -71.51
CA VAL F 1267 45.14 86.04 -71.13
C VAL F 1267 43.82 86.49 -70.51
N GLU F 1268 43.86 87.57 -69.73
CA GLU F 1268 42.67 88.09 -69.07
C GLU F 1268 41.78 88.92 -69.97
N LYS F 1269 42.23 89.23 -71.20
CA LYS F 1269 41.44 90.03 -72.12
C LYS F 1269 40.39 89.15 -72.80
N ALA F 1270 39.56 89.77 -73.62
CA ALA F 1270 38.46 89.11 -74.33
C ALA F 1270 38.81 88.99 -75.80
N ILE F 1271 38.65 87.79 -76.34
CA ILE F 1271 38.88 87.54 -77.77
C ILE F 1271 37.58 87.81 -78.51
N LEU F 1272 37.66 88.64 -79.54
CA LEU F 1272 36.52 88.92 -80.42
C LEU F 1272 36.65 88.05 -81.67
N GLY F 1273 35.67 87.18 -81.89
CA GLY F 1273 35.67 86.34 -83.07
C GLY F 1273 35.14 87.07 -84.29
N ASP F 1274 35.26 86.40 -85.43
CA ASP F 1274 34.77 86.96 -86.67
C ASP F 1274 33.25 86.90 -86.73
N GLU F 1275 32.67 87.82 -87.48
CA GLU F 1275 31.22 87.86 -87.70
C GLU F 1275 30.87 86.89 -88.80
N ILE F 1276 30.05 85.87 -88.48
CA ILE F 1276 29.68 84.83 -89.42
C ILE F 1276 28.16 84.83 -89.58
N THR F 1277 27.70 84.62 -90.81
CA THR F 1277 26.28 84.53 -91.12
C THR F 1277 25.93 83.07 -91.36
N ILE F 1278 24.91 82.59 -90.66
CA ILE F 1278 24.53 81.18 -90.74
C ILE F 1278 23.82 80.93 -92.06
N SER F 1279 24.18 79.82 -92.72
CA SER F 1279 23.64 79.48 -94.02
C SER F 1279 23.12 78.04 -94.02
N SER F 1280 22.10 77.82 -94.84
CA SER F 1280 21.49 76.49 -94.94
C SER F 1280 22.51 75.47 -95.42
N GLN F 1281 23.40 75.87 -96.33
CA GLN F 1281 24.44 74.95 -96.80
C GLN F 1281 25.34 74.53 -95.65
N THR F 1282 25.76 75.48 -94.81
CA THR F 1282 26.66 75.14 -93.71
C THR F 1282 25.96 74.25 -92.70
N ILE F 1283 24.69 74.54 -92.40
CA ILE F 1283 23.94 73.68 -91.48
C ILE F 1283 23.77 72.29 -92.06
N SER F 1284 23.51 72.20 -93.37
CA SER F 1284 23.36 70.88 -93.99
C SER F 1284 24.64 70.08 -93.88
N GLU F 1285 25.78 70.71 -94.21
CA GLU F 1285 27.06 70.02 -94.12
C GLU F 1285 27.33 69.58 -92.68
N PHE F 1286 27.07 70.46 -91.72
CA PHE F 1286 27.34 70.11 -90.32
C PHE F 1286 26.47 68.96 -89.85
N THR F 1287 25.17 69.03 -90.14
CA THR F 1287 24.25 67.98 -89.71
C THR F 1287 24.60 66.64 -90.35
N HIS F 1288 24.91 66.64 -91.65
CA HIS F 1288 25.32 65.40 -92.30
C HIS F 1288 26.62 64.87 -91.72
N ALA F 1289 27.54 65.77 -91.35
CA ALA F 1289 28.79 65.33 -90.75
C ALA F 1289 28.55 64.62 -89.42
N ILE F 1290 27.80 65.26 -88.51
CA ILE F 1290 27.63 64.69 -87.17
C ILE F 1290 26.50 63.66 -87.10
N GLY F 1291 25.79 63.42 -88.19
CA GLY F 1291 24.73 62.45 -88.18
C GLY F 1291 23.42 62.95 -87.59
N ASN F 1292 23.27 64.25 -87.41
CA ASN F 1292 22.01 64.80 -86.93
C ASN F 1292 20.97 64.81 -88.05
N LYS F 1293 19.90 64.05 -87.86
CA LYS F 1293 18.82 63.93 -88.85
C LYS F 1293 17.57 64.70 -88.42
N CYS F 1294 17.69 65.59 -87.44
CA CYS F 1294 16.50 66.24 -86.89
C CYS F 1294 15.82 67.11 -87.94
N ASP F 1295 14.49 67.18 -87.86
CA ASP F 1295 13.72 67.90 -88.86
C ASP F 1295 13.95 69.40 -88.79
N ALA F 1296 14.19 69.94 -87.59
CA ALA F 1296 14.29 71.38 -87.45
C ALA F 1296 15.48 71.96 -88.20
N PHE F 1297 16.47 71.13 -88.54
CA PHE F 1297 17.70 71.59 -89.18
C PHE F 1297 17.75 71.26 -90.67
N VAL F 1298 16.65 70.76 -91.24
CA VAL F 1298 16.56 70.46 -92.67
C VAL F 1298 15.60 71.45 -93.29
N ASP F 1299 16.00 72.02 -94.43
CA ASP F 1299 15.17 73.01 -95.11
C ASP F 1299 13.86 72.37 -95.56
N ARG F 1300 12.75 72.92 -95.09
CA ARG F 1300 11.41 72.52 -95.50
C ARG F 1300 10.61 73.76 -95.86
N PRO F 1301 9.64 73.65 -96.77
CA PRO F 1301 8.79 74.81 -97.07
C PRO F 1301 7.95 75.20 -95.85
N GLY F 1302 7.67 76.50 -95.75
CA GLY F 1302 6.82 76.99 -94.69
C GLY F 1302 7.35 76.73 -93.29
N LYS F 1303 8.66 76.58 -93.14
CA LYS F 1303 9.27 76.32 -91.84
C LYS F 1303 10.55 77.12 -91.75
N ALA F 1304 10.80 77.66 -90.55
CA ALA F 1304 12.02 78.42 -90.28
C ALA F 1304 13.12 77.42 -89.93
N THR F 1305 13.92 77.05 -90.92
CA THR F 1305 15.01 76.10 -90.70
C THR F 1305 15.95 76.64 -89.63
N LEU F 1306 16.26 75.80 -88.64
CA LEU F 1306 17.08 76.18 -87.51
C LEU F 1306 18.48 75.58 -87.68
N ALA F 1307 19.34 75.86 -86.69
CA ALA F 1307 20.70 75.36 -86.67
C ALA F 1307 20.98 74.71 -85.32
N PRO F 1308 21.77 73.64 -85.27
CA PRO F 1308 22.01 72.96 -84.00
C PRO F 1308 22.86 73.79 -83.06
N MET F 1309 22.71 73.51 -81.75
CA MET F 1309 23.56 74.17 -80.77
C MET F 1309 25.02 73.81 -80.98
N ASP F 1310 25.28 72.60 -81.46
CA ASP F 1310 26.66 72.21 -81.77
C ASP F 1310 27.27 73.08 -82.86
N PHE F 1311 26.45 73.78 -83.64
CA PHE F 1311 26.97 74.80 -84.55
C PHE F 1311 27.56 75.99 -83.80
N ALA F 1312 27.26 76.12 -82.50
CA ALA F 1312 27.86 77.20 -81.72
C ALA F 1312 29.38 77.06 -81.65
N ILE F 1313 29.87 75.82 -81.51
CA ILE F 1313 31.32 75.63 -81.46
C ILE F 1313 31.94 75.92 -82.82
N VAL F 1314 31.20 75.67 -83.90
CA VAL F 1314 31.69 76.03 -85.23
C VAL F 1314 31.78 77.54 -85.35
N ILE F 1315 30.77 78.25 -84.86
CA ILE F 1315 30.77 79.71 -84.95
C ILE F 1315 31.91 80.29 -84.11
N GLY F 1316 32.08 79.79 -82.89
CA GLY F 1316 33.04 80.32 -81.95
C GLY F 1316 34.34 79.56 -81.83
N TRP F 1317 34.69 78.72 -82.80
CA TRP F 1317 35.94 77.98 -82.71
C TRP F 1317 37.13 78.91 -82.71
N LYS F 1318 37.09 79.94 -83.56
CA LYS F 1318 38.20 80.89 -83.65
C LYS F 1318 38.47 81.53 -82.29
N ALA F 1319 37.44 82.13 -81.70
CA ALA F 1319 37.61 82.85 -80.45
C ALA F 1319 37.97 81.91 -79.30
N ILE F 1320 37.27 80.76 -79.21
CA ILE F 1320 37.51 79.86 -78.09
C ILE F 1320 38.91 79.27 -78.17
N ILE F 1321 39.35 78.85 -79.36
CA ILE F 1321 40.65 78.21 -79.48
C ILE F 1321 41.79 79.21 -79.49
N LYS F 1322 41.51 80.49 -79.74
CA LYS F 1322 42.54 81.52 -79.60
C LYS F 1322 42.96 81.74 -78.15
N ALA F 1323 42.22 81.19 -77.18
CA ALA F 1323 42.49 81.42 -75.77
C ALA F 1323 43.72 80.68 -75.26
N ILE F 1324 44.11 79.56 -75.89
CA ILE F 1324 45.20 78.74 -75.38
C ILE F 1324 46.55 79.10 -75.99
N PHE F 1325 46.58 80.04 -76.94
CA PHE F 1325 47.81 80.46 -77.63
C PHE F 1325 48.74 81.41 -76.88
N PRO F 1326 48.24 82.36 -76.07
CA PRO F 1326 49.14 83.40 -75.51
C PRO F 1326 50.34 82.82 -74.78
N LYS F 1327 51.42 83.63 -74.69
CA LYS F 1327 52.63 83.15 -74.01
C LYS F 1327 52.38 82.86 -72.54
N SER F 1328 51.61 83.72 -71.86
CA SER F 1328 51.38 83.51 -70.43
C SER F 1328 50.67 82.19 -70.16
N VAL F 1329 49.97 81.63 -71.15
CA VAL F 1329 49.48 80.26 -71.07
C VAL F 1329 50.28 79.43 -72.08
N ASP F 1330 51.39 78.86 -71.62
CA ASP F 1330 52.32 78.14 -72.47
C ASP F 1330 52.18 76.64 -72.24
N GLY F 1331 52.20 75.88 -73.31
CA GLY F 1331 52.14 74.44 -73.21
C GLY F 1331 52.24 73.81 -74.58
N ASP F 1332 52.38 72.48 -74.57
CA ASP F 1332 52.53 71.70 -75.80
C ASP F 1332 51.14 71.47 -76.40
N LEU F 1333 50.89 72.07 -77.56
CA LEU F 1333 49.59 71.92 -78.21
C LEU F 1333 49.37 70.51 -78.70
N LEU F 1334 50.46 69.80 -79.06
CA LEU F 1334 50.32 68.41 -79.48
C LEU F 1334 49.88 67.53 -78.32
N LYS F 1335 50.22 67.89 -77.09
CA LYS F 1335 49.75 67.21 -75.90
C LYS F 1335 48.44 67.77 -75.39
N LEU F 1336 47.84 68.73 -76.09
CA LEU F 1336 46.58 69.33 -75.65
C LEU F 1336 45.48 68.28 -75.61
N VAL F 1337 44.69 68.31 -74.55
CA VAL F 1337 43.59 67.37 -74.34
C VAL F 1337 42.34 68.18 -74.05
N HIS F 1338 41.33 68.07 -74.91
CA HIS F 1338 40.04 68.69 -74.64
C HIS F 1338 39.36 67.92 -73.51
N LEU F 1339 39.25 68.53 -72.33
CA LEU F 1339 38.70 67.82 -71.18
C LEU F 1339 37.18 67.82 -71.19
N SER F 1340 36.57 68.96 -71.51
CA SER F 1340 35.12 69.04 -71.49
C SER F 1340 34.67 70.22 -72.35
N ASN F 1341 33.47 70.09 -72.90
CA ASN F 1341 32.80 71.17 -73.61
C ASN F 1341 31.33 71.16 -73.22
N GLY F 1342 30.74 72.36 -73.22
CA GLY F 1342 29.36 72.49 -72.83
C GLY F 1342 28.75 73.73 -73.43
N TYR F 1343 27.43 73.73 -73.50
CA TYR F 1343 26.63 74.84 -73.99
C TYR F 1343 25.63 75.23 -72.93
N LYS F 1344 25.16 76.48 -73.01
CA LYS F 1344 24.17 77.01 -72.08
C LYS F 1344 23.41 78.12 -72.78
N MET F 1345 22.14 77.88 -73.10
CA MET F 1345 21.31 78.91 -73.70
C MET F 1345 20.88 79.92 -72.65
N ILE F 1346 20.86 81.19 -73.04
CA ILE F 1346 20.39 82.25 -72.16
C ILE F 1346 18.87 82.15 -72.06
N THR F 1347 18.33 82.47 -70.89
CA THR F 1347 16.89 82.40 -70.68
C THR F 1347 16.17 83.35 -71.64
N GLY F 1348 15.16 82.83 -72.33
CA GLY F 1348 14.39 83.62 -73.26
C GLY F 1348 15.01 83.80 -74.63
N ALA F 1349 16.19 83.22 -74.88
CA ALA F 1349 16.88 83.36 -76.16
C ALA F 1349 16.50 82.21 -77.07
N ALA F 1350 16.03 82.54 -78.28
CA ALA F 1350 15.62 81.52 -79.22
C ALA F 1350 16.83 80.82 -79.83
N PRO F 1351 16.64 79.61 -80.38
CA PRO F 1351 17.78 78.92 -81.00
C PRO F 1351 18.26 79.62 -82.26
N LEU F 1352 19.51 79.34 -82.61
CA LEU F 1352 20.08 79.89 -83.84
C LEU F 1352 19.32 79.36 -85.05
N LYS F 1353 19.21 80.21 -86.08
CA LYS F 1353 18.46 79.87 -87.27
C LYS F 1353 19.18 80.41 -88.51
N LYS F 1354 18.70 79.97 -89.66
CA LYS F 1354 19.29 80.37 -90.94
C LYS F 1354 19.20 81.89 -91.10
N GLY F 1355 20.25 82.47 -91.67
CA GLY F 1355 20.30 83.89 -91.92
C GLY F 1355 20.73 84.73 -90.73
N ASP F 1356 20.95 84.12 -89.58
CA ASP F 1356 21.40 84.87 -88.41
C ASP F 1356 22.83 85.36 -88.61
N VAL F 1357 23.02 86.66 -88.45
CA VAL F 1357 24.35 87.27 -88.44
C VAL F 1357 24.82 87.30 -87.00
N VAL F 1358 25.85 86.52 -86.70
CA VAL F 1358 26.21 86.19 -85.32
C VAL F 1358 27.70 86.45 -85.11
N SER F 1359 28.03 87.05 -83.97
CA SER F 1359 29.40 87.30 -83.56
C SER F 1359 29.70 86.49 -82.31
N THR F 1360 30.98 86.36 -82.00
CA THR F 1360 31.45 85.61 -80.84
C THR F 1360 32.43 86.44 -80.03
N LYS F 1361 32.31 86.36 -78.71
CA LYS F 1361 33.30 86.89 -77.79
C LYS F 1361 33.78 85.72 -76.95
N ALA F 1362 35.06 85.69 -76.59
CA ALA F 1362 35.60 84.63 -75.76
C ALA F 1362 36.50 85.23 -74.69
N GLU F 1363 36.36 84.70 -73.47
CA GLU F 1363 37.17 85.12 -72.33
C GLU F 1363 37.72 83.89 -71.64
N ILE F 1364 38.87 84.05 -70.99
CA ILE F 1364 39.53 82.96 -70.28
C ILE F 1364 39.13 83.09 -68.81
N LYS F 1365 38.31 82.14 -68.35
CA LYS F 1365 37.79 82.21 -66.98
C LYS F 1365 38.86 81.83 -65.96
N ALA F 1366 39.70 80.86 -66.28
CA ALA F 1366 40.68 80.35 -65.33
C ALA F 1366 41.87 79.74 -66.07
N VAL F 1367 43.05 79.93 -65.52
CA VAL F 1367 44.25 79.22 -65.94
C VAL F 1367 44.92 78.68 -64.69
N LEU F 1368 45.07 77.36 -64.60
CA LEU F 1368 45.51 76.67 -63.40
C LEU F 1368 46.70 75.78 -63.70
N ASN F 1369 47.50 75.51 -62.67
CA ASN F 1369 48.59 74.55 -62.73
C ASN F 1369 48.26 73.40 -61.79
N GLN F 1370 47.88 72.26 -62.34
CA GLN F 1370 47.55 71.04 -61.64
C GLN F 1370 48.65 70.00 -61.86
N PRO F 1371 48.74 68.98 -61.00
CA PRO F 1371 49.80 67.97 -61.20
C PRO F 1371 49.78 67.32 -62.58
N SER F 1372 48.60 67.11 -63.15
CA SER F 1372 48.51 66.51 -64.47
C SER F 1372 48.94 67.48 -65.57
N GLY F 1373 48.78 68.78 -65.35
CA GLY F 1373 49.11 69.74 -66.39
C GLY F 1373 48.44 71.07 -66.12
N LYS F 1374 48.42 71.92 -67.14
CA LYS F 1374 47.85 73.26 -67.02
C LYS F 1374 46.43 73.26 -67.56
N LEU F 1375 45.48 73.64 -66.70
CA LEU F 1375 44.08 73.75 -67.08
C LEU F 1375 43.79 75.13 -67.62
N VAL F 1376 42.98 75.19 -68.67
CA VAL F 1376 42.53 76.44 -69.27
C VAL F 1376 41.02 76.37 -69.44
N GLU F 1377 40.32 77.39 -68.95
CA GLU F 1377 38.87 77.48 -69.03
C GLU F 1377 38.51 78.67 -69.92
N VAL F 1378 37.67 78.43 -70.92
CA VAL F 1378 37.26 79.45 -71.87
C VAL F 1378 35.74 79.49 -71.88
N VAL F 1379 35.18 80.70 -71.84
CA VAL F 1379 33.75 80.92 -71.97
C VAL F 1379 33.54 81.80 -73.19
N GLY F 1380 32.77 81.30 -74.15
CA GLY F 1380 32.49 82.02 -75.37
C GLY F 1380 31.02 82.39 -75.49
N THR F 1381 30.73 83.68 -75.40
CA THR F 1381 29.36 84.17 -75.52
C THR F 1381 29.05 84.45 -76.99
N ILE F 1382 27.89 83.96 -77.42
CA ILE F 1382 27.41 84.10 -78.79
C ILE F 1382 26.44 85.27 -78.82
N TYR F 1383 26.74 86.29 -79.62
CA TYR F 1383 25.93 87.50 -79.69
C TYR F 1383 25.21 87.55 -81.03
N ARG F 1384 23.90 87.81 -80.98
CA ARG F 1384 23.07 87.99 -82.16
C ARG F 1384 22.31 89.30 -82.02
N GLU F 1385 22.51 90.21 -82.98
CA GLU F 1385 21.86 91.52 -82.96
C GLU F 1385 22.20 92.30 -81.70
N GLY F 1386 23.40 92.08 -81.16
CA GLY F 1386 23.84 92.77 -79.97
C GLY F 1386 23.39 92.15 -78.66
N LYS F 1387 22.62 91.04 -78.71
CA LYS F 1387 22.14 90.37 -77.51
C LYS F 1387 22.75 88.97 -77.41
N PRO F 1388 23.06 88.48 -76.20
CA PRO F 1388 23.62 87.14 -76.09
C PRO F 1388 22.58 86.07 -76.42
N VAL F 1389 23.03 85.02 -77.10
CA VAL F 1389 22.18 83.90 -77.47
C VAL F 1389 22.52 82.65 -76.67
N MET F 1390 23.80 82.42 -76.38
CA MET F 1390 24.21 81.27 -75.59
C MET F 1390 25.66 81.45 -75.17
N GLU F 1391 26.12 80.52 -74.34
CA GLU F 1391 27.49 80.49 -73.85
C GLU F 1391 28.08 79.10 -74.06
N VAL F 1392 29.33 79.06 -74.47
CA VAL F 1392 30.04 77.81 -74.76
C VAL F 1392 31.23 77.74 -73.81
N THR F 1393 31.18 76.78 -72.90
CA THR F 1393 32.25 76.55 -71.93
C THR F 1393 33.16 75.45 -72.46
N SER F 1394 34.46 75.68 -72.42
CA SER F 1394 35.44 74.72 -72.90
C SER F 1394 36.59 74.63 -71.90
N GLN F 1395 37.07 73.41 -71.68
CA GLN F 1395 38.18 73.15 -70.79
C GLN F 1395 39.26 72.41 -71.56
N PHE F 1396 40.49 72.90 -71.47
CA PHE F 1396 41.63 72.33 -72.16
C PHE F 1396 42.72 72.01 -71.16
N LEU F 1397 43.48 70.95 -71.43
CA LEU F 1397 44.56 70.50 -70.56
C LEU F 1397 45.85 70.47 -71.37
N TYR F 1398 46.86 71.18 -70.88
CA TYR F 1398 48.20 71.16 -71.43
C TYR F 1398 49.01 70.22 -70.55
N ARG F 1399 49.13 68.96 -70.95
CA ARG F 1399 49.88 68.01 -70.14
C ARG F 1399 51.34 68.42 -70.05
N GLY F 1400 51.89 68.41 -68.84
CA GLY F 1400 53.27 68.76 -68.63
C GLY F 1400 53.45 69.39 -67.25
N GLU F 1401 54.66 69.90 -67.02
CA GLU F 1401 55.03 70.54 -65.78
C GLU F 1401 55.25 72.03 -66.04
N TYR F 1402 54.54 72.88 -65.29
CA TYR F 1402 54.61 74.31 -65.45
C TYR F 1402 54.72 74.99 -64.09
N ASN F 1403 55.69 75.90 -63.97
CA ASN F 1403 55.93 76.64 -62.74
C ASN F 1403 55.57 78.12 -62.88
N ASP F 1404 54.94 78.52 -63.97
CA ASP F 1404 54.60 79.93 -64.20
C ASP F 1404 53.29 80.26 -63.49
N TYR F 1405 53.35 80.21 -62.15
CA TYR F 1405 52.18 80.49 -61.33
C TYR F 1405 51.75 81.95 -61.43
N CYS F 1406 52.63 82.85 -61.86
CA CYS F 1406 52.25 84.25 -62.00
C CYS F 1406 51.18 84.44 -63.07
N ASN F 1407 51.11 83.53 -64.04
CA ASN F 1407 50.15 83.62 -65.13
C ASN F 1407 48.88 82.83 -64.88
N THR F 1408 48.74 82.17 -63.73
CA THR F 1408 47.58 81.37 -63.42
C THR F 1408 46.55 82.19 -62.65
N PHE F 1409 45.28 81.92 -62.90
CA PHE F 1409 44.20 82.59 -62.19
C PHE F 1409 42.96 81.71 -62.26
N GLN F 1410 42.01 81.97 -61.36
CA GLN F 1410 40.77 81.22 -61.32
C GLN F 1410 39.63 82.17 -61.01
N LYS F 1411 38.53 82.04 -61.75
CA LYS F 1411 37.29 82.75 -61.49
C LYS F 1411 36.20 81.72 -61.25
N VAL F 1412 35.85 81.52 -59.98
CA VAL F 1412 34.84 80.54 -59.58
C VAL F 1412 33.56 81.31 -59.25
N THR F 1413 32.46 80.91 -59.88
CA THR F 1413 31.14 81.42 -59.54
C THR F 1413 30.62 80.57 -58.37
N GLU F 1414 30.88 81.03 -57.16
CA GLU F 1414 30.40 80.32 -55.98
C GLU F 1414 28.89 80.26 -55.99
N THR F 1415 28.34 79.10 -55.64
CA THR F 1415 26.91 78.92 -55.64
C THR F 1415 26.27 79.79 -54.56
N PRO F 1416 25.03 80.26 -54.76
CA PRO F 1416 24.38 81.06 -53.72
C PRO F 1416 24.07 80.22 -52.50
N VAL F 1417 24.49 80.73 -51.34
CA VAL F 1417 24.34 80.03 -50.08
C VAL F 1417 23.31 80.78 -49.24
N GLN F 1418 22.41 80.03 -48.63
CA GLN F 1418 21.29 80.57 -47.85
C GLN F 1418 21.61 80.46 -46.37
N VAL F 1419 21.41 81.56 -45.64
CA VAL F 1419 21.60 81.59 -44.20
C VAL F 1419 20.42 82.30 -43.56
N ALA F 1420 19.95 81.75 -42.44
CA ALA F 1420 18.83 82.28 -41.68
C ALA F 1420 19.29 82.65 -40.28
N PHE F 1421 18.73 83.73 -39.74
CA PHE F 1421 19.02 84.22 -38.40
C PHE F 1421 17.84 83.94 -37.48
N LYS F 1422 18.05 83.03 -36.55
CA LYS F 1422 17.11 82.73 -35.47
C LYS F 1422 17.54 83.35 -34.15
N SER F 1423 18.61 84.15 -34.15
CA SER F 1423 19.10 84.79 -32.93
C SER F 1423 19.98 85.97 -33.33
N ALA F 1424 20.22 86.85 -32.35
CA ALA F 1424 21.11 87.99 -32.58
C ALA F 1424 22.57 87.58 -32.66
N LYS F 1425 22.91 86.36 -32.24
CA LYS F 1425 24.28 85.88 -32.35
C LYS F 1425 24.73 85.83 -33.81
N ASP F 1426 23.86 85.35 -34.69
CA ASP F 1426 24.19 85.33 -36.12
C ASP F 1426 24.40 86.74 -36.66
N LEU F 1427 23.55 87.68 -36.23
CA LEU F 1427 23.70 89.06 -36.67
C LEU F 1427 25.04 89.63 -36.23
N ALA F 1428 25.43 89.39 -34.98
CA ALA F 1428 26.71 89.90 -34.49
C ALA F 1428 27.88 89.25 -35.25
N VAL F 1429 27.80 87.94 -35.47
CA VAL F 1429 28.88 87.24 -36.17
C VAL F 1429 29.05 87.79 -37.58
N LEU F 1430 27.95 87.97 -38.30
CA LEU F 1430 28.04 88.56 -39.64
C LEU F 1430 28.54 89.99 -39.60
N ARG F 1431 28.05 90.82 -38.68
CA ARG F 1431 28.50 92.21 -38.65
C ARG F 1431 29.98 92.30 -38.30
N SER F 1432 30.51 91.30 -37.61
CA SER F 1432 31.95 91.26 -37.35
C SER F 1432 32.76 91.12 -38.62
N LYS F 1433 32.21 90.53 -39.68
CA LYS F 1433 32.96 90.35 -40.92
C LYS F 1433 33.13 91.69 -41.62
N GLU F 1434 34.36 91.95 -42.07
CA GLU F 1434 34.66 93.21 -42.76
C GLU F 1434 34.13 93.24 -44.18
N TRP F 1435 33.80 92.08 -44.76
CA TRP F 1435 33.36 91.98 -46.15
C TRP F 1435 31.85 92.08 -46.30
N PHE F 1436 31.12 92.25 -45.20
CA PHE F 1436 29.65 92.26 -45.19
C PHE F 1436 29.19 93.71 -45.20
N HIS F 1437 28.59 94.15 -46.32
CA HIS F 1437 28.15 95.53 -46.50
C HIS F 1437 26.63 95.49 -46.66
N LEU F 1438 25.91 95.61 -45.54
CA LEU F 1438 24.46 95.42 -45.51
C LEU F 1438 23.70 96.70 -45.17
N GLU F 1439 23.96 97.29 -44.01
CA GLU F 1439 23.24 98.48 -43.54
C GLU F 1439 21.73 98.22 -43.47
N LYS F 1440 21.35 97.25 -42.65
CA LYS F 1440 19.93 97.03 -42.33
C LYS F 1440 19.83 96.06 -41.16
N ASP F 1441 18.63 95.99 -40.58
CA ASP F 1441 18.34 95.05 -39.50
C ASP F 1441 17.83 93.74 -40.11
N VAL F 1442 18.39 92.62 -39.62
CA VAL F 1442 18.11 91.31 -40.20
C VAL F 1442 17.63 90.33 -39.14
N GLN F 1443 16.95 90.80 -38.11
CA GLN F 1443 16.34 89.87 -37.18
C GLN F 1443 15.32 89.02 -37.91
N PHE F 1444 15.31 87.72 -37.64
CA PHE F 1444 14.60 86.73 -38.47
C PHE F 1444 15.26 86.79 -39.83
N ASP F 1445 14.51 86.86 -40.94
CA ASP F 1445 15.07 87.11 -42.27
C ASP F 1445 15.98 85.99 -42.75
N VAL F 1446 16.16 85.88 -44.07
CA VAL F 1446 16.98 84.85 -44.70
C VAL F 1446 17.69 85.48 -45.88
N LEU F 1447 19.03 85.51 -45.83
CA LEU F 1447 19.79 86.05 -46.95
C LEU F 1447 20.28 84.93 -47.87
N THR F 1448 20.77 85.35 -49.02
CA THR F 1448 21.35 84.48 -50.04
C THR F 1448 22.54 85.22 -50.63
N PHE F 1449 23.70 84.59 -50.57
CA PHE F 1449 24.96 85.22 -50.97
C PHE F 1449 25.36 84.71 -52.34
N ARG F 1450 24.93 85.42 -53.39
CA ARG F 1450 25.32 85.08 -54.76
C ARG F 1450 26.72 85.65 -54.98
N CYS F 1451 27.74 84.81 -54.79
CA CYS F 1451 29.12 85.24 -54.71
C CYS F 1451 29.94 84.67 -55.87
N GLU F 1452 30.92 85.45 -56.32
CA GLU F 1452 31.94 84.99 -57.25
C GLU F 1452 33.29 85.27 -56.62
N SER F 1453 34.22 84.35 -56.82
CA SER F 1453 35.57 84.45 -56.28
C SER F 1453 36.58 84.42 -57.41
N THR F 1454 37.47 85.42 -57.43
CA THR F 1454 38.59 85.48 -58.35
C THR F 1454 39.86 85.18 -57.57
N TYR F 1455 40.68 84.26 -58.09
CA TYR F 1455 41.87 83.78 -57.41
C TYR F 1455 43.11 84.11 -58.20
N LYS F 1456 44.23 84.20 -57.49
CA LYS F 1456 45.54 84.36 -58.08
C LYS F 1456 46.53 83.55 -57.27
N PHE F 1457 47.33 82.75 -57.96
CA PHE F 1457 48.22 81.77 -57.34
C PHE F 1457 49.64 82.32 -57.31
N LYS F 1458 50.36 82.02 -56.23
CA LYS F 1458 51.82 82.16 -56.20
C LYS F 1458 52.52 80.81 -56.24
N SER F 1459 51.87 79.76 -55.72
CA SER F 1459 52.39 78.41 -55.77
C SER F 1459 51.21 77.46 -55.95
N ALA F 1460 51.47 76.17 -55.83
CA ALA F 1460 50.40 75.18 -56.02
C ALA F 1460 49.34 75.31 -54.94
N ASN F 1461 49.76 75.52 -53.69
CA ASN F 1461 48.86 75.46 -52.54
C ASN F 1461 48.59 76.82 -51.91
N VAL F 1462 49.30 77.88 -52.30
CA VAL F 1462 49.16 79.20 -51.71
C VAL F 1462 48.64 80.16 -52.78
N TYR F 1463 47.68 80.99 -52.37
CA TYR F 1463 47.03 81.93 -53.28
C TYR F 1463 47.70 83.28 -53.21
N SER F 1464 48.12 83.79 -54.37
CA SER F 1464 48.74 85.12 -54.41
C SER F 1464 47.76 86.20 -53.98
N SER F 1465 46.50 86.08 -54.41
CA SER F 1465 45.47 87.02 -53.97
C SER F 1465 44.11 86.39 -54.14
N ILE F 1466 43.14 86.90 -53.39
CA ILE F 1466 41.77 86.42 -53.43
C ILE F 1466 40.84 87.63 -53.42
N LYS F 1467 39.86 87.64 -54.32
CA LYS F 1467 38.89 88.72 -54.43
C LYS F 1467 37.51 88.10 -54.59
N THR F 1468 36.77 88.04 -53.50
CA THR F 1468 35.44 87.44 -53.48
C THR F 1468 34.40 88.54 -53.29
N THR F 1469 33.53 88.72 -54.29
CA THR F 1469 32.47 89.71 -54.16
C THR F 1469 31.16 89.09 -54.63
N GLY F 1470 30.07 89.60 -54.09
CA GLY F 1470 28.77 88.99 -54.34
C GLY F 1470 27.63 89.91 -53.99
N GLN F 1471 26.45 89.56 -54.48
CA GLN F 1471 25.22 90.22 -54.09
C GLN F 1471 24.62 89.50 -52.89
N VAL F 1472 24.31 90.25 -51.83
CA VAL F 1472 23.63 89.74 -50.65
C VAL F 1472 22.16 90.08 -50.82
N LEU F 1473 21.37 89.09 -51.21
CA LEU F 1473 19.94 89.25 -51.41
C LEU F 1473 19.20 88.81 -50.16
N LEU F 1474 18.06 89.42 -49.90
CA LEU F 1474 17.18 89.08 -48.79
C LEU F 1474 15.89 88.52 -49.36
N GLU F 1475 15.37 87.46 -48.73
CA GLU F 1475 14.10 86.88 -49.13
C GLU F 1475 12.95 87.69 -48.53
N LEU F 1476 12.14 88.29 -49.39
CA LEU F 1476 10.98 89.05 -48.99
C LEU F 1476 9.82 88.11 -48.62
N PRO F 1477 8.76 88.64 -48.02
CA PRO F 1477 7.58 87.79 -47.77
C PRO F 1477 7.00 87.18 -49.03
N THR F 1478 7.16 87.83 -50.18
CA THR F 1478 6.64 87.34 -51.45
C THR F 1478 7.56 86.30 -52.11
N LYS F 1479 8.54 85.76 -51.38
CA LYS F 1479 9.48 84.76 -51.88
C LYS F 1479 10.46 85.32 -52.91
N GLU F 1480 10.43 86.62 -53.18
CA GLU F 1480 11.38 87.26 -54.07
C GLU F 1480 12.68 87.51 -53.32
N VAL F 1481 13.77 87.71 -54.06
CA VAL F 1481 15.07 88.00 -53.48
C VAL F 1481 15.51 89.37 -53.98
N ILE F 1482 15.79 90.28 -53.05
CA ILE F 1482 16.17 91.65 -53.40
C ILE F 1482 17.53 91.95 -52.79
N GLN F 1483 18.42 92.54 -53.59
CA GLN F 1483 19.77 92.86 -53.12
C GLN F 1483 19.69 93.90 -52.01
N VAL F 1484 19.91 93.46 -50.78
CA VAL F 1484 20.00 94.37 -49.64
C VAL F 1484 21.43 94.73 -49.30
N GLY F 1485 22.41 94.00 -49.82
CA GLY F 1485 23.78 94.33 -49.54
C GLY F 1485 24.74 93.68 -50.49
N SER F 1486 26.02 93.73 -50.13
CA SER F 1486 27.07 93.18 -50.97
C SER F 1486 28.13 92.50 -50.11
N VAL F 1487 28.79 91.52 -50.71
CA VAL F 1487 30.00 90.91 -50.20
C VAL F 1487 31.16 91.54 -50.97
N ASP F 1488 32.18 91.99 -50.22
CA ASP F 1488 33.39 92.55 -50.82
C ASP F 1488 34.57 92.15 -49.94
N TYR F 1489 35.35 91.18 -50.41
CA TYR F 1489 36.50 90.65 -49.69
C TYR F 1489 37.70 90.66 -50.60
N GLU F 1490 38.81 91.20 -50.12
CA GLU F 1490 40.06 91.24 -50.87
C GLU F 1490 41.21 90.93 -49.93
N ALA F 1491 42.12 90.08 -50.39
CA ALA F 1491 43.26 89.67 -49.59
C ALA F 1491 44.43 89.34 -50.49
N GLY F 1492 45.64 89.52 -49.95
CA GLY F 1492 46.86 89.20 -50.67
C GLY F 1492 47.21 87.73 -50.50
N THR F 1493 48.44 87.45 -50.04
CA THR F 1493 48.87 86.08 -49.84
C THR F 1493 47.92 85.40 -48.84
N SER F 1494 47.14 84.44 -49.33
CA SER F 1494 46.14 83.75 -48.53
C SER F 1494 46.21 82.25 -48.83
N TYR F 1495 45.72 81.46 -47.89
CA TYR F 1495 45.74 80.01 -48.01
C TYR F 1495 44.34 79.42 -48.23
N GLY F 1496 43.33 80.26 -48.36
CA GLY F 1496 41.97 79.79 -48.59
C GLY F 1496 41.03 80.97 -48.64
N ASN F 1497 39.75 80.66 -48.84
CA ASN F 1497 38.71 81.68 -48.95
C ASN F 1497 37.89 81.70 -47.67
N PRO F 1498 38.11 82.64 -46.74
CA PRO F 1498 37.30 82.63 -45.51
C PRO F 1498 35.83 82.87 -45.76
N VAL F 1499 35.48 83.66 -46.78
CA VAL F 1499 34.06 83.90 -47.07
C VAL F 1499 33.39 82.58 -47.43
N THR F 1500 33.98 81.83 -48.35
CA THR F 1500 33.39 80.55 -48.75
C THR F 1500 33.40 79.56 -47.61
N ASP F 1501 34.48 79.50 -46.83
CA ASP F 1501 34.53 78.58 -45.70
C ASP F 1501 33.39 78.87 -44.71
N TYR F 1502 33.24 80.14 -44.32
CA TYR F 1502 32.21 80.51 -43.35
C TYR F 1502 30.83 80.21 -43.91
N LEU F 1503 30.62 80.55 -45.19
CA LEU F 1503 29.32 80.37 -45.81
C LEU F 1503 28.96 78.89 -45.88
N SER F 1504 29.94 78.05 -46.23
CA SER F 1504 29.68 76.62 -46.26
C SER F 1504 29.36 76.08 -44.88
N ARG F 1505 30.05 76.58 -43.85
CA ARG F 1505 29.84 76.03 -42.52
C ARG F 1505 28.49 76.45 -41.94
N ASN F 1506 28.10 77.71 -42.09
CA ASN F 1506 26.91 78.23 -41.41
C ASN F 1506 25.67 78.37 -42.27
N GLY F 1507 25.80 78.43 -43.60
CA GLY F 1507 24.66 78.48 -44.48
C GLY F 1507 24.37 77.13 -45.12
N LYS F 1508 23.38 77.13 -46.02
CA LYS F 1508 23.00 75.95 -46.78
C LYS F 1508 22.97 76.29 -48.26
N THR F 1509 23.59 75.44 -49.08
CA THR F 1509 23.62 75.66 -50.51
C THR F 1509 22.21 75.48 -51.10
N ILE F 1510 21.86 76.36 -52.04
CA ILE F 1510 20.53 76.31 -52.63
C ILE F 1510 20.34 75.02 -53.41
N GLU F 1511 21.33 74.63 -54.21
CA GLU F 1511 21.28 73.40 -55.01
C GLU F 1511 20.10 73.44 -55.98
N GLU F 1512 20.21 74.37 -56.95
CA GLU F 1512 19.16 74.56 -57.93
C GLU F 1512 18.81 73.27 -58.66
N SER F 1513 19.81 72.45 -58.97
CA SER F 1513 19.55 71.13 -59.53
C SER F 1513 18.98 70.22 -58.47
N VAL F 1514 17.87 69.56 -58.80
CA VAL F 1514 17.15 68.68 -57.87
C VAL F 1514 17.10 67.28 -58.47
N ILE F 1515 17.55 66.29 -57.71
CA ILE F 1515 17.53 64.90 -58.10
C ILE F 1515 16.29 64.26 -57.48
N PHE F 1516 15.46 63.63 -58.30
CA PHE F 1516 14.25 62.98 -57.81
C PHE F 1516 14.58 61.54 -57.39
N GLU F 1517 13.55 60.79 -57.02
CA GLU F 1517 13.71 59.53 -56.29
C GLU F 1517 14.62 58.53 -56.99
N ASN F 1518 14.21 58.05 -58.16
CA ASN F 1518 14.95 57.03 -58.89
C ASN F 1518 15.15 57.46 -60.33
N ALA F 1519 16.36 57.21 -60.85
CA ALA F 1519 16.64 57.54 -62.24
C ALA F 1519 15.76 56.73 -63.17
N ILE F 1520 15.21 57.39 -64.17
CA ILE F 1520 14.31 56.80 -65.16
C ILE F 1520 15.14 56.49 -66.40
N PRO F 1521 15.27 55.20 -66.82
CA PRO F 1521 15.86 54.93 -68.14
C PRO F 1521 15.25 55.79 -69.23
N LEU F 1522 16.07 56.25 -70.18
CA LEU F 1522 15.63 57.17 -71.22
C LEU F 1522 16.12 56.66 -72.57
N SER F 1523 15.76 55.41 -72.86
CA SER F 1523 16.15 54.68 -74.07
C SER F 1523 17.57 54.12 -73.98
N SER F 1524 18.05 53.87 -72.77
CA SER F 1524 19.36 53.25 -72.58
C SER F 1524 19.35 51.87 -73.20
N GLY F 1525 19.99 51.72 -74.35
CA GLY F 1525 19.91 50.46 -75.06
C GLY F 1525 20.60 50.52 -76.41
N GLU F 1526 20.38 49.48 -77.21
CA GLU F 1526 21.09 49.32 -78.48
C GLU F 1526 20.69 50.38 -79.49
N GLU F 1527 19.42 50.80 -79.52
CA GLU F 1527 19.00 51.84 -80.45
C GLU F 1527 19.72 53.16 -80.19
N LEU F 1528 20.31 53.33 -79.02
CA LEU F 1528 21.06 54.52 -78.66
C LEU F 1528 22.52 54.45 -79.11
N THR F 1529 22.89 53.45 -79.90
CA THR F 1529 24.26 53.29 -80.34
C THR F 1529 24.63 54.35 -81.38
N SER F 1530 25.83 54.92 -81.23
CA SER F 1530 26.37 55.90 -82.16
C SER F 1530 27.71 55.40 -82.67
N LYS F 1531 27.95 55.58 -83.97
CA LYS F 1531 29.17 55.08 -84.61
C LYS F 1531 30.04 56.24 -85.05
N ALA F 1532 31.30 56.24 -84.61
CA ALA F 1532 32.23 57.26 -85.02
C ALA F 1532 32.50 57.15 -86.51
N PRO F 1533 32.84 58.26 -87.17
CA PRO F 1533 32.95 58.24 -88.62
C PRO F 1533 34.18 57.48 -89.08
N GLY F 1534 34.12 56.99 -90.32
CA GLY F 1534 35.28 56.32 -90.88
C GLY F 1534 36.48 57.24 -91.00
N THR F 1535 36.24 58.50 -91.34
CA THR F 1535 37.28 59.51 -91.41
C THR F 1535 36.81 60.78 -90.72
N ASN F 1536 37.76 61.55 -90.21
CA ASN F 1536 37.49 62.80 -89.52
C ASN F 1536 37.58 64.02 -90.43
N GLU F 1537 37.89 63.81 -91.71
CA GLU F 1537 37.97 64.93 -92.65
C GLU F 1537 36.69 65.74 -92.75
N PRO F 1538 35.50 65.14 -92.90
CA PRO F 1538 34.30 65.98 -93.06
C PRO F 1538 34.02 66.85 -91.84
N TYR F 1539 34.12 66.29 -90.63
CA TYR F 1539 33.91 67.10 -89.44
C TYR F 1539 34.97 68.17 -89.31
N ALA F 1540 36.23 67.84 -89.61
CA ALA F 1540 37.28 68.85 -89.55
C ALA F 1540 36.99 69.99 -90.51
N ILE F 1541 36.56 69.66 -91.73
CA ILE F 1541 36.27 70.69 -92.73
C ILE F 1541 35.12 71.57 -92.26
N VAL F 1542 34.03 70.96 -91.81
CA VAL F 1542 32.84 71.74 -91.50
C VAL F 1542 33.05 72.57 -90.24
N SER F 1543 33.72 72.01 -89.23
CA SER F 1543 33.86 72.70 -87.95
C SER F 1543 35.05 73.67 -87.91
N GLY F 1544 36.00 73.52 -88.84
CA GLY F 1544 37.18 74.35 -88.82
C GLY F 1544 38.27 73.89 -87.88
N ASP F 1545 38.03 72.85 -87.10
CA ASP F 1545 39.03 72.30 -86.18
C ASP F 1545 39.93 71.35 -86.98
N TYR F 1546 41.04 71.88 -87.49
CA TYR F 1546 41.98 71.14 -88.31
C TYR F 1546 43.11 70.53 -87.49
N ASN F 1547 42.84 70.16 -86.24
CA ASN F 1547 43.86 69.56 -85.40
C ASN F 1547 44.40 68.31 -86.09
N PRO F 1548 45.70 68.23 -86.39
CA PRO F 1548 46.18 67.07 -87.17
C PRO F 1548 46.02 65.74 -86.48
N ILE F 1549 45.85 65.70 -85.15
CA ILE F 1549 45.76 64.41 -84.48
C ILE F 1549 44.50 63.65 -84.91
N HIS F 1550 43.51 64.35 -85.48
CA HIS F 1550 42.26 63.70 -85.86
C HIS F 1550 42.33 63.15 -87.29
N VAL F 1551 43.10 63.76 -88.18
CA VAL F 1551 43.06 63.45 -89.60
C VAL F 1551 44.40 62.88 -90.08
N SER F 1552 45.51 63.41 -89.61
CA SER F 1552 46.84 63.00 -90.05
C SER F 1552 47.35 61.88 -89.16
N ARG F 1553 47.74 60.77 -89.78
CA ARG F 1553 48.32 59.65 -89.05
C ARG F 1553 49.65 60.03 -88.43
N VAL F 1554 50.47 60.80 -89.17
CA VAL F 1554 51.82 61.13 -88.70
C VAL F 1554 51.75 61.90 -87.39
N PHE F 1555 50.88 62.90 -87.31
CA PHE F 1555 50.83 63.74 -86.11
C PHE F 1555 50.29 62.97 -84.91
N ALA F 1556 49.31 62.08 -85.13
CA ALA F 1556 48.83 61.24 -84.04
C ALA F 1556 49.95 60.34 -83.53
N ALA F 1557 50.70 59.73 -84.45
CA ALA F 1557 51.81 58.87 -84.03
C ALA F 1557 52.85 59.66 -83.24
N TYR F 1558 53.16 60.88 -83.70
CA TYR F 1558 54.09 61.72 -82.96
C TYR F 1558 53.55 62.08 -81.58
N ALA F 1559 52.26 62.43 -81.50
CA ALA F 1559 51.65 62.79 -80.24
C ALA F 1559 51.49 61.61 -79.29
N LYS F 1560 51.68 60.38 -79.78
CA LYS F 1560 51.69 59.14 -79.00
C LYS F 1560 50.28 58.68 -78.67
N LEU F 1561 49.25 59.45 -79.01
CA LEU F 1561 47.89 58.99 -78.85
C LEU F 1561 47.59 57.88 -79.86
N PRO F 1562 46.63 57.00 -79.55
CA PRO F 1562 46.44 55.78 -80.38
C PRO F 1562 45.69 56.03 -81.69
N GLY F 1563 46.44 56.44 -82.71
CA GLY F 1563 45.88 56.61 -84.03
C GLY F 1563 45.08 57.89 -84.18
N THR F 1564 44.49 58.05 -85.37
CA THR F 1564 43.74 59.26 -85.71
C THR F 1564 42.38 59.20 -85.02
N ILE F 1565 42.40 59.47 -83.71
CA ILE F 1565 41.16 59.41 -82.93
C ILE F 1565 40.18 60.47 -83.43
N THR F 1566 38.89 60.19 -83.23
CA THR F 1566 37.84 61.09 -83.69
C THR F 1566 37.78 62.34 -82.81
N HIS F 1567 37.18 63.39 -83.36
CA HIS F 1567 37.02 64.63 -82.60
C HIS F 1567 36.13 64.39 -81.38
N GLY F 1568 36.60 64.85 -80.22
CA GLY F 1568 35.75 64.85 -79.05
C GLY F 1568 34.53 65.71 -79.27
N MET F 1569 34.68 66.79 -80.03
CA MET F 1569 33.54 67.60 -80.41
C MET F 1569 32.56 66.85 -81.30
N TYR F 1570 33.08 66.02 -82.20
CA TYR F 1570 32.20 65.15 -82.97
C TYR F 1570 31.43 64.23 -82.04
N SER F 1571 32.11 63.61 -81.08
CA SER F 1571 31.40 62.72 -80.16
C SER F 1571 30.32 63.47 -79.39
N SER F 1572 30.65 64.66 -78.90
CA SER F 1572 29.68 65.44 -78.14
C SER F 1572 28.46 65.77 -78.99
N ALA F 1573 28.69 66.20 -80.23
CA ALA F 1573 27.56 66.55 -81.10
C ALA F 1573 26.78 65.32 -81.51
N SER F 1574 27.46 64.20 -81.73
CA SER F 1574 26.78 62.98 -82.17
C SER F 1574 25.90 62.41 -81.06
N ILE F 1575 26.30 62.58 -79.81
CA ILE F 1575 25.47 62.10 -78.70
C ILE F 1575 24.44 63.15 -78.29
N ARG F 1576 24.72 64.44 -78.48
CA ARG F 1576 23.67 65.43 -78.30
C ARG F 1576 22.61 65.28 -79.39
N ALA F 1577 22.99 64.74 -80.55
CA ALA F 1577 21.99 64.36 -81.54
C ALA F 1577 21.07 63.28 -80.99
N LEU F 1578 21.63 62.30 -80.29
CA LEU F 1578 20.81 61.29 -79.64
C LEU F 1578 19.90 61.91 -78.59
N VAL F 1579 20.42 62.88 -77.83
CA VAL F 1579 19.59 63.55 -76.82
C VAL F 1579 18.45 64.31 -77.48
N GLU F 1580 18.77 65.12 -78.50
CA GLU F 1580 17.75 65.87 -79.22
C GLU F 1580 16.75 64.96 -79.92
N GLU F 1581 17.18 63.77 -80.34
CA GLU F 1581 16.29 62.81 -80.98
C GLU F 1581 15.37 62.14 -79.98
N TRP F 1582 15.93 61.53 -78.93
CA TRP F 1582 15.15 60.68 -78.05
C TRP F 1582 14.59 61.44 -76.86
N ALA F 1583 15.41 62.27 -76.21
CA ALA F 1583 14.95 62.97 -75.02
C ALA F 1583 13.94 64.04 -75.38
N ALA F 1584 14.15 64.73 -76.51
CA ALA F 1584 13.15 65.61 -77.08
C ALA F 1584 12.35 64.84 -78.13
N ASN F 1585 11.56 65.54 -78.94
CA ASN F 1585 10.74 64.97 -80.00
C ASN F 1585 11.03 65.67 -81.31
N ASN F 1586 12.32 65.81 -81.63
CA ASN F 1586 12.78 66.65 -82.75
C ASN F 1586 12.42 68.10 -82.52
N VAL F 1587 12.15 68.47 -81.27
CA VAL F 1587 11.70 69.81 -80.92
C VAL F 1587 12.93 70.64 -80.55
N ALA F 1588 13.19 71.67 -81.34
CA ALA F 1588 14.33 72.54 -81.11
C ALA F 1588 14.14 73.46 -79.92
N ALA F 1589 12.92 73.59 -79.39
CA ALA F 1589 12.72 74.38 -78.18
C ALA F 1589 13.36 73.76 -76.96
N ARG F 1590 13.68 72.46 -76.99
CA ARG F 1590 14.26 71.78 -75.84
C ARG F 1590 15.78 71.87 -75.80
N VAL F 1591 16.40 72.47 -76.80
CA VAL F 1591 17.86 72.56 -76.84
C VAL F 1591 18.30 73.59 -75.82
N ARG F 1592 18.94 73.13 -74.74
CA ARG F 1592 19.35 74.01 -73.65
C ARG F 1592 20.66 73.44 -73.10
N ALA F 1593 21.05 73.89 -71.90
CA ALA F 1593 22.37 73.63 -71.36
C ALA F 1593 22.76 72.17 -71.45
N PHE F 1594 23.80 71.91 -72.24
CA PHE F 1594 24.29 70.56 -72.54
C PHE F 1594 25.76 70.53 -72.15
N LYS F 1595 26.03 69.99 -70.97
CA LYS F 1595 27.41 69.81 -70.50
C LYS F 1595 27.91 68.44 -70.95
N CYS F 1596 29.23 68.34 -71.18
CA CYS F 1596 29.81 67.09 -71.63
C CYS F 1596 31.30 67.08 -71.32
N ASP F 1597 31.81 65.91 -70.90
CA ASP F 1597 33.24 65.69 -70.70
C ASP F 1597 33.68 64.55 -71.60
N PHE F 1598 34.88 64.72 -72.16
CA PHE F 1598 35.55 63.70 -72.95
C PHE F 1598 36.50 62.95 -72.01
N VAL F 1599 35.92 62.06 -71.22
CA VAL F 1599 36.69 61.35 -70.20
C VAL F 1599 37.67 60.38 -70.84
N GLY F 1600 37.23 59.68 -71.89
CA GLY F 1600 38.04 58.67 -72.55
C GLY F 1600 38.52 59.10 -73.92
N MET F 1601 38.52 58.17 -74.87
CA MET F 1601 39.00 58.43 -76.22
C MET F 1601 38.35 57.44 -77.17
N VAL F 1602 38.12 57.89 -78.40
CA VAL F 1602 37.35 57.14 -79.40
C VAL F 1602 38.15 57.07 -80.69
N LEU F 1603 38.21 55.89 -81.28
CA LEU F 1603 38.82 55.65 -82.58
C LEU F 1603 37.78 55.78 -83.69
N PRO F 1604 38.21 55.99 -84.93
CA PRO F 1604 37.24 55.92 -86.04
C PRO F 1604 36.67 54.52 -86.19
N ASN F 1605 35.46 54.45 -86.74
CA ASN F 1605 34.75 53.19 -86.93
C ASN F 1605 34.54 52.47 -85.59
N ASP F 1606 34.27 53.25 -84.55
CA ASP F 1606 34.05 52.73 -83.20
C ASP F 1606 32.56 52.81 -82.90
N THR F 1607 31.99 51.70 -82.46
CA THR F 1607 30.58 51.65 -82.07
C THR F 1607 30.47 51.89 -80.58
N LEU F 1608 29.61 52.83 -80.19
CA LEU F 1608 29.53 53.32 -78.82
C LEU F 1608 28.10 53.15 -78.34
N GLN F 1609 27.95 52.50 -77.18
CA GLN F 1609 26.64 52.28 -76.58
C GLN F 1609 26.36 53.43 -75.62
N THR F 1610 25.68 54.46 -76.12
CA THR F 1610 25.28 55.56 -75.26
C THR F 1610 24.16 55.12 -74.33
N THR F 1611 24.16 55.71 -73.14
CA THR F 1611 23.12 55.45 -72.15
C THR F 1611 22.76 56.78 -71.50
N MET F 1612 21.46 57.09 -71.47
CA MET F 1612 20.98 58.28 -70.78
C MET F 1612 19.72 57.96 -69.98
N GLU F 1613 19.58 58.66 -68.86
CA GLU F 1613 18.47 58.46 -67.94
C GLU F 1613 18.14 59.78 -67.28
N HIS F 1614 16.84 60.04 -67.14
CA HIS F 1614 16.36 61.20 -66.43
C HIS F 1614 16.66 61.04 -64.94
N VAL F 1615 17.53 61.87 -64.39
CA VAL F 1615 17.97 61.76 -63.00
C VAL F 1615 17.39 62.86 -62.13
N GLY F 1616 17.28 64.08 -62.67
CA GLY F 1616 16.90 65.22 -61.86
C GLY F 1616 16.17 66.32 -62.60
N MET F 1617 16.24 67.53 -62.07
CA MET F 1617 15.48 68.66 -62.59
C MET F 1617 16.13 69.95 -62.13
N ILE F 1618 16.12 70.96 -63.02
CA ILE F 1618 16.66 72.27 -62.69
C ILE F 1618 15.77 73.35 -63.27
N ASN F 1619 14.94 73.96 -62.41
CA ASN F 1619 14.11 75.11 -62.79
C ASN F 1619 13.22 74.78 -63.99
N GLY F 1620 12.61 73.59 -63.96
CA GLY F 1620 11.71 73.17 -65.00
C GLY F 1620 12.37 72.39 -66.13
N ARG F 1621 13.68 72.49 -66.28
CA ARG F 1621 14.40 71.73 -67.29
C ARG F 1621 14.77 70.37 -66.72
N LYS F 1622 14.72 69.35 -67.57
CA LYS F 1622 14.97 67.97 -67.14
C LYS F 1622 16.45 67.69 -67.24
N ILE F 1623 17.10 67.49 -66.09
CA ILE F 1623 18.52 67.16 -66.07
C ILE F 1623 18.66 65.68 -66.39
N ILE F 1624 19.41 65.38 -67.44
CA ILE F 1624 19.58 64.01 -67.95
C ILE F 1624 21.07 63.73 -68.02
N LYS F 1625 21.52 62.71 -67.30
CA LYS F 1625 22.87 62.21 -67.51
C LYS F 1625 22.96 61.56 -68.87
N VAL F 1626 24.04 61.86 -69.60
CA VAL F 1626 24.37 61.15 -70.83
C VAL F 1626 25.76 60.55 -70.64
N GLU F 1627 25.85 59.22 -70.77
CA GLU F 1627 27.10 58.49 -70.59
C GLU F 1627 27.28 57.59 -71.80
N THR F 1628 28.46 57.67 -72.41
CA THR F 1628 28.79 56.90 -73.60
C THR F 1628 30.00 56.01 -73.30
N ARG F 1629 29.84 54.72 -73.55
CA ARG F 1629 30.90 53.73 -73.35
C ARG F 1629 31.07 52.95 -74.63
N ASN F 1630 32.32 52.81 -75.09
CA ASN F 1630 32.59 52.07 -76.31
C ASN F 1630 32.15 50.62 -76.16
N VAL F 1631 31.51 50.09 -77.21
CA VAL F 1631 30.95 48.74 -77.14
C VAL F 1631 32.05 47.71 -76.97
N GLU F 1632 33.15 47.86 -77.72
CA GLU F 1632 34.20 46.84 -77.73
C GLU F 1632 34.84 46.70 -76.36
N THR F 1633 35.03 47.82 -75.65
CA THR F 1633 35.77 47.82 -74.39
C THR F 1633 34.92 48.18 -73.18
N GLU F 1634 33.81 48.91 -73.38
CA GLU F 1634 32.86 49.21 -72.31
C GLU F 1634 33.49 50.10 -71.24
N LEU F 1635 34.19 51.13 -71.69
CA LEU F 1635 34.73 52.16 -70.82
C LEU F 1635 34.02 53.48 -71.10
N PRO F 1636 33.51 54.29 -70.03
CA PRO F 1636 32.94 55.59 -70.40
C PRO F 1636 33.87 56.51 -71.17
N VAL F 1637 33.52 56.91 -72.40
CA VAL F 1637 34.33 57.88 -73.14
C VAL F 1637 33.75 59.29 -73.02
N LEU F 1638 32.43 59.41 -72.95
CA LEU F 1638 31.76 60.68 -72.76
C LEU F 1638 30.86 60.57 -71.54
N ILE F 1639 30.90 61.60 -70.69
CA ILE F 1639 29.98 61.71 -69.57
C ILE F 1639 29.42 63.12 -69.55
N GLY F 1640 28.09 63.25 -69.51
CA GLY F 1640 27.52 64.58 -69.68
C GLY F 1640 26.19 64.74 -68.98
N GLU F 1641 25.72 65.98 -69.00
CA GLU F 1641 24.40 66.36 -68.54
C GLU F 1641 23.69 67.05 -69.68
N ALA F 1642 22.37 66.87 -69.76
CA ALA F 1642 21.53 67.53 -70.74
C ALA F 1642 20.35 68.16 -70.03
N GLU F 1643 19.98 69.38 -70.44
CA GLU F 1643 18.83 70.08 -69.91
C GLU F 1643 17.84 70.31 -71.05
N ILE F 1644 16.70 69.63 -70.99
CA ILE F 1644 15.65 69.75 -71.99
C ILE F 1644 14.39 70.27 -71.32
N GLU F 1645 13.71 71.20 -71.98
CA GLU F 1645 12.45 71.70 -71.47
C GLU F 1645 11.40 70.59 -71.47
N GLN F 1646 10.48 70.69 -70.52
CA GLN F 1646 9.32 69.83 -70.53
C GLN F 1646 8.39 70.27 -71.66
N PRO F 1647 7.43 69.42 -72.05
CA PRO F 1647 6.47 69.85 -73.06
C PRO F 1647 5.72 71.09 -72.61
N THR F 1648 5.31 71.91 -73.57
CA THR F 1648 4.68 73.20 -73.30
C THR F 1648 3.54 73.05 -72.30
N THR F 1649 3.68 73.70 -71.16
CA THR F 1649 2.90 73.40 -69.97
C THR F 1649 2.14 74.62 -69.50
N THR F 1650 0.93 74.38 -68.99
CA THR F 1650 0.16 75.37 -68.24
C THR F 1650 -0.26 74.77 -66.91
N TYR F 1651 -0.12 75.57 -65.86
CA TYR F 1651 -0.52 75.17 -64.51
C TYR F 1651 -1.87 75.79 -64.22
N VAL F 1652 -2.92 75.01 -64.42
CA VAL F 1652 -4.29 75.45 -64.16
C VAL F 1652 -4.60 75.22 -62.69
N PHE F 1653 -5.40 76.11 -62.11
CA PHE F 1653 -5.69 76.10 -60.69
C PHE F 1653 -7.19 75.94 -60.44
N THR F 1654 -7.51 75.11 -59.45
CA THR F 1654 -8.87 74.67 -59.22
C THR F 1654 -9.70 75.72 -58.51
N GLY F 1655 -10.99 75.77 -58.85
CA GLY F 1655 -11.93 76.65 -58.18
C GLY F 1655 -12.69 75.94 -57.08
N GLN F 1656 -13.67 76.66 -56.53
CA GLN F 1656 -14.40 76.18 -55.37
C GLN F 1656 -15.23 74.93 -55.72
N GLY F 1657 -15.63 74.22 -54.67
CA GLY F 1657 -16.50 73.07 -54.78
C GLY F 1657 -15.80 71.73 -54.62
N SER F 1658 -14.48 71.67 -54.79
CA SER F 1658 -13.72 70.43 -54.71
C SER F 1658 -13.12 70.19 -53.33
N GLN F 1659 -13.40 71.06 -52.35
CA GLN F 1659 -12.79 70.94 -51.04
C GLN F 1659 -13.18 69.62 -50.37
N GLU F 1660 -12.21 69.02 -49.66
CA GLU F 1660 -12.42 67.79 -48.92
C GLU F 1660 -11.61 67.84 -47.64
N GLN F 1661 -12.07 67.10 -46.63
CA GLN F 1661 -11.41 67.11 -45.33
C GLN F 1661 -10.03 66.46 -45.44
N GLY F 1662 -9.06 67.07 -44.76
CA GLY F 1662 -7.70 66.55 -44.78
C GLY F 1662 -6.99 66.72 -46.10
N MET F 1663 -7.39 67.69 -46.91
CA MET F 1663 -6.78 67.90 -48.21
C MET F 1663 -5.38 68.48 -48.03
N GLY F 1664 -4.44 67.99 -48.83
CA GLY F 1664 -3.06 68.45 -48.77
C GLY F 1664 -2.28 67.95 -47.58
N MET F 1665 -2.88 67.12 -46.72
CA MET F 1665 -2.19 66.67 -45.52
C MET F 1665 -1.04 65.74 -45.84
N GLU F 1666 -1.22 64.77 -46.74
CA GLU F 1666 -0.12 63.89 -47.08
C GLU F 1666 1.12 64.69 -47.50
N LEU F 1667 0.91 65.72 -48.32
CA LEU F 1667 2.01 66.58 -48.69
C LEU F 1667 2.51 67.40 -47.51
N TYR F 1668 1.62 67.74 -46.57
CA TYR F 1668 2.07 68.45 -45.39
C TYR F 1668 3.03 67.60 -44.56
N ASN F 1669 2.70 66.32 -44.36
CA ASN F 1669 3.65 65.42 -43.68
C ASN F 1669 4.93 65.20 -44.48
N SER F 1670 4.85 65.08 -45.82
CA SER F 1670 6.04 64.70 -46.58
C SER F 1670 6.96 65.87 -46.90
N SER F 1671 6.45 66.90 -47.57
CA SER F 1671 7.30 67.91 -48.19
C SER F 1671 7.55 69.10 -47.25
N GLU F 1672 8.82 69.40 -47.01
CA GLU F 1672 9.19 70.46 -46.07
C GLU F 1672 8.66 71.81 -46.52
N VAL F 1673 8.71 72.10 -47.81
CA VAL F 1673 8.24 73.38 -48.31
C VAL F 1673 6.72 73.49 -48.12
N ALA F 1674 6.01 72.37 -48.28
CA ALA F 1674 4.58 72.37 -47.95
C ALA F 1674 4.36 72.64 -46.47
N ARG F 1675 5.19 72.06 -45.59
CA ARG F 1675 5.12 72.42 -44.19
C ARG F 1675 5.29 73.91 -44.00
N GLU F 1676 6.27 74.52 -44.69
CA GLU F 1676 6.51 75.94 -44.52
C GLU F 1676 5.30 76.76 -44.93
N VAL F 1677 4.73 76.45 -46.09
CA VAL F 1677 3.56 77.20 -46.58
C VAL F 1677 2.41 77.08 -45.59
N TRP F 1678 2.05 75.83 -45.25
CA TRP F 1678 0.88 75.61 -44.41
C TRP F 1678 1.08 76.20 -43.02
N ASP F 1679 2.28 76.06 -42.46
CA ASP F 1679 2.55 76.56 -41.11
C ASP F 1679 2.54 78.07 -41.08
N LYS F 1680 3.14 78.72 -42.08
CA LYS F 1680 3.11 80.18 -42.13
C LYS F 1680 1.69 80.69 -42.20
N ALA F 1681 0.88 80.09 -43.09
CA ALA F 1681 -0.53 80.49 -43.19
C ALA F 1681 -1.27 80.25 -41.89
N ASP F 1682 -1.09 79.08 -41.29
CA ASP F 1682 -1.83 78.73 -40.08
C ASP F 1682 -1.45 79.64 -38.94
N ARG F 1683 -0.16 79.94 -38.77
CA ARG F 1683 0.27 80.81 -37.69
C ARG F 1683 -0.26 82.22 -37.89
N HIS F 1684 -0.27 82.73 -39.13
CA HIS F 1684 -0.92 84.01 -39.37
C HIS F 1684 -2.39 83.96 -38.99
N PHE F 1685 -3.08 82.87 -39.32
CA PHE F 1685 -4.50 82.77 -39.00
C PHE F 1685 -4.73 82.78 -37.49
N VAL F 1686 -3.95 82.02 -36.75
CA VAL F 1686 -4.14 81.99 -35.29
C VAL F 1686 -3.82 83.35 -34.69
N ASN F 1687 -2.74 83.99 -35.15
CA ASN F 1687 -2.33 85.25 -34.55
C ASN F 1687 -3.32 86.36 -34.85
N ASN F 1688 -3.92 86.37 -36.04
CA ASN F 1688 -4.76 87.47 -36.48
C ASN F 1688 -6.24 87.24 -36.17
N TYR F 1689 -6.76 86.08 -36.54
CA TYR F 1689 -8.20 85.80 -36.45
C TYR F 1689 -8.56 84.82 -35.35
N GLY F 1690 -7.58 84.16 -34.72
CA GLY F 1690 -7.85 83.31 -33.58
C GLY F 1690 -8.33 81.91 -33.90
N PHE F 1691 -8.03 81.39 -35.09
CA PHE F 1691 -8.38 80.02 -35.42
C PHE F 1691 -7.26 79.41 -36.26
N SER F 1692 -7.26 78.07 -36.32
CA SER F 1692 -6.26 77.31 -37.04
C SER F 1692 -6.87 76.73 -38.31
N ILE F 1693 -6.39 77.19 -39.46
CA ILE F 1693 -6.86 76.66 -40.74
C ILE F 1693 -6.47 75.19 -40.88
N LEU F 1694 -5.31 74.81 -40.35
CA LEU F 1694 -4.94 73.40 -40.35
C LEU F 1694 -5.94 72.58 -39.54
N ASP F 1695 -6.37 73.11 -38.40
CA ASP F 1695 -7.38 72.41 -37.60
C ASP F 1695 -8.68 72.28 -38.38
N ILE F 1696 -9.10 73.36 -39.05
CA ILE F 1696 -10.35 73.31 -39.80
C ILE F 1696 -10.27 72.27 -40.92
N VAL F 1697 -9.15 72.25 -41.64
CA VAL F 1697 -9.00 71.31 -42.74
C VAL F 1697 -8.95 69.87 -42.23
N GLN F 1698 -8.18 69.64 -41.16
CA GLN F 1698 -8.00 68.27 -40.68
C GLN F 1698 -9.28 67.73 -40.06
N ASN F 1699 -9.95 68.53 -39.23
CA ASN F 1699 -11.10 68.07 -38.45
C ASN F 1699 -12.44 68.49 -39.04
N ASN F 1700 -12.49 69.63 -39.74
CA ASN F 1700 -13.73 70.15 -40.30
C ASN F 1700 -14.78 70.27 -39.20
N PRO F 1701 -14.52 71.04 -38.14
CA PRO F 1701 -15.47 71.11 -37.03
C PRO F 1701 -16.77 71.77 -37.45
N ASN F 1702 -17.87 71.24 -36.89
CA ASN F 1702 -19.18 71.83 -37.17
C ASN F 1702 -19.29 73.23 -36.58
N GLU F 1703 -18.76 73.42 -35.37
CA GLU F 1703 -18.80 74.70 -34.68
C GLU F 1703 -17.38 75.12 -34.33
N LEU F 1704 -17.17 76.43 -34.28
CA LEU F 1704 -15.86 76.98 -33.92
C LEU F 1704 -16.09 78.32 -33.22
N THR F 1705 -15.69 78.41 -31.96
CA THR F 1705 -15.83 79.62 -31.17
C THR F 1705 -14.47 80.29 -31.05
N ILE F 1706 -14.38 81.54 -31.50
CA ILE F 1706 -13.23 82.39 -31.30
C ILE F 1706 -13.49 83.19 -30.03
N HIS F 1707 -12.51 83.19 -29.12
CA HIS F 1707 -12.65 83.86 -27.84
C HIS F 1707 -11.78 85.10 -27.83
N PHE F 1708 -12.24 86.14 -27.12
CA PHE F 1708 -11.61 87.45 -27.11
C PHE F 1708 -11.17 87.84 -25.71
N GLY F 1709 -10.57 86.91 -24.97
CA GLY F 1709 -10.03 87.20 -23.66
C GLY F 1709 -8.54 87.49 -23.73
N GLY F 1710 -8.11 88.44 -22.90
CA GLY F 1710 -6.73 88.88 -22.88
C GLY F 1710 -6.42 89.81 -24.03
N ALA F 1711 -5.19 90.34 -24.02
CA ALA F 1711 -4.80 91.35 -25.00
C ALA F 1711 -4.84 90.80 -26.41
N LYS F 1712 -4.38 89.57 -26.60
CA LYS F 1712 -4.48 88.94 -27.92
C LYS F 1712 -5.93 88.81 -28.34
N GLY F 1713 -6.81 88.48 -27.40
CA GLY F 1713 -8.23 88.44 -27.70
C GLY F 1713 -8.76 89.79 -28.13
N ARG F 1714 -8.31 90.86 -27.48
CA ARG F 1714 -8.74 92.20 -27.87
C ARG F 1714 -8.26 92.53 -29.27
N ALA F 1715 -7.02 92.16 -29.59
CA ALA F 1715 -6.51 92.44 -30.94
C ALA F 1715 -7.30 91.66 -31.99
N ILE F 1716 -7.62 90.40 -31.71
CA ILE F 1716 -8.38 89.59 -32.65
C ILE F 1716 -9.80 90.17 -32.82
N ARG F 1717 -10.41 90.58 -31.71
CA ARG F 1717 -11.71 91.23 -31.78
C ARG F 1717 -11.65 92.52 -32.58
N ASP F 1718 -10.55 93.28 -32.43
CA ASP F 1718 -10.38 94.50 -33.21
C ASP F 1718 -10.29 94.19 -34.69
N ASN F 1719 -9.59 93.12 -35.05
CA ASN F 1719 -9.56 92.70 -36.45
C ASN F 1719 -10.96 92.38 -36.96
N TYR F 1720 -11.71 91.57 -36.19
CA TYR F 1720 -13.06 91.19 -36.61
C TYR F 1720 -13.96 92.42 -36.74
N ILE F 1721 -13.79 93.39 -35.84
CA ILE F 1721 -14.61 94.61 -35.90
C ILE F 1721 -14.23 95.44 -37.11
N GLY F 1722 -12.93 95.57 -37.38
CA GLY F 1722 -12.47 96.36 -38.50
C GLY F 1722 -12.81 95.78 -39.85
N MET F 1723 -13.04 94.47 -39.95
CA MET F 1723 -13.56 93.90 -41.20
C MET F 1723 -14.87 94.58 -41.55
N MET F 1724 -14.92 95.20 -42.73
CA MET F 1724 -16.09 95.95 -43.20
C MET F 1724 -16.50 95.50 -44.59
N PHE F 1725 -17.80 95.49 -44.83
CA PHE F 1725 -18.39 95.21 -46.15
C PHE F 1725 -18.78 96.55 -46.77
N GLU F 1726 -17.85 97.13 -47.52
CA GLU F 1726 -18.14 98.35 -48.25
C GLU F 1726 -18.83 98.02 -49.57
N THR F 1727 -19.82 98.83 -49.92
CA THR F 1727 -20.59 98.63 -51.14
C THR F 1727 -21.13 99.97 -51.61
N ILE F 1728 -21.80 99.96 -52.76
CA ILE F 1728 -22.40 101.16 -53.33
C ILE F 1728 -23.86 100.87 -53.66
N LEU F 1734 -22.21 105.32 -50.73
CA LEU F 1734 -21.32 104.24 -50.33
C LEU F 1734 -21.66 103.76 -48.92
N LYS F 1735 -22.16 102.53 -48.82
CA LYS F 1735 -22.52 101.94 -47.54
C LYS F 1735 -21.33 101.16 -46.96
N SER F 1736 -21.26 101.15 -45.64
CA SER F 1736 -20.13 100.57 -44.90
C SER F 1736 -20.64 99.63 -43.82
N GLU F 1737 -21.58 98.76 -44.17
CA GLU F 1737 -22.11 97.81 -43.20
C GLU F 1737 -21.04 96.80 -42.80
N LYS F 1738 -20.98 96.46 -41.51
CA LYS F 1738 -19.95 95.59 -40.98
C LYS F 1738 -20.28 94.13 -41.21
N ILE F 1739 -19.25 93.33 -41.45
CA ILE F 1739 -19.45 91.89 -41.67
C ILE F 1739 -19.97 91.23 -40.41
N PHE F 1740 -19.34 91.49 -39.27
CA PHE F 1740 -19.75 90.95 -37.97
C PHE F 1740 -20.44 92.07 -37.20
N LYS F 1741 -21.75 92.24 -37.45
CA LYS F 1741 -22.51 93.24 -36.72
C LYS F 1741 -22.72 92.84 -35.26
N ASP F 1742 -22.58 91.56 -34.93
CA ASP F 1742 -22.80 91.07 -33.57
C ASP F 1742 -21.53 91.07 -32.73
N ILE F 1743 -20.41 91.56 -33.26
CA ILE F 1743 -19.16 91.69 -32.51
C ILE F 1743 -18.98 93.17 -32.18
N ASP F 1744 -18.74 93.46 -30.91
CA ASP F 1744 -18.49 94.82 -30.45
C ASP F 1744 -17.49 94.74 -29.30
N GLU F 1745 -17.25 95.86 -28.62
CA GLU F 1745 -16.28 95.89 -27.54
C GLU F 1745 -16.67 95.01 -26.37
N THR F 1746 -17.96 94.74 -26.19
CA THR F 1746 -18.45 94.00 -25.03
C THR F 1746 -18.62 92.51 -25.29
N THR F 1747 -18.27 92.02 -26.48
CA THR F 1747 -18.44 90.60 -26.78
C THR F 1747 -17.19 89.82 -26.41
N THR F 1748 -17.40 88.70 -25.72
CA THR F 1748 -16.30 87.83 -25.29
C THR F 1748 -16.01 86.70 -26.26
N SER F 1749 -16.90 86.42 -27.21
CA SER F 1749 -16.65 85.35 -28.17
C SER F 1749 -17.55 85.53 -29.38
N TYR F 1750 -17.20 84.81 -30.44
CA TYR F 1750 -17.99 84.73 -31.66
C TYR F 1750 -17.94 83.30 -32.18
N THR F 1751 -19.10 82.75 -32.54
CA THR F 1751 -19.21 81.37 -32.98
C THR F 1751 -19.57 81.31 -34.45
N PHE F 1752 -18.76 80.59 -35.23
CA PHE F 1752 -19.09 80.25 -36.61
C PHE F 1752 -20.01 79.03 -36.61
N VAL F 1753 -21.03 79.07 -37.46
CA VAL F 1753 -22.06 78.03 -37.52
C VAL F 1753 -22.10 77.47 -38.93
N SER F 1754 -22.12 76.14 -39.03
CA SER F 1754 -22.27 75.43 -40.29
C SER F 1754 -23.27 74.31 -40.09
N PRO F 1755 -23.88 73.81 -41.17
CA PRO F 1755 -24.80 72.67 -41.00
C PRO F 1755 -24.09 71.37 -40.71
N THR F 1756 -23.03 71.05 -41.44
CA THR F 1756 -22.30 69.79 -41.31
C THR F 1756 -20.82 69.98 -41.01
N GLY F 1757 -20.21 71.02 -41.56
CA GLY F 1757 -18.80 71.28 -41.32
C GLY F 1757 -18.38 72.66 -41.76
N LEU F 1758 -17.43 73.26 -41.03
CA LEU F 1758 -17.00 74.61 -41.36
C LEU F 1758 -16.08 74.65 -42.57
N LEU F 1759 -15.47 73.51 -42.94
CA LEU F 1759 -14.64 73.48 -44.13
C LEU F 1759 -15.44 73.78 -45.39
N SER F 1760 -16.76 73.54 -45.36
CA SER F 1760 -17.63 73.91 -46.47
C SER F 1760 -17.99 75.38 -46.48
N ALA F 1761 -17.74 76.11 -45.38
CA ALA F 1761 -18.06 77.52 -45.34
C ALA F 1761 -17.16 78.31 -46.29
N THR F 1762 -17.70 79.37 -46.87
CA THR F 1762 -16.96 80.14 -47.86
C THR F 1762 -15.72 80.78 -47.25
N GLN F 1763 -15.83 81.30 -46.02
CA GLN F 1763 -14.70 82.00 -45.42
C GLN F 1763 -13.55 81.07 -45.12
N PHE F 1764 -13.82 79.80 -44.85
CA PHE F 1764 -12.78 78.81 -44.58
C PHE F 1764 -12.47 77.92 -45.76
N THR F 1765 -13.43 77.69 -46.65
CA THR F 1765 -13.15 76.91 -47.85
C THR F 1765 -12.13 77.59 -48.74
N GLN F 1766 -12.33 78.88 -49.00
CA GLN F 1766 -11.45 79.59 -49.93
C GLN F 1766 -10.00 79.63 -49.45
N PRO F 1767 -9.69 80.06 -48.22
CA PRO F 1767 -8.30 79.96 -47.77
C PRO F 1767 -7.75 78.55 -47.81
N ALA F 1768 -8.55 77.55 -47.44
CA ALA F 1768 -8.05 76.18 -47.40
C ALA F 1768 -7.70 75.69 -48.81
N LEU F 1769 -8.55 75.98 -49.79
CA LEU F 1769 -8.27 75.54 -51.15
C LEU F 1769 -7.12 76.32 -51.76
N THR F 1770 -7.11 77.64 -51.59
CA THR F 1770 -5.99 78.44 -52.05
C THR F 1770 -4.68 77.94 -51.44
N LEU F 1771 -4.72 77.54 -50.17
CA LEU F 1771 -3.49 77.11 -49.51
C LEU F 1771 -3.07 75.72 -49.94
N MET F 1772 -4.01 74.80 -50.16
CA MET F 1772 -3.59 73.50 -50.66
C MET F 1772 -2.96 73.63 -52.03
N GLU F 1773 -3.53 74.48 -52.88
CA GLU F 1773 -2.96 74.68 -54.21
C GLU F 1773 -1.60 75.36 -54.12
N LYS F 1774 -1.47 76.38 -53.28
CA LYS F 1774 -0.19 77.06 -53.12
C LYS F 1774 0.87 76.11 -52.57
N ALA F 1775 0.51 75.28 -51.59
CA ALA F 1775 1.47 74.36 -51.00
C ALA F 1775 1.91 73.31 -52.01
N ALA F 1776 0.97 72.76 -52.77
CA ALA F 1776 1.33 71.80 -53.81
C ALA F 1776 2.25 72.45 -54.84
N TYR F 1777 1.93 73.66 -55.27
CA TYR F 1777 2.75 74.33 -56.27
C TYR F 1777 4.13 74.67 -55.71
N GLU F 1778 4.21 74.99 -54.42
CA GLU F 1778 5.52 75.35 -53.84
C GLU F 1778 6.38 74.12 -53.62
N ASP F 1779 5.78 72.98 -53.27
CA ASP F 1779 6.56 71.74 -53.26
C ASP F 1779 7.04 71.39 -54.66
N ILE F 1780 6.17 71.58 -55.65
CA ILE F 1780 6.57 71.38 -57.05
C ILE F 1780 7.71 72.32 -57.42
N LYS F 1781 7.65 73.57 -56.95
CA LYS F 1781 8.74 74.52 -57.17
C LYS F 1781 10.03 74.02 -56.55
N SER F 1782 9.95 73.54 -55.31
CA SER F 1782 11.12 73.01 -54.64
C SER F 1782 11.72 71.85 -55.40
N LYS F 1783 10.88 71.06 -56.06
CA LYS F 1783 11.37 69.99 -56.92
C LYS F 1783 11.76 70.47 -58.31
N GLY F 1784 11.48 71.73 -58.65
CA GLY F 1784 11.99 72.31 -59.87
C GLY F 1784 11.24 71.95 -61.14
N LEU F 1785 9.95 71.63 -61.05
CA LEU F 1785 9.16 71.18 -62.19
C LEU F 1785 8.39 72.33 -62.85
N ILE F 1786 8.90 73.55 -62.79
CA ILE F 1786 8.25 74.72 -63.37
C ILE F 1786 9.09 75.22 -64.53
N PRO F 1787 8.71 74.94 -65.78
CA PRO F 1787 9.39 75.59 -66.90
C PRO F 1787 9.23 77.10 -66.81
N SER F 1788 10.26 77.81 -67.28
CA SER F 1788 10.28 79.26 -67.15
C SER F 1788 9.14 79.91 -67.93
N ASP F 1789 8.81 79.37 -69.11
CA ASP F 1789 7.82 79.96 -70.01
C ASP F 1789 6.46 79.29 -69.88
N ILE F 1790 6.08 78.89 -68.67
CA ILE F 1790 4.80 78.22 -68.48
C ILE F 1790 3.65 79.18 -68.78
N MET F 1791 2.46 78.62 -68.92
CA MET F 1791 1.21 79.38 -68.86
C MET F 1791 0.53 79.06 -67.54
N PHE F 1792 -0.47 79.87 -67.18
CA PHE F 1792 -1.24 79.53 -66.01
C PHE F 1792 -2.56 80.29 -66.02
N ALA F 1793 -3.57 79.64 -65.44
CA ALA F 1793 -4.89 80.21 -65.29
C ALA F 1793 -5.54 79.52 -64.10
N GLY F 1794 -6.76 79.92 -63.79
CA GLY F 1794 -7.47 79.29 -62.69
C GLY F 1794 -8.94 79.61 -62.74
N HIS F 1795 -9.72 78.78 -62.05
CA HIS F 1795 -11.17 78.90 -62.04
C HIS F 1795 -11.57 79.66 -60.77
N SER F 1796 -12.01 80.90 -60.95
CA SER F 1796 -12.49 81.74 -59.84
C SER F 1796 -11.43 81.89 -58.76
N LEU F 1797 -11.51 81.06 -57.70
CA LEU F 1797 -10.50 81.13 -56.64
C LEU F 1797 -9.16 80.61 -57.12
N GLY F 1798 -9.19 79.67 -58.06
CA GLY F 1798 -7.95 79.17 -58.64
C GLY F 1798 -7.13 80.26 -59.29
N GLU F 1799 -7.79 81.33 -59.77
CA GLU F 1799 -7.05 82.43 -60.37
C GLU F 1799 -6.16 83.12 -59.33
N TYR F 1800 -6.73 83.43 -58.17
CA TYR F 1800 -5.94 84.03 -57.09
C TYR F 1800 -4.83 83.08 -56.65
N SER F 1801 -5.17 81.79 -56.51
CA SER F 1801 -4.14 80.82 -56.12
C SER F 1801 -3.03 80.77 -57.16
N ALA F 1802 -3.37 80.80 -58.45
CA ALA F 1802 -2.38 80.72 -59.51
C ALA F 1802 -1.48 81.94 -59.50
N LEU F 1803 -2.07 83.13 -59.33
CA LEU F 1803 -1.26 84.34 -59.32
C LEU F 1803 -0.30 84.35 -58.13
N SER F 1804 -0.78 83.91 -56.96
CA SER F 1804 0.12 83.81 -55.82
C SER F 1804 1.21 82.76 -56.05
N SER F 1805 0.86 81.65 -56.70
CA SER F 1805 1.80 80.54 -56.84
C SER F 1805 2.87 80.80 -57.90
N LEU F 1806 2.52 81.49 -58.99
CA LEU F 1806 3.41 81.68 -60.12
C LEU F 1806 4.01 83.08 -60.16
N ALA F 1807 3.19 84.12 -60.08
CA ALA F 1807 3.68 85.49 -60.08
C ALA F 1807 4.15 85.95 -58.70
N ASN F 1808 3.73 85.27 -57.63
CA ASN F 1808 4.11 85.63 -56.27
C ASN F 1808 3.79 87.10 -55.99
N VAL F 1809 2.61 87.53 -56.44
CA VAL F 1809 2.20 88.92 -56.24
C VAL F 1809 1.98 89.24 -54.76
N MET F 1810 1.74 88.24 -53.93
CA MET F 1810 1.39 88.43 -52.53
C MET F 1810 2.10 87.38 -51.69
N PRO F 1811 2.40 87.67 -50.43
CA PRO F 1811 2.91 86.64 -49.52
C PRO F 1811 1.80 85.67 -49.11
N ILE F 1812 2.19 84.62 -48.40
CA ILE F 1812 1.22 83.65 -47.91
C ILE F 1812 0.25 84.32 -46.95
N GLU F 1813 0.77 85.15 -46.04
CA GLU F 1813 -0.08 85.79 -45.04
C GLU F 1813 -1.11 86.71 -45.69
N SER F 1814 -0.67 87.57 -46.61
CA SER F 1814 -1.60 88.45 -47.30
C SER F 1814 -2.58 87.66 -48.15
N LEU F 1815 -2.11 86.61 -48.83
CA LEU F 1815 -3.01 85.79 -49.64
C LEU F 1815 -4.13 85.20 -48.80
N VAL F 1816 -3.78 84.57 -47.69
CA VAL F 1816 -4.81 83.95 -46.85
C VAL F 1816 -5.71 85.01 -46.26
N ASP F 1817 -5.14 86.16 -45.89
CA ASP F 1817 -5.95 87.23 -45.31
C ASP F 1817 -6.99 87.73 -46.32
N VAL F 1818 -6.57 87.95 -47.57
CA VAL F 1818 -7.51 88.50 -48.55
C VAL F 1818 -8.56 87.47 -48.92
N VAL F 1819 -8.17 86.21 -49.09
CA VAL F 1819 -9.17 85.21 -49.48
C VAL F 1819 -10.16 84.99 -48.34
N PHE F 1820 -9.69 85.00 -47.08
CA PHE F 1820 -10.61 84.90 -45.96
C PHE F 1820 -11.54 86.11 -45.89
N TYR F 1821 -10.98 87.31 -46.07
CA TYR F 1821 -11.78 88.53 -46.06
C TYR F 1821 -12.88 88.45 -47.10
N ARG F 1822 -12.55 88.04 -48.32
CA ARG F 1822 -13.55 88.00 -49.38
C ARG F 1822 -14.50 86.82 -49.25
N GLY F 1823 -14.08 85.72 -48.60
CA GLY F 1823 -15.03 84.67 -48.30
C GLY F 1823 -16.10 85.11 -47.32
N MET F 1824 -15.68 85.80 -46.25
CA MET F 1824 -16.67 86.36 -45.33
C MET F 1824 -17.50 87.44 -46.02
N THR F 1825 -16.88 88.22 -46.90
CA THR F 1825 -17.59 89.23 -47.67
C THR F 1825 -18.70 88.58 -48.51
N MET F 1826 -18.39 87.44 -49.15
CA MET F 1826 -19.37 86.79 -49.98
C MET F 1826 -20.44 86.15 -49.08
N GLN F 1827 -20.05 85.73 -47.87
CA GLN F 1827 -21.05 85.21 -46.93
C GLN F 1827 -22.09 86.28 -46.59
N VAL F 1828 -21.64 87.51 -46.33
CA VAL F 1828 -22.58 88.59 -46.01
C VAL F 1828 -23.13 89.29 -47.25
N ALA F 1829 -22.67 88.93 -48.45
CA ALA F 1829 -23.14 89.57 -49.67
C ALA F 1829 -24.63 89.37 -49.92
N VAL F 1830 -25.18 88.22 -49.54
CA VAL F 1830 -26.56 87.86 -49.85
C VAL F 1830 -27.40 88.02 -48.59
N PRO F 1831 -28.52 88.74 -48.61
CA PRO F 1831 -29.41 88.75 -47.44
C PRO F 1831 -29.93 87.35 -47.14
N ARG F 1832 -29.58 86.83 -45.97
CA ARG F 1832 -29.98 85.50 -45.56
C ARG F 1832 -31.25 85.56 -44.71
N ASP F 1833 -31.87 84.39 -44.55
CA ASP F 1833 -33.05 84.26 -43.72
C ASP F 1833 -32.64 84.09 -42.26
N GLU F 1834 -33.59 83.73 -41.40
CA GLU F 1834 -33.29 83.53 -39.99
C GLU F 1834 -32.37 82.34 -39.75
N LEU F 1835 -32.36 81.36 -40.66
CA LEU F 1835 -31.55 80.17 -40.54
C LEU F 1835 -30.34 80.19 -41.48
N GLY F 1836 -29.89 81.39 -41.87
CA GLY F 1836 -28.76 81.49 -42.78
C GLY F 1836 -29.04 80.94 -44.15
N ARG F 1837 -30.27 81.09 -44.65
CA ARG F 1837 -30.68 80.64 -45.97
C ARG F 1837 -31.08 81.84 -46.80
N SER F 1838 -30.50 81.95 -48.00
CA SER F 1838 -30.77 83.05 -48.91
C SER F 1838 -31.54 82.53 -50.13
N ASN F 1839 -31.97 83.47 -50.97
CA ASN F 1839 -32.72 83.18 -52.18
C ASN F 1839 -31.85 83.15 -53.42
N TYR F 1840 -30.59 82.71 -53.29
CA TYR F 1840 -29.64 82.68 -54.39
C TYR F 1840 -28.88 81.36 -54.35
N GLY F 1841 -28.42 80.94 -55.53
CA GLY F 1841 -27.73 79.67 -55.66
C GLY F 1841 -27.16 79.52 -57.04
N MET F 1842 -26.58 78.34 -57.30
CA MET F 1842 -25.90 78.05 -58.56
C MET F 1842 -26.29 76.68 -59.07
N VAL F 1843 -26.45 76.59 -60.39
CA VAL F 1843 -26.86 75.36 -61.06
C VAL F 1843 -26.00 75.15 -62.30
N ALA F 1844 -25.51 73.93 -62.50
CA ALA F 1844 -24.70 73.58 -63.66
C ALA F 1844 -25.56 72.83 -64.67
N VAL F 1845 -25.65 73.37 -65.89
CA VAL F 1845 -26.57 72.91 -66.91
C VAL F 1845 -25.78 72.37 -68.09
N ASN F 1846 -26.47 71.64 -68.96
CA ASN F 1846 -25.86 70.95 -70.10
C ASN F 1846 -26.79 71.09 -71.32
N PRO F 1847 -26.48 72.02 -72.23
CA PRO F 1847 -27.34 72.15 -73.42
C PRO F 1847 -27.45 70.88 -74.24
N SER F 1848 -26.38 70.08 -74.31
CA SER F 1848 -26.47 68.81 -75.05
C SER F 1848 -27.46 67.87 -74.38
N ARG F 1849 -27.52 67.88 -73.05
CA ARG F 1849 -28.50 67.05 -72.35
C ARG F 1849 -29.91 67.58 -72.56
N VAL F 1850 -30.07 68.90 -72.72
CA VAL F 1850 -31.36 69.42 -73.12
C VAL F 1850 -31.74 68.88 -74.50
N SER F 1851 -30.82 69.00 -75.46
CA SER F 1851 -30.96 68.41 -76.79
C SER F 1851 -29.68 68.66 -77.58
N ALA F 1852 -29.45 67.90 -78.65
CA ALA F 1852 -28.27 68.11 -79.47
C ALA F 1852 -28.29 69.49 -80.13
N THR F 1853 -29.49 69.99 -80.47
CA THR F 1853 -29.58 71.30 -81.11
C THR F 1853 -29.30 72.43 -80.12
N PHE F 1854 -29.74 72.27 -78.87
CA PHE F 1854 -29.55 73.32 -77.87
C PHE F 1854 -28.07 73.57 -77.64
N ASP F 1855 -27.63 74.80 -77.90
CA ASP F 1855 -26.23 75.17 -77.82
C ASP F 1855 -26.05 76.31 -76.80
N ASP F 1856 -24.83 76.83 -76.73
CA ASP F 1856 -24.54 77.91 -75.79
C ASP F 1856 -25.36 79.15 -76.12
N SER F 1857 -25.53 79.47 -77.40
CA SER F 1857 -26.33 80.63 -77.77
C SER F 1857 -27.79 80.45 -77.35
N ALA F 1858 -28.34 79.26 -77.55
CA ALA F 1858 -29.71 79.00 -77.13
C ALA F 1858 -29.86 79.11 -75.62
N LEU F 1859 -28.89 78.55 -74.88
CA LEU F 1859 -28.95 78.64 -73.43
C LEU F 1859 -28.86 80.09 -72.96
N ARG F 1860 -27.98 80.87 -73.56
CA ARG F 1860 -27.85 82.28 -73.19
C ARG F 1860 -29.11 83.05 -73.50
N PHE F 1861 -29.73 82.78 -74.65
CA PHE F 1861 -30.99 83.43 -74.98
C PHE F 1861 -32.07 83.09 -73.96
N VAL F 1862 -32.21 81.81 -73.61
CA VAL F 1862 -33.18 81.41 -72.60
C VAL F 1862 -32.90 82.08 -71.27
N VAL F 1863 -31.62 82.15 -70.87
CA VAL F 1863 -31.26 82.76 -69.60
C VAL F 1863 -31.66 84.23 -69.57
N ASP F 1864 -31.25 84.99 -70.60
CA ASP F 1864 -31.52 86.41 -70.62
C ASP F 1864 -33.02 86.69 -70.69
N GLU F 1865 -33.76 85.88 -71.47
CA GLU F 1865 -35.19 86.11 -71.59
C GLU F 1865 -35.92 85.76 -70.30
N VAL F 1866 -35.47 84.71 -69.59
CA VAL F 1866 -36.05 84.41 -68.29
C VAL F 1866 -35.83 85.59 -67.35
N ALA F 1867 -34.59 86.09 -67.30
CA ALA F 1867 -34.27 87.20 -66.40
C ALA F 1867 -35.12 88.43 -66.73
N ASN F 1868 -35.23 88.76 -68.02
CA ASN F 1868 -35.98 89.95 -68.40
C ASN F 1868 -37.47 89.78 -68.15
N LYS F 1869 -38.03 88.60 -68.49
CA LYS F 1869 -39.46 88.39 -68.34
C LYS F 1869 -39.88 88.43 -66.88
N THR F 1870 -39.11 87.78 -66.00
CA THR F 1870 -39.50 87.69 -64.60
C THR F 1870 -38.89 88.79 -63.73
N LYS F 1871 -38.04 89.66 -64.30
CA LYS F 1871 -37.45 90.77 -63.56
C LYS F 1871 -36.63 90.28 -62.37
N TRP F 1872 -36.04 89.09 -62.52
CA TRP F 1872 -35.22 88.47 -61.48
C TRP F 1872 -33.81 88.26 -62.00
N LEU F 1873 -32.84 88.34 -61.10
CA LEU F 1873 -31.45 88.11 -61.46
C LEU F 1873 -31.27 86.66 -61.91
N LEU F 1874 -30.73 86.47 -63.10
CA LEU F 1874 -30.43 85.13 -63.62
C LEU F 1874 -29.45 85.29 -64.76
N GLU F 1875 -28.23 84.78 -64.59
CA GLU F 1875 -27.20 84.93 -65.61
C GLU F 1875 -26.35 83.66 -65.66
N ILE F 1876 -25.60 83.53 -66.74
CA ILE F 1876 -24.61 82.47 -66.87
C ILE F 1876 -23.31 82.97 -66.24
N VAL F 1877 -22.86 82.31 -65.19
CA VAL F 1877 -21.68 82.76 -64.45
C VAL F 1877 -20.40 82.17 -65.03
N ASN F 1878 -20.42 80.87 -65.36
CA ASN F 1878 -19.25 80.18 -65.89
C ASN F 1878 -19.55 79.62 -67.27
N TYR F 1879 -18.71 79.97 -68.24
CA TYR F 1879 -18.77 79.40 -69.58
C TYR F 1879 -17.71 78.30 -69.66
N ASN F 1880 -18.07 77.14 -69.13
CA ASN F 1880 -17.18 75.98 -69.11
C ASN F 1880 -17.17 75.33 -70.49
N VAL F 1881 -16.68 74.08 -70.55
CA VAL F 1881 -16.60 73.30 -71.78
C VAL F 1881 -17.87 73.47 -72.61
N GLU F 1882 -17.70 73.71 -73.91
CA GLU F 1882 -18.83 74.11 -74.74
C GLU F 1882 -19.83 72.98 -74.88
N ASN F 1883 -21.12 73.34 -74.82
CA ASN F 1883 -22.25 72.45 -75.01
C ASN F 1883 -22.28 71.29 -74.03
N GLN F 1884 -21.49 71.34 -72.94
CA GLN F 1884 -21.43 70.24 -71.97
C GLN F 1884 -21.58 70.73 -70.54
N GLN F 1885 -21.11 71.94 -70.25
CA GLN F 1885 -21.18 72.47 -68.89
C GLN F 1885 -21.32 73.99 -68.94
N TYR F 1886 -22.33 74.51 -68.25
CA TYR F 1886 -22.48 75.95 -68.07
C TYR F 1886 -23.12 76.20 -66.71
N VAL F 1887 -22.42 76.93 -65.85
CA VAL F 1887 -22.93 77.26 -64.52
C VAL F 1887 -23.71 78.56 -64.63
N ALA F 1888 -24.85 78.62 -63.94
CA ALA F 1888 -25.70 79.80 -63.91
C ALA F 1888 -26.03 80.14 -62.46
N ALA F 1889 -26.19 81.44 -62.20
CA ALA F 1889 -26.49 81.94 -60.86
C ALA F 1889 -27.52 83.05 -60.94
N GLY F 1890 -28.29 83.19 -59.86
CA GLY F 1890 -29.32 84.20 -59.80
C GLY F 1890 -30.26 83.90 -58.64
N ASP F 1891 -31.37 84.63 -58.65
CA ASP F 1891 -32.42 84.37 -57.66
C ASP F 1891 -32.88 82.92 -57.78
N LEU F 1892 -33.11 82.29 -56.62
CA LEU F 1892 -33.45 80.86 -56.63
C LEU F 1892 -34.75 80.61 -57.38
N ARG F 1893 -35.69 81.54 -57.33
CA ARG F 1893 -36.89 81.45 -58.16
C ARG F 1893 -36.52 81.36 -59.63
N ALA F 1894 -35.61 82.22 -60.08
CA ALA F 1894 -35.22 82.22 -61.49
C ALA F 1894 -34.42 80.97 -61.85
N LEU F 1895 -33.65 80.45 -60.91
CA LEU F 1895 -32.89 79.22 -61.17
C LEU F 1895 -33.83 78.03 -61.34
N ASP F 1896 -34.83 77.92 -60.47
CA ASP F 1896 -35.85 76.89 -60.66
C ASP F 1896 -36.63 77.12 -61.95
N THR F 1897 -36.85 78.38 -62.30
CA THR F 1897 -37.55 78.70 -63.55
C THR F 1897 -36.75 78.20 -64.75
N LEU F 1898 -35.45 78.45 -64.74
CA LEU F 1898 -34.59 77.95 -65.82
C LEU F 1898 -34.58 76.43 -65.85
N THR F 1899 -34.53 75.80 -64.68
CA THR F 1899 -34.59 74.33 -64.62
C THR F 1899 -35.83 73.81 -65.35
N ASN F 1900 -37.01 74.33 -65.00
CA ASN F 1900 -38.22 73.80 -65.61
C ASN F 1900 -38.35 74.21 -67.07
N VAL F 1901 -37.84 75.38 -67.46
CA VAL F 1901 -37.87 75.77 -68.86
C VAL F 1901 -37.04 74.80 -69.70
N LEU F 1902 -35.83 74.48 -69.22
CA LEU F 1902 -34.99 73.56 -69.97
C LEU F 1902 -35.58 72.15 -69.95
N ASN F 1903 -36.27 71.77 -68.88
CA ASN F 1903 -36.96 70.48 -68.87
C ASN F 1903 -38.10 70.45 -69.90
N VAL F 1904 -38.84 71.55 -70.00
CA VAL F 1904 -39.90 71.64 -71.01
C VAL F 1904 -39.31 71.52 -72.40
N LEU F 1905 -38.19 72.19 -72.66
CA LEU F 1905 -37.53 72.04 -73.95
C LEU F 1905 -37.08 70.60 -74.18
N LYS F 1906 -36.53 69.96 -73.14
CA LYS F 1906 -36.07 68.60 -73.25
C LYS F 1906 -37.19 67.66 -73.67
N ILE F 1907 -38.36 67.78 -73.05
CA ILE F 1907 -39.45 66.85 -73.34
C ILE F 1907 -40.14 67.22 -74.64
N ASN F 1908 -40.47 68.49 -74.85
CA ASN F 1908 -41.23 68.89 -76.04
C ASN F 1908 -40.38 68.79 -77.31
N LYS F 1909 -39.05 68.84 -77.17
CA LYS F 1909 -38.16 68.73 -78.33
C LYS F 1909 -38.35 69.91 -79.28
N ILE F 1910 -38.24 71.12 -78.73
CA ILE F 1910 -38.36 72.36 -79.48
C ILE F 1910 -37.01 73.08 -79.42
N ASP F 1911 -36.53 73.53 -80.57
CA ASP F 1911 -35.21 74.13 -80.69
C ASP F 1911 -35.31 75.62 -80.93
N ILE F 1912 -34.55 76.40 -80.14
CA ILE F 1912 -34.58 77.86 -80.24
C ILE F 1912 -34.10 78.30 -81.61
N VAL F 1913 -33.06 77.65 -82.13
CA VAL F 1913 -32.54 78.02 -83.46
C VAL F 1913 -33.57 77.70 -84.53
N LYS F 1914 -34.29 76.59 -84.37
CA LYS F 1914 -35.35 76.26 -85.32
C LYS F 1914 -36.46 77.31 -85.30
N LEU F 1915 -36.82 77.79 -84.11
CA LEU F 1915 -37.79 78.89 -84.03
C LEU F 1915 -37.24 80.14 -84.70
N GLN F 1916 -35.97 80.46 -84.45
CA GLN F 1916 -35.35 81.61 -85.11
C GLN F 1916 -35.40 81.49 -86.63
N GLU F 1917 -35.25 80.27 -87.15
CA GLU F 1917 -35.32 80.05 -88.59
C GLU F 1917 -36.74 80.20 -89.13
N GLN F 1918 -37.72 79.60 -88.44
CA GLN F 1918 -39.07 79.49 -89.01
C GLN F 1918 -40.02 80.62 -88.61
N MET F 1919 -39.63 81.51 -87.69
CA MET F 1919 -40.44 82.70 -87.43
C MET F 1919 -39.51 83.81 -86.93
N SER F 1920 -40.06 85.03 -86.93
CA SER F 1920 -39.28 86.21 -86.58
C SER F 1920 -38.87 86.19 -85.11
N ILE F 1921 -37.85 86.99 -84.80
CA ILE F 1921 -37.27 86.99 -83.46
C ILE F 1921 -38.30 87.41 -82.42
N GLU F 1922 -39.22 88.31 -82.81
CA GLU F 1922 -40.29 88.71 -81.90
C GLU F 1922 -41.18 87.52 -81.57
N LYS F 1923 -41.50 86.69 -82.56
CA LYS F 1923 -42.33 85.52 -82.29
C LYS F 1923 -41.58 84.49 -81.46
N VAL F 1924 -40.27 84.35 -81.69
CA VAL F 1924 -39.46 83.48 -80.83
C VAL F 1924 -39.52 83.97 -79.38
N LYS F 1925 -39.36 85.27 -79.19
CA LYS F 1925 -39.49 85.86 -77.86
C LYS F 1925 -40.86 85.54 -77.27
N GLU F 1926 -41.92 85.68 -78.06
CA GLU F 1926 -43.26 85.43 -77.54
C GLU F 1926 -43.44 83.98 -77.09
N HIS F 1927 -42.95 83.03 -77.89
CA HIS F 1927 -43.05 81.62 -77.50
C HIS F 1927 -42.30 81.35 -76.20
N LEU F 1928 -41.05 81.80 -76.14
CA LEU F 1928 -40.28 81.57 -74.91
C LEU F 1928 -40.89 82.31 -73.73
N TYR F 1929 -41.53 83.46 -73.98
CA TYR F 1929 -42.21 84.16 -72.90
C TYR F 1929 -43.42 83.39 -72.40
N GLU F 1930 -44.14 82.72 -73.29
CA GLU F 1930 -45.22 81.86 -72.85
C GLU F 1930 -44.71 80.78 -71.92
N ILE F 1931 -43.62 80.10 -72.32
CA ILE F 1931 -43.05 79.06 -71.48
C ILE F 1931 -42.60 79.64 -70.14
N VAL F 1932 -41.89 80.77 -70.20
CA VAL F 1932 -41.33 81.37 -68.99
C VAL F 1932 -42.44 81.86 -68.07
N ASP F 1933 -43.54 82.36 -68.64
CA ASP F 1933 -44.64 82.83 -67.81
C ASP F 1933 -45.33 81.69 -67.09
N GLU F 1934 -45.56 80.58 -67.79
CA GLU F 1934 -46.07 79.38 -67.13
C GLU F 1934 -45.17 79.00 -65.95
N VAL F 1935 -43.87 78.88 -66.22
CA VAL F 1935 -42.96 78.42 -65.18
C VAL F 1935 -42.86 79.44 -64.04
N ALA F 1936 -42.95 80.74 -64.36
CA ALA F 1936 -42.85 81.76 -63.32
C ALA F 1936 -44.06 81.75 -62.42
N ALA F 1937 -45.26 81.60 -63.01
CA ALA F 1937 -46.46 81.45 -62.20
C ALA F 1937 -46.35 80.22 -61.30
N LYS F 1938 -45.72 79.15 -61.80
CA LYS F 1938 -45.45 78.01 -60.93
C LYS F 1938 -44.46 78.36 -59.83
N SER F 1939 -43.42 79.12 -60.17
CA SER F 1939 -42.37 79.45 -59.21
C SER F 1939 -42.89 80.32 -58.08
N LEU F 1940 -43.93 81.11 -58.34
CA LEU F 1940 -44.51 81.91 -57.26
C LEU F 1940 -44.95 81.03 -56.09
N ALA F 1941 -45.44 79.82 -56.38
CA ALA F 1941 -45.87 78.92 -55.32
C ALA F 1941 -44.70 78.48 -54.45
N LYS F 1942 -43.54 78.23 -55.06
CA LYS F 1942 -42.36 77.75 -54.34
C LYS F 1942 -41.96 78.76 -53.27
N PRO F 1943 -42.09 78.45 -51.98
CA PRO F 1943 -41.78 79.44 -50.94
C PRO F 1943 -40.29 79.54 -50.68
N GLN F 1944 -39.89 80.70 -50.15
CA GLN F 1944 -38.49 80.94 -49.83
C GLN F 1944 -38.14 80.24 -48.52
N PRO F 1945 -36.99 79.53 -48.44
CA PRO F 1945 -36.01 79.21 -49.49
C PRO F 1945 -36.49 78.07 -50.37
N ILE F 1946 -36.09 78.02 -51.63
CA ILE F 1946 -36.52 77.00 -52.58
C ILE F 1946 -35.43 75.94 -52.68
N ASP F 1947 -35.76 74.70 -52.37
CA ASP F 1947 -34.82 73.60 -52.53
C ASP F 1947 -34.90 73.11 -53.97
N LEU F 1948 -33.90 73.42 -54.78
CA LEU F 1948 -33.95 73.13 -56.20
C LEU F 1948 -34.00 71.63 -56.45
N GLU F 1949 -34.76 71.24 -57.46
CA GLU F 1949 -34.89 69.84 -57.87
C GLU F 1949 -34.02 69.59 -59.09
N ARG F 1950 -33.25 68.50 -59.06
CA ARG F 1950 -32.40 68.14 -60.18
C ARG F 1950 -33.24 67.87 -61.41
N GLY F 1951 -32.96 68.61 -62.49
CA GLY F 1951 -33.64 68.42 -63.75
C GLY F 1951 -32.92 67.45 -64.65
N PHE F 1952 -33.28 67.50 -65.94
CA PHE F 1952 -32.63 66.63 -66.91
C PHE F 1952 -31.22 67.11 -67.22
N ALA F 1953 -31.08 68.36 -67.64
CA ALA F 1953 -29.78 68.95 -67.95
C ALA F 1953 -29.16 69.67 -66.77
N VAL F 1954 -29.97 70.21 -65.86
CA VAL F 1954 -29.48 71.06 -64.78
C VAL F 1954 -29.26 70.20 -63.53
N ILE F 1955 -28.15 70.46 -62.84
CA ILE F 1955 -27.81 69.81 -61.59
C ILE F 1955 -27.50 70.92 -60.58
N PRO F 1956 -28.04 70.90 -59.36
CA PRO F 1956 -27.75 71.99 -58.43
C PRO F 1956 -26.39 71.83 -57.78
N LEU F 1957 -25.66 72.95 -57.67
CA LEU F 1957 -24.37 72.96 -56.97
C LEU F 1957 -24.64 73.22 -55.51
N LYS F 1958 -24.76 72.14 -54.73
CA LYS F 1958 -25.15 72.25 -53.34
C LYS F 1958 -24.06 72.92 -52.52
N GLY F 1959 -24.46 73.54 -51.41
CA GLY F 1959 -23.53 74.20 -50.53
C GLY F 1959 -23.12 75.59 -50.96
N ILE F 1960 -23.72 76.13 -52.01
CA ILE F 1960 -23.40 77.46 -52.53
C ILE F 1960 -24.67 78.30 -52.51
N SER F 1961 -24.59 79.48 -51.90
CA SER F 1961 -25.70 80.41 -51.81
C SER F 1961 -25.40 81.78 -52.39
N VAL F 1962 -24.13 82.09 -52.68
CA VAL F 1962 -23.75 83.39 -53.21
C VAL F 1962 -23.79 83.32 -54.73
N PRO F 1963 -24.47 84.27 -55.44
CA PRO F 1963 -24.40 84.27 -56.91
C PRO F 1963 -23.21 85.08 -57.43
N PHE F 1964 -22.02 84.46 -57.40
CA PHE F 1964 -20.80 85.17 -57.75
C PHE F 1964 -20.51 84.99 -59.24
N HIS F 1965 -19.68 85.90 -59.76
CA HIS F 1965 -19.50 86.07 -61.21
C HIS F 1965 -20.81 86.46 -61.88
N SER F 1966 -21.63 87.25 -61.19
CA SER F 1966 -22.87 87.78 -61.72
C SER F 1966 -22.87 89.30 -61.54
N SER F 1967 -23.91 89.94 -62.08
CA SER F 1967 -24.06 91.38 -61.91
C SER F 1967 -24.42 91.76 -60.47
N TYR F 1968 -24.73 90.78 -59.62
CA TYR F 1968 -25.10 91.08 -58.23
C TYR F 1968 -23.97 91.76 -57.48
N LEU F 1969 -22.73 91.31 -57.69
CA LEU F 1969 -21.60 91.76 -56.89
C LEU F 1969 -20.88 92.98 -57.48
N MET F 1970 -21.42 93.59 -58.53
CA MET F 1970 -20.78 94.77 -59.10
C MET F 1970 -20.69 95.90 -58.09
N SER F 1971 -21.64 95.98 -57.16
CA SER F 1971 -21.57 96.99 -56.11
C SER F 1971 -20.33 96.80 -55.24
N GLY F 1972 -20.05 95.56 -54.84
CA GLY F 1972 -18.88 95.28 -54.02
C GLY F 1972 -17.57 95.20 -54.77
N VAL F 1973 -17.62 95.12 -56.10
CA VAL F 1973 -16.37 94.98 -56.87
C VAL F 1973 -15.48 96.20 -56.68
N LYS F 1974 -16.05 97.40 -56.70
CA LYS F 1974 -15.22 98.61 -56.58
C LYS F 1974 -14.52 98.71 -55.22
N PRO F 1975 -15.21 98.57 -54.09
CA PRO F 1975 -14.47 98.46 -52.83
C PRO F 1975 -13.51 97.29 -52.82
N PHE F 1976 -13.86 96.20 -53.51
CA PHE F 1976 -12.91 95.11 -53.70
C PHE F 1976 -11.72 95.55 -54.54
N GLN F 1977 -11.92 96.44 -55.51
CA GLN F 1977 -10.77 96.98 -56.24
C GLN F 1977 -9.86 97.77 -55.30
N ARG F 1978 -10.45 98.59 -54.43
CA ARG F 1978 -9.62 99.34 -53.47
C ARG F 1978 -8.87 98.40 -52.54
N PHE F 1979 -9.55 97.38 -52.04
CA PHE F 1979 -8.92 96.40 -51.16
C PHE F 1979 -7.78 95.67 -51.88
N LEU F 1980 -7.99 95.31 -53.14
CA LEU F 1980 -6.95 94.65 -53.92
C LEU F 1980 -5.76 95.58 -54.13
N CYS F 1981 -6.04 96.86 -54.43
CA CYS F 1981 -4.95 97.82 -54.61
C CYS F 1981 -4.11 97.95 -53.36
N LYS F 1982 -4.76 97.97 -52.18
CA LYS F 1982 -4.00 98.05 -50.94
C LYS F 1982 -3.23 96.77 -50.66
N LYS F 1983 -3.85 95.61 -50.90
CA LYS F 1983 -3.27 94.35 -50.46
C LYS F 1983 -2.29 93.75 -51.45
N ILE F 1984 -2.26 94.23 -52.69
CA ILE F 1984 -1.31 93.75 -53.70
C ILE F 1984 -0.24 94.83 -53.87
N PRO F 1985 0.91 94.73 -53.18
CA PRO F 1985 1.92 95.78 -53.33
C PRO F 1985 2.40 95.89 -54.77
N LYS F 1986 2.62 97.15 -55.20
CA LYS F 1986 3.00 97.42 -56.57
C LYS F 1986 4.37 96.82 -56.91
N SER F 1987 5.33 96.92 -55.98
CA SER F 1987 6.67 96.42 -56.25
C SER F 1987 6.69 94.90 -56.40
N SER F 1988 5.78 94.19 -55.75
CA SER F 1988 5.74 92.74 -55.82
C SER F 1988 5.13 92.21 -57.11
N VAL F 1989 4.48 93.07 -57.90
CA VAL F 1989 3.87 92.65 -59.16
C VAL F 1989 4.94 92.67 -60.23
N LYS F 1990 5.44 91.50 -60.62
CA LYS F 1990 6.46 91.38 -61.64
C LYS F 1990 5.78 91.12 -62.99
N PRO F 1991 5.83 92.03 -63.96
CA PRO F 1991 5.18 91.74 -65.25
C PRO F 1991 5.76 90.52 -65.96
N GLN F 1992 7.07 90.27 -65.82
CA GLN F 1992 7.70 89.18 -66.54
C GLN F 1992 7.06 87.84 -66.22
N ASP F 1993 6.48 87.70 -65.03
CA ASP F 1993 5.75 86.49 -64.66
C ASP F 1993 4.32 86.45 -65.19
N LEU F 1994 3.87 87.51 -65.87
CA LEU F 1994 2.49 87.62 -66.32
C LEU F 1994 2.35 87.80 -67.82
N ILE F 1995 3.23 88.56 -68.47
CA ILE F 1995 3.07 88.88 -69.88
C ILE F 1995 3.13 87.58 -70.68
N GLY F 1996 2.06 87.30 -71.43
CA GLY F 1996 2.01 86.11 -72.27
C GLY F 1996 1.93 84.80 -71.52
N LYS F 1997 1.76 84.85 -70.20
CA LYS F 1997 1.74 83.65 -69.37
C LYS F 1997 0.51 83.57 -68.47
N TYR F 1998 -0.23 84.66 -68.30
CA TYR F 1998 -1.38 84.73 -67.41
C TYR F 1998 -2.65 84.91 -68.24
N ILE F 1999 -3.63 84.06 -68.01
CA ILE F 1999 -4.90 84.11 -68.73
C ILE F 1999 -5.99 84.48 -67.73
N PRO F 2000 -6.39 85.75 -67.61
CA PRO F 2000 -7.34 86.11 -66.57
C PRO F 2000 -8.72 85.55 -66.83
N ASN F 2001 -9.47 85.36 -65.74
CA ASN F 2001 -10.85 84.89 -65.85
C ASN F 2001 -11.71 85.92 -66.57
N LEU F 2002 -11.45 87.20 -66.33
CA LEU F 2002 -12.26 88.27 -66.91
C LEU F 2002 -12.14 88.30 -68.44
N THR F 2003 -10.90 88.35 -68.94
CA THR F 2003 -10.65 88.47 -70.36
C THR F 2003 -10.41 87.14 -71.05
N ALA F 2004 -9.82 86.17 -70.35
CA ALA F 2004 -9.55 84.85 -70.91
C ALA F 2004 -8.61 84.92 -72.10
N LYS F 2005 -7.70 85.89 -72.09
CA LYS F 2005 -6.65 86.03 -73.09
C LYS F 2005 -5.30 86.17 -72.38
N PRO F 2006 -4.19 85.84 -73.04
CA PRO F 2006 -2.89 86.06 -72.42
C PRO F 2006 -2.72 87.48 -71.91
N PHE F 2007 -2.26 87.62 -70.68
CA PHE F 2007 -2.07 88.92 -70.06
C PHE F 2007 -1.06 89.74 -70.86
N GLU F 2008 -1.44 90.97 -71.21
CA GLU F 2008 -0.58 91.84 -71.99
C GLU F 2008 -0.83 93.28 -71.56
N LEU F 2009 0.24 94.08 -71.55
CA LEU F 2009 0.16 95.50 -71.20
C LEU F 2009 0.14 96.31 -72.49
N THR F 2010 -1.03 96.33 -73.13
CA THR F 2010 -1.20 97.00 -74.41
C THR F 2010 -2.53 97.75 -74.42
N LYS F 2011 -2.62 98.73 -75.32
CA LYS F 2011 -3.83 99.52 -75.45
C LYS F 2011 -5.02 98.65 -75.82
N GLU F 2012 -4.82 97.65 -76.69
CA GLU F 2012 -5.91 96.76 -77.06
C GLU F 2012 -6.40 95.97 -75.86
N TYR F 2013 -5.48 95.47 -75.03
CA TYR F 2013 -5.88 94.71 -73.86
C TYR F 2013 -6.64 95.58 -72.86
N PHE F 2014 -6.13 96.80 -72.62
CA PHE F 2014 -6.84 97.71 -71.72
C PHE F 2014 -8.21 98.07 -72.27
N GLN F 2015 -8.31 98.22 -73.60
CA GLN F 2015 -9.60 98.49 -74.22
C GLN F 2015 -10.56 97.33 -74.02
N SER F 2016 -10.07 96.09 -74.14
CA SER F 2016 -10.93 94.94 -73.89
C SER F 2016 -11.40 94.91 -72.45
N VAL F 2017 -10.50 95.24 -71.51
CA VAL F 2017 -10.89 95.29 -70.11
C VAL F 2017 -11.97 96.33 -69.89
N TYR F 2018 -11.85 97.49 -70.55
CA TYR F 2018 -12.92 98.47 -70.44
C TYR F 2018 -14.22 97.97 -71.05
N ASP F 2019 -14.13 97.27 -72.19
CA ASP F 2019 -15.34 96.74 -72.81
C ASP F 2019 -16.06 95.79 -71.86
N LEU F 2020 -15.31 95.04 -71.07
CA LEU F 2020 -15.92 94.09 -70.14
C LEU F 2020 -16.25 94.68 -68.77
N THR F 2021 -15.74 95.87 -68.42
CA THR F 2021 -15.92 96.41 -67.07
C THR F 2021 -16.58 97.78 -66.98
N LYS F 2022 -16.53 98.60 -68.03
CA LYS F 2022 -17.07 99.97 -67.97
C LYS F 2022 -16.34 100.80 -66.92
N SER F 2023 -15.04 100.61 -66.81
CA SER F 2023 -14.23 101.28 -65.78
C SER F 2023 -13.64 102.57 -66.32
N GLU F 2024 -13.89 103.68 -65.62
CA GLU F 2024 -13.37 104.96 -66.05
C GLU F 2024 -11.88 105.10 -65.78
N LYS F 2025 -11.36 104.37 -64.79
CA LYS F 2025 -9.92 104.37 -64.55
C LYS F 2025 -9.18 103.81 -65.75
N ILE F 2026 -9.71 102.74 -66.35
CA ILE F 2026 -9.10 102.18 -67.54
C ILE F 2026 -9.17 103.17 -68.69
N LYS F 2027 -10.24 103.96 -68.78
CA LYS F 2027 -10.32 104.99 -69.80
C LYS F 2027 -9.26 106.07 -69.58
N SER F 2028 -9.04 106.46 -68.32
CA SER F 2028 -7.98 107.43 -68.06
C SER F 2028 -6.63 106.87 -68.47
N ILE F 2029 -6.37 105.59 -68.15
CA ILE F 2029 -5.11 104.97 -68.53
C ILE F 2029 -4.98 104.91 -70.05
N LEU F 2030 -6.06 104.56 -70.74
CA LEU F 2030 -6.02 104.44 -72.19
C LEU F 2030 -5.78 105.80 -72.85
N ASP F 2031 -6.47 106.84 -72.37
CA ASP F 2031 -6.29 108.17 -72.93
C ASP F 2031 -4.87 108.68 -72.69
N ASN F 2032 -4.32 108.38 -71.52
CA ASN F 2032 -2.95 108.79 -71.20
C ASN F 2032 -1.90 107.77 -71.63
N TRP F 2033 -2.30 106.71 -72.35
CA TRP F 2033 -1.35 105.67 -72.78
C TRP F 2033 -0.20 106.25 -73.60
N GLU F 2034 -0.52 107.15 -74.54
CA GLU F 2034 0.52 107.73 -75.38
C GLU F 2034 1.54 108.50 -74.55
N GLN F 2035 1.08 109.19 -73.51
CA GLN F 2035 2.00 109.86 -72.59
C GLN F 2035 2.71 108.88 -71.66
N TYR F 2036 2.06 107.76 -71.34
CA TYR F 2036 2.68 106.76 -70.49
C TYR F 2036 3.89 106.14 -71.19
N GLU F 2037 3.75 105.81 -72.47
CA GLU F 2037 4.84 105.23 -73.24
C GLU F 2037 5.77 106.32 -73.75
N MET G 1 45.82 -68.49 93.16
CA MET G 1 46.44 -68.91 91.87
C MET G 1 47.38 -67.84 91.34
N LYS G 2 48.60 -68.24 91.02
CA LYS G 2 49.57 -67.28 90.50
C LYS G 2 49.13 -66.79 89.12
N PRO G 3 49.43 -65.53 88.76
CA PRO G 3 49.03 -65.05 87.43
C PRO G 3 49.63 -65.87 86.29
N GLU G 4 50.89 -66.31 86.41
CA GLU G 4 51.52 -67.05 85.33
C GLU G 4 50.85 -68.40 85.12
N ILE G 5 50.65 -69.15 86.20
CA ILE G 5 50.02 -70.46 86.08
C ILE G 5 48.57 -70.32 85.63
N GLU G 6 47.89 -69.28 86.12
CA GLU G 6 46.51 -69.04 85.68
C GLU G 6 46.46 -68.75 84.19
N GLN G 7 47.41 -67.95 83.69
CA GLN G 7 47.46 -67.68 82.25
C GLN G 7 47.75 -68.94 81.46
N GLU G 8 48.68 -69.77 81.96
CA GLU G 8 48.96 -71.05 81.31
C GLU G 8 47.70 -71.89 81.19
N LEU G 9 46.99 -72.09 82.30
CA LEU G 9 45.81 -72.94 82.29
C LEU G 9 44.71 -72.33 81.43
N SER G 10 44.54 -71.01 81.48
CA SER G 10 43.54 -70.36 80.66
C SER G 10 43.84 -70.53 79.17
N HIS G 11 45.11 -70.38 78.78
CA HIS G 11 45.48 -70.57 77.39
C HIS G 11 45.21 -72.01 76.94
N THR G 12 45.60 -72.98 77.77
CA THR G 12 45.39 -74.38 77.41
C THR G 12 43.90 -74.68 77.29
N LEU G 13 43.10 -74.20 78.26
CA LEU G 13 41.67 -74.48 78.24
C LEU G 13 41.00 -73.80 77.06
N LEU G 14 41.37 -72.56 76.75
CA LEU G 14 40.80 -71.88 75.60
C LEU G 14 41.15 -72.59 74.31
N THR G 15 42.41 -73.02 74.17
CA THR G 15 42.80 -73.74 72.96
C THR G 15 42.03 -75.04 72.82
N GLU G 16 41.88 -75.78 73.92
CA GLU G 16 41.12 -77.03 73.87
C GLU G 16 39.66 -76.77 73.52
N LEU G 17 39.07 -75.72 74.10
CA LEU G 17 37.69 -75.39 73.81
C LEU G 17 37.49 -75.05 72.34
N LEU G 18 38.35 -74.18 71.80
CA LEU G 18 38.21 -73.80 70.40
C LEU G 18 38.50 -74.97 69.48
N ALA G 19 39.38 -75.88 69.89
CA ALA G 19 39.69 -77.03 69.05
C ALA G 19 38.53 -78.02 69.01
N TYR G 20 37.94 -78.33 70.18
CA TYR G 20 36.96 -79.40 70.28
C TYR G 20 35.52 -78.93 70.09
N GLN G 21 35.27 -77.62 70.07
CA GLN G 21 33.90 -77.15 69.94
C GLN G 21 33.39 -77.27 68.51
N PHE G 22 34.27 -77.11 67.52
CA PHE G 22 33.85 -77.18 66.13
C PHE G 22 33.57 -78.60 65.66
N ALA G 23 33.94 -79.61 66.44
CA ALA G 23 33.57 -80.99 66.18
C ALA G 23 32.58 -81.55 67.18
N SER G 24 32.62 -81.09 68.43
CA SER G 24 31.62 -81.52 69.39
C SER G 24 30.30 -80.81 69.12
N PRO G 25 29.17 -81.41 69.52
CA PRO G 25 27.89 -80.70 69.34
C PRO G 25 27.81 -79.47 70.23
N VAL G 26 27.52 -78.33 69.61
CA VAL G 26 27.34 -77.10 70.38
C VAL G 26 26.10 -77.23 71.24
N ARG G 27 26.25 -76.97 72.54
CA ARG G 27 25.17 -77.07 73.51
C ARG G 27 24.63 -75.67 73.77
N TRP G 28 23.77 -75.20 72.87
CA TRP G 28 23.17 -73.88 73.03
C TRP G 28 22.08 -73.87 74.10
N ILE G 29 21.54 -75.04 74.47
CA ILE G 29 20.53 -75.09 75.53
C ILE G 29 21.10 -74.59 76.86
N GLU G 30 22.30 -75.09 77.22
CA GLU G 30 22.87 -74.68 78.49
C GLU G 30 23.38 -73.24 78.44
N THR G 31 23.83 -72.79 77.26
CA THR G 31 24.21 -71.38 77.12
C THR G 31 23.00 -70.48 77.33
N GLN G 32 21.86 -70.83 76.73
CA GLN G 32 20.64 -70.06 76.95
C GLN G 32 20.22 -70.10 78.41
N ASP G 33 20.30 -71.27 79.05
CA ASP G 33 20.01 -71.35 80.47
C ASP G 33 20.91 -70.41 81.27
N VAL G 34 22.20 -70.39 80.92
CA VAL G 34 23.17 -69.56 81.64
C VAL G 34 22.79 -68.09 81.52
N PHE G 35 22.57 -67.60 80.30
CA PHE G 35 22.38 -66.17 80.12
C PHE G 35 20.92 -65.74 80.19
N LEU G 36 19.99 -66.65 80.55
CA LEU G 36 18.61 -66.28 80.80
C LEU G 36 18.22 -66.45 82.25
N LYS G 37 18.57 -67.57 82.88
CA LYS G 37 18.17 -67.86 84.26
C LYS G 37 19.30 -67.66 85.26
N GLN G 38 20.46 -68.28 85.03
CA GLN G 38 21.53 -68.22 86.02
C GLN G 38 22.03 -66.78 86.21
N HIS G 39 22.17 -66.03 85.12
CA HIS G 39 22.63 -64.65 85.20
C HIS G 39 21.48 -63.65 85.26
N ASN G 40 20.27 -64.04 84.90
CA ASN G 40 19.10 -63.17 84.95
C ASN G 40 19.34 -61.89 84.14
N THR G 41 19.82 -62.08 82.91
CA THR G 41 20.21 -60.96 82.07
C THR G 41 18.97 -60.22 81.61
N GLU G 42 18.77 -59.01 82.15
CA GLU G 42 17.65 -58.18 81.74
C GLU G 42 17.83 -57.63 80.32
N ARG G 43 19.03 -57.66 79.78
CA ARG G 43 19.32 -57.17 78.43
C ARG G 43 20.11 -58.21 77.67
N ILE G 44 19.62 -58.57 76.48
CA ILE G 44 20.29 -59.49 75.58
C ILE G 44 20.74 -58.70 74.38
N ILE G 45 22.03 -58.78 74.06
CA ILE G 45 22.61 -58.14 72.89
C ILE G 45 23.09 -59.22 71.96
N GLU G 46 22.66 -59.16 70.70
CA GLU G 46 23.20 -60.00 69.64
C GLU G 46 23.73 -59.09 68.55
N ILE G 47 24.92 -59.41 68.05
CA ILE G 47 25.59 -58.64 67.02
C ILE G 47 25.74 -59.54 65.80
N GLY G 48 25.17 -59.12 64.68
CA GLY G 48 25.24 -59.88 63.45
C GLY G 48 24.44 -59.25 62.34
N PRO G 49 24.61 -59.75 61.11
CA PRO G 49 23.86 -59.18 59.98
C PRO G 49 22.35 -59.33 60.11
N SER G 50 21.89 -60.42 60.72
CA SER G 50 20.48 -60.69 60.88
C SER G 50 20.23 -61.31 62.25
N PRO G 51 19.02 -61.17 62.81
CA PRO G 51 18.73 -61.71 64.16
C PRO G 51 18.38 -63.20 64.16
N THR G 52 19.37 -64.05 63.88
CA THR G 52 19.11 -65.49 63.94
C THR G 52 19.07 -65.98 65.38
N LEU G 53 19.93 -65.45 66.26
CA LEU G 53 19.96 -65.88 67.65
C LEU G 53 18.99 -65.09 68.53
N ALA G 54 18.75 -63.82 68.19
CA ALA G 54 17.78 -63.04 68.96
C ALA G 54 16.40 -63.66 68.90
N GLY G 55 16.00 -64.15 67.73
CA GLY G 55 14.69 -64.77 67.59
C GLY G 55 14.54 -66.03 68.41
N MET G 56 15.55 -66.91 68.37
CA MET G 56 15.44 -68.15 69.12
C MET G 56 15.59 -67.91 70.61
N ALA G 57 16.37 -66.91 71.02
CA ALA G 57 16.38 -66.53 72.43
C ALA G 57 15.03 -66.01 72.87
N ASN G 58 14.38 -65.21 72.01
CA ASN G 58 13.04 -64.73 72.31
C ASN G 58 12.08 -65.88 72.52
N ARG G 59 12.02 -66.82 71.57
CA ARG G 59 11.05 -67.89 71.71
C ARG G 59 11.46 -68.87 72.81
N THR G 60 12.74 -68.94 73.15
CA THR G 60 13.16 -69.72 74.31
C THR G 60 12.59 -69.12 75.60
N ILE G 61 12.72 -67.80 75.76
CA ILE G 61 12.19 -67.20 76.99
C ILE G 61 10.66 -67.26 77.00
N LYS G 62 10.02 -67.17 75.83
CA LYS G 62 8.56 -67.33 75.79
C LYS G 62 8.15 -68.74 76.20
N ALA G 63 8.86 -69.75 75.70
CA ALA G 63 8.46 -71.14 75.92
C ALA G 63 8.83 -71.65 77.31
N LYS G 64 9.90 -71.13 77.90
CA LYS G 64 10.48 -71.70 79.12
C LYS G 64 10.49 -70.75 80.29
N TYR G 65 10.80 -69.47 80.08
CA TYR G 65 11.04 -68.51 81.16
C TYR G 65 9.97 -67.42 81.21
N GLU G 66 8.78 -67.69 80.67
CA GLU G 66 7.73 -66.70 80.73
C GLU G 66 7.23 -66.50 82.16
N SER G 67 6.87 -67.59 82.83
CA SER G 67 6.42 -67.50 84.22
C SER G 67 7.56 -67.03 85.13
N TYR G 68 8.79 -67.49 84.84
CA TYR G 68 9.94 -67.06 85.61
C TYR G 68 10.13 -65.54 85.50
N ASP G 69 10.11 -65.02 84.28
CA ASP G 69 10.25 -63.59 84.08
C ASP G 69 9.13 -62.82 84.75
N ALA G 70 7.89 -63.33 84.63
CA ALA G 70 6.77 -62.66 85.28
C ALA G 70 6.99 -62.59 86.79
N ALA G 71 7.26 -63.73 87.42
CA ALA G 71 7.34 -63.76 88.88
C ALA G 71 8.52 -62.94 89.39
N LEU G 72 9.71 -63.11 88.80
CA LEU G 72 10.87 -62.35 89.22
C LEU G 72 10.86 -60.90 88.72
N SER G 73 9.85 -60.51 87.94
CA SER G 73 9.73 -59.13 87.46
C SER G 73 10.92 -58.77 86.58
N LEU G 74 11.35 -59.72 85.77
CA LEU G 74 12.47 -59.55 84.86
C LEU G 74 11.93 -59.05 83.52
N GLN G 75 12.34 -57.85 83.13
CA GLN G 75 11.92 -57.25 81.87
C GLN G 75 13.04 -57.47 80.85
N ARG G 76 13.04 -58.66 80.25
CA ARG G 76 14.06 -59.00 79.27
C ARG G 76 13.88 -58.17 78.02
N GLN G 77 14.98 -57.59 77.54
CA GLN G 77 15.01 -56.79 76.32
C GLN G 77 15.99 -57.46 75.36
N VAL G 78 15.45 -58.19 74.39
CA VAL G 78 16.26 -58.85 73.38
C VAL G 78 16.49 -57.88 72.24
N LEU G 79 17.76 -57.67 71.89
CA LEU G 79 18.17 -56.66 70.93
C LEU G 79 19.13 -57.26 69.92
N CYS G 80 18.96 -56.85 68.66
CA CYS G 80 19.83 -57.29 67.58
C CYS G 80 20.43 -56.07 66.91
N TYR G 81 21.71 -56.18 66.53
CA TYR G 81 22.40 -55.07 65.89
C TYR G 81 21.77 -54.71 64.55
N SER G 82 21.17 -55.68 63.87
CA SER G 82 20.59 -55.42 62.56
C SER G 82 19.41 -54.46 62.66
N LYS G 83 18.48 -54.73 63.58
CA LYS G 83 17.24 -53.97 63.70
C LYS G 83 17.26 -52.97 64.85
N ASP G 84 17.54 -53.42 66.07
CA ASP G 84 17.41 -52.58 67.26
C ASP G 84 18.69 -51.80 67.55
N ALA G 85 19.25 -51.14 66.55
CA ALA G 85 20.50 -50.41 66.77
C ALA G 85 20.28 -49.16 67.61
N LYS G 86 19.11 -48.52 67.45
CA LYS G 86 18.81 -47.32 68.23
C LYS G 86 18.77 -47.63 69.72
N GLU G 87 18.17 -48.75 70.09
CA GLU G 87 18.16 -49.15 71.51
C GLU G 87 19.56 -49.52 71.99
N ILE G 88 20.38 -50.12 71.12
CA ILE G 88 21.74 -50.48 71.51
C ILE G 88 22.54 -49.23 71.84
N TYR G 89 22.44 -48.20 70.98
CA TYR G 89 23.20 -46.98 71.14
C TYR G 89 22.50 -45.93 71.99
N TYR G 90 21.30 -46.21 72.50
CA TYR G 90 20.52 -45.26 73.29
C TYR G 90 20.30 -43.97 72.51
N LYS G 91 19.67 -44.13 71.34
CA LYS G 91 19.35 -43.02 70.43
C LYS G 91 17.88 -43.10 70.05
N PRO G 92 16.97 -42.85 71.00
CA PRO G 92 15.54 -42.89 70.70
C PRO G 92 15.07 -41.72 69.85
N ASN G 333 -3.66 -8.99 13.86
CA ASN G 333 -4.59 -8.52 12.84
C ASN G 333 -3.88 -7.60 11.86
N LYS G 334 -3.64 -6.36 12.29
CA LYS G 334 -2.92 -5.40 11.46
C LYS G 334 -1.50 -5.87 11.20
N LYS G 335 -0.84 -6.44 12.22
CA LYS G 335 0.52 -6.95 12.05
C LYS G 335 0.55 -8.02 10.97
N LEU G 336 -0.49 -8.87 10.91
CA LEU G 336 -0.53 -9.90 9.89
C LEU G 336 -0.81 -9.30 8.51
N ALA G 337 -1.74 -8.34 8.43
CA ALA G 337 -1.92 -7.51 7.23
C ALA G 337 -0.58 -7.07 6.68
N LYS G 338 0.29 -6.62 7.58
CA LYS G 338 1.46 -5.86 7.21
C LYS G 338 2.56 -6.81 6.76
N GLN G 339 2.70 -7.90 7.52
CA GLN G 339 3.61 -8.97 7.17
C GLN G 339 3.31 -9.42 5.77
N GLN G 340 2.04 -9.69 5.49
CA GLN G 340 1.73 -10.23 4.18
C GLN G 340 2.03 -9.19 3.11
N LEU G 341 1.47 -7.97 3.26
CA LEU G 341 1.69 -6.86 2.31
C LEU G 341 3.15 -6.78 1.92
N GLU G 342 4.05 -7.07 2.85
CA GLU G 342 5.45 -6.92 2.50
C GLU G 342 6.07 -8.21 1.94
N VAL G 343 5.59 -9.40 2.35
CA VAL G 343 6.01 -10.59 1.59
C VAL G 343 5.65 -10.39 0.12
N LEU G 344 4.50 -9.75 -0.10
CA LEU G 344 4.05 -9.36 -1.43
C LEU G 344 5.04 -8.47 -2.15
N ALA G 345 5.35 -7.33 -1.52
CA ALA G 345 6.29 -6.39 -2.12
C ALA G 345 7.57 -7.11 -2.48
N ARG G 346 8.11 -7.91 -1.54
CA ARG G 346 9.30 -8.71 -1.79
C ARG G 346 9.17 -9.55 -3.05
N TYR G 347 8.01 -10.20 -3.20
CA TYR G 347 7.83 -11.08 -4.35
C TYR G 347 7.99 -10.33 -5.65
N LEU G 348 7.32 -9.18 -5.78
CA LEU G 348 7.38 -8.52 -7.09
C LEU G 348 8.68 -7.73 -7.23
N GLN G 349 9.47 -7.64 -6.15
CA GLN G 349 10.89 -7.27 -6.24
C GLN G 349 11.79 -8.42 -6.66
N SER G 350 11.33 -9.67 -6.54
CA SER G 350 12.21 -10.84 -6.70
C SER G 350 13.26 -10.86 -5.61
N ARG G 351 12.83 -10.64 -4.36
CA ARG G 351 13.69 -10.65 -3.20
C ARG G 351 13.33 -11.83 -2.30
N LEU G 352 14.32 -12.34 -1.59
CA LEU G 352 14.20 -13.53 -0.76
C LEU G 352 14.38 -13.11 0.69
N LYS G 353 13.32 -13.26 1.49
CA LYS G 353 13.36 -12.81 2.88
C LYS G 353 14.38 -13.57 3.70
N GLN G 354 14.47 -14.89 3.51
CA GLN G 354 15.23 -15.76 4.39
C GLN G 354 16.56 -16.19 3.79
N GLY G 355 17.02 -15.53 2.73
CA GLY G 355 18.24 -15.97 2.06
C GLY G 355 19.47 -15.79 2.92
N SER G 356 19.58 -14.65 3.59
CA SER G 356 20.75 -14.40 4.41
C SER G 356 20.71 -15.21 5.69
N LEU G 357 19.51 -15.54 6.19
CA LEU G 357 19.40 -16.49 7.29
C LEU G 357 19.82 -17.89 6.84
N LYS G 358 19.47 -18.27 5.61
CA LYS G 358 19.96 -19.52 5.04
C LYS G 358 21.49 -19.52 5.02
N SER G 359 22.07 -18.43 4.51
CA SER G 359 23.52 -18.32 4.47
C SER G 359 24.12 -18.39 5.87
N PHE G 360 23.43 -17.80 6.85
CA PHE G 360 23.93 -17.82 8.22
C PHE G 360 23.94 -19.25 8.78
N ILE G 361 22.87 -20.00 8.56
CA ILE G 361 22.86 -21.37 9.10
C ILE G 361 23.85 -22.25 8.35
N LYS G 362 24.04 -22.02 7.04
CA LYS G 362 25.08 -22.72 6.31
C LYS G 362 26.46 -22.43 6.88
N GLU G 363 26.72 -21.15 7.17
CA GLU G 363 28.02 -20.79 7.73
C GLU G 363 28.16 -21.30 9.16
N LYS G 364 27.05 -21.42 9.88
CA LYS G 364 27.10 -21.95 11.24
C LYS G 364 27.45 -23.43 11.23
N GLU G 365 26.86 -24.20 10.30
CA GLU G 365 27.23 -25.61 10.23
C GLU G 365 28.64 -25.78 9.70
N ALA G 366 29.09 -24.90 8.81
CA ALA G 366 30.50 -24.90 8.41
C ALA G 366 31.42 -24.62 9.59
N SER G 367 31.04 -23.66 10.43
CA SER G 367 31.81 -23.36 11.62
C SER G 367 31.83 -24.54 12.58
N ALA G 368 30.70 -25.24 12.70
CA ALA G 368 30.67 -26.44 13.54
C ALA G 368 31.58 -27.52 12.97
N VAL G 369 31.62 -27.66 11.65
CA VAL G 369 32.52 -28.64 11.03
C VAL G 369 33.97 -28.30 11.38
N LEU G 370 34.35 -27.04 11.18
CA LEU G 370 35.72 -26.63 11.50
C LEU G 370 36.01 -26.80 12.98
N GLN G 371 35.03 -26.50 13.83
CA GLN G 371 35.22 -26.61 15.27
C GLN G 371 35.40 -28.05 15.70
N LYS G 372 34.65 -28.99 15.09
CA LYS G 372 34.83 -30.39 15.46
C LYS G 372 36.16 -30.92 14.94
N GLU G 373 36.62 -30.45 13.78
CA GLU G 373 37.96 -30.81 13.34
C GLU G 373 39.01 -30.32 14.33
N LEU G 374 38.90 -29.05 14.73
CA LEU G 374 39.85 -28.49 15.69
C LEU G 374 39.75 -29.20 17.04
N ASP G 375 38.54 -29.64 17.41
CA ASP G 375 38.35 -30.32 18.69
C ASP G 375 38.95 -31.72 18.65
N LEU G 376 38.80 -32.43 17.53
CA LEU G 376 39.49 -33.71 17.39
C LEU G 376 41.00 -33.52 17.48
N TRP G 377 41.54 -32.51 16.79
CA TRP G 377 42.96 -32.18 16.93
C TRP G 377 43.33 -31.96 18.39
N GLU G 378 42.56 -31.11 19.07
CA GLU G 378 42.90 -30.67 20.41
C GLU G 378 42.83 -31.82 21.41
N ALA G 379 41.82 -32.67 21.28
CA ALA G 379 41.74 -33.82 22.17
C ALA G 379 42.78 -34.87 21.81
N GLU G 380 43.27 -34.85 20.57
CA GLU G 380 44.31 -35.81 20.17
C GLU G 380 45.68 -35.40 20.69
N HIS G 381 45.93 -34.10 20.85
CA HIS G 381 47.28 -33.61 21.17
C HIS G 381 47.38 -32.92 22.52
N GLY G 382 46.35 -32.18 22.90
CA GLY G 382 46.28 -31.55 24.21
C GLY G 382 46.45 -30.05 24.12
N GLU G 383 46.02 -29.37 25.17
CA GLU G 383 46.08 -27.90 25.16
C GLU G 383 47.51 -27.41 25.23
N PHE G 384 48.36 -28.07 26.02
CA PHE G 384 49.75 -27.64 26.12
C PHE G 384 50.43 -27.71 24.75
N TYR G 385 50.34 -28.86 24.10
CA TYR G 385 50.94 -29.02 22.78
C TYR G 385 50.30 -28.09 21.77
N ALA G 386 49.00 -27.83 21.91
CA ALA G 386 48.31 -26.98 20.93
C ALA G 386 48.74 -25.53 21.06
N LYS G 387 48.79 -24.98 22.26
CA LYS G 387 49.19 -23.59 22.45
C LYS G 387 50.70 -23.41 22.47
N GLY G 388 51.48 -24.50 22.48
CA GLY G 388 52.92 -24.37 22.41
C GLY G 388 53.50 -24.25 21.03
N ILE G 389 52.70 -24.38 19.98
CA ILE G 389 53.20 -24.41 18.61
C ILE G 389 52.99 -23.06 17.91
N GLN G 390 52.56 -22.04 18.65
CA GLN G 390 52.26 -20.77 18.02
C GLN G 390 53.53 -20.16 17.40
N PRO G 391 53.39 -19.34 16.34
CA PRO G 391 54.59 -18.68 15.80
C PRO G 391 55.12 -17.62 16.75
N THR G 392 56.33 -17.83 17.25
CA THR G 392 57.02 -16.84 18.07
C THR G 392 58.03 -16.05 17.26
N PHE G 393 58.68 -16.67 16.29
CA PHE G 393 59.75 -16.01 15.56
C PHE G 393 59.20 -15.00 14.56
N SER G 394 59.89 -13.87 14.45
CA SER G 394 59.58 -12.85 13.47
C SER G 394 60.88 -12.16 13.09
N ALA G 395 61.13 -12.02 11.79
CA ALA G 395 62.39 -11.45 11.34
C ALA G 395 62.53 -9.99 11.78
N LEU G 396 61.41 -9.27 11.88
CA LEU G 396 61.45 -7.88 12.31
C LEU G 396 61.66 -7.74 13.80
N LYS G 397 61.41 -8.79 14.59
CA LYS G 397 61.64 -8.75 16.02
C LYS G 397 63.08 -9.03 16.41
N SER G 398 63.95 -9.36 15.45
CA SER G 398 65.34 -9.63 15.74
C SER G 398 66.04 -8.36 16.23
N ARG G 399 66.89 -8.52 17.24
CA ARG G 399 67.65 -7.43 17.84
C ARG G 399 69.13 -7.69 17.65
N THR G 400 69.83 -6.74 17.05
CA THR G 400 71.25 -6.85 16.75
C THR G 400 72.05 -6.04 17.76
N TYR G 401 73.16 -6.60 18.23
CA TYR G 401 74.12 -5.91 19.08
C TYR G 401 75.49 -6.08 18.44
N ASP G 402 76.10 -4.95 18.04
CA ASP G 402 77.44 -4.97 17.45
C ASP G 402 78.30 -3.79 17.90
N SER G 403 77.83 -2.94 18.82
CA SER G 403 78.56 -1.72 19.18
C SER G 403 79.54 -1.94 20.32
N TYR G 404 80.37 -2.97 20.14
CA TYR G 404 81.46 -3.23 21.07
C TYR G 404 82.40 -2.04 21.17
N TRP G 405 82.54 -1.26 20.08
CA TRP G 405 83.39 -0.07 20.12
C TRP G 405 82.92 0.90 21.19
N ASN G 406 81.61 1.09 21.30
CA ASN G 406 81.06 1.94 22.36
C ASN G 406 81.16 1.27 23.72
N TRP G 407 80.79 0.00 23.79
CA TRP G 407 80.72 -0.65 25.09
C TRP G 407 82.10 -0.82 25.71
N ALA G 408 83.15 -0.90 24.91
CA ALA G 408 84.50 -0.99 25.48
C ALA G 408 84.78 0.21 26.36
N ARG G 409 84.55 1.41 25.82
CA ARG G 409 84.75 2.63 26.59
C ARG G 409 83.79 2.70 27.76
N GLN G 410 82.56 2.22 27.58
CA GLN G 410 81.59 2.24 28.66
C GLN G 410 82.07 1.44 29.88
N ASP G 411 82.42 0.16 29.70
CA ASP G 411 82.96 -0.60 30.83
C ASP G 411 84.32 -0.07 31.29
N VAL G 412 85.13 0.51 30.41
CA VAL G 412 86.40 1.09 30.86
C VAL G 412 86.12 2.18 31.88
N LEU G 413 85.19 3.09 31.56
CA LEU G 413 84.86 4.16 32.50
C LEU G 413 84.23 3.61 33.76
N SER G 414 83.34 2.60 33.63
CA SER G 414 82.70 2.04 34.80
C SER G 414 83.74 1.48 35.78
N MET G 415 84.68 0.68 35.27
CA MET G 415 85.73 0.14 36.12
C MET G 415 86.61 1.25 36.67
N TYR G 416 86.94 2.25 35.85
CA TYR G 416 87.80 3.34 36.29
C TYR G 416 87.20 4.04 37.50
N PHE G 417 85.91 4.40 37.42
CA PHE G 417 85.30 5.11 38.55
C PHE G 417 85.06 4.18 39.72
N ASP G 418 84.77 2.90 39.48
CA ASP G 418 84.61 1.96 40.59
C ASP G 418 85.91 1.88 41.40
N ILE G 419 87.04 1.74 40.73
CA ILE G 419 88.31 1.70 41.45
C ILE G 419 88.59 3.06 42.09
N ILE G 420 88.24 4.16 41.42
CA ILE G 420 88.49 5.48 41.99
C ILE G 420 87.75 5.66 43.31
N PHE G 421 86.53 5.12 43.42
CA PHE G 421 85.75 5.22 44.64
C PHE G 421 85.96 4.04 45.58
N GLY G 422 86.78 3.07 45.21
CA GLY G 422 87.07 1.96 46.09
C GLY G 422 86.05 0.85 46.07
N LYS G 423 85.06 0.89 45.18
CA LYS G 423 84.17 -0.24 45.00
C LYS G 423 84.90 -1.46 44.47
N LEU G 424 86.06 -1.29 43.87
CA LEU G 424 86.89 -2.38 43.39
C LEU G 424 88.35 -2.10 43.71
N VAL G 427 93.03 -6.76 40.44
CA VAL G 427 93.01 -6.82 41.89
C VAL G 427 92.14 -7.97 42.37
N ASP G 428 91.12 -8.30 41.58
CA ASP G 428 90.20 -9.39 41.91
C ASP G 428 89.74 -10.04 40.61
N ARG G 429 89.16 -11.24 40.75
CA ARG G 429 88.86 -12.06 39.56
C ARG G 429 87.85 -11.38 38.65
N GLU G 430 86.82 -10.73 39.21
CA GLU G 430 85.87 -10.04 38.34
C GLU G 430 86.54 -8.86 37.64
N THR G 431 87.46 -8.17 38.32
CA THR G 431 88.21 -7.11 37.67
C THR G 431 89.05 -7.65 36.52
N ILE G 432 89.71 -8.79 36.73
CA ILE G 432 90.51 -9.39 35.66
C ILE G 432 89.62 -9.83 34.52
N ASN G 433 88.42 -10.31 34.83
CA ASN G 433 87.48 -10.71 33.78
C ASN G 433 87.07 -9.52 32.93
N GLN G 434 86.76 -8.40 33.58
CA GLN G 434 86.41 -7.19 32.84
C GLN G 434 87.60 -6.69 32.03
N CYS G 435 88.81 -6.82 32.57
CA CYS G 435 90.00 -6.46 31.82
C CYS G 435 90.16 -7.33 30.58
N ILE G 436 89.86 -8.62 30.71
CA ILE G 436 89.91 -9.51 29.55
C ILE G 436 88.91 -9.05 28.51
N GLN G 437 87.71 -8.66 28.94
CA GLN G 437 86.71 -8.17 28.00
C GLN G 437 87.20 -6.91 27.28
N ILE G 438 87.80 -5.99 28.03
CA ILE G 438 88.24 -4.74 27.44
C ILE G 438 89.38 -4.98 26.46
N MET G 439 90.29 -5.90 26.81
CA MET G 439 91.35 -6.29 25.87
C MET G 439 90.75 -6.95 24.63
N ASN G 440 89.72 -7.77 24.81
CA ASN G 440 89.05 -8.38 23.67
C ASN G 440 88.46 -7.31 22.75
N ARG G 441 88.00 -6.20 23.31
CA ARG G 441 87.48 -5.09 22.53
C ARG G 441 88.53 -4.03 22.19
N ALA G 442 89.79 -4.27 22.53
CA ALA G 442 90.84 -3.27 22.33
C ALA G 442 91.00 -2.90 20.85
N ASN G 443 91.02 -1.60 20.59
CA ASN G 443 91.27 -1.02 19.27
C ASN G 443 92.01 0.29 19.46
N PRO G 444 92.55 0.88 18.39
CA PRO G 444 93.37 2.10 18.58
C PRO G 444 92.64 3.24 19.27
N THR G 445 91.36 3.45 18.93
CA THR G 445 90.61 4.52 19.58
C THR G 445 90.43 4.26 21.07
N LEU G 446 90.14 3.01 21.44
CA LEU G 446 90.03 2.66 22.84
C LEU G 446 91.36 2.85 23.54
N ILE G 447 92.46 2.48 22.89
CA ILE G 447 93.78 2.66 23.50
C ILE G 447 94.01 4.13 23.80
N LYS G 448 93.71 5.00 22.84
CA LYS G 448 93.89 6.43 23.07
C LYS G 448 92.98 6.92 24.18
N PHE G 449 91.76 6.38 24.27
CA PHE G 449 90.84 6.74 25.34
C PHE G 449 91.43 6.44 26.72
N MET G 450 91.90 5.21 26.92
CA MET G 450 92.49 4.84 28.21
C MET G 450 93.77 5.62 28.47
N GLN G 451 94.59 5.85 27.45
CA GLN G 451 95.81 6.63 27.65
C GLN G 451 95.49 8.04 28.13
N TYR G 452 94.49 8.69 27.52
CA TYR G 452 94.09 10.00 28.03
C TYR G 452 93.64 9.91 29.49
N HIS G 453 92.70 9.00 29.76
CA HIS G 453 92.09 8.98 31.08
C HIS G 453 93.07 8.59 32.18
N ILE G 454 94.17 7.93 31.84
CA ILE G 454 95.17 7.58 32.84
C ILE G 454 96.29 8.62 32.91
N ASP G 455 96.81 9.08 31.77
CA ASP G 455 97.84 10.10 31.79
C ASP G 455 97.36 11.41 32.38
N HIS G 456 96.05 11.64 32.43
CA HIS G 456 95.48 12.79 33.13
C HIS G 456 94.66 12.37 34.35
N CYS G 457 95.18 11.40 35.10
CA CYS G 457 94.60 10.99 36.38
C CYS G 457 95.41 11.59 37.51
N PRO G 458 94.86 12.48 38.34
CA PRO G 458 95.68 13.08 39.41
C PRO G 458 95.93 12.08 40.53
N GLU G 459 97.20 11.85 40.83
CA GLU G 459 97.57 10.90 41.89
C GLU G 459 97.45 11.50 43.28
N TYR G 460 97.67 12.82 43.41
CA TYR G 460 97.69 13.45 44.72
C TYR G 460 96.34 13.37 45.43
N LYS G 461 95.26 13.10 44.71
CA LYS G 461 93.94 13.05 45.32
C LYS G 461 93.80 11.88 46.29
N GLY G 462 94.61 10.84 46.16
CA GLY G 462 94.58 9.77 47.13
C GLY G 462 95.28 8.53 46.63
N GLU G 463 95.54 7.63 47.58
CA GLU G 463 96.07 6.32 47.24
C GLU G 463 95.12 5.56 46.33
N THR G 464 93.82 5.82 46.43
CA THR G 464 92.86 5.23 45.51
C THR G 464 93.12 5.69 44.08
N TYR G 465 93.40 6.98 43.90
CA TYR G 465 93.73 7.49 42.57
C TYR G 465 95.05 6.92 42.08
N LYS G 466 96.03 6.77 42.97
CA LYS G 466 97.29 6.15 42.57
C LYS G 466 97.07 4.70 42.14
N LEU G 467 96.21 3.98 42.85
CA LEU G 467 95.87 2.61 42.46
C LEU G 467 95.21 2.57 41.10
N ALA G 468 94.27 3.48 40.88
CA ALA G 468 93.62 3.55 39.58
C ALA G 468 94.63 3.81 38.48
N LYS G 469 95.57 4.72 38.71
CA LYS G 469 96.55 5.05 37.69
C LYS G 469 97.46 3.86 37.39
N ARG G 470 97.98 3.18 38.42
CA ARG G 470 98.89 2.07 38.15
C ARG G 470 98.16 0.91 37.47
N LEU G 471 96.94 0.61 37.91
CA LEU G 471 96.18 -0.46 37.27
C LEU G 471 95.84 -0.10 35.83
N GLY G 472 95.53 1.18 35.57
CA GLY G 472 95.27 1.60 34.21
C GLY G 472 96.50 1.54 33.33
N GLN G 473 97.67 1.87 33.88
CA GLN G 473 98.91 1.71 33.12
C GLN G 473 99.12 0.25 32.75
N GLN G 474 98.92 -0.65 33.71
CA GLN G 474 99.08 -2.07 33.42
C GLN G 474 98.10 -2.53 32.35
N LEU G 475 96.84 -2.08 32.44
CA LEU G 475 95.84 -2.51 31.46
C LEU G 475 96.10 -1.88 30.10
N ILE G 476 96.63 -0.66 30.07
CA ILE G 476 97.01 -0.04 28.80
C ILE G 476 98.11 -0.86 28.14
N ASP G 477 99.11 -1.28 28.92
CA ASP G 477 100.16 -2.13 28.36
C ASP G 477 99.59 -3.44 27.85
N ASN G 478 98.66 -4.05 28.62
CA ASN G 478 98.07 -5.31 28.19
C ASN G 478 97.29 -5.15 26.90
N CYS G 479 96.51 -4.07 26.78
CA CYS G 479 95.72 -3.87 25.57
C CYS G 479 96.60 -3.51 24.38
N LYS G 480 97.70 -2.79 24.62
CA LYS G 480 98.66 -2.53 23.56
C LYS G 480 99.26 -3.83 23.05
N GLN G 481 99.62 -4.74 23.96
CA GLN G 481 100.13 -6.05 23.55
C GLN G 481 99.06 -6.82 22.78
N VAL G 482 97.82 -6.76 23.25
CA VAL G 482 96.71 -7.44 22.58
C VAL G 482 96.35 -6.80 21.25
N LEU G 483 96.86 -5.59 20.99
CA LEU G 483 96.58 -4.89 19.73
C LEU G 483 96.89 -5.77 18.53
N THR G 484 95.94 -5.84 17.59
CA THR G 484 96.00 -6.60 16.35
C THR G 484 95.81 -8.10 16.55
N GLU G 485 95.69 -8.58 17.79
CA GLU G 485 95.54 -10.00 18.07
C GLU G 485 94.08 -10.33 18.35
N ASP G 486 93.72 -11.59 18.14
CA ASP G 486 92.33 -12.00 18.14
C ASP G 486 91.73 -11.87 19.53
N PRO G 487 90.40 -11.70 19.63
CA PRO G 487 89.76 -11.67 20.96
C PRO G 487 89.53 -13.09 21.47
N VAL G 488 89.98 -13.32 22.70
CA VAL G 488 90.04 -14.65 23.28
C VAL G 488 89.07 -14.74 24.44
N TYR G 489 88.28 -15.81 24.48
CA TYR G 489 87.47 -16.14 25.64
C TYR G 489 88.37 -16.77 26.69
N LYS G 490 88.49 -16.10 27.84
CA LYS G 490 89.34 -16.54 28.93
C LYS G 490 88.54 -16.42 30.22
N ASP G 491 87.97 -17.54 30.66
CA ASP G 491 87.20 -17.56 31.90
C ASP G 491 88.17 -17.60 33.08
N VAL G 492 88.09 -16.59 33.95
CA VAL G 492 88.96 -16.43 35.09
C VAL G 492 88.20 -16.46 36.40
N SER G 493 86.94 -16.88 36.38
CA SER G 493 86.16 -17.01 37.61
C SER G 493 86.77 -18.08 38.50
N ARG G 494 86.71 -17.87 39.80
CA ARG G 494 87.22 -18.88 40.72
C ARG G 494 86.37 -20.13 40.66
N ILE G 495 87.03 -21.27 40.58
CA ILE G 495 86.35 -22.56 40.50
C ILE G 495 85.62 -22.78 41.83
N THR G 496 84.29 -22.84 41.77
CA THR G 496 83.45 -23.02 42.95
C THR G 496 82.88 -24.43 42.99
N GLY G 497 82.66 -24.91 44.21
CA GLY G 497 82.11 -26.22 44.46
C GLY G 497 80.90 -26.15 45.36
N PRO G 498 80.12 -27.24 45.40
CA PRO G 498 78.94 -27.26 46.26
C PRO G 498 79.32 -27.33 47.72
N LYS G 499 78.42 -26.84 48.57
CA LYS G 499 78.56 -27.03 50.01
C LYS G 499 77.23 -26.77 50.68
N THR G 500 76.74 -27.77 51.39
CA THR G 500 75.48 -27.72 52.11
C THR G 500 75.76 -27.77 53.60
N LYS G 501 75.20 -26.81 54.34
CA LYS G 501 75.32 -26.76 55.79
C LYS G 501 73.90 -26.74 56.36
N VAL G 502 73.60 -27.70 57.23
CA VAL G 502 72.34 -27.72 57.96
C VAL G 502 72.60 -27.08 59.32
N SER G 503 71.96 -25.94 59.56
CA SER G 503 72.18 -25.21 60.79
C SER G 503 71.62 -25.99 61.98
N ALA G 504 72.01 -25.55 63.18
CA ALA G 504 71.51 -26.18 64.40
C ALA G 504 69.99 -26.08 64.51
N LYS G 505 69.38 -25.07 63.88
CA LYS G 505 67.94 -24.91 63.87
C LYS G 505 67.26 -25.73 62.77
N GLY G 506 68.03 -26.48 61.98
CA GLY G 506 67.45 -27.32 60.94
C GLY G 506 67.26 -26.64 59.60
N ASN G 507 67.91 -25.52 59.36
CA ASN G 507 67.78 -24.78 58.11
C ASN G 507 68.89 -25.24 57.16
N ILE G 508 68.51 -25.71 55.98
CA ILE G 508 69.47 -26.12 54.97
C ILE G 508 69.91 -24.88 54.19
N GLU G 509 71.22 -24.64 54.16
CA GLU G 509 71.80 -23.54 53.42
C GLU G 509 72.84 -24.08 52.45
N TYR G 510 72.65 -23.82 51.16
CA TYR G 510 73.58 -24.23 50.13
C TYR G 510 74.33 -23.00 49.63
N GLU G 511 75.65 -23.11 49.51
CA GLU G 511 76.46 -22.02 48.99
C GLU G 511 77.56 -22.57 48.10
N GLU G 512 77.90 -21.78 47.07
CA GLU G 512 78.99 -22.13 46.16
C GLU G 512 80.29 -21.55 46.73
N THR G 513 81.24 -22.43 47.07
CA THR G 513 82.45 -22.05 47.76
C THR G 513 83.68 -22.42 46.94
N GLN G 514 84.64 -21.49 46.91
CA GLN G 514 85.84 -21.70 46.11
C GLN G 514 86.58 -22.95 46.57
N LYS G 515 86.89 -23.82 45.63
CA LYS G 515 87.57 -25.07 45.95
C LYS G 515 88.97 -24.79 46.49
N ASP G 516 89.35 -25.50 47.54
CA ASP G 516 90.65 -25.26 48.17
C ASP G 516 91.79 -25.67 47.23
N SER G 517 91.72 -26.88 46.67
CA SER G 517 92.79 -27.39 45.83
C SER G 517 92.74 -26.86 44.39
N VAL G 518 91.62 -26.26 43.98
CA VAL G 518 91.45 -25.75 42.63
C VAL G 518 90.98 -24.30 42.71
N ARG G 519 91.74 -23.41 42.08
CA ARG G 519 91.45 -21.98 42.07
C ARG G 519 91.20 -21.44 40.68
N LYS G 520 92.00 -21.82 39.70
CA LYS G 520 91.92 -21.35 38.33
C LYS G 520 91.36 -22.44 37.43
N PHE G 521 90.95 -22.04 36.23
CA PHE G 521 90.51 -23.04 35.27
C PHE G 521 91.66 -23.92 34.79
N GLU G 522 92.90 -23.44 34.92
CA GLU G 522 94.04 -24.30 34.63
C GLU G 522 94.09 -25.47 35.60
N GLN G 523 93.92 -25.20 36.89
CA GLN G 523 93.86 -26.27 37.88
C GLN G 523 92.60 -27.11 37.72
N TYR G 524 91.51 -26.50 37.28
CA TYR G 524 90.31 -27.28 36.92
C TYR G 524 90.65 -28.33 35.89
N VAL G 525 91.28 -27.91 34.78
CA VAL G 525 91.63 -28.87 33.73
C VAL G 525 92.63 -29.90 34.25
N TYR G 526 93.56 -29.47 35.11
CA TYR G 526 94.51 -30.41 35.67
C TYR G 526 93.82 -31.49 36.47
N GLU G 527 92.84 -31.12 37.30
CA GLU G 527 92.14 -32.15 38.08
C GLU G 527 91.22 -32.98 37.18
N MET G 528 90.73 -32.42 36.08
CA MET G 528 90.01 -33.24 35.11
C MET G 528 90.91 -34.33 34.57
N ALA G 529 92.13 -33.96 34.16
CA ALA G 529 93.08 -34.94 33.66
C ALA G 529 93.43 -35.97 34.73
N GLN G 530 93.64 -35.51 35.96
CA GLN G 530 93.94 -36.42 37.07
C GLN G 530 92.80 -37.39 37.33
N GLY G 531 91.56 -36.98 37.08
CA GLY G 531 90.43 -37.85 37.33
C GLY G 531 90.22 -38.10 38.81
N GLY G 532 89.92 -39.34 39.17
CA GLY G 532 89.70 -39.67 40.57
C GLY G 532 89.82 -41.15 40.81
N ALA G 533 89.74 -41.53 42.08
CA ALA G 533 89.79 -42.94 42.45
C ALA G 533 88.63 -43.72 41.84
N MET G 534 87.45 -43.07 41.72
CA MET G 534 86.29 -43.75 41.16
C MET G 534 86.41 -43.93 39.65
N THR G 535 87.09 -43.00 38.97
CA THR G 535 87.21 -43.05 37.51
C THR G 535 88.40 -43.90 37.09
N LYS G 536 88.39 -45.14 37.56
CA LYS G 536 89.46 -46.10 37.26
C LYS G 536 88.89 -47.47 36.93
N GLN G 628 104.51 -32.18 28.69
CA GLN G 628 104.30 -30.91 29.39
C GLN G 628 102.84 -30.44 29.34
N PRO G 629 102.08 -30.77 28.30
CA PRO G 629 100.63 -30.62 28.37
C PRO G 629 100.02 -31.54 29.42
N VAL G 630 98.70 -31.46 29.53
CA VAL G 630 97.94 -32.33 30.44
C VAL G 630 97.80 -33.72 29.84
N SER G 631 98.26 -33.92 28.60
CA SER G 631 98.33 -35.26 28.03
C SER G 631 99.21 -36.17 28.87
N SER G 632 100.35 -35.65 29.35
CA SER G 632 101.26 -36.40 30.20
C SER G 632 100.79 -36.50 31.64
N THR G 633 99.71 -35.81 32.00
CA THR G 633 99.23 -35.78 33.38
C THR G 633 98.26 -36.91 33.68
N ILE G 634 97.58 -37.46 32.66
CA ILE G 634 96.50 -38.41 32.89
C ILE G 634 97.10 -39.68 33.49
N PRO G 635 96.64 -40.15 34.65
CA PRO G 635 97.19 -41.40 35.19
C PRO G 635 96.84 -42.59 34.32
N SER G 636 97.74 -43.57 34.31
CA SER G 636 97.50 -44.80 33.56
C SER G 636 96.34 -45.58 34.18
N GLN G 637 95.50 -46.16 33.32
CA GLN G 637 94.33 -46.93 33.75
C GLN G 637 93.40 -46.08 34.61
N THR G 638 93.32 -44.79 34.30
CA THR G 638 92.41 -43.87 34.97
C THR G 638 91.72 -43.02 33.91
N ILE G 639 90.40 -42.96 33.99
CA ILE G 639 89.59 -42.20 33.04
C ILE G 639 89.43 -40.78 33.59
N PRO G 640 89.82 -39.73 32.85
CA PRO G 640 89.55 -38.38 33.34
C PRO G 640 88.06 -38.06 33.34
N PHE G 641 87.68 -37.09 34.17
CA PHE G 641 86.27 -36.72 34.30
C PHE G 641 85.69 -36.26 32.97
N LEU G 642 86.40 -35.37 32.28
CA LEU G 642 86.03 -34.94 30.94
C LEU G 642 86.89 -35.73 29.96
N HIS G 643 86.25 -36.54 29.10
CA HIS G 643 86.99 -37.34 28.15
C HIS G 643 86.19 -37.47 26.87
N ILE G 644 86.86 -37.89 25.80
CA ILE G 644 86.23 -38.15 24.52
C ILE G 644 86.21 -39.65 24.29
N GLN G 645 85.05 -40.17 23.90
CA GLN G 645 84.85 -41.59 23.68
C GLN G 645 84.95 -41.89 22.19
N LYS G 646 85.70 -42.93 21.84
CA LYS G 646 85.83 -43.39 20.46
C LYS G 646 84.90 -44.58 20.24
N LYS G 647 84.29 -44.62 19.06
CA LYS G 647 83.39 -45.72 18.73
C LYS G 647 84.20 -46.92 18.28
N THR G 648 84.09 -48.01 19.04
CA THR G 648 84.72 -49.27 18.66
C THR G 648 83.84 -49.94 17.60
N LYS G 649 84.11 -51.22 17.30
CA LYS G 649 83.29 -51.94 16.35
C LYS G 649 81.99 -52.42 17.00
N ASP G 650 81.23 -51.49 17.59
CA ASP G 650 80.02 -51.81 18.33
C ASP G 650 79.47 -50.56 19.01
N GLY G 651 80.10 -50.16 20.12
CA GLY G 651 79.65 -49.04 20.92
C GLY G 651 80.70 -47.97 21.10
N TRP G 652 80.53 -47.13 22.13
CA TRP G 652 81.41 -46.01 22.39
C TRP G 652 82.17 -46.25 23.70
N GLU G 653 83.49 -46.18 23.63
CA GLU G 653 84.36 -46.42 24.78
C GLU G 653 85.33 -45.25 24.93
N TYR G 654 85.81 -45.07 26.15
CA TYR G 654 86.78 -44.02 26.43
C TYR G 654 88.05 -44.21 25.60
N ASN G 655 88.55 -43.12 25.04
CA ASN G 655 89.74 -43.12 24.21
C ASN G 655 90.79 -42.19 24.78
N LYS G 656 92.00 -42.70 24.94
CA LYS G 656 93.09 -41.93 25.53
C LYS G 656 93.54 -40.79 24.63
N LYS G 657 93.72 -41.04 23.33
CA LYS G 657 94.27 -40.03 22.44
C LYS G 657 93.30 -38.86 22.27
N LEU G 658 92.03 -39.15 21.96
CA LEU G 658 91.06 -38.08 21.78
C LEU G 658 90.84 -37.30 23.07
N SER G 659 90.80 -38.01 24.20
CA SER G 659 90.65 -37.34 25.49
C SER G 659 91.84 -36.43 25.78
N SER G 660 93.05 -36.90 25.49
CA SER G 660 94.23 -36.07 25.69
C SER G 660 94.18 -34.84 24.80
N LEU G 661 93.72 -35.01 23.56
CA LEU G 661 93.57 -33.86 22.66
C LEU G 661 92.58 -32.85 23.24
N TYR G 662 91.44 -33.33 23.73
CA TYR G 662 90.44 -32.44 24.28
C TYR G 662 90.95 -31.72 25.53
N LEU G 663 91.63 -32.45 26.42
CA LEU G 663 92.14 -31.83 27.63
C LEU G 663 93.28 -30.86 27.33
N ASP G 664 94.08 -31.14 26.31
CA ASP G 664 95.10 -30.18 25.89
C ASP G 664 94.46 -28.92 25.33
N GLY G 665 93.38 -29.06 24.56
CA GLY G 665 92.65 -27.90 24.11
C GLY G 665 92.07 -27.09 25.27
N LEU G 666 91.55 -27.79 26.28
CA LEU G 666 91.04 -27.10 27.46
C LEU G 666 92.16 -26.37 28.20
N GLU G 667 93.32 -26.99 28.32
CA GLU G 667 94.46 -26.35 28.96
C GLU G 667 94.87 -25.09 28.19
N SER G 668 94.91 -25.18 26.86
CA SER G 668 95.25 -24.03 26.05
C SER G 668 94.22 -22.91 26.22
N ALA G 669 92.94 -23.27 26.26
CA ALA G 669 91.90 -22.26 26.49
C ALA G 669 92.06 -21.62 27.86
N ALA G 670 92.45 -22.41 28.86
CA ALA G 670 92.61 -21.87 30.21
C ALA G 670 93.77 -20.89 30.28
N ILE G 671 94.89 -21.21 29.63
CA ILE G 671 96.07 -20.34 29.76
C ILE G 671 95.97 -19.15 28.81
N ASN G 672 95.77 -19.39 27.52
CA ASN G 672 95.81 -18.34 26.51
C ASN G 672 94.44 -17.81 26.13
N GLY G 673 93.36 -18.43 26.59
CA GLY G 673 92.04 -18.08 26.12
C GLY G 673 91.72 -18.76 24.81
N LEU G 674 90.51 -18.49 24.31
CA LEU G 674 89.97 -19.15 23.13
C LEU G 674 89.31 -18.13 22.22
N THR G 675 89.81 -18.02 20.99
CA THR G 675 89.20 -17.15 20.00
C THR G 675 88.11 -17.90 19.25
N PHE G 676 86.94 -17.26 19.13
CA PHE G 676 85.84 -17.77 18.32
C PHE G 676 85.54 -16.84 17.15
N LYS G 677 86.51 -16.04 16.72
CA LYS G 677 86.31 -15.14 15.59
C LYS G 677 86.00 -15.95 14.34
N ASP G 678 85.13 -15.40 13.50
CA ASP G 678 84.64 -16.05 12.28
C ASP G 678 83.82 -17.30 12.59
N LYS G 679 83.38 -17.48 13.82
CA LYS G 679 82.50 -18.57 14.21
C LYS G 679 81.08 -18.04 14.28
N TYR G 680 80.23 -18.52 13.40
CA TYR G 680 78.81 -18.15 13.37
C TYR G 680 78.05 -19.27 14.07
N VAL G 681 77.45 -18.94 15.21
CA VAL G 681 76.80 -19.91 16.09
C VAL G 681 75.31 -19.62 16.13
N LEU G 682 74.53 -20.68 16.27
CA LEU G 682 73.10 -20.58 16.57
C LEU G 682 72.86 -21.34 17.86
N VAL G 683 72.59 -20.62 18.96
CA VAL G 683 72.41 -21.20 20.28
C VAL G 683 70.98 -21.00 20.71
N THR G 684 70.35 -22.09 21.19
CA THR G 684 69.02 -22.03 21.76
C THR G 684 69.07 -22.58 23.18
N GLY G 685 68.09 -22.18 23.99
CA GLY G 685 68.10 -22.52 25.40
C GLY G 685 69.22 -21.83 26.16
N ALA G 686 69.47 -20.56 25.85
CA ALA G 686 70.52 -19.77 26.48
C ALA G 686 69.95 -18.61 27.29
N GLY G 687 68.83 -18.83 27.98
CA GLY G 687 68.29 -17.81 28.85
C GLY G 687 69.12 -17.67 30.11
N ALA G 688 68.75 -16.67 30.92
CA ALA G 688 69.48 -16.40 32.14
C ALA G 688 69.43 -17.59 33.07
N GLY G 689 70.54 -17.83 33.77
CA GLY G 689 70.64 -18.96 34.68
C GLY G 689 70.62 -20.31 33.99
N SER G 690 71.36 -20.46 32.89
CA SER G 690 71.47 -21.74 32.20
C SER G 690 72.87 -21.88 31.64
N ILE G 691 73.20 -23.12 31.27
CA ILE G 691 74.50 -23.40 30.66
C ILE G 691 74.65 -22.67 29.34
N GLY G 692 73.54 -22.55 28.60
CA GLY G 692 73.59 -21.89 27.31
C GLY G 692 73.94 -20.42 27.41
N ALA G 693 73.48 -19.75 28.48
CA ALA G 693 73.83 -18.35 28.67
C ALA G 693 75.33 -18.18 28.88
N GLU G 694 75.94 -19.06 29.66
CA GLU G 694 77.38 -18.99 29.88
C GLU G 694 78.15 -19.34 28.61
N ILE G 695 77.63 -20.28 27.83
CA ILE G 695 78.23 -20.58 26.53
C ILE G 695 78.17 -19.35 25.64
N LEU G 696 77.03 -18.66 25.64
CA LEU G 696 76.90 -17.45 24.84
C LEU G 696 77.88 -16.37 25.30
N GLN G 697 78.03 -16.22 26.62
CA GLN G 697 79.00 -15.28 27.15
C GLN G 697 80.40 -15.60 26.64
N GLY G 698 80.78 -16.87 26.69
CA GLY G 698 82.09 -17.26 26.22
C GLY G 698 82.27 -17.05 24.73
N LEU G 699 81.26 -17.41 23.93
CA LEU G 699 81.34 -17.23 22.48
C LEU G 699 81.49 -15.76 22.13
N ILE G 700 80.67 -14.92 22.73
CA ILE G 700 80.70 -13.50 22.42
C ILE G 700 81.97 -12.86 22.97
N SER G 701 82.55 -13.42 24.04
CA SER G 701 83.86 -12.99 24.49
C SER G 701 84.94 -13.35 23.48
N GLY G 702 84.86 -14.55 22.92
CA GLY G 702 85.82 -15.01 21.92
C GLY G 702 85.63 -14.39 20.56
N GLY G 703 84.55 -13.64 20.35
CA GLY G 703 84.33 -12.93 19.11
C GLY G 703 83.36 -13.58 18.17
N ALA G 704 82.65 -14.61 18.60
CA ALA G 704 81.70 -15.29 17.75
C ALA G 704 80.53 -14.38 17.40
N LYS G 705 79.93 -14.65 16.25
CA LYS G 705 78.68 -14.01 15.84
C LYS G 705 77.57 -15.02 16.12
N VAL G 706 76.81 -14.76 17.18
CA VAL G 706 75.86 -15.72 17.71
C VAL G 706 74.45 -15.22 17.48
N ILE G 707 73.58 -16.11 17.03
CA ILE G 707 72.13 -15.93 17.08
C ILE G 707 71.63 -16.66 18.30
N VAL G 708 71.13 -15.91 19.28
CA VAL G 708 70.59 -16.48 20.51
C VAL G 708 69.06 -16.50 20.40
N THR G 709 68.50 -17.69 20.63
CA THR G 709 67.07 -17.89 20.73
C THR G 709 66.58 -17.61 22.14
N THR G 710 65.38 -17.06 22.24
CA THR G 710 64.67 -16.90 23.52
C THR G 710 63.23 -17.31 23.28
N SER G 711 62.74 -18.25 24.08
CA SER G 711 61.34 -18.64 24.02
C SER G 711 60.42 -17.63 24.71
N ARG G 712 60.98 -16.69 25.47
CA ARG G 712 60.22 -15.64 26.16
C ARG G 712 60.85 -14.31 25.79
N PHE G 713 60.42 -13.76 24.66
CA PHE G 713 60.95 -12.49 24.16
C PHE G 713 60.21 -11.35 24.84
N SER G 714 60.97 -10.47 25.50
CA SER G 714 60.38 -9.38 26.26
C SER G 714 61.45 -8.32 26.47
N LYS G 715 61.04 -7.20 27.06
CA LYS G 715 61.99 -6.12 27.34
C LYS G 715 63.04 -6.57 28.35
N LYS G 716 62.64 -7.36 29.35
CA LYS G 716 63.60 -7.85 30.34
C LYS G 716 64.68 -8.70 29.70
N VAL G 717 64.27 -9.64 28.84
CA VAL G 717 65.24 -10.50 28.17
C VAL G 717 66.09 -9.70 27.19
N THR G 718 65.48 -8.73 26.51
CA THR G 718 66.23 -7.88 25.60
C THR G 718 67.31 -7.11 26.35
N GLU G 719 66.99 -6.57 27.52
CA GLU G 719 67.98 -5.85 28.32
C GLU G 719 69.05 -6.80 28.84
N TYR G 720 68.66 -8.02 29.21
CA TYR G 720 69.63 -9.01 29.67
C TYR G 720 70.65 -9.30 28.57
N TYR G 721 70.19 -9.54 27.36
CA TYR G 721 71.14 -9.80 26.28
C TYR G 721 71.89 -8.54 25.88
N GLN G 722 71.26 -7.36 26.04
CA GLN G 722 71.95 -6.11 25.74
C GLN G 722 73.15 -5.91 26.64
N ASN G 723 72.96 -6.01 27.96
CA ASN G 723 74.10 -5.80 28.85
C ASN G 723 75.04 -7.00 28.86
N MET G 724 74.57 -8.20 28.48
CA MET G 724 75.51 -9.29 28.28
C MET G 724 76.45 -9.00 27.11
N TYR G 725 75.92 -8.45 26.01
CA TYR G 725 76.81 -8.05 24.92
C TYR G 725 77.67 -6.85 25.32
N ALA G 726 77.11 -5.93 26.10
CA ALA G 726 77.86 -4.74 26.51
C ALA G 726 79.04 -5.13 27.37
N ARG G 727 78.89 -6.19 28.18
CA ARG G 727 80.02 -6.70 28.94
C ARG G 727 80.96 -7.52 28.06
N TYR G 728 80.46 -8.61 27.49
CA TYR G 728 81.32 -9.63 26.89
C TYR G 728 81.50 -9.48 25.39
N GLY G 729 80.63 -8.75 24.70
CA GLY G 729 80.70 -8.66 23.25
C GLY G 729 82.02 -8.13 22.74
N ALA G 730 82.84 -9.01 22.18
CA ALA G 730 84.21 -8.69 21.80
C ALA G 730 84.27 -8.07 20.40
N ALA G 731 85.47 -7.64 20.04
CA ALA G 731 85.70 -7.09 18.70
C ALA G 731 85.36 -8.14 17.64
N GLY G 732 84.45 -7.78 16.75
CA GLY G 732 83.98 -8.67 15.71
C GLY G 732 82.75 -9.47 16.06
N SER G 733 82.37 -9.53 17.34
CA SER G 733 81.20 -10.29 17.75
C SER G 733 79.92 -9.55 17.40
N THR G 734 78.85 -10.33 17.22
CA THR G 734 77.54 -9.77 16.91
C THR G 734 76.49 -10.69 17.53
N LEU G 735 75.65 -10.14 18.40
CA LEU G 735 74.61 -10.91 19.06
C LEU G 735 73.25 -10.60 18.43
N ILE G 736 72.59 -11.62 17.91
CA ILE G 736 71.28 -11.51 17.30
C ILE G 736 70.29 -12.22 18.22
N VAL G 737 69.58 -11.46 19.03
CA VAL G 737 68.53 -12.01 19.88
C VAL G 737 67.28 -12.14 19.02
N VAL G 738 66.73 -13.35 18.92
CA VAL G 738 65.53 -13.57 18.11
C VAL G 738 64.45 -14.19 18.99
N PRO G 739 63.18 -13.80 18.87
CA PRO G 739 62.13 -14.64 19.42
C PRO G 739 62.09 -15.94 18.65
N PHE G 740 61.84 -17.03 19.35
CA PHE G 740 61.86 -18.33 18.68
C PHE G 740 61.24 -19.41 19.55
N ASN G 741 60.27 -20.11 19.00
CA ASN G 741 59.69 -21.30 19.60
C ASN G 741 60.28 -22.52 18.89
N GLN G 742 61.10 -23.29 19.59
CA GLN G 742 61.60 -24.54 19.02
C GLN G 742 60.53 -25.61 18.92
N GLY G 743 59.36 -25.39 19.51
CA GLY G 743 58.26 -26.32 19.37
C GLY G 743 57.51 -26.22 18.06
N SER G 744 57.84 -25.25 17.22
CA SER G 744 57.17 -25.05 15.93
C SER G 744 58.15 -25.27 14.79
N LYS G 745 57.79 -26.19 13.89
CA LYS G 745 58.58 -26.41 12.68
C LYS G 745 58.61 -25.14 11.83
N GLN G 746 57.50 -24.39 11.82
CA GLN G 746 57.48 -23.13 11.09
C GLN G 746 58.48 -22.14 11.67
N ASP G 747 58.57 -22.07 12.99
CA ASP G 747 59.58 -21.24 13.61
C ASP G 747 60.98 -21.70 13.25
N VAL G 748 61.22 -23.02 13.27
CA VAL G 748 62.54 -23.55 12.94
C VAL G 748 62.92 -23.16 11.51
N ASP G 749 62.02 -23.41 10.57
CA ASP G 749 62.27 -23.08 9.18
C ASP G 749 62.47 -21.58 8.99
N ALA G 750 61.64 -20.77 9.65
CA ALA G 750 61.73 -19.32 9.49
C ALA G 750 63.05 -18.79 10.05
N LEU G 751 63.47 -19.28 11.22
CA LEU G 751 64.74 -18.84 11.79
C LEU G 751 65.90 -19.24 10.91
N VAL G 752 65.89 -20.48 10.38
CA VAL G 752 66.99 -20.92 9.53
C VAL G 752 67.01 -20.11 8.24
N GLN G 753 65.82 -19.86 7.67
CA GLN G 753 65.73 -19.02 6.47
C GLN G 753 66.26 -17.62 6.75
N TYR G 754 65.95 -17.08 7.92
CA TYR G 754 66.40 -15.74 8.28
C TYR G 754 67.91 -15.71 8.45
N ILE G 755 68.48 -16.76 9.05
CA ILE G 755 69.93 -16.81 9.25
C ILE G 755 70.64 -16.89 7.90
N TYR G 756 70.11 -17.70 6.99
CA TYR G 756 70.81 -17.97 5.73
C TYR G 756 70.41 -17.03 4.60
N ASP G 757 69.40 -16.18 4.80
CA ASP G 757 69.04 -15.18 3.80
C ASP G 757 70.04 -14.02 3.86
N GLU G 758 70.22 -13.36 2.73
CA GLU G 758 71.16 -12.26 2.69
C GLU G 758 70.51 -10.99 3.24
N PRO G 759 71.32 -10.00 3.64
CA PRO G 759 70.72 -8.79 4.23
C PRO G 759 69.74 -8.07 3.31
N LYS G 760 69.95 -8.15 1.99
CA LYS G 760 69.03 -7.51 1.06
C LYS G 760 67.63 -8.11 1.14
N LYS G 761 67.54 -9.42 1.38
CA LYS G 761 66.26 -10.12 1.49
C LYS G 761 65.74 -10.15 2.92
N GLY G 762 66.39 -9.46 3.86
CA GLY G 762 65.92 -9.34 5.23
C GLY G 762 66.60 -10.28 6.20
N GLY G 763 67.43 -11.20 5.74
CA GLY G 763 68.11 -12.13 6.61
C GLY G 763 69.43 -11.57 7.14
N LEU G 764 70.25 -12.49 7.67
CA LEU G 764 71.56 -12.13 8.19
C LEU G 764 72.68 -12.36 7.18
N GLY G 765 72.48 -13.24 6.21
CA GLY G 765 73.54 -13.56 5.27
C GLY G 765 74.69 -14.29 5.92
N TRP G 766 74.39 -15.14 6.90
CA TRP G 766 75.39 -15.85 7.68
C TRP G 766 75.33 -17.33 7.37
N ASP G 767 76.48 -17.99 7.41
CA ASP G 767 76.57 -19.43 7.25
C ASP G 767 77.02 -20.01 8.60
N LEU G 768 76.15 -20.80 9.22
CA LEU G 768 76.39 -21.24 10.59
C LEU G 768 77.58 -22.17 10.68
N ASP G 769 78.50 -21.84 11.60
CA ASP G 769 79.62 -22.71 11.93
C ASP G 769 79.34 -23.65 13.08
N ALA G 770 78.38 -23.31 13.96
CA ALA G 770 78.05 -24.17 15.08
C ALA G 770 76.58 -24.03 15.40
N ILE G 771 75.99 -25.13 15.88
CA ILE G 771 74.62 -25.16 16.37
C ILE G 771 74.64 -25.77 17.76
N ILE G 772 74.00 -25.08 18.71
CA ILE G 772 73.96 -25.49 20.11
C ILE G 772 72.49 -25.48 20.52
N PRO G 773 71.71 -26.52 20.19
CA PRO G 773 70.28 -26.51 20.53
C PRO G 773 70.00 -27.04 21.94
N PHE G 774 70.23 -26.19 22.93
CA PHE G 774 70.01 -26.53 24.33
C PHE G 774 68.62 -26.15 24.81
N ALA G 775 67.73 -25.69 23.92
CA ALA G 775 66.37 -25.35 24.32
C ALA G 775 65.64 -26.60 24.77
N ALA G 776 65.02 -26.52 25.95
CA ALA G 776 64.31 -27.66 26.51
C ALA G 776 63.18 -27.14 27.39
N ILE G 777 62.20 -28.00 27.61
CA ILE G 777 61.04 -27.73 28.45
C ILE G 777 61.19 -28.61 29.70
N PRO G 778 61.11 -28.05 30.91
CA PRO G 778 61.26 -28.93 32.10
C PRO G 778 59.96 -29.68 32.37
N GLU G 779 60.07 -31.00 32.50
CA GLU G 779 58.93 -31.87 32.77
C GLU G 779 59.29 -32.79 33.92
N ASN G 780 58.64 -32.58 35.07
CA ASN G 780 58.87 -33.36 36.27
C ASN G 780 57.56 -33.98 36.73
N GLY G 781 57.66 -35.18 37.30
CA GLY G 781 56.49 -35.91 37.74
C GLY G 781 55.73 -36.61 36.64
N ASN G 782 56.27 -36.66 35.43
CA ASN G 782 55.62 -37.32 34.29
C ASN G 782 56.25 -38.69 34.09
N GLY G 783 55.56 -39.73 34.55
CA GLY G 783 55.96 -41.10 34.31
C GLY G 783 55.39 -41.65 33.02
N LEU G 784 55.44 -42.97 32.91
CA LEU G 784 54.88 -43.64 31.74
C LEU G 784 53.37 -43.40 31.64
N ASP G 785 52.67 -43.46 32.78
CA ASP G 785 51.23 -43.24 32.80
C ASP G 785 50.84 -41.77 32.72
N ASN G 786 51.79 -40.86 32.92
CA ASN G 786 51.53 -39.42 32.89
C ASN G 786 52.08 -38.76 31.62
N ILE G 787 52.48 -39.55 30.63
CA ILE G 787 52.92 -38.99 29.35
C ILE G 787 51.76 -38.22 28.76
N ASP G 788 51.92 -36.92 28.61
CA ASP G 788 50.84 -36.01 28.32
C ASP G 788 51.20 -35.08 27.15
N SER G 789 50.35 -34.08 26.94
CA SER G 789 50.61 -33.07 25.93
C SER G 789 51.93 -32.35 26.19
N LYS G 790 52.19 -32.02 27.45
CA LYS G 790 53.46 -31.38 27.79
C LYS G 790 54.63 -32.28 27.42
N SER G 791 54.53 -33.58 27.72
CA SER G 791 55.63 -34.48 27.43
C SER G 791 55.87 -34.60 25.94
N GLU G 792 54.80 -34.78 25.15
CA GLU G 792 54.97 -34.89 23.70
C GLU G 792 55.52 -33.60 23.11
N PHE G 793 55.03 -32.45 23.56
CA PHE G 793 55.53 -31.17 23.07
C PHE G 793 57.00 -30.98 23.40
N ALA G 794 57.38 -31.29 24.65
CA ALA G 794 58.77 -31.17 25.04
C ALA G 794 59.64 -32.10 24.20
N HIS G 795 59.20 -33.34 24.00
CA HIS G 795 59.96 -34.27 23.18
C HIS G 795 60.14 -33.73 21.78
N ARG G 796 59.08 -33.12 21.22
CA ARG G 796 59.20 -32.48 19.92
C ARG G 796 60.31 -31.44 19.94
N ILE G 797 60.31 -30.56 20.94
CA ILE G 797 61.35 -29.53 21.04
C ILE G 797 62.73 -30.16 21.09
N MET G 798 62.92 -31.14 21.99
CA MET G 798 64.27 -31.64 22.28
C MET G 798 64.82 -32.51 21.15
N LEU G 799 63.96 -33.27 20.47
CA LEU G 799 64.41 -34.20 19.44
C LEU G 799 63.99 -33.78 18.04
N THR G 800 62.70 -33.60 17.81
CA THR G 800 62.18 -33.60 16.45
C THR G 800 62.49 -32.28 15.76
N ASN G 801 62.16 -31.16 16.41
CA ASN G 801 62.48 -29.87 15.84
C ASN G 801 63.97 -29.61 15.85
N LEU G 802 64.71 -30.29 16.74
CA LEU G 802 66.17 -30.27 16.66
C LEU G 802 66.64 -30.89 15.34
N LEU G 803 66.14 -32.09 15.04
CA LEU G 803 66.49 -32.73 13.77
C LEU G 803 66.05 -31.89 12.59
N ARG G 804 64.88 -31.25 12.69
CA ARG G 804 64.41 -30.38 11.61
C ARG G 804 65.30 -29.16 11.45
N LEU G 805 65.79 -28.59 12.55
CA LEU G 805 66.70 -27.47 12.47
C LEU G 805 68.00 -27.87 11.78
N LEU G 806 68.56 -29.01 12.17
CA LEU G 806 69.75 -29.51 11.51
C LEU G 806 69.50 -29.74 10.02
N GLY G 807 68.36 -30.35 9.69
CA GLY G 807 68.04 -30.62 8.30
C GLY G 807 67.82 -29.35 7.49
N ALA G 808 67.22 -28.33 8.10
CA ALA G 808 67.02 -27.07 7.42
C ALA G 808 68.35 -26.39 7.14
N VAL G 809 69.26 -26.41 8.10
CA VAL G 809 70.60 -25.85 7.87
C VAL G 809 71.28 -26.60 6.73
N LYS G 810 71.19 -27.94 6.73
CA LYS G 810 71.80 -28.72 5.67
C LYS G 810 71.18 -28.38 4.31
N SER G 811 69.86 -28.24 4.25
CA SER G 811 69.20 -27.89 2.99
C SER G 811 69.64 -26.51 2.52
N LYS G 812 69.86 -25.58 3.45
CA LYS G 812 70.27 -24.24 3.08
C LYS G 812 71.72 -24.17 2.62
N LYS G 813 72.55 -25.13 3.01
CA LYS G 813 73.96 -25.10 2.62
C LYS G 813 74.18 -25.82 1.30
N PRO G 814 74.55 -25.11 0.20
CA PRO G 814 75.04 -25.82 -1.00
C PRO G 814 76.53 -26.10 -0.92
N THR G 815 77.24 -25.35 -0.07
CA THR G 815 78.65 -25.61 0.14
C THR G 815 78.85 -26.88 0.96
N ASP G 816 79.94 -27.58 0.68
CA ASP G 816 80.30 -28.79 1.40
C ASP G 816 81.59 -28.64 2.19
N THR G 817 82.14 -27.43 2.28
CA THR G 817 83.42 -27.19 2.91
C THR G 817 83.32 -26.34 4.18
N ARG G 818 82.11 -26.01 4.63
CA ARG G 818 81.90 -25.27 5.88
C ARG G 818 80.81 -25.95 6.69
N PRO G 819 81.12 -27.09 7.32
CA PRO G 819 80.12 -27.75 8.16
C PRO G 819 79.77 -26.94 9.39
N ALA G 820 78.56 -27.15 9.87
CA ALA G 820 78.09 -26.59 11.14
C ALA G 820 78.26 -27.65 12.23
N GLN G 821 78.87 -27.25 13.33
CA GLN G 821 79.10 -28.17 14.44
C GLN G 821 77.90 -28.19 15.36
N CYS G 822 77.16 -29.29 15.34
CA CYS G 822 75.97 -29.46 16.17
C CYS G 822 76.37 -30.02 17.52
N ILE G 823 76.26 -29.20 18.56
CA ILE G 823 76.60 -29.59 19.93
C ILE G 823 75.33 -30.15 20.54
N LEU G 824 75.18 -31.47 20.47
CA LEU G 824 73.97 -32.11 20.97
C LEU G 824 74.04 -32.23 22.49
N PRO G 825 73.03 -31.74 23.24
CA PRO G 825 73.09 -31.89 24.71
C PRO G 825 72.68 -33.29 25.17
N LEU G 826 73.59 -34.24 25.02
CA LEU G 826 73.32 -35.59 25.46
C LEU G 826 73.32 -35.68 26.98
N SER G 827 72.64 -36.68 27.49
CA SER G 827 72.56 -36.94 28.92
C SER G 827 73.15 -38.31 29.22
N PRO G 828 73.77 -38.49 30.39
CA PRO G 828 74.24 -39.83 30.77
C PRO G 828 73.16 -40.71 31.36
N ASN G 829 72.03 -40.14 31.74
CA ASN G 829 70.98 -40.83 32.48
C ASN G 829 69.74 -40.89 31.58
N HIS G 830 69.55 -42.05 30.94
CA HIS G 830 68.42 -42.27 30.03
C HIS G 830 67.40 -43.13 30.79
N GLY G 831 66.54 -42.48 31.56
CA GLY G 831 65.49 -43.14 32.30
C GLY G 831 65.89 -43.64 33.67
N THR G 832 67.18 -43.56 34.02
CA THR G 832 67.60 -44.02 35.35
C THR G 832 66.99 -43.14 36.45
N PHE G 833 66.93 -41.84 36.22
CA PHE G 833 66.22 -40.96 37.14
C PHE G 833 64.72 -41.12 36.95
N GLY G 834 63.96 -40.45 37.80
CA GLY G 834 62.55 -40.74 37.90
C GLY G 834 61.69 -40.12 36.81
N PHE G 835 60.63 -39.44 37.22
CA PHE G 835 59.53 -39.09 36.33
C PHE G 835 59.89 -37.84 35.53
N ASP G 836 60.41 -38.05 34.32
CA ASP G 836 60.85 -36.96 33.47
C ASP G 836 60.17 -36.94 32.10
N GLY G 837 59.02 -37.58 31.96
CA GLY G 837 58.32 -37.58 30.67
C GLY G 837 59.14 -38.25 29.59
N LEU G 838 59.28 -37.58 28.45
CA LEU G 838 60.04 -38.07 27.32
C LEU G 838 61.44 -37.47 27.24
N TYR G 839 61.94 -36.91 28.34
CA TYR G 839 63.26 -36.29 28.34
C TYR G 839 64.35 -37.31 27.99
N SER G 840 64.33 -38.46 28.67
CA SER G 840 65.32 -39.50 28.40
C SER G 840 65.18 -40.02 26.98
N GLU G 841 63.94 -40.14 26.49
CA GLU G 841 63.71 -40.61 25.13
C GLU G 841 64.33 -39.64 24.12
N SER G 842 64.13 -38.34 24.33
CA SER G 842 64.73 -37.35 23.44
C SER G 842 66.25 -37.41 23.49
N LYS G 843 66.81 -37.50 24.70
CA LYS G 843 68.26 -37.47 24.83
C LYS G 843 68.90 -38.70 24.19
N ILE G 844 68.32 -39.88 24.38
CA ILE G 844 68.89 -41.08 23.79
C ILE G 844 68.64 -41.09 22.28
N SER G 845 67.51 -40.56 21.83
CA SER G 845 67.26 -40.47 20.39
C SER G 845 68.26 -39.56 19.71
N LEU G 846 68.77 -38.55 20.42
CA LEU G 846 69.80 -37.71 19.84
C LEU G 846 71.10 -38.47 19.57
N GLU G 847 71.27 -39.65 20.16
CA GLU G 847 72.50 -40.41 19.96
C GLU G 847 72.56 -41.08 18.60
N THR G 848 71.43 -41.22 17.89
CA THR G 848 71.45 -41.83 16.57
C THR G 848 72.17 -40.96 15.54
N LEU G 849 72.31 -39.66 15.82
CA LEU G 849 72.95 -38.76 14.87
C LEU G 849 74.39 -39.17 14.59
N PHE G 850 75.02 -39.86 15.54
CA PHE G 850 76.38 -40.36 15.33
C PHE G 850 76.43 -41.37 14.18
N ASN G 851 75.47 -42.28 14.14
CA ASN G 851 75.40 -43.23 13.04
C ASN G 851 74.85 -42.59 11.77
N ARG G 852 73.88 -41.68 11.93
CA ARG G 852 73.28 -41.03 10.77
C ARG G 852 74.27 -40.11 10.07
N TRP G 853 75.32 -39.68 10.77
CA TRP G 853 76.35 -38.89 10.11
C TRP G 853 77.00 -39.66 8.97
N TYR G 854 77.25 -40.95 9.17
CA TYR G 854 77.80 -41.81 8.13
C TYR G 854 76.73 -42.26 7.14
N SER G 855 75.61 -42.76 7.65
CA SER G 855 74.63 -43.45 6.82
C SER G 855 73.94 -42.52 5.83
N GLU G 856 73.91 -41.23 6.11
CA GLU G 856 73.21 -40.25 5.29
C GLU G 856 74.23 -39.34 4.62
N ASP G 857 73.72 -38.34 3.89
CA ASP G 857 74.54 -37.48 3.05
C ASP G 857 74.65 -36.05 3.58
N TRP G 858 74.55 -35.86 4.90
CA TRP G 858 74.71 -34.55 5.52
C TRP G 858 76.01 -34.46 6.33
N GLY G 859 76.96 -35.35 6.08
CA GLY G 859 78.21 -35.30 6.81
C GLY G 859 79.03 -34.06 6.50
N SER G 860 79.09 -33.68 5.23
CA SER G 860 79.85 -32.51 4.81
C SER G 860 79.17 -31.20 5.19
N LYS G 861 77.92 -31.23 5.63
CA LYS G 861 77.18 -30.04 6.01
C LYS G 861 77.04 -29.86 7.51
N LEU G 862 76.98 -30.96 8.27
CA LEU G 862 76.90 -30.90 9.73
C LEU G 862 77.84 -31.93 10.33
N THR G 863 78.40 -31.59 11.49
CA THR G 863 79.27 -32.48 12.25
C THR G 863 78.69 -32.66 13.64
N VAL G 864 78.57 -33.93 14.06
CA VAL G 864 77.92 -34.26 15.32
C VAL G 864 78.94 -34.22 16.43
N CYS G 865 78.64 -33.42 17.48
CA CYS G 865 79.44 -33.38 18.71
C CYS G 865 78.45 -33.56 19.84
N GLY G 866 78.25 -34.81 20.25
CA GLY G 866 77.35 -35.12 21.34
C GLY G 866 78.03 -34.96 22.68
N ALA G 867 77.71 -33.88 23.39
CA ALA G 867 78.30 -33.60 24.69
C ALA G 867 77.39 -34.19 25.76
N VAL G 868 77.85 -35.25 26.40
CA VAL G 868 77.13 -35.86 27.52
C VAL G 868 77.39 -34.94 28.71
N ILE G 869 76.43 -34.05 28.96
CA ILE G 869 76.57 -33.05 30.02
C ILE G 869 76.34 -33.70 31.37
N GLY G 870 77.23 -33.43 32.32
CA GLY G 870 77.13 -33.98 33.64
C GLY G 870 76.25 -33.17 34.56
N TRP G 871 76.25 -33.57 35.83
CA TRP G 871 75.52 -32.86 36.88
C TRP G 871 76.04 -31.42 36.92
N THR G 872 75.18 -30.48 36.56
CA THR G 872 75.50 -29.06 36.57
C THR G 872 74.65 -28.35 37.62
N ARG G 873 75.28 -27.46 38.36
CA ARG G 873 74.60 -26.75 39.45
C ARG G 873 73.95 -25.49 38.91
N GLY G 874 72.63 -25.40 39.07
CA GLY G 874 71.89 -24.22 38.66
C GLY G 874 72.34 -22.98 39.39
N THR G 875 72.59 -21.90 38.64
CA THR G 875 73.03 -20.65 39.25
C THR G 875 72.77 -19.48 38.29
N SER G 879 68.29 -26.36 41.75
CA SER G 879 68.43 -25.91 43.13
C SER G 879 68.03 -27.02 44.11
N ALA G 880 67.15 -27.91 43.66
CA ALA G 880 66.76 -29.05 44.49
C ALA G 880 67.89 -30.07 44.60
N ASN G 881 68.73 -30.15 43.57
CA ASN G 881 69.86 -31.07 43.55
C ASN G 881 71.15 -30.44 44.07
N ASN G 882 71.20 -29.11 44.19
CA ASN G 882 72.40 -28.46 44.70
C ASN G 882 72.70 -28.87 46.13
N ILE G 883 71.67 -29.21 46.91
CA ILE G 883 71.88 -29.58 48.31
C ILE G 883 72.60 -30.92 48.41
N ILE G 884 72.38 -31.81 47.45
CA ILE G 884 73.00 -33.14 47.44
C ILE G 884 74.22 -33.16 46.53
N ALA G 885 74.50 -32.03 45.87
CA ALA G 885 75.71 -31.91 45.06
C ALA G 885 76.95 -32.25 45.89
N GLU G 886 77.04 -31.73 47.12
CA GLU G 886 78.20 -32.02 47.95
C GLU G 886 78.30 -33.51 48.28
N GLY G 887 77.16 -34.13 48.59
CA GLY G 887 77.18 -35.55 48.91
C GLY G 887 77.63 -36.40 47.75
N ILE G 888 77.13 -36.10 46.55
CA ILE G 888 77.57 -36.87 45.39
C ILE G 888 79.04 -36.57 45.08
N GLU G 889 79.50 -35.35 45.37
CA GLU G 889 80.91 -35.03 45.12
C GLU G 889 81.84 -35.74 46.08
N LYS G 890 81.41 -35.98 47.31
CA LYS G 890 82.30 -36.45 48.36
C LYS G 890 82.92 -37.82 48.06
N LEU G 891 82.33 -38.61 47.18
CA LEU G 891 82.77 -39.97 46.95
C LEU G 891 83.80 -40.11 45.83
N GLY G 892 84.24 -39.00 45.23
CA GLY G 892 85.27 -39.04 44.21
C GLY G 892 84.82 -38.48 42.87
N VAL G 893 83.58 -38.79 42.47
CA VAL G 893 82.99 -38.15 41.30
C VAL G 893 82.74 -36.70 41.67
N ARG G 894 82.41 -35.87 40.68
CA ARG G 894 82.28 -34.44 40.93
C ARG G 894 81.05 -33.84 40.25
N THR G 895 80.83 -32.56 40.50
CA THR G 895 79.65 -31.86 40.02
C THR G 895 80.11 -30.50 39.51
N PHE G 896 79.60 -30.09 38.36
CA PHE G 896 80.07 -28.89 37.69
C PHE G 896 79.17 -27.70 37.97
N SER G 897 79.76 -26.52 37.91
CA SER G 897 79.00 -25.28 37.86
C SER G 897 78.60 -24.99 36.42
N GLN G 898 77.68 -24.04 36.25
CA GLN G 898 77.28 -23.66 34.91
C GLN G 898 78.46 -23.08 34.14
N LYS G 899 79.33 -22.33 34.82
CA LYS G 899 80.53 -21.80 34.18
C LYS G 899 81.48 -22.91 33.76
N GLU G 900 81.65 -23.92 34.61
CA GLU G 900 82.53 -25.04 34.25
C GLU G 900 81.97 -25.81 33.06
N MET G 901 80.65 -26.05 33.06
CA MET G 901 80.03 -26.75 31.93
C MET G 901 80.18 -25.95 30.65
N ALA G 902 79.98 -24.64 30.73
CA ALA G 902 80.15 -23.79 29.56
C ALA G 902 81.59 -23.80 29.07
N PHE G 903 82.54 -23.79 30.01
CA PHE G 903 83.95 -23.88 29.61
C PHE G 903 84.23 -25.19 28.90
N ASN G 904 83.65 -26.29 29.38
CA ASN G 904 83.85 -27.58 28.73
C ASN G 904 83.29 -27.58 27.31
N ILE G 905 82.08 -27.05 27.14
CA ILE G 905 81.46 -27.06 25.82
C ILE G 905 82.17 -26.08 24.88
N LEU G 906 82.62 -24.94 25.40
CA LEU G 906 83.35 -23.99 24.58
C LEU G 906 84.70 -24.57 24.16
N GLY G 907 85.33 -25.35 25.04
CA GLY G 907 86.51 -26.10 24.63
C GLY G 907 86.19 -27.13 23.58
N LEU G 908 85.01 -27.75 23.68
CA LEU G 908 84.55 -28.63 22.61
C LEU G 908 84.31 -27.88 21.32
N LEU G 909 84.17 -26.56 21.38
CA LEU G 909 84.17 -25.72 20.18
C LEU G 909 85.58 -25.25 19.80
N THR G 910 86.63 -25.97 20.21
CA THR G 910 87.99 -25.60 19.83
C THR G 910 88.26 -25.93 18.37
N PRO G 911 89.28 -25.32 17.77
CA PRO G 911 89.65 -25.69 16.39
C PRO G 911 90.03 -27.16 16.26
N GLU G 912 90.68 -27.74 17.28
CA GLU G 912 91.10 -29.12 17.19
C GLU G 912 89.90 -30.07 17.27
N ILE G 913 88.96 -29.79 18.17
CA ILE G 913 87.77 -30.61 18.25
C ILE G 913 86.85 -30.31 17.07
N VAL G 914 86.91 -29.10 16.51
CA VAL G 914 86.12 -28.80 15.32
C VAL G 914 86.55 -29.69 14.16
N GLN G 915 87.86 -29.74 13.89
CA GLN G 915 88.34 -30.61 12.82
C GLN G 915 88.15 -32.08 13.17
N LEU G 916 88.26 -32.43 14.46
CA LEU G 916 88.00 -33.81 14.87
C LEU G 916 86.56 -34.19 14.58
N CYS G 917 85.62 -33.29 14.84
CA CYS G 917 84.21 -33.54 14.50
C CYS G 917 84.02 -33.60 12.99
N GLN G 918 84.77 -32.77 12.25
CA GLN G 918 84.66 -32.77 10.80
C GLN G 918 85.05 -34.12 10.22
N GLU G 919 86.12 -34.72 10.73
CA GLU G 919 86.58 -36.01 10.23
C GLU G 919 85.91 -37.20 10.89
N GLU G 920 85.28 -37.01 12.05
CA GLU G 920 84.73 -38.11 12.83
C GLU G 920 83.79 -37.55 13.90
N PRO G 921 82.54 -38.02 13.99
CA PRO G 921 81.66 -37.52 15.05
C PRO G 921 82.26 -37.71 16.44
N VAL G 922 82.13 -36.68 17.27
CA VAL G 922 82.76 -36.64 18.58
C VAL G 922 81.70 -36.90 19.65
N MET G 923 82.01 -37.82 20.56
CA MET G 923 81.19 -38.07 21.76
C MET G 923 82.04 -37.59 22.93
N ALA G 924 81.62 -36.48 23.54
CA ALA G 924 82.37 -35.86 24.63
C ALA G 924 81.67 -36.14 25.94
N ASP G 925 82.14 -37.16 26.66
CA ASP G 925 81.63 -37.46 27.98
C ASP G 925 82.17 -36.41 28.93
N LEU G 926 81.37 -35.37 29.16
CA LEU G 926 81.68 -34.35 30.15
C LEU G 926 81.05 -34.66 31.50
N ASN G 927 80.42 -35.83 31.64
CA ASN G 927 79.96 -36.30 32.94
C ASN G 927 81.14 -36.40 33.89
N GLY G 928 80.97 -35.86 35.09
CA GLY G 928 82.07 -35.77 36.03
C GLY G 928 82.26 -37.04 36.83
N GLY G 929 82.38 -38.17 36.14
CA GLY G 929 82.55 -39.45 36.81
C GLY G 929 81.27 -40.09 37.29
N LEU G 930 80.11 -39.49 37.01
CA LEU G 930 78.85 -40.05 37.51
C LEU G 930 78.54 -41.40 36.89
N GLN G 931 79.08 -41.71 35.72
CA GLN G 931 78.80 -42.99 35.08
C GLN G 931 79.27 -44.17 35.91
N PHE G 932 80.24 -43.96 36.80
CA PHE G 932 80.81 -45.03 37.60
C PHE G 932 80.08 -45.25 38.92
N ILE G 933 78.89 -44.68 39.09
CA ILE G 933 78.09 -44.84 40.30
C ILE G 933 76.99 -45.86 40.01
N ASP G 934 76.98 -46.94 40.78
CA ASP G 934 75.93 -47.95 40.66
C ASP G 934 74.68 -47.45 41.36
N ASN G 935 73.53 -47.58 40.69
CA ASN G 935 72.24 -47.17 41.22
C ASN G 935 72.26 -45.68 41.62
N LEU G 936 72.46 -44.84 40.60
CA LEU G 936 72.59 -43.41 40.84
C LEU G 936 71.31 -42.82 41.41
N LYS G 937 70.15 -43.24 40.89
CA LYS G 937 68.89 -42.70 41.41
C LYS G 937 68.69 -43.09 42.86
N ASP G 938 68.98 -44.35 43.21
CA ASP G 938 68.81 -44.78 44.59
C ASP G 938 69.78 -44.05 45.51
N PHE G 939 71.03 -43.88 45.08
CA PHE G 939 72.00 -43.14 45.88
C PHE G 939 71.58 -41.69 46.05
N THR G 940 71.08 -41.07 44.99
CA THR G 940 70.63 -39.69 45.06
C THR G 940 69.45 -39.55 46.04
N SER G 941 68.48 -40.47 45.94
CA SER G 941 67.35 -40.43 46.86
C SER G 941 67.81 -40.65 48.30
N LYS G 942 68.78 -41.56 48.50
CA LYS G 942 69.31 -41.80 49.84
C LYS G 942 69.95 -40.54 50.40
N LEU G 943 70.74 -39.84 49.57
CA LEU G 943 71.38 -38.62 50.03
C LEU G 943 70.35 -37.55 50.37
N ARG G 944 69.39 -37.34 49.48
CA ARG G 944 68.40 -36.28 49.72
C ARG G 944 67.54 -36.61 50.93
N THR G 945 67.13 -37.88 51.09
CA THR G 945 66.28 -38.22 52.22
C THR G 945 67.06 -38.17 53.52
N ASP G 946 68.35 -38.51 53.50
CA ASP G 946 69.16 -38.34 54.71
C ASP G 946 69.27 -36.88 55.09
N LEU G 947 69.52 -36.01 54.11
CA LEU G 947 69.65 -34.59 54.40
C LEU G 947 68.32 -34.02 54.92
N LEU G 948 67.21 -34.41 54.30
CA LEU G 948 65.90 -33.91 54.74
C LEU G 948 65.54 -34.46 56.11
N GLU G 949 65.78 -35.75 56.35
CA GLU G 949 65.50 -36.37 57.64
C GLU G 949 66.44 -35.88 58.74
N THR G 950 67.54 -35.22 58.39
CA THR G 950 68.35 -34.52 59.38
C THR G 950 67.82 -33.12 59.65
N ALA G 951 67.60 -32.35 58.58
CA ALA G 951 67.16 -30.96 58.75
C ALA G 951 65.81 -30.88 59.44
N ASP G 952 64.86 -31.74 59.05
CA ASP G 952 63.51 -31.64 59.60
C ASP G 952 63.47 -32.06 61.06
N ILE G 953 64.24 -33.10 61.44
CA ILE G 953 64.25 -33.49 62.84
C ILE G 953 64.95 -32.42 63.68
N ARG G 954 66.00 -31.80 63.15
CA ARG G 954 66.63 -30.71 63.88
C ARG G 954 65.68 -29.55 64.06
N ARG G 955 64.92 -29.21 63.02
CA ARG G 955 63.95 -28.13 63.11
C ARG G 955 62.85 -28.46 64.12
N ALA G 956 62.34 -29.69 64.10
CA ALA G 956 61.29 -30.07 65.04
C ALA G 956 61.79 -30.05 66.47
N VAL G 957 63.01 -30.55 66.70
CA VAL G 957 63.57 -30.55 68.04
C VAL G 957 63.78 -29.12 68.51
N SER G 958 64.23 -28.23 67.62
CA SER G 958 64.37 -26.83 67.99
C SER G 958 63.03 -26.20 68.33
N ILE G 959 62.01 -26.50 67.52
CA ILE G 959 60.67 -25.94 67.76
C ILE G 959 60.17 -26.37 69.13
N GLU G 960 60.26 -27.67 69.42
CA GLU G 960 59.70 -28.18 70.66
C GLU G 960 60.55 -27.79 71.87
N SER G 961 61.87 -27.66 71.69
CA SER G 961 62.69 -27.13 72.78
C SER G 961 62.34 -25.68 73.08
N ALA G 962 62.09 -24.88 72.03
CA ALA G 962 61.65 -23.51 72.25
C ALA G 962 60.31 -23.47 72.97
N ILE G 963 59.38 -24.36 72.59
CA ILE G 963 58.08 -24.40 73.27
C ILE G 963 58.25 -24.82 74.72
N GLU G 964 59.12 -25.79 74.99
CA GLU G 964 59.37 -26.22 76.37
C GLU G 964 59.96 -25.08 77.19
N GLN G 965 60.91 -24.34 76.62
CA GLN G 965 61.47 -23.19 77.31
C GLN G 965 60.40 -22.14 77.58
N LYS G 966 59.55 -21.90 76.59
CA LYS G 966 58.47 -20.91 76.78
C LYS G 966 57.52 -21.35 77.87
N VAL G 967 57.21 -22.65 77.95
CA VAL G 967 56.33 -23.14 78.99
C VAL G 967 56.98 -22.96 80.37
N VAL G 968 58.26 -23.30 80.48
CA VAL G 968 58.93 -23.24 81.77
C VAL G 968 59.10 -21.78 82.22
N ASN G 969 59.39 -20.87 81.29
CA ASN G 969 59.69 -19.48 81.62
C ASN G 969 58.51 -18.54 81.44
N GLY G 970 57.32 -19.04 81.10
CA GLY G 970 56.16 -18.20 80.92
C GLY G 970 56.25 -17.32 79.69
N LYS G 979 63.66 -7.84 69.64
CA LYS G 979 63.95 -6.43 69.42
C LYS G 979 62.94 -5.83 68.45
N VAL G 980 62.63 -4.55 68.64
CA VAL G 980 61.65 -3.83 67.81
C VAL G 980 62.42 -3.04 66.76
N MET G 981 62.10 -3.31 65.49
CA MET G 981 62.76 -2.62 64.38
C MET G 981 62.13 -1.26 64.16
N VAL G 982 62.85 -0.40 63.43
CA VAL G 982 62.39 0.95 63.12
C VAL G 982 61.74 0.93 61.76
N GLU G 983 60.50 1.39 61.71
CA GLU G 983 59.69 1.36 60.49
C GLU G 983 60.06 2.53 59.59
N PRO G 984 60.83 2.32 58.52
CA PRO G 984 61.35 3.47 57.75
C PRO G 984 60.23 4.29 57.12
N ARG G 985 60.46 5.60 57.05
CA ARG G 985 59.54 6.51 56.37
C ARG G 985 60.34 7.59 55.67
N ALA G 986 59.67 8.25 54.71
CA ALA G 986 60.37 9.13 53.77
C ALA G 986 61.07 10.27 54.49
N ASN G 987 62.31 10.50 54.09
CA ASN G 987 63.15 11.58 54.57
C ASN G 987 63.30 12.64 53.49
N MET G 988 62.18 12.95 52.83
CA MET G 988 62.20 13.80 51.64
C MET G 988 62.88 15.14 51.92
N LYS G 989 63.97 15.40 51.20
CA LYS G 989 64.61 16.71 51.21
C LYS G 989 64.68 17.24 49.79
N PHE G 990 64.99 18.52 49.64
CA PHE G 990 65.24 19.09 48.32
C PHE G 990 66.69 19.00 47.89
N ASP G 991 67.62 18.85 48.84
CA ASP G 991 69.03 18.63 48.54
C ASP G 991 69.57 19.75 47.65
N PHE G 992 69.65 20.95 48.22
CA PHE G 992 70.38 22.05 47.62
C PHE G 992 71.81 21.57 47.36
N PRO G 993 72.56 22.23 46.48
CA PRO G 993 73.95 21.80 46.25
C PRO G 993 74.76 21.82 47.53
N THR G 994 75.54 20.76 47.74
CA THR G 994 76.35 20.64 48.94
C THR G 994 77.43 21.71 48.91
N LEU G 995 77.30 22.69 49.81
CA LEU G 995 78.27 23.78 49.88
C LEU G 995 79.48 23.30 50.68
N LYS G 996 80.61 23.18 49.99
CA LYS G 996 81.81 22.61 50.58
C LYS G 996 82.63 23.72 51.23
N SER G 997 83.67 23.32 51.97
CA SER G 997 84.46 24.29 52.70
C SER G 997 85.20 25.22 51.73
N TYR G 998 85.46 26.45 52.19
CA TYR G 998 86.12 27.43 51.33
C TYR G 998 87.51 26.98 50.94
N ASP G 999 88.25 26.39 51.87
CA ASP G 999 89.58 25.88 51.55
C ASP G 999 89.51 24.85 50.43
N GLU G 1000 88.52 23.96 50.50
CA GLU G 1000 88.45 22.88 49.53
C GLU G 1000 87.97 23.39 48.18
N ILE G 1001 87.11 24.41 48.18
CA ILE G 1001 86.67 25.02 46.91
C ILE G 1001 87.82 25.81 46.26
N LYS G 1002 88.61 26.51 47.08
CA LYS G 1002 89.78 27.19 46.53
C LYS G 1002 90.85 26.20 46.09
N GLN G 1003 90.84 24.99 46.65
CA GLN G 1003 91.67 23.92 46.10
C GLN G 1003 91.12 23.43 44.77
N ILE G 1004 89.79 23.39 44.64
CA ILE G 1004 89.17 22.97 43.37
C ILE G 1004 89.56 23.91 42.26
N ALA G 1005 89.37 25.22 42.48
CA ALA G 1005 89.55 26.22 41.43
C ALA G 1005 90.76 27.09 41.71
N PRO G 1006 91.41 27.63 40.67
CA PRO G 1006 92.64 28.41 40.90
C PRO G 1006 92.36 29.76 41.53
N GLU G 1007 93.40 30.60 41.67
CA GLU G 1007 93.27 31.89 42.35
C GLU G 1007 92.46 32.82 41.46
N LEU G 1008 91.14 32.63 41.49
CA LEU G 1008 90.20 33.35 40.67
C LEU G 1008 89.50 34.48 41.44
N GLU G 1009 89.98 34.81 42.63
CA GLU G 1009 89.27 35.73 43.50
C GLU G 1009 89.24 37.14 42.92
N GLY G 1010 88.06 37.75 42.94
CA GLY G 1010 87.90 39.12 42.55
C GLY G 1010 88.27 39.39 41.10
N MET G 1011 87.86 38.50 40.21
CA MET G 1011 88.14 38.63 38.77
C MET G 1011 86.88 38.73 37.94
N LEU G 1012 85.84 37.99 38.27
CA LEU G 1012 84.61 37.94 37.49
C LEU G 1012 83.61 38.95 38.03
N ASP G 1013 82.92 39.62 37.12
CA ASP G 1013 81.80 40.49 37.48
C ASP G 1013 80.60 39.60 37.82
N LEU G 1014 80.37 39.39 39.11
CA LEU G 1014 79.31 38.49 39.53
C LEU G 1014 77.95 39.01 39.13
N GLU G 1015 77.81 40.33 38.96
CA GLU G 1015 76.61 40.88 38.33
C GLU G 1015 76.44 40.36 36.91
N ASN G 1016 77.53 40.12 36.19
CA ASN G 1016 77.49 39.63 34.82
C ASN G 1016 77.68 38.12 34.72
N VAL G 1017 77.76 37.42 35.85
CA VAL G 1017 77.77 35.96 35.88
C VAL G 1017 76.37 35.49 36.25
N VAL G 1018 75.77 34.68 35.38
CA VAL G 1018 74.41 34.17 35.57
C VAL G 1018 74.49 32.74 36.08
N VAL G 1019 73.64 32.43 37.07
CA VAL G 1019 73.66 31.14 37.74
C VAL G 1019 72.24 30.61 37.83
N VAL G 1020 72.09 29.30 37.63
CA VAL G 1020 70.82 28.64 37.85
C VAL G 1020 70.65 28.49 39.36
N THR G 1021 69.64 29.16 39.91
CA THR G 1021 69.40 29.12 41.35
C THR G 1021 68.31 28.12 41.71
N GLY G 1022 67.35 27.89 40.83
CA GLY G 1022 66.32 26.90 41.09
C GLY G 1022 65.89 26.23 39.81
N PHE G 1023 65.23 25.09 39.95
CA PHE G 1023 64.69 24.40 38.78
C PHE G 1023 63.64 23.39 39.23
N ALA G 1024 62.81 22.98 38.28
CA ALA G 1024 61.78 21.99 38.56
C ALA G 1024 61.25 21.42 37.24
N GLU G 1025 60.41 20.41 37.35
CA GLU G 1025 59.80 19.75 36.20
C GLU G 1025 58.37 19.36 36.52
N VAL G 1026 57.60 19.19 35.45
CA VAL G 1026 56.36 18.43 35.47
C VAL G 1026 56.43 17.57 34.21
N GLY G 1027 56.72 16.28 34.38
CA GLY G 1027 56.95 15.40 33.26
C GLY G 1027 56.37 14.01 33.46
N PRO G 1028 56.67 13.11 32.53
CA PRO G 1028 56.13 11.74 32.64
C PRO G 1028 56.58 11.00 33.88
N TRP G 1029 57.67 11.42 34.52
CA TRP G 1029 58.14 10.82 35.76
C TRP G 1029 58.05 11.82 36.90
N GLY G 1030 56.93 12.53 36.94
CA GLY G 1030 56.70 13.54 37.95
C GLY G 1030 57.58 14.76 37.77
N ASN G 1031 58.29 15.13 38.83
CA ASN G 1031 59.08 16.35 38.88
C ASN G 1031 60.57 16.00 38.70
N SER G 1032 61.44 17.00 38.93
CA SER G 1032 62.87 16.80 38.76
C SER G 1032 63.39 15.69 39.66
N ARG G 1033 62.94 15.64 40.92
CA ARG G 1033 63.47 14.65 41.86
C ARG G 1033 63.16 13.22 41.40
N THR G 1034 61.89 12.94 41.13
CA THR G 1034 61.51 11.59 40.73
C THR G 1034 62.06 11.24 39.36
N ARG G 1035 62.05 12.20 38.43
CA ARG G 1035 62.62 11.95 37.12
C ARG G 1035 64.10 11.64 37.21
N TRP G 1036 64.84 12.37 38.06
CA TRP G 1036 66.26 12.11 38.23
C TRP G 1036 66.49 10.75 38.88
N GLU G 1037 65.65 10.37 39.84
CA GLU G 1037 65.80 9.04 40.43
C GLU G 1037 65.63 7.97 39.37
N MET G 1038 64.58 8.07 38.56
CA MET G 1038 64.35 7.07 37.52
C MET G 1038 65.43 7.11 36.44
N GLU G 1039 66.05 8.28 36.23
CA GLU G 1039 67.06 8.39 35.18
C GLU G 1039 68.39 7.83 35.65
N ALA G 1040 68.86 8.25 36.82
CA ALA G 1040 70.17 7.84 37.31
C ALA G 1040 70.17 6.43 37.88
N TYR G 1041 69.03 5.91 38.34
CA TYR G 1041 69.01 4.63 39.04
C TYR G 1041 68.04 3.63 38.41
N GLY G 1042 67.03 4.11 37.70
CA GLY G 1042 66.06 3.24 37.08
C GLY G 1042 65.04 2.66 38.03
N GLU G 1043 65.11 3.01 39.32
CA GLU G 1043 64.13 2.58 40.30
C GLU G 1043 63.89 3.72 41.27
N PHE G 1044 62.68 3.77 41.81
CA PHE G 1044 62.34 4.79 42.81
C PHE G 1044 62.76 4.33 44.19
N SER G 1045 63.39 5.23 44.94
CA SER G 1045 63.69 4.96 46.34
C SER G 1045 62.42 5.09 47.16
N LEU G 1046 62.55 5.07 48.49
CA LEU G 1046 61.38 5.27 49.34
C LEU G 1046 60.79 6.66 49.13
N GLU G 1047 61.66 7.67 49.15
CA GLU G 1047 61.20 9.04 48.92
C GLU G 1047 60.62 9.20 47.51
N GLY G 1048 61.27 8.59 46.51
CA GLY G 1048 60.76 8.68 45.16
C GLY G 1048 59.39 8.03 45.02
N ALA G 1049 59.22 6.85 45.60
CA ALA G 1049 57.94 6.16 45.53
C ALA G 1049 56.85 6.96 46.22
N ILE G 1050 57.15 7.53 47.38
CA ILE G 1050 56.11 8.27 48.10
C ILE G 1050 55.77 9.55 47.35
N GLU G 1051 56.77 10.23 46.78
CA GLU G 1051 56.49 11.42 45.99
C GLU G 1051 55.66 11.07 44.76
N MET G 1052 55.98 9.97 44.09
CA MET G 1052 55.20 9.55 42.93
C MET G 1052 53.76 9.24 43.31
N ALA G 1053 53.57 8.52 44.41
CA ALA G 1053 52.22 8.21 44.88
C ALA G 1053 51.46 9.49 45.24
N TRP G 1054 52.15 10.45 45.85
CA TRP G 1054 51.50 11.70 46.22
C TRP G 1054 51.06 12.49 44.99
N ILE G 1055 51.96 12.65 44.01
CA ILE G 1055 51.61 13.41 42.82
C ILE G 1055 50.52 12.69 42.03
N MET G 1056 50.57 11.35 41.98
CA MET G 1056 49.57 10.60 41.25
C MET G 1056 48.28 10.40 42.03
N GLY G 1057 48.23 10.86 43.28
CA GLY G 1057 46.99 10.78 44.03
C GLY G 1057 46.68 9.41 44.57
N PHE G 1058 47.64 8.48 44.55
CA PHE G 1058 47.42 7.19 45.18
C PHE G 1058 47.23 7.36 46.69
N ILE G 1059 48.03 8.25 47.29
CA ILE G 1059 48.00 8.49 48.73
C ILE G 1059 47.74 9.96 48.98
N LYS G 1060 47.11 10.23 50.13
CA LYS G 1060 46.92 11.59 50.61
C LYS G 1060 47.25 11.61 52.10
N TYR G 1061 47.78 12.73 52.57
CA TYR G 1061 48.14 12.85 53.98
C TYR G 1061 46.86 13.07 54.79
N HIS G 1062 46.70 12.27 55.85
CA HIS G 1062 45.58 12.40 56.76
C HIS G 1062 46.08 12.85 58.13
N ASN G 1063 45.37 13.81 58.71
CA ASN G 1063 45.62 14.26 60.08
C ASN G 1063 44.30 14.32 60.82
N GLY G 1064 44.29 13.81 62.05
CA GLY G 1064 43.11 13.82 62.90
C GLY G 1064 42.65 12.39 63.21
N ASN G 1065 41.33 12.21 63.25
CA ASN G 1065 40.72 10.95 63.64
C ASN G 1065 40.43 10.12 62.39
N LEU G 1066 40.85 8.86 62.42
CA LEU G 1066 40.62 7.91 61.33
C LEU G 1066 40.11 6.62 61.95
N GLN G 1067 38.80 6.38 61.84
CA GLN G 1067 38.15 5.26 62.53
C GLN G 1067 38.34 5.36 64.04
N GLY G 1068 38.24 6.58 64.56
CA GLY G 1068 38.40 6.83 66.00
C GLY G 1068 39.83 6.94 66.45
N LYS G 1069 40.68 5.99 66.07
CA LYS G 1069 42.08 6.04 66.43
C LYS G 1069 42.73 7.27 65.79
N PRO G 1070 43.51 8.07 66.54
CA PRO G 1070 44.16 9.23 65.91
C PRO G 1070 45.31 8.79 65.01
N TYR G 1071 45.23 9.18 63.74
CA TYR G 1071 46.24 8.84 62.74
C TYR G 1071 46.80 10.12 62.11
N SER G 1072 48.11 10.14 61.90
CA SER G 1072 48.80 11.25 61.24
C SER G 1072 49.81 10.64 60.28
N GLY G 1073 49.44 10.56 59.01
CA GLY G 1073 50.32 9.99 58.02
C GLY G 1073 49.61 9.79 56.70
N TRP G 1074 50.26 9.06 55.80
CA TRP G 1074 49.67 8.79 54.49
C TRP G 1074 48.54 7.77 54.62
N VAL G 1075 47.48 7.99 53.85
CA VAL G 1075 46.36 7.06 53.73
C VAL G 1075 46.09 6.87 52.24
N ASP G 1076 45.42 5.77 51.92
CA ASP G 1076 44.99 5.53 50.55
C ASP G 1076 44.03 6.63 50.10
N ALA G 1077 43.86 6.76 48.79
CA ALA G 1077 42.94 7.74 48.22
C ALA G 1077 41.55 7.15 48.02
N LYS G 1078 41.46 5.99 47.36
CA LYS G 1078 40.17 5.39 47.05
C LYS G 1078 39.54 4.69 48.25
N THR G 1079 40.33 4.35 49.28
CA THR G 1079 39.82 3.65 50.45
C THR G 1079 40.09 4.37 51.76
N GLN G 1080 40.96 5.38 51.77
CA GLN G 1080 41.23 6.20 52.96
C GLN G 1080 41.80 5.37 54.12
N THR G 1081 42.36 4.18 53.82
CA THR G 1081 42.95 3.33 54.84
C THR G 1081 44.42 3.71 55.03
N PRO G 1082 44.98 3.58 56.25
CA PRO G 1082 46.40 3.91 56.42
C PRO G 1082 47.28 3.02 55.56
N ILE G 1083 48.35 3.63 55.03
CA ILE G 1083 49.37 2.90 54.28
C ILE G 1083 50.71 3.24 54.93
N ASP G 1084 51.41 2.21 55.39
CA ASP G 1084 52.74 2.39 55.94
C ASP G 1084 53.69 2.79 54.82
N GLU G 1085 54.82 3.41 55.20
CA GLU G 1085 55.72 3.98 54.21
C GLU G 1085 56.38 2.91 53.35
N LYS G 1086 56.71 1.77 53.95
CA LYS G 1086 57.17 0.64 53.16
C LYS G 1086 56.04 0.11 52.29
N ASP G 1087 54.82 0.15 52.81
CA ASP G 1087 53.68 -0.32 52.04
C ASP G 1087 53.38 0.58 50.86
N ILE G 1088 53.82 1.84 50.88
CA ILE G 1088 53.67 2.67 49.69
C ILE G 1088 54.36 2.01 48.50
N LYS G 1089 55.64 1.66 48.67
CA LYS G 1089 56.34 0.98 47.59
C LYS G 1089 55.68 -0.35 47.30
N SER G 1090 55.48 -1.17 48.34
CA SER G 1090 54.97 -2.53 48.13
C SER G 1090 53.60 -2.57 47.46
N LYS G 1091 52.81 -1.49 47.55
CA LYS G 1091 51.46 -1.45 47.02
C LYS G 1091 51.31 -0.62 45.76
N TYR G 1092 52.14 0.39 45.56
CA TYR G 1092 51.98 1.34 44.47
C TYR G 1092 53.10 1.31 43.45
N GLU G 1093 54.13 0.47 43.63
CA GLU G 1093 55.23 0.46 42.67
C GLU G 1093 54.73 0.07 41.28
N GLU G 1094 53.98 -1.02 41.18
CA GLU G 1094 53.55 -1.50 39.86
C GLU G 1094 52.68 -0.47 39.16
N GLU G 1095 51.76 0.19 39.87
CA GLU G 1095 50.94 1.21 39.21
C GLU G 1095 51.72 2.47 38.90
N ILE G 1096 52.68 2.87 39.74
CA ILE G 1096 53.50 4.04 39.43
C ILE G 1096 54.26 3.82 38.13
N LEU G 1097 54.94 2.69 38.01
CA LEU G 1097 55.67 2.44 36.76
C LEU G 1097 54.73 2.19 35.59
N GLU G 1098 53.55 1.61 35.83
CA GLU G 1098 52.63 1.36 34.73
C GLU G 1098 52.08 2.67 34.17
N HIS G 1099 51.74 3.61 35.04
CA HIS G 1099 51.11 4.88 34.65
C HIS G 1099 52.06 6.05 34.79
N SER G 1100 53.37 5.83 34.67
CA SER G 1100 54.32 6.92 34.52
C SER G 1100 55.21 6.64 33.32
N GLY G 1101 55.87 7.69 32.84
CA GLY G 1101 56.80 7.54 31.74
C GLY G 1101 56.12 7.40 30.39
N ILE G 1102 56.86 6.83 29.44
CA ILE G 1102 56.34 6.59 28.10
C ILE G 1102 55.46 5.35 28.16
N ARG G 1103 54.20 5.51 27.74
CA ARG G 1103 53.21 4.44 27.85
C ARG G 1103 52.12 4.68 26.82
N LEU G 1104 51.22 3.72 26.70
CA LEU G 1104 50.09 3.85 25.80
C LEU G 1104 49.28 5.10 26.15
N ILE G 1105 48.86 5.83 25.11
CA ILE G 1105 48.11 7.06 25.30
C ILE G 1105 46.82 6.72 26.04
N GLU G 1106 46.62 7.35 27.20
CA GLU G 1106 45.43 7.12 28.00
C GLU G 1106 44.36 8.15 27.61
N PRO G 1107 43.21 7.74 27.07
CA PRO G 1107 42.21 8.74 26.66
C PRO G 1107 41.67 9.56 27.81
N GLU G 1108 41.78 9.07 29.05
CA GLU G 1108 41.26 9.83 30.18
C GLU G 1108 42.07 11.08 30.46
N LEU G 1109 43.31 11.15 29.99
CA LEU G 1109 44.18 12.29 30.20
C LEU G 1109 44.11 13.31 29.07
N PHE G 1110 43.34 13.05 28.00
CA PHE G 1110 43.29 13.91 26.84
C PHE G 1110 41.86 14.06 26.35
N ASN G 1111 40.91 14.18 27.27
CA ASN G 1111 39.50 14.37 26.94
C ASN G 1111 38.98 13.24 26.05
N GLY G 1112 39.29 12.01 26.44
CA GLY G 1112 38.76 10.86 25.73
C GLY G 1112 39.41 10.57 24.40
N TYR G 1113 40.59 11.13 24.13
CA TYR G 1113 41.24 10.93 22.85
C TYR G 1113 41.78 9.51 22.78
N ASP G 1114 41.18 8.69 21.92
CA ASP G 1114 41.65 7.34 21.66
C ASP G 1114 42.34 7.32 20.30
N PRO G 1115 43.66 7.15 20.22
CA PRO G 1115 44.28 7.05 18.88
C PRO G 1115 43.73 5.91 18.05
N LYS G 1116 43.34 4.80 18.68
CA LYS G 1116 42.75 3.70 17.94
C LYS G 1116 41.40 4.07 17.34
N LYS G 1117 40.72 5.09 17.88
CA LYS G 1117 39.41 5.53 17.42
C LYS G 1117 39.43 7.02 17.10
N LYS G 1118 40.42 7.42 16.31
CA LYS G 1118 40.58 8.82 15.92
C LYS G 1118 39.38 9.31 15.14
N GLN G 1119 38.60 10.21 15.73
CA GLN G 1119 37.32 10.62 15.17
C GLN G 1119 37.49 11.73 14.13
N MET G 1120 36.82 11.57 12.99
CA MET G 1120 36.77 12.58 11.96
C MET G 1120 35.34 12.62 11.41
N ILE G 1121 35.08 13.56 10.51
CA ILE G 1121 33.77 13.72 9.89
C ILE G 1121 33.98 13.83 8.38
N GLN G 1122 33.07 13.23 7.61
CA GLN G 1122 33.09 13.26 6.16
C GLN G 1122 31.87 13.99 5.63
N GLU G 1123 32.09 14.83 4.62
CA GLU G 1123 31.00 15.51 3.94
C GLU G 1123 30.27 14.54 3.03
N ILE G 1124 28.96 14.40 3.22
CA ILE G 1124 28.11 13.57 2.37
C ILE G 1124 26.95 14.44 1.88
N VAL G 1125 26.65 14.34 0.59
CA VAL G 1125 25.46 14.97 0.04
C VAL G 1125 24.28 14.01 0.23
N VAL G 1126 23.21 14.52 0.86
CA VAL G 1126 22.04 13.70 1.13
C VAL G 1126 21.41 13.30 -0.19
N GLN G 1127 21.26 11.99 -0.40
CA GLN G 1127 20.59 11.48 -1.60
C GLN G 1127 19.08 11.39 -1.43
N HIS G 1128 18.62 10.95 -0.27
CA HIS G 1128 17.21 10.92 0.08
C HIS G 1128 17.02 11.72 1.36
N ASP G 1129 16.10 12.70 1.33
CA ASP G 1129 16.00 13.66 2.41
C ASP G 1129 15.59 12.98 3.71
N LEU G 1130 15.98 13.60 4.83
CA LEU G 1130 15.82 12.97 6.13
C LEU G 1130 14.46 13.30 6.71
N GLU G 1131 14.08 12.57 7.76
CA GLU G 1131 12.82 12.85 8.42
C GLU G 1131 12.97 14.07 9.33
N PRO G 1132 11.89 14.85 9.55
CA PRO G 1132 12.05 16.08 10.33
C PRO G 1132 12.58 15.83 11.74
N PHE G 1133 13.33 16.79 12.25
CA PHE G 1133 13.73 16.81 13.65
C PHE G 1133 13.47 18.20 14.24
N GLU G 1134 13.20 18.23 15.55
CA GLU G 1134 12.76 19.43 16.23
C GLU G 1134 13.93 20.13 16.90
N CYS G 1135 13.91 21.47 16.86
CA CYS G 1135 14.90 22.28 17.54
C CYS G 1135 14.31 23.68 17.75
N SER G 1136 15.09 24.55 18.37
CA SER G 1136 14.61 25.87 18.76
C SER G 1136 14.56 26.81 17.55
N LYS G 1137 14.03 28.02 17.80
CA LYS G 1137 13.88 29.02 16.76
C LYS G 1137 15.22 29.39 16.14
N GLU G 1138 16.18 29.81 16.96
CA GLU G 1138 17.47 30.23 16.43
C GLU G 1138 18.18 29.09 15.73
N THR G 1139 18.06 27.88 16.28
CA THR G 1139 18.69 26.71 15.67
C THR G 1139 18.13 26.44 14.28
N ALA G 1140 16.81 26.46 14.13
CA ALA G 1140 16.21 26.22 12.83
C ALA G 1140 16.55 27.33 11.85
N GLU G 1141 16.57 28.58 12.32
CA GLU G 1141 16.98 29.68 11.45
C GLU G 1141 18.42 29.51 10.98
N GLN G 1142 19.30 29.02 11.87
CA GLN G 1142 20.68 28.78 11.46
C GLN G 1142 20.77 27.70 10.40
N TYR G 1143 19.98 26.63 10.55
CA TYR G 1143 19.96 25.59 9.53
C TYR G 1143 19.47 26.13 8.20
N LYS G 1144 18.42 26.95 8.22
CA LYS G 1144 17.93 27.54 6.97
C LYS G 1144 18.97 28.45 6.36
N HIS G 1145 19.66 29.23 7.18
CA HIS G 1145 20.71 30.12 6.68
C HIS G 1145 21.80 29.32 5.98
N GLU G 1146 22.24 28.21 6.59
CA GLU G 1146 23.30 27.42 5.98
C GLU G 1146 22.82 26.71 4.72
N HIS G 1147 21.70 26.00 4.79
CA HIS G 1147 21.33 25.07 3.75
C HIS G 1147 20.49 25.69 2.64
N GLY G 1148 20.06 26.95 2.80
CA GLY G 1148 19.33 27.60 1.72
C GLY G 1148 18.05 26.87 1.38
N GLU G 1149 17.91 26.50 0.11
CA GLU G 1149 16.76 25.76 -0.38
C GLU G 1149 16.88 24.26 -0.15
N LYS G 1150 18.00 23.78 0.39
CA LYS G 1150 18.19 22.37 0.68
C LYS G 1150 17.74 22.00 2.09
N CYS G 1151 17.01 22.88 2.77
CA CYS G 1151 16.34 22.48 3.99
C CYS G 1151 15.11 23.36 4.18
N GLU G 1152 14.18 22.85 4.97
CA GLU G 1152 12.92 23.52 5.25
C GLU G 1152 12.73 23.61 6.76
N ILE G 1153 12.16 24.73 7.21
CA ILE G 1153 11.91 24.98 8.62
C ILE G 1153 10.44 25.35 8.77
N PHE G 1154 9.77 24.78 9.77
CA PHE G 1154 8.36 25.08 10.01
C PHE G 1154 8.08 25.18 11.49
N GLU G 1155 7.31 26.20 11.87
CA GLU G 1155 6.91 26.40 13.25
C GLU G 1155 5.81 25.44 13.64
N ILE G 1156 5.93 24.86 14.82
CA ILE G 1156 4.89 24.00 15.38
C ILE G 1156 3.97 24.91 16.19
N GLU G 1157 2.74 25.09 15.71
CA GLU G 1157 1.82 26.01 16.37
C GLU G 1157 1.51 25.56 17.79
N GLU G 1158 1.55 24.26 18.06
CA GLU G 1158 1.25 23.77 19.41
C GLU G 1158 2.34 24.16 20.40
N SER G 1159 3.61 23.98 20.03
CA SER G 1159 4.73 24.19 20.93
C SER G 1159 5.51 25.47 20.65
N GLY G 1160 5.49 25.95 19.42
CA GLY G 1160 6.23 27.14 19.05
C GLY G 1160 7.65 26.88 18.59
N GLU G 1161 8.17 25.67 18.78
CA GLU G 1161 9.50 25.31 18.30
C GLU G 1161 9.44 24.91 16.83
N TYR G 1162 10.59 24.91 16.19
CA TYR G 1162 10.68 24.65 14.76
C TYR G 1162 11.10 23.22 14.48
N THR G 1163 10.66 22.72 13.33
CA THR G 1163 11.03 21.40 12.83
C THR G 1163 11.76 21.59 11.50
N VAL G 1164 12.85 20.84 11.33
CA VAL G 1164 13.80 21.03 10.24
C VAL G 1164 13.83 19.78 9.38
N ARG G 1165 13.62 19.95 8.09
CA ARG G 1165 13.62 18.90 7.09
C ARG G 1165 14.81 19.10 6.17
N ILE G 1166 15.77 18.19 6.21
CA ILE G 1166 17.00 18.32 5.44
C ILE G 1166 16.74 17.71 4.06
N LEU G 1167 16.47 18.57 3.07
CA LEU G 1167 16.00 18.13 1.77
C LEU G 1167 17.13 17.46 0.98
N LYS G 1168 16.77 16.93 -0.18
CA LYS G 1168 17.72 16.21 -1.02
C LYS G 1168 18.76 17.17 -1.58
N GLY G 1169 20.01 16.70 -1.61
CA GLY G 1169 21.14 17.51 -2.03
C GLY G 1169 21.82 18.27 -0.92
N ALA G 1170 21.23 18.27 0.28
CA ALA G 1170 21.86 18.91 1.42
C ALA G 1170 23.11 18.13 1.83
N THR G 1171 24.11 18.87 2.31
CA THR G 1171 25.36 18.30 2.78
C THR G 1171 25.29 18.13 4.29
N LEU G 1172 25.70 16.95 4.77
CA LEU G 1172 25.84 16.71 6.20
C LEU G 1172 27.17 16.02 6.45
N TYR G 1173 27.57 16.01 7.72
CA TYR G 1173 28.86 15.48 8.15
C TYR G 1173 28.62 14.25 9.01
N VAL G 1174 28.96 13.08 8.47
CA VAL G 1174 28.81 11.82 9.20
C VAL G 1174 30.12 11.51 9.91
N PRO G 1175 30.14 11.33 11.23
CA PRO G 1175 31.38 10.95 11.91
C PRO G 1175 31.96 9.65 11.37
N LYS G 1176 33.29 9.61 11.30
CA LYS G 1176 34.00 8.38 10.97
C LYS G 1176 35.26 8.33 11.81
N ALA G 1177 35.81 7.12 11.95
CA ALA G 1177 36.95 6.87 12.81
C ALA G 1177 38.02 6.10 12.04
N LEU G 1178 39.28 6.40 12.36
CA LEU G 1178 40.41 5.68 11.78
C LEU G 1178 41.37 5.30 12.90
N ARG G 1179 42.05 4.17 12.70
CA ARG G 1179 43.06 3.69 13.64
C ARG G 1179 44.34 4.50 13.41
N PHE G 1180 44.73 5.29 14.41
CA PHE G 1180 45.89 6.15 14.27
C PHE G 1180 47.17 5.39 14.58
N ASP G 1181 48.20 5.65 13.77
CA ASP G 1181 49.45 4.87 13.83
C ASP G 1181 50.17 5.01 15.17
N ARG G 1182 50.04 6.14 15.85
CA ARG G 1182 50.78 6.39 17.09
C ARG G 1182 49.87 6.17 18.29
N LEU G 1183 50.25 5.21 19.15
CA LEU G 1183 49.47 4.82 20.32
C LEU G 1183 50.16 5.11 21.63
N VAL G 1184 51.38 5.63 21.62
CA VAL G 1184 52.22 5.74 22.81
C VAL G 1184 52.74 7.17 22.91
N ALA G 1185 52.72 7.72 24.12
CA ALA G 1185 53.18 9.08 24.37
C ALA G 1185 53.80 9.16 25.75
N GLY G 1186 54.69 10.14 25.91
CA GLY G 1186 55.29 10.45 27.19
C GLY G 1186 54.39 11.34 28.02
N GLN G 1187 53.39 10.74 28.66
CA GLN G 1187 52.35 11.49 29.36
C GLN G 1187 52.71 11.68 30.83
N ILE G 1188 52.23 12.78 31.39
CA ILE G 1188 52.36 13.08 32.83
C ILE G 1188 51.70 11.91 33.57
N PRO G 1189 52.19 11.50 34.74
CA PRO G 1189 51.62 10.31 35.38
C PRO G 1189 50.13 10.43 35.62
N THR G 1190 49.42 9.32 35.40
CA THR G 1190 47.98 9.29 35.61
C THR G 1190 47.67 9.59 37.06
N GLY G 1191 46.66 10.44 37.28
CA GLY G 1191 46.34 10.92 38.59
C GLY G 1191 47.03 12.22 38.97
N TRP G 1192 47.98 12.68 38.18
CA TRP G 1192 48.55 14.00 38.37
C TRP G 1192 47.45 15.05 38.30
N ASP G 1193 47.31 15.83 39.35
CA ASP G 1193 46.30 16.88 39.43
C ASP G 1193 46.94 18.16 39.93
N ALA G 1194 46.42 19.29 39.44
CA ALA G 1194 46.87 20.58 39.92
C ALA G 1194 46.32 20.87 41.31
N ARG G 1195 45.17 20.28 41.66
CA ARG G 1195 44.66 20.39 43.02
C ARG G 1195 45.65 19.83 44.03
N THR G 1196 46.36 18.76 43.68
CA THR G 1196 47.33 18.16 44.60
C THR G 1196 48.42 19.15 44.97
N TYR G 1197 48.78 20.04 44.07
CA TYR G 1197 49.72 21.11 44.35
C TYR G 1197 49.03 22.35 44.92
N GLY G 1198 47.73 22.48 44.75
CA GLY G 1198 46.98 23.55 45.38
C GLY G 1198 46.47 24.63 44.47
N ILE G 1199 46.49 24.41 43.15
CA ILE G 1199 45.96 25.39 42.21
C ILE G 1199 44.43 25.36 42.36
N PRO G 1200 43.75 26.48 42.65
CA PRO G 1200 42.29 26.43 42.78
C PRO G 1200 41.60 25.83 41.56
N GLU G 1201 40.42 25.25 41.82
CA GLU G 1201 39.58 24.73 40.76
C GLU G 1201 39.15 25.82 39.80
N ASP G 1202 39.05 27.07 40.28
CA ASP G 1202 38.73 28.17 39.39
C ASP G 1202 39.81 28.35 38.33
N THR G 1203 41.07 28.37 38.77
CA THR G 1203 42.18 28.41 37.82
C THR G 1203 42.20 27.17 36.94
N ILE G 1204 41.97 25.98 37.49
CA ILE G 1204 42.01 24.77 36.68
C ILE G 1204 40.93 24.81 35.59
N SER G 1205 39.76 25.36 35.91
CA SER G 1205 38.67 25.40 34.95
C SER G 1205 38.91 26.47 33.89
N GLN G 1206 39.38 27.65 34.29
CA GLN G 1206 39.54 28.74 33.33
C GLN G 1206 40.77 28.54 32.44
N VAL G 1207 41.83 27.99 33.01
CA VAL G 1207 43.14 27.97 32.39
C VAL G 1207 43.47 26.55 31.94
N ASP G 1208 44.33 26.44 30.92
CA ASP G 1208 44.55 25.18 30.23
C ASP G 1208 45.65 24.34 30.89
N PRO G 1209 45.64 23.02 30.66
CA PRO G 1209 46.55 22.13 31.41
C PRO G 1209 48.02 22.42 31.20
N ILE G 1210 48.44 22.89 30.02
CA ILE G 1210 49.83 23.28 29.84
C ILE G 1210 50.21 24.35 30.86
N THR G 1211 49.34 25.35 31.02
CA THR G 1211 49.61 26.41 31.98
C THR G 1211 49.55 25.89 33.41
N LEU G 1212 48.71 24.90 33.70
CA LEU G 1212 48.77 24.29 35.03
C LEU G 1212 50.13 23.65 35.27
N TYR G 1213 50.67 22.97 34.24
CA TYR G 1213 52.01 22.41 34.35
C TYR G 1213 53.03 23.50 34.58
N VAL G 1214 52.90 24.62 33.87
CA VAL G 1214 53.84 25.73 34.02
C VAL G 1214 53.78 26.28 35.44
N LEU G 1215 52.57 26.44 35.98
CA LEU G 1215 52.43 27.00 37.32
C LEU G 1215 53.06 26.09 38.36
N VAL G 1216 52.80 24.78 38.26
CA VAL G 1216 53.39 23.84 39.19
C VAL G 1216 54.91 23.87 39.07
N ALA G 1217 55.42 23.88 37.83
CA ALA G 1217 56.87 23.88 37.63
C ALA G 1217 57.51 25.15 38.13
N THR G 1218 56.86 26.30 37.94
CA THR G 1218 57.42 27.56 38.41
C THR G 1218 57.43 27.63 39.93
N VAL G 1219 56.37 27.17 40.57
CA VAL G 1219 56.35 27.12 42.04
C VAL G 1219 57.47 26.20 42.53
N GLU G 1220 57.58 25.01 41.93
CA GLU G 1220 58.59 24.07 42.36
C GLU G 1220 60.00 24.58 42.09
N ALA G 1221 60.21 25.35 41.02
CA ALA G 1221 61.52 25.89 40.73
C ALA G 1221 61.87 27.03 41.68
N LEU G 1222 60.91 27.90 42.00
CA LEU G 1222 61.17 28.95 42.96
C LEU G 1222 61.51 28.37 44.33
N LEU G 1223 60.77 27.35 44.76
CA LEU G 1223 61.10 26.74 46.03
C LEU G 1223 62.31 25.82 45.93
N SER G 1224 62.72 25.43 44.72
CA SER G 1224 64.04 24.83 44.55
C SER G 1224 65.13 25.85 44.79
N ALA G 1225 64.90 27.08 44.33
CA ALA G 1225 65.74 28.23 44.67
C ALA G 1225 65.57 28.67 46.12
N GLY G 1226 64.65 28.06 46.85
CA GLY G 1226 64.46 28.39 48.24
C GLY G 1226 63.55 29.58 48.46
N ILE G 1227 62.83 29.98 47.43
CA ILE G 1227 61.97 31.16 47.46
C ILE G 1227 60.62 30.68 47.95
N THR G 1228 60.47 30.62 49.28
CA THR G 1228 59.19 30.22 49.86
C THR G 1228 58.08 31.18 49.42
N ASP G 1229 58.35 32.48 49.49
CA ASP G 1229 57.41 33.51 49.07
C ASP G 1229 57.94 34.14 47.78
N PRO G 1230 57.22 34.09 46.65
CA PRO G 1230 57.77 34.71 45.44
C PRO G 1230 58.03 36.21 45.58
N TYR G 1231 57.32 36.88 46.49
CA TYR G 1231 57.56 38.30 46.72
C TYR G 1231 58.86 38.57 47.46
N GLU G 1232 59.56 37.52 47.94
CA GLU G 1232 60.86 37.73 48.56
C GLU G 1232 61.89 38.23 47.57
N PHE G 1233 61.66 38.04 46.26
CA PHE G 1233 62.50 38.70 45.26
C PHE G 1233 62.52 40.20 45.48
N TYR G 1234 61.36 40.78 45.81
CA TYR G 1234 61.24 42.23 45.85
C TYR G 1234 61.88 42.83 47.10
N LYS G 1235 62.35 41.99 48.02
CA LYS G 1235 63.12 42.48 49.16
C LYS G 1235 64.55 42.83 48.77
N TYR G 1236 65.06 42.22 47.69
CA TYR G 1236 66.41 42.46 47.20
C TYR G 1236 66.45 43.08 45.80
N VAL G 1237 65.33 43.11 45.10
CA VAL G 1237 65.29 43.46 43.68
C VAL G 1237 64.05 44.33 43.46
N HIS G 1238 64.12 45.22 42.47
CA HIS G 1238 62.94 45.97 42.10
C HIS G 1238 62.00 45.09 41.28
N VAL G 1239 60.69 45.40 41.36
CA VAL G 1239 59.70 44.62 40.63
C VAL G 1239 59.97 44.65 39.12
N SER G 1240 60.74 45.63 38.65
CA SER G 1240 61.08 45.75 37.24
C SER G 1240 62.25 44.87 36.82
N GLU G 1241 62.83 44.08 37.73
CA GLU G 1241 63.99 43.24 37.39
C GLU G 1241 63.75 41.76 37.69
N VAL G 1242 62.49 41.32 37.77
CA VAL G 1242 62.17 39.90 37.83
C VAL G 1242 61.41 39.53 36.58
N GLY G 1243 62.11 38.91 35.62
CA GLY G 1243 61.55 38.60 34.33
C GLY G 1243 61.00 37.17 34.26
N ASN G 1244 60.41 36.87 33.10
CA ASN G 1244 59.91 35.53 32.82
C ASN G 1244 60.14 35.29 31.34
N CYS G 1245 61.25 34.65 31.01
CA CYS G 1245 61.67 34.47 29.62
C CYS G 1245 61.41 33.06 29.11
N SER G 1246 60.60 32.27 29.80
CA SER G 1246 60.21 30.96 29.32
C SER G 1246 59.16 31.08 28.22
N GLY G 1247 58.98 29.99 27.48
CA GLY G 1247 57.98 29.96 26.42
C GLY G 1247 57.87 28.60 25.80
N SER G 1248 56.74 28.37 25.14
CA SER G 1248 56.42 27.12 24.47
C SER G 1248 56.75 27.19 22.99
N GLY G 1249 56.72 26.03 22.35
CA GLY G 1249 56.87 25.94 20.91
C GLY G 1249 55.54 26.08 20.20
N MET G 1250 54.50 25.45 20.75
CA MET G 1250 53.14 25.60 20.24
C MET G 1250 52.13 25.63 21.39
N GLY G 1251 52.53 26.20 22.52
CA GLY G 1251 51.74 26.04 23.74
C GLY G 1251 50.33 26.60 23.61
N GLY G 1252 49.43 26.03 24.42
CA GLY G 1252 48.02 26.36 24.33
C GLY G 1252 47.24 25.49 23.38
N VAL G 1253 47.67 24.25 23.15
CA VAL G 1253 47.06 23.42 22.11
C VAL G 1253 45.65 23.04 22.49
N SER G 1254 45.37 22.85 23.79
CA SER G 1254 44.01 22.53 24.20
C SER G 1254 43.06 23.67 23.87
N ALA G 1255 43.49 24.91 24.13
CA ALA G 1255 42.67 26.07 23.76
C ALA G 1255 42.56 26.23 22.25
N LEU G 1256 43.64 25.93 21.52
CA LEU G 1256 43.58 25.96 20.07
C LEU G 1256 42.55 24.97 19.55
N ARG G 1257 42.57 23.74 20.07
CA ARG G 1257 41.59 22.75 19.70
C ARG G 1257 40.18 23.22 20.05
N GLY G 1258 40.02 23.79 21.24
CA GLY G 1258 38.74 24.39 21.60
C GLY G 1258 38.23 25.32 20.53
N MET G 1259 38.96 26.41 20.29
CA MET G 1259 38.47 27.45 19.39
C MET G 1259 38.32 26.94 17.95
N PHE G 1260 39.15 26.00 17.51
CA PHE G 1260 39.14 25.60 16.11
C PHE G 1260 38.18 24.45 15.82
N LYS G 1261 37.90 23.58 16.78
CA LYS G 1261 37.06 22.41 16.56
C LYS G 1261 35.82 22.39 17.45
N ASP G 1262 35.96 22.63 18.75
CA ASP G 1262 34.79 22.59 19.61
C ASP G 1262 33.84 23.72 19.27
N ARG G 1263 34.40 24.89 18.93
CA ARG G 1263 33.57 26.00 18.48
C ARG G 1263 32.88 25.68 17.16
N TYR G 1264 33.61 25.03 16.24
CA TYR G 1264 32.98 24.57 15.00
C TYR G 1264 31.84 23.61 15.28
N ALA G 1265 31.99 22.78 16.32
CA ALA G 1265 30.97 21.84 16.73
C ALA G 1265 29.91 22.45 17.63
N ASP G 1266 30.03 23.74 17.97
CA ASP G 1266 29.06 24.43 18.82
C ASP G 1266 29.05 23.86 20.23
N LYS G 1267 30.15 23.26 20.66
CA LYS G 1267 30.24 22.71 22.00
C LYS G 1267 30.46 23.84 22.99
N PRO G 1268 30.14 23.63 24.27
CA PRO G 1268 30.43 24.67 25.27
C PRO G 1268 31.93 24.95 25.35
N VAL G 1269 32.32 26.17 24.98
CA VAL G 1269 33.69 26.62 25.04
C VAL G 1269 33.70 27.99 25.70
N GLN G 1270 34.70 28.24 26.54
CA GLN G 1270 34.79 29.52 27.24
C GLN G 1270 34.99 30.66 26.23
N ASN G 1271 34.43 31.81 26.57
CA ASN G 1271 34.43 32.94 25.63
C ASN G 1271 35.85 33.40 25.33
N ASP G 1272 36.78 33.19 26.26
CA ASP G 1272 38.15 33.68 26.15
C ASP G 1272 39.15 32.54 25.99
N ILE G 1273 38.82 31.56 25.15
CA ILE G 1273 39.72 30.43 24.94
C ILE G 1273 40.95 30.84 24.15
N LEU G 1274 40.80 31.79 23.23
CA LEU G 1274 41.95 32.30 22.49
C LEU G 1274 42.99 32.90 23.43
N GLN G 1275 42.52 33.67 24.41
CA GLN G 1275 43.36 34.20 25.48
C GLN G 1275 44.20 33.12 26.15
N GLU G 1276 43.66 31.91 26.32
CA GLU G 1276 44.45 30.82 26.88
C GLU G 1276 45.28 30.09 25.83
N SER G 1277 44.95 30.25 24.55
CA SER G 1277 45.69 29.59 23.48
C SER G 1277 47.05 30.21 23.23
N PHE G 1278 47.28 31.45 23.65
CA PHE G 1278 48.54 32.11 23.35
C PHE G 1278 49.70 31.39 24.03
N ILE G 1279 50.88 31.51 23.44
CA ILE G 1279 52.06 30.90 24.03
C ILE G 1279 52.58 31.73 25.20
N ASN G 1280 52.32 33.04 25.21
CA ASN G 1280 52.76 33.91 26.29
C ASN G 1280 51.76 34.01 27.44
N THR G 1281 50.56 33.46 27.29
CA THR G 1281 49.60 33.52 28.38
C THR G 1281 49.99 32.63 29.55
N MET G 1282 50.83 31.61 29.31
CA MET G 1282 51.36 30.82 30.43
C MET G 1282 52.21 31.69 31.34
N SER G 1283 53.18 32.41 30.77
CA SER G 1283 53.99 33.32 31.56
C SER G 1283 53.15 34.43 32.16
N ALA G 1284 52.13 34.89 31.42
CA ALA G 1284 51.21 35.88 31.96
C ALA G 1284 50.55 35.37 33.23
N TRP G 1285 49.98 34.17 33.18
CA TRP G 1285 49.30 33.63 34.35
C TRP G 1285 50.28 33.37 35.49
N VAL G 1286 51.51 32.96 35.16
CA VAL G 1286 52.54 32.80 36.18
C VAL G 1286 52.75 34.13 36.90
N ASN G 1287 52.86 35.22 36.15
CA ASN G 1287 53.06 36.52 36.78
C ASN G 1287 51.85 36.95 37.60
N MET G 1288 50.64 36.71 37.08
CA MET G 1288 49.44 37.18 37.77
C MET G 1288 49.14 36.36 39.01
N LEU G 1289 49.63 35.12 39.07
CA LEU G 1289 49.32 34.27 40.21
C LEU G 1289 50.43 34.20 41.24
N LEU G 1290 51.68 34.35 40.82
CA LEU G 1290 52.83 34.14 41.70
C LEU G 1290 53.72 35.37 41.86
N LEU G 1291 54.20 35.96 40.77
CA LEU G 1291 55.33 36.87 40.87
C LEU G 1291 54.90 38.31 41.09
N SER G 1292 53.96 38.81 40.30
CA SER G 1292 53.51 40.20 40.35
C SER G 1292 54.62 41.15 39.89
N SER G 1293 55.55 40.64 39.10
CA SER G 1293 56.68 41.45 38.66
C SER G 1293 56.27 42.31 37.47
N SER G 1294 57.00 43.42 37.31
CA SER G 1294 56.95 44.21 36.08
C SER G 1294 58.27 44.15 35.33
N GLY G 1295 58.99 43.03 35.46
CA GLY G 1295 60.25 42.86 34.79
C GLY G 1295 60.07 42.43 33.35
N PRO G 1296 61.19 42.29 32.66
CA PRO G 1296 61.12 41.94 31.23
C PRO G 1296 60.41 40.61 31.02
N ILE G 1297 59.56 40.57 30.01
CA ILE G 1297 58.72 39.43 29.71
C ILE G 1297 58.95 39.05 28.27
N LYS G 1298 59.56 37.88 28.07
CA LYS G 1298 59.87 37.34 26.75
C LYS G 1298 59.27 35.95 26.65
N THR G 1299 58.72 35.63 25.49
CA THR G 1299 58.09 34.32 25.25
C THR G 1299 58.68 33.75 23.96
N PRO G 1300 59.78 33.01 24.06
CA PRO G 1300 60.37 32.45 22.84
C PRO G 1300 59.50 31.35 22.24
N VAL G 1301 59.61 31.20 20.92
CA VAL G 1301 59.12 30.02 20.20
C VAL G 1301 60.32 29.42 19.51
N GLY G 1302 60.55 28.14 19.73
CA GLY G 1302 61.66 27.44 19.12
C GLY G 1302 61.32 26.01 18.76
N ALA G 1303 60.04 25.65 18.85
CA ALA G 1303 59.59 24.27 18.65
C ALA G 1303 60.34 23.39 19.64
N CYS G 1304 61.22 22.48 19.22
CA CYS G 1304 61.94 21.67 20.19
C CYS G 1304 62.93 22.53 20.99
N ALA G 1305 63.68 23.40 20.31
CA ALA G 1305 64.79 24.10 20.92
C ALA G 1305 64.37 25.49 21.40
N THR G 1306 63.31 25.50 22.22
CA THR G 1306 62.80 26.74 22.78
C THR G 1306 63.17 26.96 24.23
N ALA G 1307 63.38 25.90 25.01
CA ALA G 1307 63.81 26.09 26.38
C ALA G 1307 65.24 26.59 26.45
N VAL G 1308 66.12 26.08 25.58
CA VAL G 1308 67.49 26.60 25.52
C VAL G 1308 67.47 28.03 25.01
N GLU G 1309 66.58 28.32 24.05
CA GLU G 1309 66.44 29.68 23.56
C GLU G 1309 65.91 30.61 24.65
N SER G 1310 65.01 30.11 25.50
CA SER G 1310 64.55 30.86 26.66
C SER G 1310 65.70 31.13 27.61
N VAL G 1311 66.55 30.14 27.84
CA VAL G 1311 67.72 30.36 28.68
C VAL G 1311 68.61 31.44 28.08
N ASP G 1312 68.80 31.39 26.76
CA ASP G 1312 69.65 32.38 26.09
C ASP G 1312 69.07 33.78 26.24
N ILE G 1313 67.76 33.92 26.01
CA ILE G 1313 67.11 35.21 26.17
C ILE G 1313 67.19 35.67 27.62
N GLY G 1314 67.12 34.74 28.57
CA GLY G 1314 67.27 35.11 29.97
C GLY G 1314 68.66 35.61 30.31
N ILE G 1315 69.68 34.94 29.78
CA ILE G 1315 71.05 35.43 29.97
C ILE G 1315 71.17 36.84 29.40
N GLU G 1316 70.65 37.04 28.18
CA GLU G 1316 70.73 38.36 27.56
C GLU G 1316 70.00 39.40 28.40
N THR G 1317 68.82 39.05 28.90
CA THR G 1317 68.01 39.96 29.70
C THR G 1317 68.74 40.37 30.98
N ILE G 1318 69.35 39.40 31.66
CA ILE G 1318 70.05 39.71 32.90
C ILE G 1318 71.31 40.53 32.61
N LEU G 1319 72.07 40.14 31.59
CA LEU G 1319 73.34 40.81 31.32
C LEU G 1319 73.13 42.22 30.76
N SER G 1320 71.99 42.49 30.14
CA SER G 1320 71.68 43.84 29.67
C SER G 1320 71.22 44.76 30.79
N GLY G 1321 71.05 44.24 32.00
CA GLY G 1321 70.54 45.03 33.10
C GLY G 1321 69.03 45.12 33.16
N LYS G 1322 68.33 44.53 32.20
CA LYS G 1322 66.87 44.60 32.20
C LYS G 1322 66.28 43.80 33.34
N ALA G 1323 66.97 42.74 33.78
CA ALA G 1323 66.51 41.91 34.87
C ALA G 1323 67.69 41.49 35.74
N LYS G 1324 67.36 41.06 36.96
CA LYS G 1324 68.29 40.38 37.84
C LYS G 1324 67.92 38.93 38.07
N VAL G 1325 66.62 38.64 38.14
CA VAL G 1325 66.08 37.28 38.24
C VAL G 1325 65.22 37.07 37.02
N VAL G 1326 65.28 35.87 36.44
CA VAL G 1326 64.40 35.57 35.32
C VAL G 1326 64.07 34.08 35.34
N LEU G 1327 62.81 33.79 35.01
CA LEU G 1327 62.30 32.43 34.86
C LEU G 1327 62.45 32.03 33.40
N VAL G 1328 63.30 31.04 33.15
CA VAL G 1328 63.55 30.52 31.80
C VAL G 1328 63.02 29.10 31.77
N GLY G 1329 62.82 28.56 30.57
CA GLY G 1329 62.39 27.19 30.44
C GLY G 1329 61.47 27.01 29.25
N GLY G 1330 60.72 25.93 29.28
CA GLY G 1330 59.84 25.58 28.19
C GLY G 1330 58.69 24.72 28.66
N TYR G 1331 57.68 24.59 27.80
CA TYR G 1331 56.53 23.78 28.14
C TYR G 1331 55.74 23.44 26.88
N ASP G 1332 55.14 22.25 26.88
CA ASP G 1332 54.19 21.87 25.85
C ASP G 1332 53.26 20.80 26.38
N ASP G 1333 52.16 20.61 25.66
CA ASP G 1333 51.15 19.62 25.99
C ASP G 1333 51.02 18.66 24.82
N PHE G 1334 50.55 17.45 25.12
CA PHE G 1334 50.28 16.45 24.12
C PHE G 1334 48.78 16.47 23.81
N GLN G 1335 48.45 16.53 22.52
CA GLN G 1335 47.06 16.55 22.12
C GLN G 1335 46.89 15.80 20.81
N GLU G 1336 45.62 15.51 20.50
CA GLU G 1336 45.27 14.67 19.36
C GLU G 1336 45.83 15.24 18.07
N GLU G 1337 45.61 16.54 17.82
CA GLU G 1337 45.97 17.12 16.53
C GLU G 1337 47.47 17.27 16.40
N GLY G 1338 48.15 17.69 17.47
CA GLY G 1338 49.60 17.77 17.42
C GLY G 1338 50.24 16.42 17.17
N SER G 1339 49.74 15.38 17.84
CA SER G 1339 50.23 14.03 17.60
C SER G 1339 50.00 13.61 16.16
N TYR G 1340 48.81 13.90 15.63
CA TYR G 1340 48.48 13.49 14.27
C TYR G 1340 49.38 14.19 13.26
N GLU G 1341 49.66 15.47 13.47
CA GLU G 1341 50.50 16.20 12.53
C GLU G 1341 51.95 15.76 12.63
N PHE G 1342 52.44 15.51 13.85
CA PHE G 1342 53.79 14.95 13.97
C PHE G 1342 53.90 13.59 13.31
N ALA G 1343 52.79 12.84 13.28
CA ALA G 1343 52.79 11.55 12.60
C ALA G 1343 52.75 11.71 11.09
N ASN G 1344 52.04 12.74 10.58
CA ASN G 1344 51.96 12.93 9.14
C ASN G 1344 53.33 13.13 8.52
N MET G 1345 54.18 13.93 9.16
CA MET G 1345 55.51 14.21 8.65
C MET G 1345 56.52 13.15 9.03
N ASN G 1346 56.07 12.01 9.57
CA ASN G 1346 56.95 10.91 9.91
C ASN G 1346 58.02 11.33 10.91
N ALA G 1347 57.66 12.25 11.81
CA ALA G 1347 58.57 12.73 12.84
C ALA G 1347 58.54 11.84 14.08
N THR G 1348 57.34 11.44 14.50
CA THR G 1348 57.21 10.48 15.58
C THR G 1348 57.41 9.06 15.05
N SER G 1349 57.65 8.15 15.99
CA SER G 1349 57.83 6.74 15.66
C SER G 1349 56.47 6.05 15.56
N ASN G 1350 56.32 5.23 14.53
CA ASN G 1350 55.11 4.42 14.36
C ASN G 1350 55.08 3.30 15.39
N SER G 1351 54.15 3.40 16.35
CA SER G 1351 54.04 2.41 17.40
C SER G 1351 53.63 1.06 16.86
N ILE G 1352 52.87 1.02 15.76
CA ILE G 1352 52.49 -0.25 15.16
C ILE G 1352 53.70 -0.95 14.57
N GLU G 1353 54.55 -0.18 13.88
CA GLU G 1353 55.82 -0.76 13.39
C GLU G 1353 56.71 -1.18 14.55
N GLU G 1354 56.68 -0.43 15.65
CA GLU G 1354 57.46 -0.82 16.82
C GLU G 1354 56.96 -2.14 17.39
N PHE G 1355 55.64 -2.31 17.48
CA PHE G 1355 55.08 -3.58 17.95
C PHE G 1355 55.42 -4.71 16.98
N LYS G 1356 55.42 -4.42 15.68
CA LYS G 1356 55.89 -5.39 14.70
C LYS G 1356 57.34 -5.77 14.95
N HIS G 1357 58.16 -4.83 15.41
CA HIS G 1357 59.53 -5.09 15.79
C HIS G 1357 59.66 -5.63 17.22
N GLY G 1358 58.55 -5.79 17.93
CA GLY G 1358 58.58 -6.39 19.26
C GLY G 1358 58.89 -5.43 20.38
N ARG G 1359 58.92 -4.13 20.11
CA ARG G 1359 59.27 -3.14 21.12
C ARG G 1359 58.06 -2.83 22.00
N THR G 1360 58.36 -2.36 23.21
CA THR G 1360 57.37 -1.94 24.18
C THR G 1360 57.48 -0.43 24.39
N PRO G 1361 56.46 0.20 24.99
CA PRO G 1361 56.54 1.65 25.22
C PRO G 1361 57.74 2.06 26.06
N LYS G 1362 58.14 1.24 27.04
CA LYS G 1362 59.28 1.59 27.88
C LYS G 1362 60.58 1.67 27.10
N GLU G 1363 60.64 1.05 25.92
CA GLU G 1363 61.82 1.07 25.07
C GLU G 1363 61.53 1.66 23.69
N MET G 1364 60.48 2.47 23.57
CA MET G 1364 60.13 3.03 22.27
C MET G 1364 61.06 4.17 21.89
N SER G 1365 61.45 4.99 22.85
CA SER G 1365 62.40 6.07 22.61
C SER G 1365 63.81 5.49 22.70
N ARG G 1366 64.51 5.44 21.58
CA ARG G 1366 65.84 4.84 21.47
C ARG G 1366 66.79 5.85 20.85
N PRO G 1367 67.23 6.84 21.63
CA PRO G 1367 68.21 7.78 21.10
C PRO G 1367 69.50 7.08 20.71
N THR G 1368 70.14 7.60 19.66
CA THR G 1368 71.47 7.18 19.22
C THR G 1368 71.58 5.65 19.09
N THR G 1369 70.52 5.05 18.56
CA THR G 1369 70.42 3.60 18.41
C THR G 1369 70.26 3.27 16.93
N THR G 1370 70.75 2.07 16.56
CA THR G 1370 70.79 1.67 15.16
C THR G 1370 69.41 1.73 14.51
N THR G 1371 68.37 1.30 15.24
CA THR G 1371 67.04 1.10 14.69
C THR G 1371 66.06 2.20 15.06
N ARG G 1372 66.54 3.34 15.57
CA ARG G 1372 65.65 4.43 15.93
C ARG G 1372 64.87 4.90 14.70
N ASN G 1373 63.57 5.12 14.87
CA ASN G 1373 62.67 5.39 13.75
C ASN G 1373 61.66 6.49 14.10
N GLY G 1374 62.11 7.53 14.78
CA GLY G 1374 61.27 8.67 15.11
C GLY G 1374 61.21 8.91 16.60
N PHE G 1375 60.82 10.14 16.94
CA PHE G 1375 60.84 10.58 18.32
C PHE G 1375 59.56 10.21 19.05
N MET G 1376 59.64 10.24 20.37
CA MET G 1376 58.54 9.88 21.25
C MET G 1376 57.95 11.17 21.82
N GLU G 1377 56.74 11.50 21.40
CA GLU G 1377 56.12 12.75 21.84
C GLU G 1377 55.75 12.66 23.31
N ALA G 1378 56.07 13.72 24.05
CA ALA G 1378 55.80 13.80 25.48
C ALA G 1378 55.10 15.13 25.76
N GLN G 1379 54.73 15.31 27.02
CA GLN G 1379 54.10 16.55 27.48
C GLN G 1379 54.70 16.93 28.81
N GLY G 1380 54.61 18.20 29.14
CA GLY G 1380 55.04 18.68 30.43
C GLY G 1380 55.74 20.02 30.30
N SER G 1381 56.33 20.43 31.42
CA SER G 1381 56.94 21.74 31.56
C SER G 1381 58.25 21.61 32.32
N GLY G 1382 59.18 22.51 32.04
CA GLY G 1382 60.43 22.59 32.77
C GLY G 1382 60.84 24.03 32.95
N ILE G 1383 61.06 24.44 34.20
CA ILE G 1383 61.33 25.82 34.54
C ILE G 1383 62.63 25.88 35.35
N GLN G 1384 63.40 26.93 35.12
CA GLN G 1384 64.58 27.26 35.90
C GLN G 1384 64.52 28.72 36.31
N VAL G 1385 64.85 28.98 37.56
CA VAL G 1385 65.01 30.35 38.07
C VAL G 1385 66.51 30.62 38.00
N ILE G 1386 66.90 31.51 37.05
CA ILE G 1386 68.30 31.90 36.88
C ILE G 1386 68.45 33.34 37.37
N MET G 1387 69.63 33.65 37.88
CA MET G 1387 69.86 34.92 38.55
C MET G 1387 71.31 35.34 38.32
N THR G 1388 71.61 36.58 38.69
CA THR G 1388 73.00 37.01 38.76
C THR G 1388 73.69 36.32 39.92
N ALA G 1389 74.99 36.09 39.77
CA ALA G 1389 75.75 35.46 40.84
C ALA G 1389 75.78 36.35 42.08
N ASP G 1390 75.96 37.66 41.90
CA ASP G 1390 75.98 38.57 43.04
C ASP G 1390 74.66 38.53 43.80
N LEU G 1391 73.55 38.59 43.07
CA LEU G 1391 72.25 38.53 43.73
C LEU G 1391 72.04 37.18 44.40
N ALA G 1392 72.43 36.09 43.74
CA ALA G 1392 72.24 34.77 44.33
C ALA G 1392 73.00 34.66 45.64
N LEU G 1393 74.23 35.17 45.68
CA LEU G 1393 74.97 35.20 46.94
C LEU G 1393 74.30 36.10 47.97
N LYS G 1394 73.77 37.24 47.52
CA LYS G 1394 73.18 38.19 48.47
C LYS G 1394 71.95 37.61 49.15
N MET G 1395 71.06 36.99 48.39
CA MET G 1395 69.87 36.35 48.94
C MET G 1395 70.15 34.98 49.55
N GLY G 1396 71.31 34.39 49.27
CA GLY G 1396 71.58 33.06 49.79
C GLY G 1396 70.70 31.97 49.22
N VAL G 1397 70.39 32.03 47.93
CA VAL G 1397 69.67 30.98 47.23
C VAL G 1397 70.67 29.89 46.87
N PRO G 1398 70.23 28.65 46.64
CA PRO G 1398 71.17 27.60 46.22
C PRO G 1398 71.60 27.80 44.78
N ILE G 1399 72.89 28.04 44.58
CA ILE G 1399 73.42 28.23 43.23
C ILE G 1399 73.66 26.85 42.65
N HIS G 1400 72.74 26.40 41.79
CA HIS G 1400 72.82 25.04 41.27
C HIS G 1400 73.92 24.90 40.21
N ALA G 1401 74.09 25.89 39.36
CA ALA G 1401 75.17 25.87 38.38
C ALA G 1401 75.33 27.26 37.80
N VAL G 1402 76.35 27.43 36.96
CA VAL G 1402 76.65 28.68 36.29
C VAL G 1402 76.38 28.50 34.81
N LEU G 1403 75.47 29.30 34.25
CA LEU G 1403 75.20 29.29 32.83
C LEU G 1403 76.35 30.02 32.14
N ALA G 1404 77.42 29.27 31.86
CA ALA G 1404 78.60 29.88 31.28
C ALA G 1404 78.36 30.35 29.86
N MET G 1405 77.54 29.61 29.10
CA MET G 1405 77.28 29.98 27.71
C MET G 1405 75.84 29.64 27.34
N THR G 1406 75.26 30.45 26.46
CA THR G 1406 74.02 30.09 25.79
C THR G 1406 73.97 30.79 24.45
N ALA G 1407 73.52 30.08 23.43
CA ALA G 1407 73.50 30.63 22.08
C ALA G 1407 72.46 29.89 21.23
N THR G 1408 72.04 30.56 20.15
CA THR G 1408 71.09 30.01 19.20
C THR G 1408 71.61 30.29 17.79
N ALA G 1409 71.17 29.47 16.84
CA ALA G 1409 71.69 29.57 15.47
C ALA G 1409 70.70 28.95 14.50
N THR G 1410 70.82 29.38 13.24
CA THR G 1410 70.08 28.85 12.11
C THR G 1410 71.05 28.15 11.16
N ASP G 1411 70.50 27.30 10.28
CA ASP G 1411 71.38 26.49 9.45
C ASP G 1411 71.81 27.18 8.15
N LYS G 1412 70.90 27.31 7.19
CA LYS G 1412 71.27 27.69 5.83
C LYS G 1412 70.06 27.77 4.90
N ILE G 1413 70.27 28.08 3.62
CA ILE G 1413 69.23 27.89 2.61
C ILE G 1413 68.77 26.44 2.69
N GLY G 1414 67.46 26.25 2.62
CA GLY G 1414 66.91 24.91 2.52
C GLY G 1414 65.47 24.98 2.10
N ARG G 1415 64.87 23.81 1.96
CA ARG G 1415 63.42 23.69 1.81
C ARG G 1415 62.85 22.64 2.76
N SER G 1416 63.58 22.36 3.84
CA SER G 1416 63.14 21.44 4.88
C SER G 1416 63.19 22.18 6.21
N VAL G 1417 62.02 22.49 6.74
CA VAL G 1417 61.87 23.19 8.02
C VAL G 1417 62.30 22.26 9.16
N PRO G 1418 61.74 21.06 9.30
CA PRO G 1418 62.07 20.23 10.48
C PRO G 1418 63.47 19.65 10.47
N ALA G 1419 64.18 19.74 9.35
CA ALA G 1419 65.50 19.15 9.27
C ALA G 1419 66.48 19.88 10.18
N PRO G 1420 67.20 19.19 11.09
CA PRO G 1420 68.22 19.89 11.87
C PRO G 1420 69.42 20.27 11.03
N GLY G 1421 70.37 20.98 11.60
CA GLY G 1421 71.55 21.39 10.83
C GLY G 1421 72.64 21.87 11.75
N LYS G 1422 73.79 22.17 11.12
CA LYS G 1422 75.02 22.48 11.83
C LYS G 1422 75.11 23.94 12.24
N GLY G 1423 73.98 24.66 12.25
CA GLY G 1423 74.03 26.09 12.54
C GLY G 1423 74.64 26.42 13.89
N ILE G 1424 74.34 25.60 14.90
CA ILE G 1424 74.89 25.81 16.24
C ILE G 1424 76.37 25.46 16.31
N LEU G 1425 76.97 24.97 15.22
CA LEU G 1425 78.41 24.78 15.18
C LEU G 1425 79.16 26.10 15.29
N THR G 1426 78.48 27.24 15.07
CA THR G 1426 79.13 28.54 15.18
C THR G 1426 79.54 28.87 16.61
N THR G 1427 78.95 28.21 17.61
CA THR G 1427 79.34 28.47 18.99
C THR G 1427 80.78 28.07 19.29
N ALA G 1428 81.41 27.29 18.42
CA ALA G 1428 82.79 26.84 18.59
C ALA G 1428 83.68 27.42 17.51
N ARG G 1429 83.32 28.59 16.99
CA ARG G 1429 84.04 29.19 15.87
C ARG G 1429 85.26 29.94 16.39
N GLU G 1430 86.42 29.67 15.80
CA GLU G 1430 87.60 30.45 16.12
C GLU G 1430 88.59 30.39 14.96
N HIS G 1431 89.45 31.39 14.90
CA HIS G 1431 90.43 31.54 13.83
C HIS G 1431 91.75 30.92 14.29
N HIS G 1432 92.36 30.12 13.42
CA HIS G 1432 93.64 29.48 13.71
C HIS G 1432 94.74 29.91 12.76
N GLY G 1433 94.40 30.49 11.61
CA GLY G 1433 95.41 30.94 10.66
C GLY G 1433 96.15 32.17 11.15
N SER G 1439 98.48 32.95 23.04
CA SER G 1439 97.39 33.86 23.33
C SER G 1439 97.31 34.15 24.83
N PRO G 1440 98.01 35.20 25.29
CA PRO G 1440 97.91 35.56 26.71
C PRO G 1440 96.50 35.89 27.18
N LEU G 1441 95.59 36.27 26.27
CA LEU G 1441 94.22 36.54 26.68
C LEU G 1441 93.55 35.29 27.22
N LEU G 1442 93.98 34.10 26.79
CA LEU G 1442 93.45 32.86 27.34
C LEU G 1442 94.04 32.53 28.71
N ASN G 1443 95.11 33.21 29.10
CA ASN G 1443 95.74 32.99 30.40
C ASN G 1443 95.10 33.91 31.44
N ILE G 1444 94.83 33.36 32.62
CA ILE G 1444 94.11 34.12 33.64
C ILE G 1444 95.04 34.96 34.51
N LYS G 1445 96.29 34.51 34.71
CA LYS G 1445 97.24 35.33 35.45
C LYS G 1445 97.48 36.66 34.75
N TYR G 1446 97.62 36.63 33.42
CA TYR G 1446 97.74 37.86 32.65
C TYR G 1446 96.50 38.73 32.83
N ARG G 1447 95.32 38.14 32.66
CA ARG G 1447 94.09 38.90 32.85
C ARG G 1447 93.98 39.42 34.28
N LYS G 1448 94.42 38.62 35.25
CA LYS G 1448 94.32 39.05 36.64
C LYS G 1448 95.20 40.25 36.93
N ARG G 1449 96.44 40.25 36.41
CA ARG G 1449 97.31 41.41 36.65
C ARG G 1449 96.82 42.63 35.89
N GLN G 1450 96.28 42.43 34.68
CA GLN G 1450 95.64 43.52 33.97
C GLN G 1450 94.55 44.16 34.82
N LEU G 1451 93.64 43.34 35.34
CA LEU G 1451 92.58 43.85 36.19
C LEU G 1451 93.14 44.48 37.45
N ASN G 1452 94.23 43.96 38.00
CA ASN G 1452 94.80 44.52 39.23
C ASN G 1452 95.24 45.96 39.02
N LYS G 1453 96.05 46.20 38.00
CA LYS G 1453 96.45 47.60 37.78
C LYS G 1453 95.32 48.46 37.25
N ARG G 1454 94.33 47.88 36.57
CA ARG G 1454 93.15 48.67 36.24
C ARG G 1454 92.41 49.11 37.51
N LEU G 1455 92.31 48.22 38.51
CA LEU G 1455 91.68 48.58 39.77
C LEU G 1455 92.47 49.66 40.50
N GLU G 1456 93.80 49.60 40.45
CA GLU G 1456 94.59 50.65 41.10
C GLU G 1456 94.40 51.99 40.38
N GLN G 1457 94.28 51.97 39.06
CA GLN G 1457 93.92 53.20 38.35
C GLN G 1457 92.55 53.69 38.80
N ILE G 1458 91.61 52.78 39.02
CA ILE G 1458 90.26 53.17 39.43
C ILE G 1458 90.28 53.82 40.81
N LYS G 1459 91.08 53.27 41.74
CA LYS G 1459 91.12 53.87 43.07
C LYS G 1459 91.81 55.24 43.05
N SER G 1460 92.81 55.41 42.18
CA SER G 1460 93.38 56.74 42.00
C SER G 1460 92.32 57.71 41.48
N TRP G 1461 91.51 57.25 40.52
CA TRP G 1461 90.43 58.08 39.98
C TRP G 1461 89.44 58.45 41.07
N GLU G 1462 89.07 57.49 41.93
CA GLU G 1462 88.16 57.76 43.02
C GLU G 1462 88.71 58.80 43.98
N GLU G 1463 89.99 58.69 44.32
CA GLU G 1463 90.60 59.67 45.22
C GLU G 1463 90.58 61.06 44.59
N THR G 1464 90.92 61.15 43.30
CA THR G 1464 90.89 62.45 42.63
C THR G 1464 89.47 63.04 42.62
N GLU G 1465 88.47 62.20 42.35
CA GLU G 1465 87.09 62.70 42.31
C GLU G 1465 86.64 63.19 43.68
N LEU G 1466 86.99 62.45 44.74
CA LEU G 1466 86.63 62.91 46.08
C LEU G 1466 87.34 64.21 46.43
N SER G 1467 88.60 64.34 46.04
CA SER G 1467 89.31 65.60 46.29
C SER G 1467 88.62 66.76 45.57
N TYR G 1468 88.20 66.55 44.32
CA TYR G 1468 87.49 67.60 43.60
C TYR G 1468 86.15 67.92 44.27
N LEU G 1469 85.43 66.89 44.73
CA LEU G 1469 84.18 67.11 45.44
C LEU G 1469 84.42 67.92 46.71
N GLN G 1470 85.58 67.77 47.33
CA GLN G 1470 85.91 68.59 48.48
C GLN G 1470 85.87 70.08 48.12
N GLU G 1471 86.42 70.43 46.96
CA GLU G 1471 86.30 71.81 46.48
C GLU G 1471 84.85 72.16 46.18
N GLU G 1472 84.12 71.26 45.52
CA GLU G 1472 82.71 71.51 45.23
C GLU G 1472 81.89 71.53 46.52
N SER G 1485 72.62 73.50 51.39
CA SER G 1485 72.70 72.16 51.98
C SER G 1485 74.01 71.48 51.59
N MET G 1486 75.10 71.92 52.23
CA MET G 1486 76.40 71.35 51.93
C MET G 1486 76.45 69.87 52.27
N HIS G 1487 75.86 69.48 53.40
CA HIS G 1487 75.86 68.07 53.79
C HIS G 1487 75.11 67.22 52.79
N GLU G 1488 73.93 67.68 52.35
CA GLU G 1488 73.15 66.91 51.38
C GLU G 1488 73.89 66.82 50.04
N PHE G 1489 74.48 67.93 49.60
CA PHE G 1489 75.24 67.91 48.35
C PHE G 1489 76.41 66.94 48.43
N LEU G 1490 77.15 66.97 49.55
CA LEU G 1490 78.27 66.07 49.74
C LEU G 1490 77.81 64.62 49.77
N LYS G 1491 76.69 64.35 50.44
CA LYS G 1491 76.17 62.98 50.50
C LYS G 1491 75.83 62.48 49.10
N GLU G 1492 75.10 63.28 48.32
CA GLU G 1492 74.71 62.85 46.99
C GLU G 1492 75.92 62.63 46.10
N ARG G 1493 76.89 63.55 46.14
CA ARG G 1493 78.04 63.43 45.25
C ARG G 1493 78.98 62.32 45.70
N THR G 1494 79.08 62.05 47.00
CA THR G 1494 79.86 60.91 47.46
C THR G 1494 79.21 59.60 47.03
N GLU G 1495 77.88 59.52 47.13
CA GLU G 1495 77.18 58.36 46.59
C GLU G 1495 77.49 58.20 45.10
N GLU G 1496 77.51 59.31 44.36
CA GLU G 1496 77.81 59.22 42.93
C GLU G 1496 79.23 58.72 42.68
N VAL G 1497 80.20 59.25 43.42
CA VAL G 1497 81.59 58.83 43.21
C VAL G 1497 81.74 57.36 43.55
N TYR G 1498 81.11 56.91 44.64
CA TYR G 1498 81.19 55.48 45.00
C TYR G 1498 80.54 54.61 43.93
N ARG G 1499 79.36 55.01 43.45
CA ARG G 1499 78.67 54.22 42.43
C ARG G 1499 79.49 54.18 41.14
N GLU G 1500 80.12 55.30 40.79
CA GLU G 1500 80.89 55.36 39.54
C GLU G 1500 82.19 54.57 39.65
N SER G 1501 82.86 54.62 40.80
CA SER G 1501 84.04 53.79 40.98
C SER G 1501 83.68 52.31 40.99
N LYS G 1502 82.54 51.97 41.62
CA LYS G 1502 82.05 50.60 41.58
C LYS G 1502 81.77 50.16 40.16
N ARG G 1503 81.22 51.05 39.33
CA ARG G 1503 80.92 50.69 37.95
C ARG G 1503 82.19 50.55 37.12
N GLN G 1504 83.19 51.40 37.37
CA GLN G 1504 84.46 51.23 36.68
C GLN G 1504 85.09 49.89 37.05
N VAL G 1505 85.03 49.52 38.33
CA VAL G 1505 85.54 48.23 38.77
C VAL G 1505 84.76 47.10 38.09
N SER G 1506 83.43 47.20 38.06
CA SER G 1506 82.61 46.15 37.48
C SER G 1506 82.89 46.01 35.98
N ASP G 1507 83.05 47.13 35.27
CA ASP G 1507 83.37 47.07 33.85
C ASP G 1507 84.74 46.45 33.62
N ALA G 1508 85.71 46.79 34.48
CA ALA G 1508 87.03 46.17 34.39
C ALA G 1508 86.95 44.67 34.57
N LYS G 1509 86.21 44.23 35.59
CA LYS G 1509 86.05 42.80 35.85
C LYS G 1509 85.32 42.13 34.69
N LYS G 1510 84.34 42.81 34.11
CA LYS G 1510 83.61 42.27 32.96
C LYS G 1510 84.55 42.09 31.78
N GLN G 1511 85.42 43.07 31.53
CA GLN G 1511 86.31 42.99 30.37
C GLN G 1511 87.35 41.90 30.57
N TRP G 1512 87.93 41.80 31.77
CA TRP G 1512 89.09 40.96 31.97
C TRP G 1512 88.77 39.56 32.49
N GLY G 1513 87.55 39.33 32.99
CA GLY G 1513 87.18 38.02 33.50
C GLY G 1513 85.95 37.41 32.85
N ASN G 1514 85.02 38.25 32.39
CA ASN G 1514 83.77 37.78 31.82
C ASN G 1514 83.73 37.87 30.30
N SER G 1515 84.08 39.03 29.74
CA SER G 1515 83.95 39.29 28.31
C SER G 1515 85.31 39.47 27.64
N PHE G 1516 86.34 38.81 28.17
CA PHE G 1516 87.67 38.90 27.57
C PHE G 1516 87.71 38.26 26.19
N TYR G 1517 86.84 37.30 25.93
CA TYR G 1517 86.87 36.52 24.69
C TYR G 1517 85.88 36.99 23.64
N LYS G 1518 84.99 37.93 23.98
CA LYS G 1518 84.01 38.40 23.00
C LYS G 1518 84.69 39.07 21.81
N SER G 1519 85.89 39.60 22.02
CA SER G 1519 86.63 40.34 21.02
C SER G 1519 87.78 39.56 20.41
N ASP G 1520 87.92 38.28 20.76
CA ASP G 1520 89.04 37.47 20.26
C ASP G 1520 88.49 36.42 19.30
N PRO G 1521 88.71 36.57 17.98
CA PRO G 1521 88.32 35.46 17.10
C PRO G 1521 89.04 34.18 17.42
N ARG G 1522 90.29 34.25 17.87
CA ARG G 1522 91.04 33.05 18.20
C ARG G 1522 90.45 32.29 19.38
N ILE G 1523 89.63 32.94 20.19
CA ILE G 1523 88.94 32.31 21.31
C ILE G 1523 87.48 32.12 20.90
N ALA G 1524 87.03 30.88 20.86
CA ALA G 1524 85.66 30.60 20.48
C ALA G 1524 84.72 30.99 21.62
N PRO G 1525 83.42 31.17 21.31
CA PRO G 1525 82.46 31.41 22.41
C PRO G 1525 82.47 30.32 23.46
N LEU G 1526 82.45 29.05 23.04
CA LEU G 1526 82.45 27.95 24.00
C LEU G 1526 83.77 27.90 24.77
N ARG G 1527 84.89 27.99 24.07
CA ARG G 1527 86.19 27.91 24.71
C ARG G 1527 86.36 29.03 25.72
N GLY G 1528 85.96 30.25 25.35
CA GLY G 1528 86.13 31.37 26.26
C GLY G 1528 85.13 31.35 27.41
N ALA G 1529 83.93 30.85 27.16
CA ALA G 1529 82.97 30.68 28.26
C ALA G 1529 83.50 29.70 29.29
N LEU G 1530 84.16 28.63 28.84
CA LEU G 1530 84.80 27.72 29.78
C LEU G 1530 86.01 28.38 30.45
N ALA G 1531 86.85 29.06 29.67
CA ALA G 1531 88.06 29.65 30.20
C ALA G 1531 87.80 30.80 31.16
N ALA G 1532 86.59 31.36 31.15
CA ALA G 1532 86.23 32.35 32.15
C ALA G 1532 86.34 31.79 33.57
N PHE G 1533 86.22 30.47 33.71
CA PHE G 1533 86.38 29.77 34.98
C PHE G 1533 87.62 28.89 34.98
N ASN G 1534 88.60 29.19 34.12
CA ASN G 1534 89.83 28.40 34.02
C ASN G 1534 89.53 26.94 33.69
N LEU G 1535 88.54 26.72 32.84
CA LEU G 1535 88.17 25.40 32.36
C LEU G 1535 88.52 25.28 30.88
N THR G 1536 89.25 24.23 30.53
CA THR G 1536 89.55 23.94 29.15
C THR G 1536 88.40 23.16 28.52
N ILE G 1537 88.50 22.95 27.20
CA ILE G 1537 87.45 22.20 26.51
C ILE G 1537 87.33 20.79 27.07
N ASP G 1538 88.45 20.20 27.49
CA ASP G 1538 88.44 18.87 28.08
C ASP G 1538 87.56 18.81 29.32
N ASP G 1539 87.30 19.94 29.96
CA ASP G 1539 86.49 19.93 31.17
C ASP G 1539 85.01 19.79 30.89
N ILE G 1540 84.58 19.85 29.63
CA ILE G 1540 83.20 19.54 29.28
C ILE G 1540 83.08 18.01 29.28
N GLY G 1541 82.55 17.45 30.37
CA GLY G 1541 82.48 16.02 30.52
C GLY G 1541 81.25 15.40 29.91
N VAL G 1542 80.11 16.07 30.05
CA VAL G 1542 78.81 15.55 29.63
C VAL G 1542 78.24 16.46 28.55
N ALA G 1543 77.63 15.85 27.53
CA ALA G 1543 76.89 16.55 26.50
C ALA G 1543 75.45 16.08 26.57
N SER G 1544 74.58 16.89 27.15
CA SER G 1544 73.16 16.58 27.16
C SER G 1544 72.64 16.78 25.74
N PHE G 1545 72.54 15.66 25.02
CA PHE G 1545 72.10 15.68 23.64
C PHE G 1545 70.59 15.89 23.56
N HIS G 1546 70.16 16.56 22.50
CA HIS G 1546 68.74 16.61 22.20
C HIS G 1546 68.16 15.21 22.11
N GLY G 1547 68.86 14.31 21.42
CA GLY G 1547 68.63 12.88 21.53
C GLY G 1547 67.19 12.45 21.29
N THR G 1548 66.60 12.89 20.19
CA THR G 1548 65.18 12.67 19.94
C THR G 1548 64.87 11.29 19.39
N SER G 1549 65.83 10.38 19.30
CA SER G 1549 65.61 9.06 18.71
C SER G 1549 65.11 9.18 17.27
N THR G 1550 65.60 10.19 16.56
CA THR G 1550 65.29 10.42 15.16
C THR G 1550 66.56 10.19 14.34
N VAL G 1551 66.37 9.60 13.16
CA VAL G 1551 67.52 9.16 12.36
C VAL G 1551 68.37 10.35 11.96
N ALA G 1552 67.75 11.42 11.49
CA ALA G 1552 68.51 12.60 11.09
C ALA G 1552 69.03 13.35 12.30
N ASN G 1553 68.22 13.44 13.37
CA ASN G 1553 68.60 14.27 14.50
C ASN G 1553 69.83 13.71 15.21
N ASP G 1554 69.81 12.42 15.55
CA ASP G 1554 70.92 11.87 16.33
C ASP G 1554 72.19 11.74 15.50
N LYS G 1555 72.07 11.69 14.17
CA LYS G 1555 73.24 11.72 13.31
C LYS G 1555 73.82 13.14 13.23
N ASN G 1556 72.99 14.10 12.85
CA ASN G 1556 73.45 15.48 12.69
C ASN G 1556 73.98 16.05 14.00
N GLU G 1557 73.28 15.80 15.10
CA GLU G 1557 73.67 16.36 16.38
C GLU G 1557 75.01 15.79 16.84
N SER G 1558 75.18 14.48 16.74
CA SER G 1558 76.47 13.88 17.08
C SER G 1558 77.56 14.44 16.18
N ALA G 1559 77.26 14.65 14.89
CA ALA G 1559 78.24 15.23 13.98
C ALA G 1559 78.67 16.61 14.43
N THR G 1560 77.72 17.48 14.78
CA THR G 1560 78.09 18.85 15.12
C THR G 1560 78.83 18.89 16.46
N ILE G 1561 78.40 18.07 17.43
CA ILE G 1561 79.10 18.04 18.71
C ILE G 1561 80.52 17.53 18.52
N ASN G 1562 80.70 16.48 17.71
CA ASN G 1562 82.03 15.96 17.48
C ASN G 1562 82.90 16.98 16.75
N ASN G 1563 82.37 17.65 15.74
CA ASN G 1563 83.17 18.60 14.98
C ASN G 1563 83.51 19.83 15.82
N MET G 1564 82.60 20.24 16.69
CA MET G 1564 82.91 21.39 17.55
C MET G 1564 83.95 21.01 18.60
N MET G 1565 83.85 19.79 19.15
CA MET G 1565 84.86 19.32 20.09
C MET G 1565 86.22 19.21 19.40
N LYS G 1566 86.24 18.75 18.14
CA LYS G 1566 87.49 18.61 17.42
C LYS G 1566 88.09 19.97 17.05
N HIS G 1567 87.25 20.91 16.63
CA HIS G 1567 87.74 22.25 16.31
C HIS G 1567 88.24 22.98 17.57
N LEU G 1568 87.62 22.72 18.71
CA LEU G 1568 88.05 23.32 19.97
C LEU G 1568 89.29 22.66 20.55
N GLY G 1569 89.96 21.79 19.80
CA GLY G 1569 91.21 21.21 20.24
C GLY G 1569 91.08 20.26 21.40
N ARG G 1570 89.96 19.55 21.50
CA ARG G 1570 89.78 18.57 22.55
C ARG G 1570 90.78 17.44 22.40
N SER G 1571 91.31 16.97 23.52
CA SER G 1571 92.31 15.91 23.49
C SER G 1571 91.71 14.63 22.91
N GLU G 1572 92.49 13.95 22.08
CA GLU G 1572 92.07 12.67 21.54
C GLU G 1572 91.92 11.66 22.68
N GLY G 1573 90.91 10.81 22.58
CA GLY G 1573 90.60 9.89 23.65
C GLY G 1573 89.87 10.52 24.83
N ASN G 1574 89.25 11.67 24.62
CA ASN G 1574 88.49 12.37 25.66
C ASN G 1574 87.11 12.71 25.12
N PRO G 1575 86.28 11.71 24.86
CA PRO G 1575 84.92 11.99 24.40
C PRO G 1575 84.06 12.56 25.51
N VAL G 1576 83.09 13.37 25.11
CA VAL G 1576 82.04 13.83 26.00
C VAL G 1576 81.05 12.69 26.20
N PHE G 1577 80.61 12.48 27.44
CA PHE G 1577 79.57 11.50 27.69
C PHE G 1577 78.24 12.05 27.21
N GLY G 1578 77.45 11.21 26.54
CA GLY G 1578 76.19 11.63 25.98
C GLY G 1578 75.02 11.21 26.86
N VAL G 1579 74.29 12.20 27.33
CA VAL G 1579 73.04 12.00 28.05
C VAL G 1579 71.91 12.14 27.04
N PHE G 1580 71.00 11.18 27.04
CA PHE G 1580 69.91 11.09 26.07
C PHE G 1580 68.59 10.96 26.79
N GLN G 1581 68.37 11.87 27.74
CA GLN G 1581 67.25 11.82 28.67
C GLN G 1581 65.89 11.57 28.00
N LYS G 1582 65.76 11.90 26.72
CA LYS G 1582 64.51 11.66 26.02
C LYS G 1582 64.19 10.18 25.91
N TYR G 1583 65.19 9.29 26.04
CA TYR G 1583 64.91 7.87 26.08
C TYR G 1583 63.91 7.52 27.17
N LEU G 1584 63.96 8.24 28.29
CA LEU G 1584 63.10 8.02 29.44
C LEU G 1584 61.93 8.99 29.48
N THR G 1585 62.20 10.28 29.28
CA THR G 1585 61.18 11.31 29.43
C THR G 1585 60.38 11.56 28.17
N GLY G 1586 60.70 10.89 27.06
CA GLY G 1586 60.06 11.26 25.82
C GLY G 1586 60.52 12.64 25.39
N HIS G 1587 59.87 13.15 24.33
CA HIS G 1587 60.22 14.43 23.73
C HIS G 1587 59.08 15.42 23.91
N PRO G 1588 59.18 16.36 24.85
CA PRO G 1588 58.30 17.53 24.81
C PRO G 1588 58.96 18.60 23.97
N LYS G 1589 58.21 19.16 23.03
CA LYS G 1589 58.79 20.17 22.15
C LYS G 1589 59.22 21.40 22.95
N GLY G 1590 58.32 21.92 23.78
CA GLY G 1590 58.66 23.10 24.56
C GLY G 1590 59.72 22.81 25.61
N ALA G 1591 59.52 21.75 26.39
CA ALA G 1591 60.30 21.53 27.60
C ALA G 1591 61.48 20.59 27.39
N ALA G 1592 61.85 20.29 26.15
CA ALA G 1592 62.98 19.38 25.93
C ALA G 1592 64.26 19.97 26.50
N GLY G 1593 64.60 21.19 26.10
CA GLY G 1593 65.81 21.82 26.60
C GLY G 1593 65.73 22.08 28.10
N ALA G 1594 64.53 22.31 28.62
CA ALA G 1594 64.39 22.59 30.04
C ALA G 1594 64.64 21.34 30.86
N TRP G 1595 64.05 20.21 30.45
CA TRP G 1595 64.31 18.96 31.14
C TRP G 1595 65.77 18.56 31.00
N MET G 1596 66.36 18.78 29.84
CA MET G 1596 67.77 18.44 29.66
C MET G 1596 68.67 19.32 30.52
N LEU G 1597 68.33 20.60 30.66
CA LEU G 1597 69.11 21.47 31.52
C LEU G 1597 68.95 21.09 32.98
N ASN G 1598 67.74 20.70 33.39
CA ASN G 1598 67.55 20.26 34.77
C ASN G 1598 68.32 18.98 35.03
N GLY G 1599 68.32 18.06 34.08
CA GLY G 1599 69.13 16.86 34.20
C GLY G 1599 70.61 17.18 34.27
N ALA G 1600 71.06 18.15 33.48
CA ALA G 1600 72.47 18.54 33.51
C ALA G 1600 72.81 19.20 34.85
N ILE G 1601 71.88 19.98 35.41
CA ILE G 1601 72.07 20.56 36.73
C ILE G 1601 72.28 19.45 37.75
N GLN G 1602 71.39 18.47 37.73
CA GLN G 1602 71.48 17.37 38.69
C GLN G 1602 72.72 16.53 38.45
N ILE G 1603 73.14 16.40 37.19
CA ILE G 1603 74.38 15.70 36.87
C ILE G 1603 75.56 16.44 37.48
N LEU G 1604 75.57 17.77 37.36
CA LEU G 1604 76.63 18.57 37.96
C LEU G 1604 76.64 18.39 39.48
N GLU G 1605 75.46 18.38 40.10
CA GLU G 1605 75.41 18.26 41.55
C GLU G 1605 75.92 16.90 42.01
N SER G 1606 75.29 15.83 41.52
CA SER G 1606 75.54 14.49 42.05
C SER G 1606 76.79 13.83 41.48
N GLY G 1607 77.29 14.28 40.34
CA GLY G 1607 78.39 13.63 39.69
C GLY G 1607 78.02 12.41 38.88
N LEU G 1608 76.75 12.02 38.87
CA LEU G 1608 76.34 10.83 38.13
C LEU G 1608 75.96 11.21 36.70
N VAL G 1609 76.42 10.40 35.76
CA VAL G 1609 76.08 10.54 34.35
C VAL G 1609 75.10 9.42 34.03
N PRO G 1610 73.80 9.70 33.88
CA PRO G 1610 72.87 8.63 33.52
C PRO G 1610 73.19 8.07 32.14
N GLY G 1611 72.95 6.77 31.97
CA GLY G 1611 73.17 6.08 30.72
C GLY G 1611 71.86 5.87 29.98
N ASN G 1612 71.94 5.92 28.66
CA ASN G 1612 70.76 5.72 27.82
C ASN G 1612 70.35 4.27 27.87
N ARG G 1613 69.46 3.91 28.78
CA ARG G 1613 69.12 2.52 29.01
C ARG G 1613 68.34 1.90 27.86
N ASN G 1614 67.85 2.72 26.93
CA ASN G 1614 67.24 2.21 25.70
C ASN G 1614 68.26 2.08 24.57
N ALA G 1615 69.54 2.35 24.84
CA ALA G 1615 70.58 2.21 23.82
C ALA G 1615 70.83 0.73 23.58
N ASP G 1616 69.89 0.12 22.86
CA ASP G 1616 70.02 -1.31 22.54
C ASP G 1616 71.29 -1.58 21.76
N ASN G 1617 71.57 -0.77 20.75
CA ASN G 1617 72.76 -0.95 19.92
C ASN G 1617 73.06 0.39 19.28
N VAL G 1618 74.21 0.98 19.64
CA VAL G 1618 74.57 2.28 19.09
C VAL G 1618 74.81 2.15 17.59
N ASP G 1619 74.38 3.16 16.85
CA ASP G 1619 74.48 3.12 15.41
C ASP G 1619 75.97 3.05 15.03
N LYS G 1620 76.30 2.15 14.09
CA LYS G 1620 77.68 2.02 13.63
C LYS G 1620 78.22 3.31 13.00
N LEU G 1621 77.35 4.11 12.42
CA LEU G 1621 77.69 5.37 11.79
C LEU G 1621 78.15 6.40 12.79
N LEU G 1622 77.89 6.18 14.08
CA LEU G 1622 78.31 7.10 15.12
C LEU G 1622 79.68 6.78 15.69
N GLU G 1623 80.25 5.61 15.35
CA GLU G 1623 81.65 5.36 15.66
C GLU G 1623 82.55 6.35 14.94
N GLN G 1624 82.08 6.87 13.81
CA GLN G 1624 82.64 8.04 13.14
C GLN G 1624 83.07 9.12 14.11
N TYR G 1625 82.24 9.37 15.11
CA TYR G 1625 82.42 10.49 16.04
C TYR G 1625 83.20 10.01 17.26
N GLU G 1626 84.51 10.22 17.21
CA GLU G 1626 85.41 9.78 18.27
C GLU G 1626 85.28 10.60 19.55
N TYR G 1627 84.81 11.84 19.46
CA TYR G 1627 84.70 12.73 20.60
C TYR G 1627 83.38 12.61 21.34
N VAL G 1628 82.55 11.61 20.99
CA VAL G 1628 81.28 11.38 21.65
C VAL G 1628 81.26 9.94 22.14
N LEU G 1629 80.85 9.74 23.39
CA LEU G 1629 80.59 8.43 23.96
C LEU G 1629 79.12 8.34 24.30
N TYR G 1630 78.56 7.13 24.22
CA TYR G 1630 77.13 6.90 24.42
C TYR G 1630 76.92 5.82 25.49
N PRO G 1631 77.04 6.18 26.77
CA PRO G 1631 76.79 5.18 27.82
C PRO G 1631 75.35 4.70 27.81
N SER G 1632 75.16 3.45 28.19
CA SER G 1632 73.83 2.86 28.36
C SER G 1632 73.47 2.59 29.82
N ARG G 1633 74.42 2.68 30.74
CA ARG G 1633 74.17 2.51 32.16
C ARG G 1633 74.71 3.73 32.91
N SER G 1634 73.96 4.17 33.91
CA SER G 1634 74.38 5.30 34.72
C SER G 1634 75.70 4.99 35.41
N ILE G 1635 76.60 5.96 35.43
CA ILE G 1635 77.91 5.81 36.04
C ILE G 1635 78.18 6.99 36.96
N GLN G 1636 78.62 6.70 38.18
CA GLN G 1636 78.96 7.72 39.17
C GLN G 1636 80.39 8.19 38.92
N THR G 1637 80.55 9.48 38.63
CA THR G 1637 81.83 10.09 38.33
C THR G 1637 82.35 10.81 39.57
N ASP G 1638 83.66 11.06 39.58
CA ASP G 1638 84.29 11.83 40.65
C ASP G 1638 84.13 13.34 40.49
N GLY G 1639 83.20 13.79 39.65
CA GLY G 1639 82.95 15.21 39.47
C GLY G 1639 82.88 15.59 38.00
N ILE G 1640 81.86 16.36 37.64
CA ILE G 1640 81.66 16.85 36.29
C ILE G 1640 81.78 18.37 36.32
N LYS G 1641 82.75 18.90 35.57
CA LYS G 1641 83.03 20.33 35.63
C LYS G 1641 81.97 21.13 34.89
N ALA G 1642 81.55 20.67 33.72
CA ALA G 1642 80.60 21.41 32.90
C ALA G 1642 79.82 20.44 32.04
N VAL G 1643 78.62 20.87 31.65
CA VAL G 1643 77.72 20.08 30.81
C VAL G 1643 77.27 20.96 29.65
N SER G 1644 77.23 20.38 28.45
CA SER G 1644 76.82 21.08 27.24
C SER G 1644 75.46 20.58 26.80
N VAL G 1645 74.42 21.41 27.00
CA VAL G 1645 73.06 21.08 26.61
C VAL G 1645 72.85 21.60 25.19
N THR G 1646 72.45 20.72 24.28
CA THR G 1646 72.21 21.09 22.89
C THR G 1646 70.82 20.68 22.46
N SER G 1647 70.07 21.63 21.90
CA SER G 1647 68.71 21.42 21.41
C SER G 1647 68.62 21.85 19.96
N PHE G 1648 67.77 21.15 19.20
CA PHE G 1648 67.55 21.44 17.78
C PHE G 1648 66.04 21.43 17.52
N GLY G 1649 65.50 22.60 17.18
CA GLY G 1649 64.07 22.73 16.97
C GLY G 1649 63.66 22.76 15.52
N PHE G 1650 62.41 22.43 15.22
CA PHE G 1650 61.93 22.63 13.87
C PHE G 1650 61.91 24.12 13.57
N GLY G 1651 62.24 24.45 12.28
CA GLY G 1651 62.47 25.82 11.90
C GLY G 1651 63.92 26.21 11.78
N GLN G 1652 64.81 25.23 11.63
CA GLN G 1652 66.26 25.46 11.58
C GLN G 1652 66.70 26.30 12.78
N LYS G 1653 66.46 25.74 13.97
CA LYS G 1653 66.72 26.44 15.22
C LYS G 1653 67.52 25.55 16.14
N GLY G 1654 68.84 25.65 16.07
CA GLY G 1654 69.73 24.97 16.98
C GLY G 1654 70.04 25.88 18.16
N ALA G 1655 70.26 25.28 19.32
CA ALA G 1655 70.56 26.04 20.52
C ALA G 1655 71.48 25.23 21.41
N GLN G 1656 72.46 25.91 22.01
CA GLN G 1656 73.43 25.27 22.89
C GLN G 1656 73.57 26.07 24.17
N ALA G 1657 73.57 25.35 25.29
CA ALA G 1657 73.84 25.92 26.60
C ALA G 1657 74.96 25.17 27.27
N VAL G 1658 75.89 25.90 27.87
CA VAL G 1658 77.01 25.36 28.63
C VAL G 1658 76.84 25.79 30.08
N VAL G 1659 76.71 24.79 30.97
CA VAL G 1659 76.46 24.98 32.39
C VAL G 1659 77.69 24.48 33.14
N VAL G 1660 78.22 25.31 34.04
CA VAL G 1660 79.44 25.03 34.78
C VAL G 1660 79.09 24.83 36.25
N HIS G 1661 79.93 24.05 36.94
CA HIS G 1661 79.68 23.71 38.33
C HIS G 1661 79.75 24.96 39.23
N PRO G 1662 78.95 25.01 40.31
CA PRO G 1662 79.03 26.18 41.21
C PRO G 1662 80.37 26.36 41.90
N ASP G 1663 81.17 25.30 42.02
CA ASP G 1663 82.41 25.40 42.78
C ASP G 1663 83.37 26.40 42.13
N TYR G 1664 83.28 26.59 40.83
CA TYR G 1664 84.10 27.56 40.12
C TYR G 1664 83.57 28.98 40.25
N LEU G 1665 82.31 29.15 40.64
CA LEU G 1665 81.81 30.46 41.03
C LEU G 1665 82.22 30.80 42.45
N PHE G 1666 82.19 29.81 43.35
CA PHE G 1666 82.46 30.10 44.76
C PHE G 1666 83.91 30.43 45.03
N ALA G 1667 84.80 30.27 44.05
CA ALA G 1667 86.21 30.63 44.20
C ALA G 1667 86.53 32.05 43.77
N VAL G 1668 85.59 32.78 43.18
CA VAL G 1668 85.83 34.15 42.76
C VAL G 1668 85.48 35.17 43.84
N LEU G 1669 85.15 34.70 45.05
CA LEU G 1669 84.75 35.55 46.15
C LEU G 1669 85.53 35.17 47.40
N ASP G 1670 85.75 36.15 48.26
CA ASP G 1670 86.59 35.95 49.43
C ASP G 1670 85.92 35.00 50.42
N ARG G 1671 86.68 34.63 51.45
CA ARG G 1671 86.20 33.63 52.40
C ARG G 1671 84.95 34.10 53.12
N SER G 1672 84.97 35.32 53.67
CA SER G 1672 83.89 35.80 54.50
C SER G 1672 82.57 35.84 53.74
N THR G 1673 82.60 36.31 52.49
CA THR G 1673 81.40 36.28 51.66
C THR G 1673 80.90 34.86 51.48
N TYR G 1674 81.81 33.90 51.32
CA TYR G 1674 81.39 32.51 51.18
C TYR G 1674 80.72 32.00 52.44
N GLU G 1675 81.28 32.30 53.62
CA GLU G 1675 80.66 31.82 54.85
C GLU G 1675 79.28 32.46 55.05
N GLU G 1676 79.15 33.76 54.75
CA GLU G 1676 77.85 34.40 54.84
C GLU G 1676 76.86 33.74 53.90
N TYR G 1677 77.28 33.47 52.66
CA TYR G 1677 76.42 32.79 51.71
C TYR G 1677 76.01 31.41 52.20
N ALA G 1678 76.96 30.65 52.74
CA ALA G 1678 76.66 29.29 53.18
C ALA G 1678 75.69 29.30 54.35
N THR G 1679 75.87 30.23 55.30
CA THR G 1679 74.90 30.35 56.39
C THR G 1679 73.52 30.70 55.87
N LYS G 1680 73.45 31.62 54.90
CA LYS G 1680 72.14 31.99 54.35
C LYS G 1680 71.49 30.81 53.63
N VAL G 1681 72.26 30.03 52.88
CA VAL G 1681 71.68 28.88 52.19
C VAL G 1681 71.28 27.81 53.18
N SER G 1682 72.03 27.64 54.26
CA SER G 1682 71.61 26.69 55.28
C SER G 1682 70.26 27.08 55.85
N ALA G 1683 70.12 28.34 56.25
CA ALA G 1683 68.83 28.82 56.77
C ALA G 1683 67.73 28.63 55.74
N ARG G 1684 67.99 29.04 54.48
CA ARG G 1684 66.99 28.94 53.43
C ARG G 1684 66.61 27.50 53.12
N ASN G 1685 67.58 26.57 53.16
CA ASN G 1685 67.26 25.17 53.02
C ASN G 1685 66.34 24.70 54.13
N LYS G 1686 66.56 25.19 55.35
CA LYS G 1686 65.64 24.85 56.43
C LYS G 1686 64.23 25.34 56.14
N LYS G 1687 64.10 26.63 55.77
CA LYS G 1687 62.79 27.20 55.45
C LYS G 1687 62.14 26.42 54.31
N THR G 1688 62.92 26.08 53.30
CA THR G 1688 62.41 25.38 52.13
C THR G 1688 61.94 23.98 52.48
N TYR G 1689 62.68 23.28 53.31
CA TYR G 1689 62.24 21.99 53.81
C TYR G 1689 60.88 22.12 54.49
N ARG G 1690 60.73 23.12 55.38
CA ARG G 1690 59.41 23.34 55.98
C ARG G 1690 58.33 23.54 54.95
N TYR G 1691 58.54 24.48 54.03
CA TYR G 1691 57.48 24.83 53.11
C TYR G 1691 57.14 23.66 52.22
N MET G 1692 58.16 22.98 51.72
CA MET G 1692 57.94 21.81 50.87
C MET G 1692 57.09 20.78 51.56
N HIS G 1693 57.38 20.49 52.82
CA HIS G 1693 56.61 19.47 53.52
C HIS G 1693 55.22 19.97 53.90
N ASN G 1694 55.11 21.21 54.37
CA ASN G 1694 53.80 21.79 54.66
C ASN G 1694 52.88 21.67 53.47
N ALA G 1695 53.39 22.02 52.30
CA ALA G 1695 52.55 22.06 51.13
C ALA G 1695 52.35 20.69 50.50
N ILE G 1696 53.33 19.79 50.62
CA ILE G 1696 53.10 18.45 50.08
C ILE G 1696 52.02 17.74 50.87
N THR G 1697 51.99 17.93 52.20
CA THR G 1697 50.98 17.26 53.00
C THR G 1697 49.63 17.96 52.98
N ARG G 1698 49.58 19.30 53.02
CA ARG G 1698 48.32 20.01 52.96
C ARG G 1698 47.86 20.34 51.55
N ASN G 1699 48.59 19.89 50.52
CA ASN G 1699 48.24 20.17 49.13
C ASN G 1699 48.13 21.68 48.88
N THR G 1700 49.10 22.44 49.40
CA THR G 1700 49.19 23.88 49.20
C THR G 1700 50.53 24.25 48.58
N MET G 1701 51.00 23.42 47.65
CA MET G 1701 52.23 23.72 46.93
C MET G 1701 52.16 25.06 46.23
N PHE G 1702 51.13 25.24 45.43
CA PHE G 1702 50.86 26.49 44.75
C PHE G 1702 49.92 27.31 45.64
N VAL G 1703 50.37 28.50 46.03
CA VAL G 1703 49.57 29.45 46.78
C VAL G 1703 49.39 30.66 45.87
N ALA G 1704 48.20 30.81 45.29
CA ALA G 1704 47.93 31.96 44.45
C ALA G 1704 48.04 33.24 45.27
N LYS G 1705 48.66 34.26 44.68
CA LYS G 1705 48.71 35.58 45.29
C LYS G 1705 47.38 36.27 44.99
N ASP G 1706 46.61 36.55 46.03
CA ASP G 1706 45.36 37.27 45.85
C ASP G 1706 45.60 38.74 45.54
N LYS G 1707 46.64 39.32 46.15
CA LYS G 1707 46.95 40.73 46.01
C LYS G 1707 48.42 40.90 45.65
N ALA G 1708 48.71 41.95 44.88
CA ALA G 1708 50.08 42.31 44.56
C ALA G 1708 50.77 42.83 45.80
N PRO G 1709 52.11 42.85 45.82
CA PRO G 1709 52.80 43.41 47.00
C PRO G 1709 52.58 44.90 47.17
N TYR G 1710 52.07 45.58 46.14
CA TYR G 1710 51.73 46.99 46.19
C TYR G 1710 50.23 47.16 46.03
N SER G 1711 49.67 48.11 46.78
CA SER G 1711 48.27 48.47 46.60
C SER G 1711 48.11 49.29 45.33
N ASP G 1712 46.87 49.37 44.85
CA ASP G 1712 46.58 50.18 43.67
C ASP G 1712 46.95 51.64 43.92
N GLU G 1713 46.85 52.11 45.16
CA GLU G 1713 47.23 53.48 45.47
C GLU G 1713 48.74 53.66 45.44
N LEU G 1714 49.48 52.73 46.04
CA LEU G 1714 50.93 52.76 46.04
C LEU G 1714 51.54 52.06 44.84
N GLU G 1715 50.72 51.53 43.93
CA GLU G 1715 51.25 50.81 42.78
C GLU G 1715 52.20 51.70 41.98
N GLN G 1716 51.83 52.95 41.75
CA GLN G 1716 52.61 53.82 40.89
C GLN G 1716 53.80 54.47 41.62
N PRO G 1717 53.79 54.94 42.87
CA PRO G 1717 55.04 55.14 43.50
C PRO G 1717 55.96 53.92 43.54
N VAL G 1718 55.43 52.74 43.89
CA VAL G 1718 56.23 51.52 43.94
C VAL G 1718 56.89 51.27 42.61
N TYR G 1719 56.11 51.38 41.54
CA TYR G 1719 56.66 51.31 40.20
C TYR G 1719 57.76 52.35 40.01
N LEU G 1720 57.41 53.62 40.04
CA LEU G 1720 58.29 54.69 39.59
C LEU G 1720 59.51 54.88 40.47
N ASP G 1721 59.57 54.23 41.64
CA ASP G 1721 60.77 54.24 42.46
C ASP G 1721 61.61 53.01 42.14
N PRO G 1722 62.83 53.13 41.61
CA PRO G 1722 63.64 51.92 41.36
C PRO G 1722 64.13 51.24 42.62
N LEU G 1723 64.33 51.99 43.71
CA LEU G 1723 64.83 51.42 44.95
C LEU G 1723 63.72 50.90 45.85
N ALA G 1724 62.47 50.90 45.38
CA ALA G 1724 61.37 50.37 46.18
C ALA G 1724 61.53 48.86 46.36
N ARG G 1725 61.33 48.41 47.60
CA ARG G 1725 61.46 47.00 47.93
C ARG G 1725 60.45 46.66 49.02
N VAL G 1726 59.90 45.45 48.96
CA VAL G 1726 58.88 45.04 49.92
C VAL G 1726 59.49 44.89 51.30
N GLU G 1727 58.64 45.02 52.31
CA GLU G 1727 58.98 44.76 53.69
C GLU G 1727 57.85 43.94 54.31
N GLU G 1728 58.13 43.38 55.48
CA GLU G 1728 57.15 42.52 56.14
C GLU G 1728 56.14 43.38 56.90
N ASN G 1729 54.85 43.16 56.61
CA ASN G 1729 53.76 43.82 57.31
C ASN G 1729 52.57 42.86 57.30
N LYS G 1730 51.97 42.66 58.47
CA LYS G 1730 50.85 41.73 58.62
C LYS G 1730 51.22 40.34 58.13
N LYS G 1731 52.48 39.95 58.34
CA LYS G 1731 53.01 38.65 57.95
C LYS G 1731 53.10 38.47 56.44
N LYS G 1732 52.97 39.55 55.67
CA LYS G 1732 53.08 39.49 54.22
C LYS G 1732 54.09 40.50 53.73
N LEU G 1733 54.82 40.15 52.67
CA LEU G 1733 55.80 41.04 52.08
C LEU G 1733 55.07 41.99 51.14
N VAL G 1734 54.93 43.24 51.54
CA VAL G 1734 54.21 44.25 50.78
C VAL G 1734 55.02 45.53 50.77
N PHE G 1735 54.68 46.41 49.83
CA PHE G 1735 55.28 47.73 49.77
C PHE G 1735 54.55 48.68 50.71
N SER G 1736 55.29 49.62 51.26
CA SER G 1736 54.75 50.62 52.18
C SER G 1736 55.12 52.01 51.68
N ASP G 1737 54.27 52.99 52.05
CA ASP G 1737 54.51 54.36 51.62
C ASP G 1737 55.83 54.91 52.15
N LYS G 1738 56.29 54.41 53.30
CA LYS G 1738 57.50 54.95 53.90
C LYS G 1738 58.76 54.52 53.16
N THR G 1739 58.74 53.34 52.52
CA THR G 1739 59.91 52.80 51.87
C THR G 1739 59.97 53.13 50.37
N ILE G 1740 59.12 54.04 49.90
CA ILE G 1740 59.06 54.44 48.50
C ILE G 1740 59.58 55.86 48.37
N GLN G 1741 60.54 56.06 47.47
CA GLN G 1741 61.20 57.35 47.29
C GLN G 1741 61.79 57.84 48.61
N SER G 1742 62.35 56.92 49.37
CA SER G 1742 62.89 57.20 50.68
C SER G 1742 64.39 57.48 50.60
N ASN G 1743 64.83 58.54 51.29
CA ASN G 1743 66.25 58.87 51.29
C ASN G 1743 67.10 57.76 51.91
N GLN G 1744 66.51 56.96 52.80
CA GLN G 1744 67.25 55.86 53.41
C GLN G 1744 67.70 54.84 52.37
N SER G 1745 66.80 54.52 51.43
CA SER G 1745 67.16 53.55 50.39
C SER G 1745 68.29 54.05 49.52
N TYR G 1746 68.28 55.35 49.18
CA TYR G 1746 69.35 55.95 48.39
C TYR G 1746 70.54 56.26 49.29
N MET H 1 -6.04 94.97 80.17
CA MET H 1 -5.28 95.39 78.97
C MET H 1 -6.21 95.51 77.76
N LYS H 2 -6.14 96.65 77.08
CA LYS H 2 -6.98 96.85 75.90
C LYS H 2 -6.56 95.89 74.79
N PRO H 3 -7.50 95.43 73.95
CA PRO H 3 -7.11 94.54 72.86
C PRO H 3 -6.10 95.15 71.90
N GLU H 4 -6.23 96.45 71.60
CA GLU H 4 -5.32 97.08 70.64
C GLU H 4 -3.91 97.15 71.21
N ILE H 5 -3.76 97.63 72.45
CA ILE H 5 -2.44 97.72 73.04
C ILE H 5 -1.84 96.33 73.22
N GLU H 6 -2.69 95.35 73.56
CA GLU H 6 -2.19 93.98 73.74
C GLU H 6 -1.67 93.45 72.44
N GLN H 7 -2.39 93.71 71.35
CA GLN H 7 -1.93 93.27 70.05
C GLN H 7 -0.62 93.95 69.67
N GLU H 8 -0.51 95.25 69.97
CA GLU H 8 0.74 95.98 69.72
C GLU H 8 1.90 95.32 70.44
N LEU H 9 1.75 95.11 71.75
CA LEU H 9 2.84 94.54 72.54
C LEU H 9 3.15 93.12 72.11
N SER H 10 2.13 92.33 71.78
CA SER H 10 2.35 90.96 71.34
C SER H 10 3.10 90.93 70.02
N HIS H 11 2.74 91.82 69.08
CA HIS H 11 3.46 91.88 67.81
C HIS H 11 4.91 92.27 68.03
N THR H 12 5.16 93.29 68.85
CA THR H 12 6.53 93.71 69.10
C THR H 12 7.34 92.60 69.76
N LEU H 13 6.75 91.94 70.76
CA LEU H 13 7.47 90.87 71.45
C LEU H 13 7.74 89.69 70.54
N LEU H 14 6.75 89.31 69.72
CA LEU H 14 6.95 88.20 68.78
C LEU H 14 8.05 88.54 67.77
N THR H 15 8.03 89.76 67.24
CA THR H 15 9.07 90.16 66.29
C THR H 15 10.45 90.13 66.95
N GLU H 16 10.55 90.64 68.17
CA GLU H 16 11.84 90.62 68.87
C GLU H 16 12.30 89.19 69.14
N LEU H 17 11.37 88.31 69.54
CA LEU H 17 11.71 86.91 69.79
C LEU H 17 12.24 86.25 68.53
N LEU H 18 11.50 86.38 67.42
CA LEU H 18 11.94 85.75 66.18
C LEU H 18 13.22 86.35 65.67
N ALA H 19 13.46 87.64 65.91
CA ALA H 19 14.69 88.27 65.45
C ALA H 19 15.89 87.79 66.25
N TYR H 20 15.77 87.77 67.58
CA TYR H 20 16.91 87.50 68.44
C TYR H 20 17.13 86.03 68.76
N GLN H 21 16.17 85.15 68.43
CA GLN H 21 16.33 83.74 68.76
C GLN H 21 17.30 83.05 67.82
N PHE H 22 17.35 83.47 66.55
CA PHE H 22 18.23 82.79 65.60
C PHE H 22 19.70 83.15 65.79
N ALA H 23 20.00 84.15 66.62
CA ALA H 23 21.37 84.46 67.01
C ALA H 23 21.67 84.15 68.47
N SER H 24 20.67 84.23 69.36
CA SER H 24 20.90 83.88 70.75
C SER H 24 20.95 82.36 70.90
N PRO H 25 21.64 81.83 71.92
CA PRO H 25 21.66 80.38 72.11
C PRO H 25 20.28 79.84 72.43
N VAL H 26 19.97 78.65 71.90
CA VAL H 26 18.65 78.05 72.09
C VAL H 26 18.62 77.42 73.48
N ARG H 27 17.66 77.84 74.30
CA ARG H 27 17.52 77.28 75.66
C ARG H 27 16.43 76.21 75.63
N TRP H 28 16.77 75.04 75.07
CA TRP H 28 15.84 73.93 75.05
C TRP H 28 15.67 73.27 76.41
N ILE H 29 16.60 73.49 77.34
CA ILE H 29 16.47 72.93 78.68
C ILE H 29 15.23 73.47 79.37
N GLU H 30 15.04 74.80 79.32
CA GLU H 30 13.89 75.39 79.98
C GLU H 30 12.60 75.07 79.24
N THR H 31 12.67 74.93 77.91
CA THR H 31 11.49 74.51 77.17
C THR H 31 11.06 73.10 77.58
N GLN H 32 12.02 72.19 77.71
CA GLN H 32 11.71 70.84 78.17
C GLN H 32 11.16 70.86 79.59
N ASP H 33 11.75 71.68 80.46
CA ASP H 33 11.21 71.82 81.80
C ASP H 33 9.76 72.30 81.76
N VAL H 34 9.46 73.25 80.88
CA VAL H 34 8.11 73.78 80.78
C VAL H 34 7.13 72.71 80.34
N PHE H 35 7.44 72.00 79.26
CA PHE H 35 6.48 71.04 78.70
C PHE H 35 6.59 69.65 79.30
N LEU H 36 7.43 69.45 80.33
CA LEU H 36 7.48 68.19 81.06
C LEU H 36 7.03 68.32 82.50
N LYS H 37 7.49 69.33 83.24
CA LYS H 37 7.19 69.48 84.66
C LYS H 37 6.16 70.56 84.93
N GLN H 38 6.37 71.79 84.45
CA GLN H 38 5.48 72.89 84.79
C GLN H 38 4.07 72.63 84.28
N HIS H 39 3.95 72.09 83.06
CA HIS H 39 2.64 71.80 82.49
C HIS H 39 2.19 70.36 82.72
N ASN H 40 3.11 69.47 83.13
CA ASN H 40 2.78 68.08 83.45
C ASN H 40 2.05 67.42 82.28
N THR H 41 2.65 67.54 81.10
CA THR H 41 1.99 67.17 79.85
C THR H 41 2.06 65.65 79.67
N GLU H 42 0.93 64.98 79.79
CA GLU H 42 0.86 63.53 79.64
C GLU H 42 1.04 63.09 78.19
N ARG H 43 0.91 63.99 77.22
CA ARG H 43 1.08 63.67 75.81
C ARG H 43 2.01 64.69 75.18
N ILE H 44 3.04 64.20 74.48
CA ILE H 44 3.98 65.03 73.74
C ILE H 44 3.82 64.67 72.28
N ILE H 45 3.58 65.69 71.44
CA ILE H 45 3.45 65.52 70.01
C ILE H 45 4.62 66.24 69.37
N GLU H 46 5.35 65.53 68.50
CA GLU H 46 6.36 66.14 67.65
C GLU H 46 5.96 65.89 66.20
N ILE H 47 6.08 66.93 65.37
CA ILE H 47 5.73 66.84 63.96
C ILE H 47 7.00 67.12 63.17
N GLY H 48 7.41 66.15 62.36
CA GLY H 48 8.60 66.28 61.54
C GLY H 48 8.87 65.02 60.75
N PRO H 49 9.79 65.11 59.78
CA PRO H 49 10.13 63.91 59.00
C PRO H 49 10.73 62.79 59.84
N SER H 50 11.47 63.13 60.89
CA SER H 50 12.11 62.16 61.76
C SER H 50 12.01 62.62 63.20
N PRO H 51 12.06 61.69 64.17
CA PRO H 51 11.92 62.08 65.60
C PRO H 51 13.24 62.51 66.24
N THR H 52 13.71 63.71 65.87
CA THR H 52 14.93 64.21 66.49
C THR H 52 14.65 64.77 67.88
N LEU H 53 13.48 65.38 68.08
CA LEU H 53 13.12 65.95 69.38
C LEU H 53 12.39 64.96 70.27
N ALA H 54 11.63 64.03 69.68
CA ALA H 54 10.92 63.04 70.49
C ALA H 54 11.91 62.16 71.25
N GLY H 55 12.99 61.74 70.59
CA GLY H 55 13.96 60.89 71.27
C GLY H 55 14.65 61.60 72.42
N MET H 56 15.05 62.85 72.20
CA MET H 56 15.75 63.56 73.26
C MET H 56 14.81 63.98 74.38
N ALA H 57 13.54 64.24 74.07
CA ALA H 57 12.56 64.41 75.13
C ALA H 57 12.38 63.13 75.93
N ASN H 58 12.36 61.98 75.24
CA ASN H 58 12.25 60.69 75.92
C ASN H 58 13.40 60.49 76.89
N ARG H 59 14.64 60.70 76.43
CA ARG H 59 15.77 60.47 77.32
C ARG H 59 15.88 61.58 78.37
N THR H 60 15.31 62.76 78.10
CA THR H 60 15.25 63.79 79.13
C THR H 60 14.34 63.37 80.27
N ILE H 61 13.14 62.89 79.95
CA ILE H 61 12.25 62.43 81.02
C ILE H 61 12.82 61.20 81.70
N LYS H 62 13.56 60.37 80.96
CA LYS H 62 14.21 59.21 81.57
C LYS H 62 15.27 59.65 82.58
N ALA H 63 16.10 60.62 82.21
CA ALA H 63 17.23 61.01 83.04
C ALA H 63 16.82 61.91 84.20
N LYS H 64 15.74 62.67 84.05
CA LYS H 64 15.41 63.75 84.98
C LYS H 64 14.04 63.58 85.64
N TYR H 65 13.03 63.11 84.90
CA TYR H 65 11.65 63.09 85.37
C TYR H 65 11.11 61.67 85.51
N GLU H 66 11.99 60.67 85.62
CA GLU H 66 11.51 59.31 85.80
C GLU H 66 10.81 59.14 87.16
N SER H 67 11.48 59.50 88.25
CA SER H 67 10.86 59.38 89.55
C SER H 67 9.72 60.36 89.72
N TYR H 68 9.83 61.54 89.10
CA TYR H 68 8.72 62.51 89.12
C TYR H 68 7.48 61.91 88.47
N ASP H 69 7.64 61.32 87.28
CA ASP H 69 6.52 60.70 86.59
C ASP H 69 5.97 59.55 87.41
N ALA H 70 6.84 58.74 88.00
CA ALA H 70 6.39 57.64 88.84
C ALA H 70 5.52 58.15 89.98
N ALA H 71 6.04 59.09 90.78
CA ALA H 71 5.33 59.54 91.97
C ALA H 71 4.02 60.23 91.61
N LEU H 72 4.04 61.16 90.65
CA LEU H 72 2.83 61.85 90.24
C LEU H 72 1.90 61.00 89.39
N SER H 73 2.31 59.78 89.03
CA SER H 73 1.49 58.89 88.23
C SER H 73 1.20 59.49 86.84
N LEU H 74 2.22 60.14 86.28
CA LEU H 74 2.14 60.76 84.97
C LEU H 74 2.58 59.74 83.93
N GLN H 75 1.66 59.38 83.04
CA GLN H 75 1.93 58.41 81.97
C GLN H 75 2.24 59.20 80.70
N ARG H 76 3.49 59.63 80.58
CA ARG H 76 3.90 60.42 79.42
C ARG H 76 3.91 59.54 78.18
N GLN H 77 3.31 60.06 77.11
CA GLN H 77 3.25 59.40 75.81
C GLN H 77 3.94 60.32 74.80
N VAL H 78 5.19 60.03 74.49
CA VAL H 78 5.93 60.78 73.49
C VAL H 78 5.63 60.19 72.12
N LEU H 79 5.18 61.03 71.20
CA LEU H 79 4.71 60.61 69.89
C LEU H 79 5.35 61.47 68.82
N CYS H 80 5.70 60.83 67.70
CA CYS H 80 6.28 61.51 66.56
C CYS H 80 5.43 61.25 65.32
N TYR H 81 5.27 62.28 64.49
CA TYR H 81 4.45 62.14 63.30
C TYR H 81 5.03 61.12 62.33
N SER H 82 6.35 60.95 62.33
CA SER H 82 6.98 60.02 61.40
C SER H 82 6.57 58.58 61.69
N LYS H 83 6.65 58.17 62.94
CA LYS H 83 6.40 56.78 63.33
C LYS H 83 5.03 56.55 63.94
N ASP H 84 4.69 57.26 65.02
CA ASP H 84 3.48 56.97 65.78
C ASP H 84 2.27 57.72 65.23
N ALA H 85 2.03 57.65 63.92
CA ALA H 85 0.92 58.40 63.33
C ALA H 85 -0.43 57.80 63.73
N LYS H 86 -0.48 56.48 63.90
CA LYS H 86 -1.73 55.83 64.32
C LYS H 86 -2.18 56.34 65.68
N GLU H 87 -1.23 56.52 66.61
CA GLU H 87 -1.58 57.08 67.91
C GLU H 87 -2.00 58.54 67.80
N ILE H 88 -1.37 59.29 66.89
CA ILE H 88 -1.75 60.69 66.69
C ILE H 88 -3.20 60.78 66.25
N TYR H 89 -3.58 59.97 65.28
CA TYR H 89 -4.91 60.03 64.68
C TYR H 89 -5.92 59.11 65.36
N TYR H 90 -5.53 58.41 66.41
CA TYR H 90 -6.42 57.48 67.12
C TYR H 90 -7.00 56.45 66.14
N LYS H 91 -6.09 55.74 65.48
CA LYS H 91 -6.44 54.70 64.50
C LYS H 91 -5.69 53.43 64.85
N PRO H 92 -6.03 52.78 65.98
CA PRO H 92 -5.34 51.55 66.38
C PRO H 92 -5.69 50.36 65.49
N ASN H 333 1.67 4.83 16.15
CA ASN H 333 2.10 3.57 15.57
C ASN H 333 1.57 3.44 14.15
N LYS H 334 0.29 3.12 14.03
CA LYS H 334 -0.33 3.02 12.70
C LYS H 334 -0.31 4.37 12.00
N LYS H 335 -0.57 5.45 12.73
CA LYS H 335 -0.54 6.77 12.13
C LYS H 335 0.85 7.07 11.56
N LEU H 336 1.90 6.61 12.24
CA LEU H 336 3.26 6.85 11.75
C LEU H 336 3.57 5.97 10.54
N ALA H 337 3.14 4.70 10.57
CA ALA H 337 3.15 3.87 9.37
C ALA H 337 2.56 4.61 8.19
N LYS H 338 1.39 5.19 8.42
CA LYS H 338 0.60 5.81 7.36
C LYS H 338 1.29 7.07 6.85
N GLN H 339 1.84 7.87 7.76
CA GLN H 339 2.58 9.08 7.40
C GLN H 339 3.80 8.73 6.56
N GLN H 340 4.50 7.67 6.94
CA GLN H 340 5.67 7.28 6.15
C GLN H 340 5.27 6.81 4.76
N LEU H 341 4.24 5.94 4.68
CA LEU H 341 3.72 5.54 3.37
C LEU H 341 3.33 6.76 2.56
N GLU H 342 2.81 7.78 3.24
CA GLU H 342 2.39 9.01 2.59
C GLU H 342 3.57 9.73 1.94
N VAL H 343 4.56 10.10 2.75
CA VAL H 343 5.70 10.85 2.22
C VAL H 343 6.40 10.04 1.14
N LEU H 344 6.32 8.71 1.26
CA LEU H 344 6.85 7.83 0.23
C LEU H 344 6.17 8.02 -1.11
N ALA H 345 4.83 7.89 -1.11
CA ALA H 345 4.08 8.10 -2.33
C ALA H 345 4.43 9.46 -2.92
N ARG H 346 4.53 10.49 -2.09
CA ARG H 346 4.89 11.81 -2.59
C ARG H 346 6.28 11.82 -3.22
N TYR H 347 7.26 11.23 -2.52
CA TYR H 347 8.63 11.17 -3.04
C TYR H 347 8.62 10.67 -4.46
N LEU H 348 7.91 9.57 -4.70
CA LEU H 348 8.06 8.90 -5.99
C LEU H 348 7.07 9.48 -7.02
N GLN H 349 6.09 10.25 -6.56
CA GLN H 349 5.33 11.14 -7.43
C GLN H 349 6.11 12.37 -7.85
N SER H 350 7.19 12.72 -7.15
CA SER H 350 7.91 13.97 -7.39
C SER H 350 7.04 15.16 -6.99
N ARG H 351 6.37 15.04 -5.85
CA ARG H 351 5.54 16.09 -5.28
C ARG H 351 6.23 16.67 -4.05
N LEU H 352 5.82 17.88 -3.68
CA LEU H 352 6.35 18.57 -2.50
C LEU H 352 5.19 18.75 -1.53
N LYS H 353 5.30 18.13 -0.36
CA LYS H 353 4.23 18.24 0.64
C LYS H 353 4.08 19.67 1.12
N GLN H 354 5.19 20.36 1.34
CA GLN H 354 5.19 21.65 2.01
C GLN H 354 5.47 22.81 1.05
N GLY H 355 5.33 22.60 -0.25
CA GLY H 355 5.62 23.67 -1.20
C GLY H 355 4.65 24.83 -1.04
N SER H 356 3.38 24.51 -0.86
CA SER H 356 2.38 25.57 -0.76
C SER H 356 2.38 26.22 0.62
N LEU H 357 2.79 25.49 1.66
CA LEU H 357 3.06 26.13 2.94
C LEU H 357 4.25 27.08 2.84
N LYS H 358 5.29 26.67 2.11
CA LYS H 358 6.40 27.55 1.81
C LYS H 358 5.91 28.83 1.13
N SER H 359 5.09 28.66 0.10
CA SER H 359 4.53 29.81 -0.61
C SER H 359 3.71 30.67 0.33
N PHE H 360 2.97 30.05 1.25
CA PHE H 360 2.16 30.82 2.19
C PHE H 360 3.03 31.66 3.11
N ILE H 361 4.09 31.08 3.67
CA ILE H 361 4.92 31.87 4.59
C ILE H 361 5.67 32.95 3.82
N LYS H 362 6.09 32.66 2.58
CA LYS H 362 6.68 33.71 1.74
C LYS H 362 5.70 34.85 1.54
N GLU H 363 4.45 34.54 1.18
CA GLU H 363 3.47 35.58 0.94
C GLU H 363 3.09 36.29 2.23
N LYS H 364 3.19 35.60 3.36
CA LYS H 364 2.93 36.24 4.65
C LYS H 364 4.02 37.26 4.97
N GLU H 365 5.28 36.93 4.69
CA GLU H 365 6.35 37.90 4.91
C GLU H 365 6.23 39.06 3.93
N ALA H 366 5.79 38.79 2.70
CA ALA H 366 5.53 39.87 1.75
C ALA H 366 4.39 40.78 2.25
N SER H 367 3.33 40.18 2.79
CA SER H 367 2.24 40.96 3.36
C SER H 367 2.73 41.80 4.52
N ALA H 368 3.61 41.24 5.35
CA ALA H 368 4.18 42.01 6.45
C ALA H 368 5.00 43.18 5.93
N VAL H 369 5.78 42.96 4.87
CA VAL H 369 6.57 44.05 4.30
C VAL H 369 5.64 45.17 3.80
N LEU H 370 4.58 44.79 3.09
CA LEU H 370 3.65 45.80 2.61
C LEU H 370 2.95 46.49 3.78
N GLN H 371 2.63 45.73 4.83
CA GLN H 371 1.95 46.30 5.98
C GLN H 371 2.83 47.28 6.73
N LYS H 372 4.12 46.98 6.87
CA LYS H 372 5.00 47.91 7.56
C LYS H 372 5.31 49.13 6.69
N GLU H 373 5.33 48.97 5.37
CA GLU H 373 5.38 50.14 4.49
C GLU H 373 4.17 51.04 4.70
N LEU H 374 2.97 50.44 4.68
CA LEU H 374 1.75 51.21 4.88
C LEU H 374 1.72 51.83 6.27
N ASP H 375 2.18 51.09 7.28
CA ASP H 375 2.20 51.60 8.64
C ASP H 375 3.18 52.75 8.78
N LEU H 376 4.32 52.70 8.09
CA LEU H 376 5.22 53.84 8.07
C LEU H 376 4.57 55.07 7.44
N TRP H 377 3.94 54.89 6.26
CA TRP H 377 3.27 56.04 5.64
C TRP H 377 2.23 56.61 6.60
N GLU H 378 1.50 55.70 7.25
CA GLU H 378 0.39 56.08 8.11
C GLU H 378 0.88 56.81 9.35
N ALA H 379 1.88 56.27 10.04
CA ALA H 379 2.44 56.99 11.17
C ALA H 379 3.01 58.32 10.74
N GLU H 380 3.40 58.43 9.47
CA GLU H 380 3.94 59.68 8.97
C GLU H 380 2.86 60.73 8.74
N HIS H 381 1.63 60.31 8.40
CA HIS H 381 0.60 61.27 7.98
C HIS H 381 -0.64 61.32 8.89
N GLY H 382 -1.11 60.18 9.37
CA GLY H 382 -2.19 60.13 10.32
C GLY H 382 -3.45 59.58 9.68
N GLU H 383 -4.39 59.15 10.51
CA GLU H 383 -5.57 58.47 10.00
C GLU H 383 -6.52 59.42 9.30
N PHE H 384 -6.58 60.69 9.74
CA PHE H 384 -7.48 61.64 9.09
C PHE H 384 -7.02 61.92 7.67
N TYR H 385 -5.78 62.40 7.52
CA TYR H 385 -5.19 62.58 6.20
C TYR H 385 -5.22 61.27 5.41
N ALA H 386 -5.21 60.14 6.11
CA ALA H 386 -5.20 58.86 5.43
C ALA H 386 -6.53 58.58 4.75
N LYS H 387 -7.60 58.48 5.53
CA LYS H 387 -8.90 58.15 4.96
C LYS H 387 -9.55 59.34 4.25
N GLY H 388 -8.91 60.51 4.27
CA GLY H 388 -9.39 61.64 3.51
C GLY H 388 -8.97 61.71 2.06
N ILE H 389 -8.04 60.88 1.60
CA ILE H 389 -7.52 60.97 0.23
C ILE H 389 -8.17 59.94 -0.69
N GLN H 390 -9.23 59.27 -0.24
CA GLN H 390 -9.84 58.24 -1.07
C GLN H 390 -10.42 58.85 -2.35
N PRO H 391 -10.52 58.06 -3.44
CA PRO H 391 -11.20 58.58 -4.63
C PRO H 391 -12.69 58.74 -4.41
N THR H 392 -13.19 59.96 -4.45
CA THR H 392 -14.62 60.23 -4.40
C THR H 392 -15.20 60.45 -5.78
N PHE H 393 -14.45 61.07 -6.68
CA PHE H 393 -14.99 61.45 -7.99
C PHE H 393 -15.12 60.24 -8.89
N SER H 394 -16.21 60.22 -9.65
CA SER H 394 -16.44 59.20 -10.68
C SER H 394 -17.25 59.86 -11.78
N ALA H 395 -16.83 59.67 -13.03
CA ALA H 395 -17.48 60.35 -14.15
C ALA H 395 -18.92 59.86 -14.31
N LEU H 396 -19.19 58.59 -13.96
CA LEU H 396 -20.54 58.05 -14.09
C LEU H 396 -21.46 58.54 -12.99
N LYS H 397 -20.92 59.03 -11.87
CA LYS H 397 -21.73 59.56 -10.78
C LYS H 397 -22.19 60.99 -11.01
N SER H 398 -21.73 61.64 -12.08
CA SER H 398 -22.14 63.01 -12.36
C SER H 398 -23.63 63.09 -12.65
N ARG H 399 -24.27 64.13 -12.14
CA ARG H 399 -25.70 64.37 -12.32
C ARG H 399 -25.90 65.69 -13.05
N THR H 400 -26.62 65.64 -14.16
CA THR H 400 -26.87 66.80 -15.00
C THR H 400 -28.28 67.30 -14.76
N TYR H 401 -28.43 68.62 -14.68
CA TYR H 401 -29.74 69.29 -14.62
C TYR H 401 -29.76 70.34 -15.70
N ASP H 402 -30.64 70.18 -16.68
CA ASP H 402 -30.80 71.15 -17.76
C ASP H 402 -32.27 71.37 -18.15
N SER H 403 -33.23 70.81 -17.43
CA SER H 403 -34.64 70.89 -17.84
C SER H 403 -35.33 72.10 -17.22
N TYR H 404 -34.69 73.26 -17.40
CA TYR H 404 -35.30 74.53 -17.01
C TYR H 404 -36.62 74.74 -17.71
N TRP H 405 -36.75 74.24 -18.94
CA TRP H 405 -38.02 74.37 -19.67
C TRP H 405 -39.17 73.75 -18.88
N ASN H 406 -38.92 72.61 -18.25
CA ASN H 406 -39.94 71.97 -17.41
C ASN H 406 -40.09 72.70 -16.08
N TRP H 407 -38.97 73.04 -15.45
CA TRP H 407 -39.06 73.61 -14.12
C TRP H 407 -39.70 74.97 -14.17
N ALA H 408 -39.60 75.72 -15.27
CA ALA H 408 -40.32 76.99 -15.35
C ALA H 408 -41.82 76.82 -15.14
N ARG H 409 -42.42 75.91 -15.90
CA ARG H 409 -43.85 75.64 -15.77
C ARG H 409 -44.18 75.10 -14.38
N GLN H 410 -43.31 74.24 -13.84
CA GLN H 410 -43.54 73.69 -12.51
C GLN H 410 -43.64 74.81 -11.46
N ASP H 411 -42.65 75.69 -11.44
CA ASP H 411 -42.67 76.81 -10.49
C ASP H 411 -43.82 77.76 -10.76
N VAL H 412 -44.17 77.97 -12.04
CA VAL H 412 -45.30 78.83 -12.37
C VAL H 412 -46.57 78.30 -11.75
N LEU H 413 -46.83 77.00 -11.91
CA LEU H 413 -48.03 76.40 -11.33
C LEU H 413 -47.98 76.45 -9.80
N SER H 414 -46.81 76.20 -9.23
CA SER H 414 -46.69 76.25 -7.77
C SER H 414 -47.10 77.62 -7.24
N MET H 415 -46.52 78.68 -7.81
CA MET H 415 -46.85 80.03 -7.37
C MET H 415 -48.31 80.35 -7.65
N TYR H 416 -48.83 79.92 -8.82
CA TYR H 416 -50.21 80.20 -9.18
C TYR H 416 -51.16 79.64 -8.14
N PHE H 417 -50.98 78.37 -7.76
CA PHE H 417 -51.87 77.78 -6.77
C PHE H 417 -51.62 78.33 -5.38
N ASP H 418 -50.38 78.68 -5.05
CA ASP H 418 -50.11 79.30 -3.75
C ASP H 418 -50.91 80.59 -3.61
N ILE H 419 -50.88 81.44 -4.63
CA ILE H 419 -51.65 82.69 -4.56
C ILE H 419 -53.14 82.39 -4.60
N ILE H 420 -53.56 81.37 -5.36
CA ILE H 420 -54.98 81.04 -5.44
C ILE H 420 -55.52 80.62 -4.07
N PHE H 421 -54.69 79.98 -3.25
CA PHE H 421 -55.09 79.59 -1.90
C PHE H 421 -54.64 80.57 -0.83
N GLY H 422 -53.99 81.67 -1.20
CA GLY H 422 -53.64 82.68 -0.22
C GLY H 422 -52.39 82.37 0.58
N LYS H 423 -51.66 81.31 0.25
CA LYS H 423 -50.37 81.07 0.88
C LYS H 423 -49.35 82.14 0.53
N LEU H 424 -49.57 82.89 -0.55
CA LEU H 424 -48.72 84.01 -0.93
C LEU H 424 -49.58 85.19 -1.35
N VAL H 427 -45.99 90.59 -4.76
CA VAL H 427 -46.64 90.95 -3.50
C VAL H 427 -45.64 90.90 -2.35
N ASP H 428 -44.64 90.02 -2.48
CA ASP H 428 -43.60 89.89 -1.47
C ASP H 428 -42.28 89.57 -2.17
N ARG H 429 -41.20 89.67 -1.41
CA ARG H 429 -39.86 89.56 -2.00
C ARG H 429 -39.58 88.15 -2.50
N GLU H 430 -40.01 87.12 -1.77
CA GLU H 430 -39.82 85.76 -2.29
C GLU H 430 -40.65 85.55 -3.56
N THR H 431 -41.84 86.13 -3.60
CA THR H 431 -42.64 86.07 -4.82
C THR H 431 -41.93 86.76 -5.98
N ILE H 432 -41.32 87.91 -5.73
CA ILE H 432 -40.61 88.64 -6.77
C ILE H 432 -39.38 87.84 -7.22
N ASN H 433 -38.72 87.17 -6.28
CA ASN H 433 -37.58 86.33 -6.64
C ASN H 433 -38.00 85.18 -7.54
N GLN H 434 -39.12 84.52 -7.21
CA GLN H 434 -39.63 83.46 -8.06
C GLN H 434 -40.04 84.00 -9.43
N CYS H 435 -40.59 85.21 -9.46
CA CYS H 435 -40.92 85.85 -10.73
C CYS H 435 -39.67 86.10 -11.54
N ILE H 436 -38.60 86.54 -10.89
CA ILE H 436 -37.33 86.74 -11.60
C ILE H 436 -36.85 85.44 -12.19
N GLN H 437 -36.96 84.34 -11.44
CA GLN H 437 -36.54 83.04 -11.94
C GLN H 437 -37.37 82.61 -13.14
N ILE H 438 -38.69 82.81 -13.07
CA ILE H 438 -39.57 82.42 -14.17
C ILE H 438 -39.28 83.28 -15.40
N MET H 439 -39.01 84.56 -15.19
CA MET H 439 -38.60 85.43 -16.30
C MET H 439 -37.28 84.97 -16.90
N ASN H 440 -36.35 84.55 -16.05
CA ASN H 440 -35.08 84.01 -16.53
C ASN H 440 -35.28 82.77 -17.39
N ARG H 441 -36.28 81.96 -17.06
CA ARG H 441 -36.62 80.79 -17.86
C ARG H 441 -37.66 81.07 -18.93
N ALA H 442 -38.07 82.32 -19.11
CA ALA H 442 -39.12 82.67 -20.05
C ALA H 442 -38.78 82.24 -21.47
N ASN H 443 -39.72 81.58 -22.13
CA ASN H 443 -39.62 81.15 -23.51
C ASN H 443 -41.02 81.13 -24.10
N PRO H 444 -41.15 81.02 -25.43
CA PRO H 444 -42.49 81.13 -26.04
C PRO H 444 -43.50 80.13 -25.51
N THR H 445 -43.07 78.89 -25.28
CA THR H 445 -43.99 77.89 -24.74
C THR H 445 -44.45 78.27 -23.34
N LEU H 446 -43.54 78.76 -22.50
CA LEU H 446 -43.93 79.20 -21.17
C LEU H 446 -44.87 80.40 -21.24
N ILE H 447 -44.63 81.30 -22.18
CA ILE H 447 -45.50 82.46 -22.35
C ILE H 447 -46.92 82.00 -22.67
N LYS H 448 -47.04 81.06 -23.61
CA LYS H 448 -48.36 80.51 -23.95
C LYS H 448 -48.97 79.80 -22.75
N PHE H 449 -48.15 79.12 -21.96
CA PHE H 449 -48.63 78.41 -20.77
C PHE H 449 -49.28 79.37 -19.78
N MET H 450 -48.55 80.43 -19.40
CA MET H 450 -49.12 81.40 -18.47
C MET H 450 -50.31 82.11 -19.09
N GLN H 451 -50.26 82.40 -20.39
CA GLN H 451 -51.37 83.08 -21.03
C GLN H 451 -52.64 82.25 -20.94
N TYR H 452 -52.54 80.95 -21.21
CA TYR H 452 -53.71 80.08 -21.03
C TYR H 452 -54.19 80.13 -19.59
N HIS H 453 -53.28 79.87 -18.64
CA HIS H 453 -53.70 79.69 -17.26
C HIS H 453 -54.25 80.97 -16.65
N ILE H 454 -53.93 82.14 -17.20
CA ILE H 454 -54.46 83.40 -16.69
C ILE H 454 -55.70 83.83 -17.44
N ASP H 455 -55.68 83.76 -18.78
CA ASP H 455 -56.86 84.11 -19.55
C ASP H 455 -58.04 83.20 -19.26
N HIS H 456 -57.80 82.01 -18.69
CA HIS H 456 -58.88 81.15 -18.22
C HIS H 456 -58.87 80.99 -16.70
N CYS H 457 -58.58 82.06 -15.98
CA CYS H 457 -58.70 82.09 -14.52
C CYS H 457 -60.02 82.74 -14.13
N PRO H 458 -60.97 82.04 -13.52
CA PRO H 458 -62.25 82.68 -13.17
C PRO H 458 -62.09 83.66 -12.02
N GLU H 459 -62.48 84.92 -12.25
CA GLU H 459 -62.35 85.94 -11.24
C GLU H 459 -63.48 85.89 -10.21
N TYR H 460 -64.67 85.45 -10.63
CA TYR H 460 -65.83 85.47 -9.73
C TYR H 460 -65.65 84.56 -8.51
N LYS H 461 -64.72 83.62 -8.57
CA LYS H 461 -64.53 82.70 -7.45
C LYS H 461 -64.02 83.39 -6.20
N GLY H 462 -63.39 84.56 -6.32
CA GLY H 462 -62.99 85.31 -5.15
C GLY H 462 -61.99 86.38 -5.48
N GLU H 463 -61.82 87.29 -4.51
CA GLU H 463 -60.77 88.29 -4.60
C GLU H 463 -59.40 87.64 -4.70
N THR H 464 -59.25 86.45 -4.12
CA THR H 464 -57.99 85.73 -4.24
C THR H 464 -57.73 85.33 -5.69
N TYR H 465 -58.78 84.90 -6.40
CA TYR H 465 -58.64 84.58 -7.82
C TYR H 465 -58.37 85.84 -8.64
N LYS H 466 -59.03 86.95 -8.29
CA LYS H 466 -58.73 88.21 -8.97
C LYS H 466 -57.27 88.60 -8.77
N LEU H 467 -56.74 88.39 -7.56
CA LEU H 467 -55.33 88.69 -7.30
C LEU H 467 -54.42 87.80 -8.11
N ALA H 468 -54.69 86.49 -8.11
CA ALA H 468 -53.93 85.57 -8.94
C ALA H 468 -53.92 86.02 -10.39
N LYS H 469 -55.08 86.40 -10.90
CA LYS H 469 -55.18 86.84 -12.29
C LYS H 469 -54.32 88.07 -12.53
N ARG H 470 -54.56 89.17 -11.78
CA ARG H 470 -53.88 90.43 -12.10
C ARG H 470 -52.36 90.29 -11.94
N LEU H 471 -51.92 89.57 -10.91
CA LEU H 471 -50.48 89.32 -10.78
C LEU H 471 -49.98 88.50 -11.96
N GLY H 472 -50.80 87.58 -12.48
CA GLY H 472 -50.40 86.82 -13.64
C GLY H 472 -50.31 87.67 -14.90
N GLN H 473 -51.24 88.60 -15.08
CA GLN H 473 -51.15 89.53 -16.21
C GLN H 473 -49.86 90.34 -16.12
N GLN H 474 -49.54 90.85 -14.93
CA GLN H 474 -48.31 91.61 -14.76
C GLN H 474 -47.09 90.75 -15.08
N LEU H 475 -47.08 89.51 -14.61
CA LEU H 475 -45.92 88.64 -14.85
C LEU H 475 -45.84 88.23 -16.33
N ILE H 476 -46.98 88.06 -16.99
CA ILE H 476 -46.97 87.76 -18.42
C ILE H 476 -46.38 88.93 -19.19
N ASP H 477 -46.76 90.15 -18.83
CA ASP H 477 -46.17 91.32 -19.48
C ASP H 477 -44.67 91.38 -19.23
N ASN H 478 -44.24 91.11 -18.00
CA ASN H 478 -42.82 91.13 -17.69
C ASN H 478 -42.04 90.08 -18.48
N CYS H 479 -42.59 88.87 -18.58
CA CYS H 479 -41.91 87.81 -19.32
C CYS H 479 -41.91 88.09 -20.81
N LYS H 480 -42.98 88.70 -21.33
CA LYS H 480 -42.99 89.11 -22.73
C LYS H 480 -41.89 90.13 -23.00
N GLN H 481 -41.72 91.09 -22.09
CA GLN H 481 -40.63 92.06 -22.23
C GLN H 481 -39.27 91.35 -22.16
N VAL H 482 -39.13 90.39 -21.25
CA VAL H 482 -37.89 89.62 -21.14
C VAL H 482 -37.67 88.68 -22.32
N LEU H 483 -38.69 88.48 -23.17
CA LEU H 483 -38.54 87.60 -24.32
C LEU H 483 -37.35 88.01 -25.18
N THR H 484 -36.49 87.04 -25.47
CA THR H 484 -35.29 87.14 -26.30
C THR H 484 -34.09 87.79 -25.62
N GLU H 485 -34.22 88.32 -24.39
CA GLU H 485 -33.08 88.90 -23.70
C GLU H 485 -32.59 87.97 -22.60
N ASP H 486 -31.38 88.25 -22.13
CA ASP H 486 -30.59 87.28 -21.38
C ASP H 486 -31.19 87.01 -20.00
N PRO H 487 -30.88 85.86 -19.40
CA PRO H 487 -31.31 85.62 -18.02
C PRO H 487 -30.37 86.28 -17.04
N VAL H 488 -30.93 87.05 -16.11
CA VAL H 488 -30.16 87.91 -15.22
C VAL H 488 -30.33 87.43 -13.79
N TYR H 489 -29.22 87.30 -13.08
CA TYR H 489 -29.23 87.07 -11.64
C TYR H 489 -29.55 88.39 -10.94
N LYS H 490 -30.71 88.44 -10.29
CA LYS H 490 -31.17 89.63 -9.59
C LYS H 490 -31.61 89.20 -8.20
N ASP H 491 -30.77 89.45 -7.20
CA ASP H 491 -31.08 89.11 -5.83
C ASP H 491 -31.94 90.20 -5.21
N VAL H 492 -33.16 89.84 -4.81
CA VAL H 492 -34.15 90.77 -4.29
C VAL H 492 -34.49 90.47 -2.84
N SER H 493 -33.72 89.62 -2.17
CA SER H 493 -33.97 89.34 -0.76
C SER H 493 -33.72 90.60 0.06
N ARG H 494 -34.49 90.75 1.14
CA ARG H 494 -34.30 91.91 2.00
C ARG H 494 -32.97 91.80 2.74
N ILE H 495 -32.23 92.90 2.74
CA ILE H 495 -30.93 92.97 3.41
C ILE H 495 -31.15 92.79 4.90
N THR H 496 -30.69 91.67 5.44
CA THR H 496 -30.85 91.34 6.85
C THR H 496 -29.54 91.58 7.59
N GLY H 497 -29.67 92.02 8.84
CA GLY H 497 -28.54 92.26 9.70
C GLY H 497 -28.62 91.42 10.96
N PRO H 498 -27.50 91.31 11.67
CA PRO H 498 -27.50 90.54 12.92
C PRO H 498 -28.26 91.27 14.01
N LYS H 499 -28.75 90.48 14.97
CA LYS H 499 -29.32 91.08 16.18
C LYS H 499 -29.47 89.99 17.22
N THR H 500 -28.86 90.21 18.38
CA THR H 500 -28.86 89.29 19.49
C THR H 500 -29.62 89.92 20.64
N LYS H 501 -30.58 89.16 21.20
CA LYS H 501 -31.33 89.59 22.37
C LYS H 501 -31.13 88.54 23.45
N VAL H 502 -30.64 88.97 24.60
CA VAL H 502 -30.57 88.11 25.79
C VAL H 502 -31.84 88.34 26.59
N SER H 503 -32.70 87.34 26.63
CA SER H 503 -33.92 87.44 27.42
C SER H 503 -33.59 87.63 28.90
N ALA H 504 -34.54 88.17 29.64
CA ALA H 504 -34.34 88.38 31.07
C ALA H 504 -34.14 87.08 31.83
N LYS H 505 -34.44 85.94 31.21
CA LYS H 505 -34.15 84.64 31.78
C LYS H 505 -32.75 84.18 31.43
N GLY H 506 -31.99 84.98 30.69
CA GLY H 506 -30.64 84.62 30.33
C GLY H 506 -30.51 83.77 29.09
N ASN H 507 -31.54 83.70 28.25
CA ASN H 507 -31.50 82.92 27.02
C ASN H 507 -31.06 83.82 25.88
N ILE H 508 -29.97 83.45 25.22
CA ILE H 508 -29.47 84.21 24.07
C ILE H 508 -30.24 83.77 22.85
N GLU H 509 -30.85 84.72 22.14
CA GLU H 509 -31.56 84.47 20.90
C GLU H 509 -31.01 85.37 19.81
N TYR H 510 -30.51 84.76 18.74
CA TYR H 510 -29.99 85.49 17.59
C TYR H 510 -30.99 85.38 16.45
N GLU H 511 -31.29 86.51 15.81
CA GLU H 511 -32.19 86.51 14.66
C GLU H 511 -31.69 87.47 13.60
N GLU H 512 -31.95 87.10 12.34
CA GLU H 512 -31.61 87.92 11.19
C GLU H 512 -32.78 88.87 10.92
N THR H 513 -32.55 90.17 11.09
CA THR H 513 -33.62 91.15 11.05
C THR H 513 -33.32 92.24 10.03
N GLN H 514 -34.34 92.59 9.25
CA GLN H 514 -34.17 93.49 8.12
C GLN H 514 -33.63 94.83 8.58
N LYS H 515 -32.57 95.30 7.92
CA LYS H 515 -31.98 96.58 8.25
C LYS H 515 -32.97 97.70 7.98
N ASP H 516 -33.06 98.65 8.92
CA ASP H 516 -34.00 99.75 8.78
C ASP H 516 -33.62 100.67 7.63
N SER H 517 -32.34 101.07 7.58
CA SER H 517 -31.89 102.02 6.57
C SER H 517 -31.60 101.37 5.22
N VAL H 518 -31.50 100.04 5.17
CA VAL H 518 -31.18 99.31 3.95
C VAL H 518 -32.24 98.22 3.76
N ARG H 519 -32.90 98.25 2.60
CA ARG H 519 -33.95 97.29 2.27
C ARG H 519 -33.64 96.48 1.03
N LYS H 520 -33.08 97.10 -0.01
CA LYS H 520 -32.77 96.46 -1.26
C LYS H 520 -31.26 96.30 -1.40
N PHE H 521 -30.85 95.45 -2.35
CA PHE H 521 -29.43 95.35 -2.66
C PHE H 521 -28.90 96.63 -3.29
N GLU H 522 -29.77 97.45 -3.86
CA GLU H 522 -29.33 98.77 -4.35
C GLU H 522 -28.88 99.63 -3.18
N GLN H 523 -29.68 99.68 -2.11
CA GLN H 523 -29.28 100.42 -0.92
C GLN H 523 -28.10 99.76 -0.22
N TYR H 524 -27.98 98.43 -0.33
CA TYR H 524 -26.79 97.76 0.18
C TYR H 524 -25.54 98.29 -0.50
N VAL H 525 -25.56 98.34 -1.84
CA VAL H 525 -24.41 98.85 -2.58
C VAL H 525 -24.18 100.32 -2.25
N TYR H 526 -25.25 101.09 -2.04
CA TYR H 526 -25.09 102.49 -1.68
C TYR H 526 -24.38 102.64 -0.35
N GLU H 527 -24.75 101.83 0.65
CA GLU H 527 -24.06 101.93 1.93
C GLU H 527 -22.64 101.39 1.85
N MET H 528 -22.41 100.41 0.96
CA MET H 528 -21.04 99.97 0.69
C MET H 528 -20.19 101.13 0.20
N ALA H 529 -20.72 101.88 -0.77
CA ALA H 529 -19.98 103.04 -1.29
C ALA H 529 -19.79 104.10 -0.21
N GLN H 530 -20.84 104.37 0.58
CA GLN H 530 -20.73 105.36 1.64
C GLN H 530 -19.70 104.95 2.70
N GLY H 531 -19.49 103.66 2.90
CA GLY H 531 -18.52 103.20 3.88
C GLY H 531 -18.96 103.49 5.30
N GLY H 532 -18.04 103.97 6.13
CA GLY H 532 -18.37 104.26 7.51
C GLY H 532 -17.33 105.16 8.13
N ALA H 533 -17.63 105.61 9.35
CA ALA H 533 -16.69 106.45 10.09
C ALA H 533 -15.38 105.73 10.35
N MET H 534 -15.43 104.41 10.53
CA MET H 534 -14.22 103.65 10.80
C MET H 534 -13.36 103.48 9.56
N THR H 535 -13.99 103.40 8.38
CA THR H 535 -13.27 103.16 7.13
C THR H 535 -12.79 104.48 6.52
N LYS H 536 -12.03 105.22 7.32
CA LYS H 536 -11.51 106.52 6.92
C LYS H 536 -10.04 106.65 7.31
N GLN H 628 -23.99 110.37 -11.14
CA GLN H 628 -25.14 109.49 -11.03
C GLN H 628 -24.85 108.04 -10.57
N PRO H 629 -23.70 107.44 -10.91
CA PRO H 629 -23.41 106.11 -10.36
C PRO H 629 -22.92 106.22 -8.93
N VAL H 630 -22.63 105.06 -8.34
CA VAL H 630 -22.10 105.00 -6.99
C VAL H 630 -20.63 105.42 -6.97
N SER H 631 -20.04 105.63 -8.15
CA SER H 631 -18.72 106.24 -8.21
C SER H 631 -18.73 107.64 -7.60
N SER H 632 -19.76 108.43 -7.88
CA SER H 632 -19.90 109.78 -7.34
C SER H 632 -20.39 109.77 -5.89
N THR H 633 -20.72 108.61 -5.33
CA THR H 633 -21.26 108.53 -3.98
C THR H 633 -20.16 108.36 -2.93
N ILE H 634 -19.02 107.80 -3.31
CA ILE H 634 -17.98 107.45 -2.35
C ILE H 634 -17.46 108.72 -1.70
N PRO H 635 -17.48 108.88 -0.38
CA PRO H 635 -16.98 110.12 0.22
C PRO H 635 -15.46 110.19 0.13
N SER H 636 -14.96 111.43 0.03
CA SER H 636 -13.53 111.64 -0.11
C SER H 636 -12.81 111.22 1.17
N GLN H 637 -11.64 110.61 0.99
CA GLN H 637 -10.82 110.13 2.11
C GLN H 637 -11.60 109.14 2.98
N THR H 638 -12.43 108.33 2.32
CA THR H 638 -13.18 107.27 2.98
C THR H 638 -13.11 106.02 2.13
N ILE H 639 -12.77 104.89 2.76
CA ILE H 639 -12.64 103.61 2.07
C ILE H 639 -13.98 102.91 2.13
N PRO H 640 -14.60 102.55 0.99
CA PRO H 640 -15.83 101.76 1.07
C PRO H 640 -15.58 100.37 1.61
N PHE H 641 -16.63 99.77 2.17
CA PHE H 641 -16.50 98.47 2.80
C PHE H 641 -16.03 97.41 1.80
N LEU H 642 -16.68 97.35 0.63
CA LEU H 642 -16.21 96.52 -0.47
C LEU H 642 -15.39 97.40 -1.39
N HIS H 643 -14.13 97.04 -1.61
CA HIS H 643 -13.26 97.82 -2.47
C HIS H 643 -12.26 96.89 -3.15
N ILE H 644 -11.62 97.41 -4.19
CA ILE H 644 -10.55 96.71 -4.90
C ILE H 644 -9.23 97.40 -4.59
N GLN H 645 -8.23 96.61 -4.22
CA GLN H 645 -6.91 97.13 -3.88
C GLN H 645 -5.99 97.00 -5.08
N LYS H 646 -5.27 98.07 -5.40
CA LYS H 646 -4.28 98.07 -6.46
C LYS H 646 -2.90 97.84 -5.86
N LYS H 647 -2.08 97.05 -6.56
CA LYS H 647 -0.74 96.75 -6.08
C LYS H 647 0.18 97.92 -6.41
N THR H 648 0.73 98.56 -5.38
CA THR H 648 1.72 99.62 -5.55
C THR H 648 3.06 98.96 -5.86
N LYS H 649 4.13 99.75 -5.79
CA LYS H 649 5.48 99.20 -6.00
C LYS H 649 5.99 98.53 -4.74
N ASP H 650 5.21 97.58 -4.20
CA ASP H 650 5.53 96.90 -2.96
C ASP H 650 4.39 95.98 -2.55
N GLY H 651 3.31 96.56 -2.03
CA GLY H 651 2.17 95.80 -1.53
C GLY H 651 0.86 96.20 -2.18
N TRP H 652 -0.25 95.90 -1.50
CA TRP H 652 -1.60 96.13 -2.01
C TRP H 652 -2.28 97.20 -1.17
N GLU H 653 -2.78 98.24 -1.83
CA GLU H 653 -3.44 99.36 -1.17
C GLU H 653 -4.78 99.62 -1.83
N TYR H 654 -5.68 100.23 -1.07
CA TYR H 654 -6.99 100.60 -1.59
C TYR H 654 -6.84 101.53 -2.79
N ASN H 655 -7.66 101.29 -3.81
CA ASN H 655 -7.62 102.05 -5.05
C ASN H 655 -9.00 102.59 -5.38
N LYS H 656 -9.07 103.89 -5.68
CA LYS H 656 -10.34 104.56 -5.90
C LYS H 656 -11.00 104.14 -7.21
N LYS H 657 -10.27 104.12 -8.31
CA LYS H 657 -10.89 103.88 -9.61
C LYS H 657 -11.38 102.44 -9.73
N LEU H 658 -10.57 101.47 -9.29
CA LEU H 658 -10.99 100.08 -9.37
C LEU H 658 -12.15 99.81 -8.43
N SER H 659 -12.12 100.40 -7.25
CA SER H 659 -13.23 100.26 -6.31
C SER H 659 -14.51 100.86 -6.88
N SER H 660 -14.40 102.02 -7.53
CA SER H 660 -15.56 102.63 -8.14
C SER H 660 -16.11 101.77 -9.26
N LEU H 661 -15.22 101.17 -10.06
CA LEU H 661 -15.66 100.26 -11.11
C LEU H 661 -16.41 99.07 -10.52
N TYR H 662 -15.86 98.49 -9.45
CA TYR H 662 -16.50 97.34 -8.83
C TYR H 662 -17.85 97.70 -8.22
N LEU H 663 -17.94 98.84 -7.53
CA LEU H 663 -19.21 99.25 -6.95
C LEU H 663 -20.22 99.63 -8.02
N ASP H 664 -19.77 100.19 -9.15
CA ASP H 664 -20.68 100.46 -10.25
C ASP H 664 -21.21 99.16 -10.86
N GLY H 665 -20.34 98.15 -10.97
CA GLY H 665 -20.82 96.85 -11.40
C GLY H 665 -21.83 96.26 -10.44
N LEU H 666 -21.60 96.43 -9.14
CA LEU H 666 -22.56 95.95 -8.15
C LEU H 666 -23.88 96.70 -8.27
N GLU H 667 -23.84 98.01 -8.50
CA GLU H 667 -25.06 98.78 -8.66
C GLU H 667 -25.83 98.32 -9.89
N SER H 668 -25.12 98.08 -11.00
CA SER H 668 -25.76 97.57 -12.21
C SER H 668 -26.38 96.21 -11.96
N ALA H 669 -25.68 95.34 -11.25
CA ALA H 669 -26.23 94.03 -10.92
C ALA H 669 -27.48 94.16 -10.06
N ALA H 670 -27.46 95.08 -9.09
CA ALA H 670 -28.60 95.26 -8.21
C ALA H 670 -29.83 95.74 -8.97
N ILE H 671 -29.64 96.70 -9.89
CA ILE H 671 -30.80 97.31 -10.55
C ILE H 671 -31.27 96.45 -11.72
N ASN H 672 -30.37 96.05 -12.62
CA ASN H 672 -30.73 95.33 -13.84
C ASN H 672 -30.53 93.83 -13.73
N GLY H 673 -29.88 93.35 -12.68
CA GLY H 673 -29.49 91.95 -12.62
C GLY H 673 -28.20 91.72 -13.38
N LEU H 674 -27.75 90.46 -13.33
CA LEU H 674 -26.45 90.07 -13.87
C LEU H 674 -26.60 88.79 -14.67
N THR H 675 -26.23 88.82 -15.94
CA THR H 675 -26.24 87.63 -16.77
C THR H 675 -24.90 86.92 -16.66
N PHE H 676 -24.96 85.59 -16.49
CA PHE H 676 -23.79 84.73 -16.52
C PHE H 676 -23.87 83.73 -17.67
N LYS H 677 -24.63 84.05 -18.72
CA LYS H 677 -24.73 83.17 -19.86
C LYS H 677 -23.37 82.99 -20.51
N ASP H 678 -23.11 81.79 -21.02
CA ASP H 678 -21.84 81.41 -21.62
C ASP H 678 -20.69 81.45 -20.62
N LYS H 679 -20.99 81.43 -19.33
CA LYS H 679 -20.00 81.36 -18.26
C LYS H 679 -19.97 79.92 -17.75
N TYR H 680 -18.86 79.25 -17.95
CA TYR H 680 -18.65 77.89 -17.48
C TYR H 680 -17.85 77.97 -16.19
N VAL H 681 -18.48 77.59 -15.09
CA VAL H 681 -17.91 77.75 -13.75
C VAL H 681 -17.66 76.38 -13.16
N LEU H 682 -16.61 76.28 -12.35
CA LEU H 682 -16.34 75.12 -11.51
C LEU H 682 -16.29 75.60 -10.07
N VAL H 683 -17.33 75.28 -9.29
CA VAL H 683 -17.45 75.75 -7.92
C VAL H 683 -17.35 74.57 -6.97
N THR H 684 -16.51 74.71 -5.95
CA THR H 684 -16.38 73.72 -4.90
C THR H 684 -16.67 74.37 -3.56
N GLY H 685 -17.02 73.55 -2.58
CA GLY H 685 -17.45 74.06 -1.29
C GLY H 685 -18.76 74.80 -1.36
N ALA H 686 -19.71 74.30 -2.15
CA ALA H 686 -21.02 74.94 -2.34
C ALA H 686 -22.16 74.10 -1.78
N GLY H 687 -21.94 73.44 -0.65
CA GLY H 687 -23.00 72.69 -0.01
C GLY H 687 -24.01 73.61 0.66
N ALA H 688 -25.07 73.01 1.19
CA ALA H 688 -26.12 73.78 1.82
C ALA H 688 -25.58 74.57 3.01
N GLY H 689 -26.09 75.77 3.19
CA GLY H 689 -25.65 76.63 4.27
C GLY H 689 -24.21 77.10 4.14
N SER H 690 -23.81 77.52 2.95
CA SER H 690 -22.47 78.07 2.73
C SER H 690 -22.58 79.19 1.70
N ILE H 691 -21.51 80.00 1.63
CA ILE H 691 -21.47 81.05 0.63
C ILE H 691 -21.50 80.46 -0.77
N GLY H 692 -20.83 79.33 -0.96
CA GLY H 692 -20.77 78.74 -2.29
C GLY H 692 -22.12 78.32 -2.83
N ALA H 693 -23.02 77.89 -1.94
CA ALA H 693 -24.37 77.53 -2.38
C ALA H 693 -25.10 78.73 -2.95
N GLU H 694 -24.99 79.88 -2.27
CA GLU H 694 -25.62 81.09 -2.78
C GLU H 694 -24.94 81.57 -4.06
N ILE H 695 -23.63 81.37 -4.15
CA ILE H 695 -22.91 81.66 -5.39
C ILE H 695 -23.48 80.84 -6.52
N LEU H 696 -23.69 79.55 -6.28
CA LEU H 696 -24.24 78.67 -7.29
C LEU H 696 -25.65 79.08 -7.66
N GLN H 697 -26.46 79.46 -6.67
CA GLN H 697 -27.80 79.96 -6.95
C GLN H 697 -27.76 81.15 -7.88
N GLY H 698 -26.87 82.11 -7.60
CA GLY H 698 -26.78 83.28 -8.44
C GLY H 698 -26.26 82.98 -9.84
N LEU H 699 -25.24 82.11 -9.94
CA LEU H 699 -24.72 81.74 -11.24
C LEU H 699 -25.78 81.06 -12.09
N ILE H 700 -26.49 80.10 -11.50
CA ILE H 700 -27.48 79.35 -12.24
C ILE H 700 -28.71 80.21 -12.52
N SER H 701 -28.94 81.25 -11.72
CA SER H 701 -29.96 82.23 -12.06
C SER H 701 -29.55 83.09 -13.24
N GLY H 702 -28.28 83.49 -13.29
CA GLY H 702 -27.75 84.26 -14.39
C GLY H 702 -27.56 83.47 -15.66
N GLY H 703 -27.65 82.15 -15.60
CA GLY H 703 -27.57 81.32 -16.78
C GLY H 703 -26.26 80.58 -16.95
N ALA H 704 -25.41 80.58 -15.93
CA ALA H 704 -24.12 79.92 -16.03
C ALA H 704 -24.29 78.41 -16.14
N LYS H 705 -23.27 77.77 -16.70
CA LYS H 705 -23.16 76.31 -16.72
C LYS H 705 -22.12 75.97 -15.66
N VAL H 706 -22.59 75.44 -14.53
CA VAL H 706 -21.77 75.27 -13.35
C VAL H 706 -21.59 73.79 -13.07
N ILE H 707 -20.34 73.40 -12.80
CA ILE H 707 -20.01 72.11 -12.19
C ILE H 707 -19.85 72.37 -10.70
N VAL H 708 -20.79 71.87 -9.91
CA VAL H 708 -20.75 71.97 -8.47
C VAL H 708 -20.17 70.69 -7.89
N THR H 709 -19.17 70.85 -7.04
CA THR H 709 -18.56 69.77 -6.27
C THR H 709 -19.30 69.55 -4.96
N THR H 710 -19.37 68.30 -4.53
CA THR H 710 -19.84 67.93 -3.20
C THR H 710 -18.90 66.88 -2.64
N SER H 711 -18.36 67.14 -1.44
CA SER H 711 -17.55 66.15 -0.76
C SER H 711 -18.38 65.05 -0.12
N ARG H 712 -19.70 65.23 -0.04
CA ARG H 712 -20.62 64.26 0.56
C ARG H 712 -21.74 64.02 -0.45
N PHE H 713 -21.49 63.12 -1.40
CA PHE H 713 -22.45 62.81 -2.44
C PHE H 713 -23.45 61.80 -1.92
N SER H 714 -24.73 62.15 -1.98
CA SER H 714 -25.79 61.31 -1.44
C SER H 714 -27.11 61.72 -2.08
N LYS H 715 -28.16 60.96 -1.76
CA LYS H 715 -29.48 61.28 -2.29
C LYS H 715 -29.97 62.63 -1.77
N LYS H 716 -29.69 62.93 -0.50
CA LYS H 716 -30.11 64.21 0.07
C LYS H 716 -29.47 65.37 -0.67
N VAL H 717 -28.16 65.29 -0.90
CA VAL H 717 -27.46 66.37 -1.60
C VAL H 717 -27.91 66.44 -3.06
N THR H 718 -28.15 65.29 -3.68
CA THR H 718 -28.64 65.27 -5.04
C THR H 718 -29.99 65.97 -5.15
N GLU H 719 -30.89 65.70 -4.20
CA GLU H 719 -32.20 66.36 -4.21
C GLU H 719 -32.06 67.85 -3.92
N TYR H 720 -31.14 68.23 -3.04
CA TYR H 720 -30.89 69.64 -2.78
C TYR H 720 -30.47 70.37 -4.05
N TYR H 721 -29.51 69.81 -4.77
CA TYR H 721 -29.08 70.47 -6.00
C TYR H 721 -30.15 70.39 -7.08
N GLN H 722 -30.94 69.31 -7.08
CA GLN H 722 -32.03 69.20 -8.03
C GLN H 722 -33.03 70.34 -7.85
N ASN H 723 -33.51 70.55 -6.62
CA ASN H 723 -34.51 71.59 -6.44
C ASN H 723 -33.91 72.98 -6.48
N MET H 724 -32.61 73.13 -6.21
CA MET H 724 -31.96 74.41 -6.46
C MET H 724 -31.91 74.72 -7.95
N TYR H 725 -31.64 73.72 -8.80
CA TYR H 725 -31.73 73.98 -10.24
C TYR H 725 -33.18 74.21 -10.66
N ALA H 726 -34.12 73.49 -10.06
CA ALA H 726 -35.52 73.64 -10.41
C ALA H 726 -36.03 75.04 -10.08
N ARG H 727 -35.52 75.62 -8.99
CA ARG H 727 -35.88 76.99 -8.66
C ARG H 727 -35.11 77.98 -9.54
N TYR H 728 -33.78 77.94 -9.47
CA TYR H 728 -32.95 79.01 -10.02
C TYR H 728 -32.40 78.72 -11.41
N GLY H 729 -32.38 77.48 -11.85
CA GLY H 729 -31.78 77.14 -13.13
C GLY H 729 -32.41 77.89 -14.29
N ALA H 730 -31.68 78.86 -14.84
CA ALA H 730 -32.21 79.76 -15.84
C ALA H 730 -32.03 79.18 -17.25
N ALA H 731 -32.58 79.89 -18.23
CA ALA H 731 -32.45 79.49 -19.62
C ALA H 731 -30.99 79.42 -20.03
N GLY H 732 -30.57 78.24 -20.48
CA GLY H 732 -29.20 78.00 -20.85
C GLY H 732 -28.31 77.48 -19.74
N SER H 733 -28.78 77.49 -18.49
CA SER H 733 -27.98 77.01 -17.38
C SER H 733 -27.93 75.48 -17.37
N THR H 734 -26.87 74.94 -16.79
CA THR H 734 -26.71 73.51 -16.66
C THR H 734 -25.92 73.24 -15.39
N LEU H 735 -26.51 72.46 -14.47
CA LEU H 735 -25.86 72.13 -13.21
C LEU H 735 -25.33 70.70 -13.26
N ILE H 736 -24.03 70.55 -13.04
CA ILE H 736 -23.36 69.25 -13.02
C ILE H 736 -22.91 69.00 -11.59
N VAL H 737 -23.68 68.22 -10.84
CA VAL H 737 -23.29 67.83 -9.49
C VAL H 737 -22.35 66.64 -9.62
N VAL H 738 -21.15 66.76 -9.06
CA VAL H 738 -20.16 65.68 -9.14
C VAL H 738 -19.71 65.29 -7.74
N PRO H 739 -19.57 64.01 -7.41
CA PRO H 739 -18.79 63.67 -6.22
C PRO H 739 -17.35 64.08 -6.45
N PHE H 740 -16.71 64.57 -5.39
CA PHE H 740 -15.35 65.06 -5.57
C PHE H 740 -14.70 65.32 -4.21
N ASN H 741 -13.49 64.80 -4.04
CA ASN H 741 -12.66 65.06 -2.88
C ASN H 741 -11.53 65.98 -3.32
N GLN H 742 -11.56 67.22 -2.85
CA GLN H 742 -10.46 68.13 -3.13
C GLN H 742 -9.19 67.76 -2.39
N GLY H 743 -9.25 66.81 -1.45
CA GLY H 743 -8.06 66.33 -0.79
C GLY H 743 -7.21 65.37 -1.59
N SER H 744 -7.72 64.89 -2.72
CA SER H 744 -7.01 63.92 -3.56
C SER H 744 -6.66 64.54 -4.91
N LYS H 745 -5.36 64.51 -5.23
CA LYS H 745 -4.89 64.96 -6.54
C LYS H 745 -5.49 64.12 -7.64
N GLN H 746 -5.74 62.83 -7.38
CA GLN H 746 -6.42 62.00 -8.36
C GLN H 746 -7.80 62.55 -8.67
N ASP H 747 -8.56 62.95 -7.64
CA ASP H 747 -9.86 63.54 -7.88
C ASP H 747 -9.73 64.84 -8.64
N VAL H 748 -8.77 65.68 -8.27
CA VAL H 748 -8.59 66.97 -8.96
C VAL H 748 -8.34 66.74 -10.44
N ASP H 749 -7.38 65.87 -10.76
CA ASP H 749 -7.05 65.59 -12.15
C ASP H 749 -8.23 64.96 -12.88
N ALA H 750 -8.93 64.03 -12.22
CA ALA H 750 -10.04 63.34 -12.87
C ALA H 750 -11.19 64.29 -13.16
N LEU H 751 -11.51 65.18 -12.20
CA LEU H 751 -12.58 66.15 -12.43
C LEU H 751 -12.22 67.11 -13.55
N VAL H 752 -10.98 67.59 -13.57
CA VAL H 752 -10.58 68.52 -14.62
C VAL H 752 -10.60 67.82 -15.98
N GLN H 753 -10.13 66.57 -16.02
CA GLN H 753 -10.20 65.77 -17.24
C GLN H 753 -11.63 65.60 -17.69
N TYR H 754 -12.54 65.32 -16.75
CA TYR H 754 -13.94 65.12 -17.08
C TYR H 754 -14.57 66.41 -17.61
N ILE H 755 -14.22 67.55 -17.02
CA ILE H 755 -14.76 68.82 -17.49
C ILE H 755 -14.29 69.12 -18.90
N TYR H 756 -13.01 68.89 -19.17
CA TYR H 756 -12.42 69.29 -20.45
C TYR H 756 -12.50 68.21 -21.53
N ASP H 757 -12.94 67.01 -21.19
CA ASP H 757 -13.11 65.96 -22.18
C ASP H 757 -14.40 66.19 -22.96
N GLU H 758 -14.40 65.79 -24.22
CA GLU H 758 -15.58 65.98 -25.05
C GLU H 758 -16.65 64.97 -24.69
N PRO H 759 -17.92 65.25 -25.00
CA PRO H 759 -18.98 64.29 -24.63
C PRO H 759 -18.79 62.90 -25.22
N LYS H 760 -18.15 62.81 -26.39
CA LYS H 760 -17.90 61.50 -26.98
C LYS H 760 -16.98 60.66 -26.10
N LYS H 761 -16.02 61.28 -25.44
CA LYS H 761 -15.08 60.59 -24.57
C LYS H 761 -15.58 60.47 -23.13
N GLY H 762 -16.80 60.91 -22.85
CA GLY H 762 -17.39 60.78 -21.53
C GLY H 762 -17.34 62.03 -20.68
N GLY H 763 -16.67 63.09 -21.15
CA GLY H 763 -16.58 64.34 -20.41
C GLY H 763 -17.73 65.26 -20.72
N LEU H 764 -17.55 66.53 -20.34
CA LEU H 764 -18.54 67.57 -20.60
C LEU H 764 -18.24 68.37 -21.86
N GLY H 765 -16.98 68.41 -22.30
CA GLY H 765 -16.62 69.23 -23.44
C GLY H 765 -16.74 70.70 -23.15
N TRP H 766 -16.44 71.10 -21.92
CA TRP H 766 -16.59 72.47 -21.45
C TRP H 766 -15.21 73.06 -21.21
N ASP H 767 -15.07 74.36 -21.46
CA ASP H 767 -13.84 75.10 -21.19
C ASP H 767 -14.17 76.14 -20.12
N LEU H 768 -13.57 75.96 -18.94
CA LEU H 768 -14.00 76.72 -17.78
C LEU H 768 -13.70 78.21 -17.92
N ASP H 769 -14.72 79.03 -17.66
CA ASP H 769 -14.57 80.47 -17.60
C ASP H 769 -14.28 80.98 -16.20
N ALA H 770 -14.67 80.25 -15.16
CA ALA H 770 -14.43 80.67 -13.79
C ALA H 770 -14.19 79.45 -12.91
N ILE H 771 -13.37 79.65 -11.89
CA ILE H 771 -13.12 78.64 -10.86
C ILE H 771 -13.35 79.31 -9.51
N ILE H 772 -14.12 78.65 -8.65
CA ILE H 772 -14.46 79.15 -7.33
C ILE H 772 -14.18 78.02 -6.35
N PRO H 773 -12.91 77.82 -5.94
CA PRO H 773 -12.59 76.72 -5.02
C PRO H 773 -12.77 77.09 -3.54
N PHE H 774 -14.03 77.08 -3.11
CA PHE H 774 -14.39 77.40 -1.73
C PHE H 774 -14.46 76.17 -0.84
N ALA H 775 -14.07 74.99 -1.35
CA ALA H 775 -14.08 73.79 -0.52
C ALA H 775 -13.05 73.91 0.58
N ALA H 776 -13.48 73.63 1.81
CA ALA H 776 -12.60 73.73 2.97
C ALA H 776 -13.07 72.75 4.04
N ILE H 777 -12.14 72.43 4.94
CA ILE H 777 -12.39 71.56 6.08
C ILE H 777 -12.33 72.44 7.32
N PRO H 778 -13.32 72.41 8.21
CA PRO H 778 -13.24 73.26 9.41
C PRO H 778 -12.30 72.63 10.44
N GLU H 779 -11.32 73.42 10.89
CA GLU H 779 -10.34 72.99 11.86
C GLU H 779 -10.30 74.01 12.99
N ASN H 780 -10.75 73.61 14.17
CA ASN H 780 -10.83 74.48 15.34
C ASN H 780 -10.14 73.80 16.52
N GLY H 781 -9.52 74.61 17.36
CA GLY H 781 -8.77 74.09 18.48
C GLY H 781 -7.41 73.54 18.13
N ASN H 782 -6.93 73.74 16.91
CA ASN H 782 -5.64 73.24 16.45
C ASN H 782 -4.64 74.39 16.46
N GLY H 783 -3.81 74.43 17.49
CA GLY H 783 -2.72 75.38 17.56
C GLY H 783 -1.46 74.87 16.90
N LEU H 784 -0.35 75.55 17.20
CA LEU H 784 0.94 75.13 16.66
C LEU H 784 1.31 73.74 17.17
N ASP H 785 1.05 73.46 18.45
CA ASP H 785 1.35 72.15 19.02
C ASP H 785 0.33 71.09 18.65
N ASN H 786 -0.84 71.48 18.14
CA ASN H 786 -1.88 70.54 17.74
C ASN H 786 -1.97 70.38 16.23
N ILE H 787 -0.98 70.86 15.47
CA ILE H 787 -0.95 70.66 14.03
C ILE H 787 -0.87 69.15 13.79
N ASP H 788 -1.92 68.60 13.16
CA ASP H 788 -2.13 67.17 13.11
C ASP H 788 -2.42 66.74 11.67
N SER H 789 -2.82 65.47 11.54
CA SER H 789 -3.23 64.94 10.24
C SER H 789 -4.37 65.74 9.65
N LYS H 790 -5.36 66.11 10.49
CA LYS H 790 -6.47 66.91 10.01
C LYS H 790 -5.99 68.25 9.49
N SER H 791 -5.08 68.90 10.20
CA SER H 791 -4.58 70.20 9.77
C SER H 791 -3.82 70.10 8.46
N GLU H 792 -2.96 69.09 8.33
CA GLU H 792 -2.20 68.94 7.08
C GLU H 792 -3.14 68.63 5.91
N PHE H 793 -4.14 67.77 6.14
CA PHE H 793 -5.09 67.44 5.08
C PHE H 793 -5.92 68.63 4.67
N ALA H 794 -6.40 69.41 5.65
CA ALA H 794 -7.16 70.61 5.34
C ALA H 794 -6.31 71.62 4.59
N HIS H 795 -5.04 71.75 4.98
CA HIS H 795 -4.13 72.61 4.24
C HIS H 795 -3.96 72.13 2.81
N ARG H 796 -3.85 70.82 2.62
CA ARG H 796 -3.75 70.28 1.27
C ARG H 796 -4.96 70.70 0.45
N ILE H 797 -6.16 70.49 0.99
CA ILE H 797 -7.39 70.88 0.28
C ILE H 797 -7.37 72.36 -0.05
N MET H 798 -7.01 73.19 0.93
CA MET H 798 -7.22 74.63 0.77
C MET H 798 -6.17 75.26 -0.13
N LEU H 799 -4.94 74.72 -0.14
CA LEU H 799 -3.85 75.29 -0.92
C LEU H 799 -3.33 74.36 -2.01
N THR H 800 -2.89 73.16 -1.66
CA THR H 800 -2.07 72.39 -2.58
C THR H 800 -2.90 71.83 -3.72
N ASN H 801 -4.02 71.18 -3.38
CA ASN H 801 -4.89 70.66 -4.43
C ASN H 801 -5.61 71.79 -5.16
N LEU H 802 -5.75 72.95 -4.52
CA LEU H 802 -6.24 74.13 -5.22
C LEU H 802 -5.27 74.53 -6.34
N LEU H 803 -4.00 74.67 -6.00
CA LEU H 803 -2.98 74.99 -7.00
C LEU H 803 -2.93 73.92 -8.07
N ARG H 804 -3.09 72.65 -7.68
CA ARG H 804 -3.09 71.57 -8.67
C ARG H 804 -4.29 71.66 -9.59
N LEU H 805 -5.44 72.06 -9.07
CA LEU H 805 -6.63 72.24 -9.91
C LEU H 805 -6.40 73.34 -10.92
N LEU H 806 -5.86 74.48 -10.47
CA LEU H 806 -5.54 75.55 -11.41
C LEU H 806 -4.55 75.08 -12.45
N GLY H 807 -3.52 74.35 -12.03
CA GLY H 807 -2.53 73.86 -12.98
C GLY H 807 -3.09 72.87 -13.97
N ALA H 808 -4.01 72.02 -13.52
CA ALA H 808 -4.63 71.06 -14.42
C ALA H 808 -5.50 71.77 -15.46
N VAL H 809 -6.24 72.79 -15.03
CA VAL H 809 -7.02 73.58 -15.98
C VAL H 809 -6.08 74.22 -17.00
N LYS H 810 -4.97 74.79 -16.54
CA LYS H 810 -4.02 75.42 -17.45
C LYS H 810 -3.45 74.40 -18.44
N SER H 811 -3.09 73.22 -17.95
CA SER H 811 -2.55 72.19 -18.81
C SER H 811 -3.57 71.75 -19.85
N LYS H 812 -4.85 71.73 -19.47
CA LYS H 812 -5.90 71.32 -20.39
C LYS H 812 -6.22 72.38 -21.43
N LYS H 813 -5.91 73.64 -21.15
CA LYS H 813 -6.22 74.72 -22.11
C LYS H 813 -5.05 74.94 -23.07
N PRO H 814 -5.21 74.64 -24.39
CA PRO H 814 -4.22 75.12 -25.36
C PRO H 814 -4.56 76.52 -25.87
N THR H 815 -5.81 76.92 -25.72
CA THR H 815 -6.21 78.28 -26.07
C THR H 815 -5.67 79.27 -25.06
N ASP H 816 -5.27 80.45 -25.54
CA ASP H 816 -4.77 81.53 -24.70
C ASP H 816 -5.73 82.71 -24.64
N THR H 817 -6.93 82.58 -25.22
CA THR H 817 -7.88 83.69 -25.32
C THR H 817 -9.13 83.50 -24.48
N ARG H 818 -9.21 82.44 -23.68
CA ARG H 818 -10.34 82.20 -22.78
C ARG H 818 -9.81 81.85 -21.40
N PRO H 819 -9.31 82.82 -20.64
CA PRO H 819 -8.84 82.51 -19.29
C PRO H 819 -9.97 82.12 -18.37
N ALA H 820 -9.62 81.31 -17.37
CA ALA H 820 -10.52 80.95 -16.28
C ALA H 820 -10.27 81.88 -15.11
N GLN H 821 -11.35 82.48 -14.59
CA GLN H 821 -11.25 83.39 -13.46
C GLN H 821 -11.28 82.61 -12.16
N CYS H 822 -10.15 82.56 -11.47
CA CYS H 822 -10.04 81.84 -10.20
C CYS H 822 -10.38 82.79 -9.06
N ILE H 823 -11.51 82.54 -8.41
CA ILE H 823 -11.97 83.37 -7.29
C ILE H 823 -11.38 82.73 -6.03
N LEU H 824 -10.23 83.23 -5.61
CA LEU H 824 -9.55 82.67 -4.46
C LEU H 824 -10.21 83.15 -3.17
N PRO H 825 -10.63 82.25 -2.26
CA PRO H 825 -11.23 82.73 -0.99
C PRO H 825 -10.19 83.19 0.01
N LEU H 826 -9.66 84.39 -0.20
CA LEU H 826 -8.69 84.94 0.73
C LEU H 826 -9.38 85.36 2.02
N SER H 827 -8.58 85.42 3.09
CA SER H 827 -9.05 85.83 4.40
C SER H 827 -8.29 87.08 4.84
N PRO H 828 -8.93 87.99 5.57
CA PRO H 828 -8.20 89.14 6.12
C PRO H 828 -7.41 88.82 7.38
N ASN H 829 -7.68 87.68 8.00
CA ASN H 829 -7.13 87.32 9.30
C ASN H 829 -6.22 86.11 9.12
N HIS H 830 -4.92 86.35 9.04
CA HIS H 830 -3.92 85.30 8.87
C HIS H 830 -3.26 85.06 10.22
N GLY H 831 -3.88 84.20 11.03
CA GLY H 831 -3.35 83.84 12.33
C GLY H 831 -3.75 84.75 13.46
N THR H 832 -4.43 85.87 13.18
CA THR H 832 -4.85 86.76 14.26
C THR H 832 -5.88 86.09 15.15
N PHE H 833 -6.80 85.34 14.56
CA PHE H 833 -7.73 84.54 15.36
C PHE H 833 -7.00 83.32 15.91
N GLY H 834 -7.70 82.56 16.74
CA GLY H 834 -7.03 81.56 17.56
C GLY H 834 -6.68 80.27 16.83
N PHE H 835 -7.04 79.15 17.46
CA PHE H 835 -6.50 77.85 17.09
C PHE H 835 -7.24 77.32 15.86
N ASP H 836 -6.66 77.56 14.67
CA ASP H 836 -7.31 77.18 13.42
C ASP H 836 -6.48 76.21 12.57
N GLY H 837 -5.41 75.65 13.11
CA GLY H 837 -4.59 74.74 12.31
C GLY H 837 -3.80 75.49 11.25
N LEU H 838 -3.83 74.96 10.03
CA LEU H 838 -3.14 75.56 8.90
C LEU H 838 -4.07 76.40 8.02
N TYR H 839 -5.23 76.79 8.54
CA TYR H 839 -6.16 77.60 7.75
C TYR H 839 -5.54 78.92 7.32
N SER H 840 -4.95 79.65 8.28
CA SER H 840 -4.32 80.92 7.96
C SER H 840 -3.14 80.73 7.02
N GLU H 841 -2.37 79.66 7.22
CA GLU H 841 -1.24 79.38 6.35
C GLU H 841 -1.71 79.19 4.92
N SER H 842 -2.78 78.41 4.72
CA SER H 842 -3.31 78.19 3.38
C SER H 842 -3.83 79.49 2.79
N LYS H 843 -4.57 80.28 3.57
CA LYS H 843 -5.16 81.50 3.04
C LYS H 843 -4.10 82.50 2.61
N ILE H 844 -3.06 82.67 3.42
CA ILE H 844 -1.99 83.60 3.05
C ILE H 844 -1.16 83.03 1.90
N SER H 845 -1.02 81.70 1.85
CA SER H 845 -0.30 81.10 0.73
C SER H 845 -1.01 81.32 -0.59
N LEU H 846 -2.35 81.40 -0.55
CA LEU H 846 -3.08 81.69 -1.77
C LEU H 846 -2.76 83.07 -2.34
N GLU H 847 -2.14 83.95 -1.56
CA GLU H 847 -1.82 85.29 -2.03
C GLU H 847 -0.63 85.31 -2.98
N THR H 848 0.17 84.25 -3.01
CA THR H 848 1.30 84.20 -3.93
C THR H 848 0.86 84.14 -5.39
N LEU H 849 -0.38 83.76 -5.64
CA LEU H 849 -0.85 83.63 -7.02
C LEU H 849 -0.86 84.97 -7.74
N PHE H 850 -0.98 86.06 -7.00
CA PHE H 850 -0.93 87.39 -7.61
C PHE H 850 0.41 87.65 -8.25
N ASN H 851 1.50 87.31 -7.56
CA ASN H 851 2.84 87.47 -8.13
C ASN H 851 3.13 86.37 -9.14
N ARG H 852 2.62 85.16 -8.92
CA ARG H 852 2.86 84.07 -9.85
C ARG H 852 2.13 84.29 -11.17
N TRP H 853 1.10 85.12 -11.19
CA TRP H 853 0.43 85.44 -12.44
C TRP H 853 1.39 86.11 -13.42
N TYR H 854 2.25 87.00 -12.93
CA TYR H 854 3.25 87.65 -13.76
C TYR H 854 4.47 86.77 -13.98
N SER H 855 4.96 86.15 -12.91
CA SER H 855 6.26 85.48 -12.94
C SER H 855 6.24 84.20 -13.76
N GLU H 856 5.07 83.61 -13.98
CA GLU H 856 4.92 82.34 -14.69
C GLU H 856 4.15 82.57 -15.99
N ASP H 857 3.89 81.48 -16.70
CA ASP H 857 3.29 81.53 -18.03
C ASP H 857 1.88 80.99 -18.07
N TRP H 858 1.12 81.12 -16.97
CA TRP H 858 -0.29 80.74 -16.95
C TRP H 858 -1.20 81.96 -16.88
N GLY H 859 -0.70 83.14 -17.21
CA GLY H 859 -1.53 84.34 -17.16
C GLY H 859 -2.64 84.31 -18.19
N SER H 860 -2.34 83.87 -19.41
CA SER H 860 -3.34 83.82 -20.47
C SER H 860 -4.33 82.68 -20.29
N LYS H 861 -4.07 81.76 -19.37
CA LYS H 861 -4.97 80.63 -19.12
C LYS H 861 -5.79 80.79 -17.86
N LEU H 862 -5.27 81.47 -16.84
CA LEU H 862 -6.00 81.75 -15.61
C LEU H 862 -5.78 83.19 -15.20
N THR H 863 -6.81 83.78 -14.59
CA THR H 863 -6.74 85.10 -13.99
C THR H 863 -7.01 84.96 -12.50
N VAL H 864 -6.30 85.74 -11.70
CA VAL H 864 -6.39 85.65 -10.24
C VAL H 864 -7.33 86.75 -9.75
N CYS H 865 -8.36 86.36 -9.01
CA CYS H 865 -9.27 87.29 -8.34
C CYS H 865 -9.35 86.83 -6.89
N GLY H 866 -8.47 87.38 -6.05
CA GLY H 866 -8.47 87.05 -4.64
C GLY H 866 -9.49 87.86 -3.88
N ALA H 867 -10.59 87.23 -3.49
CA ALA H 867 -11.64 87.90 -2.74
C ALA H 867 -11.37 87.69 -1.25
N VAL H 868 -10.99 88.76 -0.57
CA VAL H 868 -10.80 88.73 0.88
C VAL H 868 -12.21 88.78 1.45
N ILE H 869 -12.73 87.59 1.81
CA ILE H 869 -14.10 87.48 2.31
C ILE H 869 -14.14 87.92 3.76
N GLY H 870 -15.11 88.75 4.10
CA GLY H 870 -15.25 89.27 5.43
C GLY H 870 -16.08 88.38 6.34
N TRP H 871 -16.44 88.92 7.49
CA TRP H 871 -17.29 88.24 8.45
C TRP H 871 -18.63 87.93 7.80
N THR H 872 -18.89 86.65 7.55
CA THR H 872 -20.13 86.19 6.94
C THR H 872 -20.93 85.40 7.96
N ARG H 873 -22.24 85.67 8.02
CA ARG H 873 -23.11 85.04 9.00
C ARG H 873 -23.64 83.73 8.44
N GLY H 874 -23.33 82.62 9.11
CA GLY H 874 -23.82 81.32 8.71
C GLY H 874 -25.33 81.24 8.74
N THR H 875 -25.92 80.72 7.65
CA THR H 875 -27.36 80.60 7.56
C THR H 875 -27.75 79.55 6.51
N SER H 879 -22.39 80.16 13.60
CA SER H 879 -23.47 80.39 14.55
C SER H 879 -22.92 80.85 15.89
N ALA H 880 -21.68 80.47 16.19
CA ALA H 880 -21.04 80.93 17.43
C ALA H 880 -20.65 82.40 17.32
N ASN H 881 -20.34 82.86 16.11
CA ASN H 881 -19.98 84.25 15.87
C ASN H 881 -21.19 85.12 15.54
N ASN H 882 -22.34 84.52 15.24
CA ASN H 882 -23.52 85.31 14.92
C ASN H 882 -24.00 86.11 16.12
N ILE H 883 -23.77 85.61 17.34
CA ILE H 883 -24.24 86.32 18.53
C ILE H 883 -23.46 87.62 18.73
N ILE H 884 -22.19 87.64 18.32
CA ILE H 884 -21.34 88.83 18.47
C ILE H 884 -21.28 89.62 17.16
N ALA H 885 -21.96 89.12 16.13
CA ALA H 885 -22.08 89.88 14.88
C ALA H 885 -22.63 91.28 15.14
N GLU H 886 -23.68 91.39 15.97
CA GLU H 886 -24.24 92.71 16.25
C GLU H 886 -23.23 93.60 16.98
N GLY H 887 -22.50 93.04 17.94
CA GLY H 887 -21.52 93.83 18.67
C GLY H 887 -20.42 94.35 17.77
N ILE H 888 -19.91 93.51 16.88
CA ILE H 888 -18.88 93.97 15.96
C ILE H 888 -19.46 94.97 14.96
N GLU H 889 -20.75 94.84 14.61
CA GLU H 889 -21.35 95.77 13.67
C GLU H 889 -21.58 97.14 14.30
N LYS H 890 -21.84 97.19 15.61
CA LYS H 890 -22.27 98.43 16.24
C LYS H 890 -21.23 99.55 16.15
N LEU H 891 -19.96 99.23 15.92
CA LEU H 891 -18.89 100.23 15.95
C LEU H 891 -18.61 100.87 14.60
N GLY H 892 -19.39 100.54 13.57
CA GLY H 892 -19.22 101.16 12.26
C GLY H 892 -18.89 100.17 11.16
N VAL H 893 -18.04 99.19 11.46
CA VAL H 893 -17.75 98.11 10.53
C VAL H 893 -19.03 97.28 10.43
N ARG H 894 -19.09 96.39 9.43
CA ARG H 894 -20.31 95.62 9.22
C ARG H 894 -20.02 94.14 8.96
N THR H 895 -21.08 93.33 9.02
CA THR H 895 -20.97 91.89 8.96
C THR H 895 -21.99 91.40 7.94
N PHE H 896 -21.55 90.54 7.03
CA PHE H 896 -22.34 90.17 5.86
C PHE H 896 -23.14 88.90 6.11
N SER H 897 -24.25 88.80 5.37
CA SER H 897 -24.97 87.55 5.24
C SER H 897 -24.34 86.71 4.14
N GLN H 898 -24.70 85.43 4.12
CA GLN H 898 -24.22 84.57 3.04
C GLN H 898 -24.70 85.08 1.69
N LYS H 899 -25.95 85.56 1.63
CA LYS H 899 -26.47 86.13 0.39
C LYS H 899 -25.70 87.39 0.00
N GLU H 900 -25.37 88.25 0.96
CA GLU H 900 -24.63 89.47 0.65
C GLU H 900 -23.23 89.14 0.13
N MET H 901 -22.53 88.22 0.79
CA MET H 901 -21.20 87.83 0.33
C MET H 901 -21.26 87.20 -1.05
N ALA H 902 -22.28 86.37 -1.29
CA ALA H 902 -22.45 85.78 -2.61
C ALA H 902 -22.72 86.85 -3.66
N PHE H 903 -23.52 87.86 -3.33
CA PHE H 903 -23.75 88.95 -4.26
C PHE H 903 -22.45 89.68 -4.57
N ASN H 904 -21.63 89.90 -3.54
CA ASN H 904 -20.35 90.59 -3.76
C ASN H 904 -19.47 89.79 -4.71
N ILE H 905 -19.35 88.47 -4.49
CA ILE H 905 -18.47 87.66 -5.34
C ILE H 905 -19.06 87.52 -6.74
N LEU H 906 -20.37 87.40 -6.85
CA LEU H 906 -20.99 87.31 -8.17
C LEU H 906 -20.81 88.60 -8.94
N GLY H 907 -20.83 89.74 -8.25
CA GLY H 907 -20.45 90.99 -8.88
C GLY H 907 -18.98 91.00 -9.27
N LEU H 908 -18.15 90.35 -8.47
CA LEU H 908 -16.76 90.16 -8.85
C LEU H 908 -16.63 89.29 -10.10
N LEU H 909 -17.66 88.51 -10.42
CA LEU H 909 -17.73 87.80 -11.68
C LEU H 909 -18.39 88.65 -12.78
N THR H 910 -18.39 89.97 -12.66
CA THR H 910 -18.97 90.83 -13.69
C THR H 910 -18.07 90.84 -14.94
N PRO H 911 -18.62 91.24 -16.09
CA PRO H 911 -17.76 91.38 -17.28
C PRO H 911 -16.66 92.41 -17.08
N GLU H 912 -16.92 93.48 -16.32
CA GLU H 912 -15.91 94.51 -16.12
C GLU H 912 -14.79 93.99 -15.22
N ILE H 913 -15.13 93.30 -14.15
CA ILE H 913 -14.09 92.75 -13.28
C ILE H 913 -13.44 91.55 -13.95
N VAL H 914 -14.16 90.88 -14.86
CA VAL H 914 -13.55 89.77 -15.60
C VAL H 914 -12.42 90.28 -16.49
N GLN H 915 -12.69 91.32 -17.27
CA GLN H 915 -11.64 91.90 -18.09
C GLN H 915 -10.56 92.55 -17.23
N LEU H 916 -10.94 93.13 -16.09
CA LEU H 916 -9.96 93.68 -15.17
C LEU H 916 -9.01 92.60 -14.67
N CYS H 917 -9.55 91.42 -14.33
CA CYS H 917 -8.71 90.31 -13.92
C CYS H 917 -7.86 89.81 -15.09
N GLN H 918 -8.41 89.85 -16.30
CA GLN H 918 -7.66 89.42 -17.47
C GLN H 918 -6.43 90.29 -17.68
N GLU H 919 -6.56 91.60 -17.53
CA GLU H 919 -5.44 92.50 -17.74
C GLU H 919 -4.58 92.70 -16.49
N GLU H 920 -5.08 92.36 -15.31
CA GLU H 920 -4.40 92.65 -14.06
C GLU H 920 -5.03 91.84 -12.93
N PRO H 921 -4.28 91.07 -12.15
CA PRO H 921 -4.89 90.35 -11.03
C PRO H 921 -5.63 91.26 -10.07
N VAL H 922 -6.81 90.82 -9.63
CA VAL H 922 -7.73 91.62 -8.84
C VAL H 922 -7.66 91.14 -7.40
N MET H 923 -7.47 92.08 -6.48
CA MET H 923 -7.58 91.85 -5.04
C MET H 923 -8.83 92.58 -4.58
N ALA H 924 -9.87 91.83 -4.25
CA ALA H 924 -11.16 92.40 -3.87
C ALA H 924 -11.35 92.26 -2.38
N ASP H 925 -11.07 93.33 -1.64
CA ASP H 925 -11.32 93.36 -0.20
C ASP H 925 -12.83 93.52 0.00
N LEU H 926 -13.49 92.37 0.20
CA LEU H 926 -14.89 92.36 0.58
C LEU H 926 -15.07 92.34 2.09
N ASN H 927 -13.98 92.48 2.85
CA ASN H 927 -14.07 92.66 4.28
C ASN H 927 -14.84 93.93 4.60
N GLY H 928 -15.80 93.83 5.51
CA GLY H 928 -16.69 94.95 5.80
C GLY H 928 -16.10 95.96 6.76
N GLY H 929 -14.88 96.43 6.49
CA GLY H 929 -14.21 97.35 7.36
C GLY H 929 -13.53 96.74 8.57
N LEU H 930 -13.50 95.40 8.66
CA LEU H 930 -12.88 94.76 9.81
C LEU H 930 -11.38 95.01 9.88
N GLN H 931 -10.74 95.31 8.76
CA GLN H 931 -9.30 95.55 8.76
C GLN H 931 -8.91 96.74 9.64
N PHE H 932 -9.85 97.65 9.90
CA PHE H 932 -9.59 98.85 10.67
C PHE H 932 -9.78 98.67 12.17
N ILE H 933 -9.97 97.44 12.64
CA ILE H 933 -10.16 97.16 14.06
C ILE H 933 -8.83 96.68 14.63
N ASP H 934 -8.31 97.43 15.60
CA ASP H 934 -7.09 97.02 16.29
C ASP H 934 -7.43 95.91 17.27
N ASN H 935 -6.61 94.84 17.26
CA ASN H 935 -6.79 93.70 18.16
C ASN H 935 -8.18 93.09 17.99
N LEU H 936 -8.42 92.58 16.77
CA LEU H 936 -9.74 92.02 16.46
C LEU H 936 -10.04 90.79 17.30
N LYS H 937 -9.05 89.92 17.51
CA LYS H 937 -9.29 88.72 18.32
C LYS H 937 -9.63 89.09 19.75
N ASP H 938 -8.89 90.04 20.33
CA ASP H 938 -9.16 90.44 21.70
C ASP H 938 -10.53 91.12 21.81
N PHE H 939 -10.88 91.97 20.85
CA PHE H 939 -12.19 92.61 20.86
C PHE H 939 -13.30 91.58 20.72
N THR H 940 -13.11 90.60 19.84
CA THR H 940 -14.10 89.54 19.65
C THR H 940 -14.28 88.73 20.93
N SER H 941 -13.18 88.35 21.57
CA SER H 941 -13.28 87.61 22.82
C SER H 941 -13.95 88.45 23.90
N LYS H 942 -13.64 89.75 23.95
CA LYS H 942 -14.28 90.63 24.91
C LYS H 942 -15.78 90.67 24.69
N LEU H 943 -16.21 90.80 23.43
CA LEU H 943 -17.64 90.84 23.14
C LEU H 943 -18.31 89.53 23.54
N ARG H 944 -17.72 88.39 23.13
CA ARG H 944 -18.34 87.11 23.43
C ARG H 944 -18.38 86.84 24.92
N THR H 945 -17.31 87.17 25.65
CA THR H 945 -17.29 86.91 27.08
C THR H 945 -18.23 87.85 27.82
N ASP H 946 -18.38 89.09 27.36
CA ASP H 946 -19.36 89.98 27.96
C ASP H 946 -20.77 89.43 27.76
N LEU H 947 -21.07 88.97 26.54
CA LEU H 947 -22.40 88.43 26.27
C LEU H 947 -22.67 87.18 27.10
N LEU H 948 -21.68 86.29 27.20
CA LEU H 948 -21.86 85.07 27.98
C LEU H 948 -21.96 85.38 29.47
N GLU H 949 -21.12 86.28 29.98
CA GLU H 949 -21.16 86.68 31.38
C GLU H 949 -22.41 87.47 31.73
N THR H 950 -23.14 87.97 30.74
CA THR H 950 -24.46 88.54 30.98
C THR H 950 -25.54 87.47 30.98
N ALA H 951 -25.56 86.64 29.93
CA ALA H 951 -26.60 85.62 29.82
C ALA H 951 -26.55 84.63 30.97
N ASP H 952 -25.35 84.17 31.34
CA ASP H 952 -25.25 83.14 32.36
C ASP H 952 -25.61 83.69 33.75
N ILE H 953 -25.22 84.92 34.05
CA ILE H 953 -25.60 85.48 35.35
C ILE H 953 -27.10 85.73 35.40
N ARG H 954 -27.70 86.17 34.28
CA ARG H 954 -29.14 86.33 34.26
C ARG H 954 -29.84 85.00 34.46
N ARG H 955 -29.34 83.94 33.80
CA ARG H 955 -29.93 82.62 33.97
C ARG H 955 -29.79 82.13 35.40
N ALA H 956 -28.61 82.31 36.01
CA ALA H 956 -28.41 81.85 37.38
C ALA H 956 -29.30 82.60 38.35
N VAL H 957 -29.41 83.91 38.18
CA VAL H 957 -30.27 84.70 39.05
C VAL H 957 -31.72 84.26 38.89
N SER H 958 -32.14 83.99 37.65
CA SER H 958 -33.51 83.52 37.44
C SER H 958 -33.74 82.17 38.10
N ILE H 959 -32.78 81.25 37.97
CA ILE H 959 -32.93 79.91 38.56
C ILE H 959 -33.04 80.03 40.08
N GLU H 960 -32.15 80.81 40.69
CA GLU H 960 -32.15 80.91 42.14
C GLU H 960 -33.34 81.72 42.66
N SER H 961 -33.81 82.72 41.91
CA SER H 961 -35.04 83.40 42.28
C SER H 961 -36.23 82.45 42.22
N ALA H 962 -36.28 81.60 41.21
CA ALA H 962 -37.33 80.60 41.13
C ALA H 962 -37.27 79.65 42.32
N ILE H 963 -36.05 79.23 42.69
CA ILE H 963 -35.91 78.34 43.84
C ILE H 963 -36.34 79.03 45.13
N GLU H 964 -35.97 80.31 45.29
CA GLU H 964 -36.39 81.06 46.46
C GLU H 964 -37.90 81.18 46.53
N GLN H 965 -38.55 81.47 45.39
CA GLN H 965 -40.00 81.53 45.37
C GLN H 965 -40.60 80.17 45.70
N LYS H 966 -40.02 79.09 45.18
CA LYS H 966 -40.52 77.75 45.48
C LYS H 966 -40.40 77.45 46.97
N VAL H 967 -39.31 77.88 47.59
CA VAL H 967 -39.12 77.65 49.03
C VAL H 967 -40.16 78.44 49.81
N VAL H 968 -40.37 79.70 49.45
CA VAL H 968 -41.29 80.55 50.22
C VAL H 968 -42.73 80.07 50.05
N ASN H 969 -43.11 79.64 48.85
CA ASN H 969 -44.49 79.27 48.54
C ASN H 969 -44.74 77.77 48.59
N GLY H 970 -43.77 76.96 48.99
CA GLY H 970 -43.97 75.53 49.07
C GLY H 970 -44.13 74.87 47.71
N LYS H 979 -49.32 73.84 32.98
CA LYS H 979 -50.45 73.31 32.24
C LYS H 979 -50.11 71.92 31.68
N VAL H 980 -51.13 71.07 31.59
CA VAL H 980 -50.97 69.70 31.11
C VAL H 980 -51.31 69.67 29.63
N MET H 981 -50.37 69.21 28.82
CA MET H 981 -50.57 69.18 27.38
C MET H 981 -51.32 67.91 26.97
N VAL H 982 -52.05 68.02 25.86
CA VAL H 982 -52.78 66.90 25.30
C VAL H 982 -51.79 66.03 24.55
N GLU H 983 -51.92 64.72 24.69
CA GLU H 983 -51.01 63.76 24.08
C GLU H 983 -51.59 63.24 22.77
N PRO H 984 -51.16 63.74 21.59
CA PRO H 984 -51.82 63.34 20.35
C PRO H 984 -51.80 61.83 20.10
N ARG H 985 -52.88 61.35 19.50
CA ARG H 985 -52.96 59.96 19.06
C ARG H 985 -53.75 59.90 17.75
N ALA H 986 -53.63 58.77 17.07
CA ALA H 986 -54.03 58.68 15.68
C ALA H 986 -55.53 58.83 15.52
N ASN H 987 -55.94 59.71 14.63
CA ASN H 987 -57.34 59.99 14.31
C ASN H 987 -57.73 59.34 12.99
N MET H 988 -57.27 58.10 12.78
CA MET H 988 -57.43 57.44 11.50
C MET H 988 -58.89 57.41 11.06
N LYS H 989 -59.15 58.02 9.89
CA LYS H 989 -60.43 57.91 9.22
C LYS H 989 -60.19 57.36 7.83
N PHE H 990 -61.26 57.05 7.10
CA PHE H 990 -61.15 56.68 5.70
C PHE H 990 -61.30 57.85 4.75
N ASP H 991 -61.99 58.91 5.17
CA ASP H 991 -62.16 60.10 4.35
C ASP H 991 -62.80 59.74 3.01
N PHE H 992 -64.04 59.27 3.08
CA PHE H 992 -64.89 59.16 1.90
C PHE H 992 -64.90 60.52 1.20
N PRO H 993 -65.19 60.59 -0.10
CA PRO H 993 -65.19 61.89 -0.77
C PRO H 993 -66.12 62.88 -0.08
N THR H 994 -65.62 64.09 0.11
CA THR H 994 -66.38 65.12 0.81
C THR H 994 -67.62 65.45 -0.02
N LEU H 995 -68.79 65.09 0.50
CA LEU H 995 -70.04 65.37 -0.19
C LEU H 995 -70.46 66.80 0.13
N LYS H 996 -70.40 67.66 -0.87
CA LYS H 996 -70.68 69.08 -0.71
C LYS H 996 -72.17 69.35 -0.86
N SER H 997 -72.56 70.59 -0.67
CA SER H 997 -73.97 70.96 -0.75
C SER H 997 -74.47 70.89 -2.18
N TYR H 998 -75.77 70.63 -2.32
CA TYR H 998 -76.36 70.47 -3.64
C TYR H 998 -76.28 71.77 -4.45
N ASP H 999 -76.52 72.90 -3.79
CA ASP H 999 -76.42 74.19 -4.47
C ASP H 999 -75.02 74.39 -5.05
N GLU H 1000 -74.00 74.04 -4.27
CA GLU H 1000 -72.63 74.27 -4.70
C GLU H 1000 -72.21 73.28 -5.78
N ILE H 1001 -72.73 72.05 -5.74
CA ILE H 1001 -72.44 71.08 -6.79
C ILE H 1001 -73.13 71.48 -8.09
N LYS H 1002 -74.38 71.95 -8.02
CA LYS H 1002 -75.06 72.46 -9.20
C LYS H 1002 -74.39 73.73 -9.71
N GLN H 1003 -73.73 74.47 -8.83
CA GLN H 1003 -72.89 75.57 -9.31
C GLN H 1003 -71.66 75.05 -10.04
N ILE H 1004 -71.08 73.94 -9.57
CA ILE H 1004 -69.93 73.36 -10.26
C ILE H 1004 -70.32 72.94 -11.67
N ALA H 1005 -71.38 72.15 -11.80
CA ALA H 1005 -71.74 71.53 -13.05
C ALA H 1005 -73.00 72.14 -13.64
N PRO H 1006 -73.14 72.15 -14.97
CA PRO H 1006 -74.30 72.84 -15.57
C PRO H 1006 -75.60 72.09 -15.36
N GLU H 1007 -76.69 72.57 -15.97
CA GLU H 1007 -78.01 71.98 -15.76
C GLU H 1007 -78.06 70.63 -16.48
N LEU H 1008 -77.46 69.64 -15.82
CA LEU H 1008 -77.34 68.28 -16.34
C LEU H 1008 -78.37 67.33 -15.73
N GLU H 1009 -79.36 67.86 -15.01
CA GLU H 1009 -80.29 67.02 -14.28
C GLU H 1009 -81.12 66.16 -15.22
N GLY H 1010 -81.23 64.88 -14.88
CA GLY H 1010 -82.09 63.96 -15.61
C GLY H 1010 -81.71 63.78 -17.06
N MET H 1011 -80.41 63.64 -17.34
CA MET H 1011 -79.90 63.47 -18.69
C MET H 1011 -79.17 62.14 -18.86
N LEU H 1012 -78.36 61.74 -17.89
CA LEU H 1012 -77.53 60.54 -18.00
C LEU H 1012 -78.28 59.34 -17.44
N ASP H 1013 -78.16 58.20 -18.12
CA ASP H 1013 -78.64 56.93 -17.58
C ASP H 1013 -77.67 56.47 -16.51
N LEU H 1014 -78.03 56.72 -15.24
CA LEU H 1014 -77.14 56.41 -14.14
C LEU H 1014 -76.89 54.91 -14.04
N GLU H 1015 -77.82 54.11 -14.53
CA GLU H 1015 -77.58 52.68 -14.67
C GLU H 1015 -76.42 52.41 -15.63
N ASN H 1016 -76.24 53.25 -16.64
CA ASN H 1016 -75.16 53.12 -17.63
C ASN H 1016 -73.97 54.02 -17.31
N VAL H 1017 -73.98 54.71 -16.19
CA VAL H 1017 -72.83 55.47 -15.70
C VAL H 1017 -72.15 54.64 -14.62
N VAL H 1018 -70.86 54.37 -14.81
CA VAL H 1018 -70.07 53.54 -13.89
C VAL H 1018 -69.21 54.44 -13.04
N VAL H 1019 -69.09 54.10 -11.75
CA VAL H 1019 -68.41 54.91 -10.76
C VAL H 1019 -67.56 54.01 -9.88
N VAL H 1020 -66.38 54.50 -9.50
CA VAL H 1020 -65.57 53.82 -8.49
C VAL H 1020 -66.21 54.10 -7.15
N THR H 1021 -66.65 53.05 -6.47
CA THR H 1021 -67.20 53.17 -5.15
C THR H 1021 -66.20 52.85 -4.05
N GLY H 1022 -65.27 51.94 -4.30
CA GLY H 1022 -64.23 51.64 -3.34
C GLY H 1022 -62.92 51.36 -4.05
N PHE H 1023 -61.83 51.41 -3.29
CA PHE H 1023 -60.53 51.05 -3.81
C PHE H 1023 -59.58 50.79 -2.65
N ALA H 1024 -58.47 50.10 -2.96
CA ALA H 1024 -57.46 49.81 -1.95
C ALA H 1024 -56.19 49.34 -2.64
N GLU H 1025 -55.13 49.22 -1.86
CA GLU H 1025 -53.84 48.75 -2.35
C GLU H 1025 -53.21 47.82 -1.32
N VAL H 1026 -52.32 46.97 -1.81
CA VAL H 1026 -51.29 46.32 -1.01
C VAL H 1026 -50.01 46.51 -1.81
N GLY H 1027 -49.14 47.39 -1.34
CA GLY H 1027 -47.96 47.76 -2.11
C GLY H 1027 -46.77 48.06 -1.23
N PRO H 1028 -45.68 48.53 -1.85
CA PRO H 1028 -44.45 48.80 -1.08
C PRO H 1028 -44.60 49.83 0.00
N TRP H 1029 -45.62 50.68 -0.06
CA TRP H 1029 -45.90 51.68 0.95
C TRP H 1029 -47.23 51.38 1.63
N GLY H 1030 -47.45 50.11 1.95
CA GLY H 1030 -48.65 49.67 2.60
C GLY H 1030 -49.87 49.73 1.71
N ASN H 1031 -50.90 50.42 2.17
CA ASN H 1031 -52.18 50.47 1.48
C ASN H 1031 -52.32 51.81 0.75
N SER H 1032 -53.53 52.07 0.25
CA SER H 1032 -53.77 53.31 -0.50
C SER H 1032 -53.48 54.54 0.36
N ARG H 1033 -53.90 54.52 1.63
CA ARG H 1033 -53.74 55.69 2.48
C ARG H 1033 -52.26 56.03 2.69
N THR H 1034 -51.48 55.05 3.13
CA THR H 1034 -50.06 55.31 3.41
C THR H 1034 -49.30 55.60 2.13
N ARG H 1035 -49.61 54.87 1.05
CA ARG H 1035 -48.97 55.13 -0.23
C ARG H 1035 -49.26 56.54 -0.70
N TRP H 1036 -50.51 57.00 -0.56
CA TRP H 1036 -50.87 58.34 -0.97
C TRP H 1036 -50.19 59.39 -0.11
N GLU H 1037 -50.07 59.14 1.19
CA GLU H 1037 -49.36 60.08 2.04
C GLU H 1037 -47.90 60.22 1.61
N MET H 1038 -47.23 59.09 1.36
CA MET H 1038 -45.85 59.14 0.92
C MET H 1038 -45.72 59.75 -0.48
N GLU H 1039 -46.77 59.62 -1.30
CA GLU H 1039 -46.72 60.18 -2.64
C GLU H 1039 -46.90 61.69 -2.63
N ALA H 1040 -47.98 62.16 -2.01
CA ALA H 1040 -48.32 63.57 -2.04
C ALA H 1040 -47.47 64.42 -1.10
N TYR H 1041 -46.88 63.82 -0.06
CA TYR H 1041 -46.19 64.60 0.96
C TYR H 1041 -44.75 64.14 1.17
N GLY H 1042 -44.45 62.89 0.82
CA GLY H 1042 -43.12 62.35 1.02
C GLY H 1042 -42.79 62.00 2.45
N GLU H 1043 -43.72 62.19 3.38
CA GLU H 1043 -43.53 61.85 4.78
C GLU H 1043 -44.84 61.35 5.34
N PHE H 1044 -44.75 60.51 6.37
CA PHE H 1044 -45.93 59.95 6.99
C PHE H 1044 -46.42 60.87 8.11
N SER H 1045 -47.72 61.10 8.16
CA SER H 1045 -48.33 61.81 9.26
C SER H 1045 -48.39 60.88 10.47
N LEU H 1046 -49.06 61.33 11.53
CA LEU H 1046 -49.22 60.46 12.70
C LEU H 1046 -50.03 59.22 12.34
N GLU H 1047 -51.16 59.42 11.66
CA GLU H 1047 -51.99 58.30 11.23
C GLU H 1047 -51.21 57.39 10.29
N GLY H 1048 -50.47 57.97 9.35
CA GLY H 1048 -49.67 57.16 8.44
C GLY H 1048 -48.62 56.35 9.16
N ALA H 1049 -47.94 56.95 10.14
CA ALA H 1049 -46.89 56.23 10.87
C ALA H 1049 -47.49 55.08 11.67
N ILE H 1050 -48.61 55.33 12.36
CA ILE H 1050 -49.22 54.26 13.15
C ILE H 1050 -49.71 53.15 12.21
N GLU H 1051 -50.30 53.52 11.07
CA GLU H 1051 -50.79 52.51 10.14
C GLU H 1051 -49.64 51.69 9.56
N MET H 1052 -48.53 52.33 9.23
CA MET H 1052 -47.38 51.61 8.72
C MET H 1052 -46.81 50.67 9.76
N ALA H 1053 -46.70 51.13 11.01
CA ALA H 1053 -46.22 50.27 12.07
C ALA H 1053 -47.16 49.08 12.28
N TRP H 1054 -48.46 49.32 12.18
CA TRP H 1054 -49.43 48.24 12.37
C TRP H 1054 -49.33 47.20 11.26
N ILE H 1055 -49.28 47.64 10.00
CA ILE H 1055 -49.20 46.68 8.91
C ILE H 1055 -47.87 45.93 8.96
N MET H 1056 -46.79 46.62 9.34
CA MET H 1056 -45.48 46.01 9.42
C MET H 1056 -45.26 45.22 10.71
N GLY H 1057 -46.24 45.23 11.62
CA GLY H 1057 -46.11 44.43 12.82
C GLY H 1057 -45.15 44.98 13.84
N PHE H 1058 -44.73 46.24 13.71
CA PHE H 1058 -43.93 46.86 14.76
C PHE H 1058 -44.76 47.00 16.04
N ILE H 1059 -46.03 47.33 15.89
CA ILE H 1059 -46.93 47.52 17.03
C ILE H 1059 -48.14 46.62 16.87
N LYS H 1060 -48.72 46.27 18.02
CA LYS H 1060 -49.98 45.55 18.08
C LYS H 1060 -50.83 46.17 19.17
N TYR H 1061 -52.14 46.17 18.98
CA TYR H 1061 -53.04 46.74 19.98
C TYR H 1061 -53.17 45.77 21.15
N HIS H 1062 -52.99 46.28 22.36
CA HIS H 1062 -53.17 45.50 23.58
C HIS H 1062 -54.37 46.03 24.36
N ASN H 1063 -55.19 45.11 24.85
CA ASN H 1063 -56.30 45.42 25.73
C ASN H 1063 -56.25 44.49 26.93
N GLY H 1064 -56.48 45.05 28.12
CA GLY H 1064 -56.50 44.28 29.35
C GLY H 1064 -55.34 44.69 30.26
N ASN H 1065 -54.76 43.69 30.94
CA ASN H 1065 -53.73 43.92 31.93
C ASN H 1065 -52.35 43.79 31.29
N LEU H 1066 -51.51 44.79 31.50
CA LEU H 1066 -50.13 44.80 31.02
C LEU H 1066 -49.23 45.16 32.20
N GLN H 1067 -48.55 44.16 32.75
CA GLN H 1067 -47.76 44.34 33.98
C GLN H 1067 -48.64 44.81 35.12
N GLY H 1068 -49.84 44.25 35.22
CA GLY H 1068 -50.79 44.62 36.27
C GLY H 1068 -51.58 45.86 35.99
N LYS H 1069 -50.92 46.95 35.61
CA LYS H 1069 -51.62 48.18 35.28
C LYS H 1069 -52.51 47.94 34.05
N PRO H 1070 -53.78 48.38 34.07
CA PRO H 1070 -54.63 48.19 32.88
C PRO H 1070 -54.22 49.14 31.76
N TYR H 1071 -53.90 48.58 30.60
CA TYR H 1071 -53.48 49.34 29.43
C TYR H 1071 -54.37 48.99 28.25
N SER H 1072 -54.74 50.01 27.48
CA SER H 1072 -55.54 49.86 26.26
C SER H 1072 -54.92 50.77 25.21
N GLY H 1073 -54.07 50.21 24.36
CA GLY H 1073 -53.43 50.99 23.33
C GLY H 1073 -52.37 50.18 22.62
N TRP H 1074 -51.61 50.86 21.76
CA TRP H 1074 -50.55 50.20 21.02
C TRP H 1074 -49.42 49.79 21.96
N VAL H 1075 -48.85 48.60 21.71
CA VAL H 1075 -47.66 48.11 22.40
C VAL H 1075 -46.70 47.61 21.33
N ASP H 1076 -45.43 47.51 21.72
CA ASP H 1076 -44.43 46.94 20.82
C ASP H 1076 -44.78 45.49 20.52
N ALA H 1077 -44.22 44.98 19.43
CA ALA H 1077 -44.40 43.58 19.05
C ALA H 1077 -43.35 42.67 19.69
N LYS H 1078 -42.07 43.02 19.56
CA LYS H 1078 -41.00 42.17 20.06
C LYS H 1078 -40.83 42.28 21.58
N THR H 1079 -41.27 43.38 22.19
CA THR H 1079 -41.11 43.60 23.62
C THR H 1079 -42.42 43.77 24.37
N GLN H 1080 -43.54 43.98 23.68
CA GLN H 1080 -44.87 44.08 24.29
C GLN H 1080 -44.98 45.25 25.26
N THR H 1081 -44.04 46.23 25.19
CA THR H 1081 -44.11 47.39 26.08
C THR H 1081 -44.98 48.48 25.46
N PRO H 1082 -45.61 49.34 26.27
CA PRO H 1082 -46.44 50.41 25.70
C PRO H 1082 -45.64 51.35 24.81
N ILE H 1083 -46.29 51.79 23.73
CA ILE H 1083 -45.74 52.81 22.84
C ILE H 1083 -46.79 53.90 22.70
N ASP H 1084 -46.48 55.10 23.20
CA ASP H 1084 -47.35 56.23 22.97
C ASP H 1084 -47.31 56.61 21.49
N GLU H 1085 -48.40 57.24 21.04
CA GLU H 1085 -48.58 57.46 19.61
C GLU H 1085 -47.49 58.35 19.02
N LYS H 1086 -46.98 59.32 19.79
CA LYS H 1086 -45.85 60.11 19.32
C LYS H 1086 -44.58 59.27 19.24
N ASP H 1087 -44.36 58.40 20.23
CA ASP H 1087 -43.19 57.53 20.14
C ASP H 1087 -43.34 56.51 19.02
N ILE H 1088 -44.54 56.31 18.49
CA ILE H 1088 -44.67 55.45 17.30
C ILE H 1088 -43.81 56.00 16.19
N LYS H 1089 -44.02 57.28 15.85
CA LYS H 1089 -43.16 57.91 14.85
C LYS H 1089 -41.72 57.93 15.34
N SER H 1090 -41.50 58.45 16.55
CA SER H 1090 -40.13 58.65 17.03
C SER H 1090 -39.31 57.37 17.10
N LYS H 1091 -39.96 56.20 17.14
CA LYS H 1091 -39.28 54.93 17.29
C LYS H 1091 -39.30 54.08 16.03
N TYR H 1092 -40.29 54.25 15.15
CA TYR H 1092 -40.46 53.37 14.00
C TYR H 1092 -40.33 54.08 12.66
N GLU H 1093 -40.11 55.40 12.64
CA GLU H 1093 -40.01 56.09 11.37
C GLU H 1093 -38.86 55.55 10.52
N GLU H 1094 -37.67 55.43 11.13
CA GLU H 1094 -36.52 54.99 10.37
C GLU H 1094 -36.70 53.56 9.86
N GLU H 1095 -37.24 52.66 10.67
CA GLU H 1095 -37.43 51.30 10.19
C GLU H 1095 -38.52 51.21 9.14
N ILE H 1096 -39.60 51.98 9.28
CA ILE H 1096 -40.66 52.00 8.28
C ILE H 1096 -40.10 52.43 6.93
N LEU H 1097 -39.37 53.54 6.91
CA LEU H 1097 -38.83 54.00 5.64
C LEU H 1097 -37.74 53.07 5.12
N GLU H 1098 -36.96 52.46 6.01
CA GLU H 1098 -35.90 51.56 5.56
C GLU H 1098 -36.48 50.31 4.92
N HIS H 1099 -37.54 49.76 5.49
CA HIS H 1099 -38.14 48.51 5.03
C HIS H 1099 -39.48 48.72 4.34
N SER H 1100 -39.69 49.90 3.74
CA SER H 1100 -40.83 50.11 2.85
C SER H 1100 -40.32 50.72 1.55
N GLY H 1101 -41.15 50.61 0.51
CA GLY H 1101 -40.82 51.20 -0.76
C GLY H 1101 -39.80 50.39 -1.55
N ILE H 1102 -39.11 51.06 -2.47
CA ILE H 1102 -38.09 50.43 -3.28
C ILE H 1102 -36.81 50.32 -2.45
N ARG H 1103 -36.30 49.09 -2.31
CA ARG H 1103 -35.17 48.82 -1.45
C ARG H 1103 -34.50 47.54 -1.91
N LEU H 1104 -33.37 47.22 -1.29
CA LEU H 1104 -32.67 45.98 -1.61
C LEU H 1104 -33.58 44.78 -1.37
N ILE H 1105 -33.53 43.83 -2.29
CA ILE H 1105 -34.35 42.63 -2.21
C ILE H 1105 -34.00 41.90 -0.92
N GLU H 1106 -35.01 41.68 -0.07
CA GLU H 1106 -34.80 41.00 1.20
C GLU H 1106 -35.08 39.52 1.03
N PRO H 1107 -34.09 38.63 1.21
CA PRO H 1107 -34.38 37.20 1.00
C PRO H 1107 -35.41 36.62 1.95
N GLU H 1108 -35.65 37.27 3.09
CA GLU H 1108 -36.64 36.76 4.03
C GLU H 1108 -38.06 36.91 3.50
N LEU H 1109 -38.28 37.79 2.54
CA LEU H 1109 -39.61 38.00 1.95
C LEU H 1109 -39.84 37.16 0.70
N PHE H 1110 -38.85 36.40 0.24
CA PHE H 1110 -38.95 35.64 -0.99
C PHE H 1110 -38.33 34.26 -0.82
N ASN H 1111 -38.57 33.63 0.33
CA ASN H 1111 -38.10 32.27 0.60
C ASN H 1111 -36.59 32.16 0.45
N GLY H 1112 -35.87 33.10 1.07
CA GLY H 1112 -34.42 33.03 1.06
C GLY H 1112 -33.78 33.37 -0.27
N TYR H 1113 -34.47 34.09 -1.14
CA TYR H 1113 -33.93 34.42 -2.45
C TYR H 1113 -32.95 35.57 -2.31
N ASP H 1114 -31.67 35.28 -2.50
CA ASP H 1114 -30.61 36.27 -2.50
C ASP H 1114 -30.17 36.52 -3.93
N PRO H 1115 -30.43 37.69 -4.53
CA PRO H 1115 -29.91 37.93 -5.89
C PRO H 1115 -28.40 37.84 -5.96
N LYS H 1116 -27.69 38.23 -4.90
CA LYS H 1116 -26.24 38.10 -4.90
C LYS H 1116 -25.79 36.65 -4.95
N LYS H 1117 -26.64 35.72 -4.53
CA LYS H 1117 -26.33 34.29 -4.46
C LYS H 1117 -27.37 33.48 -5.22
N LYS H 1118 -27.66 33.89 -6.45
CA LYS H 1118 -28.66 33.23 -7.28
C LYS H 1118 -28.29 31.77 -7.55
N GLN H 1119 -29.03 30.83 -6.98
CA GLN H 1119 -28.68 29.43 -7.02
C GLN H 1119 -29.05 28.81 -8.37
N MET H 1120 -28.11 28.03 -8.92
CA MET H 1120 -28.30 27.29 -10.16
C MET H 1120 -27.66 25.92 -9.99
N ILE H 1121 -27.87 25.04 -10.96
CA ILE H 1121 -27.27 23.71 -10.99
C ILE H 1121 -26.70 23.47 -12.38
N GLN H 1122 -25.56 22.80 -12.44
CA GLN H 1122 -24.88 22.48 -13.69
C GLN H 1122 -24.76 20.97 -13.85
N GLU H 1123 -25.08 20.48 -15.04
CA GLU H 1123 -24.92 19.06 -15.34
C GLU H 1123 -23.44 18.72 -15.46
N ILE H 1124 -22.99 17.74 -14.69
CA ILE H 1124 -21.62 17.23 -14.75
C ILE H 1124 -21.69 15.72 -14.93
N VAL H 1125 -20.85 15.19 -15.81
CA VAL H 1125 -20.69 13.75 -15.95
C VAL H 1125 -19.63 13.28 -14.96
N VAL H 1126 -19.98 12.29 -14.15
CA VAL H 1126 -19.04 11.77 -13.15
C VAL H 1126 -17.89 11.08 -13.86
N GLN H 1127 -16.67 11.55 -13.59
CA GLN H 1127 -15.47 10.92 -14.15
C GLN H 1127 -14.95 9.80 -13.26
N HIS H 1128 -15.02 9.98 -11.95
CA HIS H 1128 -14.69 8.94 -10.98
C HIS H 1128 -15.89 8.72 -10.09
N ASP H 1129 -16.40 7.48 -10.10
CA ASP H 1129 -17.64 7.17 -9.39
C ASP H 1129 -17.55 7.48 -7.90
N LEU H 1130 -18.69 7.81 -7.31
CA LEU H 1130 -18.75 8.29 -5.94
C LEU H 1130 -18.88 7.12 -4.99
N GLU H 1131 -18.66 7.38 -3.70
CA GLU H 1131 -18.78 6.34 -2.70
C GLU H 1131 -20.27 6.09 -2.39
N PRO H 1132 -20.64 4.88 -1.96
CA PRO H 1132 -22.07 4.61 -1.75
C PRO H 1132 -22.71 5.55 -0.74
N PHE H 1133 -24.00 5.82 -0.95
CA PHE H 1133 -24.85 6.47 0.05
C PHE H 1133 -26.13 5.66 0.21
N GLU H 1134 -26.72 5.74 1.39
CA GLU H 1134 -27.88 4.92 1.75
C GLU H 1134 -29.17 5.71 1.55
N CYS H 1135 -30.16 5.06 0.96
CA CYS H 1135 -31.50 5.63 0.84
C CYS H 1135 -32.52 4.49 0.88
N SER H 1136 -33.78 4.86 0.78
CA SER H 1136 -34.87 3.89 0.93
C SER H 1136 -35.02 3.06 -0.35
N LYS H 1137 -35.92 2.07 -0.27
CA LYS H 1137 -36.18 1.19 -1.39
C LYS H 1137 -36.61 1.97 -2.63
N GLU H 1138 -37.65 2.79 -2.49
CA GLU H 1138 -38.18 3.52 -3.64
C GLU H 1138 -37.16 4.50 -4.19
N THR H 1139 -36.41 5.17 -3.31
CA THR H 1139 -35.40 6.12 -3.78
C THR H 1139 -34.32 5.41 -4.59
N ALA H 1140 -33.86 4.25 -4.11
CA ALA H 1140 -32.85 3.51 -4.86
C ALA H 1140 -33.41 3.01 -6.19
N GLU H 1141 -34.66 2.54 -6.20
CA GLU H 1141 -35.25 2.10 -7.47
C GLU H 1141 -35.36 3.26 -8.44
N GLN H 1142 -35.72 4.45 -7.95
CA GLN H 1142 -35.80 5.62 -8.82
C GLN H 1142 -34.43 5.97 -9.38
N TYR H 1143 -33.38 5.87 -8.57
CA TYR H 1143 -32.03 6.10 -9.07
C TYR H 1143 -31.66 5.11 -10.16
N LYS H 1144 -31.96 3.82 -9.95
CA LYS H 1144 -31.63 2.84 -10.97
C LYS H 1144 -32.41 3.10 -12.23
N HIS H 1145 -33.68 3.49 -12.10
CA HIS H 1145 -34.50 3.82 -13.26
C HIS H 1145 -33.87 4.96 -14.06
N GLU H 1146 -33.46 6.04 -13.38
CA GLU H 1146 -32.89 7.17 -14.09
C GLU H 1146 -31.54 6.83 -14.71
N HIS H 1147 -30.62 6.27 -13.93
CA HIS H 1147 -29.23 6.17 -14.33
C HIS H 1147 -28.91 4.90 -15.10
N GLY H 1148 -29.83 3.94 -15.18
CA GLY H 1148 -29.57 2.74 -15.96
C GLY H 1148 -28.36 1.99 -15.45
N GLU H 1149 -27.40 1.75 -16.34
CA GLU H 1149 -26.18 1.06 -16.01
C GLU H 1149 -25.13 1.97 -15.38
N LYS H 1150 -25.40 3.27 -15.27
CA LYS H 1150 -24.48 4.21 -14.64
C LYS H 1150 -24.72 4.33 -13.14
N CYS H 1151 -25.47 3.41 -12.54
CA CYS H 1151 -25.54 3.35 -11.08
C CYS H 1151 -25.92 1.93 -10.69
N GLU H 1152 -25.62 1.61 -9.44
CA GLU H 1152 -25.88 0.31 -8.86
C GLU H 1152 -26.63 0.48 -7.56
N ILE H 1153 -27.55 -0.45 -7.27
CA ILE H 1153 -28.33 -0.43 -6.05
C ILE H 1153 -28.19 -1.80 -5.39
N PHE H 1154 -27.98 -1.82 -4.08
CA PHE H 1154 -27.87 -3.09 -3.36
C PHE H 1154 -28.59 -3.01 -2.02
N GLU H 1155 -29.35 -4.06 -1.72
CA GLU H 1155 -30.06 -4.15 -0.46
C GLU H 1155 -29.09 -4.51 0.66
N ILE H 1156 -29.24 -3.83 1.79
CA ILE H 1156 -28.48 -4.12 3.00
C ILE H 1156 -29.30 -5.14 3.79
N GLU H 1157 -28.80 -6.38 3.87
CA GLU H 1157 -29.56 -7.43 4.53
C GLU H 1157 -29.80 -7.12 6.00
N GLU H 1158 -28.89 -6.37 6.63
CA GLU H 1158 -29.06 -6.06 8.06
C GLU H 1158 -30.21 -5.10 8.28
N SER H 1159 -30.32 -4.05 7.47
CA SER H 1159 -31.30 -2.99 7.66
C SER H 1159 -32.46 -3.05 6.67
N GLY H 1160 -32.24 -3.62 5.48
CA GLY H 1160 -33.26 -3.68 4.46
C GLY H 1160 -33.30 -2.48 3.54
N GLU H 1161 -32.59 -1.40 3.86
CA GLU H 1161 -32.52 -0.24 3.00
C GLU H 1161 -31.46 -0.45 1.92
N TYR H 1162 -31.55 0.34 0.87
CA TYR H 1162 -30.66 0.18 -0.28
C TYR H 1162 -29.51 1.19 -0.22
N THR H 1163 -28.39 0.80 -0.82
CA THR H 1163 -27.23 1.65 -0.97
C THR H 1163 -26.96 1.84 -2.46
N VAL H 1164 -26.64 3.08 -2.84
CA VAL H 1164 -26.57 3.50 -4.24
C VAL H 1164 -25.14 3.91 -4.56
N ARG H 1165 -24.58 3.30 -5.60
CA ARG H 1165 -23.26 3.62 -6.14
C ARG H 1165 -23.43 4.29 -7.48
N ILE H 1166 -23.03 5.55 -7.58
CA ILE H 1166 -23.15 6.32 -8.81
C ILE H 1166 -21.89 6.05 -9.64
N LEU H 1167 -22.02 5.19 -10.64
CA LEU H 1167 -20.87 4.70 -11.39
C LEU H 1167 -20.33 5.80 -12.32
N LYS H 1168 -19.16 5.53 -12.90
CA LYS H 1168 -18.53 6.47 -13.81
C LYS H 1168 -19.40 6.68 -15.05
N GLY H 1169 -19.42 7.91 -15.54
CA GLY H 1169 -20.25 8.28 -16.67
C GLY H 1169 -21.65 8.70 -16.30
N ALA H 1170 -22.04 8.55 -15.05
CA ALA H 1170 -23.32 9.08 -14.60
C ALA H 1170 -23.29 10.60 -14.65
N THR H 1171 -24.48 11.19 -14.68
CA THR H 1171 -24.65 12.64 -14.66
C THR H 1171 -25.23 13.04 -13.32
N LEU H 1172 -24.67 14.08 -12.70
CA LEU H 1172 -25.24 14.69 -11.52
C LEU H 1172 -25.22 16.21 -11.68
N TYR H 1173 -25.97 16.88 -10.81
CA TYR H 1173 -26.17 18.31 -10.86
C TYR H 1173 -25.54 18.93 -9.61
N VAL H 1174 -24.40 19.61 -9.78
CA VAL H 1174 -23.76 20.31 -8.67
C VAL H 1174 -24.34 21.73 -8.59
N PRO H 1175 -24.85 22.17 -7.44
CA PRO H 1175 -25.29 23.56 -7.33
C PRO H 1175 -24.17 24.56 -7.62
N LYS H 1176 -24.55 25.67 -8.25
CA LYS H 1176 -23.65 26.79 -8.44
C LYS H 1176 -24.45 28.08 -8.26
N ALA H 1177 -23.73 29.17 -8.01
CA ALA H 1177 -24.35 30.45 -7.71
C ALA H 1177 -23.68 31.54 -8.53
N LEU H 1178 -24.49 32.54 -8.92
CA LEU H 1178 -24.00 33.70 -9.63
C LEU H 1178 -24.57 34.95 -8.98
N ARG H 1179 -23.82 36.05 -9.11
CA ARG H 1179 -24.26 37.35 -8.62
C ARG H 1179 -25.24 37.94 -9.64
N PHE H 1180 -26.49 38.11 -9.23
CA PHE H 1180 -27.52 38.59 -10.14
C PHE H 1180 -27.51 40.13 -10.19
N ASP H 1181 -27.65 40.66 -11.40
CA ASP H 1181 -27.46 42.09 -11.64
C ASP H 1181 -28.50 42.95 -10.90
N ARG H 1182 -29.68 42.43 -10.63
CA ARG H 1182 -30.75 43.22 -10.00
C ARG H 1182 -30.85 42.87 -8.52
N LEU H 1183 -30.58 43.85 -7.67
CA LEU H 1183 -30.58 43.69 -6.22
C LEU H 1183 -31.69 44.43 -5.52
N VAL H 1184 -32.53 45.17 -6.24
CA VAL H 1184 -33.48 46.10 -5.65
C VAL H 1184 -34.85 45.85 -6.25
N ALA H 1185 -35.89 45.90 -5.41
CA ALA H 1185 -37.25 45.67 -5.85
C ALA H 1185 -38.21 46.50 -4.99
N GLY H 1186 -39.37 46.79 -5.57
CA GLY H 1186 -40.45 47.45 -4.86
C GLY H 1186 -41.25 46.45 -4.05
N GLN H 1187 -40.74 46.08 -2.88
CA GLN H 1187 -41.31 45.01 -2.09
C GLN H 1187 -42.31 45.56 -1.08
N ILE H 1188 -43.29 44.73 -0.74
CA ILE H 1188 -44.28 45.03 0.29
C ILE H 1188 -43.49 45.26 1.58
N PRO H 1189 -43.91 46.16 2.49
CA PRO H 1189 -43.10 46.43 3.67
C PRO H 1189 -42.81 45.18 4.49
N THR H 1190 -41.57 45.10 4.98
CA THR H 1190 -41.17 43.96 5.79
C THR H 1190 -42.02 43.90 7.05
N GLY H 1191 -42.44 42.68 7.40
CA GLY H 1191 -43.36 42.48 8.49
C GLY H 1191 -44.82 42.50 8.08
N TRP H 1192 -45.12 42.87 6.84
CA TRP H 1192 -46.48 42.75 6.32
C TRP H 1192 -46.91 41.29 6.38
N ASP H 1193 -47.98 41.03 7.12
CA ASP H 1193 -48.51 39.69 7.28
C ASP H 1193 -50.00 39.70 7.02
N ALA H 1194 -50.49 38.60 6.45
CA ALA H 1194 -51.92 38.44 6.25
C ALA H 1194 -52.65 38.21 7.56
N ARG H 1195 -51.96 37.66 8.56
CA ARG H 1195 -52.56 37.51 9.88
C ARG H 1195 -52.91 38.85 10.49
N THR H 1196 -52.12 39.89 10.20
CA THR H 1196 -52.41 41.22 10.72
C THR H 1196 -53.78 41.71 10.25
N TYR H 1197 -54.16 41.37 9.03
CA TYR H 1197 -55.49 41.68 8.51
C TYR H 1197 -56.52 40.61 8.89
N GLY H 1198 -56.07 39.44 9.32
CA GLY H 1198 -56.96 38.43 9.87
C GLY H 1198 -57.25 37.25 8.99
N ILE H 1199 -56.45 37.01 7.96
CA ILE H 1199 -56.63 35.85 7.08
C ILE H 1199 -56.18 34.61 7.85
N PRO H 1200 -57.00 33.57 8.04
CA PRO H 1200 -56.52 32.41 8.81
C PRO H 1200 -55.25 31.79 8.24
N GLU H 1201 -54.49 31.16 9.15
CA GLU H 1201 -53.26 30.49 8.74
C GLU H 1201 -53.53 29.34 7.79
N ASP H 1202 -54.74 28.75 7.84
CA ASP H 1202 -55.09 27.73 6.87
C ASP H 1202 -55.08 28.30 5.45
N THR H 1203 -55.75 29.44 5.26
CA THR H 1203 -55.68 30.12 3.98
C THR H 1203 -54.26 30.54 3.63
N ILE H 1204 -53.50 31.07 4.59
CA ILE H 1204 -52.14 31.50 4.28
C ILE H 1204 -51.28 30.33 3.81
N SER H 1205 -51.44 29.17 4.44
CA SER H 1205 -50.63 28.01 4.08
C SER H 1205 -51.05 27.42 2.74
N GLN H 1206 -52.35 27.31 2.50
CA GLN H 1206 -52.81 26.66 1.28
C GLN H 1206 -52.66 27.57 0.05
N VAL H 1207 -52.85 28.86 0.23
CA VAL H 1207 -52.97 29.82 -0.86
C VAL H 1207 -51.72 30.69 -0.91
N ASP H 1208 -51.43 31.22 -2.11
CA ASP H 1208 -50.15 31.87 -2.36
C ASP H 1208 -50.17 33.37 -1.99
N PRO H 1209 -48.99 33.95 -1.75
CA PRO H 1209 -48.95 35.34 -1.25
C PRO H 1209 -49.58 36.37 -2.18
N ILE H 1210 -49.52 36.15 -3.50
CA ILE H 1210 -50.21 37.06 -4.41
C ILE H 1210 -51.69 37.11 -4.06
N THR H 1211 -52.30 35.94 -3.87
CA THR H 1211 -53.70 35.89 -3.52
C THR H 1211 -53.96 36.46 -2.14
N LEU H 1212 -53.02 36.32 -1.21
CA LEU H 1212 -53.19 37.00 0.07
C LEU H 1212 -53.24 38.52 -0.12
N TYR H 1213 -52.37 39.05 -0.98
CA TYR H 1213 -52.44 40.48 -1.29
C TYR H 1213 -53.79 40.83 -1.90
N VAL H 1214 -54.28 39.98 -2.81
CA VAL H 1214 -55.57 40.25 -3.46
C VAL H 1214 -56.68 40.27 -2.42
N LEU H 1215 -56.67 39.31 -1.49
CA LEU H 1215 -57.74 39.24 -0.49
C LEU H 1215 -57.72 40.47 0.40
N VAL H 1216 -56.52 40.88 0.86
CA VAL H 1216 -56.42 42.07 1.69
C VAL H 1216 -56.90 43.30 0.92
N ALA H 1217 -56.48 43.42 -0.34
CA ALA H 1217 -56.85 44.57 -1.15
C ALA H 1217 -58.36 44.58 -1.42
N THR H 1218 -58.95 43.42 -1.66
CA THR H 1218 -60.39 43.37 -1.93
C THR H 1218 -61.19 43.72 -0.69
N VAL H 1219 -60.78 43.22 0.47
CA VAL H 1219 -61.45 43.59 1.71
C VAL H 1219 -61.34 45.09 1.93
N GLU H 1220 -60.13 45.64 1.76
CA GLU H 1220 -59.93 47.06 1.98
C GLU H 1220 -60.70 47.90 0.96
N ALA H 1221 -60.86 47.40 -0.27
CA ALA H 1221 -61.61 48.14 -1.28
C ALA H 1221 -63.11 48.11 -0.99
N LEU H 1222 -63.63 46.96 -0.58
CA LEU H 1222 -65.05 46.88 -0.23
C LEU H 1222 -65.35 47.79 0.95
N LEU H 1223 -64.48 47.79 1.96
CA LEU H 1223 -64.73 48.65 3.10
C LEU H 1223 -64.30 50.10 2.83
N SER H 1224 -63.57 50.35 1.75
CA SER H 1224 -63.47 51.72 1.24
C SER H 1224 -64.77 52.16 0.60
N ALA H 1225 -65.45 51.24 -0.07
CA ALA H 1225 -66.83 51.44 -0.53
C ALA H 1225 -67.83 51.44 0.61
N GLY H 1226 -67.39 51.15 1.83
CA GLY H 1226 -68.29 51.17 2.97
C GLY H 1226 -69.03 49.88 3.16
N ILE H 1227 -68.61 48.82 2.47
CA ILE H 1227 -69.30 47.54 2.49
C ILE H 1227 -68.68 46.77 3.65
N THR H 1228 -69.23 47.01 4.85
CA THR H 1228 -68.77 46.29 6.03
C THR H 1228 -68.93 44.79 5.84
N ASP H 1229 -70.10 44.36 5.35
CA ASP H 1229 -70.39 42.97 5.07
C ASP H 1229 -70.45 42.77 3.57
N PRO H 1230 -69.61 41.93 2.94
CA PRO H 1230 -69.71 41.77 1.48
C PRO H 1230 -71.06 41.28 1.01
N TYR H 1231 -71.82 40.58 1.86
CA TYR H 1231 -73.15 40.12 1.49
C TYR H 1231 -74.16 41.25 1.44
N GLU H 1232 -73.79 42.46 1.87
CA GLU H 1232 -74.72 43.58 1.78
C GLU H 1232 -74.97 44.00 0.34
N PHE H 1233 -74.09 43.59 -0.59
CA PHE H 1233 -74.42 43.71 -2.01
C PHE H 1233 -75.75 43.04 -2.32
N TYR H 1234 -75.99 41.89 -1.71
CA TYR H 1234 -77.15 41.08 -2.09
C TYR H 1234 -78.45 41.60 -1.50
N LYS H 1235 -78.39 42.65 -0.67
CA LYS H 1235 -79.59 43.31 -0.20
C LYS H 1235 -80.18 44.23 -1.28
N TYR H 1236 -79.37 44.63 -2.26
CA TYR H 1236 -79.81 45.51 -3.33
C TYR H 1236 -79.61 44.92 -4.72
N VAL H 1237 -78.83 43.84 -4.84
CA VAL H 1237 -78.42 43.29 -6.13
C VAL H 1237 -78.59 41.78 -6.05
N HIS H 1238 -78.85 41.16 -7.20
CA HIS H 1238 -78.90 39.71 -7.25
C HIS H 1238 -77.48 39.14 -7.24
N VAL H 1239 -77.35 37.92 -6.71
CA VAL H 1239 -76.03 37.28 -6.63
C VAL H 1239 -75.39 37.14 -8.00
N SER H 1240 -76.19 37.17 -9.07
CA SER H 1240 -75.69 37.05 -10.42
C SER H 1240 -75.18 38.36 -11.01
N GLU H 1241 -75.19 39.46 -10.25
CA GLU H 1241 -74.75 40.76 -10.76
C GLU H 1241 -73.61 41.36 -9.94
N VAL H 1242 -72.89 40.56 -9.16
CA VAL H 1242 -71.67 41.01 -8.50
C VAL H 1242 -70.51 40.25 -9.12
N GLY H 1243 -69.78 40.90 -10.01
CA GLY H 1243 -68.70 40.27 -10.74
C GLY H 1243 -67.34 40.51 -10.10
N ASN H 1244 -66.33 39.90 -10.72
CA ASN H 1244 -64.94 40.09 -10.31
C ASN H 1244 -64.10 40.03 -11.59
N CYS H 1245 -63.79 41.20 -12.13
CA CYS H 1245 -63.09 41.31 -13.41
C CYS H 1245 -61.63 41.69 -13.25
N SER H 1246 -61.07 41.56 -12.06
CA SER H 1246 -59.64 41.77 -11.86
C SER H 1246 -58.84 40.60 -12.40
N GLY H 1247 -57.54 40.80 -12.55
CA GLY H 1247 -56.67 39.74 -13.02
C GLY H 1247 -55.22 40.16 -13.03
N SER H 1248 -54.35 39.17 -12.99
CA SER H 1248 -52.90 39.36 -13.01
C SER H 1248 -52.37 39.24 -14.43
N GLY H 1249 -51.10 39.61 -14.58
CA GLY H 1249 -50.40 39.41 -15.83
C GLY H 1249 -49.66 38.10 -15.85
N MET H 1250 -49.10 37.70 -14.71
CA MET H 1250 -48.40 36.44 -14.58
C MET H 1250 -48.68 35.80 -13.21
N GLY H 1251 -49.83 36.11 -12.64
CA GLY H 1251 -50.07 35.80 -11.24
C GLY H 1251 -49.97 34.32 -10.93
N GLY H 1252 -49.69 34.03 -9.66
CA GLY H 1252 -49.43 32.67 -9.24
C GLY H 1252 -47.98 32.24 -9.40
N VAL H 1253 -47.04 33.18 -9.38
CA VAL H 1253 -45.66 32.86 -9.71
C VAL H 1253 -45.05 31.95 -8.66
N SER H 1254 -45.42 32.12 -7.39
CA SER H 1254 -44.89 31.25 -6.35
C SER H 1254 -45.33 29.81 -6.58
N ALA H 1255 -46.59 29.60 -6.94
CA ALA H 1255 -47.07 28.26 -7.25
C ALA H 1255 -46.42 27.72 -8.51
N LEU H 1256 -46.20 28.58 -9.51
CA LEU H 1256 -45.49 28.15 -10.72
C LEU H 1256 -44.09 27.68 -10.39
N ARG H 1257 -43.38 28.44 -9.56
CA ARG H 1257 -42.05 28.03 -9.12
C ARG H 1257 -42.12 26.72 -8.36
N GLY H 1258 -43.10 26.58 -7.46
CA GLY H 1258 -43.29 25.31 -6.78
C GLY H 1258 -43.34 24.16 -7.77
N MET H 1259 -44.35 24.17 -8.64
CA MET H 1259 -44.59 23.03 -9.53
C MET H 1259 -43.42 22.80 -10.48
N PHE H 1260 -42.74 23.86 -10.92
CA PHE H 1260 -41.73 23.71 -11.95
C PHE H 1260 -40.33 23.42 -11.41
N LYS H 1261 -40.01 23.86 -10.20
CA LYS H 1261 -38.67 23.69 -9.62
C LYS H 1261 -38.67 22.88 -8.35
N ASP H 1262 -39.54 23.21 -7.38
CA ASP H 1262 -39.51 22.46 -6.12
C ASP H 1262 -39.93 21.03 -6.36
N ARG H 1263 -40.89 20.82 -7.26
CA ARG H 1263 -41.29 19.47 -7.63
C ARG H 1263 -40.16 18.73 -8.33
N TYR H 1264 -39.44 19.42 -9.23
CA TYR H 1264 -38.25 18.83 -9.83
C TYR H 1264 -37.24 18.44 -8.77
N ALA H 1265 -37.16 19.21 -7.69
CA ALA H 1265 -36.24 18.94 -6.60
C ALA H 1265 -36.81 17.98 -5.55
N ASP H 1266 -38.04 17.50 -5.72
CA ASP H 1266 -38.66 16.59 -4.76
C ASP H 1266 -38.85 17.24 -3.39
N LYS H 1267 -38.99 18.55 -3.36
CA LYS H 1267 -39.24 19.25 -2.11
C LYS H 1267 -40.72 19.10 -1.76
N PRO H 1268 -41.08 19.20 -0.47
CA PRO H 1268 -42.51 19.19 -0.12
C PRO H 1268 -43.27 20.30 -0.82
N VAL H 1269 -44.20 19.91 -1.69
CA VAL H 1269 -45.05 20.85 -2.42
C VAL H 1269 -46.48 20.34 -2.33
N GLN H 1270 -47.42 21.26 -2.13
CA GLN H 1270 -48.82 20.87 -2.01
C GLN H 1270 -49.34 20.25 -3.30
N ASN H 1271 -50.25 19.29 -3.16
CA ASN H 1271 -50.73 18.55 -4.32
C ASN H 1271 -51.45 19.45 -5.32
N ASP H 1272 -52.10 20.50 -4.84
CA ASP H 1272 -52.89 21.42 -5.65
C ASP H 1272 -52.17 22.76 -5.87
N ILE H 1273 -50.86 22.72 -6.11
CA ILE H 1273 -50.11 23.96 -6.35
C ILE H 1273 -50.49 24.56 -7.71
N LEU H 1274 -50.73 23.73 -8.72
CA LEU H 1274 -51.15 24.23 -10.02
C LEU H 1274 -52.44 25.03 -9.89
N GLN H 1275 -53.35 24.55 -9.06
CA GLN H 1275 -54.59 25.26 -8.77
C GLN H 1275 -54.32 26.68 -8.31
N GLU H 1276 -53.34 26.87 -7.43
CA GLU H 1276 -53.00 28.21 -6.97
C GLU H 1276 -52.18 29.00 -7.98
N SER H 1277 -51.59 28.31 -8.96
CA SER H 1277 -50.80 29.00 -9.98
C SER H 1277 -51.66 29.74 -11.01
N PHE H 1278 -52.92 29.36 -11.19
CA PHE H 1278 -53.74 30.01 -12.20
C PHE H 1278 -53.91 31.48 -11.87
N ILE H 1279 -54.02 32.30 -12.93
CA ILE H 1279 -54.22 33.73 -12.73
C ILE H 1279 -55.64 34.03 -12.25
N ASN H 1280 -56.60 33.16 -12.54
CA ASN H 1280 -57.98 33.37 -12.12
C ASN H 1280 -58.28 32.79 -10.74
N THR H 1281 -57.35 32.03 -10.15
CA THR H 1281 -57.62 31.46 -8.84
C THR H 1281 -57.62 32.51 -7.74
N MET H 1282 -56.96 33.65 -7.96
CA MET H 1282 -57.06 34.75 -6.99
C MET H 1282 -58.49 35.26 -6.90
N SER H 1283 -59.11 35.57 -8.03
CA SER H 1283 -60.50 35.98 -8.03
C SER H 1283 -61.40 34.86 -7.53
N ALA H 1284 -61.06 33.61 -7.86
CA ALA H 1284 -61.81 32.48 -7.33
C ALA H 1284 -61.81 32.49 -5.80
N TRP H 1285 -60.63 32.60 -5.19
CA TRP H 1285 -60.53 32.58 -3.74
C TRP H 1285 -61.21 33.80 -3.13
N VAL H 1286 -61.13 34.95 -3.80
CA VAL H 1286 -61.85 36.13 -3.35
C VAL H 1286 -63.34 35.83 -3.26
N ASN H 1287 -63.88 35.18 -4.29
CA ASN H 1287 -65.31 34.84 -4.27
C ASN H 1287 -65.62 33.79 -3.21
N MET H 1288 -64.75 32.79 -3.05
CA MET H 1288 -65.01 31.69 -2.13
C MET H 1288 -64.90 32.15 -0.68
N LEU H 1289 -64.16 33.23 -0.42
CA LEU H 1289 -63.92 33.66 0.94
C LEU H 1289 -64.77 34.86 1.34
N LEU H 1290 -65.10 35.74 0.40
CA LEU H 1290 -65.76 37.00 0.72
C LEU H 1290 -67.13 37.17 0.08
N LEU H 1291 -67.24 37.01 -1.25
CA LEU H 1291 -68.43 37.49 -1.94
C LEU H 1291 -69.52 36.42 -2.02
N SER H 1292 -69.16 35.23 -2.51
CA SER H 1292 -70.15 34.20 -2.85
C SER H 1292 -71.14 34.70 -3.91
N SER H 1293 -70.63 35.51 -4.84
CA SER H 1293 -71.44 35.94 -5.98
C SER H 1293 -71.44 34.87 -7.05
N SER H 1294 -72.51 34.87 -7.84
CA SER H 1294 -72.57 34.11 -9.08
C SER H 1294 -72.55 35.03 -10.28
N GLY H 1295 -71.97 36.21 -10.13
CA GLY H 1295 -71.92 37.18 -11.21
C GLY H 1295 -70.78 36.90 -12.17
N PRO H 1296 -70.68 37.73 -13.20
CA PRO H 1296 -69.67 37.50 -14.23
C PRO H 1296 -68.27 37.52 -13.64
N ILE H 1297 -67.45 36.57 -14.08
CA ILE H 1297 -66.12 36.36 -13.53
C ILE H 1297 -65.14 36.36 -14.70
N LYS H 1298 -64.45 37.49 -14.88
CA LYS H 1298 -63.47 37.65 -15.94
C LYS H 1298 -62.09 37.82 -15.29
N THR H 1299 -61.07 37.27 -15.95
CA THR H 1299 -59.69 37.36 -15.47
C THR H 1299 -58.81 37.82 -16.62
N PRO H 1300 -58.60 39.12 -16.77
CA PRO H 1300 -57.73 39.59 -17.85
C PRO H 1300 -56.27 39.26 -17.60
N VAL H 1301 -55.52 39.11 -18.69
CA VAL H 1301 -54.07 39.10 -18.67
C VAL H 1301 -53.61 40.23 -19.56
N GLY H 1302 -52.72 41.07 -19.05
CA GLY H 1302 -52.23 42.19 -19.82
C GLY H 1302 -50.79 42.57 -19.54
N ALA H 1303 -50.07 41.71 -18.83
CA ALA H 1303 -48.70 42.00 -18.40
C ALA H 1303 -48.75 43.28 -17.59
N CYS H 1304 -48.20 44.40 -18.09
CA CYS H 1304 -48.18 45.62 -17.30
C CYS H 1304 -49.53 46.33 -17.30
N ALA H 1305 -50.32 46.13 -18.36
CA ALA H 1305 -51.52 46.95 -18.59
C ALA H 1305 -52.79 46.11 -18.41
N THR H 1306 -52.77 45.26 -17.38
CA THR H 1306 -53.90 44.38 -17.11
C THR H 1306 -54.93 44.99 -16.17
N ALA H 1307 -54.54 45.88 -15.27
CA ALA H 1307 -55.51 46.48 -14.37
C ALA H 1307 -56.44 47.44 -15.10
N VAL H 1308 -55.91 48.22 -16.04
CA VAL H 1308 -56.76 49.07 -16.85
C VAL H 1308 -57.65 48.23 -17.74
N GLU H 1309 -57.12 47.12 -18.26
CA GLU H 1309 -57.94 46.20 -19.04
C GLU H 1309 -59.02 45.56 -18.17
N SER H 1310 -58.71 45.28 -16.91
CA SER H 1310 -59.71 44.81 -15.97
C SER H 1310 -60.81 45.84 -15.76
N VAL H 1311 -60.42 47.10 -15.64
CA VAL H 1311 -61.41 48.17 -15.52
C VAL H 1311 -62.27 48.22 -16.77
N ASP H 1312 -61.66 48.08 -17.95
CA ASP H 1312 -62.41 48.12 -19.20
C ASP H 1312 -63.41 46.98 -19.28
N ILE H 1313 -62.97 45.77 -18.92
CA ILE H 1313 -63.87 44.63 -18.94
C ILE H 1313 -64.97 44.81 -17.90
N GLY H 1314 -64.66 45.45 -16.76
CA GLY H 1314 -65.70 45.72 -15.78
C GLY H 1314 -66.73 46.71 -16.27
N ILE H 1315 -66.29 47.77 -16.95
CA ILE H 1315 -67.24 48.70 -17.57
C ILE H 1315 -68.13 47.95 -18.55
N GLU H 1316 -67.52 47.13 -19.41
CA GLU H 1316 -68.30 46.39 -20.39
C GLU H 1316 -69.30 45.46 -19.70
N THR H 1317 -68.86 44.78 -18.64
CA THR H 1317 -69.72 43.85 -17.92
C THR H 1317 -70.91 44.56 -17.31
N ILE H 1318 -70.67 45.72 -16.68
CA ILE H 1318 -71.77 46.44 -16.05
C ILE H 1318 -72.71 47.01 -17.10
N LEU H 1319 -72.15 47.59 -18.17
CA LEU H 1319 -72.99 48.26 -19.16
C LEU H 1319 -73.78 47.27 -20.01
N SER H 1320 -73.31 46.03 -20.13
CA SER H 1320 -74.06 44.99 -20.82
C SER H 1320 -75.19 44.42 -19.97
N GLY H 1321 -75.30 44.82 -18.70
CA GLY H 1321 -76.30 44.29 -17.81
C GLY H 1321 -75.92 43.00 -17.13
N LYS H 1322 -74.73 42.46 -17.42
CA LYS H 1322 -74.32 41.21 -16.80
C LYS H 1322 -74.02 41.39 -15.32
N ALA H 1323 -73.60 42.60 -14.93
CA ALA H 1323 -73.29 42.91 -13.54
C ALA H 1323 -73.80 44.30 -13.20
N LYS H 1324 -73.92 44.54 -11.90
CA LYS H 1324 -74.12 45.88 -11.35
C LYS H 1324 -72.94 46.35 -10.52
N VAL H 1325 -72.29 45.43 -9.81
CA VAL H 1325 -71.08 45.67 -9.04
C VAL H 1325 -70.01 44.76 -9.61
N VAL H 1326 -68.78 45.25 -9.74
CA VAL H 1326 -67.69 44.40 -10.18
C VAL H 1326 -66.39 44.86 -9.53
N LEU H 1327 -65.58 43.87 -9.17
CA LEU H 1327 -64.25 44.08 -8.62
C LEU H 1327 -63.25 44.06 -9.78
N VAL H 1328 -62.64 45.22 -10.05
CA VAL H 1328 -61.65 45.37 -11.12
C VAL H 1328 -60.31 45.63 -10.45
N GLY H 1329 -59.23 45.45 -11.21
CA GLY H 1329 -57.91 45.72 -10.68
C GLY H 1329 -56.90 44.77 -11.24
N GLY H 1330 -55.78 44.65 -10.52
CA GLY H 1330 -54.69 43.81 -10.96
C GLY H 1330 -53.70 43.54 -9.86
N TYR H 1331 -52.96 42.45 -10.00
CA TYR H 1331 -52.06 42.01 -8.96
C TYR H 1331 -50.91 41.22 -9.56
N ASP H 1332 -49.75 41.29 -8.92
CA ASP H 1332 -48.62 40.43 -9.25
C ASP H 1332 -47.72 40.32 -8.04
N ASP H 1333 -46.84 39.33 -8.08
CA ASP H 1333 -45.86 39.09 -7.04
C ASP H 1333 -44.46 39.13 -7.65
N PHE H 1334 -43.49 39.47 -6.81
CA PHE H 1334 -42.10 39.49 -7.20
C PHE H 1334 -41.48 38.17 -6.80
N GLN H 1335 -40.79 37.53 -7.75
CA GLN H 1335 -40.13 36.27 -7.46
C GLN H 1335 -38.83 36.18 -8.25
N GLU H 1336 -38.03 35.20 -7.85
CA GLU H 1336 -36.68 35.06 -8.37
C GLU H 1336 -36.68 34.93 -9.88
N GLU H 1337 -37.50 34.02 -10.42
CA GLU H 1337 -37.43 33.72 -11.85
C GLU H 1337 -38.00 34.85 -12.69
N GLY H 1338 -39.10 35.46 -12.23
CA GLY H 1338 -39.63 36.62 -12.93
C GLY H 1338 -38.64 37.75 -12.99
N SER H 1339 -37.96 38.02 -11.87
CA SER H 1339 -36.92 39.05 -11.85
C SER H 1339 -35.80 38.69 -12.82
N TYR H 1340 -35.37 37.43 -12.83
CA TYR H 1340 -34.28 37.02 -13.69
C TYR H 1340 -34.64 37.19 -15.16
N GLU H 1341 -35.88 36.86 -15.52
CA GLU H 1341 -36.26 36.97 -16.92
C GLU H 1341 -36.47 38.42 -17.33
N PHE H 1342 -37.00 39.25 -16.44
CA PHE H 1342 -37.09 40.67 -16.74
C PHE H 1342 -35.69 41.27 -16.90
N ALA H 1343 -34.71 40.73 -16.19
CA ALA H 1343 -33.33 41.20 -16.36
C ALA H 1343 -32.72 40.71 -17.65
N ASN H 1344 -33.04 39.48 -18.07
CA ASN H 1344 -32.49 38.93 -19.30
C ASN H 1344 -32.83 39.80 -20.50
N MET H 1345 -34.04 40.32 -20.55
CA MET H 1345 -34.51 41.15 -21.66
C MET H 1345 -34.18 42.63 -21.46
N ASN H 1346 -33.36 42.96 -20.45
CA ASN H 1346 -32.95 44.34 -20.20
C ASN H 1346 -34.16 45.25 -19.98
N ALA H 1347 -35.20 44.71 -19.37
CA ALA H 1347 -36.40 45.49 -19.07
C ALA H 1347 -36.29 46.20 -17.73
N THR H 1348 -35.78 45.50 -16.71
CA THR H 1348 -35.49 46.14 -15.44
C THR H 1348 -34.17 46.87 -15.50
N SER H 1349 -33.95 47.75 -14.53
CA SER H 1349 -32.72 48.52 -14.44
C SER H 1349 -31.65 47.72 -13.71
N ASN H 1350 -30.43 47.80 -14.21
CA ASN H 1350 -29.30 47.13 -13.56
C ASN H 1350 -28.86 47.93 -12.33
N SER H 1351 -29.11 47.35 -11.15
CA SER H 1351 -28.79 48.03 -9.89
C SER H 1351 -27.28 48.21 -9.73
N ILE H 1352 -26.48 47.34 -10.31
CA ILE H 1352 -25.02 47.50 -10.22
C ILE H 1352 -24.59 48.72 -11.02
N GLU H 1353 -25.13 48.89 -12.22
CA GLU H 1353 -24.86 50.11 -12.98
C GLU H 1353 -25.41 51.34 -12.28
N GLU H 1354 -26.55 51.20 -11.59
CA GLU H 1354 -27.09 52.31 -10.83
C GLU H 1354 -26.15 52.71 -9.70
N PHE H 1355 -25.59 51.73 -8.98
CA PHE H 1355 -24.61 52.03 -7.95
C PHE H 1355 -23.36 52.64 -8.54
N LYS H 1356 -22.95 52.16 -9.71
CA LYS H 1356 -21.85 52.80 -10.42
C LYS H 1356 -22.15 54.26 -10.74
N HIS H 1357 -23.40 54.57 -11.02
CA HIS H 1357 -23.84 55.96 -11.21
C HIS H 1357 -24.17 56.66 -9.90
N GLY H 1358 -24.02 56.00 -8.77
CA GLY H 1358 -24.21 56.63 -7.48
C GLY H 1358 -25.63 56.68 -6.99
N ARG H 1359 -26.54 55.96 -7.66
CA ARG H 1359 -27.95 55.99 -7.30
C ARG H 1359 -28.23 55.05 -6.13
N THR H 1360 -29.24 55.41 -5.35
CA THR H 1360 -29.74 54.61 -4.24
C THR H 1360 -31.08 54.00 -4.61
N PRO H 1361 -31.54 52.97 -3.89
CA PRO H 1361 -32.85 52.38 -4.21
C PRO H 1361 -34.00 53.38 -4.17
N LYS H 1362 -33.96 54.35 -3.26
CA LYS H 1362 -35.03 55.33 -3.15
C LYS H 1362 -35.13 56.22 -4.38
N GLU H 1363 -34.09 56.26 -5.21
CA GLU H 1363 -34.10 57.05 -6.45
C GLU H 1363 -33.83 56.18 -7.68
N MET H 1364 -34.04 54.87 -7.57
CA MET H 1364 -33.74 54.00 -8.70
C MET H 1364 -34.79 54.11 -9.79
N SER H 1365 -36.06 54.20 -9.41
CA SER H 1365 -37.14 54.39 -10.37
C SER H 1365 -37.19 55.87 -10.75
N ARG H 1366 -36.84 56.19 -11.99
CA ARG H 1366 -36.75 57.56 -12.48
C ARG H 1366 -37.59 57.69 -13.73
N PRO H 1367 -38.92 57.76 -13.60
CA PRO H 1367 -39.75 57.99 -14.78
C PRO H 1367 -39.44 59.33 -15.41
N THR H 1368 -39.61 59.39 -16.74
CA THR H 1368 -39.44 60.60 -17.55
C THR H 1368 -38.18 61.39 -17.16
N THR H 1369 -37.07 60.67 -17.06
CA THR H 1369 -35.80 61.24 -16.64
C THR H 1369 -34.75 60.95 -17.71
N THR H 1370 -33.77 61.85 -17.83
CA THR H 1370 -32.78 61.74 -18.90
C THR H 1370 -32.04 60.42 -18.84
N THR H 1371 -31.67 59.96 -17.63
CA THR H 1371 -30.77 58.83 -17.46
C THR H 1371 -31.50 57.55 -17.09
N ARG H 1372 -32.82 57.49 -17.23
CA ARG H 1372 -33.57 56.29 -16.89
C ARG H 1372 -33.08 55.11 -17.73
N ASN H 1373 -32.90 53.96 -17.08
CA ASN H 1373 -32.28 52.80 -17.70
C ASN H 1373 -33.00 51.52 -17.33
N GLY H 1374 -34.33 51.54 -17.31
CA GLY H 1374 -35.13 50.37 -17.04
C GLY H 1374 -36.04 50.56 -15.85
N PHE H 1375 -37.04 49.69 -15.76
CA PHE H 1375 -38.08 49.82 -14.77
C PHE H 1375 -37.69 49.11 -13.47
N MET H 1376 -38.41 49.48 -12.40
CA MET H 1376 -38.19 48.94 -11.07
C MET H 1376 -39.31 47.95 -10.77
N GLU H 1377 -38.97 46.67 -10.68
CA GLU H 1377 -39.97 45.64 -10.44
C GLU H 1377 -40.48 45.73 -9.01
N ALA H 1378 -41.81 45.69 -8.87
CA ALA H 1378 -42.46 45.75 -7.57
C ALA H 1378 -43.43 44.57 -7.47
N GLN H 1379 -44.10 44.47 -6.33
CA GLN H 1379 -45.11 43.46 -6.11
C GLN H 1379 -46.28 44.08 -5.37
N GLY H 1380 -47.41 43.42 -5.44
CA GLY H 1380 -48.59 43.84 -4.71
C GLY H 1380 -49.84 43.71 -5.55
N SER H 1381 -50.92 44.27 -5.00
CA SER H 1381 -52.24 44.15 -5.57
C SER H 1381 -52.95 45.49 -5.48
N GLY H 1382 -53.87 45.72 -6.41
CA GLY H 1382 -54.69 46.91 -6.39
C GLY H 1382 -56.09 46.59 -6.88
N ILE H 1383 -57.09 46.91 -6.08
CA ILE H 1383 -58.47 46.53 -6.35
C ILE H 1383 -59.35 47.77 -6.25
N GLN H 1384 -60.36 47.83 -7.11
CA GLN H 1384 -61.39 48.84 -7.08
C GLN H 1384 -62.75 48.17 -7.20
N VAL H 1385 -63.68 48.59 -6.34
CA VAL H 1385 -65.08 48.16 -6.43
C VAL H 1385 -65.76 49.25 -7.24
N ILE H 1386 -66.16 48.91 -8.49
CA ILE H 1386 -66.83 49.83 -9.39
C ILE H 1386 -68.28 49.38 -9.53
N MET H 1387 -69.16 50.35 -9.75
CA MET H 1387 -70.60 50.12 -9.68
C MET H 1387 -71.30 51.05 -10.64
N THR H 1388 -72.58 50.79 -10.86
CA THR H 1388 -73.42 51.75 -11.56
C THR H 1388 -73.70 52.94 -10.66
N ALA H 1389 -73.90 54.11 -11.27
CA ALA H 1389 -74.18 55.31 -10.50
C ALA H 1389 -75.51 55.18 -9.75
N ASP H 1390 -76.53 54.63 -10.41
CA ASP H 1390 -77.83 54.46 -9.75
C ASP H 1390 -77.71 53.57 -8.53
N LEU H 1391 -76.99 52.44 -8.66
CA LEU H 1391 -76.83 51.55 -7.53
C LEU H 1391 -75.99 52.18 -6.43
N ALA H 1392 -74.94 52.91 -6.81
CA ALA H 1392 -74.12 53.58 -5.81
C ALA H 1392 -74.95 54.58 -5.01
N LEU H 1393 -75.81 55.34 -5.69
CA LEU H 1393 -76.69 56.26 -4.99
C LEU H 1393 -77.70 55.51 -4.12
N LYS H 1394 -78.21 54.38 -4.61
CA LYS H 1394 -79.23 53.66 -3.86
C LYS H 1394 -78.67 53.10 -2.56
N MET H 1395 -77.50 52.47 -2.62
CA MET H 1395 -76.85 51.94 -1.43
C MET H 1395 -76.10 52.98 -0.61
N GLY H 1396 -75.91 54.18 -1.15
CA GLY H 1396 -75.19 55.19 -0.39
C GLY H 1396 -73.74 54.89 -0.13
N VAL H 1397 -73.07 54.28 -1.09
CA VAL H 1397 -71.65 54.03 -1.00
C VAL H 1397 -70.90 55.29 -1.41
N PRO H 1398 -69.63 55.48 -1.02
CA PRO H 1398 -68.90 56.69 -1.43
C PRO H 1398 -68.48 56.60 -2.88
N ILE H 1399 -69.03 57.49 -3.70
CA ILE H 1399 -68.71 57.52 -5.13
C ILE H 1399 -67.39 58.26 -5.28
N HIS H 1400 -66.30 57.52 -5.46
CA HIS H 1400 -64.98 58.14 -5.49
C HIS H 1400 -64.74 58.88 -6.80
N ALA H 1401 -65.18 58.32 -7.92
CA ALA H 1401 -65.06 59.01 -9.20
C ALA H 1401 -65.95 58.30 -10.21
N VAL H 1402 -66.00 58.85 -11.42
CA VAL H 1402 -66.78 58.31 -12.52
C VAL H 1402 -65.82 57.82 -13.60
N LEU H 1403 -65.96 56.56 -13.98
CA LEU H 1403 -65.23 55.98 -15.10
C LEU H 1403 -65.90 56.42 -16.39
N ALA H 1404 -65.53 57.62 -16.84
CA ALA H 1404 -66.08 58.16 -18.08
C ALA H 1404 -65.62 57.35 -19.29
N MET H 1405 -64.40 56.82 -19.26
CA MET H 1405 -63.90 56.07 -20.40
C MET H 1405 -62.96 54.96 -19.95
N THR H 1406 -62.96 53.86 -20.69
CA THR H 1406 -61.91 52.85 -20.58
C THR H 1406 -61.81 52.13 -21.91
N ALA H 1407 -60.58 51.84 -22.34
CA ALA H 1407 -60.36 51.21 -23.63
C ALA H 1407 -59.01 50.51 -23.65
N THR H 1408 -58.89 49.54 -24.55
CA THR H 1408 -57.65 48.79 -24.76
C THR H 1408 -57.37 48.74 -26.26
N ALA H 1409 -56.10 48.54 -26.60
CA ALA H 1409 -55.69 48.57 -28.00
C ALA H 1409 -54.36 47.85 -28.17
N THR H 1410 -54.09 47.46 -29.41
CA THR H 1410 -52.82 46.88 -29.81
C THR H 1410 -52.13 47.79 -30.82
N ASP H 1411 -50.84 47.56 -31.04
CA ASP H 1411 -50.07 48.51 -31.84
C ASP H 1411 -50.16 48.23 -33.34
N LYS H 1412 -49.51 47.16 -33.80
CA LYS H 1412 -49.29 46.94 -35.24
C LYS H 1412 -48.51 45.66 -35.52
N ILE H 1413 -48.25 45.39 -36.79
CA ILE H 1413 -47.26 44.38 -37.17
C ILE H 1413 -45.93 44.72 -36.51
N GLY H 1414 -45.30 43.72 -35.91
CA GLY H 1414 -43.98 43.90 -35.37
C GLY H 1414 -43.38 42.56 -35.03
N ARG H 1415 -42.15 42.60 -34.51
CA ARG H 1415 -41.48 41.42 -33.98
C ARG H 1415 -40.91 41.69 -32.59
N SER H 1416 -41.48 42.65 -31.88
CA SER H 1416 -41.07 43.01 -30.52
C SER H 1416 -42.29 42.97 -29.61
N VAL H 1417 -42.38 41.94 -28.79
CA VAL H 1417 -43.48 41.76 -27.85
C VAL H 1417 -43.48 42.88 -26.80
N PRO H 1418 -42.37 43.17 -26.12
CA PRO H 1418 -42.43 44.16 -25.03
C PRO H 1418 -42.41 45.60 -25.50
N ALA H 1419 -42.23 45.85 -26.79
CA ALA H 1419 -42.15 47.22 -27.27
C ALA H 1419 -43.51 47.90 -27.14
N PRO H 1420 -43.61 49.05 -26.45
CA PRO H 1420 -44.90 49.76 -26.45
C PRO H 1420 -45.18 50.39 -27.81
N GLY H 1421 -46.41 50.85 -28.02
CA GLY H 1421 -46.74 51.45 -29.29
C GLY H 1421 -47.91 52.39 -29.14
N LYS H 1422 -48.24 53.05 -30.24
CA LYS H 1422 -49.26 54.08 -30.28
C LYS H 1422 -50.67 53.51 -30.42
N GLY H 1423 -50.86 52.23 -30.11
CA GLY H 1423 -52.16 51.61 -30.30
C GLY H 1423 -53.25 52.27 -29.48
N ILE H 1424 -52.96 52.62 -28.22
CA ILE H 1424 -53.96 53.26 -27.38
C ILE H 1424 -54.25 54.70 -27.80
N LEU H 1425 -53.61 55.18 -28.86
CA LEU H 1425 -54.09 56.38 -29.54
C LEU H 1425 -55.50 56.19 -30.11
N THR H 1426 -56.01 54.94 -30.13
CA THR H 1426 -57.37 54.63 -30.57
C THR H 1426 -58.46 55.10 -29.61
N THR H 1427 -58.12 55.87 -28.58
CA THR H 1427 -59.13 56.48 -27.72
C THR H 1427 -59.44 57.93 -28.10
N ALA H 1428 -58.68 58.52 -29.03
CA ALA H 1428 -58.92 59.86 -29.54
C ALA H 1428 -59.19 59.83 -31.04
N ARG H 1429 -60.43 59.58 -31.42
CA ARG H 1429 -60.80 59.21 -32.78
C ARG H 1429 -61.80 60.20 -33.36
N GLU H 1430 -61.35 61.08 -34.25
CA GLU H 1430 -62.33 61.94 -34.89
C GLU H 1430 -61.90 62.37 -36.29
N HIS H 1431 -62.92 62.47 -37.14
CA HIS H 1431 -62.80 62.97 -38.51
C HIS H 1431 -62.96 64.49 -38.46
N HIS H 1432 -62.06 65.20 -39.12
CA HIS H 1432 -62.13 66.66 -39.23
C HIS H 1432 -62.39 67.14 -40.64
N GLY H 1433 -62.25 66.28 -41.65
CA GLY H 1433 -62.51 66.67 -43.03
C GLY H 1433 -63.99 66.87 -43.31
N SER H 1439 -71.04 71.12 -34.51
CA SER H 1439 -71.59 69.83 -34.11
C SER H 1439 -72.57 69.99 -32.95
N PRO H 1440 -73.88 70.12 -33.23
CA PRO H 1440 -74.84 70.23 -32.13
C PRO H 1440 -74.87 69.02 -31.22
N LEU H 1441 -74.44 67.85 -31.70
CA LEU H 1441 -74.41 66.67 -30.83
C LEU H 1441 -73.44 66.85 -29.68
N LEU H 1442 -72.40 67.69 -29.85
CA LEU H 1442 -71.50 67.99 -28.75
C LEU H 1442 -72.11 68.98 -27.76
N ASN H 1443 -73.21 69.64 -28.13
CA ASN H 1443 -73.87 70.59 -27.24
C ASN H 1443 -74.88 69.86 -26.37
N ILE H 1444 -74.92 70.21 -25.08
CA ILE H 1444 -75.76 69.50 -24.13
C ILE H 1444 -77.18 70.08 -24.07
N LYS H 1445 -77.36 71.36 -24.35
CA LYS H 1445 -78.72 71.91 -24.40
C LYS H 1445 -79.52 71.25 -25.51
N TYR H 1446 -78.90 71.05 -26.68
CA TYR H 1446 -79.55 70.35 -27.77
C TYR H 1446 -79.91 68.93 -27.37
N ARG H 1447 -78.96 68.19 -26.81
CA ARG H 1447 -79.24 66.84 -26.34
C ARG H 1447 -80.33 66.85 -25.29
N LYS H 1448 -80.33 67.85 -24.41
CA LYS H 1448 -81.31 67.88 -23.33
C LYS H 1448 -82.72 68.10 -23.88
N ARG H 1449 -82.90 69.01 -24.83
CA ARG H 1449 -84.24 69.21 -25.39
C ARG H 1449 -84.69 68.02 -26.22
N GLN H 1450 -83.76 67.39 -26.96
CA GLN H 1450 -84.08 66.14 -27.64
C GLN H 1450 -84.63 65.12 -26.65
N LEU H 1451 -83.91 64.91 -25.55
CA LEU H 1451 -84.37 63.97 -24.53
C LEU H 1451 -85.68 64.41 -23.92
N ASN H 1452 -85.89 65.71 -23.75
CA ASN H 1452 -87.13 66.19 -23.14
C ASN H 1452 -88.34 65.79 -23.96
N LYS H 1453 -88.32 66.09 -25.26
CA LYS H 1453 -89.46 65.69 -26.08
C LYS H 1453 -89.51 64.18 -26.30
N ARG H 1454 -88.38 63.47 -26.25
CA ARG H 1454 -88.45 62.01 -26.24
C ARG H 1454 -89.18 61.51 -25.01
N LEU H 1455 -88.93 62.12 -23.85
CA LEU H 1455 -89.62 61.73 -22.62
C LEU H 1455 -91.11 62.02 -22.70
N GLU H 1456 -91.49 63.14 -23.31
CA GLU H 1456 -92.92 63.42 -23.46
C GLU H 1456 -93.58 62.42 -24.42
N GLN H 1457 -92.86 62.01 -25.46
CA GLN H 1457 -93.37 60.92 -26.30
C GLN H 1457 -93.54 59.65 -25.48
N ILE H 1458 -92.59 59.37 -24.59
CA ILE H 1458 -92.65 58.15 -23.78
C ILE H 1458 -93.85 58.19 -22.84
N LYS H 1459 -94.13 59.34 -22.23
CA LYS H 1459 -95.29 59.41 -21.33
C LYS H 1459 -96.60 59.29 -22.10
N SER H 1460 -96.66 59.84 -23.33
CA SER H 1460 -97.83 59.58 -24.16
C SER H 1460 -97.98 58.09 -24.45
N TRP H 1461 -96.87 57.42 -24.75
CA TRP H 1461 -96.89 55.98 -24.99
C TRP H 1461 -97.41 55.24 -23.76
N GLU H 1462 -96.95 55.64 -22.57
CA GLU H 1462 -97.40 55.01 -21.34
C GLU H 1462 -98.89 55.18 -21.13
N GLU H 1463 -99.41 56.38 -21.38
CA GLU H 1463 -100.84 56.61 -21.19
C GLU H 1463 -101.65 55.77 -22.17
N THR H 1464 -101.18 55.65 -23.42
CA THR H 1464 -101.89 54.82 -24.39
C THR H 1464 -101.87 53.35 -23.98
N GLU H 1465 -100.72 52.87 -23.49
CA GLU H 1465 -100.63 51.47 -23.07
C GLU H 1465 -101.55 51.19 -21.88
N LEU H 1466 -101.60 52.11 -20.91
CA LEU H 1466 -102.50 51.92 -19.78
C LEU H 1466 -103.95 51.94 -20.22
N SER H 1467 -104.30 52.83 -21.16
CA SER H 1467 -105.67 52.85 -21.66
C SER H 1467 -106.02 51.52 -22.34
N TYR H 1468 -105.09 50.97 -23.12
CA TYR H 1468 -105.34 49.67 -23.75
C TYR H 1468 -105.47 48.57 -22.70
N LEU H 1469 -104.63 48.60 -21.67
CA LEU H 1469 -104.73 47.62 -20.59
C LEU H 1469 -106.08 47.72 -19.90
N GLN H 1470 -106.66 48.91 -19.84
CA GLN H 1470 -108.00 49.05 -19.29
C GLN H 1470 -109.00 48.18 -20.05
N GLU H 1471 -108.90 48.18 -21.38
CA GLU H 1471 -109.74 47.28 -22.18
C GLU H 1471 -109.37 45.82 -21.90
N GLU H 1472 -108.08 45.52 -21.84
CA GLU H 1472 -107.64 44.15 -21.54
C GLU H 1472 -108.03 43.77 -20.11
N SER H 1485 -108.85 36.26 -12.59
CA SER H 1485 -108.09 37.13 -11.69
C SER H 1485 -107.79 38.47 -12.36
N MET H 1486 -108.82 39.32 -12.44
CA MET H 1486 -108.66 40.61 -13.09
C MET H 1486 -107.64 41.46 -12.33
N HIS H 1487 -107.69 41.43 -10.99
CA HIS H 1487 -106.76 42.24 -10.21
C HIS H 1487 -105.32 41.79 -10.45
N GLU H 1488 -105.08 40.48 -10.44
CA GLU H 1488 -103.73 39.98 -10.68
C GLU H 1488 -103.25 40.31 -12.09
N PHE H 1489 -104.12 40.15 -13.09
CA PHE H 1489 -103.75 40.49 -14.45
C PHE H 1489 -103.42 41.96 -14.58
N LEU H 1490 -104.24 42.83 -13.98
CA LEU H 1490 -103.98 44.26 -14.02
C LEU H 1490 -102.68 44.61 -13.33
N LYS H 1491 -102.40 43.98 -12.19
CA LYS H 1491 -101.15 44.24 -11.48
C LYS H 1491 -99.95 43.86 -12.35
N GLU H 1492 -99.98 42.65 -12.92
CA GLU H 1492 -98.85 42.21 -13.74
C GLU H 1492 -98.65 43.11 -14.94
N ARG H 1493 -99.74 43.48 -15.63
CA ARG H 1493 -99.58 44.27 -16.84
C ARG H 1493 -99.23 45.72 -16.53
N THR H 1494 -99.69 46.26 -15.39
CA THR H 1494 -99.25 47.58 -14.98
C THR H 1494 -97.77 47.59 -14.63
N GLU H 1495 -97.30 46.55 -13.95
CA GLU H 1495 -95.86 46.43 -13.72
C GLU H 1495 -95.10 46.38 -15.03
N GLU H 1496 -95.62 45.63 -16.00
CA GLU H 1496 -94.98 45.55 -17.31
C GLU H 1496 -94.94 46.91 -17.99
N VAL H 1497 -96.05 47.66 -17.97
CA VAL H 1497 -96.09 48.96 -18.63
C VAL H 1497 -95.14 49.92 -17.96
N TYR H 1498 -95.10 49.92 -16.62
CA TYR H 1498 -94.18 50.80 -15.91
C TYR H 1498 -92.73 50.45 -16.22
N ARG H 1499 -92.40 49.16 -16.22
CA ARG H 1499 -91.03 48.75 -16.54
C ARG H 1499 -90.65 49.14 -17.96
N GLU H 1500 -91.60 48.98 -18.90
CA GLU H 1500 -91.31 49.29 -20.29
C GLU H 1500 -91.12 50.80 -20.50
N SER H 1501 -91.96 51.61 -19.87
CA SER H 1501 -91.78 53.06 -19.96
C SER H 1501 -90.48 53.48 -19.30
N LYS H 1502 -90.14 52.87 -18.16
CA LYS H 1502 -88.89 53.19 -17.49
C LYS H 1502 -87.70 52.84 -18.38
N ARG H 1503 -87.77 51.72 -19.09
CA ARG H 1503 -86.67 51.34 -19.98
C ARG H 1503 -86.62 52.23 -21.21
N GLN H 1504 -87.77 52.66 -21.71
CA GLN H 1504 -87.75 53.62 -22.82
C GLN H 1504 -87.08 54.91 -22.39
N VAL H 1505 -87.39 55.38 -21.18
CA VAL H 1505 -86.72 56.56 -20.64
C VAL H 1505 -85.23 56.30 -20.50
N SER H 1506 -84.85 55.14 -19.97
CA SER H 1506 -83.43 54.83 -19.76
C SER H 1506 -82.68 54.78 -21.09
N ASP H 1507 -83.30 54.20 -22.12
CA ASP H 1507 -82.66 54.14 -23.44
C ASP H 1507 -82.54 55.53 -24.04
N ALA H 1508 -83.55 56.37 -23.86
CA ALA H 1508 -83.46 57.76 -24.33
C ALA H 1508 -82.32 58.49 -23.65
N LYS H 1509 -82.21 58.33 -22.33
CA LYS H 1509 -81.13 58.98 -21.58
C LYS H 1509 -79.78 58.42 -22.01
N LYS H 1510 -79.72 57.11 -22.28
CA LYS H 1510 -78.48 56.50 -22.75
C LYS H 1510 -78.06 57.08 -24.09
N GLN H 1511 -79.02 57.26 -25.00
CA GLN H 1511 -78.71 57.75 -26.34
C GLN H 1511 -78.29 59.21 -26.31
N TRP H 1512 -78.99 60.04 -25.52
CA TRP H 1512 -78.80 61.48 -25.58
C TRP H 1512 -77.82 62.02 -24.55
N GLY H 1513 -77.50 61.27 -23.50
CA GLY H 1513 -76.58 61.73 -22.47
C GLY H 1513 -75.33 60.88 -22.31
N ASN H 1514 -75.45 59.58 -22.56
CA ASN H 1514 -74.36 58.63 -22.33
C ASN H 1514 -73.68 58.19 -23.61
N SER H 1515 -74.44 57.74 -24.61
CA SER H 1515 -73.91 57.17 -25.83
C SER H 1515 -74.22 58.02 -27.05
N PHE H 1516 -74.32 59.34 -26.87
CA PHE H 1516 -74.53 60.23 -28.00
C PHE H 1516 -73.35 60.22 -28.96
N TYR H 1517 -72.15 59.90 -28.47
CA TYR H 1517 -70.93 60.02 -29.24
C TYR H 1517 -70.43 58.71 -29.81
N LYS H 1518 -71.01 57.57 -29.44
CA LYS H 1518 -70.58 56.30 -30.00
C LYS H 1518 -70.81 56.26 -31.50
N SER H 1519 -71.77 57.04 -31.99
CA SER H 1519 -72.17 57.03 -33.39
C SER H 1519 -71.63 58.22 -34.18
N ASP H 1520 -70.90 59.13 -33.53
CA ASP H 1520 -70.36 60.30 -34.21
C ASP H 1520 -68.88 60.08 -34.43
N PRO H 1521 -68.41 59.89 -35.67
CA PRO H 1521 -66.95 59.94 -35.89
C PRO H 1521 -66.36 61.25 -35.43
N ARG H 1522 -67.02 62.37 -35.70
CA ARG H 1522 -66.46 63.68 -35.38
C ARG H 1522 -66.22 63.86 -33.89
N ILE H 1523 -66.83 63.05 -33.04
CA ILE H 1523 -66.63 63.08 -31.59
C ILE H 1523 -65.76 61.89 -31.22
N ALA H 1524 -64.64 62.14 -30.54
CA ALA H 1524 -63.76 61.07 -30.14
C ALA H 1524 -64.33 60.33 -28.93
N PRO H 1525 -63.89 59.08 -28.69
CA PRO H 1525 -64.28 58.43 -27.44
C PRO H 1525 -63.89 59.22 -26.21
N LEU H 1526 -62.66 59.76 -26.17
CA LEU H 1526 -62.23 60.53 -25.01
C LEU H 1526 -63.00 61.84 -24.91
N ARG H 1527 -63.11 62.57 -26.02
CA ARG H 1527 -63.80 63.85 -26.01
C ARG H 1527 -65.27 63.67 -25.62
N GLY H 1528 -65.91 62.61 -26.12
CA GLY H 1528 -67.31 62.40 -25.81
C GLY H 1528 -67.52 61.86 -24.40
N ALA H 1529 -66.57 61.06 -23.90
CA ALA H 1529 -66.63 60.64 -22.52
C ALA H 1529 -66.55 61.83 -21.59
N LEU H 1530 -65.72 62.82 -21.93
CA LEU H 1530 -65.69 64.05 -21.15
C LEU H 1530 -66.97 64.86 -21.34
N ALA H 1531 -67.42 64.99 -22.60
CA ALA H 1531 -68.58 65.83 -22.91
C ALA H 1531 -69.87 65.26 -22.35
N ALA H 1532 -69.91 63.98 -22.01
CA ALA H 1532 -71.07 63.43 -21.32
C ALA H 1532 -71.32 64.15 -20.00
N PHE H 1533 -70.27 64.74 -19.42
CA PHE H 1533 -70.37 65.54 -18.20
C PHE H 1533 -70.07 67.01 -18.46
N ASN H 1534 -70.25 67.47 -19.70
CA ASN H 1534 -69.96 68.86 -20.09
C ASN H 1534 -68.51 69.24 -19.76
N LEU H 1535 -67.59 68.31 -19.98
CA LEU H 1535 -66.17 68.54 -19.80
C LEU H 1535 -65.49 68.55 -21.15
N THR H 1536 -64.71 69.59 -21.41
CA THR H 1536 -63.91 69.66 -22.62
C THR H 1536 -62.58 68.94 -22.40
N ILE H 1537 -61.79 68.82 -23.47
CA ILE H 1537 -60.49 68.16 -23.37
C ILE H 1537 -59.61 68.88 -22.36
N ASP H 1538 -59.71 70.21 -22.31
CA ASP H 1538 -58.92 70.99 -21.37
C ASP H 1538 -59.19 70.58 -19.92
N ASP H 1539 -60.33 69.96 -19.64
CA ASP H 1539 -60.64 69.57 -18.28
C ASP H 1539 -59.89 68.32 -17.83
N ILE H 1540 -59.16 67.66 -18.72
CA ILE H 1540 -58.25 66.59 -18.30
C ILE H 1540 -57.00 67.29 -17.75
N GLY H 1541 -56.90 67.35 -16.42
CA GLY H 1541 -55.82 68.06 -15.78
C GLY H 1541 -54.59 67.19 -15.58
N VAL H 1542 -54.79 65.94 -15.16
CA VAL H 1542 -53.72 65.04 -14.80
C VAL H 1542 -53.74 63.85 -15.74
N ALA H 1543 -52.55 63.40 -16.14
CA ALA H 1543 -52.36 62.17 -16.89
C ALA H 1543 -51.51 61.23 -16.06
N SER H 1544 -52.13 60.23 -15.45
CA SER H 1544 -51.40 59.21 -14.73
C SER H 1544 -50.70 58.32 -15.74
N PHE H 1545 -49.41 58.61 -15.95
CA PHE H 1545 -48.60 57.90 -16.91
C PHE H 1545 -48.21 56.53 -16.39
N HIS H 1546 -48.10 55.57 -17.31
CA HIS H 1546 -47.49 54.29 -16.97
C HIS H 1546 -46.12 54.50 -16.32
N GLY H 1547 -45.30 55.38 -16.91
CA GLY H 1547 -44.14 55.93 -16.23
C GLY H 1547 -43.20 54.90 -15.65
N THR H 1548 -42.80 53.93 -16.47
CA THR H 1548 -42.02 52.79 -15.98
C THR H 1548 -40.54 53.08 -15.86
N SER H 1549 -40.09 54.33 -16.04
CA SER H 1549 -38.66 54.64 -16.01
C SER H 1549 -37.89 53.82 -17.04
N THR H 1550 -38.51 53.58 -18.19
CA THR H 1550 -37.90 52.87 -19.31
C THR H 1550 -37.77 53.83 -20.49
N VAL H 1551 -36.66 53.69 -21.21
CA VAL H 1551 -36.31 54.66 -22.25
C VAL H 1551 -37.38 54.68 -23.33
N ALA H 1552 -37.79 53.49 -23.80
CA ALA H 1552 -38.81 53.42 -24.84
C ALA H 1552 -40.18 53.77 -24.30
N ASN H 1553 -40.50 53.32 -23.09
CA ASN H 1553 -41.85 53.50 -22.57
C ASN H 1553 -42.16 54.97 -22.32
N ASP H 1554 -41.27 55.68 -21.60
CA ASP H 1554 -41.58 57.07 -21.26
C ASP H 1554 -41.51 57.98 -22.48
N LYS H 1555 -40.81 57.58 -23.53
CA LYS H 1555 -40.81 58.32 -24.78
C LYS H 1555 -42.09 58.08 -25.56
N ASN H 1556 -42.41 56.81 -25.82
CA ASN H 1556 -43.60 56.47 -26.60
C ASN H 1556 -44.88 56.94 -25.91
N GLU H 1557 -44.96 56.76 -24.59
CA GLU H 1557 -46.18 57.13 -23.88
C GLU H 1557 -46.41 58.63 -23.91
N SER H 1558 -45.36 59.41 -23.64
CA SER H 1558 -45.47 60.85 -23.73
C SER H 1558 -45.85 61.26 -25.16
N ALA H 1559 -45.30 60.58 -26.15
CA ALA H 1559 -45.62 60.89 -27.53
C ALA H 1559 -47.10 60.67 -27.82
N THR H 1560 -47.65 59.53 -27.39
CA THR H 1560 -49.05 59.25 -27.70
C THR H 1560 -49.99 60.16 -26.92
N ILE H 1561 -49.65 60.46 -25.66
CA ILE H 1561 -50.49 61.38 -24.89
C ILE H 1561 -50.48 62.76 -25.53
N ASN H 1562 -49.29 63.23 -25.94
CA ASN H 1562 -49.21 64.53 -26.59
C ASN H 1562 -49.97 64.54 -27.91
N ASN H 1563 -49.84 63.49 -28.71
CA ASN H 1563 -50.52 63.44 -30.00
C ASN H 1563 -52.02 63.39 -29.83
N MET H 1564 -52.51 62.63 -28.84
CA MET H 1564 -53.95 62.55 -28.62
C MET H 1564 -54.49 63.87 -28.09
N MET H 1565 -53.75 64.52 -27.18
CA MET H 1565 -54.16 65.83 -26.70
C MET H 1565 -54.20 66.85 -27.83
N LYS H 1566 -53.21 66.80 -28.74
CA LYS H 1566 -53.15 67.74 -29.84
C LYS H 1566 -54.27 67.49 -30.85
N HIS H 1567 -54.55 66.21 -31.16
CA HIS H 1567 -55.63 65.90 -32.08
C HIS H 1567 -56.99 66.24 -31.48
N LEU H 1568 -57.12 66.15 -30.15
CA LEU H 1568 -58.36 66.51 -29.48
C LEU H 1568 -58.53 68.02 -29.32
N GLY H 1569 -57.70 68.82 -29.99
CA GLY H 1569 -57.87 70.26 -29.97
C GLY H 1569 -57.66 70.88 -28.61
N ARG H 1570 -56.72 70.36 -27.83
CA ARG H 1570 -56.42 70.95 -26.54
C ARG H 1570 -55.76 72.31 -26.73
N SER H 1571 -56.13 73.26 -25.88
CA SER H 1571 -55.59 74.61 -25.97
C SER H 1571 -54.08 74.60 -25.78
N GLU H 1572 -53.39 75.38 -26.61
CA GLU H 1572 -51.95 75.54 -26.44
C GLU H 1572 -51.64 76.20 -25.11
N GLY H 1573 -50.57 75.74 -24.47
CA GLY H 1573 -50.26 76.21 -23.13
C GLY H 1573 -51.09 75.57 -22.04
N ASN H 1574 -51.72 74.43 -22.30
CA ASN H 1574 -52.53 73.70 -21.32
C ASN H 1574 -52.06 72.25 -21.29
N PRO H 1575 -50.85 72.00 -20.81
CA PRO H 1575 -50.38 70.61 -20.69
C PRO H 1575 -51.11 69.88 -19.57
N VAL H 1576 -51.21 68.57 -19.74
CA VAL H 1576 -51.66 67.69 -18.68
C VAL H 1576 -50.50 67.46 -17.72
N PHE H 1577 -50.80 67.50 -16.42
CA PHE H 1577 -49.78 67.19 -15.43
C PHE H 1577 -49.54 65.69 -15.44
N GLY H 1578 -48.25 65.30 -15.35
CA GLY H 1578 -47.88 63.91 -15.41
C GLY H 1578 -47.58 63.35 -14.04
N VAL H 1579 -48.38 62.37 -13.65
CA VAL H 1579 -48.16 61.60 -12.43
C VAL H 1579 -47.42 60.33 -12.82
N PHE H 1580 -46.33 60.05 -12.12
CA PHE H 1580 -45.42 58.96 -12.45
C PHE H 1580 -45.21 58.08 -11.24
N GLN H 1581 -46.34 57.67 -10.62
CA GLN H 1581 -46.36 57.00 -9.32
C GLN H 1581 -45.35 55.87 -9.19
N LYS H 1582 -44.92 55.27 -10.30
CA LYS H 1582 -43.94 54.20 -10.24
C LYS H 1582 -42.60 54.68 -9.70
N TYR H 1583 -42.32 55.99 -9.75
CA TYR H 1583 -41.10 56.51 -9.13
C TYR H 1583 -41.02 56.10 -7.66
N LEU H 1584 -42.15 56.05 -6.99
CA LEU H 1584 -42.25 55.69 -5.58
C LEU H 1584 -42.63 54.24 -5.37
N THR H 1585 -43.63 53.75 -6.09
CA THR H 1585 -44.20 52.44 -5.85
C THR H 1585 -43.51 51.33 -6.65
N GLY H 1586 -42.54 51.66 -7.50
CA GLY H 1586 -42.01 50.63 -8.36
C GLY H 1586 -43.06 50.21 -9.37
N HIS H 1587 -42.76 49.12 -10.09
CA HIS H 1587 -43.61 48.62 -11.16
C HIS H 1587 -44.11 47.22 -10.85
N PRO H 1588 -45.37 47.09 -10.40
CA PRO H 1588 -46.01 45.77 -10.43
C PRO H 1588 -46.68 45.58 -11.78
N LYS H 1589 -46.41 44.45 -12.42
CA LYS H 1589 -46.96 44.23 -13.75
C LYS H 1589 -48.48 44.18 -13.68
N GLY H 1590 -49.03 43.38 -12.77
CA GLY H 1590 -50.48 43.29 -12.66
C GLY H 1590 -51.11 44.54 -12.11
N ALA H 1591 -50.59 45.05 -11.01
CA ALA H 1591 -51.24 46.10 -10.24
C ALA H 1591 -50.82 47.50 -10.65
N ALA H 1592 -50.09 47.65 -11.76
CA ALA H 1592 -49.64 48.98 -12.16
C ALA H 1592 -50.81 49.91 -12.42
N GLY H 1593 -51.69 49.53 -13.35
CA GLY H 1593 -52.83 50.36 -13.65
C GLY H 1593 -53.76 50.52 -12.46
N ALA H 1594 -53.82 49.51 -11.59
CA ALA H 1594 -54.69 49.58 -10.43
C ALA H 1594 -54.19 50.63 -9.44
N TRP H 1595 -52.89 50.60 -9.15
CA TRP H 1595 -52.30 51.61 -8.27
C TRP H 1595 -52.42 52.99 -8.88
N MET H 1596 -52.21 53.11 -10.19
CA MET H 1596 -52.34 54.42 -10.83
C MET H 1596 -53.78 54.91 -10.80
N LEU H 1597 -54.76 54.01 -10.95
CA LEU H 1597 -56.15 54.43 -10.87
C LEU H 1597 -56.51 54.84 -9.45
N ASN H 1598 -55.99 54.13 -8.44
CA ASN H 1598 -56.24 54.53 -7.07
C ASN H 1598 -55.60 55.87 -6.76
N GLY H 1599 -54.39 56.10 -7.28
CA GLY H 1599 -53.77 57.40 -7.14
C GLY H 1599 -54.55 58.49 -7.83
N ALA H 1600 -55.10 58.20 -9.01
CA ALA H 1600 -55.92 59.17 -9.72
C ALA H 1600 -57.22 59.45 -8.97
N ILE H 1601 -57.78 58.42 -8.35
CA ILE H 1601 -58.96 58.61 -7.50
C ILE H 1601 -58.63 59.60 -6.38
N GLN H 1602 -57.52 59.35 -5.69
CA GLN H 1602 -57.13 60.21 -4.58
C GLN H 1602 -56.76 61.61 -5.05
N ILE H 1603 -56.17 61.72 -6.24
CA ILE H 1603 -55.87 63.02 -6.83
C ILE H 1603 -57.17 63.78 -7.08
N LEU H 1604 -58.19 63.09 -7.61
CA LEU H 1604 -59.48 63.73 -7.81
C LEU H 1604 -60.09 64.18 -6.50
N GLU H 1605 -60.02 63.33 -5.47
CA GLU H 1605 -60.64 63.69 -4.19
C GLU H 1605 -59.95 64.89 -3.57
N SER H 1606 -58.63 64.86 -3.46
CA SER H 1606 -57.89 65.83 -2.66
C SER H 1606 -57.48 67.07 -3.44
N GLY H 1607 -57.43 67.01 -4.77
CA GLY H 1607 -56.93 68.10 -5.57
C GLY H 1607 -55.44 68.18 -5.67
N LEU H 1608 -54.69 67.30 -4.99
CA LEU H 1608 -53.24 67.33 -5.03
C LEU H 1608 -52.74 66.50 -6.21
N VAL H 1609 -51.79 67.07 -6.94
CA VAL H 1609 -51.10 66.38 -8.03
C VAL H 1609 -49.71 66.03 -7.49
N PRO H 1610 -49.43 64.77 -7.14
CA PRO H 1610 -48.08 64.43 -6.68
C PRO H 1610 -47.06 64.64 -7.78
N GLY H 1611 -45.86 65.06 -7.38
CA GLY H 1611 -44.77 65.30 -8.30
C GLY H 1611 -43.81 64.12 -8.32
N ASN H 1612 -43.21 63.88 -9.48
CA ASN H 1612 -42.23 62.81 -9.61
C ASN H 1612 -40.95 63.21 -8.90
N ARG H 1613 -40.81 62.83 -7.64
CA ARG H 1613 -39.69 63.28 -6.82
C ARG H 1613 -38.37 62.68 -7.26
N ASN H 1614 -38.38 61.66 -8.10
CA ASN H 1614 -37.17 61.12 -8.71
C ASN H 1614 -36.84 61.76 -10.04
N ALA H 1615 -37.59 62.78 -10.45
CA ALA H 1615 -37.34 63.48 -11.71
C ALA H 1615 -36.10 64.34 -11.53
N ASP H 1616 -34.95 63.68 -11.50
CA ASP H 1616 -33.68 64.39 -11.40
C ASP H 1616 -33.51 65.40 -12.54
N ASN H 1617 -33.79 64.95 -13.76
CA ASN H 1617 -33.67 65.82 -14.93
C ASN H 1617 -34.55 65.24 -16.03
N VAL H 1618 -35.59 65.97 -16.41
CA VAL H 1618 -36.50 65.49 -17.46
C VAL H 1618 -35.73 65.38 -18.76
N ASP H 1619 -36.03 64.35 -19.54
CA ASP H 1619 -35.36 64.15 -20.81
C ASP H 1619 -35.60 65.34 -21.72
N LYS H 1620 -34.53 65.81 -22.37
CA LYS H 1620 -34.65 66.93 -23.30
C LYS H 1620 -35.55 66.57 -24.48
N LEU H 1621 -35.60 65.29 -24.85
CA LEU H 1621 -36.45 64.83 -25.93
C LEU H 1621 -37.93 64.97 -25.61
N LEU H 1622 -38.30 65.16 -24.35
CA LEU H 1622 -39.69 65.31 -23.96
C LEU H 1622 -40.17 66.76 -23.98
N GLU H 1623 -39.25 67.72 -24.16
CA GLU H 1623 -39.67 69.08 -24.46
C GLU H 1623 -40.43 69.14 -25.78
N GLN H 1624 -40.15 68.19 -26.67
CA GLN H 1624 -40.92 67.93 -27.87
C GLN H 1624 -42.43 67.97 -27.60
N TYR H 1625 -42.84 67.41 -26.46
CA TYR H 1625 -44.24 67.24 -26.12
C TYR H 1625 -44.72 68.44 -25.31
N GLU H 1626 -45.33 69.40 -25.99
CA GLU H 1626 -45.79 70.64 -25.36
C GLU H 1626 -47.03 70.45 -24.49
N TYR H 1627 -47.80 69.39 -24.72
CA TYR H 1627 -49.03 69.15 -24.00
C TYR H 1627 -48.83 68.28 -22.77
N VAL H 1628 -47.59 68.00 -22.38
CA VAL H 1628 -47.28 67.22 -21.18
C VAL H 1628 -46.36 68.04 -20.30
N LEU H 1629 -46.69 68.11 -19.01
CA LEU H 1629 -45.83 68.69 -18.00
C LEU H 1629 -45.42 67.60 -17.03
N TYR H 1630 -44.22 67.72 -16.46
CA TYR H 1630 -43.63 66.70 -15.60
C TYR H 1630 -43.23 67.32 -14.27
N PRO H 1631 -44.17 67.55 -13.36
CA PRO H 1631 -43.81 68.12 -12.07
C PRO H 1631 -42.93 67.17 -11.26
N SER H 1632 -42.06 67.75 -10.44
CA SER H 1632 -41.20 66.99 -9.53
C SER H 1632 -41.56 67.17 -8.06
N ARG H 1633 -42.49 68.08 -7.74
CA ARG H 1633 -42.96 68.27 -6.38
C ARG H 1633 -44.47 68.29 -6.37
N SER H 1634 -45.06 67.66 -5.36
CA SER H 1634 -46.51 67.63 -5.22
C SER H 1634 -47.05 69.06 -5.10
N ILE H 1635 -48.11 69.34 -5.85
CA ILE H 1635 -48.73 70.66 -5.86
C ILE H 1635 -50.22 70.53 -5.61
N GLN H 1636 -50.73 71.34 -4.69
CA GLN H 1636 -52.15 71.35 -4.35
C GLN H 1636 -52.87 72.25 -5.36
N THR H 1637 -53.84 71.67 -6.07
CA THR H 1637 -54.63 72.35 -7.08
C THR H 1637 -55.98 72.75 -6.48
N ASP H 1638 -56.65 73.71 -7.15
CA ASP H 1638 -57.99 74.12 -6.77
C ASP H 1638 -59.07 73.20 -7.33
N GLY H 1639 -58.72 71.98 -7.74
CA GLY H 1639 -59.69 71.03 -8.26
C GLY H 1639 -59.23 70.42 -9.57
N ILE H 1640 -59.34 69.10 -9.68
CA ILE H 1640 -59.00 68.37 -10.88
C ILE H 1640 -60.27 67.70 -11.40
N LYS H 1641 -60.66 68.07 -12.61
CA LYS H 1641 -61.93 67.61 -13.15
C LYS H 1641 -61.85 66.14 -13.58
N ALA H 1642 -60.75 65.75 -14.22
CA ALA H 1642 -60.61 64.40 -14.74
C ALA H 1642 -59.15 64.01 -14.77
N VAL H 1643 -58.90 62.71 -14.73
CA VAL H 1643 -57.55 62.14 -14.79
C VAL H 1643 -57.54 61.04 -15.83
N SER H 1644 -56.48 61.01 -16.63
CA SER H 1644 -56.31 60.03 -17.70
C SER H 1644 -55.24 59.02 -17.31
N VAL H 1645 -55.65 57.81 -16.95
CA VAL H 1645 -54.74 56.73 -16.57
C VAL H 1645 -54.39 55.96 -17.84
N THR H 1646 -53.11 55.83 -18.14
CA THR H 1646 -52.65 55.09 -19.33
C THR H 1646 -51.63 54.03 -18.94
N SER H 1647 -51.88 52.80 -19.39
CA SER H 1647 -51.01 51.66 -19.14
C SER H 1647 -50.63 50.99 -20.44
N PHE H 1648 -49.39 50.53 -20.52
CA PHE H 1648 -48.84 49.85 -21.69
C PHE H 1648 -48.23 48.53 -21.25
N GLY H 1649 -48.83 47.43 -21.69
CA GLY H 1649 -48.40 46.10 -21.28
C GLY H 1649 -47.62 45.38 -22.35
N PHE H 1650 -46.77 44.44 -21.92
CA PHE H 1650 -46.07 43.60 -22.88
C PHE H 1650 -47.08 42.79 -23.68
N GLY H 1651 -46.72 42.57 -24.98
CA GLY H 1651 -47.63 41.97 -25.92
C GLY H 1651 -48.44 42.96 -26.71
N GLN H 1652 -47.97 44.19 -26.88
CA GLN H 1652 -48.66 45.22 -27.63
C GLN H 1652 -50.08 45.41 -27.07
N LYS H 1653 -50.14 45.84 -25.82
CA LYS H 1653 -51.41 46.01 -25.11
C LYS H 1653 -51.38 47.36 -24.37
N GLY H 1654 -51.81 48.41 -25.05
CA GLY H 1654 -52.02 49.70 -24.44
C GLY H 1654 -53.44 49.77 -23.89
N ALA H 1655 -53.61 50.56 -22.83
CA ALA H 1655 -54.91 50.73 -22.20
C ALA H 1655 -55.00 52.11 -21.60
N GLN H 1656 -56.17 52.73 -21.75
CA GLN H 1656 -56.42 54.06 -21.24
C GLN H 1656 -57.73 54.09 -20.47
N ALA H 1657 -57.71 54.76 -19.31
CA ALA H 1657 -58.90 55.00 -18.52
C ALA H 1657 -59.01 56.48 -18.22
N VAL H 1658 -60.21 57.02 -18.36
CA VAL H 1658 -60.52 58.41 -18.02
C VAL H 1658 -61.51 58.41 -16.89
N VAL H 1659 -61.09 59.01 -15.77
CA VAL H 1659 -61.85 59.07 -14.53
C VAL H 1659 -62.27 60.52 -14.29
N VAL H 1660 -63.56 60.73 -14.02
CA VAL H 1660 -64.12 62.06 -13.85
C VAL H 1660 -64.57 62.23 -12.40
N HIS H 1661 -64.55 63.48 -11.93
CA HIS H 1661 -64.85 63.78 -10.54
C HIS H 1661 -66.32 63.43 -10.21
N PRO H 1662 -66.60 63.01 -8.97
CA PRO H 1662 -68.01 62.72 -8.61
C PRO H 1662 -68.94 63.92 -8.68
N ASP H 1663 -68.43 65.14 -8.61
CA ASP H 1663 -69.30 66.30 -8.54
C ASP H 1663 -70.12 66.44 -9.82
N TYR H 1664 -69.59 65.97 -10.94
CA TYR H 1664 -70.32 66.00 -12.20
C TYR H 1664 -71.34 64.88 -12.32
N LEU H 1665 -71.21 63.82 -11.54
CA LEU H 1665 -72.28 62.84 -11.40
C LEU H 1665 -73.39 63.36 -10.50
N PHE H 1666 -73.04 64.03 -9.41
CA PHE H 1666 -74.05 64.45 -8.45
C PHE H 1666 -74.95 65.56 -8.97
N ALA H 1667 -74.63 66.15 -10.11
CA ALA H 1667 -75.47 67.19 -10.71
C ALA H 1667 -76.51 66.65 -11.67
N VAL H 1668 -76.49 65.35 -11.98
CA VAL H 1668 -77.47 64.76 -12.88
C VAL H 1668 -78.68 64.21 -12.15
N LEU H 1669 -78.81 64.49 -10.85
CA LEU H 1669 -79.89 63.99 -10.02
C LEU H 1669 -80.46 65.14 -9.21
N ASP H 1670 -81.74 65.02 -8.87
CA ASP H 1670 -82.45 66.09 -8.20
C ASP H 1670 -81.92 66.28 -6.78
N ARG H 1671 -82.38 67.35 -6.13
CA ARG H 1671 -81.90 67.69 -4.80
C ARG H 1671 -82.21 66.59 -3.80
N SER H 1672 -83.47 66.14 -3.74
CA SER H 1672 -83.89 65.20 -2.72
C SER H 1672 -83.11 63.90 -2.82
N THR H 1673 -82.87 63.42 -4.04
CA THR H 1673 -82.04 62.23 -4.21
C THR H 1673 -80.64 62.46 -3.66
N TYR H 1674 -80.09 63.66 -3.88
CA TYR H 1674 -78.77 63.97 -3.35
C TYR H 1674 -78.75 63.96 -1.83
N GLU H 1675 -79.76 64.54 -1.18
CA GLU H 1675 -79.77 64.56 0.28
C GLU H 1675 -79.93 63.15 0.84
N GLU H 1676 -80.78 62.33 0.23
CA GLU H 1676 -80.90 60.94 0.66
C GLU H 1676 -79.57 60.22 0.51
N TYR H 1677 -78.90 60.39 -0.63
CA TYR H 1677 -77.60 59.78 -0.84
C TYR H 1677 -76.59 60.23 0.20
N ALA H 1678 -76.54 61.54 0.48
CA ALA H 1678 -75.56 62.07 1.42
C ALA H 1678 -75.81 61.55 2.82
N THR H 1679 -77.06 61.47 3.25
CA THR H 1679 -77.37 60.89 4.54
C THR H 1679 -76.92 59.42 4.60
N LYS H 1680 -77.19 58.67 3.53
CA LYS H 1680 -76.78 57.27 3.53
C LYS H 1680 -75.27 57.13 3.59
N VAL H 1681 -74.53 57.98 2.87
CA VAL H 1681 -73.07 57.88 2.91
C VAL H 1681 -72.55 58.32 4.26
N SER H 1682 -73.19 59.30 4.91
CA SER H 1682 -72.76 59.68 6.24
C SER H 1682 -72.89 58.51 7.21
N ALA H 1683 -74.06 57.87 7.21
CA ALA H 1683 -74.27 56.70 8.05
C ALA H 1683 -73.24 55.63 7.73
N ARG H 1684 -73.05 55.32 6.45
CA ARG H 1684 -72.12 54.28 6.04
C ARG H 1684 -70.68 54.61 6.43
N ASN H 1685 -70.29 55.89 6.35
CA ASN H 1685 -68.96 56.29 6.79
C ASN H 1685 -68.80 56.03 8.28
N LYS H 1686 -69.86 56.27 9.05
CA LYS H 1686 -69.81 55.93 10.48
C LYS H 1686 -69.59 54.43 10.66
N LYS H 1687 -70.39 53.61 9.98
CA LYS H 1687 -70.26 52.15 10.10
C LYS H 1687 -68.86 51.70 9.70
N THR H 1688 -68.34 52.28 8.62
CA THR H 1688 -67.03 51.92 8.11
C THR H 1688 -65.92 52.31 9.08
N TYR H 1689 -66.02 53.50 9.65
CA TYR H 1689 -65.06 53.93 10.66
C TYR H 1689 -65.01 52.91 11.79
N ARG H 1690 -66.18 52.51 12.30
CA ARG H 1690 -66.21 51.49 13.33
C ARG H 1690 -65.53 50.21 12.89
N TYR H 1691 -65.93 49.69 11.72
CA TYR H 1691 -65.44 48.38 11.31
C TYR H 1691 -63.92 48.42 11.10
N MET H 1692 -63.42 49.50 10.50
CA MET H 1692 -61.99 49.64 10.28
C MET H 1692 -61.24 49.65 11.59
N HIS H 1693 -61.74 50.37 12.60
CA HIS H 1693 -60.99 50.43 13.86
C HIS H 1693 -61.10 49.12 14.64
N ASN H 1694 -62.31 48.54 14.67
CA ASN H 1694 -62.51 47.21 15.25
C ASN H 1694 -61.49 46.23 14.70
N ALA H 1695 -61.38 46.18 13.38
CA ALA H 1695 -60.59 45.14 12.75
C ALA H 1695 -59.11 45.50 12.71
N ILE H 1696 -58.75 46.78 12.66
CA ILE H 1696 -57.34 47.12 12.68
C ILE H 1696 -56.74 46.74 14.01
N THR H 1697 -57.44 46.98 15.13
CA THR H 1697 -56.85 46.55 16.40
C THR H 1697 -56.96 45.04 16.57
N ARG H 1698 -58.14 44.46 16.38
CA ARG H 1698 -58.34 43.05 16.66
C ARG H 1698 -57.78 42.13 15.57
N ASN H 1699 -57.16 42.69 14.53
CA ASN H 1699 -56.61 41.92 13.43
C ASN H 1699 -57.67 41.04 12.79
N THR H 1700 -58.86 41.60 12.59
CA THR H 1700 -59.98 40.95 11.92
C THR H 1700 -60.43 41.77 10.72
N MET H 1701 -59.47 42.34 9.99
CA MET H 1701 -59.78 43.07 8.76
C MET H 1701 -60.47 42.17 7.76
N PHE H 1702 -59.89 41.01 7.51
CA PHE H 1702 -60.46 40.01 6.62
C PHE H 1702 -61.23 39.02 7.49
N VAL H 1703 -62.53 38.92 7.26
CA VAL H 1703 -63.39 37.96 7.94
C VAL H 1703 -63.85 36.98 6.87
N ALA H 1704 -63.26 35.78 6.86
CA ALA H 1704 -63.65 34.76 5.91
C ALA H 1704 -65.12 34.38 6.12
N LYS H 1705 -65.85 34.27 5.02
CA LYS H 1705 -67.23 33.81 5.06
C LYS H 1705 -67.22 32.29 5.15
N ASP H 1706 -67.69 31.76 6.28
CA ASP H 1706 -67.74 30.31 6.44
C ASP H 1706 -68.86 29.71 5.59
N LYS H 1707 -69.98 30.43 5.47
CA LYS H 1707 -71.16 29.94 4.77
C LYS H 1707 -71.62 30.99 3.76
N ALA H 1708 -72.18 30.52 2.66
CA ALA H 1708 -72.78 31.39 1.68
C ALA H 1708 -74.05 32.01 2.25
N PRO H 1709 -74.54 33.12 1.68
CA PRO H 1709 -75.80 33.69 2.20
C PRO H 1709 -76.99 32.80 1.93
N TYR H 1710 -76.85 31.80 1.06
CA TYR H 1710 -77.87 30.81 0.79
C TYR H 1710 -77.42 29.45 1.28
N SER H 1711 -78.36 28.69 1.82
CA SER H 1711 -78.08 27.31 2.18
C SER H 1711 -78.03 26.46 0.91
N ASP H 1712 -77.44 25.26 1.03
CA ASP H 1712 -77.43 24.33 -0.10
C ASP H 1712 -78.84 23.98 -0.53
N GLU H 1713 -79.80 24.00 0.40
CA GLU H 1713 -81.18 23.68 0.06
C GLU H 1713 -81.83 24.82 -0.70
N LEU H 1714 -81.61 26.06 -0.25
CA LEU H 1714 -82.18 27.24 -0.89
C LEU H 1714 -81.30 27.82 -1.97
N GLU H 1715 -80.12 27.24 -2.23
CA GLU H 1715 -79.19 27.81 -3.20
C GLU H 1715 -79.86 27.99 -4.56
N GLN H 1716 -80.61 27.01 -4.99
CA GLN H 1716 -81.15 27.04 -6.35
C GLN H 1716 -82.40 27.94 -6.40
N PRO H 1717 -83.37 27.94 -5.43
CA PRO H 1717 -84.32 29.01 -5.51
C PRO H 1717 -83.73 30.39 -5.45
N VAL H 1718 -82.74 30.56 -4.57
CA VAL H 1718 -82.08 31.84 -4.40
C VAL H 1718 -81.50 32.32 -5.71
N TYR H 1719 -80.84 31.43 -6.44
CA TYR H 1719 -80.35 31.79 -7.75
C TYR H 1719 -81.51 32.09 -8.71
N LEU H 1720 -82.41 31.12 -8.96
CA LEU H 1720 -83.58 30.97 -9.84
C LEU H 1720 -84.58 32.10 -9.66
N ASP H 1721 -84.48 32.87 -8.59
CA ASP H 1721 -85.19 34.14 -8.45
C ASP H 1721 -84.24 35.30 -8.72
N PRO H 1722 -84.37 36.03 -9.83
CA PRO H 1722 -83.52 37.22 -10.01
C PRO H 1722 -83.81 38.31 -8.98
N LEU H 1723 -85.00 38.31 -8.39
CA LEU H 1723 -85.36 39.28 -7.36
C LEU H 1723 -85.01 38.81 -5.95
N ALA H 1724 -84.35 37.66 -5.82
CA ALA H 1724 -83.90 37.20 -4.51
C ALA H 1724 -82.84 38.16 -3.95
N ARG H 1725 -82.98 38.49 -2.67
CA ARG H 1725 -82.07 39.40 -2.01
C ARG H 1725 -81.99 39.01 -0.54
N VAL H 1726 -80.78 39.12 0.03
CA VAL H 1726 -80.57 38.69 1.41
C VAL H 1726 -81.33 39.61 2.36
N GLU H 1727 -81.66 39.06 3.54
CA GLU H 1727 -82.25 39.80 4.64
C GLU H 1727 -81.51 39.42 5.91
N GLU H 1728 -81.71 40.22 6.94
CA GLU H 1728 -81.02 39.98 8.21
C GLU H 1728 -81.73 38.89 8.99
N ASN H 1729 -80.97 37.88 9.40
CA ASN H 1729 -81.46 36.80 10.25
C ASN H 1729 -80.29 36.30 11.08
N LYS H 1730 -80.50 36.21 12.40
CA LYS H 1730 -79.45 35.78 13.32
C LYS H 1730 -78.20 36.66 13.20
N LYS H 1731 -78.43 37.95 12.93
CA LYS H 1731 -77.37 38.94 12.79
C LYS H 1731 -76.52 38.73 11.54
N LYS H 1732 -76.97 37.90 10.60
CA LYS H 1732 -76.25 37.66 9.36
C LYS H 1732 -77.17 37.87 8.18
N LEU H 1733 -76.62 38.40 7.08
CA LEU H 1733 -77.39 38.62 5.86
C LEU H 1733 -77.43 37.30 5.10
N VAL H 1734 -78.60 36.67 5.10
CA VAL H 1734 -78.79 35.37 4.45
C VAL H 1734 -80.08 35.41 3.65
N PHE H 1735 -80.22 34.43 2.76
CA PHE H 1735 -81.45 34.26 2.02
C PHE H 1735 -82.44 33.40 2.81
N SER H 1736 -83.73 33.72 2.65
CA SER H 1736 -84.79 33.00 3.32
C SER H 1736 -85.79 32.48 2.29
N ASP H 1737 -86.47 31.38 2.63
CA ASP H 1737 -87.43 30.79 1.72
C ASP H 1737 -88.57 31.75 1.41
N LYS H 1738 -88.90 32.64 2.34
CA LYS H 1738 -90.02 33.55 2.12
C LYS H 1738 -89.70 34.62 1.09
N THR H 1739 -88.45 35.08 1.04
CA THR H 1739 -88.05 36.17 0.14
C THR H 1739 -87.65 35.67 -1.25
N ILE H 1740 -87.92 34.41 -1.56
CA ILE H 1740 -87.54 33.80 -2.83
C ILE H 1740 -88.81 33.49 -3.62
N GLN H 1741 -88.84 33.92 -4.88
CA GLN H 1741 -90.00 33.75 -5.75
C GLN H 1741 -91.26 34.32 -5.09
N SER H 1742 -91.09 35.46 -4.43
CA SER H 1742 -92.18 36.10 -3.70
C SER H 1742 -92.86 37.15 -4.57
N ASN H 1743 -94.18 37.25 -4.45
CA ASN H 1743 -94.91 38.29 -5.18
C ASN H 1743 -94.57 39.68 -4.65
N GLN H 1744 -94.15 39.78 -3.39
CA GLN H 1744 -93.82 41.08 -2.82
C GLN H 1744 -92.61 41.70 -3.52
N SER H 1745 -91.59 40.90 -3.80
CA SER H 1745 -90.41 41.41 -4.49
C SER H 1745 -90.77 41.92 -5.88
N TYR H 1746 -91.64 41.21 -6.58
CA TYR H 1746 -92.12 41.64 -7.89
C TYR H 1746 -93.19 42.71 -7.74
N MET I 1 -113.46 -32.98 39.08
CA MET I 1 -113.45 -32.83 37.59
C MET I 1 -112.64 -33.95 36.94
N LYS I 2 -113.24 -34.61 35.96
CA LYS I 2 -112.54 -35.69 35.28
C LYS I 2 -111.38 -35.14 34.46
N PRO I 3 -110.28 -35.89 34.33
CA PRO I 3 -109.15 -35.38 33.52
C PRO I 3 -109.53 -35.08 32.08
N GLU I 4 -110.37 -35.92 31.46
CA GLU I 4 -110.72 -35.70 30.05
C GLU I 4 -111.54 -34.42 29.88
N ILE I 5 -112.57 -34.24 30.71
CA ILE I 5 -113.40 -33.05 30.61
C ILE I 5 -112.60 -31.81 30.96
N GLU I 6 -111.71 -31.92 31.96
CA GLU I 6 -110.86 -30.79 32.32
C GLU I 6 -109.95 -30.40 31.16
N GLN I 7 -109.38 -31.41 30.47
CA GLN I 7 -108.55 -31.11 29.31
C GLN I 7 -109.36 -30.47 28.20
N GLU I 8 -110.58 -30.96 27.97
CA GLU I 8 -111.46 -30.34 26.98
C GLU I 8 -111.68 -28.87 27.28
N LEU I 9 -112.09 -28.56 28.51
CA LEU I 9 -112.40 -27.18 28.87
C LEU I 9 -111.14 -26.31 28.84
N SER I 10 -110.02 -26.85 29.29
CA SER I 10 -108.77 -26.09 29.25
C SER I 10 -108.37 -25.78 27.82
N HIS I 11 -108.50 -26.76 26.91
CA HIS I 11 -108.19 -26.52 25.50
C HIS I 11 -109.09 -25.42 24.93
N THR I 12 -110.39 -25.52 25.18
CA THR I 12 -111.32 -24.52 24.65
C THR I 12 -111.01 -23.14 25.21
N LEU I 13 -110.76 -23.05 26.52
CA LEU I 13 -110.50 -21.76 27.14
C LEU I 13 -109.18 -21.17 26.64
N LEU I 14 -108.15 -22.00 26.50
CA LEU I 14 -106.87 -21.51 25.99
C LEU I 14 -107.02 -21.02 24.55
N THR I 15 -107.74 -21.77 23.72
CA THR I 15 -107.94 -21.34 22.34
C THR I 15 -108.70 -20.02 22.27
N GLU I 16 -109.76 -19.89 23.08
CA GLU I 16 -110.52 -18.64 23.11
C GLU I 16 -109.65 -17.48 23.58
N LEU I 17 -108.83 -17.73 24.61
CA LEU I 17 -107.96 -16.68 25.14
C LEU I 17 -106.96 -16.21 24.08
N LEU I 18 -106.29 -17.16 23.43
CA LEU I 18 -105.31 -16.79 22.42
C LEU I 18 -105.97 -16.13 21.22
N ALA I 19 -107.21 -16.52 20.91
CA ALA I 19 -107.90 -15.91 19.78
C ALA I 19 -108.32 -14.48 20.08
N TYR I 20 -108.89 -14.24 21.25
CA TYR I 20 -109.49 -12.96 21.56
C TYR I 20 -108.53 -11.97 22.21
N GLN I 21 -107.37 -12.41 22.66
CA GLN I 21 -106.44 -11.49 23.33
C GLN I 21 -105.76 -10.56 22.33
N PHE I 22 -105.46 -11.05 21.13
CA PHE I 22 -104.75 -10.22 20.16
C PHE I 22 -105.62 -9.12 19.55
N ALA I 23 -106.93 -9.16 19.78
CA ALA I 23 -107.83 -8.08 19.38
C ALA I 23 -108.43 -7.34 20.56
N SER I 24 -108.61 -8.01 21.71
CA SER I 24 -109.07 -7.31 22.89
C SER I 24 -107.92 -6.50 23.49
N PRO I 25 -108.21 -5.43 24.23
CA PRO I 25 -107.13 -4.68 24.89
C PRO I 25 -106.47 -5.52 25.96
N VAL I 26 -105.14 -5.63 25.87
CA VAL I 26 -104.40 -6.34 26.90
C VAL I 26 -104.47 -5.57 28.21
N ARG I 27 -104.86 -6.26 29.28
CA ARG I 27 -105.01 -5.66 30.60
C ARG I 27 -103.77 -6.02 31.42
N TRP I 28 -102.69 -5.27 31.20
CA TRP I 28 -101.47 -5.51 31.96
C TRP I 28 -101.55 -4.97 33.38
N ILE I 29 -102.50 -4.08 33.68
CA ILE I 29 -102.66 -3.58 35.05
C ILE I 29 -103.01 -4.72 35.99
N GLU I 30 -103.99 -5.56 35.60
CA GLU I 30 -104.39 -6.64 36.49
C GLU I 30 -103.34 -7.73 36.53
N THR I 31 -102.60 -7.93 35.43
CA THR I 31 -101.48 -8.88 35.46
C THR I 31 -100.42 -8.44 36.46
N GLN I 32 -100.08 -7.15 36.43
CA GLN I 32 -99.12 -6.62 37.40
C GLN I 32 -99.64 -6.74 38.82
N ASP I 33 -100.93 -6.46 39.03
CA ASP I 33 -101.52 -6.65 40.34
C ASP I 33 -101.38 -8.10 40.79
N VAL I 34 -101.61 -9.05 39.87
CA VAL I 34 -101.54 -10.46 40.22
C VAL I 34 -100.13 -10.84 40.63
N PHE I 35 -99.13 -10.49 39.80
CA PHE I 35 -97.77 -10.96 40.08
C PHE I 35 -96.98 -10.01 40.98
N LEU I 36 -97.61 -8.97 41.53
CA LEU I 36 -96.97 -8.12 42.53
C LEU I 36 -97.63 -8.20 43.90
N LYS I 37 -98.95 -8.13 43.97
CA LYS I 37 -99.66 -8.11 45.25
C LYS I 37 -100.31 -9.45 45.59
N GLN I 38 -101.12 -10.00 44.70
CA GLN I 38 -101.87 -11.21 45.02
C GLN I 38 -100.94 -12.37 45.31
N HIS I 39 -99.88 -12.52 44.51
CA HIS I 39 -98.91 -13.59 44.71
C HIS I 39 -97.73 -13.19 45.57
N ASN I 40 -97.53 -11.89 45.80
CA ASN I 40 -96.48 -11.37 46.67
C ASN I 40 -95.11 -11.93 46.26
N THR I 41 -94.78 -11.71 44.99
CA THR I 41 -93.66 -12.41 44.37
C THR I 41 -92.36 -11.65 44.62
N GLU I 42 -91.50 -12.23 45.46
CA GLU I 42 -90.23 -11.60 45.79
C GLU I 42 -89.23 -11.62 44.64
N ARG I 43 -89.48 -12.39 43.59
CA ARG I 43 -88.59 -12.47 42.44
C ARG I 43 -89.41 -12.34 41.17
N ILE I 44 -89.02 -11.42 40.30
CA ILE I 44 -89.64 -11.23 39.00
C ILE I 44 -88.59 -11.56 37.94
N ILE I 45 -88.95 -12.45 37.02
CA ILE I 45 -88.08 -12.83 35.91
C ILE I 45 -88.72 -12.33 34.63
N GLU I 46 -87.95 -11.62 33.82
CA GLU I 46 -88.36 -11.28 32.46
C GLU I 46 -87.32 -11.83 31.51
N ILE I 47 -87.77 -12.45 30.43
CA ILE I 47 -86.91 -13.04 29.42
C ILE I 47 -87.17 -12.31 28.11
N GLY I 48 -86.12 -11.70 27.56
CA GLY I 48 -86.23 -10.99 26.32
C GLY I 48 -84.93 -10.30 25.94
N PRO I 49 -84.87 -9.78 24.72
CA PRO I 49 -83.64 -9.08 24.28
C PRO I 49 -83.36 -7.82 25.09
N SER I 50 -84.39 -7.12 25.54
CA SER I 50 -84.23 -5.88 26.30
C SER I 50 -85.25 -5.83 27.41
N PRO I 51 -84.96 -5.13 28.53
CA PRO I 51 -85.95 -5.10 29.64
C PRO I 51 -87.10 -4.10 29.48
N THR I 52 -88.02 -4.38 28.55
CA THR I 52 -89.15 -3.47 28.38
C THR I 52 -90.17 -3.64 29.50
N LEU I 53 -90.38 -4.87 29.96
CA LEU I 53 -91.36 -5.14 31.02
C LEU I 53 -90.74 -5.06 32.41
N ALA I 54 -89.45 -5.37 32.54
CA ALA I 54 -88.81 -5.27 33.84
C ALA I 54 -88.80 -3.84 34.34
N GLY I 55 -88.51 -2.88 33.47
CA GLY I 55 -88.48 -1.49 33.89
C GLY I 55 -89.86 -0.98 34.30
N MET I 56 -90.89 -1.35 33.53
CA MET I 56 -92.22 -0.86 33.85
C MET I 56 -92.79 -1.57 35.07
N ALA I 57 -92.43 -2.84 35.30
CA ALA I 57 -92.76 -3.48 36.56
C ALA I 57 -92.06 -2.80 37.73
N ASN I 58 -90.79 -2.43 37.53
CA ASN I 58 -90.05 -1.70 38.55
C ASN I 58 -90.76 -0.42 38.95
N ARG I 59 -91.10 0.41 37.97
CA ARG I 59 -91.75 1.67 38.31
C ARG I 59 -93.18 1.46 38.77
N THR I 60 -93.82 0.34 38.39
CA THR I 60 -95.12 0.03 38.95
C THR I 60 -95.02 -0.24 40.45
N ILE I 61 -94.04 -1.04 40.86
CA ILE I 61 -93.89 -1.31 42.30
C ILE I 61 -93.43 -0.04 43.02
N LYS I 62 -92.64 0.81 42.36
CA LYS I 62 -92.27 2.08 42.98
C LYS I 62 -93.48 2.97 43.20
N ALA I 63 -94.35 3.09 42.21
CA ALA I 63 -95.46 4.03 42.27
C ALA I 63 -96.61 3.51 43.13
N LYS I 64 -96.81 2.19 43.20
CA LYS I 64 -98.01 1.62 43.78
C LYS I 64 -97.74 0.73 44.99
N TYR I 65 -96.66 -0.06 44.98
CA TYR I 65 -96.42 -1.08 45.99
C TYR I 65 -95.16 -0.78 46.81
N GLU I 66 -94.76 0.49 46.89
CA GLU I 66 -93.59 0.83 47.69
C GLU I 66 -93.89 0.68 49.18
N SER I 67 -94.96 1.30 49.66
CA SER I 67 -95.33 1.15 51.06
C SER I 67 -95.70 -0.30 51.35
N TYR I 68 -96.41 -0.94 50.42
CA TYR I 68 -96.79 -2.34 50.62
C TYR I 68 -95.56 -3.20 50.81
N ASP I 69 -94.57 -3.05 49.91
CA ASP I 69 -93.34 -3.83 50.03
C ASP I 69 -92.61 -3.51 51.33
N ALA I 70 -92.55 -2.23 51.70
CA ALA I 70 -91.91 -1.88 52.96
C ALA I 70 -92.59 -2.58 54.13
N ALA I 71 -93.90 -2.42 54.26
CA ALA I 71 -94.60 -2.95 55.43
C ALA I 71 -94.54 -4.47 55.48
N LEU I 72 -94.81 -5.15 54.36
CA LEU I 72 -94.78 -6.60 54.32
C LEU I 72 -93.36 -7.16 54.27
N SER I 73 -92.34 -6.30 54.20
CA SER I 73 -90.95 -6.74 54.19
C SER I 73 -90.65 -7.59 52.97
N LEU I 74 -91.24 -7.20 51.84
CA LEU I 74 -91.07 -7.90 50.57
C LEU I 74 -89.89 -7.29 49.83
N GLN I 75 -88.85 -8.09 49.60
CA GLN I 75 -87.64 -7.64 48.91
C GLN I 75 -87.77 -8.09 47.46
N ARG I 76 -88.50 -7.30 46.67
CA ARG I 76 -88.69 -7.64 45.26
C ARG I 76 -87.38 -7.49 44.50
N GLN I 77 -87.06 -8.50 43.70
CA GLN I 77 -85.87 -8.52 42.85
C GLN I 77 -86.36 -8.66 41.42
N VAL I 78 -86.38 -7.55 40.68
CA VAL I 78 -86.77 -7.57 39.28
C VAL I 78 -85.52 -7.86 38.45
N LEU I 79 -85.59 -8.89 37.61
CA LEU I 79 -84.45 -9.38 36.86
C LEU I 79 -84.84 -9.53 35.40
N CYS I 80 -83.89 -9.20 34.52
CA CYS I 80 -84.07 -9.33 33.09
C CYS I 80 -82.96 -10.20 32.51
N TYR I 81 -83.32 -11.03 31.55
CA TYR I 81 -82.36 -11.94 30.94
C TYR I 81 -81.26 -11.17 30.21
N SER I 82 -81.58 -10.00 29.67
CA SER I 82 -80.58 -9.23 28.92
C SER I 82 -79.44 -8.78 29.81
N LYS I 83 -79.75 -8.21 30.96
CA LYS I 83 -78.75 -7.63 31.86
C LYS I 83 -78.42 -8.52 33.05
N ASP I 84 -79.41 -8.89 33.84
CA ASP I 84 -79.17 -9.60 35.10
C ASP I 84 -79.12 -11.10 34.92
N ALA I 85 -78.32 -11.58 33.96
CA ALA I 85 -78.24 -13.02 33.72
C ALA I 85 -77.48 -13.73 34.84
N LYS I 86 -76.50 -13.06 35.43
CA LYS I 86 -75.74 -13.66 36.52
C LYS I 86 -76.64 -13.95 37.71
N GLU I 87 -77.54 -13.03 38.04
CA GLU I 87 -78.49 -13.28 39.12
C GLU I 87 -79.47 -14.39 38.74
N ILE I 88 -79.86 -14.45 37.47
CA ILE I 88 -80.78 -15.50 37.03
C ILE I 88 -80.16 -16.87 37.24
N TYR I 89 -78.90 -17.03 36.85
CA TYR I 89 -78.21 -18.31 36.90
C TYR I 89 -77.46 -18.53 38.21
N TYR I 90 -77.52 -17.60 39.15
CA TYR I 90 -76.82 -17.71 40.43
C TYR I 90 -75.32 -17.93 40.19
N LYS I 91 -74.72 -16.97 39.48
CA LYS I 91 -73.30 -17.00 39.15
C LYS I 91 -72.69 -15.66 39.52
N PRO I 92 -72.60 -15.35 40.82
CA PRO I 92 -72.01 -14.07 41.26
C PRO I 92 -70.50 -14.02 41.07
N ASN I 333 -12.36 2.84 11.28
CA ASN I 333 -11.22 3.70 10.99
C ASN I 333 -10.25 2.99 10.05
N LYS I 334 -9.50 2.04 10.60
CA LYS I 334 -8.57 1.27 9.78
C LYS I 334 -9.31 0.44 8.75
N LYS I 335 -10.46 -0.13 9.13
CA LYS I 335 -11.24 -0.90 8.17
C LYS I 335 -11.68 -0.03 7.00
N LEU I 336 -12.00 1.24 7.27
CA LEU I 336 -12.39 2.15 6.19
C LEU I 336 -11.18 2.53 5.33
N ALA I 337 -10.03 2.78 5.97
CA ALA I 337 -8.77 2.91 5.24
C ALA I 337 -8.62 1.77 4.24
N LYS I 338 -8.88 0.56 4.70
CA LYS I 338 -8.58 -0.65 3.96
C LYS I 338 -9.61 -0.86 2.85
N GLN I 339 -10.87 -0.54 3.13
CA GLN I 339 -11.90 -0.54 2.09
C GLN I 339 -11.55 0.43 0.98
N GLN I 340 -11.05 1.61 1.35
CA GLN I 340 -10.66 2.56 0.32
C GLN I 340 -9.47 2.02 -0.49
N LEU I 341 -8.42 1.52 0.18
CA LEU I 341 -7.31 0.89 -0.53
C LEU I 341 -7.82 -0.19 -1.48
N GLU I 342 -8.79 -0.97 -1.01
CA GLU I 342 -9.28 -2.14 -1.72
C GLU I 342 -9.96 -1.73 -3.01
N VAL I 343 -10.95 -0.84 -2.89
CA VAL I 343 -11.65 -0.35 -4.07
C VAL I 343 -10.69 0.37 -5.00
N LEU I 344 -9.62 0.95 -4.44
CA LEU I 344 -8.64 1.65 -5.27
C LEU I 344 -7.93 0.69 -6.20
N ALA I 345 -7.40 -0.39 -5.64
CA ALA I 345 -6.74 -1.40 -6.46
C ALA I 345 -7.70 -1.92 -7.52
N ARG I 346 -8.96 -2.16 -7.14
CA ARG I 346 -9.96 -2.56 -8.13
C ARG I 346 -10.07 -1.56 -9.27
N TYR I 347 -10.21 -0.27 -8.92
CA TYR I 347 -10.36 0.78 -9.91
C TYR I 347 -9.26 0.69 -10.95
N LEU I 348 -8.02 0.64 -10.50
CA LEU I 348 -6.92 0.82 -11.44
C LEU I 348 -6.53 -0.51 -12.09
N GLN I 349 -7.05 -1.63 -11.57
CA GLN I 349 -7.01 -2.89 -12.30
C GLN I 349 -8.12 -3.00 -13.33
N SER I 350 -9.12 -2.11 -13.29
CA SER I 350 -10.28 -2.18 -14.18
C SER I 350 -11.14 -3.38 -13.81
N ARG I 351 -11.34 -3.58 -12.51
CA ARG I 351 -12.17 -4.65 -11.99
C ARG I 351 -13.47 -4.07 -11.44
N LEU I 352 -14.52 -4.87 -11.47
CA LEU I 352 -15.83 -4.47 -11.00
C LEU I 352 -16.07 -5.25 -9.71
N LYS I 353 -16.32 -4.53 -8.62
CA LYS I 353 -16.45 -5.19 -7.33
C LYS I 353 -17.72 -6.02 -7.24
N GLN I 354 -18.85 -5.44 -7.66
CA GLN I 354 -20.16 -6.03 -7.47
C GLN I 354 -20.72 -6.62 -8.77
N GLY I 355 -19.87 -6.95 -9.74
CA GLY I 355 -20.36 -7.42 -11.02
C GLY I 355 -21.02 -8.77 -10.89
N SER I 356 -20.42 -9.66 -10.11
CA SER I 356 -20.99 -10.98 -9.96
C SER I 356 -22.19 -10.97 -9.03
N LEU I 357 -22.25 -10.02 -8.09
CA LEU I 357 -23.48 -9.80 -7.34
C LEU I 357 -24.60 -9.30 -8.25
N LYS I 358 -24.26 -8.41 -9.19
CA LYS I 358 -25.22 -8.00 -10.22
C LYS I 358 -25.74 -9.20 -10.98
N SER I 359 -24.81 -10.05 -11.44
CA SER I 359 -25.19 -11.24 -12.17
C SER I 359 -26.07 -12.15 -11.31
N PHE I 360 -25.77 -12.23 -10.01
CA PHE I 360 -26.58 -13.06 -9.12
C PHE I 360 -28.00 -12.53 -8.99
N ILE I 361 -28.17 -11.22 -8.81
CA ILE I 361 -29.53 -10.70 -8.67
C ILE I 361 -30.27 -10.81 -10.00
N LYS I 362 -29.58 -10.62 -11.12
CA LYS I 362 -30.20 -10.86 -12.42
C LYS I 362 -30.68 -12.29 -12.55
N GLU I 363 -29.83 -13.25 -12.18
CA GLU I 363 -30.22 -14.65 -12.28
C GLU I 363 -31.31 -14.99 -11.28
N LYS I 364 -31.33 -14.30 -10.13
CA LYS I 364 -32.39 -14.52 -9.15
C LYS I 364 -33.73 -14.04 -9.68
N GLU I 365 -33.76 -12.90 -10.35
CA GLU I 365 -35.01 -12.43 -10.92
C GLU I 365 -35.44 -13.31 -12.10
N ALA I 366 -34.47 -13.83 -12.86
CA ALA I 366 -34.81 -14.81 -13.89
C ALA I 366 -35.40 -16.07 -13.28
N SER I 367 -34.82 -16.54 -12.17
CA SER I 367 -35.36 -17.69 -11.47
C SER I 367 -36.77 -17.41 -10.96
N ALA I 368 -37.01 -16.20 -10.49
CA ALA I 368 -38.35 -15.83 -10.05
C ALA I 368 -39.33 -15.85 -11.22
N VAL I 369 -38.90 -15.37 -12.39
CA VAL I 369 -39.76 -15.41 -13.57
C VAL I 369 -40.12 -16.86 -13.90
N LEU I 370 -39.10 -17.73 -13.96
CA LEU I 370 -39.36 -19.13 -14.27
C LEU I 370 -40.24 -19.78 -13.21
N GLN I 371 -40.00 -19.43 -11.94
CA GLN I 371 -40.78 -20.02 -10.86
C GLN I 371 -42.23 -19.59 -10.93
N LYS I 372 -42.50 -18.33 -11.29
CA LYS I 372 -43.88 -17.90 -11.40
C LYS I 372 -44.55 -18.50 -12.62
N GLU I 373 -43.80 -18.72 -13.70
CA GLU I 373 -44.36 -19.48 -14.82
C GLU I 373 -44.76 -20.89 -14.39
N LEU I 374 -43.85 -21.58 -13.70
CA LEU I 374 -44.15 -22.93 -13.24
C LEU I 374 -45.28 -22.93 -12.22
N ASP I 375 -45.38 -21.88 -11.41
CA ASP I 375 -46.44 -21.78 -10.42
C ASP I 375 -47.79 -21.53 -11.08
N LEU I 376 -47.81 -20.72 -12.14
CA LEU I 376 -49.04 -20.57 -12.93
C LEU I 376 -49.46 -21.90 -13.51
N TRP I 377 -48.51 -22.63 -14.11
CA TRP I 377 -48.82 -23.96 -14.62
C TRP I 377 -49.41 -24.85 -13.52
N GLU I 378 -48.78 -24.83 -12.35
CA GLU I 378 -49.17 -25.71 -11.26
C GLU I 378 -50.54 -25.35 -10.72
N ALA I 379 -50.82 -24.05 -10.56
CA ALA I 379 -52.15 -23.65 -10.13
C ALA I 379 -53.19 -23.97 -11.19
N GLU I 380 -52.77 -24.03 -12.45
CA GLU I 380 -53.71 -24.30 -13.53
C GLU I 380 -54.05 -25.78 -13.64
N HIS I 381 -53.10 -26.65 -13.27
CA HIS I 381 -53.26 -28.09 -13.44
C HIS I 381 -53.49 -28.84 -12.13
N GLY I 382 -52.61 -28.63 -11.15
CA GLY I 382 -52.70 -29.29 -9.86
C GLY I 382 -51.48 -30.16 -9.70
N GLU I 383 -51.19 -30.52 -8.45
CA GLU I 383 -49.99 -31.28 -8.17
C GLU I 383 -50.08 -32.70 -8.71
N PHE I 384 -51.27 -33.30 -8.65
CA PHE I 384 -51.41 -34.67 -9.13
C PHE I 384 -51.09 -34.78 -10.62
N TYR I 385 -51.73 -33.93 -11.43
CA TYR I 385 -51.41 -33.91 -12.85
C TYR I 385 -49.94 -33.57 -13.06
N ALA I 386 -49.43 -32.62 -12.27
CA ALA I 386 -48.05 -32.17 -12.46
C ALA I 386 -47.05 -33.29 -12.28
N LYS I 387 -47.13 -34.02 -11.16
CA LYS I 387 -46.20 -35.10 -10.90
C LYS I 387 -46.59 -36.40 -11.59
N GLY I 388 -47.76 -36.48 -12.21
CA GLY I 388 -48.13 -37.66 -12.95
C GLY I 388 -47.61 -37.72 -14.37
N ILE I 389 -47.02 -36.65 -14.89
CA ILE I 389 -46.61 -36.59 -16.29
C ILE I 389 -45.10 -36.83 -16.43
N GLN I 390 -44.43 -37.30 -15.39
CA GLN I 390 -42.99 -37.49 -15.47
C GLN I 390 -42.67 -38.59 -16.49
N PRO I 391 -41.46 -38.57 -17.08
CA PRO I 391 -41.07 -39.68 -17.96
C PRO I 391 -40.78 -40.94 -17.17
N THR I 392 -41.57 -41.99 -17.41
CA THR I 392 -41.32 -43.30 -16.82
C THR I 392 -40.64 -44.24 -17.80
N PHE I 393 -40.98 -44.16 -19.08
CA PHE I 393 -40.46 -45.10 -20.06
C PHE I 393 -38.98 -44.83 -20.34
N SER I 394 -38.23 -45.91 -20.52
CA SER I 394 -36.85 -45.85 -20.94
C SER I 394 -36.54 -47.12 -21.72
N ALA I 395 -35.93 -46.97 -22.89
CA ALA I 395 -35.68 -48.13 -23.75
C ALA I 395 -34.74 -49.12 -23.09
N LEU I 396 -33.79 -48.64 -22.29
CA LEU I 396 -32.84 -49.52 -21.63
C LEU I 396 -33.44 -50.25 -20.43
N LYS I 397 -34.56 -49.74 -19.89
CA LYS I 397 -35.23 -50.42 -18.79
C LYS I 397 -36.12 -51.57 -19.25
N SER I 398 -36.28 -51.76 -20.56
CA SER I 398 -37.10 -52.84 -21.08
C SER I 398 -36.50 -54.20 -20.72
N ARG I 399 -37.36 -55.13 -20.32
CA ARG I 399 -36.97 -56.47 -19.93
C ARG I 399 -37.61 -57.47 -20.88
N THR I 400 -36.79 -58.32 -21.49
CA THR I 400 -37.23 -59.31 -22.45
C THR I 400 -37.26 -60.68 -21.79
N TYR I 401 -38.31 -61.45 -22.08
CA TYR I 401 -38.45 -62.84 -21.67
C TYR I 401 -38.76 -63.66 -22.92
N ASP I 402 -37.85 -64.57 -23.28
CA ASP I 402 -38.08 -65.47 -24.42
C ASP I 402 -37.58 -66.89 -24.17
N SER I 403 -37.11 -67.23 -22.97
CA SER I 403 -36.49 -68.53 -22.73
C SER I 403 -37.51 -69.57 -22.29
N TYR I 404 -38.57 -69.69 -23.10
CA TYR I 404 -39.56 -70.74 -22.88
C TYR I 404 -38.95 -72.12 -22.97
N TRP I 405 -37.89 -72.27 -23.78
CA TRP I 405 -37.20 -73.55 -23.87
C TRP I 405 -36.69 -73.99 -22.50
N ASN I 406 -36.22 -73.03 -21.71
CA ASN I 406 -35.77 -73.35 -20.35
C ASN I 406 -36.94 -73.52 -19.40
N TRP I 407 -37.91 -72.60 -19.47
CA TRP I 407 -38.99 -72.63 -18.49
C TRP I 407 -39.88 -73.85 -18.66
N ALA I 408 -39.94 -74.43 -19.86
CA ALA I 408 -40.69 -75.66 -20.07
C ALA I 408 -40.13 -76.79 -19.22
N ARG I 409 -38.82 -77.00 -19.29
CA ARG I 409 -38.20 -78.04 -18.49
C ARG I 409 -38.31 -77.73 -17.01
N GLN I 410 -38.16 -76.45 -16.64
CA GLN I 410 -38.31 -76.05 -15.24
C GLN I 410 -39.69 -76.44 -14.70
N ASP I 411 -40.75 -76.06 -15.41
CA ASP I 411 -42.10 -76.39 -14.96
C ASP I 411 -42.36 -77.88 -15.01
N VAL I 412 -41.79 -78.59 -15.99
CA VAL I 412 -41.96 -80.04 -16.06
C VAL I 412 -41.38 -80.69 -14.81
N LEU I 413 -40.18 -80.28 -14.42
CA LEU I 413 -39.57 -80.85 -13.22
C LEU I 413 -40.36 -80.47 -11.97
N SER I 414 -40.83 -79.22 -11.91
CA SER I 414 -41.61 -78.81 -10.75
C SER I 414 -42.85 -79.68 -10.60
N MET I 415 -43.58 -79.89 -11.70
CA MET I 415 -44.77 -80.71 -11.66
C MET I 415 -44.42 -82.16 -11.33
N TYR I 416 -43.33 -82.67 -11.90
CA TYR I 416 -42.90 -84.03 -11.65
C TYR I 416 -42.66 -84.27 -10.17
N PHE I 417 -41.90 -83.37 -9.53
CA PHE I 417 -41.59 -83.57 -8.11
C PHE I 417 -42.80 -83.31 -7.23
N ASP I 418 -43.68 -82.37 -7.61
CA ASP I 418 -44.90 -82.16 -6.86
C ASP I 418 -45.74 -83.43 -6.83
N ILE I 419 -45.93 -84.06 -7.98
CA ILE I 419 -46.69 -85.30 -8.00
C ILE I 419 -45.93 -86.40 -7.27
N ILE I 420 -44.59 -86.42 -7.37
CA ILE I 420 -43.82 -87.47 -6.70
C ILE I 420 -43.97 -87.37 -5.18
N PHE I 421 -44.14 -86.16 -4.64
CA PHE I 421 -44.34 -85.96 -3.21
C PHE I 421 -45.80 -85.85 -2.81
N GLY I 422 -46.73 -85.95 -3.76
CA GLY I 422 -48.13 -85.92 -3.41
C GLY I 422 -48.71 -84.56 -3.17
N LYS I 423 -47.95 -83.49 -3.44
CA LYS I 423 -48.53 -82.15 -3.44
C LYS I 423 -49.58 -81.99 -4.54
N LEU I 424 -49.64 -82.89 -5.51
CA LEU I 424 -50.60 -82.83 -6.60
C LEU I 424 -50.98 -84.25 -7.03
N VAL I 427 -54.91 -84.61 -13.18
CA VAL I 427 -55.61 -85.03 -11.98
C VAL I 427 -56.48 -83.90 -11.44
N ASP I 428 -56.04 -82.66 -11.69
CA ASP I 428 -56.78 -81.49 -11.24
C ASP I 428 -56.62 -80.39 -12.28
N ARG I 429 -57.45 -79.35 -12.16
CA ARG I 429 -57.51 -78.33 -13.20
C ARG I 429 -56.21 -77.53 -13.30
N GLU I 430 -55.58 -77.21 -12.16
CA GLU I 430 -54.30 -76.50 -12.25
C GLU I 430 -53.23 -77.40 -12.87
N THR I 431 -53.27 -78.70 -12.58
CA THR I 431 -52.36 -79.63 -13.23
C THR I 431 -52.58 -79.65 -14.74
N ILE I 432 -53.84 -79.67 -15.16
CA ILE I 432 -54.14 -79.68 -16.59
C ILE I 432 -53.69 -78.37 -17.23
N ASN I 433 -53.83 -77.26 -16.51
CA ASN I 433 -53.39 -75.97 -17.02
C ASN I 433 -51.87 -75.95 -17.23
N GLN I 434 -51.13 -76.45 -16.24
CA GLN I 434 -49.68 -76.57 -16.40
C GLN I 434 -49.33 -77.49 -17.56
N CYS I 435 -50.09 -78.58 -17.72
CA CYS I 435 -49.87 -79.47 -18.85
C CYS I 435 -50.09 -78.75 -20.17
N ILE I 436 -51.13 -77.92 -20.24
CA ILE I 436 -51.38 -77.15 -21.46
C ILE I 436 -50.21 -76.23 -21.75
N GLN I 437 -49.65 -75.61 -20.71
CA GLN I 437 -48.50 -74.74 -20.90
C GLN I 437 -47.30 -75.53 -21.41
N ILE I 438 -47.07 -76.72 -20.85
CA ILE I 438 -45.92 -77.53 -21.23
C ILE I 438 -46.06 -77.99 -22.68
N MET I 439 -47.26 -78.42 -23.06
CA MET I 439 -47.53 -78.73 -24.47
C MET I 439 -47.34 -77.51 -25.36
N ASN I 440 -47.75 -76.33 -24.91
CA ASN I 440 -47.54 -75.11 -25.67
C ASN I 440 -46.06 -74.87 -25.92
N ARG I 441 -45.22 -75.24 -24.96
CA ARG I 441 -43.77 -75.10 -25.10
C ARG I 441 -43.10 -76.35 -25.63
N ALA I 442 -43.88 -77.37 -26.02
CA ALA I 442 -43.31 -78.65 -26.44
C ALA I 442 -42.37 -78.49 -27.64
N ASN I 443 -41.20 -79.12 -27.56
CA ASN I 443 -40.26 -79.23 -28.65
C ASN I 443 -39.51 -80.55 -28.55
N PRO I 444 -38.73 -80.91 -29.57
CA PRO I 444 -38.01 -82.20 -29.52
C PRO I 444 -37.16 -82.39 -28.29
N THR I 445 -36.46 -81.35 -27.87
CA THR I 445 -35.62 -81.43 -26.68
C THR I 445 -36.46 -81.68 -25.43
N LEU I 446 -37.59 -80.98 -25.30
CA LEU I 446 -38.46 -81.17 -24.15
C LEU I 446 -39.06 -82.57 -24.16
N ILE I 447 -39.41 -83.07 -25.34
CA ILE I 447 -39.95 -84.42 -25.46
C ILE I 447 -38.93 -85.43 -24.97
N LYS I 448 -37.68 -85.29 -25.41
CA LYS I 448 -36.63 -86.20 -24.97
C LYS I 448 -36.39 -86.07 -23.46
N PHE I 449 -36.44 -84.85 -22.94
CA PHE I 449 -36.29 -84.63 -21.51
C PHE I 449 -37.35 -85.38 -20.72
N MET I 450 -38.61 -85.18 -21.09
CA MET I 450 -39.71 -85.88 -20.43
C MET I 450 -39.58 -87.39 -20.57
N GLN I 451 -39.18 -87.85 -21.76
CA GLN I 451 -39.05 -89.28 -21.99
C GLN I 451 -37.98 -89.87 -21.08
N TYR I 452 -36.83 -89.22 -20.95
CA TYR I 452 -35.83 -89.72 -20.01
C TYR I 452 -36.41 -89.79 -18.61
N HIS I 453 -36.99 -88.68 -18.14
CA HIS I 453 -37.41 -88.60 -16.75
C HIS I 453 -38.55 -89.56 -16.42
N ILE I 454 -39.32 -89.99 -17.41
CA ILE I 454 -40.41 -90.94 -17.15
C ILE I 454 -39.96 -92.38 -17.37
N ASP I 455 -39.28 -92.68 -18.47
CA ASP I 455 -38.77 -94.03 -18.68
C ASP I 455 -37.72 -94.43 -17.65
N HIS I 456 -37.16 -93.49 -16.90
CA HIS I 456 -36.30 -93.82 -15.76
C HIS I 456 -36.92 -93.36 -14.44
N CYS I 457 -38.24 -93.56 -14.30
CA CYS I 457 -38.93 -93.32 -13.04
C CYS I 457 -39.21 -94.65 -12.36
N PRO I 458 -38.64 -94.94 -11.18
CA PRO I 458 -38.89 -96.24 -10.54
C PRO I 458 -40.29 -96.32 -9.97
N GLU I 459 -41.06 -97.32 -10.40
CA GLU I 459 -42.44 -97.47 -9.93
C GLU I 459 -42.50 -98.14 -8.57
N TYR I 460 -41.56 -99.01 -8.24
CA TYR I 460 -41.61 -99.77 -6.99
C TYR I 460 -41.55 -98.88 -5.76
N LYS I 461 -41.07 -97.64 -5.91
CA LYS I 461 -40.94 -96.77 -4.75
C LYS I 461 -42.28 -96.38 -4.15
N GLY I 462 -43.37 -96.47 -4.91
CA GLY I 462 -44.68 -96.22 -4.35
C GLY I 462 -45.72 -95.99 -5.41
N GLU I 463 -46.98 -96.07 -4.97
CA GLU I 463 -48.10 -95.72 -5.84
C GLU I 463 -47.99 -94.27 -6.31
N THR I 464 -47.36 -93.41 -5.51
CA THR I 464 -47.15 -92.04 -5.94
C THR I 464 -46.20 -91.98 -7.13
N TYR I 465 -45.16 -92.81 -7.12
CA TYR I 465 -44.26 -92.88 -8.27
C TYR I 465 -44.97 -93.49 -9.48
N LYS I 466 -45.82 -94.49 -9.25
CA LYS I 466 -46.61 -95.04 -10.36
C LYS I 466 -47.51 -93.97 -10.95
N LEU I 467 -48.08 -93.11 -10.10
CA LEU I 467 -48.92 -92.02 -10.58
C LEU I 467 -48.11 -91.03 -11.41
N ALA I 468 -46.94 -90.63 -10.90
CA ALA I 468 -46.06 -89.76 -11.67
C ALA I 468 -45.76 -90.38 -13.03
N LYS I 469 -45.46 -91.68 -13.05
CA LYS I 469 -45.10 -92.33 -14.31
C LYS I 469 -46.27 -92.36 -15.30
N ARG I 470 -47.45 -92.80 -14.86
CA ARG I 470 -48.54 -92.92 -15.83
C ARG I 470 -49.01 -91.56 -16.31
N LEU I 471 -49.08 -90.57 -15.40
CA LEU I 471 -49.42 -89.22 -15.84
C LEU I 471 -48.37 -88.68 -16.79
N GLY I 472 -47.09 -88.96 -16.55
CA GLY I 472 -46.05 -88.52 -17.45
C GLY I 472 -46.12 -89.20 -18.81
N GLN I 473 -46.48 -90.48 -18.85
CA GLN I 473 -46.69 -91.14 -20.13
C GLN I 473 -47.82 -90.48 -20.90
N GLN I 474 -48.92 -90.17 -20.21
CA GLN I 474 -50.03 -89.49 -20.88
C GLN I 474 -49.59 -88.13 -21.41
N LEU I 475 -48.82 -87.38 -20.61
CA LEU I 475 -48.39 -86.05 -21.05
C LEU I 475 -47.38 -86.14 -22.18
N ILE I 476 -46.53 -87.17 -22.18
CA ILE I 476 -45.60 -87.36 -23.28
C ILE I 476 -46.37 -87.63 -24.57
N ASP I 477 -47.40 -88.47 -24.49
CA ASP I 477 -48.22 -88.72 -25.68
C ASP I 477 -48.89 -87.42 -26.15
N ASN I 478 -49.41 -86.64 -25.20
CA ASN I 478 -50.08 -85.39 -25.56
C ASN I 478 -49.13 -84.42 -26.23
N CYS I 479 -47.91 -84.28 -25.70
CA CYS I 479 -46.96 -83.35 -26.28
C CYS I 479 -46.43 -83.85 -27.61
N LYS I 480 -46.30 -85.17 -27.76
CA LYS I 480 -45.94 -85.73 -29.06
C LYS I 480 -47.01 -85.40 -30.10
N GLN I 481 -48.28 -85.53 -29.73
CA GLN I 481 -49.35 -85.15 -30.64
C GLN I 481 -49.30 -83.66 -30.95
N VAL I 482 -49.03 -82.84 -29.93
CA VAL I 482 -48.90 -81.39 -30.12
C VAL I 482 -47.68 -81.02 -30.94
N LEU I 483 -46.73 -81.94 -31.10
CA LEU I 483 -45.51 -81.65 -31.85
C LEU I 483 -45.81 -81.08 -33.23
N THR I 484 -45.15 -79.97 -33.55
CA THR I 484 -45.23 -79.23 -34.81
C THR I 484 -46.50 -78.39 -34.94
N GLU I 485 -47.43 -78.46 -33.99
CA GLU I 485 -48.66 -77.68 -34.06
C GLU I 485 -48.57 -76.47 -33.13
N ASP I 486 -49.46 -75.51 -33.37
CA ASP I 486 -49.31 -74.18 -32.79
C ASP I 486 -49.59 -74.20 -31.29
N PRO I 487 -49.07 -73.21 -30.55
CA PRO I 487 -49.41 -73.12 -29.13
C PRO I 487 -50.74 -72.42 -28.92
N VAL I 488 -51.63 -73.06 -28.18
CA VAL I 488 -53.02 -72.64 -28.06
C VAL I 488 -53.28 -72.22 -26.62
N TYR I 489 -53.90 -71.05 -26.45
CA TYR I 489 -54.39 -70.60 -25.16
C TYR I 489 -55.67 -71.35 -24.84
N LYS I 490 -55.64 -72.19 -23.81
CA LYS I 490 -56.78 -73.01 -23.41
C LYS I 490 -56.97 -72.82 -21.90
N ASP I 491 -57.93 -71.98 -21.52
CA ASP I 491 -58.22 -71.75 -20.11
C ASP I 491 -59.10 -72.87 -19.60
N VAL I 492 -58.62 -73.58 -18.57
CA VAL I 492 -59.29 -74.75 -18.01
C VAL I 492 -59.66 -74.55 -16.55
N SER I 493 -59.53 -73.33 -16.03
CA SER I 493 -59.92 -73.06 -14.65
C SER I 493 -61.42 -73.26 -14.48
N ARG I 494 -61.81 -73.76 -13.32
CA ARG I 494 -63.22 -73.96 -13.04
C ARG I 494 -63.95 -72.61 -13.00
N ILE I 495 -65.09 -72.55 -13.68
CA ILE I 495 -65.89 -71.34 -13.72
C ILE I 495 -66.40 -71.06 -12.31
N THR I 496 -65.94 -69.96 -11.71
CA THR I 496 -66.32 -69.57 -10.36
C THR I 496 -67.31 -68.42 -10.39
N GLY I 497 -68.16 -68.38 -9.37
CA GLY I 497 -69.17 -67.37 -9.22
C GLY I 497 -69.09 -66.71 -7.86
N PRO I 498 -69.76 -65.57 -7.72
CA PRO I 498 -69.76 -64.86 -6.43
C PRO I 498 -70.58 -65.61 -5.41
N LYS I 499 -70.24 -65.40 -4.14
CA LYS I 499 -71.05 -65.92 -3.05
C LYS I 499 -70.68 -65.15 -1.79
N THR I 500 -71.68 -64.55 -1.16
CA THR I 500 -71.51 -63.80 0.08
C THR I 500 -72.30 -64.48 1.18
N LYS I 501 -71.62 -64.77 2.30
CA LYS I 501 -72.24 -65.34 3.48
C LYS I 501 -72.00 -64.39 4.64
N VAL I 502 -73.09 -63.92 5.25
CA VAL I 502 -73.01 -63.12 6.47
C VAL I 502 -73.21 -64.06 7.64
N SER I 503 -72.16 -64.23 8.46
CA SER I 503 -72.19 -65.18 9.55
C SER I 503 -73.18 -64.75 10.63
N ALA I 504 -73.45 -65.66 11.54
CA ALA I 504 -74.33 -65.36 12.67
C ALA I 504 -73.78 -64.24 13.54
N LYS I 505 -72.46 -64.05 13.56
CA LYS I 505 -71.83 -62.96 14.28
C LYS I 505 -71.81 -61.66 13.48
N GLY I 506 -72.35 -61.64 12.27
CA GLY I 506 -72.40 -60.44 11.48
C GLY I 506 -71.18 -60.17 10.62
N ASN I 507 -70.35 -61.17 10.36
CA ASN I 507 -69.14 -61.01 9.57
C ASN I 507 -69.48 -61.37 8.12
N ILE I 508 -69.22 -60.43 7.21
CA ILE I 508 -69.43 -60.67 5.78
C ILE I 508 -68.20 -61.37 5.22
N GLU I 509 -68.41 -62.53 4.61
CA GLU I 509 -67.35 -63.28 3.95
C GLU I 509 -67.74 -63.50 2.49
N TYR I 510 -66.88 -63.07 1.58
CA TYR I 510 -67.07 -63.26 0.15
C TYR I 510 -66.10 -64.32 -0.34
N GLU I 511 -66.62 -65.33 -1.04
CA GLU I 511 -65.79 -66.39 -1.59
C GLU I 511 -66.21 -66.69 -3.02
N GLU I 512 -65.22 -67.02 -3.86
CA GLU I 512 -65.48 -67.45 -5.23
C GLU I 512 -65.70 -68.95 -5.23
N THR I 513 -66.89 -69.38 -5.66
CA THR I 513 -67.30 -70.77 -5.57
C THR I 513 -67.67 -71.32 -6.94
N GLN I 514 -67.23 -72.54 -7.21
CA GLN I 514 -67.46 -73.15 -8.51
C GLN I 514 -68.95 -73.28 -8.79
N LYS I 515 -69.37 -72.84 -9.97
CA LYS I 515 -70.78 -72.89 -10.33
C LYS I 515 -71.24 -74.32 -10.49
N ASP I 516 -72.43 -74.63 -9.97
CA ASP I 516 -72.95 -75.99 -10.05
C ASP I 516 -73.25 -76.38 -11.49
N SER I 517 -73.97 -75.52 -12.21
CA SER I 517 -74.40 -75.85 -13.56
C SER I 517 -73.32 -75.60 -14.61
N VAL I 518 -72.26 -74.87 -14.27
CA VAL I 518 -71.18 -74.54 -15.20
C VAL I 518 -69.86 -74.91 -14.56
N ARG I 519 -69.09 -75.76 -15.24
CA ARG I 519 -67.79 -76.23 -14.76
C ARG I 519 -66.65 -75.84 -15.68
N LYS I 520 -66.83 -76.00 -16.99
CA LYS I 520 -65.80 -75.73 -17.98
C LYS I 520 -66.13 -74.43 -18.72
N PHE I 521 -65.12 -73.89 -19.39
CA PHE I 521 -65.36 -72.73 -20.22
C PHE I 521 -66.28 -73.06 -21.41
N GLU I 522 -66.36 -74.33 -21.80
CA GLU I 522 -67.33 -74.72 -22.82
C GLU I 522 -68.76 -74.49 -22.31
N GLN I 523 -69.03 -74.91 -21.08
CA GLN I 523 -70.34 -74.65 -20.49
C GLN I 523 -70.55 -73.17 -20.21
N TYR I 524 -69.47 -72.44 -19.93
CA TYR I 524 -69.57 -70.98 -19.80
C TYR I 524 -70.06 -70.37 -21.10
N VAL I 525 -69.47 -70.76 -22.22
CA VAL I 525 -69.91 -70.24 -23.51
C VAL I 525 -71.34 -70.69 -23.81
N TYR I 526 -71.69 -71.92 -23.42
CA TYR I 526 -73.04 -72.40 -23.65
C TYR I 526 -74.06 -71.55 -22.90
N GLU I 527 -73.80 -71.24 -21.63
CA GLU I 527 -74.75 -70.41 -20.89
C GLU I 527 -74.71 -68.96 -21.36
N MET I 528 -73.58 -68.50 -21.91
CA MET I 528 -73.56 -67.20 -22.56
C MET I 528 -74.54 -67.18 -23.72
N ALA I 529 -74.49 -68.20 -24.57
CA ALA I 529 -75.40 -68.29 -25.70
C ALA I 529 -76.84 -68.41 -25.23
N GLN I 530 -77.09 -69.21 -24.19
CA GLN I 530 -78.44 -69.35 -23.65
C GLN I 530 -78.97 -68.04 -23.09
N GLY I 531 -78.10 -67.17 -22.60
CA GLY I 531 -78.54 -65.91 -22.05
C GLY I 531 -79.33 -66.10 -20.77
N GLY I 532 -80.43 -65.38 -20.63
CA GLY I 532 -81.25 -65.49 -19.43
C GLY I 532 -82.63 -64.91 -19.67
N ALA I 533 -83.48 -65.07 -18.65
CA ALA I 533 -84.83 -64.53 -18.73
C ALA I 533 -84.81 -63.01 -18.84
N MET I 534 -83.80 -62.36 -18.26
CA MET I 534 -83.77 -60.91 -18.31
C MET I 534 -83.30 -60.45 -19.68
N THR I 535 -82.44 -61.22 -20.35
CA THR I 535 -81.87 -60.84 -21.63
C THR I 535 -82.80 -61.24 -22.77
N LYS I 536 -84.04 -60.77 -22.69
CA LYS I 536 -85.06 -61.07 -23.68
C LYS I 536 -85.86 -59.82 -24.04
N GLN I 628 -75.10 -77.62 -34.59
CA GLN I 628 -74.00 -78.06 -33.81
C GLN I 628 -72.86 -76.84 -33.28
N PRO I 629 -72.26 -75.63 -33.82
CA PRO I 629 -72.10 -74.69 -32.85
C PRO I 629 -73.19 -74.17 -31.91
N VAL I 630 -72.71 -73.20 -31.13
CA VAL I 630 -73.52 -72.41 -30.19
C VAL I 630 -74.35 -71.39 -30.97
N SER I 631 -74.13 -71.31 -32.30
CA SER I 631 -75.05 -70.54 -33.13
C SER I 631 -76.46 -71.09 -33.07
N SER I 632 -76.60 -72.42 -33.09
CA SER I 632 -77.89 -73.08 -33.02
C SER I 632 -78.45 -73.14 -31.59
N THR I 633 -77.70 -72.68 -30.61
CA THR I 633 -78.12 -72.77 -29.21
C THR I 633 -78.85 -71.51 -28.75
N ILE I 634 -78.61 -70.38 -29.38
CA ILE I 634 -79.13 -69.09 -28.91
C ILE I 634 -80.65 -69.13 -29.00
N PRO I 635 -81.41 -68.92 -27.91
CA PRO I 635 -82.86 -68.91 -28.04
C PRO I 635 -83.35 -67.76 -28.89
N SER I 636 -84.47 -67.99 -29.57
CA SER I 636 -85.09 -66.95 -30.38
C SER I 636 -85.63 -65.84 -29.48
N GLN I 637 -85.43 -64.59 -29.93
CA GLN I 637 -85.87 -63.41 -29.18
C GLN I 637 -85.22 -63.38 -27.79
N THR I 638 -83.99 -63.86 -27.70
CA THR I 638 -83.20 -63.81 -26.47
C THR I 638 -81.80 -63.32 -26.82
N ILE I 639 -81.32 -62.32 -26.10
CA ILE I 639 -80.02 -61.73 -26.33
C ILE I 639 -79.01 -62.47 -25.45
N PRO I 640 -77.96 -63.07 -26.00
CA PRO I 640 -76.95 -63.69 -25.14
C PRO I 640 -76.18 -62.64 -24.34
N PHE I 641 -75.60 -63.10 -23.22
CA PHE I 641 -74.88 -62.19 -22.34
C PHE I 641 -73.72 -61.52 -23.05
N LEU I 642 -72.88 -62.31 -23.73
CA LEU I 642 -71.82 -61.78 -24.59
C LEU I 642 -72.35 -61.77 -26.02
N HIS I 643 -72.42 -60.59 -26.61
CA HIS I 643 -72.93 -60.47 -27.98
C HIS I 643 -72.21 -59.32 -28.68
N ILE I 644 -72.33 -59.31 -30.00
CA ILE I 644 -71.76 -58.25 -30.83
C ILE I 644 -72.91 -57.42 -31.38
N GLN I 645 -72.80 -56.10 -31.25
CA GLN I 645 -73.82 -55.17 -31.74
C GLN I 645 -73.44 -54.67 -33.13
N LYS I 646 -74.43 -54.59 -34.01
CA LYS I 646 -74.25 -54.03 -35.34
C LYS I 646 -74.85 -52.63 -35.37
N LYS I 647 -74.15 -51.73 -36.07
CA LYS I 647 -74.61 -50.35 -36.17
C LYS I 647 -75.70 -50.24 -37.24
N THR I 648 -76.90 -49.85 -36.81
CA THR I 648 -77.98 -49.59 -37.74
C THR I 648 -77.77 -48.21 -38.36
N LYS I 649 -78.79 -47.68 -39.03
CA LYS I 649 -78.69 -46.33 -39.59
C LYS I 649 -78.92 -45.28 -38.52
N ASP I 650 -78.13 -45.34 -37.44
CA ASP I 650 -78.29 -44.45 -36.30
C ASP I 650 -77.35 -44.87 -35.17
N GLY I 651 -77.71 -45.93 -34.45
CA GLY I 651 -76.96 -46.38 -33.29
C GLY I 651 -76.55 -47.83 -33.36
N TRP I 652 -76.21 -48.43 -32.21
CA TRP I 652 -75.70 -49.79 -32.13
C TRP I 652 -76.75 -50.69 -31.48
N GLU I 653 -77.09 -51.77 -32.18
CA GLU I 653 -78.09 -52.72 -31.71
C GLU I 653 -77.52 -54.13 -31.79
N TYR I 654 -78.05 -55.01 -30.94
CA TYR I 654 -77.63 -56.41 -30.94
C TYR I 654 -77.84 -57.05 -32.30
N ASN I 655 -76.86 -57.83 -32.73
CA ASN I 655 -76.89 -58.52 -34.02
C ASN I 655 -76.74 -60.02 -33.82
N LYS I 656 -77.69 -60.78 -34.35
CA LYS I 656 -77.66 -62.23 -34.22
C LYS I 656 -76.48 -62.87 -34.94
N LYS I 657 -76.17 -62.43 -36.14
CA LYS I 657 -75.14 -63.06 -36.97
C LYS I 657 -73.77 -62.82 -36.38
N LEU I 658 -73.44 -61.57 -36.08
CA LEU I 658 -72.12 -61.28 -35.52
C LEU I 658 -71.97 -61.91 -34.15
N SER I 659 -73.04 -61.90 -33.35
CA SER I 659 -72.99 -62.54 -32.04
C SER I 659 -72.77 -64.03 -32.17
N SER I 660 -73.45 -64.68 -33.12
CA SER I 660 -73.25 -66.11 -33.31
C SER I 660 -71.82 -66.40 -33.74
N LEU I 661 -71.26 -65.54 -34.59
CA LEU I 661 -69.85 -65.70 -34.96
C LEU I 661 -68.96 -65.61 -33.73
N TYR I 662 -69.23 -64.64 -32.86
CA TYR I 662 -68.39 -64.45 -31.66
C TYR I 662 -68.51 -65.63 -30.70
N LEU I 663 -69.74 -66.10 -30.45
CA LEU I 663 -69.90 -67.24 -29.56
C LEU I 663 -69.35 -68.52 -30.17
N ASP I 664 -69.40 -68.66 -31.50
CA ASP I 664 -68.76 -69.81 -32.13
C ASP I 664 -67.25 -69.76 -31.95
N GLY I 665 -66.66 -68.57 -32.09
CA GLY I 665 -65.24 -68.42 -31.81
C GLY I 665 -64.90 -68.74 -30.37
N LEU I 666 -65.75 -68.31 -29.45
CA LEU I 666 -65.52 -68.63 -28.03
C LEU I 666 -65.61 -70.13 -27.78
N GLU I 667 -66.57 -70.81 -28.42
CA GLU I 667 -66.69 -72.25 -28.28
C GLU I 667 -65.45 -72.94 -28.83
N SER I 668 -64.97 -72.49 -29.99
CA SER I 668 -63.76 -73.06 -30.57
C SER I 668 -62.56 -72.86 -29.65
N ALA I 669 -62.44 -71.67 -29.07
CA ALA I 669 -61.35 -71.41 -28.13
C ALA I 669 -61.46 -72.30 -26.91
N ALA I 670 -62.68 -72.50 -26.41
CA ALA I 670 -62.87 -73.34 -25.22
C ALA I 670 -62.48 -74.78 -25.49
N ILE I 671 -62.84 -75.32 -26.66
CA ILE I 671 -62.59 -76.73 -26.92
C ILE I 671 -61.15 -76.96 -27.40
N ASN I 672 -60.70 -76.26 -28.43
CA ASN I 672 -59.40 -76.48 -29.03
C ASN I 672 -58.33 -75.52 -28.53
N GLY I 673 -58.69 -74.48 -27.79
CA GLY I 673 -57.74 -73.44 -27.45
C GLY I 673 -57.62 -72.44 -28.58
N LEU I 674 -56.81 -71.41 -28.33
CA LEU I 674 -56.67 -70.28 -29.23
C LEU I 674 -55.19 -69.95 -29.41
N THR I 675 -54.73 -69.98 -30.65
CA THR I 675 -53.35 -69.60 -30.96
C THR I 675 -53.28 -68.10 -31.23
N PHE I 676 -52.28 -67.45 -30.63
CA PHE I 676 -51.98 -66.05 -30.89
C PHE I 676 -50.57 -65.90 -31.49
N LYS I 677 -50.06 -66.95 -32.13
CA LYS I 677 -48.75 -66.87 -32.77
C LYS I 677 -48.76 -65.81 -33.86
N ASP I 678 -47.63 -65.13 -34.02
CA ASP I 678 -47.47 -64.02 -34.95
C ASP I 678 -48.37 -62.84 -34.62
N LYS I 679 -48.90 -62.78 -33.39
CA LYS I 679 -49.69 -61.65 -32.91
C LYS I 679 -48.79 -60.80 -32.03
N TYR I 680 -48.53 -59.57 -32.47
CA TYR I 680 -47.72 -58.62 -31.71
C TYR I 680 -48.69 -57.67 -31.01
N VAL I 681 -48.72 -57.76 -29.68
CA VAL I 681 -49.68 -57.04 -28.86
C VAL I 681 -48.95 -56.00 -28.03
N LEU I 682 -49.63 -54.88 -27.78
CA LEU I 682 -49.19 -53.88 -26.82
C LEU I 682 -50.31 -53.73 -25.79
N VAL I 683 -50.09 -54.23 -24.58
CA VAL I 683 -51.11 -54.21 -23.53
C VAL I 683 -50.65 -53.30 -22.40
N THR I 684 -51.53 -52.39 -21.99
CA THR I 684 -51.29 -51.53 -20.84
C THR I 684 -52.38 -51.77 -19.81
N GLY I 685 -52.05 -51.44 -18.56
CA GLY I 685 -52.95 -51.74 -17.45
C GLY I 685 -53.09 -53.22 -17.20
N ALA I 686 -51.99 -53.98 -17.25
CA ALA I 686 -51.97 -55.42 -17.04
C ALA I 686 -51.18 -55.81 -15.80
N GLY I 687 -51.30 -55.04 -14.73
CA GLY I 687 -50.65 -55.40 -13.49
C GLY I 687 -51.36 -56.54 -12.79
N ALA I 688 -50.77 -57.00 -11.69
CA ALA I 688 -51.32 -58.12 -10.95
C ALA I 688 -52.72 -57.79 -10.46
N GLY I 689 -53.60 -58.78 -10.47
CA GLY I 689 -54.98 -58.58 -10.04
C GLY I 689 -55.79 -57.68 -10.94
N SER I 690 -55.68 -57.85 -12.25
CA SER I 690 -56.46 -57.07 -13.20
C SER I 690 -56.81 -57.93 -14.40
N ILE I 691 -57.79 -57.46 -15.17
CA ILE I 691 -58.21 -58.16 -16.38
C ILE I 691 -57.05 -58.20 -17.38
N GLY I 692 -56.26 -57.13 -17.42
CA GLY I 692 -55.15 -57.08 -18.36
C GLY I 692 -54.09 -58.14 -18.09
N ALA I 693 -53.85 -58.44 -16.80
CA ALA I 693 -52.88 -59.48 -16.48
C ALA I 693 -53.33 -60.84 -16.99
N GLU I 694 -54.62 -61.15 -16.84
CA GLU I 694 -55.13 -62.42 -17.34
C GLU I 694 -55.13 -62.45 -18.86
N ILE I 695 -55.40 -61.31 -19.50
CA ILE I 695 -55.30 -61.24 -20.95
C ILE I 695 -53.86 -61.48 -21.39
N LEU I 696 -52.90 -60.92 -20.66
CA LEU I 696 -51.50 -61.16 -20.97
C LEU I 696 -51.18 -62.63 -20.77
N GLN I 697 -51.66 -63.25 -19.72
CA GLN I 697 -51.44 -64.69 -19.54
C GLN I 697 -51.95 -65.48 -20.73
N GLY I 698 -53.16 -65.15 -21.19
CA GLY I 698 -53.73 -65.87 -22.31
C GLY I 698 -52.98 -65.64 -23.61
N LEU I 699 -52.60 -64.39 -23.87
CA LEU I 699 -51.84 -64.08 -25.08
C LEU I 699 -50.51 -64.84 -25.10
N ILE I 700 -49.78 -64.79 -23.99
CA ILE I 700 -48.48 -65.42 -23.93
C ILE I 700 -48.62 -66.94 -23.89
N SER I 701 -49.77 -67.45 -23.46
CA SER I 701 -50.07 -68.87 -23.62
C SER I 701 -50.31 -69.24 -25.07
N GLY I 702 -51.02 -68.39 -25.79
CA GLY I 702 -51.28 -68.59 -27.21
C GLY I 702 -50.10 -68.32 -28.10
N GLY I 703 -49.02 -67.78 -27.57
CA GLY I 703 -47.80 -67.58 -28.33
C GLY I 703 -47.57 -66.17 -28.80
N ALA I 704 -48.35 -65.20 -28.32
CA ALA I 704 -48.22 -63.84 -28.76
C ALA I 704 -46.91 -63.24 -28.27
N LYS I 705 -46.44 -62.22 -29.00
CA LYS I 705 -45.30 -61.41 -28.59
C LYS I 705 -45.90 -60.11 -28.04
N VAL I 706 -45.88 -59.97 -26.72
CA VAL I 706 -46.58 -58.91 -26.03
C VAL I 706 -45.58 -57.95 -25.42
N ILE I 707 -45.85 -56.65 -25.58
CA ILE I 707 -45.21 -55.60 -24.81
C ILE I 707 -46.20 -55.21 -23.71
N VAL I 708 -45.83 -55.51 -22.47
CA VAL I 708 -46.66 -55.17 -21.32
C VAL I 708 -46.11 -53.91 -20.66
N THR I 709 -47.00 -52.95 -20.48
CA THR I 709 -46.74 -51.72 -19.74
C THR I 709 -46.96 -51.95 -18.24
N THR I 710 -46.12 -51.31 -17.44
CA THR I 710 -46.32 -51.20 -15.99
C THR I 710 -46.07 -49.76 -15.59
N SER I 711 -47.05 -49.16 -14.91
CA SER I 711 -46.86 -47.81 -14.37
C SER I 711 -46.00 -47.80 -13.12
N ARG I 712 -45.75 -48.96 -12.51
CA ARG I 712 -44.94 -49.09 -11.30
C ARG I 712 -43.87 -50.15 -11.59
N PHE I 713 -42.77 -49.73 -12.21
CA PHE I 713 -41.69 -50.63 -12.58
C PHE I 713 -40.78 -50.82 -11.37
N SER I 714 -40.61 -52.07 -10.96
CA SER I 714 -39.82 -52.39 -9.78
C SER I 714 -39.41 -53.85 -9.86
N LYS I 715 -38.62 -54.29 -8.88
CA LYS I 715 -38.19 -55.68 -8.84
C LYS I 715 -39.37 -56.62 -8.62
N LYS I 716 -40.33 -56.21 -7.80
CA LYS I 716 -41.51 -57.03 -7.54
C LYS I 716 -42.27 -57.29 -8.83
N VAL I 717 -42.54 -56.22 -9.60
CA VAL I 717 -43.27 -56.36 -10.84
C VAL I 717 -42.45 -57.13 -11.87
N THR I 718 -41.13 -56.91 -11.89
CA THR I 718 -40.27 -57.65 -12.80
C THR I 718 -40.33 -59.14 -12.52
N GLU I 719 -40.27 -59.52 -11.24
CA GLU I 719 -40.37 -60.94 -10.89
C GLU I 719 -41.75 -61.49 -11.20
N TYR I 720 -42.80 -60.69 -11.00
CA TYR I 720 -44.15 -61.11 -11.34
C TYR I 720 -44.25 -61.45 -12.83
N TYR I 721 -43.76 -60.56 -13.68
CA TYR I 721 -43.84 -60.84 -15.11
C TYR I 721 -42.88 -61.94 -15.51
N GLN I 722 -41.75 -62.07 -14.81
CA GLN I 722 -40.83 -63.16 -15.08
C GLN I 722 -41.49 -64.52 -14.87
N ASN I 723 -42.09 -64.72 -13.70
CA ASN I 723 -42.68 -66.02 -13.44
C ASN I 723 -44.00 -66.21 -14.19
N MET I 724 -44.67 -65.12 -14.57
CA MET I 724 -45.80 -65.25 -15.47
C MET I 724 -45.36 -65.77 -16.84
N TYR I 725 -44.23 -65.27 -17.35
CA TYR I 725 -43.72 -65.83 -18.61
C TYR I 725 -43.20 -67.25 -18.41
N ALA I 726 -42.57 -67.52 -17.27
CA ALA I 726 -42.03 -68.85 -17.02
C ALA I 726 -43.16 -69.88 -16.95
N ARG I 727 -44.33 -69.47 -16.46
CA ARG I 727 -45.48 -70.35 -16.48
C ARG I 727 -46.09 -70.41 -17.87
N TYR I 728 -46.58 -69.27 -18.37
CA TYR I 728 -47.47 -69.25 -19.53
C TYR I 728 -46.75 -69.00 -20.85
N GLY I 729 -45.54 -68.44 -20.84
CA GLY I 729 -44.87 -68.09 -22.08
C GLY I 729 -44.66 -69.27 -23.00
N ALA I 730 -45.43 -69.31 -24.09
CA ALA I 730 -45.46 -70.45 -24.99
C ALA I 730 -44.35 -70.35 -26.03
N ALA I 731 -44.23 -71.40 -26.85
CA ALA I 731 -43.28 -71.40 -27.94
C ALA I 731 -43.56 -70.24 -28.89
N GLY I 732 -42.54 -69.44 -29.14
CA GLY I 732 -42.66 -68.26 -29.98
C GLY I 732 -43.03 -66.99 -29.25
N SER I 733 -43.50 -67.07 -28.01
CA SER I 733 -43.92 -65.89 -27.28
C SER I 733 -42.71 -65.11 -26.78
N THR I 734 -42.92 -63.82 -26.60
CA THR I 734 -41.87 -62.93 -26.08
C THR I 734 -42.55 -61.84 -25.26
N LEU I 735 -42.17 -61.73 -23.98
CA LEU I 735 -42.74 -60.73 -23.10
C LEU I 735 -41.75 -59.58 -22.92
N ILE I 736 -42.17 -58.37 -23.27
CA ILE I 736 -41.37 -57.17 -23.13
C ILE I 736 -42.01 -56.32 -22.05
N VAL I 737 -41.50 -56.40 -20.83
CA VAL I 737 -41.97 -55.55 -19.75
C VAL I 737 -41.26 -54.21 -19.86
N VAL I 738 -42.04 -53.13 -19.98
CA VAL I 738 -41.45 -51.80 -20.11
C VAL I 738 -42.00 -50.89 -19.01
N PRO I 739 -41.19 -50.03 -18.39
CA PRO I 739 -41.78 -48.94 -17.63
C PRO I 739 -42.51 -48.01 -18.58
N PHE I 740 -43.63 -47.47 -18.13
CA PHE I 740 -44.42 -46.63 -19.01
C PHE I 740 -45.49 -45.87 -18.24
N ASN I 741 -45.54 -44.56 -18.44
CA ASN I 741 -46.61 -43.73 -17.94
C ASN I 741 -47.50 -43.35 -19.11
N GLN I 742 -48.73 -43.87 -19.12
CA GLN I 742 -49.68 -43.48 -20.14
C GLN I 742 -50.19 -42.05 -19.95
N GLY I 743 -49.86 -41.41 -18.82
CA GLY I 743 -50.19 -40.03 -18.61
C GLY I 743 -49.27 -39.03 -19.27
N SER I 744 -48.22 -39.50 -19.96
CA SER I 744 -47.28 -38.63 -20.65
C SER I 744 -47.29 -38.93 -22.14
N LYS I 745 -47.50 -37.89 -22.95
CA LYS I 745 -47.42 -38.02 -24.39
C LYS I 745 -46.02 -38.38 -24.81
N GLN I 746 -45.01 -37.87 -24.11
CA GLN I 746 -43.63 -38.24 -24.42
C GLN I 746 -43.41 -39.73 -24.18
N ASP I 747 -43.97 -40.26 -23.09
CA ASP I 747 -43.89 -41.69 -22.86
C ASP I 747 -44.60 -42.47 -23.96
N VAL I 748 -45.78 -42.02 -24.38
CA VAL I 748 -46.52 -42.71 -25.43
C VAL I 748 -45.69 -42.76 -26.71
N ASP I 749 -45.19 -41.60 -27.14
CA ASP I 749 -44.38 -41.52 -28.35
C ASP I 749 -43.13 -42.36 -28.23
N ALA I 750 -42.46 -42.32 -27.07
CA ALA I 750 -41.23 -43.08 -26.89
C ALA I 750 -41.48 -44.58 -26.94
N LEU I 751 -42.56 -45.04 -26.30
CA LEU I 751 -42.87 -46.47 -26.33
C LEU I 751 -43.21 -46.93 -27.74
N VAL I 752 -44.01 -46.15 -28.46
CA VAL I 752 -44.38 -46.53 -29.82
C VAL I 752 -43.14 -46.53 -30.71
N GLN I 753 -42.28 -45.52 -30.55
CA GLN I 753 -41.02 -45.47 -31.29
C GLN I 753 -40.16 -46.68 -30.97
N TYR I 754 -40.09 -47.07 -29.70
CA TYR I 754 -39.28 -48.21 -29.31
C TYR I 754 -39.83 -49.51 -29.90
N ILE I 755 -41.15 -49.65 -29.93
CA ILE I 755 -41.75 -50.85 -30.50
C ILE I 755 -41.47 -50.93 -31.99
N TYR I 756 -41.60 -49.81 -32.70
CA TYR I 756 -41.51 -49.82 -34.16
C TYR I 756 -40.09 -49.58 -34.69
N ASP I 757 -39.13 -49.29 -33.82
CA ASP I 757 -37.74 -49.21 -34.24
C ASP I 757 -37.14 -50.61 -34.36
N GLU I 758 -36.25 -50.79 -35.32
CA GLU I 758 -35.66 -52.11 -35.52
C GLU I 758 -34.53 -52.33 -34.51
N PRO I 759 -34.14 -53.59 -34.29
CA PRO I 759 -33.20 -53.86 -33.18
C PRO I 759 -31.87 -53.12 -33.28
N LYS I 760 -31.43 -52.78 -34.48
CA LYS I 760 -30.15 -52.07 -34.61
C LYS I 760 -30.22 -50.69 -33.96
N LYS I 761 -31.34 -49.99 -34.08
CA LYS I 761 -31.50 -48.67 -33.50
C LYS I 761 -31.93 -48.72 -32.03
N GLY I 762 -32.07 -49.90 -31.45
CA GLY I 762 -32.44 -50.06 -30.05
C GLY I 762 -33.89 -50.39 -29.80
N GLY I 763 -34.71 -50.51 -30.85
CA GLY I 763 -36.10 -50.86 -30.70
C GLY I 763 -36.32 -52.36 -30.75
N LEU I 764 -37.59 -52.74 -30.93
CA LEU I 764 -37.97 -54.14 -31.04
C LEU I 764 -38.11 -54.61 -32.47
N GLY I 765 -38.34 -53.70 -33.42
CA GLY I 765 -38.57 -54.09 -34.80
C GLY I 765 -39.87 -54.86 -34.97
N TRP I 766 -40.89 -54.46 -34.24
CA TRP I 766 -42.16 -55.16 -34.20
C TRP I 766 -43.25 -54.29 -34.81
N ASP I 767 -44.18 -54.91 -35.51
CA ASP I 767 -45.35 -54.24 -36.05
C ASP I 767 -46.57 -54.75 -35.27
N LEU I 768 -47.20 -53.85 -34.52
CA LEU I 768 -48.23 -54.27 -33.60
C LEU I 768 -49.46 -54.80 -34.35
N ASP I 769 -49.91 -55.99 -33.95
CA ASP I 769 -51.16 -56.55 -34.43
C ASP I 769 -52.35 -56.23 -33.54
N ALA I 770 -52.11 -55.91 -32.26
CA ALA I 770 -53.20 -55.58 -31.36
C ALA I 770 -52.72 -54.55 -30.35
N ILE I 771 -53.65 -53.70 -29.92
CA ILE I 771 -53.42 -52.74 -28.84
C ILE I 771 -54.53 -52.94 -27.82
N ILE I 772 -54.17 -53.07 -26.56
CA ILE I 772 -55.11 -53.29 -25.46
C ILE I 772 -54.79 -52.25 -24.41
N PRO I 773 -55.25 -51.00 -24.55
CA PRO I 773 -54.91 -49.95 -23.57
C PRO I 773 -55.87 -49.92 -22.38
N PHE I 774 -55.65 -50.85 -21.45
CA PHE I 774 -56.47 -50.97 -20.25
C PHE I 774 -55.88 -50.21 -19.07
N ALA I 775 -54.85 -49.39 -19.29
CA ALA I 775 -54.28 -48.60 -18.20
C ALA I 775 -55.28 -47.54 -17.75
N ALA I 776 -55.50 -47.48 -16.44
CA ALA I 776 -56.47 -46.56 -15.87
C ALA I 776 -56.01 -46.17 -14.47
N ILE I 777 -56.53 -45.04 -14.01
CA ILE I 777 -56.27 -44.51 -12.68
C ILE I 777 -57.58 -44.59 -11.91
N PRO I 778 -57.64 -45.21 -10.73
CA PRO I 778 -58.91 -45.28 -10.01
C PRO I 778 -59.24 -43.94 -9.36
N GLU I 779 -60.45 -43.43 -9.66
CA GLU I 779 -60.92 -42.16 -9.15
C GLU I 779 -62.31 -42.37 -8.55
N ASN I 780 -62.40 -42.27 -7.23
CA ASN I 780 -63.66 -42.47 -6.52
C ASN I 780 -63.91 -41.28 -5.61
N GLY I 781 -65.19 -40.92 -5.46
CA GLY I 781 -65.58 -39.78 -4.68
C GLY I 781 -65.46 -38.44 -5.40
N ASN I 782 -65.15 -38.45 -6.70
CA ASN I 782 -64.99 -37.23 -7.48
C ASN I 782 -66.26 -36.99 -8.28
N GLY I 783 -67.07 -36.04 -7.82
CA GLY I 783 -68.25 -35.61 -8.54
C GLY I 783 -67.94 -34.46 -9.48
N LEU I 784 -69.01 -33.80 -9.94
CA LEU I 784 -68.85 -32.64 -10.81
C LEU I 784 -68.12 -31.52 -10.09
N ASP I 785 -68.43 -31.29 -8.82
CA ASP I 785 -67.78 -30.26 -8.03
C ASP I 785 -66.39 -30.64 -7.57
N ASN I 786 -66.04 -31.93 -7.61
CA ASN I 786 -64.74 -32.40 -7.18
C ASN I 786 -63.82 -32.76 -8.34
N ILE I 787 -64.17 -32.36 -9.56
CA ILE I 787 -63.32 -32.60 -10.72
C ILE I 787 -62.00 -31.86 -10.48
N ASP I 788 -60.91 -32.61 -10.37
CA ASP I 788 -59.65 -32.10 -9.86
C ASP I 788 -58.52 -32.48 -10.80
N SER I 789 -57.29 -32.23 -10.34
CA SER I 789 -56.10 -32.61 -11.09
C SER I 789 -56.06 -34.11 -11.33
N LYS I 790 -56.41 -34.90 -10.30
CA LYS I 790 -56.45 -36.34 -10.47
C LYS I 790 -57.43 -36.74 -11.55
N SER I 791 -58.62 -36.12 -11.55
CA SER I 791 -59.63 -36.48 -12.54
C SER I 791 -59.17 -36.12 -13.95
N GLU I 792 -58.61 -34.92 -14.13
CA GLU I 792 -58.14 -34.53 -15.46
C GLU I 792 -57.00 -35.42 -15.93
N PHE I 793 -56.08 -35.77 -15.03
CA PHE I 793 -54.96 -36.64 -15.38
C PHE I 793 -55.44 -38.04 -15.76
N ALA I 794 -56.38 -38.58 -14.98
CA ALA I 794 -56.93 -39.89 -15.32
C ALA I 794 -57.67 -39.85 -16.64
N HIS I 795 -58.38 -38.76 -16.91
CA HIS I 795 -59.03 -38.61 -18.21
C HIS I 795 -58.01 -38.58 -19.32
N ARG I 796 -56.89 -37.88 -19.11
CA ARG I 796 -55.82 -37.87 -20.10
C ARG I 796 -55.35 -39.28 -20.39
N ILE I 797 -55.04 -40.04 -19.35
CA ILE I 797 -54.59 -41.43 -19.52
C ILE I 797 -55.62 -42.24 -20.29
N MET I 798 -56.89 -42.12 -19.91
CA MET I 798 -57.89 -43.06 -20.41
C MET I 798 -58.35 -42.70 -21.82
N LEU I 799 -58.33 -41.42 -22.19
CA LEU I 799 -58.79 -40.98 -23.50
C LEU I 799 -57.69 -40.36 -24.34
N THR I 800 -57.05 -39.29 -23.85
CA THR I 800 -56.25 -38.45 -24.75
C THR I 800 -54.98 -39.16 -25.16
N ASN I 801 -54.25 -39.70 -24.20
CA ASN I 801 -53.02 -40.39 -24.53
C ASN I 801 -53.30 -41.76 -25.14
N LEU I 802 -54.49 -42.32 -24.90
CA LEU I 802 -54.92 -43.48 -25.67
C LEU I 802 -55.02 -43.14 -27.14
N LEU I 803 -55.72 -42.05 -27.46
CA LEU I 803 -55.84 -41.62 -28.85
C LEU I 803 -54.47 -41.29 -29.44
N ARG I 804 -53.59 -40.70 -28.63
CA ARG I 804 -52.24 -40.40 -29.10
C ARG I 804 -51.45 -41.68 -29.37
N LEU I 805 -51.64 -42.71 -28.54
CA LEU I 805 -50.98 -43.99 -28.79
C LEU I 805 -51.43 -44.59 -30.11
N LEU I 806 -52.75 -44.60 -30.34
CA LEU I 806 -53.27 -45.08 -31.61
C LEU I 806 -52.72 -44.27 -32.78
N GLY I 807 -52.70 -42.95 -32.63
CA GLY I 807 -52.20 -42.10 -33.69
C GLY I 807 -50.72 -42.31 -33.97
N ALA I 808 -49.93 -42.53 -32.92
CA ALA I 808 -48.51 -42.79 -33.10
C ALA I 808 -48.28 -44.11 -33.82
N VAL I 809 -49.05 -45.14 -33.47
CA VAL I 809 -48.95 -46.41 -34.18
C VAL I 809 -49.30 -46.22 -35.65
N LYS I 810 -50.37 -45.49 -35.93
CA LYS I 810 -50.76 -45.24 -37.31
C LYS I 810 -49.68 -44.48 -38.06
N SER I 811 -49.09 -43.47 -37.42
CA SER I 811 -48.03 -42.70 -38.07
C SER I 811 -46.82 -43.59 -38.35
N LYS I 812 -46.53 -44.53 -37.46
CA LYS I 812 -45.39 -45.41 -37.65
C LYS I 812 -45.61 -46.47 -38.71
N LYS I 813 -46.86 -46.79 -39.03
CA LYS I 813 -47.14 -47.82 -40.02
C LYS I 813 -47.23 -47.21 -41.42
N PRO I 814 -46.29 -47.50 -42.36
CA PRO I 814 -46.52 -47.16 -43.77
C PRO I 814 -47.30 -48.24 -44.50
N THR I 815 -47.31 -49.45 -43.93
CA THR I 815 -48.12 -50.51 -44.50
C THR I 815 -49.59 -50.27 -44.21
N ASP I 816 -50.43 -50.53 -45.21
CA ASP I 816 -51.87 -50.41 -45.08
C ASP I 816 -52.56 -51.77 -44.98
N THR I 817 -51.80 -52.82 -44.72
CA THR I 817 -52.28 -54.19 -44.88
C THR I 817 -52.11 -55.01 -43.60
N ARG I 818 -51.51 -54.44 -42.55
CA ARG I 818 -51.39 -55.09 -41.24
C ARG I 818 -51.94 -54.16 -40.18
N PRO I 819 -53.27 -54.05 -40.06
CA PRO I 819 -53.84 -53.19 -39.03
C PRO I 819 -53.58 -53.72 -37.63
N ALA I 820 -53.56 -52.80 -36.67
CA ALA I 820 -53.51 -53.12 -35.26
C ALA I 820 -54.92 -53.09 -34.69
N GLN I 821 -55.30 -54.13 -33.97
CA GLN I 821 -56.62 -54.23 -33.38
C GLN I 821 -56.62 -53.53 -32.02
N CYS I 822 -57.29 -52.39 -31.93
CA CYS I 822 -57.39 -51.64 -30.69
C CYS I 822 -58.59 -52.13 -29.90
N ILE I 823 -58.32 -52.80 -28.78
CA ILE I 823 -59.35 -53.33 -27.91
C ILE I 823 -59.67 -52.22 -26.90
N LEU I 824 -60.66 -51.40 -27.22
CA LEU I 824 -61.00 -50.27 -26.37
C LEU I 824 -61.80 -50.74 -25.16
N PRO I 825 -61.38 -50.41 -23.93
CA PRO I 825 -62.20 -50.84 -22.76
C PRO I 825 -63.42 -49.97 -22.52
N LEU I 826 -64.46 -50.19 -23.31
CA LEU I 826 -65.68 -49.44 -23.13
C LEU I 826 -66.41 -49.91 -21.88
N SER I 827 -67.25 -49.04 -21.34
CA SER I 827 -68.06 -49.34 -20.18
C SER I 827 -69.54 -49.18 -20.53
N PRO I 828 -70.42 -50.00 -19.94
CA PRO I 828 -71.86 -49.83 -20.19
C PRO I 828 -72.49 -48.71 -19.39
N ASN I 829 -71.79 -48.19 -18.39
CA ASN I 829 -72.34 -47.24 -17.42
C ASN I 829 -71.58 -45.93 -17.56
N HIS I 830 -72.18 -44.97 -18.28
CA HIS I 830 -71.59 -43.67 -18.51
C HIS I 830 -72.30 -42.66 -17.60
N GLY I 831 -71.79 -42.54 -16.38
CA GLY I 831 -72.33 -41.61 -15.41
C GLY I 831 -73.46 -42.15 -14.56
N THR I 832 -73.96 -43.34 -14.85
CA THR I 832 -75.06 -43.88 -14.05
C THR I 832 -74.61 -44.20 -12.63
N PHE I 833 -73.40 -44.72 -12.47
CA PHE I 833 -72.84 -44.90 -11.14
C PHE I 833 -72.38 -43.54 -10.60
N GLY I 834 -71.93 -43.55 -9.35
CA GLY I 834 -71.75 -42.30 -8.64
C GLY I 834 -70.48 -41.55 -8.99
N PHE I 835 -69.74 -41.15 -7.96
CA PHE I 835 -68.70 -40.15 -8.09
C PHE I 835 -67.42 -40.79 -8.64
N ASP I 836 -67.24 -40.71 -9.96
CA ASP I 836 -66.10 -41.35 -10.62
C ASP I 836 -65.26 -40.38 -11.44
N GLY I 837 -65.30 -39.08 -11.15
CA GLY I 837 -64.48 -38.14 -11.90
C GLY I 837 -64.85 -38.10 -13.36
N LEU I 838 -63.83 -38.16 -14.23
CA LEU I 838 -64.02 -38.15 -15.67
C LEU I 838 -63.95 -39.56 -16.27
N TYR I 839 -64.14 -40.59 -15.46
CA TYR I 839 -64.07 -41.96 -15.96
C TYR I 839 -65.12 -42.22 -17.03
N SER I 840 -66.38 -41.87 -16.74
CA SER I 840 -67.45 -42.07 -17.71
C SER I 840 -67.23 -41.21 -18.95
N GLU I 841 -66.71 -40.01 -18.76
CA GLU I 841 -66.42 -39.14 -19.90
C GLU I 841 -65.40 -39.78 -20.82
N SER I 842 -64.33 -40.33 -20.26
CA SER I 842 -63.32 -41.00 -21.07
C SER I 842 -63.92 -42.21 -21.78
N LYS I 843 -64.69 -43.02 -21.06
CA LYS I 843 -65.23 -44.24 -21.64
C LYS I 843 -66.18 -43.94 -22.80
N ILE I 844 -67.05 -42.94 -22.63
CA ILE I 844 -67.97 -42.60 -23.72
C ILE I 844 -67.23 -41.92 -24.86
N SER I 845 -66.19 -41.13 -24.55
CA SER I 845 -65.40 -40.52 -25.60
C SER I 845 -64.70 -41.57 -26.45
N LEU I 846 -64.35 -42.71 -25.86
CA LEU I 846 -63.75 -43.78 -26.65
C LEU I 846 -64.70 -44.32 -27.71
N GLU I 847 -66.00 -44.06 -27.59
CA GLU I 847 -66.96 -44.57 -28.56
C GLU I 847 -66.92 -43.80 -29.88
N THR I 848 -66.35 -42.60 -29.90
CA THR I 848 -66.25 -41.86 -31.15
C THR I 848 -65.33 -42.54 -32.16
N LEU I 849 -64.45 -43.42 -31.69
CA LEU I 849 -63.52 -44.09 -32.60
C LEU I 849 -64.24 -44.94 -33.62
N PHE I 850 -65.45 -45.42 -33.30
CA PHE I 850 -66.21 -46.21 -34.25
C PHE I 850 -66.58 -45.39 -35.49
N ASN I 851 -67.01 -44.14 -35.28
CA ASN I 851 -67.31 -43.27 -36.40
C ASN I 851 -66.04 -42.72 -37.04
N ARG I 852 -65.01 -42.49 -36.22
CA ARG I 852 -63.76 -41.96 -36.75
C ARG I 852 -63.04 -42.96 -37.62
N TRP I 853 -63.32 -44.26 -37.45
CA TRP I 853 -62.73 -45.27 -38.30
C TRP I 853 -63.10 -45.04 -39.75
N TYR I 854 -64.35 -44.66 -40.02
CA TYR I 854 -64.80 -44.34 -41.37
C TYR I 854 -64.39 -42.94 -41.79
N SER I 855 -64.63 -41.96 -40.92
CA SER I 855 -64.50 -40.56 -41.31
C SER I 855 -63.07 -40.13 -41.56
N GLU I 856 -62.10 -40.83 -40.97
CA GLU I 856 -60.69 -40.48 -41.09
C GLU I 856 -59.98 -41.55 -41.93
N ASP I 857 -58.67 -41.40 -42.07
CA ASP I 857 -57.87 -42.24 -42.96
C ASP I 857 -56.94 -43.19 -42.20
N TRP I 858 -57.32 -43.59 -40.98
CA TRP I 858 -56.53 -44.57 -40.22
C TRP I 858 -57.22 -45.93 -40.17
N GLY I 859 -58.17 -46.19 -41.06
CA GLY I 859 -58.86 -47.47 -41.06
C GLY I 859 -57.95 -48.63 -41.40
N SER I 860 -57.08 -48.44 -42.39
CA SER I 860 -56.20 -49.53 -42.83
C SER I 860 -55.02 -49.77 -41.90
N LYS I 861 -54.82 -48.90 -40.91
CA LYS I 861 -53.74 -49.05 -39.94
C LYS I 861 -54.24 -49.50 -38.57
N LEU I 862 -55.48 -49.16 -38.20
CA LEU I 862 -56.05 -49.59 -36.93
C LEU I 862 -57.49 -50.02 -37.15
N THR I 863 -57.92 -51.00 -36.34
CA THR I 863 -59.30 -51.49 -36.34
C THR I 863 -59.87 -51.37 -34.94
N VAL I 864 -61.06 -50.81 -34.84
CA VAL I 864 -61.68 -50.53 -33.54
C VAL I 864 -62.47 -51.75 -33.09
N CYS I 865 -62.16 -52.25 -31.90
CA CYS I 865 -62.93 -53.31 -31.24
C CYS I 865 -63.25 -52.78 -29.84
N GLY I 866 -64.39 -52.13 -29.71
CA GLY I 866 -64.82 -51.60 -28.43
C GLY I 866 -65.51 -52.67 -27.61
N ALA I 867 -64.82 -53.17 -26.58
CA ALA I 867 -65.36 -54.20 -25.71
C ALA I 867 -66.02 -53.51 -24.52
N VAL I 868 -67.35 -53.57 -24.46
CA VAL I 868 -68.10 -53.06 -23.31
C VAL I 868 -67.93 -54.11 -22.22
N ILE I 869 -66.98 -53.85 -21.31
CA ILE I 869 -66.66 -54.78 -20.25
C ILE I 869 -67.72 -54.69 -19.16
N GLY I 870 -68.20 -55.84 -18.70
CA GLY I 870 -69.23 -55.91 -17.70
C GLY I 870 -68.68 -55.94 -16.29
N TRP I 871 -69.58 -56.24 -15.35
CA TRP I 871 -69.21 -56.36 -13.94
C TRP I 871 -68.19 -57.48 -13.77
N THR I 872 -66.97 -57.10 -13.43
CA THR I 872 -65.87 -58.05 -13.25
C THR I 872 -65.45 -58.06 -11.80
N ARG I 873 -65.22 -59.26 -11.26
CA ARG I 873 -64.89 -59.42 -9.85
C ARG I 873 -63.38 -59.33 -9.67
N GLY I 874 -62.93 -58.36 -8.88
CA GLY I 874 -61.52 -58.22 -8.58
C GLY I 874 -60.95 -59.43 -7.88
N THR I 875 -59.84 -59.95 -8.38
CA THR I 875 -59.21 -61.13 -7.80
C THR I 875 -57.74 -61.20 -8.17
N SER I 879 -63.45 -55.32 -4.77
CA SER I 879 -63.74 -56.10 -3.57
C SER I 879 -64.96 -55.54 -2.83
N ALA I 880 -65.23 -54.24 -3.03
CA ALA I 880 -66.42 -53.64 -2.41
C ALA I 880 -67.69 -54.07 -3.14
N ASN I 881 -67.59 -54.33 -4.44
CA ASN I 881 -68.71 -54.78 -5.24
C ASN I 881 -68.85 -56.30 -5.28
N ASN I 882 -67.83 -57.03 -4.83
CA ASN I 882 -67.91 -58.49 -4.84
C ASN I 882 -68.99 -59.00 -3.89
N ILE I 883 -69.24 -58.27 -2.79
CA ILE I 883 -70.24 -58.73 -1.83
C ILE I 883 -71.64 -58.67 -2.42
N ILE I 884 -71.89 -57.73 -3.33
CA ILE I 884 -73.19 -57.57 -3.97
C ILE I 884 -73.21 -58.23 -5.34
N ALA I 885 -72.07 -58.79 -5.76
CA ALA I 885 -72.04 -59.59 -6.99
C ALA I 885 -73.10 -60.68 -6.99
N GLU I 886 -73.25 -61.41 -5.87
CA GLU I 886 -74.25 -62.46 -5.82
C GLU I 886 -75.67 -61.88 -5.93
N GLY I 887 -75.92 -60.76 -5.27
CA GLY I 887 -77.25 -60.16 -5.34
C GLY I 887 -77.61 -59.73 -6.74
N ILE I 888 -76.66 -59.11 -7.45
CA ILE I 888 -76.94 -58.72 -8.83
C ILE I 888 -77.05 -59.95 -9.72
N GLU I 889 -76.33 -61.03 -9.40
CA GLU I 889 -76.42 -62.24 -10.22
C GLU I 889 -77.74 -62.96 -10.04
N LYS I 890 -78.34 -62.87 -8.85
CA LYS I 890 -79.51 -63.69 -8.54
C LYS I 890 -80.71 -63.41 -9.43
N LEU I 891 -80.77 -62.25 -10.07
CA LEU I 891 -81.94 -61.85 -10.84
C LEU I 891 -81.90 -62.27 -12.31
N GLY I 892 -80.87 -63.00 -12.72
CA GLY I 892 -80.78 -63.48 -14.10
C GLY I 892 -79.58 -62.96 -14.84
N VAL I 893 -79.25 -61.68 -14.63
CA VAL I 893 -78.01 -61.11 -15.16
C VAL I 893 -76.87 -61.76 -14.40
N ARG I 894 -75.65 -61.55 -14.87
CA ARG I 894 -74.51 -62.23 -14.28
C ARG I 894 -73.29 -61.32 -14.12
N THR I 895 -72.27 -61.83 -13.47
CA THR I 895 -71.09 -61.07 -13.10
C THR I 895 -69.88 -61.94 -13.38
N PHE I 896 -68.91 -61.38 -14.11
CA PHE I 896 -67.76 -62.13 -14.59
C PHE I 896 -66.62 -62.12 -13.59
N SER I 897 -65.81 -63.17 -13.66
CA SER I 897 -64.51 -63.19 -13.02
C SER I 897 -63.49 -62.54 -13.94
N GLN I 898 -62.31 -62.22 -13.39
CA GLN I 898 -61.25 -61.66 -14.21
C GLN I 898 -60.83 -62.64 -15.30
N LYS I 899 -60.76 -63.93 -14.95
CA LYS I 899 -60.42 -64.94 -15.96
C LYS I 899 -61.48 -65.03 -17.05
N GLU I 900 -62.77 -64.99 -16.67
CA GLU I 900 -63.83 -65.02 -17.66
C GLU I 900 -63.76 -63.81 -18.57
N MET I 901 -63.53 -62.63 -17.99
CA MET I 901 -63.43 -61.41 -18.79
C MET I 901 -62.27 -61.49 -19.76
N ALA I 902 -61.12 -61.99 -19.30
CA ALA I 902 -59.98 -62.13 -20.19
C ALA I 902 -60.24 -63.15 -21.27
N PHE I 903 -60.96 -64.23 -20.94
CA PHE I 903 -61.35 -65.19 -21.97
C PHE I 903 -62.22 -64.53 -23.03
N ASN I 904 -63.16 -63.68 -22.60
CA ASN I 904 -64.02 -62.97 -23.55
C ASN I 904 -63.21 -62.06 -24.47
N ILE I 905 -62.26 -61.31 -23.90
CA ILE I 905 -61.49 -60.37 -24.71
C ILE I 905 -60.51 -61.12 -25.62
N LEU I 906 -59.91 -62.18 -25.12
CA LEU I 906 -59.02 -63.00 -25.96
C LEU I 906 -59.82 -63.66 -27.08
N GLY I 907 -61.07 -64.00 -26.82
CA GLY I 907 -61.94 -64.49 -27.88
C GLY I 907 -62.39 -63.39 -28.82
N LEU I 908 -62.31 -62.14 -28.35
CA LEU I 908 -62.45 -61.00 -29.25
C LEU I 908 -61.19 -60.83 -30.09
N LEU I 909 -60.07 -61.42 -29.68
CA LEU I 909 -58.85 -61.44 -30.48
C LEU I 909 -58.74 -62.69 -31.38
N THR I 910 -59.85 -63.34 -31.72
CA THR I 910 -59.80 -64.48 -32.64
C THR I 910 -59.54 -64.03 -34.07
N PRO I 911 -59.12 -64.94 -34.95
CA PRO I 911 -58.98 -64.56 -36.37
C PRO I 911 -60.28 -64.10 -36.99
N GLU I 912 -61.41 -64.67 -36.58
CA GLU I 912 -62.69 -64.29 -37.16
C GLU I 912 -63.07 -62.88 -36.73
N ILE I 913 -62.92 -62.56 -35.45
CA ILE I 913 -63.24 -61.22 -35.00
C ILE I 913 -62.17 -60.24 -35.48
N VAL I 914 -60.94 -60.72 -35.70
CA VAL I 914 -59.89 -59.85 -36.23
C VAL I 914 -60.26 -59.38 -37.64
N GLN I 915 -60.64 -60.32 -38.51
CA GLN I 915 -61.06 -59.92 -39.85
C GLN I 915 -62.37 -59.14 -39.81
N LEU I 916 -63.26 -59.48 -38.88
CA LEU I 916 -64.49 -58.72 -38.72
C LEU I 916 -64.20 -57.27 -38.37
N CYS I 917 -63.23 -57.04 -37.49
CA CYS I 917 -62.83 -55.69 -37.13
C CYS I 917 -62.13 -55.01 -38.31
N GLN I 918 -61.38 -55.79 -39.10
CA GLN I 918 -60.72 -55.23 -40.28
C GLN I 918 -61.73 -54.68 -41.27
N GLU I 919 -62.82 -55.42 -41.50
CA GLU I 919 -63.83 -54.97 -42.46
C GLU I 919 -64.88 -54.05 -41.85
N GLU I 920 -65.02 -54.03 -40.53
CA GLU I 920 -66.10 -53.30 -39.87
C GLU I 920 -65.78 -53.15 -38.38
N PRO I 921 -65.77 -51.94 -37.82
CA PRO I 921 -65.55 -51.81 -36.37
C PRO I 921 -66.52 -52.64 -35.56
N VAL I 922 -65.99 -53.29 -34.53
CA VAL I 922 -66.73 -54.27 -33.73
C VAL I 922 -67.08 -53.64 -32.39
N MET I 923 -68.35 -53.69 -32.02
CA MET I 923 -68.82 -53.34 -30.68
C MET I 923 -69.20 -54.65 -30.01
N ALA I 924 -68.41 -55.05 -29.01
CA ALA I 924 -68.60 -56.32 -28.32
C ALA I 924 -69.18 -56.04 -26.94
N ASP I 925 -70.51 -56.14 -26.82
CA ASP I 925 -71.17 -56.02 -25.53
C ASP I 925 -70.90 -57.30 -24.74
N LEU I 926 -69.85 -57.24 -23.91
CA LEU I 926 -69.54 -58.33 -23.00
C LEU I 926 -70.19 -58.12 -21.64
N ASN I 927 -71.02 -57.09 -21.50
CA ASN I 927 -71.81 -56.91 -20.29
C ASN I 927 -72.74 -58.11 -20.10
N GLY I 928 -72.78 -58.62 -18.87
CA GLY I 928 -73.53 -59.84 -18.60
C GLY I 928 -75.00 -59.61 -18.36
N GLY I 929 -75.65 -58.90 -19.28
CA GLY I 929 -77.06 -58.59 -19.16
C GLY I 929 -77.37 -57.41 -18.27
N LEU I 930 -76.36 -56.70 -17.78
CA LEU I 930 -76.60 -55.58 -16.87
C LEU I 930 -77.34 -54.43 -17.54
N GLN I 931 -77.26 -54.32 -18.87
CA GLN I 931 -77.95 -53.24 -19.56
C GLN I 931 -79.46 -53.31 -19.37
N PHE I 932 -80.00 -54.47 -19.03
CA PHE I 932 -81.43 -54.68 -18.89
C PHE I 932 -81.95 -54.38 -17.50
N ILE I 933 -81.11 -53.86 -16.61
CA ILE I 933 -81.50 -53.52 -15.24
C ILE I 933 -81.84 -52.04 -15.20
N ASP I 934 -83.08 -51.72 -14.84
CA ASP I 934 -83.51 -50.34 -14.67
C ASP I 934 -82.99 -49.81 -13.35
N ASN I 935 -82.41 -48.60 -13.38
CA ASN I 935 -81.87 -47.94 -12.20
C ASN I 935 -80.82 -48.83 -11.52
N LEU I 936 -79.73 -49.08 -12.27
CA LEU I 936 -78.69 -49.98 -11.78
C LEU I 936 -78.02 -49.42 -10.54
N LYS I 937 -77.75 -48.11 -10.50
CA LYS I 937 -77.10 -47.53 -9.34
C LYS I 937 -77.99 -47.65 -8.10
N ASP I 938 -79.28 -47.35 -8.25
CA ASP I 938 -80.18 -47.46 -7.12
C ASP I 938 -80.31 -48.90 -6.65
N PHE I 939 -80.38 -49.84 -7.59
CA PHE I 939 -80.45 -51.26 -7.21
C PHE I 939 -79.18 -51.69 -6.49
N THR I 940 -78.02 -51.27 -7.00
CA THR I 940 -76.75 -51.61 -6.37
C THR I 940 -76.68 -51.06 -4.96
N SER I 941 -77.07 -49.78 -4.78
CA SER I 941 -77.06 -49.18 -3.46
C SER I 941 -78.03 -49.91 -2.53
N LYS I 942 -79.21 -50.28 -3.04
CA LYS I 942 -80.18 -51.00 -2.22
C LYS I 942 -79.60 -52.34 -1.78
N LEU I 943 -78.96 -53.06 -2.68
CA LEU I 943 -78.36 -54.35 -2.32
C LEU I 943 -77.27 -54.17 -1.27
N ARG I 944 -76.36 -53.21 -1.49
CA ARG I 944 -75.26 -53.02 -0.56
C ARG I 944 -75.76 -52.56 0.80
N THR I 945 -76.74 -51.66 0.84
CA THR I 945 -77.23 -51.17 2.11
C THR I 945 -78.04 -52.23 2.83
N ASP I 946 -78.76 -53.08 2.10
CA ASP I 946 -79.43 -54.21 2.75
C ASP I 946 -78.41 -55.15 3.38
N LEU I 947 -77.35 -55.47 2.64
CA LEU I 947 -76.32 -56.37 3.17
C LEU I 947 -75.63 -55.77 4.39
N LEU I 948 -75.31 -54.47 4.33
CA LEU I 948 -74.64 -53.83 5.46
C LEU I 948 -75.58 -53.71 6.65
N GLU I 949 -76.84 -53.34 6.41
CA GLU I 949 -77.83 -53.23 7.48
C GLU I 949 -78.21 -54.58 8.06
N THR I 950 -77.88 -55.68 7.38
CA THR I 950 -78.01 -57.01 7.98
C THR I 950 -76.78 -57.37 8.81
N ALA I 951 -75.59 -57.21 8.21
CA ALA I 951 -74.37 -57.61 8.90
C ALA I 951 -74.14 -56.78 10.17
N ASP I 952 -74.37 -55.47 10.10
CA ASP I 952 -74.09 -54.61 11.24
C ASP I 952 -75.07 -54.85 12.38
N ILE I 953 -76.34 -55.07 12.07
CA ILE I 953 -77.30 -55.35 13.14
C ILE I 953 -77.00 -56.70 13.76
N ARG I 954 -76.62 -57.69 12.96
CA ARG I 954 -76.25 -58.98 13.53
C ARG I 954 -75.03 -58.85 14.43
N ARG I 955 -74.03 -58.08 13.99
CA ARG I 955 -72.84 -57.88 14.81
C ARG I 955 -73.18 -57.16 16.11
N ALA I 956 -74.03 -56.13 16.05
CA ALA I 956 -74.39 -55.40 17.25
C ALA I 956 -75.18 -56.27 18.22
N VAL I 957 -76.12 -57.06 17.69
CA VAL I 957 -76.88 -57.95 18.55
C VAL I 957 -75.97 -58.99 19.20
N SER I 958 -75.00 -59.51 18.44
CA SER I 958 -74.05 -60.45 19.01
C SER I 958 -73.22 -59.80 20.10
N ILE I 959 -72.75 -58.57 19.87
CA ILE I 959 -71.93 -57.88 20.85
C ILE I 959 -72.71 -57.67 22.15
N GLU I 960 -73.94 -57.18 22.02
CA GLU I 960 -74.74 -56.89 23.20
C GLU I 960 -75.23 -58.14 23.89
N SER I 961 -75.50 -59.22 23.14
CA SER I 961 -75.83 -60.50 23.77
C SER I 961 -74.63 -61.03 24.55
N ALA I 962 -73.43 -60.90 24.00
CA ALA I 962 -72.23 -61.30 24.73
C ALA I 962 -72.06 -60.48 26.00
N ILE I 963 -72.33 -59.17 25.92
CA ILE I 963 -72.21 -58.32 27.11
C ILE I 963 -73.25 -58.71 28.14
N GLU I 964 -74.47 -59.02 27.70
CA GLU I 964 -75.52 -59.46 28.63
C GLU I 964 -75.14 -60.77 29.31
N GLN I 965 -74.60 -61.71 28.54
CA GLN I 965 -74.14 -62.97 29.13
C GLN I 965 -73.02 -62.72 30.12
N LYS I 966 -72.09 -61.83 29.79
CA LYS I 966 -71.00 -61.52 30.71
C LYS I 966 -71.51 -60.88 31.99
N VAL I 967 -72.52 -60.01 31.88
CA VAL I 967 -73.10 -59.40 33.07
C VAL I 967 -73.77 -60.45 33.94
N VAL I 968 -74.53 -61.36 33.32
CA VAL I 968 -75.26 -62.35 34.10
C VAL I 968 -74.31 -63.35 34.75
N ASN I 969 -73.23 -63.71 34.05
CA ASN I 969 -72.32 -64.76 34.50
C ASN I 969 -71.06 -64.23 35.19
N GLY I 970 -70.95 -62.91 35.35
CA GLY I 970 -69.77 -62.34 35.98
C GLY I 970 -68.53 -62.47 35.12
N LYS I 979 -58.69 -69.90 25.35
CA LYS I 979 -57.52 -70.77 25.38
C LYS I 979 -56.25 -69.94 25.20
N VAL I 980 -55.16 -70.40 25.82
CA VAL I 980 -53.88 -69.70 25.80
C VAL I 980 -53.01 -70.34 24.73
N MET I 981 -52.59 -69.54 23.75
CA MET I 981 -51.77 -70.04 22.66
C MET I 981 -50.31 -70.13 23.10
N VAL I 982 -49.54 -70.95 22.38
CA VAL I 982 -48.13 -71.16 22.67
C VAL I 982 -47.33 -70.16 21.84
N GLU I 983 -46.45 -69.44 22.50
CA GLU I 983 -45.71 -68.35 21.89
C GLU I 983 -44.44 -68.89 21.23
N PRO I 984 -44.40 -69.06 19.90
CA PRO I 984 -43.28 -69.79 19.29
C PRO I 984 -41.94 -69.09 19.50
N ARG I 985 -40.89 -69.90 19.65
CA ARG I 985 -39.53 -69.40 19.76
C ARG I 985 -38.59 -70.35 19.04
N ALA I 986 -37.39 -69.85 18.75
CA ALA I 986 -36.50 -70.52 17.82
C ALA I 986 -36.09 -71.90 18.32
N ASN I 987 -36.22 -72.89 17.44
CA ASN I 987 -35.80 -74.26 17.67
C ASN I 987 -34.50 -74.53 16.93
N MET I 988 -33.59 -73.56 16.97
CA MET I 988 -32.38 -73.59 16.16
C MET I 988 -31.55 -74.83 16.45
N LYS I 989 -31.46 -75.72 15.46
CA LYS I 989 -30.57 -76.88 15.51
C LYS I 989 -29.53 -76.74 14.41
N PHE I 990 -28.57 -77.66 14.38
CA PHE I 990 -27.60 -77.75 13.29
C PHE I 990 -28.00 -78.72 12.19
N ASP I 991 -28.82 -79.72 12.50
CA ASP I 991 -29.33 -80.65 11.50
C ASP I 991 -28.18 -81.32 10.76
N PHE I 992 -27.42 -82.12 11.51
CA PHE I 992 -26.48 -83.05 10.90
C PHE I 992 -27.23 -83.89 9.88
N PRO I 993 -26.55 -84.49 8.90
CA PRO I 993 -27.27 -85.30 7.91
C PRO I 993 -28.08 -86.40 8.57
N THR I 994 -29.32 -86.55 8.12
CA THR I 994 -30.22 -87.54 8.71
C THR I 994 -29.69 -88.93 8.42
N LEU I 995 -29.23 -89.62 9.46
CA LEU I 995 -28.69 -90.97 9.30
C LEU I 995 -29.86 -91.94 9.27
N LYS I 996 -30.06 -92.57 8.11
CA LYS I 996 -31.18 -93.47 7.90
C LYS I 996 -30.82 -94.88 8.34
N SER I 997 -31.82 -95.75 8.38
CA SER I 997 -31.60 -97.12 8.84
C SER I 997 -30.67 -97.86 7.88
N TYR I 998 -29.94 -98.83 8.42
CA TYR I 998 -28.98 -99.56 7.62
C TYR I 998 -29.66 -100.34 6.50
N ASP I 999 -30.82 -100.92 6.78
CA ASP I 999 -31.56 -101.65 5.74
C ASP I 999 -31.91 -100.71 4.59
N GLU I 1000 -32.38 -99.50 4.92
CA GLU I 1000 -32.76 -98.56 3.88
C GLU I 1000 -31.55 -98.05 3.11
N ILE I 1001 -30.42 -97.88 3.78
CA ILE I 1001 -29.21 -97.40 3.11
C ILE I 1001 -28.66 -98.49 2.18
N LYS I 1002 -28.69 -99.74 2.63
CA LYS I 1002 -28.28 -100.85 1.78
C LYS I 1002 -29.26 -101.06 0.63
N GLN I 1003 -30.52 -100.65 0.81
CA GLN I 1003 -31.45 -100.62 -0.31
C GLN I 1003 -31.09 -99.50 -1.28
N ILE I 1004 -30.61 -98.37 -0.76
CA ILE I 1004 -30.21 -97.26 -1.62
C ILE I 1004 -29.06 -97.68 -2.52
N ALA I 1005 -28.00 -98.24 -1.92
CA ALA I 1005 -26.77 -98.54 -2.64
C ALA I 1005 -26.57 -100.04 -2.77
N PRO I 1006 -25.89 -100.50 -3.83
CA PRO I 1006 -25.76 -101.95 -4.05
C PRO I 1006 -24.81 -102.59 -3.06
N GLU I 1007 -24.52 -103.89 -3.22
CA GLU I 1007 -23.71 -104.63 -2.26
C GLU I 1007 -22.27 -104.16 -2.40
N LEU I 1008 -21.98 -103.02 -1.76
CA LEU I 1008 -20.69 -102.36 -1.83
C LEU I 1008 -19.84 -102.60 -0.59
N GLU I 1009 -20.23 -103.56 0.25
CA GLU I 1009 -19.59 -103.75 1.54
C GLU I 1009 -18.16 -104.19 1.39
N GLY I 1010 -17.27 -103.59 2.17
CA GLY I 1010 -15.88 -104.00 2.25
C GLY I 1010 -15.15 -103.92 0.93
N MET I 1011 -15.35 -102.84 0.18
CA MET I 1011 -14.74 -102.69 -1.14
C MET I 1011 -13.88 -101.45 -1.25
N LEU I 1012 -14.28 -100.34 -0.63
CA LEU I 1012 -13.55 -99.08 -0.71
C LEU I 1012 -12.62 -98.94 0.50
N ASP I 1013 -11.41 -98.46 0.24
CA ASP I 1013 -10.48 -98.11 1.32
C ASP I 1013 -10.96 -96.80 1.94
N LEU I 1014 -11.64 -96.92 3.08
CA LEU I 1014 -12.22 -95.75 3.72
C LEU I 1014 -11.14 -94.77 4.16
N GLU I 1015 -9.93 -95.27 4.42
CA GLU I 1015 -8.80 -94.39 4.65
C GLU I 1015 -8.45 -93.58 3.41
N ASN I 1016 -8.80 -94.07 2.21
CA ASN I 1016 -8.58 -93.38 0.95
C ASN I 1016 -9.86 -92.74 0.41
N VAL I 1017 -10.96 -92.80 1.15
CA VAL I 1017 -12.19 -92.09 0.82
C VAL I 1017 -12.26 -90.85 1.72
N VAL I 1018 -12.41 -89.68 1.11
CA VAL I 1018 -12.43 -88.41 1.81
C VAL I 1018 -13.86 -87.90 1.83
N VAL I 1019 -14.28 -87.37 2.98
CA VAL I 1019 -15.65 -86.95 3.21
C VAL I 1019 -15.65 -85.57 3.86
N VAL I 1020 -16.61 -84.74 3.46
CA VAL I 1020 -16.84 -83.47 4.13
C VAL I 1020 -17.55 -83.76 5.45
N THR I 1021 -16.87 -83.49 6.57
CA THR I 1021 -17.44 -83.72 7.89
C THR I 1021 -18.03 -82.46 8.48
N GLY I 1022 -17.51 -81.29 8.14
CA GLY I 1022 -18.07 -80.04 8.60
C GLY I 1022 -17.96 -78.98 7.53
N PHE I 1023 -18.77 -77.93 7.67
CA PHE I 1023 -18.65 -76.78 6.79
C PHE I 1023 -19.33 -75.58 7.44
N ALA I 1024 -18.98 -74.39 6.94
CA ALA I 1024 -19.57 -73.15 7.45
C ALA I 1024 -19.30 -72.04 6.45
N GLU I 1025 -19.93 -70.88 6.70
CA GLU I 1025 -19.75 -69.71 5.87
C GLU I 1025 -19.73 -68.46 6.75
N VAL I 1026 -19.12 -67.42 6.20
CA VAL I 1026 -19.34 -66.04 6.64
C VAL I 1026 -19.54 -65.26 5.36
N GLY I 1027 -20.77 -64.84 5.07
CA GLY I 1027 -21.10 -64.24 3.81
C GLY I 1027 -22.17 -63.17 3.92
N PRO I 1028 -22.59 -62.63 2.77
CA PRO I 1028 -23.60 -61.55 2.79
C PRO I 1028 -24.92 -61.93 3.42
N TRP I 1029 -25.22 -63.22 3.52
CA TRP I 1029 -26.42 -63.72 4.18
C TRP I 1029 -26.04 -64.50 5.42
N GLY I 1030 -25.08 -63.96 6.17
CA GLY I 1030 -24.58 -64.62 7.35
C GLY I 1030 -23.78 -65.87 7.03
N ASN I 1031 -24.18 -66.97 7.65
CA ASN I 1031 -23.46 -68.23 7.59
C ASN I 1031 -24.19 -69.21 6.67
N SER I 1032 -23.77 -70.48 6.69
CA SER I 1032 -24.34 -71.48 5.81
C SER I 1032 -25.85 -71.62 6.05
N ARG I 1033 -26.28 -71.64 7.31
CA ARG I 1033 -27.70 -71.88 7.60
C ARG I 1033 -28.58 -70.78 7.03
N THR I 1034 -28.29 -69.52 7.36
CA THR I 1034 -29.11 -68.42 6.89
C THR I 1034 -28.99 -68.23 5.39
N ARG I 1035 -27.79 -68.41 4.85
CA ARG I 1035 -27.59 -68.31 3.41
C ARG I 1035 -28.40 -69.39 2.68
N TRP I 1036 -28.41 -70.61 3.21
CA TRP I 1036 -29.19 -71.68 2.60
C TRP I 1036 -30.68 -71.41 2.70
N GLU I 1037 -31.13 -70.86 3.83
CA GLU I 1037 -32.55 -70.51 3.93
C GLU I 1037 -32.93 -69.49 2.87
N MET I 1038 -32.13 -68.43 2.73
CA MET I 1038 -32.43 -67.40 1.74
C MET I 1038 -32.30 -67.94 0.31
N GLU I 1039 -31.43 -68.93 0.10
CA GLU I 1039 -31.29 -69.49 -1.23
C GLU I 1039 -32.45 -70.40 -1.59
N ALA I 1040 -32.69 -71.42 -0.78
CA ALA I 1040 -33.68 -72.43 -1.11
C ALA I 1040 -35.12 -71.93 -0.95
N TYR I 1041 -35.35 -70.87 -0.16
CA TYR I 1041 -36.71 -70.46 0.14
C TYR I 1041 -36.95 -68.98 -0.17
N GLY I 1042 -35.88 -68.17 -0.16
CA GLY I 1042 -36.02 -66.76 -0.42
C GLY I 1042 -36.51 -65.94 0.76
N GLU I 1043 -36.89 -66.58 1.86
CA GLU I 1043 -37.33 -65.90 3.06
C GLU I 1043 -36.72 -66.61 4.27
N PHE I 1044 -36.54 -65.86 5.34
CA PHE I 1044 -35.99 -66.42 6.57
C PHE I 1044 -37.12 -67.00 7.41
N SER I 1045 -36.87 -68.18 7.98
CA SER I 1045 -37.79 -68.76 8.93
C SER I 1045 -37.64 -68.04 10.28
N LEU I 1046 -38.28 -68.57 11.31
CA LEU I 1046 -38.10 -68.00 12.64
C LEU I 1046 -36.65 -68.13 13.10
N GLU I 1047 -36.09 -69.34 12.94
CA GLU I 1047 -34.70 -69.57 13.29
C GLU I 1047 -33.76 -68.72 12.45
N GLY I 1048 -34.06 -68.62 11.14
CA GLY I 1048 -33.23 -67.81 10.28
C GLY I 1048 -33.24 -66.33 10.66
N ALA I 1049 -34.43 -65.80 10.93
CA ALA I 1049 -34.53 -64.39 11.32
C ALA I 1049 -33.81 -64.14 12.63
N ILE I 1050 -33.96 -65.04 13.61
CA ILE I 1050 -33.32 -64.83 14.90
C ILE I 1050 -31.81 -64.92 14.76
N GLU I 1051 -31.32 -65.88 13.96
CA GLU I 1051 -29.87 -66.00 13.77
C GLU I 1051 -29.32 -64.79 13.04
N MET I 1052 -30.06 -64.28 12.04
CA MET I 1052 -29.63 -63.08 11.34
C MET I 1052 -29.57 -61.89 12.28
N ALA I 1053 -30.59 -61.71 13.11
CA ALA I 1053 -30.58 -60.62 14.07
C ALA I 1053 -29.43 -60.76 15.06
N TRP I 1054 -29.13 -61.98 15.48
CA TRP I 1054 -28.03 -62.19 16.41
C TRP I 1054 -26.69 -61.86 15.79
N ILE I 1055 -26.43 -62.35 14.57
CA ILE I 1055 -25.15 -62.05 13.92
C ILE I 1055 -25.04 -60.56 13.63
N MET I 1056 -26.15 -59.93 13.26
CA MET I 1056 -26.17 -58.51 12.94
C MET I 1056 -26.22 -57.63 14.18
N GLY I 1057 -26.33 -58.21 15.37
CA GLY I 1057 -26.32 -57.42 16.58
C GLY I 1057 -27.58 -56.65 16.83
N PHE I 1058 -28.67 -56.96 16.13
CA PHE I 1058 -29.95 -56.36 16.47
C PHE I 1058 -30.40 -56.80 17.86
N ILE I 1059 -30.18 -58.09 18.17
CA ILE I 1059 -30.58 -58.67 19.45
C ILE I 1059 -29.37 -59.27 20.14
N LYS I 1060 -29.43 -59.27 21.46
CA LYS I 1060 -28.44 -59.95 22.29
C LYS I 1060 -29.18 -60.67 23.41
N TYR I 1061 -28.67 -61.82 23.80
CA TYR I 1061 -29.33 -62.60 24.84
C TYR I 1061 -29.07 -61.95 26.20
N HIS I 1062 -30.13 -61.78 26.98
CA HIS I 1062 -30.04 -61.23 28.33
C HIS I 1062 -30.46 -62.29 29.34
N ASN I 1063 -29.67 -62.42 30.41
CA ASN I 1063 -29.98 -63.27 31.53
C ASN I 1063 -29.83 -62.47 32.82
N GLY I 1064 -30.78 -62.63 33.73
CA GLY I 1064 -30.75 -61.96 35.02
C GLY I 1064 -31.92 -60.99 35.16
N ASN I 1065 -31.66 -59.86 35.80
CA ASN I 1065 -32.68 -58.86 36.10
C ASN I 1065 -32.72 -57.81 35.01
N LEU I 1066 -33.92 -57.55 34.50
CA LEU I 1066 -34.15 -56.54 33.48
C LEU I 1066 -35.33 -55.68 33.93
N GLN I 1067 -35.05 -54.48 34.43
CA GLN I 1067 -36.05 -53.62 35.04
C GLN I 1067 -36.70 -54.31 36.23
N GLY I 1068 -35.88 -54.99 37.03
CA GLY I 1068 -36.37 -55.71 38.20
C GLY I 1068 -36.95 -57.07 37.91
N LYS I 1069 -37.86 -57.14 36.95
CA LYS I 1069 -38.46 -58.42 36.59
C LYS I 1069 -37.37 -59.35 36.03
N PRO I 1070 -37.30 -60.61 36.45
CA PRO I 1070 -36.27 -61.51 35.90
C PRO I 1070 -36.62 -61.93 34.48
N TYR I 1071 -35.70 -61.66 33.55
CA TYR I 1071 -35.88 -61.99 32.14
C TYR I 1071 -34.72 -62.84 31.66
N SER I 1072 -35.04 -63.85 30.84
CA SER I 1072 -34.04 -64.74 30.24
C SER I 1072 -34.45 -64.94 28.78
N GLY I 1073 -33.88 -64.12 27.90
CA GLY I 1073 -34.21 -64.22 26.49
C GLY I 1073 -33.57 -63.10 25.71
N TRP I 1074 -33.95 -63.02 24.44
CA TRP I 1074 -33.41 -61.98 23.56
C TRP I 1074 -33.91 -60.60 23.99
N VAL I 1075 -33.01 -59.62 23.94
CA VAL I 1075 -33.32 -58.22 24.19
C VAL I 1075 -32.70 -57.40 23.06
N ASP I 1076 -33.21 -56.18 22.88
CA ASP I 1076 -32.71 -55.31 21.84
C ASP I 1076 -31.28 -54.91 22.16
N ALA I 1077 -30.55 -54.47 21.13
CA ALA I 1077 -29.19 -53.99 21.31
C ALA I 1077 -29.14 -52.50 21.66
N LYS I 1078 -29.85 -51.67 20.90
CA LYS I 1078 -29.82 -50.24 21.13
C LYS I 1078 -30.70 -49.79 22.30
N THR I 1079 -31.73 -50.57 22.65
CA THR I 1079 -32.65 -50.22 23.72
C THR I 1079 -32.68 -51.22 24.86
N GLN I 1080 -32.15 -52.42 24.69
CA GLN I 1080 -32.05 -53.41 25.76
C GLN I 1080 -33.41 -53.87 26.28
N THR I 1081 -34.50 -53.64 25.49
CA THR I 1081 -35.83 -54.06 25.93
C THR I 1081 -36.10 -55.51 25.52
N PRO I 1082 -36.98 -56.22 26.23
CA PRO I 1082 -37.28 -57.60 25.83
C PRO I 1082 -37.90 -57.64 24.43
N ILE I 1083 -37.57 -58.70 23.68
CA ILE I 1083 -38.18 -58.97 22.40
C ILE I 1083 -38.70 -60.41 22.40
N ASP I 1084 -39.96 -60.57 22.04
CA ASP I 1084 -40.50 -61.91 21.78
C ASP I 1084 -40.04 -62.43 20.43
N GLU I 1085 -39.96 -63.76 20.32
CA GLU I 1085 -39.33 -64.36 19.16
C GLU I 1085 -40.11 -64.09 17.86
N LYS I 1086 -41.44 -63.97 17.96
CA LYS I 1086 -42.21 -63.54 16.79
C LYS I 1086 -41.91 -62.09 16.44
N ASP I 1087 -41.80 -61.23 17.46
CA ASP I 1087 -41.48 -59.84 17.20
C ASP I 1087 -40.10 -59.70 16.61
N ILE I 1088 -39.21 -60.67 16.81
CA ILE I 1088 -37.90 -60.65 16.14
C ILE I 1088 -38.08 -60.46 14.64
N LYS I 1089 -38.80 -61.40 14.02
CA LYS I 1089 -39.12 -61.26 12.61
C LYS I 1089 -39.90 -59.98 12.36
N SER I 1090 -40.97 -59.77 13.12
CA SER I 1090 -41.89 -58.66 12.85
C SER I 1090 -41.21 -57.30 12.84
N LYS I 1091 -40.10 -57.12 13.56
CA LYS I 1091 -39.44 -55.82 13.65
C LYS I 1091 -38.07 -55.76 12.99
N TYR I 1092 -37.43 -56.90 12.71
CA TYR I 1092 -36.10 -56.91 12.12
C TYR I 1092 -36.04 -57.49 10.72
N GLU I 1093 -37.15 -57.99 10.17
CA GLU I 1093 -37.10 -58.58 8.84
C GLU I 1093 -36.66 -57.54 7.80
N GLU I 1094 -37.28 -56.36 7.83
CA GLU I 1094 -36.98 -55.35 6.82
C GLU I 1094 -35.53 -54.93 6.88
N GLU I 1095 -34.99 -54.70 8.08
CA GLU I 1095 -33.61 -54.25 8.21
C GLU I 1095 -32.61 -55.36 7.91
N ILE I 1096 -32.92 -56.60 8.29
CA ILE I 1096 -32.06 -57.73 7.93
C ILE I 1096 -31.93 -57.83 6.43
N LEU I 1097 -33.07 -57.81 5.72
CA LEU I 1097 -33.00 -57.89 4.26
C LEU I 1097 -32.35 -56.66 3.65
N GLU I 1098 -32.57 -55.48 4.22
CA GLU I 1098 -32.01 -54.27 3.67
C GLU I 1098 -30.49 -54.25 3.80
N HIS I 1099 -29.96 -54.72 4.93
CA HIS I 1099 -28.53 -54.69 5.19
C HIS I 1099 -27.90 -56.08 5.14
N SER I 1100 -28.48 -57.00 4.37
CA SER I 1100 -27.83 -58.26 4.05
C SER I 1100 -27.83 -58.46 2.54
N GLY I 1101 -26.96 -59.35 2.09
CA GLY I 1101 -26.92 -59.69 0.68
C GLY I 1101 -26.24 -58.62 -0.16
N ILE I 1102 -26.54 -58.64 -1.46
CA ILE I 1102 -25.99 -57.67 -2.39
C ILE I 1102 -26.74 -56.36 -2.22
N ARG I 1103 -26.00 -55.29 -1.95
CA ARG I 1103 -26.61 -54.01 -1.63
C ARG I 1103 -25.58 -52.92 -1.88
N LEU I 1104 -26.01 -51.67 -1.76
CA LEU I 1104 -25.11 -50.54 -1.93
C LEU I 1104 -23.95 -50.64 -0.94
N ILE I 1105 -22.74 -50.34 -1.43
CA ILE I 1105 -21.55 -50.40 -0.59
C ILE I 1105 -21.71 -49.43 0.56
N GLU I 1106 -21.62 -49.93 1.79
CA GLU I 1106 -21.76 -49.11 2.97
C GLU I 1106 -20.39 -48.66 3.44
N PRO I 1107 -20.09 -47.35 3.46
CA PRO I 1107 -18.73 -46.92 3.86
C PRO I 1107 -18.38 -47.27 5.29
N GLU I 1108 -19.37 -47.54 6.15
CA GLU I 1108 -19.08 -47.87 7.53
C GLU I 1108 -18.42 -49.24 7.66
N LEU I 1109 -18.59 -50.11 6.67
CA LEU I 1109 -18.03 -51.45 6.70
C LEU I 1109 -16.66 -51.54 6.04
N PHE I 1110 -16.16 -50.45 5.46
CA PHE I 1110 -14.90 -50.46 4.72
C PHE I 1110 -14.08 -49.22 5.04
N ASN I 1111 -14.05 -48.82 6.31
CA ASN I 1111 -13.27 -47.68 6.77
C ASN I 1111 -13.63 -46.40 6.02
N GLY I 1112 -14.93 -46.16 5.90
CA GLY I 1112 -15.39 -44.93 5.28
C GLY I 1112 -15.25 -44.86 3.78
N TYR I 1113 -15.10 -46.01 3.11
CA TYR I 1113 -14.92 -46.02 1.66
C TYR I 1113 -16.26 -45.73 0.99
N ASP I 1114 -16.36 -44.56 0.38
CA ASP I 1114 -17.53 -44.18 -0.41
C ASP I 1114 -17.18 -44.28 -1.89
N PRO I 1115 -17.73 -45.24 -2.65
CA PRO I 1115 -17.43 -45.26 -4.08
C PRO I 1115 -17.84 -43.98 -4.79
N LYS I 1116 -18.91 -43.33 -4.34
CA LYS I 1116 -19.32 -42.06 -4.93
C LYS I 1116 -18.29 -40.97 -4.71
N LYS I 1117 -17.44 -41.09 -3.69
CA LYS I 1117 -16.44 -40.09 -3.32
C LYS I 1117 -15.07 -40.73 -3.25
N LYS I 1118 -14.70 -41.47 -4.29
CA LYS I 1118 -13.43 -42.18 -4.35
C LYS I 1118 -12.25 -41.22 -4.24
N GLN I 1119 -11.53 -41.29 -3.12
CA GLN I 1119 -10.50 -40.30 -2.79
C GLN I 1119 -9.18 -40.63 -3.48
N MET I 1120 -8.57 -39.60 -4.07
CA MET I 1120 -7.30 -39.70 -4.77
C MET I 1120 -6.56 -38.38 -4.61
N ILE I 1121 -5.31 -38.34 -5.08
CA ILE I 1121 -4.45 -37.17 -4.94
C ILE I 1121 -3.78 -36.90 -6.29
N GLN I 1122 -3.66 -35.62 -6.65
CA GLN I 1122 -3.00 -35.21 -7.88
C GLN I 1122 -1.75 -34.40 -7.56
N GLU I 1123 -0.68 -34.67 -8.29
CA GLU I 1123 0.57 -33.94 -8.13
C GLU I 1123 0.44 -32.55 -8.77
N ILE I 1124 0.77 -31.52 -8.02
CA ILE I 1124 0.75 -30.13 -8.51
C ILE I 1124 2.06 -29.47 -8.13
N VAL I 1125 2.67 -28.78 -9.08
CA VAL I 1125 3.84 -27.95 -8.81
C VAL I 1125 3.36 -26.60 -8.30
N VAL I 1126 3.86 -26.21 -7.13
CA VAL I 1126 3.44 -24.96 -6.52
C VAL I 1126 3.89 -23.79 -7.39
N GLN I 1127 2.93 -22.97 -7.82
CA GLN I 1127 3.24 -21.79 -8.62
C GLN I 1127 3.58 -20.59 -7.76
N HIS I 1128 2.83 -20.36 -6.68
CA HIS I 1128 3.14 -19.36 -5.68
C HIS I 1128 3.23 -20.06 -4.33
N ASP I 1129 4.33 -19.86 -3.62
CA ASP I 1129 4.62 -20.69 -2.45
C ASP I 1129 3.64 -20.42 -1.33
N LEU I 1130 3.54 -21.38 -0.41
CA LEU I 1130 2.54 -21.36 0.64
C LEU I 1130 3.09 -20.63 1.86
N GLU I 1131 2.19 -20.19 2.72
CA GLU I 1131 2.63 -19.53 3.94
C GLU I 1131 3.19 -20.57 4.92
N PRO I 1132 4.14 -20.19 5.78
CA PRO I 1132 4.76 -21.19 6.65
C PRO I 1132 3.76 -21.89 7.55
N PHE I 1133 4.04 -23.17 7.84
CA PHE I 1133 3.30 -23.94 8.83
C PHE I 1133 4.30 -24.57 9.79
N GLU I 1134 3.85 -24.80 11.01
CA GLU I 1134 4.71 -25.27 12.09
C GLU I 1134 4.58 -26.78 12.25
N CYS I 1135 5.73 -27.45 12.37
CA CYS I 1135 5.77 -28.87 12.72
C CYS I 1135 7.07 -29.14 13.47
N SER I 1136 7.24 -30.38 13.90
CA SER I 1136 8.32 -30.74 14.80
C SER I 1136 9.66 -30.77 14.06
N LYS I 1137 10.72 -31.02 14.83
CA LYS I 1137 12.07 -31.07 14.29
C LYS I 1137 12.20 -32.13 13.20
N GLU I 1138 11.79 -33.36 13.50
CA GLU I 1138 11.92 -34.45 12.53
C GLU I 1138 11.05 -34.21 11.32
N THR I 1139 9.84 -33.68 11.52
CA THR I 1139 8.96 -33.43 10.38
C THR I 1139 9.54 -32.38 9.45
N ALA I 1140 10.06 -31.28 10.01
CA ALA I 1140 10.67 -30.24 9.18
C ALA I 1140 11.90 -30.78 8.47
N GLU I 1141 12.72 -31.58 9.17
CA GLU I 1141 13.88 -32.17 8.53
C GLU I 1141 13.48 -33.08 7.38
N GLN I 1142 12.41 -33.84 7.55
CA GLN I 1142 11.92 -34.71 6.48
C GLN I 1142 11.46 -33.89 5.28
N TYR I 1143 10.77 -32.78 5.55
CA TYR I 1143 10.33 -31.91 4.46
C TYR I 1143 11.51 -31.35 3.70
N LYS I 1144 12.54 -30.91 4.42
CA LYS I 1144 13.74 -30.40 3.75
C LYS I 1144 14.42 -31.50 2.96
N HIS I 1145 14.49 -32.71 3.51
CA HIS I 1145 15.09 -33.83 2.80
C HIS I 1145 14.36 -34.10 1.49
N GLU I 1146 13.03 -34.08 1.50
CA GLU I 1146 12.27 -34.37 0.29
C GLU I 1146 12.37 -33.24 -0.72
N HIS I 1147 12.13 -32.00 -0.29
CA HIS I 1147 11.94 -30.90 -1.22
C HIS I 1147 13.24 -30.18 -1.59
N GLY I 1148 14.35 -30.51 -0.93
CA GLY I 1148 15.62 -29.89 -1.30
C GLY I 1148 15.57 -28.39 -1.14
N GLU I 1149 15.86 -27.68 -2.22
CA GLU I 1149 15.86 -26.22 -2.24
C GLU I 1149 14.47 -25.63 -2.47
N LYS I 1150 13.45 -26.46 -2.67
CA LYS I 1150 12.08 -25.98 -2.87
C LYS I 1150 11.31 -25.85 -1.56
N CYS I 1151 11.98 -25.89 -0.42
CA CYS I 1151 11.34 -25.52 0.83
C CYS I 1151 12.41 -25.02 1.80
N GLU I 1152 11.95 -24.32 2.83
CA GLU I 1152 12.81 -23.75 3.84
C GLU I 1152 12.30 -24.12 5.22
N ILE I 1153 13.21 -24.44 6.13
CA ILE I 1153 12.88 -24.80 7.49
C ILE I 1153 13.63 -23.86 8.42
N PHE I 1154 12.95 -23.37 9.46
CA PHE I 1154 13.59 -22.48 10.43
C PHE I 1154 13.12 -22.79 11.83
N GLU I 1155 14.08 -22.82 12.77
CA GLU I 1155 13.77 -23.05 14.17
C GLU I 1155 13.18 -21.80 14.80
N ILE I 1156 12.13 -21.99 15.58
CA ILE I 1156 11.52 -20.91 16.35
C ILE I 1156 12.23 -20.90 17.70
N GLU I 1157 13.01 -19.84 17.95
CA GLU I 1157 13.79 -19.78 19.19
C GLU I 1157 12.89 -19.78 20.42
N GLU I 1158 11.68 -19.25 20.31
CA GLU I 1158 10.78 -19.19 21.47
C GLU I 1158 10.30 -20.59 21.86
N SER I 1159 9.89 -21.39 20.88
CA SER I 1159 9.28 -22.68 21.13
C SER I 1159 10.19 -23.86 20.82
N GLY I 1160 11.17 -23.69 19.92
CA GLY I 1160 12.06 -24.75 19.53
C GLY I 1160 11.56 -25.62 18.38
N GLU I 1161 10.29 -25.48 18.00
CA GLU I 1161 9.76 -26.22 16.86
C GLU I 1161 10.09 -25.48 15.57
N TYR I 1162 9.98 -26.20 14.46
CA TYR I 1162 10.36 -25.68 13.16
C TYR I 1162 9.15 -25.20 12.37
N THR I 1163 9.39 -24.21 11.51
CA THR I 1163 8.40 -23.69 10.59
C THR I 1163 8.88 -23.96 9.17
N VAL I 1164 7.96 -24.45 8.33
CA VAL I 1164 8.27 -24.94 6.99
C VAL I 1164 7.54 -24.09 5.96
N ARG I 1165 8.30 -23.54 5.03
CA ARG I 1165 7.80 -22.69 3.96
C ARG I 1165 8.05 -23.41 2.63
N ILE I 1166 6.98 -23.73 1.91
CA ILE I 1166 7.04 -24.60 0.74
C ILE I 1166 7.21 -23.73 -0.50
N LEU I 1167 8.47 -23.46 -0.87
CA LEU I 1167 8.80 -22.46 -1.87
C LEU I 1167 8.21 -22.82 -3.23
N LYS I 1168 8.33 -21.88 -4.17
CA LYS I 1168 7.80 -22.04 -5.51
C LYS I 1168 8.53 -23.17 -6.23
N GLY I 1169 7.79 -23.91 -7.04
CA GLY I 1169 8.31 -25.07 -7.73
C GLY I 1169 8.24 -26.35 -6.93
N ALA I 1170 7.91 -26.27 -5.65
CA ALA I 1170 7.69 -27.46 -4.86
C ALA I 1170 6.45 -28.20 -5.33
N THR I 1171 6.49 -29.52 -5.23
CA THR I 1171 5.37 -30.37 -5.59
C THR I 1171 4.60 -30.73 -4.33
N LEU I 1172 3.28 -30.61 -4.38
CA LEU I 1172 2.40 -31.10 -3.33
C LEU I 1172 1.27 -31.88 -3.96
N TYR I 1173 0.58 -32.65 -3.11
CA TYR I 1173 -0.49 -33.55 -3.53
C TYR I 1173 -1.81 -33.03 -2.94
N VAL I 1174 -2.66 -32.46 -3.79
CA VAL I 1174 -3.98 -32.03 -3.36
C VAL I 1174 -4.95 -33.20 -3.53
N PRO I 1175 -5.71 -33.59 -2.50
CA PRO I 1175 -6.74 -34.61 -2.68
C PRO I 1175 -7.76 -34.22 -3.75
N LYS I 1176 -8.22 -35.22 -4.49
CA LYS I 1176 -9.34 -35.07 -5.40
C LYS I 1176 -10.20 -36.33 -5.31
N ALA I 1177 -11.45 -36.21 -5.75
CA ALA I 1177 -12.42 -37.28 -5.64
C ALA I 1177 -13.11 -37.50 -6.97
N LEU I 1178 -13.43 -38.77 -7.26
CA LEU I 1178 -14.16 -39.13 -8.46
C LEU I 1178 -15.30 -40.07 -8.10
N ARG I 1179 -16.36 -40.00 -8.90
CA ARG I 1179 -17.50 -40.89 -8.75
C ARG I 1179 -17.15 -42.24 -9.38
N PHE I 1180 -17.17 -43.30 -8.58
CA PHE I 1180 -16.79 -44.62 -9.06
C PHE I 1180 -18.02 -45.38 -9.54
N ASP I 1181 -17.86 -46.09 -10.66
CA ASP I 1181 -18.99 -46.69 -11.35
C ASP I 1181 -19.67 -47.80 -10.54
N ARG I 1182 -18.93 -48.48 -9.66
CA ARG I 1182 -19.48 -49.61 -8.90
C ARG I 1182 -19.85 -49.14 -7.50
N LEU I 1183 -21.15 -49.23 -7.18
CA LEU I 1183 -21.71 -48.78 -5.91
C LEU I 1183 -22.25 -49.92 -5.07
N VAL I 1184 -22.27 -51.15 -5.59
CA VAL I 1184 -23.00 -52.26 -4.99
C VAL I 1184 -22.05 -53.43 -4.82
N ALA I 1185 -22.11 -54.06 -3.64
CA ALA I 1185 -21.23 -55.17 -3.31
C ALA I 1185 -21.98 -56.18 -2.46
N GLY I 1186 -21.55 -57.43 -2.55
CA GLY I 1186 -22.05 -58.49 -1.70
C GLY I 1186 -21.36 -58.46 -0.35
N GLN I 1187 -21.79 -57.57 0.54
CA GLN I 1187 -21.12 -57.33 1.79
C GLN I 1187 -21.71 -58.18 2.91
N ILE I 1188 -20.88 -58.52 3.88
CA ILE I 1188 -21.30 -59.23 5.09
C ILE I 1188 -22.37 -58.36 5.74
N PRO I 1189 -23.40 -58.94 6.39
CA PRO I 1189 -24.48 -58.10 6.93
C PRO I 1189 -23.97 -57.04 7.90
N THR I 1190 -24.55 -55.85 7.78
CA THR I 1190 -24.18 -54.75 8.67
C THR I 1190 -24.47 -55.13 10.12
N GLY I 1191 -23.53 -54.82 11.00
CA GLY I 1191 -23.60 -55.25 12.38
C GLY I 1191 -22.94 -56.58 12.65
N TRP I 1192 -22.49 -57.29 11.62
CA TRP I 1192 -21.68 -58.47 11.82
C TRP I 1192 -20.40 -58.08 12.55
N ASP I 1193 -20.19 -58.68 13.72
CA ASP I 1193 -19.02 -58.42 14.54
C ASP I 1193 -18.39 -59.73 14.97
N ALA I 1194 -17.06 -59.73 15.04
CA ALA I 1194 -16.34 -60.90 15.54
C ALA I 1194 -16.54 -61.06 17.04
N ARG I 1195 -16.80 -59.96 17.75
CA ARG I 1195 -17.13 -60.06 19.16
C ARG I 1195 -18.37 -60.90 19.40
N THR I 1196 -19.36 -60.82 18.49
CA THR I 1196 -20.58 -61.59 18.63
C THR I 1196 -20.28 -63.09 18.67
N TYR I 1197 -19.26 -63.53 17.94
CA TYR I 1197 -18.80 -64.90 17.99
C TYR I 1197 -17.77 -65.14 19.10
N GLY I 1198 -17.18 -64.07 19.64
CA GLY I 1198 -16.31 -64.19 20.80
C GLY I 1198 -14.84 -64.03 20.53
N ILE I 1199 -14.45 -63.52 19.35
CA ILE I 1199 -13.03 -63.29 19.06
C ILE I 1199 -12.60 -62.10 19.90
N PRO I 1200 -11.59 -62.22 20.78
CA PRO I 1200 -11.19 -61.07 21.61
C PRO I 1200 -10.87 -59.82 20.80
N GLU I 1201 -11.02 -58.67 21.47
CA GLU I 1201 -10.71 -57.39 20.86
C GLU I 1201 -9.23 -57.28 20.53
N ASP I 1202 -8.36 -57.96 21.28
CA ASP I 1202 -6.94 -57.98 20.94
C ASP I 1202 -6.73 -58.59 19.56
N THR I 1203 -7.35 -59.74 19.31
CA THR I 1203 -7.30 -60.35 17.99
C THR I 1203 -7.95 -59.46 16.94
N ILE I 1204 -9.09 -58.85 17.24
CA ILE I 1204 -9.75 -58.01 16.25
C ILE I 1204 -8.88 -56.81 15.88
N SER I 1205 -8.16 -56.24 16.84
CA SER I 1205 -7.32 -55.09 16.57
C SER I 1205 -6.05 -55.48 15.83
N GLN I 1206 -5.42 -56.58 16.22
CA GLN I 1206 -4.15 -56.96 15.61
C GLN I 1206 -4.33 -57.58 14.23
N VAL I 1207 -5.41 -58.32 14.05
CA VAL I 1207 -5.62 -59.17 12.88
C VAL I 1207 -6.71 -58.57 12.01
N ASP I 1208 -6.66 -58.88 10.72
CA ASP I 1208 -7.45 -58.16 9.72
C ASP I 1208 -8.79 -58.87 9.45
N PRO I 1209 -9.79 -58.13 8.95
CA PRO I 1209 -11.16 -58.65 8.92
C PRO I 1209 -11.34 -59.92 8.09
N ILE I 1210 -10.58 -60.09 7.01
CA ILE I 1210 -10.65 -61.35 6.28
C ILE I 1210 -10.33 -62.52 7.22
N THR I 1211 -9.29 -62.36 8.03
CA THR I 1211 -8.91 -63.40 8.97
C THR I 1211 -9.95 -63.57 10.07
N LEU I 1212 -10.61 -62.50 10.50
CA LEU I 1212 -11.72 -62.68 11.42
C LEU I 1212 -12.83 -63.52 10.80
N TYR I 1213 -13.12 -63.27 9.52
CA TYR I 1213 -14.09 -64.11 8.82
C TYR I 1213 -13.62 -65.56 8.78
N VAL I 1214 -12.34 -65.78 8.52
CA VAL I 1214 -11.80 -67.14 8.45
C VAL I 1214 -11.94 -67.82 9.80
N LEU I 1215 -11.64 -67.11 10.89
CA LEU I 1215 -11.71 -67.72 12.21
C LEU I 1215 -13.14 -68.09 12.56
N VAL I 1216 -14.09 -67.20 12.29
CA VAL I 1216 -15.50 -67.51 12.55
C VAL I 1216 -15.93 -68.70 11.71
N ALA I 1217 -15.54 -68.72 10.43
CA ALA I 1217 -15.94 -69.81 9.54
C ALA I 1217 -15.32 -71.14 9.97
N THR I 1218 -14.06 -71.10 10.42
CA THR I 1218 -13.40 -72.34 10.83
C THR I 1218 -14.02 -72.88 12.10
N VAL I 1219 -14.32 -72.00 13.06
CA VAL I 1219 -15.00 -72.45 14.27
C VAL I 1219 -16.35 -73.06 13.92
N GLU I 1220 -17.13 -72.36 13.08
CA GLU I 1220 -18.44 -72.85 12.71
C GLU I 1220 -18.35 -74.15 11.93
N ALA I 1221 -17.31 -74.34 11.11
CA ALA I 1221 -17.16 -75.58 10.36
C ALA I 1221 -16.79 -76.74 11.27
N LEU I 1222 -15.88 -76.50 12.23
CA LEU I 1222 -15.52 -77.55 13.17
C LEU I 1222 -16.72 -77.96 14.00
N LEU I 1223 -17.51 -77.00 14.46
CA LEU I 1223 -18.68 -77.37 15.24
C LEU I 1223 -19.83 -77.83 14.35
N SER I 1224 -19.76 -77.59 13.04
CA SER I 1224 -20.63 -78.31 12.11
C SER I 1224 -20.24 -79.78 12.03
N ALA I 1225 -18.94 -80.05 12.05
CA ALA I 1225 -18.41 -81.41 12.20
C ALA I 1225 -18.64 -81.96 13.60
N GLY I 1226 -19.15 -81.15 14.52
CA GLY I 1226 -19.41 -81.61 15.87
C GLY I 1226 -18.21 -81.56 16.77
N ILE I 1227 -17.17 -80.85 16.35
CA ILE I 1227 -15.91 -80.77 17.08
C ILE I 1227 -16.08 -79.59 18.04
N THR I 1228 -16.68 -79.87 19.19
CA THR I 1228 -16.83 -78.85 20.22
C THR I 1228 -15.47 -78.28 20.61
N ASP I 1229 -14.50 -79.15 20.85
CA ASP I 1229 -13.14 -78.76 21.19
C ASP I 1229 -12.23 -79.08 20.03
N PRO I 1230 -11.53 -78.13 19.41
CA PRO I 1230 -10.66 -78.49 18.27
C PRO I 1230 -9.56 -79.47 18.64
N TYR I 1231 -9.18 -79.55 19.92
CA TYR I 1231 -8.19 -80.52 20.35
C TYR I 1231 -8.74 -81.94 20.40
N GLU I 1232 -10.05 -82.12 20.18
CA GLU I 1232 -10.60 -83.47 20.12
C GLU I 1232 -10.12 -84.23 18.90
N PHE I 1233 -9.61 -83.52 17.88
CA PHE I 1233 -8.92 -84.20 16.79
C PHE I 1233 -7.78 -85.05 17.32
N TYR I 1234 -7.05 -84.54 18.31
CA TYR I 1234 -5.83 -85.20 18.76
C TYR I 1234 -6.11 -86.40 19.64
N LYS I 1235 -7.37 -86.66 19.98
CA LYS I 1235 -7.72 -87.88 20.68
C LYS I 1235 -7.76 -89.07 19.73
N TYR I 1236 -7.87 -88.83 18.43
CA TYR I 1236 -7.93 -89.88 17.41
C TYR I 1236 -6.82 -89.76 16.38
N VAL I 1237 -6.12 -88.63 16.32
CA VAL I 1237 -5.19 -88.33 15.24
C VAL I 1237 -3.95 -87.70 15.86
N HIS I 1238 -2.81 -87.89 15.22
CA HIS I 1238 -1.59 -87.22 15.68
C HIS I 1238 -1.62 -85.76 15.23
N VAL I 1239 -0.96 -84.90 16.02
CA VAL I 1239 -0.95 -83.47 15.72
C VAL I 1239 -0.37 -83.19 14.34
N SER I 1240 0.42 -84.13 13.80
CA SER I 1240 1.02 -83.98 12.48
C SER I 1240 0.08 -84.35 11.33
N GLU I 1241 -1.18 -84.71 11.62
CA GLU I 1241 -2.13 -85.11 10.58
C GLU I 1241 -3.40 -84.28 10.57
N VAL I 1242 -3.39 -83.08 11.16
CA VAL I 1242 -4.49 -82.14 11.04
C VAL I 1242 -4.00 -80.93 10.26
N GLY I 1243 -4.30 -80.90 8.96
CA GLY I 1243 -3.82 -79.86 8.08
C GLY I 1243 -4.78 -78.70 7.95
N ASN I 1244 -4.35 -77.70 7.19
CA ASN I 1244 -5.19 -76.54 6.87
C ASN I 1244 -4.80 -76.11 5.45
N CYS I 1245 -5.53 -76.61 4.47
CA CYS I 1245 -5.21 -76.39 3.06
C CYS I 1245 -6.07 -75.29 2.42
N SER I 1246 -6.76 -74.50 3.22
CA SER I 1246 -7.51 -73.37 2.70
C SER I 1246 -6.57 -72.24 2.29
N GLY I 1247 -7.09 -71.30 1.51
CA GLY I 1247 -6.30 -70.15 1.11
C GLY I 1247 -7.13 -69.17 0.31
N SER I 1248 -6.65 -67.93 0.28
CA SER I 1248 -7.29 -66.84 -0.44
C SER I 1248 -6.68 -66.67 -1.82
N GLY I 1249 -7.34 -65.86 -2.63
CA GLY I 1249 -6.81 -65.46 -3.93
C GLY I 1249 -5.98 -64.20 -3.82
N MET I 1250 -6.40 -63.27 -2.97
CA MET I 1250 -5.70 -62.02 -2.75
C MET I 1250 -5.75 -61.62 -1.28
N GLY I 1251 -5.86 -62.60 -0.38
CA GLY I 1251 -6.22 -62.32 0.99
C GLY I 1251 -5.23 -61.38 1.68
N GLY I 1252 -5.73 -60.69 2.70
CA GLY I 1252 -4.96 -59.67 3.38
C GLY I 1252 -5.01 -58.31 2.74
N VAL I 1253 -6.11 -57.98 2.04
CA VAL I 1253 -6.16 -56.76 1.26
C VAL I 1253 -6.16 -55.53 2.15
N SER I 1254 -6.78 -55.62 3.33
CA SER I 1254 -6.78 -54.48 4.25
C SER I 1254 -5.35 -54.18 4.72
N ALA I 1255 -4.59 -55.23 5.03
CA ALA I 1255 -3.20 -55.03 5.43
C ALA I 1255 -2.36 -54.52 4.25
N LEU I 1256 -2.65 -55.01 3.05
CA LEU I 1256 -1.94 -54.50 1.87
C LEU I 1256 -2.21 -53.01 1.68
N ARG I 1257 -3.47 -52.60 1.82
CA ARG I 1257 -3.81 -51.18 1.74
C ARG I 1257 -3.09 -50.41 2.83
N GLY I 1258 -3.08 -50.94 4.06
CA GLY I 1258 -2.32 -50.32 5.12
C GLY I 1258 -0.90 -50.02 4.70
N MET I 1259 -0.14 -51.07 4.41
CA MET I 1259 1.29 -50.92 4.11
C MET I 1259 1.53 -50.03 2.89
N PHE I 1260 0.68 -50.13 1.86
CA PHE I 1260 0.97 -49.45 0.60
C PHE I 1260 0.46 -48.02 0.56
N LYS I 1261 -0.62 -47.67 1.27
CA LYS I 1261 -1.22 -46.35 1.22
C LYS I 1261 -1.20 -45.65 2.56
N ASP I 1262 -1.61 -46.31 3.65
CA ASP I 1262 -1.63 -45.64 4.94
C ASP I 1262 -0.22 -45.35 5.40
N ARG I 1263 0.68 -46.31 5.14
CA ARG I 1263 2.07 -46.10 5.41
C ARG I 1263 2.54 -44.97 4.58
N TYR I 1264 2.21 -44.88 3.27
CA TYR I 1264 2.64 -43.72 2.45
C TYR I 1264 2.11 -42.37 2.97
N ALA I 1265 0.90 -42.39 3.50
CA ALA I 1265 0.28 -41.22 4.12
C ALA I 1265 0.75 -40.98 5.55
N ASP I 1266 1.62 -41.85 6.09
CA ASP I 1266 2.14 -41.71 7.44
C ASP I 1266 1.05 -41.82 8.50
N LYS I 1267 -0.01 -42.56 8.19
CA LYS I 1267 -1.07 -42.79 9.15
C LYS I 1267 -0.63 -43.85 10.16
N PRO I 1268 -1.26 -43.90 11.34
CA PRO I 1268 -0.93 -44.99 12.28
C PRO I 1268 -1.24 -46.35 11.69
N VAL I 1269 -0.18 -47.15 11.50
CA VAL I 1269 -0.28 -48.51 10.98
C VAL I 1269 0.57 -49.41 11.86
N GLN I 1270 0.05 -50.60 12.15
CA GLN I 1270 0.79 -51.53 13.00
C GLN I 1270 2.09 -51.95 12.33
N ASN I 1271 3.12 -52.16 13.16
CA ASN I 1271 4.45 -52.48 12.63
C ASN I 1271 4.45 -53.81 11.88
N ASP I 1272 3.54 -54.72 12.24
CA ASP I 1272 3.48 -56.07 11.67
C ASP I 1272 2.30 -56.23 10.71
N ILE I 1273 1.99 -55.20 9.92
CA ILE I 1273 0.88 -55.28 8.98
C ILE I 1273 1.21 -56.22 7.83
N LEU I 1274 2.49 -56.36 7.49
CA LEU I 1274 2.87 -57.24 6.38
C LEU I 1274 2.57 -58.69 6.69
N GLN I 1275 2.81 -59.13 7.94
CA GLN I 1275 2.47 -60.50 8.29
C GLN I 1275 0.98 -60.75 8.14
N GLU I 1276 0.15 -59.74 8.40
CA GLU I 1276 -1.28 -59.86 8.23
C GLU I 1276 -1.70 -59.77 6.77
N SER I 1277 -0.86 -59.18 5.92
CA SER I 1277 -1.15 -59.10 4.50
C SER I 1277 -0.99 -60.43 3.77
N PHE I 1278 -0.20 -61.35 4.31
CA PHE I 1278 0.04 -62.61 3.62
C PHE I 1278 -1.25 -63.41 3.48
N ILE I 1279 -1.28 -64.27 2.44
CA ILE I 1279 -2.45 -65.10 2.20
C ILE I 1279 -2.45 -66.33 3.12
N ASN I 1280 -1.28 -66.76 3.58
CA ASN I 1280 -1.19 -67.89 4.49
C ASN I 1280 -1.32 -67.51 5.96
N THR I 1281 -1.33 -66.21 6.27
CA THR I 1281 -1.42 -65.80 7.67
C THR I 1281 -2.81 -66.05 8.24
N MET I 1282 -3.85 -66.11 7.41
CA MET I 1282 -5.16 -66.52 7.89
C MET I 1282 -5.12 -67.94 8.47
N SER I 1283 -4.57 -68.88 7.70
CA SER I 1283 -4.42 -70.24 8.20
C SER I 1283 -3.46 -70.28 9.38
N ALA I 1284 -2.43 -69.43 9.37
CA ALA I 1284 -1.50 -69.37 10.50
C ALA I 1284 -2.23 -68.98 11.79
N TRP I 1285 -3.10 -67.97 11.69
CA TRP I 1285 -3.83 -67.53 12.87
C TRP I 1285 -4.88 -68.55 13.28
N VAL I 1286 -5.49 -69.24 12.31
CA VAL I 1286 -6.42 -70.31 12.62
C VAL I 1286 -5.71 -71.39 13.44
N ASN I 1287 -4.50 -71.77 13.02
CA ASN I 1287 -3.74 -72.77 13.76
C ASN I 1287 -3.30 -72.22 15.13
N MET I 1288 -2.90 -70.96 15.18
CA MET I 1288 -2.37 -70.39 16.42
C MET I 1288 -3.47 -70.21 17.46
N LEU I 1289 -4.72 -70.07 17.02
CA LEU I 1289 -5.81 -69.78 17.94
C LEU I 1289 -6.66 -71.00 18.26
N LEU I 1290 -6.82 -71.93 17.32
CA LEU I 1290 -7.78 -73.03 17.46
C LEU I 1290 -7.13 -74.41 17.47
N LEU I 1291 -6.34 -74.75 16.44
CA LEU I 1291 -5.99 -76.15 16.23
C LEU I 1291 -4.74 -76.55 17.00
N SER I 1292 -3.67 -75.78 16.88
CA SER I 1292 -2.37 -76.16 17.45
C SER I 1292 -1.81 -77.40 16.77
N SER I 1293 -2.21 -77.64 15.53
CA SER I 1293 -1.74 -78.80 14.79
C SER I 1293 -0.35 -78.54 14.24
N SER I 1294 0.37 -79.63 13.97
CA SER I 1294 1.60 -79.58 13.20
C SER I 1294 1.44 -80.33 11.88
N GLY I 1295 0.22 -80.37 11.36
CA GLY I 1295 -0.04 -81.08 10.13
C GLY I 1295 0.29 -80.25 8.92
N PRO I 1296 0.10 -80.86 7.74
CA PRO I 1296 0.45 -80.16 6.50
C PRO I 1296 -0.32 -78.86 6.35
N ILE I 1297 0.37 -77.83 5.87
CA ILE I 1297 -0.18 -76.48 5.78
C ILE I 1297 0.07 -76.00 4.36
N LYS I 1298 -1.01 -75.90 3.58
CA LYS I 1298 -0.97 -75.45 2.20
C LYS I 1298 -1.89 -74.24 2.08
N THR I 1299 -1.45 -73.26 1.29
CA THR I 1299 -2.22 -72.03 1.09
C THR I 1299 -2.34 -71.80 -0.41
N PRO I 1300 -3.38 -72.35 -1.05
CA PRO I 1300 -3.52 -72.13 -2.49
C PRO I 1300 -3.88 -70.70 -2.83
N VAL I 1301 -3.46 -70.26 -4.01
CA VAL I 1301 -3.96 -69.04 -4.63
C VAL I 1301 -4.58 -69.46 -5.95
N GLY I 1302 -5.80 -69.01 -6.19
CA GLY I 1302 -6.51 -69.36 -7.40
C GLY I 1302 -7.40 -68.25 -7.93
N ALA I 1303 -7.27 -67.05 -7.36
CA ALA I 1303 -8.17 -65.94 -7.65
C ALA I 1303 -9.59 -66.43 -7.37
N CYS I 1304 -10.46 -66.57 -8.37
CA CYS I 1304 -11.82 -67.03 -8.11
C CYS I 1304 -11.84 -68.50 -7.73
N ALA I 1305 -11.07 -69.33 -8.43
CA ALA I 1305 -11.13 -70.78 -8.27
C ALA I 1305 -10.02 -71.28 -7.34
N THR I 1306 -10.04 -70.78 -6.11
CA THR I 1306 -9.07 -71.19 -5.10
C THR I 1306 -9.65 -72.10 -4.03
N ALA I 1307 -10.95 -72.01 -3.74
CA ALA I 1307 -11.53 -72.90 -2.74
C ALA I 1307 -11.63 -74.33 -3.26
N VAL I 1308 -11.97 -74.50 -4.54
CA VAL I 1308 -11.97 -75.83 -5.12
C VAL I 1308 -10.55 -76.37 -5.20
N GLU I 1309 -9.58 -75.49 -5.50
CA GLU I 1309 -8.18 -75.88 -5.50
C GLU I 1309 -7.71 -76.26 -4.09
N SER I 1310 -8.21 -75.56 -3.08
CA SER I 1310 -7.94 -75.93 -1.69
C SER I 1310 -8.50 -77.30 -1.38
N VAL I 1311 -9.72 -77.58 -1.85
CA VAL I 1311 -10.28 -78.92 -1.66
C VAL I 1311 -9.41 -79.96 -2.36
N ASP I 1312 -8.94 -79.65 -3.57
CA ASP I 1312 -8.11 -80.60 -4.31
C ASP I 1312 -6.80 -80.88 -3.56
N ILE I 1313 -6.16 -79.83 -3.07
CA ILE I 1313 -4.93 -80.01 -2.31
C ILE I 1313 -5.22 -80.76 -1.02
N GLY I 1314 -6.38 -80.55 -0.40
CA GLY I 1314 -6.73 -81.30 0.79
C GLY I 1314 -6.94 -82.78 0.52
N ILE I 1315 -7.61 -83.11 -0.59
CA ILE I 1315 -7.74 -84.51 -0.98
C ILE I 1315 -6.37 -85.12 -1.18
N GLU I 1316 -5.49 -84.42 -1.90
CA GLU I 1316 -4.15 -84.94 -2.12
C GLU I 1316 -3.41 -85.14 -0.81
N THR I 1317 -3.54 -84.18 0.11
CA THR I 1317 -2.86 -84.26 1.39
C THR I 1317 -3.34 -85.45 2.21
N ILE I 1318 -4.65 -85.68 2.24
CA ILE I 1318 -5.18 -86.81 2.98
C ILE I 1318 -4.76 -88.12 2.32
N LEU I 1319 -4.90 -88.21 1.00
CA LEU I 1319 -4.65 -89.48 0.32
C LEU I 1319 -3.17 -89.83 0.27
N SER I 1320 -2.28 -88.85 0.40
CA SER I 1320 -0.86 -89.13 0.49
C SER I 1320 -0.43 -89.57 1.88
N GLY I 1321 -1.34 -89.57 2.85
CA GLY I 1321 -1.02 -89.92 4.21
C GLY I 1321 -0.45 -88.78 5.03
N LYS I 1322 -0.26 -87.61 4.43
CA LYS I 1322 0.30 -86.48 5.18
C LYS I 1322 -0.67 -85.98 6.24
N ALA I 1323 -1.98 -86.09 5.97
CA ALA I 1323 -3.00 -85.65 6.90
C ALA I 1323 -4.12 -86.69 6.96
N LYS I 1324 -4.90 -86.62 8.02
CA LYS I 1324 -6.17 -87.32 8.13
C LYS I 1324 -7.35 -86.37 8.15
N VAL I 1325 -7.18 -85.18 8.73
CA VAL I 1325 -8.17 -84.11 8.75
C VAL I 1325 -7.51 -82.89 8.12
N VAL I 1326 -8.27 -82.13 7.33
CA VAL I 1326 -7.73 -80.89 6.81
C VAL I 1326 -8.87 -79.90 6.62
N LEU I 1327 -8.55 -78.62 6.84
CA LEU I 1327 -9.45 -77.50 6.64
C LEU I 1327 -9.23 -76.96 5.23
N VAL I 1328 -10.23 -77.09 4.37
CA VAL I 1328 -10.15 -76.67 2.97
C VAL I 1328 -11.19 -75.59 2.74
N GLY I 1329 -10.84 -74.58 1.96
CA GLY I 1329 -11.79 -73.54 1.66
C GLY I 1329 -11.10 -72.32 1.07
N GLY I 1330 -11.78 -71.19 1.18
CA GLY I 1330 -11.27 -69.97 0.60
C GLY I 1330 -11.96 -68.75 1.18
N TYR I 1331 -11.27 -67.62 1.08
CA TYR I 1331 -11.74 -66.39 1.71
C TYR I 1331 -11.20 -65.19 0.97
N ASP I 1332 -11.98 -64.11 0.96
CA ASP I 1332 -11.51 -62.83 0.47
C ASP I 1332 -12.31 -61.72 1.12
N ASP I 1333 -11.78 -60.50 1.03
CA ASP I 1333 -12.43 -59.32 1.55
C ASP I 1333 -12.65 -58.35 0.40
N PHE I 1334 -13.65 -57.49 0.58
CA PHE I 1334 -13.95 -56.43 -0.37
C PHE I 1334 -13.29 -55.16 0.13
N GLN I 1335 -12.57 -54.48 -0.77
CA GLN I 1335 -11.91 -53.24 -0.41
C GLN I 1335 -11.89 -52.32 -1.61
N GLU I 1336 -11.58 -51.06 -1.33
CA GLU I 1336 -11.65 -49.99 -2.32
C GLU I 1336 -10.79 -50.33 -3.54
N GLU I 1337 -9.54 -50.71 -3.32
CA GLU I 1337 -8.61 -50.86 -4.43
C GLU I 1337 -8.92 -52.11 -5.24
N GLY I 1338 -9.25 -53.21 -4.58
CA GLY I 1338 -9.65 -54.41 -5.30
C GLY I 1338 -10.88 -54.18 -6.15
N SER I 1339 -11.88 -53.51 -5.58
CA SER I 1339 -13.09 -53.18 -6.35
C SER I 1339 -12.74 -52.32 -7.55
N TYR I 1340 -11.89 -51.32 -7.35
CA TYR I 1340 -11.54 -50.40 -8.42
C TYR I 1340 -10.81 -51.11 -9.54
N GLU I 1341 -9.90 -52.01 -9.19
CA GLU I 1341 -9.16 -52.73 -10.23
C GLU I 1341 -10.06 -53.72 -10.96
N PHE I 1342 -10.96 -54.39 -10.25
CA PHE I 1342 -11.92 -55.25 -10.93
C PHE I 1342 -12.79 -54.45 -11.88
N ALA I 1343 -13.06 -53.19 -11.54
CA ALA I 1343 -13.82 -52.33 -12.44
C ALA I 1343 -12.98 -51.89 -13.64
N ASN I 1344 -11.68 -51.66 -13.45
CA ASN I 1344 -10.83 -51.25 -14.56
C ASN I 1344 -10.86 -52.26 -15.69
N MET I 1345 -10.80 -53.55 -15.36
CA MET I 1345 -10.78 -54.60 -16.37
C MET I 1345 -12.18 -54.98 -16.84
N ASN I 1346 -13.20 -54.20 -16.46
CA ASN I 1346 -14.57 -54.46 -16.88
C ASN I 1346 -15.03 -55.85 -16.47
N ALA I 1347 -14.56 -56.30 -15.30
CA ALA I 1347 -14.93 -57.61 -14.77
C ALA I 1347 -16.17 -57.51 -13.89
N THR I 1348 -16.26 -56.48 -13.06
CA THR I 1348 -17.46 -56.21 -12.30
C THR I 1348 -18.50 -55.53 -13.20
N SER I 1349 -19.75 -55.55 -12.73
CA SER I 1349 -20.84 -54.92 -13.46
C SER I 1349 -20.94 -53.45 -13.08
N ASN I 1350 -21.13 -52.59 -14.08
CA ASN I 1350 -21.28 -51.16 -13.83
C ASN I 1350 -22.64 -50.90 -13.21
N SER I 1351 -22.65 -50.51 -11.94
CA SER I 1351 -23.92 -50.30 -11.23
C SER I 1351 -24.68 -49.11 -11.81
N ILE I 1352 -23.98 -48.12 -12.35
CA ILE I 1352 -24.67 -46.99 -12.96
C ILE I 1352 -25.41 -47.43 -14.22
N GLU I 1353 -24.77 -48.27 -15.03
CA GLU I 1353 -25.45 -48.83 -16.19
C GLU I 1353 -26.61 -49.73 -15.77
N GLU I 1354 -26.44 -50.46 -14.65
CA GLU I 1354 -27.54 -51.26 -14.14
C GLU I 1354 -28.73 -50.39 -13.75
N PHE I 1355 -28.47 -49.28 -13.07
CA PHE I 1355 -29.54 -48.34 -12.71
C PHE I 1355 -30.17 -47.76 -13.97
N LYS I 1356 -29.36 -47.48 -14.99
CA LYS I 1356 -29.90 -47.04 -16.27
C LYS I 1356 -30.83 -48.11 -16.87
N HIS I 1357 -30.52 -49.38 -16.66
CA HIS I 1357 -31.38 -50.48 -17.08
C HIS I 1357 -32.49 -50.76 -16.07
N GLY I 1358 -32.57 -50.00 -14.97
CA GLY I 1358 -33.65 -50.15 -14.03
C GLY I 1358 -33.45 -51.24 -13.00
N ARG I 1359 -32.25 -51.82 -12.93
CA ARG I 1359 -31.99 -52.91 -12.01
C ARG I 1359 -31.74 -52.38 -10.60
N THR I 1360 -31.96 -53.25 -9.62
CA THR I 1360 -31.71 -52.99 -8.21
C THR I 1360 -30.57 -53.89 -7.73
N PRO I 1361 -29.96 -53.58 -6.59
CA PRO I 1361 -28.89 -54.46 -6.08
C PRO I 1361 -29.34 -55.89 -5.87
N LYS I 1362 -30.58 -56.12 -5.45
CA LYS I 1362 -31.05 -57.47 -5.20
C LYS I 1362 -31.14 -58.31 -6.47
N GLU I 1363 -31.08 -57.68 -7.65
CA GLU I 1363 -31.09 -58.39 -8.93
C GLU I 1363 -29.88 -58.03 -9.78
N MET I 1364 -28.82 -57.50 -9.17
CA MET I 1364 -27.65 -57.07 -9.95
C MET I 1364 -26.87 -58.28 -10.47
N SER I 1365 -26.70 -59.30 -9.64
CA SER I 1365 -26.02 -60.51 -10.05
C SER I 1365 -27.01 -61.38 -10.80
N ARG I 1366 -26.78 -61.56 -12.10
CA ARG I 1366 -27.68 -62.28 -13.00
C ARG I 1366 -26.91 -63.36 -13.74
N PRO I 1367 -26.61 -64.47 -13.07
CA PRO I 1367 -25.93 -65.57 -13.77
C PRO I 1367 -26.76 -66.11 -14.91
N THR I 1368 -26.07 -66.53 -15.98
CA THR I 1368 -26.66 -67.28 -17.10
C THR I 1368 -27.86 -66.55 -17.71
N THR I 1369 -27.80 -65.23 -17.66
CA THR I 1369 -28.88 -64.35 -18.09
C THR I 1369 -28.49 -63.64 -19.38
N THR I 1370 -29.50 -63.28 -20.18
CA THR I 1370 -29.24 -62.66 -21.48
C THR I 1370 -28.45 -61.37 -21.34
N THR I 1371 -28.82 -60.53 -20.36
CA THR I 1371 -28.29 -59.19 -20.22
C THR I 1371 -27.20 -59.06 -19.16
N ARG I 1372 -26.65 -60.18 -18.69
CA ARG I 1372 -25.60 -60.12 -17.68
C ARG I 1372 -24.39 -59.34 -18.20
N ASN I 1373 -23.85 -58.48 -17.35
CA ASN I 1373 -22.80 -57.54 -17.76
C ASN I 1373 -21.71 -57.41 -16.69
N GLY I 1374 -21.30 -58.53 -16.10
CA GLY I 1374 -20.21 -58.55 -15.15
C GLY I 1374 -20.65 -59.10 -13.80
N PHE I 1375 -19.64 -59.51 -13.03
CA PHE I 1375 -19.91 -60.19 -11.77
C PHE I 1375 -20.09 -59.19 -10.64
N MET I 1376 -20.72 -59.69 -9.56
CA MET I 1376 -21.01 -58.90 -8.38
C MET I 1376 -19.98 -59.25 -7.32
N GLU I 1377 -19.11 -58.30 -7.00
CA GLU I 1377 -18.06 -58.56 -6.02
C GLU I 1377 -18.64 -58.67 -4.62
N ALA I 1378 -18.17 -59.69 -3.89
CA ALA I 1378 -18.63 -59.95 -2.53
C ALA I 1378 -17.41 -60.17 -1.65
N GLN I 1379 -17.68 -60.37 -0.36
CA GLN I 1379 -16.64 -60.64 0.62
C GLN I 1379 -17.11 -61.76 1.53
N GLY I 1380 -16.17 -62.42 2.18
CA GLY I 1380 -16.47 -63.42 3.17
C GLY I 1380 -15.53 -64.59 3.04
N SER I 1381 -15.86 -65.63 3.81
CA SER I 1381 -15.04 -66.82 3.95
C SER I 1381 -15.92 -68.06 3.89
N GLY I 1382 -15.32 -69.16 3.45
CA GLY I 1382 -16.00 -70.44 3.42
C GLY I 1382 -15.02 -71.54 3.74
N ILE I 1383 -15.34 -72.35 4.75
CA ILE I 1383 -14.45 -73.38 5.26
C ILE I 1383 -15.20 -74.70 5.33
N GLN I 1384 -14.48 -75.78 5.07
CA GLN I 1384 -14.97 -77.15 5.20
C GLN I 1384 -13.91 -77.96 5.94
N VAL I 1385 -14.36 -78.80 6.86
CA VAL I 1385 -13.49 -79.74 7.55
C VAL I 1385 -13.72 -81.07 6.84
N ILE I 1386 -12.68 -81.53 6.11
CA ILE I 1386 -12.76 -82.77 5.35
C ILE I 1386 -11.84 -83.78 6.02
N MET I 1387 -12.28 -85.04 6.06
CA MET I 1387 -11.56 -86.08 6.76
C MET I 1387 -11.66 -87.36 5.96
N THR I 1388 -10.92 -88.37 6.39
CA THR I 1388 -11.07 -89.70 5.81
C THR I 1388 -12.39 -90.31 6.27
N ALA I 1389 -12.93 -91.20 5.45
CA ALA I 1389 -14.17 -91.87 5.83
C ALA I 1389 -13.98 -92.73 7.07
N ASP I 1390 -12.86 -93.46 7.15
CA ASP I 1390 -12.61 -94.29 8.32
C ASP I 1390 -12.52 -93.44 9.58
N LEU I 1391 -11.79 -92.33 9.52
CA LEU I 1391 -11.68 -91.47 10.68
C LEU I 1391 -13.03 -90.85 11.04
N ALA I 1392 -13.79 -90.40 10.04
CA ALA I 1392 -15.08 -89.81 10.32
C ALA I 1392 -16.00 -90.80 11.02
N LEU I 1393 -15.99 -92.05 10.57
CA LEU I 1393 -16.76 -93.07 11.26
C LEU I 1393 -16.24 -93.31 12.67
N LYS I 1394 -14.92 -93.30 12.85
CA LYS I 1394 -14.34 -93.60 14.16
C LYS I 1394 -14.72 -92.53 15.19
N MET I 1395 -14.58 -91.26 14.82
CA MET I 1395 -14.96 -90.16 15.72
C MET I 1395 -16.46 -89.88 15.74
N GLY I 1396 -17.23 -90.43 14.81
CA GLY I 1396 -18.65 -90.17 14.79
C GLY I 1396 -19.01 -88.73 14.47
N VAL I 1397 -18.28 -88.10 13.56
CA VAL I 1397 -18.61 -86.76 13.07
C VAL I 1397 -19.68 -86.91 12.00
N PRO I 1398 -20.48 -85.87 11.72
CA PRO I 1398 -21.50 -85.98 10.67
C PRO I 1398 -20.85 -85.95 9.29
N ILE I 1399 -20.97 -87.05 8.55
CA ILE I 1399 -20.40 -87.13 7.21
C ILE I 1399 -21.39 -86.45 6.28
N HIS I 1400 -21.07 -85.20 5.90
CA HIS I 1400 -22.00 -84.42 5.10
C HIS I 1400 -22.01 -84.89 3.64
N ALA I 1401 -20.85 -85.20 3.08
CA ALA I 1401 -20.82 -85.75 1.73
C ALA I 1401 -19.45 -86.37 1.49
N VAL I 1402 -19.32 -87.03 0.34
CA VAL I 1402 -18.08 -87.69 -0.07
C VAL I 1402 -17.50 -86.90 -1.23
N LEU I 1403 -16.26 -86.43 -1.07
CA LEU I 1403 -15.51 -85.79 -2.15
C LEU I 1403 -15.00 -86.89 -3.09
N ALA I 1404 -15.87 -87.29 -4.02
CA ALA I 1404 -15.52 -88.33 -4.97
C ALA I 1404 -14.45 -87.87 -5.94
N MET I 1405 -14.45 -86.58 -6.31
CA MET I 1405 -13.45 -86.09 -7.24
C MET I 1405 -13.08 -84.65 -6.91
N THR I 1406 -11.82 -84.30 -7.18
CA THR I 1406 -11.41 -82.90 -7.21
C THR I 1406 -10.22 -82.78 -8.15
N ALA I 1407 -10.20 -81.72 -8.95
CA ALA I 1407 -9.16 -81.54 -9.94
C ALA I 1407 -9.04 -80.07 -10.32
N THR I 1408 -7.86 -79.71 -10.84
CA THR I 1408 -7.58 -78.36 -11.31
C THR I 1408 -6.89 -78.45 -12.67
N ALA I 1409 -6.99 -77.37 -13.43
CA ALA I 1409 -6.44 -77.36 -14.79
C ALA I 1409 -6.23 -75.94 -15.26
N THR I 1410 -5.38 -75.79 -16.28
CA THR I 1410 -5.17 -74.55 -17.01
C THR I 1410 -5.66 -74.73 -18.44
N ASP I 1411 -5.85 -73.61 -19.14
CA ASP I 1411 -6.45 -73.68 -20.46
C ASP I 1411 -5.43 -73.91 -21.58
N LYS I 1412 -4.62 -72.90 -21.90
CA LYS I 1412 -3.81 -72.93 -23.11
C LYS I 1412 -2.94 -71.68 -23.28
N ILE I 1413 -2.20 -71.62 -24.39
CA ILE I 1413 -1.55 -70.38 -24.81
C ILE I 1413 -2.61 -69.28 -24.91
N GLY I 1414 -2.30 -68.12 -24.35
CA GLY I 1414 -3.15 -66.97 -24.52
C GLY I 1414 -2.41 -65.72 -24.10
N ARG I 1415 -3.12 -64.60 -24.17
CA ARG I 1415 -2.63 -63.35 -23.64
C ARG I 1415 -3.70 -62.66 -22.79
N SER I 1416 -4.60 -63.44 -22.21
CA SER I 1416 -5.70 -62.95 -21.39
C SER I 1416 -5.74 -63.74 -20.09
N VAL I 1417 -5.29 -63.10 -19.01
CA VAL I 1417 -5.26 -63.72 -17.68
C VAL I 1417 -6.67 -64.04 -17.18
N PRO I 1418 -7.60 -63.07 -17.15
CA PRO I 1418 -8.91 -63.37 -16.56
C PRO I 1418 -9.83 -64.16 -17.47
N ALA I 1419 -9.43 -64.44 -18.70
CA ALA I 1419 -10.29 -65.19 -19.61
C ALA I 1419 -10.42 -66.63 -19.12
N PRO I 1420 -11.65 -67.14 -18.90
CA PRO I 1420 -11.79 -68.56 -18.58
C PRO I 1420 -11.50 -69.42 -19.79
N GLY I 1421 -11.47 -70.73 -19.61
CA GLY I 1421 -11.25 -71.61 -20.75
C GLY I 1421 -11.62 -73.02 -20.39
N LYS I 1422 -11.45 -73.90 -21.38
CA LYS I 1422 -11.90 -75.29 -21.30
C LYS I 1422 -10.87 -76.19 -20.62
N GLY I 1423 -10.00 -75.64 -19.79
CA GLY I 1423 -8.99 -76.46 -19.14
C GLY I 1423 -9.58 -77.48 -18.17
N ILE I 1424 -10.51 -77.03 -17.31
CA ILE I 1424 -11.06 -77.93 -16.29
C ILE I 1424 -11.96 -78.99 -16.89
N LEU I 1425 -12.31 -78.86 -18.16
CA LEU I 1425 -12.93 -79.97 -18.87
C LEU I 1425 -12.07 -81.23 -18.83
N THR I 1426 -10.78 -81.12 -18.44
CA THR I 1426 -9.86 -82.26 -18.35
C THR I 1426 -10.28 -83.34 -17.35
N THR I 1427 -11.36 -83.15 -16.60
CA THR I 1427 -11.79 -84.19 -15.65
C THR I 1427 -12.67 -85.25 -16.30
N ALA I 1428 -13.07 -85.08 -17.56
CA ALA I 1428 -14.05 -85.94 -18.22
C ALA I 1428 -13.46 -86.57 -19.47
N ARG I 1429 -12.26 -87.13 -19.36
CA ARG I 1429 -11.45 -87.47 -20.51
C ARG I 1429 -11.23 -88.98 -20.58
N GLU I 1430 -11.58 -89.56 -21.73
CA GLU I 1430 -11.43 -91.00 -21.89
C GLU I 1430 -11.28 -91.35 -23.35
N HIS I 1431 -10.71 -92.52 -23.59
CA HIS I 1431 -10.49 -93.06 -24.93
C HIS I 1431 -11.71 -93.90 -25.32
N HIS I 1432 -12.18 -93.70 -26.54
CA HIS I 1432 -13.28 -94.50 -27.09
C HIS I 1432 -12.90 -95.28 -28.33
N GLY I 1433 -11.79 -94.92 -28.98
CA GLY I 1433 -11.34 -95.64 -30.16
C GLY I 1433 -10.82 -97.03 -29.86
N SER I 1439 -16.18 -103.04 -20.80
CA SER I 1439 -15.20 -102.69 -19.77
C SER I 1439 -15.57 -103.32 -18.43
N PRO I 1440 -15.10 -104.53 -18.14
CA PRO I 1440 -15.38 -105.14 -16.83
C PRO I 1440 -14.82 -104.33 -15.67
N LEU I 1441 -13.81 -103.49 -15.90
CA LEU I 1441 -13.30 -102.66 -14.81
C LEU I 1441 -14.33 -101.66 -14.33
N LEU I 1442 -15.28 -101.28 -15.18
CA LEU I 1442 -16.37 -100.41 -14.74
C LEU I 1442 -17.44 -101.17 -13.98
N ASN I 1443 -17.42 -102.50 -14.01
CA ASN I 1443 -18.39 -103.32 -13.29
C ASN I 1443 -17.88 -103.60 -11.89
N ILE I 1444 -18.76 -103.46 -10.91
CA ILE I 1444 -18.35 -103.58 -9.51
C ILE I 1444 -18.35 -105.03 -9.02
N LYS I 1445 -19.21 -105.89 -9.59
CA LYS I 1445 -19.16 -107.30 -9.21
C LYS I 1445 -17.82 -107.91 -9.59
N TYR I 1446 -17.30 -107.58 -10.77
CA TYR I 1446 -15.98 -108.05 -11.18
C TYR I 1446 -14.91 -107.55 -10.22
N ARG I 1447 -14.92 -106.25 -9.92
CA ARG I 1447 -13.97 -105.69 -8.97
C ARG I 1447 -14.13 -106.34 -7.60
N LYS I 1448 -15.37 -106.61 -7.19
CA LYS I 1448 -15.59 -107.19 -5.88
C LYS I 1448 -15.02 -108.60 -5.79
N ARG I 1449 -15.20 -109.42 -6.82
CA ARG I 1449 -14.66 -110.78 -6.77
C ARG I 1449 -13.13 -110.77 -6.87
N GLN I 1450 -12.58 -109.86 -7.68
CA GLN I 1450 -11.13 -109.68 -7.70
C GLN I 1450 -10.61 -109.38 -6.30
N LEU I 1451 -11.23 -108.42 -5.62
CA LEU I 1451 -10.83 -108.08 -4.27
C LEU I 1451 -11.03 -109.25 -3.31
N ASN I 1452 -12.08 -110.03 -3.51
CA ASN I 1452 -12.34 -111.16 -2.61
C ASN I 1452 -11.20 -112.16 -2.66
N LYS I 1453 -10.81 -112.60 -3.86
CA LYS I 1453 -9.70 -113.54 -3.92
C LYS I 1453 -8.36 -112.89 -3.58
N ARG I 1454 -8.20 -111.59 -3.79
CA ARG I 1454 -7.01 -110.93 -3.29
C ARG I 1454 -6.96 -110.97 -1.76
N LEU I 1455 -8.11 -110.78 -1.11
CA LEU I 1455 -8.16 -110.86 0.36
C LEU I 1455 -7.84 -112.26 0.85
N GLU I 1456 -8.32 -113.29 0.14
CA GLU I 1456 -7.98 -114.65 0.55
C GLU I 1456 -6.49 -114.93 0.36
N GLN I 1457 -5.88 -114.40 -0.70
CA GLN I 1457 -4.43 -114.47 -0.81
C GLN I 1457 -3.75 -113.78 0.35
N ILE I 1458 -4.29 -112.63 0.77
CA ILE I 1458 -3.69 -111.87 1.87
C ILE I 1458 -3.76 -112.66 3.18
N LYS I 1459 -4.89 -113.33 3.44
CA LYS I 1459 -4.99 -114.09 4.68
C LYS I 1459 -4.08 -115.31 4.65
N SER I 1460 -3.90 -115.93 3.48
CA SER I 1460 -2.90 -116.99 3.37
C SER I 1460 -1.51 -116.46 3.69
N TRP I 1461 -1.20 -115.26 3.16
CA TRP I 1461 0.09 -114.63 3.45
C TRP I 1461 0.26 -114.37 4.94
N GLU I 1462 -0.80 -113.90 5.60
CA GLU I 1462 -0.75 -113.64 7.03
C GLU I 1462 -0.48 -114.92 7.81
N GLU I 1463 -1.16 -116.01 7.44
CA GLU I 1463 -0.94 -117.27 8.14
C GLU I 1463 0.50 -117.75 7.95
N THR I 1464 1.03 -117.64 6.73
CA THR I 1464 2.41 -118.04 6.50
C THR I 1464 3.38 -117.20 7.32
N GLU I 1465 3.15 -115.89 7.38
CA GLU I 1465 4.04 -115.01 8.14
C GLU I 1465 4.00 -115.33 9.63
N LEU I 1466 2.80 -115.60 10.17
CA LEU I 1466 2.71 -115.97 11.58
C LEU I 1466 3.40 -117.30 11.85
N SER I 1467 3.27 -118.26 10.93
CA SER I 1467 3.96 -119.53 11.10
C SER I 1467 5.47 -119.34 11.11
N TYR I 1468 5.99 -118.48 10.22
CA TYR I 1468 7.41 -118.19 10.23
C TYR I 1468 7.84 -117.50 11.52
N LEU I 1469 7.03 -116.56 12.00
CA LEU I 1469 7.32 -115.89 13.26
C LEU I 1469 7.35 -116.89 14.41
N GLN I 1470 6.56 -117.95 14.33
CA GLN I 1470 6.64 -119.00 15.35
C GLN I 1470 8.04 -119.59 15.41
N GLU I 1471 8.66 -119.83 14.25
CA GLU I 1471 10.05 -120.26 14.25
C GLU I 1471 10.97 -119.18 14.78
N GLU I 1472 10.75 -117.93 14.37
CA GLU I 1472 11.57 -116.83 14.88
C GLU I 1472 11.31 -116.61 16.36
N SER I 1485 13.94 -111.72 25.47
CA SER I 1485 12.54 -111.30 25.60
C SER I 1485 11.70 -111.90 24.48
N MET I 1486 11.41 -113.19 24.58
CA MET I 1486 10.64 -113.87 23.55
C MET I 1486 9.23 -113.27 23.45
N HIS I 1487 8.61 -112.98 24.60
CA HIS I 1487 7.26 -112.41 24.58
C HIS I 1487 7.26 -111.05 23.90
N GLU I 1488 8.23 -110.19 24.22
CA GLU I 1488 8.28 -108.86 23.61
C GLU I 1488 8.54 -108.97 22.11
N PHE I 1489 9.45 -109.86 21.70
CA PHE I 1489 9.73 -110.05 20.29
C PHE I 1489 8.49 -110.54 19.55
N LEU I 1490 7.78 -111.50 20.13
CA LEU I 1490 6.56 -112.02 19.51
C LEU I 1490 5.51 -110.93 19.42
N LYS I 1491 5.36 -110.11 20.47
CA LYS I 1491 4.38 -109.04 20.42
C LYS I 1491 4.70 -108.05 19.31
N GLU I 1492 5.95 -107.61 19.22
CA GLU I 1492 6.33 -106.65 18.19
C GLU I 1492 6.13 -107.22 16.80
N ARG I 1493 6.54 -108.47 16.58
CA ARG I 1493 6.43 -109.04 15.24
C ARG I 1493 5.00 -109.39 14.87
N THR I 1494 4.17 -109.76 15.85
CA THR I 1494 2.75 -109.96 15.58
C THR I 1494 2.09 -108.64 15.21
N GLU I 1495 2.44 -107.56 15.91
CA GLU I 1495 1.95 -106.24 15.52
C GLU I 1495 2.36 -105.92 14.09
N GLU I 1496 3.62 -106.20 13.75
CA GLU I 1496 4.09 -105.92 12.39
C GLU I 1496 3.32 -106.73 11.36
N VAL I 1497 3.10 -108.02 11.63
CA VAL I 1497 2.38 -108.87 10.68
C VAL I 1497 0.94 -108.39 10.51
N TYR I 1498 0.29 -108.05 11.63
CA TYR I 1498 -1.09 -107.56 11.54
C TYR I 1498 -1.14 -106.25 10.75
N ARG I 1499 -0.22 -105.33 11.01
CA ARG I 1499 -0.21 -104.07 10.28
C ARG I 1499 0.05 -104.29 8.80
N GLU I 1500 0.95 -105.21 8.48
CA GLU I 1500 1.27 -105.47 7.08
C GLU I 1500 0.11 -106.12 6.34
N SER I 1501 -0.56 -107.08 6.98
CA SER I 1501 -1.74 -107.68 6.36
C SER I 1501 -2.86 -106.66 6.20
N LYS I 1502 -3.05 -105.80 7.20
CA LYS I 1502 -4.05 -104.74 7.09
C LYS I 1502 -3.72 -103.81 5.94
N ARG I 1503 -2.44 -103.50 5.74
CA ARG I 1503 -2.06 -102.62 4.65
C ARG I 1503 -2.20 -103.29 3.30
N GLN I 1504 -1.92 -104.59 3.22
CA GLN I 1504 -2.17 -105.32 1.98
C GLN I 1504 -3.65 -105.30 1.63
N VAL I 1505 -4.51 -105.49 2.64
CA VAL I 1505 -5.95 -105.39 2.43
C VAL I 1505 -6.31 -103.99 1.98
N SER I 1506 -5.75 -102.96 2.63
CA SER I 1506 -6.08 -101.58 2.28
C SER I 1506 -5.65 -101.25 0.86
N ASP I 1507 -4.47 -101.72 0.45
CA ASP I 1507 -4.01 -101.48 -0.92
C ASP I 1507 -4.87 -102.22 -1.93
N ALA I 1508 -5.29 -103.43 -1.59
CA ALA I 1508 -6.21 -104.17 -2.47
C ALA I 1508 -7.51 -103.41 -2.65
N LYS I 1509 -8.09 -102.93 -1.54
CA LYS I 1509 -9.33 -102.18 -1.61
C LYS I 1509 -9.14 -100.87 -2.37
N LYS I 1510 -7.98 -100.23 -2.19
CA LYS I 1510 -7.68 -99.01 -2.93
C LYS I 1510 -7.61 -99.28 -4.43
N GLN I 1511 -6.97 -100.38 -4.81
CA GLN I 1511 -6.81 -100.69 -6.23
C GLN I 1511 -8.14 -101.06 -6.87
N TRP I 1512 -8.96 -101.85 -6.18
CA TRP I 1512 -10.15 -102.42 -6.79
C TRP I 1512 -11.42 -101.61 -6.55
N GLY I 1513 -11.41 -100.66 -5.62
CA GLY I 1513 -12.59 -99.85 -5.33
C GLY I 1513 -12.41 -98.35 -5.44
N ASN I 1514 -11.20 -97.86 -5.18
CA ASN I 1514 -10.93 -96.43 -5.14
C ASN I 1514 -10.12 -95.94 -6.34
N SER I 1515 -9.03 -96.63 -6.67
CA SER I 1515 -8.10 -96.22 -7.71
C SER I 1515 -8.14 -97.16 -8.92
N PHE I 1516 -9.25 -97.87 -9.11
CA PHE I 1516 -9.37 -98.79 -10.23
C PHE I 1516 -9.33 -98.06 -11.56
N TYR I 1517 -9.76 -96.80 -11.59
CA TYR I 1517 -9.91 -96.05 -12.84
C TYR I 1517 -8.75 -95.13 -13.14
N LYS I 1518 -7.79 -94.98 -12.22
CA LYS I 1518 -6.62 -94.16 -12.51
C LYS I 1518 -5.83 -94.75 -13.66
N SER I 1519 -5.98 -96.05 -13.90
CA SER I 1519 -5.20 -96.80 -14.87
C SER I 1519 -5.95 -97.06 -16.17
N ASP I 1520 -7.20 -96.64 -16.27
CA ASP I 1520 -8.02 -96.92 -17.45
C ASP I 1520 -8.23 -95.63 -18.23
N PRO I 1521 -7.59 -95.45 -19.39
CA PRO I 1521 -7.99 -94.31 -20.24
C PRO I 1521 -9.46 -94.36 -20.60
N ARG I 1522 -10.01 -95.54 -20.85
CA ARG I 1522 -11.42 -95.64 -21.21
C ARG I 1522 -12.35 -95.16 -20.11
N ILE I 1523 -11.87 -95.04 -18.88
CA ILE I 1523 -12.64 -94.51 -17.76
C ILE I 1523 -12.12 -93.11 -17.46
N ALA I 1524 -12.99 -92.12 -17.57
CA ALA I 1524 -12.60 -90.75 -17.27
C ALA I 1524 -12.44 -90.56 -15.77
N PRO I 1525 -11.71 -89.53 -15.34
CA PRO I 1525 -11.66 -89.26 -13.89
C PRO I 1525 -13.03 -89.05 -13.27
N LEU I 1526 -13.90 -88.27 -13.93
CA LEU I 1526 -15.24 -88.04 -13.40
C LEU I 1526 -16.06 -89.32 -13.40
N ARG I 1527 -16.02 -90.05 -14.52
CA ARG I 1527 -16.80 -91.28 -14.64
C ARG I 1527 -16.39 -92.29 -13.58
N GLY I 1528 -15.09 -92.44 -13.36
CA GLY I 1528 -14.63 -93.42 -12.40
C GLY I 1528 -14.80 -92.96 -10.96
N ALA I 1529 -14.72 -91.66 -10.72
CA ALA I 1529 -15.02 -91.14 -9.39
C ALA I 1529 -16.46 -91.41 -9.02
N LEU I 1530 -17.37 -91.29 -9.99
CA LEU I 1530 -18.76 -91.67 -9.73
C LEU I 1530 -18.91 -93.19 -9.61
N ALA I 1531 -18.24 -93.94 -10.49
CA ALA I 1531 -18.39 -95.40 -10.51
C ALA I 1531 -17.81 -96.06 -9.27
N ALA I 1532 -16.92 -95.36 -8.54
CA ALA I 1532 -16.44 -95.89 -7.28
C ALA I 1532 -17.57 -96.17 -6.30
N PHE I 1533 -18.70 -95.46 -6.46
CA PHE I 1533 -19.90 -95.66 -5.65
C PHE I 1533 -21.06 -96.21 -6.48
N ASN I 1534 -20.78 -96.89 -7.58
CA ASN I 1534 -21.80 -97.45 -8.46
C ASN I 1534 -22.76 -96.38 -8.96
N LEU I 1535 -22.23 -95.20 -9.26
CA LEU I 1535 -23.00 -94.09 -9.79
C LEU I 1535 -22.59 -93.84 -11.23
N THR I 1536 -23.56 -93.76 -12.13
CA THR I 1536 -23.31 -93.38 -13.50
C THR I 1536 -23.30 -91.87 -13.64
N ILE I 1537 -23.00 -91.40 -14.85
CA ILE I 1537 -22.91 -89.97 -15.10
C ILE I 1537 -24.28 -89.33 -14.89
N ASP I 1538 -25.34 -90.05 -15.24
CA ASP I 1538 -26.69 -89.57 -15.04
C ASP I 1538 -26.98 -89.25 -13.58
N ASP I 1539 -26.22 -89.83 -12.65
CA ASP I 1539 -26.47 -89.58 -11.24
C ASP I 1539 -25.92 -88.23 -10.79
N ILE I 1540 -25.19 -87.51 -11.63
CA ILE I 1540 -24.83 -86.13 -11.34
C ILE I 1540 -26.07 -85.29 -11.65
N GLY I 1541 -26.83 -84.94 -10.62
CA GLY I 1541 -28.06 -84.22 -10.80
C GLY I 1541 -27.88 -82.71 -10.89
N VAL I 1542 -27.00 -82.17 -10.04
CA VAL I 1542 -26.80 -80.74 -9.92
C VAL I 1542 -25.37 -80.39 -10.32
N ALA I 1543 -25.21 -79.28 -11.02
CA ALA I 1543 -23.91 -78.70 -11.32
C ALA I 1543 -23.87 -77.32 -10.69
N SER I 1544 -23.13 -77.20 -9.59
CA SER I 1544 -22.92 -75.90 -8.97
C SER I 1544 -21.97 -75.10 -9.85
N PHE I 1545 -22.56 -74.23 -10.67
CA PHE I 1545 -21.80 -73.45 -11.62
C PHE I 1545 -21.08 -72.30 -10.91
N HIS I 1546 -19.90 -71.97 -11.43
CA HIS I 1546 -19.23 -70.75 -10.98
C HIS I 1546 -20.16 -69.56 -11.11
N GLY I 1547 -20.87 -69.45 -12.23
CA GLY I 1547 -22.04 -68.60 -12.36
C GLY I 1547 -21.81 -67.16 -11.96
N THR I 1548 -20.76 -66.54 -12.49
CA THR I 1548 -20.35 -65.22 -12.05
C THR I 1548 -21.16 -64.10 -12.71
N SER I 1549 -22.20 -64.40 -13.48
CA SER I 1549 -22.96 -63.36 -14.19
C SER I 1549 -22.05 -62.55 -15.10
N THR I 1550 -21.08 -63.21 -15.72
CA THR I 1550 -20.18 -62.62 -16.69
C THR I 1550 -20.43 -63.26 -18.05
N VAL I 1551 -20.35 -62.44 -19.09
CA VAL I 1551 -20.73 -62.88 -20.43
C VAL I 1551 -19.84 -64.03 -20.88
N ALA I 1552 -18.53 -63.90 -20.67
CA ALA I 1552 -17.61 -64.95 -21.08
C ALA I 1552 -17.70 -66.16 -20.15
N ASN I 1553 -17.82 -65.92 -18.84
CA ASN I 1553 -17.77 -67.03 -17.88
C ASN I 1553 -18.98 -67.93 -18.05
N ASP I 1554 -20.19 -67.37 -18.05
CA ASP I 1554 -21.37 -68.23 -18.09
C ASP I 1554 -21.55 -68.90 -19.44
N LYS I 1555 -20.92 -68.38 -20.49
CA LYS I 1555 -20.92 -69.05 -21.79
C LYS I 1555 -19.91 -70.20 -21.79
N ASN I 1556 -18.65 -69.89 -21.46
CA ASN I 1556 -17.60 -70.90 -21.48
C ASN I 1556 -17.89 -72.03 -20.50
N GLU I 1557 -18.38 -71.70 -19.32
CA GLU I 1557 -18.61 -72.71 -18.29
C GLU I 1557 -19.73 -73.67 -18.69
N SER I 1558 -20.84 -73.11 -19.18
CA SER I 1558 -21.91 -73.95 -19.69
C SER I 1558 -21.43 -74.82 -20.84
N ALA I 1559 -20.58 -74.26 -21.70
CA ALA I 1559 -20.03 -75.03 -22.82
C ALA I 1559 -19.22 -76.22 -22.31
N THR I 1560 -18.33 -76.00 -21.34
CA THR I 1560 -17.50 -77.10 -20.88
C THR I 1560 -18.31 -78.14 -20.14
N ILE I 1561 -19.28 -77.71 -19.33
CA ILE I 1561 -20.11 -78.67 -18.60
C ILE I 1561 -20.91 -79.51 -19.58
N ASN I 1562 -21.49 -78.87 -20.60
CA ASN I 1562 -22.25 -79.61 -21.60
C ASN I 1562 -21.36 -80.57 -22.38
N ASN I 1563 -20.17 -80.12 -22.78
CA ASN I 1563 -19.27 -80.99 -23.53
C ASN I 1563 -18.81 -82.17 -22.70
N MET I 1564 -18.60 -81.95 -21.39
CA MET I 1564 -18.13 -83.05 -20.55
C MET I 1564 -19.25 -84.04 -20.28
N MET I 1565 -20.47 -83.54 -20.04
CA MET I 1565 -21.62 -84.43 -19.94
C MET I 1565 -21.82 -85.22 -21.23
N LYS I 1566 -21.60 -84.60 -22.38
CA LYS I 1566 -21.83 -85.27 -23.65
C LYS I 1566 -20.77 -86.33 -23.92
N HIS I 1567 -19.50 -86.01 -23.68
CA HIS I 1567 -18.44 -86.99 -23.87
C HIS I 1567 -18.55 -88.13 -22.87
N LEU I 1568 -19.01 -87.86 -21.66
CA LEU I 1568 -19.19 -88.91 -20.67
C LEU I 1568 -20.41 -89.79 -20.95
N GLY I 1569 -21.10 -89.57 -22.07
CA GLY I 1569 -22.19 -90.45 -22.46
C GLY I 1569 -23.44 -90.24 -21.65
N ARG I 1570 -23.69 -89.03 -21.18
CA ARG I 1570 -24.90 -88.74 -20.43
C ARG I 1570 -26.12 -88.92 -21.33
N SER I 1571 -27.17 -89.51 -20.76
CA SER I 1571 -28.38 -89.78 -21.52
C SER I 1571 -28.99 -88.47 -22.03
N GLU I 1572 -29.44 -88.50 -23.29
CA GLU I 1572 -30.13 -87.35 -23.86
C GLU I 1572 -31.42 -87.10 -23.09
N GLY I 1573 -31.72 -85.82 -22.88
CA GLY I 1573 -32.86 -85.47 -22.05
C GLY I 1573 -32.61 -85.59 -20.56
N ASN I 1574 -31.35 -85.59 -20.14
CA ASN I 1574 -30.98 -85.66 -18.72
C ASN I 1574 -29.99 -84.55 -18.42
N PRO I 1575 -30.43 -83.29 -18.48
CA PRO I 1575 -29.53 -82.19 -18.12
C PRO I 1575 -29.24 -82.15 -16.63
N VAL I 1576 -28.08 -81.63 -16.30
CA VAL I 1576 -27.74 -81.30 -14.92
C VAL I 1576 -28.42 -79.99 -14.56
N PHE I 1577 -29.00 -79.95 -13.36
CA PHE I 1577 -29.59 -78.70 -12.87
C PHE I 1577 -28.46 -77.75 -12.49
N GLY I 1578 -28.63 -76.47 -12.85
CA GLY I 1578 -27.62 -75.47 -12.62
C GLY I 1578 -27.94 -74.60 -11.42
N VAL I 1579 -27.06 -74.66 -10.42
CA VAL I 1579 -27.13 -73.78 -9.26
C VAL I 1579 -26.17 -72.62 -9.52
N PHE I 1580 -26.65 -71.41 -9.30
CA PHE I 1580 -25.92 -70.18 -9.61
C PHE I 1580 -25.88 -69.28 -8.38
N GLN I 1581 -25.48 -69.87 -7.26
CA GLN I 1581 -25.52 -69.24 -5.94
C GLN I 1581 -25.01 -67.81 -5.92
N LYS I 1582 -24.12 -67.45 -6.85
CA LYS I 1582 -23.61 -66.08 -6.88
C LYS I 1582 -24.69 -65.05 -7.18
N TYR I 1583 -25.82 -65.47 -7.75
CA TYR I 1583 -26.93 -64.53 -7.94
C TYR I 1583 -27.35 -63.91 -6.61
N LEU I 1584 -27.27 -64.68 -5.54
CA LEU I 1584 -27.65 -64.24 -4.21
C LEU I 1584 -26.46 -63.81 -3.37
N THR I 1585 -25.41 -64.61 -3.35
CA THR I 1585 -24.27 -64.37 -2.47
C THR I 1585 -23.22 -63.45 -3.07
N GLY I 1586 -23.40 -63.02 -4.32
CA GLY I 1586 -22.33 -62.26 -4.94
C GLY I 1586 -21.15 -63.17 -5.22
N HIS I 1587 -20.05 -62.55 -5.64
CA HIS I 1587 -18.83 -63.27 -6.03
C HIS I 1587 -17.69 -62.91 -5.10
N PRO I 1588 -17.37 -63.78 -4.13
CA PRO I 1588 -16.08 -63.66 -3.44
C PRO I 1588 -15.03 -64.45 -4.20
N LYS I 1589 -13.89 -63.81 -4.48
CA LYS I 1589 -12.87 -64.50 -5.25
C LYS I 1589 -12.34 -65.70 -4.49
N GLY I 1590 -11.99 -65.52 -3.22
CA GLY I 1590 -11.49 -66.63 -2.44
C GLY I 1590 -12.55 -67.65 -2.11
N ALA I 1591 -13.67 -67.19 -1.55
CA ALA I 1591 -14.67 -68.08 -0.98
C ALA I 1591 -15.71 -68.53 -1.99
N ALA I 1592 -15.49 -68.30 -3.29
CA ALA I 1592 -16.48 -68.69 -4.28
C ALA I 1592 -16.75 -70.18 -4.24
N GLY I 1593 -15.74 -70.98 -4.58
CA GLY I 1593 -15.92 -72.42 -4.59
C GLY I 1593 -16.29 -72.98 -3.23
N ALA I 1594 -15.88 -72.29 -2.16
CA ALA I 1594 -16.22 -72.75 -0.82
C ALA I 1594 -17.71 -72.60 -0.56
N TRP I 1595 -18.27 -71.44 -0.89
CA TRP I 1595 -19.71 -71.25 -0.74
C TRP I 1595 -20.49 -72.18 -1.64
N MET I 1596 -20.02 -72.38 -2.88
CA MET I 1596 -20.71 -73.30 -3.77
C MET I 1596 -20.64 -74.73 -3.27
N LEU I 1597 -19.50 -75.13 -2.69
CA LEU I 1597 -19.41 -76.48 -2.14
C LEU I 1597 -20.31 -76.63 -0.93
N ASN I 1598 -20.38 -75.61 -0.08
CA ASN I 1598 -21.30 -75.68 1.07
C ASN I 1598 -22.74 -75.75 0.61
N GLY I 1599 -23.09 -74.98 -0.42
CA GLY I 1599 -24.42 -75.08 -0.99
C GLY I 1599 -24.69 -76.44 -1.59
N ALA I 1600 -23.70 -77.03 -2.25
CA ALA I 1600 -23.85 -78.37 -2.81
C ALA I 1600 -24.02 -79.40 -1.72
N ILE I 1601 -23.29 -79.24 -0.61
CA ILE I 1601 -23.45 -80.11 0.55
C ILE I 1601 -24.88 -80.05 1.06
N GLN I 1602 -25.40 -78.83 1.23
CA GLN I 1602 -26.75 -78.66 1.72
C GLN I 1602 -27.78 -79.17 0.71
N ILE I 1603 -27.50 -79.02 -0.57
CA ILE I 1603 -28.35 -79.57 -1.61
C ILE I 1603 -28.41 -81.10 -1.50
N LEU I 1604 -27.25 -81.72 -1.28
CA LEU I 1604 -27.21 -83.17 -1.10
C LEU I 1604 -28.02 -83.59 0.12
N GLU I 1605 -27.88 -82.85 1.23
CA GLU I 1605 -28.59 -83.24 2.45
C GLU I 1605 -30.10 -83.11 2.27
N SER I 1606 -30.55 -81.95 1.82
CA SER I 1606 -31.96 -81.61 1.83
C SER I 1606 -32.72 -82.10 0.61
N GLY I 1607 -32.04 -82.38 -0.50
CA GLY I 1607 -32.70 -82.72 -1.73
C GLY I 1607 -33.22 -81.55 -2.53
N LEU I 1608 -33.08 -80.33 -2.02
CA LEU I 1608 -33.59 -79.14 -2.71
C LEU I 1608 -32.51 -78.57 -3.62
N VAL I 1609 -32.92 -78.24 -4.84
CA VAL I 1609 -32.07 -77.58 -5.82
C VAL I 1609 -32.53 -76.12 -5.87
N PRO I 1610 -31.79 -75.17 -5.29
CA PRO I 1610 -32.21 -73.77 -5.39
C PRO I 1610 -32.19 -73.29 -6.84
N GLY I 1611 -33.10 -72.36 -7.15
CA GLY I 1611 -33.21 -71.79 -8.47
C GLY I 1611 -32.61 -70.41 -8.52
N ASN I 1612 -32.04 -70.06 -9.68
CA ASN I 1612 -31.45 -68.74 -9.86
C ASN I 1612 -32.57 -67.71 -9.97
N ARG I 1613 -32.93 -67.09 -8.84
CA ARG I 1613 -34.08 -66.20 -8.82
C ARG I 1613 -33.84 -64.91 -9.57
N ASN I 1614 -32.59 -64.62 -9.93
CA ASN I 1614 -32.28 -63.49 -10.81
C ASN I 1614 -32.25 -63.88 -12.27
N ALA I 1615 -32.59 -65.12 -12.60
CA ALA I 1615 -32.62 -65.59 -13.98
C ALA I 1615 -33.88 -65.04 -14.66
N ASP I 1616 -33.83 -63.74 -14.93
CA ASP I 1616 -34.95 -63.09 -15.62
C ASP I 1616 -35.19 -63.73 -16.99
N ASN I 1617 -34.12 -63.96 -17.75
CA ASN I 1617 -34.25 -64.54 -19.08
C ASN I 1617 -32.93 -65.22 -19.42
N VAL I 1618 -32.96 -66.54 -19.53
CA VAL I 1618 -31.75 -67.28 -19.86
C VAL I 1618 -31.29 -66.91 -21.25
N ASP I 1619 -29.97 -66.82 -21.43
CA ASP I 1619 -29.41 -66.47 -22.73
C ASP I 1619 -29.83 -67.49 -23.78
N LYS I 1620 -30.27 -66.99 -24.93
CA LYS I 1620 -30.65 -67.87 -26.03
C LYS I 1620 -29.48 -68.71 -26.49
N LEU I 1621 -28.26 -68.20 -26.36
CA LEU I 1621 -27.07 -68.95 -26.74
C LEU I 1621 -26.82 -70.16 -25.87
N LEU I 1622 -27.49 -70.27 -24.73
CA LEU I 1622 -27.34 -71.41 -23.84
C LEU I 1622 -28.31 -72.55 -24.14
N GLU I 1623 -29.30 -72.32 -25.01
CA GLU I 1623 -30.11 -73.42 -25.51
C GLU I 1623 -29.25 -74.41 -26.29
N GLN I 1624 -28.15 -73.93 -26.86
CA GLN I 1624 -27.08 -74.74 -27.42
C GLN I 1624 -26.74 -75.94 -26.55
N TYR I 1625 -26.74 -75.73 -25.23
CA TYR I 1625 -26.27 -76.72 -24.27
C TYR I 1625 -27.47 -77.53 -23.77
N GLU I 1626 -27.71 -78.68 -24.39
CA GLU I 1626 -28.85 -79.52 -24.06
C GLU I 1626 -28.70 -80.24 -22.73
N TYR I 1627 -27.47 -80.41 -22.25
CA TYR I 1627 -27.20 -81.14 -21.02
C TYR I 1627 -27.18 -80.25 -19.79
N VAL I 1628 -27.58 -78.99 -19.91
CA VAL I 1628 -27.64 -78.05 -18.80
C VAL I 1628 -29.04 -77.48 -18.72
N LEU I 1629 -29.61 -77.45 -17.52
CA LEU I 1629 -30.85 -76.77 -17.23
C LEU I 1629 -30.58 -75.65 -16.24
N TYR I 1630 -31.35 -74.57 -16.33
CA TYR I 1630 -31.15 -73.36 -15.54
C TYR I 1630 -32.43 -73.00 -14.80
N PRO I 1631 -32.73 -73.68 -13.70
CA PRO I 1631 -33.95 -73.35 -12.95
C PRO I 1631 -33.87 -71.95 -12.36
N SER I 1632 -35.04 -71.30 -12.27
CA SER I 1632 -35.17 -70.00 -11.63
C SER I 1632 -35.91 -70.05 -10.30
N ARG I 1633 -36.51 -71.18 -9.95
CA ARG I 1633 -37.19 -71.35 -8.67
C ARG I 1633 -36.69 -72.63 -8.01
N SER I 1634 -36.46 -72.55 -6.70
CA SER I 1634 -36.02 -73.71 -5.94
C SER I 1634 -37.03 -74.84 -6.06
N ILE I 1635 -36.54 -76.06 -6.26
CA ILE I 1635 -37.41 -77.22 -6.36
C ILE I 1635 -36.89 -78.34 -5.47
N GLN I 1636 -37.80 -78.95 -4.73
CA GLN I 1636 -37.48 -80.06 -3.84
C GLN I 1636 -37.46 -81.35 -4.66
N THR I 1637 -36.32 -82.02 -4.68
CA THR I 1637 -36.12 -83.26 -5.40
C THR I 1637 -36.29 -84.44 -4.44
N ASP I 1638 -36.52 -85.62 -5.00
CA ASP I 1638 -36.58 -86.85 -4.21
C ASP I 1638 -35.20 -87.41 -3.89
N GLY I 1639 -34.14 -86.63 -4.06
CA GLY I 1639 -32.79 -87.07 -3.74
C GLY I 1639 -31.82 -86.70 -4.83
N ILE I 1640 -30.65 -86.19 -4.46
CA ILE I 1640 -29.58 -85.84 -5.39
C ILE I 1640 -28.38 -86.69 -5.05
N LYS I 1641 -27.95 -87.50 -6.01
CA LYS I 1641 -26.88 -88.46 -5.77
C LYS I 1641 -25.52 -87.78 -5.69
N ALA I 1642 -25.27 -86.81 -6.57
CA ALA I 1642 -23.98 -86.15 -6.62
C ALA I 1642 -24.14 -84.76 -7.18
N VAL I 1643 -23.20 -83.88 -6.82
CA VAL I 1643 -23.17 -82.50 -7.27
C VAL I 1643 -21.79 -82.19 -7.81
N SER I 1644 -21.73 -81.49 -8.94
CA SER I 1644 -20.48 -81.13 -9.58
C SER I 1644 -20.22 -79.64 -9.42
N VAL I 1645 -19.30 -79.29 -8.54
CA VAL I 1645 -18.94 -77.90 -8.27
C VAL I 1645 -17.82 -77.53 -9.24
N THR I 1646 -18.00 -76.44 -10.00
CA THR I 1646 -16.99 -76.00 -10.95
C THR I 1646 -16.66 -74.52 -10.75
N SER I 1647 -15.37 -74.21 -10.60
CA SER I 1647 -14.89 -72.86 -10.39
C SER I 1647 -13.85 -72.53 -11.46
N PHE I 1648 -13.85 -71.27 -11.89
CA PHE I 1648 -12.91 -70.75 -12.88
C PHE I 1648 -12.27 -69.49 -12.36
N GLY I 1649 -10.95 -69.53 -12.13
CA GLY I 1649 -10.23 -68.41 -11.58
C GLY I 1649 -9.41 -67.67 -12.61
N PHE I 1650 -9.14 -66.40 -12.35
CA PHE I 1650 -8.20 -65.66 -13.19
C PHE I 1650 -6.84 -66.30 -13.11
N GLY I 1651 -6.08 -66.18 -14.24
CA GLY I 1651 -4.83 -66.88 -14.39
C GLY I 1651 -4.97 -68.26 -14.99
N GLN I 1652 -6.04 -68.51 -15.74
CA GLN I 1652 -6.28 -69.79 -16.40
C GLN I 1652 -6.25 -70.92 -15.36
N LYS I 1653 -7.21 -70.86 -14.45
CA LYS I 1653 -7.27 -71.79 -13.32
C LYS I 1653 -8.71 -72.26 -13.14
N GLY I 1654 -9.05 -73.35 -13.81
CA GLY I 1654 -10.33 -74.00 -13.64
C GLY I 1654 -10.20 -75.12 -12.63
N ALA I 1655 -11.29 -75.37 -11.90
CA ALA I 1655 -11.27 -76.37 -10.83
C ALA I 1655 -12.66 -76.98 -10.69
N GLN I 1656 -12.69 -78.30 -10.59
CA GLN I 1656 -13.94 -79.05 -10.52
C GLN I 1656 -13.90 -80.02 -9.35
N ALA I 1657 -14.97 -80.01 -8.56
CA ALA I 1657 -15.16 -80.96 -7.46
C ALA I 1657 -16.46 -81.70 -7.65
N VAL I 1658 -16.42 -83.02 -7.43
CA VAL I 1658 -17.60 -83.87 -7.47
C VAL I 1658 -17.84 -84.40 -6.07
N VAL I 1659 -19.01 -84.08 -5.52
CA VAL I 1659 -19.44 -84.42 -4.17
C VAL I 1659 -20.55 -85.44 -4.29
N VAL I 1660 -20.42 -86.57 -3.58
CA VAL I 1660 -21.38 -87.66 -3.61
C VAL I 1660 -22.06 -87.74 -2.25
N HIS I 1661 -23.30 -88.24 -2.25
CA HIS I 1661 -24.11 -88.31 -1.05
C HIS I 1661 -23.49 -89.27 -0.02
N PRO I 1662 -23.67 -89.01 1.28
CA PRO I 1662 -23.13 -89.95 2.29
C PRO I 1662 -23.75 -91.33 2.25
N ASP I 1663 -24.94 -91.49 1.68
CA ASP I 1663 -25.62 -92.78 1.71
C ASP I 1663 -24.82 -93.84 0.98
N TYR I 1664 -24.05 -93.44 -0.04
CA TYR I 1664 -23.21 -94.37 -0.78
C TYR I 1664 -21.91 -94.71 -0.07
N LEU I 1665 -21.49 -93.88 0.89
CA LEU I 1665 -20.41 -94.26 1.79
C LEU I 1665 -20.90 -95.22 2.86
N PHE I 1666 -22.09 -94.99 3.40
CA PHE I 1666 -22.56 -95.80 4.53
C PHE I 1666 -22.89 -97.23 4.12
N ALA I 1667 -22.90 -97.55 2.83
CA ALA I 1667 -23.16 -98.91 2.37
C ALA I 1667 -21.90 -99.74 2.20
N VAL I 1668 -20.71 -99.16 2.33
CA VAL I 1668 -19.47 -99.92 2.21
C VAL I 1668 -18.99 -100.47 3.56
N LEU I 1669 -19.82 -100.37 4.59
CA LEU I 1669 -19.46 -100.80 5.94
C LEU I 1669 -20.60 -101.62 6.52
N ASP I 1670 -20.25 -102.60 7.34
CA ASP I 1670 -21.21 -103.56 7.84
C ASP I 1670 -22.25 -102.88 8.74
N ARG I 1671 -23.23 -103.66 9.19
CA ARG I 1671 -24.30 -103.11 10.01
C ARG I 1671 -23.76 -102.55 11.33
N SER I 1672 -22.98 -103.37 12.06
CA SER I 1672 -22.58 -102.99 13.41
C SER I 1672 -21.76 -101.69 13.41
N THR I 1673 -20.85 -101.56 12.45
CA THR I 1673 -20.10 -100.31 12.34
C THR I 1673 -21.03 -99.13 12.09
N TYR I 1674 -22.07 -99.33 11.28
CA TYR I 1674 -23.02 -98.26 11.02
C TYR I 1674 -23.77 -97.87 12.28
N GLU I 1675 -24.21 -98.85 13.07
CA GLU I 1675 -24.94 -98.51 14.30
C GLU I 1675 -24.03 -97.79 15.30
N GLU I 1676 -22.78 -98.24 15.43
CA GLU I 1676 -21.85 -97.54 16.30
C GLU I 1676 -21.64 -96.10 15.83
N TYR I 1677 -21.46 -95.92 14.53
CA TYR I 1677 -21.30 -94.58 13.97
C TYR I 1677 -22.53 -93.71 14.25
N ALA I 1678 -23.72 -94.27 14.04
CA ALA I 1678 -24.95 -93.49 14.23
C ALA I 1678 -25.12 -93.08 15.68
N THR I 1679 -24.84 -93.99 16.61
CA THR I 1679 -24.90 -93.63 18.02
C THR I 1679 -23.91 -92.52 18.34
N LYS I 1680 -22.69 -92.62 17.80
CA LYS I 1680 -21.70 -91.58 18.07
C LYS I 1680 -22.14 -90.24 17.50
N VAL I 1681 -22.72 -90.23 16.30
CA VAL I 1681 -23.17 -88.96 15.72
C VAL I 1681 -24.35 -88.41 16.50
N SER I 1682 -25.22 -89.27 17.00
CA SER I 1682 -26.32 -88.77 17.84
C SER I 1682 -25.78 -88.08 19.07
N ALA I 1683 -24.84 -88.72 19.78
CA ALA I 1683 -24.26 -88.10 20.97
C ALA I 1683 -23.54 -86.81 20.61
N ARG I 1684 -22.78 -86.81 19.52
CA ARG I 1684 -22.06 -85.62 19.10
C ARG I 1684 -23.00 -84.50 18.68
N ASN I 1685 -24.12 -84.82 18.05
CA ASN I 1685 -25.12 -83.83 17.72
C ASN I 1685 -25.70 -83.21 18.97
N LYS I 1686 -25.94 -84.03 20.00
CA LYS I 1686 -26.38 -83.48 21.28
C LYS I 1686 -25.36 -82.49 21.83
N LYS I 1687 -24.09 -82.92 21.90
CA LYS I 1687 -23.02 -82.06 22.41
C LYS I 1687 -22.94 -80.76 21.61
N THR I 1688 -23.02 -80.89 20.29
CA THR I 1688 -22.91 -79.73 19.41
C THR I 1688 -24.07 -78.79 19.60
N TYR I 1689 -25.27 -79.32 19.79
CA TYR I 1689 -26.43 -78.49 20.08
C TYR I 1689 -26.17 -77.67 21.35
N ARG I 1690 -25.67 -78.32 22.40
CA ARG I 1690 -25.36 -77.58 23.61
C ARG I 1690 -24.34 -76.49 23.34
N TYR I 1691 -23.24 -76.83 22.68
CA TYR I 1691 -22.17 -75.85 22.52
C TYR I 1691 -22.61 -74.69 21.64
N MET I 1692 -23.34 -74.99 20.55
CA MET I 1692 -23.83 -73.94 19.68
C MET I 1692 -24.74 -72.99 20.43
N HIS I 1693 -25.66 -73.52 21.24
CA HIS I 1693 -26.58 -72.64 21.95
C HIS I 1693 -25.86 -71.88 23.05
N ASN I 1694 -24.96 -72.56 23.77
CA ASN I 1694 -24.18 -71.88 24.80
C ASN I 1694 -23.47 -70.68 24.22
N ALA I 1695 -22.83 -70.87 23.09
CA ALA I 1695 -21.95 -69.84 22.56
C ALA I 1695 -22.72 -68.77 21.78
N ILE I 1696 -23.82 -69.14 21.13
CA ILE I 1696 -24.62 -68.09 20.49
C ILE I 1696 -25.16 -67.15 21.57
N THR I 1697 -25.66 -67.68 22.69
CA THR I 1697 -26.20 -66.77 23.69
C THR I 1697 -25.10 -66.04 24.47
N ARG I 1698 -24.02 -66.71 24.88
CA ARG I 1698 -22.95 -66.05 25.64
C ARG I 1698 -21.92 -65.36 24.76
N ASN I 1699 -22.08 -65.37 23.44
CA ASN I 1699 -21.12 -64.78 22.51
C ASN I 1699 -19.72 -65.36 22.72
N THR I 1700 -19.66 -66.68 22.87
CA THR I 1700 -18.41 -67.43 23.02
C THR I 1700 -18.29 -68.49 21.92
N MET I 1701 -18.74 -68.15 20.71
CA MET I 1701 -18.62 -69.07 19.58
C MET I 1701 -17.16 -69.45 19.34
N PHE I 1702 -16.29 -68.45 19.29
CA PHE I 1702 -14.86 -68.65 19.13
C PHE I 1702 -14.22 -68.60 20.50
N VAL I 1703 -13.59 -69.69 20.90
CA VAL I 1703 -12.85 -69.77 22.16
C VAL I 1703 -11.37 -69.93 21.79
N ALA I 1704 -10.61 -68.84 21.91
CA ALA I 1704 -9.19 -68.90 21.62
C ALA I 1704 -8.51 -69.88 22.55
N LYS I 1705 -7.63 -70.71 21.99
CA LYS I 1705 -6.81 -71.60 22.79
C LYS I 1705 -5.65 -70.81 23.36
N ASP I 1706 -5.64 -70.63 24.68
CA ASP I 1706 -4.53 -69.92 25.32
C ASP I 1706 -3.26 -70.75 25.28
N LYS I 1707 -3.39 -72.07 25.43
CA LYS I 1707 -2.25 -72.98 25.50
C LYS I 1707 -2.44 -74.11 24.50
N ALA I 1708 -1.34 -74.62 23.99
CA ALA I 1708 -1.35 -75.80 23.15
C ALA I 1708 -1.71 -77.02 23.98
N PRO I 1709 -2.14 -78.12 23.35
CA PRO I 1709 -2.43 -79.32 24.14
C PRO I 1709 -1.18 -79.95 24.74
N TYR I 1710 0.00 -79.52 24.32
CA TYR I 1710 1.27 -79.97 24.86
C TYR I 1710 1.99 -78.80 25.49
N SER I 1711 2.64 -79.06 26.63
CA SER I 1711 3.50 -78.05 27.23
C SER I 1711 4.79 -77.92 26.43
N ASP I 1712 5.49 -76.81 26.66
CA ASP I 1712 6.79 -76.62 26.02
C ASP I 1712 7.76 -77.74 26.39
N GLU I 1713 7.60 -78.33 27.57
CA GLU I 1713 8.49 -79.39 27.99
C GLU I 1713 8.14 -80.69 27.27
N LEU I 1714 6.85 -80.99 27.14
CA LEU I 1714 6.40 -82.19 26.45
C LEU I 1714 6.16 -81.97 24.97
N GLU I 1715 6.37 -80.76 24.46
CA GLU I 1715 6.09 -80.49 23.04
C GLU I 1715 6.84 -81.45 22.13
N GLN I 1716 8.14 -81.62 22.37
CA GLN I 1716 8.96 -82.47 21.58
C GLN I 1716 8.68 -83.97 21.92
N PRO I 1717 8.49 -84.74 23.19
CA PRO I 1717 8.14 -86.12 22.88
C PRO I 1717 6.77 -86.17 22.24
N VAL I 1718 5.86 -85.20 22.53
CA VAL I 1718 4.49 -85.28 22.01
C VAL I 1718 4.53 -85.39 20.50
N TYR I 1719 5.28 -84.51 19.88
CA TYR I 1719 5.46 -84.61 18.44
C TYR I 1719 6.16 -85.92 18.06
N LEU I 1720 7.30 -86.22 18.69
CA LEU I 1720 8.17 -87.35 18.35
C LEU I 1720 7.49 -88.69 18.45
N ASP I 1721 6.39 -88.79 19.20
CA ASP I 1721 5.59 -90.00 19.23
C ASP I 1721 4.46 -89.85 18.22
N PRO I 1722 4.46 -90.60 17.11
CA PRO I 1722 3.30 -90.55 16.20
C PRO I 1722 2.03 -91.07 16.82
N LEU I 1723 2.13 -91.90 17.86
CA LEU I 1723 0.98 -92.43 18.57
C LEU I 1723 0.54 -91.55 19.73
N ALA I 1724 1.14 -90.37 19.89
CA ALA I 1724 0.72 -89.46 20.94
C ALA I 1724 -0.68 -88.93 20.67
N ARG I 1725 -1.54 -89.03 21.68
CA ARG I 1725 -2.90 -88.53 21.60
C ARG I 1725 -3.25 -87.84 22.91
N VAL I 1726 -4.04 -86.77 22.80
CA VAL I 1726 -4.43 -86.04 23.99
C VAL I 1726 -5.37 -86.86 24.85
N GLU I 1727 -5.37 -86.57 26.15
CA GLU I 1727 -6.30 -87.16 27.10
C GLU I 1727 -6.88 -86.03 27.95
N GLU I 1728 -7.98 -86.35 28.63
CA GLU I 1728 -8.65 -85.36 29.45
C GLU I 1728 -7.93 -85.21 30.79
N ASN I 1729 -7.56 -83.98 31.13
CA ASN I 1729 -6.96 -83.65 32.41
C ASN I 1729 -7.35 -82.22 32.76
N LYS I 1730 -7.85 -82.03 33.98
CA LYS I 1730 -8.32 -80.71 34.43
C LYS I 1730 -9.38 -80.16 33.50
N LYS I 1731 -10.21 -81.05 32.95
CA LYS I 1731 -11.30 -80.70 32.04
C LYS I 1731 -10.81 -80.18 30.70
N LYS I 1732 -9.53 -80.37 30.37
CA LYS I 1732 -8.97 -79.95 29.10
C LYS I 1732 -8.24 -81.12 28.44
N LEU I 1733 -8.32 -81.19 27.12
CA LEU I 1733 -7.64 -82.23 26.36
C LEU I 1733 -6.19 -81.79 26.16
N VAL I 1734 -5.27 -82.43 26.89
CA VAL I 1734 -3.86 -82.09 26.85
C VAL I 1734 -3.05 -83.38 26.73
N PHE I 1735 -1.79 -83.22 26.37
CA PHE I 1735 -0.87 -84.35 26.34
C PHE I 1735 -0.23 -84.56 27.71
N SER I 1736 0.02 -85.82 28.03
CA SER I 1736 0.62 -86.21 29.30
C SER I 1736 1.87 -87.04 29.03
N ASP I 1737 2.81 -86.96 29.98
CA ASP I 1737 4.06 -87.71 29.84
C ASP I 1737 3.82 -89.21 29.76
N LYS I 1738 2.77 -89.71 30.42
CA LYS I 1738 2.53 -91.15 30.46
C LYS I 1738 2.09 -91.69 29.11
N THR I 1739 1.33 -90.91 28.34
CA THR I 1739 0.78 -91.36 27.07
C THR I 1739 1.71 -91.10 25.89
N ILE I 1740 2.95 -90.70 26.13
CA ILE I 1740 3.92 -90.38 25.09
C ILE I 1740 4.99 -91.47 25.08
N GLN I 1741 5.26 -92.01 23.89
CA GLN I 1741 6.21 -93.11 23.72
C GLN I 1741 5.85 -94.27 24.63
N SER I 1742 4.55 -94.52 24.76
CA SER I 1742 4.05 -95.56 25.64
C SER I 1742 3.86 -96.87 24.89
N ASN I 1743 4.19 -97.97 25.55
CA ASN I 1743 3.99 -99.29 24.93
C ASN I 1743 2.51 -99.60 24.76
N GLN I 1744 1.64 -98.99 25.58
CA GLN I 1744 0.21 -99.24 25.46
C GLN I 1744 -0.34 -98.75 24.12
N SER I 1745 0.10 -97.58 23.69
CA SER I 1745 -0.38 -97.04 22.41
C SER I 1745 0.03 -97.93 21.26
N TYR I 1746 1.24 -98.48 21.30
CA TYR I 1746 1.72 -99.39 20.28
C TYR I 1746 1.19 -100.81 20.52
N MET J 1 112.44 -33.61 -41.43
CA MET J 1 112.43 -33.58 -39.93
C MET J 1 111.59 -34.72 -39.37
N LYS J 2 112.17 -35.48 -38.45
CA LYS J 2 111.45 -36.59 -37.86
C LYS J 2 110.30 -36.06 -37.00
N PRO J 3 109.16 -36.79 -36.93
CA PRO J 3 108.06 -36.31 -36.08
C PRO J 3 108.44 -36.11 -34.63
N GLU J 4 109.26 -37.02 -34.07
CA GLU J 4 109.62 -36.91 -32.66
C GLU J 4 110.46 -35.68 -32.39
N ILE J 5 111.50 -35.47 -33.20
CA ILE J 5 112.36 -34.31 -32.99
C ILE J 5 111.58 -33.04 -33.25
N GLU J 6 110.67 -33.06 -34.23
CA GLU J 6 109.85 -31.89 -34.52
C GLU J 6 108.97 -31.55 -33.36
N GLN J 7 108.39 -32.57 -32.74
CA GLN J 7 107.56 -32.34 -31.57
C GLN J 7 108.39 -31.80 -30.42
N GLU J 8 109.60 -32.33 -30.23
CA GLU J 8 110.50 -31.81 -29.20
C GLU J 8 110.77 -30.32 -29.40
N LEU J 9 111.19 -29.96 -30.61
CA LEU J 9 111.53 -28.57 -30.88
C LEU J 9 110.30 -27.67 -30.78
N SER J 10 109.15 -28.14 -31.25
CA SER J 10 107.94 -27.34 -31.16
C SER J 10 107.54 -27.12 -29.71
N HIS J 11 107.64 -28.15 -28.87
CA HIS J 11 107.32 -27.99 -27.46
C HIS J 11 108.26 -26.99 -26.80
N THR J 12 109.55 -27.11 -27.07
CA THR J 12 110.52 -26.20 -26.46
C THR J 12 110.26 -24.76 -26.92
N LEU J 13 110.03 -24.57 -28.22
CA LEU J 13 109.80 -23.23 -28.74
C LEU J 13 108.49 -22.63 -28.20
N LEU J 14 107.44 -23.44 -28.12
CA LEU J 14 106.18 -22.95 -27.57
C LEU J 14 106.33 -22.56 -26.11
N THR J 15 107.03 -23.39 -25.33
CA THR J 15 107.26 -23.06 -23.93
C THR J 15 108.05 -21.78 -23.78
N GLU J 16 109.11 -21.61 -24.59
CA GLU J 16 109.90 -20.39 -24.53
C GLU J 16 109.07 -19.18 -24.93
N LEU J 17 108.25 -19.31 -25.97
CA LEU J 17 107.41 -18.21 -26.41
C LEU J 17 106.45 -17.79 -25.30
N LEU J 18 105.73 -18.75 -24.72
CA LEU J 18 104.77 -18.44 -23.68
C LEU J 18 105.46 -17.89 -22.43
N ALA J 19 106.68 -18.35 -22.15
CA ALA J 19 107.40 -17.86 -20.99
C ALA J 19 107.86 -16.41 -21.18
N TYR J 20 108.45 -16.11 -22.33
CA TYR J 20 109.09 -14.81 -22.54
C TYR J 20 108.16 -13.76 -23.12
N GLN J 21 106.96 -14.12 -23.58
CA GLN J 21 106.08 -13.14 -24.18
C GLN J 21 105.42 -12.26 -23.12
N PHE J 22 105.13 -12.81 -21.94
CA PHE J 22 104.46 -12.03 -20.92
C PHE J 22 105.37 -11.02 -20.24
N ALA J 23 106.68 -11.07 -20.49
CA ALA J 23 107.62 -10.06 -20.04
C ALA J 23 108.21 -9.24 -21.17
N SER J 24 108.34 -9.82 -22.36
CA SER J 24 108.84 -9.05 -23.50
C SER J 24 107.73 -8.14 -24.04
N PRO J 25 108.08 -7.01 -24.67
CA PRO J 25 107.04 -6.14 -25.23
C PRO J 25 106.27 -6.85 -26.35
N VAL J 26 104.96 -6.59 -26.39
CA VAL J 26 104.09 -7.24 -27.38
C VAL J 26 104.28 -6.53 -28.71
N ARG J 27 104.67 -7.28 -29.75
CA ARG J 27 104.84 -6.70 -31.08
C ARG J 27 103.58 -6.98 -31.91
N TRP J 28 102.53 -6.23 -31.63
CA TRP J 28 101.29 -6.37 -32.38
C TRP J 28 101.39 -5.74 -33.78
N ILE J 29 102.37 -4.87 -34.00
CA ILE J 29 102.53 -4.27 -35.34
C ILE J 29 102.87 -5.36 -36.36
N GLU J 30 103.81 -6.25 -36.03
CA GLU J 30 104.18 -7.28 -36.99
C GLU J 30 103.09 -8.34 -37.10
N THR J 31 102.35 -8.60 -36.02
CA THR J 31 101.21 -9.50 -36.11
C THR J 31 100.15 -8.95 -37.08
N GLN J 32 99.86 -7.66 -36.96
CA GLN J 32 98.91 -7.03 -37.88
C GLN J 32 99.43 -7.07 -39.30
N ASP J 33 100.72 -6.82 -39.49
CA ASP J 33 101.31 -6.93 -40.83
C ASP J 33 101.12 -8.34 -41.37
N VAL J 34 101.32 -9.34 -40.53
CA VAL J 34 101.21 -10.73 -40.97
C VAL J 34 99.78 -11.04 -41.40
N PHE J 35 98.80 -10.72 -40.55
CA PHE J 35 97.43 -11.12 -40.86
C PHE J 35 96.67 -10.09 -41.70
N LEU J 36 97.33 -9.04 -42.18
CA LEU J 36 96.71 -8.10 -43.11
C LEU J 36 97.37 -8.11 -44.48
N LYS J 37 98.71 -8.08 -44.55
CA LYS J 37 99.42 -7.99 -45.83
C LYS J 37 100.02 -9.31 -46.26
N GLN J 38 100.83 -9.95 -45.41
CA GLN J 38 101.54 -11.15 -45.81
C GLN J 38 100.58 -12.28 -46.17
N HIS J 39 99.50 -12.43 -45.40
CA HIS J 39 98.50 -13.45 -45.66
C HIS J 39 97.32 -12.96 -46.49
N ASN J 40 97.17 -11.63 -46.63
CA ASN J 40 96.12 -11.03 -47.46
C ASN J 40 94.74 -11.58 -47.08
N THR J 41 94.43 -11.43 -45.79
CA THR J 41 93.30 -12.14 -45.19
C THR J 41 92.03 -11.33 -45.41
N GLU J 42 91.14 -11.83 -46.27
CA GLU J 42 89.90 -11.15 -46.58
C GLU J 42 88.90 -11.20 -45.43
N ARG J 43 89.11 -12.05 -44.42
CA ARG J 43 88.21 -12.15 -43.28
C ARG J 43 89.03 -12.16 -42.00
N ILE J 44 88.67 -11.29 -41.07
CA ILE J 44 89.29 -11.23 -39.76
C ILE J 44 88.22 -11.58 -38.74
N ILE J 45 88.49 -12.57 -37.91
CA ILE J 45 87.60 -12.98 -36.84
C ILE J 45 88.30 -12.63 -35.53
N GLU J 46 87.59 -11.92 -34.65
CA GLU J 46 88.02 -11.70 -33.29
C GLU J 46 86.97 -12.30 -32.37
N ILE J 47 87.41 -13.00 -31.34
CA ILE J 47 86.52 -13.63 -30.36
C ILE J 47 86.82 -13.01 -29.00
N GLY J 48 85.79 -12.41 -28.41
CA GLY J 48 85.93 -11.77 -27.12
C GLY J 48 84.65 -11.08 -26.70
N PRO J 49 84.56 -10.69 -25.42
CA PRO J 49 83.35 -9.99 -24.95
C PRO J 49 83.11 -8.67 -25.66
N SER J 50 84.16 -7.97 -26.05
CA SER J 50 84.04 -6.69 -26.74
C SER J 50 85.09 -6.60 -27.85
N PRO J 51 84.84 -5.78 -28.88
CA PRO J 51 85.80 -5.69 -30.01
C PRO J 51 86.96 -4.72 -29.73
N THR J 52 87.87 -5.14 -28.84
CA THR J 52 89.05 -4.32 -28.59
C THR J 52 90.02 -4.40 -29.76
N LEU J 53 90.26 -5.61 -30.28
CA LEU J 53 91.21 -5.79 -31.37
C LEU J 53 90.60 -5.55 -32.74
N ALA J 54 89.30 -5.82 -32.90
CA ALA J 54 88.66 -5.60 -34.19
C ALA J 54 88.71 -4.13 -34.59
N GLY J 55 88.44 -3.23 -33.65
CA GLY J 55 88.45 -1.82 -33.97
C GLY J 55 89.83 -1.32 -34.35
N MET J 56 90.86 -1.76 -33.62
CA MET J 56 92.20 -1.27 -33.92
C MET J 56 92.74 -1.92 -35.18
N ALA J 57 92.33 -3.16 -35.49
CA ALA J 57 92.65 -3.73 -36.81
C ALA J 57 91.96 -2.93 -37.92
N ASN J 58 90.71 -2.53 -37.69
CA ASN J 58 90.00 -1.72 -38.67
C ASN J 58 90.75 -0.42 -38.95
N ARG J 59 91.13 0.30 -37.90
CA ARG J 59 91.82 1.57 -38.13
C ARG J 59 93.24 1.35 -38.62
N THR J 60 93.84 0.19 -38.34
CA THR J 60 95.14 -0.13 -38.93
C THR J 60 95.03 -0.29 -40.44
N ILE J 61 94.05 -1.06 -40.91
CA ILE J 61 93.90 -1.22 -42.36
C ILE J 61 93.48 0.11 -42.98
N LYS J 62 92.72 0.93 -42.24
CA LYS J 62 92.36 2.25 -42.76
C LYS J 62 93.58 3.15 -42.92
N ALA J 63 94.47 3.17 -41.93
CA ALA J 63 95.59 4.08 -41.94
C ALA J 63 96.73 3.60 -42.85
N LYS J 64 96.87 2.28 -43.03
CA LYS J 64 98.05 1.72 -43.66
C LYS J 64 97.76 0.92 -44.92
N TYR J 65 96.66 0.16 -44.95
CA TYR J 65 96.38 -0.78 -46.04
C TYR J 65 95.15 -0.38 -46.84
N GLU J 66 94.74 0.88 -46.79
CA GLU J 66 93.58 1.30 -47.58
C GLU J 66 93.87 1.23 -49.07
N SER J 67 94.96 1.86 -49.50
CA SER J 67 95.35 1.79 -50.91
C SER J 67 95.72 0.38 -51.33
N TYR J 68 96.37 -0.36 -50.44
CA TYR J 68 96.71 -1.75 -50.74
C TYR J 68 95.45 -2.57 -51.00
N ASP J 69 94.46 -2.45 -50.11
CA ASP J 69 93.21 -3.17 -50.28
C ASP J 69 92.51 -2.74 -51.54
N ALA J 70 92.49 -1.44 -51.82
CA ALA J 70 91.88 -0.95 -53.05
C ALA J 70 92.52 -1.59 -54.28
N ALA J 71 93.85 -1.48 -54.39
CA ALA J 71 94.52 -1.94 -55.60
C ALA J 71 94.42 -3.45 -55.76
N LEU J 72 94.68 -4.21 -54.70
CA LEU J 72 94.59 -5.67 -54.77
C LEU J 72 93.15 -6.18 -54.76
N SER J 73 92.16 -5.29 -54.61
CA SER J 73 90.76 -5.69 -54.62
C SER J 73 90.45 -6.63 -53.47
N LEU J 74 91.06 -6.34 -52.31
CA LEU J 74 90.86 -7.12 -51.09
C LEU J 74 89.70 -6.52 -50.32
N GLN J 75 88.64 -7.29 -50.14
CA GLN J 75 87.44 -6.85 -49.41
C GLN J 75 87.55 -7.40 -47.99
N ARG J 76 88.28 -6.70 -47.15
CA ARG J 76 88.47 -7.13 -45.77
C ARG J 76 87.16 -7.01 -44.99
N GLN J 77 86.81 -8.07 -44.27
CA GLN J 77 85.63 -8.13 -43.43
C GLN J 77 86.11 -8.38 -42.00
N VAL J 78 86.17 -7.32 -41.21
CA VAL J 78 86.55 -7.43 -39.80
C VAL J 78 85.29 -7.73 -38.99
N LEU J 79 85.33 -8.81 -38.22
CA LEU J 79 84.17 -9.33 -37.51
C LEU J 79 84.56 -9.61 -36.06
N CYS J 80 83.63 -9.30 -35.16
CA CYS J 80 83.81 -9.55 -33.74
C CYS J 80 82.68 -10.42 -33.23
N TYR J 81 83.01 -11.35 -32.33
CA TYR J 81 82.01 -12.27 -31.80
C TYR J 81 80.94 -11.53 -31.01
N SER J 82 81.29 -10.39 -30.40
CA SER J 82 80.32 -9.66 -29.59
C SER J 82 79.18 -9.12 -30.45
N LYS J 83 79.51 -8.47 -31.56
CA LYS J 83 78.53 -7.79 -32.40
C LYS J 83 78.16 -8.58 -33.65
N ASP J 84 79.12 -8.93 -34.49
CA ASP J 84 78.84 -9.51 -35.80
C ASP J 84 78.73 -11.03 -35.72
N ALA J 85 77.92 -11.55 -34.80
CA ALA J 85 77.81 -13.00 -34.65
C ALA J 85 77.03 -13.61 -35.82
N LYS J 86 76.06 -12.88 -36.37
CA LYS J 86 75.31 -13.39 -37.51
C LYS J 86 76.22 -13.64 -38.71
N GLU J 87 77.17 -12.73 -38.94
CA GLU J 87 78.13 -12.93 -40.03
C GLU J 87 79.07 -14.09 -39.72
N ILE J 88 79.45 -14.27 -38.45
CA ILE J 88 80.32 -15.38 -38.08
C ILE J 88 79.63 -16.69 -38.39
N TYR J 89 78.36 -16.83 -38.02
CA TYR J 89 77.63 -18.08 -38.18
C TYR J 89 76.89 -18.19 -39.50
N TYR J 90 76.99 -17.19 -40.38
CA TYR J 90 76.28 -17.18 -41.66
C TYR J 90 74.78 -17.35 -41.45
N LYS J 91 74.22 -16.44 -40.67
CA LYS J 91 72.79 -16.43 -40.34
C LYS J 91 72.23 -15.04 -40.61
N PRO J 92 72.16 -14.63 -41.89
CA PRO J 92 71.64 -13.31 -42.23
C PRO J 92 70.12 -13.19 -42.01
N ASN J 333 12.44 3.27 -11.08
CA ASN J 333 11.33 4.14 -10.73
C ASN J 333 10.33 3.40 -9.84
N LYS J 334 9.54 2.51 -10.47
CA LYS J 334 8.59 1.72 -9.70
C LYS J 334 9.31 0.80 -8.73
N LYS J 335 10.43 0.20 -9.16
CA LYS J 335 11.20 -0.66 -8.28
C LYS J 335 11.68 0.10 -7.05
N LEU J 336 12.04 1.37 -7.21
CA LEU J 336 12.47 2.18 -6.08
C LEU J 336 11.31 2.56 -5.18
N ALA J 337 10.17 2.96 -5.78
CA ALA J 337 8.92 3.11 -5.04
C ALA J 337 8.71 1.92 -4.11
N LYS J 338 8.88 0.74 -4.67
CA LYS J 338 8.57 -0.50 -4.00
C LYS J 338 9.59 -0.82 -2.92
N GLN J 339 10.87 -0.60 -3.23
CA GLN J 339 11.92 -0.76 -2.24
C GLN J 339 11.61 0.08 -1.02
N GLN J 340 11.22 1.32 -1.22
CA GLN J 340 10.91 2.17 -0.09
C GLN J 340 9.68 1.69 0.65
N LEU J 341 8.60 1.31 -0.06
CA LEU J 341 7.41 0.79 0.62
C LEU J 341 7.76 -0.39 1.51
N GLU J 342 8.57 -1.31 0.96
CA GLU J 342 9.06 -2.44 1.73
C GLU J 342 9.78 -1.97 2.98
N VAL J 343 10.74 -1.06 2.84
CA VAL J 343 11.54 -0.64 4.00
C VAL J 343 10.65 0.00 5.05
N LEU J 344 9.59 0.68 4.62
CA LEU J 344 8.64 1.23 5.58
C LEU J 344 7.97 0.13 6.38
N ALA J 345 7.44 -0.87 5.69
CA ALA J 345 6.83 -1.98 6.39
C ALA J 345 7.82 -2.60 7.38
N ARG J 346 9.11 -2.65 7.01
CA ARG J 346 10.12 -3.14 7.96
C ARG J 346 10.22 -2.24 9.17
N TYR J 347 10.36 -0.93 8.95
CA TYR J 347 10.56 0.01 10.04
C TYR J 347 9.45 -0.11 11.06
N LEU J 348 8.22 -0.32 10.59
CA LEU J 348 7.09 -0.22 11.50
C LEU J 348 6.71 -1.57 12.08
N GLN J 349 6.98 -2.67 11.37
CA GLN J 349 6.89 -3.99 11.98
C GLN J 349 8.08 -4.32 12.89
N SER J 350 9.08 -3.44 12.98
CA SER J 350 10.11 -3.55 14.01
C SER J 350 10.98 -4.81 13.82
N ARG J 351 11.50 -4.97 12.61
CA ARG J 351 12.33 -6.13 12.26
C ARG J 351 13.37 -5.68 11.24
N LEU J 352 14.47 -6.42 11.15
CA LEU J 352 15.72 -5.92 10.58
C LEU J 352 15.96 -6.55 9.21
N LYS J 353 16.23 -5.71 8.21
CA LYS J 353 16.44 -6.21 6.85
C LYS J 353 17.74 -6.99 6.75
N GLN J 354 18.79 -6.49 7.36
CA GLN J 354 20.12 -7.04 7.20
C GLN J 354 20.60 -7.78 8.43
N GLY J 355 19.70 -8.18 9.34
CA GLY J 355 20.12 -8.82 10.56
C GLY J 355 20.74 -10.17 10.30
N SER J 356 20.11 -10.97 9.45
CA SER J 356 20.62 -12.30 9.18
C SER J 356 21.83 -12.26 8.25
N LEU J 357 21.91 -11.25 7.37
CA LEU J 357 23.15 -11.04 6.62
C LEU J 357 24.28 -10.64 7.56
N LYS J 358 23.98 -9.81 8.56
CA LYS J 358 24.96 -9.50 9.61
C LYS J 358 25.43 -10.77 10.29
N SER J 359 24.49 -11.62 10.68
CA SER J 359 24.84 -12.87 11.33
C SER J 359 25.68 -13.74 10.39
N PHE J 360 25.39 -13.71 9.10
CA PHE J 360 26.16 -14.50 8.13
C PHE J 360 27.59 -14.01 8.05
N ILE J 361 27.80 -12.70 7.94
CA ILE J 361 29.17 -12.20 7.84
C ILE J 361 29.92 -12.44 9.15
N LYS J 362 29.23 -12.31 10.28
CA LYS J 362 29.85 -12.66 11.56
C LYS J 362 30.30 -14.12 11.58
N GLU J 363 29.41 -15.02 11.15
CA GLU J 363 29.75 -16.43 11.16
C GLU J 363 30.83 -16.74 10.13
N LYS J 364 30.88 -15.97 9.04
CA LYS J 364 31.93 -16.14 8.04
C LYS J 364 33.28 -15.75 8.62
N GLU J 365 33.33 -14.66 9.39
CA GLU J 365 34.60 -14.28 10.01
C GLU J 365 34.98 -15.28 11.09
N ALA J 366 33.99 -15.84 11.80
CA ALA J 366 34.30 -16.90 12.75
C ALA J 366 34.85 -18.15 12.04
N SER J 367 34.27 -18.50 10.91
CA SER J 367 34.76 -19.62 10.12
C SER J 367 36.17 -19.35 9.62
N ALA J 368 36.47 -18.11 9.24
CA ALA J 368 37.82 -17.76 8.83
C ALA J 368 38.79 -17.89 9.99
N VAL J 369 38.37 -17.47 11.19
CA VAL J 369 39.23 -17.61 12.37
C VAL J 369 39.54 -19.08 12.61
N LEU J 370 38.50 -19.92 12.60
CA LEU J 370 38.73 -21.35 12.82
C LEU J 370 39.58 -21.95 11.71
N GLN J 371 39.38 -21.49 10.47
CA GLN J 371 40.15 -22.02 9.35
C GLN J 371 41.61 -21.64 9.45
N LYS J 372 41.92 -20.42 9.90
CA LYS J 372 43.31 -20.04 10.06
C LYS J 372 43.95 -20.76 11.24
N GLU J 373 43.18 -21.04 12.29
CA GLU J 373 43.69 -21.89 13.36
C GLU J 373 44.05 -23.27 12.83
N LEU J 374 43.13 -23.88 12.08
CA LEU J 374 43.37 -25.20 11.52
C LEU J 374 44.52 -25.17 10.52
N ASP J 375 44.65 -24.08 9.76
CA ASP J 375 45.73 -23.96 8.79
C ASP J 375 47.07 -23.79 9.49
N LEU J 376 47.11 -23.07 10.60
CA LEU J 376 48.33 -23.02 11.40
C LEU J 376 48.71 -24.41 11.89
N TRP J 377 47.73 -25.16 12.39
CA TRP J 377 48.01 -26.53 12.84
C TRP J 377 48.56 -27.36 11.69
N GLU J 378 47.94 -27.22 10.52
CA GLU J 378 48.30 -28.04 9.36
C GLU J 378 49.68 -27.67 8.83
N ALA J 379 49.98 -26.38 8.74
CA ALA J 379 51.32 -25.99 8.34
C ALA J 379 52.35 -26.41 9.37
N GLU J 380 51.93 -26.55 10.63
CA GLU J 380 52.87 -26.92 11.67
C GLU J 380 53.19 -28.41 11.66
N HIS J 381 52.24 -29.26 11.22
CA HIS J 381 52.42 -30.71 11.33
C HIS J 381 52.45 -31.43 9.99
N GLY J 382 51.61 -31.04 9.04
CA GLY J 382 51.62 -31.60 7.70
C GLY J 382 50.35 -32.39 7.46
N GLU J 383 50.13 -32.73 6.19
CA GLU J 383 48.91 -33.43 5.83
C GLU J 383 48.98 -34.90 6.24
N PHE J 384 50.16 -35.51 6.18
CA PHE J 384 50.28 -36.91 6.56
C PHE J 384 49.96 -37.11 8.04
N TYR J 385 50.69 -36.40 8.90
CA TYR J 385 50.42 -36.44 10.34
C TYR J 385 48.99 -36.02 10.65
N ALA J 386 48.38 -35.22 9.76
CA ALA J 386 47.03 -34.73 10.03
C ALA J 386 45.97 -35.78 9.73
N LYS J 387 45.97 -36.33 8.52
CA LYS J 387 44.99 -37.35 8.17
C LYS J 387 45.34 -38.71 8.76
N GLY J 388 46.50 -38.84 9.42
CA GLY J 388 46.84 -40.06 10.11
C GLY J 388 46.33 -40.19 11.52
N ILE J 389 45.79 -39.14 12.13
CA ILE J 389 45.38 -39.17 13.54
C ILE J 389 43.88 -39.41 13.70
N GLN J 390 43.18 -39.72 12.61
CA GLN J 390 41.73 -39.86 12.68
C GLN J 390 41.37 -41.03 13.61
N PRO J 391 40.17 -40.97 14.24
CA PRO J 391 39.75 -42.14 15.03
C PRO J 391 39.42 -43.33 14.16
N THR J 392 40.20 -44.40 14.29
CA THR J 392 39.91 -45.66 13.62
C THR J 392 39.18 -46.64 14.52
N PHE J 393 39.50 -46.64 15.81
CA PHE J 393 38.95 -47.63 16.72
C PHE J 393 37.50 -47.34 17.05
N SER J 394 36.70 -48.40 17.13
CA SER J 394 35.31 -48.33 17.56
C SER J 394 34.99 -49.63 18.24
N ALA J 395 34.38 -49.56 19.43
CA ALA J 395 34.11 -50.76 20.21
C ALA J 395 33.12 -51.67 19.48
N LEU J 396 32.19 -51.09 18.71
CA LEU J 396 31.22 -51.90 17.99
C LEU J 396 31.81 -52.58 16.77
N LYS J 397 32.95 -52.10 16.27
CA LYS J 397 33.60 -52.72 15.12
C LYS J 397 34.45 -53.93 15.49
N SER J 398 34.61 -54.21 16.78
CA SER J 398 35.40 -55.36 17.20
C SER J 398 34.77 -56.66 16.71
N ARG J 399 35.62 -57.59 16.28
CA ARG J 399 35.19 -58.90 15.79
C ARG J 399 35.78 -59.98 16.66
N THR J 400 34.93 -60.85 17.20
CA THR J 400 35.35 -61.92 18.10
C THR J 400 35.34 -63.24 17.35
N TYR J 401 36.36 -64.05 17.58
CA TYR J 401 36.45 -65.41 17.07
C TYR J 401 36.73 -66.33 18.25
N ASP J 402 35.79 -67.22 18.57
CA ASP J 402 35.96 -68.18 19.65
C ASP J 402 35.41 -69.57 19.31
N SER J 403 34.97 -69.81 18.08
CA SER J 403 34.31 -71.08 17.74
C SER J 403 35.32 -72.11 17.23
N TYR J 404 36.38 -72.29 18.03
CA TYR J 404 37.35 -73.35 17.77
C TYR J 404 36.69 -74.72 17.75
N TRP J 405 35.63 -74.89 18.55
CA TRP J 405 34.91 -76.17 18.55
C TRP J 405 34.40 -76.51 17.16
N ASN J 406 33.90 -75.51 16.43
CA ASN J 406 33.46 -75.72 15.07
C ASN J 406 34.63 -75.86 14.10
N TRP J 407 35.62 -74.98 14.24
CA TRP J 407 36.70 -74.97 13.27
C TRP J 407 37.51 -76.25 13.38
N ALA J 408 37.59 -76.89 14.54
CA ALA J 408 38.30 -78.17 14.62
C ALA J 408 37.72 -79.19 13.66
N ARG J 409 36.40 -79.40 13.72
CA ARG J 409 35.74 -80.34 12.83
C ARG J 409 35.87 -79.90 11.37
N GLN J 410 35.78 -78.60 11.11
CA GLN J 410 35.92 -78.09 9.75
C GLN J 410 37.28 -78.47 9.16
N ASP J 411 38.36 -78.18 9.89
CA ASP J 411 39.70 -78.52 9.42
C ASP J 411 39.91 -80.03 9.34
N VAL J 412 39.31 -80.78 10.27
CA VAL J 412 39.41 -82.24 10.24
C VAL J 412 38.83 -82.77 8.93
N LEU J 413 37.63 -82.31 8.57
CA LEU J 413 37.02 -82.77 7.32
C LEU J 413 37.82 -82.32 6.12
N SER J 414 38.34 -81.09 6.14
CA SER J 414 39.15 -80.61 5.03
C SER J 414 40.35 -81.51 4.79
N MET J 415 41.10 -81.81 5.85
CA MET J 415 42.26 -82.68 5.71
C MET J 415 41.84 -84.09 5.31
N TYR J 416 40.75 -84.59 5.88
CA TYR J 416 40.28 -85.93 5.57
C TYR J 416 40.00 -86.08 4.08
N PHE J 417 39.26 -85.14 3.50
CA PHE J 417 38.96 -85.24 2.08
C PHE J 417 40.18 -84.94 1.21
N ASP J 418 41.07 -84.06 1.66
CA ASP J 418 42.30 -83.82 0.92
C ASP J 418 43.10 -85.11 0.78
N ILE J 419 43.27 -85.84 1.87
CA ILE J 419 44.01 -87.11 1.78
C ILE J 419 43.20 -88.14 1.00
N ILE J 420 41.88 -88.12 1.12
CA ILE J 420 41.05 -89.08 0.38
C ILE J 420 41.20 -88.89 -1.13
N PHE J 421 41.41 -87.65 -1.58
CA PHE J 421 41.64 -87.36 -2.98
C PHE J 421 43.10 -87.24 -3.36
N GLY J 422 44.02 -87.44 -2.42
CA GLY J 422 45.43 -87.43 -2.75
C GLY J 422 46.04 -86.05 -2.89
N LYS J 423 45.31 -84.99 -2.55
CA LYS J 423 45.90 -83.66 -2.50
C LYS J 423 46.94 -83.54 -1.40
N LEU J 424 46.91 -84.43 -0.41
CA LEU J 424 47.92 -84.47 0.65
C LEU J 424 48.34 -85.92 0.90
N VAL J 427 52.19 -87.02 7.03
CA VAL J 427 52.86 -87.36 5.78
C VAL J 427 53.76 -86.22 5.33
N ASP J 428 53.37 -84.99 5.66
CA ASP J 428 54.13 -83.82 5.32
C ASP J 428 54.03 -82.80 6.45
N ARG J 429 54.89 -81.78 6.40
CA ARG J 429 54.99 -80.84 7.52
C ARG J 429 53.74 -79.99 7.67
N GLU J 430 53.12 -79.56 6.56
CA GLU J 430 51.87 -78.82 6.69
C GLU J 430 50.77 -79.71 7.25
N THR J 431 50.77 -80.99 6.86
CA THR J 431 49.82 -81.94 7.44
C THR J 431 50.05 -82.08 8.94
N ILE J 432 51.30 -82.16 9.37
CA ILE J 432 51.61 -82.29 10.79
C ILE J 432 51.21 -81.02 11.54
N ASN J 433 51.39 -79.86 10.91
CA ASN J 433 50.97 -78.62 11.53
C ASN J 433 49.46 -78.59 11.73
N GLN J 434 48.70 -79.00 10.71
CA GLN J 434 47.25 -79.07 10.85
C GLN J 434 46.85 -80.08 11.92
N CYS J 435 47.60 -81.19 12.01
CA CYS J 435 47.34 -82.16 13.07
C CYS J 435 47.59 -81.54 14.44
N ILE J 436 48.65 -80.75 14.57
CA ILE J 436 48.92 -80.06 15.83
C ILE J 436 47.77 -79.14 16.18
N GLN J 437 47.24 -78.42 15.19
CA GLN J 437 46.12 -77.52 15.44
C GLN J 437 44.88 -78.28 15.89
N ILE J 438 44.61 -79.41 15.23
CA ILE J 438 43.43 -80.21 15.58
C ILE J 438 43.59 -80.79 16.97
N MET J 439 44.81 -81.23 17.32
CA MET J 439 45.09 -81.69 18.67
C MET J 439 44.90 -80.57 19.68
N ASN J 440 45.33 -79.36 19.34
CA ASN J 440 45.14 -78.21 20.20
C ASN J 440 43.66 -77.95 20.45
N ARG J 441 42.83 -78.19 19.45
CA ARG J 441 41.38 -78.05 19.59
C ARG J 441 40.69 -79.33 20.04
N ALA J 442 41.45 -80.39 20.34
CA ALA J 442 40.87 -81.68 20.69
C ALA J 442 39.95 -81.60 21.90
N ASN J 443 38.75 -82.14 21.77
CA ASN J 443 37.77 -82.24 22.83
C ASN J 443 36.97 -83.51 22.62
N PRO J 444 36.15 -83.92 23.61
CA PRO J 444 35.45 -85.22 23.47
C PRO J 444 34.56 -85.30 22.24
N THR J 445 33.87 -84.21 21.90
CA THR J 445 33.02 -84.21 20.71
C THR J 445 33.85 -84.42 19.45
N LEU J 446 35.01 -83.74 19.36
CA LEU J 446 35.86 -83.90 18.19
C LEU J 446 36.44 -85.31 18.14
N ILE J 447 36.75 -85.90 19.29
CA ILE J 447 37.25 -87.26 19.32
C ILE J 447 36.20 -88.21 18.76
N LYS J 448 34.95 -88.05 19.20
CA LYS J 448 33.87 -88.89 18.67
C LYS J 448 33.66 -88.65 17.18
N PHE J 449 33.80 -87.40 16.74
CA PHE J 449 33.66 -87.06 15.33
C PHE J 449 34.69 -87.81 14.48
N MET J 450 35.97 -87.70 14.86
CA MET J 450 37.02 -88.40 14.13
C MET J 450 36.82 -89.90 14.20
N GLN J 451 36.42 -90.42 15.37
CA GLN J 451 36.23 -91.85 15.51
C GLN J 451 35.15 -92.36 14.57
N TYR J 452 34.02 -91.64 14.47
CA TYR J 452 33.01 -92.03 13.50
C TYR J 452 33.58 -92.02 12.09
N HIS J 453 34.19 -90.89 11.70
CA HIS J 453 34.58 -90.72 10.31
C HIS J 453 35.70 -91.68 9.89
N ILE J 454 36.46 -92.21 10.85
CA ILE J 454 37.52 -93.17 10.52
C ILE J 454 37.03 -94.61 10.65
N ASP J 455 36.31 -94.95 11.72
CA ASP J 455 35.78 -96.30 11.87
C ASP J 455 34.77 -96.63 10.78
N HIS J 456 34.20 -95.63 10.09
CA HIS J 456 33.36 -95.87 8.93
C HIS J 456 33.98 -95.33 7.65
N CYS J 457 35.30 -95.51 7.51
CA CYS J 457 36.00 -95.19 6.27
C CYS J 457 36.24 -96.48 5.49
N PRO J 458 35.64 -96.66 4.31
CA PRO J 458 35.85 -97.92 3.57
C PRO J 458 37.26 -98.00 2.99
N GLU J 459 37.98 -99.06 3.34
CA GLU J 459 39.36 -99.23 2.87
C GLU J 459 39.40 -99.80 1.45
N TYR J 460 38.41 -100.61 1.07
CA TYR J 460 38.44 -101.28 -0.23
C TYR J 460 38.41 -100.30 -1.39
N LYS J 461 37.98 -99.05 -1.16
CA LYS J 461 37.88 -98.08 -2.25
C LYS J 461 39.24 -97.70 -2.82
N GLY J 462 40.32 -97.88 -2.07
CA GLY J 462 41.63 -97.64 -2.61
C GLY J 462 42.69 -97.53 -1.53
N GLU J 463 43.94 -97.61 -1.99
CA GLU J 463 45.06 -97.36 -1.11
C GLU J 463 45.00 -95.95 -0.53
N THR J 464 44.41 -95.02 -1.27
CA THR J 464 44.24 -93.66 -0.75
C THR J 464 43.30 -93.67 0.45
N TYR J 465 42.23 -94.46 0.38
CA TYR J 465 41.33 -94.58 1.53
C TYR J 465 42.01 -95.29 2.68
N LYS J 466 42.82 -96.31 2.39
CA LYS J 466 43.58 -96.96 3.46
C LYS J 466 44.52 -95.97 4.14
N LEU J 467 45.14 -95.09 3.35
CA LEU J 467 46.03 -94.08 3.91
C LEU J 467 45.25 -93.10 4.79
N ALA J 468 44.12 -92.59 4.27
CA ALA J 468 43.27 -91.72 5.07
C ALA J 468 42.91 -92.38 6.39
N LYS J 469 42.52 -93.66 6.34
CA LYS J 469 42.15 -94.37 7.55
C LYS J 469 43.32 -94.44 8.53
N ARG J 470 44.45 -95.01 8.11
CA ARG J 470 45.54 -95.25 9.08
C ARG J 470 46.06 -93.94 9.65
N LEU J 471 46.19 -92.90 8.82
CA LEU J 471 46.56 -91.59 9.36
C LEU J 471 45.52 -91.10 10.35
N GLY J 472 44.24 -91.37 10.09
CA GLY J 472 43.20 -90.99 11.03
C GLY J 472 43.28 -91.74 12.35
N GLN J 473 43.58 -93.03 12.30
CA GLN J 473 43.79 -93.78 13.54
C GLN J 473 44.94 -93.19 14.34
N GLN J 474 46.04 -92.87 13.66
CA GLN J 474 47.17 -92.27 14.36
C GLN J 474 46.78 -90.94 14.98
N LEU J 475 46.04 -90.11 14.25
CA LEU J 475 45.66 -88.80 14.77
C LEU J 475 44.64 -88.93 15.89
N ILE J 476 43.76 -89.93 15.82
CA ILE J 476 42.82 -90.17 16.91
C ILE J 476 43.56 -90.55 18.17
N ASP J 477 44.57 -91.42 18.04
CA ASP J 477 45.38 -91.78 19.21
C ASP J 477 46.09 -90.55 19.76
N ASN J 478 46.64 -89.72 18.89
CA ASN J 478 47.35 -88.53 19.35
C ASN J 478 46.40 -87.58 20.08
N CYS J 479 45.21 -87.37 19.54
CA CYS J 479 44.25 -86.45 20.18
C CYS J 479 43.71 -87.04 21.48
N LYS J 480 43.55 -88.37 21.55
CA LYS J 480 43.18 -89.00 22.81
C LYS J 480 44.25 -88.77 23.86
N GLN J 481 45.52 -88.89 23.48
CA GLN J 481 46.60 -88.61 24.42
C GLN J 481 46.59 -87.14 24.84
N VAL J 482 46.33 -86.23 23.89
CA VAL J 482 46.24 -84.80 24.18
C VAL J 482 44.98 -84.46 24.99
N LEU J 483 44.04 -85.39 25.12
CA LEU J 483 42.83 -85.13 25.88
C LEU J 483 43.17 -84.66 27.30
N THR J 484 42.58 -83.53 27.69
CA THR J 484 42.68 -82.90 29.00
C THR J 484 43.97 -82.11 29.22
N GLU J 485 44.94 -82.13 28.30
CA GLU J 485 46.17 -81.36 28.47
C GLU J 485 46.15 -80.14 27.55
N ASP J 486 47.03 -79.20 27.86
CA ASP J 486 46.90 -77.84 27.36
C ASP J 486 47.18 -77.76 25.86
N PRO J 487 46.69 -76.73 25.18
CA PRO J 487 47.04 -76.55 23.76
C PRO J 487 48.39 -75.87 23.63
N VAL J 488 49.25 -76.48 22.79
CA VAL J 488 50.65 -76.10 22.70
C VAL J 488 50.93 -75.56 21.29
N TYR J 489 51.58 -74.41 21.24
CA TYR J 489 52.11 -73.88 19.99
C TYR J 489 53.38 -74.65 19.63
N LYS J 490 53.32 -75.40 18.54
CA LYS J 490 54.44 -76.22 18.08
C LYS J 490 54.63 -75.93 16.60
N ASP J 491 55.63 -75.11 16.27
CA ASP J 491 55.93 -74.78 14.89
C ASP J 491 56.78 -75.88 14.27
N VAL J 492 56.25 -76.53 13.23
CA VAL J 492 56.88 -77.66 12.58
C VAL J 492 57.26 -77.35 11.13
N SER J 493 57.19 -76.09 10.73
CA SER J 493 57.58 -75.73 9.38
C SER J 493 59.07 -75.98 9.18
N ARG J 494 59.45 -76.35 7.96
CA ARG J 494 60.85 -76.60 7.68
C ARG J 494 61.62 -75.28 7.71
N ILE J 495 62.76 -75.30 8.39
CA ILE J 495 63.61 -74.12 8.51
C ILE J 495 64.13 -73.77 7.12
N THR J 496 63.70 -72.63 6.59
CA THR J 496 64.08 -72.18 5.27
C THR J 496 65.11 -71.07 5.37
N GLY J 497 66.02 -71.04 4.40
CA GLY J 497 67.06 -70.04 4.32
C GLY J 497 66.99 -69.29 3.02
N PRO J 498 67.68 -68.15 2.95
CA PRO J 498 67.69 -67.38 1.71
C PRO J 498 68.52 -68.06 0.64
N LYS J 499 68.19 -67.78 -0.61
CA LYS J 499 69.05 -68.17 -1.71
C LYS J 499 68.65 -67.35 -2.92
N THR J 500 69.63 -66.67 -3.49
CA THR J 500 69.46 -65.86 -4.69
C THR J 500 70.26 -66.48 -5.83
N LYS J 501 69.59 -66.66 -6.97
CA LYS J 501 70.23 -67.16 -8.19
C LYS J 501 70.02 -66.11 -9.27
N VAL J 502 71.11 -65.63 -9.85
CA VAL J 502 71.05 -64.78 -11.02
C VAL J 502 71.17 -65.67 -12.25
N SER J 503 70.09 -65.78 -13.01
CA SER J 503 70.12 -66.58 -14.23
C SER J 503 71.12 -65.99 -15.21
N ALA J 504 71.56 -66.83 -16.15
CA ALA J 504 72.52 -66.37 -17.16
C ALA J 504 71.93 -65.28 -18.06
N LYS J 505 70.63 -65.08 -18.02
CA LYS J 505 69.98 -63.98 -18.72
C LYS J 505 69.97 -62.72 -17.88
N GLY J 506 70.50 -62.78 -16.66
CA GLY J 506 70.53 -61.61 -15.80
C GLY J 506 69.29 -61.41 -14.95
N ASN J 507 68.44 -62.41 -14.80
CA ASN J 507 67.23 -62.32 -14.00
C ASN J 507 67.54 -62.78 -12.58
N ILE J 508 67.32 -61.91 -11.60
CA ILE J 508 67.53 -62.26 -10.20
C ILE J 508 66.28 -62.98 -9.70
N GLU J 509 66.46 -64.18 -9.15
CA GLU J 509 65.38 -64.95 -8.57
C GLU J 509 65.76 -65.33 -7.15
N TYR J 510 64.93 -64.92 -6.19
CA TYR J 510 65.12 -65.24 -4.78
C TYR J 510 64.11 -66.30 -4.38
N GLU J 511 64.57 -67.33 -3.68
CA GLU J 511 63.68 -68.38 -3.19
C GLU J 511 64.06 -68.78 -1.78
N GLU J 512 63.05 -69.14 -1.00
CA GLU J 512 63.24 -69.67 0.34
C GLU J 512 63.43 -71.17 0.24
N THR J 513 64.63 -71.65 0.59
CA THR J 513 64.98 -73.04 0.38
C THR J 513 65.45 -73.69 1.67
N GLN J 514 64.99 -74.91 1.90
CA GLN J 514 65.19 -75.59 3.17
C GLN J 514 66.68 -75.76 3.45
N LYS J 515 67.09 -75.40 4.67
CA LYS J 515 68.48 -75.53 5.05
C LYS J 515 68.89 -77.00 5.10
N ASP J 516 70.06 -77.31 4.57
CA ASP J 516 70.50 -78.70 4.52
C ASP J 516 70.80 -79.22 5.92
N SER J 517 71.56 -78.46 6.72
CA SER J 517 71.96 -78.91 8.04
C SER J 517 70.88 -78.71 9.09
N VAL J 518 69.86 -77.92 8.81
CA VAL J 518 68.79 -77.62 9.75
C VAL J 518 67.46 -77.91 9.08
N ARG J 519 66.66 -78.78 9.70
CA ARG J 519 65.36 -79.18 9.18
C ARG J 519 64.21 -78.85 10.12
N LYS J 520 64.39 -79.05 11.42
CA LYS J 520 63.37 -78.80 12.42
C LYS J 520 63.73 -77.58 13.24
N PHE J 521 62.74 -77.06 13.97
CA PHE J 521 63.02 -75.98 14.91
C PHE J 521 63.91 -76.44 16.05
N GLU J 522 63.96 -77.73 16.32
CA GLU J 522 64.91 -78.25 17.30
C GLU J 522 66.34 -78.02 16.82
N GLN J 523 66.61 -78.39 15.57
CA GLN J 523 67.94 -78.13 15.00
C GLN J 523 68.19 -76.64 14.83
N TYR J 524 67.13 -75.85 14.60
CA TYR J 524 67.29 -74.40 14.58
C TYR J 524 67.82 -73.90 15.91
N VAL J 525 67.19 -74.33 17.02
CA VAL J 525 67.65 -73.91 18.34
C VAL J 525 69.06 -74.43 18.60
N TYR J 526 69.37 -75.64 18.12
CA TYR J 526 70.71 -76.18 18.31
C TYR J 526 71.75 -75.32 17.61
N GLU J 527 71.48 -74.88 16.38
CA GLU J 527 72.44 -74.03 15.69
C GLU J 527 72.49 -72.63 16.32
N MET J 528 71.36 -72.17 16.88
CA MET J 528 71.38 -70.93 17.65
C MET J 528 72.37 -71.05 18.81
N ALA J 529 72.28 -72.14 19.56
CA ALA J 529 73.20 -72.34 20.67
C ALA J 529 74.65 -72.46 20.20
N GLN J 530 74.87 -73.20 19.11
CA GLN J 530 76.21 -73.35 18.56
C GLN J 530 76.79 -72.02 18.09
N GLY J 531 75.94 -71.08 17.67
CA GLY J 531 76.43 -69.79 17.21
C GLY J 531 77.20 -69.89 15.92
N GLY J 532 78.33 -69.19 15.83
CA GLY J 532 79.14 -69.21 14.62
C GLY J 532 80.52 -68.71 14.89
N ALA J 533 81.37 -68.84 13.87
CA ALA J 533 82.74 -68.35 13.98
C ALA J 533 82.79 -66.85 14.20
N MET J 534 81.82 -66.12 13.65
CA MET J 534 81.79 -64.67 13.82
C MET J 534 81.34 -64.26 15.21
N THR J 535 80.47 -65.06 15.83
CA THR J 535 79.92 -64.73 17.16
C THR J 535 80.85 -65.25 18.27
N LYS J 536 82.10 -64.80 18.22
CA LYS J 536 83.11 -65.21 19.18
C LYS J 536 83.96 -64.02 19.62
N GLN J 628 72.62 -82.32 28.86
CA GLN J 628 71.56 -82.72 27.93
C GLN J 628 70.75 -81.56 27.29
N PRO J 629 70.53 -80.44 27.97
CA PRO J 629 69.87 -79.32 27.29
C PRO J 629 70.85 -78.58 26.39
N VAL J 630 70.33 -77.55 25.72
CA VAL J 630 71.15 -76.71 24.85
C VAL J 630 72.01 -75.77 25.69
N SER J 631 71.81 -75.77 27.01
CA SER J 631 72.75 -75.08 27.90
C SER J 631 74.15 -75.68 27.79
N SER J 632 74.26 -76.99 27.72
CA SER J 632 75.53 -77.68 27.60
C SER J 632 76.07 -77.67 26.16
N THR J 633 75.33 -77.11 25.22
CA THR J 633 75.74 -77.10 23.82
C THR J 633 76.52 -75.85 23.44
N ILE J 634 76.34 -74.76 24.18
CA ILE J 634 76.90 -73.46 23.80
C ILE J 634 78.42 -73.57 23.88
N PRO J 635 79.18 -73.28 22.82
CA PRO J 635 80.64 -73.33 22.95
C PRO J 635 81.16 -72.27 23.88
N SER J 636 82.27 -72.60 24.54
CA SER J 636 82.91 -71.63 25.42
C SER J 636 83.48 -70.47 24.60
N GLN J 637 83.32 -69.26 25.13
CA GLN J 637 83.80 -68.04 24.47
C GLN J 637 83.17 -67.88 23.09
N THR J 638 81.90 -68.30 22.97
CA THR J 638 81.12 -68.13 21.75
C THR J 638 79.74 -67.63 22.13
N ILE J 639 79.31 -66.55 21.49
CA ILE J 639 78.01 -65.94 21.75
C ILE J 639 76.99 -66.60 20.83
N PRO J 640 75.91 -67.20 21.35
CA PRO J 640 74.88 -67.71 20.45
C PRO J 640 74.15 -66.59 19.73
N PHE J 641 73.57 -66.94 18.57
CA PHE J 641 72.91 -65.93 17.75
C PHE J 641 71.75 -65.27 18.50
N LEU J 642 70.89 -66.08 19.12
CA LEU J 642 69.85 -65.58 20.01
C LEU J 642 70.38 -65.68 21.43
N HIS J 643 70.45 -64.55 22.13
CA HIS J 643 70.96 -64.54 23.49
C HIS J 643 70.25 -63.44 24.29
N ILE J 644 70.39 -63.51 25.60
CA ILE J 644 69.87 -62.50 26.51
C ILE J 644 71.04 -61.75 27.11
N GLN J 645 70.98 -60.42 27.08
CA GLN J 645 72.03 -59.57 27.60
C GLN J 645 71.66 -59.11 29.01
N LYS J 646 72.61 -59.22 29.93
CA LYS J 646 72.45 -58.75 31.30
C LYS J 646 73.06 -57.36 31.43
N LYS J 647 72.40 -56.49 32.17
CA LYS J 647 72.89 -55.13 32.37
C LYS J 647 73.98 -55.14 33.43
N THR J 648 75.19 -54.76 33.04
CA THR J 648 76.29 -54.62 33.97
C THR J 648 76.13 -53.28 34.69
N LYS J 649 77.17 -52.85 35.41
CA LYS J 649 77.12 -51.56 36.08
C LYS J 649 77.41 -50.43 35.09
N ASP J 650 76.65 -50.36 34.01
CA ASP J 650 76.85 -49.39 32.95
C ASP J 650 75.90 -49.66 31.79
N GLY J 651 76.20 -50.68 30.98
CA GLY J 651 75.45 -51.01 29.79
C GLY J 651 74.97 -52.45 29.81
N TRP J 652 74.67 -52.97 28.62
CA TRP J 652 74.12 -54.30 28.44
C TRP J 652 75.13 -55.18 27.72
N GLU J 653 75.44 -56.33 28.30
CA GLU J 653 76.41 -57.27 27.76
C GLU J 653 75.80 -58.66 27.71
N TYR J 654 76.31 -59.49 26.80
CA TYR J 654 75.87 -60.86 26.68
C TYR J 654 76.07 -61.60 28.01
N ASN J 655 75.07 -62.41 28.37
CA ASN J 655 75.06 -63.14 29.62
C ASN J 655 74.82 -64.62 29.36
N LYS J 656 75.67 -65.46 29.94
CA LYS J 656 75.63 -66.90 29.67
C LYS J 656 74.40 -67.57 30.30
N LYS J 657 74.11 -67.30 31.57
CA LYS J 657 73.04 -68.02 32.26
C LYS J 657 71.67 -67.66 31.70
N LEU J 658 71.42 -66.37 31.46
CA LEU J 658 70.14 -65.96 30.92
C LEU J 658 69.96 -66.46 29.49
N SER J 659 71.04 -66.42 28.70
CA SER J 659 70.98 -66.95 27.35
C SER J 659 70.70 -68.45 27.36
N SER J 660 71.34 -69.18 28.28
CA SER J 660 71.09 -70.60 28.37
C SER J 660 69.66 -70.88 28.77
N LEU J 661 69.11 -70.08 29.70
CA LEU J 661 67.71 -70.24 30.08
C LEU J 661 66.79 -70.01 28.88
N TYR J 662 67.07 -68.96 28.11
CA TYR J 662 66.24 -68.65 26.95
C TYR J 662 66.33 -69.74 25.89
N LEU J 663 67.54 -70.23 25.61
CA LEU J 663 67.69 -71.29 24.61
C LEU J 663 67.08 -72.60 25.10
N ASP J 664 67.14 -72.87 26.40
CA ASP J 664 66.46 -74.06 26.94
C ASP J 664 64.95 -73.94 26.79
N GLY J 665 64.41 -72.74 27.03
CA GLY J 665 63.00 -72.52 26.78
C GLY J 665 62.64 -72.72 25.31
N LEU J 666 63.51 -72.26 24.41
CA LEU J 666 63.27 -72.47 22.99
C LEU J 666 63.32 -73.95 22.64
N GLU J 667 64.26 -74.69 23.22
CA GLU J 667 64.33 -76.13 22.98
C GLU J 667 63.07 -76.83 23.46
N SER J 668 62.60 -76.46 24.66
CA SER J 668 61.37 -77.04 25.19
C SER J 668 60.19 -76.72 24.29
N ALA J 669 60.11 -75.48 23.80
CA ALA J 669 59.04 -75.10 22.88
C ALA J 669 59.12 -75.92 21.59
N ALA J 670 60.34 -76.12 21.08
CA ALA J 670 60.49 -76.87 19.84
C ALA J 670 60.05 -78.32 19.99
N ILE J 671 60.41 -78.96 21.10
CA ILE J 671 60.14 -80.39 21.25
C ILE J 671 58.71 -80.63 21.73
N ASN J 672 58.28 -79.96 22.80
CA ASN J 672 56.99 -80.20 23.40
C ASN J 672 55.92 -79.19 22.99
N GLY J 673 56.30 -78.11 22.31
CA GLY J 673 55.38 -77.03 22.06
C GLY J 673 55.29 -76.10 23.26
N LEU J 674 54.49 -75.04 23.08
CA LEU J 674 54.39 -73.97 24.06
C LEU J 674 52.92 -73.61 24.26
N THR J 675 52.45 -73.70 25.50
CA THR J 675 51.10 -73.30 25.84
C THR J 675 51.08 -71.81 26.20
N PHE J 676 50.11 -71.09 25.65
CA PHE J 676 49.84 -69.71 26.02
C PHE J 676 48.44 -69.56 26.62
N LYS J 677 47.91 -70.64 27.20
CA LYS J 677 46.60 -70.58 27.84
C LYS J 677 46.64 -69.59 29.00
N ASP J 678 45.53 -68.88 29.20
CA ASP J 678 45.39 -67.84 30.20
C ASP J 678 46.35 -66.67 29.96
N LYS J 679 46.85 -66.52 28.74
CA LYS J 679 47.69 -65.39 28.35
C LYS J 679 46.83 -64.44 27.53
N TYR J 680 46.60 -63.25 28.07
CA TYR J 680 45.84 -62.21 27.39
C TYR J 680 46.83 -61.25 26.76
N VAL J 681 46.86 -61.24 25.43
CA VAL J 681 47.85 -60.49 24.67
C VAL J 681 47.16 -59.37 23.91
N LEU J 682 47.87 -58.26 23.75
CA LEU J 682 47.47 -57.17 22.86
C LEU J 682 48.58 -56.98 21.84
N VAL J 683 48.34 -57.40 20.59
CA VAL J 683 49.35 -57.36 19.55
C VAL J 683 48.92 -56.36 18.49
N THR J 684 49.85 -55.48 18.10
CA THR J 684 49.64 -54.54 17.02
C THR J 684 50.72 -54.75 15.96
N GLY J 685 50.42 -54.29 14.75
CA GLY J 685 51.30 -54.54 13.62
C GLY J 685 51.38 -55.99 13.25
N ALA J 686 50.25 -56.70 13.28
CA ALA J 686 50.18 -58.12 12.96
C ALA J 686 49.38 -58.40 11.70
N GLY J 687 49.50 -57.54 10.70
CA GLY J 687 48.85 -57.79 9.43
C GLY J 687 49.54 -58.89 8.65
N ALA J 688 48.94 -59.25 7.53
CA ALA J 688 49.47 -60.32 6.71
C ALA J 688 50.88 -59.98 6.22
N GLY J 689 51.73 -60.99 6.16
CA GLY J 689 53.10 -60.79 5.74
C GLY J 689 53.94 -59.96 6.70
N SER J 690 53.82 -60.21 7.99
CA SER J 690 54.63 -59.53 8.99
C SER J 690 54.96 -60.51 10.11
N ILE J 691 55.95 -60.14 10.93
CA ILE J 691 56.30 -60.97 12.07
C ILE J 691 55.13 -61.07 13.03
N GLY J 692 54.39 -59.98 13.20
CA GLY J 692 53.28 -59.99 14.15
C GLY J 692 52.19 -60.97 13.79
N ALA J 693 51.97 -61.20 12.49
CA ALA J 693 50.97 -62.19 12.08
C ALA J 693 51.38 -63.59 12.52
N GLU J 694 52.65 -63.93 12.36
CA GLU J 694 53.13 -65.23 12.80
C GLU J 694 53.12 -65.33 14.33
N ILE J 695 53.39 -64.21 15.00
CA ILE J 695 53.27 -64.17 16.46
C ILE J 695 51.85 -64.48 16.87
N LEU J 696 50.87 -63.87 16.19
CA LEU J 696 49.47 -64.12 16.49
C LEU J 696 49.10 -65.56 16.21
N GLN J 697 49.60 -66.12 15.11
CA GLN J 697 49.37 -67.52 14.80
C GLN J 697 49.86 -68.40 15.94
N GLY J 698 51.07 -68.15 16.43
CA GLY J 698 51.61 -68.96 17.50
C GLY J 698 50.87 -68.79 18.80
N LEU J 699 50.51 -67.55 19.14
CA LEU J 699 49.76 -67.30 20.37
C LEU J 699 48.41 -68.00 20.35
N ILE J 700 47.69 -67.88 19.23
CA ILE J 700 46.37 -68.46 19.13
C ILE J 700 46.46 -69.98 19.00
N SER J 701 47.60 -70.49 18.53
CA SER J 701 47.84 -71.93 18.57
C SER J 701 48.07 -72.41 20.00
N GLY J 702 48.82 -71.65 20.78
CA GLY J 702 49.07 -71.97 22.16
C GLY J 702 47.90 -71.75 23.08
N GLY J 703 46.85 -71.08 22.60
CA GLY J 703 45.63 -70.90 23.37
C GLY J 703 45.46 -69.52 23.95
N ALA J 704 46.26 -68.56 23.53
CA ALA J 704 46.16 -67.21 24.07
C ALA J 704 44.86 -66.55 23.65
N LYS J 705 44.45 -65.56 24.42
CA LYS J 705 43.33 -64.68 24.08
C LYS J 705 43.96 -63.37 23.63
N VAL J 706 43.94 -63.13 22.32
CA VAL J 706 44.69 -62.05 21.70
C VAL J 706 43.73 -61.02 21.15
N ILE J 707 44.02 -59.75 21.43
CA ILE J 707 43.43 -58.61 20.73
C ILE J 707 44.42 -58.21 19.66
N VAL J 708 44.08 -58.44 18.40
CA VAL J 708 44.89 -58.05 17.27
C VAL J 708 44.37 -56.72 16.72
N THR J 709 45.29 -55.78 16.57
CA THR J 709 45.05 -54.49 15.93
C THR J 709 45.26 -54.59 14.42
N THR J 710 44.46 -53.83 13.68
CA THR J 710 44.67 -53.63 12.25
C THR J 710 44.46 -52.14 11.95
N SER J 711 45.45 -51.52 11.32
CA SER J 711 45.31 -50.14 10.88
C SER J 711 44.46 -50.01 9.62
N ARG J 712 44.16 -51.13 8.96
CA ARG J 712 43.36 -51.14 7.74
C ARG J 712 42.27 -52.19 7.94
N PHE J 713 41.17 -51.78 8.57
CA PHE J 713 40.07 -52.67 8.87
C PHE J 713 39.15 -52.75 7.65
N SER J 714 38.93 -53.97 7.16
CA SER J 714 38.15 -54.19 5.96
C SER J 714 37.68 -55.64 5.94
N LYS J 715 36.86 -55.96 4.94
CA LYS J 715 36.36 -57.32 4.81
C LYS J 715 37.51 -58.29 4.53
N LYS J 716 38.47 -57.88 3.71
CA LYS J 716 39.61 -58.74 3.40
C LYS J 716 40.40 -59.08 4.66
N VAL J 717 40.70 -58.07 5.48
CA VAL J 717 41.45 -58.30 6.71
C VAL J 717 40.62 -59.12 7.70
N THR J 718 39.31 -58.86 7.75
CA THR J 718 38.44 -59.62 8.62
C THR J 718 38.45 -61.10 8.24
N GLU J 719 38.38 -61.39 6.94
CA GLU J 719 38.42 -62.78 6.49
C GLU J 719 39.78 -63.41 6.75
N TYR J 720 40.85 -62.63 6.59
CA TYR J 720 42.18 -63.13 6.90
C TYR J 720 42.28 -63.56 8.36
N TYR J 721 41.83 -62.70 9.27
CA TYR J 721 41.91 -63.08 10.68
C TYR J 721 40.92 -64.18 11.01
N GLN J 722 39.78 -64.22 10.31
CA GLN J 722 38.81 -65.30 10.52
C GLN J 722 39.43 -66.65 10.19
N ASN J 723 40.05 -66.78 9.01
CA ASN J 723 40.58 -68.09 8.65
C ASN J 723 41.88 -68.40 9.40
N MET J 724 42.60 -67.37 9.86
CA MET J 724 43.72 -67.63 10.76
C MET J 724 43.25 -68.19 12.09
N TYR J 725 42.14 -67.68 12.63
CA TYR J 725 41.59 -68.30 13.84
C TYR J 725 41.03 -69.69 13.53
N ALA J 726 40.42 -69.86 12.36
CA ALA J 726 39.85 -71.15 12.00
C ALA J 726 40.93 -72.21 11.88
N ARG J 727 42.11 -71.82 11.41
CA ARG J 727 43.23 -72.76 11.35
C ARG J 727 43.85 -72.94 12.74
N TYR J 728 44.34 -71.86 13.33
CA TYR J 728 45.22 -71.94 14.49
C TYR J 728 44.50 -71.75 15.83
N GLY J 729 43.30 -71.18 15.84
CA GLY J 729 42.62 -70.89 17.09
C GLY J 729 42.41 -72.13 17.95
N ALA J 730 43.16 -72.23 19.03
CA ALA J 730 43.18 -73.43 19.86
C ALA J 730 42.09 -73.38 20.92
N ALA J 731 41.96 -74.49 21.66
CA ALA J 731 40.99 -74.57 22.74
C ALA J 731 41.28 -73.50 23.78
N GLY J 732 40.28 -72.64 24.03
CA GLY J 732 40.41 -71.54 24.94
C GLY J 732 40.87 -70.24 24.32
N SER J 733 41.33 -70.26 23.07
CA SER J 733 41.79 -69.04 22.42
C SER J 733 40.61 -68.18 22.00
N THR J 734 40.86 -66.88 21.90
CA THR J 734 39.86 -65.92 21.46
C THR J 734 40.56 -64.80 20.73
N LEU J 735 40.19 -64.58 19.47
CA LEU J 735 40.80 -63.52 18.66
C LEU J 735 39.84 -62.34 18.55
N ILE J 736 40.31 -61.17 18.97
CA ILE J 736 39.54 -59.93 18.92
C ILE J 736 40.21 -59.03 17.91
N VAL J 737 39.69 -58.99 16.69
CA VAL J 737 40.20 -58.08 15.66
C VAL J 737 39.53 -56.72 15.89
N VAL J 738 40.35 -55.69 16.06
CA VAL J 738 39.82 -54.34 16.31
C VAL J 738 40.38 -53.38 15.27
N PRO J 739 39.58 -52.47 14.71
CA PRO J 739 40.19 -51.33 14.02
C PRO J 739 40.93 -50.48 15.05
N PHE J 740 42.07 -49.95 14.64
CA PHE J 740 42.87 -49.19 15.59
C PHE J 740 43.98 -48.44 14.88
N ASN J 741 44.09 -47.15 15.19
CA ASN J 741 45.18 -46.31 14.73
C ASN J 741 46.10 -46.05 15.92
N GLN J 742 47.31 -46.61 15.87
CA GLN J 742 48.28 -46.32 16.92
C GLN J 742 48.82 -44.90 16.83
N GLY J 743 48.51 -44.17 15.76
CA GLY J 743 48.90 -42.78 15.68
C GLY J 743 48.05 -41.81 16.48
N SER J 744 46.92 -42.28 17.01
CA SER J 744 46.00 -41.45 17.77
C SER J 744 45.95 -41.88 19.23
N LYS J 745 46.24 -40.94 20.12
CA LYS J 745 46.13 -41.18 21.56
C LYS J 745 44.68 -41.51 21.93
N GLN J 746 43.72 -40.93 21.21
CA GLN J 746 42.33 -41.29 21.43
C GLN J 746 42.10 -42.77 21.17
N ASP J 747 42.65 -43.28 20.07
CA ASP J 747 42.51 -44.71 19.78
C ASP J 747 43.21 -45.54 20.85
N VAL J 748 44.41 -45.13 21.26
CA VAL J 748 45.14 -45.89 22.28
C VAL J 748 44.31 -45.99 23.56
N ASP J 749 43.84 -44.85 24.05
CA ASP J 749 43.03 -44.83 25.27
C ASP J 749 41.75 -45.63 25.09
N ALA J 750 41.09 -45.49 23.95
CA ALA J 750 39.82 -46.17 23.73
C ALA J 750 40.01 -47.69 23.66
N LEU J 751 41.06 -48.14 22.98
CA LEU J 751 41.32 -49.58 22.91
C LEU J 751 41.65 -50.14 24.28
N VAL J 752 42.47 -49.42 25.05
CA VAL J 752 42.83 -49.92 26.37
C VAL J 752 41.59 -49.94 27.28
N GLN J 753 40.77 -48.90 27.18
CA GLN J 753 39.50 -48.87 27.92
C GLN J 753 38.62 -50.04 27.53
N TYR J 754 38.55 -50.33 26.22
CA TYR J 754 37.70 -51.42 25.75
C TYR J 754 38.22 -52.77 26.24
N ILE J 755 39.54 -52.95 26.25
CA ILE J 755 40.11 -54.20 26.73
C ILE J 755 39.82 -54.40 28.21
N TYR J 756 39.97 -53.34 29.01
CA TYR J 756 39.87 -53.47 30.46
C TYR J 756 38.45 -53.26 30.99
N ASP J 757 37.51 -52.83 30.15
CA ASP J 757 36.13 -52.69 30.58
C ASP J 757 35.46 -54.05 30.64
N GLU J 758 34.52 -54.19 31.56
CA GLU J 758 33.83 -55.46 31.70
C GLU J 758 32.81 -55.65 30.58
N PRO J 759 32.41 -56.88 30.29
CA PRO J 759 31.46 -57.10 29.18
C PRO J 759 30.14 -56.36 29.36
N LYS J 760 29.72 -56.14 30.61
CA LYS J 760 28.49 -55.40 30.85
C LYS J 760 28.59 -53.96 30.35
N LYS J 761 29.78 -53.35 30.46
CA LYS J 761 30.00 -51.99 30.01
C LYS J 761 30.44 -51.90 28.55
N GLY J 762 30.47 -53.03 27.84
CA GLY J 762 30.81 -53.05 26.43
C GLY J 762 32.24 -53.44 26.12
N GLY J 763 33.08 -53.63 27.14
CA GLY J 763 34.46 -54.02 26.94
C GLY J 763 34.62 -55.52 26.88
N LEU J 764 35.87 -55.96 27.03
CA LEU J 764 36.20 -57.38 27.05
C LEU J 764 36.32 -57.95 28.46
N GLY J 765 36.58 -57.11 29.45
CA GLY J 765 36.80 -57.60 30.80
C GLY J 765 38.06 -58.43 30.91
N TRP J 766 39.10 -58.04 30.18
CA TRP J 766 40.36 -58.77 30.12
C TRP J 766 41.44 -57.93 30.77
N ASP J 767 42.39 -58.60 31.42
CA ASP J 767 43.55 -57.96 32.02
C ASP J 767 44.79 -58.47 31.28
N LEU J 768 45.46 -57.58 30.56
CA LEU J 768 46.47 -58.00 29.60
C LEU J 768 47.67 -58.62 30.31
N ASP J 769 48.08 -59.80 29.82
CA ASP J 769 49.31 -60.45 30.26
C ASP J 769 50.51 -60.09 29.40
N ALA J 770 50.30 -59.70 28.15
CA ALA J 770 51.40 -59.35 27.27
C ALA J 770 50.97 -58.24 26.31
N ILE J 771 51.93 -57.40 25.93
CA ILE J 771 51.74 -56.37 24.93
C ILE J 771 52.85 -56.52 23.91
N ILE J 772 52.47 -56.53 22.63
CA ILE J 772 53.40 -56.69 21.52
C ILE J 772 53.12 -55.56 20.53
N PRO J 773 53.61 -54.35 20.77
CA PRO J 773 53.32 -53.22 19.85
C PRO J 773 54.28 -53.15 18.67
N PHE J 774 54.03 -54.02 17.69
CA PHE J 774 54.84 -54.08 16.48
C PHE J 774 54.28 -53.21 15.36
N ALA J 775 53.25 -52.41 15.63
CA ALA J 775 52.71 -51.51 14.60
C ALA J 775 53.73 -50.44 14.23
N ALA J 776 53.95 -50.28 12.94
CA ALA J 776 54.93 -49.32 12.46
C ALA J 776 54.52 -48.84 11.07
N ILE J 777 55.06 -47.69 10.70
CA ILE J 777 54.85 -47.07 9.40
C ILE J 777 56.18 -47.15 8.65
N PRO J 778 56.23 -47.66 7.42
CA PRO J 778 57.53 -47.71 6.73
C PRO J 778 57.90 -46.34 6.18
N GLU J 779 59.09 -45.87 6.52
CA GLU J 779 59.60 -44.57 6.08
C GLU J 779 60.98 -44.78 5.48
N ASN J 780 61.08 -44.58 4.17
CA ASN J 780 62.32 -44.78 3.43
C ASN J 780 62.62 -43.53 2.61
N GLY J 781 63.91 -43.25 2.45
CA GLY J 781 64.33 -42.05 1.75
C GLY J 781 64.22 -40.77 2.55
N ASN J 782 63.94 -40.87 3.85
CA ASN J 782 63.79 -39.70 4.73
C ASN J 782 65.06 -39.54 5.54
N GLY J 783 65.91 -38.61 5.14
CA GLY J 783 67.09 -38.25 5.88
C GLY J 783 66.81 -37.17 6.91
N LEU J 784 67.90 -36.58 7.41
CA LEU J 784 67.77 -35.49 8.36
C LEU J 784 67.07 -34.29 7.73
N ASP J 785 67.39 -33.98 6.49
CA ASP J 785 66.76 -32.87 5.78
C ASP J 785 65.36 -33.20 5.28
N ASN J 786 64.98 -34.47 5.24
CA ASN J 786 63.67 -34.90 4.77
C ASN J 786 62.75 -35.32 5.92
N ILE J 787 63.13 -35.02 7.16
CA ILE J 787 62.25 -35.29 8.30
C ILE J 787 60.98 -34.48 8.10
N ASP J 788 59.86 -35.17 7.94
CA ASP J 788 58.62 -34.58 7.47
C ASP J 788 57.46 -34.98 8.38
N SER J 789 56.25 -34.66 7.93
CA SER J 789 55.04 -35.07 8.63
C SER J 789 54.96 -36.58 8.78
N LYS J 790 55.30 -37.30 7.71
CA LYS J 790 55.30 -38.76 7.77
C LYS J 790 56.27 -39.27 8.83
N SER J 791 57.48 -38.70 8.87
CA SER J 791 58.45 -39.13 9.86
C SER J 791 57.97 -38.83 11.27
N GLU J 792 57.40 -37.65 11.49
CA GLU J 792 56.91 -37.31 12.82
C GLU J 792 55.80 -38.24 13.25
N PHE J 793 54.86 -38.53 12.34
CA PHE J 793 53.74 -39.40 12.65
C PHE J 793 54.20 -40.82 12.92
N ALA J 794 55.14 -41.32 12.11
CA ALA J 794 55.68 -42.65 12.34
C ALA J 794 56.41 -42.73 13.67
N HIS J 795 57.15 -41.68 14.02
CA HIS J 795 57.79 -41.65 15.34
C HIS J 795 56.75 -41.67 16.45
N ARG J 796 55.67 -40.93 16.27
CA ARG J 796 54.60 -40.95 17.26
C ARG J 796 54.07 -42.37 17.46
N ILE J 797 53.75 -43.06 16.35
CA ILE J 797 53.25 -44.42 16.43
C ILE J 797 54.27 -45.32 17.14
N MET J 798 55.54 -45.21 16.76
CA MET J 798 56.51 -46.20 17.19
C MET J 798 56.94 -45.97 18.64
N LEU J 799 56.96 -44.72 19.10
CA LEU J 799 57.42 -44.40 20.45
C LEU J 799 56.33 -43.80 21.33
N THR J 800 55.72 -42.69 20.91
CA THR J 800 54.96 -41.88 21.85
C THR J 800 53.64 -42.56 22.20
N ASN J 801 52.89 -42.99 21.20
CA ASN J 801 51.64 -43.70 21.47
C ASN J 801 51.92 -45.08 22.04
N LEU J 802 53.10 -45.64 21.77
CA LEU J 802 53.50 -46.88 22.45
C LEU J 802 53.61 -46.66 23.95
N LEU J 803 54.36 -45.62 24.35
CA LEU J 803 54.48 -45.30 25.77
C LEU J 803 53.13 -44.97 26.37
N ARG J 804 52.26 -44.30 25.60
CA ARG J 804 50.92 -43.99 26.10
C ARG J 804 50.09 -45.25 26.28
N LEU J 805 50.25 -46.23 25.38
CA LEU J 805 49.54 -47.49 25.54
C LEU J 805 49.99 -48.21 26.81
N LEU J 806 51.29 -48.28 27.03
CA LEU J 806 51.81 -48.88 28.26
C LEU J 806 51.28 -48.14 29.48
N GLY J 807 51.29 -46.81 29.43
CA GLY J 807 50.80 -46.03 30.56
C GLY J 807 49.32 -46.22 30.81
N ALA J 808 48.54 -46.35 29.74
CA ALA J 808 47.11 -46.57 29.90
C ALA J 808 46.83 -47.93 30.51
N VAL J 809 47.57 -48.95 30.09
CA VAL J 809 47.43 -50.27 30.71
C VAL J 809 47.78 -50.19 32.20
N LYS J 810 48.87 -49.49 32.52
CA LYS J 810 49.25 -49.34 33.92
C LYS J 810 48.17 -48.61 34.72
N SER J 811 47.61 -47.55 34.16
CA SER J 811 46.57 -46.80 34.85
C SER J 811 45.33 -47.67 35.06
N LYS J 812 45.04 -48.55 34.10
CA LYS J 812 43.88 -49.41 34.24
C LYS J 812 44.07 -50.55 35.22
N LYS J 813 45.32 -50.92 35.52
CA LYS J 813 45.58 -52.02 36.45
C LYS J 813 45.70 -51.50 37.89
N PRO J 814 44.75 -51.83 38.80
CA PRO J 814 45.00 -51.60 40.23
C PRO J 814 45.74 -52.77 40.88
N THR J 815 45.68 -53.93 40.24
CA THR J 815 46.42 -55.09 40.73
C THR J 815 47.91 -54.91 40.45
N ASP J 816 48.73 -55.39 41.38
CA ASP J 816 50.18 -55.34 41.25
C ASP J 816 50.79 -56.73 41.06
N THR J 817 49.97 -57.76 40.90
CA THR J 817 50.44 -59.14 40.84
C THR J 817 50.24 -59.78 39.47
N ARG J 818 49.77 -59.04 38.47
CA ARG J 818 49.63 -59.53 37.11
C ARG J 818 50.23 -58.54 36.13
N PRO J 819 51.55 -58.45 36.05
CA PRO J 819 52.16 -57.53 35.09
C PRO J 819 51.89 -57.95 33.65
N ALA J 820 51.88 -56.94 32.77
CA ALA J 820 51.80 -57.15 31.34
C ALA J 820 53.21 -57.13 30.76
N GLN J 821 53.54 -58.14 29.96
CA GLN J 821 54.87 -58.24 29.36
C GLN J 821 54.88 -57.46 28.06
N CYS J 822 55.60 -56.34 28.03
CA CYS J 822 55.71 -55.50 26.84
C CYS J 822 56.89 -55.96 26.02
N ILE J 823 56.61 -56.52 24.85
CA ILE J 823 57.65 -57.01 23.94
C ILE J 823 57.99 -55.84 23.02
N LEU J 824 59.02 -55.09 23.39
CA LEU J 824 59.39 -53.91 22.62
C LEU J 824 60.17 -54.33 21.38
N PRO J 825 59.76 -53.91 20.17
CA PRO J 825 60.55 -54.28 18.97
C PRO J 825 61.79 -53.42 18.79
N LEU J 826 62.83 -53.73 19.56
CA LEU J 826 64.07 -53.00 19.45
C LEU J 826 64.80 -53.39 18.17
N SER J 827 65.67 -52.50 17.71
CA SER J 827 66.48 -52.69 16.53
C SER J 827 67.94 -52.66 16.90
N PRO J 828 68.80 -53.46 16.24
CA PRO J 828 70.24 -53.35 16.49
C PRO J 828 70.91 -52.21 15.76
N ASN J 829 70.21 -51.61 14.79
CA ASN J 829 70.78 -50.61 13.89
C ASN J 829 70.06 -49.29 14.13
N HIS J 830 70.69 -48.42 14.92
CA HIS J 830 70.13 -47.11 15.25
C HIS J 830 70.86 -46.07 14.41
N GLY J 831 70.36 -45.86 13.19
CA GLY J 831 70.91 -44.86 12.29
C GLY J 831 72.05 -45.36 11.42
N THR J 832 72.54 -46.58 11.64
CA THR J 832 73.62 -47.08 10.80
C THR J 832 73.16 -47.28 9.36
N PHE J 833 71.95 -47.77 9.17
CA PHE J 833 71.38 -47.84 7.83
C PHE J 833 70.95 -46.43 7.39
N GLY J 834 70.51 -46.33 6.14
CA GLY J 834 70.37 -45.03 5.52
C GLY J 834 69.14 -44.25 5.91
N PHE J 835 68.44 -43.75 4.91
CA PHE J 835 67.43 -42.72 5.10
C PHE J 835 66.13 -43.36 5.59
N ASP J 836 65.93 -43.37 6.92
CA ASP J 836 64.77 -44.04 7.52
C ASP J 836 63.90 -43.11 8.35
N GLY J 837 64.10 -41.79 8.28
CA GLY J 837 63.29 -40.88 9.07
C GLY J 837 63.64 -40.99 10.54
N LEU J 838 62.59 -41.07 11.37
CA LEU J 838 62.75 -41.17 12.82
C LEU J 838 62.64 -42.62 13.32
N TYR J 839 62.79 -43.59 12.44
CA TYR J 839 62.69 -45.00 12.84
C TYR J 839 63.75 -45.33 13.89
N SER J 840 65.01 -44.99 13.61
CA SER J 840 66.08 -45.26 14.55
C SER J 840 65.87 -44.48 15.84
N GLU J 841 65.37 -43.24 15.73
CA GLU J 841 65.09 -42.44 16.92
C GLU J 841 64.12 -43.18 17.83
N SER J 842 63.02 -43.68 17.25
CA SER J 842 62.01 -44.37 18.03
C SER J 842 62.57 -45.65 18.63
N LYS J 843 63.32 -46.42 17.84
CA LYS J 843 63.82 -47.70 18.32
C LYS J 843 64.79 -47.52 19.48
N ILE J 844 65.70 -46.55 19.38
CA ILE J 844 66.63 -46.33 20.48
C ILE J 844 65.92 -45.69 21.67
N SER J 845 64.88 -44.87 21.41
CA SER J 845 64.12 -44.30 22.51
C SER J 845 63.38 -45.36 23.30
N LEU J 846 62.98 -46.46 22.64
CA LEU J 846 62.32 -47.54 23.37
C LEU J 846 63.24 -48.20 24.38
N GLU J 847 64.55 -47.97 24.30
CA GLU J 847 65.49 -48.58 25.23
C GLU J 847 65.46 -47.92 26.60
N THR J 848 64.91 -46.71 26.72
CA THR J 848 64.82 -46.06 28.02
C THR J 848 63.89 -46.80 28.98
N LEU J 849 63.00 -47.64 28.46
CA LEU J 849 62.04 -48.33 29.31
C LEU J 849 62.73 -49.28 30.27
N PHE J 850 63.93 -49.76 29.92
CA PHE J 850 64.68 -50.61 30.83
C PHE J 850 65.05 -49.88 32.11
N ASN J 851 65.53 -48.64 31.98
CA ASN J 851 65.85 -47.84 33.16
C ASN J 851 64.61 -47.30 33.82
N ARG J 852 63.58 -46.98 33.03
CA ARG J 852 62.34 -46.46 33.60
C ARG J 852 61.59 -47.53 34.39
N TRP J 853 61.87 -48.80 34.13
CA TRP J 853 61.25 -49.87 34.91
C TRP J 853 61.64 -49.75 36.38
N TYR J 854 62.90 -49.43 36.66
CA TYR J 854 63.37 -49.23 38.02
C TYR J 854 63.02 -47.85 38.56
N SER J 855 63.23 -46.82 37.74
CA SER J 855 63.15 -45.44 38.22
C SER J 855 61.73 -44.99 38.52
N GLU J 856 60.73 -45.66 37.96
CA GLU J 856 59.33 -45.28 38.10
C GLU J 856 58.58 -46.38 38.84
N ASP J 857 57.27 -46.19 39.00
CA ASP J 857 56.44 -47.09 39.80
C ASP J 857 55.46 -47.90 38.95
N TRP J 858 55.85 -48.27 37.73
CA TRP J 858 55.05 -49.17 36.89
C TRP J 858 55.71 -50.53 36.73
N GLY J 859 56.66 -50.87 37.60
CA GLY J 859 57.32 -52.16 37.49
C GLY J 859 56.39 -53.32 37.77
N SER J 860 55.54 -53.19 38.79
CA SER J 860 54.61 -54.25 39.15
C SER J 860 53.44 -54.36 38.18
N LYS J 861 53.26 -53.39 37.29
CA LYS J 861 52.18 -53.41 36.31
C LYS J 861 52.63 -53.78 34.92
N LEU J 862 53.87 -53.43 34.54
CA LEU J 862 54.42 -53.81 33.25
C LEU J 862 55.84 -54.31 33.44
N THR J 863 56.22 -55.27 32.60
CA THR J 863 57.59 -55.76 32.52
C THR J 863 58.13 -55.47 31.13
N VAL J 864 59.40 -55.11 31.05
CA VAL J 864 60.02 -54.72 29.78
C VAL J 864 60.79 -55.91 29.23
N CYS J 865 60.47 -56.30 28.00
CA CYS J 865 61.20 -57.34 27.26
C CYS J 865 61.54 -56.73 25.91
N GLY J 866 62.71 -56.10 25.81
CA GLY J 866 63.14 -55.51 24.56
C GLY J 866 63.79 -56.54 23.68
N ALA J 867 63.09 -56.96 22.62
CA ALA J 867 63.60 -57.93 21.67
C ALA J 867 64.27 -57.18 20.54
N VAL J 868 65.61 -57.27 20.47
CA VAL J 868 66.37 -56.68 19.36
C VAL J 868 66.17 -57.65 18.21
N ILE J 869 65.22 -57.32 17.33
CA ILE J 869 64.89 -58.18 16.20
C ILE J 869 65.94 -58.03 15.12
N GLY J 870 66.41 -59.16 14.59
CA GLY J 870 67.43 -59.17 13.57
C GLY J 870 66.87 -59.08 12.17
N TRP J 871 67.74 -59.35 11.20
CA TRP J 871 67.37 -59.35 9.80
C TRP J 871 66.32 -60.43 9.58
N THR J 872 65.08 -60.01 9.30
CA THR J 872 63.97 -60.91 9.04
C THR J 872 63.56 -60.82 7.58
N ARG J 873 63.33 -61.97 6.97
CA ARG J 873 63.00 -62.03 5.54
C ARG J 873 61.49 -61.89 5.36
N GLY J 874 61.08 -60.85 4.65
CA GLY J 874 59.67 -60.64 4.36
C GLY J 874 59.07 -61.78 3.56
N THR J 875 57.92 -62.27 4.01
CA THR J 875 57.24 -63.37 3.33
C THR J 875 55.76 -63.40 3.70
N SER J 879 61.70 -57.49 0.73
CA SER J 879 61.97 -58.18 -0.52
C SER J 879 63.21 -57.62 -1.22
N ALA J 880 63.50 -56.34 -0.96
CA ALA J 880 64.70 -55.74 -1.52
C ALA J 880 65.95 -56.26 -0.84
N ASN J 881 65.84 -56.61 0.44
CA ASN J 881 66.95 -57.15 1.20
C ASN J 881 67.03 -58.68 1.14
N ASN J 882 65.99 -59.35 0.65
CA ASN J 882 66.02 -60.80 0.56
C ASN J 882 67.08 -61.27 -0.42
N ILE J 883 67.37 -60.47 -1.45
CA ILE J 883 68.35 -60.88 -2.46
C ILE J 883 69.75 -60.92 -1.86
N ILE J 884 70.02 -60.05 -0.89
CA ILE J 884 71.34 -59.99 -0.25
C ILE J 884 71.34 -60.74 1.08
N ALA J 885 70.18 -61.30 1.45
CA ALA J 885 70.12 -62.17 2.62
C ALA J 885 71.14 -63.30 2.53
N GLU J 886 71.27 -63.94 1.37
CA GLU J 886 72.25 -65.03 1.24
C GLU J 886 73.67 -64.51 1.40
N GLY J 887 73.96 -63.35 0.82
CA GLY J 887 75.30 -62.80 0.93
C GLY J 887 75.68 -62.48 2.36
N ILE J 888 74.75 -61.88 3.11
CA ILE J 888 75.04 -61.58 4.51
C ILE J 888 75.11 -62.87 5.32
N GLU J 889 74.36 -63.91 4.93
CA GLU J 889 74.42 -65.17 5.67
C GLU J 889 75.73 -65.91 5.43
N LYS J 890 76.32 -65.77 4.24
CA LYS J 890 77.47 -66.60 3.87
C LYS J 890 78.68 -66.42 4.77
N LEU J 891 78.77 -65.32 5.51
CA LEU J 891 79.96 -65.01 6.30
C LEU J 891 79.89 -65.52 7.73
N GLY J 892 78.84 -66.25 8.10
CA GLY J 892 78.73 -66.84 9.43
C GLY J 892 77.53 -66.35 10.20
N VAL J 893 77.22 -65.06 10.10
CA VAL J 893 76.01 -64.51 10.69
C VAL J 893 74.83 -65.08 9.91
N ARG J 894 73.62 -64.94 10.43
CA ARG J 894 72.47 -65.54 9.78
C ARG J 894 71.28 -64.58 9.71
N THR J 895 70.28 -64.95 8.91
CA THR J 895 69.15 -64.10 8.60
C THR J 895 67.89 -64.92 8.78
N PHE J 896 66.92 -64.38 9.51
CA PHE J 896 65.77 -65.14 9.96
C PHE J 896 64.60 -65.00 9.00
N SER J 897 63.75 -66.02 9.02
CA SER J 897 62.43 -65.94 8.40
C SER J 897 61.46 -65.30 9.39
N GLN J 898 60.30 -64.89 8.86
CA GLN J 898 59.27 -64.36 9.72
C GLN J 898 58.82 -65.40 10.75
N LYS J 899 58.72 -66.66 10.31
CA LYS J 899 58.36 -67.74 11.23
C LYS J 899 59.44 -67.93 12.30
N GLU J 900 60.71 -67.87 11.92
CA GLU J 900 61.78 -68.03 12.90
C GLU J 900 61.78 -66.91 13.92
N MET J 901 61.64 -65.66 13.46
CA MET J 901 61.59 -64.53 14.39
C MET J 901 60.39 -64.64 15.31
N ALA J 902 59.24 -65.06 14.77
CA ALA J 902 58.06 -65.24 15.59
C ALA J 902 58.27 -66.34 16.63
N PHE J 903 58.94 -67.43 16.24
CA PHE J 903 59.26 -68.47 17.20
C PHE J 903 60.16 -67.94 18.30
N ASN J 904 61.15 -67.11 17.95
CA ASN J 904 62.04 -66.54 18.95
C ASN J 904 61.25 -65.69 19.94
N ILE J 905 60.38 -64.81 19.43
CA ILE J 905 59.64 -63.92 20.34
C ILE J 905 58.61 -64.71 21.15
N LEU J 906 57.98 -65.71 20.56
CA LEU J 906 57.03 -66.53 21.29
C LEU J 906 57.73 -67.30 22.40
N GLY J 907 58.96 -67.75 22.15
CA GLY J 907 59.77 -68.31 23.22
C GLY J 907 60.13 -67.28 24.26
N LEU J 908 60.32 -66.03 23.83
CA LEU J 908 60.49 -64.94 24.78
C LEU J 908 59.22 -64.72 25.61
N LEU J 909 58.08 -65.19 25.14
CA LEU J 909 56.86 -65.24 25.94
C LEU J 909 56.74 -66.53 26.76
N THR J 910 57.85 -67.22 27.04
CA THR J 910 57.79 -68.43 27.84
C THR J 910 57.51 -68.10 29.31
N PRO J 911 57.05 -69.07 30.09
CA PRO J 911 56.89 -68.82 31.54
C PRO J 911 58.19 -68.45 32.22
N GLU J 912 59.32 -69.02 31.77
CA GLU J 912 60.61 -68.74 32.40
C GLU J 912 61.05 -67.31 32.08
N ILE J 913 60.91 -66.89 30.83
CA ILE J 913 61.29 -65.52 30.49
C ILE J 913 60.25 -64.56 31.01
N VAL J 914 59.00 -65.01 31.20
CA VAL J 914 57.99 -64.14 31.79
C VAL J 914 58.36 -63.79 33.22
N GLN J 915 58.69 -64.79 34.03
CA GLN J 915 59.13 -64.50 35.40
C GLN J 915 60.47 -63.77 35.42
N LEU J 916 61.34 -64.06 34.45
CA LEU J 916 62.59 -63.32 34.35
C LEU J 916 62.33 -61.84 34.10
N CYS J 917 61.38 -61.53 33.22
CA CYS J 917 61.02 -60.14 32.98
C CYS J 917 60.35 -59.53 34.21
N GLN J 918 59.58 -60.33 34.94
CA GLN J 918 58.94 -59.84 36.15
C GLN J 918 59.97 -59.40 37.19
N GLU J 919 61.02 -60.19 37.36
CA GLU J 919 62.04 -59.85 38.36
C GLU J 919 63.13 -58.93 37.83
N GLU J 920 63.27 -58.80 36.51
CA GLU J 920 64.37 -58.06 35.91
C GLU J 920 64.06 -57.79 34.43
N PRO J 921 64.11 -56.55 33.95
CA PRO J 921 63.87 -56.32 32.52
C PRO J 921 64.80 -57.14 31.63
N VAL J 922 64.23 -57.68 30.56
CA VAL J 922 64.93 -58.63 29.68
C VAL J 922 65.30 -57.90 28.39
N MET J 923 66.57 -58.00 28.00
CA MET J 923 67.05 -57.54 26.71
C MET J 923 67.40 -58.80 25.92
N ALA J 924 66.59 -59.11 24.92
CA ALA J 924 66.76 -60.33 24.13
C ALA J 924 67.33 -59.97 22.77
N ASP J 925 68.63 -60.12 22.61
CA ASP J 925 69.28 -59.93 21.32
C ASP J 925 68.95 -61.14 20.45
N LEU J 926 67.91 -60.98 19.63
CA LEU J 926 67.58 -61.97 18.62
C LEU J 926 68.25 -61.67 17.29
N ASN J 927 69.13 -60.67 17.25
CA ASN J 927 69.95 -60.43 16.08
C ASN J 927 70.83 -61.64 15.81
N GLY J 928 70.87 -62.08 14.56
CA GLY J 928 71.57 -63.29 14.20
C GLY J 928 73.05 -63.11 13.98
N GLY J 929 73.72 -62.49 14.95
CA GLY J 929 75.14 -62.21 14.83
C GLY J 929 75.49 -60.99 14.01
N LEU J 930 74.51 -60.21 13.57
CA LEU J 930 74.79 -59.04 12.74
C LEU J 930 75.57 -57.98 13.50
N GLN J 931 75.49 -57.97 14.83
CA GLN J 931 76.21 -56.96 15.61
C GLN J 931 77.71 -57.06 15.43
N PHE J 932 78.22 -58.21 15.00
CA PHE J 932 79.64 -58.44 14.86
C PHE J 932 80.19 -58.06 13.48
N ILE J 933 79.38 -57.41 12.65
CA ILE J 933 79.78 -57.00 11.31
C ILE J 933 80.17 -55.53 11.36
N ASP J 934 81.44 -55.25 11.04
CA ASP J 934 81.91 -53.87 10.95
C ASP J 934 81.40 -53.24 9.67
N ASN J 935 80.85 -52.03 9.78
CA ASN J 935 80.33 -51.28 8.63
C ASN J 935 79.25 -52.09 7.91
N LEU J 936 78.16 -52.35 8.63
CA LEU J 936 77.09 -53.17 8.08
C LEU J 936 76.42 -52.49 6.88
N LYS J 937 76.20 -51.19 6.95
CA LYS J 937 75.57 -50.49 5.84
C LYS J 937 76.45 -50.55 4.59
N ASP J 938 77.75 -50.31 4.76
CA ASP J 938 78.65 -50.35 3.61
C ASP J 938 78.75 -51.77 3.04
N PHE J 939 78.81 -52.78 3.91
CA PHE J 939 78.83 -54.16 3.43
C PHE J 939 77.55 -54.50 2.69
N THR J 940 76.41 -54.08 3.22
CA THR J 940 75.12 -54.34 2.58
C THR J 940 75.06 -53.67 1.21
N SER J 941 75.48 -52.42 1.13
CA SER J 941 75.49 -51.72 -0.16
C SER J 941 76.44 -52.39 -1.13
N LYS J 942 77.60 -52.85 -0.65
CA LYS J 942 78.54 -53.56 -1.50
C LYS J 942 77.92 -54.83 -2.05
N LEU J 943 77.22 -55.59 -1.20
CA LEU J 943 76.59 -56.82 -1.66
C LEU J 943 75.51 -56.53 -2.69
N ARG J 944 74.64 -55.56 -2.40
CA ARG J 944 73.54 -55.26 -3.32
C ARG J 944 74.06 -54.72 -4.64
N THR J 945 75.08 -53.87 -4.60
CA THR J 945 75.59 -53.28 -5.84
C THR J 945 76.36 -54.32 -6.64
N ASP J 946 77.06 -55.25 -5.98
CA ASP J 946 77.69 -56.35 -6.71
C ASP J 946 76.63 -57.21 -7.41
N LEU J 947 75.56 -57.54 -6.69
CA LEU J 947 74.52 -58.37 -7.27
C LEU J 947 73.85 -57.66 -8.45
N LEU J 948 73.56 -56.37 -8.30
CA LEU J 948 72.92 -55.62 -9.37
C LEU J 948 73.87 -55.44 -10.56
N GLU J 949 75.14 -55.12 -10.30
CA GLU J 949 76.13 -54.97 -11.35
C GLU J 949 76.48 -56.28 -12.03
N THR J 950 76.11 -57.42 -11.44
CA THR J 950 76.20 -58.70 -12.12
C THR J 950 74.96 -58.97 -12.98
N ALA J 951 73.77 -58.83 -12.36
CA ALA J 951 72.54 -59.13 -13.08
C ALA J 951 72.35 -58.22 -14.28
N ASP J 952 72.61 -56.91 -14.12
CA ASP J 952 72.35 -55.98 -15.20
C ASP J 952 73.32 -56.16 -16.36
N ILE J 953 74.60 -56.44 -16.06
CA ILE J 953 75.55 -56.68 -17.15
C ILE J 953 75.21 -57.98 -17.87
N ARG J 954 74.79 -59.00 -17.12
CA ARG J 954 74.38 -60.24 -17.78
C ARG J 954 73.18 -60.00 -18.67
N ARG J 955 72.20 -59.23 -18.19
CA ARG J 955 71.02 -58.92 -19.00
C ARG J 955 71.39 -58.13 -20.24
N ALA J 956 72.27 -57.13 -20.10
CA ALA J 956 72.67 -56.32 -21.25
C ALA J 956 73.42 -57.15 -22.27
N VAL J 957 74.33 -58.01 -21.81
CA VAL J 957 75.06 -58.87 -22.74
C VAL J 957 74.11 -59.82 -23.44
N SER J 958 73.13 -60.35 -22.71
CA SER J 958 72.15 -61.23 -23.36
C SER J 958 71.34 -60.48 -24.41
N ILE J 959 70.89 -59.27 -24.08
CA ILE J 959 70.09 -58.49 -25.03
C ILE J 959 70.89 -58.20 -26.28
N GLU J 960 72.13 -57.75 -26.12
CA GLU J 960 72.93 -57.40 -27.29
C GLU J 960 73.40 -58.62 -28.06
N SER J 961 73.63 -59.75 -27.39
CA SER J 961 73.91 -60.98 -28.12
C SER J 961 72.71 -61.42 -28.94
N ALA J 962 71.50 -61.29 -28.37
CA ALA J 962 70.29 -61.59 -29.12
C ALA J 962 70.16 -60.68 -30.33
N ILE J 963 70.47 -59.39 -30.16
CA ILE J 963 70.38 -58.46 -31.29
C ILE J 963 71.41 -58.81 -32.35
N GLU J 964 72.63 -59.17 -31.92
CA GLU J 964 73.66 -59.58 -32.88
C GLU J 964 73.24 -60.80 -33.66
N GLN J 965 72.66 -61.80 -32.97
CA GLN J 965 72.15 -62.98 -33.65
C GLN J 965 71.04 -62.63 -34.61
N LYS J 966 70.14 -61.73 -34.20
CA LYS J 966 69.06 -61.31 -35.08
C LYS J 966 69.60 -60.62 -36.33
N VAL J 967 70.64 -59.80 -36.17
CA VAL J 967 71.25 -59.14 -37.32
C VAL J 967 71.88 -60.16 -38.26
N VAL J 968 72.61 -61.12 -37.70
CA VAL J 968 73.33 -62.08 -38.55
C VAL J 968 72.34 -63.00 -39.27
N ASN J 969 71.27 -63.41 -38.59
CA ASN J 969 70.33 -64.38 -39.13
C ASN J 969 69.07 -63.76 -39.72
N GLY J 970 69.00 -62.43 -39.79
CA GLY J 970 67.84 -61.78 -40.37
C GLY J 970 66.58 -61.93 -39.53
N LYS J 979 56.55 -69.68 -30.33
CA LYS J 979 55.34 -70.49 -30.45
C LYS J 979 54.10 -69.63 -30.23
N VAL J 980 53.02 -69.99 -30.90
CA VAL J 980 51.76 -69.26 -30.83
C VAL J 980 50.87 -69.94 -29.79
N MET J 981 50.45 -69.17 -28.79
CA MET J 981 49.65 -69.72 -27.72
C MET J 981 48.17 -69.75 -28.11
N VAL J 982 47.44 -70.69 -27.54
CA VAL J 982 46.01 -70.82 -27.76
C VAL J 982 45.31 -69.78 -26.90
N GLU J 983 44.30 -69.13 -27.47
CA GLU J 983 43.57 -68.07 -26.79
C GLU J 983 42.29 -68.61 -26.15
N PRO J 984 42.26 -68.88 -24.83
CA PRO J 984 41.08 -69.54 -24.24
C PRO J 984 39.79 -68.77 -24.47
N ARG J 985 38.71 -69.53 -24.65
CA ARG J 985 37.37 -68.97 -24.73
C ARG J 985 36.40 -69.92 -24.07
N ALA J 986 35.20 -69.41 -23.78
CA ALA J 986 34.29 -70.08 -22.86
C ALA J 986 33.78 -71.39 -23.43
N ASN J 987 33.88 -72.44 -22.64
CA ASN J 987 33.44 -73.79 -23.00
C ASN J 987 32.13 -74.12 -22.30
N MET J 988 31.22 -73.14 -22.26
CA MET J 988 29.99 -73.27 -21.47
C MET J 988 29.23 -74.53 -21.84
N LYS J 989 29.03 -75.40 -20.85
CA LYS J 989 28.14 -76.55 -20.97
C LYS J 989 27.10 -76.46 -19.87
N PHE J 990 26.11 -77.35 -19.89
CA PHE J 990 25.17 -77.46 -18.79
C PHE J 990 25.56 -78.49 -17.75
N ASP J 991 26.35 -79.49 -18.13
CA ASP J 991 26.82 -80.52 -17.21
C ASP J 991 25.63 -81.20 -16.53
N PHE J 992 24.85 -81.91 -17.34
CA PHE J 992 23.86 -82.85 -16.83
C PHE J 992 24.59 -83.79 -15.88
N PRO J 993 23.88 -84.44 -14.94
CA PRO J 993 24.57 -85.34 -14.00
C PRO J 993 25.35 -86.41 -14.75
N THR J 994 26.59 -86.63 -14.31
CA THR J 994 27.46 -87.58 -14.97
C THR J 994 26.87 -88.97 -14.81
N LEU J 995 26.40 -89.55 -15.92
CA LEU J 995 25.84 -90.89 -15.89
C LEU J 995 26.96 -91.91 -15.96
N LYS J 996 27.17 -92.61 -14.86
CA LYS J 996 28.26 -93.56 -14.72
C LYS J 996 27.85 -94.93 -15.27
N SER J 997 28.79 -95.87 -15.26
CA SER J 997 28.52 -97.19 -15.79
C SER J 997 27.57 -97.96 -14.88
N TYR J 998 26.82 -98.88 -15.49
CA TYR J 998 25.83 -99.63 -14.73
C TYR J 998 26.48 -100.51 -13.68
N ASP J 999 27.62 -101.13 -14.01
CA ASP J 999 28.33 -101.95 -13.03
C ASP J 999 28.70 -101.12 -11.81
N GLU J 1000 29.19 -99.90 -12.03
CA GLU J 1000 29.66 -99.08 -10.92
C GLU J 1000 28.49 -98.52 -10.13
N ILE J 1001 27.35 -98.24 -10.78
CA ILE J 1001 26.17 -97.79 -10.05
C ILE J 1001 25.59 -98.92 -9.21
N LYS J 1002 25.54 -100.14 -9.76
CA LYS J 1002 25.11 -101.28 -8.97
C LYS J 1002 26.09 -101.60 -7.85
N GLN J 1003 27.36 -101.23 -8.03
CA GLN J 1003 28.31 -101.30 -6.92
C GLN J 1003 27.99 -100.27 -5.85
N ILE J 1004 27.55 -99.06 -6.26
CA ILE J 1004 27.17 -98.05 -5.30
C ILE J 1004 25.99 -98.53 -4.46
N ALA J 1005 24.93 -98.96 -5.11
CA ALA J 1005 23.67 -99.27 -4.44
C ALA J 1005 23.40 -100.77 -4.41
N PRO J 1006 22.69 -101.27 -3.39
CA PRO J 1006 22.52 -102.72 -3.27
C PRO J 1006 21.56 -103.28 -4.31
N GLU J 1007 21.24 -104.57 -4.21
CA GLU J 1007 20.40 -105.23 -5.20
C GLU J 1007 18.96 -104.74 -5.03
N LEU J 1008 18.72 -103.53 -5.54
CA LEU J 1008 17.44 -102.86 -5.45
C LEU J 1008 16.61 -102.97 -6.73
N GLU J 1009 17.03 -103.82 -7.66
CA GLU J 1009 16.39 -103.89 -8.98
C GLU J 1009 14.94 -104.34 -8.86
N GLY J 1010 14.06 -103.64 -9.57
CA GLY J 1010 12.67 -104.02 -9.66
C GLY J 1010 11.94 -104.04 -8.33
N MET J 1011 12.17 -103.02 -7.51
CA MET J 1011 11.55 -102.90 -6.20
C MET J 1011 10.68 -101.66 -6.07
N LEU J 1012 11.14 -100.52 -6.56
CA LEU J 1012 10.44 -99.26 -6.41
C LEU J 1012 9.51 -99.02 -7.59
N ASP J 1013 8.32 -98.51 -7.31
CA ASP J 1013 7.40 -98.04 -8.34
C ASP J 1013 7.94 -96.71 -8.88
N LEU J 1014 8.62 -96.77 -10.02
CA LEU J 1014 9.24 -95.58 -10.58
C LEU J 1014 8.21 -94.54 -10.96
N GLU J 1015 6.99 -94.97 -11.26
CA GLU J 1015 5.89 -94.05 -11.43
C GLU J 1015 5.61 -93.26 -10.15
N ASN J 1016 5.85 -93.87 -8.98
CA ASN J 1016 5.65 -93.23 -7.68
C ASN J 1016 6.95 -92.68 -7.09
N VAL J 1017 8.05 -92.76 -7.82
CA VAL J 1017 9.31 -92.12 -7.42
C VAL J 1017 9.44 -90.82 -8.20
N VAL J 1018 9.61 -89.71 -7.49
CA VAL J 1018 9.69 -88.38 -8.08
C VAL J 1018 11.15 -87.94 -8.10
N VAL J 1019 11.56 -87.30 -9.19
CA VAL J 1019 12.95 -86.92 -9.43
C VAL J 1019 12.97 -85.51 -9.98
N VAL J 1020 13.98 -84.74 -9.57
CA VAL J 1020 14.24 -83.44 -10.19
C VAL J 1020 14.90 -83.71 -11.53
N THR J 1021 14.24 -83.28 -12.60
CA THR J 1021 14.80 -83.41 -13.92
C THR J 1021 15.45 -82.13 -14.42
N GLY J 1022 14.96 -80.98 -14.00
CA GLY J 1022 15.57 -79.72 -14.36
C GLY J 1022 15.48 -78.74 -13.23
N PHE J 1023 16.30 -77.69 -13.28
CA PHE J 1023 16.23 -76.61 -12.31
C PHE J 1023 16.94 -75.39 -12.86
N ALA J 1024 16.65 -74.24 -12.26
CA ALA J 1024 17.29 -73.00 -12.67
C ALA J 1024 17.04 -71.93 -11.60
N GLU J 1025 17.73 -70.81 -11.75
CA GLU J 1025 17.59 -69.67 -10.84
C GLU J 1025 17.59 -68.38 -11.64
N VAL J 1026 17.00 -67.35 -11.04
CA VAL J 1026 17.26 -65.96 -11.37
C VAL J 1026 17.48 -65.28 -10.03
N GLY J 1027 18.73 -64.94 -9.72
CA GLY J 1027 19.07 -64.44 -8.40
C GLY J 1027 20.18 -63.41 -8.44
N PRO J 1028 20.63 -62.98 -7.26
CA PRO J 1028 21.68 -61.94 -7.20
C PRO J 1028 22.98 -62.32 -7.87
N TRP J 1029 23.23 -63.60 -8.08
CA TRP J 1029 24.42 -64.07 -8.76
C TRP J 1029 24.04 -64.77 -10.07
N GLY J 1030 23.12 -64.15 -10.80
CA GLY J 1030 22.65 -64.67 -12.06
C GLY J 1030 21.81 -65.91 -11.91
N ASN J 1031 22.21 -66.98 -12.60
CA ASN J 1031 21.44 -68.21 -12.66
C ASN J 1031 22.08 -69.25 -11.76
N SER J 1032 21.60 -70.50 -11.86
CA SER J 1032 22.11 -71.57 -11.02
C SER J 1032 23.61 -71.77 -11.22
N ARG J 1033 24.08 -71.73 -12.48
CA ARG J 1033 25.49 -72.00 -12.76
C ARG J 1033 26.39 -70.97 -12.10
N THR J 1034 26.13 -69.68 -12.35
CA THR J 1034 26.99 -68.63 -11.81
C THR J 1034 26.86 -68.55 -10.29
N ARG J 1035 25.64 -68.71 -9.77
CA ARG J 1035 25.43 -68.72 -8.33
C ARG J 1035 26.20 -69.86 -7.68
N TRP J 1036 26.18 -71.04 -8.29
CA TRP J 1036 26.90 -72.18 -7.75
C TRP J 1036 28.40 -71.97 -7.81
N GLU J 1037 28.89 -71.36 -8.89
CA GLU J 1037 30.32 -71.08 -8.96
C GLU J 1037 30.74 -70.13 -7.84
N MET J 1038 29.97 -69.05 -7.63
CA MET J 1038 30.30 -68.12 -6.57
C MET J 1038 30.13 -68.75 -5.19
N GLU J 1039 29.24 -69.74 -5.07
CA GLU J 1039 29.02 -70.39 -3.78
C GLU J 1039 30.17 -71.35 -3.45
N ALA J 1040 30.45 -72.28 -4.36
CA ALA J 1040 31.42 -73.33 -4.10
C ALA J 1040 32.86 -72.86 -4.22
N TYR J 1041 33.13 -71.77 -4.94
CA TYR J 1041 34.50 -71.36 -5.20
C TYR J 1041 34.76 -69.91 -4.79
N GLY J 1042 33.71 -69.09 -4.73
CA GLY J 1042 33.87 -67.70 -4.38
C GLY J 1042 34.43 -66.82 -5.49
N GLU J 1043 34.72 -67.41 -6.65
CA GLU J 1043 35.21 -66.66 -7.80
C GLU J 1043 34.61 -67.26 -9.05
N PHE J 1044 34.49 -66.44 -10.10
CA PHE J 1044 33.93 -66.89 -11.35
C PHE J 1044 35.03 -67.45 -12.25
N SER J 1045 34.76 -68.59 -12.86
CA SER J 1045 35.65 -69.13 -13.88
C SER J 1045 35.50 -68.32 -15.15
N LEU J 1046 36.13 -68.79 -16.24
CA LEU J 1046 35.96 -68.12 -17.52
C LEU J 1046 34.51 -68.18 -17.98
N GLU J 1047 33.92 -69.38 -17.92
CA GLU J 1047 32.53 -69.54 -18.30
C GLU J 1047 31.62 -68.70 -17.42
N GLY J 1048 31.88 -68.69 -16.11
CA GLY J 1048 31.09 -67.89 -15.21
C GLY J 1048 31.19 -66.40 -15.50
N ALA J 1049 32.40 -65.92 -15.78
CA ALA J 1049 32.57 -64.50 -16.07
C ALA J 1049 31.85 -64.12 -17.36
N ILE J 1050 31.98 -64.94 -18.41
CA ILE J 1050 31.30 -64.60 -19.66
C ILE J 1050 29.79 -64.65 -19.45
N GLU J 1051 29.29 -65.64 -18.71
CA GLU J 1051 27.86 -65.74 -18.47
C GLU J 1051 27.34 -64.55 -17.67
N MET J 1052 28.09 -64.13 -16.66
CA MET J 1052 27.68 -62.97 -15.87
C MET J 1052 27.67 -61.72 -16.72
N ALA J 1053 28.69 -61.53 -17.55
CA ALA J 1053 28.72 -60.36 -18.43
C ALA J 1053 27.56 -60.40 -19.40
N TRP J 1054 27.21 -61.58 -19.90
CA TRP J 1054 26.11 -61.70 -20.85
C TRP J 1054 24.77 -61.37 -20.19
N ILE J 1055 24.50 -61.94 -19.01
CA ILE J 1055 23.23 -61.66 -18.35
C ILE J 1055 23.17 -60.19 -17.94
N MET J 1056 24.29 -59.61 -17.52
CA MET J 1056 24.33 -58.22 -17.11
C MET J 1056 24.42 -57.26 -18.27
N GLY J 1057 24.52 -57.76 -19.50
CA GLY J 1057 24.54 -56.89 -20.66
C GLY J 1057 25.83 -56.14 -20.86
N PHE J 1058 26.91 -56.53 -20.18
CA PHE J 1058 28.21 -55.94 -20.48
C PHE J 1058 28.65 -56.30 -21.89
N ILE J 1059 28.38 -57.53 -22.32
CA ILE J 1059 28.76 -58.01 -23.63
C ILE J 1059 27.54 -58.51 -24.37
N LYS J 1060 27.62 -58.44 -25.69
CA LYS J 1060 26.61 -59.02 -26.58
C LYS J 1060 27.33 -59.72 -27.70
N TYR J 1061 26.75 -60.80 -28.20
CA TYR J 1061 27.37 -61.55 -29.28
C TYR J 1061 27.14 -60.80 -30.59
N HIS J 1062 28.22 -60.60 -31.34
CA HIS J 1062 28.16 -59.96 -32.65
C HIS J 1062 28.52 -60.97 -33.72
N ASN J 1063 27.75 -60.97 -34.81
CA ASN J 1063 28.04 -61.78 -35.99
C ASN J 1063 27.89 -60.90 -37.23
N GLY J 1064 28.85 -61.01 -38.14
CA GLY J 1064 28.85 -60.25 -39.37
C GLY J 1064 30.03 -59.30 -39.44
N ASN J 1065 29.79 -58.12 -39.99
CA ASN J 1065 30.84 -57.13 -40.24
C ASN J 1065 30.92 -56.17 -39.07
N LEU J 1066 32.13 -55.97 -38.55
CA LEU J 1066 32.41 -55.03 -37.47
C LEU J 1066 33.60 -54.19 -37.88
N GLN J 1067 33.34 -52.95 -38.28
CA GLN J 1067 34.38 -52.07 -38.83
C GLN J 1067 35.00 -52.70 -40.08
N GLY J 1068 34.16 -53.30 -40.92
CA GLY J 1068 34.63 -53.94 -42.14
C GLY J 1068 35.19 -55.34 -41.95
N LYS J 1069 36.09 -55.51 -40.99
CA LYS J 1069 36.65 -56.83 -40.71
C LYS J 1069 35.53 -57.75 -40.22
N PRO J 1070 35.42 -58.98 -40.74
CA PRO J 1070 34.36 -59.88 -40.24
C PRO J 1070 34.70 -60.40 -38.86
N TYR J 1071 33.80 -60.17 -37.91
CA TYR J 1071 33.98 -60.59 -36.52
C TYR J 1071 32.79 -61.44 -36.09
N SER J 1072 33.08 -62.52 -35.36
CA SER J 1072 32.06 -63.41 -34.81
C SER J 1072 32.49 -63.73 -33.38
N GLY J 1073 31.93 -63.00 -32.42
CA GLY J 1073 32.27 -63.22 -31.02
C GLY J 1073 31.65 -62.14 -30.15
N TRP J 1074 32.04 -62.16 -28.89
CA TRP J 1074 31.54 -61.17 -27.94
C TRP J 1074 32.09 -59.79 -28.26
N VAL J 1075 31.24 -58.77 -28.11
CA VAL J 1075 31.63 -57.37 -28.23
C VAL J 1075 31.06 -56.64 -27.02
N ASP J 1076 31.64 -55.48 -26.73
CA ASP J 1076 31.11 -54.64 -25.67
C ASP J 1076 29.68 -54.20 -26.01
N ALA J 1077 28.95 -53.78 -24.98
CA ALA J 1077 27.59 -53.29 -25.16
C ALA J 1077 27.57 -51.78 -25.42
N LYS J 1078 28.25 -51.01 -24.58
CA LYS J 1078 28.23 -49.56 -24.70
C LYS J 1078 29.12 -49.05 -25.83
N THR J 1079 30.14 -49.81 -26.24
CA THR J 1079 31.07 -49.40 -27.27
C THR J 1079 31.11 -50.30 -28.49
N GLN J 1080 30.51 -51.50 -28.42
CA GLN J 1080 30.41 -52.42 -29.55
C GLN J 1080 31.78 -52.87 -30.05
N THR J 1081 32.86 -52.70 -29.25
CA THR J 1081 34.18 -53.12 -29.68
C THR J 1081 34.42 -54.58 -29.29
N PRO J 1082 35.28 -55.31 -30.01
CA PRO J 1082 35.52 -56.71 -29.67
C PRO J 1082 36.11 -56.85 -28.27
N ILE J 1083 35.70 -57.91 -27.58
CA ILE J 1083 36.25 -58.29 -26.29
C ILE J 1083 36.67 -59.75 -26.39
N ASP J 1084 37.97 -60.01 -26.28
CA ASP J 1084 38.42 -61.39 -26.21
C ASP J 1084 38.01 -61.99 -24.88
N GLU J 1085 37.88 -63.32 -24.86
CA GLU J 1085 37.27 -64.00 -23.71
C GLU J 1085 38.09 -63.79 -22.44
N LYS J 1086 39.42 -63.69 -22.55
CA LYS J 1086 40.21 -63.37 -21.36
C LYS J 1086 39.97 -61.94 -20.90
N ASP J 1087 39.86 -61.00 -21.85
CA ASP J 1087 39.55 -59.63 -21.44
C ASP J 1087 38.15 -59.51 -20.90
N ILE J 1088 37.28 -60.51 -21.13
CA ILE J 1088 35.97 -60.48 -20.47
C ILE J 1088 36.16 -60.42 -18.96
N LYS J 1089 36.92 -61.38 -18.42
CA LYS J 1089 37.24 -61.34 -17.00
C LYS J 1089 38.02 -60.08 -16.66
N SER J 1090 39.11 -59.83 -17.41
CA SER J 1090 40.02 -58.73 -17.06
C SER J 1090 39.33 -57.37 -17.08
N LYS J 1091 38.20 -57.23 -17.77
CA LYS J 1091 37.51 -55.95 -17.92
C LYS J 1091 36.21 -55.87 -17.14
N TYR J 1092 35.55 -56.99 -16.86
CA TYR J 1092 34.23 -56.97 -16.26
C TYR J 1092 34.16 -57.65 -14.90
N GLU J 1093 35.27 -58.20 -14.38
CA GLU J 1093 35.23 -58.87 -13.09
C GLU J 1093 34.80 -57.90 -11.99
N GLU J 1094 35.43 -56.73 -11.93
CA GLU J 1094 35.14 -55.79 -10.86
C GLU J 1094 33.69 -55.30 -10.94
N GLU J 1095 33.19 -55.01 -12.15
CA GLU J 1095 31.81 -54.55 -12.22
C GLU J 1095 30.81 -55.66 -11.93
N ILE J 1096 31.11 -56.89 -12.37
CA ILE J 1096 30.22 -58.02 -12.08
C ILE J 1096 30.10 -58.21 -10.57
N LEU J 1097 31.22 -58.25 -9.87
CA LEU J 1097 31.16 -58.43 -8.42
C LEU J 1097 30.56 -57.22 -7.73
N GLU J 1098 30.82 -56.01 -8.24
CA GLU J 1098 30.27 -54.81 -7.61
C GLU J 1098 28.75 -54.77 -7.72
N HIS J 1099 28.21 -55.15 -8.88
CA HIS J 1099 26.78 -55.06 -9.16
C HIS J 1099 26.13 -56.43 -9.20
N SER J 1100 26.67 -57.41 -8.47
CA SER J 1100 25.97 -58.67 -8.25
C SER J 1100 26.00 -58.99 -6.76
N GLY J 1101 25.09 -59.88 -6.35
CA GLY J 1101 25.05 -60.30 -4.96
C GLY J 1101 24.39 -59.29 -4.06
N ILE J 1102 24.71 -59.38 -2.77
CA ILE J 1102 24.18 -58.46 -1.77
C ILE J 1102 24.97 -57.16 -1.85
N ARG J 1103 24.27 -56.05 -2.06
CA ARG J 1103 24.91 -54.76 -2.28
C ARG J 1103 23.90 -53.67 -1.94
N LEU J 1104 24.37 -52.43 -1.97
CA LEU J 1104 23.50 -51.28 -1.72
C LEU J 1104 22.34 -51.29 -2.71
N ILE J 1105 21.14 -50.98 -2.20
CA ILE J 1105 19.94 -50.96 -3.04
C ILE J 1105 20.14 -49.92 -4.14
N GLU J 1106 20.03 -50.35 -5.38
CA GLU J 1106 20.20 -49.46 -6.53
C GLU J 1106 18.84 -48.91 -6.94
N PRO J 1107 18.60 -47.61 -6.86
CA PRO J 1107 17.26 -47.09 -7.22
C PRO J 1107 16.90 -47.32 -8.67
N GLU J 1108 17.89 -47.54 -9.55
CA GLU J 1108 17.59 -47.76 -10.96
C GLU J 1108 16.93 -49.11 -11.19
N LEU J 1109 17.06 -50.05 -10.26
CA LEU J 1109 16.46 -51.37 -10.37
C LEU J 1109 15.08 -51.45 -9.72
N PHE J 1110 14.62 -50.39 -9.05
CA PHE J 1110 13.36 -50.41 -8.31
C PHE J 1110 12.59 -49.12 -8.54
N ASN J 1111 12.57 -48.64 -9.78
CA ASN J 1111 11.81 -47.45 -10.16
C ASN J 1111 12.20 -46.24 -9.32
N GLY J 1112 13.51 -46.01 -9.20
CA GLY J 1112 13.99 -44.84 -8.49
C GLY J 1112 13.83 -44.89 -6.99
N TYR J 1113 13.70 -46.08 -6.40
CA TYR J 1113 13.51 -46.21 -4.97
C TYR J 1113 14.84 -46.02 -4.27
N ASP J 1114 14.99 -44.91 -3.57
CA ASP J 1114 16.17 -44.62 -2.76
C ASP J 1114 15.81 -44.81 -1.29
N PRO J 1115 16.33 -45.83 -0.60
CA PRO J 1115 16.03 -45.95 0.84
C PRO J 1115 16.47 -44.73 1.63
N LYS J 1116 17.57 -44.08 1.23
CA LYS J 1116 18.00 -42.87 1.90
C LYS J 1116 16.99 -41.73 1.75
N LYS J 1117 16.16 -41.78 0.72
CA LYS J 1117 15.18 -40.73 0.42
C LYS J 1117 13.79 -41.32 0.29
N LYS J 1118 13.40 -42.12 1.27
CA LYS J 1118 12.10 -42.79 1.26
C LYS J 1118 10.96 -41.78 1.25
N GLN J 1119 10.23 -41.69 0.13
CA GLN J 1119 9.22 -40.66 -0.06
C GLN J 1119 7.94 -41.00 0.68
N MET J 1120 7.39 -40.00 1.37
CA MET J 1120 6.12 -40.10 2.08
C MET J 1120 5.36 -38.80 1.88
N ILE J 1121 4.11 -38.76 2.32
CA ILE J 1121 3.26 -37.57 2.26
C ILE J 1121 2.59 -37.38 3.61
N GLN J 1122 2.46 -36.12 4.04
CA GLN J 1122 1.83 -35.77 5.31
C GLN J 1122 0.60 -34.91 5.05
N GLU J 1123 -0.50 -35.23 5.73
CA GLU J 1123 -1.71 -34.43 5.65
C GLU J 1123 -1.49 -33.11 6.39
N ILE J 1124 -1.73 -32.00 5.69
CA ILE J 1124 -1.65 -30.66 6.28
C ILE J 1124 -2.95 -29.94 5.96
N VAL J 1125 -3.50 -29.25 6.96
CA VAL J 1125 -4.65 -28.38 6.73
C VAL J 1125 -4.14 -27.00 6.32
N VAL J 1126 -4.64 -26.51 5.19
CA VAL J 1126 -4.23 -25.20 4.70
C VAL J 1126 -4.70 -24.12 5.66
N GLN J 1127 -3.75 -23.33 6.17
CA GLN J 1127 -4.08 -22.21 7.04
C GLN J 1127 -4.35 -20.93 6.27
N HIS J 1128 -3.58 -20.70 5.20
CA HIS J 1128 -3.81 -19.59 4.28
C HIS J 1128 -4.00 -20.17 2.89
N ASP J 1129 -5.15 -19.88 2.30
CA ASP J 1129 -5.52 -20.47 1.01
C ASP J 1129 -4.50 -20.14 -0.07
N LEU J 1130 -4.34 -21.09 -1.00
CA LEU J 1130 -3.29 -21.01 -2.01
C LEU J 1130 -3.78 -20.21 -3.21
N GLU J 1131 -2.84 -19.80 -4.05
CA GLU J 1131 -3.20 -19.08 -5.25
C GLU J 1131 -3.78 -20.04 -6.29
N PRO J 1132 -4.66 -19.56 -7.17
CA PRO J 1132 -5.32 -20.49 -8.10
C PRO J 1132 -4.33 -21.14 -9.06
N PHE J 1133 -4.67 -22.36 -9.47
CA PHE J 1133 -3.96 -23.07 -10.53
C PHE J 1133 -4.99 -23.61 -11.53
N GLU J 1134 -4.54 -23.80 -12.76
CA GLU J 1134 -5.42 -24.18 -13.85
C GLU J 1134 -5.36 -25.67 -14.12
N CYS J 1135 -6.52 -26.30 -14.29
CA CYS J 1135 -6.60 -27.68 -14.73
C CYS J 1135 -7.90 -27.85 -15.51
N SER J 1136 -8.11 -29.05 -16.03
CA SER J 1136 -9.20 -29.32 -16.96
C SER J 1136 -10.55 -29.35 -16.23
N LYS J 1137 -11.61 -29.51 -17.02
CA LYS J 1137 -12.96 -29.55 -16.48
C LYS J 1137 -13.12 -30.67 -15.47
N GLU J 1138 -12.76 -31.90 -15.86
CA GLU J 1138 -12.97 -33.04 -14.98
C GLU J 1138 -12.09 -32.93 -13.74
N THR J 1139 -10.85 -32.45 -13.89
CA THR J 1139 -9.97 -32.30 -12.75
C THR J 1139 -10.54 -31.30 -11.74
N ALA J 1140 -11.03 -30.16 -12.23
CA ALA J 1140 -11.63 -29.18 -11.33
C ALA J 1140 -12.89 -29.72 -10.66
N GLU J 1141 -13.72 -30.45 -11.41
CA GLU J 1141 -14.91 -31.04 -10.81
C GLU J 1141 -14.54 -32.05 -9.72
N GLN J 1142 -13.48 -32.84 -9.97
CA GLN J 1142 -13.02 -33.78 -8.95
C GLN J 1142 -12.53 -33.06 -7.72
N TYR J 1143 -11.82 -31.94 -7.89
CA TYR J 1143 -11.39 -31.15 -6.74
C TYR J 1143 -12.58 -30.63 -5.95
N LYS J 1144 -13.60 -30.10 -6.64
CA LYS J 1144 -14.76 -29.60 -5.93
C LYS J 1144 -15.48 -30.72 -5.20
N HIS J 1145 -15.59 -31.89 -5.84
CA HIS J 1145 -16.19 -33.05 -5.19
C HIS J 1145 -15.46 -33.41 -3.91
N GLU J 1146 -14.13 -33.44 -3.96
CA GLU J 1146 -13.36 -33.80 -2.77
C GLU J 1146 -13.47 -32.75 -1.68
N HIS J 1147 -13.16 -31.49 -2.01
CA HIS J 1147 -12.94 -30.47 -1.00
C HIS J 1147 -14.21 -29.75 -0.57
N GLY J 1148 -15.33 -29.96 -1.25
CA GLY J 1148 -16.57 -29.33 -0.83
C GLY J 1148 -16.46 -27.82 -0.86
N GLU J 1149 -16.72 -27.20 0.29
CA GLU J 1149 -16.66 -25.76 0.43
C GLU J 1149 -15.25 -25.24 0.70
N LYS J 1150 -14.26 -26.13 0.80
CA LYS J 1150 -12.88 -25.74 1.02
C LYS J 1150 -12.10 -25.55 -0.29
N CYS J 1151 -12.79 -25.47 -1.42
CA CYS J 1151 -12.14 -25.08 -2.66
C CYS J 1151 -13.19 -24.48 -3.58
N GLU J 1152 -12.70 -23.71 -4.56
CA GLU J 1152 -13.56 -23.04 -5.52
C GLU J 1152 -13.04 -23.33 -6.93
N ILE J 1153 -13.96 -23.52 -7.86
CA ILE J 1153 -13.64 -23.79 -9.26
C ILE J 1153 -14.36 -22.76 -10.11
N PHE J 1154 -13.65 -22.22 -11.11
CA PHE J 1154 -14.26 -21.24 -12.00
C PHE J 1154 -13.80 -21.46 -13.43
N GLU J 1155 -14.76 -21.44 -14.36
CA GLU J 1155 -14.47 -21.58 -15.78
C GLU J 1155 -13.83 -20.30 -16.30
N ILE J 1156 -12.78 -20.44 -17.11
CA ILE J 1156 -12.15 -19.33 -17.79
C ILE J 1156 -12.86 -19.19 -19.14
N GLU J 1157 -13.59 -18.09 -19.31
CA GLU J 1157 -14.37 -17.92 -20.53
C GLU J 1157 -13.48 -17.86 -21.77
N GLU J 1158 -12.25 -17.37 -21.61
CA GLU J 1158 -11.35 -17.27 -22.77
C GLU J 1158 -10.91 -18.64 -23.25
N SER J 1159 -10.52 -19.53 -22.34
CA SER J 1159 -9.95 -20.82 -22.69
C SER J 1159 -10.91 -21.98 -22.47
N GLY J 1160 -11.87 -21.83 -21.56
CA GLY J 1160 -12.81 -22.90 -21.23
C GLY J 1160 -12.33 -23.85 -20.16
N GLU J 1161 -11.06 -23.80 -19.78
CA GLU J 1161 -10.55 -24.63 -18.70
C GLU J 1161 -10.85 -23.99 -17.35
N TYR J 1162 -10.80 -24.79 -16.30
CA TYR J 1162 -11.17 -24.34 -14.96
C TYR J 1162 -9.93 -23.97 -14.15
N THR J 1163 -10.12 -23.01 -13.26
CA THR J 1163 -9.11 -22.60 -12.29
C THR J 1163 -9.61 -22.96 -10.90
N VAL J 1164 -8.71 -23.53 -10.09
CA VAL J 1164 -9.03 -24.11 -8.79
C VAL J 1164 -8.30 -23.33 -7.72
N ARG J 1165 -9.04 -22.82 -6.75
CA ARG J 1165 -8.52 -22.05 -5.62
C ARG J 1165 -8.79 -22.87 -4.36
N ILE J 1166 -7.72 -23.28 -3.68
CA ILE J 1166 -7.81 -24.14 -2.52
C ILE J 1166 -7.98 -23.26 -1.29
N LEU J 1167 -9.20 -23.20 -0.74
CA LEU J 1167 -9.53 -22.27 0.31
C LEU J 1167 -8.93 -22.71 1.65
N LYS J 1168 -9.05 -21.82 2.64
CA LYS J 1168 -8.53 -22.09 3.98
C LYS J 1168 -9.29 -23.23 4.62
N GLY J 1169 -8.57 -24.08 5.35
CA GLY J 1169 -9.14 -25.25 5.98
C GLY J 1169 -9.14 -26.49 5.10
N ALA J 1170 -8.78 -26.34 3.83
CA ALA J 1170 -8.60 -27.50 2.97
C ALA J 1170 -7.43 -28.33 3.46
N THR J 1171 -7.40 -29.60 3.07
CA THR J 1171 -6.32 -30.51 3.39
C THR J 1171 -5.55 -30.81 2.11
N LEU J 1172 -4.22 -30.75 2.18
CA LEU J 1172 -3.36 -31.22 1.11
C LEU J 1172 -2.24 -32.07 1.69
N TYR J 1173 -1.56 -32.77 0.80
CA TYR J 1173 -0.52 -33.73 1.15
C TYR J 1173 0.82 -33.22 0.61
N VAL J 1174 1.68 -32.74 1.51
CA VAL J 1174 3.02 -32.30 1.13
C VAL J 1174 3.96 -33.50 1.18
N PRO J 1175 4.70 -33.81 0.12
CA PRO J 1175 5.69 -34.88 0.19
C PRO J 1175 6.73 -34.63 1.28
N LYS J 1176 7.16 -35.71 1.93
CA LYS J 1176 8.28 -35.66 2.85
C LYS J 1176 9.09 -36.95 2.68
N ALA J 1177 10.33 -36.91 3.14
CA ALA J 1177 11.28 -38.00 2.96
C ALA J 1177 11.96 -38.32 4.28
N LEU J 1178 12.27 -39.60 4.47
CA LEU J 1178 13.01 -40.06 5.64
C LEU J 1178 14.11 -41.00 5.18
N ARG J 1179 15.17 -41.07 5.98
CA ARG J 1179 16.28 -41.98 5.75
C ARG J 1179 15.88 -43.36 6.28
N PHE J 1180 15.78 -44.33 5.37
CA PHE J 1180 15.35 -45.66 5.74
C PHE J 1180 16.53 -46.50 6.20
N ASP J 1181 16.33 -47.27 7.28
CA ASP J 1181 17.42 -47.96 7.95
C ASP J 1181 18.08 -49.02 7.09
N ARG J 1182 17.36 -49.60 6.13
CA ARG J 1182 17.87 -50.68 5.30
C ARG J 1182 18.29 -50.15 3.94
N LEU J 1183 19.59 -50.23 3.66
CA LEU J 1183 20.17 -49.70 2.42
C LEU J 1183 20.69 -50.79 1.50
N VAL J 1184 20.61 -52.06 1.90
CA VAL J 1184 21.29 -53.15 1.21
C VAL J 1184 20.30 -54.27 0.96
N ALA J 1185 20.36 -54.86 -0.23
CA ALA J 1185 19.46 -55.93 -0.62
C ALA J 1185 20.19 -56.89 -1.56
N GLY J 1186 19.72 -58.13 -1.57
CA GLY J 1186 20.19 -59.14 -2.51
C GLY J 1186 19.52 -59.00 -3.85
N GLN J 1187 19.99 -58.05 -4.66
CA GLN J 1187 19.34 -57.69 -5.90
C GLN J 1187 19.91 -58.49 -7.07
N ILE J 1188 19.06 -58.72 -8.07
CA ILE J 1188 19.46 -59.36 -9.32
C ILE J 1188 20.56 -58.49 -9.92
N PRO J 1189 21.56 -59.05 -10.62
CA PRO J 1189 22.67 -58.22 -11.09
C PRO J 1189 22.21 -57.07 -11.97
N THR J 1190 22.82 -55.92 -11.78
CA THR J 1190 22.48 -54.74 -12.57
C THR J 1190 22.75 -55.01 -14.04
N GLY J 1191 21.81 -54.58 -14.88
CA GLY J 1191 21.86 -54.89 -16.29
C GLY J 1191 21.14 -56.16 -16.68
N TRP J 1192 20.71 -56.96 -15.71
CA TRP J 1192 19.85 -58.10 -16.00
C TRP J 1192 18.58 -57.63 -16.69
N ASP J 1193 18.35 -58.13 -17.89
CA ASP J 1193 17.18 -57.77 -18.68
C ASP J 1193 16.51 -59.03 -19.20
N ALA J 1194 15.18 -58.98 -19.29
CA ALA J 1194 14.44 -60.08 -19.88
C ALA J 1194 14.65 -60.14 -21.39
N ARG J 1195 14.95 -59.02 -22.02
CA ARG J 1195 15.27 -59.02 -23.45
C ARG J 1195 16.50 -59.87 -23.73
N THR J 1196 17.47 -59.89 -22.81
CA THR J 1196 18.67 -60.70 -23.00
C THR J 1196 18.32 -62.17 -23.15
N TYR J 1197 17.31 -62.64 -22.44
CA TYR J 1197 16.81 -64.01 -22.59
C TYR J 1197 15.78 -64.13 -23.71
N GLY J 1198 15.24 -63.01 -24.18
CA GLY J 1198 14.40 -63.01 -25.36
C GLY J 1198 12.92 -62.85 -25.12
N ILE J 1199 12.51 -62.37 -23.94
CA ILE J 1199 11.09 -62.13 -23.66
C ILE J 1199 10.67 -60.87 -24.41
N PRO J 1200 9.64 -60.90 -25.27
CA PRO J 1200 9.28 -59.68 -26.00
C PRO J 1200 8.98 -58.49 -25.08
N GLU J 1201 9.21 -57.29 -25.62
CA GLU J 1201 8.93 -56.07 -24.89
C GLU J 1201 7.44 -55.93 -24.56
N ASP J 1202 6.58 -56.54 -25.37
CA ASP J 1202 5.15 -56.54 -25.05
C ASP J 1202 4.90 -57.25 -23.71
N THR J 1203 5.47 -58.45 -23.55
CA THR J 1203 5.39 -59.14 -22.28
C THR J 1203 6.07 -58.35 -21.17
N ILE J 1204 7.23 -57.77 -21.43
CA ILE J 1204 7.92 -57.03 -20.37
C ILE J 1204 7.08 -55.85 -19.90
N SER J 1205 6.41 -55.16 -20.83
CA SER J 1205 5.63 -53.99 -20.46
C SER J 1205 4.34 -54.38 -19.74
N GLN J 1206 3.65 -55.42 -20.23
CA GLN J 1206 2.37 -55.77 -19.63
C GLN J 1206 2.53 -56.50 -18.30
N VAL J 1207 3.57 -57.30 -18.16
CA VAL J 1207 3.74 -58.23 -17.06
C VAL J 1207 4.85 -57.74 -16.14
N ASP J 1208 4.78 -58.15 -14.87
CA ASP J 1208 5.64 -57.56 -13.84
C ASP J 1208 6.99 -58.29 -13.74
N PRO J 1209 8.00 -57.61 -13.17
CA PRO J 1209 9.36 -58.19 -13.16
C PRO J 1209 9.48 -59.51 -12.42
N ILE J 1210 8.69 -59.72 -11.37
CA ILE J 1210 8.70 -61.02 -10.71
C ILE J 1210 8.36 -62.12 -11.72
N THR J 1211 7.31 -61.91 -12.51
CA THR J 1211 6.93 -62.88 -13.51
C THR J 1211 7.97 -63.00 -14.61
N LEU J 1212 8.67 -61.91 -14.94
CA LEU J 1212 9.79 -62.05 -15.88
C LEU J 1212 10.85 -62.98 -15.31
N TYR J 1213 11.16 -62.83 -14.02
CA TYR J 1213 12.10 -63.75 -13.38
C TYR J 1213 11.58 -65.18 -13.46
N VAL J 1214 10.28 -65.38 -13.20
CA VAL J 1214 9.71 -66.72 -13.24
C VAL J 1214 9.82 -67.31 -14.64
N LEU J 1215 9.54 -66.51 -15.66
CA LEU J 1215 9.60 -67.03 -17.03
C LEU J 1215 11.03 -67.42 -17.40
N VAL J 1216 12.00 -66.57 -17.06
CA VAL J 1216 13.39 -66.91 -17.36
C VAL J 1216 13.80 -68.17 -16.60
N ALA J 1217 13.41 -68.26 -15.33
CA ALA J 1217 13.79 -69.42 -14.53
C ALA J 1217 13.12 -70.69 -15.04
N THR J 1218 11.86 -70.60 -15.48
CA THR J 1218 11.16 -71.78 -15.98
C THR J 1218 11.76 -72.25 -17.29
N VAL J 1219 12.09 -71.31 -18.19
CA VAL J 1219 12.76 -71.69 -19.43
C VAL J 1219 14.09 -72.36 -19.13
N GLU J 1220 14.88 -71.75 -18.23
CA GLU J 1220 16.18 -72.31 -17.89
C GLU J 1220 16.06 -73.66 -17.20
N ALA J 1221 15.00 -73.87 -16.42
CA ALA J 1221 14.80 -75.16 -15.76
C ALA J 1221 14.37 -76.24 -16.74
N LEU J 1222 13.47 -75.90 -17.67
CA LEU J 1222 13.08 -76.87 -18.68
C LEU J 1222 14.28 -77.26 -19.55
N LEU J 1223 15.10 -76.29 -19.94
CA LEU J 1223 16.25 -76.63 -20.75
C LEU J 1223 17.40 -77.17 -19.90
N SER J 1224 17.33 -77.04 -18.58
CA SER J 1224 18.20 -77.84 -17.71
C SER J 1224 17.75 -79.30 -17.71
N ALA J 1225 16.44 -79.52 -17.78
CA ALA J 1225 15.87 -80.84 -18.02
C ALA J 1225 16.07 -81.31 -19.45
N GLY J 1226 16.61 -80.45 -20.31
CA GLY J 1226 16.87 -80.84 -21.68
C GLY J 1226 15.67 -80.67 -22.58
N ILE J 1227 14.65 -79.97 -22.11
CA ILE J 1227 13.40 -79.80 -22.83
C ILE J 1227 13.60 -78.56 -23.70
N THR J 1228 14.20 -78.77 -24.88
CA THR J 1228 14.37 -77.68 -25.82
C THR J 1228 13.04 -77.05 -26.18
N ASP J 1229 12.04 -77.88 -26.48
CA ASP J 1229 10.70 -77.45 -26.81
C ASP J 1229 9.77 -77.82 -25.66
N PRO J 1230 9.09 -76.88 -24.99
CA PRO J 1230 8.21 -77.28 -23.87
C PRO J 1230 7.09 -78.21 -24.30
N TYR J 1231 6.70 -78.19 -25.59
CA TYR J 1231 5.67 -79.10 -26.07
C TYR J 1231 6.17 -80.53 -26.21
N GLU J 1232 7.47 -80.77 -26.03
CA GLU J 1232 7.98 -82.14 -26.09
C GLU J 1232 7.48 -82.97 -24.91
N PHE J 1233 7.01 -82.32 -23.83
CA PHE J 1233 6.28 -83.04 -22.79
C PHE J 1233 5.12 -83.82 -23.39
N TYR J 1234 4.42 -83.23 -24.34
CA TYR J 1234 3.18 -83.81 -24.84
C TYR J 1234 3.42 -84.95 -25.82
N LYS J 1235 4.68 -85.22 -26.17
CA LYS J 1235 4.99 -86.40 -26.97
C LYS J 1235 4.96 -87.66 -26.11
N TYR J 1236 5.08 -87.52 -24.79
CA TYR J 1236 5.08 -88.66 -23.87
C TYR J 1236 3.98 -88.57 -22.81
N VAL J 1237 3.37 -87.40 -22.63
CA VAL J 1237 2.45 -87.14 -21.54
C VAL J 1237 1.22 -86.44 -22.11
N HIS J 1238 0.08 -86.62 -21.47
CA HIS J 1238 -1.11 -85.88 -21.87
C HIS J 1238 -1.03 -84.45 -21.34
N VAL J 1239 -1.67 -83.52 -22.05
CA VAL J 1239 -1.66 -82.11 -21.65
C VAL J 1239 -2.22 -81.92 -20.25
N SER J 1240 -3.02 -82.87 -19.77
CA SER J 1240 -3.62 -82.80 -18.44
C SER J 1240 -2.69 -83.30 -17.33
N GLU J 1241 -1.45 -83.69 -17.65
CA GLU J 1241 -0.52 -84.19 -16.64
C GLU J 1241 0.77 -83.39 -16.57
N VAL J 1242 0.79 -82.16 -17.08
CA VAL J 1242 1.92 -81.25 -16.89
C VAL J 1242 1.44 -80.09 -16.03
N GLY J 1243 1.77 -80.14 -14.74
CA GLY J 1243 1.31 -79.15 -13.79
C GLY J 1243 2.30 -78.03 -13.56
N ASN J 1244 1.88 -77.08 -12.73
CA ASN J 1244 2.75 -75.97 -12.31
C ASN J 1244 2.38 -75.65 -10.88
N CYS J 1245 3.14 -76.20 -9.93
CA CYS J 1245 2.85 -76.08 -8.51
C CYS J 1245 3.76 -75.09 -7.81
N SER J 1246 4.45 -74.23 -8.55
CA SER J 1246 5.24 -73.17 -7.93
C SER J 1246 4.34 -72.05 -7.44
N GLY J 1247 4.90 -71.17 -6.60
CA GLY J 1247 4.15 -70.05 -6.09
C GLY J 1247 5.00 -69.14 -5.25
N SER J 1248 4.56 -67.90 -5.13
CA SER J 1248 5.23 -66.87 -4.34
C SER J 1248 4.63 -66.80 -2.94
N GLY J 1249 5.30 -66.04 -2.09
CA GLY J 1249 4.78 -65.74 -0.76
C GLY J 1249 4.00 -64.44 -0.76
N MET J 1250 4.46 -63.46 -1.53
CA MET J 1250 3.79 -62.17 -1.65
C MET J 1250 3.86 -61.66 -3.10
N GLY J 1251 3.98 -62.58 -4.06
CA GLY J 1251 4.35 -62.19 -5.41
C GLY J 1251 3.37 -61.22 -6.04
N GLY J 1252 3.87 -60.48 -7.02
CA GLY J 1252 3.12 -59.40 -7.63
C GLY J 1252 3.21 -58.08 -6.89
N VAL J 1253 4.31 -57.84 -6.17
CA VAL J 1253 4.40 -56.67 -5.30
C VAL J 1253 4.43 -55.39 -6.12
N SER J 1254 5.05 -55.42 -7.30
CA SER J 1254 5.07 -54.22 -8.14
C SER J 1254 3.66 -53.84 -8.58
N ALA J 1255 2.87 -54.84 -8.97
CA ALA J 1255 1.49 -54.58 -9.35
C ALA J 1255 0.66 -54.14 -8.14
N LEU J 1256 0.93 -54.71 -6.97
CA LEU J 1256 0.24 -54.27 -5.76
C LEU J 1256 0.55 -52.81 -5.47
N ARG J 1257 1.82 -52.43 -5.58
CA ARG J 1257 2.20 -51.04 -5.39
C ARG J 1257 1.53 -50.15 -6.41
N GLY J 1258 1.50 -50.58 -7.68
CA GLY J 1258 0.76 -49.84 -8.68
C GLY J 1258 -0.65 -49.54 -8.24
N MET J 1259 -1.45 -50.60 -8.03
CA MET J 1259 -2.87 -50.44 -7.74
C MET J 1259 -3.11 -49.69 -6.44
N PHE J 1260 -2.23 -49.82 -5.45
CA PHE J 1260 -2.49 -49.24 -4.14
C PHE J 1260 -1.95 -47.83 -3.98
N LYS J 1261 -0.88 -47.45 -4.68
CA LYS J 1261 -0.23 -46.15 -4.52
C LYS J 1261 -0.22 -45.34 -5.80
N ASP J 1262 0.21 -45.92 -6.93
CA ASP J 1262 0.26 -45.14 -8.16
C ASP J 1262 -1.14 -44.74 -8.59
N ARG J 1263 -2.11 -45.64 -8.39
CA ARG J 1263 -3.49 -45.32 -8.69
C ARG J 1263 -4.02 -44.23 -7.76
N TYR J 1264 -3.67 -44.31 -6.47
CA TYR J 1264 -4.00 -43.23 -5.55
C TYR J 1264 -3.41 -41.91 -6.02
N ALA J 1265 -2.25 -41.97 -6.65
CA ALA J 1265 -1.58 -40.79 -7.16
C ALA J 1265 -2.03 -40.39 -8.56
N ASP J 1266 -2.93 -41.16 -9.19
CA ASP J 1266 -3.39 -40.86 -10.55
C ASP J 1266 -2.27 -40.97 -11.57
N LYS J 1267 -1.27 -41.79 -11.29
CA LYS J 1267 -0.20 -42.01 -12.24
C LYS J 1267 -0.68 -42.99 -13.31
N PRO J 1268 -0.10 -42.96 -14.51
CA PRO J 1268 -0.46 -43.97 -15.51
C PRO J 1268 -0.20 -45.39 -15.00
N VAL J 1269 -1.27 -46.15 -14.85
CA VAL J 1269 -1.21 -47.55 -14.42
C VAL J 1269 -2.09 -48.37 -15.35
N GLN J 1270 -1.60 -49.55 -15.73
CA GLN J 1270 -2.36 -50.40 -16.64
C GLN J 1270 -3.68 -50.83 -16.00
N ASN J 1271 -4.70 -50.98 -16.85
CA ASN J 1271 -6.04 -51.27 -16.37
C ASN J 1271 -6.10 -52.61 -15.64
N ASP J 1272 -5.28 -53.57 -16.05
CA ASP J 1272 -5.30 -54.93 -15.53
C ASP J 1272 -4.10 -55.21 -14.62
N ILE J 1273 -3.70 -54.23 -13.81
CA ILE J 1273 -2.58 -54.42 -12.90
C ILE J 1273 -2.93 -55.44 -11.82
N LEU J 1274 -4.21 -55.52 -11.43
CA LEU J 1274 -4.61 -56.48 -10.42
C LEU J 1274 -4.37 -57.91 -10.86
N GLN J 1275 -4.61 -58.20 -12.15
CA GLN J 1275 -4.34 -59.54 -12.66
C GLN J 1275 -2.87 -59.90 -12.50
N GLU J 1276 -1.97 -58.94 -12.68
CA GLU J 1276 -0.54 -59.18 -12.51
C GLU J 1276 -0.14 -59.21 -11.05
N SER J 1277 -0.96 -58.63 -10.16
CA SER J 1277 -0.66 -58.67 -8.73
C SER J 1277 -0.89 -60.04 -8.10
N PHE J 1278 -1.73 -60.88 -8.69
CA PHE J 1278 -2.01 -62.19 -8.10
C PHE J 1278 -0.77 -63.04 -8.03
N ILE J 1279 -0.68 -63.87 -6.99
CA ILE J 1279 0.46 -64.75 -6.85
C ILE J 1279 0.43 -65.90 -7.85
N ASN J 1280 -0.76 -66.28 -8.32
CA ASN J 1280 -0.89 -67.36 -9.30
C ASN J 1280 -0.78 -66.88 -10.74
N THR J 1281 -0.74 -65.56 -10.98
CA THR J 1281 -0.64 -65.08 -12.35
C THR J 1281 0.74 -65.34 -12.95
N MET J 1282 1.76 -65.52 -12.13
CA MET J 1282 3.08 -65.91 -12.65
C MET J 1282 3.00 -67.29 -13.30
N SER J 1283 2.46 -68.27 -12.57
CA SER J 1283 2.26 -69.59 -13.16
C SER J 1283 1.30 -69.53 -14.34
N ALA J 1284 0.28 -68.67 -14.25
CA ALA J 1284 -0.62 -68.48 -15.37
C ALA J 1284 0.14 -68.07 -16.62
N TRP J 1285 0.96 -67.02 -16.51
CA TRP J 1285 1.70 -66.52 -17.66
C TRP J 1285 2.71 -67.54 -18.15
N VAL J 1286 3.31 -68.29 -17.22
CA VAL J 1286 4.21 -69.38 -17.61
C VAL J 1286 3.47 -70.38 -18.50
N ASN J 1287 2.24 -70.73 -18.12
CA ASN J 1287 1.46 -71.64 -18.94
C ASN J 1287 1.04 -71.00 -20.27
N MET J 1288 0.64 -69.73 -20.23
CA MET J 1288 0.16 -69.07 -21.45
C MET J 1288 1.28 -68.85 -22.45
N LEU J 1289 2.53 -68.79 -21.98
CA LEU J 1289 3.64 -68.46 -22.86
C LEU J 1289 4.47 -69.67 -23.26
N LEU J 1290 4.54 -70.70 -22.41
CA LEU J 1290 5.47 -71.81 -22.64
C LEU J 1290 4.80 -73.18 -22.74
N LEU J 1291 3.95 -73.56 -21.78
CA LEU J 1291 3.65 -74.98 -21.61
C LEU J 1291 2.43 -75.43 -22.39
N SER J 1292 1.35 -74.65 -22.37
CA SER J 1292 0.07 -74.98 -23.02
C SER J 1292 -0.68 -76.07 -22.25
N SER J 1293 -0.19 -76.41 -21.06
CA SER J 1293 -0.71 -77.57 -20.36
C SER J 1293 -2.10 -77.29 -19.79
N SER J 1294 -2.86 -78.37 -19.61
CA SER J 1294 -4.09 -78.34 -18.83
C SER J 1294 -3.97 -79.19 -17.58
N GLY J 1295 -2.74 -79.35 -17.07
CA GLY J 1295 -2.51 -80.14 -15.89
C GLY J 1295 -2.80 -79.37 -14.63
N PRO J 1296 -2.62 -80.06 -13.49
CA PRO J 1296 -2.96 -79.44 -12.21
C PRO J 1296 -2.14 -78.17 -11.98
N ILE J 1297 -2.82 -77.14 -11.48
CA ILE J 1297 -2.23 -75.83 -11.27
C ILE J 1297 -2.45 -75.44 -9.82
N LYS J 1298 -1.39 -75.45 -9.04
CA LYS J 1298 -1.41 -75.08 -7.63
C LYS J 1298 -0.47 -73.92 -7.43
N THR J 1299 -0.85 -72.98 -6.57
CA THR J 1299 -0.04 -71.80 -6.26
C THR J 1299 0.07 -71.70 -4.75
N PRO J 1300 1.09 -72.31 -4.15
CA PRO J 1300 1.25 -72.20 -2.69
C PRO J 1300 1.64 -70.78 -2.28
N VAL J 1301 1.24 -70.42 -1.06
CA VAL J 1301 1.78 -69.26 -0.35
C VAL J 1301 2.39 -69.78 0.92
N GLY J 1302 3.63 -69.40 1.18
CA GLY J 1302 4.31 -69.85 2.38
C GLY J 1302 5.27 -68.83 2.97
N ALA J 1303 5.20 -67.59 2.48
CA ALA J 1303 6.13 -66.53 2.89
C ALA J 1303 7.53 -67.04 2.60
N CYS J 1304 8.36 -67.35 3.60
CA CYS J 1304 9.74 -67.75 3.35
C CYS J 1304 9.84 -69.19 2.91
N ALA J 1305 8.84 -70.02 3.27
CA ALA J 1305 8.94 -71.48 3.10
C ALA J 1305 7.91 -71.97 2.09
N THR J 1306 7.76 -71.22 1.00
CA THR J 1306 6.79 -71.57 -0.02
C THR J 1306 7.35 -72.43 -1.13
N ALA J 1307 8.65 -72.36 -1.42
CA ALA J 1307 9.21 -73.20 -2.48
C ALA J 1307 9.26 -74.66 -2.07
N VAL J 1308 9.60 -74.94 -0.81
CA VAL J 1308 9.58 -76.31 -0.32
C VAL J 1308 8.14 -76.81 -0.28
N GLU J 1309 7.20 -75.93 0.09
CA GLU J 1309 5.79 -76.30 0.06
C GLU J 1309 5.32 -76.56 -1.37
N SER J 1310 5.84 -75.79 -2.33
CA SER J 1310 5.56 -76.05 -3.74
C SER J 1310 6.08 -77.42 -4.15
N VAL J 1311 7.29 -77.77 -3.70
CA VAL J 1311 7.82 -79.09 -3.98
C VAL J 1311 6.91 -80.16 -3.38
N ASP J 1312 6.45 -79.94 -2.14
CA ASP J 1312 5.59 -80.91 -1.48
C ASP J 1312 4.28 -81.10 -2.24
N ILE J 1313 3.67 -79.99 -2.66
CA ILE J 1313 2.44 -80.07 -3.43
C ILE J 1313 2.70 -80.74 -4.77
N GLY J 1314 3.87 -80.53 -5.36
CA GLY J 1314 4.20 -81.20 -6.60
C GLY J 1314 4.35 -82.70 -6.44
N ILE J 1315 5.00 -83.13 -5.36
CA ILE J 1315 5.09 -84.56 -5.06
C ILE J 1315 3.70 -85.14 -4.91
N GLU J 1316 2.84 -84.46 -4.14
CA GLU J 1316 1.48 -84.95 -3.94
C GLU J 1316 0.74 -85.03 -5.26
N THR J 1317 0.88 -84.01 -6.10
CA THR J 1317 0.19 -83.97 -7.38
C THR J 1317 0.63 -85.12 -8.28
N ILE J 1318 1.93 -85.38 -8.34
CA ILE J 1318 2.42 -86.46 -9.19
C ILE J 1318 2.00 -87.82 -8.63
N LEU J 1319 2.14 -88.00 -7.32
CA LEU J 1319 1.85 -89.30 -6.73
C LEU J 1319 0.36 -89.63 -6.72
N SER J 1320 -0.50 -88.62 -6.73
CA SER J 1320 -1.94 -88.84 -6.84
C SER J 1320 -2.37 -89.18 -8.27
N GLY J 1321 -1.47 -89.12 -9.24
CA GLY J 1321 -1.81 -89.36 -10.62
C GLY J 1321 -2.35 -88.16 -11.36
N LYS J 1322 -2.48 -87.02 -10.69
CA LYS J 1322 -3.01 -85.83 -11.35
C LYS J 1322 -2.01 -85.27 -12.36
N ALA J 1323 -0.72 -85.49 -12.12
CA ALA J 1323 0.32 -85.01 -13.02
C ALA J 1323 1.41 -86.07 -13.15
N LYS J 1324 2.20 -85.93 -14.20
CA LYS J 1324 3.46 -86.65 -14.37
C LYS J 1324 4.67 -85.74 -14.33
N VAL J 1325 4.53 -84.53 -14.86
CA VAL J 1325 5.54 -83.49 -14.81
C VAL J 1325 4.93 -82.31 -14.08
N VAL J 1326 5.71 -81.65 -13.23
CA VAL J 1326 5.21 -80.45 -12.57
C VAL J 1326 6.37 -79.49 -12.32
N LEU J 1327 6.07 -78.20 -12.49
CA LEU J 1327 6.99 -77.12 -12.21
C LEU J 1327 6.77 -76.67 -10.77
N VAL J 1328 7.76 -76.89 -9.92
CA VAL J 1328 7.71 -76.49 -8.51
C VAL J 1328 8.74 -75.39 -8.32
N GLY J 1329 8.61 -74.66 -7.21
CA GLY J 1329 9.58 -73.62 -6.92
C GLY J 1329 8.91 -72.45 -6.22
N GLY J 1330 9.59 -71.31 -6.27
CA GLY J 1330 9.10 -70.12 -5.61
C GLY J 1330 9.79 -68.88 -6.12
N TYR J 1331 9.13 -67.74 -5.93
CA TYR J 1331 9.63 -66.49 -6.47
C TYR J 1331 9.13 -65.33 -5.64
N ASP J 1332 9.94 -64.27 -5.57
CA ASP J 1332 9.50 -63.01 -4.98
C ASP J 1332 10.35 -61.88 -5.55
N ASP J 1333 9.86 -60.66 -5.37
CA ASP J 1333 10.55 -59.47 -5.80
C ASP J 1333 10.80 -58.57 -4.60
N PHE J 1334 11.83 -57.75 -4.71
CA PHE J 1334 12.16 -56.77 -3.69
C PHE J 1334 11.54 -55.44 -4.09
N GLN J 1335 10.82 -54.82 -3.16
CA GLN J 1335 10.21 -53.54 -3.42
C GLN J 1335 10.22 -52.69 -2.15
N GLU J 1336 9.95 -51.41 -2.37
CA GLU J 1336 10.06 -50.41 -1.31
C GLU J 1336 9.21 -50.79 -0.11
N GLU J 1337 7.94 -51.10 -0.34
CA GLU J 1337 7.01 -51.28 0.78
C GLU J 1337 7.28 -52.59 1.51
N GLY J 1338 7.58 -53.66 0.77
CA GLY J 1338 7.95 -54.90 1.42
C GLY J 1338 9.19 -54.76 2.27
N SER J 1339 10.20 -54.05 1.77
CA SER J 1339 11.39 -53.79 2.57
C SER J 1339 11.05 -52.98 3.82
N TYR J 1340 10.20 -51.97 3.66
CA TYR J 1340 9.85 -51.12 4.81
C TYR J 1340 9.11 -51.92 5.87
N GLU J 1341 8.23 -52.81 5.46
CA GLU J 1341 7.48 -53.57 6.45
C GLU J 1341 8.34 -54.64 7.10
N PHE J 1342 9.24 -55.28 6.34
CA PHE J 1342 10.18 -56.21 6.96
C PHE J 1342 11.07 -55.49 7.95
N ALA J 1343 11.37 -54.21 7.70
CA ALA J 1343 12.15 -53.43 8.65
C ALA J 1343 11.34 -53.04 9.88
N ASN J 1344 10.05 -52.74 9.70
CA ASN J 1344 9.21 -52.37 10.84
C ASN J 1344 9.18 -53.46 11.89
N MET J 1345 9.13 -54.72 11.48
CA MET J 1345 9.05 -55.85 12.40
C MET J 1345 10.43 -56.33 12.84
N ASN J 1346 11.48 -55.59 12.50
CA ASN J 1346 12.85 -55.94 12.89
C ASN J 1346 13.24 -57.32 12.38
N ALA J 1347 12.73 -57.67 11.20
CA ALA J 1347 13.05 -58.95 10.58
C ALA J 1347 14.32 -58.87 9.73
N THR J 1348 14.47 -57.79 8.96
CA THR J 1348 15.71 -57.55 8.24
C THR J 1348 16.74 -56.92 9.16
N SER J 1349 17.99 -56.96 8.72
CA SER J 1349 19.10 -56.39 9.48
C SER J 1349 19.22 -54.91 9.20
N ASN J 1350 19.46 -54.13 10.25
CA ASN J 1350 19.65 -52.70 10.08
C ASN J 1350 21.04 -52.41 9.51
N SER J 1351 21.07 -51.95 8.26
CA SER J 1351 22.35 -51.72 7.58
C SER J 1351 23.13 -50.59 8.24
N ILE J 1352 22.45 -49.62 8.86
CA ILE J 1352 23.17 -48.55 9.54
C ILE J 1352 23.88 -49.10 10.78
N GLU J 1353 23.22 -49.98 11.54
CA GLU J 1353 23.89 -50.65 12.64
C GLU J 1353 25.02 -51.53 12.15
N GLU J 1354 24.84 -52.17 10.99
CA GLU J 1354 25.90 -52.98 10.42
C GLU J 1354 27.13 -52.13 10.07
N PHE J 1355 26.91 -50.96 9.48
CA PHE J 1355 28.01 -50.05 9.20
C PHE J 1355 28.66 -49.56 10.49
N LYS J 1356 27.85 -49.32 11.52
CA LYS J 1356 28.41 -49.00 12.84
C LYS J 1356 29.29 -50.12 13.36
N HIS J 1357 28.95 -51.37 13.05
CA HIS J 1357 29.76 -52.52 13.39
C HIS J 1357 30.86 -52.80 12.37
N GLY J 1358 30.97 -51.98 11.32
CA GLY J 1358 32.03 -52.10 10.35
C GLY J 1358 31.79 -53.12 9.26
N ARG J 1359 30.57 -53.64 9.14
CA ARG J 1359 30.26 -54.65 8.15
C ARG J 1359 30.00 -54.03 6.79
N THR J 1360 30.30 -54.80 5.75
CA THR J 1360 30.04 -54.43 4.36
C THR J 1360 28.89 -55.27 3.83
N PRO J 1361 28.28 -54.87 2.71
CA PRO J 1361 27.17 -55.67 2.16
C PRO J 1361 27.56 -57.11 1.84
N LYS J 1362 28.80 -57.34 1.39
CA LYS J 1362 29.22 -58.69 1.05
C LYS J 1362 29.27 -59.61 2.26
N GLU J 1363 29.27 -59.05 3.47
CA GLU J 1363 29.28 -59.83 4.71
C GLU J 1363 28.09 -59.50 5.60
N MET J 1364 27.02 -58.92 5.03
CA MET J 1364 25.88 -58.53 5.85
C MET J 1364 25.05 -59.74 6.25
N SER J 1365 24.85 -60.68 5.34
CA SER J 1365 24.13 -61.91 5.65
C SER J 1365 25.08 -62.86 6.35
N ARG J 1366 24.84 -63.11 7.64
CA ARG J 1366 25.72 -63.93 8.47
C ARG J 1366 24.89 -65.03 9.12
N PRO J 1367 24.53 -66.07 8.37
CA PRO J 1367 23.82 -67.19 8.98
C PRO J 1367 24.67 -67.86 10.05
N THR J 1368 24.00 -68.40 11.07
CA THR J 1368 24.60 -69.16 12.17
C THR J 1368 25.88 -68.49 12.69
N THR J 1369 25.78 -67.20 12.96
CA THR J 1369 26.90 -66.39 13.40
C THR J 1369 26.51 -65.71 14.72
N THR J 1370 27.52 -65.47 15.56
CA THR J 1370 27.27 -64.93 16.89
C THR J 1370 26.52 -63.60 16.84
N THR J 1371 26.89 -62.72 15.92
CA THR J 1371 26.42 -61.35 15.89
C THR J 1371 25.33 -61.12 14.84
N ARG J 1372 24.73 -62.17 14.30
CA ARG J 1372 23.68 -61.99 13.30
C ARG J 1372 22.52 -61.22 13.89
N ASN J 1373 22.00 -60.26 13.11
CA ASN J 1373 21.01 -59.30 13.60
C ASN J 1373 19.92 -59.06 12.57
N GLY J 1374 19.46 -60.12 11.91
CA GLY J 1374 18.37 -60.03 10.95
C GLY J 1374 18.79 -60.51 9.57
N PHE J 1375 17.77 -60.80 8.76
CA PHE J 1375 18.00 -61.41 7.47
C PHE J 1375 18.23 -60.35 6.39
N MET J 1376 18.78 -60.80 5.27
CA MET J 1376 19.11 -59.96 4.13
C MET J 1376 18.07 -60.22 3.05
N GLU J 1377 17.23 -59.22 2.78
CA GLU J 1377 16.17 -59.39 1.79
C GLU J 1377 16.76 -59.42 0.38
N ALA J 1378 16.32 -60.41 -0.40
CA ALA J 1378 16.77 -60.57 -1.78
C ALA J 1378 15.55 -60.68 -2.67
N GLN J 1379 15.79 -60.82 -3.97
CA GLN J 1379 14.73 -60.98 -4.95
C GLN J 1379 15.17 -62.04 -5.94
N GLY J 1380 14.19 -62.60 -6.64
CA GLY J 1380 14.46 -63.54 -7.71
C GLY J 1380 13.49 -64.69 -7.68
N SER J 1381 13.80 -65.69 -8.50
CA SER J 1381 12.94 -66.83 -8.73
C SER J 1381 13.78 -68.09 -8.77
N GLY J 1382 13.17 -69.21 -8.40
CA GLY J 1382 13.82 -70.50 -8.48
C GLY J 1382 12.80 -71.56 -8.87
N ILE J 1383 13.10 -72.30 -9.93
CA ILE J 1383 12.16 -73.25 -10.50
C ILE J 1383 12.86 -74.60 -10.67
N GLN J 1384 12.12 -75.67 -10.45
CA GLN J 1384 12.54 -77.03 -10.70
C GLN J 1384 11.46 -77.77 -11.47
N VAL J 1385 11.87 -78.48 -12.51
CA VAL J 1385 11.00 -79.36 -13.25
C VAL J 1385 11.19 -80.73 -12.61
N ILE J 1386 10.15 -81.21 -11.89
CA ILE J 1386 10.20 -82.51 -11.22
C ILE J 1386 9.25 -83.45 -11.95
N MET J 1387 9.58 -84.73 -11.95
CA MET J 1387 8.91 -85.71 -12.79
C MET J 1387 8.91 -87.05 -12.07
N THR J 1388 8.12 -87.99 -12.60
CA THR J 1388 8.23 -89.37 -12.17
C THR J 1388 9.51 -89.98 -12.71
N ALA J 1389 10.06 -90.95 -11.96
CA ALA J 1389 11.27 -91.61 -12.40
C ALA J 1389 11.06 -92.37 -13.70
N ASP J 1390 9.93 -93.06 -13.84
CA ASP J 1390 9.65 -93.80 -15.06
C ASP J 1390 9.60 -92.87 -16.27
N LEU J 1391 8.91 -91.73 -16.12
CA LEU J 1391 8.82 -90.79 -17.24
C LEU J 1391 10.18 -90.16 -17.53
N ALA J 1392 10.95 -89.85 -16.49
CA ALA J 1392 12.27 -89.28 -16.71
C ALA J 1392 13.15 -90.24 -17.49
N LEU J 1393 13.09 -91.53 -17.14
CA LEU J 1393 13.85 -92.52 -17.89
C LEU J 1393 13.32 -92.66 -19.31
N LYS J 1394 12.01 -92.60 -19.49
CA LYS J 1394 11.43 -92.78 -20.82
C LYS J 1394 11.84 -91.66 -21.76
N MET J 1395 11.75 -90.41 -21.31
CA MET J 1395 12.17 -89.27 -22.12
C MET J 1395 13.66 -89.01 -22.11
N GLY J 1396 14.41 -89.67 -21.24
CA GLY J 1396 15.84 -89.46 -21.21
C GLY J 1396 16.25 -88.06 -20.79
N VAL J 1397 15.55 -87.48 -19.84
CA VAL J 1397 15.92 -86.19 -19.28
C VAL J 1397 16.97 -86.41 -18.21
N PRO J 1398 17.78 -85.40 -17.84
CA PRO J 1398 18.80 -85.60 -16.81
C PRO J 1398 18.15 -85.64 -15.42
N ILE J 1399 18.28 -86.78 -14.75
CA ILE J 1399 17.70 -86.94 -13.42
C ILE J 1399 18.71 -86.35 -12.42
N HIS J 1400 18.42 -85.15 -11.94
CA HIS J 1400 19.39 -84.44 -11.09
C HIS J 1400 19.40 -85.00 -9.68
N ALA J 1401 18.26 -85.43 -9.16
CA ALA J 1401 18.20 -86.08 -7.86
C ALA J 1401 16.82 -86.69 -7.69
N VAL J 1402 16.62 -87.36 -6.55
CA VAL J 1402 15.36 -88.00 -6.20
C VAL J 1402 14.79 -87.29 -4.98
N LEU J 1403 13.54 -86.82 -5.11
CA LEU J 1403 12.79 -86.25 -3.99
C LEU J 1403 12.25 -87.39 -3.15
N ALA J 1404 13.10 -87.88 -2.25
CA ALA J 1404 12.71 -88.96 -1.35
C ALA J 1404 11.65 -88.51 -0.36
N MET J 1405 11.68 -87.23 0.05
CA MET J 1405 10.70 -86.76 1.02
C MET J 1405 10.40 -85.29 0.80
N THR J 1406 9.16 -84.91 1.09
CA THR J 1406 8.81 -83.50 1.24
C THR J 1406 7.62 -83.41 2.18
N ALA J 1407 7.61 -82.40 3.05
CA ALA J 1407 6.56 -82.26 4.04
C ALA J 1407 6.50 -80.82 4.53
N THR J 1408 5.33 -80.46 5.08
CA THR J 1408 5.09 -79.15 5.65
C THR J 1408 4.40 -79.33 7.00
N ALA J 1409 4.54 -78.32 7.87
CA ALA J 1409 3.98 -78.40 9.20
C ALA J 1409 3.82 -77.00 9.78
N THR J 1410 2.99 -76.91 10.82
CA THR J 1410 2.82 -75.71 11.62
C THR J 1410 3.30 -75.97 13.04
N ASP J 1411 3.48 -74.88 13.80
CA ASP J 1411 4.12 -75.02 15.10
C ASP J 1411 3.12 -75.37 16.21
N LYS J 1412 2.28 -74.40 16.60
CA LYS J 1412 1.48 -74.54 17.83
C LYS J 1412 0.62 -73.31 18.08
N ILE J 1413 -0.14 -73.32 19.19
CA ILE J 1413 -0.76 -72.10 19.69
C ILE J 1413 0.32 -71.05 19.90
N GLY J 1414 0.06 -69.83 19.43
CA GLY J 1414 0.96 -68.73 19.69
C GLY J 1414 0.29 -67.43 19.33
N ARG J 1415 1.05 -66.35 19.50
CA ARG J 1415 0.61 -65.02 19.06
C ARG J 1415 1.73 -64.32 18.29
N SER J 1416 2.62 -65.09 17.66
CA SER J 1416 3.72 -64.56 16.87
C SER J 1416 3.72 -65.24 15.51
N VAL J 1417 3.28 -64.51 14.49
CA VAL J 1417 3.22 -65.00 13.12
C VAL J 1417 4.62 -65.27 12.59
N PRO J 1418 5.57 -64.33 12.66
CA PRO J 1418 6.86 -64.57 12.00
C PRO J 1418 7.79 -65.49 12.75
N ALA J 1419 7.47 -65.89 13.98
CA ALA J 1419 8.43 -66.71 14.74
C ALA J 1419 8.55 -68.08 14.02
N PRO J 1420 9.82 -68.66 13.60
CA PRO J 1420 9.81 -70.17 13.47
C PRO J 1420 9.50 -71.02 14.69
N GLY J 1421 9.24 -72.30 14.42
CA GLY J 1421 8.95 -73.23 15.50
C GLY J 1421 9.30 -74.65 15.09
N LYS J 1422 9.08 -75.57 16.04
CA LYS J 1422 9.49 -76.96 15.87
C LYS J 1422 8.44 -77.78 15.11
N GLY J 1423 7.59 -77.14 14.32
CA GLY J 1423 6.57 -77.87 13.60
C GLY J 1423 7.12 -78.82 12.56
N ILE J 1424 8.05 -78.36 11.72
CA ILE J 1424 8.57 -79.20 10.64
C ILE J 1424 9.41 -80.34 11.15
N LEU J 1425 9.79 -80.31 12.43
CA LEU J 1425 10.38 -81.47 13.06
C LEU J 1425 9.47 -82.70 12.95
N THR J 1426 8.19 -82.53 12.58
CA THR J 1426 7.23 -83.63 12.39
C THR J 1426 7.62 -84.63 11.31
N THR J 1427 8.72 -84.42 10.59
CA THR J 1427 9.14 -85.39 9.57
C THR J 1427 9.99 -86.52 10.14
N ALA J 1428 10.34 -86.48 11.42
CA ALA J 1428 11.29 -87.41 12.02
C ALA J 1428 10.68 -88.11 13.23
N ARG J 1429 9.46 -88.63 13.08
CA ARG J 1429 8.63 -89.03 14.20
C ARG J 1429 8.39 -90.53 14.16
N GLU J 1430 8.73 -91.21 15.25
CA GLU J 1430 8.55 -92.64 15.30
C GLU J 1430 8.39 -93.10 16.74
N HIS J 1431 7.77 -94.26 16.91
CA HIS J 1431 7.55 -94.87 18.21
C HIS J 1431 8.74 -95.78 18.53
N HIS J 1432 9.21 -95.71 19.77
CA HIS J 1432 10.28 -96.57 20.24
C HIS J 1432 9.88 -97.42 21.45
N GLY J 1433 8.76 -97.09 22.10
CA GLY J 1433 8.29 -97.87 23.22
C GLY J 1433 7.74 -99.22 22.82
N SER J 1439 12.93 -104.65 13.36
CA SER J 1439 11.92 -104.26 12.39
C SER J 1439 12.26 -104.79 10.99
N PRO J 1440 11.75 -105.96 10.62
CA PRO J 1440 12.03 -106.48 9.27
C PRO J 1440 11.52 -105.58 8.15
N LEU J 1441 10.52 -104.73 8.42
CA LEU J 1441 10.04 -103.82 7.40
C LEU J 1441 11.11 -102.82 6.98
N LEU J 1442 12.05 -102.51 7.88
CA LEU J 1442 13.18 -101.65 7.52
C LEU J 1442 14.23 -102.39 6.70
N ASN J 1443 14.16 -103.71 6.62
CA ASN J 1443 15.11 -104.50 5.85
C ASN J 1443 14.58 -104.65 4.42
N ILE J 1444 15.49 -104.50 3.45
CA ILE J 1444 15.10 -104.51 2.05
C ILE J 1444 15.08 -105.92 1.45
N LYS J 1445 15.88 -106.84 1.97
CA LYS J 1445 15.79 -108.23 1.49
C LYS J 1445 14.42 -108.81 1.82
N TYR J 1446 13.92 -108.55 3.03
CA TYR J 1446 12.58 -109.00 3.40
C TYR J 1446 11.52 -108.39 2.47
N ARG J 1447 11.57 -107.08 2.28
CA ARG J 1447 10.63 -106.43 1.37
C ARG J 1447 10.77 -106.99 -0.04
N LYS J 1448 12.00 -107.28 -0.47
CA LYS J 1448 12.21 -107.77 -1.82
C LYS J 1448 11.59 -109.15 -2.02
N ARG J 1449 11.76 -110.06 -1.06
CA ARG J 1449 11.17 -111.39 -1.21
C ARG J 1449 9.64 -111.33 -1.10
N GLN J 1450 9.12 -110.46 -0.21
CA GLN J 1450 7.68 -110.23 -0.17
C GLN J 1450 7.16 -109.82 -1.55
N LEU J 1451 7.81 -108.82 -2.15
CA LEU J 1451 7.41 -108.38 -3.48
C LEU J 1451 7.58 -109.48 -4.52
N ASN J 1452 8.61 -110.31 -4.39
CA ASN J 1452 8.85 -111.36 -5.37
C ASN J 1452 7.69 -112.34 -5.41
N LYS J 1453 7.28 -112.85 -4.24
CA LYS J 1453 6.14 -113.76 -4.26
C LYS J 1453 4.83 -113.06 -4.53
N ARG J 1454 4.70 -111.77 -4.21
CA ARG J 1454 3.54 -111.03 -4.67
C ARG J 1454 3.48 -110.96 -6.19
N LEU J 1455 4.64 -110.76 -6.84
CA LEU J 1455 4.68 -110.74 -8.30
C LEU J 1455 4.32 -112.10 -8.89
N GLU J 1456 4.77 -113.19 -8.26
CA GLU J 1456 4.39 -114.50 -8.77
C GLU J 1456 2.89 -114.75 -8.60
N GLN J 1457 2.31 -114.26 -7.50
CA GLN J 1457 0.86 -114.31 -7.38
C GLN J 1457 0.20 -113.50 -8.50
N ILE J 1458 0.77 -112.34 -8.84
CA ILE J 1458 0.18 -111.51 -9.88
C ILE J 1458 0.24 -112.20 -11.24
N LYS J 1459 1.35 -112.88 -11.54
CA LYS J 1459 1.42 -113.56 -12.84
C LYS J 1459 0.47 -114.76 -12.89
N SER J 1460 0.26 -115.44 -11.75
CA SER J 1460 -0.78 -116.46 -11.71
C SER J 1460 -2.15 -115.85 -11.98
N TRP J 1461 -2.43 -114.69 -11.38
CA TRP J 1461 -3.69 -113.99 -11.62
C TRP J 1461 -3.84 -113.65 -13.09
N GLU J 1462 -2.77 -113.19 -13.72
CA GLU J 1462 -2.81 -112.84 -15.13
C GLU J 1462 -3.11 -114.05 -15.99
N GLU J 1463 -2.48 -115.19 -15.71
CA GLU J 1463 -2.75 -116.37 -16.54
C GLU J 1463 -4.19 -116.84 -16.37
N THR J 1464 -4.71 -116.77 -15.14
CA THR J 1464 -6.11 -117.14 -14.93
C THR J 1464 -7.05 -116.21 -15.69
N GLU J 1465 -6.78 -114.90 -15.66
CA GLU J 1465 -7.64 -113.95 -16.35
C GLU J 1465 -7.60 -114.16 -17.86
N LEU J 1466 -6.42 -114.44 -18.41
CA LEU J 1466 -6.33 -114.71 -19.84
C LEU J 1466 -7.06 -116.00 -20.21
N SER J 1467 -6.96 -117.03 -19.36
CA SER J 1467 -7.69 -118.26 -19.61
C SER J 1467 -9.20 -118.01 -19.61
N TYR J 1468 -9.69 -117.20 -18.67
CA TYR J 1468 -11.11 -116.87 -18.65
C TYR J 1468 -11.51 -116.07 -19.90
N LEU J 1469 -10.66 -115.13 -20.30
CA LEU J 1469 -10.93 -114.36 -21.52
C LEU J 1469 -11.00 -115.28 -22.74
N GLN J 1470 -10.24 -116.37 -22.73
CA GLN J 1470 -10.35 -117.34 -23.81
C GLN J 1470 -11.77 -117.87 -23.93
N GLU J 1471 -12.41 -118.18 -22.79
CA GLU J 1471 -13.81 -118.56 -22.81
C GLU J 1471 -14.69 -117.41 -23.26
N GLU J 1472 -14.43 -116.20 -22.76
CA GLU J 1472 -15.20 -115.03 -23.19
C GLU J 1472 -14.93 -114.71 -24.65
N SER J 1485 -17.40 -109.12 -33.38
CA SER J 1485 -16.00 -108.73 -33.49
C SER J 1485 -15.16 -109.41 -32.41
N MET J 1486 -14.92 -110.71 -32.61
CA MET J 1486 -14.15 -111.47 -31.63
C MET J 1486 -12.73 -110.92 -31.50
N HIS J 1487 -12.11 -110.56 -32.63
CA HIS J 1487 -10.74 -110.04 -32.57
C HIS J 1487 -10.69 -108.73 -31.80
N GLU J 1488 -11.64 -107.83 -32.06
CA GLU J 1488 -11.66 -106.56 -31.33
C GLU J 1488 -11.92 -106.76 -29.85
N PHE J 1489 -12.86 -107.65 -29.51
CA PHE J 1489 -13.14 -107.94 -28.10
C PHE J 1489 -11.92 -108.51 -27.41
N LEU J 1490 -11.24 -109.47 -28.06
CA LEU J 1490 -10.04 -110.06 -27.48
C LEU J 1490 -8.94 -109.02 -27.30
N LYS J 1491 -8.77 -108.13 -28.29
CA LYS J 1491 -7.76 -107.08 -28.17
C LYS J 1491 -8.05 -106.18 -26.97
N GLU J 1492 -9.30 -105.72 -26.86
CA GLU J 1492 -9.65 -104.82 -25.76
C GLU J 1492 -9.47 -105.51 -24.41
N ARG J 1493 -9.91 -106.76 -24.29
CA ARG J 1493 -9.84 -107.42 -22.99
C ARG J 1493 -8.41 -107.84 -22.66
N THR J 1494 -7.59 -108.17 -23.66
CA THR J 1494 -6.17 -108.43 -23.40
C THR J 1494 -5.47 -107.17 -22.94
N GLU J 1495 -5.78 -106.03 -23.56
CA GLU J 1495 -5.25 -104.76 -23.06
C GLU J 1495 -5.67 -104.54 -21.61
N GLU J 1496 -6.94 -104.83 -21.29
CA GLU J 1496 -7.40 -104.66 -19.93
C GLU J 1496 -6.65 -105.56 -18.95
N VAL J 1497 -6.45 -106.83 -19.31
CA VAL J 1497 -5.75 -107.75 -18.43
C VAL J 1497 -4.31 -107.31 -18.23
N TYR J 1498 -3.64 -106.90 -19.32
CA TYR J 1498 -2.26 -106.45 -19.20
C TYR J 1498 -2.16 -105.21 -18.33
N ARG J 1499 -3.06 -104.24 -18.52
CA ARG J 1499 -3.04 -103.03 -17.71
C ARG J 1499 -3.29 -103.36 -16.25
N GLU J 1500 -4.24 -104.28 -15.99
CA GLU J 1500 -4.57 -104.63 -14.61
C GLU J 1500 -3.42 -105.35 -13.92
N SER J 1501 -2.77 -106.28 -14.62
CA SER J 1501 -1.61 -106.95 -14.04
C SER J 1501 -0.47 -105.97 -13.81
N LYS J 1502 -0.26 -105.04 -14.75
CA LYS J 1502 0.77 -104.04 -14.59
C LYS J 1502 0.49 -103.18 -13.37
N ARG J 1503 -0.77 -102.81 -13.14
CA ARG J 1503 -1.12 -102.00 -11.98
C ARG J 1503 -1.00 -102.79 -10.69
N GLN J 1504 -1.33 -104.08 -10.72
CA GLN J 1504 -1.13 -104.90 -9.54
C GLN J 1504 0.35 -104.95 -9.18
N VAL J 1505 1.20 -105.11 -10.19
CA VAL J 1505 2.65 -105.07 -9.97
C VAL J 1505 3.06 -103.71 -9.41
N SER J 1506 2.54 -102.62 -9.99
CA SER J 1506 2.91 -101.29 -9.54
C SER J 1506 2.50 -101.05 -8.10
N ASP J 1507 1.30 -101.51 -7.73
CA ASP J 1507 0.83 -101.35 -6.35
C ASP J 1507 1.67 -102.19 -5.40
N ALA J 1508 2.06 -103.40 -5.81
CA ALA J 1508 2.94 -104.21 -4.99
C ALA J 1508 4.28 -103.52 -4.76
N LYS J 1509 4.86 -102.97 -5.83
CA LYS J 1509 6.12 -102.26 -5.72
C LYS J 1509 5.97 -101.02 -4.86
N LYS J 1510 4.83 -100.33 -4.98
CA LYS J 1510 4.55 -99.16 -4.16
C LYS J 1510 4.50 -99.53 -2.68
N GLN J 1511 3.84 -100.65 -2.37
CA GLN J 1511 3.68 -101.04 -0.97
C GLN J 1511 4.99 -101.51 -0.37
N TRP J 1512 5.79 -102.28 -1.14
CA TRP J 1512 6.96 -102.94 -0.58
C TRP J 1512 8.25 -102.17 -0.78
N GLY J 1513 8.29 -101.18 -1.67
CA GLY J 1513 9.50 -100.42 -1.91
C GLY J 1513 9.37 -98.92 -1.70
N ASN J 1514 8.17 -98.37 -1.92
CA ASN J 1514 7.94 -96.94 -1.84
C ASN J 1514 7.20 -96.53 -0.58
N SER J 1515 6.08 -97.19 -0.27
CA SER J 1515 5.19 -96.81 0.81
C SER J 1515 5.16 -97.86 1.93
N PHE J 1516 6.26 -98.60 2.10
CA PHE J 1516 6.32 -99.58 3.18
C PHE J 1516 6.29 -98.91 4.55
N TYR J 1517 6.70 -97.65 4.64
CA TYR J 1517 6.87 -96.97 5.91
C TYR J 1517 5.74 -96.02 6.26
N LYS J 1518 4.81 -95.74 5.33
CA LYS J 1518 3.68 -94.88 5.66
C LYS J 1518 2.82 -95.49 6.76
N SER J 1519 2.88 -96.82 6.91
CA SER J 1519 2.05 -97.55 7.85
C SER J 1519 2.78 -97.96 9.12
N ASP J 1520 4.07 -97.65 9.24
CA ASP J 1520 4.86 -98.05 10.39
C ASP J 1520 5.14 -96.84 11.28
N PRO J 1521 4.52 -96.73 12.46
CA PRO J 1521 4.97 -95.68 13.38
C PRO J 1521 6.43 -95.82 13.75
N ARG J 1522 6.94 -97.05 13.88
CA ARG J 1522 8.33 -97.25 14.27
C ARG J 1522 9.30 -96.73 13.21
N ILE J 1523 8.84 -96.47 12.00
CA ILE J 1523 9.65 -95.90 10.93
C ILE J 1523 9.18 -94.47 10.72
N ALA J 1524 10.08 -93.51 10.92
CA ALA J 1524 9.74 -92.12 10.74
C ALA J 1524 9.61 -91.81 9.24
N PRO J 1525 8.91 -90.72 8.89
CA PRO J 1525 8.87 -90.34 7.45
C PRO J 1525 10.24 -90.12 6.86
N LEU J 1526 11.13 -89.42 7.56
CA LEU J 1526 12.47 -89.16 7.03
C LEU J 1526 13.28 -90.45 6.92
N ARG J 1527 13.27 -91.25 8.00
CA ARG J 1527 14.03 -92.49 8.00
C ARG J 1527 13.54 -93.44 6.90
N GLY J 1528 12.23 -93.52 6.72
CA GLY J 1528 11.70 -94.41 5.70
C GLY J 1528 11.91 -93.89 4.30
N ALA J 1529 11.87 -92.56 4.13
CA ALA J 1529 12.19 -91.99 2.83
C ALA J 1529 13.63 -92.30 2.44
N LEU J 1530 14.54 -92.28 3.41
CA LEU J 1530 15.91 -92.70 3.13
C LEU J 1530 15.99 -94.21 2.89
N ALA J 1531 15.32 -94.99 3.72
CA ALA J 1531 15.41 -96.45 3.64
C ALA J 1531 14.78 -97.00 2.36
N ALA J 1532 13.92 -96.22 1.70
CA ALA J 1532 13.40 -96.64 0.40
C ALA J 1532 14.53 -96.88 -0.60
N PHE J 1533 15.68 -96.22 -0.39
CA PHE J 1533 16.87 -96.40 -1.23
C PHE J 1533 18.01 -97.05 -0.46
N ASN J 1534 17.70 -97.79 0.61
CA ASN J 1534 18.71 -98.43 1.45
C ASN J 1534 19.71 -97.41 2.01
N LEU J 1535 19.20 -96.24 2.38
CA LEU J 1535 19.99 -95.19 3.00
C LEU J 1535 19.57 -95.04 4.45
N THR J 1536 20.55 -95.08 5.35
CA THR J 1536 20.30 -94.81 6.76
C THR J 1536 20.33 -93.30 7.01
N ILE J 1537 19.98 -92.92 8.25
CA ILE J 1537 19.99 -91.51 8.60
C ILE J 1537 21.39 -90.93 8.44
N ASP J 1538 22.42 -91.72 8.73
CA ASP J 1538 23.79 -91.26 8.57
C ASP J 1538 24.10 -90.84 7.15
N ASP J 1539 23.32 -91.31 6.17
CA ASP J 1539 23.59 -90.96 4.78
C ASP J 1539 23.09 -89.56 4.43
N ILE J 1540 22.39 -88.88 5.33
CA ILE J 1540 22.10 -87.46 5.15
C ILE J 1540 23.37 -86.70 5.51
N GLY J 1541 24.12 -86.28 4.49
CA GLY J 1541 25.38 -85.61 4.71
C GLY J 1541 25.26 -84.12 4.91
N VAL J 1542 24.40 -83.49 4.11
CA VAL J 1542 24.26 -82.04 4.08
C VAL J 1542 22.84 -81.67 4.50
N ALA J 1543 22.74 -80.60 5.29
CA ALA J 1543 21.46 -80.01 5.65
C ALA J 1543 21.45 -78.58 5.13
N SER J 1544 20.73 -78.36 4.03
CA SER J 1544 20.55 -77.01 3.51
C SER J 1544 19.61 -76.25 4.45
N PHE J 1545 20.21 -75.46 5.32
CA PHE J 1545 19.46 -74.71 6.32
C PHE J 1545 18.77 -73.51 5.68
N HIS J 1546 17.61 -73.16 6.22
CA HIS J 1546 16.99 -71.89 5.88
C HIS J 1546 17.98 -70.75 6.08
N GLY J 1547 18.67 -70.74 7.22
CA GLY J 1547 19.87 -69.93 7.41
C GLY J 1547 19.70 -68.46 7.11
N THR J 1548 18.67 -67.84 7.69
CA THR J 1548 18.30 -66.48 7.35
C THR J 1548 19.13 -65.43 8.07
N SER J 1549 20.18 -65.81 8.81
CA SER J 1549 20.97 -64.86 9.59
C SER J 1549 20.08 -64.09 10.57
N THR J 1550 19.10 -64.78 11.13
CA THR J 1550 18.21 -64.24 12.14
C THR J 1550 18.42 -64.99 13.45
N VAL J 1551 18.36 -64.24 14.55
CA VAL J 1551 18.73 -64.80 15.86
C VAL J 1551 17.82 -65.96 16.22
N ALA J 1552 16.51 -65.77 16.05
CA ALA J 1552 15.57 -66.82 16.39
C ALA J 1552 15.60 -67.94 15.36
N ASN J 1553 15.72 -67.60 14.08
CA ASN J 1553 15.63 -68.62 13.03
C ASN J 1553 16.80 -69.59 13.10
N ASP J 1554 18.03 -69.08 13.16
CA ASP J 1554 19.18 -69.98 13.13
C ASP J 1554 19.33 -70.76 14.42
N LYS J 1555 18.75 -70.29 15.52
CA LYS J 1555 18.74 -71.06 16.75
C LYS J 1555 17.68 -72.16 16.68
N ASN J 1556 16.43 -71.79 16.38
CA ASN J 1556 15.35 -72.76 16.33
C ASN J 1556 15.60 -73.84 15.28
N GLU J 1557 16.08 -73.43 14.10
CA GLU J 1557 16.28 -74.38 13.02
C GLU J 1557 17.37 -75.38 13.36
N SER J 1558 18.50 -74.90 13.90
CA SER J 1558 19.55 -75.80 14.33
C SER J 1558 19.04 -76.73 15.41
N ALA J 1559 18.21 -76.22 16.32
CA ALA J 1559 17.65 -77.06 17.36
C ALA J 1559 16.79 -78.19 16.77
N THR J 1560 15.92 -77.87 15.82
CA THR J 1560 15.05 -78.90 15.28
C THR J 1560 15.84 -79.92 14.45
N ILE J 1561 16.82 -79.44 13.67
CA ILE J 1561 17.62 -80.38 12.89
C ILE J 1561 18.40 -81.31 13.82
N ASN J 1562 18.98 -80.76 14.88
CA ASN J 1562 19.71 -81.59 15.83
C ASN J 1562 18.79 -82.59 16.51
N ASN J 1563 17.60 -82.15 16.92
CA ASN J 1563 16.69 -83.05 17.61
C ASN J 1563 16.18 -84.15 16.68
N MET J 1564 15.99 -83.81 15.39
CA MET J 1564 15.49 -84.83 14.47
C MET J 1564 16.59 -85.84 14.16
N MET J 1565 17.83 -85.36 13.99
CA MET J 1565 18.95 -86.29 13.81
C MET J 1565 19.13 -87.17 15.03
N LYS J 1566 18.94 -86.62 16.24
CA LYS J 1566 19.14 -87.39 17.45
C LYS J 1566 18.04 -88.43 17.64
N HIS J 1567 16.78 -88.04 17.38
CA HIS J 1567 15.69 -89.00 17.50
C HIS J 1567 15.76 -90.07 16.43
N LEU J 1568 16.29 -89.74 15.24
CA LEU J 1568 16.45 -90.72 14.19
C LEU J 1568 17.65 -91.63 14.41
N GLY J 1569 18.25 -91.60 15.59
CA GLY J 1569 19.33 -92.52 15.90
C GLY J 1569 20.58 -92.30 15.09
N ARG J 1570 20.88 -91.05 14.77
CA ARG J 1570 22.11 -90.76 14.04
C ARG J 1570 23.32 -91.04 14.92
N SER J 1571 24.36 -91.60 14.31
CA SER J 1571 25.57 -91.94 15.05
C SER J 1571 26.21 -90.69 15.64
N GLU J 1572 26.66 -90.81 16.89
CA GLU J 1572 27.38 -89.71 17.51
C GLU J 1572 28.68 -89.45 16.76
N GLY J 1573 29.03 -88.17 16.63
CA GLY J 1573 30.18 -87.80 15.83
C GLY J 1573 29.92 -87.80 14.34
N ASN J 1574 28.65 -87.73 13.91
CA ASN J 1574 28.28 -87.70 12.50
C ASN J 1574 27.32 -86.54 12.29
N PRO J 1575 27.80 -85.31 12.43
CA PRO J 1575 26.94 -84.15 12.17
C PRO J 1575 26.65 -83.99 10.69
N VAL J 1576 25.51 -83.41 10.39
CA VAL J 1576 25.17 -82.98 9.05
C VAL J 1576 25.89 -81.67 8.77
N PHE J 1577 26.46 -81.55 7.57
CA PHE J 1577 27.08 -80.29 7.18
C PHE J 1577 25.99 -79.28 6.87
N GLY J 1578 26.20 -78.04 7.32
CA GLY J 1578 25.22 -76.99 7.16
C GLY J 1578 25.56 -76.08 6.02
N VAL J 1579 24.68 -76.06 5.02
CA VAL J 1579 24.76 -75.10 3.92
C VAL J 1579 23.83 -73.94 4.24
N PHE J 1580 24.36 -72.73 4.14
CA PHE J 1580 23.67 -71.51 4.54
C PHE J 1580 23.65 -70.51 3.39
N GLN J 1581 23.24 -71.01 2.22
CA GLN J 1581 23.34 -70.29 0.95
C GLN J 1581 22.88 -68.83 1.02
N LYS J 1582 22.01 -68.50 1.97
CA LYS J 1582 21.57 -67.12 2.10
C LYS J 1582 22.69 -66.17 2.47
N TYR J 1583 23.81 -66.68 3.02
CA TYR J 1583 24.97 -65.83 3.27
C TYR J 1583 25.41 -65.12 1.99
N LEU J 1584 25.29 -65.79 0.86
CA LEU J 1584 25.67 -65.27 -0.45
C LEU J 1584 24.49 -64.71 -1.23
N THR J 1585 23.38 -65.45 -1.27
CA THR J 1585 22.26 -65.09 -2.13
C THR J 1585 21.25 -64.19 -1.46
N GLY J 1586 21.43 -63.84 -0.19
CA GLY J 1586 20.39 -63.11 0.49
C GLY J 1586 19.17 -64.00 0.69
N HIS J 1587 18.08 -63.37 1.11
CA HIS J 1587 16.84 -64.09 1.42
C HIS J 1587 15.71 -63.63 0.51
N PRO J 1588 15.37 -64.41 -0.52
CA PRO J 1588 14.08 -64.20 -1.19
C PRO J 1588 13.01 -65.02 -0.47
N LYS J 1589 11.90 -64.36 -0.14
CA LYS J 1589 10.87 -65.06 0.61
C LYS J 1589 10.31 -66.22 -0.21
N GLY J 1590 9.93 -65.95 -1.45
CA GLY J 1590 9.39 -67.00 -2.29
C GLY J 1590 10.41 -68.03 -2.69
N ALA J 1591 11.55 -67.58 -3.20
CA ALA J 1591 12.53 -68.44 -3.85
C ALA J 1591 13.58 -68.99 -2.90
N ALA J 1592 13.40 -68.83 -1.59
CA ALA J 1592 14.41 -69.31 -0.65
C ALA J 1592 14.59 -70.82 -0.76
N GLY J 1593 13.51 -71.55 -0.54
CA GLY J 1593 13.60 -73.00 -0.63
C GLY J 1593 13.98 -73.47 -2.02
N ALA J 1594 13.59 -72.73 -3.05
CA ALA J 1594 13.91 -73.12 -4.41
C ALA J 1594 15.40 -73.01 -4.67
N TRP J 1595 16.00 -71.89 -4.27
CA TRP J 1595 17.45 -71.73 -4.41
C TRP J 1595 18.19 -72.75 -3.57
N MET J 1596 17.71 -73.02 -2.36
CA MET J 1596 18.37 -74.02 -1.53
C MET J 1596 18.25 -75.42 -2.12
N LEU J 1597 17.11 -75.74 -2.75
CA LEU J 1597 16.98 -77.04 -3.38
C LEU J 1597 17.87 -77.14 -4.61
N ASN J 1598 18.00 -76.06 -5.37
CA ASN J 1598 18.91 -76.06 -6.51
C ASN J 1598 20.36 -76.21 -6.05
N GLY J 1599 20.72 -75.53 -4.97
CA GLY J 1599 22.04 -75.71 -4.40
C GLY J 1599 22.27 -77.12 -3.90
N ALA J 1600 21.24 -77.73 -3.30
CA ALA J 1600 21.36 -79.11 -2.85
C ALA J 1600 21.48 -80.07 -4.02
N ILE J 1601 20.78 -79.78 -5.11
CA ILE J 1601 20.92 -80.56 -6.34
C ILE J 1601 22.37 -80.51 -6.82
N GLN J 1602 22.92 -79.30 -6.89
CA GLN J 1602 24.29 -79.15 -7.36
C GLN J 1602 25.29 -79.77 -6.39
N ILE J 1603 25.00 -79.71 -5.09
CA ILE J 1603 25.84 -80.36 -4.09
C ILE J 1603 25.84 -81.86 -4.30
N LEU J 1604 24.67 -82.44 -4.56
CA LEU J 1604 24.59 -83.87 -4.84
C LEU J 1604 25.37 -84.23 -6.10
N GLU J 1605 25.23 -83.43 -7.15
CA GLU J 1605 25.91 -83.73 -8.41
C GLU J 1605 27.42 -83.65 -8.26
N SER J 1606 27.93 -82.55 -7.70
CA SER J 1606 29.36 -82.28 -7.72
C SER J 1606 30.11 -82.86 -6.52
N GLY J 1607 29.43 -83.15 -5.42
CA GLY J 1607 30.08 -83.59 -4.22
C GLY J 1607 30.63 -82.48 -3.36
N LEU J 1608 30.55 -81.24 -3.79
CA LEU J 1608 31.08 -80.12 -3.03
C LEU J 1608 30.04 -79.60 -2.05
N VAL J 1609 30.47 -79.38 -0.82
CA VAL J 1609 29.64 -78.76 0.21
C VAL J 1609 30.14 -77.33 0.37
N PRO J 1610 29.43 -76.32 -0.14
CA PRO J 1610 29.88 -74.95 0.06
C PRO J 1610 29.87 -74.57 1.53
N GLY J 1611 30.83 -73.74 1.92
CA GLY J 1611 30.96 -73.27 3.28
C GLY J 1611 30.36 -71.88 3.43
N ASN J 1612 29.83 -71.61 4.62
CA ASN J 1612 29.28 -70.29 4.91
C ASN J 1612 30.41 -69.30 5.08
N ARG J 1613 30.79 -68.62 3.99
CA ARG J 1613 31.96 -67.75 4.02
C ARG J 1613 31.75 -66.49 4.87
N ASN J 1614 30.52 -66.20 5.25
CA ASN J 1614 30.23 -65.12 6.19
C ASN J 1614 30.20 -65.60 7.64
N ALA J 1615 30.52 -66.86 7.89
CA ALA J 1615 30.54 -67.41 9.25
C ALA J 1615 31.76 -66.86 9.96
N ASP J 1616 31.68 -65.57 10.32
CA ASP J 1616 32.75 -64.93 11.07
C ASP J 1616 33.03 -65.67 12.38
N ASN J 1617 31.98 -66.01 13.11
CA ASN J 1617 32.12 -66.72 14.38
C ASN J 1617 30.80 -67.40 14.67
N VAL J 1618 30.81 -68.74 14.68
CA VAL J 1618 29.59 -69.48 14.95
C VAL J 1618 29.13 -69.19 16.37
N ASP J 1619 27.81 -69.10 16.55
CA ASP J 1619 27.27 -68.82 17.87
C ASP J 1619 27.67 -69.92 18.85
N LYS J 1620 28.11 -69.53 20.04
CA LYS J 1620 28.48 -70.50 21.06
C LYS J 1620 27.28 -71.35 21.48
N LEU J 1621 26.08 -70.79 21.38
CA LEU J 1621 24.86 -71.53 21.72
C LEU J 1621 24.59 -72.68 20.76
N LEU J 1622 25.24 -72.70 19.59
CA LEU J 1622 25.04 -73.76 18.62
C LEU J 1622 26.00 -74.94 18.82
N GLU J 1623 27.00 -74.80 19.71
CA GLU J 1623 27.77 -75.96 20.13
C GLU J 1623 26.89 -76.96 20.85
N GLN J 1624 25.80 -76.48 21.45
CA GLN J 1624 24.71 -77.29 21.97
C GLN J 1624 24.33 -78.42 21.01
N TYR J 1625 24.33 -78.11 19.72
CA TYR J 1625 23.84 -79.03 18.69
C TYR J 1625 25.00 -79.82 18.13
N GLU J 1626 25.20 -81.02 18.67
CA GLU J 1626 26.33 -81.88 18.28
C GLU J 1626 26.16 -82.50 16.90
N TYR J 1627 24.92 -82.59 16.41
CA TYR J 1627 24.64 -83.23 15.13
C TYR J 1627 24.64 -82.24 13.97
N VAL J 1628 25.07 -81.01 14.19
CA VAL J 1628 25.16 -79.99 13.14
C VAL J 1628 26.57 -79.46 13.11
N LEU J 1629 27.15 -79.39 11.90
CA LEU J 1629 28.43 -78.75 11.66
C LEU J 1629 28.19 -77.54 10.76
N TYR J 1630 29.01 -76.50 10.94
CA TYR J 1630 28.85 -75.24 10.23
C TYR J 1630 30.15 -74.87 9.52
N PRO J 1631 30.43 -75.48 8.37
CA PRO J 1631 31.66 -75.14 7.64
C PRO J 1631 31.63 -73.70 7.16
N SER J 1632 32.81 -73.08 7.09
CA SER J 1632 32.97 -71.74 6.55
C SER J 1632 33.73 -71.70 5.22
N ARG J 1633 34.26 -72.83 4.76
CA ARG J 1633 34.92 -72.92 3.46
C ARG J 1633 34.38 -74.12 2.71
N SER J 1634 34.19 -73.95 1.41
CA SER J 1634 33.69 -75.04 0.57
C SER J 1634 34.68 -76.20 0.61
N ILE J 1635 34.14 -77.41 0.78
CA ILE J 1635 34.95 -78.62 0.85
C ILE J 1635 34.43 -79.65 -0.13
N GLN J 1636 35.34 -80.23 -0.91
CA GLN J 1636 35.00 -81.25 -1.88
C GLN J 1636 34.94 -82.60 -1.17
N THR J 1637 33.78 -83.25 -1.22
CA THR J 1637 33.52 -84.54 -0.60
C THR J 1637 33.65 -85.64 -1.63
N ASP J 1638 33.82 -86.88 -1.15
CA ASP J 1638 33.84 -88.05 -2.01
C ASP J 1638 32.44 -88.57 -2.35
N GLY J 1639 31.41 -87.74 -2.19
CA GLY J 1639 30.05 -88.13 -2.52
C GLY J 1639 29.09 -87.82 -1.41
N ILE J 1640 27.96 -87.21 -1.75
CA ILE J 1640 26.90 -86.88 -0.79
C ILE J 1640 25.66 -87.68 -1.19
N LYS J 1641 25.20 -88.54 -0.29
CA LYS J 1641 24.11 -89.44 -0.61
C LYS J 1641 22.77 -88.70 -0.64
N ALA J 1642 22.55 -87.80 0.32
CA ALA J 1642 21.28 -87.11 0.43
C ALA J 1642 21.49 -85.75 1.07
N VAL J 1643 20.57 -84.83 0.78
CA VAL J 1643 20.58 -83.47 1.34
C VAL J 1643 19.20 -83.17 1.88
N SER J 1644 19.18 -82.54 3.06
CA SER J 1644 17.93 -82.18 3.73
C SER J 1644 17.72 -80.67 3.66
N VAL J 1645 16.80 -80.23 2.81
CA VAL J 1645 16.46 -78.82 2.64
C VAL J 1645 15.36 -78.49 3.64
N THR J 1646 15.58 -77.48 4.49
CA THR J 1646 14.58 -77.07 5.48
C THR J 1646 14.30 -75.58 5.36
N SER J 1647 13.02 -75.23 5.27
CA SER J 1647 12.56 -73.85 5.15
C SER J 1647 11.53 -73.56 6.23
N PHE J 1648 11.58 -72.34 6.76
CA PHE J 1648 10.66 -71.88 7.80
C PHE J 1648 10.04 -70.56 7.36
N GLY J 1649 8.73 -70.55 7.15
CA GLY J 1649 8.04 -69.39 6.65
C GLY J 1649 7.25 -68.65 7.70
N PHE J 1650 7.02 -67.36 7.47
CA PHE J 1650 6.12 -66.61 8.34
C PHE J 1650 4.74 -67.24 8.32
N GLY J 1651 4.07 -67.14 9.50
CA GLY J 1651 2.80 -67.81 9.69
C GLY J 1651 2.91 -69.24 10.16
N GLN J 1652 3.97 -69.59 10.88
CA GLN J 1652 4.15 -70.93 11.43
C GLN J 1652 4.04 -71.98 10.32
N LYS J 1653 4.97 -71.89 9.37
CA LYS J 1653 4.99 -72.78 8.21
C LYS J 1653 6.41 -73.27 7.99
N GLY J 1654 6.75 -74.40 8.59
CA GLY J 1654 8.01 -75.06 8.35
C GLY J 1654 7.84 -76.09 7.26
N ALA J 1655 8.90 -76.32 6.49
CA ALA J 1655 8.85 -77.22 5.36
C ALA J 1655 10.22 -77.87 5.16
N GLN J 1656 10.21 -79.19 4.94
CA GLN J 1656 11.43 -79.96 4.79
C GLN J 1656 11.35 -80.79 3.52
N ALA J 1657 12.47 -80.84 2.80
CA ALA J 1657 12.61 -81.71 1.63
C ALA J 1657 13.90 -82.51 1.77
N VAL J 1658 13.81 -83.80 1.47
CA VAL J 1658 14.96 -84.70 1.44
C VAL J 1658 15.17 -85.16 0.01
N VAL J 1659 16.35 -84.84 -0.52
CA VAL J 1659 16.74 -85.10 -1.90
C VAL J 1659 17.83 -86.16 -1.88
N VAL J 1660 17.67 -87.22 -2.68
CA VAL J 1660 18.60 -88.34 -2.72
C VAL J 1660 19.29 -88.36 -4.08
N HIS J 1661 20.51 -88.89 -4.10
CA HIS J 1661 21.32 -88.89 -5.30
C HIS J 1661 20.68 -89.75 -6.39
N PRO J 1662 20.86 -89.39 -7.67
CA PRO J 1662 20.31 -90.23 -8.76
C PRO J 1662 20.87 -91.64 -8.82
N ASP J 1663 22.05 -91.88 -8.27
CA ASP J 1663 22.68 -93.19 -8.42
C ASP J 1663 21.85 -94.27 -7.74
N TYR J 1664 21.12 -93.93 -6.69
CA TYR J 1664 20.26 -94.88 -6.02
C TYR J 1664 18.95 -95.11 -6.75
N LEU J 1665 18.55 -94.20 -7.64
CA LEU J 1665 17.47 -94.48 -8.57
C LEU J 1665 17.91 -95.37 -9.70
N PHE J 1666 19.12 -95.14 -10.22
CA PHE J 1666 19.55 -95.89 -11.41
C PHE J 1666 19.85 -97.35 -11.10
N ALA J 1667 19.85 -97.76 -9.83
CA ALA J 1667 20.06 -99.15 -9.46
C ALA J 1667 18.77 -99.96 -9.36
N VAL J 1668 17.60 -99.33 -9.47
CA VAL J 1668 16.34 -100.06 -9.37
C VAL J 1668 15.84 -100.50 -10.75
N LEU J 1669 16.65 -100.36 -11.78
CA LEU J 1669 16.27 -100.71 -13.15
C LEU J 1669 17.38 -101.56 -13.76
N ASP J 1670 16.99 -102.40 -14.71
CA ASP J 1670 17.91 -103.36 -15.29
C ASP J 1670 18.96 -102.64 -16.14
N ARG J 1671 19.96 -103.41 -16.58
CA ARG J 1671 21.07 -102.83 -17.34
C ARG J 1671 20.57 -102.18 -18.63
N SER J 1672 19.78 -102.91 -19.42
CA SER J 1672 19.38 -102.44 -20.73
C SER J 1672 18.61 -101.13 -20.63
N THR J 1673 17.70 -101.04 -19.66
CA THR J 1673 16.98 -99.77 -19.45
C THR J 1673 17.94 -98.64 -19.14
N TYR J 1674 18.98 -98.93 -18.36
CA TYR J 1674 19.97 -97.90 -18.05
C TYR J 1674 20.71 -97.45 -19.30
N GLU J 1675 21.10 -98.39 -20.17
CA GLU J 1675 21.85 -97.98 -21.37
C GLU J 1675 20.97 -97.17 -22.31
N GLU J 1676 19.70 -97.57 -22.48
CA GLU J 1676 18.78 -96.75 -23.28
C GLU J 1676 18.64 -95.35 -22.69
N TYR J 1677 18.47 -95.27 -21.37
CA TYR J 1677 18.35 -93.97 -20.71
C TYR J 1677 19.59 -93.13 -20.93
N ALA J 1678 20.77 -93.72 -20.77
CA ALA J 1678 22.02 -92.97 -20.90
C ALA J 1678 22.21 -92.47 -22.32
N THR J 1679 21.90 -93.30 -23.32
CA THR J 1679 21.98 -92.84 -24.70
C THR J 1679 21.03 -91.68 -24.95
N LYS J 1680 19.80 -91.78 -24.43
CA LYS J 1680 18.84 -90.70 -24.61
C LYS J 1680 19.32 -89.41 -23.96
N VAL J 1681 19.89 -89.50 -22.75
CA VAL J 1681 20.38 -88.29 -22.08
C VAL J 1681 21.59 -87.72 -22.81
N SER J 1682 22.44 -88.58 -23.37
CA SER J 1682 23.57 -88.07 -24.14
C SER J 1682 23.07 -87.26 -25.34
N ALA J 1683 22.14 -87.84 -26.10
CA ALA J 1683 21.56 -87.11 -27.23
C ALA J 1683 20.93 -85.80 -26.77
N ARG J 1684 20.13 -85.86 -25.71
CA ARG J 1684 19.44 -84.67 -25.21
C ARG J 1684 20.42 -83.62 -24.71
N ASN J 1685 21.52 -84.02 -24.10
CA ASN J 1685 22.54 -83.07 -23.68
C ASN J 1685 23.14 -82.38 -24.89
N LYS J 1686 23.33 -83.11 -25.98
CA LYS J 1686 23.78 -82.48 -27.21
C LYS J 1686 22.77 -81.44 -27.71
N LYS J 1687 21.49 -81.83 -27.78
CA LYS J 1687 20.45 -80.89 -28.23
C LYS J 1687 20.41 -79.66 -27.34
N THR J 1688 20.51 -79.87 -26.04
CA THR J 1688 20.46 -78.78 -25.07
C THR J 1688 21.66 -77.86 -25.20
N TYR J 1689 22.84 -78.42 -25.40
CA TYR J 1689 24.03 -77.61 -25.63
C TYR J 1689 23.82 -76.68 -26.82
N ARG J 1690 23.32 -77.24 -27.93
CA ARG J 1690 23.03 -76.40 -29.09
C ARG J 1690 22.04 -75.30 -28.74
N TYR J 1691 20.91 -75.66 -28.13
CA TYR J 1691 19.87 -74.68 -27.91
C TYR J 1691 20.34 -73.58 -26.97
N MET J 1692 21.04 -73.95 -25.89
CA MET J 1692 21.54 -72.96 -24.97
C MET J 1692 22.50 -72.01 -25.65
N HIS J 1693 23.39 -72.52 -26.50
CA HIS J 1693 24.37 -71.61 -27.11
C HIS J 1693 23.71 -70.71 -28.17
N ASN J 1694 22.88 -71.30 -29.03
CA ASN J 1694 22.15 -70.51 -30.02
C ASN J 1694 21.38 -69.40 -29.35
N ALA J 1695 20.71 -69.71 -28.25
CA ALA J 1695 19.81 -68.74 -27.65
C ALA J 1695 20.53 -67.76 -26.74
N ILE J 1696 21.61 -68.18 -26.08
CA ILE J 1696 22.37 -67.22 -25.29
C ILE J 1696 22.96 -66.16 -26.20
N THR J 1697 23.45 -66.54 -27.38
CA THR J 1697 24.04 -65.52 -28.24
C THR J 1697 22.97 -64.71 -28.97
N ARG J 1698 21.94 -65.36 -29.53
CA ARG J 1698 20.92 -64.66 -30.28
C ARG J 1698 19.86 -64.03 -29.38
N ASN J 1699 20.00 -64.14 -28.06
CA ASN J 1699 19.04 -63.60 -27.11
C ASN J 1699 17.64 -64.13 -27.38
N THR J 1700 17.56 -65.43 -27.64
CA THR J 1700 16.31 -66.16 -27.84
C THR J 1700 16.19 -67.30 -26.84
N MET J 1701 16.63 -67.06 -25.60
CA MET J 1701 16.49 -68.06 -24.55
C MET J 1701 15.04 -68.40 -24.31
N PHE J 1702 14.20 -67.38 -24.17
CA PHE J 1702 12.77 -67.55 -24.01
C PHE J 1702 12.13 -67.37 -25.38
N VAL J 1703 11.45 -68.40 -25.86
CA VAL J 1703 10.71 -68.35 -27.11
C VAL J 1703 9.23 -68.49 -26.75
N ALA J 1704 8.52 -67.37 -26.78
CA ALA J 1704 7.09 -67.39 -26.49
C ALA J 1704 6.36 -68.29 -27.49
N LYS J 1705 5.45 -69.11 -26.99
CA LYS J 1705 4.61 -69.93 -27.84
C LYS J 1705 3.45 -69.07 -28.35
N ASP J 1706 3.44 -68.82 -29.66
CA ASP J 1706 2.35 -68.04 -30.23
C ASP J 1706 1.06 -68.83 -30.27
N LYS J 1707 1.15 -70.14 -30.52
CA LYS J 1707 0.00 -71.02 -30.67
C LYS J 1707 0.16 -72.23 -29.77
N ALA J 1708 -0.96 -72.75 -29.29
CA ALA J 1708 -0.98 -73.98 -28.53
C ALA J 1708 -0.69 -75.15 -29.46
N PRO J 1709 -0.27 -76.31 -28.90
CA PRO J 1709 -0.05 -77.46 -29.78
C PRO J 1709 -1.31 -77.97 -30.44
N TYR J 1710 -2.47 -77.57 -29.94
CA TYR J 1710 -3.76 -77.92 -30.49
C TYR J 1710 -4.42 -76.67 -31.07
N SER J 1711 -5.09 -76.84 -32.20
CA SER J 1711 -5.91 -75.77 -32.74
C SER J 1711 -7.19 -75.63 -31.93
N ASP J 1712 -7.84 -74.48 -32.07
CA ASP J 1712 -9.13 -74.28 -31.42
C ASP J 1712 -10.13 -75.33 -31.87
N GLU J 1713 -10.01 -75.82 -33.10
CA GLU J 1713 -10.94 -76.83 -33.60
C GLU J 1713 -10.64 -78.18 -32.97
N LEU J 1714 -9.37 -78.56 -32.88
CA LEU J 1714 -8.96 -79.83 -32.30
C LEU J 1714 -8.71 -79.76 -30.80
N GLU J 1715 -8.87 -78.59 -30.18
CA GLU J 1715 -8.57 -78.46 -28.76
C GLU J 1715 -9.37 -79.46 -27.94
N GLN J 1716 -10.64 -79.66 -28.30
CA GLN J 1716 -11.52 -80.48 -27.49
C GLN J 1716 -11.36 -81.96 -27.82
N PRO J 1717 -11.25 -82.48 -29.08
CA PRO J 1717 -10.69 -83.79 -29.13
C PRO J 1717 -9.36 -84.02 -28.42
N VAL J 1718 -8.41 -83.10 -28.57
CA VAL J 1718 -7.07 -83.26 -28.02
C VAL J 1718 -7.14 -83.44 -26.51
N TYR J 1719 -7.90 -82.59 -25.84
CA TYR J 1719 -8.12 -82.79 -24.42
C TYR J 1719 -8.86 -84.10 -24.16
N LEU J 1720 -10.00 -84.32 -24.82
CA LEU J 1720 -10.92 -85.44 -24.56
C LEU J 1720 -10.26 -86.79 -24.73
N ASP J 1721 -9.16 -86.87 -25.47
CA ASP J 1721 -8.38 -88.08 -25.58
C ASP J 1721 -7.25 -88.06 -24.56
N PRO J 1722 -7.27 -88.92 -23.51
CA PRO J 1722 -6.11 -88.97 -22.61
C PRO J 1722 -4.85 -89.49 -23.29
N LEU J 1723 -4.99 -90.25 -24.38
CA LEU J 1723 -3.86 -90.76 -25.13
C LEU J 1723 -3.40 -89.82 -26.23
N ALA J 1724 -4.00 -88.64 -26.34
CA ALA J 1724 -3.54 -87.67 -27.31
C ALA J 1724 -2.13 -87.19 -26.98
N ARG J 1725 -1.28 -87.13 -28.01
CA ARG J 1725 0.10 -86.71 -27.83
C ARG J 1725 0.56 -86.01 -29.11
N VAL J 1726 1.36 -84.96 -28.94
CA VAL J 1726 1.78 -84.16 -30.08
C VAL J 1726 2.70 -84.99 -30.99
N GLU J 1727 2.72 -84.61 -32.26
CA GLU J 1727 3.64 -85.16 -33.24
C GLU J 1727 4.26 -84.01 -34.03
N GLU J 1728 5.32 -84.29 -34.75
CA GLU J 1728 6.02 -83.27 -35.51
C GLU J 1728 5.28 -83.00 -36.82
N ASN J 1729 4.98 -81.73 -37.07
CA ASN J 1729 4.37 -81.29 -38.32
C ASN J 1729 4.82 -79.85 -38.57
N LYS J 1730 5.32 -79.59 -39.77
CA LYS J 1730 5.82 -78.26 -40.13
C LYS J 1730 6.90 -77.81 -39.16
N LYS J 1731 7.71 -78.76 -38.67
CA LYS J 1731 8.81 -78.51 -37.75
C LYS J 1731 8.33 -78.08 -36.36
N LYS J 1732 7.05 -78.25 -36.05
CA LYS J 1732 6.50 -77.91 -34.75
C LYS J 1732 5.74 -79.10 -34.18
N LEU J 1733 5.81 -79.26 -32.86
CA LEU J 1733 5.09 -80.33 -32.18
C LEU J 1733 3.66 -79.87 -31.95
N VAL J 1734 2.73 -80.44 -32.71
CA VAL J 1734 1.32 -80.07 -32.65
C VAL J 1734 0.49 -81.34 -32.63
N PHE J 1735 -0.78 -81.17 -32.24
CA PHE J 1735 -1.73 -82.26 -32.30
C PHE J 1735 -2.38 -82.34 -33.68
N SER J 1736 -2.68 -83.56 -34.10
CA SER J 1736 -3.29 -83.83 -35.39
C SER J 1736 -4.58 -84.63 -35.18
N ASP J 1737 -5.51 -84.46 -36.12
CA ASP J 1737 -6.79 -85.16 -36.03
C ASP J 1737 -6.61 -86.67 -36.05
N LYS J 1738 -5.56 -87.15 -36.73
CA LYS J 1738 -5.36 -88.58 -36.84
C LYS J 1738 -4.92 -89.21 -35.53
N THR J 1739 -4.12 -88.50 -34.74
CA THR J 1739 -3.57 -89.03 -33.50
C THR J 1739 -4.49 -88.84 -32.30
N ILE J 1740 -5.76 -88.45 -32.54
CA ILE J 1740 -6.72 -88.18 -31.48
C ILE J 1740 -7.81 -89.24 -31.55
N GLN J 1741 -8.11 -89.86 -30.41
CA GLN J 1741 -9.10 -90.93 -30.32
C GLN J 1741 -8.78 -92.05 -31.34
N SER J 1742 -7.50 -92.35 -31.47
CA SER J 1742 -7.03 -93.34 -32.42
C SER J 1742 -6.89 -94.70 -31.74
N ASN J 1743 -7.23 -95.76 -32.47
CA ASN J 1743 -7.03 -97.11 -31.94
C ASN J 1743 -5.55 -97.45 -31.81
N GLN J 1744 -4.70 -96.81 -32.61
CA GLN J 1744 -3.27 -97.09 -32.53
C GLN J 1744 -2.69 -96.67 -31.19
N SER J 1745 -3.09 -95.51 -30.69
CA SER J 1745 -2.59 -95.05 -29.39
C SER J 1745 -3.00 -96.01 -28.28
N TYR J 1746 -4.24 -96.51 -28.34
CA TYR J 1746 -4.72 -97.49 -27.38
C TYR J 1746 -4.15 -98.87 -27.71
N MET K 1 -47.92 -60.13 -97.83
CA MET K 1 -48.53 -60.64 -96.58
C MET K 1 -49.44 -59.57 -95.96
N LYS K 2 -50.67 -59.97 -95.65
CA LYS K 2 -51.61 -59.02 -95.05
C LYS K 2 -51.16 -58.63 -93.65
N PRO K 3 -51.42 -57.39 -93.21
CA PRO K 3 -51.00 -57.03 -91.84
C PRO K 3 -51.62 -57.90 -90.77
N GLU K 4 -52.89 -58.28 -90.90
CA GLU K 4 -53.54 -59.07 -89.87
C GLU K 4 -52.92 -60.46 -89.77
N ILE K 5 -52.74 -61.14 -90.90
CA ILE K 5 -52.16 -62.48 -90.89
C ILE K 5 -50.71 -62.41 -90.43
N GLU K 6 -49.99 -61.38 -90.84
CA GLU K 6 -48.61 -61.22 -90.39
C GLU K 6 -48.55 -61.04 -88.88
N GLN K 7 -49.47 -60.25 -88.32
CA GLN K 7 -49.52 -60.08 -86.87
C GLN K 7 -49.86 -61.39 -86.18
N GLU K 8 -50.80 -62.15 -86.74
CA GLU K 8 -51.13 -63.47 -86.18
C GLU K 8 -49.89 -64.36 -86.11
N LEU K 9 -49.20 -64.49 -87.25
CA LEU K 9 -48.03 -65.38 -87.30
C LEU K 9 -46.92 -64.88 -86.40
N SER K 10 -46.70 -63.56 -86.36
CA SER K 10 -45.67 -63.02 -85.48
C SER K 10 -46.00 -63.28 -84.02
N HIS K 11 -47.26 -63.11 -83.63
CA HIS K 11 -47.66 -63.41 -82.26
C HIS K 11 -47.41 -64.87 -81.92
N THR K 12 -47.83 -65.78 -82.81
CA THR K 12 -47.65 -67.20 -82.54
C THR K 12 -46.17 -67.56 -82.44
N LEU K 13 -45.36 -67.03 -83.36
CA LEU K 13 -43.93 -67.35 -83.37
C LEU K 13 -43.24 -66.78 -82.14
N LEU K 14 -43.58 -65.54 -81.75
CA LEU K 14 -42.98 -64.96 -80.56
C LEU K 14 -43.36 -65.76 -79.31
N THR K 15 -44.64 -66.15 -79.21
CA THR K 15 -45.05 -66.94 -78.05
C THR K 15 -44.33 -68.27 -78.00
N GLU K 16 -44.21 -68.95 -79.14
CA GLU K 16 -43.49 -70.22 -79.19
C GLU K 16 -42.03 -70.02 -78.81
N LEU K 17 -41.41 -68.96 -79.32
CA LEU K 17 -40.00 -68.69 -79.01
C LEU K 17 -39.80 -68.46 -77.53
N LEU K 18 -40.62 -67.59 -76.93
CA LEU K 18 -40.48 -67.32 -75.49
C LEU K 18 -40.78 -68.55 -74.66
N ALA K 19 -41.71 -69.40 -75.12
CA ALA K 19 -42.05 -70.59 -74.37
C ALA K 19 -40.90 -71.61 -74.41
N TYR K 20 -40.37 -71.87 -75.59
CA TYR K 20 -39.41 -72.96 -75.78
C TYR K 20 -37.96 -72.55 -75.55
N GLN K 21 -37.66 -71.26 -75.46
CA GLN K 21 -36.26 -70.84 -75.29
C GLN K 21 -35.77 -71.09 -73.87
N PHE K 22 -36.64 -70.95 -72.88
CA PHE K 22 -36.22 -71.11 -71.49
C PHE K 22 -35.97 -72.57 -71.11
N ALA K 23 -36.37 -73.52 -71.96
CA ALA K 23 -36.04 -74.92 -71.77
C ALA K 23 -35.10 -75.46 -72.83
N SER K 24 -35.12 -74.92 -74.04
CA SER K 24 -34.15 -75.31 -75.04
C SER K 24 -32.79 -74.69 -74.72
N PRO K 25 -31.69 -75.29 -75.17
CA PRO K 25 -30.37 -74.66 -74.95
C PRO K 25 -30.26 -73.37 -75.75
N VAL K 26 -29.92 -72.29 -75.06
CA VAL K 26 -29.71 -71.02 -75.74
C VAL K 26 -28.47 -71.12 -76.61
N ARG K 27 -28.62 -70.75 -77.88
CA ARG K 27 -27.55 -70.81 -78.87
C ARG K 27 -26.97 -69.41 -79.03
N TRP K 28 -26.09 -69.03 -78.10
CA TRP K 28 -25.47 -67.72 -78.17
C TRP K 28 -24.37 -67.66 -79.24
N ILE K 29 -23.86 -68.81 -79.69
CA ILE K 29 -22.84 -68.81 -80.73
C ILE K 29 -23.40 -68.21 -82.02
N GLU K 30 -24.59 -68.62 -82.43
CA GLU K 30 -25.16 -68.10 -83.66
C GLU K 30 -25.61 -66.67 -83.49
N THR K 31 -26.05 -66.29 -82.29
CA THR K 31 -26.39 -64.89 -82.02
C THR K 31 -25.15 -64.01 -82.18
N GLN K 32 -24.02 -64.44 -81.63
CA GLN K 32 -22.78 -63.69 -81.80
C GLN K 32 -22.36 -63.64 -83.26
N ASP K 33 -22.50 -64.75 -83.98
CA ASP K 33 -22.22 -64.74 -85.40
C ASP K 33 -23.08 -63.70 -86.11
N VAL K 34 -24.36 -63.63 -85.75
CA VAL K 34 -25.28 -62.71 -86.40
C VAL K 34 -24.86 -61.27 -86.14
N PHE K 35 -24.62 -60.90 -84.87
CA PHE K 35 -24.36 -59.51 -84.55
C PHE K 35 -22.87 -59.14 -84.62
N LEU K 36 -22.01 -60.04 -85.10
CA LEU K 36 -20.62 -59.72 -85.35
C LEU K 36 -20.24 -59.80 -86.82
N LYS K 37 -20.63 -60.87 -87.53
CA LYS K 37 -20.24 -61.07 -88.91
C LYS K 37 -21.35 -60.75 -89.89
N GLN K 38 -22.53 -61.34 -89.73
CA GLN K 38 -23.60 -61.18 -90.72
C GLN K 38 -24.03 -59.73 -90.81
N HIS K 39 -24.16 -59.04 -89.67
CA HIS K 39 -24.56 -57.64 -89.66
C HIS K 39 -23.37 -56.68 -89.66
N ASN K 40 -22.16 -57.17 -89.38
CA ASN K 40 -20.94 -56.36 -89.42
C ASN K 40 -21.09 -55.11 -88.57
N THR K 41 -21.41 -55.33 -87.30
CA THR K 41 -21.88 -54.24 -86.44
C THR K 41 -20.68 -53.57 -85.78
N GLU K 42 -20.39 -52.34 -86.19
CA GLU K 42 -19.28 -51.57 -85.65
C GLU K 42 -19.50 -51.11 -84.23
N ARG K 43 -20.73 -51.18 -83.71
CA ARG K 43 -21.03 -50.78 -82.35
C ARG K 43 -21.87 -51.85 -81.68
N ILE K 44 -21.43 -52.30 -80.51
CA ILE K 44 -22.15 -53.26 -79.69
C ILE K 44 -22.55 -52.56 -78.41
N ILE K 45 -23.85 -52.63 -78.08
CA ILE K 45 -24.38 -52.04 -76.86
C ILE K 45 -24.86 -53.18 -75.99
N GLU K 46 -24.42 -53.20 -74.73
CA GLU K 46 -24.97 -54.09 -73.73
C GLU K 46 -25.50 -53.25 -72.58
N ILE K 47 -26.69 -53.59 -72.11
CA ILE K 47 -27.34 -52.87 -71.02
C ILE K 47 -27.52 -53.85 -69.87
N GLY K 48 -26.93 -53.52 -68.73
CA GLY K 48 -27.04 -54.35 -67.55
C GLY K 48 -26.22 -53.81 -66.39
N PRO K 49 -26.40 -54.40 -65.21
CA PRO K 49 -25.63 -53.94 -64.04
C PRO K 49 -24.14 -54.17 -64.17
N SER K 50 -23.72 -55.24 -64.83
CA SER K 50 -22.31 -55.58 -64.99
C SER K 50 -22.03 -55.99 -66.42
N PRO K 51 -20.69 -55.61 -67.06
CA PRO K 51 -20.62 -56.31 -68.41
C PRO K 51 -20.37 -57.83 -68.57
N THR K 52 -21.40 -58.70 -68.35
CA THR K 52 -21.17 -60.16 -68.53
C THR K 52 -21.11 -60.55 -70.00
N LEU K 53 -21.91 -59.91 -70.86
CA LEU K 53 -21.94 -60.20 -72.28
C LEU K 53 -20.96 -59.35 -73.07
N ALA K 54 -20.66 -58.13 -72.61
CA ALA K 54 -19.73 -57.28 -73.34
C ALA K 54 -18.34 -57.91 -73.38
N GLY K 55 -17.86 -58.41 -72.24
CA GLY K 55 -16.53 -59.01 -72.21
C GLY K 55 -16.44 -60.27 -73.04
N MET K 56 -17.50 -61.09 -73.00
CA MET K 56 -17.46 -62.34 -73.76
C MET K 56 -17.63 -62.09 -75.25
N ALA K 57 -18.37 -61.04 -75.63
CA ALA K 57 -18.36 -60.62 -77.03
C ALA K 57 -16.99 -60.09 -77.44
N ASN K 58 -16.32 -59.37 -76.53
CA ASN K 58 -14.98 -58.88 -76.81
C ASN K 58 -14.03 -60.03 -77.11
N ARG K 59 -14.03 -61.06 -76.25
CA ARG K 59 -13.12 -62.17 -76.49
C ARG K 59 -13.59 -63.05 -77.65
N THR K 60 -14.89 -63.03 -77.97
CA THR K 60 -15.34 -63.67 -79.21
C THR K 60 -14.72 -63.01 -80.43
N ILE K 61 -14.79 -61.68 -80.51
CA ILE K 61 -14.22 -61.01 -81.67
C ILE K 61 -12.70 -61.12 -81.67
N LYS K 62 -12.08 -61.21 -80.49
CA LYS K 62 -10.64 -61.42 -80.44
C LYS K 62 -10.26 -62.81 -80.97
N ALA K 63 -10.99 -63.84 -80.55
CA ALA K 63 -10.63 -65.21 -80.89
C ALA K 63 -11.02 -65.60 -82.31
N LYS K 64 -12.09 -65.01 -82.84
CA LYS K 64 -12.69 -65.48 -84.09
C LYS K 64 -12.69 -64.44 -85.19
N TYR K 65 -12.95 -63.17 -84.88
CA TYR K 65 -13.15 -62.13 -85.88
C TYR K 65 -12.05 -61.08 -85.85
N GLU K 66 -10.87 -61.43 -85.35
CA GLU K 66 -9.77 -60.46 -85.33
C GLU K 66 -9.25 -60.18 -86.73
N SER K 67 -8.92 -61.23 -87.48
CA SER K 67 -8.48 -61.04 -88.86
C SER K 67 -9.60 -60.46 -89.70
N TYR K 68 -10.83 -60.93 -89.47
CA TYR K 68 -11.98 -60.41 -90.21
C TYR K 68 -12.12 -58.92 -90.01
N ASP K 69 -12.08 -58.48 -88.75
CA ASP K 69 -12.19 -57.06 -88.45
C ASP K 69 -11.03 -56.28 -89.06
N ALA K 70 -9.82 -56.82 -88.97
CA ALA K 70 -8.68 -56.15 -89.58
C ALA K 70 -8.89 -55.97 -91.07
N ALA K 71 -9.18 -57.05 -91.80
CA ALA K 71 -9.27 -56.97 -93.25
C ALA K 71 -10.43 -56.08 -93.69
N LEU K 72 -11.61 -56.25 -93.11
CA LEU K 72 -12.77 -55.44 -93.48
C LEU K 72 -12.70 -54.03 -92.89
N SER K 73 -11.69 -53.72 -92.08
CA SER K 73 -11.53 -52.38 -91.51
C SER K 73 -12.71 -52.04 -90.60
N LEU K 74 -13.17 -53.04 -89.85
CA LEU K 74 -14.29 -52.89 -88.93
C LEU K 74 -13.74 -52.50 -87.56
N GLN K 75 -14.11 -51.31 -87.09
CA GLN K 75 -13.67 -50.79 -85.79
C GLN K 75 -14.78 -51.07 -84.79
N ARG K 76 -14.83 -52.30 -84.28
CA ARG K 76 -15.86 -52.67 -83.33
C ARG K 76 -15.65 -51.94 -82.00
N GLN K 77 -16.72 -51.37 -81.48
CA GLN K 77 -16.73 -50.67 -80.20
C GLN K 77 -17.74 -51.39 -79.32
N VAL K 78 -17.24 -52.22 -78.40
CA VAL K 78 -18.09 -52.91 -77.45
C VAL K 78 -18.27 -52.02 -76.23
N LEU K 79 -19.52 -51.75 -75.88
CA LEU K 79 -19.88 -50.79 -74.84
C LEU K 79 -20.85 -51.43 -73.87
N CYS K 80 -20.68 -51.13 -72.59
CA CYS K 80 -21.55 -51.63 -71.54
C CYS K 80 -22.12 -50.44 -70.77
N TYR K 81 -23.40 -50.55 -70.40
CA TYR K 81 -24.06 -49.46 -69.68
C TYR K 81 -23.42 -49.22 -68.32
N SER K 82 -22.88 -50.26 -67.70
CA SER K 82 -22.29 -50.11 -66.37
C SER K 82 -21.07 -49.20 -66.40
N LYS K 83 -20.16 -49.44 -67.33
CA LYS K 83 -18.89 -48.72 -67.40
C LYS K 83 -18.87 -47.62 -68.46
N ASP K 84 -19.13 -47.96 -69.72
CA ASP K 84 -18.97 -47.03 -70.83
C ASP K 84 -20.22 -46.20 -71.09
N ALA K 85 -20.79 -45.60 -70.04
CA ALA K 85 -22.02 -44.83 -70.22
C ALA K 85 -21.75 -43.53 -70.97
N LYS K 86 -20.56 -42.95 -70.77
CA LYS K 86 -20.22 -41.71 -71.46
C LYS K 86 -20.19 -41.91 -72.97
N GLU K 87 -19.62 -43.04 -73.42
CA GLU K 87 -19.64 -43.34 -74.85
C GLU K 87 -21.06 -43.62 -75.35
N ILE K 88 -21.88 -44.26 -74.52
CA ILE K 88 -23.26 -44.54 -74.91
C ILE K 88 -24.01 -43.23 -75.16
N TYR K 89 -23.86 -42.27 -74.25
CA TYR K 89 -24.59 -41.01 -74.32
C TYR K 89 -23.85 -39.92 -75.09
N TYR K 90 -22.67 -40.20 -75.63
CA TYR K 90 -21.87 -39.22 -76.35
C TYR K 90 -21.61 -37.99 -75.48
N LYS K 91 -20.99 -38.24 -74.33
CA LYS K 91 -20.65 -37.20 -73.36
C LYS K 91 -19.19 -37.35 -72.96
N PRO K 92 -18.26 -37.07 -73.90
CA PRO K 92 -16.83 -37.19 -73.60
C PRO K 92 -16.33 -36.08 -72.68
N ASN K 333 3.33 -8.06 -14.51
CA ASN K 333 4.28 -7.71 -13.46
C ASN K 333 3.61 -6.82 -12.42
N LYS K 334 3.41 -5.54 -12.78
CA LYS K 334 2.72 -4.64 -11.86
C LYS K 334 1.28 -5.07 -11.64
N LYS K 335 0.61 -5.51 -12.70
CA LYS K 335 -0.76 -5.99 -12.56
C LYS K 335 -0.83 -7.16 -11.57
N LEU K 336 0.18 -8.03 -11.58
CA LEU K 336 0.22 -9.14 -10.64
C LEU K 336 0.48 -8.65 -9.22
N ALA K 337 1.47 -7.77 -9.05
CA ALA K 337 1.66 -7.07 -7.77
C ALA K 337 0.32 -6.62 -7.21
N LYS K 338 -0.49 -6.04 -8.08
CA LYS K 338 -1.71 -5.36 -7.67
C LYS K 338 -2.82 -6.36 -7.37
N GLN K 339 -2.93 -7.43 -8.17
CA GLN K 339 -3.86 -8.52 -7.90
C GLN K 339 -3.61 -9.10 -6.52
N GLN K 340 -2.34 -9.27 -6.18
CA GLN K 340 -2.02 -9.87 -4.90
C GLN K 340 -2.22 -8.86 -3.75
N LEU K 341 -1.87 -7.59 -3.94
CA LEU K 341 -2.27 -6.55 -2.97
C LEU K 341 -3.78 -6.58 -2.74
N GLU K 342 -4.51 -6.82 -3.82
CA GLU K 342 -5.97 -6.69 -3.80
C GLU K 342 -6.58 -7.81 -2.97
N VAL K 343 -6.22 -9.05 -3.30
CA VAL K 343 -6.63 -10.18 -2.49
C VAL K 343 -6.11 -10.01 -1.06
N LEU K 344 -5.01 -9.29 -0.88
CA LEU K 344 -4.51 -9.04 0.48
C LEU K 344 -5.52 -8.28 1.32
N ALA K 345 -5.95 -7.12 0.81
CA ALA K 345 -6.92 -6.33 1.55
C ALA K 345 -8.15 -7.17 1.79
N ARG K 346 -8.60 -7.94 0.81
CA ARG K 346 -9.76 -8.80 1.04
C ARG K 346 -9.55 -9.76 2.20
N TYR K 347 -8.41 -10.46 2.20
CA TYR K 347 -8.10 -11.42 3.26
C TYR K 347 -8.27 -10.78 4.62
N LEU K 348 -7.65 -9.62 4.80
CA LEU K 348 -7.57 -9.08 6.16
C LEU K 348 -8.80 -8.27 6.53
N GLN K 349 -9.62 -7.93 5.55
CA GLN K 349 -10.97 -7.43 5.83
C GLN K 349 -11.97 -8.53 6.11
N SER K 350 -11.61 -9.79 5.82
CA SER K 350 -12.54 -10.91 5.90
C SER K 350 -13.63 -10.80 4.85
N ARG K 351 -13.22 -10.55 3.61
CA ARG K 351 -14.13 -10.49 2.48
C ARG K 351 -13.91 -11.69 1.56
N LEU K 352 -14.91 -11.97 0.73
CA LEU K 352 -14.87 -13.10 -0.19
C LEU K 352 -14.95 -12.54 -1.60
N LYS K 353 -13.86 -12.66 -2.36
CA LYS K 353 -13.81 -12.08 -3.69
C LYS K 353 -14.80 -12.75 -4.63
N GLN K 354 -14.91 -14.06 -4.54
CA GLN K 354 -15.62 -14.88 -5.52
C GLN K 354 -17.00 -15.31 -5.04
N GLY K 355 -17.52 -14.68 -3.98
CA GLY K 355 -18.70 -15.21 -3.32
C GLY K 355 -19.96 -14.91 -4.09
N SER K 356 -20.05 -13.71 -4.66
CA SER K 356 -21.24 -13.38 -5.42
C SER K 356 -21.22 -14.07 -6.78
N LEU K 357 -20.04 -14.39 -7.30
CA LEU K 357 -19.95 -15.27 -8.47
C LEU K 357 -20.40 -16.68 -8.11
N LYS K 358 -20.03 -17.16 -6.93
CA LYS K 358 -20.55 -18.43 -6.44
C LYS K 358 -22.07 -18.41 -6.41
N SER K 359 -22.63 -17.34 -5.84
CA SER K 359 -24.08 -17.20 -5.77
C SER K 359 -24.69 -17.15 -7.18
N PHE K 360 -24.00 -16.50 -8.11
CA PHE K 360 -24.50 -16.42 -9.48
C PHE K 360 -24.55 -17.80 -10.13
N ILE K 361 -23.48 -18.60 -9.99
CA ILE K 361 -23.50 -19.91 -10.63
C ILE K 361 -24.52 -20.82 -9.94
N LYS K 362 -24.68 -20.69 -8.63
CA LYS K 362 -25.73 -21.42 -7.93
C LYS K 362 -27.11 -21.06 -8.47
N GLU K 363 -27.36 -19.76 -8.64
CA GLU K 363 -28.66 -19.31 -9.15
C GLU K 363 -28.83 -19.71 -10.61
N LYS K 364 -27.73 -19.77 -11.36
CA LYS K 364 -27.80 -20.21 -12.75
C LYS K 364 -28.17 -21.67 -12.85
N GLU K 365 -27.60 -22.52 -11.98
CA GLU K 365 -27.98 -23.92 -12.01
C GLU K 365 -29.41 -24.11 -11.51
N ALA K 366 -29.85 -23.29 -10.56
CA ALA K 366 -31.26 -23.32 -10.16
C ALA K 366 -32.17 -22.92 -11.31
N SER K 367 -31.77 -21.89 -12.06
CA SER K 367 -32.53 -21.48 -13.23
C SER K 367 -32.57 -22.59 -14.28
N ALA K 368 -31.46 -23.32 -14.44
CA ALA K 368 -31.46 -24.45 -15.36
C ALA K 368 -32.40 -25.55 -14.88
N VAL K 369 -32.45 -25.80 -13.58
CA VAL K 369 -33.38 -26.79 -13.05
C VAL K 369 -34.82 -26.39 -13.36
N LEU K 370 -35.16 -25.12 -13.07
CA LEU K 370 -36.51 -24.65 -13.35
C LEU K 370 -36.81 -24.67 -14.84
N GLN K 371 -35.83 -24.32 -15.66
CA GLN K 371 -36.03 -24.29 -17.11
C GLN K 371 -36.26 -25.70 -17.65
N LYS K 372 -35.55 -26.70 -17.12
CA LYS K 372 -35.77 -28.05 -17.60
C LYS K 372 -37.09 -28.60 -17.10
N GLU K 373 -37.53 -28.20 -15.90
CA GLU K 373 -38.89 -28.56 -15.47
C GLU K 373 -39.92 -27.97 -16.43
N LEU K 374 -39.79 -26.68 -16.74
CA LEU K 374 -40.72 -26.03 -17.66
C LEU K 374 -40.63 -26.64 -19.06
N ASP K 375 -39.44 -27.05 -19.46
CA ASP K 375 -39.26 -27.67 -20.78
C ASP K 375 -39.88 -29.05 -20.84
N LEU K 376 -39.78 -29.83 -19.76
CA LEU K 376 -40.50 -31.09 -19.69
C LEU K 376 -42.00 -30.85 -19.79
N TRP K 377 -42.50 -29.86 -19.04
CA TRP K 377 -43.93 -29.53 -19.11
C TRP K 377 -44.31 -29.17 -20.54
N GLU K 378 -43.48 -28.37 -21.21
CA GLU K 378 -43.78 -27.89 -22.55
C GLU K 378 -43.72 -29.02 -23.57
N ALA K 379 -42.72 -29.89 -23.47
CA ALA K 379 -42.67 -31.03 -24.38
C ALA K 379 -43.84 -31.98 -24.12
N GLU K 380 -44.35 -31.98 -22.90
CA GLU K 380 -45.45 -32.87 -22.56
C GLU K 380 -46.79 -32.35 -23.08
N HIS K 381 -46.94 -31.03 -23.17
CA HIS K 381 -48.21 -30.42 -23.56
C HIS K 381 -48.20 -29.84 -24.97
N GLY K 382 -47.23 -28.98 -25.27
CA GLY K 382 -47.13 -28.32 -26.56
C GLY K 382 -47.31 -26.84 -26.34
N GLU K 383 -46.89 -26.05 -27.32
CA GLU K 383 -46.92 -24.60 -27.14
C GLU K 383 -48.35 -24.07 -27.16
N PHE K 384 -49.23 -24.68 -27.94
CA PHE K 384 -50.60 -24.18 -28.03
C PHE K 384 -51.31 -24.29 -26.68
N TYR K 385 -51.32 -25.49 -26.09
CA TYR K 385 -51.89 -25.65 -24.76
C TYR K 385 -51.19 -24.74 -23.77
N ALA K 386 -49.89 -24.53 -23.95
CA ALA K 386 -49.11 -23.76 -22.98
C ALA K 386 -49.53 -22.29 -22.96
N LYS K 387 -49.56 -21.65 -24.13
CA LYS K 387 -49.94 -20.25 -24.18
C LYS K 387 -51.45 -20.05 -24.19
N GLY K 388 -52.23 -21.14 -24.23
CA GLY K 388 -53.67 -21.03 -24.12
C GLY K 388 -54.22 -21.00 -22.71
N ILE K 389 -53.41 -21.29 -21.69
CA ILE K 389 -53.89 -21.39 -20.32
C ILE K 389 -53.60 -20.12 -19.51
N GLN K 390 -53.21 -19.04 -20.17
CA GLN K 390 -52.88 -17.82 -19.45
C GLN K 390 -54.14 -17.26 -18.76
N PRO K 391 -53.97 -16.49 -17.67
CA PRO K 391 -55.15 -15.83 -17.08
C PRO K 391 -55.64 -14.70 -17.95
N THR K 392 -56.87 -14.81 -18.44
CA THR K 392 -57.52 -13.74 -19.16
C THR K 392 -58.50 -12.97 -18.29
N PHE K 393 -59.20 -13.65 -17.39
CA PHE K 393 -60.23 -13.01 -16.60
C PHE K 393 -59.62 -12.08 -15.55
N SER K 394 -60.29 -10.94 -15.36
CA SER K 394 -59.95 -10.00 -14.30
C SER K 394 -61.22 -9.30 -13.87
N ALA K 395 -61.45 -9.22 -12.56
CA ALA K 395 -62.70 -8.65 -12.07
C ALA K 395 -62.82 -7.17 -12.42
N LEU K 396 -61.69 -6.46 -12.47
CA LEU K 396 -61.72 -5.04 -12.79
C LEU K 396 -61.91 -4.78 -14.28
N LYS K 397 -61.66 -5.77 -15.13
CA LYS K 397 -61.89 -5.62 -16.56
C LYS K 397 -63.35 -5.83 -16.96
N SER K 398 -64.20 -6.22 -16.02
CA SER K 398 -65.61 -6.42 -16.31
C SER K 398 -66.29 -5.11 -16.70
N ARG K 399 -67.13 -5.17 -17.72
CA ARG K 399 -67.85 -4.01 -18.23
C ARG K 399 -69.35 -4.24 -18.06
N THR K 400 -70.02 -3.31 -17.39
CA THR K 400 -71.44 -3.39 -17.12
C THR K 400 -72.20 -2.48 -18.06
N TYR K 401 -73.33 -2.97 -18.56
CA TYR K 401 -74.27 -2.20 -19.37
C TYR K 401 -75.65 -2.36 -18.75
N ASP K 402 -76.22 -1.25 -18.25
CA ASP K 402 -77.57 -1.26 -17.69
C ASP K 402 -78.39 -0.03 -18.05
N SER K 403 -77.89 0.87 -18.89
CA SER K 403 -78.56 2.14 -19.15
C SER K 403 -79.54 2.03 -20.32
N TYR K 404 -80.42 1.03 -20.22
CA TYR K 404 -81.50 0.88 -21.19
C TYR K 404 -82.41 2.10 -21.21
N TRP K 405 -82.54 2.78 -20.07
CA TRP K 405 -83.34 4.00 -20.01
C TRP K 405 -82.83 5.03 -21.00
N ASN K 406 -81.50 5.11 -21.16
CA ASN K 406 -80.91 6.02 -22.13
C ASN K 406 -81.01 5.46 -23.54
N TRP K 407 -80.68 4.17 -23.71
CA TRP K 407 -80.61 3.62 -25.06
C TRP K 407 -81.98 3.53 -25.70
N ALA K 408 -83.05 3.46 -24.91
CA ALA K 408 -84.39 3.47 -25.48
C ALA K 408 -84.65 4.77 -26.22
N ARG K 409 -84.39 5.91 -25.58
CA ARG K 409 -84.56 7.20 -26.21
C ARG K 409 -83.62 7.36 -27.40
N GLN K 410 -82.38 6.88 -27.25
CA GLN K 410 -81.43 6.96 -28.36
C GLN K 410 -81.97 6.24 -29.60
N ASP K 411 -82.41 4.99 -29.43
CA ASP K 411 -82.94 4.24 -30.56
C ASP K 411 -84.23 4.84 -31.08
N VAL K 412 -85.07 5.39 -30.20
CA VAL K 412 -86.31 6.03 -30.63
C VAL K 412 -85.99 7.19 -31.56
N LEU K 413 -85.03 8.04 -31.17
CA LEU K 413 -84.66 9.17 -32.02
C LEU K 413 -84.02 8.70 -33.32
N SER K 414 -83.19 7.66 -33.25
CA SER K 414 -82.57 7.15 -34.46
C SER K 414 -83.63 6.70 -35.46
N MET K 415 -84.60 5.92 -34.98
CA MET K 415 -85.67 5.44 -35.84
C MET K 415 -86.52 6.61 -36.35
N TYR K 416 -86.80 7.58 -35.48
CA TYR K 416 -87.60 8.73 -35.86
C TYR K 416 -86.96 9.47 -37.02
N PHE K 417 -85.66 9.77 -36.91
CA PHE K 417 -85.00 10.52 -37.98
C PHE K 417 -84.80 9.68 -39.22
N ASP K 418 -84.57 8.37 -39.08
CA ASP K 418 -84.47 7.51 -40.24
C ASP K 418 -85.76 7.55 -41.05
N ILE K 419 -86.91 7.41 -40.38
CA ILE K 419 -88.17 7.49 -41.10
C ILE K 419 -88.40 8.90 -41.64
N ILE K 420 -87.97 9.93 -40.90
CA ILE K 420 -88.17 11.31 -41.36
C ILE K 420 -87.40 11.57 -42.65
N PHE K 421 -86.25 10.93 -42.83
CA PHE K 421 -85.45 11.07 -44.04
C PHE K 421 -85.70 9.97 -45.06
N GLY K 422 -86.58 9.03 -44.77
CA GLY K 422 -86.91 8.01 -45.75
C GLY K 422 -85.91 6.88 -45.84
N LYS K 423 -84.94 6.81 -44.94
CA LYS K 423 -84.10 5.63 -44.84
C LYS K 423 -84.90 4.40 -44.42
N LEU K 424 -86.11 4.58 -43.91
CA LEU K 424 -86.96 3.47 -43.48
C LEU K 424 -88.42 3.82 -43.71
N VAL K 427 -93.20 -0.84 -40.74
CA VAL K 427 -93.18 -0.81 -42.20
C VAL K 427 -92.33 -1.97 -42.75
N ASP K 428 -91.34 -2.39 -41.97
CA ASP K 428 -90.45 -3.48 -42.35
C ASP K 428 -90.04 -4.24 -41.11
N ARG K 429 -89.47 -5.43 -41.33
CA ARG K 429 -89.20 -6.34 -40.22
C ARG K 429 -88.15 -5.77 -39.26
N GLU K 430 -87.11 -5.12 -39.79
CA GLU K 430 -86.13 -4.53 -38.88
C GLU K 430 -86.74 -3.37 -38.09
N THR K 431 -87.65 -2.61 -38.73
CA THR K 431 -88.36 -1.57 -38.00
C THR K 431 -89.22 -2.17 -36.89
N ILE K 432 -89.90 -3.27 -37.17
CA ILE K 432 -90.73 -3.91 -36.15
C ILE K 432 -89.85 -4.46 -35.03
N ASN K 433 -88.66 -4.96 -35.37
CA ASN K 433 -87.75 -5.47 -34.36
C ASN K 433 -87.28 -4.35 -33.45
N GLN K 434 -86.91 -3.20 -34.01
CA GLN K 434 -86.56 -2.05 -33.20
C GLN K 434 -87.73 -1.61 -32.34
N CYS K 435 -88.95 -1.65 -32.89
CA CYS K 435 -90.13 -1.31 -32.12
C CYS K 435 -90.30 -2.26 -30.95
N ILE K 436 -90.06 -3.54 -31.17
CA ILE K 436 -90.15 -4.52 -30.07
C ILE K 436 -89.15 -4.17 -28.98
N GLN K 437 -87.93 -3.79 -29.39
CA GLN K 437 -86.92 -3.40 -28.40
C GLN K 437 -87.36 -2.16 -27.61
N ILE K 438 -87.93 -1.18 -28.30
CA ILE K 438 -88.34 0.06 -27.64
C ILE K 438 -89.48 -0.22 -26.66
N MET K 439 -90.44 -1.03 -27.07
CA MET K 439 -91.49 -1.48 -26.15
C MET K 439 -90.90 -2.25 -24.97
N ASN K 440 -89.90 -3.10 -25.21
CA ASN K 440 -89.24 -3.81 -24.12
C ASN K 440 -88.63 -2.85 -23.12
N ARG K 441 -88.14 -1.71 -23.59
CA ARG K 441 -87.57 -0.69 -22.72
C ARG K 441 -88.58 0.37 -22.31
N ALA K 442 -89.86 0.21 -22.67
CA ALA K 442 -90.86 1.23 -22.40
C ALA K 442 -90.99 1.54 -20.91
N ASN K 443 -91.03 2.83 -20.58
CA ASN K 443 -91.31 3.31 -19.25
C ASN K 443 -92.03 4.65 -19.34
N PRO K 444 -92.52 5.17 -18.21
CA PRO K 444 -93.26 6.46 -18.27
C PRO K 444 -92.49 7.58 -18.91
N THR K 445 -91.20 7.69 -18.60
CA THR K 445 -90.37 8.74 -19.19
C THR K 445 -90.25 8.56 -20.70
N LEU K 446 -90.04 7.33 -21.16
CA LEU K 446 -89.95 7.09 -22.60
C LEU K 446 -91.26 7.36 -23.29
N ILE K 447 -92.38 7.03 -22.64
CA ILE K 447 -93.70 7.31 -23.20
C ILE K 447 -93.88 8.80 -23.38
N LYS K 448 -93.52 9.57 -22.35
CA LYS K 448 -93.64 11.04 -22.46
C LYS K 448 -92.71 11.59 -23.53
N PHE K 449 -91.50 11.03 -23.64
CA PHE K 449 -90.56 11.43 -24.67
C PHE K 449 -91.15 11.24 -26.06
N MET K 450 -91.64 10.03 -26.32
CA MET K 450 -92.25 9.73 -27.62
C MET K 450 -93.47 10.62 -27.86
N GLN K 451 -94.27 10.84 -26.83
CA GLN K 451 -95.46 11.67 -26.99
C GLN K 451 -95.09 13.09 -27.36
N TYR K 452 -94.08 13.67 -26.71
CA TYR K 452 -93.65 15.01 -27.12
C TYR K 452 -93.23 14.98 -28.59
N HIS K 453 -92.33 14.05 -28.94
CA HIS K 453 -91.73 14.09 -30.27
C HIS K 453 -92.74 13.80 -31.38
N ILE K 454 -93.85 13.15 -31.07
CA ILE K 454 -94.87 12.88 -32.10
C ILE K 454 -95.94 13.97 -32.11
N ASP K 455 -96.48 14.34 -30.95
CA ASP K 455 -97.47 15.42 -30.91
C ASP K 455 -96.90 16.76 -31.35
N HIS K 456 -95.57 16.91 -31.42
CA HIS K 456 -94.96 18.08 -32.03
C HIS K 456 -94.17 17.73 -33.29
N CYS K 457 -94.71 16.83 -34.12
CA CYS K 457 -94.15 16.52 -35.42
C CYS K 457 -94.97 17.23 -36.50
N PRO K 458 -94.40 18.18 -37.25
CA PRO K 458 -95.20 18.88 -38.28
C PRO K 458 -95.48 17.97 -39.46
N GLU K 459 -96.77 17.80 -39.78
CA GLU K 459 -97.16 16.94 -40.89
C GLU K 459 -97.03 17.62 -42.23
N TYR K 460 -97.21 18.96 -42.28
CA TYR K 460 -97.21 19.67 -43.55
C TYR K 460 -95.88 19.59 -44.26
N LYS K 461 -94.79 19.25 -43.56
CA LYS K 461 -93.48 19.21 -44.18
C LYS K 461 -93.37 18.10 -45.24
N GLY K 462 -94.21 17.09 -45.18
CA GLY K 462 -94.22 16.08 -46.22
C GLY K 462 -94.94 14.83 -45.80
N GLU K 463 -95.24 14.01 -46.82
CA GLU K 463 -95.80 12.69 -46.55
C GLU K 463 -94.86 11.85 -45.70
N THR K 464 -93.56 12.11 -45.79
CA THR K 464 -92.61 11.40 -44.95
C THR K 464 -92.81 11.77 -43.48
N TYR K 465 -93.07 13.06 -43.20
CA TYR K 465 -93.37 13.47 -41.84
C TYR K 465 -94.71 12.90 -41.37
N LYS K 466 -95.70 12.85 -42.27
CA LYS K 466 -96.97 12.22 -41.91
C LYS K 466 -96.75 10.74 -41.56
N LEU K 467 -95.87 10.07 -42.30
CA LEU K 467 -95.55 8.67 -42.02
C LEU K 467 -94.90 8.54 -40.66
N ALA K 468 -93.90 9.37 -40.38
CA ALA K 468 -93.28 9.36 -39.07
C ALA K 468 -94.32 9.55 -37.97
N LYS K 469 -95.24 10.50 -38.17
CA LYS K 469 -96.24 10.78 -37.14
C LYS K 469 -97.17 9.59 -36.93
N ARG K 470 -97.74 9.03 -38.00
CA ARG K 470 -98.72 7.96 -37.80
C ARG K 470 -98.05 6.70 -37.24
N LEU K 471 -96.86 6.36 -37.73
CA LEU K 471 -96.14 5.23 -37.16
C LEU K 471 -95.80 5.48 -35.70
N GLY K 472 -95.45 6.72 -35.35
CA GLY K 472 -95.17 7.04 -33.96
C GLY K 472 -96.40 6.96 -33.08
N GLN K 473 -97.56 7.37 -33.60
CA GLN K 473 -98.80 7.20 -32.84
C GLN K 473 -99.07 5.73 -32.58
N GLN K 474 -98.89 4.89 -33.60
CA GLN K 474 -99.09 3.46 -33.42
C GLN K 474 -98.12 2.90 -32.38
N LEU K 475 -96.85 3.33 -32.43
CA LEU K 475 -95.86 2.81 -31.48
C LEU K 475 -96.13 3.33 -30.07
N ILE K 476 -96.63 4.57 -29.95
CA ILE K 476 -96.99 5.09 -28.64
C ILE K 476 -98.12 4.26 -28.04
N ASP K 477 -99.12 3.93 -28.85
CA ASP K 477 -100.20 3.08 -28.36
C ASP K 477 -99.66 1.71 -27.95
N ASN K 478 -98.76 1.14 -28.76
CA ASN K 478 -98.21 -0.17 -28.43
C ASN K 478 -97.42 -0.15 -27.13
N CYS K 479 -96.61 0.89 -26.93
CA CYS K 479 -95.81 0.97 -25.71
C CYS K 479 -96.67 1.28 -24.49
N LYS K 480 -97.75 2.06 -24.68
CA LYS K 480 -98.70 2.27 -23.60
C LYS K 480 -99.35 0.96 -23.18
N GLN K 481 -99.73 0.13 -24.16
CA GLN K 481 -100.27 -1.18 -23.84
C GLN K 481 -99.24 -2.04 -23.13
N VAL K 482 -97.99 -1.99 -23.60
CA VAL K 482 -96.89 -2.72 -22.97
C VAL K 482 -96.56 -2.21 -21.58
N LEU K 483 -97.02 -1.00 -21.23
CA LEU K 483 -96.71 -0.41 -19.94
C LEU K 483 -97.06 -1.35 -18.79
N THR K 484 -96.10 -1.53 -17.88
CA THR K 484 -96.18 -2.36 -16.68
C THR K 484 -96.04 -3.86 -16.96
N GLU K 485 -95.97 -4.28 -18.22
CA GLU K 485 -95.83 -5.69 -18.55
C GLU K 485 -94.39 -6.02 -18.91
N ASP K 486 -94.07 -7.30 -18.88
CA ASP K 486 -92.69 -7.75 -18.91
C ASP K 486 -92.05 -7.53 -20.28
N PRO K 487 -90.73 -7.45 -20.35
CA PRO K 487 -90.06 -7.36 -21.66
C PRO K 487 -89.90 -8.73 -22.28
N VAL K 488 -90.37 -8.87 -23.51
CA VAL K 488 -90.48 -10.16 -24.19
C VAL K 488 -89.53 -10.18 -25.37
N TYR K 489 -88.74 -11.25 -25.48
CA TYR K 489 -87.94 -11.51 -26.66
C TYR K 489 -88.83 -12.03 -27.77
N LYS K 490 -88.95 -11.25 -28.84
CA LYS K 490 -89.81 -11.59 -29.97
C LYS K 490 -88.99 -11.40 -31.25
N ASP K 491 -88.49 -12.50 -31.78
CA ASP K 491 -87.70 -12.46 -33.01
C ASP K 491 -88.66 -12.38 -34.20
N VAL K 492 -88.54 -11.33 -35.01
CA VAL K 492 -89.42 -11.07 -36.13
C VAL K 492 -88.67 -11.05 -37.46
N SER K 493 -87.41 -11.46 -37.47
CA SER K 493 -86.65 -11.53 -38.71
C SER K 493 -87.28 -12.54 -39.66
N ARG K 494 -87.24 -12.24 -40.95
CA ARG K 494 -87.78 -13.17 -41.93
C ARG K 494 -86.95 -14.46 -41.94
N ILE K 495 -87.67 -15.58 -41.94
CA ILE K 495 -87.01 -16.89 -41.95
C ILE K 495 -86.28 -17.04 -43.28
N THR K 496 -84.96 -17.10 -43.23
CA THR K 496 -84.12 -17.22 -44.41
C THR K 496 -83.59 -18.64 -44.56
N GLY K 497 -83.37 -19.04 -45.80
CA GLY K 497 -82.85 -20.34 -46.13
C GLY K 497 -81.62 -20.25 -47.02
N PRO K 498 -80.90 -21.36 -47.14
CA PRO K 498 -79.71 -21.36 -48.00
C PRO K 498 -80.11 -21.30 -49.47
N LYS K 499 -79.18 -20.78 -50.27
CA LYS K 499 -79.34 -20.83 -51.72
C LYS K 499 -77.97 -20.61 -52.34
N THR K 500 -77.55 -21.55 -53.16
CA THR K 500 -76.29 -21.48 -53.89
C THR K 500 -76.56 -21.41 -55.38
N LYS K 501 -75.98 -20.41 -56.03
CA LYS K 501 -76.08 -20.25 -57.48
C LYS K 501 -74.66 -20.24 -58.04
N VAL K 502 -74.39 -21.16 -58.95
CA VAL K 502 -73.12 -21.19 -59.67
C VAL K 502 -73.35 -20.49 -61.00
N SER K 503 -72.69 -19.35 -61.19
CA SER K 503 -72.90 -18.54 -62.37
C SER K 503 -72.38 -19.24 -63.62
N ALA K 504 -72.75 -18.68 -64.78
CA ALA K 504 -72.27 -19.23 -66.05
C ALA K 504 -70.75 -19.16 -66.16
N LYS K 505 -70.12 -18.21 -65.47
CA LYS K 505 -68.67 -18.11 -65.44
C LYS K 505 -68.03 -19.02 -64.41
N GLY K 506 -68.82 -19.80 -63.68
CA GLY K 506 -68.28 -20.74 -62.70
C GLY K 506 -68.04 -20.17 -61.32
N ASN K 507 -68.67 -19.04 -60.99
CA ASN K 507 -68.50 -18.40 -59.68
C ASN K 507 -69.62 -18.89 -58.76
N ILE K 508 -69.24 -19.45 -57.62
CA ILE K 508 -70.21 -19.91 -56.64
C ILE K 508 -70.60 -18.72 -55.77
N GLU K 509 -71.90 -18.41 -55.72
CA GLU K 509 -72.44 -17.36 -54.87
C GLU K 509 -73.47 -17.96 -53.94
N TYR K 510 -73.29 -17.74 -52.64
CA TYR K 510 -74.23 -18.21 -51.62
C TYR K 510 -74.93 -17.01 -51.01
N GLU K 511 -76.26 -17.09 -50.93
CA GLU K 511 -77.07 -16.02 -50.37
C GLU K 511 -78.18 -16.58 -49.51
N GLU K 512 -78.49 -15.87 -48.42
CA GLU K 512 -79.60 -16.22 -47.55
C GLU K 512 -80.86 -15.59 -48.10
N THR K 513 -81.83 -16.42 -48.48
CA THR K 513 -83.04 -15.97 -49.17
C THR K 513 -84.29 -16.36 -48.39
N GLN K 514 -85.23 -15.42 -48.31
CA GLN K 514 -86.43 -15.64 -47.52
C GLN K 514 -87.22 -16.82 -48.08
N LYS K 515 -87.59 -17.74 -47.20
CA LYS K 515 -88.33 -18.93 -47.61
C LYS K 515 -89.71 -18.54 -48.11
N ASP K 516 -90.12 -19.17 -49.22
CA ASP K 516 -91.42 -18.85 -49.80
C ASP K 516 -92.55 -19.29 -48.89
N SER K 517 -92.50 -20.53 -48.40
CA SER K 517 -93.59 -21.08 -47.60
C SER K 517 -93.53 -20.66 -46.14
N VAL K 518 -92.39 -20.14 -45.68
CA VAL K 518 -92.20 -19.74 -44.29
C VAL K 518 -91.70 -18.31 -44.26
N ARG K 519 -92.42 -17.43 -43.57
CA ARG K 519 -92.08 -16.02 -43.45
C ARG K 519 -91.82 -15.60 -42.01
N LYS K 520 -92.66 -16.02 -41.08
CA LYS K 520 -92.57 -15.65 -39.68
C LYS K 520 -92.04 -16.82 -38.86
N PHE K 521 -91.58 -16.51 -37.66
CA PHE K 521 -91.16 -17.58 -36.75
C PHE K 521 -92.34 -18.46 -36.34
N GLU K 522 -93.56 -17.94 -36.43
CA GLU K 522 -94.73 -18.79 -36.19
C GLU K 522 -94.82 -19.89 -37.24
N GLN K 523 -94.64 -19.52 -38.51
CA GLN K 523 -94.62 -20.52 -39.58
C GLN K 523 -93.39 -21.42 -39.47
N TYR K 524 -92.28 -20.89 -38.97
CA TYR K 524 -91.11 -21.72 -38.70
C TYR K 524 -91.44 -22.82 -37.71
N VAL K 525 -92.11 -22.46 -36.60
CA VAL K 525 -92.49 -23.46 -35.62
C VAL K 525 -93.51 -24.43 -36.21
N TYR K 526 -94.41 -23.92 -37.05
CA TYR K 526 -95.40 -24.78 -37.69
C TYR K 526 -94.73 -25.83 -38.57
N GLU K 527 -93.75 -25.44 -39.37
CA GLU K 527 -93.09 -26.43 -40.22
C GLU K 527 -92.17 -27.32 -39.40
N MET K 528 -91.66 -26.84 -38.26
CA MET K 528 -90.95 -27.72 -37.35
C MET K 528 -91.86 -28.84 -36.87
N ALA K 529 -93.07 -28.48 -36.44
CA ALA K 529 -94.04 -29.47 -35.99
C ALA K 529 -94.43 -30.42 -37.13
N GLN K 530 -94.63 -29.87 -38.33
CA GLN K 530 -94.97 -30.70 -39.49
C GLN K 530 -93.86 -31.67 -39.83
N GLY K 531 -92.61 -31.32 -39.56
CA GLY K 531 -91.50 -32.20 -39.87
C GLY K 531 -91.30 -32.35 -41.36
N GLY K 532 -91.07 -33.58 -41.81
CA GLY K 532 -90.85 -33.81 -43.23
C GLY K 532 -91.01 -35.28 -43.56
N ALA K 533 -90.95 -35.58 -44.86
CA ALA K 533 -91.05 -36.95 -45.32
C ALA K 533 -89.91 -37.80 -44.78
N MET K 534 -88.73 -37.19 -44.56
CA MET K 534 -87.61 -37.96 -44.10
C MET K 534 -87.75 -38.25 -42.60
N THR K 535 -88.38 -37.33 -41.85
CA THR K 535 -88.50 -37.47 -40.41
C THR K 535 -89.73 -38.31 -40.04
N LYS K 536 -89.78 -39.52 -40.60
CA LYS K 536 -90.87 -40.44 -40.39
C LYS K 536 -90.35 -41.85 -40.13
N GLN K 628 -105.40 -26.71 -30.83
CA GLN K 628 -105.14 -25.40 -31.43
C GLN K 628 -103.67 -24.97 -31.33
N PRO K 629 -102.93 -25.40 -30.30
CA PRO K 629 -101.47 -25.30 -30.36
C PRO K 629 -100.91 -26.21 -31.46
N VAL K 630 -99.58 -26.18 -31.57
CA VAL K 630 -98.88 -27.01 -32.56
C VAL K 630 -98.79 -28.45 -32.05
N SER K 631 -99.29 -28.71 -30.84
CA SER K 631 -99.41 -30.09 -30.38
C SER K 631 -100.34 -30.89 -31.28
N SER K 632 -101.43 -30.28 -31.74
CA SER K 632 -102.38 -30.92 -32.63
C SER K 632 -101.92 -30.93 -34.09
N THR K 633 -100.79 -30.30 -34.39
CA THR K 633 -100.31 -30.17 -35.76
C THR K 633 -99.37 -31.31 -36.14
N ILE K 634 -98.69 -31.93 -35.17
CA ILE K 634 -97.63 -32.89 -35.46
C ILE K 634 -98.26 -34.10 -36.15
N PRO K 635 -97.82 -34.50 -37.34
CA PRO K 635 -98.42 -35.69 -37.96
C PRO K 635 -98.11 -36.95 -37.19
N SER K 636 -99.04 -37.90 -37.24
CA SER K 636 -98.84 -39.18 -36.59
C SER K 636 -97.71 -39.95 -37.27
N GLN K 637 -96.88 -40.60 -36.46
CA GLN K 637 -95.74 -41.37 -36.95
C GLN K 637 -94.79 -40.50 -37.75
N THR K 638 -94.67 -39.23 -37.36
CA THR K 638 -93.74 -38.28 -37.95
C THR K 638 -93.02 -37.55 -36.83
N ILE K 639 -91.70 -37.52 -36.90
CA ILE K 639 -90.87 -36.87 -35.88
C ILE K 639 -90.65 -35.42 -36.32
N PRO K 640 -91.01 -34.42 -35.52
CA PRO K 640 -90.71 -33.05 -35.90
C PRO K 640 -89.21 -32.78 -35.88
N PHE K 641 -88.80 -31.76 -36.63
CA PHE K 641 -87.37 -31.43 -36.74
C PHE K 641 -86.78 -31.09 -35.38
N LEU K 642 -87.44 -30.19 -34.64
CA LEU K 642 -87.05 -29.89 -33.26
C LEU K 642 -87.94 -30.72 -32.35
N HIS K 643 -87.35 -31.60 -31.56
CA HIS K 643 -88.11 -32.45 -30.66
C HIS K 643 -87.30 -32.71 -29.40
N ILE K 644 -87.98 -33.19 -28.36
CA ILE K 644 -87.37 -33.56 -27.10
C ILE K 644 -87.40 -35.08 -26.99
N GLN K 645 -86.26 -35.67 -26.66
CA GLN K 645 -86.13 -37.12 -26.51
C GLN K 645 -86.29 -37.50 -25.04
N LYS K 646 -87.03 -38.57 -24.78
CA LYS K 646 -87.19 -39.12 -23.44
C LYS K 646 -86.31 -40.36 -23.30
N LYS K 647 -85.70 -40.51 -22.13
CA LYS K 647 -84.83 -41.65 -21.88
C LYS K 647 -85.68 -42.87 -21.52
N THR K 648 -85.59 -43.90 -22.34
CA THR K 648 -86.25 -45.17 -22.06
C THR K 648 -85.38 -45.93 -21.05
N LYS K 649 -85.67 -47.22 -20.85
CA LYS K 649 -84.86 -48.04 -19.95
C LYS K 649 -83.58 -48.48 -20.64
N ASP K 650 -82.80 -47.51 -21.16
CA ASP K 650 -81.59 -47.80 -21.91
C ASP K 650 -81.01 -46.51 -22.50
N GLY K 651 -81.62 -46.01 -23.57
CA GLY K 651 -81.12 -44.84 -24.28
C GLY K 651 -82.16 -43.75 -24.42
N TRP K 652 -81.94 -42.83 -25.38
CA TRP K 652 -82.78 -41.66 -25.57
C TRP K 652 -83.54 -41.80 -26.88
N GLU K 653 -84.87 -41.68 -26.79
CA GLU K 653 -85.75 -41.81 -27.94
C GLU K 653 -86.69 -40.62 -27.99
N TYR K 654 -87.16 -40.32 -29.21
CA TYR K 654 -88.10 -39.22 -29.40
C TYR K 654 -89.36 -39.43 -28.58
N ASN K 655 -89.84 -38.35 -27.96
CA ASN K 655 -91.03 -38.37 -27.12
C ASN K 655 -92.05 -37.36 -27.63
N LYS K 656 -93.25 -37.85 -27.91
CA LYS K 656 -94.31 -36.99 -28.42
C LYS K 656 -94.73 -35.92 -27.42
N LYS K 657 -94.86 -36.27 -26.14
CA LYS K 657 -95.40 -35.35 -25.16
C LYS K 657 -94.43 -34.21 -24.87
N LEU K 658 -93.17 -34.54 -24.58
CA LEU K 658 -92.18 -33.51 -24.31
C LEU K 658 -91.94 -32.66 -25.55
N SER K 659 -91.93 -33.28 -26.72
CA SER K 659 -91.78 -32.53 -27.96
C SER K 659 -92.95 -31.57 -28.16
N SER K 660 -94.17 -32.02 -27.91
CA SER K 660 -95.32 -31.15 -28.07
C SER K 660 -95.24 -29.98 -27.10
N LEU K 661 -94.78 -30.24 -25.87
CA LEU K 661 -94.58 -29.16 -24.92
C LEU K 661 -93.56 -28.15 -25.44
N TYR K 662 -92.47 -28.65 -26.02
CA TYR K 662 -91.42 -27.75 -26.52
C TYR K 662 -91.91 -26.93 -27.70
N LEU K 663 -92.60 -27.56 -28.66
CA LEU K 663 -93.11 -26.82 -29.81
C LEU K 663 -94.23 -25.86 -29.40
N ASP K 664 -95.02 -26.20 -28.38
CA ASP K 664 -96.01 -25.25 -27.88
C ASP K 664 -95.32 -24.05 -27.24
N GLY K 665 -94.24 -24.27 -26.49
CA GLY K 665 -93.48 -23.15 -25.97
C GLY K 665 -92.89 -22.29 -27.07
N LEU K 666 -92.40 -22.94 -28.14
CA LEU K 666 -91.87 -22.18 -29.27
C LEU K 666 -92.96 -21.36 -29.95
N GLU K 667 -94.15 -21.93 -30.11
CA GLU K 667 -95.27 -21.19 -30.69
C GLU K 667 -95.63 -20.00 -29.82
N SER K 668 -95.67 -20.20 -28.49
CA SER K 668 -95.97 -19.10 -27.59
C SER K 668 -94.91 -18.00 -27.69
N ALA K 669 -93.64 -18.40 -27.76
CA ALA K 669 -92.57 -17.41 -27.92
C ALA K 669 -92.71 -16.66 -29.23
N ALA K 670 -93.06 -17.36 -30.30
CA ALA K 670 -93.20 -16.72 -31.60
C ALA K 670 -94.33 -15.69 -31.60
N ILE K 671 -95.47 -16.02 -30.98
CA ILE K 671 -96.62 -15.13 -31.05
C ILE K 671 -96.51 -14.01 -30.01
N ASN K 672 -96.31 -14.34 -28.74
CA ASN K 672 -96.31 -13.36 -27.66
C ASN K 672 -94.92 -12.90 -27.26
N GLY K 673 -93.86 -13.54 -27.75
CA GLY K 673 -92.53 -13.27 -27.26
C GLY K 673 -92.25 -14.03 -25.99
N LEU K 674 -91.02 -13.89 -25.49
CA LEU K 674 -90.53 -14.66 -24.36
C LEU K 674 -89.83 -13.72 -23.39
N THR K 675 -90.30 -13.69 -22.15
CA THR K 675 -89.65 -12.91 -21.10
C THR K 675 -88.58 -13.75 -20.42
N PHE K 676 -87.40 -13.15 -20.22
CA PHE K 676 -86.32 -13.75 -19.45
C PHE K 676 -85.99 -12.90 -18.22
N LYS K 677 -86.94 -12.11 -17.75
CA LYS K 677 -86.72 -11.30 -16.55
C LYS K 677 -86.43 -12.20 -15.36
N ASP K 678 -85.56 -11.72 -14.48
CA ASP K 678 -85.09 -12.48 -13.31
C ASP K 678 -84.32 -13.73 -13.69
N LYS K 679 -83.86 -13.82 -14.94
CA LYS K 679 -83.02 -14.92 -15.41
C LYS K 679 -81.58 -14.42 -15.44
N TYR K 680 -80.74 -15.02 -14.60
CA TYR K 680 -79.32 -14.69 -14.55
C TYR K 680 -78.58 -15.77 -15.33
N VAL K 681 -78.00 -15.36 -16.45
CA VAL K 681 -77.38 -16.28 -17.40
C VAL K 681 -75.88 -16.02 -17.42
N LEU K 682 -75.12 -17.10 -17.64
CA LEU K 682 -73.69 -17.03 -17.93
C LEU K 682 -73.47 -17.69 -19.27
N VAL K 683 -73.18 -16.91 -20.30
CA VAL K 683 -73.02 -17.41 -21.66
C VAL K 683 -71.58 -17.21 -22.10
N THR K 684 -70.97 -18.29 -22.61
CA THR K 684 -69.64 -18.24 -23.18
C THR K 684 -69.71 -18.68 -24.64
N GLY K 685 -68.71 -18.24 -25.41
CA GLY K 685 -68.73 -18.46 -26.84
C GLY K 685 -69.83 -17.69 -27.55
N ALA K 686 -70.03 -16.43 -27.17
CA ALA K 686 -71.06 -15.57 -27.75
C ALA K 686 -70.45 -14.38 -28.48
N GLY K 687 -69.36 -14.58 -29.21
CA GLY K 687 -68.78 -13.52 -30.00
C GLY K 687 -69.60 -13.26 -31.25
N ALA K 688 -69.20 -12.22 -31.98
CA ALA K 688 -69.92 -11.84 -33.19
C ALA K 688 -69.92 -12.98 -34.21
N GLY K 689 -71.04 -13.13 -34.90
CA GLY K 689 -71.18 -14.20 -35.88
C GLY K 689 -71.20 -15.59 -35.29
N SER K 690 -71.95 -15.78 -34.21
CA SER K 690 -72.09 -17.11 -33.60
C SER K 690 -73.49 -17.25 -33.04
N ILE K 691 -73.86 -18.51 -32.76
CA ILE K 691 -75.17 -18.79 -32.18
C ILE K 691 -75.27 -18.15 -30.79
N GLY K 692 -74.16 -18.12 -30.06
CA GLY K 692 -74.17 -17.54 -28.72
C GLY K 692 -74.49 -16.06 -28.73
N ALA K 693 -74.01 -15.33 -29.74
CA ALA K 693 -74.30 -13.90 -29.82
C ALA K 693 -75.80 -13.67 -30.02
N GLU K 694 -76.44 -14.46 -30.88
CA GLU K 694 -77.87 -14.32 -31.08
C GLU K 694 -78.65 -14.74 -29.84
N ILE K 695 -78.17 -15.76 -29.13
CA ILE K 695 -78.79 -16.13 -27.87
C ILE K 695 -78.69 -15.00 -26.86
N LEU K 696 -77.53 -14.34 -26.82
CA LEU K 696 -77.36 -13.19 -25.95
C LEU K 696 -78.31 -12.08 -26.37
N GLN K 697 -78.44 -11.82 -27.66
CA GLN K 697 -79.40 -10.81 -28.10
C GLN K 697 -80.80 -11.13 -27.61
N GLY K 698 -81.22 -12.39 -27.74
CA GLY K 698 -82.55 -12.77 -27.31
C GLY K 698 -82.74 -12.67 -25.80
N LEU K 699 -81.74 -13.12 -25.04
CA LEU K 699 -81.83 -13.05 -23.58
C LEU K 699 -81.95 -11.60 -23.13
N ILE K 700 -81.09 -10.73 -23.66
CA ILE K 700 -81.08 -9.34 -23.24
C ILE K 700 -82.32 -8.62 -23.77
N SER K 701 -82.92 -9.11 -24.85
CA SER K 701 -84.22 -8.61 -25.27
C SER K 701 -85.33 -9.02 -24.31
N GLY K 702 -85.28 -10.25 -23.83
CA GLY K 702 -86.24 -10.75 -22.86
C GLY K 702 -86.03 -10.22 -21.46
N GLY K 703 -84.95 -9.52 -21.21
CA GLY K 703 -84.73 -8.89 -19.92
C GLY K 703 -83.76 -9.62 -19.02
N ALA K 704 -83.06 -10.61 -19.52
CA ALA K 704 -82.14 -11.39 -18.70
C ALA K 704 -80.95 -10.54 -18.27
N LYS K 705 -80.34 -10.93 -17.16
CA LYS K 705 -79.08 -10.36 -16.70
C LYS K 705 -78.01 -11.38 -17.06
N VAL K 706 -77.24 -11.06 -18.10
CA VAL K 706 -76.31 -12.01 -18.71
C VAL K 706 -74.89 -11.56 -18.43
N ILE K 707 -74.04 -12.52 -18.06
CA ILE K 707 -72.60 -12.37 -18.09
C ILE K 707 -72.11 -13.05 -19.36
N VAL K 708 -71.58 -12.24 -20.28
CA VAL K 708 -71.05 -12.75 -21.54
C VAL K 708 -69.53 -12.82 -21.44
N THR K 709 -69.01 -14.00 -21.75
CA THR K 709 -67.58 -14.24 -21.88
C THR K 709 -67.10 -13.87 -23.28
N THR K 710 -65.89 -13.32 -23.34
CA THR K 710 -65.16 -13.12 -24.60
C THR K 710 -63.74 -13.60 -24.38
N SER K 711 -63.27 -14.50 -25.25
CA SER K 711 -61.88 -14.93 -25.22
C SER K 711 -60.94 -13.90 -25.81
N ARG K 712 -61.45 -12.90 -26.51
CA ARG K 712 -60.66 -11.84 -27.14
C ARG K 712 -61.25 -10.51 -26.68
N PHE K 713 -60.82 -10.05 -25.50
CA PHE K 713 -61.32 -8.81 -24.92
C PHE K 713 -60.54 -7.64 -25.52
N SER K 714 -61.26 -6.71 -26.12
CA SER K 714 -60.64 -5.57 -26.79
C SER K 714 -61.68 -4.48 -26.94
N LYS K 715 -61.24 -3.33 -27.47
CA LYS K 715 -62.16 -2.21 -27.69
C LYS K 715 -63.21 -2.58 -28.73
N LYS K 716 -62.83 -3.32 -29.76
CA LYS K 716 -63.79 -3.71 -30.79
C LYS K 716 -64.91 -4.56 -30.19
N VAL K 717 -64.56 -5.56 -29.39
CA VAL K 717 -65.55 -6.43 -28.77
C VAL K 717 -66.37 -5.66 -27.74
N THR K 718 -65.72 -4.74 -27.01
CA THR K 718 -66.44 -3.93 -26.04
C THR K 718 -67.50 -3.08 -26.73
N GLU K 719 -67.14 -2.46 -27.86
CA GLU K 719 -68.12 -1.66 -28.61
C GLU K 719 -69.22 -2.54 -29.19
N TYR K 720 -68.85 -3.74 -29.65
CA TYR K 720 -69.86 -4.67 -30.16
C TYR K 720 -70.90 -4.99 -29.10
N TYR K 721 -70.44 -5.34 -27.90
CA TYR K 721 -71.40 -5.66 -26.85
C TYR K 721 -72.12 -4.41 -26.35
N GLN K 722 -71.47 -3.25 -26.41
CA GLN K 722 -72.12 -2.01 -26.04
C GLN K 722 -73.31 -1.73 -26.93
N ASN K 723 -73.12 -1.76 -28.25
CA ASN K 723 -74.23 -1.44 -29.12
C ASN K 723 -75.22 -2.58 -29.21
N MET K 724 -74.80 -3.82 -28.92
CA MET K 724 -75.77 -4.90 -28.79
C MET K 724 -76.70 -4.66 -27.60
N TYR K 725 -76.15 -4.19 -26.47
CA TYR K 725 -77.03 -3.84 -25.35
C TYR K 725 -77.86 -2.60 -25.66
N ALA K 726 -77.27 -1.63 -26.36
CA ALA K 726 -78.00 -0.41 -26.69
C ALA K 726 -79.19 -0.72 -27.59
N ARG K 727 -79.05 -1.72 -28.46
CA ARG K 727 -80.18 -2.15 -29.27
C ARG K 727 -81.13 -3.00 -28.45
N TYR K 728 -80.66 -4.15 -27.96
CA TYR K 728 -81.54 -5.19 -27.44
C TYR K 728 -81.75 -5.14 -25.93
N GLY K 729 -80.86 -4.49 -25.18
CA GLY K 729 -80.96 -4.50 -23.73
C GLY K 729 -82.27 -3.97 -23.21
N ALA K 730 -83.12 -4.86 -22.71
CA ALA K 730 -84.47 -4.52 -22.31
C ALA K 730 -84.51 -3.99 -20.88
N ALA K 731 -85.70 -3.58 -20.46
CA ALA K 731 -85.89 -3.13 -19.09
C ALA K 731 -85.56 -4.25 -18.12
N GLY K 732 -84.67 -3.96 -17.17
CA GLY K 732 -84.20 -4.94 -16.21
C GLY K 732 -82.98 -5.71 -16.62
N SER K 733 -82.60 -5.69 -17.90
CA SER K 733 -81.46 -6.46 -18.35
C SER K 733 -80.14 -5.79 -17.94
N THR K 734 -79.10 -6.60 -17.82
CA THR K 734 -77.78 -6.11 -17.48
C THR K 734 -76.76 -7.00 -18.17
N LEU K 735 -75.90 -6.41 -19.00
CA LEU K 735 -74.88 -7.14 -19.71
C LEU K 735 -73.52 -6.93 -19.06
N ILE K 736 -72.90 -8.03 -18.62
CA ILE K 736 -71.59 -8.02 -17.99
C ILE K 736 -70.62 -8.68 -18.95
N VAL K 737 -69.90 -7.88 -19.73
CA VAL K 737 -68.86 -8.41 -20.60
C VAL K 737 -67.61 -8.61 -19.77
N VAL K 738 -67.10 -9.84 -19.75
CA VAL K 738 -65.90 -10.15 -18.97
C VAL K 738 -64.84 -10.76 -19.88
N PRO K 739 -63.55 -10.41 -19.74
CA PRO K 739 -62.53 -11.25 -20.35
C PRO K 739 -62.54 -12.61 -19.66
N PHE K 740 -62.30 -13.66 -20.43
CA PHE K 740 -62.37 -14.98 -19.86
C PHE K 740 -61.78 -16.02 -20.81
N ASN K 741 -60.87 -16.83 -20.30
CA ASN K 741 -60.34 -17.98 -21.00
C ASN K 741 -60.96 -19.23 -20.37
N GLN K 742 -61.81 -19.91 -21.12
CA GLN K 742 -62.36 -21.17 -20.65
C GLN K 742 -61.33 -22.29 -20.65
N GLY K 743 -60.15 -22.06 -21.23
CA GLY K 743 -59.07 -23.02 -21.17
C GLY K 743 -58.28 -23.02 -19.89
N SER K 744 -58.62 -22.15 -18.93
CA SER K 744 -57.93 -22.06 -17.65
C SER K 744 -58.91 -22.34 -16.52
N LYS K 745 -58.56 -23.31 -15.66
CA LYS K 745 -59.35 -23.59 -14.48
C LYS K 745 -59.34 -22.41 -13.54
N GLN K 746 -58.21 -21.69 -13.46
CA GLN K 746 -58.17 -20.50 -12.63
C GLN K 746 -59.13 -19.44 -13.15
N ASP K 747 -59.21 -19.28 -14.47
CA ASP K 747 -60.20 -18.37 -15.03
C ASP K 747 -61.62 -18.81 -14.70
N VAL K 748 -61.90 -20.11 -14.82
CA VAL K 748 -63.24 -20.62 -14.52
C VAL K 748 -63.61 -20.31 -13.08
N ASP K 749 -62.72 -20.67 -12.14
CA ASP K 749 -62.97 -20.42 -10.73
C ASP K 749 -63.12 -18.94 -10.45
N ALA K 750 -62.26 -18.11 -11.05
CA ALA K 750 -62.32 -16.68 -10.80
C ALA K 750 -63.62 -16.07 -11.32
N LEU K 751 -64.06 -16.48 -12.51
CA LEU K 751 -65.30 -15.94 -13.05
C LEU K 751 -66.49 -16.37 -12.20
N VAL K 752 -66.53 -17.64 -11.78
CA VAL K 752 -67.64 -18.10 -10.96
C VAL K 752 -67.64 -17.38 -9.61
N GLN K 753 -66.45 -17.21 -9.03
CA GLN K 753 -66.30 -16.46 -7.78
C GLN K 753 -66.79 -15.03 -7.96
N TYR K 754 -66.44 -14.40 -9.08
CA TYR K 754 -66.85 -13.03 -9.34
C TYR K 754 -68.37 -12.92 -9.48
N ILE K 755 -68.98 -13.90 -10.16
CA ILE K 755 -70.43 -13.87 -10.33
C ILE K 755 -71.13 -14.04 -8.99
N TYR K 756 -70.64 -14.96 -8.15
CA TYR K 756 -71.34 -15.30 -6.92
C TYR K 756 -70.91 -14.46 -5.72
N ASP K 757 -69.89 -13.62 -5.86
CA ASP K 757 -69.53 -12.69 -4.81
C ASP K 757 -70.47 -11.50 -4.82
N GLU K 758 -70.77 -10.96 -3.64
CA GLU K 758 -71.69 -9.84 -3.56
C GLU K 758 -70.94 -8.54 -3.90
N PRO K 759 -71.68 -7.48 -4.24
CA PRO K 759 -71.01 -6.27 -4.76
C PRO K 759 -69.99 -5.66 -3.80
N LYS K 760 -70.16 -5.84 -2.50
CA LYS K 760 -69.20 -5.26 -1.55
C LYS K 760 -67.81 -5.88 -1.73
N LYS K 761 -67.73 -7.18 -1.98
CA LYS K 761 -66.45 -7.85 -2.16
C LYS K 761 -65.92 -7.74 -3.60
N GLY K 762 -66.62 -7.05 -4.48
CA GLY K 762 -66.18 -6.85 -5.85
C GLY K 762 -66.85 -7.74 -6.87
N GLY K 763 -67.76 -8.62 -6.45
CA GLY K 763 -68.48 -9.49 -7.36
C GLY K 763 -69.76 -8.85 -7.87
N LEU K 764 -70.61 -9.69 -8.45
CA LEU K 764 -71.90 -9.26 -8.96
C LEU K 764 -73.04 -9.53 -7.99
N GLY K 765 -72.87 -10.47 -7.07
CA GLY K 765 -73.96 -10.82 -6.17
C GLY K 765 -75.12 -11.49 -6.89
N TRP K 766 -74.81 -12.30 -7.89
CA TRP K 766 -75.81 -12.91 -8.75
C TRP K 766 -75.82 -14.42 -8.54
N ASP K 767 -77.00 -15.01 -8.61
CA ASP K 767 -77.17 -16.45 -8.55
C ASP K 767 -77.61 -16.91 -9.94
N LEU K 768 -76.77 -17.68 -10.61
CA LEU K 768 -77.02 -18.00 -12.01
C LEU K 768 -78.25 -18.89 -12.16
N ASP K 769 -79.15 -18.49 -13.04
CA ASP K 769 -80.30 -19.30 -13.43
C ASP K 769 -80.04 -20.15 -14.66
N ALA K 770 -79.06 -19.78 -15.49
CA ALA K 770 -78.75 -20.55 -16.68
C ALA K 770 -77.26 -20.45 -16.99
N ILE K 771 -76.72 -21.52 -17.54
CA ILE K 771 -75.35 -21.55 -18.04
C ILE K 771 -75.40 -22.04 -19.48
N ILE K 772 -74.74 -21.31 -20.37
CA ILE K 772 -74.71 -21.62 -21.80
C ILE K 772 -73.24 -21.63 -22.21
N PRO K 773 -72.51 -22.72 -21.96
CA PRO K 773 -71.07 -22.74 -22.30
C PRO K 773 -70.81 -23.17 -23.74
N PHE K 774 -71.00 -22.22 -24.66
CA PHE K 774 -70.78 -22.45 -26.08
C PHE K 774 -69.38 -22.07 -26.53
N ALA K 775 -68.48 -21.77 -25.62
CA ALA K 775 -67.11 -21.44 -25.99
C ALA K 775 -66.42 -22.67 -26.55
N ALA K 776 -65.79 -22.50 -27.72
CA ALA K 776 -65.14 -23.61 -28.39
C ALA K 776 -63.97 -23.06 -29.21
N ILE K 777 -63.04 -23.95 -29.52
CA ILE K 777 -61.87 -23.66 -30.33
C ILE K 777 -62.03 -24.43 -31.63
N PRO K 778 -61.95 -23.80 -32.81
CA PRO K 778 -62.12 -24.58 -34.05
C PRO K 778 -60.88 -25.41 -34.34
N GLU K 779 -61.08 -26.70 -34.57
CA GLU K 779 -60.01 -27.65 -34.85
C GLU K 779 -60.38 -28.43 -36.10
N ASN K 780 -59.66 -28.17 -37.19
CA ASN K 780 -59.90 -28.83 -38.47
C ASN K 780 -58.60 -29.42 -38.99
N GLY K 781 -58.71 -30.57 -39.64
CA GLY K 781 -57.56 -31.27 -40.14
C GLY K 781 -56.82 -32.10 -39.12
N ASN K 782 -57.36 -32.25 -37.90
CA ASN K 782 -56.74 -33.01 -36.83
C ASN K 782 -57.41 -34.37 -36.75
N GLY K 783 -56.73 -35.39 -37.26
CA GLY K 783 -57.18 -36.76 -37.12
C GLY K 783 -56.63 -37.42 -35.87
N LEU K 784 -56.73 -38.74 -35.84
CA LEU K 784 -56.19 -39.50 -34.72
C LEU K 784 -54.68 -39.33 -34.62
N ASP K 785 -53.98 -39.34 -35.75
CA ASP K 785 -52.54 -39.17 -35.77
C ASP K 785 -52.11 -37.73 -35.57
N ASN K 786 -53.01 -36.76 -35.73
CA ASN K 786 -52.70 -35.34 -35.58
C ASN K 786 -53.22 -34.77 -34.27
N ILE K 787 -53.64 -35.61 -33.33
CA ILE K 787 -54.09 -35.14 -32.02
C ILE K 787 -52.90 -34.44 -31.35
N ASP K 788 -53.05 -33.15 -31.12
CA ASP K 788 -51.93 -32.28 -30.76
C ASP K 788 -52.28 -31.45 -29.52
N SER K 789 -51.41 -30.48 -29.23
CA SER K 789 -51.65 -29.56 -28.13
C SER K 789 -52.94 -28.78 -28.36
N LYS K 790 -53.17 -28.33 -29.59
CA LYS K 790 -54.41 -27.62 -29.89
C LYS K 790 -55.61 -28.49 -29.61
N SER K 791 -55.55 -29.77 -30.01
CA SER K 791 -56.70 -30.66 -29.80
C SER K 791 -56.94 -30.89 -28.31
N GLU K 792 -55.88 -31.14 -27.54
CA GLU K 792 -56.07 -31.36 -26.11
C GLU K 792 -56.59 -30.10 -25.42
N PHE K 793 -56.09 -28.93 -25.81
CA PHE K 793 -56.54 -27.69 -25.21
C PHE K 793 -58.00 -27.40 -25.55
N ALA K 794 -58.39 -27.61 -26.81
CA ALA K 794 -59.78 -27.42 -27.19
C ALA K 794 -60.68 -28.41 -26.45
N HIS K 795 -60.21 -29.65 -26.29
CA HIS K 795 -60.98 -30.62 -25.51
C HIS K 795 -61.14 -30.16 -24.07
N ARG K 796 -60.08 -29.59 -23.50
CA ARG K 796 -60.17 -29.06 -22.14
C ARG K 796 -61.26 -28.00 -22.07
N ILE K 797 -61.22 -27.03 -22.99
CA ILE K 797 -62.23 -25.98 -23.01
C ILE K 797 -63.63 -26.57 -23.12
N MET K 798 -63.81 -27.52 -24.05
CA MET K 798 -65.16 -27.95 -24.39
C MET K 798 -65.75 -28.89 -23.36
N LEU K 799 -64.91 -29.69 -22.69
CA LEU K 799 -65.38 -30.67 -21.72
C LEU K 799 -64.91 -30.39 -20.30
N THR K 800 -63.59 -30.34 -20.07
CA THR K 800 -63.08 -30.42 -18.71
C THR K 800 -63.39 -29.14 -17.94
N ASN K 801 -63.06 -27.99 -18.52
CA ASN K 801 -63.32 -26.74 -17.83
C ASN K 801 -64.81 -26.39 -17.86
N LEU K 802 -65.56 -26.95 -18.81
CA LEU K 802 -67.02 -26.88 -18.74
C LEU K 802 -67.52 -27.58 -17.48
N LEU K 803 -67.07 -28.81 -17.26
CA LEU K 803 -67.47 -29.53 -16.05
C LEU K 803 -67.01 -28.80 -14.80
N ARG K 804 -65.82 -28.20 -14.86
CA ARG K 804 -65.32 -27.43 -13.71
C ARG K 804 -66.18 -26.19 -13.46
N LEU K 805 -66.65 -25.54 -14.52
CA LEU K 805 -67.54 -24.40 -14.36
C LEU K 805 -68.84 -24.82 -13.68
N LEU K 806 -69.44 -25.90 -14.14
CA LEU K 806 -70.65 -26.42 -13.50
C LEU K 806 -70.37 -26.77 -12.04
N GLY K 807 -69.24 -27.42 -11.76
CA GLY K 807 -68.92 -27.80 -10.40
C GLY K 807 -68.69 -26.60 -9.50
N ALA K 808 -68.06 -25.55 -10.04
CA ALA K 808 -67.83 -24.34 -9.25
C ALA K 808 -69.15 -23.65 -8.93
N VAL K 809 -70.06 -23.59 -9.90
CA VAL K 809 -71.38 -23.02 -9.63
C VAL K 809 -72.10 -23.82 -8.54
N LYS K 810 -72.04 -25.15 -8.64
CA LYS K 810 -72.67 -25.99 -7.63
C LYS K 810 -72.05 -25.76 -6.26
N SER K 811 -70.72 -25.67 -6.20
CA SER K 811 -70.05 -25.43 -4.92
C SER K 811 -70.45 -24.08 -4.34
N LYS K 812 -70.65 -23.09 -5.20
CA LYS K 812 -71.01 -21.76 -4.74
C LYS K 812 -72.46 -21.66 -4.28
N LYS K 813 -73.33 -22.56 -4.74
CA LYS K 813 -74.73 -22.51 -4.35
C LYS K 813 -74.99 -23.32 -3.08
N PRO K 814 -75.32 -22.68 -1.93
CA PRO K 814 -75.85 -23.45 -0.79
C PRO K 814 -77.34 -23.69 -0.90
N THR K 815 -78.02 -22.87 -1.69
CA THR K 815 -79.44 -23.08 -1.95
C THR K 815 -79.63 -24.29 -2.85
N ASP K 816 -80.64 -25.10 -2.52
CA ASP K 816 -81.02 -26.27 -3.30
C ASP K 816 -82.29 -26.04 -4.11
N THR K 817 -82.71 -24.79 -4.26
CA THR K 817 -84.04 -24.47 -4.75
C THR K 817 -83.99 -23.52 -5.95
N ARG K 818 -82.80 -23.06 -6.34
CA ARG K 818 -82.62 -22.24 -7.55
C ARG K 818 -81.56 -22.87 -8.43
N PRO K 819 -81.90 -23.94 -9.15
CA PRO K 819 -80.92 -24.56 -10.03
C PRO K 819 -80.55 -23.66 -11.21
N ALA K 820 -79.33 -23.88 -11.71
CA ALA K 820 -78.86 -23.26 -12.94
C ALA K 820 -79.07 -24.23 -14.10
N GLN K 821 -79.68 -23.75 -15.17
CA GLN K 821 -79.93 -24.58 -16.33
C GLN K 821 -78.71 -24.56 -17.25
N CYS K 822 -78.01 -25.68 -17.33
CA CYS K 822 -76.84 -25.81 -18.18
C CYS K 822 -77.28 -26.26 -19.56
N ILE K 823 -77.15 -25.36 -20.54
CA ILE K 823 -77.51 -25.65 -21.93
C ILE K 823 -76.25 -26.20 -22.58
N LEU K 824 -76.13 -27.53 -22.58
CA LEU K 824 -74.93 -28.17 -23.12
C LEU K 824 -75.00 -28.19 -24.64
N PRO K 825 -73.97 -27.69 -25.35
CA PRO K 825 -74.02 -27.76 -26.83
C PRO K 825 -73.66 -29.12 -27.38
N LEU K 826 -74.61 -30.05 -27.32
CA LEU K 826 -74.37 -31.38 -27.86
C LEU K 826 -74.39 -31.33 -29.39
N SER K 827 -73.75 -32.32 -29.99
CA SER K 827 -73.70 -32.46 -31.44
C SER K 827 -74.29 -33.81 -31.83
N PRO K 828 -74.95 -33.89 -32.99
CA PRO K 828 -75.46 -35.19 -33.45
C PRO K 828 -74.40 -36.06 -34.10
N ASN K 829 -73.25 -35.50 -34.44
CA ASN K 829 -72.22 -36.16 -35.22
C ASN K 829 -70.98 -36.34 -34.35
N HIS K 830 -70.82 -37.54 -33.79
CA HIS K 830 -69.69 -37.86 -32.92
C HIS K 830 -68.71 -38.70 -33.73
N GLY K 831 -67.82 -38.03 -34.45
CA GLY K 831 -66.80 -38.68 -35.24
C GLY K 831 -67.21 -39.04 -36.65
N THR K 832 -68.48 -38.87 -37.00
CA THR K 832 -68.92 -39.21 -38.36
C THR K 832 -68.29 -38.28 -39.38
N PHE K 833 -68.16 -37.00 -39.05
CA PHE K 833 -67.44 -36.07 -39.90
C PHE K 833 -65.94 -36.28 -39.74
N GLY K 834 -65.17 -35.57 -40.54
CA GLY K 834 -63.76 -35.89 -40.69
C GLY K 834 -62.89 -35.40 -39.55
N PHE K 835 -61.78 -34.75 -39.93
CA PHE K 835 -60.69 -34.50 -39.01
C PHE K 835 -60.99 -33.30 -38.12
N ASP K 836 -61.51 -33.56 -36.93
CA ASP K 836 -61.93 -32.49 -36.01
C ASP K 836 -61.24 -32.56 -34.65
N GLY K 837 -60.15 -33.32 -34.52
CA GLY K 837 -59.48 -33.39 -33.23
C GLY K 837 -60.30 -34.12 -32.19
N LEU K 838 -60.40 -33.53 -31.00
CA LEU K 838 -61.18 -34.09 -29.90
C LEU K 838 -62.56 -33.45 -29.78
N TYR K 839 -63.04 -32.79 -30.83
CA TYR K 839 -64.35 -32.13 -30.78
C TYR K 839 -65.46 -33.13 -30.51
N SER K 840 -65.49 -34.22 -31.27
CA SER K 840 -66.53 -35.23 -31.07
C SER K 840 -66.39 -35.88 -29.71
N GLU K 841 -65.15 -36.09 -29.25
CA GLU K 841 -64.93 -36.68 -27.93
C GLU K 841 -65.51 -35.79 -26.85
N SER K 842 -65.27 -34.48 -26.93
CA SER K 842 -65.84 -33.56 -25.95
C SER K 842 -67.36 -33.56 -26.01
N LYS K 843 -67.92 -33.52 -27.22
CA LYS K 843 -69.36 -33.44 -27.36
C LYS K 843 -70.04 -34.68 -26.80
N ILE K 844 -69.50 -35.86 -27.08
CA ILE K 844 -70.11 -37.08 -26.56
C ILE K 844 -69.85 -37.21 -25.06
N SER K 845 -68.70 -36.73 -24.57
CA SER K 845 -68.47 -36.73 -23.14
C SER K 845 -69.48 -35.87 -22.40
N LEU K 846 -69.94 -34.80 -23.04
CA LEU K 846 -70.95 -33.97 -22.39
C LEU K 846 -72.26 -34.72 -22.16
N GLU K 847 -72.47 -35.85 -22.83
CA GLU K 847 -73.70 -36.61 -22.66
C GLU K 847 -73.75 -37.36 -21.34
N THR K 848 -72.60 -37.59 -20.69
CA THR K 848 -72.61 -38.26 -19.40
C THR K 848 -73.31 -37.45 -18.32
N LEU K 849 -73.45 -36.14 -18.51
CA LEU K 849 -74.08 -35.31 -17.50
C LEU K 849 -75.53 -35.70 -17.26
N PHE K 850 -76.18 -36.31 -18.26
CA PHE K 850 -77.56 -36.75 -18.09
C PHE K 850 -77.66 -37.84 -17.03
N ASN K 851 -76.73 -38.80 -17.05
CA ASN K 851 -76.71 -39.83 -16.03
C ASN K 851 -76.14 -39.31 -14.72
N ARG K 852 -75.17 -38.40 -14.82
CA ARG K 852 -74.55 -37.86 -13.60
C ARG K 852 -75.52 -36.98 -12.82
N TRP K 853 -76.55 -36.46 -13.49
CA TRP K 853 -77.56 -35.68 -12.78
C TRP K 853 -78.25 -36.51 -11.71
N TYR K 854 -78.53 -37.78 -12.00
CA TYR K 854 -79.12 -38.69 -11.04
C TYR K 854 -78.08 -39.25 -10.08
N SER K 855 -76.96 -39.73 -10.63
CA SER K 855 -76.00 -40.51 -9.86
C SER K 855 -75.27 -39.68 -8.80
N GLU K 856 -75.16 -38.38 -9.01
CA GLU K 856 -74.44 -37.48 -8.11
C GLU K 856 -75.44 -36.59 -7.37
N ASP K 857 -74.90 -35.67 -6.56
CA ASP K 857 -75.72 -34.84 -5.68
C ASP K 857 -75.75 -33.37 -6.11
N TRP K 858 -75.59 -33.10 -7.41
CA TRP K 858 -75.69 -31.74 -7.92
C TRP K 858 -77.00 -31.51 -8.70
N GLY K 859 -77.99 -32.38 -8.51
CA GLY K 859 -79.25 -32.22 -9.23
C GLY K 859 -80.00 -30.97 -8.83
N SER K 860 -80.03 -30.67 -7.53
CA SER K 860 -80.78 -29.52 -7.05
C SER K 860 -80.07 -28.19 -7.29
N LYS K 861 -78.83 -28.22 -7.75
CA LYS K 861 -78.07 -27.01 -8.05
C LYS K 861 -77.92 -26.76 -9.55
N LEU K 862 -77.93 -27.81 -10.37
CA LEU K 862 -77.85 -27.67 -11.82
C LEU K 862 -78.82 -28.62 -12.48
N THR K 863 -79.35 -28.20 -13.64
CA THR K 863 -80.24 -29.02 -14.46
C THR K 863 -79.65 -29.13 -15.86
N VAL K 864 -79.59 -30.35 -16.37
CA VAL K 864 -78.95 -30.61 -17.66
C VAL K 864 -79.97 -30.44 -18.77
N CYS K 865 -79.67 -29.58 -19.74
CA CYS K 865 -80.45 -29.43 -20.96
C CYS K 865 -79.46 -29.56 -22.11
N GLY K 866 -79.30 -30.78 -22.60
CA GLY K 866 -78.40 -31.03 -23.71
C GLY K 866 -79.07 -30.76 -25.03
N ALA K 867 -78.71 -29.66 -25.68
CA ALA K 867 -79.29 -29.28 -26.96
C ALA K 867 -78.40 -29.82 -28.06
N VAL K 868 -78.89 -30.82 -28.79
CA VAL K 868 -78.19 -31.35 -29.96
C VAL K 868 -78.43 -30.33 -31.06
N ILE K 869 -77.42 -29.48 -31.26
CA ILE K 869 -77.52 -28.40 -32.25
C ILE K 869 -77.28 -28.96 -33.63
N GLY K 870 -78.14 -28.60 -34.57
CA GLY K 870 -78.07 -29.07 -35.93
C GLY K 870 -77.19 -28.22 -36.83
N TRP K 871 -77.28 -28.49 -38.13
CA TRP K 871 -76.54 -27.74 -39.13
C TRP K 871 -76.97 -26.28 -39.07
N THR K 872 -76.06 -25.41 -38.64
CA THR K 872 -76.31 -23.99 -38.51
C THR K 872 -75.44 -23.23 -39.51
N ARG K 873 -76.04 -22.25 -40.18
CA ARG K 873 -75.35 -21.49 -41.22
C ARG K 873 -74.65 -20.30 -40.59
N GLY K 874 -73.32 -20.26 -40.73
CA GLY K 874 -72.54 -19.14 -40.22
C GLY K 874 -72.94 -17.83 -40.87
N THR K 875 -73.19 -16.81 -40.05
CA THR K 875 -73.59 -15.50 -40.55
C THR K 875 -73.30 -14.41 -39.53
N SER K 879 -69.07 -21.15 -43.49
CA SER K 879 -69.19 -20.61 -44.84
C SER K 879 -68.84 -21.66 -45.88
N ALA K 880 -68.01 -22.63 -45.49
CA ALA K 880 -67.65 -23.72 -46.40
C ALA K 880 -68.81 -24.69 -46.57
N ASN K 881 -69.63 -24.85 -45.52
CA ASN K 881 -70.79 -25.73 -45.56
C ASN K 881 -72.05 -25.01 -46.03
N ASN K 882 -72.03 -23.68 -46.09
CA ASN K 882 -73.21 -22.95 -46.54
C ASN K 882 -73.53 -23.24 -48.01
N ILE K 883 -72.51 -23.52 -48.82
CA ILE K 883 -72.75 -23.78 -50.24
C ILE K 883 -73.52 -25.09 -50.43
N ILE K 884 -73.33 -26.05 -49.54
CA ILE K 884 -73.98 -27.35 -49.62
C ILE K 884 -75.20 -27.40 -48.69
N ALA K 885 -75.44 -26.31 -47.95
CA ALA K 885 -76.65 -26.21 -47.16
C ALA K 885 -77.90 -26.45 -48.00
N GLU K 886 -77.98 -25.85 -49.20
CA GLU K 886 -79.15 -26.06 -50.04
C GLU K 886 -79.27 -27.51 -50.48
N GLY K 887 -78.15 -28.14 -50.83
CA GLY K 887 -78.20 -29.53 -51.26
C GLY K 887 -78.68 -30.45 -50.16
N ILE K 888 -78.20 -30.24 -48.93
CA ILE K 888 -78.68 -31.07 -47.83
C ILE K 888 -80.14 -30.75 -47.52
N GLU K 889 -80.56 -29.49 -47.72
CA GLU K 889 -81.94 -29.14 -47.44
C GLU K 889 -82.91 -29.74 -48.45
N LYS K 890 -82.48 -29.91 -49.70
CA LYS K 890 -83.39 -30.29 -50.78
C LYS K 890 -84.05 -31.65 -50.57
N LEU K 891 -83.48 -32.52 -49.73
CA LEU K 891 -83.97 -33.89 -49.58
C LEU K 891 -85.01 -34.04 -48.47
N GLY K 892 -85.43 -32.95 -47.82
CA GLY K 892 -86.45 -33.01 -46.80
C GLY K 892 -85.96 -32.56 -45.43
N VAL K 893 -84.74 -32.94 -45.08
CA VAL K 893 -84.11 -32.43 -43.86
C VAL K 893 -83.82 -30.96 -44.10
N ARG K 894 -83.44 -30.25 -43.05
CA ARG K 894 -83.27 -28.81 -43.16
C ARG K 894 -82.03 -28.30 -42.43
N THR K 895 -81.74 -27.02 -42.60
CA THR K 895 -80.52 -26.41 -42.10
C THR K 895 -80.91 -25.06 -41.50
N PHE K 896 -80.47 -24.82 -40.28
CA PHE K 896 -80.89 -23.65 -39.53
C PHE K 896 -79.97 -22.46 -39.77
N SER K 897 -80.53 -21.27 -39.62
CA SER K 897 -79.75 -20.05 -39.51
C SER K 897 -79.32 -19.87 -38.05
N GLN K 898 -78.38 -18.95 -37.84
CA GLN K 898 -77.95 -18.66 -36.47
C GLN K 898 -79.10 -18.11 -35.66
N LYS K 899 -79.93 -17.25 -36.27
CA LYS K 899 -81.10 -16.71 -35.57
C LYS K 899 -82.10 -17.81 -35.24
N GLU K 900 -82.34 -18.74 -36.16
CA GLU K 900 -83.26 -19.84 -35.89
C GLU K 900 -82.73 -20.72 -34.76
N MET K 901 -81.42 -21.01 -34.78
CA MET K 901 -80.83 -21.83 -33.73
C MET K 901 -80.95 -21.15 -32.38
N ALA K 902 -80.69 -19.84 -32.33
CA ALA K 902 -80.82 -19.11 -31.08
C ALA K 902 -82.27 -19.08 -30.61
N PHE K 903 -83.21 -18.96 -31.55
CA PHE K 903 -84.62 -19.04 -31.17
C PHE K 903 -84.94 -20.39 -30.55
N ASN K 904 -84.40 -21.47 -31.13
CA ASN K 904 -84.63 -22.80 -30.57
C ASN K 904 -84.08 -22.92 -29.16
N ILE K 905 -82.86 -22.43 -28.94
CA ILE K 905 -82.24 -22.56 -27.62
C ILE K 905 -82.92 -21.64 -26.61
N LEU K 906 -83.30 -20.43 -27.02
CA LEU K 906 -84.03 -19.54 -26.13
C LEU K 906 -85.39 -20.12 -25.79
N GLY K 907 -86.00 -20.86 -26.72
CA GLY K 907 -87.22 -21.57 -26.41
C GLY K 907 -86.98 -22.79 -25.55
N LEU K 908 -85.75 -23.29 -25.55
CA LEU K 908 -85.35 -24.27 -24.54
C LEU K 908 -85.16 -23.62 -23.19
N LEU K 909 -85.02 -22.29 -23.15
CA LEU K 909 -85.00 -21.55 -21.89
C LEU K 909 -86.38 -21.03 -21.47
N THR K 910 -87.46 -21.66 -21.92
CA THR K 910 -88.80 -21.26 -21.48
C THR K 910 -89.06 -21.72 -20.04
N PRO K 911 -90.06 -21.14 -19.38
CA PRO K 911 -90.42 -21.64 -18.04
C PRO K 911 -90.85 -23.09 -18.04
N GLU K 912 -91.50 -23.56 -19.10
CA GLU K 912 -91.95 -24.94 -19.15
C GLU K 912 -90.77 -25.89 -19.28
N ILE K 913 -89.82 -25.58 -20.17
CA ILE K 913 -88.66 -26.44 -20.30
C ILE K 913 -87.75 -26.26 -19.10
N VAL K 914 -87.78 -25.10 -18.45
CA VAL K 914 -86.98 -24.90 -17.25
C VAL K 914 -87.44 -25.84 -16.15
N GLN K 915 -88.75 -25.88 -15.88
CA GLN K 915 -89.26 -26.82 -14.88
C GLN K 915 -89.10 -28.26 -15.34
N LEU K 916 -89.23 -28.51 -16.64
CA LEU K 916 -89.00 -29.86 -17.16
C LEU K 916 -87.57 -30.31 -16.89
N CYS K 917 -86.60 -29.41 -17.07
CA CYS K 917 -85.22 -29.73 -16.76
C CYS K 917 -85.01 -29.89 -15.26
N GLN K 918 -85.75 -29.11 -14.46
CA GLN K 918 -85.65 -29.23 -13.01
C GLN K 918 -86.08 -30.61 -12.55
N GLU K 919 -87.17 -31.13 -13.11
CA GLU K 919 -87.67 -32.44 -12.70
C GLU K 919 -87.03 -33.60 -13.45
N GLU K 920 -86.41 -33.34 -14.60
CA GLU K 920 -85.89 -34.41 -15.46
C GLU K 920 -84.92 -33.81 -16.48
N PRO K 921 -83.67 -34.30 -16.59
CA PRO K 921 -82.77 -33.78 -17.63
C PRO K 921 -83.38 -33.86 -19.02
N VAL K 922 -83.19 -32.79 -19.79
CA VAL K 922 -83.83 -32.61 -21.09
C VAL K 922 -82.79 -32.83 -22.17
N MET K 923 -83.12 -33.70 -23.13
CA MET K 923 -82.35 -33.88 -24.36
C MET K 923 -83.17 -33.27 -25.48
N ALA K 924 -82.71 -32.15 -26.02
CA ALA K 924 -83.44 -31.41 -27.04
C ALA K 924 -82.74 -31.62 -28.37
N ASP K 925 -83.25 -32.58 -29.16
CA ASP K 925 -82.74 -32.79 -30.52
C ASP K 925 -83.27 -31.66 -31.39
N LEU K 926 -82.43 -30.63 -31.53
CA LEU K 926 -82.72 -29.53 -32.44
C LEU K 926 -82.11 -29.76 -33.82
N ASN K 927 -81.53 -30.94 -34.04
CA ASN K 927 -81.08 -31.31 -35.38
C ASN K 927 -82.27 -31.32 -36.33
N GLY K 928 -82.08 -30.73 -37.51
CA GLY K 928 -83.17 -30.58 -38.45
C GLY K 928 -83.41 -31.80 -39.32
N GLY K 929 -83.56 -32.96 -38.68
CA GLY K 929 -83.75 -34.20 -39.40
C GLY K 929 -82.50 -34.83 -39.95
N LEU K 930 -81.32 -34.28 -39.64
CA LEU K 930 -80.07 -34.82 -40.18
C LEU K 930 -79.77 -36.23 -39.67
N GLN K 931 -80.32 -36.61 -38.51
CA GLN K 931 -80.07 -37.93 -37.97
C GLN K 931 -80.58 -39.03 -38.90
N PHE K 932 -81.52 -38.71 -39.78
CA PHE K 932 -82.15 -39.70 -40.66
C PHE K 932 -81.39 -39.88 -41.98
N ILE K 933 -80.23 -39.24 -42.15
CA ILE K 933 -79.43 -39.34 -43.36
C ILE K 933 -78.36 -40.40 -43.14
N ASP K 934 -78.40 -41.46 -43.96
CA ASP K 934 -77.38 -42.50 -43.92
C ASP K 934 -76.11 -41.99 -44.58
N ASN K 935 -74.97 -42.21 -43.92
CA ASN K 935 -73.66 -41.80 -44.44
C ASN K 935 -73.64 -40.29 -44.71
N LEU K 936 -73.83 -39.52 -43.64
CA LEU K 936 -73.91 -38.07 -43.78
C LEU K 936 -72.60 -37.48 -44.31
N LYS K 937 -71.45 -37.98 -43.82
CA LYS K 937 -70.18 -37.45 -44.28
C LYS K 937 -69.98 -37.72 -45.77
N ASP K 938 -70.29 -38.95 -46.20
CA ASP K 938 -70.14 -39.28 -47.62
C ASP K 938 -71.10 -38.45 -48.48
N PHE K 939 -72.33 -38.26 -48.02
CA PHE K 939 -73.28 -37.45 -48.76
C PHE K 939 -72.81 -36.00 -48.85
N THR K 940 -72.30 -35.46 -47.73
CA THR K 940 -71.80 -34.09 -47.72
C THR K 940 -70.62 -33.94 -48.68
N SER K 941 -69.68 -34.89 -48.65
CA SER K 941 -68.56 -34.83 -49.56
C SER K 941 -69.01 -34.94 -51.01
N LYS K 942 -69.98 -35.81 -51.29
CA LYS K 942 -70.50 -35.93 -52.64
C LYS K 942 -71.13 -34.63 -53.11
N LEU K 943 -71.90 -33.97 -52.25
CA LEU K 943 -72.51 -32.71 -52.61
C LEU K 943 -71.46 -31.65 -52.88
N ARG K 944 -70.48 -31.52 -51.98
CA ARG K 944 -69.47 -30.48 -52.14
C ARG K 944 -68.61 -30.74 -53.37
N THR K 945 -68.25 -32.00 -53.62
CA THR K 945 -67.40 -32.29 -54.77
C THR K 945 -68.17 -32.14 -56.07
N ASP K 946 -69.47 -32.44 -56.07
CA ASP K 946 -70.28 -32.18 -57.27
C ASP K 946 -70.34 -30.67 -57.53
N LEU K 947 -70.57 -29.88 -56.50
CA LEU K 947 -70.64 -28.43 -56.68
C LEU K 947 -69.31 -27.86 -57.17
N LEU K 948 -68.20 -28.32 -56.58
CA LEU K 948 -66.89 -27.84 -57.00
C LEU K 948 -66.54 -28.29 -58.40
N GLU K 949 -66.83 -29.55 -58.73
CA GLU K 949 -66.57 -30.08 -60.07
C GLU K 949 -67.49 -29.48 -61.12
N THR K 950 -68.57 -28.81 -60.71
CA THR K 950 -69.38 -28.02 -61.64
C THR K 950 -68.79 -26.62 -61.81
N ALA K 951 -68.54 -25.94 -60.70
CA ALA K 951 -68.05 -24.56 -60.76
C ALA K 951 -66.70 -24.48 -61.44
N ASP K 952 -65.78 -25.40 -61.12
CA ASP K 952 -64.44 -25.31 -61.67
C ASP K 952 -64.42 -25.62 -63.17
N ILE K 953 -65.20 -26.61 -63.61
CA ILE K 953 -65.24 -26.90 -65.04
C ILE K 953 -65.89 -25.75 -65.79
N ARG K 954 -66.92 -25.13 -65.21
CA ARG K 954 -67.51 -23.98 -65.88
C ARG K 954 -66.52 -22.83 -65.97
N ARG K 955 -65.77 -22.58 -64.90
CA ARG K 955 -64.77 -21.52 -64.92
C ARG K 955 -63.68 -21.81 -65.95
N ALA K 956 -63.22 -23.05 -66.02
CA ALA K 956 -62.17 -23.40 -66.98
C ALA K 956 -62.66 -23.26 -68.40
N VAL K 957 -63.89 -23.71 -68.67
CA VAL K 957 -64.45 -23.60 -70.01
C VAL K 957 -64.61 -22.13 -70.38
N SER K 958 -65.05 -21.30 -69.42
CA SER K 958 -65.16 -19.86 -69.69
C SER K 958 -63.80 -19.25 -69.99
N ILE K 959 -62.78 -19.62 -69.21
CA ILE K 959 -61.44 -19.06 -69.41
C ILE K 959 -60.92 -19.43 -70.79
N GLU K 960 -61.04 -20.70 -71.16
CA GLU K 960 -60.51 -21.15 -72.44
C GLU K 960 -61.34 -20.65 -73.62
N SER K 961 -62.66 -20.49 -73.44
CA SER K 961 -63.47 -19.87 -74.49
C SER K 961 -63.06 -18.42 -74.68
N ALA K 962 -62.79 -17.70 -73.59
CA ALA K 962 -62.31 -16.33 -73.70
C ALA K 962 -60.97 -16.29 -74.42
N ILE K 963 -60.08 -17.22 -74.12
CA ILE K 963 -58.78 -17.26 -74.79
C ILE K 963 -58.96 -17.56 -76.27
N GLU K 964 -59.86 -18.49 -76.61
CA GLU K 964 -60.13 -18.81 -78.01
C GLU K 964 -60.67 -17.60 -78.75
N GLN K 965 -61.60 -16.87 -78.13
CA GLN K 965 -62.12 -15.66 -78.74
C GLN K 965 -61.02 -14.62 -78.92
N LYS K 966 -60.15 -14.48 -77.93
CA LYS K 966 -59.05 -13.52 -78.04
C LYS K 966 -58.11 -13.91 -79.18
N VAL K 967 -57.85 -15.21 -79.34
CA VAL K 967 -56.99 -15.67 -80.44
C VAL K 967 -57.63 -15.36 -81.78
N VAL K 968 -58.93 -15.65 -81.91
CA VAL K 968 -59.59 -15.45 -83.20
C VAL K 968 -59.71 -13.97 -83.54
N ASN K 969 -59.97 -13.13 -82.55
CA ASN K 969 -60.23 -11.71 -82.76
C ASN K 969 -59.01 -10.82 -82.52
N GLY K 970 -57.84 -11.39 -82.23
CA GLY K 970 -56.66 -10.60 -82.00
C GLY K 970 -56.73 -9.79 -80.72
N LYS K 979 -63.84 -0.79 -69.97
CA LYS K 979 -64.08 0.61 -69.65
C LYS K 979 -63.06 1.11 -68.63
N VAL K 980 -62.71 2.39 -68.73
CA VAL K 980 -61.71 3.01 -67.87
C VAL K 980 -62.41 3.74 -66.75
N MET K 981 -62.13 3.34 -65.51
CA MET K 981 -62.76 3.95 -64.36
C MET K 981 -62.08 5.28 -64.02
N VAL K 982 -62.79 6.12 -63.29
CA VAL K 982 -62.29 7.43 -62.87
C VAL K 982 -61.63 7.28 -61.51
N GLU K 983 -60.40 7.76 -61.41
CA GLU K 983 -59.58 7.58 -60.22
C GLU K 983 -59.88 8.69 -59.21
N PRO K 984 -60.67 8.43 -58.16
CA PRO K 984 -61.15 9.54 -57.32
C PRO K 984 -60.01 10.26 -56.61
N ARG K 985 -60.18 11.58 -56.45
CA ARG K 985 -59.23 12.41 -55.72
C ARG K 985 -60.00 13.46 -54.93
N ALA K 986 -59.32 14.04 -53.95
CA ALA K 986 -59.99 14.86 -52.94
C ALA K 986 -60.69 16.06 -53.57
N ASN K 987 -61.92 16.27 -53.16
CA ASN K 987 -62.74 17.41 -53.56
C ASN K 987 -62.86 18.39 -52.40
N MET K 988 -61.74 18.62 -51.72
CA MET K 988 -61.73 19.36 -50.47
C MET K 988 -62.30 20.76 -50.63
N LYS K 989 -63.43 21.02 -49.98
CA LYS K 989 -64.02 22.35 -49.91
C LYS K 989 -64.09 22.78 -48.46
N PHE K 990 -64.45 24.04 -48.22
CA PHE K 990 -64.70 24.52 -46.87
C PHE K 990 -66.16 24.43 -46.45
N ASP K 991 -67.09 24.40 -47.39
CA ASP K 991 -68.50 24.21 -47.11
C ASP K 991 -68.99 25.27 -46.12
N PHE K 992 -68.96 26.52 -46.58
CA PHE K 992 -69.65 27.61 -45.89
C PHE K 992 -71.09 27.18 -45.67
N PRO K 993 -71.80 27.75 -44.69
CA PRO K 993 -73.19 27.33 -44.46
C PRO K 993 -74.02 27.50 -45.72
N THR K 994 -74.82 26.48 -46.02
CA THR K 994 -75.63 26.47 -47.23
C THR K 994 -76.68 27.57 -47.14
N LEU K 995 -76.52 28.60 -47.95
CA LEU K 995 -77.47 29.71 -47.95
C LEU K 995 -78.68 29.32 -48.78
N LYS K 996 -79.82 29.17 -48.11
CA LYS K 996 -81.04 28.71 -48.75
C LYS K 996 -81.80 29.90 -49.34
N SER K 997 -82.83 29.60 -50.12
CA SER K 997 -83.60 30.65 -50.78
C SER K 997 -84.32 31.51 -49.74
N TYR K 998 -84.55 32.77 -50.10
CA TYR K 998 -85.19 33.70 -49.17
C TYR K 998 -86.59 33.26 -48.81
N ASP K 999 -87.34 32.75 -49.80
CA ASP K 999 -88.69 32.27 -49.52
C ASP K 999 -88.65 31.15 -48.48
N GLU K 1000 -87.72 30.22 -48.63
CA GLU K 1000 -87.63 29.10 -47.70
C GLU K 1000 -87.16 29.55 -46.33
N ILE K 1001 -86.27 30.54 -46.26
CA ILE K 1001 -85.80 31.04 -44.99
C ILE K 1001 -86.92 31.80 -44.26
N LYS K 1002 -87.69 32.59 -45.00
CA LYS K 1002 -88.84 33.27 -44.41
C LYS K 1002 -89.93 32.28 -44.03
N GLN K 1003 -89.98 31.14 -44.68
CA GLN K 1003 -90.85 30.06 -44.21
C GLN K 1003 -90.32 29.46 -42.91
N ILE K 1004 -89.00 29.36 -42.79
CA ILE K 1004 -88.41 28.82 -41.56
C ILE K 1004 -88.76 29.70 -40.37
N ALA K 1005 -88.52 31.00 -40.50
CA ALA K 1005 -88.66 31.94 -39.38
C ALA K 1005 -89.84 32.87 -39.60
N PRO K 1006 -90.49 33.36 -38.52
CA PRO K 1006 -91.68 34.18 -38.71
C PRO K 1006 -91.34 35.57 -39.23
N GLU K 1007 -92.34 36.44 -39.32
CA GLU K 1007 -92.15 37.78 -39.91
C GLU K 1007 -91.33 38.62 -38.94
N LEU K 1008 -90.02 38.40 -38.99
CA LEU K 1008 -89.05 39.05 -38.11
C LEU K 1008 -88.31 40.20 -38.78
N GLU K 1009 -88.78 40.64 -39.95
CA GLU K 1009 -88.06 41.63 -40.73
C GLU K 1009 -87.99 42.97 -40.00
N GLY K 1010 -86.80 43.56 -40.01
CA GLY K 1010 -86.60 44.90 -39.48
C GLY K 1010 -86.95 45.03 -38.02
N MET K 1011 -86.52 44.07 -37.21
CA MET K 1011 -86.81 44.05 -35.78
C MET K 1011 -85.56 44.05 -34.93
N LEU K 1012 -84.52 43.33 -35.34
CA LEU K 1012 -83.30 43.19 -34.56
C LEU K 1012 -82.26 44.20 -35.03
N ASP K 1013 -81.56 44.82 -34.08
CA ASP K 1013 -80.42 45.66 -34.40
C ASP K 1013 -79.26 44.75 -34.78
N LEU K 1014 -79.03 44.61 -36.08
CA LEU K 1014 -78.00 43.69 -36.56
C LEU K 1014 -76.62 44.14 -36.11
N GLU K 1015 -76.44 45.43 -35.86
CA GLU K 1015 -75.23 45.92 -35.23
C GLU K 1015 -75.07 45.38 -33.81
N ASN K 1016 -76.18 45.04 -33.15
CA ASN K 1016 -76.18 44.46 -31.81
C ASN K 1016 -76.41 42.96 -31.82
N VAL K 1017 -76.50 42.34 -32.99
CA VAL K 1017 -76.55 40.89 -33.12
C VAL K 1017 -75.16 40.41 -33.54
N VAL K 1018 -74.59 39.48 -32.77
CA VAL K 1018 -73.25 38.98 -33.00
C VAL K 1018 -73.35 37.57 -33.58
N VAL K 1019 -72.52 37.29 -34.58
CA VAL K 1019 -72.58 36.04 -35.33
C VAL K 1019 -71.18 35.48 -35.46
N VAL K 1020 -71.06 34.15 -35.38
CA VAL K 1020 -69.81 33.47 -35.67
C VAL K 1020 -69.65 33.44 -37.18
N THR K 1021 -68.63 34.15 -37.69
CA THR K 1021 -68.37 34.20 -39.11
C THR K 1021 -67.29 33.23 -39.54
N GLY K 1022 -66.35 32.91 -38.66
CA GLY K 1022 -65.34 31.91 -38.96
C GLY K 1022 -65.00 31.11 -37.73
N PHE K 1023 -64.39 29.94 -37.94
CA PHE K 1023 -63.88 29.15 -36.83
C PHE K 1023 -62.86 28.15 -37.36
N ALA K 1024 -62.05 27.63 -36.43
CA ALA K 1024 -61.03 26.64 -36.79
C ALA K 1024 -60.56 25.95 -35.52
N GLU K 1025 -59.75 24.91 -35.71
CA GLU K 1025 -59.17 24.17 -34.61
C GLU K 1025 -57.74 23.76 -34.95
N VAL K 1026 -56.97 23.50 -33.90
CA VAL K 1026 -55.76 22.71 -33.98
C VAL K 1026 -55.84 21.76 -32.80
N GLY K 1027 -56.11 20.48 -33.07
CA GLY K 1027 -56.38 19.53 -32.01
C GLY K 1027 -55.86 18.13 -32.32
N PRO K 1028 -56.18 17.18 -31.44
CA PRO K 1028 -55.69 15.80 -31.64
C PRO K 1028 -56.16 15.14 -32.92
N TRP K 1029 -57.23 15.64 -33.53
CA TRP K 1029 -57.73 15.16 -34.81
C TRP K 1029 -57.58 16.24 -35.86
N GLY K 1030 -56.44 16.91 -35.84
CA GLY K 1030 -56.19 18.01 -36.75
C GLY K 1030 -57.05 19.23 -36.45
N ASN K 1031 -57.74 19.69 -37.47
CA ASN K 1031 -58.51 20.92 -37.43
C ASN K 1031 -59.99 20.62 -37.32
N SER K 1032 -60.83 21.65 -37.49
CA SER K 1032 -62.27 21.50 -37.35
C SER K 1032 -62.82 20.46 -38.33
N ARG K 1033 -62.36 20.49 -39.58
CA ARG K 1033 -62.92 19.59 -40.59
C ARG K 1033 -62.66 18.13 -40.25
N THR K 1034 -61.40 17.77 -40.00
CA THR K 1034 -61.07 16.38 -39.73
C THR K 1034 -61.62 15.95 -38.38
N ARG K 1035 -61.59 16.84 -37.39
CA ARG K 1035 -62.16 16.52 -36.08
C ARG K 1035 -63.65 16.27 -36.20
N TRP K 1036 -64.36 17.08 -37.00
CA TRP K 1036 -65.79 16.87 -37.18
C TRP K 1036 -66.08 15.58 -37.92
N GLU K 1037 -65.25 15.25 -38.91
CA GLU K 1037 -65.44 13.97 -39.60
C GLU K 1037 -65.30 12.82 -38.62
N MET K 1038 -64.24 12.82 -37.81
CA MET K 1038 -64.03 11.74 -36.85
C MET K 1038 -65.11 11.73 -35.78
N GLU K 1039 -65.69 12.88 -35.45
CA GLU K 1039 -66.74 12.93 -34.44
C GLU K 1039 -68.06 12.40 -35.00
N ALA K 1040 -68.55 13.01 -36.07
CA ALA K 1040 -69.86 12.67 -36.59
C ALA K 1040 -69.91 11.33 -37.28
N TYR K 1041 -68.77 10.79 -37.74
CA TYR K 1041 -68.79 9.58 -38.55
C TYR K 1041 -67.87 8.49 -37.99
N GLY K 1042 -66.84 8.90 -37.24
CA GLY K 1042 -65.91 7.94 -36.69
C GLY K 1042 -64.86 7.44 -37.66
N GLU K 1043 -64.96 7.82 -38.94
CA GLU K 1043 -63.99 7.45 -39.94
C GLU K 1043 -63.72 8.65 -40.83
N PHE K 1044 -62.53 8.70 -41.41
CA PHE K 1044 -62.16 9.79 -42.30
C PHE K 1044 -62.62 9.46 -43.72
N SER K 1045 -63.18 10.46 -44.40
CA SER K 1045 -63.49 10.32 -45.81
C SER K 1045 -62.20 10.45 -46.62
N LEU K 1046 -62.33 10.53 -47.95
CA LEU K 1046 -61.15 10.74 -48.78
C LEU K 1046 -60.50 12.09 -48.46
N GLU K 1047 -61.33 13.13 -48.40
CA GLU K 1047 -60.80 14.46 -48.07
C GLU K 1047 -60.22 14.47 -46.66
N GLY K 1048 -60.90 13.83 -45.72
CA GLY K 1048 -60.39 13.79 -44.36
C GLY K 1048 -59.06 13.08 -44.26
N ALA K 1049 -58.93 11.93 -44.92
CA ALA K 1049 -57.68 11.19 -44.89
C ALA K 1049 -56.55 11.99 -45.53
N ILE K 1050 -56.82 12.63 -46.67
CA ILE K 1050 -55.77 13.39 -47.34
C ILE K 1050 -55.36 14.59 -46.50
N GLU K 1051 -56.33 15.27 -45.88
CA GLU K 1051 -55.99 16.41 -45.04
C GLU K 1051 -55.21 15.97 -43.80
N MET K 1052 -55.58 14.83 -43.21
CA MET K 1052 -54.83 14.33 -42.07
C MET K 1052 -53.39 13.99 -42.48
N ALA K 1053 -53.22 13.35 -43.62
CA ALA K 1053 -51.88 13.02 -44.10
C ALA K 1053 -51.08 14.29 -44.37
N TRP K 1054 -51.73 15.32 -44.91
CA TRP K 1054 -51.03 16.57 -45.19
C TRP K 1054 -50.59 17.27 -43.90
N ILE K 1055 -51.49 17.39 -42.93
CA ILE K 1055 -51.11 18.05 -41.68
C ILE K 1055 -50.05 17.23 -40.95
N MET K 1056 -50.13 15.91 -41.01
CA MET K 1056 -49.17 15.03 -40.36
C MET K 1056 -47.89 14.86 -41.15
N GLY K 1057 -47.80 15.44 -42.35
CA GLY K 1057 -46.57 15.36 -43.10
C GLY K 1057 -46.31 14.02 -43.73
N PHE K 1058 -47.29 13.12 -43.78
CA PHE K 1058 -47.12 11.89 -44.52
C PHE K 1058 -46.94 12.16 -45.99
N ILE K 1059 -47.70 13.12 -46.52
CA ILE K 1059 -47.68 13.48 -47.93
C ILE K 1059 -47.35 14.96 -48.07
N LYS K 1060 -46.73 15.29 -49.19
CA LYS K 1060 -46.48 16.67 -49.58
C LYS K 1060 -46.81 16.81 -51.06
N TYR K 1061 -47.31 17.98 -51.45
CA TYR K 1061 -47.65 18.19 -52.84
C TYR K 1061 -46.37 18.43 -53.64
N HIS K 1062 -46.24 17.72 -54.75
CA HIS K 1062 -45.11 17.88 -55.66
C HIS K 1062 -45.59 18.42 -56.99
N ASN K 1063 -44.87 19.41 -57.51
CA ASN K 1063 -45.10 19.95 -58.84
C ASN K 1063 -43.77 20.02 -59.57
N GLY K 1064 -43.79 19.62 -60.85
CA GLY K 1064 -42.61 19.64 -61.69
C GLY K 1064 -42.20 18.24 -62.10
N ASN K 1065 -40.89 18.02 -62.18
CA ASN K 1065 -40.33 16.76 -62.66
C ASN K 1065 -40.07 15.83 -61.49
N LEU K 1066 -40.54 14.59 -61.60
CA LEU K 1066 -40.34 13.57 -60.58
C LEU K 1066 -39.86 12.30 -61.30
N GLN K 1067 -38.57 12.02 -61.21
CA GLN K 1067 -37.96 10.92 -61.96
C GLN K 1067 -38.14 11.14 -63.47
N GLY K 1068 -37.98 12.38 -63.91
CA GLY K 1068 -38.14 12.73 -65.32
C GLY K 1068 -39.57 12.93 -65.77
N LYS K 1069 -40.43 11.97 -65.46
CA LYS K 1069 -41.84 12.09 -65.82
C LYS K 1069 -42.45 13.30 -65.08
N PRO K 1070 -43.21 14.16 -65.75
CA PRO K 1070 -43.81 15.30 -65.05
C PRO K 1070 -44.98 14.84 -64.17
N TYR K 1071 -44.89 15.15 -62.88
CA TYR K 1071 -45.92 14.79 -61.91
C TYR K 1071 -46.40 16.03 -61.19
N SER K 1072 -47.72 16.09 -60.97
CA SER K 1072 -48.36 17.18 -60.22
C SER K 1072 -49.40 16.56 -59.30
N GLY K 1073 -49.00 16.27 -58.07
CA GLY K 1073 -49.90 15.67 -57.12
C GLY K 1073 -49.19 15.35 -55.82
N TRP K 1074 -49.89 14.64 -54.95
CA TRP K 1074 -49.32 14.24 -53.68
C TRP K 1074 -48.21 13.21 -53.88
N VAL K 1075 -47.15 13.34 -53.09
CA VAL K 1075 -46.06 12.39 -53.04
C VAL K 1075 -45.79 12.07 -51.57
N ASP K 1076 -45.14 10.94 -51.33
CA ASP K 1076 -44.74 10.60 -49.98
C ASP K 1076 -43.75 11.64 -49.45
N ALA K 1077 -43.58 11.65 -48.13
CA ALA K 1077 -42.61 12.55 -47.49
C ALA K 1077 -41.25 11.89 -47.33
N LYS K 1078 -41.21 10.68 -46.78
CA LYS K 1078 -39.95 10.00 -46.53
C LYS K 1078 -39.34 9.40 -47.78
N THR K 1079 -40.14 9.10 -48.80
CA THR K 1079 -39.65 8.50 -50.04
C THR K 1079 -39.89 9.35 -51.28
N GLN K 1080 -40.72 10.38 -51.21
CA GLN K 1080 -40.96 11.31 -52.31
C GLN K 1080 -41.56 10.63 -53.53
N THR K 1081 -42.17 9.42 -53.36
CA THR K 1081 -42.77 8.72 -54.49
C THR K 1081 -44.22 9.16 -54.68
N PRO K 1082 -44.77 9.06 -55.89
CA PRO K 1082 -46.16 9.47 -56.10
C PRO K 1082 -47.11 8.63 -55.26
N ILE K 1083 -48.18 9.27 -54.78
CA ILE K 1083 -49.23 8.61 -54.01
C ILE K 1083 -50.56 8.97 -54.66
N ASP K 1084 -51.25 7.97 -55.18
CA ASP K 1084 -52.61 8.18 -55.66
C ASP K 1084 -53.56 8.40 -54.49
N GLU K 1085 -54.63 9.14 -54.75
CA GLU K 1085 -55.48 9.64 -53.67
C GLU K 1085 -56.18 8.49 -52.94
N LYS K 1086 -56.56 7.43 -53.64
CA LYS K 1086 -57.08 6.24 -52.96
C LYS K 1086 -55.99 5.58 -52.12
N ASP K 1087 -54.78 5.50 -52.65
CA ASP K 1087 -53.70 4.92 -51.87
C ASP K 1087 -53.38 5.76 -50.64
N ILE K 1088 -53.73 7.05 -50.64
CA ILE K 1088 -53.54 7.87 -49.44
C ILE K 1088 -54.21 7.20 -48.26
N LYS K 1089 -55.52 6.98 -48.37
CA LYS K 1089 -56.24 6.25 -47.33
C LYS K 1089 -55.64 4.87 -47.13
N SER K 1090 -55.47 4.12 -48.23
CA SER K 1090 -55.07 2.72 -48.14
C SER K 1090 -53.75 2.51 -47.41
N LYS K 1091 -52.86 3.51 -47.39
CA LYS K 1091 -51.53 3.36 -46.81
C LYS K 1091 -51.29 4.24 -45.59
N TYR K 1092 -52.14 5.23 -45.32
CA TYR K 1092 -51.95 6.10 -44.16
C TYR K 1092 -53.08 6.07 -43.16
N GLU K 1093 -54.16 5.31 -43.41
CA GLU K 1093 -55.27 5.29 -42.46
C GLU K 1093 -54.80 4.77 -41.10
N GLU K 1094 -54.10 3.63 -41.09
CA GLU K 1094 -53.67 3.03 -39.84
C GLU K 1094 -52.79 3.98 -39.04
N GLU K 1095 -51.81 4.60 -39.70
CA GLU K 1095 -50.90 5.49 -38.98
C GLU K 1095 -51.55 6.79 -38.55
N ILE K 1096 -52.46 7.34 -39.38
CA ILE K 1096 -53.19 8.53 -38.97
C ILE K 1096 -53.98 8.26 -37.70
N LEU K 1097 -54.73 7.15 -37.68
CA LEU K 1097 -55.50 6.84 -36.48
C LEU K 1097 -54.59 6.50 -35.30
N GLU K 1098 -53.46 5.83 -35.55
CA GLU K 1098 -52.57 5.45 -34.46
C GLU K 1098 -51.95 6.68 -33.80
N HIS K 1099 -51.56 7.68 -34.60
CA HIS K 1099 -50.88 8.87 -34.11
C HIS K 1099 -51.78 10.10 -34.15
N SER K 1100 -53.10 9.92 -34.05
CA SER K 1100 -54.01 11.03 -33.84
C SER K 1100 -54.92 10.71 -32.67
N GLY K 1101 -55.53 11.75 -32.11
CA GLY K 1101 -56.48 11.56 -31.03
C GLY K 1101 -55.81 11.28 -29.71
N ILE K 1102 -56.58 10.68 -28.79
CA ILE K 1102 -56.08 10.31 -27.48
C ILE K 1102 -55.24 9.06 -27.62
N ARG K 1103 -53.99 9.13 -27.17
CA ARG K 1103 -53.04 8.05 -27.36
C ARG K 1103 -51.93 8.19 -26.33
N LEU K 1104 -51.04 7.21 -26.29
CA LEU K 1104 -49.90 7.26 -25.37
C LEU K 1104 -49.07 8.50 -25.64
N ILE K 1105 -48.63 9.15 -24.55
CA ILE K 1105 -47.84 10.36 -24.66
C ILE K 1105 -46.55 10.04 -25.41
N GLU K 1106 -46.32 10.74 -26.52
CA GLU K 1106 -45.13 10.51 -27.33
C GLU K 1106 -44.03 11.48 -26.89
N PRO K 1107 -42.89 11.01 -26.38
CA PRO K 1107 -41.86 11.95 -25.91
C PRO K 1107 -41.29 12.84 -27.01
N GLU K 1108 -41.43 12.45 -28.27
CA GLU K 1108 -40.90 13.26 -29.36
C GLU K 1108 -41.68 14.55 -29.54
N LEU K 1109 -42.93 14.61 -29.06
CA LEU K 1109 -43.76 15.80 -29.18
C LEU K 1109 -43.66 16.74 -27.99
N PHE K 1110 -42.90 16.37 -26.95
CA PHE K 1110 -42.81 17.15 -25.72
C PHE K 1110 -41.38 17.21 -25.22
N ASN K 1111 -40.43 17.38 -26.14
CA ASN K 1111 -39.02 17.52 -25.79
C ASN K 1111 -38.51 16.32 -25.00
N GLY K 1112 -38.86 15.11 -25.46
CA GLY K 1112 -38.37 13.91 -24.84
C GLY K 1112 -39.01 13.56 -23.52
N TYR K 1113 -40.19 14.11 -23.23
CA TYR K 1113 -40.85 13.84 -21.96
C TYR K 1113 -41.45 12.43 -21.99
N ASP K 1114 -40.86 11.53 -21.21
CA ASP K 1114 -41.38 10.18 -21.03
C ASP K 1114 -42.06 10.09 -19.68
N PRO K 1115 -43.40 9.96 -19.60
CA PRO K 1115 -44.02 9.80 -18.29
C PRO K 1115 -43.52 8.57 -17.54
N LYS K 1116 -43.17 7.51 -18.25
CA LYS K 1116 -42.62 6.32 -17.61
C LYS K 1116 -41.27 6.60 -16.96
N LYS K 1117 -40.55 7.62 -17.43
CA LYS K 1117 -39.21 7.97 -16.94
C LYS K 1117 -39.18 9.42 -16.50
N LYS K 1118 -40.15 9.81 -15.68
CA LYS K 1118 -40.27 11.18 -15.20
C LYS K 1118 -39.03 11.60 -14.41
N GLN K 1119 -38.26 12.54 -14.96
CA GLN K 1119 -36.93 12.86 -14.41
C GLN K 1119 -37.05 13.91 -13.31
N MET K 1120 -36.32 13.66 -12.22
CA MET K 1120 -36.28 14.54 -11.06
C MET K 1120 -34.89 14.46 -10.45
N ILE K 1121 -34.64 15.28 -9.44
CA ILE K 1121 -33.33 15.37 -8.79
C ILE K 1121 -33.54 15.37 -7.29
N GLN K 1122 -32.68 14.65 -6.56
CA GLN K 1122 -32.72 14.58 -5.11
C GLN K 1122 -31.47 15.21 -4.53
N GLU K 1123 -31.65 16.00 -3.46
CA GLU K 1123 -30.54 16.64 -2.76
C GLU K 1123 -29.82 15.59 -1.91
N ILE K 1124 -28.50 15.50 -2.07
CA ILE K 1124 -27.67 14.59 -1.29
C ILE K 1124 -26.47 15.38 -0.78
N VAL K 1125 -26.14 15.19 0.49
CA VAL K 1125 -24.93 15.74 1.08
C VAL K 1125 -23.78 14.78 0.80
N VAL K 1126 -22.71 15.29 0.19
CA VAL K 1126 -21.56 14.46 -0.13
C VAL K 1126 -20.95 13.93 1.16
N GLN K 1127 -20.88 12.60 1.28
CA GLN K 1127 -20.24 11.97 2.43
C GLN K 1127 -18.74 11.83 2.26
N HIS K 1128 -18.29 11.50 1.05
CA HIS K 1128 -16.88 11.44 0.70
C HIS K 1128 -16.65 12.34 -0.51
N ASP K 1129 -15.67 13.23 -0.41
CA ASP K 1129 -15.49 14.27 -1.41
C ASP K 1129 -15.17 13.67 -2.77
N LEU K 1130 -15.61 14.34 -3.83
CA LEU K 1130 -15.46 13.80 -5.17
C LEU K 1130 -14.10 14.19 -5.74
N GLU K 1131 -13.72 13.53 -6.83
CA GLU K 1131 -12.45 13.86 -7.47
C GLU K 1131 -12.60 15.14 -8.29
N PRO K 1132 -11.52 15.93 -8.45
CA PRO K 1132 -11.65 17.19 -9.16
C PRO K 1132 -12.15 17.04 -10.59
N PHE K 1133 -12.90 18.05 -11.05
CA PHE K 1133 -13.27 18.19 -12.45
C PHE K 1133 -12.93 19.59 -12.92
N GLU K 1134 -12.65 19.72 -14.21
CA GLU K 1134 -12.18 20.97 -14.80
C GLU K 1134 -13.33 21.74 -15.42
N CYS K 1135 -13.38 23.04 -15.14
CA CYS K 1135 -14.30 23.95 -15.81
C CYS K 1135 -13.67 25.33 -15.86
N SER K 1136 -14.37 26.27 -16.49
CA SER K 1136 -13.82 27.58 -16.79
C SER K 1136 -13.72 28.43 -15.52
N LYS K 1137 -13.15 29.63 -15.70
CA LYS K 1137 -12.96 30.57 -14.60
C LYS K 1137 -14.29 30.93 -13.95
N GLU K 1138 -15.26 31.36 -14.76
CA GLU K 1138 -16.54 31.79 -14.20
C GLU K 1138 -17.28 30.61 -13.57
N THR K 1139 -17.21 29.43 -14.19
CA THR K 1139 -17.89 28.27 -13.63
C THR K 1139 -17.31 27.89 -12.27
N ALA K 1140 -15.98 27.86 -12.16
CA ALA K 1140 -15.36 27.55 -10.87
C ALA K 1140 -15.68 28.60 -9.83
N GLU K 1141 -15.67 29.88 -10.23
CA GLU K 1141 -16.02 30.94 -9.30
C GLU K 1141 -17.46 30.78 -8.81
N GLN K 1142 -18.37 30.40 -9.71
CA GLN K 1142 -19.76 30.19 -9.32
C GLN K 1142 -19.88 29.03 -8.34
N TYR K 1143 -19.12 27.96 -8.57
CA TYR K 1143 -19.14 26.83 -7.65
C TYR K 1143 -18.64 27.24 -6.28
N LYS K 1144 -17.55 28.01 -6.23
CA LYS K 1144 -17.05 28.49 -4.94
C LYS K 1144 -18.07 29.39 -4.26
N HIS K 1145 -18.73 30.26 -5.04
CA HIS K 1145 -19.74 31.13 -4.48
C HIS K 1145 -20.87 30.33 -3.85
N GLU K 1146 -21.33 29.28 -4.53
CA GLU K 1146 -22.45 28.50 -3.98
C GLU K 1146 -22.02 27.66 -2.78
N HIS K 1147 -20.92 26.92 -2.90
CA HIS K 1147 -20.58 25.91 -1.91
C HIS K 1147 -19.73 26.44 -0.76
N GLY K 1148 -19.24 27.68 -0.84
CA GLY K 1148 -18.49 28.23 0.27
C GLY K 1148 -17.24 27.42 0.54
N GLU K 1149 -17.12 26.94 1.78
CA GLU K 1149 -15.99 26.15 2.22
C GLU K 1149 -16.14 24.66 1.89
N LYS K 1150 -17.26 24.25 1.30
CA LYS K 1150 -17.48 22.87 0.91
C LYS K 1150 -17.01 22.56 -0.50
N CYS K 1151 -16.23 23.44 -1.11
CA CYS K 1151 -15.54 23.09 -2.35
C CYS K 1151 -14.28 23.94 -2.46
N GLU K 1152 -13.38 23.50 -3.32
CA GLU K 1152 -12.12 24.17 -3.55
C GLU K 1152 -11.92 24.36 -5.05
N ILE K 1153 -11.37 25.51 -5.43
CA ILE K 1153 -11.10 25.84 -6.82
C ILE K 1153 -9.63 26.18 -6.95
N PHE K 1154 -8.97 25.66 -7.99
CA PHE K 1154 -7.56 25.95 -8.21
C PHE K 1154 -7.27 26.15 -9.68
N GLU K 1155 -6.49 27.18 -9.98
CA GLU K 1155 -6.08 27.48 -11.34
C GLU K 1155 -4.99 26.51 -11.79
N ILE K 1156 -5.14 26.01 -13.02
CA ILE K 1156 -4.14 25.17 -13.64
C ILE K 1156 -3.20 26.10 -14.39
N GLU K 1157 -1.96 26.22 -13.91
CA GLU K 1157 -1.02 27.15 -14.51
C GLU K 1157 -0.73 26.80 -15.97
N GLU K 1158 -0.80 25.52 -16.33
CA GLU K 1158 -0.50 25.12 -17.70
C GLU K 1158 -1.58 25.61 -18.66
N SER K 1159 -2.86 25.44 -18.29
CA SER K 1159 -3.97 25.75 -19.18
C SER K 1159 -4.72 27.02 -18.81
N GLY K 1160 -4.67 27.43 -17.54
CA GLY K 1160 -5.38 28.60 -17.08
C GLY K 1160 -6.80 28.36 -16.63
N GLU K 1161 -7.36 27.18 -16.92
CA GLU K 1161 -8.69 26.84 -16.47
C GLU K 1161 -8.65 26.33 -15.03
N TYR K 1162 -9.80 26.31 -14.38
CA TYR K 1162 -9.88 25.95 -12.97
C TYR K 1162 -10.35 24.51 -12.80
N THR K 1163 -9.90 23.91 -11.70
CA THR K 1163 -10.32 22.57 -11.28
C THR K 1163 -11.06 22.70 -9.96
N VAL K 1164 -12.20 22.00 -9.87
CA VAL K 1164 -13.14 22.13 -8.77
C VAL K 1164 -13.23 20.80 -8.03
N ARG K 1165 -12.93 20.83 -6.73
CA ARG K 1165 -12.97 19.68 -5.85
C ARG K 1165 -14.12 19.88 -4.87
N ILE K 1166 -15.12 19.01 -4.95
CA ILE K 1166 -16.33 19.14 -4.14
C ILE K 1166 -16.08 18.41 -2.82
N LEU K 1167 -15.82 19.18 -1.77
CA LEU K 1167 -15.40 18.63 -0.49
C LEU K 1167 -16.56 17.93 0.21
N LYS K 1168 -16.23 17.26 1.32
CA LYS K 1168 -17.24 16.55 2.12
C LYS K 1168 -18.21 17.55 2.73
N GLY K 1169 -19.48 17.15 2.80
CA GLY K 1169 -20.54 18.00 3.29
C GLY K 1169 -21.18 18.86 2.24
N ALA K 1170 -20.61 18.94 1.04
CA ALA K 1170 -21.24 19.65 -0.05
C ALA K 1170 -22.51 18.93 -0.49
N THR K 1171 -23.48 19.72 -0.93
CA THR K 1171 -24.74 19.21 -1.45
C THR K 1171 -24.67 19.15 -2.96
N LEU K 1172 -25.08 18.02 -3.54
CA LEU K 1172 -25.25 17.90 -4.98
C LEU K 1172 -26.60 17.25 -5.27
N TYR K 1173 -27.04 17.37 -6.52
CA TYR K 1173 -28.33 16.90 -6.97
C TYR K 1173 -28.13 15.75 -7.95
N VAL K 1174 -28.44 14.53 -7.54
CA VAL K 1174 -28.36 13.37 -8.42
C VAL K 1174 -29.71 13.18 -9.10
N PRO K 1175 -29.77 13.08 -10.43
CA PRO K 1175 -31.04 12.78 -11.09
C PRO K 1175 -31.64 11.46 -10.62
N LYS K 1176 -32.96 11.43 -10.52
CA LYS K 1176 -33.72 10.21 -10.28
C LYS K 1176 -34.97 10.25 -11.11
N ALA K 1177 -35.57 9.08 -11.35
CA ALA K 1177 -36.71 8.93 -12.22
C ALA K 1177 -37.80 8.13 -11.53
N LEU K 1178 -39.05 8.49 -11.82
CA LEU K 1178 -40.20 7.77 -11.30
C LEU K 1178 -41.18 7.49 -12.44
N ARG K 1179 -41.89 6.38 -12.31
CA ARG K 1179 -42.94 6.01 -13.25
C ARG K 1179 -44.18 6.84 -12.95
N PHE K 1180 -44.62 7.64 -13.91
CA PHE K 1180 -45.76 8.53 -13.71
C PHE K 1180 -47.05 7.84 -14.15
N ASP K 1181 -48.11 8.03 -13.35
CA ASP K 1181 -49.34 7.27 -13.51
C ASP K 1181 -50.05 7.58 -14.83
N ARG K 1182 -49.88 8.77 -15.38
CA ARG K 1182 -50.59 9.18 -16.60
C ARG K 1182 -49.66 9.02 -17.80
N LEU K 1183 -50.05 8.14 -18.73
CA LEU K 1183 -49.26 7.83 -19.92
C LEU K 1183 -49.94 8.26 -21.21
N VAL K 1184 -51.17 8.76 -21.15
CA VAL K 1184 -52.02 8.97 -22.31
C VAL K 1184 -52.51 10.41 -22.32
N ALA K 1185 -52.43 11.05 -23.49
CA ALA K 1185 -52.83 12.43 -23.64
C ALA K 1185 -53.49 12.63 -25.01
N GLY K 1186 -54.35 13.64 -25.07
CA GLY K 1186 -54.94 14.07 -26.32
C GLY K 1186 -54.00 14.99 -27.08
N GLN K 1187 -53.01 14.40 -27.75
CA GLN K 1187 -51.95 15.17 -28.39
C GLN K 1187 -52.28 15.48 -29.84
N ILE K 1188 -51.76 16.60 -30.32
CA ILE K 1188 -51.88 16.99 -31.73
C ILE K 1188 -51.26 15.87 -32.54
N PRO K 1189 -51.75 15.56 -33.75
CA PRO K 1189 -51.22 14.41 -34.48
C PRO K 1189 -49.73 14.50 -34.71
N THR K 1190 -49.04 13.37 -34.56
CA THR K 1190 -47.61 13.32 -34.80
C THR K 1190 -47.31 13.70 -36.24
N GLY K 1191 -46.28 14.53 -36.42
CA GLY K 1191 -45.97 15.10 -37.70
C GLY K 1191 -46.63 16.44 -37.97
N TRP K 1192 -47.54 16.87 -37.11
CA TRP K 1192 -48.07 18.22 -37.21
C TRP K 1192 -46.93 19.22 -37.06
N ASP K 1193 -46.75 20.05 -38.08
CA ASP K 1193 -45.71 21.06 -38.09
C ASP K 1193 -46.30 22.40 -38.51
N ALA K 1194 -45.78 23.47 -37.91
CA ALA K 1194 -46.19 24.81 -38.30
C ALA K 1194 -45.64 25.18 -39.67
N ARG K 1195 -44.52 24.57 -40.07
CA ARG K 1195 -44.01 24.77 -41.43
C ARG K 1195 -45.02 24.32 -42.47
N THR K 1196 -45.77 23.25 -42.19
CA THR K 1196 -46.76 22.75 -43.14
C THR K 1196 -47.80 23.81 -43.45
N TYR K 1197 -48.14 24.64 -42.48
CA TYR K 1197 -49.03 25.78 -42.69
C TYR K 1197 -48.28 27.03 -43.17
N GLY K 1198 -46.97 27.07 -42.99
CA GLY K 1198 -46.15 28.14 -43.53
C GLY K 1198 -45.62 29.14 -42.53
N ILE K 1199 -45.66 28.84 -41.24
CA ILE K 1199 -45.12 29.74 -40.22
C ILE K 1199 -43.60 29.68 -40.35
N PRO K 1200 -42.89 30.80 -40.60
CA PRO K 1200 -41.44 30.71 -40.75
C PRO K 1200 -40.72 30.06 -39.58
N GLU K 1201 -39.55 29.49 -39.87
CA GLU K 1201 -38.74 28.86 -38.84
C GLU K 1201 -38.27 29.87 -37.81
N ASP K 1202 -38.11 31.14 -38.19
CA ASP K 1202 -37.78 32.17 -37.21
C ASP K 1202 -38.87 32.28 -36.16
N THR K 1203 -40.13 32.35 -36.59
CA THR K 1203 -41.24 32.34 -35.65
C THR K 1203 -41.30 31.05 -34.87
N ILE K 1204 -41.08 29.89 -35.50
CA ILE K 1204 -41.15 28.63 -34.77
C ILE K 1204 -40.08 28.57 -33.68
N SER K 1205 -38.90 29.10 -33.96
CA SER K 1205 -37.81 29.05 -32.99
C SER K 1205 -38.03 30.05 -31.86
N GLN K 1206 -38.46 31.27 -32.18
CA GLN K 1206 -38.60 32.30 -31.16
C GLN K 1206 -39.84 32.07 -30.29
N VAL K 1207 -40.91 31.58 -30.89
CA VAL K 1207 -42.23 31.56 -30.29
C VAL K 1207 -42.60 30.12 -29.95
N ASP K 1208 -43.45 29.96 -28.95
CA ASP K 1208 -43.68 28.66 -28.33
C ASP K 1208 -44.86 27.91 -28.97
N PRO K 1209 -44.89 26.57 -28.83
CA PRO K 1209 -45.83 25.78 -29.65
C PRO K 1209 -47.29 26.10 -29.42
N ILE K 1210 -47.69 26.48 -28.21
CA ILE K 1210 -49.07 26.90 -28.01
C ILE K 1210 -49.40 28.06 -28.96
N THR K 1211 -48.50 29.03 -29.06
CA THR K 1211 -48.71 30.16 -29.94
C THR K 1211 -48.68 29.74 -31.40
N LEU K 1212 -47.86 28.76 -31.77
CA LEU K 1212 -47.94 28.25 -33.13
C LEU K 1212 -49.32 27.67 -33.42
N TYR K 1213 -49.88 26.93 -32.45
CA TYR K 1213 -51.23 26.42 -32.60
C TYR K 1213 -52.22 27.56 -32.75
N VAL K 1214 -52.05 28.61 -31.95
CA VAL K 1214 -52.96 29.76 -32.02
C VAL K 1214 -52.88 30.41 -33.39
N LEU K 1215 -51.67 30.57 -33.93
CA LEU K 1215 -51.53 31.23 -35.23
C LEU K 1215 -52.17 30.41 -36.32
N VAL K 1216 -51.94 29.09 -36.32
CA VAL K 1216 -52.57 28.23 -37.32
C VAL K 1216 -54.09 28.31 -37.19
N ALA K 1217 -54.59 28.25 -35.96
CA ALA K 1217 -56.04 28.27 -35.74
C ALA K 1217 -56.64 29.60 -36.16
N THR K 1218 -55.94 30.71 -35.89
CA THR K 1218 -56.46 32.02 -36.26
C THR K 1218 -56.49 32.19 -37.76
N VAL K 1219 -55.43 31.76 -38.45
CA VAL K 1219 -55.43 31.82 -39.91
C VAL K 1219 -56.57 30.98 -40.47
N GLU K 1220 -56.71 29.75 -39.96
CA GLU K 1220 -57.77 28.88 -40.45
C GLU K 1220 -59.15 29.43 -40.14
N ALA K 1221 -59.32 30.11 -39.01
CA ALA K 1221 -60.62 30.70 -38.67
C ALA K 1221 -60.94 31.88 -39.56
N LEU K 1222 -59.96 32.75 -39.82
CA LEU K 1222 -60.18 33.87 -40.71
C LEU K 1222 -60.53 33.40 -42.12
N LEU K 1223 -59.82 32.39 -42.61
CA LEU K 1223 -60.15 31.88 -43.93
C LEU K 1223 -61.38 30.98 -43.91
N SER K 1224 -61.82 30.52 -42.74
CA SER K 1224 -63.16 29.96 -42.62
C SER K 1224 -64.21 31.05 -42.79
N ALA K 1225 -63.94 32.23 -42.23
CA ALA K 1225 -64.75 33.42 -42.48
C ALA K 1225 -64.58 33.95 -43.89
N GLY K 1226 -63.66 33.37 -44.66
CA GLY K 1226 -63.46 33.80 -46.03
C GLY K 1226 -62.52 34.97 -46.16
N ILE K 1227 -61.80 35.28 -45.09
CA ILE K 1227 -60.91 36.44 -45.04
C ILE K 1227 -59.57 35.94 -45.57
N THR K 1228 -59.43 35.95 -46.90
CA THR K 1228 -58.17 35.57 -47.52
C THR K 1228 -57.03 36.44 -47.00
N ASP K 1229 -57.25 37.75 -46.96
CA ASP K 1229 -56.27 38.70 -46.46
C ASP K 1229 -56.78 39.27 -45.14
N PRO K 1230 -56.08 39.13 -44.02
CA PRO K 1230 -56.61 39.67 -42.76
C PRO K 1230 -56.80 41.18 -42.79
N TYR K 1231 -56.09 41.89 -43.66
CA TYR K 1231 -56.28 43.33 -43.80
C TYR K 1231 -57.57 43.67 -44.53
N GLU K 1232 -58.30 42.69 -45.05
CA GLU K 1232 -59.60 42.97 -45.66
C GLU K 1232 -60.63 43.42 -44.64
N PHE K 1233 -60.39 43.14 -43.35
CA PHE K 1233 -61.21 43.75 -42.30
C PHE K 1233 -61.19 45.26 -42.42
N TYR K 1234 -60.03 45.84 -42.73
CA TYR K 1234 -59.88 47.28 -42.68
C TYR K 1234 -60.47 47.97 -43.90
N LYS K 1235 -60.98 47.20 -44.87
CA LYS K 1235 -61.74 47.79 -45.96
C LYS K 1235 -63.16 48.15 -45.53
N TYR K 1236 -63.64 47.58 -44.43
CA TYR K 1236 -64.99 47.81 -43.92
C TYR K 1236 -65.00 48.32 -42.49
N VAL K 1237 -63.88 48.26 -41.78
CA VAL K 1237 -63.84 48.50 -40.35
C VAL K 1237 -62.56 49.29 -40.05
N HIS K 1238 -62.62 50.14 -39.03
CA HIS K 1238 -61.41 50.82 -38.60
C HIS K 1238 -60.49 49.86 -37.86
N VAL K 1239 -59.19 50.15 -37.92
CA VAL K 1239 -58.20 49.30 -37.25
C VAL K 1239 -58.48 49.21 -35.75
N SER K 1240 -59.22 50.17 -35.20
CA SER K 1240 -59.55 50.19 -33.78
C SER K 1240 -60.75 49.32 -33.42
N GLU K 1241 -61.36 48.62 -34.38
CA GLU K 1241 -62.54 47.80 -34.10
C GLU K 1241 -62.34 46.33 -34.50
N VAL K 1242 -61.11 45.87 -34.63
CA VAL K 1242 -60.83 44.45 -34.81
C VAL K 1242 -60.09 43.96 -33.58
N GLY K 1243 -60.82 43.32 -32.66
CA GLY K 1243 -60.26 42.88 -31.41
C GLY K 1243 -59.76 41.45 -31.44
N ASN K 1244 -59.19 41.03 -30.31
CA ASN K 1244 -58.75 39.65 -30.14
C ASN K 1244 -58.97 39.33 -28.66
N CYS K 1245 -60.12 38.72 -28.36
CA CYS K 1245 -60.52 38.46 -26.99
C CYS K 1245 -60.30 37.01 -26.57
N SER K 1246 -59.53 36.25 -27.36
CA SER K 1246 -59.17 34.89 -26.96
C SER K 1246 -58.14 34.90 -25.85
N GLY K 1247 -57.98 33.75 -25.19
CA GLY K 1247 -56.99 33.63 -24.14
C GLY K 1247 -56.91 32.21 -23.62
N SER K 1248 -55.78 31.91 -23.00
CA SER K 1248 -55.50 30.60 -22.43
C SER K 1248 -55.83 30.59 -20.93
N GLY K 1249 -55.85 29.40 -20.37
CA GLY K 1249 -55.98 29.24 -18.93
C GLY K 1249 -54.63 29.23 -18.24
N MET K 1250 -53.63 28.63 -18.88
CA MET K 1250 -52.28 28.56 -18.35
C MET K 1250 -51.24 28.73 -19.47
N GLY K 1251 -51.62 29.44 -20.54
CA GLY K 1251 -50.84 29.39 -21.77
C GLY K 1251 -49.40 29.85 -21.56
N GLY K 1252 -48.53 29.38 -22.45
CA GLY K 1252 -47.10 29.63 -22.33
C GLY K 1252 -46.38 28.65 -21.44
N VAL K 1253 -46.87 27.42 -21.32
CA VAL K 1253 -46.31 26.48 -20.34
C VAL K 1253 -44.90 26.07 -20.73
N SER K 1254 -44.61 25.96 -22.03
CA SER K 1254 -43.26 25.61 -22.46
C SER K 1254 -42.28 26.68 -22.05
N ALA K 1255 -42.65 27.95 -22.23
CA ALA K 1255 -41.80 29.05 -21.80
C ALA K 1255 -41.68 29.10 -20.28
N LEU K 1256 -42.76 28.80 -19.56
CA LEU K 1256 -42.69 28.73 -18.11
C LEU K 1256 -41.70 27.66 -17.66
N ARG K 1257 -41.78 26.49 -18.28
CA ARG K 1257 -40.82 25.43 -17.98
C ARG K 1257 -39.41 25.88 -18.30
N GLY K 1258 -39.22 26.53 -19.45
CA GLY K 1258 -37.92 27.08 -19.76
C GLY K 1258 -37.37 27.92 -18.63
N MET K 1259 -38.07 29.02 -18.31
CA MET K 1259 -37.58 29.96 -17.30
C MET K 1259 -37.40 29.31 -15.94
N PHE K 1260 -38.30 28.40 -15.54
CA PHE K 1260 -38.28 27.90 -14.17
C PHE K 1260 -37.37 26.70 -13.97
N LYS K 1261 -37.13 25.89 -15.01
CA LYS K 1261 -36.33 24.67 -14.87
C LYS K 1261 -35.10 24.68 -15.77
N ASP K 1262 -35.24 25.05 -17.04
CA ASP K 1262 -34.07 25.03 -17.92
C ASP K 1262 -33.10 26.12 -17.52
N ARG K 1263 -33.67 27.27 -17.14
CA ARG K 1263 -32.87 28.34 -16.61
C ARG K 1263 -32.22 27.85 -15.36
N TYR K 1264 -32.92 27.17 -14.44
CA TYR K 1264 -32.24 26.65 -13.21
C TYR K 1264 -31.13 25.64 -13.52
N ALA K 1265 -31.29 24.85 -14.56
CA ALA K 1265 -30.29 23.91 -15.04
C ALA K 1265 -29.23 24.56 -15.91
N ASP K 1266 -29.33 25.87 -16.17
CA ASP K 1266 -28.37 26.59 -16.98
C ASP K 1266 -28.33 26.09 -18.42
N LYS K 1267 -29.44 25.57 -18.90
CA LYS K 1267 -29.52 25.13 -20.29
C LYS K 1267 -29.71 26.34 -21.20
N PRO K 1268 -29.39 26.21 -22.49
CA PRO K 1268 -29.65 27.33 -23.41
C PRO K 1268 -31.13 27.67 -23.46
N VAL K 1269 -31.47 28.87 -23.01
CA VAL K 1269 -32.83 29.38 -23.03
C VAL K 1269 -32.80 30.80 -23.58
N GLN K 1270 -33.77 31.13 -24.43
CA GLN K 1270 -33.82 32.46 -25.02
C GLN K 1270 -34.01 33.53 -23.94
N ASN K 1271 -33.40 34.69 -24.17
CA ASN K 1271 -33.42 35.75 -23.17
C ASN K 1271 -34.82 36.27 -22.92
N ASP K 1272 -35.72 36.13 -23.90
CA ASP K 1272 -37.08 36.65 -23.82
C ASP K 1272 -38.12 35.54 -23.67
N ILE K 1273 -37.78 34.50 -22.91
CA ILE K 1273 -38.71 33.39 -22.72
C ILE K 1273 -39.92 33.83 -21.88
N LEU K 1274 -39.73 34.80 -20.98
CA LEU K 1274 -40.84 35.26 -20.16
C LEU K 1274 -41.93 35.92 -20.99
N GLN K 1275 -41.54 36.70 -22.01
CA GLN K 1275 -42.54 37.31 -22.87
C GLN K 1275 -43.37 36.25 -23.58
N GLU K 1276 -42.77 35.11 -23.92
CA GLU K 1276 -43.49 34.01 -24.53
C GLU K 1276 -44.30 33.22 -23.52
N SER K 1277 -43.95 33.30 -22.24
CA SER K 1277 -44.70 32.61 -21.19
C SER K 1277 -46.06 33.26 -20.90
N PHE K 1278 -46.24 34.54 -21.21
CA PHE K 1278 -47.49 35.21 -20.88
C PHE K 1278 -48.66 34.58 -21.63
N ILE K 1279 -49.85 34.75 -21.06
CA ILE K 1279 -51.06 34.22 -21.68
C ILE K 1279 -51.57 35.15 -22.78
N ASN K 1280 -51.24 36.43 -22.71
CA ASN K 1280 -51.65 37.40 -23.73
C ASN K 1280 -50.65 37.51 -24.88
N THR K 1281 -49.48 36.88 -24.77
CA THR K 1281 -48.50 36.97 -25.84
C THR K 1281 -48.92 36.18 -27.07
N MET K 1282 -49.78 35.17 -26.92
CA MET K 1282 -50.33 34.50 -28.09
C MET K 1282 -51.14 35.47 -28.94
N SER K 1283 -52.08 36.19 -28.31
CA SER K 1283 -52.84 37.20 -29.04
C SER K 1283 -51.94 38.31 -29.55
N ALA K 1284 -50.91 38.66 -28.78
CA ALA K 1284 -49.96 39.66 -29.23
C ALA K 1284 -49.28 39.24 -30.53
N TRP K 1285 -48.83 38.00 -30.61
CA TRP K 1285 -48.17 37.50 -31.81
C TRP K 1285 -49.16 37.36 -32.96
N VAL K 1286 -50.40 36.98 -32.65
CA VAL K 1286 -51.43 36.93 -33.68
C VAL K 1286 -51.61 38.31 -34.30
N ASN K 1287 -51.68 39.34 -33.47
CA ASN K 1287 -51.82 40.71 -33.98
C ASN K 1287 -50.56 41.14 -34.73
N MET K 1288 -49.39 40.78 -34.22
CA MET K 1288 -48.14 41.24 -34.81
C MET K 1288 -47.88 40.57 -36.16
N LEU K 1289 -48.43 39.39 -36.36
CA LEU K 1289 -48.15 38.63 -37.58
C LEU K 1289 -49.26 38.72 -38.61
N LEU K 1290 -50.53 38.84 -38.19
CA LEU K 1290 -51.65 38.72 -39.10
C LEU K 1290 -52.51 39.98 -39.18
N LEU K 1291 -53.00 40.49 -38.05
CA LEU K 1291 -54.08 41.48 -38.11
C LEU K 1291 -53.56 42.90 -38.23
N SER K 1292 -52.60 43.29 -37.38
CA SER K 1292 -52.15 44.68 -37.30
C SER K 1292 -53.26 45.61 -36.81
N SER K 1293 -54.22 45.05 -36.09
CA SER K 1293 -55.33 45.84 -35.57
C SER K 1293 -54.88 46.63 -34.36
N SER K 1294 -55.61 47.71 -34.08
CA SER K 1294 -55.49 48.44 -32.82
C SER K 1294 -56.78 48.37 -32.03
N GLY K 1295 -57.55 47.29 -32.21
CA GLY K 1295 -58.81 47.15 -31.54
C GLY K 1295 -58.64 46.59 -30.14
N PRO K 1296 -59.77 46.42 -29.45
CA PRO K 1296 -59.72 45.95 -28.06
C PRO K 1296 -59.04 44.60 -27.96
N ILE K 1297 -58.23 44.44 -26.93
CA ILE K 1297 -57.41 43.25 -26.74
C ILE K 1297 -57.64 42.76 -25.31
N LYS K 1298 -58.35 41.65 -25.18
CA LYS K 1298 -58.67 41.04 -23.91
C LYS K 1298 -58.11 39.62 -23.91
N THR K 1299 -57.58 39.19 -22.78
CA THR K 1299 -56.99 37.86 -22.64
C THR K 1299 -57.59 37.21 -21.40
N PRO K 1300 -58.71 36.49 -21.55
CA PRO K 1300 -59.31 35.86 -20.38
C PRO K 1300 -58.48 34.69 -19.87
N VAL K 1301 -58.60 34.42 -18.57
CA VAL K 1301 -58.11 33.20 -17.95
C VAL K 1301 -59.30 32.55 -17.27
N GLY K 1302 -59.52 31.27 -17.55
CA GLY K 1302 -60.61 30.54 -16.95
C GLY K 1302 -60.32 29.08 -16.70
N ALA K 1303 -59.05 28.69 -16.80
CA ALA K 1303 -58.66 27.29 -16.72
C ALA K 1303 -59.44 26.55 -17.78
N CYS K 1304 -60.37 25.66 -17.44
CA CYS K 1304 -61.12 24.92 -18.45
C CYS K 1304 -62.09 25.82 -19.19
N ALA K 1305 -62.80 26.69 -18.47
CA ALA K 1305 -63.89 27.48 -19.03
C ALA K 1305 -63.40 28.89 -19.36
N THR K 1306 -62.44 28.96 -20.28
CA THR K 1306 -61.91 30.24 -20.74
C THR K 1306 -62.29 30.59 -22.17
N ALA K 1307 -62.55 29.60 -23.02
CA ALA K 1307 -62.96 29.92 -24.38
C ALA K 1307 -64.38 30.47 -24.41
N VAL K 1308 -65.28 29.92 -23.58
CA VAL K 1308 -66.62 30.49 -23.49
C VAL K 1308 -66.57 31.87 -22.87
N GLU K 1309 -65.66 32.07 -21.90
CA GLU K 1309 -65.48 33.39 -21.32
C GLU K 1309 -64.89 34.36 -22.34
N SER K 1310 -64.02 33.88 -23.21
CA SER K 1310 -63.52 34.68 -24.32
C SER K 1310 -64.65 35.08 -25.25
N VAL K 1311 -65.55 34.15 -25.55
CA VAL K 1311 -66.71 34.49 -26.36
C VAL K 1311 -67.56 35.54 -25.66
N ASP K 1312 -67.75 35.40 -24.34
CA ASP K 1312 -68.56 36.35 -23.60
C ASP K 1312 -67.94 37.75 -23.64
N ILE K 1313 -66.63 37.83 -23.43
CA ILE K 1313 -65.94 39.11 -23.49
C ILE K 1313 -65.99 39.67 -24.90
N GLY K 1314 -65.95 38.81 -25.92
CA GLY K 1314 -66.08 39.29 -27.29
C GLY K 1314 -67.45 39.86 -27.60
N ILE K 1315 -68.50 39.19 -27.12
CA ILE K 1315 -69.85 39.73 -27.26
C ILE K 1315 -69.94 41.09 -26.59
N GLU K 1316 -69.41 41.19 -25.37
CA GLU K 1316 -69.45 42.47 -24.66
C GLU K 1316 -68.68 43.54 -25.44
N THR K 1317 -67.51 43.18 -25.97
CA THR K 1317 -66.69 44.12 -26.71
C THR K 1317 -67.41 44.63 -27.95
N ILE K 1318 -68.04 43.73 -28.70
CA ILE K 1318 -68.77 44.15 -29.89
C ILE K 1318 -69.97 45.00 -29.51
N LEU K 1319 -70.75 44.56 -28.53
CA LEU K 1319 -72.00 45.26 -28.20
C LEU K 1319 -71.75 46.60 -27.54
N SER K 1320 -70.60 46.80 -26.91
CA SER K 1320 -70.24 48.10 -26.37
C SER K 1320 -69.75 49.07 -27.43
N GLY K 1321 -69.60 48.64 -28.67
CA GLY K 1321 -69.08 49.47 -29.72
C GLY K 1321 -67.56 49.53 -29.79
N LYS K 1322 -66.87 48.87 -28.87
CA LYS K 1322 -65.41 48.91 -28.87
C LYS K 1322 -64.85 48.17 -30.08
N ALA K 1323 -65.54 47.13 -30.54
CA ALA K 1323 -65.11 46.36 -31.69
C ALA K 1323 -66.31 46.05 -32.58
N LYS K 1324 -66.00 45.70 -33.83
CA LYS K 1324 -66.96 45.11 -34.75
C LYS K 1324 -66.64 43.67 -35.08
N VAL K 1325 -65.35 43.33 -35.13
CA VAL K 1325 -64.86 41.97 -35.33
C VAL K 1325 -63.97 41.65 -34.15
N VAL K 1326 -64.03 40.41 -33.65
CA VAL K 1326 -63.12 40.00 -32.60
C VAL K 1326 -62.86 38.50 -32.73
N LEU K 1327 -61.62 38.13 -32.39
CA LEU K 1327 -61.17 36.75 -32.35
C LEU K 1327 -61.36 36.23 -30.92
N VAL K 1328 -62.25 35.26 -30.75
CA VAL K 1328 -62.59 34.70 -29.45
C VAL K 1328 -62.24 33.22 -29.47
N GLY K 1329 -61.70 32.72 -28.35
CA GLY K 1329 -61.38 31.32 -28.29
C GLY K 1329 -60.46 31.03 -27.12
N GLY K 1330 -59.76 29.91 -27.23
CA GLY K 1330 -58.90 29.47 -26.15
C GLY K 1330 -57.91 28.43 -26.61
N TYR K 1331 -56.81 28.33 -25.86
CA TYR K 1331 -55.71 27.48 -26.27
C TYR K 1331 -54.93 27.03 -25.04
N ASP K 1332 -54.37 25.83 -25.11
CA ASP K 1332 -53.43 25.36 -24.11
C ASP K 1332 -52.53 24.31 -24.72
N ASP K 1333 -51.43 24.04 -24.03
CA ASP K 1333 -50.48 23.02 -24.44
C ASP K 1333 -50.36 21.99 -23.33
N PHE K 1334 -49.96 20.79 -23.73
CA PHE K 1334 -49.71 19.71 -22.79
C PHE K 1334 -48.22 19.66 -22.50
N GLN K 1335 -47.86 19.61 -21.23
CA GLN K 1335 -46.47 19.55 -20.83
C GLN K 1335 -46.33 18.72 -19.57
N GLU K 1336 -45.08 18.36 -19.29
CA GLU K 1336 -44.77 17.44 -18.20
C GLU K 1336 -45.33 17.95 -16.87
N GLU K 1337 -45.06 19.21 -16.55
CA GLU K 1337 -45.38 19.70 -15.22
C GLU K 1337 -46.89 19.91 -15.06
N GLY K 1338 -47.55 20.43 -16.09
CA GLY K 1338 -48.99 20.57 -16.03
C GLY K 1338 -49.68 19.22 -15.89
N SER K 1339 -49.23 18.23 -16.65
CA SER K 1339 -49.79 16.89 -16.51
C SER K 1339 -49.57 16.35 -15.11
N TYR K 1340 -48.37 16.53 -14.56
CA TYR K 1340 -48.06 16.00 -13.24
C TYR K 1340 -48.91 16.65 -12.17
N GLU K 1341 -49.13 17.96 -12.28
CA GLU K 1341 -49.93 18.64 -11.28
C GLU K 1341 -51.41 18.27 -11.40
N PHE K 1342 -51.90 18.10 -12.62
CA PHE K 1342 -53.28 17.62 -12.79
C PHE K 1342 -53.43 16.23 -12.21
N ALA K 1343 -52.36 15.43 -12.26
CA ALA K 1343 -52.41 14.10 -11.66
C ALA K 1343 -52.35 14.16 -10.14
N ASN K 1344 -51.58 15.10 -9.58
CA ASN K 1344 -51.50 15.22 -8.13
C ASN K 1344 -52.87 15.42 -7.49
N MET K 1345 -53.72 16.21 -8.13
CA MET K 1345 -55.04 16.53 -7.61
C MET K 1345 -56.08 15.49 -7.99
N ASN K 1346 -55.68 14.39 -8.62
CA ASN K 1346 -56.58 13.33 -9.03
C ASN K 1346 -57.65 13.87 -10.00
N ALA K 1347 -57.25 14.84 -10.82
CA ALA K 1347 -58.14 15.42 -11.82
C ALA K 1347 -58.09 14.64 -13.13
N THR K 1348 -56.89 14.27 -13.57
CA THR K 1348 -56.75 13.39 -14.71
C THR K 1348 -57.03 11.94 -14.29
N SER K 1349 -57.27 11.11 -15.29
CA SER K 1349 -57.53 9.69 -15.06
C SER K 1349 -56.22 8.92 -15.00
N ASN K 1350 -56.11 8.02 -14.03
CA ASN K 1350 -54.92 7.20 -13.91
C ASN K 1350 -54.90 6.15 -15.01
N SER K 1351 -53.97 6.30 -15.95
CA SER K 1351 -53.91 5.39 -17.09
C SER K 1351 -53.54 3.98 -16.66
N ILE K 1352 -52.77 3.83 -15.58
CA ILE K 1352 -52.43 2.50 -15.10
C ILE K 1352 -53.68 1.79 -14.56
N GLU K 1353 -54.51 2.52 -13.82
CA GLU K 1353 -55.78 1.95 -13.38
C GLU K 1353 -56.69 1.66 -14.55
N GLU K 1354 -56.65 2.50 -15.59
CA GLU K 1354 -57.44 2.22 -16.79
C GLU K 1354 -56.99 0.92 -17.46
N PHE K 1355 -55.67 0.72 -17.57
CA PHE K 1355 -55.16 -0.53 -18.12
C PHE K 1355 -55.54 -1.70 -17.23
N LYS K 1356 -55.54 -1.51 -15.91
CA LYS K 1356 -56.03 -2.55 -15.01
C LYS K 1356 -57.50 -2.86 -15.28
N HIS K 1357 -58.29 -1.86 -15.67
CA HIS K 1357 -59.68 -2.07 -16.07
C HIS K 1357 -59.81 -2.50 -17.53
N GLY K 1358 -58.69 -2.66 -18.25
CA GLY K 1358 -58.73 -3.16 -19.60
C GLY K 1358 -59.00 -2.11 -20.65
N ARG K 1359 -58.99 -0.83 -20.29
CA ARG K 1359 -59.30 0.23 -21.23
C ARG K 1359 -58.08 0.55 -22.11
N THR K 1360 -58.37 1.12 -23.26
CA THR K 1360 -57.37 1.59 -24.21
C THR K 1360 -57.43 3.11 -24.30
N PRO K 1361 -56.39 3.75 -24.84
CA PRO K 1361 -56.43 5.21 -24.98
C PRO K 1361 -57.63 5.71 -25.78
N LYS K 1362 -58.05 4.97 -26.81
CA LYS K 1362 -59.16 5.41 -27.64
C LYS K 1362 -60.49 5.44 -26.88
N GLU K 1363 -60.55 4.80 -25.70
CA GLU K 1363 -61.74 4.82 -24.87
C GLU K 1363 -61.45 5.33 -23.47
N MET K 1364 -60.33 6.05 -23.28
CA MET K 1364 -59.97 6.51 -21.95
C MET K 1364 -60.88 7.63 -21.48
N SER K 1365 -61.21 8.57 -22.37
CA SER K 1365 -62.12 9.65 -22.04
C SER K 1365 -63.55 9.12 -22.17
N ARG K 1366 -64.25 9.03 -21.03
CA ARG K 1366 -65.59 8.46 -20.96
C ARG K 1366 -66.53 9.45 -20.28
N PRO K 1367 -66.97 10.48 -20.99
CA PRO K 1367 -67.92 11.41 -20.40
C PRO K 1367 -69.23 10.73 -20.03
N THR K 1368 -69.83 11.19 -18.94
CA THR K 1368 -71.18 10.82 -18.52
C THR K 1368 -71.37 9.31 -18.42
N THR K 1369 -70.28 8.63 -18.04
CA THR K 1369 -70.20 7.19 -17.97
C THR K 1369 -70.13 6.74 -16.52
N THR K 1370 -70.62 5.52 -16.26
CA THR K 1370 -70.68 5.01 -14.89
C THR K 1370 -69.30 4.96 -14.26
N THR K 1371 -68.29 4.50 -14.99
CA THR K 1371 -66.97 4.22 -14.46
C THR K 1371 -65.95 5.32 -14.75
N ARG K 1372 -66.39 6.50 -15.18
CA ARG K 1372 -65.46 7.58 -15.47
C ARG K 1372 -64.67 7.95 -14.22
N ASN K 1373 -63.36 8.15 -14.40
CA ASN K 1373 -62.45 8.35 -13.27
C ASN K 1373 -61.42 9.44 -13.57
N GLY K 1374 -61.85 10.55 -14.16
CA GLY K 1374 -61.00 11.68 -14.42
C GLY K 1374 -60.93 12.03 -15.89
N PHE K 1375 -60.50 13.27 -16.14
CA PHE K 1375 -60.51 13.78 -17.51
C PHE K 1375 -59.22 13.42 -18.24
N MET K 1376 -59.31 13.51 -19.56
CA MET K 1376 -58.20 13.19 -20.45
C MET K 1376 -57.58 14.49 -20.92
N GLU K 1377 -56.35 14.76 -20.47
CA GLU K 1377 -55.69 16.01 -20.82
C GLU K 1377 -55.29 16.01 -22.29
N ALA K 1378 -55.56 17.14 -22.95
CA ALA K 1378 -55.26 17.31 -24.37
C ALA K 1378 -54.55 18.65 -24.55
N GLN K 1379 -54.15 18.92 -25.79
CA GLN K 1379 -53.51 20.17 -26.15
C GLN K 1379 -54.11 20.66 -27.45
N GLY K 1380 -53.96 21.95 -27.70
CA GLY K 1380 -54.38 22.53 -28.95
C GLY K 1380 -55.01 23.89 -28.72
N SER K 1381 -55.58 24.41 -29.81
CA SER K 1381 -56.13 25.75 -29.86
C SER K 1381 -57.46 25.72 -30.60
N GLY K 1382 -58.33 26.66 -30.26
CA GLY K 1382 -59.60 26.82 -30.94
C GLY K 1382 -59.95 28.28 -31.03
N ILE K 1383 -60.21 28.76 -32.24
CA ILE K 1383 -60.44 30.17 -32.51
C ILE K 1383 -61.72 30.31 -33.32
N GLN K 1384 -62.44 31.39 -33.07
CA GLN K 1384 -63.62 31.80 -33.81
C GLN K 1384 -63.52 33.28 -34.11
N VAL K 1385 -63.88 33.65 -35.34
CA VAL K 1385 -63.95 35.05 -35.74
C VAL K 1385 -65.44 35.40 -35.64
N ILE K 1386 -65.79 36.24 -34.66
CA ILE K 1386 -67.16 36.66 -34.44
C ILE K 1386 -67.28 38.12 -34.82
N MET K 1387 -68.42 38.47 -35.40
CA MET K 1387 -68.64 39.80 -35.93
C MET K 1387 -70.09 40.19 -35.71
N THR K 1388 -70.39 41.45 -35.98
CA THR K 1388 -71.78 41.89 -35.96
C THR K 1388 -72.51 41.32 -37.17
N ALA K 1389 -73.83 41.15 -37.03
CA ALA K 1389 -74.62 40.65 -38.15
C ALA K 1389 -74.60 41.62 -39.32
N ASP K 1390 -74.73 42.92 -39.04
CA ASP K 1390 -74.70 43.92 -40.11
C ASP K 1390 -73.37 43.88 -40.85
N LEU K 1391 -72.27 43.82 -40.12
CA LEU K 1391 -70.96 43.77 -40.77
C LEU K 1391 -70.79 42.47 -41.54
N ALA K 1392 -71.22 41.35 -40.97
CA ALA K 1392 -71.08 40.08 -41.66
C ALA K 1392 -71.84 40.10 -42.98
N LEU K 1393 -73.04 40.67 -42.98
CA LEU K 1393 -73.79 40.81 -44.22
C LEU K 1393 -73.09 41.76 -45.19
N LYS K 1394 -72.51 42.85 -44.68
CA LYS K 1394 -71.89 43.84 -45.54
C LYS K 1394 -70.67 43.26 -46.26
N MET K 1395 -69.80 42.56 -45.55
CA MET K 1395 -68.63 41.92 -46.15
C MET K 1395 -68.94 40.59 -46.81
N GLY K 1396 -70.13 40.02 -46.60
CA GLY K 1396 -70.45 38.75 -47.22
C GLY K 1396 -69.61 37.59 -46.72
N VAL K 1397 -69.30 37.56 -45.43
CA VAL K 1397 -68.61 36.44 -44.81
C VAL K 1397 -69.65 35.37 -44.52
N PRO K 1398 -69.27 34.10 -44.38
CA PRO K 1398 -70.23 33.05 -44.05
C PRO K 1398 -70.66 33.15 -42.60
N ILE K 1399 -71.93 33.43 -42.37
CA ILE K 1399 -72.47 33.53 -41.02
C ILE K 1399 -72.75 32.11 -40.54
N HIS K 1400 -71.85 31.58 -39.71
CA HIS K 1400 -71.97 30.18 -39.30
C HIS K 1400 -73.07 30.00 -38.25
N ALA K 1401 -73.21 30.93 -37.32
CA ALA K 1401 -74.29 30.86 -36.34
C ALA K 1401 -74.39 32.21 -35.65
N VAL K 1402 -75.42 32.36 -34.82
CA VAL K 1402 -75.67 33.57 -34.06
C VAL K 1402 -75.41 33.28 -32.59
N LEU K 1403 -74.52 34.05 -31.98
CA LEU K 1403 -74.28 33.98 -30.54
C LEU K 1403 -75.42 34.71 -29.84
N ALA K 1404 -76.52 33.98 -29.61
CA ALA K 1404 -77.68 34.55 -28.97
C ALA K 1404 -77.41 34.87 -27.50
N MET K 1405 -76.58 34.06 -26.83
CA MET K 1405 -76.29 34.31 -25.43
C MET K 1405 -74.86 33.91 -25.11
N THR K 1406 -74.26 34.62 -24.16
CA THR K 1406 -73.02 34.18 -23.53
C THR K 1406 -72.97 34.78 -22.13
N ALA K 1407 -72.51 33.98 -21.16
CA ALA K 1407 -72.50 34.43 -19.77
C ALA K 1407 -71.48 33.61 -18.99
N THR K 1408 -71.03 34.19 -17.88
CA THR K 1408 -70.09 33.56 -16.96
C THR K 1408 -70.59 33.75 -15.54
N ALA K 1409 -70.17 32.86 -14.64
CA ALA K 1409 -70.65 32.90 -13.27
C ALA K 1409 -69.68 32.17 -12.35
N THR K 1410 -69.78 32.50 -11.06
CA THR K 1410 -69.10 31.82 -9.98
C THR K 1410 -70.13 31.08 -9.14
N ASP K 1411 -69.64 30.21 -8.26
CA ASP K 1411 -70.57 29.34 -7.53
C ASP K 1411 -70.95 29.91 -6.16
N LYS K 1412 -70.01 29.93 -5.21
CA LYS K 1412 -70.36 30.23 -3.82
C LYS K 1412 -69.14 30.23 -2.90
N ILE K 1413 -69.37 30.48 -1.60
CA ILE K 1413 -68.36 30.20 -0.58
C ILE K 1413 -67.94 28.74 -0.68
N GLY K 1414 -66.64 28.51 -0.64
CA GLY K 1414 -66.15 27.14 -0.62
C GLY K 1414 -64.69 27.14 -0.25
N ARG K 1415 -64.11 25.94 -0.26
CA ARG K 1415 -62.68 25.75 -0.09
C ARG K 1415 -62.12 24.78 -1.13
N SER K 1416 -62.81 24.64 -2.26
CA SER K 1416 -62.40 23.76 -3.35
C SER K 1416 -62.43 24.55 -4.64
N VAL K 1417 -61.25 24.87 -5.16
CA VAL K 1417 -61.09 25.62 -6.41
C VAL K 1417 -61.59 24.79 -7.59
N PRO K 1418 -61.07 23.58 -7.85
CA PRO K 1418 -61.48 22.86 -9.05
C PRO K 1418 -62.89 22.29 -8.99
N ALA K 1419 -63.54 22.36 -7.83
CA ALA K 1419 -64.89 21.83 -7.71
C ALA K 1419 -65.84 22.64 -8.59
N PRO K 1420 -66.55 22.02 -9.54
CA PRO K 1420 -67.56 22.80 -10.29
C PRO K 1420 -68.73 23.15 -9.41
N GLY K 1421 -69.65 23.96 -9.91
CA GLY K 1421 -70.80 24.32 -9.12
C GLY K 1421 -71.90 24.86 -10.01
N LYS K 1422 -73.02 25.19 -9.36
CA LYS K 1422 -74.24 25.60 -10.06
C LYS K 1422 -74.25 27.09 -10.36
N GLY K 1423 -73.07 27.73 -10.45
CA GLY K 1423 -73.03 29.15 -10.74
C GLY K 1423 -73.58 29.51 -12.10
N ILE K 1424 -73.15 28.78 -13.14
CA ILE K 1424 -73.56 29.12 -14.50
C ILE K 1424 -75.01 28.80 -14.77
N LEU K 1425 -75.67 28.13 -13.84
CA LEU K 1425 -77.13 28.06 -13.88
C LEU K 1425 -77.78 29.45 -13.84
N THR K 1426 -77.00 30.51 -13.53
CA THR K 1426 -77.50 31.89 -13.46
C THR K 1426 -78.00 32.43 -14.79
N THR K 1427 -77.88 31.69 -15.90
CA THR K 1427 -78.38 32.17 -17.18
C THR K 1427 -79.86 31.85 -17.38
N ALA K 1428 -80.49 31.09 -16.49
CA ALA K 1428 -81.86 30.61 -16.65
C ALA K 1428 -82.72 31.05 -15.48
N ARG K 1429 -82.62 32.32 -15.11
CA ARG K 1429 -83.16 32.83 -13.86
C ARG K 1429 -84.31 33.77 -14.15
N GLU K 1430 -85.48 33.48 -13.57
CA GLU K 1430 -86.63 34.33 -13.80
C GLU K 1430 -87.60 34.23 -12.63
N HIS K 1431 -88.45 35.25 -12.52
CA HIS K 1431 -89.46 35.34 -11.48
C HIS K 1431 -90.75 34.73 -12.00
N HIS K 1432 -91.41 33.91 -11.17
CA HIS K 1432 -92.70 33.33 -11.50
C HIS K 1432 -93.79 33.70 -10.51
N GLY K 1433 -93.44 34.20 -9.34
CA GLY K 1433 -94.42 34.60 -8.35
C GLY K 1433 -95.18 35.85 -8.74
N SER K 1439 -97.33 37.55 -20.51
CA SER K 1439 -96.18 38.41 -20.79
C SER K 1439 -96.15 38.83 -22.27
N PRO K 1440 -96.80 39.94 -22.61
CA PRO K 1440 -96.72 40.43 -24.00
C PRO K 1440 -95.30 40.77 -24.44
N LEU K 1441 -94.37 41.01 -23.52
CA LEU K 1441 -93.00 41.27 -23.93
C LEU K 1441 -92.37 40.06 -24.58
N LEU K 1442 -92.83 38.85 -24.22
CA LEU K 1442 -92.35 37.64 -24.86
C LEU K 1442 -92.96 37.43 -26.23
N ASN K 1443 -94.01 38.18 -26.58
CA ASN K 1443 -94.66 38.08 -27.88
C ASN K 1443 -94.00 39.05 -28.85
N ILE K 1444 -93.71 38.57 -30.06
CA ILE K 1444 -92.97 39.37 -31.03
C ILE K 1444 -93.88 40.30 -31.82
N LYS K 1445 -95.14 39.93 -32.04
CA LYS K 1445 -96.05 40.84 -32.73
C LYS K 1445 -96.25 42.12 -31.93
N TYR K 1446 -96.39 41.99 -30.61
CA TYR K 1446 -96.46 43.17 -29.75
C TYR K 1446 -95.20 44.02 -29.87
N ARG K 1447 -94.03 43.39 -29.75
CA ARG K 1447 -92.78 44.11 -29.90
C ARG K 1447 -92.68 44.73 -31.28
N LYS K 1448 -93.12 44.01 -32.30
CA LYS K 1448 -93.02 44.53 -33.67
C LYS K 1448 -93.87 45.78 -33.85
N ARG K 1449 -95.10 45.78 -33.34
CA ARG K 1449 -95.94 46.97 -33.50
C ARG K 1449 -95.42 48.13 -32.65
N GLN K 1450 -94.91 47.84 -31.45
CA GLN K 1450 -94.25 48.88 -30.66
C GLN K 1450 -93.13 49.52 -31.45
N LEU K 1451 -92.26 48.70 -32.04
CA LEU K 1451 -91.16 49.23 -32.85
C LEU K 1451 -91.69 49.98 -34.07
N ASN K 1452 -92.79 49.52 -34.67
CA ASN K 1452 -93.32 50.19 -35.86
C ASN K 1452 -93.73 51.63 -35.54
N LYS K 1453 -94.52 51.82 -34.49
CA LYS K 1453 -94.89 53.19 -34.16
C LYS K 1453 -93.72 53.99 -33.58
N ARG K 1454 -92.74 53.34 -32.96
CA ARG K 1454 -91.54 54.06 -32.57
C ARG K 1454 -90.78 54.57 -33.81
N LEU K 1455 -90.73 53.76 -34.86
CA LEU K 1455 -90.09 54.18 -36.11
C LEU K 1455 -90.84 55.33 -36.76
N GLU K 1456 -92.18 55.31 -36.71
CA GLU K 1456 -92.92 56.43 -37.28
C GLU K 1456 -92.69 57.71 -36.47
N GLN K 1457 -92.57 57.59 -35.14
CA GLN K 1457 -92.15 58.74 -34.34
C GLN K 1457 -90.77 59.23 -34.77
N ILE K 1458 -89.86 58.30 -35.05
CA ILE K 1458 -88.50 58.68 -35.43
C ILE K 1458 -88.50 59.42 -36.77
N LYS K 1459 -89.31 58.98 -37.73
CA LYS K 1459 -89.33 59.67 -39.01
C LYS K 1459 -89.98 61.05 -38.89
N SER K 1460 -90.98 61.19 -38.02
CA SER K 1460 -91.50 62.52 -37.73
C SER K 1460 -90.42 63.42 -37.14
N TRP K 1461 -89.62 62.87 -36.22
CA TRP K 1461 -88.51 63.61 -35.63
C TRP K 1461 -87.51 64.03 -36.69
N GLU K 1462 -87.19 63.13 -37.62
CA GLU K 1462 -86.26 63.44 -38.70
C GLU K 1462 -86.78 64.57 -39.57
N GLU K 1463 -88.08 64.53 -39.91
CA GLU K 1463 -88.64 65.59 -40.74
C GLU K 1463 -88.59 66.92 -40.01
N THR K 1464 -88.91 66.94 -38.71
CA THR K 1464 -88.84 68.18 -37.95
C THR K 1464 -87.41 68.72 -37.90
N GLU K 1465 -86.43 67.83 -37.70
CA GLU K 1465 -85.04 68.28 -37.63
C GLU K 1465 -84.57 68.85 -38.95
N LEU K 1466 -84.95 68.21 -40.06
CA LEU K 1466 -84.57 68.74 -41.37
C LEU K 1466 -85.24 70.09 -41.63
N SER K 1467 -86.49 70.25 -41.21
CA SER K 1467 -87.16 71.54 -41.38
C SER K 1467 -86.45 72.62 -40.58
N TYR K 1468 -86.03 72.30 -39.35
CA TYR K 1468 -85.27 73.28 -38.56
C TYR K 1468 -83.94 73.59 -39.21
N LEU K 1469 -83.25 72.57 -39.74
CA LEU K 1469 -81.99 72.81 -40.44
C LEU K 1469 -82.18 73.71 -41.65
N GLN K 1470 -83.36 73.65 -42.28
CA GLN K 1470 -83.66 74.57 -43.37
C GLN K 1470 -83.57 76.02 -42.89
N GLU K 1471 -84.12 76.30 -41.71
CA GLU K 1471 -83.95 77.63 -41.14
C GLU K 1471 -82.50 77.92 -40.80
N GLU K 1472 -81.80 76.95 -40.23
CA GLU K 1472 -80.38 77.13 -39.91
C GLU K 1472 -79.56 77.23 -41.19
N SER K 1485 -70.23 79.24 -45.94
CA SER K 1485 -70.34 77.96 -46.63
C SER K 1485 -71.67 77.29 -46.29
N MET K 1486 -72.75 77.81 -46.89
CA MET K 1486 -74.08 77.26 -46.63
C MET K 1486 -74.17 75.81 -47.07
N HIS K 1487 -73.60 75.49 -48.24
CA HIS K 1487 -73.64 74.12 -48.73
C HIS K 1487 -72.91 73.16 -47.79
N GLU K 1488 -71.72 73.56 -47.33
CA GLU K 1488 -70.97 72.70 -46.42
C GLU K 1488 -71.70 72.53 -45.09
N PHE K 1489 -72.26 73.63 -44.55
CA PHE K 1489 -73.01 73.53 -43.31
C PHE K 1489 -74.22 72.61 -43.47
N LEU K 1490 -74.96 72.75 -44.58
CA LEU K 1490 -76.11 71.90 -44.83
C LEU K 1490 -75.69 70.43 -44.96
N LYS K 1491 -74.58 70.18 -45.65
CA LYS K 1491 -74.10 68.80 -45.80
C LYS K 1491 -73.77 68.20 -44.45
N GLU K 1492 -73.01 68.92 -43.62
CA GLU K 1492 -72.62 68.40 -42.32
C GLU K 1492 -73.84 68.15 -41.43
N ARG K 1493 -74.79 69.09 -41.42
CA ARG K 1493 -75.93 68.94 -40.52
C ARG K 1493 -76.91 67.89 -41.05
N THR K 1494 -77.03 67.73 -42.36
CA THR K 1494 -77.84 66.64 -42.90
C THR K 1494 -77.23 65.29 -42.56
N GLU K 1495 -75.89 65.18 -42.64
CA GLU K 1495 -75.23 63.96 -42.19
C GLU K 1495 -75.52 63.70 -40.72
N GLU K 1496 -75.47 64.74 -39.90
CA GLU K 1496 -75.74 64.57 -38.48
C GLU K 1496 -77.18 64.12 -38.24
N VAL K 1497 -78.14 64.72 -38.94
CA VAL K 1497 -79.54 64.35 -38.75
C VAL K 1497 -79.77 62.91 -39.19
N TYR K 1498 -79.19 62.52 -40.34
CA TYR K 1498 -79.35 61.15 -40.80
C TYR K 1498 -78.74 60.16 -39.82
N ARG K 1499 -77.53 60.46 -39.32
CA ARG K 1499 -76.90 59.57 -38.35
C ARG K 1499 -77.71 59.48 -37.07
N GLU K 1500 -78.28 60.59 -36.62
CA GLU K 1500 -79.05 60.59 -35.38
C GLU K 1500 -80.35 59.82 -35.55
N SER K 1501 -81.03 59.99 -36.68
CA SER K 1501 -82.25 59.21 -36.92
C SER K 1501 -81.92 57.73 -37.04
N LYS K 1502 -80.81 57.40 -37.71
CA LYS K 1502 -80.38 56.02 -37.80
C LYS K 1502 -80.11 55.43 -36.43
N ARG K 1503 -79.50 56.22 -35.53
CA ARG K 1503 -79.23 55.72 -34.18
C ARG K 1503 -80.50 55.58 -33.38
N GLN K 1504 -81.45 56.48 -33.55
CA GLN K 1504 -82.74 56.33 -32.87
C GLN K 1504 -83.43 55.05 -33.32
N VAL K 1505 -83.39 54.78 -34.63
CA VAL K 1505 -83.93 53.53 -35.15
C VAL K 1505 -83.19 52.33 -34.55
N SER K 1506 -81.86 52.41 -34.51
CA SER K 1506 -81.07 51.29 -34.00
C SER K 1506 -81.36 51.04 -32.52
N ASP K 1507 -81.50 52.10 -31.73
CA ASP K 1507 -81.81 51.94 -30.32
C ASP K 1507 -83.21 51.38 -30.14
N ALA K 1508 -84.16 51.81 -30.97
CA ALA K 1508 -85.50 51.24 -30.91
C ALA K 1508 -85.48 49.75 -31.21
N LYS K 1509 -84.76 49.35 -32.26
CA LYS K 1509 -84.64 47.94 -32.60
C LYS K 1509 -83.93 47.17 -31.51
N LYS K 1510 -82.92 47.78 -30.90
CA LYS K 1510 -82.21 47.14 -29.78
C LYS K 1510 -83.15 46.91 -28.61
N GLN K 1511 -83.97 47.90 -28.29
CA GLN K 1511 -84.86 47.79 -27.14
C GLN K 1511 -85.96 46.76 -27.39
N TRP K 1512 -86.54 46.75 -28.58
CA TRP K 1512 -87.73 45.95 -28.84
C TRP K 1512 -87.44 44.58 -29.44
N GLY K 1513 -86.22 44.34 -29.93
CA GLY K 1513 -85.88 43.06 -30.54
C GLY K 1513 -84.69 42.35 -29.93
N ASN K 1514 -83.74 43.10 -29.38
CA ASN K 1514 -82.50 42.54 -28.87
C ASN K 1514 -82.41 42.57 -27.35
N SER K 1515 -82.71 43.71 -26.74
CA SER K 1515 -82.56 43.91 -25.30
C SER K 1515 -83.91 44.04 -24.59
N PHE K 1516 -84.97 43.50 -25.20
CA PHE K 1516 -86.29 43.60 -24.59
C PHE K 1516 -86.35 42.85 -23.26
N TYR K 1517 -85.54 41.81 -23.10
CA TYR K 1517 -85.63 40.93 -21.94
C TYR K 1517 -84.62 41.25 -20.86
N LYS K 1518 -83.70 42.19 -21.09
CA LYS K 1518 -82.77 42.57 -20.03
C LYS K 1518 -83.52 43.20 -18.86
N SER K 1519 -84.72 43.72 -19.12
CA SER K 1519 -85.50 44.46 -18.14
C SER K 1519 -86.62 43.63 -17.52
N ASP K 1520 -86.78 42.38 -17.92
CA ASP K 1520 -87.90 41.55 -17.46
C ASP K 1520 -87.35 40.45 -16.55
N PRO K 1521 -87.56 40.51 -15.24
CA PRO K 1521 -87.23 39.33 -14.42
C PRO K 1521 -88.00 38.10 -14.85
N ARG K 1522 -89.25 38.26 -15.30
CA ARG K 1522 -90.03 37.12 -15.73
C ARG K 1522 -89.44 36.43 -16.95
N ILE K 1523 -88.54 37.10 -17.67
CA ILE K 1523 -87.84 36.53 -18.82
C ILE K 1523 -86.40 36.26 -18.41
N ALA K 1524 -86.00 35.00 -18.45
CA ALA K 1524 -84.63 34.65 -18.11
C ALA K 1524 -83.68 35.09 -19.21
N PRO K 1525 -82.39 35.23 -18.92
CA PRO K 1525 -81.44 35.54 -20.00
C PRO K 1525 -81.47 34.53 -21.12
N LEU K 1526 -81.49 33.23 -20.80
CA LEU K 1526 -81.54 32.20 -21.83
C LEU K 1526 -82.85 32.25 -22.60
N ARG K 1527 -83.96 32.36 -21.87
CA ARG K 1527 -85.28 32.38 -22.51
C ARG K 1527 -85.40 33.56 -23.46
N GLY K 1528 -84.93 34.73 -23.04
CA GLY K 1528 -85.06 35.90 -23.89
C GLY K 1528 -84.04 35.93 -25.02
N ALA K 1529 -82.86 35.35 -24.80
CA ALA K 1529 -81.90 35.21 -25.88
C ALA K 1529 -82.47 34.34 -26.99
N LEU K 1530 -83.19 33.27 -26.61
CA LEU K 1530 -83.87 32.47 -27.63
C LEU K 1530 -85.05 33.20 -28.23
N ALA K 1531 -85.84 33.89 -27.40
CA ALA K 1531 -87.05 34.56 -27.87
C ALA K 1531 -86.73 35.75 -28.78
N ALA K 1532 -85.51 36.27 -28.75
CA ALA K 1532 -85.11 37.30 -29.69
C ALA K 1532 -85.26 36.83 -31.12
N PHE K 1533 -85.19 35.52 -31.35
CA PHE K 1533 -85.38 34.91 -32.66
C PHE K 1533 -86.65 34.07 -32.73
N ASN K 1534 -87.62 34.35 -31.87
CA ASN K 1534 -88.88 33.61 -31.82
C ASN K 1534 -88.65 32.11 -31.59
N LEU K 1535 -87.66 31.80 -30.75
CA LEU K 1535 -87.34 30.43 -30.38
C LEU K 1535 -87.71 30.21 -28.92
N THR K 1536 -88.45 29.13 -28.66
CA THR K 1536 -88.74 28.74 -27.29
C THR K 1536 -87.61 27.87 -26.75
N ILE K 1537 -87.74 27.51 -25.47
CA ILE K 1537 -86.70 26.72 -24.81
C ILE K 1537 -86.59 25.36 -25.47
N ASP K 1538 -87.73 24.82 -25.93
CA ASP K 1538 -87.73 23.54 -26.62
C ASP K 1538 -86.86 23.56 -27.87
N ASP K 1539 -86.58 24.74 -28.41
CA ASP K 1539 -85.77 24.82 -29.62
C ASP K 1539 -84.29 24.64 -29.33
N ILE K 1540 -83.87 24.59 -28.07
CA ILE K 1540 -82.51 24.19 -27.73
C ILE K 1540 -82.46 22.67 -27.86
N GLY K 1541 -81.94 22.18 -28.98
CA GLY K 1541 -81.91 20.76 -29.23
C GLY K 1541 -80.71 20.05 -28.65
N VAL K 1542 -79.54 20.70 -28.74
CA VAL K 1542 -78.27 20.11 -28.33
C VAL K 1542 -77.69 20.94 -27.20
N ALA K 1543 -77.10 20.24 -26.22
CA ALA K 1543 -76.32 20.87 -25.16
C ALA K 1543 -74.90 20.33 -25.26
N SER K 1544 -73.99 21.16 -25.77
CA SER K 1544 -72.58 20.79 -25.80
C SER K 1544 -72.04 20.85 -24.38
N PHE K 1545 -71.98 19.68 -23.75
CA PHE K 1545 -71.56 19.58 -22.37
C PHE K 1545 -70.04 19.72 -22.26
N HIS K 1546 -69.61 20.33 -21.15
CA HIS K 1546 -68.18 20.31 -20.83
C HIS K 1546 -67.65 18.90 -20.85
N GLY K 1547 -68.38 17.96 -20.24
CA GLY K 1547 -68.20 16.54 -20.49
C GLY K 1547 -66.78 16.04 -20.29
N THR K 1548 -66.17 16.38 -19.16
CA THR K 1548 -64.76 16.10 -18.93
C THR K 1548 -64.50 14.67 -18.47
N SER K 1549 -65.50 13.79 -18.44
CA SER K 1549 -65.31 12.43 -17.94
C SER K 1549 -64.80 12.43 -16.51
N THR K 1550 -65.27 13.39 -15.72
CA THR K 1550 -64.96 13.49 -14.30
C THR K 1550 -66.24 13.25 -13.49
N VAL K 1551 -66.07 12.57 -12.37
CA VAL K 1551 -67.22 12.12 -11.58
C VAL K 1551 -68.03 13.33 -11.11
N ALA K 1552 -67.35 14.35 -10.58
CA ALA K 1552 -68.05 15.52 -10.10
C ALA K 1552 -68.57 16.38 -11.25
N ASN K 1553 -67.77 16.53 -12.32
CA ASN K 1553 -68.14 17.44 -13.39
C ASN K 1553 -69.38 16.94 -14.13
N ASP K 1554 -69.38 15.68 -14.55
CA ASP K 1554 -70.51 15.21 -15.36
C ASP K 1554 -71.77 15.05 -14.53
N LYS K 1555 -71.66 14.96 -13.21
CA LYS K 1555 -72.83 14.96 -12.34
C LYS K 1555 -73.36 16.38 -12.16
N ASN K 1556 -72.50 17.29 -11.72
CA ASN K 1556 -72.92 18.67 -11.47
C ASN K 1556 -73.43 19.33 -12.73
N GLU K 1557 -72.75 19.11 -13.86
CA GLU K 1557 -73.13 19.78 -15.10
C GLU K 1557 -74.48 19.29 -15.61
N SER K 1558 -74.70 17.98 -15.59
CA SER K 1558 -76.00 17.44 -15.96
C SER K 1558 -77.08 17.98 -15.02
N ALA K 1559 -76.75 18.09 -13.73
CA ALA K 1559 -77.71 18.63 -12.77
C ALA K 1559 -78.11 20.06 -13.12
N THR K 1560 -77.11 20.91 -13.41
CA THR K 1560 -77.45 22.31 -13.68
C THR K 1560 -78.20 22.44 -15.01
N ILE K 1561 -77.80 21.68 -16.03
CA ILE K 1561 -78.52 21.75 -17.30
C ILE K 1561 -79.95 21.30 -17.13
N ASN K 1562 -80.18 20.20 -16.40
CA ASN K 1562 -81.54 19.73 -16.18
C ASN K 1562 -82.35 20.73 -15.37
N ASN K 1563 -81.75 21.31 -14.32
CA ASN K 1563 -82.48 22.27 -13.50
C ASN K 1563 -82.82 23.52 -14.30
N MET K 1564 -81.94 23.94 -15.21
CA MET K 1564 -82.21 25.15 -15.99
C MET K 1564 -83.27 24.86 -17.05
N MET K 1565 -83.21 23.71 -17.70
CA MET K 1565 -84.27 23.30 -18.61
C MET K 1565 -85.61 23.22 -17.89
N LYS K 1566 -85.60 22.73 -16.65
CA LYS K 1566 -86.86 22.56 -15.92
C LYS K 1566 -87.42 23.90 -15.46
N HIS K 1567 -86.56 24.79 -14.95
CA HIS K 1567 -87.05 26.11 -14.54
C HIS K 1567 -87.51 26.93 -15.73
N LEU K 1568 -86.87 26.76 -16.89
CA LEU K 1568 -87.27 27.48 -18.09
C LEU K 1568 -88.55 26.91 -18.70
N GLY K 1569 -89.20 25.94 -18.07
CA GLY K 1569 -90.47 25.44 -18.56
C GLY K 1569 -90.37 24.57 -19.79
N ARG K 1570 -89.26 23.86 -19.93
CA ARG K 1570 -89.11 22.95 -21.07
C ARG K 1570 -90.14 21.84 -21.00
N SER K 1571 -90.70 21.49 -22.16
CA SER K 1571 -91.74 20.46 -22.21
C SER K 1571 -91.19 19.13 -21.71
N GLU K 1572 -91.99 18.43 -20.92
CA GLU K 1572 -91.63 17.10 -20.47
C GLU K 1572 -91.50 16.17 -21.66
N GLY K 1573 -90.51 15.29 -21.62
CA GLY K 1573 -90.23 14.44 -22.77
C GLY K 1573 -89.51 15.13 -23.89
N ASN K 1574 -88.83 16.24 -23.61
CA ASN K 1574 -88.05 16.98 -24.61
C ASN K 1574 -86.66 17.23 -24.05
N PRO K 1575 -85.86 16.18 -23.86
CA PRO K 1575 -84.50 16.40 -23.38
C PRO K 1575 -83.61 17.03 -24.45
N VAL K 1576 -82.61 17.76 -24.00
CA VAL K 1576 -81.55 18.25 -24.86
C VAL K 1576 -80.59 17.09 -25.13
N PHE K 1577 -80.17 16.96 -26.38
CA PHE K 1577 -79.16 15.95 -26.71
C PHE K 1577 -77.81 16.43 -26.18
N GLY K 1578 -77.04 15.50 -25.62
CA GLY K 1578 -75.77 15.82 -25.02
C GLY K 1578 -74.61 15.44 -25.91
N VAL K 1579 -73.83 16.44 -26.30
CA VAL K 1579 -72.59 16.24 -27.03
C VAL K 1579 -71.46 16.28 -26.02
N PHE K 1580 -70.57 15.29 -26.09
CA PHE K 1580 -69.48 15.11 -25.14
C PHE K 1580 -68.17 14.99 -25.87
N GLN K 1581 -67.92 15.96 -26.76
CA GLN K 1581 -66.78 15.97 -27.67
C GLN K 1581 -65.46 15.61 -27.01
N LYS K 1582 -65.32 15.84 -25.71
CA LYS K 1582 -64.08 15.51 -25.03
C LYS K 1582 -63.79 14.01 -25.02
N TYR K 1583 -64.81 13.17 -25.22
CA TYR K 1583 -64.57 11.74 -25.35
C TYR K 1583 -63.57 11.45 -26.45
N LEU K 1584 -63.61 12.24 -27.53
CA LEU K 1584 -62.74 12.07 -28.69
C LEU K 1584 -61.56 13.01 -28.66
N THR K 1585 -61.80 14.29 -28.40
CA THR K 1585 -60.76 15.31 -28.48
C THR K 1585 -59.95 15.46 -27.20
N GLY K 1586 -60.29 14.73 -26.15
CA GLY K 1586 -59.62 14.97 -24.89
C GLY K 1586 -60.05 16.32 -24.33
N HIS K 1587 -59.36 16.72 -23.27
CA HIS K 1587 -59.68 17.95 -22.55
C HIS K 1587 -58.52 18.93 -22.64
N PRO K 1588 -58.60 19.94 -23.53
CA PRO K 1588 -57.70 21.09 -23.41
C PRO K 1588 -58.32 22.12 -22.50
N LYS K 1589 -57.54 22.59 -21.52
CA LYS K 1589 -58.09 23.55 -20.57
C LYS K 1589 -58.47 24.84 -21.28
N GLY K 1590 -57.56 25.39 -22.08
CA GLY K 1590 -57.87 26.62 -22.81
C GLY K 1590 -58.89 26.42 -23.90
N ALA K 1591 -58.66 25.46 -24.78
CA ALA K 1591 -59.44 25.31 -26.00
C ALA K 1591 -60.68 24.45 -25.82
N ALA K 1592 -61.05 24.13 -24.58
CA ALA K 1592 -62.22 23.27 -24.36
C ALA K 1592 -63.48 23.89 -24.96
N GLY K 1593 -63.91 25.02 -24.41
CA GLY K 1593 -65.12 25.66 -24.91
C GLY K 1593 -65.01 26.07 -26.36
N ALA K 1594 -63.78 26.32 -26.84
CA ALA K 1594 -63.60 26.69 -28.23
C ALA K 1594 -63.90 25.51 -29.15
N TRP K 1595 -63.36 24.34 -28.82
CA TRP K 1595 -63.65 23.15 -29.61
C TRP K 1595 -65.12 22.78 -29.51
N MET K 1596 -65.72 22.91 -28.33
CA MET K 1596 -67.14 22.60 -28.21
C MET K 1596 -68.00 23.60 -28.98
N LEU K 1597 -67.61 24.87 -29.02
CA LEU K 1597 -68.36 25.83 -29.81
C LEU K 1597 -68.21 25.56 -31.29
N ASN K 1598 -67.00 25.17 -31.73
CA ASN K 1598 -66.82 24.83 -33.14
C ASN K 1598 -67.64 23.60 -33.51
N GLY K 1599 -67.67 22.60 -32.61
CA GLY K 1599 -68.52 21.44 -32.84
C GLY K 1599 -69.99 21.81 -32.87
N ALA K 1600 -70.42 22.72 -32.00
CA ALA K 1600 -71.80 23.16 -32.00
C ALA K 1600 -72.14 23.92 -33.28
N ILE K 1601 -71.19 24.71 -33.77
CA ILE K 1601 -71.36 25.39 -35.05
C ILE K 1601 -71.58 24.38 -36.16
N GLN K 1602 -70.72 23.37 -36.21
CA GLN K 1602 -70.85 22.35 -37.25
C GLN K 1602 -72.12 21.53 -37.08
N ILE K 1603 -72.54 21.30 -35.84
CA ILE K 1603 -73.81 20.62 -35.56
C ILE K 1603 -74.96 21.45 -36.12
N LEU K 1604 -74.91 22.76 -35.91
CA LEU K 1604 -75.96 23.63 -36.44
C LEU K 1604 -75.97 23.58 -37.97
N GLU K 1605 -74.79 23.61 -38.59
CA GLU K 1605 -74.74 23.62 -40.05
C GLU K 1605 -75.28 22.32 -40.63
N SER K 1606 -74.77 21.18 -40.14
CA SER K 1606 -75.03 19.90 -40.77
C SER K 1606 -76.29 19.20 -40.27
N GLY K 1607 -76.81 19.60 -39.12
CA GLY K 1607 -77.93 18.91 -38.52
C GLY K 1607 -77.57 17.63 -37.79
N LEU K 1608 -76.31 17.21 -37.82
CA LEU K 1608 -75.91 15.98 -37.15
C LEU K 1608 -75.52 16.25 -35.71
N VAL K 1609 -76.01 15.38 -34.83
CA VAL K 1609 -75.66 15.41 -33.41
C VAL K 1609 -74.72 14.24 -33.18
N PRO K 1610 -73.41 14.47 -33.01
CA PRO K 1610 -72.51 13.34 -32.73
C PRO K 1610 -72.84 12.68 -31.41
N GLY K 1611 -72.60 11.37 -31.34
CA GLY K 1611 -72.85 10.59 -30.15
C GLY K 1611 -71.55 10.30 -29.41
N ASN K 1612 -71.64 10.22 -28.09
CA ASN K 1612 -70.48 9.92 -27.26
C ASN K 1612 -70.14 8.44 -27.42
N ARG K 1613 -69.24 8.14 -28.36
CA ARG K 1613 -68.95 6.75 -28.69
C ARG K 1613 -68.20 6.02 -27.58
N ASN K 1614 -67.70 6.74 -26.58
CA ASN K 1614 -67.13 6.13 -25.39
C ASN K 1614 -68.16 5.94 -24.28
N ALA K 1615 -69.43 6.26 -24.53
CA ALA K 1615 -70.49 6.09 -23.55
C ALA K 1615 -70.85 4.62 -23.47
N ASP K 1616 -69.94 3.85 -22.86
CA ASP K 1616 -70.19 2.42 -22.66
C ASP K 1616 -71.45 2.19 -21.83
N ASN K 1617 -71.63 2.94 -20.75
CA ASN K 1617 -72.79 2.77 -19.88
C ASN K 1617 -73.01 4.08 -19.15
N VAL K 1618 -74.12 4.75 -19.45
CA VAL K 1618 -74.43 6.01 -18.80
C VAL K 1618 -74.66 5.78 -17.32
N ASP K 1619 -74.19 6.71 -16.49
CA ASP K 1619 -74.36 6.59 -15.05
C ASP K 1619 -75.84 6.52 -14.69
N LYS K 1620 -76.17 5.57 -13.82
CA LYS K 1620 -77.56 5.44 -13.37
C LYS K 1620 -78.02 6.68 -12.64
N LEU K 1621 -77.10 7.41 -11.99
CA LEU K 1621 -77.45 8.63 -11.31
C LEU K 1621 -77.89 9.75 -12.25
N LEU K 1622 -77.64 9.61 -13.56
CA LEU K 1622 -78.05 10.61 -14.53
C LEU K 1622 -79.44 10.37 -15.09
N GLU K 1623 -80.05 9.22 -14.80
CA GLU K 1623 -81.47 9.04 -15.11
C GLU K 1623 -82.33 10.03 -14.33
N GLN K 1624 -81.83 10.47 -13.17
CA GLN K 1624 -82.35 11.60 -12.41
C GLN K 1624 -82.74 12.77 -13.31
N TYR K 1625 -81.92 13.03 -14.32
CA TYR K 1625 -82.05 14.21 -15.17
C TYR K 1625 -82.86 13.86 -16.40
N GLU K 1626 -84.17 14.12 -16.34
CA GLU K 1626 -85.09 13.77 -17.42
C GLU K 1626 -84.95 14.67 -18.64
N TYR K 1627 -84.39 15.87 -18.48
CA TYR K 1627 -84.26 16.82 -19.57
C TYR K 1627 -82.93 16.71 -20.30
N VAL K 1628 -82.15 15.67 -20.04
CA VAL K 1628 -80.88 15.43 -20.71
C VAL K 1628 -80.90 14.04 -21.30
N LEU K 1629 -80.49 13.93 -22.56
CA LEU K 1629 -80.27 12.66 -23.22
C LEU K 1629 -78.79 12.54 -23.57
N TYR K 1630 -78.27 11.32 -23.57
CA TYR K 1630 -76.84 11.05 -23.77
C TYR K 1630 -76.66 10.05 -24.91
N PRO K 1631 -76.77 10.50 -26.16
CA PRO K 1631 -76.57 9.58 -27.29
C PRO K 1631 -75.15 9.04 -27.33
N SER K 1632 -75.02 7.80 -27.80
CA SER K 1632 -73.72 7.17 -28.01
C SER K 1632 -73.37 6.99 -29.49
N ARG K 1633 -74.31 7.23 -30.40
CA ARG K 1633 -74.06 7.17 -31.83
C ARG K 1633 -74.55 8.44 -32.48
N SER K 1634 -73.75 8.96 -33.42
CA SER K 1634 -74.13 10.15 -34.15
C SER K 1634 -75.44 9.94 -34.88
N ILE K 1635 -76.33 10.93 -34.83
CA ILE K 1635 -77.61 10.86 -35.51
C ILE K 1635 -77.85 12.13 -36.30
N GLN K 1636 -78.30 11.96 -37.55
CA GLN K 1636 -78.61 13.07 -38.42
C GLN K 1636 -80.03 13.55 -38.12
N THR K 1637 -80.14 14.82 -37.72
CA THR K 1637 -81.42 15.44 -37.40
C THR K 1637 -81.93 16.22 -38.60
N ASP K 1638 -83.22 16.53 -38.59
CA ASP K 1638 -83.81 17.38 -39.62
C ASP K 1638 -83.60 18.87 -39.36
N GLY K 1639 -82.68 19.23 -38.47
CA GLY K 1639 -82.37 20.62 -38.19
C GLY K 1639 -82.28 20.87 -36.69
N ILE K 1640 -81.25 21.62 -36.28
CA ILE K 1640 -81.05 22.00 -34.89
C ILE K 1640 -81.12 23.52 -34.82
N LYS K 1641 -82.09 24.02 -34.03
CA LYS K 1641 -82.32 25.45 -33.99
C LYS K 1641 -81.25 26.17 -33.18
N ALA K 1642 -80.84 25.58 -32.06
CA ALA K 1642 -79.87 26.23 -31.18
C ALA K 1642 -79.11 25.18 -30.40
N VAL K 1643 -77.90 25.54 -29.98
CA VAL K 1643 -77.02 24.68 -29.21
C VAL K 1643 -76.53 25.45 -27.99
N SER K 1644 -76.53 24.79 -26.83
CA SER K 1644 -76.12 25.39 -25.57
C SER K 1644 -74.77 24.83 -25.16
N VAL K 1645 -73.71 25.62 -25.32
CA VAL K 1645 -72.35 25.22 -24.96
C VAL K 1645 -72.14 25.62 -23.50
N THR K 1646 -71.72 24.67 -22.66
CA THR K 1646 -71.47 24.95 -21.25
C THR K 1646 -70.09 24.46 -20.83
N SER K 1647 -69.31 25.35 -20.23
CA SER K 1647 -67.97 25.05 -19.76
C SER K 1647 -67.86 25.38 -18.27
N PHE K 1648 -67.07 24.58 -17.55
CA PHE K 1648 -66.82 24.75 -16.13
C PHE K 1648 -65.33 24.71 -15.89
N GLY K 1649 -64.78 25.84 -15.43
CA GLY K 1649 -63.35 25.96 -15.21
C GLY K 1649 -62.97 25.90 -13.74
N PHE K 1650 -61.74 25.48 -13.47
CA PHE K 1650 -61.22 25.59 -12.12
C PHE K 1650 -61.17 27.07 -11.74
N GLY K 1651 -61.41 27.32 -10.42
CA GLY K 1651 -61.61 28.66 -9.94
C GLY K 1651 -63.07 29.07 -9.85
N GLN K 1652 -63.99 28.10 -9.82
CA GLN K 1652 -65.42 28.36 -9.75
C GLN K 1652 -65.82 29.28 -10.91
N LYS K 1653 -65.56 28.82 -12.13
CA LYS K 1653 -65.77 29.62 -13.33
C LYS K 1653 -66.60 28.80 -14.31
N GLY K 1654 -67.93 28.93 -14.21
CA GLY K 1654 -68.84 28.33 -15.16
C GLY K 1654 -69.16 29.33 -16.25
N ALA K 1655 -69.39 28.82 -17.46
CA ALA K 1655 -69.64 29.68 -18.61
C ALA K 1655 -70.55 28.96 -19.59
N GLN K 1656 -71.56 29.69 -20.07
CA GLN K 1656 -72.56 29.14 -20.97
C GLN K 1656 -72.72 30.04 -22.18
N ALA K 1657 -72.73 29.42 -23.36
CA ALA K 1657 -72.98 30.10 -24.62
C ALA K 1657 -74.14 29.42 -25.33
N VAL K 1658 -75.05 30.23 -25.87
CA VAL K 1658 -76.17 29.77 -26.66
C VAL K 1658 -75.98 30.28 -28.08
N VAL K 1659 -75.88 29.32 -29.02
CA VAL K 1659 -75.63 29.56 -30.44
C VAL K 1659 -76.90 29.21 -31.20
N VAL K 1660 -77.39 30.13 -32.03
CA VAL K 1660 -78.61 29.96 -32.80
C VAL K 1660 -78.25 29.86 -34.27
N HIS K 1661 -79.10 29.16 -35.02
CA HIS K 1661 -78.85 28.90 -36.43
C HIS K 1661 -78.86 30.21 -37.24
N PRO K 1662 -78.08 30.31 -38.32
CA PRO K 1662 -78.11 31.52 -39.14
C PRO K 1662 -79.45 31.79 -39.82
N ASP K 1663 -80.29 30.77 -39.99
CA ASP K 1663 -81.54 30.95 -40.72
C ASP K 1663 -82.45 31.96 -40.03
N TYR K 1664 -82.36 32.05 -38.70
CA TYR K 1664 -83.17 33.00 -37.94
C TYR K 1664 -82.60 34.40 -37.98
N LEU K 1665 -81.31 34.56 -38.30
CA LEU K 1665 -80.77 35.88 -38.61
C LEU K 1665 -81.18 36.33 -40.02
N PHE K 1666 -81.17 35.42 -40.98
CA PHE K 1666 -81.41 35.82 -42.36
C PHE K 1666 -82.86 36.22 -42.61
N ALA K 1667 -83.76 36.01 -41.65
CA ALA K 1667 -85.15 36.41 -41.79
C ALA K 1667 -85.45 37.82 -41.28
N VAL K 1668 -84.47 38.48 -40.63
CA VAL K 1668 -84.68 39.82 -40.12
C VAL K 1668 -84.28 40.88 -41.14
N LEU K 1669 -83.98 40.48 -42.37
CA LEU K 1669 -83.52 41.38 -43.41
C LEU K 1669 -84.28 41.10 -44.69
N ASP K 1670 -84.51 42.14 -45.48
CA ASP K 1670 -85.38 42.05 -46.64
C ASP K 1670 -84.77 41.13 -47.70
N ARG K 1671 -85.53 40.91 -48.77
CA ARG K 1671 -85.07 40.00 -49.83
C ARG K 1671 -83.79 40.50 -50.48
N SER K 1672 -83.78 41.77 -50.92
CA SER K 1672 -82.66 42.26 -51.72
C SER K 1672 -81.35 42.20 -50.95
N THR K 1673 -81.38 42.57 -49.67
CA THR K 1673 -80.18 42.45 -48.84
C THR K 1673 -79.72 41.01 -48.77
N TYR K 1674 -80.66 40.07 -48.68
CA TYR K 1674 -80.29 38.65 -48.62
C TYR K 1674 -79.63 38.21 -49.92
N GLU K 1675 -80.16 38.63 -51.08
CA GLU K 1675 -79.56 38.22 -52.34
C GLU K 1675 -78.16 38.82 -52.50
N GLU K 1676 -77.99 40.09 -52.11
CA GLU K 1676 -76.66 40.69 -52.16
C GLU K 1676 -75.69 39.94 -51.27
N TYR K 1677 -76.13 39.61 -50.04
CA TYR K 1677 -75.29 38.84 -49.14
C TYR K 1677 -74.93 37.48 -49.72
N ALA K 1678 -75.90 36.79 -50.30
CA ALA K 1678 -75.64 35.45 -50.84
C ALA K 1678 -74.66 35.50 -52.01
N THR K 1679 -74.81 36.49 -52.89
CA THR K 1679 -73.84 36.65 -53.97
C THR K 1679 -72.45 36.91 -53.42
N LYS K 1680 -72.35 37.77 -52.40
CA LYS K 1680 -71.04 38.07 -51.83
C LYS K 1680 -70.42 36.83 -51.19
N VAL K 1681 -71.22 36.02 -50.50
CA VAL K 1681 -70.69 34.80 -49.88
C VAL K 1681 -70.28 33.79 -50.95
N SER K 1682 -71.04 33.71 -52.05
CA SER K 1682 -70.63 32.82 -53.12
C SER K 1682 -69.26 33.21 -53.67
N ALA K 1683 -69.09 34.51 -53.97
CA ALA K 1683 -67.80 34.97 -54.48
C ALA K 1683 -66.69 34.73 -53.45
N ARG K 1684 -66.97 35.02 -52.18
CA ARG K 1684 -65.96 34.83 -51.14
C ARG K 1684 -65.63 33.36 -50.94
N ASN K 1685 -66.62 32.47 -51.07
CA ASN K 1685 -66.35 31.04 -51.01
C ASN K 1685 -65.45 30.61 -52.15
N LYS K 1686 -65.67 31.18 -53.35
CA LYS K 1686 -64.77 30.89 -54.46
C LYS K 1686 -63.35 31.32 -54.13
N LYS K 1687 -63.18 32.57 -53.68
CA LYS K 1687 -61.87 33.08 -53.31
C LYS K 1687 -61.21 32.20 -52.26
N THR K 1688 -61.99 31.83 -51.23
CA THR K 1688 -61.48 31.04 -50.14
C THR K 1688 -61.06 29.65 -50.61
N TYR K 1689 -61.84 29.06 -51.52
CA TYR K 1689 -61.44 27.78 -52.09
C TYR K 1689 -60.09 27.89 -52.77
N ARG K 1690 -59.90 28.94 -53.57
CA ARG K 1690 -58.60 29.13 -54.21
C ARG K 1690 -57.49 29.26 -53.16
N TYR K 1691 -57.70 30.12 -52.17
CA TYR K 1691 -56.62 30.38 -51.22
C TYR K 1691 -56.29 29.13 -50.41
N MET K 1692 -57.32 28.44 -49.93
CA MET K 1692 -57.10 27.22 -49.16
C MET K 1692 -56.33 26.19 -49.98
N HIS K 1693 -56.66 26.04 -51.26
CA HIS K 1693 -55.98 25.02 -52.04
C HIS K 1693 -54.55 25.44 -52.39
N ASN K 1694 -54.38 26.70 -52.79
CA ASN K 1694 -53.06 27.22 -53.06
C ASN K 1694 -52.14 26.99 -51.89
N ALA K 1695 -52.64 27.26 -50.68
CA ALA K 1695 -51.78 27.28 -49.52
C ALA K 1695 -51.63 25.91 -48.89
N ILE K 1696 -52.65 25.06 -48.97
CA ILE K 1696 -52.45 23.69 -48.51
C ILE K 1696 -51.33 23.06 -49.31
N THR K 1697 -51.33 23.22 -50.64
CA THR K 1697 -50.29 22.51 -51.38
C THR K 1697 -48.93 23.20 -51.21
N ARG K 1698 -48.86 24.53 -51.38
CA ARG K 1698 -47.59 25.24 -51.31
C ARG K 1698 -47.12 25.46 -49.87
N ASN K 1699 -47.85 24.97 -48.87
CA ASN K 1699 -47.49 25.16 -47.47
C ASN K 1699 -47.34 26.65 -47.14
N THR K 1700 -48.28 27.45 -47.63
CA THR K 1700 -48.36 28.88 -47.36
C THR K 1700 -49.71 29.22 -46.74
N MET K 1701 -50.19 28.36 -45.85
CA MET K 1701 -51.44 28.63 -45.14
C MET K 1701 -51.34 29.90 -44.32
N PHE K 1702 -50.26 30.03 -43.56
CA PHE K 1702 -49.98 31.22 -42.77
C PHE K 1702 -49.02 32.10 -43.56
N VAL K 1703 -49.44 33.32 -43.86
CA VAL K 1703 -48.61 34.31 -44.53
C VAL K 1703 -48.39 35.44 -43.53
N ALA K 1704 -47.20 35.48 -42.94
CA ALA K 1704 -46.87 36.55 -42.01
C ALA K 1704 -46.91 37.89 -42.72
N LYS K 1705 -47.53 38.88 -42.07
CA LYS K 1705 -47.54 40.24 -42.57
C LYS K 1705 -46.19 40.88 -42.23
N ASP K 1706 -45.40 41.18 -43.25
CA ASP K 1706 -44.12 41.84 -43.02
C ASP K 1706 -44.33 43.29 -42.59
N LYS K 1707 -45.34 43.95 -43.16
CA LYS K 1707 -45.61 45.36 -42.91
C LYS K 1707 -47.06 45.54 -42.52
N ALA K 1708 -47.31 46.55 -41.69
CA ALA K 1708 -48.67 46.94 -41.34
C ALA K 1708 -49.34 47.56 -42.56
N PRO K 1709 -50.68 47.65 -42.57
CA PRO K 1709 -51.34 48.30 -43.71
C PRO K 1709 -51.08 49.79 -43.76
N TYR K 1710 -50.51 50.37 -42.70
CA TYR K 1710 -50.13 51.77 -42.65
C TYR K 1710 -48.62 51.86 -42.50
N SER K 1711 -48.04 52.87 -43.15
CA SER K 1711 -46.63 53.17 -42.94
C SER K 1711 -46.45 53.87 -41.61
N ASP K 1712 -45.20 53.89 -41.12
CA ASP K 1712 -44.90 54.63 -39.90
C ASP K 1712 -45.23 56.10 -40.06
N GLU K 1713 -45.14 56.63 -41.27
CA GLU K 1713 -45.44 58.04 -41.50
C GLU K 1713 -46.94 58.29 -41.47
N LEU K 1714 -47.72 57.43 -42.13
CA LEU K 1714 -49.17 57.54 -42.13
C LEU K 1714 -49.81 56.82 -40.96
N GLU K 1715 -49.02 56.18 -40.09
CA GLU K 1715 -49.58 55.44 -38.97
C GLU K 1715 -50.47 56.31 -38.11
N GLN K 1716 -50.07 57.56 -37.89
CA GLN K 1716 -50.81 58.40 -36.97
C GLN K 1716 -52.05 59.06 -37.61
N PRO K 1717 -52.06 59.60 -38.85
CA PRO K 1717 -53.34 59.79 -39.42
C PRO K 1717 -54.25 58.58 -39.52
N VAL K 1718 -53.69 57.42 -39.89
CA VAL K 1718 -54.49 56.21 -40.04
C VAL K 1718 -55.15 55.85 -38.72
N TYR K 1719 -54.40 55.94 -37.62
CA TYR K 1719 -55.02 55.84 -36.31
C TYR K 1719 -56.06 56.93 -36.12
N LEU K 1720 -55.66 58.19 -36.10
CA LEU K 1720 -56.47 59.28 -35.60
C LEU K 1720 -57.72 59.55 -36.44
N ASP K 1721 -57.83 58.96 -37.62
CA ASP K 1721 -59.03 59.04 -38.42
C ASP K 1721 -59.90 57.80 -38.18
N PRO K 1722 -61.11 57.92 -37.61
CA PRO K 1722 -61.94 56.72 -37.46
C PRO K 1722 -62.45 56.15 -38.77
N LEU K 1723 -62.61 56.98 -39.80
CA LEU K 1723 -63.13 56.54 -41.08
C LEU K 1723 -62.03 56.04 -42.02
N ALA K 1724 -60.80 55.90 -41.54
CA ALA K 1724 -59.73 55.40 -42.39
C ALA K 1724 -59.97 53.93 -42.71
N ARG K 1725 -59.86 53.60 -44.00
CA ARG K 1725 -60.01 52.23 -44.47
C ARG K 1725 -58.94 51.96 -45.52
N VAL K 1726 -58.47 50.71 -45.55
CA VAL K 1726 -57.44 50.34 -46.51
C VAL K 1726 -58.02 50.32 -47.92
N GLU K 1727 -57.13 50.51 -48.90
CA GLU K 1727 -57.45 50.39 -50.30
C GLU K 1727 -56.37 49.56 -50.97
N GLU K 1728 -56.67 49.05 -52.16
CA GLU K 1728 -55.73 48.21 -52.89
C GLU K 1728 -54.69 49.09 -53.58
N ASN K 1729 -53.41 48.80 -53.33
CA ASN K 1729 -52.30 49.47 -53.98
C ASN K 1729 -51.15 48.47 -54.04
N LYS K 1730 -50.57 48.33 -55.23
CA LYS K 1730 -49.47 47.38 -55.45
C LYS K 1730 -49.89 45.96 -55.06
N LYS K 1731 -51.17 45.64 -55.29
CA LYS K 1731 -51.74 44.34 -54.98
C LYS K 1731 -51.83 44.05 -53.49
N LYS K 1732 -51.66 45.07 -52.64
CA LYS K 1732 -51.75 44.91 -51.20
C LYS K 1732 -52.73 45.94 -50.64
N LEU K 1733 -53.48 45.54 -49.61
CA LEU K 1733 -54.43 46.42 -48.95
C LEU K 1733 -53.66 47.26 -47.94
N VAL K 1734 -53.48 48.54 -48.26
CA VAL K 1734 -52.71 49.46 -47.43
C VAL K 1734 -53.49 50.76 -47.30
N PHE K 1735 -53.08 51.58 -46.33
CA PHE K 1735 -53.65 52.90 -46.16
C PHE K 1735 -52.90 53.91 -47.02
N SER K 1736 -53.64 54.89 -47.53
CA SER K 1736 -53.09 55.93 -48.38
C SER K 1736 -53.42 57.29 -47.78
N ASP K 1737 -52.55 58.27 -48.08
CA ASP K 1737 -52.75 59.61 -47.56
C ASP K 1737 -54.06 60.23 -48.03
N LYS K 1738 -54.51 59.86 -49.24
CA LYS K 1738 -55.72 60.48 -49.79
C LYS K 1738 -56.97 60.04 -49.05
N THR K 1739 -57.00 58.80 -48.55
CA THR K 1739 -58.19 58.24 -47.92
C THR K 1739 -58.24 58.47 -46.41
N ILE K 1740 -57.35 59.30 -45.87
CA ILE K 1740 -57.28 59.58 -44.44
C ILE K 1740 -57.75 61.02 -44.22
N GLN K 1741 -58.68 61.20 -43.28
CA GLN K 1741 -59.27 62.50 -42.99
C GLN K 1741 -59.85 63.11 -44.26
N SER K 1742 -60.47 62.28 -45.09
CA SER K 1742 -61.02 62.69 -46.38
C SER K 1742 -62.50 63.03 -46.24
N ASN K 1743 -62.91 64.10 -46.92
CA ASN K 1743 -64.32 64.47 -46.90
C ASN K 1743 -65.19 63.42 -47.57
N GLN K 1744 -64.63 62.65 -48.51
CA GLN K 1744 -65.42 61.63 -49.20
C GLN K 1744 -65.89 60.56 -48.23
N SER K 1745 -65.02 60.11 -47.32
CA SER K 1745 -65.41 59.09 -46.36
C SER K 1745 -66.53 59.57 -45.45
N TYR K 1746 -66.46 60.83 -45.02
CA TYR K 1746 -67.52 61.42 -44.20
C TYR K 1746 -68.70 61.83 -45.06
N MET L 1 9.14 100.22 -73.17
CA MET L 1 8.39 100.58 -71.93
C MET L 1 9.31 100.58 -70.73
N LYS L 2 9.27 101.65 -69.95
CA LYS L 2 10.12 101.75 -68.77
C LYS L 2 9.66 100.74 -67.72
N PRO L 3 10.59 100.19 -66.92
CA PRO L 3 10.16 99.23 -65.89
C PRO L 3 9.17 99.81 -64.89
N GLU L 4 9.35 101.08 -64.50
CA GLU L 4 8.46 101.66 -63.51
C GLU L 4 7.04 101.82 -64.06
N ILE L 5 6.91 102.38 -65.26
CA ILE L 5 5.59 102.57 -65.84
C ILE L 5 4.95 101.22 -66.15
N GLU L 6 5.76 100.26 -66.59
CA GLU L 6 5.23 98.92 -66.85
C GLU L 6 4.70 98.29 -65.57
N GLN L 7 5.43 98.45 -64.45
CA GLN L 7 4.95 97.92 -63.18
C GLN L 7 3.67 98.63 -62.75
N GLU L 8 3.59 99.95 -62.94
CA GLU L 8 2.38 100.68 -62.63
C GLU L 8 1.18 100.11 -63.39
N LEU L 9 1.32 99.99 -64.71
CA LEU L 9 0.22 99.53 -65.53
C LEU L 9 -0.14 98.08 -65.22
N SER L 10 0.87 97.24 -64.96
CA SER L 10 0.60 95.86 -64.61
C SER L 10 -0.15 95.76 -63.29
N HIS L 11 0.23 96.56 -62.30
CA HIS L 11 -0.48 96.55 -61.02
C HIS L 11 -1.93 97.00 -61.20
N THR L 12 -2.13 98.08 -61.96
CA THR L 12 -3.50 98.57 -62.18
C THR L 12 -4.34 97.53 -62.91
N LEU L 13 -3.78 96.93 -63.95
CA LEU L 13 -4.52 95.94 -64.74
C LEU L 13 -4.83 94.70 -63.91
N LEU L 14 -3.86 94.23 -63.11
CA LEU L 14 -4.11 93.07 -62.27
C LEU L 14 -5.19 93.37 -61.24
N THR L 15 -5.13 94.55 -60.62
CA THR L 15 -6.15 94.91 -59.64
C THR L 15 -7.53 94.98 -60.27
N GLU L 16 -7.63 95.59 -61.45
CA GLU L 16 -8.91 95.65 -62.15
C GLU L 16 -9.41 94.26 -62.51
N LEU L 17 -8.51 93.39 -62.97
CA LEU L 17 -8.89 92.04 -63.34
C LEU L 17 -9.43 91.27 -62.14
N LEU L 18 -8.70 91.30 -61.02
CA LEU L 18 -9.14 90.58 -59.83
C LEU L 18 -10.42 91.17 -59.27
N ALA L 19 -10.62 92.49 -59.42
CA ALA L 19 -11.83 93.11 -58.90
C ALA L 19 -13.04 92.74 -59.74
N TYR L 20 -12.92 92.79 -61.06
CA TYR L 20 -14.06 92.64 -61.95
C TYR L 20 -14.32 91.19 -62.36
N GLN L 21 -13.38 90.28 -62.13
CA GLN L 21 -13.59 88.90 -62.57
C GLN L 21 -14.59 88.16 -61.68
N PHE L 22 -14.62 88.48 -60.39
CA PHE L 22 -15.52 87.77 -59.48
C PHE L 22 -16.97 88.19 -59.63
N ALA L 23 -17.25 89.26 -60.39
CA ALA L 23 -18.61 89.65 -60.74
C ALA L 23 -18.91 89.47 -62.21
N SER L 24 -17.91 89.61 -63.08
CA SER L 24 -18.13 89.34 -64.49
C SER L 24 -18.20 87.83 -64.73
N PRO L 25 -18.87 87.38 -65.79
CA PRO L 25 -18.88 85.94 -66.08
C PRO L 25 -17.50 85.46 -66.50
N VAL L 26 -17.01 84.43 -65.81
CA VAL L 26 -15.73 83.84 -66.18
C VAL L 26 -15.86 83.18 -67.54
N ARG L 27 -14.95 83.53 -68.46
CA ARG L 27 -14.95 83.01 -69.81
C ARG L 27 -13.91 81.90 -69.89
N TRP L 28 -14.31 80.70 -69.45
CA TRP L 28 -13.41 79.56 -69.50
C TRP L 28 -13.26 79.00 -70.92
N ILE L 29 -14.19 79.33 -71.82
CA ILE L 29 -14.08 78.86 -73.21
C ILE L 29 -12.82 79.42 -73.86
N GLU L 30 -12.57 80.73 -73.71
CA GLU L 30 -11.41 81.31 -74.35
C GLU L 30 -10.13 80.90 -73.63
N THR L 31 -10.20 80.68 -72.32
CA THR L 31 -9.03 80.16 -71.60
C THR L 31 -8.65 78.78 -72.11
N GLN L 32 -9.66 77.91 -72.31
CA GLN L 32 -9.38 76.59 -72.87
C GLN L 32 -8.83 76.70 -74.28
N ASP L 33 -9.39 77.61 -75.08
CA ASP L 33 -8.84 77.82 -76.42
C ASP L 33 -7.38 78.23 -76.35
N VAL L 34 -7.06 79.11 -75.39
CA VAL L 34 -5.68 79.58 -75.26
C VAL L 34 -4.74 78.43 -74.91
N PHE L 35 -5.07 77.66 -73.87
CA PHE L 35 -4.14 76.65 -73.39
C PHE L 35 -4.31 75.30 -74.09
N LEU L 36 -5.14 75.22 -75.12
CA LEU L 36 -5.24 74.01 -75.95
C LEU L 36 -4.78 74.24 -77.38
N LYS L 37 -5.23 75.30 -78.04
CA LYS L 37 -4.93 75.54 -79.44
C LYS L 37 -3.84 76.60 -79.65
N GLN L 38 -4.02 77.78 -79.07
CA GLN L 38 -3.08 78.87 -79.33
C GLN L 38 -1.68 78.54 -78.84
N HIS L 39 -1.58 77.91 -77.67
CA HIS L 39 -0.28 77.54 -77.12
C HIS L 39 0.13 76.11 -77.45
N ASN L 40 -0.78 75.28 -77.95
CA ASN L 40 -0.48 73.92 -78.38
C ASN L 40 0.21 73.13 -77.27
N THR L 41 -0.42 73.13 -76.10
CA THR L 41 0.24 72.67 -74.88
C THR L 41 0.08 71.16 -74.77
N GLU L 42 1.19 70.45 -74.97
CA GLU L 42 1.19 68.99 -74.90
C GLU L 42 1.03 68.46 -73.48
N ARG L 43 1.16 69.31 -72.46
CA ARG L 43 1.05 68.90 -71.07
C ARG L 43 0.17 69.88 -70.33
N ILE L 44 -0.86 69.38 -69.67
CA ILE L 44 -1.77 70.18 -68.86
C ILE L 44 -1.59 69.74 -67.42
N ILE L 45 -1.39 70.70 -66.53
CA ILE L 45 -1.26 70.46 -65.10
C ILE L 45 -2.41 71.17 -64.40
N GLU L 46 -3.15 70.43 -63.58
CA GLU L 46 -4.15 71.01 -62.70
C GLU L 46 -3.79 70.62 -61.28
N ILE L 47 -3.89 71.58 -60.37
CA ILE L 47 -3.55 71.39 -58.96
C ILE L 47 -4.82 71.65 -58.15
N GLY L 48 -5.24 70.64 -57.39
CA GLY L 48 -6.42 70.76 -56.57
C GLY L 48 -6.76 69.44 -55.89
N PRO L 49 -7.68 69.48 -54.92
CA PRO L 49 -8.05 68.24 -54.22
C PRO L 49 -8.68 67.21 -55.13
N SER L 50 -9.42 67.62 -56.15
CA SER L 50 -10.08 66.72 -57.07
C SER L 50 -9.96 67.28 -58.49
N PRO L 51 -10.04 66.41 -59.51
CA PRO L 51 -9.87 66.88 -60.91
C PRO L 51 -11.15 67.41 -61.54
N THR L 52 -11.57 68.59 -61.11
CA THR L 52 -12.75 69.21 -61.72
C THR L 52 -12.40 69.82 -63.07
N LEU L 53 -11.23 70.47 -63.18
CA LEU L 53 -10.83 71.12 -64.43
C LEU L 53 -10.14 70.17 -65.39
N ALA L 54 -9.42 69.18 -64.87
CA ALA L 54 -8.80 68.19 -65.74
C ALA L 54 -9.85 67.44 -66.55
N GLY L 55 -10.97 67.06 -65.92
CA GLY L 55 -12.01 66.34 -66.63
C GLY L 55 -12.65 67.16 -67.72
N MET L 56 -13.01 68.41 -67.43
CA MET L 56 -13.65 69.22 -68.46
C MET L 56 -12.66 69.63 -69.55
N ALA L 57 -11.38 69.81 -69.21
CA ALA L 57 -10.38 70.03 -70.26
C ALA L 57 -10.26 68.80 -71.14
N ASN L 58 -10.28 67.62 -70.53
CA ASN L 58 -10.24 66.37 -71.31
C ASN L 58 -11.40 66.31 -72.29
N ARG L 59 -12.63 66.50 -71.80
CA ARG L 59 -13.76 66.37 -72.71
C ARG L 59 -13.83 67.53 -73.69
N THR L 60 -13.25 68.68 -73.35
CA THR L 60 -13.13 69.77 -74.32
C THR L 60 -12.23 69.36 -75.48
N ILE L 61 -11.06 68.77 -75.18
CA ILE L 61 -10.17 68.38 -76.27
C ILE L 61 -10.78 67.22 -77.06
N LYS L 62 -11.52 66.33 -76.39
CA LYS L 62 -12.19 65.26 -77.13
C LYS L 62 -13.25 65.82 -78.07
N ALA L 63 -14.03 66.79 -77.61
CA ALA L 63 -15.16 67.29 -78.39
C ALA L 63 -14.73 68.26 -79.49
N LYS L 64 -13.64 69.01 -79.28
CA LYS L 64 -13.28 70.11 -80.15
C LYS L 64 -11.93 69.95 -80.84
N TYR L 65 -10.93 69.43 -80.14
CA TYR L 65 -9.56 69.40 -80.63
C TYR L 65 -9.06 67.98 -80.89
N GLU L 66 -9.98 67.04 -81.13
CA GLU L 66 -9.55 65.67 -81.41
C GLU L 66 -8.86 65.58 -82.78
N SER L 67 -9.53 66.07 -83.83
CA SER L 67 -8.93 66.06 -85.15
C SER L 67 -7.71 66.97 -85.20
N TYR L 68 -7.76 68.10 -84.49
CA TYR L 68 -6.62 69.00 -84.42
C TYR L 68 -5.40 68.30 -83.80
N ASP L 69 -5.61 67.64 -82.67
CA ASP L 69 -4.52 66.93 -82.01
C ASP L 69 -4.00 65.81 -82.90
N ALA L 70 -4.90 65.08 -83.56
CA ALA L 70 -4.47 64.02 -84.46
C ALA L 70 -3.58 64.58 -85.57
N ALA L 71 -4.07 65.60 -86.28
CA ALA L 71 -3.33 66.11 -87.44
C ALA L 71 -2.00 66.72 -87.04
N LEU L 72 -2.00 67.58 -86.01
CA LEU L 72 -0.76 68.21 -85.56
C LEU L 72 0.12 67.27 -84.76
N SER L 73 -0.32 66.04 -84.49
CA SER L 73 0.48 65.05 -83.77
C SER L 73 0.76 65.54 -82.35
N LEU L 74 -0.23 66.17 -81.75
CA LEU L 74 -0.13 66.69 -80.38
C LEU L 74 -0.60 65.61 -79.42
N GLN L 75 0.29 65.17 -78.55
CA GLN L 75 -0.01 64.14 -77.55
C GLN L 75 -0.29 64.85 -76.23
N ARG L 76 -1.53 65.33 -76.09
CA ARG L 76 -1.91 66.03 -74.87
C ARG L 76 -1.95 65.07 -73.69
N GLN L 77 -1.34 65.49 -72.59
CA GLN L 77 -1.30 64.73 -71.34
C GLN L 77 -1.94 65.60 -70.26
N VAL L 78 -3.21 65.33 -69.96
CA VAL L 78 -3.92 66.06 -68.91
C VAL L 78 -3.64 65.36 -67.59
N LEU L 79 -3.15 66.12 -66.61
CA LEU L 79 -2.70 65.60 -65.34
C LEU L 79 -3.31 66.39 -64.20
N CYS L 80 -3.68 65.69 -63.14
CA CYS L 80 -4.24 66.29 -61.95
C CYS L 80 -3.40 65.91 -60.73
N TYR L 81 -3.22 66.86 -59.83
CA TYR L 81 -2.40 66.61 -58.64
C TYR L 81 -3.01 65.54 -57.75
N SER L 82 -4.34 65.41 -57.76
CA SER L 82 -5.00 64.44 -56.91
C SER L 82 -4.64 63.01 -57.30
N LYS L 83 -4.73 62.69 -58.59
CA LYS L 83 -4.53 61.34 -59.09
C LYS L 83 -3.15 61.13 -59.72
N ASP L 84 -2.81 61.93 -60.72
CA ASP L 84 -1.59 61.70 -61.52
C ASP L 84 -0.38 62.39 -60.92
N ALA L 85 -0.13 62.18 -59.62
CA ALA L 85 1.01 62.83 -58.98
C ALA L 85 2.32 62.20 -59.41
N LYS L 86 2.32 60.90 -59.69
CA LYS L 86 3.53 60.22 -60.13
C LYS L 86 4.02 60.79 -61.45
N GLU L 87 3.10 61.05 -62.39
CA GLU L 87 3.49 61.68 -63.64
C GLU L 87 3.97 63.11 -63.43
N ILE L 88 3.35 63.83 -62.50
CA ILE L 88 3.74 65.22 -62.24
C ILE L 88 5.18 65.26 -61.74
N TYR L 89 5.53 64.37 -60.81
CA TYR L 89 6.86 64.35 -60.21
C TYR L 89 7.84 63.45 -60.96
N TYR L 90 7.43 62.82 -62.05
CA TYR L 90 8.28 61.91 -62.81
C TYR L 90 8.82 60.80 -61.91
N LYS L 91 7.89 60.05 -61.33
CA LYS L 91 8.21 58.95 -60.41
C LYS L 91 7.42 57.72 -60.85
N PRO L 92 7.77 57.14 -62.02
CA PRO L 92 7.06 55.95 -62.50
C PRO L 92 7.39 54.69 -61.70
N ASN L 333 -1.50 6.02 -15.77
CA ASN L 333 -1.97 4.73 -15.28
C ASN L 333 -1.45 4.49 -13.86
N LYS L 334 -0.17 4.13 -13.77
CA LYS L 334 0.43 3.92 -12.45
C LYS L 334 0.47 5.23 -11.66
N LYS L 335 0.74 6.35 -12.35
CA LYS L 335 0.74 7.64 -11.66
C LYS L 335 -0.63 7.95 -11.08
N LEU L 336 -1.70 7.58 -11.78
CA LEU L 336 -3.04 7.81 -11.25
C LEU L 336 -3.34 6.86 -10.09
N ALA L 337 -2.97 5.57 -10.24
CA ALA L 337 -2.99 4.65 -9.09
C ALA L 337 -2.38 5.29 -7.86
N LYS L 338 -1.21 5.89 -8.05
CA LYS L 338 -0.38 6.34 -6.95
C LYS L 338 -0.93 7.61 -6.34
N GLN L 339 -1.40 8.53 -7.19
CA GLN L 339 -2.14 9.69 -6.71
C GLN L 339 -3.31 9.27 -5.86
N GLN L 340 -4.14 8.37 -6.36
CA GLN L 340 -5.35 8.01 -5.64
C GLN L 340 -5.00 7.34 -4.30
N LEU L 341 -3.98 6.47 -4.28
CA LEU L 341 -3.50 5.93 -3.01
C LEU L 341 -3.09 7.06 -2.06
N GLU L 342 -2.39 8.07 -2.59
CA GLU L 342 -1.90 9.18 -1.79
C GLU L 342 -3.04 9.98 -1.16
N VAL L 343 -4.01 10.39 -1.98
CA VAL L 343 -5.17 11.14 -1.47
C VAL L 343 -5.92 10.30 -0.43
N LEU L 344 -5.95 8.99 -0.64
CA LEU L 344 -6.59 8.10 0.32
C LEU L 344 -5.92 8.15 1.69
N ALA L 345 -4.59 8.01 1.69
CA ALA L 345 -3.86 8.07 2.95
C ALA L 345 -4.13 9.39 3.64
N ARG L 346 -4.16 10.49 2.88
CA ARG L 346 -4.54 11.79 3.45
C ARG L 346 -5.92 11.74 4.11
N TYR L 347 -6.90 11.20 3.38
CA TYR L 347 -8.26 11.12 3.91
C TYR L 347 -8.24 10.50 5.28
N LEU L 348 -7.54 9.38 5.43
CA LEU L 348 -7.68 8.62 6.67
C LEU L 348 -6.75 9.16 7.76
N GLN L 349 -5.70 9.89 7.37
CA GLN L 349 -4.93 10.67 8.35
C GLN L 349 -5.64 11.94 8.79
N SER L 350 -6.73 12.33 8.13
CA SER L 350 -7.42 13.59 8.44
C SER L 350 -6.52 14.77 8.11
N ARG L 351 -5.87 14.72 6.95
CA ARG L 351 -5.01 15.76 6.45
C ARG L 351 -5.64 16.40 5.22
N LEU L 352 -5.27 17.64 4.94
CA LEU L 352 -5.83 18.41 3.83
C LEU L 352 -4.70 18.69 2.84
N LYS L 353 -4.85 18.18 1.61
CA LYS L 353 -3.80 18.33 0.61
C LYS L 353 -3.59 19.78 0.22
N GLN L 354 -4.68 20.51 0.05
CA GLN L 354 -4.64 21.84 -0.55
C GLN L 354 -4.77 22.96 0.48
N GLY L 355 -4.62 22.65 1.77
CA GLY L 355 -4.88 23.65 2.80
C GLY L 355 -3.88 24.79 2.75
N SER L 356 -2.61 24.45 2.58
CA SER L 356 -1.58 25.48 2.57
C SER L 356 -1.58 26.25 1.25
N LEU L 357 -2.02 25.63 0.16
CA LEU L 357 -2.26 26.38 -1.07
C LEU L 357 -3.43 27.34 -0.90
N LYS L 358 -4.47 26.91 -0.19
CA LYS L 358 -5.55 27.82 0.18
C LYS L 358 -5.02 29.01 0.95
N SER L 359 -4.20 28.73 1.97
CA SER L 359 -3.61 29.80 2.76
C SER L 359 -2.75 30.71 1.88
N PHE L 360 -2.04 30.14 0.92
CA PHE L 360 -1.20 30.94 0.03
C PHE L 360 -2.03 31.88 -0.81
N ILE L 361 -3.13 31.39 -1.40
CA ILE L 361 -3.95 32.28 -2.23
C ILE L 361 -4.65 33.33 -1.37
N LYS L 362 -5.04 32.97 -0.15
CA LYS L 362 -5.59 33.97 0.77
C LYS L 362 -4.57 35.05 1.07
N GLU L 363 -3.32 34.65 1.33
CA GLU L 363 -2.30 35.63 1.62
C GLU L 363 -1.93 36.44 0.37
N LYS L 364 -2.07 35.83 -0.81
CA LYS L 364 -1.80 36.56 -2.04
C LYS L 364 -2.84 37.64 -2.29
N GLU L 365 -4.12 37.33 -2.04
CA GLU L 365 -5.14 38.36 -2.21
C GLU L 365 -5.02 39.42 -1.11
N ALA L 366 -4.59 39.03 0.10
CA ALA L 366 -4.29 40.02 1.13
C ALA L 366 -3.14 40.94 0.68
N SER L 367 -2.10 40.36 0.08
CA SER L 367 -0.99 41.15 -0.42
C SER L 367 -1.44 42.08 -1.53
N ALA L 368 -2.35 41.61 -2.39
CA ALA L 368 -2.90 42.47 -3.43
C ALA L 368 -3.70 43.62 -2.83
N VAL L 369 -4.44 43.36 -1.76
CA VAL L 369 -5.19 44.41 -1.08
C VAL L 369 -4.21 45.47 -0.56
N LEU L 370 -3.18 45.02 0.15
CA LEU L 370 -2.21 45.97 0.68
C LEU L 370 -1.49 46.71 -0.43
N GLN L 371 -1.19 46.01 -1.54
CA GLN L 371 -0.50 46.64 -2.64
C GLN L 371 -1.35 47.69 -3.32
N LYS L 372 -2.66 47.44 -3.46
CA LYS L 372 -3.51 48.44 -4.08
C LYS L 372 -3.71 49.64 -3.15
N GLU L 373 -3.74 49.40 -1.83
CA GLU L 373 -3.76 50.53 -0.90
C GLU L 373 -2.51 51.38 -1.04
N LEU L 374 -1.34 50.73 -1.05
CA LEU L 374 -0.09 51.45 -1.21
C LEU L 374 -0.03 52.15 -2.57
N ASP L 375 -0.60 51.52 -3.60
CA ASP L 375 -0.58 52.10 -4.94
C ASP L 375 -1.49 53.32 -5.03
N LEU L 376 -2.67 53.26 -4.41
CA LEU L 376 -3.51 54.45 -4.34
C LEU L 376 -2.79 55.58 -3.63
N TRP L 377 -2.18 55.29 -2.47
CA TRP L 377 -1.49 56.34 -1.74
C TRP L 377 -0.38 56.94 -2.58
N GLU L 378 0.40 56.06 -3.20
CA GLU L 378 1.54 56.45 -4.00
C GLU L 378 1.12 57.28 -5.20
N ALA L 379 0.08 56.86 -5.90
CA ALA L 379 -0.37 57.66 -7.03
C ALA L 379 -1.00 58.97 -6.55
N GLU L 380 -1.44 59.01 -5.29
CA GLU L 380 -2.00 60.23 -4.74
C GLU L 380 -0.92 61.24 -4.37
N HIS L 381 0.27 60.77 -4.00
CA HIS L 381 1.33 61.66 -3.48
C HIS L 381 2.55 61.76 -4.39
N GLY L 382 3.02 60.64 -4.92
CA GLY L 382 4.10 60.62 -5.90
C GLY L 382 5.31 59.93 -5.30
N GLU L 383 6.23 59.52 -6.18
CA GLU L 383 7.39 58.77 -5.71
C GLU L 383 8.34 59.65 -4.92
N PHE L 384 8.48 60.92 -5.31
CA PHE L 384 9.39 61.80 -4.58
C PHE L 384 8.91 62.00 -3.15
N TYR L 385 7.65 62.41 -2.99
CA TYR L 385 7.08 62.56 -1.66
C TYR L 385 7.09 61.24 -0.91
N ALA L 386 7.06 60.13 -1.65
CA ALA L 386 7.05 58.82 -1.02
C ALA L 386 8.40 58.48 -0.42
N LYS L 387 9.43 58.43 -1.24
CA LYS L 387 10.74 58.05 -0.75
C LYS L 387 11.41 59.16 0.04
N GLY L 388 10.79 60.35 0.12
CA GLY L 388 11.32 61.42 0.93
C GLY L 388 10.93 61.41 2.38
N ILE L 389 9.98 60.56 2.79
CA ILE L 389 9.47 60.58 4.16
C ILE L 389 10.09 59.46 5.01
N GLN L 390 11.12 58.78 4.50
CA GLN L 390 11.70 57.67 5.23
C GLN L 390 12.31 58.18 6.55
N PRO L 391 12.38 57.31 7.58
CA PRO L 391 13.07 57.73 8.81
C PRO L 391 14.57 57.85 8.60
N THR L 392 15.10 59.06 8.74
CA THR L 392 16.55 59.28 8.71
C THR L 392 17.13 59.40 10.10
N PHE L 393 16.40 59.99 11.04
CA PHE L 393 16.94 60.26 12.36
C PHE L 393 17.03 58.99 13.19
N SER L 394 18.12 58.88 13.95
CA SER L 394 18.32 57.79 14.89
C SER L 394 19.14 58.34 16.04
N ALA L 395 18.70 58.07 17.28
CA ALA L 395 19.39 58.62 18.43
C ALA L 395 20.80 58.07 18.56
N LEU L 396 21.02 56.83 18.12
CA LEU L 396 22.35 56.23 18.19
C LEU L 396 23.29 56.75 17.11
N LYS L 397 22.76 57.35 16.05
CA LYS L 397 23.58 57.92 14.99
C LYS L 397 24.08 59.32 15.32
N SER L 398 23.66 59.90 16.44
CA SER L 398 24.09 61.24 16.81
C SER L 398 25.58 61.25 17.15
N ARG L 399 26.28 62.27 16.69
CA ARG L 399 27.71 62.44 16.89
C ARG L 399 27.95 63.70 17.71
N THR L 400 28.65 63.55 18.83
CA THR L 400 28.93 64.66 19.74
C THR L 400 30.37 65.12 19.55
N TYR L 401 30.56 66.44 19.56
CA TYR L 401 31.88 67.07 19.53
C TYR L 401 31.94 68.05 20.68
N ASP L 402 32.85 67.81 21.63
CA ASP L 402 33.04 68.70 22.77
C ASP L 402 34.50 68.85 23.18
N SER L 403 35.46 68.29 22.43
CA SER L 403 36.86 68.28 22.85
C SER L 403 37.61 69.51 22.34
N TYR L 404 37.02 70.68 22.60
CA TYR L 404 37.67 71.95 22.30
C TYR L 404 39.00 72.07 23.03
N TRP L 405 39.12 71.46 24.20
CA TRP L 405 40.38 71.49 24.94
C TRP L 405 41.51 70.90 24.10
N ASN L 406 41.22 69.82 23.38
CA ASN L 406 42.22 69.23 22.49
C ASN L 406 42.39 70.05 21.22
N TRP L 407 41.27 70.46 20.62
CA TRP L 407 41.36 71.13 19.33
C TRP L 407 42.05 72.47 19.48
N ALA L 408 41.97 73.14 20.61
CA ALA L 408 42.71 74.39 20.77
C ALA L 408 44.20 74.21 20.55
N ARG L 409 44.78 73.21 21.23
CA ARG L 409 46.20 72.93 21.07
C ARG L 409 46.50 72.46 19.65
N GLN L 410 45.59 71.69 19.05
CA GLN L 410 45.80 71.26 17.67
C GLN L 410 45.97 72.45 16.74
N ASP L 411 45.01 73.38 16.77
CA ASP L 411 45.09 74.56 15.90
C ASP L 411 46.26 75.46 16.26
N VAL L 412 46.61 75.55 17.55
CA VAL L 412 47.76 76.32 17.96
C VAL L 412 49.03 75.79 17.30
N LEU L 413 49.22 74.47 17.35
CA LEU L 413 50.40 73.88 16.74
C LEU L 413 50.37 74.03 15.23
N SER L 414 49.20 73.86 14.62
CA SER L 414 49.08 74.02 13.17
C SER L 414 49.53 75.40 12.75
N MET L 415 49.00 76.44 13.39
CA MET L 415 49.37 77.80 13.05
C MET L 415 50.85 78.05 13.37
N TYR L 416 51.33 77.53 14.48
CA TYR L 416 52.73 77.72 14.87
C TYR L 416 53.66 77.21 13.79
N PHE L 417 53.43 75.98 13.31
CA PHE L 417 54.31 75.43 12.29
C PHE L 417 54.09 76.08 10.93
N ASP L 418 52.86 76.49 10.62
CA ASP L 418 52.62 77.20 9.37
C ASP L 418 53.44 78.48 9.32
N ILE L 419 53.43 79.26 10.39
CA ILE L 419 54.24 80.47 10.42
C ILE L 419 55.72 80.12 10.43
N ILE L 420 56.10 79.05 11.12
CA ILE L 420 57.51 78.67 11.18
C ILE L 420 58.04 78.34 9.78
N PHE L 421 57.19 77.79 8.92
CA PHE L 421 57.57 77.48 7.54
C PHE L 421 57.18 78.56 6.54
N GLY L 422 56.56 79.64 6.99
CA GLY L 422 56.24 80.73 6.09
C GLY L 422 54.98 80.53 5.27
N LYS L 423 54.22 79.46 5.53
CA LYS L 423 52.91 79.33 4.91
C LYS L 423 51.95 80.42 5.36
N LEU L 424 52.22 81.06 6.50
CA LEU L 424 51.42 82.18 6.99
C LEU L 424 52.34 83.27 7.53
N VAL L 427 48.78 88.55 11.19
CA VAL L 427 49.43 88.98 9.97
C VAL L 427 48.44 89.06 8.81
N ASP L 428 47.41 88.24 8.87
CA ASP L 428 46.38 88.19 7.84
C ASP L 428 45.05 87.82 8.48
N ARG L 429 43.97 88.04 7.73
CA ARG L 429 42.63 87.92 8.31
C ARG L 429 42.32 86.48 8.75
N GLU L 430 42.73 85.49 7.98
CA GLU L 430 42.50 84.10 8.41
C GLU L 430 43.33 83.79 9.66
N THR L 431 44.55 84.33 9.75
CA THR L 431 45.34 84.16 10.95
C THR L 431 44.65 84.79 12.16
N ILE L 432 44.09 85.98 11.99
CA ILE L 432 43.39 86.64 13.09
C ILE L 432 42.14 85.85 13.46
N ASN L 433 41.47 85.26 12.47
CA ASN L 433 40.29 84.44 12.74
C ASN L 433 40.67 83.23 13.58
N GLN L 434 41.75 82.56 13.21
CA GLN L 434 42.23 81.42 13.99
C GLN L 434 42.64 81.85 15.39
N CYS L 435 43.25 83.02 15.51
CA CYS L 435 43.59 83.55 16.83
C CYS L 435 42.35 83.79 17.67
N ILE L 436 41.28 84.30 17.04
CA ILE L 436 40.02 84.48 17.74
C ILE L 436 39.50 83.15 18.24
N GLN L 437 39.58 82.11 17.40
CA GLN L 437 39.14 80.78 17.82
C GLN L 437 39.95 80.27 19.01
N ILE L 438 41.27 80.46 18.95
CA ILE L 438 42.12 79.95 20.02
C ILE L 438 41.86 80.71 21.31
N MET L 439 41.64 82.02 21.23
CA MET L 439 41.24 82.78 22.40
C MET L 439 39.90 82.32 22.94
N ASN L 440 38.95 82.01 22.04
CA ASN L 440 37.66 81.48 22.47
C ASN L 440 37.83 80.18 23.24
N ARG L 441 38.81 79.38 22.87
CA ARG L 441 39.11 78.13 23.57
C ARG L 441 40.16 78.29 24.66
N ALA L 442 40.61 79.51 24.93
CA ALA L 442 41.68 79.74 25.91
C ALA L 442 41.31 79.23 27.31
N ASN L 443 42.20 78.47 27.91
CA ASN L 443 42.10 77.96 29.26
C ASN L 443 43.50 77.89 29.85
N PRO L 444 43.63 77.68 31.16
CA PRO L 444 44.98 77.69 31.77
C PRO L 444 45.95 76.69 31.15
N THR L 445 45.47 75.47 30.85
CA THR L 445 46.35 74.49 30.23
C THR L 445 46.83 74.94 28.86
N LEU L 446 45.92 75.49 28.06
CA LEU L 446 46.31 76.00 26.75
C LEU L 446 47.30 77.15 26.89
N ILE L 447 47.08 78.02 27.88
CA ILE L 447 48.00 79.14 28.10
C ILE L 447 49.40 78.60 28.38
N LYS L 448 49.49 77.61 29.29
CA LYS L 448 50.79 77.04 29.60
C LYS L 448 51.42 76.38 28.38
N PHE L 449 50.59 75.74 27.55
CA PHE L 449 51.07 75.11 26.33
C PHE L 449 51.73 76.14 25.41
N MET L 450 51.03 77.23 25.13
CA MET L 450 51.59 78.27 24.26
C MET L 450 52.81 78.93 24.90
N GLN L 451 52.80 79.16 26.21
CA GLN L 451 53.96 79.75 26.87
C GLN L 451 55.17 78.86 26.73
N TYR L 452 55.02 77.55 26.91
CA TYR L 452 56.15 76.66 26.67
C TYR L 452 56.64 76.78 25.24
N HIS L 453 55.73 76.61 24.28
CA HIS L 453 56.14 76.52 22.89
C HIS L 453 56.74 77.82 22.37
N ILE L 454 56.46 78.95 23.01
CA ILE L 454 57.04 80.22 22.58
C ILE L 454 58.30 80.57 23.36
N ASP L 455 58.29 80.39 24.69
CA ASP L 455 59.48 80.64 25.48
C ASP L 455 60.62 79.70 25.13
N HIS L 456 60.34 78.56 24.49
CA HIS L 456 61.38 77.69 23.95
C HIS L 456 61.35 77.64 22.43
N CYS L 457 61.16 78.80 21.80
CA CYS L 457 61.27 78.93 20.35
C CYS L 457 62.61 79.58 20.01
N PRO L 458 63.53 78.90 19.32
CA PRO L 458 64.81 79.53 19.02
C PRO L 458 64.68 80.59 17.93
N GLU L 459 65.14 81.80 18.25
CA GLU L 459 65.04 82.90 17.29
C GLU L 459 66.17 82.89 16.27
N TYR L 460 67.35 82.38 16.65
CA TYR L 460 68.50 82.42 15.75
C TYR L 460 68.29 81.61 14.48
N LYS L 461 67.32 80.70 14.47
CA LYS L 461 67.10 79.87 13.30
C LYS L 461 66.60 80.67 12.09
N GLY L 462 66.02 81.84 12.30
CA GLY L 462 65.65 82.69 11.20
C GLY L 462 64.68 83.77 11.60
N GLU L 463 64.55 84.75 10.71
CA GLU L 463 63.54 85.78 10.88
C GLU L 463 62.15 85.18 10.94
N THR L 464 61.94 84.04 10.28
CA THR L 464 60.65 83.37 10.36
C THR L 464 60.39 82.89 11.78
N TYR L 465 61.40 82.34 12.45
CA TYR L 465 61.26 81.94 13.85
C TYR L 465 61.05 83.17 14.74
N LYS L 466 61.74 84.26 14.46
CA LYS L 466 61.52 85.49 15.24
C LYS L 466 60.08 85.97 15.09
N LEU L 467 59.56 85.92 13.85
CA LEU L 467 58.17 86.29 13.62
C LEU L 467 57.22 85.38 14.39
N ALA L 468 57.48 84.08 14.36
CA ALA L 468 56.66 83.14 15.13
C ALA L 468 56.68 83.48 16.60
N LYS L 469 57.86 83.80 17.14
CA LYS L 469 57.96 84.10 18.56
C LYS L 469 57.21 85.37 18.92
N ARG L 470 57.37 86.44 18.14
CA ARG L 470 56.69 87.69 18.48
C ARG L 470 55.18 87.54 18.36
N LEU L 471 54.71 86.88 17.29
CA LEU L 471 53.27 86.68 17.14
C LEU L 471 52.72 85.80 18.26
N GLY L 472 53.49 84.79 18.67
CA GLY L 472 53.06 83.96 19.78
C GLY L 472 53.02 84.71 21.10
N GLN L 473 53.98 85.61 21.32
CA GLN L 473 53.92 86.45 22.51
C GLN L 473 52.66 87.31 22.51
N GLN L 474 52.35 87.92 21.36
CA GLN L 474 51.15 88.74 21.25
C GLN L 474 49.90 87.90 21.53
N LEU L 475 49.84 86.70 20.96
CA LEU L 475 48.65 85.87 21.14
C LEU L 475 48.56 85.34 22.56
N ILE L 476 49.70 85.08 23.20
CA ILE L 476 49.70 84.68 24.61
C ILE L 476 49.13 85.80 25.46
N ASP L 477 49.55 87.04 25.20
CA ASP L 477 48.99 88.17 25.93
C ASP L 477 47.49 88.29 25.69
N ASN L 478 47.06 88.12 24.43
CA ASN L 478 45.64 88.22 24.11
C ASN L 478 44.84 87.15 24.84
N CYS L 479 45.34 85.91 24.86
CA CYS L 479 44.61 84.83 25.52
C CYS L 479 44.62 84.98 27.03
N LYS L 480 45.71 85.53 27.58
CA LYS L 480 45.73 85.84 29.01
C LYS L 480 44.68 86.88 29.35
N GLN L 481 44.55 87.92 28.52
CA GLN L 481 43.51 88.92 28.74
C GLN L 481 42.12 88.29 28.61
N VAL L 482 41.94 87.41 27.62
CA VAL L 482 40.68 86.70 27.42
C VAL L 482 40.39 85.71 28.53
N LEU L 483 41.39 85.37 29.34
CA LEU L 483 41.21 84.41 30.42
C LEU L 483 40.03 84.78 31.32
N THR L 484 39.17 83.80 31.58
CA THR L 484 37.97 83.90 32.42
C THR L 484 36.81 84.63 31.74
N GLU L 485 37.00 85.17 30.54
CA GLU L 485 35.95 85.90 29.83
C GLU L 485 35.33 85.00 28.76
N ASP L 486 34.10 85.35 28.39
CA ASP L 486 33.28 84.47 27.58
C ASP L 486 33.86 84.30 26.17
N PRO L 487 33.55 83.20 25.49
CA PRO L 487 34.00 83.06 24.09
C PRO L 487 33.06 83.80 23.15
N VAL L 488 33.65 84.64 22.30
CA VAL L 488 32.90 85.58 21.47
C VAL L 488 33.06 85.20 20.01
N TYR L 489 31.94 85.18 19.29
CA TYR L 489 31.95 85.04 17.84
C TYR L 489 32.31 86.39 17.24
N LYS L 490 33.47 86.45 16.57
CA LYS L 490 33.97 87.68 15.97
C LYS L 490 34.41 87.36 14.55
N ASP L 491 33.55 87.65 13.57
CA ASP L 491 33.88 87.40 12.18
C ASP L 491 34.77 88.51 11.67
N VAL L 492 35.97 88.15 11.22
CA VAL L 492 36.98 89.08 10.76
C VAL L 492 37.33 88.89 9.29
N SER L 493 36.53 88.10 8.57
CA SER L 493 36.76 87.92 7.13
C SER L 493 36.57 89.24 6.41
N ARG L 494 37.38 89.46 5.36
CA ARG L 494 37.23 90.67 4.58
C ARG L 494 35.89 90.66 3.85
N ILE L 495 35.19 91.79 3.91
CA ILE L 495 33.90 91.94 3.26
C ILE L 495 34.12 91.84 1.75
N THR L 496 33.54 90.82 1.12
CA THR L 496 33.69 90.59 -0.31
C THR L 496 32.39 90.91 -1.02
N GLY L 497 32.53 91.37 -2.27
CA GLY L 497 31.42 91.71 -3.11
C GLY L 497 31.48 90.98 -4.44
N PRO L 498 30.37 90.98 -5.17
CA PRO L 498 30.35 90.30 -6.47
C PRO L 498 31.15 91.05 -7.50
N LYS L 499 31.63 90.33 -8.50
CA LYS L 499 32.26 90.96 -9.66
C LYS L 499 32.30 89.95 -10.80
N THR L 500 31.69 90.33 -11.92
CA THR L 500 31.63 89.51 -13.12
C THR L 500 32.44 90.19 -14.22
N LYS L 501 33.36 89.45 -14.81
CA LYS L 501 34.16 89.92 -15.94
C LYS L 501 33.94 88.97 -17.10
N VAL L 502 33.50 89.50 -18.24
CA VAL L 502 33.40 88.74 -19.47
C VAL L 502 34.67 88.98 -20.27
N SER L 503 35.45 87.92 -20.47
CA SER L 503 36.72 88.05 -21.16
C SER L 503 36.50 88.40 -22.63
N ALA L 504 37.58 88.79 -23.29
CA ALA L 504 37.52 89.09 -24.72
C ALA L 504 37.09 87.88 -25.53
N LYS L 505 37.35 86.67 -25.03
CA LYS L 505 36.94 85.43 -25.69
C LYS L 505 35.51 85.03 -25.36
N GLY L 506 34.80 85.82 -24.55
CA GLY L 506 33.42 85.52 -24.23
C GLY L 506 33.21 84.61 -23.04
N ASN L 507 34.21 84.44 -22.19
CA ASN L 507 34.12 83.58 -21.01
C ASN L 507 33.69 84.44 -19.83
N ILE L 508 32.61 84.05 -19.18
CA ILE L 508 32.12 84.75 -17.99
C ILE L 508 32.87 84.19 -16.77
N GLU L 509 33.54 85.07 -16.04
CA GLU L 509 34.24 84.72 -14.81
C GLU L 509 33.70 85.55 -13.67
N TYR L 510 33.21 84.88 -12.62
CA TYR L 510 32.71 85.54 -11.43
C TYR L 510 33.70 85.32 -10.30
N GLU L 511 34.03 86.39 -9.58
CA GLU L 511 34.94 86.29 -8.44
C GLU L 511 34.46 87.20 -7.32
N GLU L 512 34.68 86.75 -6.09
CA GLU L 512 34.36 87.54 -4.90
C GLU L 512 35.57 88.41 -4.56
N THR L 513 35.38 89.73 -4.61
CA THR L 513 36.49 90.67 -4.46
C THR L 513 36.25 91.60 -3.27
N GLN L 514 37.31 91.84 -2.52
CA GLN L 514 37.19 92.68 -1.34
C GLN L 514 36.72 94.07 -1.71
N LYS L 515 35.68 94.54 -1.02
CA LYS L 515 35.12 95.84 -1.31
C LYS L 515 36.12 96.94 -0.98
N ASP L 516 36.21 97.94 -1.86
CA ASP L 516 37.17 99.02 -1.64
C ASP L 516 36.80 99.86 -0.43
N SER L 517 35.54 100.29 -0.34
CA SER L 517 35.11 101.18 0.73
C SER L 517 34.79 100.43 2.02
N VAL L 518 34.65 99.11 1.98
CA VAL L 518 34.31 98.31 3.15
C VAL L 518 35.33 97.19 3.27
N ARG L 519 35.97 97.10 4.42
CA ARG L 519 37.00 96.09 4.69
C ARG L 519 36.64 95.19 5.87
N LYS L 520 36.14 95.77 6.96
CA LYS L 520 35.81 95.04 8.18
C LYS L 520 34.29 94.95 8.32
N PHE L 521 33.86 94.06 9.20
CA PHE L 521 32.43 93.97 9.48
C PHE L 521 31.93 95.22 10.19
N GLU L 522 32.82 95.97 10.84
CA GLU L 522 32.41 97.25 11.41
C GLU L 522 31.98 98.21 10.29
N GLN L 523 32.79 98.30 9.24
CA GLN L 523 32.42 99.13 8.09
C GLN L 523 31.22 98.55 7.35
N TYR L 524 31.07 97.22 7.36
CA TYR L 524 29.86 96.61 6.82
C TYR L 524 28.63 97.14 7.53
N VAL L 525 28.63 97.10 8.86
CA VAL L 525 27.48 97.58 9.63
C VAL L 525 27.29 99.08 9.41
N TYR L 526 28.39 99.82 9.29
CA TYR L 526 28.28 101.25 9.03
C TYR L 526 27.58 101.53 7.70
N GLU L 527 27.93 100.79 6.65
CA GLU L 527 27.25 100.99 5.37
C GLU L 527 25.81 100.50 5.42
N MET L 528 25.52 99.48 6.24
CA MET L 528 24.14 99.09 6.46
C MET L 528 23.34 100.25 7.02
N ALA L 529 23.88 100.89 8.06
CA ALA L 529 23.19 102.03 8.66
C ALA L 529 23.05 103.18 7.68
N GLN L 530 24.10 103.44 6.90
CA GLN L 530 24.04 104.49 5.89
C GLN L 530 23.00 104.20 4.82
N GLY L 531 22.74 102.93 4.53
CA GLY L 531 21.76 102.58 3.51
C GLY L 531 22.24 102.97 2.13
N GLY L 532 21.32 103.51 1.32
CA GLY L 532 21.68 103.92 -0.03
C GLY L 532 20.68 104.89 -0.59
N ALA L 533 20.98 105.39 -1.78
CA ALA L 533 20.08 106.31 -2.46
C ALA L 533 18.75 105.65 -2.77
N MET L 534 18.75 104.35 -3.04
CA MET L 534 17.52 103.64 -3.36
C MET L 534 16.67 103.41 -2.12
N THR L 535 17.29 103.25 -0.96
CA THR L 535 16.58 102.95 0.28
C THR L 535 16.13 104.25 0.98
N LYS L 536 15.38 105.05 0.23
CA LYS L 536 14.88 106.33 0.73
C LYS L 536 13.43 106.54 0.32
N GLN L 628 27.42 108.49 18.99
CA GLN L 628 28.55 107.58 18.80
C GLN L 628 28.22 106.18 18.24
N PRO L 629 27.06 105.58 18.54
CA PRO L 629 26.72 104.31 17.91
C PRO L 629 26.24 104.54 16.49
N VAL L 630 25.91 103.42 15.82
CA VAL L 630 25.37 103.49 14.46
C VAL L 630 23.92 103.95 14.48
N SER L 631 23.35 104.09 15.68
CA SER L 631 22.04 104.73 15.80
C SER L 631 22.09 106.16 15.28
N SER L 632 23.15 106.90 15.61
CA SER L 632 23.32 108.28 15.16
C SER L 632 23.80 108.37 13.72
N THR L 633 24.12 107.24 13.07
CA THR L 633 24.65 107.25 11.72
C THR L 633 23.56 107.19 10.66
N ILE L 634 22.38 106.67 11.00
CA ILE L 634 21.33 106.40 10.02
C ILE L 634 20.86 107.74 9.45
N PRO L 635 20.91 107.96 8.14
CA PRO L 635 20.38 109.23 7.60
C PRO L 635 18.89 109.36 7.81
N SER L 636 18.44 110.60 7.98
CA SER L 636 17.02 110.86 8.12
C SER L 636 16.29 110.55 6.82
N GLN L 637 15.10 109.96 6.94
CA GLN L 637 14.28 109.59 5.78
C GLN L 637 15.02 108.63 4.86
N THR L 638 15.86 107.78 5.44
CA THR L 638 16.59 106.76 4.71
C THR L 638 16.47 105.44 5.47
N ILE L 639 16.08 104.38 4.78
CA ILE L 639 15.90 103.06 5.38
C ILE L 639 17.24 102.31 5.25
N PRO L 640 17.83 101.83 6.36
CA PRO L 640 19.04 101.02 6.21
C PRO L 640 18.75 99.68 5.56
N PHE L 641 19.78 99.08 4.99
CA PHE L 641 19.62 97.81 4.27
C PHE L 641 19.13 96.72 5.21
N LEU L 642 19.74 96.60 6.39
CA LEU L 642 19.27 95.69 7.43
C LEU L 642 18.48 96.51 8.43
N HIS L 643 17.18 96.22 8.55
CA HIS L 643 16.33 96.95 9.47
C HIS L 643 15.30 96.02 10.09
N ILE L 644 14.68 96.48 11.16
CA ILE L 644 13.60 95.76 11.83
C ILE L 644 12.30 96.50 11.57
N GLN L 645 11.27 95.75 11.17
CA GLN L 645 9.97 96.31 10.85
C GLN L 645 9.04 96.12 12.05
N LYS L 646 8.34 97.19 12.42
CA LYS L 646 7.34 97.14 13.48
C LYS L 646 5.96 97.01 12.86
N LYS L 647 5.11 96.20 13.50
CA LYS L 647 3.75 96.00 13.01
C LYS L 647 2.88 97.18 13.42
N THR L 648 2.37 97.90 12.44
CA THR L 648 1.41 98.97 12.70
C THR L 648 0.04 98.34 12.94
N LYS L 649 -1.01 99.15 12.95
CA LYS L 649 -2.36 98.64 13.11
C LYS L 649 -2.89 98.07 11.80
N ASP L 650 -2.14 97.13 11.20
CA ASP L 650 -2.47 96.55 9.91
C ASP L 650 -1.34 95.64 9.43
N GLY L 651 -0.25 96.23 8.95
CA GLY L 651 0.87 95.49 8.39
C GLY L 651 2.19 95.79 9.07
N TRP L 652 3.30 95.51 8.39
CA TRP L 652 4.64 95.66 8.93
C TRP L 652 5.37 96.75 8.17
N GLU L 653 5.88 97.74 8.91
CA GLU L 653 6.58 98.88 8.33
C GLU L 653 7.91 99.06 9.03
N TYR L 654 8.85 99.68 8.32
CA TYR L 654 10.17 99.96 8.87
C TYR L 654 10.05 100.82 10.13
N ASN L 655 10.83 100.46 11.15
CA ASN L 655 10.84 101.16 12.43
C ASN L 655 12.24 101.65 12.75
N LYS L 656 12.36 102.93 13.06
CA LYS L 656 13.65 103.54 13.33
C LYS L 656 14.27 102.99 14.62
N LYS L 657 13.49 102.89 15.70
CA LYS L 657 14.04 102.52 17.00
C LYS L 657 14.53 101.07 16.99
N LEU L 658 13.68 100.14 16.53
CA LEU L 658 14.08 98.74 16.51
C LEU L 658 15.25 98.52 15.57
N SER L 659 15.24 99.20 14.42
CA SER L 659 16.36 99.09 13.49
C SER L 659 17.64 99.61 14.11
N SER L 660 17.57 100.74 14.82
CA SER L 660 18.76 101.27 15.47
C SER L 660 19.27 100.30 16.54
N LEU L 661 18.36 99.68 17.27
CA LEU L 661 18.76 98.67 18.26
C LEU L 661 19.49 97.51 17.58
N TYR L 662 18.93 97.02 16.46
CA TYR L 662 19.55 95.91 15.76
C TYR L 662 20.92 96.27 15.20
N LEU L 663 21.03 97.46 14.59
CA LEU L 663 22.33 97.86 14.03
C LEU L 663 23.34 98.14 15.13
N ASP L 664 22.91 98.64 16.29
CA ASP L 664 23.81 98.79 17.41
C ASP L 664 24.31 97.44 17.90
N GLY L 665 23.42 96.45 17.96
CA GLY L 665 23.85 95.11 18.31
C GLY L 665 24.84 94.55 17.30
N LEU L 666 24.60 94.80 16.01
CA LEU L 666 25.54 94.37 14.98
C LEU L 666 26.89 95.05 15.15
N GLU L 667 26.89 96.35 15.45
CA GLU L 667 28.14 97.07 15.67
C GLU L 667 28.89 96.49 16.86
N SER L 668 28.17 96.19 17.94
CA SER L 668 28.80 95.58 19.11
C SER L 668 29.39 94.23 18.78
N ALA L 669 28.66 93.41 18.02
CA ALA L 669 29.18 92.12 17.60
C ALA L 669 30.43 92.28 16.74
N ALA L 670 30.45 93.31 15.89
CA ALA L 670 31.60 93.53 15.03
C ALA L 670 32.84 93.92 15.83
N ILE L 671 32.67 94.80 16.82
CA ILE L 671 33.84 95.30 17.55
C ILE L 671 34.28 94.29 18.61
N ASN L 672 33.37 93.89 19.51
CA ASN L 672 33.71 93.06 20.66
C ASN L 672 33.43 91.58 20.45
N GLY L 673 32.79 91.20 19.34
CA GLY L 673 32.36 89.84 19.17
C GLY L 673 31.05 89.58 19.89
N LEU L 674 30.57 88.34 19.77
CA LEU L 674 29.27 87.95 20.28
C LEU L 674 29.37 86.61 20.99
N THR L 675 29.02 86.58 22.27
CA THR L 675 29.00 85.34 23.03
C THR L 675 27.62 84.68 22.89
N PHE L 676 27.64 83.38 22.58
CA PHE L 676 26.43 82.55 22.55
C PHE L 676 26.48 81.48 23.63
N LYS L 677 27.25 81.70 24.69
CA LYS L 677 27.32 80.71 25.77
C LYS L 677 25.96 80.54 26.41
N ASP L 678 25.67 79.31 26.83
CA ASP L 678 24.37 78.93 27.40
C ASP L 678 23.23 79.05 26.39
N LYS L 679 23.55 79.16 25.11
CA LYS L 679 22.55 79.18 24.04
C LYS L 679 22.50 77.78 23.43
N TYR L 680 21.35 77.12 23.60
CA TYR L 680 21.11 75.80 23.03
C TYR L 680 20.31 76.01 21.75
N VAL L 681 20.92 75.68 20.62
CA VAL L 681 20.35 75.95 19.30
C VAL L 681 20.05 74.63 18.61
N LEU L 682 19.00 74.63 17.80
CA LEU L 682 18.71 73.55 16.87
C LEU L 682 18.67 74.16 15.47
N VAL L 683 19.70 73.86 14.66
CA VAL L 683 19.83 74.43 13.33
C VAL L 683 19.69 73.31 12.30
N THR L 684 18.86 73.56 11.29
CA THR L 684 18.70 72.65 10.17
C THR L 684 19.03 73.38 8.88
N GLY L 685 19.31 72.62 7.84
CA GLY L 685 19.76 73.20 6.59
C GLY L 685 21.09 73.91 6.71
N ALA L 686 22.03 73.32 7.45
CA ALA L 686 23.34 73.90 7.68
C ALA L 686 24.46 73.06 7.08
N GLY L 687 24.23 72.50 5.89
CA GLY L 687 25.27 71.77 5.20
C GLY L 687 26.30 72.70 4.61
N ALA L 688 27.36 72.10 4.06
CA ALA L 688 28.44 72.89 3.50
C ALA L 688 27.94 73.77 2.35
N GLY L 689 28.49 74.98 2.27
CA GLY L 689 28.07 75.92 1.25
C GLY L 689 26.66 76.44 1.43
N SER L 690 26.29 76.80 2.66
CA SER L 690 24.96 77.37 2.92
C SER L 690 25.09 78.39 4.03
N ILE L 691 24.05 79.22 4.15
CA ILE L 691 24.00 80.23 5.21
C ILE L 691 23.97 79.56 6.57
N GLY L 692 23.29 78.41 6.66
CA GLY L 692 23.19 77.71 7.93
C GLY L 692 24.54 77.22 8.44
N ALA L 693 25.43 76.81 7.53
CA ALA L 693 26.75 76.37 7.95
C ALA L 693 27.54 77.52 8.58
N GLU L 694 27.46 78.71 7.98
CA GLU L 694 28.15 79.86 8.54
C GLU L 694 27.52 80.29 9.86
N ILE L 695 26.19 80.17 9.97
CA ILE L 695 25.54 80.43 11.25
C ILE L 695 26.04 79.46 12.30
N LEU L 696 26.17 78.19 11.94
CA LEU L 696 26.68 77.20 12.88
C LEU L 696 28.10 77.51 13.28
N GLN L 697 28.93 77.92 12.32
CA GLN L 697 30.30 78.33 12.64
C GLN L 697 30.30 79.45 13.66
N GLY L 698 29.46 80.46 13.44
CA GLY L 698 29.40 81.58 14.38
C GLY L 698 28.88 81.17 15.75
N LEU L 699 27.84 80.36 15.79
CA LEU L 699 27.29 79.91 17.07
C LEU L 699 28.32 79.12 17.85
N ILE L 700 28.99 78.18 17.20
CA ILE L 700 29.96 77.34 17.88
C ILE L 700 31.20 78.16 18.24
N SER L 701 31.50 79.21 17.49
CA SER L 701 32.55 80.15 17.90
C SER L 701 32.15 80.91 19.15
N GLY L 702 30.90 81.33 19.24
CA GLY L 702 30.39 82.05 20.39
C GLY L 702 30.13 81.18 21.59
N GLY L 703 30.23 79.86 21.45
CA GLY L 703 30.10 78.96 22.57
C GLY L 703 28.76 78.25 22.66
N ALA L 704 27.91 78.38 21.65
CA ALA L 704 26.60 77.77 21.70
C ALA L 704 26.72 76.25 21.66
N LYS L 705 25.71 75.59 22.22
CA LYS L 705 25.55 74.14 22.13
C LYS L 705 24.50 73.90 21.06
N VAL L 706 24.95 73.45 19.90
CA VAL L 706 24.12 73.38 18.71
C VAL L 706 23.87 71.92 18.34
N ILE L 707 22.62 71.61 18.00
CA ILE L 707 22.27 70.38 17.30
C ILE L 707 22.11 70.74 15.83
N VAL L 708 23.00 70.22 15.00
CA VAL L 708 22.96 70.45 13.56
C VAL L 708 22.34 69.24 12.89
N THR L 709 21.32 69.51 12.09
CA THR L 709 20.67 68.53 11.22
C THR L 709 21.44 68.39 9.91
N THR L 710 21.48 67.16 9.39
CA THR L 710 21.97 66.90 8.05
C THR L 710 21.00 65.91 7.40
N SER L 711 20.49 66.27 6.23
CA SER L 711 19.65 65.35 5.46
C SER L 711 20.45 64.29 4.74
N ARG L 712 21.77 64.44 4.65
CA ARG L 712 22.66 63.48 4.01
C ARG L 712 23.76 63.13 5.02
N PHE L 713 23.47 62.17 5.90
CA PHE L 713 24.40 61.75 6.93
C PHE L 713 25.38 60.75 6.33
N SER L 714 26.67 61.05 6.42
CA SER L 714 27.70 60.20 5.83
C SER L 714 29.02 60.51 6.51
N LYS L 715 30.05 59.75 6.16
CA LYS L 715 31.38 59.98 6.71
C LYS L 715 31.91 61.34 6.28
N LYS L 716 31.65 61.73 5.03
CA LYS L 716 32.13 63.03 4.55
C LYS L 716 31.52 64.17 5.36
N VAL L 717 30.20 64.13 5.58
CA VAL L 717 29.56 65.19 6.35
C VAL L 717 30.00 65.14 7.80
N THR L 718 30.21 63.94 8.33
CA THR L 718 30.70 63.79 9.70
C THR L 718 32.06 64.45 9.84
N GLU L 719 32.96 64.22 8.88
CA GLU L 719 34.28 64.85 8.92
C GLU L 719 34.18 66.36 8.74
N TYR L 720 33.26 66.82 7.90
CA TYR L 720 33.06 68.26 7.73
C TYR L 720 32.66 68.91 9.04
N TYR L 721 31.70 68.32 9.75
CA TYR L 721 31.31 68.90 11.03
C TYR L 721 32.39 68.69 12.09
N GLN L 722 33.15 67.60 11.99
CA GLN L 722 34.25 67.36 12.93
C GLN L 722 35.29 68.46 12.84
N ASN L 723 35.79 68.75 11.64
CA ASN L 723 36.81 69.78 11.53
C ASN L 723 36.23 71.17 11.64
N MET L 724 34.93 71.35 11.38
CA MET L 724 34.30 72.63 11.70
C MET L 724 34.30 72.88 13.20
N TYR L 725 33.99 71.86 14.01
CA TYR L 725 34.09 72.03 15.45
C TYR L 725 35.54 72.17 15.90
N ALA L 726 36.45 71.42 15.26
CA ALA L 726 37.86 71.51 15.63
C ALA L 726 38.40 72.90 15.38
N ARG L 727 37.91 73.57 14.33
CA ARG L 727 38.29 74.95 14.09
C ARG L 727 37.58 75.89 15.06
N TYR L 728 36.25 75.93 14.99
CA TYR L 728 35.47 76.99 15.62
C TYR L 728 34.92 76.63 17.00
N GLY L 729 34.82 75.36 17.33
CA GLY L 729 34.19 74.96 18.59
C GLY L 729 34.84 75.56 19.81
N ALA L 730 34.17 76.52 20.43
CA ALA L 730 34.74 77.32 21.51
C ALA L 730 34.57 76.64 22.86
N ALA L 731 35.15 77.23 23.88
CA ALA L 731 35.01 76.74 25.24
C ALA L 731 33.55 76.73 25.64
N GLY L 732 33.04 75.54 25.99
CA GLY L 732 31.66 75.36 26.35
C GLY L 732 30.75 74.92 25.23
N SER L 733 31.19 75.03 23.98
CA SER L 733 30.34 74.64 22.86
C SER L 733 30.28 73.13 22.73
N THR L 734 29.19 72.65 22.13
CA THR L 734 29.00 71.23 21.89
C THR L 734 28.20 71.07 20.61
N LEU L 735 28.77 70.37 19.63
CA LEU L 735 28.11 70.16 18.35
C LEU L 735 27.55 68.75 18.28
N ILE L 736 26.25 68.64 18.09
CA ILE L 736 25.55 67.36 17.97
C ILE L 736 25.09 67.24 16.52
N VAL L 737 25.84 66.50 15.72
CA VAL L 737 25.42 66.22 14.34
C VAL L 737 24.46 65.05 14.38
N VAL L 738 23.25 65.25 13.84
CA VAL L 738 22.24 64.19 13.84
C VAL L 738 21.78 63.94 12.42
N PRO L 739 21.57 62.68 12.00
CA PRO L 739 20.79 62.48 10.77
C PRO L 739 19.37 62.94 11.02
N PHE L 740 18.77 63.54 10.00
CA PHE L 740 17.43 64.06 10.19
C PHE L 740 16.76 64.41 8.87
N ASN L 741 15.58 63.86 8.64
CA ASN L 741 14.72 64.23 7.52
C ASN L 741 13.64 65.16 8.05
N GLN L 742 13.70 66.43 7.66
CA GLN L 742 12.64 67.36 8.02
C GLN L 742 11.35 67.09 7.26
N GLY L 743 11.38 66.23 6.25
CA GLY L 743 10.18 65.85 5.54
C GLY L 743 9.33 64.80 6.22
N SER L 744 9.79 64.26 7.35
CA SER L 744 9.05 63.26 8.11
C SER L 744 8.71 63.78 9.50
N LYS L 745 7.41 63.77 9.82
CA LYS L 745 6.95 64.18 11.15
C LYS L 745 7.52 63.26 12.22
N GLN L 746 7.72 61.99 11.89
CA GLN L 746 8.31 61.07 12.85
C GLN L 746 9.74 61.47 13.17
N ASP L 747 10.50 61.89 12.15
CA ASP L 747 11.84 62.41 12.42
C ASP L 747 11.77 63.66 13.27
N VAL L 748 10.84 64.57 12.96
CA VAL L 748 10.71 65.80 13.74
C VAL L 748 10.45 65.49 15.20
N ASP L 749 9.45 64.63 15.46
CA ASP L 749 9.11 64.26 16.82
C ASP L 749 10.27 63.54 17.50
N ALA L 750 10.95 62.64 16.78
CA ALA L 750 12.04 61.88 17.38
C ALA L 750 13.22 62.78 17.73
N LEU L 751 13.56 63.71 16.84
CA LEU L 751 14.66 64.63 17.13
C LEU L 751 14.32 65.53 18.33
N VAL L 752 13.09 66.02 18.38
CA VAL L 752 12.71 66.89 19.49
C VAL L 752 12.70 66.10 20.80
N GLN L 753 12.20 64.87 20.76
CA GLN L 753 12.23 63.99 21.93
C GLN L 753 13.68 63.74 22.36
N TYR L 754 14.57 63.53 21.40
CA TYR L 754 15.97 63.26 21.72
C TYR L 754 16.63 64.48 22.33
N ILE L 755 16.31 65.67 21.82
CA ILE L 755 16.88 66.89 22.37
C ILE L 755 16.41 67.12 23.80
N TYR L 756 15.12 66.90 24.06
CA TYR L 756 14.54 67.24 25.36
C TYR L 756 14.57 66.09 26.35
N ASP L 757 14.98 64.89 25.94
CA ASP L 757 15.15 63.78 26.86
C ASP L 757 16.46 63.94 27.62
N GLU L 758 16.48 63.44 28.84
CA GLU L 758 17.67 63.56 29.67
C GLU L 758 18.68 62.48 29.29
N PRO L 759 19.96 62.68 29.62
CA PRO L 759 20.99 61.71 29.17
C PRO L 759 20.75 60.29 29.65
N LYS L 760 20.09 60.11 30.80
CA LYS L 760 19.82 58.77 31.28
C LYS L 760 18.88 58.02 30.35
N LYS L 761 17.93 58.72 29.75
CA LYS L 761 16.98 58.12 28.82
C LYS L 761 17.47 58.12 27.38
N GLY L 762 18.72 58.54 27.12
CA GLY L 762 19.31 58.50 25.80
C GLY L 762 19.30 59.82 25.07
N GLY L 763 18.65 60.85 25.60
CA GLY L 763 18.60 62.15 24.96
C GLY L 763 19.77 63.03 25.34
N LEU L 764 19.62 64.33 25.06
CA LEU L 764 20.64 65.32 25.39
C LEU L 764 20.36 66.03 26.70
N GLY L 765 19.11 66.09 27.14
CA GLY L 765 18.78 66.84 28.34
C GLY L 765 18.96 68.33 28.16
N TRP L 766 18.67 68.83 26.97
CA TRP L 766 18.88 70.23 26.62
C TRP L 766 17.52 70.90 26.43
N ASP L 767 17.44 72.18 26.78
CA ASP L 767 16.27 73.00 26.55
C ASP L 767 16.64 74.04 25.50
N LEU L 768 15.99 73.97 24.34
CA LEU L 768 16.42 74.77 23.20
C LEU L 768 16.17 76.25 23.47
N ASP L 769 17.21 77.05 23.26
CA ASP L 769 17.10 78.50 23.31
C ASP L 769 16.84 79.12 21.94
N ALA L 770 17.20 78.45 20.85
CA ALA L 770 16.95 78.98 19.52
C ALA L 770 16.67 77.83 18.56
N ILE L 771 15.84 78.12 17.57
CA ILE L 771 15.56 77.19 16.47
C ILE L 771 15.79 77.94 15.17
N ILE L 772 16.56 77.34 14.28
CA ILE L 772 16.93 77.93 12.99
C ILE L 772 16.60 76.89 11.92
N PRO L 773 15.33 76.75 11.51
CA PRO L 773 14.98 75.72 10.52
C PRO L 773 15.16 76.19 9.07
N PHE L 774 16.41 76.17 8.63
CA PHE L 774 16.76 76.58 7.27
C PHE L 774 16.80 75.42 6.29
N ALA L 775 16.36 74.22 6.70
CA ALA L 775 16.34 73.09 5.79
C ALA L 775 15.31 73.31 4.69
N ALA L 776 15.73 73.14 3.44
CA ALA L 776 14.87 73.36 2.29
C ALA L 776 15.30 72.44 1.16
N ILE L 777 14.38 72.20 0.24
CA ILE L 777 14.59 71.38 -0.93
C ILE L 777 14.58 72.31 -2.14
N PRO L 778 15.61 72.32 -3.00
CA PRO L 778 15.57 73.23 -4.15
C PRO L 778 14.63 72.71 -5.22
N GLU L 779 13.71 73.55 -5.67
CA GLU L 779 12.71 73.21 -6.68
C GLU L 779 12.67 74.30 -7.72
N ASN L 780 13.18 74.02 -8.91
CA ASN L 780 13.25 74.97 -10.01
C ASN L 780 12.51 74.41 -11.21
N GLY L 781 11.90 75.31 -11.98
CA GLY L 781 11.12 74.92 -13.13
C GLY L 781 9.74 74.39 -12.82
N ASN L 782 9.29 74.49 -11.57
CA ASN L 782 7.97 74.00 -11.16
C ASN L 782 7.02 75.19 -11.08
N GLY L 783 6.18 75.34 -12.10
CA GLY L 783 5.13 76.33 -12.09
C GLY L 783 3.86 75.82 -11.47
N LEU L 784 2.77 76.54 -11.73
CA LEU L 784 1.46 76.13 -11.23
C LEU L 784 1.05 74.79 -11.83
N ASP L 785 1.29 74.60 -13.12
CA ASP L 785 0.95 73.36 -13.80
C ASP L 785 1.92 72.23 -13.49
N ASN L 786 3.10 72.53 -12.95
CA ASN L 786 4.11 71.53 -12.64
C ASN L 786 4.20 71.23 -11.15
N ILE L 787 3.23 71.69 -10.36
CA ILE L 787 3.20 71.39 -8.93
C ILE L 787 3.09 69.88 -8.78
N ASP L 788 4.11 69.26 -8.20
CA ASP L 788 4.30 67.82 -8.24
C ASP L 788 4.56 67.28 -6.85
N SER L 789 4.94 65.99 -6.80
CA SER L 789 5.31 65.36 -5.55
C SER L 789 6.49 66.07 -4.90
N LYS L 790 7.49 66.45 -5.70
CA LYS L 790 8.62 67.19 -5.16
C LYS L 790 8.17 68.50 -4.55
N SER L 791 7.26 69.21 -5.23
CA SER L 791 6.81 70.50 -4.71
C SER L 791 6.04 70.34 -3.40
N GLU L 792 5.14 69.37 -3.33
CA GLU L 792 4.38 69.17 -2.11
C GLU L 792 5.30 68.72 -0.96
N PHE L 793 6.26 67.84 -1.25
CA PHE L 793 7.19 67.39 -0.22
C PHE L 793 8.05 68.53 0.29
N ALA L 794 8.56 69.37 -0.63
CA ALA L 794 9.36 70.52 -0.21
C ALA L 794 8.53 71.48 0.61
N HIS L 795 7.27 71.70 0.21
CA HIS L 795 6.40 72.56 0.99
C HIS L 795 6.20 71.99 2.39
N ARG L 796 6.04 70.67 2.48
CA ARG L 796 5.93 70.04 3.79
C ARG L 796 7.15 70.36 4.64
N ILE L 797 8.35 70.13 4.09
CA ILE L 797 9.59 70.42 4.83
C ILE L 797 9.61 71.87 5.29
N MET L 798 9.30 72.79 4.39
CA MET L 798 9.57 74.19 4.65
C MET L 798 8.51 74.83 5.55
N LEU L 799 7.27 74.34 5.51
CA LEU L 799 6.19 74.91 6.32
C LEU L 799 5.64 73.93 7.34
N THR L 800 5.14 72.77 6.91
CA THR L 800 4.30 71.97 7.78
C THR L 800 5.13 71.31 8.88
N ASN L 801 6.24 70.68 8.51
CA ASN L 801 7.08 70.05 9.52
C ASN L 801 7.88 71.08 10.29
N LEU L 802 8.07 72.28 9.74
CA LEU L 802 8.59 73.39 10.54
C LEU L 802 7.63 73.73 11.66
N LEU L 803 6.35 73.89 11.34
CA LEU L 803 5.36 74.17 12.37
C LEU L 803 5.26 73.03 13.36
N ARG L 804 5.39 71.78 12.88
CA ARG L 804 5.34 70.64 13.78
C ARG L 804 6.56 70.61 14.70
N LEU L 805 7.73 70.99 14.20
CA LEU L 805 8.92 71.08 15.04
C LEU L 805 8.72 72.12 16.13
N LEU L 806 8.22 73.29 15.77
CA LEU L 806 7.93 74.32 16.77
C LEU L 806 6.92 73.82 17.79
N GLY L 807 5.86 73.16 17.32
CA GLY L 807 4.84 72.66 18.23
C GLY L 807 5.36 71.57 19.15
N ALA L 808 6.24 70.71 18.64
CA ALA L 808 6.82 69.66 19.46
C ALA L 808 7.71 70.25 20.55
N VAL L 809 8.51 71.27 20.20
CA VAL L 809 9.31 71.94 21.21
C VAL L 809 8.42 72.57 22.28
N LYS L 810 7.34 73.23 21.85
CA LYS L 810 6.41 73.83 22.80
C LYS L 810 5.78 72.77 23.71
N SER L 811 5.38 71.65 23.14
CA SER L 811 4.79 70.57 23.94
C SER L 811 5.80 70.03 24.95
N LYS L 812 7.07 69.97 24.56
CA LYS L 812 8.10 69.46 25.45
C LYS L 812 8.46 70.43 26.56
N LYS L 813 8.19 71.72 26.38
CA LYS L 813 8.55 72.70 27.40
C LYS L 813 7.40 72.89 28.39
N PRO L 814 7.55 72.48 29.68
CA PRO L 814 6.58 72.91 30.70
C PRO L 814 6.95 74.27 31.30
N THR L 815 8.22 74.66 31.16
CA THR L 815 8.65 75.97 31.61
C THR L 815 8.12 77.05 30.68
N ASP L 816 7.80 78.21 31.26
CA ASP L 816 7.33 79.37 30.51
C ASP L 816 8.32 80.53 30.54
N THR L 817 9.53 80.30 31.09
CA THR L 817 10.51 81.36 31.27
C THR L 817 11.76 81.17 30.43
N ARG L 818 11.79 80.17 29.55
CA ARG L 818 12.92 79.95 28.64
C ARG L 818 12.38 79.71 27.24
N PRO L 819 11.92 80.76 26.56
CA PRO L 819 11.44 80.57 25.19
C PRO L 819 12.57 80.22 24.23
N ALA L 820 12.19 79.51 23.17
CA ALA L 820 13.09 79.21 22.06
C ALA L 820 12.87 80.22 20.95
N GLN L 821 13.95 80.82 20.47
CA GLN L 821 13.86 81.82 19.41
C GLN L 821 13.86 81.13 18.05
N CYS L 822 12.71 81.14 17.38
CA CYS L 822 12.58 80.53 16.06
C CYS L 822 12.95 81.56 15.00
N ILE L 823 14.07 81.31 14.33
CA ILE L 823 14.57 82.19 13.27
C ILE L 823 13.96 81.66 11.97
N LEU L 824 12.83 82.24 11.59
CA LEU L 824 12.13 81.78 10.39
C LEU L 824 12.82 82.34 9.15
N PRO L 825 13.21 81.48 8.17
CA PRO L 825 13.84 82.04 6.95
C PRO L 825 12.82 82.61 5.97
N LEU L 826 12.31 83.79 6.28
CA LEU L 826 11.38 84.44 5.37
C LEU L 826 12.13 84.93 4.13
N SER L 827 11.38 85.12 3.06
CA SER L 827 11.90 85.65 1.81
C SER L 827 11.13 86.89 1.42
N PRO L 828 11.75 87.84 0.72
CA PRO L 828 11.03 89.04 0.28
C PRO L 828 10.22 88.82 -0.99
N ASN L 829 10.46 87.72 -1.70
CA ASN L 829 9.89 87.48 -3.02
C ASN L 829 8.94 86.29 -2.92
N HIS L 830 7.65 86.58 -2.82
CA HIS L 830 6.61 85.56 -2.71
C HIS L 830 5.94 85.44 -4.07
N GLY L 831 6.53 84.63 -4.94
CA GLY L 831 5.99 84.38 -6.25
C GLY L 831 6.41 85.36 -7.33
N THR L 832 7.13 86.42 -6.96
CA THR L 832 7.57 87.38 -7.97
C THR L 832 8.59 86.75 -8.92
N PHE L 833 9.48 85.92 -8.40
CA PHE L 833 10.38 85.16 -9.25
C PHE L 833 9.62 84.00 -9.89
N GLY L 834 10.28 83.28 -10.78
CA GLY L 834 9.59 82.36 -11.65
C GLY L 834 9.22 81.05 -11.00
N PHE L 835 9.57 79.96 -11.68
CA PHE L 835 9.01 78.64 -11.40
C PHE L 835 9.72 78.01 -10.22
N ASP L 836 9.14 78.19 -9.01
CA ASP L 836 9.75 77.69 -7.78
C ASP L 836 8.85 76.74 -7.00
N GLY L 837 7.86 76.12 -7.64
CA GLY L 837 6.99 75.20 -6.92
C GLY L 837 6.21 75.91 -5.83
N LEU L 838 6.24 75.34 -4.63
CA LEU L 838 5.55 75.89 -3.47
C LEU L 838 6.49 76.67 -2.55
N TYR L 839 7.64 77.10 -3.05
CA TYR L 839 8.61 77.82 -2.21
C TYR L 839 8.01 79.11 -1.67
N SER L 840 7.42 79.92 -2.56
CA SER L 840 6.82 81.17 -2.12
C SER L 840 5.67 80.92 -1.18
N GLU L 841 4.89 79.86 -1.42
CA GLU L 841 3.77 79.52 -0.55
C GLU L 841 4.27 79.20 0.85
N SER L 842 5.34 78.40 0.95
CA SER L 842 5.89 78.08 2.26
C SER L 842 6.41 79.33 2.96
N LYS L 843 7.15 80.17 2.23
CA LYS L 843 7.76 81.35 2.84
C LYS L 843 6.70 82.33 3.33
N ILE L 844 5.65 82.56 2.54
CA ILE L 844 4.61 83.49 2.97
C ILE L 844 3.78 82.87 4.10
N SER L 845 3.57 81.55 4.05
CA SER L 845 2.82 80.89 5.12
C SER L 845 3.56 80.98 6.44
N LEU L 846 4.89 81.03 6.40
CA LEU L 846 5.64 81.22 7.65
C LEU L 846 5.36 82.57 8.30
N GLU L 847 4.77 83.52 7.56
CA GLU L 847 4.50 84.84 8.12
C GLU L 847 3.29 84.84 9.06
N THR L 848 2.46 83.79 9.02
CA THR L 848 1.34 83.73 9.95
C THR L 848 1.78 83.52 11.39
N LEU L 849 3.01 83.06 11.61
CA LEU L 849 3.48 82.83 12.97
C LEU L 849 3.54 84.12 13.77
N PHE L 850 3.70 85.26 13.10
CA PHE L 850 3.70 86.54 13.79
C PHE L 850 2.37 86.80 14.48
N ASN L 851 1.27 86.54 13.78
CA ASN L 851 -0.05 86.69 14.38
C ASN L 851 -0.38 85.55 15.33
N ARG L 852 0.08 84.34 14.99
CA ARG L 852 -0.21 83.18 15.84
C ARG L 852 0.52 83.26 17.17
N TRP L 853 1.58 84.05 17.25
CA TRP L 853 2.26 84.25 18.52
C TRP L 853 1.32 84.85 19.56
N TYR L 854 0.49 85.82 19.14
CA TYR L 854 -0.50 86.42 20.02
C TYR L 854 -1.72 85.54 20.17
N SER L 855 -2.27 85.07 19.06
CA SER L 855 -3.59 84.44 19.06
C SER L 855 -3.60 83.10 19.79
N GLU L 856 -2.45 82.45 19.91
CA GLU L 856 -2.34 81.13 20.52
C GLU L 856 -1.57 81.25 21.84
N ASP L 857 -1.34 80.10 22.47
CA ASP L 857 -0.78 80.04 23.81
C ASP L 857 0.65 79.49 23.84
N TRP L 858 1.41 79.68 22.75
CA TRP L 858 2.81 79.28 22.71
C TRP L 858 3.76 80.47 22.72
N GLY L 859 3.28 81.65 23.14
CA GLY L 859 4.14 82.82 23.18
C GLY L 859 5.26 82.69 24.20
N SER L 860 4.95 82.15 25.38
CA SER L 860 5.95 81.99 26.42
C SER L 860 6.92 80.85 26.16
N LYS L 861 6.64 80.00 25.16
CA LYS L 861 7.51 78.87 24.82
C LYS L 861 8.34 79.11 23.57
N LEU L 862 7.83 79.88 22.60
CA LEU L 862 8.57 80.20 21.40
C LEU L 862 8.41 81.68 21.08
N THR L 863 9.45 82.27 20.51
CA THR L 863 9.45 83.66 20.06
C THR L 863 9.77 83.70 18.58
N VAL L 864 8.95 84.42 17.81
CA VAL L 864 9.07 84.45 16.36
C VAL L 864 10.04 85.56 15.96
N CYS L 865 11.07 85.19 15.21
CA CYS L 865 12.01 86.14 14.60
C CYS L 865 12.06 85.78 13.12
N GLY L 866 11.21 86.43 12.33
CA GLY L 866 11.18 86.19 10.90
C GLY L 866 12.22 87.02 10.19
N ALA L 867 13.30 86.39 9.75
CA ALA L 867 14.38 87.06 9.04
C ALA L 867 14.11 86.98 7.56
N VAL L 868 13.77 88.12 6.95
CA VAL L 868 13.60 88.20 5.49
C VAL L 868 15.01 88.24 4.93
N ILE L 869 15.49 87.08 4.50
CA ILE L 869 16.86 86.94 4.00
C ILE L 869 16.93 87.50 2.59
N GLY L 870 17.95 88.30 2.32
CA GLY L 870 18.14 88.92 1.03
C GLY L 870 18.90 88.05 0.07
N TRP L 871 19.22 88.63 -1.08
CA TRP L 871 20.04 87.99 -2.10
C TRP L 871 21.38 87.61 -1.48
N THR L 872 21.62 86.31 -1.34
CA THR L 872 22.85 85.79 -0.77
C THR L 872 23.62 85.04 -1.84
N ARG L 873 24.93 85.28 -1.89
CA ARG L 873 25.79 84.68 -2.91
C ARG L 873 26.27 83.31 -2.43
N GLY L 874 25.94 82.27 -3.19
CA GLY L 874 26.40 80.94 -2.88
C GLY L 874 27.90 80.81 -2.90
N THR L 875 28.47 80.22 -1.86
CA THR L 875 29.92 80.05 -1.77
C THR L 875 30.27 78.94 -0.78
N SER L 879 24.94 80.17 -7.84
CA SER L 879 26.04 80.43 -8.77
C SER L 879 25.51 81.00 -10.08
N ALA L 880 24.25 80.66 -10.42
CA ALA L 880 23.64 81.22 -11.62
C ALA L 880 23.29 82.69 -11.43
N ASN L 881 23.00 83.08 -10.18
CA ASN L 881 22.68 84.47 -9.86
C ASN L 881 23.90 85.29 -9.46
N ASN L 882 25.02 84.63 -9.17
CA ASN L 882 26.23 85.36 -8.79
C ASN L 882 26.72 86.25 -9.93
N ILE L 883 26.49 85.85 -11.18
CA ILE L 883 26.98 86.62 -12.32
C ILE L 883 26.24 87.95 -12.42
N ILE L 884 24.97 87.98 -12.01
CA ILE L 884 24.15 89.19 -12.07
C ILE L 884 24.11 89.90 -10.72
N ALA L 885 24.76 89.30 -9.72
CA ALA L 885 24.91 89.97 -8.43
C ALA L 885 25.51 91.36 -8.58
N GLU L 886 26.56 91.50 -9.40
CA GLU L 886 27.17 92.82 -9.58
C GLU L 886 26.19 93.80 -10.22
N GLY L 887 25.44 93.34 -11.21
CA GLY L 887 24.49 94.22 -11.87
C GLY L 887 23.40 94.71 -10.93
N ILE L 888 22.86 93.80 -10.11
CA ILE L 888 21.85 94.23 -9.14
C ILE L 888 22.48 95.15 -8.10
N GLU L 889 23.76 94.93 -7.76
CA GLU L 889 24.40 95.78 -6.77
C GLU L 889 24.66 97.19 -7.30
N LYS L 890 24.92 97.32 -8.60
CA LYS L 890 25.40 98.59 -9.15
C LYS L 890 24.39 99.73 -8.98
N LEU L 891 23.11 99.43 -8.77
CA LEU L 891 22.08 100.47 -8.75
C LEU L 891 21.82 101.03 -7.35
N GLY L 892 22.57 100.62 -6.34
CA GLY L 892 22.42 101.14 -5.00
C GLY L 892 22.04 100.10 -3.98
N VAL L 893 21.15 99.18 -4.37
CA VAL L 893 20.84 98.02 -3.54
C VAL L 893 22.07 97.14 -3.53
N ARG L 894 22.09 96.13 -2.66
CA ARG L 894 23.28 95.31 -2.49
C ARG L 894 22.94 93.84 -2.36
N THR L 895 23.98 93.01 -2.32
CA THR L 895 23.86 91.55 -2.33
C THR L 895 24.85 91.00 -1.31
N PHE L 896 24.38 90.09 -0.47
CA PHE L 896 25.16 89.61 0.66
C PHE L 896 25.94 88.35 0.31
N SER L 897 27.04 88.15 1.00
CA SER L 897 27.73 86.86 1.01
C SER L 897 27.11 85.98 2.08
N GLN L 898 27.45 84.69 2.02
CA GLN L 898 26.95 83.78 3.05
C GLN L 898 27.45 84.18 4.42
N LYS L 899 28.70 84.65 4.51
CA LYS L 899 29.23 85.11 5.78
C LYS L 899 28.49 86.34 6.28
N GLU L 900 28.18 87.29 5.38
CA GLU L 900 27.44 88.47 5.79
C GLU L 900 26.04 88.11 6.26
N MET L 901 25.36 87.22 5.54
CA MET L 901 24.02 86.77 5.96
C MET L 901 24.08 86.08 7.31
N ALA L 902 25.08 85.24 7.53
CA ALA L 902 25.21 84.57 8.81
C ALA L 902 25.50 85.57 9.92
N PHE L 903 26.31 86.59 9.64
CA PHE L 903 26.56 87.63 10.62
C PHE L 903 25.27 88.35 10.98
N ASN L 904 24.45 88.65 9.97
CA ASN L 904 23.17 89.32 10.23
C ASN L 904 22.27 88.46 11.12
N ILE L 905 22.15 87.17 10.80
CA ILE L 905 21.26 86.31 11.58
C ILE L 905 21.82 86.07 12.99
N LEU L 906 23.15 85.95 13.10
CA LEU L 906 23.75 85.77 14.42
C LEU L 906 23.57 87.03 15.26
N GLY L 907 23.63 88.21 14.64
CA GLY L 907 23.27 89.42 15.35
C GLY L 907 21.82 89.44 15.75
N LEU L 908 20.95 88.88 14.91
CA LEU L 908 19.56 88.69 15.29
C LEU L 908 19.41 87.72 16.45
N LEU L 909 20.43 86.90 16.71
CA LEU L 909 20.50 86.11 17.93
C LEU L 909 21.19 86.85 19.08
N THR L 910 21.20 88.18 19.06
CA THR L 910 21.81 88.94 20.15
C THR L 910 20.92 88.91 21.39
N PRO L 911 21.49 89.22 22.57
CA PRO L 911 20.65 89.31 23.77
C PRO L 911 19.57 90.37 23.66
N GLU L 912 19.85 91.47 22.96
CA GLU L 912 18.88 92.55 22.85
C GLU L 912 17.74 92.14 21.92
N ILE L 913 18.07 91.51 20.80
CA ILE L 913 17.01 91.05 19.90
C ILE L 913 16.32 89.84 20.49
N VAL L 914 17.02 89.06 21.33
CA VAL L 914 16.38 87.93 22.00
C VAL L 914 15.25 88.42 22.91
N GLN L 915 15.56 89.41 23.77
CA GLN L 915 14.51 89.96 24.63
C GLN L 915 13.47 90.71 23.83
N LEU L 916 13.87 91.35 22.73
CA LEU L 916 12.90 92.01 21.86
C LEU L 916 11.92 91.00 21.28
N CYS L 917 12.42 89.84 20.86
CA CYS L 917 11.54 88.78 20.37
C CYS L 917 10.67 88.23 21.49
N GLN L 918 11.24 88.15 22.70
CA GLN L 918 10.47 87.65 23.84
C GLN L 918 9.26 88.53 24.13
N GLU L 919 9.44 89.85 24.06
CA GLU L 919 8.35 90.77 24.33
C GLU L 919 7.50 91.08 23.10
N GLU L 920 7.99 90.80 21.90
CA GLU L 920 7.32 91.20 20.67
C GLU L 920 7.93 90.46 19.50
N PRO L 921 7.15 89.75 18.66
CA PRO L 921 7.73 89.10 17.49
C PRO L 921 8.48 90.08 16.60
N VAL L 922 9.65 89.64 16.12
CA VAL L 922 10.57 90.50 15.38
C VAL L 922 10.50 90.11 13.91
N MET L 923 10.29 91.11 13.05
CA MET L 923 10.45 90.95 11.61
C MET L 923 11.73 91.70 11.23
N ALA L 924 12.74 90.95 10.82
CA ALA L 924 14.05 91.50 10.50
C ALA L 924 14.23 91.47 8.99
N ASP L 925 13.97 92.60 8.34
CA ASP L 925 14.21 92.75 6.91
C ASP L 925 15.73 92.87 6.72
N LEU L 926 16.36 91.73 6.45
CA LEU L 926 17.77 91.70 6.09
C LEU L 926 17.97 91.75 4.58
N ASN L 927 16.89 91.92 3.82
CA ASN L 927 17.00 92.19 2.40
C ASN L 927 17.79 93.47 2.17
N GLY L 928 18.76 93.40 1.25
CA GLY L 928 19.67 94.50 1.04
C GLY L 928 19.13 95.58 0.13
N GLY L 929 17.94 96.07 0.43
CA GLY L 929 17.31 97.09 -0.40
C GLY L 929 16.59 96.57 -1.62
N LEU L 930 16.49 95.25 -1.79
CA LEU L 930 15.86 94.72 -2.99
C LEU L 930 14.37 95.03 -3.05
N GLN L 931 13.73 95.30 -1.91
CA GLN L 931 12.31 95.60 -1.92
C GLN L 931 11.98 96.86 -2.71
N PHE L 932 12.95 97.76 -2.88
CA PHE L 932 12.73 99.02 -3.58
C PHE L 932 12.92 98.93 -5.08
N ILE L 933 13.08 97.73 -5.63
CA ILE L 933 13.26 97.53 -7.07
C ILE L 933 11.91 97.13 -7.68
N ASP L 934 11.42 97.94 -8.60
CA ASP L 934 10.19 97.63 -9.32
C ASP L 934 10.46 96.57 -10.37
N ASN L 935 9.61 95.55 -10.42
CA ASN L 935 9.72 94.46 -11.39
C ASN L 935 11.09 93.78 -11.27
N LEU L 936 11.32 93.18 -10.10
CA LEU L 936 12.62 92.58 -9.84
C LEU L 936 12.89 91.41 -10.76
N LYS L 937 11.89 90.57 -11.03
CA LYS L 937 12.10 89.43 -11.92
C LYS L 937 12.44 89.90 -13.33
N ASP L 938 11.73 90.92 -13.83
CA ASP L 938 12.00 91.42 -15.17
C ASP L 938 13.40 92.05 -15.24
N PHE L 939 13.77 92.81 -14.20
CA PHE L 939 15.10 93.40 -14.18
C PHE L 939 16.18 92.34 -14.13
N THR L 940 15.96 91.28 -13.32
CA THR L 940 16.92 90.20 -13.21
C THR L 940 17.09 89.48 -14.54
N SER L 941 15.96 89.19 -15.22
CA SER L 941 16.03 88.55 -16.53
C SER L 941 16.74 89.44 -17.53
N LYS L 942 16.48 90.75 -17.48
CA LYS L 942 17.15 91.69 -18.37
C LYS L 942 18.66 91.66 -18.15
N LEU L 943 19.08 91.66 -16.88
CA LEU L 943 20.51 91.64 -16.58
C LEU L 943 21.15 90.34 -17.07
N ARG L 944 20.53 89.20 -16.76
CA ARG L 944 21.12 87.93 -17.14
C ARG L 944 21.15 87.77 -18.66
N THR L 945 20.09 88.18 -19.35
CA THR L 945 20.07 88.04 -20.80
C THR L 945 21.04 89.01 -21.46
N ASP L 946 21.23 90.20 -20.89
CA ASP L 946 22.26 91.10 -21.41
C ASP L 946 23.64 90.49 -21.27
N LEU L 947 23.94 89.94 -20.08
CA LEU L 947 25.26 89.35 -19.88
C LEU L 947 25.48 88.14 -20.79
N LEU L 948 24.47 87.30 -20.96
CA LEU L 948 24.62 86.14 -21.82
C LEU L 948 24.71 86.53 -23.29
N GLU L 949 23.89 87.49 -23.73
CA GLU L 949 23.93 87.98 -25.09
C GLU L 949 25.20 88.77 -25.39
N THR L 950 25.95 89.17 -24.37
CA THR L 950 27.28 89.72 -24.58
C THR L 950 28.33 88.60 -24.66
N ALA L 951 28.33 87.71 -23.68
CA ALA L 951 29.34 86.66 -23.63
C ALA L 951 29.26 85.74 -24.84
N ASP L 952 28.05 85.35 -25.24
CA ASP L 952 27.91 84.40 -26.33
C ASP L 952 28.29 85.02 -27.67
N ILE L 953 27.93 86.29 -27.90
CA ILE L 953 28.32 86.92 -29.15
C ILE L 953 29.83 87.12 -29.18
N ARG L 954 30.44 87.47 -28.05
CA ARG L 954 31.90 87.58 -28.02
C ARG L 954 32.56 86.23 -28.32
N ARG L 955 32.03 85.16 -27.73
CA ARG L 955 32.57 83.83 -27.98
C ARG L 955 32.42 83.43 -29.45
N ALA L 956 31.25 83.70 -30.03
CA ALA L 956 31.03 83.35 -31.43
C ALA L 956 31.94 84.15 -32.36
N VAL L 957 32.09 85.45 -32.08
CA VAL L 957 32.98 86.27 -32.90
C VAL L 957 34.42 85.78 -32.78
N SER L 958 34.83 85.41 -31.57
CA SER L 958 36.18 84.86 -31.39
C SER L 958 36.35 83.56 -32.16
N ILE L 959 35.34 82.68 -32.10
CA ILE L 959 35.42 81.40 -32.79
C ILE L 959 35.57 81.63 -34.29
N GLU L 960 34.73 82.48 -34.86
CA GLU L 960 34.75 82.69 -36.30
C GLU L 960 35.96 83.49 -36.74
N SER L 961 36.47 84.40 -35.91
CA SER L 961 37.71 85.08 -36.23
C SER L 961 38.88 84.09 -36.24
N ALA L 962 38.89 83.17 -35.28
CA ALA L 962 39.92 82.13 -35.28
C ALA L 962 39.82 81.26 -36.53
N ILE L 963 38.60 80.91 -36.94
CA ILE L 963 38.44 80.10 -38.14
C ILE L 963 38.89 80.87 -39.37
N GLU L 964 38.57 82.16 -39.44
CA GLU L 964 39.00 83.00 -40.56
C GLU L 964 40.52 83.07 -40.63
N GLN L 965 41.16 83.26 -39.48
CA GLN L 965 42.63 83.28 -39.43
C GLN L 965 43.20 81.94 -39.87
N LYS L 966 42.58 80.84 -39.43
CA LYS L 966 43.06 79.52 -39.83
C LYS L 966 42.91 79.31 -41.33
N VAL L 967 41.82 79.80 -41.92
CA VAL L 967 41.62 79.68 -43.35
C VAL L 967 42.69 80.48 -44.10
N VAL L 968 42.94 81.71 -43.65
CA VAL L 968 43.89 82.57 -44.36
C VAL L 968 45.31 82.04 -44.23
N ASN L 969 45.66 81.49 -43.05
CA ASN L 969 47.02 81.07 -42.77
C ASN L 969 47.25 79.57 -42.96
N GLY L 970 46.26 78.82 -43.41
CA GLY L 970 46.42 77.40 -43.60
C GLY L 970 46.52 76.63 -42.30
N LYS L 979 51.69 74.41 -27.65
CA LYS L 979 52.80 73.79 -26.93
C LYS L 979 52.42 72.39 -26.47
N VAL L 980 53.41 71.50 -26.43
CA VAL L 980 53.20 70.11 -26.06
C VAL L 980 53.55 69.96 -24.58
N MET L 981 52.57 69.50 -23.80
CA MET L 981 52.77 69.36 -22.36
C MET L 981 53.50 68.05 -22.05
N VAL L 982 54.12 68.02 -20.88
CA VAL L 982 54.88 66.85 -20.41
C VAL L 982 53.90 65.93 -19.70
N GLU L 983 53.90 64.67 -20.08
CA GLU L 983 52.98 63.69 -19.52
C GLU L 983 53.56 63.06 -18.27
N PRO L 984 53.13 63.46 -17.06
CA PRO L 984 53.85 63.00 -15.86
C PRO L 984 53.76 61.49 -15.66
N ARG L 985 54.83 60.93 -15.10
CA ARG L 985 54.87 59.52 -14.74
C ARG L 985 55.67 59.36 -13.44
N ALA L 986 55.49 58.20 -12.82
CA ALA L 986 55.96 58.00 -11.45
C ALA L 986 57.47 58.16 -11.35
N ASN L 987 57.90 58.88 -10.32
CA ASN L 987 59.31 59.08 -10.00
C ASN L 987 59.66 58.31 -8.72
N MET L 988 59.16 57.07 -8.65
CA MET L 988 59.26 56.28 -7.42
C MET L 988 60.71 56.16 -6.95
N LYS L 989 60.98 56.72 -5.77
CA LYS L 989 62.25 56.51 -5.08
C LYS L 989 61.97 55.87 -3.74
N PHE L 990 63.02 55.33 -3.10
CA PHE L 990 62.89 54.83 -1.74
C PHE L 990 63.13 55.90 -0.68
N ASP L 991 63.83 56.99 -1.03
CA ASP L 991 64.02 58.12 -0.13
C ASP L 991 64.63 57.69 1.19
N PHE L 992 65.89 57.25 1.10
CA PHE L 992 66.73 57.06 2.28
C PHE L 992 66.74 58.37 3.06
N PRO L 993 67.07 58.35 4.36
CA PRO L 993 67.11 59.60 5.12
C PRO L 993 68.07 60.59 4.49
N THR L 994 67.63 61.85 4.41
CA THR L 994 68.44 62.90 3.80
C THR L 994 69.67 63.14 4.66
N LEU L 995 70.84 62.78 4.13
CA LEU L 995 72.09 62.97 4.86
C LEU L 995 72.55 64.40 4.68
N LYS L 996 72.53 65.17 5.76
CA LYS L 996 72.81 66.59 5.72
C LYS L 996 74.31 66.82 5.90
N SER L 997 74.73 68.06 5.70
CA SER L 997 76.16 68.37 5.77
C SER L 997 76.68 68.17 7.20
N TYR L 998 77.96 67.84 7.29
CA TYR L 998 78.56 67.56 8.60
C TYR L 998 78.51 68.80 9.49
N ASP L 999 78.78 69.98 8.92
CA ASP L 999 78.71 71.21 9.71
C ASP L 999 77.32 71.39 10.29
N GLU L 1000 76.29 71.12 9.48
CA GLU L 1000 74.93 71.38 9.94
C GLU L 1000 74.49 70.33 10.95
N ILE L 1001 74.98 69.09 10.83
CA ILE L 1001 74.67 68.06 11.81
C ILE L 1001 75.38 68.36 13.14
N LYS L 1002 76.63 68.82 13.08
CA LYS L 1002 77.32 69.22 14.29
C LYS L 1002 76.70 70.48 14.90
N GLN L 1003 76.03 71.29 14.09
CA GLN L 1003 75.22 72.37 14.63
C GLN L 1003 73.97 71.82 15.31
N ILE L 1004 73.39 70.76 14.75
CA ILE L 1004 72.21 70.16 15.35
C ILE L 1004 72.54 69.61 16.74
N ALA L 1005 73.59 68.83 16.85
CA ALA L 1005 73.93 68.12 18.07
C ALA L 1005 75.21 68.68 18.70
N PRO L 1006 75.36 68.59 20.03
CA PRO L 1006 76.53 69.19 20.68
C PRO L 1006 77.81 68.42 20.40
N GLU L 1007 78.91 68.82 21.04
CA GLU L 1007 80.21 68.21 20.79
C GLU L 1007 80.21 66.80 21.39
N LEU L 1008 79.59 65.89 20.66
CA LEU L 1008 79.42 64.50 21.07
C LEU L 1008 80.42 63.56 20.41
N GLU L 1009 81.45 64.10 19.76
CA GLU L 1009 82.35 63.29 18.96
C GLU L 1009 83.14 62.33 19.84
N GLY L 1010 83.19 61.07 19.41
CA GLY L 1010 84.00 60.07 20.07
C GLY L 1010 83.64 59.81 21.51
N MET L 1011 82.34 59.72 21.80
CA MET L 1011 81.85 59.46 23.14
C MET L 1011 81.01 58.19 23.24
N LEU L 1012 80.25 57.85 22.20
CA LEU L 1012 79.38 56.68 22.22
C LEU L 1012 80.08 55.49 21.58
N ASP L 1013 79.90 54.31 22.16
CA ASP L 1013 80.36 53.07 21.58
C ASP L 1013 79.40 52.70 20.45
N LEU L 1014 79.79 53.03 19.22
CA LEU L 1014 78.90 52.79 18.08
C LEU L 1014 78.61 51.31 17.88
N GLU L 1015 79.53 50.44 18.31
CA GLU L 1015 79.22 49.02 18.40
C GLU L 1015 78.05 48.75 19.33
N ASN L 1016 77.88 49.55 20.39
CA ASN L 1016 76.81 49.38 21.35
C ASN L 1016 75.63 50.32 21.09
N VAL L 1017 75.68 51.09 20.01
CA VAL L 1017 74.54 51.90 19.58
C VAL L 1017 73.85 51.16 18.44
N VAL L 1018 72.55 50.88 18.62
CA VAL L 1018 71.75 50.15 17.65
C VAL L 1018 70.91 51.14 16.87
N VAL L 1019 70.82 50.93 15.56
CA VAL L 1019 70.14 51.86 14.65
C VAL L 1019 69.26 51.06 13.70
N VAL L 1020 68.07 51.59 13.44
CA VAL L 1020 67.18 51.02 12.43
C VAL L 1020 67.76 51.39 11.07
N THR L 1021 68.16 50.39 10.29
CA THR L 1021 68.77 50.62 8.99
C THR L 1021 67.79 50.40 7.84
N GLY L 1022 66.83 49.50 8.01
CA GLY L 1022 65.80 49.30 7.00
C GLY L 1022 64.48 48.97 7.65
N PHE L 1023 63.41 49.10 6.89
CA PHE L 1023 62.10 48.73 7.38
C PHE L 1023 61.12 48.60 6.22
N ALA L 1024 60.04 47.89 6.47
CA ALA L 1024 59.01 47.69 5.44
C ALA L 1024 57.73 47.21 6.10
N GLU L 1025 56.67 47.14 5.30
CA GLU L 1025 55.36 46.69 5.75
C GLU L 1025 54.69 45.86 4.68
N VAL L 1026 53.74 45.04 5.12
CA VAL L 1026 52.70 44.49 4.27
C VAL L 1026 51.43 44.64 5.08
N GLY L 1027 50.60 45.62 4.72
CA GLY L 1027 49.44 45.95 5.51
C GLY L 1027 48.24 46.31 4.66
N PRO L 1028 47.16 46.79 5.29
CA PRO L 1028 45.96 47.15 4.54
C PRO L 1028 46.16 48.26 3.53
N TRP L 1029 47.21 49.06 3.67
CA TRP L 1029 47.53 50.12 2.73
C TRP L 1029 48.85 49.82 2.04
N GLY L 1030 49.02 48.57 1.64
CA GLY L 1030 50.25 48.13 0.99
C GLY L 1030 51.43 48.11 1.93
N ASN L 1031 52.50 48.78 1.52
CA ASN L 1031 53.77 48.75 2.22
C ASN L 1031 53.95 50.06 3.00
N SER L 1032 55.16 50.27 3.53
CA SER L 1032 55.44 51.46 4.32
C SER L 1032 55.20 52.73 3.53
N ARG L 1033 55.62 52.76 2.27
CA ARG L 1033 55.50 53.99 1.48
C ARG L 1033 54.05 54.39 1.28
N THR L 1034 53.21 53.46 0.80
CA THR L 1034 51.81 53.78 0.53
C THR L 1034 51.06 54.02 1.84
N ARG L 1035 51.35 53.22 2.86
CA ARG L 1035 50.70 53.42 4.16
C ARG L 1035 51.05 54.79 4.72
N TRP L 1036 52.30 55.21 4.60
CA TRP L 1036 52.70 56.52 5.10
C TRP L 1036 52.04 57.63 4.30
N GLU L 1037 51.93 57.47 2.98
CA GLU L 1037 51.24 58.48 2.19
C GLU L 1037 49.79 58.63 2.66
N MET L 1038 49.08 57.51 2.83
CA MET L 1038 47.70 57.57 3.28
C MET L 1038 47.60 58.09 4.71
N GLU L 1039 48.62 57.88 5.52
CA GLU L 1039 48.57 58.31 6.92
C GLU L 1039 48.84 59.81 7.03
N ALA L 1040 49.92 60.28 6.44
CA ALA L 1040 50.32 61.67 6.56
C ALA L 1040 49.49 62.61 5.69
N TYR L 1041 48.90 62.12 4.59
CA TYR L 1041 48.24 63.00 3.65
C TYR L 1041 46.78 62.62 3.40
N GLY L 1042 46.44 61.35 3.63
CA GLY L 1042 45.08 60.89 3.40
C GLY L 1042 44.73 60.67 1.95
N GLU L 1043 45.67 60.90 1.03
CA GLU L 1043 45.47 60.66 -0.39
C GLU L 1043 46.76 60.14 -0.98
N PHE L 1044 46.64 59.33 -2.02
CA PHE L 1044 47.80 58.78 -2.71
C PHE L 1044 48.29 59.76 -3.76
N SER L 1045 49.60 59.95 -3.81
CA SER L 1045 50.20 60.74 -4.88
C SER L 1045 50.24 59.90 -6.16
N LEU L 1046 50.93 60.40 -7.18
CA LEU L 1046 51.08 59.61 -8.41
C LEU L 1046 51.86 58.33 -8.12
N GLU L 1047 52.98 58.45 -7.41
CA GLU L 1047 53.77 57.28 -7.06
C GLU L 1047 52.98 56.35 -6.15
N GLY L 1048 52.25 56.90 -5.18
CA GLY L 1048 51.46 56.07 -4.31
C GLY L 1048 50.37 55.31 -5.04
N ALA L 1049 49.67 55.99 -5.96
CA ALA L 1049 48.62 55.33 -6.72
C ALA L 1049 49.19 54.23 -7.60
N ILE L 1050 50.34 54.48 -8.25
CA ILE L 1050 50.91 53.47 -9.13
C ILE L 1050 51.42 52.28 -8.31
N GLU L 1051 52.02 52.54 -7.15
CA GLU L 1051 52.46 51.44 -6.30
C GLU L 1051 51.28 50.63 -5.80
N MET L 1052 50.18 51.29 -5.43
CA MET L 1052 49.00 50.57 -4.99
C MET L 1052 48.42 49.71 -6.10
N ALA L 1053 48.34 50.28 -7.32
CA ALA L 1053 47.83 49.51 -8.45
C ALA L 1053 48.73 48.32 -8.75
N TRP L 1054 50.05 48.51 -8.65
CA TRP L 1054 50.98 47.42 -8.91
C TRP L 1054 50.83 46.30 -7.88
N ILE L 1055 50.81 46.64 -6.60
CA ILE L 1055 50.68 45.60 -5.57
C ILE L 1055 49.33 44.91 -5.68
N MET L 1056 48.28 45.67 -6.00
CA MET L 1056 46.94 45.09 -6.10
C MET L 1056 46.71 44.40 -7.44
N GLY L 1057 47.67 44.46 -8.35
CA GLY L 1057 47.54 43.74 -9.61
C GLY L 1057 46.61 44.40 -10.61
N PHE L 1058 46.22 45.65 -10.38
CA PHE L 1058 45.45 46.37 -11.39
C PHE L 1058 46.26 46.57 -12.65
N ILE L 1059 47.55 46.87 -12.51
CA ILE L 1059 48.44 47.14 -13.62
C ILE L 1059 49.63 46.19 -13.53
N LYS L 1060 50.19 45.88 -14.70
CA LYS L 1060 51.42 45.12 -14.81
C LYS L 1060 52.29 45.81 -15.85
N TYR L 1061 53.60 45.75 -15.65
CA TYR L 1061 54.51 46.38 -16.60
C TYR L 1061 54.63 45.49 -17.82
N HIS L 1062 54.47 46.10 -18.99
CA HIS L 1062 54.62 45.41 -20.27
C HIS L 1062 55.83 45.96 -21.00
N ASN L 1063 56.63 45.05 -21.56
CA ASN L 1063 57.75 45.40 -22.43
C ASN L 1063 57.68 44.53 -23.68
N GLY L 1064 57.89 45.15 -24.83
CA GLY L 1064 57.88 44.46 -26.11
C GLY L 1064 56.75 44.97 -26.99
N ASN L 1065 56.16 44.04 -27.76
CA ASN L 1065 55.14 44.37 -28.72
C ASN L 1065 53.76 44.24 -28.09
N LEU L 1066 52.93 45.26 -28.27
CA LEU L 1066 51.55 45.29 -27.78
C LEU L 1066 50.66 45.77 -28.92
N GLN L 1067 49.96 44.83 -29.55
CA GLN L 1067 49.18 45.13 -30.75
C GLN L 1067 50.07 45.65 -31.87
N GLY L 1068 51.25 45.05 -32.00
CA GLY L 1068 52.21 45.47 -33.02
C GLY L 1068 53.05 46.67 -32.65
N LYS L 1069 52.42 47.74 -32.20
CA LYS L 1069 53.16 48.93 -31.77
C LYS L 1069 54.04 48.58 -30.58
N PRO L 1070 55.31 48.96 -30.57
CA PRO L 1070 56.15 48.66 -29.40
C PRO L 1070 55.78 49.54 -28.21
N TYR L 1071 55.44 48.90 -27.08
CA TYR L 1071 55.04 49.60 -25.87
C TYR L 1071 55.92 49.15 -24.72
N SER L 1072 56.32 50.11 -23.88
CA SER L 1072 57.12 49.85 -22.68
C SER L 1072 56.54 50.71 -21.56
N GLY L 1073 55.70 50.10 -20.73
CA GLY L 1073 55.08 50.82 -19.64
C GLY L 1073 54.00 49.99 -18.98
N TRP L 1074 53.24 50.64 -18.12
CA TRP L 1074 52.15 49.96 -17.42
C TRP L 1074 51.01 49.65 -18.38
N VAL L 1075 50.41 48.47 -18.21
CA VAL L 1075 49.21 48.07 -18.93
C VAL L 1075 48.21 47.53 -17.91
N ASP L 1076 46.94 47.52 -18.30
CA ASP L 1076 45.93 46.92 -17.45
C ASP L 1076 46.22 45.44 -17.26
N ALA L 1077 45.61 44.86 -16.23
CA ALA L 1077 45.75 43.44 -15.94
C ALA L 1077 44.68 42.60 -16.62
N LYS L 1078 43.42 42.98 -16.48
CA LYS L 1078 42.32 42.19 -17.04
C LYS L 1078 42.12 42.43 -18.52
N THR L 1079 42.65 43.53 -19.08
CA THR L 1079 42.51 43.85 -20.48
C THR L 1079 43.83 44.03 -21.22
N GLN L 1080 44.94 44.17 -20.50
CA GLN L 1080 46.28 44.27 -21.09
C GLN L 1080 46.44 45.50 -21.99
N THR L 1081 45.53 46.49 -21.86
CA THR L 1081 45.65 47.70 -22.66
C THR L 1081 46.57 48.71 -21.98
N PRO L 1082 47.24 49.58 -22.73
CA PRO L 1082 48.09 50.60 -22.08
C PRO L 1082 47.26 51.50 -21.18
N ILE L 1083 47.85 51.88 -20.05
CA ILE L 1083 47.28 52.90 -19.18
C ILE L 1083 48.37 53.92 -18.92
N ASP L 1084 48.09 55.18 -19.22
CA ASP L 1084 49.05 56.23 -18.93
C ASP L 1084 49.15 56.41 -17.42
N GLU L 1085 50.23 57.06 -16.97
CA GLU L 1085 50.46 57.20 -15.54
C GLU L 1085 49.40 58.06 -14.87
N LYS L 1086 48.90 59.10 -15.55
CA LYS L 1086 47.80 59.87 -15.00
C LYS L 1086 46.51 59.04 -14.95
N ASP L 1087 46.26 58.24 -15.99
CA ASP L 1087 45.08 57.40 -15.96
C ASP L 1087 45.19 56.29 -14.93
N ILE L 1088 46.40 55.99 -14.43
CA ILE L 1088 46.46 55.10 -13.27
C ILE L 1088 45.56 55.65 -12.18
N LYS L 1089 45.84 56.88 -11.72
CA LYS L 1089 45.02 57.47 -10.69
C LYS L 1089 43.59 57.58 -11.16
N SER L 1090 43.39 58.19 -12.34
CA SER L 1090 42.04 58.47 -12.81
C SER L 1090 41.17 57.23 -12.96
N LYS L 1091 41.77 56.04 -13.13
CA LYS L 1091 41.03 54.82 -13.36
C LYS L 1091 41.01 53.87 -12.16
N TYR L 1092 42.03 53.91 -11.30
CA TYR L 1092 42.19 52.95 -10.22
C TYR L 1092 42.06 53.56 -8.84
N GLU L 1093 41.86 54.88 -8.72
CA GLU L 1093 41.77 55.47 -7.38
C GLU L 1093 40.60 54.89 -6.60
N GLU L 1094 39.41 54.90 -7.19
CA GLU L 1094 38.23 54.45 -6.45
C GLU L 1094 38.37 52.99 -6.01
N GLU L 1095 38.90 52.13 -6.88
CA GLU L 1095 39.06 50.73 -6.48
C GLU L 1095 40.17 50.55 -5.46
N ILE L 1096 41.26 51.33 -5.55
CA ILE L 1096 42.31 51.23 -4.55
C ILE L 1096 41.77 51.58 -3.17
N LEU L 1097 41.05 52.71 -3.06
CA LEU L 1097 40.50 53.07 -1.76
C LEU L 1097 39.40 52.12 -1.32
N GLU L 1098 38.63 51.58 -2.26
CA GLU L 1098 37.56 50.66 -1.89
C GLU L 1098 38.10 49.36 -1.34
N HIS L 1099 39.15 48.82 -1.96
CA HIS L 1099 39.72 47.53 -1.59
C HIS L 1099 41.06 47.66 -0.90
N SER L 1100 41.31 48.77 -0.21
CA SER L 1100 42.44 48.88 0.70
C SER L 1100 41.93 49.39 2.05
N GLY L 1101 42.76 49.20 3.08
CA GLY L 1101 42.44 49.71 4.39
C GLY L 1101 41.40 48.87 5.12
N ILE L 1102 40.76 49.48 6.11
CA ILE L 1102 39.72 48.83 6.88
C ILE L 1102 38.45 48.82 6.04
N ARG L 1103 37.91 47.63 5.80
CA ARG L 1103 36.77 47.46 4.91
C ARG L 1103 36.05 46.18 5.28
N LEU L 1104 34.90 45.96 4.65
CA LEU L 1104 34.14 44.73 4.89
C LEU L 1104 34.99 43.52 4.57
N ILE L 1105 34.90 42.50 5.40
CA ILE L 1105 35.68 41.28 5.23
C ILE L 1105 35.31 40.67 3.89
N GLU L 1106 36.32 40.47 3.04
CA GLU L 1106 36.09 39.90 1.71
C GLU L 1106 36.33 38.40 1.78
N PRO L 1107 35.31 37.55 1.53
CA PRO L 1107 35.53 36.10 1.65
C PRO L 1107 36.56 35.56 0.66
N GLU L 1108 36.83 36.27 -0.43
CA GLU L 1108 37.80 35.79 -1.40
C GLU L 1108 39.22 35.82 -0.86
N LEU L 1109 39.48 36.64 0.16
CA LEU L 1109 40.81 36.76 0.75
C LEU L 1109 41.03 35.82 1.93
N PHE L 1110 40.01 35.06 2.34
CA PHE L 1110 40.10 34.20 3.52
C PHE L 1110 39.45 32.85 3.25
N ASN L 1111 39.65 32.31 2.06
CA ASN L 1111 39.13 30.99 1.68
C ASN L 1111 37.61 30.94 1.82
N GLY L 1112 36.94 31.96 1.31
CA GLY L 1112 35.49 31.98 1.30
C GLY L 1112 34.84 32.25 2.63
N TYR L 1113 35.58 32.80 3.59
CA TYR L 1113 35.03 33.06 4.92
C TYR L 1113 34.08 34.24 4.83
N ASP L 1114 32.78 33.97 5.00
CA ASP L 1114 31.75 35.00 5.06
C ASP L 1114 31.32 35.16 6.51
N PRO L 1115 31.62 36.28 7.19
CA PRO L 1115 31.11 36.43 8.56
C PRO L 1115 29.60 36.38 8.64
N LYS L 1116 28.90 36.88 7.62
CA LYS L 1116 27.44 36.79 7.61
C LYS L 1116 26.95 35.35 7.55
N LYS L 1117 27.77 34.43 7.07
CA LYS L 1117 27.41 33.02 6.90
C LYS L 1117 28.42 32.13 7.61
N LYS L 1118 28.70 32.45 8.87
CA LYS L 1118 29.67 31.70 9.67
C LYS L 1118 29.23 30.26 9.84
N GLN L 1119 29.96 29.34 9.22
CA GLN L 1119 29.52 27.94 9.11
C GLN L 1119 29.96 27.13 10.32
N MET L 1120 29.01 26.40 10.91
CA MET L 1120 29.26 25.53 12.04
C MET L 1120 28.47 24.23 11.81
N ILE L 1121 28.70 23.25 12.66
CA ILE L 1121 28.03 21.95 12.58
C ILE L 1121 27.43 21.63 13.95
N GLN L 1122 26.25 21.01 13.95
CA GLN L 1122 25.56 20.61 15.17
C GLN L 1122 25.42 19.10 15.21
N GLU L 1123 25.66 18.52 16.39
CA GLU L 1123 25.48 17.10 16.62
C GLU L 1123 23.98 16.79 16.72
N ILE L 1124 23.51 15.86 15.87
CA ILE L 1124 22.13 15.41 15.89
C ILE L 1124 22.14 13.89 15.96
N VAL L 1125 21.30 13.33 16.83
CA VAL L 1125 21.10 11.89 16.88
C VAL L 1125 20.02 11.52 15.87
N VAL L 1126 20.35 10.60 14.96
CA VAL L 1126 19.41 10.19 13.94
C VAL L 1126 18.20 9.53 14.60
N GLN L 1127 17.02 10.08 14.33
CA GLN L 1127 15.78 9.49 14.84
C GLN L 1127 15.24 8.41 13.91
N HIS L 1128 15.36 8.59 12.60
CA HIS L 1128 14.97 7.60 11.61
C HIS L 1128 16.17 7.36 10.69
N ASP L 1129 16.55 6.09 10.54
CA ASP L 1129 17.80 5.75 9.87
C ASP L 1129 17.79 6.22 8.43
N LEU L 1130 18.98 6.57 7.94
CA LEU L 1130 19.10 7.15 6.61
C LEU L 1130 19.16 6.05 5.55
N GLU L 1131 18.97 6.46 4.30
CA GLU L 1131 19.06 5.50 3.20
C GLU L 1131 20.54 5.22 2.88
N PRO L 1132 20.86 4.03 2.35
CA PRO L 1132 22.27 3.71 2.11
C PRO L 1132 22.94 4.71 1.16
N PHE L 1133 24.24 4.92 1.38
CA PHE L 1133 25.09 5.63 0.44
C PHE L 1133 26.37 4.83 0.24
N GLU L 1134 26.95 4.96 -0.95
CA GLU L 1134 28.09 4.15 -1.36
C GLU L 1134 29.39 4.89 -1.13
N CYS L 1135 30.39 4.19 -0.58
CA CYS L 1135 31.74 4.69 -0.49
C CYS L 1135 32.70 3.51 -0.50
N SER L 1136 33.99 3.80 -0.46
CA SER L 1136 35.02 2.80 -0.67
C SER L 1136 35.15 1.88 0.54
N LYS L 1137 36.04 0.89 0.41
CA LYS L 1137 36.27 -0.08 1.48
C LYS L 1137 36.72 0.60 2.76
N GLU L 1138 37.81 1.36 2.68
CA GLU L 1138 38.35 2.00 3.88
C GLU L 1138 37.35 2.98 4.48
N THR L 1139 36.63 3.70 3.62
CA THR L 1139 35.64 4.65 4.10
C THR L 1139 34.53 3.96 4.88
N ALA L 1140 33.99 2.86 4.35
CA ALA L 1140 32.94 2.14 5.05
C ALA L 1140 33.46 1.53 6.35
N GLU L 1141 34.69 0.99 6.33
CA GLU L 1141 35.28 0.47 7.56
C GLU L 1141 35.43 1.56 8.61
N GLN L 1142 35.80 2.77 8.18
CA GLN L 1142 35.92 3.88 9.12
C GLN L 1142 34.56 4.23 9.73
N TYR L 1143 33.51 4.23 8.90
CA TYR L 1143 32.17 4.49 9.43
C TYR L 1143 31.77 3.43 10.44
N LYS L 1144 32.04 2.16 10.15
CA LYS L 1144 31.71 1.10 11.09
C LYS L 1144 32.51 1.25 12.38
N HIS L 1145 33.79 1.59 12.26
CA HIS L 1145 34.62 1.79 13.44
C HIS L 1145 34.05 2.89 14.33
N GLU L 1146 33.62 4.01 13.73
CA GLU L 1146 33.08 5.10 14.53
C GLU L 1146 31.72 4.74 15.13
N HIS L 1147 30.77 4.32 14.29
CA HIS L 1147 29.39 4.23 14.70
C HIS L 1147 29.03 2.90 15.38
N GLY L 1148 29.94 1.93 15.37
CA GLY L 1148 29.67 0.68 16.08
C GLY L 1148 28.45 -0.03 15.53
N GLU L 1149 27.48 -0.27 16.40
CA GLU L 1149 26.24 -0.93 16.03
C GLU L 1149 25.19 0.03 15.47
N LYS L 1150 25.50 1.33 15.40
CA LYS L 1150 24.58 2.32 14.85
C LYS L 1150 24.81 2.58 13.37
N CYS L 1151 25.58 1.72 12.69
CA CYS L 1151 25.63 1.76 11.24
C CYS L 1151 25.94 0.37 10.73
N GLU L 1152 25.63 0.14 9.46
CA GLU L 1152 25.80 -1.14 8.81
C GLU L 1152 26.54 -0.93 7.49
N ILE L 1153 27.47 -1.82 7.20
CA ILE L 1153 28.28 -1.76 5.99
C ILE L 1153 28.10 -3.07 5.24
N PHE L 1154 27.91 -3.00 3.92
CA PHE L 1154 27.76 -4.21 3.12
C PHE L 1154 28.47 -4.06 1.79
N GLU L 1155 29.19 -5.12 1.40
CA GLU L 1155 29.90 -5.14 0.14
C GLU L 1155 28.93 -5.38 -1.00
N ILE L 1156 29.12 -4.63 -2.09
CA ILE L 1156 28.36 -4.82 -3.31
C ILE L 1156 29.14 -5.80 -4.16
N GLU L 1157 28.59 -7.00 -4.35
CA GLU L 1157 29.31 -8.04 -5.08
C GLU L 1157 29.56 -7.62 -6.53
N GLU L 1158 28.68 -6.80 -7.11
CA GLU L 1158 28.85 -6.39 -8.50
C GLU L 1158 30.04 -5.46 -8.66
N SER L 1159 30.18 -4.47 -7.77
CA SER L 1159 31.20 -3.44 -7.89
C SER L 1159 32.34 -3.59 -6.89
N GLY L 1160 32.11 -4.25 -5.76
CA GLY L 1160 33.13 -4.42 -4.74
C GLY L 1160 33.20 -3.30 -3.74
N GLU L 1161 32.55 -2.16 -3.99
CA GLU L 1161 32.52 -1.07 -3.04
C GLU L 1161 31.45 -1.32 -1.98
N TYR L 1162 31.56 -0.59 -0.87
CA TYR L 1162 30.67 -0.80 0.27
C TYR L 1162 29.56 0.23 0.28
N THR L 1163 28.41 -0.16 0.86
CA THR L 1163 27.27 0.70 1.07
C THR L 1163 27.02 0.81 2.57
N VAL L 1164 26.74 2.03 3.02
CA VAL L 1164 26.68 2.36 4.44
C VAL L 1164 25.28 2.84 4.79
N ARG L 1165 24.63 2.14 5.71
CA ARG L 1165 23.30 2.48 6.22
C ARG L 1165 23.48 2.99 7.65
N ILE L 1166 23.13 4.25 7.87
CA ILE L 1166 23.27 4.89 9.17
C ILE L 1166 21.99 4.61 9.96
N LEU L 1167 22.08 3.73 10.95
CA LEU L 1167 20.91 3.23 11.65
C LEU L 1167 20.37 4.29 12.62
N LYS L 1168 19.24 3.98 13.24
CA LYS L 1168 18.66 4.87 14.23
C LYS L 1168 19.55 4.98 15.46
N GLY L 1169 19.64 6.20 16.00
CA GLY L 1169 20.49 6.47 17.14
C GLY L 1169 21.89 6.93 16.79
N ALA L 1170 22.28 6.82 15.53
CA ALA L 1170 23.58 7.31 15.10
C ALA L 1170 23.63 8.82 15.19
N THR L 1171 24.81 9.35 15.50
CA THR L 1171 25.05 10.78 15.57
C THR L 1171 25.63 11.25 14.25
N LEU L 1172 25.09 12.35 13.72
CA LEU L 1172 25.65 13.00 12.54
C LEU L 1172 25.72 14.50 12.80
N TYR L 1173 26.51 15.18 11.97
CA TYR L 1173 26.77 16.60 12.11
C TYR L 1173 26.14 17.34 10.93
N VAL L 1174 25.09 18.09 11.19
CA VAL L 1174 24.40 18.88 10.16
C VAL L 1174 24.99 20.28 10.15
N PRO L 1175 25.53 20.77 9.03
CA PRO L 1175 26.02 22.15 8.99
C PRO L 1175 24.93 23.17 9.32
N LYS L 1176 25.33 24.22 10.02
CA LYS L 1176 24.47 25.36 10.29
C LYS L 1176 25.30 26.63 10.21
N ALA L 1177 24.62 27.75 10.04
CA ALA L 1177 25.25 29.04 9.82
C ALA L 1177 24.66 30.08 10.76
N LEU L 1178 25.52 31.00 11.21
CA LEU L 1178 25.09 32.12 12.04
C LEU L 1178 25.69 33.40 11.51
N ARG L 1179 24.96 34.49 11.69
CA ARG L 1179 25.42 35.82 11.29
C ARG L 1179 26.40 36.32 12.35
N PHE L 1180 27.66 36.49 11.95
CA PHE L 1180 28.69 36.89 12.90
C PHE L 1180 28.71 38.42 13.05
N ASP L 1181 28.90 38.86 14.29
CA ASP L 1181 28.76 40.27 14.62
C ASP L 1181 29.81 41.15 13.92
N ARG L 1182 30.98 40.63 13.63
CA ARG L 1182 32.07 41.42 13.06
C ARG L 1182 32.16 41.17 11.56
N LEU L 1183 31.96 42.23 10.77
CA LEU L 1183 31.95 42.15 9.31
C LEU L 1183 33.09 42.92 8.66
N VAL L 1184 33.94 43.59 9.43
CA VAL L 1184 34.93 44.52 8.92
C VAL L 1184 36.29 44.18 9.50
N ALA L 1185 37.32 44.22 8.65
CA ALA L 1185 38.68 43.91 9.07
C ALA L 1185 39.66 44.74 8.27
N GLY L 1186 40.83 44.96 8.87
CA GLY L 1186 41.94 45.63 8.20
C GLY L 1186 42.71 44.67 7.32
N GLN L 1187 42.20 44.39 6.14
CA GLN L 1187 42.76 43.37 5.26
C GLN L 1187 43.76 43.97 4.28
N ILE L 1188 44.74 43.15 3.90
CA ILE L 1188 45.72 43.51 2.88
C ILE L 1188 44.94 43.85 1.62
N PRO L 1189 45.39 44.80 0.77
CA PRO L 1189 44.57 45.17 -0.38
C PRO L 1189 44.24 44.00 -1.29
N THR L 1190 43.00 43.99 -1.78
CA THR L 1190 42.57 42.92 -2.66
C THR L 1190 43.40 42.92 -3.94
N GLY L 1191 43.81 41.72 -4.36
CA GLY L 1191 44.73 41.57 -5.46
C GLY L 1191 46.19 41.53 -5.05
N TRP L 1192 46.49 41.81 -3.78
CA TRP L 1192 47.84 41.59 -3.28
C TRP L 1192 48.22 40.13 -3.46
N ASP L 1193 49.32 39.89 -4.18
CA ASP L 1193 49.81 38.55 -4.43
C ASP L 1193 51.30 38.49 -4.17
N ALA L 1194 51.75 37.33 -3.70
CA ALA L 1194 53.17 37.11 -3.50
C ALA L 1194 53.89 36.92 -4.83
N ARG L 1195 53.17 36.45 -5.86
CA ARG L 1195 53.75 36.39 -7.19
C ARG L 1195 54.17 37.76 -7.69
N THR L 1196 53.41 38.81 -7.34
CA THR L 1196 53.74 40.16 -7.78
C THR L 1196 55.12 40.58 -7.28
N TYR L 1197 55.51 40.12 -6.09
CA TYR L 1197 56.85 40.37 -5.56
C TYR L 1197 57.85 39.31 -6.01
N GLY L 1198 57.37 38.15 -6.46
CA GLY L 1198 58.24 37.15 -7.06
C GLY L 1198 58.46 35.89 -6.25
N ILE L 1199 57.65 35.66 -5.23
CA ILE L 1199 57.77 34.43 -4.44
C ILE L 1199 57.26 33.28 -5.32
N PRO L 1200 58.04 32.23 -5.57
CA PRO L 1200 57.55 31.13 -6.40
C PRO L 1200 56.21 30.57 -5.94
N GLU L 1201 55.46 30.05 -6.91
CA GLU L 1201 54.20 29.37 -6.60
C GLU L 1201 54.42 28.15 -5.74
N ASP L 1202 55.59 27.52 -5.84
CA ASP L 1202 55.91 26.41 -4.95
C ASP L 1202 55.92 26.87 -3.49
N THR L 1203 56.61 27.98 -3.22
CA THR L 1203 56.58 28.56 -1.88
C THR L 1203 55.17 28.99 -1.49
N ILE L 1204 54.43 29.61 -2.40
CA ILE L 1204 53.08 30.08 -2.06
C ILE L 1204 52.18 28.90 -1.70
N SER L 1205 52.34 27.77 -2.39
CA SER L 1205 51.50 26.61 -2.12
C SER L 1205 51.90 25.91 -0.83
N GLN L 1206 53.21 25.75 -0.59
CA GLN L 1206 53.66 25.02 0.59
C GLN L 1206 53.49 25.84 1.86
N VAL L 1207 53.72 27.14 1.78
CA VAL L 1207 53.87 28.01 2.94
C VAL L 1207 52.65 28.90 3.06
N ASP L 1208 52.37 29.34 4.30
CA ASP L 1208 51.10 30.01 4.60
C ASP L 1208 51.19 31.52 4.34
N PRO L 1209 50.03 32.17 4.15
CA PRO L 1209 50.04 33.59 3.75
C PRO L 1209 50.70 34.52 4.74
N ILE L 1210 50.63 34.25 6.04
CA ILE L 1210 51.35 35.08 6.99
C ILE L 1210 52.84 35.09 6.66
N THR L 1211 53.40 33.90 6.39
CA THR L 1211 54.80 33.82 6.03
C THR L 1211 55.09 34.48 4.69
N LEU L 1212 54.14 34.43 3.75
CA LEU L 1212 54.35 35.19 2.52
C LEU L 1212 54.45 36.68 2.82
N TYR L 1213 53.59 37.19 3.72
CA TYR L 1213 53.70 38.58 4.14
C TYR L 1213 55.06 38.85 4.77
N VAL L 1214 55.53 37.94 5.62
CA VAL L 1214 56.82 38.12 6.28
C VAL L 1214 57.94 38.17 5.24
N LEU L 1215 57.90 37.28 4.25
CA LEU L 1215 58.96 37.25 3.25
C LEU L 1215 58.98 38.54 2.44
N VAL L 1216 57.80 39.02 2.02
CA VAL L 1216 57.73 40.28 1.28
C VAL L 1216 58.26 41.42 2.15
N ALA L 1217 57.85 41.45 3.42
CA ALA L 1217 58.27 42.54 4.30
C ALA L 1217 59.76 42.49 4.57
N THR L 1218 60.32 41.30 4.72
CA THR L 1218 61.76 41.18 4.99
C THR L 1218 62.57 41.60 3.77
N VAL L 1219 62.14 41.20 2.59
CA VAL L 1219 62.82 41.63 1.36
C VAL L 1219 62.76 43.15 1.25
N GLU L 1220 61.56 43.71 1.45
CA GLU L 1220 61.39 45.16 1.33
C GLU L 1220 62.18 45.90 2.39
N ALA L 1221 62.32 45.34 3.60
CA ALA L 1221 63.08 46.00 4.65
C ALA L 1221 64.58 45.94 4.36
N LEU L 1222 65.07 44.79 3.87
CA LEU L 1222 66.48 44.70 3.51
C LEU L 1222 66.82 45.68 2.40
N LEU L 1223 65.96 45.78 1.38
CA LEU L 1223 66.24 46.74 0.32
C LEU L 1223 65.89 48.17 0.73
N SER L 1224 65.14 48.36 1.82
CA SER L 1224 65.06 49.67 2.44
C SER L 1224 66.38 50.03 3.11
N ALA L 1225 67.04 49.04 3.70
CA ALA L 1225 68.41 49.18 4.17
C ALA L 1225 69.42 49.23 3.02
N GLY L 1226 68.97 49.04 1.79
CA GLY L 1226 69.85 49.11 0.65
C GLY L 1226 70.56 47.81 0.37
N ILE L 1227 70.10 46.71 0.97
CA ILE L 1227 70.74 45.42 0.86
C ILE L 1227 70.11 44.74 -0.36
N THR L 1228 70.65 45.03 -1.54
CA THR L 1228 70.15 44.40 -2.76
C THR L 1228 70.29 42.89 -2.68
N ASP L 1229 71.46 42.42 -2.24
CA ASP L 1229 71.71 41.00 -2.04
C ASP L 1229 71.76 40.70 -0.55
N PRO L 1230 70.91 39.83 0.00
CA PRO L 1230 71.01 39.58 1.45
C PRO L 1230 72.35 39.01 1.89
N TYR L 1231 73.07 38.35 0.98
CA TYR L 1231 74.39 37.83 1.32
C TYR L 1231 75.44 38.92 1.44
N GLU L 1232 75.12 40.17 1.09
CA GLU L 1232 76.06 41.26 1.28
C GLU L 1232 76.35 41.51 2.76
N PHE L 1233 75.47 41.06 3.66
CA PHE L 1233 75.79 41.07 5.08
C PHE L 1233 77.09 40.33 5.34
N TYR L 1234 77.30 39.21 4.66
CA TYR L 1234 78.42 38.34 4.98
C TYR L 1234 79.74 38.87 4.43
N LYS L 1235 79.71 39.97 3.68
CA LYS L 1235 80.94 40.65 3.28
C LYS L 1235 81.53 41.46 4.43
N TYR L 1236 80.70 41.86 5.39
CA TYR L 1236 81.13 42.66 6.53
C TYR L 1236 80.93 41.96 7.87
N VAL L 1237 80.21 40.84 7.91
CA VAL L 1237 79.77 40.20 9.13
C VAL L 1237 79.88 38.69 8.96
N HIS L 1238 80.12 37.98 10.04
CA HIS L 1238 80.08 36.53 9.97
C HIS L 1238 78.64 36.04 9.92
N VAL L 1239 78.45 34.87 9.30
CA VAL L 1239 77.11 34.30 9.17
C VAL L 1239 76.48 34.07 10.54
N SER L 1240 77.29 33.99 11.60
CA SER L 1240 76.81 33.78 12.95
C SER L 1240 76.36 35.06 13.65
N GLU L 1241 76.40 36.22 12.98
CA GLU L 1241 76.00 37.48 13.59
C GLU L 1241 74.89 38.19 12.83
N VAL L 1242 74.13 37.48 11.99
CA VAL L 1242 72.93 38.03 11.37
C VAL L 1242 71.73 37.26 11.92
N GLY L 1243 71.01 37.87 12.87
CA GLY L 1243 69.92 37.23 13.54
C GLY L 1243 68.57 37.55 12.92
N ASN L 1244 67.54 36.94 13.50
CA ASN L 1244 66.16 37.19 13.09
C ASN L 1244 65.31 37.06 14.35
N CYS L 1245 65.06 38.20 14.99
CA CYS L 1245 64.37 38.23 16.28
C CYS L 1245 62.91 38.65 16.17
N SER L 1246 62.35 38.65 14.96
CA SER L 1246 60.94 38.92 14.78
C SER L 1246 60.10 37.71 15.21
N GLY L 1247 58.80 37.96 15.41
CA GLY L 1247 57.90 36.89 15.79
C GLY L 1247 56.48 37.38 15.85
N SER L 1248 55.56 36.42 15.75
CA SER L 1248 54.13 36.65 15.79
C SER L 1248 53.58 36.43 17.19
N GLY L 1249 52.34 36.83 17.37
CA GLY L 1249 51.60 36.54 18.59
C GLY L 1249 50.86 35.22 18.49
N MET L 1250 50.33 34.92 17.29
CA MET L 1250 49.62 33.68 17.03
C MET L 1250 49.94 33.13 15.65
N GLY L 1251 51.10 33.49 15.09
CA GLY L 1251 51.33 33.31 13.68
C GLY L 1251 51.19 31.87 13.23
N GLY L 1252 50.72 31.70 12.01
CA GLY L 1252 50.40 30.38 11.47
C GLY L 1252 48.95 29.97 11.64
N VAL L 1253 48.03 30.94 11.69
CA VAL L 1253 46.63 30.61 12.01
C VAL L 1253 45.99 29.81 10.88
N SER L 1254 46.39 30.07 9.63
CA SER L 1254 45.85 29.29 8.52
C SER L 1254 46.23 27.83 8.65
N ALA L 1255 47.49 27.56 9.00
CA ALA L 1255 47.93 26.19 9.21
C ALA L 1255 47.26 25.57 10.44
N LEU L 1256 47.07 26.37 11.49
CA LEU L 1256 46.35 25.88 12.67
C LEU L 1256 44.93 25.47 12.30
N ARG L 1257 44.24 26.31 11.53
CA ARG L 1257 42.92 25.97 11.05
C ARG L 1257 42.95 24.71 10.21
N GLY L 1258 43.93 24.60 9.31
CA GLY L 1258 44.08 23.39 8.54
C GLY L 1258 44.10 22.17 9.43
N MET L 1259 45.11 22.07 10.31
CA MET L 1259 45.28 20.88 11.13
C MET L 1259 44.08 20.62 12.04
N PHE L 1260 43.47 21.66 12.59
CA PHE L 1260 42.45 21.47 13.62
C PHE L 1260 41.05 21.26 13.04
N LYS L 1261 40.74 21.80 11.86
CA LYS L 1261 39.41 21.72 11.29
C LYS L 1261 39.38 21.01 9.94
N ASP L 1262 40.26 21.36 9.01
CA ASP L 1262 40.23 20.71 7.71
C ASP L 1262 40.61 19.25 7.84
N ARG L 1263 41.55 18.95 8.74
CA ARG L 1263 41.90 17.56 9.01
C ARG L 1263 40.73 16.82 9.64
N TYR L 1264 40.04 17.45 10.59
CA TYR L 1264 38.85 16.84 11.17
C TYR L 1264 37.80 16.57 10.10
N ALA L 1265 37.72 17.44 9.10
CA ALA L 1265 36.82 17.27 7.98
C ALA L 1265 37.37 16.36 6.89
N ASP L 1266 38.61 15.86 7.05
CA ASP L 1266 39.22 14.96 6.08
C ASP L 1266 39.45 15.64 4.74
N LYS L 1267 39.60 16.96 4.74
CA LYS L 1267 39.86 17.70 3.52
C LYS L 1267 41.34 17.54 3.14
N PRO L 1268 41.68 17.78 1.88
CA PRO L 1268 43.11 17.75 1.50
C PRO L 1268 43.91 18.80 2.27
N VAL L 1269 44.82 18.32 3.10
CA VAL L 1269 45.72 19.18 3.87
C VAL L 1269 47.13 18.63 3.73
N GLN L 1270 48.10 19.53 3.61
CA GLN L 1270 49.49 19.11 3.46
C GLN L 1270 49.96 18.37 4.71
N ASN L 1271 50.89 17.42 4.49
CA ASN L 1271 51.33 16.57 5.60
C ASN L 1271 52.10 17.35 6.65
N ASP L 1272 52.72 18.47 6.26
CA ASP L 1272 53.55 19.28 7.16
C ASP L 1272 52.88 20.61 7.50
N ILE L 1273 51.58 20.61 7.73
CA ILE L 1273 50.87 21.85 8.05
C ILE L 1273 51.22 22.34 9.45
N LEU L 1274 51.44 21.42 10.40
CA LEU L 1274 51.86 21.83 11.73
C LEU L 1274 53.17 22.59 11.68
N GLN L 1275 54.08 22.17 10.82
CA GLN L 1275 55.34 22.85 10.63
C GLN L 1275 55.12 24.31 10.23
N GLU L 1276 54.16 24.57 9.34
CA GLU L 1276 53.85 25.93 8.95
C GLU L 1276 53.04 26.67 10.01
N SER L 1277 52.42 25.94 10.94
CA SER L 1277 51.64 26.56 12.00
C SER L 1277 52.49 27.22 13.07
N PHE L 1278 53.75 26.81 13.22
CA PHE L 1278 54.59 27.37 14.27
C PHE L 1278 54.80 28.87 14.05
N ILE L 1279 55.05 29.58 15.14
CA ILE L 1279 55.30 31.01 15.04
C ILE L 1279 56.72 31.29 14.58
N ASN L 1280 57.65 30.38 14.82
CA ASN L 1280 59.04 30.56 14.41
C ASN L 1280 59.32 30.05 13.01
N THR L 1281 58.36 29.37 12.37
CA THR L 1281 58.59 28.89 11.01
C THR L 1281 58.62 30.03 10.00
N MET L 1282 58.01 31.18 10.32
CA MET L 1282 58.13 32.34 9.46
C MET L 1282 59.59 32.81 9.39
N SER L 1283 60.22 33.02 10.54
CA SER L 1283 61.63 33.38 10.56
C SER L 1283 62.49 32.27 9.96
N ALA L 1284 62.11 31.01 10.20
CA ALA L 1284 62.81 29.90 9.58
C ALA L 1284 62.82 30.04 8.06
N TRP L 1285 61.64 30.22 7.47
CA TRP L 1285 61.54 30.32 6.02
C TRP L 1285 62.26 31.56 5.50
N VAL L 1286 62.23 32.64 6.26
CA VAL L 1286 63.00 33.83 5.89
C VAL L 1286 64.47 33.47 5.79
N ASN L 1287 64.99 32.73 6.76
CA ASN L 1287 66.39 32.31 6.71
C ASN L 1287 66.66 31.36 5.56
N MET L 1288 65.76 30.41 5.32
CA MET L 1288 65.99 29.39 4.30
C MET L 1288 65.87 29.95 2.89
N LEU L 1289 65.18 31.08 2.74
CA LEU L 1289 64.96 31.63 1.41
C LEU L 1289 65.86 32.83 1.11
N LEU L 1290 66.25 33.61 2.13
CA LEU L 1290 66.93 34.88 1.90
C LEU L 1290 68.30 34.95 2.56
N LEU L 1291 68.43 34.62 3.85
CA LEU L 1291 69.60 35.05 4.61
C LEU L 1291 70.69 33.99 4.65
N SER L 1292 70.35 32.75 5.04
CA SER L 1292 71.36 31.70 5.29
C SER L 1292 72.29 32.06 6.44
N SER L 1293 71.82 32.90 7.35
CA SER L 1293 72.61 33.21 8.53
C SER L 1293 72.53 32.08 9.54
N SER L 1294 73.63 31.89 10.28
CA SER L 1294 73.64 31.07 11.47
C SER L 1294 73.64 31.93 12.73
N GLY L 1295 73.06 33.13 12.64
CA GLY L 1295 73.04 34.03 13.75
C GLY L 1295 71.93 33.71 14.72
N PRO L 1296 71.87 34.47 15.80
CA PRO L 1296 70.86 34.20 16.83
C PRO L 1296 69.46 34.29 16.26
N ILE L 1297 68.62 33.34 16.65
CA ILE L 1297 67.26 33.21 16.13
C ILE L 1297 66.33 33.20 17.34
N LYS L 1298 65.54 34.25 17.46
CA LYS L 1298 64.58 34.41 18.54
C LYS L 1298 63.22 34.66 17.92
N THR L 1299 62.17 34.10 18.53
CA THR L 1299 60.80 34.25 18.04
C THR L 1299 59.93 34.65 19.23
N PRO L 1300 59.77 35.95 19.48
CA PRO L 1300 58.93 36.37 20.61
C PRO L 1300 57.45 36.10 20.34
N VAL L 1301 56.71 35.89 21.43
CA VAL L 1301 55.25 35.95 21.43
C VAL L 1301 54.87 37.02 22.44
N GLY L 1302 54.05 37.97 22.00
CA GLY L 1302 53.59 39.03 22.86
C GLY L 1302 52.17 39.45 22.58
N ALA L 1303 51.46 38.68 21.76
CA ALA L 1303 50.11 39.02 21.31
C ALA L 1303 50.21 40.38 20.61
N CYS L 1304 49.60 41.45 21.13
CA CYS L 1304 49.73 42.74 20.46
C CYS L 1304 51.15 43.27 20.54
N ALA L 1305 51.77 43.20 21.72
CA ALA L 1305 53.04 43.87 21.98
C ALA L 1305 54.21 42.90 21.77
N THR L 1306 54.24 42.29 20.59
CA THR L 1306 55.31 41.38 20.23
C THR L 1306 56.34 41.97 19.29
N ALA L 1307 55.96 42.94 18.45
CA ALA L 1307 56.95 43.58 17.60
C ALA L 1307 57.91 44.45 18.40
N VAL L 1308 57.39 45.17 19.39
CA VAL L 1308 58.27 45.95 20.27
C VAL L 1308 59.13 45.01 21.10
N GLU L 1309 58.57 43.87 21.51
CA GLU L 1309 59.34 42.87 22.24
C GLU L 1309 60.42 42.27 21.34
N SER L 1310 60.11 42.07 20.07
CA SER L 1310 61.11 41.63 19.10
C SER L 1310 62.22 42.66 18.97
N VAL L 1311 61.86 43.93 18.92
CA VAL L 1311 62.88 44.98 18.88
C VAL L 1311 63.75 44.91 20.13
N ASP L 1312 63.13 44.71 21.30
CA ASP L 1312 63.89 44.64 22.54
C ASP L 1312 64.85 43.46 22.55
N ILE L 1313 64.37 42.29 22.10
CA ILE L 1313 65.23 41.13 22.03
C ILE L 1313 66.34 41.36 21.01
N GLY L 1314 66.05 42.08 19.92
CA GLY L 1314 67.10 42.40 18.95
C GLY L 1314 68.16 43.31 19.51
N ILE L 1315 67.75 44.34 20.26
CA ILE L 1315 68.73 45.20 20.94
C ILE L 1315 69.59 44.37 21.87
N GLU L 1316 68.96 43.50 22.66
CA GLU L 1316 69.72 42.67 23.58
C GLU L 1316 70.69 41.76 22.82
N THR L 1317 70.23 41.17 21.73
CA THR L 1317 71.07 40.26 20.94
C THR L 1317 72.28 40.98 20.36
N ILE L 1318 72.07 42.19 19.83
CA ILE L 1318 73.19 42.93 19.26
C ILE L 1318 74.15 43.39 20.36
N LEU L 1319 73.62 43.91 21.46
CA LEU L 1319 74.47 44.45 22.50
C LEU L 1319 75.22 43.38 23.27
N SER L 1320 74.72 42.14 23.28
CA SER L 1320 75.43 41.03 23.89
C SER L 1320 76.54 40.48 23.01
N GLY L 1321 76.69 40.98 21.79
CA GLY L 1321 77.66 40.47 20.85
C GLY L 1321 77.22 39.25 20.09
N LYS L 1322 76.01 38.75 20.34
CA LYS L 1322 75.53 37.56 19.64
C LYS L 1322 75.25 37.86 18.18
N ALA L 1323 74.88 39.10 17.86
CA ALA L 1323 74.59 39.50 16.49
C ALA L 1323 75.14 40.91 16.25
N LYS L 1324 75.30 41.23 14.97
CA LYS L 1324 75.54 42.59 14.51
C LYS L 1324 74.38 43.15 13.73
N VAL L 1325 73.69 42.30 12.96
CA VAL L 1325 72.50 42.64 12.21
C VAL L 1325 71.38 41.73 12.72
N VAL L 1326 70.18 42.27 12.87
CA VAL L 1326 69.06 41.43 13.25
C VAL L 1326 67.77 42.00 12.65
N LEU L 1327 66.92 41.07 12.20
CA LEU L 1327 65.60 41.39 11.68
C LEU L 1327 64.60 41.29 12.82
N VAL L 1328 64.02 42.42 13.21
CA VAL L 1328 63.03 42.49 14.27
C VAL L 1328 61.70 42.85 13.64
N GLY L 1329 60.61 42.63 14.38
CA GLY L 1329 59.31 43.00 13.88
C GLY L 1329 58.25 42.03 14.35
N GLY L 1330 57.13 42.05 13.63
CA GLY L 1330 55.98 41.24 14.01
C GLY L 1330 55.12 40.94 12.80
N TYR L 1331 54.22 39.98 12.97
CA TYR L 1331 53.32 39.61 11.89
C TYR L 1331 52.16 38.80 12.45
N ASP L 1332 51.00 38.96 11.82
CA ASP L 1332 49.84 38.13 12.10
C ASP L 1332 48.93 38.13 10.88
N ASP L 1333 48.02 37.15 10.86
CA ASP L 1333 47.04 37.02 9.80
C ASP L 1333 45.65 37.08 10.40
N PHE L 1334 44.70 37.48 9.58
CA PHE L 1334 43.30 37.53 9.96
C PHE L 1334 42.63 36.25 9.48
N GLN L 1335 41.91 35.58 10.38
CA GLN L 1335 41.22 34.36 10.01
C GLN L 1335 39.92 34.26 10.79
N GLU L 1336 39.08 33.33 10.33
CA GLU L 1336 37.72 33.19 10.85
C GLU L 1336 37.73 32.96 12.35
N GLU L 1337 38.54 32.00 12.81
CA GLU L 1337 38.48 31.60 14.21
C GLU L 1337 39.09 32.66 15.12
N GLY L 1338 40.20 33.27 14.70
CA GLY L 1338 40.77 34.35 15.48
C GLY L 1338 39.81 35.52 15.62
N SER L 1339 39.15 35.89 14.51
CA SER L 1339 38.15 36.95 14.57
C SER L 1339 37.01 36.58 15.52
N TYR L 1340 36.55 35.33 15.44
CA TYR L 1340 35.42 34.90 16.28
C TYR L 1340 35.79 34.95 17.75
N GLU L 1341 37.00 34.52 18.09
CA GLU L 1341 37.41 34.51 19.49
C GLU L 1341 37.66 35.92 20.00
N PHE L 1342 38.22 36.80 19.17
CA PHE L 1342 38.36 38.20 19.58
C PHE L 1342 36.99 38.83 19.78
N ALA L 1343 35.99 38.37 19.04
CA ALA L 1343 34.63 38.88 19.23
C ALA L 1343 33.99 38.32 20.49
N ASN L 1344 34.28 37.05 20.83
CA ASN L 1344 33.70 36.46 22.04
C ASN L 1344 34.04 37.25 23.29
N MET L 1345 35.28 37.69 23.41
CA MET L 1345 35.74 38.44 24.58
C MET L 1345 35.46 39.93 24.47
N ASN L 1346 34.68 40.34 23.46
CA ASN L 1346 34.29 41.75 23.30
C ASN L 1346 35.53 42.64 23.15
N ALA L 1347 36.57 42.11 22.50
CA ALA L 1347 37.79 42.86 22.24
C ALA L 1347 37.68 43.66 20.96
N THR L 1348 37.14 43.06 19.91
CA THR L 1348 36.88 43.79 18.68
C THR L 1348 35.58 44.57 18.79
N SER L 1349 35.42 45.54 17.89
CA SER L 1349 34.21 46.36 17.85
C SER L 1349 33.12 45.63 17.08
N ASN L 1350 31.90 45.69 17.60
CA ASN L 1350 30.78 45.09 16.91
C ASN L 1350 30.34 45.96 15.73
N SER L 1351 30.58 45.45 14.52
CA SER L 1351 30.28 46.22 13.32
C SER L 1351 28.79 46.48 13.16
N ILE L 1352 27.94 45.59 13.68
CA ILE L 1352 26.51 45.81 13.60
C ILE L 1352 26.10 46.98 14.50
N GLU L 1353 26.66 47.04 15.71
CA GLU L 1353 26.43 48.22 16.55
C GLU L 1353 27.01 49.48 15.93
N GLU L 1354 28.14 49.36 15.23
CA GLU L 1354 28.70 50.51 14.54
C GLU L 1354 27.76 51.01 13.45
N PHE L 1355 27.19 50.09 12.67
CA PHE L 1355 26.22 50.49 11.65
C PHE L 1355 24.97 51.08 12.28
N LYS L 1356 24.55 50.55 13.43
CA LYS L 1356 23.47 51.18 14.19
C LYS L 1356 23.82 52.60 14.60
N HIS L 1357 25.09 52.86 14.89
CA HIS L 1357 25.57 54.20 15.18
C HIS L 1357 25.92 55.00 13.93
N GLY L 1358 25.73 54.42 12.74
CA GLY L 1358 25.94 55.15 11.50
C GLY L 1358 27.37 55.19 11.01
N ARG L 1359 28.27 54.43 11.63
CA ARG L 1359 29.66 54.45 11.26
C ARG L 1359 29.92 53.58 10.03
N THR L 1360 30.97 53.91 9.30
CA THR L 1360 31.42 53.16 8.13
C THR L 1360 32.75 52.50 8.45
N PRO L 1361 33.17 51.51 7.65
CA PRO L 1361 34.47 50.86 7.92
C PRO L 1361 35.65 51.82 7.95
N LYS L 1362 35.64 52.86 7.12
CA LYS L 1362 36.74 53.81 7.08
C LYS L 1362 36.89 54.57 8.40
N GLU L 1363 35.84 54.62 9.23
CA GLU L 1363 35.88 55.29 10.52
C GLU L 1363 35.55 54.34 11.66
N MET L 1364 35.74 53.03 11.47
CA MET L 1364 35.40 52.08 12.52
C MET L 1364 36.45 52.09 13.62
N SER L 1365 37.72 52.22 13.25
CA SER L 1365 38.80 52.32 14.23
C SER L 1365 38.90 53.76 14.69
N ARG L 1366 38.56 54.02 15.95
CA ARG L 1366 38.52 55.36 16.52
C ARG L 1366 39.36 55.38 17.79
N PRO L 1367 40.69 55.40 17.66
CA PRO L 1367 41.53 55.51 18.86
C PRO L 1367 41.24 56.80 19.61
N THR L 1368 41.36 56.72 20.94
CA THR L 1368 41.29 57.88 21.84
C THR L 1368 40.07 58.75 21.56
N THR L 1369 38.94 58.10 21.30
CA THR L 1369 37.69 58.76 20.95
C THR L 1369 36.63 58.41 21.99
N THR L 1370 35.69 59.33 22.19
CA THR L 1370 34.69 59.18 23.24
C THR L 1370 33.91 57.88 23.11
N THR L 1371 33.55 57.50 21.88
CA THR L 1371 32.64 56.40 21.61
C THR L 1371 33.34 55.13 21.14
N ARG L 1372 34.66 55.04 21.29
CA ARG L 1372 35.37 53.84 20.86
C ARG L 1372 34.85 52.62 21.62
N ASN L 1373 34.63 51.53 20.88
CA ASN L 1373 33.96 50.35 21.43
C ASN L 1373 34.63 49.06 20.97
N GLY L 1374 35.95 49.05 20.92
CA GLY L 1374 36.71 47.86 20.56
C GLY L 1374 37.62 48.09 19.37
N PHE L 1375 38.61 47.22 19.26
CA PHE L 1375 39.65 47.38 18.26
C PHE L 1375 39.25 46.79 16.93
N MET L 1376 39.96 47.22 15.89
CA MET L 1376 39.71 46.80 14.52
C MET L 1376 40.79 45.80 14.13
N GLU L 1377 40.40 44.54 13.96
CA GLU L 1377 41.36 43.51 13.66
C GLU L 1377 41.91 43.67 12.24
N ALA L 1378 43.23 43.56 12.10
CA ALA L 1378 43.89 43.71 10.82
C ALA L 1378 44.83 42.52 10.63
N GLN L 1379 45.47 42.47 9.47
CA GLN L 1379 46.43 41.43 9.14
C GLN L 1379 47.62 42.09 8.46
N GLY L 1380 48.75 41.41 8.52
CA GLY L 1380 49.94 41.86 7.81
C GLY L 1380 51.18 41.63 8.65
N SER L 1381 52.27 42.20 8.14
CA SER L 1381 53.60 42.02 8.70
C SER L 1381 54.35 43.34 8.69
N GLY L 1382 55.26 43.49 9.63
CA GLY L 1382 56.13 44.65 9.69
C GLY L 1382 57.51 44.23 10.15
N ILE L 1383 58.54 44.55 9.36
CA ILE L 1383 59.90 44.11 9.61
C ILE L 1383 60.81 45.32 9.60
N GLN L 1384 61.82 45.30 10.48
CA GLN L 1384 62.89 46.28 10.52
C GLN L 1384 64.23 45.56 10.58
N VAL L 1385 65.17 46.03 9.78
CA VAL L 1385 66.55 45.56 9.82
C VAL L 1385 67.27 46.56 10.71
N ILE L 1386 67.65 46.12 11.93
CA ILE L 1386 68.39 46.95 12.88
C ILE L 1386 69.81 46.42 12.96
N MET L 1387 70.76 47.32 13.19
CA MET L 1387 72.18 46.99 13.15
C MET L 1387 72.91 47.84 14.18
N THR L 1388 74.18 47.53 14.37
CA THR L 1388 75.05 48.40 15.14
C THR L 1388 75.33 49.67 14.33
N ALA L 1389 75.56 50.77 15.05
CA ALA L 1389 75.88 52.02 14.36
C ALA L 1389 77.21 51.92 13.61
N ASP L 1390 78.21 51.28 14.22
CA ASP L 1390 79.50 51.12 13.55
C ASP L 1390 79.36 50.33 12.27
N LEU L 1391 78.63 49.21 12.32
CA LEU L 1391 78.44 48.41 11.13
C LEU L 1391 77.63 49.17 10.09
N ALA L 1392 76.59 49.89 10.52
CA ALA L 1392 75.78 50.64 9.56
C ALA L 1392 76.63 51.67 8.83
N LEU L 1393 77.51 52.36 9.55
CA LEU L 1393 78.41 53.29 8.90
C LEU L 1393 79.39 52.56 7.99
N LYS L 1394 79.88 51.39 8.41
CA LYS L 1394 80.87 50.69 7.61
C LYS L 1394 80.31 50.22 6.28
N MET L 1395 79.11 49.64 6.28
CA MET L 1395 78.45 49.23 5.04
C MET L 1395 77.78 50.38 4.30
N GLY L 1396 77.59 51.53 4.94
CA GLY L 1396 76.90 52.61 4.27
C GLY L 1396 75.44 52.34 3.98
N VAL L 1397 74.73 51.70 4.91
CA VAL L 1397 73.29 51.51 4.79
C VAL L 1397 72.61 52.79 5.29
N PRO L 1398 71.36 53.06 4.91
CA PRO L 1398 70.67 54.26 5.42
C PRO L 1398 70.25 54.05 6.87
N ILE L 1399 70.83 54.86 7.76
CA ILE L 1399 70.51 54.79 9.18
C ILE L 1399 69.22 55.56 9.38
N HIS L 1400 68.11 54.84 9.49
CA HIS L 1400 66.81 55.49 9.57
C HIS L 1400 66.59 56.12 10.94
N ALA L 1401 66.98 55.45 12.01
CA ALA L 1401 66.88 56.06 13.33
C ALA L 1401 67.74 55.26 14.30
N VAL L 1402 67.85 55.76 15.53
CA VAL L 1402 68.61 55.13 16.59
C VAL L 1402 67.62 54.58 17.61
N LEU L 1403 67.67 53.28 17.85
CA LEU L 1403 66.84 52.66 18.89
C LEU L 1403 67.49 52.97 20.23
N ALA L 1404 67.15 54.14 20.78
CA ALA L 1404 67.78 54.58 22.02
C ALA L 1404 67.35 53.72 23.20
N MET L 1405 66.10 53.25 23.18
CA MET L 1405 65.61 52.44 24.29
C MET L 1405 64.63 51.38 23.78
N THR L 1406 64.62 50.23 24.45
CA THR L 1406 63.54 49.27 24.27
C THR L 1406 63.41 48.46 25.56
N ALA L 1407 62.18 48.19 25.97
CA ALA L 1407 61.94 47.48 27.22
C ALA L 1407 60.56 46.84 27.18
N THR L 1408 60.40 45.82 28.03
CA THR L 1408 59.15 45.10 28.19
C THR L 1408 58.85 44.95 29.67
N ALA L 1409 57.58 44.76 30.01
CA ALA L 1409 57.17 44.70 31.40
C ALA L 1409 55.83 44.00 31.53
N THR L 1410 55.58 43.50 32.74
CA THR L 1410 54.31 42.91 33.13
C THR L 1410 53.63 43.79 34.17
N ASP L 1411 52.32 43.58 34.37
CA ASP L 1411 51.58 44.50 35.23
C ASP L 1411 51.64 44.10 36.71
N LYS L 1412 50.93 43.01 37.07
CA LYS L 1412 50.71 42.71 38.49
C LYS L 1412 49.87 41.45 38.67
N ILE L 1413 49.58 41.09 39.93
CA ILE L 1413 48.56 40.10 40.22
C ILE L 1413 47.26 40.53 39.57
N GLY L 1414 46.58 39.58 38.93
CA GLY L 1414 45.28 39.84 38.37
C GLY L 1414 44.63 38.54 37.97
N ARG L 1415 43.44 38.66 37.40
CA ARG L 1415 42.76 37.54 36.77
C ARG L 1415 42.24 37.92 35.40
N SER L 1416 42.89 38.86 34.73
CA SER L 1416 42.52 39.32 33.40
C SER L 1416 43.78 39.43 32.55
N VAL L 1417 43.98 38.44 31.69
CA VAL L 1417 45.06 38.43 30.70
C VAL L 1417 44.93 39.60 29.73
N PRO L 1418 43.79 39.80 29.06
CA PRO L 1418 43.77 40.80 28.00
C PRO L 1418 43.81 42.24 28.49
N ALA L 1419 43.64 42.48 29.79
CA ALA L 1419 43.62 43.86 30.28
C ALA L 1419 45.02 44.44 30.22
N PRO L 1420 45.23 45.60 29.62
CA PRO L 1420 46.53 46.30 29.79
C PRO L 1420 46.82 46.83 31.20
N GLY L 1421 48.02 47.34 31.46
CA GLY L 1421 48.35 47.82 32.80
C GLY L 1421 49.60 48.67 32.77
N LYS L 1422 49.93 49.22 33.94
CA LYS L 1422 50.99 50.22 34.07
C LYS L 1422 52.38 49.59 34.17
N GLY L 1423 52.53 48.33 33.75
CA GLY L 1423 53.81 47.65 33.88
C GLY L 1423 54.93 48.33 33.12
N ILE L 1424 54.65 48.80 31.89
CA ILE L 1424 55.68 49.43 31.08
C ILE L 1424 56.06 50.81 31.58
N LEU L 1425 55.46 51.26 32.68
CA LEU L 1425 55.95 52.43 33.38
C LEU L 1425 57.38 52.22 33.89
N THR L 1426 57.84 50.95 33.93
CA THR L 1426 59.21 50.60 34.34
C THR L 1426 60.30 51.23 33.49
N THR L 1427 59.97 51.92 32.41
CA THR L 1427 60.99 52.61 31.64
C THR L 1427 61.30 54.01 32.18
N ALA L 1428 60.58 54.46 33.21
CA ALA L 1428 60.71 55.80 33.76
C ALA L 1428 60.99 55.76 35.25
N ARG L 1429 61.98 54.95 35.65
CA ARG L 1429 62.29 54.65 37.03
C ARG L 1429 63.38 55.57 37.55
N GLU L 1430 63.05 56.49 38.45
CA GLU L 1430 64.12 57.25 39.08
C GLU L 1430 63.75 57.63 40.50
N HIS L 1431 64.78 57.65 41.35
CA HIS L 1431 64.70 58.09 42.74
C HIS L 1431 64.85 59.60 42.77
N HIS L 1432 64.04 60.26 43.62
CA HIS L 1432 64.14 61.69 43.83
C HIS L 1432 64.41 62.06 45.28
N GLY L 1433 64.21 61.14 46.22
CA GLY L 1433 64.48 61.41 47.61
C GLY L 1433 65.96 61.50 47.92
N SER L 1439 73.28 66.25 39.42
CA SER L 1439 73.80 64.97 38.95
C SER L 1439 74.76 65.17 37.78
N PRO L 1440 76.07 65.26 38.06
CA PRO L 1440 77.04 65.39 36.95
C PRO L 1440 77.00 64.23 35.97
N LEU L 1441 76.53 63.05 36.38
CA LEU L 1441 76.44 61.93 35.45
C LEU L 1441 75.47 62.23 34.31
N LEU L 1442 74.48 63.09 34.54
CA LEU L 1442 73.59 63.50 33.47
C LEU L 1442 74.23 64.53 32.55
N ASN L 1443 75.35 65.12 32.94
CA ASN L 1443 76.05 66.11 32.14
C ASN L 1443 77.05 65.40 31.22
N ILE L 1444 77.10 65.83 29.96
CA ILE L 1444 77.93 65.13 28.98
C ILE L 1444 79.36 65.66 28.99
N LYS L 1445 79.57 66.94 29.32
CA LYS L 1445 80.93 67.45 29.40
C LYS L 1445 81.72 66.71 30.48
N TYR L 1446 81.09 66.48 31.63
CA TYR L 1446 81.71 65.68 32.68
C TYR L 1446 82.04 64.29 32.17
N ARG L 1447 81.06 63.62 31.56
CA ARG L 1447 81.30 62.28 31.00
C ARG L 1447 82.38 62.33 29.93
N LYS L 1448 82.40 63.39 29.12
CA LYS L 1448 83.39 63.47 28.06
C LYS L 1448 84.80 63.59 28.60
N ARG L 1449 85.01 64.41 29.64
CA ARG L 1449 86.34 64.52 30.21
C ARG L 1449 86.75 63.26 30.94
N GLN L 1450 85.78 62.60 31.60
CA GLN L 1450 86.04 61.28 32.17
C GLN L 1450 86.58 60.33 31.11
N LEU L 1451 85.87 60.22 29.99
CA LEU L 1451 86.31 59.35 28.92
C LEU L 1451 87.65 59.80 28.35
N ASN L 1452 87.89 61.12 28.29
CA ASN L 1452 89.15 61.61 27.73
C ASN L 1452 90.35 61.11 28.52
N LYS L 1453 90.33 61.32 29.85
CA LYS L 1453 91.47 60.80 30.61
C LYS L 1453 91.47 59.28 30.72
N ARG L 1454 90.32 58.63 30.64
CA ARG L 1454 90.34 57.17 30.55
C ARG L 1454 91.04 56.72 29.27
N LEU L 1455 90.81 57.42 28.16
CA LEU L 1455 91.49 57.09 26.91
C LEU L 1455 93.00 57.33 27.02
N GLU L 1456 93.40 58.41 27.69
CA GLU L 1456 94.84 58.62 27.85
C GLU L 1456 95.47 57.53 28.73
N GLN L 1457 94.75 57.08 29.75
CA GLN L 1457 95.23 55.92 30.50
C GLN L 1457 95.35 54.69 29.59
N ILE L 1458 94.39 54.52 28.68
CA ILE L 1458 94.42 53.37 27.79
C ILE L 1458 95.63 53.42 26.86
N LYS L 1459 95.95 54.62 26.34
CA LYS L 1459 97.10 54.70 25.44
C LYS L 1459 98.41 54.50 26.19
N SER L 1460 98.48 54.94 27.45
CA SER L 1460 99.64 54.61 28.27
C SER L 1460 99.76 53.10 28.45
N TRP L 1461 98.63 52.43 28.69
CA TRP L 1461 98.62 50.98 28.83
C TRP L 1461 99.09 50.30 27.55
N GLU L 1462 98.64 50.80 26.39
CA GLU L 1462 99.06 50.24 25.11
C GLU L 1462 100.56 50.38 24.92
N GLU L 1463 101.11 51.55 25.24
CA GLU L 1463 102.54 51.75 25.07
C GLU L 1463 103.32 50.81 25.98
N THR L 1464 102.87 50.65 27.23
CA THR L 1464 103.55 49.72 28.15
C THR L 1464 103.49 48.29 27.62
N GLU L 1465 102.34 47.87 27.11
CA GLU L 1465 102.21 46.51 26.60
C GLU L 1465 103.10 46.28 25.39
N LEU L 1466 103.18 47.26 24.48
CA LEU L 1466 104.07 47.12 23.33
C LEU L 1466 105.53 47.06 23.76
N SER L 1467 105.90 47.87 24.76
CA SER L 1467 107.27 47.81 25.27
C SER L 1467 107.58 46.43 25.84
N TYR L 1468 106.64 45.85 26.59
CA TYR L 1468 106.85 44.52 27.13
C TYR L 1468 106.95 43.48 26.01
N LEU L 1469 106.10 43.61 24.99
CA LEU L 1469 106.17 42.71 23.84
C LEU L 1469 107.52 42.81 23.15
N GLN L 1470 108.13 44.00 23.17
CA GLN L 1470 109.49 44.13 22.63
C GLN L 1470 110.45 43.19 23.33
N GLU L 1471 110.35 43.09 24.66
CA GLU L 1471 111.16 42.11 25.38
C GLU L 1471 110.76 40.70 25.01
N GLU L 1472 109.46 40.42 24.92
CA GLU L 1472 109.00 39.09 24.53
C GLU L 1472 109.36 38.81 23.08
N SER L 1485 109.93 31.82 15.04
CA SER L 1485 109.21 32.79 14.22
C SER L 1485 108.96 34.08 14.99
N MET L 1486 110.02 34.89 15.13
CA MET L 1486 109.90 36.14 15.87
C MET L 1486 108.92 37.07 15.19
N HIS L 1487 108.97 37.15 13.85
CA HIS L 1487 108.05 38.03 13.14
C HIS L 1487 106.60 37.61 13.33
N GLU L 1488 106.32 36.31 13.24
CA GLU L 1488 104.95 35.84 13.43
C GLU L 1488 104.48 36.08 14.86
N PHE L 1489 105.34 35.82 15.84
CA PHE L 1489 104.98 36.06 17.23
C PHE L 1489 104.70 37.54 17.47
N LEU L 1490 105.54 38.43 16.93
CA LEU L 1490 105.33 39.85 17.08
C LEU L 1490 104.04 40.30 16.41
N LYS L 1491 103.74 39.76 15.21
CA LYS L 1491 102.50 40.11 14.53
C LYS L 1491 101.30 39.71 15.36
N GLU L 1492 101.29 38.47 15.86
CA GLU L 1492 100.13 38.01 16.63
C GLU L 1492 99.96 38.82 17.91
N ARG L 1493 101.05 39.10 18.61
CA ARG L 1493 100.93 39.82 19.87
C ARG L 1493 100.62 41.29 19.66
N THR L 1494 101.10 41.90 18.56
CA THR L 1494 100.70 43.26 18.25
C THR L 1494 99.22 43.33 17.91
N GLU L 1495 98.72 42.35 17.15
CA GLU L 1495 97.28 42.29 16.92
C GLU L 1495 96.52 42.18 18.24
N GLU L 1496 97.03 41.35 19.15
CA GLU L 1496 96.38 41.21 20.46
C GLU L 1496 96.37 42.53 21.22
N VAL L 1497 97.51 43.23 21.26
CA VAL L 1497 97.58 44.49 22.00
C VAL L 1497 96.65 45.53 21.38
N TYR L 1498 96.62 45.61 20.05
CA TYR L 1498 95.72 46.55 19.40
C TYR L 1498 94.26 46.23 19.70
N ARG L 1499 93.90 44.95 19.60
CA ARG L 1499 92.52 44.56 19.89
C ARG L 1499 92.15 44.86 21.34
N GLU L 1500 93.09 44.62 22.26
CA GLU L 1500 92.81 44.85 23.68
C GLU L 1500 92.67 46.32 23.99
N SER L 1501 93.54 47.16 23.42
CA SER L 1501 93.39 48.60 23.62
C SER L 1501 92.10 49.11 22.99
N LYS L 1502 91.75 48.59 21.82
CA LYS L 1502 90.49 48.97 21.18
C LYS L 1502 89.30 48.59 22.06
N ARG L 1503 89.36 47.42 22.69
CA ARG L 1503 88.27 47.00 23.56
C ARG L 1503 88.23 47.82 24.84
N GLN L 1504 89.38 48.18 25.39
CA GLN L 1504 89.38 49.07 26.56
C GLN L 1504 88.74 50.41 26.21
N VAL L 1505 89.07 50.94 25.03
CA VAL L 1505 88.45 52.17 24.55
C VAL L 1505 86.94 51.98 24.41
N SER L 1506 86.53 50.86 23.80
CA SER L 1506 85.11 50.62 23.57
C SER L 1506 84.36 50.49 24.88
N ASP L 1507 84.94 49.82 25.87
CA ASP L 1507 84.30 49.68 27.17
C ASP L 1507 84.22 51.03 27.87
N ALA L 1508 85.25 51.86 27.74
CA ALA L 1508 85.21 53.20 28.31
C ALA L 1508 84.08 54.02 27.69
N LYS L 1509 83.98 53.97 26.36
CA LYS L 1509 82.92 54.70 25.67
C LYS L 1509 81.54 54.16 26.05
N LYS L 1510 81.43 52.85 26.23
CA LYS L 1510 80.18 52.25 26.67
C LYS L 1510 79.79 52.73 28.05
N GLN L 1511 80.76 52.79 28.97
CA GLN L 1511 80.46 53.20 30.33
C GLN L 1511 80.08 54.67 30.40
N TRP L 1512 80.80 55.53 29.67
CA TRP L 1512 80.65 56.97 29.84
C TRP L 1512 79.68 57.61 28.86
N GLY L 1513 79.29 56.92 27.79
CA GLY L 1513 78.37 57.49 26.82
C GLY L 1513 77.12 56.67 26.56
N ASN L 1514 77.21 55.35 26.72
CA ASN L 1514 76.10 54.44 26.42
C ASN L 1514 75.39 53.93 27.66
N SER L 1515 76.14 53.40 28.63
CA SER L 1515 75.58 52.78 29.82
C SER L 1515 75.90 53.58 31.09
N PHE L 1516 76.05 54.90 30.95
CA PHE L 1516 76.33 55.73 32.11
C PHE L 1516 75.17 55.74 33.09
N TYR L 1517 73.96 55.43 32.62
CA TYR L 1517 72.75 55.52 33.43
C TYR L 1517 72.24 54.17 33.91
N LYS L 1518 72.92 53.07 33.56
CA LYS L 1518 72.38 51.75 33.86
C LYS L 1518 72.34 51.49 35.36
N SER L 1519 73.29 52.06 36.10
CA SER L 1519 73.33 51.91 37.55
C SER L 1519 73.29 53.24 38.28
N ASP L 1520 72.67 54.25 37.70
CA ASP L 1520 72.29 55.46 38.42
C ASP L 1520 70.78 55.36 38.68
N PRO L 1521 70.33 55.12 39.91
CA PRO L 1521 68.89 55.08 40.14
C PRO L 1521 68.22 56.40 39.79
N ARG L 1522 68.88 57.52 40.06
CA ARG L 1522 68.26 58.83 39.81
C ARG L 1522 68.03 59.10 38.33
N ILE L 1523 68.71 58.36 37.44
CA ILE L 1523 68.51 58.47 36.00
C ILE L 1523 67.64 57.30 35.56
N ALA L 1524 66.53 57.61 34.90
CA ALA L 1524 65.62 56.58 34.45
C ALA L 1524 66.14 55.93 33.17
N PRO L 1525 65.64 54.75 32.81
CA PRO L 1525 66.00 54.19 31.50
C PRO L 1525 65.65 55.12 30.35
N LEU L 1526 64.44 55.68 30.34
CA LEU L 1526 64.04 56.58 29.26
C LEU L 1526 64.88 57.87 29.29
N ARG L 1527 65.02 58.47 30.47
CA ARG L 1527 65.75 59.72 30.57
C ARG L 1527 67.20 59.54 30.16
N GLY L 1528 67.83 58.45 30.59
CA GLY L 1528 69.22 58.23 30.25
C GLY L 1528 69.42 57.79 28.81
N ALA L 1529 68.45 57.05 28.25
CA ALA L 1529 68.51 56.71 26.84
C ALA L 1529 68.45 57.97 25.98
N LEU L 1530 67.63 58.93 26.39
CA LEU L 1530 67.61 60.22 25.68
C LEU L 1530 68.90 60.99 25.92
N ALA L 1531 69.35 61.06 27.17
CA ALA L 1531 70.53 61.85 27.53
C ALA L 1531 71.82 61.28 26.93
N ALA L 1532 71.81 60.02 26.50
CA ALA L 1532 72.96 59.48 25.78
C ALA L 1532 73.24 60.27 24.52
N PHE L 1533 72.22 60.94 23.97
CA PHE L 1533 72.35 61.82 22.82
C PHE L 1533 72.12 63.28 23.17
N ASN L 1534 72.28 63.64 24.44
CA ASN L 1534 72.06 65.01 24.92
C ASN L 1534 70.64 65.47 24.63
N LEU L 1535 69.68 64.56 24.78
CA LEU L 1535 68.26 64.86 24.60
C LEU L 1535 67.57 64.78 25.95
N THR L 1536 66.83 65.82 26.30
CA THR L 1536 66.02 65.81 27.50
C THR L 1536 64.68 65.14 27.21
N ILE L 1537 63.89 64.96 28.28
CA ILE L 1537 62.57 64.34 28.12
C ILE L 1537 61.70 65.18 27.19
N ASP L 1538 61.85 66.50 27.25
CA ASP L 1538 61.09 67.39 26.38
C ASP L 1538 61.33 67.09 24.91
N ASP L 1539 62.45 66.45 24.56
CA ASP L 1539 62.75 66.17 23.17
C ASP L 1539 61.97 64.98 22.63
N ILE L 1540 61.22 64.27 23.47
CA ILE L 1540 60.30 63.24 22.97
C ILE L 1540 59.06 63.99 22.48
N GLY L 1541 58.97 64.19 21.17
CA GLY L 1541 57.89 64.96 20.60
C GLY L 1541 56.64 64.15 20.31
N VAL L 1542 56.83 62.94 19.81
CA VAL L 1542 55.73 62.08 19.37
C VAL L 1542 55.71 60.82 20.23
N ALA L 1543 54.50 60.39 20.58
CA ALA L 1543 54.27 59.12 21.26
C ALA L 1543 53.40 58.27 20.35
N SER L 1544 54.02 57.30 19.68
CA SER L 1544 53.26 56.35 18.88
C SER L 1544 52.51 55.42 19.83
N PHE L 1545 51.24 55.75 20.05
CA PHE L 1545 50.40 55.00 20.96
C PHE L 1545 49.98 53.68 20.34
N HIS L 1546 49.83 52.67 21.19
CA HIS L 1546 49.21 51.43 20.75
C HIS L 1546 47.84 51.71 20.13
N GLY L 1547 47.04 52.55 20.79
CA GLY L 1547 45.88 53.18 20.17
C GLY L 1547 44.91 52.22 19.53
N THR L 1548 44.49 51.19 20.27
CA THR L 1548 43.69 50.13 19.70
C THR L 1548 42.20 50.46 19.61
N SER L 1549 41.80 51.71 19.88
CA SER L 1549 40.38 52.08 19.88
C SER L 1549 39.58 51.21 20.84
N THR L 1550 40.21 50.85 21.96
CA THR L 1550 39.58 50.07 23.02
C THR L 1550 39.46 50.96 24.27
N VAL L 1551 38.34 50.80 24.96
CA VAL L 1551 38.00 51.71 26.06
C VAL L 1551 39.06 51.63 27.15
N ALA L 1552 39.44 50.41 27.53
CA ALA L 1552 40.44 50.26 28.59
C ALA L 1552 41.83 50.59 28.07
N ASN L 1553 42.14 50.21 26.83
CA ASN L 1553 43.49 50.39 26.33
C ASN L 1553 43.85 51.86 26.20
N ASP L 1554 43.00 52.64 25.54
CA ASP L 1554 43.35 54.04 25.29
C ASP L 1554 43.29 54.88 26.55
N LYS L 1555 42.56 54.42 27.58
CA LYS L 1555 42.59 55.09 28.87
C LYS L 1555 43.87 54.76 29.63
N ASN L 1556 44.15 53.46 29.80
CA ASN L 1556 45.32 53.03 30.55
C ASN L 1556 46.61 53.51 29.91
N GLU L 1557 46.70 53.41 28.58
CA GLU L 1557 47.92 53.79 27.89
C GLU L 1557 48.20 55.29 28.02
N SER L 1558 47.16 56.11 27.81
CA SER L 1558 47.32 57.54 28.01
C SER L 1558 47.71 57.85 29.44
N ALA L 1559 47.15 57.12 30.40
CA ALA L 1559 47.50 57.33 31.80
C ALA L 1559 48.97 57.04 32.05
N THR L 1560 49.49 55.91 31.53
CA THR L 1560 50.88 55.58 31.83
C THR L 1560 51.83 56.53 31.11
N ILE L 1561 51.50 56.91 29.87
CA ILE L 1561 52.36 57.85 29.14
C ILE L 1561 52.40 59.18 29.86
N ASN L 1562 51.23 59.66 30.32
CA ASN L 1562 51.18 60.92 31.05
C ASN L 1562 51.97 60.84 32.35
N ASN L 1563 51.83 59.71 33.08
CA ASN L 1563 52.49 59.63 34.37
C ASN L 1563 54.00 59.48 34.23
N MET L 1564 54.46 58.79 33.20
CA MET L 1564 55.91 58.73 33.00
C MET L 1564 56.46 60.06 32.51
N MET L 1565 55.70 60.77 31.67
CA MET L 1565 56.15 62.10 31.26
C MET L 1565 56.19 63.05 32.44
N LYS L 1566 55.26 62.89 33.39
CA LYS L 1566 55.24 63.75 34.57
C LYS L 1566 56.34 63.40 35.55
N HIS L 1567 56.59 62.10 35.75
CA HIS L 1567 57.67 61.69 36.65
C HIS L 1567 59.03 62.03 36.09
N LEU L 1568 59.19 61.98 34.77
CA LEU L 1568 60.44 62.34 34.11
C LEU L 1568 60.67 63.85 34.04
N GLY L 1569 59.84 64.63 34.72
CA GLY L 1569 60.08 66.07 34.82
C GLY L 1569 59.84 66.81 33.53
N ARG L 1570 58.91 66.34 32.69
CA ARG L 1570 58.60 67.04 31.46
C ARG L 1570 57.99 68.39 31.77
N SER L 1571 58.38 69.39 30.99
CA SER L 1571 57.89 70.74 31.20
C SER L 1571 56.38 70.79 31.02
N GLU L 1572 55.71 71.55 31.88
CA GLU L 1572 54.28 71.76 31.74
C GLU L 1572 54.00 72.53 30.46
N GLY L 1573 52.91 72.17 29.79
CA GLY L 1573 52.62 72.74 28.49
C GLY L 1573 53.42 72.15 27.36
N ASN L 1574 54.00 70.96 27.54
CA ASN L 1574 54.79 70.29 26.52
C ASN L 1574 54.28 68.85 26.38
N PRO L 1575 53.05 68.67 25.90
CA PRO L 1575 52.55 67.32 25.67
C PRO L 1575 53.25 66.65 24.49
N VAL L 1576 53.33 65.34 24.57
CA VAL L 1576 53.76 64.52 23.44
C VAL L 1576 52.60 64.41 22.46
N PHE L 1577 52.89 64.55 21.17
CA PHE L 1577 51.87 64.33 20.16
C PHE L 1577 51.57 62.85 20.07
N GLY L 1578 50.29 62.50 19.94
CA GLY L 1578 49.87 61.12 19.90
C GLY L 1578 49.55 60.67 18.50
N VAL L 1579 50.31 59.68 18.03
CA VAL L 1579 50.04 59.01 16.77
C VAL L 1579 49.25 57.76 17.08
N PHE L 1580 48.15 57.56 16.35
CA PHE L 1580 47.21 56.47 16.59
C PHE L 1580 46.98 55.71 15.29
N GLN L 1581 48.10 55.31 14.67
CA GLN L 1581 48.11 54.72 13.33
C GLN L 1581 47.09 53.60 13.14
N LYS L 1582 46.66 52.95 14.22
CA LYS L 1582 45.66 51.90 14.09
C LYS L 1582 44.33 52.42 13.60
N TYR L 1583 44.06 53.72 13.74
CA TYR L 1583 42.85 54.29 13.17
C TYR L 1583 42.76 54.01 11.67
N LEU L 1584 43.89 53.99 10.99
CA LEU L 1584 43.98 53.76 9.56
C LEU L 1584 44.34 52.32 9.21
N THR L 1585 45.35 51.77 9.88
CA THR L 1585 45.87 50.45 9.53
C THR L 1585 45.15 49.32 10.24
N GLY L 1586 44.19 49.62 11.11
CA GLY L 1586 43.62 48.54 11.91
C GLY L 1586 44.67 48.03 12.90
N HIS L 1587 44.30 46.96 13.59
CA HIS L 1587 45.14 46.36 14.63
C HIS L 1587 45.60 44.97 14.20
N PRO L 1588 46.84 44.82 13.74
CA PRO L 1588 47.43 43.48 13.66
C PRO L 1588 48.10 43.15 15.00
N LYS L 1589 47.81 41.98 15.53
CA LYS L 1589 48.35 41.63 16.83
C LYS L 1589 49.87 41.53 16.77
N GLY L 1590 50.37 40.77 15.79
CA GLY L 1590 51.81 40.64 15.67
C GLY L 1590 52.50 41.92 15.25
N ALA L 1591 51.98 42.57 14.21
CA ALA L 1591 52.68 43.65 13.53
C ALA L 1591 52.29 45.03 14.03
N ALA L 1592 51.56 45.13 15.14
CA ALA L 1592 51.14 46.44 15.63
C ALA L 1592 52.35 47.30 15.97
N GLY L 1593 53.24 46.77 16.81
CA GLY L 1593 54.42 47.52 17.18
C GLY L 1593 55.34 47.77 15.99
N ALA L 1594 55.35 46.84 15.04
CA ALA L 1594 56.23 46.99 13.89
C ALA L 1594 55.74 48.11 12.98
N TRP L 1595 54.44 48.15 12.71
CA TRP L 1595 53.88 49.23 11.91
C TRP L 1595 54.04 50.56 12.63
N MET L 1596 53.84 50.57 13.95
CA MET L 1596 54.00 51.81 14.70
C MET L 1596 55.45 52.28 14.69
N LEU L 1597 56.40 51.36 14.78
CA LEU L 1597 57.80 51.75 14.70
C LEU L 1597 58.16 52.25 13.31
N ASN L 1598 57.62 51.63 12.26
CA ASN L 1598 57.88 52.12 10.91
C ASN L 1598 57.28 53.51 10.71
N GLY L 1599 56.08 53.72 11.24
CA GLY L 1599 55.50 55.05 11.20
C GLY L 1599 56.32 56.06 11.97
N ALA L 1600 56.87 55.67 13.12
CA ALA L 1600 57.72 56.56 13.89
C ALA L 1600 59.02 56.86 13.15
N ILE L 1601 59.57 55.86 12.45
CA ILE L 1601 60.75 56.07 11.63
C ILE L 1601 60.47 57.12 10.57
N GLN L 1602 59.35 56.95 9.87
CA GLN L 1602 58.99 57.90 8.82
C GLN L 1602 58.66 59.27 9.39
N ILE L 1603 58.08 59.31 10.59
CA ILE L 1603 57.83 60.58 11.27
C ILE L 1603 59.16 61.28 11.57
N LEU L 1604 60.15 60.53 12.03
CA LEU L 1604 61.45 61.10 12.29
C LEU L 1604 62.07 61.64 11.00
N GLU L 1605 61.96 60.88 9.91
CA GLU L 1605 62.58 61.31 8.66
C GLU L 1605 61.93 62.57 8.13
N SER L 1606 60.60 62.57 8.01
CA SER L 1606 59.88 63.61 7.30
C SER L 1606 59.54 64.82 8.17
N GLY L 1607 59.51 64.66 9.49
CA GLY L 1607 59.07 65.71 10.38
C GLY L 1607 57.57 65.83 10.52
N LEU L 1608 56.79 65.05 9.75
CA LEU L 1608 55.35 65.14 9.81
C LEU L 1608 54.80 64.23 10.90
N VAL L 1609 53.86 64.77 11.68
CA VAL L 1609 53.15 64.02 12.70
C VAL L 1609 51.76 63.75 12.15
N PRO L 1610 51.42 62.53 11.71
CA PRO L 1610 50.06 62.27 11.24
C PRO L 1610 49.05 62.44 12.36
N GLY L 1611 47.86 62.90 12.00
CA GLY L 1611 46.78 63.10 12.94
C GLY L 1611 45.76 61.98 12.84
N ASN L 1612 45.17 61.64 13.98
CA ASN L 1612 44.17 60.57 14.03
C ASN L 1612 42.89 61.06 13.37
N ARG L 1613 42.75 60.80 12.07
CA ARG L 1613 41.64 61.37 11.31
C ARG L 1613 40.30 60.76 11.69
N ASN L 1614 40.29 59.67 12.45
CA ASN L 1614 39.07 59.13 13.02
C ASN L 1614 38.77 59.67 14.41
N ALA L 1615 39.59 60.61 14.91
CA ALA L 1615 39.37 61.21 16.22
C ALA L 1615 38.17 62.15 16.11
N ASP L 1616 36.98 61.53 16.05
CA ASP L 1616 35.75 62.31 15.96
C ASP L 1616 35.60 63.24 17.15
N ASN L 1617 35.83 62.73 18.35
CA ASN L 1617 35.72 63.52 19.57
C ASN L 1617 36.56 62.85 20.64
N VAL L 1618 37.62 63.53 21.08
CA VAL L 1618 38.50 62.96 22.08
C VAL L 1618 37.74 62.78 23.39
N ASP L 1619 38.01 61.68 24.07
CA ASP L 1619 37.31 61.36 25.30
C ASP L 1619 37.60 62.48 26.32
N LYS L 1620 36.56 62.95 27.00
CA LYS L 1620 36.73 63.98 28.03
C LYS L 1620 37.62 63.52 29.17
N LEU L 1621 37.66 62.24 29.44
CA LEU L 1621 38.45 61.64 30.49
C LEU L 1621 39.94 61.73 30.19
N LEU L 1622 40.31 62.01 28.94
CA LEU L 1622 41.71 62.14 28.57
C LEU L 1622 42.22 63.56 28.70
N GLU L 1623 41.35 64.54 28.93
CA GLU L 1623 41.81 65.88 29.31
C GLU L 1623 42.56 65.83 30.62
N GLN L 1624 42.24 64.84 31.47
CA GLN L 1624 43.03 64.46 32.63
C GLN L 1624 44.53 64.48 32.34
N TYR L 1625 44.91 63.99 31.18
CA TYR L 1625 46.31 63.78 30.83
C TYR L 1625 46.83 65.01 30.09
N GLU L 1626 47.46 65.92 30.83
CA GLU L 1626 47.96 67.17 30.28
C GLU L 1626 49.19 66.98 29.41
N TYR L 1627 49.94 65.90 29.59
CA TYR L 1627 51.18 65.66 28.87
C TYR L 1627 50.95 64.88 27.57
N VAL L 1628 49.70 64.68 27.16
CA VAL L 1628 49.37 64.00 25.92
C VAL L 1628 48.48 64.91 25.10
N LEU L 1629 48.80 65.06 23.81
CA LEU L 1629 47.96 65.74 22.85
C LEU L 1629 47.53 64.72 21.81
N TYR L 1630 46.33 64.92 21.24
CA TYR L 1630 45.72 63.97 20.31
C TYR L 1630 45.34 64.69 19.02
N PRO L 1631 46.30 64.96 18.14
CA PRO L 1631 45.96 65.60 16.86
C PRO L 1631 45.05 64.70 16.01
N SER L 1632 44.15 65.35 15.27
CA SER L 1632 43.31 64.68 14.30
C SER L 1632 43.70 64.96 12.85
N ARG L 1633 44.55 65.94 12.61
CA ARG L 1633 45.03 66.28 11.27
C ARG L 1633 46.55 66.24 11.27
N SER L 1634 47.12 65.70 10.19
CA SER L 1634 48.57 65.64 10.06
C SER L 1634 49.15 67.05 10.06
N ILE L 1635 50.27 67.23 10.75
CA ILE L 1635 50.93 68.52 10.85
C ILE L 1635 52.41 68.35 10.58
N GLN L 1636 52.95 69.21 9.71
CA GLN L 1636 54.37 69.21 9.37
C GLN L 1636 55.12 70.00 10.43
N THR L 1637 56.06 69.34 11.11
CA THR L 1637 56.87 69.93 12.17
C THR L 1637 58.23 70.30 11.62
N ASP L 1638 58.92 71.20 12.33
CA ASP L 1638 60.29 71.59 11.99
C ASP L 1638 61.34 70.59 12.47
N GLY L 1639 60.94 69.37 12.83
CA GLY L 1639 61.87 68.35 13.26
C GLY L 1639 61.41 67.66 14.52
N ILE L 1640 61.48 66.33 14.54
CA ILE L 1640 61.11 65.52 15.70
C ILE L 1640 62.37 64.80 16.16
N LYS L 1641 62.77 65.06 17.41
CA LYS L 1641 64.02 64.52 17.91
C LYS L 1641 63.90 63.03 18.23
N ALA L 1642 62.81 62.62 18.84
CA ALA L 1642 62.63 61.24 19.26
C ALA L 1642 61.15 60.89 19.30
N VAL L 1643 60.85 59.61 19.13
CA VAL L 1643 59.49 59.08 19.15
C VAL L 1643 59.44 57.91 20.12
N SER L 1644 58.38 57.86 20.92
CA SER L 1644 58.18 56.81 21.91
C SER L 1644 57.07 55.86 21.46
N VAL L 1645 57.45 54.67 21.01
CA VAL L 1645 56.50 53.66 20.57
C VAL L 1645 56.13 52.81 21.77
N THR L 1646 54.83 52.71 22.06
CA THR L 1646 54.34 51.92 23.20
C THR L 1646 53.29 50.92 22.74
N SER L 1647 53.51 49.65 23.09
CA SER L 1647 52.60 48.57 22.75
C SER L 1647 52.18 47.83 24.02
N PHE L 1648 50.93 47.36 24.04
CA PHE L 1648 50.37 46.60 25.15
C PHE L 1648 49.70 45.35 24.61
N GLY L 1649 50.24 44.19 24.96
CA GLY L 1649 49.74 42.93 24.45
C GLY L 1649 48.88 42.17 25.44
N PHE L 1650 48.00 41.30 24.95
CA PHE L 1650 47.33 40.39 25.88
C PHE L 1650 48.38 39.47 26.49
N GLY L 1651 48.22 39.24 27.82
CA GLY L 1651 49.26 38.60 28.59
C GLY L 1651 49.95 39.50 29.58
N GLN L 1652 49.37 40.66 29.87
CA GLN L 1652 50.02 41.67 30.69
C GLN L 1652 51.42 41.93 30.16
N LYS L 1653 51.49 42.34 28.89
CA LYS L 1653 52.75 42.50 28.19
C LYS L 1653 52.80 43.91 27.60
N GLY L 1654 53.31 44.85 28.38
CA GLY L 1654 53.57 46.20 27.90
C GLY L 1654 54.98 46.26 27.35
N ALA L 1655 55.17 47.08 26.33
CA ALA L 1655 56.48 47.24 25.71
C ALA L 1655 56.62 48.66 25.20
N GLN L 1656 57.81 49.23 25.39
CA GLN L 1656 58.09 50.59 24.97
C GLN L 1656 59.41 50.63 24.22
N ALA L 1657 59.40 51.34 23.09
CA ALA L 1657 60.60 51.61 22.32
C ALA L 1657 60.74 53.11 22.12
N VAL L 1658 61.96 53.61 22.31
CA VAL L 1658 62.30 55.01 22.08
C VAL L 1658 63.30 55.07 20.93
N VAL L 1659 62.91 55.75 19.87
CA VAL L 1659 63.69 55.87 18.64
C VAL L 1659 64.11 57.32 18.49
N VAL L 1660 65.41 57.54 18.25
CA VAL L 1660 65.99 58.88 18.17
C VAL L 1660 66.43 59.13 16.73
N HIS L 1661 66.47 60.41 16.36
CA HIS L 1661 66.81 60.80 15.00
C HIS L 1661 68.26 60.42 14.66
N PRO L 1662 68.55 60.07 13.40
CA PRO L 1662 69.95 59.76 13.04
C PRO L 1662 70.92 60.92 13.19
N ASP L 1663 70.44 62.16 13.18
CA ASP L 1663 71.34 63.30 13.21
C ASP L 1663 72.15 63.33 14.50
N TYR L 1664 71.62 62.77 15.58
CA TYR L 1664 72.33 62.69 16.84
C TYR L 1664 73.32 61.53 16.88
N LEU L 1665 73.19 60.56 15.99
CA LEU L 1665 74.24 59.57 15.80
C LEU L 1665 75.36 60.12 14.94
N PHE L 1666 75.02 60.88 13.91
CA PHE L 1666 76.05 61.34 12.96
C PHE L 1666 76.98 62.39 13.56
N ALA L 1667 76.68 62.90 14.76
CA ALA L 1667 77.55 63.86 15.41
C ALA L 1667 78.58 63.22 16.36
N VAL L 1668 78.53 61.90 16.55
CA VAL L 1668 79.50 61.23 17.42
C VAL L 1668 80.70 60.72 16.64
N LEU L 1669 80.81 61.05 15.36
CA LEU L 1669 81.87 60.58 14.49
C LEU L 1669 82.47 61.76 13.75
N ASP L 1670 83.76 61.65 13.46
CA ASP L 1670 84.49 62.76 12.85
C ASP L 1670 83.98 63.04 11.45
N ARG L 1671 84.47 64.14 10.86
CA ARG L 1671 83.99 64.58 9.56
C ARG L 1671 84.26 63.53 8.49
N SER L 1672 85.50 63.04 8.40
CA SER L 1672 85.90 62.16 7.31
C SER L 1672 85.07 60.88 7.29
N THR L 1673 84.83 60.30 8.47
CA THR L 1673 83.97 59.12 8.54
C THR L 1673 82.57 59.46 8.03
N TYR L 1674 82.07 60.65 8.35
CA TYR L 1674 80.74 61.04 7.86
C TYR L 1674 80.72 61.15 6.34
N GLU L 1675 81.75 61.76 5.74
CA GLU L 1675 81.76 61.88 4.29
C GLU L 1675 81.86 60.51 3.62
N GLU L 1676 82.69 59.62 4.18
CA GLU L 1676 82.77 58.27 3.64
C GLU L 1676 81.42 57.57 3.73
N TYR L 1677 80.74 57.69 4.88
CA TYR L 1677 79.42 57.12 5.04
C TYR L 1677 78.43 57.68 4.03
N ALA L 1678 78.44 59.00 3.84
CA ALA L 1678 77.48 59.62 2.95
C ALA L 1678 77.70 59.20 1.51
N THR L 1679 78.97 59.10 1.09
CA THR L 1679 79.26 58.59 -0.25
C THR L 1679 78.76 57.17 -0.41
N LYS L 1680 78.98 56.33 0.61
CA LYS L 1680 78.53 54.94 0.52
C LYS L 1680 77.01 54.85 0.45
N VAL L 1681 76.31 55.67 1.22
CA VAL L 1681 74.84 55.64 1.17
C VAL L 1681 74.34 56.18 -0.15
N SER L 1682 75.00 57.19 -0.72
CA SER L 1682 74.60 57.67 -2.04
C SER L 1682 74.71 56.55 -3.07
N ALA L 1683 75.87 55.88 -3.10
CA ALA L 1683 76.05 54.77 -4.02
C ALA L 1683 75.00 53.69 -3.79
N ARG L 1684 74.79 53.30 -2.52
CA ARG L 1684 73.84 52.25 -2.20
C ARG L 1684 72.42 52.65 -2.56
N ASN L 1685 72.07 53.92 -2.42
CA ASN L 1685 70.75 54.39 -2.85
C ASN L 1685 70.61 54.23 -4.35
N LYS L 1686 71.68 54.48 -5.10
CA LYS L 1686 71.64 54.25 -6.54
C LYS L 1686 71.38 52.76 -6.85
N LYS L 1687 72.14 51.88 -6.18
CA LYS L 1687 71.95 50.44 -6.41
C LYS L 1687 70.53 50.03 -6.03
N THR L 1688 70.03 50.56 -4.92
CA THR L 1688 68.70 50.23 -4.44
C THR L 1688 67.62 50.72 -5.39
N TYR L 1689 67.78 51.92 -5.92
CA TYR L 1689 66.84 52.43 -6.92
C TYR L 1689 66.79 51.50 -8.12
N ARG L 1690 67.96 51.12 -8.64
CA ARG L 1690 68.02 50.16 -9.75
C ARG L 1690 67.26 48.88 -9.40
N TYR L 1691 67.60 48.28 -8.27
CA TYR L 1691 67.02 46.99 -7.92
C TYR L 1691 65.53 47.09 -7.71
N MET L 1692 65.08 48.13 -6.98
CA MET L 1692 63.67 48.33 -6.70
C MET L 1692 62.87 48.43 -7.99
N HIS L 1693 63.38 49.20 -8.97
CA HIS L 1693 62.59 49.38 -10.19
C HIS L 1693 62.64 48.13 -11.07
N ASN L 1694 63.82 47.53 -11.23
CA ASN L 1694 63.93 46.30 -11.99
C ASN L 1694 62.94 45.27 -11.48
N ALA L 1695 62.85 45.15 -10.15
CA ALA L 1695 62.07 44.06 -9.58
C ALA L 1695 60.61 44.42 -9.45
N ILE L 1696 60.26 45.70 -9.24
CA ILE L 1696 58.86 46.05 -9.21
C ILE L 1696 58.25 45.75 -10.57
N THR L 1697 58.97 46.04 -11.67
CA THR L 1697 58.31 45.83 -12.96
C THR L 1697 58.45 44.40 -13.47
N ARG L 1698 59.58 43.73 -13.21
CA ARG L 1698 59.72 42.34 -13.62
C ARG L 1698 59.11 41.37 -12.61
N ASN L 1699 58.50 41.88 -11.54
CA ASN L 1699 57.90 41.04 -10.50
C ASN L 1699 58.92 40.07 -9.93
N THR L 1700 60.15 40.56 -9.71
CA THR L 1700 61.24 39.81 -9.10
C THR L 1700 61.70 40.51 -7.83
N MET L 1701 60.75 41.01 -7.04
CA MET L 1701 61.09 41.69 -5.79
C MET L 1701 61.74 40.73 -4.81
N PHE L 1702 61.13 39.56 -4.62
CA PHE L 1702 61.69 38.49 -3.83
C PHE L 1702 62.42 37.54 -4.77
N VAL L 1703 63.71 37.34 -4.50
CA VAL L 1703 64.54 36.40 -5.24
C VAL L 1703 64.98 35.33 -4.24
N ALA L 1704 64.37 34.16 -4.31
CA ALA L 1704 64.75 33.06 -3.44
C ALA L 1704 66.21 32.68 -3.68
N LYS L 1705 66.93 32.45 -2.60
CA LYS L 1705 68.30 31.94 -2.69
C LYS L 1705 68.23 30.44 -2.90
N ASP L 1706 68.69 29.98 -4.06
CA ASP L 1706 68.71 28.54 -4.32
C ASP L 1706 69.80 27.85 -3.52
N LYS L 1707 70.93 28.53 -3.32
CA LYS L 1707 72.10 27.95 -2.66
C LYS L 1707 72.60 28.91 -1.58
N ALA L 1708 73.16 28.34 -0.53
CA ALA L 1708 73.78 29.12 0.52
C ALA L 1708 75.09 29.73 0.01
N PRO L 1709 75.59 30.79 0.66
CA PRO L 1709 76.86 31.37 0.21
C PRO L 1709 78.04 30.44 0.38
N TYR L 1710 77.89 29.40 1.19
CA TYR L 1710 78.90 28.37 1.38
C TYR L 1710 78.39 27.06 0.81
N SER L 1711 79.28 26.30 0.18
CA SER L 1711 78.95 24.96 -0.26
C SER L 1711 78.91 24.02 0.94
N ASP L 1712 78.29 22.84 0.73
CA ASP L 1712 78.23 21.86 1.80
C ASP L 1712 79.63 21.44 2.25
N GLU L 1713 80.61 21.52 1.35
CA GLU L 1713 81.97 21.13 1.71
C GLU L 1713 82.63 22.19 2.60
N LEU L 1714 82.39 23.46 2.31
CA LEU L 1714 82.98 24.58 3.03
C LEU L 1714 82.08 25.11 4.15
N GLU L 1715 80.91 24.50 4.33
CA GLU L 1715 79.92 25.01 5.29
C GLU L 1715 80.49 25.07 6.71
N GLN L 1716 81.12 23.99 7.15
CA GLN L 1716 81.55 23.88 8.53
C GLN L 1716 82.81 24.70 8.81
N PRO L 1717 83.79 24.73 7.92
CA PRO L 1717 84.86 25.72 8.09
C PRO L 1717 84.36 27.15 8.10
N VAL L 1718 83.34 27.48 7.30
CA VAL L 1718 82.75 28.81 7.38
C VAL L 1718 82.12 29.04 8.75
N TYR L 1719 81.38 28.05 9.25
CA TYR L 1719 80.77 28.17 10.57
C TYR L 1719 81.83 28.36 11.65
N LEU L 1720 82.94 27.65 11.54
CA LEU L 1720 83.95 27.63 12.59
C LEU L 1720 85.02 28.71 12.43
N ASP L 1721 84.99 29.46 11.34
CA ASP L 1721 85.89 30.60 11.16
C ASP L 1721 85.13 31.89 11.41
N PRO L 1722 85.37 32.62 12.51
CA PRO L 1722 84.64 33.89 12.72
C PRO L 1722 84.95 34.94 11.69
N LEU L 1723 86.13 34.91 11.08
CA LEU L 1723 86.53 35.92 10.11
C LEU L 1723 86.15 35.55 8.68
N ALA L 1724 85.44 34.43 8.48
CA ALA L 1724 85.01 34.08 7.14
C ALA L 1724 83.98 35.06 6.62
N ARG L 1725 84.17 35.53 5.39
CA ARG L 1725 83.27 36.49 4.77
C ARG L 1725 83.19 36.20 3.28
N VAL L 1726 82.00 36.40 2.72
CA VAL L 1726 81.78 36.08 1.31
C VAL L 1726 82.54 37.06 0.42
N GLU L 1727 82.85 36.60 -0.79
CA GLU L 1727 83.46 37.41 -1.82
C GLU L 1727 82.72 37.15 -3.13
N GLU L 1728 82.95 38.02 -4.11
CA GLU L 1728 82.26 37.90 -5.39
C GLU L 1728 82.94 36.85 -6.25
N ASN L 1729 82.15 35.89 -6.73
CA ASN L 1729 82.63 34.87 -7.67
C ASN L 1729 81.44 34.45 -8.53
N LYS L 1730 81.64 34.44 -9.85
CA LYS L 1730 80.58 34.11 -10.79
C LYS L 1730 79.37 35.02 -10.60
N LYS L 1731 79.63 36.27 -10.24
CA LYS L 1731 78.60 37.28 -10.03
C LYS L 1731 77.74 37.01 -8.80
N LYS L 1732 78.17 36.10 -7.92
CA LYS L 1732 77.43 35.79 -6.70
C LYS L 1732 78.37 35.89 -5.50
N LEU L 1733 77.83 36.34 -4.38
CA LEU L 1733 78.60 36.46 -3.14
C LEU L 1733 78.60 35.08 -2.47
N VAL L 1734 79.75 34.42 -2.47
CA VAL L 1734 79.90 33.08 -1.94
C VAL L 1734 81.19 33.00 -1.12
N PHE L 1735 81.26 31.97 -0.29
CA PHE L 1735 82.48 31.68 0.45
C PHE L 1735 83.44 30.86 -0.39
N SER L 1736 84.72 31.18 -0.28
CA SER L 1736 85.78 30.48 -1.01
C SER L 1736 86.75 29.88 -0.01
N ASP L 1737 87.43 28.81 -0.43
CA ASP L 1737 88.35 28.12 0.46
C ASP L 1737 89.53 29.00 0.83
N LYS L 1738 89.93 29.93 -0.05
CA LYS L 1738 91.08 30.77 0.23
C LYS L 1738 90.82 31.76 1.34
N THR L 1739 89.56 32.21 1.49
CA THR L 1739 89.22 33.25 2.45
C THR L 1739 88.74 32.70 3.80
N ILE L 1740 88.86 31.39 4.02
CA ILE L 1740 88.46 30.76 5.27
C ILE L 1740 89.72 30.33 6.01
N GLN L 1741 89.80 30.69 7.29
CA GLN L 1741 90.98 30.42 8.11
C GLN L 1741 92.23 30.99 7.46
N SER L 1742 92.10 32.17 6.88
CA SER L 1742 93.19 32.83 6.18
C SER L 1742 93.92 33.78 7.11
N ASN L 1743 95.25 33.82 6.99
CA ASN L 1743 96.03 34.75 7.78
C ASN L 1743 95.77 36.19 7.39
N GLN L 1744 95.36 36.44 6.14
CA GLN L 1744 95.08 37.80 5.70
C GLN L 1744 93.92 38.40 6.48
N SER L 1745 92.86 37.62 6.71
CA SER L 1745 91.71 38.13 7.46
C SER L 1745 92.11 38.49 8.89
N TYR L 1746 92.93 37.67 9.52
CA TYR L 1746 93.43 37.95 10.86
C TYR L 1746 94.55 38.98 10.81
#